data_7AOR
#
_entry.id   7AOR
#
_cell.length_a   1.00
_cell.length_b   1.00
_cell.length_c   1.00
_cell.angle_alpha   90.00
_cell.angle_beta   90.00
_cell.angle_gamma   90.00
#
_symmetry.space_group_name_H-M   'P 1'
#
loop_
_entity.id
_entity.type
_entity.pdbx_description
1 polymer mS35
2 polymer mS33
3 polymer mS29
4 polymer uS19
5 polymer uS14m
6 polymer uS10m
7 polymer mS72
8 polymer mS71
9 polymer mS70
10 polymer mS69
11 polymer 'Rhodanese domain-containing protein'
12 polymer mS58
13 polymer mS57
14 polymer mS55
15 polymer mS54
16 polymer mS53
17 polymer mS52
18 polymer mS50
19 polymer mS49
20 polymer mS51
21 polymer bS18m
22 polymer uS15m
23 polymer uS11m
24 polymer uS8m
25 polymer uS9m
26 polymer mS73
27 polymer mS68
28 polymer mS66
29 polymer 'AKAP7_NLS domain-containing protein'
30 polymer mS63
31 polymer mS62
32 polymer mS61
33 polymer mS56
34 polymer mS60
35 polymer mS47
36 polymer 'Sod_Fe_C domain-containing protein'
37 polymer 'Superoxide dismutase, putative'
38 polymer 'Protein FYV4, mitochondrial'
39 polymer mS37
40 polymer mS38
41 polymer 'Trafficking protein particle complex subunit'
42 polymer mS59
43 polymer mS26
44 polymer mS23
45 polymer mS22
46 polymer bS21m
47 polymer bS16m
48 polymer bS6m
49 polymer MURF5
50 polymer 'Ribosomal_S5_C domain-containing protein'
51 polymer mt-iF3
52 polymer mS48
53 polymer '30S Ribosomal protein S17-like protein'
54 polymer 'Ribosome protein S12'
55 polymer mS65
56 polymer 'RNA (478-MER)'
57 non-polymer "GUANOSINE-5'-TRIPHOSPHATE"
58 non-polymer 'MAGNESIUM ION'
59 non-polymer "URIDINE 5'-TRIPHOSPHATE"
60 non-polymer 'ZINC ION'
#
loop_
_entity_poly.entity_id
_entity_poly.type
_entity_poly.pdbx_seq_one_letter_code
_entity_poly.pdbx_strand_id
1 'polypeptide(L)'
;MLRARRPLPLLPGSRAWLLRFYSSTRELCQLQSRERLILGTHGAGVVQHASVSQPLSVNFQSSVTVAAPAADLFRTKVHE
GTGTSGKDPYLRTLPNQESREPESSVSQAHITVAPTVDECSTLDRRWESMQYWFNDQHPRLVIYLRQLQVQDVPPISPAA
ESLLSKFEEVAIPKLALDDTDRQRLTKLWGNLTEEAKALRLHYVFDRFAFESKLSQLCKEALEQMHAMSLSGTEGSLAVE
ALRRLTILKRNDYIQRHLIDVTSNGAYLGFGDAVWRVFFSAVEAHKAVLFGKGTPDTIRFAWESILQEDVVRVPDVTAPV
ALFLTLVCIHEGNRLASVEWRESSSSLDEGICSSDNTQQRPLLALLNPVVKRRFVTKMVEFLLRSHSSNEFSKLLRKHGL
HDLSRDVALCEAMNGSQGILEDDVAELVSRFESTGEVKTLLSSLIGGKDAAVRETVAKIMGIPLATTVDWDAMMQSVDWT
NNWRRLATKLLCDQTLLVSIHKLVKNAIGAKGISRHLFSEEYADQLQSIIAIREERELNRKLKIDRIVRELSSYQRVDQS
CEMLRQLGVDMKELDQAALSIRQDGLVKRPSVDENVISRALEAVGNRHPNWVRAGVIAPGAIKDSIGALKAMLFIFIRLS
YVPQTGLAAMAQRFRRRIGPIGVESFQFNIPTEVGFVEHYNNLEYKRYDWQGWYQRMVDVHNRNISLRCRVSDLKRLDPN
GVPFVDMQTERRLRILAEGRVGMGVLMLDSDKYEDQKDNMTFGSIKLSELLSDARKAQLGEEYWPSVEMKVRKPSGQSKA
HYSLIDYDRIEKKSRELYEKYRDAKKKSLFVTPMDLWLEVKGMQVRKASDGADADGYTVDILQDALSSEDNEKH
;
u
2 'polypeptide(L)'
;MALRGVPIRLGVHRVGYTHPSTLPVPCAQRWDLRLARARIFQEYIEEKAPGAWQLEDERSMSPEFKTFTGYPMREMRPGY
GQNLPDFIMKKRLPNNTHYELFARRDIPNEDNAMYGKYLYDMTVHGTSLPSTYRMHKDINKAQRNDRKLSGNRFRVLCSS
GAKKPPSGWEPIPDATEEEE
;
s
3 'polypeptide(L)'
;MRSRLVGKSLASLYVRPPVTCYTDACEAPVAMWNGAIPLKEVRVMQKGVPVRYVTKLYSHPLEASPTRLSFNDINSMYCV
GNDELMQFFPEGLGGKVMQLMPPGHPRGFLYRKEAHLLNLFIDKIQHWQAKRNVLSSLTNNRPGFIIDGPKGCGKSALMC
QVVHYARSRNLLTLYVPNAKEWTHGEWCWPSTILPGFFDAPDAARFFLRYFAKANRSTLLSWRLKCTPNDLPVEQGERQP
QNLYELCEWGHQVVAPASIDRQSVCVKFLMDELSAEKKLPIVIVVDGWNLFSHDTHFRYPHPDFLRTLASLNDDSTDIDL
YPQELPRIPASRLGFVRGLNKMILSKDEPNKFFFTCTTRDFKPFDGISGFPDVETDRFTNSLDEYAPYDAEKDSLFHPIQ
LGNFDEYEFRAFTRFLVNSGELAGLGWGPLWHFSSDFERKLYKIGFLSNRNPQGVIDHYHQELVWRYEYQRTRQKQYLLH
RNMELVVSKRKNRHAEPKGG
;
r
4 'polypeptide(L)'
;MLRRCCPATLHVAPSTAMVAGVFVNNQKRFLKMAKSAFGFYLARRGQRKFPFLRRPHIKNTHAMNLSAPYFWSFMTAKSQ
TYFLPEENYITGDWTGKFFVSKLQVYTLQHATSGSTVRVKSFPSVFELSSPSRWNIGKELNTLTKPRMDLIDEQMLTKKQ
RLDYVKAGLLPK
;
n
5 'polypeptide(L)'
;MLRLSVGFLMRHIGQDVPKRHTHFVLESRLMYEKSFRDSWLHSVCRAVSQIDEPLSKTISGTRQKMLQRKVTCFQYNQYG
LFKVPYYRLANVDRYHAVQGVPGTREWVPYANVSYWTMNKMVRSGNLLVHRVHYTGWGTDPHLKKGGWEHRWNKVMQRNA
LQYSRI
;
h
6 'polypeptide(L)'
;MRRGIVNHYYWSRYRMPTQMPKFDGPAPIAAPQNMNSTKTNEFIDPIDDKFPLSIRGPLVRPDVPEDQYVDSWYVCTSMT
HHLGDYRPWSASAPPNAYRFRPYNEFDAKGREYVEYMRQFARYDPRKSQGKGQKGFPFRDAYLTKMNEANRTTPPPTLET
IMDRAVREKHQHARVLSPMQVQRDVGRSETPLPCAGNIPVDRSQFPFCWKTEDWYEYEVAKVRNKRFVFENTEEDGIHGS
EVTYKIVLEGFWDHHVMKLAEDVCMFLRDVGRQVTEEKLVAVRRVMEGLTGGAFDPELIDFFNAARAGPFGRPDEYDAEE
VANFVRADLKRLEEQCLNVINRCNVPVPGATNIYDPQVSWPYVEKLEPWVRMAEFWTSSSDTSFTELEMSTAHYEFRKYF
RVIICKLPFQSTEFEKRMYDIRHWLHRQTTCEFHTIYRKNVIHDGSVFPTEHDPATPTTHDHHRMFSFALDWQSAPVNRL
SVARVLEGDDWERVAQRLGCSVDDLKEANPAIEELEAGAVLNVPGGASRRLTSFGAAPRVLPLQNPNNGKRIRTWEDAAT
VLDCTVEELQQANGHAALTYKQTGENGEGEFGPSVTELNVPLSCWVSTAETEFSPVELVFAGDTFATIAQRLRCSEEALK
KANDGQSDLSHARFVRVPAEAKAPRRLLEPQLRSQAATDVLMTRTIAEEAAYGIKNIPDLPSNASKFPHEYHTPTSRFPT
TPKEKESESDWMAYTARYLDKQFTHPTEPTPIYNVNKLWPMQQVPGKIDQTPFEEDQTWLLNPIPVQQLEQHHPEKDLQD
LPFVNHEQFPRSLEWTAP
;
e
7 'polypeptide(L)'
;MFGTTRVWRNTFLTKSVATPPISVIRTGPKWWADPERMVRQKLMYFTLGVDQLPLRRTAVIQKDLHRFHMCKPPPRIGDT
TGYKRSRAAQLTTWYRRIQYQEYHLQHLFTRHVWGLVRAYPGNTTKIQGKADDGYVGYDSVPYHRYNRTPLPFPAREIYG
RRE
;
az
8 'polypeptide(L)'
;MYCYYLHTSPASNENDVCHSASAKSNFIFPSFSSLVGFIVFFLWKRQMPLFHRLFVSGADLRGCHTALSSTFTQRRYWAK
PKKRPKVGQGFHEKAQKWRDEFLLDRHRILADSLRAYVEFSASKRTEPWDTRFRPFDRVEKDGVYVLMRHLMEDKFQLCN
YHHRPVKRLFCNVGLLGPQVTTKARWKPYRYATNPANTSKAERIFQKDKTLYTHGHND
;
ay
9 'polypeptide(L)'
;MRRTIAALTATPERFSILGTTHPKPKRTGFGRNNKMRSKPSDNVAWYDKGPVEWLPRPVRLTYDHLDQLRDWMMRETLDG
KTEEFNRIRDMHREWSQHPLMPVLGDVEPKFPLNLFKQNHRAKRRFLVRWHKANTPANWLWMPRGPTVVTPLHHTNPSQY
PESWRQMVRKKK
;
ax
10 'polypeptide(L)'
;MQRAGCGIVRPGRGCHTTPLYCSLATISTGVFDHLPFQHRRQHAFNTLPLHDANHFGGRTAYLREIGPVNIKKSGRRFKK
DLRTVQFNVDIWCAQQTLRKRWKQRDWEVIEVPFRLAPAEQQRVIPEMYTDVPPMTDPERHDFSNIRNKVYDREELQGVL
FGASGPLPYPPLQRIDRQAMTLDKFL
;
aw
11 'polypeptide(L)'
;MLVSCIRRQADRRTRHHMMLDGQINPREWMNWHPKEYQPWYFDRHKFLYERQQYAHFHHLLCHQVFLKDMLHLVQHPEPY
THIVDCRTSPLKMHRWVPHSWWLPRDEVEYALQLTPDEFADMYGFHKPRKSDDVILVSHNGLYSEQAGWEWKKQFYQHVY
NYRGGTNELFGEQYNDVALKDSLPPWKGPFPQSGIFVDKWSKRKVLTRTGPFDRQYEMQDFALPDLELERPRHPEEGPRQ
NMPYGLQ
;
au
12 'polypeptide(L)'
;MSFRYTNGLVGALKHRMMLESSHRELVRRRFTGHCRGVEVVCSGYGTVLAVRLVDKTVWEPFYRKGHPSPSGADMDSAPP
SSHAEGTPVGGQSAAPLDFERIAESIKAALWDATRKIRSAKEAALNRSLSHNQQLRAQAHLEHWYDEDANTLQPLAFEAL
KHEAATPWMQFVQFGKYKHAAAVMHSESGGKTSEAFTGETKRAGADNEEGPCVTALDEKDVDPTSIPIGSVHPLFLPALI
QFESRVDNSLNDDAIRQEQRREMSRDEQLFWERVELIRKGQVATIKGGHKRDYADEAAVASDNAVDKVQLRFTQ
;
ak
13 'polypeptide(L)'
;MLRRTSWRAVGYTPVNPDTSPMLAYSQYHWHYNLPQGMERPHGVNRTMTAPYQSAHSLVNKYRGVWIELDMHPAFRVALE
PQLRKLPQGRTIPKTSVDEVISDYINTAHLIQDEMTRDLWLAKVLQHCAFQRSNEGMALWEKYCHSRFIADGATATPPLP
LVKAILFYCSKIDYQGWSSIFQKCLKNDWNYTPLFDTAQWNFLLKSVGRMGDEKGVRLILEEMLDVQADLDRVEARSIVI
ALNAVTDNDIYEYIKKYLFNFGERKVKFLRIIYSDLRGHGAGKLRIPLKENDKMFYHVCWHSSIRAPRQFSPRQLYFDYT
PSTLGASVHNPNAKIDDIVKDKIEKWKTEGLLPEDYVHEDRVYDRGTAFKNVARQEKWKKMPRIVKSKKMGYTGDP
;
aj
14 'polypeptide(L)'
;MLSQNVAKTTVPSYYMIRTNLPQRKPQNQWEGVYYFGGITKRQRHLILLQRKREREARMRAFSASCSNLLRLLEGDTQEQ
QQAKTQTIQLSSPHGPFDLAIRLAQHGLYQQASRIVDELHQQRALRMSHYGLLIDALSAPCLGQRILYGSAQCDPALTYK
LLGDENGEERAQEAHRWFDMAFALLTTECRMSGSEHRLPQATAAATHLVNALMRALLTCGYTHVSAVPDAVYDRMGLMGI
SPTISTYELVMLALSLQGNMKEAESVFSFLRRHHNEHVTIGSFNALLLGHRECRQFDRCDAIWQELVDRRWPRASTLTAE
LYLRSIVDHSYTPTSGPLQRFGNINVVEKKKIPLVLAQMDDLGIPRAHLSRPLMDEVEDALRKFHIYKSRYYEWGRAVKQ
FNFIEFRRRNGWMYDLHLMKNTTKQVGPLRDFNQPDATQAPVATVEIPAFFNERPAWEQPPLEETLYVTESRERYDDVRS
GDIYEDRTRSLHDRSPTWMNEVPETRYDHLYGVNHPDIAKIGIRRHLNAEYVNRKEVVERDAALMKKNLSTGRRLRRKVE
SSRTHRNAGSMSGAAPASASR
;
ag
15 'polypeptide(L)'
;MLRRAPCLLATNIPRSAWDPAHFNTNWSDSYSTEIAARRHWPAKKWSIGLEPRTPRDWLQFSYRNLAYAYNGALRACQSF
PEMLVCYKEMKQRGVKVDVDTMNVLLTRAARYERIQVDDVFLLFDELTALGARPDIAAVETLHTVLDHSAAMPYEWREAR
RRQLVELYNCLAMEEIERLAPHRVDRLLKEQIKRYRDNLRALKASLSPSVYRRYLHTMHSASMLLEEVHNFLWELVESDH
PAMEIPALQLRIPFVGSVMRRPETDTNEKLVKYTDFEDTDVCSVFLAAAERAVDADLHDTRAVSERRIFLSLLTMISYSG
VLYTSDLMAQLMEMVKYSTHASSRDSDAQRLLRYAVRGSSAAQDDLYRSLWLKVEMVADSRVLGRYIGAREPWSPIRVCF
DERGLFKSYPPLVHASAKKTSAIEADATSGSGSTTMEEEQRQQSERQRMSTEITSHTSKGGEEMVEGVRGAVVAETSEAS
GVKDVALQEASHGEQRTVEALDLRWGDIHRLIERTRALTSPPTERHPQQEKMEIFTGIAVYLRTIATGRRYCSGEEEAGG
ESPAESRERALFAVGYELDVWARLFELVQEVRHDMEKFITDNAAHHVEPEFECWEALLITLRCILDFCVVRTQEKGKEER
AAVEELFEKTMKLRNELVEESRTRFGGRMRILWLQEA
;
af
16 'polypeptide(L)'
;MSVTGVFSKGRGIGHAAVTSILRYIPRARVPWQPSRFGRENLSASDLAVLWSRGRYRDGPGNYNSGYHTEKTHVLEDNTV
TMIPKHELEKYMPDISIGPKALVTPVSLMSARNGHRVTHDLLHSYDPHIGRLDKPAVVDHDNITVEDPNRVGLNAATLDC
RGRIYRWLRRGPFFQEDHYFRRSLRLNRDGTVPTAAHEAPLMRKIVRLAQRGHLKAACEEYRRVTTVPPVEVYRALTACC
IPGGLIADAVAIFEDGNSKLFYVARDGEVLHNVMRCAIKAKNRVRVMWVYNVMRGRYYENVIVRAEIDPIWRYRIALLAL
EYFLDHNCAEEAGTVYSYLVEEDLLQCDVHLRVGLHMREALSKGKSVGLSDEVLRATSLVTDVATVAPEVARELYQRHVE
ALRENEKSNDCDMNTKNDGATGCAWSAHGLLTALDFTQKDDALPWMQQNFGDVDVASVLRWARFYHSKDLMAKDRPRYLA
RAVAWIELLSKRSHMMEEAPLTYMRKSKPLSLNTNSNLRVAWQTPVARPDGPPRLLAREEGYTFHHNEHSRFVTETYRHP
GETLQSRFLAMQPIHTEVSAKEDFQEIYAQQQEQRALPSGVVSPTARILHHSVTSEIHGGGGGQHHRSMSRAESSTGGAV
KKEKLNLVSPHVAAEKRGGSGTGNIGGTAAGGGVTPEF
;
ae
17 'polypeptide(L)'
;MRRRTVISFGYVRVAASAVGVIGMGANHRHHYQQQQRPITTRGQFNPVHDFTYAMERGVRARDEKTFEKLITNPGPLRIA
YSPDYLDWLYRCYKAKGKYMDARAAAEKKFNGNIISGGAVTTSSGEMIHPLPGAPPPGMFLRPPNSFRRLSGEMKRKHAQ
ETLDEVSKAQGMLDLFERQPQFPAIHIDRCTRFHLVELFKEMVLERSLEAVAIWDKALLYRAILSERKASYPASFRYIFK
AVEDTVFAHSSVNCPSLEAYYYFLYLVKKYYIDNAVEAHVVLRCHREPNATDLLFSNPPPKDEVDVRNAIEALQSAEATS
HAASSATSGTAKHDDPAATDEKHTRGDNDQKDSANANAKHPCQFAPPSSYPPIEALWRCEENVPLLEILLFGEFNLIVSE
NPFVKFPTAHAFLTRPYSTESSKGPIDGASLANVIAEKRGHLLPSFPMNVASAIDGRAQELRRLQQKHHRDDTVSFQTLL
RSTHVDDNPSTFSSYSDWSYFNPRAVRAEERDRLTRKGIDALKEYDSATEDIYRRSFEDAQASNFQRVTEAWNTFPPYLP
TLPHFVSIIKKDSHISFLLHVGLPERCSSAEAAAKHKEFERRIYQLARALYHTALEFHKETVRRVNRQKVNVAASLLDNF
FEQEWVAMLRESESLENSLEQGAWPDKKTDMARRLGRYIPFARRSLDENGFPTDARADDYARWMEAPARMKGAA
;
l
18 'polypeptide(L)'
;MMRARRVVVALSPLAQLCVHVQWRLYTPIWQPDPAVDHVAPLRESDENRTLWASSAPIANVSDAIAAWIRFGNDPVLHTA
LPVIHAGQNERTRTDGSSASLSLSSLPSPSSTSPFATVEDYMGTNMVFGSPEHVKDSAAVWASYFERRYLSQLRHSRRTA
ANHVGLVNAPDVFTDEADRPETKWSQDTRFRERAYMAEKFLKEKVANLQQLEQALKQAKPAEYIAFHDALQQQTLTLIPL
PSPSVWHYGGARRTQWAERFLPLSHEAQQFFTTVLAEDLKRAGDAPEKVLQKVAAVFAEVGKILLQRHRRCLGGREWSAL
APHEKDEFCMKEVERWKQQVEVGEFDPPLDGDDDPTSTEWQSEHDAIMQLMTATIDGLSFSALEFWTHTIRCEEMETEHI
HTEKRVRAISAAARRAMYDTTSYEAVLQGIVDAVAKGQLDMKAAGFKPHMNDIWCQLNYAKFGASTVTQHTTTARRQLNY
FHAGLLKEVAATAALYYATKPLSSSLDYASPYKFRRSLVGLFSTYGVEMVYAVQRPLLFSAANLAKAEDLIRGVVKNVAR
PFGERRRAKLKQLRANHRRLATPVQGVVVSAVVSDLLESGADVSEAKKAEKMQESVTFWPLGARRVVSYDWPTPHFDALK
RRVAAAGSAVTAQSTKEIQEIKRNAFVEVSLWRRVTAEETKQRRDAVEEETRRVADVVRTIPPLAQVQQYATSLYQRIED
AAPFPAATDNNAKSEQEDDESSWEFVVMLDDRVVLNANQAAELYLPYTDASGVPIPQGECRVRVRGFDVDVNPTLNPAFC
SEAFSTPFQVFDAIPQLVQQFFGTAKPSVAEVSDIPSSKFIQFCAFLREAGLDVPVQCEFEAGQVLNAEGDVFMEYFLNL
LRSDRFHRSCAQAGLTEMQRVIESSCRAHWEVHHPGANEAEWAEARRRVLDRAMEKEREWWFPNEMLDVTNMSPGSNHGL
RLPMYPATVRYGRELCTLLAAEGQFDNNSGLSATCAVNGTGAAESITFSTGDHISSTFSMEEALAVAKGALRNAHDRQNT
LAAFRLGPLSKHSQVLLFCGINATEFGGKYARTYTYAFEKAKKELAETFVSGRVVPGVDEDELLRVSDKEGVDRFASSTH
PEQRKTQFVPRVGPGGAPIEDPTADQKTQWGR
;
ac
19 'polypeptide(L)'
;MIRRRLCFVSRPTKAASISVTLFSVQRQKGGLHTFIRDARSSSFTTPRQASHAEGEHTSSSLNSTDWATQMQRELFGETD
PLGGQAHKDYYRDPARGYSPQYAPRNFAEGGAISYHHAQSPMEYAEATHRRSWLDHDVARMEAAFQEQRALLRGMESATE
RDELARRYAAEHHVADIVVENQSLLPSTQVHHSTSTSGSALRQQAVVDRFQIADQQSPLATSDGMGREELAHTYRMRSET
VHNDWIEENLRIVHGLREKEKYDFTVLQRATRIPFQGYDMDRFLAQQKGTPYGAQSLPPNTASSTMEEAQRTLRDPTATV
PSFEAISQKAFARNTVRDHPTTGEELTQEVVDTIRTSREASEWQREQERAQRFGLGRQGALVQDGGPDKRTLKKHVNDER
IMDAMFFRSDAYRKTQTDEHWNPYMRQDTTHGVAHLLNNKFDIARREDRLSKGEQDLTERSVMHFGVPIQQTIDEFVFRH
RNARGERPLDYFKPFPGFRDFRLNRMYRDVEGFSLMKQRPEFLEWELFTRYRAHHQQRRRIALLHGLEPVANETAQERDA
RREKLDEICERTPFDERELHTNDDEMQVSGETLRSWFGVYMLPSPTVVEAVVGASASVNLHLFPLADEMGTADTRENVLS
SRYFNRLLLMEGFQNRISRAFMGNVSGKAPEPVVQYMQPPEVLRHFTAEERAMYEQYVKEQTSKQLGEWATAMRRRRWIP
DRQQYGHVVAQGYGVSVVDLEHADTAAVLTVSAKAFERELAAAKGNTSHIIMVEGQAYKLRPDSERFVVPLSVRLESGEV
LDMTDEAFGRYELELLPRNVNHALNYGIGDYAYNRGNYIETQDVIWEEQTASGEEGWSPATHADGLRAGLPVRARRHVGM
NANGSRIVSSPQRAVIVAYDRQPFFNPEPRLVRVAFQSDGSVEEVPLANIMIWQRRYHGPERTVGDESRRFSPASLRRYI
DVSDPFNEKKSKGEHFLDKYEAARTSEVAAGKYRTTKQITEIDQWTRFDVSRADNFRPLSISHRRDYIRLGYMHRYTPWE
WIAVQEADQPLIAEQIRQDNIGTSYFFSLNRYWRYKARPHGYIRHFDNEVRDLFQFVDGVTPWKQAQKIRTYWEVRAHHP
MPQFNRPEVAMHRNTVGLLPAHMWETDKKTGKVKAVKDSVRDYQTKTPLPKWVQL
;
ab
20 'polypeptide(L)'
;MFLRTHVERHRSGKARAFVFRDPTLKMMRAGSGYQQLRRMGMPIQVSKGWRKVDHFHANNQYQHAWPLLSHDDLGNSDQS
NNTRNIMYSMYLPKRNKGTAPWFRGADTYSVKYCEQGRYEYQRYLMINRFPSEYRKHFMNFLSNIRSSSGPATIPQEALH
WLLRMIVDNFNPQHVHYIAAMKTLQNAGELDMARDVWKIMERQQTWPCTSTICAYLDVCVEAGEKTWAMEAWNRYCTELK
FLQPGEVDPKPVSRVPFSLTREELLYLPKWKKHFDHDPNLDVVDLNRFNRTREVYLRMAQVMLAGGERDSFQHFYTKLEE
AMLSTPTPVPEPPNPHLVRRPQWSPYEHCKSVHHSPWRVGNNGRAMALGPSLTTEDEMQSRFFSNDQFLVHMLKEILRIV
LQEHRRRHPEACSRGEGEAFFDQVVDARETLNFCNELIERLFAVLGQKMHGLNTSSLLSVILELYRVMGKETGMALLRRA
NQFLERKAALEDGAKESLTAPNYLQVLMGFADESAYVYDSKRKGLCRYRSGFDPRTTMQQLAATVQEIAGNPHVTWAADM
HLQVVCTMVGCGTMKANDYFVRNVLRQFCWDSRFLEALYMEYRRHDDVDMWAELTKRALVWTARYNVNASERLKRLIEDD
YDTIQVHTRTFRELAVFQFRDVEEKRHSRDVVNELPNPWTDYVSHALPFPDRDAGYPDEYGDIGQWRAPGGPGSPVKGPG
YYAPPMEGEHQRGYTAEWRDLKNPMRPPEFPTPWERKYKQYARGQHPSYDMVYAGPMPEIFPNRYDFRKPTRWDFHDIEK
QGKYKTSGPY
;
ad
21 'polypeptide(L)'
;MNRMGGSVYANAMAQFAICRQPWNEYINLLTKQDSTPYHVEPQEKPAYRGRKRGREGWLFGQQVQLHYHRFPDEQLLTNL
TRWRTGETVGDIALQQFRNAQPFDIEDKDPQGMQRPSPEVYMKLNYKNPATISRFLTRTGHMYPADILPLNPEAVAKLRV
AKAQAVRIGLYPRFGNPFWFRSQKFRPKAYQENYDPTTYSTKHTMEHFAYNWVQTDRIRRYFKELEELQKNASNGARGGS
ATTAEQKQQNQFYAPENQPISMHRNNISYMAEVERSMKNPTVPGLMSTKGMKKKFHNLYSSTSTKRMGFSNPTLGIKKV
;
m
22 'polypeptide(L)'
;MFGRTAFLLRKYRQKSKAPDLKTSFSKTRNFKKAEKIAIETVDGEVVKGRGKLRRRSHSALKKAIGEMEHPSIWLWYPWR
MNPEPPTPGMPQRRALKNLHGAVFTDLTPVQKKRQEQMLYGINIPETRQMKFEQEHPLLASALRQLDGQPKGFPFWYKKY
PTRRHAYGNRFSIPDEMLEGYGEEMKKALSKEMMSIQEKQFAQEAMYMERYAEHDFDTTSPAVLAVKRALKCRVLRNHLL
TNPHNNIIKAVLANTEKKLSHALRKLRKVDFKKYWEIIRDHDVQDVLQPSNLVTYRQGAYWKYDWNAGLAISTNLADVLD
PRGLNGCVETGRSRSEVARDLGLSYTRPLQENEKKQLSHQALYYERLAKFKMEQPEAARALERERFVRKFSGMFAKMDIK
SGAPDFPSTYRKLLGTKVVRWASKRHGPA
;
i
23 'polypeptide(L)'
;MRQSLVLLRRGKPRPRAGMFPDKYRRVPALLKPQQGGQQFFNQFLIRFTNDRLMRRDVEDGEDKKESKIAAQLPQMDWEH
MSARSSSDAIREEMHRLVEGDAVQHQRVFNERIWYEEEERRRLQTGADAAAPTEDAGGAKEHDIPPRVLGNDYFQSRFGY
SLVKQSEMPQGVTDYNQLDMWGEMPKYTRDMVFLYLISRRRNTYAVAYTYEGKRILSTYTAGNRGLKGGDRGFRSDGSTD
NGHQVTSMYLNDLLPKVRELRANEGRPIGRGEKIELVVRVMGFYNGRQGAVRAVQDRANEFHVRYFEDITPFPLNGPKMP
RGVFK
;
f
24 'polypeptide(L)'
;MLRRTIVPLAKVYGAAPPNGTGQMQPARHRLLHGKRERQGSLFAIANDVKYDEKRLRQQLNAMLEEERLPPRTRLERNKA
NGGEALPQRRLVDLPGVERRRDLPADPITRLFFQHKGDHALYYGTYDNPSLQDEDRIQIEKREPRYWTYNVFTPVYDFCH
RIREATEQRKRFVIVPSTVETRGCARVMLGHGLVAGFRDFHNDRAFAVELKYFQGDSTINVIEPCAYDGKTEFEWSPKMM
RRLMNTHGIHNRLVVYICRTADNRVIDHIQAVKENVGGRGLIMVH
;
c
25 'polypeptide(L)'
;MYQLLSPRTARHARLFRLANNLASSPSGTAGVPKTDGERLLWVNSHVKRNKDIEMSIEEESLRERQLPLKLGENAFTSSA
QATHGSLFHFREYPMYPGEYVPAGHNTLSSLRHELRLELTAQSLKEAWMRISGGIYFQSADDYYASVDGLDAEQLGEVLA
ALFPYLSTYEAQALVQCTLDSISKPMNTASRQLSRTITAEAVGLDNAPGHYTNFLDWMGRLTETRGFKTEHALFQFSRRK
FNRDDVRVMFENYKLMSRATLIADSADSYSHFYTVLKDFARKVAGEDSRHQIGVRIDEPEVDAETGIAVGRGCADGEKYQ
FTALLRENRDHNGAITIMGKPMALVLDNKAWLMEMLLMPFDEANLDYRDFDVHIVLEGHAMPSIANEIAAFALRMSIANA
LVKLLPLTRIPLKKSGLLSVDRRRERGQFPGYLDGKKVKRKFAKR
;
d
26 'polypeptide(L)'
;MITELRTKGATRTPAIRYSYPAPPPSKNAAPQQPRGTPRPRTAKTNVRKPKRSDARRRARAGSGFGVVSPVRARRRRVVG
PPFADFFGALFPATRGIAFLSDLPTHIFSSFLLSFLAGRGVAMLRMCRRLAMKYADLELTTRGEFPHGMKEPGFVKKLDQ
NIPWYFSTYRSMYHWPITGDNWSDLNEAEKHHDLHMFYTLAWWKLGEGIFDANDEDN
;
ba
27 'polypeptide(L)'
;MFRISPSLAWRRTAAFYLRAGKLGQYEREAFEARRRLEESKNYPGPIRSATPGDTRFYAGSLESILQDNDRHYWRAVIDD
PQVQYVIPLRIRFKLFTWVTTGWEQRLHIVQTMAPRDITIARLIELVTIENQSPYLCSSTFTLAVDGKELDPDKSLSDYG
ITEHSRIDAIEKLDHLLHKDSERPLDWTVDEMTTECLKRSPYKEMGMQPQPNLAPRYEARPKGYFGRNNYSGMKQES
;
av
28 'polypeptide(L)'
;MMDRTRLFLAAEFKQKSRWSSVWPNMHYGAMYLSYSIGRKLPMKGVNWVTRESNRLTNFSNRYQAVINDIDVKKTEEELG
ITLQDIRWNDHRRIYWKCSFCGSSYRKSVSVRTKFHAGCNFCKGRYPSEVLREQHQSLSLAASAPELIKQLKETDKKDNL
GSLALTSKFRAEWKCQSCGGSYRASVRSRTGMVENGQCPLHPNIVDWSAYCPSCSWRPNMEAIAEEVQRTGQFLGLEAES
RKIASAPPARIPRRKKLVS
;
at
29 'polypeptide(L)'
;MLRRTFAVVQKGERGLYFPINHRIVDRRIASGVTVEEADVQSRYRRELRTSFATGETRQTIPPAWSACERPTHFLSLRLP
VRNVLRTRVNEMHNQILFSHQQHAPLLVPLEKLHITLGVMAISEREETERLASIYDCVSEVFSVIHPLQLRFRGLGTFGF
GRVLFIRVVPEADFGILETAVSKIRRRVGGELKVDMKGNPHDSYVPHVTIAKIRSKQQTQFGSKIPISMWVEYQHHDFGD
VTFSQVDICSMRGSKDGYYHTEGSVHLL
;
ar
30 'polypeptide(L)'
;MLHGSLPSLASLRYRRPYWMLFLKDVDNWKIYTVIQQPDHQRTEMLYQAWLGGLDRPYTRPKCMANQPLWLSKKRHILRK
DRLDGPETPLEKYVLEWHKRFHSFQGTERPTVDDLHTALDLVERPLDLSYAFQLLNQCRNVNNIRFAKDTFLVFLEACLR
VDRKDCALYATENAEALGFWHIEEDYRRYLRGEQSWYRLSPLDNMYYPLEENVKLNAGRSPPSSAAVAEGDAEGTAETTG
FEAAAGAAAWSDDEGSMKAGSSRESMTVDDEIARLEAELAALEEEGTDGDNDVKGPKGH
;
aq
31 'polypeptide(L)'
;MRRFCFPVATFAQAALRHRGIRWNTTMADNESHTGAKSSASSSTPSEANEISAMERASEARREIHDLWMSTEKMLDLENR
VRSVASLIEKYKLDPSTPRENDVSRGLGDAFDRLLLLCVPLGKDSSKGTDDLERLMNLAGRNGREISVRTIQHLFARTDS
FSEALAVFYAMRRCHVAMNMEAYYAMLYSLQRLEEEGWAQRFREECEEKGGVSEQAMDFVVKGINNALLPENKPWLGRVM
FGDRDAPAQRREARDYDELSAMWTERYRDGSAFPTSP
;
ap
32 'polypeptide(L)'
;MLRSTRPWRFRMKGGEMFVEYKIMSRDHRRSIRVEDAIVDPSVARTVVPLSWLEQLRSPSLRLHTGYHMEEAVYVPPAYA
AVDEKEGRRLSEKSTMTPNAILAGPVVLSITGQSVPVVLNPYFVPDDTWGIRRNRDEWDLRLGMDAIEQCTLFSELRPGG
LLYNKLPSSQNVTRHEPVRATLQRYGMKCGLAESPLVPRPWTRMRYMFIDELQRGPKLTEFVGHNPRNGTQWRFSQHSKY
FRIGVWRETIRRNDMNEGLHGHSSWQKSPQQAVPEVRLMAPYP
;
ao
33 'polypeptide(L)'
;MRSIRGVCCFSSLYTTQFRVHATYDVAPLSHKELFSIYQNWDKTRDELDLLEEVEERISKWKLNKWEMRIPPLLTAREKE
LMRQQQELLKSIFFDWGKCRDALNKDLELISSITGLPKGTVREKNRAWLQEEAAKLRWVGEVSKATRLRDAFLRLEVYGS
RDHRLLERLCCIYGLGLQGSFESAFSNYIVEDPITKKIYVDEKNSFRDLLAYIIHTYPQIDIIYDFLGFNFIGGYRSSLR
RYLECMVSRSTEGEKIPGRLVFGRGKPAEILFDFGNSNESLVSGECTQGFPDFVFVKGSDMTLIIIASENSWLRNRQLPH
RKQMEGIARRASFVLGIPFSEVRVRNLLLPPTYLDKDSIVRINEAVLGLSKEEQRNLAPWLEMYQKELDSKDVDFCSLMK
STNEEEWLTL
;
ai
34 'polypeptide(L)'
;MEVYRRITERVRGALWAHHGRLMSERQFHRILAYVYNNKYEHQIRFDRMEVVGRAWEGRVEVVTTPAGYLKRVRVNPCLE
ELSSYRQQQLILAAYADACAQGRRLMEKAEINIYKQFLKDLKPIVMGIRDNPEFYTVPEDSVETVGGTLHMGQGPTPTTY
RTIPAAKAHIPVDEIRARQEWEKKWLNSPQGQSWALTLRGKRYFALHGPQYRPRGAPGAKKVTMPLDLPAPYTSMDERRL
LKKNWMAYLDNKHVAEVMWTRAKIADREKLQRRLQETGQAWHRPINKEAVSRW
;
an
35 'polypeptide(L)'
;MLRRRVLPESHRHASWPLIYETSQHGIKTLDVREYRPLATPIEFRFYQRYANHPNRQSGIQFLTHYNTHQRFRVNKDYID
YMHWGKEQGQARLPHRHQRVAFDFDDQLHPTRTLDNEGDSYAWCAEQDPTLGPHPDLDASFDPNRRVFSHPEHWNKMFSK
RRPGEGRIDLRVLPSQSLLGPLMEQSDTQGAAYFRYDNRGHSNGRVPGLNTPFFGEFDRKMMQAMSRPLNADRTITGNDG
RFSKTIMINEPKTHQALSGKTASELSVEIDKATNAVHSKLTVLEAAQSGLTNYYCGGLNFEMLGFDLHMAEMLREKARAI
LNGVASVSSTSVMVTTTSVPTKAQEREVGQLLRDALRYEDRVDDAIRQHASLIWRVYTAPRPLMALTNGKCRGTGCGVSL
YSKYCALKDASEFIFDGPNLGITPYGGLTRLLARPETSLKYPGLAEFIMLTGTSLFAGDALRLGWTDLFTTLPDMSYHIK
DWFDTTEHMHNDAVAWQLGHLLETCFKMKEAHSSAMERVAITPVRARWIEDSFADQPSVNHIINTLSEIERLPITAKQNT
CDQTRCTPYTLTSVEAGISKLENHRLRYTHSPWDITPPEDEVSLQHASEIFNAYVLERRGTFNVVVHRDTEKLAAWNRQR
QEEYHAYRSLRAAPHPRHVYARLEGCEGKLVSFDFVFSLQGKQKDQRSGNKEGEELQQTACLDALKRQVLTSFGMPDGRD
IELGWYLPTLDTCPIHNDVEIMQLLHADPGIEDPKAQLKYPPIYFIVKRNCLYFSEWAYAVKHQLLLQSPFALRAAYEML
LEVRGDGSAERVMPLAESLATEFKYISRLLRRPDFYRVGVHTDKSAEAWEEIREERQRNLHKTHQPTRPLPDFEDVFERN
VEIDGHRFLLRPRWSPRTLQEVLDADVMRLHTSLAYQDEGIAPLHVPTQCAKANRISDMVEDAGGLEVVPGLGELDAKGT
PVVPPLQSNAHVPQNVSFYEMARHPWEDAASSWRRDGFTEGSLANYEAQYRAAERAVYDEEGRGGHNYWPSREASEGVTS
EEKDAALLRERLFKPLEEALSGVEPWARNLRRSASDGKLGYKTEIATPEEKIYDDEYYRWFIQPGHHPNPTGLTNVHKGS
STLQGSDAAEFERIWRHVVSGVDGGNASDEAETAAEDGEEEGDTQMNEKNPVVPNDEEEGV
;
z
36 'polypeptide(L)'
;MLGITSALLCVTAGRAALVASELQKLVPVLLPLLDPPIAKGVNVSAAQLIVASGHTSRRNDVHLPDCPVMAHALPLTALA
EHSAFLRHPCRACLKRRVHFLSSEHFCMHLEEKCSQGGGGMPAEWESIAAGQFGLFTHFTDEFVMYATSRREPGWTWLVY
DKERPEGHRLVVVNFPANRVPLVLGLWPLAVINMTESRLLSAIGARTKTSAAESSPAPWSRAARNPLVAEASTATVAAMA
AAVTDTVDGLDGSLSSIRAQVAQEAVLKMNWGFVLQQWKQAESYYESAERERKVQAQRTKMEREAALAEMSKLRDSGATI
LTSDTVEITVAGSDAVPEKASRDLKASTQTTKEPRKEEEETAGVGTANQDPHCTQLEDGTWQYAYKNGDLTLLRPDGTRV
FKKSDLTTTVFADGSTLYEYPNKTSILDRVDGVRVTTFADGTTKEGRYK
;
y
37 'polypeptide(L)'
;MAVEGKKFDGREAKKGLFFSPHAWGWITHGMFLLLLLPMPLFFCSLWTHLRECCCCPSGPLRLSSGHVERHAKGIVQQMR
RTLRHGYHAYVPKGALLKTDMLASSPQLVTAVFRETEAAAERADRANDYAGFFSRPRLNYPVASGIPAFISRRQFDVQYN
IFHHDAVATLNRHTLGTSLEGHSLETVIRRASFDATQAAVHTAAAEHFNYCFFYKSLRPWGTAVPKQLREAFQLQYGRDG
SVDVVEEVKRLFTVVVLSHQERCGWVYLVWTGKQFDVVEFPHGACPIGSDLIPLLAINVHEGAYSLDYGPSGLEQYAQNY
FRACNWFLAERYYLQATGRGSSCDA
;
x
38 'polypeptide(L)'
;MRSTCRFFDQTCGPHKSYKYTYMPDPRKLAPIETTTRSEILPLVIRPPTSYVPNHETFLEKVDIHRLKPTSDFKAAFKDW
NDLMSCDKRQLRVRGIPRMTRIAIRNAVHAFQNGNPPEYFDTKEEWLYYKQFKTIDFSYRVIPELPEKYRPHQNGIDQAP
LPDYREINKMPEWARKEEERLKEKKI
;
w
39 'polypeptide(L)'
;MKSSDIFHAYRYTPVFLKARQHDSGVNQYGLKPVNAYDFINPTNLVNFGRGTSFDNLGVRRAGRGEIDSSPSLGGSPVFT
QAKLVGLSGEEQLTMCQSETMALRVCMARGGQDTCERESRALDACLSRVGHLRRAMSEACGEFNDWFIQNVSDNHTKPFQ
HRPHDWRHFYAQEKLVRERQQNGHAYGRRPKQFSFGARYVKTEGYGKRPRLPYNK
;
v
40 'polypeptide(L)'
;MRGCGVLCAGHKRAAVIATTTCSLGPPTLSPSLTLRPVACAATPVTIPIFPPPMRGSFIDRNPVWASFNEKHTAKSFRHR
IVSSADVSLRPPQFYLSNEKVSAGEAAVVQKRAEATDSYGEQLDEISARWAAKFYGRVTFGPRNYPYPSSRWLARRFKMK
KHRIIKRFRFRRYKLAAVANLPFAKMIRVGLLPELKSSKTKKGDDVEADLSGRLVSAVRSSGGKKKGNRGRPKSKYQI
;
bb
41 'polypeptide(L)'
;MLRRAVVALRRDALNGGSSMTLGSKGMKLSPDPHRRRMPWTAAKEYVPGVVLNAKEKMVLDGVKLVDVECVDRASQVDPL
EALRATVATYEYNTSTGKNIFQLASQVEFDGRGQRFYRKEWQEGTYDKYVTLSAIDFNRDGNKGTAYGYVTFHGETTTRP
VQIDFADVPGWHMEFRVERAVPFNAIVPPPPSIGTDVPVDPRSYRLRAYPFYDAPNPPEFVERLLKDRGVIPDSPVETTE
LPNESEGSDDTTRRKN
;
t
42 'polypeptide(L)'
;MMRCCCVLQDKSMFAAKRRVIVPIHPTPNYPAHFIKASFTTDPLKEKQKARFSSGGEAMREVQMIPKNLEGERSRRELMS
RGDTEFEALVEFIQGASYDQLISGRRFKKVYDKLSENDDTFVWLCHTAMSVLNPGDVRSRLVYNHLRTLAEAVANGEMTL
RTAFRFYESAVRSPAYREIAKRQMEGGAATRLAGISAAADVMRRMGLTRRPMASYFELYQRIVERSEAMTPWGFPPLFQF
EERLSLEPRLKFFSRASQQALERRRRGHIMSAYTTLQGRRIFWIPPTWNRAGRFLGPHVTLYPGMTPD
;
al
43 'polypeptide(L)'
;MMRCSRGCRRQLRPYYNLPSKSDHGRKMTGFLTPYRHWMWKQNELWRNVHEAQFEHLRKVYKRQWLESFRVNADEYIYKY
NITKAAQLAQWEYEMQAQEKKRLEAKQMTEGRQALKKKHLDLLREFHERQFFFWYERASERLQSMNLIQYIPQSRVQEHI
ERELDKYVAGKSEAYPLNFVGQMPLVEDREGNIVEVPEGLLTNHVSEHPESTVKPHQPHESTSVSVEEQLLRTMASAREE
SLEEWIDDSRALSETIDDISREEEQRDEDTRVARSMEETDNEREISRRMYIDRGKTGSKAIFRRPTLSETDGGSASIPVG
GVAASPADTSAPMRRRKKGKLDKAHALQEQQDAMIARMSAKSLKDGESSISIVKRGEIATSRGRIRDKAAIPTQEVLMQK
PELAAGSVPNARISFKDKVDQLYHRGKYKQKKEDDNNPNEDL
;
q
44 'polypeptide(L)'
;MRSTALRLYKMPKNMGVAPRFDVWNESYEPWQHMKRMGRLVGTGFYIPPEWYNHFRMFPPINHNFQQEKTLNPRNESEPT
QDDTGSLSQERAALRDELARKSRLLASEGMRYYNIFWVRKPLDRMEKEYYELKRKGIAHSEAIKKVLEGFYKELAVKKRV
AAVQAEEAKLSGRFITMREATVVLNVLAQLHREQLTPHQVTLLAREQHQATEKASGLTATVSRVSAPAAGIDADSTASKE
SGSDEALSADSLANMLEDDHASGAGTQYQVEVKHSARDSVRQLHEKSTDDTGSPDWYTGASPVYNGAA
;
p
45 'polypeptide(L)'
;MFRRGLVHRRYPFNKRGPRERKSWKHHVLTDPPKPIQWRDPKVWTKDLTTMKSFDAPQWDLWQSRARSEDIDEALQPFMD
MPQSLKDRRYDIPWWANPFGAWYLQNILSVELLKLPSRTNAEKVAIYRNQKHSLSSKKKGEAAQDDEILANIIKERWRTL
EFGDRDAGYPCTFSDYIQFLNEWFKSLDEEGMQRLREHFDRRIRPLLAVMSPVDILWLEALTQNSPHNKEQLQRRIAFQT
SLGTPEFFDMSKRLRYEINEDYKVRDELGPELFALWSKAPERWPPERLSKMYGLDFTLVRKILVWHHFKACYDACVEPDW
TLPKRLFALEWIRDVRARKHGLFYGKMRFAEQKITFYSDRFLFRDLVNRREASYANVWEMDDPYRFLQTEQDYEDYWGDN
YDVYRRMFPEMIGKSGEPVQQYGQMPVWTGPHRQHANKSQHNWMFAEIGVNVGHEALKKLELDPTNEKRRRFVIRQPDGT
LRSAKMSEMRAWYWKEEWADFRFWAPNMEWGIENTPSQEQYQEHVPDTPDADFRKQRRIQSRPVKWFYESHYTRTGNFAG
FQPLRFMQRRTEREVRWPDVINAAVQIQKRKPDAYIFKAIPEI
;
Ca
46 'polypeptide(L)'
;MLRITSACRGGYMMYHRKSMGTMKYSKWKGAHGGVSHFYGRTPMVEEVKRNEPITLIDRRIMHYVHRSRLRHFQLFRSYQ
QKSNATECKLREGEMLRRRWHRKLQKSFIAFMQFKTMKVLEDQAKLVNTYGQAAVNAALGDSWDAVSDKEKDRKYVTIRR
QVKALPVVSVVPKHVATMKQIHNDRFNYRWRVN
;
g
47 'polypeptide(L)'
;MLHFTSLFRARAIIKRRTPQLWGAPGAPIIRMRGHHVVWKFQSYDLFVEHTHKRRNSDARLLHYLGKHCPHPQKSLWSPD
TPVAQDRHLFMLTTVDVDAFKYWFGVKRCRLSMRPWALLAKAGLLPPSLRQNSKIMPKPIFDKEQLMRYYLANRKEEATI
EREDYLNYKNSLVKSEEERAAERPVAPYL
;
j
48 'polypeptide(L)'
;MVFYAFVLVMKPRQRRFTSQALREIAVAIYNNGGLIRKLSNEGVMRPYSRFRDADNTPLTYARYVTLQVDMGEEQMRKVE
KIMKEHQDVFITLNLNNLERPVGIRRGRKDLQSAYFPLDTFTRLEEEINWPPQTSADIYKQLEMNWKEFSRTRWSNFLRN
;
b
49 'polypeptide(L)'
;MTKKGATKILFIYKLSKLNVYNNESYKIKLLFNHLYCIDNYNSIYFNLNGILIWLNVLHINIILIKYAFLILLNNLEYLI
IFKYNIISIK
;
bd
50 'polypeptide(L)'
;MFHFTVGSLKNLNSWYAKGTMRGGVPRIYYAWMRPGSFTRRRFEKMRNPFVDLETGTSLYFRDTRDSAEAVAHAADSKGL
KGMDNAIDLYNEYRIVPDLYPEGFQWKHKLNTEYNQWRSNTWLTPDLIPQEHRGRFLCNFQLNIVAYDMRVVKFSPKDHR
QWIYCVLYVGSGKGIAGWGRAVAPSTQEAKKEAIREAFSNIIAVDLEQEGPMYPVRVNADGVRVLLYPAKRIVANFRVAD
ILCAFGFQHAGCRINLKATNNPKSPTHTVEGVFEAVKALRSVSEIAASRGKVPHSLIYNIYPYLEEIRRRKGMMAMHPPG
KDGLLMPDRVVDNRLPDHLKKGYYDDVYWKDFFAGSREHLNEPKMGLRGDEMRQRLESAQSRPISSSTGSGRRTLEDVLK
RLGKTTKDLGSIPIVNPRLDIKLPTHIKRNYSLH
;
a
51 'polypeptide(L)'
;MKKMVFCKMCRPLLVFCATSCWRRSARLPLPFFFSPLNLQVAPFTSWNLQARYFSTTAGGGREGTNSSEDDYVFDPTLSV
QKDAAIHVAKKSLDAIVRDLLPENAPDAATQKVRAYLQQHPMDTLITQPTVHITHVEDPESGRETKMSLSPCDLSEALEQ
AQEREMNLVQMGTRGDVAYCRIRREIPRILGLVGPELEALREEEKQEGSSHRGGSDQAGGKIRELVDHSFRDVVDAHFVG
WKSKKIVEDIKKRHPVKITIKEFQSPEAAIGKIREMCQAMQRYAEEKLIYHHFTSIVANDREVSVSFVPSLPSEKGNSWK
HIKYPGEKEWAHANKRMEEACRKSGRYGTYVKNNMLKPRSLGQTFFRVDKYGRKID
;
bc
52 'polypeptide(L)'
;MYAHVVSWTLFLHVFFFFLSLSRTLFFFFFFFVCLFFPFLCVYLEEEMLRRLVSSHGCSNGGGTNGGRCVRPVKEEPPVF
SSLVLQRRFSFKYATKLQHDEMRQPFYIHEKRHGIFSNEKNIRKSRRGLPFITPLYTRHMNLWETDTDASKNRFFRGYVF
GQRELHQLLGRPHGFEANNTDGSNDISAYEMTTDQRYKGIPRPAITNLHYEPEWNYTLYRAGTHGSQLSNPRSPLTAEVL
GDELMKIRDIKSFDHCKAWFDRLQYLIKLHYDAVGDIGEFKSRHTQHVHEFFVAFHDALSSFDFGDSYLFEQFHAARPSE
LTDLFGIFLEMEANYVHEDYCPRCSLPYSTTRYCGEGDANTPFRKHRGRWAPHQRWGREWYAVVARRAEALWYRATEDPY
FGTPQHTQRQAEALLRVYVQTKQRGKAIDFMNALRGSKEFLLGSICITPEMQESYDRLLDTTPHPHLLTNGFTLESNAAK
YTGEVQKVPFSPLQFRIDMEMNKYRRQQKEEGAVRVPPAMWRIDTSAIVPYKVDPKTKRVINWREVKEGIEKSFLSTGLP
KEAYTGSEWREMLHLKSIIAGRAAKAAELERRLHTDKVKLLEVSSKSKIASETNTSTGSSNSSSIIFPDKDGYHVFDTSV
ASLRPFGVSQSGAVFQSVTHTYPSPHAVLYNDPVHGKQFILDTTNESCHLFGGFEHGDRLLIRARKIDKNDNNPNSVLAV
KGNEFEVIVVGVNKEGSDSEWQLCAMHVDPALQREYGLVFLGTDCVDIHERWASVRYAAAAPHVKGRVTLLEERRTAREE
SLGQIVGVRDGVLFVQWRLLRGGGSEMDRSVAEPIGTVEQVRNAYQITEQGVEELMHPPSWRTPFRNDFAEERLEELRQA
PFKRENWVSLIQGRYTPKLKRFGYTQHTTMDDFETKEYKDRLLSKQFFHNPQAFEVIPDRRDRAVTFGGKWEYQRTHGLP
TVDRNELENGWSEVEAVTDAEMHVIEQALRDISGRRPGNFIKSPTKKNTLQLNESWWEPLEFGWEQHNKEQKALVDPTEQ
RLIDSASLPFGGKIPPFGTTIGIGERIREIAEDYAKGFGLGPHGHSPSHDTCQYNTLNAEEDRVRELGYKDALVRLFDEK
MADKDVHQWAVEQCADGEADVRQLLLSLHEWRERGRPPSLMLLQVLSKYLEQEIAAFNEGVPSSVPKLSLQTVDGTLSPS
GNSGERSGTIWADVEPTAYALQYASQANHSSLDEPFILQLLKSAQLGGRNAQFTDPFYNAYLENSVVSEFQLGLAALAGK
GVSPSLLAQKISQLHRGSVRLSGNVIPFVKSRELAHLLERMGLSSENIAVVTRGLANCPEQESVGDDFAVPVSVILSWGG
PGSGSSTNAADRKGNATQSRNELQRKGSAALSSAIRQLGQKRSSSKNWQNEDKMMVHVIEELALRDDGLVMDIQYIVREN
RRNPVLRHEFFAALLPVFAGKHEKVAQLYDEYCEGKYVPNITLAIEAFIAFLCNVTKHADVYPGSSYFDVDTTNGPNAGQ
YISLKLLDPLDGPFIFDNIKAEHIETVERFKQHGIQVGPVRAPATGFIAANSKSLSYFTRRPEEVVYVSTDADQGLRRSL
ERSAHYKTIAASPAMQFLLHTQNGAGLVATFNRFFYRTMPMLSFYQRILKHYSDNVQPLRQKAQNSVRGLARVLENERSA
AMEEFRRNSERYWRNVLEGRSVEQAMGGSGGSGGGGGGTTPPVSSSPSQSSQEAMAADVARAIGSGRTGDQKGGAARQQQ
QQQQRTAGDDGGVRTTFASRKGGSRSMTDLLSKLNKPKGSNTSGTAKGPTKRGNPKSHTDGGRGAKP
;
aa
53 'polypeptide(L)'
;MLRRSLVTFPWWNFQTEHRQRCVMMYGGSRAKNTHNANHRVFIKKYKRNAFPNRTRHHWAVSMTGVLGQRPRRMPWPYDL
TSLIFNQPRQGSDKIGYVVGTSMLKTAVVAANHMVYYPKFNQRVSRTSRFFAHDEDLACVEGDLVHIKQCRKISKYKHYY
VFSILEPNIEGRERLKLGLKAVPPPLFGYPVSRRIVKLNLTNAEGTKEKLAAVIQEHVQDAYRFAGPTPDQPRNRLTDSV
TFDDANNMIAPNAPATPESLEGGESPSLLGDKEEYTEVEQDTRNKKGDEYWMNLQPKEKYDFKGFKKSP
;
k
54 'polypeptide(L)'
;MWFLYGCCLRFVLFVLCYYMSPRLPSSGNRRVLYAVFYLYIFVWCVRCFFCGIFILSFALFIIEGGGFIDLPGIKYYTRI
CY
;
be
55 'polypeptide(L)'
;MFGRSALCLAKRFRYNTKYPSLVSYNKLPWEILNHETPEFHMHVAPHYEQIMTLAASTHVPHIVGKKHLEMPPEHRLRLL
PGMFYMLDGDSIPEGFTANRVLDPTALQYYGRLESLVAPVQAVRMLISDDLRIVCNSVTLQGPLQLPVASYASLASLEVV
TNKASASFTLFHFVRPNRPPSELQLEKYYIHAPRAMALAEFNSTSNTSWEPKLQAPKRSKRVTPLPAYRPPQSYLMGLAE
RLAVVPGSSFGRRSLMWGHWF
;
as
56 'polyribonucleotide'
;UUUAAUGGGUAAUUUUAAAGCAAGUAAUUAUGAAUUAGGAUAAGAACAGAAUUCCUCAAGUCCCUAAUUGCGAUUAUUUG
UUAAGAUCUUUUUGAGGAUAGAUCUAAAAUUACCAAGUCCAAUUUUUGUAUAUGGGCGGGCUAUGAAAAUAUAAAAUUAU
AUAUUUUCUAGUUUGAUCGAAAAUGCUUUUCGAUUUGAAAAUUUAAAUUAAAUUUAAGUUUAAUUUUCAAUUUUCAAAAU
UUGAAACAAUUUUGGAAUUUUGGUAGGUAUUUUAUUGAUAGGUUUAAAUCACCGCUGUAUAAAUUUUGGUAGUAAAACUU
UUUGUAAUAAUGCGUUUUUAUUAUCAGUUAUUUAUGGGUGUUUGUGAUUUAAAUGUAAUCAGUUUAGUACAAAUCAUUUU
UCUAAAUUAUUUUGAGUUUUGGGAUUUGGAGGUUUGAACUUGAAUUUAAAUUUAGUUUCAAGUCAAGUCGUAUAAAAAAC
AUGGCAUUUUUUGUUGCUAUAAGUUUUUUAUAUAACUCUUUGAUUCGAAAUUAAAUUUAAAUUUAGGUUUUAGCUAUUUU
AAAUUCCAACUUGAAAUUUGUUUUGGGUUUUUAUAAUUGAGUUUUAAAUUUUAAAUCCAAAUUUAAAUAGGAUCUUCUUU
ACUAAUGAAAAUAUUUUACAAAUCUUUUGCAAAAAUAUUUUAAUUUAGUAAGGAUGGUUGGUAUUUUAAAUUUCGGUUUA
AUUUUUAAAAUUUUUUUAUUGACCAAACAUUUUCAAGGUUAGUGGGAAUAGCUAUGACUUUGGUUUAGAUUUAGUUUUAU
CAUUGAAUUGUUAUGUAAAGGAUUUGUGGUUAUACAAUAUGUUUAUGUAUGUGUUUAUUAUAUGUACUCGAUUAGAGAAG
CUAAACUUAAAUUCAAACCUCCAAUUUCCAAAACUUGAAACAAUUUUUAGGUGAUUUAUUAAGAAUUGAUUUAAAAUUAU
GAAUGUAUAAAUUUUGGUAGUAGGUUUUUUUUGUAAUAAUGUGUUUAUAAAUUGUAACUAAUCUGGUUUAAACUAUUUUU
CUAAAUUAUUUUAGGUUUUUUUUGGGACAUGAGAGUUUAAAUUUGAAUUUACUUUUAAGUUAUCAAUAAAAAACAUGUUU
UUUGUGCUAUUAAAAUUUAUAUAAUCUUUUUGACGUCAAAUUUAAAUUUAGGUUUAUUCUAAUUCGAAACUUUUUGGUUU
UUUAAUAAAUAACUCCAAUAAAUCUAAAUUUUUUUAUAGAUCAAACAUUUUUAAGGUUGGUAGGCAUAGUUAUGACUUUC
UAGUUUAAUUUAGUUUUAUUUAUUGAAUUGUUAUGUAAAGGAUUUGUGGUUGGGAAUGUUUAUGUUUAUGUUUAUUAUGU
GUAUUUUAUUUAAUUAGAAAAGCUUUUAAAAAUUUAAAAUUUGUAAUCCAAAUUUUACCAAUUAAGAAGAAUAUUAUAAU
AAUGGGUGUCUUAUAUUUUAAAUAAAUAUUUAAAUUCCGUGUAGUAAAUUUAUUAUUUGUAUUAUUUAUAUAAUAGGUGU
AUUAUAUUUAAAUUUUAAAUUUGUUGUUUUAUAUUUAGAUACAUAUUUAUAGAUUAAUAUAUUUAAAUAAUAUUUUAAAA
UUUAUUGAACUGUAAUUAUUAGUUUAAUAUUUUUAGUUUGAUGUUGAAAUAUUUAAUUAAAGAUGUUACAGUUGUUCUAU
AUGUACCAAAUAAAUAUAGUAAGAUUAUUUUAGUUGAAUUAAUAAAUAAAUAUUUAUUUUUCUUUGUAAAUAUUAUGAAC
AAUUUAAAAAUUAAUCUGUUUAACUAAAAUGUUAUAUAUAAUAAUCUAAGUUAAUUUGAAUAUUAAAAGUACAAGUAUAA
UUUGUAAUUCUAAAGUAUUUUAAUGGUAUAUUUUUAGUAGGUAAAUGAAAAGUAUAAAUGGAUAUAACUUAAUAUUUAAU
AUUUGUUUAAUGAAAAGUAUUUUAUUAUUAUAUUGUAUAGUAUUAUUAUAGUGUAUAGUUUUUUAAAAAUAUAAAAAUAU
UGUUAAUAAAAUUAUCGUAUUUUAAGUGCGUUUAUUAAAUGCGUUUGUCUAAGAUAAUUAUUUAAGAUUAUUCUUGUAAA
UAUAUUUAAAUAUUAAUAAUUCUUAAAAUAAAAAAAUAUCCUCAAUUGCAAUAUUAUUGUAGCAUAGUAAUUUGUUAACU
AAAUAUUAAAGUGUUCCAUAGAAAAUUUUUAAAUUACAACAAAUAAAAUAAAGUAUGAAUUAAUAUCAAAAUUUUAAUAA
AAAUUAAAAAAUUAAAAUAGGGCAAGUCCUACUCUCCUUUACAAAGAGAACAUUAUGAUAUGUAAUUGUAUGUUUGAUUG
GGGCAAUACUAUAUUUAUUUAUAUAGCAUAAGAACUAUAUUCUUUGAAAUUAUAAAAGGUUCGAGCAGGUUAACAAGCAU
UAAAAAUAAAUGUGUUUCAUCGUCUACUUAUUACCAUGAUUGAUUGUUCAUCAAAAUAGUAAUUCGUUAGUUGGGUUAAA
AUCGUUGUAAAGCAGAUUUGUUUAUAUAUUUAAUUUUUAUAAUUAAUAAUAAUUAAUAUAAGUACGCAAGGAUUGAUUAU
UGAAAAAAGAAAGAAGAAUAUAAUUUAUAUAAAUUAUGGUCAAUUGUUAGUAUUCAUAUUAAUUUUUUUAAAUGUUUUAU
CAUUUUAUAAAGGUUUAUUUUUGAAAGAUUUUUUGUAUAAAAUUUUAGGAAUAGUUAAUAAUAAUUUAUAAUUUUGAUUA
GAUUGUUUUGUUAAUGCUAUUAGAUGGGUGUGGAAAAAUAAAAAAAAUAAUUAAUAUAUAUCAAUAAUAAAUUAAAUUAA
UCUAUUAGUCAGAAAUGGAUGCCAGCCGUUGCGGUAAUUUCUAUGCUUUUAAAUAUUAUACAAUUAUCAUAUUAAAUUGU
UAAGUGCUGAUUUAACCAAUAAAAAUAUAAAUAAUUUUUAUUUGUUUUUAAACACCAUUAGGUAUAUGCAAAUAUAAAAU
UAUAGUAAUUAUAAAUUAUAUUAUAUUAUAUUUAUUCAUAUAAUUAAUAGGAUAAUAUUUGUAGUUUUUGAUACCAUGAU
AAGGAUUAUAAAUUGAAAGUGUUAAUAUCAUAAUCAAAAUUUAUUAUUUAUAUUAAAUAUGUAUGUGUAGAUAAAAUAAG
AAAUUAAAAAGGUAUUGUUGCCCACCAAUUUUUAUAAUAAAAAUAACGUGCAGUAAUUAAUAUAUUUAUAAAAAUAUAUU
UUAGCUAAAUUAGAAUCAAUUUAAUAAUUUUAAGUUUUGGUUGAUUAAAAGAGGAGUUUUUGGAAGGUGGGGAUUUUCAU
UUUGAUUUCCCAGAGAACCAGAGAGGCGGGAACCAGCGUUUUAUUUUUGGGGGAGAGCGGAGCGCGAGGAAAGCCCAUUU
UGAGCAGGAGUUUUUCGGGGGGGAGGGGGCAUUUCUGGCGGAGAACAGAGAUUCUUGUUUCGGAAGGGGAGCAGGCCCGA
CAGAUUUUUGCCAACGCAUUCAGGAGGGGAGCCUUAUUUGAAGUGCGCUUUCUUUCAAGAGGGGGAGAGAAGGGGAGAAG
GGGAAGUGAGAAAUUUAGAAUUACACGGUGAAAUUAAAUUUUGACUAAAUUAAGGUUGCCCUCUUGUCGUCUCUAUCUCC
UCCCAACCCCUCUCCCCUUGGAUCCUUCCCCCCAAAACUCCUCGAUGUUUCUUCCCUACCCAAAUCACUUCAGCGUUCCC
CCGCUACCCAAUCAUCCUCCUACCAAACCCCCCGCCCCCUUUACCCUCGCCCCCUCUCUCAAUCCAACUUCUCCUUUCUC
AAUCCUCCUCCUCUCCCCAACCCUCUCCCCAAAAUUAAUUCCUCGUCUAAAAUUCCAUUUUGUUUAUAAAAAAAAUUAAG
UUGAUAUUAAUAUUAUUAAAUAUUCAAAAUUAUUUAUUAAUAUAAAGAAAGAAUAUUUUAUUAGUAUAAUAUUAAUGUGU
AUAAUGUUAAGUCAAAUUAAAAUGCCAGAUAUGUUAAAAAACAGGCUAUUGUAUUUAUCAAUAGACAAAAAAAUAUGUUU
AAAUUUAAAUGUAUAUUUUUGUAAUAUGGUUUUGUAAUGCACAAAAUGAAUAAGGAACAUUUUUGUAUAUUAAUUUAUAU
GAUACAAAAAAACAUGACUACAUGAUAAGUACAAGAGGAGACAGACGACAGUGUCCACAGCACCCGUUUCAGCACAGUUG
GAGGAGAGGGGAUAAGAUUUAUUGAUGAAAUUUGUGAUUUGCAUCGUGGUACAGAAAAGUUAUGUGAAUAUAAAAGUGUA
GAACAAUGUCUUCCGAUUUCGACAGGUUAGAAGAUGGGGAAGAGCAGGCAUUUUGGAGAAGGCGAGGGCGACGGGCAAGC
GAAAGAUUUUGAAACUUUCCGAGAAGGGGGAACAGAGGGGUAAGGGGCUCCGGUUUAGACAGAGGAAUUUCGUUGACAAA
GAGACAGAAGUUUUGGGGCGAGCAGGCUUUCAGGAAUGGAUUCUUGAUGAGGGGGAGGGGAUUUUAAACAGGGAGGAGAG
AGAGGGGAAUCGAUAGCGGCUUUGGGGCAGAAAGAAUUGAUUAUUUAGAAGGGGGCCGCGAGGAGGGGAGAGUCGAAGGA
UUUUUGAUUUUUGUGAAGGAGAAGGAAGGGAGCAGAUUCGAACGGGAUAGCGAGAGGGAGAAGCAAGGGGGGUUUUUGGG
GGUUAAAAGGAAACCAGUUUUAGACCAAAGAAAGGGGGGGGCCGGGAAUUCAGCUUUGUGGAACACCCCAAAGGGAUUUG
AGGAAUUUUUGGGGGAGCUCGACGGCGGGCGGAGCAUUAUUUGAGGAGGGCGGGAGCAGAAGGCUUUCUGAGGAAAGAGG
GGACCGAGAUCGAUGAAGGUUAUUUUUUGGUUAUUGAGGAUUGUUUAAAAUUGAAUAAAAAGGCUUUUUGGAAGGGGAUU
UUUGGGGGACACCGCCAGAGGAGGAGGGUUUUGGAAGAGUUUGUUUUGAGAGGAGGUUUUGAGGGGAGGGGAGAGAGGGA
ACGGGAGAGGAACGGACCAGAGAGGAGAGUUGAGGAAGGCGGUUUUGAAGGAGAGGGGAGGCUUUCGGACCAAGGGAAGG
AAGGGAGGUUAAGAAAAGGAAAAACAAUUUGUGAGGGAGAAGGGUUUUUGGAGGGGUUUUGGGAAGAGAGGGGUUUUGGG
GAAACCAGAUGAGAUUGUUUGCAGAAACAAAGGGGUUUUUGGGCAAAGGAAUACAAUUUGCAGAGGGGGGAGAGCGGAAG
GAGGAACACGGGAGGGAAGACAGGAUUUAGGAAGCGAGAGAGAGGAGAGGGGAAAGGGUUUAGUUGGAAUGAAGAGGUAG
UUUGUAGGAAGUUAAGAAUAAUGGUUAUAAAUUUUAUAUAAAAGCGGAGAAAAAAGAAAGGGUCUUUUAAUGUCAGGUUG
UUUAUAUAGAAUAUAUGGGGUAGGUUUUAGUUUAGGAUUUUUUAUAGCAUUGCAAAUAAUUUGUGGAGUGUGUUUAGCUU
GAUUAUUUUUUAGUUGUUUUAUUUGUUCAAAUUGAUAUUUUGUAUUAUUUUUAUGAGAUUUUGAUUUGGGUUUUGUGAUA
AGAAGUGUACAUAUAUGUUUUACAUCUUUAUUAUAUUUACUAUUAUAUAUCCAUAUAUUUAAGUCAAUAACGUUAAUAAU
AUUGUUUGACACACAUAUAUUAGUAUGAUUUAUAGGUUUUAUAUUGUUUGUAUUUAUAAUAAUAAUAGCUUUUAUAGGAU
AUGUACUGCCUUGUACAAUGAUGUCAUACUGAGGUUUAACGGUGUUUAGUAAUAUUAUAGCAACAGUACCAAUUUUAGGU
AUAUGAUUAUGUUAUUGAAUUUGGGGAAGUGAAUUUAUAAACGAUUUUACAUUAUUAAAGUUACAUGUAUUACAUGUGUU
AUUACCAUUUAUAUUACUAAUAAUAUUAAUUUUACAUUUAUUUUGUCUACAUUAUUUUAUGAGUUCUGAUGCAUUUUGUG
AUAGGUUUGCAUUUUAUUGUGAAAGAUUAAGUUUUUGUAUGUGGUUUUAUUUGAGAGAUAUGUUUUUAGCAUUUUCAAUA
UUAUUAUGUAUGAUGUAUGUUAUAUUUAUAAAUUGGUAUUUUGUAUUUCAUGAGGAAUCUUGAGUUAUAGUAGAUACACU
AAAAACAUCAGAUAAAAUAUUACCAGAAUGAUUUUUUUUGUAUUUAUUCGGUUUUUUAAAGGCAAUCCCAGAUAAGUUUA
UGGGUUUGUUUUUAAUGGUUAUUUUAUUAUUCUCAUUAUUUUUAUUUAUAUUGAAUUGUAUAUUAUGAUUUGUGUAUUGU
AGAAGUUCAUUAUUAUGAUUAACAUAUUCGUUAAUAUUAUUUUAUAGUAUAUGAAUGAGUGGUUUUUUAGCAUUAUAUGU
AGUAUUAGCAUAUCCAAUAUGAAUGGAAUUACAAUACUGAGUAUUAUUAUUAUUUUUGUUGAUAGUGUGUAGGUUAGAUU
AGUUUAGAAUAAAAAAAUAAGUAUUUUGAUAUUAUUAAAGUAAAAGAGGAAUUUUGGGCGGAAGAGAAGGAGACAGGAGA
GGAAAUGAAGGAGAAAGGUUUUGAGAGGGGGGUUUUUUGAGGGGAGGAAAAAGAAUUUUGAAUUUGAACUAUUUGUUUAA
GUUAUGGGAGAGAAGCAAGGAGGAGAAAAGUAGGGGAAUUUUGAGGAGAUUCUUGGGGAGAGGCGGGCGGGCGACGGCGG
UUUUGAAAACACCCAUUUUUAGGAGGAUAAGAGGGGAGAAAAGGGGAAAUGGAAUUGGGAAUUGCCUUUGCCAAACUUUU
AGAAGAAAGAGCAGGAAAGGUUAGGGGGAGGAGAGAAGAAAGGGAAAGUUGUGAUUUUGGAGUUAUAGAAUAAGAUCAAA
UAAGUUAAUAAUAUCAAAGAAAAGUAUAUAUACGCUAGAACAAAUGAAGAAUAAUAAAUUUUUAAUAUUGAUAAAAGAUA
AUUUUACAACUCAAAAACCAAGAAAUUGAUAAGAAAAAAUAAAUAUAUUAACAAUUAAUCUAAAAUAAAAAAUAUAAAUG
AUAAUAAGUCAUAUUAUAAAGAAAAAGCCAAUACAAAUACAAAGGUAACUUAGUUGUAAUAAUAGACAGAAAACUUUGAU
AAAAAAUCCAAAUACAAUUGGAAUAGCUCCAAUGCAAAGAAAGAGACAUGCAAGUAGUAAACUUAUUAAAAAGUUAUUAA
AAAAAGAAAAAAAUAUGAAGUUGAUUAAAAAAUAGUUUUCAUUGUAUUUAAAGUCAAAAAUAUUAUAUAUAAUAAAAAAA
UAGUAUAUAAUAAUAAGUAAUACUAAACUUAUACUAUAAAUUAAGUGAAAAUUUAAAUAUAAAUAAAAGAUAUAAUUUUU
UGUUGAAAUAAAUAUUAGGAAUAAAAAGCAAAAAUUAUUCACACUUAACACAAAUAGUAAACUAACGAUAGCAAAGCUGU
UUAAUCCAAUUAAAACGCAUGUACAAGAUUGAAAUAAUAGAAGUUUGAUGAAUAAAAUAUAAAAAUAAAUGAAGCUAAUU
AGUAGAAUUAUUAAUAUAAAACAAAACAAAAUAUAAAAAGUUAACAUAUAAAUAAAAAUAAAGACACCAAGUCUAAUAUA
AAGUUGCUCCAUAAACAAAAUUAAAAAGGCGAUGUAUAAUUUGAAUAAAAUUAAUAAUGUGUAAAAUAGGCAUAAAAUUC
CAAGUCAUUCUUCAUCAAAAACUAAAAAACAAAAAUCACAUAGGAAAAAACAGUAGUUUAAUAUCAUAAAAUAUAAUAAU
AUAAAUAAUAAUAUAAAAUUUAUUAAGUUUAACAUGUAGUAAUAUCAUAGAACUAAAAUUUUAUAUCCAAAUCUACUGGA
CAUUAAUAAUAAAAAGAGCAAUAAGCUAAAUAUUUCAAAGAGGAUUGAUAUAAUAAUAAUAUGAUUAAUAAAUAUAAAUA
AGAAUAUAAUAAUGUAUUGAAUAAUAAUAAUAAUGAAUAAAAAUCUGGUAUCGAAUGAUAGAAAGCAAAAAAAUAAUGUA
AAGCAAAAUAAGAAUAAGAGUAUAAAGAUGAAACAAAUAUAAGAAUCUAAUAAUGUUAUUCAAAAUAGGUUAAUAAUUAA
UAAUCAGAGUAAAUCAAAGCUUAGUAAUGUUAGUGUAGUAUAAUCACAUAAGAUAAUAAAGCUGUAGAUAAUAAGAAAUA
UAAAUAUGUGUAUGAUAUAUAAAAACAAGGAUUUUUUGGGGGUUUAGGG
;
A,2
#
loop_
_chem_comp.id
_chem_comp.type
_chem_comp.name
_chem_comp.formula
A RNA linking ADENOSINE-5'-MONOPHOSPHATE 'C10 H14 N5 O7 P'
C RNA linking CYTIDINE-5'-MONOPHOSPHATE 'C9 H14 N3 O8 P'
G RNA linking GUANOSINE-5'-MONOPHOSPHATE 'C10 H14 N5 O8 P'
GTP non-polymer GUANOSINE-5'-TRIPHOSPHATE 'C10 H16 N5 O14 P3'
MG non-polymer 'MAGNESIUM ION' 'Mg 2'
U RNA linking URIDINE-5'-MONOPHOSPHATE 'C9 H13 N2 O9 P'
UTP non-polymer 'URIDINE 5'-TRIPHOSPHATE' 'C9 H15 N2 O15 P3'
ZN non-polymer 'ZINC ION' 'Zn 2'
#
# COMPACT_ATOMS: atom_id res chain seq x y z
N GLN A 30 34.52 -48.32 -21.21
CA GLN A 30 35.86 -48.25 -21.76
C GLN A 30 36.12 -46.89 -22.35
N LEU A 31 36.38 -45.92 -21.47
CA LEU A 31 36.50 -44.54 -21.88
C LEU A 31 37.73 -44.33 -22.76
N GLN A 32 37.51 -43.69 -23.91
CA GLN A 32 38.59 -43.51 -24.88
C GLN A 32 39.59 -42.49 -24.35
N SER A 33 40.86 -42.66 -24.73
CA SER A 33 41.95 -41.75 -24.34
C SER A 33 41.92 -41.45 -22.85
N ARG A 34 41.66 -42.51 -22.08
CA ARG A 34 41.51 -42.37 -20.64
C ARG A 34 42.81 -41.95 -19.98
N GLU A 35 43.94 -42.40 -20.50
CA GLU A 35 45.26 -42.09 -19.98
C GLU A 35 45.63 -40.62 -20.10
N ARG A 36 44.81 -39.83 -20.81
CA ARG A 36 44.94 -38.39 -20.84
C ARG A 36 43.72 -37.68 -20.29
N LEU A 37 42.58 -38.36 -20.26
CA LEU A 37 41.32 -37.76 -19.87
C LEU A 37 40.93 -38.02 -18.41
N ILE A 38 40.75 -39.27 -18.02
CA ILE A 38 40.34 -39.60 -16.66
C ILE A 38 41.53 -39.67 -15.73
N LEU A 39 42.70 -39.96 -16.29
CA LEU A 39 43.91 -40.09 -15.51
C LEU A 39 44.73 -38.82 -15.43
N GLY A 40 44.86 -38.07 -16.52
CA GLY A 40 45.84 -37.01 -16.54
C GLY A 40 45.28 -35.64 -16.88
N THR A 41 44.07 -35.60 -17.41
CA THR A 41 43.34 -34.35 -17.52
C THR A 41 42.92 -33.96 -16.11
N HIS A 42 43.35 -32.79 -15.66
CA HIS A 42 43.12 -32.44 -14.27
C HIS A 42 41.63 -32.54 -13.93
N GLY A 43 40.80 -31.73 -14.58
CA GLY A 43 39.40 -31.65 -14.21
C GLY A 43 38.45 -32.66 -14.82
N ALA A 44 38.89 -33.90 -14.97
CA ALA A 44 38.03 -35.03 -15.33
C ALA A 44 37.38 -34.87 -16.70
N GLY A 45 37.79 -33.86 -17.46
CA GLY A 45 37.25 -33.62 -18.77
C GLY A 45 35.90 -32.95 -18.79
N VAL A 46 35.36 -32.61 -17.62
CA VAL A 46 34.14 -31.81 -17.58
C VAL A 46 34.42 -30.33 -17.33
N VAL A 47 35.58 -30.00 -16.77
CA VAL A 47 35.88 -28.63 -16.36
C VAL A 47 36.85 -28.02 -17.36
N GLN A 48 36.57 -26.78 -17.78
CA GLN A 48 37.35 -26.06 -18.78
C GLN A 48 38.18 -24.98 -18.10
N HIS A 49 39.50 -25.12 -18.14
CA HIS A 49 40.39 -24.25 -17.38
C HIS A 49 40.95 -23.11 -18.22
N ALA A 50 41.24 -23.37 -19.49
CA ALA A 50 41.95 -22.41 -20.33
C ALA A 50 41.02 -21.24 -20.66
N SER A 51 40.91 -20.33 -19.70
CA SER A 51 40.13 -19.12 -19.89
C SER A 51 40.59 -18.07 -18.89
N VAL A 52 40.06 -16.86 -19.05
CA VAL A 52 40.44 -15.70 -18.25
C VAL A 52 39.28 -15.33 -17.34
N SER A 53 39.52 -14.40 -16.42
CA SER A 53 38.47 -13.74 -15.65
C SER A 53 38.06 -12.42 -16.28
N GLN A 54 38.23 -12.28 -17.60
CA GLN A 54 37.98 -11.03 -18.29
C GLN A 54 36.48 -10.70 -18.29
N PRO A 55 36.13 -9.42 -18.26
CA PRO A 55 34.72 -9.04 -18.12
C PRO A 55 34.01 -8.93 -19.45
N LEU A 56 32.88 -9.60 -19.53
CA LEU A 56 31.99 -9.52 -20.68
C LEU A 56 30.70 -8.83 -20.24
N SER A 57 30.16 -7.98 -21.11
CA SER A 57 29.16 -7.01 -20.69
C SER A 57 27.82 -7.63 -20.32
N VAL A 58 27.65 -8.94 -20.48
CA VAL A 58 26.48 -9.60 -19.91
C VAL A 58 26.60 -9.57 -18.39
N ASN A 59 25.44 -9.53 -17.72
CA ASN A 59 25.39 -9.44 -16.26
C ASN A 59 25.98 -10.65 -15.56
N PHE A 60 26.17 -11.76 -16.27
CA PHE A 60 26.81 -12.93 -15.68
C PHE A 60 28.33 -12.83 -15.74
N GLN A 61 28.88 -12.54 -16.92
CA GLN A 61 30.31 -12.55 -17.15
C GLN A 61 30.96 -11.21 -16.84
N SER A 62 30.18 -10.20 -16.47
CA SER A 62 30.68 -8.93 -15.97
C SER A 62 30.91 -8.95 -14.46
N SER A 63 30.36 -9.94 -13.77
CA SER A 63 30.54 -10.12 -12.32
C SER A 63 31.93 -10.60 -11.97
N VAL A 64 32.67 -11.08 -12.96
CA VAL A 64 34.02 -11.59 -12.74
C VAL A 64 35.05 -10.57 -13.23
N THR A 65 35.74 -9.94 -12.29
CA THR A 65 36.71 -8.92 -12.63
C THR A 65 37.91 -9.56 -13.31
N VAL A 66 38.53 -8.81 -14.23
CA VAL A 66 39.77 -9.29 -14.82
C VAL A 66 40.84 -9.38 -13.75
N ALA A 67 41.31 -10.59 -13.50
CA ALA A 67 42.35 -10.80 -12.52
C ALA A 67 43.72 -10.58 -13.15
N ALA A 68 44.51 -9.74 -12.50
CA ALA A 68 45.89 -9.57 -12.92
C ALA A 68 46.56 -10.93 -12.94
N PRO A 69 47.49 -11.16 -13.86
CA PRO A 69 47.90 -12.53 -14.19
C PRO A 69 48.51 -13.26 -13.00
N ALA A 70 48.70 -14.57 -13.20
CA ALA A 70 49.44 -15.38 -12.25
C ALA A 70 50.76 -14.70 -11.89
N ALA A 71 51.03 -14.63 -10.60
CA ALA A 71 52.27 -14.03 -10.14
C ALA A 71 53.45 -14.72 -10.78
N ASP A 72 54.45 -13.92 -11.19
CA ASP A 72 55.58 -14.49 -11.92
C ASP A 72 56.34 -15.50 -11.08
N LEU A 73 56.94 -15.04 -9.98
CA LEU A 73 57.66 -15.94 -9.08
C LEU A 73 56.90 -15.99 -7.76
N PHE A 74 55.85 -16.81 -7.76
CA PHE A 74 55.05 -17.15 -6.59
C PHE A 74 55.25 -18.62 -6.36
N ARG A 75 55.40 -19.01 -5.11
CA ARG A 75 55.45 -20.42 -4.75
C ARG A 75 54.08 -20.80 -4.21
N THR A 76 53.29 -21.43 -5.07
CA THR A 76 51.90 -21.75 -4.75
C THR A 76 51.80 -23.10 -4.06
N LYS A 77 50.61 -23.40 -3.58
CA LYS A 77 50.43 -24.55 -2.71
C LYS A 77 50.31 -25.84 -3.50
N VAL A 78 50.03 -26.93 -2.77
CA VAL A 78 50.02 -28.26 -3.37
C VAL A 78 48.70 -28.52 -4.08
N HIS A 79 47.60 -28.03 -3.53
CA HIS A 79 46.31 -28.29 -4.12
C HIS A 79 45.83 -27.17 -5.02
N GLU A 80 46.34 -25.95 -4.84
CA GLU A 80 45.87 -24.80 -5.57
C GLU A 80 46.93 -24.34 -6.55
N GLY A 81 46.49 -24.04 -7.75
CA GLY A 81 47.34 -23.42 -8.74
C GLY A 81 46.92 -21.98 -8.88
N THR A 82 47.16 -21.37 -10.02
CA THR A 82 46.61 -20.06 -10.28
C THR A 82 45.46 -20.11 -11.27
N GLY A 83 45.57 -20.91 -12.32
CA GLY A 83 44.50 -21.04 -13.28
C GLY A 83 44.82 -20.53 -14.67
N THR A 84 46.10 -20.54 -15.06
CA THR A 84 46.45 -20.08 -16.39
C THR A 84 46.16 -21.13 -17.45
N SER A 85 46.34 -22.40 -17.12
CA SER A 85 46.22 -23.46 -18.10
C SER A 85 45.35 -24.56 -17.51
N GLY A 86 45.22 -25.66 -18.25
CA GLY A 86 44.55 -26.83 -17.70
C GLY A 86 45.42 -27.62 -16.76
N LYS A 87 46.70 -27.75 -17.10
CA LYS A 87 47.64 -28.45 -16.24
C LYS A 87 47.99 -27.67 -14.98
N ASP A 88 47.58 -26.42 -14.90
CA ASP A 88 47.87 -25.56 -13.74
C ASP A 88 46.55 -24.93 -13.33
N PRO A 89 45.60 -25.73 -12.85
CA PRO A 89 44.24 -25.23 -12.66
C PRO A 89 44.02 -24.73 -11.24
N TYR A 90 42.84 -24.11 -11.06
CA TYR A 90 42.51 -23.44 -9.81
C TYR A 90 42.50 -24.38 -8.63
N LEU A 91 42.40 -25.68 -8.89
CA LEU A 91 42.43 -26.71 -7.87
C LEU A 91 42.88 -28.00 -8.54
N ARG A 92 44.14 -28.37 -8.31
CA ARG A 92 44.68 -29.58 -8.91
C ARG A 92 43.87 -30.77 -8.44
N THR A 93 43.59 -31.70 -9.35
CA THR A 93 42.63 -32.75 -9.07
C THR A 93 43.26 -34.12 -8.82
N LEU A 94 44.22 -34.53 -9.63
CA LEU A 94 44.85 -35.82 -9.39
C LEU A 94 45.72 -35.76 -8.15
N PRO A 95 45.75 -36.82 -7.33
CA PRO A 95 46.52 -36.78 -6.10
C PRO A 95 48.00 -36.94 -6.39
N ASN A 96 48.79 -36.76 -5.34
CA ASN A 96 50.20 -37.08 -5.41
C ASN A 96 50.47 -38.52 -5.04
N GLN A 97 49.43 -39.30 -4.76
CA GLN A 97 49.59 -40.71 -4.49
C GLN A 97 50.06 -41.44 -5.73
N GLU A 98 50.40 -42.70 -5.56
CA GLU A 98 50.91 -43.48 -6.68
C GLU A 98 49.75 -44.08 -7.45
N SER A 99 49.89 -44.13 -8.77
CA SER A 99 48.81 -44.52 -9.67
C SER A 99 48.93 -45.99 -10.02
N ARG A 100 48.10 -46.82 -9.40
CA ARG A 100 48.06 -48.25 -9.66
C ARG A 100 46.67 -48.64 -10.14
N GLU A 101 46.62 -49.51 -11.14
CA GLU A 101 45.37 -49.97 -11.70
C GLU A 101 44.49 -50.62 -10.63
N PRO A 102 43.19 -50.74 -10.86
CA PRO A 102 42.37 -51.59 -10.01
C PRO A 102 42.67 -53.06 -10.27
N GLU A 103 43.11 -53.75 -9.22
CA GLU A 103 43.54 -55.13 -9.38
C GLU A 103 42.43 -55.96 -10.01
N SER A 104 42.72 -56.48 -11.19
CA SER A 104 41.70 -57.08 -12.02
C SER A 104 41.01 -58.23 -11.31
N SER A 105 39.75 -58.43 -11.65
CA SER A 105 38.99 -59.59 -11.19
C SER A 105 39.28 -60.84 -12.01
N VAL A 106 40.21 -60.74 -12.96
CA VAL A 106 40.46 -61.84 -13.85
C VAL A 106 40.97 -63.03 -13.04
N SER A 107 40.52 -64.22 -13.39
CA SER A 107 40.99 -65.42 -12.74
C SER A 107 42.36 -65.78 -13.29
N GLN A 108 43.43 -65.43 -12.57
CA GLN A 108 44.75 -65.92 -12.94
C GLN A 108 44.94 -67.40 -12.60
N ALA A 109 43.95 -68.03 -11.95
CA ALA A 109 44.08 -69.42 -11.54
C ALA A 109 43.47 -70.38 -12.54
N HIS A 110 42.26 -70.08 -13.02
CA HIS A 110 41.59 -70.97 -13.95
C HIS A 110 41.89 -70.63 -15.40
N ILE A 111 42.85 -69.73 -15.63
CA ILE A 111 43.08 -69.18 -16.96
C ILE A 111 43.97 -70.12 -17.78
N THR A 112 43.68 -70.20 -19.08
CA THR A 112 44.47 -70.98 -20.01
C THR A 112 45.43 -70.07 -20.78
N VAL A 113 46.71 -70.15 -20.45
CA VAL A 113 47.69 -69.20 -20.94
C VAL A 113 48.68 -69.91 -21.86
N ALA A 114 49.27 -69.12 -22.76
CA ALA A 114 50.12 -69.69 -23.78
C ALA A 114 51.42 -70.24 -23.18
N PRO A 115 51.77 -71.48 -23.49
CA PRO A 115 52.94 -72.10 -22.86
C PRO A 115 54.22 -71.48 -23.41
N THR A 116 54.92 -70.77 -22.55
CA THR A 116 56.23 -70.23 -22.91
C THR A 116 57.26 -71.36 -22.88
N VAL A 117 58.41 -71.12 -23.50
CA VAL A 117 59.51 -72.07 -23.40
C VAL A 117 59.87 -72.28 -21.94
N ASP A 118 59.77 -71.23 -21.12
CA ASP A 118 60.10 -71.37 -19.71
C ASP A 118 58.90 -71.73 -18.85
N GLU A 119 57.77 -72.04 -19.47
CA GLU A 119 56.69 -72.77 -18.80
C GLU A 119 56.69 -74.24 -19.17
N CYS A 120 57.25 -74.60 -20.33
CA CYS A 120 57.41 -76.00 -20.68
C CYS A 120 58.77 -76.56 -20.26
N SER A 121 59.73 -75.71 -19.94
CA SER A 121 60.99 -76.18 -19.38
C SER A 121 60.77 -76.85 -18.04
N THR A 122 59.57 -76.73 -17.48
CA THR A 122 59.18 -77.33 -16.21
C THR A 122 57.93 -78.19 -16.34
N LEU A 123 57.45 -78.42 -17.57
CA LEU A 123 56.14 -79.03 -17.77
C LEU A 123 56.03 -80.42 -17.19
N ASP A 124 57.15 -81.08 -16.91
CA ASP A 124 57.09 -82.43 -16.36
C ASP A 124 56.91 -82.43 -14.85
N ARG A 125 56.72 -81.26 -14.24
CA ARG A 125 56.83 -81.11 -12.80
C ARG A 125 55.64 -80.42 -12.16
N ARG A 126 54.78 -79.78 -12.93
CA ARG A 126 53.69 -79.01 -12.35
C ARG A 126 52.46 -79.87 -12.15
N TRP A 127 51.78 -79.63 -11.03
CA TRP A 127 50.52 -80.29 -10.69
C TRP A 127 49.38 -79.48 -11.29
N GLU A 128 48.78 -79.99 -12.35
CA GLU A 128 47.71 -79.25 -13.01
C GLU A 128 46.51 -80.17 -13.20
N SER A 129 45.40 -79.59 -13.65
CA SER A 129 44.22 -80.40 -13.81
C SER A 129 44.09 -80.88 -15.25
N MET A 130 43.08 -81.70 -15.47
CA MET A 130 42.91 -82.29 -16.78
C MET A 130 42.32 -81.34 -17.81
N GLN A 131 41.73 -80.21 -17.41
CA GLN A 131 41.52 -79.15 -18.39
C GLN A 131 42.82 -78.50 -18.81
N TYR A 132 43.77 -78.35 -17.90
CA TYR A 132 45.10 -77.88 -18.24
C TYR A 132 45.80 -78.85 -19.18
N TRP A 133 45.60 -80.14 -18.96
CA TRP A 133 46.25 -81.11 -19.85
C TRP A 133 45.49 -81.29 -21.15
N PHE A 134 44.16 -81.17 -21.11
CA PHE A 134 43.30 -81.44 -22.25
C PHE A 134 42.64 -80.17 -22.77
N ASN A 135 43.35 -79.05 -22.69
CA ASN A 135 42.84 -77.81 -23.25
C ASN A 135 42.65 -77.96 -24.76
N ASP A 136 41.60 -77.34 -25.30
CA ASP A 136 41.50 -77.24 -26.74
C ASP A 136 42.48 -76.21 -27.27
N GLN A 137 42.50 -75.02 -26.68
CA GLN A 137 43.47 -74.00 -26.98
C GLN A 137 44.74 -74.23 -26.18
N HIS A 138 45.84 -74.43 -26.89
CA HIS A 138 47.09 -74.86 -26.30
C HIS A 138 46.89 -76.03 -25.36
N PRO A 139 46.55 -77.22 -25.86
CA PRO A 139 46.64 -78.42 -25.02
C PRO A 139 48.05 -78.60 -24.50
N ARG A 140 48.16 -78.99 -23.23
CA ARG A 140 49.45 -79.15 -22.60
C ARG A 140 49.84 -80.60 -22.37
N LEU A 141 48.90 -81.54 -22.41
CA LEU A 141 49.31 -82.94 -22.39
C LEU A 141 50.00 -83.34 -23.69
N VAL A 142 49.57 -82.78 -24.82
CA VAL A 142 50.31 -83.08 -26.05
C VAL A 142 51.72 -82.51 -25.96
N ILE A 143 51.88 -81.32 -25.38
CA ILE A 143 53.23 -80.80 -25.18
C ILE A 143 54.02 -81.74 -24.29
N TYR A 144 53.40 -82.25 -23.22
CA TYR A 144 54.10 -83.15 -22.32
C TYR A 144 54.49 -84.44 -23.01
N LEU A 145 53.56 -85.04 -23.75
CA LEU A 145 53.84 -86.30 -24.41
C LEU A 145 54.82 -86.12 -25.55
N ARG A 146 54.91 -84.93 -26.15
CA ARG A 146 55.98 -84.66 -27.10
C ARG A 146 57.26 -84.18 -26.44
N GLN A 147 57.24 -83.91 -25.14
CA GLN A 147 58.50 -83.83 -24.41
C GLN A 147 59.05 -85.23 -24.11
N LEU A 148 58.15 -86.16 -23.82
CA LEU A 148 58.59 -87.55 -23.67
C LEU A 148 58.84 -88.21 -25.02
N GLN A 149 58.27 -87.66 -26.09
CA GLN A 149 58.53 -88.15 -27.44
C GLN A 149 60.02 -88.19 -27.72
N VAL A 150 60.52 -89.40 -27.97
CA VAL A 150 61.93 -89.63 -28.20
C VAL A 150 62.39 -88.78 -29.38
N GLN A 151 63.68 -88.45 -29.41
CA GLN A 151 64.24 -87.63 -30.48
C GLN A 151 63.69 -88.09 -31.83
N ASP A 152 63.14 -87.14 -32.59
CA ASP A 152 62.42 -87.48 -33.82
C ASP A 152 63.44 -87.93 -34.84
N VAL A 153 63.87 -89.18 -34.71
CA VAL A 153 65.06 -89.69 -35.39
C VAL A 153 64.88 -89.55 -36.90
N PRO A 154 65.95 -89.31 -37.66
CA PRO A 154 65.88 -89.51 -39.09
C PRO A 154 65.41 -90.91 -39.39
N PRO A 155 64.24 -91.05 -40.04
CA PRO A 155 63.64 -92.39 -40.19
C PRO A 155 64.59 -93.38 -40.81
N ILE A 156 64.55 -94.64 -40.39
CA ILE A 156 65.48 -95.62 -40.95
C ILE A 156 65.05 -95.96 -42.37
N SER A 157 66.02 -96.01 -43.27
CA SER A 157 65.74 -96.11 -44.70
C SER A 157 65.16 -97.48 -45.04
N PRO A 158 64.51 -97.62 -46.19
CA PRO A 158 64.29 -98.98 -46.72
C PRO A 158 65.57 -99.80 -46.73
N ALA A 159 66.69 -99.18 -47.10
CA ALA A 159 67.96 -99.89 -47.08
C ALA A 159 68.34 -100.32 -45.68
N ALA A 160 68.12 -99.45 -44.68
CA ALA A 160 68.48 -99.80 -43.31
C ALA A 160 67.60 -100.93 -42.77
N GLU A 161 66.28 -100.83 -42.99
CA GLU A 161 65.38 -101.88 -42.51
C GLU A 161 65.54 -103.16 -43.31
N SER A 162 66.21 -103.09 -44.47
CA SER A 162 66.56 -104.31 -45.19
C SER A 162 67.85 -104.94 -44.70
N LEU A 163 68.91 -104.13 -44.57
CA LEU A 163 70.16 -104.60 -43.99
C LEU A 163 69.95 -105.16 -42.59
N LEU A 164 68.89 -104.73 -41.90
CA LEU A 164 68.53 -105.35 -40.64
C LEU A 164 68.30 -106.85 -40.80
N SER A 165 67.43 -107.25 -41.74
CA SER A 165 67.11 -108.66 -41.90
C SER A 165 68.24 -109.41 -42.62
N LYS A 166 68.99 -108.71 -43.47
CA LYS A 166 70.17 -109.33 -44.08
C LYS A 166 71.22 -109.66 -43.02
N PHE A 167 71.44 -108.76 -42.07
CA PHE A 167 72.39 -108.99 -40.98
C PHE A 167 72.01 -110.22 -40.17
N GLU A 168 70.75 -110.64 -40.23
CA GLU A 168 70.34 -111.91 -39.64
C GLU A 168 70.63 -113.10 -40.54
N GLU A 169 70.55 -112.92 -41.87
CA GLU A 169 70.82 -114.00 -42.81
C GLU A 169 71.99 -113.69 -43.76
N VAL A 170 71.94 -112.53 -44.42
CA VAL A 170 72.74 -112.32 -45.63
C VAL A 170 74.02 -111.55 -45.35
N ALA A 171 73.96 -110.50 -44.53
CA ALA A 171 75.14 -109.68 -44.29
C ALA A 171 76.17 -110.37 -43.41
N ILE A 172 75.88 -111.55 -42.88
CA ILE A 172 76.86 -112.32 -42.12
C ILE A 172 77.83 -112.99 -43.09
N PRO A 173 77.36 -113.81 -44.04
CA PRO A 173 78.31 -114.37 -45.02
C PRO A 173 78.79 -113.36 -46.06
N LYS A 174 78.25 -112.15 -46.06
CA LYS A 174 78.84 -111.07 -46.87
C LYS A 174 80.06 -110.48 -46.16
N LEU A 175 79.92 -110.19 -44.87
CA LEU A 175 81.00 -109.61 -44.07
C LEU A 175 82.21 -110.51 -44.07
N ALA A 176 82.07 -111.71 -43.53
CA ALA A 176 83.16 -112.69 -43.53
C ALA A 176 82.61 -114.10 -43.58
N LEU A 177 83.49 -115.09 -43.43
CA LEU A 177 83.09 -116.47 -43.63
C LEU A 177 83.49 -117.42 -42.52
N ASP A 178 84.45 -117.08 -41.68
CA ASP A 178 84.87 -118.00 -40.62
C ASP A 178 83.69 -118.32 -39.71
N ASP A 179 83.30 -119.59 -39.66
CA ASP A 179 82.14 -120.02 -38.88
C ASP A 179 82.18 -119.47 -37.46
N THR A 180 83.39 -119.32 -36.91
CA THR A 180 83.55 -118.63 -35.62
C THR A 180 82.95 -117.23 -35.67
N ASP A 181 83.43 -116.42 -36.62
CA ASP A 181 82.96 -115.04 -36.74
C ASP A 181 81.48 -114.98 -37.08
N ARG A 182 81.01 -115.92 -37.90
CA ARG A 182 79.58 -116.00 -38.21
C ARG A 182 78.74 -116.23 -36.96
N GLN A 183 79.18 -117.15 -36.10
CA GLN A 183 78.40 -117.40 -34.89
C GLN A 183 78.47 -116.21 -33.94
N ARG A 184 79.63 -115.54 -33.89
CA ARG A 184 79.75 -114.33 -33.07
C ARG A 184 78.77 -113.27 -33.53
N LEU A 185 78.66 -113.09 -34.85
CA LEU A 185 77.78 -112.09 -35.41
C LEU A 185 76.31 -112.45 -35.18
N THR A 186 75.98 -113.74 -35.32
CA THR A 186 74.61 -114.16 -35.07
C THR A 186 74.19 -113.87 -33.64
N LYS A 187 75.05 -114.23 -32.67
CA LYS A 187 74.69 -114.00 -31.27
C LYS A 187 74.70 -112.52 -30.93
N LEU A 188 75.59 -111.74 -31.56
CA LEU A 188 75.55 -110.29 -31.38
C LEU A 188 74.21 -109.73 -31.85
N TRP A 189 73.77 -110.15 -33.03
CA TRP A 189 72.48 -109.73 -33.55
C TRP A 189 71.36 -110.07 -32.59
N GLY A 190 71.36 -111.31 -32.09
CA GLY A 190 70.35 -111.72 -31.14
C GLY A 190 70.32 -110.83 -29.91
N ASN A 191 71.46 -110.67 -29.24
CA ASN A 191 71.50 -109.89 -28.00
C ASN A 191 71.10 -108.44 -28.26
N LEU A 192 71.57 -107.87 -29.37
CA LEU A 192 71.27 -106.48 -29.67
C LEU A 192 69.78 -106.27 -29.90
N THR A 193 69.18 -107.11 -30.74
CA THR A 193 67.74 -107.03 -30.94
C THR A 193 66.99 -107.20 -29.63
N GLU A 194 67.41 -108.17 -28.82
CA GLU A 194 66.79 -108.41 -27.52
C GLU A 194 66.72 -107.14 -26.71
N GLU A 195 67.89 -106.54 -26.44
CA GLU A 195 67.92 -105.43 -25.50
C GLU A 195 67.35 -104.16 -26.12
N ALA A 196 67.44 -104.01 -27.44
CA ALA A 196 66.79 -102.89 -28.11
C ALA A 196 65.28 -102.93 -27.90
N LYS A 197 64.68 -104.10 -28.13
CA LYS A 197 63.24 -104.22 -27.90
C LYS A 197 62.89 -104.04 -26.42
N ALA A 198 63.72 -104.60 -25.53
CA ALA A 198 63.43 -104.46 -24.10
C ALA A 198 63.45 -103.01 -23.67
N LEU A 199 64.45 -102.26 -24.14
CA LEU A 199 64.53 -100.83 -23.82
C LEU A 199 63.34 -100.08 -24.41
N ARG A 200 63.02 -100.34 -25.68
CA ARG A 200 61.89 -99.68 -26.32
C ARG A 200 60.62 -99.91 -25.53
N LEU A 201 60.47 -101.11 -24.96
CA LEU A 201 59.26 -101.43 -24.22
C LEU A 201 59.33 -100.92 -22.79
N HIS A 202 60.53 -100.60 -22.30
CA HIS A 202 60.70 -100.37 -20.86
C HIS A 202 60.84 -98.89 -20.54
N TYR A 203 61.74 -98.19 -21.23
CA TYR A 203 61.93 -96.76 -21.02
C TYR A 203 61.04 -95.99 -21.99
N VAL A 204 59.75 -96.34 -22.01
CA VAL A 204 58.80 -95.64 -22.85
C VAL A 204 58.46 -94.26 -22.27
N PHE A 205 58.90 -93.97 -21.05
CA PHE A 205 58.59 -92.71 -20.40
C PHE A 205 59.83 -91.89 -20.08
N ASP A 206 60.91 -92.05 -20.84
CA ASP A 206 62.04 -91.12 -20.72
C ASP A 206 62.83 -91.11 -22.02
N ARG A 207 62.69 -90.01 -22.78
CA ARG A 207 63.55 -89.78 -23.93
C ARG A 207 65.02 -89.84 -23.52
N PHE A 208 65.41 -89.07 -22.50
CA PHE A 208 66.82 -88.98 -22.16
C PHE A 208 67.37 -90.31 -21.65
N ALA A 209 66.64 -91.01 -20.78
CA ALA A 209 67.15 -92.26 -20.22
C ALA A 209 67.23 -93.33 -21.30
N PHE A 210 66.19 -93.42 -22.13
CA PHE A 210 66.24 -94.33 -23.26
C PHE A 210 67.42 -94.00 -24.17
N GLU A 211 67.71 -92.71 -24.35
CA GLU A 211 68.83 -92.30 -25.19
C GLU A 211 70.16 -92.70 -24.57
N SER A 212 70.32 -92.42 -23.28
CA SER A 212 71.56 -92.79 -22.58
C SER A 212 71.82 -94.28 -22.67
N LYS A 213 70.79 -95.09 -22.41
CA LYS A 213 71.03 -96.52 -22.32
C LYS A 213 71.10 -97.16 -23.70
N LEU A 214 70.44 -96.56 -24.69
CA LEU A 214 70.68 -96.98 -26.07
C LEU A 214 72.09 -96.64 -26.51
N SER A 215 72.62 -95.52 -26.04
CA SER A 215 74.01 -95.18 -26.31
C SER A 215 74.95 -96.19 -25.67
N GLN A 216 74.67 -96.55 -24.41
CA GLN A 216 75.42 -97.61 -23.74
C GLN A 216 75.42 -98.88 -24.58
N LEU A 217 74.24 -99.30 -25.02
CA LEU A 217 74.09 -100.51 -25.82
C LEU A 217 74.85 -100.40 -27.14
N CYS A 218 74.78 -99.23 -27.78
CA CYS A 218 75.44 -99.05 -29.08
C CYS A 218 76.96 -99.13 -28.94
N LYS A 219 77.51 -98.46 -27.94
CA LYS A 219 78.96 -98.53 -27.73
C LYS A 219 79.39 -99.95 -27.35
N GLU A 220 78.60 -100.62 -26.51
CA GLU A 220 78.89 -102.00 -26.16
C GLU A 220 78.95 -102.88 -27.40
N ALA A 221 77.98 -102.73 -28.29
CA ALA A 221 77.91 -103.58 -29.48
C ALA A 221 79.04 -103.26 -30.47
N LEU A 222 79.39 -101.97 -30.57
CA LEU A 222 80.48 -101.57 -31.46
C LEU A 222 81.80 -102.18 -30.99
N GLU A 223 82.02 -102.22 -29.67
CA GLU A 223 83.19 -102.92 -29.16
C GLU A 223 83.06 -104.43 -29.34
N GLN A 224 81.83 -104.96 -29.26
CA GLN A 224 81.64 -106.39 -29.44
C GLN A 224 82.05 -106.83 -30.84
N MET A 225 81.79 -105.99 -31.84
CA MET A 225 82.15 -106.32 -33.22
C MET A 225 83.66 -106.36 -33.37
N HIS A 226 84.22 -107.57 -33.45
CA HIS A 226 85.65 -107.79 -33.36
C HIS A 226 86.33 -107.42 -34.68
N ALA A 227 87.58 -106.96 -34.55
CA ALA A 227 88.37 -106.46 -35.69
C ALA A 227 87.64 -105.35 -36.42
N MET A 228 86.76 -104.63 -35.71
CA MET A 228 85.97 -103.54 -36.26
C MET A 228 85.19 -104.00 -37.49
N SER A 229 84.30 -104.96 -37.25
CA SER A 229 83.49 -105.63 -38.28
C SER A 229 84.39 -106.26 -39.32
N LEU A 230 85.18 -107.28 -38.96
CA LEU A 230 86.54 -107.56 -39.47
C LEU A 230 86.66 -107.07 -40.92
N SER A 231 85.75 -107.43 -41.81
CA SER A 231 85.76 -106.93 -43.18
C SER A 231 84.50 -106.16 -43.53
N GLY A 232 83.34 -106.71 -43.20
CA GLY A 232 82.08 -106.19 -43.72
C GLY A 232 81.67 -104.86 -43.13
N THR A 233 81.84 -103.80 -43.93
CA THR A 233 81.33 -102.50 -43.55
C THR A 233 79.81 -102.47 -43.55
N GLU A 234 79.16 -103.35 -44.33
CA GLU A 234 77.72 -103.52 -44.18
C GLU A 234 77.39 -104.08 -42.80
N GLY A 235 78.38 -104.71 -42.17
CA GLY A 235 78.26 -105.04 -40.76
C GLY A 235 78.45 -103.85 -39.85
N SER A 236 78.84 -102.70 -40.40
CA SER A 236 78.98 -101.49 -39.60
C SER A 236 77.78 -100.55 -39.75
N LEU A 237 77.11 -100.57 -40.89
CA LEU A 237 75.93 -99.73 -41.08
C LEU A 237 74.76 -100.23 -40.26
N ALA A 238 74.64 -101.54 -40.07
CA ALA A 238 73.55 -102.13 -39.30
C ALA A 238 73.46 -101.60 -37.89
N VAL A 239 74.57 -101.17 -37.27
CA VAL A 239 74.53 -100.70 -35.90
C VAL A 239 73.80 -99.35 -35.80
N GLU A 240 74.20 -98.36 -36.60
CA GLU A 240 73.45 -97.11 -36.68
C GLU A 240 72.01 -97.38 -37.10
N ALA A 241 71.81 -98.30 -38.05
CA ALA A 241 70.46 -98.64 -38.49
C ALA A 241 69.59 -99.18 -37.37
N LEU A 242 70.08 -100.10 -36.56
CA LEU A 242 69.30 -100.63 -35.45
C LEU A 242 69.10 -99.59 -34.36
N ARG A 243 70.09 -98.72 -34.12
CA ARG A 243 69.88 -97.61 -33.19
C ARG A 243 68.70 -96.75 -33.63
N ARG A 244 68.73 -96.28 -34.87
CA ARG A 244 67.65 -95.44 -35.35
C ARG A 244 66.34 -96.22 -35.41
N LEU A 245 66.39 -97.54 -35.60
CA LEU A 245 65.19 -98.36 -35.51
C LEU A 245 64.59 -98.39 -34.11
N THR A 246 65.42 -98.58 -33.10
CA THR A 246 64.94 -98.43 -31.72
C THR A 246 64.22 -97.11 -31.55
N ILE A 247 64.84 -96.01 -31.95
CA ILE A 247 64.21 -94.71 -31.75
C ILE A 247 62.91 -94.62 -32.53
N LEU A 248 62.90 -95.15 -33.75
CA LEU A 248 61.71 -95.06 -34.58
C LEU A 248 60.55 -95.87 -34.03
N LYS A 249 60.81 -97.08 -33.56
CA LYS A 249 59.72 -97.90 -33.08
C LYS A 249 59.35 -97.61 -31.63
N ARG A 250 60.13 -96.77 -30.93
CA ARG A 250 59.58 -96.13 -29.73
C ARG A 250 58.69 -94.95 -30.10
N ASN A 251 59.12 -94.16 -31.09
CA ASN A 251 58.28 -93.11 -31.62
C ASN A 251 56.91 -93.65 -32.01
N ASP A 252 56.88 -94.74 -32.77
CA ASP A 252 55.60 -95.24 -33.27
C ASP A 252 54.74 -95.81 -32.15
N TYR A 253 55.35 -96.37 -31.10
CA TYR A 253 54.57 -96.91 -30.00
C TYR A 253 53.95 -95.82 -29.15
N ILE A 254 54.71 -94.75 -28.85
CA ILE A 254 54.11 -93.62 -28.15
C ILE A 254 53.21 -92.81 -29.07
N GLN A 255 53.30 -93.02 -30.39
CA GLN A 255 52.42 -92.32 -31.33
C GLN A 255 51.13 -93.07 -31.56
N ARG A 256 51.11 -94.37 -31.29
CA ARG A 256 49.91 -95.17 -31.52
C ARG A 256 49.18 -95.54 -30.23
N HIS A 257 49.81 -95.31 -29.07
CA HIS A 257 49.20 -95.74 -27.82
C HIS A 257 48.90 -94.61 -26.85
N LEU A 258 49.54 -93.44 -27.00
CA LEU A 258 49.26 -92.29 -26.15
C LEU A 258 48.84 -91.07 -26.95
N ILE A 259 49.62 -90.71 -27.96
CA ILE A 259 49.35 -89.47 -28.67
C ILE A 259 48.19 -89.65 -29.65
N ASP A 260 48.05 -90.84 -30.22
CA ASP A 260 46.84 -91.11 -30.99
C ASP A 260 45.60 -91.17 -30.12
N VAL A 261 45.76 -91.41 -28.82
CA VAL A 261 44.62 -91.33 -27.91
C VAL A 261 44.27 -89.87 -27.62
N THR A 262 45.27 -89.09 -27.25
CA THR A 262 45.07 -87.70 -26.84
C THR A 262 44.99 -86.75 -28.02
N SER A 263 44.95 -87.28 -29.25
CA SER A 263 44.85 -86.42 -30.42
C SER A 263 43.56 -85.61 -30.45
N ASN A 264 42.45 -86.19 -30.02
CA ASN A 264 41.15 -85.53 -30.06
C ASN A 264 40.81 -85.04 -28.65
N GLY A 265 41.27 -83.84 -28.32
CA GLY A 265 40.89 -83.24 -27.05
C GLY A 265 39.39 -83.21 -26.86
N ALA A 266 38.67 -82.86 -27.93
CA ALA A 266 37.22 -82.90 -27.90
C ALA A 266 36.68 -84.30 -27.60
N TYR A 267 37.37 -85.36 -28.03
CA TYR A 267 36.96 -86.69 -27.61
C TYR A 267 37.14 -86.85 -26.11
N LEU A 268 38.27 -86.36 -25.59
CA LEU A 268 38.54 -86.38 -24.16
C LEU A 268 37.56 -85.52 -23.39
N GLY A 269 36.76 -84.70 -24.06
CA GLY A 269 35.87 -83.82 -23.36
C GLY A 269 36.59 -82.80 -22.52
N PHE A 270 37.90 -82.65 -22.75
CA PHE A 270 38.72 -81.69 -22.03
C PHE A 270 38.67 -81.96 -20.54
N GLY A 271 39.16 -83.15 -20.16
CA GLY A 271 39.36 -83.50 -18.77
C GLY A 271 38.08 -83.81 -18.02
N ASP A 272 37.00 -83.11 -18.34
CA ASP A 272 35.70 -83.38 -17.73
C ASP A 272 35.25 -84.81 -18.00
N ALA A 273 35.29 -85.25 -19.24
CA ALA A 273 34.86 -86.60 -19.56
C ALA A 273 35.76 -87.64 -18.91
N VAL A 274 37.06 -87.39 -18.81
CA VAL A 274 37.97 -88.38 -18.27
C VAL A 274 37.77 -88.53 -16.77
N TRP A 275 37.70 -87.40 -16.06
CA TRP A 275 37.32 -87.48 -14.66
C TRP A 275 35.96 -88.16 -14.48
N ARG A 276 34.95 -87.73 -15.23
CA ARG A 276 33.62 -88.32 -15.09
C ARG A 276 33.64 -89.82 -15.29
N VAL A 277 34.42 -90.32 -16.24
CA VAL A 277 34.40 -91.75 -16.45
C VAL A 277 35.10 -92.48 -15.31
N PHE A 278 36.14 -91.87 -14.72
CA PHE A 278 36.69 -92.48 -13.50
C PHE A 278 35.65 -92.54 -12.39
N PHE A 279 34.95 -91.43 -12.20
CA PHE A 279 33.93 -91.40 -11.16
C PHE A 279 32.85 -92.43 -11.45
N SER A 280 32.61 -92.72 -12.74
CA SER A 280 31.66 -93.78 -13.10
C SER A 280 32.23 -95.18 -12.89
N ALA A 281 33.53 -95.36 -13.11
CA ALA A 281 34.11 -96.67 -12.87
C ALA A 281 33.97 -97.05 -11.40
N VAL A 282 34.25 -96.10 -10.50
CA VAL A 282 34.11 -96.40 -9.08
C VAL A 282 32.65 -96.45 -8.68
N GLU A 283 31.79 -95.65 -9.34
CA GLU A 283 30.36 -95.88 -9.22
C GLU A 283 30.01 -97.34 -9.44
N ALA A 284 30.48 -97.92 -10.55
CA ALA A 284 30.09 -99.27 -10.94
C ALA A 284 30.67 -100.32 -9.99
N HIS A 285 31.98 -100.25 -9.73
CA HIS A 285 32.63 -101.22 -8.86
C HIS A 285 32.77 -100.73 -7.43
N LYS A 286 31.77 -100.00 -6.92
CA LYS A 286 31.72 -99.66 -5.50
C LYS A 286 31.91 -100.90 -4.63
N ALA A 287 31.47 -102.05 -5.11
CA ALA A 287 31.46 -103.25 -4.30
C ALA A 287 32.85 -103.75 -3.93
N VAL A 288 33.80 -103.74 -4.87
CA VAL A 288 35.04 -104.46 -4.68
C VAL A 288 36.25 -103.56 -4.42
N LEU A 289 36.20 -102.28 -4.79
CA LEU A 289 37.31 -101.39 -4.46
C LEU A 289 37.42 -101.15 -2.96
N PHE A 290 36.34 -100.67 -2.33
CA PHE A 290 36.31 -100.42 -0.89
C PHE A 290 35.42 -101.51 -0.29
N GLY A 291 35.98 -102.69 -0.15
CA GLY A 291 35.23 -103.82 0.38
C GLY A 291 35.92 -104.32 1.63
N LYS A 292 36.50 -105.51 1.55
CA LYS A 292 37.37 -105.98 2.62
C LYS A 292 38.71 -106.48 2.11
N GLY A 293 38.94 -106.48 0.80
CA GLY A 293 40.26 -106.64 0.25
C GLY A 293 41.11 -105.38 0.34
N THR A 294 40.61 -104.34 0.99
CA THR A 294 41.30 -103.06 1.15
C THR A 294 41.04 -102.57 2.57
N PRO A 295 42.07 -102.07 3.26
CA PRO A 295 41.89 -101.63 4.64
C PRO A 295 40.77 -100.59 4.78
N ASP A 296 40.14 -100.60 5.96
CA ASP A 296 39.06 -99.67 6.23
C ASP A 296 39.53 -98.23 6.23
N THR A 297 40.82 -97.99 6.42
CA THR A 297 41.32 -96.63 6.36
C THR A 297 41.09 -96.00 5.01
N ILE A 298 41.11 -96.78 3.93
CA ILE A 298 40.93 -96.19 2.61
C ILE A 298 39.47 -95.79 2.38
N ARG A 299 38.51 -96.64 2.75
CA ARG A 299 37.12 -96.25 2.64
C ARG A 299 36.76 -95.13 3.61
N PHE A 300 37.39 -95.09 4.78
CA PHE A 300 37.11 -94.01 5.73
C PHE A 300 37.73 -92.69 5.27
N ALA A 301 38.92 -92.76 4.67
CA ALA A 301 39.45 -91.59 3.97
C ALA A 301 38.53 -91.20 2.84
N TRP A 302 37.82 -92.16 2.23
CA TRP A 302 36.90 -91.80 1.15
C TRP A 302 35.67 -91.07 1.67
N GLU A 303 35.01 -91.62 2.68
CA GLU A 303 33.88 -90.90 3.26
C GLU A 303 34.30 -89.56 3.85
N SER A 304 35.55 -89.45 4.33
CA SER A 304 36.05 -88.17 4.83
C SER A 304 36.34 -87.19 3.70
N ILE A 305 36.74 -87.71 2.54
CA ILE A 305 36.88 -86.88 1.36
C ILE A 305 35.53 -86.38 0.89
N LEU A 306 34.49 -87.22 1.04
CA LEU A 306 33.17 -86.95 0.47
C LEU A 306 32.26 -86.13 1.37
N GLN A 307 32.38 -86.22 2.69
CA GLN A 307 31.45 -85.55 3.58
C GLN A 307 31.71 -84.06 3.68
N GLU A 308 32.40 -83.46 2.72
CA GLU A 308 32.78 -82.06 2.78
C GLU A 308 31.59 -81.18 2.39
N ASP A 309 31.87 -79.91 2.10
CA ASP A 309 30.89 -79.07 1.42
C ASP A 309 31.07 -79.16 -0.09
N VAL A 310 32.16 -78.62 -0.60
CA VAL A 310 32.43 -78.63 -2.03
C VAL A 310 33.76 -79.31 -2.23
N VAL A 311 33.73 -80.63 -2.43
CA VAL A 311 34.93 -81.42 -2.65
C VAL A 311 35.46 -81.05 -4.03
N ARG A 312 36.78 -80.95 -4.15
CA ARG A 312 37.37 -80.60 -5.43
C ARG A 312 38.37 -81.65 -5.85
N VAL A 313 38.33 -81.99 -7.13
CA VAL A 313 39.36 -82.82 -7.74
C VAL A 313 40.65 -82.03 -7.77
N PRO A 314 41.68 -82.45 -7.05
CA PRO A 314 42.94 -81.70 -7.02
C PRO A 314 43.72 -81.89 -8.31
N ASP A 315 44.62 -80.94 -8.55
CA ASP A 315 45.44 -80.98 -9.74
C ASP A 315 46.33 -82.22 -9.73
N VAL A 316 46.91 -82.54 -10.90
CA VAL A 316 47.73 -83.73 -11.06
C VAL A 316 48.98 -83.38 -11.85
N THR A 317 49.97 -84.26 -11.78
CA THR A 317 51.09 -84.19 -12.71
C THR A 317 50.91 -85.18 -13.85
N ALA A 318 51.58 -84.92 -14.96
CA ALA A 318 51.22 -85.58 -16.21
C ALA A 318 51.40 -87.10 -16.21
N PRO A 319 52.37 -87.69 -15.51
CA PRO A 319 52.34 -89.15 -15.34
C PRO A 319 51.03 -89.64 -14.76
N VAL A 320 50.57 -89.04 -13.66
CA VAL A 320 49.30 -89.38 -13.06
C VAL A 320 48.11 -89.09 -13.97
N ALA A 321 48.13 -87.96 -14.66
CA ALA A 321 47.09 -87.67 -15.63
C ALA A 321 46.97 -88.79 -16.65
N LEU A 322 48.05 -89.05 -17.41
CA LEU A 322 47.98 -90.07 -18.45
C LEU A 322 47.64 -91.42 -17.86
N PHE A 323 48.19 -91.74 -16.69
CA PHE A 323 47.84 -92.99 -16.05
C PHE A 323 46.33 -93.13 -15.92
N LEU A 324 45.66 -92.17 -15.25
CA LEU A 324 44.22 -92.22 -15.10
C LEU A 324 43.49 -92.26 -16.44
N THR A 325 43.95 -91.47 -17.41
CA THR A 325 43.29 -91.46 -18.71
C THR A 325 43.26 -92.86 -19.28
N LEU A 326 44.41 -93.54 -19.25
CA LEU A 326 44.48 -94.87 -19.83
C LEU A 326 43.68 -95.87 -19.00
N VAL A 327 43.70 -95.71 -17.67
CA VAL A 327 42.81 -96.49 -16.82
C VAL A 327 41.39 -96.43 -17.36
N CYS A 328 40.84 -95.23 -17.43
CA CYS A 328 39.46 -95.05 -17.86
C CYS A 328 39.24 -95.44 -19.30
N ILE A 329 40.24 -95.30 -20.16
CA ILE A 329 40.09 -95.82 -21.50
C ILE A 329 39.80 -97.30 -21.44
N HIS A 330 40.62 -98.05 -20.71
CA HIS A 330 40.38 -99.49 -20.61
C HIS A 330 39.05 -99.77 -19.92
N GLU A 331 38.65 -98.93 -18.97
CA GLU A 331 37.41 -99.17 -18.25
C GLU A 331 36.17 -98.85 -19.09
N GLY A 332 36.22 -97.81 -19.91
CA GLY A 332 35.18 -97.46 -20.85
C GLY A 332 35.13 -98.37 -22.04
N ASN A 333 36.21 -99.10 -22.26
CA ASN A 333 36.12 -100.24 -23.15
C ASN A 333 35.33 -101.38 -22.53
N ARG A 334 35.09 -101.34 -21.21
CA ARG A 334 34.20 -102.34 -20.60
C ARG A 334 32.77 -101.82 -20.49
N LEU A 335 32.58 -100.73 -19.77
CA LEU A 335 31.28 -100.41 -19.17
C LEU A 335 30.28 -99.81 -20.14
N ALA A 336 30.57 -99.76 -21.43
CA ALA A 336 29.70 -99.04 -22.36
C ALA A 336 28.60 -99.93 -22.89
N SER A 337 27.50 -99.29 -23.31
CA SER A 337 26.44 -99.96 -24.04
C SER A 337 26.89 -100.25 -25.46
N VAL A 338 26.29 -101.28 -26.06
CA VAL A 338 26.76 -101.77 -27.36
C VAL A 338 26.76 -100.67 -28.43
N GLU A 339 25.74 -99.82 -28.47
CA GLU A 339 25.69 -98.73 -29.44
C GLU A 339 26.80 -97.71 -29.21
N TRP A 340 27.32 -97.63 -27.99
CA TRP A 340 28.45 -96.78 -27.68
C TRP A 340 29.72 -97.58 -27.37
N ARG A 341 29.62 -98.90 -27.36
CA ARG A 341 30.76 -99.72 -26.97
C ARG A 341 31.85 -99.75 -28.02
N GLU A 342 31.56 -99.36 -29.26
CA GLU A 342 32.54 -99.38 -30.32
C GLU A 342 32.83 -98.02 -30.93
N SER A 343 31.79 -97.30 -31.36
CA SER A 343 32.00 -95.99 -31.94
C SER A 343 31.09 -94.99 -31.24
N SER A 344 31.72 -93.99 -30.63
CA SER A 344 31.02 -92.97 -29.87
C SER A 344 31.71 -91.64 -30.15
N SER A 345 31.13 -90.54 -29.65
CA SER A 345 31.69 -89.22 -29.90
C SER A 345 32.40 -88.62 -28.70
N SER A 346 32.36 -89.28 -27.54
CA SER A 346 33.03 -88.79 -26.34
C SER A 346 33.16 -89.94 -25.35
N LEU A 347 34.10 -89.78 -24.41
CA LEU A 347 34.50 -90.92 -23.58
C LEU A 347 33.42 -91.38 -22.60
N ASP A 348 32.48 -90.54 -22.22
CA ASP A 348 31.45 -90.93 -21.28
C ASP A 348 30.10 -91.21 -21.95
N GLU A 349 30.10 -91.60 -23.22
CA GLU A 349 28.88 -92.03 -23.87
C GLU A 349 28.65 -93.52 -23.61
N GLY A 350 27.38 -93.91 -23.57
CA GLY A 350 27.02 -95.22 -23.07
C GLY A 350 27.18 -95.39 -21.59
N ILE A 351 27.68 -94.38 -20.88
CA ILE A 351 27.92 -94.47 -19.45
C ILE A 351 27.03 -93.47 -18.71
N CYS A 352 26.96 -92.24 -19.21
CA CYS A 352 26.11 -91.20 -18.65
C CYS A 352 24.68 -91.42 -19.10
N SER A 353 23.75 -91.45 -18.15
CA SER A 353 22.40 -91.96 -18.42
C SER A 353 21.38 -90.84 -18.53
N SER A 354 21.16 -90.09 -17.45
CA SER A 354 20.06 -89.13 -17.38
C SER A 354 20.40 -87.83 -18.12
N ASP A 355 21.26 -87.92 -19.11
CA ASP A 355 21.72 -86.74 -19.85
C ASP A 355 20.58 -86.18 -20.69
N ASN A 356 20.19 -84.94 -20.38
CA ASN A 356 19.24 -84.19 -21.19
C ASN A 356 19.99 -83.70 -22.44
N THR A 357 19.93 -84.51 -23.50
CA THR A 357 20.66 -84.21 -24.70
C THR A 357 19.83 -83.37 -25.66
N GLN A 358 20.45 -82.36 -26.25
CA GLN A 358 19.80 -81.47 -27.21
C GLN A 358 20.32 -81.82 -28.61
N GLN A 359 19.55 -82.60 -29.35
CA GLN A 359 19.98 -83.20 -30.61
C GLN A 359 18.94 -83.03 -31.70
N ARG A 360 18.27 -81.88 -31.73
CA ARG A 360 17.23 -81.66 -32.71
C ARG A 360 17.73 -81.27 -34.10
N PRO A 361 18.84 -80.50 -34.25
CA PRO A 361 19.27 -80.17 -35.61
C PRO A 361 19.88 -81.36 -36.33
N LEU A 362 19.07 -81.99 -37.18
CA LEU A 362 19.51 -83.09 -38.03
C LEU A 362 19.66 -82.64 -39.46
N LEU A 363 18.78 -81.74 -39.90
CA LEU A 363 18.80 -81.16 -41.22
C LEU A 363 19.71 -79.94 -41.29
N ALA A 364 19.95 -79.26 -40.17
CA ALA A 364 20.84 -78.12 -40.15
C ALA A 364 22.30 -78.53 -40.34
N LEU A 365 22.67 -79.73 -39.90
CA LEU A 365 23.99 -80.26 -40.25
C LEU A 365 24.21 -80.32 -41.74
N LEU A 366 23.15 -80.52 -42.51
CA LEU A 366 23.27 -80.68 -43.95
C LEU A 366 23.64 -79.36 -44.59
N ASN A 367 24.39 -79.43 -45.70
CA ASN A 367 24.79 -78.21 -46.39
C ASN A 367 23.56 -77.51 -46.95
N PRO A 368 23.20 -76.35 -46.41
CA PRO A 368 21.88 -75.75 -46.75
C PRO A 368 21.73 -75.43 -48.22
N VAL A 369 22.82 -75.32 -48.98
CA VAL A 369 22.71 -75.14 -50.43
C VAL A 369 22.13 -76.38 -51.09
N VAL A 370 22.13 -77.51 -50.39
CA VAL A 370 21.41 -78.68 -50.85
C VAL A 370 19.95 -78.67 -50.38
N LYS A 371 19.67 -78.15 -49.19
CA LYS A 371 18.30 -78.12 -48.71
C LYS A 371 17.43 -77.10 -49.44
N ARG A 372 18.03 -75.99 -49.88
CA ARG A 372 17.32 -75.10 -50.80
C ARG A 372 16.83 -75.87 -52.02
N ARG A 373 17.74 -76.56 -52.68
CA ARG A 373 17.45 -77.40 -53.83
C ARG A 373 16.49 -78.54 -53.51
N PHE A 374 16.46 -78.97 -52.24
CA PHE A 374 15.55 -80.01 -51.77
C PHE A 374 14.11 -79.49 -51.67
N VAL A 375 13.91 -78.39 -50.96
CA VAL A 375 12.55 -77.91 -50.78
C VAL A 375 12.00 -77.29 -52.06
N THR A 376 12.85 -76.68 -52.90
CA THR A 376 12.37 -76.21 -54.19
C THR A 376 11.62 -77.29 -54.95
N LYS A 377 12.00 -78.56 -54.77
CA LYS A 377 11.35 -79.67 -55.44
C LYS A 377 10.40 -80.46 -54.56
N MET A 378 10.38 -80.19 -53.25
CA MET A 378 9.39 -80.82 -52.37
C MET A 378 8.10 -80.03 -52.25
N VAL A 379 8.20 -78.72 -52.00
CA VAL A 379 6.99 -77.96 -51.67
C VAL A 379 6.11 -77.77 -52.89
N GLU A 380 6.72 -77.62 -54.07
CA GLU A 380 5.91 -77.50 -55.29
C GLU A 380 5.18 -78.79 -55.59
N PHE A 381 5.81 -79.93 -55.31
CA PHE A 381 5.09 -81.19 -55.34
C PHE A 381 3.91 -81.19 -54.37
N LEU A 382 4.12 -80.75 -53.13
CA LEU A 382 2.99 -80.67 -52.21
C LEU A 382 1.87 -79.82 -52.82
N LEU A 383 2.21 -78.61 -53.26
CA LEU A 383 1.26 -77.66 -53.80
C LEU A 383 0.46 -78.22 -54.96
N ARG A 384 1.08 -79.05 -55.80
CA ARG A 384 0.39 -79.58 -56.97
C ARG A 384 -0.24 -80.94 -56.69
N SER A 385 0.05 -81.56 -55.54
CA SER A 385 -0.43 -82.91 -55.26
C SER A 385 -1.79 -82.93 -54.59
N HIS A 386 -1.99 -82.17 -53.51
CA HIS A 386 -3.26 -82.22 -52.79
C HIS A 386 -3.80 -80.81 -52.53
N SER A 387 -5.12 -80.78 -52.32
CA SER A 387 -5.85 -79.53 -52.06
C SER A 387 -6.66 -79.76 -50.79
N SER A 388 -6.33 -79.01 -49.74
CA SER A 388 -6.96 -79.21 -48.45
C SER A 388 -6.81 -77.93 -47.64
N ASN A 389 -7.05 -78.02 -46.34
CA ASN A 389 -6.69 -76.97 -45.39
C ASN A 389 -5.73 -77.55 -44.36
N GLU A 390 -4.84 -78.44 -44.82
CA GLU A 390 -3.88 -79.07 -43.94
C GLU A 390 -2.45 -78.58 -44.17
N PHE A 391 -2.27 -77.60 -45.06
CA PHE A 391 -1.03 -76.82 -45.12
C PHE A 391 -1.25 -75.34 -44.86
N SER A 392 -2.36 -74.78 -45.35
CA SER A 392 -2.77 -73.44 -44.92
C SER A 392 -2.92 -73.38 -43.41
N LYS A 393 -3.52 -74.40 -42.82
CA LYS A 393 -3.71 -74.41 -41.37
C LYS A 393 -2.40 -74.49 -40.63
N LEU A 394 -1.43 -75.26 -41.15
CA LEU A 394 -0.15 -75.33 -40.47
C LEU A 394 0.60 -74.01 -40.56
N LEU A 395 0.60 -73.40 -41.75
CA LEU A 395 1.13 -72.06 -41.90
C LEU A 395 0.47 -71.08 -40.92
N ARG A 396 -0.84 -71.21 -40.70
CA ARG A 396 -1.53 -70.30 -39.79
C ARG A 396 -1.18 -70.58 -38.34
N LYS A 397 -0.99 -71.83 -37.96
CA LYS A 397 -0.68 -72.15 -36.57
C LYS A 397 0.78 -71.88 -36.21
N HIS A 398 1.70 -71.93 -37.17
CA HIS A 398 3.05 -71.43 -36.98
C HIS A 398 3.10 -69.92 -37.24
N GLY A 399 1.99 -69.34 -37.68
CA GLY A 399 1.88 -67.92 -37.83
C GLY A 399 1.92 -67.43 -39.25
N LEU A 400 2.42 -68.24 -40.18
CA LEU A 400 2.60 -67.79 -41.55
C LEU A 400 1.21 -67.67 -42.18
N HIS A 401 0.51 -66.61 -41.76
CA HIS A 401 -0.83 -66.33 -42.26
C HIS A 401 -0.80 -65.67 -43.63
N ASP A 402 0.20 -64.81 -43.89
CA ASP A 402 0.41 -64.25 -45.21
C ASP A 402 0.58 -65.34 -46.26
N LEU A 403 1.41 -66.34 -45.97
CA LEU A 403 1.55 -67.49 -46.85
C LEU A 403 0.36 -68.43 -46.76
N SER A 404 -0.36 -68.43 -45.64
CA SER A 404 -1.44 -69.40 -45.44
C SER A 404 -2.65 -69.11 -46.31
N ARG A 405 -3.22 -67.90 -46.19
CA ARG A 405 -4.44 -67.62 -46.94
C ARG A 405 -4.17 -67.64 -48.43
N ASP A 406 -2.89 -67.50 -48.82
CA ASP A 406 -2.48 -67.58 -50.21
C ASP A 406 -2.24 -69.01 -50.66
N VAL A 407 -1.73 -69.87 -49.79
CA VAL A 407 -1.80 -71.31 -49.98
C VAL A 407 -3.25 -71.76 -50.17
N ALA A 408 -4.18 -71.10 -49.49
CA ALA A 408 -5.60 -71.34 -49.78
C ALA A 408 -5.93 -71.01 -51.23
N LEU A 409 -5.30 -69.97 -51.79
CA LEU A 409 -5.54 -69.65 -53.19
C LEU A 409 -5.09 -70.77 -54.11
N CYS A 410 -3.88 -71.29 -53.93
CA CYS A 410 -3.43 -72.41 -54.75
C CYS A 410 -4.15 -73.71 -54.42
N GLU A 411 -4.71 -73.85 -53.22
CA GLU A 411 -5.51 -75.00 -52.87
C GLU A 411 -6.89 -74.97 -53.50
N ALA A 412 -7.40 -73.78 -53.80
CA ALA A 412 -8.58 -73.68 -54.66
C ALA A 412 -8.20 -73.76 -56.13
N MET A 413 -6.95 -73.46 -56.47
CA MET A 413 -6.51 -73.60 -57.86
C MET A 413 -6.09 -75.02 -58.20
N ASN A 414 -5.95 -75.88 -57.19
CA ASN A 414 -5.61 -77.29 -57.46
C ASN A 414 -6.73 -78.02 -58.19
N ILE A 532 -8.54 -68.82 -71.36
CA ILE A 532 -8.74 -68.97 -69.93
C ILE A 532 -7.85 -70.10 -69.42
N ARG A 533 -7.98 -71.25 -70.08
CA ARG A 533 -7.37 -72.49 -69.61
C ARG A 533 -5.85 -72.43 -69.61
N GLU A 534 -5.24 -71.47 -70.29
CA GLU A 534 -3.79 -71.34 -70.22
C GLU A 534 -3.32 -70.13 -69.44
N GLU A 535 -4.02 -69.00 -69.55
CA GLU A 535 -3.60 -67.81 -68.82
C GLU A 535 -3.80 -67.93 -67.33
N ARG A 536 -4.87 -68.62 -66.89
CA ARG A 536 -4.99 -68.91 -65.46
C ARG A 536 -3.79 -69.66 -64.93
N GLU A 537 -3.38 -70.72 -65.63
CA GLU A 537 -2.20 -71.50 -65.31
C GLU A 537 -0.91 -70.69 -65.38
N LEU A 538 -0.83 -69.71 -66.28
CA LEU A 538 0.34 -68.84 -66.29
C LEU A 538 0.55 -68.21 -64.92
N ASN A 539 -0.46 -67.53 -64.37
CA ASN A 539 -0.32 -66.87 -63.10
C ASN A 539 -0.27 -67.85 -61.93
N ARG A 540 -0.97 -68.97 -62.02
CA ARG A 540 -0.80 -70.02 -61.03
C ARG A 540 0.67 -70.41 -60.91
N LYS A 541 1.33 -70.66 -62.05
CA LYS A 541 2.71 -71.12 -62.02
C LYS A 541 3.66 -70.00 -61.62
N LEU A 542 3.41 -68.77 -62.07
CA LEU A 542 4.26 -67.67 -61.65
C LEU A 542 4.17 -67.40 -60.16
N LYS A 543 2.99 -67.56 -59.56
CA LYS A 543 2.85 -67.40 -58.12
C LYS A 543 3.51 -68.54 -57.38
N ILE A 544 3.41 -69.77 -57.90
CA ILE A 544 4.06 -70.90 -57.25
C ILE A 544 5.57 -70.76 -57.33
N ASP A 545 6.09 -70.21 -58.42
CA ASP A 545 7.52 -69.99 -58.54
C ASP A 545 8.05 -69.03 -57.47
N ARG A 546 7.16 -68.31 -56.78
CA ARG A 546 7.54 -67.48 -55.66
C ARG A 546 7.18 -68.11 -54.32
N ILE A 547 6.07 -68.84 -54.25
CA ILE A 547 5.75 -69.60 -53.04
C ILE A 547 6.87 -70.55 -52.69
N VAL A 548 7.30 -71.37 -53.66
CA VAL A 548 8.44 -72.26 -53.45
C VAL A 548 9.76 -71.52 -53.52
N ARG A 549 9.72 -70.20 -53.63
CA ARG A 549 10.92 -69.38 -53.48
C ARG A 549 10.75 -68.36 -52.36
N GLU A 550 9.58 -68.32 -51.73
CA GLU A 550 9.44 -67.66 -50.44
C GLU A 550 9.63 -68.64 -49.29
N LEU A 551 9.40 -69.93 -49.56
CA LEU A 551 9.61 -70.97 -48.56
C LEU A 551 11.01 -71.55 -48.64
N SER A 552 11.64 -71.53 -49.81
CA SER A 552 13.00 -72.04 -49.96
C SER A 552 14.02 -70.93 -49.92
N SER A 553 13.63 -69.74 -49.49
CA SER A 553 14.58 -68.65 -49.37
C SER A 553 15.63 -68.99 -48.33
N TYR A 554 16.75 -68.27 -48.37
CA TYR A 554 17.87 -68.61 -47.51
C TYR A 554 17.55 -68.45 -46.02
N GLN A 555 16.58 -67.61 -45.67
CA GLN A 555 16.21 -67.46 -44.29
C GLN A 555 15.25 -68.55 -43.84
N ARG A 556 14.35 -69.01 -44.73
CA ARG A 556 13.20 -69.80 -44.33
C ARG A 556 13.36 -71.29 -44.61
N VAL A 557 14.60 -71.74 -44.84
CA VAL A 557 14.83 -73.13 -45.22
C VAL A 557 14.45 -74.13 -44.13
N ASP A 558 14.96 -73.97 -42.91
CA ASP A 558 14.64 -74.91 -41.84
C ASP A 558 13.15 -74.93 -41.56
N GLN A 559 12.52 -73.75 -41.52
CA GLN A 559 11.08 -73.71 -41.23
C GLN A 559 10.26 -74.40 -42.31
N SER A 560 10.56 -74.12 -43.58
CA SER A 560 9.81 -74.77 -44.65
C SER A 560 10.01 -76.28 -44.61
N CYS A 561 11.25 -76.72 -44.41
CA CYS A 561 11.51 -78.15 -44.26
C CYS A 561 10.66 -78.76 -43.16
N GLU A 562 10.74 -78.23 -41.93
CA GLU A 562 10.02 -78.85 -40.83
C GLU A 562 8.51 -78.81 -41.06
N MET A 563 8.01 -77.73 -41.67
CA MET A 563 6.57 -77.63 -41.85
C MET A 563 6.07 -78.64 -42.88
N LEU A 564 6.81 -78.83 -43.96
CA LEU A 564 6.48 -79.94 -44.86
C LEU A 564 6.58 -81.27 -44.13
N ARG A 565 7.61 -81.44 -43.32
CA ARG A 565 7.91 -82.73 -42.71
C ARG A 565 6.90 -83.13 -41.65
N GLN A 566 6.15 -82.18 -41.11
CA GLN A 566 5.33 -82.47 -39.94
C GLN A 566 4.13 -83.37 -40.21
N LEU A 567 3.57 -83.41 -41.43
CA LEU A 567 2.24 -84.00 -41.51
C LEU A 567 2.19 -85.38 -42.16
N GLY A 568 2.54 -85.50 -43.44
CA GLY A 568 2.45 -86.78 -44.11
C GLY A 568 3.47 -87.01 -45.20
N VAL A 569 4.33 -86.01 -45.43
CA VAL A 569 5.22 -86.02 -46.57
C VAL A 569 6.42 -86.88 -46.20
N ASP A 570 6.72 -87.87 -47.03
CA ASP A 570 7.83 -88.78 -46.79
C ASP A 570 8.87 -88.61 -47.91
N MET A 571 10.12 -88.38 -47.53
CA MET A 571 11.26 -88.44 -48.43
C MET A 571 12.53 -88.48 -47.60
N LYS A 572 13.42 -89.42 -47.93
CA LYS A 572 14.58 -89.73 -47.10
C LYS A 572 15.85 -89.01 -47.54
N GLU A 573 15.75 -88.05 -48.46
CA GLU A 573 16.97 -87.37 -48.89
C GLU A 573 17.68 -86.70 -47.73
N LEU A 574 16.95 -85.93 -46.93
CA LEU A 574 17.54 -85.18 -45.84
C LEU A 574 18.04 -86.10 -44.74
N ASP A 575 17.21 -87.06 -44.32
CA ASP A 575 17.55 -87.99 -43.25
C ASP A 575 18.74 -88.89 -43.59
N GLN A 576 18.84 -89.33 -44.85
CA GLN A 576 19.91 -90.24 -45.22
C GLN A 576 21.27 -89.61 -44.98
N ALA A 577 21.53 -88.49 -45.66
CA ALA A 577 22.75 -87.73 -45.42
C ALA A 577 22.87 -87.28 -43.99
N ALA A 578 21.76 -86.99 -43.31
CA ALA A 578 21.84 -86.61 -41.91
C ALA A 578 22.49 -87.71 -41.09
N LEU A 579 21.90 -88.92 -41.09
CA LEU A 579 22.46 -90.04 -40.36
C LEU A 579 23.86 -90.40 -40.82
N SER A 580 24.13 -90.32 -42.12
CA SER A 580 25.43 -90.71 -42.64
C SER A 580 26.54 -89.77 -42.18
N ILE A 581 26.36 -88.46 -42.34
CA ILE A 581 27.35 -87.51 -41.84
C ILE A 581 27.38 -87.48 -40.33
N ARG A 582 26.28 -87.81 -39.65
CA ARG A 582 26.34 -87.90 -38.21
C ARG A 582 27.23 -89.05 -37.76
N GLN A 583 27.04 -90.24 -38.33
CA GLN A 583 27.92 -91.36 -38.04
C GLN A 583 29.36 -91.08 -38.43
N ASP A 584 29.59 -90.36 -39.53
CA ASP A 584 30.91 -89.77 -39.76
C ASP A 584 31.37 -89.01 -38.53
N GLY A 585 30.50 -88.19 -37.95
CA GLY A 585 30.80 -87.41 -36.76
C GLY A 585 31.10 -88.22 -35.51
N LEU A 586 31.18 -89.55 -35.64
CA LEU A 586 31.62 -90.41 -34.54
C LEU A 586 33.10 -90.73 -34.70
N VAL A 587 33.76 -91.04 -33.59
CA VAL A 587 35.18 -91.33 -33.56
C VAL A 587 35.37 -92.72 -32.97
N LYS A 588 36.26 -93.50 -33.57
CA LYS A 588 36.55 -94.84 -33.05
C LYS A 588 37.05 -94.74 -31.62
N ARG A 589 36.43 -95.48 -30.72
CA ARG A 589 36.89 -95.54 -29.34
C ARG A 589 38.30 -96.11 -29.31
N PRO A 590 39.33 -95.31 -29.07
CA PRO A 590 40.71 -95.81 -29.18
C PRO A 590 40.97 -96.91 -28.17
N SER A 591 41.83 -97.83 -28.57
CA SER A 591 42.06 -99.07 -27.84
C SER A 591 43.43 -99.03 -27.18
N VAL A 592 43.57 -99.81 -26.11
CA VAL A 592 44.84 -99.93 -25.38
C VAL A 592 44.97 -101.36 -24.86
N ASP A 593 46.18 -101.76 -24.52
CA ASP A 593 46.44 -103.05 -23.90
C ASP A 593 46.58 -102.88 -22.39
N GLU A 594 47.16 -103.90 -21.75
CA GLU A 594 47.53 -103.79 -20.35
C GLU A 594 48.98 -103.35 -20.17
N ASN A 595 49.83 -103.60 -21.17
CA ASN A 595 51.24 -103.19 -21.09
C ASN A 595 51.38 -101.68 -21.01
N VAL A 596 50.66 -100.94 -21.84
CA VAL A 596 50.70 -99.50 -21.82
C VAL A 596 50.36 -98.95 -20.43
N ILE A 597 49.21 -99.36 -19.89
CA ILE A 597 48.75 -98.84 -18.61
C ILE A 597 49.63 -99.33 -17.47
N SER A 598 50.21 -100.52 -17.56
CA SER A 598 51.09 -101.00 -16.51
C SER A 598 52.37 -100.17 -16.44
N ARG A 599 53.04 -99.98 -17.59
CA ARG A 599 54.21 -99.12 -17.59
C ARG A 599 53.87 -97.67 -17.28
N ALA A 600 52.64 -97.24 -17.52
CA ALA A 600 52.25 -95.88 -17.11
C ALA A 600 52.10 -95.76 -15.60
N LEU A 601 51.50 -96.77 -14.95
CA LEU A 601 51.51 -96.83 -13.49
C LEU A 601 52.93 -96.83 -12.95
N GLU A 602 53.81 -97.62 -13.55
CA GLU A 602 55.20 -97.58 -13.12
C GLU A 602 55.79 -96.18 -13.28
N ALA A 603 55.48 -95.49 -14.38
CA ALA A 603 56.01 -94.14 -14.58
C ALA A 603 55.49 -93.18 -13.51
N VAL A 604 54.25 -93.35 -13.08
CA VAL A 604 53.77 -92.63 -11.92
C VAL A 604 54.65 -92.94 -10.72
N GLY A 605 55.02 -94.22 -10.58
CA GLY A 605 55.92 -94.58 -9.48
C GLY A 605 57.27 -93.94 -9.57
N ASN A 606 57.80 -93.82 -10.78
CA ASN A 606 59.07 -93.16 -11.01
C ASN A 606 59.00 -91.67 -10.69
N ARG A 607 57.88 -91.03 -11.00
CA ARG A 607 57.68 -89.62 -10.71
C ARG A 607 57.52 -89.34 -9.23
N HIS A 608 56.74 -90.17 -8.52
CA HIS A 608 56.56 -90.07 -7.08
C HIS A 608 57.26 -91.26 -6.43
N PRO A 609 58.46 -91.07 -5.92
CA PRO A 609 59.09 -92.13 -5.13
C PRO A 609 58.37 -92.39 -3.82
N ASN A 610 57.51 -91.47 -3.39
CA ASN A 610 56.90 -91.51 -2.08
C ASN A 610 55.50 -92.11 -2.07
N TRP A 611 55.04 -92.64 -3.20
CA TRP A 611 53.74 -93.28 -3.24
C TRP A 611 53.81 -94.80 -3.10
N VAL A 612 54.59 -95.46 -3.96
CA VAL A 612 54.86 -96.87 -3.78
C VAL A 612 55.45 -97.10 -2.40
N ARG A 613 56.31 -96.18 -1.96
CA ARG A 613 56.91 -96.28 -0.65
C ARG A 613 55.86 -96.22 0.45
N ALA A 614 54.93 -95.27 0.36
CA ALA A 614 53.93 -95.07 1.39
C ALA A 614 52.82 -96.11 1.34
N GLY A 615 52.67 -96.81 0.23
CA GLY A 615 51.62 -97.79 0.10
C GLY A 615 50.49 -97.41 -0.83
N VAL A 616 50.67 -96.38 -1.63
CA VAL A 616 49.65 -96.00 -2.60
C VAL A 616 49.34 -97.16 -3.52
N ILE A 617 50.33 -97.57 -4.30
CA ILE A 617 50.20 -98.68 -5.23
C ILE A 617 51.26 -99.71 -4.89
N ALA A 618 50.92 -100.97 -5.07
CA ALA A 618 51.89 -102.06 -5.08
C ALA A 618 52.11 -102.38 -6.55
N PRO A 619 52.97 -101.64 -7.24
CA PRO A 619 53.04 -101.75 -8.71
C PRO A 619 53.38 -103.17 -9.17
N GLY A 620 52.51 -103.70 -10.01
CA GLY A 620 52.62 -105.07 -10.47
C GLY A 620 51.38 -105.91 -10.29
N ALA A 621 50.41 -105.45 -9.49
CA ALA A 621 49.17 -106.17 -9.25
C ALA A 621 48.08 -105.78 -10.23
N ILE A 622 48.47 -105.35 -11.43
CA ILE A 622 47.54 -105.05 -12.52
C ILE A 622 46.85 -106.33 -12.94
N LYS A 623 47.30 -107.46 -12.38
CA LYS A 623 46.73 -108.76 -12.69
C LYS A 623 45.25 -108.82 -12.35
N ASP A 624 44.79 -107.92 -11.48
CA ASP A 624 43.38 -107.85 -11.15
C ASP A 624 42.61 -107.14 -12.26
N SER A 625 41.29 -107.32 -12.25
CA SER A 625 40.42 -106.60 -13.18
C SER A 625 40.52 -105.10 -12.98
N ILE A 626 40.25 -104.64 -11.77
CA ILE A 626 40.13 -103.22 -11.48
C ILE A 626 41.39 -102.77 -10.73
N GLY A 627 42.52 -103.41 -11.03
CA GLY A 627 43.78 -103.06 -10.38
C GLY A 627 44.34 -101.72 -10.79
N ALA A 628 44.30 -101.38 -12.07
CA ALA A 628 44.77 -100.06 -12.50
C ALA A 628 43.87 -98.96 -11.96
N LEU A 629 42.56 -99.21 -11.94
CA LEU A 629 41.61 -98.29 -11.31
C LEU A 629 41.87 -98.15 -9.82
N LYS A 630 42.17 -99.24 -9.13
CA LYS A 630 42.50 -99.17 -7.73
C LYS A 630 43.77 -98.38 -7.47
N ALA A 631 44.80 -98.62 -8.26
CA ALA A 631 46.03 -97.83 -8.18
C ALA A 631 45.73 -96.35 -8.33
N MET A 632 45.03 -95.96 -9.38
CA MET A 632 44.71 -94.56 -9.55
C MET A 632 43.84 -94.01 -8.42
N LEU A 633 42.87 -94.77 -7.91
CA LEU A 633 42.06 -94.23 -6.84
C LEU A 633 42.86 -94.04 -5.57
N PHE A 634 43.85 -94.89 -5.34
CA PHE A 634 44.71 -94.66 -4.19
C PHE A 634 45.60 -93.45 -4.42
N ILE A 635 46.07 -93.27 -5.64
CA ILE A 635 46.72 -92.01 -5.97
C ILE A 635 45.79 -90.85 -5.66
N PHE A 636 44.50 -90.98 -5.96
CA PHE A 636 43.55 -89.90 -5.72
C PHE A 636 43.41 -89.59 -4.24
N ILE A 637 43.18 -90.62 -3.42
CA ILE A 637 43.06 -90.37 -1.99
C ILE A 637 44.34 -89.78 -1.45
N ARG A 638 45.46 -90.00 -2.16
CA ARG A 638 46.71 -89.32 -1.80
C ARG A 638 46.70 -87.85 -2.22
N LEU A 639 46.28 -87.59 -3.46
CA LEU A 639 46.22 -86.21 -3.94
C LEU A 639 45.26 -85.37 -3.12
N SER A 640 44.35 -86.01 -2.40
CA SER A 640 43.24 -85.26 -1.80
C SER A 640 43.18 -85.29 -0.29
N TYR A 641 43.43 -86.41 0.39
CA TYR A 641 43.18 -86.43 1.83
C TYR A 641 44.23 -85.58 2.51
N VAL A 642 43.81 -84.43 3.05
CA VAL A 642 44.72 -83.56 3.79
C VAL A 642 44.56 -83.87 5.27
N PRO A 643 45.62 -84.32 5.94
CA PRO A 643 45.51 -84.58 7.38
C PRO A 643 45.18 -83.32 8.13
N GLN A 644 44.48 -83.49 9.25
CA GLN A 644 43.99 -82.34 10.00
C GLN A 644 45.11 -81.35 10.33
N THR A 645 46.31 -81.86 10.62
CA THR A 645 47.46 -80.99 10.81
C THR A 645 47.73 -80.10 9.61
N GLY A 646 47.72 -80.66 8.41
CA GLY A 646 47.97 -79.87 7.22
C GLY A 646 46.84 -78.91 6.95
N LEU A 647 45.60 -79.34 7.17
CA LEU A 647 44.46 -78.45 6.94
C LEU A 647 44.53 -77.23 7.83
N ALA A 648 44.73 -77.45 9.13
CA ALA A 648 44.86 -76.35 10.06
C ALA A 648 46.09 -75.49 9.79
N ALA A 649 47.21 -76.10 9.40
CA ALA A 649 48.42 -75.32 9.15
C ALA A 649 48.33 -74.54 7.86
N MET A 650 47.50 -74.96 6.91
CA MET A 650 47.24 -74.13 5.74
C MET A 650 46.31 -72.98 6.08
N ALA A 651 45.22 -73.27 6.80
CA ALA A 651 44.25 -72.23 7.08
C ALA A 651 44.75 -71.22 8.10
N GLN A 652 45.68 -71.61 8.98
CA GLN A 652 46.28 -70.62 9.86
C GLN A 652 47.32 -69.79 9.13
N ARG A 653 48.14 -70.43 8.29
CA ARG A 653 49.21 -69.72 7.62
C ARG A 653 48.65 -68.70 6.64
N PHE A 654 47.69 -69.12 5.82
CA PHE A 654 47.25 -68.24 4.74
C PHE A 654 45.89 -67.58 4.94
N ARG A 655 45.04 -68.13 5.81
CA ARG A 655 43.76 -67.52 6.14
C ARG A 655 43.74 -66.91 7.54
N ARG A 656 44.88 -66.91 8.24
CA ARG A 656 45.00 -66.30 9.57
C ARG A 656 44.00 -66.89 10.58
N ARG A 657 43.71 -68.17 10.39
CA ARG A 657 42.85 -68.91 11.31
C ARG A 657 43.57 -69.08 12.65
N ILE A 658 43.00 -68.52 13.72
CA ILE A 658 43.72 -68.48 14.99
C ILE A 658 43.63 -69.83 15.70
N GLY A 659 44.44 -70.00 16.73
CA GLY A 659 44.43 -71.20 17.53
C GLY A 659 45.53 -72.14 17.15
N PRO A 660 46.20 -72.73 18.15
CA PRO A 660 47.42 -73.49 17.89
C PRO A 660 47.17 -74.72 17.02
N ILE A 661 48.24 -75.20 16.42
CA ILE A 661 48.22 -76.32 15.49
C ILE A 661 49.20 -77.36 16.01
N GLY A 662 48.70 -78.54 16.37
CA GLY A 662 49.49 -79.53 17.10
C GLY A 662 50.19 -80.53 16.22
N VAL A 663 51.37 -80.98 16.66
CA VAL A 663 52.16 -81.95 15.92
C VAL A 663 52.26 -83.29 16.64
N GLU A 664 52.02 -83.34 17.96
CA GLU A 664 52.07 -84.61 18.67
C GLU A 664 50.88 -85.47 18.28
N SER A 665 51.07 -86.79 18.39
CA SER A 665 50.00 -87.73 18.10
C SER A 665 48.73 -87.46 18.88
N PHE A 666 48.86 -86.87 20.08
CA PHE A 666 47.67 -86.50 20.82
C PHE A 666 46.83 -85.45 20.11
N GLN A 667 47.44 -84.31 19.80
CA GLN A 667 46.75 -83.10 19.43
C GLN A 667 45.87 -83.34 18.20
N PHE A 668 44.57 -83.18 18.37
CA PHE A 668 43.62 -83.22 17.28
C PHE A 668 43.20 -81.80 16.92
N ASN A 669 43.59 -81.35 15.72
CA ASN A 669 43.26 -80.01 15.28
C ASN A 669 41.82 -79.97 14.81
N ILE A 670 40.99 -79.24 15.54
CA ILE A 670 39.54 -79.21 15.36
C ILE A 670 39.13 -77.80 14.94
N PRO A 671 38.64 -77.60 13.76
CA PRO A 671 38.18 -76.26 13.37
C PRO A 671 36.78 -76.01 13.89
N THR A 672 36.68 -75.22 14.95
CA THR A 672 35.37 -74.90 15.47
C THR A 672 35.00 -73.49 15.05
N GLU A 673 33.88 -73.02 15.58
CA GLU A 673 33.35 -71.71 15.26
C GLU A 673 33.01 -71.03 16.57
N VAL A 674 33.64 -69.91 16.84
CA VAL A 674 33.39 -69.18 18.06
C VAL A 674 32.64 -67.90 17.73
N GLY A 675 31.51 -67.70 18.39
CA GLY A 675 30.72 -66.53 18.12
C GLY A 675 30.48 -65.74 19.38
N PHE A 676 30.60 -64.43 19.28
CA PHE A 676 30.36 -63.56 20.41
C PHE A 676 29.98 -62.17 19.92
N VAL A 677 29.65 -61.31 20.87
CA VAL A 677 29.26 -59.93 20.62
C VAL A 677 30.28 -59.02 21.29
N GLU A 678 30.53 -57.87 20.70
CA GLU A 678 31.36 -56.85 21.31
C GLU A 678 30.65 -55.51 21.20
N HIS A 679 29.84 -55.19 22.20
CA HIS A 679 29.01 -54.00 22.18
C HIS A 679 29.75 -52.89 22.89
N TYR A 680 30.07 -51.82 22.17
CA TYR A 680 30.76 -50.67 22.75
C TYR A 680 29.88 -49.44 22.60
N ASN A 681 29.17 -49.06 23.66
CA ASN A 681 28.17 -48.01 23.57
C ASN A 681 28.79 -46.68 23.11
N ASN A 682 28.03 -45.93 22.32
CA ASN A 682 28.49 -44.63 21.86
C ASN A 682 27.42 -43.54 21.87
N LEU A 683 26.34 -43.70 22.63
CA LEU A 683 25.50 -42.51 22.77
C LEU A 683 25.90 -41.74 24.01
N GLU A 684 25.59 -42.31 25.16
CA GLU A 684 25.53 -41.56 26.41
C GLU A 684 26.39 -42.18 27.50
N TYR A 685 26.45 -43.50 27.55
CA TYR A 685 27.27 -44.24 28.47
C TYR A 685 28.66 -44.40 27.93
N LYS A 686 29.06 -43.49 27.07
CA LYS A 686 30.39 -43.53 26.48
C LYS A 686 31.43 -42.91 27.39
N ARG A 687 31.05 -42.03 28.32
CA ARG A 687 32.03 -41.08 28.82
C ARG A 687 32.13 -40.81 30.31
N TYR A 688 31.08 -40.94 31.11
CA TYR A 688 31.24 -40.45 32.49
C TYR A 688 31.19 -41.57 33.51
N ASP A 689 31.04 -41.22 34.80
CA ASP A 689 31.04 -42.20 35.89
C ASP A 689 30.36 -43.50 35.54
N TRP A 690 29.24 -43.45 34.83
CA TRP A 690 28.52 -44.64 34.43
C TRP A 690 29.13 -45.35 33.24
N GLN A 691 30.08 -44.74 32.53
CA GLN A 691 30.68 -45.46 31.42
C GLN A 691 31.29 -46.76 31.88
N GLY A 692 32.05 -46.73 32.98
CA GLY A 692 32.70 -47.95 33.43
C GLY A 692 31.72 -49.06 33.67
N TRP A 693 30.84 -48.88 34.65
CA TRP A 693 29.98 -49.99 35.01
C TRP A 693 28.99 -50.33 33.92
N TYR A 694 28.66 -49.41 33.03
CA TYR A 694 27.86 -49.83 31.90
C TYR A 694 28.66 -50.68 30.94
N GLN A 695 29.94 -50.40 30.74
CA GLN A 695 30.72 -51.31 29.92
C GLN A 695 30.77 -52.68 30.56
N ARG A 696 30.84 -52.72 31.88
CA ARG A 696 30.78 -53.99 32.57
C ARG A 696 29.47 -54.71 32.28
N MET A 697 28.35 -54.03 32.48
CA MET A 697 27.05 -54.67 32.27
C MET A 697 26.88 -55.15 30.84
N VAL A 698 27.29 -54.34 29.88
CA VAL A 698 27.22 -54.75 28.49
C VAL A 698 28.02 -56.02 28.25
N ASP A 699 29.33 -55.99 28.52
CA ASP A 699 30.15 -57.11 28.09
C ASP A 699 29.85 -58.35 28.91
N VAL A 700 29.27 -58.19 30.09
CA VAL A 700 28.85 -59.38 30.81
C VAL A 700 27.58 -59.94 30.20
N HIS A 701 26.62 -59.08 29.83
CA HIS A 701 25.46 -59.57 29.12
C HIS A 701 25.85 -60.34 27.87
N ASN A 702 26.91 -59.89 27.20
CA ASN A 702 27.37 -60.52 25.96
C ASN A 702 28.42 -61.59 26.19
N ARG A 703 28.76 -61.85 27.45
CA ARG A 703 29.85 -62.76 27.74
C ARG A 703 29.68 -64.14 27.13
N ASN A 704 28.51 -64.47 26.59
CA ASN A 704 28.33 -65.79 26.02
C ASN A 704 29.34 -66.03 24.92
N ILE A 705 29.78 -67.27 24.80
CA ILE A 705 30.69 -67.66 23.73
C ILE A 705 30.12 -68.94 23.14
N SER A 706 29.53 -68.85 21.96
CA SER A 706 28.94 -70.02 21.34
C SER A 706 30.02 -70.74 20.55
N LEU A 707 30.13 -72.06 20.72
CA LEU A 707 31.05 -72.89 19.98
C LEU A 707 30.25 -73.89 19.15
N ARG A 708 30.32 -73.74 17.83
CA ARG A 708 29.74 -74.67 16.88
C ARG A 708 30.82 -75.53 16.26
N CYS A 709 30.53 -76.81 16.06
CA CYS A 709 31.52 -77.68 15.46
C CYS A 709 30.84 -78.55 14.44
N ARG A 710 31.59 -78.90 13.39
CA ARG A 710 31.07 -79.79 12.37
C ARG A 710 31.47 -81.22 12.65
N VAL A 711 30.48 -82.05 12.97
CA VAL A 711 30.76 -83.46 13.19
C VAL A 711 31.37 -84.12 11.97
N SER A 712 31.01 -83.68 10.77
CA SER A 712 31.74 -84.13 9.60
C SER A 712 33.21 -83.72 9.65
N ASP A 713 33.53 -82.62 10.33
CA ASP A 713 34.93 -82.28 10.51
C ASP A 713 35.51 -82.90 11.77
N LEU A 714 34.71 -83.66 12.51
CA LEU A 714 35.29 -84.64 13.42
C LEU A 714 35.56 -85.93 12.69
N LYS A 715 34.87 -86.16 11.58
CA LYS A 715 35.13 -87.34 10.75
C LYS A 715 36.47 -87.14 10.04
N ARG A 716 37.54 -87.26 10.83
CA ARG A 716 38.91 -87.14 10.36
C ARG A 716 39.70 -88.33 10.90
N LEU A 717 40.96 -88.43 10.47
CA LEU A 717 41.81 -89.49 10.97
C LEU A 717 42.74 -88.97 12.06
N ASP A 718 42.75 -89.65 13.20
CA ASP A 718 43.77 -89.39 14.19
C ASP A 718 45.12 -89.69 13.59
N PRO A 719 46.13 -88.87 13.85
CA PRO A 719 47.47 -89.15 13.32
C PRO A 719 48.00 -90.51 13.73
N ASN A 720 47.34 -91.21 14.65
CA ASN A 720 47.65 -92.58 14.93
C ASN A 720 47.35 -93.48 13.74
N GLY A 721 46.79 -92.94 12.66
CA GLY A 721 46.31 -93.72 11.54
C GLY A 721 44.89 -94.18 11.68
N VAL A 722 44.31 -94.07 12.87
CA VAL A 722 42.92 -94.41 13.11
C VAL A 722 42.06 -93.22 12.69
N PRO A 723 40.93 -93.46 12.04
CA PRO A 723 39.97 -92.37 11.87
C PRO A 723 39.57 -91.82 13.22
N PHE A 724 39.70 -90.50 13.38
CA PHE A 724 39.45 -89.89 14.68
C PHE A 724 38.09 -90.30 15.24
N VAL A 725 37.05 -90.20 14.42
CA VAL A 725 35.69 -90.57 14.79
C VAL A 725 35.05 -91.29 13.61
N ASP A 726 34.62 -92.52 13.83
CA ASP A 726 33.95 -93.30 12.80
C ASP A 726 32.44 -93.19 13.00
N MET A 727 31.66 -93.96 12.25
CA MET A 727 30.22 -93.84 12.34
C MET A 727 29.71 -94.20 13.74
N GLN A 728 30.25 -95.28 14.31
CA GLN A 728 29.90 -95.63 15.67
C GLN A 728 30.28 -94.54 16.67
N THR A 729 31.42 -93.89 16.47
CA THR A 729 31.82 -92.83 17.40
C THR A 729 30.89 -91.63 17.28
N GLU A 730 30.52 -91.27 16.05
CA GLU A 730 29.53 -90.21 15.87
C GLU A 730 28.23 -90.57 16.56
N ARG A 731 27.84 -91.86 16.49
CA ARG A 731 26.66 -92.29 17.24
C ARG A 731 26.85 -92.05 18.73
N ARG A 732 28.01 -92.43 19.26
CA ARG A 732 28.19 -92.25 20.70
C ARG A 732 28.17 -90.78 21.06
N LEU A 733 28.66 -89.92 20.18
CA LEU A 733 28.66 -88.48 20.45
C LEU A 733 27.26 -87.92 20.44
N ARG A 734 26.51 -88.15 19.37
CA ARG A 734 25.14 -87.65 19.29
C ARG A 734 24.29 -88.14 20.44
N ILE A 735 24.62 -89.30 21.01
CA ILE A 735 23.84 -89.86 22.11
C ILE A 735 24.34 -89.36 23.46
N LEU A 736 25.63 -89.02 23.55
CA LEU A 736 26.12 -88.32 24.73
C LEU A 736 25.48 -86.95 24.85
N ALA A 737 25.31 -86.26 23.73
CA ALA A 737 24.78 -84.89 23.73
C ALA A 737 23.32 -84.94 23.29
N GLU A 738 22.42 -84.52 24.17
CA GLU A 738 21.00 -84.49 23.84
C GLU A 738 20.65 -83.36 22.88
N GLY A 739 20.84 -82.12 23.31
CA GLY A 739 20.44 -81.00 22.48
C GLY A 739 21.55 -80.15 21.93
N ARG A 740 22.79 -80.51 22.19
CA ARG A 740 23.90 -79.70 21.78
C ARG A 740 24.17 -79.78 20.29
N VAL A 741 23.73 -80.84 19.65
CA VAL A 741 23.98 -81.05 18.23
C VAL A 741 22.73 -80.63 17.46
N GLY A 742 22.93 -80.27 16.20
CA GLY A 742 21.80 -80.02 15.35
C GLY A 742 22.25 -79.88 13.92
N MET A 743 21.45 -80.40 12.99
CA MET A 743 21.71 -80.23 11.57
C MET A 743 23.13 -80.64 11.23
N GLY A 744 23.60 -81.70 11.89
CA GLY A 744 24.96 -82.17 11.70
C GLY A 744 26.04 -81.32 12.33
N VAL A 745 25.70 -80.45 13.28
CA VAL A 745 26.67 -79.59 13.95
C VAL A 745 26.34 -79.58 15.43
N LEU A 746 27.38 -79.58 16.26
CA LEU A 746 27.25 -79.63 17.72
C LEU A 746 27.53 -78.25 18.29
N MET A 747 26.63 -77.75 19.13
CA MET A 747 26.79 -76.42 19.71
C MET A 747 26.85 -76.48 21.23
N LEU A 748 27.84 -75.81 21.80
CA LEU A 748 27.93 -75.61 23.24
C LEU A 748 28.04 -74.11 23.51
N ASP A 749 27.24 -73.62 24.44
CA ASP A 749 27.23 -72.19 24.74
C ASP A 749 27.93 -71.92 26.07
N SER A 750 29.19 -71.51 26.00
CA SER A 750 29.95 -71.15 27.19
C SER A 750 29.30 -69.92 27.82
N ASP A 751 28.58 -70.14 28.91
CA ASP A 751 27.83 -69.10 29.62
C ASP A 751 28.41 -68.83 30.99
N LYS A 752 29.55 -69.41 31.32
CA LYS A 752 29.98 -69.42 32.71
C LYS A 752 30.58 -68.08 33.12
N TYR A 753 31.73 -67.72 32.54
CA TYR A 753 32.54 -66.65 33.10
C TYR A 753 32.16 -65.31 32.47
N GLU A 754 32.31 -64.24 33.26
CA GLU A 754 32.05 -62.89 32.78
C GLU A 754 32.98 -62.48 31.64
N ASP A 755 34.21 -62.97 31.64
CA ASP A 755 35.19 -62.59 30.63
C ASP A 755 35.12 -63.55 29.46
N GLN A 756 35.04 -62.98 28.26
CA GLN A 756 34.89 -63.81 27.06
C GLN A 756 36.06 -64.74 26.82
N LYS A 757 37.30 -64.34 27.15
CA LYS A 757 38.41 -65.28 27.06
C LYS A 757 38.23 -66.48 27.98
N ASP A 758 37.63 -66.26 29.14
CA ASP A 758 37.43 -67.36 30.05
C ASP A 758 36.25 -68.24 29.66
N ASN A 759 35.20 -67.66 29.09
CA ASN A 759 34.22 -68.49 28.40
C ASN A 759 34.86 -69.25 27.25
N MET A 760 35.87 -68.68 26.62
CA MET A 760 36.54 -69.37 25.53
C MET A 760 37.26 -70.60 26.01
N THR A 761 38.10 -70.45 27.03
CA THR A 761 38.81 -71.61 27.56
C THR A 761 37.85 -72.63 28.14
N PHE A 762 36.80 -72.16 28.82
CA PHE A 762 35.86 -73.11 29.40
C PHE A 762 35.13 -73.91 28.34
N GLY A 763 34.59 -73.26 27.32
CA GLY A 763 33.95 -73.98 26.24
C GLY A 763 34.89 -74.88 25.48
N SER A 764 36.13 -74.46 25.28
CA SER A 764 37.10 -75.34 24.67
C SER A 764 37.31 -76.59 25.50
N ILE A 765 37.40 -76.44 26.82
CA ILE A 765 37.59 -77.59 27.67
C ILE A 765 36.39 -78.52 27.60
N LYS A 766 35.17 -77.97 27.74
CA LYS A 766 33.99 -78.82 27.70
C LYS A 766 33.84 -79.53 26.39
N LEU A 767 34.11 -78.86 25.28
CA LEU A 767 34.09 -79.51 23.99
C LEU A 767 35.09 -80.64 23.93
N SER A 768 36.34 -80.37 24.33
CA SER A 768 37.37 -81.39 24.31
C SER A 768 37.00 -82.57 25.19
N GLU A 769 36.30 -82.33 26.28
CA GLU A 769 35.97 -83.39 27.23
C GLU A 769 34.82 -84.25 26.74
N LEU A 770 33.78 -83.65 26.18
CA LEU A 770 32.74 -84.44 25.52
C LEU A 770 33.31 -85.19 24.33
N LEU A 771 34.37 -84.68 23.71
CA LEU A 771 35.02 -85.47 22.66
C LEU A 771 35.76 -86.68 23.24
N SER A 772 36.54 -86.48 24.30
CA SER A 772 37.22 -87.59 24.95
C SER A 772 36.23 -88.64 25.43
N ASP A 773 35.06 -88.20 25.87
CA ASP A 773 34.01 -89.13 26.26
C ASP A 773 33.49 -89.93 25.08
N ALA A 774 33.03 -89.23 24.04
CA ALA A 774 32.45 -89.91 22.88
C ALA A 774 33.47 -90.78 22.15
N ARG A 775 34.76 -90.56 22.38
CA ARG A 775 35.79 -91.30 21.65
C ARG A 775 35.99 -92.73 22.14
N LYS A 776 35.38 -93.12 23.27
CA LYS A 776 35.48 -94.49 23.76
C LYS A 776 34.99 -95.51 22.75
N ALA A 777 34.20 -95.09 21.76
CA ALA A 777 33.70 -96.01 20.74
C ALA A 777 34.82 -96.49 19.82
N GLN A 778 36.02 -95.96 19.94
CA GLN A 778 37.20 -96.54 19.31
C GLN A 778 37.96 -97.44 20.26
N LEU A 779 37.29 -98.01 21.26
CA LEU A 779 37.89 -98.97 22.16
C LEU A 779 37.23 -100.35 22.09
N GLY A 780 36.08 -100.45 21.45
CA GLY A 780 35.44 -101.75 21.29
C GLY A 780 33.94 -101.61 21.26
N GLU A 781 33.30 -102.70 20.83
CA GLU A 781 31.85 -102.73 20.74
C GLU A 781 31.17 -102.53 22.07
N GLU A 782 31.84 -102.86 23.18
CA GLU A 782 31.24 -102.66 24.49
C GLU A 782 30.90 -101.21 24.76
N TYR A 783 31.35 -100.31 23.89
CA TYR A 783 31.01 -98.90 23.92
C TYR A 783 30.23 -98.44 22.71
N TRP A 784 30.03 -99.29 21.72
CA TRP A 784 29.17 -98.88 20.63
C TRP A 784 27.77 -98.64 21.19
N PRO A 785 27.20 -97.46 20.99
CA PRO A 785 25.93 -97.14 21.64
C PRO A 785 24.78 -97.89 21.00
N SER A 786 23.94 -98.48 21.83
CA SER A 786 22.84 -99.30 21.37
C SER A 786 21.89 -98.49 20.50
N VAL A 787 21.00 -99.19 19.79
CA VAL A 787 19.96 -98.53 19.03
C VAL A 787 18.67 -98.58 19.85
N GLU A 788 17.74 -97.68 19.58
CA GLU A 788 16.41 -97.79 20.15
C GLU A 788 15.46 -98.34 19.09
N MET A 789 14.94 -99.54 19.34
CA MET A 789 14.02 -100.20 18.43
C MET A 789 12.61 -100.13 19.01
N LYS A 790 11.67 -99.71 18.18
CA LYS A 790 10.27 -99.62 18.59
C LYS A 790 9.67 -101.01 18.41
N VAL A 791 10.14 -101.94 19.22
CA VAL A 791 9.72 -103.33 19.11
C VAL A 791 8.25 -103.44 19.48
N ARG A 792 7.42 -103.77 18.50
CA ARG A 792 5.98 -103.86 18.73
C ARG A 792 5.67 -104.93 19.78
N LYS A 793 4.59 -104.70 20.51
CA LYS A 793 4.10 -105.67 21.49
C LYS A 793 3.63 -106.91 20.72
N PRO A 794 3.33 -108.03 21.39
CA PRO A 794 2.92 -109.24 20.64
C PRO A 794 1.62 -109.03 19.89
N SER A 795 1.64 -109.32 18.59
CA SER A 795 0.53 -109.07 17.71
C SER A 795 -0.60 -110.06 17.99
N GLY A 796 -1.64 -110.01 17.16
CA GLY A 796 -2.78 -110.90 17.35
C GLY A 796 -2.51 -112.33 16.92
N GLN A 797 -1.71 -112.53 15.87
CA GLN A 797 -1.38 -113.88 15.45
C GLN A 797 -0.67 -114.64 16.56
N SER A 798 0.05 -113.93 17.42
CA SER A 798 0.69 -114.57 18.57
C SER A 798 -0.07 -114.31 19.86
N LYS A 799 -1.10 -113.48 19.81
CA LYS A 799 -2.00 -113.31 20.95
C LYS A 799 -3.10 -114.35 20.96
N ALA A 800 -3.38 -114.97 19.81
CA ALA A 800 -4.40 -115.98 19.71
C ALA A 800 -4.04 -117.27 20.44
N HIS A 801 -2.75 -117.61 20.53
CA HIS A 801 -2.31 -118.79 21.26
C HIS A 801 -2.41 -118.62 22.77
N TYR A 802 -2.77 -117.43 23.24
CA TYR A 802 -2.78 -117.15 24.66
C TYR A 802 -4.05 -117.69 25.32
N SER A 803 -5.01 -118.17 24.53
CA SER A 803 -6.15 -118.87 25.11
C SER A 803 -5.96 -120.38 25.17
N LEU A 804 -5.12 -120.94 24.30
CA LEU A 804 -4.87 -122.37 24.29
C LEU A 804 -3.61 -122.74 25.06
N ILE A 805 -2.80 -121.77 25.50
CA ILE A 805 -1.69 -122.12 26.37
C ILE A 805 -2.21 -122.89 27.57
N ASP A 806 -1.63 -124.06 27.82
CA ASP A 806 -2.03 -124.95 28.91
C ASP A 806 -3.52 -125.31 28.80
N TYR A 807 -3.99 -125.47 27.56
CA TYR A 807 -5.37 -125.86 27.37
C TYR A 807 -5.68 -127.19 28.02
N ASP A 808 -4.73 -128.12 27.99
CA ASP A 808 -4.96 -129.43 28.58
C ASP A 808 -5.18 -129.35 30.09
N ARG A 809 -4.27 -128.70 30.80
CA ARG A 809 -4.43 -128.60 32.25
C ARG A 809 -5.62 -127.70 32.62
N ILE A 810 -5.84 -126.62 31.86
CA ILE A 810 -6.96 -125.75 32.19
C ILE A 810 -8.29 -126.46 31.97
N GLU A 811 -8.41 -127.23 30.88
CA GLU A 811 -9.64 -127.98 30.68
C GLU A 811 -9.77 -129.11 31.69
N LYS A 812 -8.66 -129.69 32.15
CA LYS A 812 -8.79 -130.71 33.17
C LYS A 812 -9.31 -130.10 34.47
N LYS A 813 -8.70 -129.01 34.93
CA LYS A 813 -9.20 -128.38 36.13
C LYS A 813 -10.58 -127.79 35.90
N SER A 814 -10.95 -127.55 34.65
CA SER A 814 -12.34 -127.29 34.33
C SER A 814 -13.23 -128.48 34.65
N ARG A 815 -12.85 -129.68 34.18
CA ARG A 815 -13.68 -130.85 34.39
C ARG A 815 -13.80 -131.19 35.87
N GLU A 816 -12.79 -130.87 36.66
CA GLU A 816 -12.87 -131.13 38.10
C GLU A 816 -13.64 -130.05 38.85
N LEU A 817 -13.26 -128.79 38.62
CA LEU A 817 -13.96 -127.69 39.25
C LEU A 817 -15.44 -127.72 38.89
N TYR A 818 -15.79 -128.26 37.72
CA TYR A 818 -17.17 -128.36 37.33
C TYR A 818 -17.92 -129.31 38.26
N GLU A 819 -17.28 -130.39 38.68
CA GLU A 819 -17.93 -131.30 39.62
C GLU A 819 -18.07 -130.67 40.99
N LYS A 820 -17.04 -129.96 41.46
CA LYS A 820 -17.20 -129.24 42.72
C LYS A 820 -18.29 -128.17 42.60
N TYR A 821 -18.46 -127.60 41.42
CA TYR A 821 -19.45 -126.55 41.20
C TYR A 821 -20.86 -127.12 41.17
N ARG A 822 -21.04 -128.23 40.47
CA ARG A 822 -22.30 -128.95 40.48
C ARG A 822 -22.69 -129.34 41.91
N ASP A 823 -21.70 -129.74 42.71
CA ASP A 823 -21.94 -129.91 44.13
C ASP A 823 -22.39 -128.60 44.79
N ALA A 824 -21.66 -127.52 44.57
CA ALA A 824 -21.89 -126.30 45.31
C ALA A 824 -23.24 -125.68 45.02
N LYS A 825 -23.78 -125.91 43.81
CA LYS A 825 -25.03 -125.27 43.41
C LYS A 825 -26.19 -125.67 44.32
N LYS A 826 -25.99 -126.64 45.20
CA LYS A 826 -26.99 -126.96 46.21
C LYS A 826 -26.72 -126.25 47.53
N LYS A 827 -25.57 -125.58 47.64
CA LYS A 827 -25.16 -124.93 48.88
C LYS A 827 -25.45 -123.43 48.89
N SER A 828 -25.14 -122.73 47.80
CA SER A 828 -25.39 -121.30 47.73
C SER A 828 -26.14 -120.92 46.45
N LEU A 829 -26.65 -119.69 46.45
CA LEU A 829 -27.43 -119.20 45.32
C LEU A 829 -26.57 -118.93 44.10
N PHE A 830 -25.32 -118.51 44.30
CA PHE A 830 -24.40 -118.18 43.22
C PHE A 830 -23.05 -118.81 43.51
N VAL A 831 -22.48 -119.47 42.50
CA VAL A 831 -21.17 -120.10 42.65
C VAL A 831 -20.10 -119.28 41.94
N THR A 832 -19.44 -118.41 42.71
CA THR A 832 -18.36 -117.59 42.17
C THR A 832 -17.07 -118.40 42.05
N PRO A 833 -16.14 -117.96 41.20
CA PRO A 833 -14.82 -118.61 41.18
C PRO A 833 -14.02 -118.39 42.46
N MET A 834 -14.52 -117.55 43.38
CA MET A 834 -13.84 -117.45 44.67
C MET A 834 -13.83 -118.77 45.40
N ASP A 835 -14.89 -119.57 45.24
CA ASP A 835 -14.91 -120.89 45.84
C ASP A 835 -14.44 -121.97 44.87
N LEU A 836 -13.92 -121.59 43.70
CA LEU A 836 -13.43 -122.57 42.73
C LEU A 836 -11.93 -122.47 42.48
N TRP A 837 -11.44 -121.37 41.90
CA TRP A 837 -10.02 -121.27 41.59
C TRP A 837 -9.44 -119.92 42.00
N LEU A 838 -10.30 -119.00 42.44
CA LEU A 838 -9.85 -117.76 43.05
C LEU A 838 -9.56 -118.00 44.52
N GLU A 839 -8.39 -117.58 44.98
CA GLU A 839 -7.93 -117.85 46.34
C GLU A 839 -7.48 -116.55 47.01
N VAL A 840 -7.77 -116.45 48.30
CA VAL A 840 -7.34 -115.31 49.11
C VAL A 840 -6.94 -115.83 50.49
N LYS A 841 -6.04 -115.12 51.15
CA LYS A 841 -5.74 -115.40 52.55
C LYS A 841 -6.83 -114.80 53.42
N GLY A 842 -7.42 -115.60 54.31
CA GLY A 842 -8.49 -115.11 55.16
C GLY A 842 -8.10 -113.92 56.00
N MET A 843 -6.86 -113.88 56.49
CA MET A 843 -6.37 -112.76 57.28
C MET A 843 -4.86 -112.68 57.21
N GLY B 11 2.75 -99.09 33.05
CA GLY B 11 2.55 -99.99 34.16
C GLY B 11 3.62 -99.82 35.20
N VAL B 12 3.40 -100.37 36.41
CA VAL B 12 4.38 -100.22 37.47
C VAL B 12 5.56 -101.12 37.15
N HIS B 13 6.54 -100.57 36.45
CA HIS B 13 7.66 -101.34 35.91
C HIS B 13 8.92 -100.93 36.65
N ARG B 14 9.70 -101.92 37.03
CA ARG B 14 10.94 -101.65 37.73
C ARG B 14 11.98 -101.20 36.72
N VAL B 15 12.55 -100.03 36.95
CA VAL B 15 13.61 -99.56 36.05
C VAL B 15 14.77 -100.53 36.19
N GLY B 16 14.95 -101.38 35.18
CA GLY B 16 16.03 -102.33 35.15
C GLY B 16 17.05 -101.94 34.10
N TYR B 17 18.31 -102.27 34.38
CA TYR B 17 19.41 -101.97 33.46
C TYR B 17 20.47 -103.05 33.59
N THR B 18 20.61 -103.83 32.52
CA THR B 18 21.52 -104.96 32.44
C THR B 18 22.87 -104.49 31.91
N HIS B 19 23.96 -104.94 32.55
CA HIS B 19 25.31 -104.58 32.16
C HIS B 19 25.55 -104.80 30.68
N PRO B 20 26.54 -104.11 30.10
CA PRO B 20 27.01 -104.48 28.77
C PRO B 20 27.75 -105.81 28.72
N SER B 21 27.75 -106.56 29.82
CA SER B 21 28.42 -107.85 29.90
C SER B 21 27.44 -109.02 29.88
N THR B 22 26.20 -108.83 30.31
CA THR B 22 25.24 -109.93 30.39
C THR B 22 24.69 -110.34 29.03
N LEU B 23 24.43 -109.40 28.18
CA LEU B 23 23.91 -109.66 26.83
C LEU B 23 24.95 -110.43 26.02
N PRO B 24 24.52 -111.34 25.14
CA PRO B 24 25.51 -111.99 24.27
C PRO B 24 25.81 -111.15 23.06
N VAL B 25 25.78 -109.83 23.23
CA VAL B 25 26.37 -108.80 22.37
C VAL B 25 26.50 -107.57 23.26
N PRO B 26 27.70 -107.09 23.53
CA PRO B 26 27.84 -105.89 24.35
C PRO B 26 27.44 -104.64 23.58
N CYS B 27 26.83 -103.68 24.29
CA CYS B 27 26.43 -102.42 23.70
C CYS B 27 26.25 -101.39 24.79
N ALA B 28 26.71 -100.16 24.53
CA ALA B 28 26.64 -99.07 25.50
C ALA B 28 25.19 -98.79 25.85
N GLN B 29 24.84 -98.92 27.13
CA GLN B 29 23.45 -98.78 27.52
C GLN B 29 23.12 -97.35 27.91
N ARG B 30 21.86 -97.00 27.72
CA ARG B 30 21.44 -95.60 27.69
C ARG B 30 21.49 -94.94 29.05
N TRP B 31 21.30 -95.66 30.15
CA TRP B 31 21.47 -94.99 31.43
C TRP B 31 22.93 -94.70 31.73
N ASP B 32 23.84 -95.55 31.26
CA ASP B 32 25.26 -95.25 31.40
C ASP B 32 25.64 -94.04 30.56
N LEU B 33 25.08 -93.92 29.37
CA LEU B 33 25.24 -92.71 28.58
C LEU B 33 24.65 -91.49 29.27
N ARG B 34 23.49 -91.63 29.91
CA ARG B 34 22.98 -90.55 30.73
C ARG B 34 23.96 -90.15 31.81
N LEU B 35 24.57 -91.13 32.48
CA LEU B 35 25.56 -90.84 33.51
C LEU B 35 26.80 -90.14 32.95
N ALA B 36 27.30 -90.60 31.81
CA ALA B 36 28.41 -89.90 31.19
C ALA B 36 28.06 -88.47 30.85
N ARG B 37 26.81 -88.23 30.44
CA ARG B 37 26.45 -86.85 30.09
C ARG B 37 26.24 -85.99 31.33
N ALA B 38 25.64 -86.52 32.39
CA ALA B 38 25.51 -85.72 33.59
C ALA B 38 26.84 -85.55 34.28
N ARG B 39 27.84 -86.35 33.92
CA ARG B 39 29.20 -86.05 34.35
C ARG B 39 29.82 -84.93 33.54
N ILE B 40 29.77 -85.02 32.20
CA ILE B 40 30.46 -84.05 31.36
C ILE B 40 29.88 -82.66 31.57
N PHE B 41 28.58 -82.49 31.35
CA PHE B 41 27.93 -81.22 31.62
C PHE B 41 27.24 -81.35 32.97
N GLN B 42 27.69 -80.59 33.96
CA GLN B 42 27.44 -81.01 35.34
C GLN B 42 25.95 -81.05 35.66
N GLU B 43 25.28 -82.08 35.15
CA GLU B 43 23.83 -82.20 35.21
C GLU B 43 23.42 -82.91 36.48
N TYR B 44 22.61 -82.24 37.28
CA TYR B 44 22.00 -82.89 38.43
C TYR B 44 20.96 -83.89 37.95
N ILE B 45 21.05 -85.12 38.44
CA ILE B 45 20.09 -86.18 38.13
C ILE B 45 19.12 -86.26 39.29
N GLU B 46 17.92 -85.68 39.12
CA GLU B 46 16.89 -85.74 40.15
C GLU B 46 16.28 -87.13 40.12
N GLU B 47 16.36 -87.83 41.25
CA GLU B 47 16.01 -89.24 41.30
C GLU B 47 14.57 -89.47 41.72
N LYS B 48 13.96 -88.52 42.42
CA LYS B 48 12.54 -88.59 42.71
C LYS B 48 11.69 -88.29 41.49
N ALA B 49 12.30 -88.15 40.32
CA ALA B 49 11.57 -87.85 39.11
C ALA B 49 10.68 -89.04 38.75
N PRO B 50 9.36 -88.93 38.93
CA PRO B 50 8.50 -90.07 38.65
C PRO B 50 8.34 -90.27 37.16
N GLY B 51 8.02 -91.50 36.77
CA GLY B 51 7.88 -91.78 35.36
C GLY B 51 6.56 -91.36 34.76
N ALA B 52 5.55 -91.11 35.58
CA ALA B 52 4.22 -90.82 35.06
C ALA B 52 4.03 -89.35 34.76
N TRP B 53 5.05 -88.53 34.90
CA TRP B 53 4.93 -87.07 34.79
C TRP B 53 5.83 -86.52 33.70
N GLN B 54 5.78 -87.11 32.51
CA GLN B 54 6.49 -86.59 31.35
C GLN B 54 5.61 -85.64 30.53
N LEU B 55 5.05 -84.64 31.21
CA LEU B 55 4.17 -83.68 30.57
C LEU B 55 4.98 -82.71 29.72
N GLU B 56 4.47 -82.37 28.56
CA GLU B 56 5.03 -81.27 27.80
C GLU B 56 4.00 -80.16 27.66
N ASP B 57 4.51 -78.94 27.60
CA ASP B 57 3.68 -77.75 27.54
C ASP B 57 3.14 -77.59 26.12
N GLU B 58 1.93 -78.12 25.88
CA GLU B 58 1.35 -78.08 24.54
C GLU B 58 1.25 -76.66 24.02
N ARG B 59 0.71 -75.75 24.82
CA ARG B 59 0.61 -74.36 24.39
C ARG B 59 1.96 -73.85 23.91
N SER B 60 3.04 -74.42 24.41
CA SER B 60 4.39 -74.02 24.01
C SER B 60 5.06 -75.02 23.11
N MET B 61 4.77 -76.32 23.27
CA MET B 61 5.33 -77.38 22.45
C MET B 61 4.44 -77.83 21.32
N SER B 62 3.14 -77.56 21.40
CA SER B 62 2.22 -78.01 20.37
C SER B 62 1.76 -76.87 19.50
N PRO B 63 2.02 -76.97 18.19
CA PRO B 63 1.69 -75.87 17.28
C PRO B 63 0.22 -75.74 16.94
N GLU B 64 -0.67 -76.42 17.65
CA GLU B 64 -2.08 -76.14 17.49
C GLU B 64 -2.57 -75.13 18.50
N PHE B 65 -1.74 -74.21 18.93
CA PHE B 65 -2.19 -73.06 19.69
C PHE B 65 -1.45 -71.84 19.20
N LYS B 66 -2.02 -70.67 19.47
CA LYS B 66 -1.42 -69.44 18.97
C LYS B 66 -0.01 -69.21 19.51
N THR B 67 0.35 -69.84 20.63
CA THR B 67 1.63 -69.56 21.28
C THR B 67 2.63 -70.71 21.21
N PHE B 68 2.74 -71.41 20.09
CA PHE B 68 3.74 -72.47 19.95
C PHE B 68 5.13 -71.89 20.03
N THR B 69 5.89 -72.30 21.04
CA THR B 69 7.25 -71.81 21.21
C THR B 69 8.32 -72.81 20.85
N GLY B 70 8.06 -74.11 21.00
CA GLY B 70 9.04 -75.13 20.70
C GLY B 70 9.91 -75.54 21.86
N TYR B 71 10.12 -74.64 22.81
CA TYR B 71 10.82 -74.92 24.03
C TYR B 71 9.80 -74.90 25.16
N PRO B 72 9.92 -75.77 26.10
CA PRO B 72 8.94 -75.79 27.20
C PRO B 72 9.11 -74.57 28.08
N MET B 73 8.43 -73.48 27.68
CA MET B 73 8.55 -72.19 28.33
C MET B 73 8.27 -72.22 29.83
N ARG B 74 7.91 -73.36 30.41
CA ARG B 74 7.76 -73.47 31.85
C ARG B 74 7.64 -74.93 32.22
N GLU B 75 7.71 -75.19 33.52
CA GLU B 75 7.56 -76.54 34.06
C GLU B 75 6.10 -76.74 34.45
N MET B 76 5.43 -77.67 33.77
CA MET B 76 4.05 -78.00 34.12
C MET B 76 4.09 -78.81 35.40
N ARG B 77 4.20 -78.10 36.50
CA ARG B 77 4.41 -78.72 37.80
C ARG B 77 3.86 -77.77 38.87
N PRO B 78 2.70 -78.06 39.41
CA PRO B 78 2.05 -77.11 40.33
C PRO B 78 2.79 -76.94 41.65
N GLY B 79 3.56 -77.93 42.03
CA GLY B 79 4.27 -77.88 43.29
C GLY B 79 5.53 -77.04 43.21
N TYR B 80 5.44 -75.92 42.50
CA TYR B 80 6.65 -75.17 42.17
C TYR B 80 6.76 -73.91 43.01
N GLY B 81 7.99 -73.43 43.20
CA GLY B 81 8.26 -72.21 43.90
C GLY B 81 9.75 -72.02 43.97
N GLN B 82 10.16 -70.78 44.25
CA GLN B 82 11.58 -70.53 44.41
C GLN B 82 12.13 -71.18 45.67
N ASN B 83 11.26 -71.65 46.56
CA ASN B 83 11.68 -72.27 47.80
C ASN B 83 12.55 -73.49 47.55
N LEU B 84 12.39 -74.15 46.40
CA LEU B 84 13.01 -75.45 46.16
C LEU B 84 14.47 -75.30 45.71
N PRO B 85 15.35 -76.19 46.18
CA PRO B 85 16.72 -76.19 45.70
C PRO B 85 16.88 -76.57 44.25
N ASP B 86 16.03 -77.45 43.70
CA ASP B 86 16.13 -77.73 42.27
C ASP B 86 15.85 -76.49 41.45
N PHE B 87 14.97 -75.61 41.94
CA PHE B 87 14.76 -74.31 41.33
C PHE B 87 15.99 -73.43 41.50
N ILE B 88 16.42 -73.22 42.75
CA ILE B 88 17.56 -72.37 43.06
C ILE B 88 18.81 -72.75 42.26
N MET B 89 18.94 -74.02 41.91
CA MET B 89 20.07 -74.44 41.08
C MET B 89 20.05 -73.75 39.73
N LYS B 90 18.93 -73.82 39.02
CA LYS B 90 18.84 -73.34 37.66
C LYS B 90 18.20 -71.95 37.63
N LYS B 91 18.69 -71.05 38.48
CA LYS B 91 18.05 -69.75 38.66
C LYS B 91 19.06 -68.65 38.39
N ARG B 92 18.75 -67.79 37.43
CA ARG B 92 19.64 -66.69 37.07
C ARG B 92 19.66 -65.65 38.19
N LEU B 93 20.87 -65.30 38.66
CA LEU B 93 21.00 -64.43 39.82
C LEU B 93 20.97 -62.96 39.41
N PRO B 94 20.55 -62.06 40.29
CA PRO B 94 20.45 -60.65 39.92
C PRO B 94 21.77 -59.91 39.88
N ASN B 95 22.89 -60.59 39.93
CA ASN B 95 24.16 -59.91 39.69
C ASN B 95 24.28 -59.60 38.20
N ASN B 96 24.47 -58.31 37.89
CA ASN B 96 24.56 -57.81 36.51
C ASN B 96 23.29 -58.07 35.72
N THR B 97 22.14 -57.78 36.31
CA THR B 97 20.89 -57.85 35.59
C THR B 97 20.28 -56.46 35.53
N HIS B 98 19.13 -56.31 34.86
CA HIS B 98 18.50 -55.01 34.77
C HIS B 98 18.26 -54.39 36.14
N TYR B 99 18.14 -55.20 37.19
CA TYR B 99 17.99 -54.63 38.51
C TYR B 99 19.18 -53.78 38.88
N GLU B 100 20.38 -54.23 38.54
CA GLU B 100 21.58 -53.43 38.73
C GLU B 100 21.61 -52.20 37.84
N LEU B 101 21.32 -52.34 36.55
CA LEU B 101 21.31 -51.19 35.67
C LEU B 101 20.37 -50.12 36.16
N PHE B 102 19.12 -50.48 36.42
CA PHE B 102 18.21 -49.56 37.07
C PHE B 102 18.81 -48.99 38.34
N ALA B 103 19.44 -49.81 39.17
CA ALA B 103 19.99 -49.30 40.40
C ALA B 103 21.03 -48.23 40.16
N ARG B 104 21.91 -48.44 39.19
CA ARG B 104 23.07 -47.59 39.05
C ARG B 104 22.82 -46.40 38.12
N ARG B 105 21.67 -46.35 37.47
CA ARG B 105 21.34 -45.18 36.65
C ARG B 105 20.03 -44.49 37.04
N ASP B 106 19.18 -45.11 37.85
CA ASP B 106 17.91 -44.49 38.22
C ASP B 106 17.97 -43.88 39.62
N ILE B 107 18.59 -42.72 39.67
CA ILE B 107 18.56 -41.85 40.84
C ILE B 107 17.82 -40.59 40.44
N PRO B 108 17.14 -39.92 41.38
CA PRO B 108 16.20 -38.86 41.02
C PRO B 108 16.79 -37.78 40.12
N ASN B 109 18.04 -37.41 40.36
CA ASN B 109 18.74 -36.47 39.50
C ASN B 109 19.78 -37.23 38.72
N GLU B 110 19.79 -37.03 37.41
CA GLU B 110 20.66 -37.83 36.55
C GLU B 110 22.09 -37.33 36.53
N ASP B 111 22.31 -36.03 36.66
CA ASP B 111 23.67 -35.51 36.72
C ASP B 111 24.47 -36.10 37.87
N ASN B 112 23.81 -36.44 38.96
CA ASN B 112 24.49 -37.07 40.07
C ASN B 112 24.85 -38.53 39.78
N ALA B 113 24.61 -39.01 38.56
CA ALA B 113 25.05 -40.33 38.13
C ALA B 113 26.20 -40.25 37.15
N MET B 114 26.46 -39.06 36.61
CA MET B 114 27.57 -38.87 35.69
C MET B 114 28.80 -38.28 36.40
N TYR B 115 28.58 -37.46 37.41
CA TYR B 115 29.68 -36.92 38.20
C TYR B 115 29.17 -36.41 39.54
N GLY B 116 30.08 -35.80 40.29
CA GLY B 116 29.67 -35.08 41.48
C GLY B 116 29.41 -33.63 41.15
N LYS B 117 28.35 -33.09 41.76
CA LYS B 117 27.90 -31.75 41.40
C LYS B 117 28.93 -30.68 41.77
N TYR B 118 29.55 -30.76 42.95
CA TYR B 118 30.61 -29.82 43.30
C TYR B 118 31.80 -29.91 42.36
N LEU B 119 32.22 -31.12 42.01
CA LEU B 119 33.36 -31.25 41.10
C LEU B 119 33.07 -30.64 39.75
N TYR B 120 31.89 -30.91 39.22
CA TYR B 120 31.51 -30.32 37.94
C TYR B 120 31.45 -28.81 38.04
N ASP B 121 30.92 -28.30 39.15
CA ASP B 121 30.82 -26.85 39.29
C ASP B 121 32.20 -26.22 39.40
N MET B 122 33.04 -26.68 40.32
CA MET B 122 34.36 -26.11 40.48
C MET B 122 35.22 -26.26 39.23
N THR B 123 34.88 -27.19 38.33
CA THR B 123 35.62 -27.28 37.08
C THR B 123 35.09 -26.33 35.99
N VAL B 124 33.78 -26.33 35.74
CA VAL B 124 33.30 -25.52 34.62
C VAL B 124 33.14 -24.06 35.04
N HIS B 125 32.45 -23.80 36.16
CA HIS B 125 32.42 -22.49 36.78
C HIS B 125 33.59 -22.38 37.76
N GLY B 126 33.47 -21.49 38.71
CA GLY B 126 34.37 -21.53 39.83
C GLY B 126 33.71 -22.21 41.01
N THR B 127 32.58 -21.68 41.44
CA THR B 127 32.00 -22.04 42.71
C THR B 127 31.19 -23.31 42.54
N SER B 128 30.73 -23.84 43.67
CA SER B 128 29.78 -24.94 43.66
C SER B 128 28.39 -24.38 43.90
N LEU B 129 27.56 -24.46 42.87
CA LEU B 129 26.31 -23.71 42.86
C LEU B 129 25.21 -24.49 43.59
N PRO B 130 24.18 -23.82 44.08
CA PRO B 130 23.09 -24.53 44.75
C PRO B 130 22.16 -25.20 43.74
N SER B 131 21.11 -25.81 44.28
CA SER B 131 20.08 -26.28 43.40
C SER B 131 19.28 -25.10 42.88
N THR B 132 18.59 -25.32 41.76
CA THR B 132 17.61 -24.35 41.31
C THR B 132 16.57 -24.08 42.39
N TYR B 133 16.16 -25.10 43.12
CA TYR B 133 15.23 -24.90 44.23
C TYR B 133 15.84 -24.07 45.35
N ARG B 134 17.07 -24.39 45.75
CA ARG B 134 17.71 -23.58 46.77
C ARG B 134 17.85 -22.13 46.32
N MET B 135 18.33 -21.88 45.11
CA MET B 135 18.53 -20.49 44.70
C MET B 135 17.20 -19.78 44.53
N HIS B 136 16.12 -20.53 44.28
CA HIS B 136 14.78 -19.95 44.43
C HIS B 136 14.57 -19.45 45.84
N LYS B 137 14.83 -20.30 46.82
CA LYS B 137 14.63 -19.89 48.21
C LYS B 137 15.51 -18.70 48.53
N ASP B 138 16.72 -18.68 48.00
CA ASP B 138 17.66 -17.63 48.34
C ASP B 138 17.30 -16.31 47.68
N ILE B 139 16.79 -16.35 46.45
CA ILE B 139 16.31 -15.13 45.80
C ILE B 139 15.11 -14.57 46.53
N ASN B 140 14.18 -15.44 46.90
CA ASN B 140 13.04 -14.98 47.69
C ASN B 140 13.49 -14.40 49.02
N LYS B 141 14.50 -15.00 49.63
CA LYS B 141 15.10 -14.36 50.81
C LYS B 141 15.62 -12.99 50.47
N ALA B 142 16.37 -12.89 49.37
CA ALA B 142 16.98 -11.63 48.95
C ALA B 142 15.96 -10.54 48.77
N GLN B 143 14.75 -10.91 48.38
CA GLN B 143 13.76 -9.88 48.04
C GLN B 143 12.74 -9.66 49.14
N ARG B 144 12.19 -10.71 49.74
CA ARG B 144 11.25 -10.55 50.85
C ARG B 144 11.94 -10.11 52.12
N ASN B 145 13.28 -10.08 52.16
CA ASN B 145 14.01 -9.36 53.19
C ASN B 145 14.53 -8.02 52.68
N ASP B 146 14.21 -7.66 51.44
CA ASP B 146 14.48 -6.31 50.96
C ASP B 146 13.35 -5.36 51.24
N ARG B 147 12.12 -5.74 50.91
CA ARG B 147 10.94 -4.90 51.12
C ARG B 147 10.48 -4.93 52.56
N LYS B 148 10.62 -6.05 53.25
CA LYS B 148 10.13 -6.20 54.60
C LYS B 148 11.10 -7.10 55.36
N LEU B 149 10.95 -7.10 56.68
CA LEU B 149 11.69 -8.02 57.54
C LEU B 149 10.77 -8.38 58.70
N SER B 150 11.31 -9.07 59.69
CA SER B 150 10.56 -9.55 60.86
C SER B 150 9.50 -10.58 60.48
N GLY B 151 9.89 -11.63 59.77
CA GLY B 151 9.05 -12.79 59.60
C GLY B 151 9.87 -14.07 59.71
N ASN B 152 11.19 -13.89 59.72
CA ASN B 152 12.10 -15.01 59.59
C ASN B 152 12.09 -15.89 60.84
N ARG B 153 12.92 -16.91 60.81
CA ARG B 153 13.26 -17.74 61.95
C ARG B 153 14.74 -18.07 61.83
N PHE B 154 15.36 -18.51 62.92
CA PHE B 154 16.78 -18.84 62.90
C PHE B 154 16.93 -20.32 63.22
N ARG B 155 16.73 -21.17 62.22
CA ARG B 155 16.94 -22.60 62.37
C ARG B 155 18.26 -22.95 61.72
N VAL B 156 19.15 -23.58 62.48
CA VAL B 156 20.49 -23.91 62.00
C VAL B 156 20.75 -25.38 62.23
N LEU B 157 21.82 -25.85 61.60
CA LEU B 157 22.37 -27.15 61.95
C LEU B 157 23.09 -27.06 63.29
N CYS B 158 24.02 -26.13 63.43
CA CYS B 158 24.74 -25.92 64.67
C CYS B 158 24.51 -24.50 65.17
N SER B 159 24.10 -24.37 66.43
CA SER B 159 23.76 -23.09 67.05
C SER B 159 24.88 -22.54 67.93
N SER B 160 25.94 -23.30 68.17
CA SER B 160 26.95 -22.83 69.12
C SER B 160 27.56 -21.51 68.68
N GLY B 161 27.72 -21.30 67.38
CA GLY B 161 28.31 -20.07 66.89
C GLY B 161 27.35 -18.90 66.82
N ALA B 162 26.05 -19.16 66.76
CA ALA B 162 25.07 -18.09 66.81
C ALA B 162 24.74 -17.67 68.23
N LYS B 163 24.35 -18.63 69.06
CA LYS B 163 24.21 -18.39 70.49
C LYS B 163 25.53 -17.92 71.10
N LYS B 164 26.65 -18.21 70.44
CA LYS B 164 27.98 -17.85 70.90
C LYS B 164 28.77 -17.30 69.73
N PRO B 165 28.61 -16.03 69.42
CA PRO B 165 29.37 -15.42 68.32
C PRO B 165 30.84 -15.33 68.69
N PRO B 166 31.71 -14.94 67.75
CA PRO B 166 33.13 -14.82 68.08
C PRO B 166 33.41 -13.68 69.06
N SER B 167 34.70 -13.42 69.32
CA SER B 167 35.08 -12.39 70.28
C SER B 167 34.49 -11.04 69.92
N GLY B 168 34.34 -10.74 68.63
CA GLY B 168 33.66 -9.52 68.24
C GLY B 168 32.28 -9.83 67.73
N TRP B 169 31.90 -9.20 66.61
CA TRP B 169 30.66 -9.52 65.92
C TRP B 169 29.44 -9.26 66.82
N GLU B 170 29.21 -7.98 67.10
CA GLU B 170 28.01 -7.53 67.80
C GLU B 170 26.96 -7.19 66.76
N PRO B 171 25.96 -8.03 66.54
CA PRO B 171 25.04 -7.81 65.42
C PRO B 171 24.30 -6.48 65.51
N ILE B 172 23.83 -6.02 64.36
CA ILE B 172 23.22 -4.69 64.26
C ILE B 172 21.74 -4.79 64.64
N PRO B 173 21.22 -3.85 65.43
CA PRO B 173 19.77 -3.79 65.64
C PRO B 173 19.12 -2.93 64.55
N ASP B 174 18.13 -3.50 63.89
CA ASP B 174 17.54 -2.86 62.73
C ASP B 174 16.40 -1.95 63.13
N ALA B 175 15.68 -1.44 62.13
CA ALA B 175 14.60 -0.48 62.34
C ALA B 175 13.77 -0.32 61.07
N SER C 9 -52.29 -81.75 -8.53
CA SER C 9 -51.36 -82.34 -9.48
C SER C 9 -51.41 -83.85 -9.38
N LEU C 10 -52.62 -84.40 -9.62
CA LEU C 10 -52.89 -85.83 -9.65
C LEU C 10 -52.77 -86.47 -8.28
N ALA C 11 -53.22 -85.76 -7.24
CA ALA C 11 -53.26 -86.29 -5.88
C ALA C 11 -54.57 -87.01 -5.57
N SER C 12 -55.70 -86.43 -5.98
CA SER C 12 -56.97 -87.10 -5.76
C SER C 12 -57.13 -88.30 -6.67
N LEU C 13 -56.81 -88.15 -7.95
CA LEU C 13 -56.86 -89.26 -8.89
C LEU C 13 -55.59 -90.08 -8.89
N TYR C 14 -54.89 -90.17 -7.76
CA TYR C 14 -53.90 -91.21 -7.52
C TYR C 14 -54.44 -92.20 -6.50
N VAL C 15 -54.33 -93.48 -6.82
CA VAL C 15 -54.81 -94.57 -5.97
C VAL C 15 -53.62 -95.32 -5.41
N ARG C 16 -53.79 -95.91 -4.22
CA ARG C 16 -52.68 -96.61 -3.60
C ARG C 16 -52.60 -98.06 -4.10
N PRO C 17 -51.40 -98.52 -4.50
CA PRO C 17 -51.27 -99.90 -4.93
C PRO C 17 -51.26 -100.84 -3.73
N PRO C 18 -51.56 -102.11 -3.94
CA PRO C 18 -51.88 -102.99 -2.81
C PRO C 18 -50.66 -103.41 -2.00
N VAL C 19 -50.93 -104.05 -0.87
CA VAL C 19 -49.91 -104.41 0.11
C VAL C 19 -49.55 -105.88 -0.07
N THR C 20 -48.26 -106.15 -0.32
CA THR C 20 -47.74 -107.50 -0.37
C THR C 20 -46.40 -107.65 0.35
N CYS C 21 -45.64 -106.58 0.50
CA CYS C 21 -44.40 -106.60 1.25
C CYS C 21 -44.33 -105.35 2.13
N TYR C 22 -43.39 -105.34 3.07
CA TYR C 22 -43.23 -104.18 3.94
C TYR C 22 -42.89 -102.93 3.14
N THR C 23 -42.11 -103.10 2.07
CA THR C 23 -41.85 -101.98 1.17
C THR C 23 -43.11 -101.58 0.42
N ASP C 24 -44.04 -102.50 0.21
CA ASP C 24 -45.36 -102.12 -0.27
C ASP C 24 -46.19 -101.47 0.83
N ALA C 25 -45.76 -101.58 2.08
CA ALA C 25 -46.52 -101.06 3.20
C ALA C 25 -46.11 -99.65 3.62
N CYS C 26 -44.87 -99.25 3.35
CA CYS C 26 -44.35 -97.97 3.86
C CYS C 26 -44.52 -96.80 2.90
N GLU C 27 -45.61 -96.77 2.13
CA GLU C 27 -45.90 -95.66 1.23
C GLU C 27 -46.43 -94.48 2.05
N ALA C 28 -45.81 -93.31 1.87
CA ALA C 28 -46.17 -92.12 2.64
C ALA C 28 -47.45 -91.50 2.10
N PRO C 29 -48.06 -90.59 2.87
CA PRO C 29 -49.24 -89.88 2.35
C PRO C 29 -48.88 -89.13 1.08
N VAL C 30 -49.69 -89.35 0.04
CA VAL C 30 -49.39 -88.80 -1.28
C VAL C 30 -49.12 -87.32 -1.24
N ALA C 31 -49.77 -86.58 -0.34
CA ALA C 31 -49.44 -85.18 -0.19
C ALA C 31 -48.02 -84.96 0.27
N MET C 32 -47.52 -85.80 1.17
CA MET C 32 -46.16 -85.62 1.69
C MET C 32 -45.14 -85.81 0.59
N TRP C 33 -45.11 -87.01 -0.01
CA TRP C 33 -44.17 -87.31 -1.08
C TRP C 33 -44.67 -86.87 -2.44
N ASN C 34 -45.62 -85.94 -2.48
CA ASN C 34 -46.31 -85.62 -3.72
C ASN C 34 -45.36 -85.07 -4.77
N GLY C 35 -44.86 -83.87 -4.57
CA GLY C 35 -43.92 -83.32 -5.53
C GLY C 35 -42.60 -84.01 -5.53
N ALA C 36 -42.25 -84.65 -4.42
CA ALA C 36 -40.99 -85.39 -4.36
C ALA C 36 -40.96 -86.47 -5.43
N ILE C 37 -41.94 -87.37 -5.40
CA ILE C 37 -42.06 -88.43 -6.40
C ILE C 37 -43.14 -88.01 -7.39
N PRO C 38 -42.79 -87.59 -8.60
CA PRO C 38 -43.79 -87.09 -9.53
C PRO C 38 -44.71 -88.20 -10.02
N LEU C 39 -46.00 -87.89 -10.00
CA LEU C 39 -47.00 -88.83 -10.47
C LEU C 39 -47.33 -88.53 -11.93
N LYS C 40 -47.06 -89.51 -12.78
CA LYS C 40 -47.22 -89.37 -14.21
C LYS C 40 -48.10 -90.52 -14.72
N GLU C 41 -48.74 -90.28 -15.85
CA GLU C 41 -49.71 -91.23 -16.40
C GLU C 41 -49.07 -92.12 -17.45
N TYR C 53 -55.20 -93.81 -15.12
CA TYR C 53 -54.33 -94.36 -14.09
C TYR C 53 -52.99 -93.60 -14.04
N VAL C 54 -52.77 -92.84 -12.98
CA VAL C 54 -51.55 -92.07 -12.77
C VAL C 54 -50.77 -92.74 -11.65
N THR C 55 -49.49 -92.98 -11.87
CA THR C 55 -48.65 -93.65 -10.89
C THR C 55 -47.34 -92.90 -10.69
N LYS C 56 -46.67 -93.22 -9.59
CA LYS C 56 -45.46 -92.56 -9.16
C LYS C 56 -44.26 -92.90 -10.04
N LEU C 57 -43.27 -92.01 -10.05
CA LEU C 57 -42.03 -92.30 -10.77
C LEU C 57 -41.08 -93.16 -9.95
N TYR C 58 -40.90 -92.84 -8.66
CA TYR C 58 -39.98 -93.56 -7.80
C TYR C 58 -40.74 -94.53 -6.93
N SER C 59 -40.09 -95.65 -6.59
CA SER C 59 -40.74 -96.75 -5.91
C SER C 59 -39.86 -97.32 -4.80
N HIS C 60 -40.53 -97.87 -3.78
CA HIS C 60 -39.86 -98.65 -2.75
C HIS C 60 -39.29 -99.94 -3.35
N PRO C 61 -38.02 -100.23 -3.09
CA PRO C 61 -37.38 -101.38 -3.73
C PRO C 61 -37.96 -102.71 -3.26
N LEU C 62 -37.90 -103.70 -4.14
CA LEU C 62 -38.53 -105.00 -3.90
C LEU C 62 -37.73 -105.82 -2.90
N GLU C 63 -38.45 -106.45 -1.96
CA GLU C 63 -37.82 -107.34 -1.00
C GLU C 63 -37.38 -108.62 -1.69
N ALA C 64 -36.14 -108.68 -2.15
CA ALA C 64 -35.64 -109.81 -2.92
C ALA C 64 -34.95 -110.81 -2.01
N SER C 65 -35.06 -112.09 -2.34
CA SER C 65 -34.37 -113.12 -1.59
C SER C 65 -32.98 -113.33 -2.16
N PRO C 66 -31.99 -113.65 -1.32
CA PRO C 66 -30.63 -113.87 -1.84
C PRO C 66 -30.54 -115.05 -2.78
N THR C 67 -31.42 -116.04 -2.64
CA THR C 67 -31.40 -117.18 -3.55
C THR C 67 -31.77 -116.79 -4.97
N ARG C 68 -32.42 -115.64 -5.15
CA ARG C 68 -32.66 -115.06 -6.46
C ARG C 68 -31.69 -113.94 -6.76
N LEU C 69 -31.12 -113.31 -5.75
CA LEU C 69 -30.18 -112.21 -5.94
C LEU C 69 -28.93 -112.75 -6.63
N SER C 70 -28.55 -112.11 -7.72
CA SER C 70 -27.46 -112.61 -8.55
C SER C 70 -26.66 -111.44 -9.13
N PHE C 71 -25.90 -111.75 -10.18
CA PHE C 71 -25.04 -110.76 -10.83
C PHE C 71 -25.80 -109.51 -11.27
N ASN C 72 -27.10 -109.64 -11.54
CA ASN C 72 -27.89 -108.50 -12.00
C ASN C 72 -28.70 -107.84 -10.90
N ASP C 73 -28.24 -107.87 -9.65
CA ASP C 73 -28.71 -106.95 -8.63
C ASP C 73 -27.59 -106.05 -8.12
N ILE C 74 -26.39 -106.14 -8.70
CA ILE C 74 -25.23 -105.43 -8.17
C ILE C 74 -25.47 -103.93 -8.24
N ASN C 75 -24.90 -103.19 -7.29
CA ASN C 75 -24.95 -101.74 -7.23
C ASN C 75 -26.38 -101.24 -7.14
N SER C 76 -27.30 -102.11 -6.75
CA SER C 76 -28.69 -101.76 -6.59
C SER C 76 -29.14 -102.06 -5.17
N MET C 77 -30.27 -101.51 -4.79
CA MET C 77 -30.77 -101.62 -3.43
C MET C 77 -31.90 -102.64 -3.37
N TYR C 78 -31.69 -103.72 -2.63
CA TYR C 78 -32.77 -104.57 -2.19
C TYR C 78 -32.98 -104.28 -0.73
N CYS C 79 -33.75 -105.08 -0.05
CA CYS C 79 -34.02 -104.77 1.34
C CYS C 79 -34.31 -106.02 2.13
N VAL C 80 -34.76 -105.80 3.35
CA VAL C 80 -35.32 -106.82 4.21
C VAL C 80 -36.61 -106.25 4.80
N GLY C 81 -37.63 -107.08 4.87
CA GLY C 81 -38.82 -106.69 5.57
C GLY C 81 -38.62 -106.81 7.07
N ASN C 82 -39.53 -106.19 7.81
CA ASN C 82 -39.51 -106.39 9.24
C ASN C 82 -39.55 -107.87 9.60
N ASP C 83 -40.31 -108.67 8.86
CA ASP C 83 -40.40 -110.09 9.18
C ASP C 83 -39.10 -110.83 8.92
N GLU C 84 -38.53 -110.72 7.71
CA GLU C 84 -37.28 -111.42 7.39
C GLU C 84 -36.15 -110.95 8.29
N LEU C 85 -36.18 -109.69 8.70
CA LEU C 85 -35.18 -109.18 9.63
C LEU C 85 -35.37 -109.75 11.03
N MET C 86 -36.57 -109.61 11.62
CA MET C 86 -36.82 -110.22 12.91
C MET C 86 -36.59 -111.72 12.89
N GLN C 87 -36.64 -112.33 11.72
CA GLN C 87 -36.38 -113.75 11.56
C GLN C 87 -34.88 -114.04 11.61
N PHE C 88 -34.08 -113.16 11.00
CA PHE C 88 -32.68 -113.45 10.76
C PHE C 88 -31.69 -112.60 11.55
N PHE C 89 -32.16 -111.76 12.48
CA PHE C 89 -31.28 -110.91 13.29
C PHE C 89 -31.89 -110.68 14.66
N PRO C 90 -31.99 -111.73 15.49
CA PRO C 90 -32.56 -111.53 16.82
C PRO C 90 -31.63 -110.85 17.81
N GLU C 91 -30.32 -111.05 17.72
CA GLU C 91 -29.40 -110.33 18.60
C GLU C 91 -29.37 -108.86 18.25
N GLY C 92 -29.91 -108.52 17.09
CA GLY C 92 -29.82 -107.17 16.57
C GLY C 92 -28.92 -107.10 15.35
N LEU C 93 -28.39 -105.94 15.09
CA LEU C 93 -27.46 -105.76 13.99
C LEU C 93 -26.13 -105.31 14.59
N GLY C 94 -25.19 -104.96 13.71
CA GLY C 94 -23.85 -104.61 14.15
C GLY C 94 -23.74 -103.21 14.70
N GLY C 95 -22.71 -102.49 14.32
CA GLY C 95 -22.44 -101.22 14.93
C GLY C 95 -23.54 -100.18 14.82
N LYS C 96 -23.70 -99.57 13.65
CA LYS C 96 -24.63 -98.47 13.44
C LYS C 96 -25.77 -98.88 12.51
N VAL C 97 -26.11 -100.16 12.50
CA VAL C 97 -26.87 -100.66 11.35
C VAL C 97 -28.35 -100.36 11.43
N MET C 98 -28.84 -99.91 12.59
CA MET C 98 -30.21 -99.44 12.60
C MET C 98 -30.31 -97.94 12.35
N GLN C 99 -29.35 -97.33 11.68
CA GLN C 99 -29.41 -95.89 11.52
C GLN C 99 -30.34 -95.47 10.39
N LEU C 100 -30.44 -96.28 9.34
CA LEU C 100 -31.36 -96.03 8.24
C LEU C 100 -32.69 -96.74 8.45
N MET C 101 -32.88 -97.36 9.61
CA MET C 101 -34.05 -98.20 9.86
C MET C 101 -34.92 -97.64 10.98
N PRO C 102 -35.49 -96.45 10.81
CA PRO C 102 -36.61 -96.06 11.64
C PRO C 102 -37.84 -96.84 11.23
N PRO C 103 -38.87 -96.89 12.08
CA PRO C 103 -40.02 -97.75 11.78
C PRO C 103 -40.53 -97.61 10.35
N GLY C 104 -40.62 -96.41 9.81
CA GLY C 104 -41.21 -96.27 8.52
C GLY C 104 -40.25 -96.65 7.41
N HIS C 105 -38.98 -96.69 7.72
CA HIS C 105 -38.02 -96.88 6.64
C HIS C 105 -37.92 -98.35 6.29
N PRO C 106 -38.00 -98.69 5.01
CA PRO C 106 -37.69 -100.05 4.60
C PRO C 106 -36.19 -100.30 4.66
N ARG C 107 -35.81 -101.31 5.44
CA ARG C 107 -34.41 -101.55 5.78
C ARG C 107 -33.71 -102.06 4.52
N GLY C 108 -33.04 -101.15 3.82
CA GLY C 108 -32.55 -101.40 2.48
C GLY C 108 -31.05 -101.60 2.40
N PHE C 109 -30.65 -102.76 1.88
CA PHE C 109 -29.25 -103.15 1.73
C PHE C 109 -28.80 -103.01 0.28
N LEU C 110 -27.58 -102.53 0.09
CA LEU C 110 -27.00 -102.46 -1.26
C LEU C 110 -26.28 -103.76 -1.59
N TYR C 111 -26.28 -104.11 -2.88
CA TYR C 111 -25.68 -105.37 -3.32
C TYR C 111 -24.28 -105.08 -3.88
N ARG C 112 -23.38 -104.73 -2.97
CA ARG C 112 -22.04 -104.31 -3.37
C ARG C 112 -21.28 -105.45 -4.01
N LYS C 113 -20.22 -105.08 -4.73
CA LYS C 113 -19.50 -106.04 -5.57
C LYS C 113 -18.62 -106.98 -4.77
N GLU C 114 -18.41 -106.72 -3.48
CA GLU C 114 -17.74 -107.65 -2.59
C GLU C 114 -18.73 -108.43 -1.74
N ALA C 115 -19.85 -107.81 -1.36
CA ALA C 115 -20.94 -108.53 -0.73
C ALA C 115 -21.48 -109.64 -1.61
N HIS C 116 -21.44 -109.46 -2.93
CA HIS C 116 -21.78 -110.54 -3.86
C HIS C 116 -20.78 -111.69 -3.78
N LEU C 117 -19.48 -111.39 -3.73
CA LEU C 117 -18.49 -112.45 -3.50
C LEU C 117 -18.79 -113.21 -2.22
N LEU C 118 -19.12 -112.50 -1.15
CA LEU C 118 -19.44 -113.18 0.09
C LEU C 118 -20.69 -114.06 -0.03
N ASN C 119 -21.71 -113.58 -0.74
CA ASN C 119 -22.88 -114.42 -0.96
C ASN C 119 -22.52 -115.68 -1.71
N LEU C 120 -21.63 -115.58 -2.70
CA LEU C 120 -21.24 -116.78 -3.45
C LEU C 120 -20.44 -117.73 -2.57
N PHE C 121 -19.58 -117.19 -1.72
CA PHE C 121 -18.91 -118.03 -0.75
C PHE C 121 -19.91 -118.82 0.08
N ILE C 122 -20.94 -118.13 0.60
CA ILE C 122 -21.93 -118.87 1.37
C ILE C 122 -22.71 -119.83 0.47
N ASP C 123 -22.89 -119.49 -0.80
CA ASP C 123 -23.56 -120.39 -1.74
C ASP C 123 -22.81 -121.69 -1.88
N LYS C 124 -21.49 -121.64 -1.72
CA LYS C 124 -20.69 -122.86 -1.59
C LYS C 124 -20.73 -123.44 -0.19
N ILE C 125 -21.06 -122.64 0.81
CA ILE C 125 -21.01 -123.15 2.18
C ILE C 125 -21.98 -124.31 2.38
N GLN C 126 -23.28 -124.11 2.15
CA GLN C 126 -24.25 -125.14 2.55
C GLN C 126 -24.00 -126.46 1.81
N HIS C 127 -23.19 -126.44 0.77
CA HIS C 127 -22.49 -127.65 0.33
C HIS C 127 -21.00 -127.29 0.32
N TRP C 128 -20.40 -127.25 1.51
CA TRP C 128 -18.96 -127.16 1.65
C TRP C 128 -18.25 -128.49 1.48
N GLN C 129 -18.88 -129.61 1.87
CA GLN C 129 -18.23 -130.90 1.79
C GLN C 129 -17.83 -131.24 0.37
N ALA C 130 -18.75 -131.08 -0.58
CA ALA C 130 -18.41 -131.30 -1.98
C ALA C 130 -17.49 -130.20 -2.50
N LYS C 131 -17.48 -129.04 -1.85
CA LYS C 131 -16.70 -127.89 -2.28
C LYS C 131 -15.54 -127.59 -1.33
N ARG C 132 -14.91 -128.62 -0.75
CA ARG C 132 -13.84 -128.39 0.21
C ARG C 132 -12.63 -127.73 -0.43
N ASN C 133 -12.02 -128.38 -1.44
CA ASN C 133 -10.94 -127.77 -2.18
C ASN C 133 -11.38 -126.49 -2.87
N VAL C 134 -12.65 -126.41 -3.24
CA VAL C 134 -13.19 -125.19 -3.82
C VAL C 134 -13.00 -124.02 -2.87
N LEU C 135 -13.47 -124.14 -1.64
CA LEU C 135 -13.31 -123.04 -0.70
C LEU C 135 -11.85 -122.85 -0.27
N SER C 136 -11.04 -123.93 -0.24
CA SER C 136 -9.62 -123.74 0.05
C SER C 136 -8.94 -122.90 -1.01
N SER C 137 -9.25 -123.13 -2.28
CA SER C 137 -8.90 -122.17 -3.32
C SER C 137 -9.48 -120.81 -3.05
N LEU C 138 -10.66 -120.74 -2.46
CA LEU C 138 -11.30 -119.47 -2.16
C LEU C 138 -10.84 -118.84 -0.86
N THR C 139 -10.27 -119.61 0.05
CA THR C 139 -9.81 -119.04 1.32
C THR C 139 -8.30 -118.92 1.43
N ASN C 140 -7.53 -119.48 0.49
CA ASN C 140 -6.07 -119.54 0.59
C ASN C 140 -5.66 -120.16 1.93
N ASN C 141 -6.41 -121.17 2.31
CA ASN C 141 -6.23 -121.90 3.56
C ASN C 141 -6.36 -121.01 4.78
N ARG C 142 -6.69 -119.74 4.59
CA ARG C 142 -6.91 -118.83 5.70
C ARG C 142 -8.34 -118.99 6.24
N PRO C 143 -8.50 -119.12 7.54
CA PRO C 143 -9.84 -119.36 8.07
C PRO C 143 -10.75 -118.16 7.94
N GLY C 144 -11.60 -118.19 6.92
CA GLY C 144 -12.53 -117.11 6.69
C GLY C 144 -11.85 -115.80 6.31
N PHE C 145 -12.71 -114.80 6.16
CA PHE C 145 -12.31 -113.49 5.68
C PHE C 145 -12.55 -112.44 6.75
N ILE C 146 -11.58 -111.55 6.93
CA ILE C 146 -11.74 -110.35 7.74
C ILE C 146 -11.92 -109.17 6.80
N ILE C 147 -12.97 -108.40 7.06
CA ILE C 147 -13.34 -107.27 6.22
C ILE C 147 -12.50 -106.08 6.66
N ASP C 148 -11.62 -105.62 5.79
CA ASP C 148 -10.73 -104.52 6.07
C ASP C 148 -11.06 -103.32 5.24
N GLY C 149 -10.78 -102.15 5.82
CA GLY C 149 -11.08 -100.87 5.26
C GLY C 149 -11.15 -99.87 6.39
N PRO C 150 -11.09 -98.59 6.08
CA PRO C 150 -11.01 -97.57 7.11
C PRO C 150 -12.35 -97.42 7.83
N LYS C 151 -12.39 -96.53 8.81
CA LYS C 151 -13.64 -96.02 9.31
C LYS C 151 -14.32 -95.25 8.18
N GLY C 152 -15.57 -95.59 7.90
CA GLY C 152 -16.22 -95.00 6.76
C GLY C 152 -16.61 -95.97 5.67
N CYS C 153 -16.90 -97.21 6.01
CA CYS C 153 -17.29 -98.18 5.01
C CYS C 153 -18.49 -99.00 5.50
N GLY C 154 -18.82 -100.05 4.78
CA GLY C 154 -19.98 -100.86 5.11
C GLY C 154 -19.66 -102.19 5.76
N LYS C 155 -18.78 -102.18 6.77
CA LYS C 155 -18.27 -103.43 7.32
C LYS C 155 -19.34 -104.21 8.06
N SER C 156 -19.90 -103.63 9.12
CA SER C 156 -20.86 -104.37 9.92
C SER C 156 -22.14 -104.64 9.16
N ALA C 157 -22.56 -103.70 8.32
CA ALA C 157 -23.72 -103.96 7.48
C ALA C 157 -23.42 -105.06 6.49
N LEU C 158 -22.19 -105.10 5.97
CA LEU C 158 -21.78 -106.22 5.13
C LEU C 158 -21.89 -107.53 5.86
N MET C 159 -21.42 -107.59 7.10
CA MET C 159 -21.54 -108.80 7.87
C MET C 159 -22.99 -109.16 8.12
N CYS C 160 -23.84 -108.16 8.35
CA CYS C 160 -25.26 -108.45 8.51
C CYS C 160 -25.84 -109.02 7.24
N GLN C 161 -25.45 -108.50 6.10
CA GLN C 161 -25.87 -109.10 4.84
C GLN C 161 -25.43 -110.56 4.77
N VAL C 162 -24.18 -110.83 5.15
CA VAL C 162 -23.66 -112.20 5.15
C VAL C 162 -24.48 -113.09 6.07
N VAL C 163 -24.86 -112.56 7.23
CA VAL C 163 -25.63 -113.32 8.19
C VAL C 163 -27.01 -113.65 7.63
N HIS C 164 -27.66 -112.67 7.02
CA HIS C 164 -28.94 -112.93 6.37
C HIS C 164 -28.78 -113.94 5.25
N TYR C 165 -27.72 -113.81 4.45
CA TYR C 165 -27.37 -114.82 3.46
C TYR C 165 -27.38 -116.23 4.02
N ALA C 166 -26.55 -116.48 5.03
CA ALA C 166 -26.40 -117.82 5.58
C ALA C 166 -27.70 -118.33 6.20
N ARG C 167 -28.39 -117.47 6.96
CA ARG C 167 -29.59 -117.95 7.64
C ARG C 167 -30.74 -118.12 6.66
N SER C 168 -30.65 -117.55 5.46
CA SER C 168 -31.54 -117.92 4.38
C SER C 168 -31.08 -119.20 3.69
N ARG C 169 -29.89 -119.68 4.02
CA ARG C 169 -29.40 -120.98 3.59
C ARG C 169 -29.48 -122.02 4.68
N ASN C 170 -30.06 -121.68 5.83
CA ASN C 170 -30.27 -122.62 6.92
C ASN C 170 -28.94 -123.06 7.53
N LEU C 171 -28.05 -122.11 7.73
CA LEU C 171 -26.76 -122.43 8.33
C LEU C 171 -26.71 -121.91 9.77
N LEU C 172 -26.06 -122.70 10.63
CA LEU C 172 -25.85 -122.28 12.00
C LEU C 172 -24.85 -121.13 12.02
N THR C 173 -25.31 -119.93 12.37
CA THR C 173 -24.51 -118.72 12.23
C THR C 173 -24.27 -118.09 13.60
N LEU C 174 -23.05 -118.22 14.09
CA LEU C 174 -22.61 -117.48 15.28
C LEU C 174 -22.20 -116.09 14.85
N TYR C 175 -23.11 -115.13 14.93
CA TYR C 175 -22.87 -113.76 14.51
C TYR C 175 -22.61 -112.91 15.75
N VAL C 176 -21.34 -112.59 15.97
CA VAL C 176 -20.89 -111.61 16.96
C VAL C 176 -21.15 -110.21 16.43
N PRO C 177 -22.12 -109.47 16.99
CA PRO C 177 -22.49 -108.18 16.40
C PRO C 177 -21.52 -107.06 16.67
N ASN C 178 -20.64 -107.18 17.67
CA ASN C 178 -19.67 -106.14 18.00
C ASN C 178 -18.61 -106.73 18.93
N ALA C 179 -17.34 -106.64 18.54
CA ALA C 179 -16.27 -107.02 19.46
C ALA C 179 -16.05 -105.99 20.57
N LYS C 180 -16.57 -104.78 20.40
CA LYS C 180 -16.57 -103.84 21.50
C LYS C 180 -17.39 -104.32 22.67
N GLU C 181 -18.44 -105.10 22.44
CA GLU C 181 -19.19 -105.65 23.56
C GLU C 181 -18.44 -106.74 24.30
N TRP C 182 -17.58 -107.48 23.60
CA TRP C 182 -16.90 -108.60 24.21
C TRP C 182 -15.64 -108.17 24.94
N THR C 183 -14.92 -107.18 24.42
CA THR C 183 -13.72 -106.76 25.11
C THR C 183 -13.94 -105.49 25.92
N HIS C 184 -15.04 -104.80 25.68
CA HIS C 184 -15.39 -103.59 26.42
C HIS C 184 -16.83 -103.68 26.87
N GLY C 185 -17.05 -104.34 28.00
CA GLY C 185 -18.35 -104.35 28.64
C GLY C 185 -18.40 -103.36 29.77
N GLU C 186 -19.46 -103.46 30.57
CA GLU C 186 -19.51 -102.67 31.79
C GLU C 186 -18.79 -103.38 32.93
N TRP C 187 -18.37 -104.62 32.71
CA TRP C 187 -17.60 -105.37 33.70
C TRP C 187 -17.04 -106.63 33.05
N CYS C 188 -16.07 -107.25 33.74
CA CYS C 188 -15.52 -108.55 33.37
C CYS C 188 -15.31 -109.36 34.63
N TRP C 189 -14.99 -110.64 34.46
CA TRP C 189 -15.01 -111.58 35.56
C TRP C 189 -14.09 -112.76 35.31
N PRO C 190 -13.60 -113.40 36.37
CA PRO C 190 -13.00 -114.72 36.22
C PRO C 190 -14.05 -115.73 35.77
N SER C 191 -13.71 -116.49 34.74
CA SER C 191 -14.58 -117.57 34.30
C SER C 191 -14.62 -118.66 35.36
N THR C 192 -15.82 -119.11 35.71
CA THR C 192 -16.01 -119.99 36.85
C THR C 192 -15.32 -121.33 36.69
N ILE C 193 -15.50 -122.01 35.56
CA ILE C 193 -14.92 -123.33 35.36
C ILE C 193 -13.71 -123.26 34.45
N LEU C 194 -13.09 -122.10 34.33
CA LEU C 194 -11.93 -121.94 33.44
C LEU C 194 -10.82 -121.29 34.25
N PRO C 195 -10.16 -122.07 35.10
CA PRO C 195 -9.09 -121.49 35.92
C PRO C 195 -8.02 -120.85 35.07
N GLY C 196 -7.44 -119.77 35.59
CA GLY C 196 -6.47 -119.01 34.84
C GLY C 196 -7.07 -118.10 33.79
N PHE C 197 -8.36 -118.22 33.51
CA PHE C 197 -8.98 -117.45 32.44
C PHE C 197 -10.15 -116.63 32.94
N PHE C 198 -10.79 -115.97 31.99
CA PHE C 198 -11.93 -115.11 32.22
C PHE C 198 -13.03 -115.49 31.23
N ASP C 199 -14.22 -114.95 31.46
CA ASP C 199 -15.32 -115.05 30.52
C ASP C 199 -16.06 -113.72 30.50
N ALA C 200 -16.91 -113.54 29.47
CA ALA C 200 -17.58 -112.27 29.26
C ALA C 200 -19.00 -112.35 29.78
N PRO C 201 -19.26 -111.90 31.01
CA PRO C 201 -20.53 -112.25 31.66
C PRO C 201 -21.77 -111.73 30.96
N ASP C 202 -21.91 -110.42 30.78
CA ASP C 202 -23.17 -109.89 30.26
C ASP C 202 -23.22 -109.95 28.73
N ALA C 203 -22.12 -109.66 28.05
CA ALA C 203 -22.10 -109.83 26.60
C ALA C 203 -22.37 -111.28 26.22
N ALA C 204 -21.85 -112.24 26.99
CA ALA C 204 -22.14 -113.64 26.72
C ALA C 204 -23.53 -114.05 27.23
N ARG C 205 -24.00 -113.44 28.32
CA ARG C 205 -25.39 -113.61 28.70
C ARG C 205 -26.32 -113.30 27.55
N PHE C 206 -26.10 -112.21 26.85
CA PHE C 206 -26.88 -111.93 25.66
C PHE C 206 -26.55 -112.89 24.52
N PHE C 207 -25.29 -113.32 24.42
CA PHE C 207 -24.91 -114.21 23.35
C PHE C 207 -25.70 -115.51 23.37
N LEU C 208 -25.79 -116.17 24.53
CA LEU C 208 -26.52 -117.43 24.60
C LEU C 208 -27.99 -117.23 24.27
N ARG C 209 -28.62 -116.26 24.94
CA ARG C 209 -30.02 -115.96 24.73
C ARG C 209 -30.35 -115.72 23.27
N TYR C 210 -29.48 -115.01 22.53
CA TYR C 210 -29.84 -114.68 21.15
C TYR C 210 -29.32 -115.66 20.12
N PHE C 211 -28.24 -116.40 20.38
CA PHE C 211 -27.87 -117.52 19.52
C PHE C 211 -28.88 -118.65 19.58
N ALA C 212 -29.38 -118.97 20.78
CA ALA C 212 -30.42 -119.97 20.90
C ALA C 212 -31.73 -119.54 20.27
N LYS C 213 -32.22 -118.35 20.65
CA LYS C 213 -33.47 -117.85 20.08
C LYS C 213 -33.33 -117.53 18.61
N ALA C 214 -32.10 -117.56 18.08
CA ALA C 214 -31.89 -117.52 16.65
C ALA C 214 -31.98 -118.89 16.00
N ASN C 215 -31.08 -119.80 16.34
CA ASN C 215 -30.97 -121.06 15.62
C ASN C 215 -31.76 -122.18 16.29
N ARG C 216 -32.87 -121.82 16.97
CA ARG C 216 -33.80 -122.83 17.51
C ARG C 216 -34.08 -123.95 16.52
N SER C 217 -34.01 -123.69 15.21
CA SER C 217 -34.24 -124.72 14.21
C SER C 217 -33.18 -125.81 14.26
N THR C 218 -31.90 -125.44 14.15
CA THR C 218 -30.85 -126.46 14.13
C THR C 218 -30.62 -127.05 15.52
N LEU C 219 -30.76 -126.22 16.55
CA LEU C 219 -30.38 -126.64 17.89
C LEU C 219 -31.46 -127.45 18.60
N LEU C 220 -32.67 -127.53 18.03
CA LEU C 220 -33.66 -128.46 18.57
C LEU C 220 -33.34 -129.89 18.16
N SER C 221 -32.85 -130.06 16.93
CA SER C 221 -32.41 -131.38 16.46
C SER C 221 -30.97 -131.66 16.84
N TRP C 222 -30.23 -130.65 17.28
CA TRP C 222 -28.85 -130.85 17.69
C TRP C 222 -28.80 -131.68 18.97
N ARG C 223 -27.87 -132.62 19.02
CA ARG C 223 -27.65 -133.51 20.15
C ARG C 223 -26.24 -133.36 20.68
N LEU C 224 -26.10 -133.53 22.00
CA LEU C 224 -24.85 -133.21 22.67
C LEU C 224 -23.82 -134.31 22.44
N LYS C 225 -22.56 -133.90 22.29
CA LYS C 225 -21.47 -134.84 22.05
C LYS C 225 -20.45 -134.86 23.19
N CYS C 226 -19.91 -133.70 23.55
CA CYS C 226 -18.91 -133.58 24.62
C CYS C 226 -19.38 -132.52 25.60
N THR C 227 -20.25 -132.94 26.52
CA THR C 227 -20.92 -132.06 27.47
C THR C 227 -21.22 -132.83 28.74
N PRO C 228 -21.43 -132.14 29.87
CA PRO C 228 -21.83 -132.83 31.09
C PRO C 228 -23.33 -133.02 31.20
N ASN C 229 -23.75 -134.30 31.15
CA ASN C 229 -25.15 -134.66 31.33
C ASN C 229 -25.55 -134.67 32.80
N ASP C 230 -24.68 -134.21 33.69
CA ASP C 230 -25.00 -134.03 35.10
C ASP C 230 -25.00 -132.54 35.44
N LEU C 231 -25.62 -131.73 34.58
CA LEU C 231 -25.62 -130.30 34.77
C LEU C 231 -26.42 -129.91 36.01
N PRO C 232 -25.93 -128.94 36.77
CA PRO C 232 -26.72 -128.43 37.90
C PRO C 232 -27.90 -127.62 37.39
N VAL C 233 -29.09 -128.19 37.51
CA VAL C 233 -30.31 -127.56 37.02
C VAL C 233 -31.22 -127.30 38.19
N GLU C 234 -31.84 -126.11 38.21
CA GLU C 234 -32.79 -125.81 39.27
C GLU C 234 -33.89 -126.86 39.29
N GLN C 235 -34.48 -127.05 40.48
CA GLN C 235 -35.50 -128.07 40.65
C GLN C 235 -36.63 -127.85 39.67
N GLY C 236 -37.13 -128.95 39.11
CA GLY C 236 -38.22 -128.90 38.16
C GLY C 236 -37.86 -128.42 36.77
N GLU C 237 -36.74 -127.75 36.60
CA GLU C 237 -36.28 -127.31 35.29
C GLU C 237 -35.65 -128.49 34.57
N ARG C 238 -35.95 -128.62 33.28
CA ARG C 238 -35.65 -129.83 32.55
C ARG C 238 -34.18 -129.87 32.15
N GLN C 239 -33.56 -131.03 32.33
CA GLN C 239 -32.13 -131.16 32.08
C GLN C 239 -31.84 -130.93 30.61
N PRO C 240 -30.78 -130.20 30.28
CA PRO C 240 -30.48 -129.93 28.87
C PRO C 240 -29.98 -131.17 28.16
N GLN C 241 -30.65 -131.51 27.05
CA GLN C 241 -30.24 -132.60 26.19
C GLN C 241 -29.95 -132.17 24.76
N ASN C 242 -30.60 -131.13 24.26
CA ASN C 242 -30.27 -130.55 22.97
C ASN C 242 -29.18 -129.52 23.19
N LEU C 243 -28.70 -128.92 22.11
CA LEU C 243 -27.85 -127.75 22.26
C LEU C 243 -28.67 -126.51 22.59
N TYR C 244 -29.94 -126.49 22.17
CA TYR C 244 -30.84 -125.40 22.50
C TYR C 244 -31.29 -125.47 23.95
N GLU C 245 -31.56 -126.67 24.46
CA GLU C 245 -31.87 -126.81 25.88
C GLU C 245 -30.72 -126.35 26.76
N LEU C 246 -29.48 -126.61 26.33
CA LEU C 246 -28.33 -126.09 27.07
C LEU C 246 -28.43 -124.59 27.26
N CYS C 247 -28.61 -123.84 26.17
CA CYS C 247 -28.68 -122.39 26.28
C CYS C 247 -29.93 -121.92 27.02
N GLU C 248 -31.06 -122.61 26.84
CA GLU C 248 -32.30 -122.22 27.54
C GLU C 248 -32.13 -122.32 29.05
N TRP C 249 -31.65 -123.46 29.54
CA TRP C 249 -31.18 -123.55 30.92
C TRP C 249 -30.10 -122.52 31.20
N GLY C 250 -29.36 -122.09 30.17
CA GLY C 250 -28.21 -121.23 30.38
C GLY C 250 -28.53 -119.76 30.63
N HIS C 251 -29.58 -119.24 30.01
CA HIS C 251 -29.96 -117.84 30.21
C HIS C 251 -31.34 -117.66 30.84
N GLN C 252 -32.11 -118.74 30.99
CA GLN C 252 -33.45 -118.69 31.58
C GLN C 252 -33.36 -119.07 33.06
N VAL C 253 -32.71 -118.21 33.84
CA VAL C 253 -32.29 -118.55 35.18
C VAL C 253 -32.21 -117.26 36.00
N VAL C 254 -32.20 -117.40 37.32
CA VAL C 254 -32.13 -116.26 38.21
C VAL C 254 -30.67 -115.86 38.43
N ALA C 255 -30.42 -114.55 38.43
CA ALA C 255 -29.09 -114.04 38.73
C ALA C 255 -28.83 -114.08 40.24
N PRO C 256 -27.56 -114.17 40.65
CA PRO C 256 -26.31 -114.23 39.90
C PRO C 256 -25.88 -115.62 39.46
N ALA C 257 -26.75 -116.62 39.58
CA ALA C 257 -26.42 -117.94 39.03
C ALA C 257 -26.16 -117.88 37.54
N SER C 258 -26.72 -116.89 36.86
CA SER C 258 -26.59 -116.78 35.42
C SER C 258 -25.14 -116.60 34.99
N ILE C 259 -24.32 -115.94 35.81
CA ILE C 259 -22.93 -115.74 35.39
C ILE C 259 -22.16 -117.06 35.36
N ASP C 260 -22.36 -117.94 36.35
CA ASP C 260 -21.67 -119.22 36.30
C ASP C 260 -22.27 -120.11 35.21
N ARG C 261 -23.59 -120.09 35.07
CA ARG C 261 -24.24 -120.87 34.02
C ARG C 261 -23.74 -120.44 32.66
N GLN C 262 -23.46 -119.15 32.49
CA GLN C 262 -23.06 -118.66 31.17
C GLN C 262 -21.62 -119.04 30.85
N SER C 263 -20.73 -119.03 31.83
CA SER C 263 -19.37 -119.48 31.53
C SER C 263 -19.35 -120.99 31.27
N VAL C 264 -20.13 -121.75 32.03
CA VAL C 264 -20.31 -123.16 31.71
C VAL C 264 -20.82 -123.31 30.26
N CYS C 265 -21.80 -122.48 29.89
CA CYS C 265 -22.40 -122.59 28.57
C CYS C 265 -21.41 -122.22 27.48
N VAL C 266 -20.64 -121.15 27.67
CA VAL C 266 -19.64 -120.79 26.67
C VAL C 266 -18.65 -121.91 26.48
N LYS C 267 -18.08 -122.43 27.57
CA LYS C 267 -17.06 -123.47 27.42
C LYS C 267 -17.64 -124.70 26.71
N PHE C 268 -18.75 -125.25 27.20
CA PHE C 268 -19.26 -126.50 26.65
C PHE C 268 -19.98 -126.32 25.32
N LEU C 269 -20.53 -125.14 25.05
CA LEU C 269 -21.05 -124.84 23.73
C LEU C 269 -19.93 -124.75 22.71
N MET C 270 -18.79 -124.18 23.11
CA MET C 270 -17.64 -124.19 22.23
C MET C 270 -17.08 -125.59 22.03
N ASP C 271 -17.09 -126.42 23.06
CA ASP C 271 -16.68 -127.81 22.88
C ASP C 271 -17.62 -128.52 21.92
N GLU C 272 -18.91 -128.27 22.03
CA GLU C 272 -19.85 -128.80 21.05
C GLU C 272 -19.57 -128.30 19.63
N LEU C 273 -19.32 -127.00 19.48
CA LEU C 273 -19.17 -126.40 18.16
C LEU C 273 -17.84 -126.77 17.53
N SER C 274 -16.85 -127.10 18.36
CA SER C 274 -15.57 -127.57 17.87
C SER C 274 -15.53 -129.08 17.76
N ALA C 275 -16.54 -129.78 18.27
CA ALA C 275 -16.63 -131.22 18.13
C ALA C 275 -17.51 -131.66 16.97
N GLU C 276 -18.61 -130.96 16.69
CA GLU C 276 -19.47 -131.29 15.55
C GLU C 276 -18.69 -131.05 14.27
N LYS C 277 -18.70 -132.03 13.38
CA LYS C 277 -17.86 -132.02 12.19
C LYS C 277 -18.67 -131.97 10.90
N LYS C 278 -20.00 -132.11 10.97
CA LYS C 278 -20.78 -132.33 9.76
C LYS C 278 -21.56 -131.10 9.31
N LEU C 279 -22.41 -130.54 10.15
CA LEU C 279 -23.25 -129.42 9.71
C LEU C 279 -22.40 -128.19 9.44
N PRO C 280 -22.46 -127.60 8.25
CA PRO C 280 -21.74 -126.35 7.99
C PRO C 280 -22.04 -125.32 9.07
N ILE C 281 -21.02 -124.55 9.44
CA ILE C 281 -21.15 -123.53 10.48
C ILE C 281 -20.54 -122.24 9.98
N VAL C 282 -21.31 -121.16 10.08
CA VAL C 282 -20.89 -119.81 9.77
C VAL C 282 -20.61 -119.11 11.09
N ILE C 283 -19.49 -118.40 11.17
CA ILE C 283 -19.12 -117.62 12.34
C ILE C 283 -18.67 -116.27 11.83
N VAL C 284 -19.39 -115.23 12.20
CA VAL C 284 -19.22 -113.90 11.64
C VAL C 284 -19.02 -112.94 12.79
N VAL C 285 -17.83 -112.34 12.88
CA VAL C 285 -17.43 -111.55 14.04
C VAL C 285 -17.16 -110.11 13.62
N ASP C 286 -17.92 -109.16 14.15
CA ASP C 286 -17.75 -107.76 13.80
C ASP C 286 -16.64 -107.12 14.64
N GLY C 287 -15.49 -106.94 14.01
CA GLY C 287 -14.37 -106.24 14.63
C GLY C 287 -13.33 -107.11 15.28
N TRP C 288 -12.83 -108.12 14.58
CA TRP C 288 -11.81 -108.96 15.18
C TRP C 288 -10.55 -108.17 15.51
N ASN C 289 -10.43 -106.91 15.10
CA ASN C 289 -9.34 -106.10 15.60
C ASN C 289 -9.51 -105.75 17.07
N LEU C 290 -10.74 -105.80 17.56
CA LEU C 290 -10.99 -105.66 18.99
C LEU C 290 -10.99 -107.01 19.70
N PHE C 291 -10.74 -108.11 18.97
CA PHE C 291 -10.45 -109.41 19.56
C PHE C 291 -8.99 -109.79 19.49
N SER C 292 -8.22 -109.18 18.59
CA SER C 292 -6.82 -109.53 18.40
C SER C 292 -5.90 -108.85 19.38
N HIS C 293 -6.44 -108.19 20.41
CA HIS C 293 -5.61 -107.41 21.33
C HIS C 293 -6.28 -107.38 22.70
N ASP C 294 -5.83 -106.44 23.52
CA ASP C 294 -6.18 -106.47 24.93
C ASP C 294 -7.53 -105.81 25.17
N THR C 295 -8.23 -106.29 26.19
CA THR C 295 -9.53 -105.75 26.52
C THR C 295 -9.37 -104.57 27.46
N HIS C 296 -10.34 -103.65 27.41
CA HIS C 296 -10.34 -102.51 28.31
C HIS C 296 -10.38 -102.92 29.77
N PHE C 297 -10.52 -104.20 30.06
CA PHE C 297 -10.34 -104.66 31.41
C PHE C 297 -8.88 -104.97 31.64
N ARG C 298 -8.42 -104.75 32.86
CA ARG C 298 -7.09 -105.16 33.29
C ARG C 298 -7.24 -106.12 34.45
N TYR C 299 -6.11 -106.62 34.94
CA TYR C 299 -6.16 -107.61 35.99
C TYR C 299 -6.35 -106.94 37.35
N PRO C 300 -7.21 -107.49 38.19
CA PRO C 300 -7.48 -106.86 39.48
C PRO C 300 -6.29 -106.99 40.41
N HIS C 301 -6.18 -106.01 41.30
CA HIS C 301 -4.95 -105.86 42.09
C HIS C 301 -4.72 -107.11 42.92
N PRO C 302 -3.46 -107.52 43.09
CA PRO C 302 -3.15 -108.56 44.07
C PRO C 302 -3.62 -108.24 45.47
N ASP C 303 -3.54 -106.99 45.92
CA ASP C 303 -4.14 -106.61 47.18
C ASP C 303 -5.65 -106.64 47.17
N PHE C 304 -6.26 -107.02 46.06
CA PHE C 304 -7.65 -107.45 46.06
C PHE C 304 -7.78 -108.96 46.16
N LEU C 305 -6.68 -109.69 46.27
CA LEU C 305 -6.68 -111.14 46.33
C LEU C 305 -6.22 -111.65 47.69
N ARG C 306 -6.18 -110.79 48.70
CA ARG C 306 -5.61 -111.20 49.97
C ARG C 306 -6.34 -110.69 51.20
N THR C 307 -7.48 -110.00 51.06
CA THR C 307 -8.38 -109.74 52.18
C THR C 307 -7.63 -108.98 53.28
N LEU C 308 -7.33 -107.72 52.97
CA LEU C 308 -6.55 -106.88 53.89
C LEU C 308 -7.06 -106.98 55.32
N ALA C 309 -6.14 -106.80 56.25
CA ALA C 309 -6.42 -106.86 57.67
C ALA C 309 -6.63 -105.49 58.30
N SER C 310 -5.85 -104.48 57.91
CA SER C 310 -6.03 -103.14 58.43
C SER C 310 -5.38 -102.15 57.48
N LEU C 311 -5.52 -100.85 57.77
CA LEU C 311 -5.13 -99.83 56.80
C LEU C 311 -3.85 -99.09 57.15
N ASN C 312 -3.67 -98.66 58.40
CA ASN C 312 -2.53 -97.82 58.73
C ASN C 312 -1.22 -98.48 58.31
N ASP C 313 -0.94 -99.65 58.85
CA ASP C 313 0.32 -100.34 58.61
C ASP C 313 0.01 -101.69 57.97
N ASP C 314 -0.08 -101.70 56.65
CA ASP C 314 -0.11 -102.94 55.91
C ASP C 314 0.78 -102.90 54.67
N SER C 315 1.41 -101.76 54.38
CA SER C 315 2.07 -101.53 53.10
C SER C 315 1.08 -101.74 51.95
N THR C 316 0.02 -100.93 51.96
CA THR C 316 -1.02 -100.98 50.94
C THR C 316 -1.21 -99.60 50.35
N ASP C 317 -1.10 -99.50 49.01
CA ASP C 317 -1.31 -98.25 48.29
C ASP C 317 -2.35 -98.41 47.18
N ILE C 318 -3.43 -99.13 47.47
CA ILE C 318 -4.57 -99.22 46.56
C ILE C 318 -5.66 -98.25 46.97
N ASP C 319 -5.92 -98.11 48.26
CA ASP C 319 -6.86 -97.11 48.73
C ASP C 319 -6.27 -95.72 48.68
N LEU C 320 -4.95 -95.62 48.61
CA LEU C 320 -4.28 -94.32 48.62
C LEU C 320 -4.08 -93.80 47.21
N TYR C 321 -3.53 -94.63 46.33
CA TYR C 321 -3.24 -94.23 44.97
C TYR C 321 -3.67 -95.33 44.00
N PRO C 322 -4.10 -94.97 42.79
CA PRO C 322 -4.36 -95.98 41.76
C PRO C 322 -3.08 -96.36 41.04
N GLN C 323 -3.12 -97.46 40.30
CA GLN C 323 -2.05 -97.79 39.38
C GLN C 323 -2.57 -98.63 38.22
N GLU C 324 -1.69 -98.89 37.26
CA GLU C 324 -2.04 -99.52 35.99
C GLU C 324 -1.52 -100.95 35.96
N LEU C 325 -2.34 -101.89 36.43
CA LEU C 325 -1.99 -103.29 36.32
C LEU C 325 -2.10 -103.70 34.87
N PRO C 326 -1.31 -104.69 34.44
CA PRO C 326 -1.21 -105.00 33.00
C PRO C 326 -2.55 -105.36 32.39
N ARG C 327 -2.62 -105.23 31.07
CA ARG C 327 -3.90 -105.29 30.37
C ARG C 327 -4.18 -106.69 29.86
N ILE C 328 -5.42 -107.13 30.04
CA ILE C 328 -5.92 -108.45 29.64
C ILE C 328 -5.99 -108.56 28.13
N PRO C 329 -5.21 -109.41 27.47
CA PRO C 329 -5.46 -109.66 26.05
C PRO C 329 -6.78 -110.40 25.87
N ALA C 330 -7.43 -110.15 24.73
CA ALA C 330 -8.75 -110.73 24.51
C ALA C 330 -8.70 -112.25 24.51
N SER C 331 -7.52 -112.83 24.32
CA SER C 331 -7.38 -114.28 24.41
C SER C 331 -7.60 -114.78 25.83
N ARG C 332 -7.78 -113.88 26.79
CA ARG C 332 -8.01 -114.28 28.17
C ARG C 332 -9.48 -114.42 28.51
N LEU C 333 -10.36 -114.31 27.54
CA LEU C 333 -11.78 -114.56 27.76
C LEU C 333 -12.13 -115.92 27.18
N GLY C 334 -13.19 -116.53 27.72
CA GLY C 334 -13.51 -117.88 27.32
C GLY C 334 -14.22 -117.97 25.99
N PHE C 335 -14.95 -116.93 25.62
CA PHE C 335 -15.59 -116.96 24.32
C PHE C 335 -14.58 -116.85 23.21
N VAL C 336 -13.69 -115.85 23.30
CA VAL C 336 -12.52 -115.80 22.43
C VAL C 336 -11.65 -117.02 22.62
N ARG C 337 -11.62 -117.60 23.82
CA ARG C 337 -10.89 -118.85 24.03
C ARG C 337 -11.34 -119.91 23.05
N GLY C 338 -12.64 -120.19 23.02
CA GLY C 338 -13.15 -121.16 22.06
C GLY C 338 -13.06 -120.67 20.64
N LEU C 339 -13.04 -119.35 20.43
CA LEU C 339 -13.00 -118.82 19.07
C LEU C 339 -11.63 -119.00 18.44
N ASN C 340 -10.57 -118.58 19.11
CA ASN C 340 -9.25 -118.99 18.67
C ASN C 340 -9.08 -120.49 18.71
N LYS C 341 -9.77 -121.19 19.61
CA LYS C 341 -9.71 -122.64 19.59
C LYS C 341 -10.28 -123.20 18.30
N MET C 342 -11.25 -122.49 17.70
CA MET C 342 -11.78 -122.88 16.40
C MET C 342 -10.88 -122.47 15.25
N ILE C 343 -10.31 -121.26 15.32
CA ILE C 343 -9.44 -120.78 14.24
C ILE C 343 -8.12 -121.53 14.22
N LEU C 344 -7.35 -121.41 15.30
CA LEU C 344 -6.03 -122.01 15.39
C LEU C 344 -6.07 -123.52 15.27
N SER C 345 -7.07 -124.17 15.85
CA SER C 345 -7.16 -125.62 15.74
C SER C 345 -7.77 -125.99 14.40
N LYS C 346 -6.99 -126.69 13.59
CA LYS C 346 -7.39 -127.05 12.24
C LYS C 346 -8.33 -128.25 12.30
N ASP C 347 -8.50 -128.93 11.17
CA ASP C 347 -9.31 -130.15 11.08
C ASP C 347 -10.78 -129.86 11.38
N GLU C 348 -11.19 -128.62 11.20
CA GLU C 348 -12.59 -128.21 11.31
C GLU C 348 -13.01 -127.49 10.04
N PRO C 349 -12.87 -128.12 8.87
CA PRO C 349 -13.12 -127.39 7.63
C PRO C 349 -14.62 -127.27 7.37
N ASN C 350 -15.36 -126.97 8.42
CA ASN C 350 -16.80 -126.90 8.36
C ASN C 350 -17.20 -125.51 8.83
N LYS C 351 -16.29 -124.87 9.55
CA LYS C 351 -16.52 -123.58 10.16
C LYS C 351 -15.87 -122.50 9.30
N PHE C 352 -16.57 -121.39 9.11
CA PHE C 352 -16.04 -120.30 8.30
C PHE C 352 -16.12 -118.96 9.02
N PHE C 353 -14.96 -118.36 9.25
CA PHE C 353 -14.80 -117.16 10.09
C PHE C 353 -14.81 -115.91 9.22
N PHE C 354 -15.97 -115.32 9.04
CA PHE C 354 -16.08 -114.04 8.38
C PHE C 354 -16.09 -113.00 9.50
N THR C 355 -14.91 -112.51 9.84
CA THR C 355 -14.76 -111.43 10.80
C THR C 355 -14.43 -110.13 10.08
N CYS C 356 -14.36 -109.06 10.85
CA CYS C 356 -14.36 -107.70 10.31
C CYS C 356 -13.29 -106.85 10.98
N THR C 357 -13.22 -105.57 10.65
CA THR C 357 -12.35 -104.64 11.37
C THR C 357 -13.10 -103.36 11.69
N THR C 358 -13.45 -103.15 12.95
CA THR C 358 -14.08 -101.90 13.36
C THR C 358 -13.01 -100.87 13.67
N ARG C 359 -13.33 -99.61 13.36
CA ARG C 359 -12.52 -98.44 13.70
C ARG C 359 -13.34 -97.39 14.43
N ASP C 360 -13.98 -97.80 15.53
CA ASP C 360 -14.88 -97.01 16.36
C ASP C 360 -14.16 -96.43 17.57
N PHE C 361 -12.94 -95.93 17.41
CA PHE C 361 -12.29 -95.27 18.53
C PHE C 361 -12.32 -93.75 18.35
N LYS C 362 -12.06 -93.04 19.46
CA LYS C 362 -11.98 -91.59 19.43
C LYS C 362 -10.75 -91.16 18.64
N PRO C 363 -10.72 -89.92 18.15
CA PRO C 363 -9.58 -89.48 17.32
C PRO C 363 -8.45 -88.92 18.17
N PHE C 364 -7.28 -88.82 17.54
CA PHE C 364 -6.11 -88.24 18.22
C PHE C 364 -5.13 -87.72 17.18
N ASP C 365 -4.93 -86.40 17.13
CA ASP C 365 -4.22 -85.76 16.03
C ASP C 365 -3.19 -84.75 16.54
N GLY C 366 -2.29 -85.22 17.40
CA GLY C 366 -1.20 -84.43 17.93
C GLY C 366 -1.52 -83.91 19.31
N ILE C 367 -2.72 -83.37 19.47
CA ILE C 367 -3.21 -82.86 20.75
C ILE C 367 -4.55 -83.50 21.02
N SER C 368 -5.10 -83.18 22.18
CA SER C 368 -6.50 -83.43 22.48
C SER C 368 -6.80 -82.63 23.74
N GLY C 369 -7.85 -81.82 23.70
CA GLY C 369 -8.22 -81.04 24.85
C GLY C 369 -9.06 -81.86 25.78
N PHE C 370 -10.23 -81.34 26.13
CA PHE C 370 -11.25 -82.09 26.81
C PHE C 370 -12.50 -82.08 25.96
N PRO C 371 -12.80 -83.16 25.24
CA PRO C 371 -13.88 -83.14 24.25
C PRO C 371 -15.16 -82.57 24.85
N ASP C 372 -15.84 -81.73 24.08
CA ASP C 372 -17.04 -81.08 24.56
C ASP C 372 -18.15 -82.11 24.71
N VAL C 373 -18.67 -82.23 25.94
CA VAL C 373 -19.63 -83.28 26.25
C VAL C 373 -20.77 -83.29 25.25
N GLU C 374 -21.50 -82.19 25.15
CA GLU C 374 -22.69 -82.17 24.31
C GLU C 374 -22.32 -82.38 22.85
N THR C 375 -21.16 -81.87 22.43
CA THR C 375 -20.71 -82.03 21.05
C THR C 375 -19.56 -83.04 20.97
N ASP C 376 -19.94 -84.32 20.85
CA ASP C 376 -18.98 -85.42 20.74
C ASP C 376 -19.67 -86.55 19.99
N ARG C 377 -19.31 -86.75 18.73
CA ARG C 377 -19.91 -87.82 17.96
C ARG C 377 -19.20 -89.15 18.17
N PHE C 378 -18.25 -89.22 19.09
CA PHE C 378 -17.48 -90.44 19.35
C PHE C 378 -17.42 -90.75 20.85
N THR C 379 -18.44 -90.34 21.60
CA THR C 379 -18.48 -90.67 23.02
C THR C 379 -18.56 -92.18 23.23
N ASN C 380 -19.44 -92.84 22.47
CA ASN C 380 -19.54 -94.29 22.49
C ASN C 380 -18.49 -94.94 21.62
N SER C 381 -17.50 -94.19 21.17
CA SER C 381 -16.30 -94.80 20.66
C SER C 381 -15.45 -95.27 21.84
N LEU C 382 -14.56 -96.21 21.55
CA LEU C 382 -13.74 -96.80 22.60
C LEU C 382 -12.42 -96.04 22.70
N ASP C 383 -12.05 -95.68 23.92
CA ASP C 383 -10.85 -94.90 24.17
C ASP C 383 -9.64 -95.77 23.88
N GLU C 384 -9.44 -96.12 22.62
CA GLU C 384 -8.41 -97.08 22.25
C GLU C 384 -7.25 -96.43 21.51
N TYR C 385 -7.53 -95.69 20.44
CA TYR C 385 -6.50 -94.99 19.67
C TYR C 385 -5.52 -95.96 19.03
N ALA C 386 -5.59 -97.23 19.39
CA ALA C 386 -4.40 -98.02 19.09
C ALA C 386 -4.36 -98.43 17.63
N PRO C 387 -3.18 -98.68 17.07
CA PRO C 387 -3.10 -99.09 15.66
C PRO C 387 -3.71 -100.47 15.42
N TYR C 388 -3.53 -100.92 14.17
CA TYR C 388 -3.91 -102.27 13.74
C TYR C 388 -3.28 -102.55 12.38
N ASP C 389 -3.11 -103.82 12.05
CA ASP C 389 -2.64 -104.23 10.73
C ASP C 389 -3.39 -105.49 10.34
N ALA C 390 -4.14 -105.42 9.24
CA ALA C 390 -4.95 -106.55 8.81
C ALA C 390 -4.12 -107.82 8.63
N GLU C 391 -2.89 -107.69 8.18
CA GLU C 391 -2.08 -108.88 7.90
C GLU C 391 -1.41 -109.38 9.16
N LYS C 392 -0.66 -108.52 9.85
CA LYS C 392 0.11 -108.93 11.01
C LYS C 392 -0.75 -109.23 12.22
N ASP C 393 -2.05 -108.93 12.17
CA ASP C 393 -2.91 -109.08 13.32
C ASP C 393 -4.09 -110.02 13.10
N SER C 394 -3.99 -110.95 12.15
CA SER C 394 -5.11 -111.85 11.93
C SER C 394 -4.64 -113.09 11.18
N LEU C 395 -5.30 -114.22 11.46
CA LEU C 395 -5.19 -115.42 10.65
C LEU C 395 -6.12 -115.40 9.45
N PHE C 396 -7.04 -114.43 9.41
CA PHE C 396 -8.07 -114.33 8.39
C PHE C 396 -7.51 -113.75 7.10
N HIS C 397 -8.28 -113.89 6.03
CA HIS C 397 -7.87 -113.30 4.77
C HIS C 397 -8.56 -111.94 4.60
N PRO C 398 -7.83 -110.87 4.26
CA PRO C 398 -8.45 -109.55 4.20
C PRO C 398 -9.28 -109.37 2.93
N ILE C 399 -10.54 -109.04 3.10
CA ILE C 399 -11.41 -108.63 2.01
C ILE C 399 -11.55 -107.12 2.09
N GLN C 400 -11.07 -106.43 1.06
CA GLN C 400 -10.92 -104.98 1.09
C GLN C 400 -12.22 -104.34 0.64
N LEU C 401 -13.00 -103.82 1.59
CA LEU C 401 -14.18 -103.03 1.26
C LEU C 401 -13.78 -101.57 1.38
N GLY C 402 -13.19 -101.05 0.30
CA GLY C 402 -12.85 -99.64 0.20
C GLY C 402 -14.10 -98.79 0.17
N ASN C 403 -13.88 -97.48 0.01
CA ASN C 403 -14.98 -96.54 0.03
C ASN C 403 -15.90 -96.76 -1.16
N PHE C 404 -17.10 -96.19 -1.10
CA PHE C 404 -17.97 -96.19 -2.26
C PHE C 404 -17.30 -95.57 -3.46
N ASP C 405 -17.47 -96.16 -4.64
CA ASP C 405 -17.38 -95.38 -5.85
C ASP C 405 -18.52 -94.37 -5.85
N GLU C 406 -18.42 -93.34 -6.69
CA GLU C 406 -19.60 -92.53 -6.89
C GLU C 406 -20.77 -93.36 -7.40
N TYR C 407 -20.52 -94.56 -7.95
CA TYR C 407 -21.53 -95.53 -8.36
C TYR C 407 -22.44 -95.97 -7.22
N GLU C 408 -21.86 -96.68 -6.26
CA GLU C 408 -22.64 -97.16 -5.13
C GLU C 408 -23.12 -95.99 -4.28
N PHE C 409 -22.30 -94.95 -4.16
CA PHE C 409 -22.76 -93.71 -3.57
C PHE C 409 -24.06 -93.24 -4.21
N ARG C 410 -24.11 -93.20 -5.54
CA ARG C 410 -25.27 -92.65 -6.24
C ARG C 410 -26.49 -93.53 -6.07
N ALA C 411 -26.32 -94.85 -6.21
CA ALA C 411 -27.47 -95.75 -6.04
C ALA C 411 -28.01 -95.73 -4.63
N PHE C 412 -27.14 -95.96 -3.65
CA PHE C 412 -27.50 -95.89 -2.24
C PHE C 412 -28.16 -94.55 -1.90
N THR C 413 -27.64 -93.45 -2.44
CA THR C 413 -28.17 -92.14 -2.11
C THR C 413 -29.49 -91.86 -2.80
N ARG C 414 -29.67 -92.33 -4.02
CA ARG C 414 -31.00 -92.20 -4.62
C ARG C 414 -32.01 -92.89 -3.74
N PHE C 415 -31.67 -94.10 -3.28
CA PHE C 415 -32.52 -94.80 -2.34
C PHE C 415 -32.82 -93.93 -1.12
N LEU C 416 -31.79 -93.43 -0.45
CA LEU C 416 -32.01 -92.55 0.69
C LEU C 416 -32.95 -91.41 0.32
N VAL C 417 -32.50 -90.54 -0.59
CA VAL C 417 -33.15 -89.26 -0.83
C VAL C 417 -34.54 -89.41 -1.41
N ASN C 418 -34.90 -90.58 -1.93
CA ASN C 418 -36.22 -90.67 -2.51
C ASN C 418 -37.16 -91.58 -1.71
N SER C 419 -36.63 -92.59 -1.01
CA SER C 419 -37.49 -93.38 -0.14
C SER C 419 -37.75 -92.71 1.20
N GLY C 420 -36.82 -91.87 1.67
CA GLY C 420 -37.15 -90.98 2.77
C GLY C 420 -38.28 -90.05 2.40
N GLU C 421 -38.49 -89.83 1.10
CA GLU C 421 -39.70 -89.15 0.65
C GLU C 421 -40.88 -90.11 0.64
N LEU C 422 -40.73 -91.26 -0.01
CA LEU C 422 -41.85 -92.15 -0.24
C LEU C 422 -42.40 -92.71 1.08
N ALA C 423 -41.64 -92.58 2.17
CA ALA C 423 -42.13 -92.74 3.53
C ALA C 423 -42.27 -91.41 4.25
N GLY C 424 -41.92 -90.32 3.58
CA GLY C 424 -42.05 -88.99 4.15
C GLY C 424 -41.01 -88.62 5.18
N LEU C 425 -39.98 -89.44 5.37
CA LEU C 425 -39.05 -89.23 6.47
C LEU C 425 -38.17 -88.01 6.26
N GLY C 426 -38.28 -87.38 5.10
CA GLY C 426 -37.39 -86.29 4.75
C GLY C 426 -38.12 -85.01 4.42
N TRP C 427 -37.95 -84.52 3.19
CA TRP C 427 -38.34 -83.16 2.86
C TRP C 427 -39.84 -83.02 2.64
N GLY C 428 -40.43 -83.94 1.86
CA GLY C 428 -41.85 -83.93 1.63
C GLY C 428 -42.37 -82.62 1.06
N PRO C 429 -43.51 -82.13 1.58
CA PRO C 429 -44.16 -80.95 0.99
C PRO C 429 -43.33 -79.68 1.07
N LEU C 430 -42.11 -79.76 1.59
CA LEU C 430 -41.15 -78.67 1.56
C LEU C 430 -40.07 -78.91 0.52
N TRP C 431 -40.39 -79.68 -0.52
CA TRP C 431 -39.37 -80.14 -1.45
C TRP C 431 -38.84 -79.02 -2.34
N HIS C 432 -39.53 -77.89 -2.43
CA HIS C 432 -39.08 -76.80 -3.28
C HIS C 432 -38.02 -75.94 -2.60
N PHE C 433 -37.31 -76.49 -1.62
CA PHE C 433 -36.30 -75.74 -0.89
C PHE C 433 -34.93 -76.39 -0.92
N SER C 434 -34.87 -77.71 -0.76
CA SER C 434 -33.62 -78.43 -0.94
C SER C 434 -33.50 -78.91 -2.38
N SER C 435 -32.28 -78.87 -2.88
CA SER C 435 -32.00 -78.94 -4.30
C SER C 435 -32.44 -80.27 -4.89
N ASP C 436 -32.24 -80.38 -6.21
CA ASP C 436 -32.56 -81.58 -6.95
C ASP C 436 -31.62 -82.71 -6.54
N PHE C 437 -31.78 -83.86 -7.19
CA PHE C 437 -30.87 -84.97 -6.90
C PHE C 437 -29.46 -84.69 -7.40
N GLU C 438 -29.31 -84.17 -8.61
CA GLU C 438 -27.98 -84.03 -9.19
C GLU C 438 -27.16 -82.92 -8.53
N ARG C 439 -27.74 -82.14 -7.62
CA ARG C 439 -26.98 -81.18 -6.83
C ARG C 439 -26.95 -81.55 -5.36
N LYS C 440 -28.03 -82.10 -4.82
CA LYS C 440 -27.98 -82.69 -3.49
C LYS C 440 -26.90 -83.77 -3.42
N LEU C 441 -26.82 -84.59 -4.46
CA LEU C 441 -25.77 -85.61 -4.52
C LEU C 441 -24.39 -84.98 -4.71
N TYR C 442 -24.30 -83.93 -5.49
CA TYR C 442 -23.01 -83.25 -5.59
C TYR C 442 -22.55 -82.75 -4.23
N LYS C 443 -23.45 -82.16 -3.45
CA LYS C 443 -23.19 -81.71 -2.10
C LYS C 443 -22.86 -82.84 -1.13
N ILE C 444 -23.61 -83.94 -1.18
CA ILE C 444 -23.34 -85.07 -0.33
C ILE C 444 -21.98 -85.66 -0.63
N GLY C 445 -21.68 -85.89 -1.92
CA GLY C 445 -20.42 -86.49 -2.31
C GLY C 445 -19.22 -85.60 -2.10
N PHE C 446 -19.41 -84.28 -2.14
CA PHE C 446 -18.36 -83.38 -1.69
C PHE C 446 -18.13 -83.53 -0.20
N LEU C 447 -19.15 -83.29 0.60
CA LEU C 447 -19.02 -83.28 2.05
C LEU C 447 -18.63 -84.63 2.64
N SER C 448 -18.74 -85.71 1.87
CA SER C 448 -18.29 -87.01 2.34
C SER C 448 -16.97 -87.46 1.72
N ASN C 449 -16.59 -86.90 0.58
CA ASN C 449 -15.51 -87.44 -0.28
C ASN C 449 -15.83 -88.88 -0.68
N ARG C 450 -17.08 -89.10 -1.11
CA ARG C 450 -17.61 -90.41 -1.44
C ARG C 450 -17.53 -91.36 -0.26
N ASN C 451 -17.38 -90.81 0.94
CA ASN C 451 -17.27 -91.79 1.99
C ASN C 451 -18.66 -92.28 2.37
N PRO C 452 -18.80 -93.60 2.54
CA PRO C 452 -20.08 -94.13 3.00
C PRO C 452 -20.66 -93.47 4.24
N GLN C 453 -19.90 -93.30 5.33
CA GLN C 453 -20.49 -92.67 6.50
C GLN C 453 -20.74 -91.20 6.28
N GLY C 454 -19.78 -90.49 5.68
CA GLY C 454 -20.02 -89.11 5.33
C GLY C 454 -21.30 -88.95 4.54
N VAL C 455 -21.63 -89.92 3.70
CA VAL C 455 -22.85 -89.86 2.90
C VAL C 455 -24.06 -90.07 3.80
N ILE C 456 -24.00 -91.05 4.68
CA ILE C 456 -25.17 -91.33 5.51
C ILE C 456 -25.45 -90.16 6.45
N ASP C 457 -24.45 -89.34 6.72
CA ASP C 457 -24.65 -88.27 7.69
C ASP C 457 -24.79 -86.92 7.02
N HIS C 458 -24.38 -86.79 5.76
CA HIS C 458 -24.62 -85.59 4.98
C HIS C 458 -25.84 -85.70 4.08
N TYR C 459 -26.49 -86.85 4.06
CA TYR C 459 -27.91 -86.94 3.74
C TYR C 459 -28.76 -86.49 4.92
N HIS C 460 -28.19 -86.41 6.12
CA HIS C 460 -28.91 -85.93 7.28
C HIS C 460 -28.63 -84.47 7.58
N GLN C 461 -27.36 -84.07 7.59
CA GLN C 461 -27.01 -82.67 7.78
C GLN C 461 -27.50 -81.79 6.65
N GLU C 462 -28.24 -82.38 5.70
CA GLU C 462 -28.84 -81.65 4.58
C GLU C 462 -29.76 -80.54 5.07
N LEU C 463 -30.27 -80.69 6.30
CA LEU C 463 -31.13 -79.68 6.90
C LEU C 463 -30.52 -78.30 6.87
N VAL C 464 -29.22 -78.19 7.16
CA VAL C 464 -28.58 -76.91 7.45
C VAL C 464 -27.76 -76.42 6.26
N TRP C 465 -27.94 -77.02 5.10
CA TRP C 465 -27.20 -76.57 3.93
C TRP C 465 -27.64 -75.14 3.60
N ARG C 466 -26.86 -74.16 4.06
CA ARG C 466 -27.25 -72.76 4.04
C ARG C 466 -26.66 -71.98 2.89
N TYR C 467 -26.27 -72.63 1.80
CA TYR C 467 -25.73 -71.96 0.62
C TYR C 467 -26.28 -72.53 -0.68
N GLU C 468 -27.59 -72.79 -0.77
CA GLU C 468 -28.17 -73.39 -1.95
C GLU C 468 -29.10 -72.39 -2.66
N TYR C 469 -28.90 -72.24 -3.97
CA TYR C 469 -29.64 -71.26 -4.77
C TYR C 469 -30.40 -71.91 -5.92
N GLN C 470 -30.42 -73.23 -6.03
CA GLN C 470 -31.16 -73.80 -7.14
C GLN C 470 -32.63 -73.40 -7.10
N ARG C 471 -33.22 -73.44 -5.91
CA ARG C 471 -34.64 -73.17 -5.79
C ARG C 471 -34.99 -71.70 -5.92
N THR C 472 -34.14 -70.80 -5.43
CA THR C 472 -34.44 -69.39 -5.62
C THR C 472 -34.19 -68.96 -7.06
N ARG C 473 -33.18 -69.52 -7.73
CA ARG C 473 -33.03 -69.26 -9.15
C ARG C 473 -34.16 -69.85 -9.98
N GLN C 474 -34.70 -71.01 -9.59
CA GLN C 474 -35.86 -71.55 -10.30
C GLN C 474 -37.14 -70.76 -9.98
N LYS C 475 -37.32 -70.34 -8.72
CA LYS C 475 -38.44 -69.48 -8.40
C LYS C 475 -38.36 -68.17 -9.14
N GLN C 476 -37.18 -67.62 -9.31
CA GLN C 476 -37.05 -66.44 -10.14
C GLN C 476 -37.38 -66.75 -11.59
N TYR C 477 -37.01 -67.93 -12.08
CA TYR C 477 -37.39 -68.26 -13.46
C TYR C 477 -38.90 -68.37 -13.60
N LEU C 478 -39.58 -68.90 -12.59
CA LEU C 478 -41.03 -69.04 -12.69
C LEU C 478 -41.72 -67.69 -12.52
N LEU C 479 -41.34 -66.91 -11.51
CA LEU C 479 -41.88 -65.57 -11.35
C LEU C 479 -41.23 -64.58 -12.30
N HIS C 480 -40.49 -65.08 -13.30
CA HIS C 480 -40.06 -64.20 -14.38
C HIS C 480 -40.70 -64.59 -15.71
N ARG C 481 -40.89 -65.88 -15.97
CA ARG C 481 -41.50 -66.36 -17.20
C ARG C 481 -43.01 -66.46 -17.11
N ASN C 482 -43.55 -66.92 -15.98
CA ASN C 482 -44.99 -67.06 -15.85
C ASN C 482 -45.69 -65.72 -15.94
N MET C 483 -44.93 -64.63 -16.04
CA MET C 483 -45.44 -63.41 -16.64
C MET C 483 -45.64 -63.57 -18.15
N GLU C 484 -44.56 -63.84 -18.89
CA GLU C 484 -44.65 -64.01 -20.35
C GLU C 484 -45.23 -65.37 -20.72
N LEU D 31 -5.11 -42.46 52.62
CA LEU D 31 -6.41 -42.57 52.00
C LEU D 31 -7.30 -41.43 52.45
N LYS D 32 -8.41 -41.80 53.11
CA LYS D 32 -9.37 -40.81 53.60
C LYS D 32 -9.06 -40.41 55.03
N MET D 33 -9.11 -41.37 55.95
CA MET D 33 -8.79 -41.16 57.36
C MET D 33 -7.45 -41.83 57.61
N ALA D 34 -6.40 -41.02 57.72
CA ALA D 34 -5.05 -41.57 57.71
C ALA D 34 -4.75 -42.33 59.01
N LYS D 35 -5.02 -43.64 58.98
CA LYS D 35 -4.67 -44.51 60.10
C LYS D 35 -3.20 -44.48 60.41
N SER D 36 -2.37 -44.38 59.37
CA SER D 36 -0.93 -44.26 59.52
C SER D 36 -0.51 -42.96 58.88
N ALA D 37 0.79 -42.69 58.90
CA ALA D 37 1.29 -41.54 58.17
C ALA D 37 1.34 -41.81 56.67
N PHE D 38 1.16 -43.06 56.27
CA PHE D 38 1.11 -43.41 54.86
C PHE D 38 -0.28 -43.27 54.26
N GLY D 39 -1.33 -43.20 55.09
CA GLY D 39 -2.59 -42.69 54.60
C GLY D 39 -2.46 -41.27 54.08
N PHE D 40 -1.51 -40.50 54.62
CA PHE D 40 -1.13 -39.20 54.10
C PHE D 40 -0.51 -39.26 52.72
N TYR D 41 -0.15 -40.44 52.24
CA TYR D 41 0.72 -40.57 51.09
C TYR D 41 0.18 -41.44 49.98
N LEU D 42 -0.77 -42.31 50.27
CA LEU D 42 -1.23 -43.27 49.29
C LEU D 42 -2.73 -43.12 49.02
N ALA D 43 -3.08 -43.04 47.74
CA ALA D 43 -4.44 -42.93 47.29
C ALA D 43 -5.14 -44.26 47.45
N ARG D 44 -6.43 -44.31 47.12
CA ARG D 44 -7.16 -45.56 47.25
C ARG D 44 -7.34 -46.30 45.93
N ARG D 45 -7.77 -45.60 44.88
CA ARG D 45 -8.07 -46.17 43.56
C ARG D 45 -9.34 -47.03 43.61
N GLY D 46 -10.32 -46.61 44.41
CA GLY D 46 -11.56 -47.36 44.48
C GLY D 46 -11.34 -48.80 44.88
N GLN D 47 -12.26 -49.65 44.47
CA GLN D 47 -12.14 -51.09 44.71
C GLN D 47 -11.23 -51.71 43.65
N ARG D 48 -10.01 -51.17 43.61
CA ARG D 48 -9.06 -51.51 42.57
C ARG D 48 -8.76 -53.00 42.59
N LYS D 49 -8.98 -53.65 41.44
CA LYS D 49 -8.71 -55.06 41.28
C LYS D 49 -7.21 -55.27 41.11
N PHE D 50 -6.67 -56.24 41.83
CA PHE D 50 -5.25 -56.45 41.95
C PHE D 50 -4.82 -57.76 41.34
N PRO D 51 -3.56 -57.85 40.89
CA PRO D 51 -3.04 -59.15 40.44
C PRO D 51 -3.00 -60.12 41.60
N PHE D 52 -3.24 -61.37 41.27
CA PHE D 52 -3.26 -62.43 42.27
C PHE D 52 -1.94 -62.45 43.03
N LEU D 53 -1.98 -61.99 44.28
CA LEU D 53 -0.86 -62.11 45.23
C LEU D 53 0.21 -61.05 45.02
N ARG D 54 -0.18 -59.81 44.69
CA ARG D 54 0.79 -58.73 44.52
C ARG D 54 0.23 -57.49 45.19
N ARG D 55 0.62 -57.31 46.44
CA ARG D 55 -0.02 -56.29 47.22
C ARG D 55 1.01 -55.46 47.95
N PRO D 56 0.98 -54.13 47.78
CA PRO D 56 1.96 -53.28 48.45
C PRO D 56 1.79 -53.26 49.95
N HIS D 57 0.66 -53.70 50.47
CA HIS D 57 0.40 -53.75 51.90
C HIS D 57 -0.11 -55.14 52.27
N ILE D 58 0.70 -55.89 52.99
CA ILE D 58 0.36 -57.26 53.33
C ILE D 58 -0.55 -57.23 54.54
N LYS D 59 -1.85 -57.13 54.31
CA LYS D 59 -2.84 -56.99 55.37
C LYS D 59 -3.42 -58.38 55.60
N ASN D 60 -2.70 -59.20 56.36
CA ASN D 60 -3.08 -60.61 56.52
C ASN D 60 -4.38 -60.68 57.30
N THR D 61 -5.47 -60.39 56.60
CA THR D 61 -6.77 -60.32 57.24
C THR D 61 -7.41 -61.69 57.37
N HIS D 62 -6.68 -62.75 57.04
CA HIS D 62 -7.23 -64.09 57.10
C HIS D 62 -6.55 -64.98 58.15
N ALA D 63 -5.67 -64.42 58.99
CA ALA D 63 -4.71 -65.25 59.71
C ALA D 63 -5.39 -66.26 60.62
N MET D 64 -6.20 -65.80 61.56
CA MET D 64 -6.80 -66.68 62.55
C MET D 64 -7.94 -67.47 61.90
N ASN D 65 -7.54 -68.33 60.96
CA ASN D 65 -8.48 -69.16 60.21
C ASN D 65 -8.25 -70.62 60.60
N LEU D 66 -9.16 -71.16 61.40
CA LEU D 66 -9.08 -72.57 61.77
C LEU D 66 -9.36 -73.41 60.54
N SER D 67 -8.40 -74.22 60.16
CA SER D 67 -8.52 -75.05 58.95
C SER D 67 -8.20 -76.46 59.39
N ALA D 68 -9.24 -77.19 59.84
CA ALA D 68 -9.07 -78.30 60.76
C ALA D 68 -8.05 -79.32 60.26
N PRO D 69 -8.26 -80.01 59.13
CA PRO D 69 -7.24 -80.98 58.71
C PRO D 69 -6.02 -80.31 58.13
N TYR D 70 -6.07 -78.99 57.92
CA TYR D 70 -4.98 -78.25 57.31
C TYR D 70 -4.26 -77.37 58.31
N PHE D 71 -4.17 -77.80 59.56
CA PHE D 71 -3.66 -76.95 60.63
C PHE D 71 -2.18 -76.66 60.46
N TRP D 72 -1.34 -77.67 60.26
CA TRP D 72 0.08 -77.44 60.00
C TRP D 72 0.34 -77.07 58.55
N SER D 73 -0.69 -76.62 57.82
CA SER D 73 -0.49 -76.18 56.44
C SER D 73 -1.01 -74.79 56.16
N PHE D 74 -2.21 -74.43 56.62
CA PHE D 74 -2.82 -73.15 56.28
C PHE D 74 -2.15 -72.03 57.07
N MET D 75 -1.59 -71.05 56.34
CA MET D 75 -0.87 -69.91 56.93
C MET D 75 0.34 -70.40 57.73
N THR D 76 0.96 -71.47 57.26
CA THR D 76 2.13 -72.04 57.93
C THR D 76 3.24 -72.29 56.90
N ALA D 77 4.41 -72.72 57.37
CA ALA D 77 5.48 -73.08 56.45
C ALA D 77 5.07 -74.32 55.67
N LYS D 78 5.70 -74.52 54.51
CA LYS D 78 5.18 -75.48 53.56
C LYS D 78 5.66 -76.90 53.83
N SER D 79 6.95 -77.17 53.72
CA SER D 79 7.46 -78.50 53.97
C SER D 79 7.60 -78.65 55.48
N GLN D 80 7.06 -79.73 56.02
CA GLN D 80 7.10 -79.89 57.47
C GLN D 80 8.51 -79.88 58.02
N THR D 81 9.50 -80.30 57.26
CA THR D 81 10.83 -80.46 57.80
C THR D 81 11.68 -79.21 57.65
N TYR D 82 11.09 -78.03 57.85
CA TYR D 82 11.84 -76.81 57.63
C TYR D 82 12.51 -76.35 58.91
N PHE D 83 13.59 -75.59 58.75
CA PHE D 83 14.19 -74.88 59.86
C PHE D 83 13.29 -73.75 60.30
N LEU D 84 13.58 -73.18 61.46
CA LEU D 84 12.70 -72.15 61.98
C LEU D 84 12.88 -70.84 61.22
N PRO D 85 11.89 -69.95 61.31
CA PRO D 85 12.09 -68.57 60.85
C PRO D 85 12.97 -67.79 61.83
N GLU D 86 13.11 -66.49 61.55
CA GLU D 86 14.24 -65.77 62.13
C GLU D 86 13.86 -64.68 63.12
N GLU D 87 12.61 -64.62 63.58
CA GLU D 87 12.43 -64.05 64.91
C GLU D 87 12.57 -65.13 65.97
N ASN D 88 13.30 -66.21 65.67
CA ASN D 88 13.49 -67.33 66.58
C ASN D 88 14.92 -67.52 67.03
N TYR D 89 15.85 -66.70 66.57
CA TYR D 89 17.23 -66.79 67.04
C TYR D 89 17.86 -65.42 67.10
N ILE D 90 18.48 -65.11 68.23
CA ILE D 90 19.21 -63.86 68.38
C ILE D 90 20.43 -63.96 67.47
N THR D 91 20.38 -63.25 66.36
CA THR D 91 21.44 -63.42 65.37
C THR D 91 22.74 -62.74 65.82
N GLY D 92 22.65 -61.72 66.66
CA GLY D 92 23.84 -61.02 67.08
C GLY D 92 23.88 -60.75 68.56
N ASP D 93 24.64 -59.72 68.97
CA ASP D 93 24.72 -59.34 70.37
C ASP D 93 23.77 -58.17 70.63
N TRP D 94 22.51 -58.49 70.80
CA TRP D 94 21.47 -57.50 70.99
C TRP D 94 21.51 -56.94 72.41
N THR D 95 21.08 -55.68 72.55
CA THR D 95 20.68 -55.19 73.86
C THR D 95 19.31 -55.71 74.27
N GLY D 96 18.55 -56.20 73.32
CA GLY D 96 17.21 -56.67 73.57
C GLY D 96 16.25 -56.20 72.50
N LYS D 97 15.00 -56.59 72.63
CA LYS D 97 13.94 -56.19 71.73
C LYS D 97 12.70 -55.83 72.54
N PHE D 98 11.78 -55.10 71.91
CA PHE D 98 10.53 -54.75 72.58
C PHE D 98 9.41 -55.73 72.31
N PHE D 99 9.48 -56.46 71.20
CA PHE D 99 8.41 -57.38 70.83
C PHE D 99 8.86 -58.27 69.69
N VAL D 100 8.34 -59.50 69.71
CA VAL D 100 8.63 -60.45 68.67
C VAL D 100 7.64 -60.25 67.53
N SER D 101 7.92 -60.87 66.40
CA SER D 101 6.94 -60.86 65.33
C SER D 101 6.01 -62.07 65.49
N LYS D 102 4.98 -62.09 64.65
CA LYS D 102 4.15 -63.27 64.54
C LYS D 102 4.83 -64.36 63.74
N LEU D 103 5.93 -64.02 63.06
CA LEU D 103 6.69 -64.91 62.17
C LEU D 103 7.58 -65.87 62.94
N GLN D 104 7.72 -65.68 64.24
CA GLN D 104 8.41 -66.64 65.08
C GLN D 104 7.41 -67.67 65.58
N VAL D 105 7.70 -68.95 65.32
CA VAL D 105 6.77 -70.01 65.65
C VAL D 105 6.59 -70.07 67.16
N TYR D 106 5.49 -70.69 67.59
CA TYR D 106 5.26 -70.98 69.00
C TYR D 106 5.78 -72.38 69.31
N THR D 107 6.67 -72.47 70.29
CA THR D 107 7.28 -73.75 70.64
C THR D 107 7.29 -73.98 72.15
N LEU D 108 7.95 -75.05 72.59
CA LEU D 108 7.94 -75.44 74.01
C LEU D 108 8.43 -74.32 74.90
N GLN D 109 9.39 -73.56 74.44
CA GLN D 109 9.89 -72.41 75.17
C GLN D 109 8.88 -71.28 75.25
N HIS D 110 7.81 -71.34 74.44
CA HIS D 110 6.82 -70.28 74.49
C HIS D 110 5.72 -70.58 75.50
N ALA D 111 5.57 -71.84 75.90
CA ALA D 111 4.66 -72.16 76.99
C ALA D 111 5.40 -72.32 78.31
N THR D 112 6.39 -73.22 78.38
CA THR D 112 7.05 -73.51 79.64
C THR D 112 7.84 -72.33 80.17
N SER D 113 8.63 -71.66 79.33
CA SER D 113 9.43 -70.55 79.83
C SER D 113 8.57 -69.42 80.37
N GLY D 114 7.29 -69.41 80.00
CA GLY D 114 6.36 -68.42 80.52
C GLY D 114 6.82 -67.00 80.40
N SER D 115 7.65 -66.69 79.41
CA SER D 115 8.23 -65.37 79.30
C SER D 115 7.31 -64.43 78.53
N THR D 116 7.82 -63.22 78.30
CA THR D 116 7.08 -62.19 77.59
C THR D 116 7.41 -62.25 76.10
N VAL D 117 6.39 -62.55 75.31
CA VAL D 117 6.50 -62.57 73.85
C VAL D 117 5.40 -61.67 73.31
N ARG D 118 5.79 -60.58 72.66
CA ARG D 118 4.88 -59.53 72.28
C ARG D 118 4.80 -59.44 70.76
N VAL D 119 3.60 -59.19 70.26
CA VAL D 119 3.31 -59.04 68.83
C VAL D 119 2.81 -57.63 68.61
N LYS D 120 3.34 -56.94 67.61
CA LYS D 120 2.84 -55.61 67.31
C LYS D 120 1.50 -55.73 66.61
N SER D 121 0.45 -55.88 67.40
CA SER D 121 -0.91 -55.88 66.85
C SER D 121 -1.59 -54.55 67.15
N PHE D 122 -2.72 -54.32 66.53
CA PHE D 122 -3.42 -53.09 66.85
C PHE D 122 -3.88 -53.12 68.32
N PRO D 123 -3.71 -52.02 69.05
CA PRO D 123 -3.05 -50.80 68.59
C PRO D 123 -1.56 -50.70 68.87
N SER D 124 -1.09 -51.21 70.00
CA SER D 124 0.30 -51.04 70.39
C SER D 124 1.05 -52.36 70.44
N VAL D 125 0.57 -53.34 71.22
CA VAL D 125 1.24 -54.62 71.32
C VAL D 125 0.30 -55.60 72.02
N PHE D 126 0.60 -56.89 71.87
CA PHE D 126 -0.25 -57.97 72.37
C PHE D 126 0.68 -59.04 72.94
N GLU D 127 0.59 -59.26 74.25
CA GLU D 127 1.48 -60.15 74.97
C GLU D 127 0.84 -61.53 75.06
N LEU D 128 1.59 -62.57 74.69
CA LEU D 128 1.06 -63.91 74.82
C LEU D 128 1.32 -64.43 76.23
N SER D 129 0.53 -63.95 77.20
CA SER D 129 0.76 -64.25 78.60
C SER D 129 -0.14 -65.34 79.16
N SER D 130 -1.01 -65.94 78.35
CA SER D 130 -1.81 -67.07 78.81
C SER D 130 -1.42 -68.30 78.02
N PRO D 131 -0.18 -68.79 78.15
CA PRO D 131 0.34 -69.75 77.15
C PRO D 131 -0.37 -71.08 77.25
N SER D 132 -0.44 -71.77 76.12
CA SER D 132 -1.00 -73.11 76.04
C SER D 132 -0.17 -73.92 75.05
N ARG D 133 -0.46 -75.22 74.99
CA ARG D 133 0.32 -76.14 74.19
C ARG D 133 -0.19 -76.32 72.77
N TRP D 134 -1.47 -76.08 72.53
CA TRP D 134 -1.99 -76.18 71.17
C TRP D 134 -1.30 -75.21 70.24
N ASN D 135 -0.88 -74.07 70.77
CA ASN D 135 -0.16 -73.10 69.97
C ASN D 135 1.16 -73.66 69.44
N ILE D 136 1.73 -74.67 70.10
CA ILE D 136 3.06 -75.15 69.75
C ILE D 136 3.04 -75.68 68.32
N GLY D 137 3.95 -75.15 67.49
CA GLY D 137 4.13 -75.59 66.14
C GLY D 137 3.87 -74.54 65.07
N LYS D 138 2.86 -73.71 65.23
CA LYS D 138 2.50 -72.72 64.23
C LYS D 138 3.22 -71.42 64.50
N GLU D 139 3.09 -70.48 63.57
CA GLU D 139 3.43 -69.11 63.88
C GLU D 139 2.33 -68.50 64.77
N LEU D 140 2.61 -67.31 65.28
CA LEU D 140 1.59 -66.63 66.07
C LEU D 140 0.57 -65.88 65.21
N ASN D 141 0.65 -65.99 63.89
CA ASN D 141 -0.35 -65.34 63.06
C ASN D 141 -1.71 -65.98 63.26
N THR D 142 -1.74 -67.30 63.38
CA THR D 142 -3.01 -67.99 63.58
C THR D 142 -3.56 -67.72 64.99
N LEU D 143 -2.86 -66.90 65.78
CA LEU D 143 -3.18 -66.66 67.17
C LEU D 143 -3.42 -65.19 67.48
N THR D 144 -2.83 -64.28 66.70
CA THR D 144 -3.05 -62.84 66.85
C THR D 144 -4.15 -62.43 65.88
N LYS D 145 -5.30 -62.06 66.43
CA LYS D 145 -6.45 -61.71 65.60
C LYS D 145 -6.14 -60.46 64.80
N PRO D 146 -6.15 -60.52 63.48
CA PRO D 146 -5.92 -59.30 62.69
C PRO D 146 -7.04 -58.28 62.81
N ARG D 147 -8.28 -58.69 62.53
CA ARG D 147 -9.42 -57.78 62.52
C ARG D 147 -10.33 -58.12 63.69
N MET D 148 -10.44 -57.20 64.64
CA MET D 148 -11.13 -57.52 65.89
C MET D 148 -12.64 -57.40 65.75
N ASP D 149 -13.36 -58.26 66.49
CA ASP D 149 -14.81 -58.19 66.53
C ASP D 149 -15.29 -57.05 67.43
N LEU D 150 -14.50 -56.68 68.44
CA LEU D 150 -14.77 -55.49 69.22
C LEU D 150 -14.04 -54.30 68.61
N ILE D 151 -14.78 -53.24 68.29
CA ILE D 151 -14.22 -52.03 67.71
C ILE D 151 -14.51 -50.87 68.65
N ASP D 152 -13.50 -50.05 68.90
CA ASP D 152 -13.68 -48.90 69.75
C ASP D 152 -14.18 -47.72 68.94
N GLU D 153 -15.39 -47.28 69.23
CA GLU D 153 -15.92 -46.05 68.68
C GLU D 153 -15.10 -44.84 69.09
N GLN D 154 -14.09 -45.04 69.93
CA GLN D 154 -13.16 -44.02 70.37
C GLN D 154 -12.15 -43.64 69.28
N MET D 155 -12.03 -44.46 68.26
CA MET D 155 -11.26 -44.13 67.07
C MET D 155 -12.13 -43.85 65.87
N LEU D 156 -13.35 -44.36 65.86
CA LEU D 156 -14.26 -44.16 64.76
C LEU D 156 -14.70 -42.70 64.70
N THR D 157 -15.20 -42.28 63.54
CA THR D 157 -15.74 -40.95 63.42
C THR D 157 -17.23 -40.94 63.79
N LYS D 158 -17.76 -39.72 63.94
CA LYS D 158 -19.21 -39.55 64.02
C LYS D 158 -19.92 -40.09 62.80
N LYS D 159 -19.16 -40.37 61.73
CA LYS D 159 -19.71 -40.98 60.53
C LYS D 159 -19.46 -42.49 60.52
N GLN D 160 -18.25 -42.91 60.90
CA GLN D 160 -17.93 -44.33 60.88
C GLN D 160 -18.82 -45.12 61.82
N ARG D 161 -19.26 -44.52 62.93
CA ARG D 161 -20.09 -45.27 63.87
C ARG D 161 -21.44 -45.62 63.25
N LEU D 162 -22.11 -44.63 62.67
CA LEU D 162 -23.33 -44.92 61.91
C LEU D 162 -23.05 -45.91 60.80
N ASP D 163 -21.87 -45.84 60.18
CA ASP D 163 -21.56 -46.77 59.10
C ASP D 163 -21.45 -48.20 59.61
N TYR D 164 -20.83 -48.40 60.77
CA TYR D 164 -20.70 -49.75 61.30
C TYR D 164 -22.03 -50.26 61.83
N VAL D 165 -22.91 -49.36 62.29
CA VAL D 165 -24.29 -49.74 62.48
C VAL D 165 -24.89 -50.21 61.16
N LYS D 166 -24.60 -49.51 60.07
CA LYS D 166 -25.14 -49.85 58.78
C LYS D 166 -24.74 -51.25 58.38
N ALA D 167 -23.47 -51.57 58.49
CA ALA D 167 -22.99 -52.91 58.12
C ALA D 167 -23.24 -53.94 59.21
N GLY D 168 -23.75 -53.54 60.38
CA GLY D 168 -24.14 -54.52 61.37
C GLY D 168 -23.11 -54.80 62.44
N LEU D 169 -22.19 -53.89 62.68
CA LEU D 169 -21.17 -54.14 63.69
C LEU D 169 -21.53 -53.56 65.05
N LEU D 170 -21.92 -52.29 65.11
CA LEU D 170 -22.31 -51.70 66.38
C LEU D 170 -23.79 -51.40 66.35
N PRO D 171 -24.52 -51.71 67.43
CA PRO D 171 -25.96 -51.43 67.44
C PRO D 171 -26.25 -49.96 67.69
N LYS D 172 -27.48 -49.58 67.38
CA LYS D 172 -27.95 -48.20 67.53
C LYS D 172 -29.46 -48.10 67.30
N MET E 10 17.80 -31.89 56.58
CA MET E 10 17.04 -32.37 57.71
C MET E 10 16.43 -31.19 58.43
N ARG E 11 15.31 -31.44 59.11
CA ARG E 11 14.57 -30.40 59.82
C ARG E 11 14.17 -29.26 58.89
N HIS E 12 14.22 -29.51 57.58
CA HIS E 12 13.77 -28.56 56.58
C HIS E 12 14.55 -27.24 56.68
N ILE E 13 15.87 -27.34 56.48
CA ILE E 13 16.77 -26.19 56.52
C ILE E 13 17.70 -26.32 55.32
N GLY E 14 17.42 -25.57 54.25
CA GLY E 14 18.30 -25.61 53.10
C GLY E 14 18.04 -26.77 52.17
N GLN E 15 16.79 -27.24 52.11
CA GLN E 15 16.44 -28.33 51.22
C GLN E 15 16.81 -27.97 49.78
N ASP E 16 17.56 -28.86 49.15
CA ASP E 16 18.02 -28.67 47.78
C ASP E 16 17.09 -29.30 46.76
N VAL E 17 16.25 -30.24 47.19
CA VAL E 17 15.32 -30.90 46.28
C VAL E 17 13.90 -30.56 46.69
N PRO E 18 12.93 -30.55 45.77
CA PRO E 18 11.56 -30.22 46.15
C PRO E 18 10.82 -31.36 46.82
N LYS E 19 11.26 -32.59 46.65
CA LYS E 19 10.59 -33.73 47.26
C LYS E 19 11.49 -34.33 48.32
N ARG E 20 11.15 -34.14 49.59
CA ARG E 20 11.96 -34.73 50.65
C ARG E 20 11.99 -36.24 50.52
N HIS E 21 10.95 -36.83 49.94
CA HIS E 21 10.92 -38.27 49.73
C HIS E 21 11.86 -38.74 48.64
N THR E 22 12.46 -37.83 47.86
CA THR E 22 13.37 -38.29 46.82
C THR E 22 14.67 -38.85 47.37
N HIS E 23 14.88 -38.83 48.69
CA HIS E 23 15.94 -39.65 49.27
C HIS E 23 15.58 -41.13 49.23
N PHE E 24 14.30 -41.46 49.12
CA PHE E 24 13.95 -42.87 49.08
C PHE E 24 14.42 -43.54 47.82
N VAL E 25 14.72 -42.80 46.75
CA VAL E 25 15.20 -43.46 45.54
C VAL E 25 16.63 -43.95 45.74
N LEU E 26 17.50 -43.12 46.33
CA LEU E 26 18.81 -43.64 46.71
C LEU E 26 18.68 -44.77 47.72
N GLU E 27 17.79 -44.59 48.71
CA GLU E 27 17.53 -45.65 49.67
C GLU E 27 17.21 -46.97 48.97
N SER E 28 16.37 -46.92 47.94
CA SER E 28 15.97 -48.10 47.20
C SER E 28 17.11 -48.67 46.37
N ARG E 29 17.89 -47.80 45.70
CA ARG E 29 18.99 -48.29 44.86
C ARG E 29 20.06 -48.96 45.69
N LEU E 30 20.29 -48.50 46.93
CA LEU E 30 21.20 -49.20 47.82
C LEU E 30 20.57 -50.44 48.45
N MET E 31 19.25 -50.44 48.65
CA MET E 31 18.54 -51.69 48.85
C MET E 31 18.86 -52.70 47.75
N TYR E 32 18.75 -52.28 46.51
CA TYR E 32 19.09 -53.14 45.40
C TYR E 32 20.55 -53.56 45.45
N GLU E 33 21.45 -52.68 45.84
CA GLU E 33 22.84 -53.07 45.92
C GLU E 33 23.05 -54.15 46.95
N LYS E 34 22.55 -53.94 48.16
CA LYS E 34 22.66 -54.97 49.20
C LYS E 34 21.99 -56.27 48.76
N SER E 35 20.90 -56.19 48.01
CA SER E 35 20.31 -57.40 47.45
C SER E 35 21.27 -58.11 46.49
N PHE E 36 21.95 -57.37 45.61
CA PHE E 36 22.94 -58.03 44.75
C PHE E 36 24.10 -58.57 45.55
N ARG E 37 24.41 -57.93 46.69
CA ARG E 37 25.59 -58.33 47.44
C ARG E 37 25.34 -59.61 48.21
N ASP E 38 24.16 -59.74 48.80
CA ASP E 38 23.81 -60.91 49.59
C ASP E 38 23.08 -61.96 48.77
N SER E 39 22.88 -61.70 47.47
CA SER E 39 22.04 -62.58 46.66
C SER E 39 22.65 -63.96 46.51
N TRP E 40 23.86 -64.04 45.98
CA TRP E 40 24.49 -65.33 45.80
C TRP E 40 24.60 -66.08 47.12
N LEU E 41 25.03 -65.40 48.18
CA LEU E 41 25.16 -66.07 49.47
C LEU E 41 23.81 -66.60 49.92
N HIS E 42 22.76 -65.82 49.79
CA HIS E 42 21.45 -66.26 50.27
C HIS E 42 20.92 -67.42 49.46
N SER E 43 21.12 -67.39 48.15
CA SER E 43 20.63 -68.46 47.30
C SER E 43 21.35 -69.77 47.58
N VAL E 44 22.68 -69.73 47.72
CA VAL E 44 23.37 -70.97 48.05
C VAL E 44 23.00 -71.44 49.45
N CYS E 45 22.83 -70.51 50.40
CA CYS E 45 22.38 -70.90 51.72
C CYS E 45 21.04 -71.62 51.67
N ARG E 46 20.07 -71.05 50.98
CA ARG E 46 18.78 -71.71 50.85
C ARG E 46 18.90 -73.07 50.20
N ALA E 47 19.66 -73.17 49.11
CA ALA E 47 19.84 -74.45 48.46
C ALA E 47 20.34 -75.50 49.44
N VAL E 48 21.43 -75.21 50.15
CA VAL E 48 22.06 -76.24 50.97
C VAL E 48 21.22 -76.56 52.19
N SER E 49 20.60 -75.55 52.79
CA SER E 49 19.74 -75.81 53.94
C SER E 49 18.51 -76.63 53.57
N GLN E 50 18.02 -76.51 52.33
CA GLN E 50 16.82 -77.23 51.94
C GLN E 50 17.10 -78.60 51.36
N ILE E 51 18.28 -78.85 50.82
CA ILE E 51 18.55 -80.07 50.07
C ILE E 51 18.25 -81.28 50.94
N ASP E 52 17.34 -82.14 50.48
CA ASP E 52 17.02 -83.36 51.21
C ASP E 52 17.71 -84.60 50.65
N GLU E 53 17.56 -84.89 49.37
CA GLU E 53 18.29 -85.99 48.76
C GLU E 53 19.80 -85.77 48.91
N PRO E 54 20.55 -86.82 49.25
CA PRO E 54 21.96 -86.64 49.61
C PRO E 54 22.70 -85.77 48.60
N LEU E 55 23.41 -84.77 49.14
CA LEU E 55 24.22 -83.89 48.30
C LEU E 55 25.08 -84.68 47.33
N SER E 56 26.02 -85.46 47.84
CA SER E 56 27.00 -86.09 46.97
C SER E 56 27.47 -87.37 47.64
N LYS E 57 28.39 -88.07 46.99
CA LYS E 57 28.98 -89.23 47.62
C LYS E 57 30.08 -88.83 48.60
N THR E 58 30.31 -87.53 48.75
CA THR E 58 31.37 -87.08 49.65
C THR E 58 30.80 -86.53 50.95
N ILE E 59 29.68 -85.84 50.88
CA ILE E 59 28.98 -85.35 52.07
C ILE E 59 27.59 -85.99 52.07
N SER E 60 27.31 -86.75 53.12
CA SER E 60 26.06 -87.50 53.18
C SER E 60 25.73 -87.82 54.63
N GLY E 61 24.43 -87.77 54.93
CA GLY E 61 23.91 -88.30 56.17
C GLY E 61 24.14 -87.47 57.41
N THR E 62 24.89 -88.03 58.37
CA THR E 62 25.16 -87.33 59.62
C THR E 62 25.87 -86.01 59.39
N ARG E 63 26.98 -86.06 58.64
CA ARG E 63 27.65 -84.85 58.20
C ARG E 63 26.69 -83.91 57.49
N GLN E 64 25.75 -84.45 56.70
CA GLN E 64 24.75 -83.63 56.03
C GLN E 64 23.88 -82.88 57.03
N LYS E 65 23.41 -83.54 58.08
CA LYS E 65 22.55 -82.87 59.06
C LYS E 65 23.31 -81.79 59.81
N MET E 66 24.52 -82.10 60.27
CA MET E 66 25.30 -81.09 60.99
C MET E 66 25.72 -79.95 60.09
N LEU E 67 26.08 -80.24 58.85
CA LEU E 67 26.43 -79.20 57.90
C LEU E 67 25.22 -78.35 57.54
N GLN E 68 24.09 -78.97 57.25
CA GLN E 68 22.87 -78.24 56.97
C GLN E 68 22.54 -77.28 58.11
N ARG E 69 22.56 -77.79 59.33
CA ARG E 69 22.22 -76.93 60.44
C ARG E 69 23.26 -75.84 60.66
N LYS E 70 24.54 -76.11 60.36
CA LYS E 70 25.53 -75.05 60.50
C LYS E 70 25.34 -73.96 59.47
N VAL E 71 25.08 -74.32 58.22
CA VAL E 71 24.88 -73.30 57.19
C VAL E 71 23.57 -72.57 57.41
N THR E 72 22.59 -73.21 58.06
CA THR E 72 21.40 -72.48 58.46
C THR E 72 21.70 -71.50 59.59
N CYS E 73 22.50 -71.92 60.57
CA CYS E 73 23.00 -70.99 61.57
C CYS E 73 23.74 -69.84 60.93
N PHE E 74 24.44 -70.10 59.85
CA PHE E 74 25.20 -69.05 59.19
C PHE E 74 24.29 -68.12 58.40
N GLN E 75 23.30 -68.68 57.69
CA GLN E 75 22.32 -67.86 57.02
C GLN E 75 21.58 -66.98 58.01
N TYR E 76 21.41 -67.46 59.24
CA TYR E 76 20.77 -66.64 60.26
C TYR E 76 21.72 -65.60 60.82
N ASN E 77 22.99 -65.95 61.05
CA ASN E 77 24.03 -65.03 61.49
C ASN E 77 24.40 -64.00 60.43
N GLN E 78 23.98 -64.22 59.19
CA GLN E 78 24.28 -63.29 58.10
C GLN E 78 23.47 -62.03 58.33
N TYR E 79 23.90 -61.23 59.29
CA TYR E 79 23.20 -59.98 59.52
C TYR E 79 23.50 -59.02 58.37
N GLY E 80 22.52 -58.21 58.03
CA GLY E 80 22.56 -57.44 56.80
C GLY E 80 22.04 -58.17 55.59
N LEU E 81 21.63 -59.43 55.75
CA LEU E 81 21.15 -60.21 54.62
C LEU E 81 19.86 -59.62 54.09
N PHE E 82 19.71 -59.62 52.77
CA PHE E 82 18.50 -59.12 52.12
C PHE E 82 17.71 -60.28 51.56
N LYS E 83 16.73 -60.75 52.35
CA LYS E 83 15.86 -61.85 51.97
C LYS E 83 14.43 -61.41 51.68
N VAL E 84 14.19 -60.11 51.55
CA VAL E 84 12.88 -59.63 51.13
C VAL E 84 12.74 -59.82 49.63
N PRO E 85 11.67 -60.45 49.16
CA PRO E 85 11.57 -60.79 47.73
C PRO E 85 11.52 -59.56 46.85
N TYR E 86 12.09 -59.71 45.66
CA TYR E 86 12.24 -58.60 44.74
C TYR E 86 10.92 -58.00 44.31
N TYR E 87 9.83 -58.75 44.41
CA TYR E 87 8.52 -58.18 44.14
C TYR E 87 7.99 -57.40 45.34
N ARG E 88 8.70 -57.41 46.47
CA ARG E 88 8.23 -56.76 47.68
C ARG E 88 8.97 -55.50 48.01
N LEU E 89 10.04 -55.18 47.30
CA LEU E 89 10.74 -53.92 47.50
C LEU E 89 9.87 -52.77 47.01
N ALA E 90 10.13 -51.57 47.52
CA ALA E 90 9.50 -50.37 46.98
C ALA E 90 9.86 -50.21 45.51
N ASN E 91 8.97 -49.59 44.74
CA ASN E 91 9.24 -49.27 43.35
C ASN E 91 8.64 -47.90 43.04
N VAL E 92 9.51 -46.88 42.99
CA VAL E 92 9.10 -45.48 42.99
C VAL E 92 9.68 -44.79 41.77
N ASP E 93 8.99 -43.76 41.29
CA ASP E 93 9.51 -42.99 40.17
C ASP E 93 10.64 -42.09 40.64
N ARG E 94 11.70 -42.05 39.85
CA ARG E 94 12.82 -41.20 40.19
C ARG E 94 12.47 -39.72 40.17
N TYR E 95 11.57 -39.29 39.29
CA TYR E 95 11.38 -37.87 38.98
C TYR E 95 10.52 -37.16 40.02
N HIS E 96 9.27 -37.55 40.17
CA HIS E 96 8.38 -36.90 41.11
C HIS E 96 8.06 -37.78 42.31
N ALA E 97 8.87 -38.80 42.57
CA ALA E 97 8.78 -39.61 43.78
C ALA E 97 7.44 -40.32 43.91
N VAL E 98 6.78 -40.59 42.80
CA VAL E 98 5.52 -41.32 42.81
C VAL E 98 5.85 -42.80 42.90
N GLN E 99 5.10 -43.52 43.72
CA GLN E 99 5.28 -44.97 43.80
C GLN E 99 4.32 -45.63 42.84
N GLY E 100 4.75 -46.74 42.28
CA GLY E 100 3.90 -47.51 41.40
C GLY E 100 3.95 -48.97 41.77
N VAL E 101 2.78 -49.57 41.91
CA VAL E 101 2.67 -51.00 42.17
C VAL E 101 2.98 -51.75 40.87
N PRO E 102 4.10 -52.48 40.79
CA PRO E 102 4.38 -53.26 39.59
C PRO E 102 3.27 -54.25 39.29
N GLY E 103 3.07 -54.50 38.00
CA GLY E 103 2.02 -55.39 37.55
C GLY E 103 0.74 -54.72 37.13
N THR E 104 0.54 -53.44 37.43
CA THR E 104 -0.68 -52.73 37.10
C THR E 104 -0.30 -51.49 36.30
N ARG E 105 -1.27 -50.95 35.57
CA ARG E 105 -1.03 -49.92 34.58
C ARG E 105 -0.18 -48.76 35.08
N GLU E 106 -0.09 -48.55 36.39
CA GLU E 106 0.61 -47.37 36.87
C GLU E 106 2.09 -47.59 36.99
N TRP E 107 2.66 -48.50 36.22
CA TRP E 107 4.07 -48.78 36.33
C TRP E 107 4.65 -48.99 34.95
N VAL E 108 5.39 -48.01 34.45
CA VAL E 108 6.09 -48.21 33.18
C VAL E 108 7.33 -49.05 33.49
N PRO E 109 7.46 -50.21 32.91
CA PRO E 109 8.54 -51.10 33.33
C PRO E 109 9.88 -50.67 32.78
N TYR E 110 9.91 -50.32 31.50
CA TYR E 110 11.16 -50.10 30.80
C TYR E 110 11.79 -48.77 31.18
N ALA E 111 10.99 -47.83 31.65
CA ALA E 111 11.55 -46.57 32.12
C ALA E 111 11.53 -46.42 33.63
N ASN E 112 11.00 -47.41 34.35
CA ASN E 112 10.94 -47.38 35.80
C ASN E 112 10.24 -46.11 36.29
N VAL E 113 9.06 -45.84 35.74
CA VAL E 113 8.24 -44.72 36.16
C VAL E 113 6.80 -45.17 36.33
N SER E 114 5.99 -44.28 36.88
CA SER E 114 4.61 -44.59 37.22
C SER E 114 3.68 -43.95 36.20
N TYR E 115 2.42 -44.37 36.22
CA TYR E 115 1.42 -43.77 35.34
C TYR E 115 1.53 -42.26 35.35
N TRP E 116 1.76 -41.67 36.51
CA TRP E 116 1.68 -40.22 36.66
C TRP E 116 2.85 -39.52 36.01
N THR E 117 4.05 -39.71 36.54
CA THR E 117 5.19 -39.01 35.97
C THR E 117 5.40 -39.40 34.53
N MET E 118 5.10 -40.64 34.16
CA MET E 118 5.36 -41.05 32.78
C MET E 118 4.34 -40.46 31.83
N ASN E 119 3.09 -40.36 32.28
CA ASN E 119 2.08 -39.63 31.53
C ASN E 119 2.51 -38.20 31.31
N LYS E 120 3.02 -37.55 32.35
CA LYS E 120 3.56 -36.21 32.18
C LYS E 120 4.69 -36.21 31.17
N MET E 121 5.55 -37.21 31.20
CA MET E 121 6.72 -37.22 30.33
C MET E 121 6.42 -37.61 28.90
N VAL E 122 5.23 -38.17 28.61
CA VAL E 122 4.83 -38.38 27.23
C VAL E 122 3.97 -37.23 26.70
N ARG E 123 3.10 -36.64 27.51
CA ARG E 123 2.31 -35.51 27.02
C ARG E 123 3.15 -34.24 26.99
N SER E 124 4.28 -34.23 27.66
CA SER E 124 5.35 -33.33 27.29
C SER E 124 6.45 -34.15 26.62
N GLY E 125 7.39 -33.47 25.99
CA GLY E 125 8.42 -34.22 25.30
C GLY E 125 9.58 -34.54 26.21
N ASN E 126 9.49 -35.66 26.92
CA ASN E 126 10.58 -36.03 27.80
C ASN E 126 10.98 -37.47 27.54
N LEU E 127 10.03 -38.31 27.11
CA LEU E 127 10.36 -39.61 26.58
C LEU E 127 10.09 -39.62 25.08
N LEU E 128 10.78 -40.51 24.36
CA LEU E 128 10.46 -40.73 22.96
C LEU E 128 9.70 -42.05 22.88
N VAL E 129 8.38 -41.95 22.73
CA VAL E 129 7.51 -43.09 22.51
C VAL E 129 6.74 -42.84 21.22
N HIS E 130 6.07 -43.89 20.73
CA HIS E 130 5.23 -43.82 19.55
C HIS E 130 3.79 -44.14 19.93
N ARG E 131 2.91 -43.16 19.81
CA ARG E 131 1.51 -43.38 20.14
C ARG E 131 0.92 -44.40 19.19
N VAL E 132 0.28 -45.42 19.75
CA VAL E 132 -0.42 -46.40 18.97
C VAL E 132 -1.85 -46.46 19.49
N HIS E 133 -2.73 -47.17 18.77
CA HIS E 133 -4.14 -47.15 19.08
C HIS E 133 -4.42 -47.72 20.46
N TYR E 134 -5.39 -47.12 21.14
CA TYR E 134 -5.64 -47.43 22.54
C TYR E 134 -6.37 -48.74 22.76
N THR E 135 -7.21 -49.18 21.83
CA THR E 135 -7.95 -50.41 22.06
C THR E 135 -7.27 -51.65 21.51
N GLY E 136 -6.45 -51.52 20.47
CA GLY E 136 -5.87 -52.68 19.80
C GLY E 136 -4.86 -53.41 20.65
N TRP E 137 -3.92 -54.07 19.97
CA TRP E 137 -2.86 -54.82 20.64
C TRP E 137 -1.50 -54.18 20.48
N GLY E 138 -1.20 -53.63 19.32
CA GLY E 138 0.09 -52.97 19.11
C GLY E 138 0.73 -53.30 17.78
N THR E 139 2.00 -52.97 17.66
CA THR E 139 2.77 -53.22 16.45
C THR E 139 3.57 -54.51 16.54
N ASP E 140 3.94 -54.92 17.75
CA ASP E 140 4.75 -56.12 17.92
C ASP E 140 3.92 -57.34 17.56
N PRO E 141 4.36 -58.15 16.59
CA PRO E 141 3.59 -59.35 16.23
C PRO E 141 3.43 -60.30 17.38
N HIS E 142 4.39 -60.34 18.30
CA HIS E 142 4.23 -61.15 19.50
C HIS E 142 3.10 -60.64 20.37
N LEU E 143 3.10 -59.35 20.71
CA LEU E 143 2.07 -58.80 21.58
C LEU E 143 0.71 -58.87 20.91
N LYS E 144 0.68 -58.94 19.58
CA LYS E 144 -0.58 -59.18 18.89
C LYS E 144 -0.96 -60.65 18.94
N LYS E 145 0.02 -61.54 18.90
CA LYS E 145 -0.27 -62.96 18.73
C LYS E 145 -0.91 -63.55 19.98
N GLY E 146 -0.19 -63.52 21.10
CA GLY E 146 -0.64 -64.27 22.26
C GLY E 146 -0.82 -63.52 23.55
N GLY E 147 -1.16 -62.24 23.48
CA GLY E 147 -1.38 -61.53 24.70
C GLY E 147 -0.08 -61.11 25.36
N TRP E 148 -0.06 -61.21 26.69
CA TRP E 148 1.09 -60.74 27.44
C TRP E 148 1.99 -61.87 27.91
N GLU E 149 1.41 -62.97 28.37
CA GLU E 149 2.25 -64.12 28.68
C GLU E 149 3.01 -64.59 27.46
N HIS E 150 2.49 -64.35 26.26
CA HIS E 150 3.23 -64.75 25.08
C HIS E 150 4.47 -63.90 24.89
N ARG E 151 4.37 -62.59 25.11
CA ARG E 151 5.60 -61.80 24.99
C ARG E 151 6.55 -62.09 26.15
N TRP E 152 6.02 -62.39 27.33
CA TRP E 152 6.87 -62.89 28.40
C TRP E 152 7.66 -64.12 27.96
N ASN E 153 6.96 -65.11 27.39
CA ASN E 153 7.59 -66.32 26.86
C ASN E 153 8.63 -65.99 25.81
N LYS E 154 8.31 -65.09 24.90
CA LYS E 154 9.26 -64.77 23.85
C LYS E 154 10.47 -64.07 24.42
N VAL E 155 10.32 -63.32 25.51
CA VAL E 155 11.46 -62.60 26.06
C VAL E 155 12.38 -63.55 26.80
N MET E 156 11.82 -64.41 27.64
CA MET E 156 12.63 -65.43 28.29
C MET E 156 13.24 -66.38 27.28
N GLN E 157 12.53 -66.68 26.20
CA GLN E 157 13.07 -67.60 25.21
C GLN E 157 14.36 -67.07 24.61
N ARG E 158 14.44 -65.76 24.39
CA ARG E 158 15.64 -65.17 23.84
C ARG E 158 16.71 -64.88 24.88
N ASN E 159 16.33 -64.45 26.08
CA ASN E 159 17.34 -64.09 27.06
C ASN E 159 17.94 -65.32 27.74
N ALA E 160 17.19 -66.42 27.81
CA ALA E 160 17.67 -67.66 28.39
C ALA E 160 17.61 -68.86 27.45
N LEU E 161 16.44 -69.16 26.91
CA LEU E 161 16.18 -70.49 26.36
C LEU E 161 16.87 -70.76 25.04
N GLN E 162 17.32 -69.75 24.32
CA GLN E 162 17.87 -70.00 23.00
C GLN E 162 19.28 -70.55 23.04
N TYR E 163 20.06 -70.22 24.07
CA TYR E 163 21.40 -70.75 24.19
C TYR E 163 21.32 -72.24 24.48
N SER E 164 21.94 -73.05 23.63
CA SER E 164 22.15 -74.46 23.94
C SER E 164 23.26 -74.49 24.98
N ARG E 165 22.87 -74.28 26.25
CA ARG E 165 23.85 -73.98 27.29
C ARG E 165 24.82 -75.13 27.45
N ILE E 166 26.10 -74.78 27.46
CA ILE E 166 27.17 -75.76 27.61
C ILE E 166 27.05 -76.50 28.93
N TYR F 9 25.84 -18.37 27.47
CA TYR F 9 25.64 -19.38 28.50
C TYR F 9 25.32 -20.69 27.84
N TYR F 10 24.81 -21.65 28.61
CA TYR F 10 24.22 -22.82 27.97
C TYR F 10 22.82 -22.50 27.47
N TRP F 11 22.40 -21.27 27.65
CA TRP F 11 21.14 -20.75 27.13
C TRP F 11 21.34 -19.88 25.90
N SER F 12 22.54 -19.87 25.31
CA SER F 12 22.86 -19.03 24.17
C SER F 12 22.91 -19.78 22.86
N ARG F 13 22.99 -21.10 22.88
CA ARG F 13 22.65 -21.88 21.71
C ARG F 13 21.22 -21.64 21.31
N TYR F 14 20.40 -21.19 22.25
CA TYR F 14 18.98 -21.00 22.06
C TYR F 14 18.68 -19.61 21.53
N ARG F 15 19.59 -19.07 20.73
CA ARG F 15 19.47 -17.84 19.97
C ARG F 15 19.29 -18.14 18.47
N MET F 16 19.28 -17.06 17.68
CA MET F 16 18.35 -16.91 16.58
C MET F 16 18.88 -15.93 15.53
N PRO F 17 18.86 -16.26 14.22
CA PRO F 17 19.37 -15.32 13.20
C PRO F 17 18.41 -14.43 12.38
N THR F 18 17.07 -14.53 12.45
CA THR F 18 16.15 -13.59 11.79
C THR F 18 15.75 -12.38 12.63
N GLN F 19 14.67 -11.74 12.14
CA GLN F 19 13.65 -11.14 13.00
C GLN F 19 12.37 -11.97 12.92
N MET F 20 11.52 -11.87 13.95
CA MET F 20 10.46 -12.85 14.17
C MET F 20 9.36 -12.72 13.11
N PRO F 21 8.38 -13.61 13.11
CA PRO F 21 7.14 -13.30 12.40
C PRO F 21 6.35 -12.28 13.19
N LYS F 22 5.87 -11.25 12.51
CA LYS F 22 5.10 -10.23 13.19
C LYS F 22 3.60 -10.49 13.04
N PHE F 23 2.91 -10.50 14.17
CA PHE F 23 1.47 -10.79 14.23
C PHE F 23 0.65 -9.65 13.63
N ASP F 24 0.91 -9.29 12.37
CA ASP F 24 0.32 -8.12 11.74
C ASP F 24 -0.80 -8.47 10.76
N GLY F 25 -1.45 -9.61 10.92
CA GLY F 25 -2.45 -10.02 9.97
C GLY F 25 -3.82 -10.22 10.57
N PRO F 26 -4.82 -10.40 9.70
CA PRO F 26 -6.13 -10.84 10.17
C PRO F 26 -6.26 -12.33 10.00
N ALA F 27 -7.34 -12.93 10.47
CA ALA F 27 -7.47 -14.38 10.39
C ALA F 27 -7.60 -14.82 8.95
N PRO F 28 -6.93 -15.89 8.53
CA PRO F 28 -6.96 -16.30 7.13
C PRO F 28 -8.37 -16.69 6.73
N ILE F 29 -8.61 -17.00 5.46
CA ILE F 29 -9.98 -17.20 5.04
C ILE F 29 -10.55 -18.45 5.70
N ALA F 30 -11.73 -18.30 6.30
CA ALA F 30 -12.50 -19.39 6.89
C ALA F 30 -11.83 -19.95 8.13
N ALA F 31 -10.83 -19.27 8.67
CA ALA F 31 -10.30 -19.66 9.96
C ALA F 31 -11.43 -19.64 11.00
N PRO F 32 -11.35 -20.47 12.02
CA PRO F 32 -12.52 -20.73 12.85
C PRO F 32 -12.81 -19.68 13.92
N GLN F 33 -12.32 -18.44 13.75
CA GLN F 33 -12.47 -17.38 14.73
C GLN F 33 -13.79 -17.48 15.48
N ASN F 34 -13.73 -17.48 16.80
CA ASN F 34 -14.85 -17.92 17.59
C ASN F 34 -15.97 -16.90 17.58
N MET F 35 -17.04 -17.21 16.87
CA MET F 35 -18.29 -16.51 17.07
C MET F 35 -18.97 -17.14 18.28
N ASN F 36 -20.23 -16.85 18.51
CA ASN F 36 -20.83 -17.27 19.77
C ASN F 36 -20.85 -18.77 19.95
N SER F 37 -21.63 -19.48 19.14
CA SER F 37 -21.79 -20.91 19.37
C SER F 37 -21.31 -21.68 18.16
N THR F 38 -20.08 -21.41 17.73
CA THR F 38 -19.43 -22.27 16.76
C THR F 38 -18.57 -23.28 17.49
N LYS F 39 -18.96 -24.55 17.43
CA LYS F 39 -18.07 -25.59 17.92
C LYS F 39 -16.83 -25.58 17.04
N THR F 40 -15.70 -25.25 17.66
CA THR F 40 -14.49 -24.90 16.95
C THR F 40 -13.49 -26.04 17.02
N ASN F 41 -13.03 -26.50 15.86
CA ASN F 41 -11.89 -27.38 15.78
C ASN F 41 -10.79 -26.59 15.10
N GLU F 42 -9.76 -26.26 15.86
CA GLU F 42 -8.72 -25.38 15.35
C GLU F 42 -7.90 -26.03 14.26
N PHE F 43 -7.90 -27.37 14.18
CA PHE F 43 -6.94 -28.12 13.40
C PHE F 43 -7.32 -28.29 11.95
N ILE F 44 -8.51 -28.80 11.69
CA ILE F 44 -8.94 -29.15 10.35
C ILE F 44 -8.80 -27.95 9.43
N ASP F 45 -8.21 -28.16 8.26
CA ASP F 45 -8.17 -27.15 7.23
C ASP F 45 -9.59 -26.71 6.92
N PRO F 46 -9.91 -25.41 6.97
CA PRO F 46 -11.30 -24.99 6.79
C PRO F 46 -11.82 -25.19 5.39
N ILE F 47 -10.96 -25.16 4.40
CA ILE F 47 -11.37 -25.33 3.02
C ILE F 47 -11.18 -26.76 2.58
N ASP F 48 -9.93 -27.22 2.59
CA ASP F 48 -9.55 -28.48 1.97
C ASP F 48 -10.27 -29.67 2.57
N ASP F 49 -10.88 -29.52 3.73
CA ASP F 49 -11.70 -30.60 4.26
C ASP F 49 -13.11 -30.58 3.70
N LYS F 50 -13.81 -29.45 3.78
CA LYS F 50 -15.18 -29.41 3.32
C LYS F 50 -15.28 -29.52 1.81
N PHE F 51 -14.18 -29.32 1.12
CA PHE F 51 -14.12 -29.64 -0.29
C PHE F 51 -14.55 -31.09 -0.51
N PRO F 52 -15.63 -31.35 -1.24
CA PRO F 52 -16.26 -32.66 -1.20
C PRO F 52 -15.34 -33.78 -1.60
N LEU F 53 -15.65 -34.96 -1.08
CA LEU F 53 -14.90 -36.15 -1.42
C LEU F 53 -15.24 -36.66 -2.80
N SER F 54 -16.45 -36.41 -3.28
CA SER F 54 -16.77 -36.75 -4.66
C SER F 54 -15.71 -36.21 -5.62
N ILE F 55 -15.21 -35.02 -5.35
CA ILE F 55 -14.02 -34.53 -6.00
C ILE F 55 -12.78 -35.19 -5.43
N ARG F 56 -12.45 -34.87 -4.19
CA ARG F 56 -11.07 -34.97 -3.75
C ARG F 56 -10.61 -36.38 -3.43
N GLY F 57 -11.50 -37.32 -3.19
CA GLY F 57 -11.10 -38.65 -2.84
C GLY F 57 -10.54 -38.69 -1.43
N PRO F 58 -10.51 -39.87 -0.85
CA PRO F 58 -10.13 -39.99 0.56
C PRO F 58 -8.65 -40.01 0.83
N LEU F 59 -7.82 -39.47 -0.07
CA LEU F 59 -6.39 -39.38 0.19
C LEU F 59 -6.14 -38.26 1.19
N VAL F 60 -5.36 -38.54 2.24
CA VAL F 60 -4.93 -37.51 3.17
C VAL F 60 -3.43 -37.30 3.12
N ARG F 61 -2.71 -38.14 2.41
CA ARG F 61 -1.31 -37.96 2.07
C ARG F 61 -1.09 -38.64 0.73
N PRO F 62 -0.16 -38.15 -0.08
CA PRO F 62 0.01 -38.66 -1.43
C PRO F 62 -0.12 -40.18 -1.54
N ASP F 63 -0.71 -40.63 -2.64
CA ASP F 63 -0.68 -42.04 -2.98
C ASP F 63 0.71 -42.39 -3.46
N VAL F 64 1.49 -43.00 -2.57
CA VAL F 64 2.92 -43.20 -2.79
C VAL F 64 3.38 -44.26 -1.80
N PRO F 65 4.35 -45.08 -2.17
CA PRO F 65 4.68 -46.23 -1.34
C PRO F 65 4.93 -45.87 0.11
N GLU F 66 4.05 -46.39 0.97
CA GLU F 66 3.97 -46.10 2.39
C GLU F 66 5.30 -46.13 3.11
N ASP F 67 6.28 -46.86 2.60
CA ASP F 67 7.60 -46.84 3.20
C ASP F 67 8.31 -45.50 3.01
N GLN F 68 7.72 -44.57 2.26
CA GLN F 68 8.25 -43.21 2.21
C GLN F 68 7.80 -42.36 3.37
N TYR F 69 6.66 -42.68 3.97
CA TYR F 69 6.22 -41.93 5.12
C TYR F 69 6.84 -42.53 6.35
N VAL F 70 7.02 -41.68 7.35
CA VAL F 70 7.32 -42.12 8.69
C VAL F 70 6.24 -41.52 9.57
N ASP F 71 5.79 -42.29 10.54
CA ASP F 71 4.84 -41.75 11.48
C ASP F 71 5.58 -40.81 12.42
N SER F 72 5.10 -39.58 12.54
CA SER F 72 5.79 -38.61 13.36
C SER F 72 5.75 -39.02 14.81
N TRP F 73 6.64 -38.44 15.61
CA TRP F 73 6.54 -38.56 17.04
C TRP F 73 5.84 -37.33 17.59
N TYR F 74 4.92 -37.56 18.53
CA TYR F 74 4.23 -36.52 19.27
C TYR F 74 3.22 -35.78 18.41
N VAL F 75 3.27 -35.96 17.09
CA VAL F 75 2.37 -35.26 16.18
C VAL F 75 1.51 -36.31 15.51
N CYS F 76 0.20 -36.16 15.64
CA CYS F 76 -0.72 -37.10 15.01
C CYS F 76 -0.79 -36.81 13.50
N THR F 77 0.34 -37.00 12.87
CA THR F 77 0.46 -36.81 11.44
C THR F 77 1.34 -37.91 10.89
N SER F 78 1.83 -37.70 9.68
CA SER F 78 2.82 -38.60 9.12
C SER F 78 3.62 -37.82 8.10
N MET F 79 4.94 -37.76 8.30
CA MET F 79 5.84 -37.01 7.48
C MET F 79 6.81 -37.96 6.79
N THR F 80 7.47 -37.48 5.75
CA THR F 80 8.33 -38.37 4.99
C THR F 80 9.78 -38.18 5.38
N HIS F 81 10.49 -39.30 5.54
CA HIS F 81 11.85 -39.23 6.02
C HIS F 81 12.72 -38.35 5.15
N HIS F 82 12.63 -38.48 3.84
CA HIS F 82 13.19 -37.48 2.94
C HIS F 82 12.22 -36.31 2.92
N LEU F 83 12.72 -35.12 3.15
CA LEU F 83 11.82 -34.06 3.60
C LEU F 83 10.93 -33.62 2.44
N GLY F 84 9.88 -34.38 2.21
CA GLY F 84 8.92 -34.06 1.19
C GLY F 84 9.34 -34.41 -0.20
N ASP F 85 10.59 -34.77 -0.42
CA ASP F 85 11.04 -35.26 -1.72
C ASP F 85 10.45 -36.63 -1.98
N TYR F 86 9.79 -36.78 -3.12
CA TYR F 86 8.96 -37.96 -3.30
C TYR F 86 9.48 -38.78 -4.45
N ARG F 87 9.20 -40.07 -4.42
CA ARG F 87 9.39 -40.95 -5.55
C ARG F 87 8.13 -41.78 -5.72
N PRO F 88 7.54 -41.81 -6.89
CA PRO F 88 6.18 -42.33 -7.03
C PRO F 88 6.12 -43.83 -6.91
N TRP F 89 4.92 -44.39 -6.84
CA TRP F 89 4.79 -45.84 -6.73
C TRP F 89 5.69 -46.55 -7.70
N SER F 90 5.85 -46.01 -8.90
CA SER F 90 6.57 -46.70 -9.95
C SER F 90 8.07 -46.66 -9.77
N ALA F 91 8.58 -45.99 -8.75
CA ALA F 91 9.97 -46.18 -8.39
C ALA F 91 10.17 -47.36 -7.46
N SER F 92 9.10 -47.87 -6.85
CA SER F 92 9.17 -49.02 -5.97
C SER F 92 8.79 -50.31 -6.66
N ALA F 93 9.19 -50.47 -7.92
CA ALA F 93 8.77 -51.62 -8.70
C ALA F 93 9.68 -51.72 -9.91
N PRO F 94 9.78 -52.90 -10.49
CA PRO F 94 10.47 -53.04 -11.77
C PRO F 94 9.79 -52.21 -12.84
N PRO F 95 10.47 -51.94 -13.95
CA PRO F 95 9.81 -51.23 -15.04
C PRO F 95 8.56 -51.94 -15.51
N ASN F 96 7.48 -51.17 -15.64
CA ASN F 96 6.19 -51.66 -16.12
C ASN F 96 5.66 -52.80 -15.27
N ALA F 97 6.08 -52.84 -14.02
CA ALA F 97 5.74 -53.96 -13.16
C ALA F 97 4.24 -54.06 -13.03
N TYR F 98 3.70 -55.23 -13.35
CA TYR F 98 2.27 -55.49 -13.22
C TYR F 98 1.85 -55.41 -11.76
N ARG F 99 0.90 -54.53 -11.46
CA ARG F 99 0.49 -54.20 -10.08
C ARG F 99 1.69 -53.86 -9.23
N PHE F 100 2.73 -53.32 -9.86
CA PHE F 100 3.98 -53.02 -9.18
C PHE F 100 4.48 -54.23 -8.41
N ARG F 101 4.37 -55.38 -9.02
CA ARG F 101 4.81 -56.60 -8.37
C ARG F 101 6.33 -56.70 -8.41
N PRO F 102 6.93 -57.46 -7.50
CA PRO F 102 8.39 -57.63 -7.55
C PRO F 102 8.82 -58.36 -8.81
N TYR F 103 8.08 -59.40 -9.17
CA TYR F 103 8.25 -60.08 -10.43
C TYR F 103 6.84 -60.39 -10.92
N ASN F 104 6.55 -59.99 -12.15
CA ASN F 104 5.16 -59.93 -12.59
C ASN F 104 4.45 -61.27 -12.54
N GLU F 105 5.09 -62.30 -11.96
CA GLU F 105 4.54 -63.65 -12.02
C GLU F 105 3.38 -63.81 -11.03
N PHE F 106 3.65 -63.66 -9.74
CA PHE F 106 2.65 -63.97 -8.71
C PHE F 106 2.68 -62.94 -7.60
N ASP F 107 1.66 -63.02 -6.76
CA ASP F 107 1.47 -62.09 -5.66
C ASP F 107 2.28 -62.52 -4.46
N ALA F 108 1.97 -61.90 -3.32
CA ALA F 108 2.81 -62.05 -2.13
C ALA F 108 2.90 -63.48 -1.68
N LYS F 109 1.82 -64.25 -1.82
CA LYS F 109 1.89 -65.63 -1.38
C LYS F 109 2.18 -66.57 -2.54
N GLY F 110 1.99 -66.12 -3.77
CA GLY F 110 2.38 -66.93 -4.91
C GLY F 110 3.88 -67.07 -5.03
N ARG F 111 4.62 -65.98 -4.82
CA ARG F 111 6.07 -66.06 -4.87
C ARG F 111 6.65 -67.04 -3.87
N GLU F 112 6.30 -66.89 -2.59
CA GLU F 112 6.90 -67.71 -1.56
C GLU F 112 6.65 -69.19 -1.82
N TYR F 113 5.49 -69.54 -2.35
CA TYR F 113 5.16 -70.94 -2.45
C TYR F 113 5.66 -71.56 -3.74
N VAL F 114 5.68 -70.83 -4.85
CA VAL F 114 6.45 -71.31 -5.99
C VAL F 114 7.86 -71.62 -5.54
N GLU F 115 8.45 -70.72 -4.76
CA GLU F 115 9.78 -70.93 -4.21
C GLU F 115 9.89 -72.16 -3.31
N TYR F 116 8.91 -72.41 -2.42
CA TYR F 116 9.00 -73.59 -1.57
C TYR F 116 8.98 -74.86 -2.42
N MET F 117 8.01 -74.97 -3.33
CA MET F 117 7.98 -76.12 -4.22
C MET F 117 9.29 -76.29 -4.97
N ARG F 118 9.90 -75.20 -5.44
CA ARG F 118 11.19 -75.29 -6.13
C ARG F 118 12.32 -75.75 -5.23
N GLN F 119 12.41 -75.18 -4.02
CA GLN F 119 13.44 -75.61 -3.10
C GLN F 119 13.30 -77.08 -2.75
N PHE F 120 12.06 -77.57 -2.62
CA PHE F 120 11.93 -78.99 -2.40
C PHE F 120 12.38 -79.80 -3.60
N ALA F 121 11.98 -79.40 -4.82
CA ALA F 121 12.42 -80.12 -6.00
C ALA F 121 13.94 -80.20 -6.08
N ARG F 122 14.65 -79.21 -5.55
CA ARG F 122 16.11 -79.23 -5.55
C ARG F 122 16.70 -79.55 -4.17
N TYR F 123 15.90 -80.12 -3.26
CA TYR F 123 16.34 -80.39 -1.90
C TYR F 123 17.34 -81.55 -1.84
N ASP F 124 18.44 -81.36 -1.11
CA ASP F 124 19.41 -82.42 -0.89
C ASP F 124 19.69 -82.58 0.60
N PRO F 125 19.51 -83.76 1.17
CA PRO F 125 19.70 -83.91 2.62
C PRO F 125 21.14 -83.83 3.05
N ARG F 126 22.06 -84.39 2.26
CA ARG F 126 23.48 -84.27 2.59
C ARG F 126 23.96 -82.83 2.51
N LYS F 127 23.19 -81.98 1.83
CA LYS F 127 23.46 -80.55 1.73
C LYS F 127 22.77 -79.75 2.83
N SER F 128 21.66 -80.24 3.38
CA SER F 128 20.92 -79.52 4.40
C SER F 128 21.67 -79.40 5.73
N GLN F 129 22.63 -80.28 6.00
CA GLN F 129 23.32 -80.28 7.28
C GLN F 129 24.09 -78.99 7.46
N GLY F 130 24.32 -78.60 8.71
CA GLY F 130 25.09 -77.42 8.99
C GLY F 130 24.43 -76.11 8.63
N LYS F 131 23.18 -76.15 8.21
CA LYS F 131 22.39 -74.97 7.90
C LYS F 131 21.27 -74.83 8.89
N GLY F 132 20.85 -73.60 9.13
CA GLY F 132 19.80 -73.39 10.09
C GLY F 132 18.45 -73.77 9.53
N GLN F 133 17.40 -73.08 9.95
CA GLN F 133 16.07 -73.38 9.47
C GLN F 133 15.92 -73.13 7.97
N LYS F 134 16.95 -72.63 7.31
CA LYS F 134 16.90 -72.45 5.86
C LYS F 134 17.08 -73.77 5.10
N GLY F 135 17.93 -74.67 5.58
CA GLY F 135 18.11 -75.95 4.93
C GLY F 135 16.96 -76.89 5.23
N PHE F 136 16.11 -76.48 6.15
CA PHE F 136 14.89 -77.22 6.43
C PHE F 136 14.00 -77.26 5.20
N PRO F 137 13.66 -78.44 4.69
CA PRO F 137 12.91 -78.55 3.44
C PRO F 137 11.52 -77.99 3.58
N PHE F 138 10.69 -78.08 2.55
CA PHE F 138 9.32 -77.65 2.68
C PHE F 138 8.64 -78.49 3.76
N ARG F 139 7.96 -77.81 4.69
CA ARG F 139 7.25 -78.53 5.75
C ARG F 139 6.11 -79.37 5.19
N ASP F 140 5.39 -78.85 4.20
CA ASP F 140 4.29 -79.61 3.65
C ASP F 140 4.77 -80.61 2.63
N ALA F 141 5.74 -80.24 1.80
CA ALA F 141 6.23 -81.17 0.80
C ALA F 141 6.99 -82.33 1.40
N TYR F 142 7.95 -82.06 2.28
CA TYR F 142 8.65 -83.13 2.97
C TYR F 142 7.67 -84.06 3.69
N LEU F 143 6.59 -83.50 4.24
CA LEU F 143 5.63 -84.31 4.97
C LEU F 143 4.75 -85.16 4.07
N THR F 144 4.26 -84.60 2.96
CA THR F 144 3.49 -85.40 2.02
C THR F 144 4.37 -86.49 1.40
N LYS F 145 5.66 -86.19 1.23
CA LYS F 145 6.60 -87.24 0.85
C LYS F 145 6.74 -88.28 1.96
N MET F 146 6.70 -87.83 3.22
CA MET F 146 6.95 -88.73 4.33
C MET F 146 5.79 -89.67 4.61
N ASN F 147 4.56 -89.24 4.33
CA ASN F 147 3.38 -90.01 4.70
C ASN F 147 3.47 -91.43 4.16
N GLU F 148 2.73 -92.35 4.79
CA GLU F 148 2.71 -93.75 4.39
C GLU F 148 1.59 -94.07 3.41
N ALA F 149 0.34 -93.78 3.77
CA ALA F 149 -0.79 -94.13 2.94
C ALA F 149 -0.84 -93.29 1.67
N ASN F 150 -0.01 -92.25 1.58
CA ASN F 150 0.13 -91.50 0.34
C ASN F 150 1.04 -92.18 -0.67
N ARG F 151 1.71 -93.26 -0.28
CA ARG F 151 2.54 -94.01 -1.23
C ARG F 151 1.71 -94.62 -2.36
N THR F 152 0.40 -94.77 -2.17
CA THR F 152 -0.47 -95.33 -3.19
C THR F 152 -1.33 -94.21 -3.77
N THR F 153 -1.36 -94.11 -5.09
CA THR F 153 -2.21 -93.12 -5.76
C THR F 153 -3.52 -93.77 -6.18
N PRO F 154 -4.65 -93.40 -5.59
CA PRO F 154 -5.90 -94.04 -5.96
C PRO F 154 -6.23 -93.79 -7.42
N PRO F 155 -6.70 -94.79 -8.15
CA PRO F 155 -7.00 -94.59 -9.56
C PRO F 155 -8.31 -93.83 -9.73
N PRO F 156 -8.62 -93.38 -10.95
CA PRO F 156 -9.94 -92.78 -11.19
C PRO F 156 -11.04 -93.83 -11.06
N THR F 157 -12.21 -93.39 -10.62
CA THR F 157 -13.31 -94.33 -10.48
C THR F 157 -13.68 -94.91 -11.84
N LEU F 158 -13.93 -96.22 -11.85
CA LEU F 158 -14.28 -96.91 -13.08
C LEU F 158 -15.52 -96.29 -13.72
N GLU F 159 -16.45 -95.79 -12.92
CA GLU F 159 -17.58 -95.08 -13.49
C GLU F 159 -17.14 -93.80 -14.19
N THR F 160 -16.10 -93.16 -13.69
CA THR F 160 -15.62 -91.96 -14.34
C THR F 160 -14.86 -92.30 -15.62
N ILE F 161 -14.18 -93.44 -15.65
CA ILE F 161 -13.57 -93.86 -16.91
C ILE F 161 -14.65 -94.19 -17.94
N MET F 162 -15.67 -94.94 -17.53
CA MET F 162 -16.79 -95.21 -18.42
C MET F 162 -17.49 -93.93 -18.83
N ASP F 163 -17.53 -92.94 -17.95
CA ASP F 163 -18.24 -91.70 -18.27
C ASP F 163 -17.45 -90.86 -19.27
N ARG F 164 -16.19 -90.57 -18.97
CA ARG F 164 -15.35 -89.93 -19.95
C ARG F 164 -15.29 -90.72 -21.24
N ALA F 165 -15.42 -92.05 -21.19
CA ALA F 165 -15.34 -92.84 -22.41
C ALA F 165 -16.64 -92.82 -23.20
N VAL F 166 -17.80 -92.81 -22.54
CA VAL F 166 -19.04 -92.66 -23.26
C VAL F 166 -19.06 -91.28 -23.92
N ARG F 167 -18.33 -90.32 -23.36
CA ARG F 167 -18.24 -89.04 -24.03
C ARG F 167 -17.30 -89.10 -25.23
N GLU F 168 -16.12 -89.69 -25.05
CA GLU F 168 -15.08 -89.63 -26.08
C GLU F 168 -15.27 -90.67 -27.19
N LYS F 169 -15.52 -91.92 -26.84
CA LYS F 169 -15.79 -92.97 -27.81
C LYS F 169 -17.20 -92.85 -28.37
N HIS F 170 -18.22 -93.02 -27.52
CA HIS F 170 -19.61 -92.98 -27.95
C HIS F 170 -20.00 -91.60 -28.48
N GLN F 171 -19.97 -90.59 -27.60
CA GLN F 171 -20.56 -89.29 -27.90
C GLN F 171 -19.66 -88.40 -28.73
N HIS F 172 -18.44 -88.85 -29.05
CA HIS F 172 -17.58 -88.20 -30.04
C HIS F 172 -17.27 -86.75 -29.72
N ALA F 173 -16.96 -86.45 -28.45
CA ALA F 173 -16.44 -85.15 -28.05
C ALA F 173 -15.45 -85.41 -26.92
N ARG F 174 -14.39 -84.62 -26.88
CA ARG F 174 -13.34 -84.88 -25.89
C ARG F 174 -13.60 -84.10 -24.61
N VAL F 175 -13.49 -84.80 -23.48
CA VAL F 175 -13.55 -84.14 -22.18
C VAL F 175 -12.22 -83.43 -21.97
N LEU F 176 -12.29 -82.28 -21.31
CA LEU F 176 -11.16 -81.39 -21.09
C LEU F 176 -10.99 -81.15 -19.61
N SER F 177 -9.74 -80.93 -19.19
CA SER F 177 -9.47 -80.50 -17.84
C SER F 177 -9.90 -79.04 -17.66
N PRO F 178 -10.29 -78.67 -16.44
CA PRO F 178 -10.74 -77.29 -16.21
C PRO F 178 -9.81 -76.24 -16.77
N MET F 179 -8.49 -76.45 -16.71
CA MET F 179 -7.54 -75.59 -17.38
C MET F 179 -7.65 -75.65 -18.89
N GLN F 180 -8.40 -76.61 -19.43
CA GLN F 180 -8.61 -76.69 -20.86
C GLN F 180 -9.97 -76.20 -21.32
N VAL F 181 -11.00 -76.29 -20.50
CA VAL F 181 -12.32 -75.87 -20.93
C VAL F 181 -12.31 -74.37 -21.17
N GLN F 182 -12.67 -73.97 -22.38
CA GLN F 182 -12.73 -72.55 -22.70
C GLN F 182 -13.89 -71.89 -21.97
N ARG F 183 -13.64 -71.38 -20.78
CA ARG F 183 -14.69 -70.66 -20.06
C ARG F 183 -14.91 -69.27 -20.65
N ASP F 184 -13.98 -68.82 -21.48
CA ASP F 184 -14.06 -67.51 -22.13
C ASP F 184 -15.27 -67.43 -23.08
N VAL F 185 -15.73 -66.22 -23.35
CA VAL F 185 -16.89 -66.04 -24.21
C VAL F 185 -16.50 -65.63 -25.63
N GLY F 186 -15.72 -64.55 -25.77
CA GLY F 186 -15.53 -63.96 -27.09
C GLY F 186 -14.24 -64.33 -27.80
N ARG F 187 -13.12 -64.16 -27.13
CA ARG F 187 -11.83 -64.50 -27.70
C ARG F 187 -11.48 -65.95 -27.34
N SER F 188 -10.80 -66.63 -28.26
CA SER F 188 -10.50 -68.04 -28.09
C SER F 188 -9.33 -68.19 -27.14
N GLU F 189 -9.54 -68.96 -26.07
CA GLU F 189 -8.43 -69.21 -25.16
C GLU F 189 -7.50 -70.24 -25.78
N THR F 190 -6.73 -69.80 -26.77
CA THR F 190 -5.65 -70.57 -27.35
C THR F 190 -4.45 -69.65 -27.42
N PRO F 191 -3.26 -70.10 -26.97
CA PRO F 191 -2.98 -71.43 -26.44
C PRO F 191 -3.56 -71.74 -25.05
N LEU F 192 -3.71 -73.03 -24.79
CA LEU F 192 -4.22 -73.49 -23.53
C LEU F 192 -3.11 -73.55 -22.50
N PRO F 193 -3.45 -73.62 -21.22
CA PRO F 193 -2.43 -73.76 -20.18
C PRO F 193 -1.60 -75.03 -20.37
N CYS F 194 -0.28 -74.85 -20.34
CA CYS F 194 0.66 -75.96 -20.45
C CYS F 194 0.56 -76.94 -19.29
N ALA F 195 -0.11 -76.57 -18.19
CA ALA F 195 -0.38 -77.49 -17.10
C ALA F 195 -1.45 -78.52 -17.46
N GLY F 196 -2.05 -78.41 -18.65
CA GLY F 196 -3.16 -79.25 -19.04
C GLY F 196 -2.84 -80.74 -19.10
N ASN F 197 -1.65 -81.10 -18.60
CA ASN F 197 -1.21 -82.49 -18.60
C ASN F 197 -0.44 -82.87 -17.34
N ILE F 198 -0.68 -82.21 -16.20
CA ILE F 198 0.07 -82.56 -14.99
C ILE F 198 -0.41 -83.89 -14.43
N PRO F 199 0.46 -84.68 -13.81
CA PRO F 199 0.01 -85.93 -13.17
C PRO F 199 -0.68 -85.63 -11.84
N VAL F 200 -1.10 -86.70 -11.19
CA VAL F 200 -1.76 -86.63 -9.89
C VAL F 200 -0.99 -87.53 -8.94
N ASP F 201 -0.35 -86.92 -7.94
CA ASP F 201 0.37 -87.66 -6.92
C ASP F 201 -0.24 -87.38 -5.55
N ARG F 202 -1.04 -88.33 -5.05
CA ARG F 202 -1.45 -88.29 -3.66
C ARG F 202 -0.24 -88.30 -2.73
N SER F 203 0.92 -88.68 -3.24
CA SER F 203 2.15 -88.60 -2.49
C SER F 203 2.80 -87.24 -2.57
N GLN F 204 2.40 -86.39 -3.51
CA GLN F 204 2.92 -85.02 -3.61
C GLN F 204 1.85 -83.96 -3.34
N PHE F 205 0.79 -83.93 -4.14
CA PHE F 205 -0.36 -83.11 -3.80
C PHE F 205 -1.65 -83.86 -4.12
N PRO F 206 -2.64 -83.89 -3.21
CA PRO F 206 -2.86 -83.05 -2.04
C PRO F 206 -1.86 -83.24 -0.91
N PHE F 207 -1.69 -82.21 -0.09
CA PHE F 207 -0.82 -82.31 1.08
C PHE F 207 -1.52 -83.10 2.17
N CYS F 208 -1.16 -84.37 2.31
CA CYS F 208 -1.59 -85.19 3.42
C CYS F 208 -0.35 -85.59 4.21
N TRP F 209 -0.50 -85.66 5.52
CA TRP F 209 0.61 -86.08 6.37
C TRP F 209 0.07 -86.52 7.72
N LYS F 210 0.95 -87.08 8.54
CA LYS F 210 0.58 -87.51 9.86
C LYS F 210 1.08 -86.52 10.91
N THR F 211 0.61 -86.68 12.13
CA THR F 211 0.77 -85.59 13.07
C THR F 211 2.15 -85.58 13.72
N GLU F 212 2.76 -86.73 13.96
CA GLU F 212 4.09 -86.69 14.52
C GLU F 212 5.05 -86.13 13.50
N ASP F 213 4.85 -86.43 12.22
CA ASP F 213 5.55 -85.69 11.18
C ASP F 213 5.40 -84.18 11.34
N TRP F 214 4.16 -83.69 11.40
CA TRP F 214 3.99 -82.25 11.57
C TRP F 214 4.73 -81.72 12.78
N TYR F 215 4.53 -82.34 13.94
CA TYR F 215 5.12 -81.85 15.19
C TYR F 215 6.65 -81.91 15.19
N GLU F 216 7.22 -83.10 14.99
CA GLU F 216 8.67 -83.21 14.97
C GLU F 216 9.26 -82.26 13.96
N TYR F 217 8.62 -82.13 12.79
CA TYR F 217 9.13 -81.19 11.82
C TYR F 217 9.14 -79.78 12.38
N GLU F 218 8.02 -79.32 12.95
CA GLU F 218 8.02 -77.92 13.35
C GLU F 218 8.90 -77.67 14.56
N VAL F 219 8.91 -78.56 15.54
CA VAL F 219 9.73 -78.31 16.72
C VAL F 219 11.21 -78.45 16.39
N ALA F 220 11.57 -79.35 15.46
CA ALA F 220 12.95 -79.43 15.00
C ALA F 220 13.36 -78.19 14.23
N LYS F 221 12.50 -77.72 13.35
CA LYS F 221 12.71 -76.43 12.75
C LYS F 221 12.95 -75.38 13.80
N VAL F 222 12.15 -75.38 14.87
CA VAL F 222 12.25 -74.34 15.88
C VAL F 222 13.58 -74.44 16.62
N ARG F 223 13.94 -75.63 17.07
CA ARG F 223 15.10 -75.77 17.93
C ARG F 223 16.39 -75.58 17.16
N ASN F 224 16.42 -75.97 15.88
CA ASN F 224 17.62 -75.83 15.07
C ASN F 224 17.73 -74.45 14.45
N LYS F 225 17.10 -73.45 15.06
CA LYS F 225 17.29 -72.10 14.59
C LYS F 225 18.74 -71.66 14.74
N ARG F 226 19.34 -71.96 15.88
CA ARG F 226 20.67 -71.45 16.16
C ARG F 226 21.78 -72.27 15.54
N PHE F 227 21.56 -73.56 15.30
CA PHE F 227 22.64 -74.44 14.85
C PHE F 227 23.01 -74.14 13.41
N VAL F 228 23.58 -72.95 13.24
CA VAL F 228 24.03 -72.44 11.96
C VAL F 228 25.55 -72.37 11.96
N PHE F 229 26.18 -73.17 11.12
CA PHE F 229 27.61 -73.05 10.91
C PHE F 229 27.82 -72.05 9.78
N GLU F 230 27.78 -70.77 10.14
CA GLU F 230 27.74 -69.70 9.15
C GLU F 230 29.00 -69.69 8.30
N ASN F 231 30.06 -70.32 8.79
CA ASN F 231 31.30 -70.44 8.03
C ASN F 231 31.48 -71.84 7.48
N THR F 232 30.76 -72.10 6.39
CA THR F 232 30.97 -73.28 5.59
C THR F 232 32.14 -73.06 4.65
N GLU F 233 32.40 -74.06 3.81
CA GLU F 233 33.40 -73.95 2.76
C GLU F 233 32.78 -73.95 1.37
N GLU F 234 31.66 -73.26 1.20
CA GLU F 234 30.94 -73.25 -0.06
C GLU F 234 31.73 -72.47 -1.10
N ASP F 235 31.13 -72.34 -2.27
CA ASP F 235 31.66 -71.45 -3.29
C ASP F 235 30.82 -70.18 -3.36
N GLY F 236 31.43 -69.06 -3.01
CA GLY F 236 30.90 -67.74 -3.32
C GLY F 236 30.15 -66.97 -2.26
N ILE F 237 28.91 -67.36 -1.95
CA ILE F 237 28.04 -66.55 -1.11
C ILE F 237 27.75 -67.29 0.19
N HIS F 238 27.80 -68.61 0.14
CA HIS F 238 27.61 -69.45 1.31
C HIS F 238 28.92 -69.93 1.91
N GLY F 239 30.04 -69.33 1.51
CA GLY F 239 31.35 -69.67 2.03
C GLY F 239 31.95 -68.51 2.79
N SER F 240 32.43 -68.80 4.00
CA SER F 240 32.91 -67.74 4.86
C SER F 240 33.82 -68.33 5.93
N GLU F 241 34.58 -67.44 6.56
CA GLU F 241 35.40 -67.74 7.72
C GLU F 241 35.07 -66.86 8.91
N VAL F 242 34.75 -65.59 8.68
CA VAL F 242 34.40 -64.69 9.77
C VAL F 242 33.19 -63.86 9.35
N THR F 243 32.10 -64.07 10.07
CA THR F 243 30.84 -63.40 9.81
C THR F 243 30.65 -62.30 10.83
N TYR F 244 30.75 -61.05 10.39
CA TYR F 244 30.45 -59.92 11.25
C TYR F 244 29.05 -59.44 10.92
N LYS F 245 28.13 -59.67 11.82
CA LYS F 245 26.78 -59.10 11.73
C LYS F 245 26.77 -57.91 12.67
N ILE F 246 26.99 -56.73 12.12
CA ILE F 246 26.89 -55.50 12.89
C ILE F 246 25.43 -55.12 12.92
N VAL F 247 24.82 -55.19 14.10
CA VAL F 247 23.42 -54.82 14.24
C VAL F 247 23.37 -53.41 14.80
N LEU F 248 22.93 -52.48 13.96
CA LEU F 248 22.79 -51.08 14.31
C LEU F 248 21.40 -50.83 14.90
N GLU F 249 21.38 -50.21 16.07
CA GLU F 249 20.17 -49.90 16.79
C GLU F 249 19.89 -48.43 16.68
N GLY F 250 18.64 -48.09 16.37
CA GLY F 250 18.22 -46.71 16.28
C GLY F 250 16.76 -46.59 16.64
N PHE F 251 16.43 -45.43 17.18
CA PHE F 251 15.07 -45.16 17.64
C PHE F 251 14.06 -45.10 16.50
N TRP F 252 14.51 -44.88 15.27
CA TRP F 252 13.63 -44.75 14.11
C TRP F 252 14.13 -45.66 13.01
N ASP F 253 13.21 -46.38 12.39
CA ASP F 253 13.60 -47.27 11.32
C ASP F 253 14.11 -46.52 10.11
N HIS F 254 13.73 -45.26 9.91
CA HIS F 254 14.36 -44.53 8.83
C HIS F 254 15.80 -44.12 9.16
N HIS F 255 16.06 -43.76 10.42
CA HIS F 255 17.43 -43.58 10.86
C HIS F 255 18.28 -44.77 10.49
N VAL F 256 17.83 -45.98 10.81
CA VAL F 256 18.64 -47.16 10.57
C VAL F 256 18.56 -47.66 9.13
N MET F 257 17.48 -47.36 8.43
CA MET F 257 17.42 -47.66 7.00
C MET F 257 18.49 -46.92 6.24
N LYS F 258 18.68 -45.64 6.55
CA LYS F 258 19.76 -44.88 5.92
C LYS F 258 21.11 -45.11 6.56
N LEU F 259 21.15 -45.30 7.88
CA LEU F 259 22.40 -45.62 8.56
C LEU F 259 23.03 -46.86 7.96
N ALA F 260 22.23 -47.88 7.70
CA ALA F 260 22.76 -49.11 7.17
C ALA F 260 23.30 -48.90 5.77
N GLU F 261 22.70 -48.01 4.99
CA GLU F 261 23.27 -47.70 3.68
C GLU F 261 24.61 -47.00 3.80
N ASP F 262 24.72 -46.03 4.70
CA ASP F 262 25.99 -45.35 4.95
C ASP F 262 27.07 -46.36 5.32
N VAL F 263 26.80 -47.17 6.33
CA VAL F 263 27.79 -48.11 6.83
C VAL F 263 28.02 -49.24 5.84
N CYS F 264 26.99 -49.61 5.08
CA CYS F 264 27.15 -50.68 4.11
C CYS F 264 28.01 -50.25 2.95
N MET F 265 27.95 -48.98 2.55
CA MET F 265 28.87 -48.47 1.54
C MET F 265 30.25 -48.22 2.10
N PHE F 266 30.35 -47.72 3.32
CA PHE F 266 31.65 -47.64 3.96
C PHE F 266 32.33 -48.99 3.96
N LEU F 267 31.65 -50.02 4.47
CA LEU F 267 32.26 -51.33 4.59
C LEU F 267 32.32 -52.08 3.28
N ARG F 268 31.54 -51.71 2.27
CA ARG F 268 31.82 -52.25 0.96
C ARG F 268 33.11 -51.66 0.42
N ASP F 269 33.35 -50.36 0.62
CA ASP F 269 34.63 -49.82 0.20
C ASP F 269 35.76 -50.37 1.05
N VAL F 270 35.49 -50.70 2.30
CA VAL F 270 36.53 -51.32 3.12
C VAL F 270 36.80 -52.74 2.65
N GLY F 271 35.83 -53.64 2.84
CA GLY F 271 35.95 -55.00 2.39
C GLY F 271 36.48 -55.15 0.99
N ARG F 272 36.16 -54.21 0.09
CA ARG F 272 36.78 -54.31 -1.22
C ARG F 272 38.27 -54.12 -1.14
N GLN F 273 38.73 -53.14 -0.37
CA GLN F 273 40.17 -52.92 -0.31
C GLN F 273 40.86 -54.05 0.43
N VAL F 274 40.26 -54.53 1.52
CA VAL F 274 40.93 -55.57 2.30
C VAL F 274 40.99 -56.87 1.54
N THR F 275 39.99 -57.19 0.71
CA THR F 275 40.18 -58.38 -0.11
C THR F 275 40.96 -58.08 -1.36
N GLU F 276 41.10 -56.82 -1.78
CA GLU F 276 42.05 -56.53 -2.84
C GLU F 276 43.48 -56.77 -2.37
N GLU F 277 43.77 -56.36 -1.13
CA GLU F 277 45.04 -56.67 -0.50
C GLU F 277 45.26 -58.16 -0.38
N LYS F 278 44.37 -58.86 0.33
CA LYS F 278 44.49 -60.29 0.50
C LYS F 278 44.52 -61.03 -0.83
N LEU F 279 43.89 -60.48 -1.87
CA LEU F 279 43.80 -61.16 -3.14
C LEU F 279 45.06 -60.98 -3.96
N VAL F 280 45.66 -59.79 -3.95
CA VAL F 280 46.96 -59.65 -4.57
C VAL F 280 47.99 -60.51 -3.87
N ALA F 281 47.92 -60.58 -2.53
CA ALA F 281 48.80 -61.50 -1.80
C ALA F 281 48.61 -62.94 -2.26
N VAL F 282 47.36 -63.43 -2.23
CA VAL F 282 47.07 -64.80 -2.62
C VAL F 282 47.52 -65.07 -4.04
N ARG F 283 47.29 -64.11 -4.94
CA ARG F 283 47.69 -64.33 -6.32
C ARG F 283 49.19 -64.43 -6.45
N ARG F 284 49.93 -63.50 -5.87
CA ARG F 284 51.39 -63.59 -5.98
C ARG F 284 51.92 -64.81 -5.27
N VAL F 285 51.19 -65.34 -4.28
CA VAL F 285 51.61 -66.58 -3.63
C VAL F 285 51.43 -67.76 -4.56
N MET F 286 50.18 -68.01 -4.98
CA MET F 286 49.90 -69.02 -5.98
C MET F 286 50.69 -68.84 -7.26
N GLU F 287 51.35 -67.68 -7.42
CA GLU F 287 52.04 -67.39 -8.67
C GLU F 287 53.11 -68.41 -8.98
N GLY F 288 54.02 -68.65 -8.05
CA GLY F 288 55.18 -69.47 -8.35
C GLY F 288 55.34 -70.71 -7.52
N LEU F 289 54.26 -71.47 -7.34
CA LEU F 289 54.28 -72.67 -6.52
C LEU F 289 54.84 -73.83 -7.33
N THR F 290 55.86 -74.49 -6.80
CA THR F 290 56.40 -75.73 -7.34
C THR F 290 57.22 -76.40 -6.23
N GLY F 291 57.94 -77.47 -6.57
CA GLY F 291 58.78 -78.14 -5.60
C GLY F 291 59.91 -77.29 -5.05
N GLY F 292 60.12 -76.11 -5.62
CA GLY F 292 61.12 -75.18 -5.15
C GLY F 292 60.57 -73.91 -4.55
N ALA F 293 59.56 -74.02 -3.67
CA ALA F 293 58.98 -72.84 -3.03
C ALA F 293 58.47 -73.08 -1.61
N PHE F 294 59.08 -73.97 -0.83
CA PHE F 294 58.39 -74.40 0.38
C PHE F 294 59.26 -74.45 1.64
N ASP F 295 58.57 -74.51 2.78
CA ASP F 295 59.07 -74.25 4.10
C ASP F 295 59.19 -75.54 4.92
N PRO F 296 60.12 -75.56 5.87
CA PRO F 296 60.28 -76.75 6.70
C PRO F 296 59.23 -76.86 7.77
N GLU F 297 58.77 -75.73 8.31
CA GLU F 297 57.61 -75.73 9.20
C GLU F 297 56.42 -76.47 8.59
N LEU F 298 56.09 -76.18 7.34
CA LEU F 298 54.95 -76.79 6.69
C LEU F 298 55.14 -78.28 6.46
N ILE F 299 56.35 -78.71 6.10
CA ILE F 299 56.55 -80.16 5.96
C ILE F 299 56.44 -80.82 7.31
N ASP F 300 57.02 -80.23 8.34
CA ASP F 300 56.96 -80.81 9.67
C ASP F 300 55.55 -80.74 10.26
N PHE F 301 54.67 -79.94 9.67
CA PHE F 301 53.27 -79.98 10.09
C PHE F 301 52.47 -80.95 9.24
N PHE F 302 52.83 -81.09 7.97
CA PHE F 302 52.15 -82.01 7.08
C PHE F 302 52.46 -83.45 7.43
N ASN F 303 53.62 -83.71 8.00
CA ASN F 303 54.05 -85.05 8.28
C ASN F 303 54.26 -85.30 9.75
N ALA F 304 53.49 -84.64 10.61
CA ALA F 304 53.55 -84.88 12.05
C ALA F 304 52.54 -85.93 12.46
N ALA F 305 52.49 -87.04 11.73
CA ALA F 305 51.45 -88.05 11.91
C ALA F 305 52.09 -89.43 12.00
N ARG F 306 51.59 -90.25 12.92
CA ARG F 306 52.17 -91.55 13.15
C ARG F 306 51.68 -92.60 12.17
N ALA F 307 50.60 -92.34 11.45
CA ALA F 307 50.07 -93.28 10.47
C ALA F 307 48.92 -92.61 9.74
N GLY F 308 48.65 -93.04 8.51
CA GLY F 308 47.66 -92.41 7.69
C GLY F 308 46.84 -93.40 6.87
N PRO F 309 46.65 -93.08 5.59
CA PRO F 309 45.62 -93.77 4.81
C PRO F 309 46.12 -95.05 4.16
N PHE F 310 47.39 -95.14 3.79
CA PHE F 310 47.91 -96.30 3.11
C PHE F 310 48.25 -97.43 4.05
N GLY F 311 47.75 -97.39 5.27
CA GLY F 311 48.19 -98.32 6.28
C GLY F 311 49.60 -98.08 6.74
N ARG F 312 50.18 -96.94 6.37
CA ARG F 312 51.56 -96.59 6.70
C ARG F 312 51.65 -95.08 6.80
N PRO F 313 52.47 -94.57 7.72
CA PRO F 313 52.70 -93.13 7.83
C PRO F 313 53.02 -92.49 6.49
N ASP F 314 52.51 -91.29 6.27
CA ASP F 314 52.62 -90.60 4.99
C ASP F 314 53.79 -89.61 5.03
N GLU F 315 54.60 -89.62 3.98
CA GLU F 315 55.67 -88.62 3.81
C GLU F 315 55.20 -87.61 2.77
N TYR F 316 54.91 -86.40 3.24
CA TYR F 316 54.49 -85.32 2.35
C TYR F 316 55.65 -84.40 2.04
N ASP F 317 56.02 -84.31 0.76
CA ASP F 317 57.21 -83.61 0.32
C ASP F 317 56.91 -82.11 0.19
N ALA F 318 57.73 -81.42 -0.60
CA ALA F 318 57.41 -80.05 -0.99
C ALA F 318 56.30 -80.00 -2.04
N GLU F 319 56.12 -81.07 -2.82
CA GLU F 319 55.14 -81.02 -3.88
C GLU F 319 53.79 -81.62 -3.49
N GLU F 320 53.77 -82.71 -2.72
CA GLU F 320 52.48 -83.21 -2.28
C GLU F 320 51.78 -82.18 -1.40
N VAL F 321 52.56 -81.34 -0.72
CA VAL F 321 51.99 -80.21 -0.01
C VAL F 321 51.80 -79.04 -0.96
N ALA F 322 52.55 -79.01 -2.06
CA ALA F 322 52.36 -77.95 -3.04
C ALA F 322 50.97 -78.01 -3.64
N ASN F 323 50.56 -79.17 -4.14
CA ASN F 323 49.21 -79.26 -4.67
C ASN F 323 48.17 -78.98 -3.61
N PHE F 324 48.45 -79.33 -2.35
CA PHE F 324 47.49 -79.05 -1.28
C PHE F 324 47.30 -77.57 -1.07
N VAL F 325 48.41 -76.83 -0.93
CA VAL F 325 48.30 -75.41 -0.65
C VAL F 325 47.77 -74.68 -1.87
N ARG F 326 48.08 -75.17 -3.07
CA ARG F 326 47.57 -74.52 -4.27
C ARG F 326 46.08 -74.77 -4.43
N ALA F 327 45.60 -75.97 -4.11
CA ALA F 327 44.17 -76.18 -4.14
C ALA F 327 43.47 -75.28 -3.13
N ASP F 328 44.00 -75.21 -1.91
CA ASP F 328 43.44 -74.33 -0.90
C ASP F 328 43.41 -72.88 -1.37
N LEU F 329 44.50 -72.40 -1.98
CA LEU F 329 44.55 -71.02 -2.41
C LEU F 329 43.66 -70.78 -3.62
N LYS F 330 43.48 -71.78 -4.46
CA LYS F 330 42.47 -71.67 -5.49
C LYS F 330 41.11 -71.44 -4.85
N ARG F 331 40.80 -72.22 -3.81
CA ARG F 331 39.53 -72.05 -3.12
C ARG F 331 39.38 -70.65 -2.54
N LEU F 332 40.42 -70.17 -1.87
CA LEU F 332 40.34 -68.86 -1.26
C LEU F 332 40.22 -67.74 -2.29
N GLU F 333 40.93 -67.83 -3.42
CA GLU F 333 40.77 -66.80 -4.43
C GLU F 333 39.37 -66.85 -5.04
N GLU F 334 38.84 -68.03 -5.33
CA GLU F 334 37.46 -68.10 -5.82
C GLU F 334 36.50 -67.41 -4.89
N GLN F 335 36.55 -67.70 -3.59
CA GLN F 335 35.67 -67.01 -2.65
C GLN F 335 35.95 -65.52 -2.58
N CYS F 336 37.22 -65.10 -2.60
CA CYS F 336 37.56 -63.69 -2.48
C CYS F 336 37.10 -62.88 -3.68
N LEU F 337 37.33 -63.38 -4.87
CA LEU F 337 36.87 -62.68 -6.05
C LEU F 337 35.35 -62.70 -6.17
N ASN F 338 34.69 -63.75 -5.71
CA ASN F 338 33.24 -63.64 -5.62
C ASN F 338 32.82 -62.50 -4.73
N VAL F 339 33.48 -62.34 -3.58
CA VAL F 339 33.20 -61.18 -2.73
C VAL F 339 33.34 -59.87 -3.51
N ILE F 340 34.53 -59.60 -4.05
CA ILE F 340 34.77 -58.33 -4.75
C ILE F 340 33.75 -58.12 -5.87
N ASN F 341 33.38 -59.18 -6.57
CA ASN F 341 32.36 -59.05 -7.60
C ASN F 341 31.04 -58.62 -7.00
N ARG F 342 30.70 -59.11 -5.83
CA ARG F 342 29.53 -58.56 -5.15
C ARG F 342 29.78 -57.15 -4.66
N CYS F 343 31.03 -56.75 -4.51
CA CYS F 343 31.33 -55.44 -3.94
C CYS F 343 31.35 -54.33 -4.97
N ASN F 344 31.40 -54.66 -6.24
CA ASN F 344 31.28 -53.64 -7.28
C ASN F 344 29.89 -53.56 -7.91
N VAL F 345 29.09 -54.60 -7.78
CA VAL F 345 27.82 -54.75 -8.47
C VAL F 345 26.78 -53.71 -8.04
N PRO F 346 26.62 -53.38 -6.76
CA PRO F 346 25.71 -52.29 -6.40
C PRO F 346 26.16 -50.93 -6.92
N VAL F 347 25.30 -50.28 -7.71
CA VAL F 347 25.54 -48.94 -8.25
C VAL F 347 24.43 -48.02 -7.76
N PRO F 348 24.62 -46.69 -7.79
CA PRO F 348 23.56 -45.79 -7.31
C PRO F 348 22.22 -46.02 -7.98
N GLY F 349 22.22 -46.49 -9.23
CA GLY F 349 20.97 -46.71 -9.93
C GLY F 349 20.07 -47.79 -9.35
N ALA F 350 20.60 -48.99 -9.09
CA ALA F 350 19.74 -50.10 -8.72
C ALA F 350 20.35 -50.95 -7.59
N THR F 351 21.03 -50.33 -6.64
CA THR F 351 21.66 -51.06 -5.54
C THR F 351 20.59 -51.69 -4.65
N ASN F 352 20.72 -52.99 -4.41
CA ASN F 352 19.76 -53.76 -3.62
C ASN F 352 20.51 -54.36 -2.44
N ILE F 353 20.59 -53.63 -1.33
CA ILE F 353 21.38 -54.09 -0.20
C ILE F 353 20.58 -55.04 0.65
N TYR F 354 19.30 -55.21 0.34
CA TYR F 354 18.50 -56.20 1.03
C TYR F 354 18.45 -57.52 0.29
N ASP F 355 19.44 -57.79 -0.53
CA ASP F 355 19.67 -59.10 -1.11
C ASP F 355 21.17 -59.31 -1.23
N PRO F 356 21.73 -60.29 -0.53
CA PRO F 356 23.17 -60.53 -0.65
C PRO F 356 23.59 -60.96 -2.03
N GLN F 357 22.75 -61.71 -2.74
CA GLN F 357 23.15 -62.26 -4.03
C GLN F 357 23.65 -61.19 -4.97
N VAL F 358 23.31 -59.94 -4.73
CA VAL F 358 23.79 -58.83 -5.54
C VAL F 358 24.95 -58.12 -4.85
N SER F 359 24.86 -57.94 -3.53
CA SER F 359 25.72 -57.03 -2.80
C SER F 359 26.50 -57.74 -1.70
N TRP F 360 27.73 -57.28 -1.48
CA TRP F 360 28.49 -57.60 -0.28
C TRP F 360 28.79 -56.28 0.40
N PRO F 361 28.35 -56.06 1.64
CA PRO F 361 27.54 -56.94 2.46
C PRO F 361 26.09 -56.61 2.26
N TYR F 362 25.20 -57.38 2.85
CA TYR F 362 23.78 -57.11 2.76
C TYR F 362 23.23 -56.75 4.13
N VAL F 363 22.46 -55.68 4.15
CA VAL F 363 21.78 -55.23 5.36
C VAL F 363 20.60 -56.15 5.61
N GLU F 364 20.74 -57.02 6.59
CA GLU F 364 19.62 -57.77 7.09
C GLU F 364 18.83 -56.91 8.07
N LYS F 365 17.56 -56.75 7.77
CA LYS F 365 16.63 -56.17 8.70
C LYS F 365 16.66 -56.99 9.98
N LEU F 366 16.38 -56.36 11.09
CA LEU F 366 16.05 -57.09 12.30
C LEU F 366 14.76 -56.54 12.86
N GLU F 367 13.84 -57.43 13.15
CA GLU F 367 12.54 -57.04 13.65
C GLU F 367 12.72 -56.17 14.88
N PRO F 368 12.01 -55.06 14.97
CA PRO F 368 12.33 -54.07 15.99
C PRO F 368 11.98 -54.57 17.37
N TRP F 369 12.77 -54.14 18.34
CA TRP F 369 12.29 -54.26 19.70
C TRP F 369 11.15 -53.28 19.83
N VAL F 370 10.03 -53.73 20.35
CA VAL F 370 8.85 -52.90 20.47
C VAL F 370 8.24 -53.14 21.84
N ARG F 371 8.13 -52.09 22.63
CA ARG F 371 7.65 -52.17 23.99
C ARG F 371 6.33 -51.43 24.04
N MET F 372 5.25 -52.08 23.69
CA MET F 372 3.95 -51.48 23.88
C MET F 372 3.54 -51.62 25.33
N ALA F 373 3.04 -50.54 25.91
CA ALA F 373 2.67 -50.52 27.32
C ALA F 373 1.36 -49.76 27.46
N GLU F 374 0.35 -50.44 27.98
CA GLU F 374 -0.82 -49.77 28.49
C GLU F 374 -0.40 -48.98 29.71
N PHE F 375 -0.95 -47.79 29.87
CA PHE F 375 -0.83 -47.13 31.15
C PHE F 375 -1.92 -46.08 31.27
N TRP F 376 -2.40 -45.92 32.49
CA TRP F 376 -3.33 -44.87 32.84
C TRP F 376 -2.82 -43.51 32.42
N THR F 377 -3.73 -42.54 32.44
CA THR F 377 -3.38 -41.14 32.35
C THR F 377 -3.98 -40.31 33.46
N SER F 378 -5.14 -40.71 33.97
CA SER F 378 -5.78 -39.98 35.03
C SER F 378 -5.12 -40.27 36.36
N SER F 379 -5.07 -39.24 37.21
CA SER F 379 -4.66 -39.41 38.60
C SER F 379 -5.85 -39.38 39.54
N SER F 380 -6.96 -39.99 39.14
CA SER F 380 -8.09 -40.09 40.05
C SER F 380 -7.76 -41.09 41.13
N ASP F 381 -7.89 -40.64 42.37
CA ASP F 381 -7.68 -41.48 43.53
C ASP F 381 -8.94 -42.17 44.00
N THR F 382 -10.10 -41.70 43.61
CA THR F 382 -11.35 -42.30 44.03
C THR F 382 -11.76 -43.49 43.19
N SER F 383 -11.59 -43.42 41.88
CA SER F 383 -12.23 -44.35 40.97
C SER F 383 -11.19 -45.11 40.16
N PHE F 384 -11.25 -46.43 40.26
CA PHE F 384 -10.47 -47.32 39.41
C PHE F 384 -11.05 -47.42 38.01
N THR F 385 -12.37 -47.38 37.87
CA THR F 385 -13.01 -47.32 36.55
C THR F 385 -12.50 -46.16 35.73
N GLU F 386 -12.47 -44.96 36.31
CA GLU F 386 -12.09 -43.77 35.57
C GLU F 386 -10.59 -43.71 35.34
N LEU F 387 -9.81 -44.57 35.99
CA LEU F 387 -8.42 -44.77 35.60
C LEU F 387 -8.34 -45.72 34.42
N GLU F 388 -9.09 -46.81 34.49
CA GLU F 388 -9.08 -47.83 33.46
C GLU F 388 -9.51 -47.27 32.13
N MET F 389 -10.62 -46.56 32.10
CA MET F 389 -11.10 -46.04 30.83
C MET F 389 -10.15 -45.05 30.22
N SER F 390 -9.14 -44.60 30.97
CA SER F 390 -8.17 -43.63 30.50
C SER F 390 -6.93 -44.27 29.92
N THR F 391 -6.99 -45.56 29.63
CA THR F 391 -5.78 -46.30 29.28
C THR F 391 -5.26 -45.82 27.93
N ALA F 392 -4.00 -45.40 27.91
CA ALA F 392 -3.32 -45.04 26.68
C ALA F 392 -2.18 -46.00 26.44
N HIS F 393 -2.06 -46.45 25.20
CA HIS F 393 -1.02 -47.41 24.81
C HIS F 393 0.07 -46.60 24.15
N TYR F 394 1.30 -46.80 24.60
CA TYR F 394 2.41 -46.13 23.96
C TYR F 394 3.57 -47.09 23.81
N GLU F 395 4.37 -46.87 22.76
CA GLU F 395 5.36 -47.85 22.35
C GLU F 395 6.76 -47.28 22.39
N PHE F 396 7.65 -47.98 23.07
CA PHE F 396 9.07 -47.73 22.97
C PHE F 396 9.59 -48.59 21.84
N ARG F 397 9.86 -47.99 20.69
CA ARG F 397 10.37 -48.72 19.56
C ARG F 397 11.88 -48.62 19.59
N LYS F 398 12.53 -49.58 18.98
CA LYS F 398 13.97 -49.53 18.76
C LYS F 398 14.25 -50.48 17.62
N TYR F 399 14.39 -49.94 16.42
CA TYR F 399 14.58 -50.76 15.25
C TYR F 399 16.05 -51.04 15.09
N PHE F 400 16.37 -52.08 14.31
CA PHE F 400 17.75 -52.42 14.03
C PHE F 400 17.94 -52.70 12.55
N ARG F 401 19.20 -52.93 12.20
CA ARG F 401 19.59 -53.46 10.91
C ARG F 401 20.83 -54.31 11.11
N VAL F 402 20.97 -55.40 10.38
CA VAL F 402 22.12 -56.28 10.56
C VAL F 402 22.93 -56.33 9.26
N ILE F 403 24.14 -55.80 9.31
CA ILE F 403 25.08 -55.88 8.20
C ILE F 403 25.86 -57.18 8.34
N ILE F 404 25.82 -58.03 7.33
CA ILE F 404 26.48 -59.33 7.37
C ILE F 404 27.67 -59.31 6.43
N CYS F 405 28.86 -59.07 6.97
CA CYS F 405 30.10 -59.28 6.23
C CYS F 405 30.55 -60.72 6.45
N LYS F 406 30.36 -61.57 5.44
CA LYS F 406 30.77 -62.97 5.49
C LYS F 406 32.16 -63.06 4.84
N LEU F 407 33.18 -62.54 5.52
CA LEU F 407 34.45 -62.56 4.81
C LEU F 407 35.12 -63.91 4.97
N PRO F 408 35.65 -64.50 3.90
CA PRO F 408 36.20 -65.85 3.98
C PRO F 408 37.56 -65.97 4.65
N PHE F 409 38.01 -64.97 5.40
CA PHE F 409 39.31 -64.97 6.04
C PHE F 409 39.36 -63.80 7.00
N GLN F 410 39.86 -64.02 8.20
CA GLN F 410 39.84 -62.97 9.20
C GLN F 410 41.00 -62.00 8.97
N SER F 411 40.70 -60.74 8.73
CA SER F 411 41.71 -59.71 8.57
C SER F 411 41.60 -58.67 9.67
N THR F 412 42.44 -58.81 10.69
CA THR F 412 42.41 -57.91 11.84
C THR F 412 42.47 -56.45 11.44
N GLU F 413 43.07 -56.13 10.30
CA GLU F 413 43.13 -54.75 9.87
C GLU F 413 41.75 -54.25 9.44
N PHE F 414 41.05 -55.04 8.62
CA PHE F 414 39.66 -54.68 8.34
C PHE F 414 38.87 -54.57 9.63
N GLU F 415 39.07 -55.49 10.55
CA GLU F 415 38.31 -55.43 11.80
C GLU F 415 38.61 -54.14 12.54
N LYS F 416 39.85 -53.68 12.49
CA LYS F 416 40.21 -52.39 13.05
C LYS F 416 39.43 -51.28 12.38
N ARG F 417 39.25 -51.39 11.06
CA ARG F 417 38.46 -50.41 10.34
C ARG F 417 36.98 -50.49 10.65
N MET F 418 36.52 -51.65 11.07
CA MET F 418 35.13 -51.85 11.44
C MET F 418 34.84 -51.35 12.84
N TYR F 419 35.76 -51.53 13.77
CA TYR F 419 35.49 -51.16 15.14
C TYR F 419 35.27 -49.68 15.31
N ASP F 420 35.94 -48.83 14.55
CA ASP F 420 35.81 -47.38 14.71
C ASP F 420 34.68 -46.79 13.89
N ILE F 421 33.74 -47.62 13.42
CA ILE F 421 32.42 -47.12 13.11
C ILE F 421 31.64 -46.93 14.40
N ARG F 422 32.10 -47.55 15.48
CA ARG F 422 31.52 -47.31 16.78
C ARG F 422 31.53 -45.85 17.14
N HIS F 423 32.34 -45.04 16.48
CA HIS F 423 32.40 -43.62 16.78
C HIS F 423 31.75 -42.74 15.72
N TRP F 424 31.95 -43.01 14.43
CA TRP F 424 31.33 -42.17 13.42
C TRP F 424 29.91 -42.60 13.12
N LEU F 425 29.34 -43.51 13.89
CA LEU F 425 27.94 -43.77 13.70
C LEU F 425 27.11 -42.51 13.94
N HIS F 426 25.85 -42.57 13.52
CA HIS F 426 24.95 -41.42 13.47
C HIS F 426 24.41 -41.08 14.84
N ARG F 427 23.35 -40.29 14.84
CA ARG F 427 22.79 -39.77 16.07
C ARG F 427 21.78 -40.76 16.63
N GLN F 428 21.85 -40.99 17.94
CA GLN F 428 21.00 -41.96 18.63
C GLN F 428 21.04 -43.33 17.96
N THR F 429 22.18 -43.70 17.41
CA THR F 429 22.35 -45.00 16.79
C THR F 429 23.63 -45.63 17.26
N THR F 430 23.54 -46.89 17.67
CA THR F 430 24.69 -47.64 18.15
C THR F 430 24.84 -48.93 17.36
N CYS F 431 25.81 -49.74 17.77
CA CYS F 431 26.21 -50.93 17.02
C CYS F 431 26.64 -52.03 17.96
N GLU F 432 26.03 -53.20 17.82
CA GLU F 432 26.53 -54.43 18.39
C GLU F 432 27.18 -55.24 17.30
N PHE F 433 28.42 -55.66 17.55
CA PHE F 433 29.19 -56.43 16.57
C PHE F 433 29.05 -57.89 16.92
N HIS F 434 28.51 -58.69 16.01
CA HIS F 434 28.53 -60.13 16.15
C HIS F 434 29.67 -60.63 15.28
N THR F 435 30.61 -61.34 15.87
CA THR F 435 31.70 -61.95 15.13
C THR F 435 31.60 -63.46 15.30
N ILE F 436 31.57 -64.18 14.20
CA ILE F 436 31.58 -65.63 14.22
C ILE F 436 32.77 -66.04 13.37
N TYR F 437 33.86 -66.38 14.03
CA TYR F 437 35.14 -66.59 13.37
C TYR F 437 35.65 -68.00 13.66
N ARG F 438 36.18 -68.63 12.63
CA ARG F 438 36.65 -69.98 12.78
C ARG F 438 37.96 -70.01 13.55
N LYS F 439 38.14 -71.08 14.32
CA LYS F 439 39.18 -71.18 15.32
C LYS F 439 39.79 -72.55 15.20
N ASN F 440 40.76 -72.85 16.07
CA ASN F 440 41.30 -74.19 16.19
C ASN F 440 41.43 -74.56 17.66
N VAL F 441 40.69 -75.58 18.09
CA VAL F 441 40.82 -76.09 19.44
C VAL F 441 41.33 -77.53 19.37
N ILE F 442 42.45 -77.78 20.00
CA ILE F 442 43.12 -79.06 19.89
C ILE F 442 42.53 -80.01 20.91
N HIS F 443 42.29 -81.24 20.49
CA HIS F 443 41.99 -82.32 21.42
C HIS F 443 43.27 -83.11 21.59
N ASP F 444 43.58 -83.44 22.84
CA ASP F 444 44.85 -84.06 23.20
C ASP F 444 44.60 -84.99 24.41
N GLY F 445 45.43 -86.43 24.54
CA GLY F 445 46.04 -87.98 25.05
C GLY F 445 46.43 -88.29 26.51
N SER F 446 47.47 -87.63 27.02
CA SER F 446 47.76 -87.40 28.43
C SER F 446 46.58 -86.79 29.21
N VAL F 447 46.23 -85.54 28.89
CA VAL F 447 45.28 -84.75 29.66
C VAL F 447 43.79 -85.08 29.48
N PHE F 448 43.30 -85.39 28.26
CA PHE F 448 41.87 -85.67 28.08
C PHE F 448 41.62 -87.10 27.60
N PRO F 449 41.91 -88.10 28.41
CA PRO F 449 42.06 -89.47 27.89
C PRO F 449 40.77 -90.12 27.43
N THR F 450 40.88 -90.86 26.33
CA THR F 450 39.78 -91.67 25.82
C THR F 450 39.99 -93.11 26.31
N GLU F 451 40.10 -93.25 27.62
CA GLU F 451 40.35 -94.55 28.21
C GLU F 451 39.07 -95.35 28.34
N HIS F 452 39.19 -96.60 28.75
CA HIS F 452 38.02 -97.40 29.00
C HIS F 452 37.25 -96.84 30.19
N ASP F 453 36.02 -97.30 30.35
CA ASP F 453 35.30 -97.09 31.59
C ASP F 453 36.16 -97.56 32.76
N PRO F 454 35.99 -96.99 33.94
CA PRO F 454 36.71 -97.50 35.12
C PRO F 454 36.17 -98.85 35.56
N ALA F 455 36.74 -99.35 36.65
CA ALA F 455 36.13 -100.50 37.29
C ALA F 455 34.92 -100.10 38.13
N THR F 456 35.07 -99.06 38.95
CA THR F 456 33.99 -98.59 39.82
C THR F 456 33.07 -97.69 39.01
N PRO F 457 31.76 -97.97 38.96
CA PRO F 457 30.87 -97.19 38.08
C PRO F 457 30.33 -95.94 38.76
N THR F 458 30.36 -94.84 38.03
CA THR F 458 29.81 -93.59 38.56
C THR F 458 28.30 -93.64 38.43
N THR F 459 27.61 -94.03 39.50
CA THR F 459 26.16 -94.11 39.47
C THR F 459 25.56 -92.71 39.60
N HIS F 460 24.24 -92.65 39.76
CA HIS F 460 23.52 -91.41 39.94
C HIS F 460 23.92 -90.65 41.20
N ASP F 461 24.58 -91.30 42.15
CA ASP F 461 24.95 -90.61 43.37
C ASP F 461 26.02 -89.55 43.12
N HIS F 462 26.87 -89.77 42.14
CA HIS F 462 27.99 -88.87 41.86
C HIS F 462 27.58 -87.63 41.09
N HIS F 463 26.28 -87.47 40.84
CA HIS F 463 25.78 -86.34 40.07
C HIS F 463 24.55 -85.77 40.75
N ARG F 464 24.49 -85.89 42.07
CA ARG F 464 23.38 -85.33 42.80
C ARG F 464 23.55 -83.82 42.94
N MET F 465 22.64 -83.20 43.67
CA MET F 465 22.69 -81.75 43.84
C MET F 465 23.93 -81.36 44.63
N PHE F 466 24.62 -80.33 44.17
CA PHE F 466 25.88 -79.87 44.75
C PHE F 466 26.98 -80.91 44.63
N SER F 467 26.69 -82.04 44.02
CA SER F 467 27.77 -82.93 43.61
C SER F 467 28.57 -82.31 42.47
N PHE F 468 27.96 -81.41 41.69
CA PHE F 468 28.67 -80.74 40.61
C PHE F 468 29.87 -79.96 41.13
N ALA F 469 29.86 -79.62 42.41
CA ALA F 469 30.92 -78.81 42.99
C ALA F 469 31.68 -79.52 44.11
N LEU F 470 31.01 -80.42 44.82
CA LEU F 470 31.67 -81.23 45.84
C LEU F 470 32.31 -82.49 45.29
N ASP F 471 31.56 -83.27 44.52
CA ASP F 471 31.93 -84.62 44.19
C ASP F 471 32.84 -84.71 42.98
N TRP F 472 32.94 -83.66 42.18
CA TRP F 472 33.75 -83.68 40.98
C TRP F 472 34.79 -82.57 41.02
N GLN F 473 35.88 -82.77 40.31
CA GLN F 473 36.85 -81.72 40.05
C GLN F 473 36.52 -81.04 38.72
N SER F 474 37.16 -79.90 38.48
CA SER F 474 37.04 -79.23 37.20
C SER F 474 37.97 -79.90 36.20
N ALA F 475 37.41 -80.67 35.29
CA ALA F 475 38.20 -81.36 34.30
C ALA F 475 39.12 -80.37 33.59
N PRO F 476 40.25 -80.83 33.03
CA PRO F 476 40.73 -82.19 32.93
C PRO F 476 41.41 -82.72 34.18
N VAL F 477 41.76 -84.01 34.13
CA VAL F 477 42.48 -84.66 35.21
C VAL F 477 43.93 -84.27 35.14
N ASN F 478 44.54 -83.98 36.29
CA ASN F 478 45.98 -83.75 36.33
C ASN F 478 46.65 -85.11 36.46
N ARG F 479 47.45 -85.48 35.47
CA ARG F 479 48.13 -86.77 35.45
C ARG F 479 49.62 -86.58 35.68
N LEU F 480 50.15 -87.28 36.68
CA LEU F 480 51.52 -87.04 37.09
C LEU F 480 52.46 -87.36 35.94
N SER F 481 52.92 -86.31 35.28
CA SER F 481 53.80 -86.44 34.14
C SER F 481 55.24 -86.69 34.53
N VAL F 482 55.51 -86.94 35.82
CA VAL F 482 56.85 -87.27 36.26
C VAL F 482 56.83 -88.65 36.90
N ALA F 483 57.57 -89.57 36.29
CA ALA F 483 57.57 -90.96 36.71
C ALA F 483 58.91 -91.28 37.36
N ARG F 484 58.84 -91.86 38.55
CA ARG F 484 60.03 -92.19 39.33
C ARG F 484 60.56 -93.53 38.88
N VAL F 485 61.87 -93.62 38.70
CA VAL F 485 62.49 -94.85 38.26
C VAL F 485 62.58 -95.83 39.42
N LEU F 486 62.17 -97.07 39.17
CA LEU F 486 62.36 -98.15 40.13
C LEU F 486 63.81 -98.62 40.08
N GLU F 487 64.27 -99.25 41.17
CA GLU F 487 65.69 -99.54 41.31
C GLU F 487 66.19 -100.48 40.22
N GLY F 488 65.59 -101.66 40.13
CA GLY F 488 66.07 -102.63 39.17
C GLY F 488 65.43 -102.48 37.80
N ASP F 489 65.10 -101.25 37.43
CA ASP F 489 64.37 -100.97 36.21
C ASP F 489 65.21 -101.34 34.97
N ASP F 490 64.54 -101.30 33.82
CA ASP F 490 65.19 -101.50 32.52
C ASP F 490 64.91 -100.24 31.72
N TRP F 491 65.17 -100.31 30.41
CA TRP F 491 64.65 -99.26 29.54
C TRP F 491 63.24 -99.54 29.09
N GLU F 492 62.92 -100.79 28.77
CA GLU F 492 61.60 -101.16 28.32
C GLU F 492 60.67 -101.54 29.47
N ARG F 493 61.19 -101.70 30.69
CA ARG F 493 60.32 -101.99 31.81
C ARG F 493 59.54 -100.78 32.28
N VAL F 494 60.15 -99.59 32.29
CA VAL F 494 59.39 -98.37 32.58
C VAL F 494 58.40 -98.06 31.47
N ALA F 495 58.67 -98.46 30.24
CA ALA F 495 57.68 -98.33 29.18
C ALA F 495 56.54 -99.33 29.33
N GLN F 496 56.86 -100.59 29.63
CA GLN F 496 55.82 -101.58 29.90
C GLN F 496 55.04 -101.23 31.16
N ARG F 497 55.57 -100.35 31.99
CA ARG F 497 54.82 -99.88 33.15
C ARG F 497 53.98 -98.65 32.84
N LEU F 498 54.46 -97.75 31.98
CA LEU F 498 53.76 -96.51 31.69
C LEU F 498 52.92 -96.57 30.42
N GLY F 499 52.86 -97.70 29.73
CA GLY F 499 52.08 -97.78 28.54
C GLY F 499 52.57 -96.91 27.39
N CYS F 500 53.87 -96.97 27.11
CA CYS F 500 54.47 -96.16 26.05
C CYS F 500 55.45 -97.02 25.25
N SER F 501 55.80 -96.54 24.06
CA SER F 501 56.85 -97.18 23.33
C SER F 501 58.21 -96.73 23.85
N VAL F 502 59.17 -97.66 23.81
CA VAL F 502 60.49 -97.37 24.37
C VAL F 502 61.08 -96.12 23.75
N ASP F 503 61.00 -96.02 22.43
CA ASP F 503 61.60 -94.87 21.76
C ASP F 503 60.83 -93.60 22.04
N ASP F 504 59.51 -93.66 22.15
CA ASP F 504 58.77 -92.44 22.47
C ASP F 504 59.11 -91.96 23.87
N LEU F 505 59.33 -92.89 24.81
CA LEU F 505 59.80 -92.50 26.15
C LEU F 505 61.21 -91.94 26.09
N LYS F 506 62.06 -92.52 25.25
CA LYS F 506 63.35 -91.91 24.96
C LYS F 506 63.20 -90.47 24.49
N GLU F 507 62.23 -90.21 23.62
CA GLU F 507 62.13 -88.90 22.99
C GLU F 507 61.43 -87.88 23.87
N ALA F 508 60.62 -88.33 24.83
CA ALA F 508 60.11 -87.41 25.83
C ALA F 508 61.03 -87.30 27.03
N ASN F 509 62.06 -88.14 27.10
CA ASN F 509 63.18 -87.98 28.04
C ASN F 509 64.48 -88.08 27.24
N PRO F 510 64.79 -87.09 26.43
CA PRO F 510 65.97 -87.18 25.57
C PRO F 510 67.25 -86.67 26.21
N ALA F 511 67.29 -86.53 27.53
CA ALA F 511 68.50 -86.11 28.23
C ALA F 511 69.25 -87.28 28.85
N ILE F 512 68.77 -88.51 28.67
CA ILE F 512 69.35 -89.69 29.29
C ILE F 512 69.61 -90.73 28.22
N GLU F 513 70.58 -91.59 28.48
CA GLU F 513 70.93 -92.71 27.62
C GLU F 513 70.70 -94.05 28.29
N GLU F 514 71.02 -94.18 29.58
CA GLU F 514 70.82 -95.37 30.38
C GLU F 514 70.23 -94.96 31.73
N LEU F 515 69.24 -95.74 32.17
CA LEU F 515 68.37 -95.33 33.26
C LEU F 515 68.99 -95.68 34.61
N GLU F 516 69.22 -94.67 35.43
CA GLU F 516 69.68 -94.88 36.79
C GLU F 516 68.51 -94.81 37.77
N ALA F 517 68.73 -95.33 38.97
CA ALA F 517 67.66 -95.39 39.95
C ALA F 517 67.36 -94.00 40.51
N GLY F 518 66.21 -93.88 41.16
CA GLY F 518 65.81 -92.67 41.84
C GLY F 518 65.55 -91.47 40.95
N ALA F 519 65.76 -91.59 39.64
CA ALA F 519 65.59 -90.46 38.75
C ALA F 519 64.12 -90.22 38.45
N VAL F 520 63.85 -89.07 37.83
CA VAL F 520 62.53 -88.70 37.35
C VAL F 520 62.54 -88.69 35.84
N LEU F 521 61.45 -89.12 35.22
CA LEU F 521 61.36 -89.20 33.78
C LEU F 521 60.09 -88.52 33.31
N ASN F 522 60.22 -87.68 32.28
CA ASN F 522 59.09 -86.98 31.68
C ASN F 522 58.20 -87.99 30.98
N VAL F 523 56.94 -88.05 31.38
CA VAL F 523 56.01 -89.00 30.79
C VAL F 523 55.53 -88.46 29.45
N PRO F 524 55.77 -89.17 28.34
CA PRO F 524 55.19 -88.74 27.07
C PRO F 524 53.67 -88.85 27.10
N GLY F 525 53.02 -87.88 26.47
CA GLY F 525 51.58 -87.92 26.37
C GLY F 525 51.06 -89.13 25.61
N GLY F 526 51.88 -89.71 24.74
CA GLY F 526 51.56 -90.95 24.07
C GLY F 526 51.60 -92.17 24.96
N ALA F 527 51.82 -91.98 26.25
CA ALA F 527 51.77 -93.08 27.19
C ALA F 527 50.34 -93.32 27.65
N SER F 528 49.97 -94.60 27.77
CA SER F 528 48.61 -94.98 28.07
C SER F 528 48.43 -95.48 29.50
N ARG F 529 49.50 -95.51 30.29
CA ARG F 529 49.41 -95.93 31.68
C ARG F 529 49.90 -94.82 32.62
N ARG F 530 49.43 -93.60 32.38
CA ARG F 530 49.78 -92.49 33.24
C ARG F 530 48.79 -92.36 34.38
N LEU F 531 49.31 -92.13 35.57
CA LEU F 531 48.51 -92.19 36.79
C LEU F 531 48.07 -90.81 37.22
N THR F 532 46.83 -90.72 37.69
CA THR F 532 46.33 -89.45 38.18
C THR F 532 47.07 -89.04 39.44
N SER F 533 47.13 -87.74 39.67
CA SER F 533 47.75 -87.24 40.88
C SER F 533 46.96 -87.69 42.10
N PHE F 534 47.66 -87.93 43.20
CA PHE F 534 47.05 -88.21 44.50
C PHE F 534 46.11 -89.41 44.42
N GLY F 535 46.74 -90.57 44.17
CA GLY F 535 45.97 -91.79 44.00
C GLY F 535 45.05 -92.08 45.17
N ALA F 536 44.14 -93.02 44.97
CA ALA F 536 43.02 -93.26 45.86
C ALA F 536 43.42 -93.85 47.21
N ALA F 537 44.71 -94.09 47.45
CA ALA F 537 45.14 -94.81 48.64
C ALA F 537 45.31 -93.82 49.79
N PRO F 538 44.53 -93.94 50.86
CA PRO F 538 44.83 -93.15 52.07
C PRO F 538 46.17 -93.60 52.64
N ARG F 539 47.14 -92.70 52.62
CA ARG F 539 48.50 -93.07 52.97
C ARG F 539 48.59 -93.42 54.45
N VAL F 540 49.44 -94.40 54.76
CA VAL F 540 49.57 -94.94 56.10
C VAL F 540 50.65 -94.15 56.85
N LEU F 541 50.47 -94.04 58.16
CA LEU F 541 51.40 -93.29 59.00
C LEU F 541 51.58 -94.06 60.30
N PRO F 542 52.30 -95.17 60.27
CA PRO F 542 52.40 -96.03 61.47
C PRO F 542 53.45 -95.52 62.44
N LEU F 543 53.16 -95.70 63.72
CA LEU F 543 54.01 -95.25 64.81
C LEU F 543 54.91 -96.36 65.34
N GLN F 544 55.45 -97.19 64.44
CA GLN F 544 56.25 -98.32 64.89
C GLN F 544 57.72 -97.92 65.08
N ASN F 545 58.26 -97.12 64.16
CA ASN F 545 59.69 -96.78 64.18
C ASN F 545 59.90 -95.27 64.21
N PRO F 546 60.08 -94.67 65.39
CA PRO F 546 60.67 -93.33 65.48
C PRO F 546 62.18 -93.41 65.59
N ASN F 547 62.83 -92.27 65.82
CA ASN F 547 64.24 -92.31 66.22
C ASN F 547 64.39 -92.78 67.66
N ASN F 548 63.36 -92.60 68.49
CA ASN F 548 63.36 -93.23 69.81
C ASN F 548 63.30 -94.74 69.71
N GLY F 549 62.84 -95.28 68.57
CA GLY F 549 62.67 -96.70 68.41
C GLY F 549 61.39 -97.26 68.99
N LYS F 550 60.60 -96.44 69.69
CA LYS F 550 59.36 -96.90 70.31
C LYS F 550 58.13 -96.25 69.68
N ARG F 551 58.02 -94.92 69.75
CA ARG F 551 56.81 -94.23 69.33
C ARG F 551 57.13 -92.78 69.02
N ILE F 552 56.37 -92.22 68.07
CA ILE F 552 56.50 -90.82 67.69
C ILE F 552 55.55 -89.98 68.53
N ARG F 553 56.10 -89.03 69.29
CA ARG F 553 55.35 -88.35 70.34
C ARG F 553 54.73 -87.03 69.91
N THR F 554 55.53 -86.10 69.41
CA THR F 554 55.08 -84.76 69.11
C THR F 554 54.18 -84.74 67.86
N TRP F 555 53.95 -83.53 67.34
CA TRP F 555 53.19 -83.33 66.13
C TRP F 555 54.03 -82.89 64.94
N GLU F 556 54.98 -81.97 65.14
CA GLU F 556 55.82 -81.52 64.04
C GLU F 556 56.66 -82.67 63.49
N ASP F 557 56.72 -83.79 64.20
CA ASP F 557 57.39 -84.97 63.68
C ASP F 557 56.84 -85.37 62.32
N ALA F 558 55.52 -85.46 62.21
CA ALA F 558 54.90 -85.85 60.94
C ALA F 558 55.11 -84.78 59.88
N ALA F 559 55.17 -83.51 60.26
CA ALA F 559 55.51 -82.47 59.30
C ALA F 559 56.81 -82.77 58.57
N THR F 560 57.85 -83.17 59.28
CA THR F 560 59.15 -83.45 58.66
C THR F 560 59.20 -84.82 58.01
N VAL F 561 58.61 -85.86 58.62
CA VAL F 561 58.67 -87.18 57.98
C VAL F 561 57.71 -87.30 56.81
N LEU F 562 56.77 -86.36 56.66
CA LEU F 562 55.82 -86.37 55.57
C LEU F 562 56.08 -85.27 54.55
N ASP F 563 56.89 -84.26 54.90
CA ASP F 563 57.23 -83.19 53.99
C ASP F 563 55.97 -82.43 53.57
N CYS F 564 55.27 -81.90 54.57
CA CYS F 564 54.09 -81.07 54.34
C CYS F 564 54.12 -79.90 55.33
N THR F 565 53.17 -78.99 55.21
CA THR F 565 53.07 -77.92 56.19
C THR F 565 52.27 -78.41 57.39
N VAL F 566 52.54 -77.80 58.55
CA VAL F 566 51.91 -78.29 59.77
C VAL F 566 50.40 -78.18 59.72
N GLU F 567 49.86 -77.25 58.93
CA GLU F 567 48.41 -77.14 58.82
C GLU F 567 47.82 -78.14 57.82
N GLU F 568 48.66 -78.92 57.15
CA GLU F 568 48.13 -80.06 56.41
C GLU F 568 48.07 -81.31 57.28
N LEU F 569 48.85 -81.36 58.35
CA LEU F 569 48.71 -82.46 59.28
C LEU F 569 47.62 -82.17 60.30
N GLN F 570 47.71 -81.01 60.94
CA GLN F 570 46.79 -80.65 62.01
C GLN F 570 45.40 -80.31 61.48
N GLN F 571 45.23 -80.15 60.17
CA GLN F 571 43.88 -80.08 59.62
C GLN F 571 43.34 -81.48 59.31
N ALA F 572 44.07 -82.23 58.48
CA ALA F 572 43.64 -83.56 58.10
C ALA F 572 43.41 -84.48 59.31
N ASN F 573 44.03 -84.17 60.45
CA ASN F 573 43.91 -84.99 61.64
C ASN F 573 42.99 -84.34 62.68
N GLY F 574 41.70 -84.71 62.60
CA GLY F 574 40.74 -84.24 63.58
C GLY F 574 40.74 -85.00 64.89
N HIS F 575 40.71 -86.34 64.84
CA HIS F 575 40.63 -87.13 66.06
C HIS F 575 41.89 -86.97 66.91
N ALA F 576 43.06 -87.27 66.33
CA ALA F 576 44.29 -87.24 67.10
C ALA F 576 44.61 -85.84 67.64
N ALA F 577 44.08 -84.80 67.01
CA ALA F 577 44.33 -83.45 67.52
C ALA F 577 43.81 -83.28 68.94
N LEU F 578 42.76 -84.03 69.31
CA LEU F 578 42.15 -83.94 70.62
C LEU F 578 42.60 -85.06 71.57
N THR F 579 43.35 -86.04 71.08
CA THR F 579 43.88 -87.09 71.93
C THR F 579 45.38 -87.02 72.15
N TYR F 580 46.11 -86.25 71.36
CA TYR F 580 47.55 -86.20 71.54
C TYR F 580 47.96 -85.09 72.50
N LYS F 581 47.35 -83.90 72.37
CA LYS F 581 47.70 -82.74 73.20
C LYS F 581 49.18 -82.40 73.07
N GLN F 582 49.74 -82.64 71.88
CA GLN F 582 51.16 -82.44 71.58
C GLN F 582 52.06 -83.45 72.31
N THR F 583 51.47 -84.53 72.81
CA THR F 583 52.23 -85.63 73.41
C THR F 583 51.83 -87.01 72.92
N GLY F 584 50.55 -87.26 72.69
CA GLY F 584 50.10 -88.53 72.14
C GLY F 584 49.94 -89.69 73.09
N GLU F 585 50.90 -89.92 73.99
CA GLU F 585 50.80 -91.05 74.89
C GLU F 585 49.71 -90.83 75.93
N ASN F 586 49.05 -89.67 75.90
CA ASN F 586 47.76 -89.46 76.51
C ASN F 586 46.63 -89.58 75.49
N GLY F 587 46.79 -90.49 74.53
CA GLY F 587 45.76 -90.67 73.52
C GLY F 587 44.68 -91.64 73.98
N GLU F 588 43.46 -91.12 74.10
CA GLU F 588 42.34 -91.91 74.58
C GLU F 588 41.82 -92.85 73.51
N GLY F 589 41.53 -94.08 73.92
CA GLY F 589 41.15 -95.15 73.01
C GLY F 589 39.77 -95.02 72.41
N GLU F 590 39.07 -93.92 72.69
CA GLU F 590 37.82 -93.65 71.99
C GLU F 590 38.06 -93.47 70.50
N PHE F 591 39.26 -93.02 70.13
CA PHE F 591 39.66 -92.88 68.73
C PHE F 591 40.95 -93.70 68.55
N GLY F 592 40.75 -94.97 68.22
CA GLY F 592 41.81 -95.92 68.06
C GLY F 592 42.81 -95.58 66.96
N PRO F 593 42.34 -95.42 65.72
CA PRO F 593 43.29 -95.24 64.61
C PRO F 593 44.15 -94.01 64.74
N SER F 594 43.69 -92.98 65.47
CA SER F 594 44.40 -91.70 65.47
C SER F 594 45.66 -91.74 66.32
N VAL F 595 45.75 -92.67 67.27
CA VAL F 595 46.90 -92.70 68.16
C VAL F 595 48.00 -93.61 67.60
N THR F 596 47.60 -94.77 67.08
CA THR F 596 48.55 -95.68 66.45
C THR F 596 48.92 -95.26 65.03
N GLU F 597 48.10 -94.44 64.38
CA GLU F 597 48.35 -93.92 63.05
C GLU F 597 47.81 -92.50 62.98
N LEU F 598 48.46 -91.65 62.21
CA LEU F 598 48.03 -90.26 62.07
C LEU F 598 47.62 -90.05 60.63
N ASN F 599 46.31 -89.99 60.36
CA ASN F 599 45.82 -90.11 58.99
C ASN F 599 46.43 -89.04 58.10
N VAL F 600 47.01 -89.48 57.00
CA VAL F 600 47.81 -88.63 56.13
C VAL F 600 46.87 -87.71 55.36
N PRO F 601 47.25 -86.45 55.14
CA PRO F 601 46.46 -85.61 54.24
C PRO F 601 46.47 -86.17 52.83
N LEU F 602 45.46 -85.77 52.06
CA LEU F 602 45.38 -86.23 50.68
C LEU F 602 46.46 -85.57 49.82
N SER F 603 47.01 -84.45 50.28
CA SER F 603 47.98 -83.71 49.47
C SER F 603 49.29 -84.45 49.32
N CYS F 604 49.65 -85.33 50.25
CA CYS F 604 50.88 -86.09 50.16
C CYS F 604 50.65 -87.54 49.80
N TRP F 605 49.61 -87.83 49.03
CA TRP F 605 49.34 -89.21 48.63
C TRP F 605 50.21 -89.60 47.44
N VAL F 606 50.36 -90.90 47.26
CA VAL F 606 51.18 -91.43 46.19
C VAL F 606 50.37 -92.43 45.38
N SER F 607 50.57 -92.40 44.07
CA SER F 607 49.81 -93.21 43.12
C SER F 607 50.74 -94.23 42.46
N THR F 608 50.29 -95.48 42.38
CA THR F 608 51.00 -96.55 41.68
C THR F 608 49.99 -97.43 40.95
N ALA F 609 50.51 -98.44 40.26
CA ALA F 609 49.69 -99.25 39.36
C ALA F 609 48.53 -99.94 40.06
N GLU F 610 48.76 -100.55 41.22
CA GLU F 610 47.73 -101.35 41.86
C GLU F 610 46.68 -100.50 42.56
N THR F 611 46.93 -99.20 42.76
CA THR F 611 45.88 -98.30 43.20
C THR F 611 45.25 -97.55 42.04
N GLU F 612 45.92 -97.46 40.90
CA GLU F 612 45.39 -96.68 39.80
C GLU F 612 44.68 -97.56 38.79
N PHE F 613 45.41 -98.45 38.13
CA PHE F 613 44.85 -99.32 37.12
C PHE F 613 44.39 -100.62 37.75
N SER F 614 43.26 -101.12 37.26
CA SER F 614 42.58 -102.24 37.90
C SER F 614 43.32 -103.55 37.62
N PRO F 615 43.62 -104.35 38.64
CA PRO F 615 44.21 -105.67 38.41
C PRO F 615 43.21 -106.67 37.83
N VAL F 616 41.93 -106.38 37.87
CA VAL F 616 40.91 -107.35 37.50
C VAL F 616 39.96 -106.73 36.47
N GLU F 617 39.38 -107.60 35.65
CA GLU F 617 38.48 -107.23 34.56
C GLU F 617 37.21 -108.05 34.68
N LEU F 618 36.08 -107.47 34.27
CA LEU F 618 34.82 -108.19 34.24
C LEU F 618 34.75 -109.04 32.97
N VAL F 619 34.23 -110.25 33.10
CA VAL F 619 34.05 -111.12 31.94
C VAL F 619 32.71 -110.79 31.31
N PHE F 620 32.67 -110.80 29.98
CA PHE F 620 31.42 -110.62 29.28
C PHE F 620 30.71 -111.96 29.20
N ALA F 621 29.71 -112.06 28.33
CA ALA F 621 29.07 -113.35 28.12
C ALA F 621 29.80 -114.19 27.09
N GLY F 622 30.23 -113.59 25.97
CA GLY F 622 30.82 -114.31 24.87
C GLY F 622 32.28 -113.99 24.66
N ASP F 623 33.01 -113.89 25.76
CA ASP F 623 34.39 -113.44 25.76
C ASP F 623 35.36 -114.60 25.64
N THR F 624 36.17 -114.56 24.60
CA THR F 624 37.30 -115.47 24.47
C THR F 624 38.56 -114.69 24.79
N PHE F 625 39.60 -115.39 25.25
CA PHE F 625 40.82 -114.68 25.61
C PHE F 625 41.38 -113.90 24.42
N ALA F 626 41.07 -114.31 23.20
CA ALA F 626 41.34 -113.46 22.05
C ALA F 626 40.67 -112.10 22.21
N THR F 627 39.39 -112.09 22.60
CA THR F 627 38.68 -110.83 22.75
C THR F 627 39.17 -110.06 23.97
N ILE F 628 39.61 -110.75 25.02
CA ILE F 628 40.16 -110.04 26.17
C ILE F 628 41.45 -109.32 25.79
N ALA F 629 42.30 -109.98 25.01
CA ALA F 629 43.48 -109.28 24.52
C ALA F 629 43.10 -108.14 23.60
N GLN F 630 42.15 -108.37 22.70
CA GLN F 630 41.72 -107.31 21.79
C GLN F 630 41.15 -106.12 22.54
N ARG F 631 40.62 -106.34 23.75
CA ARG F 631 40.04 -105.22 24.50
C ARG F 631 41.08 -104.54 25.37
N LEU F 632 41.69 -105.28 26.30
CA LEU F 632 42.62 -104.65 27.23
C LEU F 632 44.02 -104.47 26.66
N ARG F 633 44.20 -104.75 25.37
CA ARG F 633 45.34 -104.28 24.56
C ARG F 633 46.67 -104.86 25.04
N CYS F 634 46.70 -106.16 25.32
CA CYS F 634 47.92 -106.90 25.53
C CYS F 634 47.87 -108.20 24.74
N SER F 635 48.75 -109.13 25.10
CA SER F 635 48.84 -110.40 24.39
C SER F 635 48.05 -111.49 25.11
N GLU F 636 47.46 -112.38 24.32
CA GLU F 636 46.80 -113.56 24.88
C GLU F 636 47.77 -114.45 25.63
N GLU F 637 49.03 -114.48 25.24
CA GLU F 637 50.01 -115.26 25.98
C GLU F 637 50.30 -114.62 27.34
N ALA F 638 50.42 -113.30 27.39
CA ALA F 638 50.53 -112.64 28.69
C ALA F 638 49.32 -112.87 29.55
N LEU F 639 48.11 -112.88 28.95
CA LEU F 639 46.91 -113.16 29.73
C LEU F 639 46.86 -114.59 30.23
N LYS F 640 47.23 -115.56 29.41
CA LYS F 640 47.25 -116.94 29.87
C LYS F 640 48.39 -117.19 30.85
N LYS F 641 49.39 -116.30 30.86
CA LYS F 641 50.45 -116.43 31.85
C LYS F 641 50.06 -115.81 33.18
N ALA F 642 49.35 -114.70 33.16
CA ALA F 642 48.92 -114.04 34.39
C ALA F 642 47.54 -114.47 34.84
N ASN F 643 47.01 -115.55 34.30
CA ASN F 643 45.69 -116.04 34.68
C ASN F 643 45.72 -117.53 35.02
N ASP F 644 46.86 -117.99 35.52
CA ASP F 644 47.03 -119.39 35.93
C ASP F 644 46.76 -120.35 34.79
N GLY F 645 46.86 -119.87 33.55
CA GLY F 645 46.69 -120.70 32.38
C GLY F 645 45.31 -121.28 32.19
N GLN F 646 44.27 -120.46 32.33
CA GLN F 646 42.93 -120.97 32.10
C GLN F 646 42.62 -121.02 30.60
N SER F 647 41.64 -121.85 30.24
CA SER F 647 41.32 -122.04 28.84
C SER F 647 40.00 -121.37 28.45
N ASP F 648 38.91 -121.73 29.12
CA ASP F 648 37.59 -121.18 28.82
C ASP F 648 37.18 -120.20 29.90
N LEU F 649 36.39 -119.19 29.53
CA LEU F 649 36.06 -118.09 30.41
C LEU F 649 34.66 -118.22 31.02
N SER F 650 33.72 -118.85 30.30
CA SER F 650 32.38 -119.04 30.85
C SER F 650 32.41 -119.81 32.16
N HIS F 651 33.61 -120.28 32.54
CA HIS F 651 33.87 -120.97 33.79
C HIS F 651 34.55 -120.05 34.80
N ALA F 652 34.31 -118.75 34.71
CA ALA F 652 34.83 -117.75 35.62
C ALA F 652 33.91 -116.54 35.62
N ARG F 653 34.27 -115.51 36.38
CA ARG F 653 33.49 -114.28 36.39
C ARG F 653 34.34 -113.02 36.33
N PHE F 654 35.63 -113.14 36.67
CA PHE F 654 36.59 -112.06 36.49
C PHE F 654 37.73 -112.58 35.61
N VAL F 655 38.68 -111.71 35.32
CA VAL F 655 39.95 -112.10 34.70
C VAL F 655 41.04 -111.26 35.33
N ARG F 656 42.19 -111.87 35.62
CA ARG F 656 43.37 -111.10 36.02
C ARG F 656 43.98 -110.45 34.79
N VAL F 657 44.12 -109.13 34.82
CA VAL F 657 44.78 -108.44 33.73
C VAL F 657 46.18 -108.05 34.18
N PRO F 658 47.22 -108.62 33.59
CA PRO F 658 48.58 -108.28 33.98
C PRO F 658 48.92 -106.85 33.61
N ALA F 659 49.92 -106.30 34.30
CA ALA F 659 50.37 -104.94 34.05
C ALA F 659 50.91 -104.74 32.64
N GLU F 660 51.02 -105.80 31.84
CA GLU F 660 51.41 -105.67 30.45
C GLU F 660 50.38 -104.93 29.61
N ALA F 661 49.20 -104.65 30.16
CA ALA F 661 48.13 -104.07 29.38
C ALA F 661 48.43 -102.60 29.08
N LYS F 662 48.39 -102.24 27.80
CA LYS F 662 48.57 -100.84 27.45
C LYS F 662 47.37 -99.99 27.81
N ALA F 663 46.15 -100.51 27.67
CA ALA F 663 44.92 -99.77 27.93
C ALA F 663 44.16 -100.44 29.05
N PRO F 664 44.58 -100.23 30.30
CA PRO F 664 43.94 -100.90 31.42
C PRO F 664 42.79 -100.11 32.00
N ARG F 665 41.82 -100.84 32.52
CA ARG F 665 40.72 -100.21 33.25
C ARG F 665 41.26 -99.50 34.48
N ARG F 666 40.68 -98.34 34.79
CA ARG F 666 41.10 -97.61 35.97
C ARG F 666 40.23 -97.99 37.17
N LEU F 667 40.79 -97.74 38.36
CA LEU F 667 40.21 -98.27 39.58
C LEU F 667 39.06 -97.40 40.08
N LEU F 668 39.14 -96.11 39.83
CA LEU F 668 38.06 -95.17 40.11
C LEU F 668 38.01 -94.16 38.97
N GLU F 669 36.90 -93.46 38.86
CA GLU F 669 36.75 -92.50 37.78
C GLU F 669 37.82 -91.41 37.89
N PRO F 670 38.77 -91.33 36.95
CA PRO F 670 39.92 -90.45 37.15
C PRO F 670 39.58 -89.00 37.40
N GLN F 671 38.38 -88.54 37.06
CA GLN F 671 37.94 -87.19 37.36
C GLN F 671 37.33 -87.06 38.75
N LEU F 672 36.85 -88.14 39.34
CA LEU F 672 36.11 -88.03 40.57
C LEU F 672 36.94 -87.31 41.63
N ARG F 673 36.29 -86.45 42.38
CA ARG F 673 36.90 -85.81 43.54
C ARG F 673 36.93 -86.78 44.71
N SER F 674 38.13 -87.12 45.17
CA SER F 674 38.24 -88.02 46.31
C SER F 674 37.64 -87.37 47.56
N GLN F 675 37.03 -88.20 48.40
CA GLN F 675 36.30 -87.73 49.56
C GLN F 675 37.18 -86.96 50.54
N ALA F 676 38.50 -87.05 50.41
CA ALA F 676 39.39 -86.35 51.32
C ALA F 676 39.37 -84.85 51.12
N ALA F 677 39.32 -84.39 49.86
CA ALA F 677 39.19 -82.97 49.56
C ALA F 677 37.86 -82.41 50.00
N THR F 678 37.00 -83.23 50.61
CA THR F 678 35.74 -82.79 51.19
C THR F 678 35.71 -82.95 52.70
N ASP F 679 36.36 -83.99 53.21
CA ASP F 679 36.66 -83.99 54.64
C ASP F 679 37.42 -82.75 55.05
N VAL F 680 38.40 -82.33 54.24
CA VAL F 680 39.18 -81.15 54.57
C VAL F 680 38.35 -79.89 54.39
N LEU F 681 37.11 -80.02 53.92
CA LEU F 681 36.15 -78.93 54.09
C LEU F 681 35.37 -79.08 55.39
N MET F 682 34.92 -80.29 55.69
CA MET F 682 34.04 -80.52 56.84
C MET F 682 34.84 -80.74 58.13
N THR F 683 36.11 -80.30 58.14
CA THR F 683 37.01 -80.55 59.26
C THR F 683 36.34 -80.26 60.60
N ARG F 684 35.83 -79.04 60.76
CA ARG F 684 35.30 -78.64 62.06
C ARG F 684 33.99 -79.34 62.37
N THR F 685 33.19 -79.65 61.36
CA THR F 685 32.05 -80.53 61.61
C THR F 685 32.51 -81.97 61.82
N ILE F 686 33.55 -82.39 61.08
CA ILE F 686 34.18 -83.66 61.40
C ILE F 686 34.70 -83.67 62.83
N ALA F 687 35.44 -82.63 63.21
CA ALA F 687 36.01 -82.56 64.55
C ALA F 687 34.91 -82.54 65.61
N GLU F 688 33.88 -81.72 65.44
CA GLU F 688 32.85 -81.64 66.45
C GLU F 688 31.93 -82.85 66.44
N GLU F 689 31.73 -83.52 65.30
CA GLU F 689 30.96 -84.75 65.29
C GLU F 689 31.72 -85.86 66.02
N ALA F 690 33.04 -85.90 65.87
CA ALA F 690 33.84 -86.85 66.60
C ALA F 690 33.88 -86.54 68.07
N ALA F 691 33.93 -85.24 68.43
CA ALA F 691 34.07 -84.84 69.82
C ALA F 691 32.74 -84.89 70.57
N TYR F 692 31.62 -84.77 69.87
CA TYR F 692 30.32 -84.78 70.50
C TYR F 692 29.51 -86.03 70.18
N GLY F 693 30.09 -86.98 69.44
CA GLY F 693 29.54 -88.31 69.36
C GLY F 693 28.15 -88.40 68.78
N ILE F 694 27.81 -87.52 67.84
CA ILE F 694 26.52 -87.61 67.18
C ILE F 694 26.55 -88.85 66.28
N LYS F 695 25.93 -89.93 66.76
CA LYS F 695 25.79 -91.13 65.94
C LYS F 695 25.02 -90.80 64.67
N ASN F 696 23.90 -90.09 64.82
CA ASN F 696 23.19 -89.50 63.70
C ASN F 696 22.20 -88.48 64.24
N ILE F 697 21.59 -87.75 63.31
CA ILE F 697 20.48 -86.85 63.60
C ILE F 697 19.39 -87.18 62.59
N PRO F 698 18.22 -87.64 63.02
CA PRO F 698 17.17 -87.99 62.05
C PRO F 698 16.58 -86.76 61.40
N ASP F 699 16.26 -86.89 60.11
CA ASP F 699 15.66 -85.82 59.32
C ASP F 699 14.13 -85.88 59.33
N LEU F 700 13.57 -87.07 59.42
CA LEU F 700 12.13 -87.31 59.45
C LEU F 700 11.78 -88.07 60.72
N PRO F 701 10.57 -87.89 61.23
CA PRO F 701 10.12 -88.68 62.39
C PRO F 701 10.12 -90.16 62.07
N SER F 702 10.24 -90.97 63.13
CA SER F 702 10.37 -92.41 62.94
C SER F 702 9.13 -93.01 62.30
N ASN F 703 7.97 -92.35 62.44
CA ASN F 703 6.73 -92.79 61.81
C ASN F 703 6.45 -92.01 60.54
N ALA F 704 7.49 -91.68 59.78
CA ALA F 704 7.33 -90.75 58.66
C ALA F 704 6.41 -91.27 57.59
N SER F 705 6.52 -92.55 57.24
CA SER F 705 5.70 -93.06 56.15
C SER F 705 4.29 -93.43 56.57
N LYS F 706 4.01 -93.49 57.87
CA LYS F 706 2.64 -93.74 58.28
C LYS F 706 1.67 -92.65 57.84
N PHE F 707 2.17 -91.45 57.57
CA PHE F 707 1.34 -90.30 57.20
C PHE F 707 1.85 -89.74 55.89
N PRO F 708 1.17 -90.01 54.78
CA PRO F 708 1.77 -89.81 53.46
C PRO F 708 1.91 -88.36 53.03
N HIS F 709 0.97 -87.50 53.41
CA HIS F 709 0.93 -86.16 52.85
C HIS F 709 1.43 -85.07 53.80
N GLU F 710 1.75 -85.39 55.05
CA GLU F 710 2.29 -84.37 55.93
C GLU F 710 3.73 -83.97 55.60
N TYR F 711 4.59 -84.92 55.26
CA TYR F 711 6.04 -84.71 55.23
C TYR F 711 6.54 -84.78 53.80
N HIS F 712 6.64 -83.62 53.16
CA HIS F 712 7.05 -83.50 51.77
C HIS F 712 8.36 -82.74 51.73
N THR F 713 9.44 -83.42 51.36
CA THR F 713 10.71 -82.73 51.26
C THR F 713 10.61 -81.63 50.20
N PRO F 714 11.38 -80.56 50.33
CA PRO F 714 11.58 -79.65 49.18
C PRO F 714 12.12 -80.36 47.95
N THR F 715 12.36 -81.66 48.02
CA THR F 715 12.62 -82.48 46.85
C THR F 715 11.43 -83.34 46.47
N SER F 716 10.61 -83.76 47.44
CA SER F 716 9.52 -84.70 47.19
C SER F 716 8.72 -84.28 45.97
N ARG F 717 8.38 -85.27 45.14
CA ARG F 717 7.70 -84.98 43.88
C ARG F 717 6.60 -85.99 43.61
N PHE F 718 5.68 -85.58 42.74
CA PHE F 718 4.48 -86.30 42.40
C PHE F 718 4.50 -86.69 40.92
N PRO F 719 3.76 -87.73 40.52
CA PRO F 719 2.86 -88.55 41.33
C PRO F 719 3.60 -89.47 42.31
N THR F 720 3.20 -89.46 43.58
CA THR F 720 3.90 -90.22 44.61
C THR F 720 3.73 -91.71 44.38
N THR F 721 4.82 -92.38 44.04
CA THR F 721 4.73 -93.76 43.59
C THR F 721 4.26 -94.67 44.72
N PRO F 722 3.40 -95.64 44.44
CA PRO F 722 2.96 -96.58 45.47
C PRO F 722 4.01 -97.62 45.81
N LYS F 723 3.84 -98.23 46.98
CA LYS F 723 4.70 -99.32 47.42
C LYS F 723 4.35 -100.61 46.69
N GLU F 724 5.38 -101.33 46.26
CA GLU F 724 5.20 -102.38 45.27
C GLU F 724 4.80 -103.70 45.94
N LYS F 725 3.93 -104.44 45.26
CA LYS F 725 3.61 -105.81 45.62
C LYS F 725 4.64 -106.76 45.02
N GLU F 726 4.35 -108.05 45.05
CA GLU F 726 5.40 -109.02 44.73
C GLU F 726 5.77 -108.99 43.24
N SER F 727 4.85 -109.37 42.37
CA SER F 727 5.21 -109.66 40.99
C SER F 727 4.15 -109.13 40.03
N GLU F 728 3.77 -107.86 40.19
CA GLU F 728 2.66 -107.25 39.44
C GLU F 728 3.03 -106.96 37.99
N SER F 729 4.10 -107.57 37.47
CA SER F 729 4.80 -107.02 36.31
C SER F 729 3.92 -107.02 35.07
N ASP F 730 3.56 -108.20 34.58
CA ASP F 730 2.80 -108.34 33.34
C ASP F 730 1.67 -109.32 33.57
N TRP F 731 0.97 -109.68 32.49
CA TRP F 731 -0.17 -110.58 32.66
C TRP F 731 0.27 -112.03 32.80
N MET F 732 1.38 -112.43 32.16
CA MET F 732 1.86 -113.80 32.34
C MET F 732 2.32 -114.02 33.78
N ALA F 733 3.21 -113.18 34.29
CA ALA F 733 3.60 -113.32 35.68
C ALA F 733 2.41 -113.09 36.62
N TYR F 734 1.46 -112.25 36.20
CA TYR F 734 0.31 -112.02 37.05
C TYR F 734 -0.52 -113.29 37.21
N THR F 735 -0.82 -113.99 36.11
CA THR F 735 -1.56 -115.23 36.26
C THR F 735 -0.70 -116.33 36.88
N ALA F 736 0.62 -116.25 36.71
CA ALA F 736 1.49 -117.28 37.27
C ALA F 736 1.50 -117.23 38.79
N ARG F 737 1.64 -116.06 39.38
CA ARG F 737 1.67 -116.03 40.83
C ARG F 737 0.29 -115.84 41.44
N TYR F 738 -0.60 -115.10 40.78
CA TYR F 738 -1.80 -114.57 41.42
C TYR F 738 -3.07 -115.32 41.09
N LEU F 739 -3.24 -115.79 39.85
CA LEU F 739 -4.43 -116.55 39.47
C LEU F 739 -4.16 -118.04 39.37
N ASP F 740 -3.33 -118.43 38.43
CA ASP F 740 -3.04 -119.84 38.15
C ASP F 740 -1.62 -120.11 38.66
N LYS F 741 -1.50 -120.38 39.95
CA LYS F 741 -0.22 -120.58 40.59
C LYS F 741 0.61 -121.67 39.92
N GLN F 742 0.00 -122.46 39.04
CA GLN F 742 0.64 -123.60 38.42
C GLN F 742 0.78 -123.40 36.92
N PHE F 743 0.71 -122.14 36.49
CA PHE F 743 0.86 -121.80 35.09
C PHE F 743 2.21 -122.24 34.57
N THR F 744 2.28 -122.45 33.25
CA THR F 744 3.51 -122.96 32.66
C THR F 744 4.58 -121.88 32.51
N HIS F 745 4.16 -120.64 32.23
CA HIS F 745 5.20 -119.71 31.84
C HIS F 745 5.50 -118.72 32.95
N PRO F 746 6.78 -118.52 33.27
CA PRO F 746 7.15 -117.71 34.43
C PRO F 746 6.77 -116.25 34.26
N THR F 747 7.15 -115.66 33.15
CA THR F 747 6.69 -114.34 32.76
C THR F 747 6.77 -114.26 31.26
N GLU F 748 6.27 -113.16 30.70
CA GLU F 748 6.32 -112.99 29.27
C GLU F 748 7.76 -113.08 28.80
N PRO F 749 8.08 -114.06 27.95
CA PRO F 749 9.49 -114.28 27.61
C PRO F 749 10.11 -113.05 26.97
N THR F 750 10.96 -112.41 27.75
CA THR F 750 11.72 -111.19 27.87
C THR F 750 12.97 -111.27 27.01
N PRO F 751 13.21 -110.25 26.20
CA PRO F 751 14.52 -110.10 25.55
C PRO F 751 15.56 -109.89 26.64
N ILE F 752 16.71 -110.53 26.47
CA ILE F 752 17.75 -110.39 27.49
C ILE F 752 18.26 -108.96 27.51
N TYR F 753 17.88 -108.16 26.52
CA TYR F 753 18.34 -106.79 26.38
C TYR F 753 17.54 -105.85 27.25
N ASN F 754 17.67 -104.55 26.94
CA ASN F 754 17.10 -103.50 27.77
C ASN F 754 15.80 -102.99 27.16
N VAL F 755 14.73 -103.05 27.93
CA VAL F 755 13.45 -102.46 27.56
C VAL F 755 13.37 -101.09 28.22
N ASN F 756 13.51 -100.04 27.42
CA ASN F 756 13.35 -98.68 27.94
C ASN F 756 11.86 -98.37 27.91
N LYS F 757 11.09 -99.14 28.68
CA LYS F 757 9.68 -98.85 28.88
C LYS F 757 9.45 -97.37 29.12
N LEU F 758 10.10 -96.82 30.14
CA LEU F 758 10.02 -95.40 30.46
C LEU F 758 10.78 -94.64 29.38
N TRP F 759 10.08 -94.31 28.30
CA TRP F 759 10.73 -93.72 27.17
C TRP F 759 10.09 -92.37 26.94
N PRO F 760 10.88 -91.35 26.57
CA PRO F 760 12.34 -91.48 26.53
C PRO F 760 13.04 -91.11 27.84
N MET F 761 12.28 -91.02 28.93
CA MET F 761 12.83 -90.56 30.21
C MET F 761 13.79 -91.60 30.76
N GLN F 762 15.08 -91.30 30.70
CA GLN F 762 16.09 -92.15 31.34
C GLN F 762 15.89 -92.11 32.84
N GLN F 763 15.61 -93.26 33.44
CA GLN F 763 15.27 -93.32 34.85
C GLN F 763 16.26 -94.20 35.62
N VAL F 764 16.41 -93.87 36.90
CA VAL F 764 17.38 -94.53 37.79
C VAL F 764 17.05 -96.01 37.88
N PRO F 765 17.93 -96.92 37.48
CA PRO F 765 17.67 -98.34 37.72
C PRO F 765 17.66 -98.65 39.20
N GLY F 766 17.00 -99.75 39.55
CA GLY F 766 16.77 -100.07 40.94
C GLY F 766 15.68 -99.25 41.58
N LYS F 767 15.03 -98.37 40.82
CA LYS F 767 13.95 -97.54 41.34
C LYS F 767 12.65 -98.03 40.74
N ILE F 768 11.65 -98.28 41.59
CA ILE F 768 10.35 -98.75 41.14
C ILE F 768 9.54 -97.54 40.68
N ASP F 769 9.22 -97.48 39.40
CA ASP F 769 8.62 -96.31 38.80
C ASP F 769 7.36 -96.70 38.03
N GLN F 770 6.52 -95.71 37.78
CA GLN F 770 5.35 -95.86 36.93
C GLN F 770 5.72 -95.36 35.54
N THR F 771 4.88 -95.68 34.56
CA THR F 771 4.96 -95.06 33.26
C THR F 771 3.83 -94.03 33.12
N PRO F 772 3.93 -93.12 32.16
CA PRO F 772 2.85 -92.15 31.97
C PRO F 772 1.54 -92.86 31.66
N PHE F 773 0.52 -92.56 32.45
CA PHE F 773 -0.67 -93.38 32.49
C PHE F 773 -1.35 -93.45 31.13
N GLU F 774 -2.29 -94.39 31.00
CA GLU F 774 -3.09 -94.53 29.79
C GLU F 774 -4.51 -94.06 30.00
N GLU F 775 -5.17 -94.48 31.07
CA GLU F 775 -6.57 -94.18 31.24
C GLU F 775 -6.75 -92.83 31.89
N ASP F 776 -7.62 -92.02 31.28
CA ASP F 776 -7.86 -90.65 31.66
C ASP F 776 -8.55 -90.54 33.01
N GLN F 777 -8.70 -91.65 33.72
CA GLN F 777 -9.29 -91.70 35.05
C GLN F 777 -8.28 -91.46 36.17
N THR F 778 -7.09 -92.02 36.04
CA THR F 778 -6.14 -92.04 37.14
C THR F 778 -5.64 -90.66 37.48
N TRP F 779 -5.67 -89.71 36.55
CA TRP F 779 -5.26 -88.35 36.87
C TRP F 779 -6.34 -87.62 37.65
N LEU F 780 -7.60 -87.86 37.29
CA LEU F 780 -8.69 -87.36 38.10
C LEU F 780 -8.63 -87.96 39.50
N LEU F 781 -8.16 -89.21 39.59
CA LEU F 781 -8.21 -89.97 40.83
C LEU F 781 -6.82 -90.25 41.39
N ASN F 782 -5.92 -89.41 41.17
CA ASN F 782 -4.65 -89.35 41.85
C ASN F 782 -4.69 -88.28 42.94
N PRO F 783 -3.69 -88.21 43.81
CA PRO F 783 -3.60 -87.06 44.71
C PRO F 783 -2.65 -85.99 44.19
N ILE F 784 -2.96 -85.41 43.04
CA ILE F 784 -2.14 -84.40 42.39
C ILE F 784 -2.79 -83.04 42.64
N PRO F 785 -2.04 -82.03 43.08
CA PRO F 785 -2.65 -80.72 43.36
C PRO F 785 -2.60 -79.81 42.15
N VAL F 786 -3.28 -78.69 42.28
CA VAL F 786 -3.30 -77.66 41.25
C VAL F 786 -2.42 -76.50 41.72
N GLN F 787 -1.89 -75.73 40.77
CA GLN F 787 -0.91 -74.68 41.11
C GLN F 787 -1.62 -73.48 41.72
N GLN F 788 -1.65 -73.42 43.05
CA GLN F 788 -2.44 -72.43 43.77
C GLN F 788 -1.75 -71.10 43.94
N LEU F 789 -0.54 -71.09 44.48
CA LEU F 789 0.17 -69.85 44.74
C LEU F 789 0.80 -69.35 43.43
N GLU F 790 1.73 -68.41 43.52
CA GLU F 790 2.31 -67.78 42.34
C GLU F 790 2.93 -68.82 41.39
N GLN F 791 3.13 -68.41 40.14
CA GLN F 791 3.61 -69.28 39.09
C GLN F 791 5.01 -68.85 38.67
N HIS F 792 6.03 -69.61 39.06
CA HIS F 792 7.42 -69.24 38.81
C HIS F 792 8.06 -70.08 37.73
N HIS F 793 9.02 -69.48 37.03
CA HIS F 793 9.97 -70.18 36.21
C HIS F 793 11.29 -69.56 36.58
N PRO F 794 12.35 -70.35 36.72
CA PRO F 794 13.59 -69.81 37.31
C PRO F 794 14.24 -68.72 36.48
N GLU F 795 13.94 -68.63 35.19
CA GLU F 795 14.41 -67.50 34.41
C GLU F 795 13.39 -66.38 34.31
N LYS F 796 12.15 -66.68 33.93
CA LYS F 796 11.10 -65.68 33.89
C LYS F 796 10.93 -64.96 35.21
N ASP F 797 11.26 -65.58 36.33
CA ASP F 797 10.99 -64.96 37.63
C ASP F 797 11.79 -63.68 37.83
N LEU F 798 12.77 -63.41 36.97
CA LEU F 798 13.44 -62.12 37.01
C LEU F 798 12.50 -60.99 36.63
N GLN F 799 11.59 -61.21 35.69
CA GLN F 799 10.71 -60.19 35.16
C GLN F 799 9.45 -60.00 35.97
N ASP F 800 9.16 -60.89 36.89
CA ASP F 800 8.21 -60.70 37.99
C ASP F 800 6.74 -60.69 37.60
N LEU F 801 6.41 -60.67 36.29
CA LEU F 801 5.04 -60.78 35.81
C LEU F 801 5.03 -60.70 34.28
N PRO F 802 3.90 -61.00 33.62
CA PRO F 802 3.82 -60.70 32.19
C PRO F 802 3.74 -59.22 31.92
N PHE F 803 2.90 -58.50 32.65
CA PHE F 803 2.65 -57.10 32.35
C PHE F 803 3.88 -56.23 32.55
N VAL F 804 4.75 -56.59 33.49
CA VAL F 804 5.91 -55.76 33.81
C VAL F 804 7.16 -56.43 33.29
N ASN F 805 7.01 -57.21 32.22
CA ASN F 805 8.12 -57.97 31.65
C ASN F 805 9.35 -57.10 31.46
N HIS F 806 10.41 -57.39 32.19
CA HIS F 806 11.61 -56.56 32.21
C HIS F 806 12.52 -56.99 31.07
N GLU F 807 13.42 -56.11 30.68
CA GLU F 807 14.48 -56.43 29.74
C GLU F 807 15.68 -55.56 30.04
N GLN F 808 16.87 -56.15 30.08
CA GLN F 808 18.08 -55.38 30.34
C GLN F 808 18.38 -54.45 29.18
N PHE F 809 18.53 -55.00 27.98
CA PHE F 809 18.80 -54.15 26.85
C PHE F 809 17.67 -54.24 25.84
N PRO F 810 17.43 -53.18 25.07
CA PRO F 810 16.43 -53.23 24.00
C PRO F 810 16.91 -54.05 22.81
N ARG F 811 17.03 -55.35 23.03
CA ARG F 811 17.38 -56.28 21.98
C ARG F 811 16.13 -56.81 21.31
N SER F 812 16.27 -57.18 20.05
CA SER F 812 15.15 -57.70 19.30
C SER F 812 14.69 -59.02 19.89
N LEU F 813 13.39 -59.30 19.77
CA LEU F 813 12.87 -60.55 20.27
C LEU F 813 13.21 -61.71 19.35
N GLU F 814 13.57 -61.42 18.11
CA GLU F 814 14.05 -62.43 17.17
C GLU F 814 15.57 -62.39 17.06
N TRP F 815 16.25 -62.08 18.14
CA TRP F 815 17.70 -61.95 18.12
C TRP F 815 18.36 -63.30 17.96
N THR F 816 19.22 -63.43 16.97
CA THR F 816 19.95 -64.66 16.72
C THR F 816 21.33 -64.54 17.35
N ALA F 817 21.44 -64.94 18.60
CA ALA F 817 22.69 -64.79 19.32
C ALA F 817 23.81 -65.55 18.64
N PRO F 818 25.04 -65.02 18.61
CA PRO F 818 26.08 -65.68 17.84
C PRO F 818 26.47 -66.98 18.49
N ASN G 10 -26.83 -88.42 30.46
CA ASN G 10 -27.23 -87.04 30.70
C ASN G 10 -26.54 -86.48 31.92
N THR G 11 -25.61 -85.56 31.74
CA THR G 11 -24.80 -85.12 32.85
C THR G 11 -25.38 -83.96 33.64
N PHE G 12 -25.87 -82.92 32.97
CA PHE G 12 -26.26 -81.68 33.64
C PHE G 12 -27.55 -81.90 34.37
N LEU G 13 -27.47 -81.97 35.69
CA LEU G 13 -28.63 -82.25 36.49
C LEU G 13 -28.83 -81.23 37.59
N THR G 14 -28.05 -80.17 37.63
CA THR G 14 -28.32 -79.07 38.53
C THR G 14 -29.41 -78.20 37.93
N LYS G 15 -29.61 -77.02 38.52
CA LYS G 15 -30.75 -76.18 38.15
C LYS G 15 -30.49 -75.43 36.86
N SER G 16 -31.57 -75.08 36.16
CA SER G 16 -31.52 -74.41 34.88
C SER G 16 -32.39 -73.17 34.91
N VAL G 17 -32.21 -72.32 33.89
CA VAL G 17 -32.79 -70.98 33.84
C VAL G 17 -33.93 -70.99 32.83
N ALA G 18 -35.08 -70.46 33.22
CA ALA G 18 -36.27 -70.49 32.38
C ALA G 18 -36.35 -69.27 31.47
N THR G 19 -36.17 -69.50 30.15
CA THR G 19 -36.22 -68.48 29.10
C THR G 19 -37.41 -68.70 28.18
N PRO G 20 -38.12 -67.64 27.79
CA PRO G 20 -39.29 -67.82 26.93
C PRO G 20 -38.89 -68.17 25.53
N PRO G 21 -39.78 -68.81 24.75
CA PRO G 21 -39.48 -69.15 23.36
C PRO G 21 -39.06 -67.99 22.53
N ILE G 22 -39.64 -66.81 22.75
CA ILE G 22 -39.33 -65.68 21.91
C ILE G 22 -37.84 -65.36 21.98
N SER G 23 -37.27 -65.36 23.19
CA SER G 23 -35.86 -65.08 23.35
C SER G 23 -34.99 -66.30 23.09
N VAL G 24 -35.55 -67.51 23.22
CA VAL G 24 -34.79 -68.71 22.85
C VAL G 24 -34.65 -68.80 21.34
N ILE G 25 -35.58 -68.18 20.61
CA ILE G 25 -35.56 -68.16 19.16
C ILE G 25 -34.76 -66.98 18.65
N ARG G 26 -34.88 -65.82 19.31
CA ARG G 26 -34.15 -64.62 18.93
C ARG G 26 -32.64 -64.82 18.89
N THR G 27 -32.11 -65.76 19.67
CA THR G 27 -30.69 -66.08 19.59
C THR G 27 -30.31 -66.57 18.20
N GLY G 28 -31.31 -66.63 17.32
CA GLY G 28 -31.08 -66.63 15.90
C GLY G 28 -30.20 -67.76 15.48
N PRO G 29 -29.23 -67.46 14.61
CA PRO G 29 -28.31 -68.50 14.16
C PRO G 29 -27.19 -68.81 15.15
N LYS G 30 -27.29 -68.35 16.41
CA LYS G 30 -26.27 -68.68 17.39
C LYS G 30 -26.59 -69.99 18.09
N TRP G 31 -27.76 -70.09 18.70
CA TRP G 31 -28.21 -71.37 19.27
C TRP G 31 -29.58 -71.77 18.77
N TRP G 32 -30.49 -70.83 18.55
CA TRP G 32 -31.79 -71.23 18.07
C TRP G 32 -31.69 -71.92 16.72
N ALA G 33 -31.11 -71.23 15.74
CA ALA G 33 -30.73 -71.88 14.49
C ALA G 33 -29.30 -72.40 14.57
N ASP G 34 -28.88 -72.82 15.75
CA ASP G 34 -27.69 -73.62 15.91
C ASP G 34 -27.77 -74.76 14.89
N PRO G 35 -26.97 -74.74 13.84
CA PRO G 35 -27.14 -75.79 12.82
C PRO G 35 -26.83 -77.17 13.34
N GLU G 36 -25.76 -77.31 14.13
CA GLU G 36 -25.39 -78.58 14.73
C GLU G 36 -26.34 -79.02 15.84
N ARG G 37 -27.24 -78.14 16.31
CA ARG G 37 -28.28 -78.57 17.23
C ARG G 37 -29.58 -78.91 16.53
N MET G 38 -29.98 -78.09 15.55
CA MET G 38 -31.04 -78.51 14.65
C MET G 38 -30.77 -79.88 14.09
N VAL G 39 -29.53 -80.15 13.70
CA VAL G 39 -29.18 -81.47 13.20
C VAL G 39 -29.34 -82.51 14.30
N ARG G 40 -28.82 -82.25 15.48
CA ARG G 40 -28.82 -83.32 16.48
C ARG G 40 -30.20 -83.60 17.03
N GLN G 41 -31.14 -82.67 16.92
CA GLN G 41 -32.52 -82.96 17.24
C GLN G 41 -33.25 -83.60 16.08
N LYS G 42 -32.85 -83.28 14.84
CA LYS G 42 -33.38 -84.01 13.69
C LYS G 42 -33.00 -85.47 13.75
N LEU G 43 -31.84 -85.77 14.34
CA LEU G 43 -31.46 -87.17 14.48
C LEU G 43 -32.39 -87.90 15.42
N MET G 44 -32.92 -87.24 16.46
CA MET G 44 -33.90 -87.90 17.31
C MET G 44 -35.14 -88.28 16.51
N TYR G 45 -35.58 -87.39 15.65
CA TYR G 45 -36.73 -87.67 14.80
C TYR G 45 -36.46 -88.79 13.81
N PHE G 46 -35.30 -88.78 13.15
CA PHE G 46 -35.05 -89.83 12.17
C PHE G 46 -34.77 -91.16 12.85
N THR G 47 -34.43 -91.15 14.14
CA THR G 47 -34.40 -92.42 14.87
C THR G 47 -35.81 -92.90 15.18
N LEU G 48 -36.60 -92.07 15.87
CA LEU G 48 -37.94 -92.46 16.26
C LEU G 48 -38.84 -92.76 15.08
N GLY G 49 -38.46 -92.33 13.88
CA GLY G 49 -39.29 -92.56 12.72
C GLY G 49 -40.42 -91.57 12.56
N VAL G 50 -40.16 -90.28 12.79
CA VAL G 50 -41.19 -89.27 12.64
C VAL G 50 -40.77 -88.31 11.55
N ASP G 51 -41.76 -87.75 10.88
CA ASP G 51 -41.53 -86.72 9.90
C ASP G 51 -41.10 -85.43 10.60
N GLN G 52 -40.09 -84.78 10.03
CA GLN G 52 -39.48 -83.60 10.64
C GLN G 52 -40.07 -82.32 10.07
N LEU G 53 -41.37 -82.32 9.81
CA LEU G 53 -42.06 -81.18 9.23
C LEU G 53 -41.77 -79.90 10.00
N PRO G 54 -41.96 -79.85 11.32
CA PRO G 54 -41.74 -78.58 12.02
C PRO G 54 -40.30 -78.11 12.06
N LEU G 55 -39.35 -78.97 12.44
CA LEU G 55 -37.97 -78.55 12.46
C LEU G 55 -37.49 -78.16 11.09
N ARG G 56 -37.94 -78.85 10.04
CA ARG G 56 -37.56 -78.45 8.70
C ARG G 56 -38.17 -77.12 8.29
N ARG G 57 -39.42 -76.84 8.66
CA ARG G 57 -40.02 -75.53 8.41
C ARG G 57 -39.20 -74.41 9.05
N THR G 58 -38.86 -74.57 10.33
CA THR G 58 -38.06 -73.57 11.02
C THR G 58 -36.67 -73.45 10.44
N ALA G 59 -36.06 -74.56 10.02
CA ALA G 59 -34.76 -74.49 9.38
C ALA G 59 -34.81 -73.70 8.08
N VAL G 60 -35.88 -73.90 7.29
CA VAL G 60 -36.06 -73.10 6.09
C VAL G 60 -36.15 -71.61 6.43
N ILE G 61 -36.98 -71.28 7.42
CA ILE G 61 -37.15 -69.88 7.79
C ILE G 61 -35.82 -69.27 8.21
N GLN G 62 -35.07 -69.97 9.06
CA GLN G 62 -33.83 -69.40 9.59
C GLN G 62 -32.70 -69.41 8.58
N LYS G 63 -32.70 -70.34 7.63
CA LYS G 63 -31.77 -70.24 6.52
C LYS G 63 -32.02 -68.98 5.72
N ASP G 64 -33.31 -68.67 5.46
CA ASP G 64 -33.63 -67.38 4.87
C ASP G 64 -33.13 -66.22 5.72
N LEU G 65 -33.39 -66.27 7.02
CA LEU G 65 -33.05 -65.12 7.86
C LEU G 65 -31.54 -64.90 7.92
N HIS G 66 -30.77 -65.99 7.98
CA HIS G 66 -29.32 -65.85 7.97
C HIS G 66 -28.83 -65.36 6.62
N ARG G 67 -29.39 -65.87 5.53
CA ARG G 67 -28.95 -65.38 4.24
C ARG G 67 -29.25 -63.90 4.08
N PHE G 68 -30.34 -63.43 4.70
CA PHE G 68 -30.79 -62.04 4.62
C PHE G 68 -30.75 -61.38 5.98
N HIS G 69 -29.61 -61.55 6.68
CA HIS G 69 -29.26 -60.75 7.84
C HIS G 69 -28.25 -59.65 7.54
N MET G 70 -27.26 -59.91 6.68
CA MET G 70 -26.30 -58.89 6.30
C MET G 70 -26.87 -57.87 5.34
N CYS G 71 -28.18 -57.89 5.13
CA CYS G 71 -28.84 -56.98 4.19
C CYS G 71 -29.83 -56.10 4.93
N LYS G 72 -30.18 -55.00 4.30
CA LYS G 72 -31.00 -53.90 4.77
C LYS G 72 -32.49 -54.23 4.55
N PRO G 73 -33.38 -53.69 5.38
CA PRO G 73 -34.81 -53.93 5.19
C PRO G 73 -35.31 -53.29 3.90
N PRO G 74 -36.53 -53.62 3.46
CA PRO G 74 -37.06 -52.99 2.26
C PRO G 74 -37.69 -51.65 2.58
N PRO G 75 -37.62 -50.69 1.67
CA PRO G 75 -37.99 -49.31 2.02
C PRO G 75 -39.47 -49.16 2.33
N ARG G 76 -39.73 -48.35 3.35
CA ARG G 76 -41.08 -48.02 3.82
C ARG G 76 -41.55 -46.79 3.05
N ILE G 77 -42.85 -46.70 2.82
CA ILE G 77 -43.42 -45.50 2.23
C ILE G 77 -44.09 -44.67 3.31
N GLY G 78 -44.04 -43.35 3.13
CA GLY G 78 -44.59 -42.42 4.11
C GLY G 78 -46.10 -42.37 4.05
N ASP G 79 -46.75 -43.47 4.43
CA ASP G 79 -48.20 -43.60 4.37
C ASP G 79 -48.80 -43.25 5.71
N THR G 80 -49.64 -42.22 5.74
CA THR G 80 -50.48 -42.02 6.92
C THR G 80 -51.41 -43.19 7.16
N THR G 81 -51.69 -43.98 6.12
CA THR G 81 -52.62 -45.09 6.28
C THR G 81 -51.92 -46.35 6.75
N GLY G 82 -50.61 -46.46 6.50
CA GLY G 82 -49.80 -47.39 7.26
C GLY G 82 -50.24 -48.83 7.20
N TYR G 83 -50.01 -49.53 6.09
CA TYR G 83 -50.45 -50.92 6.06
C TYR G 83 -49.29 -51.90 6.21
N LYS G 84 -48.19 -51.62 5.51
CA LYS G 84 -46.94 -52.35 5.66
C LYS G 84 -46.69 -52.72 7.12
N ARG G 85 -46.98 -51.83 8.07
CA ARG G 85 -46.63 -52.11 9.45
C ARG G 85 -47.25 -53.37 9.97
N SER G 86 -48.57 -53.43 10.12
CA SER G 86 -49.11 -54.64 10.71
C SER G 86 -49.15 -55.79 9.72
N ARG G 87 -48.87 -55.54 8.44
CA ARG G 87 -48.69 -56.70 7.60
C ARG G 87 -47.38 -57.43 7.84
N ALA G 88 -46.26 -56.74 7.77
CA ALA G 88 -45.03 -57.37 8.21
C ALA G 88 -45.15 -57.86 9.64
N ALA G 89 -45.97 -57.21 10.46
CA ALA G 89 -46.20 -57.73 11.80
C ALA G 89 -46.84 -59.11 11.80
N GLN G 90 -47.89 -59.30 11.00
CA GLN G 90 -48.50 -60.62 10.93
C GLN G 90 -47.54 -61.63 10.33
N LEU G 91 -46.74 -61.22 9.35
CA LEU G 91 -45.72 -62.09 8.80
C LEU G 91 -44.77 -62.58 9.88
N THR G 92 -44.10 -61.66 10.57
CA THR G 92 -43.19 -62.05 11.63
C THR G 92 -43.89 -62.96 12.62
N THR G 93 -45.09 -62.59 13.07
CA THR G 93 -45.68 -63.39 14.13
C THR G 93 -46.27 -64.71 13.65
N TRP G 94 -46.34 -64.93 12.35
CA TRP G 94 -46.55 -66.30 11.91
C TRP G 94 -45.26 -67.07 11.96
N TYR G 95 -44.14 -66.46 11.54
CA TYR G 95 -42.87 -67.14 11.71
C TYR G 95 -42.64 -67.50 13.17
N ARG G 96 -42.98 -66.57 14.07
CA ARG G 96 -42.81 -66.78 15.49
C ARG G 96 -43.70 -67.91 15.99
N ARG G 97 -44.93 -67.99 15.50
CA ARG G 97 -45.79 -69.06 15.96
C ARG G 97 -45.32 -70.41 15.45
N ILE G 98 -44.89 -70.47 14.19
CA ILE G 98 -44.24 -71.68 13.68
C ILE G 98 -43.16 -72.14 14.64
N GLN G 99 -42.31 -71.21 15.03
CA GLN G 99 -41.19 -71.59 15.89
C GLN G 99 -41.64 -71.92 17.31
N TYR G 100 -42.76 -71.39 17.77
CA TYR G 100 -43.25 -71.79 19.09
C TYR G 100 -43.72 -73.23 19.07
N GLN G 101 -44.51 -73.59 18.08
CA GLN G 101 -44.87 -74.97 17.90
C GLN G 101 -43.64 -75.88 17.85
N GLU G 102 -42.64 -75.52 17.03
CA GLU G 102 -41.44 -76.35 16.92
C GLU G 102 -40.68 -76.47 18.25
N TYR G 103 -40.50 -75.37 18.96
CA TYR G 103 -39.92 -75.43 20.29
C TYR G 103 -40.63 -76.48 21.13
N HIS G 104 -41.96 -76.47 21.13
CA HIS G 104 -42.68 -77.41 21.98
C HIS G 104 -42.51 -78.85 21.52
N LEU G 105 -42.53 -79.08 20.21
CA LEU G 105 -42.30 -80.41 19.67
C LEU G 105 -40.96 -80.98 20.09
N GLN G 106 -39.89 -80.20 19.93
CA GLN G 106 -38.58 -80.67 20.34
C GLN G 106 -38.53 -81.00 21.82
N HIS G 107 -39.01 -80.08 22.65
CA HIS G 107 -38.97 -80.34 24.08
C HIS G 107 -39.73 -81.62 24.41
N LEU G 108 -40.92 -81.80 23.83
CA LEU G 108 -41.71 -82.99 24.11
C LEU G 108 -40.99 -84.26 23.68
N PHE G 109 -40.43 -84.27 22.49
CA PHE G 109 -39.73 -85.44 22.00
C PHE G 109 -38.53 -85.79 22.87
N THR G 110 -37.78 -84.80 23.35
CA THR G 110 -36.65 -85.14 24.22
C THR G 110 -37.12 -85.63 25.59
N ARG G 111 -38.13 -84.98 26.17
CA ARG G 111 -38.58 -85.42 27.49
C ARG G 111 -39.33 -86.75 27.44
N HIS G 112 -39.70 -87.20 26.26
CA HIS G 112 -40.26 -88.54 26.07
C HIS G 112 -39.18 -89.57 25.75
N VAL G 113 -38.23 -89.21 24.90
CA VAL G 113 -37.11 -90.09 24.57
C VAL G 113 -36.24 -90.33 25.80
N TRP G 114 -36.21 -89.38 26.73
CA TRP G 114 -35.44 -89.66 27.93
C TRP G 114 -36.12 -90.69 28.81
N GLY G 115 -37.45 -90.67 28.90
CA GLY G 115 -38.16 -91.76 29.54
C GLY G 115 -38.05 -93.08 28.80
N LEU G 116 -37.77 -93.04 27.50
CA LEU G 116 -37.56 -94.27 26.73
C LEU G 116 -36.17 -94.85 26.86
N VAL G 117 -35.13 -94.00 26.86
CA VAL G 117 -33.74 -94.39 27.06
C VAL G 117 -33.51 -94.63 28.54
N ARG G 118 -34.52 -94.32 29.35
CA ARG G 118 -34.46 -94.54 30.79
C ARG G 118 -33.40 -93.62 31.41
N ALA G 119 -33.10 -92.53 30.72
CA ALA G 119 -32.12 -91.56 31.17
C ALA G 119 -32.78 -90.46 31.98
N TYR G 120 -32.10 -89.97 32.97
CA TYR G 120 -32.68 -89.00 33.88
C TYR G 120 -32.55 -87.61 33.27
N PRO G 121 -33.59 -86.78 33.38
CA PRO G 121 -33.51 -85.41 32.89
C PRO G 121 -32.98 -84.51 33.98
N GLY G 122 -32.69 -83.27 33.60
CA GLY G 122 -32.20 -82.29 34.55
C GLY G 122 -33.18 -82.06 35.67
N ASN G 123 -32.79 -81.19 36.60
CA ASN G 123 -33.60 -80.98 37.77
C ASN G 123 -34.90 -80.27 37.42
N THR G 124 -36.01 -80.79 37.95
CA THR G 124 -37.35 -80.22 37.74
C THR G 124 -37.66 -80.10 36.24
N THR G 125 -37.21 -81.10 35.48
CA THR G 125 -37.54 -81.21 34.07
C THR G 125 -38.63 -82.26 33.94
N LYS G 126 -39.87 -81.81 33.83
CA LYS G 126 -41.00 -82.72 33.84
C LYS G 126 -40.89 -83.69 32.69
N ILE G 127 -41.13 -84.96 32.99
CA ILE G 127 -41.19 -86.02 31.99
C ILE G 127 -42.48 -86.77 32.22
N GLN G 128 -43.49 -86.46 31.42
CA GLN G 128 -44.82 -87.06 31.62
C GLN G 128 -44.83 -88.52 31.17
N GLY G 129 -43.69 -89.02 30.70
CA GLY G 129 -43.55 -90.43 30.45
C GLY G 129 -43.41 -91.26 31.69
N LYS G 130 -42.92 -90.70 32.77
CA LYS G 130 -42.72 -91.46 33.99
C LYS G 130 -43.35 -90.83 35.23
N ALA G 131 -43.30 -89.50 35.35
CA ALA G 131 -43.68 -88.82 36.60
C ALA G 131 -44.39 -87.53 36.24
N ASP G 132 -45.56 -87.31 36.84
CA ASP G 132 -46.37 -86.16 36.48
C ASP G 132 -45.74 -84.85 36.96
N ASP G 133 -44.78 -84.92 37.87
CA ASP G 133 -44.07 -83.72 38.30
C ASP G 133 -42.61 -83.78 37.83
N GLY G 134 -41.83 -82.76 38.20
CA GLY G 134 -40.48 -82.65 37.69
C GLY G 134 -39.48 -83.49 38.45
N TYR G 135 -38.36 -83.79 37.78
CA TYR G 135 -37.32 -84.62 38.37
C TYR G 135 -36.50 -83.79 39.33
N VAL G 136 -36.67 -84.03 40.63
CA VAL G 136 -35.94 -83.34 41.68
C VAL G 136 -35.03 -84.36 42.36
N GLY G 137 -33.74 -84.07 42.38
CA GLY G 137 -32.73 -84.97 42.93
C GLY G 137 -31.34 -84.37 42.86
N TYR G 138 -30.55 -84.52 43.94
CA TYR G 138 -29.25 -83.87 44.09
C TYR G 138 -29.35 -82.38 43.81
N ASP G 139 -30.14 -81.70 44.62
CA ASP G 139 -30.40 -80.29 44.42
C ASP G 139 -29.71 -79.46 45.50
N SER G 140 -29.42 -78.20 45.16
CA SER G 140 -28.80 -77.27 46.09
C SER G 140 -29.73 -76.86 47.21
N VAL G 141 -30.90 -77.46 47.30
CA VAL G 141 -31.90 -77.11 48.30
C VAL G 141 -32.58 -78.39 48.78
N PRO G 142 -32.78 -78.57 50.09
CA PRO G 142 -33.52 -79.72 50.58
C PRO G 142 -35.03 -79.58 50.45
N TYR G 143 -35.49 -78.51 49.80
CA TYR G 143 -36.89 -78.32 49.49
C TYR G 143 -37.11 -78.42 47.99
N HIS G 144 -38.33 -78.77 47.61
CA HIS G 144 -38.68 -78.82 46.19
C HIS G 144 -38.58 -77.41 45.61
N ARG G 145 -37.90 -77.30 44.46
CA ARG G 145 -37.64 -75.98 43.87
C ARG G 145 -38.93 -75.30 43.43
N TYR G 146 -39.99 -76.07 43.18
CA TYR G 146 -41.25 -75.51 42.75
C TYR G 146 -42.45 -75.97 43.58
N ASN G 147 -42.37 -77.12 44.24
CA ASN G 147 -43.44 -77.59 45.11
C ASN G 147 -43.14 -77.34 46.58
N ARG G 148 -41.88 -77.10 46.93
CA ARG G 148 -41.44 -76.89 48.30
C ARG G 148 -41.76 -78.11 49.18
N THR G 149 -41.39 -79.29 48.67
CA THR G 149 -41.44 -80.65 49.17
C THR G 149 -40.04 -81.16 49.45
N PRO G 150 -39.78 -81.68 50.65
CA PRO G 150 -38.42 -82.13 50.99
C PRO G 150 -37.95 -83.27 50.10
N LEU G 151 -36.70 -83.19 49.68
CA LEU G 151 -36.14 -84.18 48.76
C LEU G 151 -35.70 -85.44 49.49
N PRO G 152 -35.82 -86.60 48.85
CA PRO G 152 -35.23 -87.82 49.39
C PRO G 152 -33.75 -87.94 49.04
N PHE G 153 -33.03 -88.69 49.87
CA PHE G 153 -31.63 -89.00 49.70
C PHE G 153 -31.45 -90.49 49.45
N PRO G 154 -30.63 -90.90 48.46
CA PRO G 154 -30.05 -90.01 47.45
C PRO G 154 -31.11 -89.54 46.46
N ALA G 155 -30.71 -89.16 45.26
CA ALA G 155 -31.68 -88.66 44.30
C ALA G 155 -32.84 -89.64 44.13
N ARG G 156 -34.03 -89.11 43.89
CA ARG G 156 -35.20 -89.94 43.64
C ARG G 156 -34.94 -90.81 42.41
N GLU G 157 -35.51 -92.02 42.41
CA GLU G 157 -35.34 -92.96 41.32
C GLU G 157 -36.54 -92.90 40.40
N ILE G 158 -36.29 -93.06 39.09
CA ILE G 158 -37.29 -92.77 38.08
C ILE G 158 -37.70 -94.01 37.30
N TYR G 159 -36.75 -94.73 36.74
CA TYR G 159 -37.04 -95.81 35.81
C TYR G 159 -36.91 -97.15 36.52
N GLY G 160 -37.09 -98.24 35.78
CA GLY G 160 -36.85 -99.56 36.32
C GLY G 160 -35.40 -99.73 36.72
N ARG G 161 -35.06 -100.94 37.16
CA ARG G 161 -33.69 -101.18 37.57
C ARG G 161 -32.97 -102.18 36.68
N ARG G 162 -33.61 -102.65 35.62
CA ARG G 162 -32.93 -103.54 34.68
C ARG G 162 -32.32 -102.74 33.53
N GLU G 163 -30.99 -102.82 33.43
CA GLU G 163 -30.26 -102.13 32.35
C GLU G 163 -29.27 -103.05 31.65
N TRP H 78 -8.45 -34.60 46.05
CA TRP H 78 -7.53 -34.96 47.12
C TRP H 78 -7.65 -33.96 48.27
N ALA H 79 -8.46 -34.31 49.26
CA ALA H 79 -8.50 -33.60 50.52
C ALA H 79 -7.51 -34.23 51.50
N LYS H 80 -6.79 -33.38 52.22
CA LYS H 80 -5.74 -33.86 53.10
C LYS H 80 -6.30 -34.93 54.03
N PRO H 81 -5.84 -36.16 53.93
CA PRO H 81 -6.43 -37.23 54.76
C PRO H 81 -6.30 -36.93 56.24
N LYS H 82 -7.42 -37.04 56.94
CA LYS H 82 -7.44 -36.75 58.35
C LYS H 82 -6.64 -37.80 59.12
N LYS H 83 -5.81 -37.32 60.04
CA LYS H 83 -5.13 -38.22 60.96
C LYS H 83 -6.15 -39.06 61.71
N ARG H 84 -5.88 -40.35 61.81
CA ARG H 84 -6.67 -41.19 62.68
C ARG H 84 -6.56 -40.67 64.12
N PRO H 85 -7.69 -40.43 64.79
CA PRO H 85 -7.63 -39.95 66.17
C PRO H 85 -6.91 -40.94 67.07
N LYS H 86 -6.62 -40.49 68.28
CA LYS H 86 -5.89 -41.34 69.22
C LYS H 86 -6.68 -42.62 69.50
N VAL H 87 -5.95 -43.70 69.77
CA VAL H 87 -6.59 -44.99 69.94
C VAL H 87 -7.50 -44.98 71.16
N GLY H 88 -7.14 -44.21 72.18
CA GLY H 88 -7.93 -44.12 73.39
C GLY H 88 -7.16 -44.53 74.62
N GLN H 89 -7.84 -44.59 75.76
CA GLN H 89 -7.22 -45.00 77.02
C GLN H 89 -7.37 -46.50 77.23
N GLY H 90 -6.29 -47.14 77.65
CA GLY H 90 -6.32 -48.54 78.04
C GLY H 90 -6.76 -49.50 76.97
N PHE H 91 -7.28 -49.01 75.85
CA PHE H 91 -7.73 -49.89 74.79
C PHE H 91 -6.63 -50.80 74.28
N HIS H 92 -5.38 -50.37 74.35
CA HIS H 92 -4.26 -51.25 73.98
C HIS H 92 -4.26 -52.51 74.80
N GLU H 93 -4.76 -52.43 76.04
CA GLU H 93 -4.82 -53.57 76.95
C GLU H 93 -6.18 -54.23 76.93
N LYS H 94 -7.24 -53.49 76.60
CA LYS H 94 -8.51 -54.16 76.34
C LYS H 94 -8.41 -55.05 75.10
N ALA H 95 -7.71 -54.60 74.07
CA ALA H 95 -7.41 -55.48 72.94
C ALA H 95 -6.49 -56.63 73.35
N GLN H 96 -5.55 -56.36 74.25
CA GLN H 96 -4.74 -57.43 74.81
C GLN H 96 -5.63 -58.53 75.41
N LYS H 97 -6.53 -58.17 76.31
CA LYS H 97 -7.35 -59.17 76.97
C LYS H 97 -8.38 -59.76 76.01
N TRP H 98 -8.89 -58.96 75.09
CA TRP H 98 -9.85 -59.47 74.12
C TRP H 98 -9.23 -60.55 73.25
N ARG H 99 -8.13 -60.24 72.56
CA ARG H 99 -7.42 -61.25 71.80
C ARG H 99 -6.97 -62.40 72.68
N ASP H 100 -6.56 -62.10 73.92
CA ASP H 100 -6.17 -63.15 74.84
C ASP H 100 -7.26 -64.20 74.94
N GLU H 101 -8.45 -63.82 75.37
CA GLU H 101 -9.49 -64.81 75.51
C GLU H 101 -10.02 -65.26 74.16
N PHE H 102 -9.68 -64.56 73.07
CA PHE H 102 -10.04 -65.05 71.75
C PHE H 102 -9.22 -66.28 71.37
N LEU H 103 -7.90 -66.19 71.48
CA LEU H 103 -7.10 -67.39 71.27
C LEU H 103 -7.42 -68.44 72.33
N LEU H 104 -7.79 -68.00 73.53
CA LEU H 104 -8.29 -68.94 74.52
C LEU H 104 -9.48 -69.72 73.98
N ASP H 105 -10.44 -69.03 73.39
CA ASP H 105 -11.61 -69.70 72.83
C ASP H 105 -11.21 -70.56 71.63
N ARG H 106 -10.26 -70.09 70.84
CA ARG H 106 -9.72 -70.89 69.76
C ARG H 106 -9.16 -72.21 70.27
N HIS H 107 -8.61 -72.22 71.49
CA HIS H 107 -8.13 -73.49 72.04
C HIS H 107 -9.19 -74.57 71.94
N ARG H 108 -10.33 -74.33 72.57
CA ARG H 108 -11.42 -75.30 72.52
C ARG H 108 -11.99 -75.46 71.13
N ILE H 109 -12.06 -74.39 70.34
CA ILE H 109 -12.64 -74.52 69.01
C ILE H 109 -11.82 -75.47 68.16
N LEU H 110 -10.50 -75.33 68.23
CA LEU H 110 -9.57 -76.22 67.54
C LEU H 110 -9.68 -77.65 68.07
N ALA H 111 -9.74 -77.80 69.39
CA ALA H 111 -9.91 -79.14 69.96
C ALA H 111 -11.15 -79.84 69.40
N ASP H 112 -12.32 -79.21 69.56
CA ASP H 112 -13.57 -79.80 69.12
C ASP H 112 -13.57 -80.02 67.61
N SER H 113 -12.98 -79.10 66.85
CA SER H 113 -12.96 -79.22 65.41
C SER H 113 -12.10 -80.39 64.93
N LEU H 114 -10.96 -80.62 65.57
CA LEU H 114 -10.16 -81.80 65.22
C LEU H 114 -10.88 -83.07 65.60
N ARG H 115 -11.52 -83.10 66.78
CA ARG H 115 -12.40 -84.20 67.13
C ARG H 115 -13.38 -84.53 66.01
N ALA H 116 -14.14 -83.53 65.58
CA ALA H 116 -15.14 -83.72 64.54
C ALA H 116 -14.54 -84.09 63.20
N TYR H 117 -13.42 -83.48 62.81
CA TYR H 117 -12.84 -83.83 61.51
C TYR H 117 -12.31 -85.25 61.48
N VAL H 118 -11.63 -85.71 62.53
CA VAL H 118 -11.07 -87.05 62.46
C VAL H 118 -12.14 -88.11 62.66
N GLU H 119 -13.20 -87.81 63.42
CA GLU H 119 -14.32 -88.74 63.36
C GLU H 119 -14.95 -88.77 61.98
N PHE H 120 -15.01 -87.62 61.31
CA PHE H 120 -15.46 -87.58 59.91
C PHE H 120 -14.58 -88.46 59.04
N SER H 121 -13.27 -88.39 59.24
CA SER H 121 -12.31 -89.17 58.49
C SER H 121 -12.47 -90.67 58.69
N ALA H 122 -12.49 -91.13 59.94
CA ALA H 122 -12.51 -92.56 60.23
C ALA H 122 -13.90 -93.17 60.14
N SER H 123 -14.94 -92.35 60.02
CA SER H 123 -16.28 -92.87 59.88
C SER H 123 -16.50 -93.43 58.48
N LYS H 124 -17.03 -94.65 58.42
CA LYS H 124 -17.43 -95.26 57.18
C LYS H 124 -18.52 -94.41 56.54
N ARG H 125 -18.24 -93.88 55.35
CA ARG H 125 -19.14 -92.97 54.68
C ARG H 125 -20.19 -93.76 53.90
N THR H 126 -21.12 -93.05 53.26
CA THR H 126 -22.06 -93.73 52.39
C THR H 126 -21.62 -93.57 50.94
N GLU H 127 -22.43 -94.15 50.06
CA GLU H 127 -22.05 -94.33 48.65
C GLU H 127 -21.56 -93.03 48.03
N PRO H 128 -20.42 -93.04 47.35
CA PRO H 128 -20.04 -91.87 46.56
C PRO H 128 -20.66 -91.83 45.18
N TRP H 129 -20.95 -92.98 44.58
CA TRP H 129 -21.47 -93.01 43.22
C TRP H 129 -22.92 -92.53 43.19
N ASP H 130 -23.44 -92.41 41.97
CA ASP H 130 -24.85 -92.11 41.81
C ASP H 130 -25.52 -93.27 41.11
N THR H 131 -26.65 -93.69 41.64
CA THR H 131 -27.36 -94.84 41.13
C THR H 131 -28.27 -94.46 39.98
N ARG H 132 -28.06 -93.27 39.41
CA ARG H 132 -28.85 -92.78 38.29
C ARG H 132 -28.19 -93.02 36.94
N PHE H 133 -27.00 -93.62 36.92
CA PHE H 133 -26.30 -93.88 35.68
C PHE H 133 -25.76 -95.29 35.69
N ARG H 134 -25.59 -95.81 34.54
CA ARG H 134 -24.85 -97.06 34.40
C ARG H 134 -23.37 -96.78 34.70
N PRO H 135 -22.60 -97.79 35.14
CA PRO H 135 -22.97 -99.17 35.40
C PRO H 135 -23.47 -99.34 36.81
N PHE H 136 -23.63 -98.21 37.50
CA PHE H 136 -24.15 -98.18 38.85
C PHE H 136 -25.66 -97.98 38.89
N ASP H 137 -26.34 -98.04 37.74
CA ASP H 137 -27.79 -98.13 37.70
C ASP H 137 -28.26 -99.57 37.59
N ARG H 138 -27.35 -100.51 37.34
CA ARG H 138 -27.71 -101.92 37.33
C ARG H 138 -28.22 -102.33 38.71
N VAL H 139 -28.92 -103.46 38.75
CA VAL H 139 -29.53 -103.87 39.99
C VAL H 139 -28.45 -104.07 41.05
N GLU H 140 -28.86 -103.94 42.31
CA GLU H 140 -27.96 -104.13 43.44
C GLU H 140 -27.62 -105.59 43.67
N LYS H 141 -27.83 -106.43 42.66
CA LYS H 141 -27.50 -107.84 42.71
C LYS H 141 -26.47 -108.26 41.67
N ASP H 142 -26.36 -107.56 40.55
CA ASP H 142 -25.67 -108.10 39.39
C ASP H 142 -24.78 -107.07 38.70
N GLY H 143 -23.89 -107.59 37.86
CA GLY H 143 -22.93 -106.75 37.13
C GLY H 143 -21.84 -106.20 38.01
N VAL H 144 -21.59 -104.90 37.89
CA VAL H 144 -20.51 -104.30 38.67
C VAL H 144 -20.83 -104.42 40.15
N TYR H 145 -22.10 -104.56 40.52
CA TYR H 145 -22.41 -104.78 41.93
C TYR H 145 -21.95 -106.14 42.43
N VAL H 146 -22.11 -107.20 41.63
CA VAL H 146 -21.55 -108.46 42.08
C VAL H 146 -20.03 -108.41 42.11
N LEU H 147 -19.40 -107.70 41.17
CA LEU H 147 -17.95 -107.52 41.30
C LEU H 147 -17.58 -106.75 42.58
N MET H 148 -18.38 -105.76 42.96
CA MET H 148 -18.12 -105.00 44.19
C MET H 148 -18.27 -105.87 45.42
N ARG H 149 -19.24 -106.79 45.42
CA ARG H 149 -19.39 -107.66 46.58
C ARG H 149 -18.33 -108.76 46.61
N HIS H 150 -17.84 -109.17 45.45
CA HIS H 150 -16.96 -110.33 45.35
C HIS H 150 -15.50 -109.99 45.09
N LEU H 151 -15.11 -108.72 45.12
CA LEU H 151 -13.69 -108.42 45.18
C LEU H 151 -13.35 -107.34 46.22
N MET H 152 -14.22 -106.34 46.38
CA MET H 152 -13.87 -105.13 47.13
C MET H 152 -14.73 -104.89 48.37
N GLU H 153 -15.65 -105.80 48.68
CA GLU H 153 -16.58 -105.62 49.79
C GLU H 153 -15.88 -105.45 51.13
N ASP H 154 -14.66 -105.97 51.28
CA ASP H 154 -13.93 -105.74 52.51
C ASP H 154 -13.18 -104.41 52.47
N LYS H 155 -12.58 -104.09 51.32
CA LYS H 155 -11.77 -102.89 51.22
C LYS H 155 -12.59 -101.62 51.43
N PHE H 156 -13.83 -101.56 50.92
CA PHE H 156 -14.59 -100.33 51.07
C PHE H 156 -14.98 -100.06 52.52
N GLN H 157 -15.44 -101.09 53.23
CA GLN H 157 -15.72 -100.99 54.65
C GLN H 157 -14.47 -100.67 55.46
N LEU H 158 -13.31 -101.17 55.04
CA LEU H 158 -12.07 -100.77 55.69
C LEU H 158 -11.81 -99.28 55.52
N CYS H 159 -11.67 -98.81 54.28
CA CYS H 159 -11.28 -97.44 53.98
C CYS H 159 -12.41 -96.44 54.12
N ASN H 160 -13.54 -96.83 54.69
CA ASN H 160 -14.53 -95.88 55.18
C ASN H 160 -15.31 -95.22 54.06
N TYR H 161 -15.44 -95.92 52.93
CA TYR H 161 -16.32 -95.50 51.85
C TYR H 161 -16.01 -94.12 51.31
N HIS H 162 -14.99 -93.44 51.87
CA HIS H 162 -14.65 -92.11 51.40
C HIS H 162 -14.46 -92.14 49.89
N HIS H 163 -15.01 -91.14 49.20
CA HIS H 163 -15.07 -91.22 47.75
C HIS H 163 -13.70 -91.31 47.13
N ARG H 164 -12.71 -90.70 47.73
CA ARG H 164 -11.37 -90.71 47.16
C ARG H 164 -10.77 -92.12 47.20
N PRO H 165 -10.67 -92.78 48.36
CA PRO H 165 -10.19 -94.16 48.35
C PRO H 165 -11.12 -95.11 47.65
N VAL H 166 -12.43 -94.86 47.67
CA VAL H 166 -13.36 -95.72 46.95
C VAL H 166 -13.05 -95.71 45.47
N LYS H 167 -12.95 -94.53 44.88
CA LYS H 167 -12.64 -94.42 43.47
C LYS H 167 -11.25 -94.94 43.16
N ARG H 168 -10.31 -94.84 44.09
CA ARG H 168 -9.01 -95.42 43.79
C ARG H 168 -8.98 -96.95 43.87
N LEU H 169 -9.68 -97.56 44.83
CA LEU H 169 -9.87 -99.00 44.81
C LEU H 169 -10.60 -99.44 43.55
N PHE H 170 -11.52 -98.61 43.07
CA PHE H 170 -12.16 -98.88 41.78
C PHE H 170 -11.17 -98.80 40.63
N CYS H 171 -10.27 -97.82 40.66
CA CYS H 171 -9.25 -97.73 39.63
C CYS H 171 -8.31 -98.92 39.66
N ASN H 172 -8.07 -99.49 40.83
CA ASN H 172 -7.17 -100.63 40.96
C ASN H 172 -7.88 -101.97 40.87
N VAL H 173 -9.21 -101.97 40.77
CA VAL H 173 -9.91 -103.24 40.53
C VAL H 173 -9.71 -103.75 39.12
N GLY H 174 -9.39 -102.86 38.17
CA GLY H 174 -8.86 -103.24 36.88
C GLY H 174 -9.81 -103.93 35.94
N LEU H 175 -10.90 -104.51 36.44
CA LEU H 175 -11.87 -105.23 35.62
C LEU H 175 -13.07 -104.36 35.27
N LEU H 176 -12.97 -103.05 35.46
CA LEU H 176 -13.94 -102.10 34.98
C LEU H 176 -13.37 -101.15 33.94
N GLY H 177 -12.04 -101.08 33.82
CA GLY H 177 -11.39 -100.27 32.83
C GLY H 177 -11.18 -98.84 33.26
N PRO H 178 -11.60 -97.89 32.43
CA PRO H 178 -11.60 -96.49 32.86
C PRO H 178 -12.92 -96.04 33.46
N GLN H 179 -13.94 -96.90 33.41
CA GLN H 179 -15.32 -96.45 33.63
C GLN H 179 -15.51 -95.74 34.95
N VAL H 180 -14.64 -95.97 35.92
CA VAL H 180 -14.85 -95.43 37.26
C VAL H 180 -14.79 -93.90 37.25
N THR H 181 -14.48 -93.32 36.09
CA THR H 181 -14.75 -91.92 35.82
C THR H 181 -15.74 -91.70 34.68
N THR H 182 -15.55 -92.38 33.56
CA THR H 182 -16.21 -91.99 32.31
C THR H 182 -17.68 -92.39 32.30
N LYS H 183 -18.00 -93.56 32.85
CA LYS H 183 -19.39 -93.98 32.89
C LYS H 183 -19.99 -93.85 34.27
N ALA H 184 -19.20 -94.07 35.32
CA ALA H 184 -19.70 -93.97 36.67
C ALA H 184 -20.02 -92.52 37.00
N ARG H 185 -21.15 -92.33 37.65
CA ARG H 185 -21.57 -91.03 38.13
C ARG H 185 -21.47 -91.02 39.65
N TRP H 186 -20.69 -90.12 40.18
CA TRP H 186 -20.44 -90.07 41.60
C TRP H 186 -21.13 -88.85 42.18
N LYS H 187 -21.52 -88.96 43.45
CA LYS H 187 -22.20 -87.86 44.09
C LYS H 187 -21.27 -86.65 44.13
N PRO H 188 -21.84 -85.44 44.22
CA PRO H 188 -20.98 -84.26 44.39
C PRO H 188 -20.16 -84.39 45.66
N TYR H 189 -19.14 -83.53 45.79
CA TYR H 189 -18.24 -83.68 46.94
C TYR H 189 -19.02 -83.60 48.24
N ARG H 190 -20.09 -82.82 48.29
CA ARG H 190 -20.80 -82.68 49.55
C ARG H 190 -21.96 -83.67 49.69
N TYR H 191 -22.51 -84.18 48.59
CA TYR H 191 -23.45 -85.29 48.75
C TYR H 191 -22.73 -86.60 49.04
N ALA H 192 -21.41 -86.62 48.86
CA ALA H 192 -20.64 -87.85 49.05
C ALA H 192 -20.20 -88.05 50.49
N THR H 193 -20.00 -86.98 51.26
CA THR H 193 -19.39 -87.09 52.57
C THR H 193 -20.39 -87.13 53.70
N ASN H 194 -21.56 -87.71 53.51
CA ASN H 194 -22.41 -88.01 54.65
C ASN H 194 -22.20 -89.46 55.07
N PRO H 195 -22.31 -89.75 56.37
CA PRO H 195 -22.01 -91.10 56.84
C PRO H 195 -22.93 -92.13 56.18
N ALA H 196 -22.68 -93.38 56.51
CA ALA H 196 -23.42 -94.46 55.87
C ALA H 196 -24.90 -94.38 56.20
N ASN H 197 -25.73 -94.62 55.17
CA ASN H 197 -27.16 -94.85 55.32
C ASN H 197 -27.90 -93.61 55.80
N THR H 198 -27.69 -92.46 55.17
CA THR H 198 -28.52 -91.31 55.48
C THR H 198 -29.69 -91.24 54.51
N SER H 199 -30.79 -90.63 54.96
CA SER H 199 -32.03 -90.59 54.19
C SER H 199 -32.67 -89.22 54.14
N LYS H 200 -32.03 -88.20 54.69
CA LYS H 200 -32.50 -86.83 54.62
C LYS H 200 -31.71 -86.05 53.58
N ALA H 201 -32.29 -84.94 53.15
CA ALA H 201 -31.57 -83.93 52.38
C ALA H 201 -31.10 -82.78 53.25
N GLU H 202 -31.53 -82.73 54.50
CA GLU H 202 -31.20 -81.65 55.41
C GLU H 202 -29.87 -81.89 56.13
N ARG H 203 -29.23 -83.03 55.89
CA ARG H 203 -28.01 -83.39 56.60
C ARG H 203 -26.85 -82.47 56.24
N ILE H 204 -26.59 -82.34 54.94
CA ILE H 204 -25.53 -81.46 54.44
C ILE H 204 -25.82 -80.01 54.73
N PHE H 205 -27.07 -79.62 54.71
CA PHE H 205 -27.47 -78.24 54.91
C PHE H 205 -27.66 -77.89 56.38
N GLN H 206 -27.48 -78.85 57.30
CA GLN H 206 -27.54 -78.56 58.72
C GLN H 206 -26.33 -79.08 59.49
N LYS H 207 -25.33 -79.64 58.80
CA LYS H 207 -24.09 -79.99 59.49
C LYS H 207 -23.56 -78.78 60.26
N ASP H 208 -22.90 -79.05 61.38
CA ASP H 208 -22.52 -78.00 62.31
C ASP H 208 -21.60 -76.99 61.66
N LYS H 209 -21.87 -75.71 61.90
CA LYS H 209 -21.14 -74.61 61.31
C LYS H 209 -20.08 -74.02 62.24
N THR H 210 -19.86 -74.62 63.40
CA THR H 210 -18.82 -74.15 64.32
C THR H 210 -17.55 -74.97 64.25
N LEU H 211 -17.58 -76.13 63.59
CA LEU H 211 -16.41 -76.98 63.45
C LEU H 211 -15.73 -76.60 62.15
N TYR H 212 -14.69 -75.77 62.24
CA TYR H 212 -14.05 -75.18 61.06
C TYR H 212 -13.27 -76.26 60.31
N THR H 213 -14.01 -77.23 59.79
CA THR H 213 -13.41 -78.38 59.13
C THR H 213 -13.27 -78.18 57.63
N HIS H 214 -13.53 -76.98 57.13
CA HIS H 214 -13.78 -76.77 55.71
C HIS H 214 -14.88 -77.70 55.24
N GLY H 215 -15.88 -77.90 56.10
CA GLY H 215 -16.95 -78.84 55.83
C GLY H 215 -16.54 -80.28 55.88
N HIS H 216 -15.42 -80.61 56.51
CA HIS H 216 -14.93 -81.98 56.64
C HIS H 216 -15.34 -82.59 57.97
N ASN H 217 -16.57 -82.33 58.39
CA ASN H 217 -17.13 -82.93 59.60
C ASN H 217 -18.45 -83.62 59.29
N ASP H 218 -19.00 -84.34 60.25
CA ASP H 218 -20.30 -84.93 60.05
C ASP H 218 -21.36 -83.84 60.01
N THR I 9 -4.54 -74.09 78.33
CA THR I 9 -5.63 -75.04 78.48
C THR I 9 -6.40 -74.73 79.75
N ALA I 10 -7.18 -75.71 80.21
CA ALA I 10 -8.16 -75.52 81.28
C ALA I 10 -9.09 -74.36 80.92
N THR I 11 -9.83 -74.58 79.84
CA THR I 11 -10.70 -73.59 79.22
C THR I 11 -11.56 -72.91 80.28
N PRO I 12 -11.37 -71.62 80.51
CA PRO I 12 -12.09 -70.92 81.58
C PRO I 12 -13.60 -71.03 81.40
N GLU I 13 -14.28 -71.31 82.53
CA GLU I 13 -15.73 -71.52 82.54
C GLU I 13 -16.50 -70.21 82.52
N ARG I 14 -15.79 -69.08 82.44
CA ARG I 14 -16.40 -67.77 82.29
C ARG I 14 -15.64 -66.99 81.23
N PHE I 15 -16.37 -66.34 80.33
CA PHE I 15 -15.76 -65.60 79.23
C PHE I 15 -15.90 -64.10 79.51
N SER I 16 -14.79 -63.39 79.34
CA SER I 16 -14.70 -62.01 79.82
C SER I 16 -15.25 -61.01 78.80
N ILE I 17 -14.58 -60.86 77.66
CA ILE I 17 -14.99 -59.81 76.72
C ILE I 17 -15.23 -60.30 75.29
N LEU I 18 -14.59 -61.39 74.87
CA LEU I 18 -14.73 -61.80 73.47
C LEU I 18 -16.13 -62.31 73.16
N GLY I 19 -16.68 -63.15 74.02
CA GLY I 19 -18.02 -63.67 73.79
C GLY I 19 -19.13 -62.67 73.97
N THR I 20 -18.83 -61.49 74.50
CA THR I 20 -19.84 -60.49 74.82
C THR I 20 -20.12 -59.55 73.65
N THR I 21 -19.37 -59.66 72.56
CA THR I 21 -19.39 -58.73 71.44
C THR I 21 -20.77 -58.71 70.76
N HIS I 22 -21.08 -57.57 70.14
CA HIS I 22 -22.37 -57.34 69.48
C HIS I 22 -22.65 -58.43 68.45
N PRO I 23 -23.86 -58.98 68.40
CA PRO I 23 -24.16 -60.02 67.42
C PRO I 23 -24.43 -59.43 66.04
N LYS I 24 -23.56 -59.78 65.10
CA LYS I 24 -23.80 -59.45 63.71
C LYS I 24 -25.07 -60.15 63.22
N PRO I 25 -26.13 -59.40 62.95
CA PRO I 25 -27.41 -60.04 62.58
C PRO I 25 -27.31 -60.74 61.24
N LYS I 26 -27.67 -62.03 61.25
CA LYS I 26 -27.58 -62.84 60.05
C LYS I 26 -28.29 -62.16 58.88
N ARG I 27 -27.86 -62.49 57.68
CA ARG I 27 -28.49 -61.95 56.49
C ARG I 27 -29.95 -62.37 56.45
N THR I 28 -30.85 -61.38 56.37
CA THR I 28 -32.27 -61.72 56.40
C THR I 28 -32.72 -62.40 55.12
N GLY I 29 -32.67 -61.69 54.00
CA GLY I 29 -33.13 -62.28 52.75
C GLY I 29 -32.00 -62.94 52.00
N PHE I 30 -32.30 -63.49 50.84
CA PHE I 30 -31.32 -64.19 50.03
C PHE I 30 -30.93 -63.29 48.86
N GLY I 31 -30.05 -63.79 48.00
CA GLY I 31 -29.83 -63.14 46.72
C GLY I 31 -29.16 -61.78 46.86
N ARG I 32 -29.33 -60.96 45.83
CA ARG I 32 -28.64 -59.68 45.72
C ARG I 32 -28.99 -58.79 46.91
N ASN I 33 -27.97 -58.26 47.57
CA ASN I 33 -28.11 -57.52 48.82
C ASN I 33 -28.65 -58.37 49.95
N ASN I 34 -28.66 -59.70 49.80
CA ASN I 34 -29.24 -60.60 50.79
C ASN I 34 -30.60 -60.12 51.25
N LYS I 35 -31.40 -59.62 50.30
CA LYS I 35 -32.70 -59.06 50.60
C LYS I 35 -33.80 -59.68 49.76
N MET I 36 -33.46 -60.53 48.79
CA MET I 36 -34.45 -61.09 47.90
C MET I 36 -35.21 -62.20 48.61
N ARG I 37 -36.50 -61.97 48.82
CA ARG I 37 -37.26 -62.77 49.76
C ARG I 37 -37.45 -64.19 49.27
N SER I 38 -38.20 -64.95 50.07
CA SER I 38 -38.59 -66.32 49.74
C SER I 38 -40.05 -66.31 49.30
N LYS I 39 -40.27 -65.96 48.05
CA LYS I 39 -41.58 -66.01 47.42
C LYS I 39 -41.41 -66.44 45.97
N PRO I 40 -42.48 -66.91 45.33
CA PRO I 40 -42.35 -67.43 43.97
C PRO I 40 -41.73 -66.44 43.00
N SER I 41 -41.06 -66.98 41.99
CA SER I 41 -40.33 -66.17 41.02
C SER I 41 -40.92 -66.31 39.62
N ASP I 42 -40.32 -65.62 38.67
CA ASP I 42 -40.65 -65.86 37.28
C ASP I 42 -40.25 -67.26 36.83
N ASN I 43 -39.32 -67.89 37.55
CA ASN I 43 -38.70 -69.10 37.05
C ASN I 43 -39.48 -70.37 37.38
N VAL I 44 -40.52 -70.29 38.20
CA VAL I 44 -41.24 -71.48 38.62
C VAL I 44 -41.81 -72.20 37.42
N ALA I 45 -41.71 -73.53 37.43
CA ALA I 45 -42.24 -74.35 36.35
C ALA I 45 -43.61 -74.92 36.72
N TRP I 46 -44.34 -75.37 35.71
CA TRP I 46 -45.71 -75.84 35.88
C TRP I 46 -45.79 -77.30 35.43
N TYR I 47 -46.36 -78.15 36.28
CA TYR I 47 -46.54 -79.57 35.98
C TYR I 47 -47.97 -79.93 35.65
N ASP I 48 -48.87 -78.96 35.61
CA ASP I 48 -50.26 -79.21 35.31
C ASP I 48 -50.62 -78.91 33.86
N LYS I 49 -49.68 -78.40 33.07
CA LYS I 49 -50.00 -77.87 31.74
C LYS I 49 -48.97 -78.36 30.71
N GLY I 50 -49.30 -79.47 30.05
CA GLY I 50 -48.47 -79.96 28.99
C GLY I 50 -47.45 -80.97 29.44
N PRO I 51 -47.02 -81.82 28.52
CA PRO I 51 -45.93 -82.77 28.82
C PRO I 51 -44.58 -82.08 28.97
N VAL I 52 -44.49 -80.87 28.43
CA VAL I 52 -43.34 -80.01 28.64
C VAL I 52 -43.74 -78.86 29.54
N GLU I 53 -43.17 -78.81 30.73
CA GLU I 53 -43.49 -77.76 31.67
C GLU I 53 -43.26 -76.40 31.03
N TRP I 54 -44.00 -75.40 31.50
CA TRP I 54 -43.93 -74.06 30.94
C TRP I 54 -43.83 -73.06 32.08
N LEU I 55 -42.73 -72.31 32.15
CA LEU I 55 -41.63 -72.36 31.19
C LEU I 55 -40.75 -73.57 31.40
N PRO I 56 -40.27 -74.15 30.31
CA PRO I 56 -39.42 -75.34 30.42
C PRO I 56 -38.04 -74.98 30.92
N ARG I 57 -37.38 -75.94 31.54
CA ARG I 57 -35.96 -75.85 31.74
C ARG I 57 -35.26 -76.26 30.47
N PRO I 58 -34.11 -75.65 30.17
CA PRO I 58 -33.34 -76.04 28.99
C PRO I 58 -32.82 -77.46 29.14
N VAL I 59 -33.18 -78.31 28.21
CA VAL I 59 -32.60 -79.64 28.11
C VAL I 59 -31.56 -79.59 27.00
N ARG I 60 -30.66 -80.57 27.01
CA ARG I 60 -29.65 -80.69 25.97
C ARG I 60 -29.46 -82.17 25.66
N LEU I 61 -29.83 -82.56 24.44
CA LEU I 61 -29.66 -83.94 23.98
C LEU I 61 -28.22 -84.11 23.50
N THR I 62 -27.63 -85.27 23.77
CA THR I 62 -26.25 -85.52 23.37
C THR I 62 -26.17 -86.68 22.39
N TYR I 63 -25.00 -86.88 21.79
CA TYR I 63 -24.84 -88.04 20.92
C TYR I 63 -24.83 -89.34 21.70
N ASP I 64 -24.42 -89.32 22.97
CA ASP I 64 -24.62 -90.47 23.83
C ASP I 64 -26.08 -90.89 23.85
N HIS I 65 -26.98 -89.91 24.00
CA HIS I 65 -28.40 -90.19 24.01
C HIS I 65 -28.92 -90.56 22.64
N LEU I 66 -28.41 -89.97 21.57
CA LEU I 66 -28.81 -90.43 20.25
C LEU I 66 -28.45 -91.88 20.03
N ASP I 67 -27.27 -92.31 20.48
CA ASP I 67 -26.91 -93.70 20.31
C ASP I 67 -27.69 -94.62 21.23
N GLN I 68 -27.90 -94.22 22.49
CA GLN I 68 -28.73 -95.02 23.37
C GLN I 68 -30.14 -95.20 22.79
N LEU I 69 -30.70 -94.14 22.21
CA LEU I 69 -31.99 -94.20 21.55
C LEU I 69 -31.95 -95.10 20.34
N ARG I 70 -30.91 -95.01 19.51
CA ARG I 70 -30.81 -95.88 18.36
C ARG I 70 -30.78 -97.35 18.78
N ASP I 71 -30.09 -97.65 19.88
CA ASP I 71 -30.00 -99.02 20.34
C ASP I 71 -31.33 -99.51 20.92
N TRP I 72 -31.96 -98.67 21.76
CA TRP I 72 -33.31 -98.93 22.21
C TRP I 72 -34.24 -99.17 21.03
N MET I 73 -34.03 -98.45 19.94
CA MET I 73 -34.88 -98.58 18.77
C MET I 73 -34.68 -99.93 18.11
N MET I 74 -33.42 -100.34 17.95
CA MET I 74 -33.15 -101.68 17.44
C MET I 74 -33.85 -102.74 18.29
N ARG I 75 -33.76 -102.63 19.61
CA ARG I 75 -34.38 -103.65 20.46
C ARG I 75 -35.90 -103.66 20.40
N GLU I 76 -36.55 -102.51 20.63
CA GLU I 76 -38.01 -102.48 20.57
C GLU I 76 -38.53 -102.70 19.17
N THR I 77 -37.68 -102.62 18.15
CA THR I 77 -38.11 -102.87 16.79
C THR I 77 -37.97 -104.33 16.41
N LEU I 78 -36.95 -105.01 16.95
CA LEU I 78 -36.78 -106.42 16.64
C LEU I 78 -37.46 -107.34 17.65
N ASP I 79 -38.00 -106.79 18.74
CA ASP I 79 -38.88 -107.54 19.62
C ASP I 79 -40.34 -107.51 19.18
N GLY I 80 -40.59 -107.34 17.89
CA GLY I 80 -41.96 -107.27 17.43
C GLY I 80 -42.77 -106.09 17.95
N LYS I 81 -42.24 -105.36 18.92
CA LYS I 81 -42.98 -104.30 19.58
C LYS I 81 -43.16 -103.10 18.65
N THR I 82 -44.41 -102.64 18.53
CA THR I 82 -44.70 -101.39 17.85
C THR I 82 -45.61 -100.48 18.65
N GLU I 83 -45.91 -100.82 19.90
CA GLU I 83 -46.84 -100.01 20.67
C GLU I 83 -46.25 -98.69 21.11
N GLU I 84 -45.03 -98.69 21.66
CA GLU I 84 -44.42 -97.41 21.96
C GLU I 84 -44.09 -96.65 20.68
N PHE I 85 -43.90 -97.38 19.58
CA PHE I 85 -43.79 -96.69 18.30
C PHE I 85 -45.07 -95.93 17.96
N ASN I 86 -46.23 -96.58 17.99
CA ASN I 86 -47.48 -95.90 17.68
C ASN I 86 -47.81 -94.84 18.71
N ARG I 87 -47.37 -95.00 19.96
CA ARG I 87 -47.46 -93.92 20.93
C ARG I 87 -46.62 -92.72 20.50
N ILE I 88 -45.37 -92.96 20.09
CA ILE I 88 -44.54 -91.88 19.56
C ILE I 88 -45.28 -91.19 18.43
N ARG I 89 -45.79 -91.97 17.48
CA ARG I 89 -46.38 -91.40 16.28
C ARG I 89 -47.66 -90.63 16.59
N ASP I 90 -48.44 -91.08 17.59
CA ASP I 90 -49.61 -90.32 17.97
C ASP I 90 -49.27 -89.03 18.72
N MET I 91 -48.31 -89.08 19.65
CA MET I 91 -47.90 -87.85 20.33
C MET I 91 -47.23 -86.88 19.36
N HIS I 92 -46.81 -87.40 18.20
CA HIS I 92 -46.30 -86.55 17.13
C HIS I 92 -47.44 -85.95 16.30
N ARG I 93 -48.43 -86.77 15.96
CA ARG I 93 -49.60 -86.29 15.24
C ARG I 93 -50.45 -85.37 16.09
N GLU I 94 -50.22 -85.34 17.40
CA GLU I 94 -50.95 -84.36 18.21
C GLU I 94 -50.45 -82.95 17.94
N TRP I 95 -49.13 -82.74 18.02
CA TRP I 95 -48.56 -81.40 18.03
C TRP I 95 -47.90 -80.98 16.74
N SER I 96 -47.92 -81.80 15.69
CA SER I 96 -47.17 -81.41 14.49
C SER I 96 -48.07 -81.05 13.30
N GLN I 97 -49.33 -80.71 13.52
CA GLN I 97 -50.16 -80.20 12.44
C GLN I 97 -49.94 -78.71 12.25
N HIS I 98 -49.97 -78.26 11.00
CA HIS I 98 -49.65 -76.87 10.69
C HIS I 98 -50.59 -75.91 11.41
N PRO I 99 -50.08 -75.00 12.22
CA PRO I 99 -50.95 -74.03 12.87
C PRO I 99 -51.38 -72.95 11.90
N LEU I 100 -52.61 -72.47 12.08
CA LEU I 100 -53.20 -71.56 11.11
C LEU I 100 -52.45 -70.25 11.07
N MET I 101 -52.51 -69.62 9.91
CA MET I 101 -52.03 -68.26 9.77
C MET I 101 -52.73 -67.39 10.81
N PRO I 102 -51.99 -66.58 11.57
CA PRO I 102 -52.64 -65.72 12.54
C PRO I 102 -53.54 -64.71 11.85
N VAL I 103 -54.64 -64.39 12.54
CA VAL I 103 -55.55 -63.38 12.02
C VAL I 103 -54.83 -62.03 11.94
N LEU I 104 -55.13 -61.30 10.87
CA LEU I 104 -54.38 -60.07 10.60
C LEU I 104 -54.75 -58.99 11.62
N GLY I 105 -53.85 -58.77 12.58
CA GLY I 105 -54.13 -57.98 13.77
C GLY I 105 -53.80 -58.71 15.06
N ASP I 106 -53.16 -59.87 14.96
CA ASP I 106 -52.83 -60.73 16.10
C ASP I 106 -51.30 -60.79 16.14
N VAL I 107 -50.73 -60.28 17.23
CA VAL I 107 -49.28 -60.09 17.36
C VAL I 107 -48.90 -60.19 18.84
N GLU I 108 -47.74 -60.78 19.10
CA GLU I 108 -47.20 -60.79 20.45
C GLU I 108 -47.02 -59.36 20.96
N PRO I 109 -47.65 -58.99 22.07
CA PRO I 109 -47.54 -57.62 22.55
C PRO I 109 -46.20 -57.37 23.20
N LYS I 110 -45.41 -56.49 22.59
CA LYS I 110 -44.19 -56.02 23.23
C LYS I 110 -44.54 -55.31 24.52
N PHE I 111 -43.57 -55.22 25.42
CA PHE I 111 -43.81 -54.43 26.62
C PHE I 111 -43.95 -52.96 26.25
N PRO I 112 -45.03 -52.30 26.65
CA PRO I 112 -45.21 -50.89 26.31
C PRO I 112 -44.11 -50.02 26.90
N LEU I 113 -43.61 -49.10 26.08
CA LEU I 113 -42.50 -48.25 26.50
C LEU I 113 -42.98 -47.13 27.42
N ASN I 114 -42.02 -46.31 27.87
CA ASN I 114 -42.28 -45.10 28.65
C ASN I 114 -42.98 -45.39 29.98
N LEU I 115 -42.62 -46.50 30.62
CA LEU I 115 -42.92 -46.70 32.03
C LEU I 115 -41.65 -46.85 32.86
N PHE I 116 -40.80 -47.82 32.51
CA PHE I 116 -39.57 -48.09 33.22
C PHE I 116 -38.40 -47.54 32.42
N LYS I 117 -37.22 -47.57 33.04
CA LYS I 117 -36.02 -47.19 32.32
C LYS I 117 -35.69 -48.26 31.29
N GLN I 118 -34.97 -47.84 30.24
CA GLN I 118 -34.72 -48.76 29.13
C GLN I 118 -34.05 -50.04 29.59
N ASN I 119 -33.09 -49.94 30.51
CA ASN I 119 -32.36 -51.10 30.98
C ASN I 119 -33.04 -51.80 32.15
N HIS I 120 -34.33 -51.59 32.36
CA HIS I 120 -34.93 -52.15 33.55
C HIS I 120 -35.12 -53.65 33.42
N ARG I 121 -35.52 -54.27 34.54
CA ARG I 121 -35.79 -55.70 34.55
C ARG I 121 -37.26 -56.00 34.39
N ALA I 122 -38.14 -55.06 34.74
CA ALA I 122 -39.56 -55.30 34.61
C ALA I 122 -39.98 -55.48 33.16
N LYS I 123 -39.24 -54.91 32.22
CA LYS I 123 -39.54 -55.13 30.81
C LYS I 123 -39.46 -56.60 30.44
N ARG I 124 -38.34 -57.26 30.76
CA ARG I 124 -38.22 -58.67 30.48
C ARG I 124 -39.02 -59.52 31.45
N ARG I 125 -39.29 -59.02 32.65
CA ARG I 125 -40.13 -59.74 33.60
C ARG I 125 -41.55 -59.90 33.09
N PHE I 126 -42.15 -58.84 32.56
CA PHE I 126 -43.48 -58.98 31.97
C PHE I 126 -43.45 -59.93 30.77
N LEU I 127 -42.40 -59.88 29.96
CA LEU I 127 -42.30 -60.78 28.82
C LEU I 127 -42.25 -62.24 29.25
N VAL I 128 -41.47 -62.55 30.27
CA VAL I 128 -41.41 -63.92 30.73
C VAL I 128 -42.72 -64.31 31.42
N ARG I 129 -43.33 -63.39 32.17
CA ARG I 129 -44.55 -63.73 32.91
C ARG I 129 -45.78 -63.80 32.02
N TRP I 130 -45.70 -63.31 30.79
CA TRP I 130 -46.76 -63.58 29.83
C TRP I 130 -46.45 -64.83 29.00
N HIS I 131 -45.18 -65.01 28.60
CA HIS I 131 -44.79 -66.23 27.90
C HIS I 131 -44.93 -67.48 28.76
N LYS I 132 -45.02 -67.31 30.09
CA LYS I 132 -45.37 -68.43 30.96
C LYS I 132 -46.85 -68.75 30.86
N ALA I 133 -47.71 -67.73 30.98
CA ALA I 133 -49.14 -67.95 30.99
C ALA I 133 -49.64 -68.41 29.63
N ASN I 134 -48.89 -68.15 28.57
CA ASN I 134 -49.28 -68.63 27.24
C ASN I 134 -48.78 -70.05 27.08
N THR I 135 -49.39 -70.96 27.85
CA THR I 135 -48.99 -72.35 27.87
C THR I 135 -49.44 -73.08 26.61
N PRO I 136 -49.00 -74.33 26.44
CA PRO I 136 -49.65 -75.21 25.44
C PRO I 136 -51.15 -75.37 25.66
N ALA I 137 -51.63 -75.21 26.89
CA ALA I 137 -53.07 -75.17 27.14
C ALA I 137 -53.70 -73.91 26.58
N ASN I 138 -52.90 -72.86 26.36
CA ASN I 138 -53.36 -71.61 25.78
C ASN I 138 -52.99 -71.46 24.31
N TRP I 139 -52.32 -72.45 23.72
CA TRP I 139 -52.02 -72.40 22.29
C TRP I 139 -53.29 -72.63 21.49
N LEU I 140 -54.04 -71.56 21.27
CA LEU I 140 -55.23 -71.60 20.44
C LEU I 140 -54.93 -71.34 18.97
N TRP I 141 -53.66 -71.12 18.62
CA TRP I 141 -53.25 -70.75 17.27
C TRP I 141 -52.85 -71.94 16.42
N MET I 142 -52.95 -73.15 16.95
CA MET I 142 -52.62 -74.37 16.26
C MET I 142 -53.81 -75.32 16.30
N PRO I 143 -53.99 -76.17 15.31
CA PRO I 143 -55.10 -77.13 15.34
C PRO I 143 -54.79 -78.32 16.25
N ARG I 144 -55.56 -78.45 17.32
CA ARG I 144 -55.46 -79.61 18.18
C ARG I 144 -56.86 -80.05 18.60
N GLY I 145 -57.06 -81.36 18.67
CA GLY I 145 -58.29 -81.90 19.18
C GLY I 145 -58.98 -82.89 18.26
N PRO I 146 -60.22 -83.25 18.61
CA PRO I 146 -61.01 -84.10 17.71
C PRO I 146 -61.67 -83.32 16.60
N THR I 147 -61.45 -82.01 16.54
CA THR I 147 -61.95 -81.16 15.48
C THR I 147 -60.96 -81.01 14.34
N VAL I 148 -59.76 -81.57 14.47
CA VAL I 148 -58.74 -81.43 13.44
C VAL I 148 -58.79 -82.65 12.53
N VAL I 149 -58.69 -82.40 11.24
CA VAL I 149 -58.44 -83.44 10.25
C VAL I 149 -56.98 -83.38 9.89
N THR I 150 -56.35 -84.54 9.73
CA THR I 150 -54.94 -84.59 9.38
C THR I 150 -54.77 -85.18 7.99
N PRO I 151 -54.78 -84.37 6.93
CA PRO I 151 -54.54 -84.90 5.59
C PRO I 151 -53.08 -85.22 5.28
N LEU I 152 -52.17 -85.14 6.26
CA LEU I 152 -50.76 -85.40 6.00
C LEU I 152 -50.18 -86.56 6.82
N HIS I 153 -50.77 -86.91 7.96
CA HIS I 153 -50.31 -88.06 8.71
C HIS I 153 -51.33 -89.19 8.55
N HIS I 154 -51.04 -90.34 9.17
CA HIS I 154 -51.90 -91.51 9.05
C HIS I 154 -52.92 -91.55 10.20
N THR I 155 -54.17 -91.87 9.84
CA THR I 155 -55.28 -91.69 10.77
C THR I 155 -55.29 -92.73 11.89
N ASN I 156 -55.08 -94.00 11.57
CA ASN I 156 -55.20 -95.04 12.57
C ASN I 156 -53.88 -95.78 12.70
N PRO I 157 -53.49 -96.15 13.92
CA PRO I 157 -52.35 -97.05 14.13
C PRO I 157 -52.42 -98.38 13.37
N SER I 158 -53.46 -98.58 12.56
CA SER I 158 -53.51 -99.73 11.65
C SER I 158 -52.85 -99.46 10.30
N GLN I 159 -52.76 -98.20 9.86
CA GLN I 159 -52.05 -97.86 8.63
C GLN I 159 -50.53 -97.83 8.81
N TYR I 160 -50.03 -98.16 9.99
CA TYR I 160 -48.59 -98.20 10.11
C TYR I 160 -48.05 -99.51 9.57
N PRO I 161 -46.88 -99.51 8.93
CA PRO I 161 -46.49 -100.66 8.11
C PRO I 161 -46.14 -101.90 8.92
N GLU I 162 -45.91 -101.74 10.23
CA GLU I 162 -45.60 -102.91 11.05
C GLU I 162 -46.81 -103.82 11.25
N SER I 163 -48.02 -103.30 11.03
CA SER I 163 -49.23 -104.11 10.99
C SER I 163 -49.69 -104.33 9.56
N TRP I 164 -48.76 -104.53 8.63
CA TRP I 164 -49.08 -104.52 7.21
C TRP I 164 -49.88 -105.72 6.74
N ARG I 165 -50.35 -106.57 7.65
CA ARG I 165 -51.27 -107.64 7.29
C ARG I 165 -52.73 -107.21 7.38
N GLN I 166 -53.00 -105.90 7.39
CA GLN I 166 -54.37 -105.40 7.53
C GLN I 166 -54.94 -104.86 6.23
N MET I 167 -54.14 -104.18 5.41
CA MET I 167 -54.64 -103.57 4.18
C MET I 167 -54.82 -104.58 3.06
N VAL I 168 -54.30 -105.79 3.22
CA VAL I 168 -54.45 -106.84 2.22
C VAL I 168 -55.93 -107.18 2.05
N ARG I 169 -56.38 -107.19 0.80
CA ARG I 169 -57.77 -107.55 0.47
C ARG I 169 -58.01 -109.04 0.68
N ILE J 27 -6.02 -80.20 15.31
CA ILE J 27 -7.33 -80.76 15.10
C ILE J 27 -7.84 -81.39 16.38
N SER J 28 -8.70 -80.68 17.10
CA SER J 28 -9.34 -81.23 18.28
C SER J 28 -10.55 -80.40 18.65
N THR J 29 -11.73 -81.00 18.58
CA THR J 29 -12.96 -80.33 18.96
C THR J 29 -13.20 -80.38 20.47
N GLY J 30 -12.14 -80.41 21.26
CA GLY J 30 -12.26 -80.20 22.68
C GLY J 30 -12.08 -78.75 23.03
N VAL J 31 -12.43 -78.40 24.26
CA VAL J 31 -12.25 -77.04 24.75
C VAL J 31 -10.98 -76.98 25.59
N PHE J 32 -9.92 -76.42 25.02
CA PHE J 32 -8.63 -76.35 25.68
C PHE J 32 -8.56 -75.27 26.74
N ASP J 33 -9.14 -74.11 26.49
CA ASP J 33 -8.98 -72.92 27.31
C ASP J 33 -10.02 -72.88 28.41
N HIS J 34 -9.58 -72.52 29.61
CA HIS J 34 -10.52 -72.11 30.63
C HIS J 34 -11.16 -70.80 30.19
N LEU J 35 -12.45 -70.64 30.50
CA LEU J 35 -13.28 -69.53 30.03
C LEU J 35 -12.99 -68.26 30.85
N PRO J 36 -13.08 -67.08 30.23
CA PRO J 36 -12.69 -65.86 30.93
C PRO J 36 -13.52 -65.66 32.19
N PHE J 37 -12.83 -65.41 33.29
CA PHE J 37 -13.50 -65.15 34.54
C PHE J 37 -14.25 -63.84 34.44
N GLN J 38 -15.56 -63.96 34.30
CA GLN J 38 -16.46 -62.85 34.00
C GLN J 38 -17.67 -63.00 34.91
N HIS J 39 -18.76 -62.32 34.59
CA HIS J 39 -19.93 -62.48 35.44
C HIS J 39 -20.52 -63.87 35.29
N ARG J 40 -21.42 -64.19 36.22
CA ARG J 40 -21.84 -65.55 36.46
C ARG J 40 -22.62 -66.13 35.29
N ARG J 41 -21.99 -67.03 34.53
CA ARG J 41 -22.72 -67.78 33.51
C ARG J 41 -23.72 -68.71 34.17
N GLN J 42 -24.98 -68.54 33.83
CA GLN J 42 -26.07 -69.26 34.45
C GLN J 42 -26.25 -70.58 33.71
N HIS J 43 -27.32 -71.31 34.04
CA HIS J 43 -27.62 -72.53 33.31
C HIS J 43 -28.90 -72.32 32.50
N ALA J 44 -28.74 -71.93 31.25
CA ALA J 44 -29.82 -71.90 30.28
C ALA J 44 -29.25 -72.42 28.97
N PHE J 45 -29.98 -72.23 27.89
CA PHE J 45 -29.44 -72.56 26.57
C PHE J 45 -28.23 -71.68 26.27
N ASN J 46 -27.16 -72.32 25.81
CA ASN J 46 -25.84 -71.73 25.52
C ASN J 46 -25.08 -71.30 26.77
N THR J 47 -25.54 -71.67 27.96
CA THR J 47 -24.89 -71.20 29.18
C THR J 47 -24.93 -72.28 30.24
N LEU J 48 -23.77 -72.69 30.68
CA LEU J 48 -23.57 -73.63 31.78
C LEU J 48 -23.01 -72.86 32.96
N PRO J 49 -22.85 -73.51 34.10
CA PRO J 49 -21.99 -72.94 35.13
C PRO J 49 -20.56 -72.84 34.62
N LEU J 50 -19.91 -71.71 34.93
CA LEU J 50 -18.55 -71.50 34.47
C LEU J 50 -17.63 -72.65 34.88
N HIS J 51 -17.99 -73.37 35.95
CA HIS J 51 -17.20 -74.50 36.40
C HIS J 51 -18.07 -75.70 36.73
N ASP J 52 -18.98 -76.05 35.85
CA ASP J 52 -19.85 -77.19 36.08
C ASP J 52 -19.06 -78.50 35.96
N ALA J 53 -19.80 -79.60 36.04
CA ALA J 53 -19.25 -80.94 36.06
C ALA J 53 -18.79 -81.42 34.68
N ASN J 54 -19.13 -80.71 33.61
CA ASN J 54 -18.83 -81.20 32.28
C ASN J 54 -17.62 -80.54 31.65
N HIS J 55 -17.05 -79.54 32.29
CA HIS J 55 -15.87 -78.88 31.75
C HIS J 55 -14.62 -79.60 32.23
N PHE J 56 -13.82 -80.08 31.28
CA PHE J 56 -12.64 -80.89 31.57
C PHE J 56 -13.00 -82.17 32.30
N GLY J 57 -14.01 -82.88 31.82
CA GLY J 57 -14.34 -84.18 32.35
C GLY J 57 -14.62 -84.21 33.83
N GLY J 58 -15.08 -83.10 34.39
CA GLY J 58 -15.28 -83.02 35.82
C GLY J 58 -14.13 -82.44 36.60
N ARG J 59 -13.09 -81.97 35.93
CA ARG J 59 -11.93 -81.43 36.61
C ARG J 59 -12.18 -80.06 37.20
N THR J 60 -13.15 -79.30 36.68
CA THR J 60 -13.50 -78.03 37.28
C THR J 60 -13.95 -78.17 38.73
N ALA J 61 -14.10 -79.40 39.22
CA ALA J 61 -14.29 -79.61 40.64
C ALA J 61 -13.14 -79.05 41.46
N TYR J 62 -11.93 -79.04 40.88
CA TYR J 62 -10.76 -78.54 41.61
C TYR J 62 -10.64 -77.02 41.58
N LEU J 63 -11.47 -76.34 40.79
CA LEU J 63 -11.54 -74.88 40.79
C LEU J 63 -12.90 -74.32 41.14
N ARG J 64 -13.86 -75.18 41.45
CA ARG J 64 -15.22 -74.73 41.72
C ARG J 64 -15.39 -74.48 43.21
N GLU J 65 -16.17 -73.46 43.55
CA GLU J 65 -16.66 -73.26 44.91
C GLU J 65 -18.16 -73.02 44.80
N ILE J 66 -18.87 -73.30 45.89
CA ILE J 66 -20.32 -73.41 45.83
C ILE J 66 -20.98 -72.23 46.53
N GLY J 67 -22.09 -71.76 45.96
CA GLY J 67 -22.93 -70.77 46.57
C GLY J 67 -22.54 -69.37 46.14
N PRO J 68 -23.44 -68.44 46.32
CA PRO J 68 -23.07 -67.04 46.13
C PRO J 68 -22.08 -66.61 47.20
N VAL J 69 -20.81 -66.86 46.90
CA VAL J 69 -19.70 -66.66 47.84
C VAL J 69 -19.74 -65.25 48.39
N ASN J 70 -19.58 -65.12 49.70
CA ASN J 70 -19.25 -63.83 50.28
C ASN J 70 -17.88 -63.40 49.78
N ILE J 71 -17.82 -62.31 49.02
CA ILE J 71 -16.58 -61.89 48.37
C ILE J 71 -15.50 -61.48 49.36
N LYS J 72 -15.88 -60.82 50.46
CA LYS J 72 -14.86 -60.28 51.35
C LYS J 72 -14.22 -61.37 52.19
N LYS J 73 -15.04 -62.22 52.81
CA LYS J 73 -14.55 -63.15 53.82
C LYS J 73 -14.35 -64.56 53.30
N SER J 74 -15.22 -65.06 52.42
CA SER J 74 -15.10 -66.45 51.99
C SER J 74 -14.42 -66.51 50.65
N GLY J 75 -14.46 -67.67 50.01
CA GLY J 75 -13.99 -67.77 48.65
C GLY J 75 -12.49 -67.82 48.53
N ARG J 76 -11.97 -68.83 47.83
CA ARG J 76 -10.53 -68.96 47.68
C ARG J 76 -10.01 -67.98 46.66
N ARG J 77 -9.01 -67.20 47.07
CA ARG J 77 -8.48 -66.13 46.22
C ARG J 77 -7.90 -66.68 44.92
N PHE J 78 -7.57 -67.97 44.86
CA PHE J 78 -7.02 -68.46 43.62
C PHE J 78 -8.04 -69.14 42.73
N LYS J 79 -9.29 -69.27 43.16
CA LYS J 79 -10.34 -69.63 42.23
C LYS J 79 -11.12 -68.42 41.72
N LYS J 80 -10.55 -67.22 41.83
CA LYS J 80 -11.11 -66.01 41.24
C LYS J 80 -10.21 -65.42 40.15
N ASP J 81 -8.91 -65.68 40.20
CA ASP J 81 -7.98 -65.20 39.20
C ASP J 81 -8.15 -65.98 37.90
N LEU J 82 -7.62 -65.42 36.81
CA LEU J 82 -7.76 -66.08 35.51
C LEU J 82 -6.51 -66.84 35.12
N ARG J 83 -5.34 -66.37 35.51
CA ARG J 83 -4.10 -66.93 34.99
C ARG J 83 -3.74 -68.24 35.68
N THR J 84 -3.97 -68.33 36.98
CA THR J 84 -3.68 -69.55 37.71
C THR J 84 -4.69 -70.64 37.37
N VAL J 85 -5.97 -70.29 37.30
CA VAL J 85 -6.97 -71.28 36.90
C VAL J 85 -6.69 -71.75 35.49
N GLN J 86 -6.21 -70.86 34.62
CA GLN J 86 -5.86 -71.27 33.28
C GLN J 86 -4.60 -72.14 33.27
N PHE J 87 -3.68 -71.94 34.22
CA PHE J 87 -2.53 -72.83 34.29
C PHE J 87 -2.95 -74.23 34.72
N ASN J 88 -3.80 -74.31 35.75
CA ASN J 88 -4.33 -75.61 36.13
C ASN J 88 -4.97 -76.30 34.94
N VAL J 89 -5.82 -75.58 34.23
CA VAL J 89 -6.48 -76.14 33.06
C VAL J 89 -5.47 -76.58 32.00
N ASP J 90 -4.38 -75.83 31.83
CA ASP J 90 -3.35 -76.23 30.88
C ASP J 90 -2.67 -77.53 31.29
N ILE J 91 -2.36 -77.69 32.57
CA ILE J 91 -1.76 -78.95 33.02
C ILE J 91 -2.72 -80.09 32.77
N TRP J 92 -4.01 -79.84 32.93
CA TRP J 92 -4.98 -80.89 32.70
C TRP J 92 -5.09 -81.27 31.23
N CYS J 93 -5.05 -80.28 30.33
CA CYS J 93 -4.96 -80.57 28.91
C CYS J 93 -3.72 -81.37 28.55
N ALA J 94 -2.58 -81.04 29.17
CA ALA J 94 -1.37 -81.82 28.94
C ALA J 94 -1.50 -83.24 29.45
N GLN J 95 -2.10 -83.43 30.62
CA GLN J 95 -2.44 -84.77 31.07
C GLN J 95 -3.18 -85.51 29.99
N GLN J 96 -4.21 -84.89 29.40
CA GLN J 96 -4.97 -85.54 28.32
C GLN J 96 -4.10 -85.93 27.14
N THR J 97 -3.26 -85.01 26.66
CA THR J 97 -2.39 -85.34 25.54
C THR J 97 -1.49 -86.52 25.88
N LEU J 98 -1.04 -86.59 27.14
CA LEU J 98 -0.16 -87.67 27.55
C LEU J 98 -0.92 -89.00 27.62
N ARG J 99 -2.15 -88.97 28.14
CA ARG J 99 -3.01 -90.14 28.12
C ARG J 99 -3.09 -90.73 26.74
N LYS J 100 -3.54 -89.93 25.78
CA LYS J 100 -3.78 -90.46 24.46
C LYS J 100 -2.48 -90.87 23.78
N ARG J 101 -1.41 -90.10 23.97
CA ARG J 101 -0.13 -90.45 23.37
C ARG J 101 0.41 -91.78 23.88
N TRP J 102 0.49 -91.98 25.19
CA TRP J 102 0.99 -93.25 25.70
C TRP J 102 0.03 -94.41 25.51
N LYS J 103 -1.27 -94.14 25.42
CA LYS J 103 -2.21 -95.15 24.95
C LYS J 103 -1.87 -95.61 23.55
N GLN J 104 -1.41 -94.69 22.69
CA GLN J 104 -1.17 -94.99 21.28
C GLN J 104 0.01 -95.91 21.03
N ARG J 105 0.61 -96.49 22.06
CA ARG J 105 1.77 -97.35 21.89
C ARG J 105 1.35 -98.81 21.91
N ASP J 106 1.67 -99.54 20.84
CA ASP J 106 1.75 -100.99 20.86
C ASP J 106 3.18 -101.47 20.73
N TRP J 107 4.13 -100.57 20.96
CA TRP J 107 5.55 -100.90 20.85
C TRP J 107 6.23 -100.50 22.15
N GLU J 108 7.38 -101.12 22.39
CA GLU J 108 8.25 -100.77 23.49
C GLU J 108 9.64 -100.60 22.95
N VAL J 109 10.49 -99.86 23.66
CA VAL J 109 11.80 -99.54 23.15
C VAL J 109 12.83 -100.51 23.72
N ILE J 110 13.27 -101.46 22.91
CA ILE J 110 14.14 -102.55 23.34
C ILE J 110 15.56 -102.24 22.87
N GLU J 111 16.48 -102.09 23.81
CA GLU J 111 17.81 -101.62 23.50
C GLU J 111 18.60 -102.73 22.85
N VAL J 112 18.51 -102.81 21.53
CA VAL J 112 19.26 -103.79 20.75
C VAL J 112 20.66 -103.25 20.50
N PRO J 113 21.70 -104.06 20.60
CA PRO J 113 23.03 -103.60 20.21
C PRO J 113 23.09 -103.21 18.75
N PHE J 114 24.23 -102.67 18.35
CA PHE J 114 24.35 -102.18 16.97
C PHE J 114 24.39 -103.32 15.97
N ARG J 115 24.93 -104.47 16.36
CA ARG J 115 25.20 -105.51 15.38
C ARG J 115 23.93 -106.16 14.85
N LEU J 116 22.87 -106.22 15.65
CA LEU J 116 21.73 -107.07 15.37
C LEU J 116 20.52 -106.31 14.84
N ALA J 117 20.45 -105.03 15.05
CA ALA J 117 19.27 -104.27 14.65
C ALA J 117 19.09 -104.31 13.14
N PRO J 118 17.86 -104.50 12.67
CA PRO J 118 17.64 -104.58 11.23
C PRO J 118 18.05 -103.29 10.54
N ALA J 119 18.46 -103.46 9.27
CA ALA J 119 19.35 -102.54 8.57
C ALA J 119 18.88 -101.09 8.61
N GLU J 120 17.57 -100.85 8.70
CA GLU J 120 17.05 -99.49 8.65
C GLU J 120 17.44 -98.69 9.89
N GLN J 121 17.89 -99.36 10.95
CA GLN J 121 18.34 -98.72 12.17
C GLN J 121 19.85 -98.81 12.37
N GLN J 122 20.63 -98.80 11.29
CA GLN J 122 22.08 -98.99 11.34
C GLN J 122 22.86 -97.77 10.90
N ARG J 123 22.19 -96.65 10.66
CA ARG J 123 22.84 -95.42 10.19
C ARG J 123 22.86 -94.37 11.29
N VAL J 124 23.33 -93.19 10.93
CA VAL J 124 23.36 -92.05 11.85
C VAL J 124 21.97 -91.42 11.86
N ILE J 125 21.13 -91.86 12.79
CA ILE J 125 19.80 -91.29 12.99
C ILE J 125 19.94 -90.13 13.97
N PRO J 126 19.86 -88.88 13.53
CA PRO J 126 19.97 -87.76 14.47
C PRO J 126 18.87 -87.83 15.50
N GLU J 127 19.17 -87.26 16.67
CA GLU J 127 18.26 -87.40 17.79
C GLU J 127 16.97 -86.64 17.54
N MET J 128 16.05 -86.74 18.49
CA MET J 128 14.79 -86.03 18.37
C MET J 128 15.05 -84.54 18.31
N TYR J 129 14.26 -83.84 17.50
CA TYR J 129 14.33 -82.39 17.34
C TYR J 129 15.72 -81.93 16.99
N THR J 130 16.45 -82.73 16.21
CA THR J 130 17.83 -82.42 15.86
C THR J 130 17.99 -82.21 14.36
N ASP J 131 17.61 -83.17 13.57
CA ASP J 131 17.48 -82.98 12.14
C ASP J 131 16.02 -83.17 11.75
N VAL J 132 15.73 -82.97 10.48
CA VAL J 132 14.38 -83.22 9.99
C VAL J 132 14.00 -84.67 10.32
N PRO J 133 12.77 -84.97 10.67
CA PRO J 133 12.42 -86.33 11.11
C PRO J 133 12.77 -87.34 10.03
N PRO J 134 13.83 -88.11 10.23
CA PRO J 134 14.59 -88.66 9.09
C PRO J 134 13.82 -89.73 8.33
N MET J 135 14.15 -89.85 7.04
CA MET J 135 13.51 -90.82 6.18
C MET J 135 14.10 -92.20 6.40
N THR J 136 13.27 -93.22 6.26
CA THR J 136 13.78 -94.58 6.39
C THR J 136 14.81 -94.88 5.32
N ASP J 137 14.41 -94.79 4.06
CA ASP J 137 15.41 -94.86 3.00
C ASP J 137 14.84 -94.29 1.70
N PRO J 138 15.52 -93.32 1.09
CA PRO J 138 15.02 -92.78 -0.18
C PRO J 138 15.22 -93.72 -1.35
N GLU J 139 16.38 -94.35 -1.45
CA GLU J 139 16.71 -95.11 -2.66
C GLU J 139 15.86 -96.37 -2.78
N ARG J 140 15.06 -96.69 -1.77
CA ARG J 140 14.24 -97.90 -1.77
C ARG J 140 12.74 -97.62 -1.69
N HIS J 141 12.31 -96.43 -2.13
CA HIS J 141 10.89 -96.09 -2.23
C HIS J 141 10.15 -96.24 -0.90
N ASP J 142 10.76 -95.80 0.20
CA ASP J 142 10.08 -95.71 1.49
C ASP J 142 10.64 -94.52 2.26
N PHE J 143 9.93 -93.39 2.22
CA PHE J 143 10.29 -92.22 3.02
C PHE J 143 9.46 -92.24 4.29
N SER J 144 9.48 -93.37 4.97
CA SER J 144 8.61 -93.58 6.12
C SER J 144 9.37 -93.20 7.38
N ASN J 145 8.64 -92.63 8.31
CA ASN J 145 9.22 -92.08 9.53
C ASN J 145 9.94 -93.17 10.30
N ILE J 146 11.29 -93.12 10.35
CA ILE J 146 12.03 -94.06 11.19
C ILE J 146 11.95 -93.73 12.67
N ARG J 147 11.59 -92.50 13.00
CA ARG J 147 11.15 -92.24 14.36
C ARG J 147 9.80 -92.89 14.60
N ASN J 148 9.07 -93.20 13.53
CA ASN J 148 7.75 -93.82 13.59
C ASN J 148 7.70 -95.15 12.85
N LYS J 149 8.80 -95.89 12.84
CA LYS J 149 8.83 -97.23 12.28
C LYS J 149 8.77 -98.25 13.41
N VAL J 150 7.84 -99.20 13.33
CA VAL J 150 7.59 -100.14 14.41
C VAL J 150 7.91 -101.55 13.93
N TYR J 151 8.65 -102.28 14.76
CA TYR J 151 9.11 -103.62 14.43
C TYR J 151 8.41 -104.63 15.33
N ASP J 152 8.10 -105.79 14.77
CA ASP J 152 7.38 -106.80 15.53
C ASP J 152 8.35 -107.83 16.13
N ARG J 153 8.02 -108.28 17.35
CA ARG J 153 8.82 -109.29 18.02
C ARG J 153 8.99 -110.52 17.14
N GLU J 154 7.91 -111.00 16.52
CA GLU J 154 7.96 -112.23 15.74
C GLU J 154 8.78 -112.09 14.47
N GLU J 155 9.35 -110.92 14.19
CA GLU J 155 10.36 -110.79 13.17
C GLU J 155 11.73 -110.45 13.74
N LEU J 156 11.79 -109.79 14.89
CA LEU J 156 13.05 -109.56 15.57
C LEU J 156 13.43 -110.72 16.49
N GLN J 157 12.79 -111.89 16.32
CA GLN J 157 13.03 -113.01 17.21
C GLN J 157 14.47 -113.51 17.10
N GLY J 158 15.03 -113.49 15.89
CA GLY J 158 16.40 -113.94 15.72
C GLY J 158 17.40 -113.07 16.46
N VAL J 159 16.98 -111.86 16.84
CA VAL J 159 17.89 -110.92 17.46
C VAL J 159 17.95 -111.12 18.97
N LEU J 160 16.83 -110.88 19.65
CA LEU J 160 16.83 -110.68 21.09
C LEU J 160 16.99 -111.98 21.83
N PHE J 161 15.99 -112.84 21.70
CA PHE J 161 16.00 -114.11 22.41
C PHE J 161 16.16 -115.22 21.40
N GLY J 162 17.06 -115.01 20.44
CA GLY J 162 17.37 -116.03 19.46
C GLY J 162 17.85 -117.32 20.11
N ALA J 163 18.73 -117.20 21.10
CA ALA J 163 19.26 -118.38 21.81
C ALA J 163 18.55 -118.51 23.15
N SER J 164 17.24 -118.78 23.07
CA SER J 164 16.44 -119.05 24.28
C SER J 164 15.50 -120.21 24.01
N GLY J 165 15.88 -121.09 23.10
CA GLY J 165 15.13 -122.30 22.82
C GLY J 165 13.92 -122.07 21.94
N PRO J 166 12.77 -122.60 22.35
CA PRO J 166 11.58 -122.50 21.51
C PRO J 166 11.02 -121.10 21.49
N LEU J 167 10.79 -120.60 20.28
CA LEU J 167 10.41 -119.22 20.10
C LEU J 167 9.10 -118.94 20.83
N PRO J 168 9.11 -118.07 21.84
CA PRO J 168 7.89 -117.84 22.64
C PRO J 168 6.69 -117.38 21.81
N TYR J 169 6.93 -116.88 20.61
CA TYR J 169 5.83 -116.62 19.69
C TYR J 169 6.07 -117.41 18.41
N PRO J 170 5.03 -117.63 17.61
CA PRO J 170 5.23 -118.31 16.35
C PRO J 170 5.70 -117.34 15.28
N PRO J 171 6.27 -117.83 14.20
CA PRO J 171 6.56 -116.94 13.06
C PRO J 171 5.25 -116.40 12.49
N LEU J 172 5.34 -115.27 11.80
CA LEU J 172 4.13 -114.62 11.32
C LEU J 172 3.54 -115.37 10.13
N GLN J 173 2.22 -115.58 10.17
CA GLN J 173 1.47 -116.08 9.03
C GLN J 173 1.16 -114.91 8.12
N ARG J 174 1.52 -115.02 6.84
CA ARG J 174 1.37 -113.92 5.91
C ARG J 174 0.06 -114.04 5.14
N ILE J 175 -0.28 -112.96 4.43
CA ILE J 175 -1.46 -112.93 3.59
C ILE J 175 -0.98 -112.81 2.13
N ASP J 176 -1.34 -113.79 1.31
CA ASP J 176 -0.87 -113.83 -0.07
C ASP J 176 -1.81 -113.06 -0.99
N ARG J 177 -1.28 -112.03 -1.63
CA ARG J 177 -2.05 -111.16 -2.51
C ARG J 177 -1.97 -111.55 -3.98
N GLN J 178 -1.05 -112.44 -4.36
CA GLN J 178 -1.12 -113.07 -5.67
C GLN J 178 -2.03 -114.28 -5.67
N ALA J 179 -2.34 -114.83 -4.50
CA ALA J 179 -3.16 -116.01 -4.38
C ALA J 179 -4.59 -115.76 -4.84
N MET J 180 -5.08 -116.62 -5.72
CA MET J 180 -6.35 -116.45 -6.40
C MET J 180 -7.47 -116.82 -5.42
N THR J 181 -7.92 -115.84 -4.65
CA THR J 181 -9.03 -116.05 -3.73
C THR J 181 -10.16 -115.09 -4.03
N LEU J 182 -11.17 -115.11 -3.16
CA LEU J 182 -12.39 -114.34 -3.37
C LEU J 182 -12.11 -112.87 -3.60
N ASP J 183 -10.96 -112.38 -3.16
CA ASP J 183 -10.62 -110.99 -3.41
C ASP J 183 -10.33 -110.70 -4.87
N LYS J 184 -9.87 -111.68 -5.64
CA LYS J 184 -9.60 -111.48 -7.06
C LYS J 184 -10.80 -111.85 -7.91
N PHE J 185 -12.01 -111.62 -7.40
CA PHE J 185 -13.26 -111.96 -8.08
C PHE J 185 -13.22 -113.40 -8.58
N LEU J 186 -12.70 -114.28 -7.74
CA LEU J 186 -12.96 -115.69 -7.85
C LEU J 186 -12.76 -116.34 -6.48
N GLN K 9 23.70 -12.40 65.61
CA GLN K 9 22.55 -13.21 65.25
C GLN K 9 22.27 -13.10 63.76
N ALA K 10 21.64 -12.00 63.34
CA ALA K 10 21.36 -11.76 61.93
C ALA K 10 21.33 -10.26 61.67
N ASP K 11 21.93 -9.84 60.55
CA ASP K 11 22.05 -8.42 60.23
C ASP K 11 22.05 -8.24 58.72
N ARG K 12 22.03 -6.98 58.29
CA ARG K 12 22.13 -6.60 56.88
C ARG K 12 23.44 -7.07 56.24
N ARG K 13 24.34 -7.66 57.02
CA ARG K 13 25.48 -8.36 56.46
C ARG K 13 25.32 -9.87 56.55
N THR K 14 24.25 -10.35 57.21
CA THR K 14 23.87 -11.76 57.21
C THR K 14 22.60 -12.04 56.42
N ARG K 15 21.55 -11.24 56.59
CA ARG K 15 20.30 -11.55 55.93
C ARG K 15 20.42 -11.36 54.43
N HIS K 16 19.67 -12.15 53.68
CA HIS K 16 19.76 -12.16 52.24
C HIS K 16 19.14 -10.88 51.69
N HIS K 17 19.97 -10.07 51.02
CA HIS K 17 19.59 -8.71 50.63
C HIS K 17 19.93 -8.46 49.18
N MET K 18 18.91 -8.14 48.38
CA MET K 18 19.17 -7.71 47.02
C MET K 18 19.71 -6.29 47.00
N MET K 19 18.94 -5.34 47.52
CA MET K 19 19.32 -3.94 47.60
C MET K 19 19.72 -3.59 49.03
N LEU K 20 20.84 -2.87 49.17
CA LEU K 20 21.29 -2.39 50.46
C LEU K 20 21.74 -0.96 50.29
N ASP K 21 20.97 -0.03 50.87
CA ASP K 21 21.31 1.40 50.88
C ASP K 21 21.38 1.98 49.47
N GLY K 22 20.25 1.96 48.77
CA GLY K 22 20.12 2.68 47.52
C GLY K 22 20.75 2.03 46.32
N GLN K 23 21.79 1.24 46.50
CA GLN K 23 22.44 0.48 45.44
C GLN K 23 22.37 -1.00 45.79
N ILE K 24 23.09 -1.82 45.04
CA ILE K 24 22.96 -3.25 45.20
C ILE K 24 23.73 -3.70 46.45
N ASN K 25 23.35 -4.85 46.99
CA ASN K 25 24.07 -5.42 48.13
C ASN K 25 25.11 -6.41 47.66
N PRO K 26 26.40 -6.13 47.83
CA PRO K 26 27.42 -7.05 47.32
C PRO K 26 27.53 -8.32 48.12
N ARG K 27 27.15 -8.30 49.39
CA ARG K 27 27.39 -9.44 50.26
C ARG K 27 26.56 -10.63 49.89
N GLU K 28 25.30 -10.43 49.54
CA GLU K 28 24.46 -11.57 49.24
C GLU K 28 24.98 -12.25 47.99
N TRP K 29 25.20 -13.56 48.07
CA TRP K 29 25.73 -14.31 46.94
C TRP K 29 24.96 -14.02 45.67
N MET K 30 23.66 -13.79 45.81
CA MET K 30 22.73 -13.74 44.69
C MET K 30 22.55 -12.35 44.12
N ASN K 31 23.59 -11.53 44.11
CA ASN K 31 23.56 -10.26 43.41
C ASN K 31 24.77 -10.06 42.53
N TRP K 32 25.27 -11.13 41.89
CA TRP K 32 26.57 -11.13 41.25
C TRP K 32 26.53 -11.88 39.92
N HIS K 33 27.29 -11.40 38.96
CA HIS K 33 27.45 -12.12 37.71
C HIS K 33 28.23 -13.41 38.00
N PRO K 34 27.94 -14.52 37.30
CA PRO K 34 28.69 -15.75 37.56
C PRO K 34 30.11 -15.69 37.04
N LYS K 35 30.44 -14.69 36.24
CA LYS K 35 31.81 -14.53 35.76
C LYS K 35 32.74 -14.03 36.86
N GLU K 36 32.18 -13.47 37.93
CA GLU K 36 32.95 -13.15 39.13
C GLU K 36 33.23 -14.38 39.98
N TYR K 37 32.41 -15.42 39.84
CA TYR K 37 32.58 -16.68 40.55
C TYR K 37 33.65 -17.56 39.93
N GLN K 38 34.17 -17.20 38.76
CA GLN K 38 35.14 -18.03 38.08
C GLN K 38 36.42 -18.14 38.90
N PRO K 39 37.19 -19.20 38.71
CA PRO K 39 38.48 -19.29 39.40
C PRO K 39 39.48 -18.35 38.76
N TRP K 40 40.19 -17.61 39.60
CA TRP K 40 41.23 -16.72 39.12
C TRP K 40 42.33 -16.67 40.15
N TYR K 41 43.48 -16.17 39.74
CA TYR K 41 44.67 -16.18 40.58
C TYR K 41 45.23 -14.78 40.72
N PHE K 42 45.97 -14.57 41.81
CA PHE K 42 46.47 -13.25 42.14
C PHE K 42 47.53 -12.81 41.15
N ASP K 43 47.62 -11.50 40.96
CA ASP K 43 48.53 -10.89 40.00
C ASP K 43 49.54 -9.97 40.65
N ARG K 44 49.34 -9.59 41.91
CA ARG K 44 50.02 -8.42 42.45
C ARG K 44 51.53 -8.60 42.54
N HIS K 45 52.03 -9.83 42.44
CA HIS K 45 53.48 -10.02 42.44
C HIS K 45 54.07 -9.95 41.05
N LYS K 46 53.28 -10.17 40.00
CA LYS K 46 53.80 -10.07 38.66
C LYS K 46 54.17 -8.62 38.37
N PHE K 47 54.69 -8.40 37.17
CA PHE K 47 54.96 -7.06 36.71
C PHE K 47 53.65 -6.27 36.65
N LEU K 48 53.75 -4.98 36.99
CA LEU K 48 52.55 -4.17 37.14
C LEU K 48 51.66 -4.23 35.90
N TYR K 49 52.26 -4.15 34.72
CA TYR K 49 51.52 -4.20 33.47
C TYR K 49 51.02 -5.59 33.12
N GLU K 50 51.47 -6.62 33.83
CA GLU K 50 51.00 -7.98 33.58
C GLU K 50 49.83 -8.36 34.48
N ARG K 51 49.23 -7.40 35.17
CA ARG K 51 48.21 -7.72 36.16
C ARG K 51 46.81 -7.64 35.57
N GLN K 52 45.82 -8.05 36.37
CA GLN K 52 44.42 -8.12 35.91
C GLN K 52 43.80 -6.75 35.68
N GLN K 53 44.36 -5.68 36.26
CA GLN K 53 43.82 -4.34 36.02
C GLN K 53 44.27 -3.76 34.68
N TYR K 54 45.35 -4.27 34.11
CA TYR K 54 45.78 -3.88 32.77
C TYR K 54 45.38 -4.97 31.78
N ALA K 55 44.18 -5.51 31.97
CA ALA K 55 43.66 -6.58 31.12
C ALA K 55 43.73 -6.27 29.63
N HIS K 56 43.36 -5.05 29.22
CA HIS K 56 43.31 -4.72 27.81
C HIS K 56 44.67 -4.63 27.15
N PHE K 57 45.75 -4.79 27.91
CA PHE K 57 47.09 -4.71 27.34
C PHE K 57 47.77 -6.07 27.28
N HIS K 58 47.07 -7.13 27.66
CA HIS K 58 47.69 -8.45 27.62
C HIS K 58 48.01 -8.87 26.20
N HIS K 59 47.30 -8.33 25.22
CA HIS K 59 47.63 -8.70 23.85
C HIS K 59 48.89 -8.00 23.36
N LEU K 60 49.24 -6.87 23.96
CA LEU K 60 50.36 -6.05 23.53
C LEU K 60 51.65 -6.36 24.28
N LEU K 61 51.64 -7.34 25.19
CA LEU K 61 52.76 -7.51 26.08
C LEU K 61 53.96 -8.07 25.33
N CYS K 62 55.13 -7.55 25.67
CA CYS K 62 56.36 -7.90 25.00
C CYS K 62 56.97 -9.16 25.58
N HIS K 63 57.86 -9.78 24.82
CA HIS K 63 58.57 -10.94 25.32
C HIS K 63 59.82 -10.52 26.08
N GLN K 64 59.82 -10.81 27.38
CA GLN K 64 60.81 -10.30 28.32
C GLN K 64 62.21 -10.62 27.87
N VAL K 65 63.14 -9.82 28.38
CA VAL K 65 64.57 -10.14 28.39
C VAL K 65 65.01 -9.97 29.84
N PHE K 66 66.04 -10.69 30.25
CA PHE K 66 66.35 -10.77 31.66
C PHE K 66 67.72 -10.18 31.96
N LEU K 67 68.05 -10.11 33.25
CA LEU K 67 69.31 -9.53 33.66
C LEU K 67 70.49 -10.30 33.09
N LYS K 68 70.39 -11.63 33.01
CA LYS K 68 71.47 -12.43 32.43
C LYS K 68 71.64 -12.16 30.94
N ASP K 69 70.53 -12.11 30.20
CA ASP K 69 70.59 -11.73 28.80
C ASP K 69 71.30 -10.40 28.63
N MET K 70 70.93 -9.41 29.44
CA MET K 70 71.49 -8.09 29.27
C MET K 70 72.93 -7.99 29.77
N LEU K 71 73.32 -8.81 30.75
CA LEU K 71 74.71 -8.82 31.19
C LEU K 71 75.63 -9.45 30.16
N HIS K 72 75.15 -10.45 29.42
CA HIS K 72 75.84 -10.84 28.21
C HIS K 72 75.84 -9.70 27.20
N LEU K 73 74.76 -8.93 27.15
CA LEU K 73 74.71 -7.81 26.20
C LEU K 73 75.66 -6.68 26.55
N VAL K 74 76.06 -6.58 27.82
CA VAL K 74 77.05 -5.58 28.21
C VAL K 74 78.38 -5.80 27.49
N GLN K 75 78.95 -6.99 27.63
CA GLN K 75 80.24 -7.27 27.02
C GLN K 75 80.13 -7.68 25.56
N HIS K 76 79.29 -8.65 25.23
CA HIS K 76 79.15 -9.15 23.85
C HIS K 76 77.90 -8.51 23.25
N PRO K 77 78.07 -7.53 22.38
CA PRO K 77 76.92 -6.96 21.68
C PRO K 77 76.75 -7.56 20.30
N GLU K 78 75.44 -7.49 19.78
CA GLU K 78 74.94 -7.93 18.49
C GLU K 78 74.81 -6.75 17.54
N PRO K 79 75.11 -6.96 16.26
CA PRO K 79 75.05 -5.88 15.28
C PRO K 79 73.76 -5.09 15.32
N TYR K 80 72.62 -5.77 15.45
CA TYR K 80 71.34 -5.10 15.49
C TYR K 80 70.54 -5.45 16.73
N THR K 81 71.15 -5.39 17.89
CA THR K 81 70.41 -5.39 19.14
C THR K 81 70.34 -3.94 19.62
N HIS K 82 69.47 -3.18 18.99
CA HIS K 82 69.29 -1.78 19.32
C HIS K 82 68.65 -1.75 20.71
N ILE K 83 69.43 -1.38 21.70
CA ILE K 83 68.85 -1.13 23.01
C ILE K 83 68.42 0.33 23.06
N VAL K 84 67.19 0.56 23.48
CA VAL K 84 66.62 1.89 23.54
C VAL K 84 66.44 2.28 24.98
N ASP K 85 67.07 3.39 25.36
CA ASP K 85 66.89 3.98 26.68
C ASP K 85 65.62 4.82 26.69
N CYS K 86 64.68 4.44 27.54
CA CYS K 86 63.36 5.04 27.61
C CYS K 86 63.13 5.84 28.89
N ARG K 87 64.18 6.13 29.65
CA ARG K 87 64.01 7.00 30.79
C ARG K 87 63.62 8.38 30.28
N THR K 88 62.48 8.90 30.76
CA THR K 88 61.99 10.18 30.25
C THR K 88 62.85 11.34 30.72
N SER K 89 62.86 11.60 32.01
CA SER K 89 63.56 12.81 32.40
C SER K 89 65.03 12.51 32.63
N PRO K 90 65.94 13.18 31.93
CA PRO K 90 67.37 12.99 32.21
C PRO K 90 67.77 13.43 33.59
N LEU K 91 66.90 14.12 34.31
CA LEU K 91 67.09 14.39 35.73
C LEU K 91 67.09 13.12 36.56
N LYS K 92 66.79 11.97 35.95
CA LYS K 92 66.89 10.68 36.62
C LYS K 92 67.77 9.68 35.89
N MET K 93 68.57 10.12 34.93
CA MET K 93 69.49 9.24 34.23
C MET K 93 70.91 9.78 34.39
N HIS K 94 71.86 8.88 34.65
CA HIS K 94 73.20 9.29 35.02
C HIS K 94 74.31 8.58 34.29
N ARG K 95 74.14 7.36 33.84
CA ARG K 95 75.20 6.66 33.12
C ARG K 95 74.61 5.91 31.94
N TRP K 96 75.38 5.89 30.86
CA TRP K 96 74.96 5.35 29.59
C TRP K 96 74.81 3.85 29.69
N VAL K 97 73.56 3.37 29.64
CA VAL K 97 73.28 1.94 29.54
C VAL K 97 74.19 1.42 28.44
N PRO K 98 75.16 0.57 28.73
CA PRO K 98 76.09 0.14 27.70
C PRO K 98 75.33 -0.33 26.47
N HIS K 99 75.70 0.25 25.34
CA HIS K 99 75.05 0.00 24.05
C HIS K 99 73.59 0.38 24.05
N SER K 100 73.24 1.53 24.59
CA SER K 100 71.92 2.09 24.41
C SER K 100 71.99 3.33 23.54
N TRP K 101 70.84 3.69 22.97
CA TRP K 101 70.65 5.02 22.41
C TRP K 101 69.46 5.65 23.10
N TRP K 102 69.51 6.97 23.30
CA TRP K 102 68.42 7.64 24.00
C TRP K 102 67.25 7.82 23.05
N LEU K 103 66.07 7.42 23.50
CA LEU K 103 64.84 7.61 22.74
C LEU K 103 63.72 7.55 23.77
N PRO K 104 63.24 8.69 24.23
CA PRO K 104 62.35 8.70 25.39
C PRO K 104 60.99 8.11 25.09
N ARG K 105 60.44 7.47 26.12
CA ARG K 105 59.13 6.85 26.01
C ARG K 105 58.06 7.82 25.56
N ASP K 106 58.23 9.12 25.83
CA ASP K 106 57.22 10.09 25.45
C ASP K 106 57.28 10.47 23.98
N GLU K 107 58.44 10.34 23.34
CA GLU K 107 58.54 10.51 21.91
C GLU K 107 58.46 9.19 21.17
N VAL K 108 58.26 8.09 21.89
CA VAL K 108 58.25 6.76 21.28
C VAL K 108 57.20 6.59 20.19
N GLU K 109 56.06 7.29 20.27
CA GLU K 109 55.02 7.11 19.28
C GLU K 109 55.33 7.85 17.98
N TYR K 110 55.71 9.11 18.07
CA TYR K 110 56.05 9.87 16.88
C TYR K 110 57.36 9.41 16.27
N ALA K 111 58.25 8.82 17.06
CA ALA K 111 59.57 8.47 16.54
C ALA K 111 59.47 7.45 15.43
N LEU K 112 58.83 6.31 15.70
CA LEU K 112 58.72 5.23 14.74
C LEU K 112 57.82 5.58 13.57
N GLN K 113 57.04 6.65 13.68
CA GLN K 113 56.27 7.17 12.57
C GLN K 113 57.07 8.12 11.70
N LEU K 114 58.25 8.52 12.13
CA LEU K 114 59.10 9.30 11.25
C LEU K 114 59.70 8.40 10.17
N THR K 115 59.81 8.96 8.97
CA THR K 115 60.59 8.33 7.92
C THR K 115 62.02 8.14 8.42
N PRO K 116 62.67 7.04 8.05
CA PRO K 116 64.00 6.74 8.62
C PRO K 116 64.95 7.92 8.65
N ASP K 117 64.79 8.88 7.74
CA ASP K 117 65.70 10.02 7.68
C ASP K 117 65.24 11.15 8.61
N GLU K 118 63.93 11.28 8.82
CA GLU K 118 63.45 12.18 9.85
C GLU K 118 63.78 11.67 11.24
N PHE K 119 63.70 10.36 11.46
CA PHE K 119 64.08 9.81 12.76
C PHE K 119 65.57 9.88 12.98
N ALA K 120 66.38 9.55 11.95
CA ALA K 120 67.81 9.74 12.04
C ALA K 120 68.18 11.19 12.30
N ASP K 121 67.51 12.13 11.65
CA ASP K 121 67.74 13.55 11.90
C ASP K 121 67.33 13.95 13.31
N MET K 122 66.09 13.69 13.71
CA MET K 122 65.59 14.11 15.01
C MET K 122 66.25 13.40 16.18
N TYR K 123 66.92 12.26 15.95
CA TYR K 123 67.38 11.43 17.07
C TYR K 123 68.85 11.08 17.04
N GLY K 124 69.60 11.45 16.01
CA GLY K 124 71.05 11.30 16.03
C GLY K 124 71.57 9.95 15.60
N PHE K 125 70.76 8.90 15.65
CA PHE K 125 71.21 7.57 15.28
C PHE K 125 70.30 6.98 14.21
N HIS K 126 70.68 5.80 13.73
CA HIS K 126 69.91 5.16 12.68
C HIS K 126 68.76 4.36 13.27
N LYS K 127 67.65 4.35 12.55
CA LYS K 127 66.45 3.65 13.01
C LYS K 127 66.65 2.14 12.87
N PRO K 128 66.13 1.35 13.80
CA PRO K 128 66.30 -0.10 13.69
C PRO K 128 65.39 -0.66 12.60
N ARG K 129 65.91 -1.62 11.84
CA ARG K 129 65.06 -2.34 10.93
C ARG K 129 64.07 -3.19 11.71
N LYS K 130 62.89 -3.41 11.12
CA LYS K 130 61.87 -4.25 11.75
C LYS K 130 62.31 -5.70 11.86
N SER K 131 63.16 -6.17 10.97
CA SER K 131 63.81 -7.45 11.13
C SER K 131 65.00 -7.37 12.07
N ASP K 132 65.07 -6.35 12.91
CA ASP K 132 66.15 -6.20 13.86
C ASP K 132 65.62 -6.07 15.28
N ASP K 133 66.47 -6.43 16.23
CA ASP K 133 66.10 -6.62 17.62
C ASP K 133 66.09 -5.28 18.36
N VAL K 134 65.12 -5.07 19.23
CA VAL K 134 64.93 -3.78 19.89
C VAL K 134 64.59 -4.01 21.35
N ILE K 135 65.55 -3.77 22.24
CA ILE K 135 65.40 -4.06 23.66
C ILE K 135 65.23 -2.75 24.41
N LEU K 136 64.13 -2.63 25.14
CA LEU K 136 63.74 -1.38 25.78
C LEU K 136 64.05 -1.45 27.27
N VAL K 137 64.82 -0.45 27.74
CA VAL K 137 65.27 -0.39 29.12
C VAL K 137 64.86 0.95 29.72
N SER K 138 64.36 0.92 30.96
CA SER K 138 63.88 2.09 31.68
C SER K 138 64.30 1.96 33.13
N HIS K 139 63.69 2.74 34.03
CA HIS K 139 64.01 2.62 35.44
C HIS K 139 63.41 1.34 36.02
N ASN K 140 62.08 1.25 36.03
CA ASN K 140 61.38 0.12 36.60
C ASN K 140 60.95 -0.89 35.55
N GLY K 141 60.98 -0.52 34.28
CA GLY K 141 60.42 -1.36 33.26
C GLY K 141 59.04 -0.99 32.80
N LEU K 142 58.31 -0.18 33.57
CA LEU K 142 56.99 0.27 33.16
C LEU K 142 57.04 1.05 31.86
N TYR K 143 57.96 2.00 31.75
CA TYR K 143 58.09 2.72 30.49
C TYR K 143 58.70 1.88 29.39
N SER K 144 59.49 0.86 29.73
CA SER K 144 59.94 -0.03 28.67
C SER K 144 58.77 -0.83 28.11
N GLU K 145 57.84 -1.24 28.96
CA GLU K 145 56.66 -1.95 28.46
C GLU K 145 55.76 -1.02 27.68
N GLN K 146 55.51 0.19 28.19
CA GLN K 146 54.76 1.15 27.40
C GLN K 146 55.39 1.34 26.04
N ALA K 147 56.65 1.77 25.99
CA ALA K 147 57.35 1.94 24.73
C ALA K 147 57.31 0.70 23.87
N GLY K 148 57.35 -0.49 24.48
CA GLY K 148 57.27 -1.71 23.72
C GLY K 148 55.91 -1.91 23.08
N TRP K 149 54.86 -1.43 23.73
CA TRP K 149 53.55 -1.51 23.11
C TRP K 149 53.52 -0.77 21.77
N GLU K 150 54.06 0.45 21.73
CA GLU K 150 54.07 1.21 20.49
C GLU K 150 55.12 0.68 19.53
N TRP K 151 56.25 0.18 20.03
CA TRP K 151 57.20 -0.48 19.17
C TRP K 151 56.63 -1.72 18.52
N LYS K 152 55.64 -2.36 19.15
CA LYS K 152 54.91 -3.45 18.54
C LYS K 152 53.84 -3.00 17.58
N LYS K 153 53.07 -1.99 17.96
CA LYS K 153 51.99 -1.54 17.09
C LYS K 153 52.53 -0.96 15.79
N GLN K 154 53.73 -0.37 15.82
CA GLN K 154 54.48 -0.16 14.59
C GLN K 154 55.30 -1.42 14.34
N PHE K 155 54.78 -2.32 13.50
CA PHE K 155 54.94 -3.75 13.75
C PHE K 155 56.40 -4.16 13.65
N TYR K 156 57.14 -3.81 14.70
CA TYR K 156 58.44 -4.41 14.96
C TYR K 156 58.21 -5.79 15.57
N GLN K 157 59.08 -6.74 15.23
CA GLN K 157 58.84 -8.12 15.61
C GLN K 157 59.69 -8.52 16.82
N HIS K 158 61.00 -8.34 16.72
CA HIS K 158 61.93 -8.87 17.71
C HIS K 158 62.13 -7.81 18.78
N VAL K 159 61.05 -7.42 19.44
CA VAL K 159 61.11 -6.35 20.43
C VAL K 159 61.02 -6.99 21.80
N TYR K 160 61.93 -6.62 22.68
CA TYR K 160 62.05 -7.22 23.99
C TYR K 160 62.02 -6.14 25.05
N ASN K 161 61.43 -6.45 26.19
CA ASN K 161 61.33 -5.52 27.30
C ASN K 161 62.23 -6.01 28.43
N TYR K 162 63.07 -5.13 28.96
CA TYR K 162 63.86 -5.47 30.14
C TYR K 162 63.11 -4.89 31.34
N ARG K 163 62.47 -5.77 32.10
CA ARG K 163 61.76 -5.35 33.30
C ARG K 163 62.76 -5.04 34.40
N GLY K 164 62.57 -3.91 35.08
CA GLY K 164 63.54 -3.47 36.07
C GLY K 164 64.93 -3.23 35.52
N GLY K 165 65.04 -2.44 34.45
CA GLY K 165 66.30 -2.34 33.71
C GLY K 165 67.46 -1.66 34.41
N THR K 166 67.36 -0.35 34.61
CA THR K 166 68.48 0.39 35.17
C THR K 166 68.52 0.30 36.69
N ASN K 167 67.42 -0.08 37.33
CA ASN K 167 67.47 -0.38 38.75
C ASN K 167 68.20 -1.69 39.00
N GLU K 168 68.49 -2.45 37.96
CA GLU K 168 69.30 -3.65 38.11
C GLU K 168 70.69 -3.47 37.52
N LEU K 169 70.83 -2.69 36.44
CA LEU K 169 72.16 -2.47 35.87
C LEU K 169 72.93 -1.41 36.67
N PHE K 170 72.26 -0.35 37.08
CA PHE K 170 72.88 0.70 37.87
C PHE K 170 72.42 0.71 39.31
N GLY K 171 71.48 -0.15 39.69
CA GLY K 171 71.08 -0.27 41.09
C GLY K 171 70.36 0.92 41.65
N GLU K 172 69.90 1.85 40.81
CA GLU K 172 69.26 3.06 41.28
C GLU K 172 67.98 2.76 42.05
N GLN K 173 67.41 3.80 42.65
CA GLN K 173 66.12 3.74 43.32
C GLN K 173 65.31 4.88 42.73
N TYR K 174 64.67 4.61 41.60
CA TYR K 174 63.89 5.61 40.89
C TYR K 174 62.54 5.01 40.52
N ASN K 175 61.74 5.79 39.83
CA ASN K 175 60.45 5.36 39.34
C ASN K 175 60.10 6.14 38.08
N ASP K 176 59.95 5.43 36.97
CA ASP K 176 59.44 6.04 35.75
C ASP K 176 58.09 6.71 36.01
N VAL K 177 57.13 5.93 36.46
CA VAL K 177 55.91 6.47 37.03
C VAL K 177 55.98 6.27 38.53
N ALA K 178 55.34 7.15 39.27
CA ALA K 178 55.36 7.13 40.73
C ALA K 178 54.17 6.36 41.26
N LEU K 179 53.78 5.31 40.56
CA LEU K 179 52.55 4.61 40.91
C LEU K 179 52.65 3.99 42.28
N LYS K 180 51.98 4.61 43.25
CA LYS K 180 51.80 4.02 44.56
C LYS K 180 50.92 2.78 44.43
N ASP K 181 51.54 1.61 44.57
CA ASP K 181 50.94 0.38 44.06
C ASP K 181 49.59 0.11 44.69
N SER K 182 49.45 0.36 46.00
CA SER K 182 48.18 0.14 46.70
C SER K 182 47.18 1.18 46.25
N LEU K 183 45.93 0.77 46.03
CA LEU K 183 44.95 1.66 45.44
C LEU K 183 44.34 2.56 46.52
N PRO K 184 43.95 3.79 46.17
CA PRO K 184 43.77 4.81 47.19
C PRO K 184 42.39 4.73 47.81
N PRO K 185 42.04 5.67 48.69
CA PRO K 185 40.65 5.82 49.11
C PRO K 185 39.70 5.93 47.93
N TRP K 186 38.43 5.69 48.21
CA TRP K 186 37.44 5.46 47.17
C TRP K 186 36.06 5.45 47.82
N LYS K 187 35.17 6.36 47.39
CA LYS K 187 34.33 7.02 48.39
C LYS K 187 32.83 6.71 48.29
N GLY K 188 32.20 6.97 47.15
CA GLY K 188 30.85 7.48 47.18
C GLY K 188 29.67 6.66 46.67
N PRO K 189 29.24 6.97 45.45
CA PRO K 189 27.95 6.47 44.93
C PRO K 189 28.01 4.97 44.64
N PHE K 190 27.12 4.52 43.78
CA PHE K 190 27.41 3.26 43.09
C PHE K 190 27.91 3.54 41.67
N PRO K 191 28.85 2.74 41.15
CA PRO K 191 29.18 2.85 39.73
C PRO K 191 28.09 2.23 38.88
N GLN K 192 27.26 3.07 38.29
CA GLN K 192 26.18 2.59 37.45
C GLN K 192 26.65 2.04 36.10
N SER K 193 27.96 2.02 35.85
CA SER K 193 28.50 1.42 34.64
C SER K 193 28.74 -0.08 34.78
N GLY K 194 28.31 -0.67 35.88
CA GLY K 194 28.49 -2.10 36.08
C GLY K 194 27.32 -2.79 36.76
N ILE K 195 26.08 -2.36 36.49
CA ILE K 195 24.91 -2.97 37.14
C ILE K 195 24.48 -4.27 36.48
N PHE K 196 24.94 -4.54 35.27
CA PHE K 196 24.74 -5.80 34.53
C PHE K 196 23.33 -6.34 34.71
N VAL K 197 22.39 -5.67 34.05
CA VAL K 197 21.06 -6.22 33.87
C VAL K 197 21.17 -7.63 33.30
N ASP K 198 20.37 -8.54 33.84
CA ASP K 198 20.34 -9.89 33.30
C ASP K 198 19.62 -9.88 31.96
N LYS K 199 20.12 -10.65 31.00
CA LYS K 199 19.54 -10.60 29.67
C LYS K 199 18.34 -11.52 29.49
N TRP K 200 18.09 -12.46 30.40
CA TRP K 200 16.94 -13.33 30.27
C TRP K 200 15.83 -13.00 31.25
N SER K 201 16.14 -12.83 32.52
CA SER K 201 15.12 -12.48 33.51
C SER K 201 15.11 -11.01 33.88
N LYS K 202 16.09 -10.24 33.40
CA LYS K 202 16.15 -8.79 33.63
C LYS K 202 16.29 -8.47 35.13
N ARG K 203 17.31 -9.05 35.77
CA ARG K 203 17.66 -8.76 37.15
C ARG K 203 18.97 -7.98 37.17
N LYS K 204 18.97 -6.80 37.77
CA LYS K 204 20.19 -6.01 37.87
C LYS K 204 21.17 -6.74 38.78
N VAL K 205 22.41 -6.89 38.33
CA VAL K 205 23.39 -7.66 39.11
C VAL K 205 24.79 -7.05 38.97
N LEU K 206 25.46 -6.92 40.09
CA LEU K 206 26.78 -6.32 40.18
C LEU K 206 27.78 -7.04 39.29
N THR K 207 28.78 -6.29 38.87
CA THR K 207 29.96 -6.82 38.21
C THR K 207 31.18 -6.28 38.93
N ARG K 208 32.13 -7.16 39.23
CA ARG K 208 33.30 -6.73 39.98
C ARG K 208 34.14 -5.73 39.20
N THR K 209 34.06 -4.47 39.62
CA THR K 209 34.90 -3.40 39.11
C THR K 209 34.69 -2.17 39.97
N GLY K 210 35.69 -1.33 40.12
CA GLY K 210 35.58 -0.23 41.03
C GLY K 210 35.55 -0.67 42.47
N PRO K 211 34.41 -0.47 43.15
CA PRO K 211 34.35 -0.80 44.59
C PRO K 211 34.62 -2.25 44.88
N PHE K 212 33.98 -3.14 44.15
CA PHE K 212 34.17 -4.57 44.29
C PHE K 212 35.24 -4.98 43.30
N ASP K 213 36.44 -5.23 43.80
CA ASP K 213 37.59 -5.44 42.94
C ASP K 213 38.40 -6.63 43.42
N ARG K 214 38.83 -7.44 42.47
CA ARG K 214 39.90 -8.37 42.74
C ARG K 214 41.22 -7.64 42.99
N GLN K 215 41.43 -6.49 42.35
CA GLN K 215 42.49 -5.58 42.79
C GLN K 215 42.38 -5.28 44.26
N TYR K 216 41.16 -5.09 44.76
CA TYR K 216 40.99 -4.71 46.15
C TYR K 216 41.33 -5.86 47.09
N GLU K 217 40.97 -7.08 46.74
CA GLU K 217 41.35 -8.20 47.59
C GLU K 217 42.84 -8.50 47.49
N MET K 218 43.43 -8.36 46.31
CA MET K 218 44.88 -8.51 46.22
C MET K 218 45.58 -7.46 47.08
N GLN K 219 44.96 -6.30 47.24
CA GLN K 219 45.52 -5.30 48.15
C GLN K 219 45.35 -5.73 49.59
N ASP K 220 44.13 -6.08 49.99
CA ASP K 220 43.78 -6.36 51.37
C ASP K 220 44.06 -7.80 51.77
N PHE K 221 44.90 -8.51 51.04
CA PHE K 221 45.21 -9.88 51.37
C PHE K 221 46.20 -9.95 52.54
N ALA K 222 46.10 -11.05 53.29
CA ALA K 222 46.91 -11.24 54.48
C ALA K 222 48.35 -11.64 54.14
N LEU K 223 49.29 -11.21 54.98
CA LEU K 223 50.68 -11.13 54.57
C LEU K 223 51.35 -12.50 54.51
N PRO K 224 52.46 -12.61 53.76
CA PRO K 224 53.21 -13.87 53.72
C PRO K 224 54.04 -14.12 54.97
N ASP K 225 54.01 -13.22 55.94
CA ASP K 225 54.71 -13.39 57.20
C ASP K 225 53.72 -13.41 58.35
N LEU K 226 53.83 -14.42 59.20
CA LEU K 226 53.07 -14.38 60.44
C LEU K 226 53.55 -13.24 61.33
N GLU K 227 54.82 -12.83 61.19
CA GLU K 227 55.37 -11.74 61.99
C GLU K 227 54.88 -10.36 61.54
N LEU K 228 54.58 -10.19 60.26
CA LEU K 228 53.93 -8.97 59.81
C LEU K 228 52.41 -9.08 59.80
N GLU K 229 51.87 -10.28 59.97
CA GLU K 229 50.43 -10.48 59.94
C GLU K 229 49.80 -10.43 61.32
N ARG K 230 50.51 -10.84 62.36
CA ARG K 230 49.98 -10.76 63.71
C ARG K 230 49.58 -9.36 64.14
N PRO K 231 50.39 -8.31 63.96
CA PRO K 231 49.98 -6.98 64.40
C PRO K 231 48.82 -6.40 63.61
N ARG K 232 48.72 -6.66 62.31
CA ARG K 232 47.64 -6.09 61.49
C ARG K 232 46.26 -6.58 61.89
N HIS K 233 46.16 -7.39 62.94
CA HIS K 233 44.91 -7.99 63.36
C HIS K 233 44.91 -8.12 64.87
N PRO K 234 43.75 -8.10 65.51
CA PRO K 234 43.71 -8.03 66.97
C PRO K 234 44.26 -9.27 67.64
N GLU K 235 44.23 -9.26 68.98
CA GLU K 235 44.76 -10.37 69.75
C GLU K 235 43.93 -11.63 69.60
N GLU K 236 42.61 -11.53 69.70
CA GLU K 236 41.75 -12.69 69.82
C GLU K 236 41.46 -13.36 68.48
N GLY K 237 42.16 -12.96 67.42
CA GLY K 237 42.03 -13.59 66.12
C GLY K 237 42.28 -12.61 65.01
N PRO K 238 42.76 -13.09 63.87
CA PRO K 238 42.91 -12.22 62.70
C PRO K 238 41.59 -11.64 62.23
N ARG K 239 40.54 -12.46 62.28
CA ARG K 239 39.18 -11.97 62.03
C ARG K 239 38.32 -12.43 63.20
N GLN K 240 37.77 -11.46 63.90
CA GLN K 240 36.75 -11.69 64.93
C GLN K 240 35.49 -10.88 64.67
N ASN K 241 35.50 -10.03 63.64
CA ASN K 241 34.36 -9.16 63.38
C ASN K 241 33.21 -9.88 62.71
N MET K 242 33.50 -10.78 61.78
CA MET K 242 32.48 -11.57 61.13
C MET K 242 31.98 -12.65 62.07
N PRO K 243 30.84 -13.27 61.76
CA PRO K 243 30.37 -14.39 62.58
C PRO K 243 31.38 -15.53 62.67
N TYR K 244 31.02 -16.49 63.52
CA TYR K 244 31.95 -17.53 63.93
C TYR K 244 32.63 -18.20 62.75
N GLY K 245 31.95 -18.25 61.60
CA GLY K 245 32.47 -19.02 60.48
C GLY K 245 32.66 -18.26 59.19
N LEU K 246 32.11 -17.07 59.09
CA LEU K 246 32.31 -16.25 57.92
C LEU K 246 33.73 -15.71 57.82
N GLN K 247 34.57 -15.97 58.81
CA GLN K 247 35.99 -15.64 58.71
C GLN K 247 36.67 -16.61 57.75
N SER L 2 65.61 -14.41 20.91
CA SER L 2 66.70 -13.45 20.81
C SER L 2 68.02 -14.10 20.46
N PHE L 3 69.01 -13.26 20.16
CA PHE L 3 70.38 -13.69 19.86
C PHE L 3 70.43 -14.54 18.60
N ARG L 4 69.54 -14.26 17.65
CA ARG L 4 69.59 -14.94 16.36
C ARG L 4 70.89 -14.68 15.62
N TYR L 5 71.47 -13.49 15.80
CA TYR L 5 72.77 -13.20 15.21
C TYR L 5 73.84 -14.13 15.76
N THR L 6 73.97 -14.20 17.09
CA THR L 6 74.96 -15.06 17.69
C THR L 6 74.71 -16.52 17.39
N ASN L 7 73.46 -16.92 17.24
CA ASN L 7 73.17 -18.31 16.92
C ASN L 7 73.61 -18.65 15.49
N GLY L 8 73.23 -17.82 14.51
CA GLY L 8 73.75 -18.00 13.17
C GLY L 8 75.26 -17.88 13.08
N LEU L 9 75.87 -17.10 13.96
CA LEU L 9 77.33 -17.00 13.98
C LEU L 9 77.96 -18.27 14.54
N VAL L 10 77.41 -18.80 15.63
CA VAL L 10 77.80 -20.12 16.13
C VAL L 10 77.75 -21.14 14.99
N GLY L 11 76.66 -21.11 14.22
CA GLY L 11 76.55 -22.04 13.12
C GLY L 11 77.60 -21.86 12.05
N ALA L 12 77.80 -20.62 11.60
CA ALA L 12 78.75 -20.38 10.52
C ALA L 12 80.16 -20.72 10.96
N LEU L 13 80.48 -20.51 12.24
CA LEU L 13 81.79 -20.87 12.74
C LEU L 13 81.95 -22.38 12.92
N LYS L 14 80.88 -23.09 13.28
CA LYS L 14 80.97 -24.54 13.29
C LYS L 14 81.20 -25.07 11.89
N HIS L 15 80.44 -24.57 10.93
CA HIS L 15 80.60 -24.91 9.53
C HIS L 15 82.02 -24.70 9.05
N ARG L 16 82.58 -23.53 9.32
CA ARG L 16 83.92 -23.19 8.88
C ARG L 16 85.02 -23.94 9.66
N MET L 17 84.80 -24.20 10.95
CA MET L 17 85.70 -25.06 11.70
C MET L 17 85.82 -26.42 11.06
N MET L 18 84.68 -27.08 10.82
CA MET L 18 84.70 -28.35 10.13
C MET L 18 85.33 -28.26 8.75
N LEU L 19 85.04 -27.20 8.00
CA LEU L 19 85.61 -27.08 6.67
C LEU L 19 87.12 -26.92 6.70
N GLU L 20 87.69 -26.27 7.71
CA GLU L 20 89.14 -26.19 7.77
C GLU L 20 89.76 -27.48 8.30
N SER L 21 89.06 -28.19 9.18
CA SER L 21 89.46 -29.55 9.49
C SER L 21 89.54 -30.39 8.23
N SER L 22 88.58 -30.23 7.33
CA SER L 22 88.64 -30.90 6.04
C SER L 22 89.82 -30.45 5.23
N HIS L 23 90.11 -29.15 5.22
CA HIS L 23 91.27 -28.62 4.51
C HIS L 23 92.55 -29.35 4.92
N ARG L 24 92.86 -29.34 6.21
CA ARG L 24 94.10 -29.96 6.66
C ARG L 24 94.03 -31.49 6.68
N GLU L 25 92.83 -32.07 6.76
CA GLU L 25 92.68 -33.51 6.58
C GLU L 25 93.04 -33.92 5.15
N LEU L 26 92.54 -33.18 4.17
CA LEU L 26 92.89 -33.48 2.78
C LEU L 26 94.32 -33.07 2.48
N VAL L 27 94.90 -32.20 3.31
CA VAL L 27 96.34 -31.98 3.23
C VAL L 27 97.10 -33.23 3.66
N ARG L 28 96.84 -33.72 4.86
CA ARG L 28 97.67 -34.77 5.45
C ARG L 28 97.39 -36.14 4.83
N ARG L 29 97.33 -36.19 3.51
CA ARG L 29 97.02 -37.44 2.81
C ARG L 29 97.51 -37.33 1.38
N ARG L 30 97.38 -38.43 0.65
CA ARG L 30 97.65 -38.51 -0.77
C ARG L 30 96.42 -39.10 -1.45
N PHE L 31 96.31 -38.90 -2.76
CA PHE L 31 95.20 -39.47 -3.52
C PHE L 31 95.74 -40.06 -4.81
N THR L 32 95.03 -41.05 -5.36
CA THR L 32 95.62 -41.91 -6.38
C THR L 32 94.60 -42.25 -7.44
N GLY L 33 94.93 -41.95 -8.70
CA GLY L 33 94.12 -42.30 -9.85
C GLY L 33 94.69 -43.49 -10.60
N HIS L 34 93.84 -44.21 -11.32
CA HIS L 34 94.22 -45.51 -11.86
C HIS L 34 93.20 -45.91 -12.91
N CYS L 35 93.54 -45.71 -14.18
CA CYS L 35 92.56 -45.91 -15.25
C CYS L 35 92.97 -46.98 -16.23
N ARG L 36 94.25 -47.07 -16.59
CA ARG L 36 94.80 -48.19 -17.36
C ARG L 36 96.30 -48.23 -17.06
N GLY L 37 96.68 -49.10 -16.13
CA GLY L 37 98.08 -49.31 -15.84
C GLY L 37 98.71 -48.19 -15.04
N VAL L 38 98.10 -47.02 -15.06
CA VAL L 38 98.68 -45.84 -14.42
C VAL L 38 98.25 -45.76 -12.96
N GLU L 39 99.16 -45.31 -12.10
CA GLU L 39 98.93 -45.01 -10.70
C GLU L 39 99.44 -43.59 -10.48
N VAL L 40 98.55 -42.62 -10.59
CA VAL L 40 98.89 -41.21 -10.45
C VAL L 40 98.62 -40.81 -9.01
N VAL L 41 99.67 -40.61 -8.23
CA VAL L 41 99.51 -40.12 -6.88
C VAL L 41 99.70 -38.61 -6.89
N CYS L 42 98.74 -37.91 -6.30
CA CYS L 42 98.66 -36.46 -6.23
C CYS L 42 98.48 -36.02 -4.79
N SER L 43 98.78 -34.75 -4.55
CA SER L 43 98.73 -34.15 -3.23
C SER L 43 97.28 -33.93 -2.79
N GLY L 44 97.10 -33.10 -1.77
CA GLY L 44 95.79 -32.54 -1.49
C GLY L 44 95.47 -31.31 -2.32
N TYR L 45 96.47 -30.75 -2.99
CA TYR L 45 96.32 -29.55 -3.79
C TYR L 45 96.52 -29.80 -5.28
N GLY L 46 96.36 -31.04 -5.73
CA GLY L 46 96.37 -31.35 -7.14
C GLY L 46 97.74 -31.51 -7.76
N THR L 47 98.82 -31.28 -7.02
CA THR L 47 100.14 -31.45 -7.58
C THR L 47 100.41 -32.93 -7.82
N VAL L 48 100.94 -33.26 -8.99
CA VAL L 48 101.27 -34.64 -9.31
C VAL L 48 102.48 -35.09 -8.51
N LEU L 49 102.25 -35.98 -7.55
CA LEU L 49 103.35 -36.49 -6.71
C LEU L 49 104.19 -37.52 -7.47
N ALA L 50 103.55 -38.44 -8.18
CA ALA L 50 104.27 -39.42 -8.99
C ALA L 50 103.29 -40.13 -9.93
N VAL L 51 103.82 -40.82 -10.92
CA VAL L 51 103.03 -41.54 -11.92
C VAL L 51 103.71 -42.89 -12.14
N ARG L 52 103.11 -43.95 -11.63
CA ARG L 52 103.72 -45.27 -11.64
C ARG L 52 102.94 -46.21 -12.56
N LEU L 53 103.52 -47.37 -12.83
CA LEU L 53 102.74 -48.41 -13.48
C LEU L 53 102.49 -49.56 -12.50
N VAL L 54 101.93 -50.66 -13.03
CA VAL L 54 101.62 -51.84 -12.23
C VAL L 54 102.85 -52.73 -12.12
N ASP L 55 102.97 -53.42 -10.98
CA ASP L 55 104.06 -54.34 -10.70
C ASP L 55 104.19 -55.42 -11.76
N LYS L 56 103.07 -55.98 -12.24
CA LYS L 56 103.11 -57.06 -13.21
C LYS L 56 102.91 -56.48 -14.59
N THR L 57 102.34 -55.28 -14.65
CA THR L 57 102.14 -54.53 -15.88
C THR L 57 101.48 -55.39 -16.95
N VAL L 58 100.24 -55.78 -16.67
CA VAL L 58 99.49 -56.65 -17.58
C VAL L 58 98.90 -55.84 -18.72
N TRP L 59 98.85 -54.52 -18.58
CA TRP L 59 98.43 -53.68 -19.68
C TRP L 59 99.52 -53.51 -20.73
N GLU L 60 100.60 -54.27 -20.61
CA GLU L 60 101.69 -54.16 -21.57
C GLU L 60 101.38 -54.83 -22.90
N PRO L 61 100.68 -55.96 -22.98
CA PRO L 61 100.15 -56.39 -24.28
C PRO L 61 99.12 -55.43 -24.86
N PHE L 62 98.59 -54.54 -24.02
CA PHE L 62 97.62 -53.53 -24.40
C PHE L 62 98.28 -52.25 -24.92
N TYR L 63 99.30 -51.73 -24.23
CA TYR L 63 100.14 -50.68 -24.78
C TYR L 63 101.14 -51.21 -25.80
N ARG L 64 101.27 -52.52 -25.93
CA ARG L 64 102.36 -53.17 -26.66
C ARG L 64 103.66 -52.72 -26.05
N LEU L 97 105.34 -49.26 -27.46
CA LEU L 97 104.70 -48.13 -26.79
C LEU L 97 103.89 -47.32 -27.79
N ASP L 98 102.56 -47.39 -27.66
CA ASP L 98 101.64 -46.75 -28.58
C ASP L 98 101.59 -45.23 -28.39
N PHE L 99 101.70 -44.78 -27.13
CA PHE L 99 101.70 -43.39 -26.69
C PHE L 99 100.32 -42.73 -26.74
N GLU L 100 99.39 -43.27 -27.52
CA GLU L 100 98.07 -42.62 -27.58
C GLU L 100 97.20 -43.12 -26.45
N ARG L 101 97.05 -44.44 -26.34
CA ARG L 101 96.42 -45.02 -25.15
C ARG L 101 97.20 -44.65 -23.90
N ILE L 102 98.51 -44.45 -24.04
CA ILE L 102 99.35 -44.12 -22.89
C ILE L 102 98.96 -42.76 -22.32
N ALA L 103 98.95 -41.72 -23.18
CA ALA L 103 98.49 -40.41 -22.72
C ALA L 103 97.03 -40.47 -22.28
N GLU L 104 96.19 -41.21 -23.02
CA GLU L 104 94.79 -41.34 -22.65
C GLU L 104 94.66 -41.79 -21.21
N SER L 105 95.27 -42.93 -20.88
CA SER L 105 95.16 -43.49 -19.54
C SER L 105 95.88 -42.64 -18.50
N ILE L 106 96.96 -41.95 -18.88
CA ILE L 106 97.60 -41.03 -17.95
C ILE L 106 96.63 -39.96 -17.52
N LYS L 107 96.10 -39.19 -18.47
CA LYS L 107 95.19 -38.13 -18.11
C LYS L 107 93.94 -38.67 -17.44
N ALA L 108 93.50 -39.86 -17.85
CA ALA L 108 92.32 -40.44 -17.25
C ALA L 108 92.52 -40.80 -15.78
N ALA L 109 93.65 -41.41 -15.44
CA ALA L 109 93.90 -41.70 -14.03
C ALA L 109 94.23 -40.44 -13.23
N LEU L 110 94.91 -39.47 -13.85
CA LEU L 110 95.13 -38.20 -13.16
C LEU L 110 93.81 -37.51 -12.85
N TRP L 111 92.91 -37.43 -13.82
CA TRP L 111 91.58 -36.93 -13.55
C TRP L 111 90.89 -37.79 -12.51
N ASP L 112 91.17 -39.09 -12.49
CA ASP L 112 90.54 -39.94 -11.47
C ASP L 112 90.98 -39.51 -10.09
N ALA L 113 92.28 -39.35 -9.87
CA ALA L 113 92.78 -38.89 -8.58
C ALA L 113 92.24 -37.51 -8.25
N THR L 114 92.12 -36.66 -9.26
CA THR L 114 91.59 -35.32 -9.04
C THR L 114 90.12 -35.35 -8.64
N ARG L 115 89.31 -36.18 -9.30
CA ARG L 115 87.90 -36.24 -8.93
C ARG L 115 87.73 -36.94 -7.59
N LYS L 116 88.64 -37.85 -7.27
CA LYS L 116 88.71 -38.35 -5.90
C LYS L 116 88.83 -37.20 -4.92
N ILE L 117 89.87 -36.37 -5.08
CA ILE L 117 90.06 -35.26 -4.15
C ILE L 117 88.84 -34.36 -4.14
N ARG L 118 88.26 -34.11 -5.32
CA ARG L 118 87.14 -33.19 -5.41
C ARG L 118 85.94 -33.74 -4.66
N SER L 119 85.60 -35.01 -4.87
CA SER L 119 84.47 -35.59 -4.19
C SER L 119 84.74 -35.75 -2.70
N ALA L 120 86.01 -35.89 -2.31
CA ALA L 120 86.31 -35.87 -0.89
C ALA L 120 86.12 -34.49 -0.28
N LYS L 121 86.48 -33.43 -1.01
CA LYS L 121 86.22 -32.10 -0.49
C LYS L 121 84.75 -31.78 -0.50
N GLU L 122 83.99 -32.38 -1.42
CA GLU L 122 82.54 -32.23 -1.39
C GLU L 122 81.93 -33.02 -0.25
N ALA L 123 82.42 -34.23 0.00
CA ALA L 123 81.92 -35.05 1.08
C ALA L 123 82.23 -34.45 2.43
N ALA L 124 83.45 -33.93 2.61
CA ALA L 124 83.77 -33.26 3.86
C ALA L 124 82.93 -32.01 4.08
N LEU L 125 82.15 -31.60 3.08
CA LEU L 125 81.22 -30.50 3.22
C LEU L 125 79.79 -30.99 3.40
N ASN L 126 79.40 -32.02 2.63
CA ASN L 126 78.09 -32.63 2.76
C ASN L 126 77.89 -33.29 4.11
N ARG L 127 78.97 -33.72 4.76
CA ARG L 127 78.90 -34.14 6.14
C ARG L 127 78.69 -32.97 7.07
N SER L 128 79.43 -31.87 6.85
CA SER L 128 79.35 -30.73 7.76
C SER L 128 77.97 -30.12 7.75
N LEU L 129 77.41 -29.90 6.57
CA LEU L 129 76.10 -29.28 6.50
C LEU L 129 75.02 -30.21 7.01
N SER L 130 75.16 -31.52 6.78
CA SER L 130 74.21 -32.48 7.31
C SER L 130 74.24 -32.53 8.82
N HIS L 131 75.42 -32.39 9.41
CA HIS L 131 75.54 -32.51 10.86
C HIS L 131 75.63 -31.18 11.57
N ASN L 132 75.39 -30.07 10.87
CA ASN L 132 75.23 -28.78 11.53
C ASN L 132 73.76 -28.63 11.91
N GLN L 133 73.48 -28.52 13.21
CA GLN L 133 72.11 -28.38 13.66
C GLN L 133 71.55 -26.98 13.44
N GLN L 134 72.40 -25.97 13.35
CA GLN L 134 71.92 -24.61 13.16
C GLN L 134 71.77 -24.23 11.70
N LEU L 135 72.69 -24.66 10.84
CA LEU L 135 72.51 -24.45 9.41
C LEU L 135 71.34 -25.26 8.85
N ARG L 136 70.90 -26.30 9.57
CA ARG L 136 69.71 -27.05 9.16
C ARG L 136 68.44 -26.47 9.75
N ALA L 137 68.53 -25.75 10.87
CA ALA L 137 67.38 -25.00 11.36
C ALA L 137 67.13 -23.77 10.50
N GLN L 138 68.20 -23.09 10.10
CA GLN L 138 68.13 -22.06 9.06
C GLN L 138 68.00 -22.80 7.72
N ALA L 139 66.81 -23.30 7.45
CA ALA L 139 66.62 -24.24 6.35
C ALA L 139 66.77 -23.50 5.02
N HIS L 140 67.74 -23.94 4.23
CA HIS L 140 67.92 -23.47 2.88
C HIS L 140 68.49 -24.60 2.05
N LEU L 141 68.07 -24.72 0.80
CA LEU L 141 68.76 -25.61 -0.13
C LEU L 141 70.13 -25.08 -0.53
N GLU L 142 70.25 -23.79 -0.85
CA GLU L 142 71.48 -23.24 -1.40
C GLU L 142 72.70 -23.48 -0.53
N HIS L 143 72.50 -23.86 0.74
CA HIS L 143 73.61 -24.23 1.57
C HIS L 143 74.40 -25.37 0.95
N TRP L 144 73.72 -26.45 0.56
CA TRP L 144 74.39 -27.58 -0.05
C TRP L 144 75.05 -27.25 -1.39
N TYR L 145 74.97 -26.01 -1.86
CA TYR L 145 75.39 -25.69 -3.22
C TYR L 145 76.34 -24.52 -3.36
N ASP L 146 76.36 -23.57 -2.43
CA ASP L 146 77.29 -22.47 -2.65
C ASP L 146 78.74 -22.90 -2.51
N GLU L 147 79.05 -23.85 -1.64
CA GLU L 147 80.41 -24.34 -1.46
C GLU L 147 80.54 -25.64 -2.22
N ASP L 148 81.64 -25.81 -2.94
CA ASP L 148 81.96 -27.05 -3.62
C ASP L 148 83.48 -27.13 -3.76
N ALA L 149 83.97 -28.27 -4.23
CA ALA L 149 85.41 -28.51 -4.25
C ALA L 149 86.16 -27.52 -5.14
N ASN L 150 85.44 -26.70 -5.91
CA ASN L 150 86.11 -25.64 -6.66
C ASN L 150 86.30 -24.39 -5.81
N THR L 151 85.68 -24.33 -4.63
CA THR L 151 85.75 -23.12 -3.81
C THR L 151 86.10 -23.37 -2.35
N LEU L 152 85.97 -24.57 -1.84
CA LEU L 152 86.40 -24.82 -0.47
C LEU L 152 87.90 -24.55 -0.38
N GLN L 153 88.37 -24.28 0.85
CA GLN L 153 89.65 -23.59 1.04
C GLN L 153 90.82 -24.21 0.27
N PRO L 154 91.13 -25.51 0.43
CA PRO L 154 92.23 -26.05 -0.39
C PRO L 154 91.88 -26.04 -1.85
N LEU L 155 92.70 -25.37 -2.66
CA LEU L 155 92.45 -25.26 -4.09
C LEU L 155 93.72 -25.60 -4.82
N ALA L 156 93.59 -26.01 -6.09
CA ALA L 156 94.73 -26.50 -6.85
C ALA L 156 95.59 -25.38 -7.46
N PHE L 157 95.10 -24.15 -7.51
CA PHE L 157 95.94 -23.07 -8.01
C PHE L 157 96.61 -22.26 -6.90
N GLU L 158 96.10 -22.30 -5.67
CA GLU L 158 96.86 -21.81 -4.53
C GLU L 158 97.84 -22.87 -4.03
N ALA L 159 98.14 -23.86 -4.86
CA ALA L 159 98.92 -25.00 -4.40
C ALA L 159 100.34 -24.61 -4.04
N LEU L 160 101.07 -23.98 -4.97
CA LEU L 160 102.50 -23.76 -4.77
C LEU L 160 102.79 -22.98 -3.50
N LYS L 161 102.09 -21.88 -3.26
CA LYS L 161 102.42 -21.06 -2.10
C LYS L 161 102.26 -21.80 -0.79
N HIS L 162 101.53 -22.91 -0.78
CA HIS L 162 101.48 -23.76 0.39
C HIS L 162 102.45 -24.93 0.33
N GLU L 163 102.51 -25.63 -0.80
CA GLU L 163 103.36 -26.79 -0.89
C GLU L 163 104.84 -26.42 -0.88
N ALA L 164 105.28 -25.64 -1.85
CA ALA L 164 106.68 -25.27 -1.93
C ALA L 164 107.10 -24.30 -0.83
N ALA L 165 106.26 -24.11 0.18
CA ALA L 165 106.61 -23.27 1.31
C ALA L 165 107.61 -23.99 2.22
N THR L 166 108.40 -23.19 2.93
CA THR L 166 109.43 -23.69 3.80
C THR L 166 108.92 -23.71 5.25
N PRO L 167 109.55 -24.51 6.13
CA PRO L 167 108.96 -24.77 7.45
C PRO L 167 108.37 -23.57 8.17
N TRP L 168 109.12 -22.49 8.39
CA TRP L 168 108.58 -21.37 9.14
C TRP L 168 107.34 -20.83 8.46
N MET L 169 107.36 -20.76 7.14
CA MET L 169 106.24 -20.16 6.43
C MET L 169 105.04 -21.09 6.37
N GLN L 170 105.26 -22.40 6.29
CA GLN L 170 104.18 -23.36 6.44
C GLN L 170 103.68 -23.42 7.87
N PHE L 171 104.40 -22.84 8.80
CA PHE L 171 103.84 -22.67 10.13
C PHE L 171 103.03 -21.39 10.23
N VAL L 172 103.53 -20.30 9.63
CA VAL L 172 102.86 -19.01 9.76
C VAL L 172 101.62 -18.88 8.87
N GLN L 173 101.66 -19.38 7.63
CA GLN L 173 100.43 -19.53 6.86
C GLN L 173 99.36 -20.18 7.71
N PHE L 174 99.60 -21.40 8.11
CA PHE L 174 98.66 -22.22 8.86
C PHE L 174 98.42 -21.67 10.24
N GLY L 175 99.12 -20.60 10.61
CA GLY L 175 98.85 -19.95 11.87
C GLY L 175 99.39 -20.66 13.07
N LYS L 176 100.59 -21.22 12.98
CA LYS L 176 101.28 -21.83 14.11
C LYS L 176 102.54 -21.03 14.37
N TYR L 177 102.40 -19.96 15.15
CA TYR L 177 103.53 -19.08 15.44
C TYR L 177 104.41 -19.60 16.56
N LYS L 178 103.88 -20.44 17.46
CA LYS L 178 104.75 -21.13 18.39
C LYS L 178 105.72 -22.03 17.66
N HIS L 179 105.22 -22.91 16.80
CA HIS L 179 106.09 -23.78 16.02
C HIS L 179 106.95 -22.97 15.06
N ALA L 180 106.41 -21.87 14.54
CA ALA L 180 107.19 -21.01 13.66
C ALA L 180 108.39 -20.40 14.37
N ALA L 181 108.18 -19.87 15.58
CA ALA L 181 109.28 -19.34 16.37
C ALA L 181 110.26 -20.44 16.73
N ALA L 182 109.74 -21.62 17.07
CA ALA L 182 110.61 -22.75 17.40
C ALA L 182 111.48 -23.20 16.22
N VAL L 183 110.98 -23.09 14.99
CA VAL L 183 111.79 -23.48 13.84
C VAL L 183 112.67 -22.33 13.39
N MET L 184 112.28 -21.10 13.70
CA MET L 184 113.16 -19.97 13.44
C MET L 184 114.33 -19.96 14.40
N HIS L 185 114.15 -20.54 15.58
CA HIS L 185 115.24 -20.73 16.54
C HIS L 185 116.07 -21.97 16.23
N SER L 186 116.16 -22.36 14.97
CA SER L 186 117.10 -23.39 14.55
C SER L 186 118.47 -22.76 14.34
N GLU L 209 108.25 -31.22 -5.30
CA GLU L 209 107.89 -32.17 -4.26
C GLU L 209 106.47 -31.92 -3.74
N GLY L 210 106.28 -30.80 -3.08
CA GLY L 210 105.03 -30.46 -2.44
C GLY L 210 104.94 -30.95 -1.00
N PRO L 211 105.93 -30.58 -0.19
CA PRO L 211 106.03 -31.11 1.18
C PRO L 211 105.11 -30.38 2.16
N CYS L 212 103.80 -30.40 1.87
CA CYS L 212 102.87 -29.75 2.79
C CYS L 212 102.68 -30.57 4.06
N VAL L 213 102.95 -31.89 4.00
CA VAL L 213 102.74 -32.76 5.14
C VAL L 213 103.72 -32.48 6.27
N THR L 214 104.71 -31.63 6.05
CA THR L 214 105.67 -31.33 7.11
C THR L 214 104.99 -30.70 8.32
N ALA L 215 104.22 -29.63 8.09
CA ALA L 215 103.77 -28.81 9.21
C ALA L 215 102.55 -29.39 9.92
N LEU L 216 101.85 -30.34 9.28
CA LEU L 216 100.56 -30.78 9.78
C LEU L 216 100.69 -32.04 10.62
N ASP L 217 99.97 -32.06 11.74
CA ASP L 217 99.88 -33.24 12.58
C ASP L 217 98.46 -33.34 13.14
N GLU L 218 98.15 -34.48 13.76
CA GLU L 218 96.77 -34.87 14.02
C GLU L 218 96.05 -33.86 14.93
N LYS L 219 96.80 -33.17 15.78
CA LYS L 219 96.23 -32.08 16.56
C LYS L 219 95.77 -30.92 15.69
N ASP L 220 96.40 -30.73 14.52
CA ASP L 220 96.01 -29.63 13.64
C ASP L 220 94.82 -29.99 12.76
N VAL L 221 94.31 -31.22 12.88
CA VAL L 221 93.11 -31.62 12.15
C VAL L 221 91.90 -31.78 13.07
N ASP L 222 92.06 -31.53 14.36
CA ASP L 222 90.89 -31.45 15.24
C ASP L 222 90.31 -30.04 15.19
N PRO L 223 89.19 -29.83 14.49
CA PRO L 223 88.73 -28.46 14.27
C PRO L 223 88.46 -27.68 15.54
N THR L 224 88.17 -28.36 16.65
CA THR L 224 87.86 -27.68 17.90
C THR L 224 89.11 -27.10 18.56
N SER L 225 90.19 -26.93 17.79
CA SER L 225 91.41 -26.34 18.30
C SER L 225 92.00 -25.28 17.40
N ILE L 226 91.70 -25.30 16.10
CA ILE L 226 92.41 -24.44 15.14
C ILE L 226 91.94 -23.00 15.30
N PRO L 227 92.84 -22.01 15.30
CA PRO L 227 92.46 -20.65 15.71
C PRO L 227 91.66 -19.88 14.67
N ILE L 228 91.44 -18.60 14.99
CA ILE L 228 90.40 -17.80 14.36
C ILE L 228 90.76 -17.45 12.92
N GLY L 229 92.00 -17.04 12.70
CA GLY L 229 92.43 -16.64 11.37
C GLY L 229 92.31 -17.76 10.35
N SER L 230 92.42 -19.00 10.82
CA SER L 230 92.29 -20.13 9.92
C SER L 230 90.83 -20.60 9.85
N VAL L 231 90.08 -20.44 10.93
CA VAL L 231 88.68 -20.86 10.97
C VAL L 231 87.85 -20.03 10.00
N HIS L 232 88.04 -18.70 10.00
CA HIS L 232 87.38 -17.88 9.00
C HIS L 232 88.42 -17.20 8.14
N PRO L 233 88.91 -17.85 7.08
CA PRO L 233 90.00 -17.26 6.28
C PRO L 233 89.53 -16.13 5.38
N LEU L 234 88.23 -16.08 5.06
CA LEU L 234 87.69 -14.96 4.30
C LEU L 234 87.92 -13.65 5.04
N PHE L 235 88.17 -13.72 6.34
CA PHE L 235 88.36 -12.55 7.19
C PHE L 235 89.67 -12.60 7.97
N LEU L 236 90.66 -13.35 7.50
CA LEU L 236 91.88 -13.51 8.27
C LEU L 236 92.61 -12.19 8.52
N PRO L 237 92.71 -11.22 7.56
CA PRO L 237 93.50 -10.02 7.84
C PRO L 237 92.81 -9.08 8.80
N ALA L 238 91.56 -9.37 9.10
CA ALA L 238 90.79 -8.58 10.04
C ALA L 238 90.62 -9.27 11.38
N LEU L 239 90.76 -10.60 11.43
CA LEU L 239 90.84 -11.30 12.71
C LEU L 239 92.26 -11.42 13.22
N ILE L 240 93.25 -11.06 12.41
CA ILE L 240 94.63 -11.08 12.89
C ILE L 240 94.79 -10.25 14.15
N GLN L 241 94.17 -9.07 14.18
CA GLN L 241 94.33 -8.14 15.30
C GLN L 241 93.77 -8.70 16.60
N PHE L 242 93.20 -9.89 16.56
CA PHE L 242 92.78 -10.64 17.73
C PHE L 242 93.44 -11.99 17.77
N GLU L 243 94.18 -12.34 16.72
CA GLU L 243 95.11 -13.46 16.74
C GLU L 243 96.37 -13.03 17.48
N SER L 244 96.67 -13.70 18.59
CA SER L 244 97.84 -13.35 19.38
C SER L 244 99.10 -13.87 18.71
N ARG L 245 100.25 -13.31 19.09
CA ARG L 245 101.50 -13.68 18.43
C ARG L 245 102.19 -14.84 19.15
N VAL L 246 102.31 -14.78 20.47
CA VAL L 246 103.01 -15.81 21.22
C VAL L 246 102.31 -17.15 21.04
N ASP L 247 101.03 -17.20 21.38
CA ASP L 247 100.17 -18.34 21.15
C ASP L 247 99.11 -17.95 20.13
N ASN L 248 98.63 -18.94 19.39
CA ASN L 248 97.61 -18.66 18.40
C ASN L 248 96.26 -18.32 19.02
N SER L 249 96.17 -18.32 20.34
CA SER L 249 94.90 -18.05 21.01
C SER L 249 94.45 -16.62 20.75
N LEU L 250 93.33 -16.27 21.35
CA LEU L 250 92.72 -14.97 21.15
C LEU L 250 93.48 -13.91 21.93
N ASN L 251 93.73 -12.76 21.30
CA ASN L 251 94.34 -11.64 21.99
C ASN L 251 93.27 -10.91 22.80
N ASP L 252 93.08 -11.36 24.04
CA ASP L 252 92.03 -10.83 24.90
C ASP L 252 92.20 -9.36 25.22
N ASP L 253 93.42 -8.91 25.52
CA ASP L 253 93.61 -7.49 25.74
C ASP L 253 93.23 -6.71 24.48
N ALA L 254 93.58 -7.24 23.30
CA ALA L 254 93.20 -6.57 22.06
C ALA L 254 91.69 -6.43 21.92
N ILE L 255 90.97 -7.55 22.02
CA ILE L 255 89.52 -7.51 21.86
C ILE L 255 88.83 -6.65 22.91
N ARG L 256 89.20 -6.78 24.19
CA ARG L 256 88.49 -6.01 25.21
C ARG L 256 88.88 -4.54 25.20
N GLN L 257 90.16 -4.24 24.94
CA GLN L 257 90.55 -2.85 24.83
C GLN L 257 89.87 -2.18 23.66
N GLU L 258 89.87 -2.81 22.49
CA GLU L 258 89.14 -2.26 21.36
C GLU L 258 87.68 -2.02 21.70
N GLN L 259 87.02 -3.02 22.30
CA GLN L 259 85.63 -2.84 22.69
C GLN L 259 85.42 -1.65 23.59
N ARG L 260 86.26 -1.48 24.62
CA ARG L 260 85.97 -0.40 25.55
C ARG L 260 86.37 0.95 25.01
N ARG L 261 87.33 1.01 24.10
CA ARG L 261 87.54 2.27 23.41
C ARG L 261 86.29 2.67 22.64
N GLU L 262 85.70 1.73 21.89
CA GLU L 262 84.49 2.06 21.14
C GLU L 262 83.33 2.40 22.07
N MET L 263 83.22 1.71 23.20
CA MET L 263 82.19 1.99 24.19
C MET L 263 82.35 3.36 24.85
N SER L 264 83.57 3.72 25.22
CA SER L 264 83.82 5.08 25.70
C SER L 264 83.37 6.11 24.67
N ARG L 265 83.77 5.92 23.41
CA ARG L 265 83.38 6.87 22.38
C ARG L 265 81.86 7.00 22.29
N ASP L 266 81.18 5.86 22.16
CA ASP L 266 79.74 5.90 22.05
C ASP L 266 79.09 6.53 23.25
N GLU L 267 79.70 6.47 24.43
CA GLU L 267 79.06 7.09 25.58
C GLU L 267 79.03 8.61 25.47
N GLN L 268 80.16 9.22 25.08
CA GLN L 268 80.14 10.65 24.80
C GLN L 268 79.10 10.96 23.72
N LEU L 269 79.05 10.13 22.67
CA LEU L 269 78.04 10.36 21.64
C LEU L 269 76.64 10.39 22.24
N PHE L 270 76.34 9.45 23.13
CA PHE L 270 75.00 9.35 23.68
C PHE L 270 74.69 10.57 24.55
N TRP L 271 75.65 10.99 25.36
CA TRP L 271 75.36 12.09 26.28
C TRP L 271 75.23 13.42 25.56
N GLU L 272 75.94 13.59 24.43
CA GLU L 272 75.67 14.73 23.57
C GLU L 272 74.20 14.77 23.16
N ARG L 273 73.63 13.61 22.84
CA ARG L 273 72.25 13.54 22.37
C ARG L 273 71.25 13.72 23.47
N VAL L 274 71.51 13.20 24.67
CA VAL L 274 70.63 13.53 25.78
C VAL L 274 70.66 15.03 26.06
N GLU L 275 71.86 15.62 26.11
CA GLU L 275 71.98 17.07 26.29
C GLU L 275 71.15 17.82 25.25
N LEU L 276 71.30 17.47 23.98
CA LEU L 276 70.61 18.20 22.93
C LEU L 276 69.10 18.00 22.96
N ILE L 277 68.64 16.75 23.03
CA ILE L 277 67.21 16.51 23.02
C ILE L 277 66.56 17.11 24.25
N ARG L 278 67.29 17.18 25.37
CA ARG L 278 66.72 17.86 26.53
C ARG L 278 66.67 19.36 26.32
N LYS L 279 67.70 19.94 25.69
CA LYS L 279 67.63 21.35 25.34
C LYS L 279 66.41 21.63 24.48
N GLY L 280 66.10 20.73 23.55
CA GLY L 280 64.92 20.89 22.73
C GLY L 280 63.63 20.76 23.51
N GLN L 281 63.58 19.81 24.44
CA GLN L 281 62.39 19.65 25.27
C GLN L 281 62.12 20.90 26.08
N VAL L 282 63.18 21.50 26.64
CA VAL L 282 63.04 22.74 27.38
C VAL L 282 62.65 23.88 26.46
N ALA L 283 63.26 23.95 25.29
CA ALA L 283 63.00 25.07 24.40
C ALA L 283 61.56 25.08 23.92
N THR L 284 61.08 23.95 23.42
CA THR L 284 59.76 23.89 22.82
C THR L 284 58.66 23.70 23.86
N ILE L 285 58.85 22.81 24.82
CA ILE L 285 57.96 22.76 25.95
C ILE L 285 58.22 23.96 26.85
N VAL M 10 10.81 -26.88 32.64
CA VAL M 10 10.12 -26.34 33.79
C VAL M 10 10.31 -27.25 34.97
N GLY M 11 10.74 -26.67 36.08
CA GLY M 11 10.82 -27.35 37.35
C GLY M 11 12.19 -27.24 37.97
N TYR M 12 12.23 -27.45 39.27
CA TYR M 12 13.48 -27.57 39.99
C TYR M 12 14.23 -28.82 39.60
N THR M 13 13.54 -29.94 39.50
CA THR M 13 14.14 -31.15 38.93
C THR M 13 14.14 -31.00 37.42
N PRO M 14 15.23 -30.58 36.81
CA PRO M 14 15.16 -29.89 35.52
C PRO M 14 14.93 -30.85 34.37
N VAL M 15 15.01 -30.29 33.16
CA VAL M 15 14.96 -31.10 31.95
C VAL M 15 16.31 -31.77 31.73
N ASN M 16 16.29 -32.94 31.11
CA ASN M 16 17.66 -33.36 30.86
C ASN M 16 17.94 -33.38 29.36
N PRO M 17 18.93 -32.61 28.91
CA PRO M 17 19.07 -32.37 27.47
C PRO M 17 19.52 -33.58 26.67
N ASP M 18 19.69 -34.75 27.28
CA ASP M 18 20.31 -35.90 26.61
C ASP M 18 19.32 -37.01 26.30
N THR M 19 18.27 -37.15 27.10
CA THR M 19 17.23 -38.13 26.84
C THR M 19 16.02 -37.55 26.11
N SER M 20 15.76 -36.25 26.26
CA SER M 20 14.46 -35.69 25.92
C SER M 20 14.37 -35.45 24.42
N PRO M 21 13.42 -36.07 23.72
CA PRO M 21 13.26 -35.79 22.30
C PRO M 21 12.81 -34.38 22.01
N MET M 22 11.95 -33.79 22.83
CA MET M 22 11.53 -32.41 22.56
C MET M 22 12.70 -31.45 22.49
N LEU M 23 13.66 -31.60 23.40
CA LEU M 23 14.87 -30.81 23.31
C LEU M 23 15.71 -31.26 22.13
N ALA M 24 16.08 -32.53 22.08
CA ALA M 24 17.04 -32.97 21.07
C ALA M 24 16.56 -32.67 19.66
N TYR M 25 15.27 -32.48 19.47
CA TYR M 25 14.70 -32.42 18.14
C TYR M 25 14.37 -31.00 17.71
N SER M 26 14.09 -30.11 18.67
CA SER M 26 13.58 -28.79 18.36
C SER M 26 14.61 -28.01 17.55
N GLN M 27 14.27 -26.79 17.19
CA GLN M 27 15.06 -26.04 16.23
C GLN M 27 16.42 -25.65 16.77
N TYR M 28 16.62 -25.69 18.07
CA TYR M 28 17.91 -25.41 18.65
C TYR M 28 18.74 -26.66 18.83
N HIS M 29 18.36 -27.75 18.16
CA HIS M 29 19.05 -29.03 18.22
C HIS M 29 18.86 -29.72 16.88
N TRP M 30 18.86 -31.04 16.81
CA TRP M 30 18.69 -31.74 15.54
C TRP M 30 17.42 -32.56 15.50
N HIS M 31 16.61 -32.38 14.46
CA HIS M 31 15.37 -33.14 14.35
C HIS M 31 15.63 -34.52 13.74
N TYR M 32 14.70 -35.44 13.96
CA TYR M 32 14.89 -36.79 13.51
C TYR M 32 14.75 -36.96 12.00
N ASN M 33 14.11 -36.01 11.32
CA ASN M 33 13.90 -36.16 9.89
C ASN M 33 14.95 -35.45 9.06
N LEU M 34 15.66 -34.48 9.62
CA LEU M 34 16.90 -34.09 8.99
C LEU M 34 17.88 -35.26 9.12
N PRO M 35 18.78 -35.42 8.18
CA PRO M 35 19.45 -36.72 8.06
C PRO M 35 20.52 -36.96 9.10
N GLN M 36 20.28 -36.54 10.35
CA GLN M 36 20.87 -37.12 11.56
C GLN M 36 22.31 -37.59 11.42
N GLY M 37 23.09 -36.98 10.53
CA GLY M 37 24.44 -37.41 10.28
C GLY M 37 25.38 -37.01 11.42
N MET M 38 26.67 -37.05 11.13
CA MET M 38 27.64 -36.42 12.00
C MET M 38 27.91 -34.98 11.53
N GLU M 39 27.74 -34.01 12.44
CA GLU M 39 27.80 -32.60 12.05
C GLU M 39 29.22 -32.07 11.95
N ARG M 40 30.07 -32.31 12.93
CA ARG M 40 31.47 -31.98 12.76
C ARG M 40 32.31 -32.94 13.58
N PRO M 41 33.42 -33.44 13.06
CA PRO M 41 34.20 -34.41 13.81
C PRO M 41 34.96 -33.74 14.93
N HIS M 42 34.67 -34.18 16.15
CA HIS M 42 35.26 -33.60 17.34
C HIS M 42 36.56 -34.34 17.63
N GLY M 43 37.66 -33.84 17.11
CA GLY M 43 38.96 -34.32 17.53
C GLY M 43 39.50 -33.47 18.66
N VAL M 44 39.28 -33.91 19.90
CA VAL M 44 39.70 -33.16 21.08
C VAL M 44 40.91 -33.79 21.74
N ASN M 45 40.88 -35.10 21.94
CA ASN M 45 42.00 -35.78 22.59
C ASN M 45 43.24 -35.77 21.73
N ARG M 46 43.25 -35.03 20.62
CA ARG M 46 44.37 -35.07 19.69
C ARG M 46 45.02 -33.71 19.50
N THR M 47 44.30 -32.61 19.74
CA THR M 47 44.88 -31.29 19.54
C THR M 47 45.95 -31.02 20.58
N MET M 48 45.69 -31.41 21.82
CA MET M 48 46.64 -31.27 22.91
C MET M 48 46.20 -32.22 24.01
N THR M 49 46.88 -33.34 24.14
CA THR M 49 46.54 -34.34 25.15
C THR M 49 47.29 -34.04 26.43
N ALA M 50 46.57 -34.00 27.53
CA ALA M 50 47.18 -33.78 28.82
C ALA M 50 48.29 -34.80 29.08
N PRO M 51 49.20 -34.54 30.01
CA PRO M 51 50.12 -35.59 30.42
C PRO M 51 49.45 -36.53 31.41
N TYR M 52 49.90 -37.78 31.45
CA TYR M 52 49.33 -38.71 32.41
C TYR M 52 49.82 -38.36 33.80
N GLN M 53 48.95 -37.73 34.59
CA GLN M 53 49.22 -37.45 35.99
C GLN M 53 48.04 -37.96 36.80
N SER M 54 48.27 -38.98 37.62
CA SER M 54 47.22 -39.58 38.41
C SER M 54 47.32 -39.11 39.85
N ALA M 55 46.16 -38.99 40.50
CA ALA M 55 46.16 -38.72 41.94
C ALA M 55 46.91 -39.83 42.68
N HIS M 56 46.46 -41.06 42.50
CA HIS M 56 47.12 -42.20 43.10
C HIS M 56 48.48 -42.41 42.46
N SER M 57 49.53 -42.27 43.26
CA SER M 57 50.89 -42.42 42.79
C SER M 57 51.08 -43.80 42.17
N LEU M 58 52.20 -43.96 41.47
CA LEU M 58 52.49 -45.24 40.87
C LEU M 58 52.43 -46.34 41.90
N VAL M 59 51.85 -47.46 41.50
CA VAL M 59 51.65 -48.56 42.42
C VAL M 59 52.95 -49.33 42.63
N ASN M 60 53.74 -49.49 41.58
CA ASN M 60 54.82 -50.45 41.60
C ASN M 60 56.20 -49.83 41.63
N LYS M 61 56.34 -48.51 41.74
CA LYS M 61 57.68 -47.96 41.73
C LYS M 61 58.47 -48.44 42.93
N TYR M 62 59.79 -48.45 42.80
CA TYR M 62 60.63 -49.15 43.76
C TYR M 62 60.55 -48.53 45.16
N ARG M 63 60.39 -47.20 45.22
CA ARG M 63 60.33 -46.49 46.50
C ARG M 63 61.62 -46.66 47.29
N GLY M 64 62.74 -46.30 46.67
CA GLY M 64 64.02 -46.38 47.33
C GLY M 64 65.14 -46.24 46.33
N VAL M 65 66.31 -45.89 46.83
CA VAL M 65 67.46 -45.60 45.97
C VAL M 65 68.00 -46.90 45.41
N TRP M 66 68.17 -46.95 44.11
CA TRP M 66 68.62 -48.16 43.45
C TRP M 66 70.14 -48.21 43.44
N ILE M 67 70.72 -48.96 44.37
CA ILE M 67 72.14 -49.21 44.39
C ILE M 67 72.45 -50.22 43.30
N GLU M 68 72.83 -49.72 42.12
CA GLU M 68 73.15 -50.59 40.99
C GLU M 68 74.35 -51.45 41.35
N LEU M 69 74.22 -52.75 41.19
CA LEU M 69 75.33 -53.67 41.34
C LEU M 69 76.04 -53.82 40.00
N ASP M 70 77.23 -53.23 39.87
CA ASP M 70 77.91 -53.16 38.58
C ASP M 70 79.08 -54.12 38.53
N MET M 71 78.94 -55.29 39.14
CA MET M 71 80.04 -56.23 39.20
C MET M 71 80.22 -56.97 37.87
N HIS M 72 81.42 -57.48 37.66
CA HIS M 72 81.71 -58.20 36.44
C HIS M 72 81.20 -59.63 36.53
N PRO M 73 80.79 -60.21 35.42
CA PRO M 73 80.39 -61.62 35.42
C PRO M 73 81.60 -62.55 35.52
N ALA M 74 82.50 -62.23 36.44
CA ALA M 74 83.39 -63.21 37.01
C ALA M 74 83.32 -63.10 38.54
N PHE M 75 83.26 -61.86 39.03
CA PHE M 75 83.21 -61.66 40.46
C PHE M 75 81.81 -61.79 41.04
N ARG M 76 80.78 -61.43 40.28
CA ARG M 76 79.43 -61.70 40.76
C ARG M 76 79.18 -63.19 40.97
N VAL M 77 80.04 -64.04 40.41
CA VAL M 77 80.01 -65.46 40.72
C VAL M 77 81.02 -65.81 41.81
N ALA M 78 82.20 -65.18 41.79
CA ALA M 78 83.25 -65.55 42.74
C ALA M 78 82.90 -65.16 44.16
N LEU M 79 82.18 -64.06 44.35
CA LEU M 79 81.81 -63.58 45.68
C LEU M 79 80.41 -64.00 46.09
N GLU M 80 79.91 -65.11 45.58
CA GLU M 80 78.48 -65.38 45.67
C GLU M 80 77.95 -65.53 47.09
N PRO M 81 78.53 -66.36 47.97
CA PRO M 81 77.99 -66.44 49.34
C PRO M 81 78.05 -65.13 50.08
N GLN M 82 78.92 -64.21 49.68
CA GLN M 82 78.98 -62.89 50.29
C GLN M 82 77.75 -62.05 49.96
N LEU M 83 77.57 -61.73 48.69
CA LEU M 83 76.45 -60.91 48.25
C LEU M 83 75.12 -61.62 48.42
N ARG M 84 75.11 -62.95 48.50
CA ARG M 84 73.85 -63.65 48.78
C ARG M 84 73.28 -63.24 50.12
N LYS M 85 74.11 -62.74 51.03
CA LYS M 85 73.63 -62.23 52.30
C LYS M 85 73.53 -60.71 52.33
N LEU M 86 73.79 -60.05 51.21
CA LEU M 86 73.72 -58.61 51.05
C LEU M 86 72.51 -58.22 50.21
N PRO M 87 72.16 -56.94 50.15
CA PRO M 87 70.97 -56.54 49.38
C PRO M 87 71.24 -56.56 47.89
N GLN M 88 70.60 -57.48 47.19
CA GLN M 88 70.55 -57.53 45.74
C GLN M 88 69.24 -56.92 45.25
N GLY M 89 68.89 -57.14 43.99
CA GLY M 89 67.67 -56.59 43.42
C GLY M 89 66.38 -56.92 44.14
N ARG M 90 65.73 -55.90 44.71
CA ARG M 90 64.48 -56.04 45.45
C ARG M 90 64.54 -57.13 46.50
N THR M 91 65.74 -57.43 47.00
CA THR M 91 65.94 -58.48 47.99
C THR M 91 66.93 -57.97 49.02
N ILE M 92 66.51 -57.96 50.28
CA ILE M 92 67.39 -57.63 51.40
C ILE M 92 67.27 -58.75 52.43
N PRO M 93 68.23 -59.66 52.50
CA PRO M 93 68.18 -60.67 53.55
C PRO M 93 68.35 -60.04 54.93
N LYS M 94 67.82 -60.73 55.95
CA LYS M 94 67.83 -60.25 57.33
C LYS M 94 69.18 -60.45 58.01
N THR M 95 70.24 -60.63 57.24
CA THR M 95 71.56 -60.86 57.81
C THR M 95 71.98 -59.69 58.69
N SER M 96 73.04 -59.91 59.47
CA SER M 96 73.51 -58.87 60.37
C SER M 96 74.57 -58.01 59.70
N VAL M 97 74.50 -56.70 60.00
CA VAL M 97 75.49 -55.76 59.48
C VAL M 97 76.89 -56.15 59.89
N ASP M 98 77.08 -56.73 61.08
CA ASP M 98 78.40 -57.23 61.41
C ASP M 98 78.83 -58.32 60.46
N GLU M 99 77.96 -59.31 60.22
CA GLU M 99 78.30 -60.40 59.30
C GLU M 99 78.73 -59.85 57.96
N VAL M 100 77.98 -58.90 57.41
CA VAL M 100 78.33 -58.37 56.10
C VAL M 100 79.62 -57.55 56.17
N ILE M 101 79.79 -56.74 57.21
CA ILE M 101 80.98 -55.93 57.35
C ILE M 101 82.19 -56.79 57.67
N SER M 102 81.98 -57.82 58.51
CA SER M 102 83.07 -58.74 58.82
C SER M 102 83.54 -59.46 57.57
N ASP M 103 82.63 -59.94 56.72
CA ASP M 103 83.04 -60.53 55.46
C ASP M 103 83.76 -59.51 54.60
N TYR M 104 83.29 -58.26 54.59
CA TYR M 104 83.93 -57.24 53.77
C TYR M 104 85.35 -56.94 54.23
N ILE M 105 85.59 -57.02 55.53
CA ILE M 105 86.93 -56.76 56.05
C ILE M 105 87.84 -57.96 55.86
N ASN M 106 87.29 -59.16 56.03
CA ASN M 106 88.09 -60.35 55.85
C ASN M 106 88.50 -60.55 54.39
N THR M 107 87.53 -60.62 53.49
CA THR M 107 87.77 -61.08 52.13
C THR M 107 88.31 -59.99 51.20
N ALA M 108 87.78 -58.77 51.30
CA ALA M 108 87.93 -57.77 50.24
C ALA M 108 89.38 -57.39 49.96
N HIS M 109 90.31 -57.72 50.85
CA HIS M 109 91.70 -57.36 50.62
C HIS M 109 92.28 -58.13 49.45
N LEU M 110 92.06 -59.44 49.41
CA LEU M 110 92.53 -60.27 48.31
C LEU M 110 91.91 -59.89 46.98
N ILE M 111 90.91 -59.01 46.97
CA ILE M 111 90.23 -58.64 45.75
C ILE M 111 91.09 -57.64 45.00
N GLN M 112 91.54 -58.01 43.81
CA GLN M 112 92.47 -57.16 43.06
C GLN M 112 91.73 -56.23 42.09
N ASP M 113 90.70 -55.56 42.60
CA ASP M 113 89.91 -54.66 41.77
C ASP M 113 89.31 -53.57 42.64
N GLU M 114 89.83 -52.35 42.50
CA GLU M 114 89.33 -51.24 43.28
C GLU M 114 87.88 -50.90 42.93
N MET M 115 87.45 -51.15 41.69
CA MET M 115 86.07 -50.87 41.32
C MET M 115 85.12 -51.85 42.01
N THR M 116 85.42 -53.14 41.94
CA THR M 116 84.58 -54.14 42.59
C THR M 116 84.59 -53.96 44.11
N ARG M 117 85.74 -53.67 44.70
CA ARG M 117 85.78 -53.37 46.12
C ARG M 117 84.86 -52.21 46.47
N ASP M 118 84.85 -51.18 45.63
CA ASP M 118 84.02 -50.00 45.85
C ASP M 118 82.54 -50.30 45.76
N LEU M 119 82.11 -51.05 44.75
CA LEU M 119 80.70 -51.41 44.65
C LEU M 119 80.28 -52.35 45.76
N TRP M 120 81.19 -53.21 46.21
CA TRP M 120 80.92 -54.05 47.37
C TRP M 120 80.66 -53.20 48.61
N LEU M 121 81.52 -52.20 48.88
CA LEU M 121 81.27 -51.31 50.00
C LEU M 121 80.00 -50.51 49.80
N ALA M 122 79.64 -50.24 48.55
CA ALA M 122 78.34 -49.63 48.29
C ALA M 122 77.22 -50.49 48.83
N LYS M 123 77.17 -51.76 48.40
CA LYS M 123 76.16 -52.67 48.92
C LYS M 123 76.23 -52.79 50.43
N VAL M 124 77.44 -52.75 51.00
CA VAL M 124 77.60 -52.86 52.44
C VAL M 124 76.97 -51.67 53.14
N LEU M 125 77.31 -50.46 52.71
CA LEU M 125 76.74 -49.26 53.31
C LEU M 125 75.23 -49.28 53.18
N GLN M 126 74.72 -49.76 52.05
CA GLN M 126 73.27 -49.86 51.93
C GLN M 126 72.69 -50.82 52.96
N HIS M 127 73.31 -51.98 53.13
CA HIS M 127 72.79 -52.95 54.08
C HIS M 127 72.87 -52.43 55.50
N CYS M 128 73.89 -51.64 55.80
CA CYS M 128 74.01 -51.03 57.13
C CYS M 128 72.99 -49.92 57.33
N ALA M 129 72.74 -49.13 56.29
CA ALA M 129 71.68 -48.13 56.37
C ALA M 129 70.34 -48.78 56.63
N PHE M 130 70.00 -49.82 55.86
CA PHE M 130 68.69 -50.45 55.96
C PHE M 130 68.34 -50.87 57.37
N GLN M 131 69.33 -51.31 58.15
CA GLN M 131 69.14 -51.64 59.56
C GLN M 131 69.53 -50.50 60.47
N ARG M 132 70.02 -49.40 59.91
CA ARG M 132 70.47 -48.23 60.66
C ARG M 132 71.54 -48.61 61.68
N SER M 133 72.69 -49.01 61.16
CA SER M 133 73.88 -49.28 61.97
C SER M 133 74.94 -48.25 61.65
N ASN M 134 75.38 -47.52 62.67
CA ASN M 134 76.35 -46.46 62.48
C ASN M 134 77.72 -46.97 62.08
N GLU M 135 77.92 -48.29 62.01
CA GLU M 135 79.24 -48.86 61.83
C GLU M 135 79.66 -49.01 60.38
N GLY M 136 78.75 -48.83 59.42
CA GLY M 136 79.22 -48.69 58.05
C GLY M 136 80.10 -47.49 57.86
N MET M 137 79.92 -46.46 58.68
CA MET M 137 80.79 -45.30 58.63
C MET M 137 82.21 -45.62 59.06
N ALA M 138 82.41 -46.61 59.93
CA ALA M 138 83.75 -47.07 60.21
C ALA M 138 84.46 -47.51 58.93
N LEU M 139 83.79 -48.32 58.11
CA LEU M 139 84.36 -48.72 56.83
C LEU M 139 84.54 -47.55 55.89
N TRP M 140 83.60 -46.61 55.88
CA TRP M 140 83.73 -45.47 54.99
C TRP M 140 84.96 -44.64 55.33
N GLU M 141 85.05 -44.16 56.57
CA GLU M 141 86.17 -43.34 57.01
C GLU M 141 87.50 -44.08 56.96
N LYS M 142 87.49 -45.37 56.61
CA LYS M 142 88.73 -46.09 56.38
C LYS M 142 89.07 -46.16 54.90
N TYR M 143 88.17 -46.72 54.10
CA TYR M 143 88.50 -47.07 52.71
C TYR M 143 88.22 -45.95 51.72
N CYS M 144 87.34 -45.00 52.05
CA CYS M 144 86.95 -44.00 51.07
C CYS M 144 87.13 -42.56 51.54
N HIS M 145 86.98 -42.28 52.84
CA HIS M 145 87.19 -40.93 53.29
C HIS M 145 88.62 -40.48 53.10
N SER M 146 89.49 -41.39 52.64
CA SER M 146 90.86 -41.05 52.30
C SER M 146 91.05 -40.87 50.79
N ARG M 147 90.82 -41.91 50.01
CA ARG M 147 91.10 -41.90 48.58
C ARG M 147 90.12 -41.07 47.77
N PHE M 148 89.03 -40.64 48.35
CA PHE M 148 88.03 -40.05 47.48
C PHE M 148 87.67 -38.62 47.82
N ILE M 149 87.54 -38.28 49.10
CA ILE M 149 86.95 -37.01 49.52
C ILE M 149 88.03 -36.02 49.93
N ALA M 150 88.66 -36.26 51.08
CA ALA M 150 89.55 -35.26 51.66
C ALA M 150 90.94 -35.35 51.03
N ASP M 151 91.87 -34.57 51.58
CA ASP M 151 93.27 -34.48 51.17
C ASP M 151 93.43 -34.21 49.68
N GLY M 152 92.38 -33.74 49.02
CA GLY M 152 92.46 -33.50 47.59
C GLY M 152 92.81 -34.73 46.78
N ALA M 153 92.44 -35.91 47.25
CA ALA M 153 92.64 -37.11 46.46
C ALA M 153 91.62 -37.13 45.33
N THR M 154 92.11 -37.10 44.09
CA THR M 154 91.25 -36.72 42.98
C THR M 154 90.50 -37.91 42.38
N ALA M 155 90.79 -39.13 42.81
CA ALA M 155 90.11 -40.29 42.26
C ALA M 155 88.60 -40.12 42.36
N THR M 156 87.89 -40.41 41.26
CA THR M 156 86.45 -40.21 41.24
C THR M 156 85.73 -41.50 41.61
N PRO M 157 84.75 -41.45 42.51
CA PRO M 157 84.13 -42.68 42.99
C PRO M 157 83.13 -43.21 41.98
N PRO M 158 82.83 -44.50 42.03
CA PRO M 158 81.75 -45.03 41.19
C PRO M 158 80.43 -44.39 41.57
N LEU M 159 79.66 -44.01 40.55
CA LEU M 159 78.36 -43.42 40.82
C LEU M 159 77.50 -44.29 41.73
N PRO M 160 77.45 -45.61 41.57
CA PRO M 160 76.81 -46.42 42.59
C PRO M 160 77.37 -46.18 43.97
N LEU M 161 78.68 -46.00 44.11
CA LEU M 161 79.23 -45.71 45.42
C LEU M 161 78.77 -44.36 45.93
N VAL M 162 78.64 -43.39 45.03
CA VAL M 162 78.12 -42.08 45.42
C VAL M 162 76.71 -42.20 45.97
N LYS M 163 75.82 -42.85 45.21
CA LYS M 163 74.45 -43.02 45.67
C LYS M 163 74.39 -43.84 46.94
N ALA M 164 75.35 -44.75 47.12
CA ALA M 164 75.38 -45.59 48.32
C ALA M 164 75.77 -44.80 49.55
N ILE M 165 76.87 -44.05 49.47
CA ILE M 165 77.32 -43.29 50.62
C ILE M 165 76.34 -42.17 50.94
N LEU M 166 75.69 -41.61 49.92
CA LEU M 166 74.65 -40.63 50.21
C LEU M 166 73.38 -41.25 50.73
N PHE M 167 73.05 -42.48 50.33
CA PHE M 167 72.00 -43.21 50.99
C PHE M 167 72.32 -43.37 52.46
N TYR M 168 73.58 -43.67 52.77
CA TYR M 168 73.94 -43.89 54.17
C TYR M 168 73.86 -42.60 54.96
N CYS M 169 74.49 -41.54 54.48
CA CYS M 169 74.47 -40.25 55.15
C CYS M 169 73.11 -39.57 55.09
N SER M 170 72.11 -40.21 54.50
CA SER M 170 70.75 -39.72 54.53
C SER M 170 69.84 -40.61 55.37
N LYS M 171 70.16 -41.90 55.44
CA LYS M 171 69.43 -42.83 56.30
C LYS M 171 69.82 -42.64 57.75
N ILE M 172 71.10 -42.82 58.07
CA ILE M 172 71.57 -42.40 59.37
C ILE M 172 71.85 -40.93 59.26
N ASP M 173 71.34 -40.17 60.22
CA ASP M 173 71.45 -38.72 60.16
C ASP M 173 72.90 -38.37 60.48
N TYR M 174 73.72 -38.31 59.45
CA TYR M 174 75.12 -37.96 59.58
C TYR M 174 75.26 -36.46 59.38
N GLN M 175 76.17 -35.84 60.12
CA GLN M 175 76.46 -34.43 59.91
C GLN M 175 77.64 -34.21 58.96
N GLY M 176 78.39 -35.26 58.66
CA GLY M 176 79.40 -35.20 57.62
C GLY M 176 78.81 -35.51 56.27
N TRP M 177 77.49 -35.46 56.18
CA TRP M 177 76.83 -35.57 54.88
C TRP M 177 77.31 -34.47 53.94
N SER M 178 77.54 -33.26 54.47
CA SER M 178 77.92 -32.14 53.65
C SER M 178 79.26 -32.37 53.00
N SER M 179 80.18 -33.05 53.70
CA SER M 179 81.50 -33.31 53.15
C SER M 179 81.42 -34.01 51.79
N ILE M 180 80.64 -35.08 51.69
CA ILE M 180 80.49 -35.75 50.41
C ILE M 180 79.62 -34.93 49.47
N PHE M 181 78.45 -34.50 49.95
CA PHE M 181 77.51 -33.88 49.02
C PHE M 181 78.11 -32.67 48.31
N GLN M 182 78.83 -31.82 49.04
CA GLN M 182 79.48 -30.69 48.40
C GLN M 182 80.35 -31.11 47.23
N LYS M 183 80.98 -32.26 47.31
CA LYS M 183 81.85 -32.74 46.25
C LYS M 183 81.09 -33.32 45.07
N CYS M 184 79.81 -33.08 44.96
CA CYS M 184 79.01 -33.65 43.89
C CYS M 184 78.35 -32.62 42.99
N LEU M 185 78.94 -31.45 42.78
CA LEU M 185 78.42 -30.47 41.83
C LEU M 185 79.18 -30.58 40.51
N LYS M 186 79.04 -29.54 39.67
CA LYS M 186 79.69 -29.52 38.37
C LYS M 186 81.19 -29.76 38.47
N ASN M 187 81.79 -29.46 39.62
CA ASN M 187 83.24 -29.57 39.76
C ASN M 187 83.72 -31.02 39.76
N ASP M 188 83.14 -31.86 40.62
CA ASP M 188 83.68 -33.17 40.91
C ASP M 188 82.64 -34.23 40.57
N TRP M 189 82.98 -35.06 39.58
CA TRP M 189 82.26 -36.29 39.22
C TRP M 189 80.91 -35.97 38.57
N ASN M 190 80.47 -34.72 38.66
CA ASN M 190 79.24 -34.25 38.01
C ASN M 190 78.03 -35.14 38.32
N TYR M 191 78.06 -35.81 39.46
CA TYR M 191 77.18 -36.96 39.65
C TYR M 191 75.77 -36.59 40.09
N THR M 192 75.58 -35.43 40.71
CA THR M 192 74.31 -35.06 41.35
C THR M 192 73.11 -35.11 40.41
N PRO M 193 73.20 -34.68 39.15
CA PRO M 193 72.03 -34.80 38.25
C PRO M 193 71.54 -36.23 38.08
N LEU M 194 72.42 -37.22 38.16
CA LEU M 194 71.99 -38.59 38.02
C LEU M 194 71.18 -39.06 39.21
N PHE M 195 71.15 -38.27 40.29
CA PHE M 195 70.48 -38.69 41.50
C PHE M 195 69.00 -38.92 41.23
N ASP M 196 68.61 -40.18 41.22
CA ASP M 196 67.23 -40.56 41.07
C ASP M 196 66.40 -39.90 42.16
N THR M 197 65.12 -39.66 41.86
CA THR M 197 64.31 -38.84 42.75
C THR M 197 64.31 -39.36 44.17
N ALA M 198 64.44 -40.68 44.34
CA ALA M 198 64.49 -41.23 45.69
C ALA M 198 65.74 -40.80 46.45
N GLN M 199 66.79 -40.37 45.76
CA GLN M 199 67.94 -39.83 46.46
C GLN M 199 67.55 -38.57 47.23
N TRP M 200 67.04 -37.57 46.53
CA TRP M 200 66.49 -36.39 47.17
C TRP M 200 65.40 -36.72 48.18
N ASN M 201 64.59 -37.76 47.91
CA ASN M 201 63.51 -38.14 48.82
C ASN M 201 63.99 -38.32 50.26
N PHE M 202 65.08 -39.06 50.45
CA PHE M 202 65.66 -39.24 51.77
C PHE M 202 66.55 -38.09 52.17
N LEU M 203 67.27 -37.52 51.20
CA LEU M 203 68.28 -36.53 51.53
C LEU M 203 67.66 -35.27 52.11
N LEU M 204 66.64 -34.72 51.46
CA LEU M 204 66.04 -33.49 51.95
C LEU M 204 65.44 -33.68 53.34
N LYS M 205 64.71 -34.76 53.54
CA LYS M 205 64.15 -35.06 54.87
C LYS M 205 65.24 -35.32 55.89
N SER M 206 66.42 -35.78 55.47
CA SER M 206 67.50 -35.97 56.40
C SER M 206 67.95 -34.65 57.00
N VAL M 207 68.34 -33.70 56.14
CA VAL M 207 68.70 -32.39 56.64
C VAL M 207 67.52 -31.69 57.29
N GLY M 208 66.29 -32.08 56.97
CA GLY M 208 65.15 -31.54 57.66
C GLY M 208 65.09 -32.00 59.10
N ARG M 209 65.29 -33.30 59.31
CA ARG M 209 65.40 -33.82 60.68
C ARG M 209 66.54 -33.14 61.42
N MET M 210 67.74 -33.18 60.85
CA MET M 210 68.91 -32.66 61.54
C MET M 210 68.85 -31.16 61.73
N GLY M 211 67.98 -30.48 61.00
CA GLY M 211 67.82 -29.05 61.16
C GLY M 211 68.79 -28.21 60.36
N ASP M 212 69.38 -28.75 59.30
CA ASP M 212 70.45 -28.08 58.57
C ASP M 212 69.87 -26.98 57.71
N GLU M 213 69.91 -25.74 58.23
CA GLU M 213 69.34 -24.60 57.50
C GLU M 213 70.08 -24.36 56.20
N LYS M 214 71.40 -24.16 56.26
CA LYS M 214 72.19 -24.06 55.05
C LYS M 214 72.08 -25.31 54.22
N GLY M 215 71.90 -26.46 54.86
CA GLY M 215 71.72 -27.69 54.12
C GLY M 215 70.56 -27.62 53.17
N VAL M 216 69.41 -27.10 53.62
CA VAL M 216 68.24 -27.11 52.75
C VAL M 216 68.36 -26.06 51.66
N ARG M 217 69.00 -24.92 51.94
CA ARG M 217 69.17 -23.94 50.88
C ARG M 217 70.14 -24.44 49.82
N LEU M 218 71.30 -24.93 50.25
CA LEU M 218 72.23 -25.57 49.34
C LEU M 218 71.53 -26.62 48.48
N ILE M 219 70.80 -27.54 49.10
CA ILE M 219 70.27 -28.66 48.34
C ILE M 219 69.05 -28.25 47.52
N LEU M 220 68.26 -27.28 47.97
CA LEU M 220 67.14 -26.84 47.16
C LEU M 220 67.61 -26.12 45.91
N GLU M 221 68.58 -25.22 46.06
CA GLU M 221 69.19 -24.60 44.90
C GLU M 221 69.79 -25.66 43.98
N GLU M 222 70.48 -26.65 44.53
CA GLU M 222 70.97 -27.74 43.70
C GLU M 222 69.85 -28.50 43.02
N MET M 223 68.75 -28.79 43.73
CA MET M 223 67.62 -29.55 43.18
C MET M 223 67.05 -28.85 41.97
N LEU M 224 66.77 -27.55 42.09
CA LEU M 224 66.31 -26.82 40.93
C LEU M 224 67.37 -26.81 39.82
N ASP M 225 68.64 -26.67 40.19
CA ASP M 225 69.69 -26.66 39.18
C ASP M 225 69.87 -28.04 38.55
N VAL M 226 69.37 -29.09 39.20
CA VAL M 226 69.43 -30.43 38.65
C VAL M 226 68.23 -30.63 37.74
N GLN M 227 67.24 -29.75 37.88
CA GLN M 227 65.89 -29.95 37.33
C GLN M 227 65.20 -31.08 38.08
N ALA M 228 65.52 -31.19 39.37
CA ALA M 228 64.95 -32.22 40.21
C ALA M 228 63.45 -32.26 40.03
N ASP M 229 62.88 -33.46 40.15
CA ASP M 229 61.45 -33.60 39.93
C ASP M 229 60.77 -33.01 41.14
N LEU M 230 60.59 -31.69 41.11
CA LEU M 230 60.03 -30.95 42.22
C LEU M 230 58.57 -31.28 42.47
N ASP M 231 57.79 -31.48 41.43
CA ASP M 231 56.48 -32.06 41.62
C ASP M 231 56.55 -33.47 42.19
N ARG M 232 57.65 -34.18 42.00
CA ARG M 232 57.75 -35.57 42.44
C ARG M 232 58.68 -35.76 43.61
N VAL M 233 59.38 -34.70 44.05
CA VAL M 233 60.05 -34.78 45.33
C VAL M 233 59.00 -35.06 46.39
N GLU M 234 59.28 -36.03 47.25
CA GLU M 234 58.30 -36.46 48.22
C GLU M 234 57.87 -35.28 49.10
N ALA M 235 56.56 -35.15 49.31
CA ALA M 235 56.04 -33.99 50.01
C ALA M 235 56.39 -34.00 51.49
N ARG M 236 56.40 -35.15 52.15
CA ARG M 236 56.87 -35.17 53.52
C ARG M 236 58.33 -34.76 53.59
N SER M 237 59.16 -35.20 52.65
CA SER M 237 60.54 -34.76 52.59
C SER M 237 60.66 -33.25 52.43
N ILE M 238 59.95 -32.67 51.48
CA ILE M 238 59.98 -31.23 51.26
C ILE M 238 59.53 -30.48 52.50
N VAL M 239 58.44 -30.93 53.13
CA VAL M 239 57.89 -30.18 54.26
C VAL M 239 58.78 -30.33 55.50
N ILE M 240 59.35 -31.51 55.72
CA ILE M 240 60.28 -31.67 56.82
C ILE M 240 61.52 -30.81 56.60
N ALA M 241 61.96 -30.67 55.34
CA ALA M 241 63.15 -29.86 55.08
C ALA M 241 62.86 -28.37 55.23
N LEU M 242 61.70 -27.92 54.75
CA LEU M 242 61.29 -26.53 54.92
C LEU M 242 60.77 -26.25 56.32
N ASN M 243 60.69 -27.26 57.16
CA ASN M 243 60.39 -27.00 58.56
C ASN M 243 61.51 -26.21 59.23
N ALA M 244 62.69 -26.82 59.37
CA ALA M 244 63.76 -26.27 60.18
C ALA M 244 64.39 -25.02 59.59
N VAL M 245 63.81 -24.45 58.54
CA VAL M 245 64.28 -23.17 58.03
C VAL M 245 63.96 -22.12 59.07
N THR M 246 65.00 -21.65 59.76
CA THR M 246 64.86 -20.66 60.81
C THR M 246 65.45 -19.31 60.46
N ASP M 247 66.54 -19.29 59.69
CA ASP M 247 67.21 -18.05 59.34
C ASP M 247 66.33 -17.20 58.43
N ASN M 248 66.48 -15.88 58.54
CA ASN M 248 65.87 -14.97 57.59
C ASN M 248 66.35 -15.22 56.17
N ASP M 249 67.63 -15.53 56.00
CA ASP M 249 68.20 -15.68 54.67
C ASP M 249 67.76 -16.97 54.00
N ILE M 250 67.38 -17.98 54.79
CA ILE M 250 66.77 -19.15 54.19
C ILE M 250 65.27 -18.94 54.02
N TYR M 251 64.66 -18.17 54.92
CA TYR M 251 63.22 -17.96 54.81
C TYR M 251 62.85 -17.11 53.60
N GLU M 252 63.61 -16.05 53.32
CA GLU M 252 63.35 -15.32 52.08
C GLU M 252 63.67 -16.17 50.86
N TYR M 253 64.68 -17.01 50.96
CA TYR M 253 64.94 -17.90 49.85
C TYR M 253 63.76 -18.80 49.58
N ILE M 254 63.10 -19.30 50.63
CA ILE M 254 61.93 -20.15 50.42
C ILE M 254 60.72 -19.31 50.02
N LYS M 255 60.69 -18.04 50.40
CA LYS M 255 59.75 -17.11 49.78
C LYS M 255 59.88 -17.15 48.26
N LYS M 256 61.11 -17.02 47.78
CA LYS M 256 61.33 -17.05 46.34
C LYS M 256 61.17 -18.45 45.76
N TYR M 257 61.27 -19.49 46.58
CA TYR M 257 61.41 -20.83 46.05
C TYR M 257 60.11 -21.63 46.08
N LEU M 258 59.13 -21.27 46.90
CA LEU M 258 57.87 -21.97 46.84
C LEU M 258 57.14 -21.76 45.52
N PHE M 259 57.72 -21.00 44.59
CA PHE M 259 57.10 -20.73 43.30
C PHE M 259 57.49 -21.74 42.22
N ASN M 260 58.18 -22.81 42.58
CA ASN M 260 58.66 -23.76 41.58
C ASN M 260 57.86 -25.05 41.52
N PHE M 261 56.85 -25.21 42.37
CA PHE M 261 56.07 -26.44 42.41
C PHE M 261 54.66 -26.22 41.90
N GLY M 262 54.12 -27.22 41.21
CA GLY M 262 52.81 -27.10 40.59
C GLY M 262 51.71 -26.83 41.60
N GLU M 263 50.51 -26.58 41.07
CA GLU M 263 49.37 -26.30 41.94
C GLU M 263 49.06 -27.45 42.89
N ARG M 264 49.07 -28.69 42.42
CA ARG M 264 48.86 -29.82 43.31
C ARG M 264 50.00 -29.95 44.32
N LYS M 265 51.24 -29.79 43.87
CA LYS M 265 52.34 -29.92 44.81
C LYS M 265 52.24 -28.87 45.91
N VAL M 266 51.86 -27.65 45.57
CA VAL M 266 51.80 -26.61 46.59
C VAL M 266 50.56 -26.78 47.46
N LYS M 267 49.45 -27.23 46.87
CA LYS M 267 48.25 -27.43 47.65
C LYS M 267 48.42 -28.60 48.61
N PHE M 268 49.33 -29.51 48.30
CA PHE M 268 49.58 -30.63 49.19
C PHE M 268 50.79 -30.43 50.06
N LEU M 269 51.64 -29.46 49.77
CA LEU M 269 52.56 -29.02 50.80
C LEU M 269 51.82 -28.57 52.03
N ARG M 270 50.78 -27.75 51.88
CA ARG M 270 50.06 -27.31 53.06
C ARG M 270 49.32 -28.45 53.75
N ILE M 271 48.83 -29.44 53.01
CA ILE M 271 48.15 -30.56 53.64
C ILE M 271 49.14 -31.48 54.34
N ILE M 272 50.26 -31.80 53.69
CA ILE M 272 51.29 -32.59 54.34
C ILE M 272 51.78 -31.89 55.60
N TYR M 273 52.00 -30.57 55.54
CA TYR M 273 52.47 -29.84 56.71
C TYR M 273 51.41 -29.79 57.80
N SER M 274 50.17 -29.49 57.41
CA SER M 274 49.08 -29.41 58.37
C SER M 274 48.84 -30.74 59.05
N ASP M 275 49.13 -31.86 58.40
CA ASP M 275 48.98 -33.11 59.14
C ASP M 275 50.27 -33.54 59.82
N LEU M 276 51.42 -33.07 59.35
CA LEU M 276 52.67 -33.36 60.04
C LEU M 276 52.75 -32.63 61.36
N ARG M 277 52.07 -31.50 61.49
CA ARG M 277 51.83 -30.88 62.78
C ARG M 277 50.38 -30.99 63.21
N GLY M 278 49.60 -31.84 62.56
CA GLY M 278 48.22 -32.04 62.93
C GLY M 278 48.00 -33.42 63.48
N HIS M 279 46.98 -34.12 62.97
CA HIS M 279 46.66 -35.43 63.51
C HIS M 279 47.70 -36.47 63.13
N GLY M 280 48.62 -36.13 62.25
CA GLY M 280 49.56 -37.12 61.75
C GLY M 280 50.99 -36.89 62.14
N ALA M 281 51.24 -36.08 63.17
CA ALA M 281 52.60 -35.96 63.68
C ALA M 281 53.11 -37.30 64.17
N GLY M 282 52.21 -38.20 64.54
CA GLY M 282 52.54 -39.55 64.92
C GLY M 282 53.07 -40.43 63.82
N LYS M 283 53.00 -39.96 62.57
CA LYS M 283 53.61 -40.68 61.47
C LYS M 283 55.12 -40.56 61.46
N LEU M 284 55.71 -39.97 62.49
CA LEU M 284 57.15 -39.70 62.51
C LEU M 284 57.82 -40.49 63.63
N ARG M 285 59.05 -40.92 63.35
CA ARG M 285 59.88 -41.53 64.38
C ARG M 285 60.67 -40.48 65.13
N ILE M 286 60.71 -39.26 64.59
CA ILE M 286 61.15 -38.08 65.32
C ILE M 286 60.29 -36.91 64.89
N PRO M 287 59.58 -36.25 65.79
CA PRO M 287 58.55 -35.28 65.38
C PRO M 287 59.15 -34.06 64.70
N LEU M 288 58.25 -33.26 64.14
CA LEU M 288 58.65 -32.03 63.47
C LEU M 288 58.95 -30.94 64.50
N LYS M 289 59.99 -30.16 64.23
CA LYS M 289 60.28 -28.99 65.05
C LYS M 289 59.39 -27.83 64.64
N GLU M 290 58.58 -27.34 65.58
CA GLU M 290 57.48 -26.42 65.29
C GLU M 290 58.03 -25.11 64.73
N ASN M 291 57.87 -24.92 63.43
CA ASN M 291 58.25 -23.70 62.73
C ASN M 291 56.98 -23.12 62.12
N ASP M 292 56.23 -22.38 62.94
CA ASP M 292 54.97 -21.82 62.46
C ASP M 292 55.18 -20.72 61.43
N LYS M 293 56.33 -20.04 61.45
CA LYS M 293 56.62 -19.09 60.40
C LYS M 293 56.63 -19.76 59.03
N MET M 294 57.35 -20.87 58.90
CA MET M 294 57.35 -21.57 57.62
C MET M 294 56.04 -22.27 57.34
N PHE M 295 55.36 -22.81 58.35
CA PHE M 295 54.04 -23.40 58.09
C PHE M 295 53.07 -22.34 57.60
N TYR M 296 53.17 -21.12 58.12
CA TYR M 296 52.30 -20.05 57.64
C TYR M 296 52.67 -19.63 56.24
N HIS M 297 53.96 -19.51 55.95
CA HIS M 297 54.29 -19.17 54.57
C HIS M 297 53.84 -20.28 53.62
N VAL M 298 53.82 -21.52 54.09
CA VAL M 298 53.40 -22.62 53.23
C VAL M 298 51.91 -22.57 52.96
N CYS M 299 51.09 -22.52 54.01
CA CYS M 299 49.65 -22.40 53.80
C CYS M 299 49.29 -21.11 53.08
N TRP M 300 50.13 -20.08 53.21
CA TRP M 300 49.89 -18.82 52.52
C TRP M 300 50.13 -18.95 51.03
N HIS M 301 51.29 -19.50 50.62
CA HIS M 301 51.49 -19.66 49.19
C HIS M 301 50.52 -20.65 48.59
N SER M 302 50.10 -21.65 49.35
CA SER M 302 49.03 -22.50 48.86
C SER M 302 47.74 -21.73 48.64
N SER M 303 47.35 -20.86 49.59
CA SER M 303 46.15 -20.06 49.42
C SER M 303 46.32 -19.00 48.33
N ILE M 304 47.56 -18.73 47.94
CA ILE M 304 47.80 -17.82 46.82
C ILE M 304 47.66 -18.56 45.49
N ARG M 305 48.15 -19.79 45.42
CA ARG M 305 48.10 -20.50 44.15
C ARG M 305 46.75 -21.17 43.90
N ALA M 306 46.01 -21.53 44.95
CA ALA M 306 44.73 -22.19 44.78
C ALA M 306 43.67 -21.17 44.34
N PRO M 307 42.77 -21.58 43.45
CA PRO M 307 41.92 -20.61 42.75
C PRO M 307 41.09 -19.79 43.73
N ARG M 308 40.74 -18.58 43.31
CA ARG M 308 39.95 -17.70 44.16
C ARG M 308 38.47 -17.90 43.89
N GLN M 309 37.87 -18.86 44.57
CA GLN M 309 36.43 -19.04 44.54
C GLN M 309 35.76 -17.93 45.32
N PHE M 310 35.28 -16.94 44.59
CA PHE M 310 34.74 -15.70 45.14
C PHE M 310 33.63 -16.04 46.12
N SER M 311 33.73 -15.48 47.33
CA SER M 311 32.70 -15.60 48.35
C SER M 311 32.36 -14.22 48.89
N PRO M 312 31.21 -13.65 48.55
CA PRO M 312 30.97 -12.24 48.86
C PRO M 312 30.62 -11.97 50.31
N ARG M 313 29.75 -12.78 50.92
CA ARG M 313 29.35 -12.49 52.29
C ARG M 313 30.57 -12.30 53.18
N GLN M 314 31.61 -13.12 52.98
CA GLN M 314 32.91 -12.83 53.56
C GLN M 314 33.56 -11.61 52.96
N LEU M 315 33.78 -11.61 51.64
CA LEU M 315 34.71 -10.67 51.01
C LEU M 315 34.33 -9.23 51.29
N TYR M 316 33.04 -8.96 51.40
CA TYR M 316 32.51 -7.64 51.69
C TYR M 316 31.49 -7.67 52.81
N PHE M 317 31.61 -8.63 53.74
CA PHE M 317 30.63 -8.72 54.83
C PHE M 317 30.47 -7.39 55.53
N ASP M 318 31.55 -6.85 56.07
CA ASP M 318 31.56 -5.56 56.74
C ASP M 318 32.16 -4.55 55.76
N TYR M 319 31.30 -3.74 55.15
CA TYR M 319 31.67 -2.82 54.08
C TYR M 319 30.62 -1.72 54.00
N THR M 320 31.06 -0.49 53.82
CA THR M 320 30.01 0.52 53.78
C THR M 320 29.43 0.61 52.37
N PRO M 321 28.13 0.85 52.27
CA PRO M 321 27.48 0.82 50.95
C PRO M 321 27.81 2.05 50.13
N SER M 322 28.95 2.03 49.45
CA SER M 322 29.45 3.19 48.73
C SER M 322 30.42 2.77 47.63
N THR M 323 30.58 3.63 46.60
CA THR M 323 31.58 3.37 45.59
C THR M 323 32.97 3.48 46.20
N LEU M 324 33.56 2.35 46.52
CA LEU M 324 34.98 2.35 46.63
C LEU M 324 35.47 2.58 45.20
N MET N 1 41.17 -12.74 35.28
CA MET N 1 42.42 -13.43 34.99
C MET N 1 42.35 -14.18 33.66
N LEU N 2 41.61 -15.27 33.61
CA LEU N 2 41.48 -16.02 32.37
C LEU N 2 40.19 -15.60 31.67
N SER N 3 40.24 -15.59 30.34
CA SER N 3 39.12 -15.12 29.54
C SER N 3 38.07 -16.19 29.31
N GLN N 4 38.46 -17.36 28.83
CA GLN N 4 37.52 -18.39 28.40
C GLN N 4 36.65 -18.91 29.53
N ASN N 5 37.05 -18.71 30.77
CA ASN N 5 36.19 -19.04 31.90
C ASN N 5 35.10 -17.97 31.94
N VAL N 6 34.32 -17.91 30.87
CA VAL N 6 33.17 -17.01 30.79
C VAL N 6 31.98 -17.74 31.39
N ALA N 7 30.96 -16.97 31.72
CA ALA N 7 29.79 -17.52 32.37
C ALA N 7 29.03 -18.42 31.41
N LYS N 8 28.92 -19.71 31.77
CA LYS N 8 28.06 -20.64 31.05
C LYS N 8 26.72 -20.82 31.73
N THR N 9 26.62 -20.45 33.00
CA THR N 9 25.35 -20.31 33.70
C THR N 9 24.93 -18.86 33.66
N THR N 10 23.62 -18.63 33.70
CA THR N 10 23.09 -17.27 33.65
C THR N 10 23.05 -16.69 35.06
N VAL N 11 22.68 -15.42 35.18
CA VAL N 11 22.43 -14.85 36.51
C VAL N 11 21.35 -15.67 37.20
N PRO N 12 21.65 -16.30 38.33
CA PRO N 12 20.66 -17.23 38.93
C PRO N 12 19.30 -16.58 39.04
N SER N 13 18.37 -17.08 38.25
CA SER N 13 17.14 -16.36 37.97
C SER N 13 15.97 -17.29 38.24
N TYR N 14 14.80 -16.84 37.83
CA TYR N 14 13.59 -17.66 37.84
C TYR N 14 13.30 -18.25 36.48
N TYR N 15 14.06 -17.87 35.46
CA TYR N 15 13.92 -18.53 34.18
C TYR N 15 14.46 -19.95 34.21
N MET N 16 15.05 -20.36 35.33
CA MET N 16 15.35 -21.76 35.52
C MET N 16 14.12 -22.54 35.97
N ILE N 17 13.33 -21.98 36.87
CA ILE N 17 12.19 -22.70 37.39
C ILE N 17 10.99 -22.55 36.48
N ARG N 18 10.94 -21.48 35.68
CA ARG N 18 9.77 -21.21 34.87
C ARG N 18 9.90 -21.67 33.42
N THR N 19 11.09 -22.05 32.98
CA THR N 19 11.31 -22.41 31.59
C THR N 19 12.07 -23.72 31.49
N ASN N 20 11.92 -24.37 30.33
CA ASN N 20 12.44 -25.72 30.09
C ASN N 20 13.89 -25.71 29.66
N LEU N 21 14.57 -24.57 29.72
CA LEU N 21 15.91 -24.56 29.16
C LEU N 21 16.80 -25.55 29.92
N PRO N 22 17.86 -26.04 29.30
CA PRO N 22 18.69 -27.04 29.97
C PRO N 22 19.76 -26.40 30.85
N GLN N 23 19.72 -26.77 32.13
CA GLN N 23 20.71 -26.25 33.07
C GLN N 23 22.09 -26.85 32.86
N ARG N 24 22.25 -27.78 31.94
CA ARG N 24 23.55 -28.35 31.67
C ARG N 24 23.65 -28.65 30.19
N LYS N 25 24.85 -28.56 29.69
CA LYS N 25 25.06 -28.79 28.27
C LYS N 25 24.60 -30.20 27.90
N PRO N 26 23.84 -30.34 26.83
CA PRO N 26 23.55 -31.67 26.30
C PRO N 26 24.82 -32.38 25.87
N GLN N 27 24.96 -33.61 26.32
CA GLN N 27 26.12 -34.41 25.96
C GLN N 27 26.24 -34.54 24.46
N ASN N 28 27.48 -34.38 23.99
CA ASN N 28 27.81 -34.58 22.59
C ASN N 28 27.84 -36.07 22.28
N GLN N 29 27.79 -36.41 21.00
CA GLN N 29 27.80 -37.82 20.63
C GLN N 29 29.08 -38.20 19.92
N TRP N 30 29.63 -37.31 19.12
CA TRP N 30 30.82 -37.60 18.33
C TRP N 30 32.08 -37.13 19.02
N GLU N 31 32.00 -36.83 20.31
CA GLU N 31 33.16 -36.50 21.13
C GLU N 31 33.73 -37.79 21.69
N GLY N 32 35.05 -37.93 21.61
CA GLY N 32 35.69 -39.01 22.32
C GLY N 32 35.59 -38.81 23.83
N VAL N 33 36.16 -39.76 24.57
CA VAL N 33 36.29 -39.57 26.02
C VAL N 33 37.71 -39.12 26.31
N TYR N 34 37.84 -38.18 27.23
CA TYR N 34 39.11 -37.51 27.43
C TYR N 34 40.06 -38.39 28.24
N TYR N 35 41.09 -38.89 27.58
CA TYR N 35 42.14 -39.65 28.24
C TYR N 35 43.44 -38.88 28.20
N PHE N 36 44.44 -39.39 28.92
CA PHE N 36 45.74 -38.76 29.07
C PHE N 36 46.79 -39.59 28.33
N GLY N 37 47.17 -39.14 27.14
CA GLY N 37 48.42 -39.59 26.60
C GLY N 37 49.30 -38.40 26.30
N GLY N 38 50.34 -38.21 27.09
CA GLY N 38 51.17 -37.04 26.91
C GLY N 38 52.30 -37.01 27.89
N ILE N 39 53.44 -36.54 27.41
CA ILE N 39 54.65 -36.51 28.19
C ILE N 39 54.96 -35.06 28.54
N THR N 40 55.36 -34.83 29.78
CA THR N 40 55.61 -33.49 30.25
C THR N 40 56.93 -32.96 29.69
N LYS N 41 57.25 -31.71 30.04
CA LYS N 41 58.54 -31.17 29.64
C LYS N 41 59.68 -31.94 30.27
N ARG N 42 59.61 -32.19 31.58
CA ARG N 42 60.63 -32.98 32.26
C ARG N 42 60.71 -34.39 31.71
N GLN N 43 59.56 -35.02 31.48
CA GLN N 43 59.53 -36.36 30.92
C GLN N 43 60.14 -36.44 29.54
N ARG N 44 59.93 -35.43 28.69
CA ARG N 44 60.58 -35.47 27.39
C ARG N 44 62.07 -35.23 27.52
N HIS N 45 62.46 -34.35 28.42
CA HIS N 45 63.89 -34.14 28.66
C HIS N 45 64.56 -35.44 29.06
N LEU N 46 63.87 -36.24 29.87
CA LEU N 46 64.42 -37.52 30.32
C LEU N 46 64.69 -38.46 29.15
N ILE N 47 63.73 -38.61 28.23
CA ILE N 47 63.91 -39.51 27.12
C ILE N 47 65.01 -39.02 26.19
N LEU N 48 65.08 -37.70 25.97
CA LEU N 48 66.15 -37.17 25.13
C LEU N 48 67.51 -37.34 25.77
N LEU N 49 67.60 -37.19 27.09
CA LEU N 49 68.85 -37.47 27.79
C LEU N 49 69.22 -38.94 27.69
N GLN N 50 68.23 -39.83 27.77
CA GLN N 50 68.51 -41.25 27.62
C GLN N 50 69.06 -41.57 26.23
N ARG N 51 68.40 -41.12 25.18
CA ARG N 51 68.94 -41.30 23.83
C ARG N 51 70.29 -40.64 23.65
N LYS N 52 70.52 -39.48 24.25
CA LYS N 52 71.84 -38.86 24.18
C LYS N 52 72.89 -39.72 24.84
N ARG N 53 72.63 -40.24 26.04
CA ARG N 53 73.57 -41.14 26.68
C ARG N 53 73.86 -42.36 25.80
N GLU N 54 72.84 -42.93 25.20
CA GLU N 54 73.09 -44.07 24.33
C GLU N 54 73.93 -43.71 23.13
N ARG N 55 73.69 -42.56 22.51
CA ARG N 55 74.53 -42.14 21.40
C ARG N 55 75.97 -41.88 21.84
N GLU N 56 76.15 -41.26 22.99
CA GLU N 56 77.49 -40.99 23.47
C GLU N 56 78.23 -42.28 23.76
N ALA N 57 77.57 -43.22 24.43
CA ALA N 57 78.20 -44.49 24.74
C ALA N 57 78.46 -45.32 23.49
N ARG N 58 77.71 -45.10 22.42
CA ARG N 58 77.99 -45.80 21.19
C ARG N 58 79.15 -45.19 20.42
N MET N 59 79.17 -43.87 20.31
CA MET N 59 80.31 -43.19 19.70
C MET N 59 81.58 -43.41 20.49
N ARG N 60 81.47 -43.58 21.80
CA ARG N 60 82.64 -43.93 22.59
C ARG N 60 83.23 -45.26 22.19
N ALA N 61 82.41 -46.32 22.11
CA ALA N 61 82.92 -47.58 21.61
C ALA N 61 83.51 -47.44 20.22
N PHE N 62 82.83 -46.74 19.32
CA PHE N 62 83.38 -46.64 17.98
C PHE N 62 84.71 -45.90 17.96
N SER N 63 84.79 -44.75 18.63
CA SER N 63 85.99 -43.93 18.67
C SER N 63 87.14 -44.58 19.39
N ALA N 64 86.87 -45.28 20.50
CA ALA N 64 87.91 -46.02 21.19
C ALA N 64 88.45 -47.12 20.29
N SER N 65 87.55 -47.83 19.60
CA SER N 65 88.03 -48.85 18.67
C SER N 65 88.89 -48.22 17.58
N CYS N 66 88.46 -47.08 17.04
CA CYS N 66 89.23 -46.38 16.02
C CYS N 66 90.61 -46.02 16.53
N SER N 67 90.69 -45.46 17.74
CA SER N 67 91.96 -45.01 18.27
C SER N 67 92.89 -46.17 18.56
N ASN N 68 92.37 -47.22 19.21
CA ASN N 68 93.19 -48.39 19.50
C ASN N 68 93.69 -49.03 18.22
N LEU N 69 92.87 -49.00 17.17
CA LEU N 69 93.29 -49.55 15.89
C LEU N 69 94.37 -48.70 15.25
N LEU N 70 94.18 -47.39 15.20
CA LEU N 70 95.23 -46.54 14.65
C LEU N 70 96.53 -46.73 15.40
N ARG N 71 96.45 -46.89 16.72
CA ARG N 71 97.65 -47.08 17.51
C ARG N 71 98.33 -48.40 17.16
N LEU N 72 97.54 -49.46 17.01
CA LEU N 72 98.12 -50.71 16.54
C LEU N 72 98.80 -50.52 15.19
N LEU N 73 98.13 -49.82 14.27
CA LEU N 73 98.66 -49.68 12.92
C LEU N 73 99.98 -48.93 12.90
N GLU N 74 100.03 -47.77 13.56
CA GLU N 74 101.26 -47.00 13.56
C GLU N 74 102.35 -47.70 14.35
N GLY N 75 102.06 -48.11 15.58
CA GLY N 75 103.04 -48.74 16.44
C GLY N 75 103.55 -50.07 15.94
N GLY N 95 97.81 -60.59 12.36
CA GLY N 95 98.05 -59.20 12.71
C GLY N 95 97.60 -58.22 11.63
N PRO N 96 98.31 -58.21 10.50
CA PRO N 96 97.99 -57.23 9.45
C PRO N 96 96.64 -57.43 8.79
N PHE N 97 96.22 -58.69 8.59
CA PHE N 97 94.98 -58.89 7.84
C PHE N 97 93.76 -58.60 8.69
N ASP N 98 93.73 -59.11 9.92
CA ASP N 98 92.68 -58.69 10.83
C ASP N 98 92.73 -57.20 11.08
N LEU N 99 93.93 -56.62 11.06
CA LEU N 99 94.07 -55.18 11.21
C LEU N 99 93.33 -54.45 10.08
N ALA N 100 93.57 -54.85 8.84
CA ALA N 100 92.92 -54.20 7.70
C ALA N 100 91.42 -54.42 7.71
N ILE N 101 91.00 -55.63 8.09
CA ILE N 101 89.56 -55.90 8.19
C ILE N 101 88.89 -54.96 9.18
N ARG N 102 89.42 -54.89 10.41
CA ARG N 102 88.87 -53.97 11.40
C ARG N 102 88.93 -52.51 10.95
N LEU N 103 90.02 -52.11 10.29
CA LEU N 103 90.13 -50.73 9.82
C LEU N 103 89.02 -50.40 8.84
N ALA N 104 88.91 -51.18 7.78
CA ALA N 104 87.87 -50.92 6.79
C ALA N 104 86.48 -51.09 7.39
N GLN N 105 86.37 -51.83 8.50
CA GLN N 105 85.04 -52.03 9.08
C GLN N 105 84.60 -50.87 9.96
N HIS N 106 85.53 -50.24 10.66
CA HIS N 106 85.19 -49.02 11.36
C HIS N 106 85.14 -47.81 10.44
N GLY N 107 85.67 -47.94 9.23
CA GLY N 107 85.62 -46.86 8.26
C GLY N 107 86.96 -46.26 7.93
N LEU N 108 88.06 -46.92 8.26
CA LEU N 108 89.39 -46.39 8.02
C LEU N 108 89.97 -46.99 6.73
N TYR N 109 89.27 -46.70 5.63
CA TYR N 109 89.76 -47.07 4.32
C TYR N 109 91.12 -46.45 4.06
N GLN N 110 91.33 -45.20 4.49
CA GLN N 110 92.49 -44.45 4.04
C GLN N 110 93.78 -45.05 4.59
N GLN N 111 93.66 -45.89 5.62
CA GLN N 111 94.80 -46.61 6.14
C GLN N 111 94.77 -48.08 5.78
N ALA N 112 93.58 -48.66 5.62
CA ALA N 112 93.51 -50.03 5.15
C ALA N 112 93.87 -50.15 3.68
N SER N 113 94.01 -49.03 2.97
CA SER N 113 94.35 -49.08 1.56
C SER N 113 95.83 -49.32 1.34
N ARG N 114 96.69 -48.63 2.07
CA ARG N 114 98.11 -48.84 1.91
C ARG N 114 98.56 -50.19 2.45
N ILE N 115 97.84 -50.74 3.44
CA ILE N 115 98.15 -52.09 3.91
C ILE N 115 97.98 -53.08 2.78
N VAL N 116 96.83 -53.04 2.10
CA VAL N 116 96.58 -53.97 1.01
C VAL N 116 97.41 -53.66 -0.23
N ASP N 117 97.81 -52.39 -0.42
CA ASP N 117 98.67 -52.06 -1.54
C ASP N 117 100.00 -52.78 -1.46
N GLU N 118 100.51 -53.02 -0.25
CA GLU N 118 101.74 -53.78 -0.12
C GLU N 118 101.49 -55.26 0.12
N LEU N 119 100.33 -55.63 0.65
CA LEU N 119 99.97 -57.04 0.71
C LEU N 119 99.79 -57.65 -0.67
N HIS N 120 99.43 -56.84 -1.65
CA HIS N 120 99.29 -57.33 -3.02
C HIS N 120 100.63 -57.61 -3.67
N GLN N 121 101.68 -56.89 -3.26
CA GLN N 121 102.94 -56.93 -4.00
C GLN N 121 103.53 -58.33 -4.08
N GLN N 122 103.68 -59.00 -2.95
CA GLN N 122 104.34 -60.30 -2.87
C GLN N 122 103.43 -61.47 -3.20
N ARG N 123 102.26 -61.21 -3.78
CA ARG N 123 101.21 -62.22 -3.92
C ARG N 123 100.96 -62.89 -2.57
N ALA N 124 100.69 -62.04 -1.58
CA ALA N 124 100.29 -62.49 -0.26
C ALA N 124 98.79 -62.71 -0.14
N LEU N 125 98.10 -62.91 -1.26
CA LEU N 125 96.65 -62.93 -1.31
C LEU N 125 96.14 -63.97 -2.29
N ARG N 126 94.83 -64.16 -2.30
CA ARG N 126 94.14 -65.13 -3.14
C ARG N 126 92.83 -64.51 -3.63
N MET N 127 91.99 -65.36 -4.24
CA MET N 127 90.68 -64.94 -4.70
C MET N 127 89.90 -64.26 -3.58
N SER N 128 89.80 -64.93 -2.43
CA SER N 128 88.88 -64.53 -1.37
C SER N 128 89.46 -63.50 -0.41
N HIS N 129 90.76 -63.21 -0.46
CA HIS N 129 91.31 -62.22 0.45
C HIS N 129 90.82 -60.82 0.12
N TYR N 130 91.00 -60.39 -1.12
CA TYR N 130 90.42 -59.13 -1.56
C TYR N 130 88.91 -59.13 -1.41
N GLY N 131 88.27 -60.30 -1.56
CA GLY N 131 86.86 -60.38 -1.27
C GLY N 131 86.52 -60.02 0.15
N LEU N 132 87.20 -60.66 1.12
CA LEU N 132 87.03 -60.29 2.51
C LEU N 132 87.16 -58.80 2.71
N LEU N 133 88.22 -58.22 2.16
CA LEU N 133 88.44 -56.79 2.33
C LEU N 133 87.29 -55.98 1.74
N ILE N 134 86.71 -56.44 0.62
CA ILE N 134 85.64 -55.69 -0.02
C ILE N 134 84.46 -55.57 0.91
N ASP N 135 83.96 -56.68 1.44
CA ASP N 135 82.80 -56.63 2.32
C ASP N 135 83.13 -55.90 3.61
N ALA N 136 84.32 -56.11 4.17
CA ALA N 136 84.69 -55.43 5.41
C ALA N 136 84.84 -53.93 5.22
N LEU N 137 85.13 -53.47 4.00
CA LEU N 137 85.20 -52.05 3.68
C LEU N 137 83.85 -51.36 3.74
N SER N 138 82.76 -52.07 3.48
CA SER N 138 81.43 -51.49 3.60
C SER N 138 81.13 -50.99 5.01
N ALA N 139 82.10 -51.07 5.91
CA ALA N 139 82.07 -50.45 7.22
C ALA N 139 80.83 -50.83 8.01
N PRO N 140 80.73 -52.07 8.50
CA PRO N 140 79.59 -52.42 9.35
C PRO N 140 79.59 -51.73 10.71
N CYS N 141 80.73 -51.65 11.39
CA CYS N 141 80.80 -50.92 12.63
C CYS N 141 80.47 -49.45 12.44
N LEU N 142 80.93 -48.84 11.33
CA LEU N 142 80.62 -47.44 11.11
C LEU N 142 79.18 -47.26 10.70
N GLY N 143 78.63 -48.22 9.97
CA GLY N 143 77.20 -48.21 9.74
C GLY N 143 76.42 -48.18 11.03
N GLN N 144 76.76 -49.04 11.98
CA GLN N 144 76.06 -49.09 13.26
C GLN N 144 76.32 -47.84 14.10
N ARG N 145 77.53 -47.28 13.99
CA ARG N 145 77.83 -46.00 14.63
C ARG N 145 76.93 -44.89 14.11
N ILE N 146 76.98 -44.63 12.80
CA ILE N 146 76.12 -43.63 12.17
C ILE N 146 74.69 -43.90 12.52
N LEU N 147 74.31 -45.17 12.46
CA LEU N 147 72.95 -45.60 12.78
C LEU N 147 72.53 -45.11 14.16
N TYR N 148 73.34 -45.41 15.17
CA TYR N 148 72.96 -45.01 16.53
C TYR N 148 73.03 -43.50 16.72
N GLY N 149 74.04 -42.87 16.14
CA GLY N 149 74.30 -41.48 16.42
C GLY N 149 73.54 -40.48 15.57
N SER N 150 73.68 -40.57 14.25
CA SER N 150 73.09 -39.59 13.35
C SER N 150 71.76 -40.04 12.75
N ALA N 151 71.63 -41.30 12.38
CA ALA N 151 70.39 -41.78 11.79
C ALA N 151 69.27 -41.94 12.81
N GLN N 152 69.56 -41.79 14.09
CA GLN N 152 68.60 -42.11 15.15
C GLN N 152 68.07 -43.52 14.96
N CYS N 153 68.99 -44.44 14.67
CA CYS N 153 68.64 -45.83 14.42
C CYS N 153 67.63 -45.97 13.28
N ASP N 154 67.99 -45.45 12.11
CA ASP N 154 67.14 -45.58 10.93
C ASP N 154 67.89 -46.39 9.88
N PRO N 155 67.38 -47.55 9.48
CA PRO N 155 68.16 -48.44 8.60
C PRO N 155 68.25 -47.95 7.17
N ALA N 156 67.23 -47.24 6.67
CA ALA N 156 67.36 -46.61 5.37
C ALA N 156 68.34 -45.47 5.41
N LEU N 157 68.04 -44.46 6.24
CA LEU N 157 68.91 -43.29 6.36
C LEU N 157 70.31 -43.64 6.81
N THR N 158 70.55 -44.84 7.32
CA THR N 158 71.93 -45.22 7.59
C THR N 158 72.72 -45.37 6.29
N TYR N 159 72.09 -45.87 5.23
CA TYR N 159 72.74 -45.86 3.93
C TYR N 159 72.93 -44.45 3.40
N LYS N 160 71.90 -43.61 3.52
CA LYS N 160 71.99 -42.25 3.03
C LYS N 160 72.97 -41.40 3.83
N LEU N 161 73.20 -41.74 5.10
CA LEU N 161 74.08 -40.99 5.97
C LEU N 161 75.45 -41.62 6.12
N LEU N 162 75.63 -42.83 5.61
CA LEU N 162 76.96 -43.35 5.32
C LEU N 162 77.46 -42.92 3.96
N GLY N 163 76.56 -42.79 2.97
CA GLY N 163 76.98 -42.41 1.63
C GLY N 163 77.84 -41.18 1.58
N ASP N 164 77.72 -40.30 2.57
CA ASP N 164 78.60 -39.14 2.67
C ASP N 164 80.01 -39.53 3.10
N GLU N 165 80.21 -40.75 3.59
CA GLU N 165 81.49 -41.15 4.17
C GLU N 165 82.40 -41.70 3.07
N ASN N 166 82.98 -40.76 2.33
CA ASN N 166 83.97 -41.03 1.28
C ASN N 166 83.50 -42.18 0.39
N GLY N 167 82.17 -42.31 0.27
CA GLY N 167 81.59 -43.41 -0.46
C GLY N 167 82.20 -43.63 -1.83
N GLU N 168 82.74 -42.59 -2.45
CA GLU N 168 83.38 -42.77 -3.73
C GLU N 168 84.74 -43.41 -3.58
N GLU N 169 85.59 -42.89 -2.69
CA GLU N 169 86.89 -43.47 -2.47
C GLU N 169 86.80 -44.86 -1.85
N ARG N 170 85.91 -45.07 -0.88
CA ARG N 170 85.60 -46.44 -0.49
C ARG N 170 85.10 -47.24 -1.68
N ALA N 171 84.34 -46.62 -2.57
CA ALA N 171 83.85 -47.33 -3.74
C ALA N 171 84.95 -47.57 -4.76
N GLN N 172 85.84 -46.60 -4.98
CA GLN N 172 86.94 -46.85 -5.89
C GLN N 172 87.84 -47.96 -5.36
N GLU N 173 88.05 -47.99 -4.06
CA GLU N 173 88.81 -49.06 -3.43
C GLU N 173 88.13 -50.41 -3.64
N ALA N 174 86.83 -50.50 -3.31
CA ALA N 174 86.11 -51.75 -3.50
C ALA N 174 86.17 -52.20 -4.95
N HIS N 175 86.06 -51.26 -5.90
CA HIS N 175 86.10 -51.60 -7.31
C HIS N 175 87.45 -52.17 -7.73
N ARG N 176 88.52 -51.40 -7.52
CA ARG N 176 89.86 -51.87 -7.85
C ARG N 176 90.14 -53.22 -7.21
N TRP N 177 89.74 -53.38 -5.95
CA TRP N 177 89.92 -54.66 -5.25
C TRP N 177 89.18 -55.78 -5.94
N PHE N 178 87.92 -55.56 -6.32
CA PHE N 178 87.18 -56.59 -7.03
C PHE N 178 87.88 -56.96 -8.31
N ASP N 179 88.43 -55.98 -9.01
CA ASP N 179 89.09 -56.29 -10.27
C ASP N 179 90.35 -57.10 -10.03
N MET N 180 91.09 -56.75 -8.98
CA MET N 180 92.20 -57.57 -8.53
C MET N 180 91.75 -59.00 -8.23
N ALA N 181 90.63 -59.15 -7.54
CA ALA N 181 90.10 -60.47 -7.19
C ALA N 181 89.74 -61.26 -8.43
N PHE N 182 89.20 -60.59 -9.44
CA PHE N 182 88.95 -61.25 -10.71
C PHE N 182 90.24 -61.73 -11.33
N ALA N 183 91.27 -60.88 -11.33
CA ALA N 183 92.56 -61.29 -11.83
C ALA N 183 93.03 -62.55 -11.13
N LEU N 184 92.98 -62.55 -9.80
CA LEU N 184 93.50 -63.68 -9.04
C LEU N 184 92.65 -64.93 -9.24
N LEU N 185 91.35 -64.74 -9.48
CA LEU N 185 90.46 -65.87 -9.64
C LEU N 185 90.66 -66.54 -11.00
N THR N 186 90.81 -65.74 -12.05
CA THR N 186 91.14 -66.30 -13.36
C THR N 186 92.55 -66.90 -13.34
N THR N 187 93.47 -66.28 -12.61
CA THR N 187 94.80 -66.84 -12.44
C THR N 187 94.73 -68.22 -11.79
N GLU N 188 93.88 -68.37 -10.78
CA GLU N 188 93.70 -69.68 -10.17
C GLU N 188 93.04 -70.65 -11.15
N CYS N 189 92.08 -70.18 -11.94
CA CYS N 189 91.43 -71.06 -12.91
C CYS N 189 92.43 -71.59 -13.92
N ARG N 190 93.40 -70.79 -14.30
CA ARG N 190 94.36 -71.22 -15.31
C ARG N 190 95.60 -71.88 -14.71
N MET N 191 95.83 -71.75 -13.40
CA MET N 191 96.90 -72.50 -12.75
C MET N 191 96.39 -73.79 -12.12
N SER N 192 95.08 -74.00 -12.04
CA SER N 192 94.52 -75.21 -11.47
C SER N 192 94.52 -76.40 -12.42
N GLY N 193 95.33 -76.38 -13.48
CA GLY N 193 95.50 -77.50 -14.39
C GLY N 193 94.49 -77.53 -15.52
N SER N 194 93.23 -77.18 -15.23
CA SER N 194 92.20 -77.04 -16.27
C SER N 194 92.26 -75.61 -16.83
N GLU N 195 93.13 -75.43 -17.82
CA GLU N 195 93.23 -74.16 -18.52
C GLU N 195 92.04 -73.97 -19.46
N HIS N 196 91.12 -73.07 -19.10
CA HIS N 196 90.00 -72.70 -19.95
C HIS N 196 89.21 -71.53 -19.36
N ARG N 197 88.17 -71.08 -20.06
CA ARG N 197 87.37 -69.92 -19.62
C ARG N 197 86.42 -70.35 -18.51
N LEU N 198 86.89 -70.26 -17.28
CA LEU N 198 86.00 -70.57 -16.17
C LEU N 198 86.30 -69.74 -14.91
N PRO N 199 86.39 -68.41 -14.98
CA PRO N 199 86.37 -67.66 -13.71
C PRO N 199 84.97 -67.31 -13.27
N GLN N 200 84.00 -67.26 -14.19
CA GLN N 200 82.65 -66.85 -13.85
C GLN N 200 81.94 -67.88 -12.99
N ALA N 201 81.75 -69.09 -13.54
CA ALA N 201 81.03 -70.15 -12.83
C ALA N 201 81.63 -70.47 -11.48
N THR N 202 82.85 -70.01 -11.22
CA THR N 202 83.35 -69.99 -9.85
C THR N 202 82.40 -69.19 -9.00
N ALA N 203 81.69 -69.87 -8.09
CA ALA N 203 80.84 -69.14 -7.16
C ALA N 203 81.64 -68.10 -6.40
N ALA N 204 82.97 -68.26 -6.37
CA ALA N 204 83.81 -67.25 -5.74
C ALA N 204 83.67 -65.90 -6.44
N ALA N 205 83.69 -65.88 -7.76
CA ALA N 205 83.55 -64.61 -8.48
C ALA N 205 82.14 -64.07 -8.32
N THR N 206 81.15 -64.97 -8.32
CA THR N 206 79.78 -64.55 -8.05
C THR N 206 79.67 -63.89 -6.68
N HIS N 207 80.44 -64.38 -5.72
CA HIS N 207 80.38 -63.76 -4.41
C HIS N 207 81.21 -62.49 -4.35
N LEU N 208 82.22 -62.36 -5.21
CA LEU N 208 82.83 -61.05 -5.42
C LEU N 208 81.80 -60.05 -5.92
N VAL N 209 80.93 -60.50 -6.82
CA VAL N 209 79.82 -59.67 -7.27
C VAL N 209 78.95 -59.24 -6.10
N ASN N 210 78.48 -60.22 -5.32
CA ASN N 210 77.63 -59.93 -4.16
C ASN N 210 78.31 -58.99 -3.18
N ALA N 211 79.62 -59.16 -2.98
CA ALA N 211 80.37 -58.37 -2.01
C ALA N 211 80.63 -56.95 -2.51
N LEU N 212 81.02 -56.79 -3.77
CA LEU N 212 81.12 -55.45 -4.33
C LEU N 212 79.77 -54.73 -4.28
N MET N 213 78.68 -55.45 -4.55
CA MET N 213 77.36 -54.83 -4.48
C MET N 213 77.02 -54.40 -3.05
N ARG N 214 77.36 -55.23 -2.06
CA ARG N 214 77.15 -54.86 -0.67
C ARG N 214 78.04 -53.70 -0.25
N ALA N 215 79.23 -53.60 -0.84
CA ALA N 215 80.14 -52.52 -0.50
C ALA N 215 79.80 -51.24 -1.27
N LEU N 216 79.00 -51.37 -2.32
CA LEU N 216 78.51 -50.21 -3.05
C LEU N 216 77.26 -49.64 -2.43
N LEU N 217 76.33 -50.48 -2.00
CA LEU N 217 75.10 -49.97 -1.39
C LEU N 217 75.37 -49.06 -0.21
N THR N 218 76.52 -49.22 0.44
CA THR N 218 76.89 -48.41 1.59
C THR N 218 77.40 -47.02 1.21
N CYS N 219 77.65 -46.79 -0.08
CA CYS N 219 78.28 -45.57 -0.56
C CYS N 219 77.21 -44.59 -1.04
N GLY N 220 77.62 -43.60 -1.84
CA GLY N 220 76.74 -42.53 -2.25
C GLY N 220 75.53 -43.00 -3.04
N TYR N 221 74.65 -42.04 -3.34
CA TYR N 221 73.47 -42.35 -4.13
C TYR N 221 73.82 -42.74 -5.55
N THR N 222 74.83 -42.11 -6.13
CA THR N 222 75.29 -42.49 -7.46
C THR N 222 75.51 -43.98 -7.56
N HIS N 223 76.27 -44.55 -6.63
CA HIS N 223 76.54 -45.97 -6.63
C HIS N 223 75.35 -46.81 -6.19
N VAL N 224 74.56 -46.33 -5.22
CA VAL N 224 73.33 -47.04 -4.85
C VAL N 224 72.48 -47.31 -6.08
N SER N 225 72.45 -46.36 -7.02
CA SER N 225 71.79 -46.60 -8.29
C SER N 225 72.68 -47.27 -9.32
N ALA N 226 74.00 -47.28 -9.10
CA ALA N 226 74.91 -48.01 -9.98
C ALA N 226 74.89 -49.51 -9.76
N VAL N 227 74.53 -49.98 -8.56
CA VAL N 227 74.47 -51.40 -8.25
C VAL N 227 73.68 -52.08 -9.35
N PRO N 228 72.42 -51.68 -9.66
CA PRO N 228 71.69 -52.35 -10.73
C PRO N 228 71.77 -51.64 -12.08
N ASP N 229 72.66 -50.66 -12.20
CA ASP N 229 72.83 -50.00 -13.48
C ASP N 229 74.09 -50.40 -14.21
N ALA N 230 75.19 -50.60 -13.48
CA ALA N 230 76.43 -51.01 -14.11
C ALA N 230 77.03 -52.25 -13.48
N VAL N 231 76.74 -52.54 -12.22
CA VAL N 231 77.25 -53.77 -11.63
C VAL N 231 76.44 -54.97 -12.10
N TYR N 232 75.12 -54.84 -12.12
CA TYR N 232 74.30 -55.90 -12.70
C TYR N 232 74.59 -56.07 -14.18
N ASP N 233 74.67 -54.97 -14.92
CA ASP N 233 74.90 -55.10 -16.36
C ASP N 233 76.23 -55.77 -16.64
N ARG N 234 77.30 -55.33 -15.99
CA ARG N 234 78.61 -55.96 -16.14
C ARG N 234 78.58 -57.41 -15.71
N MET N 235 77.83 -57.74 -14.66
CA MET N 235 77.69 -59.13 -14.26
C MET N 235 77.12 -59.97 -15.39
N GLY N 236 75.95 -59.57 -15.91
CA GLY N 236 75.41 -60.26 -17.06
C GLY N 236 76.36 -60.34 -18.24
N LEU N 237 77.11 -59.26 -18.49
CA LEU N 237 78.01 -59.21 -19.63
C LEU N 237 79.14 -60.21 -19.49
N MET N 238 79.67 -60.37 -18.28
CA MET N 238 80.76 -61.31 -18.11
C MET N 238 80.25 -62.74 -17.95
N GLY N 239 78.97 -62.92 -17.64
CA GLY N 239 78.39 -64.24 -17.50
C GLY N 239 78.42 -64.80 -16.10
N ILE N 240 78.33 -63.95 -15.09
CA ILE N 240 78.33 -64.37 -13.68
C ILE N 240 76.90 -64.72 -13.30
N SER N 241 76.62 -66.02 -13.16
CA SER N 241 75.26 -66.45 -12.87
C SER N 241 74.85 -65.95 -11.49
N PRO N 242 73.75 -65.23 -11.36
CA PRO N 242 73.49 -64.47 -10.13
C PRO N 242 73.11 -65.36 -8.95
N THR N 243 73.54 -64.92 -7.79
CA THR N 243 73.25 -65.56 -6.51
C THR N 243 72.15 -64.78 -5.81
N ILE N 244 71.65 -65.34 -4.72
CA ILE N 244 70.53 -64.71 -4.03
C ILE N 244 70.92 -63.35 -3.53
N SER N 245 72.15 -63.18 -3.06
CA SER N 245 72.58 -61.88 -2.59
C SER N 245 72.56 -60.87 -3.73
N THR N 246 72.86 -61.31 -4.94
CA THR N 246 72.80 -60.40 -6.08
C THR N 246 71.37 -59.97 -6.38
N TYR N 247 70.42 -60.89 -6.30
CA TYR N 247 69.04 -60.47 -6.54
C TYR N 247 68.52 -59.59 -5.43
N GLU N 248 68.83 -59.91 -4.17
CA GLU N 248 68.38 -59.06 -3.07
C GLU N 248 69.08 -57.70 -3.11
N LEU N 249 70.28 -57.64 -3.67
CA LEU N 249 70.91 -56.34 -3.78
C LEU N 249 70.45 -55.60 -5.01
N VAL N 250 70.07 -56.32 -6.07
CA VAL N 250 69.29 -55.71 -7.12
C VAL N 250 68.11 -54.99 -6.52
N MET N 251 67.36 -55.70 -5.69
CA MET N 251 66.16 -55.13 -5.11
C MET N 251 66.49 -53.99 -4.18
N LEU N 252 67.48 -54.15 -3.30
CA LEU N 252 67.78 -53.10 -2.33
C LEU N 252 68.41 -51.85 -2.95
N ALA N 253 69.14 -52.01 -4.04
CA ALA N 253 69.62 -50.85 -4.77
C ALA N 253 68.48 -50.15 -5.49
N LEU N 254 67.60 -50.90 -6.15
CA LEU N 254 66.42 -50.26 -6.74
C LEU N 254 65.55 -49.61 -5.67
N SER N 255 65.53 -50.16 -4.46
CA SER N 255 64.71 -49.70 -3.36
C SER N 255 65.24 -48.42 -2.74
N LEU N 256 66.57 -48.28 -2.67
CA LEU N 256 67.16 -47.01 -2.25
C LEU N 256 67.35 -46.07 -3.44
N GLN N 257 67.06 -46.54 -4.65
CA GLN N 257 66.90 -45.64 -5.78
C GLN N 257 65.50 -45.04 -5.83
N GLY N 258 64.49 -45.80 -5.37
CA GLY N 258 63.10 -45.41 -5.45
C GLY N 258 62.30 -46.10 -6.54
N ASN N 259 62.87 -47.07 -7.23
CA ASN N 259 62.26 -47.61 -8.43
C ASN N 259 61.53 -48.91 -8.09
N MET N 260 60.48 -48.78 -7.27
CA MET N 260 59.68 -49.94 -6.90
C MET N 260 59.03 -50.62 -8.08
N LYS N 261 58.70 -49.88 -9.14
CA LYS N 261 58.17 -50.49 -10.36
C LYS N 261 59.15 -51.50 -10.96
N GLU N 262 60.42 -51.43 -10.59
CA GLU N 262 61.39 -52.42 -11.01
C GLU N 262 61.71 -53.42 -9.91
N ALA N 263 61.69 -52.98 -8.66
CA ALA N 263 61.93 -53.91 -7.56
C ALA N 263 60.85 -54.98 -7.45
N GLU N 264 59.58 -54.59 -7.46
CA GLU N 264 58.52 -55.59 -7.45
C GLU N 264 58.53 -56.45 -8.70
N SER N 265 59.14 -55.96 -9.78
CA SER N 265 59.33 -56.81 -10.96
C SER N 265 60.36 -57.89 -10.70
N VAL N 266 61.50 -57.52 -10.12
CA VAL N 266 62.47 -58.52 -9.70
C VAL N 266 61.80 -59.55 -8.82
N PHE N 267 61.01 -59.08 -7.86
CA PHE N 267 60.32 -59.97 -6.93
C PHE N 267 59.32 -60.88 -7.64
N SER N 268 58.65 -60.37 -8.66
CA SER N 268 57.78 -61.21 -9.47
C SER N 268 58.56 -62.33 -10.12
N PHE N 269 59.67 -62.01 -10.77
CA PHE N 269 60.46 -63.08 -11.38
C PHE N 269 60.88 -64.10 -10.33
N LEU N 270 61.26 -63.62 -9.16
CA LEU N 270 61.67 -64.57 -8.13
C LEU N 270 60.53 -65.45 -7.65
N ARG N 271 59.44 -64.87 -7.16
CA ARG N 271 58.29 -65.59 -6.63
C ARG N 271 57.71 -66.53 -7.66
N ARG N 272 57.85 -66.18 -8.93
CA ARG N 272 57.32 -67.00 -10.00
C ARG N 272 58.35 -67.98 -10.47
N HIS N 273 59.58 -67.86 -9.99
CA HIS N 273 60.55 -68.86 -10.39
C HIS N 273 61.31 -69.48 -9.23
N HIS N 274 61.78 -68.69 -8.27
CA HIS N 274 62.73 -69.16 -7.26
C HIS N 274 62.32 -68.72 -5.88
N ASN N 275 61.05 -68.92 -5.52
CA ASN N 275 60.61 -68.49 -4.20
C ASN N 275 61.29 -69.26 -3.09
N GLU N 276 61.73 -70.50 -3.32
CA GLU N 276 62.56 -71.14 -2.31
C GLU N 276 63.86 -70.39 -2.10
N HIS N 277 64.25 -69.56 -3.05
CA HIS N 277 65.47 -68.79 -2.90
C HIS N 277 65.23 -67.35 -2.52
N VAL N 278 63.98 -66.96 -2.24
CA VAL N 278 63.74 -65.63 -1.68
C VAL N 278 63.83 -65.70 -0.16
N THR N 279 64.71 -64.90 0.40
CA THR N 279 64.79 -64.75 1.84
C THR N 279 64.13 -63.44 2.24
N ILE N 280 64.20 -63.11 3.52
CA ILE N 280 63.47 -61.96 4.02
C ILE N 280 64.20 -60.64 3.76
N GLY N 281 65.49 -60.68 3.42
CA GLY N 281 66.18 -59.46 3.05
C GLY N 281 65.68 -58.82 1.77
N SER N 282 65.09 -59.62 0.87
CA SER N 282 64.50 -59.04 -0.33
C SER N 282 63.16 -58.39 -0.03
N PHE N 283 62.29 -59.06 0.72
CA PHE N 283 61.13 -58.36 1.23
C PHE N 283 61.52 -57.12 2.02
N ASN N 284 62.70 -57.15 2.66
CA ASN N 284 63.23 -55.95 3.29
C ASN N 284 63.49 -54.86 2.28
N ALA N 285 64.11 -55.21 1.16
CA ALA N 285 64.29 -54.25 0.08
C ALA N 285 62.96 -53.62 -0.32
N LEU N 286 61.91 -54.43 -0.44
CA LEU N 286 60.60 -53.86 -0.74
C LEU N 286 60.07 -52.95 0.36
N LEU N 287 60.11 -53.39 1.61
CA LEU N 287 59.58 -52.58 2.70
C LEU N 287 60.41 -51.32 2.91
N LEU N 288 61.62 -51.28 2.36
CA LEU N 288 62.41 -50.05 2.41
C LEU N 288 62.09 -49.15 1.22
N GLY N 289 61.97 -49.71 0.02
CA GLY N 289 61.72 -48.92 -1.16
C GLY N 289 60.34 -48.34 -1.24
N HIS N 290 59.32 -49.10 -0.84
CA HIS N 290 58.02 -48.49 -0.73
C HIS N 290 57.98 -47.41 0.32
N ARG N 291 58.65 -47.63 1.44
CA ARG N 291 58.82 -46.57 2.41
C ARG N 291 59.46 -45.34 1.78
N GLU N 292 60.43 -45.55 0.88
CA GLU N 292 61.12 -44.46 0.23
C GLU N 292 60.21 -43.69 -0.71
N CYS N 293 59.50 -44.42 -1.58
CA CYS N 293 58.51 -43.83 -2.49
C CYS N 293 57.19 -43.53 -1.81
N ARG N 294 57.16 -43.58 -0.48
CA ARG N 294 55.99 -43.22 0.30
C ARG N 294 54.77 -44.08 -0.06
N GLN N 295 55.02 -45.22 -0.70
CA GLN N 295 53.94 -46.13 -1.06
C GLN N 295 53.49 -46.87 0.18
N PHE N 296 52.99 -46.12 1.15
CA PHE N 296 52.56 -46.70 2.41
C PHE N 296 51.32 -47.57 2.29
N ASP N 297 50.77 -47.74 1.09
CA ASP N 297 49.83 -48.83 0.88
C ASP N 297 50.54 -50.12 0.51
N ARG N 298 51.51 -50.08 -0.40
CA ARG N 298 52.28 -51.28 -0.69
C ARG N 298 53.08 -51.76 0.51
N CYS N 299 53.56 -50.85 1.34
CA CYS N 299 54.23 -51.27 2.57
C CYS N 299 53.33 -52.19 3.38
N ASP N 300 52.10 -51.75 3.69
CA ASP N 300 51.19 -52.58 4.49
C ASP N 300 50.76 -53.83 3.73
N ALA N 301 50.62 -53.72 2.41
CA ALA N 301 50.32 -54.91 1.62
C ALA N 301 51.36 -55.98 1.85
N ILE N 302 52.65 -55.63 1.75
CA ILE N 302 53.67 -56.65 1.93
C ILE N 302 53.84 -57.05 3.40
N TRP N 303 53.51 -56.18 4.35
CA TRP N 303 53.55 -56.60 5.74
C TRP N 303 52.52 -57.66 6.04
N GLN N 304 51.29 -57.47 5.55
CA GLN N 304 50.30 -58.52 5.73
C GLN N 304 50.60 -59.73 4.86
N GLU N 305 51.18 -59.53 3.68
CA GLU N 305 51.68 -60.65 2.90
C GLU N 305 52.61 -61.53 3.73
N LEU N 306 53.51 -60.90 4.49
CA LEU N 306 54.48 -61.63 5.29
C LEU N 306 53.87 -62.21 6.55
N VAL N 307 52.94 -61.52 7.19
CA VAL N 307 52.20 -62.15 8.27
C VAL N 307 51.50 -63.42 7.77
N ASP N 308 51.05 -63.41 6.51
CA ASP N 308 50.50 -64.62 5.94
C ASP N 308 51.59 -65.66 5.75
N ARG N 309 52.53 -65.36 4.85
CA ARG N 309 53.65 -66.25 4.59
C ARG N 309 54.68 -66.09 5.68
N ARG N 310 54.62 -66.96 6.69
CA ARG N 310 55.61 -66.92 7.74
C ARG N 310 56.91 -67.58 7.31
N TRP N 311 57.16 -67.58 6.00
CA TRP N 311 58.36 -68.08 5.40
C TRP N 311 58.68 -67.17 4.22
N PRO N 312 59.80 -66.43 4.27
CA PRO N 312 60.81 -66.43 5.32
C PRO N 312 60.38 -65.65 6.55
N ARG N 313 61.08 -65.86 7.66
CA ARG N 313 60.77 -65.16 8.89
C ARG N 313 61.29 -63.74 8.81
N ALA N 314 60.49 -62.78 9.30
CA ALA N 314 60.84 -61.38 9.21
C ALA N 314 61.92 -61.04 10.23
N SER N 315 63.10 -60.65 9.75
CA SER N 315 64.17 -60.26 10.64
C SER N 315 63.74 -59.03 11.43
N THR N 316 64.36 -58.80 12.58
CA THR N 316 64.03 -57.63 13.37
C THR N 316 64.25 -56.33 12.58
N LEU N 317 65.18 -56.35 11.63
CA LEU N 317 65.31 -55.19 10.76
C LEU N 317 64.05 -54.95 9.96
N THR N 318 63.34 -56.01 9.58
CA THR N 318 62.13 -55.84 8.78
C THR N 318 61.00 -55.28 9.61
N ALA N 319 60.86 -55.74 10.85
CA ALA N 319 59.88 -55.13 11.73
C ALA N 319 60.18 -53.66 11.95
N GLU N 320 61.45 -53.32 12.19
CA GLU N 320 61.83 -51.92 12.32
C GLU N 320 61.47 -51.14 11.07
N LEU N 321 61.81 -51.70 9.90
CA LEU N 321 61.50 -51.08 8.63
C LEU N 321 60.03 -50.74 8.52
N TYR N 322 59.16 -51.71 8.73
CA TYR N 322 57.73 -51.48 8.56
C TYR N 322 57.19 -50.51 9.60
N LEU N 323 57.59 -50.66 10.86
CA LEU N 323 57.10 -49.71 11.85
C LEU N 323 57.55 -48.29 11.55
N ARG N 324 58.82 -48.10 11.16
CA ARG N 324 59.26 -46.76 10.78
C ARG N 324 58.49 -46.26 9.58
N SER N 325 58.15 -47.15 8.64
CA SER N 325 57.30 -46.75 7.52
C SER N 325 55.98 -46.21 8.03
N ILE N 326 55.34 -46.93 8.94
CA ILE N 326 54.03 -46.51 9.40
C ILE N 326 54.13 -45.21 10.19
N VAL N 327 55.23 -44.99 10.91
CA VAL N 327 55.30 -43.75 11.68
C VAL N 327 55.62 -42.57 10.79
N ASP N 328 56.57 -42.71 9.88
CA ASP N 328 56.77 -41.68 8.87
C ASP N 328 55.48 -41.39 8.14
N HIS N 329 54.70 -42.43 7.85
CA HIS N 329 53.45 -42.23 7.14
C HIS N 329 52.41 -41.56 7.99
N SER N 330 52.34 -41.88 9.26
CA SER N 330 51.37 -41.25 10.13
C SER N 330 51.73 -39.83 10.44
N TYR N 331 52.99 -39.44 10.20
CA TYR N 331 53.36 -38.04 10.23
C TYR N 331 53.16 -37.37 8.88
N THR N 332 52.98 -38.14 7.83
CA THR N 332 52.75 -37.55 6.51
C THR N 332 51.44 -36.74 6.53
N PRO N 333 51.48 -35.44 6.22
CA PRO N 333 50.30 -34.60 6.43
C PRO N 333 49.44 -34.43 5.19
N THR N 334 48.14 -34.30 5.43
CA THR N 334 47.15 -34.24 4.36
C THR N 334 47.07 -32.83 3.77
N SER N 335 46.01 -32.55 3.03
CA SER N 335 45.89 -31.31 2.29
C SER N 335 45.13 -30.24 3.08
N GLY N 336 45.05 -29.05 2.48
CA GLY N 336 44.27 -27.97 3.07
C GLY N 336 42.78 -28.21 3.12
N PRO N 337 42.16 -28.65 2.02
CA PRO N 337 40.74 -29.01 2.09
C PRO N 337 40.43 -30.15 3.05
N LEU N 338 41.44 -30.80 3.62
CA LEU N 338 41.23 -31.83 4.64
C LEU N 338 41.74 -31.42 6.01
N GLN N 339 42.44 -30.29 6.11
CA GLN N 339 43.14 -29.91 7.33
C GLN N 339 42.40 -28.87 8.13
N ARG N 340 41.08 -28.92 8.19
CA ARG N 340 40.37 -28.02 9.08
C ARG N 340 40.12 -28.65 10.44
N PHE N 341 39.88 -29.95 10.50
CA PHE N 341 39.51 -30.61 11.74
C PHE N 341 40.64 -31.38 12.38
N GLY N 342 41.76 -31.60 11.69
CA GLY N 342 42.89 -32.26 12.30
C GLY N 342 43.80 -32.85 11.24
N ASN N 343 44.98 -33.26 11.69
CA ASN N 343 45.98 -33.84 10.81
C ASN N 343 45.69 -35.33 10.68
N ILE N 344 45.06 -35.71 9.57
CA ILE N 344 44.32 -36.98 9.55
C ILE N 344 45.22 -38.19 9.65
N ASN N 345 46.27 -38.28 8.84
CA ASN N 345 47.05 -39.52 8.81
C ASN N 345 47.66 -39.86 10.14
N VAL N 346 47.41 -39.06 11.19
CA VAL N 346 47.64 -39.54 12.53
C VAL N 346 46.90 -40.83 12.77
N VAL N 347 45.85 -41.10 12.01
CA VAL N 347 45.15 -42.36 12.13
C VAL N 347 45.94 -43.51 11.54
N GLU N 348 46.83 -43.25 10.60
CA GLU N 348 47.69 -44.33 10.13
C GLU N 348 48.66 -44.77 11.21
N LYS N 349 48.58 -44.19 12.40
CA LYS N 349 49.19 -44.71 13.61
C LYS N 349 48.22 -45.53 14.43
N LYS N 350 47.21 -46.14 13.82
CA LYS N 350 46.35 -47.06 14.54
C LYS N 350 46.78 -48.51 14.36
N LYS N 351 47.24 -48.90 13.18
CA LYS N 351 47.65 -50.28 12.95
C LYS N 351 48.86 -50.67 13.77
N ILE N 352 49.59 -49.70 14.29
CA ILE N 352 50.86 -49.96 14.96
C ILE N 352 50.66 -51.01 16.05
N PRO N 353 49.68 -50.89 16.96
CA PRO N 353 49.47 -51.98 17.92
C PRO N 353 49.14 -53.31 17.26
N LEU N 354 48.37 -53.33 16.18
CA LEU N 354 48.13 -54.56 15.46
C LEU N 354 49.40 -55.08 14.81
N VAL N 355 50.26 -54.16 14.38
CA VAL N 355 51.58 -54.55 13.92
C VAL N 355 52.33 -55.28 15.01
N LEU N 356 52.25 -54.77 16.25
CA LEU N 356 52.93 -55.44 17.36
C LEU N 356 52.31 -56.79 17.68
N ALA N 357 51.00 -56.93 17.50
CA ALA N 357 50.37 -58.24 17.71
C ALA N 357 50.86 -59.25 16.69
N GLN N 358 50.87 -58.85 15.42
CA GLN N 358 51.37 -59.73 14.39
C GLN N 358 52.87 -59.97 14.55
N MET N 359 53.59 -59.05 15.20
CA MET N 359 54.97 -59.34 15.59
C MET N 359 55.04 -60.42 16.65
N ASP N 360 54.35 -60.22 17.79
CA ASP N 360 54.27 -61.23 18.83
C ASP N 360 53.92 -62.60 18.26
N ASP N 361 53.09 -62.63 17.21
CA ASP N 361 52.70 -63.90 16.62
C ASP N 361 53.68 -64.35 15.55
N LEU N 362 54.55 -63.48 15.09
CA LEU N 362 55.57 -63.90 14.15
C LEU N 362 56.89 -64.25 14.82
N GLY N 363 57.03 -63.95 16.11
CA GLY N 363 58.27 -64.25 16.81
C GLY N 363 59.39 -63.27 16.56
N ILE N 364 59.13 -61.98 16.68
CA ILE N 364 60.13 -60.93 16.53
C ILE N 364 60.00 -59.99 17.72
N PRO N 365 60.87 -60.08 18.71
CA PRO N 365 60.61 -59.39 19.99
C PRO N 365 60.64 -57.88 19.82
N ARG N 366 59.57 -57.23 20.27
CA ARG N 366 59.48 -55.78 20.16
C ARG N 366 60.60 -55.08 20.90
N ALA N 367 61.09 -55.63 22.01
CA ALA N 367 62.24 -55.04 22.69
C ALA N 367 63.48 -55.11 21.83
N HIS N 368 63.49 -55.97 20.82
CA HIS N 368 64.58 -55.98 19.85
C HIS N 368 64.27 -55.10 18.66
N LEU N 369 64.00 -53.85 18.97
CA LEU N 369 63.88 -52.78 18.00
C LEU N 369 64.97 -51.77 18.26
N SER N 370 64.80 -50.59 17.71
CA SER N 370 65.59 -49.43 18.13
C SER N 370 64.88 -48.71 19.26
N ARG N 371 65.64 -48.00 20.09
CA ARG N 371 65.02 -47.17 21.11
C ARG N 371 64.42 -45.89 20.53
N PRO N 372 65.07 -45.21 19.57
CA PRO N 372 64.41 -44.06 18.95
C PRO N 372 63.08 -44.41 18.28
N LEU N 373 63.00 -45.54 17.59
CA LEU N 373 61.73 -45.95 17.00
C LEU N 373 60.74 -46.36 18.08
N MET N 374 61.21 -47.08 19.09
CA MET N 374 60.35 -47.39 20.21
C MET N 374 59.87 -46.14 20.93
N ASP N 375 60.51 -44.99 20.72
CA ASP N 375 59.99 -43.75 21.27
C ASP N 375 58.62 -43.44 20.69
N GLU N 376 58.55 -43.26 19.38
CA GLU N 376 57.27 -43.03 18.74
C GLU N 376 56.31 -44.17 18.96
N VAL N 377 56.79 -45.41 19.06
CA VAL N 377 55.86 -46.53 19.21
C VAL N 377 55.27 -46.59 20.61
N GLU N 378 56.06 -46.32 21.66
CA GLU N 378 55.45 -46.20 22.98
C GLU N 378 54.52 -45.01 23.05
N ASP N 379 54.83 -43.93 22.34
CA ASP N 379 53.90 -42.83 22.21
C ASP N 379 52.59 -43.28 21.58
N ALA N 380 52.66 -44.06 20.51
CA ALA N 380 51.44 -44.54 19.87
C ALA N 380 50.69 -45.50 20.76
N LEU N 381 51.39 -46.25 21.61
CA LEU N 381 50.71 -47.18 22.50
C LEU N 381 49.99 -46.46 23.63
N ARG N 382 50.47 -45.28 24.02
CA ARG N 382 49.68 -44.47 24.94
C ARG N 382 48.75 -43.52 24.20
N LYS N 383 48.81 -43.50 22.87
CA LYS N 383 47.95 -42.65 22.05
C LYS N 383 46.67 -43.37 21.63
N PHE N 384 46.81 -44.52 20.97
CA PHE N 384 45.69 -45.22 20.36
C PHE N 384 45.44 -46.59 20.98
N HIS N 385 46.03 -46.86 22.14
CA HIS N 385 46.05 -48.20 22.69
C HIS N 385 45.65 -48.13 24.15
N ILE N 386 44.82 -49.07 24.58
CA ILE N 386 44.25 -49.05 25.92
C ILE N 386 43.95 -50.48 26.31
N TYR N 387 44.07 -50.76 27.59
CA TYR N 387 43.70 -52.08 28.10
C TYR N 387 42.30 -52.02 28.69
N LYS N 388 41.55 -53.09 28.46
CA LYS N 388 40.19 -53.20 29.00
C LYS N 388 40.07 -52.65 30.41
N SER N 389 41.12 -52.78 31.21
CA SER N 389 41.10 -52.23 32.55
C SER N 389 41.13 -50.70 32.53
N ARG N 390 41.94 -50.11 31.65
CA ARG N 390 41.94 -48.65 31.59
C ARG N 390 40.71 -48.12 30.88
N TYR N 391 40.04 -48.97 30.11
CA TYR N 391 38.81 -48.58 29.44
C TYR N 391 37.62 -48.66 30.38
N TYR N 392 37.66 -49.54 31.35
CA TYR N 392 36.62 -49.60 32.37
C TYR N 392 36.59 -48.37 33.28
N GLU N 393 37.63 -47.55 33.28
CA GLU N 393 37.70 -46.41 34.19
C GLU N 393 38.37 -45.18 33.59
N TRP N 394 38.56 -45.12 32.28
CA TRP N 394 39.10 -43.92 31.65
C TRP N 394 38.04 -42.86 31.45
N GLY N 395 36.78 -43.24 31.44
CA GLY N 395 35.73 -42.28 31.31
C GLY N 395 35.33 -41.76 32.67
N ARG N 396 36.26 -41.76 33.62
CA ARG N 396 35.91 -41.20 34.92
C ARG N 396 35.65 -39.71 34.79
N ALA N 397 34.67 -39.22 35.56
CA ALA N 397 34.35 -37.81 35.48
C ALA N 397 35.54 -36.95 35.85
N VAL N 398 36.28 -37.32 36.88
CA VAL N 398 37.41 -36.51 37.28
C VAL N 398 38.54 -36.60 36.27
N LYS N 399 38.67 -37.72 35.56
CA LYS N 399 39.60 -37.75 34.45
C LYS N 399 39.19 -36.81 33.32
N GLN N 400 37.90 -36.80 32.99
CA GLN N 400 37.38 -35.77 32.11
C GLN N 400 37.75 -34.38 32.59
N PHE N 401 37.57 -34.12 33.87
CA PHE N 401 37.70 -32.77 34.37
C PHE N 401 39.15 -32.37 34.62
N ASN N 402 40.05 -33.32 34.73
CA ASN N 402 41.47 -32.97 34.73
C ASN N 402 41.99 -32.74 33.33
N PHE N 403 41.46 -33.44 32.33
CA PHE N 403 41.68 -32.97 30.97
C PHE N 403 41.18 -31.55 30.81
N ILE N 404 40.01 -31.24 31.36
CA ILE N 404 39.44 -29.91 31.24
C ILE N 404 40.34 -28.88 31.92
N GLU N 405 40.73 -29.14 33.16
CA GLU N 405 41.56 -28.18 33.89
C GLU N 405 42.95 -28.05 33.30
N PHE N 406 43.50 -29.12 32.70
CA PHE N 406 44.78 -28.99 32.03
C PHE N 406 44.65 -28.13 30.78
N ARG N 407 43.62 -28.35 29.98
CA ARG N 407 43.38 -27.47 28.86
C ARG N 407 43.16 -26.04 29.33
N ARG N 408 42.52 -25.88 30.49
CA ARG N 408 42.28 -24.57 31.05
C ARG N 408 43.58 -23.85 31.35
N ARG N 409 44.44 -24.44 32.19
CA ARG N 409 45.69 -23.82 32.57
C ARG N 409 46.74 -23.86 31.46
N ASN N 410 46.49 -24.58 30.37
CA ASN N 410 47.26 -24.37 29.15
C ASN N 410 46.58 -23.39 28.21
N GLY N 411 45.43 -22.84 28.59
CA GLY N 411 44.83 -21.75 27.85
C GLY N 411 44.07 -22.16 26.62
N TRP N 412 43.57 -23.39 26.58
CA TRP N 412 42.86 -23.90 25.42
C TRP N 412 41.52 -24.45 25.87
N MET N 413 40.46 -23.75 25.53
CA MET N 413 39.11 -24.25 25.71
C MET N 413 38.29 -24.12 24.42
N TYR N 414 38.97 -24.04 23.27
CA TYR N 414 38.28 -23.88 22.01
C TYR N 414 37.76 -25.19 21.45
N ASP N 415 38.58 -26.25 21.47
CA ASP N 415 38.15 -27.56 21.04
C ASP N 415 37.23 -28.26 22.04
N LEU N 416 37.21 -27.80 23.28
CA LEU N 416 36.56 -28.55 24.35
C LEU N 416 35.06 -28.34 24.30
N HIS N 417 34.31 -29.37 24.72
CA HIS N 417 32.86 -29.34 24.65
C HIS N 417 32.26 -28.38 25.66
N LEU N 418 32.42 -28.66 26.95
CA LEU N 418 31.80 -27.79 27.94
C LEU N 418 32.42 -26.40 27.93
N MET N 419 33.75 -26.33 27.93
CA MET N 419 34.46 -25.09 28.21
C MET N 419 34.50 -24.15 27.02
N LYS N 420 33.78 -24.45 25.95
CA LYS N 420 33.66 -23.50 24.85
C LYS N 420 32.25 -22.92 24.82
N ASN N 421 32.17 -21.62 24.58
CA ASN N 421 30.91 -20.92 24.39
C ASN N 421 30.93 -20.24 23.02
N THR N 422 30.18 -20.80 22.09
CA THR N 422 29.98 -20.24 20.76
C THR N 422 28.73 -19.37 20.81
N THR N 423 28.93 -18.06 20.97
CA THR N 423 27.82 -17.12 21.11
C THR N 423 27.40 -16.49 19.80
N LYS N 424 28.22 -16.62 18.76
CA LYS N 424 27.92 -16.04 17.46
C LYS N 424 27.29 -17.11 16.59
N GLN N 425 25.96 -17.10 16.49
CA GLN N 425 25.25 -18.08 15.69
C GLN N 425 25.01 -17.50 14.30
N VAL N 426 25.46 -18.24 13.29
CA VAL N 426 25.56 -17.77 11.92
C VAL N 426 24.18 -17.66 11.31
N GLY N 427 23.97 -16.63 10.50
CA GLY N 427 22.76 -16.48 9.75
C GLY N 427 22.86 -17.02 8.34
N PRO N 428 21.71 -17.12 7.68
CA PRO N 428 21.66 -17.76 6.37
C PRO N 428 21.68 -16.75 5.25
N LEU N 429 21.93 -17.25 4.05
CA LEU N 429 21.81 -16.47 2.84
C LEU N 429 20.33 -16.22 2.61
N ARG N 430 19.91 -14.96 2.71
CA ARG N 430 18.55 -14.58 2.34
C ARG N 430 18.35 -14.78 0.85
N ASP N 431 17.10 -14.92 0.44
CA ASP N 431 16.75 -15.23 -0.93
C ASP N 431 16.05 -14.04 -1.55
N PHE N 432 16.59 -13.53 -2.65
CA PHE N 432 15.90 -12.48 -3.41
C PHE N 432 14.62 -12.99 -4.03
N ASN N 433 14.57 -14.29 -4.34
CA ASN N 433 13.44 -14.86 -5.07
C ASN N 433 12.22 -15.06 -4.17
N GLN N 434 12.43 -15.32 -2.88
CA GLN N 434 11.32 -15.48 -1.94
C GLN N 434 11.43 -14.47 -0.81
N PRO N 435 11.16 -13.18 -1.08
CA PRO N 435 11.27 -12.18 0.00
C PRO N 435 10.04 -12.07 0.89
N ASP N 436 9.09 -12.98 0.81
CA ASP N 436 7.82 -12.87 1.54
C ASP N 436 7.75 -13.78 2.77
N ALA N 437 8.61 -14.78 2.88
CA ALA N 437 8.52 -15.78 3.94
C ALA N 437 9.42 -15.37 5.10
N THR N 438 8.83 -15.29 6.29
CA THR N 438 9.57 -15.06 7.53
C THR N 438 10.31 -16.33 7.93
N GLN N 439 11.39 -16.60 7.20
CA GLN N 439 12.24 -17.77 7.36
C GLN N 439 12.48 -18.16 8.82
N ALA N 440 12.33 -19.44 9.15
CA ALA N 440 12.45 -19.95 10.51
C ALA N 440 13.05 -21.35 10.55
N PRO N 441 13.75 -21.72 11.63
CA PRO N 441 14.73 -22.81 11.55
C PRO N 441 14.13 -24.20 11.64
N VAL N 442 14.92 -25.16 11.20
CA VAL N 442 14.59 -26.57 11.36
C VAL N 442 15.62 -27.26 12.25
N ALA N 443 16.73 -26.59 12.54
CA ALA N 443 17.79 -27.21 13.32
C ALA N 443 18.77 -26.13 13.78
N THR N 444 19.66 -26.54 14.68
CA THR N 444 20.83 -25.75 15.06
C THR N 444 22.00 -26.68 15.27
N VAL N 445 23.18 -26.22 14.87
CA VAL N 445 24.42 -26.94 15.10
C VAL N 445 25.51 -25.95 15.42
N GLU N 446 26.40 -26.34 16.32
CA GLU N 446 27.56 -25.52 16.64
C GLU N 446 28.71 -26.03 15.78
N ILE N 447 28.55 -25.82 14.48
CA ILE N 447 29.55 -26.12 13.46
C ILE N 447 30.68 -25.12 13.64
N PRO N 448 31.86 -25.37 13.11
CA PRO N 448 32.94 -24.39 13.18
C PRO N 448 32.72 -23.25 12.21
N ALA N 449 33.38 -22.14 12.48
CA ALA N 449 33.04 -20.89 11.86
C ALA N 449 33.46 -20.77 10.41
N PHE N 450 34.30 -21.67 9.90
CA PHE N 450 34.81 -21.52 8.55
C PHE N 450 33.85 -21.98 7.47
N PHE N 451 32.70 -22.53 7.87
CA PHE N 451 31.80 -23.13 6.88
C PHE N 451 31.03 -22.07 6.12
N ASN N 452 30.23 -21.28 6.83
CA ASN N 452 29.53 -20.18 6.21
C ASN N 452 30.19 -18.92 6.73
N GLU N 453 31.28 -18.53 6.07
CA GLU N 453 32.08 -17.39 6.48
C GLU N 453 31.93 -16.29 5.45
N ARG N 454 32.06 -15.05 5.91
CA ARG N 454 32.22 -13.95 4.98
C ARG N 454 33.57 -14.08 4.29
N PRO N 455 33.61 -14.15 2.96
CA PRO N 455 34.82 -14.58 2.27
C PRO N 455 36.02 -13.69 2.55
N ALA N 456 37.17 -14.14 2.05
CA ALA N 456 38.44 -13.52 2.38
C ALA N 456 38.56 -12.09 1.83
N TRP N 457 37.72 -11.73 0.86
CA TRP N 457 37.64 -10.36 0.39
C TRP N 457 36.48 -9.60 0.99
N GLU N 458 35.35 -10.26 1.23
CA GLU N 458 34.21 -9.59 1.83
C GLU N 458 34.46 -9.23 3.28
N GLN N 459 35.44 -9.81 3.91
CA GLN N 459 35.81 -9.33 5.22
C GLN N 459 36.99 -8.37 5.11
N PRO N 460 37.23 -7.55 6.13
CA PRO N 460 38.44 -6.71 6.14
C PRO N 460 39.71 -7.55 6.04
N PRO N 461 40.87 -6.93 5.81
CA PRO N 461 42.10 -7.72 5.77
C PRO N 461 42.41 -8.29 7.15
N LEU N 462 43.54 -8.97 7.28
CA LEU N 462 43.82 -9.86 8.39
C LEU N 462 43.33 -9.30 9.73
N GLU N 463 42.51 -10.09 10.43
CA GLU N 463 41.88 -9.65 11.66
C GLU N 463 42.40 -10.37 12.90
N GLU N 464 43.32 -11.31 12.76
CA GLU N 464 44.04 -11.78 13.93
C GLU N 464 44.91 -10.69 14.52
N THR N 465 45.39 -9.75 13.69
CA THR N 465 46.37 -8.76 14.10
C THR N 465 45.77 -7.36 14.21
N LEU N 466 45.18 -6.84 13.13
CA LEU N 466 44.85 -5.43 13.06
C LEU N 466 43.54 -5.09 13.75
N TYR N 467 42.53 -5.97 13.70
CA TYR N 467 41.24 -5.68 14.31
C TYR N 467 40.85 -6.86 15.22
N VAL N 468 41.07 -6.69 16.52
CA VAL N 468 40.64 -7.70 17.47
C VAL N 468 39.11 -7.68 17.45
N THR N 469 38.50 -8.80 17.05
CA THR N 469 37.05 -8.95 17.08
C THR N 469 36.65 -9.72 18.32
N GLU N 470 35.77 -9.13 19.14
CA GLU N 470 35.24 -9.83 20.30
C GLU N 470 33.74 -9.58 20.35
N SER N 471 32.96 -10.65 20.44
CA SER N 471 31.52 -10.52 20.60
C SER N 471 31.21 -10.65 22.08
N ARG N 472 31.10 -9.50 22.76
CA ARG N 472 30.81 -9.46 24.18
C ARG N 472 29.36 -9.09 24.39
N GLU N 473 28.85 -9.39 25.57
CA GLU N 473 27.49 -9.08 25.92
C GLU N 473 27.36 -7.67 26.47
N ARG N 474 26.30 -6.98 26.07
CA ARG N 474 26.09 -5.62 26.52
C ARG N 474 25.69 -5.63 27.98
N TYR N 475 26.22 -4.66 28.73
CA TYR N 475 25.77 -4.51 30.10
C TYR N 475 24.41 -3.83 30.17
N ASP N 476 24.16 -2.89 29.26
CA ASP N 476 22.85 -2.28 29.15
C ASP N 476 21.83 -3.27 28.58
N ASP N 477 20.58 -3.09 28.98
CA ASP N 477 19.54 -4.05 28.62
C ASP N 477 19.23 -3.93 27.13
N VAL N 478 18.93 -5.06 26.51
CA VAL N 478 18.46 -5.12 25.13
C VAL N 478 17.25 -6.03 25.10
N ARG N 479 16.14 -5.50 24.61
CA ARG N 479 14.97 -6.35 24.41
C ARG N 479 15.04 -7.08 23.09
N SER N 480 14.91 -6.36 21.98
CA SER N 480 15.16 -6.89 20.66
C SER N 480 16.53 -6.40 20.23
N GLY N 481 17.27 -7.28 19.59
CA GLY N 481 18.68 -7.10 19.43
C GLY N 481 19.45 -8.07 20.28
N ASP N 482 20.46 -8.66 19.68
CA ASP N 482 21.20 -9.76 20.29
C ASP N 482 21.76 -9.34 21.65
N ILE N 483 22.02 -10.34 22.49
CA ILE N 483 22.72 -10.03 23.72
C ILE N 483 24.23 -10.00 23.52
N TYR N 484 24.75 -10.77 22.58
CA TYR N 484 26.19 -10.83 22.28
C TYR N 484 26.51 -9.92 21.10
N GLU N 485 26.74 -8.65 21.38
CA GLU N 485 27.07 -7.70 20.34
C GLU N 485 28.55 -7.84 20.01
N ASP N 486 28.88 -7.68 18.73
CA ASP N 486 30.24 -7.86 18.25
C ASP N 486 30.94 -6.51 18.15
N ARG N 487 31.79 -6.23 19.13
CA ARG N 487 32.67 -5.08 19.07
C ARG N 487 33.94 -5.52 18.35
N THR N 488 34.18 -4.94 17.18
CA THR N 488 35.38 -5.20 16.42
C THR N 488 36.32 -4.03 16.59
N ARG N 489 37.18 -4.09 17.60
CA ARG N 489 37.96 -2.93 17.97
C ARG N 489 39.40 -3.13 17.52
N SER N 490 39.99 -2.07 17.00
CA SER N 490 41.28 -2.14 16.35
C SER N 490 42.40 -2.22 17.38
N LEU N 491 43.59 -2.51 16.88
CA LEU N 491 44.76 -2.58 17.74
C LEU N 491 45.21 -1.20 18.18
N HIS N 492 45.06 -0.19 17.32
CA HIS N 492 45.61 1.15 17.54
C HIS N 492 44.58 2.14 18.03
N ASP N 493 43.67 1.74 18.89
CA ASP N 493 42.67 2.67 19.39
C ASP N 493 43.31 3.64 20.37
N ARG N 494 43.71 4.80 19.85
CA ARG N 494 44.18 5.89 20.68
C ARG N 494 43.20 7.04 20.53
N SER N 495 42.89 7.67 21.67
CA SER N 495 41.74 8.56 21.76
C SER N 495 41.85 9.71 20.75
N PRO N 496 40.72 10.25 20.30
CA PRO N 496 40.78 11.39 19.37
C PRO N 496 41.48 12.60 19.95
N THR N 497 41.59 12.69 21.27
CA THR N 497 42.33 13.74 21.97
C THR N 497 43.57 13.17 22.64
N TRP N 498 44.25 12.23 22.00
CA TRP N 498 45.43 11.63 22.59
C TRP N 498 46.56 12.64 22.73
N MET N 499 46.53 13.73 21.96
CA MET N 499 47.54 14.76 22.15
C MET N 499 47.47 15.38 23.53
N ASN N 500 46.28 15.41 24.13
CA ASN N 500 46.08 16.13 25.38
C ASN N 500 46.05 15.21 26.59
N GLU N 501 46.22 13.90 26.40
CA GLU N 501 46.42 12.96 27.50
C GLU N 501 47.80 12.32 27.45
N VAL N 502 48.84 13.09 27.20
CA VAL N 502 50.20 12.58 27.22
C VAL N 502 51.10 13.75 27.58
N PRO N 503 52.23 13.52 28.24
CA PRO N 503 53.18 14.60 28.47
C PRO N 503 53.72 15.15 27.17
N GLU N 504 53.82 16.48 27.10
CA GLU N 504 54.19 17.15 25.88
C GLU N 504 55.58 16.76 25.43
N THR N 505 55.73 16.55 24.12
CA THR N 505 56.98 16.21 23.48
C THR N 505 57.64 17.50 22.98
N ARG N 506 58.74 17.35 22.27
CA ARG N 506 59.29 18.45 21.50
C ARG N 506 58.61 18.62 20.17
N TYR N 507 57.43 18.02 20.01
CA TYR N 507 56.62 18.12 18.80
C TYR N 507 55.45 19.06 18.94
N ASP N 508 55.31 19.77 20.06
CA ASP N 508 54.17 20.65 20.27
C ASP N 508 53.98 21.66 19.15
N HIS N 509 55.08 22.23 18.64
CA HIS N 509 55.05 23.23 17.58
C HIS N 509 54.80 22.63 16.21
N LEU N 510 54.77 21.30 16.09
CA LEU N 510 54.58 20.65 14.81
C LEU N 510 53.12 20.35 14.52
N TYR N 511 52.22 21.19 15.01
CA TYR N 511 50.81 20.91 14.82
C TYR N 511 50.39 21.13 13.37
N GLY N 512 49.55 20.23 12.86
CA GLY N 512 48.86 20.44 11.61
C GLY N 512 49.72 20.54 10.37
N VAL N 513 50.99 20.22 10.45
CA VAL N 513 51.89 20.37 9.31
C VAL N 513 51.62 19.23 8.34
N ASN N 514 52.04 19.41 7.07
CA ASN N 514 51.78 18.38 6.06
C ASN N 514 53.04 17.61 5.70
N HIS N 515 54.12 18.32 5.37
CA HIS N 515 55.43 17.70 5.14
C HIS N 515 56.48 18.48 5.92
N PRO N 516 56.42 18.47 7.25
CA PRO N 516 57.20 19.41 8.04
C PRO N 516 58.69 19.40 7.74
N ASP N 517 59.32 20.55 7.97
CA ASP N 517 60.76 20.70 7.77
C ASP N 517 61.46 20.21 9.02
N ILE N 518 61.28 18.92 9.33
CA ILE N 518 61.77 18.33 10.57
C ILE N 518 63.28 18.41 10.70
N ALA N 519 64.01 18.56 9.60
CA ALA N 519 65.46 18.70 9.70
C ALA N 519 65.88 19.86 10.59
N LYS N 520 65.08 20.94 10.65
CA LYS N 520 65.48 22.09 11.44
C LYS N 520 65.24 21.86 12.93
N ILE N 521 64.13 21.21 13.29
CA ILE N 521 63.89 20.90 14.69
C ILE N 521 64.62 19.64 15.14
N GLY N 522 65.31 18.95 14.23
CA GLY N 522 66.12 17.82 14.61
C GLY N 522 67.35 18.22 15.40
N ILE N 523 68.13 17.21 15.79
CA ILE N 523 69.39 17.49 16.46
C ILE N 523 70.59 17.19 15.60
N ARG N 524 70.46 16.32 14.59
CA ARG N 524 71.52 16.16 13.60
C ARG N 524 71.89 17.50 12.99
N ARG N 525 71.04 18.52 13.16
CA ARG N 525 71.38 19.88 12.76
C ARG N 525 72.47 20.47 13.64
N HIS N 526 72.37 20.28 14.95
CA HIS N 526 73.40 20.77 15.86
C HIS N 526 74.63 19.89 15.89
N LEU N 527 74.47 18.57 15.70
CA LEU N 527 75.62 17.68 15.75
C LEU N 527 76.49 17.78 14.50
N ASN N 528 75.93 17.49 13.32
CA ASN N 528 76.67 17.47 12.08
C ASN N 528 77.11 18.88 11.74
N ALA N 529 78.39 19.19 11.97
CA ALA N 529 78.85 20.54 11.69
C ALA N 529 79.18 20.74 10.23
N GLU N 530 79.42 19.66 9.48
CA GLU N 530 79.51 19.77 8.02
C GLU N 530 78.11 19.77 7.41
N TYR N 531 77.18 19.04 8.03
CA TYR N 531 75.72 19.19 7.88
C TYR N 531 75.30 19.15 6.41
N VAL N 532 75.50 17.99 5.80
CA VAL N 532 74.92 17.70 4.50
C VAL N 532 73.42 17.57 4.68
N ASN N 533 72.67 18.53 4.14
CA ASN N 533 71.21 18.41 4.16
C ASN N 533 70.80 17.37 3.12
N ARG N 534 70.32 16.22 3.59
CA ARG N 534 69.92 15.17 2.67
C ARG N 534 68.78 15.61 1.77
N LYS N 535 67.98 16.58 2.20
CA LYS N 535 66.84 17.07 1.45
C LYS N 535 67.13 18.34 0.66
N GLU N 536 68.29 18.96 0.88
CA GLU N 536 68.66 20.10 0.04
C GLU N 536 69.68 19.69 -1.01
N VAL N 537 70.46 18.65 -0.72
CA VAL N 537 71.31 18.04 -1.74
C VAL N 537 70.48 17.51 -2.87
N VAL N 538 69.28 17.00 -2.57
CA VAL N 538 68.41 16.51 -3.63
C VAL N 538 67.87 17.67 -4.47
N GLU N 539 67.66 18.83 -3.85
CA GLU N 539 67.26 20.00 -4.64
C GLU N 539 68.41 20.48 -5.51
N ARG N 540 69.64 20.38 -4.99
CA ARG N 540 70.80 20.72 -5.81
C ARG N 540 70.94 19.77 -6.98
N ASP N 541 70.67 18.47 -6.76
CA ASP N 541 70.74 17.49 -7.84
C ASP N 541 69.66 17.74 -8.88
N ALA N 542 68.45 18.12 -8.42
CA ALA N 542 67.39 18.51 -9.35
C ALA N 542 67.83 19.71 -10.19
N ALA N 543 68.46 20.70 -9.56
CA ALA N 543 68.96 21.85 -10.30
C ALA N 543 70.00 21.43 -11.33
N LEU N 544 70.90 20.53 -10.95
CA LEU N 544 71.92 20.08 -11.89
C LEU N 544 71.29 19.41 -13.10
N MET N 545 70.39 18.45 -12.85
CA MET N 545 69.76 17.76 -13.97
C MET N 545 68.94 18.72 -14.81
N LYS N 546 68.36 19.75 -14.20
CA LYS N 546 67.57 20.70 -14.98
C LYS N 546 68.45 21.56 -15.86
N LYS N 547 69.57 22.07 -15.32
CA LYS N 547 70.48 22.86 -16.13
C LYS N 547 71.11 22.00 -17.22
N ASN N 548 71.11 20.69 -17.02
CA ASN N 548 71.59 19.80 -18.07
C ASN N 548 70.54 19.54 -19.14
N LEU N 549 69.29 19.34 -18.76
CA LEU N 549 68.25 18.98 -19.73
C LEU N 549 67.47 20.19 -20.27
N SER N 550 67.82 21.40 -19.85
CA SER N 550 67.17 22.59 -20.41
C SER N 550 67.38 22.65 -21.92
N THR N 551 68.65 22.58 -22.35
CA THR N 551 69.07 22.54 -23.75
C THR N 551 68.23 23.47 -24.64
N GLY N 552 68.32 24.76 -24.32
CA GLY N 552 67.83 25.78 -25.21
C GLY N 552 68.45 25.57 -26.58
N ARG N 553 67.79 25.98 -27.64
CA ARG N 553 68.21 25.66 -29.00
C ARG N 553 69.16 26.74 -29.50
N ARG N 554 70.08 26.34 -30.39
CA ARG N 554 70.86 27.28 -31.18
C ARG N 554 70.33 27.33 -32.62
N LEU N 555 70.54 28.47 -33.25
CA LEU N 555 70.11 28.64 -34.63
C LEU N 555 71.08 27.95 -35.58
N ARG N 556 70.52 27.28 -36.59
CA ARG N 556 71.29 26.52 -37.55
C ARG N 556 71.19 27.20 -38.91
N ARG N 557 72.34 27.42 -39.53
CA ARG N 557 72.40 28.10 -40.82
C ARG N 557 72.42 27.06 -41.93
N LYS N 558 71.91 27.43 -43.09
CA LYS N 558 71.94 26.58 -44.27
C LYS N 558 72.75 27.25 -45.37
N VAL N 559 73.44 26.44 -46.15
CA VAL N 559 74.32 26.95 -47.19
C VAL N 559 73.76 26.50 -48.55
N GLU N 560 73.95 27.36 -49.55
CA GLU N 560 73.48 27.07 -50.90
C GLU N 560 74.25 25.87 -51.44
N SER N 561 73.53 24.86 -51.91
CA SER N 561 74.20 23.67 -52.42
C SER N 561 74.70 23.93 -53.84
N SER N 562 75.88 23.40 -54.13
CA SER N 562 76.43 23.41 -55.47
C SER N 562 76.71 21.97 -55.86
N ARG N 563 76.23 21.58 -57.04
CA ARG N 563 76.32 20.18 -57.46
C ARG N 563 77.76 19.68 -57.48
N THR N 564 78.72 20.55 -57.14
CA THR N 564 80.13 20.20 -57.17
C THR N 564 80.84 20.41 -55.84
N HIS N 565 80.58 21.49 -55.12
CA HIS N 565 81.30 21.73 -53.87
C HIS N 565 80.30 22.08 -52.77
N ARG N 566 80.64 21.67 -51.54
CA ARG N 566 79.90 21.98 -50.33
C ARG N 566 80.21 23.41 -49.94
N ASN N 567 79.35 24.33 -50.37
CA ASN N 567 79.61 25.75 -50.19
C ASN N 567 79.76 26.14 -48.73
N ALA O 10 45.71 -51.13 4.39
CA ALA O 10 46.75 -50.41 3.69
C ALA O 10 46.53 -48.89 3.80
N THR O 11 45.80 -48.32 2.84
CA THR O 11 45.49 -46.90 2.94
C THR O 11 44.18 -46.71 3.68
N ASN O 12 44.26 -45.99 4.81
CA ASN O 12 43.11 -45.85 5.70
C ASN O 12 41.91 -45.27 4.98
N ILE O 13 42.15 -44.42 4.00
CA ILE O 13 41.13 -44.04 3.02
C ILE O 13 41.37 -44.89 1.78
N PRO O 14 40.43 -45.73 1.39
CA PRO O 14 40.74 -46.80 0.42
C PRO O 14 41.11 -46.27 -0.94
N ARG O 15 41.59 -47.19 -1.78
CA ARG O 15 41.96 -46.84 -3.14
C ARG O 15 40.76 -46.45 -3.98
N SER O 16 39.71 -47.26 -4.00
CA SER O 16 38.66 -47.09 -4.98
C SER O 16 37.99 -45.72 -4.93
N ALA O 17 38.25 -44.92 -3.90
CA ALA O 17 37.57 -43.62 -3.79
C ALA O 17 38.33 -42.48 -4.46
N TRP O 18 39.66 -42.43 -4.33
CA TRP O 18 40.39 -41.44 -5.10
C TRP O 18 40.94 -41.96 -6.41
N ASP O 19 41.14 -43.26 -6.58
CA ASP O 19 41.81 -43.79 -7.76
C ASP O 19 40.97 -43.56 -9.01
N PRO O 20 41.37 -42.64 -9.90
CA PRO O 20 40.71 -42.59 -11.21
C PRO O 20 40.79 -43.92 -11.93
N ALA O 21 41.86 -44.68 -11.75
CA ALA O 21 41.86 -46.03 -12.30
C ALA O 21 40.79 -46.88 -11.65
N HIS O 22 40.40 -46.57 -10.42
CA HIS O 22 39.32 -47.26 -9.74
C HIS O 22 37.97 -46.60 -9.94
N PHE O 23 37.89 -45.53 -10.73
CA PHE O 23 36.62 -44.87 -10.97
C PHE O 23 35.69 -45.79 -11.74
N ASN O 24 34.40 -45.74 -11.41
CA ASN O 24 33.43 -46.63 -12.03
C ASN O 24 33.19 -46.19 -13.46
N THR O 25 33.35 -47.09 -14.41
CA THR O 25 32.78 -46.79 -15.71
C THR O 25 31.27 -46.63 -15.64
N ASN O 26 30.62 -47.21 -14.63
CA ASN O 26 29.18 -47.12 -14.43
C ASN O 26 28.80 -46.28 -13.22
N TRP O 27 29.52 -45.21 -12.93
CA TRP O 27 29.14 -44.32 -11.85
C TRP O 27 27.98 -43.46 -12.34
N SER O 28 26.79 -43.79 -11.90
CA SER O 28 25.59 -43.05 -12.25
C SER O 28 25.26 -42.10 -11.11
N ASP O 29 25.28 -40.81 -11.39
CA ASP O 29 25.56 -39.81 -10.36
C ASP O 29 24.36 -39.51 -9.46
N SER O 30 24.50 -38.41 -8.70
CA SER O 30 23.67 -38.16 -7.53
C SER O 30 22.32 -37.57 -7.88
N TYR O 31 22.29 -36.68 -8.86
CA TYR O 31 21.05 -36.07 -9.28
C TYR O 31 20.39 -36.91 -10.35
N SER O 32 21.19 -37.67 -11.09
CA SER O 32 20.69 -38.44 -12.20
C SER O 32 19.53 -39.32 -11.83
N THR O 33 19.75 -40.28 -10.93
CA THR O 33 18.72 -41.25 -10.61
C THR O 33 17.62 -40.64 -9.76
N GLU O 34 17.96 -39.76 -8.83
CA GLU O 34 16.92 -39.14 -8.04
C GLU O 34 16.13 -38.10 -8.83
N ILE O 35 16.52 -37.82 -10.06
CA ILE O 35 15.69 -37.03 -10.94
C ILE O 35 14.89 -37.91 -11.88
N ALA O 36 15.57 -38.79 -12.61
CA ALA O 36 14.85 -39.71 -13.47
C ALA O 36 14.00 -40.70 -12.67
N ALA O 37 13.97 -40.61 -11.35
CA ALA O 37 13.13 -41.52 -10.63
C ALA O 37 11.82 -40.88 -10.22
N ARG O 38 11.86 -39.64 -9.75
CA ARG O 38 10.67 -39.00 -9.22
C ARG O 38 9.68 -38.63 -10.31
N ARG O 39 10.05 -38.80 -11.57
CA ARG O 39 9.15 -38.50 -12.67
C ARG O 39 8.01 -39.49 -12.63
N HIS O 40 6.93 -39.16 -13.32
CA HIS O 40 5.88 -40.12 -13.60
C HIS O 40 5.44 -39.80 -15.03
N TRP O 41 5.73 -40.71 -15.93
CA TRP O 41 5.44 -40.41 -17.31
C TRP O 41 3.94 -40.36 -17.54
N PRO O 42 3.48 -39.42 -18.38
CA PRO O 42 2.04 -39.18 -18.55
C PRO O 42 1.18 -40.42 -18.61
N ALA O 43 0.13 -40.42 -17.82
CA ALA O 43 -0.77 -41.57 -17.65
C ALA O 43 -1.73 -41.76 -18.81
N LYS O 44 -1.56 -41.05 -19.91
CA LYS O 44 -2.54 -41.03 -20.97
C LYS O 44 -1.87 -41.35 -22.31
N LYS O 45 -1.14 -42.46 -22.37
CA LYS O 45 -0.54 -42.86 -23.64
C LYS O 45 -1.60 -43.16 -24.68
N TRP O 46 -2.79 -43.53 -24.23
CA TRP O 46 -3.86 -44.01 -25.09
C TRP O 46 -4.96 -42.97 -25.20
N SER O 47 -5.50 -42.87 -26.41
CA SER O 47 -6.57 -41.92 -26.66
C SER O 47 -7.78 -42.23 -25.77
N ILE O 48 -8.12 -43.51 -25.69
CA ILE O 48 -9.22 -43.92 -24.83
C ILE O 48 -8.76 -44.00 -23.38
N GLY O 49 -7.76 -44.85 -23.12
CA GLY O 49 -7.45 -45.19 -21.76
C GLY O 49 -6.43 -44.32 -21.05
N LEU O 50 -6.50 -44.33 -19.73
CA LEU O 50 -5.50 -43.75 -18.87
C LEU O 50 -4.86 -44.89 -18.08
N GLU O 51 -3.53 -45.00 -18.16
CA GLU O 51 -2.83 -46.11 -17.54
C GLU O 51 -2.96 -46.05 -16.01
N PRO O 52 -2.56 -47.10 -15.29
CA PRO O 52 -2.51 -47.02 -13.83
C PRO O 52 -1.16 -46.52 -13.34
N ARG O 53 -1.21 -45.53 -12.44
CA ARG O 53 -0.01 -44.99 -11.85
C ARG O 53 0.10 -45.21 -10.35
N THR O 54 -0.96 -45.73 -9.72
CA THR O 54 -1.02 -46.25 -8.38
C THR O 54 -1.85 -47.53 -8.36
N PRO O 55 -1.53 -48.48 -7.48
CA PRO O 55 -2.23 -49.78 -7.51
C PRO O 55 -3.73 -49.70 -7.33
N ARG O 56 -4.27 -48.50 -7.13
CA ARG O 56 -5.71 -48.33 -7.22
C ARG O 56 -6.20 -48.41 -8.65
N ASP O 57 -5.58 -47.67 -9.59
CA ASP O 57 -6.05 -47.77 -10.96
C ASP O 57 -5.90 -49.16 -11.53
N TRP O 58 -4.93 -49.92 -11.07
CA TRP O 58 -4.83 -51.31 -11.45
C TRP O 58 -6.11 -52.07 -11.21
N LEU O 59 -6.84 -51.76 -10.15
CA LEU O 59 -8.03 -52.51 -9.84
C LEU O 59 -9.13 -52.33 -10.87
N GLN O 60 -9.12 -51.22 -11.59
CA GLN O 60 -10.14 -50.97 -12.60
C GLN O 60 -9.59 -51.18 -14.01
N PHE O 61 -8.69 -52.14 -14.17
CA PHE O 61 -7.81 -52.17 -15.32
C PHE O 61 -7.57 -53.59 -15.83
N SER O 62 -7.76 -53.76 -17.13
CA SER O 62 -7.36 -54.94 -17.87
C SER O 62 -7.54 -54.65 -19.35
N TYR O 63 -6.75 -55.31 -20.17
CA TYR O 63 -6.89 -55.14 -21.61
C TYR O 63 -8.18 -55.75 -22.14
N ARG O 64 -8.62 -56.89 -21.60
CA ARG O 64 -9.89 -57.47 -22.04
C ARG O 64 -11.07 -56.58 -21.68
N ASN O 65 -10.95 -55.75 -20.66
CA ASN O 65 -11.95 -54.70 -20.43
C ASN O 65 -11.78 -53.52 -21.36
N LEU O 66 -10.52 -53.16 -21.69
CA LEU O 66 -10.27 -52.17 -22.72
C LEU O 66 -10.98 -52.50 -24.02
N ALA O 67 -11.26 -53.78 -24.23
CA ALA O 67 -11.94 -54.21 -25.44
C ALA O 67 -13.35 -53.65 -25.50
N TYR O 68 -14.15 -53.85 -24.44
CA TYR O 68 -15.52 -53.35 -24.45
C TYR O 68 -15.56 -51.85 -24.67
N ALA O 69 -14.50 -51.16 -24.29
CA ALA O 69 -14.43 -49.70 -24.38
C ALA O 69 -13.95 -49.20 -25.73
N TYR O 70 -12.93 -49.82 -26.32
CA TYR O 70 -12.60 -49.56 -27.72
C TYR O 70 -13.78 -49.88 -28.62
N ASN O 71 -14.60 -50.86 -28.25
CA ASN O 71 -15.82 -51.12 -28.98
C ASN O 71 -16.82 -49.98 -28.82
N GLY O 72 -16.91 -49.41 -27.62
CA GLY O 72 -17.66 -48.17 -27.50
C GLY O 72 -17.15 -47.12 -28.46
N ALA O 73 -15.83 -46.94 -28.51
CA ALA O 73 -15.19 -46.05 -29.47
C ALA O 73 -15.63 -46.29 -30.89
N LEU O 74 -15.55 -47.52 -31.36
CA LEU O 74 -15.83 -47.77 -32.78
C LEU O 74 -17.32 -47.77 -33.07
N ARG O 75 -18.16 -48.35 -32.19
CA ARG O 75 -19.60 -48.34 -32.40
C ARG O 75 -20.14 -46.91 -32.42
N ALA O 76 -19.51 -45.99 -31.67
CA ALA O 76 -19.87 -44.59 -31.77
C ALA O 76 -19.19 -43.89 -32.94
N CYS O 77 -18.06 -44.41 -33.41
CA CYS O 77 -17.41 -43.84 -34.58
C CYS O 77 -18.32 -44.04 -35.79
N GLN O 78 -18.14 -43.20 -36.81
CA GLN O 78 -19.04 -43.22 -37.96
C GLN O 78 -18.37 -43.50 -39.30
N SER O 79 -17.11 -43.11 -39.49
CA SER O 79 -16.46 -43.32 -40.77
C SER O 79 -15.40 -44.40 -40.63
N PHE O 80 -15.23 -45.17 -41.69
CA PHE O 80 -14.18 -46.18 -41.66
C PHE O 80 -12.77 -45.62 -41.85
N PRO O 81 -12.54 -44.51 -42.57
CA PRO O 81 -11.19 -43.94 -42.57
C PRO O 81 -10.66 -43.62 -41.19
N GLU O 82 -11.52 -43.43 -40.19
CA GLU O 82 -11.06 -43.15 -38.84
C GLU O 82 -11.30 -44.32 -37.90
N MET O 83 -12.33 -45.13 -38.14
CA MET O 83 -12.33 -46.45 -37.53
C MET O 83 -11.03 -47.17 -37.84
N LEU O 84 -10.39 -46.81 -38.94
CA LEU O 84 -9.06 -47.28 -39.28
C LEU O 84 -8.04 -46.91 -38.22
N VAL O 85 -7.98 -45.64 -37.79
CA VAL O 85 -6.95 -45.28 -36.82
C VAL O 85 -7.33 -45.74 -35.42
N CYS O 86 -8.62 -45.74 -35.07
CA CYS O 86 -8.99 -46.24 -33.76
C CYS O 86 -8.83 -47.75 -33.65
N TYR O 87 -9.00 -48.50 -34.74
CA TYR O 87 -8.66 -49.91 -34.75
C TYR O 87 -7.15 -50.12 -34.78
N LYS O 88 -6.42 -49.25 -35.46
CA LYS O 88 -4.97 -49.30 -35.39
C LYS O 88 -4.50 -49.17 -33.95
N GLU O 89 -5.06 -48.23 -33.20
CA GLU O 89 -4.68 -48.11 -31.81
C GLU O 89 -5.17 -49.28 -30.97
N MET O 90 -6.39 -49.74 -31.22
CA MET O 90 -6.83 -50.89 -30.44
C MET O 90 -5.95 -52.09 -30.65
N LYS O 91 -5.36 -52.26 -31.82
CA LYS O 91 -4.46 -53.39 -32.00
C LYS O 91 -3.06 -53.08 -31.51
N GLN O 92 -2.66 -51.80 -31.49
CA GLN O 92 -1.29 -51.45 -31.12
C GLN O 92 -1.11 -51.44 -29.61
N ARG O 93 -2.03 -50.83 -28.87
CA ARG O 93 -2.10 -51.13 -27.45
C ARG O 93 -2.60 -52.54 -27.28
N GLY O 94 -1.90 -53.32 -26.46
CA GLY O 94 -2.14 -54.74 -26.49
C GLY O 94 -3.51 -55.13 -26.00
N VAL O 95 -4.55 -54.61 -26.65
CA VAL O 95 -5.91 -54.93 -26.27
C VAL O 95 -6.20 -56.38 -26.63
N LYS O 96 -6.68 -57.14 -25.64
CA LYS O 96 -7.09 -58.52 -25.87
C LYS O 96 -8.34 -58.49 -26.73
N VAL O 97 -8.15 -58.68 -28.03
CA VAL O 97 -9.23 -58.49 -29.00
C VAL O 97 -10.37 -59.45 -28.72
N ASP O 98 -11.58 -58.93 -28.67
CA ASP O 98 -12.76 -59.71 -28.42
C ASP O 98 -13.37 -60.17 -29.73
N VAL O 99 -14.63 -60.62 -29.67
CA VAL O 99 -15.43 -60.81 -30.87
C VAL O 99 -16.28 -59.58 -31.20
N ASP O 100 -16.62 -58.78 -30.19
CA ASP O 100 -17.32 -57.53 -30.46
C ASP O 100 -16.52 -56.63 -31.39
N THR O 101 -15.19 -56.74 -31.38
CA THR O 101 -14.38 -56.00 -32.34
C THR O 101 -14.66 -56.42 -33.78
N MET O 102 -14.69 -57.72 -34.03
CA MET O 102 -14.99 -58.24 -35.36
C MET O 102 -16.36 -57.82 -35.84
N ASN O 103 -17.37 -57.94 -34.99
CA ASN O 103 -18.73 -57.59 -35.40
C ASN O 103 -18.83 -56.14 -35.82
N VAL O 104 -18.05 -55.26 -35.21
CA VAL O 104 -18.17 -53.85 -35.48
C VAL O 104 -17.19 -53.40 -36.55
N LEU O 105 -16.13 -54.16 -36.80
CA LEU O 105 -15.16 -53.89 -37.85
C LEU O 105 -15.66 -54.34 -39.22
N LEU O 106 -16.08 -55.61 -39.31
CA LEU O 106 -16.45 -56.18 -40.59
C LEU O 106 -17.69 -55.54 -41.18
N THR O 107 -18.75 -55.36 -40.39
CA THR O 107 -19.98 -54.78 -40.91
C THR O 107 -19.73 -53.37 -41.44
N ARG O 108 -18.99 -52.59 -40.70
CA ARG O 108 -18.74 -51.21 -41.11
C ARG O 108 -17.81 -51.11 -42.31
N ALA O 109 -16.73 -51.89 -42.35
CA ALA O 109 -15.86 -51.92 -43.52
C ALA O 109 -16.60 -52.43 -44.75
N ALA O 110 -17.46 -53.43 -44.60
CA ALA O 110 -18.31 -53.86 -45.70
C ALA O 110 -19.21 -52.73 -46.19
N ARG O 111 -19.80 -51.96 -45.27
CA ARG O 111 -20.51 -50.77 -45.68
C ARG O 111 -19.65 -49.81 -46.48
N TYR O 112 -18.35 -49.77 -46.24
CA TYR O 112 -17.49 -48.83 -46.95
C TYR O 112 -17.65 -48.98 -48.46
N GLU O 113 -17.29 -47.90 -49.19
CA GLU O 113 -17.49 -47.87 -50.64
C GLU O 113 -16.24 -48.21 -51.43
N ARG O 114 -15.08 -47.77 -50.98
CA ARG O 114 -13.83 -48.09 -51.64
C ARG O 114 -13.16 -49.30 -51.00
N ILE O 115 -13.97 -50.21 -50.47
CA ILE O 115 -13.49 -51.44 -49.82
C ILE O 115 -13.09 -52.45 -50.88
N GLN O 116 -12.15 -53.31 -50.51
CA GLN O 116 -11.80 -54.47 -51.32
C GLN O 116 -12.07 -55.75 -50.53
N VAL O 117 -12.72 -56.70 -51.21
CA VAL O 117 -13.18 -57.90 -50.54
C VAL O 117 -12.06 -58.82 -50.09
N ASP O 118 -10.86 -58.67 -50.66
CA ASP O 118 -9.71 -59.40 -50.13
C ASP O 118 -9.29 -58.89 -48.76
N ASP O 119 -9.35 -57.58 -48.54
CA ASP O 119 -8.88 -56.98 -47.31
C ASP O 119 -9.78 -57.33 -46.14
N VAL O 120 -11.09 -57.44 -46.34
CA VAL O 120 -11.94 -57.79 -45.22
C VAL O 120 -11.61 -59.18 -44.73
N PHE O 121 -11.29 -60.09 -45.64
CA PHE O 121 -10.93 -61.44 -45.22
C PHE O 121 -9.54 -61.47 -44.57
N LEU O 122 -8.60 -60.72 -45.12
CA LEU O 122 -7.32 -60.53 -44.44
C LEU O 122 -7.53 -60.04 -43.02
N LEU O 123 -8.39 -59.04 -42.84
CA LEU O 123 -8.71 -58.55 -41.51
C LEU O 123 -9.38 -59.62 -40.67
N PHE O 124 -10.24 -60.42 -41.28
CA PHE O 124 -10.97 -61.41 -40.49
C PHE O 124 -10.02 -62.44 -39.92
N ASP O 125 -9.12 -62.96 -40.74
CA ASP O 125 -8.10 -63.84 -40.19
C ASP O 125 -7.23 -63.12 -39.16
N GLU O 126 -6.84 -61.86 -39.40
CA GLU O 126 -6.00 -61.14 -38.45
C GLU O 126 -6.68 -60.98 -37.09
N LEU O 127 -7.96 -60.61 -37.09
CA LEU O 127 -8.79 -60.76 -35.90
C LEU O 127 -8.59 -62.13 -35.27
N THR O 128 -8.92 -63.17 -36.02
CA THR O 128 -8.83 -64.54 -35.54
C THR O 128 -7.38 -65.00 -35.39
N ALA O 129 -6.43 -64.30 -35.99
CA ALA O 129 -5.03 -64.58 -35.72
C ALA O 129 -4.62 -64.10 -34.33
N LEU O 130 -4.99 -62.87 -33.99
CA LEU O 130 -4.83 -62.34 -32.65
C LEU O 130 -5.70 -63.07 -31.65
N GLY O 131 -6.62 -63.90 -32.10
CA GLY O 131 -7.31 -64.81 -31.23
C GLY O 131 -8.80 -64.72 -31.24
N ALA O 132 -9.37 -63.84 -32.05
CA ALA O 132 -10.81 -63.63 -32.06
C ALA O 132 -11.50 -64.92 -32.49
N ARG O 133 -12.33 -65.47 -31.60
CA ARG O 133 -13.17 -66.64 -31.83
C ARG O 133 -14.54 -66.21 -32.37
N PRO O 134 -14.77 -66.22 -33.67
CA PRO O 134 -15.90 -65.48 -34.25
C PRO O 134 -17.25 -66.13 -34.00
N ASP O 135 -18.26 -65.59 -34.67
CA ASP O 135 -19.67 -65.97 -34.50
C ASP O 135 -20.44 -65.85 -35.81
N ILE O 136 -21.77 -65.86 -35.67
CA ILE O 136 -22.65 -65.98 -36.83
C ILE O 136 -22.82 -64.65 -37.54
N ALA O 137 -22.79 -63.52 -36.82
CA ALA O 137 -22.86 -62.24 -37.50
C ALA O 137 -21.59 -61.99 -38.32
N ALA O 138 -20.43 -62.31 -37.74
CA ALA O 138 -19.19 -62.25 -38.49
C ALA O 138 -19.20 -63.18 -39.69
N VAL O 139 -19.68 -64.40 -39.52
CA VAL O 139 -19.64 -65.31 -40.67
C VAL O 139 -20.68 -64.93 -41.71
N GLU O 140 -21.78 -64.27 -41.33
CA GLU O 140 -22.70 -63.74 -42.34
C GLU O 140 -22.04 -62.62 -43.12
N THR O 141 -21.28 -61.77 -42.44
CA THR O 141 -20.58 -60.71 -43.14
C THR O 141 -19.59 -61.29 -44.15
N LEU O 142 -18.85 -62.33 -43.76
CA LEU O 142 -17.98 -63.00 -44.72
C LEU O 142 -18.77 -63.62 -45.87
N HIS O 143 -19.92 -64.23 -45.56
CA HIS O 143 -20.81 -64.77 -46.58
C HIS O 143 -21.14 -63.71 -47.62
N THR O 144 -21.60 -62.56 -47.16
CA THR O 144 -22.00 -61.49 -48.07
C THR O 144 -20.81 -60.92 -48.82
N VAL O 145 -19.63 -60.94 -48.23
CA VAL O 145 -18.45 -60.52 -48.97
C VAL O 145 -18.16 -61.47 -50.13
N LEU O 146 -18.13 -62.77 -49.86
CA LEU O 146 -17.96 -63.74 -50.95
C LEU O 146 -19.07 -63.60 -51.99
N ASP O 147 -20.28 -63.23 -51.56
CA ASP O 147 -21.35 -63.00 -52.53
C ASP O 147 -21.04 -61.81 -53.42
N HIS O 148 -20.65 -60.68 -52.82
CA HIS O 148 -20.28 -59.51 -53.60
C HIS O 148 -19.00 -59.72 -54.40
N SER O 149 -18.29 -60.82 -54.14
CA SER O 149 -17.11 -61.19 -54.93
C SER O 149 -17.53 -62.00 -56.15
N ALA O 150 -17.85 -61.28 -57.23
CA ALA O 150 -18.24 -61.95 -58.47
C ALA O 150 -17.18 -61.89 -59.55
N ALA O 151 -16.75 -60.69 -59.95
CA ALA O 151 -15.67 -60.56 -60.91
C ALA O 151 -14.31 -60.87 -60.31
N MET O 152 -14.29 -61.38 -59.08
CA MET O 152 -13.05 -61.84 -58.47
C MET O 152 -12.65 -63.19 -59.05
N PRO O 153 -11.36 -63.50 -59.03
CA PRO O 153 -10.89 -64.76 -59.62
C PRO O 153 -11.60 -65.97 -59.02
N TYR O 154 -11.67 -67.02 -59.83
CA TYR O 154 -12.36 -68.21 -59.39
C TYR O 154 -11.60 -68.92 -58.27
N GLU O 155 -10.26 -68.94 -58.33
CA GLU O 155 -9.50 -69.54 -57.24
C GLU O 155 -9.64 -68.76 -55.94
N TRP O 156 -9.68 -67.43 -55.99
CA TRP O 156 -9.91 -66.67 -54.77
C TRP O 156 -11.30 -66.94 -54.22
N ARG O 157 -12.31 -66.87 -55.07
CA ARG O 157 -13.66 -67.09 -54.57
C ARG O 157 -13.82 -68.47 -53.97
N GLU O 158 -13.24 -69.49 -54.59
CA GLU O 158 -13.35 -70.83 -54.06
C GLU O 158 -12.52 -71.02 -52.79
N ALA O 159 -11.35 -70.38 -52.67
CA ALA O 159 -10.60 -70.45 -51.42
C ALA O 159 -11.33 -69.78 -50.28
N ARG O 160 -11.85 -68.58 -50.50
CA ARG O 160 -12.60 -67.92 -49.46
C ARG O 160 -13.89 -68.65 -49.15
N ARG O 161 -14.44 -69.39 -50.12
CA ARG O 161 -15.57 -70.27 -49.81
C ARG O 161 -15.14 -71.44 -48.95
N ARG O 162 -13.96 -72.01 -49.22
CA ARG O 162 -13.40 -72.99 -48.31
C ARG O 162 -13.42 -72.46 -46.90
N GLN O 163 -12.83 -71.28 -46.70
CA GLN O 163 -12.81 -70.67 -45.38
C GLN O 163 -14.22 -70.50 -44.84
N LEU O 164 -15.12 -69.90 -45.62
CA LEU O 164 -16.49 -69.70 -45.18
C LEU O 164 -17.14 -70.97 -44.66
N VAL O 165 -17.15 -72.04 -45.46
CA VAL O 165 -17.92 -73.22 -45.10
C VAL O 165 -17.25 -73.99 -43.97
N GLU O 166 -15.93 -74.11 -44.00
CA GLU O 166 -15.29 -74.87 -42.94
C GLU O 166 -15.35 -74.12 -41.61
N LEU O 167 -15.27 -72.79 -41.64
CA LEU O 167 -15.44 -72.03 -40.41
C LEU O 167 -16.89 -72.09 -39.95
N TYR O 168 -17.84 -72.12 -40.89
CA TYR O 168 -19.21 -72.38 -40.53
C TYR O 168 -19.35 -73.70 -39.80
N ASN O 169 -18.66 -74.74 -40.28
CA ASN O 169 -18.74 -76.06 -39.66
C ASN O 169 -18.07 -76.07 -38.30
N CYS O 170 -16.93 -75.40 -38.15
CA CYS O 170 -16.34 -75.27 -36.82
C CYS O 170 -17.25 -74.49 -35.88
N LEU O 171 -17.88 -73.43 -36.37
CA LEU O 171 -18.85 -72.70 -35.57
C LEU O 171 -20.05 -73.56 -35.23
N ALA O 172 -20.42 -74.47 -36.13
CA ALA O 172 -21.50 -75.41 -35.85
C ALA O 172 -21.13 -76.37 -34.74
N MET O 173 -19.92 -76.89 -34.79
CA MET O 173 -19.43 -77.71 -33.68
C MET O 173 -19.45 -76.92 -32.37
N GLU O 174 -18.92 -75.69 -32.40
CA GLU O 174 -18.90 -74.86 -31.22
C GLU O 174 -20.31 -74.65 -30.68
N GLU O 175 -21.25 -74.34 -31.56
CA GLU O 175 -22.61 -74.08 -31.13
C GLU O 175 -23.31 -75.33 -30.63
N ILE O 176 -22.98 -76.51 -31.16
CA ILE O 176 -23.61 -77.72 -30.66
C ILE O 176 -23.06 -78.07 -29.29
N GLU O 177 -21.75 -77.88 -29.09
CA GLU O 177 -21.21 -78.14 -27.76
C GLU O 177 -21.64 -77.06 -26.77
N ARG O 178 -22.05 -75.90 -27.29
CA ARG O 178 -22.49 -74.79 -26.45
C ARG O 178 -23.94 -74.96 -26.00
N LEU O 179 -24.86 -75.16 -26.94
CA LEU O 179 -26.26 -75.35 -26.63
C LEU O 179 -26.67 -76.82 -26.62
N ALA O 180 -25.71 -77.74 -26.49
CA ALA O 180 -26.06 -79.15 -26.40
C ALA O 180 -26.37 -79.62 -24.98
N PRO O 181 -25.56 -79.29 -23.95
CA PRO O 181 -25.76 -79.94 -22.66
C PRO O 181 -26.96 -79.41 -21.88
N HIS O 182 -27.86 -78.67 -22.52
CA HIS O 182 -28.92 -78.00 -21.78
C HIS O 182 -30.33 -78.46 -22.14
N ARG O 183 -30.53 -79.09 -23.30
CA ARG O 183 -31.80 -79.74 -23.64
C ARG O 183 -32.96 -78.75 -23.73
N VAL O 184 -32.84 -77.83 -24.70
CA VAL O 184 -33.91 -76.91 -25.08
C VAL O 184 -34.28 -77.19 -26.52
N ASP O 185 -34.29 -78.48 -26.90
CA ASP O 185 -33.99 -78.99 -28.23
C ASP O 185 -34.34 -78.07 -29.40
N ARG O 186 -35.51 -77.44 -29.34
CA ARG O 186 -35.89 -76.50 -30.39
C ARG O 186 -34.85 -75.41 -30.57
N LEU O 187 -34.14 -75.06 -29.50
CA LEU O 187 -33.18 -73.95 -29.59
C LEU O 187 -31.96 -74.33 -30.42
N LEU O 188 -31.37 -75.51 -30.17
CA LEU O 188 -30.32 -75.96 -31.08
C LEU O 188 -30.90 -76.25 -32.45
N LYS O 189 -32.17 -76.61 -32.55
CA LYS O 189 -32.74 -76.81 -33.88
C LYS O 189 -32.77 -75.49 -34.63
N GLU O 190 -33.10 -74.40 -33.94
CA GLU O 190 -33.00 -73.08 -34.53
C GLU O 190 -31.57 -72.75 -34.94
N GLN O 191 -30.58 -73.10 -34.12
CA GLN O 191 -29.20 -72.80 -34.47
C GLN O 191 -28.74 -73.62 -35.67
N ILE O 192 -29.08 -74.91 -35.68
CA ILE O 192 -28.53 -75.83 -36.66
C ILE O 192 -29.30 -75.76 -37.97
N LYS O 193 -30.57 -75.35 -37.92
CA LYS O 193 -31.28 -75.06 -39.16
C LYS O 193 -30.77 -73.78 -39.78
N ARG O 194 -30.47 -72.78 -38.96
CA ARG O 194 -29.78 -71.61 -39.49
C ARG O 194 -28.46 -71.99 -40.12
N TYR O 195 -27.66 -72.81 -39.44
CA TYR O 195 -26.41 -73.29 -40.03
C TYR O 195 -26.66 -74.03 -41.35
N ARG O 196 -27.65 -74.94 -41.36
CA ARG O 196 -27.98 -75.69 -42.56
C ARG O 196 -28.34 -74.77 -43.71
N ASP O 197 -29.07 -73.69 -43.44
CA ASP O 197 -29.40 -72.73 -44.47
C ASP O 197 -28.17 -71.96 -44.92
N ASN O 198 -27.33 -71.56 -43.98
CA ASN O 198 -26.06 -70.96 -44.32
C ASN O 198 -25.24 -71.84 -45.24
N LEU O 199 -25.44 -73.15 -45.17
CA LEU O 199 -24.70 -74.07 -46.02
C LEU O 199 -25.38 -74.37 -47.35
N ARG O 200 -26.71 -74.44 -47.37
CA ARG O 200 -27.41 -74.63 -48.64
C ARG O 200 -27.35 -73.37 -49.49
N ALA O 201 -27.15 -72.22 -48.87
CA ALA O 201 -26.72 -71.04 -49.62
C ALA O 201 -25.24 -71.08 -49.97
N LEU O 202 -24.47 -71.94 -49.30
CA LEU O 202 -23.04 -72.11 -49.55
C LEU O 202 -22.76 -73.19 -50.58
N LYS O 203 -23.81 -73.80 -51.14
CA LYS O 203 -23.67 -74.94 -52.04
C LYS O 203 -22.85 -76.04 -51.38
N ALA O 204 -22.85 -76.06 -50.06
CA ALA O 204 -22.17 -77.06 -49.25
C ALA O 204 -23.14 -77.54 -48.19
N SER O 205 -22.65 -78.32 -47.24
CA SER O 205 -23.55 -79.03 -46.34
C SER O 205 -22.87 -79.19 -44.99
N LEU O 206 -23.69 -79.31 -43.96
CA LEU O 206 -23.18 -79.41 -42.60
C LEU O 206 -22.38 -80.69 -42.39
N SER O 207 -21.30 -80.57 -41.61
CA SER O 207 -20.27 -81.59 -41.55
C SER O 207 -20.84 -82.95 -41.16
N PRO O 208 -20.27 -84.04 -41.69
CA PRO O 208 -20.66 -85.37 -41.20
C PRO O 208 -20.26 -85.60 -39.76
N SER O 209 -19.11 -85.11 -39.34
CA SER O 209 -18.72 -85.25 -37.94
C SER O 209 -19.70 -84.55 -37.02
N VAL O 210 -19.97 -83.25 -37.25
CA VAL O 210 -20.91 -82.53 -36.40
C VAL O 210 -22.33 -83.02 -36.57
N TYR O 211 -22.66 -83.62 -37.72
CA TYR O 211 -23.96 -84.27 -37.82
C TYR O 211 -24.03 -85.49 -36.94
N ARG O 212 -23.00 -86.31 -36.97
CA ARG O 212 -22.88 -87.38 -36.00
C ARG O 212 -23.04 -86.86 -34.59
N ARG O 213 -22.44 -85.72 -34.31
CA ARG O 213 -22.47 -85.19 -32.95
C ARG O 213 -23.87 -84.70 -32.59
N TYR O 214 -24.47 -83.87 -33.43
CA TYR O 214 -25.88 -83.52 -33.31
C TYR O 214 -26.71 -84.76 -33.01
N LEU O 215 -26.56 -85.77 -33.86
CA LEU O 215 -27.17 -87.07 -33.68
C LEU O 215 -26.60 -87.80 -32.48
N HIS O 216 -25.64 -87.20 -31.77
CA HIS O 216 -25.27 -87.72 -30.47
C HIS O 216 -25.65 -86.79 -29.32
N THR O 217 -26.71 -86.00 -29.46
CA THR O 217 -27.10 -84.99 -28.49
C THR O 217 -28.59 -85.04 -28.14
N MET O 218 -29.36 -85.94 -28.75
CA MET O 218 -30.81 -85.83 -28.80
C MET O 218 -31.47 -86.54 -27.62
N HIS O 219 -32.77 -86.27 -27.43
CA HIS O 219 -33.61 -87.04 -26.52
C HIS O 219 -35.05 -87.23 -27.03
N SER O 220 -35.26 -87.18 -28.35
CA SER O 220 -36.58 -87.33 -28.95
C SER O 220 -36.45 -87.98 -30.31
N ALA O 221 -37.32 -88.96 -30.60
CA ALA O 221 -37.27 -89.66 -31.88
C ALA O 221 -37.67 -88.76 -33.02
N SER O 222 -38.62 -87.85 -32.79
CA SER O 222 -38.96 -86.86 -33.81
C SER O 222 -37.77 -85.93 -34.06
N MET O 223 -37.24 -85.33 -33.00
CA MET O 223 -36.05 -84.49 -33.10
C MET O 223 -34.82 -85.30 -33.50
N LEU O 224 -34.98 -86.59 -33.73
CA LEU O 224 -33.88 -87.43 -34.15
C LEU O 224 -33.99 -87.78 -35.63
N LEU O 225 -35.20 -88.11 -36.07
CA LEU O 225 -35.41 -88.57 -37.43
C LEU O 225 -35.62 -87.43 -38.41
N GLU O 226 -36.29 -86.35 -38.01
CA GLU O 226 -36.32 -85.16 -38.86
C GLU O 226 -34.92 -84.74 -39.24
N GLU O 227 -33.93 -85.01 -38.39
CA GLU O 227 -32.55 -84.64 -38.71
C GLU O 227 -31.90 -85.61 -39.69
N VAL O 228 -32.21 -86.89 -39.62
CA VAL O 228 -31.81 -87.78 -40.70
C VAL O 228 -32.43 -87.34 -42.01
N HIS O 229 -33.70 -86.95 -41.95
CA HIS O 229 -34.44 -86.48 -43.12
C HIS O 229 -33.82 -85.22 -43.70
N ASN O 230 -33.50 -84.23 -42.86
CA ASN O 230 -32.74 -83.07 -43.30
C ASN O 230 -31.38 -83.45 -43.89
N PHE O 231 -30.60 -84.24 -43.16
CA PHE O 231 -29.27 -84.59 -43.62
C PHE O 231 -29.31 -85.23 -45.00
N LEU O 232 -30.25 -86.14 -45.22
CA LEU O 232 -30.33 -86.77 -46.53
C LEU O 232 -30.85 -85.79 -47.57
N TRP O 233 -31.70 -84.87 -47.17
CA TRP O 233 -32.20 -83.86 -48.10
C TRP O 233 -31.19 -82.77 -48.39
N GLU O 234 -30.17 -82.59 -47.54
CA GLU O 234 -29.12 -81.62 -47.84
C GLU O 234 -27.97 -82.23 -48.63
N LEU O 235 -28.02 -83.54 -48.91
CA LEU O 235 -27.07 -84.13 -49.84
C LEU O 235 -27.56 -83.99 -51.28
N VAL O 236 -28.85 -83.69 -51.46
CA VAL O 236 -29.44 -83.44 -52.76
C VAL O 236 -30.22 -82.14 -52.67
N GLU O 237 -30.99 -81.81 -53.71
CA GLU O 237 -31.84 -80.62 -53.68
C GLU O 237 -33.14 -80.95 -52.93
N SER O 238 -34.15 -80.10 -53.10
CA SER O 238 -35.43 -80.29 -52.43
C SER O 238 -36.52 -80.84 -53.36
N ASP O 239 -36.28 -80.87 -54.67
CA ASP O 239 -37.17 -81.51 -55.64
C ASP O 239 -36.57 -82.81 -56.18
N HIS O 240 -35.57 -83.34 -55.51
CA HIS O 240 -35.02 -84.62 -55.89
C HIS O 240 -35.97 -85.75 -55.50
N PRO O 241 -35.99 -86.85 -56.25
CA PRO O 241 -36.90 -87.94 -55.94
C PRO O 241 -36.76 -88.44 -54.51
N ALA O 242 -37.92 -88.72 -53.90
CA ALA O 242 -37.98 -89.11 -52.50
C ALA O 242 -39.16 -90.04 -52.27
N MET O 243 -39.15 -90.68 -51.11
CA MET O 243 -40.23 -91.55 -50.66
C MET O 243 -40.75 -91.04 -49.32
N GLU O 244 -42.07 -91.05 -49.17
CA GLU O 244 -42.68 -90.54 -47.95
C GLU O 244 -42.99 -91.69 -47.00
N ILE O 245 -42.51 -91.57 -45.77
CA ILE O 245 -42.85 -92.51 -44.71
C ILE O 245 -44.00 -91.94 -43.89
N PRO O 246 -45.19 -92.53 -44.03
CA PRO O 246 -46.41 -91.81 -43.66
C PRO O 246 -46.72 -91.80 -42.18
N ALA O 247 -46.43 -92.89 -41.46
CA ALA O 247 -46.78 -93.00 -40.06
C ALA O 247 -46.11 -91.92 -39.21
N LEU O 248 -45.22 -91.15 -39.82
CA LEU O 248 -44.62 -89.99 -39.18
C LEU O 248 -44.57 -88.77 -40.08
N GLN O 249 -45.05 -88.88 -41.33
CA GLN O 249 -45.08 -87.77 -42.29
C GLN O 249 -43.68 -87.28 -42.66
N LEU O 250 -42.92 -88.13 -43.37
CA LEU O 250 -41.54 -87.83 -43.72
C LEU O 250 -41.31 -88.05 -45.21
N ARG O 251 -40.24 -87.44 -45.75
CA ARG O 251 -39.83 -87.60 -47.15
C ARG O 251 -38.31 -87.74 -47.23
N ILE O 252 -37.84 -88.81 -47.87
CA ILE O 252 -36.42 -89.16 -47.87
C ILE O 252 -35.97 -89.31 -49.33
N PRO O 253 -34.94 -88.60 -49.77
CA PRO O 253 -34.56 -88.63 -51.18
C PRO O 253 -33.52 -89.68 -51.51
N PHE O 254 -33.55 -90.12 -52.77
CA PHE O 254 -32.67 -91.15 -53.32
C PHE O 254 -31.30 -90.54 -53.60
N VAL O 255 -30.42 -90.61 -52.60
CA VAL O 255 -29.14 -89.92 -52.64
C VAL O 255 -28.04 -90.72 -53.32
N GLY O 256 -28.31 -91.97 -53.69
CA GLY O 256 -27.29 -92.88 -54.14
C GLY O 256 -26.28 -92.41 -55.18
N SER O 257 -26.75 -91.87 -56.29
CA SER O 257 -25.87 -91.56 -57.41
C SER O 257 -25.16 -90.23 -57.29
N VAL O 258 -25.86 -89.19 -56.81
CA VAL O 258 -25.28 -87.86 -56.67
C VAL O 258 -24.09 -87.82 -55.72
N MET O 259 -23.98 -88.80 -54.81
CA MET O 259 -22.78 -88.93 -54.00
C MET O 259 -21.63 -89.42 -54.87
N ARG O 260 -20.41 -89.25 -54.36
CA ARG O 260 -19.25 -89.68 -55.11
C ARG O 260 -18.88 -91.12 -54.75
N ARG O 261 -18.53 -91.89 -55.78
CA ARG O 261 -17.92 -93.21 -55.66
C ARG O 261 -16.81 -93.24 -56.71
N PRO O 262 -15.85 -94.14 -56.57
CA PRO O 262 -14.79 -94.22 -57.59
C PRO O 262 -15.19 -94.98 -58.84
N GLU O 263 -16.08 -95.98 -58.73
CA GLU O 263 -16.47 -96.77 -59.90
C GLU O 263 -17.20 -95.97 -60.96
N THR O 264 -17.60 -94.73 -60.66
CA THR O 264 -18.12 -93.85 -61.71
C THR O 264 -17.19 -93.82 -62.92
N ASP O 265 -15.88 -93.89 -62.68
CA ASP O 265 -14.94 -94.16 -63.76
C ASP O 265 -14.52 -95.62 -63.70
N THR O 266 -14.08 -96.16 -64.84
CA THR O 266 -13.83 -97.58 -64.97
C THR O 266 -12.66 -98.06 -64.13
N ASN O 267 -11.57 -97.31 -64.10
CA ASN O 267 -10.27 -97.80 -63.65
C ASN O 267 -10.19 -98.08 -62.15
N GLU O 268 -11.16 -97.62 -61.37
CA GLU O 268 -11.08 -97.74 -59.91
C GLU O 268 -11.66 -99.08 -59.47
N LYS O 269 -10.80 -100.10 -59.42
CA LYS O 269 -11.21 -101.49 -59.27
C LYS O 269 -11.14 -101.98 -57.83
N LEU O 270 -9.93 -102.01 -57.25
CA LEU O 270 -9.72 -102.44 -55.86
C LEU O 270 -9.63 -101.19 -55.00
N VAL O 271 -10.75 -100.81 -54.40
CA VAL O 271 -10.79 -99.58 -53.61
C VAL O 271 -11.04 -99.93 -52.16
N LYS O 272 -10.62 -99.03 -51.28
CA LYS O 272 -10.89 -99.11 -49.85
C LYS O 272 -12.16 -98.32 -49.54
N TYR O 273 -12.93 -98.80 -48.57
CA TYR O 273 -14.26 -98.26 -48.36
C TYR O 273 -14.27 -96.78 -48.00
N THR O 274 -13.11 -96.15 -47.84
CA THR O 274 -13.07 -94.72 -47.58
C THR O 274 -13.59 -93.92 -48.76
N ASP O 275 -13.49 -94.47 -49.97
CA ASP O 275 -13.85 -93.72 -51.16
C ASP O 275 -15.31 -93.86 -51.57
N PHE O 276 -16.18 -94.34 -50.69
CA PHE O 276 -17.61 -94.38 -50.94
C PHE O 276 -18.32 -93.45 -49.97
N GLU O 277 -18.84 -92.33 -50.49
CA GLU O 277 -19.61 -91.44 -49.65
C GLU O 277 -20.75 -92.15 -48.95
N ASP O 278 -21.09 -93.37 -49.39
CA ASP O 278 -22.01 -94.19 -48.62
C ASP O 278 -21.42 -94.55 -47.28
N THR O 279 -20.09 -94.54 -47.15
CA THR O 279 -19.51 -94.57 -45.82
C THR O 279 -19.81 -93.30 -45.03
N ASP O 280 -19.74 -92.14 -45.68
CA ASP O 280 -20.15 -90.92 -45.01
C ASP O 280 -21.61 -90.98 -44.58
N VAL O 281 -22.50 -91.51 -45.43
CA VAL O 281 -23.90 -91.56 -45.03
C VAL O 281 -24.11 -92.62 -43.97
N CYS O 282 -23.36 -93.72 -44.02
CA CYS O 282 -23.65 -94.83 -43.13
C CYS O 282 -23.02 -94.66 -41.76
N SER O 283 -21.93 -93.90 -41.64
CA SER O 283 -21.39 -93.65 -40.31
C SER O 283 -22.21 -92.62 -39.54
N VAL O 284 -22.70 -91.59 -40.21
CA VAL O 284 -23.68 -90.72 -39.56
C VAL O 284 -24.97 -91.49 -39.29
N PHE O 285 -25.35 -92.40 -40.19
CA PHE O 285 -26.45 -93.30 -39.91
C PHE O 285 -26.18 -94.11 -38.65
N LEU O 286 -24.96 -94.63 -38.49
CA LEU O 286 -24.61 -95.37 -37.31
C LEU O 286 -24.69 -94.52 -36.06
N ALA O 287 -24.23 -93.28 -36.14
CA ALA O 287 -24.38 -92.36 -35.02
C ALA O 287 -25.85 -92.20 -34.66
N ALA O 288 -26.72 -92.07 -35.65
CA ALA O 288 -28.16 -92.01 -35.38
C ALA O 288 -28.65 -93.29 -34.71
N ALA O 289 -28.29 -94.44 -35.27
CA ALA O 289 -28.68 -95.71 -34.69
C ALA O 289 -28.24 -95.80 -33.24
N GLU O 290 -27.04 -95.33 -32.94
CA GLU O 290 -26.50 -95.49 -31.59
C GLU O 290 -27.12 -94.52 -30.62
N ARG O 291 -27.46 -93.32 -31.08
CA ARG O 291 -28.28 -92.46 -30.23
C ARG O 291 -29.61 -93.12 -29.91
N ALA O 292 -30.22 -93.79 -30.89
CA ALA O 292 -31.42 -94.58 -30.61
C ALA O 292 -31.13 -95.78 -29.72
N VAL O 293 -29.92 -96.32 -29.79
CA VAL O 293 -29.54 -97.46 -28.96
C VAL O 293 -29.49 -97.05 -27.51
N ASP O 294 -28.64 -96.08 -27.19
CA ASP O 294 -28.43 -95.73 -25.80
C ASP O 294 -29.41 -94.67 -25.33
N ALA O 295 -29.40 -93.49 -25.95
CA ALA O 295 -30.25 -92.41 -25.47
C ALA O 295 -31.70 -92.69 -25.82
N ASP O 296 -32.49 -93.01 -24.81
CA ASP O 296 -33.93 -93.23 -24.98
C ASP O 296 -34.59 -91.89 -25.25
N LEU O 297 -35.51 -91.84 -26.22
CA LEU O 297 -35.98 -90.57 -26.75
C LEU O 297 -37.45 -90.33 -26.44
N HIS O 298 -37.71 -89.47 -25.46
CA HIS O 298 -39.05 -89.16 -24.98
C HIS O 298 -39.62 -88.01 -25.79
N ASP O 299 -40.95 -87.91 -25.81
CA ASP O 299 -41.64 -87.01 -26.73
C ASP O 299 -42.97 -86.61 -26.10
N THR O 300 -43.90 -86.19 -26.96
CA THR O 300 -45.28 -85.96 -26.50
C THR O 300 -46.09 -87.25 -26.43
N ARG O 301 -45.82 -88.21 -27.31
CA ARG O 301 -46.56 -89.47 -27.32
C ARG O 301 -45.61 -90.65 -27.35
N ALA O 302 -46.07 -91.77 -26.78
CA ALA O 302 -45.25 -92.95 -26.59
C ALA O 302 -45.22 -93.78 -27.85
N VAL O 303 -44.18 -93.62 -28.63
CA VAL O 303 -43.91 -94.51 -29.75
C VAL O 303 -42.88 -95.53 -29.29
N SER O 304 -43.23 -96.80 -29.42
CA SER O 304 -42.44 -97.87 -28.81
C SER O 304 -41.14 -98.11 -29.58
N GLU O 305 -40.21 -98.79 -28.91
CA GLU O 305 -38.95 -99.17 -29.53
C GLU O 305 -39.18 -99.95 -30.82
N ARG O 306 -40.18 -100.82 -30.84
CA ARG O 306 -40.55 -101.54 -32.06
C ARG O 306 -40.79 -100.60 -33.23
N ARG O 307 -41.72 -99.65 -33.05
CA ARG O 307 -41.99 -98.62 -34.03
C ARG O 307 -40.74 -97.85 -34.42
N ILE O 308 -39.96 -97.40 -33.44
CA ILE O 308 -38.86 -96.50 -33.78
C ILE O 308 -37.79 -97.23 -34.58
N PHE O 309 -37.49 -98.47 -34.23
CA PHE O 309 -36.47 -99.19 -34.96
C PHE O 309 -36.93 -99.51 -36.38
N LEU O 310 -38.19 -99.95 -36.53
CA LEU O 310 -38.68 -100.20 -37.87
C LEU O 310 -38.65 -98.92 -38.71
N SER O 311 -39.02 -97.80 -38.08
CA SER O 311 -38.98 -96.53 -38.80
C SER O 311 -37.58 -96.21 -39.26
N LEU O 312 -36.60 -96.29 -38.36
CA LEU O 312 -35.25 -95.92 -38.76
C LEU O 312 -34.73 -96.84 -39.86
N LEU O 313 -35.12 -98.10 -39.84
CA LEU O 313 -34.75 -98.94 -40.96
C LEU O 313 -35.37 -98.43 -42.26
N THR O 314 -36.64 -98.03 -42.21
CA THR O 314 -37.27 -97.45 -43.39
C THR O 314 -36.49 -96.25 -43.89
N MET O 315 -36.07 -95.39 -42.95
CA MET O 315 -35.36 -94.17 -43.30
C MET O 315 -34.03 -94.48 -43.98
N ILE O 316 -33.28 -95.42 -43.41
CA ILE O 316 -32.00 -95.76 -44.00
C ILE O 316 -32.18 -96.55 -45.29
N SER O 317 -33.37 -97.10 -45.54
CA SER O 317 -33.52 -97.98 -46.69
C SER O 317 -33.98 -97.23 -47.93
N TYR O 318 -35.09 -96.48 -47.82
CA TYR O 318 -35.78 -95.97 -49.00
C TYR O 318 -34.89 -95.23 -50.01
N SER O 319 -33.66 -94.91 -49.65
CA SER O 319 -32.79 -94.13 -50.52
C SER O 319 -31.65 -94.98 -51.05
N GLY O 320 -30.94 -94.44 -52.03
CA GLY O 320 -29.94 -95.18 -52.76
C GLY O 320 -28.62 -95.34 -52.03
N VAL O 321 -28.67 -95.38 -50.71
CA VAL O 321 -27.48 -95.53 -49.87
C VAL O 321 -26.89 -96.92 -50.07
N LEU O 322 -25.58 -97.04 -49.84
CA LEU O 322 -24.95 -98.37 -49.79
C LEU O 322 -24.75 -98.78 -48.33
N TYR O 323 -24.66 -100.09 -48.10
CA TYR O 323 -24.67 -100.59 -46.74
C TYR O 323 -23.27 -100.94 -46.26
N THR O 324 -23.15 -101.12 -44.94
CA THR O 324 -21.88 -101.40 -44.29
C THR O 324 -22.08 -102.32 -43.07
N SER O 325 -21.07 -103.17 -42.88
CA SER O 325 -21.00 -104.07 -41.73
C SER O 325 -21.27 -103.36 -40.41
N ASP O 326 -20.94 -102.08 -40.31
CA ASP O 326 -21.11 -101.40 -39.02
C ASP O 326 -22.57 -101.15 -38.71
N LEU O 327 -23.30 -100.52 -39.64
CA LEU O 327 -24.73 -100.32 -39.43
C LEU O 327 -25.44 -101.65 -39.26
N MET O 328 -25.00 -102.66 -40.02
CA MET O 328 -25.67 -103.95 -39.91
C MET O 328 -25.41 -104.60 -38.56
N ALA O 329 -24.19 -104.51 -38.04
CA ALA O 329 -23.92 -104.98 -36.70
C ALA O 329 -24.78 -104.25 -35.68
N GLN O 330 -24.86 -102.92 -35.77
CA GLN O 330 -25.64 -102.19 -34.78
C GLN O 330 -27.09 -102.67 -34.77
N LEU O 331 -27.71 -102.79 -35.94
CA LEU O 331 -29.13 -103.12 -35.93
C LEU O 331 -29.37 -104.59 -35.62
N MET O 332 -28.51 -105.50 -36.10
CA MET O 332 -28.61 -106.89 -35.70
C MET O 332 -28.50 -107.03 -34.19
N GLU O 333 -27.65 -106.20 -33.57
CA GLU O 333 -27.60 -106.12 -32.13
C GLU O 333 -28.92 -105.69 -31.53
N MET O 334 -29.51 -104.59 -32.02
CA MET O 334 -30.76 -104.10 -31.44
C MET O 334 -31.85 -105.17 -31.51
N VAL O 335 -32.00 -105.83 -32.66
CA VAL O 335 -32.99 -106.89 -32.76
C VAL O 335 -32.61 -108.13 -31.97
N LYS O 336 -31.32 -108.31 -31.65
CA LYS O 336 -30.92 -109.40 -30.77
C LYS O 336 -31.56 -109.26 -29.40
N TYR O 337 -32.10 -108.08 -29.09
CA TYR O 337 -32.68 -107.82 -27.78
C TYR O 337 -34.11 -107.28 -27.85
N SER O 338 -34.63 -107.01 -29.03
CA SER O 338 -36.04 -106.64 -29.13
C SER O 338 -36.93 -107.67 -28.45
N THR O 339 -38.00 -107.19 -27.79
CA THR O 339 -38.74 -108.02 -26.83
C THR O 339 -39.98 -108.68 -27.41
N HIS O 340 -40.61 -108.11 -28.43
CA HIS O 340 -41.81 -108.70 -29.02
C HIS O 340 -41.41 -110.00 -29.69
N ALA O 341 -41.87 -111.13 -29.13
CA ALA O 341 -41.38 -112.44 -29.55
C ALA O 341 -41.64 -112.72 -31.02
N SER O 342 -42.80 -112.35 -31.54
CA SER O 342 -43.10 -112.63 -32.93
C SER O 342 -42.43 -111.67 -33.90
N SER O 343 -42.28 -110.40 -33.53
CA SER O 343 -41.73 -109.41 -34.43
C SER O 343 -40.21 -109.32 -34.38
N ARG O 344 -39.57 -109.77 -33.29
CA ARG O 344 -38.12 -109.69 -33.19
C ARG O 344 -37.41 -110.56 -34.22
N ASP O 345 -37.89 -111.79 -34.47
CA ASP O 345 -37.22 -112.63 -35.45
C ASP O 345 -37.52 -112.19 -36.87
N SER O 346 -38.73 -111.66 -37.13
CA SER O 346 -39.01 -111.14 -38.45
C SER O 346 -38.20 -109.87 -38.72
N ASP O 347 -37.94 -109.09 -37.67
CA ASP O 347 -37.04 -107.97 -37.82
C ASP O 347 -35.62 -108.43 -38.07
N ALA O 348 -35.17 -109.48 -37.39
CA ALA O 348 -33.88 -110.05 -37.75
C ALA O 348 -33.88 -110.53 -39.20
N GLN O 349 -34.99 -111.07 -39.67
CA GLN O 349 -35.07 -111.51 -41.06
C GLN O 349 -34.93 -110.35 -42.02
N ARG O 350 -35.75 -109.31 -41.88
CA ARG O 350 -35.63 -108.15 -42.76
C ARG O 350 -34.25 -107.49 -42.63
N LEU O 351 -33.67 -107.52 -41.43
CA LEU O 351 -32.33 -107.00 -41.25
C LEU O 351 -31.33 -107.76 -42.09
N LEU O 352 -31.29 -109.09 -41.96
CA LEU O 352 -30.36 -109.84 -42.78
C LEU O 352 -30.72 -109.72 -44.25
N ARG O 353 -31.99 -109.47 -44.57
CA ARG O 353 -32.37 -109.25 -45.97
C ARG O 353 -31.70 -107.99 -46.52
N TYR O 354 -31.83 -106.88 -45.80
CA TYR O 354 -31.19 -105.66 -46.26
C TYR O 354 -29.67 -105.80 -46.22
N ALA O 355 -29.16 -106.59 -45.28
CA ALA O 355 -27.73 -106.88 -45.23
C ALA O 355 -27.27 -107.55 -46.51
N VAL O 356 -27.89 -108.68 -46.86
CA VAL O 356 -27.50 -109.45 -48.03
C VAL O 356 -27.78 -108.69 -49.32
N ARG O 357 -28.73 -107.76 -49.32
CA ARG O 357 -28.88 -106.90 -50.49
C ARG O 357 -27.73 -105.91 -50.58
N GLY O 358 -27.32 -105.34 -49.43
CA GLY O 358 -26.31 -104.32 -49.42
C GLY O 358 -26.82 -102.93 -49.70
N SER O 359 -28.11 -102.79 -49.96
CA SER O 359 -28.78 -101.50 -50.11
C SER O 359 -30.28 -101.75 -50.08
N SER O 360 -31.04 -100.73 -50.45
CA SER O 360 -32.46 -100.87 -50.75
C SER O 360 -32.79 -100.02 -51.96
N ALA O 361 -31.92 -100.06 -52.96
CA ALA O 361 -32.05 -99.24 -54.15
C ALA O 361 -33.19 -99.73 -55.03
N ALA O 362 -33.76 -98.81 -55.80
CA ALA O 362 -34.79 -99.17 -56.76
C ALA O 362 -34.24 -100.13 -57.81
N GLN O 363 -33.35 -99.64 -58.68
CA GLN O 363 -32.75 -100.52 -59.66
C GLN O 363 -31.60 -101.29 -59.02
N ASP O 364 -31.29 -102.44 -59.60
CA ASP O 364 -30.17 -103.24 -59.12
C ASP O 364 -28.90 -102.52 -59.52
N ASP O 365 -28.41 -101.69 -58.62
CA ASP O 365 -27.28 -100.80 -58.81
C ASP O 365 -26.05 -101.58 -59.24
N LEU O 366 -25.30 -100.99 -60.18
CA LEU O 366 -24.11 -101.60 -60.72
C LEU O 366 -22.89 -101.40 -59.84
N TYR O 367 -22.88 -100.35 -59.03
CA TYR O 367 -21.77 -100.14 -58.10
C TYR O 367 -21.87 -101.06 -56.89
N ARG O 368 -23.03 -101.69 -56.67
CA ARG O 368 -23.18 -102.54 -55.50
C ARG O 368 -22.46 -103.88 -55.66
N SER O 369 -22.47 -104.45 -56.86
CA SER O 369 -21.72 -105.69 -57.09
C SER O 369 -20.22 -105.45 -57.00
N LEU O 370 -19.80 -104.19 -56.97
CA LEU O 370 -18.43 -103.82 -56.68
C LEU O 370 -18.27 -103.33 -55.24
N TRP O 371 -19.36 -102.98 -54.58
CA TRP O 371 -19.29 -102.54 -53.19
C TRP O 371 -19.18 -103.71 -52.24
N LEU O 372 -19.94 -104.77 -52.54
CA LEU O 372 -19.74 -106.03 -51.83
C LEU O 372 -18.32 -106.55 -52.03
N LYS O 373 -17.65 -106.15 -53.10
CA LYS O 373 -16.21 -106.35 -53.19
C LYS O 373 -15.48 -105.52 -52.14
N VAL O 374 -15.89 -104.26 -51.95
CA VAL O 374 -15.15 -103.39 -51.05
C VAL O 374 -15.18 -103.93 -49.64
N GLU O 375 -16.34 -104.39 -49.18
CA GLU O 375 -16.46 -104.90 -47.82
C GLU O 375 -17.63 -105.87 -47.68
N MET O 376 -17.42 -106.86 -46.82
CA MET O 376 -18.38 -107.92 -46.59
C MET O 376 -19.40 -107.42 -45.58
N VAL O 377 -20.44 -106.76 -46.10
CA VAL O 377 -21.33 -105.97 -45.27
C VAL O 377 -22.06 -106.82 -44.24
N ALA O 378 -22.41 -108.06 -44.58
CA ALA O 378 -23.04 -108.99 -43.64
C ALA O 378 -21.97 -109.84 -42.94
N ASP O 379 -21.51 -109.35 -41.79
CA ASP O 379 -20.31 -109.89 -41.18
C ASP O 379 -20.62 -111.03 -40.20
N SER O 380 -19.55 -111.68 -39.76
CA SER O 380 -19.58 -112.65 -38.68
C SER O 380 -20.37 -112.15 -37.48
N ARG O 381 -20.18 -110.90 -37.09
CA ARG O 381 -20.91 -110.37 -35.95
C ARG O 381 -22.40 -110.30 -36.23
N VAL O 382 -22.78 -109.74 -37.38
CA VAL O 382 -24.20 -109.64 -37.70
C VAL O 382 -24.83 -111.01 -37.82
N LEU O 383 -24.04 -112.04 -38.15
CA LEU O 383 -24.55 -113.39 -38.22
C LEU O 383 -24.68 -114.05 -36.86
N GLY O 384 -23.71 -113.85 -35.98
CA GLY O 384 -23.83 -114.36 -34.62
C GLY O 384 -24.93 -113.67 -33.84
N ARG O 385 -25.26 -112.44 -34.22
CA ARG O 385 -26.41 -111.76 -33.66
C ARG O 385 -27.73 -112.21 -34.30
N TYR O 386 -27.70 -112.57 -35.57
CA TYR O 386 -28.83 -113.21 -36.23
C TYR O 386 -29.16 -114.54 -35.56
N ILE O 387 -28.12 -115.29 -35.18
CA ILE O 387 -28.29 -116.52 -34.42
C ILE O 387 -28.84 -116.23 -33.03
N GLY O 388 -28.52 -115.08 -32.45
CA GLY O 388 -29.02 -114.75 -31.12
C GLY O 388 -30.42 -114.17 -31.12
N ALA O 389 -30.88 -113.66 -32.26
CA ALA O 389 -32.20 -113.05 -32.36
C ALA O 389 -33.26 -113.95 -32.99
N ARG O 390 -32.87 -114.82 -33.93
CA ARG O 390 -33.87 -115.56 -34.70
C ARG O 390 -34.57 -116.58 -33.82
N GLU O 391 -35.89 -116.57 -33.85
CA GLU O 391 -36.69 -117.41 -32.96
C GLU O 391 -36.35 -118.88 -33.18
N PRO O 392 -36.40 -119.72 -32.15
CA PRO O 392 -35.93 -121.11 -32.32
C PRO O 392 -36.91 -122.02 -33.07
N TRP O 393 -38.21 -121.91 -32.80
CA TRP O 393 -39.18 -122.84 -33.36
C TRP O 393 -40.07 -122.23 -34.44
N SER O 394 -39.47 -121.43 -35.33
CA SER O 394 -40.15 -120.82 -36.47
C SER O 394 -40.15 -121.78 -37.66
N PRO O 395 -41.30 -121.95 -38.33
CA PRO O 395 -41.38 -122.95 -39.41
C PRO O 395 -40.72 -122.48 -40.68
N ILE O 396 -40.12 -121.30 -40.61
CA ILE O 396 -39.40 -120.70 -41.73
C ILE O 396 -37.99 -121.22 -41.71
N ARG O 397 -37.48 -121.60 -42.88
CA ARG O 397 -36.10 -122.06 -42.96
C ARG O 397 -35.17 -120.95 -42.52
N VAL O 398 -34.33 -121.26 -41.52
CA VAL O 398 -33.55 -120.22 -40.86
C VAL O 398 -32.58 -119.57 -41.83
N CYS O 399 -32.32 -120.22 -42.96
CA CYS O 399 -31.61 -119.55 -44.04
C CYS O 399 -32.58 -119.11 -45.13
N PHE O 400 -32.15 -118.17 -45.94
CA PHE O 400 -33.00 -117.77 -47.04
C PHE O 400 -33.01 -118.88 -48.09
N ASP O 401 -33.73 -118.62 -49.17
CA ASP O 401 -33.83 -119.57 -50.27
C ASP O 401 -33.66 -118.79 -51.56
N GLU O 402 -32.44 -118.83 -52.10
CA GLU O 402 -32.05 -118.05 -53.28
C GLU O 402 -32.29 -116.56 -53.08
N ARG O 403 -32.15 -116.10 -51.83
CA ARG O 403 -32.06 -114.69 -51.50
C ARG O 403 -33.36 -113.93 -51.75
N GLY O 404 -34.35 -114.58 -52.35
CA GLY O 404 -35.60 -113.91 -52.61
C GLY O 404 -36.46 -113.88 -51.36
N LEU O 405 -36.76 -115.06 -50.84
CA LEU O 405 -37.57 -115.23 -49.64
C LEU O 405 -36.95 -116.29 -48.75
N PHE O 406 -37.22 -116.16 -47.45
CA PHE O 406 -36.89 -117.19 -46.46
C PHE O 406 -38.13 -118.09 -46.37
N LYS O 407 -38.11 -119.18 -47.12
CA LYS O 407 -39.32 -120.00 -47.24
C LYS O 407 -39.41 -121.01 -46.10
N SER O 408 -40.54 -121.72 -46.06
CA SER O 408 -40.80 -122.72 -45.03
C SER O 408 -40.28 -124.08 -45.43
N ARG O 496 -43.38 -130.69 -30.58
CA ARG O 496 -41.99 -130.27 -30.71
C ARG O 496 -41.06 -131.46 -30.45
N THR O 497 -40.15 -131.70 -31.39
CA THR O 497 -39.33 -132.90 -31.44
C THR O 497 -37.85 -132.56 -31.54
N VAL O 498 -37.05 -133.63 -31.72
CA VAL O 498 -35.66 -133.46 -32.17
C VAL O 498 -35.53 -133.63 -33.68
N GLU O 499 -36.50 -134.30 -34.32
CA GLU O 499 -36.48 -134.41 -35.78
C GLU O 499 -36.59 -133.04 -36.44
N ALA O 500 -37.03 -132.02 -35.70
CA ALA O 500 -37.22 -130.69 -36.25
C ALA O 500 -36.06 -129.76 -35.90
N LEU O 501 -35.43 -129.94 -34.74
CA LEU O 501 -34.26 -129.12 -34.40
C LEU O 501 -33.10 -129.37 -35.35
N ASP O 502 -33.03 -130.57 -35.93
CA ASP O 502 -32.08 -130.84 -37.00
C ASP O 502 -32.25 -129.90 -38.18
N LEU O 503 -33.49 -129.58 -38.55
CA LEU O 503 -33.75 -128.65 -39.64
C LEU O 503 -33.11 -127.30 -39.37
N ARG O 504 -33.33 -126.74 -38.18
CA ARG O 504 -32.79 -125.43 -37.84
C ARG O 504 -31.26 -125.46 -37.78
N TRP O 505 -30.68 -126.50 -37.19
CA TRP O 505 -29.22 -126.52 -37.11
C TRP O 505 -28.56 -126.74 -38.47
N GLY O 506 -29.12 -127.63 -39.29
CA GLY O 506 -28.59 -127.80 -40.64
C GLY O 506 -28.70 -126.54 -41.47
N ASP O 507 -29.80 -125.79 -41.32
CA ASP O 507 -29.85 -124.51 -42.01
C ASP O 507 -28.85 -123.53 -41.44
N ILE O 508 -28.57 -123.57 -40.14
CA ILE O 508 -27.51 -122.71 -39.60
C ILE O 508 -26.17 -123.06 -40.23
N HIS O 509 -25.87 -124.35 -40.30
CA HIS O 509 -24.63 -124.77 -40.95
C HIS O 509 -24.55 -124.27 -42.39
N ARG O 510 -25.63 -124.46 -43.16
CA ARG O 510 -25.61 -124.05 -44.56
C ARG O 510 -25.53 -122.54 -44.72
N LEU O 511 -26.26 -121.77 -43.90
CA LEU O 511 -26.21 -120.32 -44.02
C LEU O 511 -24.87 -119.76 -43.55
N ILE O 512 -24.25 -120.39 -42.55
CA ILE O 512 -22.89 -120.04 -42.18
C ILE O 512 -21.92 -120.29 -43.34
N GLU O 513 -22.05 -121.43 -44.01
CA GLU O 513 -21.22 -121.68 -45.19
C GLU O 513 -21.46 -120.64 -46.28
N ARG O 514 -22.72 -120.24 -46.46
CA ARG O 514 -23.04 -119.28 -47.52
C ARG O 514 -22.54 -117.88 -47.19
N THR O 515 -22.56 -117.49 -45.92
CA THR O 515 -22.09 -116.17 -45.52
C THR O 515 -20.60 -116.13 -45.25
N ARG O 516 -19.93 -117.28 -45.22
CA ARG O 516 -18.48 -117.39 -45.09
C ARG O 516 -17.94 -116.43 -44.02
N ALA O 517 -18.59 -116.48 -42.86
CA ALA O 517 -18.25 -115.57 -41.76
C ALA O 517 -16.93 -115.96 -41.12
N LEU O 518 -16.76 -117.25 -40.80
CA LEU O 518 -15.52 -117.72 -40.20
C LEU O 518 -14.45 -118.02 -41.24
N THR O 519 -14.84 -118.23 -42.50
CA THR O 519 -13.90 -118.61 -43.54
C THR O 519 -13.29 -117.42 -44.28
N SER O 520 -13.93 -116.26 -44.27
CA SER O 520 -13.34 -115.10 -44.90
C SER O 520 -12.09 -114.67 -44.15
N PRO O 521 -11.00 -114.32 -44.85
CA PRO O 521 -9.77 -113.90 -44.17
C PRO O 521 -10.02 -112.69 -43.27
N PRO O 522 -9.10 -112.41 -42.35
CA PRO O 522 -9.30 -111.27 -41.44
C PRO O 522 -9.22 -109.95 -42.18
N THR O 523 -9.70 -108.90 -41.51
CA THR O 523 -9.67 -107.56 -42.05
C THR O 523 -9.12 -106.61 -41.00
N GLU O 524 -8.59 -105.47 -41.47
CA GLU O 524 -8.29 -104.39 -40.52
C GLU O 524 -9.56 -103.64 -40.14
N ARG O 525 -10.67 -103.93 -40.82
CA ARG O 525 -11.97 -103.51 -40.31
C ARG O 525 -12.43 -104.40 -39.16
N HIS O 526 -12.31 -105.72 -39.32
CA HIS O 526 -12.70 -106.69 -38.30
C HIS O 526 -11.55 -107.67 -38.08
N PRO O 527 -10.94 -107.71 -36.90
CA PRO O 527 -10.00 -108.80 -36.60
C PRO O 527 -10.71 -110.14 -36.48
N GLN O 528 -9.91 -111.18 -36.21
CA GLN O 528 -10.50 -112.49 -35.96
C GLN O 528 -11.20 -112.55 -34.62
N GLN O 529 -10.90 -111.64 -33.71
CA GLN O 529 -11.63 -111.59 -32.45
C GLN O 529 -13.09 -111.21 -32.65
N GLU O 530 -13.41 -110.58 -33.77
CA GLU O 530 -14.82 -110.35 -34.10
C GLU O 530 -15.57 -111.64 -34.37
N LYS O 531 -14.87 -112.74 -34.63
CA LYS O 531 -15.53 -114.00 -34.95
C LYS O 531 -16.24 -114.61 -33.76
N MET O 532 -16.01 -114.09 -32.56
CA MET O 532 -16.58 -114.64 -31.34
C MET O 532 -18.09 -114.47 -31.28
N GLU O 533 -18.63 -113.51 -32.02
CA GLU O 533 -20.08 -113.36 -32.12
C GLU O 533 -20.73 -114.61 -32.71
N ILE O 534 -20.06 -115.28 -33.65
CA ILE O 534 -20.58 -116.53 -34.19
C ILE O 534 -20.85 -117.52 -33.07
N PHE O 535 -19.82 -117.88 -32.33
CA PHE O 535 -19.93 -118.86 -31.27
C PHE O 535 -20.86 -118.42 -30.16
N THR O 536 -20.84 -117.14 -29.78
CA THR O 536 -21.81 -116.65 -28.80
C THR O 536 -23.23 -116.82 -29.29
N GLY O 537 -23.47 -116.55 -30.57
CA GLY O 537 -24.79 -116.72 -31.11
C GLY O 537 -25.25 -118.16 -31.09
N ILE O 538 -24.34 -119.09 -31.42
CA ILE O 538 -24.76 -120.49 -31.37
C ILE O 538 -25.03 -120.90 -29.93
N ALA O 539 -24.21 -120.43 -29.00
CA ALA O 539 -24.44 -120.70 -27.60
C ALA O 539 -25.79 -120.17 -27.14
N VAL O 540 -26.22 -119.01 -27.64
CA VAL O 540 -27.51 -118.47 -27.22
C VAL O 540 -28.66 -119.18 -27.95
N TYR O 541 -28.41 -119.63 -29.18
CA TYR O 541 -29.34 -120.57 -29.83
C TYR O 541 -29.66 -121.70 -28.88
N LEU O 542 -28.63 -122.33 -28.34
CA LEU O 542 -28.83 -123.41 -27.39
C LEU O 542 -29.43 -122.94 -26.06
N ARG O 543 -29.06 -121.75 -25.59
CA ARG O 543 -29.65 -121.19 -24.37
C ARG O 543 -31.16 -121.11 -24.49
N THR O 544 -31.65 -120.68 -25.66
CA THR O 544 -33.09 -120.56 -25.87
C THR O 544 -33.74 -121.86 -26.30
N ILE O 545 -32.97 -122.85 -26.76
CA ILE O 545 -33.50 -124.20 -26.78
C ILE O 545 -33.72 -124.70 -25.36
N ALA O 546 -32.96 -124.15 -24.41
CA ALA O 546 -33.16 -124.53 -23.02
C ALA O 546 -34.32 -123.78 -22.39
N THR O 547 -34.44 -122.48 -22.66
CA THR O 547 -35.42 -121.63 -21.97
C THR O 547 -36.55 -121.23 -22.88
N GLY O 548 -37.66 -120.84 -22.27
CA GLY O 548 -38.65 -120.08 -22.99
C GLY O 548 -38.59 -118.60 -22.71
N ARG O 549 -37.69 -118.17 -21.82
CA ARG O 549 -37.61 -116.79 -21.39
C ARG O 549 -36.24 -116.23 -21.75
N ARG O 550 -36.25 -115.08 -22.42
CA ARG O 550 -35.09 -114.60 -23.15
C ARG O 550 -34.19 -113.76 -22.24
N TYR O 551 -33.21 -113.07 -22.83
CA TYR O 551 -32.28 -112.15 -22.15
C TYR O 551 -32.82 -111.50 -20.87
N GLY O 575 -41.78 -129.64 -20.35
CA GLY O 575 -42.44 -129.16 -21.55
C GLY O 575 -41.65 -129.47 -22.79
N TYR O 576 -40.45 -130.00 -22.59
CA TYR O 576 -39.58 -130.43 -23.68
C TYR O 576 -39.27 -131.91 -23.55
N GLU O 577 -39.11 -132.56 -24.71
CA GLU O 577 -38.87 -133.98 -24.76
C GLU O 577 -37.42 -134.30 -24.40
N LEU O 578 -37.05 -135.57 -24.59
CA LEU O 578 -35.72 -136.04 -24.21
C LEU O 578 -34.68 -135.86 -25.31
N ASP O 579 -35.00 -136.29 -26.53
CA ASP O 579 -34.00 -136.23 -27.59
C ASP O 579 -33.67 -134.81 -27.97
N VAL O 580 -34.61 -133.87 -27.78
CA VAL O 580 -34.30 -132.47 -28.03
C VAL O 580 -33.15 -132.02 -27.14
N TRP O 581 -33.10 -132.48 -25.89
CA TRP O 581 -32.05 -132.06 -24.98
C TRP O 581 -30.79 -132.90 -25.14
N ALA O 582 -30.95 -134.16 -25.56
CA ALA O 582 -29.77 -134.92 -25.98
C ALA O 582 -29.03 -134.20 -27.12
N ARG O 583 -29.74 -133.87 -28.20
CA ARG O 583 -29.13 -133.13 -29.29
C ARG O 583 -28.74 -131.71 -28.87
N LEU O 584 -29.41 -131.16 -27.86
CA LEU O 584 -28.99 -129.85 -27.35
C LEU O 584 -27.59 -129.93 -26.74
N PHE O 585 -27.36 -130.95 -25.92
CA PHE O 585 -26.02 -131.25 -25.41
C PHE O 585 -25.04 -131.47 -26.56
N GLU O 586 -25.47 -132.24 -27.57
CA GLU O 586 -24.64 -132.43 -28.75
C GLU O 586 -24.26 -131.10 -29.39
N LEU O 587 -25.20 -130.16 -29.47
CA LEU O 587 -24.94 -128.90 -30.14
C LEU O 587 -24.03 -127.99 -29.31
N VAL O 588 -24.24 -127.96 -27.98
CA VAL O 588 -23.30 -127.21 -27.14
C VAL O 588 -21.89 -127.77 -27.29
N GLN O 589 -21.78 -129.11 -27.29
CA GLN O 589 -20.48 -129.72 -27.50
C GLN O 589 -19.90 -129.38 -28.86
N GLU O 590 -20.75 -129.31 -29.89
CA GLU O 590 -20.23 -129.03 -31.23
C GLU O 590 -19.76 -127.59 -31.37
N VAL O 591 -20.49 -126.64 -30.78
CA VAL O 591 -19.99 -125.27 -30.75
C VAL O 591 -18.67 -125.20 -30.03
N ARG O 592 -18.54 -125.92 -28.92
CA ARG O 592 -17.26 -125.97 -28.23
C ARG O 592 -16.16 -126.54 -29.12
N HIS O 593 -16.48 -127.62 -29.84
CA HIS O 593 -15.55 -128.20 -30.78
C HIS O 593 -15.04 -127.16 -31.76
N ASP O 594 -15.97 -126.52 -32.46
CA ASP O 594 -15.61 -125.54 -33.48
C ASP O 594 -14.86 -124.36 -32.90
N MET O 595 -15.25 -123.88 -31.71
CA MET O 595 -14.60 -122.71 -31.15
C MET O 595 -13.18 -123.02 -30.68
N GLU O 596 -12.96 -124.24 -30.18
CA GLU O 596 -11.60 -124.59 -29.78
C GLU O 596 -10.71 -124.87 -30.97
N LYS O 597 -11.23 -125.52 -32.00
CA LYS O 597 -10.47 -125.66 -33.24
C LYS O 597 -10.16 -124.31 -33.86
N PHE O 598 -11.10 -123.38 -33.79
CA PHE O 598 -10.85 -122.03 -34.31
C PHE O 598 -9.81 -121.32 -33.46
N ILE O 599 -9.81 -121.55 -32.15
CA ILE O 599 -8.74 -121.04 -31.29
C ILE O 599 -7.40 -121.51 -31.81
N THR O 600 -7.26 -122.84 -31.99
CA THR O 600 -5.99 -123.38 -32.44
C THR O 600 -5.58 -122.82 -33.81
N ASP O 601 -6.55 -122.62 -34.70
CA ASP O 601 -6.21 -122.07 -36.01
C ASP O 601 -5.76 -120.62 -35.92
N ASN O 602 -6.52 -119.78 -35.23
CA ASN O 602 -6.19 -118.36 -35.09
C ASN O 602 -5.24 -118.14 -33.92
N ALA O 603 -4.44 -119.16 -33.60
CA ALA O 603 -3.45 -119.08 -32.53
C ALA O 603 -2.53 -117.85 -32.66
N ALA O 604 -2.43 -117.26 -33.85
CA ALA O 604 -1.60 -116.06 -33.98
C ALA O 604 -2.41 -114.79 -33.72
N HIS O 605 -3.53 -114.63 -34.44
CA HIS O 605 -4.47 -113.54 -34.21
C HIS O 605 -5.15 -113.85 -32.88
N HIS O 606 -4.59 -113.32 -31.78
CA HIS O 606 -5.00 -113.74 -30.44
C HIS O 606 -6.50 -113.82 -30.32
N VAL O 607 -6.97 -114.95 -29.79
CA VAL O 607 -8.40 -115.26 -29.78
C VAL O 607 -8.85 -115.44 -28.34
N GLU O 608 -9.92 -114.77 -27.96
CA GLU O 608 -10.58 -115.00 -26.70
C GLU O 608 -12.05 -115.30 -26.98
N PRO O 609 -12.61 -116.35 -26.38
CA PRO O 609 -14.05 -116.57 -26.53
C PRO O 609 -14.79 -115.44 -25.86
N GLU O 610 -16.08 -115.37 -26.12
CA GLU O 610 -16.81 -114.31 -25.44
C GLU O 610 -17.40 -114.81 -24.13
N PHE O 611 -17.32 -113.93 -23.13
CA PHE O 611 -18.00 -114.18 -21.86
C PHE O 611 -19.42 -114.65 -22.08
N GLU O 612 -20.13 -114.02 -23.02
CA GLU O 612 -21.52 -114.38 -23.27
C GLU O 612 -21.65 -115.74 -23.93
N CYS O 613 -20.74 -116.09 -24.84
CA CYS O 613 -20.70 -117.44 -25.37
C CYS O 613 -20.56 -118.45 -24.24
N TRP O 614 -19.56 -118.24 -23.38
CA TRP O 614 -19.34 -119.15 -22.25
C TRP O 614 -20.54 -119.20 -21.32
N GLU O 615 -21.19 -118.06 -21.09
CA GLU O 615 -22.33 -118.02 -20.21
C GLU O 615 -23.51 -118.81 -20.78
N ALA O 616 -23.80 -118.67 -22.08
CA ALA O 616 -24.87 -119.47 -22.66
C ALA O 616 -24.50 -120.94 -22.66
N LEU O 617 -23.22 -121.26 -22.88
CA LEU O 617 -22.78 -122.65 -22.77
C LEU O 617 -23.10 -123.22 -21.40
N LEU O 618 -22.76 -122.48 -20.34
CA LEU O 618 -22.98 -123.04 -19.01
C LEU O 618 -24.44 -123.04 -18.61
N ILE O 619 -25.23 -122.08 -19.06
CA ILE O 619 -26.64 -122.16 -18.71
C ILE O 619 -27.30 -123.32 -19.45
N THR O 620 -26.83 -123.63 -20.66
CA THR O 620 -27.32 -124.85 -21.30
C THR O 620 -26.94 -126.07 -20.48
N LEU O 621 -25.69 -126.17 -20.07
CA LEU O 621 -25.31 -127.36 -19.32
C LEU O 621 -26.06 -127.46 -17.99
N ARG O 622 -26.29 -126.34 -17.29
CA ARG O 622 -27.08 -126.37 -16.08
C ARG O 622 -28.52 -126.79 -16.35
N CYS O 623 -29.14 -126.24 -17.40
CA CYS O 623 -30.51 -126.61 -17.72
C CYS O 623 -30.61 -128.08 -18.14
N ILE O 624 -29.60 -128.61 -18.83
CA ILE O 624 -29.68 -130.00 -19.25
C ILE O 624 -29.43 -130.93 -18.07
N LEU O 625 -28.60 -130.52 -17.10
CA LEU O 625 -28.52 -131.29 -15.87
C LEU O 625 -29.83 -131.23 -15.09
N ASP O 626 -30.46 -130.06 -15.03
CA ASP O 626 -31.77 -129.96 -14.38
C ASP O 626 -32.78 -130.87 -15.07
N PHE O 627 -32.78 -130.87 -16.40
CA PHE O 627 -33.66 -131.73 -17.18
C PHE O 627 -33.37 -133.19 -16.92
N CYS O 628 -32.08 -133.54 -16.79
CA CYS O 628 -31.70 -134.91 -16.47
C CYS O 628 -32.24 -135.32 -15.11
N VAL O 629 -32.17 -134.43 -14.13
CA VAL O 629 -32.60 -134.81 -12.79
C VAL O 629 -34.13 -134.85 -12.71
N VAL O 630 -34.81 -133.92 -13.41
CA VAL O 630 -36.28 -133.94 -13.38
C VAL O 630 -36.85 -135.03 -14.26
N ARG O 631 -36.04 -135.59 -15.15
CA ARG O 631 -36.43 -136.72 -15.98
C ARG O 631 -36.07 -138.05 -15.36
N THR O 632 -35.02 -138.09 -14.53
CA THR O 632 -34.69 -139.32 -13.81
C THR O 632 -35.53 -139.47 -12.55
N GLN O 633 -35.53 -138.46 -11.68
CA GLN O 633 -36.02 -138.64 -10.32
C GLN O 633 -37.45 -138.13 -10.15
N GLU O 634 -37.81 -137.02 -10.80
CA GLU O 634 -39.17 -136.51 -10.64
C GLU O 634 -40.18 -137.29 -11.47
N LYS O 635 -39.72 -138.07 -12.44
CA LYS O 635 -40.60 -138.99 -13.16
C LYS O 635 -40.18 -140.45 -12.93
N GLY O 636 -38.94 -140.78 -13.28
CA GLY O 636 -38.50 -142.16 -13.29
C GLY O 636 -39.37 -143.05 -14.16
N LYS O 637 -39.56 -142.65 -15.42
CA LYS O 637 -40.52 -143.33 -16.28
C LYS O 637 -39.89 -144.44 -17.09
N GLU O 638 -38.93 -144.14 -17.96
CA GLU O 638 -38.27 -145.15 -18.77
C GLU O 638 -37.05 -144.54 -19.44
N GLU O 639 -36.27 -145.40 -20.11
CA GLU O 639 -35.00 -145.04 -20.73
C GLU O 639 -34.00 -144.53 -19.69
N ARG O 640 -34.10 -145.04 -18.46
CA ARG O 640 -33.29 -144.52 -17.36
C ARG O 640 -31.80 -144.70 -17.64
N ALA O 641 -31.44 -145.72 -18.41
CA ALA O 641 -30.04 -145.90 -18.82
C ALA O 641 -29.53 -144.67 -19.56
N ALA O 642 -30.24 -144.26 -20.60
CA ALA O 642 -29.78 -143.12 -21.39
C ALA O 642 -29.93 -141.81 -20.62
N VAL O 643 -30.95 -141.70 -19.76
CA VAL O 643 -31.12 -140.46 -19.00
C VAL O 643 -30.00 -140.30 -17.99
N GLU O 644 -29.57 -141.40 -17.36
CA GLU O 644 -28.44 -141.34 -16.44
C GLU O 644 -27.14 -141.12 -17.19
N GLU O 645 -27.04 -141.68 -18.40
CA GLU O 645 -25.89 -141.42 -19.26
C GLU O 645 -25.76 -139.93 -19.56
N LEU O 646 -26.84 -139.30 -20.00
CA LEU O 646 -26.80 -137.88 -20.30
C LEU O 646 -26.63 -137.06 -19.03
N PHE O 647 -27.16 -137.55 -17.91
CA PHE O 647 -26.93 -136.91 -16.62
C PHE O 647 -25.45 -136.83 -16.32
N GLU O 648 -24.74 -137.95 -16.47
CA GLU O 648 -23.30 -137.94 -16.23
C GLU O 648 -22.58 -137.08 -17.25
N LYS O 649 -23.02 -137.08 -18.51
CA LYS O 649 -22.37 -136.27 -19.52
C LYS O 649 -22.49 -134.79 -19.22
N THR O 650 -23.71 -134.32 -18.90
CA THR O 650 -23.90 -132.91 -18.65
C THR O 650 -23.30 -132.50 -17.32
N MET O 651 -23.25 -133.39 -16.33
CA MET O 651 -22.51 -133.02 -15.13
C MET O 651 -21.01 -132.94 -15.37
N LYS O 652 -20.42 -133.97 -16.00
CA LYS O 652 -18.98 -133.98 -16.25
C LYS O 652 -18.55 -132.86 -17.19
N LEU O 653 -19.43 -132.39 -18.07
CA LEU O 653 -19.11 -131.21 -18.86
C LEU O 653 -19.40 -129.90 -18.13
N ARG O 654 -20.44 -129.85 -17.30
CA ARG O 654 -20.78 -128.63 -16.59
C ARG O 654 -19.69 -128.26 -15.59
N ASN O 655 -19.29 -129.21 -14.73
CA ASN O 655 -18.20 -128.94 -13.79
C ASN O 655 -16.85 -128.78 -14.49
N GLU O 656 -16.58 -129.56 -15.54
CA GLU O 656 -15.33 -129.41 -16.27
C GLU O 656 -15.23 -128.02 -16.90
N LEU O 657 -16.29 -127.55 -17.54
CA LEU O 657 -16.25 -126.23 -18.17
C LEU O 657 -16.40 -125.12 -17.15
N VAL O 658 -16.89 -125.43 -15.96
CA VAL O 658 -16.87 -124.46 -14.87
C VAL O 658 -15.44 -124.23 -14.40
N GLU O 659 -14.64 -125.31 -14.32
CA GLU O 659 -13.27 -125.13 -13.88
C GLU O 659 -12.34 -124.65 -14.99
N GLU O 660 -12.55 -125.11 -16.23
CA GLU O 660 -11.84 -124.52 -17.36
C GLU O 660 -12.08 -123.03 -17.47
N SER O 661 -13.28 -122.58 -17.09
CA SER O 661 -13.59 -121.15 -17.13
C SER O 661 -12.66 -120.34 -16.25
N ARG O 662 -12.31 -120.89 -15.09
CA ARG O 662 -11.48 -120.16 -14.13
C ARG O 662 -9.99 -120.41 -14.33
N THR O 663 -9.60 -121.55 -14.90
CA THR O 663 -8.17 -121.78 -15.05
C THR O 663 -7.66 -121.29 -16.40
N ARG O 664 -8.41 -121.50 -17.48
CA ARG O 664 -7.89 -121.20 -18.80
C ARG O 664 -8.35 -119.83 -19.28
N PHE O 665 -7.74 -119.40 -20.39
CA PHE O 665 -7.88 -118.04 -20.92
C PHE O 665 -7.41 -116.99 -19.91
N GLY O 666 -6.45 -117.36 -19.08
CA GLY O 666 -5.83 -116.43 -18.16
C GLY O 666 -6.68 -116.02 -16.98
N GLY O 667 -7.84 -116.66 -16.81
CA GLY O 667 -8.71 -116.29 -15.73
C GLY O 667 -9.58 -115.09 -16.02
N ARG O 668 -10.23 -115.07 -17.17
CA ARG O 668 -11.07 -113.94 -17.51
C ARG O 668 -12.50 -114.13 -17.00
N MET O 669 -13.11 -115.28 -17.32
CA MET O 669 -14.52 -115.55 -17.07
C MET O 669 -14.74 -116.24 -15.73
N ARG O 670 -13.94 -115.86 -14.74
CA ARG O 670 -13.96 -116.53 -13.45
C ARG O 670 -15.23 -116.27 -12.66
N ILE O 671 -16.06 -115.30 -13.09
CA ILE O 671 -17.29 -115.03 -12.36
C ILE O 671 -18.32 -116.12 -12.54
N LEU O 672 -18.39 -116.78 -13.70
CA LEU O 672 -19.29 -117.92 -13.83
C LEU O 672 -18.90 -119.01 -12.86
N TRP O 673 -17.60 -119.27 -12.72
CA TRP O 673 -17.13 -120.16 -11.67
C TRP O 673 -17.65 -119.73 -10.31
N LEU O 674 -17.32 -118.50 -9.90
CA LEU O 674 -17.70 -118.02 -8.57
C LEU O 674 -19.18 -118.19 -8.32
N GLN O 675 -20.00 -117.88 -9.30
CA GLN O 675 -21.45 -117.91 -9.09
C GLN O 675 -21.99 -119.33 -9.11
N GLU O 676 -21.85 -120.04 -10.22
CA GLU O 676 -22.51 -121.34 -10.37
C GLU O 676 -21.60 -122.50 -10.01
N ALA O 677 -20.68 -122.27 -9.09
CA ALA O 677 -19.96 -123.38 -8.46
C ALA O 677 -19.73 -123.07 -6.99
N SER P 2 15.35 -17.25 69.93
CA SER P 2 16.30 -16.59 69.05
C SER P 2 16.78 -17.55 67.96
N VAL P 3 17.22 -18.73 68.39
CA VAL P 3 17.69 -19.78 67.50
C VAL P 3 17.13 -21.11 68.00
N THR P 4 16.57 -21.88 67.08
CA THR P 4 16.22 -23.27 67.34
C THR P 4 17.14 -24.15 66.49
N GLY P 5 18.12 -24.77 67.14
CA GLY P 5 19.15 -25.52 66.44
C GLY P 5 19.22 -26.96 66.89
N VAL P 6 19.51 -27.84 65.94
CA VAL P 6 19.48 -29.28 66.20
C VAL P 6 20.77 -29.74 66.84
N PHE P 7 21.93 -29.35 66.29
CA PHE P 7 23.22 -29.65 66.89
C PHE P 7 23.62 -28.49 67.77
N SER P 8 23.92 -28.80 69.02
CA SER P 8 24.39 -27.79 69.96
C SER P 8 25.80 -27.33 69.61
N LYS P 9 26.73 -28.28 69.46
CA LYS P 9 28.14 -27.98 69.40
C LYS P 9 28.79 -29.01 68.49
N GLY P 10 29.93 -28.63 67.94
CA GLY P 10 30.64 -29.53 67.07
C GLY P 10 32.07 -29.73 67.48
N ARG P 11 32.92 -29.98 66.49
CA ARG P 11 34.33 -30.14 66.77
C ARG P 11 35.12 -29.71 65.54
N GLY P 12 36.32 -29.18 65.78
CA GLY P 12 37.22 -28.82 64.72
C GLY P 12 37.91 -30.05 64.17
N ILE P 13 38.24 -29.99 62.88
CA ILE P 13 38.91 -31.10 62.24
C ILE P 13 40.41 -30.96 62.48
N GLY P 14 40.97 -29.79 62.19
CA GLY P 14 42.38 -29.55 62.46
C GLY P 14 42.56 -28.95 63.85
N HIS P 15 43.71 -29.25 64.46
CA HIS P 15 43.91 -28.83 65.84
C HIS P 15 44.78 -27.58 65.92
N ALA P 16 44.84 -27.01 67.12
CA ALA P 16 45.37 -25.66 67.34
C ALA P 16 46.87 -25.55 67.13
N ALA P 17 47.60 -26.67 67.06
CA ALA P 17 48.98 -26.59 66.59
C ALA P 17 49.01 -26.23 65.10
N VAL P 18 47.86 -26.31 64.43
CA VAL P 18 47.74 -25.94 63.04
C VAL P 18 46.86 -24.71 62.86
N THR P 19 45.67 -24.71 63.46
CA THR P 19 44.73 -23.60 63.24
C THR P 19 45.33 -22.26 63.69
N SER P 20 46.02 -22.23 64.83
CA SER P 20 46.49 -20.95 65.36
C SER P 20 47.47 -20.26 64.43
N ILE P 21 47.90 -20.92 63.36
CA ILE P 21 48.82 -20.32 62.40
C ILE P 21 48.08 -20.27 61.08
N LEU P 22 47.06 -21.13 60.95
CA LEU P 22 46.31 -21.25 59.71
C LEU P 22 45.28 -20.15 59.53
N ARG P 23 44.59 -19.75 60.60
CA ARG P 23 43.43 -18.86 60.48
C ARG P 23 43.76 -17.55 59.80
N TYR P 24 45.02 -17.10 59.83
CA TYR P 24 45.37 -15.77 59.36
C TYR P 24 45.20 -15.60 57.86
N ILE P 25 44.77 -16.62 57.14
CA ILE P 25 44.29 -16.49 55.77
C ILE P 25 42.86 -17.03 55.75
N PRO P 26 41.92 -16.36 55.07
CA PRO P 26 40.53 -16.83 55.08
C PRO P 26 40.33 -18.00 54.12
N ARG P 27 39.24 -18.73 54.32
CA ARG P 27 38.86 -19.79 53.39
C ARG P 27 37.82 -19.25 52.42
N ALA P 28 38.01 -19.51 51.14
CA ALA P 28 37.04 -19.13 50.12
C ALA P 28 35.87 -20.10 50.15
N ARG P 29 34.83 -19.76 50.89
CA ARG P 29 33.82 -20.74 51.25
C ARG P 29 32.69 -20.77 50.23
N VAL P 30 31.69 -21.60 50.50
CA VAL P 30 30.55 -21.79 49.59
C VAL P 30 29.72 -20.53 49.55
N PRO P 31 29.41 -19.97 48.38
CA PRO P 31 28.72 -18.68 48.34
C PRO P 31 27.34 -18.68 48.99
N TRP P 32 26.50 -19.67 48.72
CA TRP P 32 25.12 -19.63 49.18
C TRP P 32 24.93 -20.10 50.62
N GLN P 33 25.92 -20.80 51.18
CA GLN P 33 25.87 -21.25 52.57
C GLN P 33 27.31 -21.45 53.03
N PRO P 34 28.02 -20.36 53.35
CA PRO P 34 29.47 -20.50 53.58
C PRO P 34 29.84 -21.41 54.72
N SER P 35 29.12 -21.40 55.83
CA SER P 35 29.47 -22.19 56.99
C SER P 35 28.87 -23.59 56.85
N ARG P 36 29.71 -24.61 56.80
CA ARG P 36 29.30 -25.97 56.44
C ARG P 36 29.53 -26.91 57.60
N PHE P 37 28.52 -27.07 58.44
CA PHE P 37 28.58 -27.94 59.61
C PHE P 37 28.18 -29.33 59.15
N GLY P 38 29.13 -30.05 58.59
CA GLY P 38 28.87 -31.38 58.06
C GLY P 38 28.83 -32.43 59.14
N ARG P 39 29.15 -33.66 58.74
CA ARG P 39 29.14 -34.79 59.64
C ARG P 39 30.43 -34.90 60.43
N GLU P 40 31.56 -34.51 59.84
CA GLU P 40 32.82 -34.61 60.54
C GLU P 40 32.83 -33.77 61.82
N ASN P 41 32.09 -32.67 61.83
CA ASN P 41 32.17 -31.73 62.92
C ASN P 41 31.30 -32.09 64.10
N LEU P 42 30.35 -33.01 63.91
CA LEU P 42 29.53 -33.45 65.02
C LEU P 42 30.38 -33.95 66.17
N SER P 43 29.79 -33.98 67.36
CA SER P 43 30.46 -34.57 68.50
C SER P 43 30.60 -36.07 68.29
N ALA P 44 31.16 -36.74 69.30
CA ALA P 44 31.15 -38.20 69.28
C ALA P 44 29.77 -38.74 69.59
N SER P 45 29.09 -38.19 70.58
CA SER P 45 27.78 -38.72 70.96
C SER P 45 26.71 -38.36 69.94
N ASP P 46 26.62 -37.08 69.57
CA ASP P 46 25.62 -36.68 68.59
C ASP P 46 25.79 -37.46 67.29
N LEU P 47 27.04 -37.73 66.89
CA LEU P 47 27.25 -38.50 65.67
C LEU P 47 26.99 -39.98 65.90
N ALA P 48 27.15 -40.47 67.13
CA ALA P 48 26.66 -41.81 67.43
C ALA P 48 25.15 -41.89 67.27
N VAL P 49 24.44 -40.81 67.59
CA VAL P 49 23.01 -40.75 67.31
C VAL P 49 22.75 -40.79 65.82
N LEU P 50 23.47 -39.92 65.08
CA LEU P 50 23.31 -39.82 63.63
C LEU P 50 23.78 -41.09 62.93
N TRP P 51 24.51 -41.95 63.63
CA TRP P 51 24.93 -43.22 63.07
C TRP P 51 24.05 -44.38 63.53
N SER P 52 23.58 -44.31 64.78
CA SER P 52 22.61 -45.29 65.25
C SER P 52 21.35 -45.23 64.40
N ARG P 53 20.72 -44.07 64.33
CA ARG P 53 19.60 -43.92 63.41
C ARG P 53 20.11 -43.87 61.98
N GLY P 54 19.19 -43.69 61.05
CA GLY P 54 19.57 -43.67 59.66
C GLY P 54 19.57 -45.01 58.96
N ARG P 55 18.88 -46.01 59.50
CA ARG P 55 18.66 -47.30 58.85
C ARG P 55 17.27 -47.79 59.23
N TYR P 56 16.74 -48.78 58.51
CA TYR P 56 15.34 -49.12 58.69
C TYR P 56 15.11 -49.93 59.95
N ARG P 57 15.61 -51.14 60.00
CA ARG P 57 15.42 -51.96 61.19
C ARG P 57 16.77 -52.47 61.64
N ASP P 58 17.77 -52.24 60.81
CA ASP P 58 19.11 -52.71 61.11
C ASP P 58 20.06 -51.58 61.49
N GLY P 59 19.55 -50.38 61.72
CA GLY P 59 20.24 -49.41 62.52
C GLY P 59 19.74 -49.47 63.95
N PRO P 60 20.64 -49.70 64.90
CA PRO P 60 20.22 -49.82 66.30
C PRO P 60 19.44 -48.62 66.83
N GLY P 61 19.31 -47.54 66.06
CA GLY P 61 18.52 -46.42 66.53
C GLY P 61 17.07 -46.77 66.76
N ASN P 62 16.61 -47.89 66.21
CA ASN P 62 15.21 -48.28 66.33
C ASN P 62 14.99 -49.12 67.58
N TYR P 63 13.96 -48.74 68.35
CA TYR P 63 13.62 -49.36 69.63
C TYR P 63 13.59 -50.89 69.56
N ASN P 64 13.01 -51.46 68.51
CA ASN P 64 13.00 -52.90 68.31
C ASN P 64 13.95 -53.33 67.19
N SER P 65 15.11 -52.68 67.07
CA SER P 65 16.13 -53.13 66.14
C SER P 65 17.08 -54.16 66.76
N GLY P 66 17.13 -54.24 68.09
CA GLY P 66 17.92 -55.22 68.78
C GLY P 66 19.15 -54.69 69.47
N TYR P 67 19.94 -53.86 68.80
CA TYR P 67 21.11 -53.24 69.41
C TYR P 67 20.78 -51.85 69.92
N HIS P 68 19.50 -51.59 70.18
CA HIS P 68 19.03 -50.29 70.61
C HIS P 68 19.40 -50.03 72.07
N THR P 69 19.63 -48.76 72.38
CA THR P 69 20.06 -48.36 73.70
C THR P 69 18.91 -48.08 74.64
N GLU P 70 17.87 -47.39 74.17
CA GLU P 70 16.77 -47.02 75.05
C GLU P 70 16.01 -48.26 75.52
N LYS P 71 15.53 -48.19 76.75
CA LYS P 71 14.77 -49.27 77.38
C LYS P 71 13.28 -49.03 77.35
N THR P 72 12.84 -47.82 77.01
CA THR P 72 11.44 -47.43 77.06
C THR P 72 11.06 -46.84 75.71
N HIS P 73 9.86 -47.17 75.23
CA HIS P 73 9.32 -46.53 74.03
C HIS P 73 7.81 -46.40 74.18
N VAL P 74 7.31 -45.20 73.95
CA VAL P 74 5.89 -44.89 74.10
C VAL P 74 5.21 -45.09 72.76
N LEU P 75 4.27 -46.02 72.71
CA LEU P 75 3.54 -46.31 71.48
C LEU P 75 2.14 -45.72 71.64
N GLU P 76 1.97 -44.49 71.16
CA GLU P 76 0.71 -43.77 71.19
C GLU P 76 0.10 -43.83 72.60
N ASP P 77 0.88 -43.32 73.56
CA ASP P 77 0.51 -43.31 74.97
C ASP P 77 0.38 -44.72 75.52
N ASN P 78 1.12 -45.68 74.96
CA ASN P 78 1.31 -46.97 75.61
C ASN P 78 2.80 -47.25 75.68
N THR P 79 3.28 -47.55 76.90
CA THR P 79 4.69 -47.79 77.13
C THR P 79 5.01 -49.26 76.88
N VAL P 80 6.08 -49.51 76.13
CA VAL P 80 6.69 -50.82 75.98
C VAL P 80 8.13 -50.71 76.44
N THR P 81 8.60 -51.75 77.11
CA THR P 81 9.96 -51.76 77.62
C THR P 81 10.76 -52.93 77.04
N MET P 82 12.06 -52.73 76.97
CA MET P 82 12.93 -53.61 76.20
C MET P 82 13.18 -54.92 76.91
N ILE P 83 12.66 -56.01 76.34
CA ILE P 83 12.99 -57.33 76.85
C ILE P 83 14.45 -57.61 76.50
N PRO P 84 15.34 -57.74 77.47
CA PRO P 84 16.75 -57.94 77.16
C PRO P 84 17.04 -59.35 76.67
N LYS P 85 18.26 -59.52 76.18
CA LYS P 85 18.77 -60.81 75.75
C LYS P 85 18.59 -61.89 76.80
N HIS P 86 18.78 -61.58 78.08
CA HIS P 86 18.76 -62.63 79.09
C HIS P 86 17.35 -63.16 79.34
N GLU P 87 16.35 -62.29 79.29
CA GLU P 87 14.99 -62.77 79.30
C GLU P 87 14.62 -63.44 78.00
N LEU P 88 15.23 -63.02 76.90
CA LEU P 88 14.79 -63.45 75.58
C LEU P 88 15.31 -64.85 75.23
N GLU P 89 16.54 -65.16 75.62
CA GLU P 89 17.17 -66.41 75.24
C GLU P 89 16.41 -67.62 75.73
N LYS P 90 15.44 -67.41 76.61
CA LYS P 90 14.65 -68.52 77.11
C LYS P 90 13.67 -69.02 76.05
N TYR P 91 13.51 -68.27 74.95
CA TYR P 91 12.70 -68.70 73.84
C TYR P 91 13.28 -68.35 72.48
N MET P 92 14.31 -67.52 72.43
CA MET P 92 14.97 -67.15 71.17
C MET P 92 16.44 -67.56 71.32
N PRO P 93 16.72 -68.85 71.35
CA PRO P 93 18.08 -69.30 71.71
C PRO P 93 19.14 -68.65 70.85
N ASP P 94 20.10 -68.02 71.52
CA ASP P 94 21.10 -67.18 70.86
C ASP P 94 22.05 -68.04 70.05
N ILE P 95 22.18 -67.73 68.77
CA ILE P 95 23.27 -68.23 67.94
C ILE P 95 24.02 -66.99 67.47
N SER P 96 25.22 -66.77 68.01
CA SER P 96 26.02 -65.61 67.66
C SER P 96 27.43 -66.10 67.39
N ILE P 97 27.73 -66.38 66.12
CA ILE P 97 29.06 -66.85 65.75
C ILE P 97 30.12 -65.82 66.12
N GLY P 98 29.80 -64.54 66.02
CA GLY P 98 30.71 -63.49 66.39
C GLY P 98 31.15 -62.62 65.24
N PRO P 99 32.21 -61.84 65.45
CA PRO P 99 32.62 -60.85 64.44
C PRO P 99 33.20 -61.44 63.18
N LYS P 100 33.53 -62.74 63.18
CA LYS P 100 34.05 -63.38 61.99
C LYS P 100 32.95 -63.89 61.07
N ALA P 101 31.71 -63.88 61.52
CA ALA P 101 30.56 -64.38 60.77
C ALA P 101 29.96 -63.35 59.83
N LEU P 102 30.51 -62.15 59.77
CA LEU P 102 30.09 -61.15 58.82
C LEU P 102 31.12 -60.92 57.73
N VAL P 103 32.34 -61.44 57.90
CA VAL P 103 33.44 -61.17 56.98
C VAL P 103 33.68 -62.41 56.11
N THR P 104 33.14 -62.38 54.90
CA THR P 104 33.28 -63.50 53.98
C THR P 104 34.75 -63.66 53.60
N PRO P 105 35.15 -64.83 53.12
CA PRO P 105 36.53 -64.99 52.65
C PRO P 105 36.80 -64.16 51.41
N VAL P 106 38.07 -63.82 51.20
CA VAL P 106 38.46 -63.03 50.05
C VAL P 106 38.26 -63.80 48.76
N SER P 107 38.02 -65.10 48.85
CA SER P 107 37.74 -65.88 47.65
C SER P 107 36.27 -65.90 47.30
N LEU P 108 35.46 -65.15 48.05
CA LEU P 108 34.04 -64.98 47.71
C LEU P 108 33.70 -63.54 47.40
N MET P 109 34.69 -62.68 47.20
CA MET P 109 34.41 -61.29 46.85
C MET P 109 33.66 -61.19 45.54
N SER P 110 34.18 -61.86 44.51
CA SER P 110 33.54 -61.79 43.21
C SER P 110 32.18 -62.48 43.21
N ALA P 111 31.99 -63.47 44.06
CA ALA P 111 30.67 -64.06 44.17
C ALA P 111 29.70 -63.17 44.93
N ARG P 112 30.19 -62.36 45.87
CA ARG P 112 29.34 -61.44 46.61
C ARG P 112 29.37 -60.04 46.01
N ASN P 113 29.83 -59.91 44.78
CA ASN P 113 29.81 -58.62 44.06
C ASN P 113 30.80 -57.63 44.66
N GLY P 114 32.00 -58.11 44.97
CA GLY P 114 33.05 -57.24 45.44
C GLY P 114 33.19 -57.13 46.95
N HIS P 115 32.15 -57.45 47.69
CA HIS P 115 32.16 -57.17 49.11
C HIS P 115 32.86 -58.28 49.89
N ARG P 116 33.22 -57.94 51.14
CA ARG P 116 33.60 -58.92 52.14
C ARG P 116 32.70 -58.89 53.37
N VAL P 117 32.23 -57.73 53.76
CA VAL P 117 31.35 -57.58 54.93
C VAL P 117 29.96 -58.05 54.54
N THR P 118 29.07 -58.12 55.52
CA THR P 118 27.66 -58.39 55.25
C THR P 118 26.78 -57.37 55.97
N HIS P 119 27.39 -56.32 56.50
CA HIS P 119 26.69 -55.31 57.27
C HIS P 119 25.50 -54.75 56.49
N ASP P 120 24.50 -54.27 57.23
CA ASP P 120 23.55 -53.33 56.66
C ASP P 120 24.28 -52.22 55.95
N LEU P 121 25.21 -51.58 56.64
CA LEU P 121 25.96 -50.48 56.07
C LEU P 121 27.01 -51.03 55.12
N LEU P 122 26.86 -50.66 53.85
CA LEU P 122 27.83 -51.02 52.82
C LEU P 122 29.21 -50.54 53.25
N HIS P 123 30.22 -51.35 52.97
CA HIS P 123 31.60 -51.03 53.31
C HIS P 123 32.40 -50.89 52.02
N SER P 124 32.52 -49.67 51.54
CA SER P 124 33.43 -49.33 50.46
C SER P 124 34.85 -49.47 50.96
N TYR P 125 35.74 -49.93 50.08
CA TYR P 125 37.12 -50.11 50.48
C TYR P 125 37.99 -48.92 50.13
N ASP P 126 37.50 -48.00 49.30
CA ASP P 126 38.24 -46.79 49.03
C ASP P 126 38.18 -45.88 50.25
N PRO P 127 39.04 -44.87 50.34
CA PRO P 127 39.03 -44.00 51.51
C PRO P 127 37.94 -42.94 51.48
N HIS P 128 37.66 -42.34 50.32
CA HIS P 128 36.92 -41.10 50.25
C HIS P 128 35.42 -41.25 50.43
N ILE P 129 34.93 -42.43 50.78
CA ILE P 129 33.48 -42.64 50.83
C ILE P 129 32.97 -42.73 52.26
N GLY P 130 33.49 -43.62 53.06
CA GLY P 130 33.10 -43.67 54.46
C GLY P 130 33.91 -42.76 55.35
N ARG P 131 34.72 -41.88 54.75
CA ARG P 131 35.62 -41.02 55.50
C ARG P 131 34.84 -40.06 56.37
N LEU P 132 34.99 -40.18 57.69
CA LEU P 132 34.20 -39.36 58.63
C LEU P 132 34.97 -38.11 59.07
N ASP P 133 36.08 -38.30 59.78
CA ASP P 133 37.16 -37.32 59.83
C ASP P 133 38.48 -37.91 59.39
N LYS P 134 38.86 -39.05 59.94
CA LYS P 134 39.95 -39.83 59.40
C LYS P 134 39.41 -40.73 58.29
N PRO P 135 40.19 -40.95 57.23
CA PRO P 135 39.76 -41.87 56.18
C PRO P 135 39.32 -43.23 56.72
N ALA P 136 38.21 -43.72 56.19
CA ALA P 136 37.62 -44.95 56.68
C ALA P 136 38.42 -46.17 56.24
N VAL P 137 39.07 -46.84 57.18
CA VAL P 137 39.76 -48.09 56.91
C VAL P 137 38.80 -49.22 57.21
N VAL P 138 38.67 -50.17 56.29
CA VAL P 138 37.75 -51.29 56.46
C VAL P 138 38.48 -52.35 57.27
N ASP P 139 38.34 -52.28 58.58
CA ASP P 139 38.89 -53.29 59.49
C ASP P 139 37.89 -54.43 59.63
N HIS P 140 38.22 -55.57 59.06
CA HIS P 140 37.35 -56.73 59.01
C HIS P 140 37.41 -57.59 60.25
N ASP P 141 37.91 -57.05 61.36
CA ASP P 141 38.13 -57.85 62.56
C ASP P 141 37.30 -57.38 63.73
N ASN P 142 36.62 -56.25 63.62
CA ASN P 142 35.79 -55.70 64.67
C ASN P 142 34.51 -55.11 64.11
N ILE P 143 34.04 -55.65 62.99
CA ILE P 143 32.85 -55.11 62.35
C ILE P 143 31.65 -55.45 63.22
N THR P 144 31.16 -54.46 63.94
CA THR P 144 30.08 -54.62 64.90
C THR P 144 28.78 -54.17 64.24
N VAL P 145 27.69 -54.27 64.99
CA VAL P 145 26.46 -53.64 64.54
C VAL P 145 26.34 -52.24 65.10
N GLU P 146 27.03 -51.95 66.20
CA GLU P 146 27.09 -50.58 66.69
C GLU P 146 27.87 -49.68 65.75
N ASP P 147 28.93 -50.21 65.14
CA ASP P 147 29.76 -49.51 64.15
C ASP P 147 30.40 -48.27 64.75
N PRO P 148 31.41 -48.43 65.59
CA PRO P 148 32.03 -47.24 66.21
C PRO P 148 32.81 -46.38 65.24
N ASN P 149 33.51 -46.98 64.28
CA ASN P 149 34.47 -46.23 63.49
C ASN P 149 33.84 -45.30 62.48
N ARG P 150 32.50 -45.29 62.39
CA ARG P 150 31.78 -44.46 61.44
C ARG P 150 32.35 -44.58 60.04
N VAL P 151 32.78 -45.79 59.68
CA VAL P 151 33.31 -46.02 58.33
C VAL P 151 32.24 -46.45 57.35
N GLY P 152 31.02 -46.76 57.82
CA GLY P 152 30.00 -47.29 56.95
C GLY P 152 29.41 -46.25 56.01
N LEU P 153 28.97 -46.75 54.86
CA LEU P 153 28.32 -45.92 53.84
C LEU P 153 26.87 -45.72 54.27
N ASN P 154 26.67 -44.91 55.31
CA ASN P 154 25.38 -44.76 55.96
C ASN P 154 24.28 -44.42 54.95
N ALA P 155 23.04 -44.72 55.33
CA ALA P 155 21.89 -44.55 54.44
C ALA P 155 21.26 -43.17 54.53
N ALA P 156 20.93 -42.71 55.73
CA ALA P 156 20.16 -41.49 55.91
C ALA P 156 20.83 -40.58 56.93
N THR P 157 22.13 -40.37 56.76
CA THR P 157 22.88 -39.47 57.63
C THR P 157 23.10 -38.13 56.94
N LEU P 158 23.44 -37.13 57.75
CA LEU P 158 23.90 -35.87 57.21
C LEU P 158 25.04 -36.15 56.23
N ASP P 159 25.11 -35.38 55.16
CA ASP P 159 26.16 -35.52 54.16
C ASP P 159 26.25 -36.93 53.59
N CYS P 160 25.11 -37.63 53.50
CA CYS P 160 25.09 -38.95 52.92
C CYS P 160 24.89 -38.93 51.42
N ARG P 161 24.31 -37.85 50.90
CA ARG P 161 23.91 -37.85 49.50
C ARG P 161 25.12 -37.87 48.57
N GLY P 162 26.13 -37.05 48.86
CA GLY P 162 27.32 -37.06 48.03
C GLY P 162 28.03 -38.39 48.00
N ARG P 163 28.05 -39.10 49.12
CA ARG P 163 28.67 -40.41 49.18
C ARG P 163 27.80 -41.51 48.60
N ILE P 164 26.47 -41.40 48.70
CA ILE P 164 25.62 -42.35 48.00
C ILE P 164 25.78 -42.19 46.49
N TYR P 165 25.91 -40.95 46.02
CA TYR P 165 26.19 -40.72 44.61
C TYR P 165 27.55 -41.27 44.23
N ARG P 166 28.55 -41.08 45.07
CA ARG P 166 29.84 -41.67 44.76
C ARG P 166 29.75 -43.19 44.71
N TRP P 167 28.91 -43.77 45.57
CA TRP P 167 28.81 -45.21 45.59
C TRP P 167 28.14 -45.74 44.33
N LEU P 168 27.12 -45.03 43.84
CA LEU P 168 26.43 -45.48 42.64
C LEU P 168 27.21 -45.20 41.37
N ARG P 169 28.01 -44.14 41.37
CA ARG P 169 28.97 -43.86 40.32
C ARG P 169 30.27 -44.61 40.53
N ARG P 170 30.31 -45.53 41.47
CA ARG P 170 31.47 -46.37 41.67
C ARG P 170 31.80 -47.11 40.39
N GLY P 171 33.04 -47.57 40.30
CA GLY P 171 33.54 -48.15 39.10
C GLY P 171 33.04 -49.57 38.88
N PRO P 172 33.50 -50.17 37.79
CA PRO P 172 33.14 -51.57 37.54
C PRO P 172 33.81 -52.48 38.54
N PHE P 173 35.14 -52.37 38.63
CA PHE P 173 35.98 -53.09 39.59
C PHE P 173 36.34 -52.09 40.67
N PHE P 174 35.45 -51.94 41.64
CA PHE P 174 35.69 -50.95 42.67
C PHE P 174 36.18 -51.58 43.96
N GLN P 175 35.38 -52.47 44.54
CA GLN P 175 35.82 -53.09 45.77
C GLN P 175 37.12 -53.85 45.58
N GLU P 176 37.21 -54.65 44.52
CA GLU P 176 38.43 -55.42 44.32
C GLU P 176 39.66 -54.54 44.11
N ASP P 177 39.60 -53.60 43.18
CA ASP P 177 40.78 -52.78 42.91
C ASP P 177 41.17 -51.96 44.12
N HIS P 178 40.24 -51.22 44.69
CA HIS P 178 40.64 -50.35 45.78
C HIS P 178 41.00 -51.15 47.02
N TYR P 179 40.37 -52.31 47.25
CA TYR P 179 40.75 -53.19 48.36
C TYR P 179 42.15 -53.76 48.17
N PHE P 180 42.48 -54.19 46.97
CA PHE P 180 43.85 -54.59 46.67
C PHE P 180 44.84 -53.47 46.99
N ARG P 181 44.62 -52.27 46.47
CA ARG P 181 45.65 -51.24 46.54
C ARG P 181 45.72 -50.53 47.88
N ARG P 182 44.61 -50.39 48.58
CA ARG P 182 44.63 -49.86 49.95
C ARG P 182 45.39 -50.74 50.90
N SER P 183 45.71 -51.96 50.48
CA SER P 183 46.67 -52.80 51.15
C SER P 183 47.78 -53.18 50.16
N LEU P 184 48.71 -54.04 50.60
CA LEU P 184 49.64 -54.75 49.72
C LEU P 184 50.40 -53.78 48.79
N ARG P 185 51.26 -52.97 49.39
CA ARG P 185 52.09 -52.08 48.60
C ARG P 185 53.57 -52.33 48.90
N LEU P 186 54.40 -51.99 47.93
CA LEU P 186 55.84 -52.19 48.05
C LEU P 186 56.42 -51.30 49.13
N ASN P 187 57.20 -51.89 50.02
CA ASN P 187 57.76 -51.15 51.14
C ASN P 187 59.00 -50.38 50.71
N ARG P 188 59.24 -49.25 51.37
CA ARG P 188 60.35 -48.38 51.00
C ARG P 188 61.69 -49.09 51.01
N ASP P 189 61.78 -50.24 51.66
CA ASP P 189 62.99 -51.05 51.54
C ASP P 189 63.16 -51.58 50.12
N GLY P 190 62.29 -51.19 49.20
CA GLY P 190 62.35 -51.64 47.83
C GLY P 190 61.85 -53.05 47.62
N THR P 191 61.46 -53.75 48.69
CA THR P 191 61.12 -55.15 48.62
C THR P 191 59.65 -55.33 48.27
N VAL P 192 59.34 -56.55 47.83
CA VAL P 192 57.97 -56.95 47.51
C VAL P 192 57.25 -57.32 48.81
N PRO P 193 55.94 -57.12 48.88
CA PRO P 193 55.21 -57.53 50.09
C PRO P 193 55.00 -59.05 50.19
N THR P 194 55.98 -59.70 50.81
CA THR P 194 55.82 -61.04 51.31
C THR P 194 55.43 -61.00 52.79
N ALA P 195 54.37 -61.72 53.13
CA ALA P 195 53.70 -61.58 54.41
C ALA P 195 54.02 -62.77 55.31
N ALA P 196 53.28 -62.85 56.41
CA ALA P 196 53.37 -63.95 57.36
C ALA P 196 52.36 -65.06 57.13
N HIS P 197 51.10 -64.72 56.87
CA HIS P 197 50.09 -65.74 56.75
C HIS P 197 50.06 -66.42 55.39
N GLU P 198 50.79 -65.90 54.40
CA GLU P 198 50.88 -66.54 53.09
C GLU P 198 52.08 -67.45 52.95
N ALA P 199 53.04 -67.40 53.87
CA ALA P 199 54.20 -68.29 53.83
C ALA P 199 53.83 -69.76 53.89
N PRO P 200 52.97 -70.24 54.80
CA PRO P 200 52.64 -71.67 54.77
C PRO P 200 51.87 -72.08 53.53
N LEU P 201 50.96 -71.25 53.06
CA LEU P 201 50.26 -71.58 51.82
C LEU P 201 51.25 -71.57 50.65
N MET P 202 52.23 -70.66 50.68
CA MET P 202 53.25 -70.68 49.64
C MET P 202 54.09 -71.94 49.71
N ARG P 203 54.33 -72.44 50.92
CA ARG P 203 55.00 -73.73 51.04
C ARG P 203 54.17 -74.83 50.41
N LYS P 204 52.86 -74.85 50.70
CA LYS P 204 52.00 -75.83 50.06
C LYS P 204 52.13 -75.76 48.55
N ILE P 205 52.07 -74.55 47.99
CA ILE P 205 52.08 -74.41 46.53
C ILE P 205 53.40 -74.89 45.95
N VAL P 206 54.51 -74.46 46.53
CA VAL P 206 55.81 -74.79 45.97
C VAL P 206 56.05 -76.28 46.08
N ARG P 207 55.67 -76.89 47.20
CA ARG P 207 55.88 -78.32 47.33
C ARG P 207 55.05 -79.10 46.31
N LEU P 208 53.76 -78.78 46.20
CA LEU P 208 52.91 -79.50 45.25
C LEU P 208 53.42 -79.34 43.83
N ALA P 209 53.66 -78.10 43.41
CA ALA P 209 54.14 -77.89 42.05
C ALA P 209 55.48 -78.56 41.78
N GLN P 210 56.40 -78.53 42.72
CA GLN P 210 57.65 -79.27 42.57
C GLN P 210 57.41 -80.76 42.41
N ARG P 211 56.50 -81.33 43.16
CA ARG P 211 56.11 -82.71 42.97
C ARG P 211 55.50 -82.94 41.59
N GLY P 212 55.00 -81.89 40.95
CA GLY P 212 54.45 -82.00 39.63
C GLY P 212 52.95 -82.05 39.58
N HIS P 213 52.29 -81.87 40.71
CA HIS P 213 50.84 -81.88 40.79
C HIS P 213 50.33 -80.50 40.38
N LEU P 214 50.28 -80.30 39.07
CA LEU P 214 50.03 -78.96 38.55
C LEU P 214 48.67 -78.43 38.97
N LYS P 215 47.59 -79.16 38.65
CA LYS P 215 46.27 -78.63 38.97
C LYS P 215 46.07 -78.52 40.46
N ALA P 216 46.71 -79.39 41.24
CA ALA P 216 46.63 -79.25 42.68
C ALA P 216 47.28 -77.95 43.13
N ALA P 217 48.48 -77.69 42.66
CA ALA P 217 49.14 -76.43 42.99
C ALA P 217 48.33 -75.25 42.50
N CYS P 218 47.62 -75.40 41.38
CA CYS P 218 46.84 -74.28 40.85
C CYS P 218 45.60 -74.03 41.67
N GLU P 219 44.88 -75.08 42.06
CA GLU P 219 43.78 -74.91 42.99
C GLU P 219 44.24 -74.29 44.30
N GLU P 220 45.45 -74.58 44.76
CA GLU P 220 45.96 -73.91 45.95
C GLU P 220 46.34 -72.47 45.68
N TYR P 221 47.03 -72.20 44.58
CA TYR P 221 47.31 -70.85 44.14
C TYR P 221 46.04 -70.02 44.05
N ARG P 222 44.92 -70.67 43.74
CA ARG P 222 43.62 -69.99 43.75
C ARG P 222 43.32 -69.35 45.10
N ARG P 223 44.09 -69.70 46.13
CA ARG P 223 43.94 -69.11 47.45
C ARG P 223 45.03 -68.10 47.79
N VAL P 224 45.87 -67.76 46.84
CA VAL P 224 46.87 -66.72 47.04
C VAL P 224 46.17 -65.38 47.19
N THR P 225 46.03 -64.91 48.42
CA THR P 225 45.43 -63.60 48.64
C THR P 225 46.46 -62.49 48.56
N THR P 226 47.49 -62.54 49.39
CA THR P 226 48.60 -61.60 49.25
C THR P 226 49.48 -62.09 48.11
N VAL P 227 50.66 -61.50 48.00
CA VAL P 227 51.57 -61.79 46.91
C VAL P 227 52.37 -63.04 47.27
N PRO P 228 52.71 -63.90 46.31
CA PRO P 228 53.62 -64.99 46.61
C PRO P 228 55.04 -64.59 46.39
N PRO P 229 56.00 -65.14 47.13
CA PRO P 229 57.41 -64.94 46.79
C PRO P 229 57.72 -65.55 45.44
N VAL P 230 58.86 -65.17 44.84
CA VAL P 230 59.14 -65.58 43.47
C VAL P 230 59.26 -67.08 43.30
N GLU P 231 59.73 -67.80 44.32
CA GLU P 231 59.89 -69.25 44.19
C GLU P 231 58.56 -69.97 43.95
N VAL P 232 57.44 -69.44 44.45
CA VAL P 232 56.15 -70.07 44.21
C VAL P 232 55.84 -70.09 42.72
N TYR P 233 56.02 -68.95 42.04
CA TYR P 233 55.93 -68.96 40.61
C TYR P 233 56.98 -69.83 39.97
N ARG P 234 58.17 -69.89 40.58
CA ARG P 234 59.21 -70.78 40.05
C ARG P 234 58.72 -72.20 39.98
N ALA P 235 58.11 -72.71 41.05
CA ALA P 235 57.59 -74.08 41.09
C ALA P 235 56.34 -74.26 40.24
N LEU P 236 55.41 -73.31 40.27
CA LEU P 236 54.18 -73.45 39.51
C LEU P 236 54.44 -73.43 38.01
N THR P 237 55.51 -72.76 37.56
CA THR P 237 55.94 -72.91 36.17
C THR P 237 56.80 -74.14 35.97
N ALA P 238 57.60 -74.52 36.96
CA ALA P 238 58.44 -75.69 36.87
C ALA P 238 57.66 -76.95 36.62
N CYS P 239 56.52 -77.12 37.28
CA CYS P 239 55.72 -78.31 37.08
C CYS P 239 55.30 -78.51 35.63
N CYS P 240 55.16 -77.44 34.85
CA CYS P 240 54.65 -77.55 33.49
C CYS P 240 55.64 -78.20 32.54
N ILE P 241 56.91 -78.24 32.89
CA ILE P 241 57.97 -78.63 31.95
C ILE P 241 57.70 -79.99 31.31
N PRO P 242 57.44 -81.06 32.06
CA PRO P 242 57.32 -82.36 31.41
C PRO P 242 56.17 -82.48 30.46
N GLY P 243 54.98 -81.98 30.83
CA GLY P 243 53.82 -82.09 29.96
C GLY P 243 53.80 -81.11 28.81
N GLY P 244 54.66 -80.09 28.84
CA GLY P 244 54.69 -79.10 27.79
C GLY P 244 53.53 -78.13 27.83
N LEU P 245 53.10 -77.74 29.02
CA LEU P 245 51.94 -76.87 29.16
C LEU P 245 52.38 -75.44 28.95
N ILE P 246 52.63 -75.11 27.69
CA ILE P 246 53.01 -73.74 27.37
C ILE P 246 51.90 -72.79 27.75
N ALA P 247 50.64 -73.19 27.58
CA ALA P 247 49.55 -72.27 27.84
C ALA P 247 49.39 -71.97 29.33
N ASP P 248 49.24 -73.02 30.14
CA ASP P 248 49.22 -72.88 31.59
C ASP P 248 50.45 -72.15 32.09
N ALA P 249 51.62 -72.42 31.49
CA ALA P 249 52.85 -71.77 31.93
C ALA P 249 52.87 -70.29 31.62
N VAL P 250 52.51 -69.91 30.41
CA VAL P 250 52.49 -68.49 30.06
C VAL P 250 51.53 -67.75 30.96
N ALA P 251 50.39 -68.35 31.27
CA ALA P 251 49.46 -67.70 32.18
C ALA P 251 49.99 -67.60 33.60
N ILE P 252 50.70 -68.64 34.09
CA ILE P 252 51.34 -68.52 35.41
C ILE P 252 52.35 -67.39 35.41
N PHE P 253 53.05 -67.19 34.31
CA PHE P 253 54.00 -66.10 34.27
C PHE P 253 53.29 -64.76 34.34
N GLU P 254 52.35 -64.54 33.43
CA GLU P 254 51.65 -63.26 33.34
C GLU P 254 50.93 -62.87 34.62
N ASP P 255 50.63 -63.81 35.51
CA ASP P 255 49.85 -63.44 36.67
C ASP P 255 50.66 -62.67 37.69
N GLY P 256 51.95 -62.93 37.80
CA GLY P 256 52.82 -62.08 38.58
C GLY P 256 53.48 -61.02 37.75
N ASN P 257 53.80 -61.30 36.50
CA ASN P 257 54.38 -60.34 35.58
C ASN P 257 53.37 -59.22 35.39
N SER P 258 53.68 -58.05 35.95
CA SER P 258 52.93 -56.82 35.73
C SER P 258 51.62 -56.78 36.48
N LYS P 259 51.23 -57.88 37.10
CA LYS P 259 49.99 -57.87 37.86
C LYS P 259 50.24 -57.87 39.35
N LEU P 260 51.35 -58.44 39.78
CA LEU P 260 51.69 -58.62 41.18
C LEU P 260 53.07 -58.03 41.45
N PHE P 261 53.29 -56.83 40.96
CA PHE P 261 54.53 -56.10 41.17
C PHE P 261 55.73 -56.84 40.59
N TYR P 262 55.51 -57.60 39.52
CA TYR P 262 56.55 -58.20 38.70
C TYR P 262 57.39 -59.20 39.47
N VAL P 263 56.77 -59.83 40.48
CA VAL P 263 57.40 -60.95 41.16
C VAL P 263 57.86 -61.99 40.15
N ALA P 264 57.02 -62.28 39.17
CA ALA P 264 57.29 -63.31 38.20
C ALA P 264 58.39 -62.92 37.25
N ARG P 265 58.88 -61.69 37.30
CA ARG P 265 59.99 -61.31 36.44
C ARG P 265 61.29 -61.68 37.16
N ASP P 266 61.61 -62.97 37.10
CA ASP P 266 62.88 -63.46 37.58
C ASP P 266 63.43 -64.50 36.63
N GLY P 267 64.77 -64.49 36.53
CA GLY P 267 65.42 -65.21 35.45
C GLY P 267 65.10 -66.70 35.45
N GLU P 268 64.95 -67.29 36.63
CA GLU P 268 64.70 -68.72 36.65
C GLU P 268 63.26 -69.04 36.29
N VAL P 269 62.29 -68.19 36.66
CA VAL P 269 60.93 -68.42 36.20
C VAL P 269 60.88 -68.28 34.69
N LEU P 270 61.52 -67.25 34.15
CA LEU P 270 61.65 -67.15 32.71
C LEU P 270 62.33 -68.38 32.12
N HIS P 271 63.28 -68.96 32.84
CA HIS P 271 63.95 -70.16 32.35
C HIS P 271 62.99 -71.34 32.28
N ASN P 272 62.17 -71.53 33.32
CA ASN P 272 61.16 -72.57 33.30
C ASN P 272 60.22 -72.39 32.12
N VAL P 273 59.71 -71.17 31.94
CA VAL P 273 58.75 -70.92 30.87
C VAL P 273 59.42 -71.08 29.50
N MET P 274 60.71 -70.76 29.42
CA MET P 274 61.44 -71.02 28.18
C MET P 274 61.54 -72.51 27.92
N ARG P 275 61.83 -73.30 28.96
CA ARG P 275 61.83 -74.75 28.79
C ARG P 275 60.49 -75.25 28.27
N CYS P 276 59.39 -74.72 28.81
CA CYS P 276 58.08 -75.12 28.30
C CYS P 276 57.92 -74.75 26.83
N ALA P 277 58.41 -73.57 26.44
CA ALA P 277 58.41 -73.22 25.03
C ALA P 277 59.20 -74.23 24.20
N ILE P 278 60.31 -74.74 24.74
CA ILE P 278 61.09 -75.74 24.02
C ILE P 278 60.28 -77.02 23.88
N LYS P 279 59.78 -77.55 24.99
CA LYS P 279 59.11 -78.84 24.98
C LYS P 279 57.76 -78.78 24.26
N ALA P 280 57.22 -77.58 24.09
CA ALA P 280 56.03 -77.38 23.29
C ALA P 280 56.37 -76.97 21.86
N LYS P 281 57.64 -76.73 21.57
CA LYS P 281 58.12 -76.56 20.20
C LYS P 281 57.57 -75.28 19.57
N ASN P 282 57.82 -74.16 20.24
CA ASN P 282 57.15 -72.90 19.94
C ASN P 282 58.18 -71.81 19.64
N ARG P 283 58.47 -71.62 18.36
CA ARG P 283 59.42 -70.57 17.97
C ARG P 283 58.96 -69.20 18.44
N VAL P 284 57.66 -68.96 18.46
CA VAL P 284 57.15 -67.66 18.86
C VAL P 284 57.11 -67.48 20.37
N ARG P 285 56.97 -68.56 21.13
CA ARG P 285 57.05 -68.45 22.57
C ARG P 285 58.47 -68.36 23.09
N VAL P 286 59.42 -69.03 22.44
CA VAL P 286 60.82 -68.77 22.77
C VAL P 286 61.13 -67.28 22.65
N MET P 287 60.69 -66.67 21.54
CA MET P 287 60.94 -65.25 21.37
C MET P 287 60.15 -64.39 22.34
N TRP P 288 58.93 -64.77 22.70
CA TRP P 288 58.23 -63.99 23.72
C TRP P 288 58.97 -64.02 25.05
N VAL P 289 59.53 -65.17 25.43
CA VAL P 289 60.22 -65.24 26.70
C VAL P 289 61.54 -64.48 26.64
N TYR P 290 62.24 -64.57 25.52
CA TYR P 290 63.43 -63.74 25.34
C TYR P 290 63.07 -62.26 25.32
N ASN P 291 61.84 -61.93 24.91
CA ASN P 291 61.35 -60.56 24.95
C ASN P 291 61.14 -60.07 26.37
N VAL P 292 60.46 -60.84 27.20
CA VAL P 292 60.33 -60.42 28.59
C VAL P 292 61.71 -60.32 29.23
N MET P 293 62.62 -61.24 28.86
CA MET P 293 64.00 -61.15 29.34
C MET P 293 64.64 -59.83 28.97
N ARG P 294 64.60 -59.47 27.69
CA ARG P 294 65.08 -58.16 27.26
C ARG P 294 64.41 -57.04 28.03
N GLY P 295 63.15 -57.25 28.44
CA GLY P 295 62.41 -56.23 29.14
C GLY P 295 62.28 -54.94 28.37
N ARG P 296 61.85 -53.92 29.08
CA ARG P 296 61.93 -52.54 28.62
C ARG P 296 62.35 -51.65 29.78
N TYR P 297 62.33 -50.34 29.55
CA TYR P 297 62.70 -49.43 30.61
C TYR P 297 61.73 -49.50 31.77
N TYR P 298 60.44 -49.66 31.51
CA TYR P 298 59.48 -49.53 32.60
C TYR P 298 59.75 -50.55 33.70
N GLU P 299 59.85 -51.83 33.34
CA GLU P 299 60.20 -52.84 34.31
C GLU P 299 61.66 -52.71 34.75
N ASN P 300 62.58 -52.67 33.80
CA ASN P 300 64.00 -52.77 34.12
C ASN P 300 64.47 -51.62 35.01
N VAL P 301 63.73 -50.53 35.07
CA VAL P 301 64.17 -49.35 35.81
C VAL P 301 63.14 -48.85 36.81
N ILE P 302 61.88 -48.69 36.41
CA ILE P 302 60.92 -48.09 37.33
C ILE P 302 60.56 -49.06 38.43
N VAL P 303 60.03 -50.22 38.06
CA VAL P 303 59.69 -51.24 39.04
C VAL P 303 60.93 -52.00 39.47
N ARG P 304 62.07 -51.79 38.80
CA ARG P 304 63.35 -52.36 39.21
C ARG P 304 63.30 -53.87 39.34
N ALA P 305 62.54 -54.52 38.45
CA ALA P 305 62.52 -55.97 38.33
C ALA P 305 63.39 -56.41 37.16
N GLU P 306 64.68 -56.23 37.32
CA GLU P 306 65.64 -56.67 36.33
C GLU P 306 66.12 -58.07 36.66
N ILE P 307 66.88 -58.65 35.73
CA ILE P 307 67.39 -60.01 35.87
C ILE P 307 68.92 -59.99 35.89
N ASP P 308 69.50 -60.76 36.81
CA ASP P 308 70.95 -60.80 36.95
C ASP P 308 71.62 -61.19 35.63
N PRO P 309 72.66 -60.46 35.21
CA PRO P 309 73.27 -60.75 33.89
C PRO P 309 73.66 -62.19 33.67
N ILE P 310 74.05 -62.94 34.71
CA ILE P 310 74.32 -64.35 34.50
C ILE P 310 73.04 -65.08 34.11
N TRP P 311 71.90 -64.65 34.67
CA TRP P 311 70.65 -65.27 34.26
C TRP P 311 70.21 -64.82 32.87
N ARG P 312 70.40 -63.54 32.55
CA ARG P 312 70.27 -63.12 31.16
C ARG P 312 71.05 -64.04 30.24
N TYR P 313 72.29 -64.34 30.58
CA TYR P 313 73.10 -65.16 29.69
C TYR P 313 72.60 -66.60 29.64
N ARG P 314 72.20 -67.17 30.78
CA ARG P 314 71.73 -68.55 30.74
C ARG P 314 70.48 -68.67 29.88
N ILE P 315 69.58 -67.69 30.00
CA ILE P 315 68.38 -67.70 29.18
C ILE P 315 68.72 -67.48 27.71
N ALA P 316 69.70 -66.62 27.41
CA ALA P 316 70.10 -66.41 26.04
C ALA P 316 70.75 -67.65 25.43
N LEU P 317 71.58 -68.36 26.18
CA LEU P 317 72.14 -69.59 25.68
C LEU P 317 71.08 -70.65 25.51
N LEU P 318 70.06 -70.68 26.38
CA LEU P 318 68.96 -71.61 26.16
C LEU P 318 68.20 -71.26 24.89
N ALA P 319 67.98 -69.97 24.64
CA ALA P 319 67.33 -69.58 23.41
C ALA P 319 68.14 -69.99 22.18
N LEU P 320 69.44 -69.68 22.17
CA LEU P 320 70.26 -70.12 21.05
C LEU P 320 70.30 -71.63 20.91
N GLU P 321 70.40 -72.37 22.03
CA GLU P 321 70.45 -73.82 21.97
C GLU P 321 69.14 -74.40 21.47
N TYR P 322 68.01 -73.79 21.80
CA TYR P 322 66.76 -74.20 21.19
C TYR P 322 66.75 -73.91 19.71
N PHE P 323 67.07 -72.67 19.35
CA PHE P 323 66.83 -72.24 17.99
C PHE P 323 67.78 -72.88 16.98
N LEU P 324 69.08 -72.79 17.21
CA LEU P 324 69.99 -73.42 16.28
C LEU P 324 69.90 -74.94 16.30
N ASP P 325 69.27 -75.52 17.33
CA ASP P 325 68.89 -76.93 17.25
C ASP P 325 67.61 -77.12 16.46
N HIS P 326 66.74 -76.12 16.44
CA HIS P 326 65.51 -76.14 15.67
C HIS P 326 65.64 -75.45 14.32
N ASN P 327 66.87 -75.20 13.86
CA ASN P 327 67.13 -74.70 12.51
C ASN P 327 66.57 -73.30 12.28
N CYS P 328 66.07 -72.65 13.33
CA CYS P 328 65.45 -71.33 13.17
C CYS P 328 66.56 -70.30 13.03
N ALA P 329 67.20 -70.29 11.87
CA ALA P 329 68.44 -69.55 11.67
C ALA P 329 68.24 -68.05 11.87
N GLU P 330 67.16 -67.50 11.32
CA GLU P 330 66.97 -66.06 11.40
C GLU P 330 66.79 -65.61 12.85
N GLU P 331 65.92 -66.26 13.59
CA GLU P 331 65.68 -65.84 14.97
C GLU P 331 66.84 -66.16 15.90
N ALA P 332 67.52 -67.29 15.69
CA ALA P 332 68.73 -67.52 16.46
C ALA P 332 69.76 -66.44 16.21
N GLY P 333 70.00 -66.10 14.94
CA GLY P 333 70.87 -64.98 14.63
C GLY P 333 70.43 -63.69 15.26
N THR P 334 69.12 -63.48 15.39
CA THR P 334 68.65 -62.29 16.11
C THR P 334 69.07 -62.32 17.57
N VAL P 335 68.86 -63.45 18.26
CA VAL P 335 69.23 -63.48 19.68
C VAL P 335 70.74 -63.33 19.84
N TYR P 336 71.51 -63.94 18.95
CA TYR P 336 72.95 -63.77 19.00
C TYR P 336 73.36 -62.35 18.67
N SER P 337 72.54 -61.63 17.93
CA SER P 337 72.81 -60.22 17.73
C SER P 337 72.80 -59.47 19.05
N TYR P 338 71.86 -59.80 19.93
CA TYR P 338 71.87 -59.19 21.26
C TYR P 338 73.05 -59.70 22.07
N LEU P 339 73.39 -60.97 21.91
CA LEU P 339 74.59 -61.49 22.56
C LEU P 339 75.81 -60.64 22.20
N VAL P 340 76.05 -60.44 20.91
CA VAL P 340 77.14 -59.59 20.47
C VAL P 340 77.02 -58.20 21.06
N GLU P 341 75.81 -57.63 21.03
CA GLU P 341 75.64 -56.26 21.48
C GLU P 341 76.03 -56.12 22.94
N GLU P 342 75.74 -57.13 23.74
CA GLU P 342 76.08 -57.08 25.15
C GLU P 342 77.44 -57.69 25.45
N ASP P 343 78.12 -58.22 24.43
CA ASP P 343 79.44 -58.82 24.59
C ASP P 343 79.43 -59.93 25.64
N LEU P 344 78.27 -60.59 25.79
CA LEU P 344 78.18 -61.77 26.63
C LEU P 344 78.59 -63.04 25.90
N LEU P 345 79.25 -62.91 24.75
CA LEU P 345 79.82 -64.06 24.08
C LEU P 345 80.73 -64.84 25.03
N GLN P 346 81.45 -64.14 25.90
CA GLN P 346 82.49 -64.74 26.73
C GLN P 346 82.04 -64.92 28.16
N CYS P 347 80.73 -64.83 28.42
CA CYS P 347 80.25 -65.08 29.77
C CYS P 347 80.35 -66.56 30.13
N ASP P 348 80.45 -67.45 29.14
CA ASP P 348 80.68 -68.86 29.44
C ASP P 348 82.04 -69.08 30.11
N VAL P 349 83.11 -68.74 29.40
CA VAL P 349 84.44 -68.82 29.98
C VAL P 349 84.56 -67.95 31.22
N HIS P 350 83.81 -66.84 31.30
CA HIS P 350 83.94 -66.00 32.48
C HIS P 350 83.23 -66.58 33.68
N LEU P 351 82.15 -67.32 33.46
CA LEU P 351 81.58 -68.12 34.55
C LEU P 351 82.56 -69.18 34.99
N ARG P 352 83.21 -69.84 34.03
CA ARG P 352 84.18 -70.88 34.38
C ARG P 352 85.33 -70.30 35.20
N VAL P 353 85.85 -69.13 34.82
CA VAL P 353 86.97 -68.56 35.56
C VAL P 353 86.52 -67.99 36.89
N GLY P 354 85.34 -67.37 36.93
CA GLY P 354 84.80 -66.93 38.21
C GLY P 354 84.64 -68.06 39.19
N LEU P 355 84.25 -69.24 38.70
CA LEU P 355 84.22 -70.40 39.58
C LEU P 355 85.63 -70.87 39.97
N HIS P 356 86.51 -71.05 38.98
CA HIS P 356 87.90 -71.41 39.25
C HIS P 356 88.52 -70.52 40.31
N MET P 357 88.13 -69.25 40.33
CA MET P 357 88.66 -68.29 41.27
C MET P 357 87.88 -68.26 42.57
N ARG P 358 86.62 -68.68 42.57
CA ARG P 358 86.00 -68.95 43.85
C ARG P 358 86.63 -70.17 44.50
N GLU P 359 87.37 -70.97 43.71
CA GLU P 359 88.22 -72.01 44.29
C GLU P 359 89.49 -71.42 44.90
N ALA P 360 90.18 -70.57 44.14
CA ALA P 360 91.44 -69.99 44.61
C ALA P 360 91.23 -69.07 45.80
N LEU P 361 90.21 -68.21 45.75
CA LEU P 361 89.92 -67.32 46.86
C LEU P 361 89.44 -68.08 48.08
N SER P 362 88.64 -69.13 47.88
CA SER P 362 88.23 -69.95 49.01
C SER P 362 89.41 -70.67 49.64
N LYS P 363 90.35 -71.14 48.85
CA LYS P 363 91.63 -71.57 49.42
C LYS P 363 92.36 -70.42 50.10
N GLY P 364 92.13 -69.18 49.67
CA GLY P 364 92.84 -68.02 50.16
C GLY P 364 93.88 -67.46 49.21
N LYS P 365 93.98 -67.98 47.99
CA LYS P 365 94.93 -67.46 47.03
C LYS P 365 94.33 -66.29 46.27
N SER P 366 95.15 -65.28 46.01
CA SER P 366 94.74 -64.17 45.15
C SER P 366 94.55 -64.67 43.74
N VAL P 367 93.87 -63.88 42.91
CA VAL P 367 93.46 -64.32 41.59
C VAL P 367 93.94 -63.34 40.52
N GLY P 368 93.64 -63.65 39.27
CA GLY P 368 94.08 -62.82 38.16
C GLY P 368 93.19 -62.98 36.94
N LEU P 369 93.00 -61.88 36.23
CA LEU P 369 92.09 -61.81 35.10
C LEU P 369 92.86 -61.41 33.85
N SER P 370 93.07 -62.35 32.94
CA SER P 370 93.82 -62.10 31.72
C SER P 370 93.54 -63.19 30.71
N ASP P 371 94.08 -63.02 29.51
CA ASP P 371 94.02 -64.06 28.49
C ASP P 371 94.62 -65.37 28.96
N GLU P 372 95.62 -65.31 29.85
CA GLU P 372 96.23 -66.54 30.35
C GLU P 372 95.20 -67.43 31.01
N VAL P 373 94.44 -66.90 31.98
CA VAL P 373 93.38 -67.70 32.58
C VAL P 373 92.31 -68.02 31.55
N LEU P 374 92.14 -67.15 30.54
CA LEU P 374 91.21 -67.45 29.47
C LEU P 374 91.61 -68.72 28.75
N ARG P 375 92.82 -68.76 28.18
CA ARG P 375 93.23 -69.98 27.52
C ARG P 375 93.48 -71.11 28.51
N ALA P 376 93.56 -70.81 29.80
CA ALA P 376 93.86 -71.81 30.81
C ALA P 376 92.63 -72.58 31.29
N THR P 377 91.44 -72.01 31.19
CA THR P 377 90.26 -72.80 31.50
C THR P 377 90.17 -74.00 30.57
N SER P 378 89.52 -75.07 31.07
CA SER P 378 89.39 -76.28 30.29
C SER P 378 88.74 -76.06 28.93
N LEU P 379 87.89 -75.03 28.82
CA LEU P 379 87.12 -74.83 27.60
C LEU P 379 88.01 -74.71 26.37
N VAL P 380 88.77 -73.64 26.27
CA VAL P 380 89.53 -73.39 25.05
C VAL P 380 90.66 -74.42 24.89
N THR P 381 91.10 -75.03 25.99
CA THR P 381 91.99 -76.17 25.86
C THR P 381 91.33 -77.28 25.07
N ASP P 382 90.13 -77.70 25.48
CA ASP P 382 89.45 -78.75 24.74
C ASP P 382 88.83 -78.24 23.45
N VAL P 383 88.56 -76.94 23.34
CA VAL P 383 87.98 -76.46 22.09
C VAL P 383 89.04 -76.10 21.07
N ALA P 384 90.31 -75.98 21.47
CA ALA P 384 91.35 -75.77 20.48
C ALA P 384 91.85 -77.06 19.85
N THR P 385 91.54 -78.20 20.45
CA THR P 385 91.91 -79.48 19.88
C THR P 385 90.94 -79.94 18.80
N VAL P 386 89.68 -79.52 18.89
CA VAL P 386 88.70 -79.88 17.88
C VAL P 386 88.84 -79.05 16.61
N ALA P 387 89.81 -78.13 16.56
CA ALA P 387 89.93 -77.18 15.46
C ALA P 387 90.11 -77.86 14.10
N PRO P 388 91.06 -78.80 13.96
CA PRO P 388 91.09 -79.55 12.69
C PRO P 388 89.80 -80.31 12.42
N GLU P 389 89.20 -80.89 13.46
CA GLU P 389 87.97 -81.66 13.24
C GLU P 389 86.83 -80.78 12.77
N VAL P 390 86.64 -79.62 13.37
CA VAL P 390 85.54 -78.76 12.95
C VAL P 390 85.84 -78.15 11.58
N ALA P 391 87.08 -77.69 11.37
CA ALA P 391 87.41 -77.03 10.12
C ALA P 391 87.39 -77.97 8.91
N ARG P 392 87.94 -79.18 9.04
CA ARG P 392 87.85 -80.16 7.96
C ARG P 392 86.40 -80.39 7.58
N GLU P 393 85.55 -80.55 8.58
CA GLU P 393 84.14 -80.76 8.32
C GLU P 393 83.53 -79.58 7.60
N LEU P 394 83.81 -78.36 8.07
CA LEU P 394 83.28 -77.19 7.40
C LEU P 394 83.68 -77.16 5.94
N TYR P 395 84.97 -77.34 5.66
CA TYR P 395 85.46 -77.32 4.28
C TYR P 395 84.77 -78.38 3.44
N GLN P 396 84.64 -79.59 3.99
CA GLN P 396 84.11 -80.70 3.19
C GLN P 396 82.62 -80.52 2.92
N ARG P 397 81.88 -80.00 3.89
CA ARG P 397 80.47 -79.72 3.71
C ARG P 397 80.23 -78.76 2.56
N HIS P 398 80.97 -77.66 2.53
CA HIS P 398 80.78 -76.63 1.51
C HIS P 398 81.37 -77.00 0.17
N VAL P 399 82.35 -77.90 0.10
CA VAL P 399 82.84 -78.31 -1.21
C VAL P 399 81.96 -79.39 -1.82
N GLU P 400 81.42 -80.31 -1.01
CA GLU P 400 80.46 -81.26 -1.56
C GLU P 400 79.12 -80.61 -1.87
N ALA P 401 78.73 -79.55 -1.15
CA ALA P 401 77.54 -78.81 -1.54
C ALA P 401 77.66 -78.19 -2.93
N LEU P 402 78.81 -77.58 -3.24
CA LEU P 402 79.02 -77.02 -4.57
C LEU P 402 79.13 -78.10 -5.63
N ARG P 403 79.77 -79.22 -5.31
CA ARG P 403 79.72 -80.35 -6.25
C ARG P 403 78.29 -80.80 -6.49
N GLU P 404 77.44 -80.72 -5.48
CA GLU P 404 76.03 -81.09 -5.62
C GLU P 404 75.31 -80.21 -6.62
N ASN P 405 75.53 -78.90 -6.56
CA ASN P 405 74.79 -77.95 -7.37
C ASN P 405 75.49 -77.70 -8.71
N TRP P 425 81.41 -74.72 -12.09
CA TRP P 425 80.79 -74.30 -10.84
C TRP P 425 81.53 -74.91 -9.67
N SER P 426 81.79 -76.22 -9.78
CA SER P 426 82.43 -76.98 -8.72
C SER P 426 83.96 -77.05 -8.86
N ALA P 427 84.51 -76.58 -9.99
CA ALA P 427 85.96 -76.55 -10.15
C ALA P 427 86.62 -75.62 -9.13
N HIS P 428 86.01 -74.45 -8.92
CA HIS P 428 86.43 -73.52 -7.88
C HIS P 428 85.41 -73.57 -6.76
N GLY P 429 85.90 -73.40 -5.52
CA GLY P 429 85.06 -72.99 -4.43
C GLY P 429 85.44 -71.60 -3.95
N LEU P 430 84.53 -70.99 -3.20
CA LEU P 430 84.81 -69.71 -2.58
C LEU P 430 85.71 -69.83 -1.37
N LEU P 431 85.65 -70.94 -0.66
CA LEU P 431 86.33 -71.07 0.62
C LEU P 431 87.84 -71.04 0.43
N THR P 432 88.51 -70.25 1.25
CA THR P 432 89.95 -70.08 1.15
C THR P 432 90.68 -71.37 1.53
N ALA P 433 92.01 -71.34 1.47
CA ALA P 433 92.79 -72.51 1.80
C ALA P 433 92.80 -72.75 3.30
N LEU P 434 92.14 -73.83 3.74
CA LEU P 434 92.33 -74.37 5.08
C LEU P 434 93.55 -75.27 5.05
N ASP P 435 94.57 -74.90 5.82
CA ASP P 435 95.82 -75.66 5.85
C ASP P 435 95.52 -76.97 6.57
N PHE P 436 95.27 -78.02 5.77
CA PHE P 436 94.81 -79.30 6.32
C PHE P 436 95.76 -79.85 7.38
N THR P 437 96.93 -80.32 6.96
CA THR P 437 97.82 -81.01 7.89
C THR P 437 98.42 -80.03 8.89
N GLN P 438 98.45 -78.74 8.54
CA GLN P 438 98.78 -77.71 9.52
C GLN P 438 97.63 -77.61 10.50
N LYS P 439 97.69 -78.48 11.52
CA LYS P 439 96.60 -78.54 12.49
C LYS P 439 96.52 -77.28 13.35
N ASP P 440 97.48 -76.37 13.20
CA ASP P 440 97.44 -75.16 14.01
C ASP P 440 96.44 -74.16 13.44
N ASP P 441 96.72 -73.60 12.27
CA ASP P 441 95.88 -72.57 11.68
C ASP P 441 94.57 -73.18 11.18
N ALA P 442 93.69 -73.43 12.13
CA ALA P 442 92.32 -73.82 11.82
C ALA P 442 91.32 -72.78 12.31
N LEU P 443 91.39 -72.42 13.59
CA LEU P 443 90.45 -71.46 14.16
C LEU P 443 90.73 -70.03 13.67
N PRO P 444 91.98 -69.56 13.59
CA PRO P 444 92.20 -68.26 12.95
C PRO P 444 91.79 -68.25 11.48
N TRP P 445 92.05 -69.34 10.77
CA TRP P 445 91.47 -69.50 9.43
C TRP P 445 89.96 -69.43 9.49
N MET P 446 89.37 -69.97 10.56
CA MET P 446 87.92 -69.96 10.67
C MET P 446 87.39 -68.55 10.85
N GLN P 447 88.05 -67.76 11.68
CA GLN P 447 87.55 -66.40 11.90
C GLN P 447 87.85 -65.49 10.72
N GLN P 448 88.92 -65.78 9.98
CA GLN P 448 89.14 -65.08 8.73
C GLN P 448 88.10 -65.50 7.69
N ASN P 449 87.60 -66.73 7.79
CA ASN P 449 86.63 -67.24 6.84
C ASN P 449 85.18 -66.87 7.16
N PHE P 450 84.85 -66.67 8.43
CA PHE P 450 83.49 -66.34 8.81
C PHE P 450 83.50 -65.33 9.95
N GLY P 451 84.31 -64.29 9.80
CA GLY P 451 84.54 -63.30 10.85
C GLY P 451 83.30 -62.58 11.34
N ASP P 452 82.13 -62.89 10.79
CA ASP P 452 80.90 -62.24 11.22
C ASP P 452 80.39 -62.77 12.55
N VAL P 453 80.91 -63.89 13.02
CA VAL P 453 80.52 -64.50 14.28
C VAL P 453 81.77 -65.04 14.93
N ASP P 454 81.72 -65.22 16.25
CA ASP P 454 82.87 -65.71 17.01
C ASP P 454 82.79 -67.21 17.16
N VAL P 455 83.52 -67.92 16.30
CA VAL P 455 83.54 -69.38 16.35
C VAL P 455 84.05 -69.86 17.69
N ALA P 456 84.92 -69.08 18.32
CA ALA P 456 85.35 -69.41 19.67
C ALA P 456 84.16 -69.62 20.59
N SER P 457 83.07 -68.89 20.37
CA SER P 457 81.88 -69.05 21.18
C SER P 457 80.92 -70.05 20.58
N VAL P 458 80.91 -70.21 19.25
CA VAL P 458 80.03 -71.20 18.65
C VAL P 458 80.45 -72.61 19.04
N LEU P 459 81.73 -72.90 18.95
CA LEU P 459 82.24 -74.21 19.31
C LEU P 459 82.12 -74.49 20.80
N ARG P 460 82.15 -73.45 21.62
CA ARG P 460 82.05 -73.68 23.05
C ARG P 460 80.61 -73.63 23.51
N TRP P 461 79.70 -73.25 22.61
CA TRP P 461 78.27 -73.38 22.90
C TRP P 461 77.73 -74.74 22.45
N ALA P 462 78.08 -75.17 21.25
CA ALA P 462 77.60 -76.42 20.69
C ALA P 462 78.28 -77.64 21.30
N ARG P 463 79.05 -77.46 22.36
CA ARG P 463 79.72 -78.58 23.02
C ARG P 463 78.73 -79.43 23.81
N PHE P 464 77.82 -78.79 24.54
CA PHE P 464 76.87 -79.49 25.40
C PHE P 464 75.57 -79.73 24.65
N TYR P 465 75.05 -80.96 24.74
CA TYR P 465 73.85 -81.39 24.02
C TYR P 465 72.87 -81.99 25.00
N HIS P 466 72.02 -81.16 25.59
CA HIS P 466 71.16 -81.55 26.71
C HIS P 466 72.00 -82.03 27.88
N SER P 467 72.82 -81.12 28.39
CA SER P 467 73.66 -81.38 29.58
C SER P 467 74.61 -82.56 29.36
N LYS P 468 74.91 -82.86 28.10
CA LYS P 468 75.75 -83.99 27.74
C LYS P 468 76.94 -83.45 26.96
N ASP P 469 78.13 -83.61 27.52
CA ASP P 469 79.33 -83.09 26.87
C ASP P 469 79.62 -83.91 25.63
N LEU P 470 79.26 -83.37 24.47
CA LEU P 470 79.54 -84.06 23.22
C LEU P 470 81.02 -84.17 22.96
N MET P 471 81.81 -83.18 23.39
CA MET P 471 83.25 -83.18 23.12
C MET P 471 84.00 -84.24 23.92
N ALA P 472 83.33 -84.93 24.83
CA ALA P 472 83.91 -86.11 25.46
C ALA P 472 83.32 -87.42 24.99
N LYS P 473 82.07 -87.41 24.51
CA LYS P 473 81.33 -88.64 24.25
C LYS P 473 80.95 -88.81 22.79
N ASP P 474 80.17 -87.89 22.22
CA ASP P 474 79.71 -88.01 20.85
C ASP P 474 80.37 -86.88 20.08
N ARG P 475 81.60 -87.12 19.68
CA ARG P 475 82.46 -86.11 19.08
C ARG P 475 82.11 -85.87 17.62
N PRO P 476 81.79 -86.90 16.82
CA PRO P 476 81.19 -86.61 15.51
C PRO P 476 79.84 -85.91 15.61
N ARG P 477 79.04 -86.20 16.64
CA ARG P 477 77.84 -85.42 16.83
C ARG P 477 78.17 -83.95 17.07
N TYR P 478 79.17 -83.68 17.91
CA TYR P 478 79.59 -82.29 18.10
C TYR P 478 80.10 -81.69 16.82
N LEU P 479 80.80 -82.48 16.02
CA LEU P 479 81.34 -81.97 14.76
C LEU P 479 80.23 -81.52 13.82
N ALA P 480 79.21 -82.35 13.62
CA ALA P 480 78.12 -81.92 12.75
C ALA P 480 77.16 -80.97 13.47
N ARG P 481 77.33 -80.77 14.78
CA ARG P 481 76.47 -79.84 15.51
C ARG P 481 77.03 -78.42 15.49
N ALA P 482 78.24 -78.24 15.99
CA ALA P 482 78.89 -76.95 15.89
C ALA P 482 79.02 -76.50 14.45
N VAL P 483 79.11 -77.43 13.51
CA VAL P 483 79.16 -77.03 12.11
C VAL P 483 77.84 -76.45 11.65
N ALA P 484 76.72 -77.11 12.00
CA ALA P 484 75.42 -76.52 11.74
C ALA P 484 75.28 -75.15 12.40
N TRP P 485 75.75 -75.04 13.62
CA TRP P 485 75.61 -73.79 14.35
C TRP P 485 76.44 -72.67 13.74
N ILE P 486 77.70 -72.92 13.38
CA ILE P 486 78.47 -71.88 12.72
C ILE P 486 77.88 -71.54 11.37
N GLU P 487 77.50 -72.56 10.58
CA GLU P 487 76.93 -72.28 9.27
C GLU P 487 75.65 -71.47 9.36
N LEU P 488 74.88 -71.58 10.45
CA LEU P 488 73.67 -70.80 10.57
C LEU P 488 73.89 -69.43 11.18
N LEU P 489 74.70 -69.33 12.23
CA LEU P 489 74.90 -68.05 12.88
C LEU P 489 75.72 -67.09 12.04
N SER P 490 76.62 -67.62 11.22
CA SER P 490 77.45 -66.79 10.38
C SER P 490 76.73 -66.54 9.05
N LYS P 491 76.39 -65.28 8.79
CA LYS P 491 75.69 -64.95 7.55
C LYS P 491 76.56 -65.17 6.33
N ARG P 492 77.88 -65.03 6.46
CA ARG P 492 78.78 -65.30 5.36
C ARG P 492 78.72 -66.74 4.91
N SER P 493 78.52 -67.67 5.84
CA SER P 493 78.29 -69.05 5.47
C SER P 493 77.12 -69.20 4.52
N HIS P 494 76.01 -68.50 4.78
CA HIS P 494 74.89 -68.53 3.86
C HIS P 494 75.31 -68.10 2.46
N MET P 495 76.10 -67.03 2.37
CA MET P 495 76.54 -66.57 1.06
C MET P 495 77.24 -67.70 0.31
N MET P 496 78.34 -68.21 0.85
CA MET P 496 79.06 -69.26 0.13
C MET P 496 78.33 -70.58 0.11
N GLU P 497 77.17 -70.68 0.76
CA GLU P 497 76.29 -71.82 0.57
C GLU P 497 75.07 -71.47 -0.27
N GLU P 498 75.18 -70.49 -1.16
CA GLU P 498 74.06 -70.11 -2.00
C GLU P 498 73.91 -71.08 -3.17
N ALA P 499 72.72 -71.08 -3.77
CA ALA P 499 72.45 -71.95 -4.87
C ALA P 499 72.65 -71.23 -6.21
N PRO P 500 72.71 -71.96 -7.32
CA PRO P 500 72.67 -71.30 -8.63
C PRO P 500 71.28 -70.91 -9.10
N LEU P 501 70.95 -69.62 -9.01
CA LEU P 501 69.72 -69.09 -9.57
C LEU P 501 69.94 -68.77 -11.04
N THR P 502 68.87 -68.37 -11.72
CA THR P 502 69.01 -68.04 -13.13
C THR P 502 68.98 -66.52 -13.33
N TYR P 503 69.37 -66.11 -14.53
CA TYR P 503 69.62 -64.70 -14.82
C TYR P 503 68.54 -64.13 -15.72
N MET P 504 67.90 -63.07 -15.25
CA MET P 504 66.83 -62.38 -15.95
C MET P 504 67.41 -61.30 -16.86
N ARG P 505 67.15 -61.42 -18.16
CA ARG P 505 67.55 -60.39 -19.11
C ARG P 505 66.72 -59.14 -18.87
N LYS P 506 67.34 -57.96 -18.97
CA LYS P 506 66.52 -56.77 -18.86
C LYS P 506 65.62 -56.65 -20.09
N SER P 507 64.82 -55.58 -20.11
CA SER P 507 63.68 -55.57 -21.02
C SER P 507 63.31 -54.15 -21.43
N LYS P 508 62.64 -54.04 -22.59
CA LYS P 508 62.18 -52.80 -23.19
C LYS P 508 60.89 -53.05 -23.97
N PRO P 509 59.96 -52.10 -24.00
CA PRO P 509 58.65 -52.38 -24.62
C PRO P 509 58.75 -52.64 -26.12
N LEU P 510 57.70 -53.26 -26.64
CA LEU P 510 57.63 -53.63 -28.04
C LEU P 510 57.41 -52.42 -28.94
N SER P 511 57.80 -52.57 -30.21
CA SER P 511 57.45 -51.57 -31.21
C SER P 511 56.04 -51.81 -31.75
N LEU P 512 55.84 -52.92 -32.46
CA LEU P 512 54.52 -53.28 -32.96
C LEU P 512 53.82 -54.02 -31.83
N ASN P 513 52.99 -53.29 -31.09
CA ASN P 513 52.49 -53.72 -29.80
C ASN P 513 51.36 -54.74 -29.98
N THR P 514 51.71 -56.02 -29.91
CA THR P 514 50.77 -57.13 -29.89
C THR P 514 50.11 -57.26 -28.52
N ASN P 515 50.91 -57.28 -27.45
CA ASN P 515 50.45 -57.05 -26.10
C ASN P 515 51.44 -56.12 -25.42
N SER P 516 51.01 -55.50 -24.32
CA SER P 516 51.99 -54.74 -23.54
C SER P 516 52.85 -55.66 -22.66
N ASN P 517 52.26 -56.73 -22.11
CA ASN P 517 53.00 -57.67 -21.29
C ASN P 517 54.11 -58.38 -22.03
N LEU P 518 54.14 -58.27 -23.35
CA LEU P 518 55.14 -58.92 -24.16
C LEU P 518 56.25 -57.92 -24.50
N ARG P 519 57.44 -58.18 -23.99
CA ARG P 519 58.49 -57.20 -23.83
C ARG P 519 59.71 -57.61 -24.64
N VAL P 520 60.24 -56.68 -25.43
CA VAL P 520 61.51 -56.89 -26.11
C VAL P 520 62.51 -57.34 -25.05
N ALA P 521 63.07 -58.51 -25.26
CA ALA P 521 64.05 -59.06 -24.32
C ALA P 521 65.44 -58.55 -24.62
N TRP P 522 66.29 -58.51 -23.61
CA TRP P 522 67.67 -58.13 -23.81
C TRP P 522 68.49 -59.34 -24.22
N GLN P 523 69.10 -59.27 -25.39
CA GLN P 523 69.91 -60.37 -25.90
C GLN P 523 71.38 -60.02 -25.74
N THR P 524 72.07 -60.73 -24.85
CA THR P 524 73.48 -60.50 -24.64
C THR P 524 74.30 -61.34 -25.61
N PRO P 525 75.57 -60.98 -25.84
CA PRO P 525 76.42 -61.80 -26.72
C PRO P 525 76.64 -63.22 -26.22
N VAL P 526 76.59 -63.46 -24.92
CA VAL P 526 76.76 -64.84 -24.42
C VAL P 526 75.55 -65.68 -24.81
N ALA P 527 74.38 -65.05 -24.91
CA ALA P 527 73.26 -65.73 -25.54
C ALA P 527 73.50 -65.88 -27.04
N ARG P 528 73.74 -64.77 -27.72
CA ARG P 528 73.95 -64.76 -29.17
C ARG P 528 75.28 -64.08 -29.50
N PRO P 529 76.34 -64.84 -29.74
CA PRO P 529 77.57 -64.23 -30.29
C PRO P 529 77.49 -63.95 -31.78
N ASP P 530 76.71 -64.74 -32.52
CA ASP P 530 76.56 -64.58 -33.96
C ASP P 530 75.60 -63.42 -34.24
N GLY P 531 75.82 -62.33 -33.53
CA GLY P 531 74.78 -61.35 -33.34
C GLY P 531 75.24 -59.92 -33.42
N PRO P 532 74.42 -59.02 -32.89
CA PRO P 532 74.70 -57.60 -33.00
C PRO P 532 75.84 -57.19 -32.09
N PRO P 533 76.52 -56.09 -32.39
CA PRO P 533 77.51 -55.55 -31.44
C PRO P 533 76.82 -54.68 -30.41
N ARG P 534 76.43 -55.29 -29.30
CA ARG P 534 75.59 -54.58 -28.35
C ARG P 534 76.42 -54.12 -27.17
N LEU P 535 75.99 -53.00 -26.61
CA LEU P 535 76.53 -52.47 -25.37
C LEU P 535 75.65 -53.02 -24.24
N LEU P 536 75.70 -52.37 -23.08
CA LEU P 536 74.90 -52.80 -21.95
C LEU P 536 73.44 -52.42 -22.14
N ALA P 537 72.58 -53.05 -21.36
CA ALA P 537 71.14 -52.92 -21.58
C ALA P 537 70.63 -51.53 -21.19
N ARG P 538 71.28 -50.90 -20.21
CA ARG P 538 70.94 -49.52 -19.92
C ARG P 538 71.15 -48.65 -21.16
N GLU P 539 72.39 -48.58 -21.63
CA GLU P 539 72.71 -47.69 -22.75
C GLU P 539 71.89 -48.03 -23.98
N GLU P 540 71.58 -49.32 -24.19
CA GLU P 540 70.67 -49.73 -25.25
C GLU P 540 69.22 -49.68 -24.85
N GLY P 541 68.90 -49.07 -23.71
CA GLY P 541 67.55 -48.68 -23.40
C GLY P 541 66.76 -49.61 -22.51
N TYR P 542 67.07 -50.89 -22.50
CA TYR P 542 66.31 -51.86 -21.71
C TYR P 542 66.50 -51.55 -20.24
N THR P 543 65.46 -51.83 -19.45
CA THR P 543 65.49 -51.69 -18.01
C THR P 543 64.81 -52.91 -17.40
N PHE P 544 64.60 -52.88 -16.10
CA PHE P 544 64.09 -54.07 -15.40
C PHE P 544 62.57 -54.04 -15.41
N HIS P 545 61.96 -55.13 -15.88
CA HIS P 545 60.51 -55.26 -15.85
C HIS P 545 60.14 -56.72 -16.05
N HIS P 546 59.35 -57.26 -15.14
CA HIS P 546 58.65 -58.51 -15.38
C HIS P 546 57.39 -58.53 -14.52
N ASN P 547 56.33 -59.09 -15.08
CA ASN P 547 55.08 -59.17 -14.36
C ASN P 547 54.52 -60.59 -14.50
N GLU P 548 53.48 -60.89 -13.72
CA GLU P 548 52.98 -62.24 -13.56
C GLU P 548 52.65 -62.91 -14.89
N HIS P 549 52.69 -62.18 -16.00
CA HIS P 549 52.39 -62.72 -17.31
C HIS P 549 53.43 -62.36 -18.35
N SER P 550 54.53 -61.72 -17.95
CA SER P 550 55.42 -61.12 -18.92
C SER P 550 55.94 -62.15 -19.90
N ARG P 551 56.19 -61.73 -21.12
CA ARG P 551 56.85 -62.57 -22.11
C ARG P 551 58.06 -61.82 -22.64
N PHE P 552 59.08 -62.55 -23.06
CA PHE P 552 60.28 -61.97 -23.62
C PHE P 552 60.34 -62.30 -25.10
N VAL P 553 60.45 -61.27 -25.93
CA VAL P 553 60.17 -61.40 -27.35
C VAL P 553 61.17 -60.58 -28.15
N THR P 554 61.48 -61.05 -29.37
CA THR P 554 62.12 -60.26 -30.42
C THR P 554 61.11 -60.08 -31.55
N GLU P 555 60.91 -58.82 -31.97
CA GLU P 555 59.99 -58.50 -33.05
C GLU P 555 60.74 -58.04 -34.29
N THR P 556 60.38 -58.63 -35.42
CA THR P 556 60.60 -58.03 -36.72
C THR P 556 59.45 -58.47 -37.59
N TYR P 557 59.18 -57.70 -38.64
CA TYR P 557 58.02 -57.98 -39.48
C TYR P 557 58.44 -58.76 -40.70
N ARG P 558 57.47 -59.36 -41.38
CA ARG P 558 57.81 -60.02 -42.63
C ARG P 558 58.38 -59.01 -43.61
N HIS P 559 59.38 -59.43 -44.38
CA HIS P 559 60.04 -58.55 -45.33
C HIS P 559 59.08 -58.20 -46.45
N PRO P 560 58.85 -56.92 -46.73
CA PRO P 560 57.92 -56.54 -47.79
C PRO P 560 58.58 -56.45 -49.16
N GLY P 561 58.11 -57.23 -50.11
CA GLY P 561 58.46 -57.03 -51.50
C GLY P 561 57.59 -55.97 -52.14
N GLU P 562 57.48 -56.08 -53.47
CA GLU P 562 56.66 -55.16 -54.25
C GLU P 562 55.21 -55.67 -54.30
N THR P 563 54.49 -55.40 -53.21
CA THR P 563 53.06 -55.68 -53.17
C THR P 563 52.32 -54.40 -52.85
N LEU P 564 50.98 -54.48 -52.91
CA LEU P 564 50.12 -53.39 -52.51
C LEU P 564 49.89 -53.34 -51.01
N GLN P 565 49.80 -54.51 -50.36
CA GLN P 565 49.81 -54.55 -48.91
C GLN P 565 51.08 -53.93 -48.36
N SER P 566 52.20 -54.11 -49.07
CA SER P 566 53.49 -53.60 -48.62
C SER P 566 53.56 -52.07 -48.66
N ARG P 567 52.50 -51.42 -49.16
CA ARG P 567 52.43 -49.97 -49.10
C ARG P 567 51.21 -49.45 -48.36
N PHE P 568 50.15 -50.26 -48.23
CA PHE P 568 48.92 -49.78 -47.62
C PHE P 568 48.54 -50.42 -46.29
N LEU P 569 49.20 -51.50 -45.87
CA LEU P 569 48.81 -52.18 -44.65
C LEU P 569 49.83 -51.95 -43.54
N ALA P 570 49.71 -52.76 -42.50
CA ALA P 570 50.70 -52.79 -41.42
C ALA P 570 51.74 -53.90 -41.64
N MET P 571 52.94 -53.65 -41.13
CA MET P 571 54.03 -54.60 -41.25
C MET P 571 53.82 -55.79 -40.31
N GLN P 572 53.38 -56.92 -40.86
CA GLN P 572 53.06 -58.09 -40.05
C GLN P 572 54.30 -58.61 -39.33
N PRO P 573 54.30 -58.68 -38.01
CA PRO P 573 55.47 -59.23 -37.29
C PRO P 573 55.33 -60.73 -37.05
N ILE P 574 56.47 -61.40 -36.99
CA ILE P 574 56.54 -62.75 -36.44
C ILE P 574 57.26 -62.63 -35.10
N HIS P 575 56.49 -62.73 -34.01
CA HIS P 575 56.99 -62.47 -32.66
C HIS P 575 57.78 -63.70 -32.22
N THR P 576 59.10 -63.63 -32.36
CA THR P 576 59.97 -64.74 -32.04
C THR P 576 60.26 -64.69 -30.54
N GLU P 577 59.63 -65.58 -29.78
CA GLU P 577 59.69 -65.46 -28.34
C GLU P 577 60.87 -66.25 -27.79
N VAL P 578 61.63 -65.60 -26.91
CA VAL P 578 62.88 -66.14 -26.36
C VAL P 578 62.66 -66.47 -24.89
N SER P 579 63.53 -67.28 -24.31
CA SER P 579 63.43 -67.70 -22.92
C SER P 579 63.38 -66.50 -21.97
N ALA P 580 62.83 -66.74 -20.79
CA ALA P 580 62.78 -65.73 -19.75
C ALA P 580 64.06 -65.66 -18.93
N LYS P 581 64.99 -66.59 -19.12
CA LYS P 581 66.16 -66.71 -18.27
C LYS P 581 67.42 -66.90 -19.10
N GLU P 582 68.49 -66.20 -18.72
CA GLU P 582 69.80 -66.47 -19.30
C GLU P 582 70.54 -67.42 -18.37
N ASP P 583 70.48 -68.71 -18.70
CA ASP P 583 71.02 -69.76 -17.84
C ASP P 583 72.49 -69.97 -18.17
N PHE P 584 73.34 -69.10 -17.62
CA PHE P 584 74.77 -69.22 -17.90
C PHE P 584 75.30 -70.59 -17.49
N GLN P 585 74.67 -71.22 -16.49
CA GLN P 585 75.13 -72.54 -16.09
C GLN P 585 74.89 -73.56 -17.18
N GLU P 586 73.67 -73.62 -17.72
CA GLU P 586 73.47 -74.47 -18.86
C GLU P 586 74.26 -74.00 -20.06
N ILE P 587 74.67 -72.73 -20.09
CA ILE P 587 75.49 -72.25 -21.21
C ILE P 587 76.86 -72.91 -21.19
N TYR P 588 77.57 -72.76 -20.09
CA TYR P 588 78.85 -73.44 -19.98
C TYR P 588 78.70 -74.95 -19.98
N ALA P 589 77.56 -75.48 -19.52
CA ALA P 589 77.33 -76.91 -19.58
C ALA P 589 77.17 -77.40 -21.01
N GLN P 590 76.36 -76.71 -21.83
CA GLN P 590 76.33 -76.97 -23.25
C GLN P 590 77.71 -76.91 -23.86
N GLN P 591 78.51 -75.91 -23.50
CA GLN P 591 79.83 -75.79 -24.09
C GLN P 591 80.73 -76.96 -23.69
N GLN P 592 80.56 -77.48 -22.47
CA GLN P 592 81.30 -78.68 -22.09
C GLN P 592 80.78 -79.92 -22.82
N GLU P 593 79.48 -79.99 -23.04
CA GLU P 593 78.87 -81.02 -23.88
C GLU P 593 79.18 -80.82 -25.36
N GLN P 594 79.88 -79.74 -25.71
CA GLN P 594 80.26 -79.41 -27.07
C GLN P 594 79.04 -79.22 -27.95
N ILE Q 39 82.54 9.86 -27.77
CA ILE Q 39 81.16 9.53 -28.13
C ILE Q 39 80.76 10.31 -29.37
N THR Q 40 80.10 9.62 -30.30
CA THR Q 40 79.68 10.25 -31.56
C THR Q 40 78.27 9.82 -31.90
N THR Q 41 77.58 10.67 -32.65
CA THR Q 41 76.29 10.33 -33.24
C THR Q 41 76.28 10.68 -34.72
N ARG Q 42 75.23 10.27 -35.43
CA ARG Q 42 75.06 10.65 -36.82
C ARG Q 42 74.79 12.15 -36.91
N GLY Q 43 75.80 12.91 -37.35
CA GLY Q 43 75.71 14.35 -37.34
C GLY Q 43 76.29 15.02 -36.12
N GLN Q 44 77.47 14.60 -35.65
CA GLN Q 44 78.09 15.15 -34.46
C GLN Q 44 79.26 16.06 -34.82
N PHE Q 45 79.48 17.08 -34.00
CA PHE Q 45 80.65 17.94 -34.11
C PHE Q 45 81.69 17.57 -33.06
N ASN Q 46 82.71 16.84 -33.49
CA ASN Q 46 83.89 16.57 -32.67
C ASN Q 46 85.02 17.45 -33.17
N PRO Q 47 85.48 18.40 -32.36
CA PRO Q 47 86.45 19.37 -32.84
C PRO Q 47 87.85 18.76 -32.91
N VAL Q 48 88.56 19.08 -33.98
CA VAL Q 48 89.91 18.57 -34.19
C VAL Q 48 90.93 19.42 -33.44
N HIS Q 49 90.47 20.43 -32.73
CA HIS Q 49 91.37 21.33 -32.02
C HIS Q 49 91.78 20.68 -30.72
N ASP Q 50 92.96 21.06 -30.24
CA ASP Q 50 93.31 20.91 -28.84
C ASP Q 50 93.48 22.33 -28.31
N PHE Q 51 92.36 23.01 -28.04
CA PHE Q 51 92.39 24.33 -27.45
C PHE Q 51 93.04 24.33 -26.08
N THR Q 52 93.05 23.19 -25.41
CA THR Q 52 93.68 23.04 -24.11
C THR Q 52 95.12 23.55 -24.09
N TYR Q 53 96.00 23.06 -24.97
CA TYR Q 53 97.41 23.41 -24.88
C TYR Q 53 97.67 24.85 -25.31
N ALA Q 54 96.97 25.34 -26.33
CA ALA Q 54 97.07 26.76 -26.64
C ALA Q 54 96.70 27.61 -25.43
N MET Q 55 95.55 27.32 -24.82
CA MET Q 55 95.15 28.03 -23.61
C MET Q 55 95.91 27.54 -22.38
N GLU Q 56 96.65 26.45 -22.48
CA GLU Q 56 97.58 26.07 -21.43
C GLU Q 56 98.80 26.97 -21.42
N ARG Q 57 99.41 27.19 -22.58
CA ARG Q 57 100.58 28.04 -22.69
C ARG Q 57 100.23 29.51 -22.59
N GLY Q 58 98.97 29.88 -22.84
CA GLY Q 58 98.50 31.21 -22.51
C GLY Q 58 97.88 31.98 -23.65
N VAL Q 59 97.91 31.44 -24.87
CA VAL Q 59 97.29 32.11 -26.00
C VAL Q 59 95.79 32.16 -25.79
N ARG Q 60 95.24 33.36 -25.78
CA ARG Q 60 93.81 33.57 -25.56
C ARG Q 60 93.22 34.34 -26.72
N ALA Q 61 92.15 33.81 -27.31
CA ALA Q 61 91.54 34.35 -28.52
C ALA Q 61 90.27 35.09 -28.14
N ARG Q 62 90.21 36.37 -28.53
CA ARG Q 62 89.04 37.20 -28.31
C ARG Q 62 88.46 37.76 -29.60
N ASP Q 63 89.30 37.98 -30.62
CA ASP Q 63 88.85 38.54 -31.88
C ASP Q 63 88.65 37.44 -32.92
N GLU Q 64 87.73 37.70 -33.83
CA GLU Q 64 87.26 36.66 -34.74
C GLU Q 64 88.27 36.35 -35.84
N LYS Q 65 88.96 37.36 -36.37
CA LYS Q 65 89.96 37.11 -37.41
C LYS Q 65 91.18 36.39 -36.85
N THR Q 66 91.64 36.81 -35.67
CA THR Q 66 92.69 36.07 -34.99
C THR Q 66 92.25 34.65 -34.65
N PHE Q 67 90.99 34.49 -34.26
CA PHE Q 67 90.49 33.15 -33.99
C PHE Q 67 90.49 32.30 -35.26
N GLU Q 68 90.12 32.89 -36.39
CA GLU Q 68 90.13 32.17 -37.66
C GLU Q 68 91.53 31.78 -38.10
N LYS Q 69 92.52 32.67 -37.93
CA LYS Q 69 93.87 32.27 -38.27
C LYS Q 69 94.37 31.17 -37.34
N LEU Q 70 94.07 31.31 -36.04
CA LEU Q 70 94.30 30.25 -35.08
C LEU Q 70 93.68 28.93 -35.52
N ILE Q 71 92.56 29.01 -36.25
CA ILE Q 71 91.75 27.82 -36.52
C ILE Q 71 92.31 26.97 -37.67
N THR Q 72 93.12 27.52 -38.55
CA THR Q 72 93.45 26.84 -39.80
C THR Q 72 94.88 26.31 -39.77
N ASN Q 73 95.10 25.22 -40.53
CA ASN Q 73 96.42 24.59 -40.56
C ASN Q 73 97.24 25.14 -41.72
N PRO Q 74 98.51 25.49 -41.49
CA PRO Q 74 99.30 26.20 -42.50
C PRO Q 74 100.19 25.31 -43.36
N GLY Q 75 100.11 23.99 -43.24
CA GLY Q 75 100.98 23.12 -43.99
C GLY Q 75 100.33 22.59 -45.25
N PRO Q 76 100.68 21.36 -45.63
CA PRO Q 76 100.09 20.77 -46.83
C PRO Q 76 98.72 20.20 -46.54
N LEU Q 77 97.97 20.89 -45.68
CA LEU Q 77 96.60 20.54 -45.35
C LEU Q 77 95.96 21.84 -44.84
N ARG Q 78 95.12 22.44 -45.68
CA ARG Q 78 94.42 23.68 -45.35
C ARG Q 78 92.93 23.38 -45.29
N ILE Q 79 92.42 23.14 -44.10
CA ILE Q 79 91.05 22.70 -43.93
C ILE Q 79 90.14 23.92 -43.92
N ALA Q 80 88.88 23.72 -44.30
CA ALA Q 80 87.82 24.70 -44.09
C ALA Q 80 86.62 24.01 -43.43
N TYR Q 81 86.07 24.64 -42.40
CA TYR Q 81 84.96 24.07 -41.64
C TYR Q 81 83.68 24.85 -41.92
N SER Q 82 82.56 24.12 -41.93
CA SER Q 82 81.29 24.74 -42.28
C SER Q 82 80.86 25.74 -41.21
N PRO Q 83 80.20 26.83 -41.61
CA PRO Q 83 79.88 27.91 -40.65
C PRO Q 83 79.11 27.45 -39.43
N ASP Q 84 78.31 26.41 -39.53
CA ASP Q 84 77.70 25.86 -38.33
C ASP Q 84 78.76 25.41 -37.32
N TYR Q 85 79.76 24.65 -37.76
CA TYR Q 85 80.82 24.26 -36.85
C TYR Q 85 81.78 25.42 -36.59
N LEU Q 86 81.78 26.45 -37.44
CA LEU Q 86 82.58 27.63 -37.12
C LEU Q 86 82.00 28.40 -35.96
N ASP Q 87 80.69 28.62 -35.95
CA ASP Q 87 80.05 29.21 -34.78
C ASP Q 87 80.13 28.27 -33.59
N TRP Q 88 79.92 26.97 -33.82
CA TRP Q 88 80.06 25.98 -32.76
C TRP Q 88 81.46 26.02 -32.14
N LEU Q 89 82.49 26.16 -32.97
CA LEU Q 89 83.86 26.14 -32.48
C LEU Q 89 84.23 27.46 -31.81
N TYR Q 90 83.68 28.56 -32.29
CA TYR Q 90 83.90 29.79 -31.56
C TYR Q 90 83.19 29.76 -30.21
N ARG Q 91 82.00 29.17 -30.13
CA ARG Q 91 81.38 28.96 -28.83
C ARG Q 91 82.22 28.04 -27.97
N CYS Q 92 82.83 27.03 -28.58
CA CYS Q 92 83.78 26.17 -27.89
C CYS Q 92 84.95 26.96 -27.29
N TYR Q 93 85.51 27.89 -28.04
CA TYR Q 93 86.58 28.70 -27.48
C TYR Q 93 86.08 29.67 -26.42
N LYS Q 94 84.88 30.23 -26.58
CA LYS Q 94 84.33 31.08 -25.53
C LYS Q 94 84.21 30.31 -24.23
N ALA Q 95 83.54 29.17 -24.29
CA ALA Q 95 83.40 28.32 -23.12
C ALA Q 95 84.75 27.92 -22.53
N LYS Q 96 85.71 27.53 -23.37
CA LYS Q 96 86.98 27.06 -22.86
C LYS Q 96 87.80 28.19 -22.24
N GLY Q 97 87.86 29.35 -22.91
CA GLY Q 97 88.58 30.47 -22.34
C GLY Q 97 87.98 30.93 -21.03
N LYS Q 98 86.64 31.09 -20.98
CA LYS Q 98 85.98 31.46 -19.75
C LYS Q 98 86.10 30.41 -18.66
N TYR Q 99 86.16 29.13 -19.02
CA TYR Q 99 86.28 28.11 -17.99
C TYR Q 99 87.68 28.03 -17.44
N MET Q 100 88.69 28.09 -18.31
CA MET Q 100 90.06 28.12 -17.80
C MET Q 100 90.28 29.39 -16.98
N ASP Q 101 89.56 30.47 -17.32
CA ASP Q 101 89.55 31.63 -16.46
C ASP Q 101 88.96 31.31 -15.09
N ALA Q 102 87.87 30.55 -15.05
CA ALA Q 102 87.27 30.22 -13.76
C ALA Q 102 88.19 29.34 -12.93
N ARG Q 103 88.83 28.35 -13.56
CA ARG Q 103 89.71 27.49 -12.79
C ARG Q 103 90.99 28.21 -12.34
N ALA Q 104 91.56 29.07 -13.19
CA ALA Q 104 92.69 29.89 -12.78
C ALA Q 104 92.31 30.94 -11.74
N ALA Q 105 91.04 31.35 -11.68
CA ALA Q 105 90.57 32.28 -10.66
C ALA Q 105 90.26 31.58 -9.35
N ALA Q 106 89.89 30.31 -9.40
CA ALA Q 106 89.76 29.51 -8.19
C ALA Q 106 91.10 29.03 -7.65
N GLU Q 107 92.11 28.88 -8.53
CA GLU Q 107 93.42 28.39 -8.11
C GLU Q 107 94.30 29.48 -7.51
N LYS Q 108 93.85 30.73 -7.53
CA LYS Q 108 94.64 31.82 -6.96
C LYS Q 108 93.73 32.89 -6.36
N PRO Q 135 82.27 21.31 -5.38
CA PRO Q 135 82.01 19.91 -5.04
C PRO Q 135 80.57 19.47 -5.33
N PRO Q 136 80.31 18.17 -5.20
CA PRO Q 136 78.92 17.69 -5.29
C PRO Q 136 78.03 18.36 -4.26
N PRO Q 137 76.72 18.14 -4.32
CA PRO Q 137 75.84 18.81 -3.35
C PRO Q 137 76.10 18.39 -1.92
N GLY Q 138 76.51 17.15 -1.71
CA GLY Q 138 76.81 16.66 -0.38
C GLY Q 138 78.04 15.80 -0.33
N MET Q 139 79.05 16.16 -1.11
CA MET Q 139 80.33 15.47 -1.06
C MET Q 139 81.46 16.50 -1.08
N PHE Q 140 82.12 16.62 0.06
CA PHE Q 140 82.95 17.75 0.45
C PHE Q 140 84.33 17.66 -0.21
N LEU Q 141 85.29 18.41 0.32
CA LEU Q 141 86.68 18.22 -0.03
C LEU Q 141 87.46 17.75 1.19
N ARG Q 142 88.15 16.62 1.03
CA ARG Q 142 89.21 16.26 1.94
C ARG Q 142 90.39 17.20 1.74
N PRO Q 143 91.29 17.30 2.72
CA PRO Q 143 92.48 18.12 2.55
C PRO Q 143 93.30 17.64 1.36
N PRO Q 144 94.15 18.50 0.80
CA PRO Q 144 94.99 18.06 -0.32
C PRO Q 144 96.03 17.05 0.10
N ASN Q 145 96.78 16.56 -0.89
CA ASN Q 145 97.90 15.65 -0.71
C ASN Q 145 97.50 14.33 -0.08
N SER Q 146 96.21 14.12 0.15
CA SER Q 146 95.74 12.81 0.58
C SER Q 146 95.99 11.77 -0.50
N PHE Q 147 96.13 10.51 -0.09
CA PHE Q 147 96.21 9.45 -1.09
C PHE Q 147 94.89 9.29 -1.84
N ARG Q 148 93.76 9.40 -1.12
CA ARG Q 148 92.46 9.35 -1.79
C ARG Q 148 92.34 10.44 -2.85
N ARG Q 149 92.43 11.70 -2.43
CA ARG Q 149 92.22 12.80 -3.35
C ARG Q 149 93.32 12.86 -4.41
N LEU Q 150 94.53 12.45 -4.06
CA LEU Q 150 95.61 12.44 -5.05
C LEU Q 150 95.36 11.41 -6.15
N SER Q 151 94.98 10.19 -5.77
CA SER Q 151 94.65 9.21 -6.81
C SER Q 151 93.33 9.56 -7.47
N GLY Q 152 92.52 10.43 -6.83
CA GLY Q 152 91.33 10.94 -7.48
C GLY Q 152 91.62 11.96 -8.57
N GLU Q 153 92.46 12.94 -8.25
CA GLU Q 153 93.20 13.65 -9.29
C GLU Q 153 93.69 12.72 -10.36
N MET Q 154 94.33 11.62 -9.97
CA MET Q 154 94.90 10.72 -10.96
C MET Q 154 93.83 10.12 -11.87
N LYS Q 155 92.73 9.63 -11.31
CA LYS Q 155 91.70 9.02 -12.14
C LYS Q 155 91.02 10.05 -13.03
N ARG Q 156 90.73 11.24 -12.49
CA ARG Q 156 90.12 12.27 -13.31
C ARG Q 156 91.06 12.73 -14.41
N LYS Q 157 92.36 12.86 -14.10
CA LYS Q 157 93.34 13.27 -15.09
C LYS Q 157 93.49 12.23 -16.19
N HIS Q 158 93.60 10.96 -15.81
CA HIS Q 158 93.70 9.90 -16.80
C HIS Q 158 92.44 9.83 -17.65
N ALA Q 159 91.28 10.03 -17.02
CA ALA Q 159 90.03 10.05 -17.76
C ALA Q 159 90.00 11.16 -18.79
N GLN Q 160 90.35 12.39 -18.38
CA GLN Q 160 90.33 13.51 -19.29
C GLN Q 160 91.40 13.41 -20.36
N GLU Q 161 92.54 12.78 -20.06
CA GLU Q 161 93.57 12.57 -21.06
C GLU Q 161 93.10 11.59 -22.13
N THR Q 162 92.70 10.40 -21.71
CA THR Q 162 92.15 9.44 -22.65
C THR Q 162 90.98 10.02 -23.43
N LEU Q 163 90.18 10.90 -22.81
CA LEU Q 163 89.03 11.42 -23.55
C LEU Q 163 89.40 12.60 -24.44
N ASP Q 164 90.45 13.34 -24.13
CA ASP Q 164 91.00 14.23 -25.14
C ASP Q 164 91.42 13.44 -26.36
N GLU Q 165 92.06 12.28 -26.14
CA GLU Q 165 92.33 11.39 -27.26
C GLU Q 165 91.06 10.99 -27.98
N VAL Q 166 90.01 10.62 -27.25
CA VAL Q 166 88.80 10.14 -27.89
C VAL Q 166 88.18 11.24 -28.74
N SER Q 167 88.03 12.42 -28.16
CA SER Q 167 87.44 13.54 -28.88
C SER Q 167 88.26 13.95 -30.10
N LYS Q 168 89.57 14.14 -29.94
CA LYS Q 168 90.40 14.54 -31.08
C LYS Q 168 90.48 13.46 -32.14
N ALA Q 169 90.50 12.17 -31.75
CA ALA Q 169 90.39 11.11 -32.74
C ALA Q 169 89.05 11.14 -33.43
N GLN Q 170 87.99 11.47 -32.70
CA GLN Q 170 86.69 11.64 -33.32
C GLN Q 170 86.68 12.81 -34.26
N GLY Q 171 87.35 13.90 -33.87
CA GLY Q 171 87.51 15.02 -34.79
C GLY Q 171 88.22 14.65 -36.07
N MET Q 172 89.39 14.03 -35.96
CA MET Q 172 90.15 13.61 -37.14
C MET Q 172 89.34 12.69 -38.03
N LEU Q 173 88.66 11.69 -37.44
CA LEU Q 173 87.97 10.72 -38.28
C LEU Q 173 86.71 11.30 -38.89
N ASP Q 174 85.98 12.13 -38.16
CA ASP Q 174 84.87 12.85 -38.77
C ASP Q 174 85.36 13.78 -39.87
N LEU Q 175 86.55 14.35 -39.72
CA LEU Q 175 87.08 15.25 -40.73
C LEU Q 175 87.43 14.51 -42.01
N PHE Q 176 88.03 13.34 -41.89
CA PHE Q 176 88.52 12.60 -43.04
C PHE Q 176 87.50 11.63 -43.61
N GLU Q 177 86.36 11.44 -42.94
CA GLU Q 177 85.28 10.70 -43.55
C GLU Q 177 84.54 11.51 -44.61
N ARG Q 178 84.89 12.79 -44.76
CA ARG Q 178 84.14 13.73 -45.58
C ARG Q 178 82.74 13.96 -45.01
N GLN Q 179 82.73 14.59 -43.83
CA GLN Q 179 81.49 14.94 -43.15
C GLN Q 179 81.05 16.35 -43.53
N PRO Q 180 79.76 16.67 -43.37
CA PRO Q 180 79.25 17.97 -43.84
C PRO Q 180 79.90 19.18 -43.17
N GLN Q 181 79.96 19.21 -41.83
CA GLN Q 181 80.58 20.33 -41.13
C GLN Q 181 82.03 20.54 -41.55
N PHE Q 182 82.63 19.56 -42.21
CA PHE Q 182 83.98 19.64 -42.74
C PHE Q 182 83.85 19.57 -44.25
N PRO Q 183 83.50 20.68 -44.90
CA PRO Q 183 83.13 20.64 -46.32
C PRO Q 183 84.30 20.66 -47.28
N ALA Q 184 85.49 21.02 -46.82
CA ALA Q 184 86.60 21.24 -47.73
C ALA Q 184 87.92 20.89 -47.06
N ILE Q 185 88.66 20.01 -47.71
CA ILE Q 185 90.06 19.73 -47.39
C ILE Q 185 90.90 20.31 -48.52
N HIS Q 186 91.75 21.28 -48.20
CA HIS Q 186 92.67 21.88 -49.14
C HIS Q 186 94.05 21.26 -48.97
N ILE Q 187 94.85 21.31 -50.02
CA ILE Q 187 96.27 20.98 -49.95
C ILE Q 187 97.01 22.05 -50.74
N ASP Q 188 97.45 23.11 -50.06
CA ASP Q 188 97.98 24.30 -50.74
C ASP Q 188 99.48 24.24 -50.96
N ARG Q 189 100.27 24.18 -49.91
CA ARG Q 189 101.72 24.12 -50.01
C ARG Q 189 102.21 22.68 -50.03
N CYS Q 190 101.44 21.82 -50.67
CA CYS Q 190 101.63 20.38 -50.60
C CYS Q 190 102.73 19.91 -51.54
N THR Q 191 103.91 19.62 -50.99
CA THR Q 191 104.99 19.08 -51.80
C THR Q 191 104.59 17.67 -52.26
N ARG Q 192 105.16 17.25 -53.39
CA ARG Q 192 104.87 15.94 -53.96
C ARG Q 192 105.06 14.82 -52.94
N PHE Q 193 106.02 14.97 -52.02
CA PHE Q 193 106.15 13.98 -50.96
C PHE Q 193 104.86 13.86 -50.17
N HIS Q 194 104.27 15.01 -49.80
CA HIS Q 194 102.99 14.98 -49.12
C HIS Q 194 101.87 14.49 -50.02
N LEU Q 195 101.89 14.83 -51.30
CA LEU Q 195 100.90 14.29 -52.23
C LEU Q 195 100.91 12.78 -52.20
N VAL Q 196 102.08 12.17 -52.34
CA VAL Q 196 102.16 10.72 -52.37
C VAL Q 196 101.89 10.13 -50.99
N GLU Q 197 102.30 10.81 -49.91
CA GLU Q 197 102.04 10.26 -48.59
C GLU Q 197 100.56 10.29 -48.25
N LEU Q 198 99.85 11.35 -48.65
CA LEU Q 198 98.40 11.40 -48.50
C LEU Q 198 97.67 10.46 -49.43
N PHE Q 199 98.19 10.27 -50.64
CA PHE Q 199 97.63 9.29 -51.56
C PHE Q 199 97.73 7.88 -51.00
N LYS Q 200 98.94 7.42 -50.69
CA LYS Q 200 99.09 6.06 -50.17
C LYS Q 200 98.55 5.90 -48.76
N GLU Q 201 97.98 6.95 -48.15
CA GLU Q 201 97.37 6.84 -46.84
C GLU Q 201 95.86 7.07 -46.86
N MET Q 202 95.30 7.53 -47.98
CA MET Q 202 93.86 7.71 -48.06
C MET Q 202 93.22 7.13 -49.31
N VAL Q 203 93.97 6.85 -50.37
CA VAL Q 203 93.45 6.30 -51.61
C VAL Q 203 94.19 5.02 -52.00
N LEU Q 204 95.52 5.09 -52.08
CA LEU Q 204 96.27 3.84 -52.25
C LEU Q 204 96.27 3.04 -50.95
N GLU Q 205 95.75 3.61 -49.87
CA GLU Q 205 95.47 2.81 -48.69
C GLU Q 205 94.02 2.33 -48.66
N ARG Q 206 93.08 3.18 -49.07
CA ARG Q 206 91.66 2.84 -48.95
C ARG Q 206 91.13 2.04 -50.14
N SER Q 207 91.94 1.86 -51.19
CA SER Q 207 91.44 1.28 -52.43
C SER Q 207 91.60 -0.23 -52.48
N LEU Q 208 90.89 -0.83 -53.44
CA LEU Q 208 90.93 -2.27 -53.66
C LEU Q 208 91.29 -2.64 -55.09
N GLU Q 209 91.17 -1.69 -56.03
CA GLU Q 209 91.47 -2.03 -57.41
C GLU Q 209 92.45 -1.02 -57.98
N ALA Q 210 93.63 -1.51 -58.36
CA ALA Q 210 94.65 -0.68 -59.01
C ALA Q 210 94.22 -0.21 -60.38
N VAL Q 211 93.29 -0.91 -61.03
CA VAL Q 211 92.73 -0.43 -62.29
C VAL Q 211 91.65 0.61 -62.02
N ALA Q 212 90.89 0.47 -60.93
CA ALA Q 212 89.82 1.43 -60.63
C ALA Q 212 90.37 2.75 -60.10
N ILE Q 213 91.52 2.75 -59.43
CA ILE Q 213 92.17 4.00 -59.08
C ILE Q 213 92.65 4.72 -60.33
N TRP Q 214 93.19 3.98 -61.30
CA TRP Q 214 93.55 4.60 -62.57
C TRP Q 214 92.32 5.04 -63.34
N ASP Q 215 91.16 4.44 -63.08
CA ASP Q 215 89.90 4.95 -63.62
C ASP Q 215 89.53 6.29 -62.99
N LYS Q 216 89.57 6.35 -61.66
CA LYS Q 216 89.27 7.59 -60.96
C LYS Q 216 90.23 8.70 -61.39
N ALA Q 217 91.49 8.33 -61.64
CA ALA Q 217 92.56 9.27 -61.97
C ALA Q 217 92.23 10.16 -63.15
N LEU Q 218 91.42 9.68 -64.09
CA LEU Q 218 91.02 10.48 -65.23
C LEU Q 218 89.53 10.80 -65.24
N LEU Q 219 88.70 10.00 -64.54
CA LEU Q 219 87.30 10.38 -64.34
C LEU Q 219 87.16 11.66 -63.54
N TYR Q 220 87.86 11.76 -62.40
CA TYR Q 220 87.86 12.99 -61.62
C TYR Q 220 88.40 14.17 -62.42
N ARG Q 221 89.46 13.96 -63.20
CA ARG Q 221 90.00 15.05 -64.00
C ARG Q 221 88.97 15.52 -65.01
N ALA Q 222 88.27 14.58 -65.65
CA ALA Q 222 87.18 14.94 -66.55
C ALA Q 222 86.12 15.77 -65.85
N ILE Q 223 85.71 15.37 -64.63
CA ILE Q 223 84.64 16.09 -63.93
C ILE Q 223 85.07 17.50 -63.56
N LEU Q 224 86.25 17.64 -62.96
CA LEU Q 224 86.74 18.96 -62.59
C LEU Q 224 86.96 19.85 -63.80
N SER Q 225 87.49 19.31 -64.89
CA SER Q 225 87.67 20.13 -66.08
C SER Q 225 86.34 20.50 -66.71
N GLU Q 226 85.35 19.62 -66.62
CA GLU Q 226 84.03 19.94 -67.17
C GLU Q 226 83.40 21.08 -66.39
N ARG Q 227 83.52 21.06 -65.06
CA ARG Q 227 82.90 22.09 -64.24
C ARG Q 227 83.91 23.05 -63.61
N LYS Q 228 85.00 23.36 -64.32
CA LYS Q 228 85.93 24.40 -63.87
C LYS Q 228 85.24 25.74 -63.65
N ALA Q 229 83.97 25.86 -64.07
CA ALA Q 229 83.20 27.07 -63.83
C ALA Q 229 82.45 27.05 -62.49
N SER Q 230 82.27 25.89 -61.87
CA SER Q 230 81.39 25.76 -60.70
C SER Q 230 82.12 25.86 -59.37
N TYR Q 231 83.39 25.94 -59.38
CA TYR Q 231 84.21 26.10 -58.18
C TYR Q 231 84.70 27.54 -58.08
N PRO Q 232 84.68 28.12 -56.87
CA PRO Q 232 85.03 29.54 -56.72
C PRO Q 232 86.48 29.84 -57.07
N ALA Q 233 86.87 31.11 -56.94
CA ALA Q 233 88.27 31.47 -57.06
C ALA Q 233 89.14 30.70 -56.07
N SER Q 234 88.58 30.31 -54.93
CA SER Q 234 89.34 29.53 -53.95
C SER Q 234 89.72 28.16 -54.48
N PHE Q 235 88.77 27.44 -55.08
CA PHE Q 235 89.05 26.09 -55.55
C PHE Q 235 89.75 26.08 -56.90
N ARG Q 236 90.04 27.25 -57.47
CA ARG Q 236 90.80 27.34 -58.72
C ARG Q 236 92.21 26.79 -58.59
N TYR Q 237 92.66 26.46 -57.38
CA TYR Q 237 94.06 26.12 -57.18
C TYR Q 237 94.38 24.67 -57.53
N ILE Q 238 93.39 23.89 -57.97
CA ILE Q 238 93.69 22.61 -58.60
C ILE Q 238 93.95 22.77 -60.10
N PHE Q 239 93.40 23.82 -60.71
CA PHE Q 239 93.34 23.92 -62.17
C PHE Q 239 94.72 23.90 -62.83
N LYS Q 240 95.73 24.55 -62.24
CA LYS Q 240 97.07 24.49 -62.81
C LYS Q 240 97.56 23.07 -62.92
N ALA Q 241 97.44 22.29 -61.85
CA ALA Q 241 97.79 20.88 -61.86
C ALA Q 241 96.94 20.08 -62.83
N VAL Q 242 95.64 20.35 -62.89
CA VAL Q 242 94.77 19.65 -63.83
C VAL Q 242 95.20 19.91 -65.27
N GLU Q 243 95.71 21.10 -65.54
CA GLU Q 243 96.00 21.48 -66.92
C GLU Q 243 97.41 21.13 -67.36
N ASP Q 244 98.37 20.94 -66.45
CA ASP Q 244 99.69 20.47 -66.84
C ASP Q 244 99.82 18.95 -66.83
N THR Q 245 98.73 18.22 -67.08
CA THR Q 245 98.70 16.77 -66.91
C THR Q 245 99.25 16.07 -68.15
N VAL Q 246 100.14 15.10 -67.94
CA VAL Q 246 100.89 14.46 -69.03
C VAL Q 246 100.11 13.28 -69.57
N PHE Q 247 100.14 13.13 -70.90
CA PHE Q 247 99.37 12.11 -71.62
C PHE Q 247 100.20 11.60 -72.79
N ALA Q 248 100.23 10.28 -72.95
CA ALA Q 248 100.81 9.65 -74.15
C ALA Q 248 102.29 9.98 -74.32
N HIS Q 249 102.98 10.23 -73.21
CA HIS Q 249 104.43 10.39 -73.26
C HIS Q 249 105.11 9.05 -73.48
N SER Q 250 105.15 8.23 -72.45
CA SER Q 250 105.73 6.89 -72.51
C SER Q 250 104.85 5.91 -71.75
N SER Q 251 105.15 4.62 -71.91
CA SER Q 251 104.22 3.56 -71.52
C SER Q 251 103.89 3.61 -70.03
N VAL Q 252 104.90 3.39 -69.17
CA VAL Q 252 104.64 3.29 -67.74
C VAL Q 252 104.81 4.60 -67.00
N ASN Q 253 104.60 5.74 -67.65
CA ASN Q 253 104.65 7.01 -66.96
C ASN Q 253 103.24 7.53 -66.62
N CYS Q 254 102.37 7.62 -67.62
CA CYS Q 254 101.02 8.10 -67.42
C CYS Q 254 100.10 7.46 -68.45
N PRO Q 255 98.81 7.34 -68.15
CA PRO Q 255 97.87 6.78 -69.13
C PRO Q 255 97.58 7.75 -70.26
N SER Q 256 97.10 7.19 -71.37
CA SER Q 256 96.95 7.92 -72.63
C SER Q 256 95.76 8.86 -72.57
N LEU Q 257 95.44 9.45 -73.72
CA LEU Q 257 94.30 10.35 -73.81
C LEU Q 257 93.01 9.62 -74.14
N GLU Q 258 93.09 8.39 -74.64
CA GLU Q 258 91.87 7.63 -74.89
C GLU Q 258 91.10 7.37 -73.60
N ALA Q 259 91.82 7.11 -72.50
CA ALA Q 259 91.18 6.96 -71.20
C ALA Q 259 90.54 8.27 -70.76
N TYR Q 260 91.30 9.36 -70.80
CA TYR Q 260 90.76 10.66 -70.42
C TYR Q 260 89.50 10.97 -71.21
N TYR Q 261 89.51 10.66 -72.50
CA TYR Q 261 88.37 10.96 -73.33
C TYR Q 261 87.17 10.06 -73.07
N TYR Q 262 87.40 8.79 -72.73
CA TYR Q 262 86.27 7.97 -72.32
C TYR Q 262 85.63 8.54 -71.06
N PHE Q 263 86.46 8.93 -70.08
CA PHE Q 263 85.93 9.46 -68.83
C PHE Q 263 85.27 10.83 -68.97
N LEU Q 264 85.74 11.66 -69.89
CA LEU Q 264 85.13 12.95 -70.18
C LEU Q 264 83.86 12.83 -71.02
N TYR Q 265 83.86 11.92 -71.99
CA TYR Q 265 82.65 11.59 -72.73
C TYR Q 265 81.55 11.09 -71.79
N LEU Q 266 81.88 10.20 -70.84
CA LEU Q 266 80.87 9.73 -69.90
C LEU Q 266 80.37 10.85 -68.99
N VAL Q 267 81.25 11.77 -68.58
CA VAL Q 267 80.81 12.84 -67.66
C VAL Q 267 79.94 13.85 -68.40
N LYS Q 268 80.34 14.22 -69.62
CA LYS Q 268 79.49 15.07 -70.44
C LYS Q 268 78.15 14.42 -70.69
N LYS Q 269 78.12 13.09 -70.83
CA LYS Q 269 76.87 12.37 -71.10
C LYS Q 269 75.98 12.32 -69.86
N TYR Q 270 76.55 11.95 -68.71
CA TYR Q 270 75.77 11.69 -67.51
C TYR Q 270 75.70 12.87 -66.56
N TYR Q 271 76.22 14.04 -66.93
CA TYR Q 271 76.09 15.26 -66.13
C TYR Q 271 76.73 15.11 -64.75
N ILE Q 272 77.78 14.30 -64.69
CA ILE Q 272 78.40 13.93 -63.41
C ILE Q 272 79.13 15.13 -62.83
N ASP Q 273 78.79 15.49 -61.59
CA ASP Q 273 79.35 16.66 -60.93
C ASP Q 273 79.94 16.37 -59.54
N ASN Q 274 79.31 15.50 -58.74
CA ASN Q 274 79.71 15.25 -57.36
C ASN Q 274 80.24 13.82 -57.20
N ALA Q 275 81.03 13.62 -56.15
CA ALA Q 275 81.65 12.33 -55.88
C ALA Q 275 80.64 11.24 -55.58
N VAL Q 276 79.39 11.59 -55.27
CA VAL Q 276 78.36 10.57 -55.07
C VAL Q 276 77.94 9.96 -56.39
N GLU Q 277 78.13 10.70 -57.49
CA GLU Q 277 77.96 10.14 -58.82
C GLU Q 277 79.26 9.57 -59.36
N ALA Q 278 80.40 10.18 -58.99
CA ALA Q 278 81.68 9.62 -59.41
C ALA Q 278 81.84 8.18 -58.96
N HIS Q 279 81.50 7.86 -57.71
CA HIS Q 279 81.67 6.47 -57.27
C HIS Q 279 80.68 5.53 -57.93
N VAL Q 280 79.41 5.94 -58.05
CA VAL Q 280 78.45 5.02 -58.61
C VAL Q 280 78.75 4.75 -60.07
N VAL Q 281 79.27 5.74 -60.80
CA VAL Q 281 79.68 5.48 -62.17
C VAL Q 281 81.01 4.75 -62.21
N LEU Q 282 81.81 4.82 -61.14
CA LEU Q 282 83.00 3.97 -61.12
C LEU Q 282 82.61 2.53 -60.84
N ARG Q 283 81.44 2.32 -60.27
CA ARG Q 283 80.99 0.95 -60.01
C ARG Q 283 80.11 0.39 -61.11
N CYS Q 284 79.53 1.22 -61.95
CA CYS Q 284 78.75 0.72 -63.06
C CYS Q 284 79.35 1.00 -64.43
N HIS Q 285 80.47 1.70 -64.49
CA HIS Q 285 80.98 2.18 -65.77
C HIS Q 285 81.73 1.12 -66.56
N ARG Q 286 82.24 0.07 -65.90
CA ARG Q 286 82.87 -1.01 -66.63
C ARG Q 286 82.03 -2.29 -66.67
N GLU Q 287 80.89 -2.31 -65.99
CA GLU Q 287 79.96 -3.40 -66.21
C GLU Q 287 79.34 -3.29 -67.60
N PRO Q 288 79.18 -4.41 -68.31
CA PRO Q 288 78.49 -4.37 -69.61
C PRO Q 288 77.08 -3.83 -69.54
N ASN Q 289 76.37 -4.03 -68.42
CA ASN Q 289 75.01 -3.56 -68.21
C ASN Q 289 74.97 -2.13 -67.67
N ALA Q 290 76.03 -1.36 -67.93
CA ALA Q 290 76.03 0.05 -67.57
C ALA Q 290 74.78 0.75 -68.10
N THR Q 291 74.28 0.29 -69.25
CA THR Q 291 73.11 0.92 -69.88
C THR Q 291 71.92 1.05 -68.92
N ASP Q 292 71.50 -0.04 -68.28
CA ASP Q 292 70.38 0.03 -67.37
C ASP Q 292 70.83 0.34 -65.95
N LEU Q 293 72.05 -0.04 -65.57
CA LEU Q 293 72.47 0.16 -64.20
C LEU Q 293 72.67 1.64 -63.90
N LEU Q 294 73.43 2.34 -64.75
CA LEU Q 294 73.56 3.78 -64.62
C LEU Q 294 72.34 4.53 -65.16
N PHE Q 295 71.24 3.84 -65.45
CA PHE Q 295 70.12 4.48 -66.15
C PHE Q 295 69.52 5.53 -65.25
N SER Q 296 69.83 6.79 -65.51
CA SER Q 296 69.47 7.89 -64.64
C SER Q 296 67.98 8.18 -64.67
N ASN Q 297 67.45 8.66 -63.54
CA ASN Q 297 66.06 9.06 -63.41
C ASN Q 297 65.77 10.15 -64.44
N PRO Q 298 66.60 11.19 -64.56
CA PRO Q 298 66.64 11.94 -65.82
C PRO Q 298 67.64 11.30 -66.78
N PRO Q 299 67.17 10.67 -67.84
CA PRO Q 299 68.08 9.96 -68.75
C PRO Q 299 69.07 10.91 -69.41
N PRO Q 300 70.29 10.44 -69.70
CA PRO Q 300 71.35 11.33 -70.16
C PRO Q 300 71.23 11.67 -71.64
N LYS Q 301 72.29 12.30 -72.15
CA LYS Q 301 72.40 12.61 -73.57
C LYS Q 301 72.80 11.39 -74.38
N ASP Q 302 72.79 11.56 -75.70
CA ASP Q 302 73.10 10.46 -76.62
C ASP Q 302 74.57 10.44 -77.00
N GLU Q 303 75.06 9.24 -77.29
CA GLU Q 303 76.43 9.09 -77.79
C GLU Q 303 76.68 9.89 -79.05
N VAL Q 304 75.69 9.97 -79.95
CA VAL Q 304 75.89 10.62 -81.23
C VAL Q 304 76.09 12.13 -81.12
N ASP Q 305 75.73 12.74 -79.99
CA ASP Q 305 76.05 14.15 -79.79
C ASP Q 305 77.20 14.35 -78.82
N VAL Q 306 77.30 13.54 -77.77
CA VAL Q 306 78.44 13.70 -76.89
C VAL Q 306 79.73 13.34 -77.61
N ARG Q 307 79.65 12.55 -78.68
CA ARG Q 307 80.84 12.17 -79.42
C ARG Q 307 81.29 13.27 -80.36
N ASN Q 308 80.38 13.98 -81.02
CA ASN Q 308 80.87 15.13 -81.75
C ASN Q 308 81.35 16.23 -80.81
N ALA Q 309 80.78 16.35 -79.61
CA ALA Q 309 81.34 17.26 -78.63
C ALA Q 309 82.78 16.90 -78.28
N ILE Q 310 83.02 15.64 -77.88
CA ILE Q 310 84.37 15.22 -77.50
C ILE Q 310 85.33 15.33 -78.70
N GLU Q 311 84.82 15.13 -79.91
CA GLU Q 311 85.67 15.30 -81.09
C GLU Q 311 86.00 16.77 -81.36
N ALA Q 312 85.07 17.68 -81.07
CA ALA Q 312 85.35 19.11 -81.21
C ALA Q 312 86.33 19.59 -80.16
N LEU Q 313 86.33 18.94 -78.99
CA LEU Q 313 87.27 19.29 -77.94
C LEU Q 313 88.62 18.60 -78.10
N GLN Q 314 88.67 17.51 -78.86
CA GLN Q 314 89.90 16.75 -79.06
C GLN Q 314 90.97 17.57 -79.81
N PHE Q 364 81.43 4.86 -75.97
CA PHE Q 364 82.85 4.68 -76.20
C PHE Q 364 83.32 3.36 -75.61
N ALA Q 365 84.50 2.91 -76.04
CA ALA Q 365 85.05 1.65 -75.55
C ALA Q 365 86.02 1.90 -74.39
N PRO Q 366 86.08 0.98 -73.43
CA PRO Q 366 86.81 1.25 -72.18
C PRO Q 366 88.32 1.29 -72.41
N PRO Q 367 89.03 2.13 -71.66
CA PRO Q 367 90.50 2.13 -71.69
C PRO Q 367 91.07 1.07 -70.76
N SER Q 368 91.65 0.02 -71.34
CA SER Q 368 92.26 -1.01 -70.52
C SER Q 368 93.77 -0.80 -70.40
N SER Q 369 94.40 -0.32 -71.46
CA SER Q 369 95.84 -0.05 -71.46
C SER Q 369 96.21 0.93 -70.36
N TYR Q 370 97.03 0.48 -69.42
CA TYR Q 370 97.27 1.25 -68.22
C TYR Q 370 98.74 1.18 -67.87
N PRO Q 371 99.27 2.19 -67.19
CA PRO Q 371 100.53 2.02 -66.46
C PRO Q 371 100.31 1.20 -65.20
N PRO Q 372 101.36 0.85 -64.47
CA PRO Q 372 101.15 0.29 -63.12
C PRO Q 372 100.51 1.32 -62.22
N ILE Q 373 99.83 0.85 -61.17
CA ILE Q 373 99.34 1.80 -60.18
C ILE Q 373 100.49 2.43 -59.43
N GLU Q 374 101.65 1.77 -59.41
CA GLU Q 374 102.85 2.34 -58.81
C GLU Q 374 103.34 3.55 -59.58
N ALA Q 375 103.05 3.62 -60.88
CA ALA Q 375 103.36 4.79 -61.67
C ALA Q 375 102.69 6.04 -61.14
N LEU Q 376 101.48 5.91 -60.59
CA LEU Q 376 100.75 7.07 -60.09
C LEU Q 376 101.44 7.68 -58.88
N TRP Q 377 101.92 6.87 -57.93
CA TRP Q 377 102.57 7.40 -56.74
C TRP Q 377 104.09 7.39 -56.87
N ARG Q 378 104.61 7.03 -58.02
CA ARG Q 378 106.05 7.05 -58.23
C ARG Q 378 106.45 8.20 -59.16
N CYS Q 379 105.63 8.47 -60.16
CA CYS Q 379 106.02 9.36 -61.25
C CYS Q 379 106.16 10.80 -60.77
N GLU Q 380 107.27 11.42 -61.14
CA GLU Q 380 107.44 12.85 -60.96
C GLU Q 380 106.55 13.65 -61.90
N GLU Q 381 105.89 13.00 -62.85
CA GLU Q 381 104.98 13.66 -63.77
C GLU Q 381 103.52 13.47 -63.39
N ASN Q 382 103.16 12.34 -62.79
CA ASN Q 382 101.79 12.07 -62.39
C ASN Q 382 101.31 12.99 -61.27
N VAL Q 383 102.21 13.77 -60.68
CA VAL Q 383 101.91 14.48 -59.45
C VAL Q 383 100.83 15.54 -59.64
N PRO Q 384 100.86 16.36 -60.68
CA PRO Q 384 99.69 17.21 -60.94
C PRO Q 384 98.47 16.39 -61.29
N LEU Q 385 98.64 15.16 -61.73
CA LEU Q 385 97.51 14.26 -61.89
C LEU Q 385 97.07 13.67 -60.55
N LEU Q 386 97.92 13.74 -59.52
CA LEU Q 386 97.61 13.20 -58.20
C LEU Q 386 97.03 14.23 -57.25
N GLU Q 387 97.40 15.50 -57.42
CA GLU Q 387 96.66 16.57 -56.77
C GLU Q 387 95.19 16.48 -57.10
N ILE Q 388 94.87 16.11 -58.34
CA ILE Q 388 93.48 15.89 -58.75
C ILE Q 388 92.86 14.74 -57.98
N LEU Q 389 93.65 13.69 -57.72
CA LEU Q 389 93.10 12.51 -57.09
C LEU Q 389 92.87 12.73 -55.60
N LEU Q 390 93.78 13.41 -54.94
CA LEU Q 390 93.51 13.90 -53.59
C LEU Q 390 92.38 14.92 -53.60
N PHE Q 391 92.22 15.67 -54.69
CA PHE Q 391 91.27 16.77 -54.72
C PHE Q 391 89.84 16.26 -54.83
N GLY Q 392 89.62 15.22 -55.64
CA GLY Q 392 88.30 14.65 -55.77
C GLY Q 392 87.81 13.90 -54.54
N GLU Q 393 88.73 13.49 -53.67
CA GLU Q 393 88.35 12.82 -52.44
C GLU Q 393 88.29 13.78 -51.27
N PHE Q 394 89.12 14.82 -51.29
CA PHE Q 394 89.15 15.79 -50.20
C PHE Q 394 88.14 16.90 -50.46
N ASN Q 395 88.32 17.62 -51.57
CA ASN Q 395 87.30 18.49 -52.13
C ASN Q 395 86.42 17.66 -53.06
N LEU Q 396 85.49 18.32 -53.76
CA LEU Q 396 84.60 17.73 -54.76
C LEU Q 396 83.59 16.75 -54.16
N ILE Q 397 83.79 16.37 -52.91
CA ILE Q 397 82.92 15.37 -52.27
C ILE Q 397 81.82 16.10 -51.52
N VAL Q 398 80.60 16.00 -52.05
CA VAL Q 398 79.48 16.76 -51.49
C VAL Q 398 78.36 15.79 -51.13
N SER Q 399 77.70 16.05 -50.01
CA SER Q 399 76.55 15.29 -49.55
C SER Q 399 75.36 15.49 -50.48
N GLU Q 400 74.95 14.42 -51.17
CA GLU Q 400 73.82 14.49 -52.11
C GLU Q 400 73.42 13.07 -52.44
N ASN Q 401 72.16 12.70 -52.15
CA ASN Q 401 71.69 11.33 -52.35
C ASN Q 401 71.73 10.95 -53.83
N PRO Q 402 72.38 9.85 -54.18
CA PRO Q 402 72.59 9.50 -55.59
C PRO Q 402 71.53 8.61 -56.22
N PHE Q 403 70.78 7.85 -55.43
CA PHE Q 403 69.92 6.84 -56.03
C PHE Q 403 68.48 7.28 -56.15
N VAL Q 404 68.22 8.58 -56.02
CA VAL Q 404 67.05 9.16 -56.66
C VAL Q 404 67.35 9.45 -58.13
N LYS Q 405 68.60 9.82 -58.43
CA LYS Q 405 69.03 9.96 -59.81
C LYS Q 405 69.24 8.60 -60.47
N PHE Q 406 70.01 7.72 -59.81
CA PHE Q 406 70.26 6.37 -60.30
C PHE Q 406 69.35 5.39 -59.57
N PRO Q 407 68.21 5.02 -60.14
CA PRO Q 407 67.34 4.03 -59.50
C PRO Q 407 67.79 2.59 -59.65
N THR Q 408 68.77 2.31 -60.51
CA THR Q 408 69.21 0.94 -60.75
C THR Q 408 70.55 0.63 -60.14
N ALA Q 409 71.47 1.59 -60.10
CA ALA Q 409 72.74 1.37 -59.42
C ALA Q 409 72.55 1.09 -57.94
N HIS Q 410 71.35 1.31 -57.39
CA HIS Q 410 71.14 1.04 -55.97
C HIS Q 410 71.33 -0.44 -55.66
N ALA Q 411 70.55 -1.30 -56.30
CA ALA Q 411 70.56 -2.73 -56.04
C ALA Q 411 71.91 -3.37 -56.28
N PHE Q 412 72.80 -2.73 -57.04
CA PHE Q 412 74.13 -3.28 -57.22
C PHE Q 412 75.13 -2.64 -56.27
N LEU Q 413 75.21 -1.31 -56.29
CA LEU Q 413 76.09 -0.57 -55.41
C LEU Q 413 75.95 -1.02 -53.97
N THR Q 414 74.79 -0.78 -53.39
CA THR Q 414 74.48 -1.23 -52.04
C THR Q 414 73.44 -2.34 -52.18
N ARG Q 415 72.99 -2.85 -51.10
CA ARG Q 415 72.13 -3.99 -51.31
C ARG Q 415 70.75 -3.55 -51.80
N PRO Q 416 70.03 -4.41 -52.50
CA PRO Q 416 68.71 -4.04 -52.99
C PRO Q 416 67.69 -3.90 -51.87
N TYR Q 417 66.48 -3.50 -52.24
CA TYR Q 417 65.35 -3.54 -51.32
C TYR Q 417 64.71 -4.92 -51.34
N SER Q 418 64.04 -5.27 -50.23
CA SER Q 418 63.36 -6.56 -50.16
C SER Q 418 62.08 -6.55 -50.97
N THR Q 419 61.21 -5.58 -50.69
CA THR Q 419 59.90 -5.49 -51.29
C THR Q 419 59.95 -5.03 -52.74
N GLU Q 420 61.11 -4.58 -53.21
CA GLU Q 420 61.26 -4.18 -54.60
C GLU Q 420 61.42 -5.38 -55.53
N SER Q 421 61.85 -6.53 -55.00
CA SER Q 421 61.80 -7.78 -55.76
C SER Q 421 60.38 -8.29 -55.91
N SER Q 422 59.40 -7.56 -55.41
CA SER Q 422 58.01 -7.97 -55.50
C SER Q 422 57.19 -6.96 -56.30
N SER Q 430 54.21 -20.71 -57.28
CA SER Q 430 54.65 -22.08 -57.07
C SER Q 430 55.40 -22.23 -55.77
N LEU Q 431 55.13 -21.34 -54.81
CA LEU Q 431 55.78 -21.44 -53.51
C LEU Q 431 55.60 -22.83 -52.92
N ALA Q 432 54.42 -23.42 -53.09
CA ALA Q 432 54.19 -24.76 -52.60
C ALA Q 432 55.18 -25.77 -53.18
N ASN Q 433 55.47 -25.70 -54.48
CA ASN Q 433 56.42 -26.63 -55.06
C ASN Q 433 57.87 -26.28 -54.74
N VAL Q 434 58.21 -25.00 -54.59
CA VAL Q 434 59.52 -24.64 -54.07
C VAL Q 434 59.73 -25.29 -52.70
N ILE Q 435 58.70 -25.21 -51.85
CA ILE Q 435 58.83 -25.75 -50.51
C ILE Q 435 58.83 -27.27 -50.55
N ALA Q 436 58.10 -27.86 -51.51
CA ALA Q 436 58.14 -29.31 -51.67
C ALA Q 436 59.51 -29.78 -52.12
N GLU Q 437 60.21 -28.99 -52.94
CA GLU Q 437 61.59 -29.31 -53.30
C GLU Q 437 62.50 -29.19 -52.07
N LYS Q 438 62.39 -28.06 -51.35
CA LYS Q 438 63.17 -27.88 -50.12
C LYS Q 438 62.99 -29.03 -49.15
N ARG Q 439 61.74 -29.38 -48.85
CA ARG Q 439 61.40 -30.46 -47.94
C ARG Q 439 61.67 -31.83 -48.56
N GLY Q 440 61.93 -31.87 -49.86
CA GLY Q 440 62.40 -33.07 -50.50
C GLY Q 440 61.31 -34.09 -50.78
N HIS Q 441 61.73 -35.19 -51.39
CA HIS Q 441 60.84 -36.27 -51.77
C HIS Q 441 60.41 -37.13 -50.60
N LEU Q 442 61.06 -36.97 -49.43
CA LEU Q 442 60.72 -37.78 -48.26
C LEU Q 442 59.51 -37.26 -47.52
N LEU Q 443 59.13 -36.10 -47.75
CA LEU Q 443 57.86 -35.79 -47.16
C LEU Q 443 56.76 -35.82 -48.22
N PRO Q 444 55.60 -36.39 -47.91
CA PRO Q 444 54.53 -36.50 -48.92
C PRO Q 444 54.03 -35.13 -49.33
N SER Q 445 54.02 -34.91 -50.65
CA SER Q 445 53.98 -33.59 -51.24
C SER Q 445 52.62 -32.92 -51.03
N PHE Q 446 52.62 -31.60 -51.19
CA PHE Q 446 51.50 -30.75 -50.81
C PHE Q 446 50.29 -31.04 -51.70
N PRO Q 447 49.21 -31.57 -51.14
CA PRO Q 447 48.06 -31.94 -51.95
C PRO Q 447 47.33 -30.71 -52.49
N MET Q 448 46.21 -31.01 -53.16
CA MET Q 448 45.44 -30.02 -53.90
C MET Q 448 44.37 -29.36 -53.03
N ASN Q 449 44.76 -28.94 -51.83
CA ASN Q 449 44.16 -27.78 -51.18
C ASN Q 449 45.31 -26.86 -50.80
N VAL Q 450 46.37 -27.48 -50.28
CA VAL Q 450 47.46 -26.78 -49.62
C VAL Q 450 48.44 -26.17 -50.61
N ALA Q 451 48.56 -26.74 -51.81
CA ALA Q 451 49.34 -26.05 -52.83
C ALA Q 451 48.76 -24.68 -53.14
N SER Q 452 47.45 -24.63 -53.44
CA SER Q 452 46.76 -23.38 -53.67
C SER Q 452 46.77 -22.48 -52.44
N ALA Q 453 46.68 -23.06 -51.24
CA ALA Q 453 46.74 -22.25 -50.02
C ALA Q 453 48.09 -21.55 -49.86
N ILE Q 454 49.19 -22.29 -49.99
CA ILE Q 454 50.51 -21.68 -49.92
C ILE Q 454 50.68 -20.64 -51.01
N ASP Q 455 50.22 -20.94 -52.22
CA ASP Q 455 50.31 -19.98 -53.31
C ASP Q 455 49.53 -18.70 -53.03
N GLY Q 456 48.33 -18.82 -52.49
CA GLY Q 456 47.57 -17.63 -52.12
C GLY Q 456 48.27 -16.82 -51.05
N ARG Q 457 48.79 -17.50 -50.02
CA ARG Q 457 49.59 -16.80 -49.02
C ARG Q 457 50.77 -16.07 -49.63
N ALA Q 458 51.53 -16.72 -50.51
CA ALA Q 458 52.70 -16.12 -51.14
C ALA Q 458 52.34 -14.93 -52.02
N GLN Q 459 51.30 -15.06 -52.84
CA GLN Q 459 50.84 -13.92 -53.63
C GLN Q 459 50.36 -12.78 -52.75
N GLU Q 460 49.71 -13.08 -51.62
CA GLU Q 460 49.29 -12.01 -50.72
C GLU Q 460 50.48 -11.31 -50.09
N LEU Q 461 51.51 -12.07 -49.70
CA LEU Q 461 52.75 -11.46 -49.23
C LEU Q 461 53.39 -10.60 -50.30
N ARG Q 462 53.45 -11.09 -51.53
CA ARG Q 462 53.95 -10.30 -52.63
C ARG Q 462 53.16 -9.01 -52.81
N ARG Q 463 51.83 -9.09 -52.72
CA ARG Q 463 51.01 -7.89 -52.86
C ARG Q 463 51.28 -6.89 -51.75
N LEU Q 464 51.31 -7.37 -50.50
CA LEU Q 464 51.56 -6.45 -49.39
C LEU Q 464 52.95 -5.84 -49.48
N GLN Q 465 53.92 -6.57 -50.03
CA GLN Q 465 55.23 -5.98 -50.30
C GLN Q 465 55.13 -4.94 -51.41
N GLN Q 466 54.40 -5.25 -52.49
CA GLN Q 466 54.14 -4.26 -53.53
C GLN Q 466 53.59 -2.98 -52.94
N LYS Q 467 52.67 -3.09 -51.98
CA LYS Q 467 52.15 -1.92 -51.31
C LYS Q 467 53.24 -1.24 -50.48
N HIS Q 468 53.78 -1.94 -49.49
CA HIS Q 468 54.74 -1.35 -48.56
C HIS Q 468 56.17 -1.54 -49.06
N HIS Q 469 56.41 -1.14 -50.30
CA HIS Q 469 57.78 -0.94 -50.76
C HIS Q 469 58.36 0.44 -50.53
N ARG Q 470 57.76 1.50 -51.11
CA ARG Q 470 58.38 2.82 -51.09
C ARG Q 470 58.17 3.52 -49.75
N ASP Q 471 56.95 3.44 -49.23
CA ASP Q 471 56.61 4.02 -47.94
C ASP Q 471 57.54 3.54 -46.84
N ASP Q 472 57.98 2.29 -46.89
CA ASP Q 472 58.92 1.79 -45.91
C ASP Q 472 60.18 2.65 -45.85
N THR Q 473 60.85 2.83 -46.98
CA THR Q 473 62.05 3.65 -46.99
C THR Q 473 61.76 5.11 -46.63
N VAL Q 474 60.65 5.67 -47.11
CA VAL Q 474 60.40 7.09 -46.83
C VAL Q 474 60.15 7.30 -45.33
N SER Q 475 59.36 6.43 -44.72
CA SER Q 475 59.12 6.55 -43.28
C SER Q 475 60.37 6.19 -42.49
N PHE Q 476 61.22 5.31 -43.02
CA PHE Q 476 62.48 5.04 -42.33
C PHE Q 476 63.34 6.29 -42.27
N GLN Q 477 63.45 7.01 -43.40
CA GLN Q 477 64.16 8.28 -43.37
C GLN Q 477 63.55 9.22 -42.34
N THR Q 478 62.23 9.42 -42.38
CA THR Q 478 61.65 10.39 -41.47
C THR Q 478 61.73 9.96 -40.00
N LEU Q 479 61.64 8.66 -39.72
CA LEU Q 479 61.86 8.17 -38.37
C LEU Q 479 63.27 8.47 -37.89
N LEU Q 480 64.26 8.29 -38.77
CA LEU Q 480 65.62 8.59 -38.37
C LEU Q 480 65.95 10.07 -38.50
N ARG Q 481 65.03 10.87 -39.05
CA ARG Q 481 65.23 12.31 -39.09
C ARG Q 481 64.55 13.04 -37.94
N SER Q 482 63.57 12.41 -37.28
CA SER Q 482 62.99 13.02 -36.08
C SER Q 482 64.04 13.19 -34.98
N THR Q 483 64.72 12.11 -34.61
CA THR Q 483 65.79 12.19 -33.62
C THR Q 483 66.95 13.07 -34.08
N HIS Q 484 66.94 13.49 -35.34
CA HIS Q 484 68.00 14.36 -35.85
C HIS Q 484 67.61 15.82 -35.79
N VAL Q 485 66.35 16.14 -36.09
CA VAL Q 485 65.84 17.50 -35.93
C VAL Q 485 65.58 17.85 -34.47
N ASP Q 486 65.38 16.86 -33.60
CA ASP Q 486 65.20 17.10 -32.17
C ASP Q 486 66.53 17.43 -31.52
N ASP Q 487 66.58 18.58 -30.84
CA ASP Q 487 67.61 18.85 -29.83
C ASP Q 487 67.26 17.98 -28.64
N ASN Q 488 67.55 16.69 -28.75
CA ASN Q 488 67.02 15.71 -27.82
C ASN Q 488 68.05 14.63 -27.60
N PRO Q 489 67.94 13.86 -26.52
CA PRO Q 489 68.77 12.67 -26.36
C PRO Q 489 68.67 11.73 -27.56
N SER Q 490 69.82 11.27 -28.03
CA SER Q 490 69.91 10.50 -29.28
C SER Q 490 69.54 9.05 -29.01
N THR Q 491 68.31 8.67 -29.36
CA THR Q 491 67.86 7.31 -29.13
C THR Q 491 68.05 6.41 -30.34
N PHE Q 492 67.77 6.91 -31.55
CA PHE Q 492 67.71 6.10 -32.76
C PHE Q 492 68.91 6.38 -33.64
N SER Q 493 69.75 7.30 -33.21
CA SER Q 493 70.78 7.84 -34.06
C SER Q 493 71.90 6.81 -34.20
N SER Q 494 72.81 7.05 -35.12
CA SER Q 494 73.87 6.12 -35.43
C SER Q 494 75.17 6.88 -35.55
N TYR Q 495 76.19 6.25 -36.12
CA TYR Q 495 77.43 6.95 -36.42
C TYR Q 495 77.44 7.49 -37.84
N SER Q 496 76.78 6.79 -38.77
CA SER Q 496 76.69 7.23 -40.16
C SER Q 496 75.37 6.68 -40.71
N ASP Q 497 74.31 7.47 -40.60
CA ASP Q 497 72.98 7.07 -41.08
C ASP Q 497 72.31 8.22 -41.82
N TRP Q 498 73.06 8.89 -42.69
CA TRP Q 498 72.47 9.97 -43.46
C TRP Q 498 71.35 9.44 -44.34
N SER Q 499 70.58 10.39 -44.89
CA SER Q 499 69.71 10.13 -46.01
C SER Q 499 70.44 10.33 -47.33
N TYR Q 500 71.77 10.27 -47.31
CA TYR Q 500 72.57 10.33 -48.53
C TYR Q 500 73.76 9.40 -48.41
N PHE Q 501 74.59 9.40 -49.46
CA PHE Q 501 75.65 8.41 -49.59
C PHE Q 501 77.03 9.06 -49.48
N ASN Q 502 77.87 8.46 -48.66
CA ASN Q 502 79.26 8.88 -48.50
C ASN Q 502 80.15 7.65 -48.66
N PRO Q 503 80.67 7.38 -49.85
CA PRO Q 503 81.47 6.15 -50.05
C PRO Q 503 82.77 6.14 -49.28
N ARG Q 504 83.21 7.29 -48.75
CA ARG Q 504 84.38 7.36 -47.89
C ARG Q 504 83.99 7.13 -46.43
N ALA Q 505 82.90 6.39 -46.22
CA ALA Q 505 82.35 6.21 -44.89
C ALA Q 505 83.21 5.27 -44.07
N VAL Q 506 83.70 5.77 -42.95
CA VAL Q 506 84.39 4.93 -41.98
C VAL Q 506 83.41 3.92 -41.42
N ARG Q 507 83.88 2.68 -41.26
CA ARG Q 507 83.02 1.60 -40.78
C ARG Q 507 82.42 1.95 -39.42
N ALA Q 508 81.47 1.13 -38.99
CA ALA Q 508 81.02 1.25 -37.61
C ALA Q 508 82.07 0.80 -36.62
N GLU Q 509 82.97 -0.11 -37.02
CA GLU Q 509 83.98 -0.63 -36.10
C GLU Q 509 85.08 0.38 -35.80
N GLU Q 510 85.61 1.05 -36.83
CA GLU Q 510 86.65 2.05 -36.61
C GLU Q 510 86.08 3.28 -35.92
N ARG Q 511 84.79 3.23 -35.54
CA ARG Q 511 84.21 4.21 -34.63
C ARG Q 511 83.89 3.62 -33.27
N ASP Q 512 83.32 2.41 -33.26
CA ASP Q 512 82.89 1.80 -32.02
C ASP Q 512 84.06 1.45 -31.12
N ARG Q 513 85.22 1.16 -31.71
CA ARG Q 513 86.40 0.94 -30.89
C ARG Q 513 86.61 2.08 -29.91
N LEU Q 514 86.89 3.28 -30.43
CA LEU Q 514 87.09 4.44 -29.59
C LEU Q 514 85.81 4.84 -28.87
N THR Q 515 84.65 4.48 -29.41
CA THR Q 515 83.41 4.73 -28.69
C THR Q 515 83.45 4.08 -27.31
N ARG Q 516 83.52 2.75 -27.28
CA ARG Q 516 83.63 2.05 -26.00
C ARG Q 516 84.86 2.49 -25.22
N LYS Q 517 85.96 2.78 -25.91
CA LYS Q 517 87.16 3.22 -25.22
C LYS Q 517 86.95 4.50 -24.45
N GLY Q 518 86.12 5.41 -24.95
CA GLY Q 518 85.80 6.60 -24.22
C GLY Q 518 84.69 6.35 -23.21
N ILE Q 519 83.83 5.37 -23.48
CA ILE Q 519 82.75 5.06 -22.56
C ILE Q 519 83.30 4.52 -21.25
N ASP Q 520 84.26 3.61 -21.33
CA ASP Q 520 84.87 3.10 -20.11
C ASP Q 520 85.58 4.20 -19.33
N ALA Q 521 86.25 5.12 -20.01
CA ALA Q 521 86.87 6.24 -19.32
C ALA Q 521 85.82 7.15 -18.71
N LEU Q 522 84.65 7.25 -19.35
CA LEU Q 522 83.55 7.98 -18.74
C LEU Q 522 83.15 7.35 -17.42
N LYS Q 523 83.02 6.02 -17.41
CA LYS Q 523 82.81 5.30 -16.16
C LYS Q 523 83.93 5.57 -15.16
N GLU Q 524 85.18 5.64 -15.64
CA GLU Q 524 86.30 5.86 -14.75
C GLU Q 524 86.26 7.24 -14.11
N TYR Q 525 85.88 8.26 -14.88
CA TYR Q 525 85.71 9.58 -14.30
C TYR Q 525 84.58 9.59 -13.29
N ASP Q 526 83.43 9.01 -13.65
CA ASP Q 526 82.35 8.77 -12.70
C ASP Q 526 82.88 8.18 -11.41
N SER Q 527 83.84 7.28 -11.54
CA SER Q 527 84.44 6.61 -10.40
C SER Q 527 85.24 7.56 -9.52
N ALA Q 528 85.83 8.62 -10.10
CA ALA Q 528 86.79 9.44 -9.39
C ALA Q 528 86.14 10.55 -8.57
N THR Q 529 84.86 10.41 -8.25
CA THR Q 529 84.16 11.38 -7.42
C THR Q 529 84.04 10.94 -5.97
N GLU Q 530 84.34 9.68 -5.66
CA GLU Q 530 84.43 9.24 -4.27
C GLU Q 530 85.81 9.54 -3.67
N ASP Q 531 86.85 9.62 -4.50
CA ASP Q 531 88.19 9.90 -4.01
C ASP Q 531 88.35 11.36 -3.64
N ILE Q 532 87.94 12.26 -4.53
CA ILE Q 532 88.18 13.68 -4.34
C ILE Q 532 87.14 14.31 -3.42
N TYR Q 533 86.04 13.63 -3.16
CA TYR Q 533 84.93 14.19 -2.41
C TYR Q 533 84.51 13.25 -1.31
N ARG Q 534 84.15 13.81 -0.17
CA ARG Q 534 83.71 13.03 0.99
C ARG Q 534 82.37 13.54 1.51
N ARG Q 535 81.57 12.61 2.03
CA ARG Q 535 80.34 12.99 2.72
C ARG Q 535 80.68 13.54 4.10
N SER Q 536 79.66 14.01 4.82
CA SER Q 536 79.86 14.55 6.15
C SER Q 536 80.52 13.52 7.06
N PHE Q 537 81.25 14.00 8.06
CA PHE Q 537 82.00 13.06 8.89
C PHE Q 537 81.11 12.37 9.91
N GLU Q 538 80.18 13.09 10.55
CA GLU Q 538 79.29 12.35 11.45
C GLU Q 538 78.22 11.59 10.65
N ASP Q 539 77.98 11.97 9.40
CA ASP Q 539 77.24 11.09 8.51
C ASP Q 539 78.01 9.79 8.28
N ALA Q 540 79.32 9.87 8.09
CA ALA Q 540 80.12 8.65 7.95
C ALA Q 540 80.11 7.81 9.22
N GLN Q 541 80.22 8.47 10.38
CA GLN Q 541 80.05 7.77 11.63
C GLN Q 541 78.71 7.03 11.69
N ALA Q 542 77.62 7.73 11.38
CA ALA Q 542 76.31 7.09 11.40
C ALA Q 542 76.24 5.92 10.43
N SER Q 543 76.90 6.03 9.29
CA SER Q 543 76.97 4.91 8.37
C SER Q 543 77.65 3.72 9.02
N ASN Q 544 78.83 3.92 9.58
CA ASN Q 544 79.57 2.82 10.19
C ASN Q 544 78.86 2.24 11.41
N PHE Q 545 77.93 2.98 12.02
CA PHE Q 545 77.29 2.50 13.24
C PHE Q 545 76.34 1.31 13.03
N GLN Q 546 76.23 0.81 11.81
CA GLN Q 546 75.48 -0.40 11.50
C GLN Q 546 76.47 -1.38 10.88
N ARG Q 547 76.97 -2.31 11.68
CA ARG Q 547 78.09 -3.13 11.24
C ARG Q 547 77.66 -4.17 10.23
N VAL Q 548 78.43 -4.27 9.14
CA VAL Q 548 78.09 -5.18 8.04
C VAL Q 548 78.41 -6.63 8.39
N THR Q 549 77.38 -7.47 8.30
CA THR Q 549 77.43 -8.84 8.79
C THR Q 549 77.30 -9.86 7.66
N GLU Q 550 78.12 -10.91 7.72
CA GLU Q 550 77.98 -12.03 6.79
C GLU Q 550 76.70 -12.80 7.06
N ALA Q 551 76.22 -12.77 8.30
CA ALA Q 551 75.01 -13.50 8.67
C ALA Q 551 73.77 -12.92 8.01
N TRP Q 552 73.53 -11.62 8.17
CA TRP Q 552 72.33 -10.98 7.63
C TRP Q 552 72.60 -10.02 6.47
N ASN Q 553 73.59 -9.12 6.57
CA ASN Q 553 73.68 -7.98 5.67
C ASN Q 553 74.62 -8.18 4.50
N THR Q 554 74.83 -9.41 4.06
CA THR Q 554 75.81 -9.67 3.02
C THR Q 554 75.17 -10.29 1.80
N PHE Q 555 75.66 -9.90 0.62
CA PHE Q 555 75.04 -10.34 -0.60
C PHE Q 555 75.63 -11.68 -1.04
N PRO Q 556 74.81 -12.61 -1.52
CA PRO Q 556 75.15 -14.03 -1.47
C PRO Q 556 76.33 -14.37 -2.36
N PRO Q 557 77.21 -15.26 -1.89
CA PRO Q 557 78.43 -15.58 -2.65
C PRO Q 557 78.18 -16.10 -4.05
N TYR Q 558 77.12 -16.87 -4.27
CA TYR Q 558 76.76 -17.24 -5.63
C TYR Q 558 76.27 -16.00 -6.35
N LEU Q 559 76.88 -15.71 -7.50
CA LEU Q 559 76.47 -14.57 -8.30
C LEU Q 559 76.00 -15.07 -9.63
N PRO Q 560 74.91 -14.53 -10.14
CA PRO Q 560 74.41 -14.96 -11.45
C PRO Q 560 75.42 -14.62 -12.53
N THR Q 561 76.47 -15.42 -12.62
CA THR Q 561 77.60 -15.14 -13.49
C THR Q 561 77.80 -16.24 -14.50
N LEU Q 562 78.22 -15.84 -15.69
CA LEU Q 562 78.59 -16.76 -16.74
C LEU Q 562 79.69 -17.71 -16.29
N PRO Q 563 80.71 -17.27 -15.55
CA PRO Q 563 81.63 -18.25 -14.95
C PRO Q 563 80.95 -19.20 -13.98
N HIS Q 564 80.00 -18.73 -13.19
CA HIS Q 564 79.26 -19.59 -12.27
C HIS Q 564 78.49 -20.67 -13.03
N PHE Q 565 77.91 -20.31 -14.17
CA PHE Q 565 77.11 -21.24 -14.93
C PHE Q 565 77.91 -22.08 -15.91
N VAL Q 566 79.12 -21.67 -16.27
CA VAL Q 566 80.01 -22.61 -16.93
C VAL Q 566 80.56 -23.58 -15.90
N SER Q 567 80.72 -23.13 -14.66
CA SER Q 567 81.20 -23.98 -13.59
C SER Q 567 80.22 -25.07 -13.24
N ILE Q 568 78.93 -24.78 -13.16
CA ILE Q 568 77.96 -25.83 -12.83
C ILE Q 568 78.04 -26.98 -13.83
N ILE Q 569 78.16 -26.68 -15.12
CA ILE Q 569 78.31 -27.75 -16.11
C ILE Q 569 79.73 -28.32 -16.05
N LYS Q 570 80.71 -27.48 -15.72
CA LYS Q 570 82.07 -27.91 -15.46
C LYS Q 570 82.21 -28.60 -14.11
N LYS Q 571 81.26 -28.38 -13.20
CA LYS Q 571 81.16 -29.15 -11.97
C LYS Q 571 80.62 -30.54 -12.25
N ASP Q 572 80.04 -30.77 -13.43
CA ASP Q 572 79.49 -32.06 -13.77
C ASP Q 572 80.57 -33.13 -13.74
N SER Q 573 80.24 -34.28 -13.17
CA SER Q 573 81.11 -35.42 -13.36
C SER Q 573 81.07 -35.88 -14.81
N HIS Q 574 79.88 -35.94 -15.41
CA HIS Q 574 79.71 -36.45 -16.77
C HIS Q 574 80.28 -35.50 -17.82
N ILE Q 575 79.96 -34.20 -17.75
CA ILE Q 575 80.55 -33.26 -18.71
C ILE Q 575 82.05 -33.20 -18.54
N SER Q 576 82.53 -33.13 -17.30
CA SER Q 576 83.97 -33.12 -17.08
C SER Q 576 84.64 -34.38 -17.60
N PHE Q 577 84.01 -35.54 -17.44
CA PHE Q 577 84.59 -36.76 -17.97
C PHE Q 577 84.59 -36.75 -19.49
N LEU Q 578 83.53 -36.27 -20.12
CA LEU Q 578 83.49 -36.28 -21.57
C LEU Q 578 84.42 -35.24 -22.18
N LEU Q 579 84.82 -34.22 -21.40
CA LEU Q 579 85.76 -33.24 -21.91
C LEU Q 579 87.20 -33.61 -21.63
N HIS Q 580 87.48 -34.22 -20.48
CA HIS Q 580 88.82 -34.61 -20.12
C HIS Q 580 89.18 -36.00 -20.61
N VAL Q 581 88.40 -37.01 -20.23
CA VAL Q 581 88.61 -38.38 -20.67
C VAL Q 581 87.76 -38.72 -21.89
N GLY Q 582 86.47 -38.36 -21.85
CA GLY Q 582 85.50 -38.89 -22.80
C GLY Q 582 85.75 -38.58 -24.26
N LEU Q 583 85.59 -37.32 -24.66
CA LEU Q 583 85.87 -36.97 -26.04
C LEU Q 583 87.37 -37.16 -26.32
N PRO Q 584 87.72 -37.72 -27.46
CA PRO Q 584 89.11 -38.13 -27.71
C PRO Q 584 90.06 -36.94 -27.66
N GLU Q 585 91.35 -37.27 -27.66
CA GLU Q 585 92.39 -36.25 -27.52
C GLU Q 585 92.29 -35.21 -28.62
N ARG Q 586 92.05 -33.97 -28.22
CA ARG Q 586 91.93 -32.88 -29.18
C ARG Q 586 93.25 -32.61 -29.90
N CYS Q 587 94.37 -33.04 -29.34
CA CYS Q 587 95.67 -32.66 -29.88
C CYS Q 587 96.18 -33.61 -30.97
N SER Q 588 95.50 -34.72 -31.21
CA SER Q 588 95.93 -35.68 -32.24
C SER Q 588 95.29 -35.37 -33.59
N SER Q 589 93.97 -35.42 -33.65
CA SER Q 589 93.24 -35.26 -34.89
C SER Q 589 92.62 -33.87 -34.97
N ALA Q 590 92.67 -33.29 -36.17
CA ALA Q 590 91.97 -32.05 -36.43
C ALA Q 590 90.46 -32.20 -36.35
N GLU Q 591 89.94 -33.40 -36.62
CA GLU Q 591 88.54 -33.67 -36.37
C GLU Q 591 88.23 -33.63 -34.88
N ALA Q 592 89.18 -34.04 -34.04
CA ALA Q 592 89.00 -33.87 -32.61
C ALA Q 592 89.00 -32.41 -32.20
N ALA Q 593 89.78 -31.57 -32.90
CA ALA Q 593 89.76 -30.14 -32.60
C ALA Q 593 88.38 -29.54 -32.80
N ALA Q 594 87.75 -29.85 -33.93
CA ALA Q 594 86.39 -29.35 -34.18
C ALA Q 594 85.38 -30.02 -33.25
N LYS Q 595 85.51 -31.32 -33.01
CA LYS Q 595 84.58 -31.98 -32.11
C LYS Q 595 84.67 -31.43 -30.70
N HIS Q 596 85.84 -30.96 -30.28
CA HIS Q 596 85.96 -30.40 -28.95
C HIS Q 596 85.57 -28.93 -28.90
N LYS Q 597 85.83 -28.17 -29.97
CA LYS Q 597 85.27 -26.84 -30.06
C LYS Q 597 83.74 -26.91 -30.03
N GLU Q 598 83.17 -27.97 -30.58
CA GLU Q 598 81.71 -28.15 -30.53
C GLU Q 598 81.22 -28.53 -29.13
N PHE Q 599 81.95 -29.39 -28.42
CA PHE Q 599 81.60 -29.63 -27.02
C PHE Q 599 81.61 -28.35 -26.22
N GLU Q 600 82.74 -27.64 -26.23
CA GLU Q 600 82.83 -26.37 -25.52
C GLU Q 600 81.76 -25.41 -26.01
N ARG Q 601 81.40 -25.49 -27.29
CA ARG Q 601 80.41 -24.59 -27.87
C ARG Q 601 79.04 -24.82 -27.26
N ARG Q 602 78.59 -26.07 -27.20
CA ARG Q 602 77.28 -26.33 -26.62
C ARG Q 602 77.28 -26.12 -25.10
N ILE Q 603 78.37 -26.46 -24.41
CA ILE Q 603 78.45 -26.18 -22.98
C ILE Q 603 78.28 -24.69 -22.74
N TYR Q 604 78.99 -23.86 -23.51
CA TYR Q 604 78.88 -22.43 -23.38
C TYR Q 604 77.53 -21.91 -23.85
N GLN Q 605 76.91 -22.60 -24.80
CA GLN Q 605 75.58 -22.28 -25.25
C GLN Q 605 74.59 -22.34 -24.11
N LEU Q 606 74.59 -23.46 -23.38
CA LEU Q 606 73.79 -23.54 -22.16
C LEU Q 606 74.23 -22.52 -21.12
N ALA Q 607 75.53 -22.28 -21.03
CA ALA Q 607 76.02 -21.40 -19.98
C ALA Q 607 75.48 -19.97 -20.12
N ARG Q 608 75.51 -19.42 -21.34
CA ARG Q 608 75.04 -18.05 -21.52
C ARG Q 608 73.53 -17.95 -21.37
N ALA Q 609 72.78 -18.96 -21.80
CA ALA Q 609 71.33 -18.93 -21.60
C ALA Q 609 70.98 -18.96 -20.13
N LEU Q 610 71.63 -19.81 -19.36
CA LEU Q 610 71.45 -19.81 -17.91
C LEU Q 610 71.87 -18.48 -17.31
N TYR Q 611 72.96 -17.89 -17.81
CA TYR Q 611 73.41 -16.58 -17.36
C TYR Q 611 72.32 -15.54 -17.55
N HIS Q 612 71.74 -15.49 -18.75
CA HIS Q 612 70.69 -14.55 -19.07
C HIS Q 612 69.46 -14.72 -18.17
N THR Q 613 68.97 -15.95 -18.02
CA THR Q 613 67.88 -16.19 -17.08
C THR Q 613 68.22 -15.67 -15.70
N ALA Q 614 69.36 -16.12 -15.17
CA ALA Q 614 69.81 -15.65 -13.88
C ALA Q 614 69.66 -14.15 -13.77
N LEU Q 615 70.17 -13.42 -14.76
CA LEU Q 615 70.16 -11.97 -14.67
C LEU Q 615 68.73 -11.43 -14.68
N GLU Q 616 67.89 -11.96 -15.55
CA GLU Q 616 66.58 -11.36 -15.81
C GLU Q 616 65.44 -12.28 -15.36
N PHE Q 617 65.58 -12.87 -14.18
CA PHE Q 617 64.54 -13.76 -13.67
C PHE Q 617 63.25 -13.03 -13.34
N HIS Q 618 63.32 -11.88 -12.67
CA HIS Q 618 62.13 -11.17 -12.24
C HIS Q 618 61.23 -10.72 -13.38
N LYS Q 619 61.73 -10.71 -14.62
CA LYS Q 619 60.99 -10.17 -15.75
C LYS Q 619 60.00 -11.22 -16.24
N GLU Q 620 58.71 -10.91 -16.13
CA GLU Q 620 57.64 -11.89 -16.29
C GLU Q 620 57.77 -12.74 -17.55
N THR Q 621 58.04 -12.13 -18.70
CA THR Q 621 58.21 -12.89 -19.93
C THR Q 621 59.64 -13.05 -20.36
N VAL Q 622 60.52 -12.09 -20.05
CA VAL Q 622 61.92 -12.22 -20.44
C VAL Q 622 62.56 -13.41 -19.74
N ARG Q 623 62.23 -13.63 -18.47
CA ARG Q 623 62.70 -14.83 -17.82
C ARG Q 623 62.24 -16.07 -18.55
N ARG Q 624 60.97 -16.11 -18.96
CA ARG Q 624 60.46 -17.29 -19.63
C ARG Q 624 61.12 -17.49 -20.99
N VAL Q 625 61.44 -16.41 -21.69
CA VAL Q 625 62.06 -16.53 -23.00
C VAL Q 625 63.50 -16.99 -22.87
N ASN Q 626 64.24 -16.45 -21.89
CA ASN Q 626 65.59 -16.93 -21.68
C ASN Q 626 65.60 -18.35 -21.15
N ARG Q 627 64.54 -18.76 -20.44
CA ARG Q 627 64.46 -20.17 -20.08
C ARG Q 627 64.20 -21.02 -21.31
N GLN Q 628 63.54 -20.48 -22.34
CA GLN Q 628 63.50 -21.19 -23.62
C GLN Q 628 64.88 -21.32 -24.23
N LYS Q 629 65.66 -20.23 -24.27
CA LYS Q 629 67.05 -20.36 -24.69
C LYS Q 629 67.78 -21.45 -23.93
N VAL Q 630 67.55 -21.53 -22.62
CA VAL Q 630 68.17 -22.57 -21.81
C VAL Q 630 67.75 -23.94 -22.29
N ASN Q 631 66.46 -24.14 -22.51
CA ASN Q 631 65.97 -25.45 -22.87
C ASN Q 631 66.43 -25.84 -24.28
N VAL Q 632 66.70 -24.86 -25.14
CA VAL Q 632 67.18 -25.23 -26.48
C VAL Q 632 68.67 -25.55 -26.46
N ALA Q 633 69.47 -24.71 -25.80
CA ALA Q 633 70.88 -24.99 -25.67
C ALA Q 633 71.14 -26.31 -24.97
N ALA Q 634 70.41 -26.59 -23.89
CA ALA Q 634 70.65 -27.82 -23.13
C ALA Q 634 70.10 -29.04 -23.87
N SER Q 635 69.09 -28.86 -24.70
CA SER Q 635 68.67 -29.96 -25.55
C SER Q 635 69.74 -30.31 -26.56
N LEU Q 636 70.29 -29.30 -27.22
CA LEU Q 636 71.44 -29.54 -28.10
C LEU Q 636 72.57 -30.22 -27.35
N LEU Q 637 72.87 -29.74 -26.14
CA LEU Q 637 73.93 -30.34 -25.34
C LEU Q 637 73.65 -31.80 -25.02
N ASP Q 638 72.43 -32.14 -24.60
CA ASP Q 638 72.20 -33.50 -24.17
C ASP Q 638 72.08 -34.45 -25.34
N ASN Q 639 71.70 -33.96 -26.52
CA ASN Q 639 71.80 -34.82 -27.69
C ASN Q 639 73.24 -35.05 -28.10
N PHE Q 640 74.04 -33.97 -28.17
CA PHE Q 640 75.48 -34.08 -28.24
C PHE Q 640 76.00 -35.12 -27.26
N PHE Q 641 75.55 -35.06 -26.02
CA PHE Q 641 76.10 -35.90 -24.97
C PHE Q 641 75.72 -37.36 -25.20
N GLU Q 642 74.44 -37.61 -25.45
CA GLU Q 642 74.00 -38.97 -25.67
C GLU Q 642 74.54 -39.58 -26.95
N GLN Q 643 75.13 -38.80 -27.86
CA GLN Q 643 75.85 -39.45 -28.95
C GLN Q 643 77.36 -39.48 -28.77
N GLU Q 644 77.97 -38.40 -28.31
CA GLU Q 644 79.41 -38.37 -28.04
C GLU Q 644 79.79 -39.13 -26.78
N TRP Q 645 78.82 -39.72 -26.09
CA TRP Q 645 79.12 -40.60 -24.95
C TRP Q 645 78.99 -42.06 -25.35
N VAL Q 646 77.97 -42.41 -26.12
CA VAL Q 646 77.91 -43.74 -26.71
C VAL Q 646 78.95 -43.92 -27.79
N ALA Q 647 79.52 -42.84 -28.33
CA ALA Q 647 80.72 -42.97 -29.14
C ALA Q 647 81.92 -43.41 -28.30
N MET Q 648 82.16 -42.74 -27.17
CA MET Q 648 83.26 -43.16 -26.31
C MET Q 648 82.99 -44.53 -25.69
N LEU Q 649 81.72 -44.93 -25.62
CA LEU Q 649 81.35 -46.26 -25.13
C LEU Q 649 81.37 -47.31 -26.24
N ARG Q 650 81.36 -46.89 -27.51
CA ARG Q 650 81.63 -47.73 -28.65
C ARG Q 650 83.11 -47.84 -28.97
N GLU Q 651 83.94 -47.01 -28.33
CA GLU Q 651 85.39 -47.16 -28.41
C GLU Q 651 85.89 -48.31 -27.56
N SER Q 652 85.01 -49.24 -27.17
CA SER Q 652 85.37 -50.42 -26.38
C SER Q 652 85.59 -51.65 -27.24
N GLU Q 653 85.56 -51.50 -28.57
CA GLU Q 653 86.05 -52.59 -29.41
C GLU Q 653 87.56 -52.69 -29.36
N SER Q 654 88.23 -51.71 -28.75
CA SER Q 654 89.65 -51.84 -28.47
C SER Q 654 89.91 -52.77 -27.30
N LEU Q 655 88.89 -53.00 -26.45
CA LEU Q 655 89.05 -53.74 -25.21
C LEU Q 655 88.16 -54.98 -25.17
N GLU Q 656 87.32 -55.18 -26.18
CA GLU Q 656 86.52 -56.41 -26.31
C GLU Q 656 87.30 -57.55 -26.96
N ASN Q 657 88.63 -57.50 -26.93
CA ASN Q 657 89.47 -58.55 -27.48
C ASN Q 657 89.73 -59.59 -26.38
N SER Q 658 90.66 -60.52 -26.64
CA SER Q 658 91.02 -61.54 -25.66
C SER Q 658 92.01 -61.03 -24.61
N LEU Q 659 92.17 -59.72 -24.46
CA LEU Q 659 92.64 -59.17 -23.19
C LEU Q 659 91.42 -59.15 -22.28
N GLU Q 660 90.92 -60.36 -22.00
CA GLU Q 660 89.58 -60.52 -21.46
C GLU Q 660 89.41 -59.85 -20.11
N GLN Q 661 90.43 -59.85 -19.26
CA GLN Q 661 90.34 -59.11 -18.00
C GLN Q 661 91.15 -57.81 -18.08
N GLY Q 662 92.47 -57.91 -18.24
CA GLY Q 662 93.25 -56.70 -18.13
C GLY Q 662 92.98 -56.11 -16.77
N ALA Q 663 93.50 -56.76 -15.75
CA ALA Q 663 92.81 -56.92 -14.48
C ALA Q 663 92.07 -55.73 -13.88
N TRP Q 664 92.76 -54.72 -13.35
CA TRP Q 664 91.91 -53.70 -12.71
C TRP Q 664 91.38 -52.63 -13.65
N PRO Q 665 92.23 -51.82 -14.26
CA PRO Q 665 91.80 -50.52 -14.77
C PRO Q 665 91.29 -50.48 -16.23
N ASP Q 666 90.02 -50.85 -16.43
CA ASP Q 666 89.41 -50.56 -17.73
C ASP Q 666 88.77 -49.18 -17.75
N LYS Q 667 88.80 -48.55 -18.92
CA LYS Q 667 88.28 -47.19 -19.04
C LYS Q 667 86.77 -47.14 -19.13
N LYS Q 668 86.14 -48.07 -19.82
CA LYS Q 668 84.68 -48.08 -19.87
C LYS Q 668 84.06 -48.88 -18.75
N THR Q 669 84.66 -50.01 -18.38
CA THR Q 669 84.09 -50.90 -17.38
C THR Q 669 85.10 -51.04 -16.24
N ASP Q 670 85.05 -50.11 -15.28
CA ASP Q 670 84.05 -49.06 -15.29
C ASP Q 670 84.56 -47.67 -14.94
N MET Q 671 85.75 -47.32 -15.42
CA MET Q 671 86.24 -45.95 -15.29
C MET Q 671 85.29 -44.95 -15.95
N ALA Q 672 84.50 -45.41 -16.93
CA ALA Q 672 83.57 -44.52 -17.61
C ALA Q 672 82.11 -44.84 -17.32
N ARG Q 673 81.78 -46.11 -17.11
CA ARG Q 673 80.41 -46.46 -16.81
C ARG Q 673 80.08 -46.35 -15.33
N ARG Q 674 81.09 -46.19 -14.47
CA ARG Q 674 80.81 -46.00 -13.05
C ARG Q 674 80.04 -44.72 -12.80
N LEU Q 675 80.24 -43.70 -13.64
CA LEU Q 675 79.64 -42.39 -13.40
C LEU Q 675 78.12 -42.40 -13.56
N GLY Q 676 77.55 -43.48 -14.09
CA GLY Q 676 76.13 -43.73 -13.93
C GLY Q 676 75.20 -43.04 -14.91
N ARG Q 677 73.91 -43.01 -14.57
CA ARG Q 677 72.88 -42.44 -15.42
C ARG Q 677 73.06 -40.93 -15.50
N TYR Q 678 73.04 -40.40 -16.72
CA TYR Q 678 73.30 -38.99 -16.96
C TYR Q 678 72.04 -38.17 -16.77
N ILE Q 679 72.21 -36.93 -16.32
CA ILE Q 679 71.12 -35.99 -16.14
C ILE Q 679 71.17 -34.92 -17.22
N PRO Q 680 70.22 -34.89 -18.15
CA PRO Q 680 70.19 -33.83 -19.16
C PRO Q 680 69.66 -32.52 -18.61
N PHE Q 681 70.22 -31.42 -19.12
CA PHE Q 681 69.98 -30.11 -18.52
C PHE Q 681 68.75 -29.41 -19.07
N ALA Q 682 68.23 -29.83 -20.22
CA ALA Q 682 66.92 -29.35 -20.60
C ALA Q 682 65.87 -29.77 -19.58
N ARG Q 683 66.14 -30.84 -18.84
CA ARG Q 683 65.25 -31.34 -17.83
C ARG Q 683 65.68 -30.98 -16.41
N ARG Q 684 66.98 -30.85 -16.16
CA ARG Q 684 67.44 -30.48 -14.83
C ARG Q 684 66.78 -29.18 -14.41
N SER Q 685 65.84 -29.28 -13.47
CA SER Q 685 65.04 -28.14 -13.03
C SER Q 685 65.95 -27.25 -12.20
N LEU Q 686 66.68 -26.36 -12.87
CA LEU Q 686 67.59 -25.43 -12.24
C LEU Q 686 66.87 -24.12 -11.92
N ASP Q 687 67.19 -23.57 -10.75
CA ASP Q 687 66.50 -22.40 -10.20
C ASP Q 687 67.15 -21.12 -10.73
N GLU Q 688 66.95 -20.00 -10.04
CA GLU Q 688 67.48 -18.70 -10.44
C GLU Q 688 69.01 -18.60 -10.35
N ASN Q 689 69.62 -19.09 -9.27
CA ASN Q 689 71.05 -18.90 -9.03
C ASN Q 689 71.91 -19.87 -9.81
N GLY Q 690 71.33 -20.93 -10.37
CA GLY Q 690 72.10 -21.98 -10.99
C GLY Q 690 72.22 -23.25 -10.19
N PHE Q 691 71.31 -23.45 -9.27
CA PHE Q 691 71.21 -24.64 -8.44
C PHE Q 691 69.79 -25.17 -8.51
N PRO Q 692 69.59 -26.48 -8.38
CA PRO Q 692 68.28 -27.07 -8.66
C PRO Q 692 67.15 -26.35 -7.96
N THR Q 693 65.95 -26.47 -8.54
CA THR Q 693 64.81 -25.73 -8.02
C THR Q 693 64.46 -26.17 -6.60
N ASP Q 694 64.57 -25.23 -5.67
CA ASP Q 694 63.94 -25.42 -4.37
C ASP Q 694 62.44 -25.48 -4.52
N ALA Q 695 61.88 -24.76 -5.50
CA ALA Q 695 60.48 -24.89 -5.80
C ALA Q 695 60.20 -26.28 -6.34
N ARG Q 696 58.96 -26.71 -6.22
CA ARG Q 696 58.62 -28.06 -6.57
C ARG Q 696 58.53 -28.22 -8.09
N ALA Q 697 58.36 -29.47 -8.52
CA ALA Q 697 58.22 -29.77 -9.94
C ALA Q 697 57.06 -29.04 -10.58
N ASP Q 698 55.90 -28.98 -9.93
CA ASP Q 698 54.77 -28.27 -10.49
C ASP Q 698 55.08 -26.79 -10.68
N ASP Q 699 55.32 -26.08 -9.57
CA ASP Q 699 55.69 -24.68 -9.58
C ASP Q 699 56.73 -24.38 -10.63
N TYR Q 700 57.76 -25.20 -10.74
CA TYR Q 700 58.81 -24.90 -11.71
C TYR Q 700 58.35 -25.12 -13.13
N ALA Q 701 57.52 -26.14 -13.38
CA ALA Q 701 56.95 -26.29 -14.71
C ALA Q 701 56.16 -25.07 -15.11
N ARG Q 702 55.23 -24.61 -14.26
CA ARG Q 702 54.47 -23.41 -14.57
C ARG Q 702 55.38 -22.21 -14.79
N TRP Q 703 56.31 -21.99 -13.87
CA TRP Q 703 57.23 -20.88 -14.01
C TRP Q 703 57.93 -20.91 -15.34
N MET Q 704 58.24 -22.09 -15.86
CA MET Q 704 59.04 -22.19 -17.07
C MET Q 704 58.24 -22.69 -18.27
N GLU Q 705 56.99 -22.24 -18.39
CA GLU Q 705 56.23 -22.57 -19.58
C GLU Q 705 56.57 -21.61 -20.72
N ALA Q 706 55.94 -21.84 -21.86
CA ALA Q 706 56.37 -21.18 -23.09
C ALA Q 706 55.88 -19.73 -23.12
N PRO Q 707 56.58 -18.84 -23.84
CA PRO Q 707 56.03 -17.49 -24.03
C PRO Q 707 54.78 -17.49 -24.87
N ALA Q 708 54.45 -18.61 -25.51
CA ALA Q 708 53.20 -18.73 -26.23
C ALA Q 708 52.00 -18.59 -25.29
N TYR R 26 49.45 -8.30 50.29
CA TYR R 26 50.40 -9.40 50.39
C TYR R 26 51.70 -9.07 49.66
N THR R 27 51.60 -8.26 48.63
CA THR R 27 52.77 -7.78 47.92
C THR R 27 53.32 -6.53 48.60
N PRO R 28 54.65 -6.44 48.78
CA PRO R 28 55.68 -7.39 48.34
C PRO R 28 55.82 -8.60 49.24
N ILE R 29 55.91 -9.78 48.63
CA ILE R 29 56.12 -11.00 49.39
C ILE R 29 57.48 -10.97 50.08
N TRP R 30 58.54 -10.96 49.29
CA TRP R 30 59.89 -11.05 49.81
C TRP R 30 60.51 -9.67 49.97
N GLN R 31 61.25 -9.50 51.05
CA GLN R 31 62.10 -8.33 51.17
C GLN R 31 62.94 -8.23 49.92
N PRO R 32 62.74 -7.20 49.10
CA PRO R 32 63.48 -7.11 47.85
C PRO R 32 64.97 -7.12 48.09
N ASP R 33 65.67 -7.86 47.24
CA ASP R 33 67.12 -7.93 47.35
C ASP R 33 67.70 -6.52 47.27
N PRO R 34 68.88 -6.28 47.86
CA PRO R 34 69.45 -4.94 47.79
C PRO R 34 69.77 -4.55 46.36
N ALA R 35 70.18 -3.30 46.19
CA ALA R 35 70.32 -2.67 44.89
C ALA R 35 71.73 -2.77 44.34
N VAL R 36 72.40 -3.91 44.56
CA VAL R 36 73.74 -4.12 44.02
C VAL R 36 73.78 -3.82 42.53
N ASP R 37 74.73 -2.98 42.12
CA ASP R 37 74.95 -2.71 40.71
C ASP R 37 75.47 -3.97 40.03
N HIS R 38 74.98 -4.25 38.84
CA HIS R 38 75.36 -5.48 38.17
C HIS R 38 76.29 -5.25 36.99
N VAL R 39 76.49 -4.01 36.54
CA VAL R 39 77.47 -3.80 35.48
C VAL R 39 78.84 -3.45 36.04
N ALA R 40 78.89 -2.80 37.19
CA ALA R 40 80.13 -2.38 37.81
C ALA R 40 81.14 -3.53 37.86
N PRO R 41 80.79 -4.70 38.42
CA PRO R 41 81.79 -5.78 38.50
C PRO R 41 82.42 -6.10 37.17
N LEU R 42 81.62 -6.29 36.11
CA LEU R 42 82.18 -6.63 34.81
C LEU R 42 83.03 -5.50 34.24
N ARG R 43 82.56 -4.26 34.38
CA ARG R 43 83.30 -3.14 33.81
C ARG R 43 84.63 -2.91 34.49
N GLU R 44 84.68 -2.92 35.82
CA GLU R 44 85.98 -2.85 36.47
C GLU R 44 86.86 -4.04 36.13
N SER R 45 86.28 -5.25 36.12
CA SER R 45 87.06 -6.45 35.85
C SER R 45 87.61 -6.47 34.44
N ASP R 46 87.05 -5.66 33.53
CA ASP R 46 87.66 -5.51 32.23
C ASP R 46 88.61 -4.33 32.16
N GLU R 47 88.30 -3.22 32.83
CA GLU R 47 89.16 -2.05 32.79
C GLU R 47 90.57 -2.34 33.30
N ASN R 48 90.64 -3.03 34.44
CA ASN R 48 91.92 -3.32 35.08
C ASN R 48 92.91 -3.99 34.13
N ARG R 49 92.47 -4.92 33.29
CA ARG R 49 93.41 -5.59 32.41
C ARG R 49 93.46 -4.98 31.02
N THR R 50 92.94 -3.77 30.86
CA THR R 50 92.94 -3.16 29.54
C THR R 50 93.38 -1.70 29.58
N LEU R 51 93.87 -1.25 30.75
CA LEU R 51 94.18 0.16 30.95
C LEU R 51 94.73 0.90 29.73
N TRP R 52 95.65 0.32 28.98
CA TRP R 52 96.08 0.97 27.74
C TRP R 52 96.61 -0.04 26.73
N ALA R 53 97.05 0.50 25.60
CA ALA R 53 97.67 -0.31 24.56
C ALA R 53 99.17 -0.04 24.55
N SER R 54 99.96 -1.10 24.65
CA SER R 54 101.40 -0.96 24.61
C SER R 54 101.86 -0.41 23.26
N SER R 55 101.27 -0.88 22.17
CA SER R 55 101.59 -0.40 20.83
C SER R 55 100.42 -0.72 19.92
N ALA R 56 100.68 -0.71 18.62
CA ALA R 56 99.70 -1.21 17.69
C ALA R 56 99.44 -2.69 17.97
N PRO R 57 98.29 -3.21 17.55
CA PRO R 57 98.07 -4.65 17.69
C PRO R 57 99.15 -5.47 17.01
N ILE R 58 99.76 -4.94 15.96
CA ILE R 58 100.97 -5.49 15.38
C ILE R 58 102.09 -4.55 15.78
N ALA R 59 102.99 -5.02 16.64
CA ALA R 59 104.05 -4.14 17.11
C ALA R 59 105.20 -4.09 16.11
N ASN R 60 105.79 -5.23 15.78
CA ASN R 60 107.01 -5.28 15.00
C ASN R 60 106.72 -5.27 13.51
N VAL R 61 107.65 -4.69 12.75
CA VAL R 61 107.68 -4.94 11.32
C VAL R 61 107.89 -6.42 11.06
N SER R 62 108.56 -7.12 11.97
CA SER R 62 108.66 -8.58 11.87
C SER R 62 107.32 -9.25 12.08
N ASP R 63 106.53 -8.77 13.05
CA ASP R 63 105.16 -9.23 13.17
C ASP R 63 104.37 -9.00 11.90
N ALA R 64 104.57 -7.85 11.25
CA ALA R 64 103.95 -7.54 9.97
C ALA R 64 104.44 -8.43 8.84
N ILE R 65 105.70 -8.88 8.88
CA ILE R 65 106.16 -9.87 7.91
C ILE R 65 105.32 -11.13 8.02
N ALA R 66 105.22 -11.68 9.24
CA ALA R 66 104.48 -12.91 9.46
C ALA R 66 103.01 -12.75 9.07
N ALA R 67 102.39 -11.64 9.47
CA ALA R 67 101.00 -11.40 9.11
C ALA R 67 100.80 -11.25 7.61
N TRP R 68 101.66 -10.48 6.94
CA TRP R 68 101.51 -10.30 5.49
C TRP R 68 101.68 -11.61 4.76
N ILE R 69 102.55 -12.48 5.24
CA ILE R 69 102.67 -13.77 4.57
C ILE R 69 101.51 -14.69 4.97
N ARG R 70 100.91 -14.45 6.14
CA ARG R 70 99.73 -15.20 6.56
C ARG R 70 98.50 -14.85 5.73
N PHE R 71 98.44 -13.62 5.23
CA PHE R 71 97.28 -13.10 4.49
C PHE R 71 97.07 -13.82 3.16
N GLY R 72 97.73 -14.95 2.94
CA GLY R 72 97.68 -15.60 1.66
C GLY R 72 98.58 -14.99 0.62
N ASN R 73 99.47 -14.08 1.03
CA ASN R 73 100.31 -13.34 0.11
C ASN R 73 101.58 -14.12 -0.15
N ASP R 74 101.75 -14.55 -1.39
CA ASP R 74 103.00 -15.15 -1.81
C ASP R 74 104.10 -14.11 -1.64
N PRO R 75 105.13 -14.37 -0.82
CA PRO R 75 106.23 -13.40 -0.74
C PRO R 75 106.85 -13.09 -2.07
N VAL R 76 106.73 -13.99 -3.04
CA VAL R 76 107.29 -13.80 -4.37
C VAL R 76 106.27 -13.23 -5.33
N LEU R 77 105.19 -13.98 -5.57
CA LEU R 77 104.25 -13.65 -6.62
C LEU R 77 103.36 -12.46 -6.28
N HIS R 78 103.29 -12.06 -5.01
CA HIS R 78 102.43 -10.96 -4.56
C HIS R 78 103.15 -9.64 -4.39
N THR R 79 104.49 -9.67 -4.33
CA THR R 79 105.25 -8.46 -4.57
C THR R 79 105.62 -8.31 -6.03
N ALA R 80 105.60 -9.40 -6.81
CA ALA R 80 105.68 -9.27 -8.25
C ALA R 80 104.39 -8.74 -8.87
N LEU R 81 103.42 -8.34 -8.06
CA LEU R 81 102.17 -7.78 -8.55
C LEU R 81 102.40 -6.36 -9.07
N PRO R 82 101.54 -5.87 -9.97
CA PRO R 82 101.62 -4.48 -10.40
C PRO R 82 100.95 -3.50 -9.45
N VAL R 83 101.64 -2.38 -9.24
CA VAL R 83 101.08 -1.24 -8.54
C VAL R 83 100.40 -0.34 -9.56
N ILE R 84 99.12 -0.08 -9.35
CA ILE R 84 98.28 0.59 -10.34
C ILE R 84 98.11 2.06 -9.94
N HIS R 85 98.08 2.93 -10.96
CA HIS R 85 97.88 4.36 -10.75
C HIS R 85 96.81 4.90 -11.70
N ALA R 86 95.67 4.22 -11.77
CA ALA R 86 94.52 4.65 -12.57
C ALA R 86 94.82 4.62 -14.07
N GLY R 87 95.10 3.42 -14.59
CA GLY R 87 95.25 3.22 -16.02
C GLY R 87 96.57 3.69 -16.60
N GLN R 88 97.41 4.32 -15.79
CA GLN R 88 98.75 4.66 -16.21
C GLN R 88 99.71 3.49 -16.13
N ASN R 89 99.31 2.40 -15.47
CA ASN R 89 100.11 1.18 -15.38
C ASN R 89 101.49 1.48 -14.80
N GLU R 90 101.49 1.92 -13.54
CA GLU R 90 102.68 2.46 -12.90
C GLU R 90 103.53 1.33 -12.30
N ARG R 91 104.03 0.47 -13.18
CA ARG R 91 104.89 -0.64 -12.79
C ARG R 91 106.36 -0.25 -12.69
N THR R 92 106.85 0.59 -13.59
CA THR R 92 108.22 1.11 -13.48
C THR R 92 108.18 2.45 -12.77
N ARG R 93 108.82 2.55 -11.61
CA ARG R 93 108.99 3.84 -10.96
C ARG R 93 109.96 4.70 -11.76
N THR R 94 109.94 6.00 -11.49
CA THR R 94 110.76 6.98 -12.23
C THR R 94 110.44 6.96 -13.73
N ASP R 95 109.18 7.23 -14.07
CA ASP R 95 108.77 7.32 -15.46
C ASP R 95 108.31 8.74 -15.81
N GLY R 96 108.36 9.05 -17.09
CA GLY R 96 107.99 10.37 -17.58
C GLY R 96 108.06 10.42 -19.09
N SER R 97 107.63 11.55 -19.65
CA SER R 97 107.70 11.76 -21.08
C SER R 97 109.10 12.23 -21.48
N SER R 98 109.28 12.40 -22.81
CA SER R 98 110.49 13.04 -23.32
C SER R 98 110.55 14.51 -22.94
N ALA R 99 109.49 15.05 -22.34
CA ALA R 99 109.43 16.43 -21.88
C ALA R 99 109.18 16.57 -20.39
N SER R 100 108.55 15.59 -19.76
CA SER R 100 108.02 15.70 -18.41
C SER R 100 108.46 14.53 -17.53
N LEU R 101 109.74 14.16 -17.62
CA LEU R 101 110.24 13.13 -16.71
C LEU R 101 110.16 13.58 -15.26
N SER R 102 110.60 14.81 -14.98
CA SER R 102 110.41 15.39 -13.65
C SER R 102 108.96 15.79 -13.41
N LEU R 103 108.28 16.34 -14.42
CA LEU R 103 106.91 16.77 -14.27
C LEU R 103 105.93 15.61 -14.19
N SER R 104 106.42 14.36 -14.21
CA SER R 104 105.59 13.19 -13.97
C SER R 104 105.89 12.48 -12.66
N SER R 105 106.84 12.98 -11.86
CA SER R 105 107.15 12.34 -10.58
C SER R 105 106.16 12.76 -9.52
N LEU R 106 105.05 12.11 -9.46
CA LEU R 106 104.03 12.57 -8.55
C LEU R 106 104.34 12.11 -7.13
N PRO R 107 103.88 12.85 -6.12
CA PRO R 107 103.94 12.33 -4.75
C PRO R 107 103.07 11.10 -4.58
N SER R 108 103.72 9.93 -4.50
CA SER R 108 103.06 8.64 -4.39
C SER R 108 104.00 7.67 -3.70
N PRO R 109 103.66 7.17 -2.51
CA PRO R 109 104.55 6.20 -1.84
C PRO R 109 104.81 5.02 -2.75
N SER R 110 106.06 4.89 -3.17
CA SER R 110 106.48 3.83 -4.08
C SER R 110 106.42 2.51 -3.32
N SER R 111 105.33 1.78 -3.55
CA SER R 111 105.14 0.47 -2.94
C SER R 111 104.22 -0.36 -3.83
N THR R 112 104.18 -1.67 -3.56
CA THR R 112 103.08 -2.47 -4.07
C THR R 112 102.04 -2.70 -2.98
N SER R 113 102.39 -2.43 -1.73
CA SER R 113 101.45 -2.57 -0.63
C SER R 113 100.42 -1.45 -0.68
N PRO R 114 99.14 -1.74 -0.53
CA PRO R 114 98.14 -0.68 -0.39
C PRO R 114 97.96 -0.20 1.05
N PHE R 115 98.90 -0.50 1.94
CA PHE R 115 98.88 0.05 3.29
C PHE R 115 99.57 1.39 3.39
N ALA R 116 100.35 1.78 2.38
CA ALA R 116 100.89 3.13 2.35
C ALA R 116 99.82 4.15 2.00
N THR R 117 98.54 3.75 2.01
CA THR R 117 97.43 4.62 1.64
C THR R 117 96.35 4.67 2.72
N VAL R 118 96.63 4.16 3.92
CA VAL R 118 95.63 4.16 4.98
C VAL R 118 95.37 5.59 5.44
N GLU R 119 94.10 5.95 5.49
CA GLU R 119 93.66 7.24 6.01
C GLU R 119 92.15 7.12 6.25
N ASP R 120 91.58 8.09 6.95
CA ASP R 120 90.17 8.03 7.27
C ASP R 120 89.35 8.40 6.03
N TYR R 121 88.05 8.63 6.21
CA TYR R 121 87.26 9.21 5.14
C TYR R 121 87.51 10.71 5.02
N MET R 122 88.35 11.25 5.89
CA MET R 122 88.84 12.60 5.74
C MET R 122 90.16 12.63 5.00
N GLY R 123 90.65 11.47 4.55
CA GLY R 123 91.89 11.39 3.82
C GLY R 123 93.10 11.94 4.54
N THR R 124 92.98 12.16 5.85
CA THR R 124 94.05 12.72 6.65
C THR R 124 94.91 11.59 7.21
N ASN R 125 96.14 11.92 7.60
CA ASN R 125 97.11 10.91 8.03
C ASN R 125 97.95 11.49 9.17
N MET R 126 97.75 10.96 10.39
CA MET R 126 98.58 11.36 11.53
C MET R 126 99.79 10.46 11.73
N VAL R 127 99.76 9.24 11.24
CA VAL R 127 100.90 8.33 11.26
C VAL R 127 101.25 8.00 9.82
N PHE R 128 102.56 7.96 9.54
CA PHE R 128 103.16 7.79 8.22
C PHE R 128 102.59 8.75 7.18
N GLY R 129 101.83 9.75 7.61
CA GLY R 129 101.49 10.83 6.70
C GLY R 129 102.70 11.69 6.44
N SER R 130 102.77 12.22 5.22
CA SER R 130 103.89 13.06 4.81
C SER R 130 104.01 14.24 5.77
N PRO R 131 105.18 14.90 5.80
CA PRO R 131 105.27 16.15 6.56
C PRO R 131 104.14 17.12 6.27
N GLU R 132 103.77 17.29 5.01
CA GLU R 132 102.65 18.17 4.67
C GLU R 132 101.31 17.46 4.71
N HIS R 133 101.28 16.14 4.56
CA HIS R 133 100.03 15.42 4.76
C HIS R 133 99.54 15.54 6.20
N VAL R 134 100.44 15.37 7.17
CA VAL R 134 100.06 15.57 8.56
C VAL R 134 99.75 17.03 8.81
N LYS R 135 100.35 17.94 8.06
CA LYS R 135 99.97 19.35 8.15
C LYS R 135 98.51 19.54 7.75
N ASP R 136 98.16 19.08 6.56
CA ASP R 136 96.77 19.08 6.12
C ASP R 136 95.88 18.44 7.16
N SER R 137 96.31 17.30 7.72
CA SER R 137 95.55 16.58 8.72
C SER R 137 95.29 17.40 9.96
N ALA R 138 96.34 17.97 10.55
CA ALA R 138 96.19 18.84 11.70
C ALA R 138 95.28 20.01 11.39
N ALA R 139 95.46 20.65 10.23
CA ALA R 139 94.63 21.79 9.86
C ALA R 139 93.16 21.42 9.73
N VAL R 140 92.82 20.40 8.95
CA VAL R 140 91.41 20.11 8.70
C VAL R 140 90.76 19.48 9.92
N TRP R 141 91.47 18.61 10.63
CA TRP R 141 90.90 18.03 11.82
C TRP R 141 90.76 19.06 12.93
N ALA R 142 91.72 19.99 13.03
CA ALA R 142 91.59 21.09 13.96
C ALA R 142 90.43 21.98 13.60
N SER R 143 90.23 22.25 12.31
CA SER R 143 89.13 23.11 11.90
C SER R 143 87.79 22.44 12.14
N TYR R 144 87.68 21.14 11.89
CA TYR R 144 86.42 20.48 12.22
C TYR R 144 86.19 20.48 13.72
N PHE R 145 87.18 20.07 14.50
CA PHE R 145 87.01 20.08 15.94
C PHE R 145 86.76 21.47 16.49
N GLU R 146 87.23 22.51 15.80
CA GLU R 146 86.94 23.88 16.20
C GLU R 146 85.48 24.22 15.94
N ARG R 147 84.98 23.88 14.75
CA ARG R 147 83.55 23.95 14.52
C ARG R 147 82.77 23.22 15.60
N ARG R 148 83.22 22.02 15.94
CA ARG R 148 82.50 21.14 16.86
C ARG R 148 82.45 21.72 18.26
N TYR R 149 83.59 22.15 18.77
CA TYR R 149 83.63 22.63 20.15
C TYR R 149 83.16 24.07 20.27
N LEU R 150 83.20 24.85 19.18
CA LEU R 150 82.44 26.09 19.17
C LEU R 150 80.95 25.81 19.24
N SER R 151 80.49 24.77 18.54
CA SER R 151 79.10 24.34 18.68
C SER R 151 78.76 24.02 20.12
N GLN R 152 79.54 23.17 20.77
CA GLN R 152 79.28 22.83 22.16
C GLN R 152 79.44 24.02 23.11
N LEU R 153 80.33 24.97 22.80
CA LEU R 153 80.48 26.15 23.64
C LEU R 153 79.35 27.15 23.42
N ARG R 154 78.64 27.05 22.29
CA ARG R 154 77.40 27.79 22.15
C ARG R 154 76.26 27.07 22.85
N HIS R 155 76.30 25.74 22.83
CA HIS R 155 75.25 24.94 23.44
C HIS R 155 75.25 25.06 24.95
N SER R 156 76.43 25.13 25.57
CA SER R 156 76.50 25.02 27.03
C SER R 156 75.61 26.03 27.73
N ARG R 157 75.59 27.27 27.27
CA ARG R 157 74.83 28.30 27.95
C ARG R 157 73.34 28.10 27.74
N ARG R 158 72.54 28.86 28.47
CA ARG R 158 71.10 28.80 28.26
C ARG R 158 70.64 29.72 27.13
N THR R 159 71.54 30.48 26.55
CA THR R 159 71.22 31.26 25.36
C THR R 159 71.10 30.39 24.12
N ALA R 160 71.02 29.07 24.28
CA ALA R 160 70.75 28.13 23.19
C ALA R 160 69.34 27.54 23.25
N ALA R 161 68.59 27.81 24.31
CA ALA R 161 67.21 27.38 24.40
C ALA R 161 66.28 28.22 23.55
N ASN R 162 66.81 29.21 22.83
CA ASN R 162 66.06 29.97 21.85
C ASN R 162 66.55 29.64 20.44
N HIS R 163 67.35 28.60 20.30
CA HIS R 163 67.85 28.21 18.99
C HIS R 163 67.86 26.70 18.77
N VAL R 164 67.68 25.88 19.80
CA VAL R 164 67.60 24.42 19.66
C VAL R 164 66.14 24.01 19.58
N GLY R 165 65.77 23.36 18.48
CA GLY R 165 64.48 22.71 18.38
C GLY R 165 63.32 23.60 17.99
N LEU R 166 63.57 24.85 17.63
CA LEU R 166 62.49 25.78 17.32
C LEU R 166 62.30 25.90 15.82
N VAL R 167 61.04 26.02 15.41
CA VAL R 167 60.71 26.17 14.00
C VAL R 167 60.89 27.58 13.49
N ASN R 168 61.52 28.47 14.28
CA ASN R 168 61.66 29.87 13.90
C ASN R 168 63.11 30.32 13.79
N ALA R 169 63.99 29.79 14.63
CA ALA R 169 65.31 30.38 14.82
C ALA R 169 66.15 30.25 13.56
N PRO R 170 67.20 31.07 13.43
CA PRO R 170 68.05 30.96 12.25
C PRO R 170 68.82 29.65 12.21
N ASP R 171 69.68 29.53 11.21
CA ASP R 171 70.44 28.29 11.01
C ASP R 171 71.91 28.40 11.40
N VAL R 172 72.52 29.59 11.29
CA VAL R 172 73.93 29.70 11.65
C VAL R 172 74.10 29.64 13.16
N PHE R 173 73.15 30.18 13.92
CA PHE R 173 73.13 30.08 15.38
C PHE R 173 74.46 30.58 15.98
N THR R 174 74.70 31.87 15.80
CA THR R 174 75.86 32.51 16.40
C THR R 174 75.69 32.58 17.91
N ASP R 175 76.66 33.21 18.56
CA ASP R 175 76.66 33.34 20.01
C ASP R 175 76.93 34.79 20.37
N GLU R 176 76.59 35.13 21.62
CA GLU R 176 77.01 36.42 22.15
C GLU R 176 78.53 36.50 22.24
N ALA R 177 79.19 35.34 22.33
CA ALA R 177 80.63 35.25 22.41
C ALA R 177 81.28 35.06 21.06
N ASP R 178 80.62 35.46 19.97
CA ASP R 178 81.18 35.34 18.63
C ASP R 178 81.41 36.68 17.96
N ARG R 179 81.40 37.78 18.73
CA ARG R 179 81.73 39.12 18.29
C ARG R 179 82.64 39.77 19.32
N PRO R 180 83.82 40.24 18.93
CA PRO R 180 84.78 40.75 19.91
C PRO R 180 84.33 42.02 20.61
N GLU R 181 83.17 42.57 20.26
CA GLU R 181 82.68 43.77 20.91
C GLU R 181 81.69 43.49 22.03
N THR R 182 81.70 42.28 22.58
CA THR R 182 80.78 41.95 23.66
C THR R 182 81.50 42.00 25.00
N LYS R 183 80.96 42.76 25.94
CA LYS R 183 81.60 42.95 27.24
C LYS R 183 81.10 41.92 28.26
N TRP R 184 81.79 41.85 29.39
CA TRP R 184 81.49 40.83 30.38
C TRP R 184 80.11 41.04 31.00
N SER R 185 79.64 42.28 31.04
CA SER R 185 78.28 42.52 31.48
C SER R 185 77.28 42.03 30.45
N GLN R 186 77.74 41.80 29.22
CA GLN R 186 76.88 41.29 28.15
C GLN R 186 76.97 39.77 27.99
N ASP R 187 77.81 39.09 28.77
CA ASP R 187 77.91 37.65 28.72
C ASP R 187 76.88 37.03 29.65
N THR R 188 76.20 36.00 29.16
CA THR R 188 75.33 35.23 30.03
C THR R 188 76.12 34.52 31.12
N ARG R 189 77.17 33.79 30.74
CA ARG R 189 77.86 32.93 31.70
C ARG R 189 78.48 33.75 32.82
N PHE R 190 79.21 34.82 32.49
CA PHE R 190 79.78 35.63 33.54
C PHE R 190 78.71 36.22 34.44
N ARG R 191 77.60 36.66 33.83
CA ARG R 191 76.55 37.25 34.65
C ARG R 191 76.00 36.26 35.66
N GLU R 192 75.72 35.04 35.23
CA GLU R 192 75.14 34.08 36.15
C GLU R 192 76.16 33.63 37.19
N ARG R 193 77.43 33.50 36.78
CA ARG R 193 78.48 33.20 37.74
C ARG R 193 78.57 34.29 38.80
N ALA R 194 78.51 35.55 38.38
CA ALA R 194 78.49 36.68 39.31
C ALA R 194 77.25 36.72 40.19
N TYR R 195 76.09 36.39 39.65
CA TYR R 195 74.86 36.43 40.43
C TYR R 195 74.88 35.36 41.52
N MET R 196 75.33 34.15 41.17
CA MET R 196 75.54 33.12 42.18
C MET R 196 76.60 33.51 43.20
N ALA R 197 77.70 34.13 42.77
CA ALA R 197 78.67 34.60 43.75
C ALA R 197 78.05 35.63 44.68
N GLU R 198 77.19 36.50 44.16
CA GLU R 198 76.58 37.51 45.01
C GLU R 198 75.59 36.89 45.99
N LYS R 199 74.90 35.82 45.59
CA LYS R 199 73.98 35.19 46.52
C LYS R 199 74.68 34.35 47.56
N PHE R 200 75.79 33.69 47.21
CA PHE R 200 76.51 32.87 48.17
C PHE R 200 77.88 33.41 48.53
N LEU R 201 78.77 33.61 47.55
CA LEU R 201 80.12 34.08 47.85
C LEU R 201 80.14 35.55 48.25
N LYS R 202 79.11 36.30 47.92
CA LYS R 202 78.89 37.65 48.41
C LYS R 202 79.98 38.62 47.94
N GLU R 203 80.46 38.44 46.72
CA GLU R 203 81.42 39.37 46.11
C GLU R 203 81.01 39.68 44.69
N LYS R 204 80.79 40.96 44.39
CA LYS R 204 80.48 41.40 43.04
C LYS R 204 81.74 41.29 42.17
N VAL R 205 81.54 41.00 40.89
CA VAL R 205 82.65 40.73 40.00
C VAL R 205 82.35 41.28 38.61
N ALA R 206 83.37 41.85 37.97
CA ALA R 206 83.24 42.58 36.71
C ALA R 206 84.15 42.09 35.59
N ASN R 207 85.29 41.50 35.90
CA ASN R 207 86.11 40.82 34.91
C ASN R 207 86.03 39.33 35.19
N LEU R 208 86.31 38.53 34.17
CA LEU R 208 86.35 37.09 34.44
C LEU R 208 87.55 36.73 35.30
N GLN R 209 88.65 37.48 35.17
CA GLN R 209 89.75 37.26 36.10
C GLN R 209 89.37 37.68 37.52
N GLN R 210 88.57 38.75 37.64
CA GLN R 210 88.06 39.12 38.96
C GLN R 210 87.18 38.02 39.53
N LEU R 211 86.30 37.45 38.71
CA LEU R 211 85.49 36.33 39.16
C LEU R 211 86.35 35.15 39.59
N GLU R 212 87.41 34.87 38.84
CA GLU R 212 88.21 33.69 39.16
C GLU R 212 89.10 33.90 40.38
N GLN R 213 89.56 35.13 40.60
CA GLN R 213 90.25 35.41 41.86
C GLN R 213 89.31 35.26 43.05
N ALA R 214 88.11 35.85 42.95
CA ALA R 214 87.12 35.70 44.01
C ALA R 214 86.69 34.25 44.19
N LEU R 215 86.79 33.43 43.14
CA LEU R 215 86.53 32.01 43.27
C LEU R 215 87.62 31.31 44.07
N LYS R 216 88.86 31.41 43.60
CA LYS R 216 89.94 30.69 44.27
C LYS R 216 90.11 31.18 45.70
N GLN R 217 89.61 32.38 46.01
CA GLN R 217 89.68 32.86 47.38
C GLN R 217 88.35 32.80 48.12
N ALA R 218 87.63 31.68 48.01
CA ALA R 218 86.36 31.48 48.68
C ALA R 218 86.54 30.67 49.96
N LYS R 219 85.92 31.14 51.05
CA LYS R 219 85.82 30.33 52.25
C LYS R 219 85.10 29.02 51.92
N PRO R 220 85.79 27.89 51.99
CA PRO R 220 85.20 26.64 51.46
C PRO R 220 83.79 26.35 51.94
N ALA R 221 83.38 26.86 53.11
CA ALA R 221 81.96 26.83 53.42
C ALA R 221 81.15 27.55 52.35
N GLU R 222 81.58 28.74 51.94
CA GLU R 222 80.92 29.45 50.86
C GLU R 222 81.15 28.77 49.52
N TYR R 223 82.36 28.25 49.32
CA TYR R 223 82.65 27.55 48.07
C TYR R 223 81.67 26.42 47.84
N ILE R 224 81.39 25.64 48.88
CA ILE R 224 80.42 24.56 48.74
C ILE R 224 79.00 25.10 48.66
N ALA R 225 78.67 26.10 49.48
CA ALA R 225 77.32 26.68 49.44
C ALA R 225 77.00 27.31 48.08
N PHE R 226 78.02 27.61 47.27
CA PHE R 226 77.80 28.19 45.95
C PHE R 226 77.93 27.14 44.86
N HIS R 227 78.81 26.16 45.05
CA HIS R 227 78.95 25.13 44.05
C HIS R 227 77.84 24.09 44.09
N ASP R 228 77.09 24.01 45.19
CA ASP R 228 75.95 23.12 45.22
C ASP R 228 74.82 23.63 44.33
N ALA R 229 74.82 24.92 44.02
CA ALA R 229 73.82 25.52 43.14
C ALA R 229 74.36 25.83 41.75
N LEU R 230 75.66 26.08 41.60
CA LEU R 230 76.26 26.16 40.27
C LEU R 230 75.99 24.84 39.54
N GLN R 231 75.12 24.89 38.53
CA GLN R 231 74.61 23.65 37.95
C GLN R 231 75.35 23.21 36.70
N GLN R 232 76.10 24.08 36.07
CA GLN R 232 76.92 23.74 34.90
C GLN R 232 78.37 23.80 35.35
N GLN R 233 79.02 22.63 35.41
CA GLN R 233 80.45 22.61 35.70
C GLN R 233 81.26 22.70 34.41
N THR R 234 80.88 21.91 33.41
CA THR R 234 81.69 21.77 32.22
C THR R 234 81.32 22.80 31.17
N LEU R 235 82.16 22.91 30.14
CA LEU R 235 82.00 23.90 29.07
C LEU R 235 81.82 23.27 27.70
N THR R 236 82.26 22.04 27.50
CA THR R 236 82.07 21.41 26.20
C THR R 236 81.77 19.93 26.31
N LEU R 237 81.35 19.45 27.48
CA LEU R 237 80.99 18.05 27.69
C LEU R 237 82.18 17.13 27.49
N ILE R 238 83.37 17.70 27.36
CA ILE R 238 84.57 16.89 27.26
C ILE R 238 84.91 16.37 28.66
N PRO R 239 85.31 15.11 28.77
CA PRO R 239 85.70 14.57 30.08
C PRO R 239 87.07 15.05 30.51
N LEU R 240 87.14 15.74 31.64
CA LEU R 240 88.38 16.23 32.21
C LEU R 240 88.33 16.09 33.72
N PRO R 241 89.47 15.86 34.36
CA PRO R 241 89.49 15.84 35.82
C PRO R 241 88.94 17.13 36.40
N SER R 242 88.64 17.08 37.69
CA SER R 242 87.94 18.17 38.34
C SER R 242 88.18 18.04 39.84
N PRO R 243 87.92 19.10 40.60
CA PRO R 243 87.83 18.94 42.06
C PRO R 243 86.78 17.91 42.43
N SER R 244 87.02 17.24 43.55
CA SER R 244 86.13 16.22 44.04
C SER R 244 84.86 16.77 44.64
N VAL R 245 84.63 18.09 44.49
CA VAL R 245 83.40 18.67 44.98
C VAL R 245 82.18 18.05 44.30
N TRP R 246 82.30 17.65 43.04
CA TRP R 246 81.22 17.03 42.31
C TRP R 246 81.01 15.57 42.65
N HIS R 247 82.08 14.83 42.86
CA HIS R 247 82.00 13.56 43.54
C HIS R 247 81.84 13.85 45.03
N TYR R 248 82.04 12.86 45.90
CA TYR R 248 81.98 13.06 47.35
C TYR R 248 80.61 13.59 47.77
N GLY R 249 79.57 12.83 47.43
CA GLY R 249 78.22 13.26 47.73
C GLY R 249 78.02 13.45 49.22
N GLY R 250 77.24 14.47 49.57
CA GLY R 250 76.81 14.67 50.94
C GLY R 250 77.89 15.28 51.80
N ALA R 251 78.01 14.81 53.03
CA ALA R 251 78.99 15.34 53.98
C ALA R 251 80.43 15.22 53.48
N ARG R 252 80.73 14.22 52.63
CA ARG R 252 82.08 14.14 52.10
C ARG R 252 82.36 15.30 51.16
N ARG R 253 81.32 15.97 50.67
CA ARG R 253 81.56 17.20 49.92
C ARG R 253 82.12 18.29 50.82
N THR R 254 81.56 18.43 52.02
CA THR R 254 82.19 19.29 53.02
C THR R 254 83.61 18.83 53.29
N GLN R 255 83.75 17.62 53.81
CA GLN R 255 85.05 17.07 54.18
C GLN R 255 86.07 17.13 53.05
N TRP R 256 85.64 17.31 51.81
CA TRP R 256 86.62 17.51 50.75
C TRP R 256 87.21 18.90 50.81
N ALA R 257 86.36 19.92 50.71
CA ALA R 257 86.86 21.29 50.70
C ALA R 257 87.52 21.68 52.00
N GLU R 258 87.00 21.20 53.14
CA GLU R 258 87.63 21.54 54.41
C GLU R 258 89.08 21.08 54.46
N ARG R 259 89.41 20.00 53.77
CA ARG R 259 90.80 19.62 53.73
C ARG R 259 91.51 20.23 52.53
N PHE R 260 90.79 20.52 51.45
CA PHE R 260 91.46 21.03 50.26
C PHE R 260 91.79 22.50 50.39
N LEU R 261 90.78 23.35 50.52
CA LEU R 261 91.00 24.80 50.46
C LEU R 261 91.73 25.32 51.70
N PRO R 262 91.40 24.88 52.92
CA PRO R 262 92.25 25.25 54.05
C PRO R 262 93.65 24.66 53.97
N LEU R 263 93.88 23.74 53.03
CA LEU R 263 95.24 23.32 52.71
C LEU R 263 95.64 23.64 51.27
N SER R 264 94.91 24.52 50.59
CA SER R 264 95.37 25.05 49.32
C SER R 264 95.60 26.55 49.40
N HIS R 265 94.99 27.22 50.37
CA HIS R 265 95.25 28.63 50.57
C HIS R 265 96.74 28.87 50.83
N GLU R 266 97.36 28.02 51.63
CA GLU R 266 98.80 28.07 51.83
C GLU R 266 99.54 28.02 50.50
N ALA R 267 99.13 27.13 49.60
CA ALA R 267 99.80 26.98 48.32
C ALA R 267 99.60 28.20 47.43
N GLN R 268 98.41 28.79 47.46
CA GLN R 268 98.18 30.02 46.69
C GLN R 268 99.04 31.16 47.21
N GLN R 269 99.11 31.34 48.53
CA GLN R 269 99.94 32.39 49.08
C GLN R 269 101.40 32.17 48.77
N PHE R 270 101.86 30.91 48.86
CA PHE R 270 103.21 30.60 48.45
C PHE R 270 103.47 31.00 47.00
N PHE R 271 102.67 30.49 46.08
CA PHE R 271 102.87 30.78 44.67
C PHE R 271 102.75 32.27 44.37
N THR R 272 102.03 33.02 45.20
CA THR R 272 101.92 34.46 44.98
C THR R 272 103.14 35.24 45.50
N THR R 273 103.59 34.99 46.73
CA THR R 273 104.69 35.77 47.29
C THR R 273 106.02 35.03 47.21
N VAL R 274 106.10 33.80 47.72
CA VAL R 274 107.40 33.16 47.89
C VAL R 274 108.00 32.78 46.55
N LEU R 275 107.25 32.03 45.72
CA LEU R 275 107.83 31.56 44.49
C LEU R 275 107.94 32.67 43.44
N ALA R 276 107.05 33.65 43.48
CA ALA R 276 107.15 34.76 42.54
C ALA R 276 108.42 35.58 42.78
N GLU R 277 108.67 35.95 44.05
CA GLU R 277 109.83 36.80 44.32
C GLU R 277 111.14 36.13 43.92
N ASP R 278 111.20 34.80 44.02
CA ASP R 278 112.43 34.09 43.65
C ASP R 278 112.48 33.79 42.16
N LEU R 279 111.34 33.48 41.53
CA LEU R 279 111.29 33.34 40.10
C LEU R 279 111.64 34.64 39.40
N LYS R 280 111.52 35.77 40.10
CA LYS R 280 111.88 37.05 39.52
C LYS R 280 113.40 37.23 39.40
N ARG R 281 114.19 36.43 40.10
CA ARG R 281 115.64 36.49 39.96
C ARG R 281 116.09 35.97 38.59
N ALA R 282 115.66 34.78 38.22
CA ALA R 282 115.95 34.20 36.91
C ALA R 282 114.72 34.25 36.01
N GLY R 283 113.88 35.28 36.19
CA GLY R 283 112.76 35.51 35.27
C GLY R 283 113.17 35.75 33.85
N ASP R 284 114.47 35.94 33.63
CA ASP R 284 115.02 36.00 32.28
C ASP R 284 115.03 34.63 31.62
N ALA R 285 115.06 33.56 32.41
CA ALA R 285 115.20 32.23 31.88
C ALA R 285 114.47 31.19 32.73
N PRO R 286 113.56 30.44 32.14
CA PRO R 286 113.04 29.23 32.80
C PRO R 286 114.10 28.14 32.83
N GLU R 287 113.68 26.94 33.25
CA GLU R 287 114.56 25.77 33.27
C GLU R 287 115.67 25.94 34.31
N LYS R 288 115.53 26.93 35.19
CA LYS R 288 116.54 27.12 36.22
C LYS R 288 116.01 26.71 37.59
N VAL R 289 114.81 27.16 37.97
CA VAL R 289 114.21 26.73 39.23
C VAL R 289 113.94 25.23 39.20
N LEU R 290 113.27 24.77 38.16
CA LEU R 290 112.94 23.37 38.03
C LEU R 290 114.20 22.52 37.98
N GLN R 291 115.33 23.08 37.52
CA GLN R 291 116.56 22.30 37.52
C GLN R 291 117.09 22.09 38.92
N LYS R 292 117.03 23.10 39.78
CA LYS R 292 117.42 22.91 41.16
C LYS R 292 116.53 21.89 41.85
N VAL R 293 115.20 22.03 41.68
CA VAL R 293 114.28 21.12 42.34
C VAL R 293 114.42 19.70 41.79
N ALA R 294 114.69 19.56 40.50
CA ALA R 294 114.83 18.25 39.91
C ALA R 294 116.15 17.59 40.24
N ALA R 295 117.23 18.37 40.40
CA ALA R 295 118.44 17.77 40.94
C ALA R 295 118.19 17.27 42.36
N VAL R 296 117.44 18.04 43.16
CA VAL R 296 117.03 17.55 44.47
C VAL R 296 116.32 16.20 44.34
N PHE R 297 115.34 16.12 43.44
CA PHE R 297 114.54 14.90 43.36
C PHE R 297 115.31 13.77 42.69
N ALA R 298 116.37 14.06 41.94
CA ALA R 298 117.23 12.98 41.47
C ALA R 298 118.09 12.42 42.60
N GLU R 299 118.57 13.29 43.49
CA GLU R 299 119.21 12.80 44.71
C GLU R 299 118.22 12.08 45.62
N VAL R 300 116.92 12.40 45.54
CA VAL R 300 115.91 11.58 46.21
C VAL R 300 115.73 10.25 45.50
N GLY R 301 115.80 10.27 44.17
CA GLY R 301 115.66 9.06 43.38
C GLY R 301 116.73 8.03 43.63
N LYS R 302 117.96 8.47 43.84
CA LYS R 302 118.99 7.51 44.23
C LYS R 302 118.68 6.86 45.58
N ILE R 303 118.16 7.62 46.54
CA ILE R 303 117.82 7.01 47.82
C ILE R 303 116.66 6.03 47.67
N LEU R 304 115.65 6.36 46.88
CA LEU R 304 114.56 5.42 46.69
C LEU R 304 115.00 4.21 45.89
N LEU R 305 116.01 4.37 45.04
CA LEU R 305 116.63 3.22 44.39
C LEU R 305 117.22 2.29 45.43
N GLN R 306 117.97 2.83 46.38
CA GLN R 306 118.46 2.00 47.49
C GLN R 306 117.30 1.33 48.23
N ARG R 307 116.25 2.10 48.54
CA ARG R 307 115.13 1.57 49.31
C ARG R 307 114.48 0.38 48.61
N HIS R 308 114.10 0.54 47.34
CA HIS R 308 113.45 -0.56 46.64
C HIS R 308 114.41 -1.70 46.37
N ARG R 309 115.68 -1.39 46.07
CA ARG R 309 116.67 -2.42 45.79
C ARG R 309 116.94 -3.29 47.00
N ARG R 310 116.81 -2.76 48.21
CA ARG R 310 116.91 -3.59 49.39
C ARG R 310 115.56 -4.14 49.85
N CYS R 311 114.45 -3.53 49.44
CA CYS R 311 113.14 -4.00 49.87
C CYS R 311 112.70 -5.24 49.11
N LEU R 312 112.79 -5.21 47.77
CA LEU R 312 112.28 -6.34 46.99
C LEU R 312 113.12 -7.60 47.18
N GLY R 313 114.34 -7.46 47.69
CA GLY R 313 115.20 -8.61 47.92
C GLY R 313 116.31 -8.73 46.91
N GLY R 314 116.76 -7.59 46.38
CA GLY R 314 117.88 -7.56 45.46
C GLY R 314 117.67 -8.29 44.15
N ARG R 315 116.45 -8.76 43.89
CA ARG R 315 116.13 -9.51 42.68
C ARG R 315 115.42 -8.62 41.67
N GLU R 316 114.92 -9.25 40.62
CA GLU R 316 114.33 -8.51 39.52
C GLU R 316 112.84 -8.33 39.72
N TRP R 317 112.36 -7.12 39.41
CA TRP R 317 110.92 -6.87 39.41
C TRP R 317 110.19 -7.81 38.46
N SER R 318 110.69 -7.93 37.22
CA SER R 318 109.98 -8.72 36.22
C SER R 318 109.85 -10.19 36.61
N ALA R 319 110.82 -10.73 37.33
CA ALA R 319 110.73 -12.10 37.82
C ALA R 319 109.98 -12.21 39.14
N LEU R 320 109.79 -11.11 39.86
CA LEU R 320 109.06 -11.14 41.12
C LEU R 320 107.72 -11.85 40.96
N ALA R 321 107.22 -12.41 42.07
CA ALA R 321 106.00 -13.20 42.04
C ALA R 321 104.82 -12.37 41.53
N PRO R 322 104.04 -12.92 40.58
CA PRO R 322 102.95 -12.13 39.99
C PRO R 322 101.85 -11.75 40.96
N HIS R 323 101.77 -12.36 42.14
CA HIS R 323 100.76 -11.95 43.11
C HIS R 323 101.35 -11.01 44.16
N GLU R 324 102.63 -11.20 44.50
CA GLU R 324 103.36 -10.13 45.18
C GLU R 324 103.40 -8.86 44.34
N LYS R 325 103.41 -8.97 43.01
CA LYS R 325 103.43 -7.78 42.17
C LYS R 325 102.18 -6.95 42.37
N ASP R 326 101.05 -7.60 42.69
CA ASP R 326 99.81 -6.87 42.95
C ASP R 326 99.70 -6.46 44.43
N GLU R 327 100.24 -7.29 45.33
CA GLU R 327 100.31 -6.85 46.72
C GLU R 327 101.11 -5.57 46.86
N PHE R 328 102.24 -5.46 46.14
CA PHE R 328 103.06 -4.26 46.21
C PHE R 328 102.34 -3.05 45.65
N CYS R 329 101.60 -3.21 44.55
CA CYS R 329 100.87 -2.10 43.95
C CYS R 329 99.71 -1.62 44.79
N MET R 330 98.93 -2.54 45.36
CA MET R 330 97.87 -2.17 46.30
C MET R 330 98.42 -1.61 47.60
N LYS R 331 99.68 -1.92 47.93
CA LYS R 331 100.36 -1.23 49.02
C LYS R 331 100.76 0.20 48.60
N GLU R 332 101.33 0.32 47.40
CA GLU R 332 101.89 1.58 46.95
C GLU R 332 100.83 2.64 46.73
N VAL R 333 99.69 2.25 46.17
CA VAL R 333 98.66 3.26 45.92
C VAL R 333 98.07 3.77 47.23
N GLU R 334 97.90 2.89 48.22
CA GLU R 334 97.46 3.35 49.53
C GLU R 334 98.52 4.17 50.23
N ARG R 335 99.80 3.85 50.00
CA ARG R 335 100.89 4.70 50.47
C ARG R 335 100.75 6.13 49.95
N TRP R 336 100.54 6.28 48.64
CA TRP R 336 100.34 7.61 48.09
C TRP R 336 99.08 8.26 48.63
N LYS R 337 98.01 7.48 48.78
CA LYS R 337 96.82 8.00 49.43
C LYS R 337 97.14 8.59 50.79
N GLN R 338 97.99 7.91 51.56
CA GLN R 338 98.37 8.40 52.88
C GLN R 338 99.14 9.71 52.78
N GLN R 339 100.10 9.78 51.86
CA GLN R 339 100.78 11.06 51.65
C GLN R 339 99.79 12.18 51.36
N VAL R 340 98.77 11.90 50.56
CA VAL R 340 97.83 12.94 50.14
C VAL R 340 96.86 13.29 51.25
N GLU R 341 96.58 12.36 52.16
CA GLU R 341 95.64 12.64 53.26
C GLU R 341 96.31 13.36 54.41
N VAL R 342 97.43 12.80 54.91
CA VAL R 342 98.03 13.37 56.11
C VAL R 342 99.03 14.48 55.79
N GLY R 343 99.77 14.37 54.68
CA GLY R 343 100.69 15.42 54.26
C GLY R 343 102.17 15.07 54.28
N GLU R 344 102.54 13.84 54.61
CA GLU R 344 103.94 13.46 54.67
C GLU R 344 104.42 12.98 53.32
N PHE R 345 105.71 13.15 53.04
CA PHE R 345 106.25 12.69 51.77
C PHE R 345 106.70 11.24 51.82
N ASP R 346 106.88 10.70 53.01
CA ASP R 346 107.24 9.28 53.19
C ASP R 346 106.32 8.64 54.22
N PRO R 347 105.27 7.96 53.79
CA PRO R 347 104.38 7.30 54.74
C PRO R 347 104.91 5.92 55.11
N PRO R 348 104.95 5.58 56.38
CA PRO R 348 105.40 4.25 56.77
C PRO R 348 104.25 3.25 56.66
N LEU R 349 104.57 2.05 56.20
CA LEU R 349 103.52 1.08 55.87
C LEU R 349 103.54 -0.19 56.70
N ASP R 350 104.64 -0.91 56.77
CA ASP R 350 104.68 -2.17 57.51
C ASP R 350 105.34 -1.93 58.87
N GLY R 351 104.58 -2.11 59.94
CA GLY R 351 105.03 -1.79 61.27
C GLY R 351 104.97 -2.93 62.27
N ASP R 352 105.17 -4.16 61.79
CA ASP R 352 105.21 -5.34 62.65
C ASP R 352 106.59 -5.97 62.72
N ASP R 353 107.48 -5.69 61.78
CA ASP R 353 108.84 -6.19 61.83
C ASP R 353 109.77 -5.08 62.30
N ASP R 354 110.71 -5.43 63.19
CA ASP R 354 111.65 -4.47 63.79
C ASP R 354 112.85 -4.13 62.89
N PRO R 355 113.63 -5.12 62.40
CA PRO R 355 114.83 -4.75 61.63
C PRO R 355 114.53 -4.10 60.29
N THR R 356 113.46 -4.52 59.60
CA THR R 356 113.06 -3.81 58.39
C THR R 356 112.65 -2.38 58.72
N SER R 357 112.03 -2.17 59.87
CA SER R 357 111.77 -0.81 60.34
C SER R 357 113.05 -0.01 60.52
N THR R 358 114.05 -0.56 61.20
CA THR R 358 115.30 0.18 61.42
C THR R 358 115.96 0.54 60.10
N GLU R 359 116.07 -0.42 59.19
CA GLU R 359 116.59 -0.11 57.86
C GLU R 359 115.75 0.96 57.18
N TRP R 360 114.41 0.85 57.27
CA TRP R 360 113.52 1.83 56.66
C TRP R 360 113.67 3.20 57.32
N GLN R 361 113.90 3.21 58.63
CA GLN R 361 114.16 4.46 59.33
C GLN R 361 115.41 5.14 58.81
N SER R 362 116.49 4.38 58.61
CA SER R 362 117.71 4.97 58.08
C SER R 362 117.47 5.69 56.76
N GLU R 363 116.91 4.97 55.79
CA GLU R 363 116.57 5.54 54.50
C GLU R 363 115.63 6.72 54.61
N HIS R 364 114.62 6.65 55.48
CA HIS R 364 113.62 7.73 55.52
C HIS R 364 114.18 8.98 56.18
N ASP R 365 114.97 8.82 57.24
CA ASP R 365 115.62 9.99 57.83
C ASP R 365 116.60 10.63 56.86
N ALA R 366 117.34 9.84 56.09
CA ALA R 366 118.16 10.44 55.04
C ALA R 366 117.29 11.15 54.00
N ILE R 367 116.20 10.50 53.60
CA ILE R 367 115.29 11.05 52.61
C ILE R 367 114.80 12.42 53.04
N MET R 368 114.31 12.55 54.27
CA MET R 368 113.83 13.85 54.73
C MET R 368 114.97 14.82 55.00
N GLN R 369 116.14 14.33 55.40
CA GLN R 369 117.30 15.20 55.53
C GLN R 369 117.61 15.91 54.22
N LEU R 370 117.38 15.24 53.09
CA LEU R 370 117.51 15.90 51.80
C LEU R 370 116.25 16.66 51.38
N MET R 371 115.06 16.15 51.72
CA MET R 371 113.82 16.64 51.13
C MET R 371 113.39 17.97 51.72
N THR R 372 113.42 18.09 53.05
CA THR R 372 113.02 19.32 53.70
C THR R 372 114.09 20.39 53.61
N ALA R 373 115.35 20.00 53.43
CA ALA R 373 116.44 20.97 53.32
C ALA R 373 116.19 21.93 52.17
N THR R 374 115.99 23.20 52.50
CA THR R 374 115.83 24.24 51.50
C THR R 374 117.00 24.23 50.53
N ILE R 375 116.69 24.24 49.24
CA ILE R 375 117.75 24.26 48.23
C ILE R 375 118.59 25.51 48.41
N ASP R 376 119.90 25.36 48.17
CA ASP R 376 120.80 26.51 48.27
C ASP R 376 120.51 27.54 47.19
N GLY R 377 119.63 27.21 46.25
CA GLY R 377 119.31 28.12 45.16
C GLY R 377 118.09 28.99 45.34
N LEU R 378 117.17 28.62 46.23
CA LEU R 378 115.87 29.28 46.34
C LEU R 378 115.38 29.23 47.78
N SER R 379 114.62 30.26 48.16
CA SER R 379 114.14 30.37 49.53
C SER R 379 113.05 29.36 49.88
N PHE R 380 112.90 28.32 49.08
CA PHE R 380 112.01 27.21 49.38
C PHE R 380 112.76 25.89 49.26
N SER R 381 112.04 24.80 49.49
CA SER R 381 112.60 23.47 49.44
C SER R 381 111.82 22.56 48.49
N ALA R 382 112.36 21.37 48.29
CA ALA R 382 111.64 20.30 47.61
C ALA R 382 110.30 19.98 48.27
N LEU R 383 110.27 19.86 49.59
CA LEU R 383 109.01 19.55 50.27
C LEU R 383 108.00 20.67 50.08
N GLU R 384 108.45 21.91 50.15
CA GLU R 384 107.52 23.02 49.94
C GLU R 384 106.95 23.00 48.53
N PHE R 385 107.82 22.92 47.52
CA PHE R 385 107.37 22.81 46.14
C PHE R 385 106.39 21.65 45.96
N TRP R 386 106.68 20.52 46.61
CA TRP R 386 105.77 19.37 46.59
C TRP R 386 104.41 19.74 47.14
N THR R 387 104.34 20.20 48.38
CA THR R 387 103.05 20.52 48.96
C THR R 387 102.32 21.56 48.12
N HIS R 388 103.05 22.44 47.46
CA HIS R 388 102.42 23.57 46.78
C HIS R 388 101.92 23.24 45.39
N THR R 389 102.43 22.19 44.73
CA THR R 389 101.83 21.74 43.49
C THR R 389 101.17 20.37 43.61
N ILE R 390 101.94 19.35 43.97
CA ILE R 390 101.47 17.97 43.88
C ILE R 390 100.31 17.72 44.83
N ARG R 391 100.55 17.89 46.14
CA ARG R 391 99.53 17.53 47.11
C ARG R 391 98.34 18.46 47.03
N CYS R 392 98.56 19.72 46.67
CA CYS R 392 97.43 20.62 46.49
C CYS R 392 96.54 20.18 45.34
N GLU R 393 97.12 19.87 44.18
CA GLU R 393 96.33 19.40 43.04
C GLU R 393 95.66 18.06 43.34
N GLU R 394 96.33 17.19 44.08
CA GLU R 394 95.77 15.88 44.36
C GLU R 394 94.75 15.90 45.49
N MET R 395 94.82 16.87 46.40
CA MET R 395 93.73 17.08 47.32
C MET R 395 92.56 17.75 46.63
N GLU R 396 92.85 18.51 45.56
CA GLU R 396 91.79 19.04 44.73
C GLU R 396 90.98 17.92 44.09
N THR R 397 91.64 17.06 43.33
CA THR R 397 90.94 15.93 42.71
C THR R 397 91.14 14.65 43.53
N GLU R 398 90.67 14.72 44.77
CA GLU R 398 90.86 13.61 45.68
C GLU R 398 89.79 12.53 45.54
N HIS R 399 88.83 12.69 44.65
CA HIS R 399 87.92 11.58 44.39
C HIS R 399 88.66 10.32 43.93
N ILE R 400 89.84 10.46 43.33
CA ILE R 400 90.51 9.31 42.75
C ILE R 400 91.16 8.46 43.81
N HIS R 401 91.42 9.02 44.99
CA HIS R 401 92.28 8.33 45.94
C HIS R 401 91.54 7.57 47.03
N THR R 402 90.22 7.66 47.08
CA THR R 402 89.50 7.12 48.22
C THR R 402 88.75 5.83 47.92
N GLU R 403 88.21 5.71 46.71
CA GLU R 403 87.42 4.53 46.38
C GLU R 403 88.34 3.40 45.89
N LYS R 404 87.98 2.17 46.28
CA LYS R 404 88.82 1.03 45.92
C LYS R 404 88.96 0.88 44.42
N ARG R 405 87.89 1.13 43.66
CA ARG R 405 87.96 0.89 42.22
C ARG R 405 88.98 1.79 41.56
N VAL R 406 89.03 3.05 41.94
CA VAL R 406 90.03 3.94 41.36
C VAL R 406 91.42 3.59 41.90
N ARG R 407 91.51 3.20 43.17
CA ARG R 407 92.80 2.73 43.67
C ARG R 407 93.24 1.44 42.98
N ALA R 408 92.30 0.56 42.64
CA ALA R 408 92.63 -0.64 41.89
C ALA R 408 93.09 -0.31 40.46
N ILE R 409 92.41 0.63 39.80
CA ILE R 409 92.87 1.08 38.51
C ILE R 409 94.29 1.62 38.61
N SER R 410 94.58 2.37 39.68
CA SER R 410 95.92 2.89 39.88
C SER R 410 96.93 1.75 40.02
N ALA R 411 96.55 0.70 40.76
CA ALA R 411 97.42 -0.45 40.93
C ALA R 411 97.76 -1.10 39.61
N ALA R 412 96.73 -1.42 38.81
CA ALA R 412 96.95 -1.99 37.49
C ALA R 412 97.81 -1.10 36.61
N ALA R 413 97.62 0.21 36.68
CA ALA R 413 98.43 1.15 35.92
C ALA R 413 99.90 1.12 36.28
N ARG R 414 100.21 1.23 37.58
CA ARG R 414 101.60 1.24 38.00
C ARG R 414 102.29 -0.07 37.64
N ARG R 415 101.61 -1.20 37.87
CA ARG R 415 102.20 -2.48 37.48
C ARG R 415 102.47 -2.54 35.98
N ALA R 416 101.50 -2.07 35.17
CA ALA R 416 101.65 -2.15 33.73
C ALA R 416 102.74 -1.24 33.21
N MET R 417 103.03 -0.14 33.91
CA MET R 417 104.18 0.66 33.54
C MET R 417 105.48 -0.03 33.91
N TYR R 418 105.58 -0.48 35.16
CA TYR R 418 106.81 -1.09 35.65
C TYR R 418 107.22 -2.30 34.82
N ASP R 419 106.27 -3.11 34.36
CA ASP R 419 106.65 -4.35 33.70
C ASP R 419 107.47 -4.13 32.44
N THR R 420 107.39 -2.96 31.81
CA THR R 420 108.21 -2.67 30.64
C THR R 420 109.12 -1.47 30.81
N THR R 421 108.99 -0.70 31.88
CA THR R 421 109.91 0.40 32.15
C THR R 421 110.53 0.21 33.53
N SER R 422 111.85 0.30 33.58
CA SER R 422 112.58 0.04 34.81
C SER R 422 112.21 1.07 35.88
N TYR R 423 112.48 0.72 37.14
CA TYR R 423 112.28 1.67 38.21
C TYR R 423 113.33 2.76 38.24
N GLU R 424 114.56 2.47 37.83
CA GLU R 424 115.53 3.54 37.60
C GLU R 424 114.97 4.57 36.64
N ALA R 425 114.55 4.14 35.46
CA ALA R 425 113.93 5.05 34.50
C ALA R 425 112.69 5.73 35.05
N VAL R 426 111.89 5.05 35.88
CA VAL R 426 110.65 5.65 36.36
C VAL R 426 110.94 6.73 37.38
N LEU R 427 111.90 6.51 38.26
CA LEU R 427 112.33 7.55 39.18
C LEU R 427 112.98 8.70 38.43
N GLN R 428 113.70 8.42 37.35
CA GLN R 428 114.12 9.50 36.47
C GLN R 428 112.92 10.22 35.87
N GLY R 429 111.83 9.48 35.62
CA GLY R 429 110.69 10.04 34.92
C GLY R 429 109.86 10.99 35.75
N ILE R 430 109.60 10.66 37.02
CA ILE R 430 108.83 11.57 37.86
C ILE R 430 109.55 12.90 38.01
N VAL R 431 110.86 12.83 38.30
CA VAL R 431 111.65 14.04 38.45
C VAL R 431 111.84 14.82 37.15
N ASP R 432 112.07 14.15 36.02
CA ASP R 432 112.17 14.87 34.76
C ASP R 432 110.83 15.43 34.32
N ALA R 433 109.72 14.84 34.79
CA ALA R 433 108.39 15.34 34.50
C ALA R 433 108.04 16.55 35.34
N VAL R 434 108.59 16.65 36.54
CA VAL R 434 108.52 17.90 37.30
C VAL R 434 109.48 18.90 36.67
N ALA R 435 110.58 18.39 36.10
CA ALA R 435 111.62 19.26 35.59
C ALA R 435 111.17 20.05 34.37
N LYS R 436 110.90 19.35 33.26
CA LYS R 436 110.62 20.09 32.03
C LYS R 436 109.41 20.98 32.22
N GLY R 437 108.24 20.39 32.40
CA GLY R 437 107.09 21.06 33.00
C GLY R 437 106.87 22.51 32.63
N GLN R 438 106.38 23.28 33.60
CA GLN R 438 106.19 24.72 33.52
C GLN R 438 105.62 25.20 34.85
N LEU R 439 105.95 26.43 35.22
CA LEU R 439 105.57 26.99 36.51
C LEU R 439 104.83 28.30 36.31
N ASP R 440 103.53 28.23 36.06
CA ASP R 440 102.72 29.43 35.88
C ASP R 440 102.34 29.99 37.24
N MET R 441 102.73 31.25 37.49
CA MET R 441 102.50 31.85 38.79
C MET R 441 101.03 31.89 39.15
N LYS R 442 100.14 32.08 38.19
CA LYS R 442 98.73 32.24 38.44
C LYS R 442 98.12 30.91 38.87
N ALA R 443 97.15 30.97 39.80
CA ALA R 443 96.32 29.83 40.16
C ALA R 443 97.14 28.69 40.77
N ALA R 444 98.29 29.03 41.34
CA ALA R 444 99.29 28.03 41.74
C ALA R 444 99.52 27.03 40.60
N GLY R 445 99.78 27.58 39.41
CA GLY R 445 99.82 26.77 38.21
C GLY R 445 101.10 26.00 38.07
N PHE R 446 101.01 24.68 38.11
CA PHE R 446 102.11 23.80 37.74
C PHE R 446 101.64 22.97 36.54
N LYS R 447 102.32 23.13 35.42
CA LYS R 447 102.05 22.28 34.26
C LYS R 447 103.15 21.24 34.15
N PRO R 448 102.98 20.05 34.70
CA PRO R 448 104.00 19.00 34.50
C PRO R 448 104.15 18.70 33.02
N HIS R 449 105.32 18.25 32.60
CA HIS R 449 105.50 18.00 31.17
C HIS R 449 104.66 16.82 30.70
N MET R 450 104.28 15.93 31.61
CA MET R 450 103.47 14.75 31.29
C MET R 450 104.20 13.86 30.28
N ASN R 451 105.33 13.34 30.72
CA ASN R 451 106.08 12.33 29.97
C ASN R 451 105.27 11.04 29.91
N ASP R 452 105.74 10.09 29.09
CA ASP R 452 105.20 8.74 29.14
C ASP R 452 105.12 8.24 30.57
N ILE R 453 106.20 8.39 31.32
CA ILE R 453 106.21 7.88 32.69
C ILE R 453 105.26 8.67 33.56
N TRP R 454 105.26 10.00 33.48
CA TRP R 454 104.33 10.80 34.27
C TRP R 454 102.90 10.36 34.04
N CYS R 455 102.53 10.14 32.78
CA CYS R 455 101.16 9.74 32.49
C CYS R 455 100.85 8.34 33.01
N GLN R 456 101.79 7.42 32.89
CA GLN R 456 101.57 6.10 33.43
C GLN R 456 101.47 6.12 34.95
N LEU R 457 102.05 7.14 35.59
CA LEU R 457 101.91 7.28 37.03
C LEU R 457 100.60 7.97 37.40
N ASN R 458 100.08 8.79 36.48
CA ASN R 458 98.87 9.58 36.70
C ASN R 458 97.69 9.05 35.89
N TYR R 459 97.66 7.76 35.57
CA TYR R 459 96.62 7.27 34.68
C TYR R 459 95.26 7.23 35.36
N ALA R 460 95.19 6.77 36.61
CA ALA R 460 93.91 6.53 37.27
C ALA R 460 93.06 7.78 37.38
N LYS R 461 93.64 8.93 37.06
CA LYS R 461 92.87 10.17 37.08
C LYS R 461 92.54 10.60 35.66
N PHE R 462 93.55 10.65 34.79
CA PHE R 462 93.42 11.18 33.45
C PHE R 462 93.16 10.11 32.40
N GLY R 463 92.77 8.91 32.80
CA GLY R 463 92.51 7.90 31.80
C GLY R 463 91.34 6.97 32.08
N ALA R 464 90.75 7.09 33.26
CA ALA R 464 89.84 6.08 33.76
C ALA R 464 88.43 6.61 33.88
N SER R 465 87.50 5.68 34.05
CA SER R 465 86.07 5.96 34.15
C SER R 465 85.75 6.64 35.46
N THR R 466 86.20 7.89 35.60
CA THR R 466 86.12 8.62 36.86
C THR R 466 85.41 9.96 36.73
N VAL R 467 85.35 10.51 35.52
CA VAL R 467 84.98 11.91 35.31
C VAL R 467 83.47 12.04 35.33
N THR R 468 82.99 13.08 36.01
CA THR R 468 81.57 13.36 36.10
C THR R 468 81.31 14.73 35.47
N GLN R 469 80.41 14.75 34.48
CA GLN R 469 80.00 15.98 33.83
C GLN R 469 78.73 16.46 34.47
N HIS R 470 78.80 17.58 35.18
CA HIS R 470 77.68 18.12 35.95
C HIS R 470 77.05 19.27 35.17
N THR R 471 76.21 18.95 34.19
CA THR R 471 75.57 19.90 33.30
C THR R 471 74.09 20.03 33.69
N THR R 472 73.45 21.10 33.23
CA THR R 472 72.07 21.40 33.61
C THR R 472 71.11 20.31 33.15
N THR R 473 71.45 19.58 32.07
CA THR R 473 70.67 18.40 31.73
C THR R 473 70.73 17.38 32.86
N ALA R 474 71.93 16.90 33.17
CA ALA R 474 72.10 15.98 34.28
C ALA R 474 73.58 15.79 34.58
N ARG R 475 73.87 15.61 35.85
CA ARG R 475 75.21 15.22 36.29
C ARG R 475 75.38 13.73 35.99
N ARG R 476 76.23 13.43 35.04
CA ARG R 476 76.45 12.08 34.54
C ARG R 476 77.86 11.63 34.89
N GLN R 477 77.97 10.51 35.59
CA GLN R 477 79.27 9.91 35.83
C GLN R 477 79.65 9.16 34.58
N LEU R 478 80.41 9.81 33.71
CA LEU R 478 80.81 9.19 32.47
C LEU R 478 81.78 8.06 32.80
N ASN R 479 81.21 6.97 33.30
CA ASN R 479 81.97 5.73 33.34
C ASN R 479 82.20 5.24 31.92
N TYR R 480 82.74 4.04 31.80
CA TYR R 480 83.11 3.49 30.51
C TYR R 480 84.11 4.36 29.77
N PHE R 481 84.60 5.42 30.40
CA PHE R 481 85.61 6.27 29.79
C PHE R 481 86.95 5.56 29.81
N HIS R 482 87.68 5.64 28.72
CA HIS R 482 88.90 4.87 28.60
C HIS R 482 89.86 5.57 27.65
N ALA R 483 90.97 6.04 28.19
CA ALA R 483 92.03 6.64 27.39
C ALA R 483 92.99 5.52 27.01
N GLY R 484 92.86 5.02 25.79
CA GLY R 484 93.63 3.87 25.38
C GLY R 484 95.11 4.06 25.24
N LEU R 485 95.58 5.30 25.23
CA LEU R 485 96.99 5.57 25.00
C LEU R 485 97.45 6.75 25.85
N LEU R 486 98.73 6.71 26.20
CA LEU R 486 99.41 7.82 26.86
C LEU R 486 99.29 9.13 26.08
N LYS R 487 99.10 9.05 24.76
CA LYS R 487 98.77 10.27 24.02
C LYS R 487 97.42 10.85 24.45
N GLU R 488 96.38 10.03 24.52
CA GLU R 488 95.09 10.48 25.05
C GLU R 488 95.23 11.00 26.47
N VAL R 489 96.03 10.32 27.29
CA VAL R 489 96.26 10.78 28.66
C VAL R 489 96.86 12.17 28.67
N ALA R 490 97.91 12.40 27.89
CA ALA R 490 98.56 13.69 27.82
C ALA R 490 97.63 14.77 27.31
N ALA R 491 96.82 14.48 26.29
CA ALA R 491 95.89 15.47 25.78
C ALA R 491 94.86 15.89 26.82
N THR R 492 94.20 14.92 27.47
CA THR R 492 93.19 15.29 28.45
C THR R 492 93.83 15.98 29.65
N ALA R 493 95.02 15.56 30.05
CA ALA R 493 95.64 16.20 31.20
C ALA R 493 96.10 17.63 30.90
N ALA R 494 96.68 17.85 29.72
CA ALA R 494 97.06 19.20 29.33
C ALA R 494 95.85 20.10 29.18
N LEU R 495 94.71 19.57 28.73
CA LEU R 495 93.54 20.42 28.67
C LEU R 495 92.95 20.67 30.04
N TYR R 496 92.99 19.68 30.94
CA TYR R 496 92.54 19.91 32.30
C TYR R 496 93.35 21.01 32.98
N TYR R 497 94.68 20.85 33.01
CA TYR R 497 95.50 21.86 33.68
C TYR R 497 95.25 23.26 33.15
N ALA R 498 94.90 23.38 31.87
CA ALA R 498 94.93 24.67 31.20
C ALA R 498 93.56 25.32 31.07
N THR R 499 92.48 24.57 31.30
CA THR R 499 91.14 25.17 31.26
C THR R 499 90.68 25.62 32.64
N LYS R 500 91.53 25.44 33.64
CA LYS R 500 91.25 25.76 35.03
C LYS R 500 90.93 27.24 35.23
N PRO R 501 90.45 27.64 36.41
CA PRO R 501 90.39 29.06 36.75
C PRO R 501 91.76 29.73 36.72
N LEU R 502 91.87 30.82 35.98
CA LEU R 502 93.11 31.59 35.86
C LEU R 502 94.25 30.71 35.37
N SER R 503 94.15 30.26 34.13
CA SER R 503 95.29 29.61 33.51
C SER R 503 96.00 30.59 32.59
N SER R 504 97.28 30.30 32.34
CA SER R 504 98.11 31.15 31.48
C SER R 504 97.75 31.02 30.01
N SER R 505 97.14 29.92 29.60
CA SER R 505 96.69 29.73 28.23
C SER R 505 95.23 30.13 28.03
N LEU R 506 94.61 30.74 29.02
CA LEU R 506 93.26 31.27 28.90
C LEU R 506 93.26 32.78 28.98
N ASP R 507 92.24 33.39 28.38
CA ASP R 507 92.00 34.82 28.47
C ASP R 507 90.70 35.06 29.22
N TYR R 508 90.64 36.20 29.91
CA TYR R 508 89.43 36.58 30.63
C TYR R 508 89.04 38.03 30.35
N ALA R 509 89.45 38.58 29.21
CA ALA R 509 89.17 39.99 28.90
C ALA R 509 87.73 40.23 28.48
N SER R 510 87.18 39.36 27.64
CA SER R 510 85.82 39.52 27.14
C SER R 510 85.26 38.13 26.87
N PRO R 511 83.94 37.98 26.84
CA PRO R 511 83.37 36.68 26.45
C PRO R 511 83.85 36.17 25.11
N TYR R 512 84.45 37.02 24.27
CA TYR R 512 84.94 36.57 22.98
C TYR R 512 86.39 36.11 23.06
N LYS R 513 87.24 36.86 23.76
CA LYS R 513 88.61 36.42 23.91
C LYS R 513 88.70 35.19 24.80
N PHE R 514 87.94 35.17 25.90
CA PHE R 514 87.83 33.97 26.71
C PHE R 514 87.46 32.76 25.86
N ARG R 515 86.49 32.95 24.97
CA ARG R 515 86.09 31.87 24.07
C ARG R 515 87.22 31.45 23.15
N ARG R 516 87.95 32.40 22.55
CA ARG R 516 88.99 31.98 21.62
C ARG R 516 90.13 31.27 22.32
N SER R 517 90.43 31.63 23.58
CA SER R 517 91.39 30.85 24.34
C SER R 517 90.86 29.45 24.64
N LEU R 518 89.59 29.36 25.04
CA LEU R 518 88.97 28.06 25.28
C LEU R 518 88.98 27.18 24.04
N VAL R 519 88.72 27.75 22.87
CA VAL R 519 88.62 26.91 21.67
C VAL R 519 89.99 26.68 21.05
N GLY R 520 91.00 27.50 21.32
CA GLY R 520 92.36 27.09 21.03
C GLY R 520 92.76 25.87 21.85
N LEU R 521 92.46 25.89 23.15
CA LEU R 521 92.71 24.71 23.97
C LEU R 521 91.97 23.50 23.45
N PHE R 522 90.70 23.65 23.07
CA PHE R 522 89.92 22.52 22.57
C PHE R 522 90.39 22.06 21.19
N SER R 523 90.92 22.97 20.37
CA SER R 523 91.56 22.56 19.13
C SER R 523 92.78 21.69 19.36
N THR R 524 93.65 22.11 20.27
CA THR R 524 94.77 21.25 20.67
C THR R 524 94.27 19.90 21.19
N TYR R 525 93.25 19.91 22.06
CA TYR R 525 92.70 18.67 22.56
C TYR R 525 92.21 17.76 21.43
N GLY R 526 91.50 18.33 20.46
CA GLY R 526 90.94 17.52 19.40
C GLY R 526 91.98 16.90 18.51
N VAL R 527 92.99 17.68 18.14
CA VAL R 527 94.02 17.10 17.28
C VAL R 527 94.81 16.04 18.03
N GLU R 528 95.07 16.28 19.31
CA GLU R 528 95.84 15.32 20.08
C GLU R 528 95.01 14.12 20.53
N MET R 529 93.68 14.17 20.38
CA MET R 529 92.84 12.99 20.54
C MET R 529 92.73 12.18 19.26
N VAL R 530 92.55 12.84 18.11
CA VAL R 530 92.47 12.10 16.86
C VAL R 530 93.79 11.42 16.52
N TYR R 531 94.93 12.02 16.88
CA TYR R 531 96.18 11.30 16.67
C TYR R 531 96.19 9.97 17.43
N ALA R 532 95.69 9.98 18.65
CA ALA R 532 95.70 8.78 19.49
C ALA R 532 94.62 7.79 19.10
N VAL R 533 93.52 8.24 18.50
CA VAL R 533 92.57 7.28 17.95
C VAL R 533 93.13 6.67 16.67
N GLN R 534 93.87 7.46 15.90
CA GLN R 534 94.41 6.96 14.65
C GLN R 534 95.61 6.05 14.86
N ARG R 535 96.34 6.21 15.97
CA ARG R 535 97.57 5.44 16.13
C ARG R 535 97.38 3.94 16.14
N PRO R 536 96.47 3.36 16.93
CA PRO R 536 96.45 1.88 17.04
C PRO R 536 96.34 1.17 15.70
N LEU R 537 95.56 1.67 14.74
CA LEU R 537 95.48 1.02 13.44
C LEU R 537 96.51 1.54 12.46
N LEU R 538 96.87 2.82 12.54
CA LEU R 538 97.82 3.39 11.59
C LEU R 538 99.25 2.98 11.85
N PHE R 539 99.63 2.77 13.11
CA PHE R 539 100.94 2.22 13.43
C PHE R 539 101.09 0.82 12.85
N SER R 540 100.04 0.01 12.95
CA SER R 540 100.08 -1.32 12.36
C SER R 540 100.08 -1.29 10.85
N ALA R 541 99.27 -0.43 10.24
CA ALA R 541 99.35 -0.25 8.80
C ALA R 541 100.74 0.17 8.36
N ALA R 542 101.42 1.01 9.14
CA ALA R 542 102.79 1.38 8.84
C ALA R 542 103.74 0.21 8.97
N ASN R 543 103.62 -0.59 10.02
CA ASN R 543 104.40 -1.82 10.10
C ASN R 543 104.21 -2.66 8.84
N LEU R 544 102.96 -2.79 8.38
CA LEU R 544 102.67 -3.59 7.20
C LEU R 544 103.29 -3.02 5.94
N ALA R 545 103.06 -1.73 5.68
CA ALA R 545 103.58 -1.11 4.47
C ALA R 545 105.10 -1.08 4.51
N LYS R 546 105.69 -1.24 5.70
CA LYS R 546 107.13 -1.41 5.77
C LYS R 546 107.54 -2.84 5.45
N ALA R 547 106.85 -3.82 6.03
CA ALA R 547 107.28 -5.22 5.89
C ALA R 547 107.01 -5.76 4.49
N GLU R 548 105.94 -5.31 3.85
CA GLU R 548 105.70 -5.67 2.45
C GLU R 548 106.85 -5.21 1.58
N ASP R 549 107.30 -3.97 1.78
CA ASP R 549 108.46 -3.48 1.07
C ASP R 549 109.72 -4.24 1.42
N LEU R 550 109.90 -4.62 2.67
CA LEU R 550 111.09 -5.41 2.98
C LEU R 550 111.08 -6.73 2.24
N ILE R 551 109.92 -7.38 2.17
CA ILE R 551 109.85 -8.65 1.46
C ILE R 551 110.10 -8.45 -0.03
N ARG R 552 109.58 -7.35 -0.58
CA ARG R 552 109.88 -7.07 -1.98
C ARG R 552 111.36 -6.88 -2.19
N GLY R 553 112.04 -6.18 -1.28
CA GLY R 553 113.48 -6.04 -1.37
C GLY R 553 114.21 -7.37 -1.31
N VAL R 554 113.79 -8.25 -0.41
CA VAL R 554 114.42 -9.57 -0.32
C VAL R 554 114.26 -10.31 -1.63
N VAL R 555 113.01 -10.48 -2.07
CA VAL R 555 112.75 -11.35 -3.22
C VAL R 555 113.31 -10.75 -4.49
N LYS R 556 113.31 -9.42 -4.61
CA LYS R 556 113.82 -8.81 -5.82
C LYS R 556 115.31 -9.03 -5.99
N ASN R 557 116.05 -9.15 -4.89
CA ASN R 557 117.48 -9.47 -4.97
C ASN R 557 117.73 -10.95 -5.13
N VAL R 558 116.92 -11.81 -4.50
CA VAL R 558 117.20 -13.23 -4.60
C VAL R 558 116.66 -13.81 -5.91
N ALA R 559 115.84 -13.06 -6.64
CA ALA R 559 115.43 -13.46 -7.97
C ALA R 559 116.53 -13.28 -9.00
N ARG R 560 117.53 -12.43 -8.68
CA ARG R 560 118.57 -12.09 -9.65
C ARG R 560 119.41 -13.29 -10.05
N PRO R 561 120.08 -14.00 -9.14
CA PRO R 561 121.04 -15.03 -9.57
C PRO R 561 120.46 -16.11 -10.47
N PHE R 562 119.19 -16.48 -10.30
CA PHE R 562 118.58 -17.39 -11.26
C PHE R 562 118.55 -16.77 -12.66
N GLY R 563 118.30 -15.47 -12.74
CA GLY R 563 118.33 -14.79 -14.01
C GLY R 563 119.73 -14.82 -14.56
N GLU R 564 120.71 -14.64 -13.68
CA GLU R 564 122.09 -14.65 -14.13
C GLU R 564 122.46 -16.01 -14.73
N ARG R 565 122.05 -17.07 -14.07
CA ARG R 565 122.35 -18.41 -14.56
C ARG R 565 121.61 -18.71 -15.87
N ARG R 566 120.33 -18.33 -15.96
CA ARG R 566 119.61 -18.54 -17.22
C ARG R 566 120.25 -17.78 -18.36
N ARG R 567 120.69 -16.56 -18.09
CA ARG R 567 121.34 -15.77 -19.11
C ARG R 567 122.61 -16.44 -19.63
N ALA R 568 123.55 -16.76 -18.74
CA ALA R 568 124.76 -17.43 -19.21
C ALA R 568 124.45 -18.76 -19.87
N LYS R 569 123.43 -19.47 -19.39
CA LYS R 569 123.08 -20.77 -19.95
C LYS R 569 122.54 -20.64 -21.36
N LEU R 570 121.58 -19.75 -21.58
CA LEU R 570 120.99 -19.53 -22.89
C LEU R 570 121.91 -18.78 -23.81
N LYS R 571 123.04 -18.29 -23.30
CA LYS R 571 124.13 -17.84 -24.16
C LYS R 571 125.03 -19.00 -24.60
N GLN R 572 125.36 -19.89 -23.66
CA GLN R 572 126.01 -21.13 -24.06
C GLN R 572 125.20 -21.85 -25.12
N LEU R 573 123.89 -21.88 -24.95
CA LEU R 573 123.05 -22.65 -25.85
C LEU R 573 122.99 -22.01 -27.22
N ARG R 574 123.22 -20.69 -27.31
CA ARG R 574 123.38 -20.01 -28.58
C ARG R 574 124.75 -20.25 -29.20
N ALA R 575 125.79 -20.39 -28.37
CA ALA R 575 127.06 -20.88 -28.88
C ALA R 575 126.94 -22.30 -29.40
N ASN R 576 125.93 -23.03 -28.94
CA ASN R 576 125.68 -24.38 -29.43
C ASN R 576 124.99 -24.39 -30.78
N HIS R 577 123.99 -23.54 -31.00
CA HIS R 577 123.24 -23.62 -32.24
C HIS R 577 124.01 -23.05 -33.43
N ARG R 578 124.84 -22.03 -33.20
CA ARG R 578 125.52 -21.38 -34.33
C ARG R 578 126.40 -22.33 -35.12
N ARG R 579 126.58 -23.56 -34.64
CA ARG R 579 127.34 -24.55 -35.38
C ARG R 579 126.45 -25.51 -36.15
N LEU R 580 125.17 -25.19 -36.33
CA LEU R 580 124.33 -26.02 -37.17
C LEU R 580 123.67 -25.28 -38.32
N ALA R 581 123.16 -24.07 -38.10
CA ALA R 581 122.44 -23.39 -39.17
C ALA R 581 123.31 -22.30 -39.80
N THR R 582 122.90 -21.86 -41.00
CA THR R 582 123.64 -20.84 -41.74
C THR R 582 123.23 -19.45 -41.26
N PRO R 583 124.16 -18.71 -40.69
CA PRO R 583 123.80 -17.45 -40.01
C PRO R 583 123.75 -16.29 -41.00
N VAL R 584 123.49 -15.11 -40.44
CA VAL R 584 123.52 -13.87 -41.20
C VAL R 584 124.88 -13.22 -40.98
N GLN R 585 125.81 -13.44 -41.91
CA GLN R 585 127.13 -12.84 -41.75
C GLN R 585 127.06 -11.35 -42.04
N GLY R 586 126.24 -10.95 -43.00
CA GLY R 586 126.12 -9.55 -43.30
C GLY R 586 124.77 -8.99 -42.94
N VAL R 587 124.74 -8.19 -41.87
CA VAL R 587 123.61 -7.33 -41.55
C VAL R 587 124.04 -5.89 -41.83
N VAL R 588 123.28 -5.22 -42.70
CA VAL R 588 123.70 -3.97 -43.31
C VAL R 588 122.58 -2.94 -43.17
N VAL R 589 122.87 -1.83 -42.52
CA VAL R 589 121.93 -0.71 -42.44
C VAL R 589 122.25 0.24 -43.58
N SER R 590 121.22 0.74 -44.24
CA SER R 590 121.38 1.73 -45.29
C SER R 590 120.35 2.83 -45.08
N ALA R 591 120.58 3.97 -45.71
CA ALA R 591 119.55 4.99 -45.75
C ALA R 591 118.52 4.64 -46.83
N VAL R 592 117.29 5.09 -46.58
CA VAL R 592 116.17 4.77 -47.45
C VAL R 592 116.40 5.41 -48.81
N VAL R 593 116.32 4.61 -49.87
CA VAL R 593 116.40 5.14 -51.22
C VAL R 593 115.22 6.08 -51.45
N SER R 594 115.41 7.07 -52.30
CA SER R 594 114.31 7.97 -52.63
C SER R 594 113.19 7.15 -53.29
N ASP R 595 112.14 6.86 -52.52
CA ASP R 595 111.06 6.01 -53.02
C ASP R 595 110.33 6.62 -54.20
N LEU R 596 110.63 7.87 -54.52
CA LEU R 596 110.07 8.54 -55.69
C LEU R 596 110.94 8.28 -56.92
N LEU R 597 110.50 8.82 -58.04
CA LEU R 597 111.19 8.71 -59.31
C LEU R 597 111.44 10.09 -59.90
N GLU R 598 112.14 10.10 -61.02
CA GLU R 598 112.30 11.31 -61.81
C GLU R 598 111.34 11.25 -63.00
N SER R 599 111.09 12.41 -63.61
CA SER R 599 110.09 12.53 -64.68
C SER R 599 110.29 11.51 -65.79
N GLY R 600 111.49 10.97 -65.96
CA GLY R 600 111.74 9.97 -66.97
C GLY R 600 112.31 8.69 -66.41
N ALA R 601 112.25 8.51 -65.08
CA ALA R 601 112.72 7.28 -64.47
C ALA R 601 111.62 6.22 -64.61
N ASP R 602 111.74 5.40 -65.63
CA ASP R 602 110.77 4.39 -65.99
C ASP R 602 110.77 3.29 -64.93
N VAL R 603 109.91 2.29 -65.12
CA VAL R 603 109.94 1.14 -64.23
C VAL R 603 111.14 0.25 -64.50
N SER R 604 111.77 0.39 -65.66
CA SER R 604 112.92 -0.42 -66.02
C SER R 604 114.15 0.03 -65.23
N GLU R 605 114.56 -0.80 -64.28
CA GLU R 605 115.86 -0.69 -63.62
C GLU R 605 116.02 0.64 -62.88
N ALA R 606 115.08 0.88 -61.98
CA ALA R 606 115.22 1.95 -61.01
C ALA R 606 115.94 1.49 -59.76
N LYS R 607 116.43 0.26 -59.75
CA LYS R 607 117.21 -0.30 -58.65
C LYS R 607 118.69 -0.42 -59.01
N LYS R 608 119.23 0.54 -59.75
CA LYS R 608 120.60 0.45 -60.23
C LYS R 608 121.59 0.38 -59.08
N ALA R 609 122.79 -0.12 -59.37
CA ALA R 609 123.77 -0.50 -58.35
C ALA R 609 124.65 0.66 -57.89
N GLU R 610 124.25 1.91 -58.10
CA GLU R 610 125.13 3.01 -57.70
C GLU R 610 124.65 3.71 -56.43
N LYS R 611 123.34 3.93 -56.28
CA LYS R 611 122.80 4.68 -55.17
C LYS R 611 122.45 3.80 -53.97
N MET R 612 123.18 2.70 -53.77
CA MET R 612 122.73 1.62 -52.90
C MET R 612 123.18 1.75 -51.45
N GLN R 613 124.17 2.58 -51.15
CA GLN R 613 124.56 2.87 -49.77
C GLN R 613 124.91 1.58 -49.01
N GLU R 614 126.04 0.99 -49.40
CA GLU R 614 126.40 -0.35 -48.95
C GLU R 614 126.40 -0.50 -47.42
N SER R 615 126.49 0.58 -46.66
CA SER R 615 126.47 0.56 -45.20
C SER R 615 125.99 1.92 -44.69
N VAL R 616 126.21 2.22 -43.41
CA VAL R 616 125.91 3.53 -42.86
C VAL R 616 126.96 3.91 -41.84
N THR R 617 126.86 5.13 -41.34
CA THR R 617 127.73 5.61 -40.28
C THR R 617 126.98 6.02 -39.02
N PHE R 618 125.69 6.30 -39.10
CA PHE R 618 124.95 6.83 -37.96
C PHE R 618 123.45 6.67 -38.18
N TRP R 619 122.68 7.00 -37.16
CA TRP R 619 121.22 6.96 -37.22
C TRP R 619 120.66 7.84 -36.12
N PRO R 620 120.35 9.10 -36.39
CA PRO R 620 119.78 9.96 -35.36
C PRO R 620 118.45 9.42 -34.83
N LEU R 621 118.11 9.86 -33.62
CA LEU R 621 117.02 9.26 -32.85
C LEU R 621 115.73 9.19 -33.67
N GLY R 622 115.35 10.28 -34.34
CA GLY R 622 114.10 10.30 -35.05
C GLY R 622 114.26 10.07 -36.54
N ALA R 623 115.15 9.16 -36.91
CA ALA R 623 115.42 8.88 -38.30
C ALA R 623 114.91 7.50 -38.72
N ARG R 624 114.72 7.35 -40.01
CA ARG R 624 114.33 6.11 -40.65
C ARG R 624 115.47 5.58 -41.51
N ARG R 625 115.74 4.28 -41.42
CA ARG R 625 116.75 3.63 -42.25
C ARG R 625 116.23 2.24 -42.59
N VAL R 626 116.72 1.69 -43.69
CA VAL R 626 116.28 0.37 -44.15
C VAL R 626 117.40 -0.61 -43.81
N VAL R 627 117.04 -1.68 -43.12
CA VAL R 627 118.01 -2.68 -42.69
C VAL R 627 117.83 -3.93 -43.55
N SER R 628 118.95 -4.55 -43.93
CA SER R 628 118.96 -5.78 -44.71
C SER R 628 119.91 -6.80 -44.08
N TYR R 629 119.86 -8.02 -44.61
CA TYR R 629 120.51 -9.17 -43.99
C TYR R 629 120.91 -10.18 -45.06
N ASP R 630 121.82 -11.07 -44.66
CA ASP R 630 122.32 -12.20 -45.45
C ASP R 630 121.58 -13.44 -44.93
N TRP R 631 120.77 -14.08 -45.76
CA TRP R 631 120.02 -15.25 -45.32
C TRP R 631 119.83 -16.23 -46.47
N PRO R 632 120.80 -17.13 -46.71
CA PRO R 632 120.65 -18.17 -47.74
C PRO R 632 119.76 -19.31 -47.26
N THR R 633 118.69 -18.97 -46.57
CA THR R 633 117.85 -19.94 -45.89
C THR R 633 116.98 -20.69 -46.89
N PRO R 634 116.78 -22.00 -46.67
CA PRO R 634 115.94 -22.78 -47.60
C PRO R 634 114.58 -22.16 -47.85
N HIS R 635 113.96 -21.53 -46.87
CA HIS R 635 112.71 -20.85 -47.09
C HIS R 635 112.90 -19.54 -47.84
N PHE R 636 114.02 -18.85 -47.63
CA PHE R 636 114.34 -17.72 -48.48
C PHE R 636 114.41 -18.11 -49.95
N ASP R 637 114.93 -19.31 -50.24
CA ASP R 637 114.97 -19.76 -51.63
C ASP R 637 113.60 -20.19 -52.13
N ALA R 638 112.77 -20.78 -51.27
CA ALA R 638 111.40 -21.08 -51.65
C ALA R 638 110.61 -19.80 -51.92
N LEU R 639 111.05 -18.70 -51.32
CA LEU R 639 110.55 -17.39 -51.70
C LEU R 639 111.12 -16.94 -53.04
N LYS R 640 112.44 -17.12 -53.22
CA LYS R 640 113.10 -16.45 -54.35
C LYS R 640 112.78 -17.12 -55.67
N ARG R 641 112.80 -18.45 -55.71
CA ARG R 641 112.47 -19.11 -56.95
C ARG R 641 111.05 -18.78 -57.42
N ARG R 642 110.12 -18.65 -56.48
CA ARG R 642 108.76 -18.28 -56.85
C ARG R 642 108.64 -16.80 -57.18
N VAL R 643 109.55 -15.96 -56.67
CA VAL R 643 109.45 -14.54 -57.01
C VAL R 643 110.08 -14.27 -58.37
N ALA R 644 111.04 -15.09 -58.78
CA ALA R 644 111.73 -14.90 -60.05
C ALA R 644 111.19 -15.83 -61.14
N ALA R 645 110.29 -16.76 -60.81
CA ALA R 645 109.67 -17.60 -61.82
C ALA R 645 108.70 -16.86 -62.71
N ALA R 646 107.74 -16.14 -62.12
CA ALA R 646 106.78 -15.33 -62.84
C ALA R 646 106.79 -13.91 -62.29
N GLY R 647 106.57 -12.96 -63.19
CA GLY R 647 106.63 -11.55 -62.84
C GLY R 647 105.29 -10.85 -62.79
N SER R 648 105.02 -10.05 -63.83
CA SER R 648 103.79 -9.27 -63.92
C SER R 648 102.54 -10.14 -63.96
N ALA R 649 102.68 -11.43 -64.20
CA ALA R 649 101.55 -12.37 -64.20
C ALA R 649 101.47 -12.97 -62.81
N VAL R 650 100.88 -12.22 -61.88
CA VAL R 650 100.68 -12.67 -60.52
C VAL R 650 99.33 -13.38 -60.47
N THR R 651 99.34 -14.58 -59.90
CA THR R 651 98.15 -15.42 -59.82
C THR R 651 97.80 -15.70 -58.37
N ALA R 652 96.54 -16.09 -58.17
CA ALA R 652 96.04 -16.38 -56.84
C ALA R 652 96.85 -17.48 -56.17
N GLN R 653 97.13 -18.56 -56.89
CA GLN R 653 97.92 -19.65 -56.29
C GLN R 653 99.32 -19.20 -55.97
N SER R 654 99.91 -18.34 -56.80
CA SER R 654 101.22 -17.79 -56.48
C SER R 654 101.18 -17.01 -55.17
N THR R 655 100.15 -16.18 -54.98
CA THR R 655 100.08 -15.39 -53.76
C THR R 655 99.79 -16.25 -52.53
N LYS R 656 98.79 -17.15 -52.63
CA LYS R 656 98.48 -18.02 -51.51
C LYS R 656 99.66 -18.92 -51.16
N GLU R 657 100.51 -19.24 -52.14
CA GLU R 657 101.71 -20.01 -51.84
C GLU R 657 102.76 -19.14 -51.19
N ILE R 658 103.05 -17.99 -51.79
CA ILE R 658 104.16 -17.15 -51.35
C ILE R 658 103.92 -16.57 -49.96
N GLN R 659 102.68 -16.32 -49.57
CA GLN R 659 102.45 -15.89 -48.21
C GLN R 659 102.84 -16.96 -47.18
N GLU R 660 102.64 -18.24 -47.49
CA GLU R 660 103.04 -19.29 -46.56
C GLU R 660 104.55 -19.52 -46.58
N ILE R 661 105.21 -19.19 -47.69
CA ILE R 661 106.66 -19.17 -47.70
C ILE R 661 107.16 -18.07 -46.77
N LYS R 662 106.56 -16.89 -46.84
CA LYS R 662 107.01 -15.75 -46.03
C LYS R 662 106.56 -15.86 -44.57
N ARG R 663 106.11 -17.03 -44.15
CA ARG R 663 105.39 -17.18 -42.88
C ARG R 663 106.01 -18.22 -41.97
N ASN R 664 107.01 -18.95 -42.45
CA ASN R 664 107.67 -20.03 -41.71
C ASN R 664 108.99 -19.59 -41.08
N ALA R 665 109.43 -18.37 -41.31
CA ALA R 665 110.66 -17.88 -40.72
C ALA R 665 110.60 -16.37 -40.64
N PHE R 666 111.13 -15.83 -39.56
CA PHE R 666 111.08 -14.39 -39.35
C PHE R 666 112.45 -13.89 -38.90
N VAL R 667 112.67 -12.60 -39.12
CA VAL R 667 113.93 -11.93 -38.80
C VAL R 667 113.64 -10.89 -37.73
N GLU R 668 114.54 -10.76 -36.77
CA GLU R 668 114.35 -9.90 -35.62
C GLU R 668 115.49 -8.89 -35.55
N VAL R 669 115.20 -7.65 -35.91
CA VAL R 669 116.19 -6.58 -35.86
C VAL R 669 116.29 -6.11 -34.43
N SER R 670 117.52 -5.90 -33.95
CA SER R 670 117.75 -5.41 -32.61
C SER R 670 118.83 -4.34 -32.63
N LEU R 671 118.49 -3.15 -32.14
CA LEU R 671 119.43 -2.04 -32.09
C LEU R 671 119.93 -1.89 -30.67
N TRP R 672 121.16 -2.33 -30.42
CA TRP R 672 121.72 -2.34 -29.08
C TRP R 672 122.86 -1.33 -29.01
N ARG R 673 122.93 -0.60 -27.91
CA ARG R 673 123.99 0.37 -27.68
C ARG R 673 125.10 -0.27 -26.86
N ARG R 674 126.33 0.16 -27.11
CA ARG R 674 127.47 -0.32 -26.34
C ARG R 674 127.44 0.30 -24.94
N VAL R 675 128.27 -0.22 -24.06
CA VAL R 675 128.37 0.25 -22.69
C VAL R 675 129.79 0.00 -22.20
N THR R 676 130.43 1.02 -21.66
CA THR R 676 131.76 0.86 -21.11
C THR R 676 131.67 0.38 -19.66
N ALA R 677 132.76 -0.23 -19.19
CA ALA R 677 132.79 -0.77 -17.84
C ALA R 677 132.62 0.31 -16.78
N GLU R 678 132.72 1.59 -17.12
CA GLU R 678 132.49 2.62 -16.11
C GLU R 678 131.03 2.67 -15.68
N GLU R 679 130.12 2.24 -16.56
CA GLU R 679 128.72 2.12 -16.20
C GLU R 679 128.43 0.78 -15.53
N THR R 680 129.07 -0.30 -16.00
CA THR R 680 128.99 -1.60 -15.35
C THR R 680 129.51 -1.59 -13.93
N LYS R 681 130.52 -0.77 -13.63
CA LYS R 681 131.06 -0.70 -12.27
C LYS R 681 130.08 -0.03 -11.30
N GLN R 682 129.46 1.06 -11.73
CA GLN R 682 128.42 1.68 -10.89
C GLN R 682 127.20 0.80 -10.77
N ARG R 683 126.84 0.07 -11.83
CA ARG R 683 125.79 -0.94 -11.78
C ARG R 683 126.10 -2.05 -10.78
N ARG R 684 127.35 -2.53 -10.79
CA ARG R 684 127.84 -3.44 -9.76
C ARG R 684 127.66 -2.85 -8.37
N ASP R 685 128.04 -1.58 -8.20
CA ASP R 685 127.86 -0.90 -6.93
C ASP R 685 126.38 -0.75 -6.61
N ALA R 686 125.56 -0.49 -7.61
CA ALA R 686 124.12 -0.40 -7.37
C ALA R 686 123.56 -1.71 -6.84
N VAL R 687 123.82 -2.83 -7.52
CA VAL R 687 123.29 -4.10 -7.05
C VAL R 687 123.95 -4.54 -5.76
N GLU R 688 125.17 -4.08 -5.48
CA GLU R 688 125.85 -4.52 -4.27
C GLU R 688 125.40 -3.75 -3.04
N GLU R 689 125.07 -2.46 -3.18
CA GLU R 689 124.47 -1.78 -2.03
C GLU R 689 123.09 -2.32 -1.74
N GLU R 690 122.36 -2.78 -2.76
CA GLU R 690 121.11 -3.50 -2.55
C GLU R 690 121.35 -4.78 -1.78
N THR R 691 122.35 -5.58 -2.19
CA THR R 691 122.64 -6.82 -1.48
C THR R 691 123.08 -6.55 -0.05
N ARG R 692 123.87 -5.51 0.17
CA ARG R 692 124.27 -5.15 1.53
C ARG R 692 123.07 -4.72 2.36
N ARG R 693 122.17 -3.92 1.79
CA ARG R 693 120.94 -3.54 2.49
C ARG R 693 120.13 -4.77 2.85
N VAL R 694 119.87 -5.64 1.87
CA VAL R 694 119.04 -6.81 2.09
C VAL R 694 119.68 -7.75 3.09
N ALA R 695 120.99 -7.92 3.04
CA ALA R 695 121.66 -8.83 3.96
C ALA R 695 121.84 -8.23 5.34
N ASP R 696 121.75 -6.90 5.46
CA ASP R 696 121.69 -6.30 6.79
C ASP R 696 120.30 -6.46 7.40
N VAL R 697 119.25 -6.18 6.62
CA VAL R 697 117.92 -6.28 7.19
C VAL R 697 117.49 -7.73 7.35
N VAL R 698 118.03 -8.65 6.55
CA VAL R 698 117.79 -10.07 6.74
C VAL R 698 118.49 -10.57 8.00
N ARG R 699 119.72 -10.14 8.23
CA ARG R 699 120.38 -10.39 9.50
C ARG R 699 119.58 -9.83 10.67
N THR R 700 118.95 -8.68 10.50
CA THR R 700 118.19 -8.07 11.59
C THR R 700 116.88 -8.82 11.82
N ILE R 701 116.20 -9.22 10.76
CA ILE R 701 114.87 -9.84 10.86
C ILE R 701 114.97 -11.32 10.53
N PRO R 702 114.86 -12.20 11.52
CA PRO R 702 115.02 -13.64 11.25
C PRO R 702 113.93 -14.19 10.34
N PRO R 703 112.71 -13.64 10.34
CA PRO R 703 111.77 -13.99 9.26
C PRO R 703 112.37 -13.87 7.88
N LEU R 704 113.09 -12.79 7.60
CA LEU R 704 113.62 -12.53 6.27
C LEU R 704 114.62 -13.59 5.83
N ALA R 705 115.29 -14.27 6.75
CA ALA R 705 116.18 -15.36 6.35
C ALA R 705 115.42 -16.51 5.71
N GLN R 706 114.43 -17.07 6.41
CA GLN R 706 113.60 -18.10 5.81
C GLN R 706 112.89 -17.59 4.57
N VAL R 707 112.51 -16.30 4.53
CA VAL R 707 111.92 -15.76 3.31
C VAL R 707 112.90 -15.81 2.15
N GLN R 708 114.16 -15.43 2.37
CA GLN R 708 115.17 -15.53 1.32
C GLN R 708 115.32 -16.96 0.84
N GLN R 709 115.39 -17.91 1.78
CA GLN R 709 115.47 -19.32 1.42
C GLN R 709 114.26 -19.78 0.61
N TYR R 710 113.06 -19.42 1.03
CA TYR R 710 111.88 -19.89 0.30
C TYR R 710 111.77 -19.22 -1.05
N ALA R 711 112.16 -17.95 -1.16
CA ALA R 711 112.12 -17.31 -2.46
C ALA R 711 113.12 -17.93 -3.42
N THR R 712 114.33 -18.23 -2.96
CA THR R 712 115.29 -18.93 -3.82
C THR R 712 114.77 -20.31 -4.21
N SER R 713 114.26 -21.10 -3.25
CA SER R 713 113.80 -22.44 -3.58
C SER R 713 112.57 -22.41 -4.49
N LEU R 714 111.66 -21.45 -4.28
CA LEU R 714 110.53 -21.26 -5.17
C LEU R 714 110.97 -20.91 -6.58
N TYR R 715 111.89 -19.96 -6.72
CA TYR R 715 112.41 -19.63 -8.04
C TYR R 715 113.13 -20.80 -8.67
N GLN R 716 113.77 -21.64 -7.87
CA GLN R 716 114.42 -22.82 -8.44
C GLN R 716 113.40 -23.82 -8.94
N ARG R 717 112.25 -23.91 -8.26
CA ARG R 717 111.23 -24.81 -8.77
C ARG R 717 110.58 -24.24 -10.02
N ILE R 718 110.30 -22.94 -10.02
CA ILE R 718 109.50 -22.36 -11.09
C ILE R 718 110.29 -22.25 -12.38
N GLU R 719 111.62 -22.14 -12.29
CA GLU R 719 112.44 -21.84 -13.47
C GLU R 719 112.11 -22.76 -14.63
N ASP R 720 111.85 -22.15 -15.79
CA ASP R 720 111.54 -22.92 -16.97
C ASP R 720 112.81 -23.61 -17.45
N ALA R 721 112.86 -24.92 -17.26
CA ALA R 721 114.08 -25.69 -17.43
C ALA R 721 114.63 -25.53 -18.84
N ALA R 722 115.96 -25.46 -18.92
CA ALA R 722 116.68 -25.47 -20.20
C ALA R 722 117.82 -26.48 -20.16
N PRO R 723 117.50 -27.78 -19.96
CA PRO R 723 118.50 -28.82 -20.19
C PRO R 723 118.58 -29.11 -21.67
N PHE R 724 119.61 -28.60 -22.33
CA PHE R 724 119.73 -28.61 -23.77
C PHE R 724 120.89 -29.54 -24.12
N PRO R 725 121.15 -29.82 -25.39
CA PRO R 725 122.41 -30.49 -25.77
C PRO R 725 123.60 -29.54 -25.60
N ALA R 726 124.16 -29.53 -24.38
CA ALA R 726 125.15 -28.55 -23.96
C ALA R 726 126.28 -28.31 -24.98
N ALA R 727 126.89 -27.14 -24.91
CA ALA R 727 127.77 -26.65 -25.96
C ALA R 727 129.21 -26.76 -25.51
N THR R 728 130.10 -26.20 -26.34
CA THR R 728 131.55 -26.17 -26.11
C THR R 728 131.86 -25.07 -25.08
N ASP R 729 132.39 -25.50 -23.94
CA ASP R 729 132.72 -24.56 -22.88
C ASP R 729 133.77 -23.57 -23.37
N ASN R 730 133.65 -22.33 -22.93
CA ASN R 730 134.63 -21.31 -23.26
C ASN R 730 135.99 -21.72 -22.69
N ASN R 731 136.91 -22.12 -23.57
CA ASN R 731 138.24 -22.51 -23.13
C ASN R 731 138.99 -21.29 -22.63
N ALA R 732 139.70 -21.47 -21.51
CA ALA R 732 140.24 -20.34 -20.77
C ALA R 732 141.26 -19.55 -21.58
N LYS R 733 141.87 -20.16 -22.59
CA LYS R 733 142.94 -19.53 -23.35
C LYS R 733 142.46 -18.99 -24.69
N SER R 734 141.27 -19.38 -25.15
CA SER R 734 140.67 -18.87 -26.38
C SER R 734 139.52 -17.90 -26.08
N GLU R 735 139.68 -17.13 -25.00
CA GLU R 735 138.60 -16.29 -24.50
C GLU R 735 138.33 -15.13 -25.43
N GLN R 736 137.07 -14.69 -25.47
CA GLN R 736 136.71 -13.47 -26.18
C GLN R 736 136.89 -12.30 -25.23
N GLU R 737 137.94 -11.50 -25.45
CA GLU R 737 138.26 -10.37 -24.58
C GLU R 737 137.29 -9.24 -24.88
N ASP R 738 136.19 -9.23 -24.13
CA ASP R 738 135.15 -8.20 -24.23
C ASP R 738 135.05 -7.35 -22.96
N ASP R 739 136.10 -7.32 -22.14
CA ASP R 739 136.10 -6.53 -20.92
C ASP R 739 136.25 -5.03 -21.16
N GLU R 740 136.37 -4.59 -22.41
CA GLU R 740 136.53 -3.16 -22.66
C GLU R 740 135.18 -2.44 -22.57
N SER R 741 134.19 -2.90 -23.33
CA SER R 741 132.88 -2.27 -23.40
C SER R 741 131.95 -3.23 -24.15
N SER R 742 130.95 -3.77 -23.47
CA SER R 742 130.11 -4.79 -24.07
C SER R 742 128.97 -4.15 -24.86
N TRP R 743 128.16 -4.98 -25.53
CA TRP R 743 126.92 -4.53 -26.14
C TRP R 743 125.82 -4.64 -25.11
N GLU R 744 124.77 -3.84 -25.27
CA GLU R 744 123.77 -3.63 -24.23
C GLU R 744 122.41 -3.35 -24.86
N PHE R 745 121.40 -3.99 -24.30
CA PHE R 745 120.05 -3.88 -24.84
C PHE R 745 119.42 -2.56 -24.48
N VAL R 746 118.90 -1.86 -25.48
CA VAL R 746 118.04 -0.71 -25.22
C VAL R 746 116.68 -0.95 -25.84
N VAL R 747 116.64 -1.06 -27.16
CA VAL R 747 115.37 -1.11 -27.89
C VAL R 747 115.48 -2.11 -29.03
N MET R 748 114.41 -2.87 -29.25
CA MET R 748 114.27 -3.68 -30.45
C MET R 748 113.58 -2.83 -31.50
N LEU R 749 114.03 -2.92 -32.75
CA LEU R 749 113.48 -2.02 -33.75
C LEU R 749 112.29 -2.65 -34.48
N ASP R 750 112.35 -3.95 -34.75
CA ASP R 750 111.18 -4.72 -35.16
C ASP R 750 111.36 -6.14 -34.67
N ASP R 751 110.26 -6.82 -34.39
CA ASP R 751 110.30 -8.20 -33.94
C ASP R 751 110.10 -9.20 -35.06
N ARG R 752 109.03 -9.05 -35.83
CA ARG R 752 108.61 -10.05 -36.80
C ARG R 752 108.78 -9.43 -38.19
N VAL R 753 109.98 -9.57 -38.75
CA VAL R 753 110.29 -9.08 -40.08
C VAL R 753 109.96 -10.18 -41.07
N VAL R 754 109.28 -9.81 -42.15
CA VAL R 754 108.79 -10.76 -43.12
C VAL R 754 109.82 -10.92 -44.24
N LEU R 755 109.78 -12.05 -44.94
CA LEU R 755 110.63 -12.27 -46.09
C LEU R 755 110.22 -11.37 -47.26
N ASN R 756 111.21 -10.74 -47.88
CA ASN R 756 111.02 -9.78 -48.96
C ASN R 756 111.80 -10.24 -50.18
N ALA R 757 111.55 -9.60 -51.33
CA ALA R 757 112.41 -9.75 -52.49
C ALA R 757 113.67 -8.91 -52.38
N ASN R 758 113.53 -7.62 -52.09
CA ASN R 758 114.68 -6.75 -51.85
C ASN R 758 115.45 -7.12 -50.58
N GLN R 759 114.93 -8.06 -49.78
CA GLN R 759 115.57 -8.48 -48.54
C GLN R 759 115.74 -7.30 -47.59
N ALA R 760 114.65 -6.61 -47.25
CA ALA R 760 114.76 -5.31 -46.60
C ALA R 760 113.63 -5.13 -45.58
N ALA R 761 113.85 -4.20 -44.66
CA ALA R 761 112.82 -3.74 -43.74
C ALA R 761 113.08 -2.28 -43.39
N GLU R 762 112.12 -1.41 -43.68
CA GLU R 762 112.32 0.04 -43.53
C GLU R 762 111.92 0.46 -42.13
N LEU R 763 112.88 0.43 -41.21
CA LEU R 763 112.60 0.60 -39.79
C LEU R 763 112.94 2.03 -39.38
N TYR R 764 112.12 2.60 -38.50
CA TYR R 764 112.38 3.92 -37.97
C TYR R 764 112.63 3.81 -36.47
N LEU R 765 113.49 4.70 -35.93
CA LEU R 765 113.80 4.51 -34.52
C LEU R 765 112.82 5.29 -33.65
N PRO R 766 112.11 4.62 -32.74
CA PRO R 766 111.29 5.34 -31.76
C PRO R 766 112.12 6.24 -30.86
N TYR R 767 111.67 7.48 -30.76
CA TYR R 767 112.36 8.46 -29.92
C TYR R 767 112.61 7.92 -28.52
N THR R 768 111.56 7.46 -27.86
CA THR R 768 111.67 6.94 -26.51
C THR R 768 111.27 5.47 -26.52
N ASP R 769 112.09 4.65 -25.89
CA ASP R 769 111.85 3.23 -25.79
C ASP R 769 110.46 2.99 -25.21
N ALA R 770 110.02 1.74 -25.26
CA ALA R 770 108.75 1.40 -24.60
C ALA R 770 108.95 1.32 -23.09
N SER R 771 109.58 2.35 -22.55
CA SER R 771 109.89 2.42 -21.13
C SER R 771 109.68 3.79 -20.53
N GLY R 772 109.46 4.83 -21.32
CA GLY R 772 109.31 6.18 -20.82
C GLY R 772 110.58 6.99 -20.80
N VAL R 773 111.72 6.37 -20.49
CA VAL R 773 113.00 7.05 -20.50
C VAL R 773 113.45 7.20 -21.96
N PRO R 774 113.78 8.41 -22.39
CA PRO R 774 114.26 8.60 -23.76
C PRO R 774 115.61 7.91 -23.95
N ILE R 775 115.94 7.66 -25.20
CA ILE R 775 117.20 7.02 -25.56
C ILE R 775 118.25 8.12 -25.70
N PRO R 776 119.22 8.21 -24.79
CA PRO R 776 120.29 9.19 -24.98
C PRO R 776 121.19 8.74 -26.13
N GLN R 777 122.09 9.65 -26.51
CA GLN R 777 123.00 9.39 -27.60
C GLN R 777 124.00 8.31 -27.19
N GLY R 778 124.57 7.63 -28.17
CA GLY R 778 125.54 6.59 -27.92
C GLY R 778 125.65 5.63 -29.09
N GLU R 779 126.79 4.94 -29.11
CA GLU R 779 127.09 4.07 -30.24
C GLU R 779 126.29 2.77 -30.15
N CYS R 780 125.85 2.28 -31.30
CA CYS R 780 124.96 1.12 -31.36
C CYS R 780 125.24 0.31 -32.62
N ARG R 781 124.65 -0.88 -32.68
CA ARG R 781 124.60 -1.62 -33.95
C ARG R 781 123.41 -2.56 -33.94
N VAL R 782 123.17 -3.15 -35.11
CA VAL R 782 122.01 -4.00 -35.33
C VAL R 782 122.44 -5.46 -35.35
N ARG R 783 121.82 -6.22 -34.46
CA ARG R 783 121.92 -7.67 -34.42
C ARG R 783 120.60 -8.23 -34.94
N VAL R 784 120.69 -9.03 -35.99
CA VAL R 784 119.51 -9.61 -36.60
C VAL R 784 119.45 -11.06 -36.20
N ARG R 785 118.48 -11.39 -35.37
CA ARG R 785 118.18 -12.76 -34.98
C ARG R 785 117.39 -13.43 -36.09
N GLY R 786 117.99 -14.47 -36.65
CA GLY R 786 117.33 -15.21 -37.70
C GLY R 786 116.60 -16.37 -37.08
N PHE R 787 115.27 -16.29 -37.08
CA PHE R 787 114.43 -17.34 -36.53
C PHE R 787 113.87 -18.16 -37.67
N ASP R 788 114.18 -19.46 -37.68
CA ASP R 788 113.66 -20.39 -38.67
C ASP R 788 112.74 -21.38 -37.97
N VAL R 789 111.44 -21.13 -38.05
CA VAL R 789 110.44 -22.02 -37.43
C VAL R 789 110.49 -23.40 -38.06
N ASP R 790 111.04 -23.53 -39.27
CA ASP R 790 111.29 -24.85 -39.84
C ASP R 790 112.24 -25.66 -38.95
N VAL R 791 113.11 -24.97 -38.21
CA VAL R 791 113.97 -25.66 -37.27
C VAL R 791 113.72 -25.26 -35.82
N ASN R 792 112.93 -24.21 -35.57
CA ASN R 792 112.80 -23.62 -34.24
C ASN R 792 111.34 -23.44 -33.87
N PRO R 793 110.76 -24.37 -33.12
CA PRO R 793 109.44 -24.14 -32.53
C PRO R 793 109.55 -23.51 -31.15
N THR R 794 108.41 -23.00 -30.68
CA THR R 794 108.22 -22.41 -29.35
C THR R 794 109.13 -21.21 -29.15
N LEU R 795 109.90 -20.89 -30.19
CA LEU R 795 110.78 -19.72 -30.22
C LEU R 795 111.62 -19.62 -28.95
N ASN R 796 112.49 -20.61 -28.76
CA ASN R 796 113.52 -20.47 -27.74
C ASN R 796 114.64 -19.61 -28.29
N PRO R 797 115.08 -18.59 -27.54
CA PRO R 797 116.12 -17.69 -28.05
C PRO R 797 117.49 -18.31 -28.14
N ALA R 798 117.62 -19.59 -27.82
CA ALA R 798 118.89 -20.27 -27.99
C ALA R 798 119.01 -20.87 -29.38
N PHE R 799 117.88 -21.23 -29.99
CA PHE R 799 117.86 -21.84 -31.31
C PHE R 799 117.43 -20.79 -32.33
N CYS R 800 118.40 -19.99 -32.75
CA CYS R 800 118.20 -18.97 -33.77
C CYS R 800 119.56 -18.50 -34.26
N SER R 801 119.56 -17.75 -35.36
CA SER R 801 120.77 -17.25 -35.99
C SER R 801 120.87 -15.74 -35.78
N GLU R 802 121.92 -15.31 -35.09
CA GLU R 802 122.14 -13.92 -34.72
C GLU R 802 123.20 -13.31 -35.63
N ALA R 803 123.45 -12.01 -35.46
CA ALA R 803 124.43 -11.33 -36.29
C ALA R 803 124.91 -10.05 -35.62
N PHE R 804 125.85 -9.38 -36.29
CA PHE R 804 126.45 -8.15 -35.78
C PHE R 804 126.89 -7.29 -36.96
N SER R 805 126.43 -6.05 -36.99
CA SER R 805 126.69 -5.15 -38.09
C SER R 805 127.85 -4.19 -37.78
N THR R 806 127.99 -3.17 -38.61
CA THR R 806 128.96 -2.12 -38.34
C THR R 806 128.55 -1.35 -37.09
N PRO R 807 129.45 -1.21 -36.12
CA PRO R 807 129.14 -0.35 -34.96
C PRO R 807 128.98 1.11 -35.36
N PHE R 808 127.90 1.73 -34.89
CA PHE R 808 127.62 3.13 -35.23
C PHE R 808 126.90 3.87 -34.10
N GLN R 809 126.92 5.19 -34.20
CA GLN R 809 126.36 6.08 -33.19
C GLN R 809 124.91 6.41 -33.52
N VAL R 810 124.17 6.82 -32.49
CA VAL R 810 122.84 7.38 -32.63
C VAL R 810 122.79 8.63 -31.76
N PHE R 811 121.96 9.60 -32.13
CA PHE R 811 121.90 10.80 -31.30
C PHE R 811 120.58 11.53 -31.47
N ASP R 812 120.41 12.55 -30.63
CA ASP R 812 119.31 13.50 -30.74
C ASP R 812 119.67 14.57 -31.78
N ALA R 813 118.69 15.01 -32.56
CA ALA R 813 118.95 15.94 -33.64
C ALA R 813 118.16 17.23 -33.56
N ILE R 814 117.02 17.26 -32.86
CA ILE R 814 116.10 18.40 -32.91
C ILE R 814 116.70 19.67 -32.31
N PRO R 815 117.37 19.62 -31.16
CA PRO R 815 118.01 20.86 -30.67
C PRO R 815 118.98 21.46 -31.64
N GLN R 816 119.77 20.63 -32.33
CA GLN R 816 120.65 21.12 -33.36
C GLN R 816 119.91 21.56 -34.62
N LEU R 817 118.74 21.00 -34.91
CA LEU R 817 117.96 21.36 -36.09
C LEU R 817 117.26 22.70 -35.97
N VAL R 818 116.55 22.92 -34.86
CA VAL R 818 115.96 24.24 -34.60
C VAL R 818 117.03 25.31 -34.60
N GLN R 819 118.28 24.96 -34.29
CA GLN R 819 119.38 25.89 -34.35
C GLN R 819 119.85 26.14 -35.77
N GLN R 820 120.16 25.08 -36.52
CA GLN R 820 120.71 25.25 -37.86
C GLN R 820 119.74 25.97 -38.78
N PHE R 821 118.45 25.70 -38.65
CA PHE R 821 117.48 26.27 -39.57
C PHE R 821 117.00 27.65 -39.14
N PHE R 822 117.43 28.15 -37.99
CA PHE R 822 116.98 29.44 -37.50
C PHE R 822 118.09 30.45 -37.30
N GLY R 823 119.32 30.00 -37.05
CA GLY R 823 120.42 30.91 -36.80
C GLY R 823 120.40 31.54 -35.42
N THR R 824 119.85 30.85 -34.43
CA THR R 824 119.83 31.36 -33.06
C THR R 824 121.02 30.81 -32.29
N ALA R 825 121.33 31.46 -31.16
CA ALA R 825 122.62 31.29 -30.51
C ALA R 825 122.77 29.91 -29.87
N LYS R 826 124.00 29.60 -29.48
CA LYS R 826 124.46 28.32 -28.96
C LYS R 826 123.89 27.98 -27.58
N PRO R 827 123.87 28.91 -26.62
CA PRO R 827 123.34 28.55 -25.30
C PRO R 827 121.82 28.59 -25.20
N SER R 828 121.15 29.43 -25.98
CA SER R 828 119.71 29.62 -25.85
C SER R 828 118.93 28.77 -26.85
N VAL R 829 119.30 27.49 -26.93
CA VAL R 829 118.58 26.59 -27.85
C VAL R 829 117.19 26.27 -27.32
N ALA R 830 116.83 26.78 -26.14
CA ALA R 830 115.46 26.71 -25.62
C ALA R 830 114.72 28.02 -25.76
N GLU R 831 115.29 28.98 -26.50
CA GLU R 831 114.63 30.27 -26.68
C GLU R 831 113.44 30.18 -27.64
N VAL R 832 113.46 29.20 -28.54
CA VAL R 832 112.48 29.12 -29.62
C VAL R 832 111.15 28.59 -29.10
N SER R 833 110.10 29.41 -29.19
CA SER R 833 108.81 29.04 -28.61
C SER R 833 107.79 28.56 -29.65
N ASP R 834 107.36 29.40 -30.58
CA ASP R 834 106.38 29.02 -31.58
C ASP R 834 107.02 29.09 -32.96
N ILE R 835 106.50 28.28 -33.87
CA ILE R 835 107.07 28.12 -35.21
C ILE R 835 106.31 29.03 -36.16
N PRO R 836 106.94 30.06 -36.73
CA PRO R 836 106.24 30.93 -37.69
C PRO R 836 105.74 30.13 -38.89
N SER R 837 104.43 30.14 -39.07
CA SER R 837 103.80 29.15 -39.93
C SER R 837 103.90 29.51 -41.40
N SER R 838 105.05 29.97 -41.83
CA SER R 838 105.34 30.21 -43.24
C SER R 838 106.66 29.59 -43.67
N LYS R 839 107.66 29.63 -42.80
CA LYS R 839 108.92 28.91 -42.98
C LYS R 839 108.86 27.53 -42.33
N PHE R 840 107.73 27.17 -41.74
CA PHE R 840 107.63 25.96 -40.92
C PHE R 840 107.53 24.69 -41.78
N ILE R 841 106.90 24.79 -42.96
CA ILE R 841 106.87 23.65 -43.85
C ILE R 841 108.26 23.40 -44.43
N GLN R 842 108.99 24.46 -44.76
CA GLN R 842 110.40 24.30 -45.11
C GLN R 842 111.20 23.78 -43.91
N PHE R 843 110.81 24.15 -42.70
CA PHE R 843 111.40 23.57 -41.49
C PHE R 843 111.28 22.05 -41.50
N CYS R 844 110.08 21.54 -41.78
CA CYS R 844 109.88 20.09 -41.81
C CYS R 844 110.61 19.45 -42.98
N ALA R 845 110.59 20.08 -44.15
CA ALA R 845 111.30 19.53 -45.30
C ALA R 845 112.82 19.56 -45.12
N PHE R 846 113.33 20.51 -44.34
CA PHE R 846 114.75 20.56 -44.02
C PHE R 846 115.10 19.58 -42.91
N LEU R 847 114.13 19.26 -42.04
CA LEU R 847 114.25 18.06 -41.21
C LEU R 847 114.48 16.82 -42.05
N ARG R 848 113.54 16.54 -42.98
CA ARG R 848 113.70 15.44 -43.92
C ARG R 848 115.03 15.51 -44.66
N GLU R 849 115.48 16.71 -45.02
CA GLU R 849 116.74 16.86 -45.72
C GLU R 849 117.91 16.46 -44.82
N ALA R 850 118.02 17.06 -43.66
CA ALA R 850 119.10 16.78 -42.72
C ALA R 850 119.10 15.34 -42.22
N GLY R 851 118.00 14.59 -42.38
CA GLY R 851 118.09 13.15 -42.27
C GLY R 851 117.06 12.46 -41.40
N LEU R 852 116.04 13.18 -40.92
CA LEU R 852 115.05 12.60 -40.02
C LEU R 852 113.83 12.10 -40.78
N ASP R 853 112.79 11.79 -40.03
CA ASP R 853 111.46 11.45 -40.56
C ASP R 853 110.49 12.52 -40.08
N VAL R 854 109.70 13.06 -41.00
CA VAL R 854 108.65 14.03 -40.66
C VAL R 854 107.35 13.63 -41.35
N PRO R 855 106.38 13.14 -40.59
CA PRO R 855 105.08 12.83 -41.19
C PRO R 855 104.18 14.06 -41.27
N VAL R 856 103.49 14.13 -42.41
CA VAL R 856 102.49 15.16 -42.63
C VAL R 856 101.38 15.14 -41.59
N GLN R 857 101.01 13.96 -41.09
CA GLN R 857 99.92 13.90 -40.13
C GLN R 857 100.33 14.44 -38.77
N CYS R 858 101.52 14.08 -38.29
CA CYS R 858 102.06 14.73 -37.10
C CYS R 858 102.10 16.23 -37.27
N GLU R 859 102.58 16.69 -38.44
CA GLU R 859 102.64 18.13 -38.70
C GLU R 859 101.24 18.75 -38.63
N PHE R 860 100.23 18.07 -39.16
CA PHE R 860 98.88 18.60 -39.25
C PHE R 860 98.19 18.67 -37.89
N GLU R 861 98.35 17.64 -37.07
CA GLU R 861 97.83 17.69 -35.71
C GLU R 861 98.53 18.75 -34.88
N ALA R 862 99.84 18.90 -35.01
CA ALA R 862 100.46 20.07 -34.40
C ALA R 862 99.75 21.35 -34.84
N GLY R 863 99.30 21.38 -36.09
CA GLY R 863 98.69 22.55 -36.68
C GLY R 863 97.27 22.85 -36.25
N GLN R 864 96.81 22.26 -35.14
CA GLN R 864 95.56 22.64 -34.52
C GLN R 864 95.73 23.58 -33.34
N VAL R 865 96.95 23.72 -32.83
CA VAL R 865 97.30 24.74 -31.86
C VAL R 865 98.17 25.75 -32.58
N LEU R 866 97.70 26.99 -32.64
CA LEU R 866 98.43 28.05 -33.31
C LEU R 866 98.64 29.19 -32.35
N ASN R 867 99.57 30.07 -32.68
CA ASN R 867 99.83 31.18 -31.78
C ASN R 867 98.88 32.33 -32.07
N ALA R 868 98.92 33.34 -31.20
CA ALA R 868 98.21 34.58 -31.45
C ALA R 868 98.61 35.19 -32.78
N GLU R 869 99.83 34.91 -33.25
CA GLU R 869 100.27 35.26 -34.58
C GLU R 869 100.10 34.13 -35.57
N GLY R 870 99.33 33.09 -35.22
CA GLY R 870 99.06 31.98 -36.10
C GLY R 870 100.11 30.89 -36.12
N ASP R 871 101.04 30.89 -35.17
CA ASP R 871 102.19 30.00 -35.27
C ASP R 871 102.00 28.76 -34.40
N VAL R 872 102.38 27.62 -34.95
CA VAL R 872 102.40 26.36 -34.23
C VAL R 872 103.46 26.47 -33.15
N PHE R 873 103.21 25.86 -31.99
CA PHE R 873 104.20 25.89 -30.92
C PHE R 873 105.28 24.85 -31.12
N MET R 874 106.38 25.02 -30.37
CA MET R 874 107.41 24.02 -30.27
C MET R 874 107.05 22.92 -29.28
N GLU R 875 106.47 23.30 -28.13
CA GLU R 875 106.22 22.35 -27.06
C GLU R 875 105.08 21.39 -27.39
N TYR R 876 104.28 21.70 -28.40
CA TYR R 876 103.23 20.80 -28.86
C TYR R 876 103.66 19.97 -30.06
N PHE R 877 104.24 20.63 -31.08
CA PHE R 877 104.79 19.90 -32.20
C PHE R 877 105.82 18.88 -31.77
N LEU R 878 106.80 19.30 -30.95
CA LEU R 878 107.83 18.38 -30.51
C LEU R 878 107.28 17.27 -29.64
N ASN R 879 106.32 17.60 -28.78
CA ASN R 879 105.65 16.56 -28.02
C ASN R 879 105.09 15.48 -28.93
N LEU R 880 104.28 15.85 -29.93
CA LEU R 880 103.72 14.83 -30.81
C LEU R 880 104.81 14.10 -31.59
N LEU R 881 105.89 14.80 -31.94
CA LEU R 881 106.98 14.16 -32.67
C LEU R 881 107.63 13.07 -31.84
N ARG R 882 108.00 13.39 -30.60
CA ARG R 882 108.64 12.43 -29.72
C ARG R 882 107.65 11.46 -29.08
N SER R 883 106.40 11.44 -29.55
CA SER R 883 105.35 10.62 -28.94
C SER R 883 104.86 9.56 -29.91
N ASP R 884 104.13 8.60 -29.37
CA ASP R 884 103.52 7.51 -30.10
C ASP R 884 102.05 7.78 -30.41
N ARG R 885 101.71 9.02 -30.76
CA ARG R 885 100.38 9.30 -31.27
C ARG R 885 100.20 8.69 -32.66
N PHE R 886 101.21 8.85 -33.52
CA PHE R 886 101.13 8.37 -34.90
C PHE R 886 102.14 7.27 -35.24
N HIS R 887 103.44 7.56 -35.19
CA HIS R 887 104.39 6.68 -35.86
C HIS R 887 105.33 6.02 -34.85
N ARG R 888 105.30 4.70 -34.81
CA ARG R 888 106.08 3.92 -33.87
C ARG R 888 106.87 2.85 -34.60
N SER R 889 107.56 2.03 -33.82
CA SER R 889 108.15 0.82 -34.35
C SER R 889 107.06 -0.21 -34.58
N CYS R 890 107.19 -0.95 -35.68
CA CYS R 890 106.23 -2.00 -36.01
C CYS R 890 106.20 -3.09 -34.95
N ALA R 891 107.16 -3.10 -34.02
CA ALA R 891 107.16 -4.08 -32.95
C ALA R 891 106.07 -3.79 -31.92
N GLN R 892 106.06 -2.60 -31.33
CA GLN R 892 104.94 -2.23 -30.47
C GLN R 892 103.67 -2.03 -31.27
N ALA R 893 103.76 -1.44 -32.46
CA ALA R 893 102.60 -1.17 -33.28
C ALA R 893 101.89 -2.44 -33.75
N GLY R 894 102.56 -3.58 -33.73
CA GLY R 894 101.90 -4.82 -34.05
C GLY R 894 101.08 -5.34 -32.89
N LEU R 895 101.59 -5.12 -31.68
CA LEU R 895 100.89 -5.54 -30.48
C LEU R 895 99.70 -4.62 -30.23
N THR R 896 98.53 -5.24 -30.06
CA THR R 896 97.29 -4.48 -29.95
C THR R 896 97.34 -3.58 -28.71
N GLU R 897 96.85 -2.35 -28.87
CA GLU R 897 96.78 -1.47 -27.71
C GLU R 897 95.91 -2.08 -26.64
N MET R 898 94.94 -2.92 -27.04
CA MET R 898 94.24 -3.77 -26.10
C MET R 898 95.22 -4.63 -25.32
N GLN R 899 96.37 -4.96 -25.90
CA GLN R 899 97.39 -5.71 -25.18
C GLN R 899 98.35 -4.78 -24.46
N ARG R 900 98.40 -3.51 -24.85
CA ARG R 900 99.22 -2.55 -24.11
C ARG R 900 98.58 -2.18 -22.77
N VAL R 901 97.40 -2.73 -22.46
CA VAL R 901 96.83 -2.62 -21.14
C VAL R 901 97.22 -3.82 -20.30
N ILE R 902 97.42 -4.97 -20.93
CA ILE R 902 97.73 -6.21 -20.24
C ILE R 902 99.23 -6.47 -20.21
N GLU R 903 100.03 -5.63 -20.87
CA GLU R 903 101.48 -5.81 -20.78
C GLU R 903 102.02 -5.41 -19.42
N SER R 904 101.14 -5.13 -18.45
CA SER R 904 101.57 -4.98 -17.07
C SER R 904 101.32 -6.24 -16.25
N SER R 905 100.45 -7.13 -16.72
CA SER R 905 100.22 -8.42 -16.11
C SER R 905 100.99 -9.54 -16.78
N CYS R 906 100.94 -9.63 -18.10
CA CYS R 906 101.80 -10.57 -18.81
C CYS R 906 103.27 -10.31 -18.49
N ARG R 907 103.68 -9.04 -18.43
CA ARG R 907 105.08 -8.75 -18.12
C ARG R 907 105.48 -9.29 -16.76
N ALA R 908 104.72 -8.98 -15.71
CA ALA R 908 105.14 -9.39 -14.37
C ALA R 908 105.04 -10.89 -14.19
N HIS R 909 103.97 -11.52 -14.71
CA HIS R 909 103.89 -12.97 -14.67
C HIS R 909 105.08 -13.62 -15.36
N TRP R 910 105.44 -13.15 -16.56
CA TRP R 910 106.58 -13.73 -17.23
C TRP R 910 107.87 -13.40 -16.51
N GLU R 911 107.91 -12.30 -15.76
CA GLU R 911 109.11 -12.00 -15.01
C GLU R 911 109.19 -12.81 -13.72
N VAL R 912 108.11 -13.48 -13.36
CA VAL R 912 108.24 -14.53 -12.35
C VAL R 912 108.64 -15.84 -13.01
N HIS R 913 107.98 -16.21 -14.11
CA HIS R 913 108.30 -17.47 -14.76
C HIS R 913 109.68 -17.45 -15.42
N HIS R 914 110.29 -16.27 -15.55
CA HIS R 914 111.68 -16.10 -15.96
C HIS R 914 112.31 -15.15 -14.96
N PRO R 915 113.07 -15.68 -14.02
CA PRO R 915 113.54 -14.88 -12.89
C PRO R 915 114.49 -13.76 -13.30
N GLY R 916 114.51 -12.72 -12.47
CA GLY R 916 115.50 -11.67 -12.54
C GLY R 916 115.82 -11.16 -13.92
N ALA R 917 114.89 -11.27 -14.85
CA ALA R 917 115.15 -10.91 -16.24
C ALA R 917 115.32 -9.41 -16.39
N ASN R 918 116.10 -9.04 -17.40
CA ASN R 918 116.30 -7.64 -17.74
C ASN R 918 115.13 -7.19 -18.62
N GLU R 919 115.31 -6.04 -19.29
CA GLU R 919 114.43 -5.67 -20.38
C GLU R 919 114.79 -6.39 -21.67
N ALA R 920 116.01 -6.91 -21.78
CA ALA R 920 116.42 -7.60 -23.00
C ALA R 920 115.57 -8.82 -23.28
N GLU R 921 115.57 -9.79 -22.36
CA GLU R 921 114.75 -10.98 -22.49
C GLU R 921 113.28 -10.66 -22.64
N TRP R 922 112.79 -9.71 -21.83
CA TRP R 922 111.39 -9.36 -21.90
C TRP R 922 111.00 -8.85 -23.29
N ALA R 923 111.79 -7.94 -23.86
CA ALA R 923 111.46 -7.46 -25.19
C ALA R 923 111.59 -8.56 -26.23
N GLU R 924 112.62 -9.40 -26.12
CA GLU R 924 112.81 -10.45 -27.10
C GLU R 924 111.61 -11.38 -27.19
N ALA R 925 111.00 -11.73 -26.04
CA ALA R 925 109.88 -12.66 -26.01
C ALA R 925 108.52 -11.97 -25.82
N ARG R 926 108.52 -10.63 -25.81
CA ARG R 926 107.30 -9.86 -25.61
C ARG R 926 106.21 -10.30 -26.56
N ARG R 927 106.53 -10.35 -27.85
CA ARG R 927 105.53 -10.62 -28.87
C ARG R 927 104.94 -12.01 -28.73
N ARG R 928 105.80 -13.05 -28.71
CA ARG R 928 105.27 -14.41 -28.61
C ARG R 928 104.51 -14.62 -27.31
N VAL R 929 104.99 -14.09 -26.20
CA VAL R 929 104.35 -14.38 -24.93
C VAL R 929 103.00 -13.68 -24.82
N LEU R 930 102.94 -12.40 -25.18
CA LEU R 930 101.65 -11.74 -25.21
C LEU R 930 100.69 -12.43 -26.17
N ASP R 931 101.19 -12.88 -27.33
CA ASP R 931 100.33 -13.55 -28.29
C ASP R 931 99.77 -14.85 -27.73
N ARG R 932 100.60 -15.65 -27.07
CA ARG R 932 100.11 -16.89 -26.49
C ARG R 932 99.13 -16.65 -25.34
N ALA R 933 99.37 -15.64 -24.51
CA ALA R 933 98.46 -15.35 -23.41
C ALA R 933 97.17 -14.71 -23.91
N MET R 934 97.18 -14.21 -25.15
CA MET R 934 95.93 -13.80 -25.77
C MET R 934 95.20 -14.94 -26.47
N GLU R 935 95.93 -15.91 -27.03
CA GLU R 935 95.33 -16.97 -27.83
C GLU R 935 94.83 -18.13 -26.99
N LYS R 936 95.42 -18.36 -25.82
CA LYS R 936 95.06 -19.55 -25.07
C LYS R 936 94.90 -19.30 -23.57
N GLU R 937 95.17 -18.10 -23.09
CA GLU R 937 94.87 -17.67 -21.74
C GLU R 937 94.16 -16.32 -21.77
N ARG R 938 93.20 -16.20 -22.71
CA ARG R 938 92.62 -14.90 -23.01
C ARG R 938 91.91 -14.31 -21.81
N GLU R 939 91.00 -15.05 -21.20
CA GLU R 939 90.33 -14.55 -20.00
C GLU R 939 91.30 -14.43 -18.84
N TRP R 940 92.31 -15.31 -18.80
CA TRP R 940 93.34 -15.20 -17.79
C TRP R 940 93.93 -13.80 -17.75
N TRP R 941 94.38 -13.28 -18.89
CA TRP R 941 95.10 -12.01 -18.87
C TRP R 941 94.34 -10.84 -19.49
N PHE R 942 93.08 -11.03 -19.86
CA PHE R 942 92.22 -9.93 -20.23
C PHE R 942 91.76 -9.19 -18.96
N PRO R 943 91.46 -7.90 -19.06
CA PRO R 943 90.99 -7.17 -17.87
C PRO R 943 89.57 -7.58 -17.49
N ASN R 944 89.36 -7.83 -16.20
CA ASN R 944 88.05 -8.22 -15.69
C ASN R 944 87.59 -7.22 -14.62
N GLU R 945 86.50 -6.52 -14.90
CA GLU R 945 86.09 -5.41 -14.05
C GLU R 945 85.82 -5.86 -12.61
N MET R 946 85.07 -6.95 -12.43
CA MET R 946 84.93 -7.55 -11.12
C MET R 946 86.26 -7.91 -10.49
N LEU R 947 87.31 -8.08 -11.30
CA LEU R 947 88.56 -8.66 -10.82
C LEU R 947 89.75 -7.73 -10.98
N ASP R 948 89.54 -6.46 -11.33
CA ASP R 948 90.62 -5.49 -11.42
C ASP R 948 90.38 -4.36 -10.42
N VAL R 949 91.47 -3.80 -9.92
CA VAL R 949 91.41 -2.60 -9.08
C VAL R 949 92.14 -1.50 -9.82
N THR R 950 91.39 -0.67 -10.55
CA THR R 950 91.97 0.38 -11.37
C THR R 950 92.36 1.62 -10.59
N ASN R 951 92.58 1.50 -9.28
CA ASN R 951 93.17 2.57 -8.49
C ASN R 951 93.75 1.94 -7.23
N MET R 952 94.93 2.38 -6.83
CA MET R 952 95.62 1.74 -5.70
C MET R 952 95.18 2.30 -4.35
N SER R 953 95.17 3.63 -4.19
CA SER R 953 94.91 4.26 -2.89
C SER R 953 93.43 4.36 -2.52
N PRO R 954 92.52 4.67 -3.44
CA PRO R 954 91.11 4.82 -3.04
C PRO R 954 90.25 3.57 -3.18
N GLY R 955 90.78 2.48 -3.73
CA GLY R 955 90.01 1.25 -3.82
C GLY R 955 89.47 0.77 -2.48
N SER R 956 90.16 1.10 -1.39
CA SER R 956 89.84 0.71 -0.02
C SER R 956 88.50 1.23 0.48
N ASN R 957 87.82 2.07 -0.30
CA ASN R 957 86.37 2.23 -0.18
C ASN R 957 85.70 2.12 -1.54
N HIS R 958 86.43 2.41 -2.60
CA HIS R 958 85.86 2.44 -3.94
C HIS R 958 85.38 1.08 -4.42
N GLY R 959 86.27 0.13 -4.58
CA GLY R 959 86.01 -1.01 -5.44
C GLY R 959 85.44 -2.23 -4.75
N LEU R 960 85.86 -2.46 -3.51
CA LEU R 960 85.47 -3.66 -2.77
C LEU R 960 84.76 -3.17 -1.53
N ARG R 961 83.45 -3.44 -1.44
CA ARG R 961 82.69 -3.00 -0.29
C ARG R 961 82.77 -4.04 0.81
N LEU R 962 82.15 -3.72 1.93
CA LEU R 962 82.14 -4.63 3.07
C LEU R 962 81.14 -5.79 2.89
N PRO R 963 79.96 -5.56 2.30
CA PRO R 963 79.10 -6.72 1.98
C PRO R 963 79.46 -7.42 0.69
N MET R 964 80.12 -6.75 -0.25
CA MET R 964 80.33 -7.33 -1.57
C MET R 964 81.56 -8.21 -1.68
N TYR R 965 82.37 -8.32 -0.63
CA TYR R 965 83.62 -9.07 -0.78
C TYR R 965 83.41 -10.58 -0.82
N PRO R 966 82.76 -11.21 0.17
CA PRO R 966 82.70 -12.68 0.18
C PRO R 966 82.04 -13.28 -1.04
N ALA R 967 81.49 -12.48 -1.94
CA ALA R 967 81.17 -12.94 -3.28
C ALA R 967 82.29 -12.70 -4.26
N THR R 968 83.20 -11.74 -4.00
CA THR R 968 84.37 -11.58 -4.85
C THR R 968 85.43 -12.62 -4.59
N VAL R 969 85.65 -13.03 -3.34
CA VAL R 969 86.53 -14.18 -3.12
C VAL R 969 86.05 -15.36 -3.93
N ARG R 970 84.75 -15.66 -3.84
CA ARG R 970 84.16 -16.75 -4.58
C ARG R 970 84.24 -16.52 -6.08
N TYR R 971 84.07 -15.28 -6.53
CA TYR R 971 84.13 -15.03 -7.96
C TYR R 971 85.52 -15.27 -8.51
N GLY R 972 86.54 -14.78 -7.82
CA GLY R 972 87.89 -15.09 -8.24
C GLY R 972 88.18 -16.57 -8.23
N ARG R 973 87.78 -17.27 -7.17
CA ARG R 973 88.05 -18.69 -7.12
C ARG R 973 87.34 -19.41 -8.25
N GLU R 974 86.10 -19.04 -8.55
CA GLU R 974 85.37 -19.70 -9.62
C GLU R 974 85.99 -19.37 -10.97
N LEU R 975 86.51 -18.16 -11.16
CA LEU R 975 87.19 -17.84 -12.41
C LEU R 975 88.40 -18.72 -12.60
N CYS R 976 89.27 -18.75 -11.60
CA CYS R 976 90.48 -19.55 -11.73
C CYS R 976 90.19 -21.04 -11.80
N THR R 977 89.09 -21.50 -11.20
CA THR R 977 88.81 -22.92 -11.16
C THR R 977 88.04 -23.37 -12.39
N LEU R 978 87.38 -22.44 -13.06
CA LEU R 978 86.99 -22.64 -14.45
C LEU R 978 88.21 -22.71 -15.35
N LEU R 979 89.20 -21.85 -15.11
CA LEU R 979 90.32 -21.74 -16.02
C LEU R 979 91.39 -22.78 -15.74
N ALA R 980 92.28 -22.95 -16.71
CA ALA R 980 93.37 -23.93 -16.70
C ALA R 980 94.67 -23.27 -17.13
N ALA R 981 95.68 -24.10 -17.42
CA ALA R 981 96.93 -23.64 -18.03
C ALA R 981 97.56 -24.71 -18.88
N GLU R 982 98.27 -24.29 -19.92
CA GLU R 982 99.12 -25.19 -20.68
C GLU R 982 100.55 -25.15 -20.16
N GLY R 983 101.12 -26.33 -20.02
CA GLY R 983 102.48 -26.46 -19.55
C GLY R 983 103.19 -27.60 -20.25
N GLN R 984 104.38 -27.34 -20.78
CA GLN R 984 105.14 -28.33 -21.53
C GLN R 984 106.33 -28.79 -20.71
N PHE R 985 107.01 -29.81 -21.23
CA PHE R 985 108.27 -30.27 -20.65
C PHE R 985 108.91 -31.28 -21.59
N ASP R 986 110.21 -31.48 -21.39
CA ASP R 986 111.00 -32.44 -22.15
C ASP R 986 112.18 -32.84 -21.28
N ASN R 987 112.41 -34.15 -21.15
CA ASN R 987 113.63 -34.66 -20.52
C ASN R 987 114.85 -34.51 -21.42
N ASN R 988 114.67 -33.95 -22.62
CA ASN R 988 115.71 -33.90 -23.66
C ASN R 988 116.30 -35.29 -23.93
N SER R 989 115.43 -36.29 -24.02
CA SER R 989 115.84 -37.60 -24.49
C SER R 989 115.12 -38.01 -25.76
N GLY R 990 114.14 -37.23 -26.20
CA GLY R 990 113.40 -37.52 -27.42
C GLY R 990 111.91 -37.38 -27.30
N LEU R 991 111.35 -37.18 -26.11
CA LEU R 991 109.93 -37.04 -25.91
C LEU R 991 109.65 -35.83 -25.06
N SER R 992 108.73 -34.99 -25.51
CA SER R 992 108.17 -33.94 -24.69
C SER R 992 106.73 -34.28 -24.39
N ALA R 993 106.12 -33.49 -23.53
CA ALA R 993 104.70 -33.65 -23.23
C ALA R 993 104.17 -32.32 -22.76
N THR R 994 102.97 -31.99 -23.22
CA THR R 994 102.30 -30.75 -22.82
C THR R 994 100.93 -31.07 -22.27
N CYS R 995 100.47 -30.27 -21.31
CA CYS R 995 99.22 -30.52 -20.61
C CYS R 995 98.38 -29.27 -20.56
N ALA R 996 97.06 -29.47 -20.63
CA ALA R 996 96.07 -28.47 -20.23
C ALA R 996 95.50 -28.91 -18.89
N VAL R 997 96.06 -28.38 -17.81
CA VAL R 997 95.70 -28.78 -16.45
C VAL R 997 94.97 -27.64 -15.78
N ASN R 998 93.84 -27.94 -15.13
CA ASN R 998 92.96 -26.91 -14.60
C ASN R 998 93.28 -26.59 -13.14
N GLY R 999 92.55 -25.61 -12.61
CA GLY R 999 92.55 -25.32 -11.20
C GLY R 999 91.96 -26.41 -10.35
N THR R 1000 91.67 -27.56 -10.95
CA THR R 1000 91.28 -28.73 -10.20
C THR R 1000 92.43 -29.73 -10.09
N GLY R 1001 93.36 -29.71 -11.04
CA GLY R 1001 94.39 -30.69 -11.17
C GLY R 1001 94.14 -31.68 -12.28
N ALA R 1002 92.88 -31.96 -12.56
CA ALA R 1002 92.56 -32.85 -13.67
C ALA R 1002 92.90 -32.16 -14.99
N ALA R 1003 93.48 -32.94 -15.89
CA ALA R 1003 93.97 -32.41 -17.15
C ALA R 1003 92.82 -32.36 -18.14
N GLU R 1004 93.02 -31.61 -19.21
CA GLU R 1004 92.07 -31.61 -20.32
C GLU R 1004 92.64 -32.36 -21.51
N SER R 1005 93.87 -32.03 -21.88
CA SER R 1005 94.53 -32.63 -23.03
C SER R 1005 96.02 -32.71 -22.77
N ILE R 1006 96.57 -33.91 -22.87
CA ILE R 1006 97.99 -34.17 -22.74
C ILE R 1006 98.50 -34.66 -24.08
N THR R 1007 99.72 -34.24 -24.44
CA THR R 1007 100.35 -34.64 -25.68
C THR R 1007 101.74 -35.17 -25.37
N PHE R 1008 101.96 -36.44 -25.70
CA PHE R 1008 103.32 -36.97 -25.85
C PHE R 1008 103.82 -36.66 -27.25
N SER R 1009 104.94 -35.94 -27.33
CA SER R 1009 105.53 -35.50 -28.58
C SER R 1009 106.86 -36.20 -28.75
N THR R 1010 106.87 -37.26 -29.56
CA THR R 1010 108.08 -38.01 -29.90
C THR R 1010 108.59 -37.62 -31.26
N GLY R 1011 108.58 -36.32 -31.56
CA GLY R 1011 109.14 -35.81 -32.80
C GLY R 1011 110.61 -36.15 -33.01
N ASP R 1012 111.24 -36.82 -32.07
CA ASP R 1012 112.58 -37.33 -32.24
C ASP R 1012 112.53 -38.68 -32.96
N HIS R 1013 113.67 -39.37 -32.98
CA HIS R 1013 113.90 -40.51 -33.84
C HIS R 1013 112.99 -41.70 -33.53
N ILE R 1014 112.93 -42.64 -34.47
CA ILE R 1014 112.23 -43.91 -34.28
C ILE R 1014 112.89 -44.73 -33.18
N SER R 1015 114.19 -44.55 -32.96
CA SER R 1015 114.93 -45.28 -31.95
C SER R 1015 114.67 -44.74 -30.55
N SER R 1016 113.62 -43.92 -30.39
CA SER R 1016 113.27 -43.37 -29.09
C SER R 1016 113.01 -44.48 -28.08
N THR R 1017 112.01 -45.32 -28.35
CA THR R 1017 111.70 -46.52 -27.55
C THR R 1017 111.82 -46.24 -26.05
N PHE R 1018 110.99 -45.32 -25.58
CA PHE R 1018 111.01 -44.90 -24.18
C PHE R 1018 110.50 -46.02 -23.30
N SER R 1019 110.95 -46.05 -22.04
CA SER R 1019 110.43 -47.01 -21.09
C SER R 1019 109.06 -46.58 -20.61
N MET R 1020 108.37 -47.49 -19.92
CA MET R 1020 107.06 -47.18 -19.38
C MET R 1020 107.13 -46.05 -18.36
N GLU R 1021 107.85 -46.25 -17.26
CA GLU R 1021 107.98 -45.20 -16.26
C GLU R 1021 108.79 -44.01 -16.79
N GLU R 1022 109.61 -44.19 -17.83
CA GLU R 1022 110.28 -43.05 -18.45
C GLU R 1022 109.28 -42.16 -19.18
N ALA R 1023 108.34 -42.77 -19.91
CA ALA R 1023 107.23 -42.02 -20.45
C ALA R 1023 106.38 -41.39 -19.35
N LEU R 1024 106.13 -42.12 -18.28
CA LEU R 1024 105.48 -41.50 -17.14
C LEU R 1024 106.28 -40.32 -16.60
N ALA R 1025 107.60 -40.35 -16.68
CA ALA R 1025 108.40 -39.24 -16.18
C ALA R 1025 108.36 -38.03 -17.10
N VAL R 1026 108.42 -38.24 -18.41
CA VAL R 1026 108.15 -37.15 -19.34
C VAL R 1026 106.81 -36.51 -19.02
N ALA R 1027 105.76 -37.33 -18.90
CA ALA R 1027 104.45 -36.79 -18.59
C ALA R 1027 104.44 -36.15 -17.21
N LYS R 1028 105.24 -36.64 -16.28
CA LYS R 1028 105.24 -36.07 -14.93
C LYS R 1028 105.81 -34.68 -14.94
N GLY R 1029 106.93 -34.47 -15.63
CA GLY R 1029 107.43 -33.12 -15.82
C GLY R 1029 106.45 -32.22 -16.56
N ALA R 1030 105.75 -32.77 -17.55
CA ALA R 1030 104.67 -32.02 -18.20
C ALA R 1030 103.59 -31.59 -17.22
N LEU R 1031 103.02 -32.54 -16.49
CA LEU R 1031 101.98 -32.23 -15.51
C LEU R 1031 102.49 -31.20 -14.51
N ARG R 1032 103.73 -31.35 -14.06
CA ARG R 1032 104.24 -30.46 -13.01
C ARG R 1032 104.39 -29.04 -13.52
N ASN R 1033 104.93 -28.86 -14.73
CA ASN R 1033 105.05 -27.51 -15.23
C ASN R 1033 103.68 -26.91 -15.52
N ALA R 1034 102.74 -27.73 -15.98
CA ALA R 1034 101.39 -27.23 -16.20
C ALA R 1034 100.73 -26.75 -14.91
N HIS R 1035 100.82 -27.53 -13.84
CA HIS R 1035 100.32 -27.11 -12.54
C HIS R 1035 101.00 -25.87 -12.00
N ASP R 1036 102.33 -25.77 -12.12
CA ASP R 1036 103.03 -24.59 -11.60
C ASP R 1036 102.73 -23.34 -12.40
N ARG R 1037 102.71 -23.44 -13.73
CA ARG R 1037 102.28 -22.33 -14.56
C ARG R 1037 100.86 -21.89 -14.20
N GLN R 1038 99.95 -22.85 -13.99
CA GLN R 1038 98.62 -22.48 -13.56
C GLN R 1038 98.63 -21.76 -12.22
N ASN R 1039 99.48 -22.20 -11.29
CA ASN R 1039 99.54 -21.53 -10.00
C ASN R 1039 99.97 -20.08 -10.14
N THR R 1040 101.02 -19.81 -10.93
CA THR R 1040 101.46 -18.43 -11.05
C THR R 1040 100.48 -17.58 -11.87
N LEU R 1041 99.91 -18.16 -12.94
CA LEU R 1041 98.81 -17.53 -13.66
C LEU R 1041 97.72 -17.05 -12.70
N ALA R 1042 97.20 -17.97 -11.88
CA ALA R 1042 96.09 -17.62 -11.00
C ALA R 1042 96.50 -16.69 -9.88
N ALA R 1043 97.70 -16.84 -9.34
CA ALA R 1043 98.17 -15.89 -8.34
C ALA R 1043 98.16 -14.47 -8.85
N PHE R 1044 98.64 -14.24 -10.06
CA PHE R 1044 98.55 -12.90 -10.62
C PHE R 1044 97.13 -12.50 -10.99
N ARG R 1045 96.32 -13.45 -11.43
CA ARG R 1045 94.94 -13.16 -11.77
C ARG R 1045 94.18 -12.60 -10.58
N LEU R 1046 94.46 -13.11 -9.37
CA LEU R 1046 93.68 -12.75 -8.20
C LEU R 1046 94.47 -11.99 -7.15
N GLY R 1047 95.69 -11.57 -7.45
CA GLY R 1047 96.42 -10.72 -6.53
C GLY R 1047 95.71 -9.48 -6.05
N PRO R 1048 95.32 -8.58 -6.98
CA PRO R 1048 94.89 -7.23 -6.55
C PRO R 1048 93.67 -7.21 -5.67
N LEU R 1049 92.66 -8.01 -5.96
CA LEU R 1049 91.49 -8.09 -5.09
C LEU R 1049 91.85 -8.59 -3.71
N SER R 1050 92.67 -9.63 -3.64
CA SER R 1050 93.15 -10.09 -2.35
C SER R 1050 93.81 -8.96 -1.60
N LYS R 1051 94.70 -8.23 -2.26
CA LYS R 1051 95.42 -7.18 -1.56
C LYS R 1051 94.49 -6.07 -1.09
N HIS R 1052 93.53 -5.66 -1.89
CA HIS R 1052 92.73 -4.51 -1.47
C HIS R 1052 91.57 -4.91 -0.56
N SER R 1053 91.04 -6.12 -0.68
CA SER R 1053 90.25 -6.69 0.38
C SER R 1053 91.03 -6.78 1.67
N GLN R 1054 92.34 -7.01 1.59
CA GLN R 1054 93.16 -7.02 2.79
C GLN R 1054 93.12 -5.68 3.50
N VAL R 1055 93.26 -4.57 2.77
CA VAL R 1055 93.23 -3.27 3.45
C VAL R 1055 91.82 -2.91 3.87
N LEU R 1056 90.83 -3.27 3.04
CA LEU R 1056 89.43 -3.00 3.38
C LEU R 1056 89.02 -3.68 4.67
N LEU R 1057 89.51 -4.89 4.92
CA LEU R 1057 89.18 -5.58 6.15
C LEU R 1057 90.15 -5.20 7.27
N PHE R 1058 91.44 -5.10 6.95
CA PHE R 1058 92.51 -4.84 7.89
C PHE R 1058 92.36 -3.47 8.55
N CYS R 1059 91.70 -2.53 7.89
CA CYS R 1059 91.40 -1.24 8.51
C CYS R 1059 89.93 -0.87 8.45
N GLY R 1060 89.08 -1.73 7.91
CA GLY R 1060 87.65 -1.53 7.99
C GLY R 1060 87.04 -2.39 9.08
N ILE R 1061 87.91 -2.88 9.97
CA ILE R 1061 87.46 -3.57 11.16
C ILE R 1061 86.46 -2.72 11.92
N ASN R 1062 86.61 -1.40 11.88
CA ASN R 1062 85.66 -0.53 12.57
C ASN R 1062 84.30 -0.49 11.90
N ALA R 1063 84.02 -1.38 10.96
CA ALA R 1063 82.66 -1.48 10.42
C ALA R 1063 82.18 -2.92 10.26
N THR R 1064 83.06 -3.90 10.43
CA THR R 1064 82.70 -5.29 10.20
C THR R 1064 81.86 -5.83 11.35
N GLU R 1065 81.31 -7.03 11.16
CA GLU R 1065 80.55 -7.69 12.21
C GLU R 1065 81.42 -8.04 13.41
N PHE R 1066 82.71 -8.25 13.18
CA PHE R 1066 83.61 -8.77 14.19
C PHE R 1066 84.65 -7.74 14.60
N GLY R 1067 84.32 -6.46 14.50
CA GLY R 1067 85.29 -5.42 14.72
C GLY R 1067 84.77 -4.35 15.66
N GLY R 1068 85.69 -3.55 16.16
CA GLY R 1068 85.32 -2.52 17.10
C GLY R 1068 84.82 -3.15 18.39
N LYS R 1069 83.52 -3.04 18.62
CA LYS R 1069 82.95 -3.56 19.85
C LYS R 1069 82.39 -4.96 19.71
N TYR R 1070 81.90 -5.33 18.53
CA TYR R 1070 81.26 -6.62 18.34
C TYR R 1070 82.25 -7.75 18.17
N ALA R 1071 83.55 -7.46 18.23
CA ALA R 1071 84.57 -8.51 18.21
C ALA R 1071 84.50 -9.37 19.45
N ARG R 1072 84.18 -8.79 20.60
CA ARG R 1072 83.91 -9.58 21.80
C ARG R 1072 82.63 -10.38 21.67
N THR R 1073 81.91 -10.24 20.57
CA THR R 1073 80.83 -11.16 20.24
C THR R 1073 81.29 -12.23 19.28
N TYR R 1074 81.93 -11.86 18.17
CA TYR R 1074 82.38 -12.87 17.21
C TYR R 1074 83.37 -13.84 17.82
N THR R 1075 84.31 -13.37 18.65
CA THR R 1075 85.27 -14.29 19.25
C THR R 1075 84.61 -15.18 20.29
N TYR R 1076 83.75 -14.60 21.13
CA TYR R 1076 82.99 -15.41 22.07
C TYR R 1076 82.19 -16.49 21.34
N ALA R 1077 81.61 -16.15 20.19
CA ALA R 1077 80.87 -17.14 19.43
C ALA R 1077 81.78 -18.18 18.83
N PHE R 1078 82.98 -17.80 18.41
CA PHE R 1078 83.92 -18.80 17.96
C PHE R 1078 84.29 -19.76 19.09
N GLU R 1079 84.32 -19.27 20.32
CA GLU R 1079 84.62 -20.15 21.44
C GLU R 1079 83.44 -21.05 21.79
N LYS R 1080 82.23 -20.51 21.79
CA LYS R 1080 81.06 -21.37 21.97
C LYS R 1080 80.97 -22.42 20.88
N ALA R 1081 81.26 -22.06 19.63
CA ALA R 1081 81.26 -23.05 18.57
C ALA R 1081 82.38 -24.07 18.73
N LYS R 1082 83.54 -23.64 19.22
CA LYS R 1082 84.56 -24.62 19.60
C LYS R 1082 83.98 -25.63 20.57
N LYS R 1083 83.38 -25.15 21.65
CA LYS R 1083 82.83 -26.04 22.65
C LYS R 1083 81.74 -26.94 22.08
N GLU R 1084 80.96 -26.46 21.11
CA GLU R 1084 79.82 -27.25 20.62
C GLU R 1084 80.25 -28.31 19.62
N LEU R 1085 81.21 -27.98 18.76
CA LEU R 1085 81.76 -29.04 17.92
C LEU R 1085 82.58 -30.02 18.76
N ALA R 1086 82.96 -29.62 19.98
CA ALA R 1086 83.47 -30.62 20.90
C ALA R 1086 82.39 -31.61 21.29
N GLU R 1087 81.18 -31.13 21.59
CA GLU R 1087 80.07 -31.95 22.08
C GLU R 1087 79.44 -32.81 21.00
N THR R 1088 79.62 -32.47 19.72
CA THR R 1088 79.12 -33.36 18.68
C THR R 1088 79.93 -34.66 18.62
N PHE R 1089 81.22 -34.59 19.00
CA PHE R 1089 82.02 -35.81 19.09
C PHE R 1089 81.58 -36.68 20.24
N VAL R 1090 80.92 -36.09 21.25
CA VAL R 1090 80.42 -36.89 22.34
C VAL R 1090 79.05 -37.44 22.01
N SER R 1091 78.09 -36.58 21.65
CA SER R 1091 76.71 -36.97 21.39
C SER R 1091 76.50 -37.55 20.01
N GLY R 1092 77.57 -37.86 19.28
CA GLY R 1092 77.41 -38.68 18.09
C GLY R 1092 76.99 -37.94 16.84
N ARG R 1093 76.82 -36.62 16.92
CA ARG R 1093 76.49 -35.80 15.76
C ARG R 1093 75.08 -36.09 15.24
N VAL R 1094 74.10 -35.97 16.12
CA VAL R 1094 72.72 -35.75 15.72
C VAL R 1094 72.38 -34.36 16.22
N VAL R 1095 71.25 -33.83 15.76
CA VAL R 1095 70.84 -32.46 16.10
C VAL R 1095 70.82 -32.31 17.61
N PRO R 1096 71.78 -31.61 18.23
CA PRO R 1096 71.79 -31.49 19.69
C PRO R 1096 70.67 -30.56 20.16
N GLY R 1097 70.67 -30.29 21.47
CA GLY R 1097 69.52 -29.65 22.08
C GLY R 1097 69.12 -28.35 21.42
N VAL R 1098 68.02 -28.41 20.67
CA VAL R 1098 67.54 -27.26 19.91
C VAL R 1098 67.02 -26.16 20.84
N ASP R 1099 66.27 -26.53 21.87
CA ASP R 1099 65.88 -25.61 22.92
C ASP R 1099 66.66 -25.85 24.21
N GLU R 1100 67.86 -26.42 24.11
CA GLU R 1100 68.68 -26.80 25.28
C GLU R 1100 67.93 -27.80 26.15
N ASP R 1101 67.64 -28.96 25.57
CA ASP R 1101 66.84 -30.00 26.21
C ASP R 1101 67.64 -31.24 26.56
N GLU R 1102 68.87 -31.37 26.08
CA GLU R 1102 69.74 -32.47 26.45
C GLU R 1102 70.73 -32.09 27.54
N LEU R 1103 70.54 -30.95 28.20
CA LEU R 1103 71.44 -30.49 29.25
C LEU R 1103 70.92 -30.88 30.62
N LEU R 1104 71.82 -31.38 31.47
CA LEU R 1104 71.47 -31.80 32.81
C LEU R 1104 71.37 -30.62 33.76
N ARG R 1105 71.96 -29.48 33.39
CA ARG R 1105 72.09 -28.34 34.29
C ARG R 1105 71.16 -27.21 33.85
N VAL R 1106 70.35 -26.71 34.78
CA VAL R 1106 69.58 -25.50 34.49
C VAL R 1106 70.45 -24.26 34.45
N SER R 1107 71.42 -24.14 35.36
CA SER R 1107 72.35 -23.04 35.27
C SER R 1107 73.11 -23.05 33.94
N ASP R 1108 73.34 -24.24 33.38
CA ASP R 1108 73.97 -24.33 32.07
C ASP R 1108 72.96 -24.29 30.93
N LYS R 1109 71.70 -23.99 31.20
CA LYS R 1109 70.70 -23.75 30.16
C LYS R 1109 70.73 -22.27 29.80
N GLU R 1110 71.29 -21.95 28.63
CA GLU R 1110 71.38 -20.57 28.16
C GLU R 1110 70.15 -20.12 27.39
N GLY R 1111 69.06 -20.89 27.41
CA GLY R 1111 67.83 -20.51 26.77
C GLY R 1111 66.72 -20.44 27.80
N VAL R 1112 65.94 -19.36 27.74
CA VAL R 1112 65.05 -19.01 28.84
C VAL R 1112 63.63 -18.78 28.34
N ASP R 1113 62.76 -18.41 29.29
CA ASP R 1113 61.33 -18.24 29.07
C ASP R 1113 61.02 -16.79 28.72
N ARG R 1114 60.90 -16.50 27.42
CA ARG R 1114 60.72 -15.12 26.97
C ARG R 1114 59.23 -14.85 26.79
N PHE R 1115 58.51 -14.88 27.90
CA PHE R 1115 57.08 -14.61 27.88
C PHE R 1115 56.75 -13.57 28.93
N ALA R 1116 55.80 -12.71 28.59
CA ALA R 1116 55.41 -11.63 29.49
C ALA R 1116 55.09 -12.19 30.87
N SER R 1117 54.17 -13.13 30.95
CA SER R 1117 53.89 -13.84 32.18
C SER R 1117 54.42 -15.27 32.06
N SER R 1118 54.62 -15.92 33.20
CA SER R 1118 54.95 -17.32 33.22
C SER R 1118 53.82 -18.19 33.73
N THR R 1119 53.01 -17.66 34.65
CA THR R 1119 51.88 -18.38 35.23
C THR R 1119 50.57 -18.10 34.51
N HIS R 1120 50.48 -17.02 33.74
CA HIS R 1120 49.29 -16.79 32.92
C HIS R 1120 49.41 -17.56 31.62
N PRO R 1121 48.40 -18.35 31.24
CA PRO R 1121 48.55 -19.18 30.02
C PRO R 1121 48.13 -18.49 28.75
N GLU R 1122 47.53 -17.29 28.82
CA GLU R 1122 47.19 -16.51 27.64
C GLU R 1122 48.37 -15.76 27.07
N GLN R 1123 49.17 -15.11 27.92
CA GLN R 1123 50.12 -14.09 27.50
C GLN R 1123 51.42 -14.68 26.97
N ARG R 1124 51.38 -15.92 26.51
CA ARG R 1124 52.54 -16.61 25.97
C ARG R 1124 52.61 -16.51 24.46
N LYS R 1125 52.03 -15.48 23.89
CA LYS R 1125 51.78 -15.42 22.46
C LYS R 1125 52.91 -14.72 21.73
N THR R 1126 53.18 -15.20 20.50
CA THR R 1126 54.11 -14.52 19.61
C THR R 1126 53.49 -13.35 18.87
N GLN R 1127 52.20 -13.40 18.60
CA GLN R 1127 51.43 -12.31 18.04
C GLN R 1127 50.41 -11.84 19.06
N PHE R 1128 49.49 -10.99 18.62
CA PHE R 1128 48.49 -10.46 19.53
C PHE R 1128 47.43 -11.48 19.89
N VAL R 1129 47.29 -12.55 19.13
CA VAL R 1129 46.25 -13.55 19.39
C VAL R 1129 46.83 -14.96 19.27
N PRO R 1130 46.48 -15.87 20.18
CA PRO R 1130 47.02 -17.24 20.11
C PRO R 1130 46.77 -17.92 18.78
N ARG R 1131 47.86 -18.27 18.09
CA ARG R 1131 47.77 -18.89 16.78
C ARG R 1131 47.53 -20.38 16.88
N VAL R 1132 46.94 -20.95 15.81
CA VAL R 1132 46.77 -22.39 15.69
C VAL R 1132 47.33 -22.82 14.33
N GLY R 1133 47.76 -24.07 14.27
CA GLY R 1133 48.40 -24.59 13.09
C GLY R 1133 47.48 -25.38 12.19
N PRO R 1134 47.91 -26.58 11.79
CA PRO R 1134 47.08 -27.41 10.92
C PRO R 1134 46.04 -28.15 11.75
N GLY R 1135 44.78 -27.83 11.52
CA GLY R 1135 43.70 -28.44 12.27
C GLY R 1135 43.35 -27.74 13.55
N GLY R 1136 44.13 -26.76 13.98
CA GLY R 1136 43.81 -26.08 15.22
C GLY R 1136 44.69 -26.44 16.38
N ALA R 1137 45.97 -26.65 16.14
CA ALA R 1137 46.69 -26.99 17.34
C ALA R 1137 47.20 -25.73 18.03
N PRO R 1138 47.01 -25.62 19.35
CA PRO R 1138 47.62 -24.50 20.08
C PRO R 1138 49.14 -24.52 19.98
N ILE R 1139 49.68 -23.51 19.31
CA ILE R 1139 51.03 -23.57 18.77
C ILE R 1139 52.01 -22.64 19.47
N GLU R 1140 51.55 -21.87 20.45
CA GLU R 1140 52.42 -20.94 21.16
C GLU R 1140 53.30 -21.68 22.19
N ASP R 1141 52.66 -22.47 23.06
CA ASP R 1141 53.33 -23.24 24.10
C ASP R 1141 53.28 -24.70 23.67
N PRO R 1142 54.24 -25.15 22.88
CA PRO R 1142 54.22 -26.54 22.43
C PRO R 1142 54.43 -27.47 23.62
N THR R 1143 53.47 -28.36 23.80
CA THR R 1143 53.63 -29.46 24.74
C THR R 1143 54.42 -30.60 24.08
N ALA R 1144 55.06 -31.40 24.92
CA ALA R 1144 55.95 -32.43 24.39
C ALA R 1144 55.19 -33.56 23.72
N ASP R 1145 53.86 -33.51 23.73
CA ASP R 1145 53.06 -34.51 23.04
C ASP R 1145 52.73 -34.11 21.60
N GLN R 1146 52.77 -32.82 21.26
CA GLN R 1146 52.69 -32.42 19.86
C GLN R 1146 54.07 -32.36 19.21
N LYS R 1147 55.13 -32.22 19.99
CA LYS R 1147 56.47 -32.11 19.46
C LYS R 1147 57.06 -33.49 19.25
N THR R 1148 57.62 -33.71 18.04
CA THR R 1148 58.44 -34.87 17.75
C THR R 1148 59.65 -34.41 16.98
N GLN R 1149 60.77 -35.10 17.20
CA GLN R 1149 62.02 -34.82 16.48
C GLN R 1149 62.25 -35.87 15.39
N TRP R 1150 61.29 -36.00 14.49
CA TRP R 1150 61.23 -37.16 13.62
C TRP R 1150 61.74 -36.88 12.21
N ASP S 66 79.07 -17.17 -55.28
CA ASP S 66 78.88 -15.94 -56.05
C ASP S 66 78.51 -14.78 -55.14
N TRP S 67 77.47 -14.98 -54.33
CA TRP S 67 77.01 -13.97 -53.39
C TRP S 67 78.03 -13.66 -52.32
N ALA S 68 78.51 -14.67 -51.60
CA ALA S 68 79.56 -14.49 -50.62
C ALA S 68 80.83 -13.92 -51.23
N THR S 69 81.07 -14.17 -52.53
CA THR S 69 82.25 -13.60 -53.18
C THR S 69 82.23 -12.08 -53.17
N GLN S 70 81.16 -11.48 -53.69
CA GLN S 70 81.02 -10.03 -53.65
C GLN S 70 80.79 -9.49 -52.24
N MET S 71 80.12 -10.25 -51.37
CA MET S 71 80.07 -9.87 -49.97
C MET S 71 81.45 -9.67 -49.36
N GLN S 72 82.32 -10.68 -49.52
CA GLN S 72 83.70 -10.54 -49.08
C GLN S 72 84.42 -9.44 -49.83
N ARG S 73 84.05 -9.21 -51.09
CA ARG S 73 84.68 -8.15 -51.86
C ARG S 73 84.37 -6.77 -51.30
N GLU S 74 83.15 -6.59 -50.77
CA GLU S 74 82.80 -5.34 -50.11
C GLU S 74 83.24 -5.32 -48.65
N LEU S 75 83.54 -6.49 -48.09
CA LEU S 75 84.26 -6.55 -46.83
C LEU S 75 85.68 -6.00 -46.98
N PHE S 76 86.41 -6.49 -47.98
CA PHE S 76 87.81 -6.14 -48.16
C PHE S 76 87.99 -4.63 -48.31
N GLY S 77 86.97 -3.93 -48.79
CA GLY S 77 87.06 -2.49 -48.90
C GLY S 77 87.04 -1.82 -47.54
N GLU S 78 87.64 -0.63 -47.50
CA GLU S 78 87.54 0.23 -46.34
C GLU S 78 86.33 1.15 -46.41
N THR S 79 85.38 0.84 -47.29
CA THR S 79 84.14 1.58 -47.40
C THR S 79 83.06 0.96 -46.53
N ASP S 80 82.01 1.71 -46.30
CA ASP S 80 80.88 1.17 -45.56
C ASP S 80 80.13 0.17 -46.43
N PRO S 81 79.89 -1.04 -45.94
CA PRO S 81 79.27 -2.07 -46.78
C PRO S 81 77.90 -1.69 -47.28
N LEU S 82 77.27 -0.69 -46.67
CA LEU S 82 76.08 -0.05 -47.22
C LEU S 82 76.29 1.44 -47.42
N GLY S 83 77.53 1.90 -47.49
CA GLY S 83 77.78 3.31 -47.66
C GLY S 83 77.23 4.19 -46.57
N GLY S 84 76.74 3.61 -45.48
CA GLY S 84 76.16 4.35 -44.38
C GLY S 84 74.83 4.98 -44.68
N GLN S 85 74.42 5.03 -45.94
CA GLN S 85 73.14 5.61 -46.29
C GLN S 85 72.01 4.79 -45.67
N ALA S 86 70.87 5.45 -45.46
CA ALA S 86 69.73 4.83 -44.82
C ALA S 86 69.18 3.72 -45.71
N HIS S 87 68.92 2.56 -45.12
CA HIS S 87 68.26 1.46 -45.80
C HIS S 87 67.17 0.87 -44.91
N LYS S 88 66.01 0.60 -45.50
CA LYS S 88 64.87 0.14 -44.72
C LYS S 88 65.03 -1.29 -44.23
N ASP S 89 65.21 -2.24 -45.14
CA ASP S 89 65.28 -3.66 -44.79
C ASP S 89 66.46 -3.98 -43.88
N TYR S 90 67.30 -3.00 -43.56
CA TYR S 90 68.48 -3.23 -42.77
C TYR S 90 68.41 -2.40 -41.50
N TYR S 91 68.75 -3.02 -40.37
CA TYR S 91 68.65 -2.41 -39.07
C TYR S 91 70.04 -1.98 -38.60
N ARG S 92 70.10 -0.97 -37.73
CA ARG S 92 71.34 -0.61 -37.05
C ARG S 92 71.26 -1.11 -35.61
N ASP S 93 71.63 -2.36 -35.42
CA ASP S 93 71.51 -3.04 -34.14
C ASP S 93 72.57 -2.55 -33.17
N PRO S 94 72.19 -1.93 -32.06
CA PRO S 94 73.19 -1.52 -31.07
C PRO S 94 73.98 -2.69 -30.50
N ALA S 95 73.39 -3.90 -30.48
CA ALA S 95 74.15 -5.08 -30.09
C ALA S 95 75.35 -5.27 -31.00
N ARG S 96 75.13 -5.33 -32.31
CA ARG S 96 76.24 -5.36 -33.26
C ARG S 96 77.03 -4.05 -33.26
N GLY S 97 76.64 -3.07 -32.45
CA GLY S 97 77.30 -1.78 -32.47
C GLY S 97 76.76 -0.83 -33.50
N TYR S 98 75.45 -0.87 -33.76
CA TYR S 98 74.81 -0.02 -34.75
C TYR S 98 75.28 -0.37 -36.15
N SER S 99 75.59 -1.65 -36.35
CA SER S 99 76.02 -2.21 -37.62
C SER S 99 74.84 -2.43 -38.55
N PRO S 100 75.03 -2.34 -39.85
CA PRO S 100 73.92 -2.56 -40.78
C PRO S 100 73.46 -4.00 -40.82
N GLN S 101 72.58 -4.39 -39.92
CA GLN S 101 72.09 -5.76 -39.92
C GLN S 101 70.87 -5.91 -40.81
N TYR S 102 70.84 -7.03 -41.53
CA TYR S 102 69.83 -7.31 -42.55
C TYR S 102 68.58 -7.90 -41.91
N ALA S 103 67.47 -7.15 -41.96
CA ALA S 103 66.23 -7.57 -41.29
C ALA S 103 65.03 -7.02 -42.03
N PRO S 104 64.60 -7.70 -43.08
CA PRO S 104 63.34 -7.32 -43.72
C PRO S 104 62.13 -7.57 -42.82
N ARG S 105 61.01 -7.00 -43.22
CA ARG S 105 59.74 -7.20 -42.53
C ARG S 105 59.09 -8.46 -43.09
N ASN S 106 58.58 -9.31 -42.21
CA ASN S 106 58.03 -10.60 -42.62
C ASN S 106 56.50 -10.49 -42.57
N PHE S 107 55.90 -10.26 -43.75
CA PHE S 107 54.48 -10.04 -43.91
C PHE S 107 53.67 -11.33 -43.98
N ALA S 108 54.26 -12.47 -43.61
CA ALA S 108 53.45 -13.62 -43.26
C ALA S 108 52.92 -13.48 -41.84
N GLU S 109 53.74 -12.92 -40.95
CA GLU S 109 53.21 -12.37 -39.71
C GLU S 109 52.50 -11.05 -39.99
N GLY S 110 53.15 -10.14 -40.69
CA GLY S 110 52.53 -8.91 -41.11
C GLY S 110 53.15 -7.66 -40.48
N GLY S 111 53.97 -6.96 -41.25
CA GLY S 111 54.54 -5.72 -40.76
C GLY S 111 55.71 -5.88 -39.81
N ALA S 112 55.67 -6.94 -39.01
CA ALA S 112 56.72 -7.18 -38.03
C ALA S 112 58.05 -7.43 -38.71
N ILE S 113 59.04 -6.62 -38.38
CA ILE S 113 60.38 -6.77 -38.92
C ILE S 113 61.01 -8.01 -38.32
N SER S 114 61.22 -9.04 -39.15
CA SER S 114 61.64 -10.35 -38.67
C SER S 114 63.08 -10.23 -38.20
N TYR S 115 63.22 -9.69 -36.99
CA TYR S 115 64.53 -9.43 -36.43
C TYR S 115 64.53 -9.89 -34.98
N HIS S 116 65.73 -10.01 -34.42
CA HIS S 116 65.81 -10.16 -32.99
C HIS S 116 65.31 -8.90 -32.33
N HIS S 117 64.06 -8.89 -31.92
CA HIS S 117 63.55 -7.84 -31.06
C HIS S 117 64.19 -8.05 -29.70
N ALA S 118 64.94 -7.08 -29.23
CA ALA S 118 65.57 -7.25 -27.94
C ALA S 118 64.51 -7.38 -26.86
N GLN S 119 64.95 -7.87 -25.69
CA GLN S 119 64.06 -8.04 -24.55
C GLN S 119 64.64 -7.50 -23.25
N SER S 120 65.94 -7.18 -23.21
CA SER S 120 66.58 -6.70 -22.00
C SER S 120 67.96 -6.13 -22.35
N PRO S 121 68.33 -4.98 -21.78
CA PRO S 121 69.66 -4.40 -22.08
C PRO S 121 70.84 -5.27 -21.68
N MET S 122 70.63 -6.41 -21.03
CA MET S 122 71.76 -7.29 -20.76
C MET S 122 72.29 -7.91 -22.04
N GLU S 123 71.46 -8.06 -23.07
CA GLU S 123 72.01 -8.50 -24.35
C GLU S 123 72.89 -7.42 -24.97
N TYR S 124 72.55 -6.14 -24.80
CA TYR S 124 73.47 -5.10 -25.24
C TYR S 124 74.75 -5.15 -24.43
N ALA S 125 74.65 -5.30 -23.11
CA ALA S 125 75.86 -5.40 -22.29
C ALA S 125 76.76 -6.53 -22.77
N GLU S 126 76.19 -7.70 -23.01
CA GLU S 126 77.00 -8.83 -23.42
C GLU S 126 77.49 -8.72 -24.86
N ALA S 127 76.73 -8.07 -25.73
CA ALA S 127 77.24 -7.83 -27.07
C ALA S 127 78.43 -6.87 -27.04
N THR S 128 78.37 -5.83 -26.20
CA THR S 128 79.55 -4.98 -26.04
C THR S 128 80.74 -5.75 -25.48
N HIS S 129 80.51 -6.61 -24.47
CA HIS S 129 81.64 -7.37 -23.94
C HIS S 129 82.25 -8.29 -24.98
N ARG S 130 81.43 -9.13 -25.63
CA ARG S 130 81.93 -9.95 -26.72
C ARG S 130 82.64 -9.10 -27.75
N ARG S 131 82.15 -7.89 -28.02
CA ARG S 131 82.77 -7.07 -29.04
C ARG S 131 84.18 -6.63 -28.63
N SER S 132 84.37 -6.20 -27.38
CA SER S 132 85.70 -5.86 -26.91
C SER S 132 86.63 -7.08 -26.83
N TRP S 133 86.09 -8.24 -26.44
CA TRP S 133 86.85 -9.47 -26.39
C TRP S 133 87.33 -9.88 -27.78
N LEU S 134 86.48 -9.72 -28.80
CA LEU S 134 86.84 -10.06 -30.16
C LEU S 134 87.69 -9.01 -30.83
N ASP S 135 87.63 -7.75 -30.38
CA ASP S 135 88.31 -6.67 -31.05
C ASP S 135 89.77 -7.00 -31.31
N HIS S 136 90.43 -7.69 -30.37
CA HIS S 136 91.78 -8.18 -30.62
C HIS S 136 91.84 -8.98 -31.91
N ASP S 137 90.92 -9.93 -32.08
CA ASP S 137 90.90 -10.76 -33.28
C ASP S 137 90.62 -9.93 -34.52
N VAL S 138 89.86 -8.85 -34.36
CA VAL S 138 89.47 -8.06 -35.52
C VAL S 138 90.64 -7.22 -36.02
N ALA S 139 91.53 -6.81 -35.13
CA ALA S 139 92.76 -6.18 -35.57
C ALA S 139 93.60 -7.14 -36.40
N ARG S 140 93.67 -8.41 -36.00
CA ARG S 140 94.33 -9.42 -36.82
C ARG S 140 93.63 -9.64 -38.16
N MET S 141 92.30 -9.67 -38.15
CA MET S 141 91.55 -9.80 -39.40
C MET S 141 91.88 -8.66 -40.35
N GLU S 142 91.89 -7.44 -39.83
CA GLU S 142 92.19 -6.29 -40.68
C GLU S 142 93.64 -6.31 -41.13
N ALA S 143 94.55 -6.79 -40.28
CA ALA S 143 95.93 -6.96 -40.69
C ALA S 143 96.06 -7.90 -41.87
N ALA S 144 95.38 -9.06 -41.83
CA ALA S 144 95.42 -9.97 -42.96
C ALA S 144 94.68 -9.41 -44.17
N PHE S 145 93.59 -8.67 -43.93
CA PHE S 145 92.80 -8.12 -45.02
C PHE S 145 93.56 -7.07 -45.80
N GLN S 146 94.48 -6.36 -45.14
CA GLN S 146 95.28 -5.37 -45.86
C GLN S 146 96.22 -6.05 -46.86
N GLU S 147 96.88 -7.14 -46.48
CA GLU S 147 97.69 -7.82 -47.48
C GLU S 147 96.84 -8.51 -48.54
N GLN S 148 95.70 -9.09 -48.16
CA GLN S 148 94.85 -9.69 -49.17
C GLN S 148 94.36 -8.66 -50.18
N ARG S 149 94.04 -7.45 -49.72
CA ARG S 149 93.72 -6.40 -50.66
C ARG S 149 94.92 -5.98 -51.47
N ALA S 150 96.13 -6.02 -50.90
CA ALA S 150 97.31 -5.77 -51.72
C ALA S 150 97.39 -6.74 -52.87
N LEU S 151 97.11 -8.01 -52.61
CA LEU S 151 97.06 -9.01 -53.68
C LEU S 151 95.94 -8.71 -54.67
N LEU S 152 94.76 -8.37 -54.17
CA LEU S 152 93.63 -8.08 -55.04
C LEU S 152 93.89 -6.85 -55.90
N ARG S 153 94.79 -5.99 -55.47
CA ARG S 153 95.19 -4.85 -56.29
C ARG S 153 96.23 -5.24 -57.32
N GLY S 154 97.33 -5.88 -56.90
CA GLY S 154 98.34 -6.31 -57.84
C GLY S 154 97.80 -7.24 -58.90
N MET S 155 96.66 -7.87 -58.66
CA MET S 155 96.02 -8.68 -59.68
C MET S 155 95.37 -7.75 -60.71
N GLU S 156 95.73 -7.93 -61.98
CA GLU S 156 95.15 -7.13 -63.06
C GLU S 156 94.01 -7.86 -63.75
N SER S 157 94.08 -9.19 -63.80
CA SER S 157 93.02 -9.98 -64.41
C SER S 157 91.77 -9.93 -63.54
N ALA S 158 90.61 -9.69 -64.18
CA ALA S 158 89.38 -9.51 -63.42
C ALA S 158 88.92 -10.80 -62.77
N THR S 159 88.85 -11.89 -63.54
CA THR S 159 88.30 -13.11 -62.99
C THR S 159 89.19 -13.74 -61.93
N GLU S 160 90.52 -13.68 -62.08
CA GLU S 160 91.38 -14.16 -61.01
C GLU S 160 91.39 -13.20 -59.82
N ARG S 161 91.28 -11.89 -60.09
CA ARG S 161 91.15 -10.92 -59.02
C ARG S 161 89.92 -11.20 -58.16
N ASP S 162 88.85 -11.70 -58.77
CA ASP S 162 87.71 -12.19 -58.01
C ASP S 162 87.94 -13.57 -57.40
N GLU S 163 88.65 -14.45 -58.11
CA GLU S 163 88.90 -15.81 -57.65
C GLU S 163 89.62 -15.81 -56.29
N LEU S 164 90.52 -14.86 -56.09
CA LEU S 164 91.20 -14.77 -54.80
C LEU S 164 90.21 -14.65 -53.66
N ALA S 165 89.40 -13.60 -53.66
CA ALA S 165 88.39 -13.43 -52.62
C ALA S 165 87.39 -14.57 -52.61
N ARG S 166 87.11 -15.18 -53.76
CA ARG S 166 86.27 -16.38 -53.80
C ARG S 166 86.79 -17.44 -52.84
N ARG S 167 88.00 -17.95 -53.12
CA ARG S 167 88.54 -19.01 -52.27
C ARG S 167 88.88 -18.51 -50.87
N TYR S 168 89.16 -17.22 -50.69
CA TYR S 168 89.49 -16.75 -49.35
C TYR S 168 88.27 -16.65 -48.46
N ALA S 169 87.11 -16.30 -49.03
CA ALA S 169 85.88 -16.40 -48.29
C ALA S 169 85.52 -17.85 -48.05
N ALA S 170 85.81 -18.72 -49.01
CA ALA S 170 85.67 -20.14 -48.74
C ALA S 170 86.59 -20.59 -47.61
N GLU S 171 87.68 -19.86 -47.38
CA GLU S 171 88.58 -20.20 -46.29
C GLU S 171 88.08 -19.65 -44.96
N HIS S 172 87.82 -18.35 -44.89
CA HIS S 172 87.25 -17.71 -43.72
C HIS S 172 85.83 -18.21 -43.43
N HIS S 173 85.31 -19.11 -44.26
CA HIS S 173 84.04 -19.80 -44.04
C HIS S 173 82.91 -18.80 -43.80
N VAL S 174 82.78 -17.86 -44.74
CA VAL S 174 81.78 -16.81 -44.59
C VAL S 174 80.50 -17.19 -45.33
N ALA S 175 80.44 -18.40 -45.89
CA ALA S 175 79.23 -18.88 -46.51
C ALA S 175 78.24 -19.45 -45.50
N ASP S 176 78.69 -19.73 -44.28
CA ASP S 176 77.85 -20.31 -43.25
C ASP S 176 77.22 -19.26 -42.34
N ILE S 177 77.55 -17.98 -42.52
CA ILE S 177 77.05 -16.92 -41.65
C ILE S 177 75.74 -16.34 -42.15
N VAL S 178 75.34 -16.62 -43.39
CA VAL S 178 73.96 -16.38 -43.77
C VAL S 178 73.12 -17.48 -43.14
N VAL S 179 72.40 -17.13 -42.07
CA VAL S 179 71.71 -18.12 -41.24
C VAL S 179 70.46 -18.54 -42.01
N GLU S 180 70.56 -19.68 -42.69
CA GLU S 180 69.44 -20.20 -43.46
C GLU S 180 68.53 -21.03 -42.56
N ASN S 181 67.26 -21.11 -42.93
CA ASN S 181 66.26 -21.79 -42.12
C ASN S 181 66.18 -23.27 -42.48
N GLN S 182 66.05 -24.11 -41.45
CA GLN S 182 65.82 -25.54 -41.60
C GLN S 182 64.62 -25.90 -40.73
N SER S 183 63.42 -25.78 -41.32
CA SER S 183 62.19 -26.10 -40.61
C SER S 183 61.19 -26.71 -41.58
N LEU S 184 61.26 -28.02 -41.78
CA LEU S 184 60.52 -28.66 -42.85
C LEU S 184 59.02 -28.71 -42.58
N LEU S 185 58.55 -27.96 -41.61
CA LEU S 185 57.13 -27.69 -41.51
C LEU S 185 56.75 -26.68 -42.60
N PRO S 186 55.75 -26.96 -43.42
CA PRO S 186 55.41 -26.04 -44.51
C PRO S 186 54.95 -24.68 -44.05
N SER S 187 54.21 -24.59 -42.94
CA SER S 187 53.69 -23.30 -42.52
C SER S 187 54.81 -22.30 -42.26
N THR S 188 55.72 -22.65 -41.35
CA THR S 188 56.86 -21.78 -41.10
C THR S 188 57.78 -21.72 -42.31
N GLN S 189 57.82 -22.77 -43.14
CA GLN S 189 58.62 -22.71 -44.37
C GLN S 189 58.17 -21.56 -45.27
N VAL S 190 56.88 -21.47 -45.54
CA VAL S 190 56.36 -20.42 -46.42
C VAL S 190 56.31 -19.10 -45.67
N HIS S 191 56.27 -19.13 -44.34
CA HIS S 191 56.48 -17.91 -43.58
C HIS S 191 57.82 -17.30 -43.92
N HIS S 192 58.89 -18.09 -43.83
CA HIS S 192 60.24 -17.56 -43.98
C HIS S 192 60.61 -17.35 -45.44
N SER S 193 60.46 -18.39 -46.26
CA SER S 193 61.05 -18.49 -47.58
C SER S 193 60.36 -17.62 -48.63
N THR S 194 59.54 -16.65 -48.24
CA THR S 194 59.03 -15.68 -49.21
C THR S 194 59.46 -14.25 -48.90
N SER S 195 59.67 -13.93 -47.63
CA SER S 195 60.22 -12.63 -47.25
C SER S 195 61.68 -12.73 -46.82
N THR S 196 61.99 -13.54 -45.83
CA THR S 196 63.36 -13.91 -45.49
C THR S 196 63.59 -15.32 -46.04
N SER S 197 63.87 -15.40 -47.32
CA SER S 197 64.21 -16.65 -47.98
C SER S 197 65.73 -16.82 -48.01
N GLY S 198 66.17 -17.99 -48.45
CA GLY S 198 67.56 -18.13 -48.81
C GLY S 198 67.95 -17.19 -49.92
N SER S 199 67.15 -17.12 -50.98
CA SER S 199 67.42 -16.21 -52.08
C SER S 199 67.23 -14.75 -51.68
N ALA S 200 66.83 -14.49 -50.44
CA ALA S 200 66.85 -13.13 -49.90
C ALA S 200 68.07 -12.89 -49.04
N LEU S 201 68.32 -13.74 -48.04
CA LEU S 201 69.45 -13.55 -47.15
C LEU S 201 70.79 -13.75 -47.86
N ARG S 202 70.98 -14.91 -48.52
CA ARG S 202 72.22 -15.11 -49.24
C ARG S 202 72.47 -14.02 -50.27
N GLN S 203 71.41 -13.50 -50.88
CA GLN S 203 71.58 -12.51 -51.94
C GLN S 203 71.91 -11.14 -51.36
N GLN S 204 71.30 -10.78 -50.24
CA GLN S 204 71.35 -9.41 -49.75
C GLN S 204 72.25 -9.23 -48.54
N ALA S 205 72.90 -10.29 -48.08
CA ALA S 205 73.56 -10.28 -46.79
C ALA S 205 74.63 -9.20 -46.70
N VAL S 206 74.78 -8.64 -45.50
CA VAL S 206 75.82 -7.66 -45.22
C VAL S 206 76.62 -8.17 -44.04
N VAL S 207 77.92 -8.39 -44.26
CA VAL S 207 78.81 -8.96 -43.28
C VAL S 207 79.77 -7.86 -42.83
N ASP S 208 79.96 -7.73 -41.52
CA ASP S 208 80.94 -6.78 -41.00
C ASP S 208 82.26 -7.48 -40.75
N ARG S 209 83.25 -6.69 -40.31
CA ARG S 209 84.56 -7.23 -39.98
C ARG S 209 84.57 -7.84 -38.58
N PHE S 210 83.40 -8.15 -38.00
CA PHE S 210 83.28 -8.91 -36.77
C PHE S 210 82.78 -10.33 -37.00
N GLN S 211 82.09 -10.59 -38.10
CA GLN S 211 81.46 -11.89 -38.29
C GLN S 211 82.50 -12.98 -38.58
N ILE S 212 83.64 -12.61 -39.15
CA ILE S 212 84.65 -13.60 -39.48
C ILE S 212 85.46 -13.98 -38.24
N ALA S 213 85.70 -13.00 -37.35
CA ALA S 213 86.27 -13.32 -36.05
C ALA S 213 85.29 -14.06 -35.16
N ASP S 214 83.98 -13.83 -35.35
CA ASP S 214 82.97 -14.54 -34.58
C ASP S 214 82.93 -16.03 -34.95
N GLN S 215 83.57 -16.43 -36.04
CA GLN S 215 83.82 -17.85 -36.29
C GLN S 215 85.14 -18.29 -35.67
N GLN S 216 86.24 -17.67 -36.07
CA GLN S 216 87.54 -18.00 -35.53
C GLN S 216 87.80 -17.11 -34.32
N SER S 217 87.49 -17.64 -33.14
CA SER S 217 87.82 -17.01 -31.87
C SER S 217 87.67 -18.02 -30.75
N PRO S 218 88.50 -17.93 -29.71
CA PRO S 218 88.24 -18.72 -28.49
C PRO S 218 86.92 -18.30 -27.87
N LEU S 219 86.30 -19.22 -27.16
CA LEU S 219 85.01 -18.95 -26.53
C LEU S 219 85.21 -18.05 -25.32
N ALA S 220 84.28 -17.13 -25.10
CA ALA S 220 84.32 -16.30 -23.92
C ALA S 220 84.01 -17.14 -22.70
N THR S 221 84.30 -16.63 -21.51
CA THR S 221 83.82 -17.20 -20.26
C THR S 221 83.46 -16.15 -19.23
N SER S 222 83.36 -14.88 -19.64
CA SER S 222 83.00 -13.80 -18.73
C SER S 222 81.95 -12.91 -19.37
N ASP S 223 81.60 -11.85 -18.66
CA ASP S 223 80.59 -10.91 -19.09
C ASP S 223 81.02 -9.47 -18.83
N GLY S 224 80.36 -8.55 -19.51
CA GLY S 224 80.66 -7.15 -19.35
C GLY S 224 80.12 -6.52 -18.09
N MET S 225 80.00 -7.29 -17.02
CA MET S 225 79.41 -6.77 -15.79
C MET S 225 80.48 -6.61 -14.73
N GLY S 226 80.54 -5.43 -14.12
CA GLY S 226 81.49 -5.16 -13.08
C GLY S 226 80.91 -5.39 -11.71
N ARG S 227 81.63 -4.90 -10.71
CA ARG S 227 81.32 -5.23 -9.33
C ARG S 227 80.12 -4.45 -8.82
N GLU S 228 80.19 -3.12 -8.89
CA GLU S 228 79.04 -2.27 -8.55
C GLU S 228 77.87 -2.54 -9.47
N GLU S 229 78.14 -2.84 -10.74
CA GLU S 229 77.09 -3.21 -11.67
C GLU S 229 76.35 -4.48 -11.24
N LEU S 230 77.07 -5.54 -10.91
CA LEU S 230 76.43 -6.80 -10.53
C LEU S 230 75.72 -6.67 -9.20
N ALA S 231 76.35 -6.01 -8.22
CA ALA S 231 75.69 -5.76 -6.95
C ALA S 231 74.38 -5.02 -7.14
N HIS S 232 74.39 -3.93 -7.90
CA HIS S 232 73.17 -3.20 -8.17
C HIS S 232 72.16 -4.01 -8.96
N THR S 233 72.61 -4.84 -9.90
CA THR S 233 71.68 -5.62 -10.70
C THR S 233 70.98 -6.68 -9.87
N TYR S 234 71.72 -7.32 -8.97
CA TYR S 234 71.09 -8.25 -8.05
C TYR S 234 70.18 -7.52 -7.07
N ARG S 235 70.59 -6.31 -6.65
CA ARG S 235 69.69 -5.49 -5.84
C ARG S 235 68.36 -5.30 -6.55
N MET S 236 68.40 -4.89 -7.82
CA MET S 236 67.17 -4.66 -8.56
C MET S 236 66.37 -5.94 -8.74
N ARG S 237 67.02 -7.03 -9.14
CA ARG S 237 66.30 -8.27 -9.40
C ARG S 237 65.61 -8.79 -8.15
N SER S 238 66.32 -8.89 -7.04
CA SER S 238 65.67 -9.42 -5.86
C SER S 238 64.74 -8.42 -5.19
N GLU S 239 64.96 -7.12 -5.35
CA GLU S 239 63.98 -6.17 -4.82
C GLU S 239 62.69 -6.25 -5.60
N THR S 240 62.78 -6.40 -6.92
CA THR S 240 61.57 -6.56 -7.73
C THR S 240 60.86 -7.87 -7.43
N VAL S 241 61.60 -8.96 -7.27
CA VAL S 241 60.95 -10.23 -6.96
C VAL S 241 60.34 -10.19 -5.57
N HIS S 242 61.03 -9.61 -4.61
CA HIS S 242 60.48 -9.49 -3.25
C HIS S 242 59.26 -8.58 -3.23
N ASN S 243 59.29 -7.50 -4.01
CA ASN S 243 58.12 -6.64 -4.11
C ASN S 243 56.94 -7.37 -4.72
N ASP S 244 57.13 -8.00 -5.88
CA ASP S 244 56.09 -8.81 -6.48
C ASP S 244 55.53 -9.83 -5.50
N TRP S 245 56.40 -10.50 -4.75
CA TRP S 245 55.97 -11.44 -3.72
C TRP S 245 55.08 -10.77 -2.69
N ILE S 246 55.53 -9.64 -2.18
CA ILE S 246 54.71 -8.82 -1.31
C ILE S 246 53.36 -8.57 -1.94
N GLU S 247 53.33 -8.33 -3.25
CA GLU S 247 52.09 -7.94 -3.91
C GLU S 247 51.12 -9.11 -4.03
N GLU S 248 51.60 -10.26 -4.47
CA GLU S 248 50.71 -11.41 -4.58
C GLU S 248 50.28 -11.93 -3.22
N ASN S 249 51.02 -11.62 -2.16
CA ASN S 249 50.53 -11.88 -0.82
C ASN S 249 49.60 -10.78 -0.34
N LEU S 250 49.71 -9.58 -0.91
CA LEU S 250 48.78 -8.50 -0.60
C LEU S 250 47.40 -8.80 -1.18
N ARG S 251 47.35 -9.26 -2.42
CA ARG S 251 46.08 -9.71 -2.96
C ARG S 251 45.56 -10.91 -2.21
N ILE S 252 46.44 -11.64 -1.53
CA ILE S 252 45.98 -12.74 -0.67
C ILE S 252 45.30 -12.18 0.57
N VAL S 253 45.98 -11.31 1.30
CA VAL S 253 45.40 -10.77 2.54
C VAL S 253 44.18 -9.91 2.23
N HIS S 254 44.06 -9.43 1.00
CA HIS S 254 42.82 -8.82 0.54
C HIS S 254 41.78 -9.86 0.12
N GLY S 255 42.21 -11.05 -0.29
CA GLY S 255 41.28 -12.05 -0.74
C GLY S 255 40.97 -12.01 -2.22
N LEU S 256 41.79 -11.34 -3.02
CA LEU S 256 41.52 -11.21 -4.45
C LEU S 256 41.81 -12.48 -5.24
N ARG S 257 42.80 -13.26 -4.83
CA ARG S 257 43.00 -14.57 -5.43
C ARG S 257 41.82 -15.50 -5.15
N GLU S 258 41.18 -15.35 -3.98
CA GLU S 258 40.01 -16.15 -3.64
C GLU S 258 38.79 -15.74 -4.47
N LYS S 259 38.62 -14.46 -4.70
CA LYS S 259 37.61 -14.01 -5.66
C LYS S 259 37.88 -14.54 -7.06
N GLU S 260 39.15 -14.58 -7.47
CA GLU S 260 39.49 -15.16 -8.77
C GLU S 260 39.04 -16.61 -8.85
N LYS S 261 39.39 -17.40 -7.85
CA LYS S 261 39.03 -18.81 -7.85
C LYS S 261 37.52 -19.04 -7.79
N TYR S 262 36.80 -18.22 -7.02
CA TYR S 262 35.36 -18.39 -6.91
C TYR S 262 34.66 -18.00 -8.22
N ASP S 263 35.08 -16.92 -8.84
CA ASP S 263 34.63 -16.62 -10.19
C ASP S 263 34.87 -17.78 -11.14
N PHE S 264 35.97 -18.51 -10.97
CA PHE S 264 36.18 -19.68 -11.82
C PHE S 264 34.95 -20.58 -11.82
N THR S 265 34.54 -21.04 -10.64
CA THR S 265 33.47 -22.02 -10.58
C THR S 265 32.12 -21.40 -10.91
N VAL S 266 31.96 -20.09 -10.67
CA VAL S 266 30.71 -19.49 -11.11
C VAL S 266 30.61 -19.49 -12.62
N LEU S 267 31.70 -19.14 -13.31
CA LEU S 267 31.73 -19.20 -14.77
C LEU S 267 31.51 -20.61 -15.27
N GLN S 268 31.96 -21.59 -14.50
CA GLN S 268 31.80 -22.99 -14.86
C GLN S 268 30.34 -23.42 -15.00
N ARG S 269 29.37 -22.54 -14.70
CA ARG S 269 27.96 -22.90 -14.67
C ARG S 269 27.29 -22.88 -16.04
N ALA S 270 28.04 -22.68 -17.11
CA ALA S 270 27.46 -22.70 -18.45
C ALA S 270 28.27 -23.50 -19.44
N THR S 271 29.55 -23.76 -19.15
CA THR S 271 30.46 -24.34 -20.13
C THR S 271 30.04 -25.78 -20.44
N ARG S 272 29.50 -25.99 -21.62
CA ARG S 272 29.15 -27.33 -22.05
C ARG S 272 30.40 -28.21 -22.08
N ILE S 273 30.18 -29.50 -21.88
CA ILE S 273 31.24 -30.48 -22.08
C ILE S 273 31.62 -30.48 -23.56
N PRO S 274 32.89 -30.24 -23.90
CA PRO S 274 33.29 -30.30 -25.31
C PRO S 274 33.03 -31.68 -25.88
N PHE S 275 32.61 -31.69 -27.14
CA PHE S 275 32.52 -32.93 -27.91
C PHE S 275 33.92 -33.29 -28.37
N GLN S 276 34.38 -34.47 -27.98
CA GLN S 276 35.73 -34.89 -28.28
C GLN S 276 35.82 -35.91 -29.39
N GLY S 277 34.85 -35.96 -30.30
CA GLY S 277 35.01 -36.70 -31.53
C GLY S 277 34.96 -38.19 -31.33
N TYR S 278 34.66 -38.94 -32.40
CA TYR S 278 34.55 -40.38 -32.26
C TYR S 278 35.90 -41.02 -31.94
N ASP S 279 36.86 -40.83 -32.82
CA ASP S 279 38.21 -41.35 -32.58
C ASP S 279 39.04 -40.23 -31.97
N MET S 280 38.94 -40.06 -30.65
CA MET S 280 39.53 -38.89 -29.97
C MET S 280 40.94 -38.56 -30.44
N ASP S 281 41.77 -39.55 -30.75
CA ASP S 281 43.03 -39.20 -31.39
C ASP S 281 42.79 -38.63 -32.78
N ARG S 282 41.82 -39.16 -33.53
CA ARG S 282 41.54 -38.57 -34.84
C ARG S 282 40.95 -37.18 -34.70
N PHE S 283 40.16 -36.97 -33.65
CA PHE S 283 39.66 -35.65 -33.31
C PHE S 283 40.80 -34.66 -33.10
N LEU S 284 41.73 -34.98 -32.20
CA LEU S 284 42.87 -34.11 -31.97
C LEU S 284 43.77 -34.02 -33.20
N ALA S 285 43.78 -35.06 -34.03
CA ALA S 285 44.62 -35.05 -35.22
C ALA S 285 44.10 -34.06 -36.26
N GLN S 286 42.82 -34.13 -36.60
CA GLN S 286 42.23 -33.08 -37.41
C GLN S 286 42.31 -31.73 -36.71
N GLN S 287 42.43 -31.74 -35.38
CA GLN S 287 42.55 -30.47 -34.65
C GLN S 287 43.90 -29.82 -34.90
N LYS S 288 44.99 -30.54 -34.72
CA LYS S 288 46.31 -30.02 -35.04
C LYS S 288 46.58 -29.98 -36.52
N GLY S 289 45.67 -30.52 -37.35
CA GLY S 289 45.82 -30.57 -38.78
C GLY S 289 46.80 -31.59 -39.29
N THR S 290 47.15 -32.58 -38.48
CA THR S 290 48.26 -33.48 -38.82
C THR S 290 47.94 -34.57 -39.85
N PRO S 291 46.72 -35.12 -39.95
CA PRO S 291 46.48 -36.14 -40.97
C PRO S 291 46.63 -35.54 -42.37
N TYR S 292 46.69 -36.42 -43.35
CA TYR S 292 46.99 -35.98 -44.70
C TYR S 292 45.84 -35.15 -45.25
N GLY S 293 46.14 -33.89 -45.56
CA GLY S 293 45.16 -33.01 -46.15
C GLY S 293 44.58 -31.98 -45.21
N ALA S 294 45.06 -31.92 -43.97
CA ALA S 294 44.59 -30.95 -42.99
C ALA S 294 45.65 -29.90 -42.67
N GLN S 295 46.61 -29.70 -43.57
CA GLN S 295 47.72 -28.80 -43.28
C GLN S 295 47.22 -27.36 -43.16
N SER S 296 47.72 -26.65 -42.16
CA SER S 296 47.18 -25.37 -41.72
C SER S 296 48.22 -24.28 -41.87
N LEU S 297 47.79 -23.10 -42.29
CA LEU S 297 48.65 -21.94 -42.44
C LEU S 297 48.36 -20.95 -41.32
N PRO S 298 49.23 -19.96 -41.12
CA PRO S 298 48.92 -18.91 -40.14
C PRO S 298 47.76 -18.06 -40.62
N PRO S 299 46.83 -17.70 -39.73
CA PRO S 299 45.73 -16.82 -40.12
C PRO S 299 46.25 -15.43 -40.41
N ASN S 300 46.02 -14.96 -41.64
CA ASN S 300 46.58 -13.69 -42.10
C ASN S 300 46.00 -12.54 -41.29
N THR S 301 46.83 -11.96 -40.43
CA THR S 301 46.43 -10.87 -39.57
C THR S 301 46.80 -9.53 -40.20
N ALA S 302 46.18 -8.46 -39.71
CA ALA S 302 46.35 -7.14 -40.31
C ALA S 302 47.80 -6.68 -40.25
N SER S 303 48.36 -6.41 -41.43
CA SER S 303 49.78 -6.08 -41.55
C SER S 303 50.01 -4.59 -41.31
N SER S 304 50.74 -4.28 -40.25
CA SER S 304 51.04 -2.90 -39.95
C SER S 304 52.20 -2.41 -40.79
N THR S 305 52.54 -1.14 -40.61
CA THR S 305 53.48 -0.44 -41.47
C THR S 305 54.87 -0.39 -40.81
N MET S 306 55.87 -0.11 -41.65
CA MET S 306 57.20 0.24 -41.17
C MET S 306 57.14 1.20 -39.99
N GLU S 307 56.17 2.10 -39.97
CA GLU S 307 56.08 3.09 -38.89
C GLU S 307 55.91 2.45 -37.54
N GLU S 308 55.11 1.39 -37.42
CA GLU S 308 54.96 0.68 -36.16
C GLU S 308 55.99 -0.40 -35.95
N ALA S 309 56.47 -1.03 -37.03
CA ALA S 309 57.56 -1.99 -36.89
C ALA S 309 58.83 -1.37 -36.33
N GLN S 310 59.24 -0.22 -36.85
CA GLN S 310 60.44 0.39 -36.30
C GLN S 310 60.20 0.94 -34.90
N ARG S 311 58.99 1.41 -34.59
CA ARG S 311 58.78 1.91 -33.24
C ARG S 311 58.75 0.79 -32.22
N THR S 312 58.35 -0.42 -32.62
CA THR S 312 58.41 -1.54 -31.70
C THR S 312 59.77 -2.23 -31.69
N LEU S 313 60.65 -1.94 -32.65
CA LEU S 313 61.97 -2.58 -32.57
C LEU S 313 63.07 -1.61 -32.10
N ARG S 314 63.08 -0.37 -32.58
CA ARG S 314 64.16 0.56 -32.27
C ARG S 314 64.07 1.14 -30.87
N ASP S 315 62.89 1.11 -30.24
CA ASP S 315 62.80 1.52 -28.84
C ASP S 315 63.23 0.43 -27.85
N PRO S 316 62.89 -0.84 -28.09
CA PRO S 316 63.54 -1.88 -27.27
C PRO S 316 65.05 -1.72 -27.24
N THR S 317 65.64 -1.28 -28.34
CA THR S 317 67.04 -0.93 -28.41
C THR S 317 67.30 0.50 -27.93
N ALA S 318 66.24 1.28 -27.62
CA ALA S 318 66.38 2.48 -26.82
C ALA S 318 66.36 2.17 -25.32
N THR S 319 65.99 0.94 -24.97
CA THR S 319 66.25 0.40 -23.64
C THR S 319 67.58 -0.39 -23.66
N VAL S 320 68.60 0.27 -24.16
CA VAL S 320 69.98 -0.16 -23.98
C VAL S 320 70.35 0.33 -22.58
N PRO S 321 71.41 -0.16 -21.97
CA PRO S 321 71.73 0.27 -20.60
C PRO S 321 71.89 1.78 -20.53
N SER S 322 71.36 2.37 -19.44
CA SER S 322 71.25 3.82 -19.38
C SER S 322 72.59 4.51 -19.26
N PHE S 323 73.66 3.80 -18.91
CA PHE S 323 74.95 4.47 -18.97
C PHE S 323 75.30 4.79 -20.41
N GLU S 324 75.38 3.75 -21.25
CA GLU S 324 75.58 3.97 -22.68
C GLU S 324 74.56 4.95 -23.22
N ALA S 325 73.29 4.77 -22.87
CA ALA S 325 72.24 5.64 -23.37
C ALA S 325 72.46 7.09 -22.96
N ILE S 326 72.52 7.39 -21.67
CA ILE S 326 72.62 8.78 -21.23
C ILE S 326 73.93 9.40 -21.69
N SER S 327 75.03 8.63 -21.66
CA SER S 327 76.29 9.15 -22.16
C SER S 327 76.21 9.53 -23.62
N GLN S 328 75.61 8.69 -24.46
CA GLN S 328 75.45 9.05 -25.86
C GLN S 328 74.48 10.19 -26.04
N LYS S 329 73.50 10.29 -25.15
CA LYS S 329 72.34 11.16 -25.38
C LYS S 329 72.62 12.59 -24.94
N ALA S 330 73.23 12.79 -23.78
CA ALA S 330 73.71 14.12 -23.42
C ALA S 330 74.82 14.58 -24.35
N PHE S 331 75.67 13.67 -24.82
CA PHE S 331 76.69 13.98 -25.81
C PHE S 331 76.09 14.44 -27.12
N ALA S 332 74.98 13.84 -27.55
CA ALA S 332 74.34 14.27 -28.78
C ALA S 332 73.46 15.50 -28.57
N ARG S 333 73.19 15.84 -27.32
CA ARG S 333 72.65 17.16 -27.01
C ARG S 333 73.68 18.26 -27.17
N ASN S 334 74.96 17.92 -27.12
CA ASN S 334 76.02 18.92 -27.19
C ASN S 334 76.00 19.67 -28.51
N THR S 335 76.39 19.01 -29.60
CA THR S 335 76.66 19.71 -30.86
C THR S 335 75.48 20.54 -31.32
N VAL S 336 74.26 20.17 -30.94
CA VAL S 336 73.06 20.90 -31.33
C VAL S 336 72.51 21.79 -30.22
N ARG S 337 73.14 21.79 -29.04
CA ARG S 337 72.76 22.70 -27.96
C ARG S 337 73.23 24.13 -28.27
N ASP S 338 72.73 25.09 -27.49
CA ASP S 338 73.13 26.49 -27.66
C ASP S 338 74.42 26.80 -26.92
N HIS S 339 74.78 25.99 -25.92
CA HIS S 339 76.02 26.14 -25.16
C HIS S 339 76.93 24.96 -25.42
N PRO S 340 77.26 24.65 -26.66
CA PRO S 340 77.93 23.38 -26.94
C PRO S 340 79.43 23.47 -26.66
N THR S 341 79.87 22.67 -25.71
CA THR S 341 81.28 22.61 -25.32
C THR S 341 81.90 21.34 -25.87
N THR S 342 83.12 21.05 -25.40
CA THR S 342 83.76 19.77 -25.70
C THR S 342 84.94 19.60 -24.75
N GLY S 343 85.31 18.35 -24.49
CA GLY S 343 86.44 18.07 -23.63
C GLY S 343 86.01 17.73 -22.22
N GLU S 344 86.75 18.28 -21.25
CA GLU S 344 86.43 18.04 -19.84
C GLU S 344 85.12 18.72 -19.44
N GLU S 345 84.86 19.92 -19.96
CA GLU S 345 83.65 20.63 -19.61
C GLU S 345 82.41 20.00 -20.25
N LEU S 346 82.59 18.99 -21.10
CA LEU S 346 81.51 18.18 -21.66
C LEU S 346 81.42 16.81 -20.99
N THR S 347 82.57 16.17 -20.76
CA THR S 347 82.59 14.96 -19.95
C THR S 347 81.99 15.18 -18.57
N GLN S 348 82.28 16.31 -17.94
CA GLN S 348 81.77 16.59 -16.60
C GLN S 348 80.26 16.69 -16.59
N GLU S 349 79.68 17.43 -17.56
CA GLU S 349 78.23 17.54 -17.64
C GLU S 349 77.59 16.19 -17.96
N VAL S 350 78.22 15.39 -18.82
CA VAL S 350 77.62 14.10 -19.18
C VAL S 350 77.58 13.18 -17.97
N VAL S 351 78.71 12.98 -17.30
CA VAL S 351 78.71 12.12 -16.12
C VAL S 351 77.88 12.74 -15.01
N ASP S 352 77.65 14.05 -15.08
CA ASP S 352 76.81 14.67 -14.08
C ASP S 352 75.35 14.32 -14.29
N THR S 353 74.86 14.42 -15.53
CA THR S 353 73.51 13.94 -15.83
C THR S 353 73.36 12.48 -15.45
N ILE S 354 74.41 11.68 -15.70
CA ILE S 354 74.38 10.27 -15.34
C ILE S 354 74.17 10.09 -13.84
N ARG S 355 74.98 10.76 -13.02
CA ARG S 355 74.83 10.60 -11.58
C ARG S 355 73.48 11.10 -11.09
N THR S 356 73.03 12.26 -11.61
CA THR S 356 71.74 12.78 -11.19
C THR S 356 70.60 11.83 -11.56
N SER S 357 70.65 11.25 -12.74
CA SER S 357 69.66 10.25 -13.13
C SER S 357 69.70 9.03 -12.22
N ARG S 358 70.90 8.53 -11.89
CA ARG S 358 70.98 7.40 -10.98
C ARG S 358 70.27 7.70 -9.67
N GLU S 359 70.62 8.84 -9.04
CA GLU S 359 69.99 9.19 -7.78
C GLU S 359 68.48 9.36 -7.92
N ALA S 360 68.03 10.08 -8.95
CA ALA S 360 66.61 10.39 -9.08
C ALA S 360 65.81 9.15 -9.45
N SER S 361 66.46 8.18 -10.11
CA SER S 361 65.76 6.93 -10.45
C SER S 361 65.62 6.02 -9.25
N GLU S 362 66.67 5.90 -8.44
CA GLU S 362 66.51 5.18 -7.17
C GLU S 362 65.45 5.85 -6.32
N TRP S 363 65.36 7.18 -6.41
CA TRP S 363 64.29 7.93 -5.74
C TRP S 363 62.90 7.57 -6.27
N GLN S 364 62.74 7.54 -7.60
CA GLN S 364 61.46 7.21 -8.20
C GLN S 364 61.04 5.78 -7.87
N ARG S 365 62.02 4.87 -7.73
CA ARG S 365 61.66 3.50 -7.37
C ARG S 365 61.32 3.36 -5.88
N GLU S 366 61.99 4.11 -5.01
CA GLU S 366 61.47 4.26 -3.65
C GLU S 366 60.01 4.72 -3.67
N GLN S 367 59.69 5.68 -4.55
CA GLN S 367 58.32 6.19 -4.59
C GLN S 367 57.34 5.17 -5.17
N GLU S 368 57.74 4.41 -6.17
CA GLU S 368 56.85 3.37 -6.70
C GLU S 368 56.61 2.28 -5.68
N ARG S 369 57.61 1.97 -4.85
CA ARG S 369 57.35 1.09 -3.71
C ARG S 369 56.35 1.73 -2.78
N ALA S 370 56.53 3.02 -2.47
CA ALA S 370 55.62 3.69 -1.55
C ALA S 370 54.19 3.68 -2.06
N GLN S 371 53.99 3.89 -3.35
CA GLN S 371 52.65 3.83 -3.93
C GLN S 371 52.11 2.41 -4.05
N ARG S 372 52.87 1.52 -4.71
CA ARG S 372 52.45 0.14 -4.90
C ARG S 372 52.02 -0.50 -3.60
N PHE S 373 52.76 -0.25 -2.51
CA PHE S 373 52.40 -0.81 -1.22
C PHE S 373 51.88 0.24 -0.24
N GLY S 374 51.42 1.38 -0.72
CA GLY S 374 50.89 2.41 0.15
C GLY S 374 51.82 2.89 1.22
N LEU S 375 53.13 2.69 1.05
CA LEU S 375 54.08 3.08 2.08
C LEU S 375 54.06 4.59 2.25
N GLY S 376 54.41 5.02 3.45
CA GLY S 376 54.46 6.43 3.78
C GLY S 376 53.23 6.86 4.56
N ARG S 377 53.48 7.77 5.49
CA ARG S 377 52.44 8.26 6.36
C ARG S 377 51.41 9.05 5.56
N GLN S 378 50.16 8.93 5.98
CA GLN S 378 49.05 9.63 5.35
C GLN S 378 48.55 10.69 6.31
N GLY S 379 48.31 11.88 5.79
CA GLY S 379 47.90 12.99 6.62
C GLY S 379 49.07 13.74 7.22
N ALA S 380 48.90 14.11 8.48
CA ALA S 380 49.95 14.82 9.20
C ALA S 380 50.65 13.90 10.18
N LEU S 381 51.67 14.43 10.86
CA LEU S 381 52.38 13.63 11.84
C LEU S 381 51.79 13.80 13.23
N VAL S 382 51.30 15.00 13.54
CA VAL S 382 50.88 15.37 14.88
C VAL S 382 49.38 15.61 14.86
N GLN S 383 48.69 14.86 14.01
CA GLN S 383 47.23 14.87 14.03
C GLN S 383 46.74 14.69 15.45
N ASP S 384 45.70 15.43 15.80
CA ASP S 384 45.28 15.50 17.20
C ASP S 384 44.86 14.15 17.78
N GLY S 385 44.87 13.10 16.98
CA GLY S 385 44.51 11.77 17.45
C GLY S 385 45.63 10.77 17.32
N GLY S 386 46.82 11.13 17.78
CA GLY S 386 47.93 10.23 17.75
C GLY S 386 48.69 10.35 16.46
N PRO S 387 49.97 9.97 16.49
CA PRO S 387 50.81 10.14 15.29
C PRO S 387 50.45 9.20 14.17
N ASP S 388 50.12 7.95 14.49
CA ASP S 388 49.95 6.90 13.50
C ASP S 388 48.54 6.81 12.93
N LYS S 389 47.74 7.87 13.04
CA LYS S 389 46.35 7.80 12.62
C LYS S 389 46.27 7.54 11.12
N ARG S 390 45.36 6.65 10.73
CA ARG S 390 45.36 6.13 9.37
C ARG S 390 43.98 5.59 9.04
N THR S 391 43.74 5.34 7.75
CA THR S 391 42.50 4.75 7.27
C THR S 391 42.85 3.58 6.36
N LEU S 392 42.12 2.47 6.51
CA LEU S 392 42.28 1.33 5.61
C LEU S 392 41.21 1.41 4.52
N LYS S 393 41.63 1.16 3.29
CA LYS S 393 40.72 1.16 2.15
C LYS S 393 40.47 -0.27 1.67
N LYS S 394 39.25 -0.50 1.19
CA LYS S 394 38.86 -1.82 0.73
C LYS S 394 39.71 -2.24 -0.46
N HIS S 395 40.53 -3.27 -0.27
CA HIS S 395 41.38 -3.78 -1.33
C HIS S 395 42.33 -2.71 -1.87
N VAL S 396 43.01 -2.00 -0.96
CA VAL S 396 44.06 -1.05 -1.31
C VAL S 396 45.24 -1.26 -0.39
N ASN S 397 46.43 -1.45 -0.98
CA ASN S 397 47.65 -1.77 -0.24
C ASN S 397 48.00 -0.65 0.73
N ASP S 398 48.56 -1.01 1.89
CA ASP S 398 48.86 -0.03 2.92
C ASP S 398 50.06 -0.45 3.77
N GLU S 399 50.67 0.53 4.41
CA GLU S 399 51.90 0.29 5.17
C GLU S 399 51.64 -0.48 6.44
N ARG S 400 50.53 -0.19 7.12
CA ARG S 400 50.16 -1.02 8.24
C ARG S 400 49.93 -2.45 7.79
N ILE S 401 49.40 -2.64 6.58
CA ILE S 401 49.20 -3.99 6.06
C ILE S 401 50.53 -4.68 5.77
N MET S 402 51.52 -3.96 5.22
CA MET S 402 52.85 -4.55 5.06
C MET S 402 53.43 -4.97 6.39
N ASP S 403 53.45 -4.06 7.35
CA ASP S 403 53.89 -4.37 8.70
C ASP S 403 53.11 -5.51 9.31
N ALA S 404 51.84 -5.69 8.93
CA ALA S 404 50.97 -6.69 9.53
C ALA S 404 51.12 -8.08 8.94
N MET S 405 51.15 -8.20 7.62
CA MET S 405 51.46 -9.49 7.01
C MET S 405 52.89 -9.94 7.32
N PHE S 406 53.78 -9.02 7.73
CA PHE S 406 55.07 -9.48 8.21
C PHE S 406 55.05 -9.85 9.68
N PHE S 407 54.39 -9.07 10.52
CA PHE S 407 54.27 -9.41 11.93
C PHE S 407 53.44 -10.67 12.11
N ARG S 408 52.60 -11.00 11.14
CA ARG S 408 51.77 -12.20 11.23
C ARG S 408 52.55 -13.45 10.86
N SER S 409 53.35 -13.40 9.80
CA SER S 409 54.15 -14.57 9.44
C SER S 409 55.35 -14.69 10.37
N ASP S 410 56.25 -13.71 10.34
CA ASP S 410 57.50 -13.77 11.12
C ASP S 410 57.39 -12.93 12.39
N ALA S 411 56.66 -13.47 13.36
CA ALA S 411 56.28 -12.70 14.56
C ALA S 411 57.46 -12.49 15.51
N TYR S 412 58.13 -13.55 15.91
CA TYR S 412 59.34 -13.53 16.72
C TYR S 412 60.34 -14.52 16.15
N ARG S 413 60.53 -14.47 14.83
CA ARG S 413 61.18 -15.55 14.11
C ARG S 413 62.67 -15.62 14.41
N LYS S 414 63.13 -16.75 14.94
CA LYS S 414 64.56 -17.03 14.98
C LYS S 414 65.10 -17.62 13.68
N THR S 415 64.33 -18.46 13.00
CA THR S 415 64.62 -18.84 11.62
C THR S 415 63.34 -19.33 10.98
N GLN S 416 63.40 -19.57 9.68
CA GLN S 416 62.18 -19.92 8.93
C GLN S 416 61.49 -21.16 9.50
N THR S 417 62.21 -22.03 10.20
CA THR S 417 61.68 -23.27 10.75
C THR S 417 61.52 -23.20 12.26
N ASP S 418 61.09 -22.05 12.79
CA ASP S 418 60.91 -21.93 14.23
C ASP S 418 59.77 -22.81 14.71
N GLU S 419 58.70 -22.90 13.92
CA GLU S 419 57.55 -23.75 14.22
C GLU S 419 57.63 -25.11 13.55
N HIS S 420 58.78 -25.46 12.98
CA HIS S 420 58.97 -26.76 12.39
C HIS S 420 59.19 -27.85 13.43
N TRP S 421 58.75 -27.63 14.68
CA TRP S 421 58.78 -28.71 15.66
C TRP S 421 57.60 -29.63 15.50
N ASN S 422 56.43 -29.08 15.13
CA ASN S 422 55.24 -29.89 14.93
C ASN S 422 55.38 -30.68 13.64
N PRO S 423 55.01 -31.96 13.63
CA PRO S 423 55.20 -32.75 12.40
C PRO S 423 54.34 -32.29 11.24
N TYR S 424 53.04 -32.13 11.44
CA TYR S 424 52.17 -31.68 10.37
C TYR S 424 52.22 -30.17 10.22
N MET S 425 53.17 -29.53 10.90
CA MET S 425 53.60 -28.20 10.55
C MET S 425 54.90 -28.20 9.78
N ARG S 426 55.71 -29.25 9.96
CA ARG S 426 57.01 -29.26 9.31
C ARG S 426 56.92 -29.81 7.90
N GLN S 427 56.20 -30.90 7.73
CA GLN S 427 56.27 -31.60 6.46
C GLN S 427 55.66 -30.82 5.30
N ASP S 428 55.00 -29.69 5.57
CA ASP S 428 54.28 -28.97 4.52
C ASP S 428 55.23 -28.45 3.44
N THR S 429 54.98 -28.86 2.19
CA THR S 429 55.78 -28.46 1.03
C THR S 429 55.10 -27.39 0.19
N THR S 430 54.52 -26.36 0.82
CA THR S 430 53.91 -25.30 0.06
C THR S 430 54.95 -24.39 -0.57
N HIS S 431 55.71 -23.66 0.27
CA HIS S 431 56.67 -22.68 -0.21
C HIS S 431 58.04 -23.27 -0.51
N GLY S 432 58.10 -24.51 -0.97
CA GLY S 432 59.34 -25.14 -1.34
C GLY S 432 59.41 -26.52 -0.74
N VAL S 433 60.53 -27.19 -0.97
CA VAL S 433 60.73 -28.55 -0.50
C VAL S 433 62.05 -28.74 0.24
N ALA S 434 62.90 -27.72 0.28
CA ALA S 434 64.24 -27.90 0.79
C ALA S 434 64.28 -28.42 2.22
N HIS S 435 63.56 -27.79 3.14
CA HIS S 435 63.69 -28.10 4.57
C HIS S 435 63.46 -29.58 4.88
N LEU S 436 62.89 -30.36 3.97
CA LEU S 436 62.72 -31.79 4.19
C LEU S 436 63.75 -32.63 3.47
N LEU S 437 64.69 -32.02 2.76
CA LEU S 437 65.83 -32.72 2.17
C LEU S 437 67.04 -32.38 3.04
N ASN S 438 67.34 -33.25 4.00
CA ASN S 438 68.30 -32.95 5.05
C ASN S 438 69.67 -33.57 4.83
N ASN S 439 69.84 -34.42 3.84
CA ASN S 439 71.17 -34.89 3.49
C ASN S 439 71.34 -34.90 1.98
N LYS S 440 72.60 -35.03 1.55
CA LYS S 440 72.94 -35.03 0.13
C LYS S 440 72.32 -36.19 -0.64
N PHE S 441 72.14 -37.35 -0.01
CA PHE S 441 71.43 -38.43 -0.68
C PHE S 441 70.00 -38.03 -1.00
N ASP S 442 69.34 -37.36 -0.06
CA ASP S 442 67.98 -36.90 -0.35
C ASP S 442 67.93 -36.08 -1.63
N ILE S 443 68.78 -35.06 -1.74
CA ILE S 443 68.72 -34.18 -2.90
C ILE S 443 69.26 -34.89 -4.15
N ALA S 444 70.15 -35.87 -3.97
CA ALA S 444 70.65 -36.63 -5.10
C ALA S 444 69.55 -37.45 -5.76
N ARG S 445 68.81 -38.22 -4.96
CA ARG S 445 67.69 -38.97 -5.54
C ARG S 445 66.60 -38.02 -6.00
N ARG S 446 66.47 -36.87 -5.34
CA ARG S 446 65.56 -35.85 -5.83
C ARG S 446 65.85 -35.51 -7.30
N GLU S 447 67.09 -35.11 -7.60
CA GLU S 447 67.37 -34.66 -8.95
C GLU S 447 67.41 -35.80 -9.97
N ASP S 448 67.94 -36.97 -9.59
CA ASP S 448 67.87 -38.10 -10.51
C ASP S 448 66.42 -38.43 -10.84
N ARG S 449 65.55 -38.39 -9.84
CA ARG S 449 64.15 -38.68 -10.03
C ARG S 449 63.48 -37.65 -10.91
N LEU S 450 63.79 -36.37 -10.73
CA LEU S 450 63.17 -35.36 -11.56
C LEU S 450 63.70 -35.39 -12.99
N SER S 451 64.94 -35.83 -13.20
CA SER S 451 65.42 -36.07 -14.55
C SER S 451 64.66 -37.19 -15.22
N LYS S 452 64.66 -38.38 -14.63
CA LYS S 452 63.90 -39.51 -15.15
C LYS S 452 62.39 -39.26 -15.15
N GLY S 453 61.96 -38.14 -14.57
CA GLY S 453 60.58 -37.71 -14.65
C GLY S 453 59.64 -38.27 -13.61
N GLU S 454 60.08 -39.21 -12.79
CA GLU S 454 59.22 -39.77 -11.76
C GLU S 454 58.85 -38.70 -10.75
N GLN S 455 57.67 -38.84 -10.17
CA GLN S 455 57.14 -37.83 -9.28
C GLN S 455 58.03 -37.71 -8.05
N ASP S 456 58.45 -36.48 -7.77
CA ASP S 456 59.54 -36.25 -6.82
C ASP S 456 59.22 -36.88 -5.48
N LEU S 457 60.19 -37.61 -4.94
CA LEU S 457 59.93 -38.41 -3.76
C LEU S 457 59.79 -37.56 -2.51
N THR S 458 60.47 -36.43 -2.44
CA THR S 458 60.21 -35.49 -1.35
C THR S 458 58.98 -34.65 -1.63
N GLU S 459 58.53 -34.61 -2.87
CA GLU S 459 57.21 -34.04 -3.14
C GLU S 459 56.11 -34.82 -2.45
N ARG S 460 56.20 -36.14 -2.45
CA ARG S 460 55.16 -36.95 -1.83
C ARG S 460 55.18 -36.87 -0.32
N SER S 461 55.96 -35.96 0.27
CA SER S 461 56.03 -35.88 1.72
C SER S 461 54.74 -35.32 2.33
N VAL S 462 53.99 -34.53 1.57
CA VAL S 462 52.63 -34.16 1.96
C VAL S 462 51.65 -35.02 1.17
N MET S 463 50.66 -35.59 1.84
CA MET S 463 49.72 -36.45 1.15
C MET S 463 48.58 -35.59 0.66
N HIS S 464 48.55 -35.42 -0.65
CA HIS S 464 47.52 -34.63 -1.30
C HIS S 464 46.56 -35.60 -1.96
N PHE S 465 45.65 -36.15 -1.17
CA PHE S 465 44.50 -36.84 -1.71
C PHE S 465 43.77 -35.90 -2.64
N GLY S 466 43.77 -36.20 -3.92
CA GLY S 466 43.27 -35.25 -4.89
C GLY S 466 41.79 -35.00 -4.77
N VAL S 467 41.22 -34.44 -5.82
CA VAL S 467 39.78 -34.30 -5.90
C VAL S 467 39.21 -35.53 -6.62
N PRO S 468 38.28 -36.25 -6.01
CA PRO S 468 37.75 -37.46 -6.66
C PRO S 468 37.03 -37.13 -7.95
N ILE S 469 37.30 -37.97 -8.95
CA ILE S 469 36.62 -37.85 -10.23
C ILE S 469 35.13 -37.74 -10.01
N GLN S 470 34.63 -38.45 -9.02
CA GLN S 470 33.22 -38.37 -8.72
C GLN S 470 32.85 -37.01 -8.18
N GLN S 471 33.70 -36.39 -7.36
CA GLN S 471 33.33 -35.06 -6.89
C GLN S 471 33.31 -34.06 -8.02
N THR S 472 34.31 -34.08 -8.90
CA THR S 472 34.30 -33.13 -10.01
C THR S 472 33.09 -33.32 -10.91
N ILE S 473 32.77 -34.58 -11.26
CA ILE S 473 31.59 -34.83 -12.07
C ILE S 473 30.32 -34.43 -11.35
N ASP S 474 30.19 -34.76 -10.07
CA ASP S 474 29.02 -34.38 -9.32
C ASP S 474 28.84 -32.88 -9.21
N GLU S 475 29.93 -32.15 -8.94
CA GLU S 475 29.84 -30.70 -8.94
C GLU S 475 29.41 -30.18 -10.29
N PHE S 476 29.96 -30.74 -11.37
CA PHE S 476 29.59 -30.28 -12.69
C PHE S 476 28.12 -30.47 -12.95
N VAL S 477 27.60 -31.64 -12.62
CA VAL S 477 26.18 -31.88 -12.80
C VAL S 477 25.38 -30.91 -11.95
N PHE S 478 25.84 -30.60 -10.73
CA PHE S 478 25.10 -29.71 -9.85
C PHE S 478 25.07 -28.28 -10.36
N ARG S 479 26.20 -27.79 -10.87
CA ARG S 479 26.21 -26.47 -11.47
C ARG S 479 25.33 -26.43 -12.71
N HIS S 480 25.43 -27.43 -13.57
CA HIS S 480 24.81 -27.37 -14.86
C HIS S 480 23.42 -27.95 -14.86
N ARG S 481 22.87 -28.26 -13.69
CA ARG S 481 21.48 -28.67 -13.53
C ARG S 481 21.20 -29.93 -14.36
N ASN S 482 21.86 -31.01 -13.96
CA ASN S 482 21.67 -32.39 -14.36
C ASN S 482 22.39 -32.80 -15.66
N ALA S 483 23.09 -31.90 -16.34
CA ALA S 483 23.77 -32.25 -17.60
C ALA S 483 22.76 -32.78 -18.61
N ARG S 484 21.61 -32.11 -18.61
CA ARG S 484 20.52 -32.53 -19.47
C ARG S 484 20.95 -32.62 -20.91
N GLY S 485 21.90 -31.80 -21.34
CA GLY S 485 22.41 -31.90 -22.69
C GLY S 485 23.30 -33.09 -22.91
N GLU S 486 23.73 -33.76 -21.84
CA GLU S 486 24.72 -34.81 -21.98
C GLU S 486 24.16 -36.21 -21.80
N ARG S 487 23.05 -36.37 -21.04
CA ARG S 487 22.56 -37.74 -20.84
C ARG S 487 22.30 -38.43 -22.18
N PRO S 488 22.21 -39.76 -22.21
CA PRO S 488 21.76 -40.43 -23.43
C PRO S 488 20.25 -40.37 -23.54
N LEU S 489 19.77 -40.11 -24.74
CA LEU S 489 18.35 -39.88 -24.95
C LEU S 489 17.48 -41.00 -24.39
N ASP S 490 18.05 -42.14 -24.03
CA ASP S 490 17.26 -43.12 -23.31
C ASP S 490 17.09 -42.75 -21.85
N TYR S 491 17.92 -41.84 -21.33
CA TYR S 491 17.71 -41.34 -19.98
C TYR S 491 16.32 -40.78 -19.82
N PHE S 492 15.80 -40.20 -20.90
CA PHE S 492 14.59 -39.44 -20.88
C PHE S 492 13.38 -40.25 -21.30
N LYS S 493 13.27 -41.49 -20.90
CA LYS S 493 12.11 -42.31 -21.17
C LYS S 493 11.71 -43.02 -19.90
N PRO S 494 10.68 -43.88 -19.92
CA PRO S 494 10.35 -44.60 -18.69
C PRO S 494 11.50 -45.48 -18.23
N PHE S 495 11.95 -45.24 -17.01
CA PHE S 495 12.89 -46.12 -16.34
C PHE S 495 14.11 -46.36 -17.20
N PRO S 496 14.99 -45.38 -17.36
CA PRO S 496 16.21 -45.65 -18.09
C PRO S 496 17.04 -46.67 -17.35
N GLY S 497 17.33 -47.78 -18.02
CA GLY S 497 18.17 -48.80 -17.45
C GLY S 497 19.51 -48.21 -17.06
N PHE S 498 20.11 -48.83 -16.03
CA PHE S 498 21.25 -48.22 -15.35
C PHE S 498 22.29 -47.69 -16.32
N ARG S 499 22.40 -48.30 -17.50
CA ARG S 499 23.30 -47.87 -18.55
C ARG S 499 22.96 -46.51 -19.09
N ASP S 500 21.85 -45.92 -18.67
CA ASP S 500 21.33 -44.71 -19.27
C ASP S 500 21.46 -43.49 -18.37
N PHE S 501 22.15 -43.61 -17.24
CA PHE S 501 22.51 -42.45 -16.44
C PHE S 501 23.92 -41.97 -16.70
N ARG S 502 24.80 -42.86 -17.14
CA ARG S 502 26.16 -42.46 -17.47
C ARG S 502 26.15 -41.69 -18.77
N LEU S 503 27.01 -40.68 -18.84
CA LEU S 503 26.91 -39.68 -19.90
C LEU S 503 27.30 -40.26 -21.25
N ASN S 504 27.19 -39.43 -22.29
CA ASN S 504 27.51 -39.85 -23.65
C ASN S 504 29.02 -39.73 -23.85
N ARG S 505 29.75 -40.57 -23.14
CA ARG S 505 31.19 -40.58 -23.25
C ARG S 505 31.62 -41.42 -24.44
N MET S 506 32.74 -41.04 -25.04
CA MET S 506 33.18 -41.66 -26.29
C MET S 506 33.78 -43.03 -26.00
N TYR S 507 32.92 -44.01 -25.83
CA TYR S 507 33.40 -45.34 -25.53
C TYR S 507 33.99 -45.98 -26.78
N ARG S 508 35.07 -46.72 -26.57
CA ARG S 508 36.01 -47.10 -27.62
C ARG S 508 35.39 -47.79 -28.80
N ASP S 509 34.14 -48.26 -28.74
CA ASP S 509 33.61 -49.02 -29.87
C ASP S 509 33.49 -48.18 -31.14
N VAL S 510 33.93 -46.92 -31.10
CA VAL S 510 34.12 -46.12 -32.30
C VAL S 510 35.61 -45.89 -32.50
N GLU S 511 36.44 -46.78 -31.94
CA GLU S 511 37.86 -46.67 -32.22
C GLU S 511 38.19 -47.06 -33.65
N GLY S 512 37.45 -48.00 -34.25
CA GLY S 512 37.88 -48.60 -35.49
C GLY S 512 37.14 -48.24 -36.76
N PHE S 513 35.93 -47.69 -36.68
CA PHE S 513 35.04 -47.59 -37.83
C PHE S 513 35.52 -46.47 -38.74
N SER S 514 36.23 -46.87 -39.78
CA SER S 514 36.74 -45.96 -40.79
C SER S 514 35.65 -45.43 -41.70
N LEU S 515 34.49 -46.04 -41.69
CA LEU S 515 33.38 -45.54 -42.50
C LEU S 515 32.98 -44.14 -42.05
N MET S 516 32.51 -44.00 -40.82
CA MET S 516 32.06 -42.71 -40.32
C MET S 516 33.23 -41.85 -39.88
N LYS S 517 33.33 -40.65 -40.45
CA LYS S 517 34.47 -39.81 -40.11
C LYS S 517 34.20 -39.01 -38.84
N GLN S 518 33.31 -38.03 -38.92
CA GLN S 518 32.98 -37.25 -37.74
C GLN S 518 31.50 -37.08 -37.53
N ARG S 519 30.69 -37.12 -38.57
CA ARG S 519 29.24 -37.08 -38.47
C ARG S 519 28.75 -38.22 -39.34
N PRO S 520 28.21 -39.30 -38.77
CA PRO S 520 27.78 -40.43 -39.61
C PRO S 520 26.63 -40.01 -40.52
N GLU S 521 26.82 -40.20 -41.83
CA GLU S 521 25.85 -39.77 -42.82
C GLU S 521 24.66 -40.74 -42.82
N PHE S 522 23.76 -40.59 -43.77
CA PHE S 522 22.52 -41.35 -43.73
C PHE S 522 22.81 -42.83 -43.68
N LEU S 523 22.12 -43.54 -42.80
CA LEU S 523 22.23 -44.98 -42.65
C LEU S 523 23.63 -45.41 -42.28
N GLU S 524 24.58 -44.47 -42.24
CA GLU S 524 25.93 -44.78 -41.78
C GLU S 524 25.90 -45.27 -40.33
N TRP S 525 25.25 -44.52 -39.46
CA TRP S 525 25.09 -44.97 -38.09
C TRP S 525 24.32 -46.27 -38.00
N GLU S 526 23.33 -46.47 -38.84
CA GLU S 526 22.56 -47.69 -38.73
C GLU S 526 23.38 -48.90 -39.12
N LEU S 527 24.26 -48.76 -40.12
CA LEU S 527 25.14 -49.86 -40.48
C LEU S 527 26.25 -50.05 -39.46
N PHE S 528 26.79 -48.98 -38.91
CA PHE S 528 27.76 -49.11 -37.83
C PHE S 528 27.15 -49.85 -36.64
N THR S 529 25.87 -49.61 -36.35
CA THR S 529 25.22 -50.31 -35.28
C THR S 529 24.89 -51.77 -35.63
N ARG S 530 24.53 -52.02 -36.88
CA ARG S 530 24.44 -53.41 -37.35
C ARG S 530 25.77 -54.14 -37.19
N TYR S 531 26.87 -53.42 -37.36
CA TYR S 531 28.17 -54.07 -37.25
C TYR S 531 28.63 -54.16 -35.80
N ARG S 532 28.13 -53.26 -34.95
CA ARG S 532 28.23 -53.49 -33.52
C ARG S 532 27.57 -54.80 -33.15
N ALA S 533 26.38 -55.06 -33.70
CA ALA S 533 25.76 -56.37 -33.58
C ALA S 533 26.60 -57.48 -34.17
N HIS S 534 27.26 -57.22 -35.29
CA HIS S 534 28.06 -58.25 -35.93
C HIS S 534 29.28 -58.62 -35.10
N HIS S 535 30.03 -57.64 -34.62
CA HIS S 535 31.12 -57.90 -33.70
C HIS S 535 30.63 -58.48 -32.37
N GLN S 536 29.39 -58.22 -31.97
CA GLN S 536 28.86 -58.88 -30.78
C GLN S 536 28.54 -60.34 -31.02
N GLN S 537 27.97 -60.67 -32.17
CA GLN S 537 27.85 -62.07 -32.56
C GLN S 537 29.22 -62.71 -32.70
N ARG S 538 30.19 -61.94 -33.17
CA ARG S 538 31.59 -62.33 -33.11
C ARG S 538 31.99 -62.74 -31.71
N ARG S 539 31.75 -61.88 -30.72
CA ARG S 539 32.16 -62.19 -29.36
C ARG S 539 31.43 -63.41 -28.83
N ARG S 540 30.15 -63.54 -29.19
CA ARG S 540 29.39 -64.71 -28.77
C ARG S 540 29.99 -66.00 -29.28
N ILE S 541 30.31 -66.05 -30.57
CA ILE S 541 30.83 -67.28 -31.13
C ILE S 541 32.28 -67.48 -30.68
N ALA S 542 33.00 -66.38 -30.45
CA ALA S 542 34.39 -66.44 -30.01
C ALA S 542 34.52 -67.07 -28.65
N LEU S 543 33.79 -66.57 -27.66
CA LEU S 543 33.72 -67.32 -26.42
C LEU S 543 32.97 -68.64 -26.62
N LEU S 544 32.11 -68.74 -27.62
CA LEU S 544 31.38 -69.99 -27.78
C LEU S 544 32.34 -71.16 -27.96
N HIS S 545 33.08 -71.18 -29.05
CA HIS S 545 34.05 -72.25 -29.24
C HIS S 545 35.35 -71.98 -28.51
N GLY S 546 35.44 -70.88 -27.78
CA GLY S 546 36.64 -70.63 -27.01
C GLY S 546 37.78 -70.09 -27.83
N LEU S 547 37.53 -69.08 -28.64
CA LEU S 547 38.60 -68.40 -29.35
C LEU S 547 38.93 -67.06 -28.71
N GLU S 548 38.79 -66.97 -27.40
CA GLU S 548 39.03 -65.74 -26.68
C GLU S 548 40.47 -65.29 -26.84
N PRO S 549 40.72 -63.99 -26.83
CA PRO S 549 42.12 -63.51 -26.82
C PRO S 549 42.79 -63.90 -25.51
N VAL S 550 44.08 -64.23 -25.60
CA VAL S 550 44.84 -64.76 -24.47
C VAL S 550 45.85 -63.72 -24.00
N ALA S 551 45.97 -63.55 -22.68
CA ALA S 551 46.86 -62.54 -22.11
C ALA S 551 48.29 -62.67 -22.61
N ASN S 552 48.82 -63.87 -22.68
CA ASN S 552 50.20 -64.08 -23.04
C ASN S 552 50.38 -64.75 -24.39
N GLU S 553 49.46 -64.51 -25.32
CA GLU S 553 49.54 -65.22 -26.59
C GLU S 553 50.50 -64.54 -27.56
N THR S 554 51.09 -65.34 -28.45
CA THR S 554 52.03 -64.83 -29.44
C THR S 554 51.37 -64.71 -30.81
N ALA S 555 52.06 -64.05 -31.73
CA ALA S 555 51.47 -63.65 -33.01
C ALA S 555 51.03 -64.83 -33.85
N GLN S 556 51.79 -65.92 -33.85
CA GLN S 556 51.41 -67.06 -34.67
C GLN S 556 50.09 -67.64 -34.21
N GLU S 557 49.97 -67.91 -32.90
CA GLU S 557 48.68 -68.30 -32.33
C GLU S 557 47.60 -67.27 -32.59
N ARG S 558 47.92 -65.98 -32.50
CA ARG S 558 46.93 -64.94 -32.74
C ARG S 558 46.30 -65.07 -34.11
N ASP S 559 47.12 -65.02 -35.15
CA ASP S 559 46.54 -65.08 -36.48
C ASP S 559 46.01 -66.48 -36.83
N ALA S 560 46.56 -67.56 -36.25
CA ALA S 560 45.94 -68.86 -36.42
C ALA S 560 44.53 -68.89 -35.86
N ARG S 561 44.36 -68.42 -34.64
CA ARG S 561 43.04 -68.29 -34.03
C ARG S 561 42.15 -67.35 -34.83
N ARG S 562 42.70 -66.26 -35.35
CA ARG S 562 41.90 -65.32 -36.13
C ARG S 562 41.31 -65.99 -37.35
N GLU S 563 42.17 -66.58 -38.19
CA GLU S 563 41.67 -67.26 -39.38
C GLU S 563 40.81 -68.46 -39.01
N LYS S 564 41.00 -68.99 -37.79
CA LYS S 564 40.13 -70.05 -37.28
C LYS S 564 38.72 -69.55 -37.06
N LEU S 565 38.58 -68.43 -36.36
CA LEU S 565 37.28 -67.86 -36.06
C LEU S 565 36.60 -67.27 -37.28
N ASP S 566 37.37 -66.67 -38.18
CA ASP S 566 36.85 -66.18 -39.44
C ASP S 566 36.08 -67.26 -40.18
N GLU S 567 36.57 -68.49 -40.11
CA GLU S 567 35.96 -69.59 -40.83
C GLU S 567 34.56 -69.88 -40.35
N ILE S 568 34.31 -69.77 -39.04
CA ILE S 568 33.01 -70.12 -38.51
C ILE S 568 32.09 -68.91 -38.55
N CYS S 569 32.61 -67.72 -38.20
CA CYS S 569 31.81 -66.51 -38.26
C CYS S 569 31.26 -66.28 -39.66
N GLU S 570 32.13 -66.18 -40.66
CA GLU S 570 31.70 -65.95 -42.03
C GLU S 570 30.80 -67.05 -42.57
N ARG S 571 30.66 -68.16 -41.85
CA ARG S 571 29.86 -69.28 -42.30
C ARG S 571 28.67 -69.58 -41.41
N THR S 572 28.57 -68.95 -40.24
CA THR S 572 27.55 -69.19 -39.22
C THR S 572 26.49 -68.07 -39.26
N PRO S 573 25.21 -68.39 -39.07
CA PRO S 573 24.18 -67.35 -39.16
C PRO S 573 24.41 -66.19 -38.19
N PHE S 574 24.06 -64.99 -38.67
CA PHE S 574 24.11 -63.78 -37.86
C PHE S 574 22.77 -63.58 -37.15
N ASP S 575 22.84 -63.33 -35.83
CA ASP S 575 21.66 -63.35 -34.98
C ASP S 575 20.98 -61.99 -35.00
N GLU S 576 19.67 -61.98 -35.27
CA GLU S 576 18.93 -60.75 -35.52
C GLU S 576 18.16 -60.25 -34.31
N ARG S 577 17.75 -61.12 -33.40
CA ARG S 577 17.06 -60.63 -32.23
C ARG S 577 17.96 -59.72 -31.41
N GLU S 578 19.28 -59.88 -31.52
CA GLU S 578 20.21 -59.00 -30.83
C GLU S 578 20.15 -57.58 -31.36
N LEU S 579 19.50 -57.34 -32.50
CA LEU S 579 19.56 -56.04 -33.15
C LEU S 579 18.73 -55.06 -32.35
N HIS S 580 19.35 -54.41 -31.37
CA HIS S 580 18.66 -53.53 -30.45
C HIS S 580 18.74 -52.09 -30.94
N THR S 581 17.56 -51.49 -31.08
CA THR S 581 17.46 -50.11 -31.53
C THR S 581 17.63 -49.20 -30.32
N ASN S 582 18.62 -48.31 -30.39
CA ASN S 582 18.92 -47.42 -29.28
C ASN S 582 18.06 -46.16 -29.34
N ASP S 583 18.50 -45.14 -28.63
CA ASP S 583 17.89 -43.83 -28.73
C ASP S 583 18.00 -43.29 -30.15
N ASP S 584 16.93 -42.64 -30.62
CA ASP S 584 16.95 -41.87 -31.86
C ASP S 584 17.63 -42.59 -33.01
N GLU S 585 17.61 -43.91 -33.03
CA GLU S 585 18.20 -44.67 -34.11
C GLU S 585 17.09 -45.19 -35.01
N MET S 586 17.38 -45.27 -36.30
CA MET S 586 16.42 -45.81 -37.26
C MET S 586 16.53 -47.33 -37.31
N GLN S 587 15.40 -48.02 -37.17
CA GLN S 587 15.39 -49.46 -37.27
C GLN S 587 15.10 -49.85 -38.71
N VAL S 588 16.10 -50.39 -39.38
CA VAL S 588 16.11 -50.54 -40.82
C VAL S 588 16.15 -52.02 -41.16
N SER S 589 15.91 -52.35 -42.43
CA SER S 589 15.94 -53.74 -42.85
C SER S 589 17.21 -54.08 -43.63
N GLY S 590 17.56 -55.37 -43.59
CA GLY S 590 18.72 -55.86 -44.30
C GLY S 590 18.72 -55.59 -45.79
N GLU S 591 17.57 -55.72 -46.44
CA GLU S 591 17.53 -55.44 -47.88
C GLU S 591 17.80 -53.99 -48.18
N THR S 592 17.27 -53.08 -47.38
CA THR S 592 17.55 -51.66 -47.59
C THR S 592 19.02 -51.35 -47.37
N LEU S 593 19.61 -51.94 -46.34
CA LEU S 593 21.05 -51.79 -46.18
C LEU S 593 21.80 -52.31 -47.41
N ARG S 594 21.48 -53.52 -47.85
CA ARG S 594 22.14 -54.10 -49.00
C ARG S 594 21.90 -53.30 -50.27
N SER S 595 20.83 -52.51 -50.32
CA SER S 595 20.59 -51.68 -51.49
C SER S 595 21.40 -50.39 -51.45
N TRP S 596 21.35 -49.66 -50.34
CA TRP S 596 22.04 -48.38 -50.29
C TRP S 596 23.54 -48.55 -50.25
N PHE S 597 24.04 -49.48 -49.45
CA PHE S 597 25.47 -49.69 -49.29
C PHE S 597 26.04 -50.66 -50.30
N GLY S 598 25.19 -51.39 -51.00
CA GLY S 598 25.66 -52.49 -51.80
C GLY S 598 25.79 -53.74 -50.96
N VAL S 599 25.71 -54.89 -51.63
CA VAL S 599 25.95 -56.15 -50.93
C VAL S 599 27.44 -56.42 -50.83
N TYR S 600 28.28 -55.45 -51.18
CA TYR S 600 29.67 -55.60 -50.81
C TYR S 600 29.92 -55.17 -49.38
N MET S 601 29.20 -54.16 -48.91
CA MET S 601 29.34 -53.77 -47.52
C MET S 601 28.63 -54.75 -46.60
N LEU S 602 27.50 -55.30 -47.07
CA LEU S 602 26.79 -56.35 -46.35
C LEU S 602 26.90 -57.63 -47.15
N PRO S 603 28.06 -58.26 -47.19
CA PRO S 603 28.20 -59.44 -48.03
C PRO S 603 27.63 -60.67 -47.36
N SER S 604 27.06 -61.49 -48.17
CA SER S 604 26.73 -62.84 -47.79
C SER S 604 27.96 -63.72 -47.93
N PRO S 605 28.00 -64.86 -47.24
CA PRO S 605 29.17 -65.75 -47.36
C PRO S 605 29.66 -65.96 -48.77
N THR S 606 28.77 -66.11 -49.75
CA THR S 606 29.18 -66.34 -51.13
C THR S 606 29.99 -65.19 -51.70
N VAL S 607 29.52 -63.96 -51.53
CA VAL S 607 30.27 -62.81 -51.98
C VAL S 607 31.58 -62.67 -51.21
N VAL S 608 31.58 -62.99 -49.91
CA VAL S 608 32.84 -62.96 -49.17
C VAL S 608 33.83 -63.96 -49.74
N GLU S 609 33.35 -65.16 -50.09
CA GLU S 609 34.19 -66.13 -50.76
C GLU S 609 34.78 -65.56 -52.04
N ALA S 610 33.92 -65.00 -52.88
CA ALA S 610 34.38 -64.37 -54.11
C ALA S 610 35.41 -63.28 -53.87
N VAL S 611 35.39 -62.62 -52.71
CA VAL S 611 36.38 -61.61 -52.37
C VAL S 611 37.68 -62.24 -51.89
N VAL S 612 37.60 -63.29 -51.08
CA VAL S 612 38.81 -63.82 -50.46
C VAL S 612 39.59 -64.68 -51.45
N GLY S 613 38.90 -65.46 -52.28
CA GLY S 613 39.57 -66.40 -53.15
C GLY S 613 40.27 -65.77 -54.33
N ALA S 614 39.54 -65.02 -55.14
CA ALA S 614 40.08 -64.42 -56.36
C ALA S 614 41.11 -63.36 -55.99
N SER S 615 41.77 -62.80 -56.99
CA SER S 615 42.88 -61.89 -56.75
C SER S 615 42.61 -60.47 -57.22
N ALA S 616 41.56 -60.27 -58.01
CA ALA S 616 41.34 -59.00 -58.67
C ALA S 616 40.84 -57.93 -57.70
N SER S 617 41.19 -56.69 -58.00
CA SER S 617 40.64 -55.52 -57.33
C SER S 617 39.48 -54.92 -58.12
N VAL S 618 39.37 -55.26 -59.40
CA VAL S 618 38.39 -54.68 -60.30
C VAL S 618 36.96 -55.12 -60.00
N ASN S 619 36.76 -56.06 -59.07
CA ASN S 619 35.44 -56.59 -58.78
C ASN S 619 35.09 -56.22 -57.35
N LEU S 620 34.51 -55.03 -57.18
CA LEU S 620 33.82 -54.65 -55.96
C LEU S 620 32.34 -54.85 -56.28
N HIS S 621 31.76 -55.92 -55.73
CA HIS S 621 30.49 -56.42 -56.20
C HIS S 621 29.34 -55.67 -55.56
N LEU S 622 29.06 -54.44 -56.00
CA LEU S 622 28.15 -53.60 -55.24
C LEU S 622 26.70 -54.06 -55.32
N PHE S 623 26.46 -55.30 -55.70
CA PHE S 623 25.12 -55.84 -55.89
C PHE S 623 25.14 -57.34 -55.69
N PRO S 624 23.99 -58.01 -55.66
CA PRO S 624 23.99 -59.44 -55.32
C PRO S 624 24.51 -60.31 -56.45
N LEU S 625 25.59 -61.03 -56.17
CA LEU S 625 25.95 -62.17 -56.99
C LEU S 625 25.10 -63.36 -56.56
N ALA S 626 24.41 -63.95 -57.55
CA ALA S 626 23.34 -64.89 -57.26
C ALA S 626 23.81 -66.07 -56.42
N ASP S 627 22.86 -66.79 -55.84
CA ASP S 627 23.18 -67.96 -55.05
C ASP S 627 23.47 -69.15 -55.94
N GLU S 628 23.95 -70.23 -55.31
CA GLU S 628 24.24 -71.47 -56.01
C GLU S 628 22.97 -72.22 -56.40
N MET S 629 21.79 -71.64 -56.13
CA MET S 629 20.55 -72.18 -56.66
C MET S 629 19.92 -71.27 -57.71
N GLY S 630 20.57 -70.18 -58.09
CA GLY S 630 20.05 -69.28 -59.10
C GLY S 630 19.21 -68.14 -58.58
N THR S 631 19.25 -67.88 -57.27
CA THR S 631 18.40 -66.88 -56.64
C THR S 631 19.26 -65.72 -56.13
N ALA S 632 18.59 -64.77 -55.49
CA ALA S 632 19.29 -63.71 -54.78
C ALA S 632 19.63 -64.21 -53.38
N ASP S 633 20.83 -63.89 -52.91
CA ASP S 633 21.32 -64.41 -51.64
C ASP S 633 20.73 -63.58 -50.50
N THR S 634 19.51 -63.93 -50.09
CA THR S 634 18.80 -63.26 -49.00
C THR S 634 19.27 -63.87 -47.69
N ARG S 635 20.42 -63.40 -47.22
CA ARG S 635 21.09 -64.02 -46.07
C ARG S 635 22.31 -63.16 -45.76
N GLU S 636 22.73 -63.17 -44.51
CA GLU S 636 23.96 -62.51 -44.08
C GLU S 636 24.62 -63.38 -43.03
N ASN S 637 25.95 -63.40 -43.03
CA ASN S 637 26.67 -64.11 -41.98
C ASN S 637 27.66 -63.18 -41.30
N VAL S 638 28.20 -63.68 -40.19
CA VAL S 638 28.91 -62.83 -39.24
C VAL S 638 30.09 -62.12 -39.89
N LEU S 639 30.36 -60.91 -39.42
CA LEU S 639 31.49 -60.13 -39.89
C LEU S 639 32.79 -60.61 -39.28
N SER S 640 33.68 -61.09 -40.15
CA SER S 640 34.99 -61.53 -39.74
C SER S 640 36.00 -60.46 -40.13
N SER S 641 37.27 -60.82 -40.06
CA SER S 641 38.31 -59.84 -40.31
C SER S 641 38.97 -60.00 -41.68
N ARG S 642 39.06 -61.24 -42.18
CA ARG S 642 39.71 -61.50 -43.46
C ARG S 642 39.04 -60.81 -44.63
N TYR S 643 37.72 -60.62 -44.59
CA TYR S 643 37.04 -59.99 -45.71
C TYR S 643 37.41 -58.52 -45.85
N PHE S 644 37.34 -57.77 -44.76
CA PHE S 644 37.85 -56.41 -44.80
C PHE S 644 39.33 -56.39 -45.11
N ASN S 645 40.07 -57.38 -44.64
CA ASN S 645 41.46 -57.48 -45.01
C ASN S 645 41.62 -57.58 -46.52
N ARG S 646 40.67 -58.22 -47.19
CA ARG S 646 40.68 -58.25 -48.65
C ARG S 646 40.32 -56.89 -49.25
N LEU S 647 39.25 -56.27 -48.76
CA LEU S 647 38.80 -55.01 -49.35
C LEU S 647 39.83 -53.90 -49.22
N LEU S 648 40.47 -53.79 -48.06
CA LEU S 648 41.18 -52.57 -47.70
C LEU S 648 42.28 -52.18 -48.68
N LEU S 649 42.51 -52.99 -49.71
CA LEU S 649 43.52 -52.70 -50.71
C LEU S 649 42.96 -52.08 -51.98
N MET S 650 41.68 -52.31 -52.28
CA MET S 650 41.06 -51.82 -53.49
C MET S 650 40.69 -50.35 -53.30
N GLU S 651 41.36 -49.48 -54.05
CA GLU S 651 41.26 -48.04 -53.82
C GLU S 651 39.82 -47.54 -53.86
N GLY S 652 38.90 -48.33 -54.40
CA GLY S 652 37.50 -48.00 -54.25
C GLY S 652 37.05 -47.93 -52.81
N PHE S 653 37.58 -48.83 -51.97
CA PHE S 653 37.23 -48.80 -50.56
C PHE S 653 38.09 -47.83 -49.78
N GLN S 654 39.37 -47.70 -50.12
CA GLN S 654 40.22 -46.80 -49.37
C GLN S 654 39.81 -45.34 -49.56
N ASN S 655 39.00 -45.07 -50.59
CA ASN S 655 38.36 -43.76 -50.67
C ASN S 655 36.97 -43.80 -50.06
N ARG S 656 36.25 -44.92 -50.22
CA ARG S 656 34.95 -45.07 -49.59
C ARG S 656 35.03 -44.78 -48.11
N ILE S 657 36.18 -45.06 -47.50
CA ILE S 657 36.41 -44.81 -46.10
C ILE S 657 37.24 -43.54 -45.88
N SER S 658 37.50 -42.78 -46.95
CA SER S 658 38.16 -41.47 -46.91
C SER S 658 39.51 -41.50 -46.19
N ARG S 659 40.17 -42.64 -46.18
CA ARG S 659 41.57 -42.72 -45.78
C ARG S 659 42.47 -42.83 -47.00
N ALA S 660 42.10 -42.13 -48.07
CA ALA S 660 42.67 -42.28 -49.40
C ALA S 660 44.18 -42.04 -49.46
N PHE S 661 44.71 -41.21 -48.56
CA PHE S 661 46.10 -40.78 -48.61
C PHE S 661 47.10 -41.90 -48.81
N MET S 662 46.70 -43.15 -48.51
CA MET S 662 47.66 -44.24 -48.41
C MET S 662 48.52 -44.38 -49.65
N GLY S 663 47.98 -44.07 -50.84
CA GLY S 663 48.82 -44.09 -52.03
C GLY S 663 49.86 -42.99 -52.03
N ASN S 664 49.53 -41.83 -51.47
CA ASN S 664 50.41 -40.67 -51.52
C ASN S 664 51.37 -40.61 -50.34
N VAL S 665 51.17 -41.42 -49.31
CA VAL S 665 51.99 -41.35 -48.10
C VAL S 665 52.57 -42.71 -47.71
N SER S 666 52.55 -43.67 -48.64
CA SER S 666 52.79 -45.07 -48.29
C SER S 666 54.24 -45.32 -47.88
N GLY S 667 55.20 -44.77 -48.62
CA GLY S 667 56.58 -45.16 -48.39
C GLY S 667 57.49 -44.06 -47.88
N LYS S 668 56.92 -43.01 -47.28
CA LYS S 668 57.69 -41.85 -46.87
C LYS S 668 57.58 -41.61 -45.36
N ALA S 669 58.40 -40.66 -44.88
CA ALA S 669 58.59 -40.43 -43.44
C ALA S 669 57.55 -39.49 -42.87
N PRO S 670 57.33 -39.55 -41.56
CA PRO S 670 56.50 -38.52 -40.92
C PRO S 670 57.30 -37.25 -40.70
N GLU S 671 56.56 -36.18 -40.47
CA GLU S 671 57.19 -34.91 -40.14
C GLU S 671 57.86 -35.03 -38.78
N PRO S 672 59.09 -34.57 -38.64
CA PRO S 672 59.79 -34.69 -37.35
C PRO S 672 59.16 -33.82 -36.27
N VAL S 673 58.68 -34.42 -35.20
CA VAL S 673 58.23 -33.61 -34.07
C VAL S 673 59.48 -33.19 -33.32
N VAL S 674 60.03 -32.03 -33.70
CA VAL S 674 61.23 -31.49 -33.09
C VAL S 674 60.83 -30.87 -31.76
N GLN S 675 61.46 -31.33 -30.69
CA GLN S 675 61.25 -30.70 -29.41
C GLN S 675 61.59 -29.21 -29.51
N TYR S 676 60.83 -28.37 -28.81
CA TYR S 676 61.08 -26.93 -28.79
C TYR S 676 61.08 -26.31 -30.19
N MET S 677 60.23 -26.79 -31.09
CA MET S 677 60.08 -26.13 -32.39
C MET S 677 59.31 -24.85 -32.15
N GLN S 678 60.00 -23.82 -31.64
CA GLN S 678 59.39 -22.59 -31.16
C GLN S 678 58.64 -21.87 -32.29
N PRO S 679 57.57 -21.15 -31.95
CA PRO S 679 56.84 -20.39 -32.98
C PRO S 679 57.62 -19.16 -33.38
N PRO S 680 57.35 -18.60 -34.57
CA PRO S 680 58.06 -17.37 -34.97
C PRO S 680 57.94 -16.25 -33.98
N GLU S 681 56.89 -16.25 -33.13
CA GLU S 681 56.75 -15.21 -32.12
C GLU S 681 57.93 -15.15 -31.16
N VAL S 682 58.66 -16.25 -30.95
CA VAL S 682 59.90 -16.20 -30.15
C VAL S 682 61.11 -16.63 -30.98
N LEU S 683 60.92 -17.09 -32.22
CA LEU S 683 62.07 -17.01 -33.12
C LEU S 683 62.48 -15.57 -33.34
N ARG S 684 61.52 -14.65 -33.24
CA ARG S 684 61.81 -13.23 -33.21
C ARG S 684 62.71 -12.84 -32.04
N HIS S 685 62.72 -13.62 -30.97
CA HIS S 685 63.40 -13.22 -29.75
C HIS S 685 64.70 -13.99 -29.49
N PHE S 686 64.81 -15.20 -30.01
CA PHE S 686 66.11 -15.85 -30.02
C PHE S 686 67.10 -14.88 -30.65
N THR S 687 68.10 -14.47 -29.87
CA THR S 687 69.00 -13.41 -30.31
C THR S 687 69.76 -13.86 -31.55
N ALA S 688 70.60 -12.95 -32.07
CA ALA S 688 71.34 -13.23 -33.30
C ALA S 688 71.97 -14.62 -33.31
N GLU S 689 72.51 -15.06 -32.17
CA GLU S 689 73.16 -16.35 -32.09
C GLU S 689 72.31 -17.43 -31.45
N GLU S 690 71.38 -17.08 -30.56
CA GLU S 690 70.47 -18.11 -30.06
C GLU S 690 69.53 -18.60 -31.15
N ARG S 691 69.16 -17.74 -32.09
CA ARG S 691 68.47 -18.20 -33.29
C ARG S 691 69.29 -19.24 -34.04
N ALA S 692 70.60 -18.99 -34.19
CA ALA S 692 71.48 -19.93 -34.85
C ALA S 692 71.55 -21.26 -34.11
N MET S 693 71.68 -21.21 -32.79
CA MET S 693 71.60 -22.42 -31.98
C MET S 693 70.30 -23.17 -32.22
N TYR S 694 69.18 -22.44 -32.26
CA TYR S 694 67.86 -23.03 -32.45
C TYR S 694 67.77 -23.75 -33.79
N GLU S 695 68.21 -23.09 -34.87
CA GLU S 695 68.13 -23.69 -36.19
C GLU S 695 69.09 -24.85 -36.37
N GLN S 696 70.30 -24.76 -35.80
CA GLN S 696 71.20 -25.91 -35.83
C GLN S 696 70.60 -27.10 -35.11
N TYR S 697 70.03 -26.87 -33.93
CA TYR S 697 69.39 -27.91 -33.15
C TYR S 697 68.26 -28.60 -33.91
N VAL S 698 67.32 -27.80 -34.43
CA VAL S 698 66.22 -28.35 -35.22
C VAL S 698 66.71 -29.03 -36.50
N LYS S 699 67.76 -28.50 -37.16
CA LYS S 699 68.26 -29.13 -38.37
C LYS S 699 68.86 -30.49 -38.07
N GLU S 700 69.63 -30.58 -37.00
CA GLU S 700 70.16 -31.87 -36.57
C GLU S 700 69.04 -32.85 -36.22
N GLN S 701 67.98 -32.39 -35.56
CA GLN S 701 66.84 -33.25 -35.30
C GLN S 701 66.11 -33.72 -36.54
N THR S 702 65.89 -32.83 -37.52
CA THR S 702 65.20 -33.28 -38.74
C THR S 702 66.06 -34.26 -39.53
N SER S 703 67.37 -33.96 -39.65
CA SER S 703 68.26 -34.91 -40.30
C SER S 703 68.28 -36.24 -39.57
N LYS S 704 68.17 -36.22 -38.24
CA LYS S 704 68.16 -37.46 -37.47
C LYS S 704 67.03 -38.38 -37.89
N GLN S 705 65.79 -37.92 -37.78
CA GLN S 705 64.65 -38.74 -38.13
C GLN S 705 64.53 -38.99 -39.62
N LEU S 706 65.08 -38.13 -40.47
CA LEU S 706 65.08 -38.45 -41.89
C LEU S 706 66.02 -39.60 -42.22
N GLY S 707 67.26 -39.57 -41.71
CA GLY S 707 68.11 -40.74 -41.83
C GLY S 707 67.52 -41.95 -41.15
N GLU S 708 66.72 -41.71 -40.12
CA GLU S 708 65.99 -42.78 -39.45
C GLU S 708 64.96 -43.42 -40.37
N TRP S 709 64.22 -42.65 -41.15
CA TRP S 709 63.32 -43.27 -42.12
C TRP S 709 64.06 -43.88 -43.30
N ALA S 710 65.23 -43.35 -43.63
CA ALA S 710 66.12 -44.07 -44.53
C ALA S 710 66.38 -45.48 -44.00
N THR S 711 66.78 -45.58 -42.74
CA THR S 711 67.02 -46.87 -42.11
C THR S 711 65.74 -47.64 -41.86
N ALA S 712 64.59 -46.99 -41.98
CA ALA S 712 63.33 -47.72 -41.91
C ALA S 712 62.98 -48.36 -43.24
N MET S 713 63.24 -47.67 -44.33
CA MET S 713 62.98 -48.19 -45.67
C MET S 713 64.03 -49.19 -46.12
N ARG S 714 65.24 -49.10 -45.56
CA ARG S 714 66.26 -50.11 -45.82
C ARG S 714 65.84 -51.49 -45.35
N ARG S 715 65.32 -51.60 -44.13
CA ARG S 715 64.88 -52.87 -43.56
C ARG S 715 65.98 -53.92 -43.58
N ARG S 716 67.22 -53.47 -43.42
CA ARG S 716 68.34 -54.38 -43.29
C ARG S 716 68.13 -55.29 -42.08
N ARG S 717 68.47 -56.56 -42.23
CA ARG S 717 68.24 -57.53 -41.16
C ARG S 717 69.44 -58.44 -40.98
N TRP S 718 69.59 -58.96 -39.76
CA TRP S 718 70.78 -59.71 -39.39
C TRP S 718 70.62 -61.16 -39.84
N ILE S 719 71.19 -61.48 -41.00
CA ILE S 719 71.41 -62.84 -41.42
C ILE S 719 72.55 -63.36 -40.55
N PRO S 720 72.29 -64.27 -39.62
CA PRO S 720 73.38 -64.85 -38.84
C PRO S 720 74.30 -65.72 -39.68
N ASP S 721 73.74 -66.44 -40.65
CA ASP S 721 74.51 -67.33 -41.49
C ASP S 721 75.67 -66.61 -42.16
N ARG S 722 75.53 -65.31 -42.36
CA ARG S 722 76.64 -64.46 -42.78
C ARG S 722 77.14 -63.56 -41.66
N GLN S 723 76.50 -63.60 -40.49
CA GLN S 723 76.89 -62.79 -39.33
C GLN S 723 76.79 -61.30 -39.66
N GLN S 724 75.93 -60.96 -40.62
CA GLN S 724 75.91 -59.61 -41.17
C GLN S 724 74.47 -59.17 -41.37
N TYR S 725 74.32 -58.00 -41.98
CA TYR S 725 73.03 -57.41 -42.30
C TYR S 725 72.82 -57.52 -43.80
N GLY S 726 71.84 -58.33 -44.20
CA GLY S 726 71.50 -58.47 -45.60
C GLY S 726 70.46 -57.46 -46.04
N HIS S 727 70.78 -56.78 -47.14
CA HIS S 727 69.86 -55.80 -47.72
C HIS S 727 69.38 -56.38 -49.04
N VAL S 728 68.07 -56.63 -49.14
CA VAL S 728 67.54 -57.33 -50.30
C VAL S 728 67.67 -56.44 -51.51
N VAL S 729 68.08 -57.02 -52.64
CA VAL S 729 68.10 -56.32 -53.91
C VAL S 729 66.88 -56.62 -54.78
N ALA S 730 66.32 -57.83 -54.72
CA ALA S 730 65.14 -58.13 -55.52
C ALA S 730 64.35 -59.28 -54.91
N GLN S 731 63.11 -59.45 -55.36
CA GLN S 731 62.22 -60.52 -54.90
C GLN S 731 61.94 -61.47 -56.06
N GLY S 732 61.20 -62.53 -55.77
CA GLY S 732 60.80 -63.48 -56.79
C GLY S 732 59.30 -63.50 -57.02
N TYR S 733 58.78 -64.67 -57.34
CA TYR S 733 57.35 -64.87 -57.58
C TYR S 733 56.87 -66.08 -56.78
N GLY S 734 55.66 -66.53 -57.09
CA GLY S 734 55.11 -67.69 -56.41
C GLY S 734 55.96 -68.92 -56.66
N VAL S 735 56.64 -69.38 -55.61
CA VAL S 735 57.46 -70.58 -55.67
C VAL S 735 56.95 -71.56 -54.64
N SER S 736 56.22 -72.58 -55.09
CA SER S 736 55.88 -73.68 -54.21
C SER S 736 57.16 -74.42 -53.83
N VAL S 737 57.42 -74.51 -52.53
CA VAL S 737 58.63 -75.13 -52.01
C VAL S 737 58.22 -76.36 -51.22
N VAL S 738 59.11 -77.35 -51.15
CA VAL S 738 58.89 -78.51 -50.31
C VAL S 738 60.19 -78.85 -49.57
N ASP S 739 60.03 -79.52 -48.44
CA ASP S 739 61.14 -79.96 -47.61
C ASP S 739 61.13 -81.48 -47.57
N LEU S 740 62.30 -82.08 -47.36
CA LEU S 740 62.39 -83.52 -47.25
C LEU S 740 63.44 -83.91 -46.22
N GLU S 741 63.07 -84.86 -45.35
CA GLU S 741 63.99 -85.39 -44.36
C GLU S 741 64.70 -86.61 -44.92
N HIS S 742 66.02 -86.49 -45.05
CA HIS S 742 66.84 -87.60 -45.51
C HIS S 742 66.98 -88.65 -44.41
N ALA S 743 66.75 -89.91 -44.80
CA ALA S 743 66.70 -91.03 -43.86
C ALA S 743 68.10 -91.49 -43.43
N ASP S 744 69.13 -91.13 -44.20
CA ASP S 744 70.46 -91.71 -44.01
C ASP S 744 71.50 -90.72 -43.53
N THR S 745 71.38 -89.44 -43.88
CA THR S 745 72.32 -88.42 -43.43
C THR S 745 71.85 -87.65 -42.21
N ALA S 746 70.65 -87.93 -41.69
CA ALA S 746 70.10 -87.23 -40.53
C ALA S 746 70.01 -85.73 -40.80
N ALA S 747 69.29 -85.36 -41.85
CA ALA S 747 69.22 -83.96 -42.24
C ALA S 747 67.87 -83.64 -42.89
N VAL S 748 67.62 -82.34 -43.09
CA VAL S 748 66.51 -81.86 -43.88
C VAL S 748 67.07 -81.04 -45.04
N LEU S 749 66.45 -81.19 -46.21
CA LEU S 749 66.94 -80.55 -47.42
C LEU S 749 65.75 -79.94 -48.15
N THR S 750 65.90 -78.71 -48.61
CA THR S 750 64.84 -77.98 -49.31
C THR S 750 64.93 -78.28 -50.80
N VAL S 751 63.78 -78.45 -51.44
CA VAL S 751 63.70 -78.76 -52.87
C VAL S 751 62.51 -77.99 -53.43
N SER S 752 62.52 -77.78 -54.75
CA SER S 752 61.39 -77.12 -55.41
C SER S 752 60.20 -78.07 -55.45
N ALA S 753 58.99 -77.49 -55.53
CA ALA S 753 57.77 -78.28 -55.51
C ALA S 753 57.01 -78.29 -56.83
N LYS S 754 56.94 -77.16 -57.53
CA LYS S 754 56.25 -77.10 -58.81
C LYS S 754 56.79 -78.14 -59.78
N ALA S 755 58.08 -78.47 -59.66
CA ALA S 755 58.69 -79.50 -60.49
C ALA S 755 58.84 -80.83 -59.78
N PHE S 756 58.30 -80.98 -58.56
CA PHE S 756 58.40 -82.20 -57.78
C PHE S 756 57.05 -82.86 -57.53
N GLU S 757 55.95 -82.17 -57.84
CA GLU S 757 54.63 -82.57 -57.34
C GLU S 757 54.29 -84.04 -57.64
N ARG S 758 54.81 -84.60 -58.73
CA ARG S 758 54.45 -85.97 -59.11
C ARG S 758 54.80 -86.97 -58.02
N GLU S 759 56.08 -87.04 -57.63
CA GLU S 759 56.49 -87.97 -56.59
C GLU S 759 55.90 -87.63 -55.23
N LEU S 760 55.51 -86.37 -55.01
CA LEU S 760 54.73 -86.06 -53.81
C LEU S 760 53.42 -86.82 -53.83
N ALA S 761 52.76 -86.88 -55.00
CA ALA S 761 51.57 -87.70 -55.17
C ALA S 761 51.86 -89.18 -54.99
N ALA S 762 52.98 -89.67 -55.51
CA ALA S 762 53.34 -91.07 -55.29
C ALA S 762 53.54 -91.37 -53.80
N ALA S 763 54.13 -90.43 -53.07
CA ALA S 763 54.37 -90.65 -51.64
C ALA S 763 53.08 -90.62 -50.84
N LYS S 764 52.19 -89.67 -51.14
CA LYS S 764 50.90 -89.68 -50.46
C LYS S 764 49.99 -90.79 -50.98
N GLY S 765 50.33 -91.43 -52.10
CA GLY S 765 49.61 -92.59 -52.57
C GLY S 765 50.14 -93.90 -52.06
N ASN S 766 51.36 -93.90 -51.52
CA ASN S 766 51.94 -95.00 -50.76
C ASN S 766 52.20 -96.24 -51.59
N THR S 767 52.15 -96.13 -52.92
CA THR S 767 52.84 -97.12 -53.76
C THR S 767 54.34 -96.97 -53.59
N SER S 768 54.80 -95.73 -53.48
CA SER S 768 56.20 -95.40 -53.20
C SER S 768 56.18 -94.09 -52.41
N HIS S 769 56.32 -94.20 -51.08
CA HIS S 769 56.52 -93.06 -50.20
C HIS S 769 57.98 -92.70 -50.07
N ILE S 770 58.78 -92.98 -51.10
CA ILE S 770 60.19 -92.66 -51.16
C ILE S 770 60.43 -91.91 -52.48
N ILE S 771 61.46 -91.07 -52.51
CA ILE S 771 61.93 -90.45 -53.75
C ILE S 771 63.45 -90.47 -53.74
N MET S 772 64.04 -90.82 -54.87
CA MET S 772 65.49 -90.94 -55.00
C MET S 772 66.00 -89.82 -55.92
N VAL S 773 66.54 -88.76 -55.32
CA VAL S 773 67.04 -87.61 -56.05
C VAL S 773 68.49 -87.34 -55.63
N GLU S 774 69.35 -87.11 -56.61
CA GLU S 774 70.79 -86.98 -56.40
C GLU S 774 71.34 -88.13 -55.56
N GLY S 775 70.82 -89.34 -55.77
CA GLY S 775 71.26 -90.51 -55.08
C GLY S 775 70.77 -90.60 -53.64
N GLN S 776 70.32 -89.48 -53.08
CA GLN S 776 69.77 -89.50 -51.73
C GLN S 776 68.26 -89.71 -51.79
N ALA S 777 67.80 -90.63 -50.95
CA ALA S 777 66.39 -91.00 -50.87
C ALA S 777 65.74 -90.29 -49.70
N TYR S 778 64.72 -89.52 -50.01
CA TYR S 778 63.90 -88.88 -49.01
C TYR S 778 62.61 -89.67 -48.83
N LYS S 779 62.13 -89.70 -47.58
CA LYS S 779 60.78 -90.12 -47.28
C LYS S 779 59.95 -88.86 -47.08
N LEU S 780 58.84 -88.77 -47.79
CA LEU S 780 58.10 -87.51 -47.82
C LEU S 780 57.53 -87.16 -46.45
N ARG S 781 57.64 -85.89 -46.11
CA ARG S 781 56.94 -85.36 -44.97
C ARG S 781 55.43 -85.43 -45.20
N PRO S 782 54.63 -85.63 -44.14
CA PRO S 782 53.17 -85.59 -44.32
C PRO S 782 52.65 -84.34 -45.00
N ASP S 783 53.18 -83.15 -44.69
CA ASP S 783 52.70 -81.93 -45.33
C ASP S 783 53.77 -81.26 -46.20
N SER S 784 54.93 -80.94 -45.64
CA SER S 784 56.08 -80.39 -46.37
C SER S 784 55.70 -79.20 -47.25
N GLU S 785 54.61 -78.52 -46.91
CA GLU S 785 54.02 -77.52 -47.79
C GLU S 785 54.71 -76.18 -47.63
N ARG S 786 54.93 -75.49 -48.74
CA ARG S 786 55.55 -74.17 -48.74
C ARG S 786 55.24 -73.47 -50.04
N PHE S 787 54.81 -72.22 -49.93
CA PHE S 787 54.55 -71.36 -51.09
C PHE S 787 55.33 -70.08 -50.84
N VAL S 788 56.61 -70.08 -51.21
CA VAL S 788 57.53 -69.02 -50.83
C VAL S 788 57.82 -68.14 -52.04
N VAL S 789 58.08 -66.87 -51.78
CA VAL S 789 58.63 -65.95 -52.76
C VAL S 789 60.09 -65.68 -52.38
N PRO S 790 61.06 -66.10 -53.18
CA PRO S 790 62.47 -65.93 -52.79
C PRO S 790 62.85 -64.46 -52.75
N LEU S 791 64.00 -64.17 -52.19
CA LEU S 791 64.54 -62.82 -52.15
C LEU S 791 66.03 -62.90 -52.42
N SER S 792 66.47 -62.27 -53.51
CA SER S 792 67.88 -62.05 -53.76
C SER S 792 68.33 -60.91 -52.86
N VAL S 793 69.22 -61.24 -51.92
CA VAL S 793 69.61 -60.38 -50.82
C VAL S 793 71.05 -59.94 -51.06
N ARG S 794 71.37 -58.70 -50.71
CA ARG S 794 72.74 -58.21 -50.82
C ARG S 794 73.37 -58.23 -49.43
N LEU S 795 74.65 -58.61 -49.36
CA LEU S 795 75.33 -58.70 -48.08
C LEU S 795 76.27 -57.51 -47.86
N GLU S 796 76.89 -57.47 -46.69
CA GLU S 796 77.69 -56.32 -46.31
C GLU S 796 78.93 -56.18 -47.19
N SER S 797 79.49 -57.30 -47.67
CA SER S 797 80.69 -57.27 -48.50
C SER S 797 80.38 -57.22 -49.99
N GLY S 798 79.29 -57.86 -50.43
CA GLY S 798 78.86 -57.81 -51.82
C GLY S 798 78.16 -59.05 -52.32
N GLU S 799 78.34 -60.21 -51.67
CA GLU S 799 77.73 -61.43 -52.17
C GLU S 799 76.23 -61.38 -51.98
N VAL S 800 75.52 -62.06 -52.87
CA VAL S 800 74.07 -62.07 -52.89
C VAL S 800 73.58 -63.45 -52.48
N LEU S 801 72.57 -63.48 -51.62
CA LEU S 801 72.00 -64.71 -51.10
C LEU S 801 70.66 -64.97 -51.76
N ASP S 802 70.33 -66.24 -51.93
CA ASP S 802 69.01 -66.62 -52.42
C ASP S 802 68.17 -67.07 -51.23
N MET S 803 67.71 -66.12 -50.42
CA MET S 803 67.08 -66.47 -49.15
C MET S 803 65.58 -66.29 -49.24
N THR S 804 64.86 -67.17 -48.56
CA THR S 804 63.40 -67.17 -48.63
C THR S 804 62.81 -65.97 -47.89
N ASP S 805 61.63 -65.57 -48.34
CA ASP S 805 60.82 -64.56 -47.65
C ASP S 805 60.62 -64.92 -46.19
N GLU S 806 60.25 -66.17 -45.92
CA GLU S 806 60.04 -66.63 -44.56
C GLU S 806 61.29 -66.49 -43.71
N ALA S 807 62.45 -66.93 -44.23
CA ALA S 807 63.65 -67.01 -43.41
C ALA S 807 64.33 -65.66 -43.24
N PHE S 808 63.86 -64.64 -43.95
CA PHE S 808 64.25 -63.29 -43.63
C PHE S 808 63.22 -62.56 -42.79
N GLY S 809 61.96 -62.98 -42.81
CA GLY S 809 60.98 -62.48 -41.86
C GLY S 809 61.38 -62.73 -40.43
N ARG S 810 62.28 -63.70 -40.23
CA ARG S 810 62.78 -64.06 -38.92
C ARG S 810 64.07 -63.33 -38.56
N TYR S 811 64.82 -62.84 -39.52
CA TYR S 811 66.12 -62.29 -39.21
C TYR S 811 65.99 -60.81 -38.87
N GLU S 812 66.85 -60.35 -37.96
CA GLU S 812 66.54 -59.19 -37.12
C GLU S 812 66.99 -57.87 -37.73
N LEU S 813 66.11 -56.86 -37.64
CA LEU S 813 66.29 -55.55 -38.23
C LEU S 813 67.51 -54.85 -37.65
N GLU S 814 67.82 -53.69 -38.21
CA GLU S 814 68.90 -52.86 -37.68
C GLU S 814 68.36 -51.81 -36.72
N LEU S 815 67.25 -51.18 -37.07
CA LEU S 815 66.65 -50.10 -36.30
C LEU S 815 65.15 -50.16 -36.50
N LEU S 816 64.43 -50.67 -35.50
CA LEU S 816 62.99 -50.92 -35.65
C LEU S 816 62.20 -49.95 -34.77
N PRO S 817 61.86 -48.78 -35.31
CA PRO S 817 61.07 -47.81 -34.55
C PRO S 817 59.62 -48.24 -34.46
N ARG S 818 58.82 -47.37 -33.85
CA ARG S 818 57.39 -47.67 -33.68
C ARG S 818 56.52 -46.85 -34.64
N ASN S 819 57.10 -45.85 -35.30
CA ASN S 819 56.40 -45.00 -36.26
C ASN S 819 56.52 -45.52 -37.70
N VAL S 820 56.72 -46.83 -37.87
CA VAL S 820 56.99 -47.36 -39.19
C VAL S 820 55.72 -47.51 -40.03
N ASN S 821 54.63 -48.01 -39.46
CA ASN S 821 53.37 -48.12 -40.17
C ASN S 821 52.51 -46.89 -40.00
N HIS S 822 53.13 -45.76 -39.69
CA HIS S 822 52.41 -44.50 -39.68
C HIS S 822 51.69 -44.27 -41.00
N ALA S 823 52.34 -44.56 -42.13
CA ALA S 823 51.81 -44.31 -43.47
C ALA S 823 50.33 -44.65 -43.61
N LEU S 824 49.87 -45.74 -43.00
CA LEU S 824 48.45 -46.05 -42.95
C LEU S 824 47.73 -45.18 -41.93
N ASN S 825 48.46 -44.58 -41.00
CA ASN S 825 47.91 -43.81 -39.90
C ASN S 825 48.61 -42.46 -39.81
N TYR S 826 48.69 -41.75 -40.94
CA TYR S 826 49.54 -40.57 -40.99
C TYR S 826 49.01 -39.47 -40.07
N GLY S 827 49.92 -38.89 -39.30
CA GLY S 827 49.57 -37.79 -38.42
C GLY S 827 48.84 -38.23 -37.17
N ILE S 828 47.76 -38.99 -37.36
CA ILE S 828 47.09 -39.63 -36.26
C ILE S 828 48.01 -40.70 -35.67
N GLY S 829 47.58 -41.27 -34.55
CA GLY S 829 48.37 -42.31 -33.89
C GLY S 829 48.94 -43.36 -34.83
N ASP S 830 50.21 -43.68 -34.67
CA ASP S 830 50.87 -44.64 -35.54
C ASP S 830 50.87 -46.01 -34.89
N TYR S 831 50.06 -46.91 -35.43
CA TYR S 831 49.64 -48.11 -34.70
C TYR S 831 50.42 -49.32 -35.15
N ALA S 832 50.03 -50.47 -34.61
CA ALA S 832 50.64 -51.77 -34.82
C ALA S 832 49.79 -52.67 -35.69
N TYR S 833 48.90 -52.08 -36.48
CA TYR S 833 47.89 -52.86 -37.18
C TYR S 833 47.24 -51.94 -38.20
N ASN S 834 46.20 -52.45 -38.85
CA ASN S 834 45.47 -51.67 -39.84
C ASN S 834 44.34 -50.96 -39.13
N ARG S 835 44.37 -49.62 -39.12
CA ARG S 835 43.20 -48.92 -38.61
C ARG S 835 42.05 -49.01 -39.60
N GLY S 836 42.34 -49.32 -40.87
CA GLY S 836 41.29 -49.44 -41.86
C GLY S 836 40.23 -50.45 -41.48
N ASN S 837 40.63 -51.53 -40.83
CA ASN S 837 39.65 -52.52 -40.39
C ASN S 837 39.17 -52.18 -38.98
N TYR S 838 37.95 -51.67 -38.87
CA TYR S 838 37.30 -51.58 -37.57
C TYR S 838 37.35 -52.92 -36.85
N ILE S 839 37.22 -54.02 -37.58
CA ILE S 839 37.18 -55.34 -36.97
C ILE S 839 38.54 -55.73 -36.39
N GLU S 840 39.61 -55.45 -37.11
CA GLU S 840 40.93 -55.73 -36.55
C GLU S 840 41.28 -54.79 -35.41
N THR S 841 40.90 -53.50 -35.50
CA THR S 841 41.10 -52.61 -34.36
C THR S 841 40.24 -53.03 -33.17
N GLN S 842 39.11 -53.68 -33.44
CA GLN S 842 38.31 -54.22 -32.36
C GLN S 842 38.99 -55.42 -31.71
N ASP S 843 39.62 -56.30 -32.48
CA ASP S 843 40.43 -57.33 -31.84
C ASP S 843 41.70 -56.77 -31.23
N VAL S 844 42.13 -55.59 -31.68
CA VAL S 844 43.16 -54.84 -30.96
C VAL S 844 42.67 -54.51 -29.55
N ILE S 845 41.47 -53.94 -29.46
CA ILE S 845 40.89 -53.67 -28.15
C ILE S 845 40.76 -54.97 -27.36
N TRP S 846 40.26 -56.02 -28.02
CA TRP S 846 40.08 -57.31 -27.35
C TRP S 846 41.37 -57.83 -26.75
N GLU S 847 42.39 -58.03 -27.57
CA GLU S 847 43.67 -58.51 -27.06
C GLU S 847 44.32 -57.54 -26.08
N GLU S 848 44.32 -56.23 -26.35
CA GLU S 848 44.95 -55.29 -25.44
C GLU S 848 44.32 -55.33 -24.05
N GLN S 849 42.99 -55.16 -23.98
CA GLN S 849 42.30 -55.25 -22.70
C GLN S 849 42.46 -56.63 -22.06
N THR S 850 42.28 -57.70 -22.83
CA THR S 850 42.33 -59.03 -22.24
C THR S 850 43.72 -59.35 -21.72
N ALA S 851 44.75 -58.75 -22.30
CA ALA S 851 46.07 -58.79 -21.71
C ALA S 851 46.13 -57.97 -20.43
N SER S 852 45.57 -56.77 -20.45
CA SER S 852 45.62 -55.89 -19.28
C SER S 852 44.78 -56.40 -18.12
N GLY S 853 44.02 -57.47 -18.33
CA GLY S 853 43.19 -57.96 -17.25
C GLY S 853 41.91 -57.19 -17.06
N GLU S 854 41.53 -56.37 -18.02
CA GLU S 854 40.21 -55.77 -17.98
C GLU S 854 39.15 -56.77 -18.37
N GLU S 855 39.51 -57.77 -19.17
CA GLU S 855 38.63 -58.88 -19.50
C GLU S 855 39.21 -60.17 -18.97
N GLY S 856 38.33 -61.13 -18.67
CA GLY S 856 38.75 -62.42 -18.17
C GLY S 856 37.57 -63.18 -17.62
N TRP S 857 37.77 -64.48 -17.41
CA TRP S 857 36.72 -65.36 -16.92
C TRP S 857 36.64 -65.26 -15.41
N SER S 858 36.20 -64.10 -14.91
CA SER S 858 36.09 -63.83 -13.49
C SER S 858 34.96 -64.66 -12.90
N PRO S 859 34.91 -64.84 -11.59
CA PRO S 859 33.75 -65.51 -10.99
C PRO S 859 32.51 -64.66 -11.18
N ALA S 860 31.38 -65.33 -11.38
CA ALA S 860 30.15 -64.66 -11.73
C ALA S 860 29.29 -64.45 -10.50
N THR S 861 28.43 -63.44 -10.56
CA THR S 861 27.29 -63.35 -9.67
C THR S 861 26.02 -63.17 -10.49
N HIS S 862 24.89 -63.07 -9.79
CA HIS S 862 23.59 -63.01 -10.44
C HIS S 862 23.39 -61.74 -11.25
N ALA S 863 24.18 -60.70 -10.97
CA ALA S 863 23.94 -59.38 -11.52
C ALA S 863 24.35 -59.22 -12.98
N ASP S 864 24.95 -60.24 -13.61
CA ASP S 864 25.67 -60.07 -14.86
C ASP S 864 24.89 -60.51 -16.09
N GLY S 865 23.58 -60.30 -16.12
CA GLY S 865 22.85 -60.56 -17.34
C GLY S 865 22.82 -62.01 -17.76
N LEU S 866 22.58 -62.91 -16.82
CA LEU S 866 22.57 -64.33 -17.12
C LEU S 866 21.31 -64.68 -17.91
N ARG S 867 21.35 -64.35 -19.20
CA ARG S 867 20.24 -64.56 -20.09
C ARG S 867 20.57 -65.72 -21.02
N ALA S 868 19.60 -66.14 -21.81
CA ALA S 868 19.83 -67.27 -22.70
C ALA S 868 20.96 -66.95 -23.67
N GLY S 869 21.98 -67.79 -23.70
CA GLY S 869 23.02 -67.70 -24.70
C GLY S 869 24.18 -66.80 -24.37
N LEU S 870 24.38 -66.46 -23.10
CA LEU S 870 25.58 -65.75 -22.68
C LEU S 870 26.72 -66.73 -22.54
N PRO S 871 27.88 -66.48 -23.16
CA PRO S 871 28.99 -67.42 -23.02
C PRO S 871 29.57 -67.44 -21.62
N VAL S 872 29.79 -68.64 -21.10
CA VAL S 872 30.05 -68.85 -19.69
C VAL S 872 30.94 -70.07 -19.51
N ARG S 873 31.92 -69.97 -18.60
CA ARG S 873 32.85 -71.05 -18.33
C ARG S 873 32.44 -71.76 -17.05
N ALA S 874 31.91 -72.96 -17.19
CA ALA S 874 31.29 -73.67 -16.10
C ALA S 874 32.29 -74.62 -15.47
N ARG S 875 31.91 -75.19 -14.34
CA ARG S 875 32.64 -76.32 -13.79
C ARG S 875 31.66 -77.47 -13.57
N ARG S 876 32.07 -78.68 -13.96
CA ARG S 876 31.15 -79.80 -13.99
C ARG S 876 31.05 -80.48 -12.63
N HIS S 877 29.85 -80.97 -12.32
CA HIS S 877 29.72 -82.04 -11.36
C HIS S 877 30.05 -83.36 -12.03
N VAL S 878 31.15 -83.96 -11.60
CA VAL S 878 31.68 -85.18 -12.21
C VAL S 878 30.91 -86.35 -11.61
N GLY S 879 30.33 -87.15 -12.48
CA GLY S 879 29.24 -88.04 -12.13
C GLY S 879 29.52 -89.11 -11.11
N MET S 880 28.92 -88.96 -9.93
CA MET S 880 28.85 -89.99 -8.91
C MET S 880 27.60 -89.79 -8.08
N ASN S 881 27.10 -90.87 -7.50
CA ASN S 881 25.90 -90.82 -6.68
C ASN S 881 26.18 -90.91 -5.18
N ALA S 882 26.76 -92.02 -4.71
CA ALA S 882 26.90 -92.31 -3.28
C ALA S 882 27.80 -91.30 -2.58
N ASN S 883 28.14 -90.22 -3.27
CA ASN S 883 29.05 -89.20 -2.76
C ASN S 883 28.23 -88.04 -2.19
N GLY S 884 28.85 -87.22 -1.34
CA GLY S 884 28.10 -86.31 -0.51
C GLY S 884 27.76 -84.99 -1.20
N SER S 885 26.60 -85.00 -1.84
CA SER S 885 25.87 -83.89 -2.43
C SER S 885 26.46 -83.31 -3.71
N ARG S 886 27.73 -83.56 -3.99
CA ARG S 886 28.34 -83.35 -5.30
C ARG S 886 29.85 -83.58 -5.23
N ILE S 887 30.45 -83.71 -6.41
CA ILE S 887 31.89 -83.80 -6.62
C ILE S 887 32.22 -82.92 -7.80
N VAL S 888 33.06 -81.89 -7.61
CA VAL S 888 33.14 -80.78 -8.54
C VAL S 888 34.52 -80.69 -9.19
N SER S 889 34.56 -80.15 -10.40
CA SER S 889 35.75 -80.27 -11.25
C SER S 889 36.26 -78.92 -11.76
N SER S 890 37.14 -79.01 -12.77
CA SER S 890 37.84 -77.87 -13.34
C SER S 890 36.88 -76.98 -14.15
N PRO S 891 37.31 -75.79 -14.56
CA PRO S 891 36.49 -74.96 -15.45
C PRO S 891 36.43 -75.52 -16.86
N GLN S 892 35.21 -75.67 -17.39
CA GLN S 892 34.98 -76.17 -18.73
C GLN S 892 33.91 -75.32 -19.40
N ARG S 893 34.23 -74.80 -20.59
CA ARG S 893 33.39 -73.80 -21.22
C ARG S 893 31.96 -74.31 -21.42
N ALA S 894 31.01 -73.40 -21.39
CA ALA S 894 29.59 -73.70 -21.54
C ALA S 894 28.89 -72.48 -22.11
N VAL S 895 27.57 -72.56 -22.24
CA VAL S 895 26.71 -71.42 -22.56
C VAL S 895 25.35 -71.71 -21.97
N ILE S 896 24.63 -70.66 -21.59
CA ILE S 896 23.38 -70.84 -20.87
C ILE S 896 22.24 -71.01 -21.87
N VAL S 897 21.47 -72.06 -21.68
CA VAL S 897 20.33 -72.34 -22.53
C VAL S 897 19.03 -72.19 -21.77
N ALA S 898 19.11 -72.14 -20.44
CA ALA S 898 17.90 -72.04 -19.63
C ALA S 898 18.26 -71.54 -18.24
N TYR S 899 17.74 -70.38 -17.87
CA TYR S 899 18.00 -69.77 -16.58
C TYR S 899 16.78 -68.97 -16.19
N ASP S 900 16.47 -68.92 -14.90
CA ASP S 900 15.37 -68.10 -14.42
C ASP S 900 15.90 -67.10 -13.40
N ARG S 901 15.56 -65.83 -13.59
CA ARG S 901 15.92 -64.78 -12.64
C ARG S 901 15.04 -64.77 -11.40
N GLN S 902 13.95 -65.50 -11.42
CA GLN S 902 12.97 -65.42 -10.36
C GLN S 902 13.56 -65.99 -9.06
N PRO S 903 13.52 -65.24 -7.96
CA PRO S 903 13.87 -65.83 -6.66
C PRO S 903 12.97 -66.96 -6.23
N PHE S 904 11.89 -67.24 -6.95
CA PHE S 904 11.09 -68.43 -6.68
C PHE S 904 11.36 -69.55 -7.66
N PHE S 905 11.30 -69.28 -8.97
CA PHE S 905 11.63 -70.30 -9.96
C PHE S 905 13.07 -70.77 -9.84
N ASN S 906 13.94 -69.97 -9.22
CA ASN S 906 15.38 -70.24 -9.09
C ASN S 906 15.82 -69.93 -7.68
N PRO S 907 15.64 -70.86 -6.76
CA PRO S 907 15.95 -70.60 -5.35
C PRO S 907 17.42 -70.47 -5.06
N GLU S 908 17.76 -70.46 -3.77
CA GLU S 908 19.13 -70.58 -3.27
C GLU S 908 19.51 -72.06 -3.17
N PRO S 909 20.61 -72.48 -3.79
CA PRO S 909 21.36 -71.68 -4.74
C PRO S 909 20.79 -71.81 -6.16
N ARG S 910 21.05 -70.81 -6.98
CA ARG S 910 20.38 -70.68 -8.27
C ARG S 910 20.97 -71.64 -9.30
N LEU S 911 20.39 -72.82 -9.41
CA LEU S 911 20.84 -73.82 -10.36
C LEU S 911 20.77 -73.25 -11.77
N VAL S 912 21.93 -73.05 -12.37
CA VAL S 912 22.00 -72.58 -13.74
C VAL S 912 21.89 -73.80 -14.64
N ARG S 913 20.75 -73.91 -15.30
CA ARG S 913 20.53 -74.98 -16.26
C ARG S 913 21.33 -74.69 -17.52
N VAL S 914 22.48 -75.35 -17.67
CA VAL S 914 23.45 -75.00 -18.71
C VAL S 914 23.66 -76.18 -19.64
N ALA S 915 24.32 -75.90 -20.77
CA ALA S 915 24.69 -76.88 -21.78
C ALA S 915 26.13 -76.59 -22.22
N PHE S 916 27.03 -77.55 -22.01
CA PHE S 916 28.46 -77.28 -22.09
C PHE S 916 28.94 -77.23 -23.53
N GLN S 917 30.24 -76.99 -23.71
CA GLN S 917 30.83 -76.81 -25.04
C GLN S 917 31.31 -78.10 -25.68
N SER S 918 31.49 -79.17 -24.91
CA SER S 918 32.03 -80.41 -25.43
C SER S 918 31.11 -81.00 -26.50
N ASP S 919 29.87 -81.31 -26.11
CA ASP S 919 28.85 -81.78 -27.03
C ASP S 919 27.51 -81.11 -26.81
N GLY S 920 27.40 -80.22 -25.83
CA GLY S 920 26.11 -79.64 -25.50
C GLY S 920 25.33 -80.40 -24.46
N SER S 921 26.00 -80.96 -23.46
CA SER S 921 25.35 -81.79 -22.45
C SER S 921 24.62 -80.88 -21.47
N VAL S 922 23.33 -81.09 -21.31
CA VAL S 922 22.51 -80.18 -20.49
C VAL S 922 22.41 -80.74 -19.08
N GLU S 923 22.84 -79.95 -18.10
CA GLU S 923 22.75 -80.28 -16.69
C GLU S 923 22.57 -78.98 -15.91
N GLU S 924 22.07 -79.09 -14.69
CA GLU S 924 21.88 -77.93 -13.83
C GLU S 924 23.05 -77.82 -12.86
N VAL S 925 23.90 -76.82 -13.07
CA VAL S 925 25.03 -76.52 -12.19
C VAL S 925 24.84 -75.11 -11.63
N PRO S 926 24.97 -74.90 -10.33
CA PRO S 926 24.66 -73.58 -9.77
C PRO S 926 25.66 -72.50 -10.22
N LEU S 927 25.34 -71.26 -9.86
CA LEU S 927 26.13 -70.12 -10.30
C LEU S 927 27.46 -70.03 -9.59
N ALA S 928 27.60 -70.76 -8.49
CA ALA S 928 28.90 -70.83 -7.85
C ALA S 928 29.95 -71.43 -8.77
N ASN S 929 29.56 -72.31 -9.69
CA ASN S 929 30.48 -72.95 -10.62
C ASN S 929 30.40 -72.37 -12.03
N ILE S 930 30.32 -71.05 -12.16
CA ILE S 930 30.18 -70.37 -13.44
C ILE S 930 31.10 -69.18 -13.44
N MET S 931 31.69 -68.86 -14.59
CA MET S 931 32.59 -67.74 -14.73
C MET S 931 32.19 -66.93 -15.94
N ILE S 932 32.04 -65.63 -15.75
CA ILE S 932 31.59 -64.73 -16.81
C ILE S 932 32.77 -63.96 -17.37
N TRP S 933 32.77 -63.78 -18.67
CA TRP S 933 33.85 -62.98 -19.26
C TRP S 933 33.54 -61.54 -19.00
N GLN S 934 33.96 -61.06 -17.82
CA GLN S 934 33.81 -59.65 -17.53
C GLN S 934 34.40 -58.83 -18.66
N ARG S 935 33.75 -57.72 -18.96
CA ARG S 935 34.32 -56.73 -19.84
C ARG S 935 34.67 -55.45 -19.10
N ARG S 936 34.17 -55.29 -17.89
CA ARG S 936 34.53 -54.17 -17.02
C ARG S 936 34.45 -54.64 -15.58
N TYR S 937 35.26 -54.02 -14.73
CA TYR S 937 35.46 -54.47 -13.37
C TYR S 937 34.37 -53.95 -12.45
N HIS S 938 33.54 -53.03 -12.94
CA HIS S 938 32.64 -52.29 -12.08
C HIS S 938 31.18 -52.60 -12.28
N GLY S 939 30.62 -52.33 -13.46
CA GLY S 939 29.19 -52.31 -13.65
C GLY S 939 28.49 -53.59 -13.26
N PRO S 940 27.20 -53.50 -12.93
CA PRO S 940 26.46 -54.70 -12.53
C PRO S 940 26.41 -55.76 -13.59
N GLU S 941 26.29 -55.39 -14.85
CA GLU S 941 26.39 -56.34 -15.94
C GLU S 941 27.67 -56.03 -16.71
N ARG S 942 28.75 -56.68 -16.29
CA ARG S 942 30.02 -56.48 -16.98
C ARG S 942 30.04 -57.18 -18.33
N THR S 943 29.18 -58.16 -18.53
CA THR S 943 29.30 -59.11 -19.62
C THR S 943 28.65 -58.64 -20.92
N VAL S 944 28.27 -57.37 -21.02
CA VAL S 944 27.92 -56.79 -22.31
C VAL S 944 28.70 -55.50 -22.51
N GLY S 945 28.91 -55.13 -23.77
CA GLY S 945 29.79 -54.03 -24.10
C GLY S 945 29.24 -52.66 -23.76
N ASP S 946 29.86 -51.64 -24.33
CA ASP S 946 29.45 -50.24 -24.14
C ASP S 946 29.05 -49.66 -25.50
N GLU S 947 27.82 -49.91 -25.91
CA GLU S 947 27.34 -49.47 -27.21
C GLU S 947 27.28 -47.96 -27.27
N SER S 948 28.30 -47.36 -27.89
CA SER S 948 28.31 -45.91 -28.03
C SER S 948 27.13 -45.47 -28.88
N ARG S 949 26.63 -44.28 -28.60
CA ARG S 949 25.43 -43.76 -29.24
C ARG S 949 25.78 -42.44 -29.93
N ARG S 950 24.88 -42.00 -30.80
CA ARG S 950 25.19 -40.90 -31.70
C ARG S 950 25.16 -39.55 -30.98
N PHE S 951 26.19 -38.75 -31.21
CA PHE S 951 26.25 -37.43 -30.61
C PHE S 951 25.24 -36.50 -31.24
N SER S 952 24.80 -35.49 -30.48
CA SER S 952 23.89 -34.47 -30.98
C SER S 952 24.52 -33.10 -30.83
N PRO S 953 24.85 -32.42 -31.92
CA PRO S 953 25.30 -31.01 -31.81
C PRO S 953 24.21 -30.14 -31.20
N ALA S 954 22.96 -30.54 -31.38
CA ALA S 954 21.84 -29.93 -30.67
C ALA S 954 21.74 -30.68 -29.34
N SER S 955 22.81 -30.59 -28.54
CA SER S 955 22.96 -31.43 -27.36
C SER S 955 21.83 -31.27 -26.36
N LEU S 956 21.37 -30.04 -26.13
CA LEU S 956 20.19 -29.84 -25.32
C LEU S 956 18.93 -29.67 -26.15
N ARG S 957 19.06 -29.67 -27.48
CA ARG S 957 17.90 -29.62 -28.35
C ARG S 957 17.63 -30.99 -28.96
N ARG S 958 17.08 -31.86 -28.13
CA ARG S 958 16.44 -33.08 -28.58
C ARG S 958 14.97 -32.92 -28.31
N TYR S 959 14.15 -33.84 -28.80
CA TYR S 959 12.72 -33.79 -28.50
C TYR S 959 12.22 -35.20 -28.29
N ILE S 960 11.26 -35.34 -27.39
CA ILE S 960 10.75 -36.63 -26.98
C ILE S 960 9.23 -36.57 -26.97
N ASP S 961 8.59 -37.35 -27.82
CA ASP S 961 7.16 -37.52 -27.67
C ASP S 961 6.89 -38.30 -26.40
N VAL S 962 5.83 -37.92 -25.69
CA VAL S 962 5.54 -38.54 -24.40
C VAL S 962 4.25 -39.34 -24.39
N SER S 963 3.33 -39.10 -25.32
CA SER S 963 2.21 -40.03 -25.41
C SER S 963 2.71 -41.40 -25.79
N ASP S 964 3.81 -41.44 -26.52
CA ASP S 964 4.58 -42.66 -26.75
C ASP S 964 6.05 -42.34 -26.65
N PRO S 965 6.65 -42.53 -25.51
CA PRO S 965 8.06 -42.20 -25.36
C PRO S 965 8.93 -43.14 -26.16
N PHE S 966 8.55 -44.41 -26.21
CA PHE S 966 9.38 -45.48 -26.72
C PHE S 966 9.13 -45.79 -28.18
N ASN S 967 8.47 -44.88 -28.90
CA ASN S 967 8.31 -44.97 -30.34
C ASN S 967 7.51 -46.20 -30.74
N GLU S 968 6.70 -46.68 -29.80
CA GLU S 968 5.86 -47.83 -30.09
C GLU S 968 4.80 -47.52 -31.13
N LYS S 969 4.46 -46.25 -31.32
CA LYS S 969 3.51 -45.85 -32.36
C LYS S 969 4.30 -45.39 -33.58
N LYS S 970 4.52 -46.33 -34.48
CA LYS S 970 5.22 -46.10 -35.73
C LYS S 970 4.82 -47.24 -36.66
N SER S 971 4.90 -47.00 -37.97
CA SER S 971 4.77 -48.08 -38.94
C SER S 971 6.16 -48.58 -39.30
N LYS S 972 6.44 -49.85 -39.00
CA LYS S 972 7.66 -50.49 -39.44
C LYS S 972 7.49 -51.19 -40.78
N GLY S 973 6.25 -51.47 -41.17
CA GLY S 973 5.98 -52.04 -42.46
C GLY S 973 4.63 -51.57 -42.97
N GLU S 974 4.57 -51.35 -44.28
CA GLU S 974 3.32 -50.91 -44.90
C GLU S 974 2.26 -51.98 -44.73
N HIS S 975 1.06 -51.56 -44.36
CA HIS S 975 0.00 -52.50 -44.04
C HIS S 975 -1.01 -52.61 -45.16
N PHE S 976 -1.78 -53.70 -45.12
CA PHE S 976 -2.90 -53.86 -46.03
C PHE S 976 -4.09 -52.99 -45.65
N LEU S 977 -4.13 -52.48 -44.42
CA LEU S 977 -5.08 -51.45 -44.04
C LEU S 977 -4.56 -50.05 -44.27
N ASP S 978 -3.47 -49.90 -45.02
CA ASP S 978 -2.94 -48.56 -45.27
C ASP S 978 -3.73 -47.83 -46.33
N LYS S 979 -4.56 -48.55 -47.08
CA LYS S 979 -5.21 -48.00 -48.25
C LYS S 979 -6.42 -47.14 -47.93
N TYR S 980 -7.25 -47.55 -46.98
CA TYR S 980 -8.46 -46.81 -46.65
C TYR S 980 -8.14 -45.54 -45.87
N GLU S 981 -6.89 -45.12 -45.87
CA GLU S 981 -6.43 -44.06 -44.99
C GLU S 981 -6.89 -42.72 -45.51
N ALA S 982 -7.75 -42.05 -44.74
CA ALA S 982 -8.08 -40.67 -45.04
C ALA S 982 -6.81 -39.82 -44.95
N ALA S 983 -6.71 -38.85 -45.86
CA ALA S 983 -5.49 -38.07 -46.03
C ALA S 983 -5.22 -37.23 -44.79
N ARG S 984 -4.13 -36.49 -44.82
CA ARG S 984 -3.78 -35.57 -43.74
C ARG S 984 -4.76 -34.40 -43.64
N THR S 985 -5.85 -34.45 -44.41
CA THR S 985 -6.90 -33.46 -44.34
C THR S 985 -7.76 -33.68 -43.09
N SER S 986 -8.03 -32.58 -42.38
CA SER S 986 -8.78 -32.53 -41.12
C SER S 986 -8.04 -33.19 -39.98
N GLU S 987 -6.92 -33.86 -40.24
CA GLU S 987 -5.97 -34.24 -39.20
C GLU S 987 -5.19 -33.00 -38.77
N VAL S 988 -5.91 -32.13 -38.04
CA VAL S 988 -5.45 -30.76 -37.90
C VAL S 988 -4.27 -30.63 -36.94
N ALA S 989 -4.21 -31.44 -35.90
CA ALA S 989 -3.34 -31.25 -34.74
C ALA S 989 -2.63 -32.55 -34.40
N ALA S 990 -1.93 -33.13 -35.38
CA ALA S 990 -1.40 -34.48 -35.24
C ALA S 990 -0.76 -34.68 -33.89
N GLY S 991 -1.49 -35.40 -33.03
CA GLY S 991 -1.30 -35.34 -31.59
C GLY S 991 0.11 -35.57 -31.14
N LYS S 992 0.88 -36.36 -31.88
CA LYS S 992 2.26 -36.57 -31.50
C LYS S 992 3.05 -35.29 -31.60
N TYR S 993 2.78 -34.46 -32.61
CA TYR S 993 3.49 -33.21 -32.78
C TYR S 993 3.21 -32.25 -31.64
N ARG S 994 2.09 -32.42 -30.97
CA ARG S 994 1.74 -31.56 -29.85
C ARG S 994 1.91 -32.23 -28.51
N THR S 995 2.36 -33.49 -28.50
CA THR S 995 2.79 -34.12 -27.27
C THR S 995 4.30 -34.16 -27.09
N THR S 996 5.07 -34.07 -28.16
CA THR S 996 6.52 -34.14 -27.99
C THR S 996 7.01 -32.95 -27.18
N LYS S 997 7.92 -33.23 -26.25
CA LYS S 997 8.54 -32.20 -25.41
C LYS S 997 10.02 -32.09 -25.74
N GLN S 998 10.55 -30.88 -25.66
CA GLN S 998 12.00 -30.82 -25.52
C GLN S 998 12.38 -31.51 -24.22
N ILE S 999 13.61 -31.98 -24.15
CA ILE S 999 13.98 -32.86 -23.05
C ILE S 999 14.02 -32.17 -21.70
N THR S 1000 14.32 -30.89 -21.66
CA THR S 1000 14.47 -30.21 -20.39
C THR S 1000 13.18 -30.23 -19.57
N GLU S 1001 12.03 -30.45 -20.19
CA GLU S 1001 10.75 -30.16 -19.57
C GLU S 1001 10.29 -31.21 -18.57
N ILE S 1002 10.69 -32.46 -18.73
CA ILE S 1002 10.03 -33.55 -18.02
C ILE S 1002 10.33 -33.50 -16.53
N ASP S 1003 11.53 -33.07 -16.18
CA ASP S 1003 11.92 -33.04 -14.78
C ASP S 1003 12.37 -31.63 -14.41
N GLN S 1004 12.15 -31.29 -13.15
CA GLN S 1004 12.51 -29.97 -12.66
C GLN S 1004 13.70 -30.06 -11.73
N TRP S 1005 14.52 -29.02 -11.75
CA TRP S 1005 15.68 -28.91 -10.87
C TRP S 1005 15.24 -28.10 -9.66
N THR S 1006 14.55 -28.75 -8.75
CA THR S 1006 13.91 -28.09 -7.63
C THR S 1006 14.90 -28.02 -6.48
N ARG S 1007 14.55 -27.33 -5.40
CA ARG S 1007 15.46 -27.16 -4.28
C ARG S 1007 15.95 -28.48 -3.73
N PHE S 1008 15.18 -29.55 -3.81
CA PHE S 1008 15.77 -30.83 -3.48
C PHE S 1008 16.96 -31.12 -4.37
N ASP S 1009 16.92 -30.75 -5.63
CA ASP S 1009 18.08 -30.91 -6.49
C ASP S 1009 19.15 -29.89 -6.22
N VAL S 1010 18.79 -28.78 -5.58
CA VAL S 1010 19.79 -27.74 -5.30
C VAL S 1010 20.44 -28.00 -3.94
N SER S 1011 19.80 -28.81 -3.10
CA SER S 1011 20.41 -29.30 -1.87
C SER S 1011 20.64 -30.80 -1.92
N ARG S 1012 20.70 -31.36 -3.13
CA ARG S 1012 20.73 -32.80 -3.30
C ARG S 1012 21.97 -33.36 -2.63
N ALA S 1013 21.79 -34.47 -1.92
CA ALA S 1013 22.90 -35.10 -1.23
C ALA S 1013 23.46 -36.25 -2.05
N ASP S 1014 24.74 -36.53 -1.84
CA ASP S 1014 25.48 -37.39 -2.75
C ASP S 1014 25.14 -38.86 -2.53
N ASN S 1015 25.43 -39.66 -3.54
CA ASN S 1015 25.31 -41.11 -3.45
C ASN S 1015 26.66 -41.79 -3.36
N PHE S 1016 27.60 -41.20 -2.63
CA PHE S 1016 28.86 -41.84 -2.32
C PHE S 1016 29.48 -41.16 -1.10
N ARG S 1017 30.58 -41.73 -0.61
CA ARG S 1017 31.27 -41.17 0.54
C ARG S 1017 32.18 -40.05 0.06
N PRO S 1018 31.84 -38.80 0.31
CA PRO S 1018 32.63 -37.69 -0.23
C PRO S 1018 33.97 -37.59 0.45
N LEU S 1019 35.01 -37.32 -0.33
CA LEU S 1019 36.33 -37.32 0.27
C LEU S 1019 36.53 -36.11 1.16
N SER S 1020 35.88 -35.00 0.84
CA SER S 1020 35.88 -33.83 1.70
C SER S 1020 34.78 -32.89 1.24
N ILE S 1021 34.10 -32.26 2.20
CA ILE S 1021 33.11 -31.25 1.89
C ILE S 1021 33.49 -29.90 2.48
N SER S 1022 34.78 -29.61 2.55
CA SER S 1022 35.22 -28.29 2.99
C SER S 1022 34.67 -27.19 2.09
N HIS S 1023 34.71 -27.39 0.78
CA HIS S 1023 34.15 -26.49 -0.20
C HIS S 1023 32.66 -26.25 -0.01
N ARG S 1024 31.98 -27.10 0.76
CA ARG S 1024 30.53 -27.03 0.86
C ARG S 1024 30.17 -25.80 1.67
N ARG S 1025 30.30 -24.62 1.04
CA ARG S 1025 29.82 -23.39 1.66
C ARG S 1025 28.31 -23.30 1.67
N ASP S 1026 27.64 -24.23 1.01
CA ASP S 1026 26.20 -24.44 1.17
C ASP S 1026 25.91 -25.52 2.20
N TYR S 1027 26.69 -25.59 3.27
CA TYR S 1027 26.60 -26.78 4.10
C TYR S 1027 25.30 -26.78 4.91
N ILE S 1028 25.15 -25.85 5.84
CA ILE S 1028 24.01 -25.93 6.75
C ILE S 1028 23.02 -24.80 6.57
N ARG S 1029 23.45 -23.55 6.48
CA ARG S 1029 22.48 -22.47 6.34
C ARG S 1029 21.67 -22.63 5.06
N LEU S 1030 22.30 -23.15 4.01
CA LEU S 1030 21.69 -23.27 2.70
C LEU S 1030 20.85 -24.54 2.56
N GLY S 1031 20.98 -25.46 3.51
CA GLY S 1031 20.12 -26.61 3.56
C GLY S 1031 20.69 -27.90 3.02
N TYR S 1032 21.89 -28.28 3.41
CA TYR S 1032 22.51 -29.50 2.92
C TYR S 1032 22.91 -30.35 4.13
N MET S 1033 22.77 -31.67 4.01
CA MET S 1033 23.45 -32.60 4.91
C MET S 1033 23.88 -33.83 4.13
N HIS S 1034 25.13 -34.24 4.33
CA HIS S 1034 25.68 -35.31 3.53
C HIS S 1034 24.90 -36.59 3.76
N ARG S 1035 24.89 -37.44 2.75
CA ARG S 1035 24.25 -38.73 2.86
C ARG S 1035 25.17 -39.72 3.54
N TYR S 1036 26.46 -39.45 3.50
CA TYR S 1036 27.50 -40.33 4.00
C TYR S 1036 28.59 -39.49 4.62
N THR S 1037 28.95 -39.80 5.87
CA THR S 1037 30.01 -39.07 6.53
C THR S 1037 31.24 -39.08 5.63
N PRO S 1038 31.88 -37.95 5.37
CA PRO S 1038 33.05 -37.94 4.49
C PRO S 1038 34.24 -38.66 5.10
N TRP S 1039 35.05 -39.20 4.20
CA TRP S 1039 36.24 -39.93 4.58
C TRP S 1039 37.05 -39.15 5.62
N GLU S 1040 37.17 -37.83 5.45
CA GLU S 1040 37.99 -37.02 6.34
C GLU S 1040 37.49 -37.06 7.78
N TRP S 1041 36.19 -36.87 8.00
CA TRP S 1041 35.68 -36.87 9.37
C TRP S 1041 35.57 -38.28 9.92
N ILE S 1042 35.40 -39.28 9.07
CA ILE S 1042 35.60 -40.64 9.56
C ILE S 1042 37.02 -40.83 10.06
N ALA S 1043 38.00 -40.29 9.34
CA ALA S 1043 39.38 -40.41 9.78
C ALA S 1043 39.64 -39.69 11.10
N VAL S 1044 39.09 -38.50 11.28
CA VAL S 1044 39.15 -37.84 12.59
C VAL S 1044 38.52 -38.71 13.67
N GLN S 1045 37.35 -39.28 13.39
CA GLN S 1045 36.65 -40.03 14.43
C GLN S 1045 37.32 -41.37 14.72
N GLU S 1046 38.11 -41.89 13.77
CA GLU S 1046 38.91 -43.07 14.05
C GLU S 1046 40.14 -42.72 14.86
N ALA S 1047 40.81 -41.64 14.50
CA ALA S 1047 42.06 -41.28 15.16
C ALA S 1047 41.85 -40.79 16.59
N ASP S 1048 40.95 -39.85 16.81
CA ASP S 1048 40.81 -39.18 18.09
C ASP S 1048 40.76 -40.13 19.28
N GLN S 1049 40.48 -41.41 19.05
CA GLN S 1049 40.24 -42.31 20.15
C GLN S 1049 41.03 -43.60 20.00
N PRO S 1050 41.34 -44.29 21.09
CA PRO S 1050 42.28 -45.40 21.04
C PRO S 1050 41.68 -46.65 20.41
N LEU S 1051 42.43 -47.74 20.55
CA LEU S 1051 42.02 -49.08 20.16
C LEU S 1051 42.23 -49.99 21.37
N ILE S 1052 41.19 -50.73 21.75
CA ILE S 1052 41.27 -51.59 22.93
C ILE S 1052 42.08 -52.83 22.58
N ALA S 1053 42.94 -53.27 23.51
CA ALA S 1053 43.78 -54.42 23.25
C ALA S 1053 43.00 -55.70 23.14
N GLU S 1054 41.78 -55.71 23.67
CA GLU S 1054 40.89 -56.87 23.59
C GLU S 1054 40.06 -56.89 22.32
N GLN S 1055 40.57 -56.32 21.23
CA GLN S 1055 39.91 -56.38 19.94
C GLN S 1055 40.71 -57.18 18.93
N ILE S 1056 41.88 -57.68 19.31
CA ILE S 1056 42.80 -58.30 18.37
C ILE S 1056 42.66 -59.81 18.34
N ARG S 1057 42.47 -60.45 19.49
CA ARG S 1057 42.37 -61.89 19.60
C ARG S 1057 43.46 -62.59 18.79
N GLN S 1058 44.69 -62.37 19.23
CA GLN S 1058 45.84 -63.16 18.86
C GLN S 1058 45.77 -64.48 19.62
N ASP S 1059 46.31 -65.54 19.02
CA ASP S 1059 46.30 -66.81 19.73
C ASP S 1059 47.28 -67.77 19.08
N ASN S 1060 48.27 -68.23 19.86
CA ASN S 1060 49.24 -69.21 19.41
C ASN S 1060 49.53 -70.31 20.41
N ILE S 1061 49.24 -70.12 21.70
CA ILE S 1061 49.55 -71.10 22.73
C ILE S 1061 48.43 -72.13 22.90
N GLY S 1062 47.18 -71.70 22.82
CA GLY S 1062 46.07 -72.55 23.14
C GLY S 1062 45.44 -72.15 24.47
N THR S 1063 44.52 -73.00 24.91
CA THR S 1063 43.84 -72.76 26.17
C THR S 1063 44.65 -73.36 27.31
N SER S 1064 44.74 -72.61 28.39
CA SER S 1064 45.47 -73.04 29.57
C SER S 1064 44.51 -73.80 30.48
N TYR S 1065 44.63 -75.13 30.49
CA TYR S 1065 43.65 -76.00 31.11
C TYR S 1065 43.65 -75.89 32.62
N PHE S 1066 44.80 -75.63 33.22
CA PHE S 1066 44.90 -75.72 34.66
C PHE S 1066 45.01 -74.37 35.36
N PHE S 1067 45.91 -73.51 34.94
CA PHE S 1067 46.12 -72.26 35.66
C PHE S 1067 45.12 -71.18 35.30
N SER S 1068 44.98 -70.87 34.00
CA SER S 1068 44.31 -69.67 33.53
C SER S 1068 42.98 -69.40 34.22
N LEU S 1069 42.28 -70.43 34.66
CA LEU S 1069 41.03 -70.24 35.35
C LEU S 1069 41.21 -70.02 36.84
N ASN S 1070 42.26 -70.61 37.42
CA ASN S 1070 42.59 -70.40 38.82
C ASN S 1070 43.72 -69.38 38.94
N ARG S 1071 43.78 -68.46 38.00
CA ARG S 1071 44.75 -67.38 38.02
C ARG S 1071 44.37 -66.40 39.12
N TYR S 1072 45.15 -65.33 39.28
CA TYR S 1072 45.17 -64.57 40.52
C TYR S 1072 43.77 -64.12 40.92
N TRP S 1073 43.54 -64.10 42.23
CA TRP S 1073 42.20 -63.88 42.75
C TRP S 1073 41.66 -62.51 42.37
N ARG S 1074 42.52 -61.61 41.90
CA ARG S 1074 42.05 -60.30 41.45
C ARG S 1074 41.65 -60.33 39.99
N TYR S 1075 42.49 -60.91 39.17
CA TYR S 1075 42.25 -61.04 37.75
C TYR S 1075 41.58 -62.36 37.46
N LYS S 1076 40.67 -62.74 38.35
CA LYS S 1076 39.97 -64.01 38.32
C LYS S 1076 38.76 -63.94 37.40
N ALA S 1077 38.40 -65.10 36.87
CA ALA S 1077 37.22 -65.24 36.02
C ALA S 1077 36.03 -65.52 36.89
N ARG S 1078 35.40 -64.47 37.35
CA ARG S 1078 34.20 -64.65 38.14
C ARG S 1078 33.14 -65.34 37.29
N PRO S 1079 32.74 -66.56 37.63
CA PRO S 1079 31.57 -67.14 36.98
C PRO S 1079 30.36 -66.26 37.25
N HIS S 1080 29.44 -66.28 36.31
CA HIS S 1080 28.28 -65.40 36.40
C HIS S 1080 27.04 -66.14 35.95
N GLY S 1081 25.91 -65.77 36.53
CA GLY S 1081 24.68 -66.46 36.26
C GLY S 1081 24.26 -67.26 37.47
N TYR S 1082 24.14 -68.58 37.30
CA TYR S 1082 23.57 -69.45 38.31
C TYR S 1082 24.60 -69.86 39.34
N ILE S 1083 24.10 -70.48 40.41
CA ILE S 1083 25.00 -71.14 41.34
C ILE S 1083 25.77 -72.26 40.65
N ARG S 1084 25.16 -72.91 39.67
CA ARG S 1084 25.74 -74.08 39.05
C ARG S 1084 26.99 -73.79 38.25
N HIS S 1085 27.53 -72.57 38.36
CA HIS S 1085 28.80 -72.22 37.73
C HIS S 1085 29.84 -71.73 38.72
N PHE S 1086 29.55 -71.73 40.02
CA PHE S 1086 30.43 -71.18 41.06
C PHE S 1086 31.23 -72.26 41.77
N ASP S 1087 31.78 -73.26 41.07
CA ASP S 1087 32.23 -74.46 41.75
C ASP S 1087 33.36 -74.19 42.74
N ASN S 1088 34.21 -73.21 42.47
CA ASN S 1088 35.28 -72.95 43.44
C ASN S 1088 34.76 -72.22 44.65
N GLU S 1089 34.02 -71.15 44.44
CA GLU S 1089 33.42 -70.38 45.51
C GLU S 1089 32.57 -71.22 46.45
N VAL S 1090 31.93 -72.27 45.96
CA VAL S 1090 31.01 -73.00 46.83
C VAL S 1090 31.77 -73.96 47.73
N ARG S 1091 32.78 -74.65 47.20
CA ARG S 1091 33.67 -75.37 48.09
C ARG S 1091 34.22 -74.42 49.15
N ASP S 1092 34.62 -73.23 48.70
CA ASP S 1092 35.07 -72.19 49.60
C ASP S 1092 34.02 -71.80 50.64
N LEU S 1093 32.76 -71.74 50.27
CA LEU S 1093 31.73 -71.36 51.22
C LEU S 1093 31.51 -72.44 52.24
N PHE S 1094 31.44 -73.70 51.80
CA PHE S 1094 31.40 -74.78 52.78
C PHE S 1094 32.56 -74.66 53.76
N GLN S 1095 33.78 -74.42 53.24
CA GLN S 1095 34.94 -74.41 54.11
C GLN S 1095 34.90 -73.25 55.10
N PHE S 1096 34.58 -72.05 54.63
CA PHE S 1096 34.50 -70.91 55.54
C PHE S 1096 33.40 -71.11 56.57
N VAL S 1097 32.23 -71.59 56.13
CA VAL S 1097 31.10 -71.68 57.03
C VAL S 1097 31.36 -72.71 58.11
N ASP S 1098 32.02 -73.82 57.75
CA ASP S 1098 32.43 -74.73 58.82
C ASP S 1098 33.54 -74.15 59.68
N GLY S 1099 34.40 -73.32 59.10
CA GLY S 1099 35.48 -72.72 59.87
C GLY S 1099 35.02 -71.71 60.89
N VAL S 1100 33.82 -71.15 60.70
CA VAL S 1100 33.31 -70.19 61.68
C VAL S 1100 32.12 -70.71 62.50
N THR S 1101 31.23 -71.49 61.93
CA THR S 1101 29.96 -71.83 62.56
C THR S 1101 30.13 -73.09 63.40
N PRO S 1102 30.04 -72.99 64.72
CA PRO S 1102 30.21 -74.19 65.56
C PRO S 1102 28.91 -74.93 65.78
N TRP S 1103 29.05 -76.24 66.03
CA TRP S 1103 27.89 -77.05 66.39
C TRP S 1103 27.27 -76.55 67.68
N LYS S 1104 28.06 -75.95 68.57
CA LYS S 1104 27.52 -75.31 69.76
C LYS S 1104 26.63 -74.13 69.43
N GLN S 1105 26.50 -73.77 68.15
CA GLN S 1105 25.54 -72.78 67.68
C GLN S 1105 24.47 -73.40 66.79
N ALA S 1106 24.86 -74.26 65.86
CA ALA S 1106 23.89 -74.92 64.99
C ALA S 1106 23.10 -76.03 65.67
N GLN S 1107 23.33 -76.27 66.96
CA GLN S 1107 22.62 -77.33 67.65
C GLN S 1107 21.13 -77.06 67.74
N LYS S 1108 20.78 -76.00 68.46
CA LYS S 1108 19.41 -75.72 68.90
C LYS S 1108 18.42 -75.60 67.76
N ILE S 1109 18.89 -75.38 66.54
CA ILE S 1109 18.03 -75.00 65.41
C ILE S 1109 17.02 -76.11 65.16
N ARG S 1110 15.75 -75.82 65.42
CA ARG S 1110 14.72 -76.84 65.41
C ARG S 1110 14.17 -77.01 64.00
N THR S 1111 13.63 -78.19 63.75
CA THR S 1111 12.74 -78.39 62.62
C THR S 1111 11.36 -77.91 63.00
N TYR S 1112 10.45 -77.95 62.03
CA TYR S 1112 9.07 -77.72 62.41
C TYR S 1112 8.50 -78.94 63.10
N TRP S 1113 8.84 -80.15 62.65
CA TRP S 1113 8.26 -81.32 63.27
C TRP S 1113 8.83 -81.62 64.65
N GLU S 1114 10.12 -81.35 64.88
CA GLU S 1114 10.71 -81.58 66.19
C GLU S 1114 10.11 -80.69 67.26
N VAL S 1115 9.45 -79.58 66.87
CA VAL S 1115 8.73 -78.79 67.86
C VAL S 1115 7.24 -79.10 67.81
N ARG S 1116 6.68 -79.31 66.63
CA ARG S 1116 5.27 -79.67 66.50
C ARG S 1116 4.96 -80.98 67.17
N ALA S 1117 5.97 -81.75 67.59
CA ALA S 1117 5.75 -83.02 68.25
C ALA S 1117 4.87 -82.91 69.50
N HIS S 1118 4.95 -81.81 70.24
CA HIS S 1118 4.28 -81.70 71.54
C HIS S 1118 2.87 -81.11 71.44
N HIS S 1119 2.29 -81.05 70.25
CA HIS S 1119 0.88 -80.71 70.13
C HIS S 1119 0.05 -81.86 70.66
N PRO S 1120 -1.09 -81.57 71.29
CA PRO S 1120 -1.97 -82.67 71.70
C PRO S 1120 -2.44 -83.50 70.53
N MET S 1121 -2.39 -82.95 69.31
CA MET S 1121 -2.60 -83.72 68.09
C MET S 1121 -1.45 -83.44 67.16
N PRO S 1122 -0.29 -84.07 67.39
CA PRO S 1122 0.87 -83.79 66.53
C PRO S 1122 0.69 -84.30 65.13
N GLN S 1123 -0.24 -85.23 64.91
CA GLN S 1123 -0.35 -85.93 63.63
C GLN S 1123 -1.81 -86.23 63.35
N PHE S 1124 -2.27 -85.78 62.18
CA PHE S 1124 -3.58 -86.11 61.66
C PHE S 1124 -3.49 -86.06 60.14
N ASN S 1125 -3.94 -87.14 59.51
CA ASN S 1125 -3.80 -87.31 58.08
C ASN S 1125 -4.61 -86.24 57.35
N ARG S 1126 -4.03 -85.67 56.30
CA ARG S 1126 -4.77 -84.71 55.51
C ARG S 1126 -5.96 -85.40 54.86
N PRO S 1127 -7.02 -84.67 54.56
CA PRO S 1127 -8.26 -85.32 54.11
C PRO S 1127 -8.18 -85.87 52.70
N GLU S 1128 -7.03 -85.67 52.05
CA GLU S 1128 -6.89 -86.07 50.65
C GLU S 1128 -6.88 -87.58 50.51
N VAL S 1129 -5.86 -88.22 51.05
CA VAL S 1129 -5.58 -89.61 50.77
C VAL S 1129 -5.86 -90.41 52.04
N ALA S 1130 -5.06 -90.18 53.07
CA ALA S 1130 -5.09 -90.97 54.27
C ALA S 1130 -6.17 -90.47 55.21
N MET S 1131 -7.13 -89.71 54.68
CA MET S 1131 -8.34 -89.42 55.43
C MET S 1131 -9.03 -90.70 55.84
N HIS S 1132 -8.86 -91.77 55.07
CA HIS S 1132 -9.31 -93.07 55.52
C HIS S 1132 -8.33 -93.73 56.47
N ARG S 1133 -7.15 -93.15 56.68
CA ARG S 1133 -6.18 -93.69 57.62
C ARG S 1133 -6.15 -92.94 58.95
N ASN S 1134 -6.95 -91.89 59.09
CA ASN S 1134 -7.08 -91.21 60.38
C ASN S 1134 -7.69 -92.17 61.37
N THR S 1135 -7.12 -92.24 62.57
CA THR S 1135 -7.66 -93.06 63.63
C THR S 1135 -8.27 -92.18 64.72
N VAL S 1136 -9.18 -92.77 65.51
CA VAL S 1136 -9.65 -92.13 66.72
C VAL S 1136 -8.56 -92.00 67.76
N GLY S 1137 -7.74 -93.03 67.94
CA GLY S 1137 -6.72 -93.05 68.96
C GLY S 1137 -5.80 -91.86 68.94
N LEU S 1138 -5.67 -91.19 67.80
CA LEU S 1138 -4.92 -89.93 67.72
C LEU S 1138 -5.57 -88.82 68.52
N LEU S 1139 -6.90 -88.85 68.63
CA LEU S 1139 -7.61 -87.79 69.32
C LEU S 1139 -7.28 -87.84 70.81
N PRO S 1140 -6.64 -86.82 71.36
CA PRO S 1140 -6.34 -86.81 72.79
C PRO S 1140 -7.56 -86.56 73.66
N ALA S 1141 -8.48 -87.53 73.71
CA ALA S 1141 -9.62 -87.39 74.62
C ALA S 1141 -9.19 -87.41 76.08
N HIS S 1142 -7.95 -87.82 76.35
CA HIS S 1142 -7.38 -87.73 77.69
C HIS S 1142 -7.08 -86.30 78.08
N MET S 1143 -7.26 -85.33 77.19
CA MET S 1143 -7.06 -83.93 77.54
C MET S 1143 -8.30 -83.06 77.33
N TRP S 1144 -9.38 -83.60 76.78
CA TRP S 1144 -10.62 -82.85 76.74
C TRP S 1144 -11.75 -83.73 77.26
N GLU S 1145 -12.95 -83.14 77.37
CA GLU S 1145 -14.07 -83.80 78.02
C GLU S 1145 -15.32 -83.75 77.15
N THR S 1146 -16.25 -84.67 77.41
CA THR S 1146 -17.41 -84.92 76.57
C THR S 1146 -18.70 -84.93 77.39
N ASP S 1147 -19.77 -84.40 76.81
CA ASP S 1147 -21.13 -84.59 77.34
C ASP S 1147 -21.92 -85.53 76.43
N LYS S 1148 -22.39 -86.63 77.02
CA LYS S 1148 -22.90 -87.76 76.26
C LYS S 1148 -24.30 -87.50 75.69
N LYS S 1149 -25.00 -86.49 76.21
CA LYS S 1149 -26.36 -86.22 75.79
C LYS S 1149 -26.46 -85.75 74.34
N THR S 1150 -25.37 -85.22 73.80
CA THR S 1150 -25.29 -84.77 72.42
C THR S 1150 -24.03 -85.28 71.73
N GLY S 1151 -22.99 -85.61 72.50
CA GLY S 1151 -21.79 -86.20 71.95
C GLY S 1151 -20.67 -85.24 71.64
N LYS S 1152 -20.74 -84.01 72.14
CA LYS S 1152 -19.72 -83.01 71.85
C LYS S 1152 -18.64 -83.02 72.92
N VAL S 1153 -17.43 -82.70 72.51
CA VAL S 1153 -16.36 -82.44 73.46
C VAL S 1153 -16.45 -80.98 73.88
N LYS S 1154 -16.61 -80.74 75.18
CA LYS S 1154 -16.99 -79.43 75.68
C LYS S 1154 -15.82 -78.56 76.13
N ALA S 1155 -14.81 -79.13 76.76
CA ALA S 1155 -13.72 -78.31 77.26
C ALA S 1155 -12.45 -79.14 77.33
N VAL S 1156 -11.34 -78.46 77.61
CA VAL S 1156 -10.00 -79.03 77.56
C VAL S 1156 -9.36 -78.88 78.93
N LYS S 1157 -8.89 -79.99 79.48
CA LYS S 1157 -8.15 -79.94 80.75
C LYS S 1157 -6.80 -79.28 80.54
N ASP S 1158 -6.22 -78.77 81.63
CA ASP S 1158 -4.91 -78.14 81.53
C ASP S 1158 -3.85 -79.22 81.33
N SER S 1159 -3.27 -79.27 80.14
CA SER S 1159 -2.16 -80.19 79.92
C SER S 1159 -0.82 -79.49 80.10
N VAL S 1160 -0.80 -78.15 80.01
CA VAL S 1160 0.46 -77.45 80.20
C VAL S 1160 0.91 -77.55 81.66
N ARG S 1161 0.05 -78.08 82.52
CA ARG S 1161 0.48 -78.38 83.89
C ARG S 1161 1.24 -79.70 83.94
N ASP S 1162 0.58 -80.81 83.57
CA ASP S 1162 1.13 -82.14 83.77
C ASP S 1162 2.03 -82.56 82.62
N TYR S 1163 2.31 -81.64 81.70
CA TYR S 1163 3.07 -81.99 80.50
C TYR S 1163 4.50 -82.33 80.90
N GLN S 1164 4.80 -83.63 80.88
CA GLN S 1164 6.10 -84.17 81.26
C GLN S 1164 6.68 -84.88 80.05
N THR S 1165 7.69 -84.25 79.42
CA THR S 1165 8.39 -84.87 78.31
C THR S 1165 9.76 -85.35 78.77
N LYS S 1166 10.09 -86.58 78.37
CA LYS S 1166 11.37 -87.19 78.68
C LYS S 1166 12.44 -86.81 77.66
N THR S 1167 12.04 -86.25 76.53
CA THR S 1167 12.98 -85.80 75.50
C THR S 1167 12.55 -84.42 75.05
N PRO S 1168 12.79 -83.40 75.87
CA PRO S 1168 12.37 -82.04 75.48
C PRO S 1168 12.91 -81.60 74.13
N LEU S 1169 14.20 -81.78 73.89
CA LEU S 1169 14.70 -81.83 72.53
C LEU S 1169 15.11 -83.27 72.29
N PRO S 1170 15.08 -83.75 71.06
CA PRO S 1170 15.24 -85.19 70.82
C PRO S 1170 16.58 -85.73 71.30
N LYS S 1171 16.74 -87.05 71.19
CA LYS S 1171 17.86 -87.74 71.81
C LYS S 1171 19.20 -87.35 71.20
N TRP S 1172 19.20 -86.59 70.11
CA TRP S 1172 20.45 -86.19 69.47
C TRP S 1172 20.98 -84.85 69.98
N VAL S 1173 20.35 -84.29 71.01
CA VAL S 1173 20.62 -82.90 71.43
C VAL S 1173 21.42 -82.95 72.71
N GLN S 1174 22.66 -82.45 72.66
CA GLN S 1174 23.51 -82.28 73.83
C GLN S 1174 23.91 -80.82 73.97
N LEU S 1175 23.59 -80.21 75.11
CA LEU S 1175 23.88 -78.80 75.33
C LEU S 1175 24.94 -78.58 76.40
N HIS T 10 -34.60 13.68 29.33
CA HIS T 10 -34.83 15.11 29.30
C HIS T 10 -36.12 15.53 28.67
N ARG T 11 -37.23 15.09 29.26
CA ARG T 11 -38.50 15.77 29.06
C ARG T 11 -38.54 17.09 29.81
N SER T 12 -37.58 17.31 30.70
CA SER T 12 -37.52 18.50 31.50
C SER T 12 -36.20 19.20 31.38
N GLY T 13 -35.65 19.28 30.17
CA GLY T 13 -34.42 20.00 29.93
C GLY T 13 -34.68 21.20 29.07
N LYS T 14 -33.74 22.13 29.09
CA LYS T 14 -33.84 23.31 28.25
C LYS T 14 -33.76 22.91 26.78
N ALA T 15 -34.39 23.68 25.91
CA ALA T 15 -34.38 23.39 24.48
C ALA T 15 -33.04 23.78 23.88
N ARG T 16 -32.60 23.02 22.89
CA ARG T 16 -31.37 23.32 22.18
C ARG T 16 -31.64 23.40 20.69
N ALA T 17 -31.03 24.37 20.05
CA ALA T 17 -31.24 24.56 18.63
C ALA T 17 -30.77 23.35 17.87
N PHE T 18 -31.56 22.91 16.90
CA PHE T 18 -31.07 21.81 16.08
C PHE T 18 -29.86 22.24 15.29
N VAL T 19 -29.78 23.52 14.97
CA VAL T 19 -28.61 24.06 14.32
C VAL T 19 -28.42 25.48 14.82
N PHE T 20 -27.16 25.86 14.93
CA PHE T 20 -26.79 27.23 15.22
C PHE T 20 -27.66 28.19 14.40
N ARG T 21 -28.06 29.29 15.02
CA ARG T 21 -28.79 30.31 14.29
C ARG T 21 -27.83 31.10 13.42
N ASP T 22 -28.39 31.79 12.44
CA ASP T 22 -27.53 32.62 11.62
C ASP T 22 -27.01 33.79 12.42
N PRO T 23 -25.70 34.02 12.48
CA PRO T 23 -25.18 35.19 13.20
C PRO T 23 -25.60 36.48 12.57
N THR T 24 -25.84 36.51 11.26
CA THR T 24 -26.39 37.73 10.70
C THR T 24 -27.78 38.02 11.23
N LEU T 25 -28.65 37.02 11.32
CA LEU T 25 -29.95 37.29 11.94
C LEU T 25 -29.78 37.71 13.39
N LYS T 26 -28.84 37.09 14.10
CA LYS T 26 -28.59 37.48 15.47
C LYS T 26 -28.20 38.94 15.56
N MET T 27 -27.47 39.45 14.58
CA MET T 27 -27.17 40.87 14.60
C MET T 27 -28.38 41.70 14.23
N MET T 28 -29.10 41.32 13.19
CA MET T 28 -30.19 42.12 12.71
C MET T 28 -31.33 42.23 13.72
N ARG T 29 -31.44 41.29 14.64
CA ARG T 29 -32.48 41.43 15.66
C ARG T 29 -32.09 42.37 16.79
N ALA T 30 -30.90 42.96 16.73
CA ALA T 30 -30.38 43.83 17.77
C ALA T 30 -30.19 45.26 17.26
N GLY T 31 -31.18 45.83 16.60
CA GLY T 31 -31.14 47.24 16.26
C GLY T 31 -32.13 48.01 17.09
N SER T 32 -32.79 47.32 18.00
CA SER T 32 -33.85 47.84 18.86
C SER T 32 -33.72 47.27 20.27
N GLY T 33 -32.55 47.39 20.84
CA GLY T 33 -32.33 47.03 22.21
C GLY T 33 -31.62 48.13 22.98
N TYR T 34 -31.63 48.00 24.29
CA TYR T 34 -31.29 49.15 25.11
C TYR T 34 -29.98 49.77 24.69
N GLN T 35 -29.04 48.95 24.25
CA GLN T 35 -27.74 49.49 23.97
C GLN T 35 -27.71 50.18 22.63
N GLN T 36 -28.81 50.18 21.90
CA GLN T 36 -28.90 51.10 20.77
C GLN T 36 -29.93 52.19 20.99
N LEU T 37 -30.96 51.93 21.78
CA LEU T 37 -31.79 53.03 22.26
C LEU T 37 -30.95 54.12 22.92
N ARG T 38 -30.01 53.74 23.79
CA ARG T 38 -29.05 54.69 24.31
C ARG T 38 -28.53 55.61 23.23
N ARG T 39 -27.75 55.08 22.30
CA ARG T 39 -27.06 55.99 21.40
C ARG T 39 -27.94 56.50 20.28
N MET T 40 -29.23 56.16 20.31
CA MET T 40 -30.23 56.95 19.59
C MET T 40 -30.57 58.19 20.36
N GLY T 41 -30.81 58.04 21.64
CA GLY T 41 -31.22 59.13 22.47
C GLY T 41 -32.48 58.88 23.23
N MET T 42 -32.88 57.65 23.40
CA MET T 42 -34.18 57.36 23.99
C MET T 42 -34.34 57.76 25.45
N PRO T 43 -33.37 57.50 26.33
CA PRO T 43 -33.57 57.86 27.74
C PRO T 43 -33.76 59.35 27.99
N ILE T 44 -34.47 59.65 29.07
CA ILE T 44 -34.44 60.95 29.69
C ILE T 44 -33.61 60.86 30.96
N GLN T 45 -32.45 61.49 30.95
CA GLN T 45 -31.51 61.39 32.07
C GLN T 45 -32.19 61.95 33.29
N VAL T 46 -32.47 61.11 34.27
CA VAL T 46 -33.18 61.53 35.47
C VAL T 46 -32.26 61.98 36.58
N SER T 47 -31.02 61.50 36.63
CA SER T 47 -30.12 61.87 37.71
C SER T 47 -28.92 62.62 37.14
N LYS T 48 -27.93 62.89 38.00
CA LYS T 48 -26.68 63.45 37.51
C LYS T 48 -26.12 62.61 36.36
N GLY T 49 -26.62 61.38 36.22
CA GLY T 49 -26.06 60.45 35.28
C GLY T 49 -24.68 60.02 35.74
N TRP T 50 -23.67 60.47 35.01
CA TRP T 50 -22.30 60.19 35.36
C TRP T 50 -21.72 61.38 36.10
N ARG T 51 -20.56 61.18 36.71
CA ARG T 51 -19.87 62.22 37.43
C ARG T 51 -19.11 63.07 36.45
N LYS T 52 -19.65 64.24 36.12
CA LYS T 52 -19.02 65.05 35.09
C LYS T 52 -17.68 65.63 35.51
N VAL T 53 -17.65 66.54 36.49
CA VAL T 53 -16.45 67.32 36.79
C VAL T 53 -16.06 67.19 38.26
N ASP T 54 -14.75 67.08 38.48
CA ASP T 54 -14.00 67.09 39.74
C ASP T 54 -14.39 65.99 40.71
N HIS T 55 -15.30 65.11 40.36
CA HIS T 55 -15.33 63.84 41.06
C HIS T 55 -14.11 63.06 40.59
N PHE T 56 -13.85 61.94 41.25
CA PHE T 56 -12.69 61.15 40.88
C PHE T 56 -12.66 60.90 39.38
N HIS T 57 -13.83 60.63 38.80
CA HIS T 57 -13.95 60.24 37.41
C HIS T 57 -14.42 61.44 36.59
N ALA T 58 -13.48 62.28 36.21
CA ALA T 58 -13.76 63.39 35.32
C ALA T 58 -13.92 62.81 33.92
N ASN T 59 -14.93 63.29 33.20
CA ASN T 59 -15.18 62.88 31.82
C ASN T 59 -15.01 64.03 30.84
N ASN T 60 -15.41 65.23 31.23
CA ASN T 60 -15.56 66.29 30.26
C ASN T 60 -14.21 66.83 29.81
N GLN T 61 -13.16 66.63 30.60
CA GLN T 61 -11.85 67.09 30.16
C GLN T 61 -11.27 66.20 29.08
N TYR T 62 -11.68 64.94 29.01
CA TYR T 62 -11.37 64.07 27.89
C TYR T 62 -12.41 64.15 26.80
N GLN T 63 -13.56 64.74 27.07
CA GLN T 63 -14.59 64.79 26.06
C GLN T 63 -14.13 65.50 24.80
N HIS T 64 -13.37 66.57 24.92
CA HIS T 64 -12.75 67.10 23.73
C HIS T 64 -11.36 66.52 23.62
N ALA T 65 -10.63 66.99 22.63
CA ALA T 65 -9.33 66.41 22.36
C ALA T 65 -8.23 67.32 22.87
N TRP T 66 -7.40 66.78 23.77
CA TRP T 66 -6.20 67.37 24.32
C TRP T 66 -4.99 66.64 23.75
N PRO T 67 -3.95 67.34 23.32
CA PRO T 67 -2.76 66.64 22.85
C PRO T 67 -2.18 65.79 23.96
N LEU T 68 -1.11 65.07 23.63
CA LEU T 68 -0.55 64.10 24.54
C LEU T 68 0.36 64.77 25.57
N LEU T 69 0.00 64.62 26.84
CA LEU T 69 0.77 65.18 27.94
C LEU T 69 1.89 64.24 28.32
N SER T 70 3.12 64.67 28.07
CA SER T 70 4.33 63.95 28.42
C SER T 70 5.14 64.87 29.32
N HIS T 71 4.74 64.99 30.57
CA HIS T 71 5.40 65.91 31.48
C HIS T 71 6.26 65.23 32.52
N ASP T 72 5.97 63.97 32.83
CA ASP T 72 6.73 63.18 33.78
C ASP T 72 6.42 61.71 33.56
N ASP T 73 7.01 60.85 34.35
CA ASP T 73 6.71 59.43 34.28
C ASP T 73 5.33 59.21 34.89
N LEU T 74 4.27 59.32 34.08
CA LEU T 74 2.94 58.88 34.52
C LEU T 74 2.85 57.35 34.55
N GLY T 75 4.00 56.69 34.50
CA GLY T 75 4.09 55.25 34.59
C GLY T 75 4.97 54.66 33.51
N ASN T 76 4.89 55.20 32.31
CA ASN T 76 5.61 54.56 31.24
C ASN T 76 6.73 55.44 30.73
N SER T 77 7.41 56.12 31.67
CA SER T 77 8.50 57.05 31.39
C SER T 77 8.11 58.04 30.31
N ASP T 78 6.91 58.58 30.44
CA ASP T 78 6.30 59.32 29.36
C ASP T 78 7.09 60.53 28.93
N GLN T 79 8.06 60.97 29.72
CA GLN T 79 8.62 62.30 29.54
C GLN T 79 9.89 62.29 28.70
N SER T 80 10.64 61.21 28.70
CA SER T 80 11.77 61.07 27.78
C SER T 80 11.59 59.93 26.81
N ASN T 81 11.04 58.82 27.26
CA ASN T 81 10.49 57.82 26.35
C ASN T 81 9.45 58.46 25.46
N ASN T 82 9.71 58.54 24.16
CA ASN T 82 8.64 58.93 23.25
C ASN T 82 8.00 57.67 22.67
N THR T 83 6.69 57.70 22.55
CA THR T 83 5.87 56.52 22.73
C THR T 83 5.04 56.18 21.50
N ARG T 84 5.65 56.22 20.32
CA ARG T 84 4.95 55.86 19.09
C ARG T 84 4.11 54.60 19.29
N ASN T 85 4.76 53.46 19.50
CA ASN T 85 4.03 52.20 19.62
C ASN T 85 3.26 52.11 20.93
N ILE T 86 3.69 52.84 21.94
CA ILE T 86 2.97 52.79 23.20
C ILE T 86 1.60 53.40 23.04
N MET T 87 1.47 54.35 22.12
CA MET T 87 0.20 55.04 21.92
C MET T 87 -0.80 54.17 21.17
N TYR T 88 -0.36 53.51 20.10
CA TYR T 88 -1.22 52.56 19.41
C TYR T 88 -1.66 51.47 20.36
N SER T 89 -0.71 50.74 20.91
CA SER T 89 -1.10 49.60 21.73
C SER T 89 -1.84 50.02 22.99
N MET T 90 -1.59 51.23 23.49
CA MET T 90 -1.82 51.50 24.89
C MET T 90 -2.83 52.60 25.19
N TYR T 91 -2.64 53.80 24.65
CA TYR T 91 -3.44 54.93 25.09
C TYR T 91 -4.48 55.40 24.07
N LEU T 92 -4.26 55.20 22.78
CA LEU T 92 -5.37 55.36 21.85
C LEU T 92 -6.49 54.40 22.24
N PRO T 93 -7.69 54.89 22.51
CA PRO T 93 -8.72 54.00 23.04
C PRO T 93 -9.02 52.91 22.04
N LYS T 94 -9.78 51.91 22.49
CA LYS T 94 -9.95 50.71 21.69
C LYS T 94 -11.38 50.24 21.74
N ARG T 95 -11.71 49.37 20.80
CA ARG T 95 -13.09 48.92 20.60
C ARG T 95 -13.48 47.85 21.61
N ASN T 96 -12.53 47.05 22.05
CA ASN T 96 -12.59 46.32 23.30
C ASN T 96 -11.17 45.90 23.61
N LYS T 97 -10.98 45.19 24.71
CA LYS T 97 -9.62 44.91 25.17
C LYS T 97 -8.90 44.08 24.14
N GLY T 98 -8.00 44.69 23.41
CA GLY T 98 -7.20 44.00 22.44
C GLY T 98 -7.55 44.31 21.02
N THR T 99 -8.75 44.80 20.77
CA THR T 99 -9.18 45.12 19.42
C THR T 99 -8.26 46.20 18.87
N ALA T 100 -8.42 46.54 17.62
CA ALA T 100 -7.48 47.47 17.05
C ALA T 100 -7.67 48.86 17.67
N PRO T 101 -6.65 49.70 17.61
CA PRO T 101 -6.82 51.08 18.05
C PRO T 101 -7.92 51.76 17.26
N TRP T 102 -8.95 52.22 17.95
CA TRP T 102 -9.97 53.02 17.30
C TRP T 102 -9.46 54.45 17.22
N PHE T 103 -9.46 55.03 16.02
CA PHE T 103 -9.00 56.40 15.85
C PHE T 103 -10.17 57.29 15.52
N ARG T 104 -10.46 58.22 16.42
CA ARG T 104 -11.60 59.08 16.17
C ARG T 104 -11.22 60.24 15.29
N GLY T 105 -10.20 60.05 14.47
CA GLY T 105 -9.49 61.14 13.86
C GLY T 105 -10.39 62.04 13.05
N ALA T 106 -9.78 63.12 12.58
CA ALA T 106 -10.49 64.03 11.71
C ALA T 106 -10.47 63.58 10.26
N ASP T 107 -9.80 62.48 9.96
CA ASP T 107 -9.89 61.86 8.64
C ASP T 107 -10.68 60.57 8.66
N THR T 108 -11.18 60.15 9.79
CA THR T 108 -12.09 59.02 9.80
C THR T 108 -13.53 59.42 9.94
N TYR T 109 -13.90 60.59 9.44
CA TYR T 109 -15.28 61.00 9.34
C TYR T 109 -15.55 61.35 7.89
N SER T 110 -16.80 61.15 7.48
CA SER T 110 -17.13 61.13 6.07
C SER T 110 -17.11 62.53 5.48
N VAL T 111 -16.56 62.63 4.27
CA VAL T 111 -16.29 63.93 3.69
C VAL T 111 -17.56 64.70 3.34
N LYS T 112 -18.73 64.10 3.53
CA LYS T 112 -19.94 64.88 3.38
C LYS T 112 -20.17 65.77 4.58
N TYR T 113 -19.38 65.61 5.63
CA TYR T 113 -19.62 66.38 6.83
C TYR T 113 -19.11 67.80 6.68
N CYS T 114 -17.97 67.98 6.03
CA CYS T 114 -17.42 69.29 5.75
C CYS T 114 -18.19 70.05 4.68
N GLU T 115 -18.81 69.35 3.73
CA GLU T 115 -19.39 70.04 2.58
C GLU T 115 -20.76 70.60 2.88
N GLN T 116 -21.21 70.56 4.12
CA GLN T 116 -22.55 71.04 4.42
C GLN T 116 -22.58 72.55 4.57
N GLY T 117 -23.66 73.15 4.09
CA GLY T 117 -23.94 74.52 4.43
C GLY T 117 -24.45 74.61 5.84
N ARG T 118 -24.64 75.83 6.31
CA ARG T 118 -24.95 76.04 7.72
C ARG T 118 -26.38 75.65 8.03
N TYR T 119 -26.58 75.14 9.24
CA TYR T 119 -27.88 74.88 9.83
C TYR T 119 -28.80 74.04 8.96
N GLU T 120 -28.28 73.37 7.94
CA GLU T 120 -29.13 72.52 7.11
C GLU T 120 -29.56 71.25 7.81
N TYR T 121 -28.76 70.77 8.75
CA TYR T 121 -29.16 69.61 9.54
C TYR T 121 -30.44 69.89 10.32
N GLN T 122 -30.85 71.15 10.37
CA GLN T 122 -31.94 71.56 11.25
C GLN T 122 -33.25 71.43 10.50
N ARG T 123 -34.19 70.69 11.08
CA ARG T 123 -35.45 70.43 10.39
C ARG T 123 -36.57 71.24 11.03
N TYR T 124 -37.58 71.56 10.23
CA TYR T 124 -38.68 72.34 10.77
C TYR T 124 -39.26 71.61 11.96
N LEU T 125 -39.09 72.19 13.13
CA LEU T 125 -39.55 71.60 14.38
C LEU T 125 -40.85 72.26 14.79
N MET T 126 -41.95 71.57 14.61
CA MET T 126 -43.23 72.12 15.01
C MET T 126 -43.45 71.72 16.46
N ILE T 127 -43.27 72.67 17.36
CA ILE T 127 -43.35 72.38 18.79
C ILE T 127 -44.64 73.00 19.30
N ASN T 128 -45.46 72.21 19.98
CA ASN T 128 -46.69 72.74 20.53
C ASN T 128 -46.60 72.74 22.05
N ARG T 129 -47.14 73.79 22.65
CA ARG T 129 -47.07 74.01 24.08
C ARG T 129 -48.48 74.30 24.56
N PHE T 130 -48.78 73.94 25.81
CA PHE T 130 -50.12 74.12 26.36
C PHE T 130 -50.64 75.52 26.05
N PRO T 131 -51.96 75.74 26.09
CA PRO T 131 -52.46 77.10 25.81
C PRO T 131 -51.91 78.13 26.77
N SER T 132 -52.14 77.90 28.06
CA SER T 132 -51.62 78.80 29.07
C SER T 132 -50.13 78.96 28.95
N GLU T 133 -49.41 77.93 28.55
CA GLU T 133 -47.97 78.03 28.37
C GLU T 133 -47.58 78.88 27.17
N TYR T 134 -48.39 78.86 26.12
CA TYR T 134 -48.25 79.85 25.06
C TYR T 134 -48.35 81.24 25.63
N ARG T 135 -49.41 81.47 26.42
CA ARG T 135 -49.60 82.81 26.96
C ARG T 135 -48.42 83.24 27.81
N LYS T 136 -47.97 82.36 28.69
CA LYS T 136 -46.81 82.68 29.52
C LYS T 136 -45.68 83.15 28.66
N HIS T 137 -45.19 82.29 27.77
CA HIS T 137 -43.98 82.64 27.06
C HIS T 137 -44.21 83.84 26.17
N PHE T 138 -45.44 84.08 25.76
CA PHE T 138 -45.71 85.28 24.98
C PHE T 138 -45.54 86.55 25.81
N MET T 139 -46.17 86.62 26.97
CA MET T 139 -45.99 87.75 27.85
C MET T 139 -44.54 87.92 28.27
N ASN T 140 -43.80 86.83 28.38
CA ASN T 140 -42.40 86.90 28.77
C ASN T 140 -41.54 87.49 27.68
N PHE T 141 -41.60 87.00 26.45
CA PHE T 141 -40.79 87.65 25.44
C PHE T 141 -41.30 89.03 25.15
N LEU T 142 -42.55 89.33 25.51
CA LEU T 142 -43.01 90.71 25.46
C LEU T 142 -42.31 91.58 26.51
N SER T 143 -42.43 91.19 27.77
CA SER T 143 -41.76 91.88 28.84
C SER T 143 -40.29 92.05 28.54
N ASN T 144 -39.69 91.07 27.89
CA ASN T 144 -38.25 91.08 27.67
C ASN T 144 -37.86 91.75 26.36
N ILE T 145 -38.80 92.03 25.46
CA ILE T 145 -38.44 92.96 24.40
C ILE T 145 -38.59 94.38 24.91
N ARG T 146 -39.56 94.61 25.79
CA ARG T 146 -39.69 95.94 26.38
C ARG T 146 -38.50 96.28 27.27
N SER T 147 -38.04 95.29 28.03
CA SER T 147 -36.98 95.47 29.01
C SER T 147 -36.38 94.12 29.33
N SER T 148 -35.13 93.88 28.96
CA SER T 148 -34.51 92.61 29.31
C SER T 148 -33.83 92.68 30.68
N SER T 149 -32.78 93.46 30.81
CA SER T 149 -32.15 93.79 32.09
C SER T 149 -32.79 95.07 32.61
N GLY T 150 -32.63 95.33 33.90
CA GLY T 150 -33.39 96.39 34.51
C GLY T 150 -32.97 97.75 34.00
N PRO T 151 -31.76 98.18 34.40
CA PRO T 151 -31.25 99.48 33.96
C PRO T 151 -30.14 99.47 32.91
N ALA T 152 -29.61 98.32 32.53
CA ALA T 152 -28.33 98.30 31.84
C ALA T 152 -28.45 98.06 30.34
N THR T 153 -29.64 97.77 29.82
CA THR T 153 -29.77 97.24 28.46
C THR T 153 -29.18 98.18 27.42
N ILE T 154 -28.69 97.59 26.33
CA ILE T 154 -28.50 98.28 25.06
C ILE T 154 -29.91 98.39 24.50
N PRO T 155 -30.18 99.27 23.53
CA PRO T 155 -31.47 99.18 22.84
C PRO T 155 -31.74 97.81 22.24
N GLN T 156 -30.72 97.16 21.68
CA GLN T 156 -30.92 95.99 20.83
C GLN T 156 -31.48 94.79 21.59
N GLU T 157 -31.76 94.94 22.87
CA GLU T 157 -32.20 93.76 23.57
C GLU T 157 -33.60 93.32 23.19
N ALA T 158 -34.47 94.24 22.75
CA ALA T 158 -35.75 93.81 22.18
C ALA T 158 -35.52 92.95 20.95
N LEU T 159 -34.92 93.53 19.93
CA LEU T 159 -34.49 92.83 18.73
C LEU T 159 -33.88 91.46 19.04
N HIS T 160 -32.90 91.40 19.91
CA HIS T 160 -32.37 90.12 20.32
C HIS T 160 -33.48 89.26 20.88
N TRP T 161 -34.35 89.83 21.68
CA TRP T 161 -35.35 89.00 22.30
C TRP T 161 -36.45 88.61 21.33
N LEU T 162 -36.69 89.43 20.31
CA LEU T 162 -37.56 89.00 19.22
C LEU T 162 -36.97 87.79 18.51
N LEU T 163 -35.72 87.92 18.04
CA LEU T 163 -35.05 86.80 17.39
C LEU T 163 -35.01 85.59 18.29
N ARG T 164 -34.39 85.70 19.46
CA ARG T 164 -34.38 84.60 20.40
C ARG T 164 -35.78 84.04 20.62
N MET T 165 -36.83 84.85 20.48
CA MET T 165 -38.15 84.28 20.37
C MET T 165 -38.28 83.43 19.12
N ILE T 166 -37.63 83.83 18.02
CA ILE T 166 -37.74 83.05 16.78
C ILE T 166 -36.94 81.76 16.89
N VAL T 167 -35.64 81.89 17.12
CA VAL T 167 -34.77 80.75 17.38
C VAL T 167 -35.39 79.80 18.37
N ASP T 168 -36.14 80.31 19.32
CA ASP T 168 -36.91 79.46 20.19
C ASP T 168 -38.04 78.74 19.46
N ASN T 169 -38.11 78.83 18.14
CA ASN T 169 -39.26 78.31 17.41
C ASN T 169 -40.53 78.85 18.03
N PHE T 170 -40.60 80.17 18.10
CA PHE T 170 -41.80 80.84 18.54
C PHE T 170 -42.35 81.71 17.42
N ASN T 171 -43.64 82.02 17.55
CA ASN T 171 -44.41 82.82 16.62
C ASN T 171 -44.60 84.22 17.18
N PRO T 172 -43.79 85.19 16.80
CA PRO T 172 -43.95 86.54 17.34
C PRO T 172 -45.23 87.20 16.86
N GLN T 173 -46.18 87.38 17.79
CA GLN T 173 -47.42 88.05 17.49
C GLN T 173 -47.17 89.49 17.06
N HIS T 174 -48.23 90.14 16.60
CA HIS T 174 -48.08 91.52 16.21
C HIS T 174 -47.78 92.40 17.40
N VAL T 175 -48.19 92.01 18.60
CA VAL T 175 -47.86 92.80 19.78
C VAL T 175 -46.37 92.74 20.05
N HIS T 176 -45.75 91.57 19.87
CA HIS T 176 -44.30 91.45 19.90
C HIS T 176 -43.65 92.21 18.77
N TYR T 177 -44.42 92.60 17.76
CA TYR T 177 -43.80 93.49 16.79
C TYR T 177 -44.01 94.97 17.14
N ILE T 178 -45.23 95.36 17.52
CA ILE T 178 -45.45 96.74 17.94
C ILE T 178 -44.48 97.12 19.03
N ALA T 179 -44.48 96.37 20.12
CA ALA T 179 -43.55 96.61 21.22
C ALA T 179 -42.13 96.77 20.73
N ALA T 180 -41.65 95.81 19.96
CA ALA T 180 -40.27 95.79 19.54
C ALA T 180 -39.96 96.88 18.55
N MET T 181 -40.98 97.50 17.99
CA MET T 181 -40.71 98.61 17.09
C MET T 181 -40.75 99.94 17.82
N LYS T 182 -41.64 100.06 18.79
CA LYS T 182 -41.63 101.23 19.67
C LYS T 182 -40.32 101.33 20.43
N THR T 183 -39.83 100.22 20.99
CA THR T 183 -38.69 100.32 21.87
C THR T 183 -37.40 100.59 21.12
N LEU T 184 -37.36 100.37 19.82
CA LEU T 184 -36.21 100.79 19.04
C LEU T 184 -36.41 102.15 18.41
N GLN T 185 -37.67 102.57 18.27
CA GLN T 185 -37.90 103.97 17.89
C GLN T 185 -37.52 104.91 19.02
N ASN T 186 -38.02 104.66 20.23
CA ASN T 186 -37.60 105.40 21.41
C ASN T 186 -36.10 105.56 21.45
N ALA T 187 -35.37 104.47 21.24
CA ALA T 187 -33.93 104.47 21.30
C ALA T 187 -33.29 105.05 20.05
N GLY T 188 -34.07 105.36 19.02
CA GLY T 188 -33.45 105.93 17.85
C GLY T 188 -32.62 104.96 17.07
N GLU T 189 -32.82 103.66 17.29
CA GLU T 189 -32.27 102.59 16.47
C GLU T 189 -33.36 102.30 15.44
N LEU T 190 -33.37 103.11 14.39
CA LEU T 190 -34.34 103.00 13.32
C LEU T 190 -33.95 101.98 12.27
N ASP T 191 -32.68 101.90 11.91
CA ASP T 191 -32.26 100.75 11.14
C ASP T 191 -32.66 99.46 11.82
N MET T 192 -32.71 99.46 13.15
CA MET T 192 -33.23 98.33 13.90
C MET T 192 -34.73 98.23 13.84
N ALA T 193 -35.46 99.35 13.91
CA ALA T 193 -36.91 99.22 13.78
C ALA T 193 -37.29 98.79 12.36
N ARG T 194 -36.39 99.02 11.41
CA ARG T 194 -36.55 98.48 10.07
C ARG T 194 -36.27 97.00 10.05
N ASP T 195 -35.15 96.56 10.63
CA ASP T 195 -34.90 95.14 10.64
C ASP T 195 -35.95 94.42 11.46
N VAL T 196 -36.70 95.11 12.30
CA VAL T 196 -37.85 94.44 12.86
C VAL T 196 -38.93 94.29 11.80
N TRP T 197 -39.04 95.26 10.92
CA TRP T 197 -39.95 95.08 9.80
C TRP T 197 -39.53 93.87 9.01
N LYS T 198 -38.26 93.81 8.62
CA LYS T 198 -37.74 92.72 7.82
C LYS T 198 -37.85 91.38 8.51
N ILE T 199 -37.74 91.33 9.83
CA ILE T 199 -38.00 90.08 10.53
C ILE T 199 -39.46 89.73 10.41
N MET T 200 -40.33 90.69 10.64
CA MET T 200 -41.74 90.44 10.42
C MET T 200 -42.00 89.98 9.00
N GLU T 201 -41.13 90.36 8.07
CA GLU T 201 -41.39 90.04 6.67
C GLU T 201 -40.81 88.70 6.26
N ARG T 202 -39.53 88.48 6.49
CA ARG T 202 -38.96 87.14 6.41
C ARG T 202 -39.84 86.11 7.07
N GLN T 203 -40.55 86.47 8.12
CA GLN T 203 -41.59 85.60 8.64
C GLN T 203 -42.78 85.50 7.71
N GLN T 204 -42.83 86.27 6.63
CA GLN T 204 -44.00 86.34 5.77
C GLN T 204 -45.25 86.59 6.58
N THR T 205 -45.28 87.72 7.29
CA THR T 205 -46.41 87.99 8.16
C THR T 205 -47.17 89.21 7.67
N TRP T 206 -48.41 89.30 8.08
CA TRP T 206 -49.33 90.29 7.57
C TRP T 206 -49.43 91.43 8.58
N PRO T 207 -48.72 92.52 8.38
CA PRO T 207 -48.79 93.62 9.33
C PRO T 207 -50.17 94.21 9.39
N CYS T 208 -50.80 94.02 10.54
CA CYS T 208 -52.08 94.62 10.81
C CYS T 208 -51.94 96.14 10.84
N THR T 209 -53.09 96.82 10.78
CA THR T 209 -53.11 98.27 10.72
C THR T 209 -52.16 98.89 11.73
N SER T 210 -52.24 98.44 12.98
CA SER T 210 -51.31 98.90 13.99
C SER T 210 -49.88 98.77 13.54
N THR T 211 -49.50 97.61 13.01
CA THR T 211 -48.11 97.40 12.65
C THR T 211 -47.69 98.22 11.44
N ILE T 212 -48.57 98.41 10.46
CA ILE T 212 -48.20 99.29 9.36
C ILE T 212 -48.00 100.70 9.87
N CYS T 213 -48.93 101.20 10.70
CA CYS T 213 -48.73 102.50 11.30
C CYS T 213 -47.38 102.57 11.98
N ALA T 214 -47.07 101.57 12.80
CA ALA T 214 -45.79 101.55 13.47
C ALA T 214 -44.64 101.73 12.48
N TYR T 215 -44.47 100.80 11.54
CA TYR T 215 -43.34 100.92 10.63
C TYR T 215 -43.37 102.21 9.86
N LEU T 216 -44.55 102.76 9.62
CA LEU T 216 -44.63 104.00 8.88
C LEU T 216 -44.07 105.16 9.67
N ASP T 217 -44.33 105.21 10.97
CA ASP T 217 -43.65 106.18 11.83
C ASP T 217 -42.15 106.08 11.66
N VAL T 218 -41.65 104.85 11.59
CA VAL T 218 -40.22 104.62 11.44
C VAL T 218 -39.73 105.23 10.14
N CYS T 219 -40.47 105.05 9.05
CA CYS T 219 -40.10 105.68 7.79
C CYS T 219 -40.12 107.19 7.92
N VAL T 220 -41.12 107.72 8.61
CA VAL T 220 -41.17 109.16 8.85
C VAL T 220 -39.86 109.62 9.45
N GLU T 221 -39.52 109.08 10.62
CA GLU T 221 -38.36 109.54 11.34
C GLU T 221 -37.06 109.35 10.56
N ALA T 222 -36.91 108.25 9.83
CA ALA T 222 -35.67 108.09 9.09
C ALA T 222 -35.62 108.91 7.81
N GLY T 223 -36.77 109.35 7.31
CA GLY T 223 -36.77 110.22 6.15
C GLY T 223 -36.52 109.55 4.83
N GLU T 224 -36.99 108.33 4.63
CA GLU T 224 -36.83 107.61 3.37
C GLU T 224 -38.20 107.21 2.87
N LYS T 225 -38.64 107.82 1.77
CA LYS T 225 -39.95 107.51 1.22
C LYS T 225 -40.03 106.10 0.69
N THR T 226 -38.96 105.60 0.06
CA THR T 226 -38.94 104.23 -0.45
C THR T 226 -39.33 103.24 0.60
N TRP T 227 -38.74 103.38 1.79
CA TRP T 227 -39.01 102.46 2.88
C TRP T 227 -40.50 102.28 3.12
N ALA T 228 -41.29 103.32 2.89
CA ALA T 228 -42.71 103.31 3.20
C ALA T 228 -43.56 102.97 1.99
N MET T 229 -43.05 103.28 0.80
CA MET T 229 -43.83 103.01 -0.39
C MET T 229 -44.10 101.52 -0.53
N GLU T 230 -43.18 100.66 -0.12
CA GLU T 230 -43.42 99.24 -0.26
C GLU T 230 -44.39 98.72 0.77
N ALA T 231 -44.32 99.19 2.01
CA ALA T 231 -45.38 98.82 2.92
C ALA T 231 -46.73 99.24 2.36
N TRP T 232 -46.77 100.36 1.65
CA TRP T 232 -47.99 100.78 1.00
C TRP T 232 -48.39 99.84 -0.14
N ASN T 233 -47.44 99.54 -1.02
CA ASN T 233 -47.68 98.65 -2.14
C ASN T 233 -48.09 97.27 -1.69
N ARG T 234 -47.53 96.80 -0.60
CA ARG T 234 -47.75 95.44 -0.16
C ARG T 234 -49.01 95.30 0.66
N TYR T 235 -49.16 96.06 1.73
CA TYR T 235 -50.16 95.71 2.73
C TYR T 235 -51.30 96.72 2.81
N CYS T 236 -50.99 97.99 3.01
CA CYS T 236 -52.02 98.95 3.40
C CYS T 236 -52.66 99.61 2.19
N THR T 237 -53.03 98.76 1.23
CA THR T 237 -53.74 99.15 0.03
C THR T 237 -55.21 98.76 0.08
N GLU T 238 -55.52 97.52 0.45
CA GLU T 238 -56.89 97.10 0.62
C GLU T 238 -57.53 97.70 1.85
N LEU T 239 -56.92 98.73 2.41
CA LEU T 239 -57.52 99.45 3.52
C LEU T 239 -58.38 100.58 2.97
N LYS T 240 -59.67 100.52 3.24
CA LYS T 240 -60.62 101.46 2.71
C LYS T 240 -61.31 102.18 3.86
N PHE T 241 -61.59 103.46 3.66
CA PHE T 241 -62.26 104.23 4.69
C PHE T 241 -63.67 103.75 4.92
N LEU T 242 -64.17 104.03 6.11
CA LEU T 242 -65.47 103.53 6.52
C LEU T 242 -66.59 104.23 5.77
N GLN T 243 -67.14 103.58 4.76
CA GLN T 243 -68.19 104.18 3.95
C GLN T 243 -69.48 104.31 4.76
N PRO T 244 -70.25 105.37 4.49
CA PRO T 244 -71.33 105.75 5.43
C PRO T 244 -72.27 104.64 5.85
N GLY T 245 -72.52 103.67 4.99
CA GLY T 245 -73.48 102.65 5.36
C GLY T 245 -72.95 101.55 6.25
N GLU T 246 -71.65 101.24 6.15
CA GLU T 246 -71.13 100.01 6.73
C GLU T 246 -70.80 100.17 8.21
N VAL T 247 -70.79 99.04 8.92
CA VAL T 247 -70.55 99.02 10.36
C VAL T 247 -69.16 99.54 10.66
N ASP T 248 -69.00 100.25 11.79
CA ASP T 248 -67.72 100.84 12.12
C ASP T 248 -66.69 99.80 12.60
N PRO T 249 -66.87 99.17 13.79
CA PRO T 249 -65.91 98.18 14.24
C PRO T 249 -66.39 96.76 13.97
N LYS T 250 -66.32 96.28 12.74
CA LYS T 250 -66.83 94.96 12.42
C LYS T 250 -66.31 93.94 13.43
N PRO T 251 -67.16 93.10 13.99
CA PRO T 251 -66.76 92.33 15.18
C PRO T 251 -65.61 91.39 14.89
N VAL T 252 -65.02 90.88 15.96
CA VAL T 252 -64.04 89.82 15.83
C VAL T 252 -64.76 88.61 15.27
N SER T 253 -64.14 87.91 14.32
CA SER T 253 -64.86 86.91 13.56
C SER T 253 -64.35 85.49 13.77
N ARG T 254 -63.06 85.27 13.67
CA ARG T 254 -62.50 83.92 13.63
C ARG T 254 -62.75 83.24 14.97
N VAL T 255 -63.38 82.08 14.92
CA VAL T 255 -63.72 81.30 16.12
C VAL T 255 -62.44 80.72 16.71
N PRO T 256 -62.46 80.20 17.92
CA PRO T 256 -61.27 79.50 18.41
C PRO T 256 -61.05 78.25 17.60
N PHE T 257 -59.87 78.12 17.01
CA PHE T 257 -59.62 76.99 16.12
C PHE T 257 -59.86 75.69 16.86
N SER T 258 -60.85 74.93 16.39
CA SER T 258 -61.30 73.72 17.03
C SER T 258 -61.25 72.60 16.00
N LEU T 259 -61.59 71.39 16.44
CA LEU T 259 -61.70 70.26 15.54
C LEU T 259 -62.86 69.39 15.95
N THR T 260 -63.39 68.66 15.00
CA THR T 260 -64.27 67.55 15.32
C THR T 260 -63.42 66.29 15.42
N ARG T 261 -64.05 65.18 15.78
CA ARG T 261 -63.28 63.95 15.92
C ARG T 261 -62.71 63.49 14.59
N GLU T 262 -63.51 63.48 13.54
CA GLU T 262 -62.96 63.02 12.30
C GLU T 262 -62.05 64.03 11.65
N GLU T 263 -61.96 65.21 12.22
CA GLU T 263 -60.92 66.14 11.82
C GLU T 263 -59.62 65.88 12.54
N LEU T 264 -59.70 65.51 13.81
CA LEU T 264 -58.49 65.35 14.63
C LEU T 264 -57.86 63.99 14.43
N LEU T 265 -58.68 62.94 14.30
CA LEU T 265 -58.22 61.57 14.15
C LEU T 265 -57.57 61.30 12.81
N TYR T 266 -58.12 61.81 11.72
CA TYR T 266 -57.67 61.45 10.40
C TYR T 266 -56.65 62.40 9.83
N LEU T 267 -56.76 63.68 10.13
CA LEU T 267 -55.90 64.66 9.51
C LEU T 267 -54.48 64.52 10.02
N PRO T 268 -53.49 64.93 9.24
CA PRO T 268 -52.11 64.79 9.71
C PRO T 268 -51.74 65.65 10.90
N LYS T 269 -50.68 65.21 11.57
CA LYS T 269 -50.22 65.87 12.78
C LYS T 269 -49.79 67.29 12.51
N TRP T 270 -49.43 67.61 11.28
CA TRP T 270 -48.87 68.92 11.00
C TRP T 270 -49.91 69.94 10.60
N LYS T 271 -51.12 69.49 10.28
CA LYS T 271 -52.19 70.43 10.00
C LYS T 271 -52.83 70.95 11.25
N LYS T 272 -52.94 70.11 12.29
CA LYS T 272 -53.54 70.51 13.55
C LYS T 272 -52.65 71.43 14.38
N HIS T 273 -51.36 71.48 14.10
CA HIS T 273 -50.43 72.20 14.94
C HIS T 273 -50.85 73.66 15.01
N PHE T 274 -51.11 74.14 16.20
CA PHE T 274 -51.55 75.51 16.44
C PHE T 274 -50.53 76.19 17.32
N ASP T 275 -49.46 76.65 16.71
CA ASP T 275 -48.63 77.65 17.36
C ASP T 275 -48.95 78.99 16.72
N HIS T 276 -49.43 79.92 17.54
CA HIS T 276 -50.31 80.95 17.03
C HIS T 276 -49.57 81.77 15.99
N ASP T 277 -49.76 81.40 14.75
CA ASP T 277 -49.27 82.19 13.64
C ASP T 277 -49.99 83.52 13.65
N PRO T 278 -49.27 84.65 13.58
CA PRO T 278 -49.92 85.96 13.61
C PRO T 278 -50.74 86.29 12.37
N ASN T 279 -50.63 85.54 11.28
CA ASN T 279 -51.45 85.81 10.10
C ASN T 279 -52.82 85.16 10.19
N LEU T 280 -53.12 84.48 11.29
CA LEU T 280 -54.45 83.95 11.55
C LEU T 280 -55.38 84.97 12.19
N ASP T 281 -54.85 86.08 12.69
CA ASP T 281 -55.65 87.05 13.41
C ASP T 281 -55.66 88.43 12.76
N VAL T 282 -55.22 88.57 11.52
CA VAL T 282 -55.33 89.88 10.91
C VAL T 282 -56.80 90.21 10.66
N VAL T 283 -57.63 89.19 10.43
CA VAL T 283 -59.05 89.40 10.18
C VAL T 283 -59.73 90.14 11.31
N ASP T 284 -59.15 90.13 12.50
CA ASP T 284 -59.70 90.90 13.61
C ASP T 284 -58.76 91.98 14.12
N LEU T 285 -57.46 91.86 13.90
CA LEU T 285 -56.62 92.94 14.33
C LEU T 285 -56.73 94.12 13.39
N ASN T 286 -57.27 93.90 12.20
CA ASN T 286 -57.73 94.98 11.34
C ASN T 286 -59.23 95.11 11.35
N ARG T 287 -59.87 94.72 12.44
CA ARG T 287 -61.31 94.95 12.61
C ARG T 287 -61.63 96.35 13.10
N PHE T 288 -60.62 97.18 13.33
CA PHE T 288 -60.85 98.49 13.93
C PHE T 288 -60.39 99.66 13.07
N ASN T 289 -59.85 99.42 11.89
CA ASN T 289 -59.76 100.44 10.84
C ASN T 289 -58.98 101.67 11.28
N ARG T 290 -57.67 101.48 11.40
CA ARG T 290 -56.75 102.60 11.58
C ARG T 290 -56.42 103.29 10.27
N THR T 291 -57.27 103.15 9.26
CA THR T 291 -56.92 103.63 7.93
C THR T 291 -56.53 105.10 7.93
N ARG T 292 -57.19 105.92 8.75
CA ARG T 292 -56.81 107.33 8.75
C ARG T 292 -55.43 107.52 9.29
N GLU T 293 -55.07 106.84 10.38
CA GLU T 293 -53.69 106.83 10.82
C GLU T 293 -52.76 106.44 9.70
N VAL T 294 -53.07 105.34 9.03
CA VAL T 294 -52.19 104.84 8.00
C VAL T 294 -51.99 105.90 6.95
N TYR T 295 -53.07 106.39 6.35
CA TYR T 295 -52.98 107.46 5.37
C TYR T 295 -52.22 108.65 5.89
N LEU T 296 -52.33 108.92 7.19
CA LEU T 296 -51.66 110.08 7.75
C LEU T 296 -50.15 109.87 7.72
N ARG T 297 -49.67 108.73 8.19
CA ARG T 297 -48.23 108.50 8.15
C ARG T 297 -47.74 108.40 6.72
N MET T 298 -48.60 107.93 5.82
CA MET T 298 -48.30 107.98 4.41
C MET T 298 -48.00 109.41 3.99
N ALA T 299 -48.94 110.32 4.25
CA ALA T 299 -48.71 111.72 3.93
C ALA T 299 -47.47 112.26 4.59
N GLN T 300 -47.27 111.92 5.86
CA GLN T 300 -46.08 112.36 6.58
C GLN T 300 -44.81 112.00 5.82
N VAL T 301 -44.57 110.71 5.61
CA VAL T 301 -43.33 110.30 4.96
C VAL T 301 -43.24 110.88 3.57
N MET T 302 -44.37 111.05 2.90
CA MET T 302 -44.31 111.68 1.59
C MET T 302 -43.75 113.07 1.71
N LEU T 303 -44.23 113.83 2.69
CA LEU T 303 -43.70 115.17 2.94
C LEU T 303 -42.24 115.13 3.31
N ALA T 304 -41.87 114.20 4.19
CA ALA T 304 -40.50 114.06 4.65
C ALA T 304 -39.54 113.84 3.50
N GLY T 305 -39.80 112.84 2.66
CA GLY T 305 -38.96 112.58 1.51
C GLY T 305 -39.04 113.64 0.45
N GLY T 306 -40.09 114.46 0.46
CA GLY T 306 -40.13 115.59 -0.43
C GLY T 306 -40.86 115.35 -1.73
N GLU T 307 -41.89 114.51 -1.72
CA GLU T 307 -42.75 114.35 -2.88
C GLU T 307 -43.99 115.22 -2.65
N ARG T 308 -43.90 116.47 -3.05
CA ARG T 308 -45.06 117.34 -2.91
C ARG T 308 -46.28 116.76 -3.57
N ASP T 309 -46.12 116.18 -4.77
CA ASP T 309 -47.26 115.70 -5.54
C ASP T 309 -47.97 114.55 -4.84
N SER T 310 -47.24 113.46 -4.58
CA SER T 310 -47.85 112.32 -3.88
C SER T 310 -48.32 112.72 -2.49
N PHE T 311 -47.59 113.62 -1.84
CA PHE T 311 -48.00 114.14 -0.54
C PHE T 311 -49.38 114.78 -0.62
N GLN T 312 -49.55 115.67 -1.60
CA GLN T 312 -50.86 116.23 -1.87
C GLN T 312 -51.88 115.16 -2.11
N HIS T 313 -51.51 114.13 -2.85
CA HIS T 313 -52.44 113.06 -3.13
C HIS T 313 -52.98 112.45 -1.84
N PHE T 314 -52.07 111.95 -1.01
CA PHE T 314 -52.48 111.30 0.23
C PHE T 314 -53.26 112.23 1.14
N TYR T 315 -52.75 113.43 1.37
CA TYR T 315 -53.41 114.41 2.21
C TYR T 315 -54.83 114.71 1.74
N THR T 316 -54.98 114.99 0.43
CA THR T 316 -56.28 115.34 -0.11
C THR T 316 -57.26 114.19 0.02
N LYS T 317 -56.83 112.99 -0.39
CA LYS T 317 -57.74 111.85 -0.31
C LYS T 317 -58.17 111.62 1.12
N LEU T 318 -57.24 111.75 2.06
CA LEU T 318 -57.57 111.55 3.47
C LEU T 318 -58.55 112.60 3.96
N GLU T 319 -58.31 113.85 3.62
CA GLU T 319 -59.16 114.91 4.13
C GLU T 319 -60.59 114.77 3.63
N GLU T 320 -60.75 114.47 2.34
CA GLU T 320 -62.11 114.32 1.84
C GLU T 320 -62.86 113.22 2.57
N ALA T 321 -62.20 112.11 2.85
CA ALA T 321 -62.85 111.05 3.61
C ALA T 321 -63.16 111.50 5.02
N MET T 322 -62.29 112.31 5.60
CA MET T 322 -62.59 112.91 6.90
C MET T 322 -63.88 113.71 6.87
N LEU T 323 -64.04 114.55 5.85
CA LEU T 323 -65.22 115.39 5.72
C LEU T 323 -66.47 114.55 5.50
N SER T 324 -66.36 113.45 4.77
CA SER T 324 -67.52 112.74 4.27
C SER T 324 -67.95 111.54 5.13
N THR T 325 -67.04 110.66 5.49
CA THR T 325 -67.37 109.38 6.10
C THR T 325 -67.47 109.53 7.60
N PRO T 326 -68.22 108.63 8.26
CA PRO T 326 -68.28 108.67 9.73
C PRO T 326 -66.94 108.33 10.35
N THR T 327 -66.94 108.27 11.68
CA THR T 327 -65.71 108.00 12.41
C THR T 327 -65.67 106.53 12.85
N PRO T 328 -64.56 105.84 12.60
CA PRO T 328 -64.44 104.47 13.10
C PRO T 328 -64.26 104.44 14.60
N VAL T 329 -65.04 103.59 15.26
CA VAL T 329 -64.94 103.46 16.71
C VAL T 329 -63.52 103.05 17.09
N PRO T 330 -62.74 103.91 17.74
CA PRO T 330 -61.35 103.56 18.04
C PRO T 330 -61.24 102.33 18.93
N GLU T 331 -60.07 101.72 18.88
CA GLU T 331 -59.88 100.44 19.53
C GLU T 331 -59.89 100.62 21.04
N PRO T 332 -60.52 99.72 21.78
CA PRO T 332 -60.24 99.62 23.20
C PRO T 332 -58.76 99.33 23.38
N PRO T 333 -58.14 99.83 24.46
CA PRO T 333 -56.69 99.85 24.52
C PRO T 333 -56.09 98.45 24.40
N ASN T 334 -54.93 98.37 23.77
CA ASN T 334 -54.22 97.12 23.57
C ASN T 334 -54.05 96.42 24.92
N PRO T 335 -54.80 95.37 25.20
CA PRO T 335 -54.76 94.80 26.55
C PRO T 335 -53.43 94.21 26.91
N HIS T 336 -52.51 94.08 25.97
CA HIS T 336 -51.22 93.48 26.27
C HIS T 336 -50.08 94.46 26.04
N LEU T 337 -50.16 95.32 25.03
CA LEU T 337 -49.08 96.28 24.84
C LEU T 337 -49.07 97.33 25.94
N VAL T 338 -50.14 98.11 26.07
CA VAL T 338 -50.26 99.09 27.13
C VAL T 338 -50.98 98.43 28.30
N ARG T 339 -50.41 98.57 29.47
CA ARG T 339 -50.72 97.64 30.55
C ARG T 339 -51.78 98.17 31.50
N ARG T 340 -52.74 97.33 31.79
CA ARG T 340 -53.70 97.61 32.84
C ARG T 340 -52.96 97.93 34.12
N PRO T 341 -53.49 98.81 34.98
CA PRO T 341 -52.93 98.95 36.33
C PRO T 341 -53.52 97.87 37.21
N GLN T 342 -52.73 97.41 38.17
CA GLN T 342 -53.29 96.49 39.15
C GLN T 342 -53.71 97.26 40.40
N TRP T 343 -54.81 96.83 41.00
CA TRP T 343 -55.35 97.49 42.17
C TRP T 343 -54.41 97.30 43.36
N SER T 344 -53.75 98.40 43.75
CA SER T 344 -52.74 98.42 44.80
C SER T 344 -53.13 99.49 45.80
N PRO T 345 -53.49 99.11 47.02
CA PRO T 345 -53.70 100.11 48.07
C PRO T 345 -52.35 100.68 48.46
N TYR T 346 -52.15 101.96 48.11
CA TYR T 346 -50.86 102.61 48.22
C TYR T 346 -50.53 102.98 49.66
N GLU T 347 -51.22 102.38 50.63
CA GLU T 347 -50.95 102.70 52.02
C GLU T 347 -49.46 102.61 52.33
N HIS T 348 -48.94 101.40 52.42
CA HIS T 348 -47.57 101.21 52.87
C HIS T 348 -46.63 101.70 51.77
N CYS T 349 -46.55 103.02 51.67
CA CYS T 349 -45.74 103.69 50.66
C CYS T 349 -44.93 104.81 51.29
N LYS T 350 -43.74 105.02 50.72
CA LYS T 350 -42.86 106.09 51.16
C LYS T 350 -43.51 107.43 50.89
N SER T 351 -44.05 108.04 51.93
CA SER T 351 -44.93 109.18 51.76
C SER T 351 -44.15 110.37 51.18
N VAL T 352 -44.87 111.47 50.97
CA VAL T 352 -44.30 112.59 50.23
C VAL T 352 -43.06 113.13 50.94
N HIS T 353 -43.10 113.18 52.27
CA HIS T 353 -41.97 113.67 53.05
C HIS T 353 -41.17 112.54 53.66
N HIS T 354 -41.29 111.34 53.12
CA HIS T 354 -40.67 110.17 53.72
C HIS T 354 -39.19 110.42 53.94
N SER T 355 -38.45 110.53 52.94
CA SER T 355 -37.20 111.06 53.44
C SER T 355 -37.34 112.55 53.68
N PRO T 356 -36.96 113.04 54.85
CA PRO T 356 -37.31 114.41 55.23
C PRO T 356 -36.57 115.46 54.41
N TRP T 357 -35.45 115.12 53.80
CA TRP T 357 -34.61 116.12 53.20
C TRP T 357 -35.17 116.66 51.89
N ARG T 358 -36.31 116.15 51.43
CA ARG T 358 -36.90 116.59 50.17
C ARG T 358 -38.32 116.03 50.03
N VAL T 359 -39.05 116.58 49.07
CA VAL T 359 -40.44 116.19 48.84
C VAL T 359 -40.45 114.99 47.92
N GLY T 360 -40.93 113.86 48.43
CA GLY T 360 -40.86 112.59 47.71
C GLY T 360 -41.98 112.42 46.71
N ASN T 361 -41.62 111.91 45.54
CA ASN T 361 -42.59 111.62 44.49
C ASN T 361 -43.36 110.37 44.85
N ASN T 362 -44.51 110.55 45.49
CA ASN T 362 -45.24 109.44 46.11
C ASN T 362 -46.19 108.85 45.09
N GLY T 363 -46.55 107.59 45.33
CA GLY T 363 -47.45 106.92 44.41
C GLY T 363 -48.80 107.56 44.31
N ARG T 364 -49.59 107.52 45.39
CA ARG T 364 -50.94 108.05 45.36
C ARG T 364 -50.99 109.55 45.09
N ALA T 365 -49.85 110.22 45.02
CA ALA T 365 -49.83 111.64 44.69
C ALA T 365 -48.41 112.04 44.37
N MET T 366 -48.21 112.65 43.22
CA MET T 366 -46.93 113.25 42.91
C MET T 366 -46.80 114.53 43.71
N ALA T 367 -45.58 115.03 43.83
CA ALA T 367 -45.35 116.28 44.53
C ALA T 367 -44.32 117.17 43.86
N LEU T 368 -43.43 116.64 43.05
CA LEU T 368 -42.33 117.43 42.53
C LEU T 368 -42.62 118.00 41.15
N GLY T 369 -43.88 118.23 40.82
CA GLY T 369 -44.22 118.86 39.57
C GLY T 369 -43.75 118.06 38.36
N PRO T 370 -44.09 118.53 37.17
CA PRO T 370 -43.66 117.84 35.95
C PRO T 370 -42.42 118.48 35.37
N SER T 371 -41.59 117.65 34.73
CA SER T 371 -40.43 118.20 34.06
C SER T 371 -40.77 118.73 32.68
N LEU T 372 -41.80 118.21 32.04
CA LEU T 372 -42.29 118.75 30.78
C LEU T 372 -43.81 118.63 30.73
N THR T 373 -44.45 119.54 29.99
CA THR T 373 -45.90 119.67 29.98
C THR T 373 -46.54 118.73 28.96
N THR T 374 -47.63 118.08 29.37
CA THR T 374 -48.35 117.14 28.52
C THR T 374 -49.44 117.86 27.73
N GLU T 375 -49.86 117.24 26.62
CA GLU T 375 -50.89 117.83 25.79
C GLU T 375 -52.29 117.58 26.33
N ASP T 376 -52.43 116.66 27.29
CA ASP T 376 -53.64 116.53 28.11
C ASP T 376 -54.87 116.27 27.24
N GLU T 377 -54.93 115.06 26.67
CA GLU T 377 -55.91 114.76 25.65
C GLU T 377 -56.16 113.25 25.57
N MET T 378 -56.89 112.86 24.53
CA MET T 378 -56.99 111.47 24.13
C MET T 378 -56.00 111.14 23.02
N GLN T 379 -56.16 109.95 22.45
CA GLN T 379 -55.26 109.47 21.41
C GLN T 379 -55.73 109.86 20.02
N SER T 380 -54.81 109.84 19.07
CA SER T 380 -55.14 110.05 17.66
C SER T 380 -56.23 109.09 17.23
N ARG T 381 -56.24 107.91 17.82
CA ARG T 381 -57.24 106.93 17.44
C ARG T 381 -58.60 107.30 18.01
N PHE T 382 -58.64 107.96 19.17
CA PHE T 382 -59.90 108.24 19.83
C PHE T 382 -60.58 109.50 19.32
N PHE T 383 -59.97 110.23 18.42
CA PHE T 383 -60.56 111.47 17.94
C PHE T 383 -61.74 111.18 17.02
N SER T 384 -62.68 112.11 16.97
CA SER T 384 -63.73 112.01 15.97
C SER T 384 -63.23 112.59 14.66
N ASN T 385 -63.87 112.19 13.57
CA ASN T 385 -63.40 112.53 12.23
C ASN T 385 -63.02 114.00 12.10
N ASP T 386 -63.85 114.88 12.65
CA ASP T 386 -63.60 116.32 12.56
C ASP T 386 -62.30 116.70 13.24
N GLN T 387 -62.21 116.49 14.55
CA GLN T 387 -60.99 116.79 15.27
C GLN T 387 -59.78 116.17 14.58
N PHE T 388 -59.97 114.96 14.05
CA PHE T 388 -58.91 114.30 13.31
C PHE T 388 -58.39 115.17 12.18
N LEU T 389 -59.22 116.05 11.63
CA LEU T 389 -58.70 116.93 10.60
C LEU T 389 -57.61 117.83 11.15
N VAL T 390 -57.85 118.42 12.32
CA VAL T 390 -56.83 119.23 12.96
C VAL T 390 -55.64 118.40 13.30
N HIS T 391 -55.90 117.18 13.78
CA HIS T 391 -54.86 116.21 14.05
C HIS T 391 -53.98 115.99 12.83
N MET T 392 -54.58 115.97 11.64
CA MET T 392 -53.82 115.80 10.43
C MET T 392 -52.77 116.88 10.26
N LEU T 393 -53.22 118.13 10.27
CA LEU T 393 -52.31 119.24 10.07
C LEU T 393 -51.29 119.31 11.18
N LYS T 394 -51.68 118.92 12.39
CA LYS T 394 -50.72 118.86 13.49
C LYS T 394 -49.59 117.90 13.18
N GLU T 395 -49.92 116.70 12.74
CA GLU T 395 -48.90 115.72 12.39
C GLU T 395 -48.05 116.16 11.20
N ILE T 396 -48.66 116.73 10.17
CA ILE T 396 -47.91 117.21 9.03
C ILE T 396 -46.89 118.25 9.45
N LEU T 397 -47.31 119.20 10.27
CA LEU T 397 -46.39 120.21 10.75
C LEU T 397 -45.32 119.63 11.64
N ARG T 398 -45.65 118.61 12.42
CA ARG T 398 -44.64 117.96 13.22
C ARG T 398 -43.47 117.55 12.34
N ILE T 399 -43.75 116.92 11.21
CA ILE T 399 -42.69 116.41 10.33
C ILE T 399 -42.06 117.54 9.52
N VAL T 400 -42.79 118.63 9.27
CA VAL T 400 -42.14 119.76 8.64
C VAL T 400 -41.04 120.29 9.54
N LEU T 401 -41.35 120.48 10.82
CA LEU T 401 -40.31 120.91 11.73
C LEU T 401 -39.19 119.89 11.81
N GLN T 402 -39.56 118.60 11.82
CA GLN T 402 -38.59 117.53 11.98
C GLN T 402 -37.63 117.47 10.78
N GLU T 403 -38.14 117.68 9.57
CA GLU T 403 -37.25 117.76 8.43
C GLU T 403 -36.37 118.99 8.50
N HIS T 404 -36.87 120.11 9.02
CA HIS T 404 -35.96 121.24 9.14
C HIS T 404 -34.83 120.93 10.11
N ARG T 405 -35.15 120.33 11.24
CA ARG T 405 -34.13 119.99 12.21
C ARG T 405 -33.10 119.04 11.61
N ARG T 406 -33.56 117.99 10.92
CA ARG T 406 -32.64 117.05 10.30
C ARG T 406 -31.83 117.69 9.18
N ARG T 407 -32.41 118.63 8.43
CA ARG T 407 -31.70 119.23 7.32
C ARG T 407 -30.64 120.19 7.80
N HIS T 408 -30.89 120.87 8.92
CA HIS T 408 -29.93 121.79 9.52
C HIS T 408 -29.85 121.48 11.01
N PRO T 409 -28.80 120.81 11.44
CA PRO T 409 -28.63 120.52 12.87
C PRO T 409 -27.93 121.64 13.62
N GLU T 410 -27.29 122.55 12.90
CA GLU T 410 -26.61 123.66 13.57
C GLU T 410 -27.54 124.83 13.84
N ALA T 411 -28.59 124.98 13.03
CA ALA T 411 -29.54 126.08 13.17
C ALA T 411 -30.80 125.68 13.91
N CYS T 412 -30.75 124.63 14.72
CA CYS T 412 -31.87 124.26 15.54
C CYS T 412 -31.52 124.03 17.00
N SER T 413 -30.29 123.62 17.30
CA SER T 413 -29.81 123.58 18.68
C SER T 413 -29.50 125.00 19.13
N ARG T 414 -30.01 125.37 20.30
CA ARG T 414 -30.00 126.77 20.72
C ARG T 414 -28.61 127.21 21.15
N GLY T 415 -28.05 128.18 20.43
CA GLY T 415 -26.86 128.85 20.89
C GLY T 415 -25.54 128.23 20.50
N GLU T 416 -25.48 127.52 19.38
CA GLU T 416 -24.26 126.85 19.02
C GLU T 416 -23.36 127.67 18.11
N GLY T 417 -23.92 128.64 17.41
CA GLY T 417 -23.13 129.53 16.57
C GLY T 417 -24.05 130.62 16.07
N GLU T 418 -23.43 131.67 15.51
CA GLU T 418 -24.24 132.76 15.00
C GLU T 418 -25.10 132.32 13.83
N ALA T 419 -24.83 131.15 13.25
CA ALA T 419 -25.72 130.54 12.28
C ALA T 419 -27.08 130.26 12.88
N PHE T 420 -27.15 129.97 14.19
CA PHE T 420 -28.43 129.88 14.84
C PHE T 420 -29.14 131.23 14.91
N PHE T 421 -28.43 132.33 14.64
CA PHE T 421 -28.99 133.66 14.73
C PHE T 421 -29.35 134.25 13.36
N ASP T 422 -28.59 133.92 12.33
CA ASP T 422 -28.90 134.33 10.97
C ASP T 422 -29.89 133.35 10.38
N GLN T 423 -31.05 133.86 9.97
CA GLN T 423 -32.05 132.98 9.39
C GLN T 423 -31.55 132.42 8.06
N VAL T 424 -31.50 131.10 7.99
CA VAL T 424 -30.91 130.43 6.84
C VAL T 424 -31.76 130.69 5.60
N VAL T 425 -31.12 130.58 4.43
CA VAL T 425 -31.87 130.59 3.19
C VAL T 425 -32.82 129.40 3.19
N ASP T 426 -33.86 129.47 2.35
CA ASP T 426 -34.80 128.37 2.18
C ASP T 426 -35.49 127.97 3.47
N ALA T 427 -36.01 128.94 4.21
CA ALA T 427 -36.97 128.70 5.26
C ALA T 427 -38.29 129.41 5.00
N ARG T 428 -38.22 130.59 4.39
CA ARG T 428 -39.42 131.37 4.07
C ARG T 428 -40.37 130.58 3.19
N GLU T 429 -39.84 129.93 2.16
CA GLU T 429 -40.68 129.18 1.25
C GLU T 429 -41.42 128.07 1.96
N THR T 430 -40.73 127.39 2.87
CA THR T 430 -41.40 126.35 3.64
C THR T 430 -42.47 126.92 4.56
N LEU T 431 -42.21 128.09 5.15
CA LEU T 431 -43.23 128.77 5.94
C LEU T 431 -44.46 129.14 5.12
N ASN T 432 -44.27 129.54 3.88
CA ASN T 432 -45.41 129.78 2.99
C ASN T 432 -46.27 128.54 2.87
N PHE T 433 -45.64 127.38 2.67
CA PHE T 433 -46.39 126.14 2.58
C PHE T 433 -47.06 125.79 3.90
N CYS T 434 -46.42 126.15 5.02
CA CYS T 434 -47.05 125.98 6.33
C CYS T 434 -48.36 126.77 6.40
N ASN T 435 -48.29 128.08 6.28
CA ASN T 435 -49.51 128.88 6.39
C ASN T 435 -50.50 128.52 5.29
N GLU T 436 -50.04 127.96 4.17
CA GLU T 436 -50.95 127.55 3.12
C GLU T 436 -51.71 126.29 3.49
N LEU T 437 -51.12 125.39 4.28
CA LEU T 437 -51.92 124.33 4.88
C LEU T 437 -52.82 124.87 5.99
N ILE T 438 -52.35 125.92 6.65
CA ILE T 438 -53.06 126.52 7.78
C ILE T 438 -54.38 127.10 7.34
N GLU T 439 -54.34 128.06 6.43
CA GLU T 439 -55.55 128.56 5.81
C GLU T 439 -56.31 127.44 5.09
N ARG T 440 -55.62 126.38 4.68
CA ARG T 440 -56.34 125.27 4.08
C ARG T 440 -57.36 124.69 5.05
N LEU T 441 -56.92 124.33 6.26
CA LEU T 441 -57.89 123.82 7.23
C LEU T 441 -58.89 124.90 7.62
N PHE T 442 -58.39 126.12 7.82
CA PHE T 442 -59.28 127.23 8.18
C PHE T 442 -60.44 127.36 7.20
N ALA T 443 -60.18 127.16 5.90
CA ALA T 443 -61.22 127.23 4.89
C ALA T 443 -62.04 125.96 4.84
N VAL T 444 -61.39 124.80 4.73
CA VAL T 444 -62.12 123.56 4.52
C VAL T 444 -62.94 123.17 5.73
N LEU T 445 -62.80 123.89 6.85
CA LEU T 445 -63.75 123.75 7.95
C LEU T 445 -64.10 125.12 8.49
N GLY T 446 -65.37 125.31 8.79
CA GLY T 446 -65.85 126.58 9.30
C GLY T 446 -66.35 126.45 10.72
N GLN T 447 -67.68 126.46 10.90
CA GLN T 447 -68.24 126.52 12.23
C GLN T 447 -67.78 125.35 13.09
N LYS T 448 -67.63 124.17 12.48
CA LYS T 448 -67.14 123.04 13.25
C LYS T 448 -65.67 123.18 13.58
N MET T 449 -64.92 123.99 12.83
CA MET T 449 -63.51 124.18 13.16
C MET T 449 -63.36 124.94 14.46
N HIS T 450 -64.37 125.69 14.85
CA HIS T 450 -64.34 126.31 16.15
C HIS T 450 -64.53 125.31 17.26
N GLY T 451 -65.60 124.53 17.22
CA GLY T 451 -66.00 123.74 18.37
C GLY T 451 -65.15 122.51 18.59
N LEU T 452 -63.83 122.63 18.37
CA LEU T 452 -62.89 121.55 18.64
C LEU T 452 -61.65 122.12 19.32
N ASN T 453 -60.69 121.25 19.59
CA ASN T 453 -59.45 121.65 20.26
C ASN T 453 -58.33 121.81 19.25
N THR T 454 -57.87 123.04 19.06
CA THR T 454 -56.79 123.32 18.13
C THR T 454 -55.53 123.77 18.85
N SER T 455 -55.39 123.43 20.12
CA SER T 455 -54.19 123.81 20.85
C SER T 455 -53.00 122.99 20.39
N SER T 456 -53.25 121.72 20.07
CA SER T 456 -52.16 120.84 19.65
C SER T 456 -51.53 121.29 18.35
N LEU T 457 -52.34 121.81 17.42
CA LEU T 457 -51.78 122.40 16.21
C LEU T 457 -51.33 123.83 16.45
N LEU T 458 -51.98 124.50 17.40
CA LEU T 458 -51.56 125.85 17.75
C LEU T 458 -50.10 125.85 18.11
N SER T 459 -49.71 125.01 19.06
CA SER T 459 -48.34 124.90 19.47
C SER T 459 -47.40 124.54 18.32
N VAL T 460 -47.82 123.67 17.41
CA VAL T 460 -46.89 123.28 16.35
C VAL T 460 -46.69 124.43 15.38
N ILE T 461 -47.71 125.25 15.14
CA ILE T 461 -47.51 126.47 14.37
C ILE T 461 -46.54 127.38 15.09
N LEU T 462 -46.75 127.53 16.40
CA LEU T 462 -45.87 128.38 17.20
C LEU T 462 -44.43 127.95 17.01
N GLU T 463 -44.14 126.68 17.29
CA GLU T 463 -42.79 126.15 17.17
C GLU T 463 -42.28 126.15 15.74
N LEU T 464 -43.16 125.94 14.76
CA LEU T 464 -42.76 125.94 13.37
C LEU T 464 -42.17 127.28 12.98
N TYR T 465 -42.95 128.34 13.17
CA TYR T 465 -42.45 129.69 12.93
C TYR T 465 -41.34 130.08 13.87
N ARG T 466 -41.30 129.45 15.04
CA ARG T 466 -40.37 129.78 16.11
C ARG T 466 -38.97 129.29 15.85
N VAL T 467 -38.86 128.09 15.27
CA VAL T 467 -37.58 127.47 14.95
C VAL T 467 -37.16 127.80 13.53
N MET T 468 -38.06 127.59 12.56
CA MET T 468 -37.70 127.81 11.16
C MET T 468 -37.33 129.27 10.94
N GLY T 469 -38.27 130.16 11.16
CA GLY T 469 -37.96 131.57 11.23
C GLY T 469 -37.47 131.98 12.61
N LYS T 470 -36.93 133.19 12.69
CA LYS T 470 -36.36 133.71 13.93
C LYS T 470 -36.97 135.06 14.24
N GLU T 471 -38.08 135.04 14.99
CA GLU T 471 -38.85 136.21 15.39
C GLU T 471 -38.44 136.63 16.81
N THR T 472 -39.37 137.30 17.48
CA THR T 472 -39.33 137.47 18.93
C THR T 472 -40.45 136.68 19.60
N GLY T 473 -40.28 136.46 20.92
CA GLY T 473 -41.35 135.87 21.70
C GLY T 473 -42.58 136.74 21.78
N MET T 474 -42.40 138.06 21.70
CA MET T 474 -43.56 138.92 21.57
C MET T 474 -44.29 138.67 20.26
N ALA T 475 -43.54 138.45 19.18
CA ALA T 475 -44.17 138.02 17.94
C ALA T 475 -44.94 136.74 18.14
N LEU T 476 -44.40 135.81 18.93
CA LEU T 476 -45.14 134.57 19.20
C LEU T 476 -46.45 134.84 19.90
N LEU T 477 -46.45 135.67 20.94
CA LEU T 477 -47.71 135.85 21.66
C LEU T 477 -48.72 136.64 20.83
N ARG T 478 -48.27 137.69 20.15
CA ARG T 478 -49.11 138.38 19.17
C ARG T 478 -49.72 137.41 18.16
N ARG T 479 -48.89 136.53 17.60
CA ARG T 479 -49.32 135.64 16.53
C ARG T 479 -50.33 134.61 17.04
N ALA T 480 -50.06 133.98 18.17
CA ALA T 480 -51.03 133.06 18.73
C ALA T 480 -52.32 133.75 19.10
N ASN T 481 -52.27 135.01 19.52
CA ASN T 481 -53.50 135.72 19.82
C ASN T 481 -54.27 136.02 18.54
N GLN T 482 -53.56 136.39 17.48
CA GLN T 482 -54.18 136.46 16.16
C GLN T 482 -54.91 135.18 15.83
N PHE T 483 -54.23 134.04 16.03
CA PHE T 483 -54.84 132.74 15.78
C PHE T 483 -56.13 132.58 16.54
N LEU T 484 -56.09 132.86 17.84
CA LEU T 484 -57.23 132.56 18.68
C LEU T 484 -58.39 133.48 18.41
N GLU T 485 -58.12 134.76 18.18
CA GLU T 485 -59.19 135.67 17.79
C GLU T 485 -59.79 135.28 16.45
N ARG T 486 -58.93 134.88 15.51
CA ARG T 486 -59.37 134.40 14.21
C ARG T 486 -60.34 133.23 14.35
N LYS T 487 -59.98 132.23 15.14
CA LYS T 487 -60.83 131.08 15.38
C LYS T 487 -62.04 131.40 16.25
N ALA T 488 -61.96 132.43 17.08
CA ALA T 488 -63.05 132.77 17.98
C ALA T 488 -64.11 133.65 17.34
N ALA T 489 -63.77 134.44 16.34
CA ALA T 489 -64.79 135.21 15.63
C ALA T 489 -65.67 134.33 14.77
N LEU T 490 -65.51 133.00 14.86
CA LEU T 490 -66.27 132.12 13.98
C LEU T 490 -67.73 132.07 14.39
N GLU T 491 -68.01 131.57 15.60
CA GLU T 491 -69.39 131.30 15.98
C GLU T 491 -69.88 132.13 17.16
N ASP T 492 -69.24 132.06 18.31
CA ASP T 492 -69.74 132.70 19.52
C ASP T 492 -68.71 133.67 20.06
N GLY T 493 -69.18 134.78 20.62
CA GLY T 493 -68.29 135.72 21.24
C GLY T 493 -67.55 135.08 22.41
N ALA T 494 -66.27 134.80 22.21
CA ALA T 494 -65.45 134.14 23.20
C ALA T 494 -63.99 134.33 22.83
N LYS T 495 -63.13 133.60 23.53
CA LYS T 495 -61.77 133.34 23.08
C LYS T 495 -61.26 132.11 23.81
N GLU T 496 -60.07 131.68 23.43
CA GLU T 496 -59.51 130.43 23.91
C GLU T 496 -58.17 130.70 24.54
N SER T 497 -58.07 130.34 25.81
CA SER T 497 -56.83 130.52 26.56
C SER T 497 -55.81 129.50 26.09
N LEU T 498 -54.66 130.00 25.65
CA LEU T 498 -53.54 129.12 25.39
C LEU T 498 -53.30 128.25 26.61
N THR T 499 -52.98 127.00 26.37
CA THR T 499 -52.78 126.05 27.45
C THR T 499 -51.29 125.97 27.75
N ALA T 500 -50.91 125.12 28.68
CA ALA T 500 -49.53 124.98 29.14
C ALA T 500 -48.59 124.77 27.96
N PRO T 501 -48.80 123.79 27.08
CA PRO T 501 -47.87 123.61 25.97
C PRO T 501 -47.79 124.83 25.09
N ASN T 502 -48.92 125.47 24.78
CA ASN T 502 -48.90 126.64 23.92
C ASN T 502 -48.06 127.75 24.53
N TYR T 503 -48.16 127.92 25.84
CA TYR T 503 -47.32 128.87 26.53
C TYR T 503 -45.88 128.43 26.54
N LEU T 504 -45.63 127.12 26.54
CA LEU T 504 -44.26 126.63 26.54
C LEU T 504 -43.54 127.07 25.29
N GLN T 505 -44.24 127.15 24.18
CA GLN T 505 -43.66 127.68 22.96
C GLN T 505 -43.29 129.15 23.11
N VAL T 506 -44.15 129.94 23.75
CA VAL T 506 -43.82 131.33 24.01
C VAL T 506 -42.52 131.43 24.80
N LEU T 507 -42.47 130.77 25.95
CA LEU T 507 -41.25 130.82 26.76
C LEU T 507 -40.04 130.41 25.94
N MET T 508 -40.15 129.33 25.18
CA MET T 508 -39.01 128.86 24.40
C MET T 508 -38.58 129.88 23.35
N GLY T 509 -39.54 130.61 22.79
CA GLY T 509 -39.15 131.71 21.92
C GLY T 509 -38.35 132.73 22.69
N PHE T 510 -38.74 133.02 23.92
CA PHE T 510 -37.97 133.96 24.73
C PHE T 510 -36.55 133.47 24.98
N ALA T 511 -36.41 132.18 25.28
CA ALA T 511 -35.09 131.62 25.58
C ALA T 511 -34.22 131.55 24.34
N ASP T 512 -34.79 131.22 23.19
CA ASP T 512 -34.06 131.38 21.93
C ASP T 512 -33.68 132.83 21.70
N GLU T 513 -34.55 133.76 22.12
CA GLU T 513 -34.30 135.18 21.94
C GLU T 513 -33.06 135.62 22.68
N SER T 514 -32.96 135.27 23.96
CA SER T 514 -31.80 135.60 24.79
C SER T 514 -30.81 134.43 24.82
N ALA T 515 -29.93 134.41 23.82
CA ALA T 515 -28.98 133.32 23.65
C ALA T 515 -27.60 133.85 23.25
N TYR T 516 -26.57 133.08 23.58
CA TYR T 516 -25.18 133.51 23.44
C TYR T 516 -24.34 132.44 22.76
N VAL T 517 -23.23 132.88 22.17
CA VAL T 517 -22.22 131.99 21.59
C VAL T 517 -21.07 131.98 22.58
N TYR T 518 -21.14 131.13 23.59
CA TYR T 518 -20.30 131.35 24.76
C TYR T 518 -18.88 130.83 24.57
N ASP T 519 -18.69 129.53 24.49
CA ASP T 519 -17.34 128.97 24.45
C ASP T 519 -16.91 128.71 23.02
N SER T 520 -16.80 129.78 22.25
CA SER T 520 -16.10 129.67 20.97
C SER T 520 -14.65 129.32 21.27
N LYS T 521 -13.94 128.79 20.26
CA LYS T 521 -12.85 127.83 20.45
C LYS T 521 -12.09 128.02 21.75
N ARG T 522 -11.81 129.27 22.13
CA ARG T 522 -11.29 129.59 23.46
C ARG T 522 -12.03 130.74 24.09
N LYS T 523 -12.93 131.39 23.35
CA LYS T 523 -13.60 132.59 23.84
C LYS T 523 -14.35 132.31 25.13
N GLY T 524 -13.99 133.03 26.18
CA GLY T 524 -14.73 132.92 27.40
C GLY T 524 -15.90 133.88 27.37
N LEU T 525 -15.96 134.70 26.31
CA LEU T 525 -17.01 135.71 26.13
C LEU T 525 -18.38 135.05 26.03
N CYS T 526 -19.42 135.89 25.94
CA CYS T 526 -20.73 135.43 25.56
C CYS T 526 -21.21 136.24 24.36
N ARG T 527 -20.89 135.75 23.15
CA ARG T 527 -21.28 136.44 21.93
C ARG T 527 -22.78 136.47 21.79
N TYR T 528 -23.34 137.67 21.67
CA TYR T 528 -24.78 137.85 21.62
C TYR T 528 -25.20 138.32 20.24
N ARG T 529 -26.51 138.41 20.05
CA ARG T 529 -27.07 138.86 18.79
C ARG T 529 -26.78 140.33 18.57
N SER T 530 -26.65 140.72 17.30
CA SER T 530 -26.29 142.07 16.94
C SER T 530 -27.44 143.01 17.30
N GLY T 531 -27.31 143.66 18.46
CA GLY T 531 -28.30 144.65 18.87
C GLY T 531 -29.41 144.10 19.71
N PHE T 532 -29.10 143.25 20.68
CA PHE T 532 -30.09 142.60 21.53
C PHE T 532 -30.20 143.36 22.83
N ASP T 533 -31.44 143.66 23.25
CA ASP T 533 -31.69 144.53 24.39
C ASP T 533 -32.51 143.79 25.44
N PRO T 534 -31.87 143.36 26.53
CA PRO T 534 -32.57 142.52 27.52
C PRO T 534 -33.49 143.28 28.42
N ARG T 535 -33.31 144.58 28.60
CA ARG T 535 -34.35 145.35 29.28
C ARG T 535 -35.69 145.10 28.61
N THR T 536 -35.76 145.37 27.30
CA THR T 536 -36.94 145.08 26.51
C THR T 536 -37.32 143.61 26.64
N THR T 537 -36.37 142.71 26.45
CA THR T 537 -36.70 141.29 26.42
C THR T 537 -37.35 140.82 27.71
N MET T 538 -36.70 141.09 28.85
CA MET T 538 -37.23 140.65 30.12
C MET T 538 -38.49 141.42 30.48
N GLN T 539 -38.64 142.64 29.99
CA GLN T 539 -39.93 143.30 30.09
C GLN T 539 -41.01 142.47 29.44
N GLN T 540 -40.79 142.06 28.19
CA GLN T 540 -41.71 141.15 27.52
C GLN T 540 -41.96 139.91 28.35
N LEU T 541 -40.88 139.32 28.88
CA LEU T 541 -41.01 138.04 29.53
C LEU T 541 -41.82 138.17 30.82
N ALA T 542 -41.48 139.14 31.66
CA ALA T 542 -42.26 139.36 32.87
C ALA T 542 -43.71 139.60 32.53
N ALA T 543 -43.98 140.38 31.48
CA ALA T 543 -45.37 140.61 31.11
C ALA T 543 -46.09 139.31 30.76
N THR T 544 -45.51 138.53 29.86
CA THR T 544 -46.15 137.29 29.44
C THR T 544 -46.32 136.33 30.61
N VAL T 545 -45.35 136.29 31.52
CA VAL T 545 -45.44 135.36 32.63
C VAL T 545 -46.48 135.83 33.63
N GLN T 546 -46.66 137.14 33.76
CA GLN T 546 -47.79 137.61 34.56
C GLN T 546 -49.10 137.11 33.97
N GLU T 547 -49.25 137.26 32.66
CA GLU T 547 -50.38 136.67 31.95
C GLU T 547 -50.51 135.18 32.24
N ILE T 548 -49.41 134.44 32.15
CA ILE T 548 -49.43 133.00 32.30
C ILE T 548 -49.89 132.63 33.71
N ALA T 549 -49.14 133.07 34.71
CA ALA T 549 -49.45 132.72 36.09
C ALA T 549 -50.81 133.23 36.52
N GLY T 550 -51.32 134.28 35.88
CA GLY T 550 -52.70 134.65 36.11
C GLY T 550 -53.68 133.62 35.61
N ASN T 551 -53.32 132.87 34.59
CA ASN T 551 -54.19 131.82 34.08
C ASN T 551 -54.29 130.71 35.11
N PRO T 552 -55.48 130.43 35.66
CA PRO T 552 -55.58 129.39 36.69
C PRO T 552 -55.45 127.98 36.17
N HIS T 553 -55.78 127.73 34.90
CA HIS T 553 -55.78 126.39 34.34
C HIS T 553 -54.40 125.96 33.87
N VAL T 554 -53.47 126.89 33.75
CA VAL T 554 -52.12 126.61 33.29
C VAL T 554 -51.33 126.07 34.48
N THR T 555 -51.13 124.76 34.50
CA THR T 555 -50.27 124.12 35.49
C THR T 555 -48.83 124.24 35.03
N TRP T 556 -47.97 124.72 35.91
CA TRP T 556 -46.58 124.93 35.53
C TRP T 556 -45.82 123.61 35.54
N ALA T 557 -44.77 123.56 34.72
CA ALA T 557 -43.85 122.43 34.72
C ALA T 557 -42.45 122.92 34.41
N ALA T 558 -41.47 122.07 34.72
CA ALA T 558 -40.08 122.47 34.66
C ALA T 558 -39.67 122.90 33.27
N ASP T 559 -40.36 122.42 32.25
CA ASP T 559 -40.07 122.92 30.90
C ASP T 559 -40.40 124.39 30.76
N MET T 560 -41.51 124.84 31.35
CA MET T 560 -41.80 126.27 31.36
C MET T 560 -40.83 127.00 32.25
N HIS T 561 -40.60 126.48 33.46
CA HIS T 561 -39.72 127.16 34.39
C HIS T 561 -38.31 127.31 33.85
N LEU T 562 -37.78 126.34 33.13
CA LEU T 562 -36.40 126.41 32.69
C LEU T 562 -36.23 127.43 31.58
N GLN T 563 -37.23 127.59 30.74
CA GLN T 563 -37.14 128.65 29.76
C GLN T 563 -37.26 130.00 30.43
N VAL T 564 -38.12 130.12 31.45
CA VAL T 564 -38.09 131.32 32.29
C VAL T 564 -36.68 131.58 32.80
N VAL T 565 -36.06 130.55 33.38
CA VAL T 565 -34.79 130.73 34.06
C VAL T 565 -33.70 131.10 33.07
N CYS T 566 -33.60 130.40 31.95
CA CYS T 566 -32.55 130.78 31.02
C CYS T 566 -32.89 132.06 30.31
N THR T 567 -34.16 132.47 30.30
CA THR T 567 -34.44 133.85 29.97
C THR T 567 -33.76 134.77 30.98
N MET T 568 -33.98 134.51 32.26
CA MET T 568 -33.36 135.33 33.29
C MET T 568 -31.86 135.40 33.10
N VAL T 569 -31.24 134.30 32.69
CA VAL T 569 -29.79 134.26 32.56
C VAL T 569 -29.33 134.99 31.33
N GLY T 570 -29.90 134.66 30.17
CA GLY T 570 -29.53 135.36 28.96
C GLY T 570 -29.75 136.85 29.05
N CYS T 571 -30.69 137.27 29.89
CA CYS T 571 -30.90 138.69 30.09
C CYS T 571 -29.89 139.32 31.06
N GLY T 572 -29.00 138.53 31.66
CA GLY T 572 -27.96 139.08 32.51
C GLY T 572 -28.48 139.77 33.74
N THR T 573 -29.57 139.27 34.30
CA THR T 573 -30.25 139.97 35.39
C THR T 573 -29.58 139.76 36.74
N MET T 574 -28.82 138.67 36.91
CA MET T 574 -28.22 138.31 38.18
C MET T 574 -29.29 137.95 39.22
N LYS T 575 -30.51 137.70 38.76
CA LYS T 575 -31.60 137.29 39.64
C LYS T 575 -32.10 135.89 39.31
N ALA T 576 -31.48 135.23 38.34
CA ALA T 576 -32.01 133.96 37.86
C ALA T 576 -31.93 132.88 38.92
N ASN T 577 -30.78 132.75 39.56
CA ASN T 577 -30.63 131.76 40.62
C ASN T 577 -31.63 132.00 41.75
N ASP T 578 -31.89 133.25 42.07
CA ASP T 578 -32.94 133.54 43.03
C ASP T 578 -34.27 133.04 42.53
N TYR T 579 -34.58 133.25 41.24
CA TYR T 579 -35.79 132.65 40.70
C TYR T 579 -35.80 131.15 40.93
N PHE T 580 -34.69 130.51 40.58
CA PHE T 580 -34.58 129.05 40.62
C PHE T 580 -34.93 128.54 41.99
N VAL T 581 -34.36 129.14 43.02
CA VAL T 581 -34.56 128.62 44.36
C VAL T 581 -35.98 128.75 44.85
N ARG T 582 -36.54 129.95 44.81
CA ARG T 582 -37.90 130.17 45.24
C ARG T 582 -38.88 129.33 44.46
N ASN T 583 -38.61 129.11 43.18
CA ASN T 583 -39.61 128.65 42.24
C ASN T 583 -39.42 127.23 41.74
N VAL T 584 -38.19 126.79 41.50
CA VAL T 584 -37.95 125.50 40.90
C VAL T 584 -37.19 124.57 41.81
N LEU T 585 -36.03 124.98 42.31
CA LEU T 585 -35.09 124.09 42.97
C LEU T 585 -35.79 123.22 43.99
N ARG T 586 -36.66 123.79 44.78
CA ARG T 586 -37.19 123.06 45.92
C ARG T 586 -38.31 122.10 45.55
N GLN T 587 -39.10 122.38 44.52
CA GLN T 587 -40.40 121.71 44.37
C GLN T 587 -40.64 121.11 42.99
N PHE T 588 -39.62 121.04 42.15
CA PHE T 588 -39.74 120.44 40.83
C PHE T 588 -38.72 119.32 40.67
N CYS T 589 -39.13 118.19 40.13
CA CYS T 589 -38.19 117.09 39.94
C CYS T 589 -37.24 117.56 38.85
N TRP T 590 -36.38 118.50 39.23
CA TRP T 590 -35.67 119.32 38.27
C TRP T 590 -34.52 118.54 37.64
N ASP T 591 -33.90 119.15 36.64
CA ASP T 591 -32.84 118.49 35.89
C ASP T 591 -31.60 119.36 35.83
N SER T 592 -30.49 118.74 35.42
CA SER T 592 -29.21 119.43 35.35
C SER T 592 -29.17 120.52 34.29
N ARG T 593 -30.20 120.69 33.49
CA ARG T 593 -30.16 121.79 32.54
C ARG T 593 -30.44 123.12 33.23
N PHE T 594 -31.25 123.11 34.29
CA PHE T 594 -31.34 124.28 35.14
C PHE T 594 -29.96 124.79 35.50
N LEU T 595 -29.13 123.91 36.05
CA LEU T 595 -27.81 124.30 36.50
C LEU T 595 -26.84 124.56 35.37
N GLU T 596 -26.94 123.79 34.28
CA GLU T 596 -26.14 124.06 33.09
C GLU T 596 -26.37 125.48 32.61
N ALA T 597 -27.58 126.00 32.79
CA ALA T 597 -27.82 127.40 32.48
C ALA T 597 -27.31 128.31 33.58
N LEU T 598 -27.67 128.03 34.83
CA LEU T 598 -27.39 128.93 35.93
C LEU T 598 -25.91 129.17 36.13
N TYR T 599 -25.05 128.21 35.85
CA TYR T 599 -23.62 128.49 35.98
C TYR T 599 -23.20 129.62 35.06
N MET T 600 -23.88 129.78 33.92
CA MET T 600 -23.53 130.89 33.05
C MET T 600 -23.92 132.22 33.67
N GLU T 601 -24.78 132.19 34.68
CA GLU T 601 -25.07 133.39 35.46
C GLU T 601 -24.07 133.53 36.60
N TYR T 602 -23.72 132.42 37.24
CA TYR T 602 -22.76 132.43 38.33
C TYR T 602 -21.39 132.89 37.87
N ARG T 603 -21.01 132.58 36.65
CA ARG T 603 -19.70 132.96 36.14
C ARG T 603 -19.58 134.47 35.97
N ARG T 604 -20.70 135.18 35.85
CA ARG T 604 -20.68 136.58 35.46
C ARG T 604 -20.37 137.53 36.61
N HIS T 605 -20.23 137.04 37.84
CA HIS T 605 -19.99 137.93 38.96
C HIS T 605 -18.64 138.62 38.82
N ASP T 606 -18.37 139.55 39.74
CA ASP T 606 -17.13 140.32 39.68
C ASP T 606 -16.01 139.61 40.43
N ASP T 607 -16.37 138.79 41.41
CA ASP T 607 -15.37 138.13 42.24
C ASP T 607 -15.42 136.62 42.11
N VAL T 608 -14.27 136.03 41.81
CA VAL T 608 -14.16 134.59 41.84
C VAL T 608 -14.61 134.06 43.17
N ASP T 609 -14.48 134.87 44.22
CA ASP T 609 -14.92 134.48 45.53
C ASP T 609 -16.40 134.12 45.56
N MET T 610 -17.24 134.87 44.85
CA MET T 610 -18.66 134.56 44.81
C MET T 610 -19.00 133.52 43.75
N TRP T 611 -18.34 133.62 42.59
CA TRP T 611 -18.51 132.61 41.55
C TRP T 611 -18.34 131.20 42.11
N ALA T 612 -17.16 130.90 42.63
CA ALA T 612 -16.84 129.54 43.05
C ALA T 612 -17.74 129.06 44.17
N GLU T 613 -18.11 129.94 45.09
CA GLU T 613 -18.89 129.50 46.24
C GLU T 613 -20.33 129.22 45.85
N LEU T 614 -20.93 130.08 45.04
CA LEU T 614 -22.26 129.76 44.55
C LEU T 614 -22.26 128.45 43.80
N THR T 615 -21.19 128.19 43.03
CA THR T 615 -21.13 126.93 42.31
C THR T 615 -21.09 125.75 43.27
N LYS T 616 -20.22 125.80 44.28
CA LYS T 616 -20.19 124.72 45.26
C LYS T 616 -21.54 124.53 45.91
N ARG T 617 -22.26 125.61 46.16
CA ARG T 617 -23.60 125.47 46.73
C ARG T 617 -24.55 124.78 45.77
N ALA T 618 -24.47 125.14 44.49
CA ALA T 618 -25.28 124.47 43.49
C ALA T 618 -25.00 122.98 43.47
N LEU T 619 -23.73 122.60 43.49
CA LEU T 619 -23.39 121.19 43.50
C LEU T 619 -23.89 120.51 44.76
N VAL T 620 -23.93 121.22 45.88
CA VAL T 620 -24.56 120.63 47.06
C VAL T 620 -26.04 120.37 46.80
N TRP T 621 -26.71 121.34 46.17
CA TRP T 621 -28.10 121.11 45.77
C TRP T 621 -28.22 119.87 44.92
N THR T 622 -27.34 119.75 43.93
CA THR T 622 -27.34 118.58 43.07
C THR T 622 -27.34 117.31 43.90
N ALA T 623 -26.33 117.17 44.75
CA ALA T 623 -26.23 115.98 45.57
C ALA T 623 -27.45 115.81 46.46
N ARG T 624 -28.09 116.91 46.85
CA ARG T 624 -29.18 116.82 47.80
C ARG T 624 -30.47 116.39 47.13
N TYR T 625 -30.75 116.95 45.97
CA TYR T 625 -31.98 116.72 45.24
C TYR T 625 -31.81 115.73 44.10
N ASN T 626 -30.77 114.91 44.17
CA ASN T 626 -30.73 113.66 43.42
C ASN T 626 -30.65 113.92 41.92
N VAL T 627 -29.88 114.91 41.56
CA VAL T 627 -29.72 115.31 40.17
C VAL T 627 -28.37 114.82 39.68
N ASN T 628 -28.28 114.48 38.42
CA ASN T 628 -27.03 114.01 37.85
C ASN T 628 -26.35 115.17 37.15
N ALA T 629 -25.19 115.57 37.67
CA ALA T 629 -24.34 116.48 36.94
C ALA T 629 -24.04 115.89 35.58
N SER T 630 -24.57 116.51 34.54
CA SER T 630 -24.30 116.05 33.19
C SER T 630 -22.87 116.41 32.81
N GLU T 631 -22.35 115.70 31.81
CA GLU T 631 -21.08 116.05 31.21
C GLU T 631 -20.99 117.51 30.83
N ARG T 632 -22.07 118.12 30.35
CA ARG T 632 -21.95 119.54 30.07
C ARG T 632 -21.79 120.33 31.35
N LEU T 633 -22.43 119.91 32.44
CA LEU T 633 -22.22 120.58 33.71
C LEU T 633 -20.75 120.50 34.13
N LYS T 634 -20.21 119.30 34.12
CA LYS T 634 -18.83 119.13 34.56
C LYS T 634 -17.85 119.84 33.65
N ARG T 635 -18.07 119.86 32.34
CA ARG T 635 -17.15 120.60 31.50
C ARG T 635 -17.38 122.09 31.55
N LEU T 636 -18.62 122.54 31.82
CA LEU T 636 -18.84 123.92 32.21
C LEU T 636 -17.87 124.32 33.29
N ILE T 637 -17.93 123.61 34.42
CA ILE T 637 -16.98 123.89 35.48
C ILE T 637 -15.52 123.77 35.01
N GLU T 638 -15.14 122.63 34.45
CA GLU T 638 -13.73 122.35 34.13
C GLU T 638 -13.14 123.35 33.16
N ASP T 639 -13.97 124.04 32.37
CA ASP T 639 -13.37 124.87 31.35
C ASP T 639 -12.44 125.90 31.96
N ASP T 640 -12.83 126.52 33.07
CA ASP T 640 -12.02 127.51 33.77
C ASP T 640 -11.85 127.15 35.24
N TYR T 641 -11.74 125.85 35.54
CA TYR T 641 -11.49 125.42 36.91
C TYR T 641 -10.10 125.83 37.39
N ASP T 642 -9.18 126.12 36.47
CA ASP T 642 -7.87 126.61 36.86
C ASP T 642 -7.92 127.98 37.49
N THR T 643 -9.11 128.57 37.62
CA THR T 643 -9.27 129.86 38.26
C THR T 643 -10.05 129.77 39.56
N ILE T 644 -11.14 129.02 39.58
CA ILE T 644 -11.99 128.93 40.76
C ILE T 644 -11.79 127.64 41.55
N GLN T 645 -10.96 126.72 41.07
CA GLN T 645 -10.54 125.55 41.84
C GLN T 645 -11.73 124.79 42.44
N VAL T 646 -12.72 124.50 41.61
CA VAL T 646 -13.82 123.65 42.03
C VAL T 646 -13.64 122.28 41.38
N HIS T 647 -13.23 121.31 42.18
CA HIS T 647 -13.00 119.98 41.66
C HIS T 647 -14.27 119.46 41.01
N THR T 648 -14.15 119.01 39.76
CA THR T 648 -15.24 118.33 39.07
C THR T 648 -14.70 117.02 38.51
N ARG T 649 -14.62 116.03 39.38
CA ARG T 649 -14.47 114.61 39.11
C ARG T 649 -14.47 113.90 40.44
N THR T 650 -15.19 112.80 40.55
CA THR T 650 -14.96 111.97 41.71
C THR T 650 -13.53 111.45 41.64
N PHE T 651 -13.02 110.97 42.77
CA PHE T 651 -11.62 110.60 42.79
C PHE T 651 -11.36 109.37 41.94
N ARG T 652 -12.22 108.36 42.04
CA ARG T 652 -12.01 107.19 41.21
C ARG T 652 -12.16 107.51 39.73
N GLU T 653 -13.08 108.37 39.36
CA GLU T 653 -13.19 108.81 37.98
C GLU T 653 -11.91 109.48 37.50
N LEU T 654 -11.36 110.37 38.32
CA LEU T 654 -10.11 111.03 37.92
C LEU T 654 -8.97 110.04 37.78
N ALA T 655 -8.88 109.09 38.72
CA ALA T 655 -7.77 108.14 38.71
C ALA T 655 -7.85 107.24 37.49
N VAL T 656 -9.05 106.76 37.19
CA VAL T 656 -9.19 105.91 36.03
C VAL T 656 -8.94 106.69 34.76
N PHE T 657 -9.35 107.95 34.68
CA PHE T 657 -9.03 108.67 33.46
C PHE T 657 -7.53 108.79 33.28
N GLN T 658 -6.81 109.17 34.33
CA GLN T 658 -5.37 109.26 34.20
C GLN T 658 -4.75 107.93 33.77
N PHE T 659 -5.03 106.86 34.51
CA PHE T 659 -4.45 105.55 34.19
C PHE T 659 -4.82 105.11 32.78
N ARG T 660 -6.12 105.01 32.50
CA ARG T 660 -6.63 104.59 31.21
C ARG T 660 -6.07 105.45 30.09
N ASP T 661 -6.01 106.75 30.28
CA ASP T 661 -5.57 107.61 29.21
C ASP T 661 -4.10 107.42 28.89
N VAL T 662 -3.25 107.36 29.91
CA VAL T 662 -1.84 107.22 29.61
C VAL T 662 -1.55 105.84 29.03
N GLU T 663 -2.26 104.82 29.50
CA GLU T 663 -2.06 103.52 28.87
C GLU T 663 -2.54 103.54 27.43
N GLU T 664 -3.65 104.20 27.11
CA GLU T 664 -4.11 104.22 25.73
C GLU T 664 -3.14 104.99 24.86
N LYS T 665 -2.57 106.05 25.39
CA LYS T 665 -1.57 106.76 24.64
C LYS T 665 -0.40 105.86 24.27
N ARG T 666 0.15 105.12 25.24
CA ARG T 666 1.25 104.21 24.91
C ARG T 666 0.82 103.06 24.03
N HIS T 667 -0.41 102.59 24.18
CA HIS T 667 -0.89 101.48 23.38
C HIS T 667 -1.03 101.88 21.92
N SER T 668 -1.68 103.00 21.64
CA SER T 668 -1.69 103.55 20.30
C SER T 668 -0.30 103.91 19.81
N ARG T 669 0.63 104.23 20.70
CA ARG T 669 2.00 104.41 20.26
C ARG T 669 2.66 103.11 19.85
N ASP T 670 2.16 101.99 20.38
CA ASP T 670 2.65 100.67 19.98
C ASP T 670 2.18 100.32 18.57
N VAL T 671 3.13 100.16 17.65
CA VAL T 671 2.79 99.75 16.29
C VAL T 671 2.25 98.34 16.22
N VAL T 672 2.83 97.41 16.98
CA VAL T 672 2.44 96.01 16.85
C VAL T 672 0.97 95.85 17.16
N ASN T 673 0.38 96.82 17.84
CA ASN T 673 -1.03 96.75 18.13
C ASN T 673 -1.81 97.16 16.91
N GLU T 674 -3.11 97.39 17.10
CA GLU T 674 -4.04 97.65 16.01
C GLU T 674 -4.13 96.47 15.07
N LEU T 675 -4.17 95.27 15.64
CA LEU T 675 -4.46 94.02 14.98
C LEU T 675 -5.58 93.33 15.72
N PRO T 676 -6.34 92.47 15.06
CA PRO T 676 -7.46 91.81 15.75
C PRO T 676 -6.98 90.64 16.59
N ASN T 677 -7.40 90.64 17.84
CA ASN T 677 -7.23 89.48 18.70
C ASN T 677 -8.54 88.71 18.69
N PRO T 678 -8.70 87.72 17.83
CA PRO T 678 -10.00 87.11 17.62
C PRO T 678 -10.55 86.41 18.83
N TRP T 679 -9.89 86.49 19.97
CA TRP T 679 -10.46 85.97 21.20
C TRP T 679 -11.34 86.99 21.88
N THR T 680 -11.05 88.26 21.67
CA THR T 680 -11.71 89.38 22.30
C THR T 680 -12.68 90.09 21.37
N ASP T 681 -12.57 89.89 20.06
CA ASP T 681 -13.20 90.80 19.13
C ASP T 681 -14.62 90.38 18.78
N TYR T 682 -14.91 89.09 18.76
CA TYR T 682 -16.24 88.63 18.39
C TYR T 682 -16.57 87.33 19.08
N VAL T 683 -17.84 87.09 19.30
CA VAL T 683 -18.31 85.78 19.71
C VAL T 683 -18.68 85.05 18.45
N SER T 684 -17.87 84.07 18.06
CA SER T 684 -17.99 83.47 16.74
C SER T 684 -19.38 82.87 16.53
N HIS T 685 -19.77 81.95 17.38
CA HIS T 685 -21.10 81.39 17.27
C HIS T 685 -21.72 81.49 18.65
N ALA T 686 -22.54 82.51 18.83
CA ALA T 686 -23.16 82.76 20.10
C ALA T 686 -24.43 81.96 20.32
N LEU T 687 -24.97 81.36 19.30
CA LEU T 687 -26.20 80.69 19.66
C LEU T 687 -25.91 79.46 20.49
N PRO T 688 -26.85 78.60 20.86
CA PRO T 688 -26.45 77.43 21.62
C PRO T 688 -26.01 76.25 20.79
N PHE T 689 -26.35 76.20 19.48
CA PHE T 689 -26.22 74.98 18.68
C PHE T 689 -25.31 75.17 17.50
N PRO T 690 -24.67 74.10 17.03
CA PRO T 690 -23.66 74.24 16.00
C PRO T 690 -24.29 74.62 14.68
N ASP T 691 -23.45 75.13 13.82
CA ASP T 691 -23.90 75.47 12.50
C ASP T 691 -24.05 74.26 11.61
N ARG T 692 -23.50 73.11 12.00
CA ARG T 692 -23.76 71.89 11.25
C ARG T 692 -23.74 70.66 12.16
N ASP T 693 -24.58 69.70 11.82
CA ASP T 693 -24.54 68.37 12.40
C ASP T 693 -23.11 67.88 12.43
N ALA T 694 -22.64 67.54 13.61
CA ALA T 694 -21.24 67.27 13.87
C ALA T 694 -21.14 65.86 14.43
N GLY T 695 -21.00 64.90 13.55
CA GLY T 695 -20.67 63.55 13.95
C GLY T 695 -21.55 62.94 15.01
N TYR T 696 -22.73 63.39 15.15
CA TYR T 696 -23.45 62.80 16.24
C TYR T 696 -24.21 61.58 15.78
N PRO T 697 -24.87 60.86 16.68
CA PRO T 697 -25.65 59.69 16.28
C PRO T 697 -26.78 60.01 15.31
N ASP T 698 -27.55 58.97 15.00
CA ASP T 698 -28.70 59.03 14.12
C ASP T 698 -29.86 58.23 14.71
N GLU T 699 -30.98 58.23 14.00
CA GLU T 699 -32.21 57.65 14.52
C GLU T 699 -32.00 56.23 14.96
N TYR T 700 -31.07 55.53 14.34
CA TYR T 700 -30.82 54.15 14.65
C TYR T 700 -29.69 54.02 15.66
N GLY T 701 -29.06 55.12 16.01
CA GLY T 701 -27.84 55.03 16.74
C GLY T 701 -26.62 54.89 15.87
N ASP T 702 -26.79 54.89 14.56
CA ASP T 702 -25.62 54.82 13.73
C ASP T 702 -24.75 56.01 14.10
N ILE T 703 -23.75 55.76 14.93
CA ILE T 703 -22.95 56.85 15.47
C ILE T 703 -22.27 57.58 14.33
N GLY T 704 -21.95 58.84 14.57
CA GLY T 704 -21.62 59.77 13.51
C GLY T 704 -20.66 59.25 12.49
N GLN T 705 -19.94 58.17 12.79
CA GLN T 705 -19.02 57.67 11.79
C GLN T 705 -19.70 56.75 10.80
N TRP T 706 -20.69 55.99 11.25
CA TRP T 706 -21.42 55.06 10.41
C TRP T 706 -22.44 55.73 9.52
N ARG T 707 -22.33 57.03 9.28
CA ARG T 707 -23.37 57.72 8.55
C ARG T 707 -22.76 58.93 7.89
N ALA T 708 -23.63 59.76 7.35
CA ALA T 708 -23.24 60.97 6.65
C ALA T 708 -24.46 61.88 6.60
N PRO T 709 -24.28 63.14 6.27
CA PRO T 709 -25.43 64.03 6.17
C PRO T 709 -25.93 64.14 4.74
N GLY T 710 -27.24 64.35 4.62
CA GLY T 710 -27.88 64.47 3.33
C GLY T 710 -28.75 63.32 2.93
N GLY T 711 -28.73 62.22 3.67
CA GLY T 711 -29.49 61.04 3.33
C GLY T 711 -30.95 61.22 3.63
N PRO T 712 -31.66 60.13 3.90
CA PRO T 712 -33.09 60.23 4.17
C PRO T 712 -33.44 60.83 5.52
N GLY T 713 -32.50 60.95 6.44
CA GLY T 713 -32.83 61.47 7.76
C GLY T 713 -32.86 62.97 7.81
N SER T 714 -32.44 63.62 6.75
CA SER T 714 -32.36 65.06 6.70
C SER T 714 -33.75 65.68 6.81
N PRO T 715 -33.84 66.99 7.00
CA PRO T 715 -35.06 67.70 6.62
C PRO T 715 -35.26 67.60 5.11
N VAL T 716 -36.53 67.52 4.70
CA VAL T 716 -36.82 67.30 3.29
C VAL T 716 -36.39 68.51 2.48
N LYS T 717 -36.36 68.34 1.16
CA LYS T 717 -35.88 69.37 0.25
C LYS T 717 -36.99 70.05 -0.52
N GLY T 718 -38.21 69.53 -0.46
CA GLY T 718 -39.33 70.21 -1.04
C GLY T 718 -39.32 70.21 -2.55
N PRO T 719 -40.49 70.39 -3.16
CA PRO T 719 -40.57 70.40 -4.61
C PRO T 719 -40.13 71.74 -5.16
N GLY T 720 -39.15 71.69 -6.06
CA GLY T 720 -38.61 72.93 -6.61
C GLY T 720 -39.52 73.57 -7.63
N TYR T 721 -40.83 73.41 -7.45
CA TYR T 721 -41.82 73.94 -8.36
C TYR T 721 -43.07 74.25 -7.55
N TYR T 722 -44.21 74.38 -8.22
CA TYR T 722 -45.50 74.45 -7.57
C TYR T 722 -46.30 73.19 -7.87
N ALA T 723 -47.10 72.76 -6.91
CA ALA T 723 -47.93 71.57 -7.04
C ALA T 723 -49.37 71.96 -7.35
N PRO T 724 -49.76 72.03 -8.61
CA PRO T 724 -51.06 72.54 -8.93
C PRO T 724 -52.05 71.41 -9.20
N PRO T 725 -53.35 71.70 -9.06
CA PRO T 725 -54.37 70.96 -9.82
C PRO T 725 -54.54 71.33 -11.31
N MET T 726 -55.72 70.95 -11.85
CA MET T 726 -55.91 70.21 -13.11
C MET T 726 -55.20 70.73 -14.36
N GLU T 727 -55.09 72.05 -14.57
CA GLU T 727 -54.61 72.53 -15.88
C GLU T 727 -53.21 73.16 -15.82
N GLY T 728 -52.25 72.52 -15.17
CA GLY T 728 -50.89 73.03 -15.05
C GLY T 728 -49.87 72.78 -16.15
N GLU T 729 -49.42 71.53 -16.31
CA GLU T 729 -48.45 71.20 -17.34
C GLU T 729 -48.95 70.15 -18.32
N HIS T 730 -50.22 69.77 -18.26
CA HIS T 730 -50.77 68.75 -19.14
C HIS T 730 -51.29 69.42 -20.40
N GLN T 731 -50.36 69.82 -21.27
CA GLN T 731 -50.66 70.26 -22.63
C GLN T 731 -51.27 71.68 -22.66
N ARG T 732 -51.38 72.32 -21.49
CA ARG T 732 -51.94 73.67 -21.45
C ARG T 732 -51.06 74.65 -22.22
N GLY T 733 -49.77 74.67 -21.92
CA GLY T 733 -48.86 75.63 -22.49
C GLY T 733 -47.46 75.21 -22.10
N TYR T 734 -46.65 76.15 -21.66
CA TYR T 734 -45.28 75.80 -21.30
C TYR T 734 -44.66 76.87 -20.41
N THR T 735 -43.80 76.43 -19.51
CA THR T 735 -43.09 77.30 -18.60
C THR T 735 -41.78 77.71 -19.25
N ALA T 736 -40.96 78.47 -18.51
CA ALA T 736 -39.65 78.86 -19.01
C ALA T 736 -38.73 77.67 -19.26
N GLU T 737 -39.04 76.52 -18.67
CA GLU T 737 -38.27 75.29 -18.86
C GLU T 737 -38.60 74.62 -20.19
N TRP T 738 -39.22 75.35 -21.11
CA TRP T 738 -39.65 74.80 -22.37
C TRP T 738 -39.03 75.47 -23.58
N ARG T 739 -38.48 76.67 -23.43
CA ARG T 739 -37.76 77.29 -24.52
C ARG T 739 -36.26 77.08 -24.43
N ASP T 740 -35.70 77.01 -23.23
CA ASP T 740 -34.27 76.80 -23.12
C ASP T 740 -33.86 75.38 -23.48
N LEU T 741 -34.73 74.39 -23.26
CA LEU T 741 -34.37 73.04 -23.65
C LEU T 741 -34.24 72.95 -25.17
N LYS T 742 -33.24 72.18 -25.61
CA LYS T 742 -32.86 72.16 -27.01
C LYS T 742 -32.92 70.73 -27.50
N ASN T 743 -33.30 70.58 -28.77
CA ASN T 743 -33.22 69.29 -29.43
C ASN T 743 -31.75 68.96 -29.75
N PRO T 744 -31.39 67.68 -29.84
CA PRO T 744 -29.98 67.33 -30.03
C PRO T 744 -29.41 67.78 -31.36
N MET T 745 -30.21 67.85 -32.42
CA MET T 745 -29.63 68.07 -33.73
C MET T 745 -29.03 69.47 -33.85
N ARG T 746 -29.75 70.49 -33.40
CA ARG T 746 -29.28 71.85 -33.63
C ARG T 746 -28.19 72.23 -32.64
N PRO T 747 -27.20 72.99 -33.07
CA PRO T 747 -25.97 73.12 -32.30
C PRO T 747 -26.20 73.90 -31.02
N PRO T 748 -25.23 73.95 -30.13
CA PRO T 748 -25.32 74.87 -28.99
C PRO T 748 -25.08 76.29 -29.43
N GLU T 749 -25.55 77.22 -28.59
CA GLU T 749 -25.42 78.64 -28.86
C GLU T 749 -23.95 79.04 -29.03
N PHE T 750 -23.18 78.77 -28.01
CA PHE T 750 -21.79 79.10 -27.74
C PHE T 750 -20.90 77.89 -27.97
N PRO T 751 -19.77 78.03 -28.65
CA PRO T 751 -18.90 76.86 -28.86
C PRO T 751 -17.98 76.60 -27.69
N THR T 752 -17.87 75.31 -27.36
CA THR T 752 -16.92 74.74 -26.42
C THR T 752 -16.21 73.59 -27.10
N PRO T 753 -14.97 73.35 -26.79
CA PRO T 753 -14.28 72.20 -27.37
C PRO T 753 -14.38 70.97 -26.49
N TRP T 754 -15.59 70.52 -26.24
CA TRP T 754 -15.82 69.33 -25.45
C TRP T 754 -15.12 68.14 -26.07
N GLU T 755 -14.51 67.33 -25.22
CA GLU T 755 -13.86 66.13 -25.71
C GLU T 755 -14.91 65.18 -26.25
N ARG T 756 -14.55 64.39 -27.25
CA ARG T 756 -15.44 63.33 -27.68
C ARG T 756 -15.65 62.30 -26.58
N LYS T 757 -14.55 61.86 -25.97
CA LYS T 757 -14.64 60.86 -24.92
C LYS T 757 -15.47 61.37 -23.76
N TYR T 758 -15.25 62.60 -23.34
CA TYR T 758 -16.10 63.07 -22.26
C TYR T 758 -17.51 63.30 -22.73
N LYS T 759 -17.69 63.66 -23.99
CA LYS T 759 -19.06 63.79 -24.47
C LYS T 759 -19.81 62.49 -24.28
N GLN T 760 -19.26 61.39 -24.79
CA GLN T 760 -19.92 60.09 -24.67
C GLN T 760 -20.06 59.68 -23.22
N TYR T 761 -19.03 59.93 -22.41
CA TYR T 761 -19.11 59.59 -21.00
C TYR T 761 -20.23 60.33 -20.31
N ALA T 762 -20.33 61.64 -20.53
CA ALA T 762 -21.35 62.44 -19.91
C ALA T 762 -22.72 61.93 -20.25
N ARG T 763 -22.88 61.42 -21.46
CA ARG T 763 -24.16 60.93 -21.96
C ARG T 763 -24.50 59.57 -21.40
N GLY T 764 -23.50 58.75 -21.14
CA GLY T 764 -23.77 57.42 -20.66
C GLY T 764 -23.73 56.35 -21.73
N GLN T 765 -23.09 56.64 -22.85
CA GLN T 765 -22.98 55.70 -23.94
C GLN T 765 -21.56 55.21 -24.14
N HIS T 766 -20.65 55.62 -23.34
CA HIS T 766 -19.29 55.18 -23.56
C HIS T 766 -19.17 53.69 -23.24
N PRO T 767 -18.41 52.94 -24.03
CA PRO T 767 -18.18 51.54 -23.66
C PRO T 767 -17.46 51.49 -22.33
N SER T 768 -18.18 51.06 -21.30
CA SER T 768 -17.66 51.10 -19.96
C SER T 768 -16.46 50.17 -19.82
N TYR T 769 -15.39 50.68 -19.22
CA TYR T 769 -14.25 49.87 -18.83
C TYR T 769 -14.16 49.93 -17.32
N ASP T 770 -14.76 48.98 -16.65
CA ASP T 770 -14.70 48.99 -15.21
C ASP T 770 -13.68 48.01 -14.70
N MET T 771 -13.70 47.82 -13.40
CA MET T 771 -12.79 46.91 -12.75
C MET T 771 -13.41 45.56 -12.49
N VAL T 772 -14.66 45.36 -12.92
CA VAL T 772 -15.16 43.99 -12.98
C VAL T 772 -14.44 43.23 -14.08
N TYR T 773 -14.08 43.90 -15.18
CA TYR T 773 -13.39 43.29 -16.31
C TYR T 773 -11.91 43.04 -16.07
N ALA T 774 -11.34 43.51 -14.99
CA ALA T 774 -9.91 43.46 -14.83
C ALA T 774 -9.48 42.03 -14.52
N GLY T 775 -8.69 41.46 -15.40
CA GLY T 775 -8.19 40.13 -15.20
C GLY T 775 -7.24 40.06 -14.03
N PRO T 776 -6.50 38.98 -13.91
CA PRO T 776 -5.54 38.88 -12.82
C PRO T 776 -4.32 39.71 -13.12
N MET T 777 -3.71 40.22 -12.09
CA MET T 777 -2.48 40.93 -12.37
C MET T 777 -1.34 39.95 -12.20
N PRO T 778 -0.81 39.41 -13.28
CA PRO T 778 0.10 38.28 -13.16
C PRO T 778 1.48 38.76 -12.73
N GLU T 779 2.22 37.86 -12.12
CA GLU T 779 3.62 38.12 -11.77
C GLU T 779 4.37 38.12 -13.08
N ILE T 780 4.40 39.27 -13.75
CA ILE T 780 4.98 39.34 -15.08
C ILE T 780 6.44 38.91 -15.01
N PHE T 781 7.17 39.45 -14.04
CA PHE T 781 8.57 39.13 -13.83
C PHE T 781 8.71 38.26 -12.58
N PRO T 782 9.36 37.11 -12.66
CA PRO T 782 9.70 36.36 -11.45
C PRO T 782 10.52 37.24 -10.52
N ASN T 783 10.09 37.32 -9.28
CA ASN T 783 10.58 38.35 -8.37
C ASN T 783 12.05 38.23 -8.03
N ARG T 784 12.42 37.21 -7.25
CA ARG T 784 13.80 36.84 -6.93
C ARG T 784 13.70 35.62 -6.04
N TYR T 785 14.66 34.71 -6.16
CA TYR T 785 14.56 33.48 -5.40
C TYR T 785 14.77 33.77 -3.93
N ASP T 786 13.94 33.14 -3.10
CA ASP T 786 13.84 33.46 -1.67
C ASP T 786 14.60 32.41 -0.89
N PHE T 787 15.90 32.63 -0.72
CA PHE T 787 16.75 31.65 -0.07
C PHE T 787 16.46 31.58 1.41
N ARG T 788 16.60 30.39 1.97
CA ARG T 788 16.09 30.14 3.30
C ARG T 788 16.88 30.94 4.32
N LYS T 789 16.29 32.01 4.81
CA LYS T 789 16.98 32.84 5.78
C LYS T 789 16.98 32.13 7.12
N PRO T 790 18.14 31.95 7.75
CA PRO T 790 18.26 31.04 8.89
C PRO T 790 17.53 31.60 10.10
N THR T 791 16.86 30.73 10.81
CA THR T 791 16.17 31.12 12.02
C THR T 791 16.70 30.33 13.21
N ARG T 792 16.13 30.61 14.37
CA ARG T 792 16.42 29.88 15.59
C ARG T 792 15.68 28.56 15.68
N TRP T 793 15.12 28.08 14.58
CA TRP T 793 14.68 26.70 14.48
C TRP T 793 15.40 25.97 13.38
N ASP T 794 16.34 26.62 12.72
CA ASP T 794 17.26 25.94 11.82
C ASP T 794 18.63 26.06 12.46
N PHE T 795 18.87 25.19 13.42
CA PHE T 795 20.17 25.04 14.06
C PHE T 795 20.49 23.57 14.05
N HIS T 796 21.54 23.21 13.33
CA HIS T 796 21.86 21.81 13.12
C HIS T 796 22.00 21.04 14.42
N ASP T 797 22.08 21.74 15.55
CA ASP T 797 22.36 21.14 16.84
C ASP T 797 21.31 21.55 17.87
N ILE T 798 20.58 20.57 18.38
CA ILE T 798 19.52 20.81 19.35
C ILE T 798 20.02 21.53 20.59
N GLU T 799 21.30 21.87 20.66
CA GLU T 799 21.78 22.61 21.80
C GLU T 799 21.44 24.09 21.70
N LYS T 800 21.73 24.73 20.57
CA LYS T 800 21.42 26.14 20.44
C LYS T 800 19.93 26.40 20.52
N GLN T 801 19.10 25.40 20.29
CA GLN T 801 17.65 25.56 20.39
C GLN T 801 17.11 25.04 21.70
N GLY T 802 17.68 25.44 22.81
CA GLY T 802 17.19 24.96 24.07
C GLY T 802 15.89 25.62 24.45
N LYS T 803 15.36 25.25 25.61
CA LYS T 803 14.33 26.06 26.20
C LYS T 803 14.88 27.38 26.74
N TYR T 804 16.19 27.47 26.94
CA TYR T 804 16.83 28.61 27.60
C TYR T 804 17.41 29.61 26.63
N LYS T 805 17.46 29.27 25.35
CA LYS T 805 17.92 30.20 24.32
C LYS T 805 16.84 30.54 23.34
N THR T 806 16.14 29.53 22.82
CA THR T 806 15.21 29.71 21.72
C THR T 806 13.79 29.54 22.22
N SER T 807 12.99 30.59 22.10
CA SER T 807 11.57 30.50 22.30
C SER T 807 10.81 30.47 20.98
N GLY T 808 11.51 30.48 19.86
CA GLY T 808 10.92 30.43 18.55
C GLY T 808 11.95 30.83 17.53
N PRO T 809 11.63 30.69 16.30
CA PRO T 809 12.62 30.91 15.25
C PRO T 809 13.05 32.35 15.10
N TYR T 810 12.13 33.28 15.29
CA TYR T 810 12.52 34.68 15.27
C TYR T 810 11.94 35.39 16.46
N SER U 7 -64.82 35.09 -40.58
CA SER U 7 -64.69 36.14 -41.58
C SER U 7 -66.04 36.55 -42.13
N VAL U 8 -66.00 37.18 -43.29
CA VAL U 8 -67.24 37.63 -43.92
C VAL U 8 -67.40 37.00 -45.30
N TYR U 9 -66.35 37.03 -46.12
CA TYR U 9 -66.43 36.53 -47.48
C TYR U 9 -65.20 35.66 -47.77
N ALA U 10 -65.31 34.38 -47.38
CA ALA U 10 -64.22 33.42 -47.49
C ALA U 10 -64.49 32.37 -48.56
N ASN U 11 -65.64 32.43 -49.21
CA ASN U 11 -66.16 31.36 -50.03
C ASN U 11 -65.20 30.92 -51.12
N ALA U 12 -64.25 31.75 -51.51
CA ALA U 12 -63.49 31.45 -52.71
C ALA U 12 -62.49 30.34 -52.44
N MET U 13 -61.47 30.64 -51.65
CA MET U 13 -60.46 29.66 -51.31
C MET U 13 -60.86 28.78 -50.16
N ALA U 14 -61.91 29.13 -49.40
CA ALA U 14 -62.34 28.20 -48.38
C ALA U 14 -62.87 26.91 -48.96
N GLN U 15 -63.07 26.81 -50.27
CA GLN U 15 -63.45 25.54 -50.86
C GLN U 15 -62.37 24.50 -50.65
N PHE U 16 -61.11 24.78 -50.95
CA PHE U 16 -60.12 23.80 -50.62
C PHE U 16 -59.33 24.20 -49.40
N ALA U 17 -59.95 24.13 -48.23
CA ALA U 17 -59.21 24.40 -47.00
C ALA U 17 -58.37 23.18 -46.65
N ILE U 18 -57.21 23.43 -46.06
CA ILE U 18 -56.26 22.39 -45.73
C ILE U 18 -56.26 22.23 -44.23
N CYS U 19 -57.19 21.44 -43.71
CA CYS U 19 -57.28 21.28 -42.28
C CYS U 19 -56.02 20.62 -41.75
N ARG U 20 -56.04 20.37 -40.46
CA ARG U 20 -54.89 19.80 -39.78
C ARG U 20 -54.92 18.28 -39.86
N GLN U 21 -53.77 17.69 -39.72
CA GLN U 21 -53.74 16.26 -39.97
C GLN U 21 -53.89 15.49 -38.66
N PRO U 22 -54.32 14.25 -38.73
CA PRO U 22 -54.50 13.47 -37.50
C PRO U 22 -53.21 12.97 -36.91
N TRP U 23 -52.45 13.86 -36.28
CA TRP U 23 -51.18 13.46 -35.70
C TRP U 23 -51.38 12.61 -34.46
N ASN U 24 -52.35 12.94 -33.62
CA ASN U 24 -52.60 12.10 -32.46
C ASN U 24 -52.85 10.66 -32.90
N GLU U 25 -53.70 10.47 -33.90
CA GLU U 25 -53.95 9.12 -34.40
C GLU U 25 -52.71 8.52 -35.02
N TYR U 26 -51.99 9.27 -35.86
CA TYR U 26 -50.80 8.68 -36.46
C TYR U 26 -49.85 8.18 -35.40
N ILE U 27 -49.61 8.97 -34.38
CA ILE U 27 -48.68 8.57 -33.35
C ILE U 27 -49.21 7.36 -32.62
N ASN U 28 -50.50 7.36 -32.25
CA ASN U 28 -51.04 6.24 -31.50
C ASN U 28 -51.01 4.95 -32.30
N LEU U 29 -51.01 5.06 -33.63
CA LEU U 29 -51.02 3.89 -34.50
C LEU U 29 -49.68 3.60 -35.13
N LEU U 30 -48.63 4.28 -34.70
CA LEU U 30 -47.29 3.82 -35.04
C LEU U 30 -47.04 2.42 -34.47
N THR U 31 -45.97 1.80 -34.92
CA THR U 31 -45.62 0.44 -34.49
C THR U 31 -44.66 0.48 -33.32
N LYS U 32 -45.01 -0.18 -32.22
CA LYS U 32 -44.31 0.00 -30.96
C LYS U 32 -43.42 -1.17 -30.62
N GLN U 33 -42.19 -0.86 -30.20
CA GLN U 33 -41.25 -1.88 -29.76
C GLN U 33 -41.69 -2.60 -28.52
N ASP U 34 -42.83 -2.25 -27.95
CA ASP U 34 -43.34 -2.90 -26.76
C ASP U 34 -44.70 -3.52 -26.98
N SER U 35 -45.05 -3.81 -28.21
CA SER U 35 -46.40 -4.28 -28.50
C SER U 35 -46.61 -5.65 -27.92
N THR U 36 -47.83 -5.93 -27.53
CA THR U 36 -48.20 -7.20 -26.93
C THR U 36 -49.43 -7.77 -27.62
N PRO U 37 -49.44 -9.06 -27.89
CA PRO U 37 -50.64 -9.68 -28.43
C PRO U 37 -51.86 -9.47 -27.55
N TYR U 38 -51.75 -9.76 -26.27
CA TYR U 38 -52.86 -9.55 -25.33
C TYR U 38 -52.36 -8.60 -24.26
N HIS U 39 -53.04 -7.49 -24.06
CA HIS U 39 -52.49 -6.43 -23.22
C HIS U 39 -52.78 -6.69 -21.75
N VAL U 40 -51.87 -6.22 -20.90
CA VAL U 40 -51.93 -6.43 -19.46
C VAL U 40 -51.39 -5.17 -18.77
N GLU U 41 -52.16 -4.63 -17.85
CA GLU U 41 -51.75 -3.42 -17.17
C GLU U 41 -50.70 -3.72 -16.11
N PRO U 42 -49.52 -3.11 -16.17
CA PRO U 42 -48.44 -3.48 -15.26
C PRO U 42 -48.81 -3.33 -13.80
N GLN U 43 -48.06 -4.05 -12.97
CA GLN U 43 -48.35 -4.15 -11.55
C GLN U 43 -47.76 -2.95 -10.83
N GLU U 44 -48.23 -2.70 -9.61
CA GLU U 44 -47.85 -1.48 -8.91
C GLU U 44 -46.44 -1.58 -8.34
N LYS U 45 -45.75 -0.45 -8.34
CA LYS U 45 -44.36 -0.26 -7.94
C LYS U 45 -44.25 -0.05 -6.44
N PRO U 46 -43.05 -0.20 -5.86
CA PRO U 46 -42.90 0.03 -4.41
C PRO U 46 -42.93 1.52 -4.09
N ALA U 47 -43.74 1.88 -3.12
CA ALA U 47 -43.94 3.26 -2.74
C ALA U 47 -43.36 3.51 -1.36
N TYR U 48 -42.52 4.53 -1.27
CA TYR U 48 -41.77 4.88 -0.07
C TYR U 48 -42.72 5.14 1.09
N ARG U 49 -42.69 4.29 2.09
CA ARG U 49 -43.69 4.30 3.15
C ARG U 49 -43.30 5.13 4.36
N GLY U 50 -42.14 5.75 4.36
CA GLY U 50 -41.67 6.48 5.51
C GLY U 50 -40.19 6.28 5.71
N ARG U 51 -39.63 7.04 6.64
CA ARG U 51 -38.24 6.80 6.99
C ARG U 51 -38.07 5.58 7.85
N LYS U 52 -39.15 5.12 8.47
CA LYS U 52 -39.08 3.86 9.20
C LYS U 52 -39.17 2.68 8.25
N ARG U 53 -39.99 2.77 7.22
CA ARG U 53 -40.36 1.63 6.39
C ARG U 53 -39.66 1.57 5.05
N GLY U 54 -38.97 2.60 4.61
CA GLY U 54 -38.29 2.46 3.35
C GLY U 54 -39.25 2.22 2.20
N ARG U 55 -38.70 1.87 1.05
CA ARG U 55 -39.50 1.63 -0.15
C ARG U 55 -40.14 0.25 -0.08
N GLU U 56 -41.45 0.18 0.11
CA GLU U 56 -42.17 -1.07 0.05
C GLU U 56 -43.35 -0.91 -0.89
N GLY U 57 -43.66 -1.96 -1.63
CA GLY U 57 -44.91 -2.00 -2.34
C GLY U 57 -46.07 -2.12 -1.38
N TRP U 58 -47.27 -1.86 -1.90
CA TRP U 58 -48.44 -1.81 -1.04
C TRP U 58 -49.08 -3.17 -0.86
N LEU U 59 -48.97 -4.03 -1.88
CA LEU U 59 -49.79 -5.23 -1.96
C LEU U 59 -49.55 -6.13 -0.76
N PHE U 60 -48.30 -6.54 -0.56
CA PHE U 60 -47.93 -7.25 0.64
C PHE U 60 -46.65 -6.69 1.22
N GLY U 61 -46.04 -5.74 0.52
CA GLY U 61 -44.79 -5.19 0.97
C GLY U 61 -43.61 -5.61 0.14
N GLN U 62 -43.83 -5.95 -1.11
CA GLN U 62 -42.73 -6.35 -1.97
C GLN U 62 -41.81 -5.18 -2.25
N GLN U 63 -40.54 -5.50 -2.48
CA GLN U 63 -39.58 -4.50 -2.87
C GLN U 63 -39.31 -4.49 -4.36
N VAL U 64 -40.15 -5.14 -5.15
CA VAL U 64 -39.98 -5.13 -6.60
C VAL U 64 -41.33 -4.98 -7.26
N GLN U 65 -41.33 -5.10 -8.57
CA GLN U 65 -42.58 -5.09 -9.32
C GLN U 65 -42.93 -6.50 -9.75
N LEU U 66 -43.94 -7.07 -9.09
CA LEU U 66 -44.28 -8.45 -9.36
C LEU U 66 -44.65 -8.61 -10.82
N HIS U 67 -43.90 -9.46 -11.52
CA HIS U 67 -44.18 -9.77 -12.90
C HIS U 67 -43.51 -11.08 -13.24
N TYR U 68 -43.76 -11.57 -14.44
CA TYR U 68 -43.08 -12.76 -14.92
C TYR U 68 -42.14 -12.45 -16.06
N HIS U 69 -42.61 -11.73 -17.08
CA HIS U 69 -41.77 -11.31 -18.17
C HIS U 69 -42.03 -9.85 -18.49
N ARG U 70 -40.96 -9.07 -18.56
CA ARG U 70 -41.06 -7.66 -18.90
C ARG U 70 -41.01 -7.42 -20.40
N PHE U 71 -40.04 -7.77 -20.96
CA PHE U 71 -39.66 -7.24 -22.25
C PHE U 71 -40.15 -8.14 -23.37
N PRO U 72 -40.14 -7.63 -24.61
CA PRO U 72 -40.58 -8.45 -25.74
C PRO U 72 -39.69 -9.65 -26.03
N ASP U 73 -38.42 -9.63 -25.68
CA ASP U 73 -37.47 -10.65 -26.08
C ASP U 73 -37.29 -11.75 -25.05
N GLU U 74 -37.44 -11.44 -23.77
CA GLU U 74 -36.81 -12.24 -22.74
C GLU U 74 -37.17 -13.71 -22.79
N GLN U 75 -38.19 -14.10 -23.53
CA GLN U 75 -38.32 -15.50 -23.82
C GLN U 75 -37.49 -15.90 -25.01
N LEU U 76 -37.40 -15.05 -26.02
CA LEU U 76 -36.55 -15.39 -27.14
C LEU U 76 -35.09 -15.44 -26.73
N LEU U 77 -34.61 -14.42 -26.05
CA LEU U 77 -33.21 -14.39 -25.64
C LEU U 77 -32.86 -15.58 -24.75
N THR U 78 -33.76 -15.94 -23.86
CA THR U 78 -33.63 -17.17 -23.09
C THR U 78 -33.53 -18.39 -23.98
N ASN U 79 -34.34 -18.42 -25.03
CA ASN U 79 -34.46 -19.59 -25.89
C ASN U 79 -33.81 -19.36 -27.24
N LEU U 80 -32.66 -18.71 -27.28
CA LEU U 80 -31.99 -18.41 -28.54
C LEU U 80 -31.50 -19.65 -29.27
N THR U 81 -30.66 -20.47 -28.66
CA THR U 81 -30.08 -21.54 -29.46
C THR U 81 -31.15 -22.46 -30.04
N ARG U 82 -32.19 -22.76 -29.26
CA ARG U 82 -33.33 -23.42 -29.88
C ARG U 82 -33.80 -22.68 -31.11
N TRP U 83 -33.71 -21.36 -31.10
CA TRP U 83 -34.21 -20.57 -32.20
C TRP U 83 -33.28 -20.65 -33.40
N ARG U 84 -31.98 -20.77 -33.18
CA ARG U 84 -31.05 -20.85 -34.30
C ARG U 84 -30.94 -22.26 -34.86
N THR U 85 -31.24 -23.28 -34.07
CA THR U 85 -31.39 -24.62 -34.64
C THR U 85 -32.81 -24.83 -35.14
N GLY U 86 -33.71 -23.90 -34.88
CA GLY U 86 -35.04 -23.98 -35.39
C GLY U 86 -36.01 -24.77 -34.56
N GLU U 87 -35.86 -24.78 -33.24
CA GLU U 87 -36.88 -25.37 -32.40
C GLU U 87 -37.96 -24.40 -32.01
N THR U 88 -37.76 -23.10 -32.24
CA THR U 88 -38.69 -22.06 -31.83
C THR U 88 -39.54 -21.57 -32.98
N VAL U 89 -39.46 -22.20 -34.15
CA VAL U 89 -40.44 -21.91 -35.19
C VAL U 89 -41.79 -22.49 -34.80
N GLY U 90 -41.81 -23.69 -34.24
CA GLY U 90 -43.09 -24.24 -33.87
C GLY U 90 -43.41 -24.09 -32.40
N ASP U 91 -42.53 -23.42 -31.66
CA ASP U 91 -42.62 -23.42 -30.21
C ASP U 91 -43.95 -22.82 -29.79
N ILE U 92 -44.81 -23.62 -29.16
CA ILE U 92 -45.97 -23.05 -28.50
C ILE U 92 -45.66 -22.73 -27.04
N ALA U 93 -44.54 -23.23 -26.53
CA ALA U 93 -44.07 -22.82 -25.22
C ALA U 93 -43.47 -21.43 -25.22
N LEU U 94 -43.09 -20.92 -26.39
CA LEU U 94 -42.69 -19.54 -26.55
C LEU U 94 -43.84 -18.67 -27.03
N GLN U 95 -45.02 -19.24 -27.15
CA GLN U 95 -46.17 -18.51 -27.63
C GLN U 95 -47.20 -18.28 -26.57
N GLN U 96 -47.71 -19.35 -25.96
CA GLN U 96 -48.67 -19.16 -24.90
C GLN U 96 -48.08 -18.30 -23.81
N PHE U 97 -46.82 -18.56 -23.45
CA PHE U 97 -46.20 -17.91 -22.31
C PHE U 97 -45.06 -16.99 -22.70
N ARG U 98 -45.15 -16.29 -23.82
CA ARG U 98 -44.08 -15.37 -24.15
C ARG U 98 -44.14 -14.14 -23.26
N ASN U 99 -45.34 -13.69 -22.94
CA ASN U 99 -45.56 -12.49 -22.14
C ASN U 99 -46.67 -12.72 -21.14
N ALA U 100 -46.62 -13.81 -20.39
CA ALA U 100 -47.61 -14.06 -19.37
C ALA U 100 -47.27 -13.26 -18.13
N GLN U 101 -48.15 -12.37 -17.72
CA GLN U 101 -47.92 -11.55 -16.56
C GLN U 101 -48.87 -11.95 -15.45
N PRO U 102 -48.50 -11.71 -14.20
CA PRO U 102 -49.27 -12.26 -13.09
C PRO U 102 -50.63 -11.62 -13.01
N PHE U 103 -51.50 -12.28 -12.27
CA PHE U 103 -52.90 -11.90 -12.22
C PHE U 103 -53.09 -10.61 -11.44
N ASP U 104 -54.32 -10.12 -11.45
CA ASP U 104 -54.67 -8.97 -10.63
C ASP U 104 -54.72 -9.48 -9.21
N ILE U 105 -53.55 -9.78 -8.66
CA ILE U 105 -53.51 -10.32 -7.33
C ILE U 105 -53.58 -9.13 -6.40
N GLU U 106 -54.77 -8.58 -6.24
CA GLU U 106 -54.97 -7.43 -5.37
C GLU U 106 -56.46 -7.26 -5.16
N ASP U 107 -56.78 -6.15 -4.52
CA ASP U 107 -58.15 -5.77 -4.24
C ASP U 107 -58.50 -4.61 -5.15
N LYS U 108 -59.38 -4.86 -6.13
CA LYS U 108 -59.81 -3.78 -7.02
C LYS U 108 -60.49 -2.68 -6.24
N ASP U 109 -61.30 -3.05 -5.24
CA ASP U 109 -61.91 -2.12 -4.29
C ASP U 109 -61.78 -2.76 -2.92
N PRO U 110 -60.69 -2.49 -2.22
CA PRO U 110 -60.36 -3.28 -1.02
C PRO U 110 -61.43 -3.29 0.05
N GLN U 111 -61.71 -2.14 0.65
CA GLN U 111 -62.61 -2.10 1.80
C GLN U 111 -64.04 -2.37 1.40
N GLY U 112 -64.27 -2.77 0.15
CA GLY U 112 -65.58 -3.18 -0.29
C GLY U 112 -66.55 -2.04 -0.48
N MET U 113 -66.19 -1.03 -1.27
CA MET U 113 -67.14 0.03 -1.52
C MET U 113 -68.18 -0.39 -2.56
N GLN U 114 -67.87 -1.37 -3.40
CA GLN U 114 -68.73 -1.81 -4.49
C GLN U 114 -69.56 -3.02 -4.16
N ARG U 115 -69.41 -3.57 -2.96
CA ARG U 115 -70.23 -4.68 -2.50
C ARG U 115 -71.16 -4.15 -1.42
N PRO U 116 -72.46 -4.39 -1.49
CA PRO U 116 -73.17 -5.19 -2.48
C PRO U 116 -73.54 -4.42 -3.73
N SER U 117 -74.46 -4.97 -4.51
CA SER U 117 -74.93 -4.30 -5.71
C SER U 117 -76.13 -3.42 -5.39
N PRO U 118 -76.26 -2.29 -6.09
CA PRO U 118 -77.27 -1.29 -5.71
C PRO U 118 -78.65 -1.84 -5.41
N GLU U 119 -79.10 -2.87 -6.12
CA GLU U 119 -80.38 -3.47 -5.79
C GLU U 119 -80.41 -3.95 -4.35
N VAL U 120 -79.29 -4.51 -3.90
CA VAL U 120 -79.24 -5.14 -2.59
C VAL U 120 -79.52 -4.11 -1.50
N TYR U 121 -79.10 -2.87 -1.69
CA TYR U 121 -79.50 -1.87 -0.72
C TYR U 121 -81.00 -1.79 -0.61
N MET U 122 -81.67 -1.48 -1.71
CA MET U 122 -83.11 -1.29 -1.63
C MET U 122 -83.79 -2.54 -1.10
N LYS U 123 -83.17 -3.70 -1.27
CA LYS U 123 -83.72 -4.93 -0.71
C LYS U 123 -83.09 -5.29 0.63
N LEU U 124 -82.39 -4.34 1.27
CA LEU U 124 -81.76 -4.54 2.57
C LEU U 124 -82.59 -4.00 3.73
N ASN U 125 -83.88 -3.97 3.65
CA ASN U 125 -84.65 -3.31 4.69
C ASN U 125 -84.92 -4.27 5.84
N TYR U 126 -85.88 -3.90 6.68
CA TYR U 126 -86.19 -4.73 7.84
C TYR U 126 -87.04 -5.93 7.48
N LYS U 127 -87.90 -5.80 6.48
CA LYS U 127 -88.75 -6.92 6.10
C LYS U 127 -88.04 -7.83 5.13
N ASN U 128 -86.72 -7.74 5.06
CA ASN U 128 -85.92 -8.43 4.05
C ASN U 128 -84.85 -9.31 4.69
N PRO U 129 -85.23 -10.21 5.59
CA PRO U 129 -84.24 -11.16 6.11
C PRO U 129 -83.60 -11.97 5.01
N ALA U 130 -84.25 -12.10 3.88
CA ALA U 130 -83.69 -12.84 2.75
C ALA U 130 -82.40 -12.23 2.25
N THR U 131 -82.35 -10.92 2.10
CA THR U 131 -81.14 -10.27 1.62
C THR U 131 -80.23 -9.84 2.76
N ILE U 132 -80.76 -9.74 3.98
CA ILE U 132 -79.88 -9.64 5.13
C ILE U 132 -79.00 -10.88 5.20
N SER U 133 -79.63 -12.04 5.41
CA SER U 133 -78.93 -13.27 5.65
C SER U 133 -77.99 -13.68 4.54
N ARG U 134 -77.85 -12.89 3.48
CA ARG U 134 -76.78 -13.21 2.55
C ARG U 134 -75.55 -12.37 2.81
N PHE U 135 -75.45 -11.77 3.99
CA PHE U 135 -74.19 -11.18 4.47
C PHE U 135 -73.90 -11.53 5.92
N LEU U 136 -74.66 -12.41 6.54
CA LEU U 136 -74.40 -12.81 7.90
C LEU U 136 -73.94 -14.26 7.95
N THR U 137 -73.16 -14.59 8.97
CA THR U 137 -72.67 -15.95 9.13
C THR U 137 -73.82 -16.91 9.40
N ARG U 138 -73.51 -18.20 9.38
CA ARG U 138 -74.55 -19.20 9.59
C ARG U 138 -75.17 -19.07 10.98
N THR U 139 -74.64 -18.17 11.80
CA THR U 139 -75.19 -17.94 13.12
C THR U 139 -75.80 -16.55 13.27
N GLY U 140 -75.78 -15.74 12.22
CA GLY U 140 -76.18 -14.36 12.32
C GLY U 140 -75.04 -13.38 12.47
N HIS U 141 -73.82 -13.86 12.62
CA HIS U 141 -72.72 -12.95 12.75
C HIS U 141 -72.41 -12.28 11.43
N MET U 142 -72.01 -11.03 11.52
CA MET U 142 -71.53 -10.31 10.37
C MET U 142 -70.17 -10.84 9.98
N TYR U 143 -69.91 -10.91 8.74
CA TYR U 143 -68.55 -11.32 8.51
C TYR U 143 -67.62 -10.13 8.71
N PRO U 144 -66.62 -10.24 9.58
CA PRO U 144 -65.80 -9.09 9.96
C PRO U 144 -65.24 -8.35 8.76
N ALA U 145 -65.04 -7.05 8.98
CA ALA U 145 -64.70 -6.14 7.89
C ALA U 145 -63.39 -6.52 7.20
N ASP U 146 -62.46 -7.13 7.91
CA ASP U 146 -61.27 -7.66 7.27
C ASP U 146 -61.61 -8.80 6.33
N ILE U 147 -62.71 -9.51 6.59
CA ILE U 147 -63.03 -10.74 5.90
C ILE U 147 -64.01 -10.49 4.76
N LEU U 148 -65.20 -9.99 5.08
CA LEU U 148 -66.14 -9.57 4.05
C LEU U 148 -66.19 -8.06 4.06
N PRO U 149 -65.36 -7.41 3.30
CA PRO U 149 -65.32 -5.95 3.31
C PRO U 149 -66.58 -5.38 2.67
N LEU U 150 -67.42 -4.78 3.49
CA LEU U 150 -68.68 -4.24 3.00
C LEU U 150 -68.60 -2.72 2.89
N ASN U 151 -69.52 -2.16 2.10
CA ASN U 151 -69.65 -0.72 2.02
C ASN U 151 -70.19 -0.21 3.35
N PRO U 152 -69.72 0.95 3.81
CA PRO U 152 -70.21 1.47 5.08
C PRO U 152 -71.71 1.63 5.13
N GLU U 153 -72.32 2.13 4.06
CA GLU U 153 -73.77 2.23 4.04
C GLU U 153 -74.41 0.84 4.15
N ALA U 154 -73.83 -0.14 3.48
CA ALA U 154 -74.33 -1.50 3.60
C ALA U 154 -74.24 -1.97 5.04
N VAL U 155 -73.13 -1.68 5.72
CA VAL U 155 -72.95 -2.14 7.08
C VAL U 155 -73.94 -1.47 8.00
N ALA U 156 -74.17 -0.18 7.79
CA ALA U 156 -75.16 0.53 8.60
C ALA U 156 -76.56 -0.02 8.37
N LYS U 157 -77.02 -0.01 7.12
CA LYS U 157 -78.32 -0.59 6.82
C LYS U 157 -78.43 -2.02 7.32
N LEU U 158 -77.33 -2.76 7.32
CA LEU U 158 -77.39 -4.16 7.70
C LEU U 158 -77.48 -4.35 9.20
N ARG U 159 -76.65 -3.65 9.98
CA ARG U 159 -76.81 -3.73 11.43
C ARG U 159 -78.18 -3.32 11.88
N VAL U 160 -78.68 -2.19 11.40
CA VAL U 160 -80.01 -1.76 11.79
C VAL U 160 -81.09 -2.67 11.22
N ALA U 161 -80.91 -3.22 10.03
CA ALA U 161 -81.92 -4.09 9.45
C ALA U 161 -82.00 -5.40 10.19
N LYS U 162 -80.86 -6.01 10.50
CA LYS U 162 -80.86 -7.21 11.30
C LYS U 162 -81.38 -6.93 12.70
N ALA U 163 -80.89 -5.89 13.38
CA ALA U 163 -81.31 -5.66 14.75
C ALA U 163 -82.62 -4.91 14.84
N GLN U 164 -83.30 -4.69 13.72
CA GLN U 164 -84.71 -4.30 13.75
C GLN U 164 -85.60 -5.48 13.42
N ALA U 165 -85.20 -6.28 12.44
CA ALA U 165 -85.88 -7.53 12.21
C ALA U 165 -85.87 -8.39 13.46
N VAL U 166 -84.77 -8.35 14.20
CA VAL U 166 -84.70 -9.10 15.44
C VAL U 166 -85.51 -8.43 16.53
N ARG U 167 -85.68 -7.11 16.44
CA ARG U 167 -86.51 -6.42 17.42
C ARG U 167 -87.97 -6.83 17.27
N ILE U 168 -88.50 -6.71 16.06
CA ILE U 168 -89.87 -7.16 15.79
C ILE U 168 -89.96 -8.65 15.61
N GLY U 169 -88.87 -9.37 15.84
CA GLY U 169 -88.94 -10.80 15.74
C GLY U 169 -89.17 -11.28 14.34
N LEU U 170 -88.61 -10.59 13.34
CA LEU U 170 -88.63 -11.12 11.98
C LEU U 170 -87.23 -11.34 11.44
N TYR U 171 -86.38 -11.99 12.24
CA TYR U 171 -85.09 -12.63 11.99
C TYR U 171 -84.81 -13.32 13.31
N PRO U 172 -84.19 -14.48 13.32
CA PRO U 172 -83.96 -15.16 14.60
C PRO U 172 -82.99 -14.38 15.46
N ARG U 173 -83.35 -14.23 16.73
CA ARG U 173 -82.49 -13.47 17.64
C ARG U 173 -81.06 -13.98 17.63
N PHE U 174 -80.87 -15.24 17.25
CA PHE U 174 -79.58 -15.79 16.86
C PHE U 174 -79.80 -16.73 15.68
N GLY U 175 -78.88 -16.73 14.73
CA GLY U 175 -78.88 -17.74 13.70
C GLY U 175 -78.86 -17.12 12.33
N ASN U 176 -79.09 -17.98 11.33
CA ASN U 176 -79.13 -17.58 9.94
C ASN U 176 -80.16 -18.45 9.23
N PRO U 177 -81.41 -18.02 9.23
CA PRO U 177 -82.47 -18.90 8.70
C PRO U 177 -82.43 -19.06 7.20
N PHE U 178 -81.76 -18.18 6.47
CA PHE U 178 -81.74 -18.26 5.02
C PHE U 178 -80.41 -18.74 4.49
N TRP U 179 -79.78 -19.69 5.16
CA TRP U 179 -78.37 -19.97 4.88
C TRP U 179 -78.20 -20.65 3.52
N PHE U 180 -78.86 -21.79 3.31
CA PHE U 180 -78.62 -22.55 2.08
C PHE U 180 -79.26 -21.87 0.87
N ARG U 181 -80.48 -21.36 1.03
CA ARG U 181 -81.03 -20.49 0.00
C ARG U 181 -80.05 -19.36 -0.34
N SER U 182 -79.42 -18.75 0.66
CA SER U 182 -78.48 -17.66 0.47
C SER U 182 -77.19 -18.10 -0.21
N GLN U 183 -76.83 -19.37 -0.03
CA GLN U 183 -75.63 -19.92 -0.63
C GLN U 183 -75.58 -19.72 -2.13
N LYS U 184 -76.71 -19.69 -2.80
CA LYS U 184 -76.70 -19.46 -4.23
C LYS U 184 -76.11 -18.09 -4.56
N PHE U 185 -76.38 -17.08 -3.75
CA PHE U 185 -75.78 -15.78 -3.98
C PHE U 185 -74.35 -15.72 -3.49
N ARG U 186 -74.08 -16.28 -2.32
CA ARG U 186 -72.73 -16.30 -1.82
C ARG U 186 -71.83 -17.10 -2.76
N PRO U 187 -70.70 -16.56 -3.13
CA PRO U 187 -69.96 -17.08 -4.29
C PRO U 187 -69.11 -18.30 -4.03
N LYS U 188 -69.65 -19.49 -4.25
CA LYS U 188 -68.87 -20.71 -4.11
C LYS U 188 -67.61 -20.63 -4.97
N ALA U 189 -66.46 -20.55 -4.30
CA ALA U 189 -65.22 -20.23 -4.98
C ALA U 189 -64.15 -21.30 -4.88
N TYR U 190 -63.91 -21.88 -3.71
CA TYR U 190 -62.82 -22.83 -3.54
C TYR U 190 -63.33 -24.25 -3.78
N GLN U 191 -63.98 -24.47 -4.91
CA GLN U 191 -64.32 -25.84 -5.21
C GLN U 191 -63.66 -26.27 -6.50
N GLU U 192 -64.00 -25.60 -7.59
CA GLU U 192 -63.42 -25.89 -8.90
C GLU U 192 -62.76 -24.70 -9.54
N ASN U 193 -63.43 -23.56 -9.61
CA ASN U 193 -62.89 -22.39 -10.27
C ASN U 193 -61.85 -21.75 -9.39
N TYR U 194 -60.80 -21.24 -10.02
CA TYR U 194 -59.68 -20.65 -9.32
C TYR U 194 -59.71 -19.14 -9.46
N ASP U 195 -60.35 -18.45 -8.52
CA ASP U 195 -60.29 -16.99 -8.52
C ASP U 195 -58.89 -16.58 -8.12
N PRO U 196 -58.03 -16.19 -9.07
CA PRO U 196 -56.63 -15.95 -8.72
C PRO U 196 -56.43 -14.94 -7.59
N THR U 197 -57.44 -14.15 -7.29
CA THR U 197 -57.40 -13.19 -6.20
C THR U 197 -58.02 -13.75 -4.94
N THR U 198 -57.67 -14.98 -4.57
CA THR U 198 -58.12 -15.54 -3.31
C THR U 198 -57.01 -15.37 -2.29
N TYR U 199 -57.38 -15.41 -1.03
CA TYR U 199 -56.37 -15.36 0.00
C TYR U 199 -56.14 -16.70 0.65
N SER U 200 -56.90 -17.72 0.28
CA SER U 200 -56.59 -19.07 0.69
C SER U 200 -55.41 -19.56 -0.11
N THR U 201 -54.39 -20.06 0.55
CA THR U 201 -53.28 -20.62 -0.20
C THR U 201 -53.37 -22.13 -0.33
N LYS U 202 -54.17 -22.79 0.51
CA LYS U 202 -54.50 -24.18 0.27
C LYS U 202 -55.12 -24.37 -1.11
N HIS U 203 -55.99 -23.46 -1.52
CA HIS U 203 -56.58 -23.55 -2.84
C HIS U 203 -55.51 -23.46 -3.93
N THR U 204 -54.64 -22.48 -3.82
CA THR U 204 -53.59 -22.34 -4.82
C THR U 204 -52.70 -23.56 -4.85
N MET U 205 -52.49 -24.20 -3.71
CA MET U 205 -51.63 -25.37 -3.76
C MET U 205 -52.34 -26.59 -4.32
N GLU U 206 -53.62 -26.78 -4.02
CA GLU U 206 -54.36 -27.77 -4.78
C GLU U 206 -54.19 -27.56 -6.27
N HIS U 207 -54.31 -26.33 -6.74
CA HIS U 207 -54.25 -26.16 -8.17
C HIS U 207 -52.87 -26.34 -8.73
N PHE U 208 -51.85 -25.87 -8.03
CA PHE U 208 -50.49 -26.10 -8.50
C PHE U 208 -50.19 -27.58 -8.56
N ALA U 209 -50.60 -28.34 -7.55
CA ALA U 209 -50.48 -29.77 -7.62
C ALA U 209 -51.26 -30.35 -8.80
N TYR U 210 -52.58 -30.22 -8.80
CA TYR U 210 -53.41 -30.83 -9.82
C TYR U 210 -52.89 -30.58 -11.21
N ASN U 211 -52.43 -29.36 -11.50
CA ASN U 211 -51.88 -29.16 -12.84
C ASN U 211 -50.45 -29.67 -12.95
N TRP U 212 -49.72 -29.74 -11.84
CA TRP U 212 -48.46 -30.48 -11.88
C TRP U 212 -48.70 -31.98 -11.91
N VAL U 213 -49.76 -32.44 -11.24
CA VAL U 213 -50.18 -33.82 -11.43
C VAL U 213 -50.33 -34.11 -12.90
N GLN U 214 -51.05 -33.27 -13.63
CA GLN U 214 -51.29 -33.58 -15.04
C GLN U 214 -50.03 -33.48 -15.88
N THR U 215 -49.13 -32.55 -15.56
CA THR U 215 -47.88 -32.53 -16.33
C THR U 215 -47.08 -33.80 -16.10
N ASP U 216 -46.93 -34.20 -14.84
CA ASP U 216 -46.33 -35.48 -14.54
C ASP U 216 -47.08 -36.63 -15.21
N ARG U 217 -48.38 -36.48 -15.43
CA ARG U 217 -49.16 -37.54 -16.06
C ARG U 217 -48.80 -37.68 -17.53
N ILE U 218 -48.66 -36.57 -18.24
CA ILE U 218 -48.10 -36.67 -19.59
C ILE U 218 -46.77 -37.39 -19.54
N ARG U 219 -45.88 -36.94 -18.66
CA ARG U 219 -44.53 -37.52 -18.63
C ARG U 219 -44.55 -39.01 -18.30
N ARG U 220 -45.38 -39.41 -17.34
CA ARG U 220 -45.55 -40.82 -17.01
C ARG U 220 -46.07 -41.62 -18.17
N TYR U 221 -47.21 -41.23 -18.74
CA TYR U 221 -47.75 -41.96 -19.86
C TYR U 221 -46.72 -42.17 -20.94
N PHE U 222 -45.97 -41.14 -21.31
CA PHE U 222 -45.06 -41.34 -22.42
C PHE U 222 -43.81 -42.13 -22.05
N LYS U 223 -43.31 -42.01 -20.82
CA LYS U 223 -42.19 -42.86 -20.48
C LYS U 223 -42.58 -44.32 -20.38
N GLU U 224 -43.77 -44.63 -19.87
CA GLU U 224 -44.18 -46.02 -19.87
C GLU U 224 -44.50 -46.51 -21.27
N LEU U 225 -44.95 -45.64 -22.17
CA LEU U 225 -45.04 -46.08 -23.55
C LEU U 225 -43.68 -46.37 -24.15
N GLU U 226 -42.66 -45.60 -23.79
CA GLU U 226 -41.32 -45.90 -24.32
C GLU U 226 -40.78 -47.19 -23.71
N GLU U 227 -41.08 -47.45 -22.44
CA GLU U 227 -40.77 -48.75 -21.85
C GLU U 227 -41.43 -49.89 -22.61
N LEU U 228 -42.73 -49.74 -22.89
CA LEU U 228 -43.44 -50.70 -23.72
C LEU U 228 -42.79 -50.89 -25.07
N GLN U 229 -42.32 -49.81 -25.69
CA GLN U 229 -41.66 -49.95 -26.97
C GLN U 229 -40.39 -50.78 -26.88
N LYS U 230 -39.55 -50.52 -25.89
CA LYS U 230 -38.34 -51.31 -25.77
C LYS U 230 -38.64 -52.75 -25.35
N ASN U 231 -39.77 -52.99 -24.68
CA ASN U 231 -40.24 -54.35 -24.44
C ASN U 231 -40.66 -55.05 -25.72
N ALA U 232 -41.44 -54.37 -26.55
CA ALA U 232 -41.88 -54.92 -27.82
C ALA U 232 -40.73 -55.17 -28.77
N SER U 233 -39.63 -54.41 -28.63
CA SER U 233 -38.43 -54.67 -29.42
C SER U 233 -37.96 -56.11 -29.32
N ASN U 234 -37.59 -56.59 -28.12
CA ASN U 234 -37.08 -57.95 -27.97
C ASN U 234 -38.18 -59.00 -28.17
N GLY U 235 -39.43 -58.67 -27.83
CA GLY U 235 -40.54 -59.58 -28.01
C GLY U 235 -40.97 -59.79 -29.45
N ALA U 236 -40.62 -58.88 -30.33
CA ALA U 236 -40.96 -59.02 -31.74
C ALA U 236 -39.78 -59.32 -32.65
N ARG U 237 -38.56 -58.93 -32.28
CA ARG U 237 -37.39 -59.25 -33.09
C ARG U 237 -36.31 -59.90 -32.23
N GLY U 238 -35.79 -61.02 -32.71
CA GLY U 238 -34.74 -61.76 -32.02
C GLY U 238 -34.33 -62.96 -32.85
N GLU V 69 -77.50 24.25 57.71
CA GLU V 69 -77.44 24.79 59.06
C GLU V 69 -76.09 25.45 59.33
N HIS V 70 -75.19 25.33 58.36
CA HIS V 70 -73.82 25.82 58.45
C HIS V 70 -73.12 25.53 57.13
N PRO V 71 -72.05 26.24 56.80
CA PRO V 71 -71.35 25.97 55.54
C PRO V 71 -71.14 24.48 55.33
N SER V 72 -71.52 24.01 54.16
CA SER V 72 -71.35 22.59 53.85
C SER V 72 -69.88 22.24 53.93
N ILE V 73 -69.59 21.05 54.44
CA ILE V 73 -68.23 20.59 54.65
C ILE V 73 -68.06 19.24 53.96
N TRP V 74 -67.03 19.14 53.14
CA TRP V 74 -66.64 17.90 52.49
C TRP V 74 -65.47 17.35 53.28
N LEU V 75 -65.45 16.05 53.51
CA LEU V 75 -64.38 15.45 54.30
C LEU V 75 -63.35 14.84 53.35
N TRP V 76 -62.40 15.65 52.91
CA TRP V 76 -61.34 15.17 52.04
C TRP V 76 -60.45 14.22 52.81
N TYR V 77 -60.14 13.06 52.23
CA TYR V 77 -59.13 12.19 52.82
C TYR V 77 -57.92 12.14 51.90
N PRO V 78 -56.75 12.58 52.35
CA PRO V 78 -55.64 12.81 51.42
C PRO V 78 -55.19 11.57 50.69
N TRP V 79 -55.25 10.40 51.33
CA TRP V 79 -54.87 9.14 50.71
C TRP V 79 -55.75 8.77 49.54
N ARG V 80 -56.93 9.38 49.43
CA ARG V 80 -57.90 9.11 48.38
C ARG V 80 -57.75 10.10 47.23
N MET V 81 -58.58 9.93 46.22
CA MET V 81 -58.52 10.86 45.10
C MET V 81 -59.11 12.23 45.47
N ASN V 82 -60.36 12.28 45.90
CA ASN V 82 -61.06 13.54 46.07
C ASN V 82 -62.22 13.35 47.04
N PRO V 83 -62.81 14.45 47.53
CA PRO V 83 -63.53 14.38 48.80
C PRO V 83 -64.78 13.55 48.74
N GLU V 84 -65.41 13.42 49.90
CA GLU V 84 -66.76 12.92 49.99
C GLU V 84 -67.74 14.07 49.78
N PRO V 85 -69.01 13.76 49.53
CA PRO V 85 -70.02 14.82 49.40
C PRO V 85 -70.24 15.56 50.72
N PRO V 86 -70.98 16.67 50.72
CA PRO V 86 -71.25 17.37 51.97
C PRO V 86 -72.35 16.69 52.79
N THR V 87 -72.34 16.91 54.11
CA THR V 87 -73.42 16.41 54.97
C THR V 87 -74.66 17.30 54.84
N PRO V 88 -74.53 18.61 54.60
CA PRO V 88 -75.63 19.33 53.96
C PRO V 88 -75.45 19.32 52.45
N GLY V 89 -75.62 18.16 51.82
CA GLY V 89 -75.32 18.00 50.40
C GLY V 89 -76.36 18.63 49.51
N MET V 90 -76.50 19.93 49.63
CA MET V 90 -77.68 20.68 49.24
C MET V 90 -78.24 20.24 47.88
N PRO V 91 -77.58 20.47 46.74
CA PRO V 91 -78.29 20.30 45.47
C PRO V 91 -78.51 18.84 45.10
N GLN V 92 -79.36 18.60 44.11
CA GLN V 92 -79.47 17.33 43.41
C GLN V 92 -79.22 17.47 41.92
N ARG V 93 -79.91 18.40 41.27
CA ARG V 93 -79.69 18.71 39.86
C ARG V 93 -78.71 19.86 39.74
N ARG V 94 -77.60 19.63 39.04
CA ARG V 94 -76.65 20.70 38.79
C ARG V 94 -77.36 21.88 38.16
N ALA V 95 -77.07 23.08 38.67
CA ALA V 95 -77.79 24.29 38.26
C ALA V 95 -77.08 24.99 37.11
N LEU V 96 -77.84 25.30 36.06
CA LEU V 96 -77.27 25.63 34.76
C LEU V 96 -77.06 27.12 34.61
N LYS V 97 -75.82 27.57 34.74
CA LYS V 97 -75.47 28.98 34.67
C LYS V 97 -75.31 29.46 33.24
N ASN V 98 -75.25 30.78 33.08
CA ASN V 98 -75.32 31.42 31.77
C ASN V 98 -74.01 31.31 31.00
N LEU V 99 -73.87 32.15 29.97
CA LEU V 99 -72.60 32.28 29.25
C LEU V 99 -71.46 32.72 30.16
N HIS V 100 -71.70 33.69 31.04
CA HIS V 100 -70.65 34.12 31.95
C HIS V 100 -70.80 33.54 33.34
N GLY V 101 -71.90 32.86 33.65
CA GLY V 101 -71.94 32.05 34.86
C GLY V 101 -73.01 32.31 35.92
N ALA V 102 -74.20 32.77 35.54
CA ALA V 102 -75.27 32.97 36.50
C ALA V 102 -76.48 32.10 36.19
N VAL V 103 -77.19 31.70 37.24
CA VAL V 103 -78.17 30.64 37.18
C VAL V 103 -79.35 31.06 36.33
N PHE V 104 -80.07 30.06 35.81
CA PHE V 104 -81.49 30.16 35.50
C PHE V 104 -82.11 28.78 35.73
N THR V 105 -83.11 28.71 36.59
CA THR V 105 -83.86 27.47 36.72
C THR V 105 -84.95 27.36 35.66
N ASP V 106 -85.21 28.44 34.94
CA ASP V 106 -86.03 28.41 33.73
C ASP V 106 -85.80 29.72 32.99
N LEU V 107 -86.36 29.82 31.79
CA LEU V 107 -86.26 31.03 31.00
C LEU V 107 -87.36 32.01 31.37
N THR V 108 -87.13 33.27 31.03
CA THR V 108 -88.08 34.30 31.33
C THR V 108 -89.42 34.03 30.67
N PRO V 109 -90.49 34.70 31.12
CA PRO V 109 -91.79 34.53 30.46
C PRO V 109 -91.77 34.92 29.00
N VAL V 110 -90.98 35.93 28.62
CA VAL V 110 -90.80 36.21 27.21
C VAL V 110 -90.41 34.96 26.48
N GLN V 111 -89.43 34.22 27.00
CA GLN V 111 -88.91 33.10 26.25
C GLN V 111 -89.83 31.89 26.30
N LYS V 112 -90.62 31.74 27.37
CA LYS V 112 -91.61 30.67 27.32
C LYS V 112 -92.76 30.98 26.37
N LYS V 113 -93.13 32.25 26.24
CA LYS V 113 -94.06 32.64 25.20
C LYS V 113 -93.44 32.45 23.82
N ARG V 114 -92.13 32.62 23.72
CA ARG V 114 -91.42 32.35 22.48
C ARG V 114 -91.21 30.87 22.22
N GLN V 115 -91.44 30.01 23.21
CA GLN V 115 -91.55 28.57 22.96
C GLN V 115 -92.93 28.17 22.49
N GLU V 116 -93.96 28.76 23.09
CA GLU V 116 -95.30 28.49 22.57
C GLU V 116 -95.54 29.11 21.21
N GLN V 117 -94.81 30.19 20.86
CA GLN V 117 -94.82 30.79 19.53
C GLN V 117 -93.86 30.10 18.59
N MET V 118 -93.21 29.04 19.02
CA MET V 118 -92.39 28.27 18.13
C MET V 118 -92.96 26.87 17.92
N LEU V 119 -93.69 26.35 18.91
CA LEU V 119 -94.23 25.00 18.81
C LEU V 119 -95.69 25.00 18.42
N TYR V 120 -96.31 26.17 18.28
CA TYR V 120 -97.61 26.23 17.64
C TYR V 120 -97.47 26.41 16.15
N GLY V 121 -96.27 26.81 15.70
CA GLY V 121 -96.02 27.03 14.29
C GLY V 121 -96.25 28.47 13.92
N ILE V 122 -95.21 29.17 13.50
CA ILE V 122 -95.34 30.53 13.04
C ILE V 122 -95.95 30.53 11.66
N ASN V 123 -96.90 31.42 11.44
CA ASN V 123 -97.49 31.62 10.14
C ASN V 123 -96.79 32.81 9.50
N ILE V 124 -96.64 32.77 8.19
CA ILE V 124 -96.01 33.90 7.52
C ILE V 124 -96.87 35.15 7.73
N PRO V 125 -96.36 36.19 8.35
CA PRO V 125 -97.18 37.39 8.59
C PRO V 125 -97.66 38.00 7.29
N GLU V 126 -98.76 38.75 7.39
CA GLU V 126 -99.34 39.35 6.20
C GLU V 126 -98.53 40.50 5.65
N THR V 127 -97.44 40.88 6.32
CA THR V 127 -96.58 41.92 5.76
C THR V 127 -96.02 41.48 4.42
N ARG V 128 -95.67 40.20 4.28
CA ARG V 128 -95.15 39.75 3.01
C ARG V 128 -96.23 39.82 1.94
N GLN V 129 -97.45 39.43 2.28
CA GLN V 129 -98.54 39.56 1.32
C GLN V 129 -98.70 41.00 0.87
N MET V 130 -98.80 41.94 1.81
CA MET V 130 -99.10 43.31 1.43
C MET V 130 -97.93 43.96 0.69
N LYS V 131 -96.70 43.62 1.07
CA LYS V 131 -95.57 44.13 0.31
C LYS V 131 -95.53 43.53 -1.08
N PHE V 132 -95.91 42.26 -1.23
CA PHE V 132 -96.01 41.70 -2.56
C PHE V 132 -97.05 42.43 -3.38
N GLU V 133 -98.18 42.78 -2.78
CA GLU V 133 -99.19 43.53 -3.52
C GLU V 133 -98.66 44.89 -3.93
N GLN V 134 -98.38 45.76 -2.97
CA GLN V 134 -97.93 47.10 -3.32
C GLN V 134 -96.53 47.13 -3.89
N GLU V 135 -95.94 45.98 -4.18
CA GLU V 135 -94.64 45.89 -4.80
C GLU V 135 -94.70 45.33 -6.21
N HIS V 136 -95.21 44.12 -6.39
CA HIS V 136 -95.48 43.53 -7.68
C HIS V 136 -96.99 43.43 -7.84
N PRO V 137 -97.64 44.50 -8.30
CA PRO V 137 -99.09 44.43 -8.48
C PRO V 137 -99.50 43.61 -9.67
N LEU V 138 -98.59 43.32 -10.59
CA LEU V 138 -98.96 42.52 -11.75
C LEU V 138 -98.98 41.04 -11.45
N LEU V 139 -98.01 40.54 -10.69
CA LEU V 139 -98.09 39.16 -10.24
C LEU V 139 -99.24 38.97 -9.28
N ALA V 140 -99.54 39.99 -8.48
CA ALA V 140 -100.70 39.89 -7.62
C ALA V 140 -101.99 39.88 -8.40
N SER V 141 -102.11 40.74 -9.42
CA SER V 141 -103.30 40.75 -10.24
C SER V 141 -103.49 39.42 -10.93
N ALA V 142 -102.42 38.84 -11.48
CA ALA V 142 -102.50 37.48 -11.98
C ALA V 142 -103.02 36.54 -10.92
N LEU V 143 -102.40 36.50 -9.75
CA LEU V 143 -102.98 35.74 -8.66
C LEU V 143 -104.40 36.20 -8.34
N ARG V 144 -104.68 37.49 -8.40
CA ARG V 144 -106.03 37.94 -8.05
C ARG V 144 -107.07 37.32 -8.94
N GLN V 145 -106.76 37.11 -10.22
CA GLN V 145 -107.72 36.43 -11.08
C GLN V 145 -107.64 34.93 -10.90
N LEU V 146 -106.50 34.42 -10.45
CA LEU V 146 -106.24 32.99 -10.40
C LEU V 146 -106.49 32.39 -9.03
N ASP V 147 -107.10 33.14 -8.12
CA ASP V 147 -107.25 32.63 -6.76
C ASP V 147 -108.06 31.34 -6.73
N GLY V 148 -107.50 30.33 -6.06
CA GLY V 148 -108.20 29.10 -5.76
C GLY V 148 -107.91 27.97 -6.72
N GLN V 149 -107.42 28.32 -7.90
CA GLN V 149 -107.44 27.39 -9.00
C GLN V 149 -106.11 26.67 -9.13
N PRO V 150 -106.11 25.41 -9.57
CA PRO V 150 -104.86 24.66 -9.70
C PRO V 150 -103.90 25.33 -10.67
N LYS V 151 -102.81 25.85 -10.13
CA LYS V 151 -101.88 26.71 -10.86
C LYS V 151 -100.77 25.87 -11.49
N GLY V 152 -100.49 26.15 -12.75
CA GLY V 152 -99.41 25.52 -13.48
C GLY V 152 -98.24 26.41 -13.78
N PHE V 153 -98.19 27.60 -13.18
CA PHE V 153 -97.07 28.50 -13.24
C PHE V 153 -96.92 29.24 -11.91
N PRO V 154 -95.71 29.38 -11.40
CA PRO V 154 -95.54 29.90 -10.04
C PRO V 154 -95.61 31.41 -9.96
N PHE V 155 -96.81 31.95 -9.79
CA PHE V 155 -96.96 33.40 -9.65
C PHE V 155 -96.72 33.89 -8.23
N TRP V 156 -95.93 33.17 -7.44
CA TRP V 156 -95.57 33.61 -6.11
C TRP V 156 -94.08 33.56 -5.88
N TYR V 157 -93.33 33.09 -6.87
CA TYR V 157 -91.89 32.98 -6.71
C TYR V 157 -91.24 34.27 -6.27
N LYS V 158 -91.59 35.40 -6.86
CA LYS V 158 -91.08 36.66 -6.38
C LYS V 158 -91.60 37.00 -5.01
N LYS V 159 -92.64 36.33 -4.54
CA LYS V 159 -93.07 36.54 -3.18
C LYS V 159 -92.20 35.79 -2.19
N TYR V 160 -91.67 34.63 -2.61
CA TYR V 160 -90.80 33.80 -1.77
C TYR V 160 -89.39 33.89 -2.34
N PRO V 161 -88.65 34.95 -2.02
CA PRO V 161 -87.39 35.22 -2.74
C PRO V 161 -86.28 34.23 -2.49
N THR V 162 -86.56 33.12 -1.82
CA THR V 162 -85.54 32.17 -1.42
C THR V 162 -86.24 30.95 -0.85
N ARG V 163 -85.57 29.80 -0.90
CA ARG V 163 -86.12 28.62 -0.27
C ARG V 163 -86.64 28.92 1.11
N ARG V 164 -85.86 29.63 1.91
CA ARG V 164 -86.14 29.65 3.33
C ARG V 164 -87.33 30.52 3.69
N HIS V 165 -87.70 31.49 2.86
CA HIS V 165 -88.78 32.37 3.25
C HIS V 165 -90.12 31.65 3.26
N ALA V 166 -90.18 30.41 2.80
CA ALA V 166 -91.45 29.69 2.69
C ALA V 166 -91.68 28.82 3.92
N TYR V 167 -91.40 29.40 5.07
CA TYR V 167 -91.48 28.71 6.34
C TYR V 167 -92.90 28.53 6.86
N GLY V 168 -93.90 28.84 6.05
CA GLY V 168 -95.27 28.71 6.51
C GLY V 168 -95.84 27.35 6.39
N ASN V 169 -95.05 26.38 5.96
CA ASN V 169 -95.53 25.05 5.65
C ASN V 169 -94.33 24.12 5.71
N ARG V 170 -94.41 23.01 4.97
CA ARG V 170 -93.25 22.13 4.93
C ARG V 170 -92.45 22.33 3.65
N PHE V 171 -91.21 21.81 3.68
CA PHE V 171 -90.38 21.60 2.51
C PHE V 171 -90.28 22.82 1.61
N SER V 172 -90.50 24.00 2.18
CA SER V 172 -90.61 25.24 1.41
C SER V 172 -91.72 25.11 0.39
N ILE V 173 -92.88 24.66 0.85
CA ILE V 173 -94.08 24.55 0.01
C ILE V 173 -94.87 25.84 0.13
N PRO V 174 -94.77 26.75 -0.83
CA PRO V 174 -95.48 28.01 -0.71
C PRO V 174 -96.98 27.79 -0.66
N ASP V 175 -97.66 28.66 0.08
CA ASP V 175 -99.09 28.48 0.31
C ASP V 175 -99.84 28.31 -1.00
N GLU V 176 -99.70 29.25 -1.91
CA GLU V 176 -100.39 29.18 -3.18
C GLU V 176 -99.75 28.19 -4.15
N MET V 177 -99.63 26.93 -3.73
CA MET V 177 -99.26 25.84 -4.61
C MET V 177 -100.15 24.62 -4.41
N LEU V 178 -100.73 24.46 -3.22
CA LEU V 178 -101.42 23.24 -2.83
C LEU V 178 -102.92 23.27 -3.09
N GLU V 179 -103.39 24.25 -3.86
CA GLU V 179 -104.84 24.43 -3.99
C GLU V 179 -105.51 23.17 -4.52
N GLY V 180 -105.21 22.79 -5.74
CA GLY V 180 -105.89 21.66 -6.31
C GLY V 180 -105.64 20.35 -5.62
N TYR V 181 -104.48 20.17 -5.01
CA TYR V 181 -104.15 18.90 -4.42
C TYR V 181 -105.08 18.61 -3.26
N GLY V 182 -105.01 17.38 -2.77
CA GLY V 182 -105.92 16.98 -1.72
C GLY V 182 -105.81 17.86 -0.50
N GLU V 183 -106.96 18.09 0.14
CA GLU V 183 -106.95 18.67 1.47
C GLU V 183 -106.08 17.86 2.42
N GLU V 184 -106.03 16.54 2.24
CA GLU V 184 -105.16 15.74 3.09
C GLU V 184 -103.69 16.03 2.80
N MET V 185 -103.33 16.29 1.55
CA MET V 185 -101.96 16.70 1.24
C MET V 185 -101.66 18.08 1.83
N LYS V 186 -102.60 19.00 1.73
CA LYS V 186 -102.47 20.29 2.39
C LYS V 186 -102.34 20.13 3.90
N LYS V 187 -102.97 19.12 4.47
CA LYS V 187 -102.78 18.86 5.89
C LYS V 187 -101.41 18.29 6.16
N ALA V 188 -100.93 17.43 5.27
CA ALA V 188 -99.63 16.80 5.44
C ALA V 188 -98.51 17.81 5.46
N LEU V 189 -98.55 18.79 4.55
CA LEU V 189 -97.45 19.74 4.39
C LEU V 189 -97.70 21.06 5.10
N SER V 190 -98.61 21.09 6.06
CA SER V 190 -98.91 22.32 6.76
C SER V 190 -98.02 22.46 7.99
N LYS V 191 -98.27 23.52 8.75
CA LYS V 191 -97.49 23.78 9.95
C LYS V 191 -97.74 22.75 11.04
N GLU V 192 -98.61 21.78 10.81
CA GLU V 192 -98.98 20.84 11.85
C GLU V 192 -98.03 19.67 11.95
N MET V 193 -97.35 19.33 10.85
CA MET V 193 -96.45 18.19 10.85
C MET V 193 -94.99 18.60 10.71
N MET V 194 -94.69 19.90 10.73
CA MET V 194 -93.31 20.34 10.71
C MET V 194 -92.52 19.67 11.81
N SER V 195 -91.35 19.16 11.46
CA SER V 195 -90.51 18.57 12.48
C SER V 195 -90.08 19.65 13.46
N ILE V 196 -89.42 19.25 14.55
CA ILE V 196 -88.99 20.26 15.50
C ILE V 196 -87.81 21.05 14.96
N GLN V 197 -86.87 20.39 14.30
CA GLN V 197 -85.89 21.15 13.56
C GLN V 197 -86.56 22.07 12.56
N GLU V 198 -87.58 21.58 11.86
CA GLU V 198 -88.29 22.42 10.90
C GLU V 198 -88.82 23.67 11.58
N LYS V 199 -89.45 23.54 12.75
CA LYS V 199 -90.09 24.68 13.38
C LYS V 199 -89.08 25.68 13.92
N GLN V 200 -88.01 25.19 14.53
CA GLN V 200 -86.95 26.10 14.96
C GLN V 200 -86.40 26.87 13.78
N PHE V 201 -86.04 26.16 12.70
CA PHE V 201 -85.53 26.84 11.51
C PHE V 201 -86.56 27.77 10.88
N ALA V 202 -87.85 27.45 11.01
CA ALA V 202 -88.89 28.35 10.52
C ALA V 202 -88.86 29.68 11.25
N GLN V 203 -88.89 29.64 12.60
CA GLN V 203 -88.76 30.89 13.33
C GLN V 203 -87.49 31.60 12.93
N GLU V 204 -86.42 30.84 12.73
CA GLU V 204 -85.16 31.49 12.39
C GLU V 204 -85.26 32.28 11.11
N ALA V 205 -85.82 31.68 10.07
CA ALA V 205 -85.92 32.39 8.82
C ALA V 205 -86.88 33.55 8.88
N MET V 206 -87.99 33.40 9.62
CA MET V 206 -88.93 34.51 9.74
C MET V 206 -88.27 35.72 10.38
N TYR V 207 -87.47 35.50 11.41
CA TYR V 207 -86.85 36.63 12.08
C TYR V 207 -85.70 37.22 11.27
N MET V 208 -84.85 36.37 10.72
CA MET V 208 -83.83 36.83 9.80
C MET V 208 -84.43 37.47 8.57
N GLU V 209 -85.73 37.34 8.39
CA GLU V 209 -86.46 38.02 7.32
C GLU V 209 -86.80 39.45 7.70
N ARG V 210 -87.24 39.67 8.94
CA ARG V 210 -87.71 40.99 9.33
C ARG V 210 -86.63 41.84 9.98
N TYR V 211 -85.43 41.29 10.22
CA TYR V 211 -84.34 42.10 10.73
C TYR V 211 -83.23 42.34 9.72
N ALA V 212 -83.28 41.71 8.57
CA ALA V 212 -82.22 41.81 7.58
C ALA V 212 -82.49 42.98 6.66
N GLU V 213 -81.42 43.52 6.08
CA GLU V 213 -81.58 44.61 5.13
C GLU V 213 -82.20 44.09 3.84
N HIS V 214 -81.45 43.30 3.09
CA HIS V 214 -81.95 42.70 1.87
C HIS V 214 -81.92 41.19 2.05
N ASP V 215 -82.96 40.55 1.52
CA ASP V 215 -83.32 39.21 1.92
C ASP V 215 -82.24 38.19 1.63
N PHE V 216 -81.07 38.61 1.16
CA PHE V 216 -79.97 37.70 0.98
C PHE V 216 -78.86 37.91 1.99
N ASP V 217 -78.92 38.97 2.75
CA ASP V 217 -77.92 39.20 3.77
C ASP V 217 -78.27 38.40 5.02
N THR V 218 -77.40 37.47 5.38
CA THR V 218 -77.51 36.78 6.66
C THR V 218 -76.36 37.11 7.58
N THR V 219 -75.49 38.05 7.20
CA THR V 219 -74.34 38.42 7.99
C THR V 219 -74.42 39.83 8.57
N SER V 220 -75.59 40.47 8.54
CA SER V 220 -75.75 41.74 9.21
C SER V 220 -75.68 41.53 10.71
N PRO V 221 -75.27 42.54 11.46
CA PRO V 221 -75.33 42.43 12.92
C PRO V 221 -76.70 42.04 13.44
N ALA V 222 -77.77 42.73 13.02
CA ALA V 222 -79.08 42.38 13.52
C ALA V 222 -79.49 40.99 13.08
N VAL V 223 -79.21 40.65 11.84
CA VAL V 223 -79.46 39.29 11.36
C VAL V 223 -78.86 38.27 12.29
N LEU V 224 -77.57 38.41 12.53
CA LEU V 224 -76.82 37.42 13.27
C LEU V 224 -77.23 37.41 14.72
N ALA V 225 -77.42 38.58 15.31
CA ALA V 225 -77.85 38.65 16.69
C ALA V 225 -79.20 37.99 16.90
N VAL V 226 -80.18 38.30 16.06
CA VAL V 226 -81.45 37.64 16.27
C VAL V 226 -81.34 36.16 16.01
N LYS V 227 -80.60 35.74 14.96
CA LYS V 227 -80.51 34.32 14.69
C LYS V 227 -79.89 33.57 15.85
N ARG V 228 -78.83 34.11 16.42
CA ARG V 228 -78.20 33.42 17.52
C ARG V 228 -78.96 33.59 18.81
N ALA V 229 -79.84 34.59 18.90
CA ALA V 229 -80.68 34.75 20.08
C ALA V 229 -81.75 33.69 20.16
N LEU V 230 -82.48 33.49 19.07
CA LEU V 230 -83.35 32.33 18.99
C LEU V 230 -82.55 31.05 19.21
N LYS V 231 -81.37 30.95 18.60
CA LYS V 231 -80.55 29.77 18.74
C LYS V 231 -80.23 29.47 20.19
N CYS V 232 -79.77 30.45 20.94
CA CYS V 232 -79.42 30.21 22.33
C CYS V 232 -80.66 29.96 23.18
N ARG V 233 -81.81 30.50 22.78
CA ARG V 233 -83.02 30.14 23.53
C ARG V 233 -83.35 28.67 23.37
N VAL V 234 -83.30 28.15 22.16
CA VAL V 234 -83.64 26.72 22.00
C VAL V 234 -82.61 25.88 22.70
N LEU V 235 -81.36 26.36 22.73
CA LEU V 235 -80.34 25.65 23.48
C LEU V 235 -80.68 25.59 24.97
N ARG V 236 -80.97 26.73 25.58
CA ARG V 236 -81.30 26.74 27.00
C ARG V 236 -82.53 25.90 27.30
N ASN V 237 -83.55 25.97 26.45
CA ASN V 237 -84.70 25.11 26.67
C ASN V 237 -84.33 23.65 26.57
N HIS V 238 -83.38 23.32 25.68
CA HIS V 238 -82.88 21.95 25.68
C HIS V 238 -82.30 21.61 27.03
N LEU V 239 -81.39 22.44 27.51
CA LEU V 239 -80.63 22.11 28.70
C LEU V 239 -81.51 22.02 29.92
N LEU V 240 -82.25 23.08 30.24
CA LEU V 240 -83.14 23.06 31.40
C LEU V 240 -84.17 21.94 31.30
N THR V 241 -84.09 21.11 30.27
CA THR V 241 -84.82 19.85 30.26
C THR V 241 -83.88 18.67 30.50
N ASN V 242 -82.71 18.69 29.86
CA ASN V 242 -81.78 17.58 30.00
C ASN V 242 -80.42 18.10 30.44
N PRO V 243 -79.98 17.78 31.65
CA PRO V 243 -78.90 18.54 32.28
C PRO V 243 -77.48 18.13 31.91
N HIS V 244 -77.21 16.83 31.77
CA HIS V 244 -75.83 16.36 31.59
C HIS V 244 -75.56 16.07 30.11
N ASN V 245 -75.55 17.15 29.33
CA ASN V 245 -75.13 17.13 27.94
C ASN V 245 -74.22 18.33 27.76
N ASN V 246 -72.96 18.18 28.16
CA ASN V 246 -72.06 19.30 28.41
C ASN V 246 -71.26 19.73 27.19
N ILE V 247 -71.14 18.88 26.18
CA ILE V 247 -70.85 19.40 24.85
C ILE V 247 -71.84 20.48 24.50
N ILE V 248 -73.11 20.30 24.90
CA ILE V 248 -74.09 21.35 24.62
C ILE V 248 -73.95 22.53 25.57
N LYS V 249 -73.40 22.32 26.77
CA LYS V 249 -72.97 23.46 27.55
C LYS V 249 -71.99 24.30 26.74
N ALA V 250 -71.00 23.66 26.14
CA ALA V 250 -70.03 24.42 25.36
C ALA V 250 -70.57 24.80 24.00
N VAL V 251 -71.75 24.32 23.65
CA VAL V 251 -72.49 24.87 22.52
C VAL V 251 -73.08 26.22 22.90
N LEU V 252 -73.92 26.22 23.94
CA LEU V 252 -74.58 27.45 24.36
C LEU V 252 -73.59 28.50 24.76
N ALA V 253 -72.54 28.13 25.49
CA ALA V 253 -71.58 29.12 25.94
C ALA V 253 -70.92 29.85 24.77
N ASN V 254 -70.33 29.14 23.81
CA ASN V 254 -69.70 29.85 22.70
C ASN V 254 -70.71 30.56 21.83
N THR V 255 -71.86 29.94 21.57
CA THR V 255 -72.88 30.61 20.77
C THR V 255 -73.30 31.93 21.40
N GLU V 256 -73.50 31.94 22.71
CA GLU V 256 -73.84 33.17 23.40
C GLU V 256 -72.71 34.15 23.37
N LYS V 257 -71.46 33.68 23.40
CA LYS V 257 -70.36 34.64 23.28
C LYS V 257 -70.43 35.34 21.94
N LYS V 258 -70.81 34.62 20.89
CA LYS V 258 -70.94 35.28 19.59
C LYS V 258 -72.19 36.15 19.49
N LEU V 259 -73.29 35.74 20.12
CA LEU V 259 -74.49 36.59 20.11
C LEU V 259 -74.23 37.89 20.84
N SER V 260 -73.52 37.82 21.96
CA SER V 260 -73.09 39.05 22.59
C SER V 260 -72.15 39.82 21.69
N HIS V 261 -71.22 39.15 21.02
CA HIS V 261 -70.28 39.87 20.19
C HIS V 261 -70.94 40.43 18.94
N ALA V 262 -72.18 40.08 18.68
CA ALA V 262 -72.91 40.70 17.58
C ALA V 262 -73.84 41.80 18.05
N LEU V 263 -74.59 41.57 19.12
CA LEU V 263 -75.40 42.60 19.74
C LEU V 263 -74.56 43.78 20.17
N ARG V 264 -73.31 43.56 20.54
CA ARG V 264 -72.44 44.67 20.86
C ARG V 264 -71.78 45.28 19.63
N LYS V 265 -72.32 45.03 18.43
CA LYS V 265 -72.21 45.94 17.29
C LYS V 265 -73.57 46.47 16.87
N LEU V 266 -74.62 45.69 17.11
CA LEU V 266 -75.97 46.19 16.89
C LEU V 266 -76.23 47.44 17.69
N ARG V 267 -76.09 47.36 19.01
CA ARG V 267 -76.30 48.55 19.80
C ARG V 267 -75.24 49.61 19.52
N LYS V 268 -74.42 49.45 18.48
CA LYS V 268 -73.55 50.51 18.03
C LYS V 268 -73.83 50.97 16.61
N VAL V 269 -74.63 50.23 15.86
CA VAL V 269 -75.02 50.63 14.52
C VAL V 269 -76.45 51.19 14.48
N ASP V 270 -77.39 50.53 15.17
CA ASP V 270 -78.71 51.14 15.39
C ASP V 270 -79.35 50.43 16.59
N PHE V 271 -79.39 51.12 17.72
CA PHE V 271 -79.85 50.53 18.96
C PHE V 271 -81.36 50.31 18.99
N LYS V 272 -82.11 50.95 18.10
CA LYS V 272 -83.55 50.74 18.11
C LYS V 272 -83.88 49.27 17.94
N LYS V 273 -83.43 48.68 16.84
CA LYS V 273 -83.53 47.23 16.69
C LYS V 273 -82.94 46.52 17.88
N TYR V 274 -81.89 47.10 18.47
CA TYR V 274 -81.22 46.42 19.57
C TYR V 274 -82.17 46.22 20.73
N TRP V 275 -82.99 47.22 21.04
CA TRP V 275 -83.90 47.11 22.18
C TRP V 275 -85.16 46.36 21.80
N GLU V 276 -85.62 46.51 20.57
CA GLU V 276 -86.67 45.59 20.17
C GLU V 276 -86.21 44.15 20.36
N ILE V 277 -84.96 43.89 20.03
CA ILE V 277 -84.36 42.60 20.29
C ILE V 277 -84.35 42.32 21.77
N ILE V 278 -83.81 43.24 22.57
CA ILE V 278 -83.70 43.03 24.00
C ILE V 278 -85.04 42.62 24.59
N ARG V 279 -86.09 43.37 24.27
CA ARG V 279 -87.37 43.19 24.91
C ARG V 279 -88.25 42.18 24.20
N ASP V 280 -87.79 41.59 23.10
CA ASP V 280 -88.55 40.49 22.53
C ASP V 280 -87.90 39.13 22.74
N HIS V 281 -86.58 39.09 22.90
CA HIS V 281 -85.87 37.87 23.20
C HIS V 281 -85.41 37.82 24.65
N ASP V 282 -85.70 38.87 25.43
CA ASP V 282 -85.29 39.00 26.82
C ASP V 282 -83.94 38.35 27.08
N VAL V 283 -82.91 38.89 26.44
CA VAL V 283 -81.55 38.51 26.78
C VAL V 283 -80.73 39.76 27.05
N GLN V 284 -80.69 40.18 28.30
CA GLN V 284 -79.72 41.17 28.70
C GLN V 284 -78.61 40.57 29.53
N ASP V 285 -78.78 39.33 29.97
CA ASP V 285 -77.75 38.70 30.78
C ASP V 285 -76.52 38.35 29.97
N VAL V 286 -76.64 38.28 28.65
CA VAL V 286 -75.48 38.00 27.81
C VAL V 286 -74.79 39.25 27.34
N LEU V 287 -75.30 40.42 27.73
CA LEU V 287 -74.55 41.66 27.63
C LEU V 287 -74.02 42.13 28.98
N GLN V 288 -74.78 41.88 30.03
CA GLN V 288 -74.41 42.20 31.38
C GLN V 288 -72.98 41.73 31.67
N PRO V 289 -72.07 42.64 31.97
CA PRO V 289 -70.67 42.25 32.19
C PRO V 289 -70.57 41.29 33.36
N SER V 290 -69.62 40.36 33.28
CA SER V 290 -69.47 39.43 34.38
C SER V 290 -68.56 39.99 35.45
N ASN V 291 -67.30 40.19 35.12
CA ASN V 291 -66.27 40.32 36.12
C ASN V 291 -65.86 41.77 36.25
N LEU V 292 -66.04 42.32 37.45
CA LEU V 292 -65.60 43.69 37.66
C LEU V 292 -64.12 43.85 37.40
N VAL V 293 -63.35 42.77 37.56
CA VAL V 293 -61.91 42.87 37.38
C VAL V 293 -61.58 43.51 36.05
N THR V 294 -62.28 43.09 35.00
CA THR V 294 -62.17 43.69 33.68
C THR V 294 -62.78 45.07 33.63
N TYR V 295 -64.08 45.17 33.88
CA TYR V 295 -64.84 46.37 33.60
C TYR V 295 -64.53 47.47 34.60
N ARG V 296 -63.51 47.28 35.43
CA ARG V 296 -62.98 48.43 36.15
C ARG V 296 -62.10 49.28 35.26
N GLN V 297 -61.22 48.64 34.48
CA GLN V 297 -60.32 49.36 33.60
C GLN V 297 -60.86 49.45 32.20
N GLY V 298 -62.14 49.15 32.02
CA GLY V 298 -62.83 49.33 30.76
C GLY V 298 -62.37 48.42 29.66
N ALA V 299 -62.50 47.12 29.85
CA ALA V 299 -62.20 46.20 28.77
C ALA V 299 -63.47 45.62 28.15
N TYR V 300 -64.52 45.41 28.95
CA TYR V 300 -65.82 45.03 28.41
C TYR V 300 -66.37 46.13 27.51
N TRP V 301 -65.78 47.31 27.60
CA TRP V 301 -66.09 48.36 26.66
C TRP V 301 -65.18 48.33 25.44
N LYS V 302 -63.96 47.87 25.58
CA LYS V 302 -63.06 47.99 24.46
C LYS V 302 -63.50 47.18 23.27
N TYR V 303 -64.53 46.35 23.41
CA TYR V 303 -64.86 45.40 22.35
C TYR V 303 -65.49 46.09 21.15
N ASP V 304 -66.49 46.93 21.39
CA ASP V 304 -67.04 47.77 20.33
C ASP V 304 -66.00 48.71 19.72
N TRP V 305 -64.90 48.94 20.42
CA TRP V 305 -63.75 49.55 19.78
C TRP V 305 -63.08 48.58 18.84
N ASN V 306 -62.62 47.45 19.38
CA ASN V 306 -61.80 46.52 18.63
C ASN V 306 -62.47 46.09 17.35
N ALA V 307 -63.77 45.91 17.36
CA ALA V 307 -64.49 45.59 16.14
C ALA V 307 -64.51 46.73 15.13
N GLY V 308 -64.23 47.96 15.56
CA GLY V 308 -64.24 49.07 14.64
C GLY V 308 -65.46 49.96 14.70
N LEU V 309 -66.10 50.07 15.86
CA LEU V 309 -67.37 50.78 15.99
C LEU V 309 -67.24 52.01 16.89
N ALA V 310 -66.02 52.49 17.08
CA ALA V 310 -65.82 53.69 17.88
C ALA V 310 -66.40 54.93 17.23
N ILE V 311 -66.72 54.85 15.93
CA ILE V 311 -67.14 56.00 15.14
C ILE V 311 -68.38 55.68 14.31
N SER V 312 -69.20 54.71 14.72
CA SER V 312 -70.40 54.36 13.98
C SER V 312 -71.58 55.03 14.66
N THR V 313 -71.55 56.35 14.68
CA THR V 313 -72.35 57.09 15.64
C THR V 313 -73.42 57.95 15.00
N ASN V 314 -73.00 58.82 14.08
CA ASN V 314 -73.86 59.87 13.54
C ASN V 314 -74.37 60.80 14.65
N LEU V 315 -73.41 61.45 15.31
CA LEU V 315 -73.75 62.55 16.20
C LEU V 315 -74.33 63.71 15.41
N ALA V 316 -73.84 63.91 14.19
CA ALA V 316 -74.39 64.94 13.31
C ALA V 316 -75.89 64.78 13.14
N ASP V 317 -76.42 63.65 13.56
CA ASP V 317 -77.84 63.38 13.44
C ASP V 317 -78.48 62.84 14.72
N VAL V 318 -77.72 62.73 15.81
CA VAL V 318 -78.35 62.59 17.13
C VAL V 318 -77.91 63.70 18.07
N LEU V 319 -76.61 63.75 18.37
CA LEU V 319 -76.11 64.67 19.39
C LEU V 319 -75.32 65.76 18.68
N ASP V 320 -75.89 66.96 18.70
CA ASP V 320 -75.39 68.11 17.98
C ASP V 320 -73.89 68.26 18.13
N PRO V 321 -73.12 67.92 17.08
CA PRO V 321 -71.67 67.81 17.19
C PRO V 321 -70.96 69.12 17.49
N ARG V 322 -71.66 70.22 17.71
CA ARG V 322 -70.95 71.47 17.85
C ARG V 322 -70.21 71.56 19.17
N GLY V 323 -70.85 71.20 20.28
CA GLY V 323 -70.24 71.44 21.56
C GLY V 323 -69.52 70.26 22.15
N LEU V 324 -69.68 69.10 21.53
CA LEU V 324 -69.02 67.90 22.00
C LEU V 324 -67.51 67.96 21.91
N ASN V 325 -66.93 69.09 21.56
CA ASN V 325 -65.48 69.19 21.40
C ASN V 325 -64.94 70.41 22.12
N GLY V 326 -63.76 70.26 22.67
CA GLY V 326 -63.03 71.40 23.19
C GLY V 326 -62.53 72.23 22.03
N CYS V 327 -61.62 73.15 22.35
CA CYS V 327 -60.90 73.89 21.35
C CYS V 327 -59.44 73.56 21.46
N VAL V 328 -58.65 74.07 20.54
CA VAL V 328 -57.21 73.84 20.60
C VAL V 328 -56.50 75.08 21.11
N GLU V 329 -56.89 76.25 20.61
CA GLU V 329 -56.34 77.50 21.10
C GLU V 329 -56.66 77.70 22.57
N THR V 330 -57.95 77.60 22.93
CA THR V 330 -58.30 77.79 24.32
C THR V 330 -57.76 76.69 25.22
N GLY V 331 -58.05 75.45 24.87
CA GLY V 331 -57.90 74.38 25.80
C GLY V 331 -59.15 74.06 26.59
N ARG V 332 -60.24 74.79 26.39
CA ARG V 332 -61.40 74.54 27.23
C ARG V 332 -62.13 73.27 26.78
N SER V 333 -62.98 72.79 27.66
CA SER V 333 -63.53 71.46 27.61
C SER V 333 -64.77 71.41 26.73
N ARG V 334 -65.46 70.27 26.79
CA ARG V 334 -66.69 70.09 26.03
C ARG V 334 -67.79 70.96 26.61
N SER V 335 -68.04 70.82 27.90
CA SER V 335 -69.08 71.60 28.54
C SER V 335 -68.75 73.08 28.62
N GLU V 336 -67.49 73.48 28.50
CA GLU V 336 -67.24 74.92 28.51
C GLU V 336 -67.40 75.57 27.15
N VAL V 337 -67.16 74.86 26.05
CA VAL V 337 -67.63 75.45 24.80
C VAL V 337 -69.15 75.36 24.74
N ALA V 338 -69.74 74.31 25.29
CA ALA V 338 -71.19 74.31 25.45
C ALA V 338 -71.67 75.44 26.36
N ARG V 339 -70.82 75.93 27.26
CA ARG V 339 -71.16 77.14 27.98
C ARG V 339 -71.11 78.34 27.04
N ASP V 340 -70.00 78.50 26.33
CA ASP V 340 -69.84 79.68 25.51
C ASP V 340 -70.61 79.60 24.20
N LEU V 341 -71.51 78.63 24.07
CA LEU V 341 -72.57 78.66 23.06
C LEU V 341 -73.96 78.39 23.62
N GLY V 342 -74.07 77.93 24.88
CA GLY V 342 -75.37 77.81 25.51
C GLY V 342 -76.12 76.54 25.25
N LEU V 343 -75.44 75.41 25.25
CA LEU V 343 -76.07 74.12 24.99
C LEU V 343 -75.88 73.18 26.18
N SER V 344 -76.79 72.22 26.28
CA SER V 344 -76.93 71.42 27.50
C SER V 344 -76.63 69.95 27.19
N TYR V 345 -75.35 69.60 27.19
CA TYR V 345 -74.95 68.20 27.16
C TYR V 345 -74.86 67.70 28.59
N THR V 346 -75.82 66.89 29.01
CA THR V 346 -75.75 66.21 30.29
C THR V 346 -76.74 65.06 30.33
N ARG V 347 -76.29 63.92 30.77
CA ARG V 347 -77.10 62.76 30.84
C ARG V 347 -78.33 63.01 31.69
N PRO V 348 -79.27 62.09 31.72
CA PRO V 348 -80.21 62.05 32.83
C PRO V 348 -79.49 61.69 34.12
N LEU V 349 -79.60 62.55 35.12
CA LEU V 349 -78.98 62.31 36.40
C LEU V 349 -79.94 61.55 37.29
N GLN V 350 -79.43 60.55 38.00
CA GLN V 350 -80.27 59.78 38.91
C GLN V 350 -80.68 60.67 40.06
N GLU V 351 -81.59 60.19 40.91
CA GLU V 351 -82.01 61.01 42.04
C GLU V 351 -80.85 61.40 42.93
N ASN V 352 -79.83 60.56 43.04
CA ASN V 352 -78.69 60.89 43.88
C ASN V 352 -77.91 62.06 43.32
N GLU V 353 -77.58 62.00 42.03
CA GLU V 353 -76.93 63.08 41.33
C GLU V 353 -77.80 64.31 41.25
N LYS V 354 -79.11 64.16 41.46
CA LYS V 354 -80.00 65.30 41.53
C LYS V 354 -79.96 65.98 42.87
N LYS V 355 -80.05 65.20 43.95
CA LYS V 355 -80.08 65.73 45.30
C LYS V 355 -78.72 66.28 45.74
N GLN V 356 -77.63 65.61 45.40
CA GLN V 356 -76.34 66.22 45.65
C GLN V 356 -76.22 67.58 44.97
N LEU V 357 -76.78 67.72 43.78
CA LEU V 357 -76.68 68.98 43.06
C LEU V 357 -77.63 70.05 43.58
N SER V 358 -78.85 69.69 43.93
CA SER V 358 -79.71 70.68 44.57
C SER V 358 -79.08 71.17 45.87
N HIS V 359 -78.49 70.26 46.65
CA HIS V 359 -77.80 70.66 47.87
C HIS V 359 -76.62 71.57 47.58
N GLN V 360 -75.85 71.28 46.54
CA GLN V 360 -74.76 72.17 46.17
C GLN V 360 -75.27 73.47 45.57
N ALA V 361 -76.56 73.55 45.30
CA ALA V 361 -77.14 74.76 44.72
C ALA V 361 -77.65 75.73 45.77
N LEU V 362 -77.75 75.29 47.01
CA LEU V 362 -78.36 76.05 48.09
C LEU V 362 -77.36 76.48 49.15
N TYR V 363 -76.08 76.23 48.95
CA TYR V 363 -75.11 76.57 49.98
C TYR V 363 -75.00 78.08 50.16
N TYR V 364 -75.19 78.85 49.11
CA TYR V 364 -75.10 80.28 49.29
C TYR V 364 -76.35 80.87 49.89
N GLU V 365 -77.51 80.29 49.62
CA GLU V 365 -78.68 80.69 50.38
C GLU V 365 -78.52 80.34 51.84
N ARG V 366 -77.86 79.21 52.14
CA ARG V 366 -77.53 78.88 53.52
C ARG V 366 -76.58 79.89 54.14
N LEU V 367 -75.56 80.34 53.41
CA LEU V 367 -74.67 81.35 53.95
C LEU V 367 -75.40 82.65 54.21
N ALA V 368 -76.28 83.05 53.30
CA ALA V 368 -77.02 84.30 53.48
C ALA V 368 -78.07 84.20 54.59
N LYS V 369 -78.63 83.02 54.82
CA LYS V 369 -79.59 82.85 55.90
C LYS V 369 -78.89 82.49 57.21
N PHE V 370 -77.58 82.24 57.15
CA PHE V 370 -76.81 81.88 58.33
C PHE V 370 -76.17 83.11 58.94
N LYS V 371 -75.36 83.82 58.16
CA LYS V 371 -74.67 84.96 58.73
C LYS V 371 -75.60 86.11 59.06
N MET V 372 -76.85 86.06 58.64
CA MET V 372 -77.66 87.28 58.70
C MET V 372 -78.60 87.29 59.90
N GLU V 373 -79.11 86.14 60.30
CA GLU V 373 -80.01 86.12 61.45
C GLU V 373 -79.48 85.33 62.64
N GLN V 374 -78.31 84.71 62.54
CA GLN V 374 -77.61 84.14 63.68
C GLN V 374 -76.13 84.44 63.56
N PRO V 375 -75.77 85.73 63.47
CA PRO V 375 -74.35 86.06 63.30
C PRO V 375 -73.60 85.73 64.57
N GLU V 376 -74.33 85.37 65.63
CA GLU V 376 -73.73 84.66 66.74
C GLU V 376 -73.13 83.33 66.32
N ALA V 377 -73.92 82.45 65.69
CA ALA V 377 -73.39 81.18 65.23
C ALA V 377 -72.36 81.39 64.13
N ALA V 378 -72.59 82.36 63.24
CA ALA V 378 -71.54 82.76 62.32
C ALA V 378 -70.25 83.07 63.05
N ARG V 379 -70.33 83.86 64.11
CA ARG V 379 -69.18 84.17 64.93
C ARG V 379 -68.68 82.96 65.70
N ALA V 380 -69.59 82.11 66.19
CA ALA V 380 -69.16 80.94 66.95
C ALA V 380 -68.27 80.03 66.10
N LEU V 381 -68.73 79.71 64.91
CA LEU V 381 -67.91 78.93 64.00
C LEU V 381 -66.74 79.73 63.45
N GLU V 382 -66.83 81.07 63.45
CA GLU V 382 -65.63 81.85 63.23
C GLU V 382 -64.54 81.47 64.23
N ARG V 383 -64.88 81.48 65.53
CA ARG V 383 -63.92 81.09 66.56
C ARG V 383 -63.43 79.67 66.32
N GLU V 384 -64.35 78.74 66.07
CA GLU V 384 -63.96 77.35 65.85
C GLU V 384 -62.92 77.23 64.73
N ARG V 385 -63.21 77.82 63.58
CA ARG V 385 -62.30 77.70 62.45
C ARG V 385 -61.08 78.57 62.61
N PHE V 386 -61.21 79.74 63.25
CA PHE V 386 -60.07 80.64 63.33
C PHE V 386 -59.00 80.09 64.25
N VAL V 387 -59.38 79.37 65.30
CA VAL V 387 -58.33 78.69 66.05
C VAL V 387 -57.71 77.56 65.22
N ARG V 388 -58.53 76.83 64.48
CA ARG V 388 -58.07 75.66 63.75
C ARG V 388 -57.13 76.00 62.62
N LYS V 389 -57.26 77.17 62.02
CA LYS V 389 -56.34 77.59 60.95
C LYS V 389 -54.94 77.85 61.47
N PHE V 390 -54.75 77.83 62.79
CA PHE V 390 -53.44 78.01 63.39
C PHE V 390 -52.97 76.79 64.16
N SER V 391 -53.89 76.03 64.73
CA SER V 391 -53.60 74.79 65.43
C SER V 391 -53.23 73.70 64.41
N GLY V 392 -53.35 72.44 64.80
CA GLY V 392 -53.29 71.39 63.82
C GLY V 392 -51.86 71.00 63.45
N MET V 393 -51.66 70.74 62.16
CA MET V 393 -50.35 70.33 61.69
C MET V 393 -49.54 71.49 61.10
N PHE V 394 -49.97 72.03 59.97
CA PHE V 394 -49.17 72.95 59.17
C PHE V 394 -49.83 74.32 59.13
N ALA V 395 -49.03 75.34 58.87
CA ALA V 395 -49.52 76.71 58.85
C ALA V 395 -49.01 77.53 57.68
N LYS V 396 -47.88 77.15 57.09
CA LYS V 396 -47.38 77.74 55.86
C LYS V 396 -47.64 76.79 54.73
N MET V 397 -47.32 77.21 53.51
CA MET V 397 -47.53 76.35 52.33
C MET V 397 -46.19 76.05 51.66
N ASP V 398 -45.71 74.84 51.87
CA ASP V 398 -44.52 74.30 51.23
C ASP V 398 -44.96 73.19 50.29
N ILE V 399 -44.04 72.68 49.48
CA ILE V 399 -44.43 71.47 48.77
C ILE V 399 -44.61 70.35 49.77
N LYS V 400 -43.73 70.27 50.78
CA LYS V 400 -43.94 69.29 51.84
C LYS V 400 -45.30 69.46 52.48
N SER V 401 -45.74 70.70 52.63
CA SER V 401 -47.03 70.96 53.22
C SER V 401 -48.17 70.51 52.30
N GLY V 402 -48.24 71.07 51.11
CA GLY V 402 -49.38 70.89 50.24
C GLY V 402 -49.06 70.13 48.98
N ALA V 403 -48.34 69.03 49.10
CA ALA V 403 -48.33 68.05 48.02
C ALA V 403 -49.66 67.31 48.05
N PRO V 404 -50.48 67.41 47.00
CA PRO V 404 -51.91 67.20 47.17
C PRO V 404 -52.30 65.78 47.54
N ASP V 405 -51.35 64.91 47.85
CA ASP V 405 -51.64 63.66 48.55
C ASP V 405 -50.45 63.34 49.45
N PHE V 406 -50.51 63.79 50.70
CA PHE V 406 -49.45 63.53 51.65
C PHE V 406 -49.13 62.04 51.81
N PRO V 407 -50.09 61.16 52.14
CA PRO V 407 -49.71 59.81 52.55
C PRO V 407 -48.91 59.06 51.53
N SER V 408 -49.20 59.25 50.25
CA SER V 408 -48.50 58.54 49.19
C SER V 408 -47.39 59.36 48.57
N THR V 409 -47.44 60.68 48.68
CA THR V 409 -46.26 61.43 48.28
C THR V 409 -45.09 61.17 49.23
N TYR V 410 -45.37 60.84 50.49
CA TYR V 410 -44.34 60.56 51.48
C TYR V 410 -44.59 59.14 51.98
N ARG V 411 -43.88 58.21 51.38
CA ARG V 411 -44.03 56.82 51.76
C ARG V 411 -43.15 56.47 52.94
N LYS V 412 -41.98 57.08 53.03
CA LYS V 412 -41.03 56.72 54.07
C LYS V 412 -41.53 57.09 55.47
N LEU V 413 -42.73 57.65 55.58
CA LEU V 413 -43.20 58.22 56.84
C LEU V 413 -44.65 57.88 57.17
N LEU V 414 -45.06 56.61 57.13
CA LEU V 414 -46.47 56.31 57.35
C LEU V 414 -46.71 55.24 58.40
N GLY V 415 -45.76 54.35 58.63
CA GLY V 415 -45.99 53.30 59.59
C GLY V 415 -45.42 53.67 60.95
N THR V 416 -44.28 54.36 60.91
CA THR V 416 -43.58 54.77 62.11
C THR V 416 -44.09 56.10 62.64
N LYS V 417 -43.87 57.18 61.90
CA LYS V 417 -44.18 58.50 62.41
C LYS V 417 -45.67 58.81 62.26
N VAL V 418 -46.15 58.91 61.03
CA VAL V 418 -47.49 59.44 60.76
C VAL V 418 -48.48 58.29 60.80
N VAL V 419 -48.96 57.96 61.98
CA VAL V 419 -49.91 56.87 62.12
C VAL V 419 -51.33 57.35 61.88
N ARG V 420 -51.50 58.54 61.30
CA ARG V 420 -52.83 59.00 60.94
C ARG V 420 -53.44 58.10 59.89
N TRP V 421 -52.67 57.77 58.85
CA TRP V 421 -53.08 56.92 57.76
C TRP V 421 -52.57 55.50 57.97
N ALA V 422 -53.41 54.51 57.66
CA ALA V 422 -53.01 53.13 57.85
C ALA V 422 -52.47 52.46 56.59
N SER V 423 -52.48 53.13 55.44
CA SER V 423 -52.02 52.58 54.18
C SER V 423 -51.33 53.66 53.36
N LYS V 424 -50.43 53.26 52.48
CA LYS V 424 -49.70 54.25 51.72
C LYS V 424 -50.44 54.76 50.51
N ARG V 425 -51.58 54.18 50.15
CA ARG V 425 -52.25 54.56 48.90
C ARG V 425 -53.73 54.32 48.95
N HIS V 426 -54.47 55.33 48.51
CA HIS V 426 -55.91 55.38 48.56
C HIS V 426 -56.53 55.81 47.23
N GLY V 427 -55.73 56.17 46.24
CA GLY V 427 -56.24 56.64 44.98
C GLY V 427 -55.26 56.59 43.82
N PRO V 428 -55.80 56.57 42.59
CA PRO V 428 -55.11 56.38 41.32
C PRO V 428 -54.01 57.35 40.96
N ALA W 71 -45.64 -47.18 -51.56
CA ALA W 71 -45.52 -45.82 -52.06
C ALA W 71 -46.90 -45.17 -52.19
N GLN W 72 -46.93 -43.83 -52.20
CA GLN W 72 -48.15 -43.05 -52.31
C GLN W 72 -47.79 -41.81 -53.10
N LEU W 73 -48.02 -41.84 -54.40
CA LEU W 73 -47.52 -40.75 -55.23
C LEU W 73 -48.28 -39.46 -54.92
N PRO W 74 -47.61 -38.33 -54.97
CA PRO W 74 -48.32 -37.08 -54.67
C PRO W 74 -49.30 -36.69 -55.75
N GLN W 75 -48.87 -36.68 -57.01
CA GLN W 75 -49.68 -36.12 -58.08
C GLN W 75 -51.06 -36.74 -58.14
N MET W 76 -51.18 -38.02 -57.79
CA MET W 76 -52.44 -38.72 -57.99
C MET W 76 -53.59 -38.08 -57.23
N ASP W 77 -53.47 -37.89 -55.93
CA ASP W 77 -54.52 -37.25 -55.15
C ASP W 77 -54.55 -35.76 -55.50
N TRP W 78 -55.39 -35.45 -56.49
CA TRP W 78 -55.57 -34.09 -57.00
C TRP W 78 -56.99 -33.61 -56.86
N GLU W 79 -57.97 -34.40 -57.28
CA GLU W 79 -59.36 -33.97 -57.21
C GLU W 79 -59.73 -33.55 -55.80
N HIS W 80 -58.87 -33.84 -54.82
CA HIS W 80 -58.97 -33.22 -53.52
C HIS W 80 -58.12 -31.97 -53.39
N MET W 81 -57.00 -31.86 -54.13
CA MET W 81 -56.11 -30.72 -53.92
C MET W 81 -56.57 -29.48 -54.68
N SER W 82 -57.56 -29.61 -55.56
CA SER W 82 -58.24 -28.41 -56.03
C SER W 82 -59.52 -28.13 -55.25
N ALA W 83 -59.98 -29.08 -54.44
CA ALA W 83 -61.06 -28.76 -53.52
C ALA W 83 -60.68 -27.60 -52.63
N ARG W 84 -59.42 -27.55 -52.21
CA ARG W 84 -58.94 -26.40 -51.45
C ARG W 84 -59.05 -25.12 -52.25
N SER W 85 -58.27 -25.01 -53.32
CA SER W 85 -58.21 -23.78 -54.09
C SER W 85 -59.54 -23.45 -54.76
N SER W 86 -60.56 -24.29 -54.58
CA SER W 86 -61.92 -23.88 -54.87
C SER W 86 -62.44 -22.98 -53.75
N SER W 87 -62.97 -21.83 -54.13
CA SER W 87 -63.48 -20.88 -53.16
C SER W 87 -64.74 -21.38 -52.43
N ASP W 88 -65.08 -22.65 -52.58
CA ASP W 88 -66.14 -23.24 -51.77
C ASP W 88 -65.57 -23.83 -50.48
N ALA W 89 -64.43 -24.50 -50.56
CA ALA W 89 -63.80 -25.00 -49.35
C ALA W 89 -62.98 -23.94 -48.65
N ILE W 90 -62.49 -22.94 -49.38
CA ILE W 90 -61.93 -21.76 -48.71
C ILE W 90 -62.93 -21.22 -47.70
N ARG W 91 -64.20 -21.10 -48.08
CA ARG W 91 -65.20 -20.63 -47.15
C ARG W 91 -65.47 -21.64 -46.05
N GLU W 92 -65.58 -22.91 -46.39
CA GLU W 92 -65.95 -23.90 -45.39
C GLU W 92 -64.82 -24.22 -44.42
N GLU W 93 -63.61 -23.75 -44.69
CA GLU W 93 -62.54 -23.87 -43.71
C GLU W 93 -62.19 -22.54 -43.05
N MET W 94 -62.40 -21.42 -43.74
CA MET W 94 -62.25 -20.13 -43.09
C MET W 94 -63.37 -19.88 -42.10
N HIS W 95 -64.54 -20.48 -42.31
CA HIS W 95 -65.53 -20.45 -41.26
C HIS W 95 -65.02 -21.13 -39.99
N ARG W 96 -64.33 -22.25 -40.14
CA ARG W 96 -63.75 -22.93 -38.98
C ARG W 96 -62.66 -22.09 -38.34
N LEU W 97 -61.76 -21.54 -39.15
CA LEU W 97 -60.70 -20.69 -38.61
C LEU W 97 -61.24 -19.49 -37.86
N VAL W 98 -62.32 -18.90 -38.34
CA VAL W 98 -62.96 -17.81 -37.62
C VAL W 98 -63.62 -18.30 -36.35
N GLU W 99 -64.31 -19.42 -36.38
CA GLU W 99 -64.84 -19.99 -35.14
C GLU W 99 -63.72 -20.26 -34.13
N GLY W 100 -62.51 -20.48 -34.60
CA GLY W 100 -61.39 -20.78 -33.75
C GLY W 100 -60.58 -19.61 -33.25
N ASP W 101 -60.54 -18.49 -33.98
CA ASP W 101 -59.80 -17.31 -33.55
C ASP W 101 -60.30 -16.73 -32.25
N ALA W 102 -61.47 -17.14 -31.78
CA ALA W 102 -62.09 -16.56 -30.60
C ALA W 102 -61.29 -16.89 -29.35
N VAL W 103 -61.76 -16.40 -28.21
CA VAL W 103 -61.11 -16.71 -26.95
C VAL W 103 -61.49 -18.12 -26.52
N GLN W 104 -60.52 -18.88 -26.05
CA GLN W 104 -60.74 -20.20 -25.50
C GLN W 104 -60.01 -20.35 -24.17
N HIS W 105 -60.63 -21.06 -23.25
CA HIS W 105 -60.12 -21.19 -21.89
C HIS W 105 -59.84 -22.65 -21.57
N GLN W 106 -59.11 -23.33 -22.47
CA GLN W 106 -58.75 -24.74 -22.26
C GLN W 106 -57.49 -25.01 -23.08
N ARG W 107 -56.34 -25.07 -22.39
CA ARG W 107 -55.05 -25.26 -23.06
C ARG W 107 -54.83 -26.70 -23.50
N VAL W 108 -55.35 -27.67 -22.76
CA VAL W 108 -55.26 -29.09 -23.09
C VAL W 108 -56.58 -29.74 -22.77
N PHE W 109 -56.65 -31.04 -23.01
CA PHE W 109 -57.90 -31.74 -22.82
C PHE W 109 -58.19 -31.95 -21.35
N ASN W 110 -58.99 -31.07 -20.77
CA ASN W 110 -59.38 -31.22 -19.38
C ASN W 110 -60.47 -32.27 -19.28
N GLU W 111 -60.28 -33.20 -18.33
CA GLU W 111 -61.24 -34.28 -18.19
C GLU W 111 -62.49 -33.81 -17.48
N ARG W 112 -62.39 -32.80 -16.61
CA ARG W 112 -63.61 -32.32 -15.99
C ARG W 112 -64.36 -31.37 -16.92
N ILE W 113 -63.66 -30.71 -17.86
CA ILE W 113 -64.36 -29.96 -18.91
C ILE W 113 -65.08 -30.93 -19.85
N TRP W 114 -64.39 -31.98 -20.28
CA TRP W 114 -65.04 -33.02 -21.05
C TRP W 114 -66.22 -33.60 -20.30
N TYR W 115 -66.07 -33.81 -19.00
CA TYR W 115 -67.16 -34.33 -18.20
C TYR W 115 -68.32 -33.37 -18.16
N GLU W 116 -68.05 -32.08 -18.02
CA GLU W 116 -69.11 -31.09 -18.05
C GLU W 116 -69.82 -31.09 -19.39
N GLU W 117 -69.08 -31.14 -20.48
CA GLU W 117 -69.69 -31.23 -21.81
C GLU W 117 -70.64 -32.41 -21.88
N GLU W 118 -70.13 -33.61 -21.61
CA GLU W 118 -70.94 -34.79 -21.70
C GLU W 118 -72.08 -34.82 -20.69
N GLU W 119 -71.97 -34.10 -19.59
CA GLU W 119 -73.09 -34.03 -18.66
C GLU W 119 -74.32 -33.44 -19.31
N ARG W 120 -74.20 -32.25 -19.88
CA ARG W 120 -75.34 -31.65 -20.58
C ARG W 120 -75.70 -32.44 -21.82
N ARG W 121 -74.71 -33.03 -22.49
CA ARG W 121 -75.01 -33.93 -23.60
C ARG W 121 -75.95 -35.04 -23.17
N ARG W 122 -75.76 -35.55 -21.96
CA ARG W 122 -76.64 -36.57 -21.41
C ARG W 122 -78.00 -35.98 -21.01
N LEU W 123 -77.98 -34.80 -20.38
CA LEU W 123 -79.24 -34.20 -19.92
C LEU W 123 -80.20 -33.95 -21.07
N GLN W 124 -79.73 -33.30 -22.15
CA GLN W 124 -80.62 -32.87 -23.21
C GLN W 124 -81.28 -34.03 -23.96
N THR W 125 -80.71 -35.23 -23.86
CA THR W 125 -81.17 -36.40 -24.60
C THR W 125 -82.68 -36.60 -24.57
N VAL W 148 -87.19 -5.95 -33.87
CA VAL W 148 -86.26 -5.70 -32.78
C VAL W 148 -86.45 -4.28 -32.23
N LEU W 149 -86.23 -4.10 -30.94
CA LEU W 149 -86.34 -2.79 -30.32
C LEU W 149 -84.93 -2.23 -30.14
N GLY W 150 -84.55 -1.28 -30.99
CA GLY W 150 -83.21 -0.73 -31.01
C GLY W 150 -82.88 0.04 -29.75
N ASN W 151 -81.83 0.86 -29.83
CA ASN W 151 -81.42 1.61 -28.66
C ASN W 151 -82.44 2.65 -28.24
N ASP W 152 -83.10 3.31 -29.19
CA ASP W 152 -84.05 4.36 -28.89
C ASP W 152 -85.12 3.89 -27.92
N TYR W 153 -85.65 2.70 -28.14
CA TYR W 153 -86.76 2.22 -27.32
C TYR W 153 -86.35 2.12 -25.85
N PHE W 154 -85.21 1.51 -25.59
CA PHE W 154 -84.75 1.41 -24.22
C PHE W 154 -84.29 2.75 -23.67
N GLN W 155 -83.87 3.67 -24.54
CA GLN W 155 -83.50 5.00 -24.06
C GLN W 155 -84.66 5.68 -23.34
N SER W 156 -85.88 5.58 -23.88
CA SER W 156 -87.01 6.07 -23.11
C SER W 156 -87.43 5.08 -22.04
N ARG W 157 -87.14 3.80 -22.24
CA ARG W 157 -87.44 2.81 -21.22
C ARG W 157 -86.63 3.11 -19.96
N PHE W 158 -87.30 3.18 -18.81
CA PHE W 158 -86.64 3.54 -17.56
C PHE W 158 -85.96 2.35 -16.91
N GLY W 159 -86.73 1.34 -16.51
CA GLY W 159 -86.27 0.24 -15.70
C GLY W 159 -85.53 -0.82 -16.47
N TYR W 160 -85.22 -0.55 -17.74
CA TYR W 160 -84.56 -1.57 -18.53
C TYR W 160 -83.21 -1.92 -17.97
N SER W 161 -82.24 -1.00 -18.05
CA SER W 161 -80.89 -1.32 -17.63
C SER W 161 -80.81 -1.70 -16.15
N LEU W 162 -81.88 -1.47 -15.38
CA LEU W 162 -82.01 -2.05 -14.06
C LEU W 162 -82.39 -3.51 -14.10
N VAL W 163 -83.32 -3.90 -14.97
CA VAL W 163 -83.59 -5.33 -15.14
C VAL W 163 -82.50 -6.02 -15.93
N LYS W 164 -81.73 -5.28 -16.73
CA LYS W 164 -80.62 -5.91 -17.41
C LYS W 164 -79.62 -6.46 -16.42
N GLN W 165 -79.10 -5.63 -15.52
CA GLN W 165 -78.09 -6.06 -14.57
C GLN W 165 -78.70 -6.50 -13.24
N SER W 166 -80.01 -6.55 -13.12
CA SER W 166 -80.61 -7.02 -11.89
C SER W 166 -80.18 -8.45 -11.60
N GLU W 167 -79.93 -8.72 -10.32
CA GLU W 167 -79.60 -10.04 -9.83
C GLU W 167 -80.78 -10.71 -9.14
N MET W 168 -81.88 -9.99 -8.96
CA MET W 168 -83.06 -10.57 -8.38
C MET W 168 -83.72 -11.49 -9.38
N PRO W 169 -84.65 -12.35 -8.96
CA PRO W 169 -85.31 -13.24 -9.91
C PRO W 169 -86.06 -12.47 -10.98
N GLN W 170 -85.97 -12.96 -12.21
CA GLN W 170 -86.80 -12.44 -13.28
C GLN W 170 -87.73 -13.53 -13.78
N GLY W 171 -89.00 -13.18 -13.93
CA GLY W 171 -90.01 -14.15 -14.23
C GLY W 171 -90.52 -14.82 -12.97
N VAL W 172 -91.47 -15.72 -13.18
CA VAL W 172 -92.19 -16.35 -12.09
C VAL W 172 -91.25 -17.28 -11.33
N THR W 173 -90.89 -16.88 -10.11
CA THR W 173 -89.92 -17.62 -9.31
C THR W 173 -90.51 -18.04 -7.96
N ASP W 174 -89.77 -18.89 -7.25
CA ASP W 174 -90.40 -19.73 -6.24
C ASP W 174 -90.82 -18.95 -5.01
N TYR W 175 -91.44 -19.68 -4.08
CA TYR W 175 -91.83 -19.15 -2.78
C TYR W 175 -91.16 -19.91 -1.65
N ASN W 176 -90.65 -21.10 -1.94
CA ASN W 176 -89.71 -21.75 -1.04
C ASN W 176 -88.42 -20.96 -0.89
N GLN W 177 -88.25 -19.89 -1.66
CA GLN W 177 -87.12 -18.97 -1.54
C GLN W 177 -87.48 -17.71 -0.79
N LEU W 178 -88.70 -17.59 -0.29
CA LEU W 178 -89.04 -16.40 0.47
C LEU W 178 -89.60 -16.75 1.83
N ASP W 179 -90.31 -17.88 1.94
CA ASP W 179 -91.06 -18.12 3.16
C ASP W 179 -90.10 -18.25 4.35
N MET W 180 -90.58 -17.87 5.53
CA MET W 180 -89.71 -17.82 6.68
C MET W 180 -89.09 -19.17 6.98
N TRP W 181 -89.92 -20.22 7.01
CA TRP W 181 -89.48 -21.52 7.50
C TRP W 181 -89.08 -22.45 6.37
N GLY W 182 -88.41 -21.94 5.35
CA GLY W 182 -87.95 -22.79 4.27
C GLY W 182 -87.00 -23.86 4.74
N GLU W 183 -85.77 -23.48 5.12
CA GLU W 183 -84.76 -24.45 5.55
C GLU W 183 -84.82 -24.62 7.06
N MET W 184 -86.01 -24.93 7.54
CA MET W 184 -86.30 -24.99 8.97
C MET W 184 -86.85 -26.37 9.32
N PRO W 185 -86.72 -26.78 10.58
CA PRO W 185 -87.20 -28.12 10.97
C PRO W 185 -88.72 -28.20 10.93
N LYS W 186 -89.20 -29.26 10.31
CA LYS W 186 -90.62 -29.57 10.29
C LYS W 186 -90.85 -30.72 11.26
N TYR W 187 -90.98 -30.40 12.53
CA TYR W 187 -91.04 -31.44 13.55
C TYR W 187 -92.35 -32.23 13.44
N THR W 188 -92.47 -33.22 14.31
CA THR W 188 -93.70 -33.95 14.51
C THR W 188 -94.08 -33.83 15.98
N ARG W 189 -95.22 -34.44 16.33
CA ARG W 189 -95.54 -34.58 17.74
C ARG W 189 -94.65 -35.62 18.41
N ASP W 190 -94.54 -36.80 17.80
CA ASP W 190 -93.88 -37.95 18.42
C ASP W 190 -92.40 -37.97 18.04
N MET W 191 -91.64 -37.18 18.77
CA MET W 191 -90.19 -37.12 18.61
C MET W 191 -89.55 -36.85 19.95
N VAL W 192 -88.40 -37.47 20.17
CA VAL W 192 -87.57 -37.21 21.34
C VAL W 192 -86.56 -36.17 20.94
N PHE W 193 -86.43 -35.14 21.76
CA PHE W 193 -85.51 -34.03 21.49
C PHE W 193 -84.39 -34.17 22.51
N LEU W 194 -83.28 -34.75 22.07
CA LEU W 194 -82.20 -35.14 22.96
C LEU W 194 -81.14 -34.05 22.94
N TYR W 195 -80.81 -33.55 24.13
CA TYR W 195 -79.81 -32.51 24.32
C TYR W 195 -78.45 -33.15 24.59
N LEU W 196 -77.42 -32.60 23.96
CA LEU W 196 -76.02 -32.91 24.21
C LEU W 196 -75.33 -31.66 24.75
N ILE W 197 -75.21 -31.56 26.07
CA ILE W 197 -74.70 -30.37 26.71
C ILE W 197 -73.24 -30.62 27.02
N SER W 198 -72.32 -30.19 26.15
CA SER W 198 -70.92 -30.51 26.29
C SER W 198 -70.15 -29.29 26.80
N ARG W 199 -69.97 -29.21 28.11
CA ARG W 199 -69.21 -28.13 28.73
C ARG W 199 -67.72 -28.46 28.71
N ARG W 200 -66.95 -27.69 29.48
CA ARG W 200 -65.50 -27.70 29.28
C ARG W 200 -64.84 -28.86 30.01
N ARG W 201 -65.30 -29.17 31.21
CA ARG W 201 -64.67 -30.23 32.01
C ARG W 201 -65.63 -31.37 32.29
N ASN W 202 -66.72 -31.42 31.56
CA ASN W 202 -67.78 -32.39 31.76
C ASN W 202 -68.77 -32.16 30.64
N THR W 203 -69.31 -33.26 30.13
CA THR W 203 -70.22 -33.18 28.99
C THR W 203 -71.34 -34.17 29.24
N TYR W 204 -72.54 -33.66 29.51
CA TYR W 204 -73.64 -34.51 29.86
C TYR W 204 -74.64 -34.58 28.73
N ALA W 205 -75.63 -35.46 28.90
CA ALA W 205 -76.65 -35.66 27.89
C ALA W 205 -78.00 -35.80 28.58
N VAL W 206 -79.03 -35.22 27.97
CA VAL W 206 -80.40 -35.26 28.48
C VAL W 206 -81.30 -35.55 27.28
N ALA W 207 -82.56 -35.86 27.55
CA ALA W 207 -83.58 -35.89 26.51
C ALA W 207 -84.84 -35.26 27.05
N TYR W 208 -85.68 -34.77 26.16
CA TYR W 208 -87.00 -34.30 26.51
C TYR W 208 -87.95 -34.74 25.41
N THR W 209 -89.22 -34.42 25.57
CA THR W 209 -90.16 -34.67 24.49
C THR W 209 -90.80 -33.35 24.05
N TYR W 210 -91.37 -33.35 22.85
CA TYR W 210 -91.87 -32.15 22.17
C TYR W 210 -92.65 -31.23 23.10
N GLU W 211 -93.29 -31.77 24.14
CA GLU W 211 -93.97 -30.96 25.14
C GLU W 211 -93.03 -30.49 26.24
N GLY W 212 -91.78 -30.93 26.19
CA GLY W 212 -90.88 -30.63 27.29
C GLY W 212 -90.93 -31.64 28.41
N LYS W 213 -91.27 -32.89 28.12
CA LYS W 213 -91.25 -33.91 29.15
C LYS W 213 -89.86 -34.50 29.23
N ARG W 214 -89.22 -34.35 30.39
CA ARG W 214 -87.93 -34.98 30.61
C ARG W 214 -88.11 -36.48 30.72
N ILE W 215 -87.40 -37.22 29.88
CA ILE W 215 -87.58 -38.67 29.85
C ILE W 215 -86.64 -39.35 30.84
N LEU W 216 -85.50 -38.73 31.11
CA LEU W 216 -84.68 -39.13 32.25
C LEU W 216 -83.68 -38.03 32.58
N SER W 217 -83.06 -38.16 33.75
CA SER W 217 -82.20 -37.12 34.28
C SER W 217 -80.92 -36.97 33.45
N THR W 218 -80.10 -36.04 33.92
CA THR W 218 -78.93 -35.58 33.17
C THR W 218 -77.74 -36.51 33.37
N TYR W 219 -77.55 -37.42 32.43
CA TYR W 219 -76.51 -38.43 32.57
C TYR W 219 -75.17 -37.81 32.21
N THR W 220 -74.22 -37.93 33.13
CA THR W 220 -73.11 -37.02 33.19
C THR W 220 -71.78 -37.77 33.26
N ALA W 221 -70.77 -37.16 32.64
CA ALA W 221 -69.41 -37.65 32.72
C ALA W 221 -68.84 -37.51 34.12
N GLY W 222 -69.65 -37.09 35.08
CA GLY W 222 -69.29 -37.15 36.48
C GLY W 222 -70.23 -38.05 37.25
N ASN W 223 -71.48 -38.12 36.79
CA ASN W 223 -72.49 -38.90 37.49
C ASN W 223 -72.30 -40.39 37.24
N ARG W 224 -71.73 -40.77 36.12
CA ARG W 224 -71.41 -42.18 35.88
C ARG W 224 -69.96 -42.49 36.21
N GLY W 225 -69.35 -41.65 37.02
CA GLY W 225 -67.92 -41.78 37.29
C GLY W 225 -67.14 -40.92 36.34
N LEU W 226 -66.05 -41.45 35.80
CA LEU W 226 -65.27 -40.91 34.69
C LEU W 226 -64.61 -39.58 35.03
N LYS W 227 -64.88 -39.00 36.20
CA LYS W 227 -64.54 -37.62 36.49
C LYS W 227 -63.78 -37.45 37.78
N GLY W 228 -64.11 -38.22 38.81
CA GLY W 228 -63.52 -38.07 40.13
C GLY W 228 -62.55 -39.19 40.46
N GLY W 229 -61.38 -38.79 40.97
CA GLY W 229 -60.30 -39.73 41.20
C GLY W 229 -59.85 -40.41 39.93
N ASP W 230 -59.34 -39.63 38.99
CA ASP W 230 -59.02 -40.10 37.64
C ASP W 230 -57.65 -39.55 37.26
N ARG W 231 -57.32 -39.64 35.97
CA ARG W 231 -55.99 -39.22 35.51
C ARG W 231 -55.77 -37.73 35.73
N GLY W 232 -56.81 -36.91 35.60
CA GLY W 232 -56.65 -35.50 35.90
C GLY W 232 -57.82 -34.70 35.40
N PHE W 233 -57.78 -33.41 35.68
CA PHE W 233 -58.78 -32.50 35.13
C PHE W 233 -58.61 -32.27 33.64
N ARG W 234 -57.42 -32.52 33.10
CA ARG W 234 -57.20 -32.26 31.68
C ARG W 234 -58.06 -33.15 30.81
N SER W 235 -58.40 -34.34 31.30
CA SER W 235 -59.34 -35.20 30.62
C SER W 235 -60.65 -35.32 31.38
N ASP W 236 -60.97 -34.33 32.21
CA ASP W 236 -62.24 -34.37 32.92
C ASP W 236 -63.41 -34.50 31.96
N GLY W 237 -63.34 -33.82 30.81
CA GLY W 237 -64.45 -33.83 29.89
C GLY W 237 -64.13 -34.03 28.43
N SER W 238 -63.10 -34.80 28.11
CA SER W 238 -62.72 -34.98 26.72
C SER W 238 -63.71 -35.88 25.98
N THR W 239 -63.35 -36.23 24.74
CA THR W 239 -64.28 -36.95 23.86
C THR W 239 -64.62 -38.34 24.41
N ASP W 240 -63.63 -39.04 24.96
CA ASP W 240 -63.86 -40.42 25.37
C ASP W 240 -64.95 -40.51 26.42
N ASN W 241 -64.85 -39.67 27.45
CA ASN W 241 -65.80 -39.75 28.54
C ASN W 241 -67.19 -39.31 28.10
N GLY W 242 -67.26 -38.28 27.24
CA GLY W 242 -68.55 -37.87 26.72
C GLY W 242 -69.23 -38.94 25.90
N HIS W 243 -68.48 -39.59 25.00
CA HIS W 243 -69.04 -40.72 24.26
C HIS W 243 -69.51 -41.80 25.19
N GLN W 244 -68.70 -42.16 26.18
CA GLN W 244 -69.12 -43.19 27.12
C GLN W 244 -70.45 -42.83 27.76
N VAL W 245 -70.60 -41.57 28.18
CA VAL W 245 -71.78 -41.21 28.96
C VAL W 245 -73.01 -41.09 28.07
N THR W 246 -72.86 -40.61 26.83
CA THR W 246 -74.04 -40.59 25.96
C THR W 246 -74.43 -42.00 25.51
N SER W 247 -73.45 -42.88 25.36
CA SER W 247 -73.79 -44.27 25.12
C SER W 247 -74.59 -44.83 26.28
N MET W 248 -74.15 -44.54 27.51
CA MET W 248 -74.93 -44.96 28.68
C MET W 248 -76.31 -44.31 28.72
N TYR W 249 -76.43 -43.08 28.24
CA TYR W 249 -77.74 -42.43 28.19
C TYR W 249 -78.68 -43.14 27.23
N LEU W 250 -78.20 -43.50 26.04
CA LEU W 250 -79.04 -44.26 25.12
C LEU W 250 -79.39 -45.62 25.68
N ASN W 251 -78.43 -46.23 26.40
CA ASN W 251 -78.66 -47.49 27.09
C ASN W 251 -79.97 -47.48 27.85
N ASP W 252 -80.29 -46.38 28.50
CA ASP W 252 -81.56 -46.26 29.20
C ASP W 252 -82.65 -45.68 28.33
N LEU W 253 -82.30 -44.83 27.36
CA LEU W 253 -83.32 -44.17 26.54
C LEU W 253 -84.15 -45.20 25.78
N LEU W 254 -83.49 -46.15 25.13
CA LEU W 254 -84.24 -47.14 24.35
C LEU W 254 -85.36 -47.82 25.13
N PRO W 255 -85.11 -48.54 26.23
CA PRO W 255 -86.24 -49.10 26.98
C PRO W 255 -87.17 -48.03 27.48
N LYS W 256 -86.64 -46.93 27.99
CA LYS W 256 -87.48 -45.87 28.54
C LYS W 256 -88.41 -45.29 27.50
N VAL W 257 -87.90 -44.93 26.33
CA VAL W 257 -88.76 -44.25 25.36
C VAL W 257 -89.74 -45.24 24.74
N ARG W 258 -89.33 -46.49 24.53
CA ARG W 258 -90.33 -47.43 24.06
C ARG W 258 -91.41 -47.63 25.13
N GLU W 259 -91.02 -47.55 26.39
CA GLU W 259 -91.98 -47.59 27.48
C GLU W 259 -92.94 -46.43 27.39
N LEU W 260 -92.44 -45.23 27.10
CA LEU W 260 -93.35 -44.09 27.04
C LEU W 260 -94.29 -44.20 25.85
N ARG W 261 -93.82 -44.74 24.72
CA ARG W 261 -94.71 -44.91 23.57
C ARG W 261 -95.83 -45.90 23.88
N ALA W 262 -95.50 -47.00 24.55
CA ALA W 262 -96.55 -47.89 25.02
C ALA W 262 -97.44 -47.21 26.05
N ASN W 263 -96.87 -46.31 26.86
CA ASN W 263 -97.64 -45.66 27.92
C ASN W 263 -98.65 -44.69 27.35
N GLU W 264 -98.30 -43.98 26.30
CA GLU W 264 -99.21 -43.02 25.68
C GLU W 264 -100.18 -43.70 24.73
N GLY W 265 -99.73 -44.70 23.98
CA GLY W 265 -100.67 -45.46 23.19
C GLY W 265 -100.30 -45.69 21.74
N ARG W 266 -99.05 -45.42 21.38
CA ARG W 266 -98.56 -45.77 20.06
C ARG W 266 -97.92 -47.15 20.15
N PRO W 267 -98.57 -48.19 19.68
CA PRO W 267 -97.98 -49.54 19.78
C PRO W 267 -96.84 -49.73 18.79
N ILE W 268 -95.88 -48.82 18.84
CA ILE W 268 -94.74 -48.87 17.93
C ILE W 268 -93.85 -50.03 18.37
N GLY W 269 -94.05 -51.19 17.76
CA GLY W 269 -93.43 -52.39 18.27
C GLY W 269 -92.01 -52.61 17.81
N ARG W 270 -91.80 -52.69 16.50
CA ARG W 270 -90.51 -53.11 15.96
C ARG W 270 -90.27 -52.40 14.63
N GLY W 271 -89.01 -52.35 14.21
CA GLY W 271 -88.64 -51.82 12.91
C GLY W 271 -88.77 -50.32 12.77
N GLU W 272 -89.59 -49.67 13.58
CA GLU W 272 -89.75 -48.23 13.53
C GLU W 272 -88.80 -47.56 14.51
N LYS W 273 -87.96 -46.67 13.98
CA LYS W 273 -86.91 -46.04 14.75
C LYS W 273 -87.50 -44.96 15.65
N ILE W 274 -86.64 -44.40 16.48
CA ILE W 274 -86.99 -43.30 17.38
C ILE W 274 -86.65 -42.01 16.66
N GLU W 275 -87.64 -41.12 16.53
CA GLU W 275 -87.42 -39.88 15.81
C GLU W 275 -86.73 -38.88 16.72
N LEU W 276 -85.44 -38.63 16.47
CA LEU W 276 -84.58 -37.90 17.39
C LEU W 276 -84.16 -36.56 16.83
N VAL W 277 -84.33 -35.49 17.60
CA VAL W 277 -83.80 -34.17 17.26
C VAL W 277 -82.64 -33.87 18.20
N VAL W 278 -81.45 -33.76 17.64
CA VAL W 278 -80.23 -33.66 18.43
C VAL W 278 -79.89 -32.18 18.61
N ARG W 279 -80.12 -31.66 19.83
CA ARG W 279 -79.79 -30.28 20.18
C ARG W 279 -78.47 -30.29 20.93
N VAL W 280 -77.44 -29.71 20.33
CA VAL W 280 -76.07 -29.88 20.77
C VAL W 280 -75.57 -28.54 21.29
N MET W 281 -75.46 -28.40 22.60
CA MET W 281 -74.68 -27.30 23.15
C MET W 281 -73.22 -27.74 23.13
N GLY W 282 -72.38 -27.02 22.38
CA GLY W 282 -71.08 -27.57 22.10
C GLY W 282 -69.88 -26.65 21.99
N PHE W 283 -69.10 -26.86 20.94
CA PHE W 283 -67.78 -26.31 20.62
C PHE W 283 -66.66 -26.94 21.45
N TYR W 284 -66.99 -27.76 22.43
CA TYR W 284 -66.00 -28.40 23.27
C TYR W 284 -65.60 -29.72 22.65
N ASN W 285 -64.95 -30.57 23.45
CA ASN W 285 -64.44 -31.82 22.92
C ASN W 285 -65.35 -32.99 23.26
N GLY W 286 -66.21 -32.85 24.25
CA GLY W 286 -67.10 -33.94 24.56
C GLY W 286 -68.23 -34.11 23.59
N ARG W 287 -68.29 -33.28 22.56
CA ARG W 287 -69.36 -33.40 21.59
C ARG W 287 -68.89 -34.10 20.33
N GLN W 288 -67.61 -33.94 19.99
CA GLN W 288 -67.08 -34.47 18.75
C GLN W 288 -67.26 -35.98 18.63
N GLY W 289 -67.06 -36.72 19.71
CA GLY W 289 -67.29 -38.15 19.68
C GLY W 289 -68.67 -38.56 20.12
N ALA W 290 -69.27 -37.83 21.06
CA ALA W 290 -70.66 -38.08 21.42
C ALA W 290 -71.54 -38.12 20.20
N VAL W 291 -71.24 -37.27 19.21
CA VAL W 291 -71.93 -37.38 17.93
C VAL W 291 -71.73 -38.74 17.28
N ARG W 292 -70.52 -39.30 17.33
CA ARG W 292 -70.30 -40.65 16.85
C ARG W 292 -71.11 -41.68 17.64
N ALA W 293 -71.25 -41.46 18.94
CA ALA W 293 -72.01 -42.38 19.78
C ALA W 293 -73.49 -42.35 19.45
N VAL W 294 -74.01 -41.20 19.07
CA VAL W 294 -75.42 -41.14 18.69
C VAL W 294 -75.52 -41.67 17.27
N GLN W 295 -74.42 -41.62 16.52
CA GLN W 295 -74.46 -42.12 15.16
C GLN W 295 -74.39 -43.64 15.10
N ASP W 296 -73.70 -44.27 16.05
CA ASP W 296 -73.71 -45.72 16.18
C ASP W 296 -75.10 -46.27 16.38
N ARG W 297 -76.05 -45.43 16.75
CA ARG W 297 -77.38 -45.86 17.16
C ARG W 297 -78.44 -45.32 16.21
N ALA W 298 -78.06 -45.11 14.94
CA ALA W 298 -79.05 -44.84 13.92
C ALA W 298 -79.79 -46.12 13.53
N ASN W 299 -79.26 -47.27 13.89
CA ASN W 299 -79.96 -48.52 13.70
C ASN W 299 -81.10 -48.70 14.68
N GLU W 300 -81.29 -47.76 15.59
CA GLU W 300 -82.53 -47.65 16.35
C GLU W 300 -83.14 -46.26 16.30
N PHE W 301 -82.37 -45.23 15.95
CA PHE W 301 -82.78 -43.83 16.06
C PHE W 301 -82.63 -43.15 14.72
N HIS W 302 -83.75 -42.76 14.14
CA HIS W 302 -83.72 -41.92 12.94
C HIS W 302 -83.62 -40.50 13.44
N VAL W 303 -82.41 -39.94 13.37
CA VAL W 303 -82.22 -38.54 13.75
C VAL W 303 -82.77 -37.69 12.61
N ARG W 304 -83.77 -36.87 12.92
CA ARG W 304 -84.43 -36.02 11.93
C ARG W 304 -83.66 -34.73 11.70
N TYR W 305 -83.40 -33.99 12.77
CA TYR W 305 -82.78 -32.68 12.67
C TYR W 305 -81.64 -32.57 13.67
N PHE W 306 -80.64 -31.83 13.28
CA PHE W 306 -79.36 -31.81 13.99
C PHE W 306 -78.89 -30.37 14.13
N GLU W 307 -79.10 -29.79 15.31
CA GLU W 307 -78.90 -28.38 15.53
C GLU W 307 -78.01 -28.15 16.73
N ASP W 308 -77.17 -27.12 16.66
CA ASP W 308 -76.34 -26.69 17.78
C ASP W 308 -76.90 -25.42 18.39
N ILE W 309 -76.93 -25.38 19.71
CA ILE W 309 -77.35 -24.17 20.41
C ILE W 309 -76.28 -23.83 21.43
N THR W 310 -75.28 -23.07 20.99
CA THR W 310 -74.27 -22.51 21.86
C THR W 310 -74.52 -21.02 21.92
N PRO W 311 -75.10 -20.50 23.01
CA PRO W 311 -75.52 -19.11 23.02
C PRO W 311 -74.34 -18.18 22.79
N PHE W 312 -74.58 -17.14 22.02
CA PHE W 312 -73.39 -16.33 21.92
C PHE W 312 -73.51 -15.10 22.80
N PRO W 313 -72.43 -14.67 23.37
CA PRO W 313 -72.42 -13.42 24.14
C PRO W 313 -72.36 -12.22 23.22
N LEU W 314 -73.48 -11.51 23.08
CA LEU W 314 -73.44 -10.21 22.42
C LEU W 314 -73.09 -9.11 23.41
N ASN W 315 -73.97 -8.89 24.39
CA ASN W 315 -73.68 -8.02 25.52
C ASN W 315 -74.40 -8.56 26.73
N GLY W 316 -73.70 -9.41 27.48
CA GLY W 316 -74.26 -9.99 28.66
C GLY W 316 -73.36 -9.71 29.83
N PRO W 317 -73.85 -9.97 31.03
CA PRO W 317 -73.18 -9.51 32.24
C PRO W 317 -71.83 -10.21 32.37
N LYS W 318 -71.09 -9.82 33.39
CA LYS W 318 -69.72 -10.29 33.52
C LYS W 318 -69.70 -11.81 33.60
N MET W 319 -68.61 -12.39 33.13
CA MET W 319 -68.28 -13.75 33.43
C MET W 319 -67.13 -13.77 34.43
N PRO W 320 -67.16 -14.70 35.37
CA PRO W 320 -66.21 -14.67 36.51
C PRO W 320 -64.77 -14.46 36.06
N ARG W 321 -64.10 -13.53 36.73
CA ARG W 321 -62.77 -13.10 36.31
C ARG W 321 -61.83 -14.28 36.18
N GLY W 322 -60.96 -14.22 35.18
CA GLY W 322 -60.00 -15.29 34.97
C GLY W 322 -58.84 -15.14 35.92
N VAL W 323 -57.62 -15.19 35.40
CA VAL W 323 -56.45 -14.95 36.22
C VAL W 323 -55.82 -13.59 35.95
N PHE W 324 -55.94 -13.06 34.73
CA PHE W 324 -55.26 -11.83 34.35
C PHE W 324 -56.17 -10.63 34.34
N LYS W 325 -57.28 -10.73 33.64
CA LYS W 325 -58.35 -9.77 33.73
C LYS W 325 -59.60 -10.36 33.10
N ALA X 10 0.37 74.99 -38.39
CA ALA X 10 -0.47 74.44 -37.33
C ALA X 10 -1.91 74.86 -37.52
N LYS X 11 -2.78 73.93 -37.91
CA LYS X 11 -4.19 74.23 -38.14
C LYS X 11 -5.03 73.56 -37.07
N VAL X 12 -5.48 74.37 -36.12
CA VAL X 12 -6.14 73.91 -34.91
C VAL X 12 -7.56 73.50 -35.23
N TYR X 13 -7.98 72.35 -34.70
CA TYR X 13 -9.36 71.91 -34.70
C TYR X 13 -9.91 71.98 -33.28
N GLY X 14 -11.23 72.12 -33.18
CA GLY X 14 -11.89 72.14 -31.90
C GLY X 14 -12.00 73.50 -31.26
N ALA X 15 -11.23 74.48 -31.72
CA ALA X 15 -11.16 75.79 -31.09
C ALA X 15 -12.53 76.42 -30.84
N HIS X 29 -8.28 89.47 -21.02
CA HIS X 29 -8.33 88.91 -19.68
C HIS X 29 -8.16 89.98 -18.62
N ARG X 30 -8.87 89.80 -17.52
CA ARG X 30 -8.95 90.83 -16.49
C ARG X 30 -7.63 91.08 -15.79
N LEU X 31 -6.76 90.09 -15.71
CA LEU X 31 -5.42 90.31 -15.20
C LEU X 31 -4.47 90.87 -16.25
N LEU X 32 -4.67 90.52 -17.50
CA LEU X 32 -3.72 90.95 -18.52
C LEU X 32 -3.89 92.40 -18.91
N HIS X 33 -5.13 92.86 -19.05
CA HIS X 33 -5.34 94.26 -19.42
C HIS X 33 -4.79 95.21 -18.37
N GLY X 34 -4.36 94.66 -17.24
CA GLY X 34 -3.71 95.43 -16.19
C GLY X 34 -4.51 96.62 -15.74
N LYS X 35 -5.83 96.52 -15.84
CA LYS X 35 -6.68 97.66 -15.58
C LYS X 35 -6.54 98.11 -14.14
N ARG X 36 -6.62 99.42 -13.93
CA ARG X 36 -6.46 99.98 -12.60
C ARG X 36 -7.63 99.58 -11.73
N GLU X 37 -7.34 98.70 -10.76
CA GLU X 37 -8.37 98.08 -9.95
C GLU X 37 -9.17 99.15 -9.19
N ARG X 38 -10.49 99.10 -9.35
CA ARG X 38 -11.34 100.11 -8.73
C ARG X 38 -11.18 100.04 -7.22
N GLN X 39 -10.90 101.19 -6.62
CA GLN X 39 -10.73 101.28 -5.18
C GLN X 39 -12.07 101.09 -4.51
N GLY X 40 -12.68 99.93 -4.70
CA GLY X 40 -13.98 99.70 -4.14
C GLY X 40 -14.01 99.98 -2.66
N SER X 41 -15.10 100.60 -2.22
CA SER X 41 -15.25 100.91 -0.81
C SER X 41 -15.07 99.66 0.01
N LEU X 42 -14.87 99.84 1.31
CA LEU X 42 -14.85 98.66 2.16
C LEU X 42 -16.11 97.84 1.98
N PHE X 43 -17.22 98.46 1.61
CA PHE X 43 -18.41 97.68 1.34
C PHE X 43 -18.38 97.02 -0.05
N ALA X 44 -17.93 97.74 -1.06
CA ALA X 44 -17.77 97.13 -2.39
C ALA X 44 -16.62 96.14 -2.41
N ILE X 45 -15.96 95.93 -1.28
CA ILE X 45 -14.97 94.86 -1.14
C ILE X 45 -15.56 93.70 -0.36
N ALA X 46 -16.10 93.98 0.82
CA ALA X 46 -16.70 92.92 1.60
C ALA X 46 -17.82 92.22 0.86
N ASN X 47 -18.72 92.94 0.19
CA ASN X 47 -19.86 92.28 -0.41
C ASN X 47 -19.42 91.33 -1.51
N ASP X 48 -18.46 91.74 -2.32
CA ASP X 48 -18.00 90.86 -3.39
C ASP X 48 -17.21 89.68 -2.83
N VAL X 49 -16.49 89.87 -1.72
CA VAL X 49 -15.85 88.73 -1.09
C VAL X 49 -16.87 87.68 -0.69
N LYS X 50 -17.93 88.12 0.01
CA LYS X 50 -18.96 87.17 0.42
C LYS X 50 -19.63 86.53 -0.78
N TYR X 51 -19.84 87.31 -1.84
CA TYR X 51 -20.56 86.82 -3.00
C TYR X 51 -19.74 85.79 -3.76
N ASP X 52 -18.48 86.08 -4.06
CA ASP X 52 -17.63 85.09 -4.68
C ASP X 52 -17.48 83.85 -3.81
N GLU X 53 -17.41 84.00 -2.48
CA GLU X 53 -17.34 82.82 -1.63
C GLU X 53 -18.57 81.94 -1.81
N LYS X 54 -19.76 82.54 -1.75
CA LYS X 54 -20.96 81.71 -1.87
C LYS X 54 -21.12 81.11 -3.25
N ARG X 55 -20.76 81.84 -4.31
CA ARG X 55 -20.82 81.25 -5.63
C ARG X 55 -19.83 80.11 -5.78
N LEU X 56 -18.66 80.23 -5.17
CA LEU X 56 -17.73 79.11 -5.21
C LEU X 56 -18.25 77.91 -4.42
N ARG X 57 -18.85 78.15 -3.26
CA ARG X 57 -19.44 77.04 -2.52
C ARG X 57 -20.46 76.30 -3.36
N GLN X 58 -21.37 77.03 -3.99
CA GLN X 58 -22.41 76.33 -4.73
C GLN X 58 -21.90 75.73 -6.02
N GLN X 59 -20.87 76.31 -6.63
CA GLN X 59 -20.25 75.65 -7.77
C GLN X 59 -19.58 74.35 -7.38
N LEU X 60 -18.93 74.31 -6.20
CA LEU X 60 -18.38 73.05 -5.73
C LEU X 60 -19.48 72.05 -5.44
N ASN X 61 -20.61 72.51 -4.91
CA ASN X 61 -21.68 71.56 -4.70
C ASN X 61 -22.20 71.01 -6.02
N ALA X 62 -22.23 71.83 -7.06
CA ALA X 62 -22.67 71.33 -8.37
C ALA X 62 -21.67 70.33 -8.95
N MET X 63 -20.37 70.58 -8.81
CA MET X 63 -19.40 69.61 -9.27
C MET X 63 -19.51 68.30 -8.50
N LEU X 64 -19.73 68.38 -7.19
CA LEU X 64 -19.91 67.14 -6.45
C LEU X 64 -21.20 66.43 -6.83
N GLU X 65 -22.25 67.18 -7.16
CA GLU X 65 -23.46 66.56 -7.66
C GLU X 65 -23.24 65.83 -8.97
N GLU X 66 -22.46 66.39 -9.89
CA GLU X 66 -22.17 65.71 -11.14
C GLU X 66 -21.15 64.59 -11.00
N GLU X 67 -20.40 64.57 -9.90
CA GLU X 67 -19.48 63.46 -9.68
C GLU X 67 -20.17 62.28 -9.00
N ARG X 68 -21.08 62.55 -8.06
CA ARG X 68 -21.77 61.51 -7.34
C ARG X 68 -23.09 61.13 -7.99
N LEU X 69 -23.16 61.21 -9.31
CA LEU X 69 -24.42 61.04 -10.03
C LEU X 69 -24.59 59.58 -10.44
N PRO X 70 -25.69 58.93 -10.07
CA PRO X 70 -25.88 57.53 -10.44
C PRO X 70 -26.40 57.41 -11.85
N PRO X 71 -25.81 56.53 -12.66
CA PRO X 71 -26.26 56.42 -14.05
C PRO X 71 -27.71 55.99 -14.22
N ARG X 72 -28.35 55.40 -13.19
CA ARG X 72 -29.80 55.23 -13.28
C ARG X 72 -30.48 56.52 -13.65
N THR X 73 -29.92 57.65 -13.19
CA THR X 73 -30.42 58.97 -13.52
C THR X 73 -29.59 59.65 -14.59
N ARG X 74 -28.37 59.20 -14.83
CA ARG X 74 -27.58 59.83 -15.88
C ARG X 74 -27.91 59.28 -17.26
N LEU X 75 -28.56 58.13 -17.33
CA LEU X 75 -28.94 57.53 -18.60
C LEU X 75 -30.28 58.03 -19.10
N GLU X 76 -30.73 59.20 -18.66
CA GLU X 76 -31.97 59.77 -19.13
C GLU X 76 -31.85 61.25 -19.46
N ARG X 77 -30.91 61.95 -18.85
CA ARG X 77 -30.79 63.38 -19.12
C ARG X 77 -30.54 63.63 -20.59
N ASN X 78 -29.80 62.74 -21.25
CA ASN X 78 -29.57 62.84 -22.69
C ASN X 78 -30.33 61.78 -23.48
N LYS X 79 -31.38 61.22 -22.89
CA LYS X 79 -32.33 60.37 -23.59
C LYS X 79 -33.71 61.00 -23.65
N ALA X 80 -33.97 62.01 -22.83
CA ALA X 80 -35.22 62.74 -22.82
C ALA X 80 -35.12 64.07 -23.55
N ASN X 81 -34.05 64.28 -24.33
CA ASN X 81 -33.88 65.52 -25.07
C ASN X 81 -34.88 65.67 -26.21
N GLY X 82 -35.62 64.62 -26.54
CA GLY X 82 -36.52 64.60 -27.66
C GLY X 82 -37.72 65.52 -27.57
N GLY X 83 -37.71 66.48 -26.65
CA GLY X 83 -38.78 67.44 -26.58
C GLY X 83 -38.70 68.45 -27.72
N GLU X 84 -39.74 68.54 -28.52
CA GLU X 84 -39.84 69.60 -29.52
C GLU X 84 -39.97 70.91 -28.78
N ALA X 85 -39.77 72.04 -29.46
CA ALA X 85 -39.92 73.32 -28.77
C ALA X 85 -41.37 73.57 -28.42
N LEU X 86 -42.28 73.32 -29.34
CA LEU X 86 -43.68 73.50 -29.02
C LEU X 86 -44.13 72.44 -28.01
N PRO X 87 -44.87 72.81 -26.99
CA PRO X 87 -45.56 71.80 -26.19
C PRO X 87 -46.74 71.25 -26.96
N GLN X 88 -46.49 70.26 -27.81
CA GLN X 88 -47.51 69.84 -28.75
C GLN X 88 -48.58 69.00 -28.10
N ARG X 89 -49.74 68.98 -28.74
CA ARG X 89 -50.86 68.11 -28.38
C ARG X 89 -50.41 66.64 -28.32
N ARG X 90 -51.03 65.88 -27.42
CA ARG X 90 -50.74 64.47 -27.33
C ARG X 90 -51.72 63.68 -28.21
N LEU X 91 -51.19 62.74 -28.98
CA LEU X 91 -51.97 62.09 -30.03
C LEU X 91 -52.96 61.12 -29.46
N VAL X 92 -54.20 61.19 -29.93
CA VAL X 92 -55.18 60.16 -29.62
C VAL X 92 -54.84 58.90 -30.38
N ASP X 93 -55.08 57.75 -29.75
CA ASP X 93 -54.78 56.47 -30.38
C ASP X 93 -55.99 55.54 -30.32
N LEU X 94 -55.79 54.27 -30.68
CA LEU X 94 -56.84 53.28 -30.70
C LEU X 94 -57.58 53.24 -29.37
N PRO X 95 -58.80 52.69 -29.36
CA PRO X 95 -59.53 52.60 -28.10
C PRO X 95 -58.70 52.12 -26.93
N GLY X 96 -57.92 51.06 -27.11
CA GLY X 96 -56.99 50.70 -26.05
C GLY X 96 -55.71 50.07 -26.54
N VAL X 97 -54.58 50.70 -26.23
CA VAL X 97 -53.27 50.13 -26.48
C VAL X 97 -52.45 50.34 -25.22
N GLU X 98 -52.95 51.23 -24.37
CA GLU X 98 -52.27 51.58 -23.13
C GLU X 98 -52.69 50.69 -21.96
N ARG X 99 -53.74 49.91 -22.14
CA ARG X 99 -54.12 48.93 -21.14
C ARG X 99 -53.04 47.86 -21.02
N ARG X 100 -52.78 47.46 -19.78
CA ARG X 100 -51.80 46.41 -19.52
C ARG X 100 -52.35 45.05 -19.92
N ARG X 101 -51.62 44.34 -20.76
CA ARG X 101 -51.97 42.98 -21.09
C ARG X 101 -52.06 42.14 -19.84
N ASP X 102 -52.54 40.91 -20.00
CA ASP X 102 -52.49 39.95 -18.93
C ASP X 102 -51.39 38.94 -19.19
N LEU X 103 -50.94 38.36 -18.18
CA LEU X 103 -49.83 37.50 -18.49
C LEU X 103 -50.33 36.13 -18.92
N PRO X 104 -49.74 35.54 -19.96
CA PRO X 104 -50.31 34.35 -20.56
C PRO X 104 -50.35 33.22 -19.54
N ALA X 105 -51.36 32.37 -19.64
CA ALA X 105 -51.45 31.25 -18.75
C ALA X 105 -52.44 30.26 -19.32
N ASP X 106 -51.97 29.05 -19.58
CA ASP X 106 -52.82 28.08 -20.25
C ASP X 106 -54.01 27.75 -19.36
N PRO X 107 -55.20 27.66 -19.93
CA PRO X 107 -56.40 27.55 -19.10
C PRO X 107 -56.73 26.15 -18.67
N ILE X 108 -56.19 25.12 -19.33
CA ILE X 108 -56.62 23.76 -19.11
C ILE X 108 -55.61 22.96 -18.31
N THR X 109 -54.32 23.13 -18.55
CA THR X 109 -53.30 22.61 -17.64
C THR X 109 -52.80 23.76 -16.80
N ARG X 110 -53.23 23.83 -15.55
CA ARG X 110 -53.02 25.07 -14.85
C ARG X 110 -53.22 24.88 -13.36
N LEU X 111 -52.64 25.83 -12.62
CA LEU X 111 -52.78 25.97 -11.18
C LEU X 111 -53.98 26.84 -10.85
N PHE X 112 -54.01 28.06 -11.36
CA PHE X 112 -55.20 28.89 -11.37
C PHE X 112 -55.24 29.63 -12.69
N PHE X 113 -56.44 30.00 -13.11
CA PHE X 113 -56.54 30.80 -14.31
C PHE X 113 -55.91 32.15 -14.05
N GLN X 114 -55.12 32.64 -14.98
CA GLN X 114 -54.63 33.99 -14.80
C GLN X 114 -55.82 34.90 -14.95
N HIS X 115 -56.39 35.31 -13.83
CA HIS X 115 -57.61 36.08 -13.85
C HIS X 115 -57.40 37.42 -14.53
N LYS X 116 -58.42 37.87 -15.24
CA LYS X 116 -58.21 39.03 -16.08
C LYS X 116 -58.03 40.28 -15.25
N GLY X 117 -57.68 41.38 -15.90
CA GLY X 117 -57.66 42.64 -15.20
C GLY X 117 -58.99 43.35 -15.18
N ASP X 118 -59.83 43.11 -16.17
CA ASP X 118 -61.14 43.73 -16.22
C ASP X 118 -61.98 43.39 -15.01
N HIS X 119 -61.75 42.24 -14.41
CA HIS X 119 -62.51 41.82 -13.25
C HIS X 119 -61.96 42.42 -11.97
N ALA X 120 -61.21 43.50 -12.09
CA ALA X 120 -60.53 44.06 -10.94
C ALA X 120 -61.48 44.43 -9.83
N LEU X 121 -62.77 44.44 -10.09
CA LEU X 121 -63.75 44.58 -9.03
C LEU X 121 -64.25 43.24 -8.55
N TYR X 122 -63.74 42.15 -9.11
CA TYR X 122 -64.08 40.85 -8.56
C TYR X 122 -63.07 40.40 -7.53
N TYR X 123 -61.89 40.98 -7.52
CA TYR X 123 -60.85 40.52 -6.62
C TYR X 123 -61.12 40.99 -5.20
N GLY X 124 -61.12 40.05 -4.27
CA GLY X 124 -61.12 40.35 -2.86
C GLY X 124 -59.70 40.44 -2.33
N THR X 125 -59.56 40.10 -1.06
CA THR X 125 -58.30 40.29 -0.38
C THR X 125 -57.74 38.95 0.09
N TYR X 126 -56.46 38.98 0.49
CA TYR X 126 -55.88 37.81 1.11
C TYR X 126 -56.73 37.33 2.28
N ASP X 127 -57.10 38.23 3.18
CA ASP X 127 -57.86 37.82 4.36
C ASP X 127 -59.26 37.37 3.98
N ASN X 128 -59.91 38.12 3.09
CA ASN X 128 -61.26 37.82 2.66
C ASN X 128 -61.26 37.63 1.15
N PRO X 129 -61.17 36.39 0.69
CA PRO X 129 -61.08 36.16 -0.74
C PRO X 129 -62.46 36.01 -1.37
N SER X 130 -62.47 36.13 -2.70
CA SER X 130 -63.66 36.03 -3.52
C SER X 130 -64.05 34.56 -3.69
N LEU X 131 -64.88 34.28 -4.68
CA LEU X 131 -65.13 32.90 -5.08
C LEU X 131 -64.55 32.70 -6.47
N GLN X 132 -63.27 32.34 -6.52
CA GLN X 132 -62.65 32.03 -7.79
C GLN X 132 -61.86 30.74 -7.64
N ASP X 133 -61.65 30.09 -8.78
CA ASP X 133 -60.98 28.79 -8.87
C ASP X 133 -61.64 27.76 -7.95
N GLU X 134 -62.87 27.43 -8.29
CA GLU X 134 -63.54 26.37 -7.56
C GLU X 134 -62.85 25.03 -7.77
N ASP X 135 -62.15 24.84 -8.89
CA ASP X 135 -61.50 23.56 -9.15
C ASP X 135 -60.38 23.26 -8.19
N ARG X 136 -59.89 24.27 -7.48
CA ARG X 136 -58.64 24.17 -6.75
C ARG X 136 -58.87 24.35 -5.26
N ILE X 137 -57.97 23.75 -4.49
CA ILE X 137 -57.91 23.96 -3.06
C ILE X 137 -57.62 25.41 -2.75
N GLN X 138 -57.86 25.80 -1.51
CA GLN X 138 -57.48 27.12 -1.07
C GLN X 138 -56.58 27.04 0.15
N ILE X 139 -55.47 27.75 0.09
CA ILE X 139 -54.64 27.96 1.27
C ILE X 139 -55.47 28.60 2.36
N GLU X 140 -55.13 28.32 3.61
CA GLU X 140 -55.80 29.01 4.70
C GLU X 140 -54.86 30.02 5.35
N LYS X 141 -55.42 30.88 6.18
CA LYS X 141 -54.61 31.87 6.86
C LYS X 141 -53.81 31.23 7.99
N ARG X 142 -53.00 32.02 8.67
CA ARG X 142 -52.13 31.52 9.72
C ARG X 142 -52.19 32.47 10.93
N GLU X 143 -53.20 32.31 11.76
CA GLU X 143 -53.50 33.17 12.89
C GLU X 143 -53.60 32.37 14.18
N PRO X 144 -52.71 32.58 15.12
CA PRO X 144 -52.66 31.76 16.33
C PRO X 144 -53.85 31.99 17.25
N ARG X 145 -53.73 31.46 18.48
CA ARG X 145 -54.83 31.34 19.43
C ARG X 145 -54.66 32.12 20.72
N TYR X 146 -53.50 32.05 21.38
CA TYR X 146 -53.33 32.50 22.77
C TYR X 146 -52.32 33.65 22.85
N TRP X 147 -51.86 33.88 24.08
CA TRP X 147 -50.63 34.64 24.32
C TRP X 147 -49.41 33.80 23.95
N THR X 148 -49.38 32.53 24.39
CA THR X 148 -48.18 31.69 24.36
C THR X 148 -47.69 31.34 22.96
N TYR X 149 -48.44 31.69 21.94
CA TYR X 149 -47.98 31.35 20.61
C TYR X 149 -47.32 32.56 19.95
N ASN X 150 -46.31 32.28 19.15
CA ASN X 150 -45.77 33.25 18.22
C ASN X 150 -46.83 33.54 17.18
N VAL X 151 -46.85 34.76 16.67
CA VAL X 151 -47.85 35.14 15.68
C VAL X 151 -47.19 35.08 14.31
N PHE X 152 -47.50 34.03 13.58
CA PHE X 152 -47.02 33.83 12.24
C PHE X 152 -47.51 34.95 11.33
N THR X 153 -47.12 34.87 10.08
CA THR X 153 -47.48 35.88 9.10
C THR X 153 -47.28 35.29 7.73
N PRO X 154 -47.91 35.85 6.70
CA PRO X 154 -47.62 35.40 5.35
C PRO X 154 -46.15 35.34 5.03
N VAL X 155 -45.33 36.24 5.57
CA VAL X 155 -43.92 36.16 5.25
C VAL X 155 -43.27 34.97 5.89
N TYR X 156 -43.79 34.52 7.02
CA TYR X 156 -43.25 33.33 7.64
C TYR X 156 -43.67 32.10 6.88
N ASP X 157 -44.96 32.02 6.59
CA ASP X 157 -45.47 30.84 5.93
C ASP X 157 -44.98 30.72 4.50
N PHE X 158 -44.70 31.82 3.81
CA PHE X 158 -44.14 31.70 2.48
C PHE X 158 -42.73 31.19 2.55
N CYS X 159 -41.99 31.59 3.57
CA CYS X 159 -40.63 31.09 3.69
C CYS X 159 -40.63 29.61 4.05
N HIS X 160 -41.60 29.14 4.81
CA HIS X 160 -41.53 27.74 5.13
C HIS X 160 -42.30 26.83 4.16
N ARG X 161 -43.29 27.34 3.42
CA ARG X 161 -43.67 26.68 2.18
C ARG X 161 -42.46 26.45 1.30
N ILE X 162 -41.72 27.50 0.98
CA ILE X 162 -40.62 27.32 0.07
C ILE X 162 -39.55 26.44 0.66
N ARG X 163 -39.31 26.53 1.96
CA ARG X 163 -38.27 25.67 2.54
C ARG X 163 -38.69 24.22 2.44
N GLU X 164 -39.95 23.90 2.76
CA GLU X 164 -40.35 22.51 2.67
C GLU X 164 -40.41 22.04 1.25
N ALA X 165 -40.77 22.88 0.30
CA ALA X 165 -40.78 22.36 -1.05
C ALA X 165 -39.40 22.16 -1.61
N THR X 166 -38.47 23.06 -1.35
CA THR X 166 -37.11 22.79 -1.77
C THR X 166 -36.53 21.61 -1.01
N GLU X 167 -37.11 21.26 0.13
CA GLU X 167 -36.68 20.05 0.82
C GLU X 167 -37.37 18.82 0.29
N GLN X 168 -38.49 18.98 -0.40
CA GLN X 168 -39.18 17.86 -1.03
C GLN X 168 -39.00 17.82 -2.53
N ARG X 169 -38.14 18.65 -3.07
CA ARG X 169 -37.87 18.69 -4.50
C ARG X 169 -39.13 18.85 -5.34
N LYS X 170 -40.08 19.63 -4.85
CA LYS X 170 -41.25 19.99 -5.62
C LYS X 170 -40.84 20.89 -6.77
N ARG X 171 -41.84 21.35 -7.52
CA ARG X 171 -41.59 22.31 -8.57
C ARG X 171 -42.39 23.58 -8.41
N PHE X 172 -43.71 23.48 -8.32
CA PHE X 172 -44.55 24.63 -8.09
C PHE X 172 -45.01 24.59 -6.65
N VAL X 173 -44.96 25.73 -5.99
CA VAL X 173 -45.57 25.87 -4.68
C VAL X 173 -46.69 26.85 -4.83
N ILE X 174 -47.77 26.62 -4.09
CA ILE X 174 -48.87 27.55 -4.01
C ILE X 174 -48.72 28.28 -2.69
N VAL X 175 -48.16 29.49 -2.76
CA VAL X 175 -47.59 30.26 -1.68
C VAL X 175 -48.52 31.43 -1.37
N PRO X 176 -48.72 31.77 -0.10
CA PRO X 176 -49.65 32.85 0.25
C PRO X 176 -49.36 34.13 -0.51
N SER X 177 -50.36 35.00 -0.57
CA SER X 177 -50.24 36.19 -1.40
C SER X 177 -50.57 37.43 -0.59
N THR X 178 -49.55 38.05 -0.07
CA THR X 178 -49.61 39.40 0.45
C THR X 178 -48.62 40.27 -0.29
N VAL X 179 -48.76 41.58 -0.13
CA VAL X 179 -47.96 42.48 -0.94
C VAL X 179 -46.49 42.22 -0.75
N GLU X 180 -46.04 41.99 0.47
CA GLU X 180 -44.62 41.73 0.63
C GLU X 180 -44.28 40.26 0.53
N THR X 181 -45.24 39.34 0.50
CA THR X 181 -44.88 38.00 0.07
C THR X 181 -44.50 37.99 -1.41
N ARG X 182 -45.34 38.53 -2.28
CA ARG X 182 -44.84 38.61 -3.65
C ARG X 182 -43.76 39.65 -3.81
N GLY X 183 -43.63 40.59 -2.88
CA GLY X 183 -42.43 41.39 -2.85
C GLY X 183 -41.19 40.53 -2.72
N CYS X 184 -41.12 39.74 -1.66
CA CYS X 184 -39.98 38.84 -1.52
C CYS X 184 -39.82 37.98 -2.75
N ALA X 185 -40.92 37.56 -3.37
CA ALA X 185 -40.76 36.65 -4.49
C ALA X 185 -40.19 37.36 -5.71
N ARG X 186 -40.59 38.60 -5.96
CA ARG X 186 -40.07 39.27 -7.14
C ARG X 186 -38.60 39.56 -7.03
N VAL X 187 -38.10 39.86 -5.84
CA VAL X 187 -36.67 40.06 -5.66
C VAL X 187 -35.90 38.76 -5.56
N MET X 188 -36.44 37.72 -4.93
CA MET X 188 -35.78 36.44 -5.03
C MET X 188 -35.63 36.04 -6.48
N LEU X 189 -36.68 36.19 -7.26
CA LEU X 189 -36.58 35.88 -8.68
C LEU X 189 -35.58 36.77 -9.38
N GLY X 190 -35.49 38.04 -9.00
CA GLY X 190 -34.45 38.87 -9.57
C GLY X 190 -33.08 38.41 -9.21
N HIS X 191 -32.94 37.80 -8.03
CA HIS X 191 -31.68 37.28 -7.52
C HIS X 191 -31.46 35.83 -7.89
N GLY X 192 -32.36 35.25 -8.66
CA GLY X 192 -32.16 33.94 -9.21
C GLY X 192 -32.39 32.80 -8.26
N LEU X 193 -32.95 33.05 -7.10
CA LEU X 193 -33.21 31.94 -6.21
C LEU X 193 -34.44 31.14 -6.62
N VAL X 194 -35.12 31.52 -7.69
CA VAL X 194 -36.41 30.96 -8.05
C VAL X 194 -36.56 30.98 -9.56
N ALA X 195 -36.96 29.85 -10.15
CA ALA X 195 -37.06 29.78 -11.59
C ALA X 195 -38.16 30.67 -12.10
N GLY X 196 -39.12 31.00 -11.26
CA GLY X 196 -40.09 32.00 -11.66
C GLY X 196 -41.19 32.05 -10.64
N PHE X 197 -42.02 33.06 -10.77
CA PHE X 197 -43.22 33.09 -9.97
C PHE X 197 -44.34 33.63 -10.83
N ARG X 198 -45.54 33.56 -10.28
CA ARG X 198 -46.69 34.04 -11.02
C ARG X 198 -47.74 34.47 -10.03
N ASP X 199 -48.28 35.64 -10.27
CA ASP X 199 -49.43 36.16 -9.57
C ASP X 199 -50.62 35.96 -10.50
N PHE X 200 -51.44 34.98 -10.19
CA PHE X 200 -52.67 34.80 -10.92
C PHE X 200 -53.74 35.74 -10.46
N HIS X 201 -53.36 36.79 -9.76
CA HIS X 201 -54.32 37.68 -9.13
C HIS X 201 -55.25 36.93 -8.22
N ASN X 202 -54.97 35.66 -8.00
CA ASN X 202 -55.73 34.92 -7.01
C ASN X 202 -55.62 35.67 -5.71
N ASP X 203 -56.75 36.13 -5.22
CA ASP X 203 -56.75 36.98 -4.05
C ASP X 203 -55.96 36.39 -2.90
N ARG X 204 -55.78 35.06 -2.88
CA ARG X 204 -55.16 34.38 -1.75
C ARG X 204 -53.78 33.80 -2.06
N ALA X 205 -53.59 33.22 -3.22
CA ALA X 205 -52.40 32.42 -3.48
C ALA X 205 -51.69 32.90 -4.73
N PHE X 206 -50.47 32.45 -4.89
CA PHE X 206 -49.75 32.62 -6.13
C PHE X 206 -48.63 31.63 -6.13
N ALA X 207 -48.11 31.30 -7.30
CA ALA X 207 -47.33 30.09 -7.45
C ALA X 207 -45.89 30.41 -7.73
N VAL X 208 -44.99 29.76 -7.01
CA VAL X 208 -43.56 29.97 -7.14
C VAL X 208 -42.93 28.70 -7.68
N GLU X 209 -42.35 28.78 -8.86
CA GLU X 209 -41.66 27.66 -9.49
C GLU X 209 -40.21 27.69 -9.12
N LEU X 210 -39.74 26.62 -8.50
CA LEU X 210 -38.44 26.56 -7.85
C LEU X 210 -37.38 26.07 -8.81
N LYS X 211 -36.17 26.55 -8.59
CA LYS X 211 -35.01 26.24 -9.40
C LYS X 211 -34.10 25.33 -8.61
N TYR X 212 -33.53 24.33 -9.30
CA TYR X 212 -32.64 23.35 -8.70
C TYR X 212 -31.33 23.30 -9.45
N PHE X 213 -30.34 22.71 -8.81
CA PHE X 213 -29.01 22.64 -9.36
C PHE X 213 -28.27 21.49 -8.73
N GLN X 214 -27.69 20.62 -9.55
CA GLN X 214 -26.90 19.50 -9.05
C GLN X 214 -27.66 18.74 -7.98
N GLY X 215 -28.96 18.68 -8.10
CA GLY X 215 -29.72 17.89 -7.16
C GLY X 215 -30.15 18.68 -5.94
N ASP X 216 -29.43 19.72 -5.60
CA ASP X 216 -29.77 20.48 -4.41
C ASP X 216 -30.40 21.81 -4.78
N SER X 217 -31.26 22.28 -3.90
CA SER X 217 -32.03 23.48 -4.13
C SER X 217 -31.12 24.68 -4.22
N THR X 218 -31.48 25.63 -5.07
CA THR X 218 -30.69 26.85 -5.14
C THR X 218 -30.93 27.72 -3.91
N ILE X 219 -32.12 27.69 -3.36
CA ILE X 219 -32.34 28.39 -2.10
C ILE X 219 -31.71 27.53 -1.02
N ASN X 220 -30.43 27.76 -0.75
CA ASN X 220 -29.70 26.95 0.22
C ASN X 220 -30.40 27.00 1.56
N VAL X 221 -30.57 28.20 2.09
CA VAL X 221 -31.40 28.41 3.26
C VAL X 221 -32.23 29.64 3.02
N ILE X 222 -33.37 29.69 3.70
CA ILE X 222 -34.25 30.83 3.62
C ILE X 222 -34.89 30.97 4.98
N GLU X 223 -34.70 32.10 5.61
CA GLU X 223 -35.18 32.29 6.96
C GLU X 223 -36.08 33.51 6.99
N PRO X 224 -37.08 33.53 7.85
CA PRO X 224 -37.76 34.79 8.15
C PRO X 224 -36.91 35.61 9.09
N CYS X 225 -37.00 36.93 8.94
CA CYS X 225 -36.34 37.81 9.88
C CYS X 225 -36.91 37.62 11.26
N ALA X 226 -38.16 37.22 11.36
CA ALA X 226 -38.81 37.05 12.64
C ALA X 226 -39.72 35.84 12.62
N TYR X 227 -39.41 34.88 13.48
CA TYR X 227 -40.30 33.77 13.76
C TYR X 227 -41.60 34.22 14.41
N ASP X 228 -41.78 35.52 14.53
CA ASP X 228 -42.92 36.13 15.16
C ASP X 228 -43.41 37.25 14.28
N GLY X 229 -44.68 37.60 14.42
CA GLY X 229 -45.16 38.78 13.75
C GLY X 229 -45.20 39.98 14.63
N LYS X 230 -45.38 39.76 15.92
CA LYS X 230 -45.48 40.86 16.86
C LYS X 230 -44.17 41.59 17.03
N THR X 231 -43.08 41.09 16.45
CA THR X 231 -41.76 41.68 16.56
C THR X 231 -41.23 42.08 15.18
N GLU X 232 -41.44 43.33 14.81
CA GLU X 232 -40.92 43.88 13.57
C GLU X 232 -39.49 44.35 13.80
N PHE X 233 -38.59 43.96 12.93
CA PHE X 233 -37.18 44.26 13.11
C PHE X 233 -36.77 45.27 12.06
N GLU X 234 -36.86 46.54 12.40
CA GLU X 234 -36.39 47.59 11.50
C GLU X 234 -34.88 47.49 11.45
N TRP X 235 -34.33 47.52 10.24
CA TRP X 235 -32.91 47.37 10.03
C TRP X 235 -32.30 48.75 9.84
N SER X 236 -31.33 49.08 10.67
CA SER X 236 -30.56 50.28 10.43
C SER X 236 -29.79 50.17 9.13
N PRO X 237 -29.63 51.26 8.39
CA PRO X 237 -28.78 51.17 7.20
C PRO X 237 -27.39 50.74 7.54
N LYS X 238 -26.93 50.96 8.76
CA LYS X 238 -25.62 50.41 9.08
C LYS X 238 -25.70 48.93 9.36
N MET X 239 -26.74 48.47 10.05
CA MET X 239 -26.91 47.03 10.13
C MET X 239 -26.81 46.41 8.77
N MET X 240 -27.59 46.90 7.81
CA MET X 240 -27.58 46.34 6.47
C MET X 240 -26.31 46.64 5.70
N ARG X 241 -25.46 47.51 6.18
CA ARG X 241 -24.19 47.65 5.51
C ARG X 241 -23.13 46.74 6.10
N ARG X 242 -23.34 46.24 7.30
CA ARG X 242 -22.42 45.27 7.88
C ARG X 242 -22.76 43.83 7.57
N LEU X 243 -23.64 43.60 6.60
CA LEU X 243 -23.84 42.26 6.06
C LEU X 243 -23.07 42.08 4.77
N MET X 244 -23.08 43.09 3.91
CA MET X 244 -22.34 43.05 2.69
C MET X 244 -20.87 43.32 2.91
N ASN X 245 -20.43 43.32 4.16
CA ASN X 245 -19.02 43.52 4.49
C ASN X 245 -18.55 42.36 5.33
N THR X 246 -18.19 41.27 4.68
CA THR X 246 -17.60 40.11 5.33
C THR X 246 -16.11 40.36 5.39
N HIS X 247 -15.62 40.64 6.59
CA HIS X 247 -14.20 40.81 6.93
C HIS X 247 -13.38 41.41 5.79
N GLY X 248 -13.92 42.46 5.21
CA GLY X 248 -13.20 43.25 4.24
C GLY X 248 -13.45 42.87 2.82
N ILE X 249 -14.24 41.83 2.59
CA ILE X 249 -14.62 41.40 1.25
C ILE X 249 -16.08 41.74 1.05
N HIS X 250 -16.36 42.54 0.03
CA HIS X 250 -17.72 42.97 -0.22
C HIS X 250 -18.52 41.78 -0.73
N ASN X 251 -19.60 41.48 -0.08
CA ASN X 251 -20.25 40.18 -0.26
C ASN X 251 -21.75 40.38 -0.40
N ARG X 252 -22.25 40.44 -1.63
CA ARG X 252 -23.68 40.49 -1.87
C ARG X 252 -24.28 39.11 -1.99
N LEU X 253 -23.71 38.14 -1.30
CA LEU X 253 -24.11 36.75 -1.51
C LEU X 253 -25.46 36.47 -0.89
N VAL X 254 -25.53 36.49 0.42
CA VAL X 254 -26.78 36.26 1.11
C VAL X 254 -27.65 37.49 0.93
N VAL X 255 -28.81 37.30 0.32
CA VAL X 255 -29.72 38.38 -0.03
C VAL X 255 -30.76 38.53 1.05
N TYR X 256 -30.94 39.75 1.53
CA TYR X 256 -31.85 40.05 2.62
C TYR X 256 -32.94 40.98 2.10
N ILE X 257 -34.18 40.60 2.31
CA ILE X 257 -35.33 41.35 1.83
C ILE X 257 -35.90 42.15 2.97
N CYS X 258 -36.00 43.45 2.77
CA CYS X 258 -36.53 44.37 3.77
C CYS X 258 -37.47 45.34 3.08
N ARG X 259 -38.58 45.63 3.74
CA ARG X 259 -39.62 46.48 3.18
C ARG X 259 -39.48 47.89 3.71
N THR X 260 -39.14 48.82 2.84
CA THR X 260 -38.75 50.14 3.32
C THR X 260 -39.95 50.90 3.89
N ALA X 261 -39.71 52.19 4.11
CA ALA X 261 -40.77 53.07 4.54
C ALA X 261 -41.67 53.47 3.40
N ASP X 262 -41.18 53.41 2.17
CA ASP X 262 -41.94 53.83 1.00
C ASP X 262 -42.89 52.78 0.54
N ASN X 263 -43.16 51.78 1.36
CA ASN X 263 -44.02 50.67 0.99
C ASN X 263 -43.45 49.92 -0.21
N ARG X 264 -42.15 49.97 -0.40
CA ARG X 264 -41.47 49.15 -1.40
C ARG X 264 -40.81 47.99 -0.68
N VAL X 265 -40.61 46.90 -1.41
CA VAL X 265 -40.00 45.70 -0.87
C VAL X 265 -38.73 45.47 -1.66
N ILE X 266 -37.58 45.67 -1.03
CA ILE X 266 -36.32 45.61 -1.75
C ILE X 266 -35.30 44.84 -0.96
N ASP X 267 -34.30 44.35 -1.68
CA ASP X 267 -33.18 43.72 -1.05
C ASP X 267 -32.36 44.74 -0.28
N HIS X 268 -31.53 44.24 0.61
CA HIS X 268 -30.64 45.15 1.31
C HIS X 268 -29.65 45.84 0.41
N ILE X 269 -29.41 45.34 -0.80
CA ILE X 269 -28.41 45.97 -1.65
C ILE X 269 -28.92 47.28 -2.22
N GLN X 270 -30.13 47.30 -2.76
CA GLN X 270 -30.72 48.58 -3.14
C GLN X 270 -31.20 49.35 -1.94
N ALA X 271 -31.35 48.72 -0.79
CA ALA X 271 -31.71 49.50 0.38
C ALA X 271 -30.54 50.31 0.88
N VAL X 272 -29.32 49.75 0.87
CA VAL X 272 -28.16 50.52 1.28
C VAL X 272 -27.49 51.24 0.12
N LYS X 273 -27.93 51.03 -1.11
CA LYS X 273 -27.46 51.92 -2.16
C LYS X 273 -28.25 53.22 -2.16
N GLU X 274 -29.35 53.27 -1.42
CA GLU X 274 -30.08 54.52 -1.20
C GLU X 274 -30.19 54.86 0.28
N ASN X 275 -29.51 54.10 1.15
CA ASN X 275 -29.29 54.47 2.53
C ASN X 275 -30.58 54.52 3.32
N VAL X 276 -31.57 53.77 2.91
CA VAL X 276 -32.77 53.63 3.70
C VAL X 276 -32.84 52.21 4.20
N GLY X 277 -33.35 52.05 5.40
CA GLY X 277 -33.52 50.73 5.97
C GLY X 277 -35.00 50.45 6.14
N GLY X 278 -35.35 49.18 6.17
CA GLY X 278 -36.74 48.81 6.18
C GLY X 278 -37.00 47.69 7.17
N ARG X 279 -38.27 47.43 7.39
CA ARG X 279 -38.71 46.30 8.16
C ARG X 279 -37.96 45.07 7.66
N GLY X 280 -37.50 44.23 8.56
CA GLY X 280 -36.88 43.00 8.12
C GLY X 280 -37.92 41.98 7.71
N LEU X 281 -37.77 41.45 6.50
CA LEU X 281 -38.70 40.45 6.01
C LEU X 281 -38.09 39.07 5.94
N ILE X 282 -37.03 38.87 5.16
CA ILE X 282 -36.42 37.55 5.09
C ILE X 282 -34.93 37.67 4.84
N MET X 283 -34.24 36.60 5.16
CA MET X 283 -32.87 36.37 4.76
C MET X 283 -32.93 35.17 3.85
N VAL X 284 -32.07 35.10 2.85
CA VAL X 284 -32.11 33.95 1.97
C VAL X 284 -30.77 33.85 1.28
N HIS X 285 -30.37 32.63 0.94
CA HIS X 285 -29.17 32.40 0.16
C HIS X 285 -29.02 30.97 -0.25
N MET Y 1 -37.68 -119.18 -12.97
CA MET Y 1 -36.91 -118.54 -14.03
C MET Y 1 -35.42 -118.85 -13.85
N TYR Y 2 -34.56 -117.97 -14.36
CA TYR Y 2 -33.13 -118.05 -14.18
C TYR Y 2 -32.62 -116.65 -13.84
N GLN Y 3 -31.29 -116.50 -13.84
CA GLN Y 3 -30.64 -115.20 -13.75
C GLN Y 3 -29.32 -115.25 -14.50
N LEU Y 4 -29.30 -114.62 -15.67
CA LEU Y 4 -28.16 -114.64 -16.58
C LEU Y 4 -27.27 -113.43 -16.32
N LEU Y 5 -25.97 -113.59 -16.56
CA LEU Y 5 -25.07 -112.46 -16.45
C LEU Y 5 -25.00 -111.66 -17.76
N SER Y 6 -25.73 -112.08 -18.79
CA SER Y 6 -25.61 -111.47 -20.11
C SER Y 6 -26.16 -110.04 -20.14
N PRO Y 7 -25.62 -109.20 -21.02
CA PRO Y 7 -26.21 -107.87 -21.23
C PRO Y 7 -27.65 -107.98 -21.66
N ARG Y 8 -28.55 -107.51 -20.79
CA ARG Y 8 -29.98 -107.69 -21.00
C ARG Y 8 -30.46 -106.92 -22.23
N THR Y 9 -30.02 -105.68 -22.40
CA THR Y 9 -30.42 -104.86 -23.52
C THR Y 9 -29.22 -104.42 -24.34
N ALA Y 10 -29.52 -103.84 -25.51
CA ALA Y 10 -28.47 -103.24 -26.33
C ALA Y 10 -27.72 -102.17 -25.56
N ARG Y 11 -28.35 -101.62 -24.52
CA ARG Y 11 -27.68 -100.67 -23.65
C ARG Y 11 -26.50 -101.34 -22.93
N HIS Y 12 -26.78 -102.38 -22.13
CA HIS Y 12 -25.71 -103.15 -21.50
C HIS Y 12 -24.73 -103.68 -22.54
N ALA Y 13 -25.23 -104.01 -23.73
CA ALA Y 13 -24.36 -104.52 -24.78
C ALA Y 13 -23.32 -103.49 -25.19
N ARG Y 14 -23.77 -102.27 -25.50
CA ARG Y 14 -22.85 -101.18 -25.78
C ARG Y 14 -21.88 -101.01 -24.64
N LEU Y 15 -22.36 -101.16 -23.41
CA LEU Y 15 -21.49 -100.91 -22.25
C LEU Y 15 -20.40 -101.96 -22.16
N PHE Y 16 -20.70 -103.22 -22.49
CA PHE Y 16 -19.67 -104.25 -22.45
C PHE Y 16 -18.71 -104.11 -23.61
N ARG Y 17 -19.23 -103.71 -24.77
CA ARG Y 17 -18.36 -103.39 -25.89
C ARG Y 17 -17.39 -102.29 -25.52
N LEU Y 18 -17.88 -101.26 -24.82
CA LEU Y 18 -17.03 -100.12 -24.49
C LEU Y 18 -16.03 -100.46 -23.39
N ALA Y 19 -16.42 -101.31 -22.44
CA ALA Y 19 -15.44 -101.74 -21.43
C ALA Y 19 -14.34 -102.59 -22.08
N ASN Y 20 -14.72 -103.42 -23.05
CA ASN Y 20 -13.70 -104.05 -23.89
C ASN Y 20 -12.82 -103.01 -24.54
N ASN Y 21 -13.42 -101.95 -25.08
CA ASN Y 21 -12.64 -100.90 -25.70
C ASN Y 21 -11.61 -100.35 -24.74
N LEU Y 22 -12.05 -100.01 -23.52
CA LEU Y 22 -11.16 -99.43 -22.53
C LEU Y 22 -9.99 -100.35 -22.22
N ALA Y 23 -10.28 -101.63 -21.92
CA ALA Y 23 -9.19 -102.52 -21.51
C ALA Y 23 -8.25 -102.81 -22.66
N SER Y 24 -8.79 -103.02 -23.86
CA SER Y 24 -7.97 -103.45 -24.98
C SER Y 24 -7.13 -102.29 -25.54
N SER Y 25 -7.63 -101.06 -25.39
CA SER Y 25 -6.81 -99.89 -25.71
C SER Y 25 -6.02 -99.48 -24.47
N PRO Y 26 -4.85 -98.88 -24.62
CA PRO Y 26 -4.06 -98.55 -23.41
C PRO Y 26 -4.70 -97.43 -22.61
N SER Y 27 -5.50 -96.58 -23.25
CA SER Y 27 -5.98 -95.36 -22.63
C SER Y 27 -6.85 -95.64 -21.42
N GLY Y 28 -6.44 -95.08 -20.28
CA GLY Y 28 -7.21 -95.15 -19.05
C GLY Y 28 -7.26 -96.51 -18.38
N THR Y 29 -6.32 -97.41 -18.70
CA THR Y 29 -6.41 -98.78 -18.22
C THR Y 29 -6.49 -98.86 -16.70
N ALA Y 30 -5.85 -97.92 -16.01
CA ALA Y 30 -5.90 -97.92 -14.55
C ALA Y 30 -7.32 -97.61 -14.08
N GLY Y 31 -7.93 -98.57 -13.39
CA GLY Y 31 -9.35 -98.54 -13.12
C GLY Y 31 -10.20 -99.37 -14.06
N VAL Y 32 -9.64 -99.82 -15.17
CA VAL Y 32 -10.25 -100.82 -16.04
C VAL Y 32 -9.88 -102.19 -15.49
N PRO Y 33 -10.79 -102.89 -14.82
CA PRO Y 33 -10.42 -104.19 -14.26
C PRO Y 33 -10.41 -105.23 -15.36
N LYS Y 34 -9.27 -105.91 -15.48
CA LYS Y 34 -9.06 -106.82 -16.60
C LYS Y 34 -10.15 -107.86 -16.70
N THR Y 35 -10.67 -108.30 -15.56
CA THR Y 35 -11.77 -109.25 -15.59
C THR Y 35 -12.97 -108.65 -16.34
N ASP Y 36 -13.36 -109.33 -17.42
CA ASP Y 36 -14.59 -108.94 -18.10
C ASP Y 36 -15.79 -109.04 -17.17
N GLY Y 37 -15.71 -109.89 -16.14
CA GLY Y 37 -16.77 -109.90 -15.14
C GLY Y 37 -16.89 -108.55 -14.46
N GLU Y 38 -15.76 -108.00 -14.01
CA GLU Y 38 -15.75 -106.64 -13.48
C GLU Y 38 -16.24 -105.65 -14.52
N ARG Y 39 -15.91 -105.89 -15.79
CA ARG Y 39 -16.44 -105.04 -16.84
C ARG Y 39 -17.97 -105.12 -16.90
N LEU Y 40 -18.53 -106.27 -16.55
CA LEU Y 40 -19.98 -106.39 -16.58
C LEU Y 40 -20.61 -105.70 -15.38
N LEU Y 41 -19.93 -105.73 -14.24
CA LEU Y 41 -20.35 -104.87 -13.14
C LEU Y 41 -20.42 -103.43 -13.61
N TRP Y 42 -19.32 -102.95 -14.18
CA TRP Y 42 -19.27 -101.68 -14.89
C TRP Y 42 -20.52 -101.47 -15.75
N VAL Y 43 -20.82 -102.46 -16.58
CA VAL Y 43 -21.91 -102.37 -17.54
C VAL Y 43 -23.23 -102.10 -16.82
N ASN Y 44 -23.67 -103.05 -16.00
CA ASN Y 44 -25.00 -102.96 -15.40
C ASN Y 44 -25.11 -101.76 -14.50
N SER Y 45 -24.02 -101.41 -13.82
CA SER Y 45 -23.99 -100.22 -12.98
C SER Y 45 -24.20 -98.97 -13.81
N HIS Y 46 -23.55 -98.89 -14.98
CA HIS Y 46 -23.75 -97.76 -15.88
C HIS Y 46 -25.19 -97.70 -16.37
N VAL Y 47 -25.78 -98.86 -16.65
CA VAL Y 47 -27.18 -98.89 -17.06
C VAL Y 47 -28.06 -98.26 -15.98
N LYS Y 48 -27.95 -98.75 -14.75
CA LYS Y 48 -28.79 -98.16 -13.71
C LYS Y 48 -28.45 -96.71 -13.47
N ARG Y 49 -27.20 -96.30 -13.75
CA ARG Y 49 -26.82 -94.90 -13.54
C ARG Y 49 -27.53 -93.97 -14.52
N ASN Y 50 -27.58 -94.35 -15.79
CA ASN Y 50 -28.30 -93.50 -16.74
C ASN Y 50 -29.81 -93.62 -16.55
N LYS Y 51 -30.27 -94.77 -16.03
CA LYS Y 51 -31.65 -94.84 -15.54
C LYS Y 51 -31.92 -93.78 -14.48
N ASP Y 52 -31.01 -93.66 -13.50
CA ASP Y 52 -31.15 -92.67 -12.43
C ASP Y 52 -31.11 -91.24 -12.98
N ILE Y 53 -30.21 -90.98 -13.94
CA ILE Y 53 -30.20 -89.68 -14.59
C ILE Y 53 -31.57 -89.35 -15.14
N GLU Y 54 -32.19 -90.31 -15.83
CA GLU Y 54 -33.50 -90.04 -16.41
C GLU Y 54 -34.57 -89.89 -15.33
N MET Y 55 -34.43 -90.60 -14.21
CA MET Y 55 -35.38 -90.41 -13.13
C MET Y 55 -35.32 -88.98 -12.61
N SER Y 56 -34.11 -88.44 -12.44
CA SER Y 56 -34.01 -87.06 -11.97
C SER Y 56 -34.58 -86.07 -12.98
N ILE Y 57 -34.24 -86.26 -14.27
CA ILE Y 57 -34.77 -85.34 -15.29
C ILE Y 57 -36.28 -85.32 -15.25
N GLU Y 58 -36.92 -86.50 -15.24
CA GLU Y 58 -38.38 -86.52 -15.25
C GLU Y 58 -38.95 -85.91 -13.98
N GLU Y 59 -38.35 -86.22 -12.82
CA GLU Y 59 -38.91 -85.77 -11.56
C GLU Y 59 -38.92 -84.24 -11.47
N GLU Y 60 -37.83 -83.59 -11.88
CA GLU Y 60 -37.85 -82.13 -11.87
C GLU Y 60 -38.78 -81.56 -12.95
N SER Y 61 -38.69 -82.11 -14.17
CA SER Y 61 -39.52 -81.61 -15.26
C SER Y 61 -40.99 -81.73 -14.92
N LEU Y 62 -41.32 -82.57 -13.95
CA LEU Y 62 -42.71 -82.69 -13.51
C LEU Y 62 -43.01 -81.79 -12.31
N ARG Y 63 -42.03 -81.60 -11.42
CA ARG Y 63 -42.24 -80.72 -10.27
C ARG Y 63 -42.45 -79.27 -10.70
N GLU Y 64 -42.07 -78.96 -11.95
CA GLU Y 64 -42.41 -77.67 -12.54
C GLU Y 64 -43.88 -77.32 -12.34
N ARG Y 65 -44.72 -78.33 -12.10
CA ARG Y 65 -46.15 -78.07 -11.96
C ARG Y 65 -46.48 -77.52 -10.59
N GLN Y 66 -45.82 -78.01 -9.55
CA GLN Y 66 -46.15 -77.59 -8.20
C GLN Y 66 -45.15 -76.65 -7.58
N LEU Y 67 -44.23 -76.06 -8.35
CA LEU Y 67 -43.51 -74.90 -7.84
C LEU Y 67 -44.50 -73.89 -7.26
N PRO Y 68 -44.21 -73.27 -6.08
CA PRO Y 68 -45.27 -72.87 -5.15
C PRO Y 68 -46.27 -71.80 -5.57
N LEU Y 69 -45.85 -70.54 -5.77
CA LEU Y 69 -46.79 -69.41 -5.78
C LEU Y 69 -46.23 -68.11 -6.38
N LYS Y 70 -47.03 -67.04 -6.30
CA LYS Y 70 -46.71 -65.63 -6.60
C LYS Y 70 -46.73 -65.19 -8.08
N LEU Y 71 -47.15 -66.05 -9.01
CA LEU Y 71 -46.96 -65.76 -10.43
C LEU Y 71 -48.07 -64.89 -11.03
N GLY Y 72 -48.78 -64.12 -10.20
CA GLY Y 72 -50.06 -63.54 -10.60
C GLY Y 72 -50.01 -62.13 -11.14
N GLU Y 73 -49.08 -61.83 -12.05
CA GLU Y 73 -49.08 -60.52 -12.68
C GLU Y 73 -49.75 -60.59 -14.06
N ASN Y 74 -50.66 -59.65 -14.31
CA ASN Y 74 -51.46 -59.63 -15.50
C ASN Y 74 -50.77 -58.72 -16.56
N ALA Y 75 -51.44 -58.26 -17.60
CA ALA Y 75 -50.76 -57.62 -18.72
C ALA Y 75 -51.18 -56.16 -18.91
N PHE Y 76 -51.31 -55.40 -17.82
CA PHE Y 76 -51.79 -54.02 -17.89
C PHE Y 76 -50.92 -53.02 -17.14
N THR Y 77 -49.61 -53.24 -17.03
CA THR Y 77 -48.76 -52.26 -16.33
C THR Y 77 -48.47 -51.06 -17.22
N SER Y 78 -48.12 -51.28 -18.48
CA SER Y 78 -47.92 -50.20 -19.43
C SER Y 78 -49.22 -49.72 -20.04
N SER Y 79 -50.35 -50.34 -19.70
CA SER Y 79 -51.66 -49.86 -20.11
C SER Y 79 -52.22 -48.91 -19.06
N ALA Y 80 -53.53 -48.64 -19.12
CA ALA Y 80 -54.17 -47.59 -18.34
C ALA Y 80 -53.97 -47.70 -16.83
N GLN Y 81 -53.30 -48.74 -16.33
CA GLN Y 81 -52.96 -48.78 -14.90
C GLN Y 81 -51.71 -47.96 -14.58
N ALA Y 82 -50.96 -47.53 -15.61
CA ALA Y 82 -49.84 -46.60 -15.43
C ALA Y 82 -50.24 -45.15 -15.66
N THR Y 83 -51.36 -44.91 -16.33
CA THR Y 83 -51.98 -43.59 -16.38
C THR Y 83 -53.42 -43.78 -15.92
N HIS Y 84 -53.67 -43.48 -14.66
CA HIS Y 84 -55.02 -43.49 -14.13
C HIS Y 84 -55.33 -42.11 -13.61
N GLY Y 85 -56.62 -41.83 -13.50
CA GLY Y 85 -57.08 -40.45 -13.38
C GLY Y 85 -56.43 -39.73 -12.23
N SER Y 86 -56.44 -38.41 -12.33
CA SER Y 86 -55.97 -37.59 -11.23
C SER Y 86 -56.95 -37.70 -10.07
N LEU Y 87 -56.62 -37.02 -8.99
CA LEU Y 87 -57.29 -37.26 -7.71
C LEU Y 87 -58.52 -36.40 -7.51
N PHE Y 88 -58.36 -35.08 -7.55
CA PHE Y 88 -59.49 -34.18 -7.63
C PHE Y 88 -59.53 -33.61 -9.03
N HIS Y 89 -60.74 -33.43 -9.54
CA HIS Y 89 -60.97 -33.05 -10.92
C HIS Y 89 -61.49 -31.62 -10.94
N PHE Y 90 -60.60 -30.68 -11.25
CA PHE Y 90 -60.88 -29.28 -11.31
C PHE Y 90 -61.10 -28.86 -12.76
N ARG Y 91 -61.54 -27.62 -12.93
CA ARG Y 91 -61.62 -27.04 -14.26
C ARG Y 91 -60.28 -26.41 -14.67
N GLU Y 92 -60.28 -25.82 -15.85
CA GLU Y 92 -59.05 -25.33 -16.43
C GLU Y 92 -58.52 -24.17 -15.61
N TYR Y 93 -57.22 -23.95 -15.71
CA TYR Y 93 -56.58 -22.89 -14.95
C TYR Y 93 -56.83 -21.54 -15.61
N PRO Y 94 -57.07 -20.50 -14.82
CA PRO Y 94 -57.28 -19.17 -15.41
C PRO Y 94 -56.14 -18.77 -16.32
N MET Y 95 -56.49 -18.08 -17.39
CA MET Y 95 -55.48 -17.66 -18.33
C MET Y 95 -54.73 -16.47 -17.76
N TYR Y 96 -53.41 -16.59 -17.68
CA TYR Y 96 -52.59 -15.55 -17.11
C TYR Y 96 -52.68 -14.29 -17.98
N PRO Y 97 -53.02 -13.15 -17.40
CA PRO Y 97 -53.05 -11.92 -18.18
C PRO Y 97 -51.76 -11.76 -18.95
N GLY Y 98 -51.88 -11.59 -20.26
CA GLY Y 98 -50.74 -11.61 -21.15
C GLY Y 98 -50.58 -12.90 -21.93
N GLU Y 99 -51.46 -13.87 -21.72
CA GLU Y 99 -51.38 -15.19 -22.30
C GLU Y 99 -52.68 -15.51 -23.04
N TYR Y 100 -52.60 -16.47 -23.96
CA TYR Y 100 -53.63 -16.70 -24.95
C TYR Y 100 -53.35 -18.00 -25.69
N VAL Y 101 -54.39 -18.74 -25.99
CA VAL Y 101 -54.18 -19.96 -26.79
C VAL Y 101 -53.68 -19.55 -28.17
N PRO Y 102 -52.53 -20.03 -28.61
CA PRO Y 102 -51.96 -19.51 -29.85
C PRO Y 102 -52.90 -19.69 -31.04
N ALA Y 103 -52.54 -19.08 -32.17
CA ALA Y 103 -53.41 -19.12 -33.33
C ALA Y 103 -53.28 -20.44 -34.08
N GLY Y 104 -54.41 -20.95 -34.54
CA GLY Y 104 -54.43 -22.17 -35.32
C GLY Y 104 -54.05 -23.42 -34.57
N HIS Y 105 -53.67 -23.28 -33.30
CA HIS Y 105 -53.37 -24.42 -32.45
C HIS Y 105 -54.66 -24.85 -31.78
N ASN Y 106 -55.15 -26.04 -32.16
CA ASN Y 106 -56.41 -26.56 -31.64
C ASN Y 106 -56.13 -27.21 -30.29
N THR Y 107 -56.99 -26.94 -29.31
CA THR Y 107 -56.81 -27.51 -27.99
C THR Y 107 -57.41 -28.90 -27.90
N LEU Y 108 -58.72 -29.00 -27.97
CA LEU Y 108 -59.41 -30.27 -27.77
C LEU Y 108 -59.32 -31.05 -29.07
N SER Y 109 -58.09 -31.29 -29.51
CA SER Y 109 -57.88 -32.13 -30.67
C SER Y 109 -57.44 -33.48 -30.15
N SER Y 110 -58.11 -34.53 -30.59
CA SER Y 110 -57.82 -35.88 -30.15
C SER Y 110 -57.08 -36.60 -31.27
N LEU Y 111 -56.87 -37.89 -31.07
CA LEU Y 111 -56.48 -38.77 -32.16
C LEU Y 111 -57.69 -39.33 -32.91
N ARG Y 112 -58.74 -39.71 -32.20
CA ARG Y 112 -60.01 -40.05 -32.82
C ARG Y 112 -60.56 -38.91 -33.63
N HIS Y 113 -60.21 -37.68 -33.28
CA HIS Y 113 -60.36 -36.58 -34.20
C HIS Y 113 -59.56 -36.87 -35.47
N GLU Y 114 -60.23 -36.76 -36.61
CA GLU Y 114 -59.63 -37.15 -37.86
C GLU Y 114 -58.31 -36.42 -38.09
N LEU Y 115 -57.46 -37.02 -38.91
CA LEU Y 115 -56.16 -36.42 -39.14
C LEU Y 115 -56.29 -35.22 -40.07
N ARG Y 116 -55.42 -34.23 -39.85
CA ARG Y 116 -55.43 -33.00 -40.61
C ARG Y 116 -54.59 -33.15 -41.87
N LEU Y 117 -54.21 -32.01 -42.46
CA LEU Y 117 -53.43 -32.08 -43.69
C LEU Y 117 -52.17 -31.25 -43.65
N GLU Y 118 -52.07 -30.29 -42.75
CA GLU Y 118 -50.97 -29.34 -42.74
C GLU Y 118 -49.68 -30.01 -42.28
N LEU Y 119 -48.61 -29.78 -43.04
CA LEU Y 119 -47.28 -30.27 -42.67
C LEU Y 119 -46.82 -29.39 -41.52
N THR Y 120 -47.16 -29.78 -40.29
CA THR Y 120 -46.71 -29.08 -39.10
C THR Y 120 -45.98 -30.04 -38.19
N ALA Y 121 -45.18 -29.49 -37.29
CA ALA Y 121 -44.58 -30.31 -36.26
C ALA Y 121 -45.65 -30.95 -35.39
N GLN Y 122 -46.69 -30.19 -35.04
CA GLN Y 122 -47.79 -30.75 -34.26
C GLN Y 122 -48.52 -31.84 -35.04
N SER Y 123 -48.77 -31.59 -36.32
CA SER Y 123 -49.47 -32.57 -37.13
C SER Y 123 -48.66 -33.85 -37.26
N LEU Y 124 -47.37 -33.75 -37.60
CA LEU Y 124 -46.53 -34.91 -37.66
C LEU Y 124 -46.55 -35.67 -36.35
N LYS Y 125 -46.41 -34.94 -35.24
CA LYS Y 125 -46.26 -35.62 -33.97
C LYS Y 125 -47.54 -36.35 -33.59
N GLU Y 126 -48.70 -35.80 -33.91
CA GLU Y 126 -49.93 -36.49 -33.52
C GLU Y 126 -50.26 -37.64 -34.47
N ALA Y 127 -50.00 -37.46 -35.77
CA ALA Y 127 -50.16 -38.56 -36.71
C ALA Y 127 -49.26 -39.73 -36.32
N TRP Y 128 -48.01 -39.43 -35.98
CA TRP Y 128 -47.10 -40.46 -35.51
C TRP Y 128 -47.62 -41.12 -34.25
N MET Y 129 -48.15 -40.33 -33.31
CA MET Y 129 -48.77 -40.93 -32.12
C MET Y 129 -49.81 -41.98 -32.53
N ARG Y 130 -50.54 -41.73 -33.61
CA ARG Y 130 -51.42 -42.79 -34.10
C ARG Y 130 -50.61 -43.94 -34.69
N ILE Y 131 -49.52 -43.61 -35.37
CA ILE Y 131 -48.89 -44.58 -36.28
C ILE Y 131 -47.97 -45.52 -35.51
N SER Y 132 -46.91 -45.00 -34.91
CA SER Y 132 -45.97 -45.80 -34.16
C SER Y 132 -46.47 -46.21 -32.80
N GLY Y 133 -47.66 -45.77 -32.41
CA GLY Y 133 -48.20 -46.21 -31.14
C GLY Y 133 -47.61 -45.43 -29.98
N GLY Y 134 -46.30 -45.57 -29.78
CA GLY Y 134 -45.65 -44.85 -28.70
C GLY Y 134 -44.19 -44.46 -28.85
N ILE Y 135 -43.63 -44.57 -30.05
CA ILE Y 135 -42.20 -44.28 -30.22
C ILE Y 135 -42.01 -42.78 -30.35
N TYR Y 136 -41.10 -42.22 -29.56
CA TYR Y 136 -40.73 -40.82 -29.65
C TYR Y 136 -39.23 -40.73 -29.48
N PHE Y 137 -38.58 -39.93 -30.32
CA PHE Y 137 -37.14 -39.86 -30.23
C PHE Y 137 -36.73 -38.46 -29.83
N GLN Y 138 -35.71 -38.38 -28.97
CA GLN Y 138 -35.26 -37.08 -28.51
C GLN Y 138 -34.51 -36.35 -29.61
N SER Y 139 -34.11 -37.07 -30.66
CA SER Y 139 -33.55 -36.44 -31.84
C SER Y 139 -33.69 -37.42 -32.99
N ALA Y 140 -33.04 -37.09 -34.11
CA ALA Y 140 -32.87 -38.09 -35.17
C ALA Y 140 -32.06 -39.27 -34.65
N ASP Y 141 -31.09 -39.00 -33.78
CA ASP Y 141 -30.11 -40.00 -33.44
C ASP Y 141 -30.60 -40.96 -32.36
N ASP Y 142 -31.65 -40.61 -31.62
CA ASP Y 142 -32.30 -41.65 -30.83
C ASP Y 142 -32.95 -42.68 -31.73
N TYR Y 143 -33.64 -42.23 -32.78
CA TYR Y 143 -34.17 -43.16 -33.75
C TYR Y 143 -33.05 -43.95 -34.39
N TYR Y 144 -31.93 -43.30 -34.66
CA TYR Y 144 -30.87 -44.02 -35.32
C TYR Y 144 -30.17 -45.01 -34.39
N ALA Y 145 -30.08 -44.71 -33.11
CA ALA Y 145 -29.56 -45.70 -32.18
C ALA Y 145 -30.56 -46.84 -31.99
N SER Y 146 -31.84 -46.56 -32.17
CA SER Y 146 -32.82 -47.64 -32.14
C SER Y 146 -32.68 -48.54 -33.36
N VAL Y 147 -32.49 -47.94 -34.54
CA VAL Y 147 -32.34 -48.71 -35.77
C VAL Y 147 -30.99 -49.40 -35.85
N ASP Y 148 -30.00 -48.94 -35.09
CA ASP Y 148 -28.80 -49.73 -34.84
C ASP Y 148 -28.11 -50.13 -36.14
N GLY Y 149 -27.59 -49.15 -36.87
CA GLY Y 149 -26.81 -49.43 -38.06
C GLY Y 149 -27.41 -48.98 -39.37
N LEU Y 150 -28.62 -48.41 -39.36
CA LEU Y 150 -29.19 -47.79 -40.55
C LEU Y 150 -28.62 -46.38 -40.66
N ASP Y 151 -27.77 -46.17 -41.64
CA ASP Y 151 -27.11 -44.89 -41.83
C ASP Y 151 -28.11 -43.90 -42.42
N ALA Y 152 -27.60 -42.73 -42.81
CA ALA Y 152 -28.46 -41.74 -43.46
C ALA Y 152 -28.82 -42.17 -44.88
N GLU Y 153 -27.82 -42.58 -45.66
CA GLU Y 153 -28.07 -43.05 -47.01
C GLU Y 153 -28.96 -44.29 -47.04
N GLN Y 154 -28.95 -45.08 -45.97
CA GLN Y 154 -29.76 -46.30 -45.95
C GLN Y 154 -31.26 -45.98 -45.92
N LEU Y 155 -31.61 -44.77 -45.50
CA LEU Y 155 -33.00 -44.33 -45.71
C LEU Y 155 -33.11 -43.40 -46.91
N GLY Y 156 -32.03 -42.72 -47.26
CA GLY Y 156 -32.06 -41.85 -48.43
C GLY Y 156 -32.42 -42.61 -49.69
N GLU Y 157 -31.80 -43.77 -49.89
CA GLU Y 157 -32.13 -44.60 -51.04
C GLU Y 157 -33.54 -45.16 -50.94
N VAL Y 158 -33.94 -45.61 -49.75
CA VAL Y 158 -35.30 -46.10 -49.57
C VAL Y 158 -36.31 -45.07 -50.07
N LEU Y 159 -36.09 -43.81 -49.74
CA LEU Y 159 -37.13 -42.85 -50.10
C LEU Y 159 -36.96 -42.30 -51.51
N ALA Y 160 -35.72 -42.24 -52.04
CA ALA Y 160 -35.57 -41.95 -53.46
C ALA Y 160 -36.29 -42.98 -54.30
N ALA Y 161 -36.39 -44.21 -53.79
CA ALA Y 161 -37.22 -45.21 -54.44
C ALA Y 161 -38.69 -44.93 -54.17
N LEU Y 162 -39.05 -44.81 -52.89
CA LEU Y 162 -40.46 -44.78 -52.50
C LEU Y 162 -41.22 -43.69 -53.24
N PHE Y 163 -40.65 -42.51 -53.34
CA PHE Y 163 -41.31 -41.49 -54.14
C PHE Y 163 -40.35 -41.01 -55.23
N PRO Y 164 -40.61 -41.32 -56.50
CA PRO Y 164 -39.56 -41.29 -57.50
C PRO Y 164 -39.28 -39.92 -58.09
N TYR Y 165 -40.27 -39.06 -58.05
CA TYR Y 165 -40.10 -37.71 -58.56
C TYR Y 165 -39.18 -36.88 -57.69
N LEU Y 166 -38.79 -37.39 -56.52
CA LEU Y 166 -37.77 -36.75 -55.71
C LEU Y 166 -36.39 -37.02 -56.29
N SER Y 167 -35.50 -36.05 -56.15
CA SER Y 167 -34.13 -36.25 -56.56
C SER Y 167 -33.35 -36.94 -55.45
N THR Y 168 -32.07 -37.18 -55.74
CA THR Y 168 -31.26 -38.03 -54.86
C THR Y 168 -31.16 -37.44 -53.46
N TYR Y 169 -30.48 -36.30 -53.32
CA TYR Y 169 -30.30 -35.70 -52.02
C TYR Y 169 -31.62 -35.27 -51.40
N GLU Y 170 -32.62 -34.99 -52.24
CA GLU Y 170 -33.91 -34.62 -51.72
C GLU Y 170 -34.58 -35.78 -51.00
N ALA Y 171 -34.36 -37.02 -51.45
CA ALA Y 171 -34.85 -38.14 -50.66
C ALA Y 171 -34.27 -38.13 -49.27
N GLN Y 172 -32.95 -38.03 -49.17
CA GLN Y 172 -32.27 -37.88 -47.88
C GLN Y 172 -32.84 -36.73 -47.08
N ALA Y 173 -33.18 -35.63 -47.75
CA ALA Y 173 -33.72 -34.50 -47.03
C ALA Y 173 -35.08 -34.84 -46.42
N LEU Y 174 -35.97 -35.48 -47.18
CA LEU Y 174 -37.23 -35.89 -46.58
C LEU Y 174 -36.98 -36.78 -45.37
N VAL Y 175 -36.03 -37.70 -45.50
CA VAL Y 175 -35.60 -38.50 -44.35
C VAL Y 175 -35.36 -37.61 -43.15
N GLN Y 176 -34.32 -36.78 -43.24
CA GLN Y 176 -33.88 -36.00 -42.11
C GLN Y 176 -35.00 -35.15 -41.58
N CYS Y 177 -35.83 -34.62 -42.47
CA CYS Y 177 -36.80 -33.64 -42.04
C CYS Y 177 -37.91 -34.29 -41.26
N THR Y 178 -38.35 -35.48 -41.66
CA THR Y 178 -39.38 -36.13 -40.85
C THR Y 178 -38.81 -36.55 -39.51
N LEU Y 179 -37.55 -37.00 -39.50
CA LEU Y 179 -36.89 -37.21 -38.22
C LEU Y 179 -36.95 -35.95 -37.37
N ASP Y 180 -36.32 -34.88 -37.84
CA ASP Y 180 -36.19 -33.63 -37.12
C ASP Y 180 -37.54 -33.05 -36.74
N SER Y 181 -38.60 -33.39 -37.46
CA SER Y 181 -39.89 -32.81 -37.17
C SER Y 181 -40.66 -33.62 -36.14
N ILE Y 182 -40.34 -34.91 -36.03
CA ILE Y 182 -40.88 -35.67 -34.90
C ILE Y 182 -39.87 -35.72 -33.76
N SER Y 183 -38.81 -34.94 -33.88
CA SER Y 183 -37.78 -34.87 -32.87
C SER Y 183 -37.50 -33.43 -32.49
N LYS Y 184 -36.36 -33.20 -31.84
CA LYS Y 184 -35.76 -31.89 -31.83
C LYS Y 184 -34.73 -31.78 -32.94
N PRO Y 185 -34.73 -30.70 -33.70
CA PRO Y 185 -33.70 -30.51 -34.73
C PRO Y 185 -32.28 -30.76 -34.26
N MET Y 186 -31.43 -31.16 -35.20
CA MET Y 186 -30.14 -31.74 -34.88
C MET Y 186 -29.05 -30.68 -34.79
N ASN Y 187 -28.02 -31.00 -34.02
CA ASN Y 187 -26.84 -30.16 -33.86
C ASN Y 187 -25.73 -30.75 -34.70
N THR Y 188 -25.53 -30.24 -35.91
CA THR Y 188 -24.49 -30.83 -36.73
C THR Y 188 -23.78 -29.76 -37.54
N ALA Y 189 -22.53 -30.04 -37.86
CA ALA Y 189 -21.77 -29.08 -38.65
C ALA Y 189 -22.39 -28.89 -40.03
N SER Y 190 -23.18 -29.87 -40.50
CA SER Y 190 -23.89 -29.66 -41.76
C SER Y 190 -24.89 -28.52 -41.64
N ARG Y 191 -25.89 -28.67 -40.78
CA ARG Y 191 -26.86 -27.61 -40.61
C ARG Y 191 -26.19 -26.32 -40.21
N GLN Y 192 -25.12 -26.40 -39.44
CA GLN Y 192 -24.51 -25.17 -38.92
C GLN Y 192 -23.79 -24.42 -40.03
N LEU Y 193 -23.07 -25.11 -40.91
CA LEU Y 193 -22.45 -24.40 -42.02
C LEU Y 193 -23.50 -23.91 -43.01
N SER Y 194 -24.62 -24.63 -43.13
CA SER Y 194 -25.75 -24.08 -43.87
C SER Y 194 -26.14 -22.72 -43.32
N ARG Y 195 -26.42 -22.66 -42.03
CA ARG Y 195 -26.85 -21.40 -41.41
C ARG Y 195 -25.83 -20.31 -41.62
N THR Y 196 -24.55 -20.61 -41.39
CA THR Y 196 -23.55 -19.56 -41.48
C THR Y 196 -23.40 -19.04 -42.89
N ILE Y 197 -23.16 -19.93 -43.85
CA ILE Y 197 -23.02 -19.53 -45.25
C ILE Y 197 -24.25 -18.74 -45.69
N THR Y 198 -25.43 -19.18 -45.27
CA THR Y 198 -26.66 -18.58 -45.77
C THR Y 198 -26.89 -17.19 -45.20
N ALA Y 199 -26.90 -17.06 -43.87
CA ALA Y 199 -27.03 -15.74 -43.28
C ALA Y 199 -25.96 -14.80 -43.81
N GLU Y 200 -24.76 -15.31 -44.06
CA GLU Y 200 -23.71 -14.47 -44.60
C GLU Y 200 -24.01 -13.99 -46.01
N ALA Y 201 -24.53 -14.86 -46.88
CA ALA Y 201 -24.93 -14.36 -48.18
C ALA Y 201 -26.14 -13.46 -48.08
N VAL Y 202 -26.87 -13.55 -46.97
CA VAL Y 202 -28.05 -12.71 -46.76
C VAL Y 202 -27.65 -11.26 -46.45
N GLY Y 203 -26.72 -11.07 -45.51
CA GLY Y 203 -26.15 -9.75 -45.30
C GLY Y 203 -26.83 -8.83 -44.29
N LEU Y 204 -26.51 -7.53 -44.31
CA LEU Y 204 -27.14 -6.59 -43.39
C LEU Y 204 -28.62 -6.48 -43.67
N ASP Y 205 -29.42 -6.39 -42.60
CA ASP Y 205 -30.84 -6.56 -42.79
C ASP Y 205 -31.57 -5.23 -42.70
N ASN Y 206 -32.91 -5.32 -42.72
CA ASN Y 206 -33.78 -4.16 -42.73
C ASN Y 206 -34.54 -3.99 -41.43
N ALA Y 207 -34.36 -4.87 -40.47
CA ALA Y 207 -34.76 -4.50 -39.13
C ALA Y 207 -33.99 -3.24 -38.76
N PRO Y 208 -34.58 -2.35 -37.96
CA PRO Y 208 -33.99 -1.02 -37.80
C PRO Y 208 -32.58 -1.04 -37.21
N GLY Y 209 -32.38 -1.74 -36.11
CA GLY Y 209 -31.09 -1.84 -35.48
C GLY Y 209 -30.33 -3.10 -35.80
N HIS Y 210 -30.32 -3.53 -37.05
CA HIS Y 210 -29.66 -4.77 -37.44
C HIS Y 210 -30.07 -5.90 -36.53
N TYR Y 211 -31.33 -5.87 -36.12
CA TYR Y 211 -31.77 -6.66 -34.98
C TYR Y 211 -31.63 -8.14 -35.24
N THR Y 212 -32.21 -8.63 -36.32
CA THR Y 212 -32.15 -10.06 -36.57
C THR Y 212 -30.74 -10.50 -36.91
N ASN Y 213 -29.93 -9.60 -37.47
CA ASN Y 213 -28.52 -9.91 -37.63
C ASN Y 213 -27.87 -10.14 -36.29
N PHE Y 214 -28.19 -9.30 -35.31
CA PHE Y 214 -27.57 -9.50 -34.01
C PHE Y 214 -28.13 -10.73 -33.35
N LEU Y 215 -29.40 -11.05 -33.58
CA LEU Y 215 -29.91 -12.31 -33.07
C LEU Y 215 -29.11 -13.47 -33.65
N ASP Y 216 -28.87 -13.43 -34.95
CA ASP Y 216 -28.16 -14.52 -35.62
C ASP Y 216 -26.72 -14.59 -35.18
N TRP Y 217 -26.09 -13.45 -34.89
CA TRP Y 217 -24.68 -13.48 -34.52
C TRP Y 217 -24.48 -13.88 -33.06
N MET Y 218 -25.39 -13.46 -32.19
CA MET Y 218 -25.45 -14.01 -30.85
C MET Y 218 -25.72 -15.50 -30.89
N GLY Y 219 -26.37 -15.98 -31.95
CA GLY Y 219 -26.40 -17.42 -32.16
C GLY Y 219 -25.09 -17.94 -32.68
N ARG Y 220 -24.43 -17.18 -33.55
CA ARG Y 220 -23.25 -17.67 -34.26
C ARG Y 220 -22.18 -18.05 -33.28
N LEU Y 221 -21.88 -17.15 -32.36
CA LEU Y 221 -20.87 -17.49 -31.36
C LEU Y 221 -21.41 -18.32 -30.21
N THR Y 222 -22.70 -18.63 -30.18
CA THR Y 222 -23.19 -19.48 -29.10
C THR Y 222 -22.86 -20.94 -29.34
N GLU Y 223 -22.58 -21.32 -30.58
CA GLU Y 223 -22.22 -22.69 -30.90
C GLU Y 223 -20.75 -22.83 -31.26
N THR Y 224 -19.91 -21.89 -30.87
CA THR Y 224 -18.49 -22.06 -31.08
C THR Y 224 -17.90 -22.97 -30.00
N ARG Y 225 -16.66 -23.41 -30.23
CA ARG Y 225 -15.90 -24.06 -29.19
C ARG Y 225 -15.75 -23.15 -27.98
N GLY Y 226 -15.35 -21.90 -28.22
CA GLY Y 226 -15.21 -20.93 -27.15
C GLY Y 226 -16.42 -20.90 -26.23
N PHE Y 227 -17.59 -21.15 -26.77
CA PHE Y 227 -18.74 -21.21 -25.88
C PHE Y 227 -18.71 -22.48 -25.06
N LYS Y 228 -18.34 -23.61 -25.66
CA LYS Y 228 -18.25 -24.83 -24.85
C LYS Y 228 -17.03 -24.79 -23.94
N THR Y 229 -15.96 -24.14 -24.38
CA THR Y 229 -14.83 -23.90 -23.48
C THR Y 229 -15.30 -23.15 -22.24
N GLU Y 230 -15.95 -22.01 -22.44
CA GLU Y 230 -16.35 -21.22 -21.29
C GLU Y 230 -17.46 -21.89 -20.53
N HIS Y 231 -18.28 -22.68 -21.21
CA HIS Y 231 -19.31 -23.43 -20.50
C HIS Y 231 -18.66 -24.42 -19.56
N ALA Y 232 -17.57 -25.04 -20.02
CA ALA Y 232 -16.81 -25.92 -19.17
C ALA Y 232 -16.23 -25.17 -17.99
N LEU Y 233 -15.57 -24.04 -18.25
CA LEU Y 233 -14.98 -23.27 -17.17
C LEU Y 233 -16.03 -22.88 -16.13
N PHE Y 234 -17.20 -22.51 -16.61
CA PHE Y 234 -18.30 -22.16 -15.71
C PHE Y 234 -18.74 -23.36 -14.89
N GLN Y 235 -18.88 -24.52 -15.53
CA GLN Y 235 -19.28 -25.72 -14.80
C GLN Y 235 -18.21 -26.15 -13.79
N PHE Y 236 -16.95 -25.96 -14.15
CA PHE Y 236 -15.86 -26.22 -13.23
C PHE Y 236 -16.04 -25.37 -11.98
N SER Y 237 -16.35 -24.10 -12.17
CA SER Y 237 -16.65 -23.24 -11.04
C SER Y 237 -17.85 -23.73 -10.22
N ARG Y 238 -18.48 -24.82 -10.63
CA ARG Y 238 -19.67 -25.29 -9.94
C ARG Y 238 -19.53 -26.70 -9.39
N ARG Y 239 -18.51 -27.44 -9.82
CA ARG Y 239 -18.19 -28.76 -9.24
C ARG Y 239 -19.26 -29.81 -9.53
N LYS Y 240 -19.55 -30.01 -10.82
CA LYS Y 240 -20.38 -31.13 -11.25
C LYS Y 240 -19.55 -32.36 -11.58
N PHE Y 241 -18.29 -32.39 -11.17
CA PHE Y 241 -17.34 -33.41 -11.58
C PHE Y 241 -16.76 -34.14 -10.39
N ASN Y 242 -15.75 -34.96 -10.66
CA ASN Y 242 -15.21 -35.86 -9.65
C ASN Y 242 -13.71 -36.04 -9.84
N ARG Y 243 -13.16 -36.92 -9.00
CA ARG Y 243 -11.72 -37.15 -8.98
C ARG Y 243 -11.21 -37.58 -10.34
N ASP Y 244 -11.93 -38.49 -10.99
CA ASP Y 244 -11.52 -38.95 -12.32
C ASP Y 244 -11.44 -37.79 -13.29
N ASP Y 245 -12.44 -36.92 -13.27
CA ASP Y 245 -12.39 -35.75 -14.12
C ASP Y 245 -11.15 -34.94 -13.84
N VAL Y 246 -10.85 -34.70 -12.57
CA VAL Y 246 -9.67 -33.91 -12.25
C VAL Y 246 -8.45 -34.56 -12.86
N ARG Y 247 -8.38 -35.89 -12.76
CA ARG Y 247 -7.17 -36.55 -13.21
C ARG Y 247 -7.03 -36.48 -14.71
N VAL Y 248 -8.14 -36.63 -15.45
CA VAL Y 248 -8.06 -36.58 -16.90
C VAL Y 248 -7.65 -35.20 -17.37
N MET Y 249 -8.17 -34.16 -16.72
CA MET Y 249 -7.70 -32.80 -16.98
C MET Y 249 -6.21 -32.68 -16.75
N PHE Y 250 -5.75 -33.15 -15.60
CA PHE Y 250 -4.33 -33.02 -15.32
C PHE Y 250 -3.53 -33.65 -16.43
N GLU Y 251 -3.91 -34.86 -16.83
CA GLU Y 251 -3.09 -35.60 -17.76
C GLU Y 251 -3.11 -34.97 -19.15
N ASN Y 252 -4.24 -34.38 -19.55
CA ASN Y 252 -4.27 -33.64 -20.79
C ASN Y 252 -3.35 -32.44 -20.72
N TYR Y 253 -3.25 -31.82 -19.54
CA TYR Y 253 -2.27 -30.74 -19.42
C TYR Y 253 -0.86 -31.30 -19.59
N LYS Y 254 -0.58 -32.40 -18.93
CA LYS Y 254 0.73 -33.01 -19.03
C LYS Y 254 1.11 -33.32 -20.48
N LEU Y 255 0.19 -33.89 -21.26
CA LEU Y 255 0.51 -34.24 -22.64
C LEU Y 255 0.89 -33.03 -23.49
N MET Y 256 0.63 -31.82 -23.02
CA MET Y 256 1.04 -30.63 -23.75
C MET Y 256 2.55 -30.49 -23.75
N SER Y 257 3.04 -29.49 -24.45
CA SER Y 257 4.45 -29.17 -24.38
C SER Y 257 4.64 -27.68 -24.21
N ARG Y 258 5.89 -27.27 -24.09
CA ARG Y 258 6.16 -25.84 -24.01
C ARG Y 258 5.70 -25.16 -25.29
N ALA Y 259 6.09 -25.69 -26.43
CA ALA Y 259 5.76 -25.09 -27.70
C ALA Y 259 4.26 -25.02 -27.91
N THR Y 260 3.55 -26.10 -27.60
CA THR Y 260 2.12 -26.12 -27.83
C THR Y 260 1.36 -25.26 -26.84
N LEU Y 261 1.87 -25.17 -25.59
CA LEU Y 261 1.28 -24.19 -24.67
C LEU Y 261 1.44 -22.78 -25.21
N ILE Y 262 2.66 -22.42 -25.61
CA ILE Y 262 2.92 -21.10 -26.15
C ILE Y 262 2.04 -20.84 -27.35
N ALA Y 263 1.81 -21.87 -28.17
CA ALA Y 263 0.97 -21.70 -29.34
C ALA Y 263 -0.48 -21.53 -28.95
N ASP Y 264 -1.09 -22.58 -28.41
CA ASP Y 264 -2.50 -22.59 -28.09
C ASP Y 264 -2.86 -21.70 -26.92
N SER Y 265 -1.94 -20.84 -26.49
CA SER Y 265 -2.34 -19.75 -25.62
C SER Y 265 -2.71 -18.49 -26.39
N ALA Y 266 -2.29 -18.36 -27.65
CA ALA Y 266 -2.53 -17.13 -28.41
C ALA Y 266 -4.01 -16.96 -28.75
N ASP Y 267 -4.74 -18.06 -28.88
CA ASP Y 267 -6.19 -18.00 -28.96
C ASP Y 267 -6.83 -17.65 -27.62
N SER Y 268 -6.14 -17.98 -26.52
CA SER Y 268 -6.51 -17.62 -25.17
C SER Y 268 -7.72 -18.38 -24.65
N TYR Y 269 -8.28 -19.27 -25.44
CA TYR Y 269 -9.24 -20.24 -24.92
C TYR Y 269 -8.84 -21.63 -25.37
N SER Y 270 -7.99 -21.66 -26.39
CA SER Y 270 -7.52 -22.92 -26.91
C SER Y 270 -6.97 -23.80 -25.81
N HIS Y 271 -6.13 -23.25 -24.93
CA HIS Y 271 -5.48 -24.09 -23.94
C HIS Y 271 -6.44 -24.52 -22.85
N PHE Y 272 -7.43 -23.70 -22.52
CA PHE Y 272 -8.45 -24.15 -21.57
C PHE Y 272 -9.22 -25.31 -22.14
N TYR Y 273 -9.38 -25.35 -23.47
CA TYR Y 273 -10.05 -26.50 -24.08
C TYR Y 273 -9.09 -27.68 -24.16
N THR Y 274 -7.82 -27.41 -24.42
CA THR Y 274 -6.84 -28.48 -24.43
C THR Y 274 -6.86 -29.20 -23.11
N VAL Y 275 -7.01 -28.46 -22.02
CA VAL Y 275 -7.05 -29.09 -20.71
C VAL Y 275 -8.40 -29.71 -20.44
N LEU Y 276 -9.45 -28.91 -20.38
CA LEU Y 276 -10.76 -29.39 -19.98
C LEU Y 276 -11.46 -30.19 -21.07
N LYS Y 277 -10.74 -30.57 -22.12
CA LYS Y 277 -11.38 -31.10 -23.32
C LYS Y 277 -12.25 -32.29 -23.00
N ASP Y 278 -11.75 -33.18 -22.16
CA ASP Y 278 -12.59 -34.28 -21.72
C ASP Y 278 -13.75 -33.78 -20.89
N PHE Y 279 -13.54 -32.73 -20.10
CA PHE Y 279 -14.63 -32.19 -19.29
C PHE Y 279 -15.65 -31.47 -20.17
N ALA Y 280 -15.20 -30.83 -21.25
CA ALA Y 280 -16.14 -30.23 -22.18
C ALA Y 280 -17.05 -31.30 -22.79
N ARG Y 281 -16.44 -32.35 -23.33
CA ARG Y 281 -17.22 -33.45 -23.88
C ARG Y 281 -18.12 -34.05 -22.82
N LYS Y 282 -17.71 -34.00 -21.55
CA LYS Y 282 -18.62 -34.49 -20.52
C LYS Y 282 -19.80 -33.56 -20.34
N VAL Y 283 -19.53 -32.32 -19.94
CA VAL Y 283 -20.60 -31.41 -19.51
C VAL Y 283 -21.60 -31.18 -20.63
N ALA Y 284 -21.16 -31.27 -21.88
CA ALA Y 284 -22.08 -31.18 -23.00
C ALA Y 284 -22.61 -32.53 -23.42
N GLY Y 285 -21.93 -33.61 -23.06
CA GLY Y 285 -22.33 -34.92 -23.53
C GLY Y 285 -23.04 -35.72 -22.47
N GLU Y 286 -24.34 -35.83 -22.62
CA GLU Y 286 -25.19 -36.58 -21.71
C GLU Y 286 -24.96 -38.07 -21.99
N ASP Y 287 -23.79 -38.56 -21.59
CA ASP Y 287 -23.47 -39.98 -21.75
C ASP Y 287 -22.29 -40.32 -20.85
N SER Y 288 -22.28 -41.58 -20.40
CA SER Y 288 -21.12 -42.18 -19.75
C SER Y 288 -20.56 -43.24 -20.70
N ARG Y 289 -19.53 -42.86 -21.45
CA ARG Y 289 -18.74 -43.85 -22.18
C ARG Y 289 -18.26 -44.95 -21.25
N HIS Y 290 -18.08 -44.61 -19.97
CA HIS Y 290 -17.46 -45.47 -18.99
C HIS Y 290 -18.51 -46.15 -18.12
N GLN Y 291 -18.76 -47.43 -18.40
CA GLN Y 291 -19.17 -48.39 -17.39
C GLN Y 291 -18.29 -49.60 -17.62
N ILE Y 292 -17.14 -49.61 -16.96
CA ILE Y 292 -16.15 -50.66 -17.12
C ILE Y 292 -16.61 -51.83 -16.26
N GLY Y 293 -17.10 -52.88 -16.90
CA GLY Y 293 -17.89 -53.87 -16.20
C GLY Y 293 -17.22 -54.53 -15.03
N VAL Y 294 -16.22 -55.36 -15.30
CA VAL Y 294 -15.53 -56.08 -14.25
C VAL Y 294 -14.09 -56.27 -14.69
N ARG Y 295 -13.16 -56.14 -13.77
CA ARG Y 295 -11.79 -56.48 -14.09
C ARG Y 295 -11.68 -57.99 -14.28
N ILE Y 296 -10.92 -58.40 -15.29
CA ILE Y 296 -10.71 -59.81 -15.61
C ILE Y 296 -9.21 -60.00 -15.86
N ASP Y 297 -8.57 -60.74 -14.96
CA ASP Y 297 -7.12 -60.80 -14.86
C ASP Y 297 -6.53 -61.86 -15.76
N GLU Y 298 -5.26 -62.12 -15.57
CA GLU Y 298 -4.50 -63.20 -16.17
C GLU Y 298 -4.33 -64.33 -15.17
N PRO Y 299 -4.09 -65.55 -15.63
CA PRO Y 299 -3.86 -66.64 -14.68
C PRO Y 299 -2.44 -66.60 -14.16
N GLU Y 300 -2.29 -66.60 -12.85
CA GLU Y 300 -0.96 -66.67 -12.25
C GLU Y 300 -0.85 -68.01 -11.54
N VAL Y 301 -0.49 -69.04 -12.30
CA VAL Y 301 -0.43 -70.41 -11.79
C VAL Y 301 1.03 -70.86 -11.80
N ASP Y 302 1.43 -71.55 -10.72
CA ASP Y 302 2.80 -72.04 -10.62
C ASP Y 302 3.05 -73.04 -11.74
N ALA Y 303 3.83 -72.60 -12.73
CA ALA Y 303 3.90 -73.33 -14.00
C ALA Y 303 4.26 -74.78 -13.79
N GLU Y 304 5.41 -75.04 -13.16
CA GLU Y 304 5.88 -76.41 -13.04
C GLU Y 304 4.94 -77.21 -12.16
N THR Y 305 4.35 -76.54 -11.17
CA THR Y 305 3.70 -77.20 -10.06
C THR Y 305 2.19 -77.39 -10.24
N GLY Y 306 1.56 -76.64 -11.15
CA GLY Y 306 0.15 -76.79 -11.39
C GLY Y 306 -0.73 -76.26 -10.29
N ILE Y 307 -0.22 -75.39 -9.44
CA ILE Y 307 -0.95 -74.90 -8.28
C ILE Y 307 -1.25 -73.42 -8.44
N ALA Y 308 -2.40 -73.00 -7.93
CA ALA Y 308 -2.68 -71.61 -7.67
C ALA Y 308 -2.58 -71.36 -6.18
N VAL Y 309 -1.94 -70.25 -5.82
CA VAL Y 309 -1.66 -69.93 -4.42
C VAL Y 309 -2.45 -68.69 -4.06
N GLY Y 310 -3.65 -68.90 -3.54
CA GLY Y 310 -4.54 -67.77 -3.25
C GLY Y 310 -4.76 -67.49 -1.78
N ARG Y 311 -4.71 -66.21 -1.40
CA ARG Y 311 -4.70 -65.85 0.01
C ARG Y 311 -6.13 -65.60 0.46
N GLY Y 312 -6.37 -65.76 1.76
CA GLY Y 312 -7.66 -65.43 2.32
C GLY Y 312 -7.54 -65.13 3.79
N CYS Y 313 -8.48 -64.40 4.36
CA CYS Y 313 -8.34 -64.04 5.76
C CYS Y 313 -9.68 -63.72 6.38
N ALA Y 314 -9.73 -63.86 7.69
CA ALA Y 314 -10.88 -63.56 8.51
C ALA Y 314 -10.35 -63.00 9.81
N ASP Y 315 -10.98 -61.91 10.24
CA ASP Y 315 -10.55 -61.09 11.35
C ASP Y 315 -9.20 -60.46 11.08
N GLY Y 316 -8.65 -60.62 9.89
CA GLY Y 316 -7.42 -59.96 9.51
C GLY Y 316 -6.20 -60.42 10.27
N GLU Y 317 -6.38 -60.98 11.45
CA GLU Y 317 -5.28 -61.50 12.24
C GLU Y 317 -5.49 -62.98 12.50
N LYS Y 318 -6.63 -63.31 13.09
CA LYS Y 318 -6.77 -64.60 13.77
C LYS Y 318 -6.91 -65.73 12.78
N TYR Y 319 -7.35 -65.43 11.57
CA TYR Y 319 -7.47 -66.47 10.54
C TYR Y 319 -6.87 -65.93 9.26
N GLN Y 320 -5.84 -66.60 8.76
CA GLN Y 320 -5.19 -66.17 7.53
C GLN Y 320 -4.68 -67.40 6.81
N PHE Y 321 -5.43 -67.85 5.82
CA PHE Y 321 -5.16 -69.10 5.15
C PHE Y 321 -4.70 -68.80 3.74
N THR Y 322 -4.25 -69.85 3.09
CA THR Y 322 -3.89 -69.81 1.68
C THR Y 322 -4.34 -71.14 1.07
N ALA Y 323 -4.93 -71.07 -0.11
CA ALA Y 323 -5.29 -72.25 -0.87
C ALA Y 323 -4.20 -72.54 -1.88
N LEU Y 324 -3.60 -73.71 -1.77
CA LEU Y 324 -2.89 -74.32 -2.88
C LEU Y 324 -3.89 -75.19 -3.63
N LEU Y 325 -4.42 -74.66 -4.72
CA LEU Y 325 -5.47 -75.27 -5.51
C LEU Y 325 -4.87 -75.87 -6.77
N ARG Y 326 -4.96 -77.18 -6.91
CA ARG Y 326 -4.25 -77.86 -7.98
C ARG Y 326 -5.25 -78.54 -8.91
N GLU Y 327 -4.95 -78.50 -10.20
CA GLU Y 327 -5.77 -79.14 -11.20
C GLU Y 327 -5.60 -80.65 -11.14
N ASN Y 328 -6.70 -81.35 -11.28
CA ASN Y 328 -6.76 -82.80 -11.05
C ASN Y 328 -7.40 -83.45 -12.26
N ARG Y 329 -6.58 -84.08 -13.11
CA ARG Y 329 -7.10 -84.65 -14.34
C ARG Y 329 -7.58 -86.08 -14.17
N ASP Y 330 -7.80 -86.53 -12.94
CA ASP Y 330 -8.18 -87.92 -12.71
C ASP Y 330 -9.48 -88.05 -11.93
N HIS Y 331 -10.29 -87.00 -11.85
CA HIS Y 331 -11.64 -87.04 -11.28
C HIS Y 331 -11.68 -87.49 -9.83
N ASN Y 332 -10.54 -87.63 -9.16
CA ASN Y 332 -10.50 -88.12 -7.79
C ASN Y 332 -10.61 -86.95 -6.81
N GLY Y 333 -11.85 -86.62 -6.46
CA GLY Y 333 -12.09 -85.50 -5.58
C GLY Y 333 -11.42 -85.67 -4.25
N ALA Y 334 -10.82 -84.58 -3.78
CA ALA Y 334 -10.16 -84.57 -2.48
C ALA Y 334 -9.88 -83.13 -2.07
N ILE Y 335 -10.43 -82.75 -0.91
CA ILE Y 335 -10.19 -81.43 -0.35
C ILE Y 335 -9.44 -81.59 0.96
N THR Y 336 -8.37 -80.84 1.12
CA THR Y 336 -7.43 -80.98 2.23
C THR Y 336 -7.32 -79.65 2.96
N ILE Y 337 -7.26 -79.71 4.28
CA ILE Y 337 -7.00 -78.52 5.10
C ILE Y 337 -5.94 -78.90 6.11
N MET Y 338 -4.97 -78.00 6.33
CA MET Y 338 -3.81 -78.22 7.20
C MET Y 338 -3.29 -79.65 7.14
N GLY Y 339 -3.09 -80.15 5.93
CA GLY Y 339 -2.46 -81.43 5.73
C GLY Y 339 -3.32 -82.61 6.08
N LYS Y 340 -4.56 -82.40 6.43
CA LYS Y 340 -5.41 -83.52 6.77
C LYS Y 340 -6.68 -83.48 5.92
N PRO Y 341 -7.38 -84.60 5.79
CA PRO Y 341 -8.68 -84.59 5.10
C PRO Y 341 -9.66 -83.58 5.69
N MET Y 342 -10.41 -82.95 4.80
CA MET Y 342 -11.21 -81.80 5.17
C MET Y 342 -12.33 -82.17 6.13
N ALA Y 343 -12.92 -83.36 5.96
CA ALA Y 343 -14.00 -83.76 6.86
C ALA Y 343 -13.50 -83.87 8.28
N LEU Y 344 -12.29 -84.38 8.45
CA LEU Y 344 -11.71 -84.57 9.77
C LEU Y 344 -11.14 -83.28 10.32
N VAL Y 345 -10.80 -82.32 9.44
CA VAL Y 345 -10.45 -81.00 9.92
C VAL Y 345 -11.70 -80.27 10.41
N LEU Y 346 -12.63 -80.04 9.50
CA LEU Y 346 -13.80 -79.23 9.77
C LEU Y 346 -14.93 -80.00 10.43
N ASP Y 347 -14.65 -81.17 11.00
CA ASP Y 347 -15.53 -81.84 11.96
C ASP Y 347 -16.78 -82.41 11.28
N ASN Y 348 -16.69 -82.70 9.99
CA ASN Y 348 -17.78 -83.26 9.20
C ASN Y 348 -19.03 -82.39 9.23
N LYS Y 349 -18.90 -81.07 9.36
CA LYS Y 349 -20.07 -80.22 9.49
C LYS Y 349 -20.43 -79.62 8.14
N ALA Y 350 -21.70 -79.81 7.74
CA ALA Y 350 -22.11 -79.52 6.38
C ALA Y 350 -22.17 -78.02 6.10
N TRP Y 351 -22.81 -77.25 6.98
CA TRP Y 351 -22.92 -75.82 6.74
C TRP Y 351 -21.58 -75.13 6.81
N LEU Y 352 -20.55 -75.84 7.23
CA LEU Y 352 -19.21 -75.27 7.25
C LEU Y 352 -18.39 -75.72 6.04
N MET Y 353 -18.60 -76.93 5.56
CA MET Y 353 -17.84 -77.35 4.38
C MET Y 353 -18.53 -77.02 3.06
N GLU Y 354 -19.84 -76.71 3.09
CA GLU Y 354 -20.51 -76.30 1.87
C GLU Y 354 -20.04 -74.93 1.42
N MET Y 355 -19.71 -74.04 2.34
CA MET Y 355 -19.11 -72.77 1.95
C MET Y 355 -17.80 -73.02 1.23
N LEU Y 356 -17.02 -73.99 1.71
CA LEU Y 356 -15.74 -74.31 1.09
C LEU Y 356 -15.95 -74.93 -0.28
N LEU Y 357 -17.13 -75.51 -0.51
CA LEU Y 357 -17.47 -75.98 -1.85
C LEU Y 357 -17.93 -74.84 -2.76
N MET Y 358 -18.62 -73.85 -2.19
CA MET Y 358 -19.37 -72.85 -2.96
C MET Y 358 -18.62 -72.26 -4.14
N PRO Y 359 -17.34 -71.86 -4.03
CA PRO Y 359 -16.64 -71.31 -5.21
C PRO Y 359 -16.77 -72.16 -6.46
N PHE Y 360 -16.69 -73.48 -6.34
CA PHE Y 360 -16.84 -74.33 -7.52
C PHE Y 360 -18.26 -74.26 -8.06
N ASP Y 361 -19.24 -73.99 -7.19
CA ASP Y 361 -20.61 -73.82 -7.68
C ASP Y 361 -20.75 -72.52 -8.44
N GLU Y 362 -20.26 -71.42 -7.85
CA GLU Y 362 -20.37 -70.13 -8.52
C GLU Y 362 -19.57 -70.09 -9.81
N ALA Y 363 -18.58 -70.95 -9.94
CA ALA Y 363 -17.86 -71.08 -11.19
C ALA Y 363 -18.38 -72.19 -12.08
N ASN Y 364 -19.36 -72.97 -11.60
CA ASN Y 364 -20.00 -74.05 -12.37
C ASN Y 364 -19.02 -75.19 -12.65
N LEU Y 365 -17.89 -75.16 -11.96
CA LEU Y 365 -16.80 -76.10 -12.17
C LEU Y 365 -17.01 -77.31 -11.28
N ASP Y 366 -16.20 -78.34 -11.47
CA ASP Y 366 -16.39 -79.59 -10.75
C ASP Y 366 -15.27 -79.80 -9.73
N TYR Y 367 -15.67 -79.95 -8.46
CA TYR Y 367 -14.69 -80.10 -7.39
C TYR Y 367 -13.88 -81.37 -7.53
N ARG Y 368 -14.36 -82.32 -8.35
CA ARG Y 368 -13.66 -83.57 -8.57
C ARG Y 368 -12.45 -83.41 -9.48
N ASP Y 369 -12.30 -82.29 -10.16
CA ASP Y 369 -11.13 -82.08 -11.00
C ASP Y 369 -10.19 -81.03 -10.43
N PHE Y 370 -10.11 -80.91 -9.10
CA PHE Y 370 -9.20 -79.97 -8.44
C PHE Y 370 -8.66 -80.61 -7.19
N ASP Y 371 -7.53 -80.09 -6.70
CA ASP Y 371 -6.95 -80.49 -5.44
C ASP Y 371 -6.62 -79.24 -4.65
N VAL Y 372 -7.05 -79.20 -3.38
CA VAL Y 372 -6.98 -77.98 -2.60
C VAL Y 372 -6.44 -78.29 -1.23
N HIS Y 373 -5.36 -77.60 -0.85
CA HIS Y 373 -4.85 -77.60 0.50
C HIS Y 373 -5.06 -76.21 1.08
N ILE Y 374 -5.57 -76.15 2.30
CA ILE Y 374 -5.84 -74.87 2.97
C ILE Y 374 -4.89 -74.72 4.14
N VAL Y 375 -3.95 -73.77 4.00
CA VAL Y 375 -2.83 -73.58 4.91
C VAL Y 375 -3.17 -72.45 5.88
N LEU Y 376 -2.88 -72.68 7.15
CA LEU Y 376 -3.14 -71.68 8.18
C LEU Y 376 -1.88 -70.86 8.43
N GLU Y 377 -2.00 -69.53 8.36
CA GLU Y 377 -0.88 -68.64 8.63
C GLU Y 377 -1.16 -67.60 9.69
N GLY Y 378 -2.30 -67.67 10.36
CA GLY Y 378 -2.65 -66.72 11.42
C GLY Y 378 -2.56 -67.32 12.80
N HIS Y 379 -3.51 -66.96 13.64
CA HIS Y 379 -3.60 -67.58 14.96
C HIS Y 379 -3.99 -69.04 14.77
N ALA Y 380 -2.98 -69.91 14.72
CA ALA Y 380 -3.25 -71.32 14.78
C ALA Y 380 -4.02 -71.61 16.06
N MET Y 381 -4.96 -72.54 15.95
CA MET Y 381 -5.75 -72.95 17.08
C MET Y 381 -5.88 -74.46 17.02
N PRO Y 382 -6.32 -75.10 18.10
CA PRO Y 382 -6.66 -76.51 17.97
C PRO Y 382 -7.71 -76.73 16.90
N SER Y 383 -8.86 -76.06 17.02
CA SER Y 383 -10.03 -76.30 16.19
C SER Y 383 -10.39 -75.03 15.45
N ILE Y 384 -10.50 -75.13 14.13
CA ILE Y 384 -10.87 -73.98 13.31
C ILE Y 384 -12.24 -74.21 12.67
N ALA Y 385 -13.02 -75.12 13.23
CA ALA Y 385 -14.35 -75.37 12.67
C ALA Y 385 -15.26 -74.24 13.11
N ASN Y 386 -15.15 -73.09 12.44
CA ASN Y 386 -15.98 -71.93 12.77
C ASN Y 386 -16.35 -71.22 11.47
N GLU Y 387 -17.42 -70.43 11.55
CA GLU Y 387 -17.92 -69.74 10.37
C GLU Y 387 -16.91 -68.73 9.86
N ILE Y 388 -16.27 -67.99 10.77
CA ILE Y 388 -15.28 -66.99 10.38
C ILE Y 388 -14.13 -67.67 9.65
N ALA Y 389 -13.68 -68.80 10.18
CA ALA Y 389 -12.61 -69.55 9.54
C ALA Y 389 -13.02 -70.01 8.16
N ALA Y 390 -14.22 -70.58 8.03
CA ALA Y 390 -14.64 -71.09 6.74
C ALA Y 390 -14.78 -69.96 5.72
N PHE Y 391 -15.18 -68.78 6.18
CA PHE Y 391 -15.23 -67.62 5.28
C PHE Y 391 -13.83 -67.27 4.79
N ALA Y 392 -12.84 -67.33 5.67
CA ALA Y 392 -11.45 -67.14 5.23
C ALA Y 392 -11.05 -68.19 4.21
N LEU Y 393 -11.41 -69.45 4.47
CA LEU Y 393 -11.10 -70.51 3.53
C LEU Y 393 -11.72 -70.24 2.17
N ARG Y 394 -12.99 -69.82 2.16
CA ARG Y 394 -13.69 -69.61 0.89
C ARG Y 394 -13.10 -68.43 0.12
N MET Y 395 -12.73 -67.35 0.81
CA MET Y 395 -12.07 -66.26 0.09
C MET Y 395 -10.73 -66.70 -0.49
N SER Y 396 -9.95 -67.48 0.27
CA SER Y 396 -8.69 -67.99 -0.24
C SER Y 396 -8.90 -68.86 -1.47
N ILE Y 397 -9.89 -69.75 -1.41
CA ILE Y 397 -10.20 -70.60 -2.56
C ILE Y 397 -10.64 -69.75 -3.74
N ALA Y 398 -11.43 -68.70 -3.47
CA ALA Y 398 -11.90 -67.88 -4.56
C ALA Y 398 -10.76 -67.21 -5.29
N ASN Y 399 -9.77 -66.72 -4.55
CA ASN Y 399 -8.60 -66.15 -5.22
C ASN Y 399 -7.76 -67.22 -5.89
N ALA Y 400 -7.71 -68.42 -5.32
CA ALA Y 400 -7.02 -69.53 -5.98
C ALA Y 400 -7.62 -69.81 -7.35
N LEU Y 401 -8.95 -69.80 -7.44
CA LEU Y 401 -9.61 -70.14 -8.70
C LEU Y 401 -9.57 -68.97 -9.68
N VAL Y 402 -9.72 -67.74 -9.20
CA VAL Y 402 -9.48 -66.60 -10.07
C VAL Y 402 -8.07 -66.66 -10.64
N LYS Y 403 -7.12 -67.19 -9.88
CA LYS Y 403 -5.74 -67.22 -10.35
C LYS Y 403 -5.50 -68.39 -11.29
N LEU Y 404 -6.22 -69.49 -11.11
CA LEU Y 404 -6.05 -70.64 -12.00
C LEU Y 404 -6.82 -70.46 -13.30
N LEU Y 405 -8.09 -70.10 -13.23
CA LEU Y 405 -8.89 -69.74 -14.40
C LEU Y 405 -9.44 -68.34 -14.22
N PRO Y 406 -8.91 -67.34 -14.94
CA PRO Y 406 -9.31 -65.96 -14.67
C PRO Y 406 -10.78 -65.69 -14.89
N LEU Y 407 -11.32 -66.01 -16.07
CA LEU Y 407 -12.68 -65.61 -16.39
C LEU Y 407 -13.69 -66.07 -15.36
N THR Y 408 -13.27 -66.95 -14.45
CA THR Y 408 -14.09 -67.28 -13.30
C THR Y 408 -14.07 -66.17 -12.26
N ARG Y 409 -13.22 -65.17 -12.42
CA ARG Y 409 -13.28 -64.01 -11.55
C ARG Y 409 -14.67 -63.38 -11.55
N ILE Y 410 -15.27 -63.20 -12.72
CA ILE Y 410 -16.53 -62.44 -12.83
C ILE Y 410 -17.63 -63.08 -11.97
N PRO Y 411 -17.89 -64.38 -12.04
CA PRO Y 411 -18.85 -64.95 -11.08
C PRO Y 411 -18.39 -64.85 -9.65
N LEU Y 412 -17.08 -64.97 -9.41
CA LEU Y 412 -16.56 -64.83 -8.05
C LEU Y 412 -16.64 -63.39 -7.56
N LYS Y 413 -16.21 -62.42 -8.36
CA LYS Y 413 -16.49 -61.03 -8.05
C LYS Y 413 -17.97 -60.84 -7.73
N LYS Y 414 -18.85 -61.23 -8.65
CA LYS Y 414 -20.27 -60.93 -8.50
C LYS Y 414 -20.87 -61.59 -7.26
N SER Y 415 -20.49 -62.82 -6.99
CA SER Y 415 -20.95 -63.55 -5.82
C SER Y 415 -20.30 -63.04 -4.56
N GLY Y 416 -19.24 -62.25 -4.69
CA GLY Y 416 -18.61 -61.65 -3.54
C GLY Y 416 -17.74 -62.59 -2.76
N LEU Y 417 -17.20 -63.61 -3.42
CA LEU Y 417 -16.26 -64.49 -2.76
C LEU Y 417 -14.91 -63.83 -2.58
N LEU Y 418 -14.50 -63.00 -3.54
CA LEU Y 418 -13.35 -62.15 -3.39
C LEU Y 418 -13.63 -60.92 -2.53
N SER Y 419 -14.68 -60.96 -1.70
CA SER Y 419 -14.99 -59.85 -0.82
C SER Y 419 -14.39 -60.06 0.56
N VAL Y 420 -13.81 -58.98 1.07
CA VAL Y 420 -13.15 -58.94 2.39
C VAL Y 420 -14.08 -58.20 3.35
N ASP Y 421 -14.61 -58.92 4.34
CA ASP Y 421 -15.33 -58.26 5.41
C ASP Y 421 -14.33 -57.46 6.23
N ARG Y 422 -14.46 -56.13 6.19
CA ARG Y 422 -13.50 -55.23 6.86
C ARG Y 422 -13.77 -55.16 8.36
N ARG Y 423 -13.80 -56.31 9.02
CA ARG Y 423 -14.30 -56.38 10.37
C ARG Y 423 -13.28 -57.02 11.30
N ARG Y 424 -13.27 -56.58 12.55
CA ARG Y 424 -12.53 -57.24 13.62
C ARG Y 424 -13.28 -57.00 14.92
N GLU Y 425 -12.91 -57.76 15.96
CA GLU Y 425 -13.42 -57.44 17.28
C GLU Y 425 -13.03 -56.04 17.68
N ARG Y 426 -13.69 -55.54 18.72
CA ARG Y 426 -13.14 -54.44 19.47
C ARG Y 426 -11.87 -54.93 20.15
N GLY Y 427 -10.79 -54.17 20.00
CA GLY Y 427 -9.50 -54.58 20.52
C GLY Y 427 -9.54 -54.82 22.01
N GLN Y 428 -8.41 -55.28 22.54
CA GLN Y 428 -8.34 -55.56 23.97
C GLN Y 428 -8.16 -54.28 24.76
N PHE Y 429 -9.10 -53.99 25.65
CA PHE Y 429 -9.11 -52.77 26.40
C PHE Y 429 -9.36 -53.07 27.87
N PRO Y 430 -8.60 -52.50 28.79
CA PRO Y 430 -8.94 -52.64 30.21
C PRO Y 430 -10.13 -51.83 30.64
N GLY Y 431 -10.49 -50.78 29.93
CA GLY Y 431 -11.66 -50.04 30.34
C GLY Y 431 -12.96 -50.78 30.14
N TYR Y 432 -12.89 -51.97 29.58
CA TYR Y 432 -14.05 -52.80 29.32
C TYR Y 432 -13.95 -54.05 30.16
N LEU Y 433 -15.04 -54.40 30.82
CA LEU Y 433 -14.99 -55.53 31.75
C LEU Y 433 -14.69 -56.83 31.04
N ASP Y 434 -15.32 -57.10 29.90
CA ASP Y 434 -14.93 -58.23 29.07
C ASP Y 434 -13.77 -57.89 28.17
N GLY Y 435 -13.23 -56.70 28.28
CA GLY Y 435 -12.21 -56.24 27.38
C GLY Y 435 -12.72 -55.72 26.06
N LYS Y 436 -13.95 -56.05 25.69
CA LYS Y 436 -14.38 -55.70 24.34
C LYS Y 436 -15.42 -54.59 24.33
N LYS Y 437 -16.54 -54.76 25.01
CA LYS Y 437 -17.66 -53.86 24.78
C LYS Y 437 -18.16 -53.12 26.01
N VAL Y 438 -18.19 -53.80 27.16
CA VAL Y 438 -18.93 -53.27 28.29
C VAL Y 438 -18.04 -52.38 29.12
N LYS Y 439 -18.48 -51.14 29.34
CA LYS Y 439 -17.82 -50.23 30.27
C LYS Y 439 -18.33 -50.53 31.66
N ARG Y 440 -17.47 -50.31 32.65
CA ARG Y 440 -17.83 -50.70 34.00
C ARG Y 440 -19.02 -49.90 34.50
N LYS Y 441 -19.65 -50.41 35.54
CA LYS Y 441 -20.90 -49.86 36.04
C LYS Y 441 -20.74 -48.36 36.29
N PHE Y 442 -21.73 -47.59 35.84
CA PHE Y 442 -21.77 -46.16 36.12
C PHE Y 442 -22.81 -45.92 37.20
N ALA Y 443 -22.46 -45.05 38.15
CA ALA Y 443 -23.31 -44.76 39.31
C ALA Y 443 -23.31 -43.27 39.56
N LYS Y 444 -24.50 -42.69 39.68
CA LYS Y 444 -24.64 -41.31 40.10
C LYS Y 444 -24.55 -41.24 41.62
N ARG Y 445 -24.24 -40.06 42.14
CA ARG Y 445 -24.23 -39.88 43.58
C ARG Y 445 -25.66 -39.98 44.11
N MET Z 132 43.61 35.33 -11.54
CA MET Z 132 43.76 36.64 -10.90
C MET Z 132 43.68 36.48 -9.39
N LYS Z 133 44.51 37.23 -8.68
CA LYS Z 133 44.61 37.17 -7.23
C LYS Z 133 44.59 35.70 -6.77
N TYR Z 134 45.63 35.00 -7.20
CA TYR Z 134 45.78 33.59 -6.92
C TYR Z 134 46.79 33.38 -5.79
N ALA Z 135 46.49 32.40 -4.94
CA ALA Z 135 47.38 31.86 -3.93
C ALA Z 135 46.96 30.42 -3.73
N ASP Z 136 47.89 29.49 -3.82
CA ASP Z 136 47.50 28.09 -3.96
C ASP Z 136 47.18 27.47 -2.60
N LEU Z 137 46.14 27.98 -1.97
CA LEU Z 137 45.80 27.53 -0.63
C LEU Z 137 45.19 26.14 -0.68
N GLU Z 138 44.92 25.59 0.49
CA GLU Z 138 44.28 24.29 0.59
C GLU Z 138 43.09 24.37 1.53
N LEU Z 139 42.39 23.24 1.65
CA LEU Z 139 41.11 23.17 2.35
C LEU Z 139 40.85 21.70 2.65
N THR Z 140 40.62 21.36 3.92
CA THR Z 140 40.35 19.97 4.24
C THR Z 140 38.86 19.74 4.49
N THR Z 141 38.23 20.60 5.29
CA THR Z 141 36.81 20.46 5.58
C THR Z 141 36.06 21.52 4.78
N ARG Z 142 35.46 21.13 3.67
CA ARG Z 142 34.40 21.95 3.12
C ARG Z 142 33.15 21.74 3.95
N GLY Z 143 32.18 22.60 3.76
CA GLY Z 143 30.89 22.38 4.38
C GLY Z 143 30.25 21.13 3.84
N GLU Z 144 28.98 20.98 4.16
CA GLU Z 144 28.19 20.02 3.44
C GLU Z 144 27.73 20.66 2.14
N PHE Z 145 27.03 19.90 1.34
CA PHE Z 145 26.28 20.51 0.26
C PHE Z 145 25.08 21.21 0.88
N PRO Z 146 24.89 22.50 0.64
CA PRO Z 146 23.83 23.24 1.32
C PRO Z 146 22.48 22.97 0.66
N HIS Z 147 22.28 21.73 0.25
CA HIS Z 147 21.03 21.31 -0.32
C HIS Z 147 19.87 21.48 0.65
N GLY Z 148 20.16 21.91 1.86
CA GLY Z 148 19.18 22.03 2.89
C GLY Z 148 18.81 20.72 3.54
N MET Z 149 18.75 19.64 2.78
CA MET Z 149 18.23 18.37 3.30
C MET Z 149 19.37 17.50 3.81
N LYS Z 150 20.18 18.08 4.68
CA LYS Z 150 21.11 17.31 5.48
C LYS Z 150 20.34 16.76 6.68
N GLU Z 151 20.58 15.50 6.99
CA GLU Z 151 19.89 14.84 8.09
C GLU Z 151 19.95 15.68 9.34
N PRO Z 152 18.95 15.64 10.20
CA PRO Z 152 19.06 16.29 11.49
C PRO Z 152 19.76 15.36 12.47
N GLY Z 153 20.61 15.94 13.30
CA GLY Z 153 21.15 15.20 14.42
C GLY Z 153 20.03 14.61 15.25
N PHE Z 154 19.94 13.29 15.27
CA PHE Z 154 18.82 12.64 15.91
C PHE Z 154 18.94 12.72 17.42
N VAL Z 155 17.80 12.85 18.09
CA VAL Z 155 17.74 12.89 19.53
C VAL Z 155 16.67 11.92 20.00
N LYS Z 156 16.93 11.30 21.16
CA LYS Z 156 16.06 10.29 21.73
C LYS Z 156 14.84 10.88 22.43
N LYS Z 157 15.04 11.90 23.24
CA LYS Z 157 13.95 12.56 23.93
C LYS Z 157 14.03 14.05 23.63
N LEU Z 158 12.92 14.75 23.84
CA LEU Z 158 12.91 16.19 23.64
C LEU Z 158 13.06 16.92 24.97
N ASP Z 159 13.89 17.97 24.93
CA ASP Z 159 14.04 18.88 26.06
C ASP Z 159 12.75 19.60 26.40
N GLN Z 160 11.89 19.82 25.41
CA GLN Z 160 10.54 20.32 25.63
C GLN Z 160 9.56 19.30 25.06
N ASN Z 161 8.80 18.66 25.93
CA ASN Z 161 7.86 17.66 25.46
C ASN Z 161 6.53 18.27 25.10
N ILE Z 162 6.53 19.53 24.69
CA ILE Z 162 5.31 20.24 24.36
C ILE Z 162 5.28 20.52 22.86
N PRO Z 163 4.43 19.82 22.11
CA PRO Z 163 4.32 20.05 20.67
C PRO Z 163 3.42 21.20 20.27
N TRP Z 164 2.44 21.56 21.10
CA TRP Z 164 1.61 22.70 20.78
C TRP Z 164 2.40 23.97 20.61
N TYR Z 165 3.61 24.05 21.14
CA TYR Z 165 4.37 25.29 21.05
C TYR Z 165 4.85 25.58 19.65
N PHE Z 166 4.89 24.57 18.80
CA PHE Z 166 5.25 24.81 17.41
C PHE Z 166 4.03 25.22 16.63
N SER Z 167 2.86 24.77 17.07
CA SER Z 167 1.63 25.12 16.39
C SER Z 167 1.12 26.47 16.81
N THR Z 168 1.50 26.96 17.98
CA THR Z 168 0.91 28.18 18.49
C THR Z 168 1.77 29.41 18.30
N TYR Z 169 3.01 29.27 17.90
CA TYR Z 169 3.94 30.39 17.97
C TYR Z 169 3.59 31.44 16.94
N ARG Z 170 3.05 32.57 17.39
CA ARG Z 170 2.91 33.74 16.55
C ARG Z 170 4.20 34.53 16.56
N SER Z 171 4.24 35.57 15.75
CA SER Z 171 5.35 36.49 15.73
C SER Z 171 4.85 37.84 15.23
N MET Z 172 5.72 38.83 15.27
CA MET Z 172 5.34 40.06 14.63
C MET Z 172 5.40 39.87 13.12
N TYR Z 173 4.77 40.78 12.41
CA TYR Z 173 4.58 40.64 10.98
C TYR Z 173 5.88 40.90 10.26
N HIS Z 174 6.03 40.30 9.10
CA HIS Z 174 7.23 40.50 8.30
C HIS Z 174 6.88 41.40 7.13
N TRP Z 175 6.68 42.68 7.40
CA TRP Z 175 6.29 43.60 6.33
C TRP Z 175 7.36 43.60 5.25
N PRO Z 176 7.08 43.07 4.08
CA PRO Z 176 8.15 42.82 3.12
C PRO Z 176 8.66 44.08 2.47
N ILE Z 177 7.84 45.12 2.42
CA ILE Z 177 8.20 46.36 1.75
C ILE Z 177 7.59 47.50 2.54
N THR Z 178 8.39 48.53 2.82
CA THR Z 178 7.88 49.59 3.67
C THR Z 178 7.58 50.85 2.87
N GLY Z 179 8.56 51.46 2.23
CA GLY Z 179 8.23 52.36 1.17
C GLY Z 179 9.25 52.20 0.09
N ASP Z 180 8.88 51.71 -1.07
CA ASP Z 180 9.82 51.42 -2.15
C ASP Z 180 10.92 50.45 -1.70
N ASN Z 181 10.81 49.89 -0.51
CA ASN Z 181 11.81 49.01 0.06
C ASN Z 181 13.24 49.48 -0.14
N TRP Z 182 13.47 50.77 -0.29
CA TRP Z 182 14.82 51.25 -0.49
C TRP Z 182 15.62 51.14 0.80
N SER Z 183 16.86 50.67 0.69
CA SER Z 183 17.76 50.62 1.83
C SER Z 183 19.17 50.93 1.34
N ASP Z 184 19.95 51.58 2.19
CA ASP Z 184 21.18 52.21 1.73
C ASP Z 184 22.21 51.19 1.27
N LEU Z 185 22.56 50.24 2.14
CA LEU Z 185 23.13 49.00 1.65
C LEU Z 185 22.05 48.31 0.84
N ASN Z 186 22.45 47.53 -0.15
CA ASN Z 186 21.44 46.84 -0.97
C ASN Z 186 21.01 45.56 -0.29
N GLU Z 187 20.33 45.70 0.85
CA GLU Z 187 20.23 44.57 1.77
C GLU Z 187 19.59 43.33 1.18
N ALA Z 188 18.76 43.46 0.14
CA ALA Z 188 18.08 42.29 -0.40
C ALA Z 188 18.83 41.70 -1.57
N GLU Z 189 19.10 42.51 -2.58
CA GLU Z 189 19.87 42.03 -3.72
C GLU Z 189 21.22 41.50 -3.30
N LYS Z 190 21.87 42.15 -2.34
CA LYS Z 190 23.17 41.68 -1.89
C LYS Z 190 23.08 40.29 -1.29
N HIS Z 191 22.11 40.05 -0.45
CA HIS Z 191 22.02 38.73 0.16
C HIS Z 191 21.60 37.68 -0.85
N HIS Z 192 20.68 38.00 -1.74
CA HIS Z 192 20.36 37.03 -2.77
C HIS Z 192 21.59 36.69 -3.60
N ASP Z 193 22.41 37.69 -3.91
CA ASP Z 193 23.60 37.39 -4.69
C ASP Z 193 24.60 36.57 -3.90
N LEU Z 194 24.69 36.79 -2.61
CA LEU Z 194 25.65 36.02 -1.83
C LEU Z 194 25.16 34.61 -1.57
N HIS Z 195 23.86 34.38 -1.59
CA HIS Z 195 23.37 33.01 -1.53
C HIS Z 195 23.53 32.31 -2.87
N MET Z 196 23.13 32.96 -3.95
CA MET Z 196 23.32 32.40 -5.27
C MET Z 196 24.77 32.09 -5.57
N PHE Z 197 25.71 32.92 -5.12
CA PHE Z 197 27.12 32.70 -5.42
C PHE Z 197 27.61 31.38 -4.87
N TYR Z 198 27.44 31.17 -3.58
CA TYR Z 198 27.90 29.93 -2.99
C TYR Z 198 27.08 28.73 -3.43
N THR Z 199 25.81 28.92 -3.80
CA THR Z 199 25.06 27.78 -4.25
C THR Z 199 25.47 27.38 -5.66
N LEU Z 200 25.85 28.34 -6.52
CA LEU Z 200 26.45 27.97 -7.79
C LEU Z 200 27.76 27.27 -7.57
N ALA Z 201 28.55 27.74 -6.62
CA ALA Z 201 29.79 27.08 -6.27
C ALA Z 201 29.57 25.61 -5.93
N TRP Z 202 28.69 25.35 -4.97
CA TRP Z 202 28.43 23.97 -4.57
C TRP Z 202 27.80 23.14 -5.68
N TRP Z 203 26.91 23.71 -6.47
CA TRP Z 203 26.31 23.05 -7.60
C TRP Z 203 27.26 22.93 -8.77
N LYS Z 204 28.49 23.39 -8.60
CA LYS Z 204 29.53 23.36 -9.63
C LYS Z 204 29.05 24.07 -10.89
N LEU Z 205 28.32 25.16 -10.66
CA LEU Z 205 27.64 25.97 -11.66
C LEU Z 205 26.45 25.28 -12.29
N GLY Z 206 26.17 24.05 -11.91
CA GLY Z 206 24.90 23.43 -12.24
C GLY Z 206 24.62 23.26 -13.70
N GLU Z 207 25.59 22.81 -14.49
CA GLU Z 207 25.34 22.67 -15.92
C GLU Z 207 25.77 21.33 -16.51
N GLY Z 208 26.54 20.53 -15.77
CA GLY Z 208 26.87 19.23 -16.28
C GLY Z 208 25.70 18.27 -16.18
N ILE Z 209 24.68 18.68 -15.43
CA ILE Z 209 23.46 17.90 -15.24
C ILE Z 209 22.71 17.87 -16.55
N PHE Z 210 22.35 19.05 -17.03
CA PHE Z 210 21.77 19.28 -18.34
C PHE Z 210 21.79 20.77 -18.58
N ASP Z 211 22.19 21.20 -19.77
CA ASP Z 211 21.85 22.57 -20.15
C ASP Z 211 21.15 22.58 -21.51
N ALA Z 212 21.69 21.82 -22.46
CA ALA Z 212 21.17 21.75 -23.82
C ALA Z 212 21.11 20.31 -24.29
N ASN Z 213 20.64 19.43 -23.42
CA ASN Z 213 20.26 18.10 -23.86
C ASN Z 213 19.08 18.13 -24.82
N ASP Z 214 18.24 19.15 -24.75
CA ASP Z 214 17.16 19.35 -25.70
C ASP Z 214 17.72 19.64 -27.09
N GLY AA 24 -56.51 107.36 34.49
CA GLY AA 24 -55.39 106.55 34.04
C GLY AA 24 -55.47 106.24 32.56
N GLN AA 25 -54.32 106.10 31.92
CA GLN AA 25 -54.27 105.90 30.48
C GLN AA 25 -54.94 104.61 30.03
N TYR AA 26 -55.42 103.80 30.97
CA TYR AA 26 -56.20 102.64 30.59
C TYR AA 26 -57.66 102.80 31.04
N GLU AA 27 -57.88 103.13 32.31
CA GLU AA 27 -59.27 103.25 32.75
C GLU AA 27 -59.98 104.33 31.95
N ARG AA 28 -59.38 105.50 31.82
CA ARG AA 28 -59.95 106.60 31.04
C ARG AA 28 -60.26 106.18 29.62
N GLU AA 29 -59.31 105.55 28.93
CA GLU AA 29 -59.45 105.22 27.52
C GLU AA 29 -60.41 104.07 27.26
N ALA AA 30 -60.33 103.01 28.04
CA ALA AA 30 -61.35 101.98 27.98
C ALA AA 30 -62.73 102.48 28.34
N PHE AA 31 -62.85 103.47 29.22
CA PHE AA 31 -64.16 104.06 29.41
C PHE AA 31 -64.59 104.86 28.18
N GLU AA 32 -63.68 105.64 27.61
CA GLU AA 32 -63.98 106.33 26.38
C GLU AA 32 -64.54 105.40 25.32
N ALA AA 33 -63.86 104.29 25.04
CA ALA AA 33 -64.27 103.37 23.99
C ALA AA 33 -65.48 102.53 24.39
N ARG AA 34 -65.51 102.01 25.61
CA ARG AA 34 -66.71 101.38 26.12
C ARG AA 34 -67.92 102.26 25.89
N ARG AA 35 -67.74 103.57 25.95
CA ARG AA 35 -68.84 104.52 25.74
C ARG AA 35 -69.11 104.73 24.25
N ARG AA 36 -68.06 104.89 23.45
CA ARG AA 36 -68.27 105.04 22.02
C ARG AA 36 -68.99 103.84 21.42
N LEU AA 37 -68.75 102.65 21.94
CA LEU AA 37 -69.33 101.45 21.35
C LEU AA 37 -70.84 101.51 21.35
N GLU AA 38 -71.42 102.15 22.35
CA GLU AA 38 -72.85 102.37 22.38
C GLU AA 38 -73.19 103.75 21.83
N GLU AA 39 -72.18 104.58 21.58
CA GLU AA 39 -72.33 105.70 20.68
C GLU AA 39 -72.28 105.28 19.22
N SER AA 40 -72.57 104.02 18.93
CA SER AA 40 -72.72 103.53 17.56
C SER AA 40 -73.81 102.46 17.52
N LYS AA 41 -74.89 102.75 16.79
CA LYS AA 41 -76.03 101.85 16.69
C LYS AA 41 -75.92 100.92 15.50
N ASN AA 42 -74.90 101.12 14.67
CA ASN AA 42 -74.71 100.35 13.44
C ASN AA 42 -73.80 99.16 13.73
N TYR AA 43 -74.04 98.53 14.86
CA TYR AA 43 -73.10 97.52 15.31
C TYR AA 43 -73.85 96.24 15.61
N PRO AA 44 -73.42 95.13 15.02
CA PRO AA 44 -74.31 93.97 14.89
C PRO AA 44 -74.55 93.18 16.18
N GLY AA 45 -73.68 93.29 17.16
CA GLY AA 45 -73.69 92.37 18.27
C GLY AA 45 -72.45 91.53 18.21
N PRO AA 46 -72.15 90.79 19.28
CA PRO AA 46 -70.95 89.96 19.29
C PRO AA 46 -71.28 88.52 18.94
N ILE AA 47 -70.38 87.88 18.19
CA ILE AA 47 -70.59 86.51 17.74
C ILE AA 47 -70.21 85.58 18.87
N ARG AA 48 -71.20 85.20 19.67
CA ARG AA 48 -70.87 84.63 20.98
C ARG AA 48 -70.00 83.40 20.88
N SER AA 49 -70.22 82.54 19.89
CA SER AA 49 -69.32 81.41 19.67
C SER AA 49 -67.90 81.86 19.40
N ALA AA 50 -67.71 83.08 18.92
CA ALA AA 50 -66.40 83.63 18.66
C ALA AA 50 -65.92 84.58 19.74
N THR AA 51 -66.77 84.90 20.72
CA THR AA 51 -66.37 85.66 21.90
C THR AA 51 -66.04 84.63 22.96
N PRO AA 52 -64.79 84.23 23.11
CA PRO AA 52 -64.48 83.13 24.01
C PRO AA 52 -64.53 83.60 25.45
N GLY AA 53 -64.97 82.70 26.32
CA GLY AA 53 -64.90 82.90 27.75
C GLY AA 53 -63.49 82.71 28.24
N ASP AA 54 -63.38 82.32 29.50
CA ASP AA 54 -62.10 81.94 30.06
C ASP AA 54 -62.10 80.46 30.38
N THR AA 55 -60.93 79.84 30.32
CA THR AA 55 -60.78 78.43 30.65
C THR AA 55 -60.62 78.23 32.15
N ARG AA 56 -61.34 77.25 32.68
CA ARG AA 56 -61.23 76.87 34.08
C ARG AA 56 -60.06 75.94 34.34
N PHE AA 57 -59.52 75.29 33.31
CA PHE AA 57 -58.41 74.36 33.43
C PHE AA 57 -57.23 74.91 32.65
N TYR AA 58 -56.07 75.01 33.29
CA TYR AA 58 -54.92 75.66 32.65
C TYR AA 58 -53.61 75.11 33.18
N ALA AA 59 -52.51 75.62 32.64
CA ALA AA 59 -51.16 75.23 33.04
C ALA AA 59 -50.58 76.19 34.07
N GLY AA 60 -49.69 75.67 34.91
CA GLY AA 60 -49.30 76.31 36.15
C GLY AA 60 -49.53 75.31 37.26
N SER AA 61 -50.05 75.74 38.41
CA SER AA 61 -50.58 74.78 39.36
C SER AA 61 -51.92 75.17 39.97
N LEU AA 62 -52.18 76.46 40.17
CA LEU AA 62 -53.26 76.95 41.02
C LEU AA 62 -54.54 77.19 40.23
N GLU AA 63 -55.66 77.35 40.95
CA GLU AA 63 -56.89 77.83 40.33
C GLU AA 63 -56.86 79.34 40.36
N SER AA 64 -55.96 79.95 39.59
CA SER AA 64 -55.77 81.39 39.63
C SER AA 64 -56.96 82.08 38.98
N ILE AA 65 -57.28 83.28 39.45
CA ILE AA 65 -58.24 84.16 38.80
C ILE AA 65 -57.48 85.32 38.16
N LEU AA 66 -57.61 85.47 36.87
CA LEU AA 66 -57.12 86.67 36.21
C LEU AA 66 -58.19 87.73 36.27
N GLN AA 67 -58.02 88.76 35.46
CA GLN AA 67 -58.93 89.89 35.47
C GLN AA 67 -60.31 89.48 34.95
N ASP AA 68 -61.16 90.48 34.76
CA ASP AA 68 -62.38 90.28 34.00
C ASP AA 68 -62.13 90.31 32.50
N ASN AA 69 -61.18 91.11 32.01
CA ASN AA 69 -60.95 91.17 30.57
C ASN AA 69 -59.94 90.14 30.11
N ASP AA 70 -59.42 89.30 30.99
CA ASP AA 70 -58.27 88.48 30.67
C ASP AA 70 -58.61 87.00 30.63
N ARG AA 71 -57.90 86.28 29.77
CA ARG AA 71 -58.08 84.86 29.54
C ARG AA 71 -56.82 84.14 29.96
N HIS AA 72 -56.96 82.94 30.51
CA HIS AA 72 -55.78 82.19 30.90
C HIS AA 72 -54.92 81.82 29.72
N TYR AA 73 -55.50 81.66 28.54
CA TYR AA 73 -54.78 81.35 27.32
C TYR AA 73 -54.41 82.63 26.63
N TRP AA 74 -53.81 82.48 25.47
CA TRP AA 74 -53.58 83.60 24.59
C TRP AA 74 -54.86 83.84 23.80
N ARG AA 75 -55.37 85.06 23.88
CA ARG AA 75 -56.42 85.52 22.98
C ARG AA 75 -55.97 86.87 22.47
N ALA AA 76 -55.22 86.86 21.37
CA ALA AA 76 -54.54 88.07 20.94
C ALA AA 76 -55.51 89.12 20.44
N VAL AA 77 -56.80 88.79 20.32
CA VAL AA 77 -57.76 89.75 19.81
C VAL AA 77 -57.86 90.91 20.78
N ILE AA 78 -58.37 92.03 20.30
CA ILE AA 78 -58.79 93.12 21.17
C ILE AA 78 -60.30 92.99 21.32
N ASP AA 79 -60.72 92.11 22.23
CA ASP AA 79 -62.13 91.76 22.31
C ASP AA 79 -62.96 92.98 22.69
N ASP AA 80 -64.27 92.84 22.63
CA ASP AA 80 -65.12 93.99 22.82
C ASP AA 80 -65.08 94.46 24.26
N PRO AA 81 -64.92 95.76 24.49
CA PRO AA 81 -64.93 96.27 25.86
C PRO AA 81 -66.35 96.28 26.40
N GLN AA 82 -66.66 95.31 27.24
CA GLN AA 82 -68.01 95.11 27.72
C GLN AA 82 -68.18 95.76 29.08
N VAL AA 83 -69.42 96.10 29.41
CA VAL AA 83 -69.72 96.70 30.70
C VAL AA 83 -69.54 95.64 31.77
N GLN AA 84 -69.09 96.05 32.94
CA GLN AA 84 -68.80 95.13 34.02
C GLN AA 84 -70.00 95.12 34.97
N TYR AA 85 -70.79 94.05 34.90
CA TYR AA 85 -72.06 94.05 35.61
C TYR AA 85 -71.88 94.02 37.11
N VAL AA 86 -71.11 93.07 37.63
CA VAL AA 86 -70.84 92.98 39.06
C VAL AA 86 -69.41 93.45 39.28
N ILE AA 87 -69.26 94.38 40.21
CA ILE AA 87 -67.96 94.99 40.51
C ILE AA 87 -67.34 94.17 41.63
N PRO AA 88 -66.02 93.95 41.61
CA PRO AA 88 -65.32 93.44 42.80
C PRO AA 88 -64.94 94.58 43.74
N LEU AA 89 -65.84 94.87 44.68
CA LEU AA 89 -65.66 95.99 45.61
C LEU AA 89 -64.77 95.59 46.77
N ARG AA 90 -63.80 96.44 47.09
CA ARG AA 90 -62.77 96.18 48.10
C ARG AA 90 -62.96 97.15 49.26
N ILE AA 91 -63.26 96.61 50.43
CA ILE AA 91 -63.56 97.37 51.64
C ILE AA 91 -62.47 97.09 52.67
N ARG AA 92 -61.75 98.13 53.07
CA ARG AA 92 -60.56 97.97 53.91
C ARG AA 92 -60.96 98.06 55.38
N PHE AA 93 -61.27 96.92 55.98
CA PHE AA 93 -61.71 96.82 57.37
C PHE AA 93 -60.55 97.14 58.31
N LYS AA 94 -60.74 96.80 59.58
CA LYS AA 94 -59.69 96.88 60.59
C LYS AA 94 -59.74 95.65 61.48
N LEU AA 95 -58.78 94.75 61.28
CA LEU AA 95 -58.70 93.50 62.03
C LEU AA 95 -57.63 93.67 63.10
N PHE AA 96 -58.00 93.43 64.36
CA PHE AA 96 -57.01 93.49 65.44
C PHE AA 96 -56.21 92.19 65.39
N THR AA 97 -54.96 92.29 64.96
CA THR AA 97 -54.13 91.11 64.89
C THR AA 97 -53.35 90.97 66.19
N TRP AA 98 -52.83 89.78 66.42
CA TRP AA 98 -52.04 89.49 67.60
C TRP AA 98 -50.70 88.90 67.17
N VAL AA 99 -49.75 89.75 66.81
CA VAL AA 99 -48.37 89.30 66.93
C VAL AA 99 -48.23 89.10 68.42
N THR AA 100 -47.47 88.12 68.87
CA THR AA 100 -47.47 87.85 70.31
C THR AA 100 -46.77 88.95 71.11
N THR AA 101 -46.51 90.09 70.49
CA THR AA 101 -46.00 91.25 71.20
C THR AA 101 -46.89 92.46 71.04
N GLY AA 102 -48.16 92.35 71.41
CA GLY AA 102 -49.08 93.47 71.31
C GLY AA 102 -50.14 93.16 70.27
N TRP AA 103 -51.12 94.05 70.14
CA TRP AA 103 -52.11 93.95 69.09
C TRP AA 103 -51.78 95.01 68.05
N GLU AA 104 -52.03 94.68 66.78
CA GLU AA 104 -51.61 95.51 65.67
C GLU AA 104 -52.76 95.90 64.77
N GLN AA 105 -52.62 97.06 64.14
CA GLN AA 105 -53.54 97.54 63.13
C GLN AA 105 -52.93 97.29 61.77
N ARG AA 106 -53.63 96.51 60.95
CA ARG AA 106 -53.13 96.18 59.62
C ARG AA 106 -54.29 96.13 58.64
N LEU AA 107 -53.96 96.30 57.37
CA LEU AA 107 -54.92 96.38 56.27
C LEU AA 107 -55.64 95.05 56.14
N HIS AA 108 -56.98 95.08 56.06
CA HIS AA 108 -57.76 93.88 55.80
C HIS AA 108 -58.81 94.17 54.73
N ILE AA 109 -58.42 94.05 53.47
CA ILE AA 109 -59.35 94.25 52.36
C ILE AA 109 -60.24 93.02 52.24
N VAL AA 110 -61.55 93.23 52.09
CA VAL AA 110 -62.45 92.16 51.72
C VAL AA 110 -63.06 92.48 50.38
N GLN AA 111 -62.53 91.89 49.32
CA GLN AA 111 -62.91 92.20 47.95
C GLN AA 111 -64.22 91.48 47.63
N THR AA 112 -65.33 92.24 47.60
CA THR AA 112 -66.64 91.70 47.33
C THR AA 112 -67.02 91.94 45.89
N MET AA 113 -67.53 90.90 45.24
CA MET AA 113 -68.06 91.01 43.87
C MET AA 113 -69.48 91.51 43.99
N ALA AA 114 -69.67 92.80 43.71
CA ALA AA 114 -70.99 93.36 43.91
C ALA AA 114 -71.48 94.06 42.64
N PRO AA 115 -72.78 93.99 42.36
CA PRO AA 115 -73.29 94.53 41.09
C PRO AA 115 -73.13 96.04 40.98
N ARG AA 116 -73.64 96.58 39.87
CA ARG AA 116 -73.46 98.00 39.61
C ARG AA 116 -74.71 98.79 39.97
N ASP AA 117 -75.79 98.11 40.34
CA ASP AA 117 -77.08 98.73 40.55
C ASP AA 117 -77.49 98.79 42.02
N ILE AA 118 -76.61 98.45 42.93
CA ILE AA 118 -77.03 98.16 44.29
C ILE AA 118 -76.86 99.38 45.18
N THR AA 119 -77.77 99.51 46.13
CA THR AA 119 -77.71 100.51 47.19
C THR AA 119 -76.70 100.09 48.25
N ILE AA 120 -75.98 101.08 48.78
CA ILE AA 120 -74.92 100.78 49.74
C ILE AA 120 -75.46 100.05 50.95
N ALA AA 121 -76.74 100.25 51.28
CA ALA AA 121 -77.33 99.45 52.34
C ALA AA 121 -77.19 97.96 52.05
N ARG AA 122 -77.66 97.53 50.89
CA ARG AA 122 -77.52 96.14 50.51
C ARG AA 122 -76.07 95.75 50.25
N LEU AA 123 -75.22 96.70 49.84
CA LEU AA 123 -73.80 96.37 49.70
C LEU AA 123 -73.19 95.97 51.04
N ILE AA 124 -73.56 96.67 52.11
CA ILE AA 124 -72.96 96.36 53.41
C ILE AA 124 -73.61 95.11 54.01
N GLU AA 125 -74.91 94.92 53.78
CA GLU AA 125 -75.50 93.60 54.03
C GLU AA 125 -74.71 92.49 53.33
N LEU AA 126 -74.36 92.71 52.08
CA LEU AA 126 -73.57 91.78 51.29
C LEU AA 126 -72.22 91.51 51.92
N VAL AA 127 -71.45 92.54 52.27
CA VAL AA 127 -70.14 92.31 52.88
C VAL AA 127 -70.29 91.55 54.18
N THR AA 128 -71.36 91.82 54.91
CA THR AA 128 -71.62 91.07 56.13
C THR AA 128 -71.75 89.59 55.83
N ILE AA 129 -72.48 89.23 54.76
CA ILE AA 129 -72.61 87.80 54.45
C ILE AA 129 -71.31 87.25 53.89
N GLU AA 130 -70.51 88.10 53.26
CA GLU AA 130 -69.35 87.66 52.52
C GLU AA 130 -68.15 87.33 53.40
N ASN AA 131 -67.90 88.08 54.47
CA ASN AA 131 -66.70 87.84 55.27
C ASN AA 131 -66.68 86.45 55.89
N GLN AA 132 -65.47 85.90 56.02
CA GLN AA 132 -65.22 84.70 56.80
C GLN AA 132 -64.48 84.99 58.09
N SER AA 133 -64.17 86.25 58.38
CA SER AA 133 -63.72 86.55 59.74
C SER AA 133 -64.74 87.45 60.42
N PRO AA 134 -65.64 86.86 61.22
CA PRO AA 134 -66.51 87.66 62.09
C PRO AA 134 -65.83 88.29 63.30
N TYR AA 135 -64.51 88.39 63.33
CA TYR AA 135 -63.82 89.39 64.15
C TYR AA 135 -64.22 90.79 63.73
N LEU AA 136 -64.85 90.93 62.56
CA LEU AA 136 -65.00 92.21 61.88
C LEU AA 136 -66.43 92.63 61.66
N CYS AA 137 -67.38 91.72 61.83
CA CYS AA 137 -68.80 92.01 61.71
C CYS AA 137 -69.52 91.67 63.01
N SER AA 138 -68.92 92.11 64.13
CA SER AA 138 -69.56 92.01 65.43
C SER AA 138 -70.55 93.14 65.66
N SER AA 139 -70.18 94.36 65.27
CA SER AA 139 -71.02 95.55 65.40
C SER AA 139 -71.19 96.23 64.05
N THR AA 140 -72.32 96.89 63.89
CA THR AA 140 -72.73 97.48 62.61
C THR AA 140 -71.76 98.58 62.23
N PHE AA 141 -71.27 98.54 60.99
CA PHE AA 141 -70.32 99.53 60.52
C PHE AA 141 -70.80 100.20 59.24
N THR AA 142 -69.98 101.11 58.73
CA THR AA 142 -70.35 101.96 57.59
C THR AA 142 -69.17 102.10 56.63
N LEU AA 143 -69.44 102.67 55.46
CA LEU AA 143 -68.42 102.79 54.42
C LEU AA 143 -67.88 104.21 54.35
N ALA AA 144 -66.87 104.40 53.50
CA ALA AA 144 -66.35 105.73 53.27
C ALA AA 144 -65.44 105.73 52.05
N VAL AA 145 -65.29 106.90 51.44
CA VAL AA 145 -64.28 107.14 50.41
C VAL AA 145 -63.64 108.49 50.67
N ASP AA 146 -62.31 108.51 50.71
CA ASP AA 146 -61.49 109.63 51.17
C ASP AA 146 -62.19 110.43 52.27
N GLY AA 147 -62.74 109.68 53.22
CA GLY AA 147 -63.41 110.23 54.37
C GLY AA 147 -64.93 110.30 54.36
N LYS AA 148 -65.52 111.09 53.48
CA LYS AA 148 -66.95 111.41 53.59
C LYS AA 148 -67.80 110.16 53.42
N GLU AA 149 -68.58 109.85 54.44
CA GLU AA 149 -69.40 108.65 54.47
C GLU AA 149 -70.32 108.60 53.24
N LEU AA 150 -70.78 107.38 52.95
CA LEU AA 150 -71.81 107.14 51.95
C LEU AA 150 -73.12 106.82 52.64
N ASP AA 151 -74.22 107.33 52.11
CA ASP AA 151 -75.51 107.11 52.73
C ASP AA 151 -76.06 105.73 52.37
N PRO AA 152 -76.82 105.09 53.25
CA PRO AA 152 -77.43 103.80 52.92
C PRO AA 152 -78.73 103.87 52.13
N ASP AA 153 -78.99 104.97 51.43
CA ASP AA 153 -80.18 105.04 50.59
C ASP AA 153 -79.87 105.18 49.10
N LYS AA 154 -78.70 105.69 48.75
CA LYS AA 154 -78.33 105.75 47.34
C LYS AA 154 -77.45 104.56 46.98
N SER AA 155 -77.01 104.51 45.73
CA SER AA 155 -76.37 103.33 45.20
C SER AA 155 -74.93 103.60 44.80
N LEU AA 156 -74.32 102.62 44.14
CA LEU AA 156 -72.88 102.68 43.91
C LEU AA 156 -72.53 103.75 42.90
N SER AA 157 -73.22 103.81 41.76
CA SER AA 157 -72.97 104.90 40.83
C SER AA 157 -73.49 106.22 41.36
N ASP AA 158 -74.32 106.21 42.40
CA ASP AA 158 -74.76 107.46 42.99
C ASP AA 158 -73.61 108.29 43.53
N TYR AA 159 -72.46 107.67 43.81
CA TYR AA 159 -71.24 108.39 44.12
C TYR AA 159 -70.15 108.18 43.09
N GLY AA 160 -70.18 107.07 42.37
CA GLY AA 160 -69.09 106.76 41.48
C GLY AA 160 -68.19 105.67 42.01
N ILE AA 161 -68.76 104.56 42.46
CA ILE AA 161 -67.97 103.46 42.94
C ILE AA 161 -67.66 102.52 41.78
N THR AA 162 -66.39 102.44 41.45
CA THR AA 162 -65.85 101.47 40.49
C THR AA 162 -65.25 100.34 41.32
N GLU AA 163 -64.44 99.49 40.70
CA GLU AA 163 -63.64 98.60 41.54
C GLU AA 163 -62.42 99.30 42.10
N HIS AA 164 -62.18 100.55 41.68
CA HIS AA 164 -61.00 101.31 42.07
C HIS AA 164 -61.25 102.29 43.21
N SER AA 165 -62.51 102.56 43.55
CA SER AA 165 -62.82 103.56 44.56
C SER AA 165 -62.12 103.22 45.88
N ARG AA 166 -61.12 104.02 46.23
CA ARG AA 166 -60.17 103.70 47.29
C ARG AA 166 -60.86 103.77 48.64
N ILE AA 167 -61.74 102.82 48.87
CA ILE AA 167 -62.73 102.89 49.94
C ILE AA 167 -62.11 102.47 51.26
N ASP AA 168 -62.59 103.06 52.34
CA ASP AA 168 -62.31 102.60 53.70
C ASP AA 168 -63.60 102.12 54.34
N ALA AA 169 -63.47 101.45 55.47
CA ALA AA 169 -64.60 101.02 56.29
C ALA AA 169 -64.39 101.50 57.71
N ILE AA 170 -65.48 101.88 58.39
CA ILE AA 170 -65.43 102.51 59.70
C ILE AA 170 -66.44 101.82 60.61
N GLU AA 171 -65.95 101.28 61.72
CA GLU AA 171 -66.78 100.62 62.72
C GLU AA 171 -67.42 101.66 63.63
N LYS AA 172 -68.37 101.20 64.45
CA LYS AA 172 -69.03 102.09 65.41
C LYS AA 172 -68.10 102.51 66.54
N LEU AA 173 -66.92 101.88 66.65
CA LEU AA 173 -65.95 102.23 67.67
C LEU AA 173 -64.60 102.57 67.04
N ASP AA 174 -64.60 103.27 65.92
CA ASP AA 174 -63.35 103.65 65.28
C ASP AA 174 -62.78 104.94 65.87
N HIS AA 175 -63.64 105.85 66.30
CA HIS AA 175 -63.28 107.10 66.94
C HIS AA 175 -62.80 106.92 68.36
N LEU AA 176 -62.54 105.67 68.79
CA LEU AA 176 -62.20 105.38 70.17
C LEU AA 176 -60.92 104.57 70.29
N LEU AA 177 -60.28 104.24 69.17
CA LEU AA 177 -59.16 103.31 69.24
C LEU AA 177 -57.83 104.00 69.50
N HIS AA 178 -57.76 105.32 69.47
CA HIS AA 178 -56.68 105.98 70.18
C HIS AA 178 -56.80 105.79 71.68
N LYS AA 179 -58.03 105.58 72.16
CA LYS AA 179 -58.37 105.48 73.58
C LYS AA 179 -57.81 104.18 74.15
N ASP AA 180 -58.08 103.95 75.43
CA ASP AA 180 -57.56 102.78 76.12
C ASP AA 180 -58.59 102.08 76.99
N SER AA 181 -59.88 102.19 76.68
CA SER AA 181 -60.89 101.49 77.46
C SER AA 181 -61.32 100.18 76.83
N GLU AA 182 -61.69 100.20 75.54
CA GLU AA 182 -62.05 98.99 74.83
C GLU AA 182 -60.86 98.35 74.13
N ARG AA 183 -59.72 99.04 74.08
CA ARG AA 183 -58.46 98.56 73.52
C ARG AA 183 -58.15 97.17 74.08
N PRO AA 184 -57.63 96.27 73.26
CA PRO AA 184 -57.53 94.87 73.68
C PRO AA 184 -56.58 94.68 74.85
N LEU AA 185 -57.05 93.92 75.84
CA LEU AA 185 -56.27 93.63 77.05
C LEU AA 185 -55.39 92.41 76.78
N ASP AA 186 -54.14 92.65 76.41
CA ASP AA 186 -53.23 91.58 76.02
C ASP AA 186 -52.40 91.11 77.20
N TRP AA 187 -52.06 89.82 77.20
CA TRP AA 187 -51.23 89.28 78.27
C TRP AA 187 -49.76 89.65 78.17
N THR AA 188 -49.37 90.46 77.19
CA THR AA 188 -47.99 90.95 77.17
C THR AA 188 -47.80 92.09 78.15
N VAL AA 189 -48.79 92.97 78.29
CA VAL AA 189 -48.65 94.14 79.12
C VAL AA 189 -49.84 94.36 80.05
N ASP AA 190 -50.84 93.49 80.07
CA ASP AA 190 -52.05 93.74 80.84
C ASP AA 190 -52.51 92.50 81.59
N GLU AA 191 -53.35 92.71 82.59
CA GLU AA 191 -53.89 91.64 83.41
C GLU AA 191 -55.13 91.07 82.76
N MET AA 192 -55.08 89.79 82.44
CA MET AA 192 -56.23 89.05 81.94
C MET AA 192 -56.85 88.38 83.16
N THR AA 193 -58.04 88.85 83.54
CA THR AA 193 -58.75 88.29 84.68
C THR AA 193 -59.41 86.99 84.25
N THR AA 194 -60.23 86.42 85.11
CA THR AA 194 -61.01 85.26 84.72
C THR AA 194 -62.14 85.64 83.77
N GLU AA 195 -62.73 86.82 83.90
CA GLU AA 195 -63.84 87.18 83.04
C GLU AA 195 -63.37 87.46 81.62
N CYS AA 196 -62.17 88.03 81.47
CA CYS AA 196 -61.54 88.06 80.15
C CYS AA 196 -61.34 86.66 79.59
N LEU AA 197 -61.22 85.66 80.44
CA LEU AA 197 -61.08 84.28 80.00
C LEU AA 197 -62.39 83.61 79.68
N LYS AA 198 -63.45 84.39 79.44
CA LYS AA 198 -64.67 83.88 78.84
C LYS AA 198 -65.27 84.87 77.86
N ARG AA 199 -64.43 85.75 77.30
CA ARG AA 199 -64.91 86.79 76.40
C ARG AA 199 -64.27 86.60 75.04
N SER AA 200 -64.66 87.46 74.09
CA SER AA 200 -64.60 87.11 72.68
C SER AA 200 -63.22 86.62 72.22
N PRO AA 201 -62.15 87.44 72.11
CA PRO AA 201 -60.93 86.88 71.55
C PRO AA 201 -60.20 86.02 72.57
N TYR AA 202 -60.31 86.36 73.86
CA TYR AA 202 -59.41 85.79 74.85
C TYR AA 202 -59.81 84.38 75.29
N LYS AA 203 -61.06 83.99 75.12
CA LYS AA 203 -61.39 82.60 75.44
C LYS AA 203 -60.63 81.65 74.53
N GLU AA 204 -60.25 82.13 73.35
CA GLU AA 204 -59.62 81.30 72.33
C GLU AA 204 -58.17 81.66 72.09
N MET AA 205 -57.73 82.86 72.50
CA MET AA 205 -56.40 83.34 72.12
C MET AA 205 -55.27 82.45 72.63
N GLY AA 206 -55.49 81.62 73.66
CA GLY AA 206 -54.44 80.75 74.14
C GLY AA 206 -53.33 81.40 74.95
N MET AA 207 -53.60 81.75 76.21
CA MET AA 207 -52.63 82.50 77.01
C MET AA 207 -51.44 81.63 77.45
N GLN AA 208 -51.70 80.54 78.16
CA GLN AA 208 -50.61 79.81 78.80
C GLN AA 208 -50.23 78.62 77.94
N PRO AA 209 -48.96 78.52 77.52
CA PRO AA 209 -48.62 77.65 76.39
C PRO AA 209 -48.82 76.17 76.69
N GLN AA 210 -49.71 75.55 75.93
CA GLN AA 210 -49.99 74.12 75.97
C GLN AA 210 -48.76 73.34 75.59
N PRO AA 211 -48.79 72.01 75.71
CA PRO AA 211 -47.65 71.24 75.20
C PRO AA 211 -47.38 71.52 73.74
N ASN AA 212 -48.44 71.89 73.01
CA ASN AA 212 -48.34 72.24 71.59
C ASN AA 212 -48.45 73.73 71.34
N LEU AA 213 -48.58 74.56 72.38
CA LEU AA 213 -48.86 75.99 72.29
C LEU AA 213 -50.15 76.26 71.52
N ALA AA 214 -51.25 75.59 71.85
CA ALA AA 214 -52.22 75.11 70.87
C ALA AA 214 -52.53 76.10 69.74
N PRO AA 215 -53.27 77.21 69.93
CA PRO AA 215 -53.42 78.10 68.78
C PRO AA 215 -52.23 79.03 68.73
N ARG AA 216 -51.31 78.80 67.82
CA ARG AA 216 -50.12 79.63 67.78
C ARG AA 216 -50.36 80.75 66.78
N TYR AA 217 -49.98 81.96 67.18
CA TYR AA 217 -50.22 83.15 66.37
C TYR AA 217 -48.89 83.64 65.83
N GLU AA 218 -48.93 84.80 65.21
CA GLU AA 218 -47.70 85.37 64.69
C GLU AA 218 -46.79 85.81 65.83
N ALA AA 219 -45.75 86.54 65.47
CA ALA AA 219 -44.82 87.06 66.45
C ALA AA 219 -43.97 88.14 65.83
N ARG AA 220 -44.15 89.38 66.27
CA ARG AA 220 -43.30 90.43 65.75
C ARG AA 220 -42.46 90.99 66.88
N PRO AA 221 -41.15 91.17 66.66
CA PRO AA 221 -40.27 91.55 67.75
C PRO AA 221 -40.67 92.87 68.40
N LYS AA 222 -40.27 93.01 69.67
CA LYS AA 222 -40.41 94.29 70.34
C LYS AA 222 -39.40 95.29 69.81
N GLY AA 223 -38.43 94.81 69.03
CA GLY AA 223 -37.47 95.70 68.41
C GLY AA 223 -37.49 95.59 66.91
N TYR AA 224 -38.65 95.25 66.33
CA TYR AA 224 -38.70 95.03 64.90
C TYR AA 224 -38.49 96.33 64.13
N PHE AA 225 -39.44 97.24 64.21
CA PHE AA 225 -39.40 98.48 63.43
C PHE AA 225 -38.25 99.39 63.83
N GLY AA 226 -37.67 99.18 65.01
CA GLY AA 226 -36.73 100.12 65.60
C GLY AA 226 -37.29 100.64 66.90
N ARG AA 227 -36.82 101.79 67.36
CA ARG AA 227 -37.30 102.33 68.62
C ARG AA 227 -38.71 102.86 68.53
N ASN AA 228 -39.15 103.36 67.38
CA ASN AA 228 -40.52 103.82 67.22
C ASN AA 228 -41.20 103.06 66.10
N ASN AA 229 -42.50 103.30 65.97
CA ASN AA 229 -43.36 102.40 65.20
C ASN AA 229 -43.36 102.76 63.71
N TYR AA 230 -44.35 102.23 63.00
CA TYR AA 230 -44.37 102.23 61.55
C TYR AA 230 -45.06 103.47 61.01
N SER AA 231 -44.33 104.24 60.21
CA SER AA 231 -44.87 105.47 59.62
C SER AA 231 -44.41 105.59 58.18
N GLY AA 232 -45.22 106.30 57.40
CA GLY AA 232 -44.87 106.53 56.01
C GLY AA 232 -43.62 107.36 55.83
N MET AA 233 -43.28 108.20 56.80
CA MET AA 233 -42.15 109.11 56.68
C MET AA 233 -40.99 108.66 57.56
N LYS AA 234 -39.80 109.07 57.18
CA LYS AA 234 -38.59 108.67 57.90
C LYS AA 234 -38.48 109.47 59.19
N GLN AA 235 -38.51 108.75 60.32
CA GLN AA 235 -38.37 109.37 61.63
C GLN AA 235 -36.93 109.41 62.14
N GLU AA 236 -36.27 108.27 62.27
CA GLU AA 236 -34.93 108.18 62.83
C GLU AA 236 -33.96 109.19 62.24
N SER BA 17 5.63 56.53 57.02
CA SER BA 17 4.39 57.21 56.65
C SER BA 17 3.82 56.66 55.35
N ARG BA 18 3.36 57.57 54.49
CA ARG BA 18 2.78 57.17 53.22
C ARG BA 18 3.52 57.79 52.04
N TRP BA 19 3.72 59.11 52.03
CA TRP BA 19 4.26 59.78 50.86
C TRP BA 19 5.73 59.49 50.65
N SER BA 20 6.29 58.49 51.32
CA SER BA 20 7.62 58.06 50.96
C SER BA 20 7.61 57.44 49.58
N SER BA 21 6.55 56.73 49.24
CA SER BA 21 6.43 56.01 47.97
C SER BA 21 6.43 56.91 46.76
N VAL BA 22 5.93 58.15 46.89
CA VAL BA 22 5.78 59.04 45.76
C VAL BA 22 7.08 59.17 45.00
N TRP BA 23 7.01 59.00 43.78
CA TRP BA 23 8.22 59.07 42.99
C TRP BA 23 8.72 60.49 42.91
N PRO BA 24 10.03 60.64 42.87
CA PRO BA 24 10.60 61.97 42.62
C PRO BA 24 10.36 62.40 41.18
N ASN BA 25 9.83 63.61 41.04
CA ASN BA 25 9.47 64.14 39.75
C ASN BA 25 10.61 64.02 38.77
N MET BA 26 10.28 63.76 37.51
CA MET BA 26 11.25 63.69 36.44
C MET BA 26 10.88 64.72 35.38
N HIS BA 27 11.85 65.51 34.98
CA HIS BA 27 11.68 66.57 34.01
C HIS BA 27 12.02 66.05 32.64
N TYR BA 28 12.28 66.98 31.73
CA TYR BA 28 12.58 66.73 30.34
C TYR BA 28 14.04 66.44 30.08
N GLY BA 29 14.81 66.00 31.08
CA GLY BA 29 16.12 65.44 30.85
C GLY BA 29 16.24 64.03 31.38
N ALA BA 30 15.49 63.76 32.44
CA ALA BA 30 15.54 62.55 33.25
C ALA BA 30 14.90 61.37 32.54
N MET BA 31 15.68 60.30 32.35
CA MET BA 31 15.19 59.22 31.52
C MET BA 31 14.47 58.14 32.29
N TYR BA 32 15.15 57.35 33.10
CA TYR BA 32 14.45 56.20 33.67
C TYR BA 32 14.72 56.18 35.17
N LEU BA 33 13.66 56.39 35.95
CA LEU BA 33 13.83 56.61 37.37
C LEU BA 33 14.32 55.35 38.08
N SER BA 34 14.00 54.18 37.57
CA SER BA 34 14.39 52.94 38.22
C SER BA 34 13.89 52.92 39.66
N TYR BA 35 12.58 52.94 39.82
CA TYR BA 35 11.98 53.12 41.13
C TYR BA 35 11.00 52.01 41.51
N SER BA 36 11.18 50.81 40.99
CA SER BA 36 10.39 49.68 41.43
C SER BA 36 11.16 48.37 41.20
N ILE BA 37 10.54 47.27 41.64
CA ILE BA 37 11.22 45.98 41.62
C ILE BA 37 11.80 45.70 40.25
N GLY BA 38 10.94 45.50 39.25
CA GLY BA 38 11.41 45.23 37.91
C GLY BA 38 12.04 46.43 37.26
N ARG BA 39 11.97 47.58 37.89
CA ARG BA 39 12.62 48.73 37.36
C ARG BA 39 14.10 48.72 37.63
N LYS BA 40 14.54 48.02 38.67
CA LYS BA 40 15.97 47.90 38.92
C LYS BA 40 16.52 46.51 38.65
N LEU BA 41 15.74 45.45 38.91
CA LEU BA 41 16.23 44.08 38.83
C LEU BA 41 16.93 43.85 37.50
N PRO BA 42 16.24 43.81 36.37
CA PRO BA 42 16.94 43.50 35.12
C PRO BA 42 18.10 44.41 34.84
N MET BA 43 18.20 45.53 35.54
CA MET BA 43 19.42 46.31 35.48
C MET BA 43 20.31 46.07 36.69
N LYS BA 44 19.78 45.46 37.73
CA LYS BA 44 20.63 45.14 38.88
C LYS BA 44 21.66 44.09 38.52
N GLY BA 45 21.25 43.04 37.82
CA GLY BA 45 22.08 41.87 37.62
C GLY BA 45 23.28 42.07 36.72
N VAL BA 46 23.53 43.30 36.31
CA VAL BA 46 24.66 43.60 35.44
C VAL BA 46 25.86 43.78 36.35
N ASN BA 47 26.45 42.66 36.76
CA ASN BA 47 27.59 42.69 37.65
C ASN BA 47 28.80 43.14 36.86
N TRP BA 48 28.96 44.45 36.72
CA TRP BA 48 30.10 45.01 36.04
C TRP BA 48 31.35 44.74 36.84
N VAL BA 49 32.49 44.66 36.16
CA VAL BA 49 33.79 44.50 36.79
C VAL BA 49 34.82 45.12 35.88
N THR BA 50 35.70 45.94 36.44
CA THR BA 50 36.61 46.73 35.63
C THR BA 50 37.73 45.87 35.08
N ARG BA 51 37.88 45.88 33.76
CA ARG BA 51 38.98 45.25 33.07
C ARG BA 51 39.84 46.33 32.46
N GLU BA 52 41.01 45.95 31.96
CA GLU BA 52 41.96 46.96 31.51
C GLU BA 52 41.47 47.70 30.27
N SER BA 53 40.51 47.14 29.54
CA SER BA 53 39.90 47.90 28.46
C SER BA 53 38.67 48.66 28.92
N ASN BA 54 38.20 48.38 30.12
CA ASN BA 54 37.19 49.20 30.75
C ASN BA 54 37.79 50.47 31.35
N ARG BA 55 39.07 50.44 31.70
CA ARG BA 55 39.67 51.44 32.58
C ARG BA 55 39.75 52.79 31.89
N LEU BA 56 39.04 53.78 32.45
CA LEU BA 56 38.98 55.09 31.81
C LEU BA 56 40.36 55.66 31.53
N THR BA 57 41.25 55.61 32.51
CA THR BA 57 42.57 56.22 32.40
C THR BA 57 43.37 55.68 31.23
N ASN BA 58 43.01 54.51 30.70
CA ASN BA 58 43.65 54.05 29.46
C ASN BA 58 43.32 54.94 28.28
N PHE BA 59 42.29 55.77 28.42
CA PHE BA 59 41.68 56.49 27.30
C PHE BA 59 41.79 58.00 27.48
N SER BA 60 42.91 58.45 28.01
CA SER BA 60 43.12 59.87 28.21
C SER BA 60 43.17 60.65 26.92
N ASN BA 61 43.63 60.04 25.83
CA ASN BA 61 43.84 60.78 24.59
C ASN BA 61 42.54 61.38 24.07
N ARG BA 62 41.45 60.61 24.14
CA ARG BA 62 40.15 61.03 23.65
C ARG BA 62 39.37 61.83 24.67
N TYR BA 63 39.50 61.47 25.96
CA TYR BA 63 38.71 62.01 27.05
C TYR BA 63 39.55 62.81 28.04
N GLN BA 64 40.39 63.71 27.54
CA GLN BA 64 41.29 64.42 28.43
C GLN BA 64 40.53 65.30 29.40
N ALA BA 65 39.52 66.04 28.92
CA ALA BA 65 38.77 66.89 29.85
C ALA BA 65 37.73 66.09 30.64
N VAL BA 66 37.55 64.81 30.34
CA VAL BA 66 36.80 63.98 31.26
C VAL BA 66 37.73 63.47 32.35
N ILE BA 67 39.01 63.32 32.02
CA ILE BA 67 39.96 62.94 33.06
C ILE BA 67 40.26 64.11 33.97
N ASN BA 68 40.33 65.31 33.40
CA ASN BA 68 40.76 66.48 34.14
C ASN BA 68 39.66 67.13 34.96
N ASP BA 69 38.45 66.59 34.94
CA ASP BA 69 37.36 67.15 35.73
C ASP BA 69 36.82 66.16 36.74
N ILE BA 70 37.68 65.34 37.33
CA ILE BA 70 37.25 64.35 38.31
C ILE BA 70 37.68 64.82 39.69
N ASP BA 71 36.71 64.95 40.60
CA ASP BA 71 37.03 65.24 41.99
C ASP BA 71 37.56 63.96 42.61
N VAL BA 72 38.84 63.67 42.41
CA VAL BA 72 39.36 62.35 42.71
C VAL BA 72 39.29 62.03 44.19
N LYS BA 73 39.73 62.95 45.05
CA LYS BA 73 39.68 62.73 46.48
C LYS BA 73 38.23 62.65 46.96
N LYS BA 74 37.40 63.60 46.53
CA LYS BA 74 35.98 63.55 46.83
C LYS BA 74 35.38 62.20 46.44
N THR BA 75 35.86 61.61 45.36
CA THR BA 75 35.39 60.31 44.94
C THR BA 75 35.85 59.23 45.91
N GLU BA 76 37.15 58.98 45.96
CA GLU BA 76 37.67 57.85 46.72
C GLU BA 76 37.22 57.92 48.17
N GLU BA 77 37.40 59.07 48.81
CA GLU BA 77 37.08 59.19 50.24
C GLU BA 77 35.63 58.80 50.50
N GLU BA 78 34.71 59.28 49.67
CA GLU BA 78 33.30 59.12 49.96
C GLU BA 78 32.76 57.80 49.43
N LEU BA 79 33.42 57.24 48.41
CA LEU BA 79 32.82 56.18 47.60
C LEU BA 79 33.52 54.84 47.72
N GLY BA 80 34.83 54.83 47.91
CA GLY BA 80 35.58 53.60 47.79
C GLY BA 80 35.83 53.25 46.35
N ILE BA 81 36.00 54.26 45.51
CA ILE BA 81 36.12 54.11 44.06
C ILE BA 81 37.37 54.86 43.64
N THR BA 82 38.18 54.25 42.80
CA THR BA 82 39.45 54.87 42.47
C THR BA 82 39.47 55.41 41.04
N LEU BA 83 40.30 56.43 40.82
CA LEU BA 83 40.53 56.92 39.47
C LEU BA 83 40.93 55.78 38.54
N GLN BA 84 41.74 54.85 39.03
CA GLN BA 84 41.97 53.64 38.27
C GLN BA 84 40.72 52.78 38.16
N ASP BA 85 39.96 52.62 39.24
CA ASP BA 85 38.73 51.84 39.25
C ASP BA 85 37.64 52.43 38.38
N ILE BA 86 37.92 53.50 37.65
CA ILE BA 86 36.89 54.16 36.85
C ILE BA 86 36.92 53.67 35.40
N ARG BA 87 35.78 53.11 34.96
CA ARG BA 87 35.52 52.78 33.57
C ARG BA 87 35.55 54.05 32.72
N TRP BA 88 35.63 53.88 31.40
CA TRP BA 88 35.35 55.08 30.63
C TRP BA 88 33.87 55.26 30.47
N ASN BA 89 33.09 54.24 30.82
CA ASN BA 89 31.63 54.28 30.79
C ASN BA 89 31.06 53.80 32.11
N ASP BA 90 31.66 54.26 33.20
CA ASP BA 90 31.29 53.77 34.52
C ASP BA 90 29.95 54.33 34.94
N HIS BA 91 29.04 53.44 35.27
CA HIS BA 91 27.70 53.79 35.66
C HIS BA 91 27.61 54.22 37.11
N ARG BA 92 28.73 54.29 37.82
CA ARG BA 92 28.71 54.60 39.25
C ARG BA 92 28.63 56.10 39.46
N ARG BA 93 27.97 56.50 40.55
CA ARG BA 93 27.54 57.89 40.73
C ARG BA 93 28.58 58.67 41.50
N ILE BA 94 29.58 59.18 40.79
CA ILE BA 94 30.76 59.76 41.40
C ILE BA 94 30.69 61.28 41.28
N TYR BA 95 31.60 61.97 41.96
CA TYR BA 95 31.59 63.42 42.01
C TYR BA 95 32.65 64.01 41.09
N TRP BA 96 32.32 65.15 40.52
CA TRP BA 96 33.22 65.86 39.61
C TRP BA 96 33.23 67.33 39.98
N LYS BA 97 34.20 68.02 39.40
CA LYS BA 97 34.40 69.46 39.53
C LYS BA 97 34.61 70.04 38.15
N CYS BA 98 33.83 71.04 37.79
CA CYS BA 98 33.92 71.60 36.45
C CYS BA 98 35.27 72.25 36.22
N SER BA 99 35.93 71.91 35.12
CA SER BA 99 37.22 72.54 34.84
C SER BA 99 37.07 73.87 34.12
N PHE BA 100 35.84 74.23 33.76
CA PHE BA 100 35.61 75.53 33.14
C PHE BA 100 35.18 76.55 34.18
N CYS BA 101 34.20 76.19 35.00
CA CYS BA 101 33.76 77.04 36.10
C CYS BA 101 34.36 76.62 37.44
N GLY BA 102 34.04 75.42 37.91
CA GLY BA 102 34.54 74.97 39.19
C GLY BA 102 33.47 74.67 40.22
N SER BA 103 32.34 74.15 39.77
CA SER BA 103 31.29 73.68 40.66
C SER BA 103 31.32 72.16 40.76
N SER BA 104 30.70 71.64 41.81
CA SER BA 104 30.82 70.23 42.15
C SER BA 104 29.49 69.53 41.98
N TYR BA 105 29.52 68.35 41.36
CA TYR BA 105 28.30 67.56 41.20
C TYR BA 105 28.61 66.09 41.43
N ARG BA 106 27.57 65.27 41.31
CA ARG BA 106 27.68 63.82 41.49
C ARG BA 106 27.19 63.17 40.21
N LYS BA 107 28.09 63.01 39.23
CA LYS BA 107 27.65 62.51 37.95
C LYS BA 107 28.49 61.32 37.51
N SER BA 108 27.80 60.35 36.90
CA SER BA 108 28.39 59.09 36.48
C SER BA 108 29.15 59.27 35.17
N VAL BA 109 30.21 58.49 35.03
CA VAL BA 109 31.03 58.65 33.82
C VAL BA 109 30.27 58.18 32.61
N SER BA 110 29.20 57.41 32.80
CA SER BA 110 28.43 56.90 31.68
C SER BA 110 27.62 57.99 31.02
N VAL BA 111 26.78 58.69 31.78
CA VAL BA 111 26.00 59.75 31.16
C VAL BA 111 26.86 60.93 30.80
N ARG BA 112 28.15 60.91 31.13
CA ARG BA 112 29.05 61.97 30.73
C ARG BA 112 29.90 61.58 29.54
N THR BA 113 30.08 60.29 29.28
CA THR BA 113 30.73 59.85 28.05
C THR BA 113 29.75 59.56 26.93
N LYS BA 114 28.61 58.90 27.20
CA LYS BA 114 27.58 58.76 26.19
C LYS BA 114 27.09 60.13 25.76
N PHE BA 115 26.34 60.78 26.64
CA PHE BA 115 25.87 62.14 26.47
C PHE BA 115 26.89 63.07 27.08
N HIS BA 116 27.01 64.27 26.55
CA HIS BA 116 27.99 65.19 27.07
C HIS BA 116 27.39 65.93 28.26
N ALA BA 117 26.84 65.16 29.18
CA ALA BA 117 26.06 65.71 30.30
C ALA BA 117 27.01 66.13 31.43
N GLY BA 118 26.85 67.38 31.89
CA GLY BA 118 27.71 67.87 32.95
C GLY BA 118 27.10 68.78 34.00
N CYS BA 119 27.85 69.82 34.34
CA CYS BA 119 27.51 70.70 35.45
C CYS BA 119 26.20 71.42 35.20
N ASN BA 120 25.30 71.40 36.18
CA ASN BA 120 24.02 72.05 35.99
C ASN BA 120 24.17 73.56 35.81
N PHE BA 121 25.35 74.10 36.01
CA PHE BA 121 25.59 75.52 35.83
C PHE BA 121 26.38 75.82 34.58
N CYS BA 122 27.35 75.00 34.21
CA CYS BA 122 27.93 75.13 32.90
C CYS BA 122 27.04 74.60 31.80
N LYS BA 123 25.85 74.12 32.16
CA LYS BA 123 24.83 73.82 31.15
C LYS BA 123 24.46 75.06 30.35
N GLY BA 124 24.49 76.22 30.98
CA GLY BA 124 24.01 77.42 30.34
C GLY BA 124 25.07 78.45 30.02
N ARG BA 125 26.34 78.10 30.15
CA ARG BA 125 27.38 79.06 29.78
C ARG BA 125 27.20 79.56 28.36
N TYR BA 126 26.75 78.79 27.54
CA TYR BA 126 26.33 79.16 26.22
C TYR BA 126 24.95 79.79 26.29
N PRO BA 127 24.72 80.84 25.50
CA PRO BA 127 23.53 81.67 25.71
C PRO BA 127 22.23 80.92 25.63
N SER BA 128 22.02 80.17 24.57
CA SER BA 128 20.78 79.47 24.29
C SER BA 128 21.09 78.02 23.96
N GLU BA 129 20.45 77.11 24.69
CA GLU BA 129 20.67 75.69 24.45
C GLU BA 129 20.60 75.33 22.98
N VAL BA 130 19.69 75.96 22.25
CA VAL BA 130 19.44 75.55 20.88
C VAL BA 130 20.58 75.96 19.95
N LEU BA 131 20.88 77.24 19.83
CA LEU BA 131 21.99 77.72 18.99
C LEU BA 131 23.08 78.18 19.94
N ARG BA 132 24.05 77.29 20.18
CA ARG BA 132 24.98 77.44 21.28
C ARG BA 132 26.20 78.27 20.92
N GLU BA 133 26.79 78.03 19.75
CA GLU BA 133 27.97 78.77 19.36
C GLU BA 133 27.68 79.93 18.43
N GLN BA 134 26.66 79.81 17.57
CA GLN BA 134 26.39 80.87 16.61
C GLN BA 134 26.32 82.24 17.25
N HIS BA 135 25.95 82.31 18.52
CA HIS BA 135 25.84 83.60 19.17
C HIS BA 135 27.13 84.39 18.96
N GLN BA 136 27.02 85.47 18.20
CA GLN BA 136 28.08 86.46 18.16
C GLN BA 136 27.85 87.50 19.24
N SER BA 137 26.98 87.19 20.21
CA SER BA 137 26.85 88.00 21.40
C SER BA 137 28.18 88.06 22.13
N LEU BA 138 28.66 89.28 22.34
CA LEU BA 138 30.06 89.47 22.67
C LEU BA 138 30.39 88.83 24.01
N SER BA 139 31.70 88.73 24.28
CA SER BA 139 32.25 88.01 25.41
C SER BA 139 32.12 88.83 26.69
N LEU BA 140 32.83 88.39 27.72
CA LEU BA 140 32.76 89.08 29.01
C LEU BA 140 33.96 89.99 29.25
N ALA BA 141 35.19 89.51 29.00
CA ALA BA 141 36.35 90.36 29.22
C ALA BA 141 36.51 91.38 28.11
N ALA BA 142 36.41 90.94 26.85
CA ALA BA 142 36.57 91.85 25.72
C ALA BA 142 35.40 92.81 25.60
N SER BA 143 34.45 92.77 26.53
CA SER BA 143 33.26 93.59 26.47
C SER BA 143 32.96 94.40 27.72
N ALA BA 144 33.06 93.81 28.90
CA ALA BA 144 32.59 94.44 30.13
C ALA BA 144 33.41 93.97 31.33
N PRO BA 145 34.63 94.50 31.50
CA PRO BA 145 35.43 94.15 32.68
C PRO BA 145 34.80 94.58 33.99
N GLU BA 146 33.87 95.54 33.96
CA GLU BA 146 33.13 95.95 35.14
C GLU BA 146 32.31 94.82 35.72
N LEU BA 147 32.15 93.74 34.99
CA LEU BA 147 31.73 92.48 35.58
C LEU BA 147 32.92 91.63 35.96
N ILE BA 148 34.06 91.83 35.30
CA ILE BA 148 35.24 91.02 35.61
C ILE BA 148 35.72 91.32 37.02
N LYS BA 149 35.42 92.51 37.55
CA LYS BA 149 35.82 92.82 38.93
C LYS BA 149 34.81 92.33 39.96
N GLN BA 150 33.54 92.20 39.61
CA GLN BA 150 32.52 91.77 40.56
C GLN BA 150 32.35 90.26 40.59
N LEU BA 151 32.74 89.57 39.53
CA LEU BA 151 32.65 88.12 39.53
C LEU BA 151 33.53 87.54 40.62
N LYS BA 152 33.06 86.48 41.27
CA LYS BA 152 33.84 85.80 42.29
C LYS BA 152 35.15 85.29 41.70
N GLU BA 153 36.23 85.42 42.47
CA GLU BA 153 37.55 84.99 42.04
C GLU BA 153 37.61 83.46 41.93
N THR BA 154 38.03 82.97 40.77
CA THR BA 154 38.05 81.54 40.51
C THR BA 154 39.38 81.04 39.95
N ASP BA 155 40.22 81.94 39.44
CA ASP BA 155 41.40 81.68 38.63
C ASP BA 155 41.01 81.10 37.27
N LYS BA 156 39.72 80.84 37.05
CA LYS BA 156 39.18 80.49 35.75
C LYS BA 156 38.58 81.70 35.05
N LYS BA 157 38.71 82.89 35.64
CA LYS BA 157 38.31 84.10 34.96
C LYS BA 157 39.03 84.26 33.62
N ASP BA 158 40.22 83.66 33.48
CA ASP BA 158 40.93 83.69 32.20
C ASP BA 158 40.10 83.07 31.08
N ASN BA 159 39.27 82.08 31.41
CA ASN BA 159 38.38 81.49 30.42
C ASN BA 159 37.00 82.14 30.43
N LEU BA 160 36.47 82.46 31.63
CA LEU BA 160 35.14 83.06 31.71
C LEU BA 160 35.09 84.46 31.13
N GLY BA 161 36.24 85.13 30.97
CA GLY BA 161 36.25 86.38 30.25
C GLY BA 161 35.84 86.25 28.80
N SER BA 162 35.47 85.05 28.37
CA SER BA 162 34.88 84.86 27.05
C SER BA 162 33.40 84.48 27.11
N LEU BA 163 32.84 84.21 28.29
CA LEU BA 163 31.41 83.96 28.38
C LEU BA 163 30.62 85.12 27.79
N ALA BA 164 29.58 84.78 27.05
CA ALA BA 164 28.79 85.78 26.39
C ALA BA 164 27.96 86.57 27.38
N LEU BA 165 27.80 87.85 27.08
CA LEU BA 165 26.94 88.71 27.89
C LEU BA 165 25.55 88.13 28.03
N THR BA 166 25.14 87.29 27.08
CA THR BA 166 23.81 86.75 27.02
C THR BA 166 23.70 85.39 27.68
N SER BA 167 24.78 84.93 28.33
CA SER BA 167 24.82 83.60 28.88
C SER BA 167 23.95 83.49 30.12
N LYS BA 168 23.14 82.44 30.16
CA LYS BA 168 22.36 82.13 31.34
C LYS BA 168 23.19 81.59 32.47
N PHE BA 169 24.52 81.66 32.34
CA PHE BA 169 25.40 81.04 33.32
C PHE BA 169 25.12 81.60 34.69
N ARG BA 170 24.64 80.76 35.60
CA ARG BA 170 24.35 81.21 36.97
C ARG BA 170 25.68 81.53 37.66
N ALA BA 171 26.27 82.63 37.24
CA ALA BA 171 27.59 82.98 37.73
C ALA BA 171 27.46 83.61 39.10
N GLU BA 172 28.43 83.31 39.96
CA GLU BA 172 28.49 83.85 41.31
C GLU BA 172 29.35 85.10 41.29
N TRP BA 173 28.96 86.09 42.07
CA TRP BA 173 29.62 87.37 42.06
C TRP BA 173 29.75 87.89 43.48
N LYS BA 174 30.65 88.85 43.60
CA LYS BA 174 30.74 89.69 44.77
C LYS BA 174 29.70 90.79 44.64
N CYS BA 175 28.91 90.98 45.70
CA CYS BA 175 28.03 92.14 45.76
C CYS BA 175 28.83 93.38 46.15
N GLN BA 176 28.19 94.54 46.12
CA GLN BA 176 28.86 95.73 46.61
C GLN BA 176 28.31 96.17 47.95
N SER BA 177 27.05 95.85 48.24
CA SER BA 177 26.45 96.27 49.51
C SER BA 177 26.87 95.36 50.65
N CYS BA 178 26.49 94.09 50.59
CA CYS BA 178 26.80 93.15 51.65
C CYS BA 178 28.09 92.39 51.39
N GLY BA 179 28.80 92.72 50.31
CA GLY BA 179 30.04 92.07 49.97
C GLY BA 179 29.94 90.59 49.68
N GLY BA 180 28.81 89.96 49.98
CA GLY BA 180 28.69 88.52 49.92
C GLY BA 180 28.56 87.98 48.51
N SER BA 181 28.24 86.69 48.45
CA SER BA 181 28.17 85.94 47.21
C SER BA 181 26.72 85.89 46.74
N TYR BA 182 26.45 86.53 45.61
CA TYR BA 182 25.14 86.38 45.00
C TYR BA 182 25.32 85.79 43.62
N ARG BA 183 24.50 84.79 43.30
CA ARG BA 183 24.58 84.04 42.06
C ARG BA 183 23.42 84.43 41.15
N ALA BA 184 23.74 84.97 39.98
CA ALA BA 184 22.73 85.37 39.01
C ALA BA 184 23.25 85.09 37.61
N SER BA 185 22.31 85.07 36.67
CA SER BA 185 22.66 84.83 35.28
C SER BA 185 23.61 85.91 34.79
N VAL BA 186 24.56 85.52 33.96
CA VAL BA 186 25.38 86.53 33.35
C VAL BA 186 24.54 87.45 32.49
N ARG BA 187 23.51 86.91 31.86
CA ARG BA 187 22.61 87.79 31.13
C ARG BA 187 21.73 88.60 32.08
N SER BA 188 21.15 87.97 33.11
CA SER BA 188 20.30 88.73 34.03
C SER BA 188 21.08 89.88 34.65
N ARG BA 189 22.39 89.72 34.78
CA ARG BA 189 23.19 90.85 35.17
C ARG BA 189 23.34 91.84 34.01
N THR BA 190 23.98 91.41 32.92
CA THR BA 190 24.48 92.34 31.92
C THR BA 190 23.34 93.11 31.25
N GLY BA 191 22.21 92.46 31.04
CA GLY BA 191 21.01 93.08 30.53
C GLY BA 191 20.65 92.65 29.14
N MET BA 192 21.62 92.58 28.23
CA MET BA 192 21.38 92.34 26.83
C MET BA 192 21.12 90.86 26.57
N VAL BA 193 20.24 90.60 25.61
CA VAL BA 193 19.73 89.27 25.31
C VAL BA 193 19.95 89.03 23.83
N GLU BA 194 20.26 87.80 23.46
CA GLU BA 194 20.43 87.50 22.04
C GLU BA 194 19.12 87.72 21.31
N ASN BA 195 19.21 88.15 20.05
CA ASN BA 195 18.01 88.54 19.33
C ASN BA 195 17.06 87.37 19.23
N GLY BA 196 15.94 87.44 19.93
CA GLY BA 196 14.86 86.51 19.71
C GLY BA 196 14.63 85.50 20.79
N GLN BA 197 15.10 85.73 22.00
CA GLN BA 197 14.82 84.86 23.12
C GLN BA 197 13.72 85.48 23.97
N CYS BA 198 13.46 84.88 25.11
CA CYS BA 198 12.60 85.51 26.10
C CYS BA 198 13.35 86.65 26.74
N PRO BA 199 12.98 87.90 26.50
CA PRO BA 199 13.76 89.02 27.03
C PRO BA 199 13.53 89.20 28.52
N LEU BA 200 14.45 89.90 29.16
CA LEU BA 200 14.41 90.06 30.59
C LEU BA 200 13.97 91.48 30.94
N HIS BA 201 13.69 91.69 32.22
CA HIS BA 201 13.02 92.87 32.74
C HIS BA 201 13.66 94.13 32.19
N PRO BA 202 12.95 95.25 32.14
CA PRO BA 202 13.61 96.52 31.81
C PRO BA 202 14.61 96.98 32.86
N ASN BA 203 14.44 96.56 34.12
CA ASN BA 203 15.27 97.00 35.24
C ASN BA 203 16.04 95.86 35.87
N ILE BA 204 16.23 94.76 35.15
CA ILE BA 204 16.92 93.64 35.76
C ILE BA 204 18.36 94.00 36.09
N VAL BA 205 18.94 94.97 35.39
CA VAL BA 205 20.21 95.51 35.83
C VAL BA 205 20.08 96.04 37.25
N ASP BA 206 19.09 96.89 37.51
CA ASP BA 206 19.00 97.54 38.81
C ASP BA 206 18.44 96.61 39.88
N TRP BA 207 17.92 95.44 39.50
CA TRP BA 207 17.41 94.50 40.50
C TRP BA 207 18.18 93.20 40.57
N SER BA 208 19.32 93.11 39.90
CA SER BA 208 20.34 92.13 40.26
C SER BA 208 21.73 92.75 40.41
N ALA BA 209 21.87 94.08 40.32
CA ALA BA 209 23.18 94.66 40.54
C ALA BA 209 23.63 94.50 41.97
N TYR BA 210 22.77 94.00 42.84
CA TYR BA 210 23.03 93.90 44.26
C TYR BA 210 22.60 92.54 44.78
N CYS BA 211 22.53 92.44 46.09
CA CYS BA 211 22.23 91.19 46.77
C CYS BA 211 20.72 90.96 46.81
N PRO BA 212 20.28 89.70 46.88
CA PRO BA 212 18.84 89.43 46.90
C PRO BA 212 18.07 90.14 48.03
N SER BA 213 18.75 90.61 49.07
CA SER BA 213 18.08 91.48 50.03
C SER BA 213 18.56 92.91 49.96
N CYS BA 214 19.78 93.12 49.48
CA CYS BA 214 20.40 94.43 49.38
C CYS BA 214 20.31 94.97 47.97
N SER BA 215 19.50 94.32 47.12
CA SER BA 215 19.11 94.92 45.85
C SER BA 215 17.83 95.71 45.97
N TRP BA 216 17.20 95.68 47.13
CA TRP BA 216 16.01 96.49 47.33
C TRP BA 216 16.34 97.98 47.31
N ARG BA 217 17.31 98.39 48.09
CA ARG BA 217 17.56 99.80 48.33
C ARG BA 217 17.85 100.63 47.09
N PRO BA 218 18.81 100.24 46.23
CA PRO BA 218 19.14 101.10 45.08
C PRO BA 218 17.96 101.37 44.16
N ASN BA 219 16.80 100.80 44.50
CA ASN BA 219 15.62 100.91 43.65
C ASN BA 219 14.70 102.06 44.04
N MET BA 220 14.09 101.99 45.23
CA MET BA 220 13.08 102.95 45.67
C MET BA 220 13.61 104.37 45.76
N GLU BA 221 14.91 104.56 45.55
CA GLU BA 221 15.48 105.90 45.51
C GLU BA 221 14.78 106.77 44.47
N ALA BA 222 14.91 106.42 43.19
CA ALA BA 222 14.23 107.17 42.14
C ALA BA 222 12.72 107.03 42.20
N ILE BA 223 12.18 106.12 43.01
CA ILE BA 223 10.74 105.93 43.10
C ILE BA 223 10.11 106.92 44.05
N ALA BA 224 10.73 107.13 45.21
CA ALA BA 224 10.32 108.18 46.13
C ALA BA 224 10.79 109.55 45.68
N GLU BA 225 11.86 109.63 44.89
CA GLU BA 225 12.26 110.92 44.36
C GLU BA 225 11.11 111.56 43.59
N GLU BA 226 10.32 110.75 42.89
CA GLU BA 226 9.20 111.30 42.15
C GLU BA 226 7.96 111.46 43.01
N VAL BA 227 7.74 110.62 44.02
CA VAL BA 227 6.69 110.94 44.99
C VAL BA 227 6.95 112.32 45.58
N GLN BA 228 8.20 112.66 45.85
CA GLN BA 228 8.51 113.99 46.35
C GLN BA 228 8.31 115.04 45.26
N ARG BA 229 8.96 114.86 44.10
CA ARG BA 229 8.95 115.87 43.05
C ARG BA 229 7.52 116.22 42.64
N THR BA 230 6.62 115.24 42.66
CA THR BA 230 5.28 115.42 42.13
C THR BA 230 4.18 115.35 43.19
N GLY BA 231 4.51 115.07 44.44
CA GLY BA 231 3.48 114.84 45.43
C GLY BA 231 2.59 113.65 45.14
N GLN BA 232 3.02 112.74 44.28
CA GLN BA 232 2.15 111.68 43.78
C GLN BA 232 3.00 110.59 43.13
N PHE BA 233 2.66 109.33 43.40
CA PHE BA 233 3.38 108.19 42.83
C PHE BA 233 2.46 107.42 41.92
N LEU BA 234 2.78 107.43 40.63
CA LEU BA 234 2.05 106.66 39.63
C LEU BA 234 3.02 106.13 38.60
N GLY BA 235 3.06 104.81 38.48
CA GLY BA 235 4.06 104.16 37.65
C GLY BA 235 4.09 104.60 36.21
N LEU BA 236 3.19 105.48 35.82
CA LEU BA 236 3.00 105.89 34.45
C LEU BA 236 4.00 106.94 34.03
N GLU BA 237 4.95 107.27 34.91
CA GLU BA 237 5.88 108.35 34.61
C GLU BA 237 6.89 107.93 33.56
N ALA BA 238 7.28 106.65 33.56
CA ALA BA 238 8.18 106.17 32.52
C ALA BA 238 7.48 106.18 31.16
N GLU BA 239 6.23 105.71 31.12
CA GLU BA 239 5.43 105.85 29.92
C GLU BA 239 5.45 107.29 29.41
N SER BA 240 4.94 108.21 30.22
CA SER BA 240 4.85 109.59 29.77
C SER BA 240 6.23 110.13 29.39
N ARG BA 241 7.30 109.64 30.02
CA ARG BA 241 8.61 110.02 29.55
C ARG BA 241 8.81 109.60 28.11
N LYS BA 242 8.40 108.37 27.79
CA LYS BA 242 8.62 107.86 26.44
C LYS BA 242 7.78 108.60 25.39
N ILE BA 243 6.61 109.12 25.77
CA ILE BA 243 5.83 109.89 24.80
C ILE BA 243 6.34 111.32 24.70
N ALA BA 244 6.77 111.90 25.82
CA ALA BA 244 7.34 113.24 25.78
C ALA BA 244 8.74 113.26 25.21
N SER BA 245 9.33 112.09 24.96
CA SER BA 245 10.67 112.00 24.38
C SER BA 245 10.67 111.38 22.98
N ALA BA 246 9.86 110.35 22.73
CA ALA BA 246 9.96 109.60 21.50
C ALA BA 246 8.72 109.73 20.65
N PRO BA 247 8.65 110.72 19.76
CA PRO BA 247 7.51 110.84 18.85
C PRO BA 247 7.55 109.78 17.77
N PRO BA 248 6.46 109.03 17.59
CA PRO BA 248 6.37 108.12 16.44
C PRO BA 248 6.24 108.90 15.14
N ALA BA 249 7.10 108.59 14.17
CA ALA BA 249 7.14 109.38 12.95
C ALA BA 249 5.96 109.04 12.05
N ARG BA 250 5.91 107.81 11.55
CA ARG BA 250 4.78 107.35 10.73
C ARG BA 250 4.56 105.89 11.11
N ILE BA 251 3.69 105.66 12.08
CA ILE BA 251 3.34 104.31 12.47
C ILE BA 251 2.04 103.97 11.76
N PRO BA 252 2.04 103.03 10.83
CA PRO BA 252 0.85 102.76 10.02
C PRO BA 252 -0.35 102.42 10.87
N ARG BA 253 -1.43 103.17 10.66
CA ARG BA 253 -2.69 102.96 11.34
C ARG BA 253 -3.70 102.34 10.38
N ARG BA 254 -4.46 101.37 10.89
CA ARG BA 254 -5.32 100.55 10.05
C ARG BA 254 -6.58 101.31 9.64
N LYS BA 255 -7.03 101.03 8.41
CA LYS BA 255 -8.29 101.59 7.94
C LYS BA 255 -9.42 101.17 8.87
N LYS BA 256 -10.11 102.15 9.43
CA LYS BA 256 -11.16 101.80 10.36
C LYS BA 256 -12.26 101.02 9.64
N LEU BA 257 -13.02 100.26 10.43
CA LEU BA 257 -14.15 99.52 9.92
C LEU BA 257 -15.47 100.25 10.10
N VAL BA 258 -15.65 100.95 11.21
CA VAL BA 258 -16.87 101.70 11.49
C VAL BA 258 -17.14 102.66 10.33
N GLU CA 13 -58.26 66.56 59.51
CA GLU CA 13 -58.51 65.27 60.15
C GLU CA 13 -59.42 64.38 59.30
N ARG CA 14 -59.99 64.94 58.23
CA ARG CA 14 -60.78 64.16 57.28
C ARG CA 14 -60.57 64.68 55.86
N GLY CA 15 -59.33 64.98 55.49
CA GLY CA 15 -59.06 65.42 54.14
C GLY CA 15 -57.65 65.96 54.01
N LEU CA 16 -57.39 66.54 52.85
CA LEU CA 16 -56.08 67.12 52.59
C LEU CA 16 -55.83 68.28 53.54
N TYR CA 17 -54.57 68.71 53.61
CA TYR CA 17 -54.19 69.80 54.52
C TYR CA 17 -54.53 71.15 53.92
N PHE CA 18 -54.10 71.41 52.69
CA PHE CA 18 -54.30 72.70 52.03
C PHE CA 18 -55.15 72.49 50.79
N PRO CA 19 -56.43 72.15 50.93
CA PRO CA 19 -57.19 71.64 49.79
C PRO CA 19 -57.12 72.54 48.57
N ILE CA 20 -57.22 71.90 47.40
CA ILE CA 20 -57.29 72.63 46.16
C ILE CA 20 -58.69 73.21 45.90
N ASN CA 21 -59.68 72.85 46.72
CA ASN CA 21 -60.92 73.60 46.68
C ASN CA 21 -60.68 75.04 47.10
N HIS CA 22 -59.75 75.28 48.03
CA HIS CA 22 -59.45 76.61 48.52
C HIS CA 22 -58.13 77.15 48.01
N ARG CA 23 -57.38 76.35 47.27
CA ARG CA 23 -56.16 76.81 46.60
C ARG CA 23 -56.53 77.81 45.51
N ILE CA 24 -56.37 79.10 45.80
CA ILE CA 24 -56.77 80.17 44.87
C ILE CA 24 -55.74 81.30 44.92
N VAL CA 25 -55.47 81.91 43.77
CA VAL CA 25 -54.55 83.03 43.68
C VAL CA 25 -55.11 84.03 42.68
N ASP CA 26 -55.71 85.10 43.19
CA ASP CA 26 -56.39 86.09 42.36
C ASP CA 26 -55.37 87.11 41.84
N ARG CA 27 -55.43 87.40 40.54
CA ARG CA 27 -54.48 88.30 39.92
C ARG CA 27 -55.11 89.59 39.42
N ARG CA 28 -56.23 90.00 39.97
CA ARG CA 28 -56.66 91.39 39.88
C ARG CA 28 -56.30 92.16 41.13
N ILE CA 29 -55.49 91.54 42.01
CA ILE CA 29 -54.84 92.16 43.16
C ILE CA 29 -53.39 92.40 42.78
N ALA CA 30 -52.89 93.58 43.07
CA ALA CA 30 -51.56 93.91 42.58
C ALA CA 30 -50.53 92.97 43.15
N SER CA 31 -49.29 93.14 42.70
CA SER CA 31 -48.21 92.28 43.15
C SER CA 31 -47.67 92.78 44.48
N GLY CA 32 -47.23 91.84 45.31
CA GLY CA 32 -46.77 92.19 46.63
C GLY CA 32 -47.85 92.53 47.62
N VAL CA 33 -49.06 92.89 47.15
CA VAL CA 33 -50.08 93.40 48.05
C VAL CA 33 -50.47 92.37 49.10
N THR CA 34 -50.71 91.13 48.68
CA THR CA 34 -51.00 90.11 49.68
C THR CA 34 -49.75 89.64 50.39
N VAL CA 35 -48.56 89.98 49.88
CA VAL CA 35 -47.35 89.54 50.55
C VAL CA 35 -47.19 90.27 51.87
N GLU CA 36 -46.92 91.58 51.78
CA GLU CA 36 -46.39 92.36 52.90
C GLU CA 36 -47.17 93.61 53.19
N GLU CA 37 -48.25 93.89 52.46
CA GLU CA 37 -48.95 95.16 52.61
C GLU CA 37 -50.36 94.97 53.16
N ALA CA 38 -51.12 94.04 52.60
CA ALA CA 38 -52.55 94.04 52.83
C ALA CA 38 -53.12 92.66 52.62
N ASP CA 39 -54.23 92.38 53.28
CA ASP CA 39 -54.91 91.10 53.10
C ASP CA 39 -56.15 91.29 52.26
N VAL CA 40 -56.35 90.41 51.29
CA VAL CA 40 -57.57 90.38 50.50
C VAL CA 40 -58.29 89.08 50.77
N GLN CA 41 -59.11 89.08 51.79
CA GLN CA 41 -59.90 87.92 52.13
C GLN CA 41 -61.29 88.11 51.58
N SER CA 42 -61.78 87.09 50.90
CA SER CA 42 -63.06 87.16 50.23
C SER CA 42 -63.59 85.75 50.13
N ARG CA 43 -64.64 85.60 49.34
CA ARG CA 43 -65.16 84.29 49.05
C ARG CA 43 -65.06 84.14 47.55
N TYR CA 44 -64.08 83.34 47.13
CA TYR CA 44 -63.78 83.13 45.72
C TYR CA 44 -64.48 81.93 45.15
N ARG CA 45 -65.02 81.05 45.99
CA ARG CA 45 -65.76 79.90 45.50
C ARG CA 45 -67.18 80.22 45.07
N ARG CA 46 -67.52 81.48 44.83
CA ARG CA 46 -68.75 81.80 44.13
C ARG CA 46 -68.50 82.57 42.85
N GLU CA 47 -67.34 83.23 42.75
CA GLU CA 47 -66.94 83.82 41.48
C GLU CA 47 -66.23 82.80 40.63
N LEU CA 48 -65.81 81.70 41.22
CA LEU CA 48 -65.29 80.60 40.43
C LEU CA 48 -66.28 79.45 40.34
N ARG CA 49 -67.56 79.76 40.20
CA ARG CA 49 -68.58 78.75 40.09
C ARG CA 49 -68.99 78.64 38.63
N THR CA 50 -69.40 77.45 38.22
CA THR CA 50 -69.61 77.17 36.81
C THR CA 50 -71.06 77.38 36.42
N SER CA 51 -71.25 77.73 35.16
CA SER CA 51 -72.57 77.78 34.57
C SER CA 51 -73.37 76.52 34.84
N PHE CA 52 -72.71 75.39 35.06
CA PHE CA 52 -73.44 74.20 35.44
C PHE CA 52 -73.84 74.25 36.91
N ALA CA 53 -73.20 75.11 37.70
CA ALA CA 53 -73.58 75.19 39.10
C ALA CA 53 -74.45 76.40 39.39
N THR CA 54 -74.53 77.34 38.44
CA THR CA 54 -75.48 78.43 38.57
C THR CA 54 -76.69 78.21 37.68
N GLY CA 55 -76.50 78.26 36.37
CA GLY CA 55 -77.60 78.27 35.43
C GLY CA 55 -77.46 79.26 34.31
N GLU CA 56 -76.30 79.91 34.18
CA GLU CA 56 -76.10 80.85 33.11
C GLU CA 56 -76.21 80.15 31.76
N THR CA 57 -77.35 80.37 31.11
CA THR CA 57 -77.54 79.98 29.73
C THR CA 57 -77.10 81.16 28.89
N ARG CA 58 -76.03 80.96 28.16
CA ARG CA 58 -75.40 82.05 27.42
C ARG CA 58 -76.33 82.42 26.28
N GLN CA 59 -77.29 83.30 26.59
CA GLN CA 59 -78.19 83.79 25.57
C GLN CA 59 -77.48 84.71 24.59
N THR CA 60 -77.95 84.72 23.34
CA THR CA 60 -77.37 85.63 22.37
C THR CA 60 -77.51 87.04 22.91
N ILE CA 61 -76.40 87.75 23.03
CA ILE CA 61 -76.40 89.06 23.66
C ILE CA 61 -76.68 90.13 22.63
N PRO CA 62 -77.77 90.89 22.76
CA PRO CA 62 -78.02 91.97 21.81
C PRO CA 62 -77.12 93.16 22.12
N PRO CA 63 -76.69 93.88 21.11
CA PRO CA 63 -75.82 95.04 21.35
C PRO CA 63 -76.63 96.20 21.90
N ALA CA 64 -76.00 97.37 21.93
CA ALA CA 64 -76.60 98.52 22.61
C ALA CA 64 -77.97 98.88 22.07
N TRP CA 65 -78.02 99.32 20.83
CA TRP CA 65 -79.28 99.82 20.29
C TRP CA 65 -80.36 98.76 20.28
N SER CA 66 -80.07 97.57 19.78
CA SER CA 66 -81.07 96.52 19.75
C SER CA 66 -81.45 96.05 21.14
N ALA CA 67 -80.64 96.34 22.14
CA ALA CA 67 -81.01 96.07 23.52
C ALA CA 67 -81.94 97.14 24.07
N CYS CA 68 -81.83 98.38 23.56
CA CYS CA 68 -82.69 99.45 24.03
C CYS CA 68 -84.15 99.24 23.60
N GLU CA 69 -84.37 98.56 22.48
CA GLU CA 69 -85.73 98.39 21.97
C GLU CA 69 -86.31 97.02 22.31
N ARG CA 70 -87.60 97.01 22.58
CA ARG CA 70 -88.30 95.85 23.08
C ARG CA 70 -88.59 94.86 21.96
N PRO CA 71 -88.73 93.57 22.27
CA PRO CA 71 -89.06 92.60 21.23
C PRO CA 71 -90.43 92.89 20.65
N THR CA 72 -90.46 93.08 19.33
CA THR CA 72 -91.69 93.37 18.62
C THR CA 72 -92.24 92.16 17.89
N HIS CA 73 -91.41 91.46 17.12
CA HIS CA 73 -91.85 90.22 16.51
C HIS CA 73 -90.93 89.09 16.95
N PHE CA 74 -91.49 87.90 17.04
CA PHE CA 74 -90.69 86.79 17.51
C PHE CA 74 -91.14 85.52 16.84
N LEU CA 75 -90.17 84.76 16.36
CA LEU CA 75 -90.41 83.45 15.78
C LEU CA 75 -90.56 82.45 16.92
N SER CA 76 -91.57 81.60 16.84
CA SER CA 76 -91.79 80.61 17.86
C SER CA 76 -92.39 79.35 17.26
N LEU CA 77 -91.88 78.22 17.70
CA LEU CA 77 -92.48 76.93 17.42
C LEU CA 77 -93.67 76.77 18.35
N ARG CA 78 -94.80 76.37 17.80
CA ARG CA 78 -95.98 76.25 18.62
C ARG CA 78 -96.03 74.88 19.26
N LEU CA 79 -96.45 74.85 20.51
CA LEU CA 79 -96.72 73.60 21.19
C LEU CA 79 -98.06 73.04 20.72
N PRO CA 80 -98.18 71.75 20.49
CA PRO CA 80 -99.49 71.17 20.20
C PRO CA 80 -100.34 71.09 21.44
N VAL CA 81 -101.58 70.70 21.25
CA VAL CA 81 -102.47 70.47 22.38
C VAL CA 81 -102.14 69.11 22.98
N ARG CA 82 -102.54 68.92 24.24
CA ARG CA 82 -102.35 67.65 24.94
C ARG CA 82 -100.87 67.24 24.92
N ASN CA 83 -100.07 68.10 25.54
CA ASN CA 83 -98.62 67.95 25.57
C ASN CA 83 -98.17 67.08 26.73
N VAL CA 84 -96.85 66.86 26.78
CA VAL CA 84 -96.20 66.45 28.01
C VAL CA 84 -95.50 67.63 28.69
N LEU CA 85 -94.92 68.54 27.91
CA LEU CA 85 -94.34 69.73 28.50
C LEU CA 85 -95.39 70.48 29.30
N ARG CA 86 -96.60 70.57 28.78
CA ARG CA 86 -97.65 71.28 29.48
C ARG CA 86 -97.96 70.66 30.83
N THR CA 87 -98.06 69.34 30.89
CA THR CA 87 -98.47 68.67 32.13
C THR CA 87 -97.35 68.68 33.18
N ARG CA 88 -96.13 68.38 32.77
CA ARG CA 88 -95.01 68.50 33.70
C ARG CA 88 -94.79 69.93 34.15
N VAL CA 89 -95.04 70.91 33.29
CA VAL CA 89 -94.97 72.30 33.71
C VAL CA 89 -96.09 72.61 34.69
N ASN CA 90 -97.25 71.98 34.52
CA ASN CA 90 -98.35 72.14 35.46
C ASN CA 90 -98.00 71.65 36.85
N GLU CA 91 -97.38 70.48 36.96
CA GLU CA 91 -96.94 69.99 38.27
C GLU CA 91 -95.81 70.85 38.83
N MET CA 92 -94.92 71.33 37.97
CA MET CA 92 -93.92 72.29 38.45
C MET CA 92 -94.57 73.51 39.04
N HIS CA 93 -95.69 73.96 38.47
CA HIS CA 93 -96.38 75.12 39.02
C HIS CA 93 -97.06 74.78 40.34
N ASN CA 94 -97.71 73.62 40.42
CA ASN CA 94 -98.27 73.16 41.69
C ASN CA 94 -97.25 73.17 42.81
N GLN CA 95 -96.03 72.70 42.53
CA GLN CA 95 -94.99 72.70 43.56
C GLN CA 95 -94.36 74.06 43.79
N ILE CA 96 -94.27 74.91 42.78
CA ILE CA 96 -93.92 76.30 43.03
C ILE CA 96 -94.86 76.91 44.04
N LEU CA 97 -96.16 76.68 43.87
CA LEU CA 97 -97.14 77.29 44.78
C LEU CA 97 -97.10 76.65 46.16
N PHE CA 98 -97.20 75.32 46.26
CA PHE CA 98 -97.15 74.66 47.56
C PHE CA 98 -95.85 74.94 48.29
N SER CA 99 -94.81 75.31 47.55
CA SER CA 99 -93.58 75.76 48.15
C SER CA 99 -93.74 77.18 48.68
N HIS CA 100 -94.22 78.07 47.84
CA HIS CA 100 -94.32 79.49 48.18
C HIS CA 100 -95.57 80.07 47.55
N GLN CA 101 -96.42 80.66 48.38
CA GLN CA 101 -97.42 81.58 47.86
C GLN CA 101 -96.79 82.82 47.27
N GLN CA 102 -95.52 83.09 47.59
CA GLN CA 102 -94.85 84.28 47.10
C GLN CA 102 -94.76 84.32 45.59
N HIS CA 103 -94.57 83.16 44.96
CA HIS CA 103 -93.98 83.11 43.63
C HIS CA 103 -94.99 82.90 42.52
N ALA CA 104 -96.28 82.83 42.85
CA ALA CA 104 -97.30 82.76 41.81
C ALA CA 104 -97.25 83.96 40.85
N PRO CA 105 -97.09 85.19 41.34
CA PRO CA 105 -97.07 86.35 40.41
C PRO CA 105 -95.80 86.49 39.60
N LEU CA 106 -94.95 85.46 39.53
CA LEU CA 106 -93.76 85.51 38.68
C LEU CA 106 -93.84 84.51 37.54
N LEU CA 107 -94.55 83.41 37.75
CA LEU CA 107 -94.68 82.35 36.76
C LEU CA 107 -95.41 82.84 35.51
N VAL CA 108 -94.99 82.35 34.36
CA VAL CA 108 -95.74 82.60 33.12
C VAL CA 108 -96.94 81.66 33.07
N PRO CA 109 -98.11 82.13 32.63
CA PRO CA 109 -99.26 81.23 32.53
C PRO CA 109 -98.95 80.06 31.63
N LEU CA 110 -99.80 79.03 31.70
CA LEU CA 110 -99.62 77.89 30.82
C LEU CA 110 -99.99 78.21 29.38
N GLU CA 111 -100.93 79.13 29.15
CA GLU CA 111 -101.36 79.40 27.79
C GLU CA 111 -100.36 80.26 27.03
N LYS CA 112 -99.63 81.13 27.71
CA LYS CA 112 -98.57 81.91 27.09
C LYS CA 112 -97.42 81.03 26.66
N LEU CA 113 -97.52 79.73 26.84
CA LEU CA 113 -96.43 78.82 26.49
C LEU CA 113 -96.22 78.81 24.98
N HIS CA 114 -94.96 78.74 24.58
CA HIS CA 114 -94.57 78.75 23.19
C HIS CA 114 -93.20 78.09 23.13
N ILE CA 115 -92.48 78.29 22.03
CA ILE CA 115 -91.06 78.00 22.01
C ILE CA 115 -90.39 79.13 21.26
N THR CA 116 -89.55 79.90 21.95
CA THR CA 116 -88.92 81.08 21.36
C THR CA 116 -87.71 80.65 20.55
N LEU CA 117 -87.73 80.90 19.25
CA LEU CA 117 -86.57 80.67 18.41
C LEU CA 117 -86.07 81.94 17.76
N GLY CA 118 -86.35 83.09 18.35
CA GLY CA 118 -85.81 84.33 17.85
C GLY CA 118 -86.68 85.55 18.11
N VAL CA 119 -86.07 86.65 18.54
CA VAL CA 119 -86.79 87.90 18.68
C VAL CA 119 -86.16 88.94 17.76
N MET CA 120 -86.95 89.94 17.41
CA MET CA 120 -86.68 90.80 16.28
C MET CA 120 -87.35 92.14 16.51
N ALA CA 121 -86.58 93.20 16.40
CA ALA CA 121 -87.08 94.56 16.58
C ALA CA 121 -87.53 95.07 15.21
N ILE CA 122 -88.84 95.09 14.99
CA ILE CA 122 -89.43 95.46 13.72
C ILE CA 122 -90.04 96.86 13.84
N SER CA 123 -89.81 97.70 12.84
CA SER CA 123 -90.42 99.02 12.81
C SER CA 123 -91.79 98.97 12.16
N GLU CA 124 -92.71 99.77 12.70
CA GLU CA 124 -94.10 99.76 12.22
C GLU CA 124 -94.26 100.55 10.92
N ARG CA 125 -93.32 101.43 10.59
CA ARG CA 125 -93.43 102.18 9.34
C ARG CA 125 -93.19 101.31 8.12
N GLU CA 126 -92.47 100.20 8.30
CA GLU CA 126 -92.27 99.22 7.24
C GLU CA 126 -92.70 97.86 7.74
N GLU CA 127 -93.81 97.82 8.48
CA GLU CA 127 -94.15 96.66 9.30
C GLU CA 127 -94.59 95.46 8.47
N THR CA 128 -95.74 95.58 7.77
CA THR CA 128 -96.31 94.41 7.12
C THR CA 128 -95.52 94.00 5.89
N GLU CA 129 -94.94 94.97 5.18
CA GLU CA 129 -94.08 94.66 4.05
C GLU CA 129 -92.86 93.86 4.48
N ARG CA 130 -92.23 94.24 5.59
CA ARG CA 130 -91.11 93.44 6.06
C ARG CA 130 -91.58 92.10 6.60
N LEU CA 131 -92.73 92.07 7.27
CA LEU CA 131 -93.27 90.80 7.72
C LEU CA 131 -93.48 89.84 6.57
N ALA CA 132 -93.87 90.36 5.40
CA ALA CA 132 -94.12 89.48 4.27
C ALA CA 132 -92.83 88.83 3.76
N SER CA 133 -91.79 89.64 3.54
CA SER CA 133 -90.51 89.08 3.11
C SER CA 133 -89.91 88.14 4.14
N ILE CA 134 -90.05 88.47 5.42
CA ILE CA 134 -89.67 87.54 6.47
C ILE CA 134 -90.46 86.26 6.34
N TYR CA 135 -91.75 86.35 6.04
CA TYR CA 135 -92.51 85.13 5.88
C TYR CA 135 -91.98 84.31 4.73
N ASP CA 136 -91.55 84.96 3.66
CA ASP CA 136 -90.95 84.24 2.56
C ASP CA 136 -89.73 83.46 3.05
N CYS CA 137 -88.84 84.14 3.77
CA CYS CA 137 -87.63 83.47 4.24
C CYS CA 137 -87.94 82.34 5.20
N VAL CA 138 -89.01 82.45 5.99
CA VAL CA 138 -89.36 81.39 6.93
C VAL CA 138 -89.94 80.18 6.21
N SER CA 139 -90.91 80.39 5.32
CA SER CA 139 -91.51 79.28 4.60
C SER CA 139 -90.53 78.62 3.64
N GLU CA 140 -89.67 79.40 2.99
CA GLU CA 140 -88.65 78.84 2.12
C GLU CA 140 -87.61 78.02 2.86
N VAL CA 141 -87.60 78.08 4.18
CA VAL CA 141 -86.70 77.24 4.95
C VAL CA 141 -87.42 76.04 5.53
N PHE CA 142 -88.57 76.28 6.13
CA PHE CA 142 -89.28 75.21 6.81
C PHE CA 142 -90.24 74.46 5.90
N SER CA 143 -90.15 74.65 4.58
CA SER CA 143 -91.03 73.93 3.67
C SER CA 143 -90.63 72.46 3.58
N VAL CA 144 -89.36 72.18 3.29
CA VAL CA 144 -88.90 70.80 3.10
C VAL CA 144 -88.63 70.08 4.41
N ILE CA 145 -88.66 70.77 5.54
CA ILE CA 145 -88.32 70.17 6.82
C ILE CA 145 -89.46 69.26 7.25
N HIS CA 146 -89.13 68.24 8.01
CA HIS CA 146 -90.16 67.40 8.57
C HIS CA 146 -90.64 68.02 9.86
N PRO CA 147 -91.81 67.61 10.34
CA PRO CA 147 -92.22 67.97 11.70
C PRO CA 147 -91.11 67.65 12.70
N LEU CA 148 -90.99 68.49 13.72
CA LEU CA 148 -89.80 68.50 14.55
C LEU CA 148 -90.11 67.88 15.91
N GLN CA 149 -89.26 66.96 16.36
CA GLN CA 149 -89.34 66.43 17.71
C GLN CA 149 -88.16 66.98 18.49
N LEU CA 150 -88.43 67.49 19.68
CA LEU CA 150 -87.43 68.12 20.50
C LEU CA 150 -87.45 67.54 21.91
N ARG CA 151 -86.41 67.87 22.66
CA ARG CA 151 -86.25 67.45 24.02
C ARG CA 151 -86.26 68.65 24.96
N PHE CA 152 -87.07 68.55 26.01
CA PHE CA 152 -87.12 69.49 27.11
C PHE CA 152 -86.53 68.78 28.30
N ARG CA 153 -85.43 69.29 28.83
CA ARG CA 153 -84.79 68.64 29.99
C ARG CA 153 -83.89 69.65 30.68
N GLY CA 154 -84.30 70.10 31.86
CA GLY CA 154 -83.47 70.98 32.67
C GLY CA 154 -83.48 72.44 32.33
N LEU CA 155 -83.71 73.29 33.33
CA LEU CA 155 -83.97 74.71 33.18
C LEU CA 155 -82.69 75.52 33.25
N GLY CA 156 -82.83 76.84 33.13
CA GLY CA 156 -81.67 77.71 33.09
C GLY CA 156 -82.08 79.14 33.36
N THR CA 157 -81.14 80.06 33.14
CA THR CA 157 -81.34 81.45 33.55
C THR CA 157 -81.06 82.42 32.41
N PHE CA 158 -82.07 83.22 32.07
CA PHE CA 158 -81.93 84.36 31.19
C PHE CA 158 -82.05 85.65 32.00
N GLY CA 159 -81.24 86.63 31.64
CA GLY CA 159 -81.18 87.88 32.38
C GLY CA 159 -80.45 87.77 33.70
N PHE CA 160 -79.50 86.86 33.80
CA PHE CA 160 -78.82 86.59 35.06
C PHE CA 160 -79.82 86.18 36.13
N GLY CA 161 -80.55 85.10 35.88
CA GLY CA 161 -81.54 84.64 36.82
C GLY CA 161 -82.88 85.30 36.71
N ARG CA 162 -83.00 86.35 35.91
CA ARG CA 162 -84.29 87.00 35.71
C ARG CA 162 -85.30 86.05 35.07
N VAL CA 163 -84.89 85.26 34.09
CA VAL CA 163 -85.83 84.40 33.38
C VAL CA 163 -85.47 82.95 33.61
N LEU CA 164 -86.49 82.16 33.89
CA LEU CA 164 -86.37 80.73 34.10
C LEU CA 164 -87.10 80.06 32.95
N PHE CA 165 -86.43 79.11 32.28
CA PHE CA 165 -86.95 78.55 31.05
C PHE CA 165 -86.54 77.10 30.90
N ILE CA 166 -87.37 76.35 30.19
CA ILE CA 166 -87.10 74.95 29.93
C ILE CA 166 -86.45 74.84 28.57
N ARG CA 167 -85.14 75.05 28.51
CA ARG CA 167 -84.42 74.92 27.26
C ARG CA 167 -84.76 73.61 26.58
N VAL CA 168 -84.78 73.63 25.25
CA VAL CA 168 -84.89 72.43 24.45
C VAL CA 168 -83.49 71.86 24.33
N VAL CA 169 -83.34 70.57 24.54
CA VAL CA 169 -81.98 70.02 24.60
C VAL CA 169 -81.43 69.89 23.18
N PRO CA 170 -80.11 69.97 22.99
CA PRO CA 170 -79.55 69.80 21.64
C PRO CA 170 -79.44 68.36 21.20
N GLU CA 171 -80.20 67.49 21.84
CA GLU CA 171 -79.94 66.07 21.72
C GLU CA 171 -80.87 65.31 20.78
N ALA CA 172 -81.89 65.95 20.21
CA ALA CA 172 -82.75 65.29 19.24
C ALA CA 172 -82.75 65.98 17.88
N ASP CA 173 -83.09 67.26 17.84
CA ASP CA 173 -83.25 67.91 16.55
C ASP CA 173 -82.66 69.32 16.53
N PHE CA 174 -81.79 69.66 17.49
CA PHE CA 174 -81.22 71.00 17.52
C PHE CA 174 -80.34 71.26 16.31
N GLY CA 175 -79.71 70.20 15.77
CA GLY CA 175 -78.92 70.38 14.58
C GLY CA 175 -79.72 70.92 13.41
N ILE CA 176 -80.75 70.19 13.01
CA ILE CA 176 -81.60 70.65 11.93
C ILE CA 176 -82.23 71.98 12.26
N LEU CA 177 -82.79 72.09 13.47
CA LEU CA 177 -83.50 73.31 13.84
C LEU CA 177 -82.57 74.51 13.81
N GLU CA 178 -81.31 74.33 14.18
CA GLU CA 178 -80.41 75.48 14.20
C GLU CA 178 -79.82 75.77 12.83
N THR CA 179 -79.63 74.76 11.98
CA THR CA 179 -79.40 75.13 10.58
C THR CA 179 -80.53 76.02 10.10
N ALA CA 180 -81.78 75.64 10.40
CA ALA CA 180 -82.90 76.43 9.96
C ALA CA 180 -82.87 77.84 10.55
N VAL CA 181 -82.73 77.96 11.86
CA VAL CA 181 -82.94 79.25 12.50
C VAL CA 181 -81.72 80.14 12.31
N SER CA 182 -80.53 79.57 12.16
CA SER CA 182 -79.45 80.44 11.74
C SER CA 182 -79.55 80.82 10.28
N LYS CA 183 -80.15 80.00 9.43
CA LYS CA 183 -80.43 80.47 8.10
C LYS CA 183 -81.36 81.67 8.15
N ILE CA 184 -82.49 81.55 8.81
CA ILE CA 184 -83.46 82.64 8.85
C ILE CA 184 -82.94 83.83 9.66
N ARG CA 185 -82.06 83.61 10.63
CA ARG CA 185 -81.34 84.71 11.24
C ARG CA 185 -80.47 85.42 10.23
N ARG CA 186 -79.65 84.70 9.46
CA ARG CA 186 -78.86 85.35 8.44
C ARG CA 186 -79.71 86.11 7.45
N ARG CA 187 -80.86 85.54 7.07
CA ARG CA 187 -81.74 86.15 6.08
C ARG CA 187 -82.40 87.42 6.60
N VAL CA 188 -82.92 87.37 7.82
CA VAL CA 188 -83.57 88.52 8.42
C VAL CA 188 -82.54 89.55 8.89
N GLY CA 189 -81.27 89.16 8.98
CA GLY CA 189 -80.28 90.09 9.50
C GLY CA 189 -79.40 90.76 8.46
N GLY CA 190 -79.02 90.03 7.43
CA GLY CA 190 -78.11 90.59 6.45
C GLY CA 190 -78.76 90.74 5.10
N GLU CA 191 -79.81 89.95 4.85
CA GLU CA 191 -80.52 90.06 3.58
C GLU CA 191 -81.49 91.23 3.60
N LEU CA 192 -82.53 91.12 4.42
CA LEU CA 192 -83.43 92.24 4.66
C LEU CA 192 -83.08 92.86 6.01
N LYS CA 193 -82.52 94.07 5.98
CA LYS CA 193 -81.77 94.58 7.12
C LYS CA 193 -82.72 94.86 8.28
N VAL CA 194 -83.31 93.79 8.77
CA VAL CA 194 -84.21 93.83 9.91
C VAL CA 194 -83.35 93.68 11.15
N ASP CA 195 -83.90 93.98 12.32
CA ASP CA 195 -83.13 93.81 13.55
C ASP CA 195 -83.63 92.58 14.31
N MET CA 196 -83.06 91.42 13.97
CA MET CA 196 -82.89 90.38 14.96
C MET CA 196 -81.89 90.90 16.00
N LYS CA 197 -82.01 90.40 17.22
CA LYS CA 197 -81.24 90.97 18.33
C LYS CA 197 -79.75 91.00 18.00
N GLY CA 198 -79.15 89.84 17.82
CA GLY CA 198 -77.70 89.71 17.76
C GLY CA 198 -77.11 90.01 16.41
N ASN CA 199 -75.93 89.43 16.18
CA ASN CA 199 -75.28 89.50 14.89
C ASN CA 199 -76.15 88.77 13.87
N PRO CA 200 -76.14 89.20 12.61
CA PRO CA 200 -76.70 88.35 11.55
C PRO CA 200 -76.16 86.93 11.52
N HIS CA 201 -75.00 86.67 12.12
CA HIS CA 201 -74.37 85.36 11.99
C HIS CA 201 -74.51 84.49 13.24
N ASP CA 202 -75.03 85.01 14.33
CA ASP CA 202 -75.15 84.26 15.57
C ASP CA 202 -76.33 83.30 15.48
N SER CA 203 -76.36 82.35 16.39
CA SER CA 203 -77.49 81.44 16.48
C SER CA 203 -78.24 81.65 17.77
N TYR CA 204 -79.45 82.18 17.66
CA TYR CA 204 -80.24 82.45 18.84
C TYR CA 204 -80.65 81.15 19.51
N VAL CA 205 -80.47 81.10 20.83
CA VAL CA 205 -80.75 79.92 21.63
C VAL CA 205 -82.26 79.76 21.72
N PRO CA 206 -82.84 78.76 21.08
CA PRO CA 206 -84.27 78.52 21.24
C PRO CA 206 -84.59 78.19 22.68
N HIS CA 207 -85.68 78.78 23.17
CA HIS CA 207 -85.92 78.73 24.60
C HIS CA 207 -87.40 78.68 24.88
N VAL CA 208 -87.74 78.09 26.02
CA VAL CA 208 -89.11 78.00 26.49
C VAL CA 208 -89.16 78.68 27.85
N THR CA 209 -89.38 79.99 27.86
CA THR CA 209 -89.47 80.72 29.13
C THR CA 209 -90.69 80.26 29.92
N ILE CA 210 -90.47 79.84 31.16
CA ILE CA 210 -91.54 79.35 32.03
C ILE CA 210 -91.82 80.32 33.17
N ALA CA 211 -90.90 81.23 33.45
CA ALA CA 211 -91.14 82.31 34.40
C ALA CA 211 -90.12 83.40 34.14
N LYS CA 212 -90.40 84.58 34.67
CA LYS CA 212 -89.59 85.73 34.32
C LYS CA 212 -89.82 86.83 35.33
N ILE CA 213 -88.79 87.62 35.58
CA ILE CA 213 -88.93 88.86 36.35
C ILE CA 213 -88.93 90.00 35.34
N ARG CA 214 -90.03 90.73 35.32
CA ARG CA 214 -90.29 91.79 34.37
C ARG CA 214 -90.05 93.14 35.04
N SER CA 215 -89.71 94.14 34.22
CA SER CA 215 -89.32 95.44 34.75
C SER CA 215 -90.37 95.99 35.70
N LYS CA 216 -91.62 95.56 35.51
CA LYS CA 216 -92.73 95.97 36.37
C LYS CA 216 -92.74 95.22 37.70
N GLN CA 217 -91.83 94.28 37.90
CA GLN CA 217 -91.68 93.58 39.17
C GLN CA 217 -90.26 93.66 39.72
N GLN CA 218 -89.30 94.13 38.90
CA GLN CA 218 -87.95 94.36 39.40
C GLN CA 218 -87.96 95.08 40.73
N THR CA 219 -88.77 96.13 40.82
CA THR CA 219 -88.79 96.97 42.02
C THR CA 219 -89.18 96.16 43.25
N GLN CA 220 -90.23 95.36 43.15
CA GLN CA 220 -90.71 94.61 44.30
C GLN CA 220 -90.20 93.18 44.36
N PHE CA 221 -90.02 92.52 43.22
CA PHE CA 221 -89.74 91.08 43.21
C PHE CA 221 -88.28 90.74 42.98
N GLY CA 222 -87.48 91.69 42.47
CA GLY CA 222 -86.04 91.57 42.42
C GLY CA 222 -85.53 91.61 41.01
N SER CA 223 -84.23 91.40 40.87
CA SER CA 223 -83.58 91.24 39.57
C SER CA 223 -82.96 89.85 39.41
N LYS CA 224 -83.40 88.88 40.20
CA LYS CA 224 -82.88 87.52 40.15
C LYS CA 224 -83.86 86.62 40.86
N ILE CA 225 -84.52 85.75 40.10
CA ILE CA 225 -85.53 84.84 40.65
C ILE CA 225 -84.88 83.93 41.68
N PRO CA 226 -85.56 83.56 42.76
CA PRO CA 226 -84.87 82.90 43.87
C PRO CA 226 -84.58 81.44 43.56
N ILE CA 227 -83.29 81.15 43.36
CA ILE CA 227 -82.92 79.85 42.83
C ILE CA 227 -83.40 78.72 43.74
N SER CA 228 -83.76 79.03 44.98
CA SER CA 228 -84.40 78.03 45.81
C SER CA 228 -85.78 77.63 45.32
N MET CA 229 -86.52 78.53 44.68
CA MET CA 229 -87.90 78.19 44.31
C MET CA 229 -87.93 77.08 43.28
N TRP CA 230 -86.99 77.08 42.34
CA TRP CA 230 -87.04 76.22 41.16
C TRP CA 230 -85.89 75.26 41.07
N VAL CA 231 -84.85 75.40 41.89
CA VAL CA 231 -83.62 74.68 41.65
C VAL CA 231 -83.77 73.18 41.80
N GLU CA 232 -84.83 72.70 42.42
CA GLU CA 232 -85.06 71.26 42.43
C GLU CA 232 -85.34 70.72 41.03
N TYR CA 233 -85.77 71.59 40.12
CA TYR CA 233 -86.05 71.22 38.73
C TYR CA 233 -84.99 71.72 37.77
N GLN CA 234 -83.84 72.21 38.27
CA GLN CA 234 -82.85 72.76 37.35
C GLN CA 234 -82.33 71.71 36.40
N HIS CA 235 -82.36 70.47 36.81
CA HIS CA 235 -81.97 69.34 36.00
C HIS CA 235 -83.05 68.26 36.06
N HIS CA 236 -84.27 68.65 35.74
CA HIS CA 236 -85.38 67.72 35.65
C HIS CA 236 -85.70 67.46 34.18
N ASP CA 237 -86.24 66.28 33.91
CA ASP CA 237 -86.67 65.89 32.56
C ASP CA 237 -88.10 66.37 32.35
N PHE CA 238 -88.30 67.28 31.40
CA PHE CA 238 -89.60 67.85 31.15
C PHE CA 238 -90.33 67.21 29.98
N GLY CA 239 -89.64 66.42 29.16
CA GLY CA 239 -90.32 65.63 28.16
C GLY CA 239 -89.84 65.86 26.74
N ASP CA 240 -90.10 64.88 25.86
CA ASP CA 240 -89.77 64.98 24.44
C ASP CA 240 -91.08 65.12 23.68
N VAL CA 241 -91.20 66.15 22.86
CA VAL CA 241 -92.47 66.48 22.24
C VAL CA 241 -92.26 66.85 20.78
N THR CA 242 -93.29 66.64 19.95
CA THR CA 242 -93.27 66.92 18.52
C THR CA 242 -94.15 68.13 18.20
N PHE CA 243 -93.76 68.89 17.19
CA PHE CA 243 -94.36 70.17 16.85
C PHE CA 243 -94.28 70.37 15.35
N SER CA 244 -95.25 71.11 14.80
CA SER CA 244 -95.37 71.19 13.35
C SER CA 244 -95.42 72.60 12.78
N GLN CA 245 -95.28 73.64 13.58
CA GLN CA 245 -95.63 74.99 13.15
C GLN CA 245 -94.63 76.01 13.66
N VAL CA 246 -93.99 76.72 12.76
CA VAL CA 246 -93.16 77.86 13.12
C VAL CA 246 -93.90 79.15 12.77
N ASP CA 247 -94.16 79.96 13.78
CA ASP CA 247 -95.01 81.13 13.61
C ASP CA 247 -94.25 82.40 13.98
N ILE CA 248 -94.31 83.40 13.10
CA ILE CA 248 -93.89 84.73 13.50
C ILE CA 248 -95.07 85.37 14.20
N CYS CA 249 -94.89 85.78 15.44
CA CYS CA 249 -95.96 86.36 16.21
C CYS CA 249 -95.58 87.74 16.72
N SER CA 250 -96.55 88.65 16.69
CA SER CA 250 -96.36 89.97 17.27
C SER CA 250 -96.63 89.87 18.77
N MET CA 251 -95.90 90.68 19.52
CA MET CA 251 -95.80 90.52 20.96
C MET CA 251 -97.02 91.01 21.73
N ARG CA 252 -98.18 90.39 21.53
CA ARG CA 252 -99.42 90.78 22.22
C ARG CA 252 -100.19 89.51 22.59
N GLY CA 253 -99.95 89.00 23.79
CA GLY CA 253 -100.60 87.76 24.20
C GLY CA 253 -102.08 87.91 24.45
N SER CA 254 -102.49 89.10 24.91
CA SER CA 254 -103.87 89.32 25.34
C SER CA 254 -104.88 89.17 24.21
N LYS CA 255 -104.44 88.85 23.00
CA LYS CA 255 -105.37 88.64 21.91
C LYS CA 255 -106.36 87.52 22.25
N ASP CA 256 -105.87 86.30 22.33
CA ASP CA 256 -106.68 85.15 22.73
C ASP CA 256 -105.84 84.28 23.64
N GLY CA 257 -104.95 84.90 24.40
CA GLY CA 257 -103.99 84.14 25.18
C GLY CA 257 -102.66 84.01 24.46
N TYR CA 258 -102.62 83.25 23.37
CA TYR CA 258 -101.39 83.10 22.62
C TYR CA 258 -101.18 84.32 21.74
N TYR CA 259 -99.92 84.71 21.62
CA TYR CA 259 -99.58 85.99 21.02
C TYR CA 259 -100.10 86.09 19.60
N HIS CA 260 -100.26 87.33 19.14
CA HIS CA 260 -100.89 87.60 17.87
C HIS CA 260 -100.19 86.84 16.76
N THR CA 261 -100.92 85.94 16.13
CA THR CA 261 -100.39 85.05 15.12
C THR CA 261 -100.19 85.83 13.82
N GLU CA 262 -99.03 86.45 13.67
CA GLU CA 262 -98.71 87.24 12.50
C GLU CA 262 -98.13 86.40 11.38
N GLY CA 263 -98.19 85.10 11.50
CA GLY CA 263 -97.84 84.23 10.40
C GLY CA 263 -97.51 82.85 10.93
N SER CA 264 -97.91 81.85 10.15
CA SER CA 264 -97.69 80.46 10.53
C SER CA 264 -97.03 79.73 9.37
N VAL CA 265 -96.35 78.64 9.70
CA VAL CA 265 -95.85 77.71 8.70
C VAL CA 265 -96.03 76.30 9.25
N HIS CA 266 -96.77 75.48 8.52
CA HIS CA 266 -96.95 74.09 8.88
C HIS CA 266 -95.78 73.27 8.35
N LEU CA 267 -95.48 72.17 9.03
CA LEU CA 267 -94.36 71.34 8.67
C LEU CA 267 -94.83 69.94 8.27
N ALA DA 10 -23.26 86.10 63.16
CA ALA DA 10 -23.28 86.04 64.61
C ALA DA 10 -24.64 86.42 65.13
N SER DA 11 -25.67 86.01 64.42
CA SER DA 11 -27.03 86.37 64.76
C SER DA 11 -27.68 85.21 65.49
N LEU DA 12 -28.34 85.48 66.60
CA LEU DA 12 -29.11 84.44 67.25
C LEU DA 12 -30.48 84.28 66.63
N ARG DA 13 -30.65 84.76 65.39
CA ARG DA 13 -31.97 84.79 64.77
C ARG DA 13 -32.54 83.39 64.59
N TYR DA 14 -31.67 82.44 64.31
CA TYR DA 14 -32.05 81.08 64.00
C TYR DA 14 -32.13 80.19 65.22
N ARG DA 15 -31.16 80.29 66.13
CA ARG DA 15 -31.11 79.38 67.26
C ARG DA 15 -32.32 79.49 68.18
N ARG DA 16 -32.86 80.69 68.36
CA ARG DA 16 -34.02 80.85 69.22
C ARG DA 16 -35.25 81.27 68.43
N PRO DA 17 -36.46 81.10 68.97
CA PRO DA 17 -37.67 81.43 68.23
C PRO DA 17 -37.66 82.87 67.72
N TYR DA 18 -38.67 83.20 66.91
CA TYR DA 18 -38.68 84.50 66.28
C TYR DA 18 -38.92 85.63 67.26
N TRP DA 19 -40.03 85.59 67.99
CA TRP DA 19 -40.37 86.70 68.86
C TRP DA 19 -39.26 87.01 69.83
N MET DA 20 -38.44 86.02 70.13
CA MET DA 20 -37.22 86.27 70.86
C MET DA 20 -36.11 86.79 69.97
N LEU DA 21 -36.40 87.25 68.76
CA LEU DA 21 -35.42 88.09 68.11
C LEU DA 21 -35.35 89.41 68.86
N PHE DA 22 -34.14 89.91 69.01
CA PHE DA 22 -33.88 91.12 69.78
C PHE DA 22 -34.28 90.94 71.24
N LEU DA 23 -33.69 89.93 71.88
CA LEU DA 23 -33.72 89.83 73.33
C LEU DA 23 -32.28 89.91 73.80
N LYS DA 24 -31.90 91.03 74.42
CA LYS DA 24 -30.60 91.15 75.05
C LYS DA 24 -30.78 91.47 76.53
N ASP DA 25 -29.72 91.21 77.30
CA ASP DA 25 -29.64 91.44 78.74
C ASP DA 25 -30.66 90.64 79.54
N VAL DA 26 -31.16 89.53 79.00
CA VAL DA 26 -31.79 88.48 79.81
C VAL DA 26 -30.82 87.30 79.84
N ASP DA 27 -30.74 86.61 80.95
CA ASP DA 27 -29.79 85.52 81.06
C ASP DA 27 -30.42 84.20 80.63
N ASN DA 28 -29.77 83.56 79.67
CA ASN DA 28 -30.05 82.16 79.34
C ASN DA 28 -31.53 81.97 79.04
N TRP DA 29 -31.96 82.62 77.96
CA TRP DA 29 -33.34 82.58 77.51
C TRP DA 29 -33.82 81.18 77.14
N LYS DA 30 -32.91 80.20 77.07
CA LYS DA 30 -33.26 78.85 76.69
C LYS DA 30 -34.32 78.24 77.59
N ILE DA 31 -34.69 78.91 78.68
CA ILE DA 31 -35.69 78.34 79.58
C ILE DA 31 -37.07 78.68 79.10
N TYR DA 32 -37.26 79.87 78.56
CA TYR DA 32 -38.55 80.26 78.02
C TYR DA 32 -38.85 79.56 76.71
N THR DA 33 -37.82 79.27 75.90
CA THR DA 33 -37.98 78.37 74.76
C THR DA 33 -38.61 77.06 75.19
N VAL DA 34 -38.22 76.56 76.35
CA VAL DA 34 -38.65 75.26 76.83
C VAL DA 34 -39.71 75.39 77.92
N ILE DA 35 -40.28 76.58 78.11
CA ILE DA 35 -41.18 76.83 79.23
C ILE DA 35 -42.53 76.15 79.08
N GLN DA 36 -42.87 75.70 77.89
CA GLN DA 36 -44.16 75.06 77.67
C GLN DA 36 -44.15 73.59 78.06
N GLN DA 37 -42.99 72.97 78.06
CA GLN DA 37 -42.92 71.53 78.28
C GLN DA 37 -43.27 71.21 79.74
N PRO DA 38 -44.13 70.22 79.96
CA PRO DA 38 -44.91 70.18 81.23
C PRO DA 38 -44.07 70.16 82.50
N ASP DA 39 -42.85 69.64 82.46
CA ASP DA 39 -41.98 69.71 83.63
C ASP DA 39 -41.50 71.13 83.89
N HIS DA 40 -40.97 71.81 82.87
CA HIS DA 40 -40.63 73.22 83.02
C HIS DA 40 -41.86 74.04 83.37
N GLN DA 41 -43.05 73.56 83.03
CA GLN DA 41 -44.25 74.30 83.39
C GLN DA 41 -44.42 74.44 84.90
N ARG DA 42 -44.38 73.33 85.66
CA ARG DA 42 -44.44 73.49 87.10
C ARG DA 42 -43.12 74.00 87.68
N THR DA 43 -42.00 73.81 86.99
CA THR DA 43 -40.77 74.50 87.39
C THR DA 43 -40.98 76.00 87.48
N GLU DA 44 -41.60 76.60 86.47
CA GLU DA 44 -41.86 78.03 86.52
C GLU DA 44 -43.11 78.39 87.29
N MET DA 45 -44.06 77.46 87.44
CA MET DA 45 -45.12 77.65 88.42
C MET DA 45 -44.55 77.88 89.81
N LEU DA 46 -43.48 77.16 90.15
CA LEU DA 46 -42.78 77.40 91.40
C LEU DA 46 -41.91 78.65 91.35
N TYR DA 47 -41.25 78.97 90.24
CA TYR DA 47 -40.44 80.19 90.25
C TYR DA 47 -41.30 81.43 90.39
N GLN DA 48 -42.49 81.44 89.79
CA GLN DA 48 -43.36 82.59 89.95
C GLN DA 48 -43.91 82.71 91.36
N ALA DA 49 -44.38 81.60 91.96
CA ALA DA 49 -44.80 81.65 93.35
C ALA DA 49 -43.65 82.09 94.26
N TRP DA 50 -42.44 81.66 93.93
CA TRP DA 50 -41.26 82.07 94.67
C TRP DA 50 -41.07 83.58 94.62
N LEU DA 51 -41.01 84.15 93.41
CA LEU DA 51 -40.97 85.60 93.29
C LEU DA 51 -42.17 86.25 93.97
N GLY DA 52 -43.26 85.52 94.16
CA GLY DA 52 -44.35 85.98 94.99
C GLY DA 52 -45.23 87.00 94.30
N GLY DA 53 -45.78 87.90 95.12
CA GLY DA 53 -46.64 88.97 94.66
C GLY DA 53 -48.03 88.52 94.24
N LEU DA 54 -48.20 87.22 94.02
CA LEU DA 54 -49.45 86.66 93.52
C LEU DA 54 -50.06 85.74 94.56
N ASP DA 55 -51.24 85.21 94.25
CA ASP DA 55 -51.84 84.22 95.14
C ASP DA 55 -52.06 82.89 94.43
N ARG DA 56 -52.73 82.90 93.28
CA ARG DA 56 -53.03 81.69 92.53
C ARG DA 56 -51.90 81.39 91.56
N PRO DA 57 -51.83 80.18 91.01
CA PRO DA 57 -50.69 79.83 90.15
C PRO DA 57 -50.65 80.71 88.91
N TYR DA 58 -49.44 81.00 88.46
CA TYR DA 58 -49.24 81.83 87.27
C TYR DA 58 -47.84 81.58 86.73
N THR DA 59 -47.71 81.64 85.40
CA THR DA 59 -46.43 81.71 84.74
C THR DA 59 -46.48 82.75 83.63
N ARG DA 60 -45.32 83.27 83.27
CA ARG DA 60 -45.29 84.31 82.26
C ARG DA 60 -45.80 83.76 80.94
N PRO DA 61 -46.57 84.56 80.18
CA PRO DA 61 -47.48 84.00 79.18
C PRO DA 61 -46.77 83.39 77.99
N LYS DA 62 -47.53 82.90 77.01
CA LYS DA 62 -47.00 81.99 75.99
C LYS DA 62 -45.59 82.38 75.58
N CYS DA 63 -45.43 83.57 75.04
CA CYS DA 63 -44.16 83.93 74.42
C CYS DA 63 -43.60 85.19 75.05
N MET DA 64 -43.45 85.16 76.38
CA MET DA 64 -42.80 86.23 77.12
C MET DA 64 -41.64 85.67 77.91
N ALA DA 65 -40.48 86.31 77.80
CA ALA DA 65 -39.35 86.07 78.67
C ALA DA 65 -39.19 87.20 79.70
N ASN DA 66 -39.12 88.44 79.24
CA ASN DA 66 -39.31 89.58 80.12
C ASN DA 66 -40.71 89.49 80.73
N GLN DA 67 -40.74 89.31 82.05
CA GLN DA 67 -41.96 89.14 82.81
C GLN DA 67 -42.96 90.25 82.48
N PRO DA 68 -44.26 89.96 82.55
CA PRO DA 68 -45.26 90.99 82.21
C PRO DA 68 -44.97 92.33 82.89
N LEU DA 69 -45.25 93.39 82.15
CA LEU DA 69 -45.13 94.73 82.73
C LEU DA 69 -46.08 94.90 83.89
N TRP DA 70 -47.27 94.31 83.83
CA TRP DA 70 -48.21 94.44 84.92
C TRP DA 70 -47.76 93.70 86.18
N LEU DA 71 -47.27 92.47 86.06
CA LEU DA 71 -46.80 91.77 87.24
C LEU DA 71 -45.56 92.44 87.80
N SER DA 72 -44.67 92.90 86.92
CA SER DA 72 -43.51 93.62 87.41
C SER DA 72 -43.91 94.85 88.19
N LYS DA 73 -44.95 95.56 87.74
CA LYS DA 73 -45.42 96.70 88.52
C LYS DA 73 -46.09 96.27 89.82
N LYS DA 74 -46.82 95.16 89.82
CA LYS DA 74 -47.45 94.70 91.05
C LYS DA 74 -46.40 94.40 92.12
N ARG DA 75 -45.36 93.65 91.76
CA ARG DA 75 -44.32 93.39 92.74
C ARG DA 75 -43.51 94.62 93.08
N HIS DA 76 -43.20 95.47 92.10
CA HIS DA 76 -42.47 96.70 92.33
C HIS DA 76 -43.20 97.68 93.21
N ILE DA 77 -44.52 97.54 93.35
CA ILE DA 77 -45.27 98.39 94.29
C ILE DA 77 -45.62 97.69 95.59
N LEU DA 78 -45.67 96.36 95.61
CA LEU DA 78 -45.93 95.65 96.86
C LEU DA 78 -44.66 95.43 97.68
N ARG DA 79 -43.49 95.47 97.05
CA ARG DA 79 -42.22 95.43 97.77
C ARG DA 79 -42.17 96.60 98.74
N LYS DA 80 -42.15 96.30 100.03
CA LYS DA 80 -42.35 97.31 101.07
C LYS DA 80 -41.17 98.26 101.12
N ASP DA 81 -41.46 99.56 100.97
CA ASP DA 81 -40.45 100.59 101.10
C ASP DA 81 -39.94 100.65 102.54
N ARG DA 82 -38.63 100.73 102.67
CA ARG DA 82 -37.99 100.66 103.97
C ARG DA 82 -38.14 102.01 104.67
N LEU DA 83 -37.47 102.16 105.81
CA LEU DA 83 -37.63 103.31 106.70
C LEU DA 83 -39.04 103.32 107.30
N ASP DA 84 -39.35 102.27 108.06
CA ASP DA 84 -40.62 102.20 108.79
C ASP DA 84 -40.64 103.18 109.96
N GLY DA 85 -39.65 104.07 110.07
CA GLY DA 85 -39.54 104.95 111.20
C GLY DA 85 -39.65 106.42 110.87
N PRO DA 86 -40.60 106.80 110.01
CA PRO DA 86 -40.64 108.19 109.54
C PRO DA 86 -40.95 109.13 110.69
N GLU DA 87 -39.98 109.95 111.06
CA GLU DA 87 -40.21 110.96 112.09
C GLU DA 87 -40.10 112.38 111.55
N THR DA 88 -38.95 112.75 111.05
CA THR DA 88 -38.68 114.11 110.61
C THR DA 88 -39.41 114.40 109.30
N PRO DA 89 -39.64 115.68 108.98
CA PRO DA 89 -40.24 116.00 107.68
C PRO DA 89 -39.60 115.28 106.51
N LEU DA 90 -38.28 115.09 106.52
CA LEU DA 90 -37.64 114.50 105.36
C LEU DA 90 -37.86 113.00 105.28
N GLU DA 91 -38.14 112.30 106.37
CA GLU DA 91 -38.46 110.89 106.22
C GLU DA 91 -39.82 110.69 105.56
N LYS DA 92 -40.82 111.49 105.92
CA LYS DA 92 -42.10 111.43 105.21
C LYS DA 92 -41.94 111.84 103.76
N TYR DA 93 -41.21 112.93 103.50
CA TYR DA 93 -40.98 113.37 102.14
C TYR DA 93 -40.17 112.36 101.34
N VAL DA 94 -39.31 111.59 101.99
CA VAL DA 94 -38.50 110.60 101.29
C VAL DA 94 -39.33 109.38 100.96
N LEU DA 95 -40.24 108.98 101.85
CA LEU DA 95 -41.17 107.94 101.45
C LEU DA 95 -42.03 108.38 100.27
N GLU DA 96 -42.51 109.63 100.27
CA GLU DA 96 -43.31 110.08 99.14
C GLU DA 96 -42.50 110.20 97.86
N TRP DA 97 -41.27 110.69 97.93
CA TRP DA 97 -40.43 110.80 96.75
C TRP DA 97 -40.06 109.43 96.20
N HIS DA 98 -39.78 108.47 97.07
CA HIS DA 98 -39.50 107.11 96.63
C HIS DA 98 -40.76 106.32 96.34
N LYS DA 99 -41.94 106.95 96.45
CA LYS DA 99 -43.13 106.46 95.77
C LYS DA 99 -43.42 107.19 94.46
N ARG DA 100 -42.98 108.44 94.31
CA ARG DA 100 -43.21 109.19 93.07
C ARG DA 100 -42.21 108.80 91.99
N PHE DA 101 -40.94 109.12 92.20
CA PHE DA 101 -39.94 108.90 91.17
C PHE DA 101 -39.28 107.53 91.27
N HIS DA 102 -39.79 106.65 92.13
CA HIS DA 102 -39.29 105.29 92.25
C HIS DA 102 -40.42 104.27 92.40
N SER DA 103 -41.58 104.58 91.83
CA SER DA 103 -42.55 103.54 91.50
C SER DA 103 -42.36 103.10 90.06
N PHE DA 104 -42.73 101.85 89.78
CA PHE DA 104 -42.29 101.18 88.56
C PHE DA 104 -42.88 101.85 87.32
N GLN DA 105 -42.01 102.16 86.36
CA GLN DA 105 -42.41 102.78 85.09
C GLN DA 105 -43.15 104.09 85.31
N GLY DA 106 -42.43 105.08 85.83
CA GLY DA 106 -42.96 106.42 85.93
C GLY DA 106 -42.51 107.28 84.76
N THR DA 107 -43.35 108.24 84.41
CA THR DA 107 -43.02 109.14 83.30
C THR DA 107 -42.67 110.54 83.78
N GLU DA 108 -42.70 110.77 85.09
CA GLU DA 108 -42.35 112.07 85.63
C GLU DA 108 -40.89 112.08 86.08
N ARG DA 109 -40.18 113.13 85.75
CA ARG DA 109 -38.83 113.26 86.24
C ARG DA 109 -38.69 114.43 87.18
N PRO DA 110 -37.90 114.26 88.24
CA PRO DA 110 -37.94 115.17 89.39
C PRO DA 110 -37.75 116.64 89.03
N THR DA 111 -38.24 117.46 89.94
CA THR DA 111 -38.22 118.91 89.81
C THR DA 111 -37.22 119.48 90.81
N VAL DA 112 -36.48 120.50 90.37
CA VAL DA 112 -35.64 121.23 91.31
C VAL DA 112 -36.50 121.81 92.43
N ASP DA 113 -37.76 122.11 92.15
CA ASP DA 113 -38.68 122.60 93.17
C ASP DA 113 -39.16 121.49 94.09
N ASP DA 114 -38.95 120.23 93.75
CA ASP DA 114 -39.23 119.15 94.68
C ASP DA 114 -37.96 118.60 95.32
N LEU DA 115 -36.80 118.98 94.81
CA LEU DA 115 -35.55 118.88 95.54
C LEU DA 115 -35.43 119.95 96.61
N HIS DA 116 -35.94 121.15 96.33
CA HIS DA 116 -35.91 122.23 97.30
C HIS DA 116 -36.64 121.87 98.58
N THR DA 117 -37.85 121.34 98.47
CA THR DA 117 -38.59 120.99 99.68
C THR DA 117 -37.86 119.94 100.50
N ALA DA 118 -37.39 118.87 99.86
CA ALA DA 118 -36.64 117.84 100.59
C ALA DA 118 -35.39 118.43 101.23
N LEU DA 119 -34.70 119.29 100.52
CA LEU DA 119 -33.49 119.90 101.02
C LEU DA 119 -33.77 120.83 102.19
N ASP DA 120 -34.99 121.34 102.28
CA ASP DA 120 -35.37 122.23 103.36
C ASP DA 120 -36.18 121.54 104.44
N LEU DA 121 -35.97 120.24 104.64
CA LEU DA 121 -36.55 119.50 105.75
C LEU DA 121 -35.47 118.94 106.66
N VAL DA 122 -34.35 119.64 106.80
CA VAL DA 122 -33.21 119.11 107.54
C VAL DA 122 -33.22 119.63 108.96
N GLU DA 123 -33.20 118.69 109.91
CA GLU DA 123 -32.89 118.95 111.30
C GLU DA 123 -31.51 118.43 111.66
N ARG DA 124 -31.22 117.20 111.30
CA ARG DA 124 -30.08 116.44 111.75
C ARG DA 124 -29.14 116.10 110.60
N PRO DA 125 -27.93 115.65 110.90
CA PRO DA 125 -27.08 115.09 109.84
C PRO DA 125 -27.71 113.93 109.09
N LEU DA 126 -28.65 113.21 109.71
CA LEU DA 126 -29.37 112.17 108.99
C LEU DA 126 -30.14 112.74 107.79
N ASP DA 127 -30.98 113.75 108.04
CA ASP DA 127 -31.69 114.39 106.95
C ASP DA 127 -30.75 115.11 106.02
N LEU DA 128 -29.61 115.56 106.53
CA LEU DA 128 -28.56 116.09 105.66
C LEU DA 128 -28.17 115.06 104.61
N SER DA 129 -27.90 113.82 105.06
CA SER DA 129 -27.61 112.75 104.12
C SER DA 129 -28.79 112.42 103.20
N TYR DA 130 -30.02 112.41 103.74
CA TYR DA 130 -31.17 112.08 102.90
C TYR DA 130 -31.34 113.06 101.75
N ALA DA 131 -31.58 114.33 102.06
CA ALA DA 131 -31.72 115.33 101.00
C ALA DA 131 -30.45 115.47 100.17
N PHE DA 132 -29.28 115.17 100.74
CA PHE DA 132 -28.08 115.13 99.92
C PHE DA 132 -28.13 114.03 98.88
N GLN DA 133 -28.71 112.88 99.20
CA GLN DA 133 -28.82 111.82 98.21
C GLN DA 133 -29.93 112.11 97.20
N LEU DA 134 -30.98 112.80 97.62
CA LEU DA 134 -31.95 113.29 96.63
C LEU DA 134 -31.33 114.31 95.69
N LEU DA 135 -30.43 115.17 96.20
CA LEU DA 135 -29.54 115.93 95.32
C LEU DA 135 -28.74 115.04 94.39
N ASN DA 136 -28.14 113.98 94.92
CA ASN DA 136 -27.41 113.03 94.08
C ASN DA 136 -28.27 112.57 92.91
N GLN DA 137 -29.53 112.23 93.18
CA GLN DA 137 -30.39 111.67 92.13
C GLN DA 137 -30.87 112.73 91.15
N CYS DA 138 -31.31 113.88 91.65
CA CYS DA 138 -31.68 114.97 90.76
C CYS DA 138 -30.50 115.48 89.95
N ARG DA 139 -29.29 115.23 90.42
CA ARG DA 139 -28.08 115.59 89.71
C ARG DA 139 -27.72 114.58 88.64
N ASN DA 140 -27.76 113.29 88.99
CA ASN DA 140 -27.17 112.24 88.17
C ASN DA 140 -28.15 111.19 87.67
N VAL DA 141 -29.30 111.02 88.30
CA VAL DA 141 -30.24 109.98 87.87
C VAL DA 141 -31.32 110.55 86.95
N ASN DA 142 -31.86 111.70 87.29
CA ASN DA 142 -33.00 112.22 86.53
C ASN DA 142 -32.66 113.45 85.69
N ASN DA 143 -31.40 113.85 85.65
CA ASN DA 143 -30.83 114.72 84.63
C ASN DA 143 -31.63 116.02 84.49
N ILE DA 144 -31.67 116.78 85.59
CA ILE DA 144 -32.50 117.97 85.72
C ILE DA 144 -31.60 119.19 85.79
N ARG DA 145 -32.20 120.37 85.70
CA ARG DA 145 -31.44 121.61 85.91
C ARG DA 145 -31.88 122.27 87.21
N PHE DA 146 -30.94 122.40 88.13
CA PHE DA 146 -31.19 123.09 89.38
C PHE DA 146 -31.50 124.56 89.10
N ALA DA 147 -32.14 125.21 90.05
CA ALA DA 147 -32.54 126.60 89.90
C ALA DA 147 -31.30 127.49 89.90
N LYS DA 148 -31.54 128.79 89.70
CA LYS DA 148 -30.45 129.77 89.79
C LYS DA 148 -29.84 129.80 91.18
N ASP DA 149 -30.67 129.62 92.21
CA ASP DA 149 -30.32 129.90 93.59
C ASP DA 149 -30.36 128.65 94.47
N THR DA 150 -29.98 127.50 93.93
CA THR DA 150 -29.91 126.29 94.73
C THR DA 150 -28.72 126.26 95.68
N PHE DA 151 -27.61 126.89 95.31
CA PHE DA 151 -26.44 126.85 96.18
C PHE DA 151 -26.76 127.47 97.52
N LEU DA 152 -27.65 128.46 97.56
CA LEU DA 152 -28.08 129.04 98.83
C LEU DA 152 -28.95 128.07 99.61
N VAL DA 153 -29.91 127.44 98.93
CA VAL DA 153 -30.79 126.47 99.58
C VAL DA 153 -29.99 125.28 100.08
N PHE DA 154 -28.77 125.10 99.57
CA PHE DA 154 -27.90 124.03 100.05
C PHE DA 154 -26.95 124.51 101.14
N LEU DA 155 -26.39 125.71 100.97
CA LEU DA 155 -25.50 126.29 101.96
C LEU DA 155 -26.20 126.46 103.30
N GLU DA 156 -27.38 127.07 103.30
CA GLU DA 156 -28.15 127.13 104.51
C GLU DA 156 -28.54 125.74 105.00
N ALA DA 157 -28.77 124.80 104.09
CA ALA DA 157 -29.19 123.46 104.49
C ALA DA 157 -28.09 122.67 105.19
N CYS DA 158 -26.83 122.94 104.86
CA CYS DA 158 -25.71 122.32 105.57
C CYS DA 158 -25.29 123.13 106.79
N LEU DA 159 -25.56 124.43 106.83
CA LEU DA 159 -25.45 125.13 108.10
C LEU DA 159 -26.48 124.63 109.11
N ARG DA 160 -27.66 124.21 108.66
CA ARG DA 160 -28.67 123.66 109.56
C ARG DA 160 -28.18 122.40 110.29
N VAL DA 161 -27.00 121.90 109.92
CA VAL DA 161 -26.31 120.88 110.70
C VAL DA 161 -24.92 121.35 111.07
N ASP DA 162 -24.54 122.56 110.66
CA ASP DA 162 -23.27 123.20 111.03
C ASP DA 162 -22.10 122.50 110.33
N ARG DA 163 -22.28 122.20 109.06
CA ARG DA 163 -21.26 121.56 108.24
C ARG DA 163 -20.62 122.64 107.37
N LYS DA 164 -19.30 122.73 107.43
CA LYS DA 164 -18.54 123.59 106.54
C LYS DA 164 -17.70 122.83 105.54
N ASP DA 165 -17.19 121.65 105.91
CA ASP DA 165 -16.35 120.92 104.98
C ASP DA 165 -17.13 120.47 103.76
N CYS DA 166 -18.38 120.04 103.97
CA CYS DA 166 -19.23 119.69 102.86
C CYS DA 166 -19.42 120.84 101.89
N ALA DA 167 -19.65 122.06 102.40
CA ALA DA 167 -19.87 123.20 101.52
C ALA DA 167 -18.57 123.64 100.84
N LEU DA 168 -17.44 123.57 101.54
CA LEU DA 168 -16.20 123.93 100.88
C LEU DA 168 -15.83 122.92 99.79
N TYR DA 169 -16.12 121.64 99.99
CA TYR DA 169 -15.91 120.68 98.90
C TYR DA 169 -16.93 120.91 97.79
N ALA DA 170 -18.17 121.27 98.14
CA ALA DA 170 -19.21 121.58 97.19
C ALA DA 170 -18.92 122.84 96.39
N THR DA 171 -18.03 123.70 96.88
CA THR DA 171 -17.56 124.83 96.09
C THR DA 171 -16.32 124.47 95.28
N GLU DA 172 -15.39 123.72 95.89
CA GLU DA 172 -14.16 123.39 95.19
C GLU DA 172 -14.39 122.47 94.00
N ASN DA 173 -15.37 121.57 94.06
CA ASN DA 173 -15.76 120.74 92.91
C ASN DA 173 -17.22 121.09 92.58
N ALA DA 174 -17.41 122.20 91.86
CA ALA DA 174 -18.73 122.76 91.65
C ALA DA 174 -19.30 122.49 90.27
N GLU DA 175 -18.49 122.01 89.34
CA GLU DA 175 -18.98 121.70 88.00
C GLU DA 175 -19.82 120.43 88.01
N ALA DA 176 -19.52 119.50 88.92
CA ALA DA 176 -20.14 118.18 88.87
C ALA DA 176 -21.31 118.01 89.83
N LEU DA 177 -21.82 119.09 90.42
CA LEU DA 177 -22.87 118.96 91.43
C LEU DA 177 -24.25 119.39 90.94
N GLY DA 178 -24.31 120.27 89.95
CA GLY DA 178 -25.58 120.85 89.55
C GLY DA 178 -25.63 122.32 89.87
N PHE DA 179 -24.55 122.82 90.45
CA PHE DA 179 -24.45 124.23 90.86
C PHE DA 179 -23.52 124.95 89.90
N TRP DA 180 -24.11 125.61 88.91
CA TRP DA 180 -23.39 126.34 87.88
C TRP DA 180 -23.20 127.81 88.20
N HIS DA 181 -24.04 128.36 89.08
CA HIS DA 181 -23.99 129.77 89.44
C HIS DA 181 -23.69 129.89 90.92
N ILE DA 182 -22.41 130.04 91.25
CA ILE DA 182 -21.96 130.26 92.61
C ILE DA 182 -21.34 131.65 92.64
N GLU DA 183 -22.00 132.58 93.33
CA GLU DA 183 -21.44 133.92 93.41
C GLU DA 183 -20.23 133.93 94.33
N GLU DA 184 -19.32 134.88 94.09
CA GLU DA 184 -18.04 134.90 94.77
C GLU DA 184 -18.15 135.15 96.27
N ASP DA 185 -19.31 135.61 96.75
CA ASP DA 185 -19.44 135.86 98.19
C ASP DA 185 -19.34 134.57 99.00
N TYR DA 186 -20.04 133.51 98.61
CA TYR DA 186 -19.92 132.25 99.33
C TYR DA 186 -18.56 131.58 99.15
N ARG DA 187 -17.94 131.72 97.97
CA ARG DA 187 -16.57 131.24 97.82
C ARG DA 187 -15.62 131.94 98.78
N ARG DA 188 -15.68 133.27 98.85
CA ARG DA 188 -14.87 134.00 99.81
C ARG DA 188 -15.26 133.66 101.23
N TYR DA 189 -16.54 133.33 101.46
CA TYR DA 189 -17.00 133.04 102.82
C TYR DA 189 -16.44 131.73 103.34
N LEU DA 190 -16.70 130.63 102.65
CA LEU DA 190 -16.26 129.32 103.12
C LEU DA 190 -14.75 129.15 103.06
N ARG DA 191 -14.04 130.10 102.48
CA ARG DA 191 -12.59 130.17 102.66
C ARG DA 191 -12.19 131.05 103.83
N GLY DA 192 -12.88 132.18 104.01
CA GLY DA 192 -12.43 133.22 104.92
C GLY DA 192 -12.02 134.50 104.25
N GLU DA 193 -11.86 134.52 102.92
CA GLU DA 193 -11.52 135.75 102.20
C GLU DA 193 -12.51 136.85 102.53
N GLN DA 194 -13.77 136.47 102.70
CA GLN DA 194 -14.72 137.22 103.52
C GLN DA 194 -15.09 136.33 104.69
N SER DA 195 -15.46 136.94 105.80
CA SER DA 195 -15.98 136.18 106.94
C SER DA 195 -17.49 136.17 106.98
N TRP DA 196 -18.13 136.53 105.88
CA TRP DA 196 -19.59 136.59 105.84
C TRP DA 196 -20.01 136.37 104.40
N TYR DA 197 -21.12 135.66 104.21
CA TYR DA 197 -21.48 135.37 102.82
C TYR DA 197 -22.52 136.34 102.28
N ARG DA 198 -23.72 136.41 102.86
CA ARG DA 198 -24.73 137.23 102.21
C ARG DA 198 -25.66 137.85 103.25
N LEU DA 199 -26.07 139.07 102.94
CA LEU DA 199 -27.02 139.84 103.72
C LEU DA 199 -28.42 139.47 103.24
N SER DA 200 -29.17 138.74 104.08
CA SER DA 200 -30.59 138.58 103.86
C SER DA 200 -31.19 139.99 103.83
N PRO DA 201 -31.71 140.42 102.67
CA PRO DA 201 -32.18 141.81 102.57
C PRO DA 201 -33.60 142.01 103.10
N LEU DA 202 -34.35 140.94 103.34
CA LEU DA 202 -35.63 141.07 104.03
C LEU DA 202 -35.45 141.73 105.38
N ASP DA 203 -34.48 141.26 106.16
CA ASP DA 203 -34.15 141.85 107.45
C ASP DA 203 -32.84 142.61 107.42
N ASN DA 204 -32.29 142.87 106.23
CA ASN DA 204 -31.01 143.55 106.04
C ASN DA 204 -29.98 143.16 107.10
N MET DA 205 -29.64 141.88 107.13
CA MET DA 205 -28.61 141.39 108.04
C MET DA 205 -27.93 140.18 107.43
N TYR DA 206 -26.61 140.10 107.59
CA TYR DA 206 -25.91 138.92 107.11
C TYR DA 206 -26.44 137.68 107.81
N TYR DA 207 -26.47 136.57 107.09
CA TYR DA 207 -26.86 135.28 107.66
C TYR DA 207 -28.32 135.31 108.12
N ASN EA 49 -101.38 5.02 -49.82
CA ASN EA 49 -101.02 4.73 -48.44
C ASN EA 49 -100.59 5.99 -47.70
N GLU EA 50 -99.64 5.87 -46.77
CA GLU EA 50 -99.19 7.04 -46.03
C GLU EA 50 -98.56 8.08 -46.96
N ILE EA 51 -98.09 7.66 -48.12
CA ILE EA 51 -97.69 8.61 -49.14
C ILE EA 51 -98.88 9.41 -49.65
N SER EA 52 -100.05 8.79 -49.76
CA SER EA 52 -101.26 9.56 -50.05
C SER EA 52 -101.56 10.53 -48.93
N ALA EA 53 -101.29 10.15 -47.69
CA ALA EA 53 -101.42 11.09 -46.59
C ALA EA 53 -100.46 12.27 -46.72
N MET EA 54 -99.24 12.01 -47.18
CA MET EA 54 -98.29 13.09 -47.39
C MET EA 54 -98.67 13.96 -48.58
N GLU EA 55 -99.22 13.37 -49.63
CA GLU EA 55 -99.80 14.17 -50.69
C GLU EA 55 -100.92 15.06 -50.18
N ARG EA 56 -101.79 14.52 -49.32
CA ARG EA 56 -102.82 15.34 -48.70
C ARG EA 56 -102.22 16.45 -47.86
N ALA EA 57 -101.15 16.14 -47.13
CA ALA EA 57 -100.45 17.14 -46.34
C ALA EA 57 -99.92 18.26 -47.22
N SER EA 58 -99.46 17.93 -48.43
CA SER EA 58 -99.02 18.96 -49.37
C SER EA 58 -100.12 20.01 -49.61
N GLU EA 59 -101.32 19.57 -49.96
CA GLU EA 59 -102.45 20.47 -50.08
C GLU EA 59 -102.75 21.18 -48.78
N ALA EA 60 -102.71 20.45 -47.66
CA ALA EA 60 -102.96 21.04 -46.36
C ALA EA 60 -102.08 22.26 -46.13
N ARG EA 61 -100.78 22.06 -46.15
CA ARG EA 61 -99.89 23.17 -45.89
C ARG EA 61 -99.95 24.22 -46.98
N ARG EA 62 -100.41 23.87 -48.18
CA ARG EA 62 -100.67 24.95 -49.12
C ARG EA 62 -101.77 25.86 -48.62
N GLU EA 63 -102.94 25.30 -48.34
CA GLU EA 63 -104.05 26.09 -47.84
C GLU EA 63 -103.85 26.51 -46.40
N ILE EA 64 -102.68 26.24 -45.84
CA ILE EA 64 -102.33 26.85 -44.57
C ILE EA 64 -101.51 28.11 -44.79
N HIS EA 65 -100.54 28.09 -45.69
CA HIS EA 65 -99.92 29.33 -46.09
C HIS EA 65 -100.96 30.30 -46.62
N ASP EA 66 -102.00 29.76 -47.27
CA ASP EA 66 -103.15 30.58 -47.62
C ASP EA 66 -103.72 31.30 -46.40
N LEU EA 67 -104.03 30.55 -45.35
CA LEU EA 67 -104.68 31.15 -44.19
C LEU EA 67 -103.73 32.08 -43.44
N TRP EA 68 -102.44 31.85 -43.56
CA TRP EA 68 -101.44 32.55 -42.77
C TRP EA 68 -100.97 33.84 -43.42
N MET EA 69 -100.99 33.89 -44.74
CA MET EA 69 -100.63 35.11 -45.44
C MET EA 69 -101.81 36.05 -45.66
N SER EA 70 -102.88 35.88 -44.89
CA SER EA 70 -104.00 36.81 -44.96
C SER EA 70 -103.52 38.22 -44.59
N THR EA 71 -103.15 38.39 -43.32
CA THR EA 71 -102.71 39.70 -42.80
C THR EA 71 -103.71 40.79 -43.15
N GLU EA 72 -104.98 40.47 -42.95
CA GLU EA 72 -106.06 41.34 -43.42
C GLU EA 72 -106.96 41.74 -42.25
N LYS EA 73 -107.61 42.89 -42.44
CA LYS EA 73 -108.78 43.28 -41.67
C LYS EA 73 -109.95 42.35 -41.94
N MET EA 74 -109.87 41.53 -42.99
CA MET EA 74 -110.88 40.53 -43.28
C MET EA 74 -110.67 39.24 -42.51
N LEU EA 75 -109.52 39.10 -41.85
CA LEU EA 75 -109.30 37.99 -40.92
C LEU EA 75 -109.27 38.56 -39.50
N ASP EA 76 -110.39 38.45 -38.80
CA ASP EA 76 -110.51 38.97 -37.46
C ASP EA 76 -110.49 37.83 -36.44
N LEU EA 77 -110.81 38.18 -35.18
CA LEU EA 77 -110.73 37.27 -34.05
C LEU EA 77 -111.69 36.09 -34.17
N GLU EA 78 -112.80 36.24 -34.87
CA GLU EA 78 -113.69 35.10 -35.06
C GLU EA 78 -113.41 34.39 -36.37
N ASN EA 79 -113.03 35.13 -37.40
CA ASN EA 79 -112.77 34.51 -38.69
C ASN EA 79 -111.57 33.61 -38.68
N ARG EA 80 -110.51 34.00 -37.97
CA ARG EA 80 -109.36 33.12 -37.85
C ARG EA 80 -109.69 31.83 -37.11
N VAL EA 81 -110.44 31.92 -36.02
CA VAL EA 81 -110.77 30.70 -35.28
C VAL EA 81 -111.70 29.83 -36.11
N ARG EA 82 -112.64 30.44 -36.81
CA ARG EA 82 -113.50 29.66 -37.69
C ARG EA 82 -112.69 28.92 -38.75
N SER EA 83 -111.76 29.61 -39.41
CA SER EA 83 -110.97 28.97 -40.45
C SER EA 83 -110.07 27.87 -39.89
N VAL EA 84 -109.50 28.08 -38.71
CA VAL EA 84 -108.60 27.09 -38.16
C VAL EA 84 -109.35 25.85 -37.71
N ALA EA 85 -110.46 26.02 -37.01
CA ALA EA 85 -111.27 24.84 -36.71
C ALA EA 85 -111.69 24.15 -37.99
N SER EA 86 -112.01 24.92 -39.04
CA SER EA 86 -112.38 24.31 -40.31
C SER EA 86 -111.27 23.43 -40.85
N LEU EA 87 -110.02 23.90 -40.83
CA LEU EA 87 -108.92 23.11 -41.37
C LEU EA 87 -108.63 21.89 -40.51
N ILE EA 88 -108.73 22.01 -39.19
CA ILE EA 88 -108.52 20.87 -38.31
C ILE EA 88 -109.55 19.79 -38.60
N GLU EA 89 -110.83 20.16 -38.60
CA GLU EA 89 -111.87 19.17 -38.82
C GLU EA 89 -111.93 18.70 -40.26
N LYS EA 90 -111.35 19.45 -41.20
CA LYS EA 90 -111.29 19.00 -42.57
C LYS EA 90 -110.23 17.94 -42.75
N TYR EA 91 -109.01 18.21 -42.29
CA TYR EA 91 -107.94 17.24 -42.43
C TYR EA 91 -107.94 16.21 -41.29
N LYS EA 92 -108.97 16.22 -40.45
CA LYS EA 92 -109.16 15.18 -39.44
C LYS EA 92 -107.96 15.06 -38.51
N LEU EA 93 -107.29 16.18 -38.28
CA LEU EA 93 -106.12 16.20 -37.41
C LEU EA 93 -106.49 16.11 -35.94
N ASP EA 94 -107.74 15.81 -35.59
CA ASP EA 94 -108.03 15.43 -34.23
C ASP EA 94 -107.17 14.23 -33.86
N PRO EA 95 -106.56 14.23 -32.68
CA PRO EA 95 -105.63 13.14 -32.32
C PRO EA 95 -106.27 11.77 -32.37
N SER EA 96 -107.59 11.68 -32.46
CA SER EA 96 -108.26 10.40 -32.56
C SER EA 96 -107.79 9.60 -33.78
N THR EA 97 -107.20 10.28 -34.76
CA THR EA 97 -106.79 9.61 -35.98
C THR EA 97 -105.77 8.51 -35.64
N PRO EA 98 -105.82 7.37 -36.33
CA PRO EA 98 -104.79 6.35 -36.11
C PRO EA 98 -103.40 6.83 -36.46
N ARG EA 99 -102.38 6.03 -36.13
CA ARG EA 99 -101.02 6.38 -36.51
C ARG EA 99 -100.94 6.69 -37.98
N GLU EA 100 -101.18 5.69 -38.82
CA GLU EA 100 -101.36 5.98 -40.23
C GLU EA 100 -102.67 6.75 -40.39
N ASN EA 101 -103.00 7.07 -41.64
CA ASN EA 101 -104.22 7.81 -41.94
C ASN EA 101 -104.17 9.22 -41.37
N ASP EA 102 -102.98 9.68 -40.98
CA ASP EA 102 -102.85 10.98 -40.33
C ASP EA 102 -101.91 11.88 -41.13
N VAL EA 103 -102.22 13.17 -41.12
CA VAL EA 103 -101.52 14.13 -41.96
C VAL EA 103 -100.31 14.74 -41.30
N SER EA 104 -100.40 15.07 -40.00
CA SER EA 104 -99.48 16.00 -39.34
C SER EA 104 -98.01 15.62 -39.48
N ARG EA 105 -97.70 14.38 -39.82
CA ARG EA 105 -96.31 13.95 -39.91
C ARG EA 105 -95.58 14.66 -41.05
N GLY EA 106 -96.31 15.14 -42.04
CA GLY EA 106 -95.73 15.85 -43.15
C GLY EA 106 -96.13 17.31 -43.25
N LEU EA 107 -96.75 17.88 -42.22
CA LEU EA 107 -97.11 19.29 -42.21
C LEU EA 107 -95.90 20.10 -41.78
N GLY EA 108 -94.76 19.77 -42.34
CA GLY EA 108 -93.53 20.36 -41.86
C GLY EA 108 -93.48 21.85 -42.08
N ASP EA 109 -93.07 22.60 -41.06
CA ASP EA 109 -92.84 24.05 -41.09
C ASP EA 109 -94.11 24.84 -41.20
N ALA EA 110 -95.22 24.19 -41.44
CA ALA EA 110 -96.48 24.87 -41.40
C ALA EA 110 -97.29 24.42 -40.21
N PHE EA 111 -96.96 23.26 -39.64
CA PHE EA 111 -97.68 22.86 -38.46
C PHE EA 111 -97.47 23.86 -37.34
N ASP EA 112 -96.25 24.34 -37.16
CA ASP EA 112 -96.00 25.25 -36.06
C ASP EA 112 -96.75 26.56 -36.26
N ARG EA 113 -96.76 27.07 -37.49
CA ARG EA 113 -97.49 28.31 -37.72
C ARG EA 113 -98.99 28.10 -37.67
N LEU EA 114 -99.49 26.91 -37.97
CA LEU EA 114 -100.89 26.64 -37.69
C LEU EA 114 -101.13 26.57 -36.21
N LEU EA 115 -100.21 25.94 -35.50
CA LEU EA 115 -100.25 25.86 -34.04
C LEU EA 115 -100.32 27.24 -33.43
N LEU EA 116 -99.62 28.20 -34.03
CA LEU EA 116 -99.60 29.56 -33.53
C LEU EA 116 -100.52 30.47 -34.31
N LEU EA 117 -101.22 29.96 -35.32
CA LEU EA 117 -102.25 30.72 -35.97
C LEU EA 117 -103.49 30.85 -35.13
N CYS EA 118 -103.61 30.05 -34.09
CA CYS EA 118 -104.82 30.00 -33.29
C CYS EA 118 -104.61 30.49 -31.87
N VAL EA 119 -103.56 31.25 -31.61
CA VAL EA 119 -103.24 31.53 -30.21
C VAL EA 119 -104.21 32.52 -29.61
N PRO EA 120 -104.57 33.62 -30.26
CA PRO EA 120 -105.59 34.47 -29.65
C PRO EA 120 -106.91 33.73 -29.68
N LEU EA 121 -107.28 33.22 -28.52
CA LEU EA 121 -108.39 32.30 -28.40
C LEU EA 121 -109.70 33.00 -28.73
N GLY EA 122 -110.54 32.33 -29.50
CA GLY EA 122 -111.79 32.92 -29.90
C GLY EA 122 -112.59 33.31 -28.69
N LYS EA 123 -112.78 34.61 -28.52
CA LYS EA 123 -113.58 35.12 -27.39
C LYS EA 123 -115.05 34.93 -27.72
N ASP EA 124 -115.36 33.71 -28.04
CA ASP EA 124 -116.70 33.25 -28.36
C ASP EA 124 -117.09 32.02 -27.57
N SER EA 125 -116.15 31.10 -27.34
CA SER EA 125 -116.50 29.82 -26.76
C SER EA 125 -115.30 29.28 -26.00
N SER EA 126 -115.56 28.25 -25.18
CA SER EA 126 -114.53 27.48 -24.51
C SER EA 126 -113.84 26.48 -25.43
N LYS EA 127 -114.19 26.48 -26.71
CA LYS EA 127 -113.50 25.66 -27.69
C LYS EA 127 -112.28 26.36 -28.25
N GLY EA 128 -111.83 27.43 -27.60
CA GLY EA 128 -110.61 28.08 -28.02
C GLY EA 128 -109.40 27.18 -27.84
N THR EA 129 -109.07 26.86 -26.60
CA THR EA 129 -107.83 26.15 -26.34
C THR EA 129 -107.87 24.68 -26.73
N ASP EA 130 -109.04 24.15 -27.06
CA ASP EA 130 -109.07 22.73 -27.42
C ASP EA 130 -108.41 22.46 -28.75
N ASP EA 131 -108.56 23.37 -29.72
CA ASP EA 131 -107.88 23.19 -31.00
C ASP EA 131 -106.38 23.27 -30.86
N LEU EA 132 -105.88 24.19 -30.05
CA LEU EA 132 -104.46 24.26 -29.76
C LEU EA 132 -103.95 23.01 -29.06
N GLU EA 133 -104.70 22.49 -28.08
CA GLU EA 133 -104.29 21.26 -27.43
C GLU EA 133 -104.30 20.07 -28.37
N ARG EA 134 -105.29 19.96 -29.25
CA ARG EA 134 -105.28 18.87 -30.24
C ARG EA 134 -104.10 19.00 -31.19
N LEU EA 135 -103.86 20.21 -31.69
CA LEU EA 135 -102.68 20.47 -32.49
C LEU EA 135 -101.44 19.93 -31.81
N MET EA 136 -101.11 20.48 -30.65
CA MET EA 136 -99.91 20.07 -29.95
C MET EA 136 -99.86 18.58 -29.69
N ASN EA 137 -100.98 17.97 -29.29
CA ASN EA 137 -100.97 16.55 -29.00
C ASN EA 137 -100.70 15.72 -30.23
N LEU EA 138 -101.21 16.13 -31.39
CA LEU EA 138 -100.82 15.40 -32.58
C LEU EA 138 -99.33 15.57 -32.85
N ALA EA 139 -98.81 16.77 -32.61
CA ALA EA 139 -97.37 16.95 -32.80
C ALA EA 139 -96.58 16.03 -31.88
N GLY EA 140 -97.04 15.89 -30.63
CA GLY EA 140 -96.36 15.01 -29.72
C GLY EA 140 -96.42 13.57 -30.17
N ARG EA 141 -97.60 13.10 -30.54
CA ARG EA 141 -97.75 11.72 -30.96
C ARG EA 141 -96.91 11.39 -32.17
N ASN EA 142 -96.84 12.29 -33.14
CA ASN EA 142 -95.85 12.11 -34.19
C ASN EA 142 -94.46 12.08 -33.61
N GLY EA 143 -94.19 12.91 -32.60
CA GLY EA 143 -92.86 13.02 -32.06
C GLY EA 143 -92.02 14.12 -32.64
N ARG EA 144 -92.63 15.14 -33.24
CA ARG EA 144 -91.87 16.31 -33.66
C ARG EA 144 -91.78 17.28 -32.50
N GLU EA 145 -90.58 17.82 -32.28
CA GLU EA 145 -90.30 18.62 -31.11
C GLU EA 145 -90.50 20.09 -31.43
N ILE EA 146 -91.28 20.77 -30.59
CA ILE EA 146 -91.79 22.09 -30.94
C ILE EA 146 -90.74 23.14 -30.60
N SER EA 147 -90.41 23.99 -31.57
CA SER EA 147 -89.30 24.90 -31.43
C SER EA 147 -89.59 25.96 -30.38
N VAL EA 148 -88.53 26.41 -29.73
CA VAL EA 148 -88.72 27.38 -28.67
C VAL EA 148 -88.94 28.77 -29.24
N ARG EA 149 -88.30 29.11 -30.37
CA ARG EA 149 -88.68 30.36 -31.00
C ARG EA 149 -89.97 30.22 -31.75
N THR EA 150 -90.74 29.18 -31.44
CA THR EA 150 -92.13 29.09 -31.84
C THR EA 150 -93.04 29.23 -30.63
N ILE EA 151 -92.69 28.63 -29.49
CA ILE EA 151 -93.52 28.92 -28.32
C ILE EA 151 -93.31 30.33 -27.81
N GLN EA 152 -92.14 30.91 -28.03
CA GLN EA 152 -91.98 32.33 -27.81
C GLN EA 152 -93.01 33.11 -28.60
N HIS EA 153 -93.34 32.66 -29.79
CA HIS EA 153 -94.33 33.34 -30.61
C HIS EA 153 -95.76 32.98 -30.25
N LEU EA 154 -96.01 31.78 -29.77
CA LEU EA 154 -97.30 31.55 -29.11
C LEU EA 154 -97.55 32.64 -28.08
N PHE EA 155 -96.56 32.91 -27.24
CA PHE EA 155 -96.78 33.89 -26.20
C PHE EA 155 -96.74 35.32 -26.71
N ALA EA 156 -95.88 35.61 -27.68
CA ALA EA 156 -95.75 36.95 -28.25
C ALA EA 156 -96.97 37.35 -29.05
N ARG EA 157 -98.01 36.52 -29.07
CA ARG EA 157 -99.25 36.83 -29.75
C ARG EA 157 -100.43 36.78 -28.80
N THR EA 158 -100.18 36.50 -27.53
CA THR EA 158 -101.25 36.43 -26.54
C THR EA 158 -101.87 37.80 -26.33
N ASP EA 159 -103.11 37.82 -25.84
CA ASP EA 159 -103.83 39.07 -25.64
C ASP EA 159 -103.84 39.51 -24.20
N SER EA 160 -104.21 38.64 -23.27
CA SER EA 160 -104.21 38.99 -21.86
C SER EA 160 -103.89 37.76 -21.02
N PHE EA 161 -103.81 37.98 -19.71
CA PHE EA 161 -103.34 36.93 -18.82
C PHE EA 161 -104.19 35.68 -18.93
N SER EA 162 -105.49 35.85 -19.10
CA SER EA 162 -106.33 34.67 -19.33
C SER EA 162 -105.77 33.83 -20.45
N GLU EA 163 -105.44 34.44 -21.59
CA GLU EA 163 -104.97 33.67 -22.72
C GLU EA 163 -103.56 33.16 -22.52
N ALA EA 164 -102.72 33.90 -21.80
CA ALA EA 164 -101.36 33.42 -21.57
C ALA EA 164 -101.37 32.18 -20.70
N LEU EA 165 -102.05 32.25 -19.58
CA LEU EA 165 -102.26 31.07 -18.77
C LEU EA 165 -102.92 29.96 -19.55
N ALA EA 166 -103.80 30.30 -20.49
CA ALA EA 166 -104.42 29.26 -21.30
C ALA EA 166 -103.39 28.52 -22.14
N VAL EA 167 -102.50 29.24 -22.82
CA VAL EA 167 -101.45 28.58 -23.58
C VAL EA 167 -100.61 27.69 -22.67
N PHE EA 168 -100.18 28.22 -21.53
CA PHE EA 168 -99.29 27.43 -20.69
C PHE EA 168 -99.98 26.19 -20.15
N TYR EA 169 -101.22 26.30 -19.73
CA TYR EA 169 -101.92 25.13 -19.26
C TYR EA 169 -102.15 24.14 -20.39
N ALA EA 170 -102.36 24.63 -21.61
CA ALA EA 170 -102.44 23.74 -22.76
C ALA EA 170 -101.16 22.93 -22.90
N MET EA 171 -100.02 23.62 -22.83
CA MET EA 171 -98.73 22.93 -22.92
C MET EA 171 -98.49 22.00 -21.75
N ARG EA 172 -99.02 22.32 -20.57
CA ARG EA 172 -99.00 21.37 -19.47
C ARG EA 172 -99.65 20.08 -19.89
N ARG EA 173 -100.91 20.16 -20.34
CA ARG EA 173 -101.62 18.96 -20.74
C ARG EA 173 -101.01 18.32 -21.97
N CYS EA 174 -100.20 19.05 -22.73
CA CYS EA 174 -99.68 18.56 -24.00
C CYS EA 174 -98.26 18.01 -23.87
N HIS EA 175 -97.88 17.57 -22.67
CA HIS EA 175 -96.68 16.75 -22.47
C HIS EA 175 -95.43 17.45 -22.97
N VAL EA 176 -95.28 18.72 -22.62
CA VAL EA 176 -94.10 19.48 -22.96
C VAL EA 176 -93.33 19.71 -21.68
N ALA EA 177 -92.33 18.87 -21.42
CA ALA EA 177 -91.50 19.04 -20.24
C ALA EA 177 -90.79 20.37 -20.33
N MET EA 178 -90.98 21.19 -19.30
CA MET EA 178 -90.75 22.63 -19.42
C MET EA 178 -89.26 22.95 -19.28
N ASN EA 179 -88.81 23.89 -20.09
CA ASN EA 179 -87.47 24.44 -20.02
C ASN EA 179 -87.47 25.62 -19.07
N MET EA 180 -86.40 26.41 -19.11
CA MET EA 180 -86.44 27.73 -18.50
C MET EA 180 -86.84 28.80 -19.49
N GLU EA 181 -86.40 28.70 -20.75
CA GLU EA 181 -86.83 29.65 -21.75
C GLU EA 181 -88.35 29.71 -21.82
N ALA EA 182 -89.03 28.59 -21.60
CA ALA EA 182 -90.47 28.61 -21.57
C ALA EA 182 -90.99 29.48 -20.45
N TYR EA 183 -90.53 29.25 -19.22
CA TYR EA 183 -90.95 30.08 -18.10
C TYR EA 183 -90.60 31.54 -18.36
N TYR EA 184 -89.47 31.79 -18.99
CA TYR EA 184 -89.02 33.16 -19.15
C TYR EA 184 -89.85 33.90 -20.19
N ALA EA 185 -90.15 33.26 -21.31
CA ALA EA 185 -91.04 33.88 -22.27
C ALA EA 185 -92.45 33.99 -21.70
N MET EA 186 -92.83 33.07 -20.82
CA MET EA 186 -94.11 33.23 -20.16
C MET EA 186 -94.15 34.49 -19.31
N LEU EA 187 -93.09 34.72 -18.54
CA LEU EA 187 -93.03 35.91 -17.72
C LEU EA 187 -92.89 37.16 -18.56
N TYR EA 188 -92.19 37.08 -19.69
CA TYR EA 188 -92.10 38.21 -20.58
C TYR EA 188 -93.48 38.58 -21.13
N SER EA 189 -94.29 37.59 -21.46
CA SER EA 189 -95.67 37.90 -21.82
C SER EA 189 -96.41 38.55 -20.67
N LEU EA 190 -96.32 37.94 -19.48
CA LEU EA 190 -97.02 38.49 -18.32
C LEU EA 190 -96.60 39.91 -18.03
N GLN EA 191 -95.40 40.30 -18.45
CA GLN EA 191 -94.93 41.67 -18.26
C GLN EA 191 -95.40 42.58 -19.38
N ARG EA 192 -95.25 42.17 -20.62
CA ARG EA 192 -95.68 43.03 -21.71
C ARG EA 192 -97.18 43.27 -21.67
N LEU EA 193 -97.96 42.38 -21.10
CA LEU EA 193 -99.37 42.71 -20.95
C LEU EA 193 -99.55 44.01 -20.18
N GLU EA 194 -98.84 44.14 -19.06
CA GLU EA 194 -98.95 45.36 -18.27
C GLU EA 194 -98.18 46.53 -18.89
N GLU EA 195 -97.11 46.26 -19.63
CA GLU EA 195 -96.48 47.34 -20.38
C GLU EA 195 -97.48 47.96 -21.34
N GLU EA 196 -98.17 47.14 -22.11
CA GLU EA 196 -99.18 47.65 -23.02
C GLU EA 196 -100.34 48.30 -22.28
N GLY EA 197 -100.73 47.76 -21.14
CA GLY EA 197 -101.72 48.46 -20.32
C GLY EA 197 -101.31 49.89 -20.04
N TRP EA 198 -100.11 50.07 -19.50
CA TRP EA 198 -99.68 51.42 -19.15
C TRP EA 198 -99.51 52.29 -20.37
N ALA EA 199 -99.00 51.74 -21.48
CA ALA EA 199 -98.89 52.54 -22.70
C ALA EA 199 -100.25 52.99 -23.18
N GLN EA 200 -101.28 52.17 -23.05
CA GLN EA 200 -102.61 52.58 -23.45
C GLN EA 200 -103.14 53.69 -22.56
N ARG EA 201 -102.98 53.53 -21.25
CA ARG EA 201 -103.46 54.55 -20.32
C ARG EA 201 -102.77 55.87 -20.58
N PHE EA 202 -101.49 55.84 -20.94
CA PHE EA 202 -100.80 57.10 -21.17
C PHE EA 202 -101.11 57.68 -22.55
N ARG EA 203 -101.36 56.85 -23.57
CA ARG EA 203 -101.90 57.44 -24.80
C ARG EA 203 -103.22 58.14 -24.55
N GLU EA 204 -104.14 57.46 -23.87
CA GLU EA 204 -105.40 58.06 -23.48
C GLU EA 204 -105.18 59.40 -22.81
N GLU EA 205 -104.35 59.44 -21.78
CA GLU EA 205 -104.10 60.69 -21.08
C GLU EA 205 -103.49 61.74 -21.99
N CYS EA 206 -102.54 61.36 -22.84
CA CYS EA 206 -101.89 62.34 -23.71
C CYS EA 206 -102.88 62.94 -24.70
N GLU EA 207 -103.80 62.14 -25.23
CA GLU EA 207 -104.86 62.73 -26.05
C GLU EA 207 -105.70 63.69 -25.24
N GLU EA 208 -106.22 63.22 -24.11
CA GLU EA 208 -107.20 64.00 -23.37
C GLU EA 208 -106.63 65.28 -22.78
N LYS EA 209 -105.30 65.36 -22.60
CA LYS EA 209 -104.72 66.56 -22.04
C LYS EA 209 -103.88 67.33 -23.04
N GLY EA 210 -103.64 66.77 -24.23
CA GLY EA 210 -102.99 67.47 -25.31
C GLY EA 210 -101.51 67.15 -25.47
N GLY EA 211 -100.78 67.06 -24.37
CA GLY EA 211 -99.34 66.91 -24.45
C GLY EA 211 -98.78 65.91 -23.46
N VAL EA 212 -97.48 65.67 -23.52
CA VAL EA 212 -96.91 64.60 -22.70
C VAL EA 212 -96.87 65.03 -21.24
N SER EA 213 -97.06 64.07 -20.36
CA SER EA 213 -97.02 64.33 -18.93
C SER EA 213 -95.70 63.85 -18.36
N GLU EA 214 -95.38 64.36 -17.16
CA GLU EA 214 -94.23 63.85 -16.43
C GLU EA 214 -94.28 62.33 -16.33
N GLN EA 215 -95.41 61.81 -15.87
CA GLN EA 215 -95.52 60.37 -15.69
C GLN EA 215 -95.41 59.65 -17.02
N ALA EA 216 -96.03 60.16 -18.07
CA ALA EA 216 -95.93 59.48 -19.35
C ALA EA 216 -94.49 59.40 -19.80
N MET EA 217 -93.74 60.48 -19.63
CA MET EA 217 -92.35 60.44 -20.07
C MET EA 217 -91.53 59.48 -19.23
N ASP EA 218 -91.69 59.51 -17.92
CA ASP EA 218 -90.86 58.62 -17.13
C ASP EA 218 -91.26 57.16 -17.30
N PHE EA 219 -92.51 56.89 -17.65
CA PHE EA 219 -92.83 55.55 -18.10
C PHE EA 219 -92.11 55.23 -19.39
N VAL EA 220 -92.18 56.12 -20.37
CA VAL EA 220 -91.62 55.84 -21.68
C VAL EA 220 -90.17 55.47 -21.54
N VAL EA 221 -89.45 56.15 -20.66
CA VAL EA 221 -88.04 55.85 -20.52
C VAL EA 221 -87.80 54.74 -19.51
N LYS EA 222 -88.10 54.97 -18.25
CA LYS EA 222 -87.70 54.02 -17.23
C LYS EA 222 -88.48 52.71 -17.28
N GLY EA 223 -89.61 52.66 -17.99
CA GLY EA 223 -90.35 51.42 -18.10
C GLY EA 223 -91.25 51.21 -16.91
N ILE EA 224 -91.79 50.00 -16.81
CA ILE EA 224 -92.81 49.69 -15.81
C ILE EA 224 -92.20 49.66 -14.43
N ASN EA 225 -92.91 50.20 -13.46
CA ASN EA 225 -92.44 50.20 -12.09
C ASN EA 225 -92.40 48.78 -11.54
N ASN EA 226 -91.28 48.44 -10.91
CA ASN EA 226 -91.09 47.14 -10.28
C ASN EA 226 -91.34 46.01 -11.26
N ALA EA 227 -90.62 46.03 -12.38
CA ALA EA 227 -90.81 45.05 -13.43
C ALA EA 227 -90.15 43.74 -13.04
N LEU EA 228 -90.83 42.63 -13.28
CA LEU EA 228 -90.20 41.32 -13.22
C LEU EA 228 -89.45 41.06 -14.50
N LEU EA 229 -88.26 40.48 -14.38
CA LEU EA 229 -87.30 40.51 -15.48
C LEU EA 229 -87.18 41.95 -15.94
N PRO EA 230 -86.53 42.82 -15.19
CA PRO EA 230 -86.40 44.22 -15.59
C PRO EA 230 -85.47 44.37 -16.78
N GLU EA 231 -85.67 45.49 -17.47
CA GLU EA 231 -84.96 45.73 -18.71
C GLU EA 231 -83.71 46.57 -18.48
N ASN EA 232 -83.71 47.40 -17.44
CA ASN EA 232 -82.54 48.22 -17.18
C ASN EA 232 -81.40 47.43 -16.56
N LYS EA 233 -81.69 46.25 -16.04
CA LYS EA 233 -80.65 45.33 -15.61
C LYS EA 233 -80.63 44.16 -16.56
N PRO EA 234 -79.98 44.27 -17.72
CA PRO EA 234 -80.07 43.24 -18.74
C PRO EA 234 -79.41 41.91 -18.36
N TRP EA 235 -78.74 41.79 -17.24
CA TRP EA 235 -78.17 40.52 -16.86
C TRP EA 235 -79.20 39.55 -16.33
N LEU EA 236 -80.48 39.86 -16.51
CA LEU EA 236 -81.55 39.17 -15.78
C LEU EA 236 -82.46 38.32 -16.65
N GLY EA 237 -82.60 38.63 -17.92
CA GLY EA 237 -83.39 37.78 -18.78
C GLY EA 237 -82.56 36.92 -19.72
N ARG EA 238 -81.41 36.44 -19.26
CA ARG EA 238 -80.55 35.63 -20.10
C ARG EA 238 -80.62 34.18 -19.66
N VAL EA 239 -80.86 33.29 -20.61
CA VAL EA 239 -80.80 31.85 -20.39
C VAL EA 239 -79.81 31.25 -21.36
N MET EA 240 -78.85 30.49 -20.83
CA MET EA 240 -77.68 30.07 -21.59
C MET EA 240 -76.91 31.28 -22.10
N PHE EA 241 -76.99 32.36 -21.36
CA PHE EA 241 -76.24 33.59 -21.62
C PHE EA 241 -76.59 34.20 -22.96
N GLY EA 242 -77.77 33.88 -23.47
CA GLY EA 242 -78.36 34.56 -24.61
C GLY EA 242 -79.63 35.22 -24.13
N ASP EA 243 -80.10 36.21 -24.88
CA ASP EA 243 -81.26 36.97 -24.45
C ASP EA 243 -82.53 36.32 -24.97
N ARG EA 244 -83.44 35.97 -24.06
CA ARG EA 244 -84.74 35.44 -24.41
C ARG EA 244 -85.85 36.47 -24.29
N ASP EA 245 -85.60 37.73 -24.66
CA ASP EA 245 -86.62 38.76 -24.50
C ASP EA 245 -87.52 38.84 -25.72
N ALA EA 246 -87.97 37.70 -26.22
CA ALA EA 246 -88.72 37.67 -27.46
C ALA EA 246 -90.17 38.09 -27.25
N PRO EA 247 -90.84 37.67 -26.17
CA PRO EA 247 -92.18 38.20 -25.92
C PRO EA 247 -92.18 39.61 -25.36
N ALA EA 248 -91.11 40.35 -25.58
CA ALA EA 248 -91.11 41.75 -25.21
C ALA EA 248 -92.26 42.52 -25.83
N GLN EA 249 -92.65 42.19 -27.06
CA GLN EA 249 -93.72 42.90 -27.74
C GLN EA 249 -94.58 41.89 -28.50
N ARG EA 250 -95.65 42.39 -29.10
CA ARG EA 250 -96.42 41.57 -30.02
C ARG EA 250 -95.57 41.23 -31.24
N ARG EA 251 -95.49 39.94 -31.54
CA ARG EA 251 -94.90 39.46 -32.76
C ARG EA 251 -96.02 39.15 -33.73
N GLU EA 252 -96.04 39.83 -34.86
CA GLU EA 252 -97.09 39.69 -35.85
C GLU EA 252 -96.85 38.44 -36.69
N ALA EA 253 -97.51 38.37 -37.85
CA ALA EA 253 -97.18 37.34 -38.83
C ALA EA 253 -95.81 37.59 -39.43
N ARG EA 254 -95.58 38.78 -39.95
CA ARG EA 254 -94.30 39.04 -40.59
C ARG EA 254 -93.14 38.97 -39.62
N ASP EA 255 -93.41 39.11 -38.32
CA ASP EA 255 -92.35 38.91 -37.35
C ASP EA 255 -91.86 37.46 -37.36
N TYR EA 256 -92.77 36.50 -37.33
CA TYR EA 256 -92.35 35.11 -37.45
C TYR EA 256 -91.77 34.83 -38.83
N ASP EA 257 -92.41 35.32 -39.87
CA ASP EA 257 -91.98 35.00 -41.23
C ASP EA 257 -90.63 35.60 -41.58
N GLU EA 258 -90.28 36.73 -40.97
CA GLU EA 258 -88.95 37.25 -41.17
C GLU EA 258 -87.90 36.38 -40.53
N LEU EA 259 -88.21 35.76 -39.40
CA LEU EA 259 -87.24 34.92 -38.71
C LEU EA 259 -86.80 33.76 -39.58
N SER EA 260 -87.59 33.41 -40.59
CA SER EA 260 -87.29 32.34 -41.53
C SER EA 260 -86.83 32.86 -42.88
N ALA EA 261 -87.31 34.02 -43.30
CA ALA EA 261 -86.87 34.61 -44.56
C ALA EA 261 -85.40 35.00 -44.54
N MET EA 262 -84.95 35.64 -43.46
CA MET EA 262 -83.53 35.91 -43.33
C MET EA 262 -82.74 34.61 -43.27
N TRP EA 263 -83.25 33.63 -42.52
CA TRP EA 263 -82.64 32.31 -42.47
C TRP EA 263 -82.37 31.79 -43.87
N THR EA 264 -83.39 31.79 -44.72
CA THR EA 264 -83.27 31.14 -46.02
C THR EA 264 -82.49 31.97 -47.02
N GLU EA 265 -82.73 33.27 -47.08
CA GLU EA 265 -81.88 34.09 -47.95
C GLU EA 265 -80.48 34.17 -47.40
N ARG EA 266 -80.27 33.68 -46.18
CA ARG EA 266 -78.93 33.55 -45.66
C ARG EA 266 -78.32 32.23 -46.09
N TYR EA 267 -79.13 31.18 -46.05
CA TYR EA 267 -78.79 29.90 -46.66
C TYR EA 267 -78.31 30.09 -48.09
N ARG EA 268 -79.07 30.80 -48.90
CA ARG EA 268 -78.87 30.79 -50.34
C ARG EA 268 -77.65 31.56 -50.80
N ASP EA 269 -76.99 32.29 -49.94
CA ASP EA 269 -75.86 33.06 -50.39
C ASP EA 269 -74.67 32.99 -49.47
N GLY EA 270 -74.87 32.65 -48.19
CA GLY EA 270 -73.79 32.62 -47.21
C GLY EA 270 -72.62 31.77 -47.66
N PHE FA 10 4.25 63.95 -35.30
CA PHE FA 10 5.69 63.99 -35.44
C PHE FA 10 6.04 63.76 -36.91
N ARG FA 11 6.55 64.81 -37.54
CA ARG FA 11 7.15 64.72 -38.86
C ARG FA 11 8.03 65.94 -39.07
N MET FA 12 8.98 65.80 -39.98
CA MET FA 12 9.81 66.91 -40.41
C MET FA 12 9.61 67.15 -41.90
N LYS FA 13 9.51 68.42 -42.27
CA LYS FA 13 9.50 68.77 -43.68
C LYS FA 13 10.55 69.86 -43.83
N GLY FA 14 11.80 69.45 -43.99
CA GLY FA 14 12.91 70.34 -43.83
C GLY FA 14 13.65 70.18 -42.53
N GLY FA 15 13.58 69.00 -41.92
CA GLY FA 15 14.22 68.75 -40.65
C GLY FA 15 13.48 69.25 -39.43
N GLU FA 16 12.89 70.45 -39.49
CA GLU FA 16 12.14 70.99 -38.37
C GLU FA 16 10.98 70.05 -38.07
N MET FA 17 10.83 69.68 -36.82
CA MET FA 17 9.86 68.67 -36.45
C MET FA 17 8.48 69.29 -36.26
N PHE FA 18 7.46 68.57 -36.71
CA PHE FA 18 6.07 68.98 -36.55
C PHE FA 18 5.32 67.85 -35.86
N VAL FA 19 4.90 68.09 -34.63
CA VAL FA 19 4.19 67.10 -33.83
C VAL FA 19 2.70 67.37 -33.93
N GLU FA 20 1.93 66.32 -33.75
CA GLU FA 20 0.47 66.41 -33.64
C GLU FA 20 0.11 66.13 -32.19
N TYR FA 21 -0.63 67.03 -31.58
CA TYR FA 21 -1.03 66.78 -30.21
C TYR FA 21 -2.43 67.28 -29.97
N LYS FA 22 -2.88 67.05 -28.77
CA LYS FA 22 -4.23 67.37 -28.35
C LYS FA 22 -4.03 67.99 -26.96
N ILE FA 23 -4.23 69.29 -26.88
CA ILE FA 23 -4.13 69.97 -25.60
C ILE FA 23 -5.43 69.74 -24.85
N MET FA 24 -5.35 69.49 -23.54
CA MET FA 24 -6.53 69.05 -22.83
C MET FA 24 -6.53 69.68 -21.47
N SER FA 25 -7.72 70.01 -21.00
CA SER FA 25 -7.79 70.42 -19.63
C SER FA 25 -7.38 69.24 -18.77
N ARG FA 26 -6.73 69.54 -17.63
CA ARG FA 26 -6.08 68.49 -16.87
C ARG FA 26 -7.02 67.33 -16.57
N ASP FA 27 -8.31 67.55 -16.66
CA ASP FA 27 -9.32 66.52 -16.53
C ASP FA 27 -9.74 65.92 -17.86
N HIS FA 28 -9.13 66.36 -18.96
CA HIS FA 28 -9.38 65.85 -20.29
C HIS FA 28 -10.82 66.05 -20.73
N ARG FA 29 -11.49 67.01 -20.10
CA ARG FA 29 -12.83 67.39 -20.49
C ARG FA 29 -12.86 68.23 -21.75
N ARG FA 30 -12.11 69.31 -21.80
CA ARG FA 30 -12.13 70.18 -22.95
C ARG FA 30 -10.80 70.06 -23.66
N SER FA 31 -10.85 69.80 -24.95
CA SER FA 31 -9.62 69.49 -25.65
C SER FA 31 -9.60 70.16 -27.01
N ILE FA 32 -8.39 70.49 -27.47
CA ILE FA 32 -8.18 71.27 -28.66
C ILE FA 32 -6.95 70.73 -29.37
N ARG FA 33 -7.14 70.21 -30.57
CA ARG FA 33 -6.10 69.50 -31.28
C ARG FA 33 -5.32 70.46 -32.14
N VAL FA 34 -4.07 70.11 -32.44
CA VAL FA 34 -3.23 70.89 -33.33
C VAL FA 34 -2.53 69.96 -34.29
N GLU FA 35 -2.88 70.04 -35.57
CA GLU FA 35 -2.42 69.04 -36.53
C GLU FA 35 -0.91 68.94 -36.60
N ASP FA 36 -0.24 69.96 -37.14
CA ASP FA 36 1.20 69.87 -37.33
C ASP FA 36 1.80 71.15 -36.75
N ALA FA 37 2.30 71.06 -35.52
CA ALA FA 37 2.90 72.16 -34.81
C ALA FA 37 4.41 71.98 -34.83
N ILE FA 38 5.14 73.07 -34.62
CA ILE FA 38 6.60 73.02 -34.73
C ILE FA 38 7.20 72.70 -33.38
N VAL FA 39 8.36 72.05 -33.38
CA VAL FA 39 9.05 71.65 -32.16
C VAL FA 39 10.39 72.37 -32.14
N ASP FA 40 10.46 73.49 -31.43
CA ASP FA 40 11.71 74.22 -31.33
C ASP FA 40 12.33 73.96 -29.96
N PRO FA 41 13.40 73.19 -29.86
CA PRO FA 41 14.02 72.89 -28.57
C PRO FA 41 14.81 74.07 -28.02
N SER FA 42 14.24 75.26 -28.14
CA SER FA 42 14.94 76.50 -27.87
C SER FA 42 14.15 77.46 -27.01
N VAL FA 43 12.84 77.30 -26.92
CA VAL FA 43 12.03 78.10 -26.03
C VAL FA 43 11.51 77.18 -24.92
N ALA FA 44 11.83 77.54 -23.68
CA ALA FA 44 11.57 76.60 -22.60
C ALA FA 44 10.13 76.68 -22.13
N ARG FA 45 9.22 77.14 -22.97
CA ARG FA 45 7.83 77.16 -22.55
C ARG FA 45 6.91 77.22 -23.75
N THR FA 46 5.78 76.55 -23.62
CA THR FA 46 4.78 76.53 -24.68
C THR FA 46 3.99 77.83 -24.66
N VAL FA 47 3.77 78.38 -25.85
CA VAL FA 47 3.17 79.70 -26.02
C VAL FA 47 1.89 79.51 -26.80
N VAL FA 48 0.79 79.25 -26.11
CA VAL FA 48 -0.47 79.02 -26.81
C VAL FA 48 -1.26 80.32 -26.75
N PRO FA 49 -2.18 80.52 -27.69
CA PRO FA 49 -2.92 81.78 -27.72
C PRO FA 49 -3.85 81.89 -26.53
N LEU FA 50 -4.08 83.13 -26.10
CA LEU FA 50 -4.87 83.32 -24.89
C LEU FA 50 -6.28 82.82 -25.05
N SER FA 51 -6.77 82.68 -26.28
CA SER FA 51 -8.16 82.31 -26.50
C SER FA 51 -8.51 80.99 -25.84
N TRP FA 52 -7.54 80.10 -25.67
CA TRP FA 52 -7.78 78.80 -25.09
C TRP FA 52 -7.76 78.83 -23.57
N LEU FA 53 -7.36 79.94 -22.96
CA LEU FA 53 -7.38 79.99 -21.51
C LEU FA 53 -8.77 79.72 -20.96
N GLU FA 54 -9.79 79.99 -21.76
CA GLU FA 54 -11.15 79.66 -21.36
C GLU FA 54 -11.67 78.40 -22.01
N GLN FA 55 -11.15 78.04 -23.18
CA GLN FA 55 -11.59 76.79 -23.78
C GLN FA 55 -11.13 75.61 -22.94
N LEU FA 56 -9.95 75.69 -22.34
CA LEU FA 56 -9.41 74.61 -21.54
C LEU FA 56 -9.53 74.89 -20.05
N ARG FA 57 -9.98 76.08 -19.66
CA ARG FA 57 -10.41 76.23 -18.28
C ARG FA 57 -11.59 75.31 -18.15
N SER FA 58 -11.36 74.15 -17.56
CA SER FA 58 -12.47 73.25 -17.24
C SER FA 58 -12.49 73.15 -15.72
N PRO FA 59 -13.27 73.95 -15.05
CA PRO FA 59 -13.27 73.92 -13.60
C PRO FA 59 -13.75 72.59 -13.06
N SER FA 60 -12.80 71.85 -12.52
CA SER FA 60 -12.99 70.59 -11.84
C SER FA 60 -13.04 70.85 -10.33
N LEU FA 61 -12.88 69.82 -9.53
CA LEU FA 61 -12.75 69.98 -8.08
C LEU FA 61 -11.32 70.18 -7.63
N ARG FA 62 -10.41 69.33 -8.07
CA ARG FA 62 -9.01 69.49 -7.70
C ARG FA 62 -8.53 70.90 -7.96
N LEU FA 63 -8.88 71.46 -9.12
CA LEU FA 63 -8.61 72.85 -9.46
C LEU FA 63 -9.93 73.60 -9.36
N HIS FA 64 -10.13 74.31 -8.25
CA HIS FA 64 -11.39 75.03 -8.06
C HIS FA 64 -11.66 75.93 -9.24
N THR FA 65 -10.86 76.95 -9.42
CA THR FA 65 -10.95 77.73 -10.62
C THR FA 65 -10.47 76.87 -11.77
N GLY FA 66 -10.36 77.45 -12.95
CA GLY FA 66 -9.90 76.68 -14.07
C GLY FA 66 -8.56 76.04 -13.85
N TYR FA 67 -7.53 76.84 -13.70
CA TYR FA 67 -6.17 76.35 -13.66
C TYR FA 67 -5.67 76.35 -12.23
N HIS FA 68 -4.41 75.97 -12.09
CA HIS FA 68 -3.77 76.04 -10.78
C HIS FA 68 -2.92 77.29 -10.64
N MET FA 69 -2.13 77.61 -11.66
CA MET FA 69 -1.25 78.76 -11.62
C MET FA 69 -1.60 79.68 -12.77
N GLU FA 70 -1.60 80.99 -12.50
CA GLU FA 70 -2.15 81.96 -13.42
C GLU FA 70 -1.49 83.31 -13.09
N GLU FA 71 -0.43 83.64 -13.81
CA GLU FA 71 0.41 84.76 -13.44
C GLU FA 71 0.69 85.66 -14.63
N ALA FA 72 0.49 86.94 -14.44
CA ALA FA 72 0.68 87.91 -15.50
C ALA FA 72 2.18 88.01 -15.78
N VAL FA 73 2.59 87.53 -16.94
CA VAL FA 73 3.99 87.49 -17.34
C VAL FA 73 4.17 88.41 -18.53
N TYR FA 74 5.43 88.70 -18.85
CA TYR FA 74 5.72 89.61 -19.95
C TYR FA 74 6.08 88.90 -21.25
N VAL FA 75 7.25 88.27 -21.35
CA VAL FA 75 7.85 87.84 -22.62
C VAL FA 75 7.53 88.74 -23.82
N PRO FA 98 2.99 93.61 -19.30
CA PRO FA 98 3.16 92.16 -19.40
C PRO FA 98 2.23 91.55 -20.46
N ASN FA 99 2.79 90.86 -21.44
CA ASN FA 99 1.99 90.37 -22.56
C ASN FA 99 0.92 89.40 -22.08
N ALA FA 100 1.33 88.35 -21.37
CA ALA FA 100 0.63 87.09 -21.37
C ALA FA 100 0.20 86.69 -19.97
N ILE FA 101 -0.59 85.62 -19.90
CA ILE FA 101 -0.93 84.99 -18.64
C ILE FA 101 -0.31 83.60 -18.67
N LEU FA 102 0.73 83.39 -17.86
CA LEU FA 102 1.34 82.08 -17.74
C LEU FA 102 0.38 81.23 -16.92
N ALA FA 103 -0.15 80.17 -17.53
CA ALA FA 103 -1.19 79.41 -16.88
C ALA FA 103 -0.85 77.94 -16.91
N GLY FA 104 -1.38 77.19 -15.95
CA GLY FA 104 -1.13 75.78 -15.89
C GLY FA 104 -1.87 75.12 -14.75
N PRO FA 105 -1.80 73.79 -14.68
CA PRO FA 105 -1.15 72.91 -15.64
C PRO FA 105 -2.11 72.34 -16.66
N VAL FA 106 -1.71 72.32 -17.92
CA VAL FA 106 -2.55 71.85 -19.00
C VAL FA 106 -1.93 70.58 -19.53
N VAL FA 107 -2.77 69.56 -19.75
CA VAL FA 107 -2.31 68.22 -20.10
C VAL FA 107 -2.23 68.17 -21.60
N LEU FA 108 -1.06 68.40 -22.15
CA LEU FA 108 -0.83 68.16 -23.56
C LEU FA 108 -0.73 66.66 -23.76
N SER FA 109 -1.07 66.19 -24.96
CA SER FA 109 -0.81 64.79 -25.30
C SER FA 109 -0.41 64.70 -26.76
N ILE FA 110 0.83 64.33 -27.00
CA ILE FA 110 1.36 64.28 -28.35
C ILE FA 110 0.99 62.95 -28.97
N THR FA 111 0.71 62.98 -30.28
CA THR FA 111 0.22 61.79 -30.95
C THR FA 111 1.18 60.63 -30.75
N GLY FA 112 2.46 60.82 -31.01
CA GLY FA 112 3.37 59.70 -30.98
C GLY FA 112 3.62 59.09 -29.63
N GLN FA 113 3.64 59.92 -28.61
CA GLN FA 113 4.01 59.52 -27.27
C GLN FA 113 2.80 58.98 -26.54
N SER FA 114 3.05 58.05 -25.63
CA SER FA 114 2.02 57.51 -24.77
C SER FA 114 1.99 58.15 -23.40
N VAL FA 115 3.06 58.82 -23.02
CA VAL FA 115 3.06 59.53 -21.74
C VAL FA 115 2.44 60.91 -21.95
N PRO FA 116 1.52 61.34 -21.10
CA PRO FA 116 1.02 62.72 -21.19
C PRO FA 116 2.11 63.69 -20.79
N VAL FA 117 2.05 64.88 -21.37
CA VAL FA 117 3.05 65.90 -21.09
C VAL FA 117 2.35 67.08 -20.46
N VAL FA 118 2.59 67.31 -19.19
CA VAL FA 118 1.88 68.33 -18.45
C VAL FA 118 2.73 69.60 -18.49
N LEU FA 119 2.12 70.72 -18.86
CA LEU FA 119 2.86 71.94 -19.06
C LEU FA 119 2.23 73.09 -18.29
N ASN FA 120 2.98 74.19 -18.23
CA ASN FA 120 2.48 75.50 -17.83
C ASN FA 120 2.75 76.45 -19.00
N PRO FA 121 1.90 76.48 -19.98
CA PRO FA 121 2.14 77.31 -21.15
C PRO FA 121 1.90 78.79 -20.85
N TYR FA 122 2.72 79.61 -21.51
CA TYR FA 122 2.44 81.02 -21.65
C TYR FA 122 1.19 81.16 -22.48
N PHE FA 123 0.26 81.99 -22.04
CA PHE FA 123 -0.93 82.26 -22.83
C PHE FA 123 -0.82 83.69 -23.29
N VAL FA 124 -0.23 83.87 -24.46
CA VAL FA 124 -0.02 85.19 -25.05
C VAL FA 124 -1.32 85.60 -25.71
N PRO FA 125 -1.65 86.88 -25.73
CA PRO FA 125 -2.79 87.35 -26.52
C PRO FA 125 -2.41 87.46 -27.99
N ASP FA 126 -3.45 87.37 -28.83
CA ASP FA 126 -3.35 87.40 -30.29
C ASP FA 126 -3.30 88.80 -30.86
N ASP FA 127 -3.24 89.83 -30.00
CA ASP FA 127 -3.17 91.20 -30.48
C ASP FA 127 -1.73 91.61 -30.78
N THR FA 128 -0.91 91.74 -29.73
CA THR FA 128 0.48 92.13 -29.92
C THR FA 128 1.20 91.09 -30.76
N TRP FA 129 0.80 89.84 -30.58
CA TRP FA 129 1.41 88.69 -31.17
C TRP FA 129 0.27 88.03 -31.93
N GLY FA 130 0.01 88.51 -33.14
CA GLY FA 130 -1.05 87.93 -33.94
C GLY FA 130 -0.59 86.59 -34.46
N ILE FA 131 -0.93 85.51 -33.77
CA ILE FA 131 -0.47 84.20 -34.17
C ILE FA 131 -1.57 83.68 -35.07
N ARG FA 132 -1.47 84.01 -36.34
CA ARG FA 132 -2.47 83.63 -37.31
C ARG FA 132 -1.82 83.37 -38.65
N ARG FA 133 -0.61 82.82 -38.62
CA ARG FA 133 0.38 83.08 -39.66
C ARG FA 133 -0.23 83.18 -41.05
N ASN FA 134 -0.89 82.12 -41.48
CA ASN FA 134 -1.50 82.07 -42.80
C ASN FA 134 -3.01 81.95 -42.65
N ARG FA 135 -3.66 81.56 -43.74
CA ARG FA 135 -5.08 81.28 -43.71
C ARG FA 135 -5.32 80.07 -42.81
N ASP FA 136 -5.77 80.32 -41.58
CA ASP FA 136 -6.22 79.31 -40.64
C ASP FA 136 -5.08 78.57 -39.94
N GLU FA 137 -3.84 78.75 -40.37
CA GLU FA 137 -2.69 78.19 -39.68
C GLU FA 137 -2.52 78.95 -38.37
N TRP FA 138 -1.48 78.63 -37.61
CA TRP FA 138 -1.41 79.31 -36.33
C TRP FA 138 -0.02 79.79 -35.88
N ASP FA 139 1.06 79.17 -36.30
CA ASP FA 139 2.39 79.45 -35.72
C ASP FA 139 2.40 79.15 -34.23
N LEU FA 140 2.09 77.90 -33.90
CA LEU FA 140 2.21 77.42 -32.54
C LEU FA 140 3.34 76.42 -32.47
N ARG FA 141 4.11 76.50 -31.39
CA ARG FA 141 5.36 75.77 -31.27
C ARG FA 141 5.41 75.08 -29.91
N LEU FA 142 5.96 73.87 -29.91
CA LEU FA 142 6.05 73.04 -28.73
C LEU FA 142 7.42 73.24 -28.09
N GLY FA 143 7.45 73.44 -26.77
CA GLY FA 143 8.63 73.91 -26.09
C GLY FA 143 9.41 72.82 -25.38
N MET FA 144 10.66 73.15 -25.07
CA MET FA 144 11.50 72.26 -24.29
C MET FA 144 10.86 71.87 -22.98
N ASP FA 145 10.06 72.76 -22.38
CA ASP FA 145 9.19 72.41 -21.27
C ASP FA 145 8.43 71.12 -21.52
N ALA FA 146 8.09 70.82 -22.77
CA ALA FA 146 7.52 69.53 -23.12
C ALA FA 146 8.56 68.52 -23.54
N ILE FA 147 9.46 68.87 -24.47
CA ILE FA 147 10.37 67.87 -25.00
C ILE FA 147 11.18 67.21 -23.89
N GLU FA 148 11.24 67.80 -22.71
CA GLU FA 148 11.89 67.10 -21.62
C GLU FA 148 11.01 66.00 -21.03
N GLN FA 149 9.77 65.85 -21.49
CA GLN FA 149 8.92 64.78 -20.98
C GLN FA 149 8.51 63.76 -22.03
N CYS FA 150 8.76 64.02 -23.29
CA CYS FA 150 8.40 63.10 -24.34
C CYS FA 150 9.58 62.19 -24.65
N THR FA 151 9.28 61.05 -25.27
CA THR FA 151 10.31 60.33 -25.97
C THR FA 151 10.95 61.17 -27.06
N LEU FA 152 10.41 62.34 -27.33
CA LEU FA 152 11.08 63.28 -28.21
C LEU FA 152 12.39 63.79 -27.64
N PHE FA 153 12.65 63.55 -26.36
CA PHE FA 153 13.92 64.00 -25.81
C PHE FA 153 15.08 63.28 -26.44
N SER FA 154 14.92 62.00 -26.75
CA SER FA 154 16.03 61.25 -27.33
C SER FA 154 16.48 61.84 -28.64
N GLU FA 155 15.67 62.69 -29.26
CA GLU FA 155 16.10 63.37 -30.47
C GLU FA 155 17.06 64.52 -30.17
N LEU FA 156 17.37 64.77 -28.90
CA LEU FA 156 18.20 65.90 -28.48
C LEU FA 156 19.65 65.53 -28.26
N ARG FA 157 19.93 64.37 -27.66
CA ARG FA 157 21.30 63.96 -27.52
C ARG FA 157 21.89 63.66 -28.89
N PRO FA 158 23.14 64.09 -29.14
CA PRO FA 158 23.67 64.16 -30.50
C PRO FA 158 23.48 62.88 -31.30
N GLY FA 159 22.79 63.02 -32.42
CA GLY FA 159 22.34 61.93 -33.25
C GLY FA 159 20.89 62.04 -33.64
N GLY FA 160 20.09 62.77 -32.86
CA GLY FA 160 18.66 62.88 -33.11
C GLY FA 160 18.36 63.90 -34.18
N LEU FA 161 17.07 64.21 -34.32
CA LEU FA 161 16.65 65.18 -35.32
C LEU FA 161 16.56 66.60 -34.79
N LEU FA 162 16.90 66.84 -33.52
CA LEU FA 162 16.84 68.19 -32.96
C LEU FA 162 18.21 68.71 -32.52
N TYR FA 163 19.25 67.91 -32.67
CA TYR FA 163 20.57 68.36 -32.26
C TYR FA 163 21.08 69.49 -33.13
N ASN FA 164 20.63 69.57 -34.37
CA ASN FA 164 20.87 70.79 -35.11
C ASN FA 164 20.25 71.98 -34.41
N LYS FA 165 18.93 71.98 -34.28
CA LYS FA 165 18.20 73.14 -33.82
C LYS FA 165 18.52 73.51 -32.39
N LEU FA 166 19.20 72.64 -31.66
CA LEU FA 166 19.64 72.96 -30.31
C LEU FA 166 20.38 74.30 -30.29
N PRO FA 167 20.14 75.12 -29.28
CA PRO FA 167 20.85 76.39 -29.18
C PRO FA 167 22.34 76.15 -28.98
N SER FA 168 23.11 77.22 -29.10
CA SER FA 168 24.56 77.10 -29.02
C SER FA 168 25.02 77.05 -27.58
N SER FA 169 25.97 76.18 -27.30
CA SER FA 169 26.67 76.14 -26.02
C SER FA 169 27.87 75.21 -26.16
N GLN FA 170 28.74 75.24 -25.14
CA GLN FA 170 30.03 74.56 -25.22
C GLN FA 170 29.90 73.05 -25.28
N ASN FA 171 28.82 72.48 -24.76
CA ASN FA 171 28.57 71.05 -24.86
C ASN FA 171 27.89 70.66 -26.15
N VAL FA 172 27.72 71.60 -27.06
CA VAL FA 172 27.17 71.35 -28.38
C VAL FA 172 28.16 71.88 -29.40
N THR FA 173 28.75 71.00 -30.19
CA THR FA 173 29.30 71.46 -31.45
C THR FA 173 28.23 71.31 -32.52
N ARG FA 174 27.89 72.43 -33.13
CA ARG FA 174 26.69 72.47 -33.97
C ARG FA 174 26.75 71.47 -35.11
N HIS FA 175 27.64 71.70 -36.08
CA HIS FA 175 27.73 70.85 -37.25
C HIS FA 175 28.71 69.71 -37.07
N GLU FA 176 28.86 69.24 -35.89
CA GLU FA 176 29.81 68.15 -35.73
C GLU FA 176 29.21 66.88 -36.32
N PRO FA 177 30.04 66.02 -36.88
CA PRO FA 177 29.60 64.65 -37.13
C PRO FA 177 29.14 63.99 -35.85
N VAL FA 178 27.96 63.37 -35.91
CA VAL FA 178 27.46 62.62 -34.77
C VAL FA 178 28.47 61.58 -34.33
N ARG FA 179 29.09 60.89 -35.29
CA ARG FA 179 30.13 59.94 -34.92
C ARG FA 179 31.34 60.63 -34.32
N ALA FA 180 31.66 61.85 -34.74
CA ALA FA 180 32.72 62.57 -34.06
C ALA FA 180 32.39 62.78 -32.59
N THR FA 181 31.15 63.13 -32.28
CA THR FA 181 30.77 63.28 -30.87
C THR FA 181 30.80 61.95 -30.13
N LEU FA 182 30.24 60.91 -30.73
CA LEU FA 182 30.25 59.62 -30.06
C LEU FA 182 31.67 59.12 -29.82
N GLN FA 183 32.60 59.39 -30.74
CA GLN FA 183 33.94 58.89 -30.58
C GLN FA 183 34.79 59.78 -29.70
N ARG FA 184 34.51 61.08 -29.67
CA ARG FA 184 35.12 61.94 -28.67
C ARG FA 184 34.61 61.59 -27.27
N TYR FA 185 33.42 61.03 -27.17
CA TYR FA 185 32.96 60.45 -25.92
C TYR FA 185 33.53 59.07 -25.68
N GLY FA 186 33.95 58.36 -26.71
CA GLY FA 186 34.39 57.00 -26.47
C GLY FA 186 33.69 55.94 -27.30
N MET FA 187 33.32 56.25 -28.53
CA MET FA 187 32.92 55.19 -29.45
C MET FA 187 34.13 54.61 -30.13
N LYS FA 188 34.22 53.28 -30.14
CA LYS FA 188 35.29 52.59 -30.83
C LYS FA 188 34.78 51.64 -31.91
N CYS FA 189 33.85 50.77 -31.55
CA CYS FA 189 33.44 49.67 -32.40
C CYS FA 189 31.93 49.67 -32.57
N GLY FA 190 31.37 48.57 -33.04
CA GLY FA 190 29.92 48.44 -33.08
C GLY FA 190 29.38 48.31 -31.68
N LEU FA 191 28.15 47.84 -31.60
CA LEU FA 191 27.63 47.37 -30.32
C LEU FA 191 28.09 45.94 -30.10
N ALA FA 192 28.82 45.71 -29.02
CA ALA FA 192 29.34 44.41 -28.67
C ALA FA 192 30.12 43.79 -29.83
N GLU FA 193 30.93 44.60 -30.49
CA GLU FA 193 31.79 44.09 -31.54
C GLU FA 193 32.95 43.26 -30.97
N SER FA 194 33.74 43.86 -30.09
CA SER FA 194 34.80 43.13 -29.41
C SER FA 194 34.20 42.05 -28.52
N PRO FA 195 34.78 40.85 -28.50
CA PRO FA 195 34.09 39.71 -27.87
C PRO FA 195 34.13 39.72 -26.36
N LEU FA 196 34.71 40.74 -25.73
CA LEU FA 196 34.63 40.77 -24.28
C LEU FA 196 33.25 41.18 -23.82
N VAL FA 197 32.69 42.22 -24.41
CA VAL FA 197 31.37 42.71 -24.05
C VAL FA 197 30.35 41.66 -24.48
N PRO FA 198 29.50 41.18 -23.59
CA PRO FA 198 28.60 40.07 -23.95
C PRO FA 198 27.70 40.44 -25.13
N ARG FA 199 26.97 39.47 -25.59
CA ARG FA 199 26.06 39.84 -26.67
C ARG FA 199 24.80 40.45 -26.08
N PRO FA 200 24.35 41.58 -26.61
CA PRO FA 200 23.16 42.24 -26.06
C PRO FA 200 21.88 41.52 -26.39
N TRP FA 201 21.96 40.32 -26.96
CA TRP FA 201 20.77 39.54 -27.22
C TRP FA 201 20.89 38.10 -26.74
N THR FA 202 21.90 37.77 -25.96
CA THR FA 202 21.80 36.73 -24.96
C THR FA 202 21.42 37.30 -23.62
N ARG FA 203 21.07 38.58 -23.58
CA ARG FA 203 20.73 39.24 -22.33
C ARG FA 203 19.49 38.62 -21.73
N MET FA 204 18.67 37.99 -22.55
CA MET FA 204 17.49 37.28 -22.07
C MET FA 204 17.39 35.99 -22.87
N ARG FA 205 18.07 34.95 -22.40
CA ARG FA 205 17.97 33.65 -23.02
C ARG FA 205 16.71 32.91 -22.62
N TYR FA 206 15.93 33.47 -21.71
CA TYR FA 206 14.75 32.79 -21.20
C TYR FA 206 13.84 33.80 -20.57
N MET FA 207 12.59 33.83 -21.01
CA MET FA 207 11.53 34.51 -20.28
C MET FA 207 10.74 33.48 -19.49
N PHE FA 208 10.55 33.73 -18.21
CA PHE FA 208 9.97 32.74 -17.33
C PHE FA 208 8.49 33.02 -17.17
N ILE FA 209 7.70 32.61 -18.15
CA ILE FA 209 6.26 32.79 -18.14
C ILE FA 209 5.64 31.49 -17.66
N ASP FA 210 5.11 31.50 -16.45
CA ASP FA 210 4.94 30.30 -15.64
C ASP FA 210 3.98 29.28 -16.24
N GLU FA 211 2.93 29.71 -16.93
CA GLU FA 211 1.96 28.76 -17.48
C GLU FA 211 2.39 28.23 -18.83
N LEU FA 212 3.38 28.84 -19.46
CA LEU FA 212 4.01 28.24 -20.61
C LEU FA 212 5.03 27.18 -20.23
N GLN FA 213 5.70 27.34 -19.10
CA GLN FA 213 6.76 26.44 -18.67
C GLN FA 213 6.46 25.92 -17.27
N ARG FA 214 5.86 24.73 -17.20
CA ARG FA 214 5.85 23.92 -16.00
C ARG FA 214 4.84 24.38 -14.96
N GLY FA 215 3.96 25.28 -15.32
CA GLY FA 215 2.80 25.50 -14.50
C GLY FA 215 2.99 26.58 -13.48
N PRO FA 216 2.02 26.74 -12.59
CA PRO FA 216 2.10 27.79 -11.59
C PRO FA 216 2.55 27.23 -10.25
N LYS FA 217 3.44 27.98 -9.61
CA LYS FA 217 4.07 27.52 -8.38
C LYS FA 217 3.03 27.12 -7.36
N LEU FA 218 3.38 26.16 -6.53
CA LEU FA 218 2.62 25.86 -5.32
C LEU FA 218 3.11 26.82 -4.26
N THR FA 219 2.20 27.59 -3.71
CA THR FA 219 2.55 28.72 -2.89
C THR FA 219 1.96 28.52 -1.52
N GLU FA 220 2.76 28.06 -0.59
CA GLU FA 220 2.34 27.99 0.80
C GLU FA 220 2.93 29.18 1.53
N PHE FA 221 2.45 29.39 2.75
CA PHE FA 221 3.01 30.45 3.56
C PHE FA 221 3.16 29.93 4.98
N VAL FA 222 4.09 30.51 5.72
CA VAL FA 222 4.18 30.30 7.16
C VAL FA 222 4.10 31.66 7.81
N GLY FA 223 2.93 32.00 8.33
CA GLY FA 223 2.78 33.29 8.97
C GLY FA 223 1.31 33.58 9.20
N HIS FA 224 0.95 34.84 8.93
CA HIS FA 224 -0.44 35.23 9.00
C HIS FA 224 -1.05 35.32 7.62
N ASN FA 225 -0.31 35.86 6.68
CA ASN FA 225 -0.86 36.17 5.38
C ASN FA 225 0.03 35.61 4.30
N PRO FA 226 -0.36 35.77 3.04
CA PRO FA 226 0.61 35.63 1.98
C PRO FA 226 1.65 36.71 1.98
N ARG FA 227 1.35 37.93 2.42
CA ARG FA 227 2.32 38.99 2.32
C ARG FA 227 3.17 39.14 3.57
N ASN FA 228 2.73 38.64 4.71
CA ASN FA 228 3.52 38.70 5.92
C ASN FA 228 4.45 37.52 6.10
N GLY FA 229 3.90 36.34 6.34
CA GLY FA 229 4.71 35.16 6.47
C GLY FA 229 5.59 34.94 5.26
N THR FA 230 6.41 33.91 5.36
CA THR FA 230 7.43 33.66 4.35
C THR FA 230 7.13 32.38 3.58
N GLN FA 231 7.84 32.25 2.46
CA GLN FA 231 7.68 31.09 1.60
C GLN FA 231 8.06 29.80 2.31
N TRP FA 232 8.89 29.88 3.33
CA TRP FA 232 9.70 28.75 3.76
C TRP FA 232 9.15 28.07 5.01
N ARG FA 233 8.87 26.77 4.88
CA ARG FA 233 8.61 25.99 6.07
C ARG FA 233 9.89 25.81 6.88
N PHE FA 234 9.76 25.37 8.11
CA PHE FA 234 10.93 25.21 8.96
C PHE FA 234 11.62 23.90 8.67
N SER FA 235 12.91 23.97 8.37
CA SER FA 235 13.65 22.82 7.88
C SER FA 235 13.58 21.69 8.89
N GLN FA 236 14.07 20.51 8.48
CA GLN FA 236 13.99 19.33 9.33
C GLN FA 236 14.67 19.51 10.67
N HIS FA 237 15.58 20.47 10.80
CA HIS FA 237 16.40 20.59 11.99
C HIS FA 237 15.65 21.12 13.20
N SER FA 238 14.37 21.44 13.08
CA SER FA 238 13.66 21.99 14.23
C SER FA 238 13.68 21.01 15.38
N LYS FA 239 13.46 21.53 16.58
CA LYS FA 239 13.42 20.64 17.74
C LYS FA 239 12.24 19.70 17.66
N TYR FA 240 11.13 20.16 17.08
CA TYR FA 240 9.92 19.37 17.05
C TYR FA 240 9.94 18.31 15.96
N PHE FA 241 10.76 18.47 14.94
CA PHE FA 241 10.70 17.61 13.78
C PHE FA 241 11.62 16.41 13.85
N ARG FA 242 12.56 16.35 14.80
CA ARG FA 242 13.57 15.33 14.69
C ARG FA 242 13.04 13.96 15.11
N ILE FA 243 12.17 13.90 16.10
CA ILE FA 243 11.53 12.62 16.33
C ILE FA 243 10.73 12.16 15.12
N GLY FA 244 9.98 13.05 14.49
CA GLY FA 244 9.20 12.67 13.35
C GLY FA 244 10.07 12.23 12.19
N VAL FA 245 11.22 12.87 12.02
CA VAL FA 245 12.09 12.48 10.91
C VAL FA 245 12.73 11.14 11.20
N TRP FA 246 13.09 10.90 12.46
CA TRP FA 246 13.62 9.61 12.85
C TRP FA 246 12.62 8.49 12.56
N ARG FA 247 11.37 8.70 12.96
CA ARG FA 247 10.37 7.70 12.64
C ARG FA 247 10.18 7.54 11.15
N GLU FA 248 9.86 8.62 10.43
CA GLU FA 248 9.69 8.53 8.98
C GLU FA 248 10.89 7.92 8.28
N THR FA 249 12.05 7.87 8.94
CA THR FA 249 13.19 7.10 8.46
C THR FA 249 13.07 5.61 8.74
N ILE FA 250 12.83 5.22 9.98
CA ILE FA 250 12.93 3.79 10.30
C ILE FA 250 11.66 3.04 9.93
N ARG FA 251 10.50 3.56 10.31
CA ARG FA 251 9.23 2.97 9.90
C ARG FA 251 8.67 3.77 8.71
N ARG FA 252 9.30 3.57 7.57
CA ARG FA 252 9.03 4.43 6.42
C ARG FA 252 7.74 4.07 5.70
N ASN FA 253 7.11 2.96 6.07
CA ASN FA 253 5.94 2.48 5.39
C ASN FA 253 4.66 2.57 6.21
N ASP FA 254 4.75 2.82 7.51
CA ASP FA 254 3.53 3.12 8.25
C ASP FA 254 3.33 4.62 8.28
N MET FA 255 2.16 5.07 8.70
CA MET FA 255 1.88 6.49 8.78
C MET FA 255 2.14 6.99 10.19
N ASN FA 256 2.96 8.03 10.31
CA ASN FA 256 3.46 8.50 11.58
C ASN FA 256 2.82 9.82 11.96
N GLU FA 257 2.27 9.90 13.17
CA GLU FA 257 1.83 11.18 13.68
C GLU FA 257 3.03 12.08 13.95
N GLY FA 258 2.81 13.37 13.90
CA GLY FA 258 3.81 14.32 14.31
C GLY FA 258 3.66 15.62 13.55
N LEU FA 259 4.58 16.53 13.84
CA LEU FA 259 4.75 17.74 13.04
C LEU FA 259 5.75 17.56 11.94
N HIS FA 260 6.27 16.35 11.76
CA HIS FA 260 7.29 16.12 10.76
C HIS FA 260 6.81 16.45 9.37
N GLY FA 261 5.50 16.62 9.19
CA GLY FA 261 4.97 16.96 7.90
C GLY FA 261 5.03 18.44 7.61
N HIS FA 262 4.65 19.27 8.57
CA HIS FA 262 4.71 20.71 8.39
C HIS FA 262 6.12 21.19 8.18
N SER FA 263 7.08 20.28 8.08
CA SER FA 263 8.46 20.63 7.83
C SER FA 263 8.68 20.76 6.35
N SER FA 264 9.91 21.10 5.99
CA SER FA 264 10.27 21.01 4.59
C SER FA 264 10.62 19.60 4.21
N TRP FA 265 11.41 18.92 5.01
CA TRP FA 265 11.77 17.54 4.73
C TRP FA 265 10.52 16.69 4.79
N GLN FA 266 10.21 15.99 3.70
CA GLN FA 266 9.03 15.13 3.62
C GLN FA 266 9.41 13.74 3.14
N LYS FA 267 8.58 12.77 3.55
CA LYS FA 267 8.81 11.36 3.23
C LYS FA 267 8.91 11.13 1.72
N SER FA 268 8.07 11.81 0.97
CA SER FA 268 8.02 11.66 -0.47
C SER FA 268 9.35 11.98 -1.09
N PRO FA 269 9.57 11.54 -2.33
CA PRO FA 269 10.69 12.08 -3.10
C PRO FA 269 10.57 13.56 -3.33
N GLN FA 270 9.40 14.14 -3.11
CA GLN FA 270 9.16 15.55 -3.41
C GLN FA 270 9.08 16.33 -2.11
N GLN FA 271 10.06 17.22 -1.90
CA GLN FA 271 10.17 17.99 -0.68
C GLN FA 271 9.47 19.32 -0.83
N ALA FA 272 8.84 19.78 0.26
CA ALA FA 272 8.00 20.96 0.20
C ALA FA 272 8.85 22.23 0.26
N VAL FA 273 9.84 22.27 -0.63
CA VAL FA 273 10.66 23.45 -0.81
C VAL FA 273 9.91 24.40 -1.75
N PRO FA 274 9.91 25.69 -1.48
CA PRO FA 274 9.07 26.62 -2.24
C PRO FA 274 9.29 26.61 -3.74
N GLU FA 275 8.39 27.34 -4.40
CA GLU FA 275 8.20 27.31 -5.84
C GLU FA 275 8.30 25.90 -6.40
N VAL FA 276 7.51 25.01 -5.81
CA VAL FA 276 7.15 23.74 -6.43
C VAL FA 276 6.05 24.00 -7.44
N ARG FA 277 6.19 23.46 -8.64
CA ARG FA 277 5.21 23.67 -9.69
C ARG FA 277 4.22 22.52 -9.66
N LEU FA 278 3.11 22.72 -8.95
CA LEU FA 278 2.24 21.62 -8.53
C LEU FA 278 1.49 20.98 -9.68
N MET FA 279 1.37 21.65 -10.83
CA MET FA 279 0.68 21.10 -11.97
C MET FA 279 1.63 20.68 -13.06
N ALA FA 280 2.88 20.40 -12.71
CA ALA FA 280 3.86 20.12 -13.73
C ALA FA 280 3.49 18.84 -14.45
N PRO FA 281 3.84 18.74 -15.74
CA PRO FA 281 3.62 17.48 -16.43
C PRO FA 281 4.54 16.41 -15.92
N TYR FA 282 5.80 16.73 -15.76
CA TYR FA 282 6.72 15.75 -15.27
C TYR FA 282 7.48 16.34 -14.11
N PRO FA 283 7.24 15.86 -12.90
CA PRO FA 283 7.81 16.42 -11.67
C PRO FA 283 9.11 15.74 -11.36
N HIS GA 21 -59.70 92.58 1.41
CA HIS GA 21 -59.41 91.36 2.14
C HIS GA 21 -60.72 90.91 2.73
N ALA GA 22 -60.83 89.64 3.00
CA ALA GA 22 -62.12 89.06 3.35
C ALA GA 22 -62.48 89.51 4.75
N THR GA 23 -62.81 90.78 4.89
CA THR GA 23 -63.25 91.39 6.13
C THR GA 23 -64.73 91.12 6.29
N TYR GA 24 -65.29 91.54 7.41
CA TYR GA 24 -66.71 91.32 7.65
C TYR GA 24 -67.52 92.03 6.57
N ASP GA 25 -68.81 91.71 6.53
CA ASP GA 25 -69.78 92.24 5.58
C ASP GA 25 -69.53 91.76 4.16
N VAL GA 26 -68.42 91.07 3.94
CA VAL GA 26 -68.00 90.63 2.62
C VAL GA 26 -68.25 89.14 2.51
N ALA GA 27 -69.02 88.74 1.51
CA ALA GA 27 -69.37 87.34 1.32
C ALA GA 27 -69.32 87.00 -0.16
N PRO GA 28 -69.17 85.71 -0.49
CA PRO GA 28 -69.13 85.32 -1.91
C PRO GA 28 -70.45 85.61 -2.60
N LEU GA 29 -70.40 86.47 -3.60
CA LEU GA 29 -71.57 86.88 -4.34
C LEU GA 29 -72.20 85.69 -5.06
N SER GA 30 -73.25 85.99 -5.81
CA SER GA 30 -73.77 85.09 -6.83
C SER GA 30 -73.61 85.76 -8.19
N HIS GA 31 -74.13 85.12 -9.24
CA HIS GA 31 -74.08 85.77 -10.53
C HIS GA 31 -75.06 86.93 -10.62
N LYS GA 32 -76.27 86.78 -10.10
CA LYS GA 32 -77.19 87.90 -10.08
C LYS GA 32 -76.62 89.04 -9.24
N GLU GA 33 -76.10 88.73 -8.06
CA GLU GA 33 -75.43 89.72 -7.25
C GLU GA 33 -74.30 90.38 -8.03
N LEU GA 34 -73.53 89.60 -8.77
CA LEU GA 34 -72.42 90.18 -9.51
C LEU GA 34 -72.90 91.09 -10.61
N PHE GA 35 -73.96 90.71 -11.33
CA PHE GA 35 -74.52 91.58 -12.35
C PHE GA 35 -74.99 92.88 -11.74
N SER GA 36 -75.70 92.82 -10.61
CA SER GA 36 -76.21 94.02 -9.98
C SER GA 36 -75.08 94.90 -9.45
N ILE GA 37 -74.00 94.29 -9.00
CA ILE GA 37 -72.91 95.06 -8.42
C ILE GA 37 -72.03 95.67 -9.51
N TYR GA 38 -71.35 94.83 -10.28
CA TYR GA 38 -70.37 95.31 -11.24
C TYR GA 38 -71.06 95.66 -12.55
N GLN GA 39 -71.92 96.67 -12.50
CA GLN GA 39 -72.58 97.14 -13.72
C GLN GA 39 -72.45 98.65 -13.81
N ASN GA 40 -71.42 99.08 -14.51
CA ASN GA 40 -71.24 100.47 -14.90
C ASN GA 40 -71.06 100.49 -16.41
N TRP GA 41 -71.63 101.51 -17.05
CA TRP GA 41 -71.81 101.50 -18.49
C TRP GA 41 -70.86 102.48 -19.19
N ASP GA 42 -69.76 101.94 -19.70
CA ASP GA 42 -68.76 102.60 -20.51
C ASP GA 42 -68.47 101.64 -21.66
N LYS GA 43 -67.96 102.18 -22.77
CA LYS GA 43 -67.79 101.36 -23.95
C LYS GA 43 -66.34 101.20 -24.39
N THR GA 44 -65.43 102.06 -23.93
CA THR GA 44 -64.02 101.92 -24.29
C THR GA 44 -63.38 100.86 -23.38
N ARG GA 45 -64.07 99.72 -23.32
CA ARG GA 45 -63.74 98.60 -22.45
C ARG GA 45 -63.16 97.51 -23.32
N ASP GA 46 -61.90 97.67 -23.69
CA ASP GA 46 -61.27 96.69 -24.57
C ASP GA 46 -61.05 95.40 -23.81
N GLU GA 47 -61.62 94.31 -24.34
CA GLU GA 47 -61.47 93.03 -23.66
C GLU GA 47 -60.01 92.69 -23.43
N LEU GA 48 -59.19 92.74 -24.49
CA LEU GA 48 -57.80 92.33 -24.43
C LEU GA 48 -56.90 93.37 -23.78
N ASP GA 49 -57.43 94.53 -23.41
CA ASP GA 49 -56.61 95.51 -22.72
C ASP GA 49 -56.92 95.53 -21.23
N LEU GA 50 -58.20 95.53 -20.87
CA LEU GA 50 -58.55 95.31 -19.48
C LEU GA 50 -58.04 93.97 -18.97
N LEU GA 51 -58.15 92.91 -19.78
CA LEU GA 51 -57.70 91.62 -19.33
C LEU GA 51 -56.20 91.60 -19.12
N GLU GA 52 -55.43 92.19 -20.04
CA GLU GA 52 -53.99 92.18 -19.83
C GLU GA 52 -53.57 93.06 -18.68
N GLU GA 53 -54.28 94.17 -18.43
CA GLU GA 53 -53.97 94.98 -17.26
C GLU GA 53 -54.40 94.32 -15.96
N VAL GA 54 -55.33 93.39 -16.00
CA VAL GA 54 -55.62 92.63 -14.79
C VAL GA 54 -54.61 91.51 -14.62
N GLU GA 55 -54.25 90.84 -15.70
CA GLU GA 55 -53.41 89.65 -15.59
C GLU GA 55 -51.98 90.02 -15.26
N GLU GA 56 -51.48 91.14 -15.78
CA GLU GA 56 -50.15 91.57 -15.35
C GLU GA 56 -50.15 91.94 -13.88
N ARG GA 57 -51.24 92.52 -13.38
CA ARG GA 57 -51.27 92.79 -11.96
C ARG GA 57 -51.24 91.49 -11.16
N ILE GA 58 -52.03 90.51 -11.57
CA ILE GA 58 -52.02 89.27 -10.81
C ILE GA 58 -50.72 88.52 -11.03
N SER GA 59 -49.93 88.94 -12.01
CA SER GA 59 -48.60 88.34 -12.11
C SER GA 59 -47.60 89.05 -11.23
N LYS GA 60 -47.77 90.35 -11.00
CA LYS GA 60 -46.89 91.02 -10.07
C LYS GA 60 -47.31 90.80 -8.62
N TRP GA 61 -48.49 90.27 -8.38
CA TRP GA 61 -48.88 89.87 -7.03
C TRP GA 61 -47.85 88.94 -6.44
N LYS GA 62 -47.86 88.85 -5.11
CA LYS GA 62 -47.03 87.91 -4.38
C LYS GA 62 -47.88 87.08 -3.45
N LEU GA 63 -47.40 85.88 -3.18
CA LEU GA 63 -48.25 84.81 -2.70
C LEU GA 63 -48.97 85.12 -1.40
N ASN GA 64 -48.66 86.22 -0.74
CA ASN GA 64 -49.48 86.61 0.39
C ASN GA 64 -50.76 87.31 -0.04
N LYS GA 65 -50.78 87.86 -1.25
CA LYS GA 65 -51.99 88.50 -1.72
C LYS GA 65 -53.13 87.52 -1.89
N TRP GA 66 -52.86 86.23 -1.84
CA TRP GA 66 -53.90 85.23 -1.86
C TRP GA 66 -54.26 84.75 -0.46
N GLU GA 67 -53.89 85.49 0.58
CA GLU GA 67 -53.93 84.97 1.95
C GLU GA 67 -55.29 85.15 2.60
N MET GA 68 -55.78 86.38 2.66
CA MET GA 68 -56.92 86.74 3.50
C MET GA 68 -58.23 86.71 2.75
N ARG GA 69 -58.41 85.84 1.77
CA ARG GA 69 -59.51 85.99 0.83
C ARG GA 69 -60.67 85.06 1.10
N ILE GA 70 -60.75 84.43 2.26
CA ILE GA 70 -61.89 83.62 2.63
C ILE GA 70 -62.70 84.41 3.66
N PRO GA 71 -63.87 84.91 3.31
CA PRO GA 71 -64.72 85.60 4.28
C PRO GA 71 -65.04 84.73 5.47
N PRO GA 72 -64.68 85.18 6.67
CA PRO GA 72 -64.77 84.31 7.84
C PRO GA 72 -66.17 84.00 8.28
N LEU GA 73 -67.17 84.53 7.59
CA LEU GA 73 -68.54 84.52 8.09
C LEU GA 73 -69.34 83.42 7.41
N LEU GA 74 -68.86 82.19 7.56
CA LEU GA 74 -69.46 81.09 6.83
C LEU GA 74 -69.38 79.84 7.70
N THR GA 75 -70.18 78.84 7.35
CA THR GA 75 -70.05 77.56 8.01
C THR GA 75 -68.74 76.89 7.60
N ALA GA 76 -68.44 75.77 8.25
CA ALA GA 76 -67.26 74.99 7.87
C ALA GA 76 -67.40 74.41 6.49
N ARG GA 77 -68.61 74.05 6.08
CA ARG GA 77 -68.83 73.55 4.74
C ARG GA 77 -68.33 74.55 3.71
N GLU GA 78 -68.99 75.69 3.63
CA GLU GA 78 -68.72 76.64 2.56
C GLU GA 78 -67.31 77.18 2.60
N LYS GA 79 -66.70 77.27 3.77
CA LYS GA 79 -65.37 77.86 3.86
C LYS GA 79 -64.34 77.00 3.14
N GLU GA 80 -64.44 75.68 3.30
CA GLU GA 80 -63.48 74.81 2.62
C GLU GA 80 -63.72 74.73 1.12
N LEU GA 81 -64.98 74.69 0.68
CA LEU GA 81 -65.22 74.80 -0.76
C LEU GA 81 -64.75 76.13 -1.28
N MET GA 82 -64.75 77.15 -0.44
CA MET GA 82 -64.18 78.42 -0.87
C MET GA 82 -62.68 78.32 -1.07
N ARG GA 83 -61.95 77.75 -0.10
CA ARG GA 83 -60.52 77.54 -0.31
C ARG GA 83 -60.28 76.67 -1.52
N GLN GA 84 -61.17 75.73 -1.75
CA GLN GA 84 -61.05 74.82 -2.88
C GLN GA 84 -61.11 75.57 -4.19
N GLN GA 85 -62.23 76.24 -4.45
CA GLN GA 85 -62.35 77.07 -5.63
C GLN GA 85 -61.23 78.08 -5.71
N GLN GA 86 -60.76 78.58 -4.59
CA GLN GA 86 -59.71 79.58 -4.63
C GLN GA 86 -58.39 79.02 -5.07
N GLU GA 87 -57.96 77.90 -4.53
CA GLU GA 87 -56.68 77.40 -5.00
C GLU GA 87 -56.81 76.88 -6.43
N LEU GA 88 -58.01 76.51 -6.84
CA LEU GA 88 -58.23 76.29 -8.26
C LEU GA 88 -57.86 77.52 -9.06
N LEU GA 89 -58.54 78.63 -8.81
CA LEU GA 89 -58.26 79.84 -9.57
C LEU GA 89 -56.81 80.23 -9.44
N LYS GA 90 -56.22 79.98 -8.28
CA LYS GA 90 -54.86 80.44 -8.05
C LYS GA 90 -53.86 79.66 -8.88
N SER GA 91 -54.02 78.34 -8.92
CA SER GA 91 -53.23 77.51 -9.82
C SER GA 91 -53.42 77.94 -11.26
N ILE GA 92 -54.65 78.23 -11.64
CA ILE GA 92 -54.94 78.58 -13.01
C ILE GA 92 -54.28 79.89 -13.37
N PHE GA 93 -54.30 80.86 -12.47
CA PHE GA 93 -53.68 82.14 -12.73
C PHE GA 93 -52.17 82.02 -12.76
N PHE GA 94 -51.60 81.12 -11.98
CA PHE GA 94 -50.16 80.93 -12.05
C PHE GA 94 -49.74 80.21 -13.31
N ASP GA 95 -50.54 79.25 -13.75
CA ASP GA 95 -50.32 78.66 -15.08
C ASP GA 95 -50.31 79.74 -16.13
N TRP GA 96 -51.37 80.52 -16.19
CA TRP GA 96 -51.38 81.60 -17.14
C TRP GA 96 -50.21 82.55 -16.91
N GLY GA 97 -49.76 82.71 -15.68
CA GLY GA 97 -48.69 83.65 -15.40
C GLY GA 97 -47.35 83.17 -15.92
N LYS GA 98 -47.05 81.89 -15.71
CA LYS GA 98 -45.84 81.32 -16.29
C LYS GA 98 -45.93 81.23 -17.80
N CYS GA 99 -47.12 80.93 -18.32
CA CYS GA 99 -47.29 80.94 -19.77
C CYS GA 99 -47.03 82.32 -20.31
N ARG GA 100 -47.57 83.35 -19.65
CA ARG GA 100 -47.41 84.70 -20.14
C ARG GA 100 -45.98 85.18 -19.97
N ASP GA 101 -45.28 84.68 -18.97
CA ASP GA 101 -43.88 85.09 -18.85
C ASP GA 101 -43.03 84.43 -19.91
N ALA GA 102 -43.24 83.14 -20.18
CA ALA GA 102 -42.58 82.51 -21.32
C ALA GA 102 -43.00 83.16 -22.62
N LEU GA 103 -44.21 83.73 -22.66
CA LEU GA 103 -44.67 84.41 -23.85
C LEU GA 103 -43.97 85.74 -24.04
N ASN GA 104 -43.82 86.49 -22.96
CA ASN GA 104 -43.14 87.77 -23.06
C ASN GA 104 -41.65 87.57 -23.31
N LYS GA 105 -41.10 86.44 -22.88
CA LYS GA 105 -39.77 86.06 -23.34
C LYS GA 105 -39.75 85.82 -24.83
N ASP GA 106 -40.78 85.18 -25.38
CA ASP GA 106 -40.85 84.96 -26.82
C ASP GA 106 -40.97 86.28 -27.57
N LEU GA 107 -41.87 87.15 -27.13
CA LEU GA 107 -42.02 88.45 -27.76
C LEU GA 107 -40.75 89.28 -27.63
N GLU GA 108 -40.07 89.19 -26.49
CA GLU GA 108 -38.82 89.89 -26.30
C GLU GA 108 -37.75 89.39 -27.23
N LEU GA 109 -37.63 88.07 -27.39
CA LEU GA 109 -36.64 87.57 -28.33
C LEU GA 109 -36.95 88.00 -29.74
N ILE GA 110 -38.20 87.85 -30.18
CA ILE GA 110 -38.52 88.29 -31.53
C ILE GA 110 -38.22 89.77 -31.70
N SER GA 111 -38.66 90.60 -30.75
CA SER GA 111 -38.41 92.03 -30.83
C SER GA 111 -36.93 92.37 -30.68
N SER GA 112 -36.22 91.72 -29.77
CA SER GA 112 -34.81 92.02 -29.59
C SER GA 112 -33.95 91.53 -30.75
N ILE GA 113 -34.45 90.57 -31.52
CA ILE GA 113 -33.66 90.00 -32.60
C ILE GA 113 -34.00 90.68 -33.92
N THR GA 114 -35.22 91.21 -34.03
CA THR GA 114 -35.67 91.81 -35.28
C THR GA 114 -35.66 93.32 -35.27
N GLY GA 115 -35.99 93.94 -34.13
CA GLY GA 115 -36.21 95.37 -34.04
C GLY GA 115 -37.68 95.74 -33.97
N LEU GA 116 -38.55 94.95 -34.58
CA LEU GA 116 -39.97 95.20 -34.56
C LEU GA 116 -40.48 95.20 -33.13
N PRO GA 117 -41.55 95.91 -32.82
CA PRO GA 117 -42.07 95.88 -31.45
C PRO GA 117 -42.90 94.63 -31.20
N LYS GA 118 -43.04 94.29 -29.92
CA LYS GA 118 -43.86 93.15 -29.54
C LYS GA 118 -45.29 93.30 -30.07
N GLY GA 119 -45.77 94.54 -30.14
CA GLY GA 119 -47.12 94.75 -30.64
C GLY GA 119 -47.32 94.17 -32.02
N THR GA 120 -46.46 94.55 -32.96
CA THR GA 120 -46.55 94.01 -34.31
C THR GA 120 -45.99 92.61 -34.43
N VAL GA 121 -45.38 92.10 -33.37
CA VAL GA 121 -44.86 90.73 -33.41
C VAL GA 121 -45.98 89.71 -33.50
N ARG GA 122 -47.08 89.96 -32.79
CA ARG GA 122 -48.07 88.90 -32.57
C ARG GA 122 -48.90 88.62 -33.82
N GLU GA 123 -48.59 89.29 -34.93
CA GLU GA 123 -49.40 89.06 -36.14
C GLU GA 123 -48.58 88.79 -37.39
N LYS GA 124 -47.26 88.62 -37.30
CA LYS GA 124 -46.48 88.40 -38.51
C LYS GA 124 -46.73 87.01 -39.07
N ASN GA 125 -46.71 86.91 -40.39
CA ASN GA 125 -47.03 85.68 -41.12
C ASN GA 125 -45.87 84.72 -41.05
N ARG GA 126 -46.15 83.46 -41.39
CA ARG GA 126 -45.07 82.54 -41.74
C ARG GA 126 -44.28 83.04 -42.94
N ALA GA 127 -44.92 83.83 -43.80
CA ALA GA 127 -44.21 84.45 -44.91
C ALA GA 127 -43.16 85.43 -44.41
N TRP GA 128 -43.56 86.35 -43.52
CA TRP GA 128 -42.59 87.23 -42.89
C TRP GA 128 -41.57 86.44 -42.10
N LEU GA 129 -42.00 85.33 -41.50
CA LEU GA 129 -41.08 84.45 -40.79
C LEU GA 129 -39.96 83.96 -41.69
N GLN GA 130 -40.29 83.33 -42.81
CA GLN GA 130 -39.26 82.87 -43.73
C GLN GA 130 -38.42 84.01 -44.27
N GLU GA 131 -39.05 85.14 -44.63
CA GLU GA 131 -38.28 86.27 -45.11
C GLU GA 131 -37.25 86.71 -44.09
N GLU GA 132 -37.69 86.99 -42.87
CA GLU GA 132 -36.77 87.46 -41.84
C GLU GA 132 -35.75 86.41 -41.47
N ALA GA 133 -36.13 85.14 -41.48
CA ALA GA 133 -35.17 84.09 -41.16
C ALA GA 133 -34.08 83.99 -42.21
N ALA GA 134 -34.44 84.08 -43.50
CA ALA GA 134 -33.40 84.14 -44.52
C ALA GA 134 -32.52 85.37 -44.34
N LYS GA 135 -33.11 86.52 -44.03
CA LYS GA 135 -32.33 87.68 -43.68
C LYS GA 135 -31.31 87.37 -42.59
N LEU GA 136 -31.75 86.68 -41.54
CA LEU GA 136 -30.88 86.38 -40.42
C LEU GA 136 -29.76 85.43 -40.84
N ARG GA 137 -30.06 84.49 -41.73
CA ARG GA 137 -29.04 83.57 -42.21
C ARG GA 137 -28.04 84.24 -43.13
N TRP GA 138 -28.46 85.29 -43.83
CA TRP GA 138 -27.58 85.99 -44.76
C TRP GA 138 -26.36 86.55 -44.05
N VAL GA 139 -26.55 87.17 -42.89
CA VAL GA 139 -25.44 87.80 -42.18
C VAL GA 139 -24.73 86.80 -41.28
N GLY GA 140 -25.39 85.70 -40.90
CA GLY GA 140 -24.68 84.59 -40.30
C GLY GA 140 -25.12 84.13 -38.92
N GLU GA 141 -26.23 84.57 -38.34
CA GLU GA 141 -26.66 84.04 -37.05
C GLU GA 141 -27.83 83.08 -37.28
N VAL GA 142 -27.51 81.89 -37.80
CA VAL GA 142 -28.52 80.88 -38.05
C VAL GA 142 -29.05 80.26 -36.77
N SER GA 143 -28.21 80.12 -35.76
CA SER GA 143 -28.70 79.71 -34.46
C SER GA 143 -29.78 80.66 -33.96
N LYS GA 144 -29.53 81.97 -34.04
CA LYS GA 144 -30.54 82.96 -33.71
C LYS GA 144 -31.74 82.87 -34.62
N ALA GA 145 -31.54 82.54 -35.88
CA ALA GA 145 -32.65 82.34 -36.80
C ALA GA 145 -33.60 81.25 -36.28
N THR GA 146 -33.05 80.12 -35.91
CA THR GA 146 -33.86 79.03 -35.36
C THR GA 146 -34.46 79.39 -34.01
N ARG GA 147 -33.74 80.15 -33.19
CA ARG GA 147 -34.35 80.63 -31.95
C ARG GA 147 -35.61 81.41 -32.24
N LEU GA 148 -35.51 82.37 -33.15
CA LEU GA 148 -36.70 83.09 -33.59
C LEU GA 148 -37.74 82.15 -34.16
N ARG GA 149 -37.31 81.12 -34.91
CA ARG GA 149 -38.26 80.23 -35.53
C ARG GA 149 -39.13 79.55 -34.49
N ASP GA 150 -38.52 78.94 -33.49
CA ASP GA 150 -39.31 78.25 -32.49
C ASP GA 150 -40.09 79.18 -31.59
N ALA GA 151 -39.48 80.31 -31.20
CA ALA GA 151 -40.23 81.33 -30.49
C ALA GA 151 -41.50 81.69 -31.24
N PHE GA 152 -41.37 82.18 -32.47
CA PHE GA 152 -42.53 82.50 -33.29
C PHE GA 152 -43.45 81.31 -33.46
N LEU GA 153 -42.89 80.10 -33.56
CA LEU GA 153 -43.68 78.94 -33.96
C LEU GA 153 -44.63 78.52 -32.87
N ARG GA 154 -44.21 78.63 -31.61
CA ARG GA 154 -45.17 78.35 -30.55
C ARG GA 154 -45.90 79.60 -30.10
N LEU GA 155 -45.36 80.78 -30.38
CA LEU GA 155 -46.11 81.99 -30.16
C LEU GA 155 -47.28 82.08 -31.13
N GLU GA 156 -47.17 81.44 -32.27
CA GLU GA 156 -48.31 81.33 -33.16
C GLU GA 156 -49.43 80.55 -32.51
N VAL GA 157 -49.09 79.63 -31.61
CA VAL GA 157 -50.10 78.87 -30.93
C VAL GA 157 -50.68 79.71 -29.79
N TYR GA 158 -49.81 80.20 -28.92
CA TYR GA 158 -50.26 80.83 -27.70
C TYR GA 158 -50.20 82.35 -27.74
N GLY GA 159 -49.69 82.95 -28.80
CA GLY GA 159 -49.52 84.38 -28.78
C GLY GA 159 -50.73 85.18 -29.19
N SER GA 160 -51.81 84.50 -29.55
CA SER GA 160 -53.04 85.23 -29.82
C SER GA 160 -53.54 85.89 -28.56
N ARG GA 161 -53.83 87.20 -28.67
CA ARG GA 161 -54.20 87.98 -27.49
C ARG GA 161 -55.44 87.44 -26.80
N ASP GA 162 -56.30 86.73 -27.51
CA ASP GA 162 -57.43 86.06 -26.88
C ASP GA 162 -57.22 84.55 -26.82
N HIS GA 163 -55.98 84.14 -26.53
CA HIS GA 163 -55.62 82.73 -26.62
C HIS GA 163 -56.62 81.85 -25.89
N ARG GA 164 -56.72 82.01 -24.59
CA ARG GA 164 -57.70 81.21 -23.88
C ARG GA 164 -58.75 82.15 -23.34
N LEU GA 165 -59.09 83.15 -24.14
CA LEU GA 165 -59.88 84.27 -23.67
C LEU GA 165 -61.08 83.82 -22.87
N LEU GA 166 -61.79 82.81 -23.34
CA LEU GA 166 -63.01 82.47 -22.62
C LEU GA 166 -62.73 81.87 -21.25
N GLU GA 167 -61.68 81.07 -21.11
CA GLU GA 167 -61.37 80.56 -19.79
C GLU GA 167 -60.55 81.52 -18.95
N ARG GA 168 -60.05 82.61 -19.53
CA ARG GA 168 -59.54 83.67 -18.69
C ARG GA 168 -60.67 84.51 -18.15
N LEU GA 169 -61.61 84.86 -19.01
CA LEU GA 169 -62.80 85.57 -18.56
C LEU GA 169 -63.56 84.76 -17.53
N CYS GA 170 -63.58 83.43 -17.70
CA CYS GA 170 -64.30 82.64 -16.72
C CYS GA 170 -63.59 82.55 -15.39
N CYS GA 171 -62.26 82.42 -15.36
CA CYS GA 171 -61.61 82.39 -14.06
C CYS GA 171 -61.71 83.75 -13.39
N ILE GA 172 -61.62 84.83 -14.17
CA ILE GA 172 -61.85 86.16 -13.61
C ILE GA 172 -63.26 86.28 -13.08
N TYR GA 173 -64.22 85.67 -13.75
CA TYR GA 173 -65.58 85.69 -13.26
C TYR GA 173 -65.71 84.93 -11.96
N GLY GA 174 -64.95 83.85 -11.81
CA GLY GA 174 -64.92 83.17 -10.53
C GLY GA 174 -64.28 84.01 -9.45
N LEU GA 175 -63.17 84.66 -9.77
CA LEU GA 175 -62.52 85.62 -8.88
C LEU GA 175 -63.51 86.64 -8.37
N GLY GA 176 -64.14 87.37 -9.28
CA GLY GA 176 -65.19 88.30 -8.95
C GLY GA 176 -66.39 87.69 -8.31
N LEU GA 177 -66.56 86.38 -8.40
CA LEU GA 177 -67.61 85.74 -7.62
C LEU GA 177 -67.21 85.52 -6.17
N GLN GA 178 -65.95 85.78 -5.81
CA GLN GA 178 -65.53 85.53 -4.44
C GLN GA 178 -65.91 86.68 -3.52
N GLY GA 179 -65.84 87.92 -3.99
CA GLY GA 179 -66.09 89.04 -3.13
C GLY GA 179 -64.88 89.48 -2.34
N SER GA 180 -63.77 88.77 -2.50
CA SER GA 180 -62.56 89.02 -1.74
C SER GA 180 -61.50 89.75 -2.53
N PHE GA 181 -61.33 89.44 -3.81
CA PHE GA 181 -60.31 90.11 -4.61
C PHE GA 181 -60.90 91.29 -5.30
N GLU GA 182 -61.65 92.12 -4.60
CA GLU GA 182 -62.36 93.19 -5.27
C GLU GA 182 -61.61 94.50 -5.22
N SER GA 183 -60.83 94.69 -4.17
CA SER GA 183 -60.09 95.92 -3.93
C SER GA 183 -58.61 95.77 -4.20
N ALA GA 184 -58.15 94.56 -4.47
CA ALA GA 184 -56.73 94.25 -4.45
C ALA GA 184 -56.02 94.65 -5.72
N PHE GA 185 -56.69 95.32 -6.64
CA PHE GA 185 -56.03 95.77 -7.85
C PHE GA 185 -55.79 97.26 -7.86
N SER GA 186 -56.15 97.96 -6.79
CA SER GA 186 -56.33 99.39 -6.80
C SER GA 186 -55.44 100.06 -5.76
N ASN GA 187 -55.26 101.38 -5.94
CA ASN GA 187 -54.63 102.25 -4.96
C ASN GA 187 -53.13 102.06 -4.87
N TYR GA 188 -52.54 101.24 -5.72
CA TYR GA 188 -51.13 100.88 -5.58
C TYR GA 188 -50.28 102.08 -5.94
N ILE GA 189 -49.38 102.49 -5.06
CA ILE GA 189 -48.36 103.41 -5.51
C ILE GA 189 -47.69 102.77 -6.72
N VAL GA 190 -47.51 103.55 -7.78
CA VAL GA 190 -46.86 103.07 -8.98
C VAL GA 190 -45.84 104.10 -9.41
N GLU GA 191 -44.77 103.62 -10.03
CA GLU GA 191 -43.81 104.50 -10.64
C GLU GA 191 -44.15 104.68 -12.11
N ASP GA 192 -43.71 105.80 -12.68
CA ASP GA 192 -43.99 106.08 -14.08
C ASP GA 192 -42.89 105.58 -15.01
N PRO GA 193 -43.09 105.67 -16.34
CA PRO GA 193 -41.97 105.52 -17.26
C PRO GA 193 -41.06 106.75 -17.16
N ILE GA 194 -40.13 106.91 -18.11
CA ILE GA 194 -38.94 107.76 -17.93
C ILE GA 194 -39.26 109.05 -17.19
N THR GA 195 -40.47 109.59 -17.33
CA THR GA 195 -40.87 110.70 -16.49
C THR GA 195 -41.01 110.19 -15.06
N LYS GA 196 -39.85 109.92 -14.47
CA LYS GA 196 -39.79 109.21 -13.20
C LYS GA 196 -40.55 109.95 -12.12
N LYS GA 197 -41.70 109.40 -11.75
CA LYS GA 197 -42.58 110.05 -10.79
C LYS GA 197 -43.36 108.98 -10.06
N ILE GA 198 -43.68 109.26 -8.79
CA ILE GA 198 -44.48 108.35 -8.01
C ILE GA 198 -45.92 108.85 -7.99
N TYR GA 199 -46.88 107.93 -8.00
CA TYR GA 199 -48.26 108.34 -7.87
C TYR GA 199 -49.14 107.15 -7.53
N VAL GA 200 -50.11 107.35 -6.65
CA VAL GA 200 -51.11 106.34 -6.41
C VAL GA 200 -51.95 106.17 -7.67
N ASP GA 201 -52.47 104.96 -7.87
CA ASP GA 201 -53.49 104.74 -8.88
C ASP GA 201 -54.84 104.67 -8.23
N GLU GA 202 -55.89 104.59 -9.05
CA GLU GA 202 -57.23 104.29 -8.57
C GLU GA 202 -57.96 103.32 -9.46
N LYS GA 203 -57.45 103.06 -10.66
CA LYS GA 203 -58.20 102.37 -11.71
C LYS GA 203 -58.37 100.90 -11.33
N ASN GA 204 -59.49 100.59 -10.70
CA ASN GA 204 -59.81 99.21 -10.40
C ASN GA 204 -60.08 98.48 -11.70
N SER GA 205 -59.01 98.06 -12.37
CA SER GA 205 -59.17 97.35 -13.62
C SER GA 205 -60.01 96.09 -13.47
N PHE GA 206 -60.05 95.52 -12.28
CA PHE GA 206 -60.99 94.45 -12.01
C PHE GA 206 -62.43 94.94 -12.07
N ARG GA 207 -62.73 96.10 -11.51
CA ARG GA 207 -64.08 96.63 -11.63
C ARG GA 207 -64.46 96.84 -13.07
N ASP GA 208 -63.60 97.50 -13.84
CA ASP GA 208 -63.90 97.72 -15.25
C ASP GA 208 -64.08 96.42 -16.00
N LEU GA 209 -63.12 95.50 -15.90
CA LEU GA 209 -63.14 94.28 -16.68
C LEU GA 209 -64.29 93.36 -16.30
N LEU GA 210 -64.58 93.22 -15.02
CA LEU GA 210 -65.73 92.42 -14.65
C LEU GA 210 -67.03 93.06 -15.08
N ALA GA 211 -67.15 94.38 -15.03
CA ALA GA 211 -68.36 94.96 -15.56
C ALA GA 211 -68.50 94.64 -17.03
N TYR GA 212 -67.40 94.72 -17.78
CA TYR GA 212 -67.44 94.42 -19.21
C TYR GA 212 -67.85 92.97 -19.46
N ILE GA 213 -67.35 92.04 -18.65
CA ILE GA 213 -67.67 90.63 -18.85
C ILE GA 213 -69.11 90.34 -18.50
N ILE GA 214 -69.58 90.86 -17.37
CA ILE GA 214 -70.97 90.65 -17.00
C ILE GA 214 -71.89 91.24 -18.06
N HIS GA 215 -71.51 92.38 -18.63
CA HIS GA 215 -72.36 93.05 -19.59
C HIS GA 215 -72.28 92.44 -20.97
N THR GA 216 -71.19 91.76 -21.30
CA THR GA 216 -71.08 91.21 -22.63
C THR GA 216 -71.57 89.76 -22.72
N TYR GA 217 -71.27 88.91 -21.74
CA TYR GA 217 -71.59 87.49 -21.83
C TYR GA 217 -72.64 87.12 -20.80
N PRO GA 218 -73.88 87.54 -20.98
CA PRO GA 218 -74.88 87.29 -19.93
C PRO GA 218 -75.08 85.82 -19.62
N GLN GA 219 -74.57 84.92 -20.45
CA GLN GA 219 -74.55 83.49 -20.16
C GLN GA 219 -73.19 83.03 -19.66
N ILE GA 220 -72.41 83.95 -19.10
CA ILE GA 220 -71.09 83.60 -18.60
C ILE GA 220 -71.18 82.61 -17.47
N ASP GA 221 -72.24 82.63 -16.68
CA ASP GA 221 -72.32 81.68 -15.59
C ASP GA 221 -72.54 80.27 -16.09
N ILE GA 222 -73.06 80.12 -17.29
CA ILE GA 222 -73.18 78.81 -17.90
C ILE GA 222 -71.86 78.42 -18.58
N ILE GA 223 -71.21 79.37 -19.22
CA ILE GA 223 -69.90 79.05 -19.76
C ILE GA 223 -68.94 78.67 -18.65
N TYR GA 224 -69.15 79.19 -17.45
CA TYR GA 224 -68.30 78.84 -16.33
C TYR GA 224 -68.35 77.35 -16.06
N ASP GA 225 -69.53 76.80 -15.80
CA ASP GA 225 -69.63 75.38 -15.62
C ASP GA 225 -69.13 74.62 -16.83
N PHE GA 226 -69.57 75.02 -18.02
CA PHE GA 226 -69.19 74.27 -19.21
C PHE GA 226 -67.69 74.13 -19.33
N LEU GA 227 -66.95 75.18 -19.01
CA LEU GA 227 -65.50 75.09 -19.01
C LEU GA 227 -64.99 74.28 -17.83
N GLY GA 228 -65.88 73.71 -17.03
CA GLY GA 228 -65.46 72.83 -15.98
C GLY GA 228 -65.04 73.51 -14.70
N PHE GA 229 -64.84 74.82 -14.72
CA PHE GA 229 -64.45 75.54 -13.52
C PHE GA 229 -65.35 75.27 -12.33
N ASN GA 230 -66.52 74.72 -12.55
CA ASN GA 230 -67.45 74.44 -11.47
C ASN GA 230 -67.25 72.99 -11.07
N PHE GA 231 -66.08 72.70 -10.50
CA PHE GA 231 -65.75 71.31 -10.20
C PHE GA 231 -66.78 70.65 -9.30
N ILE GA 232 -67.34 71.38 -8.36
CA ILE GA 232 -68.39 70.83 -7.52
C ILE GA 232 -69.69 70.90 -8.30
N GLY GA 233 -70.30 69.74 -8.55
CA GLY GA 233 -71.47 69.69 -9.39
C GLY GA 233 -71.16 70.20 -10.78
N GLY GA 234 -70.33 69.47 -11.52
CA GLY GA 234 -69.83 69.95 -12.79
C GLY GA 234 -70.83 70.05 -13.92
N TYR GA 235 -71.18 71.27 -14.27
CA TYR GA 235 -71.85 71.64 -15.52
C TYR GA 235 -73.13 70.88 -15.79
N ARG GA 236 -73.63 70.07 -14.86
CA ARG GA 236 -74.91 69.44 -15.15
C ARG GA 236 -76.04 70.45 -15.14
N SER GA 237 -76.20 71.20 -14.05
CA SER GA 237 -77.26 72.19 -14.00
C SER GA 237 -77.09 73.25 -15.06
N SER GA 238 -75.87 73.62 -15.37
CA SER GA 238 -75.65 74.49 -16.51
C SER GA 238 -76.14 73.87 -17.79
N LEU GA 239 -75.92 72.58 -17.99
CA LEU GA 239 -76.41 71.96 -19.21
C LEU GA 239 -77.93 71.99 -19.26
N ARG GA 240 -78.58 71.79 -18.13
CA ARG GA 240 -80.04 71.83 -18.16
C ARG GA 240 -80.55 73.22 -18.45
N ARG GA 241 -79.99 74.24 -17.80
CA ARG GA 241 -80.40 75.61 -18.07
C ARG GA 241 -79.93 76.10 -19.42
N TYR GA 242 -79.12 75.33 -20.12
CA TYR GA 242 -78.79 75.66 -21.48
C TYR GA 242 -79.67 74.92 -22.45
N LEU GA 243 -80.04 73.69 -22.13
CA LEU GA 243 -80.96 72.96 -22.98
C LEU GA 243 -82.32 73.60 -22.96
N GLU GA 244 -82.83 73.93 -21.77
CA GLU GA 244 -84.10 74.61 -21.68
C GLU GA 244 -84.09 75.89 -22.50
N CYS GA 245 -82.96 76.59 -22.51
CA CYS GA 245 -82.87 77.78 -23.35
C CYS GA 245 -82.85 77.42 -24.83
N MET GA 246 -81.96 76.55 -25.26
CA MET GA 246 -81.86 76.23 -26.67
C MET GA 246 -83.07 75.52 -27.22
N VAL GA 247 -84.00 75.12 -26.35
CA VAL GA 247 -85.26 74.55 -26.81
C VAL GA 247 -86.39 75.57 -26.74
N SER GA 248 -86.45 76.38 -25.69
CA SER GA 248 -87.49 77.37 -25.60
C SER GA 248 -87.30 78.52 -26.58
N ARG GA 249 -86.07 78.89 -26.89
CA ARG GA 249 -85.83 79.93 -27.88
C ARG GA 249 -85.64 79.37 -29.27
N SER GA 250 -85.82 78.07 -29.46
CA SER GA 250 -85.83 77.48 -30.79
C SER GA 250 -87.21 77.04 -31.22
N THR GA 251 -87.85 76.13 -30.48
CA THR GA 251 -89.26 75.89 -30.67
C THR GA 251 -90.01 77.07 -30.09
N GLU GA 252 -91.19 77.35 -30.63
CA GLU GA 252 -91.95 78.53 -30.25
C GLU GA 252 -91.93 78.77 -28.76
N GLY GA 253 -91.92 77.72 -27.95
CA GLY GA 253 -91.89 77.85 -26.52
C GLY GA 253 -92.11 76.52 -25.85
N GLU GA 254 -91.53 76.32 -24.66
CA GLU GA 254 -91.54 75.03 -23.99
C GLU GA 254 -91.64 75.28 -22.49
N LYS GA 255 -92.76 74.88 -21.89
CA LYS GA 255 -93.10 75.27 -20.53
C LYS GA 255 -92.21 74.58 -19.49
N ILE GA 256 -92.41 74.96 -18.24
CA ILE GA 256 -91.81 74.28 -17.10
C ILE GA 256 -92.89 73.63 -16.23
N PRO GA 257 -93.51 72.51 -16.65
CA PRO GA 257 -94.11 71.62 -15.66
C PRO GA 257 -93.01 70.79 -15.01
N GLY GA 258 -92.61 71.19 -13.81
CA GLY GA 258 -91.51 70.56 -13.12
C GLY GA 258 -90.24 70.54 -13.93
N ARG GA 259 -89.88 69.35 -14.38
CA ARG GA 259 -88.66 69.09 -15.13
C ARG GA 259 -88.93 68.84 -16.60
N LEU GA 260 -90.16 68.48 -16.96
CA LEU GA 260 -90.54 68.29 -18.34
C LEU GA 260 -90.59 69.65 -19.02
N VAL GA 261 -89.94 69.77 -20.17
CA VAL GA 261 -89.91 71.01 -20.91
C VAL GA 261 -90.41 70.65 -22.30
N PHE GA 262 -91.72 70.69 -22.49
CA PHE GA 262 -92.27 70.29 -23.78
C PHE GA 262 -93.15 71.41 -24.29
N GLY GA 263 -93.34 71.41 -25.59
CA GLY GA 263 -93.97 72.50 -26.28
C GLY GA 263 -95.48 72.50 -26.20
N ARG GA 264 -96.06 73.49 -26.87
CA ARG GA 264 -97.48 73.57 -27.09
C ARG GA 264 -97.84 73.62 -28.56
N GLY GA 265 -96.91 73.99 -29.44
CA GLY GA 265 -97.10 74.04 -30.88
C GLY GA 265 -97.27 72.69 -31.55
N LYS GA 266 -97.39 71.64 -30.76
CA LYS GA 266 -97.74 70.27 -31.12
C LYS GA 266 -96.84 69.57 -32.13
N PRO GA 267 -95.50 69.63 -31.97
CA PRO GA 267 -94.71 68.44 -32.25
C PRO GA 267 -94.64 67.62 -30.97
N ALA GA 268 -93.89 66.53 -30.95
CA ALA GA 268 -93.60 65.82 -29.71
C ALA GA 268 -92.27 66.33 -29.17
N GLU GA 269 -92.14 67.65 -29.15
CA GLU GA 269 -90.86 68.32 -28.94
C GLU GA 269 -90.62 68.46 -27.45
N ILE GA 270 -89.96 67.47 -26.85
CA ILE GA 270 -89.79 67.41 -25.41
C ILE GA 270 -88.31 67.48 -25.12
N LEU GA 271 -87.97 68.08 -24.00
CA LEU GA 271 -86.70 67.88 -23.34
C LEU GA 271 -87.02 67.51 -21.90
N PHE GA 272 -86.64 66.31 -21.51
CA PHE GA 272 -87.07 65.75 -20.24
C PHE GA 272 -85.87 65.69 -19.32
N ASP GA 273 -85.98 66.40 -18.19
CA ASP GA 273 -84.95 66.37 -17.16
C ASP GA 273 -85.18 65.09 -16.36
N PHE GA 274 -84.68 63.97 -16.89
CA PHE GA 274 -85.03 62.69 -16.31
C PHE GA 274 -84.46 62.54 -14.92
N GLY GA 275 -83.18 62.86 -14.74
CA GLY GA 275 -82.56 62.68 -13.45
C GLY GA 275 -81.06 62.87 -13.54
N ASN GA 276 -80.37 62.29 -12.56
CA ASN GA 276 -78.93 62.43 -12.40
C ASN GA 276 -78.28 61.08 -12.62
N SER GA 277 -77.55 60.94 -13.72
CA SER GA 277 -76.88 59.68 -14.01
C SER GA 277 -76.01 59.21 -12.84
N ASN GA 278 -75.20 60.10 -12.28
CA ASN GA 278 -74.20 59.73 -11.30
C ASN GA 278 -74.75 59.50 -9.90
N GLU GA 279 -75.64 60.36 -9.43
CA GLU GA 279 -76.30 60.04 -8.18
C GLU GA 279 -77.06 58.74 -8.25
N SER GA 280 -77.77 58.52 -9.36
CA SER GA 280 -78.37 57.21 -9.58
C SER GA 280 -77.31 56.14 -9.71
N LEU GA 281 -76.17 56.45 -10.32
CA LEU GA 281 -75.14 55.45 -10.56
C LEU GA 281 -74.60 54.88 -9.25
N VAL GA 282 -74.27 55.75 -8.32
CA VAL GA 282 -73.60 55.35 -7.10
C VAL GA 282 -74.59 55.19 -5.94
N SER GA 283 -75.88 55.42 -6.19
CA SER GA 283 -76.87 55.22 -5.14
C SER GA 283 -77.26 53.76 -5.04
N GLY GA 284 -78.12 53.47 -4.07
CA GLY GA 284 -78.42 52.13 -3.60
C GLY GA 284 -78.65 51.04 -4.63
N GLU GA 285 -79.51 51.30 -5.61
CA GLU GA 285 -79.82 50.27 -6.60
C GLU GA 285 -78.92 50.41 -7.83
N CYS GA 286 -78.40 49.29 -8.33
CA CYS GA 286 -77.62 49.30 -9.55
C CYS GA 286 -78.52 48.95 -10.73
N THR GA 287 -78.52 49.82 -11.73
CA THR GA 287 -79.16 49.59 -13.02
C THR GA 287 -78.12 49.81 -14.10
N GLN GA 288 -78.56 49.86 -15.34
CA GLN GA 288 -77.65 50.26 -16.39
C GLN GA 288 -78.19 51.50 -17.08
N GLY GA 289 -79.49 51.58 -17.21
CA GLY GA 289 -80.03 52.71 -17.91
C GLY GA 289 -80.34 53.84 -16.97
N PHE GA 290 -79.74 54.99 -17.20
CA PHE GA 290 -80.18 56.22 -16.55
C PHE GA 290 -79.81 57.40 -17.41
N PRO GA 291 -80.68 57.86 -18.31
CA PRO GA 291 -80.39 59.07 -19.07
C PRO GA 291 -80.46 60.31 -18.19
N ASP GA 292 -79.62 61.28 -18.53
CA ASP GA 292 -79.82 62.59 -17.95
C ASP GA 292 -81.00 63.28 -18.62
N PHE GA 293 -80.86 63.60 -19.90
CA PHE GA 293 -81.88 64.37 -20.58
C PHE GA 293 -82.42 63.57 -21.73
N VAL GA 294 -83.72 63.35 -21.74
CA VAL GA 294 -84.39 62.68 -22.84
C VAL GA 294 -84.92 63.75 -23.78
N PHE GA 295 -84.30 63.88 -24.94
CA PHE GA 295 -84.75 64.87 -25.90
C PHE GA 295 -85.47 64.15 -27.02
N VAL GA 296 -86.77 64.41 -27.15
CA VAL GA 296 -87.59 63.78 -28.19
C VAL GA 296 -87.98 64.86 -29.19
N LYS GA 297 -87.64 64.65 -30.46
CA LYS GA 297 -87.97 65.65 -31.47
C LYS GA 297 -88.73 65.05 -32.64
N GLY GA 298 -89.81 64.35 -32.37
CA GLY GA 298 -90.61 63.79 -33.43
C GLY GA 298 -90.45 62.29 -33.49
N SER GA 299 -89.71 61.82 -34.48
CA SER GA 299 -89.49 60.38 -34.59
C SER GA 299 -88.22 59.96 -33.88
N ASP GA 300 -87.41 60.90 -33.43
CA ASP GA 300 -86.07 60.62 -32.91
C ASP GA 300 -86.01 60.94 -31.43
N MET GA 301 -85.64 59.94 -30.64
CA MET GA 301 -85.35 60.10 -29.22
C MET GA 301 -83.85 60.06 -28.98
N THR GA 302 -83.40 60.85 -28.02
CA THR GA 302 -81.98 60.92 -27.74
C THR GA 302 -81.79 60.98 -26.25
N LEU GA 303 -81.04 60.04 -25.70
CA LEU GA 303 -80.80 59.97 -24.27
C LEU GA 303 -79.41 60.54 -24.03
N ILE GA 304 -79.33 61.74 -23.48
CA ILE GA 304 -78.07 62.37 -23.15
C ILE GA 304 -77.68 61.90 -21.76
N ILE GA 305 -76.49 61.33 -21.64
CA ILE GA 305 -75.98 60.82 -20.38
C ILE GA 305 -74.62 61.42 -20.13
N ILE GA 306 -74.47 62.15 -19.03
CA ILE GA 306 -73.16 62.70 -18.68
C ILE GA 306 -72.31 61.57 -18.13
N ALA GA 307 -71.24 61.24 -18.82
CA ALA GA 307 -70.38 60.16 -18.39
C ALA GA 307 -69.92 60.39 -16.96
N SER GA 308 -69.60 59.30 -16.30
CA SER GA 308 -69.16 59.31 -14.92
C SER GA 308 -67.65 59.32 -14.87
N GLU GA 309 -67.13 59.37 -13.65
CA GLU GA 309 -65.69 59.39 -13.48
C GLU GA 309 -65.12 58.01 -13.20
N ASN GA 310 -65.84 57.16 -12.48
CA ASN GA 310 -65.37 55.81 -12.31
C ASN GA 310 -65.35 55.13 -13.65
N SER GA 311 -64.17 55.01 -14.26
CA SER GA 311 -64.08 54.21 -15.46
C SER GA 311 -64.67 52.82 -15.25
N TRP GA 312 -64.87 52.41 -13.99
CA TRP GA 312 -65.57 51.17 -13.72
C TRP GA 312 -67.06 51.35 -13.78
N LEU GA 313 -67.52 52.58 -13.91
CA LEU GA 313 -68.95 52.87 -14.01
C LEU GA 313 -69.35 53.37 -15.38
N ARG GA 314 -68.47 54.07 -16.10
CA ARG GA 314 -68.78 54.44 -17.46
C ARG GA 314 -69.10 53.24 -18.33
N ASN GA 315 -68.88 52.02 -17.83
CA ASN GA 315 -69.23 50.82 -18.57
C ASN GA 315 -70.68 50.44 -18.38
N ARG GA 316 -71.40 51.11 -17.50
CA ARG GA 316 -72.79 50.78 -17.27
C ARG GA 316 -73.68 52.00 -17.34
N GLN GA 317 -73.35 52.91 -18.25
CA GLN GA 317 -74.20 54.06 -18.47
C GLN GA 317 -74.98 53.97 -19.76
N LEU GA 318 -74.33 53.60 -20.86
CA LEU GA 318 -75.01 53.43 -22.12
C LEU GA 318 -76.07 52.34 -21.98
N PRO GA 319 -77.34 52.66 -22.23
CA PRO GA 319 -78.39 51.66 -22.04
C PRO GA 319 -78.29 50.50 -23.03
N HIS GA 320 -78.79 49.34 -22.59
CA HIS GA 320 -78.65 48.14 -23.38
C HIS GA 320 -79.72 48.09 -24.47
N ARG GA 321 -79.45 47.29 -25.51
CA ARG GA 321 -80.40 47.20 -26.61
C ARG GA 321 -81.78 46.78 -26.13
N LYS GA 322 -81.87 45.98 -25.08
CA LYS GA 322 -83.18 45.77 -24.47
C LYS GA 322 -83.83 47.09 -24.09
N GLN GA 323 -83.07 48.01 -23.50
CA GLN GA 323 -83.59 49.33 -23.17
C GLN GA 323 -83.87 50.19 -24.38
N MET GA 324 -83.00 50.16 -25.37
CA MET GA 324 -83.18 51.03 -26.53
C MET GA 324 -84.31 50.56 -27.41
N GLU GA 325 -84.72 49.30 -27.29
CA GLU GA 325 -85.93 48.88 -27.97
C GLU GA 325 -87.15 49.08 -27.08
N GLY GA 326 -86.99 48.92 -25.77
CA GLY GA 326 -88.11 49.13 -24.88
C GLY GA 326 -88.51 50.58 -24.73
N ILE GA 327 -87.61 51.49 -25.01
CA ILE GA 327 -88.01 52.88 -25.09
C ILE GA 327 -88.62 53.18 -26.45
N ALA GA 328 -88.05 52.62 -27.50
CA ALA GA 328 -88.63 52.78 -28.82
C ALA GA 328 -90.09 52.38 -28.82
N ARG GA 329 -90.40 51.17 -28.38
CA ARG GA 329 -91.78 50.73 -28.55
C ARG GA 329 -92.70 51.30 -27.51
N ARG GA 330 -92.20 51.72 -26.35
CA ARG GA 330 -93.09 52.41 -25.45
C ARG GA 330 -93.45 53.79 -25.97
N ALA GA 331 -92.47 54.48 -26.57
CA ALA GA 331 -92.72 55.78 -27.14
C ALA GA 331 -93.67 55.68 -28.31
N SER GA 332 -93.43 54.71 -29.20
CA SER GA 332 -94.28 54.54 -30.36
C SER GA 332 -95.73 54.38 -29.97
N PHE GA 333 -96.00 53.83 -28.80
CA PHE GA 333 -97.36 53.81 -28.31
C PHE GA 333 -97.75 55.18 -27.77
N VAL GA 334 -97.12 55.60 -26.68
CA VAL GA 334 -97.60 56.79 -25.96
C VAL GA 334 -97.44 58.05 -26.79
N LEU GA 335 -96.21 58.42 -27.15
CA LEU GA 335 -96.01 59.54 -28.05
C LEU GA 335 -96.69 59.34 -29.40
N GLY GA 336 -97.30 58.19 -29.63
CA GLY GA 336 -98.06 57.97 -30.84
C GLY GA 336 -97.25 57.97 -32.11
N ILE GA 337 -95.95 58.23 -32.04
CA ILE GA 337 -95.13 58.29 -33.25
C ILE GA 337 -95.02 56.90 -33.84
N PRO GA 338 -95.11 56.77 -35.16
CA PRO GA 338 -95.20 55.44 -35.78
C PRO GA 338 -93.93 54.64 -35.55
N PHE GA 339 -94.09 53.32 -35.44
CA PHE GA 339 -92.99 52.49 -34.99
C PHE GA 339 -91.81 52.47 -35.94
N SER GA 340 -92.05 52.28 -37.24
CA SER GA 340 -90.94 52.16 -38.17
C SER GA 340 -89.98 53.33 -38.03
N GLU GA 341 -90.52 54.53 -37.88
CA GLU GA 341 -89.70 55.72 -37.70
C GLU GA 341 -89.63 56.10 -36.22
N VAL GA 342 -89.02 55.23 -35.44
CA VAL GA 342 -88.65 55.54 -34.06
C VAL GA 342 -87.20 55.09 -33.89
N ARG GA 343 -86.33 56.03 -33.55
CA ARG GA 343 -84.90 55.80 -33.60
C ARG GA 343 -84.28 56.32 -32.31
N VAL GA 344 -84.23 55.49 -31.29
CA VAL GA 344 -83.72 55.91 -29.99
C VAL GA 344 -82.20 55.84 -30.08
N ARG GA 345 -81.53 56.88 -29.60
CA ARG GA 345 -80.08 56.93 -29.66
C ARG GA 345 -79.52 57.42 -28.32
N ASN GA 346 -78.20 57.36 -28.20
CA ASN GA 346 -77.52 57.84 -27.01
C ASN GA 346 -76.58 58.98 -27.37
N LEU GA 347 -76.27 59.79 -26.37
CA LEU GA 347 -75.25 60.82 -26.52
C LEU GA 347 -74.52 60.93 -25.19
N LEU GA 348 -73.25 60.56 -25.16
CA LEU GA 348 -72.48 60.58 -23.95
C LEU GA 348 -71.74 61.89 -23.85
N LEU GA 349 -71.75 62.47 -22.70
CA LEU GA 349 -71.09 63.75 -22.60
C LEU GA 349 -69.90 63.67 -21.66
N PRO GA 350 -68.81 64.37 -21.95
CA PRO GA 350 -67.61 64.21 -21.17
C PRO GA 350 -67.88 64.50 -19.68
N PRO GA 351 -67.14 63.88 -18.82
CA PRO GA 351 -67.64 63.66 -17.47
C PRO GA 351 -67.64 64.88 -16.58
N THR GA 352 -66.64 65.73 -16.70
CA THR GA 352 -66.47 66.84 -15.78
C THR GA 352 -66.69 68.20 -16.41
N TYR GA 353 -66.65 68.28 -17.74
CA TYR GA 353 -66.81 69.53 -18.43
C TYR GA 353 -67.48 69.29 -19.76
N LEU GA 354 -67.33 70.19 -20.71
CA LEU GA 354 -67.94 70.00 -22.02
C LEU GA 354 -67.06 70.63 -23.09
N ASP GA 355 -66.54 69.81 -23.98
CA ASP GA 355 -65.70 70.33 -25.04
C ASP GA 355 -66.54 70.91 -26.16
N LYS GA 356 -65.91 71.77 -26.95
CA LYS GA 356 -66.64 72.40 -28.04
C LYS GA 356 -67.20 71.37 -28.98
N ASP GA 357 -66.50 70.26 -29.16
CA ASP GA 357 -67.02 69.19 -29.99
C ASP GA 357 -68.33 68.65 -29.44
N SER GA 358 -68.43 68.50 -28.13
CA SER GA 358 -69.67 68.02 -27.56
C SER GA 358 -70.75 69.07 -27.59
N ILE GA 359 -70.42 70.36 -27.54
CA ILE GA 359 -71.49 71.33 -27.73
C ILE GA 359 -71.96 71.34 -29.17
N VAL GA 360 -71.04 71.24 -30.12
CA VAL GA 360 -71.41 71.07 -31.51
C VAL GA 360 -72.39 69.92 -31.65
N ARG GA 361 -72.06 68.76 -31.10
CA ARG GA 361 -72.93 67.63 -31.35
C ARG GA 361 -74.10 67.54 -30.39
N ILE GA 362 -74.19 68.43 -29.41
CA ILE GA 362 -75.47 68.62 -28.75
C ILE GA 362 -76.39 69.43 -29.64
N ASN GA 363 -75.94 70.60 -30.05
CA ASN GA 363 -76.81 71.44 -30.85
C ASN GA 363 -77.20 70.76 -32.15
N GLU GA 364 -76.24 70.46 -33.01
CA GLU GA 364 -76.50 69.97 -34.35
C GLU GA 364 -77.25 68.65 -34.36
N ALA GA 365 -76.62 67.60 -33.86
CA ALA GA 365 -77.22 66.27 -34.00
C ALA GA 365 -78.49 66.15 -33.18
N VAL GA 366 -78.46 66.59 -31.93
CA VAL GA 366 -79.60 66.40 -31.06
C VAL GA 366 -80.69 67.41 -31.34
N LEU GA 367 -80.39 68.69 -31.11
CA LEU GA 367 -81.39 69.72 -31.33
C LEU GA 367 -81.43 70.11 -32.80
N GLY GA 368 -82.50 70.80 -33.17
CA GLY GA 368 -82.55 71.33 -34.51
C GLY GA 368 -82.10 72.77 -34.50
N LEU GA 369 -80.81 72.99 -34.74
CA LEU GA 369 -80.25 74.33 -34.65
C LEU GA 369 -79.28 74.51 -35.79
N SER GA 370 -79.54 75.53 -36.61
CA SER GA 370 -78.62 75.93 -37.65
C SER GA 370 -77.85 77.17 -37.22
N LYS GA 371 -76.79 77.45 -37.96
CA LYS GA 371 -75.82 78.44 -37.50
C LYS GA 371 -76.44 79.80 -37.23
N GLU GA 372 -77.40 80.24 -38.03
CA GLU GA 372 -77.98 81.55 -37.78
C GLU GA 372 -78.92 81.55 -36.59
N GLU GA 373 -79.34 80.38 -36.10
CA GLU GA 373 -80.10 80.31 -34.86
C GLU GA 373 -79.20 80.13 -33.65
N GLN GA 374 -78.11 79.38 -33.80
CA GLN GA 374 -77.14 79.32 -32.71
C GLN GA 374 -76.46 80.66 -32.51
N ARG GA 375 -75.79 81.19 -33.52
CA ARG GA 375 -75.17 82.50 -33.44
C ARG GA 375 -76.11 83.57 -32.90
N ASN GA 376 -77.41 83.30 -32.85
CA ASN GA 376 -78.34 84.22 -32.23
C ASN GA 376 -78.63 83.84 -30.78
N LEU GA 377 -78.64 82.55 -30.46
CA LEU GA 377 -78.94 82.16 -29.09
C LEU GA 377 -77.71 82.09 -28.21
N ALA GA 378 -76.72 81.29 -28.60
CA ALA GA 378 -75.48 81.09 -27.86
C ALA GA 378 -74.34 81.77 -28.60
N PRO GA 379 -74.18 83.08 -28.46
CA PRO GA 379 -73.20 83.81 -29.26
C PRO GA 379 -71.76 83.61 -28.84
N TRP GA 380 -71.49 82.78 -27.84
CA TRP GA 380 -70.14 82.57 -27.36
C TRP GA 380 -69.55 81.25 -27.82
N LEU GA 381 -70.37 80.39 -28.41
CA LEU GA 381 -69.86 79.19 -29.01
C LEU GA 381 -68.82 79.47 -30.07
N GLU GA 382 -68.76 80.70 -30.58
CA GLU GA 382 -67.69 81.04 -31.48
C GLU GA 382 -66.37 81.16 -30.75
N MET GA 383 -66.40 81.59 -29.49
CA MET GA 383 -65.16 81.75 -28.73
C MET GA 383 -64.78 80.50 -27.97
N TYR GA 384 -65.74 79.65 -27.67
CA TYR GA 384 -65.47 78.37 -27.03
C TYR GA 384 -64.47 77.58 -27.85
N GLN GA 385 -63.42 77.08 -27.21
CA GLN GA 385 -62.47 76.20 -27.88
C GLN GA 385 -62.07 75.03 -26.99
N LYS GA 386 -62.83 74.79 -25.92
CA LYS GA 386 -62.50 73.71 -25.02
C LYS GA 386 -62.60 72.38 -25.75
N GLU GA 387 -61.57 71.56 -25.59
CA GLU GA 387 -61.45 70.28 -26.26
C GLU GA 387 -61.29 69.18 -25.22
N LEU GA 388 -61.08 67.96 -25.69
CA LEU GA 388 -60.96 66.82 -24.79
C LEU GA 388 -59.55 66.73 -24.23
N ASP GA 389 -59.44 66.51 -22.93
CA ASP GA 389 -58.13 66.29 -22.34
C ASP GA 389 -57.67 64.86 -22.63
N SER GA 390 -56.35 64.73 -22.77
CA SER GA 390 -55.75 63.45 -23.09
C SER GA 390 -56.10 62.37 -22.07
N LYS GA 391 -56.18 62.71 -20.78
CA LYS GA 391 -56.63 61.72 -19.82
C LYS GA 391 -58.09 61.40 -19.98
N ASP GA 392 -58.82 62.15 -20.80
CA ASP GA 392 -60.27 62.09 -20.84
C ASP GA 392 -60.79 61.51 -22.15
N VAL GA 393 -59.94 61.44 -23.18
CA VAL GA 393 -60.42 61.02 -24.49
C VAL GA 393 -61.14 59.68 -24.39
N ASP GA 394 -60.63 58.78 -23.57
CA ASP GA 394 -61.12 57.41 -23.55
C ASP GA 394 -62.40 57.25 -22.74
N PHE GA 395 -63.10 58.33 -22.45
CA PHE GA 395 -64.33 58.16 -21.68
C PHE GA 395 -65.40 57.47 -22.50
N CYS GA 396 -65.43 57.70 -23.81
CA CYS GA 396 -66.48 57.14 -24.64
C CYS GA 396 -66.21 55.69 -24.95
N SER GA 397 -64.95 55.33 -25.13
CA SER GA 397 -64.60 53.95 -25.45
C SER GA 397 -64.80 53.10 -24.21
N LEU GA 398 -65.95 52.44 -24.13
CA LEU GA 398 -66.27 51.62 -22.98
C LEU GA 398 -65.69 50.23 -23.18
N MET GA 399 -65.52 49.53 -22.06
CA MET GA 399 -64.98 48.18 -22.12
C MET GA 399 -66.09 47.18 -22.40
N LYS GA 400 -65.87 46.33 -23.40
CA LYS GA 400 -66.88 45.37 -23.83
C LYS GA 400 -66.70 44.04 -23.09
N SER GA 401 -67.75 43.64 -22.39
CA SER GA 401 -67.75 42.39 -21.64
C SER GA 401 -68.74 41.44 -22.29
N THR GA 402 -68.33 40.19 -22.44
CA THR GA 402 -69.22 39.23 -23.05
C THR GA 402 -70.35 38.90 -22.09
N ASN GA 403 -71.21 37.98 -22.52
CA ASN GA 403 -72.38 37.64 -21.75
C ASN GA 403 -72.14 36.50 -20.78
N GLU GA 404 -70.95 35.91 -20.78
CA GLU GA 404 -70.56 34.93 -19.78
C GLU GA 404 -69.84 35.55 -18.60
N GLU GA 405 -69.60 36.86 -18.65
CA GLU GA 405 -68.84 37.53 -17.61
C GLU GA 405 -69.72 38.49 -16.82
N GLU GA 406 -71.04 38.33 -16.86
CA GLU GA 406 -71.91 39.21 -16.11
C GLU GA 406 -71.64 39.15 -14.62
N TRP GA 407 -70.75 38.27 -14.18
CA TRP GA 407 -70.37 38.19 -12.79
C TRP GA 407 -69.01 38.81 -12.50
N LEU GA 408 -68.22 39.10 -13.51
CA LEU GA 408 -66.91 39.64 -13.23
C LEU GA 408 -66.85 41.14 -13.48
N THR GA 409 -67.12 41.56 -14.71
CA THR GA 409 -66.98 42.98 -15.00
C THR GA 409 -68.23 43.73 -14.58
N LEU GA 410 -68.11 45.05 -14.59
CA LEU GA 410 -69.28 45.90 -14.57
C LEU GA 410 -69.59 46.26 -16.01
N MET HA 1 -11.34 36.62 -39.72
CA MET HA 1 -12.69 36.16 -39.39
C MET HA 1 -12.97 34.81 -39.97
N GLU HA 2 -14.23 34.38 -39.82
CA GLU HA 2 -14.57 32.98 -39.98
C GLU HA 2 -14.44 32.51 -41.42
N VAL HA 3 -14.39 33.42 -42.39
CA VAL HA 3 -14.00 32.95 -43.72
C VAL HA 3 -12.64 32.29 -43.66
N TYR HA 4 -11.64 33.03 -43.16
CA TYR HA 4 -10.26 32.56 -43.04
C TYR HA 4 -10.08 31.58 -41.89
N ARG HA 5 -10.91 31.64 -40.87
CA ARG HA 5 -10.95 30.54 -39.91
C ARG HA 5 -11.45 29.26 -40.57
N ARG HA 6 -12.49 29.32 -41.39
CA ARG HA 6 -12.91 28.13 -42.08
C ARG HA 6 -11.86 27.67 -43.06
N ILE HA 7 -11.29 28.60 -43.80
CA ILE HA 7 -10.29 28.26 -44.80
C ILE HA 7 -9.11 27.57 -44.17
N THR HA 8 -8.50 28.17 -43.15
CA THR HA 8 -7.31 27.57 -42.59
C THR HA 8 -7.64 26.36 -41.73
N GLU HA 9 -8.83 26.27 -41.15
CA GLU HA 9 -9.20 25.02 -40.49
C GLU HA 9 -9.25 23.87 -41.48
N ARG HA 10 -9.81 24.11 -42.67
CA ARG HA 10 -9.85 23.07 -43.70
C ARG HA 10 -8.46 22.81 -44.29
N VAL HA 11 -7.58 23.82 -44.30
CA VAL HA 11 -6.23 23.57 -44.79
C VAL HA 11 -5.42 22.81 -43.75
N ARG HA 12 -5.62 23.11 -42.48
CA ARG HA 12 -5.03 22.31 -41.41
C ARG HA 12 -5.42 20.85 -41.55
N GLY HA 13 -6.72 20.59 -41.55
CA GLY HA 13 -7.20 19.24 -41.75
C GLY HA 13 -6.66 18.65 -43.02
N ALA HA 14 -6.43 19.48 -44.04
CA ALA HA 14 -5.85 18.95 -45.24
C ALA HA 14 -4.43 18.47 -45.02
N LEU HA 15 -3.50 19.39 -44.84
CA LEU HA 15 -2.11 19.03 -44.62
C LEU HA 15 -1.93 17.96 -43.55
N TRP HA 16 -2.98 17.58 -42.82
CA TRP HA 16 -2.83 16.37 -42.02
C TRP HA 16 -3.47 15.11 -42.61
N ALA HA 17 -4.68 15.19 -43.16
CA ALA HA 17 -5.35 14.00 -43.64
C ALA HA 17 -4.89 13.64 -45.03
N HIS HA 18 -4.15 14.53 -45.66
CA HIS HA 18 -3.55 14.27 -46.96
C HIS HA 18 -2.07 13.96 -46.83
N HIS HA 19 -1.47 14.27 -45.72
CA HIS HA 19 -0.10 13.90 -45.44
C HIS HA 19 0.07 13.86 -43.93
N GLY HA 20 0.85 12.92 -43.45
CA GLY HA 20 1.10 12.90 -42.03
C GLY HA 20 1.93 14.08 -41.55
N ARG HA 21 1.45 15.30 -41.75
CA ARG HA 21 2.09 16.50 -41.27
C ARG HA 21 1.10 17.33 -40.48
N LEU HA 22 1.60 18.05 -39.49
CA LEU HA 22 0.81 18.94 -38.65
C LEU HA 22 1.33 20.36 -38.80
N MET HA 23 0.43 21.32 -38.88
CA MET HA 23 0.84 22.71 -38.89
C MET HA 23 0.96 23.22 -37.46
N SER HA 24 2.04 23.93 -37.18
CA SER HA 24 2.25 24.50 -35.86
C SER HA 24 1.32 25.68 -35.61
N GLU HA 25 0.54 25.58 -34.53
CA GLU HA 25 -0.48 26.59 -34.24
C GLU HA 25 0.12 27.96 -34.08
N ARG HA 26 1.36 28.03 -33.63
CA ARG HA 26 2.15 29.22 -33.88
C ARG HA 26 1.91 29.72 -35.30
N GLN HA 27 2.00 28.83 -36.29
CA GLN HA 27 1.77 29.28 -37.64
C GLN HA 27 0.30 29.50 -37.92
N PHE HA 28 -0.54 28.63 -37.39
CA PHE HA 28 -1.96 28.71 -37.69
C PHE HA 28 -2.49 30.07 -37.35
N HIS HA 29 -1.99 30.66 -36.28
CA HIS HA 29 -2.39 31.99 -35.83
C HIS HA 29 -1.53 33.09 -36.41
N ARG HA 30 -0.29 32.84 -36.78
CA ARG HA 30 0.39 33.84 -37.58
C ARG HA 30 -0.36 34.11 -38.88
N ILE HA 31 -1.03 33.10 -39.44
CA ILE HA 31 -1.84 33.32 -40.64
C ILE HA 31 -3.02 34.24 -40.33
N LEU HA 32 -3.85 33.86 -39.37
CA LEU HA 32 -4.99 34.70 -39.05
C LEU HA 32 -4.59 36.08 -38.58
N ALA HA 33 -3.47 36.21 -37.88
CA ALA HA 33 -3.03 37.54 -37.49
C ALA HA 33 -2.60 38.33 -38.69
N TYR HA 34 -2.06 37.68 -39.71
CA TYR HA 34 -1.74 38.43 -40.90
C TYR HA 34 -2.99 38.87 -41.62
N VAL HA 35 -4.05 38.08 -41.60
CA VAL HA 35 -5.27 38.59 -42.21
C VAL HA 35 -5.87 39.72 -41.38
N TYR HA 36 -5.91 39.57 -40.06
CA TYR HA 36 -6.39 40.66 -39.20
C TYR HA 36 -5.59 41.95 -39.38
N ASN HA 37 -4.26 41.88 -39.50
CA ASN HA 37 -3.52 43.09 -39.79
C ASN HA 37 -3.70 43.53 -41.23
N ASN HA 38 -4.07 42.63 -42.13
CA ASN HA 38 -4.53 43.08 -43.42
C ASN HA 38 -5.68 44.03 -43.24
N LYS HA 39 -6.62 43.64 -42.39
CA LYS HA 39 -7.82 44.45 -42.25
C LYS HA 39 -7.56 45.72 -41.47
N TYR HA 40 -6.67 45.67 -40.48
CA TYR HA 40 -6.28 46.89 -39.79
C TYR HA 40 -5.57 47.85 -40.71
N GLU HA 41 -4.75 47.36 -41.63
CA GLU HA 41 -4.04 48.26 -42.52
C GLU HA 41 -4.93 48.79 -43.63
N HIS HA 42 -6.00 48.07 -43.98
CA HIS HA 42 -7.03 48.71 -44.79
C HIS HA 42 -7.77 49.78 -44.00
N GLN HA 43 -8.31 49.40 -42.84
CA GLN HA 43 -9.09 50.31 -42.01
C GLN HA 43 -8.32 51.59 -41.66
N ILE HA 44 -7.00 51.49 -41.50
CA ILE HA 44 -6.23 52.69 -41.19
C ILE HA 44 -6.51 53.75 -42.23
N ARG HA 45 -6.13 53.51 -43.47
CA ARG HA 45 -6.32 54.57 -44.44
C ARG HA 45 -7.77 54.76 -44.81
N PHE HA 46 -8.60 53.74 -44.67
CA PHE HA 46 -10.02 53.98 -44.83
C PHE HA 46 -10.51 55.05 -43.88
N ASP HA 47 -9.83 55.26 -42.77
CA ASP HA 47 -10.21 56.33 -41.86
C ASP HA 47 -9.52 57.67 -42.15
N ARG HA 48 -8.82 57.79 -43.27
CA ARG HA 48 -8.38 59.10 -43.71
C ARG HA 48 -9.19 59.60 -44.91
N MET HA 49 -10.19 58.83 -45.34
CA MET HA 49 -10.98 59.13 -46.53
C MET HA 49 -12.44 59.23 -46.14
N GLU HA 50 -13.24 59.83 -47.02
CA GLU HA 50 -14.61 60.20 -46.73
C GLU HA 50 -15.59 59.56 -47.71
N VAL HA 51 -16.79 59.30 -47.23
CA VAL HA 51 -17.93 59.05 -48.09
C VAL HA 51 -18.98 60.07 -47.78
N VAL HA 52 -19.60 60.61 -48.81
CA VAL HA 52 -20.62 61.62 -48.65
C VAL HA 52 -21.94 61.03 -49.08
N GLY HA 53 -22.89 60.98 -48.16
CA GLY HA 53 -24.26 60.65 -48.48
C GLY HA 53 -25.08 61.94 -48.47
N ARG HA 54 -26.27 61.87 -49.05
CA ARG HA 54 -27.16 63.00 -49.10
C ARG HA 54 -28.60 62.51 -49.15
N ALA HA 55 -29.44 63.13 -48.35
CA ALA HA 55 -30.85 62.76 -48.26
C ALA HA 55 -31.59 63.44 -49.40
N TRP HA 56 -32.92 63.43 -49.38
CA TRP HA 56 -33.75 63.74 -50.55
C TRP HA 56 -33.15 64.83 -51.42
N GLU HA 57 -32.89 64.48 -52.68
CA GLU HA 57 -32.36 65.42 -53.67
C GLU HA 57 -31.00 65.97 -53.29
N GLY HA 58 -30.46 65.54 -52.17
CA GLY HA 58 -29.23 66.10 -51.68
C GLY HA 58 -29.39 67.27 -50.74
N ARG HA 59 -30.51 67.37 -50.01
CA ARG HA 59 -30.66 68.47 -49.07
C ARG HA 59 -29.82 68.28 -47.82
N VAL HA 60 -29.77 67.09 -47.25
CA VAL HA 60 -28.91 66.80 -46.12
C VAL HA 60 -27.64 66.19 -46.67
N GLU HA 61 -26.50 66.79 -46.35
CA GLU HA 61 -25.21 66.28 -46.77
C GLU HA 61 -24.51 65.73 -45.55
N VAL HA 62 -24.41 64.41 -45.45
CA VAL HA 62 -23.76 63.72 -44.36
C VAL HA 62 -22.38 63.32 -44.86
N VAL HA 63 -21.36 63.75 -44.14
CA VAL HA 63 -19.98 63.40 -44.46
C VAL HA 63 -19.51 62.43 -43.40
N THR HA 64 -18.95 61.30 -43.84
CA THR HA 64 -18.73 60.14 -43.01
C THR HA 64 -17.37 59.54 -43.32
N THR HA 65 -16.85 58.75 -42.40
CA THR HA 65 -15.75 57.87 -42.72
C THR HA 65 -16.29 56.48 -43.05
N PRO HA 66 -15.72 55.82 -44.06
CA PRO HA 66 -16.33 54.59 -44.55
C PRO HA 66 -16.62 53.59 -43.47
N ALA HA 67 -15.92 53.64 -42.34
CA ALA HA 67 -16.27 52.73 -41.25
C ALA HA 67 -17.60 53.10 -40.64
N GLY HA 68 -18.12 54.28 -40.96
CA GLY HA 68 -19.43 54.64 -40.47
C GLY HA 68 -19.39 55.68 -39.37
N TYR HA 69 -18.36 56.52 -39.35
CA TYR HA 69 -18.35 57.58 -38.36
C TYR HA 69 -18.85 58.87 -38.97
N LEU HA 70 -20.04 59.29 -38.56
CA LEU HA 70 -20.62 60.53 -39.06
C LEU HA 70 -19.81 61.72 -38.58
N LYS HA 71 -19.21 62.44 -39.52
CA LYS HA 71 -18.38 63.58 -39.21
C LYS HA 71 -19.10 64.91 -39.37
N ARG HA 72 -19.85 65.13 -40.45
CA ARG HA 72 -20.49 66.43 -40.59
C ARG HA 72 -21.87 66.29 -41.21
N VAL HA 73 -22.72 67.29 -40.96
CA VAL HA 73 -24.06 67.32 -41.51
C VAL HA 73 -24.38 68.75 -41.92
N ARG HA 74 -24.24 69.06 -43.19
CA ARG HA 74 -24.72 70.31 -43.74
C ARG HA 74 -26.18 70.11 -44.11
N VAL HA 75 -27.06 71.00 -43.64
CA VAL HA 75 -28.49 70.81 -43.79
C VAL HA 75 -29.06 71.96 -44.60
N ASN HA 76 -30.11 71.69 -45.32
CA ASN HA 76 -30.91 72.75 -45.92
C ASN HA 76 -31.89 73.27 -44.88
N PRO HA 77 -32.08 74.56 -44.76
CA PRO HA 77 -32.98 75.07 -43.72
C PRO HA 77 -34.44 74.86 -44.02
N CYS HA 78 -34.77 74.15 -45.09
CA CYS HA 78 -36.13 73.68 -45.25
C CYS HA 78 -36.36 72.36 -44.54
N LEU HA 79 -35.35 71.89 -43.79
CA LEU HA 79 -35.45 70.63 -43.07
C LEU HA 79 -35.53 70.86 -41.57
N GLU HA 80 -34.94 71.94 -41.10
CA GLU HA 80 -35.06 72.34 -39.71
C GLU HA 80 -36.50 72.45 -39.24
N GLU HA 81 -37.46 72.47 -40.15
CA GLU HA 81 -38.84 72.68 -39.78
C GLU HA 81 -39.70 71.44 -39.97
N LEU HA 82 -39.12 70.32 -40.39
CA LEU HA 82 -39.92 69.12 -40.59
C LEU HA 82 -40.59 68.69 -39.30
N SER HA 83 -39.78 68.30 -38.33
CA SER HA 83 -40.19 67.87 -37.01
C SER HA 83 -38.91 67.48 -36.30
N SER HA 84 -39.04 66.95 -35.10
CA SER HA 84 -37.89 66.29 -34.51
C SER HA 84 -37.75 64.86 -35.03
N TYR HA 85 -38.87 64.19 -35.25
CA TYR HA 85 -38.82 62.82 -35.75
C TYR HA 85 -38.35 62.76 -37.19
N ARG HA 86 -39.01 63.50 -38.08
CA ARG HA 86 -38.68 63.37 -39.48
C ARG HA 86 -37.31 63.92 -39.81
N GLN HA 87 -36.83 64.93 -39.06
CA GLN HA 87 -35.42 65.27 -39.14
C GLN HA 87 -34.57 64.06 -38.85
N GLN HA 88 -34.89 63.35 -37.78
CA GLN HA 88 -34.12 62.17 -37.42
C GLN HA 88 -34.08 61.17 -38.55
N GLN HA 89 -35.24 60.80 -39.06
CA GLN HA 89 -35.28 59.78 -40.08
C GLN HA 89 -34.66 60.24 -41.37
N LEU HA 90 -34.69 61.53 -41.67
CA LEU HA 90 -34.04 61.96 -42.89
C LEU HA 90 -32.52 61.98 -42.76
N ILE HA 91 -31.97 62.51 -41.67
CA ILE HA 91 -30.52 62.42 -41.51
C ILE HA 91 -30.11 60.98 -41.39
N LEU HA 92 -30.98 60.16 -40.86
CA LEU HA 92 -30.68 58.75 -40.75
C LEU HA 92 -30.65 58.10 -42.12
N ALA HA 93 -31.56 58.49 -43.01
CA ALA HA 93 -31.50 57.95 -44.37
C ALA HA 93 -30.26 58.45 -45.10
N ALA HA 94 -29.87 59.69 -44.88
CA ALA HA 94 -28.63 60.20 -45.49
C ALA HA 94 -27.41 59.49 -44.96
N TYR HA 95 -27.36 59.25 -43.65
CA TYR HA 95 -26.34 58.39 -43.08
C TYR HA 95 -26.35 57.03 -43.71
N ALA HA 96 -27.54 56.45 -43.86
CA ALA HA 96 -27.65 55.10 -44.37
C ALA HA 96 -27.14 55.00 -45.78
N ASP HA 97 -27.45 55.99 -46.60
CA ASP HA 97 -26.93 56.00 -47.96
C ASP HA 97 -25.41 56.12 -47.96
N ALA HA 98 -24.86 57.02 -47.15
CA ALA HA 98 -23.42 57.09 -47.09
C ALA HA 98 -22.82 55.78 -46.63
N CYS HA 99 -23.44 55.13 -45.65
CA CYS HA 99 -22.96 53.83 -45.19
C CYS HA 99 -22.98 52.82 -46.30
N ALA HA 100 -24.05 52.81 -47.10
CA ALA HA 100 -24.06 51.95 -48.27
C ALA HA 100 -22.85 52.19 -49.16
N GLN HA 101 -22.48 53.46 -49.36
CA GLN HA 101 -21.32 53.72 -50.23
C GLN HA 101 -20.03 53.25 -49.61
N GLY HA 102 -19.78 53.64 -48.37
CA GLY HA 102 -18.58 53.21 -47.69
C GLY HA 102 -18.44 51.72 -47.62
N ARG HA 103 -19.52 51.01 -47.27
CA ARG HA 103 -19.50 49.56 -47.28
C ARG HA 103 -19.36 49.00 -48.68
N ARG HA 104 -19.76 49.74 -49.71
CA ARG HA 104 -19.44 49.31 -51.06
C ARG HA 104 -17.93 49.28 -51.26
N LEU HA 105 -17.23 50.33 -50.87
CA LEU HA 105 -15.78 50.26 -50.95
C LEU HA 105 -15.20 49.25 -49.98
N MET HA 106 -15.81 49.10 -48.81
CA MET HA 106 -15.31 48.13 -47.84
C MET HA 106 -15.34 46.73 -48.41
N GLU HA 107 -16.41 46.38 -49.09
CA GLU HA 107 -16.45 45.10 -49.75
C GLU HA 107 -15.61 45.10 -51.01
N LYS HA 108 -15.29 46.25 -51.56
CA LYS HA 108 -14.39 46.21 -52.71
C LYS HA 108 -12.94 46.00 -52.29
N ALA HA 109 -12.63 46.29 -51.03
CA ALA HA 109 -11.29 46.01 -50.50
C ALA HA 109 -11.22 44.69 -49.75
N GLU HA 110 -12.33 44.16 -49.25
CA GLU HA 110 -12.26 42.84 -48.64
C GLU HA 110 -11.98 41.78 -49.69
N ILE HA 111 -12.30 42.05 -50.94
CA ILE HA 111 -11.88 41.12 -51.98
C ILE HA 111 -10.38 41.22 -52.23
N ASN HA 112 -9.79 42.41 -52.04
CA ASN HA 112 -8.35 42.48 -52.05
C ASN HA 112 -7.76 41.73 -50.87
N ILE HA 113 -8.44 41.72 -49.73
CA ILE HA 113 -7.97 40.90 -48.62
C ILE HA 113 -7.99 39.44 -49.01
N TYR HA 114 -9.14 38.98 -49.49
CA TYR HA 114 -9.22 37.61 -49.99
C TYR HA 114 -8.06 37.33 -50.91
N LYS HA 115 -7.71 38.27 -51.76
CA LYS HA 115 -6.75 37.94 -52.79
C LYS HA 115 -5.30 37.99 -52.31
N GLN HA 116 -4.92 38.94 -51.46
CA GLN HA 116 -3.58 38.87 -50.91
C GLN HA 116 -3.41 37.66 -50.00
N PHE HA 117 -4.37 37.40 -49.13
CA PHE HA 117 -4.28 36.22 -48.29
C PHE HA 117 -4.26 34.96 -49.12
N LEU HA 118 -4.87 35.00 -50.31
CA LEU HA 118 -4.86 33.84 -51.17
C LEU HA 118 -3.51 33.66 -51.81
N LYS HA 119 -2.92 34.72 -52.35
CA LYS HA 119 -1.53 34.66 -52.79
C LYS HA 119 -0.64 34.17 -51.66
N ASP HA 120 -1.08 34.39 -50.42
CA ASP HA 120 -0.33 33.94 -49.25
C ASP HA 120 -0.44 32.45 -49.02
N LEU HA 121 -1.65 31.93 -48.94
CA LEU HA 121 -1.88 30.50 -48.76
C LEU HA 121 -1.70 29.71 -50.05
N LYS HA 122 -1.29 30.37 -51.12
CA LYS HA 122 -0.90 29.64 -52.33
C LYS HA 122 0.17 28.60 -52.02
N PRO HA 123 1.41 28.95 -51.74
CA PRO HA 123 2.47 27.93 -51.74
C PRO HA 123 2.27 26.86 -50.72
N ILE HA 124 1.30 27.01 -49.82
CA ILE HA 124 0.99 25.98 -48.86
C ILE HA 124 0.10 24.89 -49.45
N VAL HA 125 -1.02 25.27 -50.09
CA VAL HA 125 -1.83 24.25 -50.76
C VAL HA 125 -1.14 23.78 -52.02
N MET HA 126 -0.49 24.68 -52.73
CA MET HA 126 0.41 24.26 -53.80
C MET HA 126 1.51 23.35 -53.29
N GLY HA 127 1.99 23.57 -52.06
CA GLY HA 127 2.84 22.58 -51.46
C GLY HA 127 2.20 21.23 -51.27
N ILE HA 128 1.02 21.17 -50.65
CA ILE HA 128 0.40 19.87 -50.42
C ILE HA 128 -0.13 19.24 -51.70
N ARG HA 129 -0.36 20.02 -52.75
CA ARG HA 129 -1.11 19.52 -53.89
C ARG HA 129 -0.30 19.38 -55.18
N ASP HA 130 0.75 20.17 -55.37
CA ASP HA 130 1.48 20.18 -56.63
C ASP HA 130 2.82 19.46 -56.54
N ASN HA 131 2.78 18.25 -55.96
CA ASN HA 131 3.81 17.27 -55.69
C ASN HA 131 3.40 15.92 -56.28
N PRO HA 132 4.37 15.12 -56.76
CA PRO HA 132 4.02 13.80 -57.29
C PRO HA 132 3.14 12.95 -56.39
N GLU HA 133 3.16 13.16 -55.08
CA GLU HA 133 2.34 12.34 -54.17
C GLU HA 133 1.11 13.11 -53.71
N PHE HA 134 0.20 13.38 -54.64
CA PHE HA 134 -1.04 14.05 -54.32
C PHE HA 134 -2.19 13.42 -55.11
N TYR HA 135 -3.09 12.75 -54.42
CA TYR HA 135 -4.12 12.02 -55.12
C TYR HA 135 -5.34 11.86 -54.24
N THR HA 136 -6.52 11.92 -54.85
CA THR HA 136 -7.77 11.71 -54.15
C THR HA 136 -8.47 10.52 -54.78
N VAL HA 137 -9.75 10.38 -54.48
CA VAL HA 137 -10.58 9.35 -55.08
C VAL HA 137 -11.90 10.01 -55.46
N PRO HA 138 -12.89 9.31 -56.02
CA PRO HA 138 -14.18 9.96 -56.23
C PRO HA 138 -14.99 9.94 -54.96
N GLU HA 139 -15.60 11.08 -54.66
CA GLU HA 139 -16.31 11.25 -53.41
C GLU HA 139 -17.42 10.23 -53.20
N ASP HA 140 -17.83 9.51 -54.24
CA ASP HA 140 -18.88 8.52 -54.08
C ASP HA 140 -18.37 7.14 -53.69
N SER HA 141 -17.06 6.90 -53.80
CA SER HA 141 -16.49 5.57 -53.64
C SER HA 141 -16.62 5.06 -52.21
N VAL HA 142 -17.17 3.87 -52.04
CA VAL HA 142 -17.32 3.26 -50.73
C VAL HA 142 -15.95 2.81 -50.24
N GLU HA 143 -15.23 3.71 -49.59
CA GLU HA 143 -13.89 3.44 -49.14
C GLU HA 143 -13.90 2.29 -48.14
N THR HA 144 -13.26 1.19 -48.52
CA THR HA 144 -13.30 -0.04 -47.74
C THR HA 144 -12.01 -0.22 -46.96
N VAL HA 145 -11.99 -1.17 -46.02
CA VAL HA 145 -10.86 -1.30 -45.11
C VAL HA 145 -9.56 -1.41 -45.89
N GLY HA 146 -9.63 -1.79 -47.15
CA GLY HA 146 -8.41 -2.08 -47.88
C GLY HA 146 -8.20 -1.23 -49.10
N GLY HA 147 -9.09 -0.31 -49.33
CA GLY HA 147 -9.06 0.49 -50.53
C GLY HA 147 -10.39 1.13 -50.74
N THR HA 148 -10.68 1.44 -52.00
CA THR HA 148 -11.88 2.18 -52.36
C THR HA 148 -12.70 1.41 -53.37
N LEU HA 149 -13.92 1.03 -52.99
CA LEU HA 149 -14.82 0.39 -53.94
C LEU HA 149 -15.18 1.38 -55.03
N HIS HA 150 -16.16 1.03 -55.85
CA HIS HA 150 -16.52 1.90 -56.95
C HIS HA 150 -17.85 2.59 -56.70
N MET HA 151 -18.06 3.65 -57.44
CA MET HA 151 -19.34 4.30 -57.54
C MET HA 151 -20.26 3.54 -58.49
N GLY HA 152 -21.55 3.83 -58.41
CA GLY HA 152 -22.55 3.26 -59.30
C GLY HA 152 -23.26 4.28 -60.15
N GLN HA 153 -23.18 5.54 -59.73
CA GLN HA 153 -24.01 6.58 -60.32
C GLN HA 153 -23.14 7.56 -61.08
N GLY HA 154 -23.65 7.99 -62.24
CA GLY HA 154 -22.94 8.95 -63.06
C GLY HA 154 -21.62 8.39 -63.53
N PRO HA 155 -21.66 7.41 -64.41
CA PRO HA 155 -20.45 6.66 -64.74
C PRO HA 155 -19.37 7.55 -65.33
N THR HA 156 -18.16 7.01 -65.39
CA THR HA 156 -17.02 7.64 -66.05
C THR HA 156 -16.87 9.09 -65.63
N PRO HA 157 -16.30 9.35 -64.47
CA PRO HA 157 -15.86 10.72 -64.15
C PRO HA 157 -14.70 11.14 -65.04
N THR HA 158 -14.19 12.33 -64.74
CA THR HA 158 -13.05 12.90 -65.45
C THR HA 158 -11.96 13.20 -64.46
N THR HA 159 -11.15 12.21 -64.15
CA THR HA 159 -10.04 12.39 -63.23
C THR HA 159 -9.03 13.33 -63.86
N TYR HA 160 -8.82 14.47 -63.24
CA TYR HA 160 -7.85 15.39 -63.77
C TYR HA 160 -6.49 14.95 -63.30
N ARG HA 161 -5.49 15.81 -63.48
CA ARG HA 161 -4.19 15.64 -62.84
C ARG HA 161 -3.42 16.94 -62.99
N THR HA 162 -3.09 17.58 -61.89
CA THR HA 162 -2.57 18.92 -62.03
C THR HA 162 -1.08 18.98 -62.31
N ILE HA 163 -0.42 17.86 -62.53
CA ILE HA 163 1.04 17.83 -62.45
C ILE HA 163 1.62 17.28 -63.74
N PRO HA 164 2.75 17.79 -64.24
CA PRO HA 164 3.30 17.24 -65.48
C PRO HA 164 3.90 15.86 -65.24
N ALA HA 165 3.38 14.86 -65.95
CA ALA HA 165 3.98 13.53 -65.90
C ALA HA 165 5.42 13.55 -66.38
N ALA HA 166 5.88 14.66 -66.93
CA ALA HA 166 7.26 14.78 -67.37
C ALA HA 166 8.13 14.99 -66.15
N LYS HA 167 9.36 15.42 -66.35
CA LYS HA 167 10.21 15.86 -65.25
C LYS HA 167 9.56 17.02 -64.50
N ALA HA 168 10.19 17.42 -63.41
CA ALA HA 168 9.61 18.41 -62.51
C ALA HA 168 9.56 19.80 -63.13
N HIS HA 169 8.43 20.47 -62.93
CA HIS HA 169 8.23 21.86 -63.35
C HIS HA 169 7.72 22.66 -62.14
N ILE HA 170 8.58 23.50 -61.58
CA ILE HA 170 8.25 24.24 -60.36
C ILE HA 170 8.25 25.75 -60.56
N PRO HA 171 7.48 26.48 -59.76
CA PRO HA 171 7.40 27.92 -59.93
C PRO HA 171 8.73 28.62 -59.79
N VAL HA 172 9.68 28.10 -59.02
CA VAL HA 172 10.97 28.79 -58.96
C VAL HA 172 11.61 28.77 -60.34
N ASP HA 173 11.56 27.61 -61.01
CA ASP HA 173 11.96 27.54 -62.41
C ASP HA 173 11.24 28.56 -63.27
N GLU HA 174 9.90 28.62 -63.16
CA GLU HA 174 9.16 29.56 -63.98
C GLU HA 174 9.57 31.00 -63.72
N ILE HA 175 9.85 31.36 -62.47
CA ILE HA 175 10.17 32.75 -62.15
C ILE HA 175 11.59 33.09 -62.56
N ARG HA 176 12.52 32.16 -62.38
CA ARG HA 176 13.87 32.39 -62.90
C ARG HA 176 13.85 32.57 -64.40
N ALA HA 177 13.08 31.73 -65.11
CA ALA HA 177 12.88 31.97 -66.53
C ALA HA 177 12.17 33.28 -66.78
N ARG HA 178 11.32 33.72 -65.86
CA ARG HA 178 10.64 34.99 -66.05
C ARG HA 178 11.64 36.13 -66.06
N GLN HA 179 12.56 36.11 -65.11
CA GLN HA 179 13.59 37.13 -65.10
C GLN HA 179 14.54 36.99 -66.27
N GLU HA 180 14.74 35.77 -66.77
CA GLU HA 180 15.58 35.62 -67.95
C GLU HA 180 14.92 36.18 -69.20
N TRP HA 181 13.63 35.89 -69.41
CA TRP HA 181 12.92 36.57 -70.47
C TRP HA 181 13.00 38.07 -70.26
N GLU HA 182 12.81 38.53 -69.02
CA GLU HA 182 12.94 39.94 -68.73
C GLU HA 182 14.33 40.45 -69.11
N LYS HA 183 15.37 39.66 -68.81
CA LYS HA 183 16.74 40.03 -69.14
C LYS HA 183 16.96 40.13 -70.64
N LYS HA 184 16.74 39.04 -71.36
CA LYS HA 184 16.81 39.05 -72.82
C LYS HA 184 16.02 40.21 -73.39
N TRP HA 185 14.85 40.49 -72.84
CA TRP HA 185 14.07 41.64 -73.28
C TRP HA 185 14.85 42.93 -73.13
N LEU HA 186 15.12 43.32 -71.88
CA LEU HA 186 15.89 44.53 -71.62
C LEU HA 186 17.24 44.52 -72.31
N ASN HA 187 17.58 43.44 -72.99
CA ASN HA 187 18.68 43.45 -73.95
C ASN HA 187 18.20 43.71 -75.38
N SER HA 188 16.98 43.29 -75.69
CA SER HA 188 16.48 43.26 -77.06
C SER HA 188 16.17 44.67 -77.57
N PRO HA 189 16.00 44.82 -78.89
CA PRO HA 189 15.73 46.15 -79.45
C PRO HA 189 14.50 46.82 -78.87
N GLN HA 190 13.32 46.21 -78.99
CA GLN HA 190 12.15 46.71 -78.29
C GLN HA 190 12.37 46.69 -76.79
N GLY HA 191 13.25 45.82 -76.31
CA GLY HA 191 13.51 45.75 -74.90
C GLY HA 191 14.14 47.01 -74.40
N GLN HA 192 15.34 47.32 -74.90
CA GLN HA 192 16.10 48.42 -74.34
C GLN HA 192 15.40 49.76 -74.56
N SER HA 193 14.59 49.85 -75.61
CA SER HA 193 13.90 51.10 -75.91
C SER HA 193 12.63 51.26 -75.09
N TRP HA 194 11.81 50.21 -75.01
CA TRP HA 194 10.67 50.26 -74.12
C TRP HA 194 11.11 50.51 -72.69
N ALA HA 195 12.30 50.04 -72.32
CA ALA HA 195 12.78 50.30 -70.98
C ALA HA 195 13.10 51.78 -70.78
N LEU HA 196 13.62 52.47 -71.79
CA LEU HA 196 13.76 53.92 -71.67
C LEU HA 196 12.44 54.66 -71.85
N THR HA 197 11.40 53.97 -72.31
CA THR HA 197 10.09 54.57 -72.38
C THR HA 197 9.41 54.54 -71.01
N LEU HA 198 8.43 55.42 -70.84
CA LEU HA 198 7.64 55.42 -69.62
C LEU HA 198 7.11 54.04 -69.28
N ARG HA 199 6.57 53.32 -70.26
CA ARG HA 199 6.05 51.98 -70.01
C ARG HA 199 7.10 51.08 -69.37
N GLY HA 200 8.37 51.39 -69.59
CA GLY HA 200 9.44 50.62 -68.98
C GLY HA 200 9.88 51.16 -67.64
N LYS HA 201 10.00 52.48 -67.51
CA LYS HA 201 10.32 53.03 -66.21
C LYS HA 201 9.22 52.76 -65.20
N ARG HA 202 7.97 52.87 -65.62
CA ARG HA 202 6.86 52.48 -64.77
C ARG HA 202 6.95 51.04 -64.30
N TYR HA 203 7.21 50.09 -65.22
CA TYR HA 203 7.37 48.71 -64.78
C TYR HA 203 8.54 48.57 -63.84
N PHE HA 204 9.68 49.17 -64.19
CA PHE HA 204 10.86 49.08 -63.35
C PHE HA 204 10.54 49.47 -61.93
N ALA HA 205 9.90 50.62 -61.76
CA ALA HA 205 9.53 51.09 -60.43
C ALA HA 205 8.54 50.14 -59.77
N LEU HA 206 7.35 50.00 -60.35
CA LEU HA 206 6.30 49.26 -59.66
C LEU HA 206 6.65 47.80 -59.48
N HIS HA 207 7.76 47.34 -60.06
CA HIS HA 207 8.12 45.93 -59.98
C HIS HA 207 9.61 45.66 -59.88
N GLY HA 208 10.43 46.68 -59.64
CA GLY HA 208 11.82 46.37 -59.46
C GLY HA 208 12.29 46.43 -58.02
N PRO HA 209 12.32 45.28 -57.34
CA PRO HA 209 12.76 45.28 -55.94
C PRO HA 209 14.23 45.61 -55.79
N GLN HA 210 15.10 44.92 -56.54
CA GLN HA 210 16.54 45.08 -56.36
C GLN HA 210 16.98 46.51 -56.58
N TYR HA 211 16.05 47.41 -56.83
CA TYR HA 211 16.34 48.81 -57.06
C TYR HA 211 15.88 49.68 -55.93
N ARG HA 212 15.29 49.11 -54.89
CA ARG HA 212 14.92 49.91 -53.74
C ARG HA 212 16.19 50.34 -53.02
N PRO HA 213 16.37 51.62 -52.76
CA PRO HA 213 17.60 52.09 -52.11
C PRO HA 213 17.74 51.52 -50.72
N ARG HA 214 18.85 51.84 -50.07
CA ARG HA 214 19.01 51.45 -48.69
C ARG HA 214 18.13 52.32 -47.80
N GLY HA 215 17.02 51.74 -47.34
CA GLY HA 215 16.07 52.44 -46.51
C GLY HA 215 14.61 52.28 -46.91
N ALA HA 216 14.32 52.07 -48.17
CA ALA HA 216 12.94 52.04 -48.61
C ALA HA 216 12.19 50.81 -48.10
N PRO HA 217 10.92 50.95 -47.75
CA PRO HA 217 10.11 49.79 -47.37
C PRO HA 217 9.66 48.96 -48.55
N GLY HA 218 9.38 47.71 -48.29
CA GLY HA 218 8.99 46.76 -49.31
C GLY HA 218 10.04 45.69 -49.51
N ALA HA 219 9.72 44.74 -50.37
CA ALA HA 219 10.73 43.77 -50.77
C ALA HA 219 11.95 44.53 -51.26
N LYS HA 220 13.08 44.27 -50.61
CA LYS HA 220 14.33 44.93 -51.01
C LYS HA 220 15.18 44.05 -51.91
N LYS HA 221 14.63 42.94 -52.38
CA LYS HA 221 15.24 42.10 -53.40
C LYS HA 221 14.14 41.24 -54.02
N VAL HA 222 14.53 40.44 -55.01
CA VAL HA 222 13.58 39.61 -55.71
C VAL HA 222 13.40 38.30 -54.96
N THR HA 223 12.17 37.80 -54.93
CA THR HA 223 11.85 36.58 -54.19
C THR HA 223 11.23 35.53 -55.10
N MET HA 224 11.76 34.32 -55.05
CA MET HA 224 11.07 33.17 -55.59
C MET HA 224 9.84 32.87 -54.75
N PRO HA 225 8.77 32.36 -55.34
CA PRO HA 225 7.62 31.94 -54.54
C PRO HA 225 7.98 30.80 -53.60
N LEU HA 226 7.11 30.55 -52.63
CA LEU HA 226 7.44 29.64 -51.54
C LEU HA 226 7.23 28.18 -51.94
N ASP HA 227 7.93 27.29 -51.24
CA ASP HA 227 7.92 25.85 -51.50
C ASP HA 227 7.73 25.13 -50.18
N LEU HA 228 6.60 24.42 -50.04
CA LEU HA 228 6.31 23.64 -48.86
C LEU HA 228 5.80 22.27 -49.29
N PRO HA 229 6.67 21.44 -49.85
CA PRO HA 229 6.24 20.13 -50.30
C PRO HA 229 5.89 19.26 -49.10
N ALA HA 230 4.59 19.17 -48.80
CA ALA HA 230 4.18 18.41 -47.64
C ALA HA 230 4.69 16.99 -47.66
N PRO HA 231 4.23 16.12 -48.55
CA PRO HA 231 4.55 14.69 -48.41
C PRO HA 231 6.03 14.42 -48.42
N TYR HA 232 6.82 15.43 -48.61
CA TYR HA 232 8.25 15.34 -48.50
C TYR HA 232 8.78 16.29 -47.45
N THR HA 233 8.00 16.60 -46.42
CA THR HA 233 8.46 17.39 -45.29
C THR HA 233 7.61 17.09 -44.07
N SER HA 234 8.14 16.27 -43.18
CA SER HA 234 7.55 16.09 -41.86
C SER HA 234 7.55 17.44 -41.17
N MET HA 235 6.37 17.99 -40.91
CA MET HA 235 6.29 19.37 -40.49
C MET HA 235 6.46 19.51 -39.00
N ASP HA 236 5.55 18.94 -38.22
CA ASP HA 236 5.60 19.13 -36.79
C ASP HA 236 5.56 17.84 -36.02
N GLU HA 237 4.83 16.84 -36.48
CA GLU HA 237 4.71 15.60 -35.76
C GLU HA 237 6.05 15.03 -35.37
N ARG HA 238 7.12 15.34 -36.11
CA ARG HA 238 8.45 14.96 -35.65
C ARG HA 238 8.77 15.62 -34.31
N ARG HA 239 8.64 16.94 -34.24
CA ARG HA 239 8.96 17.65 -33.01
C ARG HA 239 8.05 17.23 -31.88
N LEU HA 240 6.77 17.05 -32.18
CA LEU HA 240 5.85 16.62 -31.16
C LEU HA 240 6.18 15.25 -30.62
N LEU HA 241 6.42 14.26 -31.48
CA LEU HA 241 6.76 12.93 -31.01
C LEU HA 241 8.08 12.91 -30.26
N LYS HA 242 9.05 13.70 -30.70
CA LYS HA 242 10.29 13.78 -29.94
C LYS HA 242 10.03 14.32 -28.54
N LYS HA 243 9.42 15.50 -28.44
CA LYS HA 243 9.26 16.11 -27.12
C LYS HA 243 8.26 15.34 -26.28
N ASN HA 244 6.98 15.41 -26.64
CA ASN HA 244 6.05 14.63 -25.87
C ASN HA 244 4.88 14.17 -26.72
N TRP HA 245 4.56 12.90 -26.52
CA TRP HA 245 3.49 12.24 -27.20
C TRP HA 245 2.12 12.78 -26.83
N MET HA 246 1.98 13.39 -25.67
CA MET HA 246 0.68 13.94 -25.31
C MET HA 246 0.29 15.07 -26.25
N ALA HA 247 1.16 16.05 -26.40
CA ALA HA 247 0.94 17.10 -27.37
C ALA HA 247 0.79 16.54 -28.77
N TYR HA 248 1.49 15.47 -29.09
CA TYR HA 248 1.33 14.90 -30.41
C TYR HA 248 -0.06 14.39 -30.60
N LEU HA 249 -0.52 13.57 -29.69
CA LEU HA 249 -1.85 13.02 -29.83
C LEU HA 249 -2.89 14.12 -29.94
N ASP HA 250 -2.79 15.17 -29.12
CA ASP HA 250 -3.82 16.20 -29.19
C ASP HA 250 -3.67 17.10 -30.40
N ASN HA 251 -2.47 17.43 -30.82
CA ASN HA 251 -2.35 18.22 -32.04
C ASN HA 251 -2.88 17.49 -33.24
N LYS HA 252 -2.46 16.25 -33.46
CA LYS HA 252 -3.08 15.50 -34.53
C LYS HA 252 -4.57 15.32 -34.29
N HIS HA 253 -5.02 15.21 -33.04
CA HIS HA 253 -6.44 15.02 -32.81
C HIS HA 253 -7.22 16.24 -33.23
N VAL HA 254 -6.69 17.43 -32.99
CA VAL HA 254 -7.39 18.59 -33.47
C VAL HA 254 -7.38 18.64 -34.97
N ALA HA 255 -6.23 18.45 -35.60
CA ALA HA 255 -6.21 18.56 -37.05
C ALA HA 255 -7.22 17.62 -37.68
N GLU HA 256 -7.37 16.44 -37.10
CA GLU HA 256 -8.32 15.48 -37.59
C GLU HA 256 -9.75 15.89 -37.31
N VAL HA 257 -10.03 16.45 -36.14
CA VAL HA 257 -11.39 16.92 -35.89
C VAL HA 257 -11.74 18.09 -36.79
N MET HA 258 -10.78 18.95 -37.05
CA MET HA 258 -10.98 20.04 -37.99
C MET HA 258 -11.32 19.57 -39.40
N TRP HA 259 -10.52 18.69 -39.98
CA TRP HA 259 -10.90 18.14 -41.28
C TRP HA 259 -12.24 17.44 -41.20
N THR HA 260 -12.53 16.78 -40.10
CA THR HA 260 -13.82 16.12 -39.98
C THR HA 260 -14.95 17.12 -40.07
N ARG HA 261 -14.77 18.28 -39.47
CA ARG HA 261 -15.85 19.25 -39.46
C ARG HA 261 -15.92 20.01 -40.76
N ALA HA 262 -14.81 20.21 -41.45
CA ALA HA 262 -14.89 20.74 -42.81
C ALA HA 262 -15.58 19.75 -43.75
N LYS HA 263 -15.37 18.46 -43.54
CA LYS HA 263 -16.20 17.48 -44.22
C LYS HA 263 -17.67 17.64 -43.88
N ILE HA 264 -18.03 17.80 -42.61
CA ILE HA 264 -19.43 18.01 -42.25
C ILE HA 264 -19.97 19.28 -42.92
N ALA HA 265 -19.10 20.27 -43.11
CA ALA HA 265 -19.49 21.48 -43.83
C ALA HA 265 -19.80 21.20 -45.28
N ASP HA 266 -18.91 20.51 -45.98
CA ASP HA 266 -19.23 20.15 -47.35
C ASP HA 266 -20.50 19.35 -47.42
N ARG HA 267 -20.71 18.48 -46.46
CA ARG HA 267 -21.89 17.64 -46.42
C ARG HA 267 -23.17 18.46 -46.29
N GLU HA 268 -23.19 19.48 -45.42
CA GLU HA 268 -24.43 20.25 -45.27
C GLU HA 268 -24.60 21.31 -46.36
N LYS HA 269 -23.51 21.86 -46.90
CA LYS HA 269 -23.59 22.71 -48.08
C LYS HA 269 -24.14 21.93 -49.27
N LEU HA 270 -23.68 20.70 -49.47
CA LEU HA 270 -24.29 19.82 -50.44
C LEU HA 270 -25.74 19.53 -50.08
N GLN HA 271 -26.04 19.32 -48.81
CA GLN HA 271 -27.41 18.97 -48.47
C GLN HA 271 -28.38 20.07 -48.90
N ARG HA 272 -28.05 21.32 -48.61
CA ARG HA 272 -28.88 22.40 -49.11
C ARG HA 272 -28.84 22.47 -50.63
N ARG HA 273 -27.67 22.30 -51.24
CA ARG HA 273 -27.58 22.36 -52.70
C ARG HA 273 -28.57 21.40 -53.35
N LEU HA 274 -28.75 20.23 -52.75
CA LEU HA 274 -29.68 19.27 -53.31
C LEU HA 274 -31.11 19.67 -53.01
N GLN HA 275 -31.41 20.03 -51.76
CA GLN HA 275 -32.78 20.47 -51.50
C GLN HA 275 -33.12 21.72 -52.29
N GLU HA 276 -32.13 22.35 -52.88
CA GLU HA 276 -32.40 23.50 -53.73
C GLU HA 276 -32.70 23.05 -55.15
N THR HA 277 -31.77 22.33 -55.78
CA THR HA 277 -31.97 21.87 -57.15
C THR HA 277 -32.63 20.52 -57.19
N GLY HA 278 -33.53 20.25 -56.26
CA GLY HA 278 -34.47 19.17 -56.43
C GLY HA 278 -33.92 17.77 -56.32
N GLN HA 279 -32.70 17.61 -55.85
CA GLN HA 279 -32.15 16.27 -55.72
C GLN HA 279 -32.69 15.58 -54.47
N ALA HA 280 -32.68 16.24 -53.33
CA ALA HA 280 -32.97 15.62 -52.06
C ALA HA 280 -34.32 16.03 -51.53
N TRP HA 281 -34.68 15.45 -50.40
CA TRP HA 281 -35.98 15.66 -49.78
C TRP HA 281 -35.82 16.08 -48.34
N HIS HA 282 -36.81 16.81 -47.86
CA HIS HA 282 -36.69 17.55 -46.62
C HIS HA 282 -36.79 16.68 -45.37
N ARG HA 283 -36.83 15.37 -45.50
CA ARG HA 283 -36.89 14.48 -44.34
C ARG HA 283 -36.54 13.08 -44.80
N PRO HA 284 -35.85 12.29 -43.98
CA PRO HA 284 -35.22 11.07 -44.50
C PRO HA 284 -36.24 10.11 -45.08
N ILE HA 285 -35.93 9.64 -46.29
CA ILE HA 285 -36.76 8.74 -47.05
C ILE HA 285 -35.88 7.60 -47.51
N ASN HA 286 -34.59 7.89 -47.64
CA ASN HA 286 -33.58 6.95 -48.10
C ASN HA 286 -32.75 6.54 -46.88
N LYS HA 287 -33.28 5.61 -46.09
CA LYS HA 287 -32.51 5.18 -44.94
C LYS HA 287 -31.40 4.21 -45.31
N GLU HA 288 -31.56 3.44 -46.38
CA GLU HA 288 -30.61 2.38 -46.65
C GLU HA 288 -29.25 2.89 -47.05
N ALA HA 289 -29.05 4.20 -47.09
CA ALA HA 289 -27.71 4.73 -47.17
C ALA HA 289 -27.12 4.96 -45.80
N VAL HA 290 -27.87 4.64 -44.74
CA VAL HA 290 -27.34 4.65 -43.39
C VAL HA 290 -27.56 3.34 -42.65
N SER HA 291 -28.59 2.59 -43.00
CA SER HA 291 -29.06 1.46 -42.21
C SER HA 291 -28.53 0.14 -42.75
N ARG HA 292 -27.79 0.18 -43.85
CA ARG HA 292 -27.13 -0.96 -44.45
C ARG HA 292 -25.64 -0.83 -44.26
N TRP HA 293 -25.24 -0.56 -43.02
CA TRP HA 293 -23.85 -0.42 -42.64
C TRP HA 293 -23.63 -0.91 -41.22
N ILE IA 27 -37.39 10.18 45.56
CA ILE IA 27 -36.80 8.90 45.20
C ILE IA 27 -35.33 8.91 45.50
N LYS IA 28 -34.72 7.72 45.43
CA LYS IA 28 -33.45 7.48 46.10
C LYS IA 28 -32.30 8.25 45.48
N THR IA 29 -32.57 9.16 44.56
CA THR IA 29 -31.70 10.30 44.35
C THR IA 29 -30.31 9.94 43.83
N LEU IA 30 -30.02 8.64 43.70
CA LEU IA 30 -28.73 8.19 43.17
C LEU IA 30 -28.87 6.85 42.45
N ASP IA 31 -28.01 6.66 41.46
CA ASP IA 31 -28.14 5.53 40.55
C ASP IA 31 -27.68 4.24 41.22
N VAL IA 32 -28.58 3.27 41.25
CA VAL IA 32 -28.26 1.96 41.79
C VAL IA 32 -27.77 1.01 40.72
N ARG IA 33 -27.71 1.43 39.47
CA ARG IA 33 -27.53 0.54 38.35
C ARG IA 33 -26.31 0.97 37.55
N GLU IA 34 -25.51 0.00 37.11
CA GLU IA 34 -24.31 0.26 36.32
C GLU IA 34 -24.73 0.26 34.86
N TYR IA 35 -25.83 0.94 34.59
CA TYR IA 35 -26.56 0.86 33.35
C TYR IA 35 -25.81 1.66 32.29
N ARG IA 36 -25.73 1.14 31.06
CA ARG IA 36 -24.96 1.78 30.01
C ARG IA 36 -25.46 1.48 28.61
N PRO IA 37 -26.77 1.59 28.33
CA PRO IA 37 -27.27 1.17 27.02
C PRO IA 37 -26.80 2.13 25.94
N LEU IA 38 -26.43 1.57 24.79
CA LEU IA 38 -25.53 2.24 23.88
C LEU IA 38 -26.17 2.67 22.57
N ALA IA 39 -27.42 2.30 22.32
CA ALA IA 39 -28.05 2.62 21.04
C ALA IA 39 -28.99 3.79 21.24
N THR IA 40 -28.52 4.98 20.91
CA THR IA 40 -29.30 6.19 21.14
C THR IA 40 -30.09 6.48 19.88
N PRO IA 41 -31.42 6.40 19.93
CA PRO IA 41 -32.22 6.62 18.73
C PRO IA 41 -32.07 8.03 18.20
N ILE IA 42 -31.93 8.13 16.89
CA ILE IA 42 -31.84 9.44 16.26
C ILE IA 42 -32.99 10.33 16.71
N GLU IA 43 -34.13 9.75 17.03
CA GLU IA 43 -35.28 10.51 17.49
C GLU IA 43 -35.08 11.11 18.86
N PHE IA 44 -34.35 10.42 19.74
CA PHE IA 44 -34.14 10.92 21.08
C PHE IA 44 -33.16 12.06 21.10
N ARG IA 45 -32.21 12.04 20.18
CA ARG IA 45 -31.26 13.14 20.06
C ARG IA 45 -31.86 14.33 19.33
N PHE IA 46 -32.25 14.15 18.08
CA PHE IA 46 -32.72 15.26 17.25
C PHE IA 46 -34.23 15.37 17.40
N TYR IA 47 -34.66 15.78 18.59
CA TYR IA 47 -36.09 15.89 18.80
C TYR IA 47 -36.70 17.06 18.06
N GLN IA 48 -35.87 17.93 17.52
CA GLN IA 48 -36.38 19.03 16.75
C GLN IA 48 -36.84 18.61 15.36
N ARG IA 49 -36.72 17.32 15.03
CA ARG IA 49 -36.98 16.83 13.69
C ARG IA 49 -37.95 15.67 13.58
N TYR IA 50 -37.91 14.71 14.50
CA TYR IA 50 -38.80 13.57 14.44
C TYR IA 50 -39.69 13.59 15.66
N ALA IA 51 -40.81 12.89 15.59
CA ALA IA 51 -41.77 12.92 16.68
C ALA IA 51 -42.12 11.49 17.04
N ASN IA 52 -42.06 11.18 18.33
CA ASN IA 52 -42.38 9.84 18.80
C ASN IA 52 -43.66 9.80 19.61
N HIS IA 53 -44.20 10.93 20.00
CA HIS IA 53 -45.57 10.94 20.48
C HIS IA 53 -46.46 10.39 19.37
N PRO IA 54 -47.42 9.52 19.67
CA PRO IA 54 -48.55 9.36 18.76
C PRO IA 54 -49.21 10.70 18.48
N ASN IA 55 -50.03 10.73 17.45
CA ASN IA 55 -50.65 11.95 16.96
C ASN IA 55 -49.67 13.10 16.93
N ARG IA 56 -48.43 12.80 16.59
CA ARG IA 56 -47.50 13.83 16.15
C ARG IA 56 -46.63 13.29 15.03
N GLN IA 57 -46.92 12.08 14.59
CA GLN IA 57 -46.23 11.48 13.48
C GLN IA 57 -46.55 12.16 12.17
N SER IA 58 -47.70 12.81 12.08
CA SER IA 58 -48.04 13.57 10.90
C SER IA 58 -47.01 14.62 10.61
N GLY IA 59 -46.30 15.08 11.63
CA GLY IA 59 -45.13 15.90 11.44
C GLY IA 59 -45.45 17.33 11.11
N ILE IA 60 -44.41 18.02 10.66
CA ILE IA 60 -44.50 19.38 10.17
C ILE IA 60 -44.76 19.31 8.68
N GLN IA 61 -45.97 19.65 8.30
CA GLN IA 61 -46.34 19.81 6.91
C GLN IA 61 -46.70 21.25 6.72
N PHE IA 62 -45.76 22.04 6.25
CA PHE IA 62 -46.06 23.39 5.83
C PHE IA 62 -46.76 23.42 4.49
N LEU IA 63 -46.48 22.43 3.63
CA LEU IA 63 -46.98 22.32 2.26
C LEU IA 63 -48.36 21.66 2.18
N THR IA 64 -49.15 21.72 3.22
CA THR IA 64 -50.55 21.40 3.10
C THR IA 64 -51.31 22.65 2.71
N HIS IA 65 -52.61 22.65 2.92
CA HIS IA 65 -53.37 23.88 2.79
C HIS IA 65 -53.87 24.36 4.14
N TYR IA 66 -53.83 23.49 5.14
CA TYR IA 66 -54.54 23.69 6.39
C TYR IA 66 -54.07 24.96 7.09
N ASN IA 67 -54.84 25.39 8.07
CA ASN IA 67 -54.55 26.64 8.74
C ASN IA 67 -53.37 26.53 9.67
N THR IA 68 -52.63 25.43 9.64
CA THR IA 68 -51.49 25.22 10.50
C THR IA 68 -50.33 24.66 9.71
N HIS IA 69 -49.14 24.74 10.27
CA HIS IA 69 -48.07 23.94 9.72
C HIS IA 69 -47.90 22.65 10.49
N GLN IA 70 -48.30 22.65 11.74
CA GLN IA 70 -48.23 21.45 12.56
C GLN IA 70 -49.43 20.59 12.22
N ARG IA 71 -49.20 19.67 11.29
CA ARG IA 71 -50.21 18.76 10.77
C ARG IA 71 -50.86 17.94 11.87
N PHE IA 72 -50.29 17.88 13.06
CA PHE IA 72 -51.00 17.19 14.12
C PHE IA 72 -51.92 18.11 14.91
N ARG IA 73 -51.92 19.41 14.62
CA ARG IA 73 -52.82 20.35 15.28
C ARG IA 73 -54.00 20.71 14.40
N VAL IA 74 -54.05 20.21 13.18
CA VAL IA 74 -55.15 20.50 12.28
C VAL IA 74 -56.35 19.67 12.70
N ASN IA 75 -57.33 20.31 13.32
CA ASN IA 75 -58.51 19.64 13.83
C ASN IA 75 -59.37 19.05 12.72
N LYS IA 76 -58.90 19.08 11.46
CA LYS IA 76 -59.76 18.86 10.31
C LYS IA 76 -59.80 17.42 9.83
N ASP IA 77 -58.68 16.90 9.32
CA ASP IA 77 -58.69 15.63 8.60
C ASP IA 77 -57.76 14.63 9.27
N TYR IA 78 -58.25 13.99 10.30
CA TYR IA 78 -57.49 12.99 11.03
C TYR IA 78 -57.19 11.87 10.05
N ILE IA 79 -55.95 11.46 9.98
CA ILE IA 79 -55.54 10.52 8.95
C ILE IA 79 -55.74 9.08 9.40
N ASP IA 80 -56.56 8.37 8.66
CA ASP IA 80 -56.57 6.92 8.71
C ASP IA 80 -55.18 6.42 8.37
N TYR IA 81 -54.64 5.54 9.21
CA TYR IA 81 -53.24 5.16 9.08
C TYR IA 81 -53.02 3.81 8.45
N MET IA 82 -53.96 2.88 8.59
CA MET IA 82 -53.75 1.55 8.04
C MET IA 82 -54.08 1.46 6.56
N HIS IA 83 -55.06 2.21 6.07
CA HIS IA 83 -55.56 2.01 4.72
C HIS IA 83 -55.05 3.00 3.70
N TRP IA 84 -54.90 4.26 4.05
CA TRP IA 84 -54.47 5.25 3.08
C TRP IA 84 -53.03 4.99 2.67
N GLY IA 85 -52.57 5.77 1.72
CA GLY IA 85 -51.20 5.68 1.28
C GLY IA 85 -50.99 4.88 0.02
N LYS IA 86 -52.02 4.24 -0.49
CA LYS IA 86 -51.84 3.46 -1.71
C LYS IA 86 -51.49 4.35 -2.88
N GLU IA 87 -51.80 5.63 -2.79
CA GLU IA 87 -51.79 6.52 -3.93
C GLU IA 87 -50.99 7.79 -3.69
N GLN IA 88 -50.55 8.02 -2.46
CA GLN IA 88 -49.98 9.30 -2.08
C GLN IA 88 -48.64 9.16 -1.37
N GLY IA 89 -48.08 7.95 -1.32
CA GLY IA 89 -46.89 7.71 -0.55
C GLY IA 89 -47.23 7.14 0.81
N GLN IA 90 -47.34 8.00 1.82
CA GLN IA 90 -47.72 7.62 3.16
C GLN IA 90 -49.03 8.27 3.54
N ALA IA 91 -49.67 7.69 4.56
CA ALA IA 91 -50.94 8.22 5.05
C ALA IA 91 -50.82 9.60 5.66
N ARG IA 92 -49.60 10.10 5.87
CA ARG IA 92 -49.44 11.50 6.23
C ARG IA 92 -49.81 12.41 5.07
N LEU IA 93 -49.00 12.38 4.01
CA LEU IA 93 -49.04 13.39 2.98
C LEU IA 93 -50.45 13.56 2.43
N PRO IA 94 -50.78 14.75 1.93
CA PRO IA 94 -52.14 14.99 1.45
C PRO IA 94 -52.39 14.20 0.19
N HIS IA 95 -53.65 14.00 -0.12
CA HIS IA 95 -53.98 13.14 -1.23
C HIS IA 95 -53.66 13.84 -2.54
N ARG IA 96 -53.47 13.06 -3.59
CA ARG IA 96 -53.01 13.68 -4.83
C ARG IA 96 -54.10 14.52 -5.47
N HIS IA 97 -55.24 14.68 -4.83
CA HIS IA 97 -56.27 15.60 -5.30
C HIS IA 97 -56.41 16.80 -4.41
N GLN IA 98 -55.44 17.07 -3.55
CA GLN IA 98 -55.46 18.20 -2.64
C GLN IA 98 -54.10 18.81 -2.45
N ARG IA 99 -53.12 18.43 -3.24
CA ARG IA 99 -51.77 18.85 -2.97
C ARG IA 99 -51.59 20.27 -3.47
N VAL IA 100 -50.88 21.08 -2.70
CA VAL IA 100 -50.59 22.45 -3.06
C VAL IA 100 -49.21 22.63 -3.65
N ALA IA 101 -48.39 21.60 -3.69
CA ALA IA 101 -47.08 21.70 -4.32
C ALA IA 101 -46.81 20.48 -5.18
N PHE IA 102 -46.40 20.72 -6.43
CA PHE IA 102 -46.37 19.70 -7.46
C PHE IA 102 -44.95 19.40 -7.89
N ASP IA 103 -44.66 18.12 -8.08
CA ASP IA 103 -43.33 17.70 -8.49
C ASP IA 103 -43.12 18.00 -9.96
N PHE IA 104 -41.95 17.61 -10.47
CA PHE IA 104 -41.68 17.93 -11.86
C PHE IA 104 -42.47 17.03 -12.78
N ASP IA 105 -42.10 15.76 -12.86
CA ASP IA 105 -42.68 14.85 -13.83
C ASP IA 105 -44.04 14.34 -13.42
N ASP IA 106 -44.58 14.86 -12.35
CA ASP IA 106 -45.88 14.49 -11.84
C ASP IA 106 -46.93 15.51 -12.29
N GLN IA 107 -48.00 15.01 -12.91
CA GLN IA 107 -48.99 15.88 -13.51
C GLN IA 107 -49.87 16.55 -12.46
N LEU IA 108 -50.01 17.85 -12.58
CA LEU IA 108 -50.81 18.61 -11.63
C LEU IA 108 -52.29 18.46 -11.97
N HIS IA 109 -53.12 19.19 -11.26
CA HIS IA 109 -54.53 18.86 -11.19
C HIS IA 109 -55.19 18.95 -12.55
N PRO IA 110 -56.28 18.21 -12.75
CA PRO IA 110 -57.08 18.35 -13.96
C PRO IA 110 -58.22 19.34 -13.78
N THR IA 111 -58.51 20.06 -14.86
CA THR IA 111 -59.50 21.13 -14.85
C THR IA 111 -60.90 20.55 -14.94
N ARG IA 112 -61.72 20.80 -13.92
CA ARG IA 112 -63.08 20.32 -13.95
C ARG IA 112 -63.83 20.94 -15.11
N THR IA 113 -64.21 20.12 -16.09
CA THR IA 113 -64.98 20.59 -17.23
C THR IA 113 -66.40 20.93 -16.83
N LEU IA 114 -67.16 21.43 -17.79
CA LEU IA 114 -68.58 21.62 -17.60
C LEU IA 114 -69.25 20.27 -17.35
N ASP IA 115 -70.49 20.32 -16.87
CA ASP IA 115 -71.13 19.11 -16.37
C ASP IA 115 -71.25 18.04 -17.45
N ASN IA 116 -71.87 18.38 -18.58
CA ASN IA 116 -72.23 17.40 -19.60
C ASN IA 116 -71.02 16.71 -20.21
N GLU IA 117 -69.90 17.44 -20.40
CA GLU IA 117 -68.66 16.90 -20.96
C GLU IA 117 -68.91 16.20 -22.29
N GLY IA 118 -69.66 16.86 -23.17
CA GLY IA 118 -69.76 16.45 -24.55
C GLY IA 118 -68.91 17.35 -25.42
N ASP IA 119 -68.81 18.61 -25.00
CA ASP IA 119 -68.11 19.65 -25.75
C ASP IA 119 -66.66 19.83 -25.33
N SER IA 120 -66.18 19.15 -24.29
CA SER IA 120 -64.76 19.30 -23.95
C SER IA 120 -63.88 18.71 -25.05
N TYR IA 121 -64.45 17.84 -25.89
CA TYR IA 121 -63.78 17.36 -27.09
C TYR IA 121 -64.27 18.07 -28.34
N ALA IA 122 -65.42 18.75 -28.27
CA ALA IA 122 -65.92 19.53 -29.39
C ALA IA 122 -65.29 20.91 -29.48
N TRP IA 123 -64.70 21.38 -28.37
CA TRP IA 123 -64.00 22.65 -28.32
C TRP IA 123 -62.53 22.51 -28.65
N CYS IA 124 -62.12 21.32 -29.03
CA CYS IA 124 -60.90 21.08 -29.77
C CYS IA 124 -61.22 20.72 -31.22
N ALA IA 125 -62.43 21.08 -31.68
CA ALA IA 125 -62.74 20.93 -33.10
C ALA IA 125 -61.82 21.81 -33.96
N GLU IA 126 -61.43 22.97 -33.44
CA GLU IA 126 -60.34 23.75 -34.02
C GLU IA 126 -59.04 22.97 -34.07
N GLN IA 127 -58.80 22.10 -33.10
CA GLN IA 127 -57.53 21.40 -33.00
C GLN IA 127 -57.46 20.31 -34.07
N ASP IA 128 -56.36 19.57 -34.06
CA ASP IA 128 -56.21 18.40 -34.93
C ASP IA 128 -57.45 17.52 -34.81
N PRO IA 129 -58.01 17.04 -35.91
CA PRO IA 129 -59.33 16.40 -35.84
C PRO IA 129 -59.43 15.28 -34.84
N THR IA 130 -58.39 14.48 -34.66
CA THR IA 130 -58.48 13.21 -33.98
C THR IA 130 -58.12 13.26 -32.51
N LEU IA 131 -57.97 14.44 -31.93
CA LEU IA 131 -57.45 14.54 -30.58
C LEU IA 131 -58.28 13.71 -29.63
N GLY IA 132 -57.62 13.08 -28.66
CA GLY IA 132 -58.32 12.32 -27.67
C GLY IA 132 -58.80 13.20 -26.55
N PRO IA 133 -59.44 12.60 -25.55
CA PRO IA 133 -59.78 13.37 -24.36
C PRO IA 133 -58.52 13.93 -23.75
N HIS IA 134 -58.63 15.15 -23.26
CA HIS IA 134 -57.47 15.77 -22.66
C HIS IA 134 -57.21 15.12 -21.31
N PRO IA 135 -55.96 14.74 -21.01
CA PRO IA 135 -55.68 14.09 -19.73
C PRO IA 135 -55.78 15.04 -18.56
N ASP IA 136 -55.64 16.34 -18.80
CA ASP IA 136 -55.76 17.36 -17.78
C ASP IA 136 -57.16 17.93 -17.72
N LEU IA 137 -58.17 17.13 -18.07
CA LEU IA 137 -59.57 17.53 -17.95
C LEU IA 137 -60.33 16.45 -17.19
N ASP IA 138 -61.38 16.85 -16.51
CA ASP IA 138 -62.11 15.99 -15.60
C ASP IA 138 -63.54 16.48 -15.50
N ALA IA 139 -64.48 15.55 -15.42
CA ALA IA 139 -65.85 15.96 -15.16
C ALA IA 139 -66.11 16.18 -13.68
N SER IA 140 -65.46 15.43 -12.81
CA SER IA 140 -65.79 15.41 -11.39
C SER IA 140 -64.53 15.51 -10.54
N PHE IA 141 -63.67 16.48 -10.85
CA PHE IA 141 -62.52 16.76 -10.01
C PHE IA 141 -62.92 17.77 -8.95
N ASP IA 142 -63.11 17.29 -7.72
CA ASP IA 142 -63.44 18.16 -6.61
C ASP IA 142 -62.36 18.06 -5.54
N PRO IA 143 -61.59 19.11 -5.29
CA PRO IA 143 -60.54 19.01 -4.28
C PRO IA 143 -61.02 19.22 -2.86
N ASN IA 144 -62.32 19.38 -2.65
CA ASN IA 144 -62.88 19.25 -1.32
C ASN IA 144 -63.50 17.89 -1.10
N ARG IA 145 -63.27 16.97 -2.02
CA ARG IA 145 -63.73 15.60 -1.84
C ARG IA 145 -63.01 14.99 -0.66
N ARG IA 146 -63.74 14.72 0.41
CA ARG IA 146 -63.13 14.06 1.56
C ARG IA 146 -62.96 12.58 1.25
N VAL IA 147 -61.72 12.12 1.23
CA VAL IA 147 -61.44 10.70 1.12
C VAL IA 147 -61.81 10.03 2.43
N PHE IA 148 -62.20 8.75 2.35
CA PHE IA 148 -62.72 8.06 3.50
C PHE IA 148 -61.62 7.77 4.52
N SER IA 149 -61.87 8.16 5.77
CA SER IA 149 -61.00 7.84 6.88
C SER IA 149 -61.71 6.85 7.78
N HIS IA 150 -60.95 5.95 8.39
CA HIS IA 150 -61.56 5.02 9.32
C HIS IA 150 -61.75 5.61 10.72
N PRO IA 151 -60.84 6.45 11.21
CA PRO IA 151 -61.12 7.12 12.47
C PRO IA 151 -62.12 8.25 12.36
N GLU IA 152 -62.12 9.01 11.26
CA GLU IA 152 -63.09 10.11 11.09
C GLU IA 152 -64.51 9.59 11.01
N HIS IA 153 -64.76 8.63 10.14
CA HIS IA 153 -66.10 8.19 9.81
C HIS IA 153 -66.48 6.84 10.40
N TRP IA 154 -65.52 6.08 10.90
CA TRP IA 154 -65.81 4.79 11.48
C TRP IA 154 -65.07 4.61 12.77
N ASN IA 155 -65.20 5.58 13.67
CA ASN IA 155 -64.46 5.58 14.91
C ASN IA 155 -64.91 4.41 15.76
N LYS IA 156 -64.11 3.34 15.78
CA LYS IA 156 -64.47 2.13 16.52
C LYS IA 156 -64.03 2.19 17.95
N MET IA 157 -63.69 3.38 18.46
CA MET IA 157 -63.06 3.47 19.76
C MET IA 157 -63.99 3.00 20.88
N PHE IA 158 -65.27 3.34 20.81
CA PHE IA 158 -66.10 3.21 22.00
C PHE IA 158 -66.83 1.88 22.08
N SER IA 159 -66.25 0.82 21.53
CA SER IA 159 -66.90 -0.47 21.54
C SER IA 159 -65.82 -1.54 21.64
N LYS IA 160 -66.25 -2.79 21.58
CA LYS IA 160 -65.35 -3.92 21.64
C LYS IA 160 -64.55 -4.08 20.35
N ARG IA 161 -64.80 -3.22 19.36
CA ARG IA 161 -64.30 -3.39 18.01
C ARG IA 161 -64.82 -4.67 17.37
N ARG IA 162 -65.82 -5.30 17.99
CA ARG IA 162 -66.42 -6.48 17.39
C ARG IA 162 -66.95 -6.12 16.01
N PRO IA 163 -66.72 -6.97 15.03
CA PRO IA 163 -66.92 -6.63 13.62
C PRO IA 163 -68.17 -5.84 13.24
N GLY IA 164 -69.18 -5.81 14.10
CA GLY IA 164 -70.40 -5.12 13.75
C GLY IA 164 -70.52 -3.71 14.27
N GLU IA 165 -69.79 -3.40 15.33
CA GLU IA 165 -69.90 -2.10 16.00
C GLU IA 165 -69.13 -1.03 15.24
N GLY IA 166 -69.41 0.22 15.58
CA GLY IA 166 -68.74 1.36 14.99
C GLY IA 166 -69.70 2.45 14.57
N ARG IA 167 -69.36 3.70 14.85
CA ARG IA 167 -70.19 4.83 14.44
C ARG IA 167 -69.89 5.15 12.98
N ILE IA 168 -70.38 4.31 12.09
CA ILE IA 168 -70.21 4.49 10.65
C ILE IA 168 -70.95 5.76 10.28
N ASP IA 169 -70.23 6.76 9.79
CA ASP IA 169 -70.83 8.01 9.36
C ASP IA 169 -70.88 8.09 7.85
N LEU IA 170 -72.11 8.18 7.33
CA LEU IA 170 -72.42 8.10 5.91
C LEU IA 170 -72.55 9.50 5.33
N ARG IA 171 -71.74 10.43 5.83
CA ARG IA 171 -71.74 11.82 5.44
C ARG IA 171 -70.77 12.09 4.29
N VAL IA 172 -69.89 11.14 3.99
CA VAL IA 172 -68.77 11.37 3.10
C VAL IA 172 -68.92 10.63 1.78
N LEU IA 173 -69.28 9.42 1.84
CA LEU IA 173 -69.17 8.70 0.59
C LEU IA 173 -70.41 8.91 -0.26
N PRO IA 174 -70.24 9.07 -1.56
CA PRO IA 174 -71.40 9.07 -2.45
C PRO IA 174 -72.07 7.72 -2.42
N SER IA 175 -73.36 7.73 -2.08
CA SER IA 175 -74.11 6.50 -1.90
C SER IA 175 -74.04 5.62 -3.15
N GLN IA 176 -74.03 4.31 -2.93
CA GLN IA 176 -74.14 3.35 -4.03
C GLN IA 176 -75.55 2.81 -4.19
N SER IA 177 -76.49 3.21 -3.34
CA SER IA 177 -77.81 2.62 -3.37
C SER IA 177 -78.51 2.94 -4.68
N LEU IA 178 -79.34 1.99 -5.11
CA LEU IA 178 -80.36 2.28 -6.12
C LEU IA 178 -81.48 3.12 -5.55
N LEU IA 179 -81.51 3.27 -4.23
CA LEU IA 179 -82.45 4.19 -3.62
C LEU IA 179 -82.48 5.51 -4.35
N GLY IA 180 -81.34 6.16 -4.49
CA GLY IA 180 -81.29 7.46 -5.09
C GLY IA 180 -81.75 7.44 -6.53
N PRO IA 181 -80.92 6.94 -7.43
CA PRO IA 181 -81.28 6.96 -8.85
C PRO IA 181 -82.63 6.37 -9.17
N LEU IA 182 -83.22 5.53 -8.32
CA LEU IA 182 -84.60 5.13 -8.50
C LEU IA 182 -85.57 6.24 -8.14
N MET IA 183 -85.49 6.74 -6.91
CA MET IA 183 -86.52 7.66 -6.46
C MET IA 183 -86.34 9.05 -7.04
N GLU IA 184 -85.10 9.54 -7.12
CA GLU IA 184 -84.81 10.85 -7.68
C GLU IA 184 -84.66 10.73 -9.20
N GLN IA 185 -85.67 10.11 -9.79
CA GLN IA 185 -85.89 10.13 -11.23
C GLN IA 185 -87.17 10.90 -11.47
N SER IA 186 -87.19 11.70 -12.53
CA SER IA 186 -88.29 12.64 -12.66
C SER IA 186 -88.83 12.57 -14.07
N ASP IA 187 -90.15 12.70 -14.17
CA ASP IA 187 -90.79 12.76 -15.48
C ASP IA 187 -90.38 14.02 -16.23
N THR IA 188 -90.01 15.07 -15.52
CA THR IA 188 -89.35 16.19 -16.16
C THR IA 188 -87.96 15.78 -16.60
N GLN IA 189 -87.18 16.77 -17.00
CA GLN IA 189 -85.83 16.50 -17.45
C GLN IA 189 -84.86 16.84 -16.33
N GLY IA 190 -83.58 16.92 -16.67
CA GLY IA 190 -82.57 17.29 -15.71
C GLY IA 190 -82.29 18.77 -15.73
N ALA IA 191 -81.61 19.21 -14.67
CA ALA IA 191 -81.28 20.61 -14.54
C ALA IA 191 -80.43 21.11 -15.71
N ALA IA 192 -79.62 20.25 -16.30
CA ALA IA 192 -78.84 20.63 -17.46
C ALA IA 192 -79.71 21.02 -18.63
N TYR IA 193 -80.92 20.46 -18.72
CA TYR IA 193 -81.87 20.91 -19.72
C TYR IA 193 -82.67 22.09 -19.22
N PHE IA 194 -83.20 21.98 -18.02
CA PHE IA 194 -83.98 23.08 -17.46
C PHE IA 194 -83.23 24.40 -17.50
N ARG IA 195 -81.92 24.36 -17.68
CA ARG IA 195 -81.09 25.56 -17.71
C ARG IA 195 -81.22 26.35 -16.41
N TYR IA 196 -81.61 25.62 -15.38
CA TYR IA 196 -81.45 25.97 -13.99
C TYR IA 196 -80.26 26.86 -13.70
N ASP IA 197 -79.07 26.44 -14.11
CA ASP IA 197 -77.83 27.00 -13.60
C ASP IA 197 -77.51 28.34 -14.25
N ASN IA 198 -77.47 29.36 -13.42
CA ASN IA 198 -76.84 30.63 -13.74
C ASN IA 198 -75.33 30.46 -13.71
N ARG IA 199 -74.63 31.58 -13.86
CA ARG IA 199 -73.23 31.70 -13.48
C ARG IA 199 -72.26 30.90 -14.33
N GLY IA 200 -72.77 29.97 -15.13
CA GLY IA 200 -71.91 29.18 -16.00
C GLY IA 200 -70.65 28.67 -15.37
N HIS IA 201 -69.52 29.14 -15.86
CA HIS IA 201 -68.24 28.82 -15.27
C HIS IA 201 -67.74 29.96 -14.42
N SER IA 202 -67.12 29.63 -13.30
CA SER IA 202 -66.73 30.66 -12.34
C SER IA 202 -65.79 31.70 -12.95
N ASN IA 203 -64.83 31.29 -13.77
CA ASN IA 203 -63.95 32.23 -14.42
C ASN IA 203 -64.59 32.89 -15.62
N GLY IA 204 -65.87 32.83 -15.75
CA GLY IA 204 -66.49 33.42 -16.93
C GLY IA 204 -66.18 32.60 -18.16
N ARG IA 205 -65.30 33.12 -19.00
CA ARG IA 205 -65.16 32.62 -20.37
C ARG IA 205 -63.80 31.94 -20.53
N VAL IA 206 -63.74 30.66 -20.23
CA VAL IA 206 -62.51 29.87 -20.24
C VAL IA 206 -62.38 29.22 -21.60
N PRO IA 207 -61.22 29.25 -22.25
CA PRO IA 207 -61.10 28.78 -23.63
C PRO IA 207 -61.17 27.27 -23.83
N GLY IA 208 -61.37 26.46 -22.82
CA GLY IA 208 -61.43 25.05 -23.10
C GLY IA 208 -62.80 24.49 -22.85
N LEU IA 209 -63.52 25.11 -21.92
CA LEU IA 209 -64.80 24.62 -21.48
C LEU IA 209 -65.98 25.41 -22.01
N ASN IA 210 -65.87 26.72 -22.02
CA ASN IA 210 -66.95 27.55 -22.56
C ASN IA 210 -66.77 27.85 -24.02
N THR IA 211 -65.68 28.49 -24.40
CA THR IA 211 -65.42 28.86 -25.77
C THR IA 211 -64.35 27.98 -26.35
N PRO IA 212 -64.21 27.92 -27.66
CA PRO IA 212 -63.25 27.01 -28.26
C PRO IA 212 -61.82 27.39 -27.97
N PHE IA 213 -61.02 26.36 -27.76
CA PHE IA 213 -59.58 26.48 -27.53
C PHE IA 213 -58.90 26.60 -28.87
N PHE IA 214 -58.28 27.73 -29.12
CA PHE IA 214 -57.44 27.88 -30.29
C PHE IA 214 -56.00 27.74 -29.84
N GLY IA 215 -55.12 27.39 -30.76
CA GLY IA 215 -53.73 27.31 -30.42
C GLY IA 215 -53.35 25.94 -29.90
N GLU IA 216 -52.25 25.91 -29.16
CA GLU IA 216 -51.71 24.67 -28.61
C GLU IA 216 -52.08 24.53 -27.14
N PHE IA 217 -52.01 23.29 -26.67
CA PHE IA 217 -52.17 22.99 -25.26
C PHE IA 217 -50.81 23.15 -24.60
N ASP IA 218 -50.82 23.41 -23.29
CA ASP IA 218 -49.58 23.58 -22.53
C ASP IA 218 -49.65 22.70 -21.30
N ARG IA 219 -49.30 21.43 -21.46
CA ARG IA 219 -49.40 20.52 -20.33
C ARG IA 219 -48.30 20.74 -19.31
N LYS IA 220 -47.30 21.55 -19.62
CA LYS IA 220 -46.42 22.07 -18.61
C LYS IA 220 -46.96 23.42 -18.14
N MET IA 221 -46.12 24.23 -17.53
CA MET IA 221 -46.50 25.60 -17.23
C MET IA 221 -45.55 26.59 -17.86
N MET IA 222 -45.03 26.24 -19.03
CA MET IA 222 -43.94 27.00 -19.61
C MET IA 222 -44.35 28.40 -19.99
N GLN IA 223 -45.63 28.65 -20.17
CA GLN IA 223 -46.09 30.01 -20.37
C GLN IA 223 -46.76 30.58 -19.14
N ALA IA 224 -47.27 29.74 -18.26
CA ALA IA 224 -47.91 30.29 -17.07
C ALA IA 224 -46.88 30.92 -16.16
N MET IA 225 -45.70 30.35 -16.07
CA MET IA 225 -44.68 30.88 -15.16
C MET IA 225 -43.76 31.81 -15.96
N SER IA 226 -44.34 32.85 -16.53
CA SER IA 226 -43.62 33.70 -17.45
C SER IA 226 -43.61 35.12 -16.94
N ARG IA 227 -42.47 35.72 -16.99
CA ARG IA 227 -42.14 36.98 -16.39
C ARG IA 227 -42.23 38.09 -17.41
N PRO IA 228 -42.91 39.19 -17.11
CA PRO IA 228 -43.11 40.25 -18.11
C PRO IA 228 -41.84 41.03 -18.34
N LEU IA 229 -41.33 40.99 -19.55
CA LEU IA 229 -40.18 41.79 -19.92
C LEU IA 229 -40.56 43.15 -20.45
N ASN IA 230 -41.84 43.49 -20.40
CA ASN IA 230 -42.33 44.74 -20.95
C ASN IA 230 -43.20 45.43 -19.91
N ALA IA 231 -43.22 46.76 -19.97
CA ALA IA 231 -44.05 47.48 -19.03
C ALA IA 231 -45.52 47.29 -19.32
N ASP IA 232 -45.88 47.14 -20.58
CA ASP IA 232 -47.23 46.80 -20.97
C ASP IA 232 -47.49 45.32 -20.97
N ARG IA 233 -46.46 44.52 -20.72
CA ARG IA 233 -46.55 43.06 -20.63
C ARG IA 233 -46.92 42.44 -21.97
N THR IA 234 -46.58 43.11 -23.06
CA THR IA 234 -46.76 42.52 -24.38
C THR IA 234 -45.76 41.42 -24.64
N ILE IA 235 -44.72 41.31 -23.84
CA ILE IA 235 -43.76 40.23 -23.94
C ILE IA 235 -43.69 39.57 -22.58
N THR IA 236 -43.44 38.28 -22.55
CA THR IA 236 -43.19 37.58 -21.31
C THR IA 236 -41.99 36.67 -21.53
N GLY IA 237 -41.28 36.37 -20.46
CA GLY IA 237 -40.02 35.68 -20.57
C GLY IA 237 -40.02 34.45 -19.70
N ASN IA 238 -39.16 33.51 -20.02
CA ASN IA 238 -39.05 32.27 -19.29
C ASN IA 238 -37.66 31.70 -19.57
N ASP IA 239 -36.71 31.98 -18.69
CA ASP IA 239 -35.34 31.53 -18.88
C ASP IA 239 -35.06 30.33 -18.02
N GLY IA 240 -34.38 29.36 -18.57
CA GLY IA 240 -33.83 28.28 -17.80
C GLY IA 240 -32.49 28.69 -17.24
N ARG IA 241 -31.50 27.86 -17.48
CA ARG IA 241 -30.13 28.27 -17.21
C ARG IA 241 -29.42 28.68 -18.47
N PHE IA 242 -29.40 27.82 -19.46
CA PHE IA 242 -28.70 28.13 -20.70
C PHE IA 242 -29.65 28.42 -21.85
N SER IA 243 -30.95 28.51 -21.59
CA SER IA 243 -31.93 28.80 -22.63
C SER IA 243 -32.75 30.00 -22.21
N LYS IA 244 -33.45 30.59 -23.17
CA LYS IA 244 -34.33 31.73 -22.91
C LYS IA 244 -35.53 31.66 -23.83
N THR IA 245 -36.73 31.67 -23.26
CA THR IA 245 -37.96 31.52 -24.02
C THR IA 245 -38.71 32.84 -23.97
N ILE IA 246 -38.92 33.45 -25.12
CA ILE IA 246 -39.51 34.77 -25.21
C ILE IA 246 -40.87 34.63 -25.88
N MET IA 247 -41.92 34.79 -25.09
CA MET IA 247 -43.25 34.52 -25.56
C MET IA 247 -44.00 35.82 -25.73
N ILE IA 248 -44.25 36.19 -26.98
CA ILE IA 248 -45.14 37.29 -27.26
C ILE IA 248 -46.48 37.03 -26.62
N ASN IA 249 -46.90 37.90 -25.72
CA ASN IA 249 -48.18 37.76 -25.05
C ASN IA 249 -49.05 38.88 -25.59
N GLU IA 250 -49.86 38.59 -26.59
CA GLU IA 250 -50.69 39.61 -27.23
C GLU IA 250 -51.80 38.94 -28.02
N PRO IA 251 -52.69 38.22 -27.35
CA PRO IA 251 -53.75 37.53 -28.08
C PRO IA 251 -54.98 38.37 -28.33
N LYS IA 252 -55.18 39.44 -27.57
CA LYS IA 252 -56.39 40.22 -27.77
C LYS IA 252 -56.37 40.90 -29.11
N THR IA 253 -55.21 41.09 -29.71
CA THR IA 253 -55.11 41.63 -31.05
C THR IA 253 -54.50 40.63 -32.02
N HIS IA 254 -54.61 39.33 -31.72
CA HIS IA 254 -54.09 38.28 -32.58
C HIS IA 254 -52.60 38.46 -32.85
N GLN IA 255 -51.86 38.76 -31.80
CA GLN IA 255 -50.41 38.85 -31.85
C GLN IA 255 -49.94 39.91 -32.82
N ALA IA 256 -50.85 40.73 -33.32
CA ALA IA 256 -50.48 41.79 -34.23
C ALA IA 256 -49.70 42.82 -33.46
N LEU IA 257 -48.40 42.89 -33.68
CA LEU IA 257 -47.56 43.74 -32.85
C LEU IA 257 -47.75 45.20 -33.20
N SER IA 258 -47.98 46.02 -32.18
CA SER IA 258 -48.00 47.44 -32.40
C SER IA 258 -46.59 47.94 -32.67
N GLY IA 259 -46.47 49.21 -33.03
CA GLY IA 259 -45.15 49.75 -33.24
C GLY IA 259 -44.32 49.72 -31.98
N LYS IA 260 -44.91 50.14 -30.87
CA LYS IA 260 -44.19 50.13 -29.60
C LYS IA 260 -43.80 48.72 -29.20
N THR IA 261 -44.71 47.76 -29.35
CA THR IA 261 -44.38 46.41 -28.95
C THR IA 261 -43.28 45.85 -29.81
N ALA IA 262 -43.26 46.16 -31.10
CA ALA IA 262 -42.14 45.67 -31.87
C ALA IA 262 -40.85 46.36 -31.48
N SER IA 263 -40.92 47.61 -31.03
CA SER IA 263 -39.68 48.24 -30.56
C SER IA 263 -39.19 47.60 -29.26
N GLU IA 264 -40.11 47.19 -28.40
CA GLU IA 264 -39.69 46.49 -27.19
C GLU IA 264 -39.20 45.10 -27.52
N LEU IA 265 -39.79 44.45 -28.51
CA LEU IA 265 -39.41 43.09 -28.84
C LEU IA 265 -38.08 43.05 -29.55
N SER IA 266 -37.82 44.02 -30.41
CA SER IA 266 -36.51 44.09 -31.02
C SER IA 266 -35.41 44.16 -29.99
N VAL IA 267 -35.72 44.57 -28.77
CA VAL IA 267 -34.73 44.72 -27.75
C VAL IA 267 -34.74 43.55 -26.78
N GLU IA 268 -35.89 42.98 -26.47
CA GLU IA 268 -35.88 41.80 -25.63
C GLU IA 268 -35.34 40.57 -26.36
N ILE IA 269 -35.57 40.48 -27.67
CA ILE IA 269 -34.98 39.41 -28.46
C ILE IA 269 -33.47 39.50 -28.42
N ASP IA 270 -32.90 40.68 -28.62
CA ASP IA 270 -31.45 40.70 -28.61
C ASP IA 270 -30.89 40.87 -27.22
N LYS IA 271 -31.68 41.33 -26.26
CA LYS IA 271 -31.27 41.27 -24.87
C LYS IA 271 -31.11 39.84 -24.43
N ALA IA 272 -31.92 38.93 -24.96
CA ALA IA 272 -31.71 37.51 -24.66
C ALA IA 272 -30.66 36.89 -25.56
N THR IA 273 -30.62 37.23 -26.85
CA THR IA 273 -29.60 36.65 -27.71
C THR IA 273 -28.29 37.41 -27.61
N ASN IA 274 -28.10 38.17 -26.55
CA ASN IA 274 -26.79 38.66 -26.22
C ASN IA 274 -26.34 38.28 -24.82
N ALA IA 275 -27.22 37.69 -24.02
CA ALA IA 275 -26.81 37.23 -22.72
C ALA IA 275 -25.79 36.12 -22.85
N VAL IA 276 -25.03 35.90 -21.79
CA VAL IA 276 -23.92 34.96 -21.89
C VAL IA 276 -24.37 33.55 -21.65
N HIS IA 277 -25.39 33.33 -20.81
CA HIS IA 277 -25.92 32.00 -20.60
C HIS IA 277 -27.10 31.71 -21.50
N SER IA 278 -27.09 32.23 -22.70
CA SER IA 278 -28.12 31.90 -23.66
C SER IA 278 -27.49 30.97 -24.66
N LYS IA 279 -27.89 29.70 -24.62
CA LYS IA 279 -27.50 28.80 -25.69
C LYS IA 279 -28.52 28.81 -26.79
N LEU IA 280 -29.80 28.77 -26.44
CA LEU IA 280 -30.86 28.82 -27.42
C LEU IA 280 -31.94 29.75 -26.92
N THR IA 281 -32.57 30.46 -27.85
CA THR IA 281 -33.65 31.37 -27.54
C THR IA 281 -34.91 30.90 -28.25
N VAL IA 282 -35.76 30.20 -27.53
CA VAL IA 282 -37.03 29.74 -28.07
C VAL IA 282 -37.95 30.93 -28.09
N LEU IA 283 -38.13 31.50 -29.25
CA LEU IA 283 -39.05 32.63 -29.40
C LEU IA 283 -40.37 32.08 -29.88
N GLU IA 284 -41.47 32.52 -29.29
CA GLU IA 284 -42.73 31.93 -29.67
C GLU IA 284 -43.88 32.83 -29.25
N ALA IA 285 -45.08 32.30 -29.37
CA ALA IA 285 -46.29 33.03 -29.04
C ALA IA 285 -46.93 32.34 -27.86
N ALA IA 286 -47.30 33.10 -26.85
CA ALA IA 286 -48.02 32.52 -25.74
C ALA IA 286 -49.48 32.80 -25.99
N GLN IA 287 -50.10 31.98 -26.82
CA GLN IA 287 -51.52 32.00 -27.07
C GLN IA 287 -52.18 31.24 -25.95
N SER IA 288 -52.85 31.96 -25.05
CA SER IA 288 -53.33 31.38 -23.81
C SER IA 288 -54.54 30.51 -24.02
N GLY IA 289 -54.74 30.03 -25.24
CA GLY IA 289 -55.99 29.44 -25.64
C GLY IA 289 -56.90 30.42 -26.33
N LEU IA 290 -56.40 31.60 -26.65
CA LEU IA 290 -57.24 32.64 -27.19
C LEU IA 290 -56.94 32.96 -28.63
N THR IA 291 -55.86 32.42 -29.17
CA THR IA 291 -55.56 32.66 -30.56
C THR IA 291 -54.80 31.47 -31.10
N ASN IA 292 -54.77 31.34 -32.42
CA ASN IA 292 -53.97 30.35 -33.11
C ASN IA 292 -52.82 30.99 -33.87
N TYR IA 293 -52.51 32.22 -33.53
CA TYR IA 293 -51.58 33.04 -34.27
C TYR IA 293 -50.24 33.05 -33.57
N TYR IA 294 -49.17 33.04 -34.34
CA TYR IA 294 -47.85 33.19 -33.74
C TYR IA 294 -47.51 34.65 -33.59
N CYS IA 295 -47.38 35.36 -34.70
CA CYS IA 295 -47.12 36.80 -34.63
C CYS IA 295 -47.80 37.46 -35.82
N GLY IA 296 -49.03 37.94 -35.62
CA GLY IA 296 -49.71 38.66 -36.66
C GLY IA 296 -48.89 39.81 -37.21
N GLY IA 297 -49.40 40.42 -38.25
CA GLY IA 297 -48.62 41.44 -38.92
C GLY IA 297 -48.53 42.70 -38.11
N LEU IA 298 -48.30 43.82 -38.76
CA LEU IA 298 -48.51 45.09 -38.07
C LEU IA 298 -49.97 45.13 -37.67
N ASN IA 299 -50.29 45.88 -36.62
CA ASN IA 299 -51.69 45.96 -36.26
C ASN IA 299 -52.35 46.86 -37.28
N PHE IA 300 -52.72 46.27 -38.42
CA PHE IA 300 -53.24 47.11 -39.51
C PHE IA 300 -54.46 47.88 -39.09
N GLU IA 301 -55.15 47.43 -38.06
CA GLU IA 301 -56.18 48.26 -37.48
C GLU IA 301 -55.60 49.56 -36.95
N MET IA 302 -54.48 49.48 -36.23
CA MET IA 302 -53.88 50.70 -35.70
C MET IA 302 -53.37 51.59 -36.81
N LEU IA 303 -52.76 51.00 -37.83
CA LEU IA 303 -52.28 51.82 -38.94
C LEU IA 303 -53.44 52.51 -39.65
N GLY IA 304 -54.53 51.79 -39.89
CA GLY IA 304 -55.71 52.43 -40.40
C GLY IA 304 -56.26 53.52 -39.50
N PHE IA 305 -56.26 53.32 -38.20
CA PHE IA 305 -56.74 54.35 -37.30
C PHE IA 305 -55.90 55.60 -37.39
N ASP IA 306 -54.60 55.46 -37.23
CA ASP IA 306 -53.73 56.61 -37.30
C ASP IA 306 -53.81 57.27 -38.66
N LEU IA 307 -53.91 56.52 -39.74
CA LEU IA 307 -53.96 57.16 -41.04
C LEU IA 307 -55.27 57.90 -41.24
N HIS IA 308 -56.37 57.30 -40.82
CA HIS IA 308 -57.64 57.97 -40.97
C HIS IA 308 -57.68 59.24 -40.15
N MET IA 309 -57.09 59.22 -38.95
CA MET IA 309 -57.07 60.46 -38.16
C MET IA 309 -56.19 61.51 -38.83
N ALA IA 310 -55.06 61.11 -39.40
CA ALA IA 310 -54.26 62.07 -40.14
C ALA IA 310 -55.05 62.71 -41.28
N GLU IA 311 -55.84 61.91 -41.98
CA GLU IA 311 -56.62 62.49 -43.08
C GLU IA 311 -57.83 63.27 -42.58
N MET IA 312 -58.44 62.85 -41.47
CA MET IA 312 -59.50 63.64 -40.88
C MET IA 312 -58.99 65.02 -40.49
N LEU IA 313 -57.76 65.09 -40.02
CA LEU IA 313 -57.23 66.40 -39.69
C LEU IA 313 -56.83 67.17 -40.93
N ARG IA 314 -56.25 66.53 -41.93
CA ARG IA 314 -56.00 67.24 -43.18
C ARG IA 314 -57.30 67.81 -43.73
N GLU IA 315 -58.40 67.11 -43.54
CA GLU IA 315 -59.67 67.59 -44.07
C GLU IA 315 -60.27 68.69 -43.22
N LYS IA 316 -60.25 68.58 -41.89
CA LYS IA 316 -60.67 69.70 -41.06
C LYS IA 316 -59.77 70.91 -41.27
N ALA IA 317 -58.59 70.70 -41.84
CA ALA IA 317 -57.71 71.82 -42.13
C ALA IA 317 -58.06 72.46 -43.47
N ARG IA 318 -58.24 71.66 -44.51
CA ARG IA 318 -58.61 72.27 -45.79
C ARG IA 318 -60.07 72.69 -45.82
N ALA IA 319 -60.87 72.29 -44.83
CA ALA IA 319 -62.20 72.84 -44.67
C ALA IA 319 -62.18 74.23 -44.06
N ILE IA 320 -61.02 74.85 -43.99
CA ILE IA 320 -60.91 76.25 -43.62
C ILE IA 320 -60.20 77.07 -44.68
N LEU IA 321 -59.28 76.49 -45.42
CA LEU IA 321 -58.26 77.27 -46.12
C LEU IA 321 -58.69 77.65 -47.54
N ASN IA 322 -58.41 78.89 -47.90
CA ASN IA 322 -58.40 79.34 -49.28
C ASN IA 322 -56.94 79.53 -49.67
N GLY IA 323 -56.41 78.63 -50.50
CA GLY IA 323 -55.00 78.59 -50.77
C GLY IA 323 -54.17 77.57 -50.01
N VAL IA 324 -54.54 76.28 -50.12
CA VAL IA 324 -53.58 75.22 -49.81
C VAL IA 324 -52.55 75.09 -50.93
N ALA IA 325 -52.99 75.13 -52.18
CA ALA IA 325 -52.11 74.95 -53.34
C ALA IA 325 -51.76 76.28 -54.01
N SER IA 326 -51.58 77.34 -53.23
CA SER IA 326 -51.18 78.63 -53.81
C SER IA 326 -49.69 78.69 -54.13
N VAL IA 327 -48.98 77.56 -54.07
CA VAL IA 327 -47.54 77.54 -54.30
C VAL IA 327 -47.24 76.89 -55.66
N SER IA 328 -45.98 77.02 -56.09
CA SER IA 328 -45.58 76.60 -57.43
C SER IA 328 -44.67 75.37 -57.44
N SER IA 329 -43.76 75.26 -56.48
CA SER IA 329 -42.95 74.05 -56.35
C SER IA 329 -43.74 72.94 -55.66
N THR IA 330 -43.24 71.71 -55.76
CA THR IA 330 -43.99 70.52 -55.35
C THR IA 330 -43.43 69.84 -54.11
N SER IA 331 -42.14 70.05 -53.79
CA SER IA 331 -41.58 69.47 -52.58
C SER IA 331 -42.28 69.96 -51.31
N VAL IA 332 -43.01 71.07 -51.40
CA VAL IA 332 -43.78 71.56 -50.27
C VAL IA 332 -44.87 70.57 -49.91
N MET IA 333 -44.87 70.14 -48.65
CA MET IA 333 -45.87 69.22 -48.12
C MET IA 333 -46.88 69.98 -47.27
N VAL IA 334 -47.68 69.23 -46.52
CA VAL IA 334 -48.96 69.73 -46.05
C VAL IA 334 -48.83 70.95 -45.13
N THR IA 335 -47.89 70.96 -44.18
CA THR IA 335 -47.84 72.00 -43.18
C THR IA 335 -47.08 73.21 -43.69
N THR IA 336 -47.08 74.27 -42.88
CA THR IA 336 -46.45 75.55 -43.22
C THR IA 336 -46.87 76.02 -44.62
N THR IA 337 -48.13 75.71 -44.94
CA THR IA 337 -48.80 76.26 -46.11
C THR IA 337 -49.15 77.71 -45.80
N SER IA 338 -48.29 78.63 -46.23
CA SER IA 338 -48.35 80.02 -45.82
C SER IA 338 -49.67 80.64 -46.26
N VAL IA 339 -50.30 81.39 -45.37
CA VAL IA 339 -51.59 82.03 -45.63
C VAL IA 339 -51.45 83.52 -45.37
N PRO IA 340 -52.08 84.38 -46.14
CA PRO IA 340 -52.16 85.79 -45.77
C PRO IA 340 -53.19 86.07 -44.66
N THR IA 341 -53.63 85.01 -43.95
CA THR IA 341 -54.54 85.12 -42.82
C THR IA 341 -53.89 84.51 -41.59
N LYS IA 342 -53.86 85.26 -40.48
CA LYS IA 342 -53.25 84.72 -39.26
C LYS IA 342 -54.27 84.28 -38.22
N ALA IA 343 -55.57 84.41 -38.50
CA ALA IA 343 -56.55 83.66 -37.74
C ALA IA 343 -56.77 82.27 -38.32
N GLN IA 344 -56.23 82.04 -39.52
CA GLN IA 344 -56.32 80.74 -40.16
C GLN IA 344 -54.98 80.04 -40.20
N GLU IA 345 -53.89 80.79 -40.35
CA GLU IA 345 -52.59 80.20 -40.11
C GLU IA 345 -52.54 79.54 -38.75
N ARG IA 346 -53.04 80.24 -37.74
CA ARG IA 346 -52.93 79.83 -36.36
C ARG IA 346 -53.68 78.54 -36.08
N GLU IA 347 -54.67 78.20 -36.91
CA GLU IA 347 -55.41 76.97 -36.68
C GLU IA 347 -54.99 75.87 -37.63
N VAL IA 348 -54.77 76.19 -38.89
CA VAL IA 348 -54.40 75.16 -39.83
C VAL IA 348 -53.01 74.63 -39.53
N GLY IA 349 -52.11 75.45 -38.98
CA GLY IA 349 -50.81 74.92 -38.66
C GLY IA 349 -50.85 73.80 -37.65
N GLN IA 350 -51.67 73.95 -36.63
CA GLN IA 350 -51.87 72.90 -35.65
C GLN IA 350 -52.39 71.62 -36.28
N LEU IA 351 -53.41 71.71 -37.12
CA LEU IA 351 -53.95 70.53 -37.75
C LEU IA 351 -52.93 69.85 -38.64
N LEU IA 352 -52.20 70.62 -39.42
CA LEU IA 352 -51.24 69.99 -40.30
C LEU IA 352 -50.10 69.36 -39.51
N ARG IA 353 -49.70 69.96 -38.39
CA ARG IA 353 -48.67 69.32 -37.60
C ARG IA 353 -49.17 68.01 -37.00
N ASP IA 354 -50.38 67.99 -36.47
CA ASP IA 354 -50.88 66.72 -35.97
C ASP IA 354 -51.07 65.67 -37.07
N ALA IA 355 -51.41 66.10 -38.28
CA ALA IA 355 -51.39 65.17 -39.40
C ALA IA 355 -50.00 64.58 -39.59
N LEU IA 356 -48.97 65.42 -39.61
CA LEU IA 356 -47.63 64.90 -39.73
C LEU IA 356 -47.34 63.91 -38.60
N ARG IA 357 -47.87 64.16 -37.42
CA ARG IA 357 -47.57 63.29 -36.29
C ARG IA 357 -48.24 61.93 -36.42
N TYR IA 358 -49.50 61.87 -36.83
CA TYR IA 358 -50.08 60.54 -37.00
C TYR IA 358 -49.42 59.80 -38.15
N GLU IA 359 -49.08 60.49 -39.23
CA GLU IA 359 -48.34 59.80 -40.27
C GLU IA 359 -47.00 59.26 -39.76
N ASP IA 360 -46.33 59.96 -38.85
CA ASP IA 360 -45.13 59.39 -38.25
C ASP IA 360 -45.46 58.20 -37.37
N ARG IA 361 -46.59 58.24 -36.67
CA ARG IA 361 -46.96 57.10 -35.85
C ARG IA 361 -47.32 55.88 -36.68
N VAL IA 362 -47.54 56.05 -37.97
CA VAL IA 362 -47.68 54.88 -38.85
C VAL IA 362 -46.34 54.48 -39.44
N ASP IA 363 -45.61 55.46 -39.98
CA ASP IA 363 -44.23 55.26 -40.39
C ASP IA 363 -43.45 54.47 -39.34
N ASP IA 364 -43.72 54.73 -38.08
CA ASP IA 364 -42.92 54.13 -37.04
C ASP IA 364 -43.31 52.69 -36.79
N ALA IA 365 -44.59 52.36 -36.80
CA ALA IA 365 -44.94 50.96 -36.71
C ALA IA 365 -44.28 50.18 -37.83
N ILE IA 366 -44.28 50.72 -39.04
CA ILE IA 366 -43.70 49.95 -40.12
C ILE IA 366 -42.20 49.81 -39.95
N ARG IA 367 -41.51 50.89 -39.63
CA ARG IA 367 -40.07 50.78 -39.42
C ARG IA 367 -39.72 49.87 -38.25
N GLN IA 368 -40.43 49.99 -37.13
CA GLN IA 368 -40.24 49.08 -36.02
C GLN IA 368 -40.34 47.64 -36.45
N HIS IA 369 -41.35 47.29 -37.24
CA HIS IA 369 -41.47 45.89 -37.57
C HIS IA 369 -40.40 45.43 -38.54
N ALA IA 370 -40.03 46.27 -39.48
CA ALA IA 370 -38.93 45.86 -40.33
C ALA IA 370 -37.71 45.62 -39.48
N SER IA 371 -37.40 46.55 -38.59
CA SER IA 371 -36.23 46.42 -37.77
C SER IA 371 -36.31 45.25 -36.82
N LEU IA 372 -37.51 44.77 -36.48
CA LEU IA 372 -37.60 43.59 -35.62
C LEU IA 372 -37.36 42.31 -36.41
N ILE IA 373 -37.89 42.22 -37.64
CA ILE IA 373 -37.47 41.13 -38.52
C ILE IA 373 -35.97 41.13 -38.67
N TRP IA 374 -35.37 42.29 -38.80
CA TRP IA 374 -33.93 42.35 -38.93
C TRP IA 374 -33.24 42.04 -37.62
N ARG IA 375 -33.83 42.42 -36.50
CA ARG IA 375 -33.30 42.00 -35.22
C ARG IA 375 -33.18 40.50 -35.16
N VAL IA 376 -34.21 39.80 -35.60
CA VAL IA 376 -34.18 38.36 -35.56
C VAL IA 376 -33.16 37.84 -36.54
N TYR IA 377 -33.11 38.42 -37.72
CA TYR IA 377 -32.21 37.90 -38.74
C TYR IA 377 -30.76 38.00 -38.32
N THR IA 378 -30.31 39.18 -37.94
CA THR IA 378 -28.90 39.35 -37.60
C THR IA 378 -28.62 39.02 -36.15
N ALA IA 379 -29.49 38.29 -35.47
CA ALA IA 379 -29.23 37.95 -34.09
C ALA IA 379 -28.00 37.06 -34.02
N PRO IA 380 -27.05 37.35 -33.16
CA PRO IA 380 -25.82 36.57 -33.12
C PRO IA 380 -26.01 35.15 -32.62
N ARG IA 381 -26.84 34.99 -31.63
CA ARG IA 381 -27.01 33.71 -30.95
C ARG IA 381 -28.19 32.94 -31.54
N PRO IA 382 -28.30 31.66 -31.21
CA PRO IA 382 -29.35 30.83 -31.83
C PRO IA 382 -30.73 31.27 -31.39
N LEU IA 383 -31.58 31.58 -32.36
CA LEU IA 383 -32.92 32.05 -32.10
C LEU IA 383 -33.90 31.10 -32.75
N MET IA 384 -34.37 30.13 -32.02
CA MET IA 384 -35.25 29.11 -32.55
C MET IA 384 -36.67 29.61 -32.41
N ALA IA 385 -37.24 30.08 -33.50
CA ALA IA 385 -38.58 30.67 -33.44
C ALA IA 385 -39.58 29.56 -33.63
N LEU IA 386 -39.97 28.97 -32.52
CA LEU IA 386 -40.84 27.81 -32.52
C LEU IA 386 -42.22 28.23 -32.98
N THR IA 387 -42.46 28.16 -34.28
CA THR IA 387 -43.66 28.75 -34.86
C THR IA 387 -44.86 27.87 -34.58
N ASN IA 388 -45.61 28.15 -33.51
CA ASN IA 388 -46.76 27.33 -33.15
C ASN IA 388 -48.07 28.02 -33.52
N GLY IA 389 -48.37 28.07 -34.82
CA GLY IA 389 -49.60 28.64 -35.31
C GLY IA 389 -49.35 29.69 -36.36
N LYS IA 390 -50.44 30.07 -37.03
CA LYS IA 390 -50.39 31.01 -38.14
C LYS IA 390 -49.62 32.27 -37.78
N CYS IA 391 -49.20 33.00 -38.80
CA CYS IA 391 -48.39 34.19 -38.62
C CYS IA 391 -48.54 35.09 -39.84
N ARG IA 392 -49.29 36.17 -39.72
CA ARG IA 392 -49.57 37.01 -40.87
C ARG IA 392 -48.31 37.79 -41.25
N GLY IA 393 -48.48 38.80 -42.09
CA GLY IA 393 -47.40 39.32 -42.90
C GLY IA 393 -46.01 39.28 -42.32
N THR IA 394 -45.78 39.96 -41.20
CA THR IA 394 -44.42 40.18 -40.75
C THR IA 394 -43.95 39.15 -39.71
N GLY IA 395 -44.86 38.58 -38.92
CA GLY IA 395 -44.45 37.43 -38.15
C GLY IA 395 -43.97 36.27 -38.98
N CYS IA 396 -44.38 36.22 -40.24
CA CYS IA 396 -43.77 35.32 -41.21
C CYS IA 396 -42.27 35.49 -41.26
N GLY IA 397 -41.80 36.72 -41.50
CA GLY IA 397 -40.38 36.95 -41.48
C GLY IA 397 -39.76 36.70 -40.13
N VAL IA 398 -40.47 37.05 -39.06
CA VAL IA 398 -40.00 36.73 -37.72
C VAL IA 398 -39.61 35.28 -37.64
N SER IA 399 -40.57 34.38 -37.87
CA SER IA 399 -40.31 32.95 -37.74
C SER IA 399 -39.32 32.47 -38.78
N LEU IA 400 -39.68 32.59 -40.05
CA LEU IA 400 -38.89 31.99 -41.11
C LEU IA 400 -37.51 32.59 -41.28
N TYR IA 401 -37.18 33.65 -40.54
CA TYR IA 401 -35.88 34.26 -40.66
C TYR IA 401 -35.00 34.06 -39.44
N SER IA 402 -35.55 33.56 -38.35
CA SER IA 402 -34.72 33.01 -37.28
C SER IA 402 -33.99 31.80 -37.81
N LYS IA 403 -32.70 31.69 -37.51
CA LYS IA 403 -31.93 30.65 -38.16
C LYS IA 403 -32.25 29.27 -37.66
N TYR IA 404 -33.26 29.11 -36.83
CA TYR IA 404 -33.79 27.79 -36.49
C TYR IA 404 -35.29 27.96 -36.35
N CYS IA 405 -36.04 27.76 -37.41
CA CYS IA 405 -37.46 28.07 -37.39
C CYS IA 405 -38.23 26.77 -37.40
N ALA IA 406 -38.44 26.22 -36.22
CA ALA IA 406 -39.14 24.96 -36.10
C ALA IA 406 -40.63 25.18 -36.33
N LEU IA 407 -41.13 24.75 -37.48
CA LEU IA 407 -42.55 24.71 -37.70
C LEU IA 407 -43.19 23.66 -36.82
N LYS IA 408 -44.49 23.53 -36.93
CA LYS IA 408 -45.25 22.40 -36.42
C LYS IA 408 -46.36 22.07 -37.41
N ASP IA 409 -47.25 21.19 -37.02
CA ASP IA 409 -48.45 21.02 -37.83
C ASP IA 409 -49.47 22.11 -37.54
N ALA IA 410 -49.18 23.04 -36.65
CA ALA IA 410 -50.03 24.19 -36.47
C ALA IA 410 -49.53 25.41 -37.21
N SER IA 411 -48.31 25.39 -37.71
CA SER IA 411 -47.78 26.54 -38.42
C SER IA 411 -48.47 26.72 -39.76
N GLU IA 412 -48.70 27.97 -40.15
CA GLU IA 412 -49.32 28.31 -41.43
C GLU IA 412 -49.07 29.78 -41.68
N PHE IA 413 -48.41 30.10 -42.77
CA PHE IA 413 -47.97 31.47 -43.02
C PHE IA 413 -48.97 32.20 -43.87
N ILE IA 414 -49.71 33.13 -43.27
CA ILE IA 414 -50.70 33.90 -43.98
C ILE IA 414 -50.04 35.17 -44.48
N PHE IA 415 -49.36 35.08 -45.61
CA PHE IA 415 -48.78 36.24 -46.28
C PHE IA 415 -49.87 36.98 -47.05
N ASP IA 416 -51.12 36.76 -46.65
CA ASP IA 416 -52.28 37.30 -47.35
C ASP IA 416 -52.37 38.79 -47.07
N GLY IA 417 -51.68 39.58 -47.89
CA GLY IA 417 -51.72 41.01 -47.76
C GLY IA 417 -52.86 41.70 -48.50
N PRO IA 418 -52.86 41.63 -49.84
CA PRO IA 418 -53.72 42.54 -50.61
C PRO IA 418 -55.17 42.45 -50.26
N ASN IA 419 -55.57 41.43 -49.53
CA ASN IA 419 -56.96 41.34 -49.14
C ASN IA 419 -57.39 42.57 -48.39
N LEU IA 420 -56.49 43.19 -47.63
CA LEU IA 420 -56.75 44.47 -47.00
C LEU IA 420 -56.36 45.65 -47.88
N GLY IA 421 -56.07 45.40 -49.14
CA GLY IA 421 -55.74 46.49 -50.04
C GLY IA 421 -54.37 47.05 -49.83
N ILE IA 422 -53.42 46.22 -49.42
CA ILE IA 422 -52.05 46.65 -49.20
C ILE IA 422 -51.12 45.76 -50.02
N THR IA 423 -50.02 46.27 -50.32
CA THR IA 423 -48.98 45.38 -50.80
C THR IA 423 -48.63 44.40 -49.68
N PRO IA 424 -48.40 43.14 -49.99
CA PRO IA 424 -47.80 42.25 -48.98
C PRO IA 424 -46.49 42.85 -48.46
N TYR IA 425 -46.27 42.66 -47.16
CA TYR IA 425 -45.10 43.17 -46.45
C TYR IA 425 -44.59 42.07 -45.55
N GLY IA 426 -43.31 42.12 -45.21
CA GLY IA 426 -42.84 41.23 -44.17
C GLY IA 426 -41.65 40.37 -44.50
N GLY IA 427 -40.84 40.78 -45.46
CA GLY IA 427 -39.60 40.08 -45.75
C GLY IA 427 -39.74 38.67 -46.30
N LEU IA 428 -40.95 38.12 -46.35
CA LEU IA 428 -41.13 36.82 -46.97
C LEU IA 428 -41.11 36.90 -48.48
N THR IA 429 -41.17 38.08 -49.06
CA THR IA 429 -41.27 38.14 -50.50
C THR IA 429 -40.03 37.58 -51.15
N ARG IA 430 -38.87 37.71 -50.50
CA ARG IA 430 -37.64 37.19 -51.07
C ARG IA 430 -37.54 35.67 -50.92
N LEU IA 431 -38.10 35.12 -49.83
CA LEU IA 431 -38.26 33.68 -49.74
C LEU IA 431 -39.10 33.16 -50.87
N LEU IA 432 -40.12 33.91 -51.23
CA LEU IA 432 -40.95 33.51 -52.36
C LEU IA 432 -40.24 33.72 -53.67
N ALA IA 433 -39.45 34.76 -53.79
CA ALA IA 433 -38.65 34.93 -54.99
C ALA IA 433 -37.39 34.11 -54.99
N ARG IA 434 -37.24 33.19 -54.03
CA ARG IA 434 -36.17 32.22 -54.07
C ARG IA 434 -36.25 31.44 -55.37
N PRO IA 435 -35.14 31.38 -56.13
CA PRO IA 435 -35.14 30.48 -57.28
C PRO IA 435 -35.69 29.12 -56.96
N GLU IA 436 -35.53 28.64 -55.73
CA GLU IA 436 -35.89 27.26 -55.40
C GLU IA 436 -37.38 27.02 -55.47
N THR IA 437 -38.19 27.93 -54.92
CA THR IA 437 -39.64 27.80 -55.05
C THR IA 437 -40.08 27.95 -56.50
N SER IA 438 -39.65 29.04 -57.15
CA SER IA 438 -39.93 29.24 -58.56
C SER IA 438 -39.58 28.03 -59.39
N LEU IA 439 -38.68 27.18 -58.91
CA LEU IA 439 -38.41 25.95 -59.64
C LEU IA 439 -39.31 24.84 -59.20
N LYS IA 440 -39.45 24.63 -57.90
CA LYS IA 440 -40.10 23.42 -57.40
C LYS IA 440 -41.60 23.46 -57.66
N TYR IA 441 -42.23 24.61 -57.40
CA TYR IA 441 -43.66 24.82 -57.68
C TYR IA 441 -43.82 26.11 -58.45
N PRO IA 442 -43.47 26.13 -59.72
CA PRO IA 442 -43.20 27.41 -60.39
C PRO IA 442 -44.46 28.24 -60.52
N GLY IA 443 -44.30 29.55 -60.41
CA GLY IA 443 -45.41 30.46 -60.43
C GLY IA 443 -46.14 30.59 -59.12
N LEU IA 444 -46.23 29.52 -58.33
CA LEU IA 444 -46.72 29.62 -56.96
C LEU IA 444 -46.08 30.80 -56.22
N ALA IA 445 -44.88 31.20 -56.62
CA ALA IA 445 -44.30 32.45 -56.10
C ALA IA 445 -45.25 33.62 -56.29
N GLU IA 446 -45.68 33.88 -57.51
CA GLU IA 446 -46.66 34.92 -57.77
C GLU IA 446 -48.01 34.59 -57.16
N PHE IA 447 -48.34 33.31 -57.10
CA PHE IA 447 -49.65 32.90 -56.63
C PHE IA 447 -49.90 33.35 -55.20
N ILE IA 448 -48.96 33.09 -54.30
CA ILE IA 448 -49.22 33.43 -52.91
C ILE IA 448 -49.33 34.92 -52.73
N MET IA 449 -48.51 35.70 -53.44
CA MET IA 449 -48.64 37.15 -53.37
C MET IA 449 -50.04 37.56 -53.78
N LEU IA 450 -50.39 37.30 -55.03
CA LEU IA 450 -51.62 37.89 -55.54
C LEU IA 450 -52.84 37.24 -54.91
N THR IA 451 -53.03 35.95 -55.11
CA THR IA 451 -54.15 35.24 -54.50
C THR IA 451 -53.83 35.03 -53.04
N GLY IA 452 -54.65 35.64 -52.18
CA GLY IA 452 -54.51 35.39 -50.76
C GLY IA 452 -54.67 33.90 -50.50
N THR IA 453 -53.55 33.22 -50.22
CA THR IA 453 -53.53 31.81 -49.86
C THR IA 453 -52.48 31.61 -48.78
N SER IA 454 -52.73 30.62 -47.93
CA SER IA 454 -51.84 30.32 -46.82
C SER IA 454 -50.94 29.16 -47.18
N LEU IA 455 -49.65 29.31 -46.87
CA LEU IA 455 -48.74 28.18 -46.92
C LEU IA 455 -48.84 27.43 -45.62
N PHE IA 456 -48.21 26.27 -45.55
CA PHE IA 456 -48.36 25.44 -44.37
C PHE IA 456 -47.04 24.83 -43.95
N ALA IA 457 -47.14 23.89 -43.01
CA ALA IA 457 -45.97 23.19 -42.54
C ALA IA 457 -45.27 22.48 -43.67
N GLY IA 458 -45.98 21.63 -44.40
CA GLY IA 458 -45.35 20.86 -45.45
C GLY IA 458 -44.74 21.70 -46.56
N ASP IA 459 -45.48 22.67 -47.08
CA ASP IA 459 -44.97 23.44 -48.21
C ASP IA 459 -43.90 24.41 -47.77
N ALA IA 460 -44.03 24.95 -46.58
CA ALA IA 460 -42.93 25.68 -46.01
C ALA IA 460 -41.70 24.81 -45.96
N LEU IA 461 -41.87 23.54 -45.67
CA LEU IA 461 -40.72 22.65 -45.68
C LEU IA 461 -40.16 22.48 -47.08
N ARG IA 462 -41.02 22.20 -48.05
CA ARG IA 462 -40.56 21.83 -49.38
C ARG IA 462 -39.98 23.00 -50.16
N LEU IA 463 -40.45 24.22 -49.95
CA LEU IA 463 -39.77 25.36 -50.56
C LEU IA 463 -38.31 25.43 -50.17
N GLY IA 464 -37.90 24.58 -49.23
CA GLY IA 464 -36.61 24.70 -48.63
C GLY IA 464 -36.52 25.84 -47.65
N TRP IA 465 -37.58 26.09 -46.89
CA TRP IA 465 -37.56 27.23 -45.99
C TRP IA 465 -36.95 26.92 -44.65
N THR IA 466 -37.53 25.98 -43.92
CA THR IA 466 -37.07 25.67 -42.58
C THR IA 466 -36.69 24.20 -42.51
N ASP IA 467 -35.61 23.93 -41.80
CA ASP IA 467 -35.15 22.57 -41.56
C ASP IA 467 -35.98 21.81 -40.53
N LEU IA 468 -36.36 22.46 -39.44
CA LEU IA 468 -36.83 21.78 -38.26
C LEU IA 468 -38.33 21.58 -38.37
N PHE IA 469 -38.85 20.66 -37.57
CA PHE IA 469 -40.28 20.40 -37.55
C PHE IA 469 -40.63 19.47 -36.40
N THR IA 470 -41.50 19.89 -35.49
CA THR IA 470 -41.82 19.04 -34.35
C THR IA 470 -43.24 18.48 -34.41
N THR IA 471 -43.42 17.42 -33.62
CA THR IA 471 -44.73 16.83 -33.35
C THR IA 471 -44.92 16.60 -31.85
N LEU IA 472 -44.09 17.21 -31.01
CA LEU IA 472 -44.11 16.89 -29.58
C LEU IA 472 -44.94 17.91 -28.82
N PRO IA 473 -45.36 17.60 -27.61
CA PRO IA 473 -46.09 18.58 -26.80
C PRO IA 473 -45.19 19.37 -25.88
N ASP IA 474 -45.51 20.65 -25.74
CA ASP IA 474 -44.74 21.57 -24.90
C ASP IA 474 -43.26 21.52 -25.26
N MET IA 475 -43.00 21.53 -26.56
CA MET IA 475 -41.63 21.42 -27.00
C MET IA 475 -40.79 22.58 -26.53
N SER IA 476 -41.41 23.71 -26.22
CA SER IA 476 -40.63 24.77 -25.59
C SER IA 476 -40.08 24.31 -24.26
N TYR IA 477 -40.91 23.66 -23.45
CA TYR IA 477 -40.45 23.17 -22.15
C TYR IA 477 -39.42 22.07 -22.30
N HIS IA 478 -39.58 21.21 -23.29
CA HIS IA 478 -38.60 20.17 -23.51
C HIS IA 478 -37.28 20.71 -24.01
N ILE IA 479 -37.30 21.88 -24.64
CA ILE IA 479 -36.04 22.55 -24.94
C ILE IA 479 -35.47 23.13 -23.67
N LYS IA 480 -36.32 23.74 -22.86
CA LYS IA 480 -35.81 24.46 -21.71
C LYS IA 480 -35.11 23.51 -20.75
N ASP IA 481 -35.75 22.41 -20.40
CA ASP IA 481 -35.13 21.51 -19.42
C ASP IA 481 -33.91 20.79 -19.97
N TRP IA 482 -33.90 20.43 -21.24
CA TRP IA 482 -32.69 19.94 -21.85
C TRP IA 482 -31.55 20.91 -21.70
N PHE IA 483 -31.80 22.17 -21.98
CA PHE IA 483 -30.73 23.14 -21.86
C PHE IA 483 -30.41 23.51 -20.42
N ASP IA 484 -31.28 23.15 -19.49
CA ASP IA 484 -30.88 23.12 -18.09
C ASP IA 484 -29.86 22.02 -17.83
N THR IA 485 -30.20 20.78 -18.17
CA THR IA 485 -29.31 19.66 -17.87
C THR IA 485 -27.97 19.79 -18.57
N THR IA 486 -27.93 20.45 -19.72
CA THR IA 486 -26.68 20.89 -20.31
C THR IA 486 -25.80 21.58 -19.27
N GLU IA 487 -24.47 21.50 -19.42
CA GLU IA 487 -23.70 22.16 -18.37
C GLU IA 487 -22.59 23.09 -18.86
N HIS IA 488 -21.93 22.78 -19.95
CA HIS IA 488 -20.77 23.54 -20.36
C HIS IA 488 -21.18 24.62 -21.34
N MET IA 489 -20.69 25.84 -21.14
CA MET IA 489 -21.01 26.93 -22.06
C MET IA 489 -19.81 27.23 -22.96
N HIS IA 490 -19.41 26.23 -23.73
CA HIS IA 490 -18.37 26.40 -24.72
C HIS IA 490 -18.91 26.02 -26.07
N ASN IA 491 -18.56 26.78 -27.12
CA ASN IA 491 -19.19 26.53 -28.41
C ASN IA 491 -19.10 25.08 -28.84
N ASP IA 492 -18.02 24.39 -28.52
CA ASP IA 492 -17.94 22.97 -28.80
C ASP IA 492 -19.00 22.19 -28.03
N ALA IA 493 -19.49 22.73 -26.91
CA ALA IA 493 -20.45 22.00 -26.12
C ALA IA 493 -21.88 22.41 -26.44
N VAL IA 494 -22.12 23.70 -26.66
CA VAL IA 494 -23.45 24.12 -27.07
C VAL IA 494 -23.80 23.55 -28.43
N ALA IA 495 -22.84 23.53 -29.36
CA ALA IA 495 -23.13 22.93 -30.65
C ALA IA 495 -23.69 21.53 -30.51
N TRP IA 496 -23.12 20.71 -29.64
CA TRP IA 496 -23.70 19.39 -29.45
C TRP IA 496 -25.00 19.44 -28.67
N GLN IA 497 -25.02 20.16 -27.55
CA GLN IA 497 -26.22 20.16 -26.71
C GLN IA 497 -27.41 20.73 -27.44
N LEU IA 498 -27.16 21.36 -28.58
CA LEU IA 498 -28.20 21.90 -29.47
C LEU IA 498 -28.49 20.96 -30.60
N GLY IA 499 -27.48 20.73 -31.45
CA GLY IA 499 -27.65 19.84 -32.55
C GLY IA 499 -28.29 18.55 -32.15
N HIS IA 500 -27.95 18.03 -30.98
CA HIS IA 500 -28.53 16.77 -30.56
C HIS IA 500 -30.03 16.88 -30.35
N LEU IA 501 -30.51 18.01 -29.84
CA LEU IA 501 -31.95 18.18 -29.68
C LEU IA 501 -32.64 18.37 -31.02
N LEU IA 502 -32.04 19.15 -31.91
CA LEU IA 502 -32.54 19.22 -33.28
C LEU IA 502 -32.71 17.84 -33.86
N GLU IA 503 -31.69 16.99 -33.78
CA GLU IA 503 -31.82 15.64 -34.30
C GLU IA 503 -32.93 14.87 -33.61
N THR IA 504 -32.97 14.94 -32.29
CA THR IA 504 -33.82 14.03 -31.54
C THR IA 504 -35.29 14.36 -31.70
N CYS IA 505 -35.66 15.63 -31.53
CA CYS IA 505 -37.07 16.01 -31.53
C CYS IA 505 -37.53 16.76 -32.76
N PHE IA 506 -36.65 17.09 -33.70
CA PHE IA 506 -37.05 18.01 -34.73
C PHE IA 506 -36.83 17.55 -36.16
N LYS IA 507 -35.67 17.06 -36.54
CA LYS IA 507 -35.42 16.69 -37.92
C LYS IA 507 -36.18 15.41 -38.23
N MET IA 508 -37.07 15.48 -39.21
CA MET IA 508 -38.24 14.59 -39.23
C MET IA 508 -37.80 13.18 -39.53
N LYS IA 509 -37.16 12.54 -38.57
CA LYS IA 509 -36.55 11.23 -38.78
C LYS IA 509 -37.42 10.18 -38.16
N GLU IA 510 -37.85 9.22 -38.98
CA GLU IA 510 -38.36 7.92 -38.58
C GLU IA 510 -39.67 7.95 -37.81
N ALA IA 511 -40.22 9.13 -37.52
CA ALA IA 511 -41.56 9.21 -36.92
C ALA IA 511 -42.49 10.10 -37.71
N HIS IA 512 -42.32 10.16 -39.03
CA HIS IA 512 -42.99 11.12 -39.89
C HIS IA 512 -43.61 10.39 -41.07
N SER IA 513 -44.36 11.14 -41.86
CA SER IA 513 -44.95 10.60 -43.08
C SER IA 513 -45.53 11.76 -43.88
N SER IA 514 -45.29 11.73 -45.19
CA SER IA 514 -45.76 12.81 -46.04
C SER IA 514 -47.28 12.83 -46.14
N ALA IA 515 -47.91 11.66 -46.01
CA ALA IA 515 -49.36 11.65 -45.89
C ALA IA 515 -49.83 12.25 -44.57
N MET IA 516 -48.91 12.68 -43.71
CA MET IA 516 -49.25 13.21 -42.42
C MET IA 516 -49.04 14.72 -42.30
N GLU IA 517 -48.36 15.34 -43.25
CA GLU IA 517 -48.07 16.76 -43.14
C GLU IA 517 -49.07 17.58 -43.95
N ARG IA 518 -49.55 18.67 -43.34
CA ARG IA 518 -50.38 19.63 -44.04
C ARG IA 518 -49.62 20.14 -45.25
N VAL IA 519 -50.09 19.77 -46.43
CA VAL IA 519 -49.50 20.20 -47.68
C VAL IA 519 -50.59 20.89 -48.50
N ALA IA 520 -50.39 22.17 -48.77
CA ALA IA 520 -51.39 22.97 -49.45
C ALA IA 520 -51.04 23.23 -50.91
N ILE IA 521 -49.97 22.64 -51.42
CA ILE IA 521 -49.62 22.67 -52.83
C ILE IA 521 -49.41 21.23 -53.28
N THR IA 522 -50.25 20.34 -52.78
CA THR IA 522 -50.20 18.90 -52.99
C THR IA 522 -50.01 18.59 -54.47
N PRO IA 523 -49.47 17.42 -54.83
CA PRO IA 523 -48.88 17.24 -56.18
C PRO IA 523 -49.74 17.72 -57.33
N VAL IA 524 -51.04 17.48 -57.28
CA VAL IA 524 -51.93 18.04 -58.28
C VAL IA 524 -51.81 19.56 -58.29
N ARG IA 525 -52.09 20.17 -57.14
CA ARG IA 525 -52.07 21.63 -57.04
C ARG IA 525 -50.79 22.20 -57.58
N ALA IA 526 -49.70 21.46 -57.46
CA ALA IA 526 -48.46 21.95 -58.05
C ALA IA 526 -48.62 22.15 -59.55
N ARG IA 527 -49.23 21.17 -60.23
CA ARG IA 527 -49.44 21.26 -61.66
C ARG IA 527 -50.41 22.39 -62.01
N TRP IA 528 -51.59 22.38 -61.37
CA TRP IA 528 -52.52 23.49 -61.52
C TRP IA 528 -51.78 24.81 -61.57
N ILE IA 529 -50.98 25.05 -60.55
CA ILE IA 529 -50.42 26.37 -60.35
C ILE IA 529 -49.28 26.66 -61.32
N GLU IA 530 -48.44 25.67 -61.63
CA GLU IA 530 -47.38 25.96 -62.60
C GLU IA 530 -47.98 26.33 -63.94
N ASP IA 531 -49.05 25.64 -64.34
CA ASP IA 531 -49.73 26.04 -65.55
C ASP IA 531 -50.28 27.45 -65.46
N SER IA 532 -51.13 27.72 -64.47
CA SER IA 532 -51.91 28.94 -64.45
C SER IA 532 -51.12 30.19 -64.13
N PHE IA 533 -50.13 30.12 -63.24
CA PHE IA 533 -49.58 31.34 -62.65
C PHE IA 533 -48.16 31.69 -63.09
N ALA IA 534 -47.46 30.83 -63.82
CA ALA IA 534 -46.07 31.08 -64.13
C ALA IA 534 -45.91 31.87 -65.41
N ASP IA 535 -45.19 32.98 -65.31
CA ASP IA 535 -44.72 33.76 -66.47
C ASP IA 535 -45.87 34.40 -67.25
N GLN IA 536 -46.64 35.25 -66.59
CA GLN IA 536 -47.73 35.98 -67.22
C GLN IA 536 -47.66 37.43 -66.76
N PRO IA 537 -47.05 38.32 -67.55
CA PRO IA 537 -46.57 39.58 -66.99
C PRO IA 537 -47.64 40.61 -66.63
N SER IA 538 -48.69 40.18 -65.96
CA SER IA 538 -49.74 41.05 -65.46
C SER IA 538 -50.62 40.20 -64.57
N VAL IA 539 -51.73 40.78 -64.13
CA VAL IA 539 -52.74 40.01 -63.42
C VAL IA 539 -54.02 39.85 -64.24
N ASN IA 540 -54.35 40.82 -65.09
CA ASN IA 540 -55.33 40.57 -66.13
C ASN IA 540 -54.93 39.37 -66.97
N HIS IA 541 -53.64 39.25 -67.27
CA HIS IA 541 -53.12 38.04 -67.85
C HIS IA 541 -53.66 36.82 -67.15
N ILE IA 542 -53.49 36.76 -65.84
CA ILE IA 542 -53.86 35.57 -65.10
C ILE IA 542 -55.38 35.39 -65.09
N ILE IA 543 -56.14 36.50 -65.12
CA ILE IA 543 -57.59 36.32 -65.03
C ILE IA 543 -58.18 35.81 -66.33
N ASN IA 544 -57.64 36.21 -67.48
CA ASN IA 544 -58.02 35.53 -68.71
C ASN IA 544 -57.54 34.09 -68.70
N THR IA 545 -56.26 33.91 -68.37
CA THR IA 545 -55.62 32.60 -68.35
C THR IA 545 -56.34 31.65 -67.44
N LEU IA 546 -57.13 32.18 -66.51
CA LEU IA 546 -57.93 31.34 -65.62
C LEU IA 546 -59.41 31.30 -65.99
N SER IA 547 -59.95 32.35 -66.60
CA SER IA 547 -61.28 32.23 -67.17
C SER IA 547 -61.38 30.98 -68.01
N GLU IA 548 -60.42 30.81 -68.90
CA GLU IA 548 -60.42 29.61 -69.76
C GLU IA 548 -60.54 28.34 -68.95
N ILE IA 549 -59.82 28.27 -67.83
CA ILE IA 549 -59.72 27.03 -67.10
C ILE IA 549 -60.91 26.84 -66.17
N GLU IA 550 -61.87 27.77 -66.21
CA GLU IA 550 -63.15 27.47 -65.58
C GLU IA 550 -64.11 26.83 -66.57
N ARG IA 551 -64.01 27.21 -67.84
CA ARG IA 551 -64.85 26.67 -68.90
C ARG IA 551 -64.42 25.28 -69.32
N LEU IA 552 -63.12 25.01 -69.31
CA LEU IA 552 -62.67 23.66 -69.64
C LEU IA 552 -63.48 22.65 -68.82
N PRO IA 553 -64.21 21.75 -69.46
CA PRO IA 553 -65.17 20.90 -68.75
C PRO IA 553 -64.49 19.90 -67.83
N ILE IA 554 -65.31 19.14 -67.11
CA ILE IA 554 -64.75 18.17 -66.16
C ILE IA 554 -63.85 17.16 -66.87
N THR IA 555 -64.22 16.76 -68.08
CA THR IA 555 -63.65 15.58 -68.70
C THR IA 555 -62.39 15.86 -69.49
N ALA IA 556 -61.88 17.08 -69.45
CA ALA IA 556 -60.73 17.42 -70.29
C ALA IA 556 -59.49 16.67 -69.85
N LYS IA 557 -58.50 16.64 -70.73
CA LYS IA 557 -57.22 16.02 -70.41
C LYS IA 557 -56.36 16.94 -69.55
N GLN IA 558 -56.84 18.12 -69.21
CA GLN IA 558 -56.13 18.98 -68.28
C GLN IA 558 -57.02 19.49 -67.14
N ASN IA 559 -58.12 18.84 -66.83
CA ASN IA 559 -58.92 19.21 -65.67
C ASN IA 559 -58.71 18.16 -64.60
N THR IA 560 -57.58 18.26 -63.91
CA THR IA 560 -57.15 17.27 -62.94
C THR IA 560 -57.96 17.39 -61.65
N CYS IA 561 -58.73 16.35 -61.35
CA CYS IA 561 -59.43 16.28 -60.08
C CYS IA 561 -58.44 16.30 -58.93
N ASP IA 562 -58.97 16.51 -57.73
CA ASP IA 562 -58.19 16.32 -56.51
C ASP IA 562 -59.14 15.89 -55.40
N GLN IA 563 -58.76 14.82 -54.71
CA GLN IA 563 -59.36 14.55 -53.40
C GLN IA 563 -59.11 15.74 -52.51
N THR IA 564 -60.14 16.19 -51.81
CA THR IA 564 -59.98 17.39 -51.02
C THR IA 564 -59.99 17.07 -49.54
N ARG IA 565 -59.08 17.72 -48.81
CA ARG IA 565 -59.03 17.67 -47.35
C ARG IA 565 -60.18 18.54 -46.88
N CYS IA 566 -61.39 18.09 -47.19
CA CYS IA 566 -62.52 18.99 -47.33
C CYS IA 566 -62.71 19.83 -46.08
N THR IA 567 -63.26 21.02 -46.28
CA THR IA 567 -63.72 21.81 -45.17
C THR IA 567 -64.60 20.94 -44.29
N PRO IA 568 -64.16 20.60 -43.10
CA PRO IA 568 -65.05 19.88 -42.20
C PRO IA 568 -66.35 20.65 -42.00
N TYR IA 569 -67.38 19.91 -41.70
CA TYR IA 569 -68.66 20.48 -41.33
C TYR IA 569 -68.52 21.20 -40.01
N THR IA 570 -69.64 21.48 -39.37
CA THR IA 570 -69.52 22.02 -38.03
C THR IA 570 -69.53 20.91 -36.99
N LEU IA 571 -70.44 19.95 -37.09
CA LEU IA 571 -70.64 19.02 -36.00
C LEU IA 571 -70.28 17.58 -36.33
N THR IA 572 -69.89 17.28 -37.56
CA THR IA 572 -69.33 15.99 -37.96
C THR IA 572 -70.30 14.81 -37.84
N SER IA 573 -71.52 15.01 -37.34
CA SER IA 573 -72.43 13.87 -37.24
C SER IA 573 -73.85 14.36 -37.03
N VAL IA 574 -74.80 13.57 -37.53
CA VAL IA 574 -76.20 13.96 -37.46
C VAL IA 574 -76.76 13.70 -36.07
N GLU IA 575 -76.23 12.71 -35.36
CA GLU IA 575 -76.57 12.63 -33.95
C GLU IA 575 -76.17 13.90 -33.21
N ALA IA 576 -74.99 14.44 -33.51
CA ALA IA 576 -74.60 15.72 -32.94
C ALA IA 576 -75.48 16.85 -33.42
N GLY IA 577 -75.93 16.81 -34.67
CA GLY IA 577 -76.89 17.81 -35.12
C GLY IA 577 -78.17 17.79 -34.33
N ILE IA 578 -78.73 16.61 -34.08
CA ILE IA 578 -79.96 16.53 -33.30
C ILE IA 578 -79.73 16.94 -31.86
N SER IA 579 -78.61 16.53 -31.27
CA SER IA 579 -78.31 16.95 -29.92
C SER IA 579 -78.08 18.45 -29.85
N LYS IA 580 -77.60 19.05 -30.92
CA LYS IA 580 -77.48 20.50 -30.97
C LYS IA 580 -78.84 21.16 -31.06
N LEU IA 581 -79.76 20.55 -31.82
CA LEU IA 581 -81.08 21.13 -31.96
C LEU IA 581 -81.85 21.08 -30.66
N GLU IA 582 -81.80 19.96 -29.94
CA GLU IA 582 -82.67 19.75 -28.79
C GLU IA 582 -82.56 20.86 -27.75
N ASN IA 583 -81.60 21.77 -27.87
CA ASN IA 583 -81.59 22.94 -27.01
C ASN IA 583 -82.59 23.98 -27.46
N HIS IA 584 -82.92 24.00 -28.75
CA HIS IA 584 -83.87 24.99 -29.27
C HIS IA 584 -85.29 24.46 -29.26
N ARG IA 585 -85.52 23.32 -28.64
CA ARG IA 585 -86.84 22.74 -28.63
C ARG IA 585 -87.19 22.38 -27.19
N LEU IA 586 -88.34 21.77 -27.04
CA LEU IA 586 -88.82 21.33 -25.74
C LEU IA 586 -89.01 19.83 -25.84
N ARG IA 587 -88.23 19.08 -25.06
CA ARG IA 587 -88.42 17.64 -25.00
C ARG IA 587 -89.82 17.33 -24.51
N TYR IA 588 -90.35 16.19 -24.93
CA TYR IA 588 -91.68 15.85 -24.46
C TYR IA 588 -91.57 14.91 -23.27
N THR IA 589 -92.61 14.96 -22.44
CA THR IA 589 -92.59 14.30 -21.14
C THR IA 589 -92.82 12.80 -21.26
N HIS IA 590 -93.16 12.31 -22.46
CA HIS IA 590 -93.10 10.89 -22.76
C HIS IA 590 -92.78 10.71 -24.24
N SER IA 591 -92.33 9.51 -24.59
CA SER IA 591 -91.86 9.23 -25.94
C SER IA 591 -93.03 8.92 -26.88
N PRO IA 592 -92.88 9.20 -28.18
CA PRO IA 592 -94.04 9.18 -29.07
C PRO IA 592 -94.83 7.89 -29.07
N TRP IA 593 -94.24 6.75 -28.73
CA TRP IA 593 -95.07 5.58 -28.54
C TRP IA 593 -95.61 5.49 -27.13
N ASP IA 594 -95.30 6.46 -26.27
CA ASP IA 594 -95.80 6.46 -24.92
C ASP IA 594 -96.58 7.72 -24.59
N ILE IA 595 -96.74 8.60 -25.56
CA ILE IA 595 -97.61 9.77 -25.40
C ILE IA 595 -99.06 9.35 -25.49
N THR IA 596 -99.40 8.65 -26.56
CA THR IA 596 -100.77 8.34 -26.90
C THR IA 596 -101.41 7.47 -25.82
N PRO IA 597 -102.65 7.77 -25.44
CA PRO IA 597 -103.28 7.01 -24.37
C PRO IA 597 -103.38 5.53 -24.73
N PRO IA 598 -103.34 4.65 -23.76
CA PRO IA 598 -103.23 3.22 -24.06
C PRO IA 598 -104.59 2.63 -24.43
N GLU IA 599 -104.53 1.48 -25.09
CA GLU IA 599 -105.76 0.78 -25.43
C GLU IA 599 -106.52 0.36 -24.18
N ASP IA 600 -105.83 -0.25 -23.22
CA ASP IA 600 -106.44 -0.63 -21.95
C ASP IA 600 -106.41 0.57 -21.02
N GLU IA 601 -107.04 0.43 -19.86
CA GLU IA 601 -106.99 1.50 -18.86
C GLU IA 601 -106.02 1.13 -17.76
N VAL IA 602 -104.98 1.94 -17.59
CA VAL IA 602 -104.01 1.78 -16.51
C VAL IA 602 -104.57 2.48 -15.29
N SER IA 603 -105.14 1.70 -14.38
CA SER IA 603 -105.77 2.22 -13.18
C SER IA 603 -104.75 2.98 -12.35
N LEU IA 604 -104.86 4.31 -12.33
CA LEU IA 604 -103.88 5.12 -11.64
C LEU IA 604 -103.97 4.84 -10.14
N GLN IA 605 -102.83 4.52 -9.55
CA GLN IA 605 -102.71 4.29 -8.13
C GLN IA 605 -101.29 4.60 -7.71
N HIS IA 606 -101.09 4.79 -6.41
CA HIS IA 606 -99.76 5.13 -5.95
C HIS IA 606 -98.82 3.95 -6.12
N ALA IA 607 -97.54 4.25 -6.37
CA ALA IA 607 -96.58 3.21 -6.75
C ALA IA 607 -96.37 2.17 -5.67
N SER IA 608 -96.80 2.41 -4.44
CA SER IA 608 -96.74 1.36 -3.44
C SER IA 608 -97.65 0.19 -3.77
N GLU IA 609 -98.70 0.43 -4.53
CA GLU IA 609 -99.60 -0.65 -4.88
C GLU IA 609 -98.98 -1.65 -5.83
N ILE IA 610 -97.91 -1.27 -6.53
CA ILE IA 610 -97.17 -2.24 -7.33
C ILE IA 610 -96.61 -3.34 -6.45
N PHE IA 611 -95.90 -2.95 -5.39
CA PHE IA 611 -95.24 -3.92 -4.54
C PHE IA 611 -96.22 -4.73 -3.72
N ASN IA 612 -97.37 -4.16 -3.38
CA ASN IA 612 -98.37 -4.85 -2.58
C ASN IA 612 -99.23 -5.80 -3.41
N ALA IA 613 -98.87 -6.02 -4.67
CA ALA IA 613 -99.74 -6.68 -5.61
C ALA IA 613 -99.36 -8.12 -5.90
N TYR IA 614 -98.18 -8.56 -5.47
CA TYR IA 614 -97.78 -9.93 -5.73
C TYR IA 614 -98.80 -10.90 -5.17
N VAL IA 615 -99.07 -11.96 -5.90
CA VAL IA 615 -99.99 -12.99 -5.46
C VAL IA 615 -99.27 -14.32 -5.55
N LEU IA 616 -99.83 -15.32 -4.87
CA LEU IA 616 -99.22 -16.63 -4.75
C LEU IA 616 -100.06 -17.64 -5.52
N GLU IA 617 -99.41 -18.61 -6.12
CA GLU IA 617 -100.03 -19.44 -7.14
C GLU IA 617 -99.49 -20.85 -7.07
N ARG IA 618 -100.33 -21.83 -7.38
CA ARG IA 618 -99.86 -23.19 -7.35
C ARG IA 618 -99.76 -23.76 -8.75
N ARG IA 619 -98.62 -23.55 -9.39
CA ARG IA 619 -98.36 -24.03 -10.74
C ARG IA 619 -98.00 -25.51 -10.65
N GLY IA 620 -98.87 -26.35 -11.19
CA GLY IA 620 -98.58 -27.79 -11.19
C GLY IA 620 -98.79 -28.40 -9.82
N THR IA 621 -97.70 -28.59 -9.09
CA THR IA 621 -97.74 -29.07 -7.73
C THR IA 621 -96.99 -28.18 -6.76
N PHE IA 622 -96.17 -27.26 -7.24
CA PHE IA 622 -95.37 -26.42 -6.35
C PHE IA 622 -95.91 -25.00 -6.35
N ASN IA 623 -95.70 -24.34 -5.21
CA ASN IA 623 -96.08 -22.94 -5.09
C ASN IA 623 -95.11 -22.07 -5.86
N VAL IA 624 -95.56 -20.87 -6.17
CA VAL IA 624 -94.76 -19.92 -6.94
C VAL IA 624 -95.41 -18.55 -6.78
N VAL IA 625 -94.66 -17.52 -7.12
CA VAL IA 625 -95.12 -16.15 -6.92
C VAL IA 625 -95.31 -15.50 -8.27
N VAL IA 626 -96.40 -14.74 -8.41
CA VAL IA 626 -96.73 -14.14 -9.68
C VAL IA 626 -97.35 -12.77 -9.42
N HIS IA 627 -96.87 -11.78 -10.15
CA HIS IA 627 -97.41 -10.44 -10.05
C HIS IA 627 -98.86 -10.43 -10.53
N ARG IA 628 -99.75 -9.99 -9.65
CA ARG IA 628 -101.17 -9.99 -9.97
C ARG IA 628 -101.49 -9.20 -11.22
N ASP IA 629 -100.56 -8.37 -11.71
CA ASP IA 629 -100.82 -7.56 -12.89
C ASP IA 629 -99.69 -7.72 -13.89
N THR IA 630 -98.98 -8.83 -13.82
CA THR IA 630 -97.92 -9.07 -14.79
C THR IA 630 -98.47 -9.34 -16.18
N GLU IA 631 -99.69 -9.86 -16.29
CA GLU IA 631 -100.33 -10.07 -17.59
C GLU IA 631 -100.83 -8.78 -18.20
N LYS IA 632 -101.48 -7.93 -17.41
CA LYS IA 632 -101.77 -6.57 -17.86
C LYS IA 632 -100.49 -5.86 -18.29
N LEU IA 633 -99.40 -6.08 -17.56
CA LEU IA 633 -98.12 -5.55 -18.01
C LEU IA 633 -97.74 -6.10 -19.37
N ALA IA 634 -97.86 -7.41 -19.57
CA ALA IA 634 -97.45 -7.98 -20.84
C ALA IA 634 -98.27 -7.38 -21.97
N ALA IA 635 -99.57 -7.24 -21.76
CA ALA IA 635 -100.41 -6.61 -22.78
C ALA IA 635 -100.01 -5.17 -23.01
N TRP IA 636 -99.79 -4.40 -21.94
CA TRP IA 636 -99.48 -2.99 -22.08
C TRP IA 636 -98.15 -2.79 -22.77
N ASN IA 637 -97.17 -3.60 -22.42
CA ASN IA 637 -95.87 -3.50 -23.07
C ASN IA 637 -95.92 -3.99 -24.50
N ARG IA 638 -96.74 -4.99 -24.81
CA ARG IA 638 -96.97 -5.33 -26.20
C ARG IA 638 -97.59 -4.16 -26.94
N GLN IA 639 -98.52 -3.46 -26.31
CA GLN IA 639 -99.12 -2.29 -26.96
C GLN IA 639 -98.11 -1.20 -27.20
N ARG IA 640 -97.22 -0.97 -26.23
CA ARG IA 640 -96.24 0.10 -26.40
C ARG IA 640 -95.15 -0.29 -27.39
N GLN IA 641 -94.72 -1.54 -27.37
CA GLN IA 641 -93.77 -1.98 -28.39
C GLN IA 641 -94.42 -2.00 -29.76
N GLU IA 642 -95.72 -2.25 -29.80
CA GLU IA 642 -96.42 -2.19 -31.08
C GLU IA 642 -96.51 -0.77 -31.59
N GLU IA 643 -96.92 0.16 -30.74
CA GLU IA 643 -96.86 1.57 -31.12
C GLU IA 643 -95.46 1.94 -31.54
N TYR IA 644 -94.44 1.39 -30.88
CA TYR IA 644 -93.09 1.72 -31.24
C TYR IA 644 -92.73 1.21 -32.62
N HIS IA 645 -93.07 -0.03 -32.89
CA HIS IA 645 -92.71 -0.59 -34.18
C HIS IA 645 -93.49 0.06 -35.28
N ALA IA 646 -94.77 0.33 -35.04
CA ALA IA 646 -95.56 1.13 -35.96
C ALA IA 646 -94.90 2.47 -36.21
N TYR IA 647 -94.39 3.12 -35.16
CA TYR IA 647 -93.88 4.46 -35.33
C TYR IA 647 -92.52 4.46 -36.01
N ARG IA 648 -91.67 3.50 -35.66
CA ARG IA 648 -90.39 3.44 -36.34
C ARG IA 648 -90.57 3.04 -37.80
N SER IA 649 -91.55 2.19 -38.09
CA SER IA 649 -91.91 1.92 -39.47
C SER IA 649 -92.47 3.15 -40.16
N LEU IA 650 -93.32 3.91 -39.48
CA LEU IA 650 -93.89 5.13 -40.02
C LEU IA 650 -92.81 6.13 -40.36
N ARG IA 651 -91.75 6.15 -39.56
CA ARG IA 651 -90.56 6.92 -39.90
C ARG IA 651 -89.86 6.35 -41.11
N ALA IA 652 -89.65 5.05 -41.14
CA ALA IA 652 -89.02 4.40 -42.29
C ALA IA 652 -89.84 4.58 -43.57
N ALA IA 653 -91.11 4.96 -43.43
CA ALA IA 653 -92.01 5.07 -44.57
C ALA IA 653 -91.48 6.03 -45.61
N PRO IA 654 -91.98 5.95 -46.84
CA PRO IA 654 -91.58 6.92 -47.87
C PRO IA 654 -92.06 8.31 -47.49
N HIS IA 655 -91.12 9.25 -47.50
CA HIS IA 655 -91.38 10.61 -47.02
C HIS IA 655 -91.04 11.61 -48.11
N PRO IA 656 -92.04 12.20 -48.76
CA PRO IA 656 -91.76 13.12 -49.87
C PRO IA 656 -91.44 14.48 -49.30
N ARG IA 657 -90.34 15.07 -49.75
CA ARG IA 657 -90.05 16.43 -49.35
C ARG IA 657 -89.33 17.13 -50.49
N HIS IA 658 -89.25 18.44 -50.35
CA HIS IA 658 -88.43 19.28 -51.22
C HIS IA 658 -86.97 19.16 -50.82
N VAL IA 659 -86.07 19.38 -51.77
CA VAL IA 659 -84.65 19.28 -51.49
C VAL IA 659 -83.92 20.46 -52.13
N TYR IA 660 -83.22 21.22 -51.29
CA TYR IA 660 -82.37 22.32 -51.71
C TYR IA 660 -80.94 21.94 -51.41
N ALA IA 661 -80.13 21.77 -52.44
CA ALA IA 661 -78.73 21.44 -52.22
C ALA IA 661 -77.87 22.58 -52.69
N ARG IA 662 -77.12 23.17 -51.76
CA ARG IA 662 -76.20 24.25 -52.07
C ARG IA 662 -74.80 23.69 -52.18
N LEU IA 663 -74.12 24.00 -53.25
CA LEU IA 663 -72.82 23.40 -53.48
C LEU IA 663 -71.81 24.07 -52.59
N GLU IA 664 -71.24 23.32 -51.64
CA GLU IA 664 -70.23 23.92 -50.78
C GLU IA 664 -68.99 24.27 -51.59
N GLY IA 665 -68.87 25.55 -51.91
CA GLY IA 665 -67.82 26.03 -52.79
C GLY IA 665 -68.20 27.43 -53.26
N CYS IA 666 -67.25 28.06 -53.96
CA CYS IA 666 -67.43 29.45 -54.34
C CYS IA 666 -68.45 29.64 -55.46
N GLU IA 667 -68.46 28.77 -56.47
CA GLU IA 667 -69.43 28.89 -57.55
C GLU IA 667 -70.79 28.58 -56.96
N GLY IA 668 -71.42 29.57 -56.35
CA GLY IA 668 -72.67 29.34 -55.66
C GLY IA 668 -73.75 28.83 -56.58
N LYS IA 669 -74.12 27.57 -56.43
CA LYS IA 669 -75.28 27.02 -57.12
C LYS IA 669 -76.14 26.31 -56.11
N LEU IA 670 -77.40 26.71 -56.06
CA LEU IA 670 -78.42 26.02 -55.27
C LEU IA 670 -79.33 25.34 -56.27
N VAL IA 671 -79.55 24.05 -56.08
CA VAL IA 671 -80.52 23.34 -56.91
C VAL IA 671 -81.67 22.89 -56.05
N SER IA 672 -82.81 22.70 -56.66
CA SER IA 672 -84.04 22.42 -55.94
C SER IA 672 -84.81 21.35 -56.70
N PHE IA 673 -85.29 20.34 -55.98
CA PHE IA 673 -86.14 19.35 -56.62
C PHE IA 673 -86.91 18.60 -55.56
N ASP IA 674 -88.10 18.15 -55.93
CA ASP IA 674 -88.87 17.29 -55.08
C ASP IA 674 -88.18 15.93 -55.02
N PHE IA 675 -88.49 15.15 -53.98
CA PHE IA 675 -87.84 13.86 -53.79
C PHE IA 675 -88.59 13.12 -52.69
N VAL IA 676 -88.99 11.88 -52.96
CA VAL IA 676 -89.71 11.05 -52.00
C VAL IA 676 -88.69 10.25 -51.22
N PHE IA 677 -88.69 10.38 -49.90
CA PHE IA 677 -87.69 9.70 -49.07
C PHE IA 677 -88.27 8.42 -48.51
N SER IA 678 -88.13 7.35 -49.27
CA SER IA 678 -88.33 6.01 -48.76
C SER IA 678 -87.22 5.75 -47.75
N LEU IA 679 -87.57 5.66 -46.48
CA LEU IA 679 -86.54 5.52 -45.48
C LEU IA 679 -86.25 4.05 -45.14
N GLN IA 680 -86.30 3.17 -46.13
CA GLN IA 680 -85.85 1.79 -45.96
C GLN IA 680 -85.16 1.24 -47.21
N THR IA 699 -78.01 1.56 -46.95
CA THR IA 699 -77.78 2.73 -47.80
C THR IA 699 -78.31 2.52 -49.21
N ALA IA 700 -79.57 2.92 -49.44
CA ALA IA 700 -80.11 2.95 -50.79
C ALA IA 700 -80.62 4.34 -51.14
N CYS IA 701 -81.49 4.85 -50.28
CA CYS IA 701 -82.16 6.13 -50.54
C CYS IA 701 -81.15 7.26 -50.65
N LEU IA 702 -80.13 7.25 -49.80
CA LEU IA 702 -79.15 8.31 -49.85
C LEU IA 702 -78.37 8.28 -51.14
N ASP IA 703 -78.06 7.09 -51.64
CA ASP IA 703 -77.36 7.01 -52.91
C ASP IA 703 -78.22 7.53 -54.05
N ALA IA 704 -79.51 7.17 -54.04
CA ALA IA 704 -80.43 7.75 -55.01
C ALA IA 704 -80.39 9.27 -54.95
N LEU IA 705 -80.55 9.82 -53.74
CA LEU IA 705 -80.50 11.26 -53.54
C LEU IA 705 -79.24 11.85 -54.12
N LYS IA 706 -78.10 11.19 -53.91
CA LYS IA 706 -76.84 11.75 -54.39
C LYS IA 706 -76.79 11.76 -55.91
N ARG IA 707 -77.30 10.71 -56.56
CA ARG IA 707 -77.31 10.71 -58.02
C ARG IA 707 -78.23 11.81 -58.56
N GLN IA 708 -79.44 11.93 -57.98
CA GLN IA 708 -80.37 12.97 -58.40
C GLN IA 708 -79.78 14.35 -58.19
N VAL IA 709 -79.11 14.56 -57.07
CA VAL IA 709 -78.43 15.81 -56.81
C VAL IA 709 -77.41 16.09 -57.89
N LEU IA 710 -76.61 15.09 -58.25
CA LEU IA 710 -75.63 15.30 -59.30
C LEU IA 710 -76.27 15.64 -60.62
N THR IA 711 -77.39 14.99 -60.94
CA THR IA 711 -78.05 15.27 -62.21
C THR IA 711 -78.61 16.67 -62.26
N SER IA 712 -79.42 17.07 -61.28
CA SER IA 712 -79.92 18.44 -61.24
C SER IA 712 -78.80 19.45 -61.08
N PHE IA 713 -77.64 18.99 -60.62
CA PHE IA 713 -76.48 19.86 -60.51
C PHE IA 713 -75.74 19.98 -61.84
N GLY IA 714 -75.89 19.02 -62.73
CA GLY IA 714 -75.14 19.04 -63.97
C GLY IA 714 -73.79 18.38 -63.80
N MET IA 715 -73.76 17.24 -63.13
CA MET IA 715 -72.55 16.46 -62.92
C MET IA 715 -72.83 15.00 -63.22
N PRO IA 716 -71.79 14.19 -63.41
CA PRO IA 716 -71.99 12.74 -63.52
C PRO IA 716 -72.58 12.15 -62.25
N ASP IA 717 -73.00 10.90 -62.35
CA ASP IA 717 -73.57 10.22 -61.19
C ASP IA 717 -72.52 9.60 -60.28
N GLY IA 718 -71.43 9.11 -60.85
CA GLY IA 718 -70.34 8.57 -60.05
C GLY IA 718 -69.43 9.59 -59.43
N ARG IA 719 -69.97 10.77 -59.10
CA ARG IA 719 -69.15 11.81 -58.50
C ARG IA 719 -68.99 11.57 -57.00
N ASP IA 720 -67.79 11.79 -56.51
CA ASP IA 720 -67.49 11.67 -55.08
C ASP IA 720 -68.18 12.79 -54.33
N ILE IA 721 -69.34 12.48 -53.77
CA ILE IA 721 -70.21 13.49 -53.18
C ILE IA 721 -70.62 13.03 -51.80
N GLU IA 722 -70.36 13.88 -50.80
CA GLU IA 722 -70.88 13.69 -49.46
C GLU IA 722 -71.98 14.72 -49.29
N LEU IA 723 -72.99 14.37 -48.50
CA LEU IA 723 -74.08 15.29 -48.24
C LEU IA 723 -74.05 15.71 -46.80
N GLY IA 724 -74.49 16.92 -46.53
CA GLY IA 724 -74.46 17.39 -45.15
C GLY IA 724 -75.64 18.23 -44.78
N TRP IA 725 -76.35 17.81 -43.75
CA TRP IA 725 -77.41 18.59 -43.17
C TRP IA 725 -76.97 20.02 -43.07
N TYR IA 726 -77.89 20.95 -43.25
CA TYR IA 726 -77.62 22.34 -42.90
C TYR IA 726 -78.65 22.76 -41.86
N LEU IA 727 -78.28 22.69 -40.59
CA LEU IA 727 -79.26 22.77 -39.52
C LEU IA 727 -79.90 24.14 -39.46
N PRO IA 728 -81.03 24.26 -38.78
CA PRO IA 728 -81.63 25.57 -38.59
C PRO IA 728 -80.70 26.57 -37.93
N THR IA 729 -79.58 26.13 -37.36
CA THR IA 729 -78.67 26.99 -36.63
C THR IA 729 -77.36 27.21 -37.34
N LEU IA 730 -77.31 26.97 -38.65
CA LEU IA 730 -76.14 27.13 -39.48
C LEU IA 730 -75.00 26.19 -39.12
N ASP IA 731 -75.28 25.14 -38.36
CA ASP IA 731 -74.37 24.01 -38.27
C ASP IA 731 -74.51 23.18 -39.53
N THR IA 732 -73.53 22.34 -39.81
CA THR IA 732 -73.67 21.42 -40.92
C THR IA 732 -73.22 20.05 -40.44
N CYS IA 733 -73.98 19.02 -40.79
CA CYS IA 733 -73.77 17.71 -40.20
C CYS IA 733 -73.84 16.64 -41.28
N PRO IA 734 -72.73 16.03 -41.65
CA PRO IA 734 -72.73 15.12 -42.80
C PRO IA 734 -73.61 13.91 -42.57
N ILE IA 735 -74.05 13.32 -43.67
CA ILE IA 735 -74.94 12.17 -43.68
C ILE IA 735 -74.24 11.06 -44.44
N HIS IA 736 -74.48 9.82 -44.03
CA HIS IA 736 -73.92 8.65 -44.67
C HIS IA 736 -74.90 7.50 -44.83
N ASN IA 737 -76.00 7.51 -44.10
CA ASN IA 737 -76.86 6.35 -43.96
C ASN IA 737 -78.22 6.61 -44.55
N ASP IA 738 -79.12 5.67 -44.28
CA ASP IA 738 -80.55 5.87 -44.44
C ASP IA 738 -81.23 6.16 -43.11
N VAL IA 739 -80.82 5.49 -42.03
CA VAL IA 739 -81.29 5.88 -40.71
C VAL IA 739 -80.85 7.28 -40.38
N GLU IA 740 -79.66 7.68 -40.83
CA GLU IA 740 -79.21 9.05 -40.59
C GLU IA 740 -80.19 10.06 -41.17
N ILE IA 741 -80.56 9.90 -42.44
CA ILE IA 741 -81.52 10.82 -43.02
C ILE IA 741 -82.88 10.70 -42.36
N MET IA 742 -83.26 9.51 -41.91
CA MET IA 742 -84.52 9.38 -41.18
C MET IA 742 -84.61 10.36 -40.04
N GLN IA 743 -83.58 10.41 -39.21
CA GLN IA 743 -83.58 11.35 -38.10
C GLN IA 743 -83.31 12.78 -38.54
N LEU IA 744 -82.55 12.98 -39.62
CA LEU IA 744 -82.43 14.32 -40.18
C LEU IA 744 -83.80 14.89 -40.50
N LEU IA 745 -84.65 14.11 -41.15
CA LEU IA 745 -86.00 14.53 -41.50
C LEU IA 745 -86.88 14.64 -40.27
N HIS IA 746 -86.81 13.68 -39.37
CA HIS IA 746 -87.66 13.72 -38.21
C HIS IA 746 -87.30 14.88 -37.30
N ALA IA 747 -86.10 15.44 -37.44
CA ALA IA 747 -85.71 16.56 -36.62
C ALA IA 747 -85.91 17.89 -37.33
N ASP IA 748 -85.22 18.09 -38.46
CA ASP IA 748 -85.34 19.34 -39.21
C ASP IA 748 -86.66 19.34 -39.97
N PRO IA 749 -87.68 20.02 -39.48
CA PRO IA 749 -88.93 20.03 -40.24
C PRO IA 749 -88.78 20.79 -41.53
N GLY IA 750 -87.85 21.73 -41.57
CA GLY IA 750 -87.68 22.66 -42.67
C GLY IA 750 -87.85 24.07 -42.16
N ILE IA 751 -87.32 25.05 -42.88
CA ILE IA 751 -87.59 26.45 -42.58
C ILE IA 751 -87.88 27.12 -43.91
N GLU IA 752 -89.08 27.66 -44.05
CA GLU IA 752 -89.52 28.15 -45.33
C GLU IA 752 -90.41 29.37 -45.14
N ASP IA 753 -90.48 30.20 -46.18
CA ASP IA 753 -91.33 31.38 -46.18
C ASP IA 753 -92.67 31.03 -46.81
N PRO IA 754 -93.78 31.33 -46.17
CA PRO IA 754 -95.08 31.08 -46.81
C PRO IA 754 -95.25 31.84 -48.11
N LYS IA 755 -94.58 32.97 -48.29
CA LYS IA 755 -94.58 33.66 -49.57
C LYS IA 755 -93.86 32.86 -50.65
N ALA IA 756 -93.02 31.92 -50.25
CA ALA IA 756 -92.52 30.89 -51.17
C ALA IA 756 -93.51 29.74 -51.12
N GLN IA 757 -94.30 29.61 -52.18
CA GLN IA 757 -95.29 28.54 -52.27
C GLN IA 757 -94.57 27.25 -52.59
N LEU IA 758 -94.52 26.34 -51.63
CA LEU IA 758 -93.97 25.02 -51.84
C LEU IA 758 -95.08 23.99 -51.80
N LYS IA 759 -94.73 22.78 -52.21
CA LYS IA 759 -95.71 21.70 -52.17
C LYS IA 759 -95.53 20.84 -50.93
N TYR IA 760 -94.35 20.28 -50.75
CA TYR IA 760 -93.88 19.41 -49.68
C TYR IA 760 -92.87 20.15 -48.81
N PRO IA 761 -92.70 19.75 -47.56
CA PRO IA 761 -91.77 20.45 -46.67
C PRO IA 761 -90.38 20.49 -47.26
N PRO IA 762 -89.71 21.63 -47.24
CA PRO IA 762 -88.36 21.70 -47.77
C PRO IA 762 -87.36 21.08 -46.83
N ILE IA 763 -86.22 20.70 -47.39
CA ILE IA 763 -85.10 20.23 -46.60
C ILE IA 763 -83.83 20.77 -47.25
N TYR IA 764 -82.80 20.94 -46.44
CA TYR IA 764 -81.68 21.80 -46.81
C TYR IA 764 -80.37 21.04 -46.63
N PHE IA 765 -79.74 20.71 -47.75
CA PHE IA 765 -78.45 20.05 -47.78
C PHE IA 765 -77.38 20.98 -48.32
N ILE IA 766 -76.17 20.73 -47.88
CA ILE IA 766 -74.99 21.18 -48.58
C ILE IA 766 -74.42 19.96 -49.25
N VAL IA 767 -73.77 20.17 -50.38
CA VAL IA 767 -73.11 19.10 -51.10
C VAL IA 767 -71.61 19.37 -51.06
N LYS IA 768 -70.87 18.52 -50.36
CA LYS IA 768 -69.43 18.61 -50.25
C LYS IA 768 -68.83 17.68 -51.28
N ARG IA 769 -68.11 18.24 -52.23
CA ARG IA 769 -67.50 17.45 -53.28
C ARG IA 769 -66.08 17.09 -52.90
N ASN IA 770 -65.70 15.84 -53.10
CA ASN IA 770 -64.34 15.47 -52.71
C ASN IA 770 -63.33 15.69 -53.83
N CYS IA 771 -63.70 15.40 -55.06
CA CYS IA 771 -62.91 15.74 -56.23
C CYS IA 771 -63.18 17.19 -56.63
N LEU IA 772 -62.23 18.08 -56.34
CA LEU IA 772 -62.33 19.46 -56.76
C LEU IA 772 -61.30 19.71 -57.84
N TYR IA 773 -61.77 19.91 -59.06
CA TYR IA 773 -60.90 19.77 -60.21
C TYR IA 773 -60.10 21.06 -60.46
N PHE IA 774 -59.23 20.98 -61.47
CA PHE IA 774 -58.58 22.18 -61.99
C PHE IA 774 -59.59 23.20 -62.44
N SER IA 775 -60.75 22.75 -62.96
CA SER IA 775 -61.78 23.70 -63.37
C SER IA 775 -62.37 24.44 -62.18
N GLU IA 776 -62.69 23.71 -61.11
CA GLU IA 776 -63.21 24.40 -59.95
C GLU IA 776 -62.16 25.21 -59.22
N TRP IA 777 -60.90 24.76 -59.18
CA TRP IA 777 -59.87 25.61 -58.63
C TRP IA 777 -59.75 26.87 -59.45
N ALA IA 778 -59.86 26.75 -60.76
CA ALA IA 778 -59.92 27.92 -61.58
C ALA IA 778 -61.07 28.82 -61.18
N TYR IA 779 -62.25 28.23 -60.92
CA TYR IA 779 -63.36 29.07 -60.51
C TYR IA 779 -63.03 29.82 -59.24
N ALA IA 780 -62.51 29.11 -58.25
CA ALA IA 780 -62.24 29.74 -56.96
C ALA IA 780 -61.16 30.81 -57.06
N VAL IA 781 -60.07 30.54 -57.77
CA VAL IA 781 -59.05 31.56 -57.85
C VAL IA 781 -59.56 32.74 -58.64
N LYS IA 782 -60.35 32.51 -59.66
CA LYS IA 782 -60.90 33.69 -60.33
C LYS IA 782 -61.79 34.45 -59.37
N HIS IA 783 -62.52 33.73 -58.53
CA HIS IA 783 -63.42 34.42 -57.61
C HIS IA 783 -62.68 35.30 -56.64
N GLN IA 784 -61.66 34.79 -55.96
CA GLN IA 784 -60.96 35.64 -54.99
C GLN IA 784 -60.03 36.66 -55.60
N LEU IA 785 -59.39 36.36 -56.74
CA LEU IA 785 -58.72 37.42 -57.45
C LEU IA 785 -59.70 38.52 -57.79
N LEU IA 786 -60.86 38.16 -58.35
CA LEU IA 786 -61.87 39.14 -58.70
C LEU IA 786 -62.40 39.87 -57.50
N LEU IA 787 -62.28 39.26 -56.33
CA LEU IA 787 -62.71 39.90 -55.11
C LEU IA 787 -61.74 40.96 -54.66
N GLN IA 788 -60.50 40.59 -54.37
CA GLN IA 788 -59.60 41.48 -53.65
C GLN IA 788 -59.17 42.64 -54.52
N SER IA 789 -58.61 43.65 -53.88
CA SER IA 789 -58.40 44.94 -54.49
C SER IA 789 -57.59 44.83 -55.76
N PRO IA 790 -57.98 45.50 -56.84
CA PRO IA 790 -57.24 45.38 -58.10
C PRO IA 790 -55.93 46.14 -58.13
N PHE IA 791 -55.93 47.41 -57.74
CA PHE IA 791 -54.63 48.08 -57.66
C PHE IA 791 -53.74 47.40 -56.64
N ALA IA 792 -54.31 46.82 -55.59
CA ALA IA 792 -53.46 46.00 -54.74
C ALA IA 792 -52.84 44.86 -55.53
N LEU IA 793 -53.60 44.24 -56.42
CA LEU IA 793 -53.06 43.13 -57.19
C LEU IA 793 -51.90 43.58 -58.06
N ARG IA 794 -52.10 44.64 -58.83
CA ARG IA 794 -51.04 45.08 -59.72
C ARG IA 794 -49.82 45.58 -58.96
N ALA IA 795 -50.03 46.27 -57.86
CA ALA IA 795 -48.93 46.70 -57.03
C ALA IA 795 -48.13 45.53 -56.51
N ALA IA 796 -48.80 44.51 -55.99
CA ALA IA 796 -48.11 43.36 -55.43
C ALA IA 796 -47.36 42.58 -56.51
N TYR IA 797 -47.90 42.51 -57.72
CA TYR IA 797 -47.14 41.84 -58.77
C TYR IA 797 -45.86 42.61 -59.12
N GLU IA 798 -45.97 43.92 -59.36
CA GLU IA 798 -44.73 44.66 -59.61
C GLU IA 798 -43.80 44.64 -58.41
N MET IA 799 -44.35 44.44 -57.22
CA MET IA 799 -43.54 44.19 -56.04
C MET IA 799 -42.73 42.91 -56.19
N LEU IA 800 -43.38 41.84 -56.61
CA LEU IA 800 -42.64 40.59 -56.79
C LEU IA 800 -41.55 40.76 -57.82
N LEU IA 801 -41.86 41.40 -58.92
CA LEU IA 801 -40.82 41.61 -59.92
C LEU IA 801 -39.65 42.42 -59.38
N GLU IA 802 -39.91 43.45 -58.58
CA GLU IA 802 -38.80 44.23 -58.07
C GLU IA 802 -37.97 43.43 -57.06
N VAL IA 803 -38.64 42.70 -56.17
CA VAL IA 803 -37.92 41.90 -55.17
C VAL IA 803 -37.12 40.79 -55.86
N ARG IA 804 -37.63 40.28 -56.99
CA ARG IA 804 -37.00 39.15 -57.64
C ARG IA 804 -35.83 39.59 -58.52
N GLY IA 805 -35.93 40.77 -59.13
CA GLY IA 805 -34.88 41.17 -60.05
C GLY IA 805 -34.96 40.36 -61.32
N ASP IA 806 -33.82 39.93 -61.84
CA ASP IA 806 -33.82 39.04 -63.00
C ASP IA 806 -34.40 37.69 -62.62
N GLY IA 807 -34.33 37.33 -61.35
CA GLY IA 807 -34.74 36.03 -60.87
C GLY IA 807 -33.60 35.14 -60.43
N SER IA 808 -32.39 35.38 -60.92
CA SER IA 808 -31.26 34.55 -60.56
C SER IA 808 -30.84 34.82 -59.13
N ALA IA 809 -30.41 33.76 -58.45
CA ALA IA 809 -30.01 33.86 -57.05
C ALA IA 809 -28.92 34.90 -56.83
N GLU IA 810 -28.31 35.42 -57.89
CA GLU IA 810 -27.34 36.48 -57.75
C GLU IA 810 -27.97 37.86 -57.77
N ARG IA 811 -29.28 37.95 -57.96
CA ARG IA 811 -29.97 39.23 -57.96
C ARG IA 811 -31.35 39.19 -57.32
N VAL IA 812 -31.82 38.03 -56.87
CA VAL IA 812 -32.99 38.01 -56.00
C VAL IA 812 -32.65 38.81 -54.77
N MET IA 813 -33.49 39.76 -54.43
CA MET IA 813 -33.07 40.81 -53.52
C MET IA 813 -32.77 40.23 -52.15
N PRO IA 814 -31.67 40.65 -51.52
CA PRO IA 814 -31.33 40.15 -50.18
C PRO IA 814 -32.38 40.58 -49.17
N LEU IA 815 -32.15 40.25 -47.90
CA LEU IA 815 -33.13 40.69 -46.94
C LEU IA 815 -33.12 42.20 -46.79
N ALA IA 816 -31.96 42.83 -46.73
CA ALA IA 816 -31.92 44.27 -46.54
C ALA IA 816 -32.77 44.97 -47.60
N GLU IA 817 -32.36 44.89 -48.85
CA GLU IA 817 -33.04 45.62 -49.90
C GLU IA 817 -34.37 45.01 -50.29
N SER IA 818 -34.59 43.74 -50.04
CA SER IA 818 -35.95 43.23 -50.13
C SER IA 818 -36.90 43.98 -49.21
N LEU IA 819 -36.52 44.13 -47.94
CA LEU IA 819 -37.35 44.86 -47.00
C LEU IA 819 -37.36 46.36 -47.30
N ALA IA 820 -36.32 46.90 -47.93
CA ALA IA 820 -36.37 48.29 -48.36
C ALA IA 820 -37.43 48.49 -49.44
N THR IA 821 -37.46 47.58 -50.42
CA THR IA 821 -38.52 47.58 -51.41
C THR IA 821 -39.88 47.43 -50.76
N GLU IA 822 -40.03 46.46 -49.87
CA GLU IA 822 -41.33 46.23 -49.29
C GLU IA 822 -41.79 47.43 -48.50
N PHE IA 823 -40.86 48.13 -47.85
CA PHE IA 823 -41.23 49.35 -47.14
C PHE IA 823 -41.75 50.39 -48.11
N LYS IA 824 -41.05 50.59 -49.21
CA LYS IA 824 -41.53 51.55 -50.19
C LYS IA 824 -42.95 51.22 -50.62
N TYR IA 825 -43.22 49.96 -50.92
CA TYR IA 825 -44.54 49.62 -51.42
C TYR IA 825 -45.63 49.74 -50.38
N ILE IA 826 -45.53 49.06 -49.25
CA ILE IA 826 -46.60 49.17 -48.29
C ILE IA 826 -46.74 50.61 -47.83
N SER IA 827 -45.66 51.38 -47.82
CA SER IA 827 -45.79 52.78 -47.41
C SER IA 827 -46.59 53.59 -48.41
N ARG IA 828 -46.16 53.62 -49.66
CA ARG IA 828 -46.91 54.32 -50.69
C ARG IA 828 -48.29 53.73 -50.94
N LEU IA 829 -48.60 52.57 -50.38
CA LEU IA 829 -49.91 51.95 -50.55
C LEU IA 829 -50.80 52.05 -49.32
N LEU IA 830 -50.27 52.54 -48.21
CA LEU IA 830 -51.15 52.88 -47.10
C LEU IA 830 -51.75 54.26 -47.30
N ARG IA 831 -51.02 55.15 -47.98
CA ARG IA 831 -51.51 56.49 -48.23
C ARG IA 831 -52.67 56.50 -49.20
N ARG IA 832 -53.06 55.36 -49.71
CA ARG IA 832 -54.21 55.25 -50.58
C ARG IA 832 -55.45 54.86 -49.78
N PRO IA 833 -56.53 55.64 -49.89
CA PRO IA 833 -57.74 55.32 -49.13
C PRO IA 833 -58.43 54.06 -49.55
N ASP IA 834 -57.98 53.41 -50.63
CA ASP IA 834 -58.33 52.00 -50.86
C ASP IA 834 -58.23 51.20 -49.58
N PHE IA 835 -57.12 51.35 -48.88
CA PHE IA 835 -56.84 50.58 -47.69
C PHE IA 835 -57.60 51.10 -46.49
N TYR IA 836 -57.23 52.29 -46.01
CA TYR IA 836 -57.67 52.65 -44.67
C TYR IA 836 -59.09 53.14 -44.62
N ARG IA 837 -59.71 53.41 -45.75
CA ARG IA 837 -61.12 53.72 -45.76
C ARG IA 837 -61.98 52.51 -46.00
N VAL IA 838 -61.53 51.57 -46.81
CA VAL IA 838 -62.29 50.39 -47.17
C VAL IA 838 -61.55 49.12 -46.79
N GLY IA 839 -60.27 49.02 -47.14
CA GLY IA 839 -59.55 47.77 -47.02
C GLY IA 839 -59.09 47.43 -45.62
N VAL IA 840 -59.14 48.37 -44.69
CA VAL IA 840 -58.91 48.01 -43.29
C VAL IA 840 -60.04 47.15 -42.80
N HIS IA 841 -61.24 47.69 -42.81
CA HIS IA 841 -62.32 47.13 -42.04
C HIS IA 841 -62.84 45.83 -42.59
N THR IA 842 -62.26 45.33 -43.68
CA THR IA 842 -62.73 44.06 -44.22
C THR IA 842 -62.41 42.91 -43.28
N ASP IA 843 -61.28 42.98 -42.58
CA ASP IA 843 -60.84 41.89 -41.73
C ASP IA 843 -61.46 41.91 -40.35
N LYS IA 844 -62.43 42.76 -40.10
CA LYS IA 844 -63.22 42.60 -38.90
C LYS IA 844 -64.03 41.33 -39.02
N SER IA 845 -64.30 40.69 -37.88
CA SER IA 845 -65.10 39.49 -37.91
C SER IA 845 -66.56 39.85 -38.21
N ALA IA 846 -67.32 38.86 -38.65
CA ALA IA 846 -68.71 39.11 -38.96
C ALA IA 846 -69.53 39.36 -37.70
N GLU IA 847 -68.93 39.18 -36.53
CA GLU IA 847 -69.57 39.64 -35.30
C GLU IA 847 -69.02 40.99 -34.87
N ALA IA 848 -67.75 41.27 -35.16
CA ALA IA 848 -67.22 42.60 -34.90
C ALA IA 848 -67.98 43.65 -35.69
N TRP IA 849 -68.32 43.34 -36.94
CA TRP IA 849 -69.07 44.29 -37.72
C TRP IA 849 -70.40 44.62 -37.07
N GLU IA 850 -71.06 43.65 -36.47
CA GLU IA 850 -72.31 43.97 -35.79
C GLU IA 850 -72.07 44.73 -34.51
N GLU IA 851 -71.01 44.39 -33.76
CA GLU IA 851 -70.64 45.21 -32.61
C GLU IA 851 -70.46 46.66 -33.00
N ILE IA 852 -70.09 46.93 -34.26
CA ILE IA 852 -69.90 48.28 -34.74
C ILE IA 852 -71.20 48.85 -35.27
N ARG IA 853 -72.02 48.02 -35.91
CA ARG IA 853 -73.27 48.54 -36.46
C ARG IA 853 -74.20 49.00 -35.35
N GLU IA 854 -74.26 48.25 -34.26
CA GLU IA 854 -75.05 48.73 -33.13
C GLU IA 854 -74.54 50.07 -32.60
N GLU IA 855 -73.23 50.23 -32.50
CA GLU IA 855 -72.68 51.52 -32.06
C GLU IA 855 -72.96 52.63 -33.05
N ARG IA 856 -72.72 52.40 -34.32
CA ARG IA 856 -72.94 53.46 -35.31
C ARG IA 856 -74.40 53.84 -35.38
N GLN IA 857 -75.30 52.90 -35.17
CA GLN IA 857 -76.70 53.24 -35.31
C GLN IA 857 -77.31 53.74 -34.02
N ARG IA 858 -76.67 53.55 -32.88
CA ARG IA 858 -77.29 53.94 -31.61
C ARG IA 858 -76.57 55.06 -30.87
N ASN IA 859 -75.27 55.23 -31.05
CA ASN IA 859 -74.50 56.20 -30.29
C ASN IA 859 -74.22 57.43 -31.14
N LEU IA 860 -74.51 58.61 -30.61
CA LEU IA 860 -74.24 59.82 -31.37
C LEU IA 860 -72.76 60.17 -31.40
N HIS IA 861 -72.13 60.26 -30.24
CA HIS IA 861 -70.73 60.63 -30.15
C HIS IA 861 -69.83 59.71 -30.94
N LYS IA 862 -70.34 58.56 -31.39
CA LYS IA 862 -69.58 57.70 -32.26
C LYS IA 862 -69.84 57.98 -33.72
N THR IA 863 -70.91 58.70 -34.06
CA THR IA 863 -71.20 59.03 -35.43
C THR IA 863 -70.85 60.47 -35.78
N HIS IA 864 -71.40 61.43 -35.06
CA HIS IA 864 -71.37 62.83 -35.50
C HIS IA 864 -70.05 63.46 -35.10
N GLN IA 865 -69.14 63.59 -36.08
CA GLN IA 865 -67.81 64.11 -35.86
C GLN IA 865 -67.19 63.45 -34.66
N PRO IA 866 -67.03 62.14 -34.67
CA PRO IA 866 -66.66 61.42 -33.45
C PRO IA 866 -65.20 61.62 -33.10
N THR IA 867 -64.90 61.39 -31.83
CA THR IA 867 -63.54 61.47 -31.36
C THR IA 867 -62.64 60.49 -32.09
N ARG IA 868 -63.21 59.46 -32.70
CA ARG IA 868 -62.44 58.53 -33.49
C ARG IA 868 -63.36 57.86 -34.49
N PRO IA 869 -62.94 57.75 -35.75
CA PRO IA 869 -63.88 57.38 -36.82
C PRO IA 869 -64.40 55.96 -36.66
N LEU IA 870 -65.67 55.79 -36.98
CA LEU IA 870 -66.31 54.50 -36.97
C LEU IA 870 -66.74 54.15 -38.39
N PRO IA 871 -66.34 53.01 -38.92
CA PRO IA 871 -66.58 52.74 -40.34
C PRO IA 871 -68.01 52.37 -40.64
N ASP IA 872 -68.43 52.73 -41.84
CA ASP IA 872 -69.79 52.48 -42.33
C ASP IA 872 -69.81 51.22 -43.18
N PHE IA 873 -70.60 50.25 -42.73
CA PHE IA 873 -70.61 48.95 -43.39
C PHE IA 873 -70.92 49.06 -44.88
N GLU IA 874 -71.65 50.10 -45.28
CA GLU IA 874 -71.99 50.28 -46.68
C GLU IA 874 -70.95 51.10 -47.43
N ASP IA 875 -70.15 51.90 -46.74
CA ASP IA 875 -68.95 52.40 -47.38
C ASP IA 875 -68.02 51.26 -47.70
N VAL IA 876 -67.76 50.37 -46.75
CA VAL IA 876 -66.79 49.33 -47.02
C VAL IA 876 -67.33 48.34 -48.04
N PHE IA 877 -68.49 47.74 -47.76
CA PHE IA 877 -68.97 46.60 -48.53
C PHE IA 877 -70.18 46.93 -49.38
N GLU IA 878 -70.18 46.36 -50.58
CA GLU IA 878 -71.12 46.66 -51.65
C GLU IA 878 -71.87 45.39 -51.99
N ARG IA 879 -73.17 45.33 -51.65
CA ARG IA 879 -73.89 44.07 -51.71
C ARG IA 879 -74.22 43.69 -53.15
N ASN IA 880 -74.14 42.39 -53.43
CA ASN IA 880 -74.65 41.82 -54.67
C ASN IA 880 -74.00 42.47 -55.89
N VAL IA 881 -72.72 42.35 -55.98
CA VAL IA 881 -71.96 42.83 -57.11
C VAL IA 881 -72.04 41.80 -58.22
N GLU IA 882 -71.46 42.12 -59.37
CA GLU IA 882 -71.36 41.20 -60.49
C GLU IA 882 -70.17 41.62 -61.34
N ILE IA 883 -69.26 40.70 -61.62
CA ILE IA 883 -68.16 40.93 -62.53
C ILE IA 883 -67.97 39.65 -63.34
N ASP IA 884 -68.24 39.71 -64.64
CA ASP IA 884 -68.06 38.62 -65.60
C ASP IA 884 -68.36 37.25 -65.01
N GLY IA 885 -69.55 37.09 -64.44
CA GLY IA 885 -70.05 35.78 -64.05
C GLY IA 885 -70.06 35.51 -62.57
N HIS IA 886 -69.29 36.24 -61.78
CA HIS IA 886 -69.13 35.98 -60.36
C HIS IA 886 -69.98 36.98 -59.60
N ARG IA 887 -71.09 36.52 -59.04
CA ARG IA 887 -71.95 37.38 -58.25
C ARG IA 887 -71.43 37.44 -56.83
N PHE IA 888 -70.64 38.47 -56.54
CA PHE IA 888 -70.14 38.73 -55.21
C PHE IA 888 -71.30 39.13 -54.32
N LEU IA 889 -71.61 38.32 -53.33
CA LEU IA 889 -72.56 38.81 -52.35
C LEU IA 889 -72.01 40.04 -51.65
N LEU IA 890 -70.69 40.17 -51.52
CA LEU IA 890 -70.09 41.24 -50.74
C LEU IA 890 -68.69 41.54 -51.26
N ARG IA 891 -68.51 42.65 -51.96
CA ARG IA 891 -67.18 43.03 -52.37
C ARG IA 891 -66.88 44.41 -51.79
N PRO IA 892 -65.69 44.62 -51.29
CA PRO IA 892 -65.30 45.96 -50.84
C PRO IA 892 -65.33 46.97 -51.97
N ARG IA 893 -65.30 48.24 -51.57
CA ARG IA 893 -65.33 49.34 -52.52
C ARG IA 893 -63.90 49.85 -52.71
N TRP IA 894 -63.14 49.12 -53.49
CA TRP IA 894 -61.80 49.57 -53.79
C TRP IA 894 -61.88 50.83 -54.62
N SER IA 895 -60.79 51.55 -54.71
CA SER IA 895 -60.94 52.78 -55.48
C SER IA 895 -61.03 52.45 -56.97
N PRO IA 896 -60.00 51.90 -57.61
CA PRO IA 896 -60.17 51.58 -59.03
C PRO IA 896 -60.97 50.32 -59.17
N ARG IA 897 -62.26 50.45 -59.45
CA ARG IA 897 -63.24 49.40 -59.18
C ARG IA 897 -62.73 48.01 -59.50
N THR IA 898 -62.41 47.77 -60.76
CA THR IA 898 -61.97 46.48 -61.24
C THR IA 898 -60.63 46.69 -61.93
N LEU IA 899 -59.90 45.59 -62.13
CA LEU IA 899 -58.50 45.65 -62.52
C LEU IA 899 -58.25 46.50 -63.76
N GLN IA 900 -59.14 46.43 -64.75
CA GLN IA 900 -58.91 47.07 -66.04
C GLN IA 900 -58.85 48.59 -65.94
N GLU IA 901 -59.57 49.18 -64.99
CA GLU IA 901 -59.61 50.62 -64.85
C GLU IA 901 -58.34 51.21 -64.28
N VAL IA 902 -57.46 50.39 -63.70
CA VAL IA 902 -56.28 50.89 -63.00
C VAL IA 902 -55.35 51.56 -63.99
N LEU IA 903 -54.99 52.81 -63.72
CA LEU IA 903 -54.09 53.51 -64.62
C LEU IA 903 -52.74 52.82 -64.61
N ASP IA 904 -52.08 52.83 -65.76
CA ASP IA 904 -50.80 52.16 -65.92
C ASP IA 904 -49.64 53.12 -65.84
N ALA IA 905 -49.87 54.41 -66.07
CA ALA IA 905 -48.83 55.37 -65.77
C ALA IA 905 -48.76 55.68 -64.29
N ASP IA 906 -49.74 55.22 -63.53
CA ASP IA 906 -49.70 55.20 -62.07
C ASP IA 906 -48.83 54.08 -61.55
N VAL IA 907 -49.22 52.82 -61.76
CA VAL IA 907 -48.52 51.68 -61.20
C VAL IA 907 -47.03 51.69 -61.47
N MET IA 908 -46.59 52.35 -62.52
CA MET IA 908 -45.17 52.42 -62.78
C MET IA 908 -44.50 53.48 -61.92
N ARG IA 909 -45.28 54.24 -61.14
CA ARG IA 909 -44.67 55.13 -60.17
C ARG IA 909 -44.07 54.36 -59.01
N LEU IA 910 -44.80 53.40 -58.45
CA LEU IA 910 -44.30 52.55 -57.38
C LEU IA 910 -42.98 51.85 -57.73
N HIS IA 911 -42.51 52.01 -58.97
CA HIS IA 911 -41.16 51.65 -59.34
C HIS IA 911 -40.18 52.79 -59.12
N THR IA 912 -40.67 54.01 -58.93
CA THR IA 912 -39.77 55.11 -58.64
C THR IA 912 -39.26 54.99 -57.22
N SER IA 913 -38.01 55.40 -57.01
CA SER IA 913 -37.47 55.49 -55.66
C SER IA 913 -38.32 56.43 -54.82
N LEU IA 914 -38.12 56.40 -53.51
CA LEU IA 914 -38.92 57.23 -52.61
C LEU IA 914 -38.47 58.68 -52.77
N ALA IA 915 -39.41 59.54 -53.15
CA ALA IA 915 -39.14 60.97 -53.28
C ALA IA 915 -39.86 61.71 -52.16
N TYR IA 916 -39.13 62.04 -51.10
CA TYR IA 916 -39.73 62.69 -49.95
C TYR IA 916 -40.41 64.01 -50.33
N GLN IA 917 -40.02 64.62 -51.44
CA GLN IA 917 -40.78 65.74 -51.97
C GLN IA 917 -42.19 65.31 -52.34
N ASP IA 918 -42.34 64.10 -52.87
CA ASP IA 918 -43.66 63.66 -53.29
C ASP IA 918 -44.48 63.19 -52.10
N GLU IA 919 -44.04 62.11 -51.45
CA GLU IA 919 -44.82 61.52 -50.37
C GLU IA 919 -44.41 62.05 -49.02
N GLY IA 920 -43.12 62.29 -48.82
CA GLY IA 920 -42.63 62.52 -47.49
C GLY IA 920 -42.36 61.25 -46.75
N ILE IA 921 -41.75 60.27 -47.41
CA ILE IA 921 -41.37 59.00 -46.79
C ILE IA 921 -39.87 58.88 -46.89
N ALA IA 922 -39.20 58.79 -45.77
CA ALA IA 922 -37.77 58.59 -45.84
C ALA IA 922 -37.45 57.14 -46.09
N PRO IA 923 -36.34 56.84 -46.76
CA PRO IA 923 -35.98 55.44 -47.01
C PRO IA 923 -35.86 54.64 -45.72
N LEU IA 924 -35.76 53.33 -45.87
CA LEU IA 924 -35.57 52.51 -44.67
C LEU IA 924 -34.11 52.14 -44.46
N HIS IA 925 -33.53 51.34 -45.36
CA HIS IA 925 -32.24 50.69 -45.11
C HIS IA 925 -32.23 50.01 -43.75
N VAL IA 926 -32.99 48.93 -43.65
CA VAL IA 926 -33.39 48.38 -42.36
C VAL IA 926 -32.22 48.15 -41.41
N PRO IA 927 -31.00 47.79 -41.84
CA PRO IA 927 -29.88 47.89 -40.93
C PRO IA 927 -29.14 49.20 -41.15
N THR IA 928 -28.39 49.64 -40.14
CA THR IA 928 -27.89 51.01 -40.00
C THR IA 928 -29.05 51.96 -39.74
N GLN IA 929 -30.22 51.40 -39.61
CA GLN IA 929 -31.32 51.98 -38.91
C GLN IA 929 -31.76 51.09 -37.78
N CYS IA 930 -31.56 49.78 -37.90
CA CYS IA 930 -31.77 48.90 -36.77
C CYS IA 930 -30.74 49.18 -35.70
N ALA IA 931 -29.51 49.42 -36.09
CA ALA IA 931 -28.46 49.68 -35.12
C ALA IA 931 -28.59 51.09 -34.53
N LYS IA 932 -28.46 52.12 -35.36
CA LYS IA 932 -28.18 53.47 -34.88
C LYS IA 932 -29.37 54.40 -34.94
N ALA IA 933 -30.60 53.89 -34.81
CA ALA IA 933 -31.76 54.74 -35.00
C ALA IA 933 -31.97 55.68 -33.83
N ASN IA 934 -31.48 55.31 -32.66
CA ASN IA 934 -31.63 56.11 -31.46
C ASN IA 934 -30.35 56.86 -31.09
N ARG IA 935 -29.21 56.39 -31.57
CA ARG IA 935 -27.95 57.06 -31.36
C ARG IA 935 -27.60 57.99 -32.50
N ILE IA 936 -28.50 58.20 -33.45
CA ILE IA 936 -28.22 59.18 -34.49
C ILE IA 936 -28.26 60.58 -33.92
N SER IA 937 -29.21 60.85 -33.03
CA SER IA 937 -29.31 62.17 -32.43
C SER IA 937 -28.04 62.56 -31.72
N ASP IA 938 -27.32 61.58 -31.19
CA ASP IA 938 -26.10 61.87 -30.43
C ASP IA 938 -24.88 61.73 -31.31
N MET IA 939 -24.94 60.91 -32.35
CA MET IA 939 -23.92 61.02 -33.37
C MET IA 939 -23.87 62.40 -33.95
N VAL IA 940 -25.02 63.02 -34.19
CA VAL IA 940 -25.04 64.40 -34.66
C VAL IA 940 -24.44 65.33 -33.64
N GLU IA 941 -24.85 65.22 -32.37
CA GLU IA 941 -24.29 66.10 -31.35
C GLU IA 941 -22.78 66.02 -31.34
N ASP IA 942 -22.22 64.84 -31.15
CA ASP IA 942 -20.77 64.70 -31.19
C ASP IA 942 -20.23 65.03 -32.58
N ALA IA 943 -21.08 65.09 -33.59
CA ALA IA 943 -20.69 65.51 -34.92
C ALA IA 943 -20.80 67.01 -35.09
N GLY IA 944 -21.12 67.72 -34.02
CA GLY IA 944 -21.10 69.17 -34.04
C GLY IA 944 -22.40 69.82 -34.41
N GLY IA 945 -23.52 69.15 -34.19
CA GLY IA 945 -24.81 69.67 -34.58
C GLY IA 945 -24.95 69.79 -36.09
N LEU IA 946 -26.19 69.95 -36.52
CA LEU IA 946 -26.48 70.18 -37.93
C LEU IA 946 -26.04 71.58 -38.28
N GLU IA 947 -25.11 71.72 -39.21
CA GLU IA 947 -24.77 73.03 -39.74
C GLU IA 947 -25.78 73.38 -40.83
N VAL IA 948 -26.69 74.29 -40.52
CA VAL IA 948 -27.74 74.68 -41.45
C VAL IA 948 -27.16 75.61 -42.50
N VAL IA 949 -26.81 75.08 -43.66
CA VAL IA 949 -26.32 75.90 -44.78
C VAL IA 949 -27.46 76.07 -45.77
N PRO IA 950 -27.88 77.30 -46.06
CA PRO IA 950 -29.08 77.52 -46.86
C PRO IA 950 -28.86 77.17 -48.32
N GLY IA 951 -29.76 76.35 -48.86
CA GLY IA 951 -29.71 76.00 -50.27
C GLY IA 951 -28.61 75.03 -50.61
N LEU IA 952 -28.70 73.79 -50.13
CA LEU IA 952 -27.74 72.78 -50.53
C LEU IA 952 -28.17 72.08 -51.82
N GLY IA 953 -29.24 71.30 -51.76
CA GLY IA 953 -29.64 70.52 -52.89
C GLY IA 953 -30.65 71.26 -53.74
N GLU IA 954 -30.81 72.54 -53.44
CA GLU IA 954 -31.70 73.39 -54.21
C GLU IA 954 -30.99 73.80 -55.49
N LEU IA 955 -31.67 73.59 -56.62
CA LEU IA 955 -31.08 73.79 -57.93
C LEU IA 955 -31.32 75.19 -58.44
N ASP IA 956 -30.39 75.65 -59.27
CA ASP IA 956 -30.44 76.97 -59.87
C ASP IA 956 -31.20 76.90 -61.19
N ALA IA 957 -31.63 78.06 -61.66
CA ALA IA 957 -32.49 78.10 -62.84
C ALA IA 957 -31.91 77.28 -63.98
N LYS IA 958 -30.61 77.41 -64.22
CA LYS IA 958 -29.92 76.69 -65.27
C LYS IA 958 -29.69 75.23 -64.92
N GLY IA 959 -30.37 74.71 -63.90
CA GLY IA 959 -30.35 73.30 -63.58
C GLY IA 959 -29.22 72.85 -62.69
N THR IA 960 -28.28 73.73 -62.39
CA THR IA 960 -27.17 73.38 -61.51
C THR IA 960 -27.55 73.67 -60.06
N PRO IA 961 -26.83 73.09 -59.10
CA PRO IA 961 -27.09 73.40 -57.71
C PRO IA 961 -26.27 74.57 -57.23
N VAL IA 962 -26.88 75.37 -56.37
CA VAL IA 962 -26.16 76.36 -55.60
C VAL IA 962 -25.42 75.61 -54.50
N VAL IA 963 -24.39 76.24 -53.95
CA VAL IA 963 -23.67 75.68 -52.81
C VAL IA 963 -23.12 74.30 -53.17
N PRO IA 964 -22.00 74.23 -53.89
CA PRO IA 964 -21.47 72.96 -54.40
C PRO IA 964 -21.55 71.86 -53.36
N PRO IA 965 -21.89 70.65 -53.77
CA PRO IA 965 -22.13 69.58 -52.79
C PRO IA 965 -20.83 69.20 -52.09
N LEU IA 966 -20.97 68.28 -51.13
CA LEU IA 966 -19.80 67.68 -50.52
C LEU IA 966 -19.35 66.49 -51.37
N GLN IA 967 -18.04 66.39 -51.57
CA GLN IA 967 -17.46 65.43 -52.49
C GLN IA 967 -16.55 64.47 -51.74
N SER IA 968 -16.70 63.19 -52.04
CA SER IA 968 -15.98 62.14 -51.32
C SER IA 968 -14.64 61.85 -51.97
N ASN IA 969 -13.67 61.42 -51.18
CA ASN IA 969 -12.33 61.11 -51.65
C ASN IA 969 -11.94 59.65 -51.39
N ALA IA 970 -12.89 58.73 -51.46
CA ALA IA 970 -12.67 57.36 -51.01
C ALA IA 970 -12.49 56.42 -52.19
N HIS IA 971 -11.63 55.42 -52.01
CA HIS IA 971 -11.44 54.37 -53.01
C HIS IA 971 -10.98 53.10 -52.31
N VAL IA 972 -10.40 52.20 -53.08
CA VAL IA 972 -9.78 50.99 -52.52
C VAL IA 972 -8.29 51.25 -52.37
N PRO IA 973 -7.72 51.08 -51.18
CA PRO IA 973 -6.28 51.34 -51.01
C PRO IA 973 -5.48 50.29 -51.76
N GLN IA 974 -4.48 50.76 -52.51
CA GLN IA 974 -3.78 49.95 -53.50
C GLN IA 974 -2.36 49.62 -53.07
N ASN IA 975 -1.99 49.92 -51.84
CA ASN IA 975 -0.66 49.56 -51.40
C ASN IA 975 -0.62 49.05 -49.97
N VAL IA 976 -1.71 48.45 -49.50
CA VAL IA 976 -1.83 48.05 -48.12
C VAL IA 976 -2.02 46.54 -47.98
N SER IA 977 -1.37 45.75 -48.83
CA SER IA 977 -1.15 44.36 -48.50
C SER IA 977 -0.22 44.29 -47.29
N PHE IA 978 -0.69 43.65 -46.23
CA PHE IA 978 0.07 43.56 -44.98
C PHE IA 978 1.33 42.73 -45.12
N TYR IA 979 1.44 41.95 -46.19
CA TYR IA 979 2.56 41.05 -46.38
C TYR IA 979 3.82 41.77 -46.81
N GLU IA 980 3.74 42.70 -47.72
CA GLU IA 980 4.91 43.50 -48.00
C GLU IA 980 5.33 44.29 -46.79
N MET IA 981 4.60 44.16 -45.68
CA MET IA 981 4.95 44.88 -44.46
C MET IA 981 5.64 43.98 -43.46
N ALA IA 982 4.91 43.00 -42.94
CA ALA IA 982 5.45 42.16 -41.88
C ALA IA 982 6.10 40.97 -42.56
N ARG IA 983 7.19 41.25 -43.24
CA ARG IA 983 7.77 40.29 -44.16
C ARG IA 983 8.60 39.26 -43.42
N HIS IA 984 9.44 38.56 -44.15
CA HIS IA 984 10.45 37.72 -43.56
C HIS IA 984 11.64 38.56 -43.13
N PRO IA 985 12.31 38.18 -42.04
CA PRO IA 985 13.37 39.03 -41.48
C PRO IA 985 14.66 39.03 -42.30
N TRP IA 986 15.20 37.86 -42.68
CA TRP IA 986 16.48 37.86 -43.34
C TRP IA 986 16.40 37.81 -44.86
N GLU IA 987 15.53 36.98 -45.41
CA GLU IA 987 15.16 37.03 -46.82
C GLU IA 987 14.02 38.01 -47.00
N ASP IA 988 13.56 38.18 -48.23
CA ASP IA 988 12.49 39.12 -48.51
C ASP IA 988 11.21 38.45 -48.98
N ALA IA 989 10.98 37.20 -48.62
CA ALA IA 989 9.76 36.52 -49.02
C ALA IA 989 8.61 36.97 -48.14
N ALA IA 990 7.97 38.05 -48.54
CA ALA IA 990 7.02 38.76 -47.69
C ALA IA 990 5.72 38.00 -47.54
N SER IA 991 5.64 37.06 -46.60
CA SER IA 991 4.38 36.41 -46.27
C SER IA 991 4.36 35.98 -44.82
N SER IA 992 3.32 35.24 -44.48
CA SER IA 992 3.05 34.82 -43.11
C SER IA 992 3.42 33.38 -42.84
N TRP IA 993 4.53 32.89 -43.38
CA TRP IA 993 4.95 31.54 -43.07
C TRP IA 993 6.31 31.58 -42.39
N ARG IA 994 6.45 30.84 -41.29
CA ARG IA 994 7.68 30.76 -40.49
C ARG IA 994 8.60 29.71 -41.10
N ARG IA 995 9.88 30.04 -41.24
CA ARG IA 995 10.85 29.11 -41.78
C ARG IA 995 12.18 29.36 -41.06
N ASP IA 996 12.45 28.57 -40.03
CA ASP IA 996 13.65 28.80 -39.23
C ASP IA 996 14.87 28.47 -40.08
N GLY IA 997 15.41 29.48 -40.75
CA GLY IA 997 16.44 29.27 -41.75
C GLY IA 997 17.74 28.74 -41.17
N PHE IA 998 18.76 28.74 -42.03
CA PHE IA 998 20.09 28.29 -41.63
C PHE IA 998 21.12 29.37 -41.86
N THR IA 999 22.02 29.49 -40.90
CA THR IA 999 22.99 30.57 -40.90
C THR IA 999 23.87 30.48 -42.14
N GLU IA 1000 24.26 31.64 -42.63
CA GLU IA 1000 25.24 31.65 -43.69
C GLU IA 1000 26.60 31.24 -43.12
N GLY IA 1001 27.34 30.50 -43.93
CA GLY IA 1001 28.46 29.72 -43.42
C GLY IA 1001 28.05 28.31 -43.12
N SER IA 1002 27.17 28.13 -42.14
CA SER IA 1002 26.71 26.77 -41.85
C SER IA 1002 25.77 26.27 -42.92
N LEU IA 1003 25.52 27.08 -43.94
CA LEU IA 1003 24.96 26.52 -45.16
C LEU IA 1003 25.99 26.47 -46.29
N ALA IA 1004 26.85 27.48 -46.38
CA ALA IA 1004 27.91 27.43 -47.38
C ALA IA 1004 28.72 26.14 -47.26
N ASN IA 1005 29.47 26.02 -46.17
CA ASN IA 1005 30.30 24.85 -45.94
C ASN IA 1005 29.50 23.57 -45.96
N TYR IA 1006 28.31 23.60 -45.37
CA TYR IA 1006 27.47 22.42 -45.30
C TYR IA 1006 27.17 21.88 -46.68
N GLU IA 1007 26.46 22.65 -47.48
CA GLU IA 1007 26.11 22.19 -48.82
C GLU IA 1007 27.34 21.93 -49.67
N ALA IA 1008 28.41 22.71 -49.49
CA ALA IA 1008 29.61 22.48 -50.29
C ALA IA 1008 30.16 21.09 -50.03
N GLN IA 1009 30.42 20.76 -48.78
CA GLN IA 1009 30.94 19.43 -48.55
C GLN IA 1009 29.90 18.36 -48.83
N TYR IA 1010 28.61 18.68 -48.86
CA TYR IA 1010 27.70 17.67 -49.36
C TYR IA 1010 27.96 17.41 -50.83
N ARG IA 1011 28.18 18.46 -51.60
CA ARG IA 1011 28.50 18.25 -53.00
C ARG IA 1011 29.78 17.44 -53.16
N ALA IA 1012 30.80 17.75 -52.36
CA ALA IA 1012 32.03 16.96 -52.43
C ALA IA 1012 31.78 15.50 -52.08
N ALA IA 1013 31.02 15.24 -51.02
CA ALA IA 1013 30.76 13.87 -50.63
C ALA IA 1013 29.93 13.13 -51.66
N GLU IA 1014 29.02 13.81 -52.33
CA GLU IA 1014 28.28 13.12 -53.37
C GLU IA 1014 29.14 12.87 -54.58
N ARG IA 1015 30.01 13.82 -54.95
CA ARG IA 1015 30.91 13.61 -56.08
C ARG IA 1015 31.96 12.55 -55.79
N ALA IA 1016 32.24 12.25 -54.53
CA ALA IA 1016 33.18 11.17 -54.25
C ALA IA 1016 32.49 9.84 -54.03
N VAL IA 1017 31.32 9.81 -53.40
CA VAL IA 1017 30.59 8.55 -53.29
C VAL IA 1017 30.14 8.07 -54.64
N TYR IA 1018 29.29 8.85 -55.32
CA TYR IA 1018 28.58 8.32 -56.46
C TYR IA 1018 29.41 8.30 -57.72
N ASP IA 1019 30.37 9.21 -57.85
CA ASP IA 1019 31.19 9.30 -59.06
C ASP IA 1019 32.65 9.26 -58.63
N GLU IA 1020 33.14 8.05 -58.34
CA GLU IA 1020 34.38 7.92 -57.57
C GLU IA 1020 35.62 7.91 -58.47
N GLU IA 1021 35.57 7.16 -59.57
CA GLU IA 1021 36.74 7.03 -60.43
C GLU IA 1021 36.96 8.25 -61.30
N GLY IA 1022 36.12 9.28 -61.17
CA GLY IA 1022 36.36 10.52 -61.87
C GLY IA 1022 36.29 10.41 -63.38
N ARG IA 1023 35.65 9.36 -63.89
CA ARG IA 1023 35.46 9.25 -65.33
C ARG IA 1023 34.31 10.10 -65.84
N GLY IA 1024 33.69 10.90 -64.97
CA GLY IA 1024 32.47 11.59 -65.32
C GLY IA 1024 31.22 10.75 -65.19
N GLY IA 1025 31.33 9.54 -64.64
CA GLY IA 1025 30.19 8.66 -64.52
C GLY IA 1025 29.82 8.36 -63.07
N HIS IA 1026 28.53 8.42 -62.76
CA HIS IA 1026 28.07 8.12 -61.41
C HIS IA 1026 27.89 6.63 -61.20
N ASN IA 1027 28.88 6.03 -60.55
CA ASN IA 1027 28.85 4.62 -60.22
C ASN IA 1027 28.10 4.44 -58.91
N TYR IA 1028 26.92 3.84 -58.99
CA TYR IA 1028 26.16 3.57 -57.79
C TYR IA 1028 26.85 2.61 -56.84
N TRP IA 1029 27.87 1.87 -57.29
CA TRP IA 1029 28.52 0.84 -56.47
C TRP IA 1029 29.97 1.18 -56.19
N PRO IA 1030 30.25 2.26 -55.45
CA PRO IA 1030 31.63 2.57 -55.14
C PRO IA 1030 32.16 1.56 -54.14
N SER IA 1031 33.43 1.71 -53.84
CA SER IA 1031 34.05 0.74 -52.95
C SER IA 1031 33.71 1.06 -51.50
N ARG IA 1032 34.11 0.16 -50.61
CA ARG IA 1032 34.11 0.48 -49.19
C ARG IA 1032 34.83 1.81 -48.96
N GLU IA 1033 35.99 1.99 -49.57
CA GLU IA 1033 36.79 3.19 -49.36
C GLU IA 1033 36.13 4.45 -49.88
N ALA IA 1034 35.39 4.38 -50.98
CA ALA IA 1034 34.72 5.57 -51.47
C ALA IA 1034 33.47 5.89 -50.66
N SER IA 1035 32.62 4.89 -50.45
CA SER IA 1035 31.40 5.12 -49.68
C SER IA 1035 31.71 5.61 -48.28
N GLU IA 1036 32.66 4.96 -47.60
CA GLU IA 1036 32.99 5.26 -46.23
C GLU IA 1036 34.37 5.87 -46.09
N GLY IA 1037 34.79 6.67 -47.05
CA GLY IA 1037 35.94 7.50 -46.82
C GLY IA 1037 35.51 8.94 -46.64
N VAL IA 1038 35.92 9.56 -45.54
CA VAL IA 1038 35.68 10.99 -45.37
C VAL IA 1038 36.48 11.74 -46.41
N THR IA 1039 35.87 12.77 -46.98
CA THR IA 1039 36.52 13.53 -48.04
C THR IA 1039 37.85 14.10 -47.55
N SER IA 1040 38.73 14.35 -48.51
CA SER IA 1040 40.07 14.88 -48.25
C SER IA 1040 40.08 16.38 -48.04
N GLU IA 1041 38.93 16.98 -47.80
CA GLU IA 1041 38.83 18.43 -47.58
C GLU IA 1041 39.28 18.84 -46.19
N GLU IA 1042 40.02 18.00 -45.48
CA GLU IA 1042 40.75 18.47 -44.32
C GLU IA 1042 41.93 19.35 -44.69
N LYS IA 1043 42.09 19.70 -45.97
CA LYS IA 1043 42.93 20.81 -46.36
C LYS IA 1043 42.34 22.14 -45.92
N ASP IA 1044 41.08 22.15 -45.50
CA ASP IA 1044 40.48 23.38 -44.99
C ASP IA 1044 41.15 23.80 -43.69
N ALA IA 1045 41.34 22.87 -42.75
CA ALA IA 1045 42.03 23.22 -41.51
C ALA IA 1045 43.49 23.50 -41.78
N ALA IA 1046 44.03 22.99 -42.89
CA ALA IA 1046 45.39 23.36 -43.25
C ALA IA 1046 45.46 24.79 -43.77
N LEU IA 1047 44.51 25.17 -44.61
CA LEU IA 1047 44.36 26.58 -44.98
C LEU IA 1047 44.21 27.44 -43.73
N LEU IA 1048 43.41 26.98 -42.78
CA LEU IA 1048 43.34 27.63 -41.47
C LEU IA 1048 44.72 27.71 -40.83
N ARG IA 1049 45.46 26.61 -40.86
CA ARG IA 1049 46.78 26.54 -40.23
C ARG IA 1049 47.77 27.47 -40.92
N GLU IA 1050 47.47 27.88 -42.15
CA GLU IA 1050 48.35 28.81 -42.82
C GLU IA 1050 47.94 30.26 -42.65
N ARG IA 1051 46.64 30.55 -42.66
CA ARG IA 1051 46.19 31.92 -42.69
C ARG IA 1051 45.50 32.38 -41.42
N LEU IA 1052 45.36 31.52 -40.41
CA LEU IA 1052 44.87 31.92 -39.10
C LEU IA 1052 45.91 31.74 -38.01
N PHE IA 1053 46.37 30.51 -37.78
CA PHE IA 1053 47.30 30.27 -36.69
C PHE IA 1053 48.73 30.64 -37.04
N LYS IA 1054 49.13 30.49 -38.29
CA LYS IA 1054 50.52 30.79 -38.62
C LYS IA 1054 50.89 32.25 -38.39
N PRO IA 1055 50.13 33.25 -38.87
CA PRO IA 1055 50.53 34.63 -38.56
C PRO IA 1055 50.55 34.90 -37.07
N LEU IA 1056 49.68 34.23 -36.32
CA LEU IA 1056 49.78 34.27 -34.86
C LEU IA 1056 51.13 33.71 -34.43
N GLU IA 1057 51.56 32.61 -35.04
CA GLU IA 1057 52.79 31.97 -34.61
C GLU IA 1057 54.01 32.79 -34.97
N GLU IA 1058 53.87 33.69 -35.94
CA GLU IA 1058 54.91 34.70 -36.14
C GLU IA 1058 54.75 35.84 -35.14
N ALA IA 1059 53.51 36.21 -34.82
CA ALA IA 1059 53.23 37.32 -33.94
C ALA IA 1059 53.69 37.08 -32.51
N LEU IA 1060 53.66 35.83 -32.07
CA LEU IA 1060 54.05 35.44 -30.72
C LEU IA 1060 55.54 35.49 -30.50
N SER IA 1061 56.29 35.92 -31.52
CA SER IA 1061 57.71 36.21 -31.33
C SER IA 1061 57.91 37.48 -30.52
N GLY IA 1062 56.81 38.14 -30.13
CA GLY IA 1062 56.88 39.31 -29.27
C GLY IA 1062 56.33 39.12 -27.87
N VAL IA 1063 55.72 37.97 -27.57
CA VAL IA 1063 55.23 37.73 -26.22
C VAL IA 1063 56.41 37.41 -25.32
N GLU IA 1064 56.28 37.72 -24.04
CA GLU IA 1064 57.35 37.44 -23.11
C GLU IA 1064 57.29 35.98 -22.70
N PRO IA 1065 58.44 35.32 -22.56
CA PRO IA 1065 58.42 33.86 -22.36
C PRO IA 1065 57.58 33.37 -21.22
N TRP IA 1066 57.56 34.06 -20.08
CA TRP IA 1066 56.88 33.49 -18.92
C TRP IA 1066 55.41 33.27 -19.19
N ALA IA 1067 54.77 34.15 -19.97
CA ALA IA 1067 53.36 33.99 -20.31
C ALA IA 1067 53.15 32.88 -21.34
N ARG IA 1068 53.99 32.82 -22.36
CA ARG IA 1068 53.87 31.73 -23.32
C ARG IA 1068 54.01 30.39 -22.63
N ASN IA 1069 55.00 30.27 -21.75
CA ASN IA 1069 55.15 29.03 -20.98
C ASN IA 1069 54.00 28.81 -20.01
N LEU IA 1070 53.44 29.87 -19.43
CA LEU IA 1070 52.34 29.69 -18.50
C LEU IA 1070 51.06 29.25 -19.20
N ARG IA 1071 50.61 29.98 -20.21
CA ARG IA 1071 49.49 29.51 -21.01
C ARG IA 1071 49.79 28.15 -21.62
N ARG IA 1072 51.05 27.89 -21.93
CA ARG IA 1072 51.45 26.59 -22.40
C ARG IA 1072 51.07 25.51 -21.39
N SER IA 1073 51.73 25.51 -20.24
CA SER IA 1073 51.47 24.51 -19.23
C SER IA 1073 50.02 24.50 -18.78
N ALA IA 1074 49.32 25.62 -18.92
CA ALA IA 1074 47.92 25.69 -18.53
C ALA IA 1074 47.05 24.94 -19.53
N SER IA 1075 47.23 25.20 -20.82
CA SER IA 1075 46.51 24.44 -21.82
C SER IA 1075 46.97 22.99 -21.86
N ASP IA 1076 48.13 22.68 -21.31
CA ASP IA 1076 48.54 21.29 -21.22
C ASP IA 1076 47.95 20.59 -20.01
N GLY IA 1077 47.70 21.31 -18.94
CA GLY IA 1077 47.23 20.72 -17.71
C GLY IA 1077 48.33 20.26 -16.77
N LYS IA 1078 49.59 20.50 -17.09
CA LYS IA 1078 50.71 20.15 -16.23
C LYS IA 1078 51.26 21.44 -15.61
N LEU IA 1079 50.71 21.79 -14.45
CA LEU IA 1079 51.10 23.01 -13.74
C LEU IA 1079 51.42 22.65 -12.29
N GLY IA 1080 52.69 22.44 -12.01
CA GLY IA 1080 53.09 22.21 -10.63
C GLY IA 1080 53.12 23.49 -9.85
N TYR IA 1081 51.95 24.00 -9.45
CA TYR IA 1081 51.90 25.14 -8.56
C TYR IA 1081 52.11 24.63 -7.14
N LYS IA 1082 53.24 24.97 -6.55
CA LYS IA 1082 53.61 24.46 -5.24
C LYS IA 1082 52.64 24.95 -4.18
N THR IA 1083 51.80 24.04 -3.67
CA THR IA 1083 50.72 24.42 -2.77
C THR IA 1083 51.23 25.31 -1.65
N GLU IA 1084 50.69 26.51 -1.58
CA GLU IA 1084 51.14 27.46 -0.57
C GLU IA 1084 50.77 26.91 0.81
N ILE IA 1085 51.72 26.98 1.73
CA ILE IA 1085 51.55 26.39 3.05
C ILE IA 1085 50.78 27.36 3.94
N ALA IA 1086 49.67 26.90 4.50
CA ALA IA 1086 48.91 27.73 5.42
C ALA IA 1086 49.67 27.82 6.73
N THR IA 1087 50.24 28.99 7.00
CA THR IA 1087 50.96 29.18 8.25
C THR IA 1087 49.99 29.02 9.42
N PRO IA 1088 50.34 28.22 10.42
CA PRO IA 1088 49.37 27.89 11.47
C PRO IA 1088 48.93 29.06 12.30
N GLU IA 1089 49.70 30.16 12.32
CA GLU IA 1089 49.17 31.36 12.95
C GLU IA 1089 47.90 31.85 12.27
N GLU IA 1090 47.74 31.54 10.99
CA GLU IA 1090 46.54 31.85 10.24
C GLU IA 1090 45.59 30.67 10.14
N LYS IA 1091 46.12 29.46 10.09
CA LYS IA 1091 45.38 28.25 9.84
C LYS IA 1091 44.69 27.69 11.06
N ILE IA 1092 45.31 27.76 12.24
CA ILE IA 1092 44.65 27.31 13.45
C ILE IA 1092 44.66 28.40 14.52
N TYR IA 1093 45.51 29.40 14.37
CA TYR IA 1093 45.51 30.53 15.29
C TYR IA 1093 44.70 31.70 14.78
N ASP IA 1094 43.61 31.43 14.08
CA ASP IA 1094 42.65 32.44 13.69
C ASP IA 1094 41.27 32.05 14.16
N ASP IA 1095 40.39 33.04 14.30
CA ASP IA 1095 39.04 32.77 14.74
C ASP IA 1095 38.10 32.51 13.58
N GLU IA 1096 38.52 32.81 12.35
CA GLU IA 1096 37.73 32.46 11.17
C GLU IA 1096 38.32 31.33 10.35
N TYR IA 1097 39.46 31.55 9.70
CA TYR IA 1097 39.96 30.61 8.73
C TYR IA 1097 40.25 29.25 9.31
N TYR IA 1098 39.98 29.05 10.59
CA TYR IA 1098 40.26 27.77 11.19
C TYR IA 1098 39.27 26.71 10.75
N ARG IA 1099 37.97 27.01 10.82
CA ARG IA 1099 36.93 26.01 10.58
C ARG IA 1099 37.01 25.43 9.20
N TRP IA 1100 37.70 26.09 8.29
CA TRP IA 1100 38.00 25.53 6.99
C TRP IA 1100 39.11 24.51 7.06
N PHE IA 1101 39.66 24.28 8.25
CA PHE IA 1101 40.71 23.27 8.40
C PHE IA 1101 40.52 22.33 9.56
N ILE IA 1102 39.35 22.28 10.16
CA ILE IA 1102 39.09 21.35 11.25
C ILE IA 1102 38.68 20.00 10.68
N GLN IA 1103 38.59 19.01 11.55
CA GLN IA 1103 37.87 17.78 11.26
C GLN IA 1103 36.58 17.78 12.05
N PRO IA 1104 35.43 17.52 11.43
CA PRO IA 1104 34.17 18.01 11.99
C PRO IA 1104 33.77 17.36 13.30
N GLY IA 1105 33.63 16.05 13.33
CA GLY IA 1105 33.34 15.35 14.58
C GLY IA 1105 34.53 15.29 15.50
N HIS IA 1106 35.50 16.17 15.29
CA HIS IA 1106 36.78 16.15 15.97
C HIS IA 1106 36.98 17.52 16.60
N HIS IA 1107 36.38 17.70 17.77
CA HIS IA 1107 36.70 18.83 18.62
C HIS IA 1107 38.09 18.56 19.18
N PRO IA 1108 39.07 19.40 18.86
CA PRO IA 1108 40.43 19.06 19.24
C PRO IA 1108 40.61 18.96 20.74
N ASN IA 1109 39.91 19.77 21.49
CA ASN IA 1109 40.16 19.95 22.91
C ASN IA 1109 38.92 20.54 23.53
N PRO IA 1110 38.03 19.71 24.09
CA PRO IA 1110 36.74 20.22 24.58
C PRO IA 1110 36.81 21.20 25.75
N THR IA 1111 37.96 21.41 26.41
CA THR IA 1111 37.84 22.41 27.46
C THR IA 1111 38.94 23.47 27.47
N GLY IA 1112 40.18 23.10 27.22
CA GLY IA 1112 41.27 24.05 27.36
C GLY IA 1112 42.34 23.52 28.29
N LEU IA 1113 43.55 23.41 27.77
CA LEU IA 1113 44.53 22.44 28.24
C LEU IA 1113 45.23 22.92 29.50
N THR IA 1114 45.65 21.93 30.30
CA THR IA 1114 46.30 22.13 31.58
C THR IA 1114 47.82 21.98 31.43
N ASN IA 1115 48.56 22.92 32.03
CA ASN IA 1115 50.01 22.94 31.91
C ASN IA 1115 50.68 21.83 32.71
N GLY JA 14 -42.67 -17.62 -83.31
CA GLY JA 14 -41.39 -17.82 -82.64
C GLY JA 14 -41.07 -19.27 -82.35
N ARG JA 15 -42.10 -20.12 -82.39
CA ARG JA 15 -41.89 -21.55 -82.20
C ARG JA 15 -41.43 -22.22 -83.49
N ALA JA 16 -42.03 -21.86 -84.62
CA ALA JA 16 -41.54 -22.33 -85.91
C ALA JA 16 -40.10 -21.94 -86.16
N ALA JA 17 -39.58 -20.97 -85.40
CA ALA JA 17 -38.17 -20.62 -85.51
C ALA JA 17 -37.30 -21.81 -85.14
N LEU JA 18 -37.47 -22.35 -83.93
CA LEU JA 18 -36.56 -23.38 -83.46
C LEU JA 18 -37.23 -24.65 -82.99
N VAL JA 19 -38.36 -24.60 -82.29
CA VAL JA 19 -38.88 -25.85 -81.71
C VAL JA 19 -39.64 -26.66 -82.75
N ALA JA 20 -40.46 -26.01 -83.57
CA ALA JA 20 -41.12 -26.72 -84.63
C ALA JA 20 -40.11 -27.25 -85.65
N SER JA 21 -38.91 -26.67 -85.68
CA SER JA 21 -37.85 -27.17 -86.55
C SER JA 21 -37.01 -28.24 -85.87
N GLU JA 22 -37.08 -28.34 -84.54
CA GLU JA 22 -36.28 -29.34 -83.86
C GLU JA 22 -37.08 -30.58 -83.49
N LEU JA 23 -38.40 -30.48 -83.37
CA LEU JA 23 -39.16 -31.64 -82.87
C LEU JA 23 -39.26 -32.76 -83.89
N GLN JA 24 -39.56 -32.43 -85.14
CA GLN JA 24 -39.75 -33.47 -86.16
C GLN JA 24 -38.50 -34.34 -86.34
N LYS JA 25 -37.36 -33.97 -85.76
CA LYS JA 25 -36.15 -34.77 -85.80
C LYS JA 25 -36.02 -35.66 -84.60
N LEU JA 26 -36.82 -35.45 -83.59
CA LEU JA 26 -36.90 -36.36 -82.46
C LEU JA 26 -38.09 -37.28 -82.55
N VAL JA 27 -39.11 -36.88 -83.29
CA VAL JA 27 -40.29 -37.73 -83.41
C VAL JA 27 -39.95 -39.04 -84.15
N PRO JA 28 -39.19 -39.06 -85.25
CA PRO JA 28 -39.09 -40.31 -86.00
C PRO JA 28 -38.24 -41.36 -85.32
N VAL JA 29 -37.44 -40.96 -84.33
CA VAL JA 29 -36.50 -41.86 -83.69
C VAL JA 29 -37.09 -42.52 -82.45
N LEU JA 30 -38.06 -41.88 -81.81
CA LEU JA 30 -38.71 -42.51 -80.66
C LEU JA 30 -39.94 -43.30 -81.05
N LEU JA 31 -40.59 -42.95 -82.16
CA LEU JA 31 -41.72 -43.74 -82.62
C LEU JA 31 -41.41 -45.23 -82.69
N PRO JA 32 -40.18 -45.68 -82.93
CA PRO JA 32 -39.86 -47.08 -82.63
C PRO JA 32 -40.09 -47.48 -81.17
N LEU JA 33 -39.45 -46.82 -80.22
CA LEU JA 33 -39.44 -47.30 -78.84
C LEU JA 33 -40.81 -47.25 -78.16
N LEU JA 34 -41.81 -46.67 -78.82
CA LEU JA 34 -43.18 -46.68 -78.35
C LEU JA 34 -44.08 -47.45 -79.30
N ASP JA 35 -43.52 -48.42 -79.99
CA ASP JA 35 -44.32 -49.28 -80.85
C ASP JA 35 -45.41 -50.00 -80.08
N PRO JA 36 -45.14 -50.56 -78.90
CA PRO JA 36 -46.22 -51.17 -78.11
C PRO JA 36 -47.28 -50.14 -77.73
N PRO JA 37 -46.89 -48.91 -77.35
CA PRO JA 37 -47.90 -47.84 -77.31
C PRO JA 37 -48.46 -47.51 -78.69
N ILE JA 38 -47.59 -47.13 -79.63
CA ILE JA 38 -48.03 -46.59 -80.91
C ILE JA 38 -47.23 -47.23 -82.02
N ALA JA 39 -47.93 -48.00 -82.87
CA ALA JA 39 -47.39 -48.47 -84.13
C ALA JA 39 -47.94 -47.70 -85.32
N LYS JA 40 -48.57 -46.55 -85.10
CA LYS JA 40 -49.21 -45.80 -86.18
C LYS JA 40 -48.22 -45.43 -87.27
N GLY JA 41 -47.31 -44.50 -86.97
CA GLY JA 41 -46.48 -43.95 -88.01
C GLY JA 41 -46.55 -42.44 -88.06
N VAL JA 42 -47.21 -41.90 -89.08
CA VAL JA 42 -47.14 -40.47 -89.35
C VAL JA 42 -48.08 -39.63 -88.49
N ASN JA 43 -49.31 -40.09 -88.22
CA ASN JA 43 -50.35 -39.21 -87.66
C ASN JA 43 -50.31 -39.26 -86.14
N VAL JA 44 -49.28 -38.64 -85.58
CA VAL JA 44 -49.13 -38.54 -84.13
C VAL JA 44 -49.17 -37.06 -83.77
N SER JA 45 -50.19 -36.67 -83.04
CA SER JA 45 -50.21 -35.37 -82.42
C SER JA 45 -49.39 -35.41 -81.16
N ALA JA 46 -48.74 -34.28 -80.85
CA ALA JA 46 -48.02 -34.18 -79.59
C ALA JA 46 -48.89 -34.54 -78.40
N ALA JA 47 -50.21 -34.46 -78.54
CA ALA JA 47 -51.11 -34.95 -77.51
C ALA JA 47 -51.02 -36.47 -77.35
N GLN JA 48 -50.25 -37.14 -78.20
CA GLN JA 48 -49.98 -38.56 -78.02
C GLN JA 48 -48.55 -38.79 -77.53
N LEU JA 49 -47.60 -38.00 -78.04
CA LEU JA 49 -46.25 -37.99 -77.53
C LEU JA 49 -46.19 -37.66 -76.05
N ILE JA 50 -46.93 -36.65 -75.61
CA ILE JA 50 -46.96 -36.29 -74.21
C ILE JA 50 -47.51 -37.43 -73.38
N VAL JA 51 -48.61 -38.02 -73.84
CA VAL JA 51 -49.28 -39.02 -73.01
C VAL JA 51 -48.47 -40.29 -72.90
N ALA JA 52 -47.95 -40.82 -74.01
CA ALA JA 52 -47.15 -42.04 -73.90
C ALA JA 52 -45.71 -41.74 -73.53
N SER JA 53 -45.07 -40.88 -74.31
CA SER JA 53 -43.71 -40.41 -74.07
C SER JA 53 -43.63 -39.41 -72.95
N GLY JA 54 -44.57 -39.44 -72.01
CA GLY JA 54 -44.48 -38.63 -70.81
C GLY JA 54 -43.87 -39.32 -69.61
N HIS JA 55 -44.54 -40.32 -69.06
CA HIS JA 55 -44.13 -40.88 -67.78
C HIS JA 55 -42.73 -41.47 -67.94
N THR JA 56 -41.75 -40.61 -67.71
CA THR JA 56 -40.34 -40.88 -67.96
C THR JA 56 -39.76 -41.68 -66.79
N SER JA 57 -39.57 -42.98 -67.02
CA SER JA 57 -39.29 -43.93 -65.94
C SER JA 57 -37.85 -43.84 -65.46
N ARG JA 58 -37.64 -44.25 -64.21
CA ARG JA 58 -36.33 -44.33 -63.59
C ARG JA 58 -35.70 -45.71 -63.68
N ARG JA 59 -36.51 -46.77 -63.66
CA ARG JA 59 -35.99 -48.13 -63.76
C ARG JA 59 -36.39 -48.80 -65.06
N ASN JA 60 -37.56 -48.44 -65.59
CA ASN JA 60 -38.00 -48.98 -66.86
C ASN JA 60 -37.24 -48.32 -68.02
N ASP JA 61 -37.23 -46.99 -68.05
CA ASP JA 61 -36.53 -46.24 -69.09
C ASP JA 61 -35.18 -45.75 -68.56
N VAL JA 62 -34.37 -46.70 -68.08
CA VAL JA 62 -33.06 -46.29 -67.57
C VAL JA 62 -32.26 -45.79 -68.75
N HIS JA 63 -31.15 -45.13 -68.46
CA HIS JA 63 -30.28 -44.68 -69.51
C HIS JA 63 -29.58 -45.88 -70.13
N LEU JA 64 -29.65 -45.97 -71.46
CA LEU JA 64 -29.06 -47.11 -72.13
C LEU JA 64 -27.54 -47.01 -72.06
N PRO JA 65 -26.86 -48.14 -71.87
CA PRO JA 65 -25.43 -48.11 -71.57
C PRO JA 65 -24.64 -47.29 -72.59
N ASP JA 66 -23.69 -46.52 -72.08
CA ASP JA 66 -22.98 -45.50 -72.83
C ASP JA 66 -23.93 -44.45 -73.41
N CYS JA 67 -24.64 -43.78 -72.48
CA CYS JA 67 -25.48 -42.66 -72.88
C CYS JA 67 -24.83 -41.35 -72.49
N PRO JA 68 -24.72 -40.40 -73.41
CA PRO JA 68 -23.96 -39.17 -73.11
C PRO JA 68 -24.73 -38.15 -72.31
N VAL JA 69 -26.05 -38.04 -72.50
CA VAL JA 69 -26.86 -37.22 -71.61
C VAL JA 69 -27.17 -37.93 -70.31
N MET JA 70 -26.65 -39.14 -70.13
CA MET JA 70 -26.62 -39.77 -68.81
C MET JA 70 -25.30 -39.61 -68.11
N ALA JA 71 -24.19 -39.79 -68.83
CA ALA JA 71 -22.86 -39.63 -68.29
C ALA JA 71 -22.47 -38.17 -68.12
N HIS JA 72 -23.43 -37.26 -68.26
CA HIS JA 72 -23.20 -35.82 -68.10
C HIS JA 72 -22.09 -35.35 -69.03
N ALA JA 73 -22.08 -35.87 -70.25
CA ALA JA 73 -21.17 -35.42 -71.30
C ALA JA 73 -21.88 -34.72 -72.44
N LEU JA 74 -23.20 -34.84 -72.52
CA LEU JA 74 -23.99 -34.19 -73.55
C LEU JA 74 -25.17 -33.48 -72.93
N PRO JA 75 -25.42 -32.23 -73.29
CA PRO JA 75 -26.62 -31.55 -72.82
C PRO JA 75 -27.88 -32.11 -73.46
N LEU JA 76 -28.88 -32.35 -72.60
CA LEU JA 76 -30.18 -32.86 -73.03
C LEU JA 76 -30.81 -32.01 -74.12
N THR JA 77 -30.41 -30.74 -74.22
CA THR JA 77 -30.90 -29.88 -75.29
C THR JA 77 -30.14 -30.08 -76.60
N ALA JA 78 -28.94 -30.65 -76.55
CA ALA JA 78 -28.15 -30.88 -77.74
C ALA JA 78 -28.28 -32.31 -78.23
N LEU JA 79 -29.46 -32.92 -78.06
CA LEU JA 79 -29.66 -34.27 -78.54
C LEU JA 79 -30.14 -34.29 -79.98
N ALA JA 80 -31.25 -33.63 -80.27
CA ALA JA 80 -31.80 -33.64 -81.63
C ALA JA 80 -30.80 -33.19 -82.69
N GLU JA 81 -29.68 -32.59 -82.30
CA GLU JA 81 -28.64 -32.36 -83.30
C GLU JA 81 -27.56 -33.43 -83.23
N HIS JA 82 -27.36 -34.06 -82.07
CA HIS JA 82 -26.32 -35.06 -81.97
C HIS JA 82 -26.76 -36.35 -82.66
N SER JA 83 -26.22 -36.60 -83.86
CA SER JA 83 -26.47 -37.84 -84.56
C SER JA 83 -25.88 -39.04 -83.84
N ALA JA 84 -24.74 -38.86 -83.17
CA ALA JA 84 -24.12 -39.97 -82.46
C ALA JA 84 -25.02 -40.52 -81.37
N PHE JA 85 -25.89 -39.69 -80.79
CA PHE JA 85 -26.90 -40.26 -79.90
C PHE JA 85 -28.05 -40.86 -80.71
N LEU JA 86 -28.56 -40.13 -81.69
CA LEU JA 86 -29.67 -40.60 -82.51
C LEU JA 86 -29.42 -41.96 -83.14
N ARG JA 87 -28.16 -42.33 -83.39
CA ARG JA 87 -27.85 -43.66 -83.88
C ARG JA 87 -28.30 -44.73 -82.89
N HIS JA 88 -27.70 -44.73 -81.70
CA HIS JA 88 -28.10 -45.60 -80.60
C HIS JA 88 -28.71 -44.70 -79.54
N PRO JA 89 -30.01 -44.42 -79.62
CA PRO JA 89 -30.64 -43.57 -78.64
C PRO JA 89 -31.04 -44.36 -77.39
N CYS JA 90 -31.60 -43.65 -76.43
CA CYS JA 90 -32.26 -44.29 -75.30
C CYS JA 90 -33.71 -43.87 -75.23
N ARG JA 91 -34.42 -44.45 -74.26
CA ARG JA 91 -35.84 -44.15 -74.11
C ARG JA 91 -36.06 -42.86 -73.34
N ALA JA 92 -35.69 -42.84 -72.06
CA ALA JA 92 -35.87 -41.62 -71.27
C ALA JA 92 -34.92 -40.52 -71.70
N CYS JA 93 -33.67 -40.88 -72.00
CA CYS JA 93 -32.68 -39.92 -72.46
C CYS JA 93 -33.13 -39.19 -73.71
N LEU JA 94 -34.24 -39.61 -74.30
CA LEU JA 94 -34.93 -38.82 -75.31
C LEU JA 94 -36.42 -38.66 -75.00
N LYS JA 95 -36.98 -39.51 -74.15
CA LYS JA 95 -38.38 -39.34 -73.75
C LYS JA 95 -38.62 -38.02 -73.03
N ARG JA 96 -37.65 -37.53 -72.24
CA ARG JA 96 -37.83 -36.25 -71.56
C ARG JA 96 -37.71 -35.07 -72.52
N ARG JA 97 -36.58 -34.95 -73.23
CA ARG JA 97 -36.43 -34.01 -74.33
C ARG JA 97 -37.68 -33.93 -75.19
N VAL JA 98 -38.27 -35.09 -75.53
CA VAL JA 98 -39.52 -35.09 -76.26
C VAL JA 98 -40.68 -34.63 -75.39
N HIS JA 99 -40.71 -35.05 -74.13
CA HIS JA 99 -41.79 -34.67 -73.23
C HIS JA 99 -41.71 -33.21 -72.83
N PHE JA 100 -40.60 -32.56 -73.16
CA PHE JA 100 -40.52 -31.12 -72.99
C PHE JA 100 -40.91 -30.40 -74.27
N LEU JA 101 -40.31 -30.78 -75.38
CA LEU JA 101 -40.57 -30.04 -76.62
C LEU JA 101 -41.98 -30.29 -77.13
N SER JA 102 -42.45 -31.54 -77.08
CA SER JA 102 -43.84 -31.83 -77.38
C SER JA 102 -44.77 -30.95 -76.56
N SER JA 103 -44.56 -30.94 -75.23
CA SER JA 103 -45.42 -30.13 -74.36
C SER JA 103 -45.33 -28.65 -74.67
N GLU JA 104 -44.13 -28.14 -74.95
CA GLU JA 104 -43.96 -26.73 -75.27
C GLU JA 104 -44.74 -26.35 -76.51
N HIS JA 105 -44.63 -27.16 -77.56
CA HIS JA 105 -45.34 -26.82 -78.77
C HIS JA 105 -46.84 -26.99 -78.59
N PHE JA 106 -47.25 -27.91 -77.71
CA PHE JA 106 -48.66 -28.02 -77.41
C PHE JA 106 -49.20 -26.80 -76.71
N CYS JA 107 -48.44 -26.25 -75.75
CA CYS JA 107 -48.82 -25.00 -75.11
C CYS JA 107 -48.98 -23.89 -76.13
N MET JA 108 -47.98 -23.70 -76.99
CA MET JA 108 -48.06 -22.62 -77.98
C MET JA 108 -49.20 -22.84 -78.99
N HIS JA 109 -49.46 -24.08 -79.38
CA HIS JA 109 -50.62 -24.44 -80.18
C HIS JA 109 -51.90 -23.95 -79.52
N LEU JA 110 -52.26 -24.53 -78.37
CA LEU JA 110 -53.48 -24.11 -77.71
C LEU JA 110 -53.47 -22.61 -77.44
N GLU JA 111 -52.28 -22.00 -77.38
CA GLU JA 111 -52.17 -20.57 -77.13
C GLU JA 111 -52.73 -19.76 -78.29
N GLU JA 112 -52.11 -19.90 -79.46
CA GLU JA 112 -52.62 -19.16 -80.60
C GLU JA 112 -54.04 -19.56 -80.94
N LYS JA 113 -54.45 -20.77 -80.54
CA LYS JA 113 -55.80 -21.21 -80.84
C LYS JA 113 -56.86 -20.58 -79.96
N CYS JA 114 -56.56 -20.33 -78.69
CA CYS JA 114 -57.54 -19.69 -77.81
C CYS JA 114 -57.36 -18.19 -77.69
N SER JA 115 -56.30 -17.63 -78.25
CA SER JA 115 -56.04 -16.20 -78.12
C SER JA 115 -56.64 -15.37 -79.25
N GLN JA 116 -57.05 -15.98 -80.35
CA GLN JA 116 -57.50 -15.23 -81.53
C GLN JA 116 -58.88 -14.62 -81.31
N GLY JA 117 -58.95 -13.75 -80.30
CA GLY JA 117 -60.20 -13.20 -79.82
C GLY JA 117 -60.56 -11.82 -80.32
N GLY JA 118 -60.16 -11.51 -81.55
CA GLY JA 118 -60.65 -10.30 -82.18
C GLY JA 118 -62.15 -10.34 -82.44
N GLY JA 119 -62.74 -11.53 -82.42
CA GLY JA 119 -64.16 -11.69 -82.61
C GLY JA 119 -64.95 -11.62 -81.32
N GLY JA 120 -65.88 -10.68 -81.24
CA GLY JA 120 -66.68 -10.48 -80.04
C GLY JA 120 -67.86 -11.42 -79.94
N MET JA 121 -67.60 -12.67 -79.55
CA MET JA 121 -68.61 -13.72 -79.57
C MET JA 121 -68.62 -14.51 -78.27
N PRO JA 122 -69.29 -14.03 -77.22
CA PRO JA 122 -69.71 -14.93 -76.16
C PRO JA 122 -70.92 -15.73 -76.61
N ALA JA 123 -70.92 -17.01 -76.26
CA ALA JA 123 -71.86 -17.95 -76.83
C ALA JA 123 -72.63 -18.61 -75.68
N GLU JA 124 -73.35 -19.68 -75.97
CA GLU JA 124 -73.98 -20.48 -74.92
C GLU JA 124 -72.86 -21.19 -74.15
N TRP JA 125 -71.98 -20.35 -73.64
CA TRP JA 125 -70.69 -20.64 -73.04
C TRP JA 125 -70.76 -19.92 -71.71
N GLU JA 126 -71.37 -18.74 -71.77
CA GLU JA 126 -71.94 -18.12 -70.59
C GLU JA 126 -72.94 -19.03 -69.91
N SER JA 127 -73.69 -19.85 -70.65
CA SER JA 127 -74.63 -20.76 -70.00
C SER JA 127 -73.90 -21.80 -69.16
N ILE JA 128 -72.93 -22.48 -69.77
CA ILE JA 128 -72.01 -23.37 -69.08
C ILE JA 128 -71.46 -22.75 -67.80
N ALA JA 129 -70.77 -21.62 -67.95
CA ALA JA 129 -70.05 -21.04 -66.82
C ALA JA 129 -71.02 -20.49 -65.78
N ALA JA 130 -72.16 -19.96 -66.20
CA ALA JA 130 -73.17 -19.51 -65.24
C ALA JA 130 -73.73 -20.66 -64.46
N GLY JA 131 -73.92 -21.83 -65.08
CA GLY JA 131 -74.26 -23.00 -64.31
C GLY JA 131 -73.20 -23.33 -63.28
N GLN JA 132 -71.94 -23.19 -63.66
CA GLN JA 132 -70.86 -23.67 -62.78
C GLN JA 132 -70.57 -22.70 -61.64
N PHE JA 133 -70.59 -21.40 -61.89
CA PHE JA 133 -70.36 -20.41 -60.84
C PHE JA 133 -71.67 -19.84 -60.29
N GLY JA 134 -72.47 -19.24 -61.16
CA GLY JA 134 -73.50 -18.30 -60.79
C GLY JA 134 -73.38 -17.08 -61.69
N LEU JA 135 -72.14 -16.69 -61.99
CA LEU JA 135 -71.87 -15.53 -62.85
C LEU JA 135 -70.57 -15.76 -63.59
N PHE JA 136 -70.46 -15.16 -64.78
CA PHE JA 136 -69.27 -15.36 -65.60
C PHE JA 136 -68.11 -14.49 -65.14
N THR JA 137 -68.40 -13.40 -64.42
CA THR JA 137 -67.30 -12.64 -63.83
C THR JA 137 -66.59 -13.45 -62.77
N HIS JA 138 -67.34 -14.23 -61.99
CA HIS JA 138 -66.69 -15.23 -61.16
C HIS JA 138 -65.67 -16.01 -61.97
N PHE JA 139 -66.01 -16.40 -63.19
CA PHE JA 139 -65.07 -17.20 -63.96
C PHE JA 139 -63.84 -16.41 -64.35
N THR JA 140 -64.03 -15.23 -64.94
CA THR JA 140 -62.85 -14.46 -65.35
C THR JA 140 -61.95 -14.17 -64.15
N ASP JA 141 -62.55 -13.98 -62.97
CA ASP JA 141 -61.77 -13.74 -61.77
C ASP JA 141 -61.02 -14.98 -61.31
N GLU JA 142 -61.69 -16.14 -61.28
CA GLU JA 142 -60.99 -17.37 -60.92
C GLU JA 142 -59.82 -17.61 -61.85
N PHE JA 143 -60.04 -17.40 -63.14
CA PHE JA 143 -59.00 -17.62 -64.11
C PHE JA 143 -57.85 -16.63 -64.02
N VAL JA 144 -58.10 -15.40 -63.58
CA VAL JA 144 -57.00 -14.45 -63.44
C VAL JA 144 -56.23 -14.68 -62.16
N MET JA 145 -56.95 -15.08 -61.09
CA MET JA 145 -56.30 -15.46 -59.85
C MET JA 145 -55.40 -16.65 -60.04
N TYR JA 146 -55.87 -17.67 -60.74
CA TYR JA 146 -55.07 -18.87 -60.88
C TYR JA 146 -53.81 -18.64 -61.68
N ALA JA 147 -53.80 -17.69 -62.59
CA ALA JA 147 -52.58 -17.45 -63.32
C ALA JA 147 -51.67 -16.47 -62.61
N THR JA 148 -52.23 -15.48 -61.90
CA THR JA 148 -51.35 -14.59 -61.16
C THR JA 148 -50.70 -15.33 -59.99
N SER JA 149 -51.45 -16.18 -59.30
CA SER JA 149 -50.94 -16.93 -58.15
C SER JA 149 -50.19 -18.16 -58.64
N ARG JA 150 -49.14 -17.90 -59.42
CA ARG JA 150 -48.37 -18.95 -60.06
C ARG JA 150 -47.07 -19.20 -59.33
N ARG JA 151 -46.88 -20.43 -58.90
CA ARG JA 151 -45.68 -20.82 -58.19
C ARG JA 151 -44.42 -20.74 -59.05
N GLU JA 152 -44.53 -20.31 -60.30
CA GLU JA 152 -43.43 -20.40 -61.27
C GLU JA 152 -43.84 -19.64 -62.53
N PRO JA 153 -42.93 -18.96 -63.22
CA PRO JA 153 -43.32 -18.35 -64.50
C PRO JA 153 -43.57 -19.41 -65.57
N GLY JA 154 -44.83 -19.67 -65.87
CA GLY JA 154 -45.16 -20.81 -66.70
C GLY JA 154 -46.40 -20.70 -67.55
N TRP JA 155 -47.24 -21.74 -67.52
CA TRP JA 155 -48.46 -21.79 -68.31
C TRP JA 155 -49.64 -22.25 -67.47
N THR JA 156 -50.72 -21.51 -67.58
CA THR JA 156 -51.98 -21.83 -66.94
C THR JA 156 -52.81 -22.59 -67.94
N TRP JA 157 -53.74 -23.40 -67.46
CA TRP JA 157 -54.58 -24.19 -68.34
C TRP JA 157 -56.01 -24.12 -67.87
N LEU JA 158 -56.92 -24.29 -68.80
CA LEU JA 158 -58.33 -24.45 -68.50
C LEU JA 158 -58.73 -25.79 -69.09
N VAL JA 159 -59.37 -26.65 -68.28
CA VAL JA 159 -59.57 -28.04 -68.65
C VAL JA 159 -60.95 -28.55 -68.30
N TYR JA 160 -61.19 -29.82 -68.59
CA TYR JA 160 -62.44 -30.52 -68.33
C TYR JA 160 -62.16 -31.72 -67.46
N ASP JA 161 -63.05 -31.98 -66.50
CA ASP JA 161 -62.94 -33.16 -65.65
C ASP JA 161 -64.20 -34.00 -65.79
N LYS JA 162 -64.08 -35.29 -65.48
CA LYS JA 162 -65.13 -36.24 -65.81
C LYS JA 162 -65.80 -36.88 -64.61
N GLU JA 163 -65.30 -36.65 -63.40
CA GLU JA 163 -65.85 -37.30 -62.22
C GLU JA 163 -67.00 -36.50 -61.61
N ARG JA 164 -67.14 -35.22 -61.95
CA ARG JA 164 -68.25 -34.40 -61.48
C ARG JA 164 -68.83 -33.61 -62.63
N PRO JA 165 -68.94 -34.22 -63.83
CA PRO JA 165 -69.15 -33.40 -65.03
C PRO JA 165 -70.59 -32.95 -65.16
N GLU JA 166 -71.32 -33.03 -64.06
CA GLU JA 166 -72.76 -32.72 -64.05
C GLU JA 166 -72.94 -31.21 -64.21
N GLY JA 167 -72.38 -30.44 -63.28
CA GLY JA 167 -72.38 -29.00 -63.39
C GLY JA 167 -71.02 -28.40 -63.13
N HIS JA 168 -70.17 -29.15 -62.43
CA HIS JA 168 -68.89 -28.64 -61.94
C HIS JA 168 -67.72 -29.16 -62.79
N ARG JA 169 -67.57 -28.54 -63.97
CA ARG JA 169 -66.68 -29.08 -64.99
C ARG JA 169 -65.53 -28.15 -65.36
N LEU JA 170 -65.86 -26.96 -65.83
CA LEU JA 170 -64.91 -26.13 -66.55
C LEU JA 170 -63.88 -25.64 -65.56
N VAL JA 171 -62.88 -26.45 -65.28
CA VAL JA 171 -62.05 -26.27 -64.10
C VAL JA 171 -60.67 -25.80 -64.56
N VAL JA 172 -60.16 -24.74 -63.96
CA VAL JA 172 -58.88 -24.18 -64.34
C VAL JA 172 -57.81 -24.80 -63.46
N VAL JA 173 -56.60 -24.89 -63.97
CA VAL JA 173 -55.44 -25.20 -63.14
C VAL JA 173 -54.18 -24.79 -63.88
N ASN JA 174 -53.26 -24.11 -63.17
CA ASN JA 174 -51.93 -23.87 -63.68
C ASN JA 174 -51.06 -25.05 -63.31
N PHE JA 175 -50.11 -25.36 -64.17
CA PHE JA 175 -49.29 -26.54 -64.07
C PHE JA 175 -47.84 -26.09 -64.04
N PRO JA 176 -46.90 -26.99 -63.87
CA PRO JA 176 -45.48 -26.58 -63.92
C PRO JA 176 -45.08 -25.96 -65.25
N ALA JA 177 -43.78 -25.67 -65.38
CA ALA JA 177 -43.26 -24.83 -66.45
C ALA JA 177 -43.92 -25.13 -67.79
N ASN JA 178 -44.04 -26.40 -68.16
CA ASN JA 178 -44.77 -26.74 -69.37
C ASN JA 178 -45.63 -27.99 -69.26
N ARG JA 179 -45.55 -28.75 -68.17
CA ARG JA 179 -46.30 -30.00 -68.06
C ARG JA 179 -47.76 -29.68 -68.33
N VAL JA 180 -48.27 -30.22 -69.42
CA VAL JA 180 -49.62 -29.87 -69.87
C VAL JA 180 -50.62 -30.76 -69.16
N PRO JA 181 -51.85 -30.31 -68.90
CA PRO JA 181 -52.77 -31.17 -68.15
C PRO JA 181 -53.29 -32.32 -68.97
N LEU JA 182 -52.42 -32.97 -69.72
CA LEU JA 182 -52.76 -34.26 -70.27
C LEU JA 182 -52.19 -35.37 -69.41
N VAL JA 183 -51.00 -35.14 -68.86
CA VAL JA 183 -50.27 -36.16 -68.12
C VAL JA 183 -50.98 -36.60 -66.86
N LEU JA 184 -51.92 -35.82 -66.36
CA LEU JA 184 -52.84 -36.28 -65.35
C LEU JA 184 -54.20 -36.63 -65.93
N GLY JA 185 -54.28 -36.80 -67.24
CA GLY JA 185 -55.51 -37.21 -67.85
C GLY JA 185 -56.58 -36.16 -67.89
N LEU JA 186 -56.22 -34.89 -67.97
CA LEU JA 186 -57.23 -33.86 -68.07
C LEU JA 186 -57.34 -33.43 -69.53
N TRP JA 187 -58.49 -32.84 -69.85
CA TRP JA 187 -58.81 -32.42 -71.21
C TRP JA 187 -58.63 -30.92 -71.31
N PRO JA 188 -57.46 -30.42 -71.72
CA PRO JA 188 -57.26 -28.97 -71.77
C PRO JA 188 -58.25 -28.29 -72.69
N LEU JA 189 -58.75 -27.12 -72.25
CA LEU JA 189 -59.63 -26.27 -73.05
C LEU JA 189 -59.02 -24.92 -73.38
N ALA JA 190 -57.99 -24.48 -72.65
CA ALA JA 190 -57.40 -23.18 -72.92
C ALA JA 190 -56.03 -23.12 -72.25
N VAL JA 191 -55.26 -22.10 -72.59
CA VAL JA 191 -53.98 -21.85 -71.96
C VAL JA 191 -53.90 -20.37 -71.64
N ILE JA 192 -52.95 -20.01 -70.75
CA ILE JA 192 -52.54 -18.63 -70.53
C ILE JA 192 -51.03 -18.61 -70.35
N ASN JA 193 -50.38 -17.62 -70.94
CA ASN JA 193 -48.92 -17.51 -71.01
C ASN JA 193 -48.41 -16.63 -69.87
N MET JA 194 -48.02 -17.24 -68.76
CA MET JA 194 -47.44 -16.51 -67.64
C MET JA 194 -45.93 -16.62 -67.59
N THR JA 195 -45.31 -17.20 -68.60
CA THR JA 195 -43.87 -17.42 -68.58
C THR JA 195 -43.10 -16.12 -68.48
N GLU JA 196 -41.82 -16.26 -68.12
CA GLU JA 196 -40.96 -15.10 -68.04
C GLU JA 196 -40.75 -14.44 -69.39
N SER JA 197 -40.85 -15.17 -70.50
CA SER JA 197 -40.86 -14.49 -71.78
C SER JA 197 -42.09 -13.61 -71.92
N ARG JA 198 -43.19 -13.98 -71.28
CA ARG JA 198 -44.36 -13.12 -71.26
C ARG JA 198 -44.17 -11.90 -70.37
N LEU JA 199 -43.68 -12.11 -69.15
CA LEU JA 199 -43.53 -11.00 -68.24
C LEU JA 199 -42.46 -10.02 -68.69
N LEU JA 200 -41.41 -10.50 -69.34
CA LEU JA 200 -40.42 -9.58 -69.90
C LEU JA 200 -40.97 -8.80 -71.07
N SER JA 201 -41.94 -9.35 -71.80
CA SER JA 201 -42.61 -8.57 -72.81
C SER JA 201 -43.50 -7.51 -72.19
N ALA JA 202 -44.21 -7.88 -71.11
CA ALA JA 202 -45.00 -6.90 -70.36
C ALA JA 202 -44.14 -5.78 -69.81
N ILE JA 203 -42.91 -6.08 -69.43
CA ILE JA 203 -42.00 -5.10 -68.87
C ILE JA 203 -41.63 -4.03 -69.88
N GLY JA 204 -41.56 -4.39 -71.17
CA GLY JA 204 -41.15 -3.46 -72.20
C GLY JA 204 -41.96 -2.17 -72.23
N ALA JA 205 -43.21 -2.23 -71.76
CA ALA JA 205 -44.04 -1.02 -71.65
C ALA JA 205 -43.44 -0.03 -70.66
N SER JA 253 -43.52 -3.78 -60.28
CA SER JA 253 -44.17 -4.69 -59.34
C SER JA 253 -44.64 -5.94 -60.05
N LEU JA 254 -44.03 -7.07 -59.76
CA LEU JA 254 -44.43 -8.29 -60.45
C LEU JA 254 -45.86 -8.70 -60.10
N SER JA 255 -46.24 -8.59 -58.84
CA SER JA 255 -47.61 -8.95 -58.47
C SER JA 255 -48.64 -8.09 -59.20
N SER JA 256 -48.18 -7.06 -59.91
CA SER JA 256 -49.06 -6.27 -60.74
C SER JA 256 -48.88 -6.52 -62.21
N ILE JA 257 -47.65 -6.65 -62.69
CA ILE JA 257 -47.48 -6.82 -64.13
C ILE JA 257 -47.51 -8.30 -64.44
N ARG JA 258 -48.11 -9.08 -63.55
CA ARG JA 258 -48.71 -10.33 -63.99
C ARG JA 258 -50.22 -10.40 -63.80
N ALA JA 259 -50.83 -9.50 -63.04
CA ALA JA 259 -52.27 -9.30 -63.18
C ALA JA 259 -52.61 -8.54 -64.45
N GLN JA 260 -51.69 -7.68 -64.91
CA GLN JA 260 -51.70 -7.04 -66.22
C GLN JA 260 -51.65 -8.04 -67.36
N VAL JA 261 -51.50 -9.32 -67.04
CA VAL JA 261 -51.59 -10.38 -68.03
C VAL JA 261 -52.73 -11.34 -67.71
N ALA JA 262 -52.94 -11.63 -66.43
CA ALA JA 262 -54.12 -12.41 -66.07
C ALA JA 262 -55.40 -11.78 -66.60
N GLN JA 263 -55.78 -10.59 -66.09
CA GLN JA 263 -57.04 -9.99 -66.50
C GLN JA 263 -56.92 -9.26 -67.83
N GLU JA 264 -55.80 -9.42 -68.52
CA GLU JA 264 -55.68 -8.98 -69.90
C GLU JA 264 -55.97 -10.12 -70.88
N ALA JA 265 -55.35 -11.27 -70.68
CA ALA JA 265 -55.63 -12.43 -71.50
C ALA JA 265 -57.01 -13.01 -71.25
N VAL JA 266 -57.55 -12.91 -70.03
CA VAL JA 266 -58.92 -13.38 -69.87
C VAL JA 266 -59.91 -12.45 -70.54
N LEU JA 267 -59.44 -11.41 -71.23
CA LEU JA 267 -60.32 -10.66 -72.13
C LEU JA 267 -59.92 -10.85 -73.59
N LYS JA 268 -58.63 -10.91 -73.88
CA LYS JA 268 -58.18 -11.31 -75.22
C LYS JA 268 -58.45 -12.79 -75.50
N MET JA 269 -59.18 -13.46 -74.62
CA MET JA 269 -59.43 -14.87 -74.76
C MET JA 269 -60.56 -15.11 -75.74
N ASN JA 270 -60.23 -15.74 -76.85
CA ASN JA 270 -61.22 -16.17 -77.82
C ASN JA 270 -62.01 -17.31 -77.22
N TRP JA 271 -63.20 -17.01 -76.71
CA TRP JA 271 -64.01 -18.04 -76.08
C TRP JA 271 -64.78 -18.88 -77.08
N GLY JA 272 -64.99 -18.40 -78.30
CA GLY JA 272 -65.62 -19.24 -79.29
C GLY JA 272 -64.85 -20.52 -79.54
N PHE JA 273 -63.60 -20.40 -79.97
CA PHE JA 273 -62.72 -21.56 -80.12
C PHE JA 273 -62.83 -22.48 -78.92
N VAL JA 274 -62.73 -21.92 -77.73
CA VAL JA 274 -62.78 -22.75 -76.53
C VAL JA 274 -64.14 -23.42 -76.43
N LEU JA 275 -65.17 -22.86 -77.07
CA LEU JA 275 -66.45 -23.56 -77.04
C LEU JA 275 -66.43 -24.78 -77.95
N GLN JA 276 -65.78 -24.65 -79.12
CA GLN JA 276 -65.53 -25.85 -79.91
C GLN JA 276 -64.77 -26.87 -79.10
N GLN JA 277 -63.82 -26.42 -78.28
CA GLN JA 277 -63.08 -27.33 -77.42
C GLN JA 277 -63.99 -28.01 -76.40
N TRP JA 278 -64.85 -27.25 -75.77
CA TRP JA 278 -65.74 -27.81 -74.77
C TRP JA 278 -66.70 -28.82 -75.39
N LYS JA 279 -67.18 -28.55 -76.60
CA LYS JA 279 -68.07 -29.52 -77.22
C LYS JA 279 -67.28 -30.71 -77.78
N GLN JA 280 -66.02 -30.50 -78.13
CA GLN JA 280 -65.16 -31.63 -78.44
C GLN JA 280 -65.02 -32.55 -77.27
N ALA JA 281 -64.78 -32.01 -76.08
CA ALA JA 281 -64.68 -32.87 -74.91
C ALA JA 281 -66.02 -33.43 -74.51
N GLU JA 282 -67.08 -32.64 -74.68
CA GLU JA 282 -68.41 -33.13 -74.39
C GLU JA 282 -68.86 -34.17 -75.39
N SER JA 283 -68.11 -34.35 -76.49
CA SER JA 283 -68.37 -35.45 -77.39
C SER JA 283 -67.46 -36.64 -77.12
N TYR JA 284 -66.18 -36.41 -76.85
CA TYR JA 284 -65.30 -37.51 -76.49
C TYR JA 284 -65.78 -38.20 -75.23
N TYR JA 285 -65.92 -37.46 -74.13
CA TYR JA 285 -66.33 -38.01 -72.85
C TYR JA 285 -67.79 -38.40 -72.83
N GLU JA 286 -68.51 -38.18 -73.91
CA GLU JA 286 -69.92 -38.56 -73.97
C GLU JA 286 -70.21 -39.51 -75.11
N SER JA 287 -69.17 -40.04 -75.75
CA SER JA 287 -69.32 -41.05 -76.78
C SER JA 287 -69.26 -42.44 -76.15
N ALA JA 288 -69.36 -43.48 -76.98
CA ALA JA 288 -69.45 -44.86 -76.53
C ALA JA 288 -68.12 -45.61 -76.60
N GLU JA 289 -67.27 -45.29 -77.58
CA GLU JA 289 -65.97 -45.93 -77.64
C GLU JA 289 -65.14 -45.62 -76.40
N ARG JA 290 -65.50 -44.56 -75.69
CA ARG JA 290 -64.96 -44.32 -74.36
C ARG JA 290 -65.35 -45.43 -73.40
N GLU JA 291 -66.64 -45.73 -73.26
CA GLU JA 291 -67.05 -46.88 -72.46
C GLU JA 291 -66.40 -48.17 -72.96
N ARG JA 292 -66.30 -48.35 -74.28
CA ARG JA 292 -65.65 -49.52 -74.86
C ARG JA 292 -64.23 -49.69 -74.35
N LYS JA 293 -63.36 -48.72 -74.63
CA LYS JA 293 -61.96 -48.81 -74.26
C LYS JA 293 -61.78 -48.89 -72.75
N VAL JA 294 -62.62 -48.19 -71.99
CA VAL JA 294 -62.46 -48.22 -70.54
C VAL JA 294 -62.83 -49.58 -69.98
N GLN JA 295 -63.96 -50.15 -70.42
CA GLN JA 295 -64.30 -51.50 -70.00
C GLN JA 295 -63.27 -52.52 -70.50
N ALA JA 296 -62.69 -52.29 -71.67
CA ALA JA 296 -61.65 -53.18 -72.16
C ALA JA 296 -60.44 -53.19 -71.26
N GLN JA 297 -59.92 -52.00 -70.92
CA GLN JA 297 -58.77 -51.93 -70.04
C GLN JA 297 -59.10 -52.43 -68.64
N ARG JA 298 -60.31 -52.14 -68.15
CA ARG JA 298 -60.74 -52.62 -66.84
C ARG JA 298 -60.87 -54.13 -66.78
N THR JA 299 -61.10 -54.80 -67.91
CA THR JA 299 -61.02 -56.26 -67.93
C THR JA 299 -59.61 -56.77 -68.15
N LYS JA 300 -58.81 -56.05 -68.95
CA LYS JA 300 -57.43 -56.42 -69.20
C LYS JA 300 -56.62 -56.45 -67.91
N MET JA 301 -56.68 -55.37 -67.15
CA MET JA 301 -55.93 -55.29 -65.90
C MET JA 301 -56.48 -56.26 -64.87
N GLU JA 302 -57.79 -56.50 -64.88
CA GLU JA 302 -58.36 -57.46 -63.94
C GLU JA 302 -57.90 -58.88 -64.25
N ARG JA 303 -57.79 -59.24 -65.52
CA ARG JA 303 -57.26 -60.56 -65.87
C ARG JA 303 -55.78 -60.65 -65.56
N GLU JA 304 -55.02 -59.60 -65.85
CA GLU JA 304 -53.61 -59.62 -65.49
C GLU JA 304 -53.40 -59.73 -63.99
N ALA JA 305 -54.34 -59.23 -63.19
CA ALA JA 305 -54.29 -59.41 -61.75
C ALA JA 305 -54.63 -60.85 -61.35
N ALA JA 306 -55.73 -61.39 -61.88
CA ALA JA 306 -56.15 -62.72 -61.47
C ALA JA 306 -55.11 -63.78 -61.83
N LEU JA 307 -54.58 -63.73 -63.07
CA LEU JA 307 -53.59 -64.73 -63.45
C LEU JA 307 -52.38 -64.66 -62.54
N ALA JA 308 -51.95 -63.46 -62.19
CA ALA JA 308 -50.80 -63.30 -61.31
C ALA JA 308 -51.07 -63.80 -59.91
N GLU JA 309 -52.29 -63.59 -59.39
CA GLU JA 309 -52.61 -64.04 -58.05
C GLU JA 309 -52.77 -65.57 -58.00
N MET JA 310 -53.02 -66.19 -59.14
CA MET JA 310 -53.10 -67.65 -59.18
C MET JA 310 -51.81 -68.31 -59.66
N SER JA 311 -50.65 -67.81 -59.22
CA SER JA 311 -49.39 -68.28 -59.77
C SER JA 311 -48.82 -69.49 -59.02
N LYS JA 312 -48.38 -69.30 -57.78
CA LYS JA 312 -47.40 -70.17 -57.13
C LYS JA 312 -48.04 -71.29 -56.31
N LEU JA 313 -49.17 -71.83 -56.78
CA LEU JA 313 -49.99 -72.75 -55.97
C LEU JA 313 -49.29 -74.06 -55.60
N TYR KA 87 -26.29 13.68 -46.64
CA TYR KA 87 -27.35 13.82 -47.62
C TYR KA 87 -27.79 12.48 -48.14
N HIS KA 88 -26.82 11.56 -48.17
CA HIS KA 88 -27.06 10.22 -48.67
C HIS KA 88 -28.35 9.64 -48.10
N ALA KA 89 -28.76 10.07 -46.92
CA ALA KA 89 -29.95 9.54 -46.30
C ALA KA 89 -31.23 10.16 -46.83
N TYR KA 90 -31.16 11.31 -47.49
CA TYR KA 90 -32.35 11.89 -48.07
C TYR KA 90 -32.43 11.68 -49.56
N VAL KA 91 -31.31 11.84 -50.26
CA VAL KA 91 -31.27 11.67 -51.72
C VAL KA 91 -31.96 10.37 -52.10
N PRO KA 92 -33.05 10.41 -52.87
CA PRO KA 92 -33.94 9.25 -52.97
C PRO KA 92 -33.23 8.02 -53.47
N LYS KA 93 -33.88 6.88 -53.23
CA LYS KA 93 -33.21 5.59 -53.20
C LYS KA 93 -32.74 5.11 -54.57
N GLY KA 94 -33.09 5.81 -55.63
CA GLY KA 94 -32.64 5.38 -56.95
C GLY KA 94 -31.98 6.51 -57.72
N ALA KA 95 -32.24 7.75 -57.30
CA ALA KA 95 -31.77 8.88 -58.05
C ALA KA 95 -30.25 8.92 -58.06
N LEU KA 96 -29.70 9.78 -58.90
CA LEU KA 96 -28.27 9.98 -58.97
C LEU KA 96 -27.97 11.46 -59.06
N LEU KA 97 -27.49 12.02 -57.95
CA LEU KA 97 -26.82 13.30 -57.98
C LEU KA 97 -25.74 13.30 -59.05
N LYS KA 98 -25.36 14.49 -59.48
CA LYS KA 98 -24.39 14.63 -60.55
C LYS KA 98 -23.47 15.80 -60.24
N THR KA 99 -22.40 15.92 -61.01
CA THR KA 99 -21.73 17.21 -61.12
C THR KA 99 -22.64 18.11 -61.95
N ASP KA 100 -23.64 18.69 -61.29
CA ASP KA 100 -24.73 19.42 -61.91
C ASP KA 100 -24.20 20.33 -63.01
N MET KA 101 -24.97 20.44 -64.08
CA MET KA 101 -24.50 21.05 -65.31
C MET KA 101 -24.60 22.57 -65.33
N LEU KA 102 -25.39 23.17 -64.42
CA LEU KA 102 -25.61 24.61 -64.34
C LEU KA 102 -26.42 25.14 -65.52
N ALA KA 103 -26.68 24.30 -66.51
CA ALA KA 103 -27.70 24.54 -67.52
C ALA KA 103 -29.03 23.98 -67.04
N SER KA 104 -29.20 23.89 -65.72
CA SER KA 104 -30.37 23.28 -65.12
C SER KA 104 -31.58 24.18 -65.38
N SER KA 105 -32.37 23.80 -66.35
CA SER KA 105 -33.56 24.54 -66.71
C SER KA 105 -34.58 24.46 -65.60
N PRO KA 106 -35.55 25.38 -65.58
CA PRO KA 106 -36.69 25.22 -64.67
C PRO KA 106 -37.39 23.89 -64.82
N GLN KA 107 -37.65 23.45 -66.05
CA GLN KA 107 -38.19 22.12 -66.27
C GLN KA 107 -37.22 21.05 -65.82
N LEU KA 108 -35.94 21.24 -66.08
CA LEU KA 108 -34.91 20.32 -65.67
C LEU KA 108 -34.97 20.07 -64.17
N VAL KA 109 -35.25 21.12 -63.39
CA VAL KA 109 -35.31 21.01 -61.94
C VAL KA 109 -36.69 20.59 -61.47
N THR KA 110 -37.74 21.12 -62.09
CA THR KA 110 -39.07 20.84 -61.60
C THR KA 110 -39.47 19.39 -61.85
N ALA KA 111 -38.97 18.77 -62.93
CA ALA KA 111 -39.31 17.37 -63.15
C ALA KA 111 -38.63 16.45 -62.15
N VAL KA 112 -37.36 16.71 -61.83
CA VAL KA 112 -36.68 15.85 -60.86
C VAL KA 112 -37.24 16.08 -59.47
N PHE KA 113 -37.67 17.30 -59.14
CA PHE KA 113 -38.36 17.42 -57.86
C PHE KA 113 -39.67 16.66 -57.88
N ARG KA 114 -40.40 16.70 -58.98
CA ARG KA 114 -41.63 15.93 -59.00
C ARG KA 114 -41.35 14.46 -58.77
N GLU KA 115 -40.28 13.94 -59.38
CA GLU KA 115 -39.91 12.56 -59.09
C GLU KA 115 -39.59 12.36 -57.62
N THR KA 116 -38.72 13.19 -57.05
CA THR KA 116 -38.31 13.00 -55.66
C THR KA 116 -39.51 13.00 -54.74
N GLU KA 117 -40.52 13.83 -55.03
CA GLU KA 117 -41.71 13.80 -54.20
C GLU KA 117 -42.49 12.53 -54.45
N ALA KA 118 -42.37 11.95 -55.64
CA ALA KA 118 -42.98 10.64 -55.81
C ALA KA 118 -42.24 9.59 -55.00
N ALA KA 119 -40.92 9.58 -55.10
CA ALA KA 119 -40.06 8.68 -54.35
C ALA KA 119 -40.30 8.78 -52.86
N ALA KA 120 -40.51 10.00 -52.37
CA ALA KA 120 -40.79 10.21 -50.96
C ALA KA 120 -42.00 9.42 -50.50
N GLU KA 121 -43.11 9.50 -51.21
CA GLU KA 121 -44.27 8.80 -50.69
C GLU KA 121 -44.22 7.31 -51.00
N ARG KA 122 -43.59 6.91 -52.09
CA ARG KA 122 -43.41 5.48 -52.28
C ARG KA 122 -42.46 4.89 -51.24
N ALA KA 123 -41.55 5.68 -50.68
CA ALA KA 123 -40.65 5.20 -49.64
C ALA KA 123 -41.28 5.31 -48.26
N ASP KA 124 -42.19 6.25 -48.06
CA ASP KA 124 -43.02 6.18 -46.86
C ASP KA 124 -44.09 5.14 -47.02
N ARG KA 125 -44.21 4.54 -48.21
CA ARG KA 125 -45.08 3.40 -48.45
C ARG KA 125 -44.34 2.06 -48.33
N ALA KA 126 -43.09 2.01 -48.76
CA ALA KA 126 -42.26 0.84 -48.59
C ALA KA 126 -42.13 0.46 -47.13
N ASN KA 127 -42.00 1.43 -46.25
CA ASN KA 127 -41.75 1.15 -44.85
C ASN KA 127 -43.03 0.80 -44.12
N ASP KA 128 -44.11 0.51 -44.84
CA ASP KA 128 -45.26 -0.15 -44.27
C ASP KA 128 -45.76 -1.32 -45.12
N TYR KA 129 -45.33 -1.39 -46.37
CA TYR KA 129 -45.43 -2.63 -47.13
C TYR KA 129 -44.32 -3.59 -46.76
N ALA KA 130 -43.38 -3.14 -45.93
CA ALA KA 130 -42.14 -3.85 -45.69
C ALA KA 130 -42.32 -4.99 -44.70
N GLY KA 131 -41.29 -5.80 -44.57
CA GLY KA 131 -41.35 -6.96 -43.71
C GLY KA 131 -40.02 -7.46 -43.21
N PHE KA 132 -40.01 -8.72 -42.78
CA PHE KA 132 -38.88 -9.30 -42.08
C PHE KA 132 -37.63 -9.33 -42.94
N PHE KA 133 -37.76 -9.72 -44.19
CA PHE KA 133 -36.60 -9.95 -45.03
C PHE KA 133 -36.41 -8.77 -45.97
N SER KA 134 -35.21 -8.67 -46.54
CA SER KA 134 -34.87 -7.53 -47.34
C SER KA 134 -33.97 -7.97 -48.47
N ARG KA 135 -33.90 -7.14 -49.50
CA ARG KA 135 -33.06 -7.43 -50.65
C ARG KA 135 -31.59 -7.36 -50.28
N PRO KA 136 -30.91 -8.49 -50.14
CA PRO KA 136 -29.50 -8.46 -49.76
C PRO KA 136 -28.69 -7.52 -50.62
N ARG KA 137 -27.97 -6.63 -49.95
CA ARG KA 137 -27.05 -5.76 -50.66
C ARG KA 137 -25.92 -6.58 -51.23
N LEU KA 138 -25.32 -6.07 -52.30
CA LEU KA 138 -24.22 -6.73 -52.97
C LEU KA 138 -22.94 -5.97 -52.69
N ASN KA 139 -21.84 -6.69 -52.64
CA ASN KA 139 -20.60 -6.12 -52.15
C ASN KA 139 -19.82 -5.39 -53.23
N TYR KA 140 -20.38 -5.19 -54.41
CA TYR KA 140 -19.59 -4.70 -55.53
C TYR KA 140 -20.42 -3.67 -56.28
N PRO KA 141 -19.79 -2.84 -57.11
CA PRO KA 141 -20.55 -1.93 -57.97
C PRO KA 141 -21.26 -2.68 -59.09
N VAL KA 142 -22.43 -2.17 -59.48
CA VAL KA 142 -23.06 -2.64 -60.70
C VAL KA 142 -23.53 -1.43 -61.51
N ALA KA 143 -22.75 -0.35 -61.47
CA ALA KA 143 -23.09 0.84 -62.25
C ALA KA 143 -23.43 0.47 -63.68
N SER KA 144 -22.45 -0.02 -64.41
CA SER KA 144 -22.66 -0.64 -65.70
C SER KA 144 -23.03 -2.10 -65.43
N GLY KA 145 -22.86 -2.95 -66.42
CA GLY KA 145 -22.95 -4.36 -66.16
C GLY KA 145 -21.78 -4.87 -65.34
N ILE KA 146 -22.05 -5.93 -64.60
CA ILE KA 146 -21.01 -6.79 -64.06
C ILE KA 146 -20.10 -7.11 -65.23
N PRO KA 147 -18.86 -6.65 -65.21
CA PRO KA 147 -18.06 -6.55 -66.44
C PRO KA 147 -17.85 -7.86 -67.18
N ALA KA 148 -17.92 -7.77 -68.50
CA ALA KA 148 -17.71 -8.85 -69.46
C ALA KA 148 -18.58 -10.05 -69.17
N PHE KA 149 -19.63 -9.91 -68.36
CA PHE KA 149 -20.61 -10.97 -68.21
C PHE KA 149 -22.03 -10.52 -68.50
N ILE KA 150 -22.50 -9.43 -67.89
CA ILE KA 150 -23.92 -9.09 -67.87
C ILE KA 150 -24.03 -7.59 -68.08
N SER KA 151 -25.20 -7.15 -68.47
CA SER KA 151 -25.43 -5.74 -68.74
C SER KA 151 -26.07 -5.06 -67.54
N ARG KA 152 -25.83 -3.75 -67.46
CA ARG KA 152 -26.49 -2.95 -66.45
C ARG KA 152 -27.98 -3.24 -66.44
N ARG KA 153 -28.62 -3.13 -67.60
CA ARG KA 153 -30.06 -3.33 -67.64
C ARG KA 153 -30.43 -4.75 -67.25
N GLN KA 154 -29.68 -5.74 -67.72
CA GLN KA 154 -30.09 -7.10 -67.39
C GLN KA 154 -29.99 -7.38 -65.91
N PHE KA 155 -28.91 -6.97 -65.26
CA PHE KA 155 -28.83 -7.29 -63.84
C PHE KA 155 -29.78 -6.44 -63.02
N ASP KA 156 -30.01 -5.21 -63.44
CA ASP KA 156 -31.00 -4.45 -62.74
C ASP KA 156 -32.38 -5.06 -62.92
N VAL KA 157 -32.65 -5.70 -64.05
CA VAL KA 157 -33.90 -6.44 -64.18
C VAL KA 157 -34.05 -7.44 -63.05
N GLN KA 158 -33.14 -8.41 -62.97
CA GLN KA 158 -33.28 -9.48 -61.99
C GLN KA 158 -33.33 -8.90 -60.59
N TYR KA 159 -32.31 -8.14 -60.22
CA TYR KA 159 -32.21 -7.62 -58.87
C TYR KA 159 -33.42 -6.79 -58.49
N ASN KA 160 -33.70 -5.72 -59.25
CA ASN KA 160 -34.72 -4.75 -58.90
C ASN KA 160 -36.14 -5.28 -59.02
N ILE KA 161 -36.42 -6.22 -59.90
CA ILE KA 161 -37.81 -6.63 -60.06
C ILE KA 161 -38.00 -8.03 -59.53
N PHE KA 162 -37.21 -8.97 -60.01
CA PHE KA 162 -37.56 -10.36 -59.74
C PHE KA 162 -37.22 -10.74 -58.32
N HIS KA 163 -36.06 -10.32 -57.81
CA HIS KA 163 -35.75 -10.63 -56.42
C HIS KA 163 -36.57 -9.80 -55.47
N HIS KA 164 -36.80 -8.54 -55.82
CA HIS KA 164 -37.65 -7.71 -54.98
C HIS KA 164 -39.05 -8.29 -54.90
N ASP KA 165 -39.56 -8.81 -56.01
CA ASP KA 165 -40.71 -9.68 -56.03
C ASP KA 165 -40.60 -10.86 -55.07
N ALA KA 166 -39.51 -11.60 -55.15
CA ALA KA 166 -39.40 -12.80 -54.32
C ALA KA 166 -39.48 -12.44 -52.85
N VAL KA 167 -38.67 -11.50 -52.41
CA VAL KA 167 -38.67 -11.15 -51.00
C VAL KA 167 -39.96 -10.46 -50.61
N ALA KA 168 -40.62 -9.75 -51.53
CA ALA KA 168 -41.88 -9.11 -51.19
C ALA KA 168 -42.98 -10.14 -50.98
N THR KA 169 -43.01 -11.18 -51.81
CA THR KA 169 -44.00 -12.21 -51.56
C THR KA 169 -43.61 -13.09 -50.38
N LEU KA 170 -42.31 -13.22 -50.11
CA LEU KA 170 -41.91 -13.92 -48.90
C LEU KA 170 -42.39 -13.20 -47.66
N ASN KA 171 -42.28 -11.87 -47.64
CA ASN KA 171 -42.78 -11.09 -46.52
C ASN KA 171 -44.28 -10.89 -46.61
N ARG KA 172 -44.89 -11.24 -47.72
CA ARG KA 172 -46.33 -11.43 -47.69
C ARG KA 172 -46.69 -12.71 -46.96
N HIS KA 173 -45.87 -13.75 -47.14
CA HIS KA 173 -46.32 -15.11 -46.84
C HIS KA 173 -45.88 -15.62 -45.49
N THR KA 174 -44.70 -15.24 -45.01
CA THR KA 174 -44.20 -15.71 -43.73
C THR KA 174 -44.62 -14.86 -42.56
N LEU KA 175 -44.61 -13.54 -42.74
CA LEU KA 175 -45.13 -12.63 -41.73
C LEU KA 175 -46.62 -12.91 -41.50
N GLY KA 176 -46.91 -13.68 -40.46
CA GLY KA 176 -48.28 -14.01 -40.17
C GLY KA 176 -48.62 -15.46 -40.31
N THR KA 177 -47.64 -16.34 -40.24
CA THR KA 177 -47.89 -17.76 -40.18
C THR KA 177 -46.97 -18.37 -39.12
N SER KA 178 -47.30 -19.58 -38.67
CA SER KA 178 -46.66 -20.16 -37.48
C SER KA 178 -45.15 -20.25 -37.60
N LEU KA 179 -44.57 -19.68 -38.65
CA LEU KA 179 -43.16 -19.80 -38.96
C LEU KA 179 -42.49 -18.44 -39.10
N GLU KA 180 -43.03 -17.44 -38.43
CA GLU KA 180 -42.73 -16.04 -38.75
C GLU KA 180 -41.39 -15.62 -38.18
N GLY KA 181 -40.65 -14.87 -38.96
CA GLY KA 181 -39.53 -14.16 -38.39
C GLY KA 181 -38.42 -15.00 -37.80
N HIS KA 182 -38.15 -16.19 -38.34
CA HIS KA 182 -36.84 -16.82 -38.19
C HIS KA 182 -36.28 -17.00 -39.57
N SER KA 183 -34.97 -16.92 -39.64
CA SER KA 183 -34.34 -16.64 -40.92
C SER KA 183 -34.73 -17.70 -41.95
N LEU KA 184 -34.46 -17.36 -43.21
CA LEU KA 184 -34.66 -18.29 -44.29
C LEU KA 184 -34.12 -19.66 -43.93
N GLU KA 185 -32.98 -19.73 -43.26
CA GLU KA 185 -32.40 -21.01 -42.90
C GLU KA 185 -33.26 -21.83 -41.98
N THR KA 186 -34.30 -21.26 -41.39
CA THR KA 186 -35.21 -22.06 -40.59
C THR KA 186 -36.61 -22.14 -41.17
N VAL KA 187 -37.04 -21.13 -41.92
CA VAL KA 187 -38.28 -21.31 -42.67
C VAL KA 187 -38.12 -22.37 -43.75
N ILE KA 188 -37.06 -22.28 -44.55
CA ILE KA 188 -36.79 -23.34 -45.51
C ILE KA 188 -36.90 -24.70 -44.85
N ARG KA 189 -36.16 -24.89 -43.78
CA ARG KA 189 -35.97 -26.25 -43.31
C ARG KA 189 -37.17 -26.77 -42.53
N ARG KA 190 -38.04 -25.90 -42.02
CA ARG KA 190 -39.16 -26.35 -41.20
C ARG KA 190 -40.50 -26.21 -41.91
N ALA KA 191 -40.55 -25.48 -43.04
CA ALA KA 191 -41.61 -25.58 -44.02
C ALA KA 191 -41.05 -26.03 -45.35
N SER KA 192 -40.16 -27.01 -45.34
CA SER KA 192 -39.66 -27.67 -46.54
C SER KA 192 -40.42 -28.96 -46.78
N PHE KA 193 -40.34 -29.42 -48.03
CA PHE KA 193 -41.05 -30.60 -48.53
C PHE KA 193 -42.46 -30.65 -47.99
N ASP KA 194 -43.30 -29.70 -48.37
CA ASP KA 194 -44.65 -29.60 -47.86
C ASP KA 194 -45.55 -28.99 -48.92
N ALA KA 195 -46.74 -29.56 -49.06
CA ALA KA 195 -47.77 -28.93 -49.87
C ALA KA 195 -48.51 -27.86 -49.12
N THR KA 196 -48.99 -28.16 -47.91
CA THR KA 196 -49.86 -27.25 -47.19
C THR KA 196 -49.17 -25.91 -46.88
N GLN KA 197 -47.91 -25.76 -47.22
CA GLN KA 197 -47.18 -24.51 -47.11
C GLN KA 197 -46.31 -24.30 -48.34
N ALA KA 198 -46.81 -24.75 -49.48
CA ALA KA 198 -46.00 -24.78 -50.69
C ALA KA 198 -45.57 -23.41 -51.13
N ALA KA 199 -46.50 -22.44 -51.10
CA ALA KA 199 -46.14 -21.07 -51.45
C ALA KA 199 -45.01 -20.58 -50.58
N VAL KA 200 -45.11 -20.85 -49.28
CA VAL KA 200 -44.08 -20.49 -48.32
C VAL KA 200 -42.72 -21.01 -48.76
N HIS KA 201 -42.62 -22.34 -48.95
CA HIS KA 201 -41.31 -22.89 -49.25
C HIS KA 201 -40.77 -22.42 -50.58
N THR KA 202 -41.64 -22.25 -51.57
CA THR KA 202 -41.18 -21.77 -52.87
C THR KA 202 -40.57 -20.39 -52.76
N ALA KA 203 -41.31 -19.47 -52.14
CA ALA KA 203 -40.81 -18.14 -51.88
C ALA KA 203 -39.47 -18.16 -51.19
N ALA KA 204 -39.39 -18.91 -50.09
CA ALA KA 204 -38.16 -18.95 -49.30
C ALA KA 204 -36.97 -19.37 -50.15
N ALA KA 205 -37.09 -20.52 -50.82
CA ALA KA 205 -35.95 -21.02 -51.56
C ALA KA 205 -35.55 -20.06 -52.67
N GLU KA 206 -36.51 -19.55 -53.43
CA GLU KA 206 -36.12 -18.63 -54.50
C GLU KA 206 -35.42 -17.40 -53.95
N HIS KA 207 -35.94 -16.84 -52.85
CA HIS KA 207 -35.28 -15.74 -52.18
C HIS KA 207 -33.80 -16.05 -51.96
N PHE KA 208 -33.52 -17.13 -51.24
CA PHE KA 208 -32.11 -17.42 -51.01
C PHE KA 208 -31.36 -17.46 -52.32
N ASN KA 209 -31.90 -18.23 -53.27
CA ASN KA 209 -31.21 -18.44 -54.54
C ASN KA 209 -30.71 -17.14 -55.11
N TYR KA 210 -31.58 -16.15 -55.12
CA TYR KA 210 -31.17 -14.88 -55.67
C TYR KA 210 -30.02 -14.33 -54.86
N CYS KA 211 -30.12 -14.44 -53.52
CA CYS KA 211 -29.03 -13.93 -52.67
C CYS KA 211 -27.70 -14.51 -53.10
N PHE KA 212 -27.68 -15.82 -53.32
CA PHE KA 212 -26.41 -16.46 -53.58
C PHE KA 212 -25.90 -16.17 -54.97
N PHE KA 213 -26.76 -16.04 -55.97
CA PHE KA 213 -26.22 -15.66 -57.27
C PHE KA 213 -25.54 -14.31 -57.17
N TYR KA 214 -26.25 -13.36 -56.56
CA TYR KA 214 -25.68 -12.08 -56.25
C TYR KA 214 -24.29 -12.21 -55.69
N LYS KA 215 -24.12 -13.04 -54.67
CA LYS KA 215 -22.80 -13.12 -54.06
C LYS KA 215 -21.78 -13.69 -55.02
N SER KA 216 -22.12 -14.79 -55.67
CA SER KA 216 -21.17 -15.59 -56.44
C SER KA 216 -20.60 -14.85 -57.64
N LEU KA 217 -21.25 -13.80 -58.09
CA LEU KA 217 -20.65 -12.92 -59.09
C LEU KA 217 -19.43 -12.19 -58.55
N ARG KA 218 -18.70 -11.46 -59.44
CA ARG KA 218 -17.66 -10.49 -59.12
C ARG KA 218 -17.21 -9.73 -60.37
N PRO KA 219 -17.06 -8.40 -60.28
CA PRO KA 219 -16.77 -7.57 -61.46
C PRO KA 219 -15.65 -7.98 -62.40
N TRP KA 220 -14.59 -8.64 -61.95
CA TRP KA 220 -13.62 -9.13 -62.94
C TRP KA 220 -13.01 -10.48 -62.59
N GLY KA 221 -13.76 -11.36 -61.94
CA GLY KA 221 -13.42 -12.77 -61.87
C GLY KA 221 -12.22 -13.07 -61.01
N THR KA 222 -12.27 -14.19 -60.33
CA THR KA 222 -11.21 -14.62 -59.44
C THR KA 222 -10.60 -15.91 -59.98
N ALA KA 223 -9.30 -15.88 -60.25
CA ALA KA 223 -8.60 -17.09 -60.65
C ALA KA 223 -8.78 -18.14 -59.57
N VAL KA 224 -9.14 -19.34 -59.99
CA VAL KA 224 -9.44 -20.41 -59.03
C VAL KA 224 -8.25 -20.60 -58.09
N PRO KA 225 -8.45 -20.55 -56.78
CA PRO KA 225 -7.33 -20.57 -55.85
C PRO KA 225 -6.70 -21.95 -55.72
N LYS KA 226 -5.62 -21.99 -54.95
CA LYS KA 226 -4.78 -23.17 -54.87
C LYS KA 226 -5.30 -24.21 -53.89
N GLN KA 227 -6.14 -23.83 -52.93
CA GLN KA 227 -6.81 -24.81 -52.10
C GLN KA 227 -8.03 -25.41 -52.78
N LEU KA 228 -8.49 -24.77 -53.84
CA LEU KA 228 -9.70 -25.18 -54.53
C LEU KA 228 -9.39 -26.00 -55.76
N ARG KA 229 -8.45 -25.53 -56.57
CA ARG KA 229 -8.07 -26.23 -57.78
C ARG KA 229 -7.67 -27.67 -57.48
N GLU KA 230 -7.01 -27.90 -56.36
CA GLU KA 230 -6.63 -29.26 -56.01
C GLU KA 230 -7.83 -30.07 -55.55
N ALA KA 231 -8.80 -29.42 -54.90
CA ALA KA 231 -10.04 -30.12 -54.60
C ALA KA 231 -10.73 -30.59 -55.87
N PHE KA 232 -10.62 -29.82 -56.94
CA PHE KA 232 -11.21 -30.23 -58.21
C PHE KA 232 -10.31 -31.15 -59.00
N GLN KA 233 -9.01 -31.15 -58.71
CA GLN KA 233 -8.11 -32.16 -59.27
C GLN KA 233 -8.42 -33.53 -58.69
N LEU KA 234 -8.67 -33.60 -57.39
CA LEU KA 234 -9.01 -34.84 -56.71
C LEU KA 234 -10.29 -35.48 -57.23
N GLN KA 235 -11.10 -34.73 -57.96
CA GLN KA 235 -12.40 -35.20 -58.41
C GLN KA 235 -12.46 -35.36 -59.92
N TYR KA 236 -11.96 -34.37 -60.66
CA TYR KA 236 -12.08 -34.36 -62.11
C TYR KA 236 -10.73 -34.28 -62.82
N GLY KA 237 -9.69 -34.90 -62.25
CA GLY KA 237 -8.43 -35.07 -62.95
C GLY KA 237 -8.27 -36.49 -63.47
N ARG KA 238 -8.35 -36.64 -64.78
CA ARG KA 238 -8.28 -37.95 -65.44
C ARG KA 238 -7.18 -37.84 -66.48
N ASP KA 239 -5.93 -38.08 -66.06
CA ASP KA 239 -4.77 -37.92 -66.92
C ASP KA 239 -4.86 -36.58 -67.67
N GLY KA 240 -4.82 -35.51 -66.88
CA GLY KA 240 -5.21 -34.20 -67.37
C GLY KA 240 -4.13 -33.17 -67.16
N SER KA 241 -4.39 -31.98 -67.69
CA SER KA 241 -3.53 -30.81 -67.68
C SER KA 241 -4.27 -29.66 -66.96
N VAL KA 242 -3.70 -28.46 -67.00
CA VAL KA 242 -4.19 -27.31 -66.24
C VAL KA 242 -5.67 -27.02 -66.47
N ASP KA 243 -6.31 -27.73 -67.40
CA ASP KA 243 -7.70 -27.48 -67.73
C ASP KA 243 -8.64 -28.42 -66.97
N VAL KA 244 -8.48 -28.47 -65.65
CA VAL KA 244 -9.35 -29.31 -64.83
C VAL KA 244 -10.51 -28.47 -64.34
N VAL KA 245 -10.21 -27.24 -63.91
CA VAL KA 245 -11.28 -26.29 -63.69
C VAL KA 245 -12.02 -26.03 -64.99
N GLU KA 246 -11.33 -26.17 -66.11
CA GLU KA 246 -12.04 -26.16 -67.39
C GLU KA 246 -12.95 -27.36 -67.54
N GLU KA 247 -12.57 -28.53 -67.02
CA GLU KA 247 -13.51 -29.64 -67.03
C GLU KA 247 -14.72 -29.34 -66.17
N VAL KA 248 -14.51 -28.63 -65.05
CA VAL KA 248 -15.64 -28.29 -64.21
C VAL KA 248 -16.52 -27.23 -64.88
N LYS KA 249 -15.92 -26.26 -65.56
CA LYS KA 249 -16.71 -25.34 -66.38
C LYS KA 249 -17.48 -26.08 -67.46
N ARG KA 250 -16.84 -27.08 -68.07
CA ARG KA 250 -17.53 -27.94 -69.01
C ARG KA 250 -18.77 -28.51 -68.37
N LEU KA 251 -18.63 -29.06 -67.17
CA LEU KA 251 -19.77 -29.66 -66.50
C LEU KA 251 -20.81 -28.62 -66.14
N PHE KA 252 -20.37 -27.40 -65.82
CA PHE KA 252 -21.28 -26.30 -65.57
C PHE KA 252 -22.17 -26.06 -66.78
N THR KA 253 -21.56 -25.68 -67.91
CA THR KA 253 -22.32 -25.48 -69.13
C THR KA 253 -23.18 -26.69 -69.46
N VAL KA 254 -22.65 -27.90 -69.24
CA VAL KA 254 -23.41 -29.10 -69.57
C VAL KA 254 -24.71 -29.14 -68.79
N VAL KA 255 -24.68 -28.91 -67.48
CA VAL KA 255 -25.95 -29.04 -66.76
C VAL KA 255 -26.79 -27.77 -66.89
N VAL KA 256 -26.18 -26.63 -67.21
CA VAL KA 256 -26.97 -25.46 -67.60
C VAL KA 256 -27.91 -25.83 -68.73
N LEU KA 257 -27.36 -26.45 -69.77
CA LEU KA 257 -28.18 -26.79 -70.92
C LEU KA 257 -29.01 -28.04 -70.69
N SER KA 258 -28.55 -28.97 -69.86
CA SER KA 258 -29.38 -30.12 -69.51
C SER KA 258 -30.55 -29.71 -68.63
N HIS KA 259 -30.56 -28.47 -68.12
CA HIS KA 259 -31.81 -27.90 -67.66
C HIS KA 259 -32.49 -27.26 -68.86
N GLN KA 260 -33.80 -27.43 -68.99
CA GLN KA 260 -34.47 -26.99 -70.22
C GLN KA 260 -35.62 -26.04 -69.94
N GLU KA 261 -36.33 -26.20 -68.81
CA GLU KA 261 -37.47 -25.35 -68.49
C GLU KA 261 -37.14 -23.87 -68.63
N ARG KA 262 -35.86 -23.53 -68.65
CA ARG KA 262 -35.38 -22.15 -68.70
C ARG KA 262 -35.91 -21.33 -67.53
N CYS KA 263 -36.28 -22.00 -66.44
CA CYS KA 263 -36.61 -21.34 -65.18
C CYS KA 263 -35.92 -22.14 -64.07
N GLY KA 264 -34.77 -21.66 -63.61
CA GLY KA 264 -34.14 -22.33 -62.51
C GLY KA 264 -32.69 -21.93 -62.34
N TRP KA 265 -32.00 -22.72 -61.53
CA TRP KA 265 -30.70 -22.38 -60.98
C TRP KA 265 -29.76 -23.56 -61.05
N VAL KA 266 -28.53 -23.32 -61.45
CA VAL KA 266 -27.53 -24.37 -61.49
C VAL KA 266 -26.46 -24.05 -60.48
N TYR KA 267 -26.32 -24.89 -59.47
CA TYR KA 267 -25.30 -24.60 -58.46
C TYR KA 267 -24.25 -25.67 -58.48
N LEU KA 268 -23.01 -25.25 -58.40
CA LEU KA 268 -21.93 -26.15 -58.00
C LEU KA 268 -21.93 -26.19 -56.48
N VAL KA 269 -22.00 -27.40 -55.92
CA VAL KA 269 -22.14 -27.55 -54.49
C VAL KA 269 -21.04 -28.47 -53.99
N TRP KA 270 -21.17 -28.89 -52.73
CA TRP KA 270 -20.34 -29.93 -52.13
C TRP KA 270 -21.26 -30.83 -51.32
N THR KA 271 -21.44 -32.06 -51.76
CA THR KA 271 -22.56 -32.88 -51.31
C THR KA 271 -22.37 -33.46 -49.92
N GLY KA 272 -21.34 -33.04 -49.20
CA GLY KA 272 -20.94 -33.71 -48.00
C GLY KA 272 -20.06 -34.92 -48.23
N LYS KA 273 -19.89 -35.31 -49.49
CA LYS KA 273 -18.89 -36.29 -49.86
C LYS KA 273 -18.10 -35.91 -51.10
N GLN KA 274 -18.68 -35.18 -52.05
CA GLN KA 274 -18.03 -34.86 -53.31
C GLN KA 274 -18.80 -33.74 -53.99
N PHE KA 275 -18.18 -33.15 -55.00
CA PHE KA 275 -18.84 -32.12 -55.77
C PHE KA 275 -19.80 -32.72 -56.78
N ASP KA 276 -20.81 -31.94 -57.14
CA ASP KA 276 -21.66 -32.25 -58.27
C ASP KA 276 -22.49 -31.04 -58.64
N VAL KA 277 -22.42 -30.64 -59.90
CA VAL KA 277 -23.19 -29.53 -60.41
C VAL KA 277 -24.64 -29.97 -60.40
N VAL KA 278 -25.39 -29.54 -59.41
CA VAL KA 278 -26.79 -29.93 -59.29
C VAL KA 278 -27.64 -28.89 -60.01
N GLU KA 279 -28.79 -29.34 -60.49
CA GLU KA 279 -29.73 -28.49 -61.18
C GLU KA 279 -30.86 -28.13 -60.24
N PHE KA 280 -31.56 -27.03 -60.56
CA PHE KA 280 -32.51 -26.50 -59.61
C PHE KA 280 -33.77 -25.99 -60.27
N PRO KA 281 -34.94 -26.52 -59.89
CA PRO KA 281 -36.21 -25.98 -60.38
C PRO KA 281 -36.45 -24.57 -59.87
N HIS KA 282 -37.63 -24.02 -60.13
CA HIS KA 282 -38.05 -22.81 -59.43
C HIS KA 282 -38.91 -23.20 -58.24
N GLY KA 283 -38.33 -23.14 -57.05
CA GLY KA 283 -38.94 -23.70 -55.88
C GLY KA 283 -38.03 -24.60 -55.09
N ALA KA 284 -36.72 -24.49 -55.30
CA ALA KA 284 -35.74 -25.28 -54.58
C ALA KA 284 -34.41 -24.53 -54.51
N CYS KA 285 -33.58 -24.98 -53.58
CA CYS KA 285 -32.31 -24.37 -53.24
C CYS KA 285 -31.38 -25.43 -52.68
N PRO KA 286 -30.08 -25.18 -52.65
CA PRO KA 286 -29.15 -26.16 -52.08
C PRO KA 286 -29.35 -26.40 -50.61
N ILE KA 287 -30.21 -25.64 -49.92
CA ILE KA 287 -30.49 -25.92 -48.52
C ILE KA 287 -31.71 -26.82 -48.38
N GLY KA 288 -32.65 -26.73 -49.31
CA GLY KA 288 -33.61 -27.81 -49.44
C GLY KA 288 -32.95 -29.09 -49.90
N SER KA 289 -31.83 -28.97 -50.63
CA SER KA 289 -31.08 -30.12 -51.10
C SER KA 289 -29.94 -30.53 -50.15
N ASP KA 290 -29.75 -29.81 -49.05
CA ASP KA 290 -28.78 -30.15 -48.00
C ASP KA 290 -27.34 -30.09 -48.49
N LEU KA 291 -27.06 -29.30 -49.50
CA LEU KA 291 -25.73 -29.24 -50.06
C LEU KA 291 -25.12 -27.87 -49.78
N ILE KA 292 -23.81 -27.78 -49.95
CA ILE KA 292 -23.06 -26.56 -49.64
C ILE KA 292 -22.88 -25.73 -50.91
N PRO KA 293 -23.71 -24.71 -51.13
CA PRO KA 293 -23.59 -23.94 -52.37
C PRO KA 293 -22.24 -23.26 -52.51
N LEU KA 294 -21.57 -23.56 -53.60
CA LEU KA 294 -20.24 -23.02 -53.89
C LEU KA 294 -20.20 -22.14 -55.12
N LEU KA 295 -21.17 -22.27 -56.01
CA LEU KA 295 -21.37 -21.27 -57.04
C LEU KA 295 -22.81 -21.34 -57.49
N ALA KA 296 -23.33 -20.16 -57.82
CA ALA KA 296 -24.74 -19.97 -58.11
C ALA KA 296 -24.87 -19.41 -59.51
N ILE KA 297 -25.51 -20.16 -60.41
CA ILE KA 297 -25.81 -19.72 -61.76
C ILE KA 297 -27.31 -19.63 -61.90
N ASN KA 298 -27.74 -18.65 -62.68
CA ASN KA 298 -29.15 -18.29 -62.81
C ASN KA 298 -29.53 -18.49 -64.27
N VAL KA 299 -30.22 -19.60 -64.58
CA VAL KA 299 -30.49 -19.92 -65.98
C VAL KA 299 -31.94 -19.65 -66.31
N HIS KA 300 -32.60 -18.86 -65.48
CA HIS KA 300 -33.94 -18.40 -65.79
C HIS KA 300 -33.95 -17.70 -67.14
N GLU KA 301 -34.94 -18.06 -67.97
CA GLU KA 301 -35.10 -17.43 -69.28
C GLU KA 301 -34.99 -15.92 -69.16
N GLY KA 302 -35.63 -15.35 -68.15
CA GLY KA 302 -35.50 -13.93 -67.89
C GLY KA 302 -34.13 -13.50 -67.48
N ALA KA 303 -33.28 -14.43 -67.06
CA ALA KA 303 -31.97 -14.02 -66.57
C ALA KA 303 -31.04 -13.61 -67.70
N TYR KA 304 -31.36 -13.92 -68.94
CA TYR KA 304 -30.52 -13.52 -70.05
C TYR KA 304 -31.33 -13.13 -71.26
N SER KA 305 -32.66 -13.07 -71.13
CA SER KA 305 -33.51 -12.67 -72.24
C SER KA 305 -33.00 -11.38 -72.88
N LEU KA 306 -32.60 -10.41 -72.06
CA LEU KA 306 -32.22 -9.11 -72.63
C LEU KA 306 -30.78 -9.09 -73.08
N ASP KA 307 -29.92 -9.94 -72.55
CA ASP KA 307 -28.49 -9.81 -72.84
C ASP KA 307 -28.10 -10.54 -74.11
N TYR KA 308 -28.55 -11.79 -74.25
CA TYR KA 308 -28.34 -12.56 -75.47
C TYR KA 308 -29.59 -13.27 -75.96
N GLY KA 309 -30.64 -13.32 -75.15
CA GLY KA 309 -31.83 -14.05 -75.51
C GLY KA 309 -31.66 -15.51 -75.19
N PRO KA 310 -32.72 -16.31 -75.36
CA PRO KA 310 -32.61 -17.75 -75.06
C PRO KA 310 -31.60 -18.47 -75.91
N SER KA 311 -31.22 -17.92 -77.06
CA SER KA 311 -30.32 -18.59 -77.97
C SER KA 311 -28.86 -18.37 -77.60
N GLY KA 312 -28.57 -17.55 -76.60
CA GLY KA 312 -27.19 -17.33 -76.22
C GLY KA 312 -26.86 -17.91 -74.87
N LEU KA 313 -27.64 -18.90 -74.44
CA LEU KA 313 -27.45 -19.49 -73.12
C LEU KA 313 -26.09 -20.12 -72.95
N GLU KA 314 -25.53 -20.71 -73.99
CA GLU KA 314 -24.19 -21.26 -73.86
C GLU KA 314 -23.16 -20.15 -73.70
N GLN KA 315 -23.30 -19.07 -74.48
CA GLN KA 315 -22.40 -17.93 -74.30
C GLN KA 315 -22.53 -17.32 -72.92
N TYR KA 316 -23.72 -17.35 -72.34
CA TYR KA 316 -23.89 -16.83 -70.98
C TYR KA 316 -23.26 -17.77 -69.97
N ALA KA 317 -23.53 -19.07 -70.06
CA ALA KA 317 -22.93 -20.00 -69.11
C ALA KA 317 -21.42 -20.00 -69.23
N GLN KA 318 -20.89 -19.53 -70.35
CA GLN KA 318 -19.46 -19.26 -70.41
C GLN KA 318 -19.09 -17.95 -69.73
N ASN KA 319 -19.70 -16.84 -70.16
CA ASN KA 319 -19.38 -15.51 -69.67
C ASN KA 319 -19.43 -15.42 -68.15
N TYR KA 320 -20.30 -16.18 -67.52
CA TYR KA 320 -20.47 -16.15 -66.07
C TYR KA 320 -19.17 -16.42 -65.33
N PHE KA 321 -18.19 -17.00 -65.99
CA PHE KA 321 -16.93 -17.35 -65.35
C PHE KA 321 -15.87 -16.28 -65.50
N ARG KA 322 -16.13 -15.22 -66.25
CA ARG KA 322 -15.34 -14.02 -66.09
C ARG KA 322 -15.90 -13.12 -65.00
N ALA KA 323 -16.97 -13.55 -64.37
CA ALA KA 323 -17.56 -12.84 -63.26
C ALA KA 323 -18.19 -13.80 -62.26
N CYS KA 324 -17.52 -14.88 -61.94
CA CYS KA 324 -17.82 -15.63 -60.75
C CYS KA 324 -16.72 -15.43 -59.71
N ASN KA 325 -17.01 -15.80 -58.46
CA ASN KA 325 -16.18 -15.52 -57.28
C ASN KA 325 -15.69 -16.84 -56.67
N TRP KA 326 -14.58 -17.33 -57.18
CA TRP KA 326 -14.09 -18.60 -56.67
C TRP KA 326 -13.50 -18.45 -55.27
N PHE KA 327 -13.27 -17.23 -54.78
CA PHE KA 327 -12.98 -17.05 -53.37
C PHE KA 327 -14.15 -17.47 -52.51
N LEU KA 328 -15.34 -16.94 -52.79
CA LEU KA 328 -16.56 -17.41 -52.12
C LEU KA 328 -16.67 -18.92 -52.21
N ALA KA 329 -16.52 -19.44 -53.42
CA ALA KA 329 -16.55 -20.89 -53.59
C ALA KA 329 -15.59 -21.61 -52.65
N GLU KA 330 -14.32 -21.22 -52.64
CA GLU KA 330 -13.28 -21.99 -51.98
C GLU KA 330 -13.36 -21.87 -50.47
N ARG KA 331 -13.54 -20.67 -49.97
CA ARG KA 331 -13.67 -20.54 -48.53
C ARG KA 331 -14.98 -21.10 -48.02
N TYR KA 332 -15.95 -21.38 -48.89
CA TYR KA 332 -17.05 -22.19 -48.40
C TYR KA 332 -16.69 -23.66 -48.39
N TYR KA 333 -15.98 -24.12 -49.42
CA TYR KA 333 -15.56 -25.51 -49.48
C TYR KA 333 -14.68 -25.93 -48.31
N LEU KA 334 -13.76 -25.05 -47.88
CA LEU KA 334 -12.85 -25.43 -46.80
C LEU KA 334 -13.57 -25.63 -45.48
N GLN KA 335 -14.45 -24.72 -45.10
CA GLN KA 335 -15.27 -24.96 -43.91
C GLN KA 335 -16.20 -26.14 -44.12
N ALA KA 336 -16.57 -26.42 -45.37
CA ALA KA 336 -17.37 -27.59 -45.65
C ALA KA 336 -16.63 -28.86 -45.26
N THR KA 337 -15.40 -29.01 -45.72
CA THR KA 337 -14.66 -30.20 -45.36
C THR KA 337 -14.29 -30.21 -43.89
N GLY KA 338 -13.41 -29.31 -43.47
CA GLY KA 338 -12.99 -29.27 -42.08
C GLY KA 338 -11.82 -28.36 -41.83
N ASP LA 9 -13.45 30.32 36.50
CA ASP LA 9 -13.49 30.42 37.95
C ASP LA 9 -12.35 31.32 38.34
N GLN LA 10 -11.30 31.24 37.52
CA GLN LA 10 -10.17 32.16 37.53
C GLN LA 10 -9.41 32.15 38.85
N THR LA 11 -9.13 30.94 39.30
CA THR LA 11 -8.24 30.74 40.43
C THR LA 11 -6.79 30.73 40.00
N CYS LA 12 -6.50 31.07 38.74
CA CYS LA 12 -5.14 30.96 38.25
C CYS LA 12 -4.40 32.28 38.17
N GLY LA 13 -4.88 33.23 37.38
CA GLY LA 13 -4.21 34.51 37.27
C GLY LA 13 -4.15 35.03 35.85
N PRO LA 14 -3.50 36.17 35.65
CA PRO LA 14 -3.50 36.80 34.33
C PRO LA 14 -2.83 35.95 33.26
N HIS LA 15 -2.92 36.44 32.03
CA HIS LA 15 -2.57 35.61 30.90
C HIS LA 15 -1.46 36.22 30.08
N LYS LA 16 -0.97 37.38 30.48
CA LYS LA 16 0.25 37.91 29.89
C LYS LA 16 0.58 39.20 30.63
N SER LA 17 1.86 39.41 30.91
CA SER LA 17 2.28 40.67 31.49
C SER LA 17 2.62 41.59 30.33
N TYR LA 18 1.66 42.41 29.93
CA TYR LA 18 1.88 43.34 28.83
C TYR LA 18 2.80 44.43 29.33
N LYS LA 19 4.00 44.46 28.80
CA LYS LA 19 4.95 45.49 29.19
C LYS LA 19 5.41 46.20 27.94
N TYR LA 20 6.05 47.34 28.12
CA TYR LA 20 6.53 48.14 27.00
C TYR LA 20 8.00 48.42 27.15
N THR LA 21 8.73 48.19 26.07
CA THR LA 21 10.13 48.53 26.06
C THR LA 21 10.30 50.01 26.28
N TYR LA 22 10.90 50.38 27.40
CA TYR LA 22 11.37 51.73 27.55
C TYR LA 22 12.44 51.91 26.49
N MET LA 23 12.35 52.97 25.73
CA MET LA 23 13.41 53.39 24.86
C MET LA 23 13.39 54.91 24.81
N PRO LA 24 14.52 55.58 25.02
CA PRO LA 24 14.53 57.05 24.97
C PRO LA 24 14.49 57.52 23.52
N ASP LA 25 13.55 58.39 23.21
CA ASP LA 25 13.46 58.87 21.84
C ASP LA 25 14.03 60.28 21.79
N PRO LA 26 14.80 60.60 20.75
CA PRO LA 26 15.74 61.73 20.83
C PRO LA 26 15.12 63.10 20.71
N ARG LA 27 13.81 63.24 20.81
CA ARG LA 27 13.22 64.56 20.78
C ARG LA 27 12.87 65.07 22.16
N LYS LA 28 12.44 64.21 23.07
CA LYS LA 28 12.15 64.65 24.42
C LYS LA 28 13.41 65.09 25.18
N LEU LA 29 14.53 64.42 24.96
CA LEU LA 29 15.78 64.82 25.59
C LEU LA 29 16.43 65.98 24.88
N ALA LA 30 15.81 66.48 23.81
CA ALA LA 30 16.36 67.60 23.09
C ALA LA 30 16.26 68.86 23.95
N PRO LA 31 17.20 69.78 23.79
CA PRO LA 31 17.38 70.86 24.77
C PRO LA 31 16.23 71.86 24.79
N ILE LA 32 15.53 71.90 25.92
CA ILE LA 32 14.52 72.92 26.19
C ILE LA 32 15.21 74.25 26.41
N GLU LA 33 14.57 75.34 25.99
CA GLU LA 33 15.03 76.67 26.36
C GLU LA 33 14.26 77.14 27.60
N THR LA 34 15.00 77.69 28.57
CA THR LA 34 14.44 78.10 29.86
C THR LA 34 14.73 79.57 30.12
N THR LA 35 14.05 80.11 31.12
CA THR LA 35 14.32 81.46 31.62
C THR LA 35 13.67 81.60 32.98
N THR LA 36 14.47 81.54 34.05
CA THR LA 36 13.89 81.47 35.39
C THR LA 36 13.11 82.73 35.71
N ARG LA 37 11.92 82.54 36.27
CA ARG LA 37 11.00 83.65 36.53
C ARG LA 37 11.66 84.80 37.28
N SER LA 38 12.77 84.55 37.95
CA SER LA 38 13.57 85.62 38.50
C SER LA 38 14.50 86.24 37.48
N GLU LA 39 14.26 85.97 36.20
CA GLU LA 39 14.82 86.78 35.11
C GLU LA 39 13.76 87.60 34.40
N ILE LA 40 12.49 87.45 34.77
CA ILE LA 40 11.44 88.27 34.20
C ILE LA 40 10.86 89.19 35.26
N LEU LA 41 10.51 88.65 36.42
CA LEU LA 41 10.02 89.42 37.55
C LEU LA 41 11.05 89.21 38.66
N PRO LA 42 12.05 90.06 38.75
CA PRO LA 42 13.16 89.77 39.67
C PRO LA 42 12.64 89.64 41.07
N LEU LA 43 13.24 88.72 41.82
CA LEU LA 43 12.89 88.55 43.21
C LEU LA 43 13.97 89.17 44.09
N VAL LA 44 13.54 90.10 44.95
CA VAL LA 44 14.35 90.68 46.00
C VAL LA 44 13.45 90.81 47.23
N ILE LA 45 14.07 91.07 48.37
CA ILE LA 45 13.39 91.08 49.67
C ILE LA 45 13.58 92.45 50.31
N ARG LA 46 12.56 92.92 51.04
CA ARG LA 46 12.60 94.22 51.71
C ARG LA 46 13.45 94.18 52.97
N PRO LA 47 14.57 94.92 53.04
CA PRO LA 47 15.28 95.04 54.30
C PRO LA 47 14.34 95.47 55.42
N PRO LA 48 14.65 95.11 56.67
CA PRO LA 48 13.62 95.14 57.72
C PRO LA 48 13.17 96.55 58.05
N THR LA 49 11.92 96.67 58.48
CA THR LA 49 11.34 97.96 58.84
C THR LA 49 11.22 98.07 60.35
N SER LA 50 10.99 99.30 60.85
CA SER LA 50 11.04 99.57 62.27
C SER LA 50 10.00 98.79 63.06
N TYR LA 51 8.78 98.70 62.54
CA TYR LA 51 7.76 97.96 63.28
C TYR LA 51 8.09 96.48 63.33
N VAL LA 52 8.78 95.95 62.33
CA VAL LA 52 9.16 94.54 62.35
C VAL LA 52 10.63 94.39 61.99
N PRO LA 53 11.55 94.67 62.91
CA PRO LA 53 12.98 94.62 62.57
C PRO LA 53 13.61 93.25 62.65
N ASN LA 54 13.09 92.39 63.51
CA ASN LA 54 13.70 91.10 63.76
C ASN LA 54 12.82 89.99 63.21
N HIS LA 55 13.46 88.84 62.99
CA HIS LA 55 12.70 87.67 62.59
C HIS LA 55 12.11 86.94 63.79
N GLU LA 56 12.31 87.45 65.01
CA GLU LA 56 11.44 87.05 66.11
C GLU LA 56 10.32 88.06 66.32
N THR LA 57 10.60 89.35 66.14
CA THR LA 57 9.54 90.35 66.09
C THR LA 57 8.50 89.97 65.06
N PHE LA 58 8.95 89.50 63.89
CA PHE LA 58 8.01 89.14 62.84
C PHE LA 58 7.00 88.12 63.33
N LEU LA 59 7.48 86.98 63.82
CA LEU LA 59 6.58 85.93 64.24
C LEU LA 59 5.75 86.33 65.45
N GLU LA 60 6.32 87.11 66.37
CA GLU LA 60 5.50 87.69 67.42
C GLU LA 60 4.34 88.46 66.83
N LYS LA 61 4.56 89.15 65.71
CA LYS LA 61 3.49 89.92 65.10
C LYS LA 61 2.47 89.04 64.38
N VAL LA 62 2.93 88.07 63.58
CA VAL LA 62 2.03 87.25 62.78
C VAL LA 62 1.32 86.18 63.59
N ASP LA 63 1.71 86.00 64.86
CA ASP LA 63 1.08 85.03 65.75
C ASP LA 63 -0.27 85.57 66.22
N ILE LA 64 -1.32 85.22 65.48
CA ILE LA 64 -2.67 85.67 65.78
C ILE LA 64 -3.54 84.52 66.26
N HIS LA 65 -3.46 83.40 65.56
CA HIS LA 65 -4.38 82.30 65.81
C HIS LA 65 -3.86 81.42 66.93
N ARG LA 66 -4.78 80.95 67.77
CA ARG LA 66 -4.39 80.02 68.81
C ARG LA 66 -3.94 78.70 68.20
N LEU LA 67 -4.16 78.53 66.90
CA LEU LA 67 -3.69 77.38 66.15
C LEU LA 67 -2.63 77.73 65.11
N LYS LA 68 -2.13 78.97 65.10
CA LYS LA 68 -1.03 79.36 64.23
C LYS LA 68 0.07 80.00 65.04
N PRO LA 69 0.53 79.35 66.12
CA PRO LA 69 1.46 80.02 67.03
C PRO LA 69 2.84 80.16 66.43
N THR LA 70 3.04 81.18 65.61
CA THR LA 70 4.33 81.39 64.97
C THR LA 70 5.39 81.82 65.97
N SER LA 71 4.98 82.20 67.18
CA SER LA 71 5.98 82.55 68.17
C SER LA 71 6.83 81.36 68.59
N ASP LA 72 6.27 80.16 68.55
CA ASP LA 72 6.94 79.05 69.20
C ASP LA 72 8.20 78.63 68.47
N PHE LA 73 8.38 79.09 67.25
CA PHE LA 73 9.48 78.64 66.40
C PHE LA 73 10.33 79.80 65.92
N LYS LA 74 10.67 80.74 66.81
CA LYS LA 74 11.60 81.78 66.44
C LYS LA 74 13.02 81.26 66.31
N ALA LA 75 13.26 80.04 66.79
CA ALA LA 75 14.60 79.46 66.76
C ALA LA 75 14.95 78.86 65.41
N ALA LA 76 13.99 78.22 64.75
CA ALA LA 76 14.26 77.47 63.52
C ALA LA 76 14.90 78.32 62.44
N PHE LA 77 14.85 79.65 62.58
CA PHE LA 77 15.35 80.57 61.57
C PHE LA 77 16.56 81.27 62.14
N LYS LA 78 17.62 81.37 61.36
CA LYS LA 78 18.81 82.03 61.89
C LYS LA 78 18.74 83.53 61.75
N ASP LA 79 18.50 84.04 60.55
CA ASP LA 79 18.54 85.48 60.31
C ASP LA 79 17.23 85.89 59.66
N TRP LA 80 17.14 87.16 59.31
CA TRP LA 80 15.93 87.66 58.68
C TRP LA 80 15.75 87.07 57.30
N ASN LA 81 16.83 86.95 56.55
CA ASN LA 81 16.74 86.35 55.24
C ASN LA 81 16.38 84.88 55.26
N ASP LA 82 16.72 84.15 56.33
CA ASP LA 82 16.29 82.76 56.44
C ASP LA 82 14.89 82.65 57.04
N LEU LA 83 14.22 83.79 57.25
CA LEU LA 83 12.77 83.77 57.40
C LEU LA 83 12.11 84.13 56.08
N MET LA 84 12.71 85.08 55.35
CA MET LA 84 12.12 85.54 54.10
C MET LA 84 12.50 84.69 52.90
N SER LA 85 13.37 83.70 53.04
CA SER LA 85 13.75 82.87 51.92
C SER LA 85 13.61 81.38 52.16
N CYS LA 86 12.94 80.96 53.24
CA CYS LA 86 12.54 79.57 53.38
C CYS LA 86 11.14 79.36 52.81
N ASP LA 87 11.00 78.35 51.96
CA ASP LA 87 9.77 78.11 51.23
C ASP LA 87 8.79 77.31 52.08
N LYS LA 88 7.59 77.10 51.54
CA LYS LA 88 6.57 76.41 52.30
C LYS LA 88 6.90 74.94 52.48
N ARG LA 89 7.77 74.38 51.64
CA ARG LA 89 8.25 73.02 51.86
C ARG LA 89 9.55 72.99 52.66
N GLN LA 90 10.46 73.93 52.38
CA GLN LA 90 11.58 74.21 53.25
C GLN LA 90 11.16 74.40 54.70
N LEU LA 91 9.92 74.75 54.96
CA LEU LA 91 9.42 74.88 56.33
C LEU LA 91 9.02 73.54 56.93
N ARG LA 92 8.37 72.66 56.17
CA ARG LA 92 8.21 71.30 56.64
C ARG LA 92 9.56 70.61 56.82
N VAL LA 93 10.58 71.09 56.12
CA VAL LA 93 11.96 70.74 56.46
C VAL LA 93 12.25 71.06 57.92
N ARG LA 94 11.74 72.20 58.41
CA ARG LA 94 12.03 72.71 59.74
C ARG LA 94 10.94 72.43 60.75
N GLY LA 95 10.30 71.26 60.67
CA GLY LA 95 9.41 70.79 61.72
C GLY LA 95 8.20 71.65 62.01
N ILE LA 96 8.03 72.76 61.30
CA ILE LA 96 6.94 73.70 61.55
C ILE LA 96 5.63 73.08 61.11
N PRO LA 97 4.70 72.84 62.00
CA PRO LA 97 3.48 72.14 61.60
C PRO LA 97 2.66 72.88 60.55
N ARG LA 98 1.58 72.21 60.12
CA ARG LA 98 0.88 72.56 58.89
C ARG LA 98 0.33 73.98 58.95
N MET LA 99 -0.68 74.18 59.79
CA MET LA 99 -1.38 75.46 59.90
C MET LA 99 -0.45 76.58 60.27
N THR LA 100 0.62 76.28 61.00
CA THR LA 100 1.62 77.27 61.31
C THR LA 100 2.31 77.76 60.04
N ARG LA 101 2.95 76.86 59.29
CA ARG LA 101 3.77 77.28 58.16
C ARG LA 101 2.95 77.84 57.02
N ILE LA 102 1.69 77.43 56.86
CA ILE LA 102 0.88 78.11 55.86
C ILE LA 102 0.69 79.57 56.25
N ALA LA 103 0.40 79.83 57.54
CA ALA LA 103 0.16 81.19 57.99
C ALA LA 103 1.43 82.02 57.95
N ILE LA 104 2.55 81.41 58.30
CA ILE LA 104 3.83 82.07 58.12
C ILE LA 104 4.00 82.48 56.67
N ARG LA 105 3.67 81.59 55.75
CA ARG LA 105 3.87 81.89 54.35
C ARG LA 105 2.93 83.00 53.88
N ASN LA 106 1.67 82.94 54.31
CA ASN LA 106 0.74 84.03 54.05
C ASN LA 106 1.35 85.37 54.45
N ALA LA 107 1.68 85.52 55.73
CA ALA LA 107 2.16 86.81 56.21
C ALA LA 107 3.48 87.20 55.57
N VAL LA 108 4.35 86.24 55.28
CA VAL LA 108 5.63 86.57 54.68
C VAL LA 108 5.43 87.14 53.29
N HIS LA 109 4.50 86.57 52.51
CA HIS LA 109 4.27 87.09 51.17
C HIS LA 109 3.47 88.38 51.22
N ALA LA 110 2.63 88.54 52.24
CA ALA LA 110 1.99 89.83 52.45
C ALA LA 110 3.04 90.93 52.60
N PHE LA 111 3.99 90.70 53.52
CA PHE LA 111 5.09 91.64 53.67
C PHE LA 111 5.86 91.83 52.37
N GLN LA 112 6.26 90.73 51.73
CA GLN LA 112 6.96 90.78 50.46
C GLN LA 112 6.39 91.84 49.55
N ASN LA 113 5.06 91.95 49.51
CA ASN LA 113 4.39 92.96 48.71
C ASN LA 113 4.48 94.33 49.36
N GLY LA 114 4.25 94.40 50.67
CA GLY LA 114 4.19 95.69 51.33
C GLY LA 114 3.11 95.80 52.38
N ASN LA 115 2.52 94.67 52.74
CA ASN LA 115 1.63 94.59 53.89
C ASN LA 115 2.42 94.15 55.11
N PRO LA 116 2.61 94.99 56.12
CA PRO LA 116 3.15 94.49 57.38
C PRO LA 116 2.06 93.85 58.20
N PRO LA 117 2.36 92.81 58.94
CA PRO LA 117 1.31 91.96 59.56
C PRO LA 117 0.53 92.63 60.67
N GLU LA 118 0.06 93.83 60.40
CA GLU LA 118 -0.42 94.74 61.44
C GLU LA 118 -1.87 94.42 61.81
N TYR LA 119 -2.14 93.16 62.11
CA TYR LA 119 -3.52 92.74 62.28
C TYR LA 119 -3.75 92.10 63.65
N PHE LA 120 -4.99 92.19 64.10
CA PHE LA 120 -5.34 91.95 65.50
C PHE LA 120 -5.24 90.47 65.87
N ASP LA 121 -5.09 90.21 67.18
CA ASP LA 121 -4.79 88.90 67.72
C ASP LA 121 -6.01 88.38 68.48
N THR LA 122 -6.60 87.28 68.03
CA THR LA 122 -7.91 86.88 68.54
C THR LA 122 -7.91 85.60 69.35
N LYS LA 123 -6.76 85.09 69.80
CA LYS LA 123 -6.80 83.91 70.66
C LYS LA 123 -7.68 84.19 71.86
N GLU LA 124 -7.44 85.31 72.52
CA GLU LA 124 -8.16 85.71 73.71
C GLU LA 124 -9.62 86.00 73.44
N GLU LA 125 -9.93 86.55 72.25
CA GLU LA 125 -11.33 86.77 71.90
C GLU LA 125 -12.06 85.46 71.73
N TRP LA 126 -11.57 84.61 70.81
CA TRP LA 126 -12.24 83.35 70.57
C TRP LA 126 -12.26 82.48 71.81
N LEU LA 127 -11.33 82.69 72.74
CA LEU LA 127 -11.36 81.95 73.98
C LEU LA 127 -12.63 82.19 74.76
N TYR LA 128 -13.21 83.37 74.63
CA TYR LA 128 -14.47 83.59 75.32
C TYR LA 128 -15.55 82.68 74.79
N TYR LA 129 -15.79 82.74 73.49
CA TYR LA 129 -16.82 81.93 72.85
C TYR LA 129 -16.57 80.45 73.03
N LYS LA 130 -15.31 80.04 73.04
CA LYS LA 130 -15.01 78.62 73.11
C LYS LA 130 -15.63 77.98 74.35
N GLN LA 131 -15.91 78.77 75.38
CA GLN LA 131 -16.66 78.24 76.51
C GLN LA 131 -18.09 77.88 76.13
N PHE LA 132 -18.60 78.41 75.02
CA PHE LA 132 -19.98 78.20 74.67
C PHE LA 132 -20.13 76.97 73.77
N LYS LA 133 -21.34 76.43 73.73
CA LYS LA 133 -21.66 75.28 72.90
C LYS LA 133 -22.43 75.65 71.65
N THR LA 134 -22.17 76.82 71.07
CA THR LA 134 -22.57 77.04 69.70
C THR LA 134 -21.82 76.03 68.88
N ILE LA 135 -22.51 74.99 68.39
CA ILE LA 135 -21.82 73.81 67.88
C ILE LA 135 -20.91 74.13 66.70
N ASP LA 136 -20.77 75.40 66.34
CA ASP LA 136 -20.06 75.79 65.13
C ASP LA 136 -19.13 76.97 65.30
N PHE LA 137 -18.55 77.19 66.48
CA PHE LA 137 -17.56 78.26 66.66
C PHE LA 137 -18.05 79.56 66.05
N SER LA 138 -19.28 79.91 66.40
CA SER LA 138 -20.15 80.73 65.57
C SER LA 138 -19.98 82.22 65.77
N TYR LA 139 -19.25 82.66 66.79
CA TYR LA 139 -19.26 84.04 67.25
C TYR LA 139 -20.64 84.44 67.73
N ARG LA 140 -21.43 83.44 68.09
CA ARG LA 140 -22.69 83.66 68.77
C ARG LA 140 -22.53 83.09 70.17
N VAL LA 141 -23.39 83.57 71.06
CA VAL LA 141 -23.29 83.24 72.46
C VAL LA 141 -24.54 82.44 72.81
N ILE LA 142 -24.46 81.14 72.64
CA ILE LA 142 -25.60 80.34 73.04
C ILE LA 142 -25.35 80.00 74.50
N PRO LA 143 -26.20 80.47 75.41
CA PRO LA 143 -25.97 80.22 76.83
C PRO LA 143 -26.14 78.75 77.13
N GLU LA 144 -25.12 78.17 77.73
CA GLU LA 144 -25.17 76.76 78.04
C GLU LA 144 -26.09 76.57 79.24
N LEU LA 145 -27.10 75.74 79.07
CA LEU LA 145 -28.16 75.65 80.05
C LEU LA 145 -27.75 74.69 81.15
N PRO LA 146 -27.93 75.04 82.42
CA PRO LA 146 -27.86 74.04 83.49
C PRO LA 146 -29.25 73.49 83.80
N GLU LA 147 -29.25 72.30 84.42
CA GLU LA 147 -30.51 71.70 84.84
C GLU LA 147 -31.15 72.47 85.98
N LYS LA 148 -30.33 72.97 86.92
CA LYS LA 148 -30.82 73.78 88.03
C LYS LA 148 -30.48 75.23 87.70
N TYR LA 149 -31.37 75.87 86.97
CA TYR LA 149 -31.12 77.22 86.46
C TYR LA 149 -31.81 78.29 87.30
N ARG LA 150 -32.69 77.90 88.21
CA ARG LA 150 -33.48 78.85 88.97
C ARG LA 150 -33.24 78.70 90.47
N PRO LA 151 -33.39 79.78 91.23
CA PRO LA 151 -33.20 79.67 92.69
C PRO LA 151 -34.26 78.82 93.36
N HIS LA 152 -35.49 78.79 92.83
CA HIS LA 152 -36.55 78.03 93.49
C HIS LA 152 -36.19 76.57 93.69
N GLN LA 153 -35.23 76.06 92.93
CA GLN LA 153 -34.74 74.71 93.08
C GLN LA 153 -33.30 74.66 93.54
N ASN LA 154 -32.49 75.67 93.22
CA ASN LA 154 -31.11 75.68 93.71
C ASN LA 154 -31.00 75.91 95.22
N GLY LA 155 -32.13 75.95 95.94
CA GLY LA 155 -32.10 75.98 97.38
C GLY LA 155 -32.20 77.35 98.01
N ILE LA 156 -31.99 78.42 97.25
CA ILE LA 156 -32.10 79.76 97.81
C ILE LA 156 -33.57 80.12 97.94
N ASP LA 157 -34.00 80.43 99.16
CA ASP LA 157 -35.36 80.88 99.38
C ASP LA 157 -35.39 82.41 99.32
N GLN LA 158 -36.49 82.99 99.78
CA GLN LA 158 -36.71 84.42 99.67
C GLN LA 158 -35.66 85.22 100.43
N ALA LA 159 -35.72 86.54 100.28
CA ALA LA 159 -34.81 87.41 101.00
C ALA LA 159 -35.27 87.60 102.45
N PRO LA 160 -34.35 87.55 103.41
CA PRO LA 160 -34.71 87.83 104.81
C PRO LA 160 -34.91 89.31 105.04
N LEU LA 161 -36.15 89.70 105.33
CA LEU LA 161 -36.47 91.11 105.55
C LEU LA 161 -35.77 91.63 106.80
N PRO LA 162 -34.70 92.43 106.66
CA PRO LA 162 -34.00 92.93 107.86
C PRO LA 162 -34.90 93.81 108.70
N ASP LA 163 -34.74 93.70 110.02
CA ASP LA 163 -35.56 94.47 110.95
C ASP LA 163 -35.49 95.96 110.62
N TYR LA 164 -36.67 96.58 110.49
CA TYR LA 164 -36.68 97.99 110.13
C TYR LA 164 -36.12 98.84 111.26
N ARG LA 165 -36.18 98.35 112.48
CA ARG LA 165 -35.42 99.02 113.54
C ARG LA 165 -33.92 98.73 113.44
N GLU LA 166 -33.55 97.62 112.80
CA GLU LA 166 -32.13 97.32 112.63
C GLU LA 166 -31.51 98.19 111.55
N ILE LA 167 -32.31 98.72 110.64
CA ILE LA 167 -31.80 99.65 109.65
C ILE LA 167 -32.19 101.08 109.94
N ASN LA 168 -33.02 101.30 110.97
CA ASN LA 168 -33.36 102.63 111.44
C ASN LA 168 -32.62 103.03 112.73
N LYS LA 169 -31.42 102.48 112.96
CA LYS LA 169 -30.54 103.04 113.96
C LYS LA 169 -29.54 103.97 113.28
N MET LA 170 -29.29 105.12 113.89
CA MET LA 170 -28.44 106.11 113.25
C MET LA 170 -27.04 105.54 113.00
N PRO LA 171 -26.43 105.88 111.88
CA PRO LA 171 -25.04 105.48 111.64
C PRO LA 171 -24.09 106.18 112.62
N GLU LA 172 -22.88 105.64 112.69
CA GLU LA 172 -21.94 106.08 113.71
C GLU LA 172 -21.34 107.44 113.41
N TRP LA 173 -20.96 107.67 112.16
CA TRP LA 173 -20.50 109.00 111.78
C TRP LA 173 -21.58 110.04 112.03
N ALA LA 174 -22.84 109.71 111.76
CA ALA LA 174 -23.93 110.64 112.00
C ALA LA 174 -24.17 110.87 113.48
N ARG LA 175 -23.95 109.87 114.33
CA ARG LA 175 -24.10 110.06 115.76
C ARG LA 175 -22.99 110.91 116.35
N LYS LA 176 -21.73 110.61 116.02
CA LYS LA 176 -20.65 111.46 116.48
C LYS LA 176 -20.81 112.89 115.97
N GLU LA 177 -21.43 113.04 114.79
CA GLU LA 177 -21.68 114.38 114.27
C GLU LA 177 -22.99 114.97 114.80
N GLU LA 178 -23.90 114.14 115.32
CA GLU LA 178 -25.06 114.70 116.00
C GLU LA 178 -24.67 115.23 117.38
N GLU LA 179 -23.64 114.66 117.99
CA GLU LA 179 -23.23 115.14 119.30
C GLU LA 179 -22.30 116.35 119.23
N ARG LA 180 -21.92 116.80 118.03
CA ARG LA 180 -21.06 117.97 117.90
C ARG LA 180 -21.82 119.23 117.51
N LEU LA 181 -23.09 119.35 117.88
CA LEU LA 181 -23.84 120.56 117.58
C LEU LA 181 -24.05 121.42 118.82
N LYS LA 182 -24.20 120.78 119.99
CA LYS LA 182 -24.38 121.54 121.23
C LYS LA 182 -23.14 122.34 121.58
N GLU LA 183 -22.02 122.03 120.93
CA GLU LA 183 -20.78 122.77 121.11
C GLU LA 183 -20.64 123.82 120.02
N ARG MA 20 -14.92 -4.12 -6.57
CA ARG MA 20 -13.66 -4.52 -5.95
C ARG MA 20 -13.59 -6.04 -5.76
N GLN MA 21 -12.75 -6.48 -4.82
CA GLN MA 21 -12.57 -7.92 -4.63
C GLN MA 21 -13.43 -8.46 -3.49
N HIS MA 22 -13.91 -7.58 -2.61
CA HIS MA 22 -14.77 -7.98 -1.51
C HIS MA 22 -15.97 -7.04 -1.40
N ASP MA 23 -16.95 -7.46 -0.60
CA ASP MA 23 -18.12 -6.63 -0.36
C ASP MA 23 -17.78 -5.52 0.63
N SER MA 24 -18.50 -4.42 0.49
CA SER MA 24 -18.12 -3.20 1.19
C SER MA 24 -18.82 -3.03 2.51
N GLY MA 25 -19.67 -3.96 2.90
CA GLY MA 25 -20.32 -3.89 4.19
C GLY MA 25 -19.61 -4.60 5.30
N VAL MA 26 -18.42 -5.12 5.04
CA VAL MA 26 -17.63 -5.83 6.04
C VAL MA 26 -16.21 -5.34 5.91
N ASN MA 27 -15.45 -5.44 6.99
CA ASN MA 27 -14.02 -5.21 6.96
C ASN MA 27 -13.32 -6.49 7.36
N GLN MA 28 -12.00 -6.52 7.24
CA GLN MA 28 -11.29 -7.73 7.62
C GLN MA 28 -11.39 -8.02 9.11
N TYR MA 29 -12.05 -7.16 9.88
CA TYR MA 29 -12.26 -7.39 11.30
C TYR MA 29 -13.71 -7.68 11.64
N GLY MA 30 -14.63 -7.43 10.75
CA GLY MA 30 -16.03 -7.68 11.06
C GLY MA 30 -16.90 -6.95 10.08
N LEU MA 31 -18.02 -6.45 10.58
CA LEU MA 31 -18.78 -5.46 9.84
C LEU MA 31 -18.02 -4.15 9.91
N LYS MA 32 -18.23 -3.28 8.96
CA LYS MA 32 -17.57 -1.98 9.01
C LYS MA 32 -18.43 -1.02 9.82
N PRO MA 33 -17.87 -0.32 10.79
CA PRO MA 33 -18.67 0.61 11.59
C PRO MA 33 -18.98 1.85 10.79
N VAL MA 34 -20.25 2.25 10.79
CA VAL MA 34 -20.73 3.36 9.99
C VAL MA 34 -20.93 4.57 10.87
N ASN MA 35 -21.68 4.38 11.94
CA ASN MA 35 -22.11 5.49 12.75
C ASN MA 35 -21.56 5.32 14.16
N ALA MA 36 -21.94 6.22 15.05
CA ALA MA 36 -21.40 6.21 16.41
C ALA MA 36 -21.81 4.99 17.20
N TYR MA 37 -22.99 4.45 16.93
CA TYR MA 37 -23.41 3.25 17.65
C TYR MA 37 -22.45 2.11 17.43
N ASP MA 38 -22.11 1.84 16.17
CA ASP MA 38 -21.16 0.79 15.85
C ASP MA 38 -19.82 1.00 16.52
N PHE MA 39 -19.32 2.22 16.58
CA PHE MA 39 -18.02 2.52 17.15
C PHE MA 39 -17.99 2.50 18.65
N ILE MA 40 -19.10 2.74 19.34
CA ILE MA 40 -19.06 2.59 20.78
C ILE MA 40 -19.37 1.17 21.22
N ASN MA 41 -20.19 0.44 20.49
CA ASN MA 41 -20.53 -0.93 20.83
C ASN MA 41 -20.12 -1.77 19.64
N PRO MA 42 -18.85 -2.17 19.57
CA PRO MA 42 -18.40 -3.03 18.48
C PRO MA 42 -18.63 -4.52 18.69
N THR MA 43 -19.29 -4.92 19.76
CA THR MA 43 -19.85 -6.26 19.77
C THR MA 43 -20.77 -6.47 18.59
N ASN MA 44 -21.56 -5.45 18.25
CA ASN MA 44 -22.58 -5.56 17.22
C ASN MA 44 -21.99 -5.98 15.88
N LEU MA 45 -20.75 -5.61 15.60
CA LEU MA 45 -20.11 -5.91 14.33
C LEU MA 45 -19.69 -7.35 14.16
N VAL MA 46 -19.59 -8.11 15.24
CA VAL MA 46 -19.00 -9.44 15.21
C VAL MA 46 -19.81 -10.44 16.00
N ASN MA 47 -21.07 -10.16 16.28
CA ASN MA 47 -21.88 -11.04 17.12
C ASN MA 47 -23.32 -10.69 16.87
N PHE MA 48 -24.08 -11.63 16.34
CA PHE MA 48 -25.50 -11.38 16.16
C PHE MA 48 -26.33 -12.62 16.42
N GLY MA 49 -25.93 -13.46 17.35
CA GLY MA 49 -26.76 -14.58 17.72
C GLY MA 49 -25.92 -15.84 17.70
N ARG MA 50 -26.49 -16.90 18.28
CA ARG MA 50 -25.73 -18.13 18.47
C ARG MA 50 -25.37 -18.81 17.16
N GLY MA 51 -25.62 -18.16 16.04
CA GLY MA 51 -25.27 -18.72 14.76
C GLY MA 51 -24.46 -17.78 13.92
N THR MA 52 -23.63 -16.96 14.54
CA THR MA 52 -22.80 -16.06 13.77
C THR MA 52 -21.70 -16.84 13.06
N SER MA 53 -21.40 -16.43 11.83
CA SER MA 53 -20.25 -16.93 11.12
C SER MA 53 -19.65 -15.81 10.31
N PHE MA 54 -18.34 -15.84 10.17
CA PHE MA 54 -17.62 -14.72 9.57
C PHE MA 54 -18.13 -14.36 8.20
N ASP MA 55 -18.74 -15.29 7.48
CA ASP MA 55 -19.36 -14.93 6.22
C ASP MA 55 -20.69 -14.23 6.41
N ASN MA 56 -21.40 -14.55 7.48
CA ASN MA 56 -22.74 -14.07 7.70
C ASN MA 56 -22.76 -12.81 8.54
N LEU MA 57 -21.63 -12.14 8.69
CA LEU MA 57 -21.47 -11.12 9.71
C LEU MA 57 -22.45 -9.98 9.52
N GLY MA 58 -23.04 -9.53 10.63
CA GLY MA 58 -24.02 -8.43 10.68
C GLY MA 58 -25.38 -8.84 10.13
N VAL MA 59 -25.37 -9.65 9.08
CA VAL MA 59 -26.55 -10.07 8.33
C VAL MA 59 -27.37 -10.96 9.24
N ARG MA 60 -28.30 -10.37 10.00
CA ARG MA 60 -28.95 -11.17 11.05
C ARG MA 60 -29.97 -12.14 10.50
N ARG MA 61 -29.91 -12.43 9.20
CA ARG MA 61 -30.34 -13.70 8.65
C ARG MA 61 -29.08 -14.43 8.20
N ALA MA 62 -28.92 -15.66 8.67
CA ALA MA 62 -27.65 -16.37 8.50
C ALA MA 62 -27.93 -17.80 8.04
N GLY MA 63 -27.53 -18.09 6.80
CA GLY MA 63 -27.68 -19.45 6.27
C GLY MA 63 -29.14 -19.88 6.25
N ARG MA 64 -29.34 -21.20 6.07
CA ARG MA 64 -30.65 -21.80 6.22
C ARG MA 64 -30.58 -22.91 7.24
N GLY MA 65 -31.58 -23.00 8.10
CA GLY MA 65 -31.61 -24.00 9.13
C GLY MA 65 -30.85 -23.64 10.39
N GLU MA 66 -29.78 -22.87 10.29
CA GLU MA 66 -29.04 -22.44 11.46
C GLU MA 66 -29.89 -21.46 12.25
N ILE MA 67 -29.36 -20.94 13.34
CA ILE MA 67 -30.10 -19.98 14.14
C ILE MA 67 -29.82 -18.59 13.59
N ASP MA 68 -30.83 -17.73 13.66
CA ASP MA 68 -30.85 -16.46 12.93
C ASP MA 68 -30.78 -16.70 11.44
N SER MA 69 -31.81 -17.36 10.91
CA SER MA 69 -31.90 -17.60 9.49
C SER MA 69 -33.26 -17.23 8.91
N SER MA 70 -34.21 -16.92 9.73
CA SER MA 70 -35.56 -16.75 9.20
C SER MA 70 -35.64 -15.48 8.40
N PRO MA 71 -36.24 -15.51 7.21
CA PRO MA 71 -36.55 -14.27 6.52
C PRO MA 71 -37.64 -13.53 7.29
N SER MA 72 -37.60 -12.21 7.22
CA SER MA 72 -38.65 -11.43 7.82
C SER MA 72 -39.38 -10.61 6.77
N LEU MA 73 -40.71 -10.68 6.82
CA LEU MA 73 -41.59 -9.90 5.96
C LEU MA 73 -41.97 -8.62 6.68
N GLY MA 74 -41.33 -7.51 6.32
CA GLY MA 74 -41.63 -6.24 6.97
C GLY MA 74 -41.55 -6.29 8.48
N GLY MA 75 -40.40 -6.64 9.01
CA GLY MA 75 -40.19 -6.66 10.45
C GLY MA 75 -40.38 -7.95 11.20
N SER MA 76 -41.58 -8.49 11.18
CA SER MA 76 -41.85 -9.73 11.90
C SER MA 76 -41.21 -10.89 11.13
N PRO MA 77 -40.72 -11.92 11.81
CA PRO MA 77 -40.02 -13.00 11.09
C PRO MA 77 -40.94 -14.15 10.71
N VAL MA 78 -40.48 -14.94 9.75
CA VAL MA 78 -41.26 -15.99 9.10
C VAL MA 78 -40.79 -17.35 9.57
N PHE MA 79 -41.70 -18.13 10.04
CA PHE MA 79 -41.45 -19.47 10.53
C PHE MA 79 -42.48 -20.47 10.01
N THR MA 80 -43.58 -19.98 9.43
CA THR MA 80 -44.54 -20.83 8.75
C THR MA 80 -44.26 -20.80 7.26
N GLN MA 81 -43.22 -21.51 6.86
CA GLN MA 81 -42.94 -21.62 5.44
C GLN MA 81 -43.49 -22.90 4.84
N ALA MA 82 -43.39 -24.02 5.57
CA ALA MA 82 -44.10 -25.21 5.13
C ALA MA 82 -45.59 -25.11 5.39
N LYS MA 83 -45.97 -24.59 6.56
CA LYS MA 83 -47.38 -24.47 6.91
C LYS MA 83 -48.17 -23.70 5.87
N LEU MA 84 -47.51 -23.10 4.89
CA LEU MA 84 -48.23 -22.54 3.78
C LEU MA 84 -48.52 -23.60 2.73
N VAL MA 85 -47.46 -24.20 2.17
CA VAL MA 85 -47.61 -25.21 1.11
C VAL MA 85 -48.62 -26.26 1.51
N GLY MA 86 -48.77 -26.50 2.80
CA GLY MA 86 -49.71 -27.50 3.26
C GLY MA 86 -49.02 -28.71 3.80
N LEU MA 87 -47.71 -28.72 3.75
CA LEU MA 87 -46.91 -29.65 4.51
C LEU MA 87 -46.98 -29.24 5.97
N SER MA 88 -47.59 -30.09 6.79
CA SER MA 88 -47.65 -29.96 8.24
C SER MA 88 -48.59 -28.87 8.70
N GLY MA 89 -49.25 -28.18 7.79
CA GLY MA 89 -50.27 -27.26 8.26
C GLY MA 89 -51.68 -27.81 8.22
N GLU MA 90 -52.12 -28.15 7.02
CA GLU MA 90 -53.48 -28.58 6.73
C GLU MA 90 -53.43 -29.79 5.81
N GLU MA 91 -52.63 -30.76 6.23
CA GLU MA 91 -52.30 -31.90 5.39
C GLU MA 91 -53.56 -32.60 4.92
N GLN MA 92 -53.84 -32.47 3.63
CA GLN MA 92 -54.90 -33.24 2.99
C GLN MA 92 -54.34 -34.16 1.91
N LEU MA 93 -53.71 -33.58 0.90
CA LEU MA 93 -52.97 -34.22 -0.18
C LEU MA 93 -53.85 -35.19 -0.97
N THR MA 94 -54.91 -35.68 -0.35
CA THR MA 94 -56.06 -36.28 -1.01
C THR MA 94 -55.70 -37.45 -1.95
N MET MA 95 -54.44 -37.58 -2.35
CA MET MA 95 -54.14 -38.53 -3.42
C MET MA 95 -54.30 -39.96 -2.93
N CYS MA 96 -53.67 -40.29 -1.82
CA CYS MA 96 -53.99 -41.54 -1.13
C CYS MA 96 -55.19 -41.41 -0.22
N GLN MA 97 -55.57 -40.18 0.15
CA GLN MA 97 -56.67 -39.99 1.08
C GLN MA 97 -58.00 -40.40 0.48
N SER MA 98 -58.29 -39.89 -0.72
CA SER MA 98 -59.50 -40.31 -1.42
C SER MA 98 -59.49 -41.80 -1.68
N GLU MA 99 -58.32 -42.36 -1.97
CA GLU MA 99 -58.21 -43.81 -2.14
C GLU MA 99 -58.65 -44.56 -0.89
N THR MA 100 -58.05 -44.21 0.26
CA THR MA 100 -58.44 -44.82 1.52
C THR MA 100 -59.92 -44.63 1.77
N MET MA 101 -60.36 -43.38 1.88
CA MET MA 101 -61.77 -43.08 2.16
C MET MA 101 -62.69 -43.84 1.22
N ALA MA 102 -62.23 -44.10 -0.01
CA ALA MA 102 -62.98 -44.96 -0.91
C ALA MA 102 -63.02 -46.39 -0.36
N LEU MA 103 -61.87 -46.96 -0.07
CA LEU MA 103 -61.82 -48.36 0.31
C LEU MA 103 -62.35 -48.60 1.72
N ARG MA 104 -63.66 -48.42 1.92
CA ARG MA 104 -64.28 -48.75 3.20
C ARG MA 104 -64.25 -50.25 3.49
N VAL MA 105 -63.88 -51.06 2.50
CA VAL MA 105 -63.53 -52.44 2.77
C VAL MA 105 -62.15 -52.54 3.40
N CYS MA 106 -61.10 -52.13 2.67
CA CYS MA 106 -59.73 -52.19 3.17
C CYS MA 106 -59.42 -51.05 4.13
N MET MA 107 -60.39 -50.18 4.42
CA MET MA 107 -60.24 -49.28 5.57
C MET MA 107 -60.70 -49.96 6.85
N ALA MA 108 -61.70 -50.84 6.76
CA ALA MA 108 -62.26 -51.49 7.94
C ALA MA 108 -61.71 -52.90 8.15
N ARG MA 109 -60.97 -53.44 7.19
CA ARG MA 109 -60.34 -54.74 7.35
C ARG MA 109 -59.23 -54.62 8.39
N GLY MA 110 -58.43 -55.67 8.56
CA GLY MA 110 -57.18 -55.43 9.23
C GLY MA 110 -56.55 -54.36 8.38
N GLY MA 111 -56.64 -53.11 8.83
CA GLY MA 111 -56.33 -51.97 8.00
C GLY MA 111 -54.89 -51.87 7.58
N GLN MA 112 -54.16 -52.98 7.61
CA GLN MA 112 -52.71 -52.89 7.49
C GLN MA 112 -52.13 -54.02 6.64
N ASP MA 113 -52.61 -54.18 5.41
CA ASP MA 113 -52.00 -55.14 4.49
C ASP MA 113 -51.71 -54.52 3.12
N THR MA 114 -51.05 -55.27 2.26
CA THR MA 114 -51.34 -55.18 0.84
C THR MA 114 -52.56 -56.03 0.54
N CYS MA 115 -53.72 -55.56 1.01
CA CYS MA 115 -54.70 -56.47 1.58
C CYS MA 115 -55.23 -57.51 0.60
N GLU MA 116 -56.12 -57.14 -0.29
CA GLU MA 116 -56.50 -58.13 -1.29
C GLU MA 116 -56.36 -57.53 -2.67
N ARG MA 117 -57.02 -56.41 -2.90
CA ARG MA 117 -56.93 -55.70 -4.17
C ARG MA 117 -56.46 -54.26 -4.00
N GLU MA 118 -57.11 -53.50 -3.12
CA GLU MA 118 -57.05 -52.05 -3.19
C GLU MA 118 -55.75 -51.47 -2.68
N SER MA 119 -54.93 -52.23 -1.96
CA SER MA 119 -53.67 -51.71 -1.49
C SER MA 119 -52.64 -51.55 -2.60
N ARG MA 120 -52.87 -52.17 -3.76
CA ARG MA 120 -52.10 -51.81 -4.94
C ARG MA 120 -52.40 -50.38 -5.35
N ALA MA 121 -53.69 -50.04 -5.47
CA ALA MA 121 -54.09 -48.68 -5.81
C ALA MA 121 -53.70 -47.66 -4.74
N LEU MA 122 -53.72 -48.07 -3.46
CA LEU MA 122 -53.27 -47.18 -2.40
C LEU MA 122 -51.83 -46.76 -2.60
N ASP MA 123 -50.94 -47.72 -2.86
CA ASP MA 123 -49.56 -47.41 -3.17
C ASP MA 123 -49.40 -46.75 -4.54
N ALA MA 124 -50.33 -46.97 -5.46
CA ALA MA 124 -50.26 -46.27 -6.73
C ALA MA 124 -50.47 -44.79 -6.53
N CYS MA 125 -51.51 -44.44 -5.77
CA CYS MA 125 -51.73 -43.05 -5.40
C CYS MA 125 -50.54 -42.50 -4.62
N LEU MA 126 -50.07 -43.22 -3.60
CA LEU MA 126 -48.96 -42.71 -2.82
C LEU MA 126 -47.68 -42.57 -3.61
N SER MA 127 -47.48 -43.37 -4.65
CA SER MA 127 -46.32 -43.18 -5.49
C SER MA 127 -46.34 -41.81 -6.14
N ARG MA 128 -47.52 -41.31 -6.48
CA ARG MA 128 -47.60 -39.94 -6.98
C ARG MA 128 -47.56 -38.92 -5.86
N VAL MA 129 -48.11 -39.26 -4.68
CA VAL MA 129 -47.99 -38.39 -3.53
C VAL MA 129 -46.53 -38.06 -3.25
N GLY MA 130 -45.68 -39.07 -3.29
CA GLY MA 130 -44.28 -38.85 -2.96
C GLY MA 130 -43.62 -37.86 -3.90
N HIS MA 131 -43.72 -38.12 -5.21
CA HIS MA 131 -43.16 -37.20 -6.19
C HIS MA 131 -43.79 -35.82 -6.09
N LEU MA 132 -45.09 -35.77 -5.84
CA LEU MA 132 -45.79 -34.49 -5.77
C LEU MA 132 -45.32 -33.68 -4.59
N ARG MA 133 -45.22 -34.29 -3.42
CA ARG MA 133 -44.76 -33.54 -2.28
C ARG MA 133 -43.28 -33.20 -2.37
N ARG MA 134 -42.48 -33.99 -3.07
CA ARG MA 134 -41.12 -33.54 -3.30
C ARG MA 134 -41.11 -32.30 -4.18
N ALA MA 135 -42.01 -32.23 -5.16
CA ALA MA 135 -42.06 -31.04 -6.00
C ALA MA 135 -42.59 -29.82 -5.24
N MET MA 136 -43.65 -29.99 -4.45
CA MET MA 136 -44.14 -28.90 -3.62
C MET MA 136 -43.13 -28.45 -2.59
N SER MA 137 -42.39 -29.35 -1.98
CA SER MA 137 -41.34 -28.94 -1.07
C SER MA 137 -40.23 -28.18 -1.75
N GLU MA 138 -39.78 -28.62 -2.92
CA GLU MA 138 -38.80 -27.83 -3.63
C GLU MA 138 -39.37 -26.48 -4.04
N ALA MA 139 -40.66 -26.42 -4.33
CA ALA MA 139 -41.29 -25.13 -4.56
C ALA MA 139 -41.12 -24.22 -3.37
N CYS MA 140 -41.44 -24.69 -2.18
CA CYS MA 140 -41.34 -23.83 -1.01
C CYS MA 140 -39.90 -23.48 -0.67
N GLY MA 141 -38.96 -24.38 -0.98
CA GLY MA 141 -37.56 -24.03 -0.82
C GLY MA 141 -37.14 -22.88 -1.73
N GLU MA 142 -37.53 -22.96 -2.99
CA GLU MA 142 -37.29 -21.82 -3.87
C GLU MA 142 -38.09 -20.61 -3.43
N PHE MA 143 -39.21 -20.83 -2.75
CA PHE MA 143 -39.98 -19.68 -2.30
C PHE MA 143 -39.23 -18.89 -1.26
N ASN MA 144 -38.70 -19.57 -0.25
CA ASN MA 144 -37.87 -18.86 0.71
C ASN MA 144 -36.67 -18.23 0.03
N ASP MA 145 -36.02 -18.95 -0.88
CA ASP MA 145 -34.86 -18.36 -1.51
C ASP MA 145 -35.21 -17.26 -2.50
N TRP MA 146 -36.49 -17.03 -2.76
CA TRP MA 146 -36.90 -15.87 -3.54
C TRP MA 146 -37.33 -14.72 -2.65
N PHE MA 147 -38.28 -15.00 -1.79
CA PHE MA 147 -38.75 -14.05 -0.83
C PHE MA 147 -37.63 -13.47 0.01
N ILE MA 148 -36.51 -14.15 0.10
CA ILE MA 148 -35.38 -13.55 0.79
C ILE MA 148 -34.74 -12.49 -0.06
N GLN MA 149 -34.61 -12.73 -1.35
CA GLN MA 149 -34.14 -11.70 -2.25
C GLN MA 149 -35.06 -10.49 -2.22
N ASN MA 150 -36.31 -10.67 -2.65
CA ASN MA 150 -37.10 -9.53 -3.10
C ASN MA 150 -38.24 -9.10 -2.19
N VAL MA 151 -38.34 -9.59 -0.97
CA VAL MA 151 -39.31 -9.07 -0.03
C VAL MA 151 -38.69 -8.79 1.34
N SER MA 152 -37.85 -9.70 1.83
CA SER MA 152 -37.41 -9.62 3.20
C SER MA 152 -36.57 -8.39 3.43
N ASP MA 153 -36.96 -7.62 4.44
CA ASP MA 153 -36.22 -6.49 4.98
C ASP MA 153 -35.00 -6.91 5.75
N ASN MA 154 -34.92 -8.18 6.13
CA ASN MA 154 -33.87 -8.68 7.00
C ASN MA 154 -33.99 -8.05 8.37
N HIS MA 155 -35.21 -7.96 8.87
CA HIS MA 155 -35.49 -7.51 10.23
C HIS MA 155 -35.04 -6.07 10.48
N THR MA 156 -34.69 -5.32 9.45
CA THR MA 156 -34.26 -3.96 9.66
C THR MA 156 -35.40 -2.97 9.80
N LYS MA 157 -36.64 -3.36 9.50
CA LYS MA 157 -37.77 -2.46 9.65
C LYS MA 157 -38.62 -2.86 10.84
N PRO MA 158 -39.29 -1.92 11.48
CA PRO MA 158 -39.95 -2.21 12.75
C PRO MA 158 -41.16 -3.12 12.59
N PHE MA 159 -41.48 -3.81 13.67
CA PHE MA 159 -42.60 -4.73 13.72
C PHE MA 159 -43.88 -4.02 13.34
N GLN MA 160 -44.84 -4.81 12.88
CA GLN MA 160 -46.18 -4.32 12.61
C GLN MA 160 -47.25 -5.31 13.01
N HIS MA 161 -46.88 -6.45 13.56
CA HIS MA 161 -47.85 -7.44 13.95
C HIS MA 161 -48.43 -7.19 15.33
N ARG MA 162 -48.16 -6.03 15.94
CA ARG MA 162 -48.76 -5.79 17.24
C ARG MA 162 -49.61 -4.53 17.24
N PRO MA 163 -50.64 -4.46 18.07
CA PRO MA 163 -51.47 -3.25 18.12
C PRO MA 163 -50.80 -2.09 18.80
N HIS MA 164 -49.49 -2.06 18.92
CA HIS MA 164 -48.82 -0.88 19.44
C HIS MA 164 -47.72 -0.37 18.52
N ASP MA 165 -47.63 -0.91 17.32
CA ASP MA 165 -47.04 -0.17 16.22
C ASP MA 165 -48.09 0.63 15.48
N TRP MA 166 -49.33 0.56 15.93
CA TRP MA 166 -50.43 1.38 15.49
C TRP MA 166 -50.93 2.22 16.65
N ARG MA 167 -49.99 2.57 17.52
CA ARG MA 167 -50.15 3.67 18.45
C ARG MA 167 -50.69 4.91 17.75
N HIS MA 168 -50.15 5.27 16.59
CA HIS MA 168 -50.67 6.46 15.95
C HIS MA 168 -51.96 6.22 15.17
N PHE MA 169 -52.41 4.99 15.04
CA PHE MA 169 -53.74 4.77 14.50
C PHE MA 169 -54.78 4.74 15.59
N TYR MA 170 -54.37 4.47 16.81
CA TYR MA 170 -55.32 4.67 17.89
C TYR MA 170 -55.29 6.10 18.42
N ALA MA 171 -54.20 6.80 18.23
CA ALA MA 171 -54.24 8.22 18.51
C ALA MA 171 -55.22 8.92 17.59
N GLN MA 172 -55.36 8.49 16.34
CA GLN MA 172 -56.30 9.19 15.48
C GLN MA 172 -57.71 9.00 15.98
N GLU MA 173 -58.13 7.77 16.20
CA GLU MA 173 -59.50 7.62 16.61
C GLU MA 173 -59.69 7.87 18.11
N LYS MA 174 -58.64 8.26 18.81
CA LYS MA 174 -58.81 8.95 20.08
C LYS MA 174 -58.97 10.44 19.90
N LEU MA 175 -58.17 11.04 19.03
CA LEU MA 175 -58.22 12.45 18.75
C LEU MA 175 -59.57 12.87 18.20
N VAL MA 176 -60.16 12.03 17.36
CA VAL MA 176 -61.46 12.35 16.81
C VAL MA 176 -62.52 12.33 17.89
N ARG MA 177 -62.58 11.24 18.64
CA ARG MA 177 -63.56 11.18 19.71
C ARG MA 177 -63.37 12.29 20.73
N GLU MA 178 -62.14 12.67 21.00
CA GLU MA 178 -61.94 13.93 21.69
C GLU MA 178 -62.66 15.06 20.99
N ARG MA 179 -62.22 15.40 19.78
CA ARG MA 179 -62.78 16.56 19.09
C ARG MA 179 -64.28 16.61 19.21
N GLN MA 180 -64.93 15.47 19.15
CA GLN MA 180 -66.35 15.43 19.47
C GLN MA 180 -66.58 15.79 20.93
N GLN MA 181 -65.70 15.36 21.83
CA GLN MA 181 -65.81 15.61 23.27
C GLN MA 181 -65.21 16.95 23.61
N ASN MA 182 -65.25 17.85 22.64
CA ASN MA 182 -64.89 19.24 22.86
C ASN MA 182 -63.42 19.41 23.14
N GLY MA 183 -62.59 18.53 22.60
CA GLY MA 183 -61.15 18.68 22.72
C GLY MA 183 -60.63 18.53 24.12
N HIS MA 184 -61.31 17.75 24.96
CA HIS MA 184 -60.90 17.63 26.36
C HIS MA 184 -60.58 16.19 26.75
N ALA MA 185 -61.45 15.24 26.45
CA ALA MA 185 -61.40 13.91 27.03
C ALA MA 185 -60.61 12.96 26.12
N TYR MA 186 -59.49 13.44 25.60
CA TYR MA 186 -58.65 12.61 24.75
C TYR MA 186 -58.32 11.31 25.47
N GLY MA 187 -58.68 10.20 24.84
CA GLY MA 187 -58.43 8.91 25.42
C GLY MA 187 -59.42 8.48 26.46
N ARG MA 188 -60.20 9.40 27.01
CA ARG MA 188 -61.28 8.99 27.87
C ARG MA 188 -62.24 8.12 27.08
N ARG MA 189 -62.81 7.14 27.73
CA ARG MA 189 -63.75 6.24 27.08
C ARG MA 189 -65.05 6.24 27.85
N PRO MA 190 -66.09 5.64 27.31
CA PRO MA 190 -67.36 5.61 28.02
C PRO MA 190 -67.38 4.57 29.11
N LYS MA 191 -67.71 5.03 30.29
CA LYS MA 191 -67.66 4.21 31.50
C LYS MA 191 -68.57 3.01 31.36
N GLN MA 192 -68.11 1.85 31.83
CA GLN MA 192 -68.92 0.65 31.78
C GLN MA 192 -70.12 0.81 32.68
N PHE MA 193 -71.31 0.58 32.15
CA PHE MA 193 -72.52 0.75 32.96
C PHE MA 193 -72.99 -0.54 33.62
N SER MA 194 -73.51 -1.48 32.84
CA SER MA 194 -74.16 -2.62 33.46
C SER MA 194 -74.61 -3.57 32.39
N PHE MA 195 -75.17 -4.69 32.84
CA PHE MA 195 -76.12 -5.40 32.00
C PHE MA 195 -77.37 -4.56 31.85
N GLY MA 196 -78.08 -4.31 32.95
CA GLY MA 196 -79.41 -3.72 32.85
C GLY MA 196 -79.49 -2.21 32.82
N ALA MA 197 -78.38 -1.59 32.44
CA ALA MA 197 -78.22 -0.17 32.65
C ALA MA 197 -79.33 0.62 31.98
N ARG MA 198 -79.59 0.35 30.71
CA ARG MA 198 -80.57 1.16 30.01
C ARG MA 198 -81.99 0.75 30.33
N TYR MA 199 -82.21 -0.19 31.23
CA TYR MA 199 -83.56 -0.67 31.39
C TYR MA 199 -84.00 -0.97 32.81
N VAL MA 200 -83.15 -0.80 33.81
CA VAL MA 200 -83.59 -0.87 35.21
C VAL MA 200 -83.36 0.42 35.95
N LYS MA 201 -82.33 1.17 35.62
CA LYS MA 201 -82.03 2.42 36.30
C LYS MA 201 -83.25 3.33 36.25
N THR MA 202 -83.31 4.27 37.18
CA THR MA 202 -84.55 4.99 37.40
C THR MA 202 -84.61 6.26 36.56
N GLU MA 203 -85.70 7.00 36.77
CA GLU MA 203 -86.03 8.14 35.95
C GLU MA 203 -85.27 9.38 36.42
N GLY MA 204 -84.39 9.88 35.57
CA GLY MA 204 -83.65 11.08 35.86
C GLY MA 204 -82.15 10.93 35.78
N TYR MA 205 -81.63 9.73 35.51
CA TYR MA 205 -80.20 9.50 35.49
C TYR MA 205 -79.84 8.70 34.24
N GLY MA 206 -78.90 9.24 33.46
CA GLY MA 206 -78.75 8.86 32.07
C GLY MA 206 -78.49 7.38 31.92
N LYS MA 207 -79.46 6.64 31.40
CA LYS MA 207 -79.39 5.19 31.33
C LYS MA 207 -78.43 4.70 30.27
N ARG MA 208 -78.41 5.30 29.14
CA ARG MA 208 -77.41 4.85 28.22
C ARG MA 208 -76.13 5.63 28.45
N PRO MA 209 -75.02 4.94 28.65
CA PRO MA 209 -73.78 5.66 28.99
C PRO MA 209 -73.52 6.75 27.98
N ARG MA 210 -73.43 7.98 28.46
CA ARG MA 210 -73.06 9.11 27.63
C ARG MA 210 -71.61 8.94 27.19
N LEU MA 211 -71.15 9.81 26.32
CA LEU MA 211 -69.73 9.84 26.04
C LEU MA 211 -68.97 10.17 27.33
N PRO MA 212 -67.65 10.37 27.28
CA PRO MA 212 -67.00 10.85 28.49
C PRO MA 212 -67.32 12.29 28.82
N TYR MA 213 -67.29 13.19 27.85
CA TYR MA 213 -67.29 14.60 28.22
C TYR MA 213 -68.66 15.07 28.63
N ASN MA 214 -69.61 14.16 28.81
CA ASN MA 214 -70.88 14.61 29.35
C ASN MA 214 -70.85 14.66 30.87
N LYS MA 215 -70.60 13.52 31.50
CA LYS MA 215 -70.60 13.37 32.97
C LYS MA 215 -71.24 14.45 33.85
N ARG NA 129 -57.62 18.28 40.57
CA ARG NA 129 -58.04 17.84 41.89
C ARG NA 129 -57.06 18.30 42.95
N TRP NA 130 -57.55 18.45 44.19
CA TRP NA 130 -56.67 18.83 45.29
C TRP NA 130 -55.59 17.77 45.53
N ALA NA 131 -55.82 16.56 45.08
CA ALA NA 131 -54.79 15.56 45.14
C ALA NA 131 -53.72 15.86 44.11
N ALA NA 132 -52.51 15.39 44.36
CA ALA NA 132 -51.46 15.48 43.36
C ALA NA 132 -51.33 14.15 42.66
N LYS NA 133 -51.67 14.11 41.37
CA LYS NA 133 -51.69 12.84 40.66
C LYS NA 133 -50.30 12.23 40.62
N PHE NA 134 -49.35 12.93 40.03
CA PHE NA 134 -47.96 12.57 40.10
C PHE NA 134 -47.33 13.15 41.36
N TYR NA 135 -46.85 12.26 42.21
CA TYR NA 135 -45.94 12.63 43.27
C TYR NA 135 -44.58 12.40 42.65
N GLY NA 136 -44.18 13.28 41.74
CA GLY NA 136 -42.88 13.17 41.15
C GLY NA 136 -42.95 13.22 39.63
N ARG NA 137 -41.85 13.69 39.06
CA ARG NA 137 -41.71 13.77 37.61
C ARG NA 137 -41.49 12.36 37.08
N VAL NA 138 -42.58 11.60 37.01
CA VAL NA 138 -42.49 10.24 36.51
C VAL NA 138 -41.99 10.24 35.08
N THR NA 139 -42.48 11.19 34.29
CA THR NA 139 -42.11 11.34 32.90
C THR NA 139 -40.82 12.13 32.84
N PHE NA 140 -39.69 11.46 32.66
CA PHE NA 140 -38.50 12.29 32.64
C PHE NA 140 -37.50 11.91 31.55
N GLY NA 141 -37.69 10.80 30.86
CA GLY NA 141 -36.71 10.31 29.92
C GLY NA 141 -36.27 11.31 28.87
N PRO NA 142 -35.40 10.91 27.95
CA PRO NA 142 -35.00 11.83 26.89
C PRO NA 142 -36.19 12.22 26.07
N ARG NA 143 -36.23 13.49 25.69
CA ARG NA 143 -37.35 13.96 24.90
C ARG NA 143 -37.49 13.08 23.68
N ASN NA 144 -38.73 12.78 23.33
CA ASN NA 144 -39.11 11.79 22.32
C ASN NA 144 -39.12 10.38 22.89
N TYR NA 145 -39.00 10.23 24.17
CA TYR NA 145 -39.09 8.89 24.68
C TYR NA 145 -40.52 8.42 24.45
N PRO NA 146 -40.76 7.55 23.54
CA PRO NA 146 -42.11 7.49 22.97
C PRO NA 146 -43.09 6.92 23.94
N TYR NA 147 -43.09 7.40 25.17
CA TYR NA 147 -43.98 6.87 26.19
C TYR NA 147 -44.10 7.88 27.30
N PRO NA 148 -45.14 7.80 28.12
CA PRO NA 148 -45.24 8.76 29.23
C PRO NA 148 -44.05 8.67 30.15
N SER NA 149 -43.61 7.47 30.52
CA SER NA 149 -42.55 7.33 31.51
C SER NA 149 -42.06 5.90 31.57
N SER NA 150 -40.74 5.73 31.67
CA SER NA 150 -40.16 4.40 31.69
C SER NA 150 -40.66 3.65 32.90
N ARG NA 151 -40.68 2.31 32.79
CA ARG NA 151 -41.17 1.52 33.91
C ARG NA 151 -40.27 1.63 35.13
N TRP NA 152 -38.97 1.86 34.95
CA TRP NA 152 -38.12 2.11 36.09
C TRP NA 152 -38.63 3.29 36.89
N LEU NA 153 -38.56 4.49 36.31
CA LEU NA 153 -38.98 5.67 37.05
C LEU NA 153 -40.40 5.54 37.53
N ALA NA 154 -41.25 4.86 36.78
CA ALA NA 154 -42.60 4.65 37.27
C ALA NA 154 -42.59 3.86 38.57
N ARG NA 155 -41.75 2.84 38.69
CA ARG NA 155 -41.66 2.08 39.93
C ARG NA 155 -41.05 2.90 41.07
N ARG NA 156 -39.99 3.63 40.79
CA ARG NA 156 -39.43 4.54 41.79
C ARG NA 156 -40.51 5.46 42.35
N PHE NA 157 -41.30 6.06 41.48
CA PHE NA 157 -42.25 7.04 41.97
C PHE NA 157 -43.51 6.39 42.53
N LYS NA 158 -43.81 5.16 42.15
CA LYS NA 158 -44.85 4.41 42.85
C LYS NA 158 -44.37 3.97 44.21
N MET NA 159 -43.08 3.83 44.41
CA MET NA 159 -42.61 3.61 45.77
C MET NA 159 -42.72 4.89 46.60
N LYS NA 160 -42.33 6.02 46.04
CA LYS NA 160 -42.57 7.26 46.78
C LYS NA 160 -44.04 7.42 47.11
N LYS NA 161 -44.91 7.05 46.17
CA LYS NA 161 -46.32 7.23 46.39
C LYS NA 161 -46.88 6.18 47.34
N HIS NA 162 -46.29 4.99 47.39
CA HIS NA 162 -46.74 4.00 48.38
C HIS NA 162 -46.33 4.45 49.78
N ARG NA 163 -45.15 5.06 49.91
CA ARG NA 163 -44.80 5.65 51.18
C ARG NA 163 -45.76 6.77 51.56
N ILE NA 164 -46.10 7.65 50.63
CA ILE NA 164 -46.99 8.75 50.97
C ILE NA 164 -48.38 8.24 51.34
N ILE NA 165 -48.87 7.27 50.60
CA ILE NA 165 -50.22 6.79 50.87
C ILE NA 165 -50.26 5.99 52.15
N LYS NA 166 -49.19 5.28 52.50
CA LYS NA 166 -49.21 4.55 53.76
C LYS NA 166 -49.00 5.50 54.95
N ARG NA 167 -48.16 6.51 54.78
CA ARG NA 167 -48.09 7.57 55.77
C ARG NA 167 -49.47 8.15 56.05
N PHE NA 168 -50.18 8.55 55.01
CA PHE NA 168 -51.50 9.12 55.20
C PHE NA 168 -52.48 8.11 55.79
N ARG NA 169 -52.53 6.90 55.25
CA ARG NA 169 -53.54 5.93 55.67
C ARG NA 169 -53.24 5.35 57.03
N PHE NA 170 -52.02 5.56 57.53
CA PHE NA 170 -51.63 4.91 58.77
C PHE NA 170 -51.53 5.89 59.92
N ARG NA 171 -51.07 7.11 59.67
CA ARG NA 171 -51.30 8.14 60.66
C ARG NA 171 -52.75 8.57 60.70
N ARG NA 172 -53.63 7.83 60.01
CA ARG NA 172 -55.02 8.18 59.75
C ARG NA 172 -55.16 9.65 59.38
N TYR NA 173 -54.42 10.03 58.34
CA TYR NA 173 -54.51 11.39 57.83
C TYR NA 173 -55.95 11.73 57.47
N LYS NA 174 -56.44 12.85 58.01
CA LYS NA 174 -57.71 13.42 57.62
C LYS NA 174 -57.51 14.90 57.39
N LEU NA 175 -57.90 15.39 56.22
CA LEU NA 175 -57.97 16.82 55.97
C LEU NA 175 -59.43 17.21 55.84
N ALA NA 176 -59.70 18.50 55.75
CA ALA NA 176 -61.04 18.97 55.48
C ALA NA 176 -60.97 20.42 55.02
N ALA NA 177 -62.00 20.84 54.31
CA ALA NA 177 -62.19 22.24 53.97
C ALA NA 177 -63.67 22.49 53.75
N VAL NA 178 -64.18 23.51 54.41
CA VAL NA 178 -65.60 23.82 54.46
C VAL NA 178 -65.83 25.14 53.73
N ALA NA 179 -67.07 25.36 53.30
CA ALA NA 179 -67.42 26.60 52.63
C ALA NA 179 -67.09 27.80 53.50
N ASN NA 180 -66.83 28.92 52.85
CA ASN NA 180 -66.59 30.20 53.51
C ASN NA 180 -65.44 30.12 54.52
N LEU NA 181 -64.48 29.25 54.23
CA LEU NA 181 -63.12 29.33 54.75
C LEU NA 181 -62.26 29.76 53.58
N PRO NA 182 -61.04 30.20 53.82
CA PRO NA 182 -60.11 30.30 52.69
C PRO NA 182 -59.73 28.89 52.29
N PHE NA 183 -60.37 28.38 51.24
CA PHE NA 183 -60.31 26.96 50.90
C PHE NA 183 -58.91 26.48 50.62
N ALA NA 184 -57.96 27.39 50.38
CA ALA NA 184 -56.58 26.96 50.20
C ALA NA 184 -55.94 26.57 51.53
N LYS NA 185 -56.22 27.30 52.60
CA LYS NA 185 -55.67 26.95 53.92
C LYS NA 185 -56.51 25.80 54.49
N MET NA 186 -56.04 24.59 54.28
CA MET NA 186 -56.80 23.38 54.59
C MET NA 186 -57.07 23.29 56.09
N ILE NA 187 -58.04 22.44 56.45
CA ILE NA 187 -58.27 22.08 57.85
C ILE NA 187 -57.64 20.71 58.12
N ARG NA 188 -56.92 20.58 59.23
CA ARG NA 188 -56.37 19.31 59.68
C ARG NA 188 -57.30 18.74 60.74
N VAL NA 189 -58.26 17.92 60.30
CA VAL NA 189 -59.16 17.27 61.24
C VAL NA 189 -58.43 16.20 62.03
N GLY NA 190 -57.57 15.41 61.39
CA GLY NA 190 -56.76 14.48 62.15
C GLY NA 190 -55.85 15.15 63.16
N LEU NA 191 -55.69 16.47 63.06
CA LEU NA 191 -55.01 17.24 64.09
C LEU NA 191 -55.98 17.89 65.04
N LEU NA 192 -57.07 17.20 65.37
CA LEU NA 192 -57.99 17.69 66.38
C LEU NA 192 -57.92 16.78 67.60
N PRO NA 193 -57.92 17.36 68.81
CA PRO NA 193 -57.86 16.53 70.03
C PRO NA 193 -59.04 15.58 70.19
N GLU NA 194 -60.14 15.76 69.49
CA GLU NA 194 -61.24 14.81 69.60
C GLU NA 194 -61.00 13.61 68.69
N LEU NA 195 -60.21 13.78 67.63
CA LEU NA 195 -59.84 12.71 66.70
C LEU NA 195 -58.34 12.47 66.66
N LYS NA 196 -57.60 12.98 67.63
CA LYS NA 196 -56.17 12.82 67.65
C LYS NA 196 -55.78 11.35 67.72
N SER NA 197 -54.70 11.00 67.03
CA SER NA 197 -54.11 9.68 67.19
C SER NA 197 -52.85 9.72 68.05
N SER NA 198 -52.03 10.76 67.89
CA SER NA 198 -50.90 10.96 68.78
C SER NA 198 -51.37 11.31 70.18
N LYS NA 199 -50.44 11.29 71.14
CA LYS NA 199 -50.77 11.64 72.51
C LYS NA 199 -49.90 12.76 73.06
N THR NA 200 -48.62 12.80 72.70
CA THR NA 200 -47.72 13.84 73.19
C THR NA 200 -47.76 15.10 72.35
N LYS NA 201 -48.30 15.03 71.13
CA LYS NA 201 -48.39 16.19 70.28
C LYS NA 201 -49.75 16.88 70.46
N LYS NA 202 -49.80 18.15 70.08
CA LYS NA 202 -51.04 18.92 70.07
C LYS NA 202 -51.43 19.18 68.63
N GLY NA 203 -52.64 18.75 68.24
CA GLY NA 203 -53.01 18.76 66.84
C GLY NA 203 -53.21 20.14 66.24
N ASP NA 204 -54.34 20.77 66.55
CA ASP NA 204 -54.57 22.13 66.05
C ASP NA 204 -55.71 22.77 66.84
N ASP NA 205 -55.72 24.10 66.79
CA ASP NA 205 -56.72 24.94 67.42
C ASP NA 205 -57.78 25.27 66.37
N VAL NA 206 -59.04 24.97 66.68
CA VAL NA 206 -60.14 25.15 65.75
C VAL NA 206 -61.34 25.65 66.53
N GLU NA 207 -62.08 26.58 65.93
CA GLU NA 207 -63.24 27.14 66.60
C GLU NA 207 -64.22 26.03 66.99
N ALA NA 208 -65.00 26.27 68.04
CA ALA NA 208 -65.79 25.20 68.62
C ALA NA 208 -66.96 24.79 67.73
N ASP NA 209 -67.65 25.75 67.14
CA ASP NA 209 -68.76 25.43 66.25
C ASP NA 209 -68.30 24.64 65.03
N LEU NA 210 -67.21 25.09 64.40
CA LEU NA 210 -66.62 24.34 63.29
C LEU NA 210 -66.11 22.97 63.74
N SER NA 211 -65.60 22.86 64.98
CA SER NA 211 -65.12 21.57 65.45
C SER NA 211 -66.26 20.59 65.61
N GLY NA 212 -67.36 21.04 66.24
CA GLY NA 212 -68.54 20.23 66.37
C GLY NA 212 -69.16 19.85 65.05
N ARG NA 213 -69.04 20.71 64.05
CA ARG NA 213 -69.39 20.31 62.70
C ARG NA 213 -68.48 19.20 62.18
N LEU NA 214 -67.19 19.49 62.05
CA LEU NA 214 -66.26 18.57 61.41
C LEU NA 214 -66.26 17.21 62.06
N VAL NA 215 -65.92 17.13 63.35
CA VAL NA 215 -65.76 15.84 63.98
C VAL NA 215 -67.06 15.04 63.98
N SER NA 216 -68.20 15.72 64.07
CA SER NA 216 -69.46 15.03 63.84
C SER NA 216 -69.55 14.47 62.44
N ALA NA 217 -69.06 15.20 61.46
CA ALA NA 217 -69.04 14.68 60.09
C ALA NA 217 -68.04 13.55 59.92
N VAL NA 218 -66.91 13.57 60.62
CA VAL NA 218 -65.98 12.46 60.56
C VAL NA 218 -66.61 11.22 61.14
N ARG NA 219 -67.30 11.35 62.28
CA ARG NA 219 -68.10 10.25 62.78
C ARG NA 219 -69.15 9.82 61.75
N SER NA 220 -69.75 10.79 61.06
CA SER NA 220 -70.77 10.49 60.07
C SER NA 220 -70.25 9.70 58.89
N SER NA 221 -68.98 9.88 58.52
CA SER NA 221 -68.36 9.09 57.46
C SER NA 221 -67.92 7.71 57.94
N GLY NA 222 -68.29 7.34 59.16
CA GLY NA 222 -67.96 6.02 59.67
C GLY NA 222 -68.86 4.93 59.12
N GLY NA 223 -70.00 5.30 58.54
CA GLY NA 223 -70.87 4.34 57.89
C GLY NA 223 -71.44 4.91 56.61
N LYS NA 224 -71.73 4.01 55.67
CA LYS NA 224 -72.42 4.35 54.42
C LYS NA 224 -73.89 3.99 54.58
N LYS NA 225 -74.77 4.78 53.97
CA LYS NA 225 -76.20 4.74 54.24
C LYS NA 225 -76.98 4.09 53.09
N LYS NA 226 -77.68 3.00 53.39
CA LYS NA 226 -78.59 2.39 52.43
C LYS NA 226 -79.84 3.26 52.26
N GLY NA 227 -80.11 3.64 51.02
CA GLY NA 227 -81.09 4.65 50.71
C GLY NA 227 -80.49 5.96 50.25
N ASN NA 228 -79.19 5.98 50.00
CA ASN NA 228 -78.47 7.12 49.47
C ASN NA 228 -77.42 6.63 48.47
N ARG NA 229 -76.69 7.57 47.86
CA ARG NA 229 -75.55 7.18 47.06
C ARG NA 229 -74.47 6.61 47.97
N GLY NA 230 -74.10 5.36 47.73
CA GLY NA 230 -73.15 4.69 48.59
C GLY NA 230 -71.77 5.33 48.55
N ARG NA 231 -70.88 4.81 49.39
CA ARG NA 231 -69.54 5.37 49.49
C ARG NA 231 -68.52 4.29 49.80
N PRO NA 232 -67.26 4.51 49.45
CA PRO NA 232 -66.20 3.61 49.91
C PRO NA 232 -65.91 3.77 51.38
N LYS NA 233 -66.23 2.74 52.16
CA LYS NA 233 -66.15 2.75 53.62
C LYS NA 233 -64.96 1.93 54.11
N SER NA 234 -63.95 2.61 54.62
CA SER NA 234 -62.71 1.98 55.03
C SER NA 234 -62.64 1.86 56.55
N LYS NA 235 -61.85 0.90 57.02
CA LYS NA 235 -61.55 0.81 58.45
C LYS NA 235 -60.87 2.08 58.94
N TYR NA 236 -59.84 2.52 58.24
CA TYR NA 236 -59.01 3.64 58.65
C TYR NA 236 -59.74 4.97 58.61
N GLN NA 237 -61.05 4.92 58.41
CA GLN NA 237 -61.85 6.11 58.43
C GLN NA 237 -62.30 6.46 59.83
N ILE NA 238 -62.17 5.54 60.77
CA ILE NA 238 -62.78 5.69 62.09
C ILE NA 238 -61.77 6.02 63.20
N ARG OA 10 -28.33 97.01 44.20
CA ARG OA 10 -29.66 97.60 44.17
C ARG OA 10 -29.60 99.07 43.82
N ARG OA 11 -30.19 99.92 44.66
CA ARG OA 11 -30.40 101.30 44.26
C ARG OA 11 -29.09 102.01 43.96
N ASP OA 12 -28.22 102.14 44.96
CA ASP OA 12 -26.94 102.79 44.73
C ASP OA 12 -25.85 101.97 45.38
N ALA OA 13 -25.21 101.12 44.58
CA ALA OA 13 -23.92 100.53 44.93
C ALA OA 13 -22.82 101.33 44.27
N LEU OA 14 -21.59 101.10 44.74
CA LEU OA 14 -20.46 101.97 44.42
C LEU OA 14 -19.90 101.67 43.03
N ASN OA 15 -19.67 102.73 42.25
CA ASN OA 15 -19.17 102.61 40.90
C ASN OA 15 -20.12 101.84 39.98
N GLY OA 16 -21.37 101.70 40.39
CA GLY OA 16 -22.32 100.86 39.67
C GLY OA 16 -22.44 99.49 40.32
N GLY OA 17 -22.51 98.45 39.49
CA GLY OA 17 -22.33 97.10 39.96
C GLY OA 17 -21.10 96.50 39.32
N SER OA 18 -20.04 96.28 40.10
CA SER OA 18 -18.79 95.74 39.58
C SER OA 18 -18.54 94.41 40.25
N SER OA 19 -17.69 93.58 39.65
CA SER OA 19 -17.42 92.26 40.22
C SER OA 19 -16.00 91.77 39.96
N MET OA 20 -15.00 92.65 39.89
CA MET OA 20 -13.64 92.13 39.84
C MET OA 20 -13.26 91.53 41.17
N THR OA 21 -13.98 91.87 42.22
CA THR OA 21 -13.85 91.22 43.51
C THR OA 21 -15.24 90.95 44.06
N LEU OA 22 -15.27 90.49 45.31
CA LEU OA 22 -16.48 90.56 46.10
C LEU OA 22 -16.51 91.83 46.93
N GLY OA 23 -15.35 92.33 47.32
CA GLY OA 23 -15.32 93.53 48.12
C GLY OA 23 -15.48 94.82 47.37
N SER OA 24 -15.63 94.77 46.05
CA SER OA 24 -15.71 96.00 45.28
C SER OA 24 -17.02 96.73 45.47
N LYS OA 25 -18.03 96.07 46.03
CA LYS OA 25 -19.29 96.70 46.37
C LYS OA 25 -19.23 97.42 47.71
N GLY OA 26 -18.58 96.80 48.70
CA GLY OA 26 -18.50 97.27 50.07
C GLY OA 26 -19.09 96.25 51.03
N MET OA 27 -18.97 96.58 52.32
CA MET OA 27 -19.54 95.76 53.39
C MET OA 27 -21.06 95.84 53.43
N LYS OA 28 -21.67 96.61 52.55
CA LYS OA 28 -23.07 96.48 52.23
C LYS OA 28 -23.31 97.16 50.90
N LEU OA 29 -24.09 96.50 50.05
CA LEU OA 29 -24.27 96.91 48.67
C LEU OA 29 -25.27 98.05 48.54
N SER OA 30 -26.13 98.24 49.55
CA SER OA 30 -27.32 99.04 49.38
C SER OA 30 -27.52 99.91 50.60
N PRO OA 31 -27.57 101.24 50.43
CA PRO OA 31 -28.03 102.10 51.53
C PRO OA 31 -29.42 101.75 52.00
N ASP OA 32 -30.21 101.08 51.17
CA ASP OA 32 -31.48 100.55 51.59
C ASP OA 32 -31.26 99.39 52.55
N PRO OA 33 -32.33 98.86 53.16
CA PRO OA 33 -32.22 97.52 53.73
C PRO OA 33 -31.87 96.56 52.61
N HIS OA 34 -31.64 95.31 52.94
CA HIS OA 34 -31.57 94.39 51.82
C HIS OA 34 -32.66 93.33 51.89
N ARG OA 35 -33.45 93.32 52.95
CA ARG OA 35 -34.69 92.55 52.96
C ARG OA 35 -35.85 93.47 53.28
N ARG OA 36 -37.02 93.13 52.76
CA ARG OA 36 -38.22 93.82 53.19
C ARG OA 36 -38.76 93.27 54.50
N ARG OA 37 -38.17 92.20 55.01
CA ARG OA 37 -38.51 91.66 56.32
C ARG OA 37 -37.48 91.99 57.39
N MET OA 38 -36.45 92.74 57.03
CA MET OA 38 -35.46 93.23 57.99
C MET OA 38 -35.35 94.72 57.78
N PRO OA 39 -36.27 95.49 58.37
CA PRO OA 39 -36.25 96.93 58.17
C PRO OA 39 -35.04 97.62 58.76
N TRP OA 40 -34.58 97.20 59.92
CA TRP OA 40 -33.54 97.93 60.62
C TRP OA 40 -32.21 97.94 59.90
N THR OA 41 -31.96 96.99 59.01
CA THR OA 41 -30.61 96.75 58.48
C THR OA 41 -30.22 97.75 57.39
N ALA OA 42 -30.94 98.84 57.28
CA ALA OA 42 -30.47 99.96 56.46
C ALA OA 42 -29.14 100.46 57.01
N ALA OA 43 -28.53 101.39 56.31
CA ALA OA 43 -27.25 101.89 56.78
C ALA OA 43 -27.37 103.29 57.38
N LYS OA 44 -27.18 103.36 58.71
CA LYS OA 44 -27.14 104.61 59.44
C LYS OA 44 -25.68 104.91 59.75
N GLU OA 45 -25.39 106.13 60.20
CA GLU OA 45 -24.01 106.53 60.48
C GLU OA 45 -23.72 106.18 61.94
N TYR OA 46 -23.51 104.90 62.20
CA TYR OA 46 -23.27 104.38 63.53
C TYR OA 46 -22.05 105.04 64.15
N VAL OA 47 -22.13 105.25 65.45
CA VAL OA 47 -21.01 105.79 66.24
C VAL OA 47 -20.79 104.84 67.40
N PRO OA 48 -19.53 104.49 67.70
CA PRO OA 48 -19.25 103.27 68.49
C PRO OA 48 -20.09 103.19 69.75
N GLY OA 49 -20.74 102.06 69.93
CA GLY OA 49 -21.54 101.85 71.11
C GLY OA 49 -20.72 101.24 72.23
N VAL OA 50 -19.90 100.25 71.91
CA VAL OA 50 -19.06 99.63 72.92
C VAL OA 50 -18.14 100.65 73.56
N VAL OA 51 -17.22 101.21 72.79
CA VAL OA 51 -16.14 102.00 73.39
C VAL OA 51 -16.64 103.34 73.89
N LEU OA 52 -17.68 103.89 73.28
CA LEU OA 52 -18.31 105.09 73.80
C LEU OA 52 -19.48 104.80 74.71
N ASN OA 53 -19.62 103.56 75.20
CA ASN OA 53 -20.31 103.27 76.44
C ASN OA 53 -19.39 102.59 77.42
N ALA OA 54 -18.09 102.92 77.35
CA ALA OA 54 -17.08 102.38 78.26
C ALA OA 54 -16.72 103.42 79.32
N LYS OA 55 -17.60 103.49 80.34
CA LYS OA 55 -17.49 104.47 81.41
C LYS OA 55 -16.40 104.10 82.40
N GLU OA 56 -15.33 104.90 82.45
CA GLU OA 56 -14.18 104.53 83.26
C GLU OA 56 -14.59 104.34 84.71
N LYS OA 57 -14.62 103.08 85.15
CA LYS OA 57 -14.89 102.74 86.54
C LYS OA 57 -13.74 103.11 87.46
N MET OA 58 -12.55 103.36 86.91
CA MET OA 58 -11.39 103.70 87.72
C MET OA 58 -11.46 105.12 88.28
N VAL OA 59 -12.37 105.96 87.79
CA VAL OA 59 -12.64 107.23 88.44
C VAL OA 59 -13.57 107.06 89.62
N LEU OA 60 -14.21 105.90 89.74
CA LEU OA 60 -15.34 105.69 90.64
C LEU OA 60 -15.00 104.57 91.62
N ASP OA 61 -13.77 104.57 92.11
CA ASP OA 61 -13.33 103.46 92.93
C ASP OA 61 -13.38 103.78 94.43
N GLY OA 62 -12.66 104.82 94.83
CA GLY OA 62 -12.61 105.16 96.24
C GLY OA 62 -13.64 106.19 96.63
N VAL OA 63 -14.91 105.86 96.45
CA VAL OA 63 -15.99 106.83 96.63
C VAL OA 63 -17.11 106.30 97.52
N LYS OA 64 -17.17 105.00 97.76
CA LYS OA 64 -18.20 104.41 98.63
C LYS OA 64 -19.60 104.82 98.18
N LEU OA 65 -19.97 104.35 96.99
CA LEU OA 65 -21.22 104.76 96.36
C LEU OA 65 -22.42 104.45 97.25
N VAL OA 66 -23.53 105.09 96.96
CA VAL OA 66 -24.80 104.80 97.61
C VAL OA 66 -25.79 104.34 96.56
N ASP OA 67 -26.50 103.26 96.85
CA ASP OA 67 -27.46 102.69 95.93
C ASP OA 67 -28.87 103.19 96.24
N VAL OA 68 -29.78 102.98 95.30
CA VAL OA 68 -31.16 103.40 95.51
C VAL OA 68 -31.83 102.51 96.53
N GLU OA 69 -31.18 101.41 96.93
CA GLU OA 69 -31.62 100.72 98.13
C GLU OA 69 -30.69 101.00 99.30
N CYS OA 70 -29.59 101.72 99.06
CA CYS OA 70 -28.89 102.42 100.15
C CYS OA 70 -29.63 103.72 100.47
N VAL OA 71 -30.90 103.53 100.85
CA VAL OA 71 -31.72 104.60 101.40
C VAL OA 71 -31.79 104.49 102.92
N ASP OA 72 -31.53 103.32 103.49
CA ASP OA 72 -31.59 103.13 104.93
C ASP OA 72 -30.63 104.07 105.67
N ARG OA 73 -31.08 104.50 106.85
CA ARG OA 73 -30.17 105.13 107.80
C ARG OA 73 -28.96 104.22 108.04
N ALA OA 74 -29.16 102.91 107.91
CA ALA OA 74 -28.07 101.97 108.06
C ALA OA 74 -26.97 102.24 107.04
N SER OA 75 -27.35 102.75 105.86
CA SER OA 75 -26.39 102.88 104.78
C SER OA 75 -26.00 104.34 104.52
N GLN OA 76 -26.71 105.29 105.13
CA GLN OA 76 -26.39 106.70 104.92
C GLN OA 76 -24.94 107.02 105.26
N VAL OA 77 -24.27 107.75 104.36
CA VAL OA 77 -22.84 108.01 104.43
C VAL OA 77 -22.60 109.48 104.78
N ASP OA 78 -21.39 109.80 105.27
CA ASP OA 78 -21.02 111.19 105.50
C ASP OA 78 -21.35 112.03 104.26
N PRO OA 79 -22.15 113.09 104.38
CA PRO OA 79 -22.39 113.94 103.22
C PRO OA 79 -21.13 114.41 102.50
N LEU OA 80 -19.98 114.47 103.17
CA LEU OA 80 -18.76 114.74 102.42
C LEU OA 80 -18.44 113.57 101.49
N GLU OA 81 -18.66 112.34 101.96
CA GLU OA 81 -18.39 111.18 101.11
C GLU OA 81 -19.49 111.00 100.06
N ALA OA 82 -20.70 111.46 100.36
CA ALA OA 82 -21.73 111.48 99.33
C ALA OA 82 -21.46 112.57 98.28
N LEU OA 83 -20.79 113.65 98.70
CA LEU OA 83 -20.30 114.62 97.72
C LEU OA 83 -19.20 114.02 96.88
N ARG OA 84 -18.31 113.25 97.51
CA ARG OA 84 -17.38 112.45 96.72
C ARG OA 84 -18.13 111.56 95.75
N ALA OA 85 -19.28 111.02 96.16
CA ALA OA 85 -20.08 110.16 95.29
C ALA OA 85 -20.68 110.92 94.10
N THR OA 86 -21.18 112.13 94.32
CA THR OA 86 -21.70 112.92 93.21
C THR OA 86 -20.59 113.30 92.24
N VAL OA 87 -19.49 113.87 92.74
CA VAL OA 87 -18.39 114.22 91.83
C VAL OA 87 -17.87 112.99 91.09
N ALA OA 88 -17.88 111.83 91.75
CA ALA OA 88 -17.41 110.61 91.14
C ALA OA 88 -18.34 110.11 90.05
N THR OA 89 -19.65 110.04 90.33
CA THR OA 89 -20.59 109.56 89.32
C THR OA 89 -20.62 110.49 88.11
N TYR OA 90 -20.53 111.80 88.34
CA TYR OA 90 -20.55 112.73 87.20
C TYR OA 90 -19.26 112.63 86.38
N GLU OA 91 -18.10 112.60 87.04
CA GLU OA 91 -16.86 112.35 86.30
C GLU OA 91 -16.86 111.00 85.62
N TYR OA 92 -17.65 110.06 86.16
CA TYR OA 92 -17.78 108.70 85.64
C TYR OA 92 -18.58 108.68 84.36
N ASN OA 93 -19.60 109.54 84.27
CA ASN OA 93 -20.38 109.63 83.04
C ASN OA 93 -19.73 110.52 82.00
N THR OA 94 -18.99 111.55 82.41
CA THR OA 94 -18.22 112.35 81.46
C THR OA 94 -16.88 111.72 81.10
N SER OA 95 -16.71 110.42 81.41
CA SER OA 95 -15.44 109.76 81.13
C SER OA 95 -15.11 109.76 79.64
N THR OA 96 -16.04 109.30 78.81
CA THR OA 96 -15.88 109.41 77.36
C THR OA 96 -16.39 110.73 76.82
N GLY OA 97 -17.47 111.24 77.39
CA GLY OA 97 -18.08 112.45 76.89
C GLY OA 97 -19.46 112.63 77.49
N LYS OA 98 -20.14 113.66 77.03
CA LYS OA 98 -21.47 114.00 77.51
C LYS OA 98 -22.49 113.60 76.47
N ASN OA 99 -23.42 112.73 76.86
CA ASN OA 99 -24.65 112.57 76.11
C ASN OA 99 -25.24 113.94 75.85
N ILE OA 100 -26.08 114.05 74.83
CA ILE OA 100 -26.76 115.32 74.62
C ILE OA 100 -27.70 115.60 75.78
N PHE OA 101 -28.21 114.57 76.43
CA PHE OA 101 -29.12 114.84 77.53
C PHE OA 101 -28.39 115.28 78.80
N GLN OA 102 -27.07 115.09 78.86
CA GLN OA 102 -26.26 115.77 79.85
C GLN OA 102 -25.66 117.05 79.31
N LEU OA 103 -25.65 117.22 77.99
CA LEU OA 103 -25.19 118.48 77.44
C LEU OA 103 -26.22 119.57 77.63
N ALA OA 104 -27.42 119.32 77.18
CA ALA OA 104 -28.47 120.31 77.08
C ALA OA 104 -29.53 120.17 78.17
N SER OA 105 -29.22 119.52 79.27
CA SER OA 105 -29.95 119.80 80.50
C SER OA 105 -29.41 121.04 81.20
N GLN OA 106 -28.12 121.31 81.07
CA GLN OA 106 -27.51 122.49 81.66
C GLN OA 106 -27.89 123.78 80.95
N VAL OA 107 -27.73 123.84 79.64
CA VAL OA 107 -27.97 125.07 78.90
C VAL OA 107 -29.45 125.40 79.00
N GLU OA 108 -29.75 126.70 79.09
CA GLU OA 108 -31.10 127.13 79.39
C GLU OA 108 -32.04 126.72 78.26
N PHE OA 109 -33.32 126.54 78.61
CA PHE OA 109 -34.37 126.17 77.66
C PHE OA 109 -34.10 124.82 77.01
N ASP OA 110 -33.42 123.91 77.72
CA ASP OA 110 -33.09 122.58 77.20
C ASP OA 110 -32.29 122.66 75.91
N GLY OA 111 -31.55 123.74 75.71
CA GLY OA 111 -30.67 123.85 74.56
C GLY OA 111 -31.36 123.90 73.22
N ARG OA 112 -32.66 124.13 73.19
CA ARG OA 112 -33.39 124.14 71.94
C ARG OA 112 -32.90 125.28 71.06
N GLY OA 113 -32.53 124.97 69.83
CA GLY OA 113 -31.98 125.94 68.92
C GLY OA 113 -30.47 125.93 68.86
N GLN OA 114 -29.81 125.35 69.85
CA GLN OA 114 -28.36 125.36 69.88
C GLN OA 114 -27.80 124.25 69.01
N ARG OA 115 -26.82 124.61 68.19
CA ARG OA 115 -26.28 123.73 67.17
C ARG OA 115 -25.22 122.83 67.80
N PHE OA 116 -25.57 121.57 68.02
CA PHE OA 116 -24.66 120.58 68.59
C PHE OA 116 -23.70 120.06 67.54
N TYR OA 117 -22.75 119.22 67.97
CA TYR OA 117 -21.91 118.48 67.05
C TYR OA 117 -21.09 117.46 67.82
N ARG OA 118 -21.18 116.19 67.39
CA ARG OA 118 -20.25 115.18 67.83
C ARG OA 118 -18.88 115.49 67.27
N LYS OA 119 -17.83 114.96 67.92
CA LYS OA 119 -16.50 115.53 67.74
C LYS OA 119 -16.05 115.52 66.29
N GLU OA 120 -16.36 114.46 65.56
CA GLU OA 120 -15.96 114.38 64.17
C GLU OA 120 -16.64 115.43 63.28
N TRP OA 121 -17.77 115.96 63.71
CA TRP OA 121 -18.57 116.79 62.82
C TRP OA 121 -18.00 118.18 62.67
N GLN OA 122 -16.73 118.37 62.99
CA GLN OA 122 -16.02 119.57 62.60
C GLN OA 122 -14.67 119.21 62.04
N GLU OA 123 -14.28 117.93 62.16
CA GLU OA 123 -12.96 117.50 61.74
C GLU OA 123 -13.08 116.79 60.40
N GLY OA 124 -12.10 117.06 59.53
CA GLY OA 124 -12.12 116.58 58.16
C GLY OA 124 -12.93 117.48 57.25
N THR OA 125 -13.33 116.96 56.09
CA THR OA 125 -14.26 117.64 55.21
C THR OA 125 -15.65 117.67 55.78
N TYR OA 126 -15.92 116.81 56.76
CA TYR OA 126 -17.17 116.83 57.46
C TYR OA 126 -17.39 118.22 58.02
N ASP OA 127 -18.56 118.78 57.72
CA ASP OA 127 -18.99 120.03 58.36
C ASP OA 127 -20.48 119.94 58.55
N LYS OA 128 -20.90 119.72 59.76
CA LYS OA 128 -22.30 119.46 60.04
C LYS OA 128 -22.58 119.96 61.44
N TYR OA 129 -23.82 120.32 61.70
CA TYR OA 129 -24.30 120.43 63.06
C TYR OA 129 -25.75 119.98 63.09
N VAL OA 130 -26.32 119.95 64.27
CA VAL OA 130 -27.71 119.55 64.46
C VAL OA 130 -28.40 120.70 65.17
N THR OA 131 -28.96 121.63 64.40
CA THR OA 131 -29.63 122.76 65.00
C THR OA 131 -30.84 122.18 65.72
N LEU OA 132 -30.59 121.66 66.93
CA LEU OA 132 -31.60 120.87 67.62
C LEU OA 132 -32.91 121.63 67.74
N SER OA 133 -34.01 120.91 67.78
CA SER OA 133 -35.33 121.50 67.72
C SER OA 133 -36.21 121.09 68.90
N ALA OA 134 -35.89 119.99 69.55
CA ALA OA 134 -36.62 119.62 70.75
C ALA OA 134 -35.81 118.60 71.51
N ILE OA 135 -36.08 118.52 72.81
CA ILE OA 135 -35.51 117.49 73.67
C ILE OA 135 -36.59 117.09 74.67
N ASP OA 136 -36.83 115.80 74.79
CA ASP OA 136 -37.77 115.29 75.80
C ASP OA 136 -37.06 114.23 76.62
N PHE OA 137 -37.15 114.35 77.95
CA PHE OA 137 -36.42 113.49 78.85
C PHE OA 137 -37.31 112.41 79.44
N ASN OA 138 -36.75 111.20 79.52
CA ASN OA 138 -37.44 110.11 80.17
C ASN OA 138 -37.39 110.30 81.69
N ARG OA 139 -37.97 109.35 82.44
CA ARG OA 139 -37.83 109.42 83.88
C ARG OA 139 -36.36 109.46 84.26
N ASP OA 140 -35.67 108.37 84.04
CA ASP OA 140 -34.22 108.46 83.95
C ASP OA 140 -33.90 109.47 82.87
N GLY OA 141 -33.18 110.51 83.24
CA GLY OA 141 -32.62 111.37 82.23
C GLY OA 141 -31.55 110.62 81.48
N ASN OA 142 -30.68 111.38 80.84
CA ASN OA 142 -29.63 110.82 80.00
C ASN OA 142 -30.20 109.95 78.90
N LYS OA 143 -31.52 109.80 78.87
CA LYS OA 143 -32.27 109.11 77.84
C LYS OA 143 -33.55 109.92 77.57
N GLY OA 144 -34.07 109.74 76.38
CA GLY OA 144 -35.18 110.52 75.88
C GLY OA 144 -35.06 110.68 74.38
N THR OA 145 -35.91 111.54 73.84
CA THR OA 145 -36.08 111.72 72.40
C THR OA 145 -35.62 113.12 72.02
N ALA OA 146 -34.56 113.22 71.25
CA ALA OA 146 -33.94 114.49 70.92
C ALA OA 146 -34.07 114.76 69.43
N TYR OA 147 -34.89 115.73 69.07
CA TYR OA 147 -35.23 116.03 67.69
C TYR OA 147 -34.38 117.22 67.25
N GLY OA 148 -34.06 117.31 65.97
CA GLY OA 148 -33.26 118.45 65.58
C GLY OA 148 -33.14 118.65 64.08
N TYR OA 149 -33.21 119.92 63.69
CA TYR OA 149 -33.05 120.30 62.29
C TYR OA 149 -31.60 120.05 61.92
N VAL OA 150 -31.34 118.95 61.28
CA VAL OA 150 -29.99 118.60 60.86
C VAL OA 150 -29.49 119.61 59.84
N THR OA 151 -28.17 119.84 59.79
CA THR OA 151 -27.56 120.82 58.90
C THR OA 151 -26.22 120.32 58.38
N PHE OA 152 -26.17 119.86 57.13
CA PHE OA 152 -24.96 119.34 56.53
C PHE OA 152 -24.45 120.34 55.52
N HIS OA 153 -23.17 120.67 55.61
CA HIS OA 153 -22.48 121.53 54.64
C HIS OA 153 -23.37 122.64 54.13
N GLY OA 154 -24.22 123.17 55.02
CA GLY OA 154 -25.06 124.31 54.73
C GLY OA 154 -26.54 124.06 54.74
N GLU OA 155 -26.99 122.85 54.43
CA GLU OA 155 -28.40 122.60 54.10
C GLU OA 155 -29.07 121.92 55.27
N THR OA 156 -30.28 122.37 55.58
CA THR OA 156 -31.04 121.84 56.69
C THR OA 156 -32.08 120.85 56.20
N THR OA 157 -32.57 120.02 57.11
CA THR OA 157 -33.85 119.37 56.86
C THR OA 157 -34.96 120.38 56.84
N THR OA 158 -36.05 120.02 56.20
CA THR OA 158 -37.21 120.89 56.16
C THR OA 158 -38.24 120.52 57.20
N ARG OA 159 -37.93 119.58 58.08
CA ARG OA 159 -38.72 119.36 59.29
C ARG OA 159 -37.78 118.85 60.37
N PRO OA 160 -38.14 119.02 61.64
CA PRO OA 160 -37.32 118.47 62.72
C PRO OA 160 -37.37 116.96 62.73
N VAL OA 161 -36.22 116.34 62.54
CA VAL OA 161 -36.04 114.90 62.57
C VAL OA 161 -35.58 114.51 63.98
N GLN OA 162 -35.81 113.26 64.35
CA GLN OA 162 -35.19 112.74 65.58
C GLN OA 162 -33.69 112.70 65.39
N ILE OA 163 -32.94 113.04 66.42
CA ILE OA 163 -31.49 113.08 66.31
C ILE OA 163 -30.93 111.75 66.77
N ASP OA 164 -30.14 111.12 65.92
CA ASP OA 164 -29.49 109.87 66.25
C ASP OA 164 -28.27 110.12 67.10
N PHE OA 165 -28.02 109.20 68.04
CA PHE OA 165 -26.81 109.21 68.86
C PHE OA 165 -26.69 110.47 69.70
N ALA OA 166 -27.85 111.06 70.02
CA ALA OA 166 -27.89 111.90 71.19
C ALA OA 166 -27.55 111.08 72.42
N ASP OA 167 -28.24 109.96 72.60
CA ASP OA 167 -28.08 109.12 73.78
C ASP OA 167 -26.76 108.37 73.79
N VAL OA 168 -25.82 108.73 72.93
CA VAL OA 168 -24.44 108.29 73.10
C VAL OA 168 -23.61 109.46 73.58
N PRO OA 169 -22.69 109.22 74.47
CA PRO OA 169 -21.74 110.25 74.91
C PRO OA 169 -20.61 110.49 73.90
N GLY OA 170 -20.81 111.47 73.03
CA GLY OA 170 -19.69 111.96 72.23
C GLY OA 170 -19.84 113.42 71.86
N TRP OA 171 -20.78 114.09 72.48
CA TRP OA 171 -21.31 115.35 71.97
C TRP OA 171 -20.53 116.56 72.47
N HIS OA 172 -20.77 117.68 71.81
CA HIS OA 172 -20.31 118.99 72.27
C HIS OA 172 -21.36 120.01 71.88
N MET OA 173 -21.17 121.25 72.35
CA MET OA 173 -21.94 122.39 71.89
C MET OA 173 -21.33 123.65 72.47
N GLU OA 174 -21.40 124.73 71.69
CA GLU OA 174 -20.83 126.01 72.06
C GLU OA 174 -21.94 127.03 72.16
N PHE OA 175 -22.66 126.99 73.28
CA PHE OA 175 -23.93 127.70 73.38
C PHE OA 175 -23.74 129.18 73.11
N ARG OA 176 -24.34 129.65 72.03
CA ARG OA 176 -24.39 131.06 71.72
C ARG OA 176 -25.77 131.56 72.09
N VAL OA 177 -25.80 132.69 72.83
CA VAL OA 177 -27.04 133.21 73.39
C VAL OA 177 -28.10 133.50 72.34
N GLU OA 178 -27.71 133.75 71.09
CA GLU OA 178 -28.69 134.04 70.05
C GLU OA 178 -29.69 132.91 69.88
N ARG OA 179 -29.24 131.67 69.99
CA ARG OA 179 -30.06 130.51 69.73
C ARG OA 179 -30.90 130.08 70.93
N ALA OA 180 -30.83 130.80 72.04
CA ALA OA 180 -31.63 130.47 73.22
C ALA OA 180 -33.10 130.66 72.87
N VAL OA 181 -33.79 129.55 72.64
CA VAL OA 181 -35.15 129.57 72.13
C VAL OA 181 -36.10 129.07 73.22
N PRO OA 182 -36.98 129.92 73.74
CA PRO OA 182 -37.73 129.58 74.96
C PRO OA 182 -38.71 128.44 74.76
N PHE OA 183 -39.46 128.10 75.81
CA PHE OA 183 -40.44 127.02 75.72
C PHE OA 183 -41.75 127.49 75.11
N ASN OA 184 -41.82 128.73 74.63
CA ASN OA 184 -43.06 129.23 74.06
C ASN OA 184 -42.97 129.42 72.55
N ALA OA 185 -41.83 129.86 72.04
CA ALA OA 185 -41.64 130.07 70.62
C ALA OA 185 -41.05 128.82 69.98
N ILE OA 186 -41.77 128.30 68.98
CA ILE OA 186 -41.32 127.14 68.23
C ILE OA 186 -40.01 127.53 67.56
N VAL OA 187 -39.07 126.60 67.49
CA VAL OA 187 -37.75 126.89 66.96
C VAL OA 187 -37.89 127.34 65.50
N PRO OA 188 -37.52 128.58 65.17
CA PRO OA 188 -37.43 128.95 63.77
C PRO OA 188 -36.26 128.26 63.11
N PRO OA 189 -36.50 127.49 62.07
CA PRO OA 189 -35.48 126.60 61.51
C PRO OA 189 -34.38 127.40 60.84
N PRO OA 190 -33.14 126.96 60.99
CA PRO OA 190 -32.04 127.69 60.38
C PRO OA 190 -32.22 127.81 58.90
N PRO OA 191 -31.73 128.87 58.28
CA PRO OA 191 -31.73 128.98 56.83
C PRO OA 191 -30.58 128.19 56.23
N SER OA 192 -30.81 127.63 55.05
CA SER OA 192 -29.72 127.02 54.29
C SER OA 192 -29.00 128.09 53.50
N ILE OA 193 -27.73 127.85 53.19
CA ILE OA 193 -26.88 128.91 52.66
C ILE OA 193 -27.10 129.17 51.18
N GLY OA 194 -27.83 128.32 50.49
CA GLY OA 194 -28.11 128.62 49.10
C GLY OA 194 -29.54 129.06 48.89
N THR OA 195 -30.45 128.55 49.72
CA THR OA 195 -31.88 128.74 49.50
C THR OA 195 -32.48 129.82 50.38
N ASP OA 196 -32.44 129.63 51.70
CA ASP OA 196 -33.14 130.53 52.60
C ASP OA 196 -32.32 131.79 52.86
N VAL OA 197 -31.00 131.68 52.82
CA VAL OA 197 -30.16 132.86 52.78
C VAL OA 197 -29.29 132.81 51.54
N PRO OA 198 -29.16 133.91 50.80
CA PRO OA 198 -28.20 133.93 49.70
C PRO OA 198 -26.79 133.64 50.17
N VAL OA 199 -25.90 133.48 49.19
CA VAL OA 199 -24.52 133.13 49.46
C VAL OA 199 -23.69 134.39 49.53
N ASP OA 200 -22.78 134.44 50.51
CA ASP OA 200 -21.73 135.45 50.52
C ASP OA 200 -20.39 134.75 50.59
N PRO OA 201 -19.36 135.25 49.91
CA PRO OA 201 -18.06 134.59 49.91
C PRO OA 201 -17.16 135.01 51.05
N ARG OA 202 -17.71 135.55 52.13
CA ARG OA 202 -16.93 136.08 53.23
C ARG OA 202 -17.47 135.66 54.59
N SER OA 203 -18.79 135.58 54.73
CA SER OA 203 -19.40 135.16 55.99
C SER OA 203 -19.32 133.64 56.17
N TYR OA 204 -19.75 132.90 55.17
CA TYR OA 204 -19.61 131.45 55.15
C TYR OA 204 -18.96 131.05 53.83
N ARG OA 205 -18.01 130.13 53.92
CA ARG OA 205 -17.39 129.54 52.74
C ARG OA 205 -17.38 128.04 52.94
N LEU OA 206 -17.96 127.32 51.98
CA LEU OA 206 -18.22 125.89 52.12
C LEU OA 206 -16.94 125.09 52.20
N ARG OA 207 -16.87 124.20 53.20
CA ARG OA 207 -15.64 123.46 53.46
C ARG OA 207 -15.33 122.50 52.32
N ALA OA 208 -16.33 121.77 51.83
CA ALA OA 208 -16.15 120.83 50.74
C ALA OA 208 -17.48 120.65 50.00
N TYR OA 209 -17.39 120.53 48.70
CA TYR OA 209 -18.53 120.37 47.82
C TYR OA 209 -18.74 118.90 47.53
N PRO OA 210 -19.81 118.55 46.83
CA PRO OA 210 -20.03 117.14 46.50
C PRO OA 210 -18.96 116.49 45.64
N PHE OA 211 -17.92 117.20 45.25
CA PHE OA 211 -16.85 116.60 44.47
C PHE OA 211 -15.56 116.52 45.25
N TYR OA 212 -15.49 117.21 46.38
CA TYR OA 212 -14.21 117.62 46.95
C TYR OA 212 -13.58 116.51 47.75
N ASP OA 213 -12.25 116.48 47.71
CA ASP OA 213 -11.41 115.58 48.50
C ASP OA 213 -10.09 116.32 48.71
N ALA OA 214 -9.68 116.42 49.97
CA ALA OA 214 -8.58 117.32 50.31
C ALA OA 214 -7.25 116.73 49.85
N PRO OA 215 -6.26 117.55 49.54
CA PRO OA 215 -4.96 117.03 49.14
C PRO OA 215 -4.37 116.11 50.21
N ASN OA 216 -3.38 115.34 49.80
CA ASN OA 216 -2.87 114.27 50.65
C ASN OA 216 -2.21 114.84 51.90
N PRO OA 217 -2.65 114.48 53.09
CA PRO OA 217 -1.90 114.82 54.30
C PRO OA 217 -0.50 114.24 54.24
N PRO OA 218 0.52 115.11 54.20
CA PRO OA 218 1.89 114.63 53.93
C PRO OA 218 2.45 113.74 55.02
N GLU OA 219 1.96 113.85 56.24
CA GLU OA 219 2.29 112.85 57.23
C GLU OA 219 1.75 111.47 56.87
N PHE OA 220 0.58 111.39 56.27
CA PHE OA 220 0.09 110.11 55.79
C PHE OA 220 0.83 109.64 54.54
N VAL OA 221 1.18 110.54 53.62
CA VAL OA 221 1.99 110.09 52.49
C VAL OA 221 3.34 109.57 52.94
N GLU OA 222 3.98 110.17 53.95
CA GLU OA 222 5.30 109.69 54.35
C GLU OA 222 5.22 108.58 55.38
N ARG OA 223 4.04 108.32 55.94
CA ARG OA 223 3.84 107.06 56.64
C ARG OA 223 3.67 105.93 55.65
N LEU OA 224 2.91 106.17 54.59
CA LEU OA 224 2.66 105.09 53.64
C LEU OA 224 3.89 104.77 52.83
N LEU OA 225 4.61 105.79 52.36
CA LEU OA 225 5.91 105.56 51.77
C LEU OA 225 6.77 104.69 52.66
N LYS OA 226 6.97 105.12 53.91
CA LYS OA 226 7.81 104.37 54.83
C LYS OA 226 7.38 102.92 54.93
N ASP OA 227 6.10 102.66 55.16
CA ASP OA 227 5.67 101.27 55.31
C ASP OA 227 5.84 100.48 54.02
N ARG OA 228 5.26 100.95 52.92
CA ARG OA 228 5.38 100.25 51.66
C ARG OA 228 6.77 100.39 51.07
N GLY OA 229 7.74 100.79 51.86
CA GLY OA 229 9.11 100.64 51.43
C GLY OA 229 9.55 101.54 50.31
N VAL OA 230 8.97 102.73 50.20
CA VAL OA 230 9.57 103.75 49.33
C VAL OA 230 10.49 104.64 50.16
N ILE OA 231 10.07 104.96 51.37
CA ILE OA 231 10.92 105.64 52.34
C ILE OA 231 11.67 104.58 53.13
N PRO OA 232 13.01 104.55 53.07
CA PRO OA 232 13.76 103.57 53.87
C PRO OA 232 13.43 103.73 55.34
N ASP OA 233 13.17 102.61 55.99
CA ASP OA 233 12.76 102.59 57.40
C ASP OA 233 13.56 101.56 58.17
N SER OA 234 14.68 101.98 58.73
CA SER OA 234 15.41 101.02 59.54
C SER OA 234 15.45 101.53 60.97
N PRO OA 235 15.45 100.62 61.97
CA PRO OA 235 15.52 100.99 63.38
C PRO OA 235 16.72 101.86 63.75
N ALA PA 16 -9.16 -14.92 48.31
CA ALA PA 16 -9.59 -15.55 47.07
C ALA PA 16 -8.61 -16.63 46.66
N LYS PA 17 -7.58 -16.80 47.49
CA LYS PA 17 -6.35 -17.49 47.10
C LYS PA 17 -5.79 -16.83 45.84
N ARG PA 18 -5.82 -15.49 45.84
CA ARG PA 18 -5.68 -14.72 44.61
C ARG PA 18 -4.46 -15.17 43.83
N ARG PA 19 -4.62 -15.24 42.52
CA ARG PA 19 -3.53 -15.66 41.64
C ARG PA 19 -2.72 -14.45 41.21
N VAL PA 20 -1.39 -14.62 41.23
CA VAL PA 20 -0.47 -13.61 40.75
C VAL PA 20 0.25 -14.17 39.53
N ILE PA 21 0.34 -13.37 38.48
CA ILE PA 21 1.13 -13.70 37.31
C ILE PA 21 2.14 -12.60 37.09
N VAL PA 22 3.42 -12.93 37.29
CA VAL PA 22 4.51 -12.01 37.02
C VAL PA 22 4.58 -11.84 35.50
N PRO PA 23 4.63 -10.62 34.99
CA PRO PA 23 4.66 -10.44 33.54
C PRO PA 23 5.96 -10.99 32.97
N ILE PA 24 5.83 -11.81 31.95
CA ILE PA 24 6.99 -12.31 31.22
C ILE PA 24 7.60 -11.14 30.46
N HIS PA 25 8.88 -10.88 30.73
CA HIS PA 25 9.60 -9.84 30.01
C HIS PA 25 10.27 -10.41 28.78
N PRO PA 26 10.46 -9.60 27.74
CA PRO PA 26 11.13 -10.09 26.53
C PRO PA 26 12.54 -10.55 26.83
N THR PA 27 13.03 -11.44 25.99
CA THR PA 27 14.30 -12.13 26.17
C THR PA 27 14.98 -12.21 24.81
N PRO PA 28 16.18 -12.78 24.73
CA PRO PA 28 16.72 -13.17 23.42
C PRO PA 28 15.86 -14.19 22.72
N ASN PA 29 15.44 -15.22 23.44
CA ASN PA 29 14.74 -16.36 22.89
C ASN PA 29 13.27 -16.09 22.63
N TYR PA 30 12.61 -15.42 23.56
CA TYR PA 30 11.15 -15.34 23.60
C TYR PA 30 10.78 -13.89 23.32
N PRO PA 31 10.53 -13.57 22.06
CA PRO PA 31 10.49 -12.17 21.65
C PRO PA 31 9.26 -11.46 22.19
N ALA PA 32 9.26 -10.14 22.01
CA ALA PA 32 8.21 -9.32 22.58
C ALA PA 32 6.86 -9.65 21.97
N HIS PA 33 6.83 -9.89 20.65
CA HIS PA 33 5.56 -10.19 19.99
C HIS PA 33 4.93 -11.45 20.55
N PHE PA 34 5.69 -12.54 20.58
CA PHE PA 34 5.13 -13.76 21.14
C PHE PA 34 4.81 -13.57 22.60
N ILE PA 35 5.73 -13.01 23.37
CA ILE PA 35 5.51 -12.89 24.80
C ILE PA 35 4.32 -12.00 25.10
N LYS PA 36 3.89 -11.22 24.11
CA LYS PA 36 2.73 -10.35 24.31
C LYS PA 36 1.44 -10.89 23.71
N ALA PA 37 1.50 -11.82 22.76
CA ALA PA 37 0.26 -12.35 22.22
C ALA PA 37 0.02 -13.80 22.58
N SER PA 38 1.08 -14.62 22.54
CA SER PA 38 1.05 -15.98 23.04
C SER PA 38 0.90 -16.04 24.56
N PHE PA 39 1.28 -14.98 25.26
CA PHE PA 39 1.16 -14.90 26.70
C PHE PA 39 0.39 -13.66 27.08
N THR PA 40 -0.45 -13.77 28.11
CA THR PA 40 -1.04 -12.60 28.75
C THR PA 40 -0.91 -12.80 30.25
N THR PA 41 -0.50 -11.74 30.94
CA THR PA 41 -0.30 -11.81 32.38
C THR PA 41 -1.59 -11.63 33.15
N ASP PA 42 -2.64 -11.14 32.52
CA ASP PA 42 -3.92 -10.95 33.19
C ASP PA 42 -4.74 -12.22 33.00
N PRO PA 43 -4.82 -13.11 33.99
CA PRO PA 43 -5.51 -14.39 33.77
C PRO PA 43 -7.03 -14.30 33.87
N LEU PA 44 -7.63 -13.31 33.24
CA LEU PA 44 -9.07 -13.32 32.99
C LEU PA 44 -9.36 -13.71 31.55
N LYS PA 45 -8.34 -14.21 30.85
CA LYS PA 45 -8.42 -14.66 29.47
C LYS PA 45 -7.86 -16.07 29.32
N GLU PA 46 -7.34 -16.67 30.39
CA GLU PA 46 -6.70 -17.96 30.32
C GLU PA 46 -7.64 -19.03 29.78
N LYS PA 47 -7.07 -19.99 29.06
CA LYS PA 47 -7.77 -21.12 28.47
C LYS PA 47 -8.93 -20.69 27.61
N GLN PA 48 -8.82 -19.57 26.89
CA GLN PA 48 -9.97 -19.08 26.15
C GLN PA 48 -10.16 -19.85 24.86
N LYS PA 49 -9.21 -19.70 23.92
CA LYS PA 49 -9.29 -20.36 22.62
C LYS PA 49 -8.09 -20.01 21.74
N ALA PA 50 -8.05 -20.55 20.53
CA ALA PA 50 -6.94 -20.32 19.63
C ALA PA 50 -7.28 -19.25 18.60
N ARG PA 51 -6.54 -18.15 18.64
CA ARG PA 51 -6.66 -17.06 17.69
C ARG PA 51 -5.76 -17.35 16.49
N PHE PA 52 -6.01 -16.64 15.40
CA PHE PA 52 -5.21 -16.78 14.18
C PHE PA 52 -4.78 -15.40 13.73
N SER PA 53 -3.82 -15.39 12.81
CA SER PA 53 -3.48 -14.19 12.07
C SER PA 53 -2.71 -14.62 10.84
N SER PA 54 -2.49 -13.69 9.93
CA SER PA 54 -1.92 -14.01 8.65
C SER PA 54 -0.59 -13.30 8.46
N GLY PA 55 0.33 -13.98 7.78
CA GLY PA 55 1.69 -13.53 7.69
C GLY PA 55 2.14 -13.18 6.28
N GLY PA 56 3.11 -13.96 5.81
CA GLY PA 56 3.68 -13.72 4.50
C GLY PA 56 2.63 -13.64 3.42
N GLU PA 57 2.05 -14.78 3.04
CA GLU PA 57 1.16 -14.77 1.90
C GLU PA 57 -0.30 -14.92 2.33
N ALA PA 58 -0.54 -15.49 3.50
CA ALA PA 58 -1.93 -15.53 3.95
C ALA PA 58 -2.49 -14.13 4.10
N MET PA 59 -1.69 -13.19 4.61
CA MET PA 59 -2.18 -11.83 4.78
C MET PA 59 -2.56 -11.21 3.46
N ARG PA 60 -1.74 -11.40 2.43
CA ARG PA 60 -2.04 -10.80 1.15
C ARG PA 60 -3.23 -11.49 0.50
N GLU PA 61 -3.29 -12.81 0.63
CA GLU PA 61 -4.43 -13.59 0.15
C GLU PA 61 -5.74 -13.09 0.73
N VAL PA 62 -5.77 -12.81 2.04
CA VAL PA 62 -7.01 -12.39 2.67
C VAL PA 62 -7.27 -10.92 2.45
N GLN PA 63 -6.26 -10.08 2.68
CA GLN PA 63 -6.45 -8.64 2.67
C GLN PA 63 -6.71 -8.09 1.28
N MET PA 64 -6.38 -8.85 0.24
CA MET PA 64 -6.66 -8.44 -1.13
C MET PA 64 -5.97 -7.13 -1.46
N ILE PA 65 -4.82 -6.92 -0.81
CA ILE PA 65 -3.96 -5.77 -1.08
C ILE PA 65 -3.27 -5.97 -2.41
N PRO PA 66 -3.61 -5.20 -3.45
CA PRO PA 66 -2.84 -5.32 -4.69
C PRO PA 66 -1.44 -4.79 -4.47
N LYS PA 67 -0.49 -5.42 -5.15
CA LYS PA 67 0.90 -4.99 -5.11
C LYS PA 67 0.97 -3.54 -5.56
N ASN PA 68 1.59 -2.67 -4.79
CA ASN PA 68 1.75 -1.33 -5.32
C ASN PA 68 2.79 -1.36 -6.42
N LEU PA 69 2.36 -0.97 -7.61
CA LEU PA 69 3.18 -1.18 -8.78
C LEU PA 69 4.40 -0.30 -8.72
N GLU PA 70 5.21 -0.40 -9.76
CA GLU PA 70 6.44 0.36 -9.86
C GLU PA 70 6.68 0.50 -11.37
N GLY PA 71 7.91 0.79 -11.76
CA GLY PA 71 8.29 0.74 -13.16
C GLY PA 71 8.78 -0.63 -13.60
N GLU PA 72 10.08 -0.72 -13.89
CA GLU PA 72 10.64 -1.89 -14.55
C GLU PA 72 10.45 -3.18 -13.74
N ARG PA 73 10.64 -3.13 -12.42
CA ARG PA 73 10.66 -4.36 -11.63
C ARG PA 73 9.27 -4.93 -11.41
N SER PA 74 8.35 -4.11 -10.93
CA SER PA 74 6.99 -4.58 -10.86
C SER PA 74 6.47 -4.93 -12.24
N ARG PA 75 6.90 -4.21 -13.27
CA ARG PA 75 6.44 -4.58 -14.61
C ARG PA 75 7.10 -5.86 -15.10
N ARG PA 76 8.27 -6.22 -14.60
CA ARG PA 76 8.81 -7.52 -14.92
C ARG PA 76 7.99 -8.61 -14.26
N GLU PA 77 7.80 -8.50 -12.95
CA GLU PA 77 6.94 -9.42 -12.25
C GLU PA 77 5.53 -9.45 -12.82
N LEU PA 78 5.09 -8.37 -13.46
CA LEU PA 78 3.70 -8.23 -13.88
C LEU PA 78 3.52 -8.61 -15.34
N MET PA 79 4.55 -8.42 -16.15
CA MET PA 79 4.47 -8.77 -17.55
C MET PA 79 4.71 -10.26 -17.71
N SER PA 80 5.67 -10.80 -16.96
CA SER PA 80 5.92 -12.21 -17.04
C SER PA 80 4.83 -13.00 -16.33
N ARG PA 81 3.67 -12.38 -16.10
CA ARG PA 81 2.56 -13.09 -15.49
C ARG PA 81 1.96 -14.11 -16.44
N GLY PA 82 1.56 -13.69 -17.63
CA GLY PA 82 0.88 -14.66 -18.45
C GLY PA 82 -0.51 -14.94 -17.90
N ASP PA 83 -1.16 -15.92 -18.50
CA ASP PA 83 -2.57 -16.15 -18.25
C ASP PA 83 -2.80 -16.66 -16.84
N THR PA 84 -3.00 -15.73 -15.91
CA THR PA 84 -3.16 -16.06 -14.51
C THR PA 84 -4.25 -17.07 -14.29
N GLU PA 85 -5.36 -16.97 -15.03
CA GLU PA 85 -6.45 -17.90 -14.82
C GLU PA 85 -6.00 -19.32 -15.12
N PHE PA 86 -5.30 -19.49 -16.23
CA PHE PA 86 -4.77 -20.80 -16.57
C PHE PA 86 -3.78 -21.26 -15.52
N GLU PA 87 -2.75 -20.45 -15.23
CA GLU PA 87 -1.73 -20.88 -14.29
C GLU PA 87 -2.33 -21.25 -12.95
N ALA PA 88 -3.39 -20.58 -12.55
CA ALA PA 88 -4.15 -21.04 -11.41
C ALA PA 88 -4.71 -22.43 -11.66
N LEU PA 89 -5.24 -22.67 -12.86
CA LEU PA 89 -5.81 -23.99 -13.11
C LEU PA 89 -4.74 -25.05 -13.10
N VAL PA 90 -3.62 -24.78 -13.74
CA VAL PA 90 -2.45 -25.63 -13.67
C VAL PA 90 -2.15 -25.99 -12.22
N GLU PA 91 -2.11 -24.98 -11.36
CA GLU PA 91 -1.76 -25.22 -9.97
C GLU PA 91 -2.84 -25.98 -9.25
N PHE PA 92 -4.08 -25.91 -9.72
CA PHE PA 92 -5.12 -26.66 -9.06
C PHE PA 92 -5.07 -28.12 -9.44
N ILE PA 93 -4.95 -28.40 -10.72
CA ILE PA 93 -4.92 -29.78 -11.20
C ILE PA 93 -3.67 -30.48 -10.71
N GLN PA 94 -2.51 -29.82 -10.77
CA GLN PA 94 -1.27 -30.46 -10.37
C GLN PA 94 -1.39 -31.15 -9.04
N GLY PA 95 -2.35 -30.76 -8.22
CA GLY PA 95 -2.71 -31.57 -7.09
C GLY PA 95 -3.20 -32.96 -7.42
N ALA PA 96 -3.28 -33.32 -8.69
CA ALA PA 96 -3.60 -34.69 -9.04
C ALA PA 96 -2.37 -35.54 -9.26
N SER PA 97 -1.19 -34.92 -9.28
CA SER PA 97 0.05 -35.68 -9.43
C SER PA 97 0.26 -36.58 -8.22
N TYR PA 98 1.35 -37.34 -8.26
CA TYR PA 98 1.57 -38.28 -7.17
C TYR PA 98 1.93 -37.57 -5.88
N ASP PA 99 2.78 -36.55 -5.95
CA ASP PA 99 3.33 -35.95 -4.75
C ASP PA 99 2.47 -34.84 -4.18
N GLN PA 100 1.25 -34.66 -4.67
CA GLN PA 100 0.38 -33.61 -4.15
C GLN PA 100 -1.05 -34.11 -4.10
N LEU PA 101 -1.86 -33.39 -3.34
CA LEU PA 101 -3.29 -33.66 -3.23
C LEU PA 101 -4.09 -32.50 -3.78
N ILE PA 102 -5.23 -32.82 -4.39
CA ILE PA 102 -6.14 -31.79 -4.86
C ILE PA 102 -6.72 -31.04 -3.67
N SER PA 103 -6.48 -29.73 -3.63
CA SER PA 103 -6.79 -28.92 -2.46
C SER PA 103 -7.86 -27.90 -2.74
N GLY PA 104 -8.81 -27.77 -1.82
CA GLY PA 104 -9.80 -26.72 -1.92
C GLY PA 104 -9.21 -25.34 -1.93
N ARG PA 105 -8.02 -25.17 -1.36
CA ARG PA 105 -7.39 -23.87 -1.43
C ARG PA 105 -6.93 -23.57 -2.84
N ARG PA 106 -6.42 -24.58 -3.53
CA ARG PA 106 -6.10 -24.37 -4.94
C ARG PA 106 -7.36 -24.13 -5.75
N PHE PA 107 -8.40 -24.92 -5.51
CA PHE PA 107 -9.64 -24.73 -6.23
C PHE PA 107 -10.18 -23.34 -6.01
N LYS PA 108 -10.03 -22.81 -4.79
CA LYS PA 108 -10.62 -21.52 -4.48
C LYS PA 108 -9.77 -20.39 -5.04
N LYS PA 109 -8.47 -20.58 -5.10
CA LYS PA 109 -7.67 -19.60 -5.84
C LYS PA 109 -8.06 -19.60 -7.31
N VAL PA 110 -8.36 -20.78 -7.86
CA VAL PA 110 -8.89 -20.84 -9.23
C VAL PA 110 -10.24 -20.15 -9.30
N TYR PA 111 -11.09 -20.41 -8.33
CA TYR PA 111 -12.45 -19.89 -8.38
C TYR PA 111 -12.45 -18.38 -8.33
N ASP PA 112 -11.54 -17.80 -7.56
CA ASP PA 112 -11.50 -16.34 -7.50
C ASP PA 112 -10.72 -15.78 -8.67
N LYS PA 113 -9.74 -16.51 -9.19
CA LYS PA 113 -9.06 -16.00 -10.38
C LYS PA 113 -9.98 -16.06 -11.59
N LEU PA 114 -11.04 -16.87 -11.52
CA LEU PA 114 -12.01 -16.88 -12.61
C LEU PA 114 -13.16 -15.92 -12.34
N SER PA 115 -13.54 -15.76 -11.09
CA SER PA 115 -14.61 -14.85 -10.73
C SER PA 115 -14.13 -13.45 -10.45
N GLU PA 116 -12.89 -13.13 -10.81
CA GLU PA 116 -12.39 -11.78 -10.60
C GLU PA 116 -13.35 -10.74 -11.15
N ASN PA 117 -13.72 -10.87 -12.40
CA ASN PA 117 -14.66 -9.90 -12.95
C ASN PA 117 -16.07 -10.32 -12.59
N ASP PA 118 -16.40 -10.25 -11.31
CA ASP PA 118 -17.77 -10.40 -10.85
C ASP PA 118 -18.50 -9.08 -10.89
N ASP PA 119 -17.82 -8.01 -10.49
CA ASP PA 119 -18.42 -6.69 -10.36
C ASP PA 119 -18.94 -6.19 -11.70
N THR PA 120 -18.06 -6.12 -12.68
CA THR PA 120 -18.45 -5.58 -13.97
C THR PA 120 -19.55 -6.43 -14.58
N PHE PA 121 -19.50 -7.74 -14.36
CA PHE PA 121 -20.49 -8.61 -14.98
C PHE PA 121 -21.85 -8.44 -14.35
N VAL PA 122 -21.91 -8.47 -13.01
CA VAL PA 122 -23.19 -8.25 -12.35
C VAL PA 122 -23.74 -6.89 -12.69
N TRP PA 123 -22.86 -5.89 -12.81
CA TRP PA 123 -23.35 -4.58 -13.17
C TRP PA 123 -23.96 -4.61 -14.56
N LEU PA 124 -23.14 -4.86 -15.58
CA LEU PA 124 -23.66 -4.79 -16.94
C LEU PA 124 -24.88 -5.65 -17.13
N CYS PA 125 -25.01 -6.76 -16.42
CA CYS PA 125 -26.24 -7.53 -16.50
C CYS PA 125 -27.41 -6.75 -15.93
N HIS PA 126 -27.21 -6.07 -14.80
CA HIS PA 126 -28.26 -5.21 -14.26
C HIS PA 126 -28.64 -4.13 -15.26
N THR PA 127 -27.64 -3.50 -15.87
CA THR PA 127 -27.90 -2.44 -16.83
C THR PA 127 -28.71 -2.95 -18.02
N ALA PA 128 -28.26 -4.03 -18.65
CA ALA PA 128 -29.02 -4.56 -19.77
C ALA PA 128 -30.43 -4.90 -19.37
N MET PA 129 -30.62 -5.61 -18.25
CA MET PA 129 -31.90 -6.25 -18.00
C MET PA 129 -32.77 -5.64 -16.92
N SER PA 130 -32.33 -4.58 -16.24
CA SER PA 130 -33.19 -3.96 -15.24
C SER PA 130 -33.52 -2.51 -15.56
N VAL PA 131 -33.10 -2.02 -16.71
CA VAL PA 131 -33.25 -0.62 -17.08
C VAL PA 131 -34.29 -0.54 -18.19
N LEU PA 132 -35.55 -0.38 -17.83
CA LEU PA 132 -36.58 -0.15 -18.84
C LEU PA 132 -36.17 1.00 -19.73
N ASN PA 133 -36.15 0.78 -21.03
CA ASN PA 133 -35.95 1.87 -21.96
C ASN PA 133 -34.63 2.60 -21.77
N PRO PA 134 -33.52 1.98 -22.04
CA PRO PA 134 -32.24 2.67 -21.85
C PRO PA 134 -31.77 3.43 -23.06
N GLY PA 135 -32.57 4.34 -23.56
CA GLY PA 135 -32.16 5.08 -24.72
C GLY PA 135 -31.93 4.17 -25.90
N ASP PA 136 -31.09 4.64 -26.81
CA ASP PA 136 -30.48 3.74 -27.77
C ASP PA 136 -29.07 3.44 -27.32
N VAL PA 137 -28.88 2.28 -26.68
CA VAL PA 137 -27.58 1.93 -26.15
C VAL PA 137 -26.56 1.74 -27.27
N ARG PA 138 -27.02 1.28 -28.43
CA ARG PA 138 -26.14 1.14 -29.57
C ARG PA 138 -25.71 2.49 -30.13
N SER PA 139 -26.44 3.55 -29.81
CA SER PA 139 -25.99 4.88 -30.18
C SER PA 139 -24.79 5.26 -29.34
N ARG PA 140 -23.76 5.78 -29.99
CA ARG PA 140 -22.48 5.96 -29.32
C ARG PA 140 -22.59 6.84 -28.09
N LEU PA 141 -23.62 7.67 -27.99
CA LEU PA 141 -23.78 8.45 -26.77
C LEU PA 141 -23.93 7.53 -25.57
N VAL PA 142 -25.03 6.80 -25.52
CA VAL PA 142 -25.25 5.96 -24.36
C VAL PA 142 -24.22 4.87 -24.31
N TYR PA 143 -23.66 4.50 -25.45
CA TYR PA 143 -22.60 3.51 -25.42
C TYR PA 143 -21.41 4.05 -24.67
N ASN PA 144 -21.11 5.34 -24.81
CA ASN PA 144 -19.98 5.92 -24.10
C ASN PA 144 -20.27 6.07 -22.62
N HIS PA 145 -21.49 6.48 -22.28
CA HIS PA 145 -21.90 6.40 -20.88
C HIS PA 145 -21.63 5.02 -20.33
N LEU PA 146 -22.01 3.99 -21.09
CA LEU PA 146 -21.86 2.61 -20.65
C LEU PA 146 -20.40 2.24 -20.52
N ARG PA 147 -19.61 2.57 -21.54
CA ARG PA 147 -18.21 2.21 -21.53
C ARG PA 147 -17.50 2.85 -20.35
N THR PA 148 -17.68 4.16 -20.17
CA THR PA 148 -16.98 4.87 -19.10
C THR PA 148 -17.46 4.42 -17.72
N LEU PA 149 -18.74 4.14 -17.58
CA LEU PA 149 -19.20 3.66 -16.30
C LEU PA 149 -18.67 2.29 -15.99
N ALA PA 150 -18.81 1.33 -16.91
CA ALA PA 150 -18.35 -0.02 -16.60
C ALA PA 150 -16.84 -0.07 -16.47
N GLU PA 151 -16.16 0.74 -17.26
CA GLU PA 151 -14.72 0.88 -17.13
C GLU PA 151 -14.34 1.35 -15.75
N ALA PA 152 -15.11 2.25 -15.15
CA ALA PA 152 -14.82 2.67 -13.79
C ALA PA 152 -15.58 1.87 -12.75
N VAL PA 153 -16.28 0.83 -13.16
CA VAL PA 153 -16.84 -0.10 -12.20
C VAL PA 153 -15.83 -1.21 -11.93
N ALA PA 154 -15.30 -1.80 -12.99
CA ALA PA 154 -13.98 -2.37 -12.86
C ALA PA 154 -13.03 -1.22 -12.57
N ASN PA 155 -11.82 -1.54 -12.14
CA ASN PA 155 -10.87 -0.51 -11.71
C ASN PA 155 -11.38 0.26 -10.49
N GLY PA 156 -12.44 -0.24 -9.85
CA GLY PA 156 -12.82 0.14 -8.51
C GLY PA 156 -13.11 1.59 -8.24
N GLU PA 157 -12.92 2.47 -9.21
CA GLU PA 157 -13.12 3.90 -8.97
C GLU PA 157 -14.56 4.25 -8.67
N MET PA 158 -15.52 3.42 -9.08
CA MET PA 158 -16.92 3.67 -8.82
C MET PA 158 -17.51 2.47 -8.14
N THR PA 159 -18.59 2.68 -7.41
CA THR PA 159 -19.32 1.56 -6.86
C THR PA 159 -20.31 1.06 -7.88
N LEU PA 160 -20.80 -0.16 -7.66
CA LEU PA 160 -21.88 -0.66 -8.49
C LEU PA 160 -23.12 0.22 -8.38
N ARG PA 161 -23.51 0.60 -7.17
CA ARG PA 161 -24.75 1.34 -7.01
C ARG PA 161 -24.63 2.72 -7.61
N THR PA 162 -23.58 3.45 -7.28
CA THR PA 162 -23.45 4.78 -7.79
C THR PA 162 -23.25 4.76 -9.29
N ALA PA 163 -22.57 3.75 -9.81
CA ALA PA 163 -22.37 3.73 -11.25
C ALA PA 163 -23.66 3.45 -11.98
N PHE PA 164 -24.51 2.61 -11.40
CA PHE PA 164 -25.79 2.35 -12.03
C PHE PA 164 -26.67 3.58 -12.01
N ARG PA 165 -26.58 4.36 -10.95
CA ARG PA 165 -27.32 5.61 -10.92
C ARG PA 165 -26.77 6.59 -11.95
N PHE PA 166 -25.45 6.61 -12.12
CA PHE PA 166 -24.87 7.44 -13.17
C PHE PA 166 -25.34 7.00 -14.55
N TYR PA 167 -25.52 5.70 -14.75
CA TYR PA 167 -26.02 5.19 -16.01
C TYR PA 167 -27.45 5.61 -16.24
N GLU PA 168 -28.33 5.25 -15.32
CA GLU PA 168 -29.72 5.60 -15.50
C GLU PA 168 -29.97 7.09 -15.40
N SER PA 169 -28.97 7.89 -15.04
CA SER PA 169 -29.14 9.33 -14.95
C SER PA 169 -28.40 10.10 -16.03
N ALA PA 170 -27.51 9.48 -16.77
CA ALA PA 170 -26.77 10.22 -17.78
C ALA PA 170 -27.71 10.87 -18.75
N VAL PA 171 -27.20 11.84 -19.51
CA VAL PA 171 -28.06 12.61 -20.38
C VAL PA 171 -28.21 11.88 -21.70
N ARG PA 172 -29.46 11.69 -22.14
CA ARG PA 172 -29.68 10.93 -23.36
C ARG PA 172 -30.29 11.75 -24.49
N SER PA 173 -31.50 12.24 -24.31
CA SER PA 173 -32.17 12.90 -25.41
C SER PA 173 -33.27 13.78 -24.84
N PRO PA 174 -33.44 14.98 -25.38
CA PRO PA 174 -34.45 15.87 -24.84
C PRO PA 174 -35.82 15.37 -25.18
N ALA PA 175 -36.79 15.72 -24.35
CA ALA PA 175 -38.14 15.21 -24.49
C ALA PA 175 -38.14 13.70 -24.47
N TYR PA 176 -37.56 13.15 -23.41
CA TYR PA 176 -37.27 11.72 -23.41
C TYR PA 176 -38.54 10.90 -23.30
N ARG PA 177 -39.39 11.22 -22.33
CA ARG PA 177 -40.65 10.50 -22.23
C ARG PA 177 -41.46 10.66 -23.49
N GLU PA 178 -41.42 11.82 -24.10
CA GLU PA 178 -42.23 12.03 -25.28
C GLU PA 178 -41.72 11.22 -26.45
N ILE PA 179 -40.41 11.08 -26.60
CA ILE PA 179 -39.90 10.20 -27.65
C ILE PA 179 -40.23 8.75 -27.32
N ALA PA 180 -40.22 8.41 -26.03
CA ALA PA 180 -40.49 7.03 -25.64
C ALA PA 180 -41.93 6.64 -25.92
N LYS PA 181 -42.89 7.35 -25.33
CA LYS PA 181 -44.30 7.01 -25.50
C LYS PA 181 -44.71 6.92 -26.95
N ARG PA 182 -43.82 7.24 -27.88
CA ARG PA 182 -44.04 7.01 -29.30
C ARG PA 182 -43.51 5.67 -29.74
N GLN PA 183 -42.47 5.18 -29.12
CA GLN PA 183 -41.87 3.93 -29.52
C GLN PA 183 -42.29 2.75 -28.67
N MET PA 184 -42.75 2.99 -27.45
CA MET PA 184 -42.97 1.90 -26.52
C MET PA 184 -44.35 1.98 -25.88
N GLU PA 185 -45.08 0.88 -25.89
CA GLU PA 185 -46.40 0.81 -25.27
C GLU PA 185 -46.31 0.91 -23.76
N GLY PA 186 -45.68 -0.08 -23.13
CA GLY PA 186 -45.46 -0.13 -21.71
C GLY PA 186 -44.12 0.41 -21.28
N GLY PA 187 -43.36 0.98 -22.21
CA GLY PA 187 -42.13 1.65 -21.89
C GLY PA 187 -40.88 0.81 -21.94
N ALA PA 188 -41.00 -0.51 -21.81
CA ALA PA 188 -39.84 -1.38 -21.60
C ALA PA 188 -39.41 -1.95 -22.94
N ALA PA 189 -38.28 -1.49 -23.44
CA ALA PA 189 -37.90 -1.78 -24.80
C ALA PA 189 -37.29 -3.17 -24.93
N THR PA 190 -36.83 -3.48 -26.15
CA THR PA 190 -36.15 -4.73 -26.44
C THR PA 190 -34.74 -4.73 -25.87
N ARG PA 191 -34.35 -5.86 -25.28
CA ARG PA 191 -33.09 -5.94 -24.57
C ARG PA 191 -31.93 -6.39 -25.43
N LEU PA 192 -32.15 -6.66 -26.70
CA LEU PA 192 -31.06 -7.17 -27.53
C LEU PA 192 -30.04 -6.09 -27.82
N ALA PA 193 -30.50 -4.87 -28.10
CA ALA PA 193 -29.56 -3.78 -28.24
C ALA PA 193 -28.75 -3.60 -26.98
N GLY PA 194 -29.40 -3.76 -25.82
CA GLY PA 194 -28.69 -3.62 -24.56
C GLY PA 194 -27.61 -4.66 -24.36
N ILE PA 195 -27.94 -5.94 -24.57
CA ILE PA 195 -26.95 -6.96 -24.27
C ILE PA 195 -25.86 -6.98 -25.33
N SER PA 196 -26.21 -6.68 -26.58
CA SER PA 196 -25.17 -6.54 -27.58
C SER PA 196 -24.24 -5.41 -27.22
N ALA PA 197 -24.79 -4.32 -26.69
CA ALA PA 197 -23.96 -3.21 -26.25
C ALA PA 197 -23.06 -3.60 -25.12
N ALA PA 198 -23.56 -4.38 -24.16
CA ALA PA 198 -22.74 -4.73 -23.01
C ALA PA 198 -21.64 -5.72 -23.39
N ALA PA 199 -21.95 -6.70 -24.23
CA ALA PA 199 -20.90 -7.59 -24.73
C ALA PA 199 -19.88 -6.83 -25.55
N ASP PA 200 -20.33 -5.90 -26.38
CA ASP PA 200 -19.40 -5.00 -27.05
C ASP PA 200 -18.57 -4.25 -26.03
N VAL PA 201 -19.18 -3.88 -24.91
CA VAL PA 201 -18.46 -3.10 -23.90
C VAL PA 201 -17.30 -3.92 -23.35
N MET PA 202 -17.59 -5.12 -22.88
CA MET PA 202 -16.57 -5.93 -22.24
C MET PA 202 -15.63 -6.57 -23.23
N ARG PA 203 -15.91 -6.47 -24.53
CA ARG PA 203 -14.95 -6.99 -25.51
C ARG PA 203 -14.15 -5.86 -26.14
N ARG PA 204 -14.62 -4.62 -26.01
CA ARG PA 204 -13.78 -3.49 -26.37
C ARG PA 204 -12.83 -3.15 -25.23
N MET PA 205 -13.37 -2.99 -24.02
CA MET PA 205 -12.53 -2.96 -22.84
C MET PA 205 -12.10 -4.38 -22.52
N GLY PA 206 -10.79 -4.59 -22.43
CA GLY PA 206 -10.31 -5.92 -22.22
C GLY PA 206 -10.60 -6.36 -20.81
N LEU PA 207 -11.86 -6.45 -20.48
CA LEU PA 207 -12.19 -6.92 -19.14
C LEU PA 207 -11.77 -8.36 -18.96
N THR PA 208 -11.72 -9.12 -20.05
CA THR PA 208 -11.36 -10.53 -19.99
C THR PA 208 -10.13 -10.77 -20.84
N ARG PA 209 -9.33 -11.76 -20.44
CA ARG PA 209 -8.21 -12.16 -21.28
C ARG PA 209 -8.69 -13.05 -22.41
N ARG PA 210 -9.63 -13.94 -22.13
CA ARG PA 210 -10.18 -14.81 -23.13
C ARG PA 210 -11.55 -14.30 -23.56
N PRO PA 211 -11.65 -13.77 -24.79
CA PRO PA 211 -12.80 -12.91 -25.11
C PRO PA 211 -14.16 -13.55 -24.93
N MET PA 212 -14.39 -14.75 -25.46
CA MET PA 212 -15.73 -15.34 -25.41
C MET PA 212 -16.28 -15.45 -23.99
N ALA PA 213 -15.41 -15.34 -23.00
CA ALA PA 213 -15.86 -15.44 -21.60
C ALA PA 213 -16.78 -14.30 -21.23
N SER PA 214 -16.39 -13.08 -21.60
CA SER PA 214 -17.24 -11.92 -21.38
C SER PA 214 -18.66 -12.22 -21.85
N TYR PA 215 -18.81 -12.50 -23.12
CA TYR PA 215 -20.14 -12.77 -23.65
C TYR PA 215 -20.79 -13.93 -22.91
N PHE PA 216 -20.03 -14.98 -22.60
CA PHE PA 216 -20.69 -16.16 -22.07
C PHE PA 216 -21.31 -15.87 -20.72
N GLU PA 217 -20.57 -15.24 -19.84
CA GLU PA 217 -21.13 -14.90 -18.54
C GLU PA 217 -22.26 -13.92 -18.70
N LEU PA 218 -22.04 -12.88 -19.50
CA LEU PA 218 -23.09 -11.90 -19.78
C LEU PA 218 -24.37 -12.59 -20.24
N TYR PA 219 -24.23 -13.68 -20.97
CA TYR PA 219 -25.38 -14.34 -21.56
C TYR PA 219 -26.01 -15.31 -20.56
N GLN PA 220 -25.19 -16.10 -19.89
CA GLN PA 220 -25.70 -17.19 -19.09
C GLN PA 220 -26.32 -16.68 -17.80
N ARG PA 221 -25.71 -15.66 -17.20
CA ARG PA 221 -26.32 -15.10 -15.99
C ARG PA 221 -27.72 -14.62 -16.27
N ILE PA 222 -27.89 -13.98 -17.42
CA ILE PA 222 -29.19 -13.50 -17.88
C ILE PA 222 -30.14 -14.67 -18.09
N VAL PA 223 -29.67 -15.70 -18.78
CA VAL PA 223 -30.51 -16.87 -19.04
C VAL PA 223 -30.98 -17.48 -17.73
N GLU PA 224 -30.09 -17.58 -16.75
CA GLU PA 224 -30.43 -18.21 -15.49
C GLU PA 224 -31.42 -17.38 -14.71
N ARG PA 225 -31.25 -16.06 -14.72
CA ARG PA 225 -32.21 -15.23 -14.03
C ARG PA 225 -33.57 -15.27 -14.70
N SER PA 226 -33.60 -15.53 -16.02
CA SER PA 226 -34.86 -15.50 -16.76
C SER PA 226 -35.87 -16.47 -16.18
N GLU PA 227 -35.44 -17.34 -15.28
CA GLU PA 227 -36.31 -18.36 -14.70
C GLU PA 227 -36.97 -17.92 -13.41
N ALA PA 228 -36.48 -16.86 -12.77
CA ALA PA 228 -36.97 -16.51 -11.45
C ALA PA 228 -38.31 -15.81 -11.55
N MET PA 229 -39.08 -15.88 -10.46
CA MET PA 229 -40.24 -15.00 -10.37
C MET PA 229 -39.74 -13.59 -10.16
N THR PA 230 -40.52 -12.61 -10.63
CA THR PA 230 -40.07 -11.23 -10.76
C THR PA 230 -38.63 -11.19 -11.24
N PRO PA 231 -38.32 -11.85 -12.33
CA PRO PA 231 -36.92 -12.07 -12.68
C PRO PA 231 -36.19 -10.82 -13.08
N TRP PA 232 -36.86 -9.69 -13.07
CA TRP PA 232 -36.23 -8.46 -13.49
C TRP PA 232 -36.46 -7.30 -12.54
N GLY PA 233 -36.92 -7.56 -11.33
CA GLY PA 233 -36.96 -6.56 -10.30
C GLY PA 233 -35.92 -6.89 -9.25
N PHE PA 234 -35.28 -5.85 -8.72
CA PHE PA 234 -34.29 -6.01 -7.68
C PHE PA 234 -34.52 -5.00 -6.58
N PRO PA 235 -34.58 -5.44 -5.33
CA PRO PA 235 -34.78 -4.52 -4.23
C PRO PA 235 -33.58 -3.61 -4.08
N PRO PA 236 -33.75 -2.31 -4.32
CA PRO PA 236 -32.57 -1.46 -4.54
C PRO PA 236 -31.49 -1.63 -3.51
N LEU PA 237 -31.85 -2.00 -2.28
CA LEU PA 237 -30.84 -2.19 -1.25
C LEU PA 237 -29.93 -3.34 -1.60
N PHE PA 238 -30.47 -4.54 -1.65
CA PHE PA 238 -29.67 -5.73 -1.90
C PHE PA 238 -29.19 -5.78 -3.32
N GLN PA 239 -29.75 -4.96 -4.20
CA GLN PA 239 -29.50 -5.13 -5.63
C GLN PA 239 -28.02 -5.04 -5.94
N PHE PA 240 -27.36 -3.99 -5.47
CA PHE PA 240 -25.93 -3.86 -5.61
C PHE PA 240 -25.33 -3.88 -4.23
N GLU PA 241 -24.07 -3.48 -4.15
CA GLU PA 241 -23.39 -3.36 -2.87
C GLU PA 241 -24.14 -2.41 -1.93
N GLU PA 242 -24.13 -2.74 -0.65
CA GLU PA 242 -24.42 -1.77 0.40
C GLU PA 242 -23.85 -2.36 1.68
N ARG PA 243 -24.30 -1.83 2.82
CA ARG PA 243 -23.87 -2.41 4.08
C ARG PA 243 -24.25 -3.88 4.16
N LEU PA 244 -25.55 -4.17 4.21
CA LEU PA 244 -26.05 -5.52 4.38
C LEU PA 244 -26.45 -6.10 3.03
N SER PA 245 -25.97 -7.31 2.74
CA SER PA 245 -26.12 -7.92 1.43
C SER PA 245 -26.73 -9.31 1.56
N LEU PA 246 -26.75 -10.04 0.45
CA LEU PA 246 -27.25 -11.41 0.44
C LEU PA 246 -26.10 -12.39 0.27
N GLU PA 247 -26.29 -13.60 0.79
CA GLU PA 247 -25.27 -14.62 0.66
C GLU PA 247 -25.04 -14.94 -0.81
N PRO PA 248 -23.82 -15.27 -1.20
CA PRO PA 248 -23.50 -15.29 -2.64
C PRO PA 248 -24.28 -16.32 -3.43
N ARG PA 249 -24.80 -17.36 -2.77
CA ARG PA 249 -25.75 -18.23 -3.43
C ARG PA 249 -27.01 -17.47 -3.83
N LEU PA 250 -27.35 -16.42 -3.09
CA LEU PA 250 -28.55 -15.65 -3.33
C LEU PA 250 -28.30 -14.35 -4.06
N LYS PA 251 -27.08 -14.05 -4.45
CA LYS PA 251 -26.86 -12.86 -5.25
C LYS PA 251 -27.53 -13.03 -6.61
N PHE PA 252 -27.67 -11.92 -7.33
CA PHE PA 252 -28.64 -11.91 -8.42
C PHE PA 252 -28.05 -12.44 -9.71
N PHE PA 253 -26.99 -11.83 -10.21
CA PHE PA 253 -26.34 -12.33 -11.42
C PHE PA 253 -25.03 -13.00 -11.08
N SER PA 254 -25.00 -13.72 -9.97
CA SER PA 254 -23.76 -14.27 -9.48
C SER PA 254 -23.59 -15.72 -9.90
N ARG PA 255 -22.37 -16.20 -9.72
CA ARG PA 255 -21.96 -17.52 -10.15
C ARG PA 255 -22.41 -18.62 -9.21
N ALA PA 256 -22.67 -18.33 -7.94
CA ALA PA 256 -23.09 -19.37 -7.01
C ALA PA 256 -24.58 -19.62 -7.05
N SER PA 257 -25.35 -18.69 -7.63
CA SER PA 257 -26.80 -18.82 -7.63
C SER PA 257 -27.24 -20.13 -8.26
N GLN PA 258 -26.41 -20.68 -9.16
CA GLN PA 258 -26.70 -22.01 -9.70
C GLN PA 258 -26.11 -23.09 -8.81
N GLN PA 259 -25.03 -22.78 -8.10
CA GLN PA 259 -24.47 -23.67 -7.08
C GLN PA 259 -25.37 -23.78 -5.85
N ALA PA 260 -26.56 -23.21 -5.93
CA ALA PA 260 -27.55 -23.32 -4.85
C ALA PA 260 -27.88 -24.77 -4.51
N LEU PA 261 -27.50 -25.18 -3.29
CA LEU PA 261 -27.85 -26.48 -2.73
C LEU PA 261 -27.78 -26.39 -1.21
N GLU PA 262 -27.64 -27.55 -0.56
CA GLU PA 262 -27.38 -27.61 0.87
C GLU PA 262 -26.77 -28.95 1.25
N ARG PA 263 -26.44 -29.10 2.54
CA ARG PA 263 -25.78 -30.28 3.08
C ARG PA 263 -26.77 -31.24 3.71
N ARG PA 264 -26.28 -32.45 4.04
CA ARG PA 264 -27.09 -33.50 4.63
C ARG PA 264 -26.26 -34.32 5.61
N ARG PA 265 -26.73 -34.39 6.86
CA ARG PA 265 -25.93 -34.90 7.96
C ARG PA 265 -26.65 -36.02 8.69
N ARG PA 266 -25.99 -37.17 8.72
CA ARG PA 266 -26.26 -38.23 9.69
C ARG PA 266 -25.05 -38.32 10.60
N GLY PA 267 -25.18 -37.80 11.82
CA GLY PA 267 -24.11 -37.87 12.78
C GLY PA 267 -24.10 -39.21 13.50
N HIS PA 268 -22.90 -39.62 13.89
CA HIS PA 268 -22.73 -40.82 14.69
C HIS PA 268 -23.46 -40.61 16.01
N ILE PA 269 -23.60 -41.71 16.75
CA ILE PA 269 -23.83 -41.57 18.18
C ILE PA 269 -22.73 -40.74 18.80
N MET PA 270 -21.50 -40.98 18.34
CA MET PA 270 -20.31 -40.23 18.72
C MET PA 270 -19.79 -39.58 17.45
N SER PA 271 -20.31 -38.41 17.10
CA SER PA 271 -19.87 -37.76 15.88
C SER PA 271 -19.09 -36.48 16.13
N ALA PA 272 -19.42 -35.74 17.18
CA ALA PA 272 -18.70 -34.53 17.48
C ALA PA 272 -17.35 -34.81 18.14
N TYR PA 273 -17.23 -35.92 18.86
CA TYR PA 273 -15.98 -36.35 19.45
C TYR PA 273 -14.92 -36.65 18.41
N THR PA 274 -15.31 -37.34 17.34
CA THR PA 274 -14.39 -37.91 16.36
C THR PA 274 -13.97 -36.90 15.32
N THR PA 275 -13.99 -35.62 15.68
CA THR PA 275 -13.93 -34.54 14.70
C THR PA 275 -12.64 -34.59 13.90
N LEU PA 276 -11.71 -35.46 14.27
CA LEU PA 276 -10.46 -35.60 13.55
C LEU PA 276 -10.26 -37.01 12.98
N GLN PA 277 -11.00 -38.00 13.47
CA GLN PA 277 -10.69 -39.39 13.18
C GLN PA 277 -10.77 -39.71 11.71
N GLY PA 278 -11.65 -39.06 10.96
CA GLY PA 278 -11.86 -39.40 9.58
C GLY PA 278 -10.64 -39.09 8.73
N ARG PA 279 -10.81 -39.29 7.44
CA ARG PA 279 -9.75 -39.00 6.48
C ARG PA 279 -9.76 -37.50 6.22
N ARG PA 280 -9.45 -36.72 7.27
CA ARG PA 280 -9.57 -35.27 7.26
C ARG PA 280 -8.23 -34.67 6.89
N ILE PA 281 -8.26 -33.61 6.08
CA ILE PA 281 -7.02 -32.90 5.81
C ILE PA 281 -6.72 -32.00 7.00
N PHE PA 282 -5.51 -32.11 7.52
CA PHE PA 282 -5.10 -31.26 8.62
C PHE PA 282 -4.12 -30.22 8.13
N TRP PA 283 -4.52 -28.98 8.27
CA TRP PA 283 -3.63 -27.84 8.15
C TRP PA 283 -2.82 -27.65 9.42
N ILE PA 284 -3.47 -27.77 10.56
CA ILE PA 284 -2.84 -27.67 11.87
C ILE PA 284 -2.83 -29.07 12.47
N PRO PA 285 -1.70 -29.77 12.48
CA PRO PA 285 -1.71 -31.16 12.88
C PRO PA 285 -1.83 -31.29 14.39
N PRO PA 286 -2.50 -32.31 14.88
CA PRO PA 286 -2.59 -32.49 16.32
C PRO PA 286 -1.27 -32.94 16.89
N THR PA 287 -1.03 -32.58 18.14
CA THR PA 287 0.08 -33.10 18.90
C THR PA 287 -0.45 -33.62 20.22
N TRP PA 288 0.33 -34.49 20.86
CA TRP PA 288 -0.18 -35.24 22.00
C TRP PA 288 -0.68 -34.38 23.14
N ASN PA 289 -0.48 -33.07 23.10
CA ASN PA 289 -0.91 -32.27 24.23
C ASN PA 289 -2.39 -31.96 24.17
N ARG PA 290 -2.94 -31.85 22.96
CA ARG PA 290 -4.37 -31.75 22.79
C ARG PA 290 -4.99 -33.07 22.34
N ALA PA 291 -4.18 -33.98 21.81
CA ALA PA 291 -4.66 -35.17 21.14
C ALA PA 291 -4.86 -36.28 22.16
N GLY PA 292 -6.11 -36.63 22.42
CA GLY PA 292 -6.41 -37.57 23.49
C GLY PA 292 -5.93 -38.97 23.20
N ARG PA 293 -6.44 -39.58 22.15
CA ARG PA 293 -5.96 -40.87 21.70
C ARG PA 293 -5.84 -40.92 20.19
N PHE PA 294 -6.04 -39.79 19.52
CA PHE PA 294 -6.06 -39.75 18.07
C PHE PA 294 -4.74 -40.22 17.54
N LEU PA 295 -4.79 -40.92 16.42
CA LEU PA 295 -3.65 -41.60 15.84
C LEU PA 295 -3.09 -40.90 14.62
N GLY PA 296 -3.92 -40.24 13.85
CA GLY PA 296 -3.49 -39.68 12.61
C GLY PA 296 -4.49 -39.96 11.52
N PRO PA 297 -4.46 -39.15 10.45
CA PRO PA 297 -5.42 -39.31 9.38
C PRO PA 297 -5.08 -40.42 8.41
N HIS PA 298 -3.98 -41.11 8.61
CA HIS PA 298 -3.56 -42.17 7.71
C HIS PA 298 -3.79 -43.56 8.25
N VAL PA 299 -3.89 -43.71 9.57
CA VAL PA 299 -4.00 -45.04 10.14
C VAL PA 299 -5.38 -45.61 9.84
N THR PA 300 -5.43 -46.94 9.74
CA THR PA 300 -6.65 -47.66 9.42
C THR PA 300 -6.67 -48.91 10.28
N LEU PA 301 -7.50 -48.90 11.33
CA LEU PA 301 -7.49 -50.04 12.25
C LEU PA 301 -8.13 -51.26 11.61
N TYR PA 302 -9.07 -51.06 10.69
CA TYR PA 302 -9.90 -52.11 10.13
C TYR PA 302 -9.57 -52.20 8.65
N PRO PA 303 -8.49 -52.88 8.30
CA PRO PA 303 -8.04 -52.88 6.91
C PRO PA 303 -8.68 -54.01 6.14
N GLY PA 304 -8.85 -53.78 4.85
CA GLY PA 304 -9.26 -54.83 3.96
C GLY PA 304 -8.14 -55.30 3.06
N MET PA 305 -8.04 -56.62 2.93
CA MET PA 305 -7.08 -57.25 2.06
C MET PA 305 -7.35 -56.82 0.62
N THR PA 306 -6.29 -56.48 -0.11
CA THR PA 306 -6.41 -56.19 -1.53
C THR PA 306 -5.02 -56.14 -2.15
N PRO PA 307 -4.83 -56.71 -3.34
CA PRO PA 307 -3.60 -56.52 -4.13
C PRO PA 307 -3.19 -55.06 -4.26
N ARG QA 10 -10.65 89.46 54.09
CA ARG QA 10 -11.69 89.80 55.04
C ARG QA 10 -11.70 91.29 55.27
N GLN QA 11 -12.55 91.78 56.16
CA GLN QA 11 -12.35 93.13 56.66
C GLN QA 11 -11.32 93.07 57.77
N LEU QA 12 -10.13 93.58 57.48
CA LEU QA 12 -8.95 93.41 58.33
C LEU QA 12 -9.21 93.98 59.71
N ARG QA 13 -8.47 93.46 60.69
CA ARG QA 13 -8.57 93.81 62.09
C ARG QA 13 -7.28 94.48 62.50
N PRO QA 14 -7.08 95.76 62.19
CA PRO QA 14 -5.79 96.37 62.49
C PRO QA 14 -5.60 96.42 64.00
N TYR QA 15 -4.37 96.14 64.43
CA TYR QA 15 -4.07 96.26 65.85
C TYR QA 15 -4.21 97.68 66.33
N TYR QA 16 -4.19 98.65 65.43
CA TYR QA 16 -4.56 100.01 65.77
C TYR QA 16 -5.98 100.32 65.35
N ASN QA 17 -6.88 99.40 65.61
CA ASN QA 17 -8.30 99.73 65.58
C ASN QA 17 -8.68 100.21 66.96
N LEU QA 18 -9.96 100.44 67.18
CA LEU QA 18 -10.46 100.91 68.47
C LEU QA 18 -10.78 99.72 69.35
N PRO QA 19 -9.89 99.32 70.24
CA PRO QA 19 -10.14 98.09 71.01
C PRO QA 19 -11.28 98.31 71.97
N SER QA 20 -12.40 97.68 71.69
CA SER QA 20 -13.52 97.76 72.62
C SER QA 20 -13.07 97.12 73.92
N LYS QA 21 -12.71 97.96 74.89
CA LYS QA 21 -12.20 97.46 76.17
C LYS QA 21 -13.39 96.82 76.88
N SER QA 22 -13.72 95.62 76.43
CA SER QA 22 -14.88 94.91 76.96
C SER QA 22 -14.62 93.42 76.85
N ASP QA 23 -15.21 92.68 77.79
CA ASP QA 23 -14.98 91.25 77.90
C ASP QA 23 -16.05 90.42 77.20
N HIS QA 24 -17.14 91.04 76.76
CA HIS QA 24 -18.27 90.27 76.26
C HIS QA 24 -18.27 90.15 74.73
N GLY QA 25 -18.09 91.26 74.01
CA GLY QA 25 -18.16 91.15 72.57
C GLY QA 25 -16.89 90.90 71.78
N ARG QA 26 -15.97 91.87 71.75
CA ARG QA 26 -14.92 91.86 70.76
C ARG QA 26 -13.79 92.75 71.23
N LYS QA 27 -12.61 92.17 71.41
CA LYS QA 27 -11.50 92.95 71.92
C LYS QA 27 -10.96 93.94 70.90
N MET QA 28 -11.41 93.88 69.65
CA MET QA 28 -11.00 94.83 68.64
C MET QA 28 -12.17 95.08 67.71
N THR QA 29 -12.54 96.35 67.55
CA THR QA 29 -13.66 96.76 66.72
C THR QA 29 -13.17 97.33 65.40
N GLY QA 30 -14.11 97.64 64.53
CA GLY QA 30 -13.77 98.29 63.29
C GLY QA 30 -13.93 99.78 63.38
N PHE QA 31 -12.84 100.49 63.61
CA PHE QA 31 -12.88 101.94 63.75
C PHE QA 31 -11.48 102.46 63.44
N LEU QA 32 -11.31 102.96 62.23
CA LEU QA 32 -9.98 103.27 61.76
C LEU QA 32 -9.39 104.46 62.49
N THR QA 33 -8.08 104.50 62.55
CA THR QA 33 -7.41 105.76 62.69
C THR QA 33 -7.36 106.42 61.33
N PRO QA 34 -7.66 107.71 61.27
CA PRO QA 34 -7.72 108.41 59.98
C PRO QA 34 -6.51 108.19 59.08
N TYR QA 35 -5.48 107.50 59.54
CA TYR QA 35 -4.52 106.99 58.57
C TYR QA 35 -5.12 105.86 57.78
N ARG QA 36 -5.82 104.93 58.46
CA ARG QA 36 -6.45 103.82 57.75
C ARG QA 36 -7.44 104.32 56.72
N HIS QA 37 -8.40 105.14 57.14
CA HIS QA 37 -9.34 105.73 56.20
C HIS QA 37 -8.61 106.52 55.12
N TRP QA 38 -7.32 106.81 55.32
CA TRP QA 38 -6.55 107.35 54.22
C TRP QA 38 -5.71 106.28 53.54
N MET QA 39 -5.11 105.36 54.30
CA MET QA 39 -4.46 104.25 53.64
C MET QA 39 -5.47 103.45 52.86
N TRP QA 40 -6.58 103.07 53.50
CA TRP QA 40 -7.64 102.36 52.79
C TRP QA 40 -8.01 103.08 51.50
N LYS QA 41 -7.65 104.36 51.35
CA LYS QA 41 -7.89 105.05 50.09
C LYS QA 41 -6.99 104.51 49.00
N GLN QA 42 -5.67 104.54 49.19
CA GLN QA 42 -4.80 104.01 48.15
C GLN QA 42 -5.08 102.53 47.90
N ASN QA 43 -5.80 101.88 48.82
CA ASN QA 43 -6.28 100.53 48.62
C ASN QA 43 -7.44 100.45 47.64
N GLU QA 44 -8.53 101.14 47.93
CA GLU QA 44 -9.75 101.02 47.17
C GLU QA 44 -9.85 102.04 46.04
N LEU QA 45 -8.74 102.49 45.50
CA LEU QA 45 -8.78 103.22 44.25
C LEU QA 45 -7.92 102.55 43.20
N TRP QA 46 -6.90 101.83 43.63
CA TRP QA 46 -6.13 100.98 42.74
C TRP QA 46 -6.89 99.71 42.42
N ARG QA 47 -7.99 99.45 43.11
CA ARG QA 47 -8.87 98.41 42.59
C ARG QA 47 -9.90 98.98 41.64
N ASN QA 48 -10.36 100.20 41.86
CA ASN QA 48 -11.28 100.80 40.91
C ASN QA 48 -10.55 101.34 39.69
N VAL QA 49 -9.23 101.52 39.76
CA VAL QA 49 -8.46 101.64 38.51
C VAL QA 49 -8.44 100.30 37.82
N HIS QA 50 -8.49 99.22 38.61
CA HIS QA 50 -8.45 97.88 38.04
C HIS QA 50 -9.80 97.47 37.48
N GLU QA 51 -10.83 97.40 38.32
CA GLU QA 51 -12.14 96.99 37.83
C GLU QA 51 -12.88 98.09 37.10
N ALA QA 52 -12.17 99.11 36.60
CA ALA QA 52 -12.74 99.90 35.53
C ALA QA 52 -12.62 99.17 34.22
N GLN QA 53 -11.46 98.57 33.93
CA GLN QA 53 -11.42 97.75 32.73
C GLN QA 53 -12.22 96.47 32.91
N PHE QA 54 -12.28 95.93 34.11
CA PHE QA 54 -12.98 94.69 34.33
C PHE QA 54 -14.49 94.84 34.21
N GLU QA 55 -15.00 96.05 34.37
CA GLU QA 55 -16.42 96.25 34.09
C GLU QA 55 -16.62 96.98 32.79
N HIS QA 56 -15.56 97.50 32.20
CA HIS QA 56 -15.65 97.95 30.83
C HIS QA 56 -15.83 96.78 29.90
N LEU QA 57 -15.22 95.64 30.24
CA LEU QA 57 -15.39 94.44 29.41
C LEU QA 57 -16.75 93.79 29.59
N ARG QA 58 -17.21 93.61 30.83
CA ARG QA 58 -18.51 93.00 31.11
C ARG QA 58 -19.63 93.64 30.30
N LYS QA 59 -19.39 94.82 29.72
CA LYS QA 59 -20.29 95.36 28.71
C LYS QA 59 -19.82 94.98 27.33
N VAL QA 60 -18.55 95.25 27.02
CA VAL QA 60 -18.05 94.93 25.69
C VAL QA 60 -18.41 93.50 25.32
N TYR QA 61 -18.43 92.59 26.27
CA TYR QA 61 -18.91 91.25 25.94
C TYR QA 61 -20.42 91.15 26.04
N LYS QA 62 -21.12 92.26 25.89
CA LYS QA 62 -22.54 92.26 25.57
C LYS QA 62 -22.77 93.02 24.29
N ARG QA 63 -21.78 93.80 23.91
CA ARG QA 63 -21.70 94.31 22.56
C ARG QA 63 -21.13 93.26 21.62
N GLN QA 64 -20.46 92.26 22.16
CA GLN QA 64 -19.87 91.28 21.27
C GLN QA 64 -20.69 90.01 21.23
N TRP QA 65 -21.27 89.61 22.33
CA TRP QA 65 -22.09 88.42 22.32
C TRP QA 65 -23.48 88.69 21.78
N LEU QA 66 -23.91 89.94 21.71
CA LEU QA 66 -25.22 90.21 21.11
C LEU QA 66 -25.09 90.64 19.66
N GLU QA 67 -24.20 91.56 19.36
CA GLU QA 67 -23.94 91.85 17.96
C GLU QA 67 -23.40 90.64 17.23
N SER QA 68 -23.26 89.50 17.91
CA SER QA 68 -23.05 88.22 17.25
C SER QA 68 -24.26 87.31 17.29
N PHE QA 69 -25.02 87.27 18.39
CA PHE QA 69 -26.29 86.57 18.35
C PHE QA 69 -27.26 87.22 17.38
N ARG QA 70 -27.17 88.53 17.18
CA ARG QA 70 -27.95 89.15 16.11
C ARG QA 70 -27.64 88.51 14.77
N VAL QA 71 -26.38 88.56 14.35
CA VAL QA 71 -26.03 88.03 13.03
C VAL QA 71 -26.34 86.56 12.95
N ASN QA 72 -26.09 85.83 14.03
CA ASN QA 72 -26.23 84.40 13.92
C ASN QA 72 -27.67 83.92 14.06
N ALA QA 73 -28.55 84.63 14.74
CA ALA QA 73 -29.94 84.22 14.69
C ALA QA 73 -30.61 84.69 13.42
N ASP QA 74 -30.17 85.83 12.90
CA ASP QA 74 -30.54 86.19 11.55
C ASP QA 74 -30.21 85.07 10.58
N GLU QA 75 -28.98 84.58 10.59
CA GLU QA 75 -28.58 83.52 9.67
C GLU QA 75 -29.22 82.17 9.99
N TYR QA 76 -29.41 81.84 11.27
CA TYR QA 76 -30.11 80.62 11.57
C TYR QA 76 -31.53 80.69 11.10
N ILE QA 77 -32.13 81.87 11.10
CA ILE QA 77 -33.50 81.91 10.61
C ILE QA 77 -33.52 81.94 9.10
N TYR QA 78 -32.53 82.53 8.46
CA TYR QA 78 -32.52 82.47 7.01
C TYR QA 78 -32.32 81.06 6.52
N LYS QA 79 -31.68 80.21 7.31
CA LYS QA 79 -31.57 78.82 6.87
C LYS QA 79 -32.71 77.95 7.38
N TYR QA 80 -33.08 78.07 8.63
CA TYR QA 80 -34.22 77.30 9.11
C TYR QA 80 -35.48 77.79 8.45
N ASN QA 81 -35.45 78.91 7.77
CA ASN QA 81 -36.62 79.33 7.04
C ASN QA 81 -36.72 78.68 5.69
N ILE QA 82 -35.63 78.61 4.94
CA ILE QA 82 -35.60 77.75 3.78
C ILE QA 82 -36.03 76.33 4.16
N THR QA 83 -35.52 75.81 5.27
CA THR QA 83 -35.89 74.45 5.67
C THR QA 83 -37.33 74.37 6.13
N LYS QA 84 -37.79 75.34 6.92
CA LYS QA 84 -39.15 75.32 7.40
C LYS QA 84 -40.12 75.41 6.26
N ALA QA 85 -39.83 76.30 5.32
CA ALA QA 85 -40.67 76.50 4.17
C ALA QA 85 -40.66 75.28 3.26
N ALA QA 86 -39.51 74.66 3.04
CA ALA QA 86 -39.46 73.50 2.17
C ALA QA 86 -40.19 72.30 2.75
N GLN QA 87 -40.03 72.05 4.04
CA GLN QA 87 -40.79 70.96 4.61
C GLN QA 87 -42.27 71.28 4.64
N LEU QA 88 -42.62 72.55 4.79
CA LEU QA 88 -44.03 72.90 4.71
C LEU QA 88 -44.58 72.63 3.30
N ALA QA 89 -43.84 73.05 2.28
CA ALA QA 89 -44.22 72.72 0.92
C ALA QA 89 -44.40 71.22 0.72
N GLN QA 90 -43.51 70.39 1.26
CA GLN QA 90 -43.67 68.96 1.07
C GLN QA 90 -44.91 68.43 1.76
N TRP QA 91 -45.24 68.97 2.92
CA TRP QA 91 -46.49 68.52 3.51
C TRP QA 91 -47.66 68.87 2.63
N GLU QA 92 -47.65 70.06 2.04
CA GLU QA 92 -48.74 70.40 1.12
C GLU QA 92 -48.79 69.47 -0.07
N TYR QA 93 -47.65 69.16 -0.64
CA TYR QA 93 -47.60 68.28 -1.80
C TYR QA 93 -48.07 66.87 -1.47
N GLU QA 94 -47.59 66.27 -0.40
CA GLU QA 94 -48.08 64.96 -0.02
C GLU QA 94 -49.55 65.00 0.33
N MET QA 95 -50.05 66.14 0.77
CA MET QA 95 -51.49 66.26 0.90
C MET QA 95 -52.18 66.17 -0.44
N GLN QA 96 -51.62 66.80 -1.47
CA GLN QA 96 -52.21 66.63 -2.80
C GLN QA 96 -52.21 65.19 -3.24
N ALA QA 97 -51.04 64.56 -3.26
CA ALA QA 97 -50.96 63.17 -3.72
C ALA QA 97 -51.83 62.25 -2.89
N GLN QA 98 -52.00 62.53 -1.61
CA GLN QA 98 -52.96 61.77 -0.84
C GLN QA 98 -54.37 61.99 -1.34
N GLU QA 99 -54.70 63.21 -1.78
CA GLU QA 99 -56.04 63.39 -2.33
C GLU QA 99 -56.14 62.94 -3.78
N LYS QA 100 -55.06 62.46 -4.36
CA LYS QA 100 -55.21 61.74 -5.61
C LYS QA 100 -55.47 60.26 -5.35
N LYS QA 101 -54.59 59.59 -4.61
CA LYS QA 101 -54.89 58.24 -4.17
C LYS QA 101 -56.25 58.14 -3.54
N ARG QA 102 -56.69 59.22 -2.90
CA ARG QA 102 -58.04 59.28 -2.39
C ARG QA 102 -59.05 59.06 -3.48
N LEU QA 103 -58.90 59.75 -4.60
CA LEU QA 103 -59.90 59.63 -5.65
C LEU QA 103 -59.86 58.25 -6.28
N GLU QA 104 -58.66 57.73 -6.52
CA GLU QA 104 -58.58 56.41 -7.15
C GLU QA 104 -59.16 55.32 -6.27
N ALA QA 105 -58.93 55.36 -4.98
CA ALA QA 105 -59.53 54.36 -4.12
C ALA QA 105 -61.02 54.60 -3.93
N LYS QA 106 -61.45 55.85 -3.81
CA LYS QA 106 -62.89 56.11 -3.79
C LYS QA 106 -63.55 55.50 -5.00
N GLN QA 107 -62.99 55.74 -6.18
CA GLN QA 107 -63.54 55.16 -7.39
C GLN QA 107 -63.60 53.65 -7.31
N MET QA 108 -62.45 53.00 -7.22
CA MET QA 108 -62.43 51.55 -7.23
C MET QA 108 -63.39 50.97 -6.21
N THR QA 109 -63.58 51.64 -5.08
CA THR QA 109 -64.52 51.04 -4.13
C THR QA 109 -65.98 51.32 -4.46
N GLU QA 110 -66.28 52.43 -5.12
CA GLU QA 110 -67.65 52.56 -5.61
C GLU QA 110 -67.97 51.49 -6.62
N GLY QA 111 -67.03 51.19 -7.52
CA GLY QA 111 -67.23 50.09 -8.41
C GLY QA 111 -67.41 48.77 -7.70
N ARG QA 112 -66.57 48.48 -6.71
CA ARG QA 112 -66.71 47.22 -6.01
C ARG QA 112 -68.05 47.12 -5.32
N GLN QA 113 -68.55 48.21 -4.77
CA GLN QA 113 -69.89 48.19 -4.22
C GLN QA 113 -70.93 47.92 -5.28
N ALA QA 114 -70.80 48.53 -6.43
CA ALA QA 114 -71.74 48.27 -7.51
C ALA QA 114 -71.73 46.81 -7.91
N LEU QA 115 -70.54 46.21 -8.01
CA LEU QA 115 -70.47 44.82 -8.39
C LEU QA 115 -71.03 43.93 -7.32
N LYS QA 116 -70.88 44.29 -6.06
CA LYS QA 116 -71.55 43.53 -5.02
C LYS QA 116 -73.05 43.61 -5.16
N LYS QA 117 -73.59 44.78 -5.51
CA LYS QA 117 -75.03 44.85 -5.76
C LYS QA 117 -75.42 44.01 -6.95
N LYS QA 118 -74.68 44.11 -8.04
CA LYS QA 118 -74.98 43.33 -9.24
C LYS QA 118 -74.97 41.84 -8.93
N HIS QA 119 -74.02 41.38 -8.13
CA HIS QA 119 -74.08 39.99 -7.69
C HIS QA 119 -75.28 39.75 -6.82
N LEU QA 120 -75.65 40.68 -5.96
CA LEU QA 120 -76.85 40.46 -5.18
C LEU QA 120 -78.04 40.23 -6.09
N ASP QA 121 -78.07 40.90 -7.23
CA ASP QA 121 -79.18 40.78 -8.16
C ASP QA 121 -79.11 39.51 -8.99
N LEU QA 122 -77.95 39.19 -9.56
CA LEU QA 122 -77.80 37.91 -10.25
C LEU QA 122 -78.08 36.75 -9.32
N LEU QA 123 -77.74 36.90 -8.04
CA LEU QA 123 -78.05 35.91 -7.04
C LEU QA 123 -79.55 35.80 -6.84
N ARG QA 124 -80.25 36.92 -6.77
CA ARG QA 124 -81.70 36.86 -6.72
C ARG QA 124 -82.25 36.11 -7.90
N GLU QA 125 -81.77 36.46 -9.10
CA GLU QA 125 -82.24 35.80 -10.31
C GLU QA 125 -81.99 34.30 -10.25
N PHE QA 126 -80.82 33.90 -9.76
CA PHE QA 126 -80.51 32.48 -9.67
C PHE QA 126 -81.39 31.80 -8.66
N HIS QA 127 -81.78 32.49 -7.61
CA HIS QA 127 -82.69 31.87 -6.67
C HIS QA 127 -84.08 31.71 -7.25
N GLU QA 128 -84.49 32.66 -8.08
CA GLU QA 128 -85.76 32.48 -8.75
C GLU QA 128 -85.72 31.33 -9.74
N ARG QA 129 -84.63 31.19 -10.49
CA ARG QA 129 -84.49 30.01 -11.36
C ARG QA 129 -84.53 28.73 -10.54
N GLN QA 130 -83.81 28.71 -9.42
CA GLN QA 130 -83.95 27.63 -8.48
C GLN QA 130 -85.40 27.31 -8.17
N PHE QA 131 -86.19 28.31 -7.79
CA PHE QA 131 -87.58 28.04 -7.45
C PHE QA 131 -88.36 27.59 -8.65
N PHE QA 132 -87.94 27.97 -9.84
CA PHE QA 132 -88.61 27.43 -11.02
C PHE QA 132 -88.34 25.94 -11.14
N PHE QA 133 -87.08 25.56 -11.20
CA PHE QA 133 -86.76 24.13 -11.31
C PHE QA 133 -87.20 23.38 -10.07
N TRP QA 134 -87.47 24.07 -8.97
CA TRP QA 134 -88.00 23.39 -7.81
C TRP QA 134 -89.51 23.26 -7.91
N TYR QA 135 -90.17 24.18 -8.60
CA TYR QA 135 -91.59 23.97 -8.88
C TYR QA 135 -91.79 22.73 -9.70
N GLU QA 136 -91.13 22.68 -10.87
CA GLU QA 136 -91.25 21.53 -11.76
C GLU QA 136 -91.03 20.23 -11.02
N ARG QA 137 -89.87 20.09 -10.37
CA ARG QA 137 -89.63 18.89 -9.58
C ARG QA 137 -90.68 18.70 -8.50
N ALA QA 138 -91.10 19.76 -7.82
CA ALA QA 138 -91.94 19.54 -6.64
C ALA QA 138 -93.41 19.41 -6.99
N SER QA 139 -93.92 20.15 -7.97
CA SER QA 139 -95.29 19.89 -8.40
C SER QA 139 -95.41 18.46 -8.86
N GLU QA 140 -94.33 17.90 -9.38
CA GLU QA 140 -94.33 16.55 -9.88
C GLU QA 140 -94.54 15.55 -8.77
N ARG QA 141 -93.73 15.63 -7.73
CA ARG QA 141 -93.90 14.71 -6.62
C ARG QA 141 -95.14 14.99 -5.80
N LEU QA 142 -95.83 16.10 -6.06
CA LEU QA 142 -97.05 16.40 -5.33
C LEU QA 142 -98.32 15.91 -6.03
N GLN QA 143 -98.34 15.77 -7.35
CA GLN QA 143 -99.39 14.98 -7.97
C GLN QA 143 -99.32 13.54 -7.52
N SER QA 144 -98.13 12.94 -7.62
CA SER QA 144 -97.98 11.56 -7.20
C SER QA 144 -98.35 11.39 -5.74
N MET QA 145 -98.38 12.47 -4.98
CA MET QA 145 -98.87 12.37 -3.62
C MET QA 145 -100.37 12.53 -3.55
N ASN QA 146 -101.01 13.08 -4.58
CA ASN QA 146 -102.46 13.09 -4.59
C ASN QA 146 -103.01 11.68 -4.60
N LEU QA 147 -102.22 10.74 -5.11
CA LEU QA 147 -102.63 9.35 -5.21
C LEU QA 147 -102.57 8.62 -3.89
N ILE QA 148 -101.79 9.11 -2.93
CA ILE QA 148 -101.70 8.41 -1.66
C ILE QA 148 -103.10 8.44 -1.06
N GLN QA 149 -103.76 7.28 -1.05
CA GLN QA 149 -105.14 7.25 -0.59
C GLN QA 149 -105.13 7.35 0.93
N TYR QA 150 -105.39 8.53 1.44
CA TYR QA 150 -105.41 8.73 2.87
C TYR QA 150 -106.75 8.29 3.45
N ILE QA 151 -106.70 7.80 4.68
CA ILE QA 151 -107.84 7.17 5.34
C ILE QA 151 -108.33 8.10 6.45
N PRO QA 152 -109.29 8.97 6.20
CA PRO QA 152 -109.79 9.85 7.26
C PRO QA 152 -110.50 9.07 8.35
N GLN QA 153 -110.79 9.79 9.44
CA GLN QA 153 -111.39 9.15 10.62
C GLN QA 153 -112.75 8.53 10.31
N SER QA 154 -113.49 9.12 9.37
CA SER QA 154 -114.80 8.60 9.04
C SER QA 154 -114.74 7.31 8.25
N ARG QA 155 -113.61 7.01 7.62
CA ARG QA 155 -113.50 5.85 6.74
C ARG QA 155 -112.51 4.83 7.25
N VAL QA 156 -111.82 5.12 8.35
CA VAL QA 156 -110.94 4.13 8.91
C VAL QA 156 -111.70 2.93 9.47
N GLN QA 157 -112.89 3.13 10.04
CA GLN QA 157 -113.62 2.01 10.61
C GLN QA 157 -114.11 1.04 9.55
N GLU QA 158 -114.13 1.47 8.29
CA GLU QA 158 -114.35 0.57 7.18
C GLU QA 158 -113.05 -0.01 6.65
N HIS QA 159 -112.00 0.79 6.53
CA HIS QA 159 -110.79 0.21 5.96
C HIS QA 159 -110.17 -0.81 6.90
N ILE QA 160 -110.39 -0.69 8.21
CA ILE QA 160 -109.87 -1.67 9.14
C ILE QA 160 -110.52 -3.02 8.88
N GLU QA 161 -111.84 -3.03 8.68
CA GLU QA 161 -112.47 -4.30 8.35
C GLU QA 161 -112.00 -4.78 6.99
N ARG QA 162 -111.87 -3.87 6.04
CA ARG QA 162 -111.46 -4.28 4.70
C ARG QA 162 -110.06 -4.85 4.67
N GLU QA 163 -109.18 -4.41 5.56
CA GLU QA 163 -107.82 -4.90 5.53
C GLU QA 163 -107.60 -6.10 6.44
N LEU QA 164 -108.22 -6.11 7.63
CA LEU QA 164 -108.24 -7.33 8.42
C LEU QA 164 -109.03 -8.43 7.75
N ASP QA 165 -109.76 -8.11 6.68
CA ASP QA 165 -110.43 -9.09 5.83
C ASP QA 165 -109.63 -9.37 4.56
N LYS QA 166 -108.31 -9.40 4.64
CA LYS QA 166 -107.55 -9.61 3.41
C LYS QA 166 -107.45 -11.08 3.04
N TYR QA 167 -107.58 -11.99 3.98
CA TYR QA 167 -107.50 -13.44 3.73
C TYR QA 167 -108.63 -14.08 4.55
N VAL QA 168 -109.83 -14.16 3.99
CA VAL QA 168 -110.99 -14.44 4.82
C VAL QA 168 -111.37 -15.91 4.73
N ALA QA 169 -110.39 -16.75 4.44
CA ALA QA 169 -110.46 -18.21 4.33
C ALA QA 169 -111.13 -18.70 3.06
N GLY QA 170 -111.79 -17.84 2.29
CA GLY QA 170 -112.37 -18.29 1.05
C GLY QA 170 -112.51 -17.16 0.07
N LYS QA 171 -111.92 -17.33 -1.11
CA LYS QA 171 -111.91 -16.24 -2.08
C LYS QA 171 -111.60 -16.82 -3.44
N SER QA 172 -112.39 -16.41 -4.43
CA SER QA 172 -112.28 -16.93 -5.79
C SER QA 172 -111.01 -16.48 -6.49
N GLU QA 173 -110.10 -15.83 -5.79
CA GLU QA 173 -108.80 -15.45 -6.31
C GLU QA 173 -107.72 -16.12 -5.48
N ALA QA 174 -106.47 -15.81 -5.79
CA ALA QA 174 -105.37 -16.21 -4.93
C ALA QA 174 -105.01 -15.08 -3.98
N TYR QA 175 -104.50 -15.44 -2.81
CA TYR QA 175 -104.34 -14.28 -1.95
C TYR QA 175 -102.93 -13.71 -2.09
N PRO QA 176 -102.73 -12.44 -1.74
CA PRO QA 176 -101.41 -11.83 -1.89
C PRO QA 176 -100.53 -12.01 -0.66
N LEU QA 177 -99.30 -11.55 -0.80
CA LEU QA 177 -98.27 -11.85 0.19
C LEU QA 177 -98.35 -10.87 1.37
N ASN QA 178 -97.29 -10.83 2.18
CA ASN QA 178 -97.19 -9.89 3.28
C ASN QA 178 -96.17 -8.80 2.98
N PHE QA 179 -95.97 -7.91 3.96
CA PHE QA 179 -94.81 -7.01 3.92
C PHE QA 179 -93.51 -7.79 3.99
N VAL QA 180 -93.56 -8.99 4.57
CA VAL QA 180 -92.43 -9.92 4.53
C VAL QA 180 -92.70 -11.05 3.54
N GLY QA 181 -93.90 -11.13 3.02
CA GLY QA 181 -94.13 -11.92 1.83
C GLY QA 181 -94.16 -13.39 2.02
N GLN QA 182 -94.85 -13.89 3.02
CA GLN QA 182 -95.20 -15.30 3.08
C GLN QA 182 -96.68 -15.40 2.77
N MET QA 183 -97.19 -16.60 2.70
CA MET QA 183 -98.63 -16.66 2.63
C MET QA 183 -99.15 -16.91 4.02
N PRO QA 184 -99.68 -15.92 4.69
CA PRO QA 184 -100.13 -16.09 6.07
C PRO QA 184 -101.30 -17.06 6.14
N LEU QA 185 -101.40 -17.69 7.29
CA LEU QA 185 -102.40 -18.72 7.52
C LEU QA 185 -103.77 -18.10 7.39
N VAL QA 186 -104.43 -18.35 6.26
CA VAL QA 186 -105.59 -17.58 5.87
C VAL QA 186 -106.73 -17.91 6.82
N GLU QA 187 -107.04 -16.98 7.72
CA GLU QA 187 -108.07 -17.18 8.73
C GLU QA 187 -109.45 -16.99 8.14
N ASP QA 188 -110.48 -17.12 8.97
CA ASP QA 188 -111.86 -17.03 8.52
C ASP QA 188 -112.60 -15.85 9.12
N ARG QA 189 -112.76 -15.79 10.44
CA ARG QA 189 -113.61 -14.78 11.07
C ARG QA 189 -113.37 -14.81 12.57
N GLU QA 190 -113.35 -13.61 13.16
CA GLU QA 190 -113.27 -13.41 14.61
C GLU QA 190 -112.10 -14.16 15.26
N GLY QA 191 -111.10 -14.53 14.48
CA GLY QA 191 -109.93 -15.16 15.05
C GLY QA 191 -109.89 -16.67 14.98
N ASN QA 192 -110.02 -17.25 13.79
CA ASN QA 192 -109.84 -18.67 13.60
C ASN QA 192 -108.91 -18.93 12.43
N ILE QA 193 -107.70 -19.42 12.73
CA ILE QA 193 -106.80 -19.85 11.68
C ILE QA 193 -107.36 -21.14 11.09
N VAL QA 194 -108.04 -21.03 9.96
CA VAL QA 194 -108.73 -22.17 9.37
C VAL QA 194 -108.14 -22.59 8.05
N GLU QA 195 -107.14 -21.89 7.52
CA GLU QA 195 -106.47 -22.35 6.30
C GLU QA 195 -104.98 -22.09 6.49
N VAL QA 196 -104.18 -23.16 6.45
CA VAL QA 196 -102.75 -23.05 6.75
C VAL QA 196 -101.93 -23.60 5.58
N PRO QA 197 -100.88 -22.91 5.13
CA PRO QA 197 -100.05 -23.49 4.07
C PRO QA 197 -99.25 -24.67 4.57
N GLU QA 198 -98.48 -25.24 3.64
CA GLU QA 198 -97.83 -26.53 3.90
C GLU QA 198 -96.48 -26.36 4.58
N GLY QA 199 -95.88 -25.18 4.48
CA GLY QA 199 -94.67 -24.93 5.25
C GLY QA 199 -94.92 -24.82 6.73
N LEU QA 200 -96.19 -24.73 7.14
CA LEU QA 200 -96.53 -24.45 8.54
C LEU QA 200 -97.57 -25.41 9.09
N LEU QA 201 -98.30 -26.15 8.26
CA LEU QA 201 -99.27 -27.09 8.79
C LEU QA 201 -98.59 -28.17 9.63
N THR QA 202 -97.50 -28.74 9.09
CA THR QA 202 -96.79 -29.79 9.80
C THR QA 202 -96.39 -29.37 11.19
N ASN QA 203 -95.86 -28.16 11.34
CA ASN QA 203 -95.44 -27.72 12.65
C ASN QA 203 -96.60 -27.29 13.51
N HIS QA 204 -97.63 -26.68 12.92
CA HIS QA 204 -98.73 -26.16 13.74
C HIS QA 204 -99.56 -27.27 14.33
N VAL QA 205 -99.88 -28.30 13.55
CA VAL QA 205 -100.69 -29.39 14.07
C VAL QA 205 -99.91 -30.24 15.06
N SER QA 206 -98.58 -30.27 14.94
CA SER QA 206 -97.78 -31.06 15.87
C SER QA 206 -97.80 -30.45 17.26
N GLU QA 207 -97.99 -29.14 17.34
CA GLU QA 207 -97.99 -28.43 18.61
C GLU QA 207 -99.38 -28.11 19.12
N HIS QA 208 -100.37 -28.01 18.24
CA HIS QA 208 -101.77 -27.89 18.64
C HIS QA 208 -102.48 -29.14 18.15
N PRO QA 209 -102.33 -30.26 18.82
CA PRO QA 209 -102.83 -31.54 18.28
C PRO QA 209 -104.32 -31.54 17.98
N GLU QA 210 -105.09 -30.71 18.68
CA GLU QA 210 -106.54 -30.79 18.60
C GLU QA 210 -107.17 -29.58 17.92
N SER QA 211 -106.42 -28.87 17.08
CA SER QA 211 -107.03 -27.83 16.26
C SER QA 211 -107.48 -28.44 14.95
N THR QA 212 -108.67 -28.07 14.48
CA THR QA 212 -109.09 -28.42 13.13
C THR QA 212 -108.28 -27.53 12.19
N VAL QA 213 -107.27 -28.13 11.59
CA VAL QA 213 -106.32 -27.41 10.76
C VAL QA 213 -106.67 -27.71 9.31
N LYS QA 214 -106.27 -26.80 8.43
CA LYS QA 214 -106.50 -27.07 7.03
C LYS QA 214 -105.28 -26.69 6.20
N PRO QA 215 -104.91 -27.53 5.24
CA PRO QA 215 -103.80 -27.19 4.34
C PRO QA 215 -104.27 -26.17 3.31
N HIS QA 216 -103.81 -24.94 3.47
CA HIS QA 216 -104.33 -23.82 2.70
C HIS QA 216 -103.89 -23.97 1.24
N GLN QA 217 -104.84 -24.38 0.41
CA GLN QA 217 -104.58 -24.52 -1.01
C GLN QA 217 -104.68 -23.16 -1.70
N PRO QA 218 -103.59 -22.63 -2.26
CA PRO QA 218 -103.70 -21.41 -3.05
C PRO QA 218 -104.54 -21.64 -4.30
N HIS QA 219 -105.05 -20.54 -4.85
CA HIS QA 219 -105.95 -20.63 -5.99
C HIS QA 219 -105.15 -21.09 -7.22
N GLU QA 220 -105.34 -22.35 -7.62
CA GLU QA 220 -104.57 -22.94 -8.70
C GLU QA 220 -104.71 -22.11 -9.97
N SER QA 221 -103.62 -22.00 -10.73
CA SER QA 221 -103.66 -21.25 -11.98
C SER QA 221 -104.39 -22.02 -13.07
N THR QA 222 -104.47 -23.35 -12.93
CA THR QA 222 -104.93 -24.19 -14.02
C THR QA 222 -106.35 -23.81 -14.46
N SER QA 223 -107.26 -23.65 -13.51
CA SER QA 223 -108.65 -23.34 -13.80
C SER QA 223 -108.89 -21.83 -13.92
N TYR RA 9 -37.21 -6.01 26.22
CA TYR RA 9 -37.90 -5.22 25.19
C TYR RA 9 -37.42 -5.65 23.81
N LYS RA 10 -38.29 -6.40 23.12
CA LYS RA 10 -37.97 -7.01 21.84
C LYS RA 10 -38.03 -6.01 20.71
N MET RA 11 -36.88 -5.66 20.18
CA MET RA 11 -36.77 -4.85 18.99
C MET RA 11 -36.43 -5.73 17.82
N PRO RA 12 -36.58 -5.24 16.59
CA PRO RA 12 -36.30 -6.06 15.42
C PRO RA 12 -34.91 -6.64 15.44
N LYS RA 13 -34.84 -7.91 15.03
CA LYS RA 13 -33.63 -8.69 15.21
C LYS RA 13 -32.42 -7.96 14.70
N ASN RA 14 -32.41 -7.63 13.42
CA ASN RA 14 -31.27 -7.01 12.77
C ASN RA 14 -31.33 -5.49 12.84
N MET RA 15 -32.23 -4.94 13.65
CA MET RA 15 -32.47 -3.51 13.64
C MET RA 15 -31.19 -2.72 13.85
N GLY RA 16 -30.32 -3.18 14.73
CA GLY RA 16 -29.18 -2.37 15.14
C GLY RA 16 -28.37 -1.83 14.00
N VAL RA 17 -28.28 -2.58 12.90
CA VAL RA 17 -27.49 -2.22 11.75
C VAL RA 17 -28.37 -1.88 10.55
N ALA RA 18 -29.65 -1.65 10.78
CA ALA RA 18 -30.53 -1.22 9.71
C ALA RA 18 -29.94 0.00 9.03
N PRO RA 19 -30.28 0.23 7.76
CA PRO RA 19 -29.85 1.47 7.11
C PRO RA 19 -30.89 2.55 7.33
N ARG RA 20 -30.43 3.79 7.32
CA ARG RA 20 -31.34 4.92 7.41
C ARG RA 20 -32.10 4.98 6.09
N PHE RA 21 -33.35 4.57 6.11
CA PHE RA 21 -34.01 4.21 4.87
C PHE RA 21 -34.30 5.39 3.96
N ASP RA 22 -34.16 6.62 4.43
CA ASP RA 22 -34.34 7.77 3.59
C ASP RA 22 -33.04 8.38 3.11
N VAL RA 23 -32.01 8.39 3.95
CA VAL RA 23 -30.74 8.97 3.59
C VAL RA 23 -29.69 7.92 3.28
N TRP RA 24 -30.09 6.68 3.06
CA TRP RA 24 -29.07 5.72 2.66
C TRP RA 24 -28.67 5.87 1.20
N ASN RA 25 -29.57 6.37 0.35
CA ASN RA 25 -29.21 6.56 -1.05
C ASN RA 25 -28.25 7.72 -1.20
N GLU RA 26 -28.64 8.88 -0.70
CA GLU RA 26 -28.06 10.17 -1.01
C GLU RA 26 -26.55 10.17 -1.01
N SER RA 27 -25.92 9.27 -0.27
CA SER RA 27 -24.48 9.15 -0.37
C SER RA 27 -24.08 8.78 -1.79
N TYR RA 28 -24.95 8.08 -2.50
CA TYR RA 28 -24.62 7.45 -3.76
C TYR RA 28 -25.08 8.21 -4.99
N GLU RA 29 -25.91 9.23 -4.83
CA GLU RA 29 -26.43 9.91 -5.99
C GLU RA 29 -25.28 10.39 -6.85
N PRO RA 30 -25.41 10.32 -8.17
CA PRO RA 30 -24.31 10.77 -9.02
C PRO RA 30 -24.02 12.24 -8.86
N TRP RA 31 -24.99 13.03 -8.46
CA TRP RA 31 -24.73 14.44 -8.28
C TRP RA 31 -23.85 14.71 -7.10
N GLN RA 32 -23.96 13.91 -6.04
CA GLN RA 32 -23.03 14.03 -4.94
C GLN RA 32 -21.60 13.79 -5.38
N HIS RA 33 -21.36 12.75 -6.15
CA HIS RA 33 -20.00 12.51 -6.58
C HIS RA 33 -19.55 13.53 -7.58
N MET RA 34 -20.46 14.10 -8.35
CA MET RA 34 -20.04 15.20 -9.19
C MET RA 34 -19.61 16.39 -8.34
N LYS RA 35 -20.42 16.79 -7.37
CA LYS RA 35 -20.07 17.90 -6.49
C LYS RA 35 -18.83 17.62 -5.67
N ARG RA 36 -18.61 16.38 -5.29
CA ARG RA 36 -17.57 16.06 -4.35
C ARG RA 36 -16.27 15.76 -5.05
N MET RA 37 -16.31 15.36 -6.30
CA MET RA 37 -15.11 15.15 -7.07
C MET RA 37 -14.72 16.41 -7.81
N GLY RA 38 -15.69 17.27 -8.14
CA GLY RA 38 -15.34 18.52 -8.76
C GLY RA 38 -14.35 19.32 -7.96
N ARG RA 39 -14.54 19.40 -6.64
CA ARG RA 39 -13.59 20.10 -5.79
C ARG RA 39 -12.33 19.29 -5.50
N LEU RA 40 -12.46 17.99 -5.23
CA LEU RA 40 -11.28 17.16 -5.07
C LEU RA 40 -10.34 17.33 -6.24
N VAL RA 41 -10.89 17.55 -7.43
CA VAL RA 41 -10.05 17.62 -8.61
C VAL RA 41 -9.71 19.05 -8.94
N GLY RA 42 -10.52 19.99 -8.47
CA GLY RA 42 -10.16 21.38 -8.61
C GLY RA 42 -8.99 21.76 -7.77
N THR RA 43 -8.85 21.12 -6.61
CA THR RA 43 -7.67 21.32 -5.78
C THR RA 43 -6.38 21.20 -6.57
N GLY RA 44 -6.34 20.34 -7.56
CA GLY RA 44 -5.13 20.17 -8.33
C GLY RA 44 -4.17 19.20 -7.71
N PHE RA 45 -4.57 18.53 -6.64
CA PHE RA 45 -3.78 17.50 -5.99
C PHE RA 45 -4.49 16.16 -6.07
N TYR RA 46 -5.00 15.85 -7.25
CA TYR RA 46 -5.79 14.65 -7.44
C TYR RA 46 -5.85 14.38 -8.93
N ILE RA 47 -5.96 13.12 -9.31
CA ILE RA 47 -5.95 12.78 -10.73
C ILE RA 47 -7.30 12.19 -11.11
N PRO RA 48 -8.23 12.98 -11.65
CA PRO RA 48 -9.64 12.60 -11.68
C PRO RA 48 -9.85 11.24 -12.30
N PRO RA 49 -10.79 10.46 -11.79
CA PRO RA 49 -11.05 9.16 -12.37
C PRO RA 49 -11.53 9.28 -13.79
N GLU RA 50 -11.49 8.22 -14.56
CA GLU RA 50 -11.83 8.37 -15.96
C GLU RA 50 -13.32 8.66 -16.12
N TRP RA 51 -14.12 8.32 -15.11
CA TRP RA 51 -15.54 8.61 -15.24
C TRP RA 51 -15.81 10.08 -15.02
N TYR RA 52 -14.96 10.77 -14.29
CA TYR RA 52 -15.18 12.19 -14.12
C TYR RA 52 -14.83 12.93 -15.39
N ASN RA 53 -13.74 12.56 -16.04
CA ASN RA 53 -13.42 13.16 -17.33
C ASN RA 53 -14.59 13.10 -18.32
N HIS RA 54 -15.54 12.20 -18.11
CA HIS RA 54 -16.69 12.10 -18.99
C HIS RA 54 -17.95 12.72 -18.38
N PHE RA 55 -18.40 12.18 -17.27
CA PHE RA 55 -19.60 12.75 -16.69
C PHE RA 55 -19.38 14.15 -16.20
N ARG RA 56 -18.25 14.75 -16.52
CA ARG RA 56 -18.11 16.19 -16.37
C ARG RA 56 -18.75 16.88 -17.57
N MET RA 57 -18.43 16.42 -18.77
CA MET RA 57 -19.05 17.00 -19.94
C MET RA 57 -20.53 16.64 -20.02
N PHE RA 58 -20.89 15.42 -19.61
CA PHE RA 58 -22.27 14.94 -19.65
C PHE RA 58 -22.84 14.78 -18.25
N PRO RA 59 -23.00 15.86 -17.50
CA PRO RA 59 -23.42 15.72 -16.13
C PRO RA 59 -24.77 15.03 -16.09
N PRO RA 60 -25.09 14.36 -15.03
CA PRO RA 60 -26.37 13.67 -14.96
C PRO RA 60 -27.55 14.59 -15.19
N ILE RA 61 -28.72 14.02 -15.45
CA ILE RA 61 -29.89 14.84 -15.64
C ILE RA 61 -30.28 15.47 -14.32
N ASN RA 62 -30.97 16.61 -14.40
CA ASN RA 62 -31.15 17.47 -13.25
C ASN RA 62 -32.23 16.95 -12.32
N HIS RA 63 -33.40 16.61 -12.86
CA HIS RA 63 -34.61 16.45 -12.05
C HIS RA 63 -34.96 15.00 -11.77
N ASN RA 64 -33.99 14.12 -11.59
CA ASN RA 64 -34.25 12.73 -11.26
C ASN RA 64 -34.15 12.49 -9.75
N PHE RA 65 -34.93 13.24 -9.01
CA PHE RA 65 -34.90 13.16 -7.56
C PHE RA 65 -35.49 11.85 -7.08
N GLN RA 66 -34.93 11.34 -6.00
CA GLN RA 66 -35.37 10.05 -5.48
C GLN RA 66 -36.68 10.18 -4.74
N GLN RA 67 -37.49 9.14 -4.84
CA GLN RA 67 -38.79 9.14 -4.19
C GLN RA 67 -38.69 9.30 -2.68
N GLU RA 68 -37.56 8.94 -2.10
CA GLU RA 68 -37.35 9.10 -0.67
C GLU RA 68 -37.33 10.57 -0.25
N LYS RA 69 -36.97 11.49 -1.15
CA LYS RA 69 -37.14 12.89 -0.80
C LYS RA 69 -38.37 13.49 -1.43
N THR RA 70 -38.60 13.33 -2.73
CA THR RA 70 -39.86 13.76 -3.30
C THR RA 70 -40.90 12.78 -2.80
N LEU RA 71 -41.49 13.08 -1.65
CA LEU RA 71 -42.41 12.12 -1.08
C LEU RA 71 -43.66 12.05 -1.96
N ASN RA 72 -43.52 11.44 -3.13
CA ASN RA 72 -44.60 11.31 -4.09
C ASN RA 72 -44.34 10.06 -4.92
N PRO RA 73 -45.10 9.00 -4.71
CA PRO RA 73 -44.83 7.75 -5.42
C PRO RA 73 -45.32 7.74 -6.85
N ARG RA 74 -46.44 8.38 -7.14
CA ARG RA 74 -46.98 8.47 -8.49
C ARG RA 74 -46.09 9.27 -9.41
N ASN RA 75 -44.95 9.72 -8.93
CA ASN RA 75 -44.07 10.60 -9.68
C ASN RA 75 -43.07 9.77 -10.46
N GLU RA 76 -43.12 9.88 -11.78
CA GLU RA 76 -42.15 9.23 -12.65
C GLU RA 76 -40.86 10.03 -12.58
N SER RA 77 -40.10 9.77 -11.53
CA SER RA 77 -38.85 10.52 -11.31
C SER RA 77 -37.85 10.27 -12.43
N GLU RA 78 -37.64 9.01 -12.79
CA GLU RA 78 -36.59 8.64 -13.71
C GLU RA 78 -37.14 8.51 -15.13
N PRO RA 79 -36.58 9.22 -16.10
CA PRO RA 79 -37.06 9.08 -17.46
C PRO RA 79 -36.76 7.72 -18.07
N THR RA 80 -35.78 7.00 -17.54
CA THR RA 80 -35.44 5.70 -18.09
C THR RA 80 -36.40 4.64 -17.57
N GLN RA 81 -36.49 4.46 -16.27
CA GLN RA 81 -37.35 3.44 -15.68
C GLN RA 81 -38.83 3.79 -15.76
N ASP RA 82 -39.23 4.59 -16.74
CA ASP RA 82 -40.62 5.01 -16.88
C ASP RA 82 -41.49 3.91 -17.46
N ASP RA 83 -42.80 4.03 -17.31
CA ASP RA 83 -43.76 3.22 -18.02
C ASP RA 83 -44.97 4.07 -18.42
N LEU RA 94 -60.37 -1.25 -26.51
CA LEU RA 94 -60.45 -1.33 -27.96
C LEU RA 94 -59.71 -2.54 -28.51
N ARG RA 95 -58.38 -2.43 -28.59
CA ARG RA 95 -57.57 -3.57 -29.03
C ARG RA 95 -57.72 -4.73 -28.09
N ASP RA 96 -58.17 -4.51 -26.87
CA ASP RA 96 -58.70 -5.59 -26.06
C ASP RA 96 -59.77 -6.40 -26.78
N GLU RA 97 -60.71 -5.75 -27.47
CA GLU RA 97 -61.75 -6.50 -28.16
C GLU RA 97 -61.27 -6.97 -29.53
N LEU RA 98 -60.49 -6.15 -30.22
CA LEU RA 98 -59.84 -6.65 -31.43
C LEU RA 98 -58.99 -7.89 -31.12
N ALA RA 99 -58.65 -8.13 -29.85
CA ALA RA 99 -58.06 -9.40 -29.48
C ALA RA 99 -59.09 -10.45 -29.08
N ARG RA 100 -59.91 -10.20 -28.06
CA ARG RA 100 -60.87 -11.21 -27.61
C ARG RA 100 -61.78 -11.70 -28.72
N LYS RA 101 -61.74 -11.09 -29.90
CA LYS RA 101 -62.50 -11.64 -31.01
C LYS RA 101 -61.63 -12.39 -32.01
N SER RA 102 -60.31 -12.27 -31.94
CA SER RA 102 -59.47 -13.04 -32.86
C SER RA 102 -58.06 -13.18 -32.31
N ARG RA 103 -57.72 -14.39 -31.87
CA ARG RA 103 -56.37 -14.64 -31.39
C ARG RA 103 -55.35 -14.63 -32.51
N LEU RA 104 -55.76 -14.78 -33.76
CA LEU RA 104 -54.79 -14.66 -34.84
C LEU RA 104 -54.55 -13.20 -35.17
N LEU RA 105 -55.46 -12.34 -34.75
CA LEU RA 105 -55.31 -10.92 -35.02
C LEU RA 105 -54.24 -10.32 -34.10
N ALA RA 106 -54.23 -10.74 -32.82
CA ALA RA 106 -53.18 -10.30 -31.92
C ALA RA 106 -51.81 -10.72 -32.43
N SER RA 107 -51.56 -12.01 -32.46
CA SER RA 107 -50.23 -12.58 -32.58
C SER RA 107 -49.63 -12.46 -33.98
N GLU RA 108 -50.18 -11.62 -34.84
CA GLU RA 108 -49.79 -11.72 -36.24
C GLU RA 108 -48.42 -11.14 -36.52
N GLY RA 109 -47.78 -10.57 -35.53
CA GLY RA 109 -46.37 -10.28 -35.67
C GLY RA 109 -45.67 -10.65 -34.38
N MET RA 110 -46.46 -10.98 -33.36
CA MET RA 110 -45.95 -11.13 -32.01
C MET RA 110 -46.37 -12.49 -31.47
N ARG RA 111 -45.60 -13.52 -31.83
CA ARG RA 111 -45.77 -14.82 -31.22
C ARG RA 111 -44.55 -15.21 -30.40
N TYR RA 112 -43.37 -15.08 -30.98
CA TYR RA 112 -42.13 -15.39 -30.27
C TYR RA 112 -41.43 -14.16 -29.76
N TYR RA 113 -41.42 -13.09 -30.55
CA TYR RA 113 -40.84 -11.85 -30.13
C TYR RA 113 -41.38 -10.77 -31.05
N ASN RA 114 -41.94 -9.74 -30.43
CA ASN RA 114 -42.68 -8.72 -31.16
C ASN RA 114 -41.82 -8.25 -32.32
N ILE RA 115 -42.26 -8.52 -33.54
CA ILE RA 115 -41.51 -8.10 -34.72
C ILE RA 115 -41.79 -6.61 -34.89
N PHE RA 116 -40.93 -5.78 -34.29
CA PHE RA 116 -41.33 -4.43 -34.00
C PHE RA 116 -41.12 -3.47 -35.14
N TRP RA 117 -40.85 -3.98 -36.34
CA TRP RA 117 -40.65 -3.11 -37.49
C TRP RA 117 -41.58 -3.41 -38.65
N VAL RA 118 -42.37 -4.41 -38.55
CA VAL RA 118 -43.34 -4.67 -39.58
C VAL RA 118 -44.69 -4.16 -39.07
N ARG RA 119 -45.41 -3.49 -39.96
CA ARG RA 119 -46.74 -3.02 -39.66
C ARG RA 119 -47.60 -4.19 -39.24
N LYS RA 120 -48.51 -3.95 -38.33
CA LYS RA 120 -49.17 -5.12 -37.77
C LYS RA 120 -50.66 -5.15 -38.11
N PRO RA 121 -51.24 -6.33 -38.24
CA PRO RA 121 -52.70 -6.43 -38.45
C PRO RA 121 -53.52 -5.82 -37.35
N LEU RA 122 -53.19 -6.00 -36.08
CA LEU RA 122 -53.89 -5.26 -35.03
C LEU RA 122 -53.79 -3.76 -35.28
N ASP RA 123 -52.64 -3.28 -35.73
CA ASP RA 123 -52.50 -1.86 -36.00
C ASP RA 123 -53.46 -1.42 -37.10
N ARG RA 124 -53.29 -1.98 -38.29
CA ARG RA 124 -54.11 -1.55 -39.41
C ARG RA 124 -55.58 -1.75 -39.16
N MET RA 125 -55.94 -2.68 -38.28
CA MET RA 125 -57.33 -2.78 -37.91
C MET RA 125 -57.75 -1.68 -36.96
N GLU RA 126 -56.87 -1.19 -36.08
CA GLU RA 126 -57.24 0.01 -35.33
C GLU RA 126 -57.49 1.20 -36.26
N LYS RA 127 -56.61 1.39 -37.24
CA LYS RA 127 -56.76 2.46 -38.22
C LYS RA 127 -58.07 2.32 -38.99
N GLU RA 128 -58.33 1.13 -39.53
CA GLU RA 128 -59.62 0.82 -40.14
C GLU RA 128 -60.78 1.11 -39.20
N TYR RA 129 -60.67 0.75 -37.93
CA TYR RA 129 -61.76 0.99 -36.98
C TYR RA 129 -62.09 2.45 -36.90
N TYR RA 130 -61.08 3.28 -36.76
CA TYR RA 130 -61.37 4.69 -36.60
C TYR RA 130 -61.93 5.28 -37.87
N GLU RA 131 -61.39 4.90 -39.03
CA GLU RA 131 -61.98 5.35 -40.28
C GLU RA 131 -63.46 5.00 -40.35
N LEU RA 132 -63.81 3.77 -39.97
CA LEU RA 132 -65.20 3.35 -40.01
C LEU RA 132 -66.05 4.16 -39.04
N LYS RA 133 -65.63 4.26 -37.79
CA LYS RA 133 -66.46 4.97 -36.83
C LYS RA 133 -66.59 6.45 -37.17
N ARG RA 134 -65.63 7.03 -37.89
CA ARG RA 134 -65.87 8.37 -38.37
C ARG RA 134 -66.74 8.40 -39.62
N LYS RA 135 -66.78 7.32 -40.39
CA LYS RA 135 -67.78 7.21 -41.43
C LYS RA 135 -69.15 6.94 -40.85
N GLY RA 136 -69.24 6.70 -39.55
CA GLY RA 136 -70.52 6.75 -38.90
C GLY RA 136 -71.12 5.43 -38.52
N ILE RA 137 -70.37 4.34 -38.64
CA ILE RA 137 -70.88 3.05 -38.22
C ILE RA 137 -70.73 2.92 -36.71
N ALA RA 138 -71.75 2.36 -36.06
CA ALA RA 138 -71.74 2.24 -34.62
C ALA RA 138 -70.56 1.42 -34.14
N HIS RA 139 -70.34 1.43 -32.82
CA HIS RA 139 -69.18 0.76 -32.26
C HIS RA 139 -69.21 -0.73 -32.55
N SER RA 140 -70.29 -1.39 -32.15
CA SER RA 140 -70.41 -2.82 -32.34
C SER RA 140 -70.29 -3.22 -33.79
N GLU RA 141 -70.87 -2.45 -34.70
CA GLU RA 141 -70.82 -2.81 -36.11
C GLU RA 141 -69.48 -2.55 -36.76
N ALA RA 142 -68.80 -1.47 -36.39
CA ALA RA 142 -67.40 -1.34 -36.79
C ALA RA 142 -66.56 -2.48 -36.25
N ILE RA 143 -66.88 -3.00 -35.06
CA ILE RA 143 -66.19 -4.19 -34.59
C ILE RA 143 -66.33 -5.32 -35.60
N LYS RA 144 -67.56 -5.64 -35.99
CA LYS RA 144 -67.75 -6.76 -36.90
C LYS RA 144 -67.09 -6.49 -38.24
N LYS RA 145 -67.25 -5.26 -38.77
CA LYS RA 145 -66.74 -4.99 -40.11
C LYS RA 145 -65.24 -5.01 -40.16
N VAL RA 146 -64.58 -4.50 -39.13
CA VAL RA 146 -63.15 -4.66 -38.99
C VAL RA 146 -62.76 -6.14 -38.99
N LEU RA 147 -63.42 -6.94 -38.16
CA LEU RA 147 -63.04 -8.34 -38.09
C LEU RA 147 -63.30 -9.07 -39.39
N GLU RA 148 -64.41 -8.76 -40.06
CA GLU RA 148 -64.71 -9.41 -41.32
C GLU RA 148 -63.73 -9.00 -42.41
N GLY RA 149 -63.35 -7.72 -42.46
CA GLY RA 149 -62.32 -7.30 -43.40
C GLY RA 149 -60.97 -7.95 -43.15
N PHE RA 150 -60.62 -8.17 -41.88
CA PHE RA 150 -59.41 -8.92 -41.58
C PHE RA 150 -59.50 -10.37 -42.01
N TYR RA 151 -60.55 -11.07 -41.57
CA TYR RA 151 -60.78 -12.44 -42.00
C TYR RA 151 -60.75 -12.56 -43.50
N LYS RA 152 -61.33 -11.60 -44.22
CA LYS RA 152 -61.32 -11.64 -45.67
C LYS RA 152 -59.90 -11.53 -46.21
N GLU RA 153 -59.17 -10.52 -45.78
CA GLU RA 153 -57.81 -10.35 -46.27
C GLU RA 153 -56.91 -11.49 -45.82
N LEU RA 154 -57.40 -12.33 -44.92
CA LEU RA 154 -56.68 -13.56 -44.60
C LEU RA 154 -57.06 -14.69 -45.55
N ALA RA 155 -58.36 -14.91 -45.74
CA ALA RA 155 -58.83 -15.88 -46.70
C ALA RA 155 -58.18 -15.71 -48.07
N VAL RA 156 -57.89 -14.48 -48.48
CA VAL RA 156 -57.28 -14.27 -49.79
C VAL RA 156 -55.92 -14.95 -49.87
N LYS RA 157 -55.01 -14.61 -48.97
CA LYS RA 157 -53.69 -15.22 -49.03
C LYS RA 157 -53.77 -16.71 -48.81
N LYS RA 158 -54.62 -17.15 -47.90
CA LYS RA 158 -54.71 -18.58 -47.65
C LYS RA 158 -55.16 -19.32 -48.88
N ARG RA 159 -56.01 -18.72 -49.71
CA ARG RA 159 -56.38 -19.34 -50.97
C ARG RA 159 -55.28 -19.29 -52.03
N VAL RA 160 -54.50 -18.22 -52.08
CA VAL RA 160 -53.43 -18.21 -53.09
C VAL RA 160 -52.38 -19.26 -52.79
N ALA RA 161 -52.03 -19.42 -51.52
CA ALA RA 161 -51.21 -20.59 -51.19
C ALA RA 161 -51.92 -21.90 -51.52
N ALA RA 162 -53.21 -22.05 -51.17
CA ALA RA 162 -53.99 -23.23 -51.51
C ALA RA 162 -54.04 -23.52 -53.00
N VAL RA 163 -53.74 -22.53 -53.83
CA VAL RA 163 -53.46 -22.78 -55.24
C VAL RA 163 -52.06 -23.35 -55.40
N GLN RA 164 -51.06 -22.65 -54.89
CA GLN RA 164 -49.71 -23.20 -55.04
C GLN RA 164 -49.55 -24.50 -54.28
N ALA RA 165 -50.38 -24.72 -53.25
CA ALA RA 165 -50.42 -25.97 -52.52
C ALA RA 165 -51.03 -27.11 -53.31
N GLU RA 166 -51.71 -26.80 -54.41
CA GLU RA 166 -52.11 -27.79 -55.39
C GLU RA 166 -51.05 -27.97 -56.46
N GLU RA 167 -50.47 -26.87 -56.94
CA GLU RA 167 -49.55 -26.97 -58.06
C GLU RA 167 -48.28 -27.70 -57.68
N ALA RA 168 -47.65 -27.33 -56.58
CA ALA RA 168 -46.45 -28.04 -56.22
C ALA RA 168 -46.70 -29.52 -55.95
N LYS RA 169 -47.86 -29.85 -55.39
CA LYS RA 169 -48.19 -31.26 -55.19
C LYS RA 169 -48.23 -31.99 -56.51
N LEU RA 170 -49.02 -31.50 -57.46
CA LEU RA 170 -49.06 -32.12 -58.77
C LEU RA 170 -47.77 -31.95 -59.55
N SER RA 171 -46.78 -31.25 -58.99
CA SER RA 171 -45.44 -31.25 -59.55
C SER RA 171 -44.54 -32.30 -58.90
N GLY RA 172 -45.01 -33.01 -57.90
CA GLY RA 172 -44.38 -34.23 -57.44
C GLY RA 172 -43.43 -34.21 -56.27
N ARG RA 173 -42.61 -33.17 -56.14
CA ARG RA 173 -41.57 -33.12 -55.11
C ARG RA 173 -42.05 -32.49 -53.80
N PHE RA 174 -43.33 -32.47 -53.53
CA PHE RA 174 -43.88 -31.85 -52.34
C PHE RA 174 -44.88 -32.80 -51.70
N ILE RA 175 -45.03 -32.72 -50.38
CA ILE RA 175 -45.69 -33.76 -49.62
C ILE RA 175 -46.79 -33.16 -48.76
N THR RA 176 -47.55 -34.02 -48.10
CA THR RA 176 -48.68 -33.67 -47.24
C THR RA 176 -48.87 -34.77 -46.18
N MET RA 177 -50.06 -34.82 -45.56
CA MET RA 177 -50.28 -35.76 -44.47
C MET RA 177 -50.44 -37.20 -44.94
N ARG RA 178 -51.30 -37.49 -45.91
CA ARG RA 178 -51.36 -38.89 -46.33
C ARG RA 178 -50.34 -39.22 -47.41
N GLU RA 179 -49.50 -38.26 -47.78
CA GLU RA 179 -48.35 -38.48 -48.63
C GLU RA 179 -47.05 -38.69 -47.85
N ALA RA 180 -47.02 -38.32 -46.57
CA ALA RA 180 -45.89 -38.65 -45.70
C ALA RA 180 -46.27 -39.60 -44.58
N THR RA 181 -47.56 -39.88 -44.41
CA THR RA 181 -48.00 -40.82 -43.39
C THR RA 181 -47.43 -42.20 -43.63
N VAL RA 182 -47.18 -42.55 -44.90
CA VAL RA 182 -46.46 -43.78 -45.17
C VAL RA 182 -45.04 -43.72 -44.67
N VAL RA 183 -44.42 -42.53 -44.57
CA VAL RA 183 -43.06 -42.44 -44.06
C VAL RA 183 -43.04 -42.53 -42.54
N LEU RA 184 -44.07 -41.97 -41.91
CA LEU RA 184 -44.38 -42.27 -40.52
C LEU RA 184 -44.59 -43.77 -40.29
N ASN RA 185 -45.21 -44.47 -41.24
CA ASN RA 185 -45.28 -45.93 -41.18
C ASN RA 185 -43.94 -46.61 -41.42
N VAL RA 186 -43.15 -46.13 -42.39
CA VAL RA 186 -41.80 -46.64 -42.60
C VAL RA 186 -41.05 -46.70 -41.29
N LEU RA 187 -40.94 -45.55 -40.62
CA LEU RA 187 -40.19 -45.53 -39.38
C LEU RA 187 -40.88 -46.37 -38.30
N ALA RA 188 -42.22 -46.35 -38.27
CA ALA RA 188 -42.96 -47.15 -37.31
C ALA RA 188 -42.56 -48.60 -37.34
N GLN RA 189 -42.66 -49.23 -38.50
CA GLN RA 189 -42.34 -50.65 -38.57
C GLN RA 189 -40.85 -50.91 -38.60
N LEU RA 190 -40.02 -49.97 -39.06
CA LEU RA 190 -38.59 -50.18 -38.92
C LEU RA 190 -38.17 -50.28 -37.47
N HIS RA 191 -38.87 -49.58 -36.58
CA HIS RA 191 -38.53 -49.77 -35.17
C HIS RA 191 -39.38 -50.87 -34.56
N ARG RA 192 -40.45 -51.29 -35.23
CA ARG RA 192 -41.27 -52.35 -34.69
C ARG RA 192 -40.64 -53.72 -34.97
N GLU RA 193 -40.51 -54.08 -36.24
CA GLU RA 193 -39.83 -55.30 -36.66
C GLU RA 193 -38.45 -54.93 -37.16
N GLN RA 194 -37.47 -54.96 -36.25
CA GLN RA 194 -36.13 -54.45 -36.48
C GLN RA 194 -35.54 -54.90 -37.82
N LEU RA 195 -34.66 -54.09 -38.41
CA LEU RA 195 -34.02 -54.40 -39.68
C LEU RA 195 -32.50 -54.28 -39.60
N THR RA 196 -31.82 -55.09 -40.41
CA THR RA 196 -30.38 -54.93 -40.67
C THR RA 196 -30.22 -54.12 -41.97
N PRO RA 197 -29.03 -53.57 -42.21
CA PRO RA 197 -28.84 -52.78 -43.45
C PRO RA 197 -29.18 -53.50 -44.74
N HIS RA 198 -28.65 -54.71 -44.98
CA HIS RA 198 -28.94 -55.34 -46.27
C HIS RA 198 -30.40 -55.72 -46.38
N GLN RA 199 -31.04 -56.07 -45.26
CA GLN RA 199 -32.48 -56.26 -45.32
C GLN RA 199 -33.19 -54.96 -45.69
N VAL RA 200 -32.63 -53.83 -45.26
CA VAL RA 200 -33.19 -52.54 -45.66
C VAL RA 200 -33.00 -52.33 -47.16
N THR RA 201 -31.85 -52.70 -47.73
CA THR RA 201 -31.68 -52.52 -49.17
C THR RA 201 -32.56 -53.47 -49.96
N LEU RA 202 -32.82 -54.67 -49.42
CA LEU RA 202 -33.79 -55.56 -50.04
C LEU RA 202 -35.18 -54.95 -50.01
N LEU RA 203 -35.59 -54.38 -48.88
CA LEU RA 203 -36.90 -53.75 -48.81
C LEU RA 203 -36.98 -52.52 -49.71
N ALA RA 204 -35.88 -51.78 -49.85
CA ALA RA 204 -35.84 -50.63 -50.74
C ALA RA 204 -35.96 -51.02 -52.21
N ARG RA 205 -35.28 -52.09 -52.63
CA ARG RA 205 -35.54 -52.58 -53.98
C ARG RA 205 -36.96 -53.15 -54.10
N GLU RA 206 -37.51 -53.70 -53.02
CA GLU RA 206 -38.92 -54.09 -53.05
C GLU RA 206 -39.80 -52.88 -53.33
N GLN RA 207 -39.52 -51.76 -52.70
CA GLN RA 207 -40.35 -50.57 -52.88
C GLN RA 207 -39.97 -49.78 -54.12
N HIS RA 208 -38.92 -50.18 -54.83
CA HIS RA 208 -38.71 -49.66 -56.17
C HIS RA 208 -39.27 -50.58 -57.26
N GLN RA 209 -39.55 -51.84 -56.94
CA GLN RA 209 -40.32 -52.69 -57.85
C GLN RA 209 -41.82 -52.56 -57.63
N ALA RA 210 -42.24 -52.11 -56.45
CA ALA RA 210 -43.63 -51.75 -56.22
C ALA RA 210 -43.91 -50.29 -56.50
N THR RA 211 -43.02 -49.61 -57.22
CA THR RA 211 -43.16 -48.20 -57.50
C THR RA 211 -43.49 -47.94 -58.97
N GLU RA 212 -42.64 -48.39 -59.88
CA GLU RA 212 -42.83 -48.06 -61.30
C GLU RA 212 -43.53 -49.17 -62.08
N LYS RA 213 -43.99 -50.21 -61.41
CA LYS RA 213 -44.74 -51.27 -62.10
C LYS RA 213 -45.91 -51.83 -61.30
N ALA RA 214 -45.96 -51.63 -59.98
CA ALA RA 214 -47.06 -52.20 -59.25
C ALA RA 214 -48.37 -51.57 -59.70
N SER RA 215 -49.42 -52.38 -59.80
CA SER RA 215 -50.69 -51.91 -60.32
C SER RA 215 -51.84 -52.51 -59.51
N GLY RA 216 -52.96 -51.80 -59.51
CA GLY RA 216 -54.03 -52.06 -58.58
C GLY RA 216 -54.97 -53.18 -59.01
N LEU RA 217 -56.13 -53.20 -58.33
CA LEU RA 217 -57.21 -54.16 -58.57
C LEU RA 217 -56.77 -55.60 -58.31
N THR RA 218 -56.30 -55.83 -57.10
CA THR RA 218 -55.81 -57.15 -56.71
C THR RA 218 -56.97 -58.02 -56.21
N ALA RA 219 -56.93 -59.32 -56.54
CA ALA RA 219 -57.98 -60.26 -56.17
C ALA RA 219 -57.41 -61.38 -55.32
N THR RA 220 -58.30 -62.19 -54.73
CA THR RA 220 -57.93 -63.35 -53.95
C THR RA 220 -59.07 -64.36 -53.94
N VAL RA 221 -58.71 -65.63 -53.82
CA VAL RA 221 -59.63 -66.77 -53.84
C VAL RA 221 -60.01 -67.13 -52.42
N SER RA 222 -61.26 -67.55 -52.25
CA SER RA 222 -61.80 -67.92 -50.95
C SER RA 222 -61.75 -69.43 -50.77
N TYR RA 268 -60.56 -73.44 -58.82
CA TYR RA 268 -61.05 -72.08 -58.64
C TYR RA 268 -62.57 -72.09 -58.48
N GLN RA 269 -63.04 -71.60 -57.34
CA GLN RA 269 -64.45 -71.72 -56.99
C GLN RA 269 -65.08 -70.38 -56.64
N VAL RA 270 -64.34 -69.52 -55.93
CA VAL RA 270 -64.85 -68.24 -55.46
C VAL RA 270 -63.70 -67.24 -55.41
N GLU RA 271 -63.88 -66.08 -56.03
CA GLU RA 271 -62.83 -65.08 -56.15
C GLU RA 271 -63.42 -63.70 -55.90
N VAL RA 272 -62.59 -62.78 -55.38
CA VAL RA 272 -63.02 -61.44 -54.99
C VAL RA 272 -61.89 -60.44 -55.17
N LYS RA 273 -62.17 -59.28 -55.76
CA LYS RA 273 -61.14 -58.33 -56.17
C LYS RA 273 -61.44 -56.92 -55.69
N HIS RA 274 -60.43 -56.25 -55.13
CA HIS RA 274 -60.53 -54.87 -54.65
C HIS RA 274 -59.21 -54.16 -54.92
N SER RA 275 -59.24 -52.84 -54.80
CA SER RA 275 -58.19 -51.94 -55.28
C SER RA 275 -57.03 -51.81 -54.29
N ALA RA 276 -55.85 -51.48 -54.83
CA ALA RA 276 -54.59 -51.51 -54.09
C ALA RA 276 -53.95 -50.10 -53.97
N ARG RA 277 -52.85 -50.04 -53.23
CA ARG RA 277 -52.16 -48.80 -52.88
C ARG RA 277 -51.54 -48.16 -54.11
N ASP RA 278 -51.03 -46.94 -53.95
CA ASP RA 278 -50.63 -46.18 -55.12
C ASP RA 278 -49.34 -46.74 -55.70
N SER RA 279 -48.91 -46.12 -56.79
CA SER RA 279 -47.68 -46.46 -57.49
C SER RA 279 -47.42 -45.39 -58.53
N VAL RA 280 -46.45 -45.64 -59.41
CA VAL RA 280 -46.27 -44.83 -60.60
C VAL RA 280 -47.17 -45.39 -61.70
N ARG RA 281 -47.51 -46.67 -61.62
CA ARG RA 281 -48.25 -47.25 -62.73
C ARG RA 281 -49.71 -46.81 -62.71
N GLN RA 282 -50.23 -46.44 -61.55
CA GLN RA 282 -51.58 -45.87 -61.56
C GLN RA 282 -51.59 -44.50 -62.25
N LEU RA 283 -50.48 -43.76 -62.21
CA LEU RA 283 -50.30 -42.62 -63.10
C LEU RA 283 -50.13 -43.04 -64.55
N HIS RA 284 -49.37 -44.10 -64.79
CA HIS RA 284 -49.22 -44.62 -66.13
C HIS RA 284 -50.58 -44.90 -66.77
N GLU RA 285 -51.55 -45.31 -65.97
CA GLU RA 285 -52.87 -45.61 -66.51
C GLU RA 285 -53.84 -44.43 -66.40
N LYS RA 286 -53.57 -43.44 -65.55
CA LYS RA 286 -54.46 -42.28 -65.52
C LYS RA 286 -54.06 -41.20 -66.52
N SER RA 287 -52.83 -41.26 -67.07
CA SER RA 287 -52.45 -40.28 -68.08
C SER RA 287 -53.14 -40.49 -69.41
N THR RA 288 -53.66 -41.70 -69.66
CA THR RA 288 -54.29 -42.08 -70.93
C THR RA 288 -55.77 -42.38 -70.75
N ASP RA 289 -56.51 -41.49 -70.08
CA ASP RA 289 -57.96 -41.63 -69.88
C ASP RA 289 -58.32 -42.99 -69.31
N ASP RA 290 -57.30 -43.73 -68.87
CA ASP RA 290 -57.42 -45.16 -68.54
C ASP RA 290 -57.78 -45.99 -69.77
N THR RA 291 -57.28 -45.60 -70.94
CA THR RA 291 -57.50 -46.33 -72.19
C THR RA 291 -56.26 -47.05 -72.72
N GLY RA 292 -55.07 -46.65 -72.30
CA GLY RA 292 -53.86 -47.26 -72.82
C GLY RA 292 -53.44 -46.77 -74.19
N SER RA 293 -54.30 -46.06 -74.90
CA SER RA 293 -53.98 -45.55 -76.23
C SER RA 293 -53.81 -44.03 -76.15
N PRO RA 294 -52.58 -43.53 -76.23
CA PRO RA 294 -52.30 -42.12 -75.90
C PRO RA 294 -52.83 -41.10 -76.89
N ASP RA 295 -53.63 -41.55 -77.84
CA ASP RA 295 -54.21 -40.69 -78.85
C ASP RA 295 -55.70 -40.50 -78.59
N TRP RA 296 -56.06 -40.35 -77.31
CA TRP RA 296 -57.43 -40.07 -76.90
C TRP RA 296 -57.80 -38.60 -77.03
N TYR RA 297 -56.82 -37.72 -77.18
CA TYR RA 297 -57.11 -36.30 -77.31
C TYR RA 297 -57.46 -36.02 -78.76
N THR RA 298 -58.74 -36.15 -79.08
CA THR RA 298 -59.24 -35.92 -80.43
C THR RA 298 -59.47 -34.45 -80.73
N GLY RA 299 -59.14 -33.56 -79.81
CA GLY RA 299 -59.39 -32.15 -79.98
C GLY RA 299 -58.17 -31.37 -80.43
N ALA RA 300 -58.16 -30.10 -80.06
CA ALA RA 300 -57.09 -29.18 -80.46
C ALA RA 300 -55.74 -29.72 -80.04
N SER RA 301 -54.84 -29.88 -81.01
CA SER RA 301 -53.51 -30.37 -80.74
C SER RA 301 -52.73 -30.23 -82.03
N PRO RA 302 -51.44 -29.94 -81.98
CA PRO RA 302 -50.64 -29.97 -83.20
C PRO RA 302 -50.21 -31.40 -83.49
N VAL RA 303 -49.99 -31.68 -84.77
CA VAL RA 303 -49.62 -33.02 -85.20
C VAL RA 303 -48.24 -32.95 -85.84
N TYR RA 304 -47.53 -34.08 -85.82
CA TYR RA 304 -46.24 -34.21 -86.46
C TYR RA 304 -46.28 -35.41 -87.39
N ASN RA 305 -46.12 -35.18 -88.69
CA ASN RA 305 -46.04 -36.23 -89.69
C ASN RA 305 -44.71 -36.17 -90.42
N ARG SA 10 -7.08 21.11 48.07
CA ARG SA 10 -7.62 22.37 47.61
C ARG SA 10 -6.59 23.47 47.79
N TYR SA 11 -6.67 24.18 48.91
CA TYR SA 11 -5.71 25.25 49.18
C TYR SA 11 -4.31 24.66 49.13
N PRO SA 12 -3.42 25.21 48.32
CA PRO SA 12 -2.13 24.54 48.08
C PRO SA 12 -1.19 24.56 49.26
N PHE SA 13 -1.44 25.38 50.28
CA PHE SA 13 -0.47 25.56 51.34
C PHE SA 13 -1.05 25.17 52.69
N ASN SA 14 -2.04 24.29 52.72
CA ASN SA 14 -2.45 23.68 53.96
C ASN SA 14 -1.54 22.49 54.28
N LYS SA 15 -1.31 22.26 55.56
CA LYS SA 15 -0.42 21.22 56.09
C LYS SA 15 1.04 21.48 55.79
N ARG SA 16 1.37 22.47 54.95
CA ARG SA 16 2.76 22.81 54.64
C ARG SA 16 2.76 23.99 53.70
N GLY SA 17 3.80 24.81 53.78
CA GLY SA 17 3.91 25.97 52.95
C GLY SA 17 4.65 25.69 51.66
N PRO SA 18 5.05 26.74 50.95
CA PRO SA 18 5.79 26.57 49.70
C PRO SA 18 7.09 25.85 49.96
N ARG SA 19 7.26 24.70 49.31
CA ARG SA 19 8.52 23.99 49.43
C ARG SA 19 9.63 24.84 48.85
N GLU SA 20 10.52 25.27 49.74
CA GLU SA 20 11.56 26.23 49.39
C GLU SA 20 12.73 25.55 48.71
N ARG SA 21 12.52 24.34 48.20
CA ARG SA 21 13.61 23.42 47.91
C ARG SA 21 14.53 23.96 46.83
N LYS SA 22 15.80 24.10 47.22
CA LYS SA 22 16.82 24.75 46.41
C LYS SA 22 16.21 25.95 45.71
N SER SA 23 15.74 26.88 46.54
CA SER SA 23 15.10 28.08 46.02
C SER SA 23 16.02 28.81 45.06
N TRP SA 24 17.33 28.68 45.25
CA TRP SA 24 18.30 29.18 44.29
C TRP SA 24 18.88 28.09 43.42
N LYS SA 25 18.54 26.82 43.68
CA LYS SA 25 18.92 25.65 42.90
C LYS SA 25 20.35 25.78 42.38
N HIS SA 26 21.27 25.74 43.34
CA HIS SA 26 22.64 26.15 43.12
C HIS SA 26 23.40 25.28 42.13
N HIS SA 27 22.89 24.12 41.75
CA HIS SA 27 23.63 23.28 40.81
C HIS SA 27 23.72 23.94 39.45
N VAL SA 28 22.71 24.73 39.09
CA VAL SA 28 22.75 25.47 37.84
C VAL SA 28 23.70 26.65 37.93
N LEU SA 29 24.31 26.88 39.10
CA LEU SA 29 25.23 27.98 39.33
C LEU SA 29 26.66 27.53 39.46
N THR SA 30 26.90 26.59 40.37
CA THR SA 30 28.24 26.25 40.82
C THR SA 30 29.09 25.70 39.68
N ASP SA 31 30.30 26.24 39.55
CA ASP SA 31 31.23 25.83 38.50
C ASP SA 31 32.63 25.62 39.07
N PRO SA 32 32.84 24.52 39.78
CA PRO SA 32 34.22 24.13 40.15
C PRO SA 32 35.11 24.03 38.93
N PRO SA 33 34.63 23.46 37.77
CA PRO SA 33 35.38 23.63 36.51
C PRO SA 33 34.99 24.92 35.83
N LYS SA 34 35.88 25.90 35.85
CA LYS SA 34 35.65 27.20 35.29
C LYS SA 34 36.86 27.59 34.47
N PRO SA 35 36.73 27.82 33.17
CA PRO SA 35 37.86 28.28 32.39
C PRO SA 35 38.49 29.54 32.98
N ILE SA 36 39.82 29.57 32.92
CA ILE SA 36 40.68 30.53 33.61
C ILE SA 36 41.64 31.10 32.58
N GLN SA 37 42.67 31.79 33.05
CA GLN SA 37 43.81 32.15 32.22
C GLN SA 37 44.35 30.99 31.39
N TRP SA 38 43.99 29.73 31.70
CA TRP SA 38 44.47 28.58 30.95
C TRP SA 38 43.54 28.17 29.82
N ARG SA 39 42.87 29.12 29.16
CA ARG SA 39 42.15 28.83 27.93
C ARG SA 39 43.13 28.39 26.84
N ASP SA 40 42.67 27.53 25.97
CA ASP SA 40 43.53 26.99 24.92
C ASP SA 40 43.64 27.98 23.77
N PRO SA 41 44.85 28.37 23.36
CA PRO SA 41 44.97 29.18 22.13
C PRO SA 41 44.72 28.39 20.87
N LYS SA 42 44.24 27.16 20.98
CA LYS SA 42 43.84 26.39 19.81
C LYS SA 42 42.34 26.15 19.77
N VAL SA 43 41.62 26.52 20.81
CA VAL SA 43 40.19 26.30 20.86
C VAL SA 43 39.44 27.53 21.33
N TRP SA 44 40.12 28.55 21.82
CA TRP SA 44 39.48 29.80 22.16
C TRP SA 44 39.88 30.89 21.18
N THR SA 45 39.04 31.91 21.10
CA THR SA 45 39.23 33.00 20.16
C THR SA 45 40.53 33.74 20.44
N LYS SA 46 40.95 34.56 19.47
CA LYS SA 46 42.15 35.38 19.67
C LYS SA 46 42.05 36.25 20.90
N ASP SA 47 40.84 36.59 21.34
CA ASP SA 47 40.65 37.25 22.62
C ASP SA 47 40.70 36.28 23.77
N LEU SA 48 40.56 34.99 23.51
CA LEU SA 48 40.42 33.98 24.54
C LEU SA 48 39.23 34.28 25.44
N THR SA 49 38.10 34.59 24.82
CA THR SA 49 36.84 34.80 25.53
C THR SA 49 35.71 33.95 24.99
N THR SA 50 35.76 33.55 23.73
CA THR SA 50 34.68 32.77 23.13
C THR SA 50 35.24 31.54 22.44
N MET SA 51 34.58 30.41 22.65
CA MET SA 51 35.10 29.13 22.20
C MET SA 51 34.81 28.92 20.73
N LYS SA 52 35.87 28.90 19.91
CA LYS SA 52 35.70 28.51 18.52
C LYS SA 52 35.08 27.13 18.46
N SER SA 53 33.94 27.04 17.78
CA SER SA 53 33.20 25.78 17.71
C SER SA 53 33.61 25.04 16.46
N PHE SA 54 33.46 23.73 16.48
CA PHE SA 54 34.04 22.83 15.49
C PHE SA 54 32.99 21.90 14.88
N ASP SA 55 31.87 22.46 14.45
CA ASP SA 55 31.00 21.76 13.51
C ASP SA 55 31.34 22.26 12.11
N ALA SA 56 30.82 21.60 11.10
CA ALA SA 56 31.29 21.83 9.74
C ALA SA 56 31.16 23.31 9.38
N PRO SA 57 32.02 23.82 8.49
CA PRO SA 57 31.90 25.23 8.11
C PRO SA 57 30.69 25.41 7.21
N GLN SA 58 29.63 25.98 7.76
CA GLN SA 58 28.53 26.38 6.92
C GLN SA 58 28.98 27.54 6.06
N TRP SA 59 28.33 27.72 4.91
CA TRP SA 59 28.70 28.86 4.10
C TRP SA 59 27.78 30.04 4.31
N ASP SA 60 26.91 29.98 5.31
CA ASP SA 60 25.97 31.06 5.56
C ASP SA 60 26.29 31.78 6.88
N LEU SA 61 27.56 32.03 7.13
CA LEU SA 61 27.92 32.82 8.29
C LEU SA 61 27.95 34.30 7.98
N TRP SA 62 28.45 34.69 6.80
CA TRP SA 62 28.47 36.08 6.42
C TRP SA 62 27.10 36.72 6.57
N GLN SA 63 26.05 35.92 6.64
CA GLN SA 63 24.70 36.44 6.70
C GLN SA 63 24.10 36.36 8.08
N SER SA 64 24.90 36.13 9.10
CA SER SA 64 24.46 36.37 10.47
C SER SA 64 25.51 37.07 11.31
N ARG SA 65 26.69 37.32 10.77
CA ARG SA 65 27.71 38.05 11.50
C ARG SA 65 28.04 39.31 10.73
N ALA SA 66 28.16 40.41 11.47
CA ALA SA 66 28.28 41.73 10.88
C ALA SA 66 29.71 42.14 10.66
N ARG SA 67 30.61 41.18 10.47
CA ARG SA 67 32.00 41.50 10.22
C ARG SA 67 32.13 42.18 8.86
N SER SA 68 32.17 43.50 8.86
CA SER SA 68 32.07 44.29 7.65
C SER SA 68 33.17 43.99 6.65
N GLU SA 69 34.14 43.16 7.01
CA GLU SA 69 35.10 42.65 6.05
C GLU SA 69 34.55 41.46 5.30
N ASP SA 70 33.35 41.01 5.65
CA ASP SA 70 32.72 39.91 4.91
C ASP SA 70 32.57 40.27 3.46
N ILE SA 71 31.68 41.19 3.16
CA ILE SA 71 31.22 41.36 1.79
C ILE SA 71 32.26 42.10 0.96
N ASP SA 72 33.43 42.35 1.54
CA ASP SA 72 34.58 42.67 0.70
C ASP SA 72 34.80 41.63 -0.39
N GLU SA 73 34.66 40.35 -0.07
CA GLU SA 73 34.79 39.29 -1.05
C GLU SA 73 33.47 38.56 -1.15
N ALA SA 74 33.42 37.55 -2.02
CA ALA SA 74 32.18 36.88 -2.39
C ALA SA 74 31.96 35.56 -1.67
N LEU SA 75 32.89 34.61 -1.78
CA LEU SA 75 32.70 33.29 -1.24
C LEU SA 75 33.18 33.25 0.20
N GLN SA 76 32.60 32.36 0.98
CA GLN SA 76 32.81 32.33 2.41
C GLN SA 76 34.21 31.86 2.84
N PRO SA 77 34.78 30.82 2.24
CA PRO SA 77 36.16 30.46 2.57
C PRO SA 77 37.17 31.41 2.01
N PHE SA 78 36.76 32.55 1.48
CA PHE SA 78 37.67 33.62 1.17
C PHE SA 78 37.30 34.89 1.89
N MET SA 79 36.11 34.95 2.47
CA MET SA 79 35.79 36.03 3.38
C MET SA 79 36.18 35.70 4.80
N ASP SA 80 36.37 34.43 5.10
CA ASP SA 80 36.94 34.01 6.37
C ASP SA 80 38.45 34.09 6.39
N MET SA 81 39.07 34.15 5.23
CA MET SA 81 40.51 34.11 5.13
C MET SA 81 41.12 35.30 5.88
N PRO SA 82 42.27 35.11 6.52
CA PRO SA 82 42.93 36.21 7.21
C PRO SA 82 43.70 37.10 6.25
N GLN SA 83 44.03 38.30 6.73
CA GLN SA 83 44.59 39.31 5.85
C GLN SA 83 46.08 39.11 5.61
N SER SA 84 46.82 38.66 6.62
CA SER SA 84 48.21 38.30 6.36
C SER SA 84 48.31 37.26 5.26
N LEU SA 85 47.30 36.41 5.15
CA LEU SA 85 47.17 35.49 4.04
C LEU SA 85 46.75 36.19 2.76
N LYS SA 86 45.66 36.95 2.80
CA LYS SA 86 45.14 37.62 1.61
C LYS SA 86 46.16 38.53 0.98
N ASP SA 87 47.22 38.90 1.70
CA ASP SA 87 48.30 39.59 1.02
C ASP SA 87 49.12 38.66 0.15
N ARG SA 88 49.15 37.37 0.49
CA ARG SA 88 49.87 36.38 -0.31
C ARG SA 88 49.13 36.01 -1.57
N ARG SA 89 47.89 36.47 -1.73
CA ARG SA 89 47.11 36.26 -2.94
C ARG SA 89 47.70 37.10 -4.05
N TYR SA 90 48.27 36.45 -5.06
CA TYR SA 90 49.01 37.14 -6.10
C TYR SA 90 48.18 37.27 -7.38
N ASP SA 91 48.31 38.43 -8.02
CA ASP SA 91 47.60 38.75 -9.25
C ASP SA 91 48.29 38.09 -10.44
N ILE SA 92 47.69 37.02 -10.96
CA ILE SA 92 48.17 36.34 -12.16
C ILE SA 92 46.98 35.97 -13.03
N PRO SA 93 46.99 36.26 -14.33
CA PRO SA 93 45.75 36.25 -15.10
C PRO SA 93 45.12 34.86 -15.20
N TRP SA 94 43.87 34.83 -15.70
CA TRP SA 94 42.88 33.85 -15.25
C TRP SA 94 43.20 32.41 -15.61
N TRP SA 95 43.66 32.12 -16.83
CA TRP SA 95 43.94 30.71 -17.12
C TRP SA 95 45.17 30.20 -16.41
N ALA SA 96 45.69 30.96 -15.45
CA ALA SA 96 46.74 30.48 -14.57
C ALA SA 96 46.20 30.04 -13.21
N ASN SA 97 44.91 30.18 -12.94
CA ASN SA 97 44.32 29.40 -11.88
C ASN SA 97 44.04 27.99 -12.39
N PRO SA 98 44.59 26.96 -11.74
CA PRO SA 98 44.44 25.58 -12.25
C PRO SA 98 43.02 25.11 -12.45
N PHE SA 99 42.01 25.92 -12.13
CA PHE SA 99 40.70 25.67 -12.70
C PHE SA 99 40.39 26.60 -13.83
N GLY SA 100 40.88 27.83 -13.79
CA GLY SA 100 40.76 28.66 -14.97
C GLY SA 100 41.33 27.99 -16.19
N ALA SA 101 42.43 27.27 -16.03
CA ALA SA 101 43.04 26.60 -17.17
C ALA SA 101 42.14 25.54 -17.74
N TRP SA 102 41.71 24.59 -16.92
CA TRP SA 102 40.78 23.57 -17.37
C TRP SA 102 39.58 24.21 -18.01
N TYR SA 103 39.12 25.33 -17.46
CA TYR SA 103 37.98 26.00 -18.04
C TYR SA 103 38.27 26.47 -19.44
N LEU SA 104 39.36 27.21 -19.63
CA LEU SA 104 39.73 27.62 -20.98
C LEU SA 104 39.78 26.42 -21.90
N GLN SA 105 40.34 25.33 -21.42
CA GLN SA 105 40.51 24.12 -22.24
C GLN SA 105 39.18 23.52 -22.66
N ASN SA 106 38.32 23.25 -21.70
CA ASN SA 106 37.16 22.41 -21.89
C ASN SA 106 35.90 23.21 -22.15
N ILE SA 107 36.02 24.52 -22.17
CA ILE SA 107 34.92 25.42 -22.51
C ILE SA 107 35.32 26.37 -23.63
N LEU SA 108 36.28 27.24 -23.38
CA LEU SA 108 36.50 28.37 -24.26
C LEU SA 108 37.46 28.01 -25.40
N SER SA 109 38.26 26.96 -25.22
CA SER SA 109 39.12 26.47 -26.30
C SER SA 109 38.37 25.35 -27.02
N VAL SA 110 37.28 25.73 -27.68
CA VAL SA 110 36.45 24.76 -28.37
C VAL SA 110 37.16 24.11 -29.55
N GLU SA 111 38.03 24.83 -30.24
CA GLU SA 111 38.67 24.25 -31.44
C GLU SA 111 39.45 23.01 -31.09
N LEU SA 112 39.98 22.93 -29.87
CA LEU SA 112 40.66 21.75 -29.37
C LEU SA 112 39.70 20.59 -29.21
N LEU SA 113 38.43 20.79 -29.47
CA LEU SA 113 37.46 19.71 -29.47
C LEU SA 113 37.32 19.22 -30.90
N LYS SA 114 37.07 17.93 -31.07
CA LYS SA 114 36.79 17.37 -32.38
C LYS SA 114 35.51 16.56 -32.30
N LEU SA 115 34.78 16.56 -33.33
CA LEU SA 115 33.55 15.81 -33.44
C LEU SA 115 33.81 14.41 -33.97
N PRO SA 116 32.83 13.52 -33.90
CA PRO SA 116 32.85 12.31 -34.71
C PRO SA 116 32.96 12.68 -36.18
N SER SA 117 34.07 12.31 -36.81
CA SER SA 117 34.26 12.60 -38.23
C SER SA 117 33.32 11.74 -39.06
N ARG SA 118 32.68 12.37 -40.02
CA ARG SA 118 31.61 11.74 -40.78
C ARG SA 118 32.16 10.81 -41.83
N THR SA 119 31.40 9.77 -42.15
CA THR SA 119 31.65 9.08 -43.40
C THR SA 119 30.87 9.76 -44.50
N ASN SA 120 31.15 9.39 -45.74
CA ASN SA 120 30.52 10.12 -46.83
C ASN SA 120 29.16 9.55 -47.17
N ALA SA 121 28.96 8.25 -46.99
CA ALA SA 121 27.59 7.76 -46.98
C ALA SA 121 26.77 8.43 -45.89
N GLU SA 122 27.38 8.65 -44.73
CA GLU SA 122 26.80 9.42 -43.65
C GLU SA 122 26.46 10.84 -44.07
N LYS SA 123 27.41 11.56 -44.67
CA LYS SA 123 27.15 12.94 -45.10
C LYS SA 123 26.01 13.00 -46.08
N VAL SA 124 26.10 12.22 -47.15
CA VAL SA 124 25.06 12.26 -48.16
C VAL SA 124 23.72 11.82 -47.58
N ALA SA 125 23.69 10.82 -46.71
CA ALA SA 125 22.40 10.32 -46.26
C ALA SA 125 21.76 11.26 -45.24
N ILE SA 126 22.54 11.88 -44.39
CA ILE SA 126 21.94 12.83 -43.47
C ILE SA 126 21.45 14.07 -44.21
N TYR SA 127 22.18 14.51 -45.22
CA TYR SA 127 21.62 15.50 -46.13
C TYR SA 127 20.30 15.05 -46.72
N ARG SA 128 20.23 13.82 -47.22
CA ARG SA 128 19.04 13.34 -47.94
C ARG SA 128 17.84 13.13 -47.04
N ASN SA 129 18.04 12.81 -45.77
CA ASN SA 129 16.90 12.63 -44.89
C ASN SA 129 16.69 13.82 -43.96
N GLN SA 130 17.45 14.89 -44.15
CA GLN SA 130 17.12 16.19 -43.57
C GLN SA 130 16.45 17.13 -44.55
N LYS SA 131 17.07 17.37 -45.72
CA LYS SA 131 16.54 18.33 -46.69
C LYS SA 131 15.20 17.88 -47.24
N HIS SA 132 14.81 16.62 -46.96
CA HIS SA 132 13.42 16.21 -47.13
C HIS SA 132 13.16 15.04 -46.18
N SER SA 133 12.30 15.27 -45.20
CA SER SA 133 11.87 14.22 -44.31
C SER SA 133 10.78 13.39 -44.97
N LEU SA 134 11.14 12.21 -45.45
CA LEU SA 134 10.16 11.39 -46.15
C LEU SA 134 9.34 10.58 -45.16
N SER SA 135 8.66 9.57 -45.69
CA SER SA 135 7.88 8.71 -44.83
C SER SA 135 8.76 7.64 -44.19
N SER SA 136 8.41 7.29 -42.95
CA SER SA 136 8.95 6.12 -42.26
C SER SA 136 10.46 6.19 -42.07
N LYS SA 137 10.96 7.27 -41.47
CA LYS SA 137 12.38 7.38 -41.21
C LYS SA 137 12.73 6.68 -39.88
N LYS SA 138 13.91 6.07 -39.86
CA LYS SA 138 14.49 5.58 -38.62
C LYS SA 138 14.80 6.75 -37.71
N LYS SA 139 15.03 6.45 -36.43
CA LYS SA 139 15.36 7.52 -35.49
C LYS SA 139 16.86 7.78 -35.39
N GLY SA 140 17.66 7.14 -36.26
CA GLY SA 140 19.10 7.27 -36.26
C GLY SA 140 19.69 8.36 -37.13
N GLU SA 141 18.87 9.13 -37.83
CA GLU SA 141 19.37 10.17 -38.73
C GLU SA 141 19.21 11.58 -38.18
N ALA SA 142 18.93 11.75 -36.88
CA ALA SA 142 18.37 13.01 -36.41
C ALA SA 142 19.21 13.70 -35.35
N ALA SA 143 20.32 13.12 -34.88
CA ALA SA 143 21.10 13.74 -33.82
C ALA SA 143 22.13 14.68 -34.43
N GLN SA 144 21.91 15.98 -34.27
CA GLN SA 144 22.64 17.01 -35.00
C GLN SA 144 23.98 17.27 -34.35
N ASP SA 145 24.89 17.84 -35.14
CA ASP SA 145 26.24 18.05 -34.67
C ASP SA 145 26.36 19.16 -33.64
N ASP SA 146 25.46 20.13 -33.63
CA ASP SA 146 25.49 21.13 -32.57
C ASP SA 146 24.95 20.59 -31.25
N GLU SA 147 23.85 19.84 -31.28
CA GLU SA 147 23.46 19.13 -30.08
C GLU SA 147 24.55 18.19 -29.63
N ILE SA 148 25.31 17.63 -30.55
CA ILE SA 148 26.37 16.72 -30.15
C ILE SA 148 27.52 17.47 -29.51
N LEU SA 149 27.91 18.62 -30.06
CA LEU SA 149 28.92 19.45 -29.40
C LEU SA 149 28.48 19.86 -28.00
N ALA SA 150 27.23 20.26 -27.83
CA ALA SA 150 26.80 20.69 -26.52
C ALA SA 150 26.65 19.54 -25.55
N ASN SA 151 26.26 18.36 -26.00
CA ASN SA 151 26.28 17.19 -25.14
C ASN SA 151 27.68 16.80 -24.74
N ILE SA 152 28.65 16.96 -25.62
CA ILE SA 152 30.04 16.65 -25.28
C ILE SA 152 30.56 17.61 -24.24
N ILE SA 153 30.26 18.90 -24.38
CA ILE SA 153 30.65 19.85 -23.33
C ILE SA 153 29.94 19.54 -22.02
N LYS SA 154 28.68 19.14 -22.08
CA LYS SA 154 28.03 18.71 -20.85
C LYS SA 154 28.76 17.55 -20.21
N GLU SA 155 29.21 16.58 -21.01
CA GLU SA 155 29.97 15.49 -20.43
C GLU SA 155 31.32 15.93 -19.88
N ARG SA 156 31.98 16.88 -20.53
CA ARG SA 156 33.17 17.49 -19.97
C ARG SA 156 32.92 18.02 -18.56
N TRP SA 157 31.94 18.89 -18.41
CA TRP SA 157 31.62 19.43 -17.10
C TRP SA 157 31.14 18.35 -16.16
N ARG SA 158 30.62 17.27 -16.68
CA ARG SA 158 30.15 16.24 -15.78
C ARG SA 158 31.32 15.47 -15.18
N THR SA 159 32.34 15.22 -15.97
CA THR SA 159 33.45 14.39 -15.54
C THR SA 159 34.63 15.18 -15.05
N LEU SA 160 34.53 16.51 -15.01
CA LEU SA 160 35.48 17.31 -14.23
C LEU SA 160 35.42 16.81 -12.80
N GLU SA 161 36.58 16.66 -12.16
CA GLU SA 161 36.65 16.08 -10.83
C GLU SA 161 37.51 16.96 -9.93
N PHE SA 162 37.34 16.78 -8.62
CA PHE SA 162 38.01 17.65 -7.66
C PHE SA 162 38.96 16.86 -6.77
N GLY SA 163 40.14 17.42 -6.55
CA GLY SA 163 41.13 16.82 -5.70
C GLY SA 163 42.46 17.49 -5.94
N ASP SA 164 43.46 17.10 -5.16
CA ASP SA 164 44.78 17.67 -5.31
C ASP SA 164 45.25 17.44 -6.74
N ARG SA 165 45.81 18.48 -7.35
CA ARG SA 165 46.11 18.36 -8.76
C ARG SA 165 47.35 17.52 -9.04
N ASP SA 166 48.05 17.06 -8.01
CA ASP SA 166 49.18 16.16 -8.23
C ASP SA 166 48.78 14.89 -8.95
N ALA SA 167 47.54 14.46 -8.79
CA ALA SA 167 47.00 13.30 -9.50
C ALA SA 167 46.43 13.78 -10.83
N GLY SA 168 45.72 12.92 -11.54
CA GLY SA 168 45.19 13.30 -12.83
C GLY SA 168 44.11 14.34 -12.81
N TYR SA 169 43.99 15.08 -11.72
CA TYR SA 169 42.84 15.96 -11.54
C TYR SA 169 43.09 17.31 -12.20
N PRO SA 170 42.06 17.93 -12.76
CA PRO SA 170 42.23 19.29 -13.28
C PRO SA 170 42.46 20.29 -12.19
N CYS SA 171 41.79 20.15 -11.05
CA CYS SA 171 42.00 21.11 -9.98
C CYS SA 171 41.30 20.67 -8.71
N THR SA 172 41.65 21.36 -7.64
CA THR SA 172 41.08 21.13 -6.34
C THR SA 172 39.91 22.07 -6.11
N PHE SA 173 39.17 21.77 -5.05
CA PHE SA 173 38.13 22.69 -4.62
C PHE SA 173 38.69 24.09 -4.41
N SER SA 174 39.89 24.19 -3.83
CA SER SA 174 40.47 25.50 -3.64
C SER SA 174 40.68 26.22 -4.95
N ASP SA 175 41.32 25.59 -5.92
CA ASP SA 175 41.53 26.23 -7.20
C ASP SA 175 40.23 26.70 -7.82
N TYR SA 176 39.22 25.84 -7.85
CA TYR SA 176 37.98 26.18 -8.55
C TYR SA 176 37.23 27.29 -7.84
N ILE SA 177 37.03 27.17 -6.52
CA ILE SA 177 36.30 28.24 -5.87
C ILE SA 177 37.13 29.50 -5.76
N GLN SA 178 38.45 29.42 -5.85
CA GLN SA 178 39.21 30.64 -5.92
C GLN SA 178 38.94 31.37 -7.22
N PHE SA 179 38.88 30.63 -8.33
CA PHE SA 179 38.49 31.27 -9.58
C PHE SA 179 37.10 31.83 -9.49
N LEU SA 180 36.19 31.06 -8.92
CA LEU SA 180 34.83 31.53 -8.74
C LEU SA 180 34.81 32.84 -7.99
N ASN SA 181 35.67 33.00 -6.99
CA ASN SA 181 35.61 34.19 -6.17
C ASN SA 181 36.15 35.40 -6.90
N GLU SA 182 37.30 35.27 -7.54
CA GLU SA 182 37.75 36.39 -8.35
C GLU SA 182 36.68 36.79 -9.35
N TRP SA 183 36.00 35.81 -9.93
CA TRP SA 183 35.03 36.14 -10.96
C TRP SA 183 33.80 36.80 -10.37
N PHE SA 184 33.20 36.18 -9.37
CA PHE SA 184 32.02 36.72 -8.75
C PHE SA 184 32.28 38.08 -8.12
N LYS SA 185 33.53 38.42 -7.84
CA LYS SA 185 33.80 39.81 -7.49
C LYS SA 185 33.85 40.67 -8.73
N SER SA 186 34.37 40.14 -9.83
CA SER SA 186 34.44 40.88 -11.09
C SER SA 186 33.07 41.26 -11.64
N LEU SA 187 32.03 40.51 -11.31
CA LEU SA 187 30.73 40.67 -11.95
C LEU SA 187 30.10 42.03 -11.68
N ASP SA 188 29.75 42.73 -12.75
CA ASP SA 188 29.11 44.04 -12.72
C ASP SA 188 27.59 43.86 -12.70
N GLU SA 189 26.83 44.91 -12.98
CA GLU SA 189 25.38 44.76 -13.09
C GLU SA 189 25.01 43.74 -14.17
N GLU SA 190 25.22 44.10 -15.43
CA GLU SA 190 24.81 43.24 -16.53
C GLU SA 190 25.44 41.87 -16.44
N GLY SA 191 26.65 41.77 -15.91
CA GLY SA 191 27.20 40.48 -15.60
C GLY SA 191 26.33 39.75 -14.60
N MET SA 192 25.87 40.47 -13.58
CA MET SA 192 25.04 39.82 -12.59
C MET SA 192 23.65 39.56 -13.10
N GLN SA 193 23.12 40.38 -14.00
CA GLN SA 193 21.87 40.00 -14.64
C GLN SA 193 22.02 38.69 -15.38
N ARG SA 194 23.05 38.56 -16.19
CA ARG SA 194 23.22 37.32 -16.92
C ARG SA 194 23.49 36.16 -15.98
N LEU SA 195 24.23 36.38 -14.90
CA LEU SA 195 24.48 35.27 -13.98
C LEU SA 195 23.21 34.87 -13.23
N ARG SA 196 22.46 35.83 -12.71
CA ARG SA 196 21.25 35.44 -12.01
C ARG SA 196 20.24 34.82 -12.94
N GLU SA 197 20.20 35.21 -14.21
CA GLU SA 197 19.36 34.47 -15.14
C GLU SA 197 19.87 33.05 -15.30
N HIS SA 198 21.20 32.88 -15.33
CA HIS SA 198 21.73 31.53 -15.38
C HIS SA 198 21.22 30.71 -14.21
N PHE SA 199 21.29 31.28 -13.00
CA PHE SA 199 20.81 30.57 -11.84
C PHE SA 199 19.35 30.22 -12.01
N ASP SA 200 18.55 31.21 -12.41
CA ASP SA 200 17.10 31.09 -12.48
C ASP SA 200 16.64 30.05 -13.49
N ARG SA 201 17.36 29.90 -14.60
CA ARG SA 201 16.94 28.95 -15.60
C ARG SA 201 17.51 27.56 -15.34
N ARG SA 202 18.74 27.45 -14.86
CA ARG SA 202 19.38 26.16 -14.69
C ARG SA 202 19.15 25.57 -13.30
N ILE SA 203 19.60 26.25 -12.26
CA ILE SA 203 19.65 25.62 -10.94
C ILE SA 203 18.30 25.70 -10.25
N ARG SA 204 17.75 26.88 -10.19
CA ARG SA 204 16.56 27.22 -9.41
C ARG SA 204 15.38 26.31 -9.72
N PRO SA 205 15.18 25.88 -10.95
CA PRO SA 205 14.12 24.89 -11.17
C PRO SA 205 14.44 23.53 -10.60
N LEU SA 206 15.70 23.24 -10.29
CA LEU SA 206 16.03 21.96 -9.68
C LEU SA 206 15.92 21.99 -8.18
N LEU SA 207 16.06 23.15 -7.56
CA LEU SA 207 15.97 23.23 -6.12
C LEU SA 207 14.58 22.86 -5.64
N ALA SA 208 13.60 22.88 -6.52
CA ALA SA 208 12.25 22.53 -6.10
C ALA SA 208 11.95 21.07 -6.36
N VAL SA 209 12.78 20.40 -7.15
CA VAL SA 209 12.57 19.00 -7.48
C VAL SA 209 13.64 18.18 -6.79
N MET SA 210 14.47 18.86 -6.00
CA MET SA 210 15.48 18.20 -5.19
C MET SA 210 14.87 17.06 -4.41
N SER SA 211 15.68 16.09 -4.04
CA SER SA 211 15.13 15.01 -3.24
C SER SA 211 16.17 14.55 -2.22
N PRO SA 212 15.72 14.08 -1.06
CA PRO SA 212 16.65 13.43 -0.14
C PRO SA 212 17.17 12.14 -0.68
N VAL SA 213 16.79 11.77 -1.90
CA VAL SA 213 17.39 10.63 -2.57
C VAL SA 213 18.66 11.05 -3.26
N ASP SA 214 18.66 12.22 -3.88
CA ASP SA 214 19.79 12.60 -4.70
C ASP SA 214 20.89 13.28 -3.91
N ILE SA 215 20.89 13.17 -2.58
CA ILE SA 215 21.97 13.81 -1.83
C ILE SA 215 23.31 13.24 -2.19
N LEU SA 216 23.36 11.96 -2.48
CA LEU SA 216 24.59 11.36 -2.98
C LEU SA 216 25.01 11.92 -4.32
N TRP SA 217 24.10 11.94 -5.30
CA TRP SA 217 24.47 12.43 -6.62
C TRP SA 217 24.85 13.90 -6.58
N LEU SA 218 24.23 14.66 -5.69
CA LEU SA 218 24.56 16.08 -5.57
C LEU SA 218 26.00 16.27 -5.12
N GLU SA 219 26.34 15.69 -3.97
CA GLU SA 219 27.69 15.73 -3.47
C GLU SA 219 28.68 15.12 -4.44
N ALA SA 220 28.22 14.21 -5.28
CA ALA SA 220 29.05 13.70 -6.36
C ALA SA 220 29.44 14.78 -7.34
N LEU SA 221 28.66 15.84 -7.48
CA LEU SA 221 28.92 16.83 -8.52
C LEU SA 221 30.29 17.46 -8.34
N THR SA 222 30.61 17.84 -7.12
CA THR SA 222 31.93 18.31 -6.77
C THR SA 222 32.76 17.23 -6.07
N GLN SA 223 32.26 15.99 -6.07
CA GLN SA 223 32.96 14.85 -5.52
C GLN SA 223 33.17 14.99 -4.02
N ASN SA 224 32.29 15.72 -3.37
CA ASN SA 224 32.31 15.80 -1.93
C ASN SA 224 32.04 14.43 -1.33
N SER SA 225 32.23 14.32 -0.02
CA SER SA 225 31.97 13.08 0.70
C SER SA 225 31.07 13.35 1.89
N PRO SA 226 29.82 12.94 1.86
CA PRO SA 226 28.91 13.22 2.98
C PRO SA 226 29.36 12.50 4.24
N HIS SA 227 28.95 13.05 5.37
CA HIS SA 227 29.49 12.58 6.65
C HIS SA 227 29.15 11.12 6.88
N ASN SA 228 27.97 10.69 6.45
CA ASN SA 228 27.49 9.33 6.68
C ASN SA 228 27.50 8.52 5.39
N LYS SA 229 28.51 8.75 4.56
CA LYS SA 229 28.47 8.30 3.18
C LYS SA 229 27.96 6.88 3.04
N GLU SA 230 28.25 6.02 4.02
CA GLU SA 230 27.86 4.62 3.90
C GLU SA 230 26.38 4.43 4.22
N GLN SA 231 25.88 5.07 5.27
CA GLN SA 231 24.47 4.99 5.59
C GLN SA 231 23.63 5.56 4.47
N LEU SA 232 24.10 6.66 3.90
CA LEU SA 232 23.50 7.18 2.68
C LEU SA 232 23.52 6.15 1.57
N GLN SA 233 24.68 5.85 1.00
CA GLN SA 233 24.75 4.91 -0.11
C GLN SA 233 23.79 3.76 0.11
N ARG SA 234 23.70 3.26 1.33
CA ARG SA 234 22.79 2.16 1.60
C ARG SA 234 21.34 2.57 1.41
N ARG SA 235 20.86 3.58 2.12
CA ARG SA 235 19.44 3.89 1.99
C ARG SA 235 19.13 4.45 0.62
N ILE SA 236 19.89 5.45 0.18
CA ILE SA 236 19.73 5.99 -1.16
C ILE SA 236 19.70 4.89 -2.21
N ALA SA 237 20.50 3.83 -2.06
CA ALA SA 237 20.36 2.69 -2.94
C ALA SA 237 19.03 2.02 -2.77
N PHE SA 238 18.55 1.86 -1.53
CA PHE SA 238 17.23 1.26 -1.35
C PHE SA 238 16.12 2.11 -1.96
N GLN SA 239 16.11 3.41 -1.71
CA GLN SA 239 15.08 4.24 -2.29
C GLN SA 239 15.15 4.25 -3.80
N THR SA 240 16.34 4.47 -4.36
CA THR SA 240 16.49 4.40 -5.80
C THR SA 240 16.11 3.03 -6.37
N SER SA 241 16.23 1.97 -5.58
CA SER SA 241 15.66 0.72 -6.02
C SER SA 241 14.16 0.79 -6.11
N LEU SA 242 13.51 1.44 -5.14
CA LEU SA 242 12.05 1.46 -5.11
C LEU SA 242 11.42 2.17 -6.29
N GLY SA 243 12.20 2.70 -7.22
CA GLY SA 243 11.58 3.31 -8.36
C GLY SA 243 12.49 3.24 -9.57
N THR SA 244 11.88 3.27 -10.72
CA THR SA 244 12.52 3.13 -12.01
C THR SA 244 13.80 3.96 -12.10
N PRO SA 245 14.81 3.46 -12.80
CA PRO SA 245 16.04 4.24 -12.98
C PRO SA 245 15.82 5.60 -13.62
N GLU SA 246 14.75 5.77 -14.40
CA GLU SA 246 14.38 7.08 -14.90
C GLU SA 246 13.57 7.87 -13.90
N PHE SA 247 12.90 7.21 -12.97
CA PHE SA 247 12.04 7.89 -12.03
C PHE SA 247 12.82 8.62 -10.97
N PHE SA 248 14.13 8.42 -10.90
CA PHE SA 248 14.95 8.99 -9.84
C PHE SA 248 16.21 9.69 -10.31
N ASP SA 249 16.38 9.93 -11.59
CA ASP SA 249 17.57 10.63 -12.04
C ASP SA 249 17.25 12.09 -12.28
N MET SA 250 17.76 12.96 -11.41
CA MET SA 250 17.45 14.37 -11.52
C MET SA 250 17.95 14.97 -12.81
N SER SA 251 18.76 14.23 -13.58
CA SER SA 251 19.18 14.69 -14.90
C SER SA 251 18.02 14.72 -15.89
N LYS SA 252 16.85 14.24 -15.51
CA LYS SA 252 15.72 14.16 -16.43
C LYS SA 252 14.41 14.47 -15.73
N ARG SA 253 14.39 15.48 -14.86
CA ARG SA 253 13.17 15.82 -14.17
C ARG SA 253 12.56 17.14 -14.61
N LEU SA 254 12.99 17.68 -15.74
CA LEU SA 254 12.42 18.90 -16.28
C LEU SA 254 12.11 18.73 -17.76
N ARG SA 255 11.61 17.56 -18.17
CA ARG SA 255 11.60 17.27 -19.58
C ARG SA 255 10.24 17.41 -20.25
N TYR SA 256 9.25 17.95 -19.56
CA TYR SA 256 7.95 18.17 -20.16
C TYR SA 256 7.49 19.58 -19.82
N GLU SA 257 6.75 20.19 -20.73
CA GLU SA 257 6.20 21.52 -20.54
C GLU SA 257 4.73 21.48 -20.87
N ILE SA 258 3.87 21.99 -19.98
CA ILE SA 258 2.48 22.04 -20.36
C ILE SA 258 2.30 23.01 -21.50
N ASN SA 259 1.31 22.74 -22.34
CA ASN SA 259 1.05 23.58 -23.52
C ASN SA 259 2.25 23.60 -24.45
N GLU SA 260 2.51 22.44 -25.05
CA GLU SA 260 3.72 22.26 -25.84
C GLU SA 260 3.69 22.96 -27.20
N ASP SA 261 2.67 23.78 -27.48
CA ASP SA 261 2.58 24.41 -28.80
C ASP SA 261 3.24 25.77 -28.84
N TYR SA 262 3.07 26.56 -27.81
CA TYR SA 262 3.76 27.84 -27.70
C TYR SA 262 4.96 27.64 -26.81
N LYS SA 263 6.07 27.22 -27.39
CA LYS SA 263 7.28 27.05 -26.64
C LYS SA 263 7.94 28.41 -26.47
N VAL SA 264 8.95 28.46 -25.62
CA VAL SA 264 9.67 29.70 -25.41
C VAL SA 264 10.80 29.88 -26.41
N ARG SA 265 11.25 28.81 -27.06
CA ARG SA 265 12.36 28.95 -28.01
C ARG SA 265 11.95 29.78 -29.22
N ASP SA 266 10.65 29.90 -29.48
CA ASP SA 266 10.19 30.68 -30.61
C ASP SA 266 9.56 31.99 -30.18
N GLU SA 267 9.88 32.48 -29.00
CA GLU SA 267 9.49 33.81 -28.61
C GLU SA 267 10.68 34.69 -28.31
N LEU SA 268 11.87 34.13 -28.31
CA LEU SA 268 13.07 34.92 -28.17
C LEU SA 268 13.37 35.75 -29.42
N GLY SA 269 12.57 35.60 -30.46
CA GLY SA 269 12.59 36.49 -31.60
C GLY SA 269 11.31 37.28 -31.66
N PRO SA 270 11.40 38.57 -31.37
CA PRO SA 270 10.20 39.36 -31.17
C PRO SA 270 9.28 39.33 -32.38
N GLU SA 271 8.05 38.87 -32.17
CA GLU SA 271 7.09 38.69 -33.24
C GLU SA 271 6.78 40.03 -33.88
N LEU SA 272 6.95 40.11 -35.21
CA LEU SA 272 6.81 41.35 -35.95
C LEU SA 272 7.56 42.47 -35.24
N PHE SA 273 8.80 42.20 -34.88
CA PHE SA 273 9.52 43.15 -34.06
C PHE SA 273 9.58 44.51 -34.71
N ALA SA 274 10.25 44.62 -35.85
CA ALA SA 274 10.48 45.91 -36.44
C ALA SA 274 9.25 46.52 -37.05
N LEU SA 275 8.05 46.04 -36.70
CA LEU SA 275 6.80 46.69 -37.04
C LEU SA 275 6.18 47.41 -35.85
N TRP SA 276 6.39 46.93 -34.63
CA TRP SA 276 5.98 47.73 -33.50
C TRP SA 276 7.17 48.40 -32.81
N SER SA 277 8.39 48.12 -33.23
CA SER SA 277 9.48 49.00 -32.88
C SER SA 277 9.52 50.21 -33.79
N LYS SA 278 8.55 50.32 -34.68
CA LYS SA 278 8.55 51.41 -35.64
C LYS SA 278 7.46 52.42 -35.39
N ALA SA 279 6.43 52.08 -34.62
CA ALA SA 279 5.45 53.05 -34.15
C ALA SA 279 4.65 52.48 -33.00
N PRO SA 280 5.25 52.26 -31.84
CA PRO SA 280 4.53 51.60 -30.76
C PRO SA 280 3.41 52.40 -30.16
N GLU SA 281 2.98 53.47 -30.82
CA GLU SA 281 1.68 54.05 -30.50
C GLU SA 281 0.61 53.52 -31.44
N ARG SA 282 1.00 53.03 -32.61
CA ARG SA 282 0.08 52.45 -33.56
C ARG SA 282 -0.09 50.95 -33.38
N TRP SA 283 0.43 50.37 -32.32
CA TRP SA 283 0.53 48.93 -32.18
C TRP SA 283 0.20 48.46 -30.78
N PRO SA 284 -1.05 48.60 -30.35
CA PRO SA 284 -1.43 48.19 -29.01
C PRO SA 284 -1.24 46.70 -28.82
N PRO SA 285 -1.63 46.15 -27.67
CA PRO SA 285 -1.63 44.69 -27.53
C PRO SA 285 -2.67 43.98 -28.38
N GLU SA 286 -3.71 44.68 -28.81
CA GLU SA 286 -4.83 43.98 -29.42
C GLU SA 286 -4.55 43.64 -30.86
N ARG SA 287 -3.51 44.20 -31.44
CA ARG SA 287 -3.17 43.86 -32.82
C ARG SA 287 -2.44 42.52 -32.90
N LEU SA 288 -1.68 42.18 -31.86
CA LEU SA 288 -0.89 40.96 -31.79
C LEU SA 288 -1.49 39.91 -30.87
N SER SA 289 -2.49 40.25 -30.07
CA SER SA 289 -3.18 39.22 -29.30
C SER SA 289 -3.89 38.21 -30.20
N LYS SA 290 -3.80 38.38 -31.52
CA LYS SA 290 -4.20 37.33 -32.43
C LYS SA 290 -3.07 36.36 -32.69
N MET SA 291 -1.82 36.76 -32.46
CA MET SA 291 -0.68 35.90 -32.77
C MET SA 291 -0.62 34.66 -31.90
N TYR SA 292 -1.35 34.62 -30.80
CA TYR SA 292 -1.29 33.50 -29.88
C TYR SA 292 -2.70 33.07 -29.56
N GLY SA 293 -3.00 31.80 -29.80
CA GLY SA 293 -4.31 31.25 -29.52
C GLY SA 293 -4.46 30.78 -28.09
N LEU SA 294 -4.01 31.60 -27.15
CA LEU SA 294 -4.06 31.26 -25.75
C LEU SA 294 -5.06 32.17 -25.04
N ASP SA 295 -5.20 31.98 -23.73
CA ASP SA 295 -6.03 32.87 -22.95
C ASP SA 295 -5.52 34.29 -23.02
N PHE SA 296 -6.41 35.22 -22.74
CA PHE SA 296 -6.11 36.62 -23.00
C PHE SA 296 -5.07 37.16 -22.05
N THR SA 297 -5.23 36.94 -20.75
CA THR SA 297 -4.25 37.43 -19.81
C THR SA 297 -2.87 36.90 -20.10
N LEU SA 298 -2.73 35.61 -20.33
CA LEU SA 298 -1.46 35.03 -20.68
C LEU SA 298 -0.91 35.57 -21.99
N VAL SA 299 -1.78 35.95 -22.93
CA VAL SA 299 -1.27 36.51 -24.17
C VAL SA 299 -0.67 37.88 -23.96
N ARG SA 300 -1.32 38.74 -23.16
CA ARG SA 300 -0.73 40.04 -22.84
C ARG SA 300 0.55 39.85 -22.05
N LYS SA 301 0.57 38.86 -21.18
CA LYS SA 301 1.79 38.57 -20.45
C LYS SA 301 2.92 38.21 -21.39
N ILE SA 302 2.64 37.40 -22.42
CA ILE SA 302 3.65 37.12 -23.43
C ILE SA 302 4.06 38.38 -24.15
N LEU SA 303 3.11 39.25 -24.43
CA LEU SA 303 3.45 40.45 -25.19
C LEU SA 303 4.38 41.36 -24.43
N VAL SA 304 4.21 41.50 -23.12
CA VAL SA 304 5.10 42.40 -22.40
C VAL SA 304 6.49 41.80 -22.28
N TRP SA 305 6.58 40.51 -22.01
CA TRP SA 305 7.86 39.83 -22.09
C TRP SA 305 8.48 39.95 -23.45
N HIS SA 306 7.67 40.00 -24.50
CA HIS SA 306 8.20 40.15 -25.85
C HIS SA 306 8.79 41.52 -26.07
N HIS SA 307 8.05 42.57 -25.73
CA HIS SA 307 8.63 43.88 -25.86
C HIS SA 307 9.92 43.98 -25.06
N PHE SA 308 9.99 43.30 -23.93
CA PHE SA 308 11.23 43.33 -23.20
C PHE SA 308 12.35 42.63 -23.93
N LYS SA 309 12.13 41.42 -24.40
CA LYS SA 309 13.17 40.78 -25.18
C LYS SA 309 13.63 41.69 -26.29
N ALA SA 310 12.70 42.40 -26.93
CA ALA SA 310 13.03 43.23 -28.07
C ALA SA 310 13.84 44.45 -27.72
N CYS SA 311 13.42 45.18 -26.69
CA CYS SA 311 14.18 46.36 -26.28
C CYS SA 311 15.55 45.96 -25.77
N TYR SA 312 15.64 44.89 -24.97
CA TYR SA 312 16.95 44.38 -24.58
C TYR SA 312 17.82 44.10 -25.79
N ASP SA 313 17.28 43.46 -26.81
CA ASP SA 313 18.11 43.07 -27.93
C ASP SA 313 18.49 44.28 -28.79
N ALA SA 314 17.62 45.26 -28.90
CA ALA SA 314 18.06 46.49 -29.54
C ALA SA 314 19.02 47.26 -28.66
N CYS SA 315 19.19 46.82 -27.41
CA CYS SA 315 20.08 47.47 -26.45
C CYS SA 315 19.66 48.91 -26.27
N VAL SA 316 18.38 49.09 -26.00
CA VAL SA 316 17.81 50.39 -25.68
C VAL SA 316 17.05 50.25 -24.38
N GLU SA 317 16.74 51.34 -23.82
CA GLU SA 317 16.11 51.26 -22.53
C GLU SA 317 14.71 50.74 -22.70
N PRO SA 318 14.29 49.78 -21.90
CA PRO SA 318 12.89 49.37 -21.95
C PRO SA 318 12.03 50.45 -21.34
N ASP SA 319 10.74 50.41 -21.67
CA ASP SA 319 9.80 51.28 -20.98
C ASP SA 319 9.08 50.48 -19.91
N TRP SA 320 9.54 50.59 -18.67
CA TRP SA 320 8.92 49.85 -17.58
C TRP SA 320 7.50 50.26 -17.32
N THR SA 321 6.92 51.10 -18.15
CA THR SA 321 5.52 51.42 -18.01
C THR SA 321 4.67 50.61 -18.97
N LEU SA 322 5.26 49.70 -19.70
CA LEU SA 322 4.50 48.85 -20.60
C LEU SA 322 3.61 47.84 -19.85
N PRO SA 323 4.09 47.18 -18.80
CA PRO SA 323 3.18 46.35 -18.05
C PRO SA 323 1.98 47.11 -17.55
N LYS SA 324 2.20 48.33 -17.11
CA LYS SA 324 1.07 49.15 -16.69
C LYS SA 324 0.15 49.46 -17.86
N ARG SA 325 0.70 49.80 -19.01
CA ARG SA 325 -0.13 50.20 -20.14
C ARG SA 325 -0.83 49.00 -20.78
N LEU SA 326 -0.36 47.78 -20.51
CA LEU SA 326 -1.11 46.61 -20.99
C LEU SA 326 -2.17 46.15 -20.00
N PHE SA 327 -1.88 46.22 -18.71
CA PHE SA 327 -2.84 45.73 -17.72
C PHE SA 327 -3.51 46.88 -16.99
N ALA SA 328 -3.69 48.01 -17.66
CA ALA SA 328 -4.26 49.18 -17.01
C ALA SA 328 -5.48 48.81 -16.20
N LEU SA 329 -6.40 48.06 -16.77
CA LEU SA 329 -7.55 47.63 -15.98
C LEU SA 329 -7.09 46.98 -14.69
N GLU SA 330 -6.24 45.97 -14.81
CA GLU SA 330 -5.68 45.32 -13.65
C GLU SA 330 -4.87 46.27 -12.80
N TRP SA 331 -4.22 47.25 -13.41
CA TRP SA 331 -3.42 48.17 -12.63
C TRP SA 331 -4.28 49.00 -11.71
N ILE SA 332 -5.28 49.68 -12.28
CA ILE SA 332 -6.19 50.47 -11.48
C ILE SA 332 -7.00 49.61 -10.53
N ARG SA 333 -7.27 48.38 -10.88
CA ARG SA 333 -8.00 47.54 -9.95
C ARG SA 333 -7.14 47.15 -8.78
N ASP SA 334 -5.85 46.95 -8.99
CA ASP SA 334 -4.97 46.79 -7.84
C ASP SA 334 -4.90 48.06 -7.02
N VAL SA 335 -4.82 49.22 -7.67
CA VAL SA 335 -4.72 50.47 -6.93
C VAL SA 335 -5.93 50.66 -6.05
N ARG SA 336 -7.12 50.44 -6.60
CA ARG SA 336 -8.33 50.60 -5.82
C ARG SA 336 -8.55 49.47 -4.83
N ALA SA 337 -8.08 48.27 -5.14
CA ALA SA 337 -8.13 47.21 -4.17
C ALA SA 337 -7.29 47.53 -2.96
N ARG SA 338 -6.09 48.07 -3.17
CA ARG SA 338 -5.27 48.55 -2.07
C ARG SA 338 -5.95 49.65 -1.32
N LYS SA 339 -6.34 50.71 -2.00
CA LYS SA 339 -6.99 51.82 -1.36
C LYS SA 339 -8.23 51.37 -0.58
N HIS SA 340 -8.88 50.30 -1.02
CA HIS SA 340 -10.07 49.84 -0.31
C HIS SA 340 -9.72 48.95 0.86
N GLY SA 341 -9.17 47.77 0.58
CA GLY SA 341 -8.66 46.96 1.66
C GLY SA 341 -7.21 47.33 1.80
N LEU SA 342 -6.84 47.90 2.91
CA LEU SA 342 -5.55 48.55 3.03
C LEU SA 342 -4.48 47.48 3.06
N PHE SA 343 -4.02 47.12 1.88
CA PHE SA 343 -2.92 46.18 1.74
C PHE SA 343 -1.97 46.74 0.72
N TYR SA 344 -0.87 46.04 0.50
CA TYR SA 344 0.04 46.38 -0.56
C TYR SA 344 0.43 45.10 -1.29
N GLY SA 345 0.78 45.24 -2.55
CA GLY SA 345 1.07 44.08 -3.35
C GLY SA 345 0.11 43.96 -4.50
N LYS SA 346 -0.55 42.82 -4.62
CA LYS SA 346 -1.47 42.54 -5.70
C LYS SA 346 -2.66 41.76 -5.15
N MET SA 347 -3.84 42.02 -5.70
CA MET SA 347 -5.07 41.44 -5.19
C MET SA 347 -5.20 40.01 -5.68
N ARG SA 348 -5.58 39.10 -4.80
CA ARG SA 348 -5.81 37.74 -5.25
C ARG SA 348 -7.30 37.40 -5.20
N PHE SA 349 -7.69 36.57 -6.16
CA PHE SA 349 -9.07 36.18 -6.39
C PHE SA 349 -9.82 35.84 -5.11
N ALA SA 350 -9.14 35.58 -4.01
CA ALA SA 350 -9.89 35.31 -2.79
C ALA SA 350 -10.50 36.56 -2.20
N GLU SA 351 -10.07 37.74 -2.61
CA GLU SA 351 -10.50 39.00 -2.04
C GLU SA 351 -11.53 39.73 -2.90
N GLN SA 352 -11.86 39.19 -4.07
CA GLN SA 352 -12.75 39.85 -5.01
C GLN SA 352 -14.09 40.15 -4.36
N LYS SA 353 -14.88 40.98 -5.02
CA LYS SA 353 -16.25 41.18 -4.59
C LYS SA 353 -17.04 39.91 -4.87
N ILE SA 354 -18.14 39.74 -4.15
CA ILE SA 354 -18.98 38.56 -4.36
C ILE SA 354 -20.32 38.99 -4.91
N THR SA 355 -20.32 39.99 -5.77
CA THR SA 355 -21.52 40.33 -6.51
C THR SA 355 -21.81 39.25 -7.53
N PHE SA 356 -23.08 38.90 -7.68
CA PHE SA 356 -23.51 37.96 -8.71
C PHE SA 356 -24.27 38.74 -9.76
N TYR SA 357 -23.75 38.78 -10.97
CA TYR SA 357 -24.39 39.54 -12.02
C TYR SA 357 -25.40 38.69 -12.74
N SER SA 358 -26.56 39.27 -13.00
CA SER SA 358 -27.58 38.55 -13.73
C SER SA 358 -27.05 38.19 -15.11
N ASP SA 359 -27.75 37.26 -15.76
CA ASP SA 359 -27.20 36.63 -16.94
C ASP SA 359 -26.83 37.62 -18.03
N ARG SA 360 -27.57 38.72 -18.13
CA ARG SA 360 -27.38 39.68 -19.22
C ARG SA 360 -27.00 41.05 -18.71
N PHE SA 361 -26.13 41.12 -17.71
CA PHE SA 361 -25.64 42.40 -17.23
C PHE SA 361 -25.01 43.20 -18.35
N LEU SA 362 -24.33 42.52 -19.26
CA LEU SA 362 -23.49 43.17 -20.24
C LEU SA 362 -24.24 43.69 -21.43
N PHE SA 363 -25.57 43.73 -21.39
CA PHE SA 363 -26.21 44.24 -22.59
C PHE SA 363 -26.00 45.73 -22.73
N ARG SA 364 -26.08 46.48 -21.66
CA ARG SA 364 -25.85 47.90 -21.80
C ARG SA 364 -24.48 48.15 -22.39
N ASP SA 365 -23.46 47.56 -21.80
CA ASP SA 365 -22.12 47.72 -22.33
C ASP SA 365 -22.02 47.17 -23.74
N LEU SA 366 -22.82 46.16 -24.06
CA LEU SA 366 -22.67 45.49 -25.33
C LEU SA 366 -23.26 46.29 -26.48
N VAL SA 367 -24.39 46.94 -26.26
CA VAL SA 367 -24.88 47.83 -27.31
C VAL SA 367 -24.06 49.08 -27.43
N ASN SA 368 -23.56 49.62 -26.32
CA ASN SA 368 -22.65 50.75 -26.41
C ASN SA 368 -21.40 50.39 -27.18
N ARG SA 369 -20.96 49.15 -27.09
CA ARG SA 369 -19.83 48.71 -27.88
C ARG SA 369 -20.19 48.39 -29.32
N ARG SA 370 -21.37 47.84 -29.56
CA ARG SA 370 -21.75 47.53 -30.92
C ARG SA 370 -21.99 48.80 -31.72
N GLU SA 371 -22.42 49.87 -31.07
CA GLU SA 371 -22.72 51.07 -31.82
C GLU SA 371 -21.60 52.09 -31.81
N ALA SA 372 -20.84 52.21 -30.72
CA ALA SA 372 -19.86 53.27 -30.64
C ALA SA 372 -18.80 53.07 -31.71
N SER SA 373 -18.73 54.01 -32.65
CA SER SA 373 -17.67 54.05 -33.65
C SER SA 373 -16.69 55.14 -33.26
N TYR SA 374 -15.56 55.18 -33.93
CA TYR SA 374 -14.49 56.08 -33.54
C TYR SA 374 -13.90 56.76 -34.75
N ALA SA 375 -13.51 58.02 -34.56
CA ALA SA 375 -13.11 58.84 -35.69
C ALA SA 375 -12.04 58.16 -36.51
N ASN SA 376 -11.13 57.46 -35.87
CA ASN SA 376 -10.21 56.58 -36.57
C ASN SA 376 -9.75 55.50 -35.61
N VAL SA 377 -8.85 54.65 -36.09
CA VAL SA 377 -8.53 53.43 -35.37
C VAL SA 377 -7.92 53.72 -34.01
N TRP SA 378 -7.14 54.78 -33.90
CA TRP SA 378 -6.35 55.04 -32.70
C TRP SA 378 -7.17 55.53 -31.54
N GLU SA 379 -8.23 56.29 -31.80
CA GLU SA 379 -9.22 56.54 -30.77
C GLU SA 379 -9.99 55.28 -30.42
N MET SA 380 -10.13 54.35 -31.37
CA MET SA 380 -10.77 53.09 -31.06
C MET SA 380 -9.96 52.32 -30.04
N ASP SA 381 -8.66 52.22 -30.25
CA ASP SA 381 -7.78 51.53 -29.30
C ASP SA 381 -6.59 52.41 -28.97
N ASP SA 382 -6.66 53.09 -27.84
CA ASP SA 382 -5.52 53.73 -27.25
C ASP SA 382 -5.46 53.35 -25.77
N PRO SA 383 -4.30 53.44 -25.14
CA PRO SA 383 -4.17 52.90 -23.78
C PRO SA 383 -4.92 53.68 -22.73
N TYR SA 384 -5.48 54.84 -23.06
CA TYR SA 384 -6.21 55.62 -22.09
C TYR SA 384 -7.69 55.62 -22.37
N ARG SA 385 -8.19 54.55 -22.97
CA ARG SA 385 -9.63 54.43 -23.11
C ARG SA 385 -10.27 53.97 -21.82
N PHE SA 386 -9.49 53.46 -20.88
CA PHE SA 386 -10.05 53.14 -19.58
C PHE SA 386 -10.28 54.39 -18.76
N LEU SA 387 -9.33 55.32 -18.82
CA LEU SA 387 -9.22 56.41 -17.86
C LEU SA 387 -10.27 57.47 -18.16
N GLN SA 388 -11.19 57.67 -17.24
CA GLN SA 388 -12.34 58.52 -17.46
C GLN SA 388 -12.40 59.74 -16.56
N THR SA 389 -11.94 59.63 -15.33
CA THR SA 389 -12.00 60.74 -14.40
C THR SA 389 -10.63 60.98 -13.77
N GLU SA 390 -10.49 62.11 -13.09
CA GLU SA 390 -9.24 62.38 -12.41
C GLU SA 390 -8.89 61.28 -11.43
N GLN SA 391 -9.89 60.63 -10.84
CA GLN SA 391 -9.57 59.47 -10.03
C GLN SA 391 -8.87 58.41 -10.86
N ASP SA 392 -9.34 58.19 -12.08
CA ASP SA 392 -8.71 57.18 -12.94
C ASP SA 392 -7.29 57.59 -13.30
N TYR SA 393 -7.09 58.86 -13.63
CA TYR SA 393 -5.76 59.31 -14.01
C TYR SA 393 -4.79 59.31 -12.84
N GLU SA 394 -5.23 59.64 -11.64
CA GLU SA 394 -4.30 59.58 -10.52
C GLU SA 394 -4.01 58.15 -10.11
N ASP SA 395 -5.02 57.28 -10.10
CA ASP SA 395 -4.76 55.88 -9.79
C ASP SA 395 -3.90 55.23 -10.83
N TYR SA 396 -3.89 55.76 -12.05
CA TYR SA 396 -2.93 55.29 -13.02
C TYR SA 396 -1.55 55.89 -12.76
N TRP SA 397 -1.42 57.21 -12.87
CA TRP SA 397 -0.14 57.87 -12.73
C TRP SA 397 0.09 58.31 -11.29
N GLY SA 398 -0.08 57.39 -10.37
CA GLY SA 398 0.30 57.72 -9.01
C GLY SA 398 1.66 57.14 -8.76
N ASP SA 399 1.85 55.93 -9.27
CA ASP SA 399 3.17 55.32 -9.26
C ASP SA 399 4.18 56.25 -9.92
N ASN SA 400 3.76 56.98 -10.92
CA ASN SA 400 4.70 57.73 -11.74
C ASN SA 400 4.77 59.14 -11.20
N TYR SA 401 5.50 59.31 -10.10
CA TYR SA 401 5.55 60.63 -9.49
C TYR SA 401 6.10 61.69 -10.42
N ASP SA 402 6.96 61.33 -11.37
CA ASP SA 402 7.41 62.33 -12.31
C ASP SA 402 6.26 62.90 -13.12
N VAL SA 403 5.26 62.10 -13.43
CA VAL SA 403 4.08 62.60 -14.12
C VAL SA 403 3.08 63.20 -13.15
N TYR SA 404 2.88 62.57 -12.01
CA TYR SA 404 1.93 63.03 -11.02
C TYR SA 404 2.27 64.42 -10.53
N ARG SA 405 3.55 64.68 -10.25
CA ARG SA 405 3.92 65.96 -9.68
C ARG SA 405 3.48 67.10 -10.57
N ARG SA 406 3.75 67.01 -11.85
CA ARG SA 406 3.32 68.03 -12.78
C ARG SA 406 1.83 68.00 -13.01
N MET SA 407 1.23 66.81 -13.08
CA MET SA 407 -0.15 66.71 -13.53
C MET SA 407 -1.09 67.24 -12.47
N PHE SA 408 -0.84 66.92 -11.20
CA PHE SA 408 -1.73 67.28 -10.10
C PHE SA 408 -0.97 68.17 -9.13
N PRO SA 409 -0.54 69.36 -9.56
CA PRO SA 409 0.32 70.15 -8.69
C PRO SA 409 -0.35 70.62 -7.43
N GLU SA 410 -1.59 70.24 -7.17
CA GLU SA 410 -2.26 70.68 -5.97
C GLU SA 410 -1.88 69.87 -4.73
N MET SA 411 -1.70 68.56 -4.85
CA MET SA 411 -1.28 67.80 -3.69
C MET SA 411 0.07 68.25 -3.17
N ILE SA 412 0.93 68.77 -4.04
CA ILE SA 412 2.14 69.45 -3.61
C ILE SA 412 1.71 70.63 -2.74
N GLY SA 413 2.15 70.63 -1.49
CA GLY SA 413 1.89 71.76 -0.63
C GLY SA 413 2.88 72.87 -0.90
N LYS SA 414 2.38 74.05 -1.26
CA LYS SA 414 3.20 75.25 -1.23
C LYS SA 414 2.76 76.24 -0.15
N SER SA 415 1.47 76.54 -0.05
CA SER SA 415 0.99 77.64 0.77
C SER SA 415 0.61 77.15 2.15
N GLY SA 416 0.30 78.09 3.04
CA GLY SA 416 -0.17 77.77 4.37
C GLY SA 416 -0.73 79.00 5.04
N GLU SA 417 -1.05 78.84 6.31
CA GLU SA 417 -1.48 79.96 7.13
C GLU SA 417 -0.26 80.60 7.77
N PRO SA 418 0.04 81.86 7.51
CA PRO SA 418 1.20 82.47 8.15
C PRO SA 418 1.06 82.47 9.66
N VAL SA 419 2.20 82.56 10.34
CA VAL SA 419 2.21 82.80 11.78
C VAL SA 419 2.00 84.29 11.97
N GLN SA 420 0.81 84.66 12.40
CA GLN SA 420 0.46 86.05 12.48
C GLN SA 420 0.32 86.46 13.93
N GLN SA 421 1.20 87.34 14.36
CA GLN SA 421 1.12 87.84 15.72
C GLN SA 421 -0.02 88.83 15.79
N TYR SA 422 -0.71 88.83 16.91
CA TYR SA 422 -1.74 89.81 17.19
C TYR SA 422 -1.13 91.12 17.67
N GLY SA 423 -1.91 92.18 17.58
CA GLY SA 423 -1.78 93.25 18.55
C GLY SA 423 -2.39 92.77 19.86
N GLN SA 424 -1.94 93.35 20.96
CA GLN SA 424 -2.39 92.83 22.25
C GLN SA 424 -3.43 93.72 22.92
N MET SA 425 -4.28 93.08 23.72
CA MET SA 425 -5.29 93.80 24.49
C MET SA 425 -4.62 94.79 25.44
N PRO SA 426 -5.01 96.07 25.41
CA PRO SA 426 -4.36 97.03 26.30
C PRO SA 426 -4.94 96.99 27.70
N VAL SA 427 -4.06 97.20 28.69
CA VAL SA 427 -4.40 97.18 30.11
C VAL SA 427 -4.29 98.60 30.65
N TRP SA 428 -5.24 98.96 31.52
CA TRP SA 428 -5.29 100.31 32.08
C TRP SA 428 -4.33 100.52 33.24
N THR SA 429 -3.96 99.44 33.93
CA THR SA 429 -3.12 99.53 35.11
C THR SA 429 -1.68 99.88 34.81
N GLY SA 430 -1.32 100.04 33.54
CA GLY SA 430 0.01 100.50 33.20
C GLY SA 430 1.08 99.56 33.69
N PRO SA 431 2.34 100.01 33.74
CA PRO SA 431 3.47 99.08 33.94
C PRO SA 431 3.43 98.31 35.24
N HIS SA 432 2.44 98.52 36.11
CA HIS SA 432 2.33 97.73 37.33
C HIS SA 432 1.83 96.33 37.06
N ARG SA 433 1.62 95.99 35.79
CA ARG SA 433 1.28 94.63 35.36
C ARG SA 433 1.93 94.32 34.01
N GLN SA 434 2.85 95.16 33.55
CA GLN SA 434 3.44 94.97 32.23
C GLN SA 434 4.39 93.78 32.20
N HIS SA 435 4.66 93.19 33.36
CA HIS SA 435 5.19 91.84 33.45
C HIS SA 435 4.09 90.79 33.39
N ALA SA 436 2.86 91.16 33.78
CA ALA SA 436 1.92 90.15 34.25
C ALA SA 436 1.46 89.25 33.13
N ASN SA 437 1.84 89.57 31.89
CA ASN SA 437 1.55 88.74 30.74
C ASN SA 437 2.74 87.91 30.31
N LYS SA 438 3.80 87.90 31.10
CA LYS SA 438 5.11 87.42 30.68
C LYS SA 438 5.55 86.30 31.60
N SER SA 439 5.70 85.08 31.06
CA SER SA 439 6.20 83.96 31.84
C SER SA 439 7.38 83.34 31.14
N GLN SA 440 7.84 82.17 31.60
CA GLN SA 440 8.88 81.47 30.87
C GLN SA 440 8.34 80.40 29.94
N HIS SA 441 7.03 80.26 29.86
CA HIS SA 441 6.37 79.29 29.01
C HIS SA 441 5.71 79.97 27.82
N ASN SA 442 5.29 79.15 26.86
CA ASN SA 442 4.21 79.59 25.98
C ASN SA 442 2.91 79.08 26.55
N TRP SA 443 1.86 79.80 26.26
CA TRP SA 443 0.55 79.48 26.78
C TRP SA 443 -0.35 79.26 25.57
N MET SA 444 -0.72 78.03 25.31
CA MET SA 444 -1.60 77.78 24.19
C MET SA 444 -3.01 77.51 24.67
N PHE SA 445 -3.95 78.19 24.04
CA PHE SA 445 -5.35 78.10 24.35
C PHE SA 445 -6.09 77.77 23.06
N ALA SA 446 -6.98 76.78 23.14
CA ALA SA 446 -7.85 76.41 22.04
C ALA SA 446 -9.27 76.56 22.52
N GLU SA 447 -10.07 77.35 21.82
CA GLU SA 447 -11.47 77.49 22.20
C GLU SA 447 -12.22 76.20 21.91
N ILE SA 448 -13.23 75.89 22.72
CA ILE SA 448 -14.16 74.83 22.39
C ILE SA 448 -15.58 75.37 22.51
N GLY SA 449 -16.54 74.46 22.45
CA GLY SA 449 -17.92 74.81 22.68
C GLY SA 449 -18.81 73.68 22.18
N VAL SA 450 -20.01 74.07 21.75
CA VAL SA 450 -20.83 73.17 20.96
C VAL SA 450 -20.44 73.23 19.51
N ASN SA 451 -19.75 74.28 19.10
CA ASN SA 451 -19.58 74.54 17.69
C ASN SA 451 -18.23 74.14 17.15
N VAL SA 452 -17.19 74.08 17.97
CA VAL SA 452 -15.84 74.00 17.43
C VAL SA 452 -15.16 72.75 17.98
N GLY SA 453 -14.10 72.35 17.31
CA GLY SA 453 -13.32 71.20 17.72
C GLY SA 453 -13.89 69.87 17.35
N HIS SA 454 -14.81 69.83 16.40
CA HIS SA 454 -15.51 68.61 16.03
C HIS SA 454 -14.78 67.95 14.88
N GLU SA 455 -14.14 66.83 15.18
CA GLU SA 455 -13.15 66.26 14.28
C GLU SA 455 -13.74 65.98 12.90
N ALA SA 456 -15.03 65.67 12.86
CA ALA SA 456 -15.71 65.52 11.57
C ALA SA 456 -15.45 66.71 10.67
N LEU SA 457 -15.23 67.87 11.27
CA LEU SA 457 -15.14 69.13 10.55
C LEU SA 457 -13.82 69.84 10.74
N LYS SA 458 -12.75 69.09 10.97
CA LYS SA 458 -11.47 69.76 11.10
C LYS SA 458 -11.09 70.49 9.83
N LYS SA 459 -11.38 69.92 8.68
CA LYS SA 459 -10.98 70.65 7.48
C LYS SA 459 -11.74 71.96 7.34
N LEU SA 460 -12.91 72.07 7.94
CA LEU SA 460 -13.57 73.37 8.02
C LEU SA 460 -12.86 74.28 9.01
N GLU SA 461 -12.83 73.85 10.27
CA GLU SA 461 -12.33 74.66 11.37
C GLU SA 461 -10.84 74.92 11.29
N LEU SA 462 -10.18 74.47 10.24
CA LEU SA 462 -8.83 74.93 9.95
C LEU SA 462 -8.74 75.61 8.60
N ASP SA 463 -9.76 76.37 8.21
CA ASP SA 463 -9.73 77.03 6.91
C ASP SA 463 -9.97 78.50 7.12
N PRO SA 464 -9.10 79.38 6.61
CA PRO SA 464 -9.22 80.80 6.94
C PRO SA 464 -10.55 81.42 6.52
N THR SA 465 -11.10 80.99 5.39
CA THR SA 465 -12.34 81.53 4.86
C THR SA 465 -13.53 81.26 5.75
N ASN SA 466 -13.38 80.45 6.78
CA ASN SA 466 -14.53 80.18 7.64
C ASN SA 466 -14.53 81.12 8.84
N GLU SA 467 -15.57 81.95 8.93
CA GLU SA 467 -15.59 82.94 10.01
C GLU SA 467 -15.80 82.31 11.35
N LYS SA 468 -16.42 81.13 11.39
CA LYS SA 468 -16.56 80.36 12.62
C LYS SA 468 -15.34 79.47 12.86
N ARG SA 469 -14.21 79.85 12.30
CA ARG SA 469 -12.95 79.12 12.41
C ARG SA 469 -12.65 78.84 13.87
N ARG SA 470 -11.85 77.81 14.11
CA ARG SA 470 -11.43 77.56 15.48
C ARG SA 470 -10.36 78.54 15.85
N ARG SA 471 -10.36 78.97 17.09
CA ARG SA 471 -9.42 79.98 17.51
C ARG SA 471 -8.45 79.38 18.52
N PHE SA 472 -7.16 79.52 18.21
CA PHE SA 472 -6.05 79.13 19.06
C PHE SA 472 -5.11 80.30 19.21
N VAL SA 473 -4.63 80.51 20.43
CA VAL SA 473 -3.65 81.55 20.68
C VAL SA 473 -2.51 80.96 21.48
N ILE SA 474 -1.30 81.37 21.13
CA ILE SA 474 -0.09 81.04 21.85
C ILE SA 474 0.48 82.36 22.35
N ARG SA 475 0.40 82.57 23.65
CA ARG SA 475 1.09 83.64 24.33
C ARG SA 475 2.51 83.21 24.54
N GLN SA 476 3.43 83.80 23.79
CA GLN SA 476 4.80 83.43 23.94
C GLN SA 476 5.28 83.74 25.37
N PRO SA 477 6.50 83.35 25.74
CA PRO SA 477 7.00 83.74 27.05
C PRO SA 477 7.36 85.19 27.15
N ASP SA 478 7.25 85.96 26.08
CA ASP SA 478 7.45 87.38 26.22
C ASP SA 478 6.14 88.15 26.21
N GLY SA 479 5.03 87.49 26.52
CA GLY SA 479 3.75 88.15 26.60
C GLY SA 479 3.08 88.37 25.27
N THR SA 480 3.83 88.45 24.19
CA THR SA 480 3.25 88.68 22.89
C THR SA 480 2.29 87.55 22.56
N LEU SA 481 1.06 87.93 22.26
CA LEU SA 481 0.09 86.98 21.73
C LEU SA 481 0.44 86.73 20.28
N ARG SA 482 0.26 85.49 19.86
CA ARG SA 482 0.32 85.13 18.46
C ARG SA 482 -0.65 83.99 18.24
N SER SA 483 -0.96 83.74 16.97
CA SER SA 483 -1.92 82.70 16.66
C SER SA 483 -1.21 81.40 16.31
N ALA SA 484 -1.96 80.31 16.33
CA ALA SA 484 -1.35 79.00 16.38
C ALA SA 484 -0.52 78.70 15.13
N LYS SA 485 0.34 77.69 15.26
CA LYS SA 485 0.89 77.01 14.11
C LYS SA 485 -0.04 75.88 13.73
N MET SA 486 -0.06 75.58 12.44
CA MET SA 486 -0.87 74.47 11.93
C MET SA 486 -0.68 73.22 12.76
N SER SA 487 0.55 72.92 13.14
CA SER SA 487 0.82 71.70 13.90
C SER SA 487 0.08 71.71 15.23
N GLU SA 488 0.07 72.83 15.93
CA GLU SA 488 -0.67 72.88 17.17
C GLU SA 488 -2.16 72.77 16.95
N MET SA 489 -2.67 73.44 15.92
CA MET SA 489 -4.08 73.26 15.58
C MET SA 489 -4.41 71.79 15.44
N ARG SA 490 -3.60 71.06 14.68
CA ARG SA 490 -3.84 69.65 14.50
C ARG SA 490 -3.60 68.86 15.77
N ALA SA 491 -2.83 69.38 16.71
CA ALA SA 491 -2.67 68.66 17.96
C ALA SA 491 -3.96 68.55 18.74
N TRP SA 492 -4.90 69.47 18.54
CA TRP SA 492 -6.05 69.56 19.41
C TRP SA 492 -7.18 68.64 19.01
N TYR SA 493 -7.01 67.89 17.93
CA TYR SA 493 -7.99 66.91 17.50
C TYR SA 493 -7.42 65.53 17.77
N TRP SA 494 -8.28 64.53 17.68
CA TRP SA 494 -7.83 63.17 17.90
C TRP SA 494 -6.99 62.70 16.74
N LYS SA 495 -6.00 61.86 17.06
CA LYS SA 495 -4.85 61.68 16.20
C LYS SA 495 -5.30 61.31 14.80
N GLU SA 496 -4.69 61.94 13.81
CA GLU SA 496 -5.04 61.77 12.42
C GLU SA 496 -3.99 60.89 11.78
N GLU SA 497 -4.41 59.71 11.31
CA GLU SA 497 -3.56 58.81 10.57
C GLU SA 497 -3.84 58.98 9.10
N TRP SA 498 -2.80 58.93 8.29
CA TRP SA 498 -2.98 58.95 6.85
C TRP SA 498 -1.87 58.14 6.23
N ALA SA 499 -2.24 57.19 5.40
CA ALA SA 499 -1.28 56.37 4.69
C ALA SA 499 -2.01 55.83 3.49
N ASP SA 500 -1.65 56.29 2.31
CA ASP SA 500 -2.32 55.85 1.10
C ASP SA 500 -1.47 54.74 0.49
N PHE SA 501 -1.91 53.52 0.70
CA PHE SA 501 -1.27 52.35 0.20
C PHE SA 501 -1.25 52.31 -1.19
N ARG SA 502 -1.84 53.23 -1.92
CA ARG SA 502 -2.09 53.00 -3.32
C ARG SA 502 -0.84 52.73 -4.10
N PHE SA 503 0.04 53.69 -4.22
CA PHE SA 503 1.18 53.49 -5.08
C PHE SA 503 2.43 53.09 -4.32
N TRP SA 504 2.57 53.50 -3.06
CA TRP SA 504 3.76 53.22 -2.26
C TRP SA 504 3.38 52.78 -0.87
N ALA SA 505 3.96 51.67 -0.46
CA ALA SA 505 3.58 51.09 0.80
C ALA SA 505 3.81 52.08 1.93
N PRO SA 506 2.98 52.09 2.95
CA PRO SA 506 3.27 52.87 4.13
C PRO SA 506 4.32 52.19 4.99
N ASN SA 507 4.74 52.88 6.04
CA ASN SA 507 5.63 52.28 7.00
C ASN SA 507 4.79 51.67 8.11
N MET SA 508 4.15 50.55 7.82
CA MET SA 508 3.13 50.02 8.70
C MET SA 508 3.76 49.61 10.01
N GLU SA 509 3.00 49.75 11.08
CA GLU SA 509 3.49 49.54 12.42
C GLU SA 509 3.55 48.07 12.77
N TRP SA 510 4.27 47.78 13.85
CA TRP SA 510 4.39 46.45 14.39
C TRP SA 510 5.03 45.50 13.39
N GLY SA 511 6.05 45.96 12.70
CA GLY SA 511 6.88 45.10 11.90
C GLY SA 511 7.76 44.25 12.77
N ILE SA 512 8.81 43.71 12.16
CA ILE SA 512 9.89 43.14 12.95
C ILE SA 512 10.82 44.24 13.42
N GLU SA 513 11.00 45.25 12.58
CA GLU SA 513 11.92 46.34 12.87
C GLU SA 513 11.30 47.43 13.72
N ASN SA 514 10.08 47.88 13.40
CA ASN SA 514 9.44 48.92 14.19
C ASN SA 514 9.40 48.56 15.66
N THR SA 515 8.86 47.45 15.96
CA THR SA 515 8.59 47.11 17.33
C THR SA 515 9.91 46.98 18.09
N PRO SA 516 9.92 47.32 19.37
CA PRO SA 516 11.09 47.05 20.19
C PRO SA 516 11.02 45.65 20.78
N SER SA 517 11.97 45.35 21.65
CA SER SA 517 12.02 44.02 22.24
C SER SA 517 10.80 43.70 23.06
N GLN SA 518 10.66 44.28 24.25
CA GLN SA 518 9.69 43.80 25.22
C GLN SA 518 8.30 43.70 24.64
N GLU SA 519 8.06 44.35 23.52
CA GLU SA 519 6.82 44.17 22.79
C GLU SA 519 6.90 43.05 21.78
N GLN SA 520 7.87 43.10 20.88
CA GLN SA 520 8.02 42.08 19.86
C GLN SA 520 8.20 40.72 20.50
N TYR SA 521 9.36 40.47 21.09
CA TYR SA 521 9.56 39.29 21.90
C TYR SA 521 9.17 39.64 23.31
N GLN SA 522 9.32 38.69 24.21
CA GLN SA 522 8.96 38.99 25.58
C GLN SA 522 10.14 39.01 26.51
N GLU SA 523 11.30 39.40 26.02
CA GLU SA 523 12.44 39.74 26.84
C GLU SA 523 13.08 40.99 26.26
N HIS SA 524 13.75 41.74 27.10
CA HIS SA 524 14.62 42.76 26.57
C HIS SA 524 15.65 42.08 25.68
N VAL SA 525 15.80 42.57 24.47
CA VAL SA 525 16.82 42.11 23.55
C VAL SA 525 17.64 43.32 23.13
N PRO SA 526 18.97 43.25 23.23
CA PRO SA 526 19.81 44.34 22.73
C PRO SA 526 19.39 44.83 21.36
N ASP SA 527 19.63 46.12 21.16
CA ASP SA 527 19.36 46.79 19.88
C ASP SA 527 20.64 46.94 19.09
N THR SA 528 21.44 45.90 19.08
CA THR SA 528 22.72 45.98 18.41
C THR SA 528 22.55 46.43 16.96
N PRO SA 529 23.26 47.46 16.53
CA PRO SA 529 23.31 47.80 15.11
C PRO SA 529 24.17 46.87 14.27
N ASP SA 530 24.66 45.80 14.88
CA ASP SA 530 25.47 44.78 14.22
C ASP SA 530 24.86 43.43 14.56
N ALA SA 531 24.57 42.62 13.55
CA ALA SA 531 24.35 41.19 13.71
C ALA SA 531 23.21 40.90 14.70
N ASP SA 532 22.02 41.32 14.35
CA ASP SA 532 20.83 40.92 15.09
C ASP SA 532 20.23 39.73 14.37
N PHE SA 533 20.68 38.54 14.74
CA PHE SA 533 20.27 37.33 14.05
C PHE SA 533 18.79 37.03 14.24
N ARG SA 534 18.18 37.51 15.32
CA ARG SA 534 16.82 37.12 15.59
C ARG SA 534 15.84 37.88 14.71
N LYS SA 535 16.21 39.05 14.22
CA LYS SA 535 15.45 39.72 13.19
C LYS SA 535 15.90 39.29 11.80
N GLN SA 536 16.47 38.10 11.67
CA GLN SA 536 17.12 37.65 10.45
C GLN SA 536 17.86 38.81 9.80
N ARG SA 537 18.55 39.59 10.62
CA ARG SA 537 19.27 40.74 10.13
C ARG SA 537 20.76 40.49 10.27
N ARG SA 538 21.53 41.04 9.34
CA ARG SA 538 22.97 40.84 9.28
C ARG SA 538 23.77 42.00 9.80
N ILE SA 539 23.57 43.18 9.23
CA ILE SA 539 24.09 44.41 9.79
C ILE SA 539 22.92 45.37 9.79
N GLN SA 540 23.11 46.56 10.34
CA GLN SA 540 22.10 47.61 10.19
C GLN SA 540 22.79 48.96 10.28
N SER SA 541 23.19 49.49 9.13
CA SER SA 541 23.50 50.89 9.07
C SER SA 541 22.21 51.64 9.33
N ARG SA 542 22.25 52.61 10.24
CA ARG SA 542 21.06 53.38 10.55
C ARG SA 542 21.33 54.82 10.15
N PRO SA 543 21.14 55.17 8.88
CA PRO SA 543 21.09 56.58 8.52
C PRO SA 543 19.75 57.12 8.95
N VAL SA 544 19.57 58.42 8.75
CA VAL SA 544 18.36 59.08 9.24
C VAL SA 544 17.15 58.41 8.62
N LYS SA 545 16.07 58.37 9.38
CA LYS SA 545 14.87 57.66 8.93
C LYS SA 545 14.52 58.04 7.50
N TRP SA 546 14.20 59.29 7.25
CA TRP SA 546 13.57 59.69 5.99
C TRP SA 546 14.46 60.59 5.17
N PHE SA 547 15.76 60.45 5.30
CA PHE SA 547 16.60 61.40 4.60
C PHE SA 547 16.86 61.00 3.16
N TYR SA 548 17.19 59.74 2.93
CA TYR SA 548 17.67 59.32 1.63
C TYR SA 548 16.56 58.88 0.70
N GLU SA 549 15.54 58.22 1.22
CA GLU SA 549 14.37 57.91 0.43
C GLU SA 549 13.82 59.17 -0.23
N SER SA 550 13.14 58.99 -1.35
CA SER SA 550 12.49 60.14 -1.94
C SER SA 550 11.32 60.58 -1.08
N HIS SA 551 10.87 61.81 -1.30
CA HIS SA 551 9.94 62.42 -0.36
C HIS SA 551 8.55 61.85 -0.48
N TYR SA 552 8.09 61.54 -1.69
CA TYR SA 552 6.74 61.05 -1.90
C TYR SA 552 6.52 59.71 -1.25
N THR SA 553 7.57 58.91 -1.14
CA THR SA 553 7.42 57.58 -0.58
C THR SA 553 6.95 57.63 0.85
N ARG SA 554 7.18 58.75 1.55
CA ARG SA 554 6.76 58.83 2.95
C ARG SA 554 5.25 58.84 2.98
N THR SA 555 4.67 57.66 2.82
CA THR SA 555 3.25 57.51 2.66
C THR SA 555 2.49 57.67 3.97
N GLY SA 556 2.98 57.08 5.04
CA GLY SA 556 2.33 57.28 6.30
C GLY SA 556 2.65 56.16 7.25
N ASN SA 557 1.87 56.10 8.32
CA ASN SA 557 2.01 55.05 9.32
C ASN SA 557 0.64 54.44 9.59
N PHE SA 558 0.43 53.24 9.08
CA PHE SA 558 -0.80 52.51 9.28
C PHE SA 558 -0.62 51.61 10.48
N ALA SA 559 -1.54 51.67 11.42
CA ALA SA 559 -1.59 50.70 12.48
C ALA SA 559 -3.00 50.47 12.96
N GLY SA 560 -3.97 50.55 12.07
CA GLY SA 560 -5.35 50.42 12.48
C GLY SA 560 -5.86 49.00 12.58
N PHE SA 561 -5.00 48.10 13.04
CA PHE SA 561 -5.32 46.68 13.15
C PHE SA 561 -4.84 46.16 14.49
N GLN SA 562 -4.86 44.84 14.64
CA GLN SA 562 -4.47 44.23 15.90
C GLN SA 562 -3.00 43.91 15.90
N PRO SA 563 -2.25 44.27 16.93
CA PRO SA 563 -0.93 43.70 17.08
C PRO SA 563 -1.08 42.28 17.59
N LEU SA 564 -1.26 41.32 16.68
CA LEU SA 564 -1.67 39.99 17.11
C LEU SA 564 -0.53 39.20 17.70
N ARG SA 565 0.70 39.50 17.32
CA ARG SA 565 1.82 38.91 18.05
C ARG SA 565 1.72 39.20 19.53
N PHE SA 566 1.37 40.44 19.86
CA PHE SA 566 1.58 41.05 21.16
C PHE SA 566 0.30 41.17 21.97
N MET SA 567 -0.82 41.51 21.36
CA MET SA 567 -2.05 41.53 22.14
C MET SA 567 -3.21 41.15 21.24
N GLN SA 568 -4.02 40.22 21.73
CA GLN SA 568 -5.06 39.66 20.88
C GLN SA 568 -6.39 39.87 21.56
N ARG SA 569 -7.44 39.79 20.75
CA ARG SA 569 -8.79 39.95 21.22
C ARG SA 569 -9.31 38.59 21.65
N ARG SA 570 -9.96 38.57 22.81
CA ARG SA 570 -10.54 37.36 23.37
C ARG SA 570 -9.47 36.28 23.52
N THR SA 571 -8.58 36.53 24.48
CA THR SA 571 -7.47 35.61 24.74
C THR SA 571 -7.97 34.44 25.58
N GLU SA 572 -7.59 33.24 25.15
CA GLU SA 572 -7.88 32.02 25.87
C GLU SA 572 -6.69 31.08 25.74
N ARG SA 573 -6.47 30.31 26.78
CA ARG SA 573 -5.53 29.20 26.70
C ARG SA 573 -5.88 28.39 25.48
N GLU SA 574 -4.98 28.34 24.50
CA GLU SA 574 -5.23 27.52 23.32
C GLU SA 574 -5.69 26.13 23.74
N VAL SA 575 -4.86 25.45 24.51
CA VAL SA 575 -5.10 24.08 24.93
C VAL SA 575 -5.22 24.06 26.44
N ARG SA 576 -6.43 23.83 26.94
CA ARG SA 576 -6.63 23.85 28.38
C ARG SA 576 -5.60 22.98 29.09
N TRP SA 577 -5.28 21.81 28.50
CA TRP SA 577 -4.36 20.83 29.08
C TRP SA 577 -3.26 20.49 28.12
N PRO SA 578 -1.98 20.54 28.55
CA PRO SA 578 -1.52 20.78 29.91
C PRO SA 578 -1.38 22.25 30.21
N ASP SA 579 -1.12 22.59 31.47
CA ASP SA 579 -1.20 23.98 31.87
C ASP SA 579 -0.15 24.87 31.23
N VAL SA 580 0.64 24.39 30.27
CA VAL SA 580 1.71 25.24 29.79
C VAL SA 580 1.26 26.24 28.75
N ILE SA 581 -0.02 26.31 28.44
CA ILE SA 581 -0.49 27.05 27.28
C ILE SA 581 -1.32 28.24 27.73
N ASN SA 582 -1.07 29.40 27.14
CA ASN SA 582 -1.90 30.59 27.24
C ASN SA 582 -2.53 30.85 25.88
N ALA SA 583 -3.02 32.07 25.68
CA ALA SA 583 -3.22 32.53 24.32
C ALA SA 583 -1.92 32.44 23.54
N ALA SA 584 -2.02 32.51 22.23
CA ALA SA 584 -0.81 32.42 21.43
C ALA SA 584 0.01 33.69 21.46
N VAL SA 585 -0.34 34.64 22.33
CA VAL SA 585 0.39 35.90 22.46
C VAL SA 585 1.38 35.90 23.60
N GLN SA 586 1.56 34.77 24.28
CA GLN SA 586 2.46 34.62 25.43
C GLN SA 586 3.72 33.85 25.07
N ILE SA 587 4.33 34.12 23.92
CA ILE SA 587 5.61 33.49 23.60
C ILE SA 587 6.65 34.03 24.58
N GLN SA 588 7.37 33.13 25.24
CA GLN SA 588 8.39 33.54 26.20
C GLN SA 588 9.27 32.33 26.51
N LYS SA 589 10.58 32.55 26.49
CA LYS SA 589 11.53 31.47 26.72
C LYS SA 589 11.48 31.04 28.18
N ARG SA 590 12.43 30.21 28.59
CA ARG SA 590 12.36 29.63 29.92
C ARG SA 590 13.15 30.46 30.93
N LYS SA 591 12.57 30.66 32.11
CA LYS SA 591 13.26 31.40 33.15
C LYS SA 591 14.14 30.45 33.95
N PRO SA 592 15.46 30.61 33.87
CA PRO SA 592 16.34 29.74 34.64
C PRO SA 592 16.11 29.91 36.12
N ASP SA 593 16.60 28.95 36.88
CA ASP SA 593 16.71 29.16 38.32
C ASP SA 593 17.84 30.16 38.56
N ALA SA 594 18.10 30.43 39.84
CA ALA SA 594 18.83 31.64 40.28
C ALA SA 594 19.83 32.12 39.25
N TYR SA 595 19.78 33.41 38.99
CA TYR SA 595 20.33 33.97 37.77
C TYR SA 595 21.83 34.19 37.91
N ILE SA 596 22.61 33.54 37.07
CA ILE SA 596 24.06 33.60 37.16
C ILE SA 596 24.51 34.85 36.45
N PHE SA 597 25.08 35.80 37.19
CA PHE SA 597 25.52 37.06 36.63
C PHE SA 597 27.04 37.03 36.55
N LYS SA 598 27.55 37.01 35.34
CA LYS SA 598 28.99 37.06 35.17
C LYS SA 598 29.50 38.46 35.41
N ALA SA 599 30.81 38.60 35.30
CA ALA SA 599 31.42 39.91 35.34
C ALA SA 599 31.67 40.38 33.92
N ILE SA 600 31.19 41.58 33.61
CA ILE SA 600 31.19 42.05 32.23
C ILE SA 600 32.44 42.83 31.90
N PRO SA 601 33.30 42.33 31.01
CA PRO SA 601 34.48 43.02 30.49
C PRO SA 601 34.15 43.95 29.35
N GLY TA 10 -75.56 -16.96 40.86
CA GLY TA 10 -76.99 -16.89 40.63
C GLY TA 10 -77.35 -17.00 39.18
N GLY TA 11 -78.14 -16.07 38.67
CA GLY TA 11 -78.66 -16.21 37.32
C GLY TA 11 -77.61 -16.01 36.27
N TYR TA 12 -77.20 -17.08 35.62
CA TYR TA 12 -76.09 -17.07 34.68
C TYR TA 12 -76.61 -17.05 33.25
N MET TA 13 -75.86 -16.42 32.37
CA MET TA 13 -76.17 -16.60 30.97
C MET TA 13 -75.69 -17.98 30.53
N MET TA 14 -76.37 -18.54 29.54
CA MET TA 14 -76.07 -19.90 29.11
C MET TA 14 -74.70 -20.03 28.48
N TYR TA 15 -73.99 -18.93 28.23
CA TYR TA 15 -72.60 -19.05 27.82
C TYR TA 15 -71.62 -18.98 28.99
N HIS TA 16 -72.09 -18.74 30.20
CA HIS TA 16 -71.28 -18.80 31.41
C HIS TA 16 -70.97 -20.27 31.74
N ARG TA 17 -69.90 -20.49 32.52
CA ARG TA 17 -69.49 -21.84 32.89
C ARG TA 17 -70.64 -22.61 33.55
N LYS TA 18 -71.28 -22.00 34.54
CA LYS TA 18 -72.33 -22.69 35.27
C LYS TA 18 -73.67 -22.53 34.61
N SER TA 19 -73.69 -22.49 33.27
CA SER TA 19 -74.93 -22.18 32.57
C SER TA 19 -76.04 -23.13 33.01
N MET TA 20 -75.95 -24.39 32.62
CA MET TA 20 -76.91 -25.40 33.03
C MET TA 20 -76.31 -26.09 34.23
N GLY TA 21 -76.45 -25.48 35.39
CA GLY TA 21 -76.00 -26.11 36.60
C GLY TA 21 -76.65 -27.47 36.76
N THR TA 22 -75.95 -28.35 37.48
CA THR TA 22 -76.41 -29.71 37.71
C THR TA 22 -76.13 -30.06 39.16
N MET TA 23 -77.19 -30.06 39.97
CA MET TA 23 -77.11 -30.47 41.36
C MET TA 23 -78.53 -30.57 41.90
N LYS TA 24 -78.63 -30.79 43.20
CA LYS TA 24 -79.93 -30.86 43.85
C LYS TA 24 -80.74 -29.58 43.61
N TYR TA 25 -80.07 -28.44 43.69
CA TYR TA 25 -80.77 -27.16 43.72
C TYR TA 25 -80.81 -26.48 42.36
N SER TA 26 -80.04 -26.96 41.38
CA SER TA 26 -80.02 -26.36 40.07
C SER TA 26 -81.36 -26.53 39.37
N LYS TA 27 -81.82 -25.46 38.73
CA LYS TA 27 -83.08 -25.51 38.00
C LYS TA 27 -82.90 -24.89 36.64
N TRP TA 28 -83.39 -25.58 35.62
CA TRP TA 28 -83.38 -25.05 34.27
C TRP TA 28 -84.80 -24.63 33.89
N LYS TA 29 -84.94 -23.39 33.46
CA LYS TA 29 -86.24 -22.79 33.23
C LYS TA 29 -86.81 -23.27 31.90
N GLY TA 30 -88.14 -23.26 31.80
CA GLY TA 30 -88.80 -23.42 30.52
C GLY TA 30 -88.87 -24.87 30.07
N ALA TA 31 -89.67 -25.08 29.02
CA ALA TA 31 -89.78 -26.39 28.40
C ALA TA 31 -88.66 -26.60 27.39
N HIS TA 32 -88.50 -27.85 26.95
CA HIS TA 32 -87.38 -28.20 26.10
C HIS TA 32 -87.75 -29.13 24.95
N GLY TA 33 -88.98 -29.11 24.47
CA GLY TA 33 -89.39 -29.96 23.37
C GLY TA 33 -89.87 -29.12 22.20
N GLY TA 34 -89.47 -29.51 20.99
CA GLY TA 34 -89.87 -28.82 19.80
C GLY TA 34 -89.50 -27.36 19.90
N VAL TA 35 -90.50 -26.53 20.17
CA VAL TA 35 -90.25 -25.15 20.60
C VAL TA 35 -89.58 -25.21 21.96
N SER TA 36 -88.29 -24.89 21.99
CA SER TA 36 -87.56 -24.89 23.24
C SER TA 36 -87.32 -23.45 23.64
N HIS TA 37 -86.62 -23.25 24.76
CA HIS TA 37 -86.19 -21.90 25.09
C HIS TA 37 -85.37 -21.27 23.97
N PHE TA 38 -84.75 -22.08 23.11
CA PHE TA 38 -83.88 -21.62 22.03
C PHE TA 38 -84.60 -21.46 20.72
N TYR TA 39 -85.89 -21.14 20.75
CA TYR TA 39 -86.68 -20.97 19.54
C TYR TA 39 -86.07 -19.91 18.62
N GLY TA 40 -85.75 -18.75 19.16
CA GLY TA 40 -85.06 -17.72 18.42
C GLY TA 40 -83.58 -17.60 18.71
N ARG TA 41 -82.99 -18.57 19.41
CA ARG TA 41 -81.58 -18.50 19.81
C ARG TA 41 -80.78 -19.69 19.31
N THR TA 42 -81.23 -20.32 18.22
CA THR TA 42 -80.60 -21.50 17.67
C THR TA 42 -79.82 -21.12 16.41
N PRO TA 43 -78.49 -21.10 16.48
CA PRO TA 43 -77.72 -20.71 15.31
C PRO TA 43 -77.83 -21.64 14.12
N MET TA 44 -77.45 -22.91 14.25
CA MET TA 44 -77.19 -23.74 13.07
C MET TA 44 -77.95 -25.05 13.18
N VAL TA 45 -79.09 -25.12 12.52
CA VAL TA 45 -79.80 -26.37 12.29
C VAL TA 45 -79.41 -26.84 10.91
N GLU TA 46 -79.30 -28.15 10.73
CA GLU TA 46 -79.13 -28.74 9.41
C GLU TA 46 -80.02 -29.96 9.32
N GLU TA 47 -80.99 -29.92 8.41
CA GLU TA 47 -81.86 -31.06 8.23
C GLU TA 47 -81.05 -32.25 7.72
N VAL TA 48 -81.14 -33.35 8.45
CA VAL TA 48 -80.44 -34.55 8.05
C VAL TA 48 -81.05 -35.03 6.74
N LYS TA 49 -80.21 -35.30 5.76
CA LYS TA 49 -80.72 -36.05 4.63
C LYS TA 49 -80.94 -37.49 5.08
N ARG TA 50 -81.68 -38.25 4.27
CA ARG TA 50 -81.91 -39.65 4.63
C ARG TA 50 -80.58 -40.38 4.84
N ASN TA 51 -80.44 -40.99 6.01
CA ASN TA 51 -79.36 -41.90 6.36
C ASN TA 51 -77.99 -41.24 6.47
N GLU TA 52 -77.86 -39.97 6.08
CA GLU TA 52 -76.53 -39.37 6.04
C GLU TA 52 -75.93 -39.36 7.43
N PRO TA 53 -74.61 -39.43 7.58
CA PRO TA 53 -74.04 -39.57 8.92
C PRO TA 53 -73.97 -38.23 9.65
N ILE TA 54 -74.54 -38.22 10.85
CA ILE TA 54 -74.42 -37.03 11.67
C ILE TA 54 -73.00 -36.82 12.12
N THR TA 55 -72.18 -37.88 12.16
CA THR TA 55 -70.74 -37.71 12.31
C THR TA 55 -70.13 -37.01 11.10
N LEU TA 56 -70.92 -36.76 10.06
CA LEU TA 56 -70.49 -35.86 9.00
C LEU TA 56 -71.12 -34.49 9.13
N ILE TA 57 -72.41 -34.42 9.46
CA ILE TA 57 -73.04 -33.11 9.62
C ILE TA 57 -72.27 -32.28 10.64
N ASP TA 58 -71.93 -32.87 11.80
CA ASP TA 58 -71.27 -32.07 12.81
C ASP TA 58 -69.78 -31.94 12.53
N ARG TA 59 -69.15 -32.95 11.94
CA ARG TA 59 -67.75 -32.77 11.60
C ARG TA 59 -67.55 -31.77 10.47
N ARG TA 60 -68.63 -31.31 9.85
CA ARG TA 60 -68.55 -30.12 8.99
C ARG TA 60 -68.94 -28.84 9.72
N ILE TA 61 -70.03 -28.86 10.50
CA ILE TA 61 -70.43 -27.69 11.26
C ILE TA 61 -69.28 -27.19 12.11
N MET TA 62 -68.62 -28.09 12.83
CA MET TA 62 -67.53 -27.70 13.71
C MET TA 62 -66.35 -27.15 12.96
N HIS TA 63 -66.05 -27.66 11.77
CA HIS TA 63 -64.94 -27.07 11.03
C HIS TA 63 -65.28 -25.70 10.51
N TYR TA 64 -66.50 -25.50 10.04
CA TYR TA 64 -66.88 -24.15 9.61
C TYR TA 64 -66.80 -23.16 10.76
N VAL TA 65 -67.46 -23.48 11.87
CA VAL TA 65 -67.43 -22.59 13.01
C VAL TA 65 -66.07 -22.59 13.67
N HIS TA 66 -65.11 -23.32 13.11
CA HIS TA 66 -63.75 -23.18 13.61
C HIS TA 66 -62.93 -22.28 12.73
N ARG TA 67 -62.97 -22.50 11.43
CA ARG TA 67 -62.26 -21.62 10.52
C ARG TA 67 -62.78 -20.21 10.63
N SER TA 68 -64.09 -20.03 10.78
CA SER TA 68 -64.65 -18.71 11.02
C SER TA 68 -64.34 -18.19 12.42
N ARG TA 69 -63.43 -18.82 13.14
CA ARG TA 69 -62.98 -18.37 14.46
C ARG TA 69 -64.14 -17.93 15.34
N LEU TA 70 -65.31 -18.48 15.04
CA LEU TA 70 -66.48 -18.22 15.84
C LEU TA 70 -66.44 -18.98 17.15
N ARG TA 71 -65.94 -20.22 17.12
CA ARG TA 71 -65.74 -20.92 18.38
C ARG TA 71 -64.61 -20.31 19.18
N HIS TA 72 -63.56 -19.81 18.51
CA HIS TA 72 -62.61 -18.95 19.20
C HIS TA 72 -63.33 -17.96 20.09
N PHE TA 73 -64.21 -17.14 19.50
CA PHE TA 73 -64.85 -16.09 20.27
C PHE TA 73 -65.82 -16.65 21.29
N GLN TA 74 -66.62 -17.66 20.92
CA GLN TA 74 -67.63 -18.13 21.85
C GLN TA 74 -67.00 -18.74 23.08
N LEU TA 75 -65.89 -19.45 22.92
CA LEU TA 75 -65.16 -19.87 24.09
C LEU TA 75 -64.55 -18.68 24.81
N PHE TA 76 -63.93 -17.76 24.06
CA PHE TA 76 -63.17 -16.69 24.70
C PHE TA 76 -64.06 -15.82 25.57
N ARG TA 77 -64.96 -15.05 24.95
CA ARG TA 77 -65.72 -14.09 25.74
C ARG TA 77 -66.60 -14.75 26.77
N SER TA 78 -66.85 -16.05 26.68
CA SER TA 78 -67.84 -16.60 27.59
C SER TA 78 -67.25 -17.00 28.94
N TYR TA 79 -65.93 -17.16 29.05
CA TYR TA 79 -65.37 -17.71 30.29
C TYR TA 79 -65.03 -16.61 31.30
N GLN TA 80 -64.13 -15.72 30.92
CA GLN TA 80 -63.72 -14.62 31.76
C GLN TA 80 -64.06 -13.32 31.06
N GLN TA 81 -64.90 -12.51 31.68
CA GLN TA 81 -65.20 -11.22 31.07
C GLN TA 81 -63.97 -10.34 31.20
N LYS TA 82 -63.12 -10.37 30.18
CA LYS TA 82 -61.86 -9.66 30.15
C LYS TA 82 -62.08 -8.17 30.33
N SER TA 83 -60.98 -7.46 30.56
CA SER TA 83 -61.05 -6.03 30.43
C SER TA 83 -61.22 -5.66 28.96
N ASN TA 84 -62.24 -4.86 28.69
CA ASN TA 84 -62.38 -4.23 27.38
C ASN TA 84 -61.03 -3.82 26.82
N ALA TA 85 -60.12 -3.32 27.65
CA ALA TA 85 -58.78 -3.04 27.14
C ALA TA 85 -58.12 -4.28 26.59
N THR TA 86 -58.17 -5.39 27.32
CA THR TA 86 -57.47 -6.59 26.86
C THR TA 86 -58.20 -7.26 25.71
N GLU TA 87 -59.54 -7.20 25.73
CA GLU TA 87 -60.33 -7.70 24.61
C GLU TA 87 -60.00 -6.95 23.33
N CYS TA 88 -60.02 -5.61 23.39
CA CYS TA 88 -59.50 -4.81 22.30
C CYS TA 88 -58.06 -5.14 22.00
N LYS TA 89 -57.20 -5.27 23.01
CA LYS TA 89 -55.80 -5.52 22.73
C LYS TA 89 -55.63 -6.76 21.90
N LEU TA 90 -56.27 -7.86 22.30
CA LEU TA 90 -56.10 -9.13 21.62
C LEU TA 90 -56.83 -9.15 20.28
N ARG TA 91 -58.05 -8.61 20.22
CA ARG TA 91 -58.76 -8.60 18.94
C ARG TA 91 -58.06 -7.74 17.92
N GLU TA 92 -57.65 -6.55 18.31
CA GLU TA 92 -56.81 -5.75 17.44
C GLU TA 92 -55.53 -6.49 17.09
N GLY TA 93 -54.91 -7.13 18.08
CA GLY TA 93 -53.73 -7.90 17.78
C GLY TA 93 -53.97 -8.94 16.73
N GLU TA 94 -55.15 -9.55 16.73
CA GLU TA 94 -55.45 -10.58 15.76
C GLU TA 94 -55.74 -9.99 14.40
N MET TA 95 -56.56 -8.95 14.33
CA MET TA 95 -56.76 -8.27 13.05
C MET TA 95 -55.43 -7.87 12.45
N LEU TA 96 -54.51 -7.45 13.29
CA LEU TA 96 -53.23 -6.97 12.81
C LEU TA 96 -52.33 -8.13 12.39
N ARG TA 97 -52.28 -9.18 13.18
CA ARG TA 97 -51.44 -10.31 12.81
C ARG TA 97 -52.00 -11.02 11.59
N ARG TA 98 -53.32 -11.09 11.47
CA ARG TA 98 -53.92 -11.59 10.26
C ARG TA 98 -53.60 -10.69 9.08
N ARG TA 99 -53.62 -9.37 9.29
CA ARG TA 99 -53.24 -8.46 8.23
C ARG TA 99 -51.80 -8.67 7.84
N TRP TA 100 -50.98 -9.14 8.78
CA TRP TA 100 -49.59 -9.47 8.47
C TRP TA 100 -49.51 -10.77 7.67
N HIS TA 101 -50.11 -11.81 8.18
CA HIS TA 101 -49.99 -13.08 7.49
C HIS TA 101 -50.72 -13.04 6.16
N ARG TA 102 -51.64 -12.10 5.94
CA ARG TA 102 -52.21 -11.94 4.62
C ARG TA 102 -51.17 -11.40 3.67
N LYS TA 103 -50.31 -10.52 4.13
CA LYS TA 103 -49.16 -10.15 3.33
C LYS TA 103 -48.34 -11.36 2.97
N LEU TA 104 -48.12 -12.25 3.94
CA LEU TA 104 -47.30 -13.41 3.60
C LEU TA 104 -48.03 -14.37 2.67
N GLN TA 105 -49.26 -14.76 3.00
CA GLN TA 105 -50.06 -15.60 2.11
C GLN TA 105 -50.04 -15.06 0.70
N LYS TA 106 -50.15 -13.75 0.55
CA LYS TA 106 -50.21 -13.21 -0.78
C LYS TA 106 -48.87 -13.26 -1.47
N SER TA 107 -47.77 -13.14 -0.74
CA SER TA 107 -46.50 -13.36 -1.43
C SER TA 107 -46.39 -14.81 -1.86
N PHE TA 108 -46.87 -15.70 -1.03
CA PHE TA 108 -46.84 -17.11 -1.38
C PHE TA 108 -47.71 -17.38 -2.60
N ILE TA 109 -48.93 -16.84 -2.62
CA ILE TA 109 -49.84 -17.07 -3.73
C ILE TA 109 -49.27 -16.48 -4.99
N ALA TA 110 -48.80 -15.24 -4.92
CA ALA TA 110 -48.18 -14.60 -6.05
C ALA TA 110 -46.92 -15.30 -6.49
N PHE TA 111 -46.37 -16.15 -5.64
CA PHE TA 111 -45.29 -17.01 -6.12
C PHE TA 111 -45.81 -18.29 -6.73
N MET TA 112 -46.70 -18.99 -6.03
CA MET TA 112 -47.19 -20.26 -6.52
C MET TA 112 -47.93 -20.12 -7.84
N GLN TA 113 -48.46 -18.96 -8.14
CA GLN TA 113 -48.98 -18.78 -9.49
C GLN TA 113 -47.86 -18.68 -10.50
N PHE TA 114 -46.69 -18.19 -10.11
CA PHE TA 114 -45.55 -18.30 -11.01
C PHE TA 114 -45.09 -19.74 -11.16
N LYS TA 115 -45.04 -20.45 -10.05
CA LYS TA 115 -44.73 -21.87 -10.12
C LYS TA 115 -45.74 -22.61 -11.00
N THR TA 116 -47.02 -22.26 -10.89
CA THR TA 116 -48.02 -22.92 -11.69
C THR TA 116 -47.89 -22.54 -13.14
N MET TA 117 -47.50 -21.31 -13.42
CA MET TA 117 -47.23 -20.96 -14.80
C MET TA 117 -46.04 -21.73 -15.32
N LYS TA 118 -45.09 -22.05 -14.47
CA LYS TA 118 -44.01 -22.92 -14.89
C LYS TA 118 -44.48 -24.35 -15.13
N VAL TA 119 -45.44 -24.82 -14.35
CA VAL TA 119 -46.03 -26.15 -14.58
C VAL TA 119 -46.73 -26.18 -15.93
N LEU TA 120 -47.54 -25.16 -16.21
CA LEU TA 120 -48.27 -25.12 -17.46
C LEU TA 120 -47.35 -24.89 -18.63
N GLU TA 121 -46.24 -24.19 -18.43
CA GLU TA 121 -45.27 -24.05 -19.51
C GLU TA 121 -44.45 -25.31 -19.68
N ASP TA 122 -44.26 -26.11 -18.64
CA ASP TA 122 -43.76 -27.45 -18.86
C ASP TA 122 -44.75 -28.25 -19.68
N GLN TA 123 -46.03 -28.12 -19.37
CA GLN TA 123 -47.07 -28.72 -20.16
C GLN TA 123 -46.92 -28.35 -21.62
N ALA TA 124 -46.63 -27.09 -21.89
CA ALA TA 124 -46.52 -26.65 -23.28
C ALA TA 124 -45.14 -26.90 -23.87
N LYS TA 125 -44.21 -27.41 -23.10
CA LYS TA 125 -43.03 -28.00 -23.74
C LYS TA 125 -43.28 -29.44 -24.13
N LEU TA 126 -43.94 -30.21 -23.26
CA LEU TA 126 -44.44 -31.51 -23.64
C LEU TA 126 -45.35 -31.43 -24.85
N VAL TA 127 -46.19 -30.41 -24.93
CA VAL TA 127 -47.12 -30.30 -26.04
C VAL TA 127 -46.39 -29.95 -27.34
N ASN TA 128 -45.28 -29.22 -27.26
CA ASN TA 128 -44.61 -28.84 -28.49
C ASN TA 128 -43.42 -29.72 -28.79
N THR TA 129 -43.23 -30.80 -28.03
CA THR TA 129 -42.36 -31.89 -28.46
C THR TA 129 -43.10 -33.22 -28.68
N TYR TA 130 -44.31 -33.36 -28.16
CA TYR TA 130 -45.05 -34.59 -28.25
C TYR TA 130 -46.39 -34.46 -28.96
N GLY TA 131 -46.77 -33.26 -29.37
CA GLY TA 131 -48.02 -33.12 -30.10
C GLY TA 131 -49.23 -32.96 -29.21
N GLN TA 132 -50.11 -32.04 -29.57
CA GLN TA 132 -51.21 -31.67 -28.70
C GLN TA 132 -52.24 -32.78 -28.56
N ALA TA 133 -52.51 -33.54 -29.63
CA ALA TA 133 -53.50 -34.60 -29.50
C ALA TA 133 -52.91 -35.81 -28.79
N ALA TA 134 -51.66 -36.15 -29.07
CA ALA TA 134 -50.98 -37.11 -28.23
C ALA TA 134 -51.09 -36.73 -26.77
N VAL TA 135 -50.82 -35.48 -26.46
CA VAL TA 135 -50.90 -34.99 -25.09
C VAL TA 135 -52.30 -35.23 -24.54
N ASN TA 136 -53.31 -34.91 -25.34
CA ASN TA 136 -54.68 -35.14 -24.88
C ASN TA 136 -54.90 -36.61 -24.56
N ALA TA 137 -54.35 -37.50 -25.37
CA ALA TA 137 -54.46 -38.92 -25.06
C ALA TA 137 -53.77 -39.25 -23.74
N ALA TA 138 -52.57 -38.70 -23.56
CA ALA TA 138 -51.83 -38.87 -22.31
C ALA TA 138 -52.65 -38.42 -21.13
N LEU TA 139 -53.42 -37.37 -21.31
CA LEU TA 139 -54.41 -36.94 -20.32
C LEU TA 139 -55.62 -37.86 -20.30
N GLY TA 140 -55.81 -38.66 -21.33
CA GLY TA 140 -56.94 -39.53 -21.42
C GLY TA 140 -57.96 -39.18 -22.49
N ASP TA 141 -57.54 -38.61 -23.61
CA ASP TA 141 -58.47 -38.36 -24.70
C ASP TA 141 -58.86 -39.69 -25.34
N SER TA 142 -60.12 -40.08 -25.16
CA SER TA 142 -60.54 -41.46 -25.34
C SER TA 142 -60.70 -41.84 -26.80
N TRP TA 143 -59.60 -42.01 -27.54
CA TRP TA 143 -59.74 -42.30 -28.97
C TRP TA 143 -60.07 -43.76 -29.22
N ASP TA 144 -59.37 -44.68 -28.57
CA ASP TA 144 -59.62 -46.10 -28.76
C ASP TA 144 -61.01 -46.52 -28.31
N ALA TA 145 -61.59 -45.81 -27.33
CA ALA TA 145 -62.96 -46.07 -26.92
C ALA TA 145 -63.90 -45.39 -27.92
N VAL TA 146 -64.32 -46.15 -28.93
CA VAL TA 146 -65.40 -45.73 -29.81
C VAL TA 146 -66.75 -46.15 -29.26
N SER TA 147 -66.75 -46.89 -28.15
CA SER TA 147 -67.98 -47.42 -27.59
C SER TA 147 -68.59 -46.47 -26.57
N ASP TA 148 -69.85 -46.10 -26.81
CA ASP TA 148 -70.56 -45.28 -25.84
C ASP TA 148 -70.63 -45.96 -24.48
N LYS TA 149 -70.48 -47.28 -24.44
CA LYS TA 149 -70.46 -47.99 -23.17
C LYS TA 149 -69.23 -47.62 -22.34
N GLU TA 150 -68.06 -47.61 -22.97
CA GLU TA 150 -66.86 -47.20 -22.26
C GLU TA 150 -66.88 -45.72 -21.94
N LYS TA 151 -67.51 -44.94 -22.84
CA LYS TA 151 -67.77 -43.54 -22.50
C LYS TA 151 -68.64 -43.44 -21.25
N ASP TA 152 -69.65 -44.30 -21.13
CA ASP TA 152 -70.51 -44.30 -19.95
C ASP TA 152 -69.73 -44.70 -18.71
N ARG TA 153 -68.78 -45.62 -18.87
CA ARG TA 153 -67.93 -45.99 -17.75
C ARG TA 153 -67.12 -44.81 -17.26
N LYS TA 154 -66.51 -44.07 -18.19
CA LYS TA 154 -65.83 -42.83 -17.83
C LYS TA 154 -66.79 -41.86 -17.16
N TYR TA 155 -67.97 -41.66 -17.77
CA TYR TA 155 -69.03 -40.85 -17.18
C TYR TA 155 -69.23 -41.20 -15.73
N VAL TA 156 -69.46 -42.48 -15.44
CA VAL TA 156 -69.87 -42.89 -14.11
C VAL TA 156 -68.73 -42.71 -13.14
N THR TA 157 -67.52 -43.12 -13.51
CA THR TA 157 -66.41 -42.98 -12.57
C THR TA 157 -66.15 -41.51 -12.28
N ILE TA 158 -66.17 -40.67 -13.30
CA ILE TA 158 -65.91 -39.25 -13.09
C ILE TA 158 -67.03 -38.61 -12.29
N ARG TA 159 -68.25 -39.12 -12.40
CA ARG TA 159 -69.32 -38.50 -11.62
C ARG TA 159 -69.35 -39.00 -10.19
N ARG TA 160 -69.04 -40.27 -9.94
CA ARG TA 160 -68.85 -40.74 -8.58
C ARG TA 160 -67.68 -40.04 -7.91
N GLN TA 161 -66.70 -39.56 -8.69
CA GLN TA 161 -65.60 -38.77 -8.14
C GLN TA 161 -65.92 -37.29 -8.03
N VAL TA 162 -66.73 -36.75 -8.94
CA VAL TA 162 -67.07 -35.33 -8.91
C VAL TA 162 -68.01 -35.06 -7.74
N LYS TA 163 -68.98 -35.94 -7.53
CA LYS TA 163 -69.76 -35.90 -6.30
C LYS TA 163 -68.84 -36.41 -5.20
N ALA TA 164 -67.90 -35.54 -4.80
CA ALA TA 164 -66.90 -35.93 -3.83
C ALA TA 164 -67.58 -36.41 -2.55
N LEU TA 165 -67.12 -37.56 -2.07
CA LEU TA 165 -67.69 -38.13 -0.86
C LEU TA 165 -67.54 -37.14 0.31
N PRO TA 166 -68.30 -37.31 1.39
CA PRO TA 166 -68.20 -36.38 2.52
C PRO TA 166 -66.80 -36.40 3.13
N VAL TA 167 -66.09 -35.28 3.02
CA VAL TA 167 -64.76 -35.11 3.59
C VAL TA 167 -64.94 -34.72 5.05
N VAL TA 168 -64.25 -35.44 5.94
CA VAL TA 168 -64.42 -35.24 7.38
C VAL TA 168 -63.27 -34.41 7.92
N SER TA 169 -63.50 -33.11 8.08
CA SER TA 169 -62.46 -32.20 8.54
C SER TA 169 -62.46 -32.20 10.06
N VAL TA 170 -61.31 -32.52 10.67
CA VAL TA 170 -61.20 -32.64 12.12
C VAL TA 170 -60.85 -31.29 12.72
N VAL TA 171 -61.50 -30.96 13.83
CA VAL TA 171 -61.36 -29.67 14.50
C VAL TA 171 -60.40 -29.79 15.67
N PRO TA 172 -59.25 -29.10 15.65
CA PRO TA 172 -58.21 -29.34 16.65
C PRO TA 172 -58.74 -29.22 18.06
N LYS TA 173 -58.25 -30.09 18.92
CA LYS TA 173 -58.85 -30.24 20.22
C LYS TA 173 -58.62 -29.00 21.08
N HIS TA 174 -59.55 -28.80 22.00
CA HIS TA 174 -59.51 -27.68 22.92
C HIS TA 174 -58.78 -28.07 24.19
N VAL TA 175 -57.79 -27.28 24.57
CA VAL TA 175 -56.85 -27.60 25.63
C VAL TA 175 -57.26 -26.86 26.90
N ALA TA 176 -57.07 -27.48 28.06
CA ALA TA 176 -57.31 -26.83 29.34
C ALA TA 176 -56.01 -26.79 30.14
N THR TA 177 -55.36 -25.64 30.13
CA THR TA 177 -54.18 -25.45 30.96
C THR TA 177 -54.61 -25.13 32.40
N MET TA 178 -53.64 -25.07 33.31
CA MET TA 178 -53.94 -25.24 34.73
C MET TA 178 -55.04 -24.30 35.23
N LYS TA 179 -54.77 -23.00 35.25
CA LYS TA 179 -55.78 -22.01 35.64
C LYS TA 179 -56.59 -21.53 34.45
N GLN TA 180 -56.51 -22.21 33.32
CA GLN TA 180 -57.23 -21.87 32.09
C GLN TA 180 -56.96 -20.42 31.69
N ILE TA 181 -55.70 -20.17 31.39
CA ILE TA 181 -55.30 -18.81 31.07
C ILE TA 181 -56.03 -18.30 29.83
N HIS TA 182 -56.39 -19.22 28.93
CA HIS TA 182 -57.36 -18.94 27.87
C HIS TA 182 -58.10 -20.22 27.54
N ASN TA 183 -59.37 -20.09 27.16
CA ASN TA 183 -60.03 -21.21 26.51
C ASN TA 183 -60.19 -20.99 25.01
N ASP TA 184 -59.35 -20.13 24.42
CA ASP TA 184 -59.03 -20.21 23.00
C ASP TA 184 -57.88 -21.16 22.75
N ARG TA 185 -57.35 -21.76 23.80
CA ARG TA 185 -56.18 -22.64 23.71
C ARG TA 185 -56.57 -23.84 22.89
N PHE TA 186 -55.76 -24.15 21.88
CA PHE TA 186 -55.89 -25.38 21.11
C PHE TA 186 -54.61 -26.19 21.02
N ASN TA 187 -53.47 -25.53 20.93
CA ASN TA 187 -52.20 -26.20 21.14
C ASN TA 187 -51.48 -25.57 22.32
N TYR TA 188 -50.45 -26.26 22.78
CA TYR TA 188 -49.79 -25.94 24.02
C TYR TA 188 -48.83 -24.79 23.90
N ARG TA 189 -49.02 -23.92 22.93
CA ARG TA 189 -48.32 -22.66 22.93
C ARG TA 189 -48.90 -21.76 24.01
N TRP TA 190 -48.02 -21.12 24.76
CA TRP TA 190 -48.47 -20.08 25.68
C TRP TA 190 -48.63 -18.77 24.92
N ARG TA 191 -49.75 -18.09 25.13
CA ARG TA 191 -50.03 -16.89 24.39
C ARG TA 191 -50.03 -15.67 25.31
N VAL TA 192 -50.09 -14.49 24.70
CA VAL TA 192 -49.61 -13.25 25.31
C VAL TA 192 -50.48 -12.71 26.44
N ASN TA 193 -51.62 -13.35 26.69
CA ASN TA 193 -52.51 -12.97 27.79
C ASN TA 193 -52.80 -11.47 27.87
N ALA UA 10 -27.47 82.15 57.42
CA ALA UA 10 -28.90 81.94 57.30
C ALA UA 10 -29.27 80.49 57.68
N ARG UA 11 -28.33 79.80 58.32
CA ARG UA 11 -28.55 78.43 58.76
C ARG UA 11 -28.31 78.33 60.26
N ALA UA 12 -29.10 77.48 60.93
CA ALA UA 12 -29.00 77.36 62.37
C ALA UA 12 -27.60 76.92 62.79
N ILE UA 13 -27.05 75.89 62.18
CA ILE UA 13 -25.73 75.38 62.53
C ILE UA 13 -24.88 75.37 61.27
N ILE UA 14 -24.13 76.44 61.05
CA ILE UA 14 -23.49 76.65 59.76
C ILE UA 14 -22.53 75.52 59.42
N LYS UA 15 -22.26 75.35 58.13
CA LYS UA 15 -21.23 74.45 57.63
C LYS UA 15 -19.95 75.28 57.61
N ARG UA 16 -18.93 74.79 58.30
CA ARG UA 16 -17.92 75.68 58.89
C ARG UA 16 -16.77 76.04 57.97
N ARG UA 17 -16.19 75.08 57.29
CA ARG UA 17 -15.16 75.37 56.29
C ARG UA 17 -15.74 75.88 54.99
N THR UA 18 -17.04 75.69 54.79
CA THR UA 18 -17.68 75.92 53.50
C THR UA 18 -18.88 76.86 53.66
N PRO UA 19 -18.67 78.03 54.20
CA PRO UA 19 -19.61 79.10 53.92
C PRO UA 19 -19.08 80.07 52.87
N GLN UA 20 -19.94 80.50 51.96
CA GLN UA 20 -19.70 81.61 51.05
C GLN UA 20 -20.42 82.84 51.57
N LEU UA 21 -20.64 83.83 50.71
CA LEU UA 21 -21.26 85.04 51.23
C LEU UA 21 -22.77 84.87 51.44
N TRP UA 22 -23.56 84.80 50.39
CA TRP UA 22 -24.99 84.85 50.64
C TRP UA 22 -25.70 83.74 49.89
N GLY UA 23 -26.75 83.23 50.52
CA GLY UA 23 -27.72 82.44 49.79
C GLY UA 23 -27.33 81.01 49.47
N ALA UA 24 -28.38 80.23 49.18
CA ALA UA 24 -28.29 78.81 48.87
C ALA UA 24 -27.87 78.51 47.42
N PRO UA 25 -28.59 78.96 46.36
CA PRO UA 25 -27.96 78.97 45.04
C PRO UA 25 -27.27 80.29 44.76
N GLY UA 26 -25.95 80.30 44.75
CA GLY UA 26 -25.27 81.56 44.67
C GLY UA 26 -25.12 82.07 43.26
N ALA UA 27 -24.48 83.22 43.14
CA ALA UA 27 -24.18 83.84 41.87
C ALA UA 27 -23.36 82.87 41.04
N PRO UA 28 -23.39 82.98 39.75
CA PRO UA 28 -22.49 82.18 38.94
C PRO UA 28 -21.05 82.63 39.11
N ILE UA 29 -20.11 81.70 39.19
CA ILE UA 29 -18.69 81.99 39.31
C ILE UA 29 -17.90 81.09 38.38
N ILE UA 30 -16.95 81.66 37.65
CA ILE UA 30 -16.05 80.95 36.75
C ILE UA 30 -14.93 80.32 37.57
N ARG UA 31 -15.18 79.17 38.17
CA ARG UA 31 -14.18 78.56 39.03
C ARG UA 31 -13.23 77.78 38.15
N MET UA 32 -12.09 77.37 38.71
CA MET UA 32 -11.18 76.45 38.04
C MET UA 32 -10.80 75.36 39.03
N ARG UA 33 -11.67 74.39 39.17
CA ARG UA 33 -11.39 73.37 40.15
C ARG UA 33 -10.40 72.38 39.54
N GLY UA 34 -10.13 71.32 40.26
CA GLY UA 34 -9.34 70.24 39.72
C GLY UA 34 -8.96 69.31 40.85
N HIS UA 35 -9.22 68.03 40.62
CA HIS UA 35 -9.17 67.07 41.70
C HIS UA 35 -7.75 66.95 42.24
N HIS UA 36 -7.65 66.93 43.56
CA HIS UA 36 -6.38 66.73 44.21
C HIS UA 36 -6.09 65.24 44.26
N VAL UA 37 -5.28 64.77 43.32
CA VAL UA 37 -4.52 63.55 43.46
C VAL UA 37 -3.07 63.88 43.09
N VAL UA 38 -2.24 62.85 43.04
CA VAL UA 38 -0.83 63.01 42.77
C VAL UA 38 -0.61 64.07 41.71
N TRP UA 39 0.32 64.96 41.95
CA TRP UA 39 0.59 66.09 41.09
C TRP UA 39 0.66 65.70 39.62
N LYS UA 40 1.28 64.58 39.29
CA LYS UA 40 1.35 64.16 37.90
C LYS UA 40 -0.05 64.00 37.31
N PHE UA 41 -1.02 63.65 38.15
CA PHE UA 41 -2.39 63.38 37.72
C PHE UA 41 -3.31 64.48 38.20
N GLN UA 42 -2.89 65.73 38.07
CA GLN UA 42 -3.67 66.88 38.55
C GLN UA 42 -3.75 67.93 37.45
N SER UA 43 -4.92 68.03 36.83
CA SER UA 43 -5.22 69.02 35.81
C SER UA 43 -6.62 69.56 36.09
N TYR UA 44 -6.88 70.79 35.62
CA TYR UA 44 -7.88 71.65 36.23
C TYR UA 44 -9.12 71.78 35.36
N ASP UA 45 -10.26 71.38 35.92
CA ASP UA 45 -11.56 71.53 35.31
C ASP UA 45 -12.01 72.96 35.45
N LEU UA 46 -11.75 73.76 34.43
CA LEU UA 46 -12.22 75.14 34.42
C LEU UA 46 -13.68 75.13 34.04
N PHE UA 47 -14.50 75.85 34.78
CA PHE UA 47 -15.91 75.78 34.46
C PHE UA 47 -16.67 76.89 35.15
N VAL UA 48 -17.68 77.40 34.47
CA VAL UA 48 -18.66 78.25 35.11
C VAL UA 48 -19.36 77.44 36.17
N GLU UA 49 -19.79 78.10 37.24
CA GLU UA 49 -20.72 77.48 38.18
C GLU UA 49 -21.09 78.50 39.24
N HIS UA 50 -22.00 78.10 40.10
CA HIS UA 50 -22.41 78.98 41.17
C HIS UA 50 -21.43 78.94 42.33
N THR UA 51 -21.53 79.92 43.21
CA THR UA 51 -20.79 79.85 44.45
C THR UA 51 -21.26 78.69 45.32
N HIS UA 52 -22.46 78.82 45.88
CA HIS UA 52 -22.96 77.86 46.85
C HIS UA 52 -23.40 76.56 46.23
N LYS UA 53 -22.52 75.60 46.17
CA LYS UA 53 -22.84 74.33 45.55
C LYS UA 53 -23.25 73.29 46.60
N ARG UA 54 -23.77 72.17 46.13
CA ARG UA 54 -23.74 70.98 46.95
C ARG UA 54 -22.36 70.36 46.83
N ARG UA 55 -22.13 69.26 47.53
CA ARG UA 55 -20.76 68.82 47.77
C ARG UA 55 -19.98 68.59 46.47
N ASN UA 56 -20.66 68.17 45.40
CA ASN UA 56 -19.93 67.93 44.16
C ASN UA 56 -19.99 69.15 43.25
N SER UA 57 -19.41 69.02 42.07
CA SER UA 57 -19.21 70.14 41.16
C SER UA 57 -20.24 70.23 40.04
N ASP UA 58 -21.43 69.67 40.23
CA ASP UA 58 -22.41 69.54 39.16
C ASP UA 58 -23.73 70.23 39.45
N ALA UA 59 -24.24 70.11 40.68
CA ALA UA 59 -25.61 70.47 40.95
C ALA UA 59 -25.86 71.96 40.79
N ARG UA 60 -24.83 72.79 40.92
CA ARG UA 60 -24.86 74.14 40.37
C ARG UA 60 -23.72 74.32 39.39
N LEU UA 61 -23.45 73.31 38.58
CA LEU UA 61 -22.58 73.48 37.42
C LEU UA 61 -23.40 74.14 36.36
N LEU UA 62 -22.87 75.19 35.79
CA LEU UA 62 -23.59 75.81 34.70
C LEU UA 62 -23.14 75.28 33.37
N HIS UA 63 -21.85 75.35 33.08
CA HIS UA 63 -21.43 75.19 31.72
C HIS UA 63 -19.95 74.91 31.66
N TYR UA 64 -19.56 73.64 31.55
CA TYR UA 64 -18.15 73.30 31.46
C TYR UA 64 -17.42 74.27 30.55
N LEU UA 65 -16.34 74.86 31.06
CA LEU UA 65 -15.67 75.96 30.38
C LEU UA 65 -14.32 75.60 29.81
N GLY UA 66 -13.71 74.52 30.25
CA GLY UA 66 -12.42 74.14 29.69
C GLY UA 66 -11.63 73.28 30.66
N LYS UA 67 -10.37 73.11 30.31
CA LYS UA 67 -9.44 72.33 31.12
C LYS UA 67 -8.05 72.90 30.95
N HIS UA 68 -7.31 72.95 32.04
CA HIS UA 68 -5.97 73.53 32.07
C HIS UA 68 -4.97 72.45 32.44
N CYS UA 69 -3.78 72.52 31.83
CA CYS UA 69 -2.68 71.66 32.25
C CYS UA 69 -1.69 72.48 33.05
N PRO UA 70 -1.66 72.38 34.36
CA PRO UA 70 -0.70 73.15 35.13
C PRO UA 70 0.74 72.74 34.88
N HIS UA 71 0.94 71.64 34.14
CA HIS UA 71 2.26 71.05 33.93
C HIS UA 71 2.78 71.50 32.58
N PRO UA 72 3.85 72.29 32.48
CA PRO UA 72 4.24 72.84 31.18
C PRO UA 72 4.82 71.77 30.29
N GLN UA 73 4.22 71.60 29.11
CA GLN UA 73 4.58 70.53 28.20
C GLN UA 73 5.42 71.06 27.06
N LYS UA 74 5.97 70.13 26.28
CA LYS UA 74 6.97 70.43 25.28
C LYS UA 74 6.34 70.56 23.90
N SER UA 75 7.14 71.05 22.98
CA SER UA 75 6.73 71.08 21.58
C SER UA 75 6.88 69.71 20.95
N LEU UA 76 6.16 68.71 21.48
CA LEU UA 76 6.01 67.45 20.75
C LEU UA 76 4.72 67.44 19.95
N TRP UA 77 4.44 68.52 19.23
CA TRP UA 77 3.42 68.53 18.21
C TRP UA 77 3.96 69.39 17.09
N SER UA 78 5.08 70.00 17.31
CA SER UA 78 5.69 70.77 16.27
C SER UA 78 7.15 70.34 16.18
N PRO UA 79 7.78 70.62 15.09
CA PRO UA 79 9.19 70.21 14.95
C PRO UA 79 10.14 71.06 15.77
N ASP UA 80 11.42 70.68 15.76
CA ASP UA 80 12.43 71.31 16.62
C ASP UA 80 12.96 72.58 15.97
N THR UA 81 12.35 73.69 16.34
CA THR UA 81 12.70 74.96 15.75
C THR UA 81 14.01 75.46 16.35
N PRO UA 82 14.74 76.29 15.62
CA PRO UA 82 15.78 77.10 16.26
C PRO UA 82 15.20 78.40 16.82
N VAL UA 83 14.02 78.32 17.42
CA VAL UA 83 13.29 79.48 17.91
C VAL UA 83 13.00 79.25 19.38
N ALA UA 84 13.57 80.12 20.23
CA ALA UA 84 13.55 79.89 21.66
C ALA UA 84 12.14 79.84 22.20
N GLN UA 85 11.43 80.96 22.09
CA GLN UA 85 10.11 81.09 22.66
C GLN UA 85 9.20 79.96 22.21
N ASP UA 86 9.50 79.36 21.07
CA ASP UA 86 8.73 78.21 20.66
C ASP UA 86 9.22 76.93 21.30
N ARG UA 87 10.52 76.77 21.53
CA ARG UA 87 11.01 75.59 22.21
C ARG UA 87 10.65 75.54 23.68
N HIS UA 88 10.41 76.69 24.29
CA HIS UA 88 9.99 76.75 25.69
C HIS UA 88 8.83 75.81 25.91
N LEU UA 89 8.66 75.36 27.14
CA LEU UA 89 7.53 74.51 27.40
C LEU UA 89 6.25 75.27 27.10
N PHE UA 90 5.21 74.55 26.74
CA PHE UA 90 3.92 75.16 26.52
C PHE UA 90 3.03 74.79 27.69
N MET UA 91 2.21 75.72 28.14
CA MET UA 91 1.14 75.43 29.07
C MET UA 91 -0.18 75.62 28.35
N LEU UA 92 -1.02 74.60 28.36
CA LEU UA 92 -2.16 74.54 27.46
C LEU UA 92 -3.46 74.61 28.23
N THR UA 93 -4.48 75.19 27.60
CA THR UA 93 -5.80 75.23 28.20
C THR UA 93 -6.83 75.31 27.09
N THR UA 94 -8.00 74.73 27.34
CA THR UA 94 -9.12 74.81 26.42
C THR UA 94 -10.26 75.51 27.12
N VAL UA 95 -10.64 76.67 26.59
CA VAL UA 95 -11.66 77.56 27.10
C VAL UA 95 -12.96 77.20 26.41
N ASP UA 96 -14.02 77.90 26.77
CA ASP UA 96 -15.22 77.95 25.96
C ASP UA 96 -15.48 79.43 25.69
N VAL UA 97 -14.65 80.01 24.83
CA VAL UA 97 -14.53 81.47 24.75
C VAL UA 97 -15.89 82.13 24.63
N ASP UA 98 -16.78 81.52 23.86
CA ASP UA 98 -18.00 82.22 23.54
C ASP UA 98 -19.06 82.04 24.63
N ALA UA 99 -19.05 80.92 25.32
CA ALA UA 99 -19.96 80.81 26.47
C ALA UA 99 -19.40 81.47 27.72
N PHE UA 100 -18.10 81.61 27.83
CA PHE UA 100 -17.52 82.53 28.79
C PHE UA 100 -17.96 83.96 28.53
N LYS UA 101 -17.86 84.43 27.29
CA LYS UA 101 -18.38 85.76 27.03
C LYS UA 101 -19.85 85.87 27.37
N TYR UA 102 -20.65 84.88 27.07
CA TYR UA 102 -22.06 85.01 27.42
C TYR UA 102 -22.30 84.96 28.92
N TRP UA 103 -21.52 84.18 29.66
CA TRP UA 103 -21.74 84.10 31.09
C TRP UA 103 -21.17 85.30 31.80
N PHE UA 104 -19.86 85.46 31.73
CA PHE UA 104 -19.16 86.61 32.28
C PHE UA 104 -19.76 87.90 31.76
N GLY UA 105 -19.64 88.19 30.47
CA GLY UA 105 -20.14 89.43 29.97
C GLY UA 105 -21.62 89.70 30.18
N VAL UA 106 -22.46 88.73 29.84
CA VAL UA 106 -23.88 89.04 29.68
C VAL UA 106 -24.68 88.57 30.88
N LYS UA 107 -24.31 87.43 31.46
CA LYS UA 107 -24.99 87.06 32.69
C LYS UA 107 -24.24 87.49 33.95
N ARG UA 108 -23.02 88.03 33.82
CA ARG UA 108 -22.24 88.54 34.95
C ARG UA 108 -21.94 87.52 36.02
N CYS UA 109 -21.13 86.52 35.72
CA CYS UA 109 -20.68 85.54 36.71
C CYS UA 109 -19.34 85.97 37.31
N ARG UA 110 -19.15 85.71 38.60
CA ARG UA 110 -17.94 86.14 39.29
C ARG UA 110 -16.71 85.38 38.82
N LEU UA 111 -15.68 86.11 38.44
CA LEU UA 111 -14.47 85.52 37.90
C LEU UA 111 -13.45 85.30 39.01
N SER UA 112 -13.33 84.06 39.49
CA SER UA 112 -12.40 83.75 40.56
C SER UA 112 -10.95 83.98 40.09
N MET UA 113 -10.03 83.90 41.03
CA MET UA 113 -8.69 84.44 40.86
C MET UA 113 -7.71 83.49 40.20
N ARG UA 114 -7.74 82.19 40.49
CA ARG UA 114 -6.94 81.26 39.69
C ARG UA 114 -7.44 81.19 38.25
N PRO UA 115 -8.73 80.98 38.00
CA PRO UA 115 -9.21 81.06 36.61
C PRO UA 115 -8.84 82.34 35.92
N TRP UA 116 -8.98 83.47 36.61
CA TRP UA 116 -8.53 84.74 36.07
C TRP UA 116 -7.04 84.73 35.80
N ALA UA 117 -6.25 84.16 36.69
CA ALA UA 117 -4.82 84.05 36.45
C ALA UA 117 -4.53 83.38 35.14
N LEU UA 118 -5.37 82.43 34.75
CA LEU UA 118 -5.25 81.81 33.44
C LEU UA 118 -5.72 82.70 32.30
N LEU UA 119 -6.98 83.13 32.33
CA LEU UA 119 -7.52 83.86 31.20
C LEU UA 119 -6.77 85.15 30.96
N ALA UA 120 -6.21 85.74 32.01
CA ALA UA 120 -5.26 86.81 31.82
C ALA UA 120 -4.19 86.41 30.83
N LYS UA 121 -3.63 85.23 31.02
CA LYS UA 121 -2.61 84.74 30.11
C LYS UA 121 -3.20 84.48 28.74
N ALA UA 122 -4.50 84.19 28.69
CA ALA UA 122 -5.15 84.02 27.40
C ALA UA 122 -5.12 85.31 26.59
N GLY UA 123 -5.52 86.42 27.20
CA GLY UA 123 -5.70 87.66 26.48
C GLY UA 123 -7.14 88.12 26.46
N LEU UA 124 -8.03 87.38 27.10
CA LEU UA 124 -9.40 87.82 27.24
C LEU UA 124 -9.48 88.94 28.27
N LEU UA 125 -9.07 88.67 29.49
CA LEU UA 125 -9.22 89.58 30.61
C LEU UA 125 -7.89 90.22 30.97
N PRO UA 126 -7.91 91.42 31.51
CA PRO UA 126 -6.68 92.08 31.87
C PRO UA 126 -6.01 91.36 33.01
N PRO UA 127 -4.68 91.45 33.12
CA PRO UA 127 -3.97 90.70 34.16
C PRO UA 127 -4.45 91.12 35.54
N SER UA 128 -4.70 90.13 36.39
CA SER UA 128 -5.58 90.30 37.53
C SER UA 128 -5.02 91.24 38.60
N LEU UA 129 -5.80 91.36 39.68
CA LEU UA 129 -5.42 92.11 40.86
C LEU UA 129 -4.24 91.48 41.57
N ARG UA 130 -4.21 90.14 41.64
CA ARG UA 130 -3.30 89.38 42.46
C ARG UA 130 -2.15 88.78 41.67
N GLN UA 131 -1.84 89.35 40.51
CA GLN UA 131 -0.57 89.06 39.86
C GLN UA 131 0.44 90.14 40.28
N ASN UA 132 0.53 90.33 41.60
CA ASN UA 132 1.18 91.50 42.16
C ASN UA 132 2.68 91.44 41.89
N SER UA 133 3.16 92.40 41.12
CA SER UA 133 4.59 92.60 40.99
C SER UA 133 5.01 93.09 42.37
N LYS UA 134 5.47 92.17 43.21
CA LYS UA 134 5.81 92.54 44.58
C LYS UA 134 6.83 93.65 44.56
N ILE UA 135 7.45 93.84 43.42
CA ILE UA 135 8.68 94.60 43.32
C ILE UA 135 8.35 96.03 42.94
N MET UA 136 7.08 96.39 42.98
CA MET UA 136 6.75 97.79 42.72
C MET UA 136 5.55 98.18 43.58
N PRO UA 137 5.56 99.38 44.16
CA PRO UA 137 4.55 99.72 45.16
C PRO UA 137 3.21 100.08 44.53
N LYS UA 138 2.14 99.93 45.33
CA LYS UA 138 0.80 100.33 44.92
C LYS UA 138 0.67 101.86 44.95
N PRO UA 139 -0.29 102.43 44.23
CA PRO UA 139 -0.19 103.83 43.82
C PRO UA 139 -0.57 104.84 44.89
N ILE UA 140 -0.25 106.10 44.60
CA ILE UA 140 -0.45 107.24 45.48
C ILE UA 140 -1.32 108.27 44.79
N PHE UA 141 -2.57 108.35 45.22
CA PHE UA 141 -3.57 109.17 44.55
C PHE UA 141 -3.59 110.58 45.14
N ASP UA 142 -3.66 111.59 44.26
CA ASP UA 142 -3.79 112.98 44.72
C ASP UA 142 -4.50 113.83 43.68
N LYS UA 143 -5.47 114.60 44.16
CA LYS UA 143 -6.39 115.30 43.28
C LYS UA 143 -5.71 116.39 42.47
N GLU UA 144 -4.74 117.09 43.05
CA GLU UA 144 -4.07 118.15 42.31
C GLU UA 144 -3.49 117.63 41.02
N GLN UA 145 -2.70 116.56 41.10
CA GLN UA 145 -2.08 116.06 39.88
C GLN UA 145 -3.09 115.38 38.98
N LEU UA 146 -4.08 114.69 39.56
CA LEU UA 146 -5.07 114.01 38.74
C LEU UA 146 -5.89 115.00 37.91
N MET UA 147 -6.30 116.13 38.51
CA MET UA 147 -7.05 117.12 37.75
C MET UA 147 -6.14 117.95 36.86
N ARG UA 148 -4.92 118.24 37.29
CA ARG UA 148 -4.01 118.98 36.44
C ARG UA 148 -3.75 118.23 35.14
N TYR UA 149 -3.66 116.91 35.19
CA TYR UA 149 -3.51 116.17 33.94
C TYR UA 149 -4.76 116.32 33.08
N TYR UA 150 -5.94 115.92 33.57
CA TYR UA 150 -7.14 116.00 32.76
C TYR UA 150 -7.26 117.38 32.12
N LEU UA 151 -7.00 118.42 32.90
CA LEU UA 151 -6.82 119.75 32.35
C LEU UA 151 -5.89 119.70 31.14
N ALA UA 152 -4.69 119.16 31.33
CA ALA UA 152 -3.68 119.22 30.27
C ALA UA 152 -4.18 118.52 29.01
N ASN UA 153 -4.49 117.25 29.13
CA ASN UA 153 -5.02 116.45 28.03
C ASN UA 153 -6.49 116.14 28.25
N ARG UA 154 -7.33 116.67 27.37
CA ARG UA 154 -8.78 116.55 27.42
C ARG UA 154 -9.25 115.87 26.15
N LYS UA 155 -10.24 115.00 26.29
CA LYS UA 155 -10.91 114.42 25.13
C LYS UA 155 -12.35 114.88 25.11
N GLU UA 156 -12.91 114.93 23.90
CA GLU UA 156 -14.15 115.64 23.68
C GLU UA 156 -15.38 114.76 23.87
N GLU UA 157 -16.51 115.41 24.07
CA GLU UA 157 -17.78 114.72 24.11
C GLU UA 157 -18.08 114.02 22.78
N ALA UA 158 -17.73 114.66 21.67
CA ALA UA 158 -17.99 114.17 20.33
C ALA UA 158 -17.05 113.04 19.91
N THR UA 159 -15.99 112.78 20.66
CA THR UA 159 -15.20 111.58 20.46
C THR UA 159 -15.41 110.55 21.55
N ILE UA 160 -16.04 110.92 22.65
CA ILE UA 160 -16.24 109.97 23.72
C ILE UA 160 -17.60 109.30 23.64
N GLU UA 161 -18.63 110.03 23.20
CA GLU UA 161 -19.95 109.41 23.18
C GLU UA 161 -20.04 108.28 22.17
N ARG UA 162 -19.35 108.42 21.04
CA ARG UA 162 -19.25 107.34 20.09
C ARG UA 162 -18.78 106.06 20.78
N GLU UA 163 -17.54 106.08 21.27
CA GLU UA 163 -16.94 104.91 21.87
C GLU UA 163 -17.78 104.36 23.00
N ASP UA 164 -18.35 105.23 23.82
CA ASP UA 164 -19.29 104.73 24.80
C ASP UA 164 -20.37 103.89 24.16
N TYR UA 165 -21.00 104.41 23.11
CA TYR UA 165 -22.07 103.69 22.41
C TYR UA 165 -21.58 102.38 21.80
N LEU UA 166 -20.66 102.47 20.85
CA LEU UA 166 -20.19 101.29 20.13
C LEU UA 166 -19.21 100.45 20.93
N ASN UA 167 -19.11 100.68 22.23
CA ASN UA 167 -18.31 99.79 23.04
C ASN UA 167 -19.16 99.18 24.13
N TYR UA 168 -20.29 99.79 24.46
CA TYR UA 168 -21.16 99.14 25.43
C TYR UA 168 -22.54 98.90 24.84
N LYS UA 169 -22.90 99.65 23.80
CA LYS UA 169 -24.15 99.49 23.07
C LYS UA 169 -23.82 99.08 21.62
N ASN UA 170 -24.86 98.83 20.81
CA ASN UA 170 -24.71 98.40 19.42
C ASN UA 170 -23.58 99.11 18.67
N SER UA 171 -22.88 98.35 17.82
CA SER UA 171 -21.72 98.82 17.07
C SER UA 171 -21.73 98.48 15.59
N LEU UA 172 -22.67 97.68 15.11
CA LEU UA 172 -22.82 97.45 13.67
C LEU UA 172 -23.41 98.71 13.07
N VAL UA 173 -22.53 99.62 12.69
CA VAL UA 173 -22.95 100.82 11.99
C VAL UA 173 -23.40 100.41 10.59
N LYS UA 174 -24.70 100.38 10.38
CA LYS UA 174 -25.20 100.20 9.04
C LYS UA 174 -24.75 101.39 8.22
N SER UA 175 -23.68 101.21 7.45
CA SER UA 175 -23.03 102.33 6.81
C SER UA 175 -24.06 103.12 6.01
N GLU UA 176 -24.36 104.35 6.44
CA GLU UA 176 -25.39 105.17 5.82
C GLU UA 176 -25.41 105.06 4.31
N GLU UA 177 -24.24 104.98 3.67
CA GLU UA 177 -24.16 104.80 2.23
C GLU UA 177 -24.73 103.45 1.81
N GLU UA 178 -24.34 102.39 2.50
CA GLU UA 178 -24.79 101.05 2.15
C GLU UA 178 -26.02 100.61 2.92
N ARG UA 179 -26.76 101.55 3.48
CA ARG UA 179 -28.17 101.36 3.75
C ARG UA 179 -29.00 101.58 2.50
N ALA UA 180 -28.37 102.06 1.42
CA ALA UA 180 -29.00 102.13 0.12
C ALA UA 180 -29.42 100.75 -0.38
N ALA UA 181 -28.67 99.71 -0.03
CA ALA UA 181 -29.01 98.37 -0.51
C ALA UA 181 -30.27 97.82 0.11
N GLU UA 182 -30.89 98.53 1.05
CA GLU UA 182 -32.10 98.05 1.68
C GLU UA 182 -33.29 98.98 1.40
N ARG UA 183 -33.07 100.01 0.59
CA ARG UA 183 -34.12 100.94 0.19
C ARG UA 183 -34.50 100.66 -1.27
N PRO UA 184 -35.55 99.91 -1.48
CA PRO UA 184 -35.83 99.34 -2.79
C PRO UA 184 -35.99 100.28 -3.98
N VAL UA 185 -36.10 99.65 -5.15
CA VAL UA 185 -35.98 100.31 -6.44
C VAL UA 185 -37.34 100.27 -7.10
N ALA UA 186 -37.44 100.94 -8.25
CA ALA UA 186 -38.66 101.37 -8.92
C ALA UA 186 -39.86 100.44 -8.82
N PRO UA 187 -39.74 99.12 -9.08
CA PRO UA 187 -40.92 98.27 -9.00
C PRO UA 187 -41.69 98.38 -7.70
N TYR UA 188 -41.00 98.78 -6.63
CA TYR UA 188 -41.67 99.19 -5.41
C TYR UA 188 -41.22 100.57 -4.93
N LEU UA 189 -40.28 101.19 -5.63
CA LEU UA 189 -39.95 102.59 -5.44
C LEU UA 189 -40.53 103.32 -6.63
N VAL VA 2 -92.37 8.67 4.30
CA VAL VA 2 -93.49 9.09 5.12
C VAL VA 2 -92.93 9.65 6.40
N PHE VA 3 -93.77 10.33 7.17
CA PHE VA 3 -93.37 10.77 8.48
C PHE VA 3 -92.92 9.55 9.27
N TYR VA 4 -93.84 8.62 9.54
CA TYR VA 4 -93.49 7.48 10.36
C TYR VA 4 -94.11 6.22 9.79
N ALA VA 5 -93.40 5.12 9.92
CA ALA VA 5 -93.95 3.80 9.74
C ALA VA 5 -94.08 3.16 11.10
N PHE VA 6 -95.07 2.30 11.26
CA PHE VA 6 -95.29 1.58 12.50
C PHE VA 6 -95.73 0.18 12.14
N VAL VA 7 -94.83 -0.79 12.31
CA VAL VA 7 -95.19 -2.19 12.14
C VAL VA 7 -95.69 -2.68 13.49
N LEU VA 8 -96.99 -2.95 13.58
CA LEU VA 8 -97.59 -3.39 14.81
C LEU VA 8 -97.84 -4.90 14.74
N VAL VA 9 -96.93 -5.69 15.29
CA VAL VA 9 -97.19 -7.11 15.47
C VAL VA 9 -98.25 -7.18 16.57
N MET VA 10 -99.29 -7.97 16.35
CA MET VA 10 -100.34 -8.09 17.34
C MET VA 10 -100.69 -9.55 17.59
N LYS VA 11 -101.28 -9.78 18.75
CA LYS VA 11 -101.80 -11.09 19.10
C LYS VA 11 -103.07 -11.36 18.32
N PRO VA 12 -103.16 -12.49 17.65
CA PRO VA 12 -104.38 -12.83 16.91
C PRO VA 12 -105.56 -13.09 17.83
N ARG VA 13 -106.11 -12.00 18.34
CA ARG VA 13 -107.30 -12.03 19.15
C ARG VA 13 -108.52 -12.19 18.24
N GLN VA 14 -109.69 -11.85 18.74
CA GLN VA 14 -110.89 -11.86 17.94
C GLN VA 14 -110.99 -10.59 17.10
N ARG VA 15 -111.65 -10.70 15.95
CA ARG VA 15 -111.85 -9.54 15.09
C ARG VA 15 -112.67 -8.45 15.75
N ARG VA 16 -113.25 -8.70 16.92
CA ARG VA 16 -113.77 -7.60 17.71
C ARG VA 16 -112.65 -6.85 18.40
N PHE VA 17 -111.62 -7.57 18.83
CA PHE VA 17 -110.53 -7.02 19.60
C PHE VA 17 -109.43 -6.39 18.75
N THR VA 18 -109.03 -7.02 17.65
CA THR VA 18 -108.09 -6.38 16.75
C THR VA 18 -108.65 -5.11 16.13
N SER VA 19 -109.84 -5.20 15.55
CA SER VA 19 -110.54 -4.02 15.08
C SER VA 19 -110.62 -2.95 16.14
N GLN VA 20 -110.91 -3.32 17.40
CA GLN VA 20 -111.05 -2.29 18.42
C GLN VA 20 -109.72 -1.70 18.82
N ALA VA 21 -108.65 -2.51 18.79
CA ALA VA 21 -107.32 -1.95 18.95
C ALA VA 21 -107.04 -0.89 17.91
N LEU VA 22 -107.30 -1.21 16.65
CA LEU VA 22 -107.05 -0.23 15.60
C LEU VA 22 -108.03 0.94 15.66
N ARG VA 23 -109.27 0.70 16.07
CA ARG VA 23 -110.20 1.80 16.29
C ARG VA 23 -109.67 2.75 17.34
N GLU VA 24 -109.14 2.26 18.44
CA GLU VA 24 -108.57 3.19 19.41
C GLU VA 24 -107.24 3.74 18.95
N ILE VA 25 -106.46 2.97 18.18
CA ILE VA 25 -105.17 3.49 17.75
C ILE VA 25 -105.34 4.63 16.74
N ALA VA 26 -106.10 4.41 15.68
CA ALA VA 26 -106.30 5.46 14.69
C ALA VA 26 -107.06 6.64 15.27
N VAL VA 27 -108.08 6.36 16.10
CA VAL VA 27 -108.76 7.45 16.76
C VAL VA 27 -107.80 8.21 17.66
N ALA VA 28 -106.79 7.54 18.23
CA ALA VA 28 -105.77 8.25 18.97
C ALA VA 28 -104.93 9.14 18.06
N ILE VA 29 -104.59 8.65 16.86
CA ILE VA 29 -103.88 9.48 15.90
C ILE VA 29 -104.68 10.73 15.57
N TYR VA 30 -105.96 10.56 15.26
CA TYR VA 30 -106.74 11.71 14.82
C TYR VA 30 -107.14 12.59 15.99
N ASN VA 31 -107.12 12.07 17.21
CA ASN VA 31 -107.17 12.93 18.37
C ASN VA 31 -105.84 13.60 18.64
N ASN VA 32 -104.78 13.10 18.00
CA ASN VA 32 -103.44 13.66 18.11
C ASN VA 32 -102.97 14.30 16.81
N GLY VA 33 -103.86 15.03 16.13
CA GLY VA 33 -103.53 15.80 14.94
C GLY VA 33 -102.72 15.07 13.89
N GLY VA 34 -103.09 13.84 13.58
CA GLY VA 34 -102.28 13.01 12.74
C GLY VA 34 -103.01 12.58 11.47
N LEU VA 35 -102.28 11.85 10.64
CA LEU VA 35 -102.77 11.26 9.41
C LEU VA 35 -102.39 9.80 9.37
N ILE VA 36 -103.07 9.04 8.52
CA ILE VA 36 -102.73 7.66 8.19
C ILE VA 36 -102.70 7.54 6.69
N ARG VA 37 -101.70 6.84 6.17
CA ARG VA 37 -101.71 6.58 4.74
C ARG VA 37 -102.11 5.14 4.46
N LYS VA 38 -101.32 4.18 4.93
CA LYS VA 38 -101.41 2.82 4.42
C LYS VA 38 -101.56 1.92 5.63
N LEU VA 39 -102.80 1.63 6.00
CA LEU VA 39 -103.04 0.70 7.09
C LEU VA 39 -103.14 -0.68 6.49
N SER VA 40 -102.01 -1.21 6.06
CA SER VA 40 -101.94 -2.57 5.54
C SER VA 40 -102.15 -3.55 6.69
N ASN VA 41 -102.66 -4.72 6.36
CA ASN VA 41 -102.81 -5.79 7.32
C ASN VA 41 -102.13 -7.02 6.74
N GLU VA 42 -101.71 -7.93 7.61
CA GLU VA 42 -101.27 -9.24 7.19
C GLU VA 42 -101.90 -10.29 8.09
N GLY VA 43 -102.26 -11.42 7.50
CA GLY VA 43 -102.71 -12.54 8.27
C GLY VA 43 -101.59 -13.04 9.15
N VAL VA 44 -101.96 -13.91 10.08
CA VAL VA 44 -101.04 -14.35 11.13
C VAL VA 44 -99.78 -14.93 10.52
N MET VA 45 -98.71 -14.93 11.28
CA MET VA 45 -97.44 -15.52 10.86
C MET VA 45 -96.63 -15.93 12.09
N ARG VA 46 -95.64 -16.80 11.87
CA ARG VA 46 -94.97 -17.51 12.93
C ARG VA 46 -93.60 -16.90 13.16
N PRO VA 47 -93.46 -15.90 14.01
CA PRO VA 47 -92.22 -15.14 14.06
C PRO VA 47 -91.04 -15.97 14.56
N TYR VA 48 -89.90 -15.29 14.66
CA TYR VA 48 -88.70 -15.91 15.21
C TYR VA 48 -88.62 -15.77 16.70
N SER VA 49 -89.44 -14.93 17.31
CA SER VA 49 -89.47 -14.80 18.75
C SER VA 49 -90.89 -14.93 19.27
N ARG VA 50 -91.08 -15.91 20.13
CA ARG VA 50 -92.31 -15.98 20.90
C ARG VA 50 -92.44 -14.74 21.78
N PHE VA 51 -93.44 -13.90 21.48
CA PHE VA 51 -93.67 -12.68 22.23
C PHE VA 51 -94.57 -12.96 23.43
N ARG VA 52 -94.29 -12.28 24.54
CA ARG VA 52 -95.03 -12.47 25.78
C ARG VA 52 -95.71 -11.19 26.20
N ASP VA 53 -97.02 -11.27 26.42
CA ASP VA 53 -97.80 -10.18 27.01
C ASP VA 53 -97.66 -10.22 28.52
N ALA VA 54 -98.57 -9.55 29.23
CA ALA VA 54 -98.57 -9.64 30.69
C ALA VA 54 -98.86 -11.05 31.19
N ASP VA 55 -99.53 -11.89 30.39
CA ASP VA 55 -99.78 -13.28 30.73
C ASP VA 55 -98.53 -14.13 30.59
N ASN VA 56 -97.39 -13.52 30.27
CA ASN VA 56 -96.11 -14.21 30.13
C ASN VA 56 -96.19 -15.37 29.13
N THR VA 57 -97.26 -15.42 28.33
CA THR VA 57 -97.29 -16.58 27.46
C THR VA 57 -96.57 -16.27 26.16
N PRO VA 58 -95.65 -17.14 25.76
CA PRO VA 58 -94.90 -16.92 24.52
C PRO VA 58 -95.72 -17.35 23.31
N LEU VA 59 -96.33 -16.39 22.62
CA LEU VA 59 -97.21 -16.72 21.53
C LEU VA 59 -96.45 -16.69 20.21
N THR VA 60 -96.40 -17.85 19.55
CA THR VA 60 -95.57 -18.07 18.38
C THR VA 60 -96.28 -17.72 17.09
N TYR VA 61 -97.56 -17.35 17.15
CA TYR VA 61 -98.32 -16.94 15.98
C TYR VA 61 -98.90 -15.57 16.22
N ALA VA 62 -98.64 -14.64 15.31
CA ALA VA 62 -99.11 -13.28 15.49
C ALA VA 62 -99.71 -12.78 14.19
N ARG VA 63 -100.84 -12.09 14.31
CA ARG VA 63 -101.40 -11.37 13.18
C ARG VA 63 -100.59 -10.08 13.05
N TYR VA 64 -100.50 -9.53 11.85
CA TYR VA 64 -99.63 -8.38 11.63
C TYR VA 64 -100.47 -7.18 11.22
N VAL VA 65 -100.02 -5.99 11.59
CA VAL VA 65 -100.55 -4.76 11.05
C VAL VA 65 -99.35 -3.97 10.56
N THR VA 66 -99.48 -3.33 9.41
CA THR VA 66 -98.57 -2.27 9.01
C THR VA 66 -99.38 -0.98 8.98
N LEU VA 67 -98.83 0.11 9.54
CA LEU VA 67 -99.51 1.39 9.54
C LEU VA 67 -98.50 2.49 9.26
N GLN VA 68 -98.58 3.10 8.09
CA GLN VA 68 -97.79 4.28 7.79
C GLN VA 68 -98.65 5.48 8.16
N VAL VA 69 -98.00 6.57 8.57
CA VAL VA 69 -98.72 7.70 9.11
C VAL VA 69 -97.93 8.98 8.88
N ASP VA 70 -98.67 10.09 8.89
CA ASP VA 70 -98.14 11.45 8.94
C ASP VA 70 -98.69 12.05 10.24
N MET VA 71 -97.81 12.44 11.15
CA MET VA 71 -98.23 12.97 12.45
C MET VA 71 -97.40 14.20 12.78
N GLY VA 72 -97.58 14.73 13.97
CA GLY VA 72 -96.62 15.64 14.53
C GLY VA 72 -95.50 14.83 15.17
N GLU VA 73 -94.28 15.33 15.05
CA GLU VA 73 -93.15 14.51 15.48
C GLU VA 73 -93.07 14.34 16.98
N GLU VA 74 -93.74 15.18 17.77
CA GLU VA 74 -93.83 14.92 19.20
C GLU VA 74 -95.17 14.35 19.63
N GLN VA 75 -96.22 14.54 18.84
CA GLN VA 75 -97.40 13.70 18.99
C GLN VA 75 -97.06 12.25 18.69
N MET VA 76 -95.96 12.06 17.98
CA MET VA 76 -95.41 10.73 17.81
C MET VA 76 -95.14 10.10 19.17
N ARG VA 77 -94.38 10.79 20.01
CA ARG VA 77 -94.10 10.30 21.35
C ARG VA 77 -95.39 10.04 22.12
N LYS VA 78 -96.40 10.87 21.90
CA LYS VA 78 -97.65 10.71 22.62
C LYS VA 78 -98.33 9.41 22.23
N VAL VA 79 -98.70 9.27 20.96
CA VAL VA 79 -99.42 8.08 20.52
C VAL VA 79 -98.64 6.79 20.75
N GLU VA 80 -97.30 6.81 20.59
CA GLU VA 80 -96.58 5.56 20.72
C GLU VA 80 -96.66 4.98 22.12
N LYS VA 81 -96.76 5.80 23.16
CA LYS VA 81 -96.84 5.25 24.51
C LYS VA 81 -98.26 4.87 24.90
N ILE VA 82 -99.25 5.23 24.08
CA ILE VA 82 -100.53 4.55 24.10
C ILE VA 82 -100.42 3.20 23.43
N MET VA 83 -99.71 3.17 22.30
CA MET VA 83 -99.59 1.93 21.55
C MET VA 83 -98.87 0.86 22.33
N LYS VA 84 -97.62 1.11 22.70
CA LYS VA 84 -96.83 0.11 23.39
C LYS VA 84 -97.50 -0.37 24.65
N GLU VA 85 -98.23 0.50 25.34
CA GLU VA 85 -98.88 0.10 26.58
C GLU VA 85 -100.21 -0.59 26.33
N HIS VA 86 -100.77 -0.50 25.13
CA HIS VA 86 -101.93 -1.31 24.78
C HIS VA 86 -101.64 -2.78 25.05
N GLN VA 87 -102.64 -3.48 25.55
CA GLN VA 87 -102.46 -4.85 25.99
C GLN VA 87 -102.33 -5.84 24.84
N ASP VA 88 -102.27 -5.36 23.59
CA ASP VA 88 -102.45 -6.29 22.48
C ASP VA 88 -101.30 -6.29 21.48
N VAL VA 89 -100.58 -5.20 21.30
CA VAL VA 89 -99.45 -5.16 20.40
C VAL VA 89 -98.30 -5.92 21.04
N PHE VA 90 -97.47 -6.54 20.22
CA PHE VA 90 -96.29 -7.21 20.73
C PHE VA 90 -95.04 -6.39 20.49
N ILE VA 91 -94.96 -5.73 19.32
CA ILE VA 91 -93.91 -4.73 19.09
C ILE VA 91 -94.21 -3.94 17.82
N THR VA 92 -93.92 -2.65 17.88
CA THR VA 92 -94.08 -1.72 16.76
C THR VA 92 -92.70 -1.27 16.35
N LEU VA 93 -92.27 -1.70 15.19
CA LEU VA 93 -91.08 -1.09 14.60
C LEU VA 93 -91.45 0.34 14.26
N ASN VA 94 -90.69 1.29 14.79
CA ASN VA 94 -90.93 2.71 14.62
C ASN VA 94 -89.81 3.31 13.78
N LEU VA 95 -90.17 3.81 12.60
CA LEU VA 95 -89.18 4.30 11.66
C LEU VA 95 -89.34 5.80 11.49
N ASN VA 96 -88.36 6.54 11.98
CA ASN VA 96 -88.23 7.97 11.72
C ASN VA 96 -87.45 8.25 10.46
N ASN VA 97 -86.68 7.28 10.00
CA ASN VA 97 -85.70 7.42 8.93
C ASN VA 97 -86.34 7.47 7.55
N LEU VA 98 -87.67 7.41 7.48
CA LEU VA 98 -88.35 7.32 6.19
C LEU VA 98 -88.27 8.60 5.37
N GLU VA 99 -88.48 9.76 5.98
CA GLU VA 99 -88.27 11.02 5.26
C GLU VA 99 -86.90 11.02 4.61
N ARG VA 100 -85.89 10.62 5.37
CA ARG VA 100 -84.50 10.68 4.94
C ARG VA 100 -83.87 9.30 5.11
N PRO VA 101 -84.03 8.41 4.15
CA PRO VA 101 -83.34 7.13 4.24
C PRO VA 101 -81.84 7.31 4.09
N VAL VA 102 -81.10 6.21 4.03
CA VAL VA 102 -79.66 6.33 4.05
C VAL VA 102 -79.09 6.48 2.65
N GLY VA 103 -79.73 5.87 1.65
CA GLY VA 103 -79.13 5.93 0.33
C GLY VA 103 -79.19 7.30 -0.32
N ILE VA 104 -79.94 8.24 0.23
CA ILE VA 104 -80.11 9.55 -0.35
C ILE VA 104 -79.07 10.47 0.28
N ARG VA 105 -78.86 11.63 -0.36
CA ARG VA 105 -77.85 12.60 0.10
C ARG VA 105 -76.43 12.06 -0.05
N TYR VA 115 -80.28 19.02 -2.39
CA TYR VA 115 -80.99 17.85 -1.92
C TYR VA 115 -82.48 18.10 -1.80
N PHE VA 116 -83.25 17.27 -2.47
CA PHE VA 116 -84.71 17.38 -2.62
C PHE VA 116 -85.44 16.52 -1.59
N PRO VA 117 -86.29 17.10 -0.75
CA PRO VA 117 -86.88 16.34 0.36
C PRO VA 117 -88.20 15.66 0.05
N LEU VA 118 -88.95 16.11 -0.94
CA LEU VA 118 -90.23 15.47 -1.24
C LEU VA 118 -90.06 14.05 -1.75
N ASP VA 119 -89.00 13.80 -2.52
CA ASP VA 119 -88.86 12.55 -3.25
C ASP VA 119 -89.07 11.33 -2.38
N THR VA 120 -88.83 11.41 -1.08
CA THR VA 120 -89.12 10.30 -0.18
C THR VA 120 -90.35 10.50 0.65
N PHE VA 121 -90.66 11.73 1.04
CA PHE VA 121 -91.84 11.99 1.85
C PHE VA 121 -93.13 11.58 1.14
N THR VA 122 -93.20 11.86 -0.15
CA THR VA 122 -94.35 11.40 -0.93
C THR VA 122 -94.50 9.89 -0.86
N ARG VA 123 -93.40 9.18 -1.03
CA ARG VA 123 -93.39 7.73 -1.20
C ARG VA 123 -93.97 7.03 0.03
N LEU VA 124 -94.26 5.74 -0.15
CA LEU VA 124 -94.73 4.89 0.93
C LEU VA 124 -93.59 3.97 1.38
N GLU VA 125 -93.82 3.29 2.50
CA GLU VA 125 -92.85 2.30 2.97
C GLU VA 125 -92.61 1.21 1.94
N GLU VA 126 -93.66 0.77 1.25
CA GLU VA 126 -93.54 -0.32 0.29
C GLU VA 126 -92.58 0.00 -0.85
N GLU VA 127 -92.00 1.19 -0.88
CA GLU VA 127 -91.08 1.55 -1.93
C GLU VA 127 -89.85 2.29 -1.42
N ILE VA 128 -89.83 2.67 -0.15
CA ILE VA 128 -88.57 3.08 0.47
C ILE VA 128 -87.86 1.78 0.80
N ASN VA 129 -88.62 0.82 1.32
CA ASN VA 129 -88.14 -0.51 1.65
C ASN VA 129 -88.64 -1.45 0.59
N TRP VA 130 -87.77 -1.82 -0.35
CA TRP VA 130 -88.18 -2.83 -1.30
C TRP VA 130 -88.51 -4.13 -0.57
N PRO VA 131 -89.66 -4.73 -0.83
CA PRO VA 131 -90.10 -5.86 -0.05
C PRO VA 131 -89.50 -7.14 -0.59
N PRO VA 132 -89.52 -8.22 0.19
CA PRO VA 132 -88.81 -9.42 -0.25
C PRO VA 132 -89.42 -10.03 -1.48
N GLN VA 133 -90.75 -10.01 -1.59
CA GLN VA 133 -91.48 -10.60 -2.69
C GLN VA 133 -91.00 -10.13 -4.05
N THR VA 134 -90.65 -8.86 -4.18
CA THR VA 134 -90.38 -8.27 -5.48
C THR VA 134 -89.29 -9.01 -6.23
N SER VA 135 -89.17 -8.70 -7.51
CA SER VA 135 -88.30 -9.37 -8.43
C SER VA 135 -87.74 -8.35 -9.40
N ALA VA 136 -87.23 -8.82 -10.52
CA ALA VA 136 -86.85 -7.93 -11.61
C ALA VA 136 -88.02 -7.59 -12.50
N ASP VA 137 -89.25 -7.81 -12.06
CA ASP VA 137 -90.40 -7.44 -12.88
C ASP VA 137 -90.96 -6.09 -12.49
N ILE VA 138 -90.98 -5.77 -11.21
CA ILE VA 138 -91.43 -4.45 -10.81
C ILE VA 138 -90.62 -3.35 -11.47
N TYR VA 139 -89.48 -3.67 -12.06
CA TYR VA 139 -88.79 -2.67 -12.87
C TYR VA 139 -89.67 -2.14 -13.98
N LYS VA 140 -89.97 -2.98 -14.98
CA LYS VA 140 -90.83 -2.56 -16.06
C LYS VA 140 -92.20 -2.20 -15.56
N GLN VA 141 -92.61 -2.78 -14.44
CA GLN VA 141 -93.91 -2.41 -13.88
C GLN VA 141 -93.95 -0.98 -13.36
N LEU VA 142 -92.92 -0.54 -12.64
CA LEU VA 142 -92.83 0.85 -12.23
C LEU VA 142 -92.57 1.76 -13.41
N GLU VA 143 -91.87 1.31 -14.44
CA GLU VA 143 -91.75 2.12 -15.65
C GLU VA 143 -93.12 2.37 -16.28
N MET VA 144 -93.96 1.35 -16.41
CA MET VA 144 -95.29 1.58 -16.95
C MET VA 144 -96.17 2.38 -16.00
N ASN VA 145 -96.04 2.16 -14.70
CA ASN VA 145 -96.81 2.95 -13.76
C ASN VA 145 -96.48 4.43 -13.89
N TRP VA 146 -95.20 4.76 -14.00
CA TRP VA 146 -94.84 6.16 -14.17
C TRP VA 146 -95.29 6.70 -15.50
N LYS VA 147 -94.99 6.00 -16.59
CA LYS VA 147 -95.43 6.54 -17.87
C LYS VA 147 -96.92 6.81 -17.86
N GLU VA 148 -97.73 5.88 -17.35
CA GLU VA 148 -99.17 6.03 -17.50
C GLU VA 148 -99.82 6.72 -16.30
N PHE VA 149 -99.01 7.15 -15.34
CA PHE VA 149 -99.49 8.16 -14.41
C PHE VA 149 -99.10 9.55 -14.90
N SER VA 150 -97.82 9.76 -15.18
CA SER VA 150 -97.32 11.01 -15.70
C SER VA 150 -97.90 11.39 -17.05
N ARG VA 151 -98.60 10.49 -17.73
CA ARG VA 151 -99.34 10.98 -18.89
C ARG VA 151 -100.39 12.00 -18.49
N THR VA 152 -101.17 11.71 -17.46
CA THR VA 152 -102.26 12.58 -17.11
C THR VA 152 -102.06 13.26 -15.76
N ARG VA 153 -100.87 13.17 -15.16
CA ARG VA 153 -100.68 13.82 -13.88
C ARG VA 153 -100.92 15.33 -13.94
N TRP VA 154 -100.65 15.98 -15.07
CA TRP VA 154 -100.94 17.39 -15.22
C TRP VA 154 -102.34 17.65 -15.75
N SER VA 155 -102.75 16.89 -16.76
CA SER VA 155 -104.09 17.03 -17.29
C SER VA 155 -105.13 16.88 -16.20
N ASN VA 156 -104.86 16.04 -15.20
CA ASN VA 156 -105.83 15.82 -14.16
C ASN VA 156 -105.80 16.89 -13.10
N PHE VA 157 -104.61 17.32 -12.68
CA PHE VA 157 -104.55 18.41 -11.72
C PHE VA 157 -105.23 19.64 -12.26
N LEU VA 158 -105.08 19.91 -13.55
CA LEU VA 158 -105.62 21.13 -14.11
C LEU VA 158 -107.13 21.05 -14.31
N ARG VA 159 -107.80 20.14 -13.61
CA ARG VA 159 -109.25 20.06 -13.69
C ARG VA 159 -109.92 21.29 -13.07
N ASN VA 160 -109.75 21.48 -11.76
CA ASN VA 160 -110.53 22.48 -11.01
C ASN VA 160 -110.30 23.91 -11.48
N HIS WA 34 19.10 11.38 4.22
CA HIS WA 34 20.41 11.57 4.81
C HIS WA 34 20.42 10.91 6.20
N LEU WA 35 19.27 10.37 6.57
CA LEU WA 35 18.90 10.15 7.98
C LEU WA 35 18.35 8.72 8.14
N TYR WA 36 19.23 7.75 8.35
CA TYR WA 36 18.86 6.35 8.36
C TYR WA 36 19.69 5.57 9.38
N CYS WA 37 19.23 4.37 9.73
CA CYS WA 37 19.78 3.59 10.83
C CYS WA 37 20.28 2.24 10.33
N ILE WA 38 21.30 1.71 11.00
CA ILE WA 38 21.81 0.37 10.75
C ILE WA 38 21.66 -0.42 12.04
N ASP WA 39 20.95 -1.54 11.96
CA ASP WA 39 20.66 -2.38 13.11
C ASP WA 39 21.00 -3.83 12.80
N ASN WA 40 21.45 -4.56 13.81
CA ASN WA 40 21.73 -5.99 13.71
C ASN WA 40 21.01 -6.72 14.82
N TYR WA 41 19.88 -7.35 14.48
CA TYR WA 41 18.97 -7.91 15.48
C TYR WA 41 18.80 -9.41 15.27
N ASN WA 42 18.05 -10.05 16.18
CA ASN WA 42 18.03 -11.51 16.29
C ASN WA 42 16.65 -12.06 16.67
N SER WA 43 15.90 -12.53 15.68
CA SER WA 43 15.05 -13.70 15.81
C SER WA 43 15.67 -14.76 14.92
N ILE WA 44 14.92 -15.81 14.59
CA ILE WA 44 15.52 -17.09 14.18
C ILE WA 44 15.31 -17.39 12.69
N TYR WA 45 16.29 -18.06 12.05
CA TYR WA 45 16.49 -18.02 10.59
C TYR WA 45 16.90 -19.39 10.00
N PHE WA 46 15.93 -20.06 9.37
CA PHE WA 46 16.05 -21.12 8.36
C PHE WA 46 14.69 -21.16 7.66
N ASN WA 47 14.33 -22.25 6.98
CA ASN WA 47 13.15 -22.24 6.10
C ASN WA 47 11.84 -22.60 6.83
N LEU WA 48 10.75 -21.86 6.54
CA LEU WA 48 9.46 -21.95 7.24
C LEU WA 48 8.29 -21.61 6.33
N ASN WA 49 7.08 -22.04 6.74
CA ASN WA 49 5.83 -21.56 6.14
C ASN WA 49 4.87 -20.95 7.15
N GLY WA 50 4.56 -21.69 8.23
CA GLY WA 50 3.52 -21.26 9.15
C GLY WA 50 3.91 -21.54 10.58
N ILE WA 51 3.33 -20.77 11.50
CA ILE WA 51 3.79 -20.79 12.89
C ILE WA 51 2.63 -20.65 13.85
N LEU WA 52 2.44 -21.65 14.69
CA LEU WA 52 1.45 -21.64 15.75
C LEU WA 52 2.17 -21.40 17.07
N ILE WA 53 1.61 -20.54 17.92
CA ILE WA 53 2.27 -20.17 19.17
C ILE WA 53 1.25 -20.23 20.27
N TRP WA 54 1.62 -20.82 21.39
CA TRP WA 54 0.77 -20.81 22.57
C TRP WA 54 1.58 -20.95 23.85
N LEU WA 55 1.87 -19.85 24.51
CA LEU WA 55 2.14 -20.00 25.93
C LEU WA 55 0.82 -20.23 26.63
N ASN WA 56 0.88 -20.94 27.76
CA ASN WA 56 -0.24 -21.75 28.20
C ASN WA 56 -1.56 -20.99 28.23
N VAL WA 57 -1.52 -19.66 28.06
CA VAL WA 57 -2.77 -18.90 28.04
C VAL WA 57 -3.44 -18.96 26.68
N LEU WA 58 -2.78 -18.43 25.64
CA LEU WA 58 -3.48 -18.20 24.38
C LEU WA 58 -2.60 -18.63 23.21
N HIS WA 59 -3.24 -18.87 22.06
CA HIS WA 59 -2.63 -19.50 20.91
C HIS WA 59 -2.92 -18.71 19.65
N ILE WA 60 -1.96 -17.90 19.21
CA ILE WA 60 -2.11 -17.14 17.97
C ILE WA 60 -1.27 -17.82 16.90
N ASN WA 61 -1.79 -17.85 15.67
CA ASN WA 61 -1.10 -18.49 14.57
C ASN WA 61 -0.84 -17.45 13.48
N ILE WA 62 0.27 -17.63 12.77
CA ILE WA 62 0.63 -16.88 11.58
C ILE WA 62 0.76 -17.88 10.46
N ILE WA 63 0.36 -17.50 9.26
CA ILE WA 63 0.20 -18.46 8.18
C ILE WA 63 1.01 -17.99 6.98
N LEU WA 64 1.61 -18.94 6.26
CA LEU WA 64 1.83 -18.81 4.84
C LEU WA 64 1.40 -20.12 4.20
N ILE WA 65 0.37 -20.05 3.36
CA ILE WA 65 -0.24 -21.26 2.81
C ILE WA 65 0.82 -22.17 2.23
N LYS WA 66 0.71 -23.47 2.50
CA LYS WA 66 1.60 -24.47 1.94
C LYS WA 66 1.05 -25.85 2.20
N TYR WA 67 1.33 -26.75 1.26
CA TYR WA 67 0.91 -28.14 1.38
C TYR WA 67 1.60 -28.83 2.55
N ALA WA 68 2.90 -29.02 2.47
CA ALA WA 68 3.59 -30.06 3.19
C ALA WA 68 4.96 -29.59 3.64
N PHE WA 69 5.55 -30.32 4.59
CA PHE WA 69 6.72 -29.89 5.32
C PHE WA 69 7.05 -30.93 6.39
N LEU WA 70 8.11 -30.69 7.16
CA LEU WA 70 8.20 -31.21 8.50
C LEU WA 70 7.74 -30.16 9.51
N ILE WA 71 7.40 -30.60 10.71
CA ILE WA 71 6.68 -29.77 11.66
C ILE WA 71 7.40 -29.80 12.99
N LEU WA 72 8.29 -28.84 13.23
CA LEU WA 72 9.14 -28.83 14.40
C LEU WA 72 8.44 -28.12 15.55
N LEU WA 73 8.37 -28.78 16.69
CA LEU WA 73 7.74 -28.25 17.88
C LEU WA 73 8.83 -27.89 18.88
N ASN WA 74 8.68 -26.77 19.56
CA ASN WA 74 9.56 -26.35 20.64
C ASN WA 74 8.71 -26.11 21.87
N ASN WA 75 9.31 -26.30 23.03
CA ASN WA 75 8.69 -25.94 24.30
C ASN WA 75 9.63 -25.21 25.24
N LEU WA 76 10.73 -24.67 24.71
CA LEU WA 76 11.86 -24.27 25.54
C LEU WA 76 11.44 -23.31 26.65
N GLU WA 77 10.63 -22.32 26.32
CA GLU WA 77 9.77 -21.72 27.34
C GLU WA 77 8.31 -21.83 26.93
N TYR WA 78 8.02 -21.36 25.71
CA TYR WA 78 6.68 -21.20 25.21
C TYR WA 78 6.47 -22.10 24.01
N LEU WA 79 5.31 -22.75 23.98
CA LEU WA 79 5.02 -23.74 22.98
C LEU WA 79 4.96 -23.07 21.62
N ILE WA 80 5.91 -23.39 20.76
CA ILE WA 80 5.87 -22.91 19.39
C ILE WA 80 5.87 -24.12 18.49
N ILE WA 81 5.20 -24.02 17.35
CA ILE WA 81 5.20 -25.09 16.37
C ILE WA 81 5.41 -24.45 15.02
N PHE WA 82 6.33 -25.00 14.24
CA PHE WA 82 6.81 -24.38 13.02
C PHE WA 82 6.68 -25.37 11.88
N LYS WA 83 6.19 -24.91 10.75
CA LYS WA 83 5.87 -25.77 9.65
C LYS WA 83 6.49 -25.21 8.39
N LYS XA 10 -15.49 52.90 5.57
CA LYS XA 10 -15.04 52.44 4.28
C LYS XA 10 -14.06 51.31 4.43
N ASN XA 11 -14.47 50.23 5.08
CA ASN XA 11 -13.61 49.07 5.22
C ASN XA 11 -12.29 49.43 5.89
N LEU XA 12 -12.36 49.68 7.19
CA LEU XA 12 -11.14 49.81 7.97
C LEU XA 12 -10.55 48.45 8.32
N ASN XA 13 -11.19 47.36 7.87
CA ASN XA 13 -10.52 46.08 7.90
C ASN XA 13 -9.43 46.09 6.86
N SER XA 14 -8.19 46.16 7.32
CA SER XA 14 -7.08 46.07 6.39
C SER XA 14 -7.00 44.64 5.91
N TRP XA 15 -6.76 44.46 4.63
CA TRP XA 15 -6.48 43.13 4.11
C TRP XA 15 -5.08 42.71 4.49
N TYR XA 16 -4.27 43.66 4.93
CA TYR XA 16 -2.84 43.41 5.10
C TYR XA 16 -2.54 42.87 6.48
N ALA XA 17 -3.51 42.85 7.36
CA ALA XA 17 -3.34 42.25 8.67
C ALA XA 17 -4.49 41.29 8.89
N LYS XA 18 -4.37 40.10 8.33
CA LYS XA 18 -5.41 39.11 8.49
C LYS XA 18 -4.75 37.75 8.62
N GLY XA 19 -5.53 36.76 9.03
CA GLY XA 19 -4.98 35.44 9.20
C GLY XA 19 -4.25 35.31 10.52
N THR XA 20 -4.50 34.20 11.19
CA THR XA 20 -3.97 33.92 12.51
C THR XA 20 -2.81 32.96 12.35
N MET XA 21 -1.66 33.31 12.91
CA MET XA 21 -0.47 32.53 12.67
C MET XA 21 -0.50 31.25 13.49
N ARG XA 22 -0.22 30.12 12.84
CA ARG XA 22 -0.23 28.83 13.50
C ARG XA 22 1.18 28.29 13.70
N GLY XA 23 2.15 29.15 13.92
CA GLY XA 23 3.47 28.65 14.20
C GLY XA 23 4.14 28.28 12.92
N GLY XA 24 4.38 26.99 12.74
CA GLY XA 24 4.97 26.52 11.51
C GLY XA 24 3.97 25.96 10.53
N VAL XA 25 2.78 25.59 11.01
CA VAL XA 25 1.76 24.99 10.15
C VAL XA 25 1.57 25.85 8.91
N PRO XA 26 1.88 25.35 7.73
CA PRO XA 26 1.72 26.16 6.53
C PRO XA 26 0.42 25.85 5.82
N ARG XA 27 -0.26 26.86 5.30
CA ARG XA 27 -1.51 26.67 4.58
C ARG XA 27 -1.35 27.23 3.19
N ILE XA 28 -1.91 26.54 2.21
CA ILE XA 28 -1.70 26.94 0.81
C ILE XA 28 -2.52 28.18 0.53
N TYR XA 29 -2.05 28.98 -0.41
CA TYR XA 29 -2.83 30.09 -0.93
C TYR XA 29 -2.66 30.12 -2.44
N TYR XA 30 -3.76 30.34 -3.14
CA TYR XA 30 -3.76 30.40 -4.58
C TYR XA 30 -3.49 31.82 -5.03
N ALA XA 31 -2.56 32.00 -5.96
CA ALA XA 31 -2.31 33.32 -6.48
C ALA XA 31 -3.55 33.89 -7.14
N TRP XA 32 -4.05 33.23 -8.20
CA TRP XA 32 -5.31 33.66 -8.79
C TRP XA 32 -6.41 32.60 -8.73
N MET XA 33 -6.24 31.47 -9.40
CA MET XA 33 -7.34 30.53 -9.50
C MET XA 33 -6.85 29.13 -9.20
N ARG XA 34 -7.80 28.24 -8.89
CA ARG XA 34 -7.42 26.96 -8.34
C ARG XA 34 -6.59 26.17 -9.35
N PRO XA 35 -5.64 25.37 -8.89
CA PRO XA 35 -4.78 24.69 -9.84
C PRO XA 35 -5.54 23.76 -10.73
N GLY XA 36 -6.67 23.22 -10.25
CA GLY XA 36 -7.55 22.50 -11.14
C GLY XA 36 -7.92 23.36 -12.33
N SER XA 37 -8.74 24.37 -12.10
CA SER XA 37 -9.17 25.23 -13.17
C SER XA 37 -8.02 25.97 -13.82
N PHE XA 38 -6.78 25.65 -13.50
CA PHE XA 38 -5.70 26.32 -14.21
C PHE XA 38 -5.65 25.93 -15.67
N THR XA 39 -5.63 24.64 -15.97
CA THR XA 39 -5.33 24.20 -17.33
C THR XA 39 -6.61 23.85 -18.08
N ARG XA 40 -6.59 24.01 -19.40
CA ARG XA 40 -7.77 23.85 -20.24
C ARG XA 40 -7.47 23.12 -21.54
N ARG XA 41 -6.81 21.97 -21.44
CA ARG XA 41 -6.47 21.24 -22.64
C ARG XA 41 -7.69 20.60 -23.28
N ARG XA 42 -8.63 20.10 -22.48
CA ARG XA 42 -9.78 19.41 -23.07
C ARG XA 42 -10.64 20.35 -23.90
N PHE XA 43 -10.36 21.64 -23.83
CA PHE XA 43 -11.18 22.60 -24.55
C PHE XA 43 -10.36 23.39 -25.54
N GLU XA 44 -9.06 23.50 -25.32
CA GLU XA 44 -8.25 24.10 -26.37
C GLU XA 44 -7.87 23.09 -27.42
N LYS XA 45 -7.90 21.80 -27.08
CA LYS XA 45 -7.45 20.72 -27.95
C LYS XA 45 -8.58 19.81 -28.40
N MET XA 46 -9.82 20.15 -28.11
CA MET XA 46 -10.98 19.43 -28.59
C MET XA 46 -10.96 17.96 -28.19
N ARG XA 47 -10.53 17.68 -26.97
CA ARG XA 47 -10.58 16.33 -26.43
C ARG XA 47 -11.81 16.17 -25.54
N ASN XA 48 -12.95 15.96 -26.17
CA ASN XA 48 -14.20 15.92 -25.43
C ASN XA 48 -15.24 15.09 -26.16
N PRO XA 49 -16.18 14.51 -25.42
CA PRO XA 49 -17.24 13.74 -26.06
C PRO XA 49 -17.97 14.53 -27.11
N PHE XA 50 -18.06 15.84 -26.93
CA PHE XA 50 -18.81 16.66 -27.86
C PHE XA 50 -18.13 16.74 -29.20
N VAL XA 51 -16.83 17.04 -29.22
CA VAL XA 51 -16.16 17.09 -30.51
C VAL XA 51 -16.19 15.71 -31.15
N ASP XA 52 -16.07 14.66 -30.36
CA ASP XA 52 -16.15 13.33 -30.95
C ASP XA 52 -17.51 13.11 -31.59
N LEU XA 53 -18.56 12.98 -30.77
CA LEU XA 53 -19.90 12.77 -31.30
C LEU XA 53 -20.23 13.84 -32.30
N GLU XA 54 -20.38 13.45 -33.56
CA GLU XA 54 -20.35 14.46 -34.61
C GLU XA 54 -21.52 15.41 -34.55
N THR XA 55 -22.68 14.95 -34.06
CA THR XA 55 -23.90 15.72 -34.13
C THR XA 55 -23.64 17.15 -33.72
N GLY XA 56 -24.21 18.09 -34.45
CA GLY XA 56 -24.07 19.48 -34.10
C GLY XA 56 -22.95 20.20 -34.79
N THR XA 57 -21.99 19.49 -35.39
CA THR XA 57 -20.94 20.19 -36.12
C THR XA 57 -21.50 20.87 -37.37
N SER XA 58 -22.73 20.51 -37.75
CA SER XA 58 -23.42 21.22 -38.82
C SER XA 58 -23.77 22.66 -38.44
N LEU XA 59 -24.07 22.90 -37.17
CA LEU XA 59 -24.48 24.24 -36.77
C LEU XA 59 -23.39 25.26 -37.03
N TYR XA 60 -22.13 24.87 -36.90
CA TYR XA 60 -21.07 25.81 -37.22
C TYR XA 60 -21.17 26.26 -38.66
N PHE XA 61 -21.89 25.51 -39.48
CA PHE XA 61 -22.16 25.87 -40.86
C PHE XA 61 -23.65 25.88 -41.13
N ARG XA 62 -24.43 26.25 -40.12
CA ARG XA 62 -25.82 26.59 -40.35
C ARG XA 62 -25.99 27.76 -41.30
N ASP XA 63 -24.99 28.61 -41.42
CA ASP XA 63 -25.13 29.79 -42.26
C ASP XA 63 -25.43 29.44 -43.70
N THR XA 64 -25.08 28.23 -44.13
CA THR XA 64 -25.34 27.82 -45.51
C THR XA 64 -26.75 27.32 -45.70
N ARG XA 65 -27.67 27.64 -44.79
CA ARG XA 65 -29.08 27.43 -45.11
C ARG XA 65 -29.44 28.14 -46.39
N ASP XA 66 -29.39 29.46 -46.41
CA ASP XA 66 -29.57 30.17 -47.66
C ASP XA 66 -28.21 30.34 -48.31
N SER XA 67 -28.02 29.67 -49.43
CA SER XA 67 -26.75 29.77 -50.15
C SER XA 67 -26.46 31.20 -50.52
N ALA XA 68 -27.44 31.85 -51.14
CA ALA XA 68 -27.27 33.24 -51.56
C ALA XA 68 -26.98 34.13 -50.36
N GLU XA 69 -27.65 33.88 -49.23
CA GLU XA 69 -27.41 34.72 -48.06
C GLU XA 69 -25.99 34.55 -47.52
N ALA XA 70 -25.52 33.30 -47.43
CA ALA XA 70 -24.18 33.08 -46.88
C ALA XA 70 -23.12 33.65 -47.79
N VAL XA 71 -23.30 33.53 -49.11
CA VAL XA 71 -22.33 34.15 -50.00
C VAL XA 71 -22.43 35.67 -49.88
N ALA XA 72 -23.65 36.19 -49.65
CA ALA XA 72 -23.85 37.62 -49.63
C ALA XA 72 -23.23 38.23 -48.39
N HIS XA 73 -23.20 37.46 -47.30
CA HIS XA 73 -22.72 37.95 -46.01
C HIS XA 73 -23.50 39.18 -45.58
N ALA XA 74 -24.82 38.99 -45.43
CA ALA XA 74 -25.67 40.11 -45.04
C ALA XA 74 -25.40 40.52 -43.61
N ALA XA 75 -25.54 39.58 -42.68
CA ALA XA 75 -25.18 39.82 -41.29
C ALA XA 75 -23.89 39.08 -41.00
N ASP XA 76 -22.94 39.76 -40.35
CA ASP XA 76 -21.72 39.15 -39.85
C ASP XA 76 -21.99 37.96 -38.96
N SER XA 77 -23.19 37.85 -38.40
CA SER XA 77 -23.44 36.89 -37.35
C SER XA 77 -23.47 35.47 -37.90
N LYS XA 78 -22.36 35.04 -38.49
CA LYS XA 78 -22.19 33.64 -38.86
C LYS XA 78 -22.03 32.78 -37.62
N GLY XA 79 -21.65 33.41 -36.52
CA GLY XA 79 -21.19 32.64 -35.38
C GLY XA 79 -22.32 32.05 -34.59
N LEU XA 80 -22.06 30.88 -34.03
CA LEU XA 80 -23.03 30.23 -33.16
C LEU XA 80 -23.22 31.02 -31.88
N LYS XA 81 -22.27 31.88 -31.55
CA LYS XA 81 -22.27 32.52 -30.24
C LYS XA 81 -21.87 33.99 -30.29
N GLY XA 82 -21.57 34.53 -31.46
CA GLY XA 82 -21.16 35.90 -31.52
C GLY XA 82 -20.99 36.34 -32.95
N MET XA 83 -19.83 36.91 -33.22
CA MET XA 83 -19.57 37.42 -34.55
C MET XA 83 -18.97 36.34 -35.45
N ASP XA 84 -18.08 35.52 -34.92
CA ASP XA 84 -17.46 34.43 -35.65
C ASP XA 84 -17.86 33.10 -35.04
N ASN XA 85 -17.71 32.03 -35.83
CA ASN XA 85 -17.79 30.70 -35.25
C ASN XA 85 -16.78 30.54 -34.13
N ALA XA 86 -15.59 31.11 -34.32
CA ALA XA 86 -14.54 31.08 -33.33
C ALA XA 86 -14.10 32.51 -33.08
N ILE XA 87 -14.43 33.04 -31.90
CA ILE XA 87 -14.08 34.42 -31.57
C ILE XA 87 -13.07 34.44 -30.43
N ASP XA 88 -13.48 33.95 -29.27
CA ASP XA 88 -12.68 33.96 -28.07
C ASP XA 88 -12.83 32.60 -27.39
N LEU XA 89 -12.59 31.56 -28.18
CA LEU XA 89 -12.74 30.20 -27.70
C LEU XA 89 -11.96 29.94 -26.43
N TYR XA 90 -11.07 30.83 -26.04
CA TYR XA 90 -10.16 30.52 -24.95
C TYR XA 90 -10.53 31.25 -23.68
N ASN XA 91 -10.99 32.48 -23.80
CA ASN XA 91 -11.45 33.22 -22.66
C ASN XA 91 -12.95 33.13 -22.44
N GLU XA 92 -13.71 33.61 -23.42
CA GLU XA 92 -15.13 33.89 -23.22
C GLU XA 92 -15.87 32.69 -22.63
N TYR XA 93 -15.44 31.48 -22.95
CA TYR XA 93 -16.14 30.32 -22.43
C TYR XA 93 -15.84 30.07 -20.97
N ARG XA 94 -14.78 30.69 -20.43
CA ARG XA 94 -14.44 30.52 -19.03
C ARG XA 94 -15.37 31.29 -18.13
N ILE XA 95 -16.27 32.07 -18.71
CA ILE XA 95 -17.15 32.90 -17.89
C ILE XA 95 -18.01 32.03 -16.99
N VAL XA 96 -18.13 30.76 -17.33
CA VAL XA 96 -19.09 29.98 -16.55
C VAL XA 96 -18.40 29.45 -15.30
N PRO XA 97 -19.07 29.47 -14.15
CA PRO XA 97 -18.46 28.93 -12.94
C PRO XA 97 -17.88 27.55 -13.21
N ASP XA 98 -16.56 27.46 -13.18
CA ASP XA 98 -15.86 26.21 -13.48
C ASP XA 98 -16.07 25.23 -12.33
N LEU XA 99 -17.26 24.64 -12.32
CA LEU XA 99 -17.60 23.72 -11.25
C LEU XA 99 -16.86 22.42 -11.40
N TYR XA 100 -16.81 21.87 -12.60
CA TYR XA 100 -16.15 20.61 -12.84
C TYR XA 100 -14.88 20.85 -13.62
N PRO XA 101 -13.75 21.11 -12.96
CA PRO XA 101 -12.55 21.49 -13.68
C PRO XA 101 -11.76 20.28 -14.10
N GLU XA 102 -10.90 20.48 -15.08
CA GLU XA 102 -10.08 19.36 -15.52
C GLU XA 102 -9.28 18.79 -14.38
N GLY XA 103 -8.45 19.58 -13.75
CA GLY XA 103 -7.63 19.08 -12.71
C GLY XA 103 -6.31 18.61 -13.29
N PHE XA 104 -5.80 17.52 -12.75
CA PHE XA 104 -4.55 16.97 -13.24
C PHE XA 104 -4.87 15.90 -14.25
N GLN XA 105 -4.40 16.06 -15.50
CA GLN XA 105 -4.82 15.16 -16.55
C GLN XA 105 -3.69 14.67 -17.44
N TRP XA 106 -2.46 14.72 -16.99
CA TRP XA 106 -1.36 14.24 -17.80
C TRP XA 106 -1.21 12.73 -17.65
N LYS XA 107 -1.20 12.01 -18.76
CA LYS XA 107 -0.83 10.60 -18.75
C LYS XA 107 0.64 10.43 -19.03
N HIS XA 108 1.44 11.47 -18.84
CA HIS XA 108 2.86 11.40 -19.16
C HIS XA 108 3.53 10.27 -18.43
N LYS XA 109 3.45 10.26 -17.12
CA LYS XA 109 3.84 9.08 -16.37
C LYS XA 109 2.67 8.68 -15.51
N LEU XA 110 2.63 7.40 -15.17
CA LEU XA 110 1.41 6.76 -14.72
C LEU XA 110 0.82 7.48 -13.51
N ASN XA 111 -0.46 7.23 -13.28
CA ASN XA 111 -1.04 7.64 -12.02
C ASN XA 111 -0.19 7.15 -10.88
N THR XA 112 0.32 5.92 -10.96
CA THR XA 112 1.12 5.36 -9.88
C THR XA 112 2.38 6.17 -9.68
N GLU XA 113 3.08 6.49 -10.75
CA GLU XA 113 4.34 7.17 -10.58
C GLU XA 113 4.14 8.63 -10.21
N TYR XA 114 3.02 9.23 -10.59
CA TYR XA 114 2.73 10.56 -10.08
C TYR XA 114 2.48 10.52 -8.58
N ASN XA 115 1.55 9.68 -8.16
CA ASN XA 115 1.28 9.53 -6.74
C ASN XA 115 2.54 9.22 -5.99
N GLN XA 116 3.44 8.47 -6.61
CA GLN XA 116 4.63 8.03 -5.92
C GLN XA 116 5.64 9.15 -5.77
N TRP XA 117 5.91 9.88 -6.84
CA TRP XA 117 6.86 10.97 -6.72
C TRP XA 117 6.35 12.04 -5.77
N ARG XA 118 5.06 12.31 -5.78
CA ARG XA 118 4.58 13.50 -5.08
C ARG XA 118 3.88 13.21 -3.79
N SER XA 119 3.82 11.98 -3.35
CA SER XA 119 3.01 11.78 -2.16
C SER XA 119 3.57 10.68 -1.30
N ASN XA 120 3.43 10.88 0.00
CA ASN XA 120 3.75 9.88 0.99
C ASN XA 120 2.70 8.80 1.09
N THR XA 121 1.83 8.65 0.10
CA THR XA 121 0.84 7.59 0.19
C THR XA 121 1.26 6.37 -0.62
N TRP XA 122 2.02 6.59 -1.69
CA TRP XA 122 2.51 5.45 -2.46
C TRP XA 122 3.36 4.54 -1.60
N LEU XA 123 4.01 5.10 -0.60
CA LEU XA 123 4.75 4.30 0.34
C LEU XA 123 3.81 3.47 1.20
N THR XA 124 2.59 3.89 1.34
CA THR XA 124 1.70 3.20 2.25
C THR XA 124 0.51 2.64 1.50
N PRO XA 125 0.68 1.55 0.75
CA PRO XA 125 -0.36 1.14 -0.17
C PRO XA 125 -1.60 0.60 0.50
N ASP XA 126 -1.46 -0.16 1.58
CA ASP XA 126 -2.65 -0.78 2.15
C ASP XA 126 -3.59 0.26 2.72
N LEU XA 127 -3.14 1.50 2.79
CA LEU XA 127 -3.91 2.53 3.47
C LEU XA 127 -4.94 3.15 2.54
N ILE XA 128 -4.53 3.56 1.35
CA ILE XA 128 -5.48 4.13 0.41
C ILE XA 128 -6.44 3.05 -0.06
N PRO XA 129 -7.75 3.22 0.08
CA PRO XA 129 -8.66 2.22 -0.47
C PRO XA 129 -8.59 2.25 -1.98
N GLN XA 130 -9.41 1.41 -2.60
CA GLN XA 130 -9.21 1.10 -4.01
C GLN XA 130 -9.44 2.32 -4.88
N GLU XA 131 -10.45 3.12 -4.58
CA GLU XA 131 -10.79 4.17 -5.52
C GLU XA 131 -9.69 5.20 -5.64
N HIS XA 132 -9.09 5.59 -4.52
CA HIS XA 132 -8.17 6.71 -4.51
C HIS XA 132 -6.74 6.30 -4.85
N ARG XA 133 -6.52 5.06 -5.28
CA ARG XA 133 -5.21 4.46 -5.15
C ARG XA 133 -4.14 5.26 -5.88
N GLY XA 134 -4.19 5.31 -7.20
CA GLY XA 134 -3.17 6.01 -7.96
C GLY XA 134 -3.36 7.50 -8.07
N ARG XA 135 -4.19 8.10 -7.23
CA ARG XA 135 -4.72 9.43 -7.46
C ARG XA 135 -3.90 10.55 -6.84
N PHE XA 136 -3.72 10.53 -5.53
CA PHE XA 136 -3.32 11.69 -4.74
C PHE XA 136 -1.95 12.18 -5.13
N LEU XA 137 -1.76 13.48 -5.07
CA LEU XA 137 -0.45 14.08 -5.18
C LEU XA 137 -0.14 14.99 -4.00
N CYS XA 138 -0.71 14.69 -2.84
CA CYS XA 138 -0.67 15.56 -1.67
C CYS XA 138 -0.02 14.80 -0.52
N ASN XA 139 0.91 15.45 0.17
CA ASN XA 139 1.59 14.82 1.29
C ASN XA 139 0.75 14.93 2.54
N PHE XA 140 0.07 13.87 2.88
CA PHE XA 140 -0.91 13.91 3.96
C PHE XA 140 -0.24 13.74 5.29
N GLN XA 141 -0.48 14.68 6.20
CA GLN XA 141 -0.05 14.54 7.58
C GLN XA 141 -1.15 13.86 8.36
N LEU XA 142 -0.80 12.82 9.08
CA LEU XA 142 -1.75 12.11 9.90
C LEU XA 142 -1.72 12.72 11.28
N ASN XA 143 -2.88 13.07 11.82
CA ASN XA 143 -2.95 13.50 13.20
C ASN XA 143 -3.93 12.61 13.92
N ILE XA 144 -3.44 11.83 14.87
CA ILE XA 144 -4.23 10.84 15.56
C ILE XA 144 -4.91 11.51 16.73
N VAL XA 145 -6.20 11.78 16.57
CA VAL XA 145 -6.89 12.60 17.55
C VAL XA 145 -6.88 11.92 18.90
N ALA XA 146 -7.44 10.72 18.99
CA ALA XA 146 -7.49 10.06 20.29
C ALA XA 146 -7.88 8.60 20.13
N TYR XA 147 -6.99 7.73 20.58
CA TYR XA 147 -7.26 6.30 20.67
C TYR XA 147 -8.16 6.05 21.85
N ASP XA 148 -8.81 4.90 21.87
CA ASP XA 148 -9.61 4.49 23.00
C ASP XA 148 -9.49 2.98 23.13
N MET XA 149 -10.32 2.40 23.99
CA MET XA 149 -10.41 0.95 24.09
C MET XA 149 -11.84 0.56 24.41
N ARG XA 150 -12.43 -0.26 23.56
CA ARG XA 150 -13.75 -0.79 23.80
C ARG XA 150 -13.70 -2.31 23.78
N VAL XA 151 -14.30 -2.94 24.77
CA VAL XA 151 -14.28 -4.39 24.86
C VAL XA 151 -15.23 -4.95 23.82
N VAL XA 152 -14.76 -5.95 23.07
CA VAL XA 152 -15.52 -6.60 22.01
C VAL XA 152 -15.83 -8.02 22.44
N LYS XA 153 -17.09 -8.41 22.37
CA LYS XA 153 -17.49 -9.70 22.90
C LYS XA 153 -17.76 -10.66 21.76
N PHE XA 154 -16.70 -11.29 21.25
CA PHE XA 154 -16.86 -12.29 20.18
C PHE XA 154 -17.71 -13.46 20.63
N SER XA 155 -17.98 -13.56 21.91
CA SER XA 155 -18.79 -14.61 22.49
C SER XA 155 -19.12 -14.18 23.90
N PRO XA 156 -20.02 -14.88 24.57
CA PRO XA 156 -20.18 -14.60 26.00
C PRO XA 156 -18.91 -14.83 26.80
N LYS XA 157 -18.13 -15.86 26.45
CA LYS XA 157 -16.96 -16.19 27.25
C LYS XA 157 -15.73 -15.44 26.77
N ASP XA 158 -15.66 -15.11 25.49
CA ASP XA 158 -14.47 -14.49 24.89
C ASP XA 158 -14.72 -13.00 24.69
N HIS XA 159 -13.82 -12.17 25.23
CA HIS XA 159 -13.86 -10.72 25.05
C HIS XA 159 -12.51 -10.25 24.56
N ARG XA 160 -12.49 -9.31 23.65
CA ARG XA 160 -11.23 -8.74 23.20
C ARG XA 160 -11.19 -7.27 23.54
N GLN XA 161 -9.98 -6.69 23.55
CA GLN XA 161 -9.84 -5.26 23.69
C GLN XA 161 -9.67 -4.62 22.33
N TRP XA 162 -10.76 -4.06 21.82
CA TRP XA 162 -10.76 -3.42 20.52
C TRP XA 162 -10.49 -1.94 20.71
N ILE XA 163 -9.26 -1.54 20.42
CA ILE XA 163 -8.92 -0.13 20.50
C ILE XA 163 -9.56 0.60 19.33
N TYR XA 164 -10.11 1.77 19.62
CA TYR XA 164 -10.92 2.53 18.70
C TYR XA 164 -10.24 3.86 18.45
N CYS XA 165 -9.83 4.08 17.22
CA CYS XA 165 -9.06 5.26 16.91
C CYS XA 165 -9.95 6.26 16.22
N VAL XA 166 -9.61 7.54 16.37
CA VAL XA 166 -10.08 8.62 15.53
C VAL XA 166 -8.85 9.31 15.00
N LEU XA 167 -8.83 9.63 13.73
CA LEU XA 167 -7.68 10.35 13.26
C LEU XA 167 -8.08 11.10 12.03
N TYR XA 168 -7.36 12.16 11.73
CA TYR XA 168 -7.70 12.92 10.55
C TYR XA 168 -6.44 13.08 9.72
N VAL XA 169 -6.53 12.66 8.48
CA VAL XA 169 -5.43 12.68 7.56
C VAL XA 169 -5.68 13.87 6.68
N GLY XA 170 -4.86 14.89 6.84
CA GLY XA 170 -5.14 16.14 6.17
C GLY XA 170 -3.89 16.71 5.57
N SER XA 171 -4.07 17.50 4.53
CA SER XA 171 -3.06 18.43 4.11
C SER XA 171 -3.75 19.72 3.74
N GLY XA 172 -3.33 20.81 4.40
CA GLY XA 172 -3.84 22.15 4.22
C GLY XA 172 -3.82 22.61 2.79
N LYS XA 173 -3.23 21.83 1.90
CA LYS XA 173 -3.33 22.06 0.48
C LYS XA 173 -4.75 21.92 -0.04
N GLY XA 174 -5.69 21.56 0.81
CA GLY XA 174 -7.06 21.55 0.37
C GLY XA 174 -7.79 20.29 0.78
N ILE XA 175 -7.07 19.20 1.05
CA ILE XA 175 -7.69 17.88 1.06
C ILE XA 175 -7.51 17.27 2.42
N ALA XA 176 -8.59 16.85 3.04
CA ALA XA 176 -8.49 16.30 4.38
C ALA XA 176 -9.71 15.48 4.72
N GLY XA 177 -9.49 14.24 5.13
CA GLY XA 177 -10.57 13.40 5.57
C GLY XA 177 -10.27 12.93 6.96
N TRP XA 178 -11.26 12.38 7.61
CA TRP XA 178 -11.11 11.88 8.97
C TRP XA 178 -11.72 10.51 9.08
N GLY XA 179 -10.99 9.59 9.65
CA GLY XA 179 -11.55 8.28 9.80
C GLY XA 179 -11.45 7.81 11.23
N ARG XA 180 -12.49 7.21 11.74
CA ARG XA 180 -12.44 6.51 13.00
C ARG XA 180 -12.64 5.04 12.74
N ALA XA 181 -11.98 4.20 13.51
CA ALA XA 181 -11.98 2.76 13.29
C ALA XA 181 -12.07 2.03 14.61
N VAL XA 182 -12.47 0.77 14.55
CA VAL XA 182 -12.42 -0.15 15.69
C VAL XA 182 -11.61 -1.36 15.24
N ALA XA 183 -10.54 -1.66 15.96
CA ALA XA 183 -9.76 -2.83 15.61
C ALA XA 183 -9.03 -3.30 16.85
N PRO XA 184 -8.67 -4.58 16.93
CA PRO XA 184 -8.18 -5.09 18.21
C PRO XA 184 -6.88 -4.48 18.67
N SER XA 185 -6.07 -3.97 17.76
CA SER XA 185 -4.73 -3.53 18.10
C SER XA 185 -4.53 -2.07 17.77
N THR XA 186 -3.48 -1.49 18.35
CA THR XA 186 -3.23 -0.08 18.14
C THR XA 186 -2.94 0.22 16.67
N GLN XA 187 -1.94 -0.45 16.10
CA GLN XA 187 -1.54 -0.12 14.75
C GLN XA 187 -2.54 -0.62 13.72
N GLU XA 188 -3.29 -1.66 14.04
CA GLU XA 188 -4.30 -2.13 13.12
C GLU XA 188 -5.52 -1.22 13.12
N ALA XA 189 -5.91 -0.70 14.29
CA ALA XA 189 -6.96 0.30 14.30
C ALA XA 189 -6.51 1.58 13.64
N LYS XA 190 -5.24 1.93 13.80
CA LYS XA 190 -4.74 3.11 13.13
C LYS XA 190 -4.82 2.95 11.61
N LYS XA 191 -4.36 1.82 11.10
CA LYS XA 191 -4.45 1.61 9.66
C LYS XA 191 -5.90 1.59 9.20
N GLU XA 192 -6.77 0.93 9.94
CA GLU XA 192 -8.17 0.87 9.53
C GLU XA 192 -8.78 2.26 9.47
N ALA XA 193 -8.50 3.09 10.47
CA ALA XA 193 -9.03 4.44 10.46
C ALA XA 193 -8.43 5.26 9.34
N ILE XA 194 -7.17 5.03 9.01
CA ILE XA 194 -6.57 5.80 7.93
C ILE XA 194 -7.21 5.43 6.62
N ARG XA 195 -7.58 4.16 6.45
CA ARG XA 195 -8.24 3.82 5.20
C ARG XA 195 -9.68 4.33 5.19
N GLU XA 196 -10.34 4.35 6.35
CA GLU XA 196 -11.65 4.96 6.38
C GLU XA 196 -11.58 6.45 6.11
N ALA XA 197 -10.50 7.11 6.56
CA ALA XA 197 -10.34 8.52 6.27
C ALA XA 197 -10.13 8.75 4.79
N PHE XA 198 -9.23 7.99 4.16
CA PHE XA 198 -9.04 8.17 2.73
C PHE XA 198 -10.28 7.77 1.95
N SER XA 199 -11.22 7.07 2.60
CA SER XA 199 -12.53 6.92 1.98
C SER XA 199 -13.38 8.17 2.18
N ASN XA 200 -13.39 8.73 3.38
CA ASN XA 200 -14.12 9.94 3.71
C ASN XA 200 -13.39 11.20 3.31
N ILE XA 201 -12.48 11.12 2.34
CA ILE XA 201 -11.73 12.29 1.96
C ILE XA 201 -12.69 13.37 1.51
N ILE XA 202 -12.32 14.62 1.75
CA ILE XA 202 -13.11 15.79 1.45
C ILE XA 202 -12.17 16.81 0.83
N ALA XA 203 -12.67 17.61 -0.09
CA ALA XA 203 -11.88 18.73 -0.57
C ALA XA 203 -12.66 20.02 -0.40
N VAL XA 204 -12.04 21.12 -0.82
CA VAL XA 204 -12.57 22.44 -0.57
C VAL XA 204 -12.13 23.40 -1.66
N ASP XA 205 -13.10 24.16 -2.17
CA ASP XA 205 -12.79 25.25 -3.07
C ASP XA 205 -12.14 26.36 -2.27
N LEU XA 206 -10.82 26.37 -2.23
CA LEU XA 206 -10.10 27.36 -1.44
C LEU XA 206 -9.92 28.66 -2.18
N GLU XA 207 -10.63 28.86 -3.29
CA GLU XA 207 -10.55 30.14 -3.96
C GLU XA 207 -11.05 31.25 -3.07
N GLN XA 208 -12.00 30.94 -2.20
CA GLN XA 208 -12.51 31.97 -1.30
C GLN XA 208 -11.77 31.96 0.03
N GLU XA 209 -10.91 30.97 0.25
CA GLU XA 209 -10.03 30.92 1.41
C GLU XA 209 -10.82 31.02 2.70
N GLY XA 210 -12.03 30.48 2.67
CA GLY XA 210 -12.88 30.45 3.83
C GLY XA 210 -14.32 30.43 3.43
N PRO XA 211 -15.19 30.21 4.36
CA PRO XA 211 -16.60 30.27 4.06
C PRO XA 211 -16.99 31.70 3.76
N MET XA 212 -17.89 31.90 2.82
CA MET XA 212 -18.37 33.24 2.53
C MET XA 212 -19.76 33.48 3.08
N TYR XA 213 -20.31 32.51 3.79
CA TYR XA 213 -21.59 32.65 4.44
C TYR XA 213 -21.63 31.65 5.59
N PRO XA 214 -22.33 31.96 6.66
CA PRO XA 214 -22.35 31.06 7.81
C PRO XA 214 -23.01 29.73 7.50
N VAL XA 215 -22.21 28.67 7.54
CA VAL XA 215 -22.66 27.30 7.33
C VAL XA 215 -23.06 26.73 8.67
N ARG XA 216 -24.36 26.57 8.90
CA ARG XA 216 -24.86 26.10 10.19
C ARG XA 216 -25.30 24.67 10.04
N VAL XA 217 -24.38 23.74 10.23
CA VAL XA 217 -24.67 22.35 9.97
C VAL XA 217 -24.89 21.64 11.29
N ASN XA 218 -25.36 20.41 11.22
CA ASN XA 218 -25.50 19.58 12.40
C ASN XA 218 -24.95 18.21 12.13
N ALA XA 219 -23.77 17.92 12.67
CA ALA XA 219 -23.17 16.60 12.55
C ALA XA 219 -23.88 15.67 13.52
N ASP XA 220 -23.31 14.49 13.79
CA ASP XA 220 -24.05 13.47 14.51
C ASP XA 220 -24.24 13.88 15.96
N GLY XA 221 -25.01 14.96 16.15
CA GLY XA 221 -25.34 15.45 17.46
C GLY XA 221 -24.65 16.73 17.86
N VAL XA 222 -23.69 17.20 17.07
CA VAL XA 222 -22.88 18.34 17.45
C VAL XA 222 -23.18 19.48 16.49
N ARG XA 223 -23.86 20.51 16.99
CA ARG XA 223 -24.31 21.63 16.19
C ARG XA 223 -23.12 22.48 15.82
N VAL XA 224 -22.77 22.52 14.54
CA VAL XA 224 -21.56 23.18 14.09
C VAL XA 224 -21.94 24.46 13.37
N LEU XA 225 -21.10 25.48 13.47
CA LEU XA 225 -21.27 26.69 12.70
C LEU XA 225 -19.93 27.17 12.18
N LEU XA 226 -19.72 27.07 10.90
CA LEU XA 226 -18.56 27.65 10.26
C LEU XA 226 -18.99 29.03 9.81
N TYR XA 227 -18.19 30.05 10.09
CA TYR XA 227 -18.54 31.42 9.74
C TYR XA 227 -17.31 32.13 9.23
N PRO XA 228 -17.46 33.30 8.66
CA PRO XA 228 -16.28 34.04 8.21
C PRO XA 228 -15.69 34.86 9.34
N ALA XA 229 -14.39 34.74 9.54
CA ALA XA 229 -13.68 35.60 10.46
C ALA XA 229 -12.53 36.24 9.71
N LYS XA 230 -11.84 37.16 10.38
CA LYS XA 230 -10.67 37.77 9.75
C LYS XA 230 -9.53 36.77 9.65
N ARG XA 231 -9.62 35.70 10.43
CA ARG XA 231 -8.51 34.80 10.65
C ARG XA 231 -9.06 33.56 11.35
N ILE XA 232 -8.33 32.46 11.26
CA ILE XA 232 -8.83 31.23 11.84
C ILE XA 232 -8.96 31.41 13.33
N VAL XA 233 -10.19 31.49 13.82
CA VAL XA 233 -10.43 31.63 15.25
C VAL XA 233 -11.30 30.49 15.71
N ALA XA 234 -10.68 29.36 16.02
CA ALA XA 234 -11.43 28.21 16.47
C ALA XA 234 -10.53 27.41 17.40
N ASN XA 235 -11.07 26.30 17.91
CA ASN XA 235 -10.43 25.49 18.93
C ASN XA 235 -9.02 25.14 18.50
N PHE XA 236 -8.20 24.65 19.42
CA PHE XA 236 -6.91 24.19 18.93
C PHE XA 236 -7.11 23.07 17.93
N ARG XA 237 -7.92 22.08 18.29
CA ARG XA 237 -8.15 20.96 17.39
C ARG XA 237 -8.89 21.40 16.13
N VAL XA 238 -10.01 22.10 16.28
CA VAL XA 238 -10.76 22.50 15.10
C VAL XA 238 -9.94 23.43 14.24
N ALA XA 239 -9.11 24.24 14.86
CA ALA XA 239 -8.32 25.18 14.08
C ALA XA 239 -7.24 24.45 13.32
N ASP XA 240 -6.68 23.39 13.91
CA ASP XA 240 -5.68 22.67 13.14
C ASP XA 240 -6.35 21.86 12.05
N ILE XA 241 -7.62 21.51 12.22
CA ILE XA 241 -8.37 20.87 11.13
C ILE XA 241 -8.59 21.85 9.99
N LEU XA 242 -9.03 23.08 10.29
CA LEU XA 242 -9.24 24.07 9.25
C LEU XA 242 -7.92 24.46 8.61
N CYS XA 243 -6.83 24.36 9.36
CA CYS XA 243 -5.54 24.59 8.73
C CYS XA 243 -5.11 23.36 7.95
N ALA XA 244 -5.65 22.20 8.30
CA ALA XA 244 -5.43 21.00 7.50
C ALA XA 244 -6.22 21.07 6.20
N PHE XA 245 -7.24 21.91 6.18
CA PHE XA 245 -7.91 22.21 4.93
C PHE XA 245 -7.28 23.37 4.20
N GLY XA 246 -6.66 24.30 4.92
CA GLY XA 246 -6.10 25.48 4.32
C GLY XA 246 -6.92 26.73 4.46
N PHE XA 247 -7.92 26.73 5.33
CA PHE XA 247 -8.77 27.89 5.53
C PHE XA 247 -8.01 29.00 6.24
N GLN XA 248 -7.68 30.07 5.51
CA GLN XA 248 -7.01 31.20 6.11
C GLN XA 248 -7.94 32.14 6.86
N HIS XA 249 -9.12 32.41 6.32
CA HIS XA 249 -10.13 33.22 6.98
C HIS XA 249 -11.34 32.34 7.25
N ALA XA 250 -11.42 31.77 8.42
CA ALA XA 250 -12.59 31.01 8.79
C ALA XA 250 -12.78 31.04 10.29
N GLY XA 251 -13.88 30.52 10.75
CA GLY XA 251 -13.97 30.28 12.16
C GLY XA 251 -15.07 29.31 12.47
N CYS XA 252 -14.78 28.23 13.15
CA CYS XA 252 -15.83 27.28 13.48
C CYS XA 252 -16.13 27.38 14.95
N ARG XA 253 -17.39 27.33 15.30
CA ARG XA 253 -17.80 27.26 16.68
C ARG XA 253 -18.77 26.11 16.85
N ILE XA 254 -18.62 25.37 17.93
CA ILE XA 254 -19.33 24.12 18.14
C ILE XA 254 -20.10 24.23 19.43
N ASN XA 255 -21.38 23.88 19.39
CA ASN XA 255 -22.22 23.72 20.58
C ASN XA 255 -22.48 25.03 21.31
N LEU XA 256 -21.93 26.13 20.79
CA LEU XA 256 -21.95 27.48 21.38
C LEU XA 256 -20.90 27.61 22.49
N LYS XA 257 -20.36 26.54 23.02
CA LYS XA 257 -19.39 26.65 24.12
C LYS XA 257 -18.95 25.27 24.57
N ALA XA 258 -17.72 25.19 25.10
CA ALA XA 258 -17.18 23.87 25.35
C ALA XA 258 -17.72 23.26 26.64
N THR XA 259 -18.67 23.92 27.29
CA THR XA 259 -19.40 23.22 28.34
C THR XA 259 -20.64 22.55 27.81
N ASN XA 260 -21.03 22.85 26.57
CA ASN XA 260 -22.25 22.31 26.00
C ASN XA 260 -22.01 20.89 25.51
N ASN XA 261 -22.77 19.97 26.04
CA ASN XA 261 -22.59 18.59 25.64
C ASN XA 261 -23.48 18.25 24.45
N PRO XA 262 -23.04 17.31 23.59
CA PRO XA 262 -21.88 16.45 23.72
C PRO XA 262 -20.62 17.00 23.11
N LYS XA 263 -19.52 16.84 23.83
CA LYS XA 263 -18.19 17.14 23.32
C LYS XA 263 -17.38 15.87 23.41
N SER XA 264 -16.50 15.67 22.45
CA SER XA 264 -15.57 14.56 22.42
C SER XA 264 -14.68 14.75 21.23
N PRO XA 265 -13.46 14.24 21.27
CA PRO XA 265 -12.60 14.39 20.09
C PRO XA 265 -13.26 13.87 18.84
N THR XA 266 -13.97 12.76 18.98
CA THR XA 266 -14.77 12.23 17.89
C THR XA 266 -15.75 13.28 17.38
N HIS XA 267 -16.59 13.81 18.27
CA HIS XA 267 -17.64 14.71 17.81
C HIS XA 267 -17.05 15.97 17.24
N THR XA 268 -15.92 16.43 17.76
CA THR XA 268 -15.30 17.64 17.25
C THR XA 268 -14.83 17.45 15.83
N VAL XA 269 -14.05 16.40 15.58
CA VAL XA 269 -13.58 16.15 14.23
C VAL XA 269 -14.75 15.91 13.29
N GLU XA 270 -15.71 15.11 13.74
CA GLU XA 270 -16.86 14.82 12.89
C GLU XA 270 -17.62 16.09 12.55
N GLY XA 271 -17.86 16.94 13.53
CA GLY XA 271 -18.63 18.13 13.29
C GLY XA 271 -17.94 19.08 12.32
N VAL XA 272 -16.66 19.35 12.54
CA VAL XA 272 -16.02 20.30 11.64
C VAL XA 272 -15.97 19.75 10.24
N PHE XA 273 -15.74 18.45 10.08
CA PHE XA 273 -15.67 17.92 8.72
C PHE XA 273 -17.05 17.93 8.08
N GLU XA 274 -18.08 17.68 8.86
CA GLU XA 274 -19.44 17.76 8.34
C GLU XA 274 -19.74 19.16 7.85
N ALA XA 275 -19.34 20.17 8.61
CA ALA XA 275 -19.58 21.55 8.17
C ALA XA 275 -18.83 21.86 6.90
N VAL XA 276 -17.55 21.49 6.84
CA VAL XA 276 -16.78 21.76 5.65
C VAL XA 276 -17.39 21.04 4.45
N LYS XA 277 -18.06 19.92 4.69
CA LYS XA 277 -18.78 19.28 3.60
C LYS XA 277 -19.99 20.10 3.20
N ALA XA 278 -20.79 20.56 4.17
CA ALA XA 278 -22.01 21.28 3.86
C ALA XA 278 -21.72 22.58 3.12
N LEU XA 279 -20.52 23.13 3.30
CA LEU XA 279 -20.16 24.36 2.62
C LEU XA 279 -20.34 24.24 1.11
N ARG XA 280 -20.86 25.30 0.49
CA ARG XA 280 -20.98 25.43 -0.95
C ARG XA 280 -20.02 26.48 -1.45
N SER XA 281 -19.40 26.21 -2.59
CA SER XA 281 -18.49 27.19 -3.15
C SER XA 281 -19.26 28.43 -3.59
N VAL XA 282 -18.54 29.53 -3.82
CA VAL XA 282 -19.21 30.71 -4.31
C VAL XA 282 -19.57 30.56 -5.78
N SER XA 283 -18.66 29.99 -6.57
CA SER XA 283 -19.01 29.74 -7.97
C SER XA 283 -20.18 28.80 -8.09
N GLU XA 284 -20.29 27.85 -7.16
CA GLU XA 284 -21.42 26.94 -7.17
C GLU XA 284 -22.69 27.66 -6.72
N ILE XA 285 -22.59 28.53 -5.72
CA ILE XA 285 -23.73 29.35 -5.36
C ILE XA 285 -24.22 30.14 -6.57
N ALA XA 286 -23.31 30.85 -7.22
CA ALA XA 286 -23.66 31.64 -8.39
C ALA XA 286 -24.34 30.79 -9.44
N ALA XA 287 -23.62 29.81 -9.98
CA ALA XA 287 -24.21 28.97 -11.01
C ALA XA 287 -25.57 28.43 -10.57
N SER XA 288 -25.70 28.06 -9.30
CA SER XA 288 -26.98 27.57 -8.85
C SER XA 288 -28.05 28.60 -9.05
N ARG XA 289 -27.70 29.86 -8.86
CA ARG XA 289 -28.61 30.96 -9.15
C ARG XA 289 -28.54 31.40 -10.60
N GLY XA 290 -27.85 30.65 -11.45
CA GLY XA 290 -27.77 30.99 -12.86
C GLY XA 290 -27.06 32.27 -13.19
N LYS XA 291 -26.38 32.88 -12.24
CA LYS XA 291 -25.88 34.23 -12.40
C LYS XA 291 -24.39 34.22 -12.61
N VAL XA 292 -23.89 35.24 -13.27
CA VAL XA 292 -22.47 35.32 -13.58
C VAL XA 292 -21.74 35.88 -12.36
N PRO XA 293 -20.79 35.16 -11.78
CA PRO XA 293 -20.10 35.68 -10.61
C PRO XA 293 -19.22 36.84 -11.01
N HIS XA 294 -19.25 37.89 -10.20
CA HIS XA 294 -18.39 39.04 -10.46
C HIS XA 294 -16.97 38.62 -10.71
N SER XA 295 -16.55 37.50 -10.15
CA SER XA 295 -15.14 37.18 -10.15
C SER XA 295 -14.66 36.85 -11.56
N LEU XA 296 -15.49 36.19 -12.34
CA LEU XA 296 -15.07 35.63 -13.63
C LEU XA 296 -15.47 36.49 -14.80
N ILE XA 297 -15.96 37.70 -14.57
CA ILE XA 297 -16.40 38.51 -15.68
C ILE XA 297 -15.23 39.08 -16.44
N TYR XA 298 -14.02 38.91 -15.94
CA TYR XA 298 -12.88 39.35 -16.72
C TYR XA 298 -12.63 38.47 -17.90
N ASN XA 299 -13.49 37.49 -18.16
CA ASN XA 299 -13.29 36.62 -19.30
C ASN XA 299 -14.07 37.12 -20.50
N ILE XA 300 -15.20 37.77 -20.25
CA ILE XA 300 -15.95 38.31 -21.37
C ILE XA 300 -15.29 39.56 -21.92
N TYR XA 301 -14.29 40.09 -21.24
CA TYR XA 301 -13.65 41.31 -21.74
C TYR XA 301 -12.91 41.12 -23.04
N PRO XA 302 -12.31 39.99 -23.35
CA PRO XA 302 -11.84 39.79 -24.72
C PRO XA 302 -12.98 39.85 -25.71
N TYR XA 303 -14.13 39.29 -25.38
CA TYR XA 303 -15.25 39.29 -26.30
C TYR XA 303 -15.91 40.65 -26.38
N LEU XA 304 -15.97 41.36 -25.26
CA LEU XA 304 -16.46 42.72 -25.32
C LEU XA 304 -15.51 43.60 -26.13
N GLU XA 305 -14.22 43.38 -26.02
CA GLU XA 305 -13.31 44.17 -26.81
C GLU XA 305 -13.36 43.79 -28.28
N GLU XA 306 -13.59 42.52 -28.58
CA GLU XA 306 -13.69 42.12 -29.98
C GLU XA 306 -14.98 42.61 -30.60
N ILE XA 307 -16.03 42.73 -29.79
CA ILE XA 307 -17.20 43.48 -30.22
C ILE XA 307 -16.81 44.90 -30.59
N ARG XA 308 -16.17 45.60 -29.65
CA ARG XA 308 -15.92 47.02 -29.88
C ARG XA 308 -14.94 47.22 -31.00
N ARG XA 309 -14.14 46.22 -31.32
CA ARG XA 309 -13.13 46.34 -32.35
C ARG XA 309 -13.48 45.56 -33.61
N ARG XA 310 -14.70 45.06 -33.71
CA ARG XA 310 -15.21 44.52 -34.95
C ARG XA 310 -16.02 45.54 -35.71
N LYS XA 311 -15.68 46.81 -35.59
CA LYS XA 311 -16.37 47.85 -36.31
C LYS XA 311 -15.79 47.97 -37.71
N GLY XA 312 -16.67 48.15 -38.67
CA GLY XA 312 -16.20 48.51 -40.00
C GLY XA 312 -15.48 47.37 -40.67
N MET XA 313 -14.19 47.57 -40.95
CA MET XA 313 -13.49 46.69 -41.86
C MET XA 313 -13.47 45.25 -41.35
N MET XA 314 -13.29 45.06 -40.04
CA MET XA 314 -13.16 43.71 -39.52
C MET XA 314 -14.47 42.97 -39.60
N ALA XA 315 -15.59 43.64 -39.37
CA ALA XA 315 -16.89 42.97 -39.53
C ALA XA 315 -17.16 42.72 -40.98
N MET XA 316 -16.64 43.57 -41.86
CA MET XA 316 -16.76 43.33 -43.29
C MET XA 316 -16.25 41.94 -43.61
N HIS XA 317 -17.12 41.13 -44.15
CA HIS XA 317 -16.94 39.75 -44.59
C HIS XA 317 -16.95 39.68 -46.10
N PRO XA 318 -16.13 38.82 -46.67
CA PRO XA 318 -15.90 38.84 -48.12
C PRO XA 318 -17.22 38.72 -48.88
N PRO XA 319 -17.30 39.28 -50.08
CA PRO XA 319 -18.51 39.10 -50.88
C PRO XA 319 -18.44 37.80 -51.65
N GLY XA 320 -19.47 36.97 -51.48
CA GLY XA 320 -19.57 35.74 -52.22
C GLY XA 320 -18.62 34.63 -51.81
N LYS XA 321 -17.72 34.88 -50.85
CA LYS XA 321 -16.69 33.94 -50.45
C LYS XA 321 -17.13 33.27 -49.17
N ASP XA 322 -17.52 32.01 -49.27
CA ASP XA 322 -18.09 31.31 -48.12
C ASP XA 322 -17.02 30.68 -47.25
N GLY XA 323 -15.86 30.40 -47.83
CA GLY XA 323 -14.88 29.57 -47.19
C GLY XA 323 -15.11 28.09 -47.35
N LEU XA 324 -16.29 27.67 -47.79
CA LEU XA 324 -16.59 26.26 -47.98
C LEU XA 324 -16.44 25.94 -49.46
N LEU XA 325 -15.26 25.45 -49.83
CA LEU XA 325 -14.86 25.26 -51.21
C LEU XA 325 -15.09 23.80 -51.59
N MET XA 326 -16.35 23.47 -51.90
CA MET XA 326 -16.98 22.15 -52.00
C MET XA 326 -16.20 21.21 -52.90
N PRO XA 327 -16.41 19.89 -52.79
CA PRO XA 327 -15.68 18.94 -53.64
C PRO XA 327 -16.28 18.88 -55.04
N ASP XA 328 -15.40 18.78 -56.04
CA ASP XA 328 -15.80 18.87 -57.44
C ASP XA 328 -15.26 17.76 -58.33
N ARG XA 329 -13.97 17.45 -58.23
CA ARG XA 329 -13.29 16.60 -59.20
C ARG XA 329 -12.26 15.75 -58.48
N VAL XA 330 -11.41 15.11 -59.26
CA VAL XA 330 -10.37 14.23 -58.74
C VAL XA 330 -9.05 14.73 -59.29
N VAL XA 331 -7.99 14.62 -58.50
CA VAL XA 331 -6.64 14.91 -58.96
C VAL XA 331 -5.80 13.70 -58.61
N ASP XA 332 -4.87 13.35 -59.50
CA ASP XA 332 -3.95 12.25 -59.28
C ASP XA 332 -2.62 12.70 -59.86
N ASN XA 333 -1.75 13.23 -59.00
CA ASN XA 333 -0.36 13.47 -59.34
C ASN XA 333 0.49 12.23 -59.19
N ARG XA 334 -0.10 11.14 -58.72
CA ARG XA 334 0.61 9.89 -58.54
C ARG XA 334 1.22 9.43 -59.86
N LEU XA 335 2.54 9.52 -59.94
CA LEU XA 335 3.28 9.15 -61.14
C LEU XA 335 3.66 7.68 -61.04
N PRO XA 336 4.01 7.06 -62.16
CA PRO XA 336 4.63 5.73 -62.09
C PRO XA 336 5.99 5.83 -61.43
N ASP XA 337 6.34 4.76 -60.72
CA ASP XA 337 7.51 4.83 -59.87
C ASP XA 337 8.78 5.00 -60.70
N HIS XA 338 8.85 4.35 -61.85
CA HIS XA 338 9.99 4.57 -62.72
C HIS XA 338 10.09 6.04 -63.12
N LEU XA 339 9.01 6.80 -62.91
CA LEU XA 339 9.01 8.20 -63.32
C LEU XA 339 9.32 9.12 -62.16
N LYS XA 340 8.67 8.93 -61.02
CA LYS XA 340 9.03 9.74 -59.86
C LYS XA 340 10.45 9.47 -59.44
N LYS XA 341 10.99 8.30 -59.77
CA LYS XA 341 12.41 8.05 -59.59
C LYS XA 341 13.25 9.09 -60.35
N GLY XA 342 12.70 9.65 -61.41
CA GLY XA 342 13.38 10.70 -62.15
C GLY XA 342 12.84 12.09 -61.91
N TYR XA 343 11.64 12.21 -61.31
CA TYR XA 343 10.89 13.46 -61.35
C TYR XA 343 11.65 14.62 -60.73
N TYR XA 344 12.11 14.47 -59.49
CA TYR XA 344 12.76 15.56 -58.78
C TYR XA 344 14.23 15.68 -59.13
N ASP XA 345 14.76 14.72 -59.88
CA ASP XA 345 16.19 14.71 -60.24
C ASP XA 345 16.63 16.03 -60.81
N ASP XA 346 15.69 16.80 -61.37
CA ASP XA 346 16.03 18.14 -61.82
C ASP XA 346 16.01 19.11 -60.66
N VAL XA 347 15.13 18.87 -59.69
CA VAL XA 347 14.73 19.90 -58.76
C VAL XA 347 15.47 19.75 -57.43
N TYR XA 348 15.62 18.51 -56.96
CA TYR XA 348 16.44 18.24 -55.79
C TYR XA 348 17.54 17.26 -56.16
N TRP XA 349 18.12 16.64 -55.16
CA TRP XA 349 19.15 15.65 -55.41
C TRP XA 349 18.65 14.55 -56.33
N LYS XA 350 19.54 14.14 -57.26
CA LYS XA 350 19.30 12.98 -58.10
C LYS XA 350 18.82 11.82 -57.26
N ASP XA 351 17.81 11.13 -57.77
CA ASP XA 351 17.11 10.14 -56.97
C ASP XA 351 16.70 10.74 -55.64
N PHE XA 352 15.78 11.69 -55.71
CA PHE XA 352 15.05 12.04 -54.51
C PHE XA 352 14.57 10.79 -53.81
N PHE XA 353 13.61 10.12 -54.41
CA PHE XA 353 12.90 9.05 -53.76
C PHE XA 353 13.87 7.88 -53.65
N ALA XA 354 14.58 7.82 -52.53
CA ALA XA 354 15.42 6.67 -52.26
C ALA XA 354 14.68 5.57 -51.51
N GLY XA 355 14.08 5.88 -50.36
CA GLY XA 355 13.61 4.79 -49.52
C GLY XA 355 12.30 4.98 -48.77
N SER XA 356 11.40 5.78 -49.30
CA SER XA 356 10.10 5.96 -48.66
C SER XA 356 9.16 4.87 -49.15
N ARG XA 357 8.68 4.02 -48.25
CA ARG XA 357 7.79 2.93 -48.66
C ARG XA 357 6.45 3.47 -49.16
N GLU XA 358 5.87 4.42 -48.43
CA GLU XA 358 4.60 4.97 -48.86
C GLU XA 358 4.75 5.69 -50.20
N HIS XA 359 5.86 6.42 -50.37
CA HIS XA 359 6.05 7.17 -51.62
C HIS XA 359 6.25 6.24 -52.81
N LEU XA 360 7.34 5.47 -52.81
CA LEU XA 360 7.70 4.60 -53.91
C LEU XA 360 7.03 3.24 -53.72
N ASN XA 361 6.09 2.93 -54.61
CA ASN XA 361 5.28 1.74 -54.44
C ASN XA 361 6.15 0.50 -54.44
N GLU XA 362 7.34 0.60 -55.02
CA GLU XA 362 8.42 -0.36 -54.86
C GLU XA 362 9.39 0.22 -53.86
N PRO XA 363 9.61 -0.42 -52.71
CA PRO XA 363 10.27 0.28 -51.59
C PRO XA 363 11.78 0.36 -51.71
N LYS XA 364 12.38 -0.47 -52.56
CA LYS XA 364 13.83 -0.65 -52.52
C LYS XA 364 14.53 0.13 -53.64
N MET XA 365 13.80 0.48 -54.69
CA MET XA 365 14.39 0.97 -55.92
C MET XA 365 15.24 2.22 -55.69
N GLY XA 366 16.16 2.48 -56.61
CA GLY XA 366 16.97 3.68 -56.59
C GLY XA 366 18.12 3.67 -55.61
N LEU XA 367 18.01 2.92 -54.53
CA LEU XA 367 19.02 2.91 -53.48
C LEU XA 367 20.32 2.38 -54.00
N ARG XA 368 21.42 2.90 -53.47
CA ARG XA 368 22.69 2.24 -53.70
C ARG XA 368 22.82 1.04 -52.78
N GLY XA 369 23.59 0.07 -53.26
CA GLY XA 369 23.70 -1.18 -52.54
C GLY XA 369 24.19 -0.99 -51.12
N ASP XA 370 24.94 0.09 -50.87
CA ASP XA 370 25.43 0.33 -49.53
C ASP XA 370 24.27 0.54 -48.57
N GLU XA 371 23.33 1.41 -48.93
CA GLU XA 371 22.17 1.66 -48.06
C GLU XA 371 21.26 0.44 -47.99
N MET XA 372 21.20 -0.34 -49.08
CA MET XA 372 20.46 -1.60 -48.98
C MET XA 372 21.15 -2.57 -48.04
N ARG XA 373 22.48 -2.61 -48.07
CA ARG XA 373 23.23 -3.43 -47.13
C ARG XA 373 22.95 -2.98 -45.71
N GLN XA 374 22.72 -1.70 -45.52
CA GLN XA 374 22.44 -1.19 -44.19
C GLN XA 374 21.07 -1.65 -43.71
N ARG XA 375 20.08 -1.59 -44.60
CA ARG XA 375 18.80 -2.22 -44.26
C ARG XA 375 19.00 -3.65 -43.85
N LEU XA 376 19.90 -4.34 -44.55
CA LEU XA 376 20.09 -5.75 -44.26
C LEU XA 376 20.84 -5.94 -42.94
N GLU XA 377 21.76 -5.04 -42.63
CA GLU XA 377 22.43 -5.09 -41.33
C GLU XA 377 21.41 -4.97 -40.23
N SER XA 378 20.39 -4.14 -40.44
CA SER XA 378 19.28 -4.13 -39.50
C SER XA 378 18.60 -5.50 -39.45
N ALA XA 379 18.37 -6.10 -40.61
CA ALA XA 379 17.69 -7.39 -40.65
C ALA XA 379 18.56 -8.50 -40.05
N GLN XA 380 17.91 -9.50 -39.45
CA GLN XA 380 18.59 -10.56 -38.71
C GLN XA 380 18.40 -11.91 -39.40
N SER XA 381 19.11 -12.93 -38.88
CA SER XA 381 19.14 -14.24 -39.53
C SER XA 381 17.93 -15.08 -39.16
N ARG XA 382 17.08 -15.33 -40.16
CA ARG XA 382 15.88 -16.12 -39.95
C ARG XA 382 16.22 -17.60 -40.06
N PRO XA 383 15.60 -18.46 -39.24
CA PRO XA 383 16.05 -19.85 -39.13
C PRO XA 383 16.06 -20.56 -40.47
N ILE XA 384 16.82 -21.64 -40.53
CA ILE XA 384 16.98 -22.42 -41.76
C ILE XA 384 16.32 -23.80 -41.56
N SER XA 385 15.18 -23.99 -42.22
CA SER XA 385 14.53 -25.28 -42.39
C SER XA 385 15.42 -26.20 -43.23
N SER XA 386 15.16 -27.51 -43.13
CA SER XA 386 16.08 -28.48 -43.72
C SER XA 386 16.25 -28.28 -45.22
N SER XA 387 15.14 -28.10 -45.95
CA SER XA 387 15.22 -27.87 -47.39
C SER XA 387 16.13 -26.70 -47.70
N THR XA 388 16.06 -25.65 -46.89
CA THR XA 388 16.92 -24.49 -47.07
C THR XA 388 18.35 -24.77 -46.61
N GLY XA 389 18.54 -25.76 -45.74
CA GLY XA 389 19.87 -26.03 -45.22
C GLY XA 389 20.63 -26.98 -46.11
N SER XA 390 21.88 -26.59 -46.42
CA SER XA 390 22.65 -27.26 -47.46
C SER XA 390 24.11 -27.36 -47.07
N GLY XA 391 24.77 -28.39 -47.61
CA GLY XA 391 26.21 -28.51 -47.43
C GLY XA 391 27.02 -27.55 -48.29
N ARG XA 392 26.34 -26.73 -49.09
CA ARG XA 392 27.01 -25.65 -49.80
C ARG XA 392 27.29 -24.50 -48.84
N ARG XA 393 28.40 -23.80 -49.08
CA ARG XA 393 28.74 -22.66 -48.23
C ARG XA 393 28.36 -21.36 -48.90
N THR XA 394 27.25 -20.78 -48.45
CA THR XA 394 26.77 -19.51 -48.98
C THR XA 394 27.76 -18.41 -48.67
N LEU XA 395 27.67 -17.32 -49.42
CA LEU XA 395 28.60 -16.21 -49.24
C LEU XA 395 28.53 -15.65 -47.83
N GLU XA 396 27.43 -15.94 -47.11
CA GLU XA 396 27.39 -15.64 -45.69
C GLU XA 396 28.58 -16.26 -44.96
N ASP XA 397 28.65 -17.59 -44.92
CA ASP XA 397 29.74 -18.22 -44.17
C ASP XA 397 31.06 -18.13 -44.93
N VAL XA 398 31.01 -17.96 -46.24
CA VAL XA 398 32.26 -17.72 -46.95
C VAL XA 398 32.90 -16.43 -46.46
N LEU XA 399 32.12 -15.35 -46.36
CA LEU XA 399 32.68 -14.09 -45.89
C LEU XA 399 32.88 -14.09 -44.39
N LYS XA 400 32.20 -14.99 -43.67
CA LYS XA 400 32.57 -15.24 -42.28
C LYS XA 400 33.99 -15.79 -42.21
N ARG XA 401 34.26 -16.86 -42.95
CA ARG XA 401 35.59 -17.46 -42.95
C ARG XA 401 36.64 -16.45 -43.37
N LEU XA 402 36.34 -15.64 -44.37
CA LEU XA 402 37.24 -14.53 -44.70
C LEU XA 402 37.29 -13.53 -43.56
N GLY XA 403 36.23 -13.49 -42.74
CA GLY XA 403 36.13 -12.56 -41.64
C GLY XA 403 35.93 -11.11 -42.04
N LYS XA 404 36.07 -10.77 -43.31
CA LYS XA 404 36.27 -9.38 -43.69
C LYS XA 404 35.07 -8.52 -43.33
N THR XA 405 33.95 -8.68 -44.04
CA THR XA 405 32.65 -8.09 -43.71
C THR XA 405 31.65 -8.46 -44.77
N THR XA 406 30.36 -8.45 -44.43
CA THR XA 406 29.36 -8.44 -45.48
C THR XA 406 29.13 -7.02 -45.97
N LYS XA 407 29.83 -6.06 -45.36
CA LYS XA 407 29.79 -4.70 -45.84
C LYS XA 407 31.08 -4.34 -46.58
N ASP XA 408 32.00 -5.29 -46.69
CA ASP XA 408 33.27 -4.97 -47.34
C ASP XA 408 33.15 -4.96 -48.85
N LEU XA 409 32.34 -5.87 -49.41
CA LEU XA 409 32.26 -6.04 -50.85
C LEU XA 409 31.60 -4.81 -51.49
N GLY XA 410 32.29 -3.68 -51.38
CA GLY XA 410 31.70 -2.42 -51.81
C GLY XA 410 31.41 -2.40 -53.30
N SER XA 411 32.38 -2.82 -54.11
CA SER XA 411 32.21 -2.79 -55.56
C SER XA 411 31.36 -3.96 -56.04
N ILE XA 412 31.23 -5.00 -55.22
CA ILE XA 412 30.55 -6.21 -55.69
C ILE XA 412 29.04 -6.03 -55.54
N PRO XA 413 28.28 -6.10 -56.62
CA PRO XA 413 26.86 -5.74 -56.56
C PRO XA 413 26.00 -6.66 -55.72
N ILE XA 414 26.57 -7.70 -55.14
CA ILE XA 414 25.85 -8.46 -54.12
C ILE XA 414 25.47 -7.54 -52.99
N VAL XA 415 24.27 -7.70 -52.47
CA VAL XA 415 23.82 -6.92 -51.32
C VAL XA 415 23.44 -7.82 -50.16
N ASN XA 416 22.79 -8.92 -50.44
CA ASN XA 416 22.36 -9.81 -49.39
C ASN XA 416 23.07 -11.15 -49.52
N PRO XA 417 24.24 -11.34 -48.91
CA PRO XA 417 24.95 -12.62 -49.12
C PRO XA 417 24.16 -13.85 -48.70
N ARG XA 418 23.23 -13.73 -47.76
CA ARG XA 418 22.53 -14.92 -47.30
C ARG XA 418 21.47 -15.41 -48.30
N LEU XA 419 21.37 -14.77 -49.46
CA LEU XA 419 20.56 -15.28 -50.54
C LEU XA 419 21.26 -16.45 -51.22
N ASP XA 420 20.56 -17.57 -51.33
CA ASP XA 420 21.13 -18.79 -51.92
C ASP XA 420 21.02 -18.73 -53.45
N ILE XA 421 21.45 -17.60 -54.01
CA ILE XA 421 21.35 -17.38 -55.44
C ILE XA 421 22.69 -16.93 -55.97
N LYS XA 422 22.99 -17.36 -57.20
CA LYS XA 422 24.28 -17.10 -57.83
C LYS XA 422 24.49 -15.60 -58.04
N LEU XA 423 25.76 -15.21 -58.07
CA LEU XA 423 26.11 -13.80 -58.24
C LEU XA 423 25.25 -13.08 -59.27
N PRO XA 424 25.11 -13.55 -60.51
CA PRO XA 424 24.20 -12.86 -61.42
C PRO XA 424 22.75 -12.98 -60.99
N THR XA 425 22.39 -13.97 -60.18
CA THR XA 425 20.99 -14.02 -59.75
C THR XA 425 20.69 -12.91 -58.75
N HIS XA 426 21.65 -12.62 -57.87
CA HIS XA 426 21.62 -11.35 -57.12
C HIS XA 426 21.43 -10.19 -58.06
N ILE XA 427 22.35 -10.05 -59.02
CA ILE XA 427 22.43 -8.82 -59.82
C ILE XA 427 21.24 -8.68 -60.75
N LYS XA 428 20.54 -9.79 -61.03
CA LYS XA 428 19.34 -9.70 -61.85
C LYS XA 428 18.10 -9.44 -61.00
N ARG XA 429 18.00 -10.08 -59.82
CA ARG XA 429 16.89 -9.72 -58.93
C ARG XA 429 17.01 -8.27 -58.49
N ASN XA 430 18.19 -7.69 -58.62
CA ASN XA 430 18.37 -6.28 -58.31
C ASN XA 430 18.82 -5.46 -59.51
N TYR XA 431 18.55 -5.92 -60.73
CA TYR XA 431 18.86 -5.09 -61.89
C TYR XA 431 17.70 -4.17 -62.24
N SER XA 432 16.48 -4.62 -61.99
CA SER XA 432 15.32 -3.79 -62.21
C SER XA 432 15.48 -2.42 -61.56
N LEU XA 433 16.11 -2.39 -60.39
CA LEU XA 433 16.03 -1.21 -59.54
C LEU XA 433 16.97 -0.10 -60.00
N HIS XA 434 18.28 -0.30 -59.85
CA HIS XA 434 19.23 0.81 -59.80
C HIS XA 434 19.45 1.52 -61.11
N VAL YA 226 -50.63 -25.85 58.45
CA VAL YA 226 -50.41 -24.45 58.80
C VAL YA 226 -49.24 -24.35 59.77
N ASP YA 227 -48.03 -24.39 59.22
CA ASP YA 227 -46.81 -24.28 60.00
C ASP YA 227 -46.23 -22.89 59.81
N HIS YA 228 -45.41 -22.46 60.75
CA HIS YA 228 -44.74 -21.16 60.68
C HIS YA 228 -43.36 -21.28 61.28
N SER YA 229 -42.35 -21.37 60.42
CA SER YA 229 -40.97 -21.53 60.85
C SER YA 229 -40.20 -20.24 60.58
N PHE YA 230 -39.04 -20.10 61.21
CA PHE YA 230 -38.15 -18.99 60.90
C PHE YA 230 -36.76 -19.28 61.43
N ARG YA 231 -35.82 -18.41 61.05
CA ARG YA 231 -34.43 -18.61 61.39
C ARG YA 231 -34.15 -18.12 62.81
N ASP YA 232 -32.89 -18.30 63.24
CA ASP YA 232 -32.57 -18.16 64.66
C ASP YA 232 -32.47 -16.69 65.07
N VAL YA 233 -31.51 -15.97 64.51
CA VAL YA 233 -31.29 -14.59 64.92
C VAL YA 233 -32.49 -13.77 64.49
N VAL YA 234 -33.11 -13.07 65.43
CA VAL YA 234 -34.43 -12.48 65.23
C VAL YA 234 -34.52 -11.21 66.08
N ASP YA 235 -35.06 -10.16 65.49
CA ASP YA 235 -35.28 -8.94 66.25
C ASP YA 235 -36.65 -8.96 66.91
N ALA YA 236 -36.76 -8.22 68.01
CA ALA YA 236 -38.05 -8.08 68.69
C ALA YA 236 -39.12 -7.59 67.72
N HIS YA 237 -38.70 -6.85 66.69
CA HIS YA 237 -39.57 -6.51 65.58
C HIS YA 237 -40.30 -7.75 65.06
N PHE YA 238 -39.54 -8.73 64.60
CA PHE YA 238 -40.12 -9.97 64.11
C PHE YA 238 -40.90 -10.66 65.21
N VAL YA 239 -40.36 -10.67 66.43
CA VAL YA 239 -41.04 -11.38 67.52
C VAL YA 239 -42.46 -10.86 67.68
N GLY YA 240 -42.59 -9.55 67.88
CA GLY YA 240 -43.87 -8.91 68.01
C GLY YA 240 -44.78 -9.25 66.86
N TRP YA 241 -44.41 -8.86 65.64
CA TRP YA 241 -45.43 -8.94 64.58
C TRP YA 241 -45.64 -10.38 64.11
N LYS YA 242 -44.66 -11.27 64.36
CA LYS YA 242 -44.83 -12.67 64.00
C LYS YA 242 -45.75 -13.37 64.98
N SER YA 243 -45.46 -13.24 66.27
CA SER YA 243 -46.39 -13.76 67.25
C SER YA 243 -47.79 -13.22 66.98
N LYS YA 244 -47.88 -11.95 66.58
CA LYS YA 244 -49.18 -11.38 66.27
C LYS YA 244 -49.81 -12.07 65.06
N LYS YA 245 -49.03 -12.32 64.02
CA LYS YA 245 -49.57 -12.99 62.84
C LYS YA 245 -50.12 -14.35 63.19
N ILE YA 246 -49.32 -15.15 63.90
CA ILE YA 246 -49.69 -16.54 64.11
C ILE YA 246 -50.78 -16.65 65.15
N VAL YA 247 -50.85 -15.70 66.08
CA VAL YA 247 -51.91 -15.77 67.08
C VAL YA 247 -53.22 -15.26 66.50
N GLU YA 248 -53.17 -14.28 65.60
CA GLU YA 248 -54.38 -13.98 64.85
C GLU YA 248 -54.84 -15.22 64.11
N ASP YA 249 -53.88 -15.96 63.54
CA ASP YA 249 -54.22 -17.25 62.93
C ASP YA 249 -54.94 -18.16 63.92
N ILE YA 250 -54.44 -18.21 65.15
CA ILE YA 250 -55.11 -18.97 66.21
C ILE YA 250 -56.54 -18.49 66.35
N LYS YA 251 -56.75 -17.17 66.26
CA LYS YA 251 -58.09 -16.61 66.31
C LYS YA 251 -58.91 -17.03 65.10
N LYS YA 252 -58.27 -17.60 64.09
CA LYS YA 252 -58.94 -18.04 62.88
C LYS YA 252 -59.12 -19.54 62.79
N ARG YA 253 -59.24 -20.24 63.92
CA ARG YA 253 -59.51 -21.67 64.01
C ARG YA 253 -58.34 -22.49 63.43
N HIS YA 254 -57.35 -21.84 62.82
CA HIS YA 254 -56.40 -22.55 61.99
C HIS YA 254 -55.28 -23.17 62.81
N PRO YA 255 -54.78 -24.34 62.39
CA PRO YA 255 -53.73 -25.03 63.15
C PRO YA 255 -52.51 -24.16 63.32
N VAL YA 256 -51.77 -24.40 64.39
CA VAL YA 256 -50.69 -23.52 64.81
C VAL YA 256 -49.47 -24.37 65.15
N LYS YA 257 -48.34 -24.08 64.52
CA LYS YA 257 -47.08 -24.71 64.86
C LYS YA 257 -45.93 -23.78 64.50
N ILE YA 258 -45.00 -23.60 65.44
CA ILE YA 258 -43.74 -22.93 65.16
C ILE YA 258 -42.66 -23.99 65.16
N THR YA 259 -41.58 -23.72 64.43
CA THR YA 259 -40.36 -24.51 64.51
C THR YA 259 -39.20 -23.68 64.03
N ILE YA 260 -38.04 -23.89 64.63
CA ILE YA 260 -36.77 -23.54 64.01
C ILE YA 260 -36.15 -24.85 63.56
N LYS YA 261 -35.66 -24.86 62.32
CA LYS YA 261 -34.85 -25.94 61.79
C LYS YA 261 -33.41 -25.52 61.66
N GLU YA 262 -33.15 -24.24 61.40
CA GLU YA 262 -31.80 -23.73 61.20
C GLU YA 262 -31.37 -22.99 62.45
N PHE YA 263 -30.96 -23.75 63.48
CA PHE YA 263 -30.60 -23.15 64.76
C PHE YA 263 -29.14 -23.42 65.06
N GLN YA 264 -28.48 -22.40 65.61
CA GLN YA 264 -27.05 -22.51 65.90
C GLN YA 264 -26.78 -23.37 67.11
N SER YA 265 -27.75 -23.46 68.02
CA SER YA 265 -27.63 -24.29 69.20
C SER YA 265 -29.02 -24.51 69.78
N PRO YA 266 -29.23 -25.63 70.48
CA PRO YA 266 -30.51 -25.81 71.18
C PRO YA 266 -30.85 -24.67 72.12
N GLU YA 267 -29.85 -23.98 72.66
CA GLU YA 267 -30.11 -22.88 73.57
C GLU YA 267 -30.70 -21.68 72.84
N ALA YA 268 -30.06 -21.25 71.74
CA ALA YA 268 -30.63 -20.17 70.96
C ALA YA 268 -31.99 -20.56 70.41
N ALA YA 269 -32.14 -21.83 70.04
CA ALA YA 269 -33.40 -22.31 69.50
C ALA YA 269 -34.52 -22.19 70.53
N ILE YA 270 -34.29 -22.69 71.75
CA ILE YA 270 -35.31 -22.64 72.78
C ILE YA 270 -35.57 -21.21 73.23
N GLY YA 271 -34.52 -20.37 73.27
CA GLY YA 271 -34.70 -18.97 73.60
C GLY YA 271 -35.55 -18.24 72.59
N LYS YA 272 -35.36 -18.53 71.30
CA LYS YA 272 -36.20 -17.92 70.27
C LYS YA 272 -37.63 -18.45 70.37
N ILE YA 273 -37.79 -19.77 70.57
CA ILE YA 273 -39.11 -20.31 70.85
C ILE YA 273 -39.77 -19.54 71.97
N ARG YA 274 -39.01 -19.27 73.04
CA ARG YA 274 -39.60 -18.73 74.26
C ARG YA 274 -39.92 -17.25 74.11
N GLU YA 275 -39.06 -16.49 73.44
CA GLU YA 275 -39.39 -15.09 73.19
C GLU YA 275 -40.62 -15.01 72.30
N MET YA 276 -40.75 -15.93 71.35
CA MET YA 276 -41.95 -15.97 70.53
C MET YA 276 -43.18 -16.31 71.36
N CYS YA 277 -43.05 -17.26 72.28
CA CYS YA 277 -44.21 -17.65 73.09
C CYS YA 277 -44.59 -16.57 74.09
N GLN YA 278 -43.60 -15.83 74.61
CA GLN YA 278 -43.88 -14.77 75.58
C GLN YA 278 -44.41 -13.53 74.88
N ALA YA 279 -44.17 -13.39 73.58
CA ALA YA 279 -44.92 -12.39 72.82
C ALA YA 279 -46.31 -12.90 72.47
N MET YA 280 -46.40 -14.18 72.08
CA MET YA 280 -47.67 -14.79 71.75
C MET YA 280 -48.67 -14.62 72.87
N GLN YA 281 -48.36 -15.13 74.07
CA GLN YA 281 -49.34 -15.13 75.15
C GLN YA 281 -49.56 -13.72 75.70
N ARG YA 282 -48.51 -12.89 75.71
CA ARG YA 282 -48.66 -11.49 76.10
C ARG YA 282 -49.65 -10.76 75.21
N TYR YA 283 -49.71 -11.13 73.94
CA TYR YA 283 -50.72 -10.61 73.03
C TYR YA 283 -52.07 -11.30 73.24
N ALA YA 284 -52.03 -12.61 73.47
CA ALA YA 284 -53.22 -13.44 73.56
C ALA YA 284 -54.11 -13.02 74.71
N GLU YA 285 -53.53 -12.65 75.84
CA GLU YA 285 -54.35 -12.23 76.97
C GLU YA 285 -55.08 -10.92 76.67
N GLU YA 286 -54.43 -9.97 76.01
CA GLU YA 286 -55.12 -8.74 75.66
C GLU YA 286 -56.19 -8.97 74.60
N LYS YA 287 -55.95 -9.93 73.69
CA LYS YA 287 -56.87 -10.14 72.59
C LYS YA 287 -57.94 -11.19 72.89
N LEU YA 288 -57.90 -11.79 74.08
CA LEU YA 288 -58.95 -12.70 74.55
C LEU YA 288 -59.15 -13.87 73.58
N ILE YA 289 -58.14 -14.72 73.50
CA ILE YA 289 -58.21 -15.93 72.69
C ILE YA 289 -58.03 -17.15 73.60
N TYR YA 290 -58.75 -18.21 73.28
CA TYR YA 290 -58.76 -19.42 74.08
C TYR YA 290 -58.23 -20.57 73.23
N HIS YA 291 -56.97 -20.93 73.46
CA HIS YA 291 -56.30 -21.98 72.72
C HIS YA 291 -55.38 -22.72 73.68
N HIS YA 292 -55.24 -24.02 73.47
CA HIS YA 292 -54.46 -24.86 74.35
C HIS YA 292 -53.30 -25.52 73.61
N PHE YA 293 -52.16 -25.57 74.28
CA PHE YA 293 -50.95 -26.20 73.75
C PHE YA 293 -51.04 -27.71 73.90
N THR YA 294 -50.47 -28.43 72.92
CA THR YA 294 -50.52 -29.89 72.90
C THR YA 294 -49.14 -30.50 73.13
N SER YA 295 -48.17 -30.20 72.27
CA SER YA 295 -46.87 -30.86 72.31
C SER YA 295 -45.77 -29.86 72.01
N ILE YA 296 -44.55 -30.21 72.38
CA ILE YA 296 -43.35 -29.49 71.95
C ILE YA 296 -42.36 -30.55 71.46
N VAL YA 297 -42.21 -30.68 70.15
CA VAL YA 297 -41.39 -31.71 69.55
C VAL YA 297 -40.04 -31.09 69.23
N ALA YA 298 -39.09 -31.28 70.15
CA ALA YA 298 -37.73 -30.77 70.01
C ALA YA 298 -36.82 -31.97 69.77
N ASN YA 299 -35.91 -31.83 68.82
CA ASN YA 299 -35.05 -32.93 68.44
C ASN YA 299 -33.67 -32.37 68.11
N ASP YA 300 -32.85 -33.23 67.51
CA ASP YA 300 -31.60 -32.78 66.90
C ASP YA 300 -31.86 -31.64 65.94
N ARG YA 301 -32.75 -31.86 64.99
CA ARG YA 301 -32.92 -31.03 63.82
C ARG YA 301 -34.18 -30.18 63.89
N GLU YA 302 -34.81 -30.06 65.03
CA GLU YA 302 -36.08 -29.34 65.09
C GLU YA 302 -36.32 -28.84 66.49
N VAL YA 303 -36.82 -27.62 66.60
CA VAL YA 303 -37.38 -27.10 67.84
C VAL YA 303 -38.75 -26.54 67.51
N SER YA 304 -39.80 -27.24 67.93
CA SER YA 304 -41.15 -26.87 67.52
C SER YA 304 -42.04 -26.70 68.73
N VAL YA 305 -43.07 -25.88 68.55
CA VAL YA 305 -44.22 -25.86 69.46
C VAL YA 305 -45.47 -26.06 68.62
N SER YA 306 -46.46 -26.71 69.23
CA SER YA 306 -47.77 -26.89 68.61
C SER YA 306 -48.81 -26.24 69.51
N PHE YA 307 -49.84 -25.68 68.90
CA PHE YA 307 -50.93 -25.07 69.61
C PHE YA 307 -52.24 -25.50 68.96
N VAL YA 308 -53.32 -25.43 69.73
CA VAL YA 308 -54.64 -25.81 69.23
C VAL YA 308 -55.68 -24.84 69.79
N PRO YA 309 -56.55 -24.27 68.95
CA PRO YA 309 -57.51 -23.29 69.44
C PRO YA 309 -58.86 -23.90 69.76
N SER YA 310 -59.65 -23.15 70.53
CA SER YA 310 -61.03 -23.50 70.83
C SER YA 310 -61.96 -22.92 69.76
N LEU YA 311 -62.46 -23.79 68.88
CA LEU YA 311 -63.27 -23.33 67.76
C LEU YA 311 -64.55 -22.65 68.21
N PRO YA 312 -65.48 -23.33 68.95
CA PRO YA 312 -66.70 -22.62 69.40
C PRO YA 312 -66.63 -22.04 70.81
N SER YA 313 -67.53 -21.10 71.08
CA SER YA 313 -67.54 -20.40 72.36
C SER YA 313 -68.18 -21.23 73.47
N GLU YA 314 -68.87 -22.32 73.15
CA GLU YA 314 -69.20 -23.30 74.18
C GLU YA 314 -67.92 -23.86 74.79
N LYS YA 315 -67.06 -24.44 73.95
CA LYS YA 315 -65.76 -24.91 74.39
C LYS YA 315 -64.97 -23.80 75.07
N GLY YA 316 -64.97 -22.61 74.47
CA GLY YA 316 -64.35 -21.46 75.10
C GLY YA 316 -64.83 -21.27 76.52
N ASN YA 317 -66.11 -21.00 76.69
CA ASN YA 317 -66.66 -20.67 78.01
C ASN YA 317 -66.37 -21.77 79.02
N SER YA 318 -66.48 -23.04 78.62
CA SER YA 318 -66.08 -24.11 79.53
C SER YA 318 -64.62 -23.96 79.93
N TRP YA 319 -63.76 -23.64 78.95
CA TRP YA 319 -62.33 -23.48 79.20
C TRP YA 319 -61.87 -22.14 78.60
N LYS YA 320 -62.05 -21.06 79.38
CA LYS YA 320 -61.61 -19.73 79.00
C LYS YA 320 -60.11 -19.67 79.23
N HIS YA 321 -59.38 -20.52 78.52
CA HIS YA 321 -58.02 -20.84 78.90
C HIS YA 321 -57.10 -20.70 77.71
N ILE YA 322 -56.05 -19.93 77.91
CA ILE YA 322 -54.91 -19.91 77.00
C ILE YA 322 -53.82 -20.70 77.70
N LYS YA 323 -53.50 -21.86 77.15
CA LYS YA 323 -52.59 -22.80 77.78
C LYS YA 323 -51.28 -22.86 77.00
N TYR YA 324 -50.21 -22.38 77.60
CA TYR YA 324 -48.86 -22.46 77.08
C TYR YA 324 -48.05 -23.35 78.01
N PRO YA 325 -46.95 -23.94 77.52
CA PRO YA 325 -46.12 -24.76 78.39
C PRO YA 325 -45.48 -23.93 79.51
N GLY YA 326 -44.73 -24.63 80.36
CA GLY YA 326 -44.09 -23.97 81.49
C GLY YA 326 -42.58 -24.16 81.57
N GLU YA 327 -41.97 -23.54 82.59
CA GLU YA 327 -40.52 -23.53 82.72
C GLU YA 327 -39.95 -24.94 82.81
N LYS YA 328 -40.65 -25.83 83.51
CA LYS YA 328 -40.20 -27.22 83.63
C LYS YA 328 -40.05 -27.83 82.24
N GLU YA 329 -41.11 -27.76 81.44
CA GLU YA 329 -41.07 -28.35 80.11
C GLU YA 329 -40.02 -27.68 79.24
N TRP YA 330 -39.85 -26.36 79.39
CA TRP YA 330 -38.80 -25.65 78.67
C TRP YA 330 -37.44 -26.27 78.92
N ALA YA 331 -37.02 -26.26 80.18
CA ALA YA 331 -35.69 -26.80 80.52
C ALA YA 331 -35.58 -28.29 80.22
N HIS YA 332 -36.67 -29.04 80.38
CA HIS YA 332 -36.58 -30.49 80.17
C HIS YA 332 -36.40 -30.82 78.71
N ALA YA 333 -37.19 -30.19 77.82
CA ALA YA 333 -36.95 -30.32 76.40
C ALA YA 333 -35.57 -29.82 76.00
N ASN YA 334 -35.07 -28.79 76.68
CA ASN YA 334 -33.71 -28.33 76.43
C ASN YA 334 -32.71 -29.46 76.69
N LYS YA 335 -32.85 -30.13 77.84
CA LYS YA 335 -31.94 -31.22 78.18
C LYS YA 335 -32.12 -32.40 77.24
N ARG YA 336 -33.36 -32.68 76.83
CA ARG YA 336 -33.62 -33.72 75.84
C ARG YA 336 -32.87 -33.43 74.54
N MET YA 337 -32.96 -32.18 74.07
CA MET YA 337 -32.29 -31.83 72.83
C MET YA 337 -30.78 -31.88 72.99
N GLU YA 338 -30.26 -31.55 74.17
CA GLU YA 338 -28.83 -31.68 74.40
C GLU YA 338 -28.40 -33.13 74.34
N GLU YA 339 -29.19 -34.02 74.94
CA GLU YA 339 -28.86 -35.45 74.91
C GLU YA 339 -28.91 -36.00 73.50
N ALA YA 340 -29.89 -35.55 72.69
CA ALA YA 340 -29.95 -36.00 71.31
C ALA YA 340 -28.82 -35.38 70.47
N CYS YA 341 -28.47 -34.13 70.74
CA CYS YA 341 -27.40 -33.47 70.00
C CYS YA 341 -26.04 -33.99 70.43
N ARG YA 342 -25.96 -34.74 71.53
CA ARG YA 342 -24.73 -35.44 71.82
C ARG YA 342 -24.78 -36.89 71.30
N LYS YA 343 -25.97 -37.45 71.15
CA LYS YA 343 -26.06 -38.70 70.39
C LYS YA 343 -25.64 -38.47 68.96
N SER YA 344 -25.87 -37.25 68.44
CA SER YA 344 -25.52 -36.90 67.06
C SER YA 344 -24.20 -36.15 66.94
N GLY YA 345 -23.74 -35.50 68.01
CA GLY YA 345 -22.57 -34.65 67.92
C GLY YA 345 -22.70 -33.50 66.94
N ARG YA 346 -23.92 -33.02 66.68
CA ARG YA 346 -24.16 -31.91 65.78
C ARG YA 346 -24.89 -30.81 66.55
N TYR YA 347 -24.24 -29.67 66.74
CA TYR YA 347 -24.76 -28.64 67.63
C TYR YA 347 -25.39 -27.45 66.92
N GLY YA 348 -25.30 -27.37 65.60
CA GLY YA 348 -25.88 -26.23 64.91
C GLY YA 348 -25.98 -26.48 63.43
N THR YA 349 -27.20 -26.32 62.92
CA THR YA 349 -27.46 -26.59 61.51
C THR YA 349 -26.94 -25.46 60.64
N TYR YA 350 -26.64 -24.32 61.23
CA TYR YA 350 -26.01 -23.21 60.52
C TYR YA 350 -25.05 -22.54 61.49
N VAL YA 351 -24.11 -21.76 60.94
CA VAL YA 351 -23.11 -21.11 61.76
C VAL YA 351 -22.98 -19.63 61.40
N LYS YA 352 -22.98 -18.80 62.44
CA LYS YA 352 -22.56 -17.42 62.29
C LYS YA 352 -21.06 -17.38 62.07
N ASN YA 353 -20.62 -16.47 61.21
CA ASN YA 353 -19.24 -16.42 60.78
C ASN YA 353 -18.52 -15.25 61.41
N ASN YA 354 -17.23 -15.45 61.71
CA ASN YA 354 -16.38 -14.34 62.11
C ASN YA 354 -16.14 -13.38 60.96
N MET YA 355 -16.46 -13.78 59.75
CA MET YA 355 -16.45 -12.84 58.64
C MET YA 355 -17.41 -11.70 58.94
N LEU YA 356 -16.84 -10.53 59.23
CA LEU YA 356 -17.61 -9.32 59.47
C LEU YA 356 -17.70 -8.57 58.15
N LYS YA 357 -18.90 -8.09 57.83
CA LYS YA 357 -19.05 -7.24 56.66
C LYS YA 357 -18.73 -5.79 57.03
N PRO YA 358 -18.25 -5.00 56.06
CA PRO YA 358 -17.92 -3.60 56.36
C PRO YA 358 -19.08 -2.84 56.98
N ARG YA 359 -18.75 -1.88 57.84
CA ARG YA 359 -19.75 -1.07 58.51
C ARG YA 359 -19.14 0.31 58.73
N SER YA 360 -19.86 1.35 58.35
CA SER YA 360 -19.43 2.73 58.50
C SER YA 360 -20.21 3.41 59.61
N LEU YA 361 -19.49 3.95 60.58
CA LEU YA 361 -20.11 4.39 61.82
C LEU YA 361 -20.59 5.83 61.79
N GLY YA 362 -20.36 6.55 60.71
CA GLY YA 362 -20.89 7.90 60.62
C GLY YA 362 -20.26 8.81 61.66
N GLN YA 363 -21.08 9.29 62.59
CA GLN YA 363 -20.57 10.14 63.66
C GLN YA 363 -19.90 9.27 64.71
N THR YA 364 -18.63 9.56 64.97
CA THR YA 364 -17.83 8.75 65.89
C THR YA 364 -16.65 9.57 66.37
N PHE YA 365 -16.41 9.52 67.68
CA PHE YA 365 -15.30 10.20 68.30
C PHE YA 365 -14.06 9.32 68.40
N PHE YA 366 -13.93 8.33 67.53
CA PHE YA 366 -12.75 7.49 67.53
C PHE YA 366 -12.57 6.91 66.13
N ARG YA 367 -11.33 6.89 65.66
CA ARG YA 367 -11.07 6.26 64.37
C ARG YA 367 -11.60 4.84 64.40
N VAL YA 368 -12.07 4.37 63.26
CA VAL YA 368 -12.64 3.03 63.15
C VAL YA 368 -12.14 2.41 61.86
N ASP YA 369 -11.97 1.09 61.86
CA ASP YA 369 -11.68 0.40 60.62
C ASP YA 369 -12.92 0.36 59.75
N LYS YA 370 -12.73 0.08 58.47
CA LYS YA 370 -13.86 0.11 57.56
C LYS YA 370 -14.80 -1.07 57.79
N TYR YA 371 -14.60 -1.81 58.89
CA TYR YA 371 -15.47 -2.90 59.27
C TYR YA 371 -16.13 -2.67 60.62
N GLY YA 372 -15.67 -1.69 61.40
CA GLY YA 372 -16.32 -1.34 62.65
C GLY YA 372 -15.53 -1.61 63.91
N ARG YA 373 -14.19 -1.55 63.85
CA ARG YA 373 -13.33 -1.85 64.98
C ARG YA 373 -12.26 -0.77 65.11
N LYS YA 374 -12.04 -0.33 66.36
CA LYS YA 374 -11.20 0.83 66.64
C LYS YA 374 -9.84 0.71 65.94
N ILE YA 375 -9.31 1.87 65.54
CA ILE YA 375 -7.96 1.96 65.00
C ILE YA 375 -7.01 2.26 66.16
N ASP YA 376 -6.29 1.24 66.62
CA ASP YA 376 -5.38 1.38 67.75
C ASP YA 376 -3.92 1.21 67.35
N SER ZA 90 -21.56 47.56 15.78
CA SER ZA 90 -21.76 47.73 17.21
C SER ZA 90 -20.49 47.31 17.85
N PHE ZA 91 -20.22 47.78 19.06
CA PHE ZA 91 -19.11 47.29 19.85
C PHE ZA 91 -19.09 48.01 21.19
N LYS ZA 92 -18.10 47.66 22.01
CA LYS ZA 92 -18.02 48.25 23.34
C LYS ZA 92 -17.87 49.74 23.27
N TYR ZA 93 -16.80 50.23 22.66
CA TYR ZA 93 -16.55 51.66 22.62
C TYR ZA 93 -17.73 52.39 22.06
N ALA ZA 94 -18.59 51.69 21.33
CA ALA ZA 94 -19.81 52.30 20.86
C ALA ZA 94 -20.90 52.25 21.93
N THR ZA 95 -20.78 51.35 22.89
CA THR ZA 95 -21.75 51.35 23.98
C THR ZA 95 -21.32 52.30 25.09
N LYS ZA 96 -20.03 52.62 25.16
CA LYS ZA 96 -19.56 53.52 26.20
C LYS ZA 96 -20.07 54.90 25.93
N LEU ZA 97 -21.05 55.32 26.73
CA LEU ZA 97 -21.74 56.59 26.58
C LEU ZA 97 -20.96 57.78 27.07
N GLN ZA 98 -19.74 57.57 27.55
CA GLN ZA 98 -18.92 58.65 28.07
C GLN ZA 98 -18.17 59.36 26.97
N HIS ZA 99 -18.05 58.74 25.80
CA HIS ZA 99 -17.77 59.51 24.61
C HIS ZA 99 -19.04 60.25 24.27
N ASP ZA 100 -18.92 61.29 23.45
CA ASP ZA 100 -20.09 62.05 23.07
C ASP ZA 100 -20.66 61.57 21.74
N GLU ZA 101 -19.78 61.15 20.82
CA GLU ZA 101 -20.25 60.64 19.54
C GLU ZA 101 -21.23 59.49 19.72
N MET ZA 102 -21.08 58.73 20.80
CA MET ZA 102 -22.09 57.76 21.16
C MET ZA 102 -23.19 58.36 22.01
N ARG ZA 103 -23.40 59.67 21.93
CA ARG ZA 103 -24.40 60.37 22.72
C ARG ZA 103 -25.05 61.45 21.88
N GLN ZA 104 -26.31 61.76 22.18
CA GLN ZA 104 -26.96 62.86 21.50
C GLN ZA 104 -26.65 64.16 22.22
N PRO ZA 105 -26.20 65.17 21.50
CA PRO ZA 105 -25.44 66.26 22.11
C PRO ZA 105 -26.27 67.06 23.10
N PHE ZA 106 -25.63 68.08 23.67
CA PHE ZA 106 -26.39 68.89 24.58
C PHE ZA 106 -27.40 69.75 23.87
N TYR ZA 107 -26.98 70.49 22.84
CA TYR ZA 107 -27.79 71.60 22.33
C TYR ZA 107 -29.18 71.14 21.90
N ILE ZA 108 -29.49 69.88 22.04
CA ILE ZA 108 -30.78 69.45 21.60
C ILE ZA 108 -31.79 69.60 22.72
N HIS ZA 109 -31.35 69.70 23.96
CA HIS ZA 109 -32.35 70.08 24.95
C HIS ZA 109 -32.70 71.54 24.79
N GLU ZA 110 -31.77 72.34 24.30
CA GLU ZA 110 -32.10 73.72 23.96
C GLU ZA 110 -33.05 73.78 22.76
N LYS ZA 111 -32.76 73.04 21.70
CA LYS ZA 111 -33.66 73.00 20.55
C LYS ZA 111 -35.03 72.44 20.92
N ARG ZA 112 -35.12 71.64 21.99
CA ARG ZA 112 -36.44 71.18 22.39
C ARG ZA 112 -37.14 72.16 23.30
N HIS ZA 113 -36.60 72.40 24.50
CA HIS ZA 113 -37.28 73.22 25.49
C HIS ZA 113 -36.79 74.65 25.48
N GLY ZA 114 -36.47 75.19 24.34
CA GLY ZA 114 -36.16 76.60 24.32
C GLY ZA 114 -34.75 76.85 24.79
N ILE ZA 115 -34.05 77.74 24.09
CA ILE ZA 115 -32.62 77.84 24.32
C ILE ZA 115 -32.36 78.38 25.71
N PHE ZA 116 -31.42 77.77 26.42
CA PHE ZA 116 -31.01 78.15 27.76
C PHE ZA 116 -32.10 77.91 28.78
N SER ZA 117 -32.81 76.79 28.70
CA SER ZA 117 -33.86 76.49 29.67
C SER ZA 117 -33.47 75.36 30.61
N ASN ZA 118 -32.26 74.84 30.49
CA ASN ZA 118 -31.70 74.02 31.55
C ASN ZA 118 -31.18 74.89 32.68
N GLU ZA 119 -30.90 76.15 32.41
CA GLU ZA 119 -30.38 77.02 33.45
C GLU ZA 119 -31.43 77.28 34.52
N LYS ZA 120 -32.68 77.45 34.13
CA LYS ZA 120 -33.73 77.67 35.12
C LYS ZA 120 -33.96 76.42 35.96
N ASN ZA 121 -33.31 75.32 35.62
CA ASN ZA 121 -33.38 74.13 36.46
C ASN ZA 121 -32.11 73.96 37.26
N ILE ZA 122 -30.98 74.40 36.69
CA ILE ZA 122 -29.76 74.52 37.48
C ILE ZA 122 -30.05 75.32 38.74
N ARG ZA 123 -30.58 76.52 38.56
CA ARG ZA 123 -30.91 77.40 39.66
C ARG ZA 123 -31.99 76.84 40.57
N LYS ZA 124 -32.34 75.56 40.45
CA LYS ZA 124 -33.40 75.03 41.30
C LYS ZA 124 -32.86 74.56 42.64
N SER ZA 125 -33.79 74.12 43.50
CA SER ZA 125 -33.42 73.79 44.87
C SER ZA 125 -32.93 72.36 45.00
N ARG ZA 126 -33.82 71.39 44.91
CA ARG ZA 126 -33.41 70.00 45.14
C ARG ZA 126 -32.89 69.40 43.84
N ARG ZA 127 -32.06 70.18 43.16
CA ARG ZA 127 -31.47 69.78 41.90
C ARG ZA 127 -30.10 69.21 42.17
N GLY ZA 128 -29.92 67.94 41.84
CA GLY ZA 128 -28.70 67.22 42.11
C GLY ZA 128 -28.86 65.99 42.96
N LEU ZA 129 -29.59 66.06 44.08
CA LEU ZA 129 -29.89 64.85 44.83
C LEU ZA 129 -30.79 64.08 43.91
N PRO ZA 130 -30.97 62.78 44.11
CA PRO ZA 130 -30.79 61.86 42.99
C PRO ZA 130 -31.12 62.49 41.66
N PHE ZA 131 -32.29 63.10 41.56
CA PHE ZA 131 -32.88 63.51 40.30
C PHE ZA 131 -32.37 64.86 39.82
N ILE ZA 132 -32.44 65.06 38.52
CA ILE ZA 132 -32.31 66.36 37.90
C ILE ZA 132 -33.53 66.56 37.03
N THR ZA 133 -33.60 67.73 36.39
CA THR ZA 133 -34.66 67.96 35.43
C THR ZA 133 -34.43 67.09 34.21
N PRO ZA 134 -35.34 66.19 33.86
CA PRO ZA 134 -35.06 65.24 32.78
C PRO ZA 134 -34.61 65.94 31.52
N LEU ZA 135 -33.33 65.79 31.20
CA LEU ZA 135 -32.69 66.50 30.11
C LEU ZA 135 -33.05 65.82 28.81
N TYR ZA 136 -33.71 66.54 27.92
CA TYR ZA 136 -34.28 65.96 26.71
C TYR ZA 136 -33.35 66.22 25.52
N THR ZA 137 -32.15 65.68 25.62
CA THR ZA 137 -31.30 65.61 24.46
C THR ZA 137 -31.72 64.36 23.71
N ARG ZA 138 -31.88 64.46 22.40
CA ARG ZA 138 -32.32 63.35 21.57
C ARG ZA 138 -31.87 63.62 20.16
N HIS ZA 139 -32.08 62.64 19.28
CA HIS ZA 139 -32.21 62.99 17.88
C HIS ZA 139 -33.55 63.65 17.73
N MET ZA 140 -33.64 64.65 16.86
CA MET ZA 140 -34.92 65.30 16.69
C MET ZA 140 -35.86 64.43 15.86
N ASN ZA 141 -35.30 63.59 14.98
CA ASN ZA 141 -36.12 62.71 14.15
C ASN ZA 141 -36.79 61.62 14.96
N LEU ZA 142 -36.83 61.76 16.27
CA LEU ZA 142 -37.38 60.70 17.08
C LEU ZA 142 -38.58 61.13 17.91
N TRP ZA 143 -38.84 62.43 18.04
CA TRP ZA 143 -39.81 62.87 19.03
C TRP ZA 143 -41.18 62.31 18.72
N GLU ZA 144 -41.73 61.65 19.71
CA GLU ZA 144 -43.16 61.39 19.79
C GLU ZA 144 -43.97 62.66 19.51
N THR ZA 145 -43.42 63.82 19.85
CA THR ZA 145 -44.15 65.05 19.60
C THR ZA 145 -44.21 65.34 18.12
N ASP ZA 146 -43.06 65.67 17.53
CA ASP ZA 146 -43.05 66.21 16.18
C ASP ZA 146 -43.42 65.16 15.16
N THR ZA 147 -42.60 64.11 15.04
CA THR ZA 147 -42.54 63.23 13.88
C THR ZA 147 -43.81 62.43 13.68
N ASP ZA 148 -43.84 61.67 12.59
CA ASP ZA 148 -45.02 60.96 12.13
C ASP ZA 148 -44.69 59.52 11.73
N ALA ZA 149 -45.68 58.84 11.15
CA ALA ZA 149 -45.45 57.46 10.69
C ALA ZA 149 -44.51 57.42 9.50
N SER ZA 150 -44.34 58.53 8.81
CA SER ZA 150 -43.43 58.51 7.67
C SER ZA 150 -42.00 58.85 8.10
N LYS ZA 151 -41.83 59.45 9.28
CA LYS ZA 151 -40.49 59.75 9.76
C LYS ZA 151 -39.99 58.66 10.72
N ASN ZA 152 -40.73 58.41 11.78
CA ASN ZA 152 -40.27 57.61 12.90
C ASN ZA 152 -40.56 56.13 12.69
N ARG ZA 153 -39.51 55.38 12.41
CA ARG ZA 153 -39.62 53.95 12.19
C ARG ZA 153 -40.34 53.25 13.32
N PHE ZA 154 -40.56 53.93 14.43
CA PHE ZA 154 -41.25 53.27 15.54
C PHE ZA 154 -42.74 53.43 15.39
N PHE ZA 155 -43.15 54.43 14.63
CA PHE ZA 155 -44.56 54.75 14.59
C PHE ZA 155 -45.34 53.71 13.82
N ARG ZA 156 -44.73 53.14 12.79
CA ARG ZA 156 -45.39 52.11 11.97
C ARG ZA 156 -45.14 50.72 12.56
N GLY ZA 157 -45.47 50.60 13.82
CA GLY ZA 157 -45.43 49.30 14.46
C GLY ZA 157 -46.82 48.72 14.56
N TYR ZA 158 -47.12 47.73 13.73
CA TYR ZA 158 -48.49 47.28 13.66
C TYR ZA 158 -48.89 46.59 14.95
N VAL ZA 159 -47.94 46.05 15.69
CA VAL ZA 159 -48.31 45.08 16.71
C VAL ZA 159 -49.31 45.66 17.69
N PHE ZA 160 -49.09 46.89 18.15
CA PHE ZA 160 -50.04 47.51 19.08
C PHE ZA 160 -50.38 48.95 18.70
N GLY ZA 161 -49.48 49.70 18.08
CA GLY ZA 161 -49.83 51.06 17.72
C GLY ZA 161 -50.82 51.12 16.58
N GLN ZA 162 -50.37 50.77 15.37
CA GLN ZA 162 -51.20 50.97 14.19
C GLN ZA 162 -52.42 50.06 14.19
N ARG ZA 163 -52.35 48.90 14.83
CA ARG ZA 163 -53.53 48.04 14.83
C ARG ZA 163 -54.70 48.72 15.50
N GLU ZA 164 -54.45 49.35 16.64
CA GLU ZA 164 -55.53 50.06 17.29
C GLU ZA 164 -55.89 51.31 16.52
N LEU ZA 165 -54.89 51.95 15.90
CA LEU ZA 165 -55.22 53.10 15.09
C LEU ZA 165 -56.25 52.74 14.03
N HIS ZA 166 -56.07 51.60 13.39
CA HIS ZA 166 -56.95 51.22 12.30
C HIS ZA 166 -58.27 50.66 12.81
N GLN ZA 167 -58.25 49.92 13.90
CA GLN ZA 167 -59.51 49.50 14.50
C GLN ZA 167 -60.33 50.69 14.97
N LEU ZA 168 -59.66 51.82 15.18
CA LEU ZA 168 -60.34 53.06 15.51
C LEU ZA 168 -60.82 53.77 14.25
N LEU ZA 169 -59.93 53.97 13.31
CA LEU ZA 169 -60.19 54.70 12.09
C LEU ZA 169 -60.91 53.87 11.05
N GLY ZA 170 -61.48 52.73 11.42
CA GLY ZA 170 -62.26 51.94 10.49
C GLY ZA 170 -61.52 51.49 9.24
N ARG ZA 171 -60.21 51.62 9.21
CA ARG ZA 171 -59.46 51.13 8.07
C ARG ZA 171 -59.45 49.63 8.07
N PRO ZA 172 -59.13 48.97 6.97
CA PRO ZA 172 -58.81 47.55 7.03
C PRO ZA 172 -57.37 47.35 7.47
N HIS ZA 173 -57.21 46.87 8.69
CA HIS ZA 173 -55.91 46.60 9.24
C HIS ZA 173 -55.58 45.16 8.94
N GLY ZA 174 -54.42 44.93 8.35
CA GLY ZA 174 -54.03 43.59 8.03
C GLY ZA 174 -52.57 43.38 8.31
N PHE ZA 175 -52.22 42.16 8.69
CA PHE ZA 175 -50.88 41.94 9.24
C PHE ZA 175 -49.79 42.39 8.30
N GLU ZA 176 -49.74 41.82 7.11
CA GLU ZA 176 -48.73 42.19 6.12
C GLU ZA 176 -49.38 42.97 5.01
N ALA ZA 177 -49.71 44.21 5.31
CA ALA ZA 177 -50.70 44.95 4.57
C ALA ZA 177 -50.05 45.65 3.40
N ASN ZA 178 -50.89 46.09 2.47
CA ASN ZA 178 -50.41 46.78 1.29
C ASN ZA 178 -49.90 48.17 1.65
N ASN ZA 179 -50.48 48.79 2.67
CA ASN ZA 179 -49.95 50.04 3.17
C ASN ZA 179 -48.99 49.77 4.31
N THR ZA 180 -47.84 50.44 4.26
CA THR ZA 180 -46.69 50.00 5.04
C THR ZA 180 -46.97 50.04 6.52
N ASP ZA 181 -47.81 50.97 6.96
CA ASP ZA 181 -48.05 51.10 8.38
C ASP ZA 181 -48.73 49.87 8.94
N GLY ZA 182 -49.66 49.30 8.19
CA GLY ZA 182 -50.42 48.16 8.64
C GLY ZA 182 -51.82 48.22 8.10
N SER ZA 183 -52.16 49.28 7.40
CA SER ZA 183 -53.49 49.49 6.85
C SER ZA 183 -53.60 48.82 5.49
N ASN ZA 184 -54.72 48.14 5.24
CA ASN ZA 184 -54.89 47.51 3.93
C ASN ZA 184 -55.33 48.54 2.90
N ASP ZA 185 -56.28 49.40 3.26
CA ASP ZA 185 -56.56 50.57 2.46
C ASP ZA 185 -57.28 51.60 3.32
N ILE ZA 186 -57.71 52.68 2.69
CA ILE ZA 186 -58.27 53.78 3.47
C ILE ZA 186 -59.68 53.44 3.91
N SER ZA 187 -60.18 54.24 4.85
CA SER ZA 187 -61.46 53.92 5.46
C SER ZA 187 -62.59 54.61 4.73
N ALA ZA 188 -63.82 54.25 5.10
CA ALA ZA 188 -64.98 54.84 4.44
C ALA ZA 188 -64.95 56.36 4.58
N TYR ZA 189 -64.63 56.85 5.77
CA TYR ZA 189 -64.67 58.29 5.97
C TYR ZA 189 -63.69 59.00 5.07
N GLU ZA 190 -62.42 58.65 5.12
CA GLU ZA 190 -61.47 59.41 4.33
C GLU ZA 190 -61.69 59.18 2.85
N MET ZA 191 -62.04 57.96 2.47
CA MET ZA 191 -62.42 57.68 1.09
C MET ZA 191 -63.39 58.74 0.58
N THR ZA 192 -64.45 58.99 1.33
CA THR ZA 192 -65.43 59.96 0.84
C THR ZA 192 -64.92 61.39 0.99
N THR ZA 193 -64.53 61.80 2.19
CA THR ZA 193 -64.37 63.22 2.47
C THR ZA 193 -62.99 63.74 2.11
N ASP ZA 194 -62.97 64.89 1.46
CA ASP ZA 194 -61.74 65.53 1.00
C ASP ZA 194 -61.16 66.32 2.16
N GLN ZA 195 -59.93 66.00 2.54
CA GLN ZA 195 -59.34 66.53 3.76
C GLN ZA 195 -58.35 67.66 3.50
N ARG ZA 196 -58.03 67.96 2.25
CA ARG ZA 196 -56.84 68.78 2.01
C ARG ZA 196 -56.91 70.13 2.73
N TYR ZA 197 -58.08 70.73 2.82
CA TYR ZA 197 -58.20 71.96 3.58
C TYR ZA 197 -59.03 71.81 4.83
N LYS ZA 198 -59.42 70.61 5.18
CA LYS ZA 198 -59.99 70.47 6.50
C LYS ZA 198 -58.97 70.94 7.54
N GLY ZA 199 -59.46 71.25 8.73
CA GLY ZA 199 -58.56 71.51 9.83
C GLY ZA 199 -57.99 72.90 9.92
N ILE ZA 200 -57.00 73.22 9.10
CA ILE ZA 200 -56.26 74.46 9.33
C ILE ZA 200 -55.84 75.04 7.99
N PRO ZA 201 -55.61 76.34 7.91
CA PRO ZA 201 -55.19 76.95 6.64
C PRO ZA 201 -53.76 76.62 6.28
N ARG ZA 202 -53.28 77.31 5.28
CA ARG ZA 202 -51.92 77.13 4.82
C ARG ZA 202 -50.99 78.05 5.60
N PRO ZA 203 -50.13 77.52 6.46
CA PRO ZA 203 -49.14 78.37 7.11
C PRO ZA 203 -48.34 79.15 6.09
N ALA ZA 204 -48.51 80.46 6.13
CA ALA ZA 204 -48.13 81.28 5.00
C ALA ZA 204 -46.66 81.60 4.97
N ILE ZA 205 -45.82 80.84 5.65
CA ILE ZA 205 -44.41 80.95 5.35
C ILE ZA 205 -44.04 80.03 4.21
N THR ZA 206 -44.89 79.03 3.91
CA THR ZA 206 -44.73 78.20 2.73
C THR ZA 206 -44.30 79.03 1.53
N ASN ZA 207 -44.82 80.24 1.43
CA ASN ZA 207 -44.37 81.11 0.37
C ASN ZA 207 -42.89 81.36 0.46
N LEU ZA 208 -42.28 81.13 1.61
CA LEU ZA 208 -40.85 81.40 1.68
C LEU ZA 208 -40.08 80.37 0.89
N HIS ZA 209 -40.71 79.22 0.62
CA HIS ZA 209 -40.13 78.26 -0.31
C HIS ZA 209 -40.56 78.57 -1.73
N TYR ZA 210 -41.87 78.77 -1.92
CA TYR ZA 210 -42.36 79.04 -3.26
C TYR ZA 210 -41.86 80.37 -3.79
N GLU ZA 211 -41.17 81.13 -2.95
CA GLU ZA 211 -40.62 82.42 -3.30
C GLU ZA 211 -39.24 82.56 -2.70
N PRO ZA 212 -38.19 82.71 -3.51
CA PRO ZA 212 -36.85 82.84 -2.93
C PRO ZA 212 -36.44 84.28 -2.64
N GLU ZA 213 -36.97 85.25 -3.39
CA GLU ZA 213 -36.50 86.62 -3.25
C GLU ZA 213 -36.82 87.18 -1.88
N TRP ZA 214 -37.62 86.46 -1.11
CA TRP ZA 214 -38.21 87.04 0.08
C TRP ZA 214 -37.41 86.71 1.32
N ASN ZA 215 -36.78 85.55 1.35
CA ASN ZA 215 -36.01 85.13 2.49
C ASN ZA 215 -34.61 85.70 2.38
N TYR ZA 216 -34.18 86.43 3.38
CA TYR ZA 216 -32.79 86.84 3.37
C TYR ZA 216 -32.26 86.84 4.79
N THR ZA 217 -30.94 86.88 4.87
CA THR ZA 217 -30.23 87.13 6.10
C THR ZA 217 -29.84 88.61 6.07
N LEU ZA 218 -30.15 89.33 7.14
CA LEU ZA 218 -30.17 90.79 7.05
C LEU ZA 218 -28.76 91.37 7.06
N TYR ZA 219 -27.97 91.08 8.08
CA TYR ZA 219 -26.61 91.57 8.18
C TYR ZA 219 -25.68 90.53 7.58
N ARG ZA 220 -24.64 91.00 6.90
CA ARG ZA 220 -23.73 90.12 6.20
C ARG ZA 220 -22.92 89.26 7.17
N ALA ZA 221 -21.86 88.64 6.63
CA ALA ZA 221 -21.19 87.56 7.32
C ALA ZA 221 -20.36 88.05 8.50
N GLY ZA 222 -19.23 88.71 8.23
CA GLY ZA 222 -18.24 89.06 9.24
C GLY ZA 222 -18.50 90.30 10.05
N THR ZA 223 -19.62 90.99 9.81
CA THR ZA 223 -19.91 92.25 10.48
C THR ZA 223 -19.72 92.20 11.99
N HIS ZA 224 -20.01 91.08 12.64
CA HIS ZA 224 -19.95 91.08 14.10
C HIS ZA 224 -18.52 91.06 14.63
N GLY ZA 225 -17.54 91.40 13.78
CA GLY ZA 225 -16.19 91.63 14.22
C GLY ZA 225 -15.15 90.76 13.59
N SER ZA 226 -15.55 89.74 12.85
CA SER ZA 226 -14.65 88.75 12.31
C SER ZA 226 -14.22 89.05 10.89
N GLN ZA 227 -14.44 90.28 10.43
CA GLN ZA 227 -14.10 90.62 9.06
C GLN ZA 227 -12.64 90.31 8.76
N LEU ZA 228 -11.80 90.30 9.80
CA LEU ZA 228 -10.39 90.05 9.59
C LEU ZA 228 -9.96 88.66 10.08
N SER ZA 229 -10.88 87.69 10.04
CA SER ZA 229 -10.50 86.31 10.35
C SER ZA 229 -9.66 85.72 9.23
N ASN ZA 230 -10.20 85.65 8.03
CA ASN ZA 230 -9.45 85.16 6.89
C ASN ZA 230 -8.28 86.10 6.63
N PRO ZA 231 -7.04 85.70 6.92
CA PRO ZA 231 -5.93 86.63 6.73
C PRO ZA 231 -5.81 87.14 5.31
N ARG ZA 232 -6.18 86.35 4.33
CA ARG ZA 232 -5.84 86.68 2.95
C ARG ZA 232 -7.03 87.16 2.12
N SER ZA 233 -8.17 87.42 2.73
CA SER ZA 233 -9.22 88.06 1.97
C SER ZA 233 -8.82 89.50 1.68
N PRO ZA 234 -9.20 90.02 0.50
CA PRO ZA 234 -8.95 91.45 0.26
C PRO ZA 234 -9.69 92.34 1.22
N LEU ZA 235 -10.75 91.85 1.85
CA LEU ZA 235 -11.31 92.56 3.00
C LEU ZA 235 -10.22 92.94 3.98
N THR ZA 236 -9.49 91.94 4.49
CA THR ZA 236 -8.42 92.22 5.43
C THR ZA 236 -7.30 92.98 4.76
N ALA ZA 237 -6.97 92.62 3.53
CA ALA ZA 237 -5.83 93.25 2.87
C ALA ZA 237 -6.01 94.76 2.77
N GLU ZA 238 -7.22 95.21 2.45
CA GLU ZA 238 -7.45 96.63 2.31
C GLU ZA 238 -7.74 97.29 3.65
N VAL ZA 239 -8.35 96.56 4.59
CA VAL ZA 239 -8.52 97.12 5.93
C VAL ZA 239 -7.17 97.42 6.55
N LEU ZA 240 -6.29 96.42 6.62
CA LEU ZA 240 -4.98 96.63 7.21
C LEU ZA 240 -4.06 97.40 6.29
N GLY ZA 241 -3.63 96.79 5.20
CA GLY ZA 241 -2.66 97.40 4.32
C GLY ZA 241 -1.29 96.77 4.45
N ASP ZA 242 -0.46 97.04 3.46
CA ASP ZA 242 0.77 96.28 3.28
C ASP ZA 242 1.69 96.39 4.49
N GLU ZA 243 1.71 97.57 5.13
CA GLU ZA 243 2.56 97.72 6.29
C GLU ZA 243 2.08 96.83 7.43
N LEU ZA 244 0.76 96.80 7.66
CA LEU ZA 244 0.26 96.01 8.77
C LEU ZA 244 0.30 94.52 8.48
N MET ZA 245 0.13 94.12 7.22
CA MET ZA 245 0.27 92.70 6.91
C MET ZA 245 1.72 92.27 7.03
N LYS ZA 246 2.65 93.10 6.56
CA LYS ZA 246 4.06 92.82 6.76
C LYS ZA 246 4.38 92.66 8.24
N ILE ZA 247 3.92 93.60 9.07
CA ILE ZA 247 4.11 93.48 10.51
C ILE ZA 247 3.53 92.18 11.01
N ARG ZA 248 2.31 91.86 10.60
CA ARG ZA 248 1.60 90.74 11.19
C ARG ZA 248 2.22 89.41 10.80
N ASP ZA 249 2.92 89.37 9.67
CA ASP ZA 249 3.61 88.17 9.22
C ASP ZA 249 5.11 88.21 9.52
N ILE ZA 250 5.57 89.26 10.20
CA ILE ZA 250 6.98 89.31 10.58
C ILE ZA 250 7.38 88.07 11.34
N LYS ZA 251 6.54 87.58 12.26
CA LYS ZA 251 6.96 86.45 13.08
C LYS ZA 251 7.08 85.17 12.28
N SER ZA 252 6.22 84.98 11.28
CA SER ZA 252 6.35 83.82 10.42
C SER ZA 252 7.61 83.91 9.57
N PHE ZA 253 7.89 85.10 9.05
CA PHE ZA 253 9.14 85.29 8.36
C PHE ZA 253 10.31 84.98 9.27
N ASP ZA 254 10.20 85.33 10.56
CA ASP ZA 254 11.27 85.04 11.50
C ASP ZA 254 11.45 83.55 11.68
N HIS ZA 255 10.35 82.80 11.75
CA HIS ZA 255 10.46 81.35 11.85
C HIS ZA 255 11.25 80.78 10.70
N CYS ZA 256 10.87 81.09 9.46
CA CYS ZA 256 11.61 80.50 8.37
C CYS ZA 256 13.07 80.96 8.37
N LYS ZA 257 13.28 82.26 8.59
CA LYS ZA 257 14.65 82.77 8.59
C LYS ZA 257 15.47 82.10 9.68
N ALA ZA 258 14.83 81.75 10.79
CA ALA ZA 258 15.53 81.10 11.89
C ALA ZA 258 15.95 79.70 11.49
N TRP ZA 259 15.01 78.91 10.94
CA TRP ZA 259 15.35 77.60 10.44
C TRP ZA 259 16.53 77.68 9.48
N PHE ZA 260 16.57 78.72 8.65
CA PHE ZA 260 17.64 78.81 7.67
C PHE ZA 260 18.97 79.26 8.28
N ASP ZA 261 18.92 80.12 9.29
CA ASP ZA 261 20.16 80.46 9.99
C ASP ZA 261 20.75 79.22 10.65
N ARG ZA 262 19.90 78.46 11.36
CA ARG ZA 262 20.36 77.25 12.03
C ARG ZA 262 20.93 76.25 11.04
N LEU ZA 263 20.23 76.04 9.94
CA LEU ZA 263 20.72 75.14 8.91
C LEU ZA 263 22.06 75.59 8.37
N GLN ZA 264 22.21 76.87 8.09
CA GLN ZA 264 23.44 77.30 7.46
C GLN ZA 264 24.61 77.20 8.43
N TYR ZA 265 24.37 77.37 9.72
CA TYR ZA 265 25.46 77.21 10.65
C TYR ZA 265 25.84 75.75 10.79
N LEU ZA 266 24.85 74.87 10.93
CA LEU ZA 266 25.14 73.44 10.99
C LEU ZA 266 25.89 73.00 9.74
N ILE ZA 267 25.65 73.68 8.63
CA ILE ZA 267 26.34 73.33 7.39
C ILE ZA 267 27.77 73.82 7.43
N LYS ZA 268 27.99 75.07 7.87
CA LYS ZA 268 29.36 75.53 8.07
C LYS ZA 268 30.12 74.59 8.98
N LEU ZA 269 29.46 74.12 10.04
CA LEU ZA 269 30.13 73.29 11.03
C LEU ZA 269 30.43 71.91 10.49
N HIS ZA 270 29.41 71.11 10.18
CA HIS ZA 270 29.59 69.73 9.77
C HIS ZA 270 29.99 69.60 8.31
N TYR ZA 271 30.26 70.71 7.63
CA TYR ZA 271 30.47 70.65 6.20
C TYR ZA 271 31.74 69.89 5.85
N ASP ZA 272 32.79 70.09 6.63
CA ASP ZA 272 33.90 69.14 6.63
C ASP ZA 272 33.47 67.98 7.51
N ALA ZA 273 33.29 66.82 6.90
CA ALA ZA 273 32.38 65.87 7.48
C ALA ZA 273 32.98 65.01 8.58
N VAL ZA 274 34.29 64.94 8.73
CA VAL ZA 274 34.86 63.92 9.61
C VAL ZA 274 35.59 64.48 10.83
N GLY ZA 275 36.20 65.66 10.73
CA GLY ZA 275 37.11 66.13 11.76
C GLY ZA 275 36.47 66.26 13.13
N ASP ZA 276 37.26 66.72 14.10
CA ASP ZA 276 36.80 66.86 15.47
C ASP ZA 276 36.60 68.33 15.80
N ILE ZA 277 35.69 68.61 16.74
CA ILE ZA 277 35.33 69.99 17.07
C ILE ZA 277 35.37 70.26 18.57
N GLY ZA 278 35.15 69.25 19.41
CA GLY ZA 278 34.98 69.50 20.82
C GLY ZA 278 35.93 68.66 21.64
N GLU ZA 279 35.57 68.47 22.91
CA GLU ZA 279 36.41 67.67 23.81
C GLU ZA 279 36.30 66.19 23.47
N PHE ZA 280 35.08 65.69 23.33
CA PHE ZA 280 34.90 64.38 22.74
C PHE ZA 280 33.70 64.33 21.80
N LYS ZA 281 33.58 65.32 20.92
CA LYS ZA 281 32.60 65.30 19.84
C LYS ZA 281 33.30 65.68 18.54
N SER ZA 282 33.09 64.88 17.51
CA SER ZA 282 33.62 65.15 16.18
C SER ZA 282 32.47 65.50 15.24
N ARG ZA 283 32.81 65.95 14.05
CA ARG ZA 283 31.79 66.37 13.12
C ARG ZA 283 31.06 65.16 12.56
N HIS ZA 284 29.77 65.05 12.87
CA HIS ZA 284 28.89 64.04 12.30
C HIS ZA 284 28.00 64.73 11.31
N THR ZA 285 27.86 64.14 10.12
CA THR ZA 285 26.85 64.64 9.20
C THR ZA 285 25.45 64.40 9.73
N GLN ZA 286 25.30 63.49 10.67
CA GLN ZA 286 23.97 63.04 11.05
C GLN ZA 286 23.20 64.11 11.81
N HIS ZA 287 23.88 65.09 12.38
CA HIS ZA 287 23.16 66.20 12.98
C HIS ZA 287 22.53 67.06 11.90
N VAL ZA 288 23.32 67.40 10.88
CA VAL ZA 288 22.77 68.14 9.75
C VAL ZA 288 21.62 67.38 9.13
N HIS ZA 289 21.80 66.08 8.95
CA HIS ZA 289 20.79 65.30 8.25
C HIS ZA 289 19.51 65.19 9.07
N GLU ZA 290 19.62 64.78 10.33
CA GLU ZA 290 18.43 64.71 11.18
C GLU ZA 290 17.76 66.07 11.31
N PHE ZA 291 18.53 67.15 11.30
CA PHE ZA 291 17.86 68.44 11.40
C PHE ZA 291 17.14 68.79 10.12
N PHE ZA 292 17.83 68.68 8.98
CA PHE ZA 292 17.23 68.98 7.69
C PHE ZA 292 15.98 68.15 7.47
N VAL ZA 293 16.03 66.89 7.89
CA VAL ZA 293 14.87 66.05 7.85
C VAL ZA 293 13.77 66.62 8.73
N ALA ZA 294 14.12 67.08 9.92
CA ALA ZA 294 13.08 67.67 10.77
C ALA ZA 294 12.48 68.90 10.12
N PHE ZA 295 13.30 69.65 9.39
CA PHE ZA 295 12.82 70.80 8.63
C PHE ZA 295 11.80 70.37 7.61
N HIS ZA 296 12.15 69.37 6.80
CA HIS ZA 296 11.24 68.93 5.77
C HIS ZA 296 9.98 68.31 6.36
N ASP ZA 297 10.11 67.62 7.48
CA ASP ZA 297 8.95 67.06 8.16
C ASP ZA 297 8.07 68.16 8.69
N ALA ZA 298 8.66 69.34 8.93
CA ALA ZA 298 7.84 70.50 9.21
C ALA ZA 298 7.14 70.98 7.96
N LEU ZA 299 7.88 71.05 6.86
CA LEU ZA 299 7.38 71.71 5.66
C LEU ZA 299 6.28 70.91 4.99
N SER ZA 300 6.32 69.59 5.08
CA SER ZA 300 5.33 68.76 4.43
C SER ZA 300 4.56 67.86 5.36
N SER ZA 301 5.24 66.95 6.06
CA SER ZA 301 4.60 65.73 6.56
C SER ZA 301 3.29 66.00 7.28
N PHE ZA 302 2.44 64.99 7.29
CA PHE ZA 302 1.03 65.25 7.51
C PHE ZA 302 0.67 65.18 8.98
N ASP ZA 303 1.66 65.18 9.86
CA ASP ZA 303 1.36 65.45 11.27
C ASP ZA 303 1.51 66.93 11.60
N PHE ZA 304 2.55 67.56 11.03
CA PHE ZA 304 2.81 68.98 11.17
C PHE ZA 304 2.80 69.58 9.77
N GLY ZA 305 1.64 69.96 9.27
CA GLY ZA 305 1.59 70.40 7.89
C GLY ZA 305 1.95 71.86 7.74
N ASP ZA 306 2.92 72.28 8.55
CA ASP ZA 306 3.19 73.69 8.74
C ASP ZA 306 4.11 74.20 7.64
N SER ZA 307 3.51 74.63 6.55
CA SER ZA 307 4.28 74.94 5.35
C SER ZA 307 4.52 76.42 5.12
N TYR ZA 308 4.06 77.30 6.01
CA TYR ZA 308 4.23 78.73 5.76
C TYR ZA 308 5.68 79.09 5.57
N LEU ZA 309 6.59 78.21 5.96
CA LEU ZA 309 7.99 78.42 5.62
C LEU ZA 309 8.16 78.46 4.10
N PHE ZA 310 7.37 77.70 3.36
CA PHE ZA 310 7.46 77.80 1.91
C PHE ZA 310 6.87 79.12 1.44
N GLU ZA 311 5.90 79.67 2.16
CA GLU ZA 311 5.49 81.02 1.83
C GLU ZA 311 6.66 81.99 1.97
N GLN ZA 312 7.43 81.84 3.04
CA GLN ZA 312 8.50 82.78 3.32
C GLN ZA 312 9.76 82.54 2.50
N PHE ZA 313 9.84 81.41 1.79
CA PHE ZA 313 11.12 80.95 1.26
C PHE ZA 313 11.93 82.04 0.59
N HIS ZA 314 11.52 82.52 -0.60
CA HIS ZA 314 12.44 83.32 -1.40
C HIS ZA 314 12.94 84.54 -0.65
N ALA ZA 315 12.27 84.90 0.44
CA ALA ZA 315 12.71 86.02 1.26
C ALA ZA 315 13.64 85.58 2.38
N ALA ZA 316 13.30 84.48 3.05
CA ALA ZA 316 14.04 84.09 4.24
C ALA ZA 316 15.22 83.18 3.91
N ARG ZA 317 15.23 82.62 2.71
CA ARG ZA 317 16.23 81.62 2.38
C ARG ZA 317 17.54 82.29 1.99
N PRO ZA 318 18.68 81.79 2.45
CA PRO ZA 318 19.95 82.38 2.06
C PRO ZA 318 20.36 81.99 0.65
N SER ZA 319 21.06 82.92 0.01
CA SER ZA 319 21.62 82.67 -1.31
C SER ZA 319 22.50 81.42 -1.31
N GLU ZA 320 23.28 81.22 -0.26
CA GLU ZA 320 24.05 80.00 -0.16
C GLU ZA 320 23.15 78.78 -0.14
N LEU ZA 321 22.18 78.76 0.77
CA LEU ZA 321 21.28 77.63 0.90
C LEU ZA 321 20.25 77.55 -0.22
N THR ZA 322 20.44 78.29 -1.31
CA THR ZA 322 19.63 78.07 -2.50
C THR ZA 322 19.86 76.69 -3.08
N ASP ZA 323 21.12 76.25 -3.14
CA ASP ZA 323 21.46 74.92 -3.67
C ASP ZA 323 21.76 74.00 -2.50
N LEU ZA 324 20.72 73.30 -2.04
CA LEU ZA 324 20.82 72.50 -0.82
C LEU ZA 324 21.62 71.23 -1.06
N PHE ZA 325 21.10 70.35 -1.90
CA PHE ZA 325 21.69 69.03 -1.94
C PHE ZA 325 23.01 69.05 -2.67
N GLY ZA 326 23.39 70.17 -3.26
CA GLY ZA 326 24.79 70.33 -3.64
C GLY ZA 326 25.70 70.30 -2.43
N ILE ZA 327 25.37 71.09 -1.41
CA ILE ZA 327 26.14 71.08 -0.18
C ILE ZA 327 26.05 69.73 0.52
N PHE ZA 328 24.88 69.07 0.46
CA PHE ZA 328 24.78 67.75 1.07
C PHE ZA 328 25.61 66.71 0.34
N LEU ZA 329 25.67 66.79 -0.99
CA LEU ZA 329 26.56 65.93 -1.74
C LEU ZA 329 27.99 66.18 -1.33
N GLU ZA 330 28.35 67.44 -1.09
CA GLU ZA 330 29.72 67.68 -0.65
C GLU ZA 330 29.95 67.14 0.75
N MET ZA 331 28.91 67.16 1.59
CA MET ZA 331 29.05 66.58 2.93
C MET ZA 331 29.35 65.11 2.84
N GLU ZA 332 28.52 64.35 2.13
CA GLU ZA 332 28.75 62.92 1.98
C GLU ZA 332 30.00 62.66 1.15
N ALA ZA 333 30.52 63.69 0.48
CA ALA ZA 333 31.79 63.55 -0.22
C ALA ZA 333 32.96 63.56 0.75
N ASN ZA 334 33.00 64.56 1.62
CA ASN ZA 334 34.03 64.67 2.63
C ASN ZA 334 33.96 63.55 3.66
N TYR ZA 335 32.78 62.95 3.84
CA TYR ZA 335 32.52 61.91 4.83
C TYR ZA 335 33.26 60.60 4.59
N VAL ZA 336 34.15 60.53 3.61
CA VAL ZA 336 34.72 59.27 3.16
C VAL ZA 336 36.13 59.04 3.68
N HIS ZA 337 36.57 59.79 4.68
CA HIS ZA 337 37.94 59.66 5.17
C HIS ZA 337 38.22 58.27 5.72
N GLU ZA 338 39.50 57.88 5.72
CA GLU ZA 338 39.87 56.52 6.09
C GLU ZA 338 40.04 56.38 7.60
N ASP ZA 339 40.29 57.47 8.29
CA ASP ZA 339 40.58 57.42 9.72
C ASP ZA 339 39.34 57.47 10.59
N TYR ZA 340 38.16 57.46 10.01
CA TYR ZA 340 36.94 57.57 10.78
C TYR ZA 340 35.98 56.48 10.37
N CYS ZA 341 35.18 56.01 11.31
CA CYS ZA 341 34.33 54.86 11.07
C CYS ZA 341 33.45 55.12 9.86
N PRO ZA 342 33.29 54.15 8.97
CA PRO ZA 342 32.44 54.40 7.81
C PRO ZA 342 30.99 54.49 8.20
N ARG ZA 343 30.64 54.06 9.41
CA ARG ZA 343 29.24 54.11 9.78
C ARG ZA 343 28.90 55.40 10.52
N CYS ZA 344 29.76 55.82 11.46
CA CYS ZA 344 29.41 56.86 12.41
C CYS ZA 344 30.30 58.09 12.35
N SER ZA 345 31.37 58.07 11.57
CA SER ZA 345 32.34 59.15 11.42
C SER ZA 345 33.20 59.35 12.66
N LEU ZA 346 32.93 58.66 13.76
CA LEU ZA 346 33.86 58.73 14.87
C LEU ZA 346 35.21 58.16 14.44
N PRO ZA 347 36.31 58.76 14.89
CA PRO ZA 347 37.62 58.36 14.38
C PRO ZA 347 38.00 56.95 14.77
N TYR ZA 348 38.99 56.40 14.07
CA TYR ZA 348 39.46 55.06 14.37
C TYR ZA 348 40.44 55.07 15.54
N SER ZA 349 41.37 56.01 15.53
CA SER ZA 349 42.42 56.04 16.54
C SER ZA 349 41.84 56.15 17.94
N THR ZA 350 40.97 57.13 18.15
CA THR ZA 350 40.60 57.51 19.50
C THR ZA 350 39.24 56.98 19.95
N THR ZA 351 38.66 56.01 19.25
CA THR ZA 351 37.38 55.42 19.62
C THR ZA 351 37.33 53.99 19.12
N ARG ZA 352 36.63 53.14 19.86
CA ARG ZA 352 36.48 51.74 19.47
C ARG ZA 352 35.05 51.36 19.17
N TYR ZA 353 34.08 51.97 19.84
CA TYR ZA 353 32.69 51.57 19.68
C TYR ZA 353 31.99 52.61 18.83
N CYS ZA 354 30.72 52.33 18.49
CA CYS ZA 354 30.04 53.18 17.53
C CYS ZA 354 28.98 54.00 18.25
N GLY ZA 355 29.24 55.30 18.39
CA GLY ZA 355 28.43 56.19 19.20
C GLY ZA 355 29.10 56.69 20.46
N GLU ZA 356 30.34 56.29 20.73
CA GLU ZA 356 31.04 56.77 21.91
C GLU ZA 356 31.21 58.27 21.84
N GLY ZA 357 30.70 58.97 22.85
CA GLY ZA 357 30.77 60.40 22.85
C GLY ZA 357 29.86 61.08 21.86
N ASP ZA 358 28.70 60.51 21.59
CA ASP ZA 358 27.70 61.13 20.73
C ASP ZA 358 26.36 61.10 21.46
N ALA ZA 359 25.95 62.25 21.95
CA ALA ZA 359 24.81 62.31 22.84
C ALA ZA 359 23.56 61.76 22.18
N ASN ZA 360 23.37 62.07 20.89
CA ASN ZA 360 22.19 61.69 20.14
C ASN ZA 360 22.50 60.69 19.04
N THR ZA 361 23.42 59.78 19.29
CA THR ZA 361 23.75 58.78 18.29
C THR ZA 361 22.59 57.80 18.13
N PRO ZA 362 22.32 57.31 16.92
CA PRO ZA 362 21.22 56.35 16.76
C PRO ZA 362 21.59 54.96 17.20
N PHE ZA 363 22.85 54.57 16.95
CA PHE ZA 363 23.29 53.20 17.17
C PHE ZA 363 23.09 52.77 18.60
N ARG ZA 364 23.78 53.41 19.52
CA ARG ZA 364 23.78 52.99 20.92
C ARG ZA 364 22.41 53.27 21.50
N LYS ZA 365 21.46 52.38 21.24
CA LYS ZA 365 20.16 52.50 21.85
C LYS ZA 365 20.32 52.25 23.34
N HIS ZA 366 19.21 52.32 24.06
CA HIS ZA 366 19.28 52.33 25.52
C HIS ZA 366 20.07 51.15 26.06
N ARG ZA 367 19.57 49.94 25.86
CA ARG ZA 367 20.24 48.75 26.35
C ARG ZA 367 21.00 48.02 25.26
N GLY ZA 368 21.18 48.65 24.11
CA GLY ZA 368 21.97 48.05 23.07
C GLY ZA 368 23.42 47.91 23.46
N ARG ZA 369 24.11 47.02 22.79
CA ARG ZA 369 25.50 46.75 23.10
C ARG ZA 369 26.37 47.58 22.18
N TRP ZA 370 27.48 48.07 22.72
CA TRP ZA 370 28.37 48.91 21.92
C TRP ZA 370 28.85 48.12 20.72
N ALA ZA 371 28.36 48.49 19.57
CA ALA ZA 371 28.78 47.81 18.39
C ALA ZA 371 30.16 48.30 18.01
N PRO ZA 372 31.10 47.41 17.84
CA PRO ZA 372 32.43 47.83 17.38
C PRO ZA 372 32.37 48.41 15.98
N HIS ZA 373 33.49 48.97 15.56
CA HIS ZA 373 33.53 49.75 14.34
C HIS ZA 373 33.59 48.87 13.10
N GLN ZA 374 33.03 49.37 12.01
CA GLN ZA 374 33.17 48.75 10.71
C GLN ZA 374 34.30 49.43 9.98
N ARG ZA 375 34.61 48.93 8.78
CA ARG ZA 375 35.81 49.35 8.10
C ARG ZA 375 35.56 49.61 6.63
N TRP ZA 376 36.16 50.69 6.13
CA TRP ZA 376 36.01 51.06 4.74
C TRP ZA 376 36.43 49.91 3.86
N GLY ZA 377 35.45 49.29 3.21
CA GLY ZA 377 35.73 48.26 2.24
C GLY ZA 377 34.78 48.48 1.10
N ARG ZA 378 34.64 47.46 0.26
CA ARG ZA 378 33.70 47.57 -0.85
C ARG ZA 378 32.29 47.81 -0.33
N GLU ZA 379 31.95 47.26 0.83
CA GLU ZA 379 30.59 47.40 1.33
C GLU ZA 379 30.24 48.87 1.58
N TRP ZA 380 30.89 49.49 2.56
CA TRP ZA 380 30.49 50.85 2.92
C TRP ZA 380 30.92 51.83 1.86
N TYR ZA 381 31.89 51.46 1.04
CA TYR ZA 381 32.11 52.21 -0.17
C TYR ZA 381 30.84 52.29 -1.01
N ALA ZA 382 30.20 51.14 -1.23
CA ALA ZA 382 28.97 51.14 -2.02
C ALA ZA 382 27.84 51.83 -1.28
N VAL ZA 383 27.82 51.76 0.05
CA VAL ZA 383 26.77 52.42 0.81
C VAL ZA 383 26.87 53.93 0.68
N VAL ZA 384 28.08 54.46 0.78
CA VAL ZA 384 28.26 55.89 0.58
C VAL ZA 384 27.85 56.28 -0.83
N ALA ZA 385 28.22 55.46 -1.82
CA ALA ZA 385 27.81 55.78 -3.19
C ALA ZA 385 26.30 55.81 -3.31
N ARG ZA 386 25.63 54.85 -2.70
CA ARG ZA 386 24.18 54.77 -2.83
C ARG ZA 386 23.51 55.91 -2.09
N ARG ZA 387 24.07 56.32 -0.96
CA ARG ZA 387 23.51 57.45 -0.24
C ARG ZA 387 23.61 58.71 -1.06
N ALA ZA 388 24.75 58.95 -1.68
CA ALA ZA 388 24.85 60.13 -2.52
C ALA ZA 388 23.93 60.04 -3.73
N GLU ZA 389 23.73 58.83 -4.26
CA GLU ZA 389 22.78 58.69 -5.35
C GLU ZA 389 21.37 59.08 -4.92
N ALA ZA 390 20.89 58.49 -3.82
CA ALA ZA 390 19.57 58.85 -3.30
C ALA ZA 390 19.49 60.35 -3.01
N LEU ZA 391 20.60 60.95 -2.59
CA LEU ZA 391 20.60 62.40 -2.42
C LEU ZA 391 20.39 63.10 -3.75
N TRP ZA 392 21.06 62.62 -4.79
CA TRP ZA 392 20.97 63.25 -6.09
C TRP ZA 392 19.55 63.20 -6.61
N TYR ZA 393 18.91 62.06 -6.46
CA TYR ZA 393 17.55 61.92 -6.94
C TYR ZA 393 16.59 62.73 -6.10
N ARG ZA 394 16.79 62.77 -4.78
CA ARG ZA 394 15.91 63.57 -3.96
C ARG ZA 394 16.14 65.05 -4.19
N ALA ZA 395 17.32 65.42 -4.72
CA ALA ZA 395 17.57 66.81 -5.08
C ALA ZA 395 16.81 67.16 -6.35
N THR ZA 396 16.77 66.23 -7.29
CA THR ZA 396 15.90 66.45 -8.44
C THR ZA 396 14.45 66.60 -7.99
N GLU ZA 397 14.00 65.72 -7.10
CA GLU ZA 397 12.56 65.55 -6.93
C GLU ZA 397 11.99 66.48 -5.88
N ASP ZA 398 12.76 66.80 -4.87
CA ASP ZA 398 12.19 67.41 -3.69
C ASP ZA 398 11.52 68.73 -4.07
N PRO ZA 399 10.31 68.98 -3.61
CA PRO ZA 399 9.59 70.15 -4.10
C PRO ZA 399 9.99 71.43 -3.39
N TYR ZA 400 10.47 71.30 -2.16
CA TYR ZA 400 10.82 72.48 -1.38
C TYR ZA 400 12.27 72.87 -1.60
N PHE ZA 401 13.19 71.98 -1.31
CA PHE ZA 401 14.61 72.27 -1.43
C PHE ZA 401 15.20 71.75 -2.71
N GLY ZA 402 14.41 71.24 -3.60
CA GLY ZA 402 14.97 70.65 -4.79
C GLY ZA 402 15.03 71.62 -5.92
N THR ZA 403 16.05 71.44 -6.74
CA THR ZA 403 16.30 72.34 -7.84
C THR ZA 403 15.92 71.68 -9.15
N PRO ZA 404 15.19 72.38 -10.01
CA PRO ZA 404 14.68 71.73 -11.23
C PRO ZA 404 15.77 71.16 -12.11
N GLN ZA 405 16.72 71.99 -12.52
CA GLN ZA 405 17.86 71.52 -13.28
C GLN ZA 405 19.05 71.39 -12.34
N HIS ZA 406 19.75 70.26 -12.47
CA HIS ZA 406 20.88 69.97 -11.59
C HIS ZA 406 21.96 71.05 -11.73
N THR ZA 407 22.57 71.41 -10.61
CA THR ZA 407 23.61 72.41 -10.66
C THR ZA 407 24.94 71.73 -10.91
N GLN ZA 408 25.83 72.42 -11.64
CA GLN ZA 408 27.17 71.88 -11.82
C GLN ZA 408 27.84 71.68 -10.49
N ARG ZA 409 27.34 72.35 -9.45
CA ARG ZA 409 27.80 72.09 -8.11
C ARG ZA 409 27.38 70.70 -7.65
N GLN ZA 410 26.10 70.38 -7.79
CA GLN ZA 410 25.65 69.04 -7.39
C GLN ZA 410 26.31 67.98 -8.25
N ALA ZA 411 26.52 68.26 -9.52
CA ALA ZA 411 27.16 67.28 -10.40
C ALA ZA 411 28.60 67.04 -10.01
N GLU ZA 412 29.39 68.10 -9.88
CA GLU ZA 412 30.77 67.92 -9.48
C GLU ZA 412 30.88 67.32 -8.10
N ALA ZA 413 29.93 67.64 -7.21
CA ALA ZA 413 29.95 67.09 -5.87
C ALA ZA 413 29.70 65.60 -5.89
N LEU ZA 414 28.73 65.15 -6.69
CA LEU ZA 414 28.50 63.72 -6.85
C LEU ZA 414 29.68 63.06 -7.52
N LEU ZA 415 30.28 63.73 -8.49
CA LEU ZA 415 31.47 63.16 -9.09
C LEU ZA 415 32.51 62.90 -8.04
N ARG ZA 416 32.74 63.87 -7.16
CA ARG ZA 416 33.79 63.69 -6.16
C ARG ZA 416 33.36 62.71 -5.09
N VAL ZA 417 32.06 62.50 -4.91
CA VAL ZA 417 31.64 61.39 -4.05
C VAL ZA 417 32.07 60.07 -4.66
N TYR ZA 418 31.81 59.87 -5.96
CA TYR ZA 418 32.22 58.64 -6.63
C TYR ZA 418 33.73 58.53 -6.67
N VAL ZA 419 34.41 59.66 -6.84
CA VAL ZA 419 35.86 59.69 -6.81
C VAL ZA 419 36.36 59.28 -5.44
N GLN ZA 420 35.64 59.69 -4.40
CA GLN ZA 420 36.00 59.28 -3.06
C GLN ZA 420 35.86 57.78 -2.92
N THR ZA 421 34.64 57.28 -2.93
CA THR ZA 421 34.42 55.86 -2.69
C THR ZA 421 34.87 54.96 -3.83
N LYS ZA 422 35.52 55.51 -4.85
CA LYS ZA 422 36.27 54.72 -5.81
C LYS ZA 422 35.39 53.74 -6.58
N GLN ZA 423 34.27 54.21 -7.10
CA GLN ZA 423 33.33 53.35 -7.83
C GLN ZA 423 33.62 53.47 -9.32
N ARG ZA 424 34.31 52.47 -9.88
CA ARG ZA 424 34.77 52.61 -11.25
C ARG ZA 424 33.61 52.64 -12.22
N GLY ZA 425 32.80 51.59 -12.23
CA GLY ZA 425 31.71 51.51 -13.18
C GLY ZA 425 30.69 52.61 -12.98
N LYS ZA 426 30.42 52.96 -11.72
CA LYS ZA 426 29.49 54.03 -11.45
C LYS ZA 426 30.01 55.35 -12.01
N ALA ZA 427 31.27 55.68 -11.74
CA ALA ZA 427 31.81 56.94 -12.24
C ALA ZA 427 31.80 56.98 -13.75
N ILE ZA 428 32.08 55.85 -14.40
CA ILE ZA 428 32.03 55.85 -15.86
C ILE ZA 428 30.61 56.12 -16.35
N ASP ZA 429 29.64 55.33 -15.87
CA ASP ZA 429 28.27 55.55 -16.32
C ASP ZA 429 27.82 56.97 -16.02
N PHE ZA 430 28.34 57.56 -14.95
CA PHE ZA 430 27.86 58.88 -14.57
C PHE ZA 430 28.43 59.95 -15.47
N MET ZA 431 29.72 59.86 -15.77
CA MET ZA 431 30.27 60.78 -16.77
C MET ZA 431 29.52 60.65 -18.08
N ASN ZA 432 29.16 59.42 -18.47
CA ASN ZA 432 28.44 59.26 -19.72
C ASN ZA 432 27.04 59.87 -19.66
N ALA ZA 433 26.28 59.57 -18.61
CA ALA ZA 433 24.95 60.17 -18.44
C ALA ZA 433 25.05 61.68 -18.32
N LEU ZA 434 26.19 62.19 -17.86
CA LEU ZA 434 26.44 63.61 -18.01
C LEU ZA 434 26.53 63.98 -19.48
N ARG ZA 435 27.38 63.29 -20.22
CA ARG ZA 435 27.52 63.59 -21.63
C ARG ZA 435 26.17 63.54 -22.34
N GLY ZA 436 25.21 62.84 -21.76
CA GLY ZA 436 23.91 62.73 -22.38
C GLY ZA 436 22.77 63.47 -21.72
N SER ZA 437 23.02 64.22 -20.66
CA SER ZA 437 21.96 64.87 -19.91
C SER ZA 437 21.22 65.92 -20.73
N LYS ZA 438 20.20 66.52 -20.11
CA LYS ZA 438 19.56 67.70 -20.70
C LYS ZA 438 20.34 68.96 -20.36
N GLU ZA 439 20.88 69.03 -19.14
CA GLU ZA 439 21.65 70.19 -18.75
C GLU ZA 439 22.94 70.29 -19.54
N PHE ZA 440 23.64 69.16 -19.71
CA PHE ZA 440 24.83 69.16 -20.55
C PHE ZA 440 24.51 69.73 -21.91
N LEU ZA 441 23.54 69.13 -22.61
CA LEU ZA 441 23.17 69.57 -23.95
C LEU ZA 441 22.82 71.05 -23.98
N LEU ZA 442 22.02 71.51 -23.03
CA LEU ZA 442 21.78 72.95 -22.96
C LEU ZA 442 23.06 73.73 -22.73
N GLY ZA 443 24.10 73.09 -22.23
CA GLY ZA 443 25.32 73.78 -21.89
C GLY ZA 443 25.28 74.46 -20.56
N SER ZA 444 24.26 74.21 -19.75
CA SER ZA 444 24.18 74.85 -18.45
C SER ZA 444 25.15 74.22 -17.47
N ILE ZA 445 25.21 72.88 -17.47
CA ILE ZA 445 26.13 72.13 -16.62
C ILE ZA 445 27.24 71.60 -17.50
N CYS ZA 446 28.47 71.71 -17.03
CA CYS ZA 446 29.63 71.37 -17.82
C CYS ZA 446 30.50 70.40 -17.02
N ILE ZA 447 31.32 69.62 -17.72
CA ILE ZA 447 32.32 68.81 -17.05
C ILE ZA 447 33.59 69.65 -16.84
N THR ZA 448 33.81 70.06 -15.60
CA THR ZA 448 34.92 70.95 -15.29
C THR ZA 448 36.24 70.27 -15.62
N PRO ZA 449 37.32 71.06 -15.77
CA PRO ZA 449 38.65 70.45 -15.86
C PRO ZA 449 38.98 69.63 -14.63
N GLU ZA 450 38.58 70.12 -13.47
CA GLU ZA 450 38.73 69.36 -12.24
C GLU ZA 450 37.99 68.03 -12.34
N MET ZA 451 36.76 68.07 -12.86
CA MET ZA 451 36.00 66.84 -12.99
C MET ZA 451 36.72 65.86 -13.91
N GLN ZA 452 37.13 66.32 -15.08
CA GLN ZA 452 37.80 65.44 -16.02
C GLN ZA 452 39.04 64.82 -15.40
N GLU ZA 453 39.90 65.65 -14.78
CA GLU ZA 453 41.16 65.12 -14.29
C GLU ZA 453 40.96 64.20 -13.09
N SER ZA 454 40.04 64.55 -12.19
CA SER ZA 454 39.79 63.70 -11.03
C SER ZA 454 39.17 62.37 -11.45
N TYR ZA 455 38.23 62.41 -12.39
CA TYR ZA 455 37.61 61.20 -12.86
C TYR ZA 455 38.61 60.33 -13.61
N ASP ZA 456 39.46 60.95 -14.41
CA ASP ZA 456 40.52 60.19 -15.06
C ASP ZA 456 41.43 59.56 -14.02
N ARG ZA 457 41.73 60.29 -12.94
CA ARG ZA 457 42.61 59.75 -11.91
C ARG ZA 457 41.95 58.59 -11.19
N LEU ZA 458 40.64 58.62 -11.01
CA LEU ZA 458 39.95 57.45 -10.49
C LEU ZA 458 40.06 56.27 -11.45
N LEU ZA 459 39.83 56.50 -12.74
CA LEU ZA 459 39.87 55.41 -13.71
C LEU ZA 459 41.30 54.89 -13.87
N ASP ZA 460 42.28 55.64 -13.40
CA ASP ZA 460 43.65 55.13 -13.35
C ASP ZA 460 43.88 54.32 -12.08
N THR ZA 461 43.73 54.95 -10.92
CA THR ZA 461 44.05 54.28 -9.67
C THR ZA 461 43.25 53.01 -9.49
N THR ZA 462 41.97 53.05 -9.85
CA THR ZA 462 41.08 51.94 -9.62
C THR ZA 462 41.37 50.79 -10.58
N PRO ZA 463 41.01 49.56 -10.21
CA PRO ZA 463 41.45 48.40 -10.98
C PRO ZA 463 40.47 48.01 -12.09
N HIS ZA 464 41.02 47.62 -13.24
CA HIS ZA 464 40.24 47.23 -14.40
C HIS ZA 464 39.93 45.74 -14.34
N PRO ZA 465 38.85 45.29 -14.98
CA PRO ZA 465 38.55 43.84 -14.98
C PRO ZA 465 39.46 43.04 -15.90
N HIS ZA 466 39.89 43.61 -17.01
CA HIS ZA 466 40.83 42.93 -17.89
C HIS ZA 466 42.22 43.53 -17.85
N LEU ZA 467 42.36 44.79 -17.51
CA LEU ZA 467 43.63 45.45 -17.70
C LEU ZA 467 44.30 45.75 -16.37
N LEU ZA 468 45.63 45.84 -16.44
CA LEU ZA 468 46.37 46.46 -15.36
C LEU ZA 468 46.19 47.96 -15.47
N THR ZA 469 45.74 48.57 -14.39
CA THR ZA 469 45.59 50.01 -14.37
C THR ZA 469 46.82 50.63 -13.75
N ASN ZA 470 47.07 51.87 -14.12
CA ASN ZA 470 48.08 52.63 -13.43
C ASN ZA 470 47.72 52.66 -11.95
N GLY ZA 471 48.41 51.83 -11.18
CA GLY ZA 471 47.96 51.51 -9.85
C GLY ZA 471 47.96 50.03 -9.52
N PHE ZA 472 48.64 49.21 -10.33
CA PHE ZA 472 48.92 47.83 -9.94
C PHE ZA 472 50.35 47.74 -9.45
N THR ZA 473 50.53 47.30 -8.22
CA THR ZA 473 51.85 47.25 -7.59
C THR ZA 473 52.34 45.81 -7.57
N LEU ZA 474 53.49 45.57 -8.19
CA LEU ZA 474 53.97 44.22 -8.40
C LEU ZA 474 54.19 43.49 -7.09
N GLU ZA 475 54.17 42.16 -7.16
CA GLU ZA 475 54.59 41.29 -6.08
C GLU ZA 475 55.87 40.59 -6.52
N SER ZA 476 56.96 40.81 -5.79
CA SER ZA 476 58.22 40.16 -6.17
C SER ZA 476 58.08 38.65 -6.11
N ASN ZA 477 57.12 38.16 -5.34
CA ASN ZA 477 56.95 36.73 -5.17
C ASN ZA 477 56.08 36.12 -6.26
N ALA ZA 478 55.30 36.94 -6.95
CA ALA ZA 478 54.38 36.41 -7.95
C ALA ZA 478 55.08 35.54 -8.96
N ALA ZA 479 56.40 35.67 -9.09
CA ALA ZA 479 57.14 34.74 -9.93
C ALA ZA 479 56.88 33.30 -9.51
N LYS ZA 480 56.40 33.10 -8.28
CA LYS ZA 480 55.81 31.81 -7.91
C LYS ZA 480 54.99 31.26 -9.06
N TYR ZA 481 54.10 32.07 -9.59
CA TYR ZA 481 53.13 31.66 -10.59
C TYR ZA 481 53.49 32.14 -11.98
N THR ZA 482 53.72 33.44 -12.14
CA THR ZA 482 53.95 33.96 -13.48
C THR ZA 482 55.30 33.51 -14.01
N GLY ZA 483 56.26 33.25 -13.13
CA GLY ZA 483 57.58 32.86 -13.53
C GLY ZA 483 58.54 34.00 -13.78
N GLU ZA 484 58.16 35.22 -13.46
CA GLU ZA 484 58.98 36.40 -13.72
C GLU ZA 484 58.92 37.32 -12.52
N VAL ZA 485 60.06 37.93 -12.20
CA VAL ZA 485 60.12 38.84 -11.06
C VAL ZA 485 59.98 40.29 -11.51
N GLN ZA 486 60.39 40.59 -12.75
CA GLN ZA 486 60.36 41.97 -13.20
C GLN ZA 486 59.09 42.29 -13.98
N LYS ZA 487 58.80 41.53 -15.03
CA LYS ZA 487 57.62 41.84 -15.82
C LYS ZA 487 56.35 41.63 -15.01
N VAL ZA 488 55.30 42.36 -15.37
CA VAL ZA 488 54.02 42.23 -14.70
C VAL ZA 488 53.25 41.12 -15.40
N PRO ZA 489 52.46 40.34 -14.70
CA PRO ZA 489 51.92 39.11 -15.29
C PRO ZA 489 50.99 39.33 -16.47
N PHE ZA 490 50.89 40.55 -16.99
CA PHE ZA 490 50.06 40.74 -18.16
C PHE ZA 490 50.91 40.93 -19.41
N SER ZA 491 50.47 40.27 -20.47
CA SER ZA 491 51.08 40.38 -21.79
C SER ZA 491 50.01 40.89 -22.73
N PRO ZA 492 49.99 42.19 -23.04
CA PRO ZA 492 48.95 42.70 -23.94
C PRO ZA 492 49.01 42.10 -25.32
N LEU ZA 493 50.19 41.74 -25.81
CA LEU ZA 493 50.25 41.06 -27.09
C LEU ZA 493 49.44 39.77 -27.06
N GLN ZA 494 49.68 38.94 -26.05
CA GLN ZA 494 48.94 37.68 -25.99
C GLN ZA 494 47.46 37.91 -25.66
N PHE ZA 495 47.15 38.96 -24.90
CA PHE ZA 495 45.75 39.22 -24.57
C PHE ZA 495 44.96 39.68 -25.79
N ARG ZA 496 45.56 40.54 -26.62
CA ARG ZA 496 44.91 40.97 -27.84
C ARG ZA 496 44.77 39.81 -28.80
N ILE ZA 497 45.81 38.99 -28.93
CA ILE ZA 497 45.66 37.80 -29.74
C ILE ZA 497 44.53 36.95 -29.18
N ASP ZA 498 44.40 36.93 -27.85
CA ASP ZA 498 43.28 36.20 -27.23
C ASP ZA 498 41.94 36.81 -27.63
N MET ZA 499 41.88 38.14 -27.68
CA MET ZA 499 40.63 38.79 -28.06
C MET ZA 499 40.26 38.46 -29.49
N GLU ZA 500 41.21 38.53 -30.40
CA GLU ZA 500 40.93 38.14 -31.78
C GLU ZA 500 40.45 36.71 -31.83
N MET ZA 501 41.17 35.81 -31.18
CA MET ZA 501 40.78 34.41 -31.25
C MET ZA 501 39.42 34.21 -30.62
N ASN ZA 502 39.06 35.03 -29.63
CA ASN ZA 502 37.74 34.87 -29.02
C ASN ZA 502 36.63 35.41 -29.89
N LYS ZA 503 36.88 36.49 -30.62
CA LYS ZA 503 35.94 36.92 -31.65
C LYS ZA 503 35.72 35.81 -32.65
N TYR ZA 504 36.80 35.19 -33.12
CA TYR ZA 504 36.65 34.10 -34.05
C TYR ZA 504 35.91 32.94 -33.41
N ARG ZA 505 36.14 32.71 -32.12
CA ARG ZA 505 35.47 31.60 -31.46
C ARG ZA 505 33.98 31.87 -31.33
N ARG ZA 506 33.62 33.08 -30.96
CA ARG ZA 506 32.20 33.42 -30.83
C ARG ZA 506 31.49 33.35 -32.17
N GLN ZA 507 32.14 33.80 -33.24
CA GLN ZA 507 31.47 33.70 -34.53
C GLN ZA 507 31.37 32.26 -34.99
N GLN ZA 508 32.35 31.44 -34.66
CA GLN ZA 508 32.19 30.03 -34.95
C GLN ZA 508 31.01 29.47 -34.18
N LYS ZA 509 30.73 30.01 -33.00
CA LYS ZA 509 29.59 29.50 -32.25
C LYS ZA 509 28.27 30.05 -32.78
N GLU ZA 510 28.23 31.34 -33.13
CA GLU ZA 510 27.01 31.96 -33.66
C GLU ZA 510 26.62 31.33 -34.99
N GLU ZA 511 27.56 31.27 -35.93
CA GLU ZA 511 27.32 30.80 -37.29
C GLU ZA 511 27.56 29.31 -37.50
N GLY ZA 512 28.42 28.69 -36.72
CA GLY ZA 512 28.81 27.33 -36.99
C GLY ZA 512 30.03 27.19 -37.86
N ALA ZA 513 30.28 28.17 -38.71
CA ALA ZA 513 31.50 28.23 -39.52
C ALA ZA 513 32.16 29.56 -39.26
N VAL ZA 514 33.26 29.79 -39.98
CA VAL ZA 514 34.09 30.95 -39.77
C VAL ZA 514 34.77 31.27 -41.09
N ARG ZA 515 34.78 32.52 -41.47
CA ARG ZA 515 35.46 32.89 -42.70
C ARG ZA 515 36.95 32.84 -42.50
N VAL ZA 516 37.61 32.01 -43.30
CA VAL ZA 516 39.05 31.86 -43.13
C VAL ZA 516 39.74 33.18 -43.47
N PRO ZA 517 40.33 33.87 -42.51
CA PRO ZA 517 40.89 35.17 -42.77
C PRO ZA 517 42.00 35.09 -43.81
N PRO ZA 518 41.96 35.92 -44.83
CA PRO ZA 518 42.78 35.69 -46.03
C PRO ZA 518 44.25 35.50 -45.73
N ALA ZA 519 44.94 34.91 -46.71
CA ALA ZA 519 46.40 34.86 -46.65
C ALA ZA 519 46.98 36.26 -46.65
N MET ZA 520 46.16 37.25 -46.97
CA MET ZA 520 46.56 38.63 -46.76
C MET ZA 520 46.33 39.09 -45.33
N TRP ZA 521 45.58 38.32 -44.53
CA TRP ZA 521 45.30 38.72 -43.15
C TRP ZA 521 46.51 38.44 -42.28
N ARG ZA 522 47.33 39.47 -42.09
CA ARG ZA 522 48.47 39.39 -41.19
C ARG ZA 522 48.23 40.38 -40.07
N ILE ZA 523 48.03 39.88 -38.86
CA ILE ZA 523 47.78 40.76 -37.73
C ILE ZA 523 48.95 41.72 -37.58
N ASP ZA 524 48.64 43.01 -37.54
CA ASP ZA 524 49.59 43.99 -37.04
C ASP ZA 524 49.49 44.00 -35.52
N THR ZA 525 50.64 44.04 -34.87
CA THR ZA 525 50.72 44.08 -33.41
C THR ZA 525 51.65 45.17 -32.93
N SER ZA 526 52.10 46.04 -33.83
CA SER ZA 526 53.05 47.07 -33.46
C SER ZA 526 52.46 48.03 -32.44
N ALA ZA 527 51.19 48.40 -32.62
CA ALA ZA 527 50.58 49.39 -31.75
C ALA ZA 527 50.46 48.86 -30.34
N ILE ZA 528 50.37 47.55 -30.18
CA ILE ZA 528 50.39 46.94 -28.86
C ILE ZA 528 51.75 47.20 -28.22
N VAL ZA 529 51.74 47.65 -26.97
CA VAL ZA 529 53.00 47.77 -26.24
C VAL ZA 529 52.87 47.11 -24.88
N PRO ZA 530 53.79 46.24 -24.50
CA PRO ZA 530 53.79 45.71 -23.14
C PRO ZA 530 53.95 46.81 -22.10
N TYR ZA 531 53.66 46.45 -20.86
CA TYR ZA 531 53.55 47.44 -19.80
C TYR ZA 531 54.90 48.05 -19.46
N LYS ZA 532 54.87 49.21 -18.78
CA LYS ZA 532 56.04 49.81 -18.16
C LYS ZA 532 55.75 50.02 -16.68
N VAL ZA 533 56.67 49.60 -15.83
CA VAL ZA 533 56.46 49.53 -14.39
C VAL ZA 533 57.45 50.46 -13.69
N ASP ZA 534 56.95 51.52 -13.08
CA ASP ZA 534 57.84 52.49 -12.46
C ASP ZA 534 58.60 51.84 -11.32
N PRO ZA 535 59.92 51.99 -11.26
CA PRO ZA 535 60.71 51.19 -10.30
C PRO ZA 535 60.44 51.56 -8.86
N LYS ZA 536 60.53 52.85 -8.52
CA LYS ZA 536 60.45 53.26 -7.14
C LYS ZA 536 59.12 52.87 -6.52
N THR ZA 537 58.15 52.52 -7.35
CA THR ZA 537 56.81 52.21 -6.86
C THR ZA 537 56.29 50.86 -7.31
N LYS ZA 538 56.85 50.29 -8.39
CA LYS ZA 538 56.39 49.02 -8.96
C LYS ZA 538 54.92 49.10 -9.41
N ARG ZA 539 54.42 50.31 -9.58
CA ARG ZA 539 53.10 50.53 -10.14
C ARG ZA 539 53.25 50.94 -11.59
N VAL ZA 540 52.22 50.67 -12.38
CA VAL ZA 540 52.32 50.87 -13.82
C VAL ZA 540 52.42 52.37 -14.11
N ILE ZA 541 53.13 52.72 -15.18
CA ILE ZA 541 53.18 54.12 -15.61
C ILE ZA 541 52.24 54.36 -16.78
N ASN ZA 542 52.10 53.38 -17.67
CA ASN ZA 542 51.47 53.59 -18.97
C ASN ZA 542 50.28 52.64 -19.12
N TRP ZA 543 49.20 52.93 -18.41
CA TRP ZA 543 48.09 51.99 -18.45
C TRP ZA 543 47.13 52.33 -19.58
N ARG ZA 544 46.72 53.60 -19.65
CA ARG ZA 544 45.92 54.03 -20.79
C ARG ZA 544 46.72 53.89 -22.07
N GLU ZA 545 48.04 54.03 -21.99
CA GLU ZA 545 48.89 53.77 -23.14
C GLU ZA 545 48.74 52.34 -23.62
N VAL ZA 546 48.97 51.38 -22.73
CA VAL ZA 546 48.80 50.00 -23.15
C VAL ZA 546 47.42 49.78 -23.73
N LYS ZA 547 46.39 50.35 -23.08
CA LYS ZA 547 45.02 50.11 -23.50
C LYS ZA 547 44.77 50.64 -24.90
N GLU ZA 548 45.16 51.88 -25.18
CA GLU ZA 548 44.91 52.44 -26.51
C GLU ZA 548 45.70 51.70 -27.58
N GLY ZA 549 46.91 51.24 -27.23
CA GLY ZA 549 47.60 50.35 -28.15
C GLY ZA 549 46.77 49.14 -28.50
N ILE ZA 550 46.23 48.46 -27.48
CA ILE ZA 550 45.47 47.24 -27.74
C ILE ZA 550 44.24 47.54 -28.57
N GLU ZA 551 43.54 48.61 -28.26
CA GLU ZA 551 42.29 48.90 -28.96
C GLU ZA 551 42.55 49.31 -30.39
N LYS ZA 552 43.65 50.03 -30.65
CA LYS ZA 552 44.04 50.31 -32.02
C LYS ZA 552 44.35 49.02 -32.77
N SER ZA 553 45.07 48.10 -32.12
CA SER ZA 553 45.39 46.85 -32.78
C SER ZA 553 44.14 46.00 -33.00
N PHE ZA 554 43.11 46.19 -32.20
CA PHE ZA 554 41.90 45.43 -32.46
C PHE ZA 554 41.14 46.02 -33.62
N LEU ZA 555 41.00 47.34 -33.65
CA LEU ZA 555 40.29 47.95 -34.76
C LEU ZA 555 40.94 47.61 -36.09
N SER ZA 556 42.28 47.68 -36.14
CA SER ZA 556 42.97 47.50 -37.41
C SER ZA 556 42.91 46.06 -37.90
N THR ZA 557 42.33 45.87 -39.08
CA THR ZA 557 42.30 44.58 -39.74
C THR ZA 557 43.68 44.29 -40.32
N GLY ZA 558 44.01 43.02 -40.46
CA GLY ZA 558 45.37 42.68 -40.79
C GLY ZA 558 45.74 42.46 -42.25
N LEU ZA 559 45.24 43.30 -43.16
CA LEU ZA 559 45.58 43.08 -44.55
C LEU ZA 559 45.70 44.39 -45.30
N PRO ZA 560 46.80 44.56 -46.03
CA PRO ZA 560 47.04 45.81 -46.77
C PRO ZA 560 46.38 45.82 -48.14
N LYS ZA 561 46.71 46.87 -48.89
CA LYS ZA 561 45.98 47.24 -50.11
C LYS ZA 561 45.94 46.11 -51.13
N GLU ZA 562 46.99 45.30 -51.20
CA GLU ZA 562 47.10 44.30 -52.27
C GLU ZA 562 46.02 43.23 -52.14
N ALA ZA 563 45.25 43.25 -51.06
CA ALA ZA 563 44.07 42.39 -51.00
C ALA ZA 563 42.90 43.02 -51.74
N TYR ZA 564 42.82 44.34 -51.72
CA TYR ZA 564 41.63 45.04 -52.15
C TYR ZA 564 41.72 45.50 -53.61
N THR ZA 565 40.68 45.17 -54.37
CA THR ZA 565 40.51 45.69 -55.71
C THR ZA 565 40.60 47.21 -55.68
N GLY ZA 566 41.17 47.78 -56.74
CA GLY ZA 566 41.27 49.22 -56.82
C GLY ZA 566 39.91 49.91 -56.77
N SER ZA 567 38.86 49.20 -57.18
CA SER ZA 567 37.51 49.73 -56.98
C SER ZA 567 37.18 49.80 -55.50
N GLU ZA 568 37.39 48.69 -54.79
CA GLU ZA 568 37.29 48.73 -53.34
C GLU ZA 568 38.12 49.86 -52.77
N TRP ZA 569 39.38 49.91 -53.15
CA TRP ZA 569 40.27 50.91 -52.56
C TRP ZA 569 39.74 52.32 -52.79
N ARG ZA 570 39.28 52.60 -54.01
CA ARG ZA 570 38.92 53.97 -54.35
C ARG ZA 570 37.62 54.37 -53.68
N GLU ZA 571 36.63 53.50 -53.71
CA GLU ZA 571 35.41 53.80 -52.99
C GLU ZA 571 35.71 54.02 -51.53
N MET ZA 572 36.61 53.21 -50.98
CA MET ZA 572 36.94 53.35 -49.57
C MET ZA 572 37.57 54.69 -49.28
N LEU ZA 573 38.55 55.09 -50.08
CA LEU ZA 573 39.19 56.38 -49.86
C LEU ZA 573 38.16 57.50 -49.97
N HIS ZA 574 37.22 57.37 -50.89
CA HIS ZA 574 36.19 58.39 -51.05
C HIS ZA 574 35.32 58.48 -49.80
N LEU ZA 575 34.90 57.33 -49.26
CA LEU ZA 575 34.10 57.34 -48.04
C LEU ZA 575 34.88 57.98 -46.90
N LYS ZA 576 36.15 57.61 -46.77
CA LYS ZA 576 37.00 58.20 -45.74
C LYS ZA 576 37.00 59.72 -45.86
N SER ZA 577 37.26 60.21 -47.08
CA SER ZA 577 37.31 61.65 -47.30
C SER ZA 577 35.97 62.31 -47.02
N ILE ZA 578 34.88 61.62 -47.32
CA ILE ZA 578 33.55 62.16 -47.09
C ILE ZA 578 33.32 62.38 -45.59
N ILE ZA 579 33.64 61.38 -44.78
CA ILE ZA 579 33.46 61.53 -43.35
C ILE ZA 579 34.53 62.43 -42.77
N ALA ZA 580 35.59 62.69 -43.54
CA ALA ZA 580 36.58 63.68 -43.13
C ALA ZA 580 36.06 65.10 -43.31
N GLY ZA 581 35.30 65.33 -44.36
CA GLY ZA 581 34.77 66.66 -44.61
C GLY ZA 581 33.36 66.88 -44.13
N ARG ZA 582 32.73 65.88 -43.49
CA ARG ZA 582 31.33 66.02 -43.08
C ARG ZA 582 31.14 67.23 -42.18
N ALA ZA 583 32.05 67.47 -41.25
CA ALA ZA 583 31.94 68.64 -40.38
C ALA ZA 583 31.93 69.92 -41.19
N ALA ZA 584 32.96 70.11 -42.03
CA ALA ZA 584 32.99 71.30 -42.88
C ALA ZA 584 31.85 71.27 -43.89
N LYS ZA 585 31.37 70.08 -44.24
CA LYS ZA 585 30.25 70.04 -45.19
C LYS ZA 585 28.99 70.65 -44.60
N ALA ZA 586 28.58 70.19 -43.41
CA ALA ZA 586 27.43 70.80 -42.77
C ALA ZA 586 27.67 72.28 -42.51
N ALA ZA 587 28.92 72.63 -42.15
CA ALA ZA 587 29.24 74.04 -41.94
C ALA ZA 587 28.96 74.87 -43.18
N GLU ZA 588 29.70 74.61 -44.25
CA GLU ZA 588 29.57 75.42 -45.46
C GLU ZA 588 28.18 75.33 -46.04
N LEU ZA 589 27.53 74.18 -45.92
CA LEU ZA 589 26.20 74.05 -46.48
C LEU ZA 589 25.21 74.94 -45.75
N GLU ZA 590 25.27 75.00 -44.42
CA GLU ZA 590 24.35 75.88 -43.71
C GLU ZA 590 24.70 77.34 -43.97
N ARG ZA 591 25.99 77.65 -44.01
CA ARG ZA 591 26.41 79.01 -44.34
C ARG ZA 591 25.83 79.44 -45.69
N ARG ZA 592 25.99 78.57 -46.70
CA ARG ZA 592 25.51 78.84 -48.05
C ARG ZA 592 24.00 78.94 -48.08
N LEU ZA 593 23.32 78.04 -47.35
CA LEU ZA 593 21.88 78.11 -47.26
C LEU ZA 593 21.44 79.45 -46.70
N HIS ZA 594 22.16 79.95 -45.71
CA HIS ZA 594 21.75 81.22 -45.13
C HIS ZA 594 22.05 82.38 -46.05
N THR ZA 595 23.13 82.29 -46.85
CA THR ZA 595 23.40 83.35 -47.80
C THR ZA 595 22.30 83.43 -48.84
N ASP ZA 596 21.94 82.29 -49.42
CA ASP ZA 596 20.81 82.30 -50.36
C ASP ZA 596 19.52 82.72 -49.66
N LYS ZA 597 19.37 82.37 -48.38
CA LYS ZA 597 18.19 82.79 -47.65
C LYS ZA 597 18.14 84.30 -47.47
N VAL ZA 598 19.26 84.91 -47.11
CA VAL ZA 598 19.26 86.35 -46.91
C VAL ZA 598 19.13 87.05 -48.25
N LYS ZA 599 19.56 86.39 -49.32
CA LYS ZA 599 19.20 86.86 -50.65
C LYS ZA 599 17.69 86.91 -50.82
N LEU ZA 600 17.00 85.84 -50.38
CA LEU ZA 600 15.54 85.85 -50.39
C LEU ZA 600 14.97 86.98 -49.55
N LEU ZA 601 15.41 87.08 -48.29
CA LEU ZA 601 14.93 88.11 -47.39
C LEU ZA 601 15.14 89.50 -47.98
N GLU ZA 602 16.26 89.67 -48.70
CA GLU ZA 602 16.58 90.95 -49.29
C GLU ZA 602 15.63 91.27 -50.44
N VAL ZA 603 15.42 90.33 -51.35
CA VAL ZA 603 14.50 90.61 -52.45
C VAL ZA 603 13.11 90.90 -51.90
N SER ZA 604 12.73 90.22 -50.82
CA SER ZA 604 11.40 90.42 -50.26
C SER ZA 604 11.29 91.78 -49.57
N SER ZA 605 12.37 92.20 -48.89
CA SER ZA 605 12.32 93.44 -48.13
C SER ZA 605 12.39 94.65 -49.05
N LYS ZA 606 13.40 94.71 -49.91
CA LYS ZA 606 13.64 95.85 -50.78
C LYS ZA 606 13.16 95.52 -52.18
N SER ZA 607 12.52 96.49 -52.84
CA SER ZA 607 12.25 97.79 -52.24
C SER ZA 607 10.90 97.74 -51.53
N LYS ZA 608 10.42 98.91 -51.09
CA LYS ZA 608 9.09 98.98 -50.48
C LYS ZA 608 8.01 98.58 -51.47
N ILE ZA 609 8.23 98.85 -52.76
CA ILE ZA 609 7.28 98.39 -53.78
C ILE ZA 609 7.38 96.88 -53.97
N ALA ZA 610 8.60 96.33 -53.87
CA ALA ZA 610 8.74 94.88 -53.95
C ALA ZA 610 8.05 94.19 -52.77
N SER ZA 611 8.14 94.80 -51.59
CA SER ZA 611 7.40 94.29 -50.44
C SER ZA 611 5.90 94.42 -50.65
N GLU ZA 612 5.45 95.55 -51.23
CA GLU ZA 612 4.02 95.75 -51.45
C GLU ZA 612 3.47 94.77 -52.47
N THR ZA 613 4.31 94.32 -53.41
CA THR ZA 613 3.90 93.25 -54.30
C THR ZA 613 3.86 91.91 -53.58
N ASN ZA 614 4.92 91.59 -52.81
CA ASN ZA 614 5.01 90.29 -52.17
C ASN ZA 614 4.21 90.18 -50.87
N THR ZA 615 3.42 91.20 -50.51
CA THR ZA 615 2.56 91.11 -49.33
C THR ZA 615 1.71 89.84 -49.33
N SER ZA 616 1.31 89.37 -50.52
CA SER ZA 616 0.38 88.25 -50.60
C SER ZA 616 1.07 86.93 -50.30
N THR ZA 617 0.35 86.04 -49.60
CA THR ZA 617 0.92 84.74 -49.20
C THR ZA 617 1.28 83.89 -50.41
N GLY ZA 618 0.40 83.80 -51.40
CA GLY ZA 618 0.72 83.03 -52.60
C GLY ZA 618 1.87 83.64 -53.37
N SER ZA 619 1.89 84.97 -53.49
CA SER ZA 619 2.99 85.65 -54.16
C SER ZA 619 4.32 85.33 -53.48
N SER ZA 620 4.38 85.51 -52.15
CA SER ZA 620 5.64 85.29 -51.44
C SER ZA 620 6.06 83.83 -51.48
N ASN ZA 621 5.11 82.92 -51.29
CA ASN ZA 621 5.45 81.51 -51.34
C ASN ZA 621 5.87 81.09 -52.74
N SER ZA 622 5.40 81.82 -53.76
CA SER ZA 622 5.98 81.66 -55.08
C SER ZA 622 7.42 82.15 -55.10
N SER ZA 623 7.67 83.30 -54.46
CA SER ZA 623 8.94 84.01 -54.63
C SER ZA 623 10.14 83.10 -54.45
N SER ZA 624 10.07 82.16 -53.50
CA SER ZA 624 11.16 81.21 -53.33
C SER ZA 624 10.74 80.18 -52.29
N ILE ZA 625 11.28 78.98 -52.46
CA ILE ZA 625 10.91 77.83 -51.65
C ILE ZA 625 12.19 77.13 -51.24
N ILE ZA 626 12.22 76.61 -50.03
CA ILE ZA 626 13.37 75.85 -49.54
C ILE ZA 626 13.13 74.39 -49.88
N PHE ZA 627 14.14 73.76 -50.42
CA PHE ZA 627 13.98 72.40 -50.91
C PHE ZA 627 15.29 71.64 -50.78
N PRO ZA 628 15.23 70.37 -50.39
CA PRO ZA 628 16.46 69.61 -50.21
C PRO ZA 628 17.20 69.41 -51.51
N ASP ZA 629 18.49 69.73 -51.49
CA ASP ZA 629 19.40 69.56 -52.61
C ASP ZA 629 20.09 68.22 -52.39
N LYS ZA 630 20.78 67.72 -53.41
CA LYS ZA 630 21.54 66.49 -53.22
C LYS ZA 630 22.59 66.64 -52.13
N ASP ZA 631 22.91 67.89 -51.75
CA ASP ZA 631 23.72 68.13 -50.56
C ASP ZA 631 22.85 68.33 -49.32
N GLY ZA 632 22.02 69.37 -49.30
CA GLY ZA 632 21.23 69.67 -48.14
C GLY ZA 632 20.24 70.77 -48.46
N TYR ZA 633 19.45 71.12 -47.45
CA TYR ZA 633 18.26 71.92 -47.70
C TYR ZA 633 18.61 73.29 -48.24
N HIS ZA 634 18.45 73.45 -49.56
CA HIS ZA 634 18.90 74.63 -50.28
C HIS ZA 634 17.71 75.32 -50.92
N VAL ZA 635 17.54 76.60 -50.60
CA VAL ZA 635 16.37 77.36 -51.04
C VAL ZA 635 16.38 77.45 -52.54
N PHE ZA 636 15.20 77.46 -53.15
CA PHE ZA 636 15.09 77.58 -54.58
C PHE ZA 636 14.35 78.85 -54.92
N ASP ZA 637 14.89 79.59 -55.88
CA ASP ZA 637 14.15 80.69 -56.49
C ASP ZA 637 12.99 80.13 -57.31
N THR ZA 638 11.95 80.94 -57.46
CA THR ZA 638 10.75 80.55 -58.19
C THR ZA 638 9.89 81.76 -58.48
N SER ZA 639 9.44 81.88 -59.72
CA SER ZA 639 8.50 82.93 -60.09
C SER ZA 639 8.01 82.67 -61.51
N VAL ZA 640 6.96 83.41 -61.87
CA VAL ZA 640 6.54 83.41 -63.26
C VAL ZA 640 7.66 83.93 -64.14
N ALA ZA 641 8.35 84.98 -63.69
CA ALA ZA 641 9.43 85.56 -64.48
C ALA ZA 641 10.73 84.80 -64.27
N SER ZA 642 10.84 84.07 -63.16
CA SER ZA 642 12.05 83.28 -62.93
C SER ZA 642 11.95 81.92 -63.60
N LEU ZA 643 10.76 81.54 -64.02
CA LEU ZA 643 10.53 80.23 -64.60
C LEU ZA 643 10.10 80.29 -66.06
N ARG ZA 644 9.59 81.42 -66.53
CA ARG ZA 644 9.30 81.53 -67.96
C ARG ZA 644 10.56 81.47 -68.82
N PRO ZA 645 11.74 81.96 -68.42
CA PRO ZA 645 12.89 81.86 -69.33
C PRO ZA 645 13.20 80.43 -69.72
N PHE ZA 646 13.06 79.50 -68.79
CA PHE ZA 646 13.14 78.10 -69.19
C PHE ZA 646 11.89 77.66 -69.92
N GLY ZA 647 10.90 78.54 -70.07
CA GLY ZA 647 9.61 78.12 -70.56
C GLY ZA 647 8.78 77.39 -69.52
N VAL ZA 648 9.23 77.34 -68.27
CA VAL ZA 648 8.49 76.64 -67.24
C VAL ZA 648 7.18 77.36 -66.98
N SER ZA 649 6.09 76.60 -66.87
CA SER ZA 649 4.83 77.17 -66.42
C SER ZA 649 4.93 77.61 -64.97
N GLN ZA 650 5.15 76.66 -64.05
CA GLN ZA 650 5.38 76.99 -62.64
C GLN ZA 650 5.86 75.73 -61.92
N SER ZA 651 6.29 75.94 -60.68
CA SER ZA 651 6.98 74.88 -59.95
C SER ZA 651 6.07 73.70 -59.67
N GLY ZA 652 4.80 73.97 -59.38
CA GLY ZA 652 3.82 72.92 -59.23
C GLY ZA 652 3.26 72.37 -60.52
N ALA ZA 653 4.07 72.29 -61.58
CA ALA ZA 653 3.59 71.74 -62.84
C ALA ZA 653 4.41 70.55 -63.27
N VAL ZA 654 3.83 69.36 -63.16
CA VAL ZA 654 4.47 68.12 -63.54
C VAL ZA 654 4.50 68.06 -65.05
N PHE ZA 655 5.56 67.46 -65.59
CA PHE ZA 655 5.75 67.41 -67.02
C PHE ZA 655 6.56 66.18 -67.39
N GLN ZA 656 6.17 65.53 -68.48
CA GLN ZA 656 6.98 64.45 -69.01
C GLN ZA 656 8.11 65.07 -69.82
N SER ZA 657 8.96 64.23 -70.37
CA SER ZA 657 9.93 64.66 -71.35
C SER ZA 657 10.50 63.43 -72.05
N VAL ZA 658 10.96 63.63 -73.28
CA VAL ZA 658 11.88 62.72 -73.93
C VAL ZA 658 13.19 63.49 -74.11
N THR ZA 659 14.32 62.81 -73.89
CA THR ZA 659 15.63 63.46 -73.82
C THR ZA 659 16.69 62.64 -74.54
N HIS ZA 660 17.83 63.28 -74.85
CA HIS ZA 660 18.99 62.52 -75.34
C HIS ZA 660 19.85 62.03 -74.19
N THR ZA 661 20.14 60.74 -74.20
CA THR ZA 661 21.10 60.11 -73.31
C THR ZA 661 21.87 59.08 -74.12
N TYR ZA 662 22.53 58.15 -73.44
CA TYR ZA 662 23.27 57.12 -74.17
C TYR ZA 662 22.50 55.81 -74.16
N PRO ZA 663 22.68 54.96 -75.18
CA PRO ZA 663 22.06 53.63 -75.12
C PRO ZA 663 22.68 52.75 -74.06
N SER ZA 664 23.87 53.11 -73.58
CA SER ZA 664 24.48 52.51 -72.40
C SER ZA 664 25.45 53.53 -71.81
N PRO ZA 665 25.07 54.21 -70.72
CA PRO ZA 665 25.95 55.28 -70.21
C PRO ZA 665 27.26 54.74 -69.71
N HIS ZA 666 27.23 53.58 -69.08
CA HIS ZA 666 28.44 52.90 -68.65
C HIS ZA 666 29.38 52.65 -69.84
N ALA ZA 667 28.87 52.80 -71.06
CA ALA ZA 667 29.64 52.59 -72.27
C ALA ZA 667 29.59 53.85 -73.11
N VAL ZA 668 30.53 54.77 -72.85
CA VAL ZA 668 30.72 55.95 -73.68
C VAL ZA 668 32.01 55.80 -74.45
N LEU ZA 669 31.90 55.90 -75.77
CA LEU ZA 669 33.03 55.71 -76.68
C LEU ZA 669 33.47 57.06 -77.19
N TYR ZA 670 34.77 57.28 -77.29
CA TYR ZA 670 35.30 58.46 -77.94
C TYR ZA 670 36.75 58.22 -78.35
N ASN ZA 671 37.05 58.52 -79.60
CA ASN ZA 671 38.39 58.37 -80.14
C ASN ZA 671 39.06 59.74 -80.16
N ASP ZA 672 40.15 59.87 -79.40
CA ASP ZA 672 40.85 61.15 -79.34
C ASP ZA 672 41.76 61.29 -80.55
N PRO ZA 673 41.58 62.33 -81.36
CA PRO ZA 673 42.29 62.38 -82.65
C PRO ZA 673 43.79 62.34 -82.52
N VAL ZA 674 44.38 63.28 -81.78
CA VAL ZA 674 45.83 63.25 -81.59
C VAL ZA 674 46.24 61.96 -80.90
N HIS ZA 675 45.36 61.41 -80.08
CA HIS ZA 675 45.68 60.18 -79.36
C HIS ZA 675 45.38 58.95 -80.21
N GLY ZA 676 44.17 58.86 -80.75
CA GLY ZA 676 43.80 57.64 -81.45
C GLY ZA 676 43.67 56.46 -80.53
N LYS ZA 677 43.40 56.70 -79.26
CA LYS ZA 677 43.14 55.62 -78.32
C LYS ZA 677 41.65 55.63 -78.00
N GLN ZA 678 41.02 54.48 -78.19
CA GLN ZA 678 39.59 54.34 -78.02
C GLN ZA 678 39.30 54.12 -76.54
N PHE ZA 679 38.74 55.12 -75.89
CA PHE ZA 679 38.40 55.06 -74.48
C PHE ZA 679 36.91 54.75 -74.37
N ILE ZA 680 36.56 53.74 -73.58
CA ILE ZA 680 35.16 53.40 -73.33
C ILE ZA 680 34.80 53.91 -71.94
N LEU ZA 681 34.03 54.98 -71.88
CA LEU ZA 681 33.79 55.68 -70.62
C LEU ZA 681 32.52 55.17 -69.95
N ASP ZA 682 32.43 55.40 -68.65
CA ASP ZA 682 31.16 55.25 -67.93
C ASP ZA 682 30.73 56.63 -67.48
N THR ZA 683 29.54 57.06 -67.91
CA THR ZA 683 29.05 58.40 -67.58
C THR ZA 683 28.06 58.35 -66.41
N THR ZA 684 28.18 57.30 -65.60
CA THR ZA 684 27.28 57.05 -64.48
C THR ZA 684 27.87 57.66 -63.22
N ASN ZA 685 27.03 58.40 -62.50
CA ASN ZA 685 27.54 59.35 -61.52
C ASN ZA 685 28.26 58.65 -60.37
N GLU ZA 686 27.92 57.39 -60.12
CA GLU ZA 686 28.58 56.64 -59.06
C GLU ZA 686 30.09 56.57 -59.30
N SER ZA 687 30.48 55.98 -60.42
CA SER ZA 687 31.91 55.91 -60.72
C SER ZA 687 32.43 57.25 -61.19
N CYS ZA 688 31.54 58.19 -61.48
CA CYS ZA 688 32.00 59.56 -61.70
C CYS ZA 688 32.55 60.15 -60.39
N HIS ZA 689 31.91 59.81 -59.27
CA HIS ZA 689 32.36 60.29 -57.98
C HIS ZA 689 33.54 59.47 -57.47
N LEU ZA 690 33.44 58.14 -57.58
CA LEU ZA 690 34.40 57.23 -56.96
C LEU ZA 690 35.83 57.57 -57.32
N PHE ZA 691 36.03 58.51 -58.23
CA PHE ZA 691 37.36 59.01 -58.52
C PHE ZA 691 37.58 60.40 -57.98
N GLY ZA 692 36.71 60.88 -57.09
CA GLY ZA 692 36.98 62.13 -56.41
C GLY ZA 692 35.82 63.10 -56.40
N GLY ZA 693 34.65 62.63 -56.82
CA GLY ZA 693 33.48 63.44 -56.79
C GLY ZA 693 33.13 64.15 -58.08
N PHE ZA 694 34.09 64.30 -58.98
CA PHE ZA 694 33.83 65.02 -60.21
C PHE ZA 694 32.88 64.23 -61.09
N GLU ZA 695 31.63 64.64 -61.10
CA GLU ZA 695 30.61 63.97 -61.89
C GLU ZA 695 30.68 64.44 -63.33
N HIS ZA 696 30.05 63.65 -64.18
CA HIS ZA 696 29.88 64.02 -65.58
C HIS ZA 696 29.23 65.39 -65.69
N GLY ZA 697 29.79 66.22 -66.55
CA GLY ZA 697 29.26 67.56 -66.74
C GLY ZA 697 29.72 68.56 -65.72
N ASP ZA 698 30.51 68.16 -64.74
CA ASP ZA 698 31.11 69.13 -63.84
C ASP ZA 698 32.10 69.95 -64.63
N ARG ZA 699 32.02 71.27 -64.51
CA ARG ZA 699 32.94 72.16 -65.20
C ARG ZA 699 34.01 72.59 -64.20
N LEU ZA 700 35.28 72.45 -64.59
CA LEU ZA 700 36.37 72.53 -63.65
C LEU ZA 700 37.48 73.40 -64.20
N LEU ZA 701 38.35 73.84 -63.29
CA LEU ZA 701 39.65 74.40 -63.62
C LEU ZA 701 40.71 73.61 -62.86
N ILE ZA 702 41.77 73.22 -63.55
CA ILE ZA 702 42.87 72.44 -62.99
C ILE ZA 702 44.15 73.23 -63.21
N ARG ZA 703 45.19 72.92 -62.45
CA ARG ZA 703 46.46 73.66 -62.55
C ARG ZA 703 47.65 72.74 -62.62
N ALA ZA 704 48.80 73.31 -63.03
CA ALA ZA 704 50.01 72.54 -63.33
C ALA ZA 704 51.19 73.02 -62.49
N ARG ZA 705 52.09 72.09 -62.15
CA ARG ZA 705 53.24 72.37 -61.31
C ARG ZA 705 54.58 72.29 -62.04
N LYS ZA 706 54.67 71.49 -63.11
CA LYS ZA 706 55.90 71.26 -63.85
C LYS ZA 706 55.94 72.19 -65.06
N ILE ZA 707 57.15 72.36 -65.62
CA ILE ZA 707 57.40 73.34 -66.67
C ILE ZA 707 57.15 72.72 -68.05
N ASP ZA 708 56.30 73.37 -68.84
CA ASP ZA 708 55.93 72.84 -70.14
C ASP ZA 708 57.02 73.08 -71.19
N LYS ZA 709 58.03 73.87 -70.85
CA LYS ZA 709 59.21 73.97 -71.73
C LYS ZA 709 60.32 73.05 -71.25
N ASN ZA 710 60.09 72.34 -70.14
CA ASN ZA 710 61.04 71.35 -69.59
C ASN ZA 710 62.33 72.02 -69.12
N ASP ZA 711 62.32 73.34 -69.00
CA ASP ZA 711 63.53 74.12 -68.78
C ASP ZA 711 63.68 74.48 -67.31
N ASN ZA 712 64.76 73.99 -66.69
CA ASN ZA 712 65.09 74.38 -65.33
C ASN ZA 712 65.56 75.83 -65.26
N ASN ZA 713 66.03 76.36 -66.38
CA ASN ZA 713 66.71 77.66 -66.37
C ASN ZA 713 65.74 78.80 -66.11
N PRO ZA 714 66.17 79.87 -65.44
CA PRO ZA 714 65.27 80.97 -65.07
C PRO ZA 714 65.23 82.15 -66.04
N ASN ZA 715 65.72 82.00 -67.27
CA ASN ZA 715 65.75 83.13 -68.20
C ASN ZA 715 64.37 83.44 -68.74
N SER ZA 716 63.79 82.52 -69.50
CA SER ZA 716 62.48 82.72 -70.12
C SER ZA 716 61.66 81.44 -70.00
N VAL ZA 717 60.67 81.44 -69.12
CA VAL ZA 717 59.89 80.23 -68.86
C VAL ZA 717 58.40 80.58 -68.83
N LEU ZA 718 57.58 79.72 -69.42
CA LEU ZA 718 56.16 80.00 -69.57
C LEU ZA 718 55.33 79.36 -68.45
N ALA ZA 719 55.61 78.10 -68.14
CA ALA ZA 719 54.79 77.35 -67.19
C ALA ZA 719 55.21 77.54 -65.74
N VAL ZA 720 56.33 78.21 -65.49
CA VAL ZA 720 56.60 78.65 -64.12
C VAL ZA 720 55.59 79.72 -63.72
N LYS ZA 721 55.23 80.59 -64.67
CA LYS ZA 721 54.03 81.40 -64.50
C LYS ZA 721 52.79 80.51 -64.47
N GLY ZA 722 52.75 79.51 -65.33
CA GLY ZA 722 51.75 78.48 -65.20
C GLY ZA 722 50.58 78.69 -66.15
N ASN ZA 723 49.83 77.62 -66.36
CA ASN ZA 723 48.61 77.67 -67.14
C ASN ZA 723 47.48 77.07 -66.32
N GLU ZA 724 46.26 77.55 -66.58
CA GLU ZA 724 45.07 77.10 -65.86
C GLU ZA 724 44.12 76.47 -66.86
N PHE ZA 725 43.99 75.14 -66.79
CA PHE ZA 725 43.32 74.36 -67.81
C PHE ZA 725 41.89 74.09 -67.39
N GLU ZA 726 40.94 74.67 -68.11
CA GLU ZA 726 39.54 74.35 -67.86
C GLU ZA 726 39.24 72.98 -68.46
N VAL ZA 727 38.38 72.23 -67.80
CA VAL ZA 727 38.10 70.86 -68.22
C VAL ZA 727 36.66 70.51 -67.83
N ILE ZA 728 36.21 69.35 -68.26
CA ILE ZA 728 34.88 68.87 -67.93
C ILE ZA 728 34.92 67.35 -67.85
N VAL ZA 729 34.35 66.80 -66.79
CA VAL ZA 729 34.44 65.35 -66.56
C VAL ZA 729 33.55 64.63 -67.57
N VAL ZA 730 33.97 63.42 -67.96
CA VAL ZA 730 33.21 62.62 -68.92
C VAL ZA 730 33.11 61.15 -68.55
N GLY ZA 731 33.80 60.71 -67.50
CA GLY ZA 731 33.51 59.39 -66.95
C GLY ZA 731 34.75 58.57 -66.65
N VAL ZA 732 34.54 57.25 -66.61
CA VAL ZA 732 35.57 56.27 -66.25
C VAL ZA 732 35.86 55.41 -67.47
N ASN ZA 733 37.14 55.39 -67.85
CA ASN ZA 733 37.61 54.58 -68.96
C ASN ZA 733 37.90 53.18 -68.46
N LYS ZA 734 37.39 52.17 -69.16
CA LYS ZA 734 37.66 50.78 -68.78
C LYS ZA 734 38.92 50.31 -69.49
N GLU ZA 735 40.00 50.21 -68.74
CA GLU ZA 735 41.26 49.81 -69.33
C GLU ZA 735 41.40 48.29 -69.40
N GLY ZA 736 41.41 47.63 -68.25
CA GLY ZA 736 41.84 46.24 -68.20
C GLY ZA 736 42.41 45.87 -66.85
N SER ZA 737 42.53 46.87 -65.96
CA SER ZA 737 42.81 46.66 -64.55
C SER ZA 737 41.74 47.36 -63.73
N ASP ZA 738 41.14 46.63 -62.78
CA ASP ZA 738 40.10 47.21 -61.96
C ASP ZA 738 40.59 48.44 -61.20
N SER ZA 739 41.91 48.55 -61.00
CA SER ZA 739 42.46 49.64 -60.21
C SER ZA 739 42.94 50.79 -61.09
N GLU ZA 740 43.45 50.47 -62.28
CA GLU ZA 740 44.28 51.42 -63.02
C GLU ZA 740 43.49 52.32 -63.95
N TRP ZA 741 42.17 52.18 -64.01
CA TRP ZA 741 41.38 53.19 -64.69
C TRP ZA 741 41.66 54.55 -64.09
N GLN ZA 742 41.44 55.61 -64.85
CA GLN ZA 742 41.55 56.96 -64.34
C GLN ZA 742 40.25 57.69 -64.61
N LEU ZA 743 40.17 58.94 -64.20
CA LEU ZA 743 38.99 59.71 -64.55
C LEU ZA 743 39.23 60.42 -65.87
N CYS ZA 744 38.19 60.44 -66.70
CA CYS ZA 744 38.26 61.03 -68.03
C CYS ZA 744 37.59 62.38 -67.99
N ALA ZA 745 38.27 63.39 -68.50
CA ALA ZA 745 37.73 64.74 -68.58
C ALA ZA 745 38.25 65.42 -69.85
N MET ZA 746 37.44 66.28 -70.44
CA MET ZA 746 37.76 66.88 -71.73
C MET ZA 746 38.06 68.36 -71.57
N HIS ZA 747 39.07 68.84 -72.29
CA HIS ZA 747 39.33 70.27 -72.37
C HIS ZA 747 38.08 70.98 -72.87
N VAL ZA 748 37.73 72.09 -72.24
CA VAL ZA 748 36.56 72.84 -72.69
C VAL ZA 748 36.97 73.86 -73.75
N ASP ZA 749 38.21 74.30 -73.71
CA ASP ZA 749 38.77 75.04 -74.83
C ASP ZA 749 38.89 74.09 -76.02
N PRO ZA 750 37.99 74.16 -76.99
CA PRO ZA 750 37.99 73.12 -78.04
C PRO ZA 750 39.24 73.17 -78.88
N ALA ZA 751 39.94 74.30 -78.90
CA ALA ZA 751 41.25 74.35 -79.52
C ALA ZA 751 42.18 73.29 -78.93
N LEU ZA 752 42.26 73.24 -77.60
CA LEU ZA 752 43.13 72.26 -76.98
C LEU ZA 752 42.50 70.88 -77.01
N GLN ZA 753 41.16 70.82 -77.01
CA GLN ZA 753 40.51 69.53 -77.22
C GLN ZA 753 40.91 68.94 -78.57
N ARG ZA 754 41.25 69.81 -79.52
CA ARG ZA 754 41.79 69.37 -80.79
C ARG ZA 754 43.26 68.99 -80.68
N GLU ZA 755 44.08 69.92 -80.21
CA GLU ZA 755 45.52 69.76 -80.31
C GLU ZA 755 46.15 69.01 -79.14
N TYR ZA 756 45.90 69.44 -77.90
CA TYR ZA 756 46.50 68.75 -76.76
C TYR ZA 756 45.90 67.37 -76.54
N GLY ZA 757 44.57 67.25 -76.66
CA GLY ZA 757 43.91 65.97 -76.54
C GLY ZA 757 43.24 65.74 -75.20
N LEU ZA 758 42.53 64.61 -75.14
CA LEU ZA 758 41.82 64.19 -73.95
C LEU ZA 758 42.75 64.07 -72.76
N VAL ZA 759 42.32 64.58 -71.60
CA VAL ZA 759 43.08 64.47 -70.37
C VAL ZA 759 42.41 63.44 -69.47
N PHE ZA 760 43.18 62.48 -69.00
CA PHE ZA 760 42.73 61.62 -67.91
C PHE ZA 760 43.00 62.37 -66.60
N LEU ZA 761 42.19 62.10 -65.58
CA LEU ZA 761 42.42 62.78 -64.31
C LEU ZA 761 43.33 61.95 -63.40
N GLY ZA 762 42.91 60.75 -63.03
CA GLY ZA 762 43.75 59.94 -62.17
C GLY ZA 762 43.05 58.72 -61.67
N THR ZA 763 43.84 57.80 -61.11
CA THR ZA 763 43.33 56.49 -60.71
C THR ZA 763 42.45 56.57 -59.47
N ASP ZA 764 42.30 57.75 -58.87
CA ASP ZA 764 41.50 57.93 -57.68
C ASP ZA 764 41.38 59.41 -57.35
N CYS ZA 765 40.67 59.70 -56.26
CA CYS ZA 765 40.67 61.04 -55.69
C CYS ZA 765 42.08 61.46 -55.28
N VAL ZA 766 42.72 60.64 -54.45
CA VAL ZA 766 44.09 60.91 -54.04
C VAL ZA 766 44.99 61.03 -55.26
N ASP ZA 767 44.71 60.23 -56.29
CA ASP ZA 767 45.57 60.23 -57.47
C ASP ZA 767 45.47 61.56 -58.21
N ILE ZA 768 44.25 61.99 -58.53
CA ILE ZA 768 44.07 63.26 -59.22
C ILE ZA 768 44.65 64.39 -58.38
N HIS ZA 769 44.57 64.27 -57.06
CA HIS ZA 769 44.96 65.41 -56.24
C HIS ZA 769 46.46 65.48 -56.03
N GLU ZA 770 47.13 64.33 -56.00
CA GLU ZA 770 48.58 64.36 -56.06
C GLU ZA 770 49.04 64.79 -57.44
N ARG ZA 771 48.26 64.44 -58.47
CA ARG ZA 771 48.64 64.72 -59.84
C ARG ZA 771 48.52 66.21 -60.15
N TRP ZA 772 47.53 66.87 -59.57
CA TRP ZA 772 47.21 68.25 -59.90
C TRP ZA 772 47.39 69.12 -58.67
N ALA ZA 773 48.11 70.23 -58.84
CA ALA ZA 773 48.23 71.19 -57.75
C ALA ZA 773 46.87 71.63 -57.25
N SER ZA 774 45.98 72.03 -58.17
CA SER ZA 774 44.66 72.52 -57.81
C SER ZA 774 43.64 71.98 -58.78
N VAL ZA 775 42.51 71.51 -58.25
CA VAL ZA 775 41.32 71.15 -59.01
C VAL ZA 775 40.13 71.81 -58.33
N ARG ZA 776 39.34 72.53 -59.10
CA ARG ZA 776 38.31 73.39 -58.54
C ARG ZA 776 37.14 73.44 -59.49
N TYR ZA 777 35.95 73.64 -58.95
CA TYR ZA 777 34.79 73.80 -59.80
C TYR ZA 777 34.66 75.26 -60.21
N ALA ZA 778 34.84 75.54 -61.50
CA ALA ZA 778 34.94 76.91 -61.99
C ALA ZA 778 33.53 77.47 -62.17
N ALA ZA 779 32.72 77.33 -61.12
CA ALA ZA 779 31.34 77.79 -61.09
C ALA ZA 779 30.81 77.61 -59.68
N ALA ZA 780 29.82 78.41 -59.31
CA ALA ZA 780 29.27 78.38 -57.97
C ALA ZA 780 27.75 78.42 -58.04
N ALA ZA 781 27.12 77.29 -57.76
CA ALA ZA 781 27.83 76.05 -57.48
C ALA ZA 781 27.93 75.22 -58.76
N PRO ZA 782 28.81 74.22 -58.77
CA PRO ZA 782 28.92 73.34 -59.96
C PRO ZA 782 27.62 72.66 -60.35
N HIS ZA 783 26.50 72.99 -59.69
CA HIS ZA 783 25.19 72.53 -60.17
C HIS ZA 783 25.02 72.78 -61.65
N VAL ZA 784 25.74 73.75 -62.20
CA VAL ZA 784 25.81 73.92 -63.63
C VAL ZA 784 26.25 72.61 -64.26
N LYS ZA 785 25.40 72.05 -65.13
CA LYS ZA 785 25.64 70.73 -65.68
C LYS ZA 785 26.04 70.86 -67.14
N GLY ZA 786 27.16 70.25 -67.50
CA GLY ZA 786 27.73 70.48 -68.80
C GLY ZA 786 27.13 69.58 -69.87
N ARG ZA 787 26.78 70.18 -71.00
CA ARG ZA 787 26.59 69.42 -72.23
C ARG ZA 787 27.90 68.78 -72.61
N VAL ZA 788 27.84 67.57 -73.13
CA VAL ZA 788 29.02 66.92 -73.66
C VAL ZA 788 28.95 66.95 -75.17
N THR ZA 789 29.80 67.78 -75.77
CA THR ZA 789 29.83 67.88 -77.22
C THR ZA 789 30.67 66.76 -77.83
N LEU ZA 790 31.82 66.44 -77.23
CA LEU ZA 790 32.63 65.32 -77.71
C LEU ZA 790 31.84 64.03 -77.67
N LEU ZA 791 30.71 64.02 -76.98
CA LEU ZA 791 29.80 62.88 -76.94
C LEU ZA 791 28.40 63.25 -77.40
N GLU ZA 792 28.23 64.44 -77.98
CA GLU ZA 792 26.92 64.83 -78.48
C GLU ZA 792 26.40 63.81 -79.49
N GLU ZA 793 27.24 63.45 -80.45
CA GLU ZA 793 26.87 62.39 -81.39
C GLU ZA 793 26.71 61.06 -80.66
N ARG ZA 794 27.42 60.89 -79.55
CA ARG ZA 794 27.40 59.63 -78.83
C ARG ZA 794 26.08 59.37 -78.12
N ARG ZA 795 25.39 60.43 -77.71
CA ARG ZA 795 24.14 60.26 -76.97
C ARG ZA 795 22.99 60.14 -77.96
N THR ZA 796 22.52 58.90 -78.15
CA THR ZA 796 21.51 58.57 -79.15
C THR ZA 796 20.24 57.97 -78.57
N ALA ZA 797 20.13 57.85 -77.25
CA ALA ZA 797 18.97 57.25 -76.64
C ALA ZA 797 17.94 58.31 -76.30
N ARG ZA 798 16.67 57.93 -76.39
CA ARG ZA 798 15.57 58.78 -75.99
C ARG ZA 798 15.07 58.29 -74.63
N GLU ZA 799 15.35 59.07 -73.59
CA GLU ZA 799 14.94 58.76 -72.23
C GLU ZA 799 13.58 59.38 -72.00
N GLU ZA 800 12.61 58.56 -71.59
CA GLU ZA 800 11.27 59.06 -71.30
C GLU ZA 800 11.14 59.33 -69.80
N SER ZA 801 11.41 60.57 -69.41
CA SER ZA 801 11.52 60.96 -68.00
C SER ZA 801 10.40 61.91 -67.61
N LEU ZA 802 9.58 61.49 -66.65
CA LEU ZA 802 8.62 62.39 -66.03
C LEU ZA 802 9.37 63.23 -65.02
N GLY ZA 803 8.82 64.40 -64.67
CA GLY ZA 803 9.43 65.26 -63.67
C GLY ZA 803 8.43 66.27 -63.18
N GLN ZA 804 8.93 67.17 -62.35
CA GLN ZA 804 8.13 68.19 -61.69
C GLN ZA 804 9.06 69.32 -61.29
N ILE ZA 805 8.68 70.56 -61.64
CA ILE ZA 805 9.58 71.68 -61.46
C ILE ZA 805 9.76 71.94 -59.98
N VAL ZA 806 10.89 72.51 -59.61
CA VAL ZA 806 11.09 73.00 -58.24
C VAL ZA 806 11.60 74.43 -58.23
N GLY ZA 807 12.79 74.66 -58.78
CA GLY ZA 807 13.36 75.99 -58.63
C GLY ZA 807 14.52 76.22 -59.56
N VAL ZA 808 15.03 77.44 -59.49
CA VAL ZA 808 16.03 77.94 -60.41
C VAL ZA 808 17.06 78.74 -59.62
N ARG ZA 809 18.16 78.09 -59.22
CA ARG ZA 809 19.11 78.67 -58.30
C ARG ZA 809 20.38 79.04 -59.05
N ASP ZA 810 20.73 80.33 -58.99
CA ASP ZA 810 21.78 80.90 -59.84
C ASP ZA 810 21.44 80.75 -61.32
N GLY ZA 811 20.14 80.82 -61.63
CA GLY ZA 811 19.68 80.72 -63.00
C GLY ZA 811 19.71 79.35 -63.61
N VAL ZA 812 19.90 78.30 -62.82
CA VAL ZA 812 19.99 76.94 -63.32
C VAL ZA 812 18.79 76.18 -62.78
N LEU ZA 813 18.03 75.55 -63.66
CA LEU ZA 813 16.81 74.90 -63.21
C LEU ZA 813 17.13 73.69 -62.34
N PHE ZA 814 16.33 73.50 -61.32
CA PHE ZA 814 16.34 72.28 -60.52
C PHE ZA 814 14.93 71.70 -60.51
N VAL ZA 815 14.82 70.42 -60.81
CA VAL ZA 815 13.55 69.77 -61.06
C VAL ZA 815 13.36 68.66 -60.05
N GLN ZA 816 12.17 68.07 -60.03
CA GLN ZA 816 11.91 66.94 -59.17
C GLN ZA 816 11.35 65.78 -59.99
N TRP ZA 817 12.23 64.91 -60.45
CA TRP ZA 817 11.79 63.75 -61.23
C TRP ZA 817 10.85 62.94 -60.36
N ARG ZA 818 10.05 62.10 -60.99
CA ARG ZA 818 8.92 61.52 -60.30
C ARG ZA 818 8.83 60.02 -60.52
N LEU ZA 819 9.53 59.51 -61.51
CA LEU ZA 819 9.68 58.08 -61.68
C LEU ZA 819 11.07 57.68 -61.20
N LEU ZA 820 11.12 56.79 -60.21
CA LEU ZA 820 12.36 56.25 -59.71
C LEU ZA 820 12.23 54.75 -59.61
N ARG ZA 821 13.34 54.05 -59.80
CA ARG ZA 821 13.33 52.59 -59.72
C ARG ZA 821 13.35 52.14 -58.26
N GLY ZA 822 12.33 51.41 -57.86
CA GLY ZA 822 12.20 50.96 -56.52
C GLY ZA 822 11.22 51.73 -55.68
N GLY ZA 823 10.73 52.86 -56.15
CA GLY ZA 823 9.68 53.50 -55.43
C GLY ZA 823 8.39 53.50 -56.22
N GLY ZA 824 7.53 52.54 -55.90
CA GLY ZA 824 6.27 52.33 -56.56
C GLY ZA 824 5.09 52.92 -55.85
N SER ZA 825 5.30 53.89 -54.99
CA SER ZA 825 4.24 54.60 -54.29
C SER ZA 825 4.33 56.09 -54.62
N GLU ZA 826 3.46 56.87 -53.98
CA GLU ZA 826 3.40 58.29 -54.28
C GLU ZA 826 4.36 59.10 -53.42
N MET ZA 827 5.16 58.42 -52.59
CA MET ZA 827 6.09 59.16 -51.75
C MET ZA 827 7.40 59.50 -52.46
N ASP ZA 828 7.88 58.62 -53.33
CA ASP ZA 828 9.27 58.44 -53.73
C ASP ZA 828 9.77 59.44 -54.78
N ARG ZA 829 9.12 60.60 -54.93
CA ARG ZA 829 9.62 61.61 -55.84
C ARG ZA 829 11.08 61.91 -55.56
N SER ZA 830 11.89 61.90 -56.61
CA SER ZA 830 13.31 62.09 -56.43
C SER ZA 830 13.58 63.48 -55.89
N VAL ZA 831 14.80 63.65 -55.37
CA VAL ZA 831 15.11 64.92 -54.74
C VAL ZA 831 15.28 65.97 -55.82
N ALA ZA 832 15.37 67.22 -55.38
CA ALA ZA 832 15.72 68.28 -56.30
C ALA ZA 832 17.00 67.93 -57.02
N GLU ZA 833 16.94 67.98 -58.32
CA GLU ZA 833 18.09 67.71 -59.15
C GLU ZA 833 18.40 68.90 -60.03
N PRO ZA 834 19.65 69.26 -60.12
CA PRO ZA 834 20.06 70.23 -61.13
C PRO ZA 834 19.90 69.68 -62.53
N ILE ZA 835 19.16 70.40 -63.36
CA ILE ZA 835 19.17 70.22 -64.79
C ILE ZA 835 19.85 71.44 -65.39
N GLY ZA 836 20.52 71.26 -66.52
CA GLY ZA 836 21.31 72.31 -67.11
C GLY ZA 836 20.52 73.58 -67.36
N THR ZA 837 21.24 74.61 -67.77
CA THR ZA 837 20.72 75.95 -67.88
C THR ZA 837 19.69 76.06 -69.01
N VAL ZA 838 19.11 77.26 -69.13
CA VAL ZA 838 18.05 77.52 -70.10
C VAL ZA 838 18.44 76.98 -71.47
N GLU ZA 839 19.67 77.24 -71.89
CA GLU ZA 839 20.13 76.74 -73.18
C GLU ZA 839 20.02 75.23 -73.24
N GLN ZA 840 20.33 74.54 -72.14
CA GLN ZA 840 20.34 73.09 -72.18
C GLN ZA 840 18.92 72.54 -72.17
N VAL ZA 841 18.01 73.24 -71.48
CA VAL ZA 841 16.59 72.91 -71.63
C VAL ZA 841 16.17 73.01 -73.08
N ARG ZA 842 16.44 74.16 -73.71
CA ARG ZA 842 15.99 74.42 -75.06
C ARG ZA 842 16.61 73.43 -76.05
N ASN ZA 843 17.84 73.00 -75.78
CA ASN ZA 843 18.53 72.15 -76.73
C ASN ZA 843 18.22 70.68 -76.49
N ALA ZA 844 18.60 70.14 -75.33
CA ALA ZA 844 18.45 68.71 -75.11
C ALA ZA 844 17.02 68.35 -74.78
N TYR ZA 845 16.17 69.33 -74.55
CA TYR ZA 845 14.80 69.06 -74.14
C TYR ZA 845 13.89 69.20 -75.35
N GLN ZA 846 13.61 68.06 -75.99
CA GLN ZA 846 12.69 68.07 -77.12
C GLN ZA 846 11.27 68.33 -76.65
N ILE ZA 847 10.80 67.57 -75.67
CA ILE ZA 847 9.43 67.69 -75.17
C ILE ZA 847 9.48 68.02 -73.70
N THR ZA 848 8.65 68.97 -73.30
CA THR ZA 848 8.51 69.36 -71.89
C THR ZA 848 7.09 69.89 -71.72
N GLU ZA 849 6.16 69.00 -71.39
CA GLU ZA 849 4.74 69.27 -71.45
C GLU ZA 849 4.16 69.29 -70.04
N GLN ZA 850 3.67 70.45 -69.63
CA GLN ZA 850 3.36 70.68 -68.22
C GLN ZA 850 2.12 69.90 -67.78
N GLY ZA 851 1.68 70.20 -66.56
CA GLY ZA 851 0.45 69.72 -65.97
C GLY ZA 851 0.06 70.70 -64.88
N VAL ZA 852 -0.48 70.17 -63.79
CA VAL ZA 852 -0.64 70.95 -62.57
C VAL ZA 852 -0.46 70.02 -61.38
N GLU ZA 853 0.28 70.47 -60.37
CA GLU ZA 853 0.66 69.60 -59.26
C GLU ZA 853 1.23 70.42 -58.11
N GLU ZA 854 1.65 69.70 -57.08
CA GLU ZA 854 2.14 70.29 -55.84
C GLU ZA 854 3.47 69.64 -55.45
N LEU ZA 855 4.26 70.39 -54.69
CA LEU ZA 855 5.60 69.94 -54.33
C LEU ZA 855 5.53 68.91 -53.21
N MET ZA 856 5.76 67.65 -53.55
CA MET ZA 856 5.85 66.56 -52.59
C MET ZA 856 7.31 66.29 -52.29
N HIS ZA 857 7.74 66.64 -51.10
CA HIS ZA 857 9.15 66.56 -50.75
C HIS ZA 857 9.62 65.11 -50.84
N PRO ZA 858 10.92 64.88 -50.92
CA PRO ZA 858 11.40 63.50 -50.97
C PRO ZA 858 11.10 62.80 -49.68
N PRO ZA 859 10.88 61.49 -49.72
CA PRO ZA 859 10.75 60.71 -48.49
C PRO ZA 859 12.10 60.40 -47.89
N SER ZA 860 12.06 59.75 -46.73
CA SER ZA 860 13.27 59.50 -45.97
C SER ZA 860 14.27 58.70 -46.78
N TRP ZA 861 13.90 57.52 -47.27
CA TRP ZA 861 14.88 56.70 -47.95
C TRP ZA 861 15.38 57.37 -49.22
N ARG ZA 862 14.52 58.14 -49.88
CA ARG ZA 862 14.94 58.79 -51.11
C ARG ZA 862 15.82 60.00 -50.88
N THR ZA 863 15.85 60.55 -49.67
CA THR ZA 863 16.63 61.74 -49.39
C THR ZA 863 18.11 61.36 -49.20
N PRO ZA 864 19.03 61.93 -49.98
CA PRO ZA 864 20.40 61.38 -50.00
C PRO ZA 864 21.22 61.73 -48.78
N PHE ZA 865 21.24 63.00 -48.37
CA PHE ZA 865 21.95 63.37 -47.15
C PHE ZA 865 21.25 62.80 -45.93
N ARG ZA 866 20.01 62.36 -46.10
CA ARG ZA 866 19.33 61.59 -45.08
C ARG ZA 866 19.68 60.12 -45.19
N ASN ZA 867 20.21 59.71 -46.34
CA ASN ZA 867 20.52 58.30 -46.57
C ASN ZA 867 21.97 58.08 -47.00
N ASP ZA 868 22.83 59.09 -46.91
CA ASP ZA 868 24.20 58.89 -47.33
C ASP ZA 868 24.87 57.89 -46.38
N PHE ZA 869 25.03 56.66 -46.85
CA PHE ZA 869 25.57 55.59 -46.03
C PHE ZA 869 27.03 55.38 -46.34
N ALA ZA 870 27.75 56.47 -46.61
CA ALA ZA 870 29.16 56.37 -46.97
C ALA ZA 870 29.97 55.73 -45.84
N GLU ZA 871 29.56 56.00 -44.61
CA GLU ZA 871 30.31 55.49 -43.45
C GLU ZA 871 30.18 53.98 -43.33
N GLU ZA 872 28.95 53.49 -43.23
CA GLU ZA 872 28.75 52.05 -43.19
C GLU ZA 872 29.27 51.42 -44.46
N ARG ZA 873 29.27 52.14 -45.57
CA ARG ZA 873 29.93 51.65 -46.77
C ARG ZA 873 31.39 51.41 -46.50
N LEU ZA 874 32.04 52.33 -45.78
CA LEU ZA 874 33.45 52.16 -45.45
C LEU ZA 874 33.65 50.90 -44.64
N GLU ZA 875 32.80 50.68 -43.65
CA GLU ZA 875 32.90 49.46 -42.85
C GLU ZA 875 32.67 48.24 -43.72
N GLU ZA 876 31.66 48.31 -44.60
CA GLU ZA 876 31.38 47.22 -45.51
C GLU ZA 876 32.61 46.83 -46.29
N LEU ZA 877 33.16 47.77 -47.06
CA LEU ZA 877 34.28 47.44 -47.93
C LEU ZA 877 35.47 46.98 -47.13
N ARG ZA 878 35.81 47.70 -46.06
CA ARG ZA 878 37.01 47.37 -45.31
C ARG ZA 878 36.90 45.97 -44.70
N GLN ZA 879 35.68 45.44 -44.58
CA GLN ZA 879 35.51 44.02 -44.26
C GLN ZA 879 35.01 43.18 -45.43
N ALA ZA 880 35.07 43.70 -46.65
CA ALA ZA 880 34.70 42.91 -47.83
C ALA ZA 880 35.52 41.63 -48.04
N PRO ZA 881 36.83 41.60 -47.84
CA PRO ZA 881 37.58 40.42 -48.30
C PRO ZA 881 37.10 39.14 -47.66
N PHE ZA 882 36.98 39.15 -46.34
CA PHE ZA 882 36.67 37.94 -45.60
C PHE ZA 882 35.43 37.26 -46.16
N LYS ZA 883 34.49 38.04 -46.67
CA LYS ZA 883 33.30 37.45 -47.26
C LYS ZA 883 33.65 36.67 -48.51
N ARG ZA 884 34.80 36.96 -49.12
CA ARG ZA 884 35.18 36.23 -50.32
C ARG ZA 884 35.76 34.87 -49.98
N GLU ZA 885 36.53 34.78 -48.91
CA GLU ZA 885 37.06 33.51 -48.47
C GLU ZA 885 35.92 32.60 -48.02
N ASN ZA 886 36.21 31.31 -47.93
CA ASN ZA 886 35.16 30.38 -47.56
C ASN ZA 886 34.98 30.31 -46.06
N TRP ZA 887 33.81 29.86 -45.63
CA TRP ZA 887 33.57 29.57 -44.23
C TRP ZA 887 33.86 28.09 -44.01
N VAL ZA 888 34.64 27.79 -42.97
CA VAL ZA 888 34.84 26.42 -42.51
C VAL ZA 888 34.73 26.43 -40.99
N SER ZA 889 34.42 25.28 -40.41
CA SER ZA 889 34.22 25.26 -38.97
C SER ZA 889 35.50 24.79 -38.30
N LEU ZA 890 36.19 25.72 -37.65
CA LEU ZA 890 37.40 25.38 -36.90
C LEU ZA 890 37.14 24.30 -35.86
N ILE ZA 891 35.90 24.16 -35.42
CA ILE ZA 891 35.46 22.97 -34.71
C ILE ZA 891 35.21 21.91 -35.78
N GLN ZA 892 36.23 21.14 -36.11
CA GLN ZA 892 36.19 20.44 -37.38
C GLN ZA 892 35.45 19.11 -37.27
N GLY ZA 893 35.21 18.52 -38.43
CA GLY ZA 893 34.45 17.30 -38.53
C GLY ZA 893 32.95 17.50 -38.52
N ARG ZA 894 32.49 18.74 -38.69
CA ARG ZA 894 31.09 19.07 -38.44
C ARG ZA 894 30.29 19.02 -39.74
N TYR ZA 895 29.03 18.61 -39.64
CA TYR ZA 895 28.14 18.57 -40.79
C TYR ZA 895 26.85 19.34 -40.59
N THR ZA 896 26.26 19.27 -39.40
CA THR ZA 896 24.93 19.84 -39.22
C THR ZA 896 24.93 21.31 -39.59
N PRO ZA 897 23.98 21.76 -40.40
CA PRO ZA 897 23.82 23.20 -40.60
C PRO ZA 897 23.23 23.83 -39.35
N LYS ZA 898 23.87 24.91 -38.90
CA LYS ZA 898 23.47 25.55 -37.66
C LYS ZA 898 22.08 26.11 -37.82
N LEU ZA 899 21.16 25.68 -36.97
CA LEU ZA 899 19.77 26.08 -37.09
C LEU ZA 899 19.55 27.47 -36.51
N LYS ZA 900 19.53 28.48 -37.36
CA LYS ZA 900 19.26 29.84 -36.92
C LYS ZA 900 17.75 29.97 -36.83
N ARG ZA 901 17.27 30.85 -35.97
CA ARG ZA 901 15.87 30.80 -35.60
C ARG ZA 901 15.10 31.96 -36.20
N PHE ZA 902 13.78 31.82 -36.27
CA PHE ZA 902 12.95 32.81 -36.92
C PHE ZA 902 12.88 34.07 -36.09
N GLY ZA 903 13.03 35.19 -36.75
CA GLY ZA 903 12.82 36.47 -36.11
C GLY ZA 903 13.87 36.89 -35.11
N TYR ZA 904 14.92 36.10 -34.92
CA TYR ZA 904 15.94 36.45 -33.95
C TYR ZA 904 16.50 37.82 -34.27
N THR ZA 905 16.55 38.67 -33.24
CA THR ZA 905 17.02 40.03 -33.42
C THR ZA 905 18.44 40.05 -33.94
N GLN ZA 906 19.17 38.95 -33.75
CA GLN ZA 906 20.51 38.88 -34.32
C GLN ZA 906 20.44 38.80 -35.84
N HIS ZA 907 19.55 37.95 -36.36
CA HIS ZA 907 19.51 37.59 -37.77
C HIS ZA 907 18.54 38.43 -38.60
N THR ZA 908 17.74 39.26 -37.95
CA THR ZA 908 16.82 40.15 -38.65
C THR ZA 908 17.59 41.08 -39.58
N THR ZA 909 17.31 41.01 -40.88
CA THR ZA 909 17.93 41.96 -41.80
C THR ZA 909 16.96 42.96 -42.40
N MET ZA 910 15.66 42.72 -42.34
CA MET ZA 910 14.75 43.68 -42.94
C MET ZA 910 14.97 45.05 -42.30
N ASP ZA 911 15.49 45.97 -43.08
CA ASP ZA 911 15.67 47.34 -42.63
C ASP ZA 911 14.69 48.19 -43.42
N ASP ZA 912 13.42 48.08 -43.05
CA ASP ZA 912 12.36 48.61 -43.89
C ASP ZA 912 12.42 50.12 -43.97
N PHE ZA 913 12.97 50.75 -42.94
CA PHE ZA 913 13.01 52.19 -42.88
C PHE ZA 913 14.36 52.67 -42.40
N GLU ZA 914 15.35 51.79 -42.34
CA GLU ZA 914 16.53 52.08 -41.53
C GLU ZA 914 17.56 52.90 -42.31
N THR ZA 915 17.23 54.16 -42.52
CA THR ZA 915 18.11 55.05 -43.26
C THR ZA 915 19.30 55.43 -42.41
N LYS ZA 916 20.05 56.43 -42.87
CA LYS ZA 916 21.15 56.96 -42.07
C LYS ZA 916 20.62 57.59 -40.79
N GLU ZA 917 19.51 58.30 -40.90
CA GLU ZA 917 18.93 58.97 -39.74
C GLU ZA 917 18.47 57.93 -38.72
N TYR ZA 918 17.72 56.94 -39.18
CA TYR ZA 918 17.27 55.88 -38.30
C TYR ZA 918 18.46 55.21 -37.63
N LYS ZA 919 19.42 54.76 -38.44
CA LYS ZA 919 20.56 54.05 -37.86
C LYS ZA 919 21.30 54.93 -36.86
N ASP ZA 920 21.40 56.23 -37.12
CA ASP ZA 920 22.21 57.05 -36.24
C ASP ZA 920 21.50 57.37 -34.94
N ARG ZA 921 20.23 57.74 -35.00
CA ARG ZA 921 19.45 57.88 -33.78
C ARG ZA 921 19.51 56.59 -32.97
N LEU ZA 922 19.48 55.44 -33.66
CA LEU ZA 922 19.57 54.18 -32.95
C LEU ZA 922 20.94 53.99 -32.32
N LEU ZA 923 21.99 54.46 -32.98
CA LEU ZA 923 23.32 54.28 -32.44
C LEU ZA 923 23.53 55.16 -31.22
N SER ZA 924 23.07 56.40 -31.26
CA SER ZA 924 23.13 57.26 -30.10
C SER ZA 924 22.26 56.72 -28.97
N LYS ZA 925 21.12 56.15 -29.31
CA LYS ZA 925 20.28 55.54 -28.29
C LYS ZA 925 21.02 54.42 -27.59
N GLN ZA 926 21.60 53.50 -28.35
CA GLN ZA 926 22.32 52.39 -27.73
C GLN ZA 926 23.57 52.88 -27.01
N PHE ZA 927 24.21 53.92 -27.51
CA PHE ZA 927 25.46 54.35 -26.89
C PHE ZA 927 25.21 55.06 -25.56
N PHE ZA 928 24.20 55.91 -25.50
CA PHE ZA 928 23.93 56.57 -24.23
C PHE ZA 928 23.15 55.66 -23.32
N HIS ZA 929 22.63 54.55 -23.83
CA HIS ZA 929 22.08 53.56 -22.94
C HIS ZA 929 23.19 52.76 -22.29
N ASN ZA 930 24.20 52.36 -23.05
CA ASN ZA 930 25.41 51.79 -22.48
C ASN ZA 930 26.62 52.01 -23.38
N PRO ZA 931 27.50 52.92 -23.02
CA PRO ZA 931 28.66 53.17 -23.86
C PRO ZA 931 29.66 52.04 -23.82
N GLN ZA 932 29.85 51.42 -22.65
CA GLN ZA 932 30.97 50.51 -22.48
C GLN ZA 932 30.83 49.28 -23.35
N ALA ZA 933 29.67 49.06 -23.93
CA ALA ZA 933 29.53 47.97 -24.89
C ALA ZA 933 30.04 48.40 -26.25
N PHE ZA 934 30.00 49.70 -26.54
CA PHE ZA 934 30.53 50.19 -27.80
C PHE ZA 934 32.02 50.46 -27.74
N GLU ZA 935 32.71 49.94 -26.73
CA GLU ZA 935 34.16 50.01 -26.73
C GLU ZA 935 34.74 48.63 -27.02
N VAL ZA 936 36.06 48.56 -27.16
CA VAL ZA 936 36.68 47.28 -27.50
C VAL ZA 936 37.14 46.55 -26.24
N ILE ZA 937 37.66 47.28 -25.26
CA ILE ZA 937 37.88 46.77 -23.92
C ILE ZA 937 36.74 47.27 -23.05
N PRO ZA 938 35.63 46.53 -22.94
CA PRO ZA 938 34.50 47.01 -22.17
C PRO ZA 938 34.82 47.07 -20.69
N ASP ZA 939 34.88 48.29 -20.18
CA ASP ZA 939 35.03 48.52 -18.76
C ASP ZA 939 33.83 47.95 -18.00
N ARG ZA 940 33.92 48.04 -16.68
CA ARG ZA 940 32.81 47.65 -15.84
C ARG ZA 940 31.62 48.53 -16.16
N ARG ZA 941 30.47 47.90 -16.37
CA ARG ZA 941 29.22 48.63 -16.59
C ARG ZA 941 28.33 48.44 -15.37
N ASP ZA 942 28.56 49.26 -14.36
CA ASP ZA 942 27.61 49.41 -13.27
C ASP ZA 942 26.74 50.59 -13.65
N ARG ZA 943 25.58 50.72 -13.02
CA ARG ZA 943 24.68 51.77 -13.45
C ARG ZA 943 24.71 52.93 -12.47
N ALA ZA 944 24.60 54.15 -13.02
CA ALA ZA 944 24.67 55.38 -12.25
C ALA ZA 944 23.42 56.20 -12.53
N VAL ZA 945 23.43 57.46 -12.08
CA VAL ZA 945 22.21 58.23 -12.02
C VAL ZA 945 21.87 58.85 -13.37
N THR ZA 946 20.62 59.24 -13.53
CA THR ZA 946 20.12 59.92 -14.72
C THR ZA 946 19.69 61.34 -14.39
N PHE ZA 947 20.21 62.30 -15.13
CA PHE ZA 947 19.94 63.70 -14.86
C PHE ZA 947 18.48 64.03 -15.12
N GLY ZA 948 17.74 63.14 -15.75
CA GLY ZA 948 16.33 63.38 -15.94
C GLY ZA 948 15.55 63.29 -14.65
N GLY ZA 949 15.78 62.25 -13.88
CA GLY ZA 949 14.95 61.95 -12.74
C GLY ZA 949 14.72 60.45 -12.70
N LYS ZA 950 14.20 59.99 -11.56
CA LYS ZA 950 14.14 58.56 -11.30
C LYS ZA 950 13.43 57.79 -12.41
N TRP ZA 951 12.84 58.50 -13.37
CA TRP ZA 951 12.08 57.91 -14.45
C TRP ZA 951 12.57 58.34 -15.82
N GLU ZA 952 13.87 58.49 -16.04
CA GLU ZA 952 14.32 58.94 -17.35
C GLU ZA 952 13.93 57.98 -18.46
N TYR ZA 953 13.56 56.75 -18.13
CA TYR ZA 953 13.13 55.86 -19.19
C TYR ZA 953 12.00 56.48 -20.00
N GLN ZA 954 11.33 57.47 -19.43
CA GLN ZA 954 10.25 58.10 -20.16
C GLN ZA 954 10.76 58.90 -21.34
N ARG ZA 955 11.98 59.40 -21.27
CA ARG ZA 955 12.50 60.10 -22.44
C ARG ZA 955 13.72 59.42 -23.03
N THR ZA 956 13.98 58.18 -22.62
CA THR ZA 956 14.99 57.35 -23.28
C THR ZA 956 14.41 56.11 -23.93
N HIS ZA 957 13.28 55.63 -23.45
CA HIS ZA 957 12.84 54.26 -23.68
C HIS ZA 957 12.59 53.99 -25.14
N GLY ZA 958 12.43 52.70 -25.45
CA GLY ZA 958 12.01 52.25 -26.75
C GLY ZA 958 12.96 52.65 -27.86
N LEU ZA 959 12.73 52.09 -29.03
CA LEU ZA 959 13.54 52.40 -30.19
C LEU ZA 959 13.24 53.82 -30.65
N PRO ZA 960 13.97 54.32 -31.63
CA PRO ZA 960 13.53 55.53 -32.32
C PRO ZA 960 12.34 55.19 -33.21
N THR ZA 961 11.47 56.17 -33.40
CA THR ZA 961 10.22 55.98 -34.12
C THR ZA 961 10.23 56.89 -35.34
N VAL ZA 962 9.64 56.42 -36.43
CA VAL ZA 962 9.72 57.14 -37.70
C VAL ZA 962 8.60 58.18 -37.80
N ASP ZA 963 8.64 59.00 -38.85
CA ASP ZA 963 7.56 59.94 -39.05
C ASP ZA 963 6.38 59.26 -39.73
N ARG ZA 964 5.17 59.64 -39.34
CA ARG ZA 964 4.02 58.77 -39.57
C ARG ZA 964 3.55 58.82 -41.02
N ASN ZA 965 3.53 60.02 -41.61
CA ASN ZA 965 3.07 60.12 -42.99
C ASN ZA 965 3.86 59.18 -43.89
N GLU ZA 966 5.18 59.17 -43.73
CA GLU ZA 966 6.01 58.24 -44.50
C GLU ZA 966 5.77 56.81 -44.05
N LEU ZA 967 5.63 56.59 -42.74
CA LEU ZA 967 5.28 55.26 -42.24
C LEU ZA 967 4.17 54.65 -43.07
N GLU ZA 968 3.10 55.41 -43.27
CA GLU ZA 968 1.85 54.82 -43.71
C GLU ZA 968 1.66 54.96 -45.21
N ASN ZA 969 2.28 55.96 -45.83
CA ASN ZA 969 2.18 56.15 -47.26
C ASN ZA 969 3.26 55.43 -48.04
N GLY ZA 970 4.46 55.25 -47.48
CA GLY ZA 970 5.58 54.86 -48.30
C GLY ZA 970 5.58 53.43 -48.77
N TRP ZA 971 4.42 52.80 -48.84
CA TRP ZA 971 4.30 51.46 -49.37
C TRP ZA 971 4.09 51.52 -50.87
N SER ZA 972 5.03 50.95 -51.63
CA SER ZA 972 4.93 50.90 -53.08
C SER ZA 972 3.74 50.05 -53.52
N GLU ZA 973 3.10 50.49 -54.59
CA GLU ZA 973 1.87 49.87 -55.04
C GLU ZA 973 2.09 48.38 -55.23
N VAL ZA 974 1.06 47.61 -54.89
CA VAL ZA 974 1.16 46.15 -54.84
C VAL ZA 974 0.26 45.55 -55.91
N GLU ZA 975 0.74 44.48 -56.54
CA GLU ZA 975 0.03 43.88 -57.67
C GLU ZA 975 -1.38 43.48 -57.26
N ALA ZA 976 -2.33 43.79 -58.11
CA ALA ZA 976 -3.68 43.30 -57.92
C ALA ZA 976 -3.76 41.85 -58.38
N VAL ZA 977 -3.34 40.93 -57.52
CA VAL ZA 977 -3.52 39.52 -57.81
C VAL ZA 977 -4.98 39.30 -58.17
N THR ZA 978 -5.22 38.87 -59.41
CA THR ZA 978 -6.51 39.15 -59.99
C THR ZA 978 -7.40 37.92 -60.00
N ASP ZA 979 -8.63 38.12 -60.50
CA ASP ZA 979 -9.64 37.05 -60.47
C ASP ZA 979 -9.11 35.79 -61.11
N ALA ZA 980 -8.18 35.93 -62.05
CA ALA ZA 980 -7.53 34.76 -62.63
C ALA ZA 980 -6.88 33.91 -61.54
N GLU ZA 981 -5.85 34.46 -60.89
CA GLU ZA 981 -5.17 33.72 -59.84
C GLU ZA 981 -6.15 33.30 -58.75
N MET ZA 982 -7.20 34.09 -58.51
CA MET ZA 982 -8.17 33.70 -57.48
C MET ZA 982 -8.90 32.43 -57.88
N HIS ZA 983 -9.35 32.33 -59.14
CA HIS ZA 983 -9.99 31.09 -59.57
C HIS ZA 983 -9.02 29.94 -59.46
N VAL ZA 984 -7.75 30.20 -59.79
CA VAL ZA 984 -6.72 29.16 -59.63
C VAL ZA 984 -6.72 28.63 -58.22
N ILE ZA 985 -6.60 29.53 -57.24
CA ILE ZA 985 -6.31 29.10 -55.89
C ILE ZA 985 -7.55 28.48 -55.29
N GLU ZA 986 -8.71 29.08 -55.55
CA GLU ZA 986 -9.92 28.48 -55.05
C GLU ZA 986 -10.08 27.09 -55.65
N GLN ZA 987 -9.60 26.89 -56.88
CA GLN ZA 987 -9.64 25.56 -57.46
C GLN ZA 987 -8.68 24.63 -56.72
N ALA ZA 988 -7.50 25.15 -56.37
CA ALA ZA 988 -6.55 24.36 -55.60
C ALA ZA 988 -7.20 23.79 -54.35
N LEU ZA 989 -7.82 24.66 -53.55
CA LEU ZA 989 -8.41 24.17 -52.31
C LEU ZA 989 -9.62 23.29 -52.58
N ARG ZA 990 -10.48 23.68 -53.50
CA ARG ZA 990 -11.66 22.85 -53.69
C ARG ZA 990 -11.30 21.52 -54.30
N ASP ZA 991 -10.04 21.40 -54.75
CA ASP ZA 991 -9.52 20.09 -55.10
C ASP ZA 991 -9.03 19.34 -53.88
N ILE ZA 992 -8.14 19.94 -53.09
CA ILE ZA 992 -7.54 19.16 -52.02
C ILE ZA 992 -8.58 18.80 -50.98
N SER ZA 993 -9.68 19.52 -50.94
CA SER ZA 993 -10.68 19.21 -49.95
C SER ZA 993 -11.29 17.83 -50.14
N GLY ZA 994 -10.83 17.07 -51.13
CA GLY ZA 994 -11.46 15.80 -51.42
C GLY ZA 994 -10.92 14.69 -50.55
N ARG ZA 995 -11.72 13.65 -50.37
CA ARG ZA 995 -11.37 12.56 -49.48
C ARG ZA 995 -10.15 11.84 -50.01
N ARG ZA 996 -9.03 11.98 -49.33
CA ARG ZA 996 -7.94 11.04 -49.52
C ARG ZA 996 -8.38 9.71 -48.93
N PRO ZA 997 -7.89 8.59 -49.46
CA PRO ZA 997 -8.68 7.36 -49.36
C PRO ZA 997 -8.91 6.80 -47.97
N GLY ZA 998 -7.85 6.56 -47.19
CA GLY ZA 998 -7.98 5.64 -46.07
C GLY ZA 998 -8.24 6.29 -44.73
N ASN ZA 999 -8.08 7.62 -44.65
CA ASN ZA 999 -8.17 8.32 -43.38
C ASN ZA 999 -9.44 7.95 -42.63
N PHE ZA 1000 -10.48 7.54 -43.33
CA PHE ZA 1000 -11.66 7.08 -42.60
C PHE ZA 1000 -11.35 5.79 -41.87
N ILE ZA 1001 -10.89 4.77 -42.60
CA ILE ZA 1001 -10.57 3.48 -42.04
C ILE ZA 1001 -9.08 3.26 -42.24
N LYS ZA 1002 -8.30 3.44 -41.19
CA LYS ZA 1002 -6.86 3.34 -41.33
C LYS ZA 1002 -6.43 1.88 -41.38
N SER ZA 1003 -5.56 1.55 -42.32
CA SER ZA 1003 -5.12 0.18 -42.47
C SER ZA 1003 -4.05 -0.13 -41.42
N PRO ZA 1004 -3.91 -1.41 -41.04
CA PRO ZA 1004 -2.98 -1.77 -39.97
C PRO ZA 1004 -1.60 -1.11 -40.06
N THR ZA 1005 -1.13 -0.72 -41.23
CA THR ZA 1005 0.18 -0.09 -41.27
C THR ZA 1005 0.18 1.28 -40.62
N LYS ZA 1006 -0.79 2.13 -40.94
CA LYS ZA 1006 -0.89 3.42 -40.26
C LYS ZA 1006 -1.49 3.26 -38.86
N LYS ZA 1007 -2.26 2.19 -38.63
CA LYS ZA 1007 -2.80 1.95 -37.31
C LYS ZA 1007 -1.73 1.48 -36.34
N ASN ZA 1008 -0.61 0.97 -36.85
CA ASN ZA 1008 0.42 0.39 -36.00
C ASN ZA 1008 1.81 0.97 -36.24
N THR ZA 1009 1.95 2.02 -37.04
CA THR ZA 1009 3.28 2.57 -37.21
C THR ZA 1009 3.78 3.32 -36.00
N LEU ZA 1010 3.07 3.30 -34.87
CA LEU ZA 1010 3.41 4.18 -33.77
C LEU ZA 1010 4.78 3.84 -33.19
N GLN ZA 1011 5.52 4.88 -32.82
CA GLN ZA 1011 6.83 4.73 -32.19
C GLN ZA 1011 7.08 5.91 -31.28
N LEU ZA 1012 6.75 5.78 -30.00
CA LEU ZA 1012 6.91 6.86 -29.04
C LEU ZA 1012 8.37 6.97 -28.64
N ASN ZA 1013 8.85 8.21 -28.51
CA ASN ZA 1013 10.19 8.44 -28.02
C ASN ZA 1013 10.30 8.18 -26.52
N GLU ZA 1014 9.22 7.74 -25.89
CA GLU ZA 1014 9.27 7.44 -24.47
C GLU ZA 1014 9.80 6.03 -24.22
N SER ZA 1015 10.42 5.84 -23.07
CA SER ZA 1015 11.18 4.63 -22.84
C SER ZA 1015 10.31 3.49 -22.37
N TRP ZA 1016 9.05 3.75 -22.02
CA TRP ZA 1016 8.18 2.61 -21.67
C TRP ZA 1016 7.55 2.01 -22.91
N TRP ZA 1017 7.61 2.74 -24.02
CA TRP ZA 1017 6.87 2.31 -25.21
C TRP ZA 1017 7.59 1.21 -25.95
N GLU ZA 1018 8.91 1.33 -26.09
CA GLU ZA 1018 9.63 0.42 -26.97
C GLU ZA 1018 9.65 -1.04 -26.53
N PRO ZA 1019 9.57 -1.40 -25.24
CA PRO ZA 1019 9.52 -2.83 -24.91
C PRO ZA 1019 8.37 -3.54 -25.59
N LEU ZA 1020 7.14 -3.20 -25.25
CA LEU ZA 1020 6.00 -3.74 -25.98
C LEU ZA 1020 6.08 -3.16 -27.37
N GLU ZA 1021 6.87 -3.79 -28.23
CA GLU ZA 1021 7.03 -3.34 -29.60
C GLU ZA 1021 5.65 -3.20 -30.21
N PHE ZA 1022 5.29 -1.98 -30.60
CA PHE ZA 1022 3.87 -1.67 -30.72
C PHE ZA 1022 3.21 -2.50 -31.82
N GLY ZA 1023 3.62 -2.29 -33.06
CA GLY ZA 1023 3.09 -3.11 -34.14
C GLY ZA 1023 3.87 -4.40 -34.24
N TRP ZA 1024 4.06 -5.10 -33.12
CA TRP ZA 1024 4.85 -6.32 -33.18
C TRP ZA 1024 4.20 -7.32 -34.11
N GLU ZA 1025 2.97 -7.76 -33.82
CA GLU ZA 1025 2.41 -8.88 -34.57
C GLU ZA 1025 2.07 -8.45 -35.98
N GLN ZA 1026 1.75 -7.17 -36.16
CA GLN ZA 1026 1.45 -6.72 -37.51
C GLN ZA 1026 2.69 -6.65 -38.37
N HIS ZA 1027 3.76 -6.06 -37.85
CA HIS ZA 1027 5.02 -6.01 -38.58
C HIS ZA 1027 5.56 -7.42 -38.80
N ASN ZA 1028 5.23 -8.34 -37.90
CA ASN ZA 1028 5.52 -9.75 -38.13
C ASN ZA 1028 4.72 -10.28 -39.32
N LYS ZA 1029 3.42 -10.02 -39.34
CA LYS ZA 1029 2.62 -10.48 -40.46
C LYS ZA 1029 3.16 -9.94 -41.78
N GLU ZA 1030 3.57 -8.67 -41.78
CA GLU ZA 1030 4.10 -8.08 -43.00
C GLU ZA 1030 5.45 -8.68 -43.38
N GLN ZA 1031 6.28 -9.04 -42.40
CA GLN ZA 1031 7.58 -9.62 -42.74
C GLN ZA 1031 7.43 -11.07 -43.16
N LYS ZA 1032 6.40 -11.74 -42.65
CA LYS ZA 1032 6.09 -13.09 -43.09
C LYS ZA 1032 5.59 -13.09 -44.51
N ALA ZA 1033 4.72 -12.15 -44.85
CA ALA ZA 1033 4.05 -12.21 -46.13
C ALA ZA 1033 4.90 -11.60 -47.24
N LEU ZA 1034 5.41 -10.40 -47.03
CA LEU ZA 1034 5.92 -9.58 -48.12
C LEU ZA 1034 7.44 -9.59 -48.25
N VAL ZA 1035 8.13 -10.54 -47.64
CA VAL ZA 1035 9.58 -10.60 -47.80
C VAL ZA 1035 10.05 -12.03 -47.61
N ASP ZA 1036 11.31 -12.25 -47.95
CA ASP ZA 1036 11.84 -13.61 -48.01
C ASP ZA 1036 12.21 -14.11 -46.62
N PRO ZA 1037 12.04 -15.40 -46.35
CA PRO ZA 1037 12.38 -15.92 -45.01
C PRO ZA 1037 13.87 -16.04 -44.78
N THR ZA 1038 14.69 -15.45 -45.65
CA THR ZA 1038 16.11 -15.77 -45.63
C THR ZA 1038 16.92 -14.65 -45.00
N GLU ZA 1039 16.49 -13.42 -45.18
CA GLU ZA 1039 17.06 -12.28 -44.48
C GLU ZA 1039 15.92 -11.31 -44.13
N GLN ZA 1040 15.35 -11.50 -42.94
CA GLN ZA 1040 14.19 -10.74 -42.52
C GLN ZA 1040 14.08 -10.84 -41.01
N ARG ZA 1041 13.17 -10.06 -40.41
CA ARG ZA 1041 13.02 -10.01 -38.97
C ARG ZA 1041 11.71 -10.66 -38.56
N LEU ZA 1042 11.54 -10.84 -37.26
CA LEU ZA 1042 10.29 -11.31 -36.68
C LEU ZA 1042 10.31 -10.99 -35.21
N ILE ZA 1043 9.28 -10.29 -34.72
CA ILE ZA 1043 9.24 -9.87 -33.34
C ILE ZA 1043 8.41 -10.86 -32.52
N ASP ZA 1044 8.79 -11.06 -31.26
CA ASP ZA 1044 8.27 -12.17 -30.47
C ASP ZA 1044 7.47 -11.72 -29.25
N SER ZA 1045 6.33 -12.35 -29.06
CA SER ZA 1045 5.53 -12.11 -27.86
C SER ZA 1045 6.22 -12.67 -26.63
N ALA ZA 1046 7.25 -13.47 -26.82
CA ALA ZA 1046 8.03 -13.93 -25.67
C ALA ZA 1046 8.73 -12.76 -25.00
N SER ZA 1047 9.58 -12.06 -25.73
CA SER ZA 1047 10.23 -10.87 -25.17
C SER ZA 1047 9.21 -9.74 -24.97
N LEU ZA 1048 8.06 -9.81 -25.64
CA LEU ZA 1048 7.07 -8.77 -25.48
C LEU ZA 1048 6.34 -8.92 -24.16
N PRO ZA 1049 6.06 -7.83 -23.46
CA PRO ZA 1049 5.69 -7.92 -22.04
C PRO ZA 1049 4.54 -8.84 -21.72
N PHE ZA 1050 3.34 -8.53 -22.20
CA PHE ZA 1050 2.12 -9.05 -21.59
C PHE ZA 1050 1.57 -10.24 -22.33
N GLY ZA 1051 2.42 -11.17 -22.75
CA GLY ZA 1051 2.04 -12.14 -23.73
C GLY ZA 1051 2.11 -11.58 -25.13
N GLY ZA 1052 2.84 -10.49 -25.31
CA GLY ZA 1052 2.86 -9.75 -26.55
C GLY ZA 1052 1.61 -8.97 -26.79
N LYS ZA 1053 0.48 -9.42 -26.27
CA LYS ZA 1053 -0.78 -8.75 -26.43
C LYS ZA 1053 -0.96 -7.84 -25.24
N ILE ZA 1054 -2.01 -7.04 -25.28
CA ILE ZA 1054 -2.28 -6.09 -24.19
C ILE ZA 1054 -2.82 -6.85 -22.99
N PRO ZA 1055 -2.49 -6.47 -21.77
CA PRO ZA 1055 -3.06 -7.13 -20.63
C PRO ZA 1055 -4.50 -6.70 -20.44
N PRO ZA 1056 -5.32 -7.58 -19.89
CA PRO ZA 1056 -6.72 -7.23 -19.65
C PRO ZA 1056 -6.86 -6.06 -18.70
N PHE ZA 1057 -8.11 -5.70 -18.42
CA PHE ZA 1057 -8.37 -4.39 -17.86
C PHE ZA 1057 -7.97 -4.30 -16.41
N GLY ZA 1058 -8.58 -5.12 -15.56
CA GLY ZA 1058 -8.42 -4.93 -14.12
C GLY ZA 1058 -6.99 -5.07 -13.64
N THR ZA 1059 -6.16 -5.79 -14.39
CA THR ZA 1059 -4.90 -6.27 -13.80
C THR ZA 1059 -3.87 -5.16 -13.64
N THR ZA 1060 -3.24 -4.74 -14.71
CA THR ZA 1060 -2.05 -3.90 -14.55
C THR ZA 1060 -2.41 -2.50 -14.08
N ILE ZA 1061 -1.67 -1.94 -13.13
CA ILE ZA 1061 -2.12 -0.75 -12.43
C ILE ZA 1061 -2.23 0.44 -13.38
N GLY ZA 1062 -1.95 0.24 -14.66
CA GLY ZA 1062 -2.21 1.28 -15.62
C GLY ZA 1062 -1.28 1.34 -16.80
N ILE ZA 1063 -0.21 0.54 -16.82
CA ILE ZA 1063 0.64 0.49 -18.01
C ILE ZA 1063 -0.17 0.06 -19.22
N GLY ZA 1064 -0.86 -1.07 -19.10
CA GLY ZA 1064 -1.70 -1.52 -20.19
C GLY ZA 1064 -2.84 -0.57 -20.47
N GLU ZA 1065 -3.38 0.07 -19.43
CA GLU ZA 1065 -4.38 1.11 -19.64
C GLU ZA 1065 -3.88 2.16 -20.61
N ARG ZA 1066 -2.78 2.84 -20.25
CA ARG ZA 1066 -2.35 3.94 -21.09
C ARG ZA 1066 -1.82 3.44 -22.43
N ILE ZA 1067 -1.42 2.18 -22.52
CA ILE ZA 1067 -1.01 1.67 -23.82
C ILE ZA 1067 -2.21 1.49 -24.73
N ARG ZA 1068 -3.28 0.90 -24.23
CA ARG ZA 1068 -4.49 0.78 -25.01
C ARG ZA 1068 -4.98 2.15 -25.43
N GLU ZA 1069 -4.85 3.13 -24.55
CA GLU ZA 1069 -5.39 4.46 -24.85
C GLU ZA 1069 -4.56 5.17 -25.92
N ILE ZA 1070 -3.24 5.06 -25.89
CA ILE ZA 1070 -2.46 5.64 -26.98
C ILE ZA 1070 -2.72 4.89 -28.29
N ALA ZA 1071 -2.85 3.55 -28.21
CA ALA ZA 1071 -3.13 2.79 -29.42
C ALA ZA 1071 -4.48 3.18 -30.00
N GLU ZA 1072 -5.48 3.34 -29.15
CA GLU ZA 1072 -6.77 3.84 -29.59
C GLU ZA 1072 -6.62 5.16 -30.32
N ASP ZA 1073 -6.09 6.17 -29.62
CA ASP ZA 1073 -6.12 7.50 -30.21
C ASP ZA 1073 -5.25 7.57 -31.45
N TYR ZA 1074 -4.31 6.66 -31.61
CA TYR ZA 1074 -3.57 6.67 -32.87
C TYR ZA 1074 -4.26 5.85 -33.95
N ALA ZA 1075 -5.22 5.01 -33.56
CA ALA ZA 1075 -5.93 4.20 -34.54
C ALA ZA 1075 -7.29 4.75 -34.89
N LYS ZA 1076 -7.73 5.82 -34.26
CA LYS ZA 1076 -9.06 6.34 -34.55
C LYS ZA 1076 -9.12 6.87 -35.98
N GLY ZA 1077 -10.20 6.52 -36.68
CA GLY ZA 1077 -10.37 6.98 -38.04
C GLY ZA 1077 -11.19 8.24 -38.13
N PHE ZA 1078 -10.75 9.13 -38.99
CA PHE ZA 1078 -11.37 10.43 -39.10
C PHE ZA 1078 -11.62 10.76 -40.57
N GLY ZA 1079 -12.69 11.49 -40.80
CA GLY ZA 1079 -13.17 11.74 -42.13
C GLY ZA 1079 -14.60 11.29 -42.29
N LEU ZA 1080 -15.21 11.68 -43.41
CA LEU ZA 1080 -16.54 11.18 -43.72
C LEU ZA 1080 -16.45 9.86 -44.46
N GLY ZA 1081 -17.35 8.96 -44.11
CA GLY ZA 1081 -17.42 7.68 -44.74
C GLY ZA 1081 -18.49 7.63 -45.79
N PRO ZA 1082 -18.66 6.46 -46.39
CA PRO ZA 1082 -19.60 6.34 -47.51
C PRO ZA 1082 -21.06 6.52 -47.12
N HIS ZA 1083 -21.35 6.77 -45.84
CA HIS ZA 1083 -22.74 6.94 -45.44
C HIS ZA 1083 -23.02 8.35 -44.94
N GLY ZA 1084 -21.99 9.13 -44.69
CA GLY ZA 1084 -22.18 10.52 -44.36
C GLY ZA 1084 -21.93 10.89 -42.92
N HIS ZA 1085 -21.08 10.14 -42.22
CA HIS ZA 1085 -20.82 10.37 -40.81
C HIS ZA 1085 -19.40 9.97 -40.47
N SER ZA 1086 -18.76 10.79 -39.65
CA SER ZA 1086 -17.59 10.37 -38.91
C SER ZA 1086 -17.90 9.06 -38.20
N PRO ZA 1087 -16.94 8.14 -38.12
CA PRO ZA 1087 -17.28 6.81 -37.63
C PRO ZA 1087 -17.72 6.82 -36.18
N SER ZA 1088 -17.48 7.89 -35.46
CA SER ZA 1088 -18.03 8.01 -34.14
C SER ZA 1088 -19.17 9.01 -34.03
N HIS ZA 1089 -19.87 9.32 -35.12
CA HIS ZA 1089 -21.13 10.04 -34.99
C HIS ZA 1089 -22.00 9.32 -33.96
N ASP ZA 1090 -22.96 10.04 -33.40
CA ASP ZA 1090 -23.73 9.48 -32.29
C ASP ZA 1090 -24.30 8.11 -32.63
N THR ZA 1091 -24.78 7.92 -33.86
CA THR ZA 1091 -25.60 6.77 -34.19
C THR ZA 1091 -25.17 6.00 -35.44
N CYS ZA 1092 -24.60 6.66 -36.44
CA CYS ZA 1092 -24.43 6.06 -37.76
C CYS ZA 1092 -23.22 5.14 -37.74
N GLN ZA 1093 -23.47 3.87 -37.43
CA GLN ZA 1093 -22.46 2.84 -37.21
C GLN ZA 1093 -21.88 2.37 -38.52
N TYR ZA 1094 -20.62 1.98 -38.48
CA TYR ZA 1094 -19.92 1.46 -39.62
C TYR ZA 1094 -19.42 0.07 -39.24
N ASN ZA 1095 -19.03 -0.71 -40.24
CA ASN ZA 1095 -18.37 -1.99 -39.97
C ASN ZA 1095 -19.18 -2.83 -38.99
N THR ZA 1096 -20.49 -2.74 -39.03
CA THR ZA 1096 -21.30 -3.46 -38.05
C THR ZA 1096 -21.13 -4.96 -38.24
N LEU ZA 1097 -20.61 -5.61 -37.20
CA LEU ZA 1097 -20.33 -7.02 -37.26
C LEU ZA 1097 -19.31 -7.31 -38.36
N ASN ZA 1098 -18.37 -6.39 -38.51
CA ASN ZA 1098 -17.19 -6.54 -39.36
C ASN ZA 1098 -17.59 -6.69 -40.83
N ALA ZA 1099 -18.71 -6.06 -41.19
CA ALA ZA 1099 -19.29 -6.26 -42.51
C ALA ZA 1099 -18.37 -5.72 -43.59
N GLU ZA 1100 -17.49 -4.78 -43.26
CA GLU ZA 1100 -16.59 -4.22 -44.27
C GLU ZA 1100 -15.46 -5.18 -44.61
N GLU ZA 1101 -14.90 -5.87 -43.61
CA GLU ZA 1101 -13.93 -6.93 -43.92
C GLU ZA 1101 -14.62 -8.16 -44.49
N ASP ZA 1102 -15.87 -8.39 -44.10
CA ASP ZA 1102 -16.66 -9.42 -44.77
C ASP ZA 1102 -16.72 -9.14 -46.26
N ARG ZA 1103 -17.25 -7.99 -46.64
CA ARG ZA 1103 -17.29 -7.60 -48.03
C ARG ZA 1103 -15.91 -7.69 -48.68
N VAL ZA 1104 -14.85 -7.21 -48.01
CA VAL ZA 1104 -13.55 -7.14 -48.68
C VAL ZA 1104 -12.91 -8.51 -48.82
N ARG ZA 1105 -13.33 -9.47 -48.00
CA ARG ZA 1105 -12.98 -10.86 -48.28
C ARG ZA 1105 -13.79 -11.39 -49.44
N GLU ZA 1106 -15.10 -11.18 -49.39
CA GLU ZA 1106 -15.99 -11.79 -50.36
C GLU ZA 1106 -15.82 -11.14 -51.71
N LEU ZA 1107 -14.95 -10.14 -51.78
CA LEU ZA 1107 -14.48 -9.68 -53.08
C LEU ZA 1107 -13.01 -10.01 -53.27
N GLY ZA 1108 -12.16 -9.58 -52.35
CA GLY ZA 1108 -10.73 -9.60 -52.57
C GLY ZA 1108 -10.41 -8.56 -53.60
N TYR ZA 1109 -9.19 -8.10 -53.57
CA TYR ZA 1109 -8.79 -6.99 -54.41
C TYR ZA 1109 -8.23 -7.58 -55.69
N LYS ZA 1110 -9.07 -8.23 -56.48
CA LYS ZA 1110 -8.47 -9.02 -57.55
C LYS ZA 1110 -8.76 -8.42 -58.92
N ASP ZA 1111 -7.70 -8.36 -59.74
CA ASP ZA 1111 -7.64 -7.59 -60.96
C ASP ZA 1111 -7.66 -8.52 -62.17
N ALA ZA 1112 -8.50 -8.18 -63.13
CA ALA ZA 1112 -8.55 -8.98 -64.34
C ALA ZA 1112 -7.22 -8.96 -65.07
N LEU ZA 1113 -6.64 -7.78 -65.28
CA LEU ZA 1113 -5.51 -7.67 -66.19
C LEU ZA 1113 -4.28 -8.37 -65.66
N VAL ZA 1114 -3.95 -8.16 -64.40
CA VAL ZA 1114 -2.80 -8.85 -63.85
C VAL ZA 1114 -3.11 -10.32 -63.65
N ARG ZA 1115 -4.38 -10.66 -63.41
CA ARG ZA 1115 -4.74 -12.08 -63.32
C ARG ZA 1115 -4.52 -12.78 -64.64
N LEU ZA 1116 -4.76 -12.09 -65.74
CA LEU ZA 1116 -4.52 -12.67 -67.06
C LEU ZA 1116 -3.04 -12.72 -67.38
N PHE ZA 1117 -2.31 -11.64 -67.12
CA PHE ZA 1117 -0.87 -11.69 -67.25
C PHE ZA 1117 -0.31 -12.88 -66.49
N ASP ZA 1118 -0.82 -13.12 -65.28
CA ASP ZA 1118 -0.42 -14.32 -64.56
C ASP ZA 1118 -0.75 -15.57 -65.37
N GLU ZA 1119 -2.03 -15.79 -65.66
CA GLU ZA 1119 -2.42 -17.07 -66.22
C GLU ZA 1119 -1.76 -17.29 -67.58
N LYS ZA 1120 -1.20 -16.22 -68.16
CA LYS ZA 1120 -0.42 -16.35 -69.39
C LYS ZA 1120 1.01 -16.79 -69.09
N MET ZA 1121 1.75 -15.97 -68.34
CA MET ZA 1121 3.12 -16.36 -68.01
C MET ZA 1121 3.13 -17.64 -67.18
N ALA ZA 1122 2.65 -17.56 -65.95
CA ALA ZA 1122 2.16 -18.68 -65.15
C ALA ZA 1122 3.31 -19.55 -64.67
N ASP ZA 1123 4.52 -19.43 -65.23
CA ASP ZA 1123 5.72 -19.88 -64.55
C ASP ZA 1123 6.95 -19.03 -64.89
N LYS ZA 1124 6.84 -18.16 -65.90
CA LYS ZA 1124 8.02 -17.52 -66.46
C LYS ZA 1124 8.74 -16.65 -65.43
N ASP ZA 1125 10.06 -16.60 -65.53
CA ASP ZA 1125 10.79 -15.60 -64.80
C ASP ZA 1125 10.56 -14.24 -65.45
N VAL ZA 1126 10.24 -13.26 -64.61
CA VAL ZA 1126 9.86 -11.95 -65.11
C VAL ZA 1126 10.95 -11.37 -65.97
N HIS ZA 1127 12.22 -11.62 -65.61
CA HIS ZA 1127 13.31 -11.14 -66.45
C HIS ZA 1127 13.24 -11.77 -67.83
N GLN ZA 1128 12.91 -13.06 -67.88
CA GLN ZA 1128 12.74 -13.75 -69.16
C GLN ZA 1128 11.67 -13.07 -69.99
N TRP ZA 1129 10.48 -12.93 -69.42
CA TRP ZA 1129 9.40 -12.30 -70.17
C TRP ZA 1129 9.77 -10.90 -70.62
N ALA ZA 1130 10.50 -10.17 -69.77
CA ALA ZA 1130 10.76 -8.78 -70.08
C ALA ZA 1130 11.78 -8.65 -71.19
N VAL ZA 1131 12.85 -9.43 -71.16
CA VAL ZA 1131 13.83 -9.36 -72.24
C VAL ZA 1131 13.24 -9.93 -73.52
N GLU ZA 1132 12.18 -10.75 -73.40
CA GLU ZA 1132 11.38 -11.07 -74.57
C GLU ZA 1132 10.69 -9.83 -75.11
N GLN ZA 1133 9.77 -9.27 -74.32
CA GLN ZA 1133 8.82 -8.31 -74.86
C GLN ZA 1133 9.50 -7.01 -75.21
N CYS ZA 1134 10.53 -6.64 -74.46
CA CYS ZA 1134 11.38 -5.56 -74.90
C CYS ZA 1134 12.30 -6.10 -75.98
N ALA ZA 1135 12.19 -5.54 -77.17
CA ALA ZA 1135 13.14 -5.87 -78.22
C ALA ZA 1135 14.47 -5.20 -77.91
N ASP ZA 1136 15.38 -5.21 -78.88
CA ASP ZA 1136 16.64 -4.52 -78.69
C ASP ZA 1136 16.43 -3.05 -78.42
N GLY ZA 1137 15.74 -2.34 -79.32
CA GLY ZA 1137 15.50 -0.93 -79.14
C GLY ZA 1137 14.09 -0.52 -78.77
N GLU ZA 1138 13.15 -1.45 -78.75
CA GLU ZA 1138 11.75 -1.08 -78.55
C GLU ZA 1138 11.52 -0.44 -77.20
N ALA ZA 1139 11.93 -1.11 -76.12
CA ALA ZA 1139 11.62 -0.60 -74.80
C ALA ZA 1139 12.76 -0.91 -73.84
N ASP ZA 1140 12.90 -0.06 -72.82
CA ASP ZA 1140 13.97 -0.21 -71.84
C ASP ZA 1140 13.58 -1.24 -70.77
N VAL ZA 1141 14.45 -2.22 -70.57
CA VAL ZA 1141 14.12 -3.29 -69.66
C VAL ZA 1141 14.08 -2.77 -68.23
N ARG ZA 1142 14.90 -1.77 -67.92
CA ARG ZA 1142 14.85 -1.16 -66.60
C ARG ZA 1142 13.44 -0.67 -66.31
N GLN ZA 1143 12.94 0.27 -67.11
CA GLN ZA 1143 11.66 0.90 -66.83
C GLN ZA 1143 10.53 -0.12 -66.93
N LEU ZA 1144 10.60 -1.01 -67.91
CA LEU ZA 1144 9.51 -1.95 -68.07
C LEU ZA 1144 9.47 -2.92 -66.90
N LEU ZA 1145 10.64 -3.32 -66.39
CA LEU ZA 1145 10.68 -4.15 -65.19
C LEU ZA 1145 10.16 -3.39 -63.98
N LEU ZA 1146 10.59 -2.14 -63.83
CA LEU ZA 1146 10.17 -1.33 -62.69
C LEU ZA 1146 8.66 -1.31 -62.61
N SER ZA 1147 8.02 -0.76 -63.64
CA SER ZA 1147 6.57 -0.64 -63.58
C SER ZA 1147 5.91 -1.99 -63.62
N LEU ZA 1148 6.54 -2.97 -64.27
CA LEU ZA 1148 6.01 -4.32 -64.23
C LEU ZA 1148 5.83 -4.78 -62.81
N HIS ZA 1149 6.87 -4.65 -62.00
CA HIS ZA 1149 6.80 -5.11 -60.63
C HIS ZA 1149 5.85 -4.28 -59.82
N GLU ZA 1150 6.04 -2.96 -59.85
CA GLU ZA 1150 5.22 -2.07 -59.03
C GLU ZA 1150 3.75 -2.19 -59.39
N TRP ZA 1151 3.45 -2.74 -60.56
CA TRP ZA 1151 2.08 -3.02 -60.91
C TRP ZA 1151 1.69 -4.45 -60.55
N ARG ZA 1152 2.65 -5.37 -60.61
CA ARG ZA 1152 2.33 -6.78 -60.38
C ARG ZA 1152 2.00 -7.02 -58.92
N GLU ZA 1153 2.97 -6.81 -58.04
CA GLU ZA 1153 2.71 -6.75 -56.62
C GLU ZA 1153 2.53 -5.28 -56.27
N ARG ZA 1154 1.96 -5.02 -55.11
CA ARG ZA 1154 1.68 -3.65 -54.72
C ARG ZA 1154 0.78 -3.02 -55.75
N GLY ZA 1155 -0.41 -3.60 -55.88
CA GLY ZA 1155 -1.32 -3.33 -56.98
C GLY ZA 1155 -1.61 -1.90 -57.33
N ARG ZA 1156 -1.10 -1.48 -58.47
CA ARG ZA 1156 -1.28 -0.15 -59.03
C ARG ZA 1156 -1.98 -0.30 -60.36
N PRO ZA 1157 -2.37 0.81 -60.97
CA PRO ZA 1157 -2.74 0.77 -62.36
C PRO ZA 1157 -1.50 0.65 -63.22
N PRO ZA 1158 -1.48 -0.29 -64.15
CA PRO ZA 1158 -0.27 -0.48 -64.95
C PRO ZA 1158 0.08 0.78 -65.69
N SER ZA 1159 1.38 1.00 -65.87
CA SER ZA 1159 1.86 2.21 -66.49
C SER ZA 1159 1.45 2.27 -67.95
N LEU ZA 1160 1.77 3.38 -68.60
CA LEU ZA 1160 1.47 3.54 -70.02
C LEU ZA 1160 2.21 2.50 -70.86
N MET ZA 1161 3.54 2.54 -70.82
CA MET ZA 1161 4.31 1.64 -71.67
C MET ZA 1161 3.99 0.18 -71.37
N LEU ZA 1162 4.00 -0.19 -70.10
CA LEU ZA 1162 3.75 -1.58 -69.74
C LEU ZA 1162 2.35 -1.98 -70.13
N LEU ZA 1163 1.40 -1.05 -70.08
CA LEU ZA 1163 0.05 -1.40 -70.46
C LEU ZA 1163 -0.06 -1.67 -71.94
N GLN ZA 1164 0.69 -0.92 -72.75
CA GLN ZA 1164 0.66 -1.19 -74.19
C GLN ZA 1164 1.36 -2.50 -74.51
N VAL ZA 1165 2.48 -2.77 -73.84
CA VAL ZA 1165 3.13 -4.07 -73.99
C VAL ZA 1165 2.15 -5.18 -73.62
N LEU ZA 1166 1.33 -4.96 -72.59
CA LEU ZA 1166 0.31 -5.94 -72.25
C LEU ZA 1166 -0.75 -6.04 -73.33
N SER ZA 1167 -1.14 -4.90 -73.89
CA SER ZA 1167 -2.17 -4.90 -74.93
C SER ZA 1167 -1.74 -5.77 -76.09
N LYS ZA 1168 -0.44 -5.79 -76.36
CA LYS ZA 1168 0.02 -6.63 -77.47
C LYS ZA 1168 0.23 -8.08 -77.02
N TYR ZA 1169 0.76 -8.28 -75.82
CA TYR ZA 1169 1.20 -9.62 -75.43
C TYR ZA 1169 0.03 -10.49 -75.00
N LEU ZA 1170 -0.91 -9.92 -74.25
CA LEU ZA 1170 -2.05 -10.67 -73.76
C LEU ZA 1170 -3.18 -10.77 -74.77
N GLU ZA 1171 -2.94 -10.30 -75.99
CA GLU ZA 1171 -4.03 -10.04 -76.93
C GLU ZA 1171 -4.93 -11.26 -77.09
N GLN ZA 1172 -4.38 -12.47 -76.96
CA GLN ZA 1172 -5.22 -13.67 -77.04
C GLN ZA 1172 -6.15 -13.78 -75.84
N GLU ZA 1173 -5.60 -13.69 -74.63
CA GLU ZA 1173 -6.44 -13.73 -73.44
C GLU ZA 1173 -7.33 -12.49 -73.36
N ILE ZA 1174 -6.86 -11.37 -73.90
CA ILE ZA 1174 -7.71 -10.19 -73.97
C ILE ZA 1174 -8.95 -10.46 -74.81
N ALA ZA 1175 -8.77 -11.10 -75.97
CA ALA ZA 1175 -9.93 -11.46 -76.77
C ALA ZA 1175 -10.79 -12.50 -76.09
N ALA ZA 1176 -10.16 -13.48 -75.44
CA ALA ZA 1176 -10.92 -14.51 -74.75
C ALA ZA 1176 -11.76 -13.91 -73.63
N PHE ZA 1177 -11.33 -12.77 -73.12
CA PHE ZA 1177 -12.16 -12.03 -72.17
C PHE ZA 1177 -13.21 -11.23 -72.91
N ASN ZA 1178 -12.91 -10.80 -74.14
CA ASN ZA 1178 -13.76 -9.93 -74.93
C ASN ZA 1178 -14.70 -10.66 -75.89
N GLU ZA 1179 -14.86 -11.99 -75.75
CA GLU ZA 1179 -15.74 -12.71 -76.66
C GLU ZA 1179 -17.21 -12.39 -76.43
N GLY ZA 1180 -17.77 -12.87 -75.32
CA GLY ZA 1180 -19.21 -12.94 -75.18
C GLY ZA 1180 -19.89 -11.68 -74.70
N VAL ZA 1181 -19.34 -10.53 -75.05
CA VAL ZA 1181 -19.96 -9.30 -74.54
C VAL ZA 1181 -21.19 -9.01 -75.38
N PRO ZA 1182 -22.30 -8.58 -74.80
CA PRO ZA 1182 -23.31 -7.90 -75.60
C PRO ZA 1182 -22.93 -6.44 -75.76
N SER ZA 1183 -23.88 -5.66 -76.27
CA SER ZA 1183 -23.55 -4.30 -76.68
C SER ZA 1183 -23.21 -3.41 -75.48
N SER ZA 1184 -23.75 -3.74 -74.30
CA SER ZA 1184 -23.80 -2.73 -73.25
C SER ZA 1184 -22.78 -2.98 -72.13
N VAL ZA 1185 -22.33 -4.22 -71.96
CA VAL ZA 1185 -21.54 -4.57 -70.78
C VAL ZA 1185 -20.15 -3.98 -70.87
N PRO ZA 1186 -19.36 -3.98 -69.80
CA PRO ZA 1186 -17.96 -3.55 -69.92
C PRO ZA 1186 -17.14 -4.58 -70.65
N LYS ZA 1187 -16.09 -4.12 -71.29
CA LYS ZA 1187 -15.14 -4.99 -71.97
C LYS ZA 1187 -13.74 -4.48 -71.67
N LEU ZA 1188 -12.88 -5.38 -71.23
CA LEU ZA 1188 -11.55 -4.96 -70.81
C LEU ZA 1188 -10.80 -4.35 -71.97
N SER ZA 1189 -10.69 -3.03 -71.96
CA SER ZA 1189 -10.14 -2.26 -73.07
C SER ZA 1189 -8.94 -1.49 -72.56
N LEU ZA 1190 -7.74 -2.01 -72.83
CA LEU ZA 1190 -6.51 -1.43 -72.29
C LEU ZA 1190 -6.20 -0.12 -73.01
N GLN ZA 1191 -7.06 0.86 -72.80
CA GLN ZA 1191 -6.97 2.14 -73.49
C GLN ZA 1191 -6.49 3.22 -72.54
N THR ZA 1192 -5.53 4.01 -72.99
CA THR ZA 1192 -4.92 5.09 -72.23
C THR ZA 1192 -5.07 6.44 -72.93
N VAL ZA 1193 -6.29 6.72 -73.39
CA VAL ZA 1193 -6.58 7.95 -74.12
C VAL ZA 1193 -5.98 9.16 -73.41
N ASP ZA 1194 -6.23 9.29 -72.12
CA ASP ZA 1194 -5.54 10.24 -71.26
C ASP ZA 1194 -4.74 9.49 -70.20
N GLY ZA 1195 -3.61 10.06 -69.83
CA GLY ZA 1195 -2.69 9.41 -68.92
C GLY ZA 1195 -3.16 9.33 -67.48
N THR ZA 1196 -4.47 9.37 -67.27
CA THR ZA 1196 -5.08 9.19 -65.97
C THR ZA 1196 -5.20 7.71 -65.69
N LEU ZA 1197 -4.46 7.24 -64.68
CA LEU ZA 1197 -4.41 5.84 -64.32
C LEU ZA 1197 -5.42 5.50 -63.24
N SER ZA 1198 -6.19 6.46 -62.81
CA SER ZA 1198 -7.17 6.24 -61.76
C SER ZA 1198 -8.29 5.35 -62.26
N PRO ZA 1199 -8.51 4.18 -61.66
CA PRO ZA 1199 -9.57 3.30 -62.17
C PRO ZA 1199 -10.98 3.83 -62.02
N SER ZA 1200 -11.19 4.95 -61.33
CA SER ZA 1200 -12.50 5.59 -61.42
C SER ZA 1200 -12.56 6.54 -62.61
N GLY ZA 1201 -11.39 7.00 -63.09
CA GLY ZA 1201 -11.35 7.75 -64.34
C GLY ZA 1201 -11.64 6.88 -65.55
N ASN ZA 1202 -11.15 5.63 -65.53
CA ASN ZA 1202 -11.52 4.65 -66.53
C ASN ZA 1202 -12.73 3.82 -66.15
N SER ZA 1203 -13.30 4.05 -64.97
CA SER ZA 1203 -14.36 3.20 -64.45
C SER ZA 1203 -13.87 1.75 -64.34
N GLY ZA 1204 -12.56 1.59 -64.16
CA GLY ZA 1204 -11.99 0.27 -63.99
C GLY ZA 1204 -12.06 -0.61 -65.23
N GLU ZA 1205 -11.77 -0.05 -66.39
CA GLU ZA 1205 -11.70 -0.85 -67.61
C GLU ZA 1205 -10.29 -0.99 -68.13
N ARG ZA 1206 -9.46 0.04 -68.01
CA ARG ZA 1206 -8.06 -0.04 -68.43
C ARG ZA 1206 -7.33 -1.15 -67.69
N SER ZA 1207 -7.92 -1.63 -66.61
CA SER ZA 1207 -7.64 -2.93 -66.01
C SER ZA 1207 -8.90 -3.36 -65.30
N GLY ZA 1208 -9.00 -4.64 -64.98
CA GLY ZA 1208 -10.24 -5.08 -64.38
C GLY ZA 1208 -10.34 -4.83 -62.91
N THR ZA 1209 -10.32 -3.58 -62.48
CA THR ZA 1209 -10.21 -3.26 -61.06
C THR ZA 1209 -11.54 -2.73 -60.54
N ILE ZA 1210 -12.08 -3.40 -59.51
CA ILE ZA 1210 -13.11 -2.75 -58.73
C ILE ZA 1210 -12.62 -1.46 -58.12
N TRP ZA 1211 -11.40 -1.45 -57.59
CA TRP ZA 1211 -11.02 -0.55 -56.50
C TRP ZA 1211 -10.24 0.64 -57.04
N ALA ZA 1212 -10.77 1.84 -56.84
CA ALA ZA 1212 -10.22 3.04 -57.47
C ALA ZA 1212 -8.81 3.36 -56.96
N ASP ZA 1213 -8.45 2.84 -55.80
CA ASP ZA 1213 -7.08 2.88 -55.29
C ASP ZA 1213 -6.99 1.87 -54.16
N VAL ZA 1214 -6.14 0.86 -54.33
CA VAL ZA 1214 -6.02 -0.22 -53.36
C VAL ZA 1214 -4.84 0.07 -52.45
N GLU ZA 1215 -5.02 -0.18 -51.17
CA GLU ZA 1215 -3.91 -0.21 -50.25
C GLU ZA 1215 -2.86 -1.17 -50.79
N PRO ZA 1216 -1.67 -0.67 -51.12
CA PRO ZA 1216 -0.64 -1.58 -51.62
C PRO ZA 1216 -0.48 -2.82 -50.77
N THR ZA 1217 -0.64 -2.71 -49.46
CA THR ZA 1217 -0.19 -3.81 -48.61
C THR ZA 1217 -1.30 -4.81 -48.34
N ALA ZA 1218 -2.54 -4.39 -48.21
CA ALA ZA 1218 -3.59 -5.42 -48.16
C ALA ZA 1218 -3.71 -6.10 -49.51
N TYR ZA 1219 -3.49 -5.33 -50.58
CA TYR ZA 1219 -3.30 -5.94 -51.89
C TYR ZA 1219 -2.25 -7.03 -51.84
N ALA ZA 1220 -1.05 -6.69 -51.39
CA ALA ZA 1220 0.05 -7.64 -51.43
C ALA ZA 1220 -0.16 -8.78 -50.45
N LEU ZA 1221 -1.00 -8.58 -49.44
CA LEU ZA 1221 -1.30 -9.65 -48.51
C LEU ZA 1221 -2.18 -10.73 -49.18
N GLN ZA 1222 -3.31 -10.33 -49.74
CA GLN ZA 1222 -4.07 -11.27 -50.55
C GLN ZA 1222 -3.20 -11.88 -51.63
N TYR ZA 1223 -2.38 -11.04 -52.28
CA TYR ZA 1223 -1.62 -11.49 -53.43
C TYR ZA 1223 -0.63 -12.57 -53.06
N ALA ZA 1224 0.15 -12.35 -52.00
CA ALA ZA 1224 1.13 -13.34 -51.59
C ALA ZA 1224 0.46 -14.56 -50.98
N SER ZA 1225 -0.78 -14.42 -50.51
CA SER ZA 1225 -1.53 -15.63 -50.14
C SER ZA 1225 -1.94 -16.41 -51.38
N GLN ZA 1226 -2.07 -15.72 -52.50
CA GLN ZA 1226 -2.06 -16.41 -53.80
C GLN ZA 1226 -0.62 -16.84 -54.11
N ALA ZA 1227 -0.31 -18.11 -53.83
CA ALA ZA 1227 1.08 -18.55 -53.76
C ALA ZA 1227 1.57 -19.27 -55.00
N ASN ZA 1228 0.95 -19.05 -56.17
CA ASN ZA 1228 1.44 -19.68 -57.38
C ASN ZA 1228 2.83 -19.19 -57.74
N HIS ZA 1229 3.21 -18.01 -57.27
CA HIS ZA 1229 4.59 -17.54 -57.39
C HIS ZA 1229 5.49 -18.40 -56.51
N SER ZA 1230 6.76 -18.44 -56.85
CA SER ZA 1230 7.72 -19.30 -56.16
C SER ZA 1230 8.25 -18.56 -54.94
N SER ZA 1231 7.39 -18.36 -53.96
CA SER ZA 1231 7.74 -17.70 -52.71
C SER ZA 1231 8.44 -18.64 -51.73
N LEU ZA 1232 9.04 -19.72 -52.22
CA LEU ZA 1232 9.86 -20.63 -51.43
C LEU ZA 1232 10.92 -21.25 -52.32
N ASP ZA 1233 12.16 -20.78 -52.18
CA ASP ZA 1233 13.27 -21.16 -53.05
C ASP ZA 1233 13.81 -22.55 -52.77
N GLU ZA 1234 13.16 -23.31 -51.90
CA GLU ZA 1234 13.68 -24.59 -51.46
C GLU ZA 1234 13.68 -25.61 -52.59
N PRO ZA 1235 14.39 -26.72 -52.42
CA PRO ZA 1235 14.08 -27.92 -53.21
C PRO ZA 1235 12.59 -28.25 -53.12
N PHE ZA 1236 12.02 -28.62 -54.27
CA PHE ZA 1236 10.57 -28.59 -54.38
C PHE ZA 1236 9.93 -29.75 -53.62
N ILE ZA 1237 10.41 -30.98 -53.82
CA ILE ZA 1237 9.73 -32.11 -53.19
C ILE ZA 1237 9.89 -32.01 -51.68
N LEU ZA 1238 11.01 -31.49 -51.21
CA LEU ZA 1238 11.15 -31.24 -49.78
C LEU ZA 1238 10.15 -30.18 -49.33
N GLN ZA 1239 10.04 -29.11 -50.09
CA GLN ZA 1239 9.12 -28.04 -49.71
C GLN ZA 1239 7.70 -28.58 -49.57
N LEU ZA 1240 7.26 -29.35 -50.55
CA LEU ZA 1240 5.89 -29.86 -50.53
C LEU ZA 1240 5.73 -30.98 -49.50
N LEU ZA 1241 6.79 -31.74 -49.24
CA LEU ZA 1241 6.72 -32.77 -48.22
C LEU ZA 1241 6.56 -32.16 -46.83
N LYS ZA 1242 7.43 -31.21 -46.50
CA LYS ZA 1242 7.28 -30.48 -45.25
C LYS ZA 1242 5.92 -29.82 -45.15
N SER ZA 1243 5.49 -29.15 -46.20
CA SER ZA 1243 4.23 -28.43 -46.13
C SER ZA 1243 3.06 -29.39 -45.92
N ALA ZA 1244 3.08 -30.55 -46.58
CA ALA ZA 1244 2.00 -31.51 -46.40
C ALA ZA 1244 2.05 -32.15 -45.02
N GLN ZA 1245 3.23 -32.60 -44.59
CA GLN ZA 1245 3.35 -33.30 -43.33
C GLN ZA 1245 3.08 -32.37 -42.15
N LEU ZA 1246 3.78 -31.26 -42.08
CA LEU ZA 1246 3.45 -30.26 -41.07
C LEU ZA 1246 2.08 -29.65 -41.33
N GLY ZA 1247 1.45 -30.03 -42.45
CA GLY ZA 1247 0.02 -29.83 -42.59
C GLY ZA 1247 -0.38 -28.38 -42.78
N GLY ZA 1248 -1.68 -28.15 -42.61
CA GLY ZA 1248 -2.28 -26.85 -42.87
C GLY ZA 1248 -2.11 -25.84 -41.76
N ARG ZA 1249 -1.62 -26.25 -40.60
CA ARG ZA 1249 -1.35 -25.35 -39.49
C ARG ZA 1249 0.13 -25.00 -39.36
N ASN ZA 1250 0.81 -24.79 -40.49
CA ASN ZA 1250 2.28 -24.84 -40.50
C ASN ZA 1250 2.91 -23.66 -39.75
N ALA ZA 1251 2.12 -22.65 -39.42
CA ALA ZA 1251 2.63 -21.58 -38.57
C ALA ZA 1251 2.52 -21.89 -37.09
N GLN ZA 1252 2.36 -23.18 -36.74
CA GLN ZA 1252 2.06 -23.52 -35.36
C GLN ZA 1252 3.17 -23.09 -34.42
N PHE ZA 1253 4.35 -23.66 -34.57
CA PHE ZA 1253 5.41 -23.48 -33.60
C PHE ZA 1253 6.41 -22.45 -34.12
N THR ZA 1254 6.20 -21.20 -33.71
CA THR ZA 1254 7.09 -20.09 -34.03
C THR ZA 1254 8.51 -20.35 -33.54
N ASP ZA 1255 8.68 -21.14 -32.48
CA ASP ZA 1255 9.99 -21.36 -31.90
C ASP ZA 1255 10.96 -21.87 -32.97
N PRO ZA 1256 11.95 -21.06 -33.35
CA PRO ZA 1256 12.84 -21.47 -34.45
C PRO ZA 1256 13.43 -22.85 -34.27
N PHE ZA 1257 13.79 -23.22 -33.04
CA PHE ZA 1257 14.59 -24.42 -32.84
C PHE ZA 1257 13.73 -25.67 -32.88
N TYR ZA 1258 12.59 -25.66 -32.19
CA TYR ZA 1258 11.69 -26.81 -32.31
C TYR ZA 1258 11.21 -26.96 -33.72
N ASN ZA 1259 10.94 -25.85 -34.40
CA ASN ZA 1259 10.52 -25.96 -35.78
C ASN ZA 1259 11.61 -26.58 -36.63
N ALA ZA 1260 12.87 -26.18 -36.41
CA ALA ZA 1260 13.96 -26.72 -37.21
C ALA ZA 1260 14.17 -28.20 -36.95
N TYR ZA 1261 13.98 -28.62 -35.70
CA TYR ZA 1261 14.00 -30.06 -35.41
C TYR ZA 1261 12.87 -30.77 -36.15
N LEU ZA 1262 11.68 -30.20 -36.13
CA LEU ZA 1262 10.58 -30.82 -36.84
C LEU ZA 1262 10.90 -30.95 -38.32
N GLU ZA 1263 11.52 -29.93 -38.89
CA GLU ZA 1263 11.87 -29.96 -40.30
C GLU ZA 1263 12.84 -31.10 -40.60
N ASN ZA 1264 13.96 -31.15 -39.90
CA ASN ZA 1264 14.89 -32.26 -40.11
C ASN ZA 1264 14.21 -33.59 -39.86
N SER ZA 1265 13.29 -33.65 -38.90
CA SER ZA 1265 12.65 -34.92 -38.58
C SER ZA 1265 11.83 -35.42 -39.75
N VAL ZA 1266 11.02 -34.54 -40.33
CA VAL ZA 1266 10.13 -34.98 -41.39
C VAL ZA 1266 10.92 -35.27 -42.67
N VAL ZA 1267 11.99 -34.50 -42.93
CA VAL ZA 1267 12.79 -34.79 -44.12
C VAL ZA 1267 13.55 -36.11 -43.95
N SER ZA 1268 13.87 -36.49 -42.71
CA SER ZA 1268 14.51 -37.78 -42.50
C SER ZA 1268 13.52 -38.94 -42.61
N GLU ZA 1269 12.28 -38.76 -42.13
CA GLU ZA 1269 11.27 -39.78 -42.36
C GLU ZA 1269 11.06 -40.01 -43.85
N PHE ZA 1270 11.00 -38.91 -44.61
CA PHE ZA 1270 10.99 -39.00 -46.06
C PHE ZA 1270 12.21 -39.74 -46.59
N GLN ZA 1271 13.41 -39.37 -46.17
CA GLN ZA 1271 14.62 -40.01 -46.69
C GLN ZA 1271 14.67 -41.49 -46.35
N LEU ZA 1272 14.11 -41.89 -45.20
CA LEU ZA 1272 14.14 -43.29 -44.81
C LEU ZA 1272 13.17 -44.11 -45.64
N GLY ZA 1273 11.93 -43.65 -45.74
CA GLY ZA 1273 11.04 -44.25 -46.71
C GLY ZA 1273 11.68 -44.30 -48.07
N LEU ZA 1274 12.51 -43.31 -48.37
CA LEU ZA 1274 13.06 -43.17 -49.71
C LEU ZA 1274 14.23 -44.14 -49.93
N ALA ZA 1275 14.94 -44.49 -48.86
CA ALA ZA 1275 16.01 -45.47 -48.95
C ALA ZA 1275 15.46 -46.89 -48.98
N ALA ZA 1276 14.37 -47.12 -48.24
CA ALA ZA 1276 13.69 -48.40 -48.38
C ALA ZA 1276 13.04 -48.52 -49.75
N LEU ZA 1277 12.74 -47.38 -50.37
CA LEU ZA 1277 12.12 -47.40 -51.68
C LEU ZA 1277 13.17 -47.23 -52.79
N ALA ZA 1278 14.44 -47.07 -52.43
CA ALA ZA 1278 15.48 -46.87 -53.44
C ALA ZA 1278 15.81 -48.17 -54.14
N GLY ZA 1279 15.78 -48.15 -55.48
CA GLY ZA 1279 16.15 -49.29 -56.30
C GLY ZA 1279 15.10 -50.37 -56.45
N LYS ZA 1280 13.83 -50.06 -56.24
CA LYS ZA 1280 12.80 -51.09 -56.38
C LYS ZA 1280 12.44 -51.32 -57.84
N GLY ZA 1281 11.92 -50.29 -58.52
CA GLY ZA 1281 11.45 -50.42 -59.88
C GLY ZA 1281 12.51 -50.51 -60.95
N VAL ZA 1282 13.76 -50.76 -60.58
CA VAL ZA 1282 14.85 -50.91 -61.55
C VAL ZA 1282 15.46 -52.29 -61.34
N SER ZA 1283 16.16 -52.78 -62.37
CA SER ZA 1283 16.79 -54.08 -62.28
C SER ZA 1283 18.27 -53.94 -61.92
N PRO ZA 1284 18.82 -54.89 -61.16
CA PRO ZA 1284 20.25 -54.80 -60.79
C PRO ZA 1284 21.18 -54.84 -61.99
N SER ZA 1285 20.80 -55.54 -63.06
CA SER ZA 1285 21.60 -55.50 -64.27
C SER ZA 1285 21.65 -54.11 -64.86
N LEU ZA 1286 20.49 -53.47 -64.99
CA LEU ZA 1286 20.44 -52.11 -65.50
C LEU ZA 1286 21.21 -51.16 -64.60
N LEU ZA 1287 21.14 -51.38 -63.29
CA LEU ZA 1287 21.91 -50.55 -62.37
C LEU ZA 1287 23.39 -50.75 -62.58
N ALA ZA 1288 23.84 -52.00 -62.73
CA ALA ZA 1288 25.22 -52.25 -63.06
C ALA ZA 1288 25.63 -51.52 -64.33
N GLN ZA 1289 24.78 -51.60 -65.36
CA GLN ZA 1289 25.06 -50.92 -66.61
C GLN ZA 1289 25.26 -49.43 -66.39
N LYS ZA 1290 24.20 -48.76 -65.92
CA LYS ZA 1290 24.22 -47.31 -65.86
C LYS ZA 1290 25.28 -46.81 -64.89
N ILE ZA 1291 25.56 -47.59 -63.84
CA ILE ZA 1291 26.54 -47.13 -62.88
C ILE ZA 1291 27.94 -47.33 -63.42
N SER ZA 1292 28.17 -48.37 -64.23
CA SER ZA 1292 29.43 -48.46 -64.94
C SER ZA 1292 29.61 -47.27 -65.86
N GLN ZA 1293 28.57 -46.96 -66.63
CA GLN ZA 1293 28.64 -45.84 -67.56
C GLN ZA 1293 28.97 -44.55 -66.82
N LEU ZA 1294 28.33 -44.32 -65.67
CA LEU ZA 1294 28.66 -43.12 -64.91
C LEU ZA 1294 30.09 -43.21 -64.37
N HIS ZA 1295 30.50 -44.41 -63.97
CA HIS ZA 1295 31.83 -44.59 -63.38
C HIS ZA 1295 32.87 -44.80 -64.47
N ARG ZA 1296 32.58 -44.35 -65.68
CA ARG ZA 1296 33.54 -44.25 -66.79
C ARG ZA 1296 34.83 -43.60 -66.31
N GLY ZA 1297 34.81 -42.75 -65.29
CA GLY ZA 1297 35.87 -41.79 -65.06
C GLY ZA 1297 37.05 -42.18 -64.20
N SER ZA 1298 36.83 -42.62 -62.95
CA SER ZA 1298 37.94 -42.77 -62.01
C SER ZA 1298 37.74 -43.98 -61.09
N VAL ZA 1299 38.81 -44.37 -60.40
CA VAL ZA 1299 38.72 -45.47 -59.44
C VAL ZA 1299 38.08 -45.01 -58.15
N ARG ZA 1300 38.27 -43.73 -57.79
CA ARG ZA 1300 37.47 -43.16 -56.73
C ARG ZA 1300 35.99 -43.38 -57.00
N LEU ZA 1301 35.52 -42.87 -58.14
CA LEU ZA 1301 34.12 -43.05 -58.51
C LEU ZA 1301 33.75 -44.53 -58.55
N SER ZA 1302 34.67 -45.38 -59.03
CA SER ZA 1302 34.45 -46.82 -58.99
C SER ZA 1302 34.21 -47.29 -57.56
N GLY ZA 1303 34.74 -46.55 -56.59
CA GLY ZA 1303 34.46 -46.87 -55.20
C GLY ZA 1303 33.06 -46.48 -54.77
N ASN ZA 1304 32.61 -45.30 -55.20
CA ASN ZA 1304 31.32 -44.79 -54.74
C ASN ZA 1304 30.18 -45.69 -55.21
N VAL ZA 1305 29.06 -45.64 -54.49
CA VAL ZA 1305 27.86 -46.37 -54.87
C VAL ZA 1305 26.76 -45.36 -55.18
N ILE ZA 1306 26.06 -45.58 -56.28
CA ILE ZA 1306 24.94 -44.70 -56.63
C ILE ZA 1306 23.65 -45.51 -56.61
N PRO ZA 1307 22.70 -45.18 -55.77
CA PRO ZA 1307 21.38 -45.80 -55.88
C PRO ZA 1307 20.42 -44.92 -56.69
N PHE ZA 1308 19.35 -45.51 -57.21
CA PHE ZA 1308 18.35 -44.79 -57.98
C PHE ZA 1308 16.98 -45.28 -57.56
N VAL ZA 1309 15.93 -44.59 -58.01
CA VAL ZA 1309 14.55 -45.03 -57.82
C VAL ZA 1309 13.80 -44.89 -59.13
N LYS ZA 1310 12.90 -45.83 -59.39
CA LYS ZA 1310 12.00 -45.70 -60.51
C LYS ZA 1310 10.83 -44.78 -60.15
N SER ZA 1311 10.33 -44.09 -61.18
CA SER ZA 1311 9.34 -43.05 -60.99
C SER ZA 1311 8.11 -43.58 -60.27
N ARG ZA 1312 7.68 -44.79 -60.59
CA ARG ZA 1312 6.41 -45.28 -60.07
C ARG ZA 1312 6.51 -45.60 -58.59
N GLU ZA 1313 7.61 -46.23 -58.16
CA GLU ZA 1313 7.84 -46.45 -56.75
C GLU ZA 1313 7.88 -45.13 -56.00
N LEU ZA 1314 8.65 -44.16 -56.51
CA LEU ZA 1314 8.69 -42.86 -55.86
C LEU ZA 1314 7.30 -42.27 -55.70
N ALA ZA 1315 6.51 -42.30 -56.78
CA ALA ZA 1315 5.22 -41.63 -56.76
C ALA ZA 1315 4.25 -42.29 -55.80
N HIS ZA 1316 4.21 -43.62 -55.80
CA HIS ZA 1316 3.33 -44.29 -54.86
C HIS ZA 1316 3.70 -43.95 -53.44
N LEU ZA 1317 5.00 -43.96 -53.12
CA LEU ZA 1317 5.39 -43.58 -51.77
C LEU ZA 1317 4.92 -42.17 -51.43
N LEU ZA 1318 5.12 -41.23 -52.36
CA LEU ZA 1318 4.82 -39.83 -52.04
C LEU ZA 1318 3.34 -39.63 -51.80
N GLU ZA 1319 2.49 -40.23 -52.65
CA GLU ZA 1319 1.05 -40.12 -52.40
C GLU ZA 1319 0.67 -40.79 -51.08
N ARG ZA 1320 1.25 -41.97 -50.80
CA ARG ZA 1320 0.90 -42.69 -49.57
C ARG ZA 1320 1.35 -41.93 -48.33
N MET ZA 1321 2.43 -41.18 -48.43
CA MET ZA 1321 2.91 -40.36 -47.33
C MET ZA 1321 2.31 -38.97 -47.34
N GLY ZA 1322 1.43 -38.67 -48.29
CA GLY ZA 1322 0.60 -37.50 -48.17
C GLY ZA 1322 1.01 -36.31 -49.01
N LEU ZA 1323 1.80 -36.51 -50.05
CA LEU ZA 1323 1.92 -35.48 -51.07
C LEU ZA 1323 0.77 -35.60 -52.06
N SER ZA 1324 0.26 -34.45 -52.49
CA SER ZA 1324 -0.95 -34.40 -53.29
C SER ZA 1324 -0.72 -35.04 -54.65
N SER ZA 1325 -1.81 -35.52 -55.26
CA SER ZA 1325 -1.71 -36.08 -56.59
C SER ZA 1325 -1.12 -35.08 -57.57
N GLU ZA 1326 -1.64 -33.86 -57.59
CA GLU ZA 1326 -1.11 -32.86 -58.51
C GLU ZA 1326 0.36 -32.63 -58.23
N ASN ZA 1327 0.74 -32.57 -56.95
CA ASN ZA 1327 2.12 -32.22 -56.64
C ASN ZA 1327 3.08 -33.34 -57.03
N ILE ZA 1328 2.70 -34.60 -56.78
CA ILE ZA 1328 3.59 -35.69 -57.17
C ILE ZA 1328 3.62 -35.83 -58.69
N ALA ZA 1329 2.52 -35.50 -59.36
CA ALA ZA 1329 2.51 -35.61 -60.81
C ALA ZA 1329 3.38 -34.52 -61.44
N VAL ZA 1330 3.29 -33.29 -60.94
CA VAL ZA 1330 4.22 -32.24 -61.35
C VAL ZA 1330 5.64 -32.64 -61.04
N VAL ZA 1331 5.84 -33.32 -59.91
CA VAL ZA 1331 7.16 -33.80 -59.54
C VAL ZA 1331 7.65 -34.79 -60.60
N THR ZA 1332 6.79 -35.71 -61.01
CA THR ZA 1332 7.17 -36.68 -62.03
C THR ZA 1332 7.51 -35.98 -63.35
N ARG ZA 1333 6.70 -34.98 -63.73
CA ARG ZA 1333 6.94 -34.29 -65.00
C ARG ZA 1333 8.26 -33.53 -64.97
N GLY ZA 1334 8.48 -32.75 -63.91
CA GLY ZA 1334 9.75 -32.04 -63.80
C GLY ZA 1334 10.91 -32.99 -63.72
N LEU ZA 1335 10.72 -34.15 -63.08
CA LEU ZA 1335 11.77 -35.16 -63.02
C LEU ZA 1335 12.11 -35.66 -64.41
N ALA ZA 1336 11.08 -35.91 -65.23
CA ALA ZA 1336 11.32 -36.34 -66.60
C ALA ZA 1336 12.05 -35.26 -67.39
N ASN ZA 1337 11.52 -34.03 -67.37
CA ASN ZA 1337 12.15 -32.93 -68.10
C ASN ZA 1337 13.56 -32.67 -67.59
N CYS ZA 1338 13.86 -33.10 -66.37
CA CYS ZA 1338 15.17 -32.87 -65.82
C CYS ZA 1338 16.13 -33.97 -66.27
N PRO ZA 1339 17.43 -33.69 -66.36
CA PRO ZA 1339 18.27 -34.46 -67.27
C PRO ZA 1339 18.62 -35.85 -66.79
N GLU ZA 1340 19.10 -35.99 -65.56
CA GLU ZA 1340 19.77 -37.22 -65.16
C GLU ZA 1340 18.80 -38.38 -65.06
N GLN ZA 1341 17.54 -38.18 -65.43
CA GLN ZA 1341 16.60 -39.28 -65.46
C GLN ZA 1341 17.10 -40.37 -66.39
N GLU ZA 1342 16.96 -41.61 -65.96
CA GLU ZA 1342 17.43 -42.77 -66.72
C GLU ZA 1342 16.32 -43.80 -66.80
N SER ZA 1343 15.95 -44.18 -68.03
CA SER ZA 1343 14.74 -44.96 -68.27
C SER ZA 1343 15.01 -46.44 -68.05
N VAL ZA 1344 14.18 -47.05 -67.20
CA VAL ZA 1344 14.25 -48.47 -66.88
C VAL ZA 1344 12.83 -49.00 -66.77
N GLY ZA 1345 12.64 -50.27 -67.12
CA GLY ZA 1345 11.31 -50.88 -67.03
C GLY ZA 1345 10.21 -50.03 -67.65
N ASP ZA 1346 10.57 -49.24 -68.67
CA ASP ZA 1346 9.68 -48.26 -69.27
C ASP ZA 1346 9.17 -47.24 -68.25
N ASP ZA 1347 10.03 -46.85 -67.31
CA ASP ZA 1347 9.74 -45.73 -66.44
C ASP ZA 1347 11.05 -45.21 -65.86
N PHE ZA 1348 11.34 -43.95 -66.16
CA PHE ZA 1348 12.64 -43.34 -65.92
C PHE ZA 1348 13.00 -43.46 -64.45
N ALA ZA 1349 14.27 -43.74 -64.19
CA ALA ZA 1349 14.81 -43.75 -62.85
C ALA ZA 1349 15.52 -42.43 -62.60
N VAL ZA 1350 15.59 -42.04 -61.33
CA VAL ZA 1350 16.04 -40.72 -60.95
C VAL ZA 1350 17.06 -40.85 -59.82
N PRO ZA 1351 18.11 -40.04 -59.79
CA PRO ZA 1351 19.03 -40.09 -58.66
C PRO ZA 1351 18.35 -39.59 -57.39
N VAL ZA 1352 18.54 -40.34 -56.31
CA VAL ZA 1352 18.02 -39.90 -55.03
C VAL ZA 1352 18.67 -38.59 -54.62
N SER ZA 1353 19.91 -38.35 -55.05
CA SER ZA 1353 20.54 -37.06 -54.76
C SER ZA 1353 19.74 -35.92 -55.38
N VAL ZA 1354 19.21 -36.12 -56.58
CA VAL ZA 1354 18.32 -35.12 -57.15
C VAL ZA 1354 17.00 -35.09 -56.38
N ILE ZA 1355 16.47 -36.25 -56.04
CA ILE ZA 1355 15.20 -36.30 -55.32
C ILE ZA 1355 15.31 -35.50 -54.04
N LEU ZA 1356 16.53 -35.35 -53.53
CA LEU ZA 1356 16.73 -34.53 -52.33
C LEU ZA 1356 17.03 -33.07 -52.69
N SER ZA 1357 17.70 -32.83 -53.82
CA SER ZA 1357 18.19 -31.48 -54.12
C SER ZA 1357 17.42 -30.77 -55.22
N TRP ZA 1358 16.23 -31.23 -55.59
CA TRP ZA 1358 15.56 -30.66 -56.75
C TRP ZA 1358 14.54 -29.60 -56.35
N GLY ZA 1359 14.58 -28.45 -57.03
CA GLY ZA 1359 13.84 -27.25 -56.71
C GLY ZA 1359 12.55 -26.99 -57.46
N GLY ZA 1360 12.15 -27.85 -58.39
CA GLY ZA 1360 10.87 -27.69 -59.06
C GLY ZA 1360 10.85 -26.78 -60.28
N LYS ZA 1413 8.26 9.43 -88.96
CA LYS ZA 1413 6.97 9.08 -88.44
C LYS ZA 1413 5.98 10.20 -88.67
N MET ZA 1414 4.70 9.86 -88.55
CA MET ZA 1414 3.66 10.85 -88.37
C MET ZA 1414 3.48 11.13 -86.87
N MET ZA 1415 2.62 12.10 -86.57
CA MET ZA 1415 2.39 12.45 -85.18
C MET ZA 1415 1.80 11.27 -84.40
N VAL ZA 1416 0.74 10.66 -84.92
CA VAL ZA 1416 0.12 9.55 -84.21
C VAL ZA 1416 1.11 8.43 -84.00
N HIS ZA 1417 2.02 8.23 -84.96
CA HIS ZA 1417 2.99 7.16 -84.81
C HIS ZA 1417 4.06 7.53 -83.79
N VAL ZA 1418 4.52 8.78 -83.80
CA VAL ZA 1418 5.42 9.26 -82.76
C VAL ZA 1418 4.81 8.97 -81.39
N ILE ZA 1419 3.53 9.27 -81.22
CA ILE ZA 1419 2.87 8.98 -79.96
C ILE ZA 1419 2.90 7.49 -79.66
N GLU ZA 1420 2.50 6.67 -80.63
CA GLU ZA 1420 2.35 5.26 -80.35
C GLU ZA 1420 3.69 4.58 -80.08
N GLU ZA 1421 4.78 5.20 -80.53
CA GLU ZA 1421 6.08 4.56 -80.32
C GLU ZA 1421 6.80 5.12 -79.09
N LEU ZA 1422 6.68 6.43 -78.84
CA LEU ZA 1422 7.18 6.99 -77.58
C LEU ZA 1422 6.35 6.49 -76.40
N ALA ZA 1423 5.14 6.01 -76.65
CA ALA ZA 1423 4.32 5.51 -75.58
C ALA ZA 1423 4.88 4.21 -75.02
N LEU ZA 1424 5.94 3.70 -75.65
CA LEU ZA 1424 6.67 2.59 -75.05
C LEU ZA 1424 8.08 3.02 -74.64
N ARG ZA 1425 8.44 4.27 -74.91
CA ARG ZA 1425 9.78 4.74 -74.55
C ARG ZA 1425 9.76 5.65 -73.33
N ASP ZA 1426 9.00 6.75 -73.37
CA ASP ZA 1426 9.01 7.78 -72.31
C ASP ZA 1426 7.59 7.87 -71.73
N ASP ZA 1427 7.32 7.08 -70.69
CA ASP ZA 1427 6.02 7.11 -70.02
C ASP ZA 1427 5.59 8.55 -69.76
N GLY ZA 1428 6.55 9.39 -69.38
CA GLY ZA 1428 6.21 10.68 -68.82
C GLY ZA 1428 5.67 11.66 -69.83
N LEU ZA 1429 6.48 12.00 -70.83
CA LEU ZA 1429 6.07 13.02 -71.78
C LEU ZA 1429 4.86 12.57 -72.58
N VAL ZA 1430 4.68 11.25 -72.75
CA VAL ZA 1430 3.50 10.77 -73.45
C VAL ZA 1430 2.25 10.92 -72.60
N MET ZA 1431 2.32 10.53 -71.31
CA MET ZA 1431 1.20 10.80 -70.41
C MET ZA 1431 0.88 12.28 -70.39
N ASP ZA 1432 1.92 13.12 -70.32
CA ASP ZA 1432 1.79 14.57 -70.40
C ASP ZA 1432 1.04 15.00 -71.66
N ILE ZA 1433 1.54 14.62 -72.82
CA ILE ZA 1433 0.95 15.08 -74.07
C ILE ZA 1433 -0.49 14.60 -74.17
N GLN ZA 1434 -0.77 13.38 -73.70
CA GLN ZA 1434 -2.15 12.89 -73.78
C GLN ZA 1434 -3.06 13.69 -72.87
N TYR ZA 1435 -2.55 14.15 -71.73
CA TYR ZA 1435 -3.39 15.00 -70.90
C TYR ZA 1435 -3.65 16.37 -71.56
N ILE ZA 1436 -2.58 17.04 -72.01
CA ILE ZA 1436 -2.75 18.30 -72.71
C ILE ZA 1436 -3.73 18.13 -73.85
N VAL ZA 1437 -3.73 16.95 -74.45
CA VAL ZA 1437 -4.64 16.66 -75.54
C VAL ZA 1437 -6.07 16.66 -75.03
N ARG ZA 1438 -6.35 15.87 -73.99
CA ARG ZA 1438 -7.74 15.80 -73.52
C ARG ZA 1438 -8.25 17.18 -73.12
N GLU ZA 1439 -7.36 18.01 -72.59
CA GLU ZA 1439 -7.80 19.31 -72.06
C GLU ZA 1439 -8.04 20.31 -73.18
N ASN ZA 1440 -7.12 20.41 -74.14
CA ASN ZA 1440 -7.37 21.28 -75.28
C ASN ZA 1440 -8.58 20.83 -76.07
N ARG ZA 1441 -8.92 19.54 -76.01
CA ARG ZA 1441 -10.17 19.10 -76.61
C ARG ZA 1441 -11.37 19.61 -75.82
N ARG ZA 1442 -11.46 19.24 -74.55
CA ARG ZA 1442 -12.67 19.54 -73.80
C ARG ZA 1442 -12.83 21.03 -73.53
N ASN ZA 1443 -11.82 21.82 -73.88
CA ASN ZA 1443 -11.94 23.28 -73.82
C ASN ZA 1443 -13.12 23.76 -74.66
N PRO ZA 1444 -13.94 24.70 -74.17
CA PRO ZA 1444 -14.95 25.29 -75.06
C PRO ZA 1444 -14.39 26.41 -75.89
N VAL ZA 1445 -13.39 27.12 -75.36
CA VAL ZA 1445 -12.79 28.26 -76.05
C VAL ZA 1445 -11.90 27.80 -77.18
N LEU ZA 1446 -11.13 26.74 -76.97
CA LEU ZA 1446 -10.23 26.29 -78.03
C LEU ZA 1446 -11.01 25.69 -79.20
N ARG ZA 1447 -12.01 24.85 -78.90
CA ARG ZA 1447 -12.87 24.32 -79.96
C ARG ZA 1447 -13.64 25.43 -80.65
N HIS ZA 1448 -14.20 26.35 -79.88
CA HIS ZA 1448 -14.96 27.43 -80.49
C HIS ZA 1448 -14.08 28.32 -81.36
N GLU ZA 1449 -12.80 28.47 -81.02
CA GLU ZA 1449 -11.93 29.35 -81.80
C GLU ZA 1449 -11.40 28.66 -83.05
N PHE ZA 1450 -11.15 27.35 -83.00
CA PHE ZA 1450 -10.84 26.62 -84.23
C PHE ZA 1450 -12.04 26.69 -85.18
N PHE ZA 1451 -13.25 26.46 -84.65
CA PHE ZA 1451 -14.44 26.75 -85.43
C PHE ZA 1451 -14.40 28.17 -85.99
N ALA ZA 1452 -14.04 29.15 -85.16
CA ALA ZA 1452 -14.21 30.54 -85.54
C ALA ZA 1452 -13.21 30.96 -86.60
N ALA ZA 1453 -12.09 30.26 -86.72
CA ALA ZA 1453 -11.16 30.61 -87.77
C ALA ZA 1453 -11.43 29.81 -89.03
N LEU ZA 1454 -11.95 28.58 -88.90
CA LEU ZA 1454 -12.10 27.71 -90.07
C LEU ZA 1454 -13.53 27.62 -90.58
N LEU ZA 1455 -14.49 28.32 -89.97
CA LEU ZA 1455 -15.82 28.36 -90.54
C LEU ZA 1455 -15.97 29.33 -91.73
N PRO ZA 1456 -15.20 30.42 -91.85
CA PRO ZA 1456 -15.25 31.16 -93.13
C PRO ZA 1456 -14.90 30.29 -94.31
N VAL ZA 1457 -13.87 29.47 -94.16
CA VAL ZA 1457 -13.36 28.68 -95.27
C VAL ZA 1457 -14.38 27.62 -95.67
N PHE ZA 1458 -14.67 26.69 -94.78
CA PHE ZA 1458 -15.66 25.67 -95.11
C PHE ZA 1458 -17.03 26.27 -95.36
N ALA ZA 1459 -17.60 26.91 -94.34
CA ALA ZA 1459 -19.00 27.32 -94.39
C ALA ZA 1459 -19.86 26.17 -94.91
N GLY ZA 1460 -19.61 24.98 -94.36
CA GLY ZA 1460 -20.41 23.82 -94.68
C GLY ZA 1460 -21.06 23.26 -93.44
N LYS ZA 1461 -21.51 22.01 -93.51
CA LYS ZA 1461 -22.07 21.35 -92.34
C LYS ZA 1461 -21.06 21.33 -91.21
N HIS ZA 1462 -21.55 21.50 -89.98
CA HIS ZA 1462 -20.62 21.60 -88.86
C HIS ZA 1462 -19.95 20.26 -88.55
N GLU ZA 1463 -20.51 19.16 -89.05
CA GLU ZA 1463 -19.84 17.87 -88.90
C GLU ZA 1463 -18.43 17.93 -89.45
N LYS ZA 1464 -18.26 18.56 -90.62
CA LYS ZA 1464 -16.97 18.54 -91.28
C LYS ZA 1464 -15.95 19.35 -90.51
N VAL ZA 1465 -16.30 20.58 -90.16
CA VAL ZA 1465 -15.37 21.43 -89.39
C VAL ZA 1465 -15.06 20.79 -88.03
N ALA ZA 1466 -16.04 20.12 -87.42
CA ALA ZA 1466 -15.83 19.57 -86.08
C ALA ZA 1466 -14.97 18.32 -86.10
N GLN ZA 1467 -15.25 17.40 -87.02
CA GLN ZA 1467 -14.42 16.22 -87.15
C GLN ZA 1467 -12.99 16.60 -87.53
N LEU ZA 1468 -12.83 17.61 -88.41
CA LEU ZA 1468 -11.49 18.09 -88.68
C LEU ZA 1468 -10.84 18.67 -87.43
N TYR ZA 1469 -11.61 19.36 -86.60
CA TYR ZA 1469 -11.05 19.93 -85.38
C TYR ZA 1469 -10.57 18.84 -84.43
N ASP ZA 1470 -11.36 17.78 -84.28
CA ASP ZA 1470 -10.92 16.65 -83.47
C ASP ZA 1470 -9.63 16.07 -84.02
N GLU ZA 1471 -9.52 15.97 -85.34
CA GLU ZA 1471 -8.25 15.53 -85.91
C GLU ZA 1471 -7.12 16.47 -85.51
N TYR ZA 1472 -7.35 17.77 -85.64
CA TYR ZA 1472 -6.33 18.77 -85.36
C TYR ZA 1472 -5.89 18.69 -83.90
N CYS ZA 1473 -6.80 18.27 -83.01
CA CYS ZA 1473 -6.40 17.98 -81.64
C CYS ZA 1473 -5.56 16.71 -81.57
N GLU ZA 1474 -6.06 15.61 -82.16
CA GLU ZA 1474 -5.38 14.34 -82.05
C GLU ZA 1474 -3.98 14.37 -82.62
N GLY ZA 1475 -3.69 15.32 -83.51
CA GLY ZA 1475 -2.39 15.45 -84.11
C GLY ZA 1475 -2.32 15.06 -85.56
N LYS ZA 1476 -3.46 14.84 -86.22
CA LYS ZA 1476 -3.45 14.32 -87.57
C LYS ZA 1476 -3.45 15.43 -88.60
N TYR ZA 1477 -4.55 16.16 -88.71
CA TYR ZA 1477 -4.68 17.21 -89.71
C TYR ZA 1477 -3.89 18.44 -89.29
N VAL ZA 1478 -3.23 19.06 -90.26
CA VAL ZA 1478 -2.69 20.41 -90.14
C VAL ZA 1478 -3.25 21.21 -91.29
N PRO ZA 1479 -3.61 22.48 -91.13
CA PRO ZA 1479 -3.97 23.27 -92.30
C PRO ZA 1479 -2.78 23.41 -93.22
N ASN ZA 1480 -3.07 23.37 -94.52
CA ASN ZA 1480 -2.08 23.82 -95.49
C ASN ZA 1480 -1.94 25.33 -95.40
N ILE ZA 1481 -0.79 25.83 -95.86
CA ILE ZA 1481 -0.49 27.25 -95.71
C ILE ZA 1481 -1.49 28.09 -96.50
N THR ZA 1482 -2.04 27.54 -97.57
CA THR ZA 1482 -3.07 28.24 -98.33
C THR ZA 1482 -4.36 28.33 -97.51
N LEU ZA 1483 -4.80 27.21 -96.93
CA LEU ZA 1483 -5.96 27.27 -96.05
C LEU ZA 1483 -5.71 28.26 -94.93
N ALA ZA 1484 -4.46 28.36 -94.48
CA ALA ZA 1484 -4.12 29.29 -93.40
C ALA ZA 1484 -4.33 30.73 -93.84
N ILE ZA 1485 -3.74 31.11 -94.97
CA ILE ZA 1485 -3.86 32.49 -95.43
C ILE ZA 1485 -5.30 32.82 -95.80
N GLU ZA 1486 -6.04 31.84 -96.31
CA GLU ZA 1486 -7.43 32.14 -96.65
C GLU ZA 1486 -8.27 32.32 -95.39
N ALA ZA 1487 -7.98 31.55 -94.34
CA ALA ZA 1487 -8.66 31.79 -93.05
C ALA ZA 1487 -8.27 33.14 -92.49
N PHE ZA 1488 -6.98 33.48 -92.55
CA PHE ZA 1488 -6.51 34.79 -92.12
C PHE ZA 1488 -7.29 35.92 -92.79
N ILE ZA 1489 -7.25 35.95 -94.12
CA ILE ZA 1489 -7.82 37.07 -94.85
C ILE ZA 1489 -9.34 37.06 -94.79
N ALA ZA 1490 -9.96 35.87 -94.78
CA ALA ZA 1490 -11.41 35.82 -94.68
C ALA ZA 1490 -11.88 36.26 -93.31
N PHE ZA 1491 -11.14 35.90 -92.28
CA PHE ZA 1491 -11.42 36.48 -90.98
C PHE ZA 1491 -11.30 37.99 -91.02
N LEU ZA 1492 -10.24 38.50 -91.65
CA LEU ZA 1492 -10.10 39.94 -91.78
C LEU ZA 1492 -11.30 40.56 -92.50
N CYS ZA 1493 -11.83 39.84 -93.48
CA CYS ZA 1493 -13.04 40.27 -94.17
C CYS ZA 1493 -14.19 40.41 -93.21
N ASN ZA 1494 -14.49 39.34 -92.46
CA ASN ZA 1494 -15.51 39.42 -91.41
C ASN ZA 1494 -15.24 40.59 -90.49
N VAL ZA 1495 -13.97 40.82 -90.19
CA VAL ZA 1495 -13.58 41.87 -89.24
C VAL ZA 1495 -14.04 43.22 -89.71
N THR ZA 1496 -13.57 43.65 -90.88
CA THR ZA 1496 -13.94 44.99 -91.30
C THR ZA 1496 -15.39 45.04 -91.77
N LYS ZA 1497 -15.95 43.89 -92.15
CA LYS ZA 1497 -17.37 43.84 -92.47
C LYS ZA 1497 -18.22 44.22 -91.27
N HIS ZA 1498 -18.19 43.40 -90.22
CA HIS ZA 1498 -19.17 43.49 -89.15
C HIS ZA 1498 -18.45 43.71 -87.84
N ALA ZA 1499 -19.19 44.23 -86.86
CA ALA ZA 1499 -18.71 44.29 -85.48
C ALA ZA 1499 -19.57 43.46 -84.54
N ASP ZA 1500 -20.74 43.03 -85.00
CA ASP ZA 1500 -21.73 42.45 -84.09
C ASP ZA 1500 -21.40 41.01 -83.71
N VAL ZA 1501 -20.51 40.37 -84.46
CA VAL ZA 1501 -20.07 39.01 -84.17
C VAL ZA 1501 -18.56 38.94 -83.93
N TYR ZA 1502 -17.77 39.28 -84.93
CA TYR ZA 1502 -16.34 39.00 -84.82
C TYR ZA 1502 -15.62 39.98 -83.92
N PRO ZA 1503 -15.58 41.28 -84.18
CA PRO ZA 1503 -14.79 42.16 -83.30
C PRO ZA 1503 -15.20 42.04 -81.84
N GLY ZA 1504 -16.30 41.35 -81.58
CA GLY ZA 1504 -16.50 40.79 -80.25
C GLY ZA 1504 -15.73 39.50 -80.05
N SER ZA 1505 -15.93 38.53 -80.95
CA SER ZA 1505 -15.33 37.21 -80.78
C SER ZA 1505 -13.80 37.29 -80.74
N SER ZA 1506 -13.19 37.64 -81.86
CA SER ZA 1506 -11.75 37.76 -81.96
C SER ZA 1506 -11.32 39.21 -81.82
N TYR ZA 1507 -10.91 39.56 -80.61
CA TYR ZA 1507 -10.74 40.94 -80.17
C TYR ZA 1507 -9.59 41.59 -80.91
N PHE ZA 1508 -9.45 42.89 -80.70
CA PHE ZA 1508 -8.27 43.64 -81.09
C PHE ZA 1508 -7.83 44.48 -79.92
N ASP ZA 1509 -6.54 44.46 -79.62
CA ASP ZA 1509 -6.02 45.52 -78.80
C ASP ZA 1509 -6.17 46.82 -79.56
N VAL ZA 1510 -6.87 47.78 -78.94
CA VAL ZA 1510 -7.21 49.05 -79.57
C VAL ZA 1510 -6.43 50.14 -78.86
N ASP ZA 1511 -6.07 51.19 -79.58
CA ASP ZA 1511 -5.39 52.32 -78.96
C ASP ZA 1511 -6.40 53.37 -78.49
N THR ZA 1512 -5.91 54.36 -77.75
CA THR ZA 1512 -6.77 55.27 -77.01
C THR ZA 1512 -6.38 56.74 -77.20
N THR ZA 1513 -6.93 57.37 -78.25
CA THR ZA 1513 -6.91 58.82 -78.44
C THR ZA 1513 -5.52 59.42 -78.55
N ASN ZA 1514 -4.48 58.58 -78.58
CA ASN ZA 1514 -3.10 59.08 -78.59
C ASN ZA 1514 -2.43 58.80 -79.93
N GLY ZA 1515 -1.86 59.86 -80.52
CA GLY ZA 1515 -1.12 59.74 -81.76
C GLY ZA 1515 -2.02 59.45 -82.94
N PRO ZA 1516 -1.43 59.28 -84.12
CA PRO ZA 1516 -2.22 58.79 -85.25
C PRO ZA 1516 -2.80 57.41 -85.00
N ASN ZA 1517 -2.13 56.63 -84.15
CA ASN ZA 1517 -2.63 55.32 -83.79
C ASN ZA 1517 -3.89 55.39 -82.93
N ALA ZA 1518 -4.31 56.60 -82.55
CA ALA ZA 1518 -5.51 56.77 -81.76
C ALA ZA 1518 -6.67 55.98 -82.35
N GLY ZA 1519 -7.31 55.17 -81.51
CA GLY ZA 1519 -8.42 54.37 -81.96
C GLY ZA 1519 -8.08 53.24 -82.90
N GLN ZA 1520 -6.87 53.19 -83.41
CA GLN ZA 1520 -6.47 52.18 -84.37
C GLN ZA 1520 -6.27 50.85 -83.66
N TYR ZA 1521 -5.84 49.86 -84.42
CA TYR ZA 1521 -5.56 48.54 -83.86
C TYR ZA 1521 -4.07 48.39 -83.69
N ILE ZA 1522 -3.66 48.00 -82.48
CA ILE ZA 1522 -2.23 47.99 -82.13
C ILE ZA 1522 -1.67 46.57 -82.20
N SER ZA 1523 -2.46 45.59 -81.80
CA SER ZA 1523 -2.04 44.19 -81.91
C SER ZA 1523 -3.25 43.29 -81.77
N LEU ZA 1524 -2.98 41.99 -81.73
CA LEU ZA 1524 -4.01 40.98 -81.59
C LEU ZA 1524 -3.92 40.31 -80.23
N LYS ZA 1525 -4.97 40.47 -79.43
CA LYS ZA 1525 -5.01 39.88 -78.09
C LYS ZA 1525 -4.76 38.38 -78.18
N LEU ZA 1526 -3.92 37.89 -77.29
CA LEU ZA 1526 -3.79 36.45 -77.12
C LEU ZA 1526 -4.78 35.97 -76.08
N LEU ZA 1527 -5.31 34.76 -76.27
CA LEU ZA 1527 -6.33 34.25 -75.37
C LEU ZA 1527 -5.82 34.31 -73.93
N ASP ZA 1528 -6.73 34.63 -73.01
CA ASP ZA 1528 -6.32 34.77 -71.62
C ASP ZA 1528 -5.86 33.43 -71.07
N PRO ZA 1529 -4.88 33.45 -70.14
CA PRO ZA 1529 -4.34 32.19 -69.62
C PRO ZA 1529 -5.38 31.27 -69.00
N LEU ZA 1530 -6.53 31.82 -68.61
CA LEU ZA 1530 -7.67 30.97 -68.27
C LEU ZA 1530 -8.11 30.14 -69.46
N ASP ZA 1531 -8.34 30.80 -70.59
CA ASP ZA 1531 -8.77 30.18 -71.83
C ASP ZA 1531 -7.67 30.14 -72.88
N GLY ZA 1532 -6.42 29.99 -72.46
CA GLY ZA 1532 -5.31 29.92 -73.37
C GLY ZA 1532 -4.68 28.54 -73.41
N PRO ZA 1533 -3.46 28.46 -73.92
CA PRO ZA 1533 -2.81 27.17 -74.08
C PRO ZA 1533 -2.50 26.53 -72.74
N PHE ZA 1534 -2.84 25.25 -72.62
CA PHE ZA 1534 -2.95 24.62 -71.32
C PHE ZA 1534 -1.57 24.40 -70.68
N ILE ZA 1535 -1.16 25.35 -69.86
CA ILE ZA 1535 -0.01 25.19 -68.98
C ILE ZA 1535 -0.48 24.37 -67.79
N PHE ZA 1536 0.46 23.91 -66.98
CA PHE ZA 1536 0.09 23.08 -65.85
C PHE ZA 1536 -0.14 23.91 -64.59
N ASP ZA 1537 -1.03 23.44 -63.74
CA ASP ZA 1537 -1.66 24.31 -62.76
C ASP ZA 1537 -0.68 24.83 -61.74
N ASN ZA 1538 0.25 24.00 -61.30
CA ASN ZA 1538 1.16 24.45 -60.25
C ASN ZA 1538 1.81 25.76 -60.63
N ILE ZA 1539 2.18 25.91 -61.91
CA ILE ZA 1539 2.79 27.13 -62.40
C ILE ZA 1539 1.79 28.04 -63.07
N LYS ZA 1540 0.53 27.63 -63.15
CA LYS ZA 1540 -0.47 28.43 -63.82
C LYS ZA 1540 -0.50 29.85 -63.28
N ALA ZA 1541 -0.86 30.01 -62.00
CA ALA ZA 1541 -1.04 31.34 -61.44
C ALA ZA 1541 0.26 32.15 -61.49
N GLU ZA 1542 1.41 31.48 -61.49
CA GLU ZA 1542 2.66 32.22 -61.55
C GLU ZA 1542 2.92 32.77 -62.95
N HIS ZA 1543 2.64 31.98 -63.98
CA HIS ZA 1543 2.69 32.51 -65.33
C HIS ZA 1543 1.65 33.61 -65.52
N ILE ZA 1544 0.52 33.50 -64.85
CA ILE ZA 1544 -0.47 34.55 -64.96
C ILE ZA 1544 0.07 35.83 -64.35
N GLU ZA 1545 0.84 35.72 -63.28
CA GLU ZA 1545 1.58 36.86 -62.74
C GLU ZA 1545 2.51 37.47 -63.79
N THR ZA 1546 3.28 36.62 -64.46
CA THR ZA 1546 4.13 37.08 -65.56
C THR ZA 1546 3.31 37.81 -66.63
N VAL ZA 1547 2.45 37.06 -67.34
CA VAL ZA 1547 1.57 37.62 -68.37
C VAL ZA 1547 0.98 38.94 -67.93
N GLU ZA 1548 0.54 39.03 -66.68
CA GLU ZA 1548 -0.01 40.29 -66.21
C GLU ZA 1548 1.02 41.38 -66.31
N ARG ZA 1549 2.20 41.16 -65.77
CA ARG ZA 1549 3.23 42.18 -65.84
C ARG ZA 1549 3.48 42.61 -67.27
N PHE ZA 1550 3.64 41.64 -68.15
CA PHE ZA 1550 4.02 41.93 -69.53
C PHE ZA 1550 2.93 42.71 -70.26
N LYS ZA 1551 1.72 42.17 -70.28
CA LYS ZA 1551 0.61 42.86 -70.92
C LYS ZA 1551 0.36 44.23 -70.30
N GLN ZA 1552 0.78 44.44 -69.06
CA GLN ZA 1552 0.44 45.68 -68.38
C GLN ZA 1552 1.44 46.77 -68.70
N HIS ZA 1553 2.72 46.42 -68.83
CA HIS ZA 1553 3.75 47.45 -68.93
C HIS ZA 1553 4.42 47.49 -70.29
N GLY ZA 1554 4.31 46.43 -71.08
CA GLY ZA 1554 4.91 46.42 -72.41
C GLY ZA 1554 6.24 45.69 -72.49
N ILE ZA 1555 6.35 44.56 -71.82
CA ILE ZA 1555 7.55 43.73 -71.89
C ILE ZA 1555 7.24 42.62 -72.90
N GLN ZA 1556 7.75 42.77 -74.13
CA GLN ZA 1556 7.36 41.87 -75.21
C GLN ZA 1556 8.47 40.86 -75.51
N VAL ZA 1557 8.48 39.80 -74.70
CA VAL ZA 1557 9.25 38.58 -74.93
C VAL ZA 1557 8.52 37.44 -74.27
N GLY ZA 1558 8.89 36.21 -74.61
CA GLY ZA 1558 8.38 35.04 -73.96
C GLY ZA 1558 6.89 34.82 -74.18
N PRO ZA 1559 6.11 34.92 -73.10
CA PRO ZA 1559 4.71 34.48 -73.16
C PRO ZA 1559 3.78 35.43 -73.88
N VAL ZA 1560 4.14 36.72 -73.95
CA VAL ZA 1560 3.34 37.67 -74.71
C VAL ZA 1560 3.69 37.57 -76.19
N ARG ZA 1561 4.92 37.19 -76.49
CA ARG ZA 1561 5.34 37.01 -77.89
C ARG ZA 1561 4.81 35.69 -78.43
N ALA ZA 1562 4.16 35.73 -79.58
CA ALA ZA 1562 3.45 34.56 -80.08
C ALA ZA 1562 4.42 33.51 -80.57
N PRO ZA 1563 4.31 32.29 -80.08
CA PRO ZA 1563 5.15 31.19 -80.60
C PRO ZA 1563 4.87 30.94 -82.07
N ALA ZA 1564 5.92 30.62 -82.81
CA ALA ZA 1564 5.80 30.42 -84.25
C ALA ZA 1564 5.39 28.98 -84.56
N THR ZA 1565 4.33 28.85 -85.35
CA THR ZA 1565 3.83 27.56 -85.80
C THR ZA 1565 4.28 27.34 -87.24
N GLY ZA 1566 4.53 26.07 -87.59
CA GLY ZA 1566 4.90 25.76 -88.96
C GLY ZA 1566 3.71 25.26 -89.76
N PHE ZA 1567 3.64 25.70 -91.00
CA PHE ZA 1567 2.48 25.47 -91.85
C PHE ZA 1567 2.75 24.32 -92.80
N ILE ZA 1568 1.72 23.54 -93.10
CA ILE ZA 1568 1.84 22.57 -94.17
C ILE ZA 1568 2.21 23.31 -95.45
N ALA ZA 1569 3.28 22.87 -96.10
CA ALA ZA 1569 3.85 23.58 -97.23
C ALA ZA 1569 2.85 23.67 -98.39
N ALA ZA 1570 3.09 24.64 -99.28
CA ALA ZA 1570 2.17 24.90 -100.39
C ALA ZA 1570 2.13 23.73 -101.37
N ASN ZA 1571 3.22 22.97 -101.46
CA ASN ZA 1571 3.23 21.83 -102.38
C ASN ZA 1571 2.80 20.55 -101.68
N SER ZA 1572 3.32 20.30 -100.49
CA SER ZA 1572 3.12 19.01 -99.85
C SER ZA 1572 1.63 18.79 -99.58
N LYS ZA 1573 1.06 17.84 -100.31
CA LYS ZA 1573 -0.32 17.44 -100.08
C LYS ZA 1573 -0.48 16.67 -98.78
N SER ZA 1574 0.54 16.66 -97.92
CA SER ZA 1574 0.46 15.98 -96.64
C SER ZA 1574 -0.37 16.78 -95.64
N LEU ZA 1575 -1.31 16.10 -95.00
CA LEU ZA 1575 -2.15 16.68 -93.95
C LEU ZA 1575 -1.58 16.48 -92.57
N SER ZA 1576 -0.36 15.96 -92.45
CA SER ZA 1576 0.12 15.47 -91.18
C SER ZA 1576 1.39 16.16 -90.74
N TYR ZA 1577 1.63 16.11 -89.44
CA TYR ZA 1577 2.95 16.43 -88.89
C TYR ZA 1577 3.86 15.23 -89.03
N PHE ZA 1578 5.02 15.41 -89.65
CA PHE ZA 1578 5.94 14.33 -89.91
C PHE ZA 1578 7.31 14.65 -89.33
N THR ZA 1579 7.79 13.81 -88.42
CA THR ZA 1579 9.11 14.02 -87.85
C THR ZA 1579 10.21 13.73 -88.85
N ARG ZA 1580 9.97 12.77 -89.75
CA ARG ZA 1580 10.93 12.50 -90.81
C ARG ZA 1580 11.13 13.72 -91.69
N ARG ZA 1581 10.05 14.42 -92.03
CA ARG ZA 1581 10.01 15.31 -93.18
C ARG ZA 1581 9.92 16.76 -92.74
N PRO ZA 1582 10.94 17.58 -93.01
CA PRO ZA 1582 10.89 18.97 -92.52
C PRO ZA 1582 10.15 19.93 -93.43
N GLU ZA 1583 10.26 19.78 -94.75
CA GLU ZA 1583 9.83 20.85 -95.65
C GLU ZA 1583 8.32 20.92 -95.77
N GLU ZA 1584 7.60 19.93 -95.24
CA GLU ZA 1584 6.15 20.02 -95.15
C GLU ZA 1584 5.74 21.20 -94.28
N VAL ZA 1585 6.43 21.37 -93.16
CA VAL ZA 1585 6.06 22.34 -92.15
C VAL ZA 1585 6.85 23.63 -92.40
N VAL ZA 1586 6.17 24.66 -92.87
CA VAL ZA 1586 6.81 25.91 -93.29
C VAL ZA 1586 6.35 27.04 -92.36
N TYR ZA 1587 7.21 28.03 -92.16
CA TYR ZA 1587 6.94 29.13 -91.24
C TYR ZA 1587 6.66 30.43 -92.01
N VAL ZA 1588 5.42 30.91 -91.94
CA VAL ZA 1588 5.16 32.29 -92.34
C VAL ZA 1588 5.88 33.21 -91.37
N SER ZA 1589 6.88 33.91 -91.87
CA SER ZA 1589 7.76 34.68 -91.01
C SER ZA 1589 8.13 35.96 -91.74
N THR ZA 1590 9.09 36.69 -91.18
CA THR ZA 1590 9.40 38.00 -91.74
C THR ZA 1590 10.49 37.91 -92.81
N ASP ZA 1591 11.50 37.06 -92.59
CA ASP ZA 1591 12.56 36.91 -93.58
C ASP ZA 1591 12.13 35.97 -94.68
N ALA ZA 1592 10.87 35.50 -94.63
CA ALA ZA 1592 10.28 34.70 -95.69
C ALA ZA 1592 8.77 34.79 -95.56
N ASP ZA 1593 8.13 35.48 -96.51
CA ASP ZA 1593 6.67 35.38 -96.62
C ASP ZA 1593 6.30 34.26 -97.58
N GLN ZA 1594 5.46 33.36 -97.10
CA GLN ZA 1594 4.99 32.23 -97.90
C GLN ZA 1594 3.75 32.59 -98.70
N GLY ZA 1595 3.54 33.87 -98.98
CA GLY ZA 1595 2.51 34.30 -99.89
C GLY ZA 1595 1.41 35.15 -99.32
N LEU ZA 1596 1.53 35.59 -98.06
CA LEU ZA 1596 0.39 36.23 -97.41
C LEU ZA 1596 0.15 37.63 -97.96
N ARG ZA 1597 1.18 38.47 -97.99
CA ARG ZA 1597 1.00 39.82 -98.51
C ARG ZA 1597 0.35 39.80 -99.88
N ARG ZA 1598 0.88 38.95 -100.76
CA ARG ZA 1598 0.43 38.91 -102.14
C ARG ZA 1598 -0.99 38.36 -102.23
N SER ZA 1599 -1.28 37.30 -101.48
CA SER ZA 1599 -2.63 36.77 -101.44
C SER ZA 1599 -3.60 37.82 -100.91
N LEU ZA 1600 -3.12 38.71 -100.06
CA LEU ZA 1600 -4.00 39.74 -99.52
C LEU ZA 1600 -4.22 40.86 -100.53
N GLU ZA 1601 -3.15 41.31 -101.17
CA GLU ZA 1601 -3.28 42.33 -102.20
C GLU ZA 1601 -4.21 41.84 -103.31
N ARG ZA 1602 -4.23 40.52 -103.56
CA ARG ZA 1602 -5.14 39.95 -104.53
C ARG ZA 1602 -6.45 39.47 -103.90
N SER ZA 1603 -6.64 39.62 -102.59
CA SER ZA 1603 -7.82 39.07 -101.94
C SER ZA 1603 -9.08 39.78 -102.41
N ALA ZA 1604 -10.22 39.15 -102.13
CA ALA ZA 1604 -11.50 39.65 -102.63
C ALA ZA 1604 -11.97 40.87 -101.85
N HIS ZA 1605 -12.25 40.71 -100.57
CA HIS ZA 1605 -12.74 41.81 -99.76
C HIS ZA 1605 -11.62 42.75 -99.35
N TYR ZA 1606 -10.49 42.71 -100.04
CA TYR ZA 1606 -9.39 43.59 -99.72
C TYR ZA 1606 -9.84 45.04 -99.71
N LYS ZA 1607 -10.89 45.36 -100.46
CA LYS ZA 1607 -11.38 46.74 -100.47
C LYS ZA 1607 -11.73 47.20 -99.07
N THR ZA 1608 -12.67 46.51 -98.42
CA THR ZA 1608 -13.06 46.89 -97.07
C THR ZA 1608 -11.93 46.66 -96.09
N ILE ZA 1609 -11.12 45.62 -96.31
CA ILE ZA 1609 -10.07 45.31 -95.35
C ILE ZA 1609 -9.05 46.44 -95.31
N ALA ZA 1610 -8.61 46.91 -96.48
CA ALA ZA 1610 -7.64 47.99 -96.52
C ALA ZA 1610 -8.27 49.32 -96.17
N ALA ZA 1611 -9.57 49.48 -96.46
CA ALA ZA 1611 -10.24 50.72 -96.11
C ALA ZA 1611 -10.49 50.83 -94.60
N SER ZA 1612 -10.41 49.71 -93.89
CA SER ZA 1612 -10.66 49.73 -92.45
C SER ZA 1612 -9.79 50.77 -91.76
N PRO ZA 1613 -10.35 51.57 -90.84
CA PRO ZA 1613 -9.53 52.59 -90.18
C PRO ZA 1613 -8.66 52.05 -89.06
N ALA ZA 1614 -9.23 51.28 -88.13
CA ALA ZA 1614 -8.43 50.75 -87.03
C ALA ZA 1614 -7.39 49.77 -87.54
N MET ZA 1615 -7.70 49.07 -88.64
CA MET ZA 1615 -6.81 48.03 -89.14
C MET ZA 1615 -5.59 48.61 -89.84
N GLN ZA 1616 -5.56 49.91 -90.10
CA GLN ZA 1616 -4.45 50.46 -90.86
C GLN ZA 1616 -3.14 50.31 -90.11
N PHE ZA 1617 -3.13 50.64 -88.81
CA PHE ZA 1617 -1.90 50.55 -88.03
C PHE ZA 1617 -1.31 49.15 -88.07
N LEU ZA 1618 -2.07 48.18 -88.57
CA LEU ZA 1618 -1.51 46.83 -88.69
C LEU ZA 1618 -1.33 46.43 -90.14
N LEU ZA 1619 -2.14 46.98 -91.05
CA LEU ZA 1619 -2.02 46.63 -92.46
C LEU ZA 1619 -0.79 47.27 -93.09
N HIS ZA 1620 -0.78 48.60 -93.16
CA HIS ZA 1620 0.34 49.35 -93.72
C HIS ZA 1620 1.03 50.09 -92.59
N THR ZA 1621 2.15 49.55 -92.15
CA THR ZA 1621 2.82 50.07 -90.96
C THR ZA 1621 4.30 50.24 -91.28
N GLN ZA 1622 5.02 50.84 -90.33
CA GLN ZA 1622 6.47 50.82 -90.39
C GLN ZA 1622 6.98 49.40 -90.56
N ASN ZA 1623 6.52 48.48 -89.72
CA ASN ZA 1623 6.82 47.06 -89.88
C ASN ZA 1623 5.71 46.41 -90.69
N GLY ZA 1624 5.92 46.32 -92.00
CA GLY ZA 1624 5.03 45.53 -92.83
C GLY ZA 1624 4.86 44.10 -92.34
N ALA ZA 1625 5.82 43.63 -91.55
CA ALA ZA 1625 5.61 42.41 -90.78
C ALA ZA 1625 4.71 42.65 -89.58
N GLY ZA 1626 4.03 43.80 -89.53
CA GLY ZA 1626 2.91 43.92 -88.62
C GLY ZA 1626 1.88 42.85 -88.86
N LEU ZA 1627 1.53 42.62 -90.13
CA LEU ZA 1627 0.64 41.50 -90.45
C LEU ZA 1627 1.31 40.16 -90.16
N VAL ZA 1628 2.63 40.09 -90.28
CA VAL ZA 1628 3.31 38.84 -89.96
C VAL ZA 1628 3.16 38.50 -88.49
N ALA ZA 1629 3.39 39.48 -87.64
CA ALA ZA 1629 3.18 39.29 -86.21
C ALA ZA 1629 1.71 38.95 -85.95
N THR ZA 1630 0.80 39.66 -86.60
CA THR ZA 1630 -0.61 39.39 -86.37
C THR ZA 1630 -0.96 37.99 -86.84
N PHE ZA 1631 -0.23 37.47 -87.82
CA PHE ZA 1631 -0.44 36.10 -88.28
C PHE ZA 1631 0.04 35.11 -87.24
N ASN ZA 1632 1.26 35.32 -86.74
CA ASN ZA 1632 1.77 34.53 -85.64
C ASN ZA 1632 0.75 34.48 -84.51
N ARG ZA 1633 0.20 35.63 -84.15
CA ARG ZA 1633 -0.75 35.70 -83.04
C ARG ZA 1633 -2.05 35.01 -83.40
N PHE ZA 1634 -2.58 35.27 -84.58
CA PHE ZA 1634 -3.87 34.71 -84.96
C PHE ZA 1634 -3.82 33.20 -84.85
N PHE ZA 1635 -2.71 32.63 -85.31
CA PHE ZA 1635 -2.66 31.19 -85.37
C PHE ZA 1635 -2.18 30.60 -84.06
N TYR ZA 1636 -1.46 31.38 -83.25
CA TYR ZA 1636 -1.13 30.93 -81.91
C TYR ZA 1636 -2.34 31.02 -80.99
N ARG ZA 1637 -3.37 31.76 -81.39
CA ARG ZA 1637 -4.53 31.87 -80.51
C ARG ZA 1637 -5.70 31.01 -80.97
N THR ZA 1638 -5.83 30.77 -82.26
CA THR ZA 1638 -6.85 29.79 -82.64
C THR ZA 1638 -6.28 28.38 -82.63
N MET ZA 1639 -5.14 28.16 -83.27
CA MET ZA 1639 -4.55 26.83 -83.37
C MET ZA 1639 -3.22 26.82 -82.65
N PRO ZA 1640 -3.22 26.88 -81.32
CA PRO ZA 1640 -1.94 26.79 -80.62
C PRO ZA 1640 -1.36 25.39 -80.66
N MET ZA 1641 -2.22 24.39 -80.44
CA MET ZA 1641 -1.78 22.99 -80.35
C MET ZA 1641 -0.86 22.62 -81.50
N LEU ZA 1642 -0.88 23.38 -82.59
CA LEU ZA 1642 0.08 23.16 -83.65
C LEU ZA 1642 1.50 23.38 -83.14
N SER ZA 1643 1.72 24.49 -82.41
CA SER ZA 1643 3.04 24.72 -81.84
C SER ZA 1643 3.37 23.70 -80.75
N PHE ZA 1644 2.34 23.24 -80.03
CA PHE ZA 1644 2.52 22.23 -79.00
C PHE ZA 1644 3.02 20.91 -79.61
N TYR ZA 1645 2.38 20.47 -80.68
CA TYR ZA 1645 2.84 19.30 -81.41
C TYR ZA 1645 4.22 19.53 -82.01
N GLN ZA 1646 4.50 20.75 -82.47
CA GLN ZA 1646 5.83 21.02 -82.99
C GLN ZA 1646 6.88 20.79 -81.92
N ARG ZA 1647 6.63 21.30 -80.72
CA ARG ZA 1647 7.56 21.07 -79.62
C ARG ZA 1647 7.71 19.58 -79.35
N ILE ZA 1648 6.60 18.84 -79.43
CA ILE ZA 1648 6.68 17.41 -79.15
C ILE ZA 1648 7.55 16.71 -80.19
N LEU ZA 1649 7.42 17.10 -81.46
CA LEU ZA 1649 8.27 16.50 -82.48
C LEU ZA 1649 9.72 16.89 -82.27
N LYS ZA 1650 9.97 18.14 -81.87
CA LYS ZA 1650 11.32 18.55 -81.52
C LYS ZA 1650 11.90 17.67 -80.42
N HIS ZA 1651 11.12 17.49 -79.35
CA HIS ZA 1651 11.57 16.61 -78.27
C HIS ZA 1651 11.80 15.20 -78.77
N TYR ZA 1652 10.86 14.65 -79.53
CA TYR ZA 1652 10.98 13.28 -79.99
C TYR ZA 1652 12.25 13.10 -80.82
N SER ZA 1653 12.49 14.03 -81.74
CA SER ZA 1653 13.72 13.96 -82.53
C SER ZA 1653 14.95 14.00 -81.64
N ASP ZA 1654 15.05 15.03 -80.78
CA ASP ZA 1654 16.28 15.19 -80.03
C ASP ZA 1654 16.37 14.23 -78.87
N ASN ZA 1655 15.38 13.35 -78.73
CA ASN ZA 1655 15.30 12.42 -77.62
C ASN ZA 1655 15.44 10.96 -78.03
N VAL ZA 1656 14.84 10.55 -79.14
CA VAL ZA 1656 14.57 9.13 -79.34
C VAL ZA 1656 15.88 8.36 -79.52
N GLN ZA 1657 16.89 8.98 -80.11
CA GLN ZA 1657 18.12 8.26 -80.36
C GLN ZA 1657 18.95 8.03 -79.11
N PRO ZA 1658 19.17 8.99 -78.21
CA PRO ZA 1658 19.67 8.61 -76.88
C PRO ZA 1658 18.65 7.78 -76.11
N LEU ZA 1659 17.36 7.95 -76.40
CA LEU ZA 1659 16.36 7.09 -75.78
C LEU ZA 1659 16.46 5.65 -76.28
N ARG ZA 1660 16.42 5.46 -77.60
CA ARG ZA 1660 16.62 4.11 -78.13
C ARG ZA 1660 17.95 3.55 -77.67
N GLN ZA 1661 18.98 4.40 -77.60
CA GLN ZA 1661 20.29 3.97 -77.14
C GLN ZA 1661 20.21 3.38 -75.73
N LYS ZA 1662 19.61 4.14 -74.80
CA LYS ZA 1662 19.45 3.63 -73.46
C LYS ZA 1662 18.70 2.30 -73.47
N ALA ZA 1663 17.61 2.24 -74.23
CA ALA ZA 1663 16.80 1.02 -74.23
C ALA ZA 1663 17.62 -0.17 -74.70
N GLN ZA 1664 18.45 0.04 -75.72
CA GLN ZA 1664 19.27 -1.04 -76.26
C GLN ZA 1664 20.33 -1.49 -75.27
N ASN ZA 1665 21.07 -0.53 -74.71
CA ASN ZA 1665 22.07 -0.87 -73.72
C ASN ZA 1665 21.46 -1.63 -72.55
N SER ZA 1666 20.32 -1.17 -72.06
CA SER ZA 1666 19.72 -1.82 -70.90
C SER ZA 1666 19.22 -3.23 -71.24
N VAL ZA 1667 18.55 -3.39 -72.37
CA VAL ZA 1667 18.03 -4.73 -72.67
C VAL ZA 1667 19.17 -5.69 -72.91
N ARG ZA 1668 20.24 -5.21 -73.53
CA ARG ZA 1668 21.38 -6.09 -73.75
C ARG ZA 1668 22.06 -6.44 -72.43
N GLY ZA 1669 22.09 -5.49 -71.50
CA GLY ZA 1669 22.62 -5.78 -70.19
C GLY ZA 1669 21.84 -6.87 -69.48
N LEU ZA 1670 20.51 -6.74 -69.42
CA LEU ZA 1670 19.73 -7.74 -68.71
C LEU ZA 1670 19.77 -9.09 -69.43
N ALA ZA 1671 19.84 -9.07 -70.76
CA ALA ZA 1671 19.92 -10.34 -71.50
C ALA ZA 1671 21.26 -11.02 -71.26
N ARG ZA 1672 22.35 -10.25 -71.18
CA ARG ZA 1672 23.63 -10.90 -70.96
C ARG ZA 1672 23.79 -11.29 -69.50
N VAL ZA 1673 23.01 -10.69 -68.61
CA VAL ZA 1673 22.92 -11.22 -67.25
C VAL ZA 1673 22.20 -12.55 -67.23
N LEU ZA 1674 21.09 -12.66 -67.95
CA LEU ZA 1674 20.40 -13.95 -68.03
C LEU ZA 1674 21.32 -15.03 -68.56
N GLU ZA 1675 22.06 -14.75 -69.64
CA GLU ZA 1675 22.93 -15.79 -70.19
C GLU ZA 1675 24.12 -16.06 -69.29
N ASN ZA 1676 24.60 -15.04 -68.56
CA ASN ZA 1676 25.71 -15.28 -67.65
C ASN ZA 1676 25.29 -16.16 -66.49
N GLU ZA 1677 24.05 -16.04 -66.02
CA GLU ZA 1677 23.54 -17.02 -65.06
C GLU ZA 1677 23.38 -18.38 -65.71
N ARG ZA 1678 22.92 -18.44 -66.95
CA ARG ZA 1678 22.76 -19.72 -67.60
C ARG ZA 1678 24.07 -20.37 -68.02
N SER ZA 1679 25.21 -19.70 -67.81
CA SER ZA 1679 26.50 -20.22 -68.28
C SER ZA 1679 26.92 -21.47 -67.50
N ALA ZA 1680 28.16 -21.90 -67.77
CA ALA ZA 1680 28.71 -23.07 -67.12
C ALA ZA 1680 29.34 -22.73 -65.76
N ALA ZA 1681 29.67 -21.46 -65.53
CA ALA ZA 1681 30.10 -21.06 -64.20
C ALA ZA 1681 29.05 -21.43 -63.16
N MET ZA 1682 27.79 -21.52 -63.56
CA MET ZA 1682 26.77 -22.04 -62.67
C MET ZA 1682 27.09 -23.47 -62.25
N GLU ZA 1683 27.53 -24.29 -63.20
CA GLU ZA 1683 27.90 -25.67 -62.86
C GLU ZA 1683 29.16 -25.71 -62.00
N GLU ZA 1684 30.12 -24.84 -62.28
CA GLU ZA 1684 31.31 -24.76 -61.43
C GLU ZA 1684 30.94 -24.42 -59.99
N PHE ZA 1685 30.16 -23.34 -59.81
CA PHE ZA 1685 29.69 -22.97 -58.49
C PHE ZA 1685 28.91 -24.10 -57.83
N ARG ZA 1686 28.03 -24.77 -58.58
CA ARG ZA 1686 27.24 -25.84 -58.01
C ARG ZA 1686 28.14 -26.94 -57.48
N ARG ZA 1687 29.29 -27.14 -58.11
CA ARG ZA 1687 30.15 -28.22 -57.64
C ARG ZA 1687 31.13 -27.73 -56.58
N ASN ZA 1688 31.36 -26.42 -56.49
CA ASN ZA 1688 32.14 -25.85 -55.39
C ASN ZA 1688 31.75 -24.39 -55.20
N SER ZA 1689 30.83 -24.13 -54.29
CA SER ZA 1689 30.40 -22.76 -54.04
C SER ZA 1689 31.51 -21.92 -53.44
N GLU ZA 1690 32.00 -22.30 -52.26
CA GLU ZA 1690 32.94 -21.44 -51.52
C GLU ZA 1690 34.08 -20.98 -52.40
N ARG ZA 1691 34.60 -21.85 -53.25
CA ARG ZA 1691 35.60 -21.44 -54.22
C ARG ZA 1691 35.07 -20.30 -55.08
N TYR ZA 1692 33.80 -20.40 -55.50
CA TYR ZA 1692 33.28 -19.44 -56.45
C TYR ZA 1692 33.23 -18.05 -55.85
N TRP ZA 1693 32.61 -17.92 -54.68
CA TRP ZA 1693 32.56 -16.64 -54.00
C TRP ZA 1693 33.97 -16.14 -53.73
N ARG ZA 1694 34.87 -17.06 -53.40
CA ARG ZA 1694 36.25 -16.66 -53.17
C ARG ZA 1694 36.82 -15.96 -54.39
N ASN ZA 1695 36.73 -16.61 -55.55
CA ASN ZA 1695 37.37 -16.07 -56.74
C ASN ZA 1695 36.66 -14.83 -57.23
N VAL ZA 1696 35.35 -14.74 -57.06
CA VAL ZA 1696 34.65 -13.54 -57.47
C VAL ZA 1696 35.02 -12.38 -56.56
N LEU ZA 1697 35.23 -12.65 -55.27
CA LEU ZA 1697 35.67 -11.61 -54.35
C LEU ZA 1697 37.13 -11.24 -54.63
N GLU ZA 1698 37.90 -12.19 -55.15
CA GLU ZA 1698 39.31 -11.91 -55.42
C GLU ZA 1698 39.47 -11.05 -56.66
N GLY ZA 1699 38.73 -11.37 -57.72
CA GLY ZA 1699 38.87 -10.65 -58.98
C GLY ZA 1699 37.56 -10.08 -59.50
N PRO AB 10 -7.00 52.19 31.71
CA PRO AB 10 -8.39 52.36 31.32
C PRO AB 10 -9.09 51.05 30.99
N TRP AB 11 -10.42 51.10 30.87
CA TRP AB 11 -11.22 49.93 30.52
C TRP AB 11 -10.65 49.18 29.32
N TRP AB 12 -10.23 49.89 28.28
CA TRP AB 12 -9.77 49.22 27.09
C TRP AB 12 -8.38 48.67 27.28
N ASN AB 13 -7.79 48.87 28.46
CA ASN AB 13 -6.46 48.36 28.71
C ASN AB 13 -6.52 47.03 29.43
N PHE AB 14 -5.42 46.30 29.38
CA PHE AB 14 -5.43 44.98 29.97
C PHE AB 14 -4.76 44.98 31.35
N GLN AB 15 -5.29 44.09 32.20
CA GLN AB 15 -5.01 44.13 33.63
C GLN AB 15 -3.56 44.44 33.89
N THR AB 16 -2.67 43.64 33.32
CA THR AB 16 -1.26 43.81 33.61
C THR AB 16 -0.66 45.00 32.85
N GLU AB 17 -1.35 45.48 31.82
CA GLU AB 17 -0.85 46.66 31.12
C GLU AB 17 -1.30 47.93 31.81
N HIS AB 18 -2.13 47.82 32.83
CA HIS AB 18 -2.48 48.96 33.66
C HIS AB 18 -1.26 49.54 34.36
N ARG AB 19 -1.23 50.86 34.48
CA ARG AB 19 -0.32 51.51 35.40
C ARG AB 19 -1.05 52.36 36.43
N GLN AB 20 -1.81 53.35 35.97
CA GLN AB 20 -2.22 54.49 36.75
C GLN AB 20 -3.73 54.64 36.78
N ARG AB 21 -4.35 54.41 37.93
CA ARG AB 21 -5.80 54.53 37.99
C ARG AB 21 -6.27 55.95 38.26
N CYS AB 22 -5.46 56.96 37.96
CA CYS AB 22 -5.89 58.33 38.22
C CYS AB 22 -6.51 58.95 36.99
N VAL AB 23 -5.75 59.00 35.89
CA VAL AB 23 -6.08 59.78 34.71
C VAL AB 23 -6.39 58.81 33.58
N MET AB 24 -6.84 59.35 32.44
CA MET AB 24 -6.85 58.62 31.17
C MET AB 24 -6.01 59.40 30.17
N MET AB 25 -4.96 58.76 29.66
CA MET AB 25 -3.89 59.51 29.02
C MET AB 25 -4.38 60.23 27.78
N TYR AB 26 -4.83 59.48 26.77
CA TYR AB 26 -5.26 60.08 25.51
C TYR AB 26 -6.75 60.37 25.49
N GLY AB 27 -7.59 59.35 25.58
CA GLY AB 27 -9.01 59.62 25.54
C GLY AB 27 -9.76 58.50 26.22
N GLY AB 28 -11.03 58.44 25.95
CA GLY AB 28 -11.84 57.29 26.29
C GLY AB 28 -12.85 57.62 27.36
N SER AB 29 -13.25 56.58 28.07
CA SER AB 29 -14.33 56.64 29.04
C SER AB 29 -13.79 56.45 30.45
N ARG AB 30 -13.84 57.50 31.25
CA ARG AB 30 -13.49 57.38 32.66
C ARG AB 30 -14.73 56.87 33.38
N ALA AB 31 -14.61 55.76 34.07
CA ALA AB 31 -15.71 55.23 34.85
C ALA AB 31 -15.21 54.22 35.87
N LYS AB 32 -15.94 54.12 36.97
CA LYS AB 32 -15.58 53.22 38.04
C LYS AB 32 -16.08 51.81 37.74
N ASN AB 33 -15.14 50.86 37.58
CA ASN AB 33 -15.50 49.51 37.23
C ASN AB 33 -16.17 48.91 38.45
N THR AB 34 -17.45 49.20 38.63
CA THR AB 34 -18.16 48.65 39.78
C THR AB 34 -18.15 47.12 39.73
N HIS AB 35 -18.38 46.52 40.88
CA HIS AB 35 -18.12 45.09 41.04
C HIS AB 35 -19.45 44.37 41.09
N ASN AB 36 -19.96 44.06 39.90
CA ASN AB 36 -21.24 43.39 39.74
C ASN AB 36 -21.19 41.95 40.22
N ALA AB 37 -19.99 41.41 40.35
CA ALA AB 37 -19.79 39.98 40.57
C ALA AB 37 -19.49 39.75 42.05
N ASN AB 38 -20.55 39.58 42.82
CA ASN AB 38 -20.41 39.63 44.27
C ASN AB 38 -21.23 38.59 45.04
N HIS AB 39 -22.02 37.75 44.37
CA HIS AB 39 -22.86 36.74 45.03
C HIS AB 39 -23.74 37.35 46.10
N ARG AB 40 -24.58 38.27 45.71
CA ARG AB 40 -25.58 38.75 46.63
C ARG AB 40 -26.41 37.56 47.11
N VAL AB 41 -26.90 37.61 48.34
CA VAL AB 41 -27.41 36.43 49.03
C VAL AB 41 -28.79 36.73 49.59
N PHE AB 42 -29.38 35.71 50.20
CA PHE AB 42 -30.69 35.85 50.85
C PHE AB 42 -30.66 35.11 52.19
N ILE AB 43 -30.67 35.88 53.27
CA ILE AB 43 -30.56 35.35 54.62
C ILE AB 43 -31.96 35.00 55.12
N LYS AB 44 -32.27 33.71 55.16
CA LYS AB 44 -33.60 33.26 55.52
C LYS AB 44 -33.89 33.64 56.95
N LYS AB 45 -34.73 34.63 57.16
CA LYS AB 45 -35.12 35.04 58.49
C LYS AB 45 -36.53 34.59 58.87
N TYR AB 46 -37.07 33.60 58.19
CA TYR AB 46 -38.42 33.13 58.47
C TYR AB 46 -38.51 31.65 58.12
N LYS AB 47 -39.67 31.06 58.39
CA LYS AB 47 -39.86 29.65 58.07
C LYS AB 47 -40.94 29.49 57.01
N ARG AB 48 -40.80 28.43 56.21
CA ARG AB 48 -41.60 28.27 55.00
C ARG AB 48 -43.08 28.27 55.30
N ASN AB 49 -43.44 28.17 56.59
CA ASN AB 49 -44.86 28.20 56.96
C ASN AB 49 -45.18 29.42 57.81
N ALA AB 50 -44.17 30.22 58.15
CA ALA AB 50 -44.34 31.41 58.95
C ALA AB 50 -43.79 32.60 58.18
N PHE AB 51 -44.66 33.31 57.48
CA PHE AB 51 -44.28 34.54 56.81
C PHE AB 51 -45.20 35.68 57.21
N PRO AB 52 -44.64 36.84 57.54
CA PRO AB 52 -45.48 37.98 57.94
C PRO AB 52 -46.13 38.68 56.77
N ASN AB 53 -46.18 38.05 55.61
CA ASN AB 53 -46.99 38.54 54.52
C ASN AB 53 -48.15 37.56 54.34
N ARG AB 54 -49.14 37.96 53.56
CA ARG AB 54 -50.24 37.04 53.30
C ARG AB 54 -50.24 36.59 51.85
N THR AB 55 -50.09 37.53 50.93
CA THR AB 55 -50.28 37.22 49.51
C THR AB 55 -48.98 36.73 48.86
N ARG AB 56 -48.02 37.63 48.68
CA ARG AB 56 -46.78 37.31 48.00
C ARG AB 56 -45.70 37.06 49.04
N HIS AB 57 -45.34 35.79 49.17
CA HIS AB 57 -44.29 35.36 50.08
C HIS AB 57 -42.95 35.66 49.45
N HIS AB 58 -41.93 35.79 50.28
CA HIS AB 58 -40.59 36.07 49.82
C HIS AB 58 -39.67 34.93 50.22
N TRP AB 59 -38.97 34.34 49.25
CA TRP AB 59 -38.06 33.25 49.50
C TRP AB 59 -36.80 33.26 48.67
N ALA AB 60 -36.54 34.29 47.89
CA ALA AB 60 -35.22 34.39 47.26
C ALA AB 60 -34.95 35.83 46.91
N VAL AB 61 -33.67 36.13 46.69
CA VAL AB 61 -33.22 37.50 46.48
C VAL AB 61 -34.12 38.23 45.51
N SER AB 62 -34.28 39.53 45.72
CA SER AB 62 -35.02 40.36 44.78
C SER AB 62 -34.06 41.02 43.79
N MET AB 63 -34.50 41.17 42.54
CA MET AB 63 -33.81 42.08 41.64
C MET AB 63 -34.43 43.47 41.77
N THR AB 64 -33.60 44.43 42.15
CA THR AB 64 -34.09 45.72 42.58
C THR AB 64 -33.71 46.79 41.57
N GLY AB 65 -34.48 47.86 41.58
CA GLY AB 65 -34.41 48.91 40.60
C GLY AB 65 -35.79 49.24 40.06
N VAL AB 66 -35.83 50.28 39.25
CA VAL AB 66 -36.94 50.54 38.34
C VAL AB 66 -36.37 51.39 37.22
N LEU AB 67 -36.72 51.04 35.99
CA LEU AB 67 -35.94 51.25 34.78
C LEU AB 67 -34.66 50.43 34.92
N GLY AB 68 -34.68 49.43 35.79
CA GLY AB 68 -33.58 48.48 35.87
C GLY AB 68 -34.02 47.04 36.05
N GLN AB 69 -35.27 46.79 36.41
CA GLN AB 69 -35.71 45.43 36.60
C GLN AB 69 -35.56 44.69 35.28
N ARG AB 70 -35.82 43.40 35.29
CA ARG AB 70 -35.60 42.66 34.08
C ARG AB 70 -36.52 41.45 34.03
N PRO AB 71 -37.36 41.29 32.99
CA PRO AB 71 -37.44 41.90 31.66
C PRO AB 71 -37.48 43.45 31.60
N ARG AB 72 -36.64 44.05 30.77
CA ARG AB 72 -36.42 45.48 30.87
C ARG AB 72 -37.55 46.26 30.20
N ARG AB 73 -38.70 46.33 30.85
CA ARG AB 73 -39.80 47.17 30.40
C ARG AB 73 -39.26 48.59 30.25
N MET AB 74 -39.86 49.38 29.38
CA MET AB 74 -39.37 50.74 29.32
C MET AB 74 -40.43 51.72 28.85
N PRO AB 75 -40.25 53.01 29.12
CA PRO AB 75 -41.15 54.05 28.59
C PRO AB 75 -41.08 54.19 27.08
N TRP AB 76 -42.24 54.24 26.44
CA TRP AB 76 -42.33 54.42 25.00
C TRP AB 76 -43.44 55.38 24.73
N PRO AB 77 -43.20 56.53 24.13
CA PRO AB 77 -44.31 57.46 23.91
C PRO AB 77 -45.06 57.18 22.62
N TYR AB 78 -44.50 56.34 21.79
CA TYR AB 78 -44.98 56.16 20.43
C TYR AB 78 -46.17 55.23 20.42
N ASP AB 79 -47.33 55.75 20.76
CA ASP AB 79 -48.49 54.90 20.91
C ASP AB 79 -49.64 55.58 20.19
N LEU AB 80 -50.85 55.13 20.49
CA LEU AB 80 -52.06 55.75 19.98
C LEU AB 80 -52.05 57.25 20.22
N THR AB 81 -51.68 57.65 21.44
CA THR AB 81 -51.74 59.07 21.77
C THR AB 81 -50.80 59.89 20.92
N SER AB 82 -49.59 59.40 20.68
CA SER AB 82 -48.67 60.23 19.92
C SER AB 82 -48.91 60.07 18.44
N LEU AB 83 -49.72 59.08 18.07
CA LEU AB 83 -50.10 58.97 16.67
C LEU AB 83 -51.20 59.96 16.34
N ILE AB 84 -52.10 60.19 17.30
CA ILE AB 84 -53.22 61.12 17.10
C ILE AB 84 -52.88 62.56 17.44
N PHE AB 85 -52.28 62.82 18.59
CA PHE AB 85 -52.02 64.18 19.06
C PHE AB 85 -50.54 64.43 19.13
N ASN AB 86 -50.14 65.63 18.73
CA ASN AB 86 -48.84 66.18 19.11
C ASN AB 86 -48.98 66.60 20.57
N GLN AB 87 -47.89 66.48 21.34
CA GLN AB 87 -48.00 66.85 22.74
C GLN AB 87 -46.92 67.83 23.13
N PRO AB 88 -47.16 68.70 24.11
CA PRO AB 88 -46.04 69.45 24.70
C PRO AB 88 -45.20 68.60 25.65
N ARG AB 89 -45.84 67.91 26.60
CA ARG AB 89 -45.18 66.99 27.51
C ARG AB 89 -46.00 65.72 27.67
N GLN AB 90 -45.30 64.60 27.80
CA GLN AB 90 -45.90 63.27 27.70
C GLN AB 90 -47.10 63.12 28.63
N GLY AB 91 -48.05 62.30 28.22
CA GLY AB 91 -49.24 62.04 29.00
C GLY AB 91 -50.29 63.12 28.94
N SER AB 92 -50.03 64.22 28.25
CA SER AB 92 -50.96 65.33 28.27
C SER AB 92 -52.35 64.90 27.81
N ASP AB 93 -52.42 64.21 26.68
CA ASP AB 93 -53.67 63.92 25.99
C ASP AB 93 -53.93 62.42 26.03
N LYS AB 94 -55.11 62.01 26.44
CA LYS AB 94 -55.35 60.59 26.59
C LYS AB 94 -56.78 60.26 26.22
N ILE AB 95 -56.94 59.20 25.43
CA ILE AB 95 -58.19 58.86 24.80
C ILE AB 95 -58.69 57.57 25.41
N GLY AB 96 -59.91 57.57 25.89
CA GLY AB 96 -60.34 56.27 26.35
C GLY AB 96 -61.82 56.06 26.48
N TYR AB 97 -62.14 54.83 26.78
CA TYR AB 97 -63.46 54.50 27.22
C TYR AB 97 -63.65 55.04 28.62
N VAL AB 98 -64.29 56.20 28.73
CA VAL AB 98 -64.76 56.65 30.03
C VAL AB 98 -65.47 55.52 30.74
N VAL AB 99 -64.87 55.04 31.81
CA VAL AB 99 -65.47 53.98 32.61
C VAL AB 99 -65.53 54.46 34.05
N GLY AB 100 -66.72 54.65 34.58
CA GLY AB 100 -66.82 55.09 35.95
C GLY AB 100 -66.88 56.59 36.07
N THR AB 101 -68.05 57.08 36.47
CA THR AB 101 -68.35 58.50 36.58
C THR AB 101 -69.18 58.75 37.81
N SER AB 102 -69.34 57.72 38.66
CA SER AB 102 -70.36 57.76 39.72
C SER AB 102 -70.08 58.85 40.74
N MET AB 103 -68.82 59.15 41.00
CA MET AB 103 -68.47 60.38 41.68
C MET AB 103 -69.04 61.56 40.89
N LEU AB 104 -69.98 62.28 41.51
CA LEU AB 104 -70.65 63.40 40.88
C LEU AB 104 -69.65 64.30 40.17
N LYS AB 105 -69.96 64.67 38.93
CA LYS AB 105 -69.15 65.57 38.11
C LYS AB 105 -67.75 65.06 37.86
N THR AB 106 -67.47 63.79 38.09
CA THR AB 106 -66.14 63.22 37.96
C THR AB 106 -66.17 61.99 37.09
N ALA AB 107 -65.24 61.91 36.13
CA ALA AB 107 -65.13 60.77 35.23
C ALA AB 107 -63.84 60.01 35.49
N VAL AB 108 -63.87 58.70 35.20
CA VAL AB 108 -62.69 57.85 35.25
C VAL AB 108 -62.40 57.37 33.83
N VAL AB 109 -61.37 57.93 33.20
CA VAL AB 109 -61.03 57.62 31.82
C VAL AB 109 -59.86 56.65 31.78
N ALA AB 110 -60.03 55.56 31.04
CA ALA AB 110 -59.14 54.41 31.09
C ALA AB 110 -58.37 54.26 29.78
N ALA AB 111 -57.21 54.88 29.70
CA ALA AB 111 -56.49 54.99 28.45
C ALA AB 111 -55.04 54.55 28.61
N ASN AB 112 -54.45 54.12 27.51
CA ASN AB 112 -53.23 53.34 27.50
C ASN AB 112 -52.02 54.15 27.06
N HIS AB 113 -50.86 53.63 27.44
CA HIS AB 113 -49.52 54.18 27.24
C HIS AB 113 -48.73 53.14 26.48
N MET AB 114 -47.41 53.27 26.42
CA MET AB 114 -46.62 52.24 25.73
C MET AB 114 -45.46 51.72 26.58
N VAL AB 115 -45.44 50.39 26.79
CA VAL AB 115 -44.41 49.69 27.55
C VAL AB 115 -43.60 48.83 26.58
N TYR AB 116 -42.44 49.29 26.18
CA TYR AB 116 -41.66 48.62 25.15
C TYR AB 116 -40.65 47.68 25.82
N TYR AB 117 -40.49 46.46 25.30
CA TYR AB 117 -39.51 45.52 25.82
C TYR AB 117 -38.32 45.42 24.90
N PRO AB 118 -37.22 46.11 25.15
CA PRO AB 118 -36.11 46.06 24.21
C PRO AB 118 -35.61 44.67 23.93
N LYS AB 119 -35.41 43.83 24.96
CA LYS AB 119 -34.81 42.53 24.74
C LYS AB 119 -35.59 41.72 23.73
N PHE AB 120 -36.91 41.61 23.91
CA PHE AB 120 -37.78 40.89 22.98
C PHE AB 120 -37.92 41.57 21.63
N ASN AB 121 -37.84 42.92 21.56
CA ASN AB 121 -38.17 43.73 20.37
C ASN AB 121 -39.68 43.80 20.13
N GLN AB 122 -40.43 44.13 21.18
CA GLN AB 122 -41.89 44.12 21.11
C GLN AB 122 -42.47 45.01 22.21
N ARG AB 123 -43.78 45.25 22.12
CA ARG AB 123 -44.47 46.21 22.94
C ARG AB 123 -45.55 45.53 23.74
N VAL AB 124 -46.06 46.21 24.75
CA VAL AB 124 -47.43 46.05 25.20
C VAL AB 124 -47.88 47.35 25.87
N SER AB 125 -48.88 47.97 25.29
CA SER AB 125 -49.49 49.14 25.87
C SER AB 125 -50.32 48.71 27.08
N ARG AB 126 -50.51 49.62 28.03
CA ARG AB 126 -51.08 49.21 29.32
C ARG AB 126 -52.20 50.11 29.80
N THR AB 127 -53.03 49.57 30.69
CA THR AB 127 -54.30 50.15 31.11
C THR AB 127 -54.09 50.99 32.36
N SER AB 128 -54.99 51.94 32.61
CA SER AB 128 -54.91 52.82 33.77
C SER AB 128 -56.20 53.60 33.94
N ARG AB 129 -56.93 53.34 35.02
CA ARG AB 129 -58.11 54.11 35.36
C ARG AB 129 -57.73 55.46 35.94
N PHE AB 130 -57.96 56.52 35.17
CA PHE AB 130 -57.62 57.88 35.57
C PHE AB 130 -58.77 58.55 36.28
N PHE AB 131 -58.49 59.72 36.83
CA PHE AB 131 -59.53 60.64 37.25
C PHE AB 131 -59.61 61.71 36.18
N ALA AB 132 -60.82 62.14 35.86
CA ALA AB 132 -61.02 63.18 34.87
C ALA AB 132 -62.26 63.99 35.20
N HIS AB 133 -62.04 65.24 35.56
CA HIS AB 133 -63.14 66.14 35.85
C HIS AB 133 -64.01 66.27 34.62
N ASP AB 134 -65.32 66.29 34.82
CA ASP AB 134 -66.23 66.72 33.77
C ASP AB 134 -67.30 67.58 34.42
N GLU AB 135 -67.05 68.88 34.41
CA GLU AB 135 -68.09 69.80 34.80
C GLU AB 135 -69.31 69.59 33.92
N ASP AB 136 -70.46 69.38 34.54
CA ASP AB 136 -71.78 69.29 33.95
C ASP AB 136 -72.16 67.88 33.51
N LEU AB 137 -71.37 66.86 33.83
CA LEU AB 137 -71.93 65.53 34.06
C LEU AB 137 -72.44 64.87 32.79
N ALA AB 138 -71.84 65.20 31.64
CA ALA AB 138 -72.38 64.65 30.40
C ALA AB 138 -72.01 63.20 30.22
N CYS AB 139 -70.71 62.92 30.14
CA CYS AB 139 -70.25 61.62 29.71
C CYS AB 139 -70.96 60.52 30.48
N VAL AB 140 -71.18 59.40 29.82
CA VAL AB 140 -71.68 58.20 30.46
C VAL AB 140 -70.61 57.14 30.27
N GLU AB 141 -70.71 56.07 31.05
CA GLU AB 141 -69.73 55.01 30.97
C GLU AB 141 -69.67 54.49 29.54
N GLY AB 142 -68.57 54.74 28.87
CA GLY AB 142 -68.39 54.22 27.53
C GLY AB 142 -68.13 55.24 26.44
N ASP AB 143 -68.53 56.48 26.62
CA ASP AB 143 -68.27 57.44 25.58
C ASP AB 143 -66.80 57.46 25.33
N LEU AB 144 -66.38 57.12 24.12
CA LEU AB 144 -64.97 57.32 23.81
C LEU AB 144 -64.66 58.79 23.89
N VAL AB 145 -63.79 59.18 24.83
CA VAL AB 145 -63.54 60.60 25.06
C VAL AB 145 -62.08 60.94 24.96
N HIS AB 146 -61.84 62.19 24.67
CA HIS AB 146 -60.53 62.78 24.71
C HIS AB 146 -60.41 63.44 26.07
N ILE AB 147 -59.26 63.32 26.73
CA ILE AB 147 -59.02 63.85 28.06
C ILE AB 147 -57.73 64.62 28.00
N LYS AB 148 -57.71 65.82 28.58
CA LYS AB 148 -56.48 66.59 28.56
C LYS AB 148 -56.05 66.92 29.98
N GLN AB 149 -54.77 67.23 30.15
CA GLN AB 149 -54.26 67.62 31.46
C GLN AB 149 -54.28 69.12 31.68
N CYS AB 150 -54.22 69.51 32.94
CA CYS AB 150 -54.39 70.90 33.31
C CYS AB 150 -53.56 71.22 34.55
N ARG AB 151 -54.00 72.25 35.27
CA ARG AB 151 -53.80 72.31 36.71
C ARG AB 151 -54.70 71.28 37.40
N LYS AB 152 -54.22 70.75 38.52
CA LYS AB 152 -54.91 69.68 39.26
C LYS AB 152 -56.35 70.08 39.58
N ILE AB 153 -57.19 69.11 39.91
CA ILE AB 153 -58.58 69.43 40.21
C ILE AB 153 -58.97 68.91 41.58
N SER AB 154 -58.27 67.89 42.04
CA SER AB 154 -58.45 67.39 43.38
C SER AB 154 -57.21 66.62 43.78
N LYS AB 155 -57.32 65.84 44.86
CA LYS AB 155 -56.21 64.98 45.22
C LYS AB 155 -55.67 64.29 43.98
N TYR AB 156 -56.58 63.82 43.10
CA TYR AB 156 -56.27 62.76 42.15
C TYR AB 156 -56.64 63.04 40.69
N LYS AB 157 -57.35 64.12 40.39
CA LYS AB 157 -57.75 64.41 39.03
C LYS AB 157 -56.92 65.56 38.48
N HIS AB 158 -55.98 65.26 37.60
CA HIS AB 158 -55.19 66.28 36.92
C HIS AB 158 -55.66 66.48 35.50
N TYR AB 159 -56.83 65.92 35.19
CA TYR AB 159 -57.39 65.82 33.85
C TYR AB 159 -58.78 66.43 33.82
N TYR AB 160 -59.25 66.68 32.60
CA TYR AB 160 -60.61 67.13 32.36
C TYR AB 160 -61.06 66.63 31.02
N VAL AB 161 -62.36 66.36 30.93
CA VAL AB 161 -62.96 65.76 29.74
C VAL AB 161 -62.87 66.78 28.62
N PHE AB 162 -61.98 66.57 27.67
CA PHE AB 162 -61.66 67.61 26.70
C PHE AB 162 -62.52 67.50 25.47
N SER AB 163 -63.32 66.45 25.38
CA SER AB 163 -64.24 66.29 24.28
C SER AB 163 -65.05 65.03 24.48
N ILE AB 164 -65.86 64.72 23.50
CA ILE AB 164 -66.35 63.37 23.33
C ILE AB 164 -65.97 62.97 21.92
N LEU AB 165 -65.66 61.70 21.73
CA LEU AB 165 -65.43 61.20 20.39
C LEU AB 165 -66.55 60.26 19.98
N GLU AB 166 -67.09 59.55 20.91
CA GLU AB 166 -68.42 59.07 20.60
C GLU AB 166 -69.24 58.98 21.87
N PRO AB 167 -70.39 59.62 21.93
CA PRO AB 167 -71.28 59.39 23.05
C PRO AB 167 -72.08 58.10 22.90
N ASN AB 168 -72.14 57.35 24.00
CA ASN AB 168 -72.85 56.08 24.07
C ASN AB 168 -74.33 56.41 23.98
N ILE AB 169 -74.84 56.53 22.75
CA ILE AB 169 -76.22 56.96 22.57
C ILE AB 169 -77.18 55.93 23.11
N GLU AB 170 -76.85 54.65 22.97
CA GLU AB 170 -77.61 53.64 23.67
C GLU AB 170 -77.69 53.96 25.14
N GLY AB 171 -76.56 54.27 25.76
CA GLY AB 171 -76.59 54.53 27.19
C GLY AB 171 -77.41 55.74 27.55
N ARG AB 172 -77.20 56.84 26.83
CA ARG AB 172 -77.95 58.06 27.13
C ARG AB 172 -79.44 57.81 27.04
N GLU AB 173 -79.87 57.00 26.08
CA GLU AB 173 -81.28 56.68 26.05
C GLU AB 173 -81.66 55.70 27.15
N ARG AB 174 -80.71 54.86 27.59
CA ARG AB 174 -81.03 53.95 28.68
C ARG AB 174 -81.32 54.72 29.95
N LEU AB 175 -80.55 55.77 30.20
CA LEU AB 175 -80.85 56.66 31.31
C LEU AB 175 -82.17 57.37 31.08
N LYS AB 176 -82.37 57.94 29.90
CA LYS AB 176 -83.62 58.66 29.64
C LYS AB 176 -84.81 57.77 29.96
N LEU AB 177 -84.79 56.53 29.51
CA LEU AB 177 -85.82 55.57 29.88
C LEU AB 177 -85.77 55.24 31.37
N GLY AB 178 -84.61 55.38 32.02
CA GLY AB 178 -84.50 55.20 33.44
C GLY AB 178 -83.53 54.12 33.90
N LEU AB 179 -83.28 53.10 33.08
CA LEU AB 179 -82.46 51.99 33.54
C LEU AB 179 -81.02 52.43 33.79
N LYS AB 180 -80.22 51.50 34.32
CA LYS AB 180 -78.80 51.78 34.49
C LYS AB 180 -78.11 51.83 33.14
N ALA AB 181 -77.38 52.92 32.90
CA ALA AB 181 -76.76 53.13 31.60
C ALA AB 181 -75.86 51.97 31.24
N VAL AB 182 -75.40 51.22 32.24
CA VAL AB 182 -74.67 49.98 32.04
C VAL AB 182 -74.99 49.00 33.16
N PRO AB 183 -75.47 47.81 32.85
CA PRO AB 183 -75.63 46.81 33.90
C PRO AB 183 -74.31 46.53 34.58
N PRO AB 184 -74.35 46.13 35.85
CA PRO AB 184 -73.13 46.02 36.64
C PRO AB 184 -72.57 44.62 36.55
N PRO AB 185 -71.27 44.46 36.76
CA PRO AB 185 -70.65 43.15 36.58
C PRO AB 185 -71.34 42.07 37.40
N LEU AB 186 -71.46 40.89 36.80
CA LEU AB 186 -72.20 39.80 37.42
C LEU AB 186 -71.53 39.31 38.69
N PHE AB 187 -70.20 39.30 38.71
CA PHE AB 187 -69.46 38.75 39.83
C PHE AB 187 -68.47 39.78 40.35
N GLY AB 188 -67.98 39.56 41.56
CA GLY AB 188 -67.10 40.52 42.19
C GLY AB 188 -65.67 40.32 41.79
N TYR AB 189 -64.77 40.73 42.67
CA TYR AB 189 -63.37 40.44 42.48
C TYR AB 189 -63.09 38.98 42.87
N PRO AB 190 -61.96 38.41 42.42
CA PRO AB 190 -61.68 37.01 42.73
C PRO AB 190 -61.39 36.81 44.21
N VAL AB 191 -62.07 35.84 44.81
CA VAL AB 191 -61.94 35.55 46.23
C VAL AB 191 -61.28 34.18 46.40
N SER AB 192 -61.08 33.78 47.65
CA SER AB 192 -60.53 32.47 47.96
C SER AB 192 -61.49 31.58 48.73
N ARG AB 193 -62.70 32.02 49.03
CA ARG AB 193 -63.62 31.27 49.87
C ARG AB 193 -64.77 30.76 49.02
N ARG AB 194 -65.09 29.48 49.17
CA ARG AB 194 -66.17 28.93 48.36
C ARG AB 194 -67.52 29.40 48.87
N ILE AB 195 -67.89 30.62 48.48
CA ILE AB 195 -69.16 31.24 48.85
C ILE AB 195 -70.28 30.40 48.26
N VAL AB 196 -71.09 29.79 49.13
CA VAL AB 196 -72.14 28.89 48.72
C VAL AB 196 -73.45 29.66 48.72
N LYS AB 197 -73.79 30.23 47.56
CA LYS AB 197 -75.07 30.89 47.32
C LYS AB 197 -76.07 29.85 46.88
N LEU AB 198 -77.10 29.63 47.69
CA LEU AB 198 -78.21 28.78 47.30
C LEU AB 198 -79.50 29.58 47.41
N ASN AB 199 -80.29 29.52 46.35
CA ASN AB 199 -81.55 30.25 46.21
C ASN AB 199 -81.35 31.75 46.40
N MET BB 1 -22.46 26.43 49.18
CA MET BB 1 -22.06 27.81 49.50
C MET BB 1 -23.13 28.57 50.23
N TRP BB 2 -24.12 27.85 50.75
CA TRP BB 2 -25.18 28.49 51.52
C TRP BB 2 -24.62 29.18 52.74
N PHE BB 3 -23.69 28.54 53.44
CA PHE BB 3 -23.20 29.07 54.71
C PHE BB 3 -22.02 30.00 54.51
N LEU BB 4 -21.25 29.85 53.44
CA LEU BB 4 -20.31 30.91 53.10
C LEU BB 4 -21.00 32.25 53.01
N TYR BB 5 -22.32 32.23 52.83
CA TYR BB 5 -23.15 33.44 52.78
C TYR BB 5 -22.59 34.51 51.87
N GLY BB 6 -21.83 34.08 50.87
CA GLY BB 6 -21.47 34.98 49.80
C GLY BB 6 -20.07 35.51 49.85
N CYS BB 7 -19.47 35.63 51.03
CA CYS BB 7 -18.10 36.13 51.12
C CYS BB 7 -17.16 35.06 50.61
N CYS BB 8 -15.95 35.45 50.25
CA CYS BB 8 -15.04 34.51 49.65
C CYS BB 8 -14.51 33.51 50.67
N LEU BB 9 -14.26 33.96 51.90
CA LEU BB 9 -13.81 33.13 53.03
C LEU BB 9 -14.64 33.49 54.27
N ARG BB 10 -15.09 32.50 55.04
CA ARG BB 10 -15.88 32.78 56.24
C ARG BB 10 -15.21 32.22 57.50
N PHE BB 11 -15.12 33.05 58.54
CA PHE BB 11 -14.50 32.67 59.80
C PHE BB 11 -15.50 31.92 60.69
N VAL BB 12 -15.07 30.81 61.30
CA VAL BB 12 -15.91 30.11 62.26
C VAL BB 12 -15.11 29.58 63.45
N LEU BB 13 -15.81 28.80 64.27
CA LEU BB 13 -15.46 28.50 65.65
C LEU BB 13 -15.57 27.00 65.91
N PHE BB 14 -14.45 26.39 66.28
CA PHE BB 14 -14.42 24.95 66.51
C PHE BB 14 -15.36 24.54 67.63
N VAL BB 15 -15.99 23.37 67.50
CA VAL BB 15 -16.71 22.73 68.59
C VAL BB 15 -16.30 21.28 68.77
N LEU BB 16 -16.59 20.43 67.80
CA LEU BB 16 -16.27 19.02 67.89
C LEU BB 16 -15.37 18.65 66.72
N CYS BB 17 -14.60 17.58 66.91
CA CYS BB 17 -13.80 17.02 65.84
C CYS BB 17 -14.15 15.55 65.73
N TYR BB 18 -15.18 15.25 64.96
CA TYR BB 18 -15.64 13.89 64.83
C TYR BB 18 -15.17 13.38 63.48
N TYR BB 19 -15.16 12.06 63.33
CA TYR BB 19 -14.62 11.41 62.16
C TYR BB 19 -15.76 10.78 61.39
N MET BB 20 -15.82 11.05 60.10
CA MET BB 20 -16.84 10.47 59.23
C MET BB 20 -16.15 9.66 58.15
N SER BB 21 -16.85 8.65 57.64
CA SER BB 21 -16.26 7.75 56.67
C SER BB 21 -16.65 8.16 55.24
N PRO BB 22 -15.68 8.32 54.34
CA PRO BB 22 -15.99 8.81 53.00
C PRO BB 22 -16.94 7.90 52.22
N ARG BB 23 -17.30 8.36 51.02
CA ARG BB 23 -18.23 7.63 50.16
C ARG BB 23 -17.47 6.65 49.27
N LEU BB 24 -18.01 5.44 49.14
CA LEU BB 24 -17.34 4.39 48.37
C LEU BB 24 -17.19 4.82 46.91
N PRO BB 25 -16.24 4.23 46.17
CA PRO BB 25 -15.26 3.20 46.51
C PRO BB 25 -14.17 3.66 47.47
N SER BB 26 -14.08 4.96 47.70
CA SER BB 26 -13.03 5.53 48.53
C SER BB 26 -13.06 4.94 49.94
N SER BB 27 -11.92 5.04 50.62
CA SER BB 27 -11.79 4.56 51.99
C SER BB 27 -10.89 5.51 52.77
N GLY BB 28 -11.27 5.79 54.01
CA GLY BB 28 -10.53 6.71 54.86
C GLY BB 28 -11.27 6.90 56.18
N ASN BB 29 -10.70 7.77 57.01
CA ASN BB 29 -11.36 8.24 58.21
C ASN BB 29 -11.22 9.76 58.27
N ARG BB 30 -12.14 10.45 57.61
CA ARG BB 30 -11.98 11.86 57.30
C ARG BB 30 -12.38 12.70 58.50
N ARG BB 31 -11.67 13.80 58.68
CA ARG BB 31 -11.81 14.63 59.86
C ARG BB 31 -12.85 15.70 59.62
N VAL BB 32 -14.04 15.51 60.19
CA VAL BB 32 -15.14 16.45 60.06
C VAL BB 32 -15.20 17.28 61.32
N LEU BB 33 -15.03 18.58 61.17
CA LEU BB 33 -15.03 19.51 62.30
C LEU BB 33 -16.40 20.17 62.39
N TYR BB 34 -17.16 19.79 63.40
CA TYR BB 34 -18.44 20.42 63.68
C TYR BB 34 -18.15 21.77 64.33
N ALA BB 35 -18.27 22.85 63.57
CA ALA BB 35 -17.97 24.18 64.05
C ALA BB 35 -19.25 24.97 64.23
N VAL BB 36 -19.12 26.23 64.64
CA VAL BB 36 -20.24 27.17 64.73
C VAL BB 36 -19.72 28.56 64.42
N PHE BB 37 -20.64 29.49 64.20
CA PHE BB 37 -20.34 30.92 64.17
C PHE BB 37 -21.63 31.72 64.29
N TYR BB 38 -21.54 32.86 64.95
CA TYR BB 38 -22.64 33.81 65.01
C TYR BB 38 -22.48 34.77 63.86
N LEU BB 39 -23.57 35.05 63.17
CA LEU BB 39 -23.57 36.03 62.10
C LEU BB 39 -25.00 36.43 61.85
N TYR BB 40 -25.28 37.73 61.90
CA TYR BB 40 -26.60 38.23 61.54
C TYR BB 40 -27.64 37.62 62.48
N ILE BB 41 -27.86 38.30 63.60
CA ILE BB 41 -27.81 37.85 64.98
C ILE BB 41 -28.05 36.37 65.24
N PHE BB 42 -28.74 35.66 64.36
CA PHE BB 42 -28.86 34.22 64.47
C PHE BB 42 -27.46 33.59 64.56
N VAL BB 43 -27.34 32.54 65.36
CA VAL BB 43 -26.11 31.77 65.43
C VAL BB 43 -26.29 30.47 64.65
N TRP BB 44 -25.21 29.97 64.03
CA TRP BB 44 -25.29 28.86 63.09
C TRP BB 44 -24.24 27.80 63.39
N CYS BB 45 -24.54 26.56 63.02
CA CYS BB 45 -23.62 25.44 63.14
C CYS BB 45 -23.22 24.98 61.74
N VAL BB 46 -21.92 24.72 61.55
CA VAL BB 46 -21.32 24.46 60.25
C VAL BB 46 -20.51 23.19 60.35
N ARG BB 47 -21.02 22.09 59.82
CA ARG BB 47 -20.26 20.84 59.76
C ARG BB 47 -19.28 20.97 58.60
N CYS BB 48 -17.99 20.96 58.90
CA CYS BB 48 -16.98 21.29 57.90
C CYS BB 48 -15.95 20.18 57.84
N PHE BB 49 -14.89 20.42 57.06
CA PHE BB 49 -13.82 19.44 56.87
C PHE BB 49 -12.52 20.01 57.40
N PHE BB 50 -11.48 19.19 57.42
CA PHE BB 50 -10.14 19.65 57.80
C PHE BB 50 -9.12 19.05 56.84
N CYS BB 51 -8.62 19.90 55.95
CA CYS BB 51 -7.47 19.53 55.15
C CYS BB 51 -6.21 20.22 55.66
N GLY BB 52 -6.35 21.29 56.44
CA GLY BB 52 -5.19 21.95 56.98
C GLY BB 52 -4.50 21.11 58.04
N ILE BB 53 -3.57 21.73 58.77
CA ILE BB 53 -3.04 21.11 59.98
C ILE BB 53 -3.19 22.08 61.16
N PHE BB 54 -3.05 21.53 62.36
CA PHE BB 54 -3.27 22.23 63.62
C PHE BB 54 -2.02 22.14 64.49
N ILE BB 55 -1.51 23.29 64.94
CA ILE BB 55 -0.36 23.29 65.83
C ILE BB 55 -0.76 23.86 67.18
N LEU BB 56 -1.35 25.06 67.19
CA LEU BB 56 -1.86 25.64 68.42
C LEU BB 56 -3.37 25.49 68.45
N SER BB 57 -3.91 25.29 69.65
CA SER BB 57 -5.36 25.26 69.79
C SER BB 57 -5.93 26.60 69.37
N PHE BB 58 -6.66 26.60 68.26
CA PHE BB 58 -7.24 27.82 67.71
C PHE BB 58 -8.63 27.50 67.17
N ALA BB 59 -9.65 27.89 67.94
CA ALA BB 59 -11.01 27.83 67.42
C ALA BB 59 -11.26 28.96 66.43
N LEU BB 60 -10.21 29.69 66.05
CA LEU BB 60 -10.26 30.48 64.83
C LEU BB 60 -10.04 29.56 63.63
N PHE BB 61 -11.06 29.46 62.77
CA PHE BB 61 -10.97 28.64 61.58
C PHE BB 61 -11.43 29.49 60.40
N ILE BB 62 -10.74 29.36 59.29
CA ILE BB 62 -11.08 30.09 58.08
C ILE BB 62 -11.67 29.09 57.12
N ILE BB 63 -12.98 28.90 57.19
CA ILE BB 63 -13.70 28.00 56.31
C ILE BB 63 -13.83 28.68 54.96
N GLU BB 64 -13.13 28.17 53.96
CA GLU BB 64 -13.49 28.47 52.60
C GLU BB 64 -14.01 27.19 51.97
N GLY BB 65 -15.12 27.32 51.24
CA GLY BB 65 -15.71 26.17 50.60
C GLY BB 65 -14.87 25.68 49.43
N GLY BB 66 -15.03 24.40 49.13
CA GLY BB 66 -14.25 23.79 48.07
C GLY BB 66 -15.16 22.91 47.24
N GLY BB 67 -14.54 22.09 46.41
CA GLY BB 67 -15.29 21.17 45.60
C GLY BB 67 -15.96 20.08 46.44
N PHE BB 68 -16.23 18.97 45.78
CA PHE BB 68 -16.70 17.80 46.50
C PHE BB 68 -15.52 16.91 46.85
N ILE BB 69 -15.59 16.32 48.03
CA ILE BB 69 -14.63 15.32 48.44
C ILE BB 69 -15.36 14.00 48.59
N ASP BB 70 -14.61 12.95 48.87
CA ASP BB 70 -15.21 11.63 48.95
C ASP BB 70 -16.18 11.54 50.12
N LEU BB 71 -16.39 12.65 50.81
CA LEU BB 71 -17.37 12.69 51.89
C LEU BB 71 -18.67 13.29 51.39
N PRO BB 72 -19.81 12.69 51.67
CA PRO BB 72 -21.08 13.24 51.20
C PRO BB 72 -21.64 14.27 52.16
N GLY BB 73 -21.59 15.53 51.76
CA GLY BB 73 -22.26 16.58 52.51
C GLY BB 73 -21.38 17.64 53.10
N ILE BB 74 -20.11 17.69 52.74
CA ILE BB 74 -19.17 18.63 53.33
C ILE BB 74 -18.64 19.54 52.25
N LYS BB 75 -19.19 20.76 52.18
CA LYS BB 75 -18.81 21.70 51.16
C LYS BB 75 -17.76 22.71 51.64
N TYR BB 76 -17.26 22.57 52.87
CA TYR BB 76 -16.43 23.59 53.47
C TYR BB 76 -15.14 22.98 53.98
N TYR BB 77 -14.04 23.72 53.80
CA TYR BB 77 -12.71 23.24 54.05
C TYR BB 77 -11.90 24.38 54.65
N THR BB 78 -10.68 24.07 55.09
CA THR BB 78 -9.97 25.00 55.94
C THR BB 78 -8.86 25.73 55.19
N ARG BB 79 -8.54 26.91 55.67
CA ARG BB 79 -7.37 27.64 55.19
C ARG BB 79 -6.42 27.95 56.35
N ALA CB 10 -32.71 93.43 45.49
CA ALA CB 10 -33.84 93.77 46.33
C ALA CB 10 -34.96 94.45 45.54
N LYS CB 11 -35.95 93.67 45.12
CA LYS CB 11 -37.17 94.20 44.53
C LYS CB 11 -38.40 93.53 45.15
N ARG CB 12 -39.56 93.74 44.53
CA ARG CB 12 -40.84 93.36 45.14
C ARG CB 12 -41.36 92.06 44.53
N PHE CB 13 -41.72 91.12 45.40
CA PHE CB 13 -42.22 89.85 44.90
C PHE CB 13 -43.70 89.96 44.57
N ARG CB 14 -44.21 88.93 43.90
CA ARG CB 14 -45.52 88.99 43.32
C ARG CB 14 -46.63 88.69 44.31
N TYR CB 15 -46.79 87.46 44.76
CA TYR CB 15 -48.03 87.12 45.45
C TYR CB 15 -47.72 86.37 46.72
N ASN CB 16 -48.69 86.37 47.62
CA ASN CB 16 -48.66 85.51 48.81
C ASN CB 16 -49.09 84.14 48.34
N THR CB 17 -48.11 83.26 48.27
CA THR CB 17 -48.37 81.88 47.92
C THR CB 17 -48.21 80.97 49.12
N LYS CB 18 -47.98 81.53 50.31
CA LYS CB 18 -47.44 80.78 51.43
C LYS CB 18 -48.44 80.53 52.57
N TYR CB 19 -49.32 81.48 52.84
CA TYR CB 19 -50.07 81.42 54.09
C TYR CB 19 -51.57 81.52 53.89
N PRO CB 20 -52.36 81.00 54.83
CA PRO CB 20 -53.81 81.21 54.77
C PRO CB 20 -54.17 82.66 55.01
N SER CB 21 -54.74 83.30 53.98
CA SER CB 21 -55.05 84.73 54.05
C SER CB 21 -56.24 85.04 54.97
N LEU CB 22 -56.70 84.07 55.76
CA LEU CB 22 -57.68 84.40 56.80
C LEU CB 22 -57.00 84.83 58.09
N VAL CB 23 -55.67 84.79 58.11
CA VAL CB 23 -54.89 85.23 59.26
C VAL CB 23 -53.70 86.00 58.70
N SER CB 24 -53.85 87.33 58.61
CA SER CB 24 -52.84 88.18 58.01
C SER CB 24 -51.50 88.03 58.73
N TYR CB 25 -50.48 87.58 58.01
CA TYR CB 25 -49.27 87.17 58.70
C TYR CB 25 -48.11 88.16 58.69
N ASN CB 26 -47.51 88.44 57.54
CA ASN CB 26 -46.26 89.17 57.49
C ASN CB 26 -46.48 90.61 57.06
N LYS CB 27 -47.68 91.13 57.33
CA LYS CB 27 -48.12 92.36 56.71
C LYS CB 27 -47.69 93.57 57.53
N LEU CB 28 -46.86 94.43 56.92
CA LEU CB 28 -46.44 95.66 57.56
C LEU CB 28 -47.66 96.40 58.07
N PRO CB 29 -47.67 96.82 59.34
CA PRO CB 29 -48.94 97.17 59.99
C PRO CB 29 -49.52 98.48 59.47
N TRP CB 30 -50.81 98.68 59.77
CA TRP CB 30 -51.55 99.80 59.21
C TRP CB 30 -51.27 101.06 60.01
N GLU CB 31 -50.66 102.02 59.35
CA GLU CB 31 -50.39 103.32 59.93
C GLU CB 31 -51.68 104.05 60.26
N ILE CB 32 -51.84 104.45 61.52
CA ILE CB 32 -52.98 105.25 61.93
C ILE CB 32 -52.44 106.49 62.63
N LEU CB 33 -52.69 107.65 62.05
CA LEU CB 33 -52.31 108.90 62.67
C LEU CB 33 -53.25 109.20 63.82
N ASN CB 34 -52.69 109.37 65.01
CA ASN CB 34 -53.48 109.51 66.22
C ASN CB 34 -53.41 110.96 66.70
N HIS CB 35 -54.58 111.57 66.92
CA HIS CB 35 -54.62 112.99 67.26
C HIS CB 35 -54.08 113.28 68.65
N GLU CB 36 -54.13 112.32 69.55
CA GLU CB 36 -53.63 112.53 70.89
C GLU CB 36 -52.14 112.83 70.88
N THR CB 37 -51.40 112.11 70.06
CA THR CB 37 -49.95 112.09 70.10
C THR CB 37 -49.35 112.93 68.98
N PRO CB 38 -48.09 113.35 69.11
CA PRO CB 38 -47.52 114.26 68.11
C PRO CB 38 -47.41 113.72 66.71
N GLU CB 39 -47.71 112.44 66.48
CA GLU CB 39 -47.65 111.94 65.12
C GLU CB 39 -48.68 112.61 64.23
N PHE CB 40 -49.87 112.87 64.75
CA PHE CB 40 -50.89 113.56 63.99
C PHE CB 40 -50.32 114.81 63.35
N HIS CB 41 -49.67 115.63 64.16
CA HIS CB 41 -49.12 116.87 63.66
C HIS CB 41 -47.84 116.65 62.88
N MET CB 42 -47.10 115.58 63.15
CA MET CB 42 -45.93 115.25 62.33
C MET CB 42 -46.32 115.08 60.88
N HIS CB 43 -47.48 114.47 60.63
CA HIS CB 43 -47.92 114.27 59.26
C HIS CB 43 -48.65 115.48 58.72
N VAL CB 44 -49.62 115.99 59.47
CA VAL CB 44 -50.43 117.07 58.92
C VAL CB 44 -49.71 118.40 58.94
N ALA CB 45 -48.47 118.47 59.46
CA ALA CB 45 -47.74 119.73 59.63
C ALA CB 45 -46.97 120.18 58.40
N PRO CB 46 -46.17 119.32 57.74
CA PRO CB 46 -45.50 119.77 56.52
C PRO CB 46 -46.43 119.85 55.34
N HIS CB 47 -47.68 119.42 55.50
CA HIS CB 47 -48.65 119.56 54.42
C HIS CB 47 -49.21 120.96 54.35
N TYR CB 48 -49.50 121.56 55.50
CA TYR CB 48 -50.08 122.89 55.51
C TYR CB 48 -49.22 123.89 54.76
N GLU CB 49 -47.89 123.75 54.82
CA GLU CB 49 -47.06 124.77 54.19
C GLU CB 49 -47.22 124.81 52.69
N GLN CB 50 -47.49 123.68 52.05
CA GLN CB 50 -47.69 123.74 50.61
C GLN CB 50 -49.06 124.31 50.27
N ILE CB 51 -50.08 124.03 51.08
CA ILE CB 51 -51.36 124.68 50.83
C ILE CB 51 -51.25 126.17 51.09
N MET CB 52 -50.31 126.57 51.95
CA MET CB 52 -50.07 128.00 52.17
C MET CB 52 -49.39 128.63 50.97
N THR CB 53 -48.35 128.00 50.43
CA THR CB 53 -47.76 128.53 49.19
C THR CB 53 -48.77 128.53 48.06
N LEU CB 54 -49.64 127.53 48.03
CA LEU CB 54 -50.75 127.51 47.06
C LEU CB 54 -51.62 128.75 47.21
N ALA CB 55 -52.35 128.82 48.32
CA ALA CB 55 -53.26 129.94 48.53
C ALA CB 55 -52.54 131.27 48.62
N ALA CB 56 -51.22 131.27 48.52
CA ALA CB 56 -50.51 132.53 48.31
C ALA CB 56 -50.15 132.77 46.87
N SER CB 57 -50.15 131.74 46.03
CA SER CB 57 -49.95 131.91 44.59
C SER CB 57 -51.27 132.09 43.83
N THR CB 58 -52.22 131.18 43.98
CA THR CB 58 -53.45 131.23 43.21
C THR CB 58 -54.69 131.06 44.07
N HIS CB 59 -55.82 131.41 43.47
CA HIS CB 59 -57.14 131.33 44.07
C HIS CB 59 -57.66 129.91 43.90
N VAL CB 60 -57.89 129.24 45.02
CA VAL CB 60 -58.55 127.94 44.99
C VAL CB 60 -59.80 128.03 45.86
N PRO CB 61 -60.92 127.47 45.42
CA PRO CB 61 -62.23 127.94 45.93
C PRO CB 61 -62.46 127.78 47.41
N HIS CB 62 -62.37 126.55 47.92
CA HIS CB 62 -62.94 126.25 49.23
C HIS CB 62 -62.07 126.70 50.40
N ILE CB 63 -60.88 127.22 50.13
CA ILE CB 63 -59.97 127.61 51.19
C ILE CB 63 -60.56 128.80 51.94
N VAL CB 64 -60.76 129.91 51.25
CA VAL CB 64 -61.13 131.16 51.91
C VAL CB 64 -62.65 131.22 51.99
N GLY CB 65 -63.20 130.58 53.00
CA GLY CB 65 -64.60 130.69 53.28
C GLY CB 65 -64.94 132.05 53.87
N LYS CB 66 -66.19 132.21 54.27
CA LYS CB 66 -66.53 133.37 55.06
C LYS CB 66 -66.78 133.01 56.52
N LYS CB 67 -67.29 131.81 56.75
CA LYS CB 67 -67.60 131.36 58.10
C LYS CB 67 -67.49 129.85 58.15
N HIS CB 68 -67.90 129.27 59.28
CA HIS CB 68 -67.98 127.83 59.40
C HIS CB 68 -68.94 127.27 58.36
N LEU CB 69 -68.94 125.94 58.23
CA LEU CB 69 -70.06 125.28 57.55
C LEU CB 69 -71.15 124.99 58.56
N GLU CB 70 -72.39 125.18 58.15
CA GLU CB 70 -73.54 124.86 58.99
C GLU CB 70 -74.28 123.68 58.36
N MET CB 71 -74.24 122.54 59.05
CA MET CB 71 -74.86 121.32 58.60
C MET CB 71 -75.33 120.57 59.84
N PRO CB 72 -76.46 119.89 59.75
CA PRO CB 72 -76.94 119.10 60.88
C PRO CB 72 -75.91 118.07 61.29
N PRO CB 73 -75.93 117.61 62.55
CA PRO CB 73 -74.94 116.64 63.01
C PRO CB 73 -75.05 115.27 62.35
N GLU CB 74 -76.09 115.03 61.55
CA GLU CB 74 -76.16 113.80 60.77
C GLU CB 74 -75.33 113.93 59.48
N HIS CB 75 -75.33 115.11 58.88
CA HIS CB 75 -74.61 115.38 57.63
C HIS CB 75 -73.27 116.05 57.86
N ARG CB 76 -72.90 116.33 59.10
CA ARG CB 76 -71.59 116.90 59.38
C ARG CB 76 -70.50 116.00 58.83
N LEU CB 77 -70.56 114.72 59.16
CA LEU CB 77 -69.62 113.71 58.69
C LEU CB 77 -69.83 113.33 57.23
N ARG CB 78 -70.83 113.91 56.57
CA ARG CB 78 -71.08 113.67 55.15
C ARG CB 78 -70.41 114.69 54.25
N LEU CB 79 -70.19 115.91 54.72
CA LEU CB 79 -69.43 116.88 53.96
C LEU CB 79 -68.06 117.18 54.53
N LEU CB 80 -67.95 117.33 55.84
CA LEU CB 80 -66.71 117.81 56.44
C LEU CB 80 -65.53 116.89 56.19
N PRO CB 81 -65.59 115.59 56.50
CA PRO CB 81 -64.37 114.78 56.56
C PRO CB 81 -63.51 114.98 55.32
N GLY CB 82 -62.39 115.67 55.51
CA GLY CB 82 -61.59 116.14 54.42
C GLY CB 82 -61.77 117.61 54.08
N MET CB 83 -62.52 118.37 54.89
CA MET CB 83 -62.72 119.78 54.63
C MET CB 83 -61.68 120.63 55.35
N PHE CB 84 -61.05 121.52 54.61
CA PHE CB 84 -59.89 122.26 55.10
C PHE CB 84 -59.94 123.66 54.52
N TYR CB 85 -60.07 124.66 55.40
CA TYR CB 85 -60.27 126.03 54.92
C TYR CB 85 -59.77 127.04 55.93
N MET CB 86 -59.60 128.26 55.45
CA MET CB 86 -58.97 129.32 56.24
C MET CB 86 -59.91 130.50 56.43
N LEU CB 87 -60.17 130.82 57.69
CA LEU CB 87 -61.07 131.90 58.08
C LEU CB 87 -60.28 133.12 58.51
N ASP CB 88 -60.96 134.26 58.48
CA ASP CB 88 -60.33 135.55 58.77
C ASP CB 88 -59.79 135.59 60.20
N GLY CB 89 -60.54 135.06 61.16
CA GLY CB 89 -60.06 134.91 62.52
C GLY CB 89 -60.57 133.62 63.14
N ASP CB 90 -59.96 133.28 64.27
CA ASP CB 90 -60.28 132.04 64.98
C ASP CB 90 -61.68 132.10 65.56
N SER CB 91 -62.46 131.05 65.33
CA SER CB 91 -63.81 130.94 65.89
C SER CB 91 -64.26 129.50 65.74
N ILE CB 92 -64.57 128.85 66.85
CA ILE CB 92 -64.93 127.44 66.84
C ILE CB 92 -66.20 127.21 66.03
N PRO CB 93 -66.19 126.32 65.04
CA PRO CB 93 -67.43 125.94 64.36
C PRO CB 93 -68.40 125.26 65.31
N GLU CB 94 -69.64 125.18 64.88
CA GLU CB 94 -70.72 124.70 65.73
C GLU CB 94 -70.54 123.22 66.01
N GLY CB 95 -70.99 122.79 67.19
CA GLY CB 95 -70.99 121.39 67.53
C GLY CB 95 -69.65 120.84 67.92
N PHE CB 96 -68.69 121.70 68.25
CA PHE CB 96 -67.34 121.29 68.54
C PHE CB 96 -66.95 121.78 69.93
N THR CB 97 -65.94 121.14 70.51
CA THR CB 97 -65.18 121.68 71.62
C THR CB 97 -63.74 121.84 71.18
N ALA CB 98 -63.01 122.73 71.84
CA ALA CB 98 -61.65 123.07 71.45
C ALA CB 98 -60.68 122.81 72.59
N ASN CB 99 -59.53 122.21 72.27
CA ASN CB 99 -58.46 121.96 73.22
C ASN CB 99 -57.17 122.54 72.66
N ARG CB 100 -56.67 123.61 73.26
CA ARG CB 100 -55.37 124.15 72.92
C ARG CB 100 -54.30 123.09 73.13
N VAL CB 101 -53.19 123.21 72.43
CA VAL CB 101 -52.03 122.34 72.66
C VAL CB 101 -50.81 123.23 72.81
N LEU CB 102 -49.99 122.93 73.82
CA LEU CB 102 -48.71 123.59 74.01
C LEU CB 102 -47.54 122.60 73.97
N ASP CB 103 -47.79 121.35 73.62
CA ASP CB 103 -46.71 120.37 73.57
C ASP CB 103 -45.62 120.83 72.63
N PRO CB 104 -44.40 121.06 73.10
CA PRO CB 104 -43.33 121.49 72.21
C PRO CB 104 -42.92 120.44 71.22
N THR CB 105 -43.04 119.15 71.55
CA THR CB 105 -42.64 118.10 70.62
C THR CB 105 -43.56 118.04 69.41
N ALA CB 106 -44.79 118.50 69.57
CA ALA CB 106 -45.65 118.69 68.41
C ALA CB 106 -45.43 120.03 67.74
N LEU CB 107 -45.36 121.11 68.52
CA LEU CB 107 -45.17 122.43 67.95
C LEU CB 107 -43.93 122.53 67.09
N GLN CB 108 -42.86 121.78 67.44
CA GLN CB 108 -41.58 121.92 66.77
C GLN CB 108 -41.68 121.84 65.26
N TYR CB 109 -42.59 121.04 64.73
CA TYR CB 109 -42.69 120.89 63.30
C TYR CB 109 -43.06 122.19 62.60
N TYR CB 110 -43.96 122.98 63.19
CA TYR CB 110 -44.49 124.16 62.52
C TYR CB 110 -43.43 125.19 62.25
N GLY CB 111 -42.18 124.88 62.56
CA GLY CB 111 -41.10 125.79 62.30
C GLY CB 111 -41.00 126.13 60.84
N ARG CB 112 -41.06 125.12 59.98
CA ARG CB 112 -40.96 125.41 58.55
C ARG CB 112 -42.22 126.07 58.02
N LEU CB 113 -43.37 125.83 58.67
CA LEU CB 113 -44.54 126.63 58.35
C LEU CB 113 -44.24 128.11 58.59
N GLU CB 114 -43.89 128.45 59.83
CA GLU CB 114 -43.80 129.84 60.25
C GLU CB 114 -42.64 130.57 59.61
N SER CB 115 -41.55 129.90 59.28
CA SER CB 115 -40.41 130.62 58.75
C SER CB 115 -40.55 130.88 57.25
N LEU CB 116 -41.69 130.50 56.70
CA LEU CB 116 -42.02 130.79 55.31
C LEU CB 116 -43.29 131.61 55.20
N VAL CB 117 -44.18 131.56 56.19
CA VAL CB 117 -45.34 132.44 56.17
C VAL CB 117 -45.43 133.17 57.50
N ALA CB 118 -46.50 133.95 57.70
CA ALA CB 118 -46.72 134.61 58.98
C ALA CB 118 -46.59 133.61 60.13
N PRO CB 119 -45.86 133.95 61.18
CA PRO CB 119 -45.60 132.97 62.24
C PRO CB 119 -46.87 132.49 62.91
N VAL CB 120 -46.84 131.23 63.33
CA VAL CB 120 -48.01 130.56 63.89
C VAL CB 120 -48.23 131.09 65.30
N GLN CB 121 -49.46 131.47 65.61
CA GLN CB 121 -49.75 131.93 66.95
C GLN CB 121 -50.18 130.78 67.85
N ALA CB 122 -51.26 130.10 67.51
CA ALA CB 122 -51.78 129.08 68.40
C ALA CB 122 -52.19 127.86 67.59
N VAL CB 123 -52.37 126.73 68.29
CA VAL CB 123 -52.71 125.47 67.66
C VAL CB 123 -53.65 124.71 68.59
N ARG CB 124 -54.77 124.22 68.03
CA ARG CB 124 -55.78 123.53 68.79
C ARG CB 124 -56.17 122.24 68.10
N MET CB 125 -56.72 121.31 68.87
CA MET CB 125 -57.45 120.19 68.31
C MET CB 125 -58.88 120.30 68.82
N LEU CB 126 -59.85 120.26 67.92
CA LEU CB 126 -61.25 120.34 68.27
C LEU CB 126 -61.85 118.96 68.08
N ILE CB 127 -62.78 118.60 68.94
CA ILE CB 127 -63.48 117.33 68.84
C ILE CB 127 -64.98 117.60 68.83
N SER CB 128 -65.69 116.92 67.95
CA SER CB 128 -67.13 117.11 67.94
C SER CB 128 -67.76 116.50 69.19
N ASP CB 129 -68.92 117.03 69.54
CA ASP CB 129 -69.73 116.42 70.59
C ASP CB 129 -70.12 115.00 70.24
N ASP CB 130 -69.99 114.63 68.97
CA ASP CB 130 -70.15 113.24 68.57
C ASP CB 130 -68.88 112.42 68.82
N LEU CB 131 -67.80 113.10 69.19
CA LEU CB 131 -66.46 112.56 69.45
C LEU CB 131 -65.75 112.12 68.17
N ARG CB 132 -66.39 112.20 67.01
CA ARG CB 132 -65.92 111.50 65.83
C ARG CB 132 -65.47 112.40 64.71
N ILE CB 133 -65.49 113.71 64.87
CA ILE CB 133 -64.92 114.58 63.85
C ILE CB 133 -63.96 115.52 64.55
N VAL CB 134 -62.68 115.40 64.22
CA VAL CB 134 -61.67 116.20 64.89
C VAL CB 134 -61.11 117.18 63.89
N CYS CB 135 -61.00 118.43 64.33
CA CYS CB 135 -60.53 119.53 63.50
C CYS CB 135 -59.23 120.04 64.08
N ASN CB 136 -58.12 119.75 63.42
CA ASN CB 136 -56.87 120.40 63.79
C ASN CB 136 -56.97 121.83 63.28
N SER CB 137 -56.91 122.80 64.19
CA SER CB 137 -57.10 124.19 63.84
C SER CB 137 -55.87 124.99 64.22
N VAL CB 138 -55.17 125.51 63.20
CA VAL CB 138 -53.91 126.20 63.38
C VAL CB 138 -54.07 127.67 63.08
N THR CB 139 -54.06 128.50 64.12
CA THR CB 139 -54.25 129.93 63.96
C THR CB 139 -52.91 130.63 63.79
N LEU CB 140 -52.75 131.36 62.70
CA LEU CB 140 -51.53 132.06 62.35
C LEU CB 140 -51.68 133.52 62.74
N GLN CB 141 -50.58 134.27 62.63
CA GLN CB 141 -50.58 135.63 63.12
C GLN CB 141 -49.61 136.48 62.32
N GLY CB 142 -50.02 137.70 62.00
CA GLY CB 142 -49.09 138.74 61.60
C GLY CB 142 -48.84 138.82 60.12
N PRO CB 143 -47.91 139.70 59.74
CA PRO CB 143 -47.57 139.85 58.32
C PRO CB 143 -46.92 138.58 57.79
N LEU CB 144 -47.42 138.12 56.65
CA LEU CB 144 -46.89 136.92 56.04
C LEU CB 144 -45.49 137.17 55.49
N GLN CB 145 -44.69 136.10 55.44
CA GLN CB 145 -43.41 136.17 54.76
C GLN CB 145 -43.55 135.98 53.25
N LEU CB 146 -44.70 135.49 52.80
CA LEU CB 146 -44.89 135.19 51.39
C LEU CB 146 -45.34 136.43 50.63
N PRO CB 147 -44.79 136.68 49.45
CA PRO CB 147 -45.39 137.70 48.59
C PRO CB 147 -46.74 137.21 48.07
N VAL CB 148 -47.75 137.20 48.93
CA VAL CB 148 -49.07 136.71 48.54
C VAL CB 148 -49.57 137.50 47.33
N ALA CB 149 -50.01 136.78 46.31
CA ALA CB 149 -50.40 137.38 45.05
C ALA CB 149 -51.80 137.95 45.14
N SER CB 150 -52.01 139.06 44.42
CA SER CB 150 -53.29 139.76 44.46
C SER CB 150 -54.43 138.84 44.09
N TYR CB 151 -54.22 137.95 43.12
CA TYR CB 151 -55.20 136.94 42.77
C TYR CB 151 -54.98 135.61 43.47
N ALA CB 152 -54.68 135.63 44.76
CA ALA CB 152 -54.64 134.45 45.61
C ALA CB 152 -56.04 134.13 46.12
N SER CB 153 -56.08 133.25 47.13
CA SER CB 153 -57.27 133.15 47.96
C SER CB 153 -57.07 133.88 49.28
N LEU CB 154 -55.87 133.79 49.84
CA LEU CB 154 -55.60 134.53 51.07
C LEU CB 154 -55.58 136.03 50.84
N ALA CB 155 -55.33 136.47 49.60
CA ALA CB 155 -55.46 137.89 49.27
C ALA CB 155 -56.90 138.35 49.43
N SER CB 156 -57.87 137.52 49.05
CA SER CB 156 -59.27 137.81 49.33
C SER CB 156 -59.60 137.61 50.80
N LEU CB 157 -58.76 136.86 51.52
CA LEU CB 157 -58.91 136.76 52.97
C LEU CB 157 -58.69 138.09 53.69
N GLU CB 158 -58.42 139.17 52.95
CA GLU CB 158 -58.27 140.54 53.47
C GLU CB 158 -57.09 140.70 54.41
N VAL CB 159 -56.18 139.72 54.45
CA VAL CB 159 -55.07 139.80 55.40
C VAL CB 159 -53.96 140.67 54.85
N VAL CB 160 -53.59 140.49 53.58
CA VAL CB 160 -52.50 141.27 53.02
C VAL CB 160 -52.99 142.67 52.67
N THR CB 161 -54.29 142.81 52.45
CA THR CB 161 -54.87 144.14 52.35
C THR CB 161 -54.69 144.91 53.64
N ASN CB 162 -55.19 144.37 54.74
CA ASN CB 162 -55.04 145.01 56.05
C ASN CB 162 -53.57 145.10 56.42
N LYS CB 163 -53.28 145.94 57.41
CA LYS CB 163 -51.91 146.13 57.85
C LYS CB 163 -51.52 144.98 58.76
N ALA CB 164 -50.41 145.13 59.47
CA ALA CB 164 -49.92 144.08 60.37
C ALA CB 164 -51.00 143.76 61.39
N SER CB 165 -50.84 142.64 62.11
CA SER CB 165 -51.84 142.08 63.02
C SER CB 165 -53.06 141.53 62.29
N ALA CB 166 -52.85 140.62 61.34
CA ALA CB 166 -53.93 139.85 60.76
C ALA CB 166 -53.84 138.43 61.32
N SER CB 167 -54.88 138.01 62.03
CA SER CB 167 -54.91 136.69 62.65
C SER CB 167 -55.80 135.70 61.90
N PHE CB 168 -55.42 135.26 60.70
CA PHE CB 168 -56.23 134.25 60.03
C PHE CB 168 -55.90 132.86 60.54
N THR CB 169 -56.76 131.90 60.26
CA THR CB 169 -56.68 130.61 60.93
C THR CB 169 -57.11 129.48 60.00
N LEU CB 170 -56.31 128.42 59.95
CA LEU CB 170 -56.57 127.26 59.11
C LEU CB 170 -57.30 126.17 59.90
N PHE CB 171 -58.21 125.47 59.25
CA PHE CB 171 -58.93 124.38 59.85
C PHE CB 171 -58.79 123.16 58.95
N HIS CB 172 -58.52 121.99 59.54
CA HIS CB 172 -58.55 120.76 58.77
C HIS CB 172 -59.32 119.69 59.54
N PHE CB 173 -60.43 119.24 58.97
CA PHE CB 173 -61.36 118.32 59.61
C PHE CB 173 -61.08 116.92 59.11
N VAL CB 174 -61.23 115.93 59.98
CA VAL CB 174 -61.09 114.53 59.60
C VAL CB 174 -61.90 113.70 60.60
N ARG CB 175 -62.00 112.49 60.31
CA ARG CB 175 -62.37 111.53 61.33
C ARG CB 175 -61.11 111.10 62.08
N PRO CB 176 -61.22 110.64 63.31
CA PRO CB 176 -60.03 110.32 64.09
C PRO CB 176 -59.62 108.89 63.85
N ASN CB 177 -58.39 108.57 64.26
CA ASN CB 177 -57.87 107.21 64.14
C ASN CB 177 -57.79 106.79 62.69
N ARG CB 178 -57.50 107.72 61.81
CA ARG CB 178 -57.54 107.39 60.40
C ARG CB 178 -56.19 107.57 59.73
N PRO CB 179 -55.83 106.66 58.83
CA PRO CB 179 -54.49 106.65 58.28
C PRO CB 179 -54.19 107.90 57.50
N PRO CB 180 -52.95 108.17 57.23
CA PRO CB 180 -52.58 109.33 56.41
C PRO CB 180 -52.87 109.15 54.93
N SER CB 181 -54.06 108.65 54.64
CA SER CB 181 -54.47 108.47 53.26
C SER CB 181 -55.71 109.30 53.02
N GLU CB 182 -56.65 109.22 53.95
CA GLU CB 182 -57.87 110.00 53.90
C GLU CB 182 -57.68 111.40 54.45
N LEU CB 183 -56.43 111.81 54.62
CA LEU CB 183 -56.12 113.18 54.90
C LEU CB 183 -55.92 113.89 53.57
N GLN CB 184 -57.03 114.33 52.99
CA GLN CB 184 -57.00 114.93 51.65
C GLN CB 184 -56.38 116.31 51.82
N LEU CB 185 -55.08 116.33 52.08
CA LEU CB 185 -54.34 117.58 52.08
C LEU CB 185 -53.28 117.62 50.98
N GLU CB 186 -53.01 116.51 50.33
CA GLU CB 186 -52.03 116.46 49.25
C GLU CB 186 -52.60 116.94 47.93
N LYS CB 187 -53.91 116.83 47.73
CA LYS CB 187 -54.46 117.12 46.42
C LYS CB 187 -54.28 118.56 46.00
N TYR CB 188 -53.70 119.37 46.88
CA TYR CB 188 -53.38 120.76 46.59
C TYR CB 188 -51.89 120.97 46.43
N TYR CB 189 -51.16 119.95 45.97
CA TYR CB 189 -49.73 120.08 45.75
C TYR CB 189 -49.40 120.70 44.40
N ILE CB 190 -50.30 121.51 43.86
CA ILE CB 190 -50.00 122.23 42.64
C ILE CB 190 -48.95 123.31 42.94
N HIS CB 191 -47.82 123.25 42.24
CA HIS CB 191 -46.70 124.15 42.48
C HIS CB 191 -46.78 125.31 41.50
N ALA CB 192 -46.93 126.54 42.03
CA ALA CB 192 -46.95 127.77 41.25
C ALA CB 192 -45.88 128.73 41.73
N PRO CB 193 -45.16 129.36 40.81
CA PRO CB 193 -43.92 130.04 41.19
C PRO CB 193 -44.16 131.46 41.69
N ARG CB 194 -43.06 132.20 41.84
CA ARG CB 194 -43.12 133.60 42.26
C ARG CB 194 -42.84 134.50 41.05
N ALA CB 195 -43.90 135.08 40.50
CA ALA CB 195 -43.80 136.03 39.40
C ALA CB 195 -43.60 137.46 39.91
N MET CB 196 -43.92 137.71 41.17
CA MET CB 196 -43.48 138.96 41.78
C MET CB 196 -42.01 139.19 41.54
N ALA CB 197 -41.23 138.11 41.53
CA ALA CB 197 -39.81 138.21 41.23
C ALA CB 197 -39.54 138.82 39.87
N LEU CB 198 -40.30 138.43 38.85
CA LEU CB 198 -40.20 139.02 37.53
C LEU CB 198 -40.79 140.42 37.49
N ALA CB 199 -41.65 140.73 38.44
CA ALA CB 199 -42.32 142.01 38.43
C ALA CB 199 -41.38 143.20 38.60
N GLU CB 200 -40.06 142.98 38.66
CA GLU CB 200 -39.16 144.13 38.75
C GLU CB 200 -38.93 144.77 37.40
N PHE CB 201 -38.85 143.97 36.35
CA PHE CB 201 -38.31 144.41 35.07
C PHE CB 201 -39.34 145.07 34.16
N ASN CB 202 -40.54 145.37 34.69
CA ASN CB 202 -41.60 145.99 33.92
C ASN CB 202 -42.00 147.39 34.39
N SER CB 203 -41.94 147.68 35.69
CA SER CB 203 -42.26 148.99 36.23
C SER CB 203 -40.99 149.84 36.27
N THR CB 204 -41.04 150.95 37.02
CA THR CB 204 -40.07 152.05 37.05
C THR CB 204 -38.67 151.64 37.36
N SER CB 205 -38.35 150.37 37.64
CA SER CB 205 -36.97 149.96 37.79
C SER CB 205 -36.35 149.54 36.46
N ASN CB 206 -37.14 149.57 35.38
CA ASN CB 206 -36.68 149.07 34.08
C ASN CB 206 -35.58 149.94 33.49
N THR CB 207 -35.64 151.25 33.67
CA THR CB 207 -34.56 152.11 33.24
C THR CB 207 -33.46 152.24 34.29
N SER CB 208 -33.74 151.84 35.53
CA SER CB 208 -32.76 151.94 36.60
C SER CB 208 -31.79 150.76 36.60
N TRP CB 209 -32.27 149.57 36.30
CA TRP CB 209 -31.45 148.37 36.30
C TRP CB 209 -30.73 148.21 34.96
N GLU CB 210 -29.42 148.11 35.02
CA GLU CB 210 -28.63 147.76 33.87
C GLU CB 210 -28.17 146.31 34.02
N PRO CB 211 -28.43 145.45 33.03
CA PRO CB 211 -27.99 144.05 33.12
C PRO CB 211 -26.63 143.87 32.48
N LYS CB 212 -25.84 142.97 33.04
CA LYS CB 212 -24.53 142.61 32.49
C LYS CB 212 -24.68 141.21 31.92
N LEU CB 213 -24.25 141.04 30.67
CA LEU CB 213 -24.45 139.75 30.02
C LEU CB 213 -23.19 138.88 30.10
N GLN CB 214 -22.02 139.47 29.91
CA GLN CB 214 -20.77 138.74 29.97
C GLN CB 214 -20.32 138.57 31.41
N ALA CB 215 -19.09 138.09 31.58
CA ALA CB 215 -18.42 138.13 32.86
C ALA CB 215 -17.30 139.15 32.82
N PRO CB 216 -16.95 139.75 33.96
CA PRO CB 216 -15.86 140.71 33.98
C PRO CB 216 -14.51 140.02 34.04
N LYS CB 217 -13.50 140.75 33.60
CA LYS CB 217 -12.14 140.22 33.61
C LYS CB 217 -11.68 140.06 35.06
N ARG CB 218 -11.64 138.82 35.54
CA ARG CB 218 -11.15 138.52 36.88
C ARG CB 218 -9.67 138.15 36.78
N SER CB 219 -8.80 139.02 37.30
CA SER CB 219 -7.38 138.73 37.32
C SER CB 219 -6.95 137.98 38.57
N LYS CB 220 -7.86 137.76 39.51
CA LYS CB 220 -7.52 137.14 40.78
C LYS CB 220 -8.16 135.76 40.93
N ARG CB 221 -7.33 134.77 41.20
CA ARG CB 221 -7.79 133.42 41.44
C ARG CB 221 -8.55 133.35 42.76
N VAL CB 222 -9.14 132.20 43.06
CA VAL CB 222 -9.96 132.08 44.26
C VAL CB 222 -9.06 132.01 45.48
N THR CB 223 -9.47 132.66 46.56
CA THR CB 223 -8.73 132.56 47.82
C THR CB 223 -9.00 131.21 48.47
N PRO CB 224 -7.99 130.38 48.67
CA PRO CB 224 -8.23 129.02 49.16
C PRO CB 224 -8.80 128.99 50.57
N LEU CB 225 -9.50 127.91 50.88
CA LEU CB 225 -10.01 127.66 52.21
C LEU CB 225 -8.85 127.52 53.20
N PRO CB 226 -9.15 127.49 54.50
CA PRO CB 226 -8.11 127.12 55.47
C PRO CB 226 -7.61 125.72 55.23
N ALA CB 227 -6.30 125.54 55.41
CA ALA CB 227 -5.64 124.27 55.19
C ALA CB 227 -6.33 123.15 55.96
N TYR CB 228 -6.34 121.96 55.35
CA TYR CB 228 -7.12 120.83 55.83
C TYR CB 228 -6.37 120.12 56.95
N ARG CB 229 -6.98 120.03 58.12
CA ARG CB 229 -6.45 119.22 59.21
C ARG CB 229 -7.19 117.90 59.26
N PRO CB 230 -6.58 116.81 58.79
CA PRO CB 230 -7.28 115.53 58.73
C PRO CB 230 -7.85 115.17 60.10
N PRO CB 231 -8.87 114.34 60.13
CA PRO CB 231 -9.56 114.05 61.40
C PRO CB 231 -8.63 113.44 62.41
N GLN CB 232 -9.08 113.46 63.67
CA GLN CB 232 -8.33 112.87 64.77
C GLN CB 232 -9.19 111.98 65.64
N SER CB 233 -10.45 111.78 65.31
CA SER CB 233 -11.20 110.80 66.07
C SER CB 233 -11.00 109.44 65.43
N TYR CB 234 -11.50 108.41 66.09
CA TYR CB 234 -11.49 107.06 65.53
C TYR CB 234 -12.70 106.89 64.64
N LEU CB 235 -12.48 107.00 63.33
CA LEU CB 235 -13.54 107.07 62.34
C LEU CB 235 -14.26 105.74 62.17
N MET CB 236 -15.53 105.85 61.81
CA MET CB 236 -16.30 104.67 61.43
C MET CB 236 -15.63 103.87 60.32
N GLY CB 237 -15.02 104.54 59.35
CA GLY CB 237 -14.37 103.86 58.25
C GLY CB 237 -14.84 104.45 56.92
N LEU CB 238 -14.53 103.73 55.85
CA LEU CB 238 -14.84 104.23 54.50
C LEU CB 238 -16.35 104.27 54.29
N ALA CB 239 -16.92 105.49 54.31
CA ALA CB 239 -18.35 105.65 54.16
C ALA CB 239 -18.84 105.25 52.77
N GLU CB 240 -17.92 104.90 51.87
CA GLU CB 240 -18.32 104.20 50.65
C GLU CB 240 -18.67 102.76 50.96
N ARG CB 241 -17.69 101.99 51.44
CA ARG CB 241 -17.89 100.60 51.80
C ARG CB 241 -18.96 100.39 52.87
N LEU CB 242 -19.37 101.42 53.59
CA LEU CB 242 -20.27 101.21 54.72
C LEU CB 242 -21.73 101.44 54.38
N ALA CB 243 -22.02 101.92 53.18
CA ALA CB 243 -23.38 102.18 52.70
C ALA CB 243 -24.01 103.40 53.38
N VAL CB 244 -23.18 104.27 53.93
CA VAL CB 244 -23.65 105.46 54.63
C VAL CB 244 -23.51 106.67 53.73
N VAL CB 245 -24.65 107.28 53.42
CA VAL CB 245 -24.82 108.48 52.60
C VAL CB 245 -23.94 109.60 53.14
N PRO CB 246 -23.35 110.44 52.28
CA PRO CB 246 -22.26 111.32 52.73
C PRO CB 246 -22.40 111.97 54.08
N GLY CB 247 -23.61 112.24 54.53
CA GLY CB 247 -23.73 112.82 55.86
C GLY CB 247 -24.70 112.02 56.69
N SER CB 248 -24.93 110.77 56.32
CA SER CB 248 -26.07 110.00 56.78
C SER CB 248 -27.37 110.75 56.52
N SER CB 249 -27.29 111.79 55.70
CA SER CB 249 -28.42 112.65 55.42
C SER CB 249 -28.80 112.62 53.96
N PHE CB 250 -27.92 113.07 53.06
CA PHE CB 250 -28.24 113.15 51.65
C PHE CB 250 -26.97 113.04 50.83
N GLY CB 251 -27.14 112.62 49.59
CA GLY CB 251 -26.04 112.37 48.69
C GLY CB 251 -26.11 111.01 48.05
N ARG CB 252 -25.09 110.71 47.27
CA ARG CB 252 -24.97 109.45 46.55
C ARG CB 252 -23.83 108.62 47.11
N ARG CB 253 -24.07 107.33 47.31
CA ARG CB 253 -23.06 106.48 47.94
C ARG CB 253 -21.82 106.29 47.05
N SER CB 254 -21.89 106.66 45.78
CA SER CB 254 -20.67 106.85 45.00
C SER CB 254 -20.27 108.30 44.88
N LEU CB 255 -21.12 109.23 45.31
CA LEU CB 255 -20.73 110.62 45.48
C LEU CB 255 -20.45 110.77 46.96
N MET CB 256 -19.35 110.20 47.43
CA MET CB 256 -19.11 110.08 48.86
C MET CB 256 -18.30 111.27 49.36
N TRP CB 257 -18.65 112.43 48.83
CA TRP CB 257 -18.06 113.67 49.28
C TRP CB 257 -18.25 113.89 50.77
N GLY CB 258 -17.32 114.61 51.38
CA GLY CB 258 -17.51 115.15 52.71
C GLY CB 258 -17.85 114.17 53.80
N HIS CB 259 -17.18 113.02 53.85
CA HIS CB 259 -17.22 112.15 55.02
C HIS CB 259 -15.76 111.98 55.41
N TRP CB 260 -15.23 112.97 56.13
CA TRP CB 260 -13.91 112.95 56.73
C TRP CB 260 -12.71 113.11 55.80
N PHE CB 261 -12.91 113.18 54.49
CA PHE CB 261 -11.73 113.15 53.62
C PHE CB 261 -11.92 113.74 52.22
PG GTP FB . -19.68 -98.99 14.35
O1G GTP FB . -18.73 -100.15 14.54
O2G GTP FB . -18.89 -97.74 14.02
O3G GTP FB . -20.44 -98.76 15.64
O3B GTP FB . -20.73 -99.33 13.12
PB GTP FB . -20.27 -99.58 11.55
O1B GTP FB . -19.67 -100.95 11.37
O2B GTP FB . -19.24 -98.54 11.23
O3A GTP FB . -21.58 -99.35 10.57
PA GTP FB . -21.82 -99.99 9.07
O1A GTP FB . -20.53 -100.26 8.32
O2A GTP FB . -22.62 -101.27 9.17
O5' GTP FB . -22.71 -98.88 8.25
C5' GTP FB . -23.27 -97.82 8.97
C4' GTP FB . -24.76 -97.90 8.92
O4' GTP FB . -25.44 -97.29 7.59
C3' GTP FB . -25.05 -99.14 8.74
O3' GTP FB . -24.59 -99.92 9.92
C2' GTP FB . -26.55 -99.00 8.50
O2' GTP FB . -27.14 -98.30 9.49
C1' GTP FB . -26.42 -98.10 7.27
N9 GTP FB . -26.02 -99.10 6.28
C8 GTP FB . -24.90 -99.56 5.69
N7 GTP FB . -25.26 -100.57 4.87
C5 GTP FB . -26.57 -100.72 5.01
C6 GTP FB . -27.53 -101.71 4.36
O6 GTP FB . -27.07 -102.48 3.60
N1 GTP FB . -28.93 -101.68 4.68
C2 GTP FB . -29.42 -100.71 5.62
N2 GTP FB . -30.83 -100.64 5.96
N3 GTP FB . -28.49 -99.77 6.23
C4 GTP FB . -27.04 -99.82 5.88
MG MG GB . -19.19 -102.60 12.56
PA UTP HB . 58.82 -43.64 59.80
O1A UTP HB . 58.52 -44.46 61.03
O2A UTP HB . 60.27 -43.82 59.47
O3A UTP HB . 58.53 -42.06 60.20
O5' UTP HB . 57.72 -44.09 58.65
PB UTP HB . 59.13 -40.80 59.34
O1B UTP HB . 58.68 -40.95 57.91
O2B UTP HB . 58.58 -39.52 59.86
O3B UTP HB . 60.76 -40.72 59.52
PG UTP HB . 61.44 -39.66 60.56
O1G UTP HB . 61.53 -38.29 59.96
O2G UTP HB . 60.62 -39.60 61.81
O3G UTP HB . 62.82 -40.14 60.89
C5' UTP HB . 56.47 -44.53 59.13
C4' UTP HB . 55.30 -43.79 58.44
O4' UTP HB . 55.70 -42.76 57.73
C1' UTP HB . 55.12 -42.96 56.24
C2' UTP HB . 55.13 -44.30 56.08
O2' UTP HB . 54.19 -44.68 54.98
C3' UTP HB . 54.61 -44.77 57.41
O3' UTP HB . 53.26 -44.61 57.48
N1 UTP HB . 55.92 -42.28 55.27
C6 UTP HB . 57.19 -42.60 55.06
C2 UTP HB . 55.35 -41.28 54.53
O2 UTP HB . 54.20 -40.98 54.73
N3 UTP HB . 56.08 -40.59 53.60
C4 UTP HB . 57.35 -40.92 53.40
O4 UTP HB . 58.01 -40.33 52.59
C5 UTP HB . 57.92 -41.92 54.13
ZN ZN IB . 30.25 73.72 35.72
ZN ZN JB . 25.15 91.56 48.32
ZN ZN KB . -28.60 -41.99 -70.55
ZN ZN LB . 31.69 53.53 14.17
#